data_5VLZ
#
_entry.id   5VLZ
#
_cell.length_a   1.0
_cell.length_b   1.0
_cell.length_c   1.0
_cell.angle_alpha   90.000
_cell.angle_beta   90.000
_cell.angle_gamma   90.000
#
_symmetry.space_group_name_H-M   'P 1'
#
loop_
_entity.id
_entity.type
_entity.pdbx_description
1 polymer 'Capsid protein'
2 polymer 'Maturation protein A2'
#
loop_
_entity_poly.entity_id
_entity_poly.type
_entity_poly.pdbx_seq_one_letter_code
_entity_poly.pdbx_strand_id
1 'polypeptide(L)'
;MAKLETVTLGNIGKDGKQTLVLNPRGVNPTNGVASLSQAGAVPALEKRVTVSVSQPSRNRKNYKVQVKIQNPTACTANGS
CDPSVTRQAYADVTFSFTQYSTDEERAFVRTELAALLASPLLIDAIDQLNPAY
;
AH,GN,HA,HB,HC,HD,HE,HF,HG,HH,HI,AI,HJ,HK,HL,HM,HN,IA,IB,IC,ID,IE,AJ,IF,IG,IH,II,IJ,IK,IL,IM,IN,JA,AK,JB,JC,JD,JE,JF,JG,JH,JI,JJ,JK,AL,JL,JM,JN,KA,KB,KC,KD,KE,KF,KG,AM,KH,KI,KJ,KK,KL,KM,KN,LA,LB,LC,AN,LD,LE,LF,LG,LH,LI,LJ,LK,LL,LM,BA,LN,MA,MB,MC,MD,ME,MF,MG,MH,MI,BB,MJ,MK,ML,MM,MN,NA,BC,BD,BE,BF,BG,BH,BI,BJ,BK,BL,BM,AA,BN,CA,CB,CC,CD,CE,CF,CG,CH,CI,AB,CJ,CK,CL,CM,CN,DA,DB,DC,DD,DE,AC,DF,DG,DH,DI,DJ,DK,DL,DN,EA,AD,EB,EC,ED,EE,EF,EG,EH,EI,EK,AE,EL,EM,EN,FA,FB,FC,FD,FE,FF,AF,FH,FI,FJ,FK,FL,FM,FN,GA,GB,GC,AG,GD,GE,GF,GG,GH,GI,GJ,GK,GL,GM
2 'polypeptide(L)'
;MPKLPRGLRFGADNEILNDFQELWFPDLFIESSDTHPWYTLKGRVLNAHLDDRLPNVGGRQVRRTPHRVTVPIASSGLRP
VTTVQYDPAALSFLLNARVDWDFGNGDSANLVINDFLFRTFAPKEFDFSNSLVPRYTQAFSAFNAKYGTMIGEGLETIKY
LGLLLRRLREGYRAVKRGDLRALRRVIQSYHNGKWKPATAGNLWLEFRYGLMPLFYDIRDVMLDWQNRHDKIQRLLRFSV
GHGEDYVVEFDNLYPAVAYFKLKGEITLERRHRHGISYANREGYAVFDNGSLRPVSDWKELATAFINPHEVAWELTPYSF
VVDWFLNVGDILAQQGQLYHNIDIVDGFDRRDIRLKSFTIKGERNGRPVNVSASLSAVDLFYSRLHTSNLPFATLDLDTT
FSSFKHVLDSIFLLTQRVKR
;
EJ
#
# COMPACT_ATOMS: atom_id res chain seq x y z
N ALA A 2 77.43 75.43 -68.01
CA ALA A 2 77.55 76.86 -67.77
C ALA A 2 76.18 77.48 -67.55
N LYS A 3 76.14 78.81 -67.53
CA LYS A 3 74.93 79.55 -67.26
C LYS A 3 73.90 79.30 -68.37
N LEU A 4 72.64 79.20 -67.95
CA LEU A 4 71.53 79.24 -68.89
C LEU A 4 71.63 80.53 -69.68
N GLU A 5 71.55 80.43 -71.00
CA GLU A 5 71.63 81.59 -71.85
C GLU A 5 70.68 81.43 -73.02
N THR A 6 70.61 82.48 -73.83
CA THR A 6 69.91 82.38 -75.11
C THR A 6 70.73 81.40 -75.94
N VAL A 7 70.07 80.37 -76.45
CA VAL A 7 70.77 79.38 -77.25
C VAL A 7 70.26 79.50 -78.68
N THR A 8 71.11 80.00 -79.56
CA THR A 8 70.79 80.10 -80.98
C THR A 8 71.17 78.79 -81.64
N LEU A 9 70.36 78.36 -82.60
CA LEU A 9 70.63 77.14 -83.33
C LEU A 9 70.44 77.40 -84.81
N GLY A 10 71.49 77.13 -85.59
CA GLY A 10 71.42 77.19 -87.03
C GLY A 10 71.33 75.79 -87.61
N ASN A 11 71.08 75.75 -88.91
CA ASN A 11 71.08 74.48 -89.65
C ASN A 11 70.07 73.51 -89.04
N ILE A 12 68.80 73.84 -89.22
CA ILE A 12 67.72 73.11 -88.59
C ILE A 12 66.75 72.68 -89.69
N GLY A 13 66.06 71.56 -89.45
CA GLY A 13 65.06 71.07 -90.38
C GLY A 13 65.70 70.48 -91.62
N LYS A 14 64.85 69.83 -92.40
CA LYS A 14 65.29 69.22 -93.65
C LYS A 14 66.03 70.21 -94.52
N ASP A 15 65.59 71.47 -94.51
CA ASP A 15 66.30 72.51 -95.24
C ASP A 15 67.68 72.75 -94.65
N GLY A 16 67.76 72.92 -93.33
CA GLY A 16 69.00 73.37 -92.74
C GLY A 16 69.15 74.88 -92.79
N LYS A 17 68.18 75.59 -93.36
CA LYS A 17 68.16 77.03 -93.27
C LYS A 17 67.35 77.50 -92.07
N GLN A 18 66.66 76.57 -91.42
CA GLN A 18 65.89 76.90 -90.24
C GLN A 18 66.81 77.26 -89.09
N THR A 19 66.39 78.25 -88.31
CA THR A 19 67.12 78.68 -87.13
C THR A 19 66.17 78.77 -85.95
N LEU A 20 66.72 78.62 -84.75
CA LEU A 20 65.89 78.65 -83.55
C LEU A 20 66.70 79.24 -82.41
N VAL A 21 66.03 80.04 -81.58
CA VAL A 21 66.62 80.55 -80.37
C VAL A 21 65.82 80.02 -79.19
N LEU A 22 66.49 79.88 -78.05
CA LEU A 22 65.87 79.33 -76.85
C LEU A 22 66.20 80.23 -75.67
N ASN A 23 65.19 80.74 -75.06
CA ASN A 23 65.52 81.53 -73.89
C ASN A 23 65.55 80.66 -72.65
N PRO A 24 66.40 81.00 -71.69
CA PRO A 24 66.36 80.29 -70.41
C PRO A 24 65.02 80.51 -69.73
N ARG A 25 64.41 79.40 -69.33
CA ARG A 25 63.11 79.43 -68.66
C ARG A 25 63.23 79.34 -67.15
N GLY A 26 64.44 79.29 -66.61
CA GLY A 26 64.62 79.01 -65.21
C GLY A 26 64.70 77.51 -64.98
N VAL A 27 64.75 77.14 -63.70
CA VAL A 27 64.92 75.76 -63.29
C VAL A 27 63.87 75.41 -62.26
N ASN A 28 63.14 74.34 -62.50
CA ASN A 28 62.27 73.85 -61.46
C ASN A 28 63.10 73.19 -60.37
N PRO A 29 63.15 73.76 -59.16
CA PRO A 29 63.99 73.17 -58.12
C PRO A 29 63.49 71.84 -57.60
N THR A 30 62.18 71.60 -57.65
CA THR A 30 61.65 70.37 -57.12
C THR A 30 62.30 69.16 -57.77
N ASN A 31 62.00 68.93 -59.03
CA ASN A 31 62.69 67.88 -59.78
C ASN A 31 64.12 68.25 -60.10
N GLY A 32 64.51 69.50 -59.88
CA GLY A 32 65.85 69.92 -60.23
C GLY A 32 66.11 69.84 -61.72
N VAL A 33 65.26 70.47 -62.53
CA VAL A 33 65.33 70.36 -63.97
C VAL A 33 65.27 71.76 -64.57
N ALA A 34 66.23 72.06 -65.43
CA ALA A 34 66.23 73.31 -66.18
C ALA A 34 65.21 73.26 -67.31
N SER A 35 64.86 74.44 -67.80
CA SER A 35 63.91 74.54 -68.89
C SER A 35 64.37 75.63 -69.85
N LEU A 36 64.17 75.37 -71.14
CA LEU A 36 64.50 76.33 -72.18
C LEU A 36 63.31 76.41 -73.13
N SER A 37 63.14 77.58 -73.75
CA SER A 37 62.02 77.70 -74.68
C SER A 37 62.33 78.71 -75.75
N GLN A 38 61.76 78.46 -76.93
CA GLN A 38 61.57 79.50 -77.92
C GLN A 38 60.69 80.59 -77.33
N ALA A 39 60.92 81.82 -77.78
CA ALA A 39 60.02 82.91 -77.41
C ALA A 39 58.97 83.03 -78.52
N GLY A 40 57.77 82.58 -78.19
CA GLY A 40 56.63 82.71 -79.06
C GLY A 40 55.61 83.67 -78.50
N ALA A 41 54.37 83.47 -78.91
CA ALA A 41 53.26 84.19 -78.29
C ALA A 41 52.73 83.42 -77.09
N VAL A 42 52.16 82.25 -77.33
CA VAL A 42 51.54 81.48 -76.26
C VAL A 42 52.53 80.43 -75.76
N PRO A 43 52.90 80.48 -74.48
CA PRO A 43 53.81 79.46 -73.94
C PRO A 43 53.37 78.04 -74.23
N ALA A 44 52.07 77.73 -74.12
CA ALA A 44 51.57 76.43 -74.52
C ALA A 44 51.99 76.07 -75.93
N LEU A 45 52.02 77.05 -76.84
CA LEU A 45 52.47 76.80 -78.19
C LEU A 45 53.99 76.76 -78.29
N GLU A 46 54.68 77.46 -77.40
CA GLU A 46 56.12 77.66 -77.55
C GLU A 46 56.86 76.35 -77.36
N LYS A 47 57.92 76.17 -78.14
CA LYS A 47 58.73 74.96 -78.10
C LYS A 47 59.40 74.91 -76.74
N ARG A 48 59.57 73.70 -76.22
CA ARG A 48 60.20 73.55 -74.92
C ARG A 48 61.39 72.61 -75.00
N VAL A 49 62.41 72.89 -74.19
CA VAL A 49 63.59 72.05 -74.10
C VAL A 49 63.93 71.89 -72.63
N THR A 50 64.11 70.65 -72.21
CA THR A 50 64.35 70.34 -70.81
C THR A 50 65.61 69.51 -70.68
N VAL A 51 66.48 69.90 -69.74
CA VAL A 51 67.67 69.14 -69.44
C VAL A 51 67.74 68.95 -67.94
N SER A 52 68.40 67.87 -67.54
CA SER A 52 68.54 67.58 -66.12
C SER A 52 69.79 66.75 -65.91
N VAL A 53 70.37 66.89 -64.73
CA VAL A 53 71.44 66.02 -64.29
C VAL A 53 70.90 65.20 -63.15
N SER A 54 71.75 64.36 -62.57
CA SER A 54 71.36 63.55 -61.43
C SER A 54 72.61 63.16 -60.67
N GLN A 55 72.41 62.68 -59.46
CA GLN A 55 73.55 62.20 -58.69
C GLN A 55 73.18 60.90 -58.02
N PRO A 56 74.13 59.98 -57.88
CA PRO A 56 73.81 58.66 -57.37
C PRO A 56 73.35 58.73 -55.93
N SER A 57 72.36 57.91 -55.60
CA SER A 57 71.79 57.86 -54.27
C SER A 57 71.84 56.42 -53.78
N ARG A 58 71.26 56.19 -52.61
CA ARG A 58 71.05 54.83 -52.15
C ARG A 58 70.15 54.04 -53.08
N ASN A 59 69.32 54.71 -53.88
CA ASN A 59 68.48 54.05 -54.85
C ASN A 59 69.22 53.66 -56.12
N ARG A 60 70.15 54.49 -56.59
CA ARG A 60 70.88 54.21 -57.80
C ARG A 60 72.29 54.76 -57.67
N LYS A 61 73.25 53.99 -58.17
CA LYS A 61 74.66 54.35 -58.09
C LYS A 61 75.13 55.03 -59.36
N ASN A 62 74.21 55.27 -60.29
CA ASN A 62 74.56 55.72 -61.61
C ASN A 62 74.07 57.14 -61.83
N TYR A 63 74.78 57.88 -62.66
CA TYR A 63 74.33 59.19 -63.06
C TYR A 63 73.31 59.09 -64.18
N LYS A 64 72.29 59.92 -64.11
CA LYS A 64 71.30 60.03 -65.17
C LYS A 64 71.33 61.44 -65.73
N VAL A 65 71.34 61.55 -67.04
CA VAL A 65 71.20 62.82 -67.72
C VAL A 65 70.02 62.69 -68.66
N GLN A 66 68.96 63.44 -68.38
CA GLN A 66 67.71 63.33 -69.10
C GLN A 66 67.48 64.61 -69.90
N VAL A 67 67.13 64.46 -71.17
CA VAL A 67 66.82 65.58 -72.03
C VAL A 67 65.54 65.26 -72.78
N LYS A 68 64.55 66.13 -72.64
CA LYS A 68 63.27 65.96 -73.31
C LYS A 68 62.97 67.19 -74.13
N ILE A 69 62.32 66.99 -75.26
CA ILE A 69 61.96 68.08 -76.17
C ILE A 69 60.47 67.96 -76.47
N GLN A 70 59.77 69.08 -76.41
CA GLN A 70 58.34 69.12 -76.60
C GLN A 70 58.02 70.18 -77.64
N ASN A 71 57.49 69.75 -78.78
CA ASN A 71 57.21 70.64 -79.91
C ASN A 71 55.77 70.41 -80.35
N PRO A 72 54.84 71.20 -79.85
CA PRO A 72 53.44 71.02 -80.22
C PRO A 72 53.20 71.44 -81.66
N THR A 73 51.97 71.22 -82.10
CA THR A 73 51.53 71.61 -83.43
C THR A 73 50.36 72.57 -83.29
N ALA A 74 50.58 73.81 -83.67
CA ALA A 74 49.56 74.83 -83.56
C ALA A 74 48.52 74.64 -84.65
N CYS A 75 47.25 74.72 -84.27
CA CYS A 75 46.16 74.84 -85.24
C CYS A 75 45.78 76.31 -85.24
N THR A 76 46.14 77.01 -86.31
CA THR A 76 45.91 78.45 -86.36
C THR A 76 44.43 78.77 -86.39
N ALA A 77 43.72 78.24 -87.38
CA ALA A 77 42.28 78.43 -87.47
C ALA A 77 41.62 77.14 -87.00
N ASN A 78 41.03 77.21 -85.81
CA ASN A 78 40.20 76.13 -85.30
C ASN A 78 38.73 76.40 -85.56
N GLY A 79 38.40 77.47 -86.29
CA GLY A 79 37.06 77.99 -86.27
C GLY A 79 36.80 78.87 -85.06
N SER A 80 37.82 79.10 -84.25
CA SER A 80 37.73 79.90 -83.04
C SER A 80 38.81 80.97 -83.10
N CYS A 81 38.68 81.97 -82.22
CA CYS A 81 39.58 83.11 -82.23
C CYS A 81 40.98 82.79 -81.75
N ASP A 82 41.18 81.65 -81.10
CA ASP A 82 42.49 81.35 -80.55
C ASP A 82 43.03 80.04 -81.11
N PRO A 83 44.33 79.96 -81.36
CA PRO A 83 44.90 78.70 -81.82
C PRO A 83 44.86 77.66 -80.71
N SER A 84 45.02 76.40 -81.10
CA SER A 84 44.92 75.30 -80.16
C SER A 84 45.95 74.24 -80.47
N VAL A 85 46.41 73.57 -79.42
CA VAL A 85 47.36 72.48 -79.55
C VAL A 85 46.68 71.34 -80.29
N THR A 86 47.36 70.80 -81.29
CA THR A 86 46.80 69.67 -82.01
C THR A 86 47.59 68.40 -81.72
N ARG A 87 48.80 68.31 -82.26
CA ARG A 87 49.68 67.18 -82.03
C ARG A 87 50.85 67.64 -81.18
N GLN A 88 51.34 66.74 -80.34
CA GLN A 88 52.45 67.08 -79.45
C GLN A 88 53.60 66.13 -79.76
N ALA A 89 54.68 66.67 -80.31
CA ALA A 89 55.85 65.88 -80.64
C ALA A 89 56.68 65.68 -79.38
N TYR A 90 56.99 64.43 -79.07
CA TYR A 90 57.82 64.13 -77.92
C TYR A 90 59.17 63.58 -78.35
N ALA A 91 60.22 64.29 -77.96
CA ALA A 91 61.58 63.84 -78.21
C ALA A 91 62.26 63.68 -76.86
N ASP A 92 62.66 62.47 -76.54
CA ASP A 92 63.25 62.15 -75.25
C ASP A 92 64.60 61.50 -75.42
N VAL A 93 65.57 61.94 -74.63
CA VAL A 93 66.93 61.42 -74.65
C VAL A 93 67.39 61.27 -73.21
N THR A 94 68.01 60.14 -72.90
CA THR A 94 68.54 59.88 -71.57
C THR A 94 69.99 59.43 -71.67
N PHE A 95 70.66 59.46 -70.53
CA PHE A 95 72.03 58.99 -70.45
C PHE A 95 72.26 58.32 -69.10
N SER A 96 73.06 57.26 -69.13
CA SER A 96 73.44 56.58 -67.92
C SER A 96 74.95 56.51 -67.88
N PHE A 97 75.52 56.64 -66.68
CA PHE A 97 76.95 56.56 -66.51
C PHE A 97 77.27 56.00 -65.14
N THR A 98 78.48 55.49 -65.01
CA THR A 98 78.94 54.92 -63.77
C THR A 98 79.87 55.91 -63.08
N GLN A 99 79.85 55.87 -61.76
CA GLN A 99 80.68 56.77 -60.98
C GLN A 99 82.12 56.80 -61.46
N TYR A 100 82.61 55.72 -62.04
CA TYR A 100 83.96 55.71 -62.57
C TYR A 100 84.02 56.10 -64.04
N SER A 101 82.90 56.49 -64.63
CA SER A 101 82.89 56.88 -66.04
C SER A 101 83.90 57.98 -66.27
N THR A 102 84.67 57.88 -67.35
CA THR A 102 85.67 58.90 -67.60
C THR A 102 85.11 59.99 -68.50
N ASP A 103 85.94 60.99 -68.78
CA ASP A 103 85.49 62.11 -69.58
C ASP A 103 85.32 61.72 -71.03
N GLU A 104 86.38 61.21 -71.66
CA GLU A 104 86.34 60.98 -73.09
C GLU A 104 85.27 59.99 -73.47
N GLU A 105 85.09 58.94 -72.66
CA GLU A 105 83.98 58.03 -72.87
C GLU A 105 82.69 58.79 -73.05
N ARG A 106 82.36 59.65 -72.09
CA ARG A 106 81.17 60.47 -72.22
C ARG A 106 81.24 61.32 -73.49
N ALA A 107 82.31 62.08 -73.63
CA ALA A 107 82.50 62.86 -74.85
C ALA A 107 82.32 62.00 -76.08
N PHE A 108 82.92 60.81 -76.09
CA PHE A 108 82.72 59.89 -77.19
C PHE A 108 81.25 59.63 -77.44
N VAL A 109 80.48 59.46 -76.38
CA VAL A 109 79.05 59.23 -76.57
C VAL A 109 78.39 60.42 -77.20
N ARG A 110 78.74 61.62 -76.74
CA ARG A 110 78.01 62.80 -77.20
C ARG A 110 78.08 62.95 -78.71
N THR A 111 79.29 62.99 -79.26
CA THR A 111 79.41 63.20 -80.69
C THR A 111 78.70 62.11 -81.48
N GLU A 112 79.05 60.85 -81.24
CA GLU A 112 78.51 59.77 -82.07
C GLU A 112 77.00 59.82 -82.16
N LEU A 113 76.31 60.11 -81.06
CA LEU A 113 74.87 60.23 -81.15
C LEU A 113 74.48 61.28 -82.18
N ALA A 114 75.13 62.44 -82.12
CA ALA A 114 74.87 63.47 -83.13
C ALA A 114 75.13 62.95 -84.53
N ALA A 115 76.30 62.36 -84.76
CA ALA A 115 76.61 61.83 -86.08
C ALA A 115 75.51 60.91 -86.59
N LEU A 116 75.03 60.01 -85.74
CA LEU A 116 73.90 59.18 -86.13
C LEU A 116 72.73 60.04 -86.59
N LEU A 117 72.40 61.07 -85.82
CA LEU A 117 71.28 61.92 -86.21
C LEU A 117 71.49 62.55 -87.56
N ALA A 118 72.73 62.76 -87.97
CA ALA A 118 73.02 63.19 -89.32
C ALA A 118 73.23 62.04 -90.28
N SER A 119 73.30 60.81 -89.78
CA SER A 119 73.52 59.68 -90.65
C SER A 119 72.32 59.46 -91.57
N PRO A 120 72.56 59.03 -92.80
CA PRO A 120 71.45 58.72 -93.70
C PRO A 120 70.57 57.60 -93.20
N LEU A 121 71.05 56.80 -92.26
CA LEU A 121 70.21 55.75 -91.71
C LEU A 121 69.00 56.32 -91.00
N LEU A 122 69.21 57.12 -89.97
CA LEU A 122 68.12 57.55 -89.13
C LEU A 122 67.11 58.42 -89.86
N ILE A 123 67.55 59.19 -90.85
CA ILE A 123 66.63 60.12 -91.48
C ILE A 123 65.41 59.41 -92.04
N ASP A 124 65.60 58.32 -92.77
CA ASP A 124 64.47 57.52 -93.20
C ASP A 124 63.73 56.92 -92.02
N ALA A 125 64.45 56.42 -91.03
CA ALA A 125 63.84 55.98 -89.79
C ALA A 125 63.02 57.06 -89.13
N ILE A 126 63.57 58.26 -88.98
CA ILE A 126 62.86 59.37 -88.38
C ILE A 126 61.86 59.97 -89.35
N ASP A 127 62.34 60.58 -90.43
CA ASP A 127 61.46 61.35 -91.29
C ASP A 127 60.39 60.48 -91.93
N GLN A 128 60.79 59.42 -92.60
CA GLN A 128 59.86 58.59 -93.33
C GLN A 128 59.36 57.40 -92.53
N LEU A 129 59.74 57.28 -91.26
CA LEU A 129 59.29 56.20 -90.39
C LEU A 129 59.56 54.85 -91.03
N ASN A 130 60.83 54.55 -91.20
CA ASN A 130 61.12 53.31 -91.88
C ASN A 130 62.07 52.47 -91.06
N PRO A 131 61.86 51.19 -91.03
CA PRO A 131 62.83 50.29 -90.40
C PRO A 131 64.09 50.18 -91.24
N ALA A 132 64.93 49.21 -90.90
CA ALA A 132 66.33 49.20 -91.28
C ALA A 132 66.55 48.69 -92.70
N TYR A 133 65.49 48.40 -93.43
CA TYR A 133 65.65 47.85 -94.77
C TYR A 133 65.49 48.92 -95.83
N ALA B 2 -18.90 75.13 -107.99
CA ALA B 2 -18.49 74.53 -109.25
C ALA B 2 -17.32 73.60 -109.05
N LYS B 3 -16.73 73.16 -110.15
CA LYS B 3 -15.63 72.21 -110.13
C LYS B 3 -14.41 72.82 -109.46
N LEU B 4 -13.73 71.99 -108.69
CA LEU B 4 -12.40 72.34 -108.20
C LEU B 4 -11.52 72.66 -109.40
N GLU B 5 -10.85 73.79 -109.34
CA GLU B 5 -9.98 74.20 -110.43
C GLU B 5 -8.75 74.86 -109.87
N THR B 6 -7.83 75.22 -110.76
CA THR B 6 -6.71 76.06 -110.40
C THR B 6 -7.32 77.41 -110.04
N VAL B 7 -7.00 77.90 -108.85
CA VAL B 7 -7.54 79.18 -108.42
C VAL B 7 -6.39 80.17 -108.34
N THR B 8 -6.36 81.12 -109.27
CA THR B 8 -5.37 82.18 -109.27
C THR B 8 -5.88 83.30 -108.40
N LEU B 9 -4.98 83.93 -107.66
CA LEU B 9 -5.33 85.05 -106.81
C LEU B 9 -4.33 86.17 -107.02
N GLY B 10 -4.84 87.35 -107.39
CA GLY B 10 -4.04 88.55 -107.50
C GLY B 10 -4.27 89.44 -106.29
N ASN B 11 -3.45 90.48 -106.20
CA ASN B 11 -3.61 91.50 -105.18
C ASN B 11 -3.58 90.88 -103.78
N ILE B 12 -2.40 90.41 -103.41
CA ILE B 12 -2.21 89.66 -102.18
C ILE B 12 -1.12 90.34 -101.38
N GLY B 13 -1.19 90.22 -100.05
CA GLY B 13 -0.18 90.76 -99.17
C GLY B 13 -0.28 92.27 -99.08
N LYS B 14 0.47 92.81 -98.13
CA LYS B 14 0.50 94.24 -97.90
C LYS B 14 0.81 94.98 -99.20
N ASP B 15 1.68 94.41 -100.03
CA ASP B 15 1.95 95.00 -101.33
C ASP B 15 0.72 94.98 -102.22
N GLY B 16 0.08 93.82 -102.33
CA GLY B 16 -0.95 93.67 -103.33
C GLY B 16 -0.41 93.31 -104.69
N LYS B 17 0.91 93.18 -104.81
CA LYS B 17 1.49 92.66 -106.03
C LYS B 17 1.69 91.16 -105.92
N GLN B 18 1.49 90.59 -104.75
CA GLN B 18 1.61 89.16 -104.54
C GLN B 18 0.50 88.44 -105.26
N THR B 19 0.84 87.30 -105.84
CA THR B 19 -0.12 86.44 -106.52
C THR B 19 0.04 85.02 -106.02
N LEU B 20 -1.04 84.24 -106.11
CA LEU B 20 -1.02 82.87 -105.63
C LEU B 20 -1.95 82.02 -106.48
N VAL B 21 -1.53 80.81 -106.77
CA VAL B 21 -2.36 79.83 -107.44
C VAL B 21 -2.59 78.67 -106.49
N LEU B 22 -3.72 77.99 -106.66
CA LEU B 22 -4.09 76.88 -105.79
C LEU B 22 -4.56 75.72 -106.66
N ASN B 23 -3.89 74.63 -106.53
CA ASN B 23 -4.39 73.51 -107.30
C ASN B 23 -5.41 72.72 -106.49
N PRO B 24 -6.38 72.13 -107.17
CA PRO B 24 -7.29 71.23 -106.48
C PRO B 24 -6.56 70.03 -105.92
N ARG B 25 -6.77 69.79 -104.63
CA ARG B 25 -6.12 68.69 -103.94
C ARG B 25 -7.00 67.46 -103.82
N GLY B 26 -8.20 67.50 -104.39
CA GLY B 26 -9.18 66.45 -104.16
C GLY B 26 -9.99 66.74 -102.92
N VAL B 27 -10.81 65.78 -102.55
CA VAL B 27 -11.74 65.93 -101.43
C VAL B 27 -11.62 64.72 -100.52
N ASN B 28 -11.41 64.96 -99.25
CA ASN B 28 -11.50 63.87 -98.31
C ASN B 28 -12.96 63.47 -98.13
N PRO B 29 -13.35 62.28 -98.56
CA PRO B 29 -14.76 61.89 -98.44
C PRO B 29 -15.21 61.66 -97.02
N THR B 30 -14.31 61.24 -96.13
CA THR B 30 -14.71 60.96 -94.77
C THR B 30 -15.39 62.16 -94.13
N ASN B 31 -14.62 63.20 -93.84
CA ASN B 31 -15.20 64.44 -93.36
C ASN B 31 -15.95 65.18 -94.44
N GLY B 32 -15.83 64.76 -95.70
CA GLY B 32 -16.47 65.48 -96.78
C GLY B 32 -15.95 66.88 -96.93
N VAL B 33 -14.64 67.04 -97.07
CA VAL B 33 -14.02 68.35 -97.11
C VAL B 33 -13.07 68.41 -98.29
N ALA B 34 -13.23 69.44 -99.11
CA ALA B 34 -12.33 69.70 -100.21
C ALA B 34 -11.01 70.28 -99.71
N SER B 35 -10.00 70.20 -100.55
CA SER B 35 -8.68 70.72 -100.21
C SER B 35 -8.07 71.39 -101.43
N LEU B 36 -7.38 72.50 -101.20
CA LEU B 36 -6.69 73.23 -102.23
C LEU B 36 -5.29 73.55 -101.75
N SER B 37 -4.36 73.65 -102.68
CA SER B 37 -3.00 73.96 -102.25
C SER B 37 -2.25 74.70 -103.35
N GLN B 38 -1.33 75.55 -102.90
CA GLN B 38 -0.25 76.01 -103.74
C GLN B 38 0.58 74.82 -104.17
N ALA B 39 1.16 74.91 -105.37
CA ALA B 39 2.11 73.90 -105.80
C ALA B 39 3.51 74.38 -105.44
N GLY B 40 4.05 73.76 -104.39
CA GLY B 40 5.40 74.01 -103.96
C GLY B 40 6.28 72.82 -104.21
N ALA B 41 7.34 72.74 -103.41
CA ALA B 41 8.17 71.53 -103.41
C ALA B 41 7.63 70.52 -102.41
N VAL B 42 7.69 70.86 -101.14
CA VAL B 42 7.28 69.93 -100.08
C VAL B 42 5.85 70.22 -99.69
N PRO B 43 4.94 69.25 -99.83
CA PRO B 43 3.55 69.47 -99.41
C PRO B 43 3.41 69.98 -97.99
N ALA B 44 4.20 69.46 -97.05
CA ALA B 44 4.23 70.00 -95.70
C ALA B 44 4.48 71.49 -95.70
N LEU B 45 5.33 71.99 -96.60
CA LEU B 45 5.56 73.41 -96.71
C LEU B 45 4.46 74.12 -97.48
N GLU B 46 3.78 73.42 -98.39
CA GLU B 46 2.87 74.07 -99.31
C GLU B 46 1.65 74.61 -98.57
N LYS B 47 1.18 75.77 -99.03
CA LYS B 47 0.04 76.43 -98.42
C LYS B 47 -1.17 75.54 -98.64
N ARG B 48 -2.09 75.53 -97.68
CA ARG B 48 -3.28 74.72 -97.79
C ARG B 48 -4.52 75.56 -97.62
N VAL B 49 -5.58 75.19 -98.33
CA VAL B 49 -6.87 75.85 -98.25
C VAL B 49 -7.94 74.77 -98.20
N THR B 50 -8.82 74.85 -97.21
CA THR B 50 -9.84 73.84 -96.98
C THR B 50 -11.20 74.49 -96.94
N VAL B 51 -12.16 73.93 -97.67
CA VAL B 51 -13.53 74.38 -97.62
C VAL B 51 -14.43 73.17 -97.40
N SER B 52 -15.58 73.43 -96.81
CA SER B 52 -16.52 72.36 -96.55
C SER B 52 -17.92 72.93 -96.48
N VAL B 53 -18.89 72.09 -96.84
CA VAL B 53 -20.29 72.43 -96.64
C VAL B 53 -20.81 71.48 -95.58
N SER B 54 -22.10 71.58 -95.28
CA SER B 54 -22.72 70.70 -94.31
C SER B 54 -24.20 70.67 -94.59
N GLN B 55 -24.88 69.69 -94.01
CA GLN B 55 -26.32 69.63 -94.16
C GLN B 55 -26.94 69.31 -92.81
N PRO B 56 -28.11 69.87 -92.52
CA PRO B 56 -28.70 69.70 -91.19
C PRO B 56 -29.05 68.24 -90.93
N SER B 57 -28.82 67.83 -89.69
CA SER B 57 -29.09 66.46 -89.28
C SER B 57 -29.98 66.51 -88.05
N ARG B 58 -30.24 65.34 -87.48
CA ARG B 58 -30.89 65.28 -86.17
C ARG B 58 -30.09 65.97 -85.10
N ASN B 59 -28.77 66.10 -85.28
CA ASN B 59 -27.92 66.81 -84.34
C ASN B 59 -28.00 68.32 -84.47
N ARG B 60 -28.12 68.84 -85.69
CA ARG B 60 -28.18 70.27 -85.90
C ARG B 60 -29.07 70.55 -87.10
N LYS B 61 -29.86 71.61 -86.98
CA LYS B 61 -30.82 72.00 -88.02
C LYS B 61 -30.23 73.07 -88.92
N ASN B 62 -28.97 73.43 -88.69
CA ASN B 62 -28.38 74.57 -89.35
C ASN B 62 -27.29 74.12 -90.30
N TYR B 63 -27.09 74.90 -91.36
CA TYR B 63 -25.99 74.64 -92.28
C TYR B 63 -24.70 75.23 -91.72
N LYS B 64 -23.61 74.51 -91.88
CA LYS B 64 -22.29 74.99 -91.51
C LYS B 64 -21.43 75.03 -92.77
N VAL B 65 -20.72 76.14 -92.95
CA VAL B 65 -19.73 76.27 -93.99
C VAL B 65 -18.43 76.64 -93.32
N GLN B 66 -17.47 75.74 -93.39
CA GLN B 66 -16.20 75.91 -92.69
C GLN B 66 -15.09 76.10 -93.71
N VAL B 67 -14.25 77.10 -93.46
CA VAL B 67 -13.10 77.37 -94.31
C VAL B 67 -11.90 77.59 -93.42
N LYS B 68 -10.86 76.81 -93.61
CA LYS B 68 -9.63 76.92 -92.84
C LYS B 68 -8.46 77.12 -93.79
N ILE B 69 -7.48 77.90 -93.35
CA ILE B 69 -6.30 78.20 -94.14
C ILE B 69 -5.08 77.89 -93.28
N GLN B 70 -4.12 77.21 -93.86
CA GLN B 70 -2.92 76.78 -93.16
C GLN B 70 -1.71 77.23 -93.96
N ASN B 71 -0.91 78.13 -93.37
CA ASN B 71 0.25 78.71 -94.05
C ASN B 71 1.45 78.58 -93.14
N PRO B 72 2.23 77.52 -93.29
CA PRO B 72 3.40 77.34 -92.43
C PRO B 72 4.48 78.36 -92.74
N THR B 73 5.53 78.31 -91.94
CA THR B 73 6.70 79.15 -92.12
C THR B 73 7.92 78.26 -92.31
N ALA B 74 8.48 78.29 -93.51
CA ALA B 74 9.63 77.47 -93.85
C ALA B 74 10.87 78.05 -93.19
N CYS B 75 11.67 77.18 -92.58
CA CYS B 75 13.02 77.53 -92.16
C CYS B 75 13.94 76.92 -93.22
N THR B 76 14.51 77.78 -94.06
CA THR B 76 15.31 77.30 -95.18
C THR B 76 16.58 76.63 -94.67
N ALA B 77 17.39 77.36 -93.91
CA ALA B 77 18.59 76.79 -93.32
C ALA B 77 18.31 76.52 -91.86
N ASN B 78 18.17 75.23 -91.53
CA ASN B 78 18.08 74.79 -90.15
C ASN B 78 19.44 74.35 -89.63
N GLY B 79 20.50 74.51 -90.41
CA GLY B 79 21.72 73.79 -90.15
C GLY B 79 21.68 72.38 -90.68
N SER B 80 20.59 72.02 -91.37
CA SER B 80 20.40 70.68 -91.92
C SER B 80 20.07 70.83 -93.40
N CYS B 81 20.15 69.73 -94.13
CA CYS B 81 19.97 69.74 -95.57
C CYS B 81 18.54 69.99 -96.01
N ASP B 82 17.57 69.88 -95.10
CA ASP B 82 16.19 70.02 -95.50
C ASP B 82 15.51 71.12 -94.70
N PRO B 83 14.62 71.88 -95.33
CA PRO B 83 13.88 72.89 -94.59
C PRO B 83 12.92 72.25 -93.62
N SER B 84 12.46 73.03 -92.65
CA SER B 84 11.59 72.53 -91.61
C SER B 84 10.52 73.54 -91.26
N VAL B 85 9.35 73.02 -90.87
CA VAL B 85 8.24 73.85 -90.45
C VAL B 85 8.64 74.57 -89.17
N THR B 86 8.41 75.87 -89.12
CA THR B 86 8.70 76.62 -87.91
C THR B 86 7.42 77.09 -87.23
N ARG B 87 6.76 78.07 -87.82
CA ARG B 87 5.50 78.58 -87.30
C ARG B 87 4.38 78.17 -88.25
N GLN B 88 3.21 77.92 -87.69
CA GLN B 88 2.07 77.50 -88.51
C GLN B 88 0.96 78.51 -88.33
N ALA B 89 0.66 79.26 -89.38
CA ALA B 89 -0.39 80.27 -89.33
C ALA B 89 -1.73 79.59 -89.54
N TYR B 90 -2.66 79.82 -88.62
CA TYR B 90 -3.99 79.26 -88.73
C TYR B 90 -5.02 80.34 -88.98
N ALA B 91 -5.70 80.21 -90.12
CA ALA B 91 -6.78 81.11 -90.47
C ALA B 91 -8.04 80.27 -90.60
N ASP B 92 -9.03 80.54 -89.76
CA ASP B 92 -10.25 79.75 -89.72
C ASP B 92 -11.47 80.66 -89.89
N VAL B 93 -12.40 80.23 -90.72
CA VAL B 93 -13.63 80.96 -90.98
C VAL B 93 -14.77 79.94 -91.01
N THR B 94 -15.88 80.28 -90.36
CA THR B 94 -17.05 79.44 -90.33
C THR B 94 -18.28 80.24 -90.72
N PHE B 95 -19.36 79.52 -91.02
CA PHE B 95 -20.63 80.15 -91.33
C PHE B 95 -21.75 79.29 -90.80
N SER B 96 -22.79 79.95 -90.32
CA SER B 96 -23.99 79.29 -89.88
C SER B 96 -25.17 79.88 -90.61
N PHE B 97 -26.14 79.04 -90.93
CA PHE B 97 -27.34 79.50 -91.61
C PHE B 97 -28.50 78.61 -91.21
N THR B 98 -29.69 79.14 -91.41
CA THR B 98 -30.92 78.44 -91.09
C THR B 98 -31.54 77.91 -92.38
N GLN B 99 -32.21 76.78 -92.26
CA GLN B 99 -32.83 76.17 -93.41
C GLN B 99 -33.66 77.15 -94.21
N TYR B 100 -34.20 78.18 -93.58
CA TYR B 100 -34.95 79.19 -94.31
C TYR B 100 -34.08 80.35 -94.77
N SER B 101 -32.78 80.29 -94.56
CA SER B 101 -31.90 81.38 -94.96
C SER B 101 -32.07 81.65 -96.44
N THR B 102 -32.14 82.92 -96.82
CA THR B 102 -32.34 83.22 -98.23
C THR B 102 -30.99 83.43 -98.91
N ASP B 103 -31.05 83.69 -100.21
CA ASP B 103 -29.83 83.85 -100.98
C ASP B 103 -29.14 85.16 -100.65
N GLU B 104 -29.83 86.28 -100.81
CA GLU B 104 -29.18 87.57 -100.68
C GLU B 104 -28.61 87.77 -99.29
N GLU B 105 -29.33 87.33 -98.26
CA GLU B 105 -28.78 87.35 -96.91
C GLU B 105 -27.39 86.74 -96.90
N ARG B 106 -27.26 85.53 -97.41
CA ARG B 106 -25.96 84.90 -97.49
C ARG B 106 -25.01 85.75 -98.31
N ALA B 107 -25.42 86.07 -99.55
CA ALA B 107 -24.61 86.96 -100.37
C ALA B 107 -24.22 88.22 -99.62
N PHE B 108 -25.17 88.83 -98.93
CA PHE B 108 -24.86 89.98 -98.11
C PHE B 108 -23.74 89.70 -97.13
N VAL B 109 -23.76 88.52 -96.51
CA VAL B 109 -22.70 88.17 -95.58
C VAL B 109 -21.37 88.08 -96.29
N ARG B 110 -21.35 87.45 -97.47
CA ARG B 110 -20.08 87.18 -98.12
C ARG B 110 -19.31 88.47 -98.37
N THR B 111 -19.91 89.42 -99.07
CA THR B 111 -19.20 90.65 -99.40
C THR B 111 -18.72 91.37 -98.15
N GLU B 112 -19.65 91.70 -97.25
CA GLU B 112 -19.29 92.52 -96.10
C GLU B 112 -18.09 91.98 -95.35
N LEU B 113 -18.00 90.67 -95.18
CA LEU B 113 -16.82 90.12 -94.52
C LEU B 113 -15.56 90.52 -95.28
N ALA B 114 -15.58 90.38 -96.60
CA ALA B 114 -14.45 90.82 -97.39
C ALA B 114 -14.15 92.29 -97.17
N ALA B 115 -15.16 93.15 -97.30
CA ALA B 115 -14.96 94.57 -97.09
C ALA B 115 -14.27 94.86 -95.77
N LEU B 116 -14.72 94.21 -94.70
CA LEU B 116 -14.02 94.34 -93.43
C LEU B 116 -12.55 94.00 -93.57
N LEU B 117 -12.25 92.89 -94.24
CA LEU B 117 -10.85 92.50 -94.39
C LEU B 117 -10.06 93.57 -95.11
N ALA B 118 -10.70 94.35 -95.97
CA ALA B 118 -10.04 95.50 -96.57
C ALA B 118 -10.22 96.77 -95.75
N SER B 119 -11.04 96.74 -94.71
CA SER B 119 -11.25 97.93 -93.92
C SER B 119 -9.98 98.30 -93.17
N PRO B 120 -9.72 99.60 -93.01
CA PRO B 120 -8.56 100.02 -92.21
C PRO B 120 -8.63 99.58 -90.77
N LEU B 121 -9.81 99.20 -90.29
CA LEU B 121 -9.90 98.73 -88.92
C LEU B 121 -9.10 97.45 -88.72
N LEU B 122 -9.45 96.40 -89.46
CA LEU B 122 -8.86 95.09 -89.20
C LEU B 122 -7.37 95.05 -89.45
N ILE B 123 -6.86 95.84 -90.39
CA ILE B 123 -5.46 95.73 -90.75
C ILE B 123 -4.58 95.94 -89.55
N ASP B 124 -4.81 96.98 -88.75
CA ASP B 124 -4.09 97.15 -87.51
C ASP B 124 -4.38 96.01 -86.54
N ALA B 125 -5.63 95.61 -86.44
CA ALA B 125 -6.00 94.44 -85.66
C ALA B 125 -5.25 93.20 -86.11
N ILE B 126 -5.22 92.92 -87.41
CA ILE B 126 -4.52 91.77 -87.94
C ILE B 126 -3.02 92.02 -87.99
N ASP B 127 -2.58 92.95 -88.82
CA ASP B 127 -1.16 93.10 -89.07
C ASP B 127 -0.40 93.49 -87.82
N GLN B 128 -0.82 94.55 -87.16
CA GLN B 128 -0.10 95.06 -86.00
C GLN B 128 -0.64 94.54 -84.69
N LEU B 129 -1.62 93.64 -84.72
CA LEU B 129 -2.18 93.04 -83.51
C LEU B 129 -2.63 94.12 -82.54
N ASN B 130 -3.63 94.88 -82.96
CA ASN B 130 -4.03 95.96 -82.10
C ASN B 130 -5.51 95.90 -81.83
N PRO B 131 -5.92 96.18 -80.63
CA PRO B 131 -7.35 96.31 -80.33
C PRO B 131 -7.92 97.57 -80.96
N ALA B 132 -9.13 97.92 -80.55
CA ALA B 132 -10.00 98.82 -81.29
C ALA B 132 -9.66 100.29 -81.06
N TYR B 133 -8.61 100.58 -80.31
CA TYR B 133 -8.30 101.96 -79.99
C TYR B 133 -7.20 102.48 -80.90
N ALA C 2 31.75 28.37 123.84
CA ALA C 2 31.24 29.43 124.69
C ALA C 2 31.43 30.78 124.04
N LYS C 3 31.21 31.84 124.81
CA LYS C 3 31.28 33.21 124.31
C LYS C 3 32.69 33.54 123.89
N LEU C 4 32.79 34.28 122.79
CA LEU C 4 34.05 34.91 122.41
C LEU C 4 34.51 35.78 123.57
N GLU C 5 35.76 35.60 123.96
CA GLU C 5 36.31 36.37 125.06
C GLU C 5 37.75 36.73 124.75
N THR C 6 38.35 37.50 125.66
CA THR C 6 39.78 37.73 125.61
C THR C 6 40.42 36.38 125.91
N VAL C 7 41.30 35.94 125.02
CA VAL C 7 41.95 34.66 125.22
C VAL C 7 43.42 34.92 125.49
N THR C 8 43.84 34.70 126.73
CA THR C 8 45.24 34.83 127.11
C THR C 8 45.93 33.51 126.84
N LEU C 9 47.17 33.58 126.38
CA LEU C 9 47.96 32.39 126.12
C LEU C 9 49.33 32.56 126.73
N GLY C 10 49.72 31.61 127.59
CA GLY C 10 51.04 31.56 128.14
C GLY C 10 51.85 30.48 127.45
N ASN C 11 53.15 30.46 127.76
CA ASN C 11 54.04 29.41 127.28
C ASN C 11 54.01 29.34 125.76
N ILE C 12 54.58 30.37 125.14
CA ILE C 12 54.53 30.54 123.71
C ILE C 12 55.95 30.70 123.20
N GLY C 13 56.18 30.29 121.95
CA GLY C 13 57.48 30.43 121.33
C GLY C 13 58.48 29.46 121.89
N LYS C 14 59.62 29.40 121.21
CA LYS C 14 60.70 28.52 121.63
C LYS C 14 61.05 28.74 123.09
N ASP C 15 61.00 30.00 123.53
CA ASP C 15 61.23 30.29 124.94
C ASP C 15 60.14 29.67 125.81
N GLY C 16 58.89 29.89 125.46
CA GLY C 16 57.81 29.53 126.37
C GLY C 16 57.55 30.59 127.41
N LYS C 17 58.29 31.70 127.37
CA LYS C 17 57.98 32.83 128.21
C LYS C 17 57.09 33.82 127.47
N GLN C 18 56.90 33.60 126.17
CA GLN C 18 56.04 34.46 125.38
C GLN C 18 54.60 34.28 125.79
N THR C 19 53.87 35.39 125.80
CA THR C 19 52.44 35.38 126.10
C THR C 19 51.70 36.17 125.04
N LEU C 20 50.43 35.83 124.86
CA LEU C 20 49.62 36.48 123.84
C LEU C 20 48.18 36.56 124.31
N VAL C 21 47.53 37.67 124.01
CA VAL C 21 46.11 37.84 124.26
C VAL C 21 45.42 38.03 122.93
N LEU C 22 44.15 37.63 122.87
CA LEU C 22 43.37 37.69 121.63
C LEU C 22 42.01 38.31 121.94
N ASN C 23 41.73 39.39 121.31
CA ASN C 23 40.40 39.92 121.57
C ASN C 23 39.41 39.36 120.58
N PRO C 24 38.16 39.19 121.00
CA PRO C 24 37.13 38.80 120.05
C PRO C 24 36.95 39.86 118.99
N ARG C 25 37.00 39.42 117.74
CA ARG C 25 36.85 40.32 116.60
C ARG C 25 35.44 40.32 116.03
N GLY C 26 34.52 39.60 116.63
CA GLY C 26 33.22 39.39 116.05
C GLY C 26 33.23 38.21 115.11
N VAL C 27 32.11 38.04 114.41
CA VAL C 27 31.91 36.89 113.54
C VAL C 27 31.41 37.37 112.19
N ASN C 28 32.08 36.97 111.13
CA ASN C 28 31.52 37.24 109.82
C ASN C 28 30.34 36.32 109.59
N PRO C 29 29.12 36.85 109.49
CA PRO C 29 27.95 35.98 109.31
C PRO C 29 27.90 35.32 107.96
N THR C 30 28.46 35.94 106.92
CA THR C 30 28.38 35.36 105.59
C THR C 30 28.94 33.95 105.57
N ASN C 31 30.25 33.82 105.70
CA ASN C 31 30.87 32.51 105.84
C ASN C 31 30.57 31.88 107.18
N GLY C 32 30.02 32.63 108.13
CA GLY C 32 29.78 32.09 109.46
C GLY C 32 31.07 31.71 110.15
N VAL C 33 32.00 32.65 110.26
CA VAL C 33 33.31 32.37 110.82
C VAL C 33 33.65 33.43 111.85
N ALA C 34 34.04 32.99 113.03
CA ALA C 34 34.50 33.87 114.08
C ALA C 34 35.92 34.36 113.79
N SER C 35 36.29 35.44 114.44
CA SER C 35 37.62 36.01 114.27
C SER C 35 38.15 36.47 115.61
N LEU C 36 39.45 36.27 115.83
CA LEU C 36 40.11 36.70 117.05
C LEU C 36 41.39 37.41 116.65
N SER C 37 41.82 38.36 117.47
CA SER C 37 43.05 39.05 117.13
C SER C 37 43.76 39.54 118.37
N GLN C 38 45.08 39.58 118.28
CA GLN C 38 45.88 40.40 119.15
C GLN C 38 45.48 41.86 118.99
N ALA C 39 45.59 42.62 120.07
CA ALA C 39 45.39 44.07 119.97
C ALA C 39 46.76 44.70 119.74
N GLY C 40 46.97 45.13 118.51
CA GLY C 40 48.17 45.85 118.13
C GLY C 40 47.86 47.29 117.79
N ALA C 41 48.72 47.87 116.97
CA ALA C 41 48.43 49.18 116.40
C ALA C 41 47.65 49.04 115.10
N VAL C 42 48.27 48.46 114.08
CA VAL C 42 47.66 48.35 112.77
C VAL C 42 47.02 46.98 112.62
N PRO C 43 45.71 46.90 112.41
CA PRO C 43 45.06 45.61 112.20
C PRO C 43 45.73 44.75 111.17
N ALA C 44 46.15 45.33 110.04
CA ALA C 44 46.92 44.59 109.06
C ALA C 44 48.12 43.92 109.67
N LEU C 45 48.78 44.55 110.63
CA LEU C 45 49.90 43.94 111.33
C LEU C 45 49.44 42.97 112.40
N GLU C 46 48.26 43.17 112.95
CA GLU C 46 47.84 42.41 114.12
C GLU C 46 47.61 40.94 113.77
N LYS C 47 47.98 40.07 114.71
CA LYS C 47 47.86 38.64 114.52
C LYS C 47 46.37 38.31 114.42
N ARG C 48 46.05 37.32 113.61
CA ARG C 48 44.65 36.94 113.44
C ARG C 48 44.46 35.46 113.73
N VAL C 49 43.31 35.12 114.28
CA VAL C 49 42.94 33.74 114.57
C VAL C 49 41.50 33.56 114.14
N THR C 50 41.25 32.53 113.34
CA THR C 50 39.93 32.28 112.77
C THR C 50 39.50 30.87 113.09
N VAL C 51 38.27 30.72 113.57
CA VAL C 51 37.68 29.41 113.81
C VAL C 51 36.32 29.37 113.17
N SER C 52 35.91 28.17 112.81
CA SER C 52 34.60 28.00 112.18
C SER C 52 34.10 26.60 112.47
N VAL C 53 32.78 26.48 112.49
CA VAL C 53 32.14 25.17 112.54
C VAL C 53 31.43 24.98 111.22
N SER C 54 30.73 23.87 111.07
CA SER C 54 29.99 23.59 109.87
C SER C 54 28.90 22.59 110.20
N GLN C 55 27.94 22.46 109.30
CA GLN C 55 26.90 21.46 109.50
C GLN C 55 26.64 20.75 108.19
N PRO C 56 26.35 19.45 108.25
CA PRO C 56 26.20 18.68 107.02
C PRO C 56 25.04 19.17 106.18
N SER C 57 25.25 19.18 104.87
CA SER C 57 24.23 19.63 103.93
C SER C 57 24.02 18.53 102.91
N ARG C 58 23.20 18.83 101.90
CA ARG C 58 23.10 17.95 100.75
C ARG C 58 24.41 17.79 100.01
N ASN C 59 25.32 18.77 100.15
CA ASN C 59 26.64 18.67 99.55
C ASN C 59 27.60 17.79 100.32
N ARG C 60 27.54 17.80 101.65
CA ARG C 60 28.44 17.01 102.46
C ARG C 60 27.71 16.57 103.72
N LYS C 61 27.95 15.33 104.11
CA LYS C 61 27.31 14.73 105.28
C LYS C 61 28.19 14.84 106.50
N ASN C 62 29.32 15.50 106.37
CA ASN C 62 30.32 15.50 107.42
C ASN C 62 30.47 16.89 108.02
N TYR C 63 30.84 16.93 109.28
CA TYR C 63 31.14 18.20 109.92
C TYR C 63 32.55 18.64 109.59
N LYS C 64 32.72 19.93 109.35
CA LYS C 64 34.03 20.52 109.14
C LYS C 64 34.28 21.55 110.23
N VAL C 65 35.47 21.49 110.83
CA VAL C 65 35.92 22.49 111.76
C VAL C 65 37.23 23.04 111.22
N GLN C 66 37.23 24.30 110.84
CA GLN C 66 38.37 24.91 110.20
C GLN C 66 38.95 25.97 111.11
N VAL C 67 40.27 25.95 111.27
CA VAL C 67 40.98 26.92 112.07
C VAL C 67 42.18 27.40 111.29
N LYS C 68 42.28 28.70 111.06
CA LYS C 68 43.37 29.30 110.34
C LYS C 68 44.02 30.38 111.19
N ILE C 69 45.34 30.50 111.07
CA ILE C 69 46.11 31.47 111.82
C ILE C 69 46.94 32.27 110.84
N GLN C 70 46.93 33.59 111.01
CA GLN C 70 47.63 34.49 110.11
C GLN C 70 48.52 35.40 110.95
N ASN C 71 49.83 35.29 110.76
CA ASN C 71 50.81 36.04 111.54
C ASN C 71 51.77 36.72 110.58
N PRO C 72 51.51 37.96 110.21
CA PRO C 72 52.40 38.65 109.28
C PRO C 72 53.73 38.98 109.93
N THR C 73 54.62 39.53 109.12
CA THR C 73 55.93 39.98 109.57
C THR C 73 56.05 41.47 109.27
N ALA C 74 56.11 42.25 110.33
CA ALA C 74 56.22 43.70 110.20
C ALA C 74 57.62 44.07 109.78
N CYS C 75 57.72 44.97 108.80
CA CYS C 75 58.97 45.66 108.50
C CYS C 75 58.86 47.03 109.12
N THR C 76 59.59 47.24 110.22
CA THR C 76 59.48 48.49 110.95
C THR C 76 59.99 49.65 110.14
N ALA C 77 61.24 49.58 109.70
CA ALA C 77 61.81 50.62 108.85
C ALA C 77 61.84 50.09 107.43
N ASN C 78 60.95 50.62 106.60
CA ASN C 78 60.98 50.36 105.18
C ASN C 78 61.71 51.45 104.42
N GLY C 79 62.30 52.41 105.13
CA GLY C 79 62.68 53.66 104.51
C GLY C 79 61.52 54.61 104.39
N SER C 80 60.36 54.23 104.93
CA SER C 80 59.16 55.04 104.87
C SER C 80 58.63 55.19 106.29
N CYS C 81 57.70 56.13 106.46
CA CYS C 81 57.19 56.46 107.78
C CYS C 81 56.29 55.39 108.37
N ASP C 82 55.82 54.44 107.57
CA ASP C 82 54.90 53.45 108.08
C ASP C 82 55.43 52.05 107.88
N PRO C 83 55.20 51.15 108.83
CA PRO C 83 55.64 49.77 108.65
C PRO C 83 54.82 49.10 107.55
N SER C 84 55.33 47.98 107.05
CA SER C 84 54.70 47.29 105.95
C SER C 84 54.79 45.78 106.14
N VAL C 85 53.77 45.09 105.64
CA VAL C 85 53.73 43.64 105.69
C VAL C 85 54.86 43.11 104.82
N THR C 86 55.62 42.16 105.34
CA THR C 86 56.68 41.56 104.55
C THR C 86 56.35 40.11 104.22
N ARG C 87 56.41 39.23 105.22
CA ARG C 87 56.08 37.83 105.05
C ARG C 87 54.80 37.54 105.81
N GLN C 88 54.01 36.63 105.27
CA GLN C 88 52.73 36.30 105.90
C GLN C 88 52.76 34.82 106.24
N ALA C 89 52.79 34.51 107.53
CA ALA C 89 52.80 33.12 107.99
C ALA C 89 51.38 32.58 107.96
N TYR C 90 51.19 31.45 107.30
CA TYR C 90 49.89 30.81 107.24
C TYR C 90 49.89 29.50 108.01
N ALA C 91 49.03 29.43 109.02
CA ALA C 91 48.84 28.22 109.79
C ALA C 91 47.39 27.81 109.64
N ASP C 92 47.16 26.64 109.06
CA ASP C 92 45.81 26.17 108.77
C ASP C 92 45.60 24.79 109.38
N VAL C 93 44.44 24.62 110.01
CA VAL C 93 44.06 23.36 110.63
C VAL C 93 42.60 23.11 110.31
N THR C 94 42.28 21.87 109.94
CA THR C 94 40.93 21.48 109.64
C THR C 94 40.56 20.21 110.40
N PHE C 95 39.27 19.93 110.44
CA PHE C 95 38.78 18.72 111.07
C PHE C 95 37.58 18.20 110.30
N SER C 96 37.50 16.88 110.22
CA SER C 96 36.36 16.23 109.60
C SER C 96 35.79 15.24 110.60
N PHE C 97 34.47 15.11 110.60
CA PHE C 97 33.81 14.18 111.48
C PHE C 97 32.54 13.68 110.82
N THR C 98 32.06 12.55 111.31
CA THR C 98 30.85 11.93 110.80
C THR C 98 29.72 12.19 111.77
N GLN C 99 28.51 12.30 111.23
CA GLN C 99 27.34 12.57 112.05
C GLN C 99 27.26 11.65 113.25
N TYR C 100 27.81 10.44 113.15
CA TYR C 100 27.80 9.54 114.29
C TYR C 100 29.05 9.66 115.14
N SER C 101 29.93 10.61 114.84
CA SER C 101 31.16 10.77 115.61
C SER C 101 30.82 10.98 117.08
N THR C 102 31.55 10.31 117.96
CA THR C 102 31.24 10.45 119.38
C THR C 102 32.07 11.56 119.99
N ASP C 103 31.85 11.78 121.28
CA ASP C 103 32.56 12.86 121.96
C ASP C 103 34.02 12.51 122.17
N GLU C 104 34.29 11.39 122.84
CA GLU C 104 35.66 11.10 123.24
C GLU C 104 36.57 10.96 122.03
N GLU C 105 36.07 10.34 120.96
CA GLU C 105 36.83 10.30 119.72
C GLU C 105 37.33 11.67 119.35
N ARG C 106 36.42 12.64 119.28
CA ARG C 106 36.83 14.00 119.00
C ARG C 106 37.81 14.49 120.05
N ALA C 107 37.43 14.40 121.32
CA ALA C 107 38.35 14.77 122.40
C ALA C 107 39.69 14.09 122.22
N PHE C 108 39.68 12.80 121.92
CA PHE C 108 40.92 12.10 121.66
C PHE C 108 41.73 12.77 120.58
N VAL C 109 41.07 13.24 119.52
CA VAL C 109 41.79 13.92 118.46
C VAL C 109 42.41 15.21 118.97
N ARG C 110 41.66 15.97 119.76
CA ARG C 110 42.13 17.28 120.16
C ARG C 110 43.46 17.20 120.88
N THR C 111 43.52 16.42 121.96
CA THR C 111 44.76 16.36 122.73
C THR C 111 45.93 15.89 121.89
N GLU C 112 45.80 14.71 121.27
CA GLU C 112 46.93 14.13 120.56
C GLU C 112 47.56 15.09 119.57
N LEU C 113 46.76 15.86 118.85
CA LEU C 113 47.34 16.85 117.95
C LEU C 113 48.23 17.80 118.72
N ALA C 114 47.75 18.29 119.86
CA ALA C 114 48.59 19.16 120.68
C ALA C 114 49.87 18.45 121.09
N ALA C 115 49.75 17.24 121.63
CA ALA C 115 50.94 16.51 122.05
C ALA C 115 51.96 16.43 120.93
N LEU C 116 51.52 16.11 119.71
CA LEU C 116 52.44 16.14 118.58
C LEU C 116 53.12 17.48 118.47
N LEU C 117 52.37 18.56 118.58
CA LEU C 117 52.97 19.88 118.45
C LEU C 117 54.05 20.10 119.51
N ALA C 118 53.92 19.45 120.65
CA ALA C 118 54.98 19.48 121.65
C ALA C 118 55.98 18.35 121.46
N SER C 119 55.70 17.40 120.58
CA SER C 119 56.62 16.30 120.38
C SER C 119 57.93 16.79 119.77
N PRO C 120 59.05 16.18 120.17
CA PRO C 120 60.33 16.54 119.55
C PRO C 120 60.38 16.27 118.07
N LEU C 121 59.48 15.44 117.54
CA LEU C 121 59.47 15.21 116.11
C LEU C 121 59.17 16.48 115.34
N LEU C 122 58.00 17.07 115.57
CA LEU C 122 57.55 18.17 114.75
C LEU C 122 58.44 19.39 114.86
N ILE C 123 59.05 19.62 116.01
CA ILE C 123 59.80 20.85 116.19
C ILE C 123 60.88 21.00 115.13
N ASP C 124 61.66 19.96 114.89
CA ASP C 124 62.60 20.00 113.78
C ASP C 124 61.90 20.13 112.45
N ALA C 125 60.82 19.38 112.27
CA ALA C 125 59.98 19.53 111.10
C ALA C 125 59.49 20.96 110.93
N ILE C 126 58.95 21.56 111.97
CA ILE C 126 58.46 22.92 111.92
C ILE C 126 59.62 23.92 111.96
N ASP C 127 60.32 23.98 113.08
CA ASP C 127 61.29 25.05 113.28
C ASP C 127 62.41 24.98 112.27
N GLN C 128 63.08 23.83 112.16
CA GLN C 128 64.21 23.69 111.28
C GLN C 128 63.87 23.16 109.90
N LEU C 129 62.58 22.95 109.61
CA LEU C 129 62.14 22.49 108.30
C LEU C 129 62.86 21.21 107.92
N ASN C 130 62.61 20.16 108.68
CA ASN C 130 63.34 18.96 108.40
C ASN C 130 62.39 17.80 108.23
N PRO C 131 62.67 16.93 107.28
CA PRO C 131 61.89 15.69 107.17
C PRO C 131 62.21 14.74 108.31
N ALA C 132 61.77 13.50 108.17
CA ALA C 132 61.62 12.58 109.28
C ALA C 132 62.93 11.90 109.68
N TYR C 133 64.03 12.27 109.06
CA TYR C 133 65.29 11.61 109.34
C TYR C 133 66.12 12.43 110.30
N ALA D 2 -8.45 64.62 -110.60
CA ALA D 2 -9.67 65.26 -111.06
C ALA D 2 -10.87 64.36 -110.83
N LYS D 3 -12.00 64.75 -111.40
CA LYS D 3 -13.26 64.04 -111.21
C LYS D 3 -13.17 62.65 -111.80
N LEU D 4 -13.78 61.69 -111.10
CA LEU D 4 -14.02 60.38 -111.67
C LEU D 4 -14.81 60.54 -112.94
N GLU D 5 -14.34 59.92 -114.02
CA GLU D 5 -15.02 60.02 -115.30
C GLU D 5 -14.95 58.67 -116.00
N THR D 6 -15.60 58.61 -117.15
CA THR D 6 -15.44 57.47 -118.04
C THR D 6 -13.99 57.53 -118.51
N VAL D 7 -13.27 56.43 -118.33
CA VAL D 7 -11.88 56.39 -118.74
C VAL D 7 -11.75 55.42 -119.91
N THR D 8 -11.52 55.95 -121.09
CA THR D 8 -11.30 55.14 -122.28
C THR D 8 -9.83 54.79 -122.34
N LEU D 9 -9.53 53.57 -122.78
CA LEU D 9 -8.17 53.13 -122.93
C LEU D 9 -8.00 52.45 -124.28
N GLY D 10 -7.06 52.96 -125.08
CA GLY D 10 -6.69 52.34 -126.32
C GLY D 10 -5.38 51.59 -126.17
N ASN D 11 -5.04 50.84 -127.21
CA ASN D 11 -3.77 50.14 -127.28
C ASN D 11 -3.59 49.21 -126.08
N ILE D 12 -4.38 48.15 -126.07
CA ILE D 12 -4.45 47.25 -124.94
C ILE D 12 -4.19 45.84 -125.46
N GLY D 13 -3.64 44.99 -124.60
CA GLY D 13 -3.39 43.60 -124.94
C GLY D 13 -2.23 43.46 -125.89
N LYS D 14 -1.81 42.21 -126.07
CA LYS D 14 -0.72 41.90 -126.96
C LYS D 14 -0.95 42.50 -128.34
N ASP D 15 -2.19 42.51 -128.79
CA ASP D 15 -2.52 43.15 -130.05
C ASP D 15 -2.28 44.66 -129.98
N GLY D 16 -2.79 45.31 -128.94
CA GLY D 16 -2.81 46.76 -128.94
C GLY D 16 -3.98 47.34 -129.69
N LYS D 17 -4.82 46.49 -130.26
CA LYS D 17 -6.07 46.98 -130.84
C LYS D 17 -7.20 46.90 -129.83
N GLN D 18 -6.95 46.29 -128.68
CA GLN D 18 -7.94 46.19 -127.63
C GLN D 18 -8.19 47.56 -127.03
N THR D 19 -9.44 47.83 -126.71
CA THR D 19 -9.84 49.07 -126.06
C THR D 19 -10.72 48.75 -124.86
N LEU D 20 -10.72 49.66 -123.88
CA LEU D 20 -11.49 49.43 -122.67
C LEU D 20 -11.97 50.77 -122.14
N VAL D 21 -13.20 50.79 -121.64
CA VAL D 21 -13.75 51.94 -120.96
C VAL D 21 -14.03 51.56 -119.52
N LEU D 22 -13.97 52.55 -118.63
CA LEU D 22 -14.16 52.33 -117.21
C LEU D 22 -15.14 53.37 -116.68
N ASN D 23 -16.20 52.92 -116.13
CA ASN D 23 -17.08 53.91 -115.56
C ASN D 23 -16.73 54.16 -114.11
N PRO D 24 -16.93 55.39 -113.64
CA PRO D 24 -16.76 55.65 -112.21
C PRO D 24 -17.76 54.84 -111.40
N ARG D 25 -17.24 54.12 -110.41
CA ARG D 25 -18.05 53.29 -109.55
C ARG D 25 -18.39 53.97 -108.23
N GLY D 26 -17.98 55.21 -108.03
CA GLY D 26 -18.09 55.85 -106.75
C GLY D 26 -16.88 55.54 -105.89
N VAL D 27 -16.96 55.97 -104.64
CA VAL D 27 -15.84 55.85 -103.71
C VAL D 27 -16.35 55.25 -102.41
N ASN D 28 -15.71 54.19 -101.96
CA ASN D 28 -16.01 53.71 -100.63
C ASN D 28 -15.43 54.66 -99.60
N PRO D 29 -16.26 55.36 -98.82
CA PRO D 29 -15.72 56.33 -97.86
C PRO D 29 -15.00 55.69 -96.71
N THR D 30 -15.37 54.46 -96.33
CA THR D 30 -14.74 53.83 -95.18
C THR D 30 -13.24 53.76 -95.35
N ASN D 31 -12.77 52.92 -96.26
CA ASN D 31 -11.36 52.87 -96.60
C ASN D 31 -10.93 54.09 -97.38
N GLY D 32 -11.86 54.91 -97.85
CA GLY D 32 -11.51 56.05 -98.67
C GLY D 32 -10.86 55.65 -99.97
N VAL D 33 -11.51 54.79 -100.74
CA VAL D 33 -10.94 54.24 -101.96
C VAL D 33 -11.95 54.38 -103.08
N ALA D 34 -11.49 54.96 -104.20
CA ALA D 34 -12.30 55.05 -105.39
C ALA D 34 -12.36 53.70 -106.10
N SER D 35 -13.36 53.57 -106.97
CA SER D 35 -13.53 52.35 -107.73
C SER D 35 -13.93 52.69 -109.16
N LEU D 36 -13.41 51.93 -110.10
CA LEU D 36 -13.74 52.09 -111.51
C LEU D 36 -14.04 50.72 -112.08
N SER D 37 -14.90 50.68 -113.10
CA SER D 37 -15.22 49.39 -113.68
C SER D 37 -15.58 49.53 -115.14
N GLN D 38 -15.26 48.48 -115.89
CA GLN D 38 -15.91 48.25 -117.17
C GLN D 38 -17.40 48.07 -116.95
N ALA D 39 -18.19 48.49 -117.95
CA ALA D 39 -19.62 48.19 -117.91
C ALA D 39 -19.85 46.89 -118.66
N GLY D 40 -20.11 45.84 -117.89
CA GLY D 40 -20.47 44.55 -118.43
C GLY D 40 -21.90 44.21 -118.13
N ALA D 41 -22.17 42.91 -118.10
CA ALA D 41 -23.46 42.43 -117.62
C ALA D 41 -23.44 42.22 -116.13
N VAL D 42 -22.64 41.27 -115.66
CA VAL D 42 -22.61 40.92 -114.25
C VAL D 42 -21.45 41.64 -113.58
N PRO D 43 -21.71 42.48 -112.58
CA PRO D 43 -20.62 43.17 -111.88
C PRO D 43 -19.54 42.23 -111.38
N ALA D 44 -19.90 41.06 -110.85
CA ALA D 44 -18.93 40.06 -110.48
C ALA D 44 -17.99 39.74 -111.63
N LEU D 45 -18.50 39.71 -112.86
CA LEU D 45 -17.67 39.48 -114.03
C LEU D 45 -16.93 40.72 -114.45
N GLU D 46 -17.48 41.90 -114.17
CA GLU D 46 -16.94 43.13 -114.73
C GLU D 46 -15.58 43.44 -114.15
N LYS D 47 -14.70 43.99 -115.00
CA LYS D 47 -13.33 44.32 -114.61
C LYS D 47 -13.42 45.42 -113.57
N ARG D 48 -12.50 45.40 -112.62
CA ARG D 48 -12.49 46.42 -111.59
C ARG D 48 -11.14 47.11 -111.52
N VAL D 49 -11.17 48.40 -111.19
CA VAL D 49 -9.96 49.20 -111.01
C VAL D 49 -10.14 50.02 -109.76
N THR D 50 -9.15 49.97 -108.88
CA THR D 50 -9.22 50.64 -107.58
C THR D 50 -8.00 51.52 -107.41
N VAL D 51 -8.22 52.75 -106.99
CA VAL D 51 -7.14 53.67 -106.67
C VAL D 51 -7.42 54.28 -105.31
N SER D 52 -6.35 54.66 -104.63
CA SER D 52 -6.49 55.26 -103.33
C SER D 52 -5.30 56.16 -103.06
N VAL D 53 -5.53 57.18 -102.24
CA VAL D 53 -4.46 58.01 -101.74
C VAL D 53 -4.37 57.74 -100.25
N SER D 54 -3.47 58.44 -99.57
CA SER D 54 -3.31 58.31 -98.14
C SER D 54 -2.66 59.57 -97.61
N GLN D 55 -2.73 59.74 -96.30
CA GLN D 55 -2.06 60.88 -95.70
C GLN D 55 -1.35 60.42 -94.44
N PRO D 56 -0.20 61.00 -94.15
CA PRO D 56 0.60 60.52 -93.02
C PRO D 56 -0.11 60.73 -91.71
N SER D 57 0.02 59.75 -90.82
CA SER D 57 -0.61 59.79 -89.51
C SER D 57 0.47 59.57 -88.46
N ARG D 58 0.03 59.47 -87.21
CA ARG D 58 0.93 59.04 -86.15
C ARG D 58 1.48 57.65 -86.38
N ASN D 59 0.79 56.83 -87.17
CA ASN D 59 1.27 55.50 -87.51
C ASN D 59 2.32 55.51 -88.60
N ARG D 60 2.19 56.38 -89.59
CA ARG D 60 3.14 56.43 -90.69
C ARG D 60 3.27 57.87 -91.17
N LYS D 61 4.50 58.26 -91.48
CA LYS D 61 4.82 59.61 -91.91
C LYS D 61 4.86 59.71 -93.42
N ASN D 62 4.54 58.62 -94.10
CA ASN D 62 4.73 58.55 -95.53
C ASN D 62 3.40 58.47 -96.24
N TYR D 63 3.35 58.98 -97.46
CA TYR D 63 2.17 58.85 -98.29
C TYR D 63 2.15 57.50 -98.96
N LYS D 64 0.97 56.89 -99.03
CA LYS D 64 0.76 55.64 -99.76
C LYS D 64 -0.23 55.90 -100.87
N VAL D 65 0.10 55.41 -102.06
CA VAL D 65 -0.82 55.41 -103.19
C VAL D 65 -0.95 53.97 -103.64
N GLN D 66 -2.14 53.42 -103.49
CA GLN D 66 -2.38 52.01 -103.78
C GLN D 66 -3.31 51.90 -104.98
N VAL D 67 -2.94 51.04 -105.91
CA VAL D 67 -3.75 50.78 -107.09
C VAL D 67 -3.82 49.27 -107.29
N LYS D 68 -5.03 48.75 -107.32
CA LYS D 68 -5.26 47.33 -107.50
C LYS D 68 -6.18 47.12 -108.70
N ILE D 69 -5.94 46.04 -109.44
CA ILE D 69 -6.73 45.71 -110.61
C ILE D 69 -7.21 44.28 -110.47
N GLN D 70 -8.49 44.06 -110.75
CA GLN D 70 -9.10 42.75 -110.59
C GLN D 70 -9.80 42.39 -111.89
N ASN D 71 -9.33 41.34 -112.54
CA ASN D 71 -9.84 40.92 -113.85
C ASN D 71 -10.18 39.44 -113.78
N PRO D 72 -11.40 39.08 -113.49
CA PRO D 72 -11.77 37.68 -113.40
C PRO D 72 -11.77 37.02 -114.76
N THR D 73 -12.01 35.72 -114.75
CA THR D 73 -12.12 34.93 -115.97
C THR D 73 -13.49 34.28 -115.99
N ALA D 74 -14.31 34.70 -116.94
CA ALA D 74 -15.66 34.19 -117.06
C ALA D 74 -15.63 32.79 -117.66
N CYS D 75 -16.39 31.88 -117.07
CA CYS D 75 -16.68 30.59 -117.69
C CYS D 75 -18.08 30.72 -118.26
N THR D 76 -18.17 30.82 -119.59
CA THR D 76 -19.46 31.06 -120.23
C THR D 76 -20.38 29.87 -120.05
N ALA D 77 -19.94 28.69 -120.49
CA ALA D 77 -20.72 27.48 -120.31
C ALA D 77 -20.10 26.70 -119.17
N ASN D 78 -20.79 26.70 -118.03
CA ASN D 78 -20.43 25.84 -116.91
C ASN D 78 -21.23 24.56 -116.91
N GLY D 79 -22.05 24.33 -117.94
CA GLY D 79 -23.10 23.34 -117.83
C GLY D 79 -24.32 23.88 -117.13
N SER D 80 -24.30 25.16 -116.78
CA SER D 80 -25.40 25.81 -116.07
C SER D 80 -25.78 27.06 -116.86
N CYS D 81 -26.95 27.61 -116.53
CA CYS D 81 -27.50 28.74 -117.26
C CYS D 81 -26.75 30.04 -117.04
N ASP D 82 -25.90 30.11 -116.02
CA ASP D 82 -25.24 31.36 -115.73
C ASP D 82 -23.73 31.19 -115.75
N PRO D 83 -22.99 32.19 -116.23
CA PRO D 83 -21.54 32.10 -116.20
C PRO D 83 -21.04 32.18 -114.77
N SER D 84 -19.79 31.76 -114.57
CA SER D 84 -19.22 31.71 -113.25
C SER D 84 -17.75 32.15 -113.27
N VAL D 85 -17.33 32.75 -112.17
CA VAL D 85 -15.94 33.18 -112.02
C VAL D 85 -15.07 31.94 -111.99
N THR D 86 -14.00 31.95 -112.76
CA THR D 86 -13.07 30.83 -112.74
C THR D 86 -11.75 31.22 -112.11
N ARG D 87 -10.95 32.02 -112.82
CA ARG D 87 -9.69 32.51 -112.32
C ARG D 87 -9.81 34.00 -112.08
N GLN D 88 -9.10 34.48 -111.07
CA GLN D 88 -9.16 35.89 -110.72
C GLN D 88 -7.76 36.47 -110.83
N ALA D 89 -7.55 37.34 -111.81
CA ALA D 89 -6.26 37.96 -112.01
C ALA D 89 -6.11 39.13 -111.05
N TYR D 90 -5.02 39.13 -110.29
CA TYR D 90 -4.75 40.21 -109.35
C TYR D 90 -3.56 41.02 -109.79
N ALA D 91 -3.79 42.31 -110.03
CA ALA D 91 -2.72 43.24 -110.37
C ALA D 91 -2.71 44.32 -109.30
N ASP D 92 -1.61 44.42 -108.58
CA ASP D 92 -1.49 45.34 -107.46
C ASP D 92 -0.27 46.23 -107.64
N VAL D 93 -0.46 47.52 -107.38
CA VAL D 93 0.60 48.51 -107.49
C VAL D 93 0.48 49.44 -106.30
N THR D 94 1.62 49.74 -105.68
CA THR D 94 1.66 50.65 -104.54
C THR D 94 2.71 51.72 -104.77
N PHE D 95 2.64 52.76 -103.95
CA PHE D 95 3.62 53.83 -104.01
C PHE D 95 3.86 54.35 -102.60
N SER D 96 5.11 54.70 -102.34
CA SER D 96 5.49 55.31 -101.07
C SER D 96 6.21 56.61 -101.37
N PHE D 97 5.98 57.61 -100.53
CA PHE D 97 6.64 58.89 -100.69
C PHE D 97 6.83 59.52 -99.34
N THR D 98 7.74 60.47 -99.29
CA THR D 98 8.05 61.18 -98.07
C THR D 98 7.43 62.57 -98.14
N GLN D 99 7.04 63.09 -96.99
CA GLN D 99 6.41 64.39 -96.92
C GLN D 99 7.18 65.44 -97.69
N TYR D 100 8.49 65.28 -97.82
CA TYR D 100 9.29 66.24 -98.59
C TYR D 100 9.44 65.81 -100.04
N SER D 101 8.79 64.74 -100.47
CA SER D 101 8.89 64.28 -101.85
C SER D 101 8.51 65.41 -102.79
N THR D 102 9.27 65.60 -103.85
CA THR D 102 8.95 66.68 -104.76
C THR D 102 8.07 66.18 -105.89
N ASP D 103 7.69 67.09 -106.77
CA ASP D 103 6.81 66.74 -107.86
C ASP D 103 7.51 65.87 -108.90
N GLU D 104 8.61 66.38 -109.46
CA GLU D 104 9.23 65.70 -110.59
C GLU D 104 9.70 64.31 -110.20
N GLU D 105 10.24 64.16 -109.00
CA GLU D 105 10.57 62.83 -108.50
C GLU D 105 9.40 61.89 -108.69
N ARG D 106 8.24 62.26 -108.18
CA ARG D 106 7.06 61.45 -108.38
C ARG D 106 6.78 61.26 -109.85
N ALA D 107 6.66 62.36 -110.59
CA ALA D 107 6.48 62.27 -112.02
C ALA D 107 7.50 61.35 -112.66
N PHE D 108 8.77 61.50 -112.27
CA PHE D 108 9.80 60.59 -112.77
C PHE D 108 9.43 59.14 -112.51
N VAL D 109 8.90 58.85 -111.33
CA VAL D 109 8.49 57.48 -111.04
C VAL D 109 7.39 57.03 -111.97
N ARG D 110 6.40 57.88 -112.20
CA ARG D 110 5.24 57.46 -112.95
C ARG D 110 5.62 56.95 -114.33
N THR D 111 6.30 57.78 -115.11
CA THR D 111 6.63 57.38 -116.47
C THR D 111 7.46 56.12 -116.50
N GLU D 112 8.61 56.10 -115.80
CA GLU D 112 9.52 54.98 -115.89
C GLU D 112 8.83 53.65 -115.64
N LEU D 113 7.93 53.59 -114.66
CA LEU D 113 7.21 52.35 -114.44
C LEU D 113 6.47 51.93 -115.70
N ALA D 114 5.78 52.88 -116.34
CA ALA D 114 5.12 52.57 -117.60
C ALA D 114 6.11 52.06 -118.64
N ALA D 115 7.20 52.80 -118.85
CA ALA D 115 8.20 52.36 -119.82
C ALA D 115 8.62 50.93 -119.58
N LEU D 116 8.90 50.57 -118.33
CA LEU D 116 9.20 49.19 -118.03
C LEU D 116 8.10 48.26 -118.52
N LEU D 117 6.85 48.61 -118.26
CA LEU D 117 5.76 47.76 -118.70
C LEU D 117 5.76 47.59 -120.20
N ALA D 118 6.27 48.56 -120.94
CA ALA D 118 6.46 48.40 -122.37
C ALA D 118 7.82 47.83 -122.73
N SER D 119 8.71 47.72 -121.75
CA SER D 119 10.03 47.20 -122.05
C SER D 119 9.96 45.73 -122.46
N PRO D 120 10.81 45.31 -123.38
CA PRO D 120 10.85 43.88 -123.75
C PRO D 120 11.23 42.99 -122.60
N LEU D 121 11.81 43.52 -121.54
CA LEU D 121 12.15 42.69 -120.40
C LEU D 121 10.90 42.11 -119.76
N LEU D 122 10.01 42.96 -119.29
CA LEU D 122 8.90 42.49 -118.49
C LEU D 122 7.94 41.61 -119.27
N ILE D 123 7.80 41.82 -120.58
CA ILE D 123 6.81 41.08 -121.32
C ILE D 123 7.03 39.58 -121.19
N ASP D 124 8.26 39.10 -121.37
CA ASP D 124 8.55 37.72 -121.10
C ASP D 124 8.34 37.36 -119.65
N ALA D 125 8.79 38.22 -118.75
CA ALA D 125 8.49 38.07 -117.34
C ALA D 125 7.01 37.95 -117.06
N ILE D 126 6.21 38.87 -117.60
CA ILE D 126 4.77 38.85 -117.42
C ILE D 126 4.12 37.77 -118.28
N ASP D 127 4.17 37.95 -119.59
CA ASP D 127 3.39 37.09 -120.47
C ASP D 127 3.83 35.64 -120.38
N GLN D 128 5.12 35.38 -120.58
CA GLN D 128 5.61 34.02 -120.60
C GLN D 128 6.13 33.55 -119.26
N LEU D 129 6.01 34.35 -118.21
CA LEU D 129 6.43 33.98 -116.86
C LEU D 129 7.89 33.52 -116.87
N ASN D 130 8.77 34.46 -117.19
CA ASN D 130 10.14 34.04 -117.28
C ASN D 130 11.02 34.93 -116.42
N PRO D 131 11.99 34.35 -115.77
CA PRO D 131 12.98 35.16 -115.06
C PRO D 131 13.90 35.87 -116.03
N ALA D 132 14.98 36.42 -115.50
CA ALA D 132 15.74 37.47 -116.16
C ALA D 132 16.71 36.93 -117.20
N TYR D 133 16.70 35.64 -117.46
CA TYR D 133 17.65 35.05 -118.38
C TYR D 133 17.02 34.84 -119.75
N ALA E 2 -75.79 44.96 -99.47
CA ALA E 2 -75.50 44.94 -100.90
C ALA E 2 -74.18 45.63 -101.18
N LYS E 3 -73.90 45.86 -102.45
CA LYS E 3 -72.66 46.44 -102.90
C LYS E 3 -72.51 47.86 -102.38
N LEU E 4 -71.30 48.20 -101.99
CA LEU E 4 -70.94 49.60 -101.73
C LEU E 4 -71.25 50.40 -102.97
N GLU E 5 -71.96 51.49 -102.79
CA GLU E 5 -72.32 52.35 -103.92
C GLU E 5 -72.26 53.80 -103.49
N THR E 6 -72.49 54.68 -104.45
CA THR E 6 -72.70 56.09 -104.13
C THR E 6 -73.99 56.15 -103.34
N VAL E 7 -73.93 56.76 -102.17
CA VAL E 7 -75.12 56.86 -101.34
C VAL E 7 -75.52 58.32 -101.27
N THR E 8 -76.62 58.66 -101.94
CA THR E 8 -77.16 60.00 -101.89
C THR E 8 -78.08 60.11 -100.69
N LEU E 9 -78.05 61.26 -100.02
CA LEU E 9 -78.90 61.51 -98.88
C LEU E 9 -79.57 62.86 -99.03
N GLY E 10 -80.90 62.87 -98.98
CA GLY E 10 -81.67 64.09 -98.97
C GLY E 10 -82.16 64.38 -97.56
N ASN E 11 -82.73 65.57 -97.40
CA ASN E 11 -83.36 65.97 -96.15
C ASN E 11 -82.38 65.86 -94.99
N ILE E 12 -81.41 66.76 -95.00
CA ILE E 12 -80.31 66.72 -94.05
C ILE E 12 -80.24 68.07 -93.35
N GLY E 13 -79.75 68.08 -92.13
CA GLY E 13 -79.57 69.30 -91.37
C GLY E 13 -80.90 69.87 -90.91
N LYS E 14 -80.78 70.86 -90.04
CA LYS E 14 -81.96 71.52 -89.49
C LYS E 14 -82.89 71.99 -90.60
N ASP E 15 -82.30 72.46 -91.71
CA ASP E 15 -83.11 72.83 -92.87
C ASP E 15 -83.83 71.62 -93.44
N GLY E 16 -83.11 70.54 -93.69
CA GLY E 16 -83.68 69.45 -94.45
C GLY E 16 -83.57 69.66 -95.94
N LYS E 17 -83.00 70.78 -96.36
CA LYS E 17 -82.70 70.96 -97.78
C LYS E 17 -81.28 70.50 -98.08
N GLN E 18 -80.50 70.19 -97.05
CA GLN E 18 -79.15 69.73 -97.23
C GLN E 18 -79.16 68.34 -97.85
N THR E 19 -78.20 68.10 -98.74
CA THR E 19 -78.04 66.81 -99.38
C THR E 19 -76.58 66.40 -99.29
N LEU E 20 -76.36 65.08 -99.33
CA LEU E 20 -75.00 64.56 -99.21
C LEU E 20 -74.87 63.29 -100.01
N VAL E 21 -73.73 63.12 -100.67
CA VAL E 21 -73.41 61.90 -101.36
C VAL E 21 -72.19 61.28 -100.70
N LEU E 22 -72.09 59.96 -100.77
CA LEU E 22 -71.00 59.22 -100.14
C LEU E 22 -70.42 58.24 -101.14
N ASN E 23 -69.18 58.38 -101.41
CA ASN E 23 -68.63 57.38 -102.32
C ASN E 23 -68.08 56.20 -101.53
N PRO E 24 -68.15 55.01 -102.10
CA PRO E 24 -67.50 53.87 -101.46
C PRO E 24 -66.00 54.09 -101.38
N ARG E 25 -65.47 53.91 -100.17
CA ARG E 25 -64.05 54.09 -99.92
C ARG E 25 -63.28 52.78 -99.92
N GLY E 26 -63.95 51.66 -100.19
CA GLY E 26 -63.34 50.37 -100.01
C GLY E 26 -63.52 49.87 -98.59
N VAL E 27 -62.88 48.75 -98.30
CA VAL E 27 -63.02 48.09 -97.01
C VAL E 27 -61.65 47.76 -96.46
N ASN E 28 -61.39 48.18 -95.24
CA ASN E 28 -60.17 47.73 -94.59
C ASN E 28 -60.32 46.27 -94.20
N PRO E 29 -59.57 45.36 -94.81
CA PRO E 29 -59.73 43.94 -94.50
C PRO E 29 -59.26 43.57 -93.11
N THR E 30 -58.29 44.29 -92.56
CA THR E 30 -57.77 43.94 -91.25
C THR E 30 -58.88 43.90 -90.22
N ASN E 31 -59.40 45.06 -89.85
CA ASN E 31 -60.56 45.12 -88.97
C ASN E 31 -61.82 44.65 -89.66
N GLY E 32 -61.80 44.46 -90.97
CA GLY E 32 -63.00 44.09 -91.70
C GLY E 32 -64.07 45.14 -91.61
N VAL E 33 -63.75 46.37 -91.99
CA VAL E 33 -64.67 47.49 -91.85
C VAL E 33 -64.72 48.25 -93.16
N ALA E 34 -65.94 48.47 -93.64
CA ALA E 34 -66.16 49.29 -94.82
C ALA E 34 -66.00 50.76 -94.49
N SER E 35 -65.80 51.57 -95.53
CA SER E 35 -65.65 53.00 -95.36
C SER E 35 -66.38 53.72 -96.48
N LEU E 36 -67.02 54.84 -96.13
CA LEU E 36 -67.71 55.66 -97.10
C LEU E 36 -67.31 57.11 -96.85
N SER E 37 -67.32 57.92 -97.91
CA SER E 37 -66.94 59.31 -97.73
C SER E 37 -67.64 60.19 -98.74
N GLN E 38 -67.90 61.41 -98.31
CA GLN E 38 -68.13 62.51 -99.23
C GLN E 38 -66.92 62.71 -100.11
N ALA E 39 -67.15 63.15 -101.34
CA ALA E 39 -66.03 63.52 -102.20
C ALA E 39 -65.81 65.03 -102.03
N GLY E 40 -64.74 65.35 -101.31
CA GLY E 40 -64.31 66.72 -101.13
C GLY E 40 -63.01 66.98 -101.84
N ALA E 41 -62.29 67.98 -101.34
CA ALA E 41 -60.93 68.21 -101.80
C ALA E 41 -59.94 67.38 -100.98
N VAL E 42 -59.83 67.69 -99.71
CA VAL E 42 -58.84 67.04 -98.84
C VAL E 42 -59.52 65.91 -98.08
N PRO E 43 -59.07 64.67 -98.27
CA PRO E 43 -59.65 63.55 -97.52
C PRO E 43 -59.72 63.78 -96.02
N ALA E 44 -58.68 64.35 -95.43
CA ALA E 44 -58.72 64.74 -94.02
C ALA E 44 -59.93 65.60 -93.71
N LEU E 45 -60.31 66.48 -94.63
CA LEU E 45 -61.50 67.30 -94.44
C LEU E 45 -62.77 66.53 -94.77
N GLU E 46 -62.70 65.54 -95.64
CA GLU E 46 -63.89 64.91 -96.16
C GLU E 46 -64.60 64.11 -95.08
N LYS E 47 -65.93 64.14 -95.14
CA LYS E 47 -66.76 63.45 -94.15
C LYS E 47 -66.52 61.96 -94.32
N ARG E 48 -66.56 61.23 -93.21
CA ARG E 48 -66.34 59.80 -93.26
C ARG E 48 -67.50 59.05 -92.63
N VAL E 49 -67.80 57.88 -93.17
CA VAL E 49 -68.83 57.01 -92.64
C VAL E 49 -68.28 55.59 -92.63
N THR E 50 -68.39 54.93 -91.49
CA THR E 50 -67.82 53.60 -91.31
C THR E 50 -68.91 52.66 -90.80
N VAL E 51 -68.99 51.49 -91.43
CA VAL E 51 -69.90 50.45 -90.99
C VAL E 51 -69.12 49.16 -90.88
N SER E 52 -69.60 48.28 -90.00
CA SER E 52 -68.94 47.01 -89.82
C SER E 52 -69.96 45.99 -89.31
N VAL E 53 -69.71 44.74 -89.65
CA VAL E 53 -70.48 43.64 -89.07
C VAL E 53 -69.52 42.86 -88.19
N SER E 54 -70.00 41.78 -87.60
CA SER E 54 -69.17 40.94 -86.76
C SER E 54 -69.80 39.56 -86.72
N GLN E 55 -69.03 38.60 -86.26
CA GLN E 55 -69.57 37.26 -86.10
C GLN E 55 -69.12 36.68 -84.77
N PRO E 56 -69.95 35.90 -84.11
CA PRO E 56 -69.62 35.43 -82.77
C PRO E 56 -68.41 34.52 -82.80
N SER E 57 -67.57 34.67 -81.77
CA SER E 57 -66.36 33.88 -81.65
C SER E 57 -66.37 33.21 -80.28
N ARG E 58 -65.27 32.54 -79.97
CA ARG E 58 -65.06 32.04 -78.61
C ARG E 58 -65.03 33.17 -77.59
N ASN E 59 -64.70 34.39 -78.02
CA ASN E 59 -64.71 35.54 -77.14
C ASN E 59 -66.09 36.10 -76.89
N ARG E 60 -66.97 36.10 -77.89
CA ARG E 60 -68.29 36.65 -77.74
C ARG E 60 -69.26 35.85 -78.62
N LYS E 61 -70.44 35.60 -78.08
CA LYS E 61 -71.46 34.81 -78.76
C LYS E 61 -72.45 35.71 -79.49
N ASN E 62 -72.21 37.02 -79.45
CA ASN E 62 -73.18 37.97 -79.93
C ASN E 62 -72.67 38.66 -81.18
N TYR E 63 -73.59 39.07 -82.03
CA TYR E 63 -73.24 39.87 -83.18
C TYR E 63 -73.09 41.34 -82.80
N LYS E 64 -72.09 41.99 -83.36
CA LYS E 64 -71.88 43.41 -83.18
C LYS E 64 -71.99 44.09 -84.54
N VAL E 65 -72.74 45.18 -84.60
CA VAL E 65 -72.80 46.03 -85.77
C VAL E 65 -72.42 47.42 -85.31
N GLN E 66 -71.29 47.90 -85.80
CA GLN E 66 -70.73 49.18 -85.38
C GLN E 66 -70.79 50.15 -86.53
N VAL E 67 -71.26 51.36 -86.23
CA VAL E 67 -71.32 52.43 -87.22
C VAL E 67 -70.79 53.69 -86.58
N LYS E 68 -69.77 54.27 -87.18
CA LYS E 68 -69.16 55.50 -86.69
C LYS E 68 -69.17 56.54 -87.79
N ILE E 69 -69.36 57.80 -87.39
CA ILE E 69 -69.39 58.92 -88.32
C ILE E 69 -68.40 59.96 -87.84
N GLN E 70 -67.62 60.49 -88.76
CA GLN E 70 -66.58 61.45 -88.45
C GLN E 70 -66.75 62.65 -89.36
N ASN E 71 -67.05 63.80 -88.77
CA ASN E 71 -67.33 65.03 -89.51
C ASN E 71 -66.47 66.14 -88.94
N PRO E 72 -65.30 66.38 -89.51
CA PRO E 72 -64.42 67.43 -88.98
C PRO E 72 -65.00 68.81 -89.27
N THR E 73 -64.31 69.81 -88.74
CA THR E 73 -64.65 71.21 -88.97
C THR E 73 -63.47 71.90 -89.63
N ALA E 74 -63.65 72.30 -90.87
CA ALA E 74 -62.61 72.96 -91.62
C ALA E 74 -62.44 74.39 -91.13
N CYS E 75 -61.19 74.79 -90.94
CA CYS E 75 -60.85 76.20 -90.76
C CYS E 75 -60.30 76.66 -92.09
N THR E 76 -61.09 77.46 -92.80
CA THR E 76 -60.69 77.87 -94.15
C THR E 76 -59.47 78.77 -94.10
N ALA E 77 -59.57 79.88 -93.38
CA ALA E 77 -58.44 80.78 -93.21
C ALA E 77 -57.85 80.54 -91.83
N ASN E 78 -56.69 79.91 -91.80
CA ASN E 78 -55.91 79.77 -90.59
C ASN E 78 -54.85 80.85 -90.48
N GLY E 79 -54.82 81.79 -91.42
CA GLY E 79 -53.64 82.61 -91.61
C GLY E 79 -52.61 81.92 -92.44
N SER E 80 -52.91 80.73 -92.95
CA SER E 80 -51.99 79.94 -93.75
C SER E 80 -52.70 79.56 -95.04
N CYS E 81 -51.93 79.08 -96.01
CA CYS E 81 -52.46 78.80 -97.34
C CYS E 81 -53.35 77.57 -97.38
N ASP E 82 -53.34 76.74 -96.34
CA ASP E 82 -54.12 75.52 -96.39
C ASP E 82 -55.08 75.45 -95.23
N PRO E 83 -56.28 74.93 -95.45
CA PRO E 83 -57.22 74.76 -94.34
C PRO E 83 -56.73 73.71 -93.37
N SER E 84 -57.30 73.73 -92.17
CA SER E 84 -56.86 72.83 -91.12
C SER E 84 -58.05 72.33 -90.32
N VAL E 85 -57.92 71.10 -89.82
CA VAL E 85 -58.94 70.49 -88.98
C VAL E 85 -59.02 71.28 -87.69
N THR E 86 -60.23 71.63 -87.28
CA THR E 86 -60.40 72.33 -86.01
C THR E 86 -61.08 71.45 -84.99
N ARG E 87 -62.37 71.20 -85.16
CA ARG E 87 -63.14 70.34 -84.29
C ARG E 87 -63.50 69.07 -85.04
N GLN E 88 -63.56 67.96 -84.32
CA GLN E 88 -63.86 66.69 -84.95
C GLN E 88 -65.13 66.13 -84.29
N ALA E 89 -66.21 66.08 -85.05
CA ALA E 89 -67.47 65.57 -84.54
C ALA E 89 -67.45 64.05 -84.60
N TYR E 90 -67.74 63.41 -83.48
CA TYR E 90 -67.78 61.96 -83.43
C TYR E 90 -69.20 61.47 -83.19
N ALA E 91 -69.69 60.70 -84.15
CA ALA E 91 -71.01 60.07 -84.03
C ALA E 91 -70.79 58.57 -84.10
N ASP E 92 -71.14 57.88 -83.03
CA ASP E 92 -70.91 56.44 -82.91
C ASP E 92 -72.21 55.73 -82.59
N VAL E 93 -72.45 54.62 -83.28
CA VAL E 93 -73.63 53.80 -83.10
C VAL E 93 -73.19 52.35 -83.12
N THR E 94 -73.71 51.56 -82.19
CA THR E 94 -73.41 50.14 -82.12
C THR E 94 -74.70 49.34 -82.02
N PHE E 95 -74.57 48.04 -82.25
CA PHE E 95 -75.70 47.14 -82.13
C PHE E 95 -75.22 45.80 -81.59
N SER E 96 -76.05 45.21 -80.75
CA SER E 96 -75.78 43.88 -80.23
C SER E 96 -76.97 43.00 -80.53
N PHE E 97 -76.71 41.73 -80.83
CA PHE E 97 -77.77 40.79 -81.11
C PHE E 97 -77.31 39.41 -80.69
N THR E 98 -78.30 38.54 -80.50
CA THR E 98 -78.06 37.17 -80.10
C THR E 98 -78.23 36.27 -81.30
N GLN E 99 -77.47 35.19 -81.33
CA GLN E 99 -77.52 34.25 -82.43
C GLN E 99 -78.93 33.85 -82.78
N TYR E 100 -79.85 33.87 -81.81
CA TYR E 100 -81.24 33.55 -82.10
C TYR E 100 -82.07 34.78 -82.44
N SER E 101 -81.44 35.95 -82.53
CA SER E 101 -82.19 37.17 -82.85
C SER E 101 -82.94 36.99 -84.15
N THR E 102 -84.19 37.43 -84.19
CA THR E 102 -84.96 37.26 -85.41
C THR E 102 -84.84 38.48 -86.29
N ASP E 103 -85.49 38.42 -87.44
CA ASP E 103 -85.40 39.51 -88.39
C ASP E 103 -86.17 40.73 -87.91
N GLU E 104 -87.47 40.57 -87.64
CA GLU E 104 -88.30 41.71 -87.36
C GLU E 104 -87.84 42.45 -86.12
N GLU E 105 -87.41 41.71 -85.10
CA GLU E 105 -86.81 42.33 -83.93
C GLU E 105 -85.73 43.33 -84.36
N ARG E 106 -84.78 42.88 -85.16
CA ARG E 106 -83.77 43.78 -85.67
C ARG E 106 -84.40 44.91 -86.46
N ALA E 107 -85.22 44.57 -87.45
CA ALA E 107 -85.94 45.60 -88.20
C ALA E 107 -86.66 46.55 -87.27
N PHE E 108 -87.33 46.03 -86.25
CA PHE E 108 -87.98 46.88 -85.27
C PHE E 108 -86.99 47.85 -84.65
N VAL E 109 -85.78 47.39 -84.35
CA VAL E 109 -84.79 48.28 -83.78
C VAL E 109 -84.42 49.38 -84.75
N ARG E 110 -84.23 49.01 -86.02
CA ARG E 110 -83.71 49.97 -86.97
C ARG E 110 -84.62 51.19 -87.07
N THR E 111 -85.89 50.99 -87.38
CA THR E 111 -86.78 52.13 -87.54
C THR E 111 -86.86 52.98 -86.29
N GLU E 112 -87.21 52.39 -85.16
CA GLU E 112 -87.44 53.16 -83.95
C GLU E 112 -86.29 54.08 -83.62
N LEU E 113 -85.06 53.62 -83.79
CA LEU E 113 -83.92 54.51 -83.57
C LEU E 113 -84.02 55.74 -84.45
N ALA E 114 -84.32 55.53 -85.73
CA ALA E 114 -84.52 56.67 -86.62
C ALA E 114 -85.62 57.58 -86.12
N ALA E 115 -86.78 57.02 -85.82
CA ALA E 115 -87.88 57.84 -85.33
C ALA E 115 -87.46 58.71 -84.15
N LEU E 116 -86.74 58.12 -83.20
CA LEU E 116 -86.20 58.94 -82.11
C LEU E 116 -85.39 60.09 -82.65
N LEU E 117 -84.51 59.83 -83.60
CA LEU E 117 -83.69 60.90 -84.14
C LEU E 117 -84.54 62.01 -84.75
N ALA E 118 -85.73 61.68 -85.23
CA ALA E 118 -86.66 62.70 -85.66
C ALA E 118 -87.58 63.17 -84.55
N SER E 119 -87.55 62.51 -83.40
CA SER E 119 -88.43 62.90 -82.31
C SER E 119 -88.04 64.28 -81.80
N PRO E 120 -89.02 65.08 -81.37
CA PRO E 120 -88.69 66.38 -80.77
C PRO E 120 -87.90 66.26 -79.50
N LEU E 121 -87.87 65.09 -78.87
CA LEU E 121 -87.07 64.93 -77.68
C LEU E 121 -85.59 65.12 -77.96
N LEU E 122 -85.04 64.30 -78.84
CA LEU E 122 -83.60 64.30 -79.03
C LEU E 122 -83.06 65.59 -79.60
N ILE E 123 -83.85 66.29 -80.42
CA ILE E 123 -83.33 67.47 -81.08
C ILE E 123 -82.79 68.48 -80.07
N ASP E 124 -83.56 68.78 -79.02
CA ASP E 124 -83.04 69.62 -77.96
C ASP E 124 -81.86 68.97 -77.26
N ALA E 125 -81.96 67.68 -76.98
CA ALA E 125 -80.84 66.93 -76.46
C ALA E 125 -79.62 67.03 -77.35
N ILE E 126 -79.76 66.81 -78.64
CA ILE E 126 -78.65 66.90 -79.58
C ILE E 126 -78.31 68.35 -79.88
N ASP E 127 -79.22 69.06 -80.54
CA ASP E 127 -78.88 70.39 -81.05
C ASP E 127 -78.54 71.34 -79.93
N GLN E 128 -79.43 71.50 -78.96
CA GLN E 128 -79.24 72.46 -77.90
C GLN E 128 -78.59 71.88 -76.66
N LEU E 129 -78.19 70.61 -76.69
CA LEU E 129 -77.50 69.98 -75.58
C LEU E 129 -78.32 70.11 -74.30
N ASN E 130 -79.49 69.50 -74.30
CA ASN E 130 -80.32 69.69 -73.14
C ASN E 130 -80.75 68.34 -72.58
N PRO E 131 -80.79 68.22 -71.28
CA PRO E 131 -81.34 67.01 -70.67
C PRO E 131 -82.85 66.98 -70.84
N ALA E 132 -83.49 66.08 -70.11
CA ALA E 132 -84.84 65.62 -70.41
C ALA E 132 -85.93 66.56 -69.91
N TYR E 133 -85.54 67.71 -69.35
CA TYR E 133 -86.53 68.61 -68.79
C TYR E 133 -86.84 69.74 -69.76
N ALA F 2 -59.47 51.13 -107.80
CA ALA F 2 -60.58 50.37 -108.37
C ALA F 2 -60.35 48.88 -108.15
N LYS F 3 -61.18 48.07 -108.80
CA LYS F 3 -61.16 46.63 -108.65
C LYS F 3 -59.84 46.06 -109.16
N LEU F 4 -59.33 45.08 -108.44
CA LEU F 4 -58.24 44.25 -108.94
C LEU F 4 -58.66 43.66 -110.28
N GLU F 5 -57.82 43.80 -111.28
CA GLU F 5 -58.12 43.28 -112.60
C GLU F 5 -56.85 42.73 -113.22
N THR F 6 -57.02 42.15 -114.40
CA THR F 6 -55.86 41.78 -115.21
C THR F 6 -55.21 43.10 -115.61
N VAL F 7 -53.92 43.22 -115.32
CA VAL F 7 -53.22 44.45 -115.66
C VAL F 7 -52.21 44.12 -116.77
N THR F 8 -52.49 44.60 -117.97
CA THR F 8 -51.59 44.45 -119.09
C THR F 8 -50.58 45.59 -119.06
N LEU F 9 -49.35 45.29 -119.41
CA LEU F 9 -48.30 46.30 -119.47
C LEU F 9 -47.53 46.15 -120.76
N GLY F 10 -47.48 47.24 -121.53
CA GLY F 10 -46.68 47.30 -122.73
C GLY F 10 -45.42 48.10 -122.46
N ASN F 11 -44.51 48.08 -123.44
CA ASN F 11 -43.31 48.89 -123.41
C ASN F 11 -42.49 48.58 -122.15
N ILE F 12 -41.92 47.38 -122.12
CA ILE F 12 -41.24 46.87 -120.96
C ILE F 12 -39.84 46.45 -121.38
N GLY F 13 -38.90 46.52 -120.45
CA GLY F 13 -37.54 46.11 -120.70
C GLY F 13 -36.80 47.09 -121.58
N LYS F 14 -35.49 46.87 -121.66
CA LYS F 14 -34.64 47.73 -122.48
C LYS F 14 -35.18 47.83 -123.90
N ASP F 15 -35.73 46.74 -124.42
CA ASP F 15 -36.36 46.78 -125.73
C ASP F 15 -37.58 47.70 -125.72
N GLY F 16 -38.47 47.52 -124.76
CA GLY F 16 -39.75 48.18 -124.82
C GLY F 16 -40.75 47.44 -125.68
N LYS F 17 -40.36 46.30 -126.24
CA LYS F 17 -41.32 45.45 -126.92
C LYS F 17 -41.86 44.39 -125.95
N GLN F 18 -41.29 44.30 -124.76
CA GLN F 18 -41.74 43.35 -123.76
C GLN F 18 -43.10 43.77 -123.25
N THR F 19 -43.94 42.77 -123.01
CA THR F 19 -45.26 42.98 -122.45
C THR F 19 -45.48 42.03 -121.28
N LEU F 20 -46.36 42.44 -120.37
CA LEU F 20 -46.61 41.63 -119.18
C LEU F 20 -48.06 41.81 -118.75
N VAL F 21 -48.67 40.72 -118.31
CA VAL F 21 -49.99 40.76 -117.74
C VAL F 21 -49.89 40.30 -116.29
N LEU F 22 -50.81 40.80 -115.47
CA LEU F 22 -50.80 40.50 -114.04
C LEU F 22 -52.21 40.11 -113.61
N ASN F 23 -52.34 38.94 -113.11
CA ASN F 23 -53.67 38.62 -112.65
C ASN F 23 -53.84 39.02 -111.18
N PRO F 24 -55.04 39.39 -110.79
CA PRO F 24 -55.30 39.63 -109.37
C PRO F 24 -55.11 38.36 -108.57
N ARG F 25 -54.30 38.47 -107.52
CA ARG F 25 -54.01 37.34 -106.66
C ARG F 25 -54.86 37.32 -105.40
N GLY F 26 -55.78 38.26 -105.25
CA GLY F 26 -56.49 38.43 -104.01
C GLY F 26 -55.72 39.35 -103.07
N VAL F 27 -56.23 39.45 -101.85
CA VAL F 27 -55.67 40.36 -100.85
C VAL F 27 -55.47 39.61 -99.56
N ASN F 28 -54.27 39.66 -99.02
CA ASN F 28 -54.09 39.14 -97.68
C ASN F 28 -54.73 40.08 -96.68
N PRO F 29 -55.79 39.65 -95.99
CA PRO F 29 -56.46 40.55 -95.05
C PRO F 29 -55.65 40.87 -93.82
N THR F 30 -54.77 39.97 -93.40
CA THR F 30 -54.00 40.20 -92.19
C THR F 30 -53.22 41.50 -92.27
N ASN F 31 -52.20 41.53 -93.11
CA ASN F 31 -51.48 42.76 -93.37
C ASN F 31 -52.30 43.74 -94.20
N GLY F 32 -53.42 43.31 -94.76
CA GLY F 32 -54.20 44.17 -95.61
C GLY F 32 -53.45 44.58 -96.85
N VAL F 33 -52.93 43.62 -97.61
CA VAL F 33 -52.10 43.91 -98.76
C VAL F 33 -52.62 43.11 -99.94
N ALA F 34 -52.83 43.80 -101.06
CA ALA F 34 -53.20 43.15 -102.30
C ALA F 34 -51.99 42.48 -102.94
N SER F 35 -52.27 41.56 -103.86
CA SER F 35 -51.21 40.85 -104.56
C SER F 35 -51.60 40.68 -106.02
N LEU F 36 -50.61 40.81 -106.89
CA LEU F 36 -50.80 40.63 -108.32
C LEU F 36 -49.69 39.74 -108.84
N SER F 37 -49.98 38.98 -109.89
CA SER F 37 -48.95 38.11 -110.41
C SER F 37 -49.14 37.88 -111.90
N GLN F 38 -48.02 37.69 -112.58
CA GLN F 38 -48.01 37.04 -113.87
C GLN F 38 -48.56 35.63 -113.73
N ALA F 39 -49.22 35.15 -114.78
CA ALA F 39 -49.63 33.75 -114.79
C ALA F 39 -48.54 32.95 -115.50
N GLY F 40 -47.80 32.22 -114.68
CA GLY F 40 -46.78 31.32 -115.17
C GLY F 40 -47.16 29.87 -114.93
N ALA F 41 -46.14 29.03 -114.85
CA ALA F 41 -46.36 27.66 -114.42
C ALA F 41 -46.27 27.55 -112.90
N VAL F 42 -45.09 27.80 -112.35
CA VAL F 42 -44.87 27.63 -110.92
C VAL F 42 -45.02 28.98 -110.23
N PRO F 43 -45.96 29.12 -109.30
CA PRO F 43 -46.10 30.39 -108.57
C PRO F 43 -44.82 30.89 -107.97
N ALA F 44 -44.00 30.02 -107.39
CA ALA F 44 -42.68 30.41 -106.92
C ALA F 44 -41.88 31.11 -108.00
N LEU F 45 -42.00 30.66 -109.25
CA LEU F 45 -41.32 31.31 -110.35
C LEU F 45 -42.05 32.57 -110.81
N GLU F 46 -43.36 32.63 -110.62
CA GLU F 46 -44.16 33.68 -111.21
C GLU F 46 -43.84 35.02 -110.58
N LYS F 47 -43.86 36.06 -111.41
CA LYS F 47 -43.54 37.42 -110.97
C LYS F 47 -44.62 37.84 -110.00
N ARG F 48 -44.26 38.63 -109.00
CA ARG F 48 -45.22 39.08 -108.02
C ARG F 48 -45.21 40.60 -107.93
N VAL F 49 -46.38 41.17 -107.67
CA VAL F 49 -46.53 42.61 -107.48
C VAL F 49 -47.44 42.80 -106.27
N THR F 50 -47.00 43.63 -105.33
CA THR F 50 -47.72 43.86 -104.09
C THR F 50 -47.93 45.34 -103.90
N VAL F 51 -49.16 45.71 -103.55
CA VAL F 51 -49.49 47.09 -103.23
C VAL F 51 -50.26 47.10 -101.91
N SER F 52 -50.15 48.21 -101.20
CA SER F 52 -50.84 48.34 -99.94
C SER F 52 -51.09 49.81 -99.66
N VAL F 53 -52.16 50.06 -98.92
CA VAL F 53 -52.43 51.39 -98.39
C VAL F 53 -52.26 51.30 -96.89
N SER F 54 -52.51 52.42 -96.21
CA SER F 54 -52.42 52.44 -94.77
C SER F 54 -53.27 53.60 -94.28
N GLN F 55 -53.55 53.60 -92.98
CA GLN F 55 -54.29 54.70 -92.41
C GLN F 55 -53.64 55.10 -91.09
N PRO F 56 -53.65 56.38 -90.76
CA PRO F 56 -52.93 56.83 -89.57
C PRO F 56 -53.54 56.27 -88.31
N SER F 57 -52.67 55.92 -87.37
CA SER F 57 -53.10 55.35 -86.10
C SER F 57 -52.48 56.17 -84.99
N ARG F 58 -52.69 55.72 -83.75
CA ARG F 58 -51.98 56.29 -82.62
C ARG F 58 -50.47 56.13 -82.76
N ASN F 59 -50.01 55.15 -83.53
CA ASN F 59 -48.59 54.96 -83.78
C ASN F 59 -48.03 55.92 -84.82
N ARG F 60 -48.79 56.24 -85.85
CA ARG F 60 -48.31 57.12 -86.90
C ARG F 60 -49.49 57.92 -87.44
N LYS F 61 -49.24 59.20 -87.71
CA LYS F 61 -50.25 60.11 -88.19
C LYS F 61 -50.21 60.23 -89.70
N ASN F 62 -49.35 59.45 -90.34
CA ASN F 62 -49.08 59.62 -91.75
C ASN F 62 -49.59 58.42 -92.52
N TYR F 63 -49.97 58.65 -93.77
CA TYR F 63 -50.34 57.56 -94.65
C TYR F 63 -49.10 56.92 -95.25
N LYS F 64 -49.12 55.60 -95.36
CA LYS F 64 -48.06 54.85 -96.02
C LYS F 64 -48.66 54.11 -97.20
N VAL F 65 -48.00 54.20 -98.34
CA VAL F 65 -48.34 53.42 -99.51
C VAL F 65 -47.10 52.65 -99.89
N GLN F 66 -47.17 51.33 -99.77
CA GLN F 66 -46.03 50.46 -100.00
C GLN F 66 -46.27 49.62 -101.24
N VAL F 67 -45.27 49.56 -102.11
CA VAL F 67 -45.33 48.75 -103.32
C VAL F 67 -44.02 47.98 -103.43
N LYS F 68 -44.12 46.67 -103.49
CA LYS F 68 -42.96 45.81 -103.62
C LYS F 68 -43.12 44.93 -104.85
N ILE F 69 -42.01 44.65 -105.52
CA ILE F 69 -41.99 43.82 -106.71
C ILE F 69 -40.96 42.73 -106.51
N GLN F 70 -41.33 41.51 -106.85
CA GLN F 70 -40.48 40.34 -106.65
C GLN F 70 -40.40 39.58 -107.96
N ASN F 71 -39.19 39.53 -108.55
CA ASN F 71 -38.97 38.91 -109.84
C ASN F 71 -37.83 37.92 -109.72
N PRO F 72 -38.11 36.65 -109.47
CA PRO F 72 -37.04 35.67 -109.32
C PRO F 72 -36.36 35.40 -110.65
N THR F 73 -35.33 34.59 -110.58
CA THR F 73 -34.59 34.14 -111.75
C THR F 73 -34.65 32.62 -111.81
N ALA F 74 -35.34 32.12 -112.82
CA ALA F 74 -35.50 30.68 -112.99
C ALA F 74 -34.20 30.08 -113.51
N CYS F 75 -33.80 28.96 -112.91
CA CYS F 75 -32.75 28.12 -113.48
C CYS F 75 -33.48 26.96 -114.13
N THR F 76 -33.51 26.95 -115.46
CA THR F 76 -34.27 25.95 -116.19
C THR F 76 -33.67 24.57 -115.99
N ALA F 77 -32.39 24.42 -116.34
CA ALA F 77 -31.70 23.15 -116.14
C ALA F 77 -30.79 23.32 -114.92
N ASN F 78 -31.20 22.67 -113.82
CA ASN F 78 -30.36 22.58 -112.64
C ASN F 78 -29.60 21.26 -112.62
N GLY F 79 -29.71 20.46 -113.67
CA GLY F 79 -29.33 19.06 -113.58
C GLY F 79 -30.42 18.22 -112.96
N SER F 80 -31.57 18.82 -112.69
CA SER F 80 -32.70 18.15 -112.07
C SER F 80 -33.92 18.41 -112.94
N CYS F 81 -34.98 17.63 -112.71
CA CYS F 81 -36.18 17.68 -113.53
C CYS F 81 -36.99 18.95 -113.33
N ASP F 82 -36.73 19.71 -112.28
CA ASP F 82 -37.56 20.87 -112.02
C ASP F 82 -36.70 22.13 -111.94
N PRO F 83 -37.20 23.25 -112.45
CA PRO F 83 -36.46 24.50 -112.33
C PRO F 83 -36.39 24.95 -110.88
N SER F 84 -35.46 25.85 -110.59
CA SER F 84 -35.24 26.31 -109.24
C SER F 84 -34.95 27.80 -109.22
N VAL F 85 -35.36 28.44 -108.13
CA VAL F 85 -35.11 29.86 -107.93
C VAL F 85 -33.61 30.05 -107.78
N THR F 86 -33.06 31.03 -108.49
CA THR F 86 -31.65 31.31 -108.36
C THR F 86 -31.42 32.66 -107.69
N ARG F 87 -31.71 33.74 -108.40
CA ARG F 87 -31.59 35.08 -107.87
C ARG F 87 -32.98 35.67 -107.70
N GLN F 88 -33.14 36.50 -106.68
CA GLN F 88 -34.44 37.09 -106.41
C GLN F 88 -34.30 38.60 -106.48
N ALA F 89 -34.89 39.22 -107.49
CA ALA F 89 -34.82 40.66 -107.66
C ALA F 89 -35.85 41.32 -106.75
N TYR F 90 -35.41 42.26 -105.93
CA TYR F 90 -36.30 42.98 -105.05
C TYR F 90 -36.43 44.42 -105.47
N ALA F 91 -37.66 44.81 -105.79
CA ALA F 91 -37.96 46.20 -106.12
C ALA F 91 -38.99 46.69 -105.12
N ASP F 92 -38.61 47.70 -104.33
CA ASP F 92 -39.45 48.21 -103.26
C ASP F 92 -39.66 49.71 -103.42
N VAL F 93 -40.90 50.14 -103.25
CA VAL F 93 -41.28 51.54 -103.35
C VAL F 93 -42.24 51.84 -102.22
N THR F 94 -42.03 52.97 -101.56
CA THR F 94 -42.89 53.41 -100.47
C THR F 94 -43.33 54.85 -100.70
N PHE F 95 -44.34 55.25 -99.94
CA PHE F 95 -44.82 56.62 -100.00
C PHE F 95 -45.27 57.05 -98.62
N SER F 96 -45.02 58.31 -98.31
CA SER F 96 -45.48 58.89 -97.06
C SER F 96 -46.26 60.14 -97.39
N PHE F 97 -47.31 60.39 -96.62
CA PHE F 97 -48.12 61.58 -96.82
C PHE F 97 -48.71 62.01 -95.48
N THR F 98 -49.11 63.26 -95.43
CA THR F 98 -49.69 63.85 -94.25
C THR F 98 -51.19 63.95 -94.43
N GLN F 99 -51.91 63.81 -93.33
CA GLN F 99 -53.36 63.86 -93.36
C GLN F 99 -53.87 65.05 -94.15
N TYR F 100 -53.12 66.14 -94.19
CA TYR F 100 -53.53 67.31 -94.97
C TYR F 100 -52.99 67.27 -96.39
N SER F 101 -52.31 66.21 -96.79
CA SER F 101 -51.75 66.12 -98.13
C SER F 101 -52.86 66.33 -99.15
N THR F 102 -52.59 67.12 -100.18
CA THR F 102 -53.63 67.36 -101.17
C THR F 102 -53.52 66.37 -102.31
N ASP F 103 -54.43 66.48 -103.26
CA ASP F 103 -54.45 65.55 -104.38
C ASP F 103 -53.29 65.80 -105.33
N GLU F 104 -53.19 67.02 -105.86
CA GLU F 104 -52.22 67.27 -106.90
C GLU F 104 -50.80 67.03 -106.43
N GLU F 105 -50.50 67.40 -105.19
CA GLU F 105 -49.21 67.07 -104.60
C GLU F 105 -48.90 65.60 -104.80
N ARG F 106 -49.82 64.73 -104.38
CA ARG F 106 -49.63 63.31 -104.59
C ARG F 106 -49.49 63.01 -106.08
N ALA F 107 -50.46 63.44 -106.87
CA ALA F 107 -50.37 63.27 -108.31
C ALA F 107 -49.03 63.76 -108.83
N PHE F 108 -48.59 64.94 -108.38
CA PHE F 108 -47.29 65.43 -108.77
C PHE F 108 -46.20 64.43 -108.46
N VAL F 109 -46.27 63.78 -107.30
CA VAL F 109 -45.26 62.79 -106.96
C VAL F 109 -45.32 61.62 -107.92
N ARG F 110 -46.51 61.16 -108.25
CA ARG F 110 -46.63 59.94 -109.03
C ARG F 110 -45.90 60.07 -110.36
N THR F 111 -46.26 61.08 -111.15
CA THR F 111 -45.65 61.22 -112.47
C THR F 111 -44.14 61.35 -112.38
N GLU F 112 -43.66 62.34 -111.62
CA GLU F 112 -42.22 62.64 -111.61
C GLU F 112 -41.39 61.40 -111.31
N LEU F 113 -41.84 60.55 -110.39
CA LEU F 113 -41.09 59.32 -110.14
C LEU F 113 -40.97 58.51 -111.41
N ALA F 114 -42.08 58.36 -112.13
CA ALA F 114 -42.03 57.65 -113.41
C ALA F 114 -41.04 58.32 -114.36
N ALA F 115 -41.16 59.63 -114.56
CA ALA F 115 -40.25 60.33 -115.45
C ALA F 115 -38.81 60.03 -115.12
N LEU F 116 -38.44 60.08 -113.83
CA LEU F 116 -37.10 59.68 -113.44
C LEU F 116 -36.77 58.30 -113.94
N LEU F 117 -37.68 57.35 -113.76
CA LEU F 117 -37.41 56.00 -114.21
C LEU F 117 -37.14 55.95 -115.71
N ALA F 118 -37.71 56.86 -116.46
CA ALA F 118 -37.38 56.99 -117.87
C ALA F 118 -36.22 57.94 -118.12
N SER F 119 -35.77 58.65 -117.10
CA SER F 119 -34.68 59.59 -117.29
C SER F 119 -33.40 58.84 -117.63
N PRO F 120 -32.54 59.42 -118.48
CA PRO F 120 -31.25 58.80 -118.77
C PRO F 120 -30.36 58.69 -117.55
N LEU F 121 -30.65 59.44 -116.49
CA LEU F 121 -29.84 59.32 -115.29
C LEU F 121 -29.94 57.93 -114.70
N LEU F 122 -31.15 57.53 -114.31
CA LEU F 122 -31.31 56.30 -113.55
C LEU F 122 -30.92 55.07 -114.34
N ILE F 123 -31.08 55.07 -115.65
CA ILE F 123 -30.83 53.86 -116.41
C ILE F 123 -29.41 53.36 -116.18
N ASP F 124 -28.41 54.22 -116.28
CA ASP F 124 -27.06 53.83 -115.92
C ASP F 124 -26.95 53.45 -114.46
N ALA F 125 -27.58 54.22 -113.58
CA ALA F 125 -27.67 53.86 -112.19
C ALA F 125 -28.29 52.49 -111.98
N ILE F 126 -29.42 52.22 -112.61
CA ILE F 126 -30.08 50.93 -112.50
C ILE F 126 -29.38 49.88 -113.35
N ASP F 127 -29.42 50.02 -114.66
CA ASP F 127 -28.95 48.96 -115.54
C ASP F 127 -27.48 48.67 -115.34
N GLN F 128 -26.64 49.68 -115.45
CA GLN F 128 -25.21 49.49 -115.37
C GLN F 128 -24.65 49.71 -113.98
N LEU F 129 -25.49 49.94 -112.98
CA LEU F 129 -25.06 50.11 -111.60
C LEU F 129 -23.98 51.19 -111.50
N ASN F 130 -24.38 52.40 -111.83
CA ASN F 130 -23.36 53.43 -111.82
C ASN F 130 -23.80 54.60 -110.97
N PRO F 131 -22.88 55.18 -110.22
CA PRO F 131 -23.19 56.41 -109.51
C PRO F 131 -23.33 57.58 -110.47
N ALA F 132 -23.34 58.78 -109.92
CA ALA F 132 -23.87 59.96 -110.60
C ALA F 132 -22.87 60.60 -111.54
N TYR F 133 -21.71 59.98 -111.73
CA TYR F 133 -20.68 60.57 -112.58
C TYR F 133 -20.69 59.94 -113.96
N ALA G 2 -62.11 36.35 -107.02
CA ALA G 2 -62.68 37.68 -107.20
C ALA G 2 -63.41 38.12 -105.94
N LYS G 3 -64.14 39.22 -106.05
CA LYS G 3 -64.84 39.82 -104.93
C LYS G 3 -65.92 38.88 -104.42
N LEU G 4 -66.07 38.84 -103.11
CA LEU G 4 -67.22 38.22 -102.48
C LEU G 4 -68.48 38.86 -103.04
N GLU G 5 -69.41 38.05 -103.49
CA GLU G 5 -70.64 38.55 -104.05
C GLU G 5 -71.79 37.65 -103.65
N THR G 6 -73.00 38.06 -104.02
CA THR G 6 -74.15 37.18 -103.91
C THR G 6 -73.90 36.03 -104.86
N VAL G 7 -73.97 34.82 -104.34
CA VAL G 7 -73.73 33.66 -105.19
C VAL G 7 -75.05 32.90 -105.32
N THR G 8 -75.64 32.95 -106.51
CA THR G 8 -76.84 32.21 -106.80
C THR G 8 -76.46 30.82 -107.26
N LEU G 9 -77.24 29.83 -106.86
CA LEU G 9 -77.00 28.45 -107.25
C LEU G 9 -78.31 27.84 -107.72
N GLY G 10 -78.31 27.33 -108.96
CA GLY G 10 -79.42 26.58 -109.48
C GLY G 10 -79.10 25.10 -109.46
N ASN G 11 -80.13 24.31 -109.77
CA ASN G 11 -79.98 22.86 -109.91
C ASN G 11 -79.41 22.25 -108.64
N ILE G 12 -80.22 22.25 -107.59
CA ILE G 12 -79.80 21.85 -106.27
C ILE G 12 -80.74 20.77 -105.79
N GLY G 13 -80.24 19.88 -104.94
CA GLY G 13 -81.05 18.83 -104.35
C GLY G 13 -81.38 17.75 -105.36
N LYS G 14 -81.93 16.66 -104.82
CA LYS G 14 -82.32 15.54 -105.66
C LYS G 14 -83.21 15.99 -106.80
N ASP G 15 -84.09 16.96 -106.54
CA ASP G 15 -84.90 17.53 -107.60
C ASP G 15 -84.04 18.23 -108.65
N GLY G 16 -83.15 19.11 -108.20
CA GLY G 16 -82.47 19.97 -109.14
C GLY G 16 -83.27 21.21 -109.48
N LYS G 17 -84.47 21.34 -108.91
CA LYS G 17 -85.21 22.58 -109.04
C LYS G 17 -84.91 23.52 -107.88
N GLN G 18 -84.20 23.03 -106.87
CA GLN G 18 -83.82 23.83 -105.73
C GLN G 18 -82.81 24.88 -106.15
N THR G 19 -82.95 26.07 -105.57
CA THR G 19 -82.03 27.17 -105.81
C THR G 19 -81.60 27.76 -104.48
N LEU G 20 -80.42 28.37 -104.47
CA LEU G 20 -79.89 28.94 -103.24
C LEU G 20 -79.05 30.16 -103.57
N VAL G 21 -79.15 31.18 -102.73
CA VAL G 21 -78.32 32.35 -102.83
C VAL G 21 -77.47 32.44 -101.57
N LEU G 22 -76.30 33.04 -101.70
CA LEU G 22 -75.36 33.16 -100.59
C LEU G 22 -74.86 34.59 -100.52
N ASN G 23 -75.10 35.22 -99.42
CA ASN G 23 -74.55 36.55 -99.34
C ASN G 23 -73.15 36.52 -98.75
N PRO G 24 -72.29 37.44 -99.17
CA PRO G 24 -70.98 37.56 -98.53
C PRO G 24 -71.14 37.92 -97.07
N ARG G 25 -70.48 37.15 -96.22
CA ARG G 25 -70.52 37.36 -94.79
C ARG G 25 -69.32 38.12 -94.26
N GLY G 26 -68.42 38.54 -95.13
CA GLY G 26 -67.16 39.10 -94.70
C GLY G 26 -66.13 38.01 -94.49
N VAL G 27 -64.98 38.41 -93.97
CA VAL G 27 -63.85 37.50 -93.81
C VAL G 27 -63.32 37.64 -92.39
N ASN G 28 -63.20 36.53 -91.70
CA ASN G 28 -62.51 36.56 -90.43
C ASN G 28 -61.02 36.75 -90.67
N PRO G 29 -60.43 37.87 -90.29
CA PRO G 29 -59.00 38.08 -90.55
C PRO G 29 -58.10 37.20 -89.73
N THR G 30 -58.52 36.79 -88.53
CA THR G 30 -57.66 35.98 -87.69
C THR G 30 -57.21 34.72 -88.40
N ASN G 31 -58.12 33.80 -88.61
CA ASN G 31 -57.83 32.62 -89.41
C ASN G 31 -57.69 32.94 -90.88
N GLY G 32 -58.06 34.15 -91.30
CA GLY G 32 -58.02 34.49 -92.71
C GLY G 32 -58.96 33.64 -93.53
N VAL G 33 -60.24 33.60 -93.16
CA VAL G 33 -61.21 32.74 -93.81
C VAL G 33 -62.43 33.55 -94.16
N ALA G 34 -62.85 33.46 -95.42
CA ALA G 34 -64.08 34.08 -95.87
C ALA G 34 -65.29 33.28 -95.40
N SER G 35 -66.44 33.94 -95.41
CA SER G 35 -67.69 33.30 -95.02
C SER G 35 -68.80 33.73 -95.94
N LEU G 36 -69.68 32.79 -96.26
CA LEU G 36 -70.84 33.05 -97.09
C LEU G 36 -72.06 32.44 -96.41
N SER G 37 -73.22 33.04 -96.64
CA SER G 37 -74.41 32.49 -96.02
C SER G 37 -75.64 32.77 -96.86
N GLN G 38 -76.58 31.84 -96.77
CA GLN G 38 -77.96 32.13 -97.13
C GLN G 38 -78.49 33.23 -96.23
N ALA G 39 -79.39 34.05 -96.77
CA ALA G 39 -80.08 35.02 -95.93
C ALA G 39 -81.39 34.37 -95.45
N GLY G 40 -81.37 34.02 -94.18
CA GLY G 40 -82.54 33.49 -93.51
C GLY G 40 -83.06 34.45 -92.47
N ALA G 41 -83.76 33.90 -91.49
CA ALA G 41 -84.14 34.67 -90.32
C ALA G 41 -83.05 34.63 -89.26
N VAL G 42 -82.80 33.47 -88.70
CA VAL G 42 -81.86 33.32 -87.61
C VAL G 42 -80.51 32.86 -88.18
N PRO G 43 -79.44 33.65 -88.00
CA PRO G 43 -78.12 33.23 -88.48
C PRO G 43 -77.73 31.85 -88.03
N ALA G 44 -78.00 31.48 -86.79
CA ALA G 44 -77.77 30.11 -86.33
C ALA G 44 -78.45 29.09 -87.24
N LEU G 45 -79.63 29.40 -87.75
CA LEU G 45 -80.31 28.52 -88.67
C LEU G 45 -79.76 28.65 -90.09
N GLU G 46 -79.21 29.80 -90.45
CA GLU G 46 -78.87 30.08 -91.83
C GLU G 46 -77.70 29.20 -92.27
N LYS G 47 -77.75 28.78 -93.52
CA LYS G 47 -76.74 27.90 -94.10
C LYS G 47 -75.44 28.69 -94.14
N ARG G 48 -74.32 28.01 -93.94
CA ARG G 48 -73.03 28.69 -93.97
C ARG G 48 -72.10 28.01 -94.97
N VAL G 49 -71.25 28.82 -95.59
CA VAL G 49 -70.25 28.34 -96.53
C VAL G 49 -68.96 29.06 -96.23
N THR G 50 -67.88 28.30 -96.07
CA THR G 50 -66.59 28.84 -95.68
C THR G 50 -65.53 28.40 -96.68
N VAL G 51 -64.72 29.35 -97.13
CA VAL G 51 -63.61 29.04 -97.99
C VAL G 51 -62.37 29.72 -97.43
N SER G 52 -61.22 29.14 -97.74
CA SER G 52 -59.97 29.69 -97.25
C SER G 52 -58.85 29.30 -98.20
N VAL G 53 -57.83 30.14 -98.26
CA VAL G 53 -56.61 29.81 -98.96
C VAL G 53 -55.53 29.68 -97.90
N SER G 54 -54.30 29.42 -98.33
CA SER G 54 -53.18 29.31 -97.42
C SER G 54 -51.91 29.57 -98.21
N GLN G 55 -50.83 29.81 -97.47
CA GLN G 55 -49.56 30.00 -98.13
C GLN G 55 -48.49 29.24 -97.38
N PRO G 56 -47.51 28.69 -98.08
CA PRO G 56 -46.53 27.83 -97.41
C PRO G 56 -45.71 28.62 -96.42
N SER G 57 -45.40 27.99 -95.29
CA SER G 57 -44.62 28.60 -94.24
C SER G 57 -43.46 27.67 -93.91
N ARG G 58 -42.70 28.05 -92.88
CA ARG G 58 -41.70 27.15 -92.34
C ARG G 58 -42.31 25.86 -91.81
N ASN G 59 -43.59 25.87 -91.46
CA ASN G 59 -44.28 24.68 -91.02
C ASN G 59 -44.70 23.76 -92.14
N ARG G 60 -45.12 24.32 -93.28
CA ARG G 60 -45.57 23.51 -94.40
C ARG G 60 -45.20 24.24 -95.69
N LYS G 61 -44.77 23.46 -96.68
CA LYS G 61 -44.34 23.99 -97.96
C LYS G 61 -45.46 23.92 -98.98
N ASN G 62 -46.64 23.48 -98.55
CA ASN G 62 -47.71 23.18 -99.47
C ASN G 62 -48.86 24.17 -99.27
N TYR G 63 -49.59 24.42 -100.34
CA TYR G 63 -50.79 25.23 -100.25
C TYR G 63 -51.96 24.39 -99.78
N LYS G 64 -52.78 24.98 -98.91
CA LYS G 64 -54.00 24.35 -98.45
C LYS G 64 -55.18 25.22 -98.88
N VAL G 65 -56.20 24.59 -99.44
CA VAL G 65 -57.45 25.25 -99.74
C VAL G 65 -58.53 24.47 -99.03
N GLN G 66 -59.17 25.09 -98.05
CA GLN G 66 -60.14 24.44 -97.20
C GLN G 66 -61.51 25.03 -97.47
N VAL G 67 -62.50 24.16 -97.64
CA VAL G 67 -63.88 24.57 -97.85
C VAL G 67 -64.76 23.73 -96.95
N LYS G 68 -65.54 24.38 -96.10
CA LYS G 68 -66.43 23.70 -95.19
C LYS G 68 -67.85 24.24 -95.39
N ILE G 69 -68.83 23.36 -95.25
CA ILE G 69 -70.23 23.72 -95.42
C ILE G 69 -70.98 23.25 -94.17
N GLN G 70 -71.83 24.11 -93.65
CA GLN G 70 -72.57 23.85 -92.43
C GLN G 70 -74.04 24.11 -92.70
N ASN G 71 -74.85 23.06 -92.63
CA ASN G 71 -76.28 23.14 -92.93
C ASN G 71 -77.05 22.52 -91.78
N PRO G 72 -77.50 23.31 -90.83
CA PRO G 72 -78.22 22.77 -89.68
C PRO G 72 -79.60 22.29 -90.11
N THR G 73 -80.30 21.71 -89.14
CA THR G 73 -81.67 21.24 -89.32
C THR G 73 -82.55 21.96 -88.32
N ALA G 74 -83.44 22.81 -88.82
CA ALA G 74 -84.33 23.57 -87.98
C ALA G 74 -85.43 22.66 -87.45
N CYS G 75 -85.71 22.78 -86.16
CA CYS G 75 -86.91 22.19 -85.58
C CYS G 75 -87.88 23.36 -85.40
N THR G 76 -88.91 23.40 -86.25
CA THR G 76 -89.84 24.53 -86.24
C THR G 76 -90.62 24.57 -84.95
N ALA G 77 -91.34 23.49 -84.65
CA ALA G 77 -92.08 23.41 -83.39
C ALA G 77 -91.30 22.52 -82.45
N ASN G 78 -90.69 23.14 -81.45
CA ASN G 78 -90.05 22.42 -80.35
C ASN G 78 -90.99 22.30 -79.16
N GLY G 79 -92.24 22.74 -79.29
CA GLY G 79 -93.05 23.00 -78.13
C GLY G 79 -92.75 24.34 -77.51
N SER G 80 -91.87 25.12 -78.14
CA SER G 80 -91.47 26.43 -77.65
C SER G 80 -91.66 27.43 -78.78
N CYS G 81 -91.63 28.72 -78.44
CA CYS G 81 -91.91 29.77 -79.39
C CYS G 81 -90.81 29.96 -80.42
N ASP G 82 -89.63 29.40 -80.21
CA ASP G 82 -88.54 29.64 -81.14
C ASP G 82 -88.01 28.33 -81.69
N PRO G 83 -87.63 28.29 -82.96
CA PRO G 83 -87.05 27.08 -83.51
C PRO G 83 -85.69 26.83 -82.91
N SER G 84 -85.21 25.60 -83.06
CA SER G 84 -83.96 25.18 -82.45
C SER G 84 -83.18 24.28 -83.39
N VAL G 85 -81.85 24.37 -83.29
CA VAL G 85 -80.97 23.52 -84.08
C VAL G 85 -81.16 22.09 -83.62
N THR G 86 -81.32 21.18 -84.58
CA THR G 86 -81.44 19.77 -84.24
C THR G 86 -80.23 18.99 -84.69
N ARG G 87 -80.08 18.79 -85.98
CA ARG G 87 -78.94 18.10 -86.56
C ARG G 87 -78.10 19.10 -87.33
N GLN G 88 -76.79 18.88 -87.32
CA GLN G 88 -75.89 19.80 -88.00
C GLN G 88 -75.12 19.02 -89.05
N ALA G 89 -75.41 19.30 -90.32
CA ALA G 89 -74.74 18.62 -91.43
C ALA G 89 -73.37 19.25 -91.65
N TYR G 90 -72.34 18.44 -91.65
CA TYR G 90 -71.00 18.93 -91.90
C TYR G 90 -70.47 18.42 -93.23
N ALA G 91 -70.15 19.37 -94.10
CA ALA G 91 -69.55 19.05 -95.40
C ALA G 91 -68.21 19.75 -95.45
N ASP G 92 -67.13 18.97 -95.54
CA ASP G 92 -65.77 19.50 -95.50
C ASP G 92 -65.00 19.05 -96.72
N VAL G 93 -64.27 19.98 -97.33
CA VAL G 93 -63.46 19.72 -98.51
C VAL G 93 -62.14 20.45 -98.32
N THR G 94 -61.05 19.77 -98.63
CA THR G 94 -59.72 20.35 -98.54
C THR G 94 -58.96 20.12 -99.84
N PHE G 95 -57.87 20.85 -99.99
CA PHE G 95 -57.00 20.70 -101.14
C PHE G 95 -55.56 20.91 -100.72
N SER G 96 -54.68 20.13 -101.33
CA SER G 96 -53.26 20.28 -101.11
C SER G 96 -52.59 20.46 -102.45
N PHE G 97 -51.55 21.29 -102.49
CA PHE G 97 -50.82 21.52 -103.72
C PHE G 97 -49.37 21.84 -103.38
N THR G 98 -48.52 21.67 -104.36
CA THR G 98 -47.10 21.93 -104.22
C THR G 98 -46.77 23.25 -104.89
N GLN G 99 -45.79 23.94 -104.35
CA GLN G 99 -45.39 25.23 -104.88
C GLN G 99 -45.18 25.18 -106.38
N TYR G 100 -44.81 24.04 -106.93
CA TYR G 100 -44.64 23.92 -108.37
C TYR G 100 -45.92 23.44 -109.06
N SER G 101 -47.02 23.30 -108.34
CA SER G 101 -48.26 22.85 -108.94
C SER G 101 -48.64 23.77 -110.09
N THR G 102 -49.07 23.19 -111.21
CA THR G 102 -49.41 24.04 -112.34
C THR G 102 -50.90 24.37 -112.32
N ASP G 103 -51.32 25.15 -113.30
CA ASP G 103 -52.70 25.58 -113.36
C ASP G 103 -53.62 24.44 -113.74
N GLU G 104 -53.37 23.83 -114.90
CA GLU G 104 -54.32 22.85 -115.41
C GLU G 104 -54.47 21.67 -114.47
N GLU G 105 -53.37 21.22 -113.87
CA GLU G 105 -53.46 20.21 -112.84
C GLU G 105 -54.53 20.56 -111.83
N ARG G 106 -54.44 21.76 -111.25
CA ARG G 106 -55.46 22.20 -110.32
C ARG G 106 -56.82 22.21 -110.99
N ALA G 107 -56.93 22.91 -112.12
CA ALA G 107 -58.18 22.91 -112.88
C ALA G 107 -58.68 21.50 -113.11
N PHE G 108 -57.78 20.60 -113.51
CA PHE G 108 -58.17 19.20 -113.68
C PHE G 108 -58.79 18.65 -112.41
N VAL G 109 -58.23 18.98 -111.25
CA VAL G 109 -58.81 18.50 -110.01
C VAL G 109 -60.19 19.06 -109.81
N ARG G 110 -60.38 20.34 -110.08
CA ARG G 110 -61.65 20.97 -109.75
C ARG G 110 -62.81 20.27 -110.44
N THR G 111 -62.76 20.18 -111.77
CA THR G 111 -63.87 19.58 -112.49
C THR G 111 -64.14 18.15 -112.03
N GLU G 112 -63.13 17.28 -112.10
CA GLU G 112 -63.35 15.87 -111.81
C GLU G 112 -64.05 15.64 -110.49
N LEU G 113 -63.69 16.40 -109.46
CA LEU G 113 -64.39 16.26 -108.20
C LEU G 113 -65.87 16.52 -108.38
N ALA G 114 -66.21 17.58 -109.10
CA ALA G 114 -67.61 17.84 -109.38
C ALA G 114 -68.25 16.68 -110.12
N ALA G 115 -67.63 16.23 -111.21
CA ALA G 115 -68.18 15.12 -111.96
C ALA G 115 -68.49 13.93 -111.06
N LEU G 116 -67.57 13.58 -110.17
CA LEU G 116 -67.85 12.54 -109.20
C LEU G 116 -69.12 12.83 -108.43
N LEU G 117 -69.27 14.06 -107.96
CA LEU G 117 -70.46 14.40 -107.19
C LEU G 117 -71.72 14.20 -108.01
N ALA G 118 -71.63 14.32 -109.32
CA ALA G 118 -72.75 13.98 -110.19
C ALA G 118 -72.73 12.53 -110.63
N SER G 119 -71.66 11.80 -110.34
CA SER G 119 -71.58 10.42 -110.76
C SER G 119 -72.61 9.58 -110.02
N PRO G 120 -73.18 8.58 -110.68
CA PRO G 120 -74.12 7.68 -110.00
C PRO G 120 -73.48 6.91 -108.86
N LEU G 121 -72.16 6.84 -108.82
CA LEU G 121 -71.52 6.15 -107.72
C LEU G 121 -71.81 6.83 -106.39
N LEU G 122 -71.40 8.10 -106.27
CA LEU G 122 -71.46 8.76 -104.98
C LEU G 122 -72.88 8.94 -104.47
N ILE G 123 -73.86 9.10 -105.36
CA ILE G 123 -75.20 9.40 -104.90
C ILE G 123 -75.70 8.34 -103.94
N ASP G 124 -75.56 7.06 -104.28
CA ASP G 124 -75.88 6.01 -103.33
C ASP G 124 -74.98 6.07 -102.11
N ALA G 125 -73.70 6.29 -102.30
CA ALA G 125 -72.78 6.52 -101.20
C ALA G 125 -73.23 7.66 -100.32
N ILE G 126 -73.56 8.81 -100.89
CA ILE G 126 -74.02 9.96 -100.14
C ILE G 126 -75.45 9.79 -99.69
N ASP G 127 -76.39 9.77 -100.64
CA ASP G 127 -77.80 9.81 -100.28
C ASP G 127 -78.22 8.61 -99.47
N GLN G 128 -77.97 7.42 -99.97
CA GLN G 128 -78.41 6.20 -99.32
C GLN G 128 -77.37 5.59 -98.41
N LEU G 129 -76.22 6.24 -98.23
CA LEU G 129 -75.17 5.76 -97.33
C LEU G 129 -74.79 4.33 -97.67
N ASN G 130 -74.24 4.17 -98.87
CA ASN G 130 -73.94 2.80 -99.25
C ASN G 130 -72.49 2.69 -99.68
N PRO G 131 -71.85 1.62 -99.32
CA PRO G 131 -70.50 1.34 -99.84
C PRO G 131 -70.54 0.98 -101.31
N ALA G 132 -69.44 0.48 -101.81
CA ALA G 132 -69.15 0.44 -103.24
C ALA G 132 -69.81 -0.73 -103.96
N TYR G 133 -70.63 -1.50 -103.25
CA TYR G 133 -71.24 -2.68 -103.87
C TYR G 133 -72.65 -2.39 -104.29
N ALA H 2 30.68 47.23 119.51
CA ALA H 2 30.13 46.51 120.65
C ALA H 2 28.76 45.93 120.30
N LYS H 3 28.07 45.44 121.32
CA LYS H 3 26.78 44.79 121.14
C LYS H 3 25.75 45.78 120.63
N LEU H 4 24.91 45.30 119.73
CA LEU H 4 23.71 46.03 119.35
C LEU H 4 22.90 46.31 120.60
N GLU H 5 22.51 47.56 120.79
CA GLU H 5 21.73 47.94 121.95
C GLU H 5 20.70 48.97 121.55
N THR H 6 19.88 49.35 122.52
CA THR H 6 18.99 50.49 122.34
C THR H 6 19.90 51.70 122.22
N VAL H 7 19.73 52.46 121.16
CA VAL H 7 20.56 53.64 120.97
C VAL H 7 19.67 54.86 121.10
N THR H 8 19.85 55.60 122.19
CA THR H 8 19.13 56.84 122.41
C THR H 8 19.90 57.97 121.75
N LEU H 9 19.19 58.92 121.17
CA LEU H 9 19.80 60.07 120.54
C LEU H 9 19.09 61.33 120.98
N GLY H 10 19.85 62.26 121.54
CA GLY H 10 19.34 63.56 121.89
C GLY H 10 19.80 64.59 120.87
N ASN H 11 19.24 65.79 120.99
CA ASN H 11 19.65 66.93 120.17
C ASN H 11 19.51 66.59 118.69
N ILE H 12 18.26 66.49 118.26
CA ILE H 12 17.92 66.05 116.92
C ILE H 12 17.03 67.11 116.29
N GLY H 13 17.11 67.22 114.97
CA GLY H 13 16.27 68.14 114.23
C GLY H 13 16.71 69.56 114.42
N LYS H 14 16.12 70.43 113.59
CA LYS H 14 16.43 71.85 113.65
C LYS H 14 16.28 72.39 115.07
N ASP H 15 15.28 71.88 115.79
CA ASP H 15 15.13 72.26 117.19
C ASP H 15 16.31 71.79 118.02
N GLY H 16 16.67 70.52 117.90
CA GLY H 16 17.62 69.95 118.83
C GLY H 16 16.98 69.48 120.11
N LYS H 17 15.66 69.64 120.24
CA LYS H 17 14.94 69.05 121.36
C LYS H 17 14.41 67.67 120.98
N GLN H 18 14.50 67.32 119.71
CA GLN H 18 14.05 66.02 119.25
C GLN H 18 14.95 64.93 119.79
N THR H 19 14.34 63.81 120.15
CA THR H 19 15.06 62.65 120.63
C THR H 19 14.59 61.41 119.89
N LEU H 20 15.46 60.42 119.81
CA LEU H 20 15.13 59.20 119.08
C LEU H 20 15.82 58.01 119.73
N VAL H 21 15.12 56.89 119.79
CA VAL H 21 15.69 55.65 120.25
C VAL H 21 15.66 54.66 119.09
N LEU H 22 16.60 53.72 119.11
CA LEU H 22 16.73 52.74 118.04
C LEU H 22 16.89 51.36 118.66
N ASN H 23 16.00 50.50 118.34
CA ASN H 23 16.21 49.17 118.88
C ASN H 23 17.03 48.33 117.92
N PRO H 24 17.83 47.41 118.45
CA PRO H 24 18.53 46.47 117.58
C PRO H 24 17.53 45.60 116.82
N ARG H 25 17.71 45.56 115.51
CA ARG H 25 16.83 44.79 114.64
C ARG H 25 17.41 43.44 114.28
N GLY H 26 18.57 43.09 114.81
CA GLY H 26 19.28 41.91 114.36
C GLY H 26 20.18 42.23 113.18
N VAL H 27 20.75 41.18 112.61
CA VAL H 27 21.72 41.33 111.53
C VAL H 27 21.34 40.37 110.42
N ASN H 28 21.22 40.90 109.21
CA ASN H 28 21.07 40.00 108.09
C ASN H 28 22.39 39.32 107.79
N PRO H 29 22.49 38.01 107.97
CA PRO H 29 23.77 37.34 107.76
C PRO H 29 24.19 37.27 106.31
N THR H 30 23.23 37.25 105.38
CA THR H 30 23.58 37.14 103.97
C THR H 30 24.53 38.25 103.55
N ASN H 31 24.04 39.47 103.48
CA ASN H 31 24.89 40.62 103.23
C ASN H 31 25.78 40.95 104.42
N GLY H 32 25.54 40.34 105.58
CA GLY H 32 26.30 40.67 106.75
C GLY H 32 26.12 42.10 107.18
N VAL H 33 24.87 42.54 107.37
CA VAL H 33 24.57 43.93 107.67
C VAL H 33 23.65 43.97 108.88
N ALA H 34 24.02 44.78 109.87
CA ALA H 34 23.18 45.01 111.02
C ALA H 34 22.05 45.97 110.66
N SER H 35 21.02 45.96 111.50
CA SER H 35 19.87 46.83 111.29
C SER H 35 19.41 47.39 112.64
N LEU H 36 19.01 48.66 112.62
CA LEU H 36 18.48 49.32 113.80
C LEU H 36 17.21 50.04 113.42
N SER H 37 16.29 50.18 114.37
CA SER H 37 15.06 50.86 114.05
C SER H 37 14.47 51.54 115.27
N GLN H 38 13.80 52.65 115.02
CA GLN H 38 12.84 53.18 115.96
C GLN H 38 11.73 52.15 116.18
N ALA H 39 11.18 52.14 117.39
CA ALA H 39 10.01 51.31 117.64
C ALA H 39 8.77 52.18 117.40
N GLY H 40 8.12 51.90 116.28
CA GLY H 40 6.87 52.54 115.95
C GLY H 40 5.72 51.55 115.99
N ALA H 41 4.68 51.87 115.21
CA ALA H 41 3.61 50.92 115.00
C ALA H 41 3.91 50.01 113.82
N VAL H 42 3.97 50.59 112.63
CA VAL H 42 4.16 49.80 111.42
C VAL H 42 5.64 49.82 111.04
N PRO H 43 6.30 48.65 110.98
CA PRO H 43 7.70 48.62 110.58
C PRO H 43 7.98 49.34 109.27
N ALA H 44 7.11 49.21 108.27
CA ALA H 44 7.24 49.98 107.06
C ALA H 44 7.34 51.47 107.34
N LEU H 45 6.62 51.96 108.33
CA LEU H 45 6.71 53.36 108.71
C LEU H 45 7.93 53.64 109.58
N GLU H 46 8.41 52.65 110.32
CA GLU H 46 9.43 52.88 111.32
C GLU H 46 10.75 53.25 110.67
N LYS H 47 11.47 54.15 111.31
CA LYS H 47 12.76 54.64 110.82
C LYS H 47 13.72 53.47 110.84
N ARG H 48 14.62 53.44 109.86
CA ARG H 48 15.59 52.35 109.80
C ARG H 48 17.00 52.91 109.76
N VAL H 49 17.93 52.18 110.37
CA VAL H 49 19.34 52.52 110.36
C VAL H 49 20.12 51.26 110.09
N THR H 50 21.02 51.31 109.12
CA THR H 50 21.78 50.16 108.69
C THR H 50 23.27 50.48 108.72
N VAL H 51 24.04 49.58 109.31
CA VAL H 51 25.48 49.70 109.32
C VAL H 51 26.08 48.38 108.85
N SER H 52 27.28 48.46 108.29
CA SER H 52 27.94 47.27 107.82
C SER H 52 29.44 47.51 107.82
N VAL H 53 30.18 46.42 107.99
CA VAL H 53 31.63 46.46 107.82
C VAL H 53 31.93 45.62 106.59
N SER H 54 33.21 45.48 106.28
CA SER H 54 33.64 44.68 105.15
C SER H 54 35.07 44.26 105.39
N GLN H 55 35.51 43.28 104.61
CA GLN H 55 36.89 42.86 104.71
C GLN H 55 37.45 42.66 103.31
N PRO H 56 38.72 42.97 103.11
CA PRO H 56 39.28 42.92 101.76
C PRO H 56 39.28 41.50 101.21
N SER H 57 38.99 41.39 99.93
CA SER H 57 38.95 40.10 99.26
C SER H 57 39.85 40.17 98.04
N ARG H 58 39.84 39.10 97.25
CA ARG H 58 40.49 39.14 95.95
C ARG H 58 39.89 40.18 95.02
N ASN H 59 38.64 40.58 95.27
CA ASN H 59 37.99 41.64 94.49
C ASN H 59 38.41 43.03 94.91
N ARG H 60 38.63 43.26 96.21
CA ARG H 60 39.01 44.58 96.68
C ARG H 60 39.92 44.42 97.89
N LYS H 61 40.94 45.27 97.95
CA LYS H 61 41.94 45.23 99.02
C LYS H 61 41.59 46.22 100.12
N ASN H 62 40.46 46.89 99.98
CA ASN H 62 40.13 47.99 100.87
C ASN H 62 38.95 47.63 101.75
N TYR H 63 38.92 48.23 102.93
CA TYR H 63 37.77 48.07 103.80
C TYR H 63 36.67 49.04 103.40
N LYS H 64 35.43 48.56 103.45
CA LYS H 64 34.26 49.39 103.21
C LYS H 64 33.42 49.40 104.47
N VAL H 65 33.00 50.59 104.87
CA VAL H 65 32.03 50.75 105.95
C VAL H 65 30.87 51.52 105.39
N GLN H 66 29.71 50.89 105.31
CA GLN H 66 28.53 51.47 104.69
C GLN H 66 27.47 51.71 105.75
N VAL H 67 26.89 52.90 105.72
CA VAL H 67 25.83 53.27 106.64
C VAL H 67 24.73 53.93 105.82
N LYS H 68 23.52 53.38 105.90
CA LYS H 68 22.37 53.91 105.20
C LYS H 68 21.27 54.20 106.19
N ILE H 69 20.51 55.26 105.93
CA ILE H 69 19.40 55.66 106.78
C ILE H 69 18.17 55.81 105.92
N GLN H 70 17.05 55.28 106.38
CA GLN H 70 15.81 55.28 105.64
C GLN H 70 14.72 55.84 106.54
N ASN H 71 14.16 56.99 106.16
CA ASN H 71 13.16 57.69 106.96
C ASN H 71 11.98 58.01 106.07
N PRO H 72 10.97 57.15 106.04
CA PRO H 72 9.81 57.41 105.19
C PRO H 72 8.99 58.57 105.71
N THR H 73 7.97 58.92 104.95
CA THR H 73 7.02 59.96 105.31
C THR H 73 5.63 59.35 105.35
N ALA H 74 5.07 59.29 106.55
CA ALA H 74 3.76 58.71 106.75
C ALA H 74 2.69 59.68 106.25
N CYS H 75 1.73 59.14 105.50
CA CYS H 75 0.50 59.88 105.20
C CYS H 75 -0.55 59.31 106.15
N THR H 76 -0.93 60.10 107.14
CA THR H 76 -1.85 59.61 108.18
C THR H 76 -3.23 59.36 107.58
N ALA H 77 -3.82 60.38 106.99
CA ALA H 77 -5.11 60.23 106.33
C ALA H 77 -4.87 60.18 104.84
N ASN H 78 -5.03 58.98 104.28
CA ASN H 78 -5.02 58.80 102.83
C ASN H 78 -6.43 58.79 102.26
N GLY H 79 -7.43 59.04 103.10
CA GLY H 79 -8.79 58.68 102.74
C GLY H 79 -9.08 57.22 102.99
N SER H 80 -8.13 56.50 103.57
CA SER H 80 -8.26 55.08 103.86
C SER H 80 -7.93 54.86 105.34
N CYS H 81 -8.28 53.69 105.85
CA CYS H 81 -8.13 53.39 107.26
C CYS H 81 -6.69 53.23 107.69
N ASP H 82 -5.76 53.06 106.76
CA ASP H 82 -4.38 52.80 107.15
C ASP H 82 -3.45 53.84 106.55
N PRO H 83 -2.43 54.25 107.29
CA PRO H 83 -1.46 55.19 106.73
C PRO H 83 -0.66 54.53 105.64
N SER H 84 -0.01 55.36 104.83
CA SER H 84 0.74 54.87 103.68
C SER H 84 2.03 55.65 103.51
N VAL H 85 3.05 54.96 103.00
CA VAL H 85 4.33 55.57 102.71
C VAL H 85 4.12 56.59 101.60
N THR H 86 4.67 57.78 101.79
CA THR H 86 4.57 58.80 100.75
C THR H 86 5.94 59.07 100.13
N ARG H 87 6.81 59.74 100.88
CA ARG H 87 8.15 60.04 100.44
C ARG H 87 9.12 59.21 101.27
N GLN H 88 10.22 58.81 100.64
CA GLN H 88 11.21 57.99 101.33
C GLN H 88 12.54 58.74 101.31
N ALA H 89 12.97 59.18 102.49
CA ALA H 89 14.23 59.91 102.60
C ALA H 89 15.37 58.91 102.63
N TYR H 90 16.35 59.10 101.76
CA TYR H 90 17.51 58.23 101.72
C TYR H 90 18.76 58.98 102.15
N ALA H 91 19.37 58.48 103.22
CA ALA H 91 20.62 59.03 103.71
C ALA H 91 21.65 57.91 103.66
N ASP H 92 22.69 58.09 102.86
CA ASP H 92 23.70 57.06 102.64
C ASP H 92 25.08 57.62 102.93
N VAL H 93 25.88 56.84 103.65
CA VAL H 93 27.24 57.19 104.02
C VAL H 93 28.11 55.96 103.83
N THR H 94 29.27 56.15 103.23
CA THR H 94 30.22 55.08 103.02
C THR H 94 31.60 55.48 103.51
N PHE H 95 32.47 54.49 103.65
CA PHE H 95 33.84 54.74 104.04
C PHE H 95 34.75 53.76 103.34
N SER H 96 35.93 54.25 102.96
CA SER H 96 36.94 53.42 102.37
C SER H 96 38.22 53.57 103.17
N PHE H 97 38.96 52.49 103.30
CA PHE H 97 40.22 52.51 104.03
C PHE H 97 41.15 51.47 103.44
N THR H 98 42.43 51.67 103.70
CA THR H 98 43.46 50.78 103.23
C THR H 98 43.92 49.90 104.37
N GLN H 99 44.32 48.68 104.04
CA GLN H 99 44.77 47.73 105.04
C GLN H 99 45.77 48.32 105.99
N TYR H 100 46.55 49.30 105.55
CA TYR H 100 47.50 49.95 106.43
C TYR H 100 46.92 51.19 107.12
N SER H 101 45.64 51.47 106.93
CA SER H 101 45.03 52.63 107.55
C SER H 101 45.23 52.57 109.06
N THR H 102 45.58 53.69 109.66
CA THR H 102 45.82 53.67 111.09
C THR H 102 44.54 54.06 111.84
N ASP H 103 44.64 54.05 113.16
CA ASP H 103 43.47 54.35 113.98
C ASP H 103 43.10 55.81 113.91
N GLU H 104 44.04 56.69 114.26
CA GLU H 104 43.70 58.10 114.40
C GLU H 104 43.22 58.69 113.09
N GLU H 105 43.85 58.28 111.97
CA GLU H 105 43.34 58.68 110.67
C GLU H 105 41.85 58.43 110.58
N ARG H 106 41.43 57.20 110.84
CA ARG H 106 40.01 56.90 110.84
C ARG H 106 39.28 57.77 111.84
N ALA H 107 39.72 57.76 113.09
CA ALA H 107 39.12 58.63 114.09
C ALA H 107 39.05 60.06 113.60
N PHE H 108 40.14 60.55 113.00
CA PHE H 108 40.11 61.88 112.43
C PHE H 108 38.97 62.05 111.44
N VAL H 109 38.74 61.04 110.61
CA VAL H 109 37.64 61.13 109.66
C VAL H 109 36.31 61.22 110.37
N ARG H 110 36.13 60.39 111.41
CA ARG H 110 34.82 60.31 112.03
C ARG H 110 34.36 61.67 112.53
N THR H 111 35.15 62.31 113.39
CA THR H 111 34.74 63.58 113.96
C THR H 111 34.46 64.62 112.88
N GLU H 112 35.45 64.89 112.03
CA GLU H 112 35.32 65.97 111.06
C GLU H 112 34.05 65.87 110.26
N LEU H 113 33.65 64.67 109.84
CA LEU H 113 32.40 64.54 109.13
C LEU H 113 31.25 65.07 109.97
N ALA H 114 31.21 64.69 111.25
CA ALA H 114 30.19 65.23 112.14
C ALA H 114 30.25 66.74 112.20
N ALA H 115 31.43 67.30 112.46
CA ALA H 115 31.56 68.74 112.53
C ALA H 115 30.99 69.42 111.30
N LEU H 116 31.30 68.90 110.11
CA LEU H 116 30.67 69.43 108.90
C LEU H 116 29.16 69.41 109.02
N LEU H 117 28.59 68.30 109.47
CA LEU H 117 27.15 68.22 109.59
C LEU H 117 26.61 69.30 110.51
N ALA H 118 27.40 69.74 111.49
CA ALA H 118 27.01 70.87 112.31
C ALA H 118 27.48 72.19 111.74
N SER H 119 28.30 72.16 110.71
CA SER H 119 28.80 73.40 110.13
C SER H 119 27.67 74.19 109.50
N PRO H 120 27.71 75.52 109.58
CA PRO H 120 26.70 76.34 108.91
C PRO H 120 26.70 76.17 107.41
N LEU H 121 27.76 75.63 106.84
CA LEU H 121 27.77 75.41 105.41
C LEU H 121 26.70 74.42 104.99
N LEU H 122 26.78 73.20 105.51
CA LEU H 122 25.91 72.13 105.02
C LEU H 122 24.44 72.39 105.30
N ILE H 123 24.12 73.08 106.39
CA ILE H 123 22.73 73.23 106.75
C ILE H 123 21.93 73.86 105.62
N ASP H 124 22.42 74.95 105.04
CA ASP H 124 21.78 75.51 103.86
C ASP H 124 21.81 74.54 102.70
N ALA H 125 22.95 73.89 102.48
CA ALA H 125 23.04 72.83 101.50
C ALA H 125 22.02 71.74 101.73
N ILE H 126 21.91 71.23 102.95
CA ILE H 126 20.95 70.20 103.29
C ILE H 126 19.54 70.77 103.41
N ASP H 127 19.32 71.60 104.41
CA ASP H 127 17.96 72.03 104.71
C ASP H 127 17.33 72.81 103.58
N GLN H 128 18.00 73.86 103.12
CA GLN H 128 17.44 74.72 102.11
C GLN H 128 17.88 74.35 100.70
N LEU H 129 18.62 73.26 100.53
CA LEU H 129 19.04 72.78 99.22
C LEU H 129 19.76 73.89 98.45
N ASN H 130 20.89 74.30 98.98
CA ASN H 130 21.55 75.40 98.34
C ASN H 130 22.99 75.05 98.02
N PRO H 131 23.47 75.46 96.88
CA PRO H 131 24.89 75.30 96.58
C PRO H 131 25.73 76.25 97.42
N ALA H 132 26.99 76.38 97.05
CA ALA H 132 28.03 76.91 97.92
C ALA H 132 28.06 78.43 97.98
N TYR H 133 27.12 79.09 97.32
CA TYR H 133 27.14 80.54 97.28
C TYR H 133 26.17 81.12 98.30
N ALA I 2 17.99 39.11 120.16
CA ALA I 2 19.33 39.36 120.70
C ALA I 2 20.29 38.27 120.27
N LYS I 3 21.47 38.27 120.87
CA LYS I 3 22.53 37.34 120.51
C LYS I 3 22.11 35.91 120.84
N LEU I 4 22.49 35.00 119.95
CA LEU I 4 22.41 33.58 120.24
C LEU I 4 23.21 33.31 121.51
N GLU I 5 22.59 32.62 122.46
CA GLU I 5 23.25 32.32 123.71
C GLU I 5 22.86 30.92 124.16
N THR I 6 23.47 30.49 125.26
CA THR I 6 23.02 29.26 125.92
C THR I 6 21.62 29.56 126.43
N VAL I 7 20.68 28.72 126.07
CA VAL I 7 19.31 28.94 126.52
C VAL I 7 18.95 27.82 127.49
N THR I 8 18.83 28.15 128.76
CA THR I 8 18.42 27.20 129.77
C THR I 8 16.90 27.19 129.82
N LEU I 9 16.32 26.02 130.02
CA LEU I 9 14.89 25.89 130.14
C LEU I 9 14.55 25.02 131.34
N GLY I 10 13.75 25.58 132.25
CA GLY I 10 13.23 24.83 133.38
C GLY I 10 11.79 24.45 133.12
N ASN I 11 11.26 23.61 134.01
CA ASN I 11 9.85 23.23 133.99
C ASN I 11 9.48 22.61 132.65
N ILE I 12 10.01 21.42 132.41
CA ILE I 12 9.88 20.74 131.14
C ILE I 12 9.29 19.37 131.39
N GLY I 13 8.57 18.85 130.40
CA GLY I 13 8.00 17.52 130.48
C GLY I 13 6.83 17.48 131.44
N LYS I 14 6.13 16.34 131.38
CA LYS I 14 4.97 16.14 132.24
C LYS I 14 5.32 16.39 133.70
N ASP I 15 6.53 16.03 134.11
CA ASP I 15 6.98 16.33 135.45
C ASP I 15 7.10 17.83 135.67
N GLY I 16 7.77 18.53 134.76
CA GLY I 16 8.11 19.91 135.03
C GLY I 16 9.37 20.05 135.84
N LYS I 17 10.00 18.94 136.22
CA LYS I 17 11.31 19.00 136.83
C LYS I 17 12.41 18.87 135.78
N GLN I 18 12.03 18.55 134.55
CA GLN I 18 12.99 18.43 133.47
C GLN I 18 13.55 19.79 133.12
N THR I 19 14.85 19.82 132.81
CA THR I 19 15.53 21.03 132.40
C THR I 19 16.32 20.75 131.13
N LEU I 20 16.55 21.80 130.35
CA LEU I 20 17.26 21.64 129.09
C LEU I 20 18.06 22.91 128.80
N VAL I 21 19.25 22.73 128.27
CA VAL I 21 20.06 23.83 127.81
C VAL I 21 20.27 23.68 126.31
N LEU I 22 20.45 24.81 125.64
CA LEU I 22 20.60 24.82 124.18
C LEU I 22 21.79 25.68 123.82
N ASN I 23 22.73 25.11 123.17
CA ASN I 23 23.83 25.96 122.77
C ASN I 23 23.57 26.56 121.40
N PRO I 24 24.05 27.77 121.16
CA PRO I 24 23.97 28.33 119.81
C PRO I 24 24.76 27.48 118.83
N ARG I 25 24.09 27.11 117.74
CA ARG I 25 24.70 26.28 116.71
C ARG I 25 25.21 27.10 115.54
N GLY I 26 25.10 28.42 115.60
CA GLY I 26 25.37 29.24 114.44
C GLY I 26 24.14 29.39 113.58
N VAL I 27 24.32 30.03 112.42
CA VAL I 27 23.23 30.34 111.53
C VAL I 27 23.59 29.90 110.13
N ASN I 28 22.73 29.12 109.50
CA ASN I 28 22.93 28.84 108.10
C ASN I 28 22.60 30.08 107.29
N PRO I 29 23.57 30.71 106.64
CA PRO I 29 23.29 31.93 105.89
C PRO I 29 22.46 31.70 104.64
N THR I 30 22.54 30.53 104.03
CA THR I 30 21.79 30.28 102.81
C THR I 30 20.30 30.53 103.02
N ASN I 31 19.65 29.66 103.77
CA ASN I 31 18.26 29.88 104.13
C ASN I 31 18.12 31.01 105.15
N GLY I 32 19.21 31.48 105.74
CA GLY I 32 19.12 32.50 106.75
C GLY I 32 18.38 32.00 107.98
N VAL I 33 18.81 30.89 108.56
CA VAL I 33 18.10 30.27 109.67
C VAL I 33 19.10 29.97 110.77
N ALA I 34 18.78 30.40 111.98
CA ALA I 34 19.57 30.08 113.15
C ALA I 34 19.31 28.65 113.59
N SER I 35 20.24 28.12 114.39
CA SER I 35 20.11 26.77 114.90
C SER I 35 20.57 26.74 116.34
N LEU I 36 19.87 25.95 117.15
CA LEU I 36 20.20 25.76 118.55
C LEU I 36 20.17 24.28 118.85
N SER I 37 20.98 23.85 119.81
CA SER I 37 20.98 22.43 120.13
C SER I 37 21.36 22.21 121.58
N GLN I 38 20.79 21.15 122.13
CA GLN I 38 21.35 20.53 123.33
C GLN I 38 22.77 20.05 123.03
N ALA I 39 23.62 20.07 124.05
CA ALA I 39 24.94 19.48 123.91
C ALA I 39 24.85 18.03 124.41
N GLY I 40 24.87 17.13 123.44
CA GLY I 40 24.90 15.71 123.73
C GLY I 40 26.22 15.10 123.32
N ALA I 41 26.17 13.81 123.04
CA ALA I 41 27.33 13.14 122.44
C ALA I 41 27.27 13.23 120.92
N VAL I 42 26.29 12.60 120.32
CA VAL I 42 26.19 12.53 118.87
C VAL I 42 25.24 13.62 118.39
N PRO I 43 25.71 14.55 117.56
CA PRO I 43 24.81 15.59 117.03
C PRO I 43 23.55 15.04 116.41
N ALA I 44 23.64 13.95 115.64
CA ALA I 44 22.45 13.29 115.13
C ALA I 44 21.45 12.97 116.23
N LEU I 45 21.94 12.59 117.41
CA LEU I 45 21.05 12.34 118.54
C LEU I 45 20.62 13.63 119.22
N GLU I 46 21.42 14.67 119.14
CA GLU I 46 21.20 15.87 119.94
C GLU I 46 19.95 16.59 119.47
N LYS I 47 19.22 17.15 120.43
CA LYS I 47 17.97 17.86 120.16
C LYS I 47 18.32 19.08 119.34
N ARG I 48 17.42 19.46 118.43
CA ARG I 48 17.67 20.63 117.61
C ARG I 48 16.52 21.62 117.72
N VAL I 49 16.84 22.90 117.63
CA VAL I 49 15.86 23.97 117.65
C VAL I 49 16.24 24.96 116.57
N THR I 50 15.29 25.29 115.71
CA THR I 50 15.53 26.17 114.58
C THR I 50 14.54 27.32 114.61
N VAL I 51 15.06 28.53 114.42
CA VAL I 51 14.23 29.71 114.31
C VAL I 51 14.65 30.48 113.07
N SER I 52 13.71 31.23 112.52
CA SER I 52 14.00 32.02 111.34
C SER I 52 13.05 33.20 111.29
N VAL I 53 13.52 34.27 110.67
CA VAL I 53 12.67 35.41 110.36
C VAL I 53 12.55 35.46 108.86
N SER I 54 11.85 36.45 108.35
CA SER I 54 11.69 36.63 106.93
C SER I 54 11.36 38.08 106.66
N GLN I 55 11.48 38.48 105.40
CA GLN I 55 11.10 39.83 105.05
C GLN I 55 10.32 39.81 103.74
N PRO I 56 9.33 40.69 103.61
CA PRO I 56 8.45 40.62 102.44
C PRO I 56 9.23 40.91 101.16
N SER I 57 8.86 40.17 100.11
CA SER I 57 9.51 40.31 98.82
C SER I 57 8.43 40.54 97.78
N ARG I 58 8.84 40.59 96.51
CA ARG I 58 7.88 40.59 95.43
C ARG I 58 7.01 39.34 95.41
N ASN I 59 7.49 38.25 96.01
CA ASN I 59 6.71 37.03 96.12
C ASN I 59 5.68 37.08 97.22
N ARG I 60 5.99 37.69 98.35
CA ARG I 60 5.06 37.74 99.47
C ARG I 60 5.26 39.06 100.20
N LYS I 61 4.15 39.66 100.62
CA LYS I 61 4.16 40.94 101.30
C LYS I 61 4.12 40.77 102.82
N ASN I 62 4.17 39.52 103.26
CA ASN I 62 3.95 39.22 104.66
C ASN I 62 5.23 38.70 105.31
N TYR I 63 5.36 38.95 106.59
CA TYR I 63 6.48 38.40 107.35
C TYR I 63 6.17 36.97 107.75
N LYS I 64 7.18 36.10 107.68
CA LYS I 64 7.07 34.73 108.14
C LYS I 64 8.09 34.53 109.25
N VAL I 65 7.64 33.92 110.35
CA VAL I 65 8.51 33.50 111.42
C VAL I 65 8.30 32.01 111.59
N GLN I 66 9.33 31.23 111.31
CA GLN I 66 9.24 29.79 111.32
C GLN I 66 10.10 29.24 112.44
N VAL I 67 9.53 28.31 113.21
CA VAL I 67 10.24 27.66 114.29
C VAL I 67 9.96 26.17 114.20
N LYS I 68 11.02 25.38 114.09
CA LYS I 68 10.90 23.94 114.01
C LYS I 68 11.73 23.31 115.11
N ILE I 69 11.24 22.19 115.64
CA ILE I 69 11.92 21.46 116.71
C ILE I 69 12.05 20.02 116.28
N GLN I 70 13.23 19.46 116.47
CA GLN I 70 13.53 18.10 116.05
C GLN I 70 14.12 17.35 117.24
N ASN I 71 13.41 16.33 117.71
CA ASN I 71 13.79 15.57 118.89
C ASN I 71 13.76 14.08 118.54
N PRO I 72 14.89 13.52 118.14
CA PRO I 72 14.91 12.11 117.77
C PRO I 72 14.73 11.23 119.00
N THR I 73 14.67 9.93 118.74
CA THR I 73 14.57 8.92 119.77
C THR I 73 15.76 7.97 119.64
N ALA I 74 16.65 8.01 120.61
CA ALA I 74 17.84 7.19 120.60
C ALA I 74 17.47 5.75 120.93
N CYS I 75 18.01 4.82 120.15
CA CYS I 75 17.98 3.40 120.52
C CYS I 75 19.36 3.09 121.06
N THR I 76 19.46 2.92 122.37
CA THR I 76 20.76 2.72 123.01
C THR I 76 21.38 1.41 122.58
N ALA I 77 20.67 0.31 122.80
CA ALA I 77 21.15 -1.00 122.37
C ALA I 77 20.38 -1.38 121.12
N ASN I 78 21.06 -1.33 119.99
CA ASN I 78 20.52 -1.85 118.74
C ASN I 78 21.01 -3.26 118.47
N GLY I 79 21.73 -3.86 119.41
CA GLY I 79 22.53 -5.03 119.09
C GLY I 79 23.84 -4.67 118.45
N SER I 80 24.14 -3.37 118.36
CA SER I 80 25.36 -2.87 117.75
C SER I 80 26.02 -1.92 118.75
N CYS I 81 27.28 -1.60 118.49
CA CYS I 81 28.06 -0.79 119.40
C CYS I 81 27.64 0.66 119.45
N ASP I 82 26.85 1.13 118.48
CA ASP I 82 26.51 2.53 118.45
C ASP I 82 25.00 2.71 118.48
N PRO I 83 24.51 3.73 119.17
CA PRO I 83 23.07 4.00 119.17
C PRO I 83 22.62 4.46 117.80
N SER I 84 21.32 4.40 117.57
CA SER I 84 20.76 4.73 116.27
C SER I 84 19.44 5.47 116.44
N VAL I 85 19.18 6.36 115.48
CA VAL I 85 17.93 7.11 115.45
C VAL I 85 16.79 6.13 115.21
N THR I 86 15.75 6.24 116.02
CA THR I 86 14.59 5.40 115.81
C THR I 86 13.40 6.20 115.31
N ARG I 87 12.80 7.01 116.18
CA ARG I 87 11.69 7.86 115.83
C ARG I 87 12.16 9.31 115.86
N GLN I 88 11.59 10.12 114.98
CA GLN I 88 12.00 11.52 114.90
C GLN I 88 10.76 12.38 115.16
N ALA I 89 10.75 13.06 116.29
CA ALA I 89 9.63 13.92 116.65
C ALA I 89 9.77 15.25 115.93
N TYR I 90 8.72 15.65 115.21
CA TYR I 90 8.73 16.91 114.51
C TYR I 90 7.75 17.89 115.13
N ALA I 91 8.27 19.01 115.60
CA ALA I 91 7.45 20.08 116.14
C ALA I 91 7.70 21.32 115.29
N ASP I 92 6.66 21.80 114.62
CA ASP I 92 6.77 22.92 113.71
C ASP I 92 5.79 24.01 114.09
N VAL I 93 6.27 25.25 114.08
CA VAL I 93 5.47 26.43 114.40
C VAL I 93 5.82 27.51 113.40
N THR I 94 4.80 28.18 112.88
CA THR I 94 4.99 29.27 111.94
C THR I 94 4.20 30.49 112.39
N PHE I 95 4.53 31.62 111.78
CA PHE I 95 3.83 32.86 112.07
C PHE I 95 3.73 33.68 110.80
N SER I 96 2.59 34.34 110.64
CA SER I 96 2.40 35.25 109.53
C SER I 96 1.99 36.60 110.09
N PHE I 97 2.46 37.66 109.45
CA PHE I 97 2.12 39.01 109.86
C PHE I 97 2.10 39.91 108.65
N THR I 98 1.43 41.04 108.81
CA THR I 98 1.31 42.03 107.76
C THR I 98 2.24 43.19 108.07
N GLN I 99 2.75 43.81 107.02
CA GLN I 99 3.66 44.92 107.17
C GLN I 99 3.14 45.96 108.15
N TYR I 100 1.83 46.09 108.29
CA TYR I 100 1.27 47.03 109.25
C TYR I 100 1.02 46.39 110.61
N SER I 101 1.39 45.13 110.79
CA SER I 101 1.15 44.47 112.07
C SER I 101 1.79 45.27 113.20
N THR I 102 1.08 45.43 114.30
CA THR I 102 1.63 46.22 115.38
C THR I 102 2.35 45.32 116.37
N ASP I 103 2.92 45.93 117.40
CA ASP I 103 3.69 45.18 118.37
C ASP I 103 2.79 44.33 119.25
N GLU I 104 1.83 44.95 119.93
CA GLU I 104 1.06 44.24 120.93
C GLU I 104 0.29 43.09 120.31
N GLU I 105 -0.26 43.30 119.11
CA GLU I 105 -0.89 42.21 118.38
C GLU I 105 0.02 41.00 118.36
N ARG I 106 1.25 41.19 117.89
CA ARG I 106 2.20 40.10 117.89
C ARG I 106 2.41 39.58 119.30
N ALA I 107 2.78 40.46 120.22
CA ALA I 107 2.91 40.06 121.62
C ALA I 107 1.69 39.30 122.10
N PHE I 108 0.51 39.80 121.78
CA PHE I 108 -0.71 39.09 122.13
C PHE I 108 -0.69 37.67 121.60
N VAL I 109 -0.22 37.48 120.37
CA VAL I 109 -0.16 36.13 119.82
C VAL I 109 0.81 35.27 120.61
N ARG I 110 1.96 35.82 120.97
CA ARG I 110 2.99 35.00 121.58
C ARG I 110 2.48 34.35 122.85
N THR I 111 2.01 35.15 123.80
CA THR I 111 1.57 34.58 125.07
C THR I 111 0.46 33.56 124.88
N GLU I 112 -0.64 33.95 124.24
CA GLU I 112 -1.79 33.06 124.15
C GLU I 112 -1.43 31.70 123.62
N LEU I 113 -0.56 31.61 122.63
CA LEU I 113 -0.13 30.30 122.16
C LEU I 113 0.47 29.50 123.29
N ALA I 114 1.34 30.12 124.08
CA ALA I 114 1.90 29.44 125.23
C ALA I 114 0.81 28.99 126.19
N ALA I 115 -0.08 29.90 126.56
CA ALA I 115 -1.16 29.53 127.47
C ALA I 115 -1.91 28.30 126.98
N LEU I 116 -2.25 28.26 125.70
CA LEU I 116 -2.86 27.06 125.15
C LEU I 116 -2.01 25.84 125.42
N LEU I 117 -0.71 25.93 125.19
CA LEU I 117 0.14 24.78 125.43
C LEU I 117 0.09 24.33 126.87
N ALA I 118 -0.18 25.24 127.80
CA ALA I 118 -0.43 24.86 129.18
C ALA I 118 -1.88 24.57 129.47
N SER I 119 -2.77 24.84 128.52
CA SER I 119 -4.18 24.60 128.74
C SER I 119 -4.45 23.10 128.88
N PRO I 120 -5.40 22.71 129.73
CA PRO I 120 -5.77 21.30 129.83
C PRO I 120 -6.34 20.75 128.54
N LEU I 121 -6.77 21.61 127.63
CA LEU I 121 -7.28 21.11 126.36
C LEU I 121 -6.20 20.37 125.58
N LEU I 122 -5.12 21.08 125.24
CA LEU I 122 -4.13 20.52 124.34
C LEU I 122 -3.42 19.31 124.91
N ILE I 123 -3.24 19.23 126.23
CA ILE I 123 -2.47 18.15 126.79
C ILE I 123 -3.03 16.80 126.39
N ASP I 124 -4.34 16.59 126.52
CA ASP I 124 -4.94 15.38 126.01
C ASP I 124 -4.80 15.27 124.51
N ALA I 125 -5.01 16.37 123.79
CA ALA I 125 -4.76 16.41 122.37
C ALA I 125 -3.34 16.03 122.03
N ILE I 126 -2.35 16.61 122.71
CA ILE I 126 -0.95 16.29 122.48
C ILE I 126 -0.58 14.95 123.11
N ASP I 127 -0.60 14.87 124.43
CA ASP I 127 -0.06 13.72 125.11
C ASP I 127 -0.82 12.45 124.76
N GLN I 128 -2.13 12.45 124.94
CA GLN I 128 -2.94 11.28 124.73
C GLN I 128 -3.54 11.20 123.34
N LEU I 129 -3.22 12.14 122.46
CA LEU I 129 -3.69 12.12 121.08
C LEU I 129 -5.22 12.03 121.04
N ASN I 130 -5.85 13.07 121.56
CA ASN I 130 -7.30 12.97 121.62
C ASN I 130 -7.93 14.18 120.97
N PRO I 131 -8.99 13.98 120.25
CA PRO I 131 -9.76 15.11 119.73
C PRO I 131 -10.50 15.83 120.85
N ALA I 132 -11.42 16.70 120.47
CA ALA I 132 -11.93 17.76 121.34
C ALA I 132 -13.02 17.27 122.29
N TYR I 133 -13.30 15.97 122.29
CA TYR I 133 -14.38 15.46 123.13
C TYR I 133 -13.82 14.86 124.40
N ALA J 2 78.96 6.87 103.61
CA ALA J 2 78.63 6.62 105.00
C ALA J 2 77.48 7.52 105.44
N LYS J 3 77.22 7.54 106.73
CA LYS J 3 76.12 8.29 107.31
C LYS J 3 76.34 9.78 107.11
N LEU J 4 75.24 10.47 106.82
CA LEU J 4 75.23 11.93 106.86
C LEU J 4 75.67 12.36 108.24
N GLU J 5 76.63 13.27 108.30
CA GLU J 5 77.13 13.75 109.58
C GLU J 5 77.42 15.24 109.47
N THR J 6 77.81 15.82 110.59
CA THR J 6 78.34 17.17 110.58
C THR J 6 79.65 17.10 109.82
N VAL J 7 79.78 17.94 108.80
CA VAL J 7 80.99 17.92 107.99
C VAL J 7 81.72 19.23 108.25
N THR J 8 82.84 19.16 108.94
CA THR J 8 83.68 20.32 109.19
C THR J 8 84.64 20.46 108.02
N LEU J 9 84.91 21.70 107.63
CA LEU J 9 85.84 21.98 106.54
C LEU J 9 86.79 23.08 106.98
N GLY J 10 88.08 22.78 106.92
CA GLY J 10 89.11 23.76 107.16
C GLY J 10 89.72 24.22 105.84
N ASN J 11 90.55 25.25 105.93
CA ASN J 11 91.30 25.73 104.79
C ASN J 11 90.37 26.11 103.64
N ILE J 12 89.64 27.19 103.86
CA ILE J 12 88.59 27.61 102.94
C ILE J 12 88.87 29.05 102.55
N GLY J 13 88.44 29.44 101.36
CA GLY J 13 88.58 30.80 100.88
C GLY J 13 90.01 31.12 100.54
N LYS J 14 90.16 32.28 99.90
CA LYS J 14 91.49 32.75 99.49
C LYS J 14 92.45 32.75 100.67
N ASP J 15 91.95 33.08 101.86
CA ASP J 15 92.78 33.00 103.05
C ASP J 15 93.17 31.57 103.36
N GLY J 16 92.21 30.66 103.37
CA GLY J 16 92.49 29.33 103.87
C GLY J 16 92.38 29.23 105.37
N LYS J 17 92.05 30.35 106.04
CA LYS J 17 91.75 30.29 107.45
C LYS J 17 90.26 30.14 107.67
N GLN J 18 89.47 30.24 106.61
CA GLN J 18 88.03 30.06 106.70
C GLN J 18 87.70 28.61 107.00
N THR J 19 86.69 28.43 107.84
CA THR J 19 86.20 27.10 108.19
C THR J 19 84.69 27.06 108.03
N LEU J 20 84.16 25.87 107.78
CA LEU J 20 82.73 25.72 107.57
C LEU J 20 82.28 24.36 108.09
N VAL J 21 81.11 24.33 108.70
CA VAL J 21 80.49 23.10 109.11
C VAL J 21 79.18 22.94 108.35
N LEU J 22 78.78 21.70 108.14
CA LEU J 22 77.57 21.39 107.38
C LEU J 22 76.75 20.38 108.15
N ASN J 23 75.56 20.74 108.46
CA ASN J 23 74.77 19.73 109.13
C ASN J 23 73.99 18.91 108.12
N PRO J 24 73.76 17.64 108.41
CA PRO J 24 72.88 16.84 107.56
C PRO J 24 71.49 17.42 107.55
N ARG J 25 70.97 17.63 106.33
CA ARG J 25 69.64 18.18 106.14
C ARG J 25 68.60 17.11 105.87
N GLY J 26 68.97 15.85 105.88
CA GLY J 26 68.08 14.80 105.43
C GLY J 26 68.21 14.59 103.94
N VAL J 27 67.33 13.73 103.42
CA VAL J 27 67.38 13.35 102.02
C VAL J 27 65.99 13.48 101.44
N ASN J 28 65.88 14.20 100.33
CA ASN J 28 64.61 14.18 99.61
C ASN J 28 64.44 12.84 98.93
N PRO J 29 63.47 12.03 99.33
CA PRO J 29 63.31 10.70 98.71
C PRO J 29 62.83 10.76 97.29
N THR J 30 62.07 11.79 96.91
CA THR J 30 61.53 11.85 95.57
C THR J 30 62.65 11.78 94.53
N ASN J 31 63.44 12.83 94.43
CA ASN J 31 64.61 12.80 93.56
C ASN J 31 65.70 11.91 94.13
N GLY J 32 65.59 11.46 95.37
CA GLY J 32 66.64 10.67 95.97
C GLY J 32 67.92 11.45 96.11
N VAL J 33 67.88 12.60 96.74
CA VAL J 33 69.04 13.49 96.83
C VAL J 33 69.22 13.92 98.27
N ALA J 34 70.43 13.75 98.79
CA ALA J 34 70.78 14.22 100.11
C ALA J 34 70.99 15.73 100.10
N SER J 35 70.94 16.31 101.29
CA SER J 35 71.13 17.74 101.43
C SER J 35 71.96 18.01 102.68
N LEU J 36 72.85 19.00 102.57
CA LEU J 36 73.69 19.43 103.68
C LEU J 36 73.63 20.93 103.76
N SER J 37 73.78 21.47 104.97
CA SER J 37 73.75 22.92 105.09
C SER J 37 74.59 23.38 106.25
N GLN J 38 75.14 24.58 106.10
CA GLN J 38 75.59 25.36 107.23
C GLN J 38 74.42 25.65 108.14
N ALA J 39 74.69 25.76 109.44
CA ALA J 39 73.65 26.20 110.36
C ALA J 39 73.79 27.71 110.53
N GLY J 40 72.86 28.42 109.91
CA GLY J 40 72.77 29.85 110.03
C GLY J 40 71.53 30.25 110.80
N ALA J 41 71.07 31.48 110.53
CA ALA J 41 69.79 31.91 111.04
C ALA J 41 68.68 31.54 110.08
N VAL J 42 68.68 32.13 108.89
CA VAL J 42 67.60 31.92 107.93
C VAL J 42 68.03 30.84 106.94
N PRO J 43 67.31 29.74 106.85
CA PRO J 43 67.65 28.69 105.87
C PRO J 43 67.82 29.22 104.46
N ALA J 44 66.97 30.13 104.01
CA ALA J 44 67.16 30.78 102.73
C ALA J 44 68.53 31.38 102.59
N LEU J 45 69.07 31.94 103.68
CA LEU J 45 70.43 32.48 103.65
C LEU J 45 71.47 31.38 103.80
N GLU J 46 71.15 30.28 104.44
CA GLU J 46 72.14 29.28 104.81
C GLU J 46 72.68 28.59 103.56
N LYS J 47 73.98 28.29 103.61
CA LYS J 47 74.67 27.66 102.49
C LYS J 47 74.08 26.26 102.33
N ARG J 48 74.00 25.80 101.09
CA ARG J 48 73.45 24.48 100.84
C ARG J 48 74.43 23.64 100.04
N VAL J 49 74.43 22.33 100.32
CA VAL J 49 75.25 21.38 99.61
C VAL J 49 74.39 20.17 99.30
N THR J 50 74.39 19.76 98.04
CA THR J 50 73.55 18.67 97.58
C THR J 50 74.39 17.63 96.88
N VAL J 51 74.18 16.36 97.24
CA VAL J 51 74.84 15.26 96.56
C VAL J 51 73.79 14.23 96.19
N SER J 52 74.09 13.48 95.15
CA SER J 52 73.17 12.45 94.69
C SER J 52 73.94 11.36 93.98
N VAL J 53 73.39 10.16 94.03
CA VAL J 53 73.90 9.06 93.24
C VAL J 53 72.84 8.73 92.22
N SER J 54 73.07 7.72 91.40
CA SER J 54 72.11 7.29 90.41
C SER J 54 72.41 5.84 90.06
N GLN J 55 71.45 5.20 89.40
CA GLN J 55 71.67 3.84 88.97
C GLN J 55 71.14 3.68 87.55
N PRO J 56 71.81 2.88 86.74
CA PRO J 56 71.43 2.80 85.33
C PRO J 56 70.04 2.21 85.17
N SER J 57 69.30 2.75 84.21
CA SER J 57 67.95 2.32 83.93
C SER J 57 67.85 1.98 82.45
N ARG J 58 66.64 1.66 82.01
CA ARG J 58 66.39 1.53 80.58
C ARG J 58 66.64 2.82 79.83
N ASN J 59 66.60 3.97 80.51
CA ASN J 59 66.90 5.25 79.91
C ASN J 59 68.39 5.51 79.76
N ARG J 60 69.19 5.09 80.73
CA ARG J 60 70.62 5.33 80.68
C ARG J 60 71.34 4.16 81.35
N LYS J 61 72.45 3.76 80.77
CA LYS J 61 73.23 2.63 81.26
C LYS J 61 74.38 3.10 82.13
N ASN J 62 74.44 4.40 82.38
CA ASN J 62 75.59 4.98 83.05
C ASN J 62 75.21 5.49 84.42
N TYR J 63 76.17 5.49 85.33
CA TYR J 63 75.95 6.08 86.64
C TYR J 63 76.16 7.59 86.57
N LYS J 64 75.31 8.32 87.28
CA LYS J 64 75.46 9.77 87.41
C LYS J 64 75.66 10.09 88.87
N VAL J 65 76.65 10.93 89.16
CA VAL J 65 76.85 11.47 90.49
C VAL J 65 76.81 12.99 90.35
N GLN J 66 75.81 13.60 90.94
CA GLN J 66 75.58 15.03 90.81
C GLN J 66 75.81 15.71 92.14
N VAL J 67 76.56 16.81 92.11
CA VAL J 67 76.84 17.59 93.30
C VAL J 67 76.63 19.05 92.95
N LYS J 68 75.74 19.72 93.67
CA LYS J 68 75.46 21.12 93.46
C LYS J 68 75.67 21.88 94.76
N ILE J 69 76.15 23.12 94.64
CA ILE J 69 76.41 23.97 95.79
C ILE J 69 75.71 25.30 95.55
N GLN J 70 75.03 25.78 96.58
CA GLN J 70 74.25 27.01 96.49
C GLN J 70 74.66 27.91 97.64
N ASN J 71 75.25 29.06 97.30
CA ASN J 71 75.77 30.00 98.29
C ASN J 71 75.21 31.38 97.98
N PRO J 72 74.10 31.76 98.60
CA PRO J 72 73.52 33.07 98.31
C PRO J 72 74.39 34.19 98.88
N THR J 73 73.96 35.41 98.61
CA THR J 73 74.61 36.60 99.12
C THR J 73 73.60 37.40 99.92
N ALA J 74 73.81 37.47 101.21
CA ALA J 74 72.92 38.19 102.10
C ALA J 74 73.10 39.68 101.94
N CYS J 75 71.99 40.40 101.84
CA CYS J 75 72.00 41.86 101.97
C CYS J 75 71.52 42.14 103.38
N THR J 76 72.43 42.56 104.25
CA THR J 76 72.09 42.76 105.65
C THR J 76 71.12 43.91 105.81
N ALA J 77 71.50 45.09 105.33
CA ALA J 77 70.61 46.24 105.39
C ALA J 77 70.04 46.45 103.99
N ASN J 78 68.77 46.12 103.84
CA ASN J 78 68.03 46.43 102.63
C ASN J 78 67.23 47.72 102.78
N GLY J 79 67.40 48.43 103.89
CA GLY J 79 66.44 49.44 104.27
C GLY J 79 65.23 48.86 104.94
N SER J 80 65.23 47.55 105.17
CA SER J 80 64.13 46.83 105.80
C SER J 80 64.68 46.04 106.97
N CYS J 81 63.78 45.57 107.83
CA CYS J 81 64.17 44.89 109.05
C CYS J 81 64.76 43.51 108.83
N ASP J 82 64.60 42.94 107.63
CA ASP J 82 65.07 41.59 107.41
C ASP J 82 66.04 41.55 106.25
N PRO J 83 67.08 40.72 106.33
CA PRO J 83 68.00 40.58 105.21
C PRO J 83 67.31 39.90 104.04
N SER J 84 67.91 40.04 102.87
CA SER J 84 67.32 39.51 101.65
C SER J 84 68.39 38.93 100.74
N VAL J 85 68.00 37.89 99.99
CA VAL J 85 68.89 37.26 99.03
C VAL J 85 69.20 38.26 97.94
N THR J 86 70.48 38.40 97.60
CA THR J 86 70.85 39.29 96.52
C THR J 86 71.35 38.51 95.31
N ARG J 87 72.54 37.94 95.43
CA ARG J 87 73.12 37.12 94.37
C ARG J 87 73.15 35.68 94.83
N GLN J 88 72.98 34.77 93.89
CA GLN J 88 72.96 33.35 94.23
C GLN J 88 74.08 32.67 93.45
N ALA J 89 75.10 32.21 94.18
CA ALA J 89 76.23 31.53 93.55
C ALA J 89 75.85 30.08 93.28
N TYR J 90 76.03 29.65 92.04
CA TYR J 90 75.73 28.27 91.68
C TYR J 90 77.01 27.52 91.34
N ALA J 91 77.27 26.47 92.10
CA ALA J 91 78.41 25.60 91.83
C ALA J 91 77.86 24.21 91.58
N ASP J 92 78.08 23.69 90.37
CA ASP J 92 77.52 22.41 89.95
C ASP J 92 78.64 21.49 89.47
N VAL J 93 78.58 20.24 89.91
CA VAL J 93 79.55 19.23 89.54
C VAL J 93 78.79 17.94 89.26
N THR J 94 79.15 17.27 88.17
CA THR J 94 78.53 16.01 87.80
C THR J 94 79.60 14.98 87.52
N PHE J 95 79.17 13.72 87.47
CA PHE J 95 80.07 12.63 87.14
C PHE J 95 79.31 11.59 86.33
N SER J 96 80.02 11.00 85.37
CA SER J 96 79.47 9.92 84.59
C SER J 96 80.41 8.74 84.67
N PHE J 97 79.85 7.54 84.70
CA PHE J 97 80.66 6.33 84.76
C PHE J 97 79.92 5.21 84.05
N THR J 98 80.67 4.20 83.67
CA THR J 98 80.14 3.05 82.99
C THR J 98 80.05 1.89 83.97
N GLN J 99 79.07 1.04 83.77
CA GLN J 99 78.85 -0.09 84.65
C GLN J 99 80.13 -0.88 84.89
N TYR J 100 81.05 -0.86 83.94
CA TYR J 100 82.32 -1.56 84.13
C TYR J 100 83.39 -0.65 84.72
N SER J 101 83.06 0.58 85.07
CA SER J 101 84.04 1.50 85.63
C SER J 101 84.68 0.88 86.85
N THR J 102 86.00 0.99 86.96
CA THR J 102 86.66 0.39 88.11
C THR J 102 86.80 1.40 89.23
N ASP J 103 87.36 0.94 90.35
CA ASP J 103 87.50 1.80 91.51
C ASP J 103 88.54 2.87 91.29
N GLU J 104 89.77 2.47 90.98
CA GLU J 104 90.87 3.43 90.94
C GLU J 104 90.63 4.50 89.90
N GLU J 105 90.08 4.10 88.74
CA GLU J 105 89.68 5.09 87.75
C GLU J 105 88.86 6.20 88.39
N ARG J 106 87.80 5.82 89.08
CA ARG J 106 87.00 6.81 89.79
C ARG J 106 87.85 7.57 90.78
N ALA J 107 88.52 6.84 91.68
CA ALA J 107 89.42 7.48 92.62
C ALA J 107 90.38 8.42 91.90
N PHE J 108 90.96 7.97 90.79
CA PHE J 108 91.82 8.84 90.01
C PHE J 108 91.10 10.13 89.63
N VAL J 109 89.84 10.04 89.24
CA VAL J 109 89.10 11.24 88.89
C VAL J 109 88.96 12.16 90.08
N ARG J 110 88.64 11.59 91.24
CA ARG J 110 88.32 12.43 92.39
C ARG J 110 89.48 13.35 92.73
N THR J 111 90.66 12.79 92.97
CA THR J 111 91.78 13.62 93.37
C THR J 111 92.09 14.68 92.33
N GLU J 112 92.35 14.27 91.09
CA GLU J 112 92.80 15.21 90.08
C GLU J 112 91.91 16.43 89.97
N LEU J 113 90.59 16.24 90.05
CA LEU J 113 89.71 17.39 90.03
C LEU J 113 90.05 18.36 91.16
N ALA J 114 90.24 17.82 92.37
CA ALA J 114 90.66 18.66 93.47
C ALA J 114 91.96 19.38 93.17
N ALA J 115 92.98 18.63 92.74
CA ALA J 115 94.26 19.25 92.42
C ALA J 115 94.08 20.43 91.47
N LEU J 116 93.29 20.24 90.42
CA LEU J 116 93.00 21.37 89.54
C LEU J 116 92.45 22.54 90.32
N LEU J 117 91.50 22.30 91.21
CA LEU J 117 90.94 23.39 91.97
C LEU J 117 91.98 24.12 92.79
N ALA J 118 93.04 23.43 93.17
CA ALA J 118 94.17 24.09 93.81
C ALA J 118 95.22 24.55 92.81
N SER J 119 95.09 24.17 91.54
CA SER J 119 96.07 24.57 90.56
C SER J 119 96.03 26.08 90.35
N PRO J 120 97.18 26.70 90.10
CA PRO J 120 97.20 28.13 89.80
C PRO J 120 96.44 28.48 88.54
N LEU J 121 96.17 27.50 87.68
CA LEU J 121 95.40 27.80 86.48
C LEU J 121 94.00 28.27 86.83
N LEU J 122 93.22 27.43 87.51
CA LEU J 122 91.82 27.72 87.70
C LEU J 122 91.58 28.95 88.55
N ILE J 123 92.48 29.27 89.48
CA ILE J 123 92.21 30.36 90.40
C ILE J 123 91.97 31.66 89.63
N ASP J 124 92.82 31.99 88.67
CA ASP J 124 92.55 33.12 87.81
C ASP J 124 91.29 32.94 87.00
N ALA J 125 91.10 31.74 86.46
CA ALA J 125 89.85 31.40 85.80
C ALA J 125 88.65 31.60 86.69
N ILE J 126 88.69 31.08 87.92
CA ILE J 126 87.60 31.23 88.85
C ILE J 126 87.59 32.62 89.47
N ASP J 127 88.60 32.94 90.26
CA ASP J 127 88.56 34.18 91.04
C ASP J 127 88.50 35.41 90.16
N GLN J 128 89.44 35.55 89.23
CA GLN J 128 89.51 36.73 88.41
C GLN J 128 88.80 36.59 87.08
N LEU J 129 88.12 35.47 86.84
CA LEU J 129 87.35 35.26 85.63
C LEU J 129 88.22 35.48 84.39
N ASN J 130 89.22 34.62 84.26
CA ASN J 130 90.12 34.84 83.15
C ASN J 130 90.25 33.59 82.31
N PRO J 131 90.30 33.73 81.01
CA PRO J 131 90.60 32.59 80.15
C PRO J 131 92.05 32.18 80.29
N ALA J 132 92.49 31.32 79.38
CA ALA J 132 93.69 30.51 79.56
C ALA J 132 94.97 31.25 79.26
N TYR J 133 94.88 32.54 78.97
CA TYR J 133 96.08 33.28 78.60
C TYR J 133 96.60 34.08 79.79
N ALA K 2 64.50 14.85 113.40
CA ALA K 2 65.38 13.75 113.76
C ALA K 2 64.82 12.43 113.25
N LYS K 3 65.41 11.34 113.70
CA LYS K 3 65.06 10.01 113.25
C LYS K 3 63.63 9.67 113.68
N LEU K 4 62.91 9.00 112.79
CA LEU K 4 61.65 8.37 113.14
C LEU K 4 61.90 7.44 114.31
N GLU K 5 61.09 7.56 115.35
CA GLU K 5 61.24 6.72 116.52
C GLU K 5 59.86 6.37 117.06
N THR K 6 59.86 5.53 118.09
CA THR K 6 58.64 5.30 118.84
C THR K 6 58.31 6.61 119.52
N VAL K 7 57.09 7.09 119.31
CA VAL K 7 56.69 8.34 119.92
C VAL K 7 55.62 8.05 120.96
N THR K 8 55.98 8.19 122.22
CA THR K 8 55.03 8.03 123.31
C THR K 8 54.33 9.35 123.55
N LEU K 9 53.05 9.29 123.87
CA LEU K 9 52.28 10.48 124.15
C LEU K 9 51.47 10.25 125.42
N GLY K 10 51.67 11.14 126.40
CA GLY K 10 50.87 11.14 127.60
C GLY K 10 49.83 12.26 127.55
N ASN K 11 48.95 12.24 128.52
CA ASN K 11 47.96 13.30 128.69
C ASN K 11 47.11 13.46 127.43
N ILE K 12 46.28 12.46 127.18
CA ILE K 12 45.52 12.37 125.95
C ILE K 12 44.05 12.22 126.32
N GLY K 13 43.17 12.69 125.45
CA GLY K 13 41.74 12.57 125.64
C GLY K 13 41.25 13.50 126.73
N LYS K 14 39.92 13.58 126.81
CA LYS K 14 39.28 14.43 127.81
C LYS K 14 39.81 14.10 129.20
N ASP K 15 40.07 12.83 129.47
CA ASP K 15 40.67 12.45 130.74
C ASP K 15 42.07 13.03 130.89
N GLY K 16 42.91 12.86 129.88
CA GLY K 16 44.31 13.18 130.05
C GLY K 16 45.09 12.06 130.69
N LYS K 17 44.43 10.95 131.02
CA LYS K 17 45.15 9.78 131.48
C LYS K 17 45.45 8.84 130.31
N GLN K 18 44.89 9.13 129.15
CA GLN K 18 45.12 8.34 127.96
C GLN K 18 46.55 8.51 127.49
N THR K 19 47.14 7.42 127.03
CA THR K 19 48.49 7.43 126.49
C THR K 19 48.49 6.71 125.15
N LEU K 20 49.45 7.08 124.31
CA LEU K 20 49.53 6.49 122.98
C LEU K 20 50.99 6.41 122.55
N VAL K 21 51.34 5.33 121.88
CA VAL K 21 52.65 5.18 121.28
C VAL K 21 52.47 5.07 119.78
N LEU K 22 53.49 5.50 119.04
CA LEU K 22 53.45 5.50 117.59
C LEU K 22 54.73 4.89 117.05
N ASN K 23 54.59 3.85 116.31
CA ASN K 23 55.81 3.33 115.75
C ASN K 23 56.10 3.96 114.40
N PRO K 24 57.37 4.12 114.06
CA PRO K 24 57.70 4.58 112.72
C PRO K 24 57.23 3.58 111.68
N ARG K 25 56.50 4.09 110.70
CA ARG K 25 55.96 3.26 109.63
C ARG K 25 56.81 3.30 108.37
N GLY K 26 57.92 4.01 108.38
CA GLY K 26 58.67 4.26 107.17
C GLY K 26 58.16 5.50 106.47
N VAL K 27 58.70 5.74 105.28
CA VAL K 27 58.39 6.93 104.51
C VAL K 27 58.05 6.53 103.09
N ASN K 28 56.91 6.98 102.61
CA ASN K 28 56.64 6.80 101.20
C ASN K 28 57.50 7.74 100.39
N PRO K 29 58.44 7.23 99.60
CA PRO K 29 59.32 8.13 98.85
C PRO K 29 58.63 8.87 97.73
N THR K 30 57.57 8.31 97.17
CA THR K 30 56.90 8.96 96.05
C THR K 30 56.46 10.36 96.42
N ASN K 31 55.45 10.46 97.28
CA ASN K 31 55.03 11.75 97.80
C ASN K 31 56.05 12.31 98.79
N GLY K 32 57.02 11.51 99.22
CA GLY K 32 57.97 11.98 100.20
C GLY K 32 57.31 12.29 101.53
N VAL K 33 56.58 11.34 102.09
CA VAL K 33 55.81 11.57 103.30
C VAL K 33 56.09 10.45 104.28
N ALA K 34 56.44 10.82 105.50
CA ALA K 34 56.62 9.87 106.57
C ALA K 34 55.28 9.39 107.10
N SER K 35 55.32 8.26 107.80
CA SER K 35 54.11 7.69 108.37
C SER K 35 54.42 7.14 109.75
N LEU K 36 53.47 7.32 110.67
CA LEU K 36 53.59 6.80 112.01
C LEU K 36 52.29 6.11 112.37
N SER K 37 52.37 5.11 113.24
CA SER K 37 51.14 4.41 113.61
C SER K 37 51.26 3.84 115.01
N GLN K 38 50.11 3.79 115.67
CA GLN K 38 49.93 2.90 116.79
C GLN K 38 50.12 1.47 116.35
N ALA K 39 50.63 0.64 117.26
CA ALA K 39 50.70 -0.79 116.99
C ALA K 39 49.44 -1.44 117.53
N GLY K 40 48.56 -1.79 116.61
CA GLY K 40 47.34 -2.52 116.94
C GLY K 40 47.39 -3.92 116.40
N ALA K 41 46.20 -4.46 116.17
CA ALA K 41 46.09 -5.73 115.47
C ALA K 41 46.01 -5.50 113.96
N VAL K 42 44.93 -4.88 113.51
CA VAL K 42 44.71 -4.69 112.09
C VAL K 42 45.18 -3.30 111.68
N PRO K 43 46.15 -3.20 110.77
CA PRO K 43 46.60 -1.88 110.31
C PRO K 43 45.47 -0.97 109.86
N ALA K 44 44.49 -1.49 109.15
CA ALA K 44 43.31 -0.72 108.80
C ALA K 44 42.67 -0.09 110.03
N LEU K 45 42.66 -0.80 111.15
CA LEU K 45 42.13 -0.24 112.40
C LEU K 45 43.13 0.68 113.07
N GLU K 46 44.42 0.47 112.86
CA GLU K 46 45.44 1.16 113.64
C GLU K 46 45.46 2.64 113.30
N LYS K 47 45.70 3.46 114.32
CA LYS K 47 45.72 4.91 114.17
C LYS K 47 46.90 5.26 113.28
N ARG K 48 46.73 6.29 112.47
CA ARG K 48 47.80 6.70 111.57
C ARG K 48 48.15 8.17 111.80
N VAL K 49 49.43 8.49 111.62
CA VAL K 49 49.92 9.85 111.72
C VAL K 49 50.87 10.08 110.56
N THR K 50 50.65 11.16 109.83
CA THR K 50 51.42 11.46 108.63
C THR K 50 51.99 12.86 108.74
N VAL K 51 53.28 12.99 108.45
CA VAL K 51 53.93 14.29 108.39
C VAL K 51 54.69 14.39 107.08
N SER K 52 54.87 15.62 106.63
CA SER K 52 55.59 15.84 105.39
C SER K 52 56.20 17.22 105.41
N VAL K 53 57.31 17.37 104.70
CA VAL K 53 57.89 18.67 104.46
C VAL K 53 57.74 18.95 102.98
N SER K 54 58.25 20.09 102.53
CA SER K 54 58.20 20.43 101.13
C SER K 54 59.32 21.43 100.86
N GLN K 55 59.60 21.63 99.58
CA GLN K 55 60.60 22.62 99.22
C GLN K 55 60.10 23.42 98.03
N PRO K 56 60.40 24.71 97.98
CA PRO K 56 59.83 25.56 96.92
C PRO K 56 60.32 25.13 95.55
N SER K 57 59.42 25.20 94.59
CA SER K 57 59.72 24.82 93.22
C SER K 57 59.34 25.97 92.31
N ARG K 58 59.45 25.75 91.01
CA ARG K 58 58.91 26.69 90.04
C ARG K 58 57.41 26.86 90.18
N ASN K 59 56.72 25.88 90.75
CA ASN K 59 55.29 25.99 91.00
C ASN K 59 54.94 26.81 92.22
N ARG K 60 55.74 26.72 93.29
CA ARG K 60 55.47 27.46 94.51
C ARG K 60 56.78 27.83 95.16
N LYS K 61 56.83 29.05 95.69
CA LYS K 61 58.03 29.58 96.32
C LYS K 61 57.99 29.39 97.82
N ASN K 62 56.95 28.72 98.31
CA ASN K 62 56.72 28.65 99.74
C ASN K 62 56.91 27.24 100.23
N TYR K 63 57.30 27.11 101.49
CA TYR K 63 57.40 25.80 102.12
C TYR K 63 56.03 25.37 102.61
N LYS K 64 55.73 24.08 102.44
CA LYS K 64 54.51 23.48 102.97
C LYS K 64 54.90 22.40 103.96
N VAL K 65 54.25 22.41 105.12
CA VAL K 65 54.39 21.34 106.09
C VAL K 65 52.98 20.82 106.34
N GLN K 66 52.74 19.58 105.95
CA GLN K 66 51.43 18.98 106.04
C GLN K 66 51.44 17.86 107.06
N VAL K 67 50.43 17.86 107.93
CA VAL K 67 50.27 16.83 108.94
C VAL K 67 48.83 16.39 108.94
N LYS K 68 48.61 15.10 108.73
CA LYS K 68 47.28 14.53 108.72
C LYS K 68 47.20 13.40 109.73
N ILE K 69 46.04 13.26 110.36
CA ILE K 69 45.81 12.23 111.35
C ILE K 69 44.55 11.48 110.97
N GLN K 70 44.61 10.15 111.04
CA GLN K 70 43.52 9.29 110.64
C GLN K 70 43.24 8.32 111.77
N ASN K 71 42.05 8.43 112.36
CA ASN K 71 41.65 7.62 113.51
C ASN K 71 40.31 6.99 113.22
N PRO K 72 40.29 5.77 112.71
CA PRO K 72 39.02 5.11 112.40
C PRO K 72 38.28 4.74 113.67
N THR K 73 37.07 4.22 113.46
CA THR K 73 36.24 3.73 114.53
C THR K 73 35.94 2.26 114.29
N ALA K 74 36.46 1.42 115.14
CA ALA K 74 36.28 -0.02 115.02
C ALA K 74 34.87 -0.39 115.44
N CYS K 75 34.23 -1.24 114.64
CA CYS K 75 33.00 -1.91 115.05
C CYS K 75 33.42 -3.33 115.43
N THR K 76 33.42 -3.61 116.73
CA THR K 76 33.91 -4.89 117.21
C THR K 76 33.00 -6.02 116.75
N ALA K 77 31.72 -5.94 117.11
CA ALA K 77 30.75 -6.93 116.67
C ALA K 77 29.94 -6.32 115.54
N ASN K 78 30.20 -6.79 114.32
CA ASN K 78 29.39 -6.44 113.17
C ASN K 78 28.34 -7.51 112.90
N GLY K 79 28.23 -8.51 113.77
CA GLY K 79 27.54 -9.73 113.40
C GLY K 79 28.41 -10.65 112.60
N SER K 80 29.67 -10.30 112.40
CA SER K 80 30.63 -11.08 111.63
C SER K 80 31.86 -11.31 112.51
N CYS K 81 32.70 -12.24 112.08
CA CYS K 81 33.86 -12.64 112.87
C CYS K 81 34.95 -11.58 112.92
N ASP K 82 34.91 -10.59 112.04
CA ASP K 82 35.99 -9.62 111.99
C ASP K 82 35.45 -8.21 112.20
N PRO K 83 36.19 -7.36 112.91
CA PRO K 83 35.76 -5.98 113.08
C PRO K 83 35.83 -5.24 111.76
N SER K 84 35.15 -4.11 111.69
CA SER K 84 35.07 -3.35 110.46
C SER K 84 35.14 -1.85 110.75
N VAL K 85 35.71 -1.12 109.81
CA VAL K 85 35.80 0.32 109.90
C VAL K 85 34.40 0.89 109.85
N THR K 86 34.07 1.80 110.76
CA THR K 86 32.77 2.44 110.74
C THR K 86 32.88 3.91 110.36
N ARG K 87 33.40 4.72 111.26
CA ARG K 87 33.62 6.13 111.02
C ARG K 87 35.11 6.40 110.94
N GLN K 88 35.48 7.35 110.10
CA GLN K 88 36.90 7.66 109.92
C GLN K 88 37.10 9.13 110.29
N ALA K 89 37.81 9.36 111.40
CA ALA K 89 38.08 10.71 111.86
C ALA K 89 39.25 11.28 111.07
N TYR K 90 39.06 12.45 110.48
CA TYR K 90 40.11 13.10 109.73
C TYR K 90 40.58 14.36 110.43
N ALA K 91 41.85 14.38 110.80
CA ALA K 91 42.46 15.56 111.39
C ALA K 91 43.59 15.99 110.48
N ASP K 92 43.49 17.20 109.93
CA ASP K 92 44.44 17.71 108.96
C ASP K 92 44.99 19.05 109.42
N VAL K 93 46.30 19.20 109.30
CA VAL K 93 47.00 20.42 109.68
C VAL K 93 48.02 20.72 108.60
N THR K 94 48.10 21.98 108.19
CA THR K 94 49.07 22.41 107.20
C THR K 94 49.82 23.63 107.69
N PHE K 95 50.92 23.93 107.01
CA PHE K 95 51.70 25.11 107.33
C PHE K 95 52.27 25.69 106.05
N SER K 96 52.32 27.01 106.02
CA SER K 96 52.94 27.72 104.90
C SER K 96 53.98 28.65 105.45
N PHE K 97 55.08 28.80 104.72
CA PHE K 97 56.14 29.69 105.12
C PHE K 97 56.83 30.24 103.90
N THR K 98 57.52 31.35 104.10
CA THR K 98 58.25 32.01 103.03
C THR K 98 59.73 31.71 103.18
N GLN K 99 60.42 31.65 102.05
CA GLN K 99 61.84 31.35 102.05
C GLN K 99 62.60 32.20 103.05
N TYR K 100 62.13 33.40 103.34
CA TYR K 100 62.78 34.25 104.33
C TYR K 100 62.22 34.06 105.73
N SER K 101 61.29 33.12 105.92
CA SER K 101 60.72 32.90 107.24
C SER K 101 61.82 32.61 108.24
N THR K 102 61.72 33.22 109.42
CA THR K 102 62.77 33.00 110.40
C THR K 102 62.40 31.85 111.33
N ASP K 103 63.31 31.55 112.25
CA ASP K 103 63.08 30.43 113.15
C ASP K 103 61.99 30.75 114.16
N GLU K 104 62.17 31.82 114.93
CA GLU K 104 61.26 32.07 116.04
C GLU K 104 59.84 32.27 115.56
N GLU K 105 59.67 32.95 114.43
CA GLU K 105 58.34 33.06 113.84
C GLU K 105 57.69 31.69 113.74
N ARG K 106 58.38 30.74 113.12
CA ARG K 106 57.86 29.39 113.05
C ARG K 106 57.62 28.83 114.43
N ALA K 107 58.66 28.85 115.28
CA ALA K 107 58.50 28.41 116.65
C ALA K 107 57.31 29.08 117.31
N PHE K 108 57.17 30.40 117.11
CA PHE K 108 56.01 31.10 117.64
C PHE K 108 54.71 30.46 117.16
N VAL K 109 54.65 30.07 115.89
CA VAL K 109 53.45 29.43 115.38
C VAL K 109 53.20 28.11 116.08
N ARG K 110 54.25 27.33 116.27
CA ARG K 110 54.06 25.98 116.79
C ARG K 110 53.37 26.00 118.13
N THR K 111 53.93 26.71 119.10
CA THR K 111 53.35 26.71 120.44
C THR K 111 51.92 27.22 120.43
N GLU K 112 51.69 28.43 119.91
CA GLU K 112 50.38 29.04 120.00
C GLU K 112 49.28 28.13 119.48
N LEU K 113 49.52 27.41 118.39
CA LEU K 113 48.52 26.47 117.92
C LEU K 113 48.19 25.46 119.00
N ALA K 114 49.21 24.90 119.64
CA ALA K 114 48.97 23.99 120.74
C ALA K 114 48.16 24.65 121.84
N ALA K 115 48.58 25.82 122.29
CA ALA K 115 47.84 26.53 123.33
C ALA K 115 46.38 26.65 122.99
N LEU K 116 46.06 27.04 121.76
CA LEU K 116 44.67 27.07 121.34
C LEU K 116 44.01 25.72 121.56
N LEU K 117 44.67 24.65 121.16
CA LEU K 117 44.08 23.33 121.33
C LEU K 117 43.78 23.04 122.79
N ALA K 118 44.54 23.62 123.71
CA ALA K 118 44.21 23.53 125.12
C ALA K 118 43.31 24.65 125.58
N SER K 119 43.06 25.64 124.75
CA SER K 119 42.21 26.75 125.16
C SER K 119 40.78 26.27 125.37
N PRO K 120 40.07 26.85 126.35
CA PRO K 120 38.67 26.49 126.54
C PRO K 120 37.81 26.85 125.36
N LEU K 121 38.27 27.71 124.47
CA LEU K 121 37.48 28.04 123.29
C LEU K 121 37.27 26.82 122.42
N LEU K 122 38.35 26.24 121.93
CA LEU K 122 38.24 25.19 120.93
C LEU K 122 37.55 23.95 121.45
N ILE K 123 37.68 23.64 122.74
CA ILE K 123 37.14 22.40 123.24
C ILE K 123 35.65 22.29 122.96
N ASP K 124 34.88 23.33 123.26
CA ASP K 124 33.49 23.34 122.87
C ASP K 124 33.32 23.31 121.36
N ALA K 125 34.12 24.08 120.64
CA ALA K 125 34.15 24.00 119.20
C ALA K 125 34.44 22.59 118.71
N ILE K 126 35.46 21.94 119.23
CA ILE K 126 35.80 20.58 118.85
C ILE K 126 34.86 19.58 119.47
N ASP K 127 34.90 19.44 120.79
CA ASP K 127 34.18 18.36 121.44
C ASP K 127 32.69 18.46 121.24
N GLN K 128 32.10 19.60 121.57
CA GLN K 128 30.67 19.77 121.50
C GLN K 128 30.20 20.40 120.20
N LEU K 129 31.09 20.63 119.25
CA LEU K 129 30.74 21.17 117.94
C LEU K 129 29.95 22.46 118.10
N ASN K 130 30.61 23.47 118.65
CA ASN K 130 29.87 24.68 118.90
C ASN K 130 30.59 25.87 118.27
N PRO K 131 29.85 26.78 117.70
CA PRO K 131 30.45 28.03 117.24
C PRO K 131 30.85 28.91 118.41
N ALA K 132 31.15 30.16 118.12
CA ALA K 132 31.92 31.02 119.01
C ALA K 132 31.08 31.66 120.09
N TYR K 133 29.81 31.30 120.19
CA TYR K 133 28.94 31.93 121.16
C TYR K 133 28.78 31.05 122.39
N ALA L 2 27.82 121.07 -45.79
CA ALA L 2 28.26 121.44 -47.12
C ALA L 2 29.51 120.66 -47.50
N LYS L 3 30.14 121.07 -48.60
CA LYS L 3 31.31 120.40 -49.14
C LYS L 3 32.46 120.51 -48.17
N LEU L 4 33.22 119.41 -48.07
CA LEU L 4 34.52 119.44 -47.40
C LEU L 4 35.37 120.50 -48.07
N GLU L 5 35.95 121.38 -47.28
CA GLU L 5 36.78 122.44 -47.81
C GLU L 5 37.97 122.66 -46.89
N THR L 6 38.85 123.55 -47.31
CA THR L 6 39.90 124.03 -46.42
C THR L 6 39.20 124.80 -45.32
N VAL L 7 39.46 124.42 -44.08
CA VAL L 7 38.83 125.10 -42.96
C VAL L 7 39.90 125.88 -42.21
N THR L 8 39.86 127.20 -42.32
CA THR L 8 40.76 128.06 -41.59
C THR L 8 40.17 128.33 -40.22
N LEU L 9 41.02 128.40 -39.21
CA LEU L 9 40.58 128.69 -37.86
C LEU L 9 41.49 129.74 -37.25
N GLY L 10 40.90 130.85 -36.81
CA GLY L 10 41.60 131.87 -36.09
C GLY L 10 41.30 131.77 -34.60
N ASN L 11 42.03 132.55 -33.82
CA ASN L 11 41.80 132.67 -32.39
C ASN L 11 41.88 131.31 -31.72
N ILE L 12 43.09 130.78 -31.67
CA ILE L 12 43.34 129.42 -31.19
C ILE L 12 44.37 129.49 -30.09
N GLY L 13 44.31 128.54 -29.16
CA GLY L 13 45.26 128.46 -28.08
C GLY L 13 45.06 129.55 -27.05
N LYS L 14 45.76 129.38 -25.94
CA LYS L 14 45.68 130.35 -24.85
C LYS L 14 45.93 131.77 -25.35
N ASP L 15 46.84 131.90 -26.31
CA ASP L 15 47.08 133.20 -26.92
C ASP L 15 45.85 133.69 -27.68
N GLY L 16 45.29 132.83 -28.54
CA GLY L 16 44.27 133.30 -29.45
C GLY L 16 44.85 133.93 -30.70
N LYS L 17 46.17 133.98 -30.81
CA LYS L 17 46.80 134.40 -32.05
C LYS L 17 47.11 133.21 -32.93
N GLN L 18 46.96 132.00 -32.38
CA GLN L 18 47.19 130.78 -33.14
C GLN L 18 46.13 130.63 -34.21
N THR L 19 46.56 130.14 -35.37
CA THR L 19 45.67 129.86 -36.48
C THR L 19 45.94 128.46 -37.01
N LEU L 20 44.91 127.87 -37.62
CA LEU L 20 45.05 126.51 -38.13
C LEU L 20 44.19 126.35 -39.37
N VAL L 21 44.70 125.63 -40.34
CA VAL L 21 43.95 125.27 -41.52
C VAL L 21 43.81 123.75 -41.56
N LEU L 22 42.73 123.29 -42.17
CA LEU L 22 42.43 121.86 -42.23
C LEU L 22 42.07 121.50 -43.66
N ASN L 23 42.82 120.61 -44.23
CA ASN L 23 42.41 120.23 -45.56
C ASN L 23 41.45 119.05 -45.50
N PRO L 24 40.53 118.97 -46.45
CA PRO L 24 39.68 117.79 -46.54
C PRO L 24 40.51 116.56 -46.84
N ARG L 25 40.32 115.53 -46.01
CA ARG L 25 41.05 114.28 -46.16
C ARG L 25 40.26 113.22 -46.90
N GLY L 26 39.06 113.54 -47.36
CA GLY L 26 38.18 112.54 -47.90
C GLY L 26 37.33 111.91 -46.81
N VAL L 27 36.58 110.89 -47.20
CA VAL L 27 35.65 110.24 -46.28
C VAL L 27 35.85 108.74 -46.34
N ASN L 28 36.05 108.13 -45.20
CA ASN L 28 36.04 106.67 -45.19
C ASN L 28 34.63 106.17 -45.38
N PRO L 29 34.31 105.51 -46.48
CA PRO L 29 32.94 105.06 -46.72
C PRO L 29 32.52 103.94 -45.80
N THR L 30 33.44 103.11 -45.34
CA THR L 30 33.06 101.99 -44.49
C THR L 30 32.29 102.46 -43.27
N ASN L 31 32.97 103.11 -42.35
CA ASN L 31 32.30 103.72 -41.21
C ASN L 31 31.49 104.93 -41.61
N GLY L 32 31.65 105.43 -42.83
CA GLY L 32 30.96 106.63 -43.24
C GLY L 32 31.37 107.83 -42.43
N VAL L 33 32.67 108.12 -42.37
CA VAL L 33 33.19 109.18 -41.53
C VAL L 33 34.13 110.04 -42.35
N ALA L 34 33.90 111.35 -42.33
CA ALA L 34 34.77 112.31 -42.96
C ALA L 34 36.04 112.50 -42.14
N SER L 35 37.07 113.04 -42.80
CA SER L 35 38.33 113.30 -42.13
C SER L 35 38.89 114.62 -42.60
N LEU L 36 39.49 115.37 -41.68
CA LEU L 36 40.12 116.64 -41.98
C LEU L 36 41.49 116.65 -41.32
N SER L 37 42.42 117.37 -41.93
CA SER L 37 43.75 117.42 -41.34
C SER L 37 44.44 118.72 -41.66
N GLN L 38 45.29 119.14 -40.73
CA GLN L 38 46.33 120.10 -41.03
C GLN L 38 47.26 119.51 -42.08
N ALA L 39 47.82 120.39 -42.91
CA ALA L 39 48.86 119.94 -43.84
C ALA L 39 50.21 120.15 -43.17
N GLY L 40 50.80 119.04 -42.75
CA GLY L 40 52.12 119.04 -42.19
C GLY L 40 53.10 118.33 -43.09
N ALA L 41 54.16 117.82 -42.48
CA ALA L 41 55.07 116.94 -43.21
C ALA L 41 54.61 115.50 -43.12
N VAL L 42 54.64 114.94 -41.92
CA VAL L 42 54.31 113.53 -41.72
C VAL L 42 52.85 113.42 -41.30
N PRO L 43 52.01 112.72 -42.08
CA PRO L 43 50.62 112.53 -41.69
C PRO L 43 50.44 112.01 -40.29
N ALA L 44 51.26 111.05 -39.86
CA ALA L 44 51.25 110.60 -38.48
C ALA L 44 51.38 111.76 -37.50
N LEU L 45 52.19 112.75 -37.83
CA LEU L 45 52.32 113.93 -36.99
C LEU L 45 51.17 114.91 -37.19
N GLU L 46 50.55 114.92 -38.36
CA GLU L 46 49.59 115.95 -38.71
C GLU L 46 48.34 115.82 -37.86
N LYS L 47 47.77 116.97 -37.49
CA LYS L 47 46.58 117.02 -36.65
C LYS L 47 45.44 116.41 -37.46
N ARG L 48 44.53 115.74 -36.76
CA ARG L 48 43.41 115.12 -37.44
C ARG L 48 42.10 115.58 -36.83
N VAL L 49 41.08 115.69 -37.67
CA VAL L 49 39.74 116.07 -37.24
C VAL L 49 38.76 115.14 -37.95
N THR L 50 37.87 114.52 -37.18
CA THR L 50 36.93 113.55 -37.71
C THR L 50 35.53 113.94 -37.33
N VAL L 51 34.62 113.91 -38.30
CA VAL L 51 33.21 114.16 -38.05
C VAL L 51 32.41 113.04 -38.69
N SER L 52 31.24 112.79 -38.13
CA SER L 52 30.38 111.75 -38.67
C SER L 52 28.94 112.07 -38.32
N VAL L 53 28.04 111.60 -39.17
CA VAL L 53 26.62 111.64 -38.87
C VAL L 53 26.17 110.20 -38.70
N SER L 54 24.88 110.01 -38.46
CA SER L 54 24.33 108.68 -38.32
C SER L 54 22.84 108.76 -38.63
N GLN L 55 22.25 107.59 -38.84
CA GLN L 55 20.82 107.56 -39.06
C GLN L 55 20.22 106.41 -38.27
N PRO L 56 19.01 106.59 -37.75
CA PRO L 56 18.44 105.57 -36.87
C PRO L 56 18.20 104.27 -37.61
N SER L 57 18.46 103.18 -36.92
CA SER L 57 18.28 101.85 -37.49
C SER L 57 17.39 101.04 -36.55
N ARG L 58 17.22 99.77 -36.88
CA ARG L 58 16.57 98.86 -35.95
C ARG L 58 17.33 98.73 -34.64
N ASN L 59 18.62 99.03 -34.63
CA ASN L 59 19.41 99.02 -33.41
C ASN L 59 19.23 100.25 -32.56
N ARG L 60 19.06 101.42 -33.17
CA ARG L 60 18.90 102.65 -32.42
C ARG L 60 17.99 103.59 -33.20
N LYS L 61 17.12 104.27 -32.48
CA LYS L 61 16.14 105.18 -33.07
C LYS L 61 16.65 106.61 -33.04
N ASN L 62 17.88 106.80 -32.58
CA ASN L 62 18.38 108.14 -32.32
C ASN L 62 19.50 108.47 -33.29
N TYR L 63 19.64 109.76 -33.59
CA TYR L 63 20.76 110.21 -34.40
C TYR L 63 22.00 110.38 -33.53
N LYS L 64 23.14 109.98 -34.07
CA LYS L 64 24.42 110.19 -33.41
C LYS L 64 25.27 111.09 -34.30
N VAL L 65 25.89 112.09 -33.70
CA VAL L 65 26.87 112.92 -34.36
C VAL L 65 28.14 112.84 -33.54
N GLN L 66 29.18 112.26 -34.12
CA GLN L 66 30.42 112.01 -33.42
C GLN L 66 31.52 112.87 -34.02
N VAL L 67 32.28 113.52 -33.15
CA VAL L 67 33.41 114.35 -33.57
C VAL L 67 34.58 114.02 -32.67
N LYS L 68 35.69 113.60 -33.29
CA LYS L 68 36.90 113.26 -32.56
C LYS L 68 38.05 114.09 -33.10
N ILE L 69 38.96 114.46 -32.21
CA ILE L 69 40.13 115.26 -32.57
C ILE L 69 41.35 114.55 -32.04
N GLN L 70 42.38 114.46 -32.88
CA GLN L 70 43.60 113.74 -32.54
C GLN L 70 44.77 114.67 -32.81
N ASN L 71 45.50 115.03 -31.75
CA ASN L 71 46.61 115.97 -31.84
C ASN L 71 47.82 115.36 -31.16
N PRO L 72 48.68 114.70 -31.92
CA PRO L 72 49.85 114.07 -31.31
C PRO L 72 50.85 115.12 -30.84
N THR L 73 51.91 114.62 -30.21
CA THR L 73 53.00 115.45 -29.76
C THR L 73 54.28 114.96 -30.41
N ALA L 74 54.85 115.78 -31.28
CA ALA L 74 56.06 115.43 -31.99
C ALA L 74 57.25 115.53 -31.06
N CYS L 75 58.11 114.53 -31.11
CA CYS L 75 59.43 114.61 -30.50
C CYS L 75 60.39 114.87 -31.65
N THR L 76 60.89 116.10 -31.72
CA THR L 76 61.75 116.48 -32.85
C THR L 76 63.05 115.72 -32.82
N ALA L 77 63.79 115.83 -31.73
CA ALA L 77 65.04 115.10 -31.58
C ALA L 77 64.78 113.93 -30.64
N ASN L 78 64.74 112.74 -31.22
CA ASN L 78 64.69 111.50 -30.45
C ASN L 78 66.07 110.91 -30.26
N GLY L 79 67.11 111.60 -30.72
CA GLY L 79 68.39 110.95 -30.92
C GLY L 79 68.45 110.21 -32.22
N SER L 80 67.41 110.31 -33.04
CA SER L 80 67.31 109.64 -34.32
C SER L 80 66.98 110.68 -35.38
N CYS L 81 67.14 110.30 -36.63
CA CYS L 81 66.97 111.23 -37.74
C CYS L 81 65.52 111.62 -37.99
N ASP L 82 64.56 110.89 -37.42
CA ASP L 82 63.17 111.17 -37.71
C ASP L 82 62.41 111.46 -36.42
N PRO L 83 61.47 112.40 -36.46
CA PRO L 83 60.65 112.66 -35.27
C PRO L 83 59.74 111.49 -35.00
N SER L 84 59.22 111.44 -33.77
CA SER L 84 58.39 110.33 -33.33
C SER L 84 57.24 110.83 -32.48
N VAL L 85 56.12 110.11 -32.58
CA VAL L 85 54.94 110.41 -31.77
C VAL L 85 55.29 110.16 -30.31
N THR L 86 54.95 111.11 -29.46
CA THR L 86 55.19 110.93 -28.03
C THR L 86 53.88 110.77 -27.27
N ARG L 87 53.13 111.87 -27.14
CA ARG L 87 51.84 111.85 -26.49
C ARG L 87 50.76 112.08 -27.52
N GLN L 88 49.61 111.47 -27.31
CA GLN L 88 48.51 111.60 -28.27
C GLN L 88 47.33 112.19 -27.53
N ALA L 89 46.97 113.43 -27.88
CA ALA L 89 45.85 114.11 -27.26
C ALA L 89 44.56 113.63 -27.91
N TYR L 90 43.62 113.17 -27.10
CA TYR L 90 42.34 112.73 -27.62
C TYR L 90 41.23 113.67 -27.18
N ALA L 91 40.56 114.26 -28.16
CA ALA L 91 39.41 115.11 -27.91
C ALA L 91 38.21 114.49 -28.61
N ASP L 92 37.21 114.09 -27.85
CA ASP L 92 36.05 113.39 -28.38
C ASP L 92 34.77 114.12 -27.98
N VAL L 93 33.87 114.27 -28.95
CA VAL L 93 32.59 114.92 -28.75
C VAL L 93 31.54 114.11 -29.47
N THR L 94 30.41 113.88 -28.82
CA THR L 94 29.30 113.15 -29.40
C THR L 94 28.02 113.94 -29.23
N PHE L 95 27.00 113.52 -29.99
CA PHE L 95 25.69 114.13 -29.89
C PHE L 95 24.63 113.06 -30.09
N SER L 96 23.54 113.22 -29.34
CA SER L 96 22.39 112.33 -29.49
C SER L 96 21.17 113.20 -29.73
N PHE L 97 20.27 112.70 -30.57
CA PHE L 97 19.04 113.42 -30.86
C PHE L 97 17.95 112.41 -31.17
N THR L 98 16.72 112.89 -31.05
CA THR L 98 15.56 112.07 -31.31
C THR L 98 14.97 112.45 -32.66
N GLN L 99 14.39 111.48 -33.32
CA GLN L 99 13.81 111.71 -34.64
C GLN L 99 12.92 112.92 -34.68
N TYR L 100 12.31 113.28 -33.55
CA TYR L 100 11.47 114.48 -33.51
C TYR L 100 12.25 115.71 -33.07
N SER L 101 13.56 115.60 -32.87
CA SER L 101 14.35 116.75 -32.45
C SER L 101 14.16 117.89 -33.43
N THR L 102 13.99 119.10 -32.91
CA THR L 102 13.78 120.22 -33.81
C THR L 102 15.11 120.90 -34.12
N ASP L 103 15.02 121.93 -34.96
CA ASP L 103 16.24 122.62 -35.38
C ASP L 103 16.83 123.44 -34.25
N GLU L 104 16.05 124.36 -33.70
CA GLU L 104 16.60 125.30 -32.75
C GLU L 104 17.15 124.60 -31.53
N GLU L 105 16.46 123.56 -31.06
CA GLU L 105 17.01 122.75 -29.98
C GLU L 105 18.44 122.35 -30.29
N ARG L 106 18.66 121.74 -31.45
CA ARG L 106 20.01 121.40 -31.85
C ARG L 106 20.89 122.64 -31.89
N ALA L 107 20.47 123.65 -32.64
CA ALA L 107 21.20 124.91 -32.67
C ALA L 107 21.49 125.41 -31.27
N PHE L 108 20.49 125.37 -30.39
CA PHE L 108 20.72 125.75 -29.01
C PHE L 108 21.85 124.97 -28.39
N VAL L 109 21.93 123.67 -28.67
CA VAL L 109 23.00 122.87 -28.12
C VAL L 109 24.34 123.33 -28.66
N ARG L 110 24.41 123.60 -29.95
CA ARG L 110 25.69 123.89 -30.57
C ARG L 110 26.37 125.08 -29.90
N THR L 111 25.70 126.22 -29.87
CA THR L 111 26.31 127.41 -29.30
C THR L 111 26.73 127.20 -27.86
N GLU L 112 25.79 126.81 -27.00
CA GLU L 112 26.07 126.73 -25.57
C GLU L 112 27.32 125.90 -25.27
N LEU L 113 27.50 124.79 -25.97
CA LEU L 113 28.72 124.03 -25.77
C LEU L 113 29.93 124.88 -26.02
N ALA L 114 29.93 125.63 -27.13
CA ALA L 114 31.03 126.53 -27.40
C ALA L 114 31.21 127.53 -26.28
N ALA L 115 30.14 128.21 -25.88
CA ALA L 115 30.24 129.18 -24.80
C ALA L 115 30.90 128.59 -23.57
N LEU L 116 30.49 127.39 -23.18
CA LEU L 116 31.18 126.72 -22.09
C LEU L 116 32.67 126.63 -22.34
N LEU L 117 33.06 126.23 -23.54
CA LEU L 117 34.48 126.11 -23.84
C LEU L 117 35.19 127.43 -23.67
N ALA L 118 34.50 128.54 -23.86
CA ALA L 118 35.07 129.84 -23.56
C ALA L 118 34.80 130.27 -22.13
N SER L 119 33.97 129.54 -21.40
CA SER L 119 33.67 129.93 -20.04
C SER L 119 34.91 129.81 -19.15
N PRO L 120 35.07 130.71 -18.18
CA PRO L 120 36.19 130.59 -17.25
C PRO L 120 36.14 129.32 -16.44
N LEU L 121 35.00 128.66 -16.36
CA LEU L 121 34.94 127.41 -15.62
C LEU L 121 35.84 126.36 -16.24
N LEU L 122 35.57 126.00 -17.49
CA LEU L 122 36.26 124.87 -18.09
C LEU L 122 37.75 125.09 -18.25
N ILE L 123 38.19 126.32 -18.44
CA ILE L 123 39.60 126.55 -18.71
C ILE L 123 40.47 125.98 -17.60
N ASP L 124 40.16 126.27 -16.35
CA ASP L 124 40.85 125.62 -15.25
C ASP L 124 40.65 124.13 -15.25
N ALA L 125 39.43 123.69 -15.49
CA ALA L 125 39.17 122.28 -15.66
C ALA L 125 40.00 121.66 -16.76
N ILE L 126 40.05 122.27 -17.93
CA ILE L 126 40.84 121.78 -19.04
C ILE L 126 42.32 122.08 -18.84
N ASP L 127 42.69 123.36 -18.87
CA ASP L 127 44.10 123.71 -18.88
C ASP L 127 44.82 123.24 -17.64
N GLN L 128 44.32 123.62 -16.48
CA GLN L 128 44.99 123.31 -15.23
C GLN L 128 44.49 122.03 -14.58
N LEU L 129 43.58 121.30 -15.22
CA LEU L 129 43.07 120.04 -14.71
C LEU L 129 42.54 120.22 -13.30
N ASN L 130 41.49 121.00 -13.19
CA ASN L 130 41.01 121.26 -11.86
C ASN L 130 39.52 120.95 -11.76
N PRO L 131 39.09 120.37 -10.68
CA PRO L 131 37.66 120.20 -10.44
C PRO L 131 36.99 121.53 -10.15
N ALA L 132 35.76 121.47 -9.67
CA ALA L 132 34.83 122.59 -9.71
C ALA L 132 35.05 123.59 -8.58
N TYR L 133 36.07 123.38 -7.76
CA TYR L 133 36.28 124.25 -6.62
C TYR L 133 37.34 125.30 -6.93
N ALA M 2 63.53 0.27 109.43
CA ALA M 2 64.38 1.37 109.85
C ALA M 2 65.21 1.87 108.69
N LYS M 3 66.19 2.73 109.00
CA LYS M 3 67.02 3.36 108.01
C LYS M 3 67.87 2.32 107.29
N LEU M 4 68.02 2.51 105.99
CA LEU M 4 69.02 1.77 105.22
C LEU M 4 70.37 1.99 105.87
N GLU M 5 71.09 0.91 106.12
CA GLU M 5 72.40 1.01 106.74
C GLU M 5 73.32 -0.03 106.13
N THR M 6 74.57 0.00 106.56
CA THR M 6 75.50 -1.08 106.24
C THR M 6 74.97 -2.30 106.95
N VAL M 7 74.76 -3.37 106.20
CA VAL M 7 74.26 -4.60 106.80
C VAL M 7 75.36 -5.64 106.75
N THR M 8 75.92 -5.96 107.91
CA THR M 8 76.93 -7.01 108.02
C THR M 8 76.23 -8.33 108.20
N LEU M 9 76.76 -9.37 107.59
CA LEU M 9 76.21 -10.71 107.71
C LEU M 9 77.33 -11.68 108.02
N GLY M 10 77.19 -12.41 109.13
CA GLY M 10 78.10 -13.48 109.47
C GLY M 10 77.46 -14.83 109.16
N ASN M 11 78.26 -15.87 109.27
CA ASN M 11 77.79 -17.24 109.14
C ASN M 11 77.11 -17.44 107.78
N ILE M 12 77.92 -17.42 106.74
CA ILE M 12 77.44 -17.45 105.38
C ILE M 12 78.12 -18.60 104.66
N GLY M 13 77.44 -19.17 103.67
CA GLY M 13 78.01 -20.23 102.87
C GLY M 13 78.06 -21.53 103.63
N LYS M 14 78.36 -22.59 102.87
CA LYS M 14 78.46 -23.91 103.47
C LYS M 14 79.42 -23.92 104.65
N ASP M 15 80.49 -23.14 104.56
CA ASP M 15 81.40 -22.99 105.70
C ASP M 15 80.70 -22.34 106.88
N GLY M 16 80.03 -21.21 106.64
CA GLY M 16 79.56 -20.41 107.75
C GLY M 16 80.62 -19.49 108.30
N LYS M 17 81.82 -19.52 107.74
CA LYS M 17 82.81 -18.53 108.10
C LYS M 17 82.76 -17.34 107.15
N GLN M 18 81.98 -17.45 106.08
CA GLN M 18 81.83 -16.37 105.13
C GLN M 18 81.07 -15.22 105.77
N THR M 19 81.49 -14.00 105.44
CA THR M 19 80.84 -12.79 105.91
C THR M 19 80.58 -11.87 104.73
N LEU M 20 79.58 -11.02 104.87
CA LEU M 20 79.22 -10.11 103.80
C LEU M 20 78.67 -8.83 104.39
N VAL M 21 79.02 -7.71 103.77
CA VAL M 21 78.47 -6.41 104.12
C VAL M 21 77.70 -5.89 102.92
N LEU M 22 76.69 -5.07 103.19
CA LEU M 22 75.83 -4.53 102.15
C LEU M 22 75.67 -3.03 102.38
N ASN M 23 76.06 -2.28 101.42
CA ASN M 23 75.84 -0.86 101.61
C ASN M 23 74.47 -0.46 101.07
N PRO M 24 73.84 0.53 101.69
CA PRO M 24 72.61 1.07 101.12
C PRO M 24 72.87 1.67 99.75
N ARG M 25 72.07 1.25 98.79
CA ARG M 25 72.20 1.73 97.42
C ARG M 25 71.21 2.83 97.09
N GLY M 26 70.40 3.26 98.05
CA GLY M 26 69.31 4.17 97.78
C GLY M 26 68.07 3.40 97.38
N VAL M 27 67.05 4.15 96.98
CA VAL M 27 65.75 3.58 96.66
C VAL M 27 65.29 4.11 95.32
N ASN M 28 64.93 3.21 94.43
CA ASN M 28 64.30 3.67 93.21
C ASN M 28 62.87 4.12 93.52
N PRO M 29 62.57 5.41 93.39
CA PRO M 29 61.23 5.88 93.72
C PRO M 29 60.15 5.41 92.77
N THR M 30 60.50 5.16 91.51
CA THR M 30 59.50 4.76 90.54
C THR M 30 58.75 3.52 91.01
N ASN M 31 59.43 2.38 91.00
CA ASN M 31 58.85 1.16 91.56
C ASN M 31 58.77 1.22 93.08
N GLY M 32 59.39 2.20 93.71
CA GLY M 32 59.41 2.26 95.16
C GLY M 32 60.11 1.07 95.77
N VAL M 33 61.35 0.82 95.36
CA VAL M 33 62.08 -0.36 95.80
C VAL M 33 63.46 0.06 96.27
N ALA M 34 63.82 -0.37 97.48
CA ALA M 34 65.15 -0.14 98.01
C ALA M 34 66.15 -1.08 97.36
N SER M 35 67.42 -0.73 97.48
CA SER M 35 68.49 -1.54 96.92
C SER M 35 69.66 -1.57 97.89
N LEU M 36 70.30 -2.72 97.99
CA LEU M 36 71.48 -2.90 98.82
C LEU M 36 72.53 -3.63 98.01
N SER M 37 73.79 -3.37 98.32
CA SER M 37 74.84 -4.05 97.57
C SER M 37 76.08 -4.22 98.41
N GLN M 38 76.79 -5.31 98.12
CA GLN M 38 78.18 -5.41 98.49
C GLN M 38 78.97 -4.31 97.81
N ALA M 39 80.03 -3.85 98.48
CA ALA M 39 80.94 -2.92 97.84
C ALA M 39 82.07 -3.72 97.20
N GLY M 40 81.99 -3.81 95.87
CA GLY M 40 83.02 -4.45 95.09
C GLY M 40 83.78 -3.44 94.25
N ALA M 41 84.34 -3.94 93.16
CA ALA M 41 84.92 -3.05 92.16
C ALA M 41 83.87 -2.64 91.14
N VAL M 42 83.37 -3.59 90.38
CA VAL M 42 82.43 -3.29 89.30
C VAL M 42 81.01 -3.53 89.80
N PRO M 43 80.16 -2.50 89.81
CA PRO M 43 78.77 -2.70 90.23
C PRO M 43 78.08 -3.85 89.53
N ALA M 44 78.27 -4.00 88.23
CA ALA M 44 77.76 -5.17 87.51
C ALA M 44 78.16 -6.46 88.18
N LEU M 45 79.38 -6.54 88.71
CA LEU M 45 79.82 -7.73 89.44
C LEU M 45 79.28 -7.76 90.86
N GLU M 46 79.00 -6.60 91.44
CA GLU M 46 78.70 -6.53 92.87
C GLU M 46 77.35 -7.19 93.16
N LYS M 47 77.29 -7.86 94.31
CA LYS M 47 76.08 -8.56 94.72
C LYS M 47 75.00 -7.53 94.96
N ARG M 48 73.76 -7.89 94.66
CA ARG M 48 72.65 -6.96 94.84
C ARG M 48 71.58 -7.58 95.72
N VAL M 49 70.93 -6.74 96.52
CA VAL M 49 69.83 -7.15 97.37
C VAL M 49 68.74 -6.11 97.24
N THR M 50 67.52 -6.56 96.96
CA THR M 50 66.39 -5.68 96.73
C THR M 50 65.25 -6.05 97.64
N VAL M 51 64.67 -5.06 98.30
CA VAL M 51 63.49 -5.26 99.11
C VAL M 51 62.45 -4.22 98.72
N SER M 52 61.19 -4.57 98.94
CA SER M 52 60.11 -3.66 98.61
C SER M 52 58.92 -3.98 99.49
N VAL M 53 58.12 -2.94 99.74
CA VAL M 53 56.84 -3.13 100.39
C VAL M 53 55.78 -2.79 99.36
N SER M 54 54.51 -2.85 99.76
CA SER M 54 53.42 -2.52 98.88
C SER M 54 52.23 -2.12 99.73
N GLN M 55 51.25 -1.51 99.09
CA GLN M 55 50.04 -1.17 99.81
C GLN M 55 48.83 -1.50 98.94
N PRO M 56 47.75 -1.94 99.55
CA PRO M 56 46.61 -2.40 98.75
C PRO M 56 46.00 -1.25 97.96
N SER M 57 45.58 -1.58 96.74
CA SER M 57 44.99 -0.60 95.84
C SER M 57 43.65 -1.15 95.37
N ARG M 58 43.02 -0.42 94.46
CA ARG M 58 41.85 -0.94 93.78
C ARG M 58 42.15 -2.21 92.99
N ASN M 59 43.41 -2.43 92.61
CA ASN M 59 43.82 -3.63 91.91
C ASN M 59 44.00 -4.82 92.85
N ARG M 60 44.52 -4.61 94.05
CA ARG M 60 44.74 -5.70 94.99
C ARG M 60 44.53 -5.18 96.40
N LYS M 61 43.91 -6.01 97.22
CA LYS M 61 43.59 -5.67 98.59
C LYS M 61 44.65 -6.20 99.55
N ASN M 62 45.69 -6.80 99.01
CA ASN M 62 46.66 -7.50 99.82
C ASN M 62 47.99 -6.80 99.79
N TYR M 63 48.75 -6.94 100.88
CA TYR M 63 50.10 -6.41 100.92
C TYR M 63 51.06 -7.39 100.26
N LYS M 64 52.00 -6.85 99.50
CA LYS M 64 53.07 -7.63 98.90
C LYS M 64 54.39 -7.16 99.45
N VAL M 65 55.23 -8.10 99.85
CA VAL M 65 56.60 -7.82 100.23
C VAL M 65 57.49 -8.67 99.36
N GLN M 66 58.26 -8.01 98.50
CA GLN M 66 59.08 -8.70 97.52
C GLN M 66 60.55 -8.50 97.86
N VAL M 67 61.31 -9.59 97.83
CA VAL M 67 62.74 -9.55 98.08
C VAL M 67 63.42 -10.38 97.01
N LYS M 68 64.34 -9.77 96.28
CA LYS M 68 65.08 -10.44 95.23
C LYS M 68 66.57 -10.29 95.50
N ILE M 69 67.33 -11.32 95.16
CA ILE M 69 68.76 -11.33 95.35
C ILE M 69 69.42 -11.70 94.03
N GLN M 70 70.45 -10.97 93.66
CA GLN M 70 71.14 -11.15 92.40
C GLN M 70 72.63 -11.29 92.67
N ASN M 71 73.17 -12.46 92.38
CA ASN M 71 74.58 -12.78 92.65
C ASN M 71 75.20 -13.31 91.38
N PRO M 72 75.84 -12.47 90.59
CA PRO M 72 76.45 -12.92 89.35
C PRO M 72 77.67 -13.78 89.63
N THR M 73 78.24 -14.31 88.55
CA THR M 73 79.45 -15.09 88.60
C THR M 73 80.50 -14.43 87.73
N ALA M 74 81.55 -13.91 88.37
CA ALA M 74 82.60 -13.22 87.66
C ALA M 74 83.48 -14.23 86.94
N CYS M 75 83.81 -13.93 85.69
CA CYS M 75 84.86 -14.64 84.97
C CYS M 75 86.07 -13.73 85.01
N THR M 76 87.05 -14.09 85.82
CA THR M 76 88.22 -13.22 86.01
C THR M 76 89.02 -13.10 84.72
N ALA M 77 89.47 -14.23 84.20
CA ALA M 77 90.20 -14.24 82.93
C ALA M 77 89.26 -14.72 81.86
N ASN M 78 88.83 -13.79 81.01
CA ASN M 78 88.07 -14.11 79.81
C ASN M 78 88.97 -14.21 78.59
N GLY M 79 90.28 -14.09 78.78
CA GLY M 79 91.16 -13.80 77.67
C GLY M 79 91.19 -12.33 77.34
N SER M 80 90.50 -11.52 78.13
CA SER M 80 90.42 -10.07 77.92
C SER M 80 90.82 -9.39 79.22
N CYS M 81 91.07 -8.09 79.13
CA CYS M 81 91.57 -7.33 80.27
C CYS M 81 90.53 -7.10 81.35
N ASP M 82 89.25 -7.33 81.06
CA ASP M 82 88.23 -7.04 82.04
C ASP M 82 87.41 -8.28 82.34
N PRO M 83 87.01 -8.48 83.60
CA PRO M 83 86.14 -9.60 83.92
C PRO M 83 84.77 -9.42 83.30
N SER M 84 84.03 -10.52 83.22
CA SER M 84 82.72 -10.50 82.58
C SER M 84 81.73 -11.37 83.34
N VAL M 85 80.47 -10.97 83.30
CA VAL M 85 79.40 -11.73 83.93
C VAL M 85 79.27 -13.05 83.19
N THR M 86 79.19 -14.14 83.95
CA THR M 86 79.01 -15.44 83.33
C THR M 86 77.63 -15.99 83.65
N ARG M 87 77.42 -16.42 84.89
CA ARG M 87 76.13 -16.93 85.34
C ARG M 87 75.53 -15.93 86.31
N GLN M 88 74.21 -15.83 86.30
CA GLN M 88 73.53 -14.89 87.17
C GLN M 88 72.58 -15.68 88.07
N ALA M 89 72.90 -15.71 89.36
CA ALA M 89 72.08 -16.44 90.32
C ALA M 89 70.89 -15.55 90.70
N TYR M 90 69.69 -16.10 90.57
CA TYR M 90 68.48 -15.38 90.95
C TYR M 90 67.83 -16.00 92.16
N ALA M 91 67.72 -15.20 93.22
CA ALA M 91 67.04 -15.62 94.43
C ALA M 91 65.88 -14.66 94.66
N ASP M 92 64.66 -15.17 94.62
CA ASP M 92 63.47 -14.36 94.73
C ASP M 92 62.58 -14.85 95.85
N VAL M 93 62.08 -13.92 96.66
CA VAL M 93 61.20 -14.22 97.77
C VAL M 93 60.08 -13.19 97.77
N THR M 94 58.86 -13.64 97.97
CA THR M 94 57.71 -12.77 98.04
C THR M 94 56.89 -13.07 99.28
N PHE M 95 55.99 -12.15 99.60
CA PHE M 95 55.09 -12.32 100.72
C PHE M 95 53.75 -11.71 100.40
N SER M 96 52.70 -12.38 100.85
CA SER M 96 51.35 -11.86 100.71
C SER M 96 50.71 -11.81 102.08
N PHE M 97 49.90 -10.78 102.31
CA PHE M 97 49.20 -10.64 103.57
C PHE M 97 47.89 -9.94 103.35
N THR M 98 46.99 -10.11 104.30
CA THR M 98 45.68 -9.50 104.25
C THR M 98 45.65 -8.31 105.17
N GLN M 99 44.86 -7.32 104.80
CA GLN M 99 44.75 -6.10 105.59
C GLN M 99 44.50 -6.39 107.06
N TYR M 100 43.88 -7.51 107.38
CA TYR M 100 43.67 -7.88 108.77
C TYR M 100 44.78 -8.75 109.33
N SER M 101 45.83 -8.99 108.55
CA SER M 101 46.92 -9.83 109.02
C SER M 101 47.49 -9.26 110.33
N THR M 102 47.74 -10.13 111.29
CA THR M 102 48.25 -9.63 112.56
C THR M 102 49.77 -9.65 112.56
N ASP M 103 50.33 -9.20 113.68
CA ASP M 103 51.78 -9.11 113.77
C ASP M 103 52.40 -10.49 113.90
N GLU M 104 52.00 -11.25 114.92
CA GLU M 104 52.69 -12.49 115.21
C GLU M 104 52.59 -13.47 114.05
N GLU M 105 51.43 -13.51 113.40
CA GLU M 105 51.30 -14.31 112.19
C GLU M 105 52.45 -14.01 111.23
N ARG M 106 52.64 -12.74 110.90
CA ARG M 106 53.76 -12.36 110.06
C ARG M 106 55.07 -12.80 110.69
N ALA M 107 55.31 -12.37 111.93
CA ALA M 107 56.51 -12.80 112.63
C ALA M 107 56.67 -14.31 112.58
N PHE M 108 55.58 -15.05 112.80
CA PHE M 108 55.63 -16.50 112.68
C PHE M 108 56.14 -16.92 111.31
N VAL M 109 55.69 -16.24 110.26
CA VAL M 109 56.17 -16.59 108.93
C VAL M 109 57.66 -16.34 108.81
N ARG M 110 58.12 -15.21 109.32
CA ARG M 110 59.51 -14.83 109.10
C ARG M 110 60.47 -15.90 109.60
N THR M 111 60.36 -16.24 110.88
CA THR M 111 61.30 -17.21 111.44
C THR M 111 61.24 -18.54 110.71
N GLU M 112 60.06 -19.15 110.62
CA GLU M 112 59.96 -20.49 110.07
C GLU M 112 60.61 -20.60 108.70
N LEU M 113 60.45 -19.60 107.85
CA LEU M 113 61.13 -19.64 106.57
C LEU M 113 62.63 -19.77 106.77
N ALA M 114 63.19 -18.98 107.67
CA ALA M 114 64.61 -19.10 107.96
C ALA M 114 64.95 -20.50 108.44
N ALA M 115 64.22 -21.00 109.43
CA ALA M 115 64.49 -22.34 109.93
C ALA M 115 64.53 -23.36 108.81
N LEU M 116 63.56 -23.31 107.90
CA LEU M 116 63.63 -24.18 106.73
C LEU M 116 64.94 -24.04 106.00
N LEU M 117 65.37 -22.80 105.77
CA LEU M 117 66.62 -22.60 105.06
C LEU M 117 67.79 -23.25 105.79
N ALA M 118 67.70 -23.37 107.10
CA ALA M 118 68.70 -24.12 107.85
C ALA M 118 68.34 -25.58 107.99
N SER M 119 67.14 -25.98 107.59
CA SER M 119 66.74 -27.36 107.73
C SER M 119 67.57 -28.25 106.82
N PRO M 120 67.88 -29.47 107.26
CA PRO M 120 68.59 -30.40 106.39
C PRO M 120 67.83 -30.76 105.15
N LEU M 121 66.52 -30.52 105.12
CA LEU M 121 65.76 -30.82 103.91
C LEU M 121 66.23 -29.96 102.75
N LEU M 122 66.12 -28.64 102.88
CA LEU M 122 66.35 -27.77 101.75
C LEU M 122 67.78 -27.81 101.24
N ILE M 123 68.76 -28.07 102.13
CA ILE M 123 70.14 -28.00 101.70
C ILE M 123 70.40 -28.93 100.54
N ASP M 124 69.96 -30.19 100.62
CA ASP M 124 70.05 -31.06 99.47
C ASP M 124 69.23 -30.57 98.31
N ALA M 125 68.02 -30.11 98.58
CA ALA M 125 67.21 -29.46 97.56
C ALA M 125 67.92 -28.30 96.92
N ILE M 126 68.49 -27.39 97.70
CA ILE M 126 69.21 -26.25 97.18
C ILE M 126 70.58 -26.65 96.66
N ASP M 127 71.47 -27.08 97.56
CA ASP M 127 72.85 -27.28 97.18
C ASP M 127 73.01 -28.36 96.14
N GLN M 128 72.48 -29.55 96.40
CA GLN M 128 72.65 -30.67 95.51
C GLN M 128 71.52 -30.83 94.53
N LEU M 129 70.55 -29.93 94.51
CA LEU M 129 69.43 -29.96 93.57
C LEU M 129 68.72 -31.30 93.63
N ASN M 130 68.13 -31.58 94.78
CA ASN M 130 67.52 -32.87 94.90
C ASN M 130 66.07 -32.74 95.34
N PRO M 131 65.20 -33.55 94.79
CA PRO M 131 63.83 -33.59 95.27
C PRO M 131 63.77 -34.25 96.64
N ALA M 132 62.56 -34.58 97.07
CA ALA M 132 62.24 -34.83 98.47
C ALA M 132 62.61 -36.24 98.92
N TYR M 133 63.24 -37.02 98.06
CA TYR M 133 63.54 -38.40 98.41
C TYR M 133 64.99 -38.53 98.85
N ALA N 2 101.95 44.60 69.61
CA ALA N 2 102.83 43.83 70.49
C ALA N 2 102.01 43.10 71.54
N LYS N 3 102.71 42.55 72.53
CA LYS N 3 102.10 41.76 73.57
C LYS N 3 101.17 42.62 74.41
N LEU N 4 100.04 42.03 74.80
CA LEU N 4 99.20 42.61 75.82
C LEU N 4 100.03 42.82 77.06
N GLU N 5 99.98 44.01 77.63
CA GLU N 5 100.73 44.32 78.82
C GLU N 5 99.92 45.22 79.72
N THR N 6 100.47 45.51 80.89
CA THR N 6 99.91 46.54 81.74
C THR N 6 100.09 47.84 80.99
N VAL N 7 98.99 48.57 80.81
CA VAL N 7 99.08 49.84 80.09
C VAL N 7 98.79 50.96 81.08
N THR N 8 99.82 51.72 81.42
CA THR N 8 99.68 52.87 82.29
C THR N 8 99.32 54.07 81.43
N LEU N 9 98.46 54.92 81.96
CA LEU N 9 98.04 56.13 81.27
C LEU N 9 98.12 57.30 82.23
N GLY N 10 98.88 58.33 81.84
CA GLY N 10 98.94 59.56 82.56
C GLY N 10 98.12 60.62 81.86
N ASN N 11 97.95 61.76 82.53
CA ASN N 11 97.30 62.92 81.95
C ASN N 11 95.89 62.57 81.48
N ILE N 12 95.02 62.33 82.45
CA ILE N 12 93.68 61.83 82.19
C ILE N 12 92.69 62.77 82.87
N GLY N 13 91.50 62.87 82.30
CA GLY N 13 90.44 63.69 82.87
C GLY N 13 90.72 65.16 82.68
N LYS N 14 89.69 65.94 82.99
CA LYS N 14 89.78 67.39 82.87
C LYS N 14 90.99 67.91 83.62
N ASP N 15 91.31 67.31 84.76
CA ASP N 15 92.52 67.69 85.48
C ASP N 15 93.77 67.36 84.68
N GLY N 16 93.86 66.13 84.17
CA GLY N 16 95.11 65.69 83.61
C GLY N 16 96.07 65.16 84.65
N LYS N 17 95.68 65.17 85.92
CA LYS N 17 96.47 64.51 86.93
C LYS N 17 95.98 63.08 87.15
N GLN N 18 94.87 62.72 86.54
CA GLN N 18 94.34 61.38 86.64
C GLN N 18 95.25 60.40 85.91
N THR N 19 95.40 59.22 86.50
CA THR N 19 96.19 58.16 85.91
C THR N 19 95.37 56.86 85.93
N LEU N 20 95.68 55.97 85.00
CA LEU N 20 94.95 54.72 84.90
C LEU N 20 95.88 53.63 84.40
N VAL N 21 95.73 52.43 84.95
CA VAL N 21 96.43 51.27 84.48
C VAL N 21 95.41 50.27 83.96
N LEU N 22 95.84 49.45 83.01
CA LEU N 22 94.95 48.48 82.37
C LEU N 22 95.66 47.14 82.33
N ASN N 23 95.07 46.16 82.94
CA ASN N 23 95.72 44.88 82.83
C ASN N 23 95.19 44.12 81.62
N PRO N 24 96.04 43.32 81.00
CA PRO N 24 95.55 42.44 79.93
C PRO N 24 94.52 41.48 80.46
N ARG N 25 93.38 41.43 79.78
CA ARG N 25 92.28 40.56 80.17
C ARG N 25 92.24 39.28 79.36
N GLY N 26 93.20 39.07 78.47
CA GLY N 26 93.12 37.98 77.52
C GLY N 26 92.35 38.38 76.28
N VAL N 27 92.11 37.40 75.43
CA VAL N 27 91.47 37.64 74.14
C VAL N 27 90.34 36.64 73.95
N ASN N 28 89.16 37.13 73.66
CA ASN N 28 88.11 36.22 73.26
C ASN N 28 88.39 35.69 71.88
N PRO N 29 88.67 34.40 71.72
CA PRO N 29 89.00 33.87 70.39
C PRO N 29 87.82 33.84 69.45
N THR N 30 86.60 33.70 69.96
CA THR N 30 85.44 33.62 69.08
C THR N 30 85.36 34.83 68.16
N ASN N 31 85.04 35.99 68.71
CA ASN N 31 85.07 37.22 67.95
C ASN N 31 86.50 37.65 67.62
N GLY N 32 87.50 37.04 68.23
CA GLY N 32 88.86 37.46 68.02
C GLY N 32 89.11 38.87 68.50
N VAL N 33 88.79 39.15 69.75
CA VAL N 33 88.87 40.51 70.29
C VAL N 33 89.62 40.46 71.61
N ALA N 34 90.64 41.32 71.73
CA ALA N 34 91.36 41.46 72.98
C ALA N 34 90.55 42.29 73.97
N SER N 35 90.93 42.17 75.24
CA SER N 35 90.26 42.90 76.30
C SER N 35 91.29 43.41 77.29
N LEU N 36 91.05 44.62 77.78
CA LEU N 36 91.90 45.24 78.79
C LEU N 36 91.02 45.80 79.88
N SER N 37 91.55 45.85 81.10
CA SER N 37 90.73 46.38 82.18
C SER N 37 91.60 47.00 83.25
N GLN N 38 91.06 48.03 83.89
CA GLN N 38 91.52 48.45 85.19
C GLN N 38 91.36 47.31 86.17
N ALA N 39 92.25 47.25 87.16
CA ALA N 39 92.08 46.30 88.25
C ALA N 39 91.34 47.01 89.37
N GLY N 40 90.08 46.65 89.51
CA GLY N 40 89.24 47.14 90.59
C GLY N 40 88.89 46.03 91.55
N ALA N 41 87.77 46.22 92.23
CA ALA N 41 87.21 45.15 93.04
C ALA N 41 86.29 44.27 92.21
N VAL N 42 85.18 44.84 91.76
CA VAL N 42 84.18 44.07 91.04
C VAL N 42 84.39 44.25 89.54
N PRO N 43 84.66 43.17 88.79
CA PRO N 43 84.83 43.29 87.35
C PRO N 43 83.70 44.02 86.66
N ALA N 44 82.45 43.78 87.05
CA ALA N 44 81.32 44.56 86.54
C ALA N 44 81.54 46.05 86.71
N LEU N 45 82.16 46.47 87.81
CA LEU N 45 82.47 47.88 88.00
C LEU N 45 83.72 48.29 87.25
N GLU N 46 84.64 47.37 87.00
CA GLU N 46 85.95 47.72 86.48
C GLU N 46 85.84 48.23 85.05
N LYS N 47 86.67 49.23 84.74
CA LYS N 47 86.67 49.85 83.42
C LYS N 47 87.12 48.80 82.42
N ARG N 48 86.57 48.85 81.21
CA ARG N 48 86.94 47.88 80.19
C ARG N 48 87.42 48.59 78.93
N VAL N 49 88.37 47.98 78.25
CA VAL N 49 88.90 48.48 76.99
C VAL N 49 89.00 47.31 76.04
N THR N 50 88.45 47.46 74.84
CA THR N 50 88.40 46.39 73.86
C THR N 50 88.99 46.88 72.55
N VAL N 51 89.88 46.07 71.98
CA VAL N 51 90.44 46.36 70.67
C VAL N 51 90.31 45.11 69.82
N SER N 52 90.24 45.33 68.51
CA SER N 52 90.12 44.22 67.59
C SER N 52 90.69 44.62 66.25
N VAL N 53 91.19 43.63 65.52
CA VAL N 53 91.58 43.83 64.14
C VAL N 53 90.61 43.02 63.29
N SER N 54 90.83 43.02 61.99
CA SER N 54 89.99 42.26 61.08
C SER N 54 90.78 42.00 59.81
N GLN N 55 90.29 41.08 59.01
CA GLN N 55 90.93 40.81 57.75
C GLN N 55 89.86 40.66 56.67
N PRO N 56 90.15 41.12 55.46
CA PRO N 56 89.12 41.12 54.42
C PRO N 56 88.70 39.70 54.06
N SER N 57 87.40 39.55 53.81
CA SER N 57 86.85 38.26 53.47
C SER N 57 86.06 38.42 52.18
N ARG N 58 85.39 37.34 51.77
CA ARG N 58 84.43 37.43 50.68
C ARG N 58 83.29 38.40 50.98
N ASN N 59 83.02 38.66 52.26
CA ASN N 59 82.01 39.62 52.66
C ASN N 59 82.48 41.06 52.57
N ARG N 60 83.73 41.34 52.90
CA ARG N 60 84.25 42.69 52.87
C ARG N 60 85.72 42.64 52.49
N LYS N 61 86.13 43.60 51.66
CA LYS N 61 87.49 43.68 51.16
C LYS N 61 88.32 44.63 51.99
N ASN N 62 87.73 45.17 53.05
CA ASN N 62 88.36 46.24 53.80
C ASN N 62 88.73 45.77 55.19
N TYR N 63 89.78 46.36 55.74
CA TYR N 63 90.16 46.08 57.12
C TYR N 63 89.31 46.91 58.06
N LYS N 64 88.91 46.30 59.17
CA LYS N 64 88.20 46.99 60.23
C LYS N 64 89.03 46.92 61.50
N VAL N 65 89.18 48.05 62.16
CA VAL N 65 89.79 48.12 63.48
C VAL N 65 88.79 48.75 64.40
N GLN N 66 88.30 47.98 65.37
CA GLN N 66 87.25 48.41 66.26
C GLN N 66 87.80 48.55 67.66
N VAL N 67 87.49 49.67 68.30
CA VAL N 67 87.90 49.93 69.68
C VAL N 67 86.70 50.45 70.43
N LYS N 68 86.34 49.77 71.51
CA LYS N 68 85.22 50.16 72.34
C LYS N 68 85.70 50.32 73.78
N ILE N 69 85.11 51.29 74.47
CA ILE N 69 85.45 51.57 75.87
C ILE N 69 84.17 51.58 76.67
N GLN N 70 84.20 50.93 77.82
CA GLN N 70 83.03 50.78 78.68
C GLN N 70 83.41 51.22 80.08
N ASN N 71 82.79 52.29 80.56
CA ASN N 71 83.11 52.88 81.85
C ASN N 71 81.81 53.05 82.62
N PRO N 72 81.45 52.10 83.46
CA PRO N 72 80.20 52.20 84.21
C PRO N 72 80.31 53.28 85.28
N THR N 73 79.19 53.50 85.96
CA THR N 73 79.11 54.42 87.06
C THR N 73 78.65 53.66 88.30
N ALA N 74 79.54 53.55 89.27
CA ALA N 74 79.25 52.83 90.50
C ALA N 74 78.33 53.67 91.37
N CYS N 75 77.30 53.02 91.92
CA CYS N 75 76.51 53.60 93.00
C CYS N 75 77.00 52.94 94.27
N THR N 76 77.75 53.68 95.08
CA THR N 76 78.36 53.10 96.27
C THR N 76 77.31 52.69 97.27
N ALA N 77 76.47 53.64 97.69
CA ALA N 77 75.38 53.34 98.61
C ALA N 77 74.10 53.29 97.81
N ASN N 78 73.58 52.08 97.62
CA ASN N 78 72.26 51.89 97.02
C ASN N 78 71.20 51.70 98.10
N GLY N 79 71.57 51.85 99.37
CA GLY N 79 70.74 51.34 100.43
C GLY N 79 70.94 49.86 100.66
N SER N 80 71.88 49.25 99.93
CA SER N 80 72.17 47.84 100.02
C SER N 80 73.66 47.68 100.27
N CYS N 81 74.06 46.47 100.67
CA CYS N 81 75.44 46.21 101.05
C CYS N 81 76.40 46.21 99.88
N ASP N 82 75.91 46.13 98.65
CA ASP N 82 76.81 46.04 97.52
C ASP N 82 76.55 47.18 96.54
N PRO N 83 77.61 47.70 95.93
CA PRO N 83 77.42 48.74 94.91
C PRO N 83 76.75 48.17 93.68
N SER N 84 76.21 49.05 92.85
CA SER N 84 75.47 48.64 91.69
C SER N 84 75.76 49.56 90.51
N VAL N 85 75.71 48.98 89.32
CA VAL N 85 75.91 49.74 88.09
C VAL N 85 74.75 50.71 87.95
N THR N 86 75.07 51.97 87.65
CA THR N 86 74.02 52.96 87.43
C THR N 86 73.97 53.37 85.97
N ARG N 87 74.95 54.14 85.53
CA ARG N 87 75.05 54.58 84.15
C ARG N 87 76.22 53.88 83.50
N GLN N 88 76.09 53.60 82.21
CA GLN N 88 77.16 52.90 81.50
C GLN N 88 77.61 53.79 80.34
N ALA N 89 78.83 54.30 80.45
CA ALA N 89 79.39 55.17 79.41
C ALA N 89 79.91 54.30 78.26
N TYR N 90 79.46 54.59 77.06
CA TYR N 90 79.92 53.86 75.89
C TYR N 90 80.76 54.74 74.99
N ALA N 91 82.01 54.33 74.80
CA ALA N 91 82.91 55.02 73.89
C ALA N 91 83.32 54.03 72.81
N ASP N 92 82.97 54.32 71.57
CA ASP N 92 83.21 53.41 70.46
C ASP N 92 83.97 54.13 69.37
N VAL N 93 84.99 53.44 68.83
CA VAL N 93 85.83 53.96 67.76
C VAL N 93 86.06 52.83 66.78
N THR N 94 85.94 53.14 65.49
CA THR N 94 86.16 52.18 64.43
C THR N 94 87.12 52.75 63.40
N PHE N 95 87.64 51.86 62.56
CA PHE N 95 88.52 52.26 61.48
C PHE N 95 88.27 51.39 60.27
N SER N 96 88.35 52.00 59.10
CA SER N 96 88.23 51.28 57.85
C SER N 96 89.45 51.59 57.01
N PHE N 97 89.92 50.59 56.27
CA PHE N 97 91.06 50.77 55.41
C PHE N 97 90.93 49.84 54.21
N THR N 98 91.66 50.18 53.16
CA THR N 98 91.67 49.40 51.94
C THR N 98 92.95 48.60 51.88
N GLN N 99 92.85 47.43 51.26
CA GLN N 99 93.99 46.55 51.15
C GLN N 99 95.23 47.26 50.66
N TYR N 100 95.07 48.32 49.87
CA TYR N 100 96.22 49.09 49.40
C TYR N 100 96.56 50.24 50.32
N SER N 101 95.88 50.38 51.46
CA SER N 101 96.16 51.47 52.38
C SER N 101 97.63 51.45 52.77
N THR N 102 98.26 52.61 52.79
CA THR N 102 99.67 52.63 53.13
C THR N 102 99.85 52.88 54.62
N ASP N 103 101.10 52.89 55.05
CA ASP N 103 101.39 53.06 56.45
C ASP N 103 101.11 54.48 56.92
N GLU N 104 101.75 55.46 56.28
CA GLU N 104 101.67 56.83 56.79
C GLU N 104 100.25 57.33 56.78
N GLU N 105 99.48 57.00 55.74
CA GLU N 105 98.06 57.32 55.74
C GLU N 105 97.42 56.90 57.04
N ARG N 106 97.57 55.64 57.40
CA ARG N 106 97.04 55.17 58.68
C ARG N 106 97.63 55.97 59.82
N ALA N 107 98.96 56.02 59.90
CA ALA N 107 99.60 56.83 60.92
C ALA N 107 99.05 58.24 60.94
N PHE N 108 98.88 58.84 59.77
CA PHE N 108 98.27 60.16 59.70
C PHE N 108 96.92 60.18 60.38
N VAL N 109 96.11 59.14 60.17
CA VAL N 109 94.82 59.10 60.81
C VAL N 109 94.95 59.04 62.32
N ARG N 110 95.88 58.22 62.81
CA ARG N 110 95.96 57.99 64.24
C ARG N 110 96.18 59.30 64.99
N THR N 111 97.24 60.02 64.66
CA THR N 111 97.53 61.26 65.39
C THR N 111 96.39 62.24 65.32
N GLU N 112 95.96 62.61 64.11
CA GLU N 112 94.96 63.66 63.97
C GLU N 112 93.73 63.42 64.81
N LEU N 113 93.26 62.17 64.90
CA LEU N 113 92.13 61.89 65.76
C LEU N 113 92.44 62.29 67.19
N ALA N 114 93.62 61.92 67.68
CA ALA N 114 94.01 62.35 69.02
C ALA N 114 94.02 63.85 69.14
N ALA N 115 94.69 64.55 68.21
CA ALA N 115 94.73 66.01 68.27
C ALA N 115 93.34 66.60 68.38
N LEU N 116 92.39 66.11 67.59
CA LEU N 116 91.01 66.55 67.74
C LEU N 116 90.53 66.36 69.17
N LEU N 117 90.79 65.19 69.75
CA LEU N 117 90.35 64.96 71.11
C LEU N 117 90.93 65.96 72.08
N ALA N 118 92.11 66.50 71.78
CA ALA N 118 92.66 67.59 72.57
C ALA N 118 92.24 68.96 72.04
N SER N 119 91.61 69.02 70.88
CA SER N 119 91.21 70.30 70.34
C SER N 119 90.15 70.94 71.22
N PRO N 120 90.17 72.28 71.33
CA PRO N 120 89.12 72.96 72.08
C PRO N 120 87.74 72.77 71.49
N LEU N 121 87.65 72.36 70.23
CA LEU N 121 86.35 72.12 69.64
C LEU N 121 85.61 71.02 70.37
N LEU N 122 86.17 69.81 70.37
CA LEU N 122 85.45 68.66 70.87
C LEU N 122 85.14 68.75 72.35
N ILE N 123 85.97 69.41 73.14
CA ILE N 123 85.76 69.40 74.58
C ILE N 123 84.39 69.93 74.92
N ASP N 124 83.98 71.07 74.36
CA ASP N 124 82.62 71.53 74.55
C ASP N 124 81.61 70.56 73.97
N ALA N 125 81.89 70.04 72.78
CA ALA N 125 81.07 68.99 72.21
C ALA N 125 80.95 67.79 73.12
N ILE N 126 82.06 67.29 73.65
CA ILE N 126 82.04 66.15 74.56
C ILE N 126 81.59 66.57 75.95
N ASP N 127 82.38 67.38 76.63
CA ASP N 127 82.13 67.65 78.03
C ASP N 127 80.79 68.34 78.24
N GLN N 128 80.58 69.46 77.57
CA GLN N 128 79.38 70.24 77.76
C GLN N 128 78.27 69.91 76.78
N LEU N 129 78.45 68.91 75.93
CA LEU N 129 77.44 68.47 74.99
C LEU N 129 76.95 69.64 74.15
N ASN N 130 77.85 70.18 73.35
CA ASN N 130 77.45 71.35 72.61
C ASN N 130 77.72 71.15 71.13
N PRO N 131 76.84 71.61 70.28
CA PRO N 131 77.11 71.60 68.85
C PRO N 131 78.15 72.65 68.50
N ALA N 132 78.29 72.92 67.22
CA ALA N 132 79.47 73.57 66.67
C ALA N 132 79.45 75.08 66.81
N TYR N 133 78.46 75.63 67.49
CA TYR N 133 78.34 77.08 67.60
C TYR N 133 78.87 77.55 68.94
N ALA O 2 96.34 32.74 83.93
CA ALA O 2 97.66 32.96 83.37
C ALA O 2 97.89 32.08 82.15
N LYS O 3 99.12 32.04 81.68
CA LYS O 3 99.49 31.30 80.48
C LYS O 3 99.28 29.81 80.69
N LEU O 4 98.80 29.16 79.65
CA LEU O 4 98.79 27.71 79.60
C LEU O 4 100.22 27.22 79.80
N GLU O 5 100.40 26.29 80.71
CA GLU O 5 101.71 25.76 80.98
C GLU O 5 101.61 24.27 81.25
N THR O 6 102.77 23.64 81.45
CA THR O 6 102.81 22.28 81.95
C THR O 6 102.26 22.33 83.36
N VAL O 7 101.25 21.52 83.63
CA VAL O 7 100.66 21.52 84.96
C VAL O 7 100.98 20.18 85.61
N THR O 8 101.86 20.21 86.60
CA THR O 8 102.19 19.02 87.37
C THR O 8 101.19 18.89 88.50
N LEU O 9 100.82 17.65 88.80
CA LEU O 9 99.89 17.38 89.88
C LEU O 9 100.44 16.24 90.73
N GLY O 10 100.60 16.50 92.03
CA GLY O 10 100.97 15.49 92.98
C GLY O 10 99.75 15.06 93.78
N ASN O 11 99.94 14.00 94.56
CA ASN O 11 98.93 13.52 95.48
C ASN O 11 97.64 13.21 94.75
N ILE O 12 97.70 12.14 93.96
CA ILE O 12 96.61 11.77 93.07
C ILE O 12 96.23 10.32 93.37
N GLY O 13 94.97 9.99 93.13
CA GLY O 13 94.49 8.64 93.32
C GLY O 13 94.35 8.28 94.78
N LYS O 14 93.72 7.14 95.01
CA LYS O 14 93.52 6.66 96.36
C LYS O 14 94.84 6.60 97.12
N ASP O 15 95.92 6.24 96.43
CA ASP O 15 97.23 6.26 97.05
C ASP O 15 97.64 7.68 97.43
N GLY O 16 97.52 8.62 96.50
CA GLY O 16 98.11 9.92 96.72
C GLY O 16 99.57 9.97 96.36
N LYS O 17 100.14 8.86 95.92
CA LYS O 17 101.49 8.89 95.39
C LYS O 17 101.47 9.08 93.88
N GLN O 18 100.29 9.03 93.27
CA GLN O 18 100.15 9.24 91.84
C GLN O 18 100.44 10.68 91.50
N THR O 19 101.11 10.88 90.37
CA THR O 19 101.41 12.20 89.86
C THR O 19 101.01 12.28 88.39
N LEU O 20 100.72 13.50 87.94
CA LEU O 20 100.28 13.70 86.57
C LEU O 20 100.76 15.05 86.08
N VAL O 21 101.18 15.09 84.81
CA VAL O 21 101.52 16.33 84.16
C VAL O 21 100.57 16.55 83.01
N LEU O 22 100.33 17.80 82.67
CA LEU O 22 99.39 18.16 81.62
C LEU O 22 100.05 19.18 80.70
N ASN O 23 100.15 18.84 79.46
CA ASN O 23 100.72 19.85 78.59
C ASN O 23 99.61 20.72 78.01
N PRO O 24 99.91 21.99 77.76
CA PRO O 24 98.95 22.83 77.06
C PRO O 24 98.69 22.30 75.67
N ARG O 25 97.41 22.13 75.35
CA ARG O 25 96.99 21.62 74.06
C ARG O 25 96.58 22.72 73.09
N GLY O 26 96.69 23.97 73.50
CA GLY O 26 96.14 25.06 72.72
C GLY O 26 94.69 25.31 73.09
N VAL O 27 94.06 26.20 72.33
CA VAL O 27 92.70 26.62 72.60
C VAL O 27 91.89 26.54 71.33
N ASN O 28 90.76 25.86 71.38
CA ASN O 28 89.86 25.92 70.26
C ASN O 28 89.18 27.29 70.22
N PRO O 29 89.45 28.12 69.22
CA PRO O 29 88.87 29.45 69.19
C PRO O 29 87.38 29.45 68.95
N THR O 30 86.85 28.45 68.24
CA THR O 30 85.43 28.44 67.92
C THR O 30 84.59 28.51 69.19
N ASN O 31 84.59 27.44 69.96
CA ASN O 31 83.93 27.47 71.26
C ASN O 31 84.68 28.31 72.26
N GLY O 32 85.91 28.72 71.96
CA GLY O 32 86.70 29.47 72.92
C GLY O 32 87.01 28.66 74.14
N VAL O 33 87.59 27.48 73.98
CA VAL O 33 87.85 26.57 75.09
C VAL O 33 89.29 26.10 75.01
N ALA O 34 90.00 26.23 76.13
CA ALA O 34 91.34 25.71 76.25
C ALA O 34 91.31 24.20 76.43
N SER O 35 92.47 23.58 76.17
CA SER O 35 92.60 22.14 76.31
C SER O 35 93.95 21.81 76.92
N LEU O 36 93.96 20.81 77.79
CA LEU O 36 95.17 20.33 78.42
C LEU O 36 95.20 18.82 78.31
N SER O 37 96.39 18.25 78.26
CA SER O 37 96.47 16.80 78.17
C SER O 37 97.74 16.28 78.81
N GLN O 38 97.63 15.08 79.35
CA GLN O 38 98.80 14.26 79.59
C GLN O 38 99.50 13.98 78.27
N ALA O 39 100.82 13.83 78.33
CA ALA O 39 101.56 13.39 77.16
C ALA O 39 101.69 11.87 77.23
N GLY O 40 100.91 11.21 76.39
CA GLY O 40 100.97 9.77 76.24
C GLY O 40 101.51 9.37 74.89
N ALA O 41 101.13 8.18 74.47
CA ALA O 41 101.42 7.76 73.10
C ALA O 41 100.30 8.19 72.17
N VAL O 42 99.12 7.63 72.35
CA VAL O 42 98.00 7.90 71.45
C VAL O 42 97.12 8.98 72.06
N PRO O 43 96.95 10.12 71.38
CA PRO O 43 96.08 11.17 71.91
C PRO O 43 94.70 10.68 72.29
N ALA O 44 94.09 9.81 71.50
CA ALA O 44 92.83 9.18 71.87
C ALA O 44 92.91 8.55 73.26
N LEU O 45 94.05 7.95 73.60
CA LEU O 45 94.23 7.38 74.92
C LEU O 45 94.56 8.44 75.95
N GLU O 46 95.18 9.54 75.55
CA GLU O 46 95.73 10.49 76.49
C GLU O 46 94.62 11.20 77.25
N LYS O 47 94.87 11.46 78.53
CA LYS O 47 93.90 12.11 79.40
C LYS O 47 93.70 13.52 78.87
N ARG O 48 92.47 14.03 79.01
CA ARG O 48 92.18 15.36 78.53
C ARG O 48 91.58 16.20 79.65
N VAL O 49 91.89 17.49 79.63
CA VAL O 49 91.35 18.45 80.59
C VAL O 49 90.94 19.69 79.81
N THR O 50 89.71 20.13 80.03
CA THR O 50 89.15 21.26 79.29
C THR O 50 88.64 22.30 80.27
N VAL O 51 88.98 23.55 80.03
CA VAL O 51 88.47 24.65 80.81
C VAL O 51 87.96 25.72 79.86
N SER O 52 87.00 26.50 80.33
CA SER O 52 86.44 27.56 79.53
C SER O 52 85.89 28.63 80.43
N VAL O 53 85.89 29.86 79.91
CA VAL O 53 85.21 30.96 80.57
C VAL O 53 84.05 31.34 79.69
N SER O 54 83.32 32.37 80.08
CA SER O 54 82.19 32.85 79.29
C SER O 54 81.94 34.30 79.67
N GLN O 55 81.17 34.98 78.85
CA GLN O 55 80.81 36.34 79.17
C GLN O 55 79.34 36.55 78.89
N PRO O 56 78.66 37.36 79.70
CA PRO O 56 77.21 37.50 79.55
C PRO O 56 76.85 38.13 78.22
N SER O 57 75.77 37.62 77.64
CA SER O 57 75.29 38.10 76.35
C SER O 57 73.83 38.48 76.51
N ARG O 58 73.20 38.85 75.39
CA ARG O 58 71.76 39.02 75.37
C ARG O 58 71.02 37.75 75.72
N ASN O 59 71.65 36.58 75.53
CA ASN O 59 71.05 35.31 75.92
C ASN O 59 71.15 35.01 77.40
N ARG O 60 72.25 35.38 78.04
CA ARG O 60 72.43 35.11 79.45
C ARG O 60 73.24 36.24 80.07
N LYS O 61 72.86 36.63 81.28
CA LYS O 61 73.49 37.72 81.99
C LYS O 61 74.53 37.20 82.97
N ASN O 62 74.76 35.89 82.96
CA ASN O 62 75.57 35.26 83.98
C ASN O 62 76.85 34.72 83.36
N TYR O 63 77.91 34.67 84.16
CA TYR O 63 79.14 34.06 83.73
C TYR O 63 79.07 32.55 83.92
N LYS O 64 79.60 31.82 82.95
CA LYS O 64 79.71 30.37 83.03
C LYS O 64 81.18 30.00 82.99
N VAL O 65 81.59 29.12 83.89
CA VAL O 65 82.91 28.54 83.87
C VAL O 65 82.73 27.04 83.82
N GLN O 66 83.13 26.43 82.72
CA GLN O 66 82.91 25.01 82.48
C GLN O 66 84.25 24.29 82.48
N VAL O 67 84.31 23.18 83.20
CA VAL O 67 85.50 22.35 83.25
C VAL O 67 85.08 20.91 83.08
N LYS O 68 85.63 20.25 82.07
CA LYS O 68 85.33 18.85 81.79
C LYS O 68 86.63 18.05 81.77
N ILE O 69 86.54 16.83 82.24
CA ILE O 69 87.69 15.92 82.29
C ILE O 69 87.31 14.63 81.61
N GLN O 70 88.19 14.13 80.76
CA GLN O 70 87.94 12.94 79.98
C GLN O 70 89.11 11.99 80.17
N ASN O 71 88.84 10.83 80.78
CA ASN O 71 89.87 9.85 81.11
C ASN O 71 89.43 8.49 80.59
N PRO O 72 89.86 8.12 79.39
CA PRO O 72 89.45 6.84 78.83
C PRO O 72 90.11 5.69 79.56
N THR O 73 89.73 4.49 79.17
CA THR O 73 90.30 3.26 79.69
C THR O 73 90.90 2.47 78.55
N ALA O 74 92.21 2.36 78.55
CA ALA O 74 92.92 1.64 77.50
C ALA O 74 92.74 0.15 77.68
N CYS O 75 92.45 -0.54 76.58
CA CYS O 75 92.53 -1.99 76.54
C CYS O 75 93.84 -2.30 75.82
N THR O 76 94.82 -2.77 76.59
CA THR O 76 96.15 -3.00 76.02
C THR O 76 96.12 -4.13 75.00
N ALA O 77 95.67 -5.30 75.42
CA ALA O 77 95.54 -6.43 74.52
C ALA O 77 94.07 -6.58 74.18
N ASN O 78 93.72 -6.22 72.95
CA ASN O 78 92.40 -6.48 72.41
C ASN O 78 92.37 -7.76 71.58
N GLY O 79 93.48 -8.49 71.54
CA GLY O 79 93.66 -9.49 70.51
C GLY O 79 94.15 -8.88 69.21
N SER O 80 94.42 -7.58 69.21
CA SER O 80 94.88 -6.86 68.03
C SER O 80 96.15 -6.11 68.41
N CYS O 81 96.87 -5.64 67.39
CA CYS O 81 98.16 -5.01 67.60
C CYS O 81 98.06 -3.63 68.25
N ASP O 82 96.88 -3.03 68.30
CA ASP O 82 96.78 -1.69 68.82
C ASP O 82 95.78 -1.64 69.97
N PRO O 83 96.07 -0.85 71.00
CA PRO O 83 95.12 -0.70 72.09
C PRO O 83 93.87 0.03 71.62
N SER O 84 92.80 -0.09 72.40
CA SER O 84 91.53 0.48 72.03
C SER O 84 90.83 1.07 73.25
N VAL O 85 90.06 2.12 73.00
CA VAL O 85 89.28 2.76 74.05
C VAL O 85 88.21 1.78 74.51
N THR O 86 88.08 1.62 75.82
CA THR O 86 87.05 0.74 76.34
C THR O 86 85.97 1.54 77.05
N ARG O 87 86.28 2.08 78.22
CA ARG O 87 85.36 2.91 78.98
C ARG O 87 85.87 4.34 78.97
N GLN O 88 84.94 5.28 78.97
CA GLN O 88 85.31 6.69 78.93
C GLN O 88 84.75 7.35 80.18
N ALA O 89 85.63 7.77 81.08
CA ALA O 89 85.22 8.43 82.31
C ALA O 89 84.95 9.90 82.01
N TYR O 90 83.76 10.36 82.39
CA TYR O 90 83.41 11.75 82.20
C TYR O 90 83.29 12.48 83.52
N ALA O 91 84.12 13.50 83.69
CA ALA O 91 84.06 14.35 84.87
C ALA O 91 83.77 15.76 84.39
N ASP O 92 82.63 16.30 84.82
CA ASP O 92 82.17 17.61 84.37
C ASP O 92 81.90 18.51 85.57
N VAL O 93 82.36 19.75 85.48
CA VAL O 93 82.18 20.75 86.51
C VAL O 93 81.82 22.05 85.84
N THR O 94 80.83 22.74 86.38
CA THR O 94 80.39 24.03 85.86
C THR O 94 80.33 25.05 86.99
N PHE O 95 80.25 26.31 86.59
CA PHE O 95 80.10 27.40 87.56
C PHE O 95 79.21 28.47 86.97
N SER O 96 78.40 29.06 87.84
CA SER O 96 77.57 30.19 87.44
C SER O 96 77.84 31.34 88.39
N PHE O 97 77.82 32.54 87.86
CA PHE O 97 78.04 33.73 88.67
C PHE O 97 77.25 34.88 88.08
N THR O 98 77.04 35.88 88.92
CA THR O 98 76.31 37.07 88.52
C THR O 98 77.30 38.20 88.30
N GLN O 99 76.96 39.08 87.38
CA GLN O 99 77.83 40.20 87.05
C GLN O 99 78.30 40.94 88.28
N TYR O 100 77.51 40.93 89.35
CA TYR O 100 77.93 41.58 90.58
C TYR O 100 78.66 40.63 91.53
N SER O 101 78.91 39.39 91.11
CA SER O 101 79.59 38.44 91.98
C SER O 101 80.92 39.01 92.42
N THR O 102 81.25 38.86 93.70
CA THR O 102 82.50 39.42 94.18
C THR O 102 83.61 38.38 94.10
N ASP O 103 84.80 38.79 94.50
CA ASP O 103 85.95 37.90 94.42
C ASP O 103 85.86 36.80 95.46
N GLU O 104 85.77 37.18 96.74
CA GLU O 104 85.87 36.19 97.80
C GLU O 104 84.77 35.16 97.72
N GLU O 105 83.56 35.59 97.37
CA GLU O 105 82.49 34.65 97.12
C GLU O 105 82.95 33.54 96.17
N ARG O 106 83.47 33.94 95.02
CA ARG O 106 84.01 32.95 94.09
C ARG O 106 85.11 32.14 94.75
N ALA O 107 86.13 32.83 95.29
CA ALA O 107 87.17 32.13 96.01
C ALA O 107 86.60 31.19 97.05
N PHE O 108 85.61 31.65 97.81
CA PHE O 108 84.96 30.77 98.76
C PHE O 108 84.42 29.52 98.10
N VAL O 109 83.83 29.66 96.92
CA VAL O 109 83.33 28.49 96.22
C VAL O 109 84.46 27.55 95.86
N ARG O 110 85.57 28.08 95.37
CA ARG O 110 86.63 27.23 94.85
C ARG O 110 87.12 26.27 95.91
N THR O 111 87.57 26.79 97.05
CA THR O 111 88.12 25.91 98.08
C THR O 111 87.11 24.87 98.54
N GLU O 112 85.94 25.32 98.99
CA GLU O 112 84.99 24.39 99.58
C GLU O 112 84.69 23.20 98.69
N LEU O 113 84.57 23.42 97.39
CA LEU O 113 84.38 22.30 96.49
C LEU O 113 85.51 21.29 96.62
N ALA O 114 86.75 21.80 96.63
CA ALA O 114 87.88 20.91 96.84
C ALA O 114 87.76 20.16 98.16
N ALA O 115 87.53 20.90 99.25
CA ALA O 115 87.41 20.25 100.55
C ALA O 115 86.41 19.10 100.51
N LEU O 116 85.24 19.33 99.91
CA LEU O 116 84.29 18.25 99.73
C LEU O 116 84.93 17.06 99.04
N LEU O 117 85.67 17.31 97.96
CA LEU O 117 86.30 16.22 97.25
C LEU O 117 87.24 15.44 98.14
N ALA O 118 87.83 16.09 99.14
CA ALA O 118 88.61 15.38 100.14
C ALA O 118 87.78 14.92 101.32
N SER O 119 86.53 15.33 101.41
CA SER O 119 85.70 14.93 102.52
C SER O 119 85.44 13.43 102.48
N PRO O 120 85.36 12.78 103.65
CA PRO O 120 85.03 11.37 103.68
C PRO O 120 83.64 11.07 103.13
N LEU O 121 82.78 12.08 103.02
CA LEU O 121 81.47 11.83 102.45
C LEU O 121 81.57 11.40 101.01
N LEU O 122 82.14 12.24 100.16
CA LEU O 122 82.10 11.98 98.73
C LEU O 122 82.86 10.73 98.33
N ILE O 123 83.92 10.37 99.05
CA ILE O 123 84.74 9.25 98.62
C ILE O 123 83.91 7.99 98.47
N ASP O 124 83.09 7.66 99.46
CA ASP O 124 82.16 6.55 99.31
C ASP O 124 81.17 6.80 98.20
N ALA O 125 80.63 8.01 98.13
CA ALA O 125 79.78 8.40 97.02
C ALA O 125 80.47 8.21 95.68
N ILE O 126 81.69 8.70 95.53
CA ILE O 126 82.45 8.56 94.30
C ILE O 126 83.01 7.15 94.16
N ASP O 127 83.94 6.77 95.02
CA ASP O 127 84.66 5.53 94.82
C ASP O 127 83.75 4.32 94.87
N GLN O 128 82.98 4.19 95.95
CA GLN O 128 82.15 3.02 96.14
C GLN O 128 80.72 3.21 95.65
N LEU O 129 80.41 4.35 95.04
CA LEU O 129 79.09 4.62 94.48
C LEU O 129 78.02 4.41 95.54
N ASN O 130 78.07 5.25 96.56
CA ASN O 130 77.12 5.02 97.63
C ASN O 130 76.35 6.30 97.92
N PRO O 131 75.08 6.18 98.17
CA PRO O 131 74.31 7.34 98.64
C PRO O 131 74.69 7.72 100.05
N ALA O 132 73.89 8.58 100.66
CA ALA O 132 74.29 9.36 101.82
C ALA O 132 74.17 8.58 103.13
N TYR O 133 73.84 7.31 103.06
CA TYR O 133 73.65 6.54 104.28
C TYR O 133 74.87 5.70 104.59
N ALA P 2 102.21 27.11 71.30
CA ALA P 2 102.20 28.20 72.26
C ALA P 2 101.55 29.43 71.67
N LYS P 3 101.67 30.54 72.38
CA LYS P 3 101.05 31.80 72.00
C LYS P 3 101.63 32.31 70.68
N LEU P 4 100.76 32.85 69.86
CA LEU P 4 101.19 33.62 68.69
C LEU P 4 102.11 34.72 69.17
N GLU P 5 103.26 34.85 68.56
CA GLU P 5 104.22 35.87 68.94
C GLU P 5 104.90 36.42 67.70
N THR P 6 105.73 37.42 67.91
CA THR P 6 106.62 37.88 66.85
C THR P 6 107.59 36.74 66.60
N VAL P 7 107.67 36.31 65.35
CA VAL P 7 108.57 35.21 65.01
C VAL P 7 109.70 35.77 64.15
N THR P 8 110.89 35.84 64.72
CA THR P 8 112.07 36.26 64.00
C THR P 8 112.67 35.05 63.30
N LEU P 9 113.18 35.26 62.10
CA LEU P 9 113.81 34.21 61.34
C LEU P 9 115.13 34.70 60.79
N GLY P 10 116.22 34.01 61.12
CA GLY P 10 117.51 34.28 60.56
C GLY P 10 117.84 33.25 59.49
N ASN P 11 118.93 33.51 58.78
CA ASN P 11 119.46 32.56 57.80
C ASN P 11 118.41 32.23 56.75
N ILE P 12 118.12 33.22 55.92
CA ILE P 12 117.05 33.14 54.95
C ILE P 12 117.61 33.45 53.58
N GLY P 13 117.01 32.89 52.55
CA GLY P 13 117.42 33.15 51.18
C GLY P 13 118.73 32.47 50.85
N LYS P 14 119.04 32.50 49.56
CA LYS P 14 120.28 31.90 49.08
C LYS P 14 121.48 32.43 49.85
N ASP P 15 121.45 33.71 50.20
CA ASP P 15 122.51 34.27 51.03
C ASP P 15 122.53 33.63 52.41
N GLY P 16 121.37 33.56 53.07
CA GLY P 16 121.37 33.18 54.46
C GLY P 16 121.64 34.34 55.39
N LYS P 17 121.87 35.53 54.83
CA LYS P 17 121.96 36.73 55.67
C LYS P 17 120.61 37.40 55.78
N GLN P 18 119.63 36.94 55.01
CA GLN P 18 118.29 37.49 55.06
C GLN P 18 117.63 37.13 56.39
N THR P 19 116.87 38.08 56.92
CA THR P 19 116.12 37.89 58.15
C THR P 19 114.69 38.34 57.94
N LEU P 20 113.79 37.76 58.72
CA LEU P 20 112.37 38.09 58.59
C LEU P 20 111.70 37.99 59.95
N VAL P 21 110.78 38.91 60.21
CA VAL P 21 109.97 38.86 61.40
C VAL P 21 108.52 38.70 60.96
N LEU P 22 107.71 38.08 61.82
CA LEU P 22 106.31 37.80 61.51
C LEU P 22 105.46 38.22 62.70
N ASN P 23 104.57 39.11 62.48
CA ASN P 23 103.72 39.44 63.60
C ASN P 23 102.49 38.55 63.61
N PRO P 24 101.98 38.24 64.79
CA PRO P 24 100.71 37.52 64.86
C PRO P 24 99.60 38.35 64.26
N ARG P 25 98.86 37.73 63.34
CA ARG P 25 97.77 38.38 62.65
C ARG P 25 96.41 38.05 63.26
N GLY P 26 96.38 37.28 64.34
CA GLY P 26 95.13 36.76 64.86
C GLY P 26 94.77 35.45 64.18
N VAL P 27 93.58 34.97 64.50
CA VAL P 27 93.12 33.68 64.01
C VAL P 27 91.73 33.83 63.43
N ASN P 28 91.54 33.39 62.21
CA ASN P 28 90.19 33.32 61.69
C ASN P 28 89.44 32.18 62.36
N PRO P 29 88.41 32.48 63.17
CA PRO P 29 87.71 31.40 63.87
C PRO P 29 86.89 30.52 62.97
N THR P 30 86.41 31.05 61.84
CA THR P 30 85.56 30.24 60.96
C THR P 30 86.28 28.97 60.54
N ASN P 31 87.29 29.10 59.70
CA ASN P 31 88.12 27.95 59.34
C ASN P 31 89.01 27.51 60.49
N GLY P 32 89.11 28.31 61.55
CA GLY P 32 89.99 27.97 62.65
C GLY P 32 91.44 27.94 62.22
N VAL P 33 91.92 29.03 61.63
CA VAL P 33 93.27 29.08 61.07
C VAL P 33 93.95 30.35 61.57
N ALA P 34 95.15 30.17 62.12
CA ALA P 34 95.97 31.29 62.53
C ALA P 34 96.61 31.95 61.31
N SER P 35 97.07 33.18 61.52
CA SER P 35 97.71 33.93 60.45
C SER P 35 98.89 34.70 61.02
N LEU P 36 99.96 34.76 60.25
CA LEU P 36 101.15 35.51 60.61
C LEU P 36 101.58 36.35 59.43
N SER P 37 102.21 37.48 59.70
CA SER P 37 102.64 38.31 58.59
C SER P 37 103.87 39.12 58.96
N GLN P 38 104.69 39.36 57.95
CA GLN P 38 105.64 40.46 58.01
C GLN P 38 104.90 41.76 58.18
N ALA P 39 105.54 42.71 58.87
CA ALA P 39 104.98 44.06 58.93
C ALA P 39 105.60 44.88 57.81
N GLY P 40 104.79 45.12 56.79
CA GLY P 40 105.17 45.97 55.68
C GLY P 40 104.37 47.25 55.68
N ALA P 41 104.25 47.82 54.49
CA ALA P 41 103.34 48.94 54.31
C ALA P 41 101.94 48.45 53.95
N VAL P 42 101.81 47.84 52.79
CA VAL P 42 100.51 47.40 52.30
C VAL P 42 100.30 45.94 52.65
N PRO P 43 99.28 45.60 53.44
CA PRO P 43 99.02 44.19 53.75
C PRO P 43 98.94 43.30 52.54
N ALA P 44 98.31 43.74 51.45
CA ALA P 44 98.33 43.00 50.21
C ALA P 44 99.74 42.66 49.77
N LEU P 45 100.69 43.55 49.99
CA LEU P 45 102.08 43.26 49.67
C LEU P 45 102.76 42.42 50.74
N GLU P 46 102.29 42.50 51.98
CA GLU P 46 103.00 41.89 53.09
C GLU P 46 102.96 40.37 52.99
N LYS P 47 104.07 39.75 53.38
CA LYS P 47 104.20 38.30 53.33
C LYS P 47 103.20 37.72 54.31
N ARG P 48 102.64 36.56 53.98
CA ARG P 48 101.68 35.92 54.86
C ARG P 48 102.11 34.49 55.18
N VAL P 49 101.79 34.07 56.39
CA VAL P 49 102.07 32.71 56.85
C VAL P 49 100.83 32.21 57.57
N THR P 50 100.36 31.03 57.19
CA THR P 50 99.13 30.47 57.72
C THR P 50 99.41 29.07 58.25
N VAL P 51 98.94 28.80 59.46
CA VAL P 51 99.03 27.47 60.04
C VAL P 51 97.66 27.09 60.57
N SER P 52 97.42 25.78 60.61
CA SER P 52 96.14 25.29 61.09
C SER P 52 96.34 23.89 61.64
N VAL P 53 95.49 23.54 62.59
CA VAL P 53 95.40 22.18 63.08
C VAL P 53 94.05 21.65 62.66
N SER P 54 93.75 20.42 63.04
CA SER P 54 92.46 19.83 62.73
C SER P 54 92.21 18.72 63.74
N GLN P 55 90.96 18.27 63.79
CA GLN P 55 90.64 17.17 64.67
C GLN P 55 89.73 16.19 63.93
N PRO P 56 89.88 14.91 64.18
CA PRO P 56 89.11 13.92 63.40
C PRO P 56 87.62 14.06 63.66
N SER P 57 86.85 13.88 62.59
CA SER P 57 85.40 13.99 62.66
C SER P 57 84.81 12.71 62.08
N ARG P 58 83.49 12.68 61.97
CA ARG P 58 82.82 11.62 61.24
C ARG P 58 83.25 11.58 59.77
N ASN P 59 83.73 12.69 59.23
CA ASN P 59 84.23 12.73 57.86
C ASN P 59 85.63 12.17 57.71
N ARG P 60 86.51 12.40 58.69
CA ARG P 60 87.87 11.91 58.61
C ARG P 60 88.35 11.58 60.01
N LYS P 61 89.09 10.48 60.11
CA LYS P 61 89.60 9.98 61.38
C LYS P 61 91.03 10.45 61.61
N ASN P 62 91.55 11.27 60.70
CA ASN P 62 92.94 11.62 60.73
C ASN P 62 93.12 13.08 61.05
N TYR P 63 94.25 13.41 61.67
CA TYR P 63 94.59 14.79 61.92
C TYR P 63 95.22 15.41 60.67
N LYS P 64 94.85 16.66 60.40
CA LYS P 64 95.45 17.42 59.31
C LYS P 64 96.13 18.64 59.91
N VAL P 65 97.36 18.89 59.48
CA VAL P 65 98.07 20.10 59.81
C VAL P 65 98.46 20.76 58.51
N GLN P 66 97.89 21.92 58.25
CA GLN P 66 98.06 22.62 56.99
C GLN P 66 98.84 23.90 57.22
N VAL P 67 99.84 24.12 56.39
CA VAL P 67 100.66 25.34 56.45
C VAL P 67 100.81 25.87 55.05
N LYS P 68 100.40 27.11 54.84
CA LYS P 68 100.50 27.76 53.54
C LYS P 68 101.28 29.06 53.69
N ILE P 69 102.05 29.38 52.67
CA ILE P 69 102.86 30.60 52.65
C ILE P 69 102.55 31.35 51.38
N GLN P 70 102.35 32.65 51.50
CA GLN P 70 101.98 33.50 50.38
C GLN P 70 102.94 34.67 50.34
N ASN P 71 103.73 34.76 49.27
CA ASN P 71 104.75 35.79 49.12
C ASN P 71 104.58 36.46 47.77
N PRO P 72 103.86 37.56 47.70
CA PRO P 72 103.63 38.23 46.42
C PRO P 72 104.92 38.88 45.92
N THR P 73 104.82 39.43 44.73
CA THR P 73 105.90 40.17 44.11
C THR P 73 105.44 41.58 43.83
N ALA P 74 106.01 42.54 44.53
CA ALA P 74 105.64 43.94 44.37
C ALA P 74 106.22 44.48 43.07
N CYS P 75 105.39 45.20 42.33
CA CYS P 75 105.87 46.02 41.22
C CYS P 75 105.89 47.45 41.75
N THR P 76 107.10 47.96 42.00
CA THR P 76 107.23 49.27 42.61
C THR P 76 106.73 50.36 41.67
N ALA P 77 107.30 50.44 40.47
CA ALA P 77 106.84 51.39 39.48
C ALA P 77 106.00 50.64 38.46
N ASN P 78 104.70 50.87 38.51
CA ASN P 78 103.78 50.38 37.50
C ASN P 78 103.49 51.44 36.45
N GLY P 79 104.15 52.59 36.54
CA GLY P 79 103.68 53.77 35.84
C GLY P 79 102.58 54.48 36.59
N SER P 80 102.26 53.99 37.79
CA SER P 80 101.20 54.56 38.62
C SER P 80 101.79 54.85 39.98
N CYS P 81 101.06 55.64 40.77
CA CYS P 81 101.55 56.09 42.07
C CYS P 81 101.62 54.99 43.11
N ASP P 82 100.97 53.85 42.88
CA ASP P 82 100.93 52.82 43.90
C ASP P 82 101.49 51.52 43.35
N PRO P 83 102.22 50.77 44.18
CA PRO P 83 102.71 49.47 43.73
C PRO P 83 101.56 48.50 43.55
N SER P 84 101.83 47.42 42.82
CA SER P 84 100.80 46.45 42.50
C SER P 84 101.36 45.03 42.56
N VAL P 85 100.49 44.10 42.94
CA VAL P 85 100.85 42.70 42.99
C VAL P 85 101.13 42.23 41.57
N THR P 86 102.24 41.53 41.39
CA THR P 86 102.56 40.99 40.08
C THR P 86 102.46 39.47 40.07
N ARG P 87 103.40 38.80 40.70
CA ARG P 87 103.40 37.35 40.83
C ARG P 87 103.12 36.98 42.26
N GLN P 88 102.44 35.86 42.46
CA GLN P 88 102.09 35.43 43.80
C GLN P 88 102.69 34.04 44.01
N ALA P 89 103.69 33.97 44.89
CA ALA P 89 104.34 32.71 45.20
C ALA P 89 103.49 31.93 46.19
N TYR P 90 103.19 30.69 45.85
CA TYR P 90 102.41 29.84 46.74
C TYR P 90 103.25 28.69 47.26
N ALA P 91 103.39 28.66 48.58
CA ALA P 91 104.09 27.57 49.26
C ALA P 91 103.11 26.90 50.19
N ASP P 92 102.82 25.63 49.93
CA ASP P 92 101.82 24.89 50.68
C ASP P 92 102.43 23.61 51.26
N VAL P 93 102.13 23.35 52.52
CA VAL P 93 102.61 22.17 53.23
C VAL P 93 101.45 21.62 54.04
N THR P 94 101.28 20.29 53.99
CA THR P 94 100.24 19.62 54.75
C THR P 94 100.83 18.47 55.54
N PHE P 95 100.05 17.97 56.48
CA PHE P 95 100.44 16.83 57.27
C PHE P 95 99.22 15.98 57.58
N SER P 96 99.43 14.67 57.58
CA SER P 96 98.39 13.74 57.96
C SER P 96 98.93 12.85 59.05
N PHE P 97 98.06 12.49 60.00
CA PHE P 97 98.45 11.61 61.08
C PHE P 97 97.25 10.80 61.51
N THR P 98 97.54 9.71 62.20
CA THR P 98 96.51 8.82 62.70
C THR P 98 96.36 9.04 64.19
N GLN P 99 95.13 8.84 64.67
CA GLN P 99 94.85 9.04 66.08
C GLN P 99 95.84 8.34 66.97
N TYR P 100 96.44 7.24 66.51
CA TYR P 100 97.44 6.55 67.30
C TYR P 100 98.86 7.03 67.00
N SER P 101 99.01 8.05 66.16
CA SER P 101 100.34 8.55 65.84
C SER P 101 101.07 8.93 67.12
N THR P 102 102.34 8.56 67.21
CA THR P 102 103.08 8.88 68.42
C THR P 102 103.81 10.20 68.25
N ASP P 103 104.50 10.61 69.31
CA ASP P 103 105.19 11.89 69.30
C ASP P 103 106.41 11.84 68.40
N GLU P 104 107.32 10.91 68.67
CA GLU P 104 108.60 10.93 67.96
C GLU P 104 108.42 10.75 66.47
N GLU P 105 107.49 9.87 66.08
CA GLU P 105 107.15 9.75 64.67
C GLU P 105 106.90 11.12 64.06
N ARG P 106 106.01 11.89 64.66
CA ARG P 106 105.76 13.24 64.19
C ARG P 106 107.03 14.06 64.23
N ALA P 107 107.68 14.13 65.39
CA ALA P 107 108.96 14.81 65.49
C ALA P 107 109.92 14.35 64.41
N PHE P 108 110.01 13.04 64.19
CA PHE P 108 110.84 12.54 63.12
C PHE P 108 110.47 13.16 61.78
N VAL P 109 109.18 13.31 61.51
CA VAL P 109 108.77 13.92 60.26
C VAL P 109 109.24 15.36 60.19
N ARG P 110 109.10 16.11 61.29
CA ARG P 110 109.37 17.53 61.24
C ARG P 110 110.80 17.80 60.79
N THR P 111 111.78 17.25 61.50
CA THR P 111 113.16 17.53 61.15
C THR P 111 113.48 17.13 59.73
N GLU P 112 113.25 15.86 59.38
CA GLU P 112 113.67 15.37 58.07
C GLU P 112 113.19 16.25 56.93
N LEU P 113 111.94 16.73 57.01
CA LEU P 113 111.48 17.65 55.98
C LEU P 113 112.39 18.85 55.88
N ALA P 114 112.73 19.44 57.02
CA ALA P 114 113.66 20.56 57.01
C ALA P 114 114.98 20.16 56.37
N ALA P 115 115.58 19.06 56.83
CA ALA P 115 116.85 18.62 56.26
C ALA P 115 116.78 18.54 54.75
N LEU P 116 115.72 17.95 54.21
CA LEU P 116 115.54 17.95 52.77
C LEU P 116 115.61 19.35 52.21
N LEU P 117 114.90 20.29 52.83
CA LEU P 117 114.93 21.65 52.32
C LEU P 117 116.33 22.23 52.29
N ALA P 118 117.20 21.76 53.18
CA ALA P 118 118.60 22.13 53.12
C ALA P 118 119.42 21.19 52.27
N SER P 119 118.85 20.08 51.84
CA SER P 119 119.59 19.12 51.04
C SER P 119 119.95 19.73 49.69
N PRO P 120 121.12 19.40 49.15
CA PRO P 120 121.47 19.86 47.81
C PRO P 120 120.55 19.36 46.74
N LEU P 121 119.77 18.32 47.01
CA LEU P 121 118.83 17.84 46.01
C LEU P 121 117.78 18.90 45.69
N LEU P 122 117.02 19.30 46.70
CA LEU P 122 115.87 20.16 46.44
C LEU P 122 116.24 21.52 45.90
N ILE P 123 117.41 22.04 46.27
CA ILE P 123 117.75 23.40 45.87
C ILE P 123 117.71 23.54 44.36
N ASP P 124 118.33 22.63 43.62
CA ASP P 124 118.19 22.64 42.17
C ASP P 124 116.75 22.42 41.74
N ALA P 125 116.07 21.48 42.37
CA ALA P 125 114.66 21.30 42.16
C ALA P 125 113.86 22.56 42.40
N ILE P 126 114.07 23.22 43.52
CA ILE P 126 113.38 24.45 43.84
C ILE P 126 113.95 25.62 43.06
N ASP P 127 115.19 26.00 43.34
CA ASP P 127 115.72 27.22 42.78
C ASP P 127 115.80 27.19 41.28
N GLN P 128 116.45 26.17 40.72
CA GLN P 128 116.65 26.09 39.29
C GLN P 128 115.60 25.28 38.57
N LEU P 129 114.56 24.81 39.28
CA LEU P 129 113.47 24.07 38.68
C LEU P 129 114.00 22.88 37.89
N ASN P 130 114.61 21.96 38.59
CA ASN P 130 115.20 20.86 37.87
C ASN P 130 114.71 19.53 38.42
N PRO P 131 114.46 18.59 37.56
CA PRO P 131 114.16 17.23 38.02
C PRO P 131 115.39 16.56 38.58
N ALA P 132 115.29 15.25 38.80
CA ALA P 132 116.19 14.52 39.68
C ALA P 132 117.51 14.15 39.02
N TYR P 133 117.73 14.61 37.79
CA TYR P 133 118.95 14.23 37.09
C TYR P 133 119.99 15.33 37.18
N ALA Q 2 68.64 89.18 68.40
CA ALA Q 2 70.08 89.38 68.41
C ALA Q 2 70.80 88.10 68.75
N LYS Q 3 72.10 88.20 69.00
CA LYS Q 3 72.94 87.05 69.27
C LYS Q 3 72.52 86.38 70.57
N LEU Q 4 72.57 85.06 70.56
CA LEU Q 4 72.46 84.29 71.79
C LEU Q 4 73.55 84.76 72.74
N GLU Q 5 73.18 85.07 73.96
CA GLU Q 5 74.12 85.53 74.95
C GLU Q 5 73.78 84.96 76.31
N THR Q 6 74.63 85.25 77.28
CA THR Q 6 74.29 84.96 78.67
C THR Q 6 73.12 85.86 79.00
N VAL Q 7 72.04 85.27 79.49
CA VAL Q 7 70.87 86.07 79.84
C VAL Q 7 70.71 86.03 81.36
N THR Q 8 70.97 87.15 82.00
CA THR Q 8 70.79 87.28 83.43
C THR Q 8 69.35 87.69 83.68
N LEU Q 9 68.76 87.16 84.75
CA LEU Q 9 67.40 87.49 85.13
C LEU Q 9 67.36 87.80 86.61
N GLY Q 10 66.87 88.99 86.95
CA GLY Q 10 66.64 89.36 88.32
C GLY Q 10 65.16 89.29 88.64
N ASN Q 11 64.84 89.43 89.91
CA ASN Q 11 63.46 89.51 90.37
C ASN Q 11 62.68 88.27 89.95
N ILE Q 12 63.02 87.15 90.57
CA ILE Q 12 62.50 85.85 90.19
C ILE Q 12 61.90 85.22 91.43
N GLY Q 13 60.90 84.37 91.23
CA GLY Q 13 60.26 83.65 92.31
C GLY Q 13 59.40 84.56 93.16
N LYS Q 14 58.63 83.91 94.04
CA LYS Q 14 57.75 84.63 94.94
C LYS Q 14 58.50 85.70 95.70
N ASP Q 15 59.75 85.41 96.07
CA ASP Q 15 60.58 86.42 96.72
C ASP Q 15 60.87 87.59 95.77
N GLY Q 16 61.31 87.29 94.55
CA GLY Q 16 61.82 88.33 93.70
C GLY Q 16 63.26 88.66 93.98
N LYS Q 17 63.88 87.98 94.94
CA LYS Q 17 65.32 88.12 95.14
C LYS Q 17 66.06 87.05 94.36
N GLN Q 18 65.34 86.09 93.80
CA GLN Q 18 65.94 85.03 93.00
C GLN Q 18 66.50 85.61 91.71
N THR Q 19 67.65 85.09 91.30
CA THR Q 19 68.28 85.48 90.05
C THR Q 19 68.67 84.23 89.28
N LEU Q 20 68.75 84.38 87.96
CA LEU Q 20 69.07 83.25 87.11
C LEU Q 20 69.84 83.73 85.89
N VAL Q 21 70.83 82.95 85.48
CA VAL Q 21 71.57 83.19 84.26
C VAL Q 21 71.32 82.03 83.32
N LEU Q 22 71.40 82.31 82.02
CA LEU Q 22 71.14 81.31 80.99
C LEU Q 22 72.26 81.37 79.97
N ASN Q 23 72.93 80.29 79.80
CA ASN Q 23 73.94 80.34 78.76
C ASN Q 23 73.35 79.89 77.44
N PRO Q 24 73.83 80.45 76.33
CA PRO Q 24 73.43 79.96 75.03
C PRO Q 24 73.84 78.51 74.85
N ARG Q 25 72.87 77.68 74.46
CA ARG Q 25 73.11 76.26 74.26
C ARG Q 25 73.33 75.91 72.80
N GLY Q 26 73.34 76.89 71.91
CA GLY Q 26 73.35 76.61 70.49
C GLY Q 26 71.94 76.46 69.97
N VAL Q 27 71.85 76.07 68.70
CA VAL Q 27 70.56 75.96 68.01
C VAL Q 27 70.49 74.62 67.31
N ASN Q 28 69.43 73.87 67.57
CA ASN Q 28 69.22 72.69 66.78
C ASN Q 28 68.78 73.08 65.39
N PRO Q 29 69.57 72.83 64.36
CA PRO Q 29 69.19 73.24 63.01
C PRO Q 29 68.03 72.47 62.44
N THR Q 30 67.85 71.21 62.85
CA THR Q 30 66.76 70.41 62.29
C THR Q 30 65.42 71.09 62.46
N ASN Q 31 64.93 71.16 63.70
CA ASN Q 31 63.72 71.91 63.99
C ASN Q 31 63.95 73.40 63.90
N GLY Q 32 65.20 73.86 63.80
CA GLY Q 32 65.48 75.27 63.79
C GLY Q 32 65.07 75.95 65.08
N VAL Q 33 65.55 75.46 66.21
CA VAL Q 33 65.14 75.94 67.52
C VAL Q 33 66.37 76.22 68.35
N ALA Q 34 66.44 77.43 68.90
CA ALA Q 34 67.50 77.79 69.83
C ALA Q 34 67.27 77.16 71.19
N SER Q 35 68.34 77.10 71.98
CA SER Q 35 68.25 76.54 73.32
C SER Q 35 69.08 77.37 74.27
N LEU Q 36 68.57 77.55 75.48
CA LEU Q 36 69.27 78.27 76.53
C LEU Q 36 69.21 77.44 77.80
N SER Q 37 70.22 77.59 78.65
CA SER Q 37 70.20 76.82 79.88
C SER Q 37 70.94 77.55 80.98
N GLN Q 38 70.48 77.33 82.20
CA GLN Q 38 71.29 77.55 83.37
C GLN Q 38 72.52 76.67 83.32
N ALA Q 39 73.63 77.17 83.88
CA ALA Q 39 74.80 76.33 84.03
C ALA Q 39 74.75 75.67 85.40
N GLY Q 40 74.43 74.38 85.39
CA GLY Q 40 74.43 73.58 86.59
C GLY Q 40 75.54 72.56 86.56
N ALA Q 41 75.31 71.48 87.30
CA ALA Q 41 76.21 70.33 87.21
C ALA Q 41 75.74 69.38 86.12
N VAL Q 42 74.57 68.78 86.30
CA VAL Q 42 74.07 67.79 85.36
C VAL Q 42 73.12 68.45 84.39
N PRO Q 43 73.41 68.43 83.08
CA PRO Q 43 72.48 69.01 82.10
C PRO Q 43 71.06 68.53 82.25
N ALA Q 44 70.85 67.24 82.50
CA ALA Q 44 69.52 66.73 82.79
C ALA Q 44 68.84 67.50 83.91
N LEU Q 45 69.60 67.91 84.92
CA LEU Q 45 69.05 68.72 85.99
C LEU Q 45 68.92 70.18 85.60
N GLU Q 46 69.75 70.66 84.69
CA GLU Q 46 69.85 72.08 84.41
C GLU Q 46 68.57 72.58 83.76
N LYS Q 47 68.19 73.80 84.12
CA LYS Q 47 66.97 74.41 83.60
C LYS Q 47 67.18 74.64 82.11
N ARG Q 48 66.10 74.51 81.34
CA ARG Q 48 66.18 74.70 79.91
C ARG Q 48 65.20 75.75 79.44
N VAL Q 49 65.58 76.50 78.42
CA VAL Q 49 64.72 77.50 77.81
C VAL Q 49 64.86 77.37 76.30
N THR Q 50 63.74 77.27 75.62
CA THR Q 50 63.72 77.05 74.18
C THR Q 50 62.88 78.12 73.51
N VAL Q 51 63.41 78.71 72.44
CA VAL Q 51 62.67 79.65 71.64
C VAL Q 51 62.80 79.25 70.19
N SER Q 52 61.80 79.64 69.41
CA SER Q 52 61.81 79.32 67.99
C SER Q 52 60.99 80.35 67.24
N VAL Q 53 61.34 80.55 65.99
CA VAL Q 53 60.54 81.35 65.09
C VAL Q 53 60.00 80.40 64.04
N SER Q 54 59.26 80.93 63.07
CA SER Q 54 58.73 80.13 62.00
C SER Q 54 58.45 81.04 60.82
N GLN Q 55 58.24 80.45 59.66
CA GLN Q 55 57.89 81.24 58.50
C GLN Q 55 56.77 80.55 57.74
N PRO Q 56 55.86 81.31 57.15
CA PRO Q 56 54.70 80.70 56.52
C PRO Q 56 55.09 79.84 55.34
N SER Q 57 54.40 78.72 55.20
CA SER Q 57 54.67 77.77 54.12
C SER Q 57 53.36 77.51 53.39
N ARG Q 58 53.41 76.59 52.44
CA ARG Q 58 52.19 76.09 51.83
C ARG Q 58 51.26 75.44 52.84
N ASN Q 59 51.79 74.96 53.95
CA ASN Q 59 50.99 74.38 55.01
C ASN Q 59 50.31 75.41 55.89
N ARG Q 60 50.97 76.53 56.18
CA ARG Q 60 50.40 77.55 57.03
C ARG Q 60 50.89 78.92 56.56
N LYS Q 61 50.00 79.88 56.59
CA LYS Q 61 50.29 81.24 56.13
C LYS Q 61 50.66 82.13 57.30
N ASN Q 62 50.74 81.56 58.49
CA ASN Q 62 50.89 82.36 59.69
C ASN Q 62 52.24 82.10 60.31
N TYR Q 63 52.76 83.12 61.00
CA TYR Q 63 53.99 82.96 61.76
C TYR Q 63 53.70 82.31 63.10
N LYS Q 64 54.58 81.40 63.52
CA LYS Q 64 54.50 80.79 64.84
C LYS Q 64 55.76 81.15 65.60
N VAL Q 65 55.59 81.57 66.85
CA VAL Q 65 56.70 81.78 67.76
C VAL Q 65 56.42 80.91 68.98
N GLN Q 66 57.27 79.92 69.19
CA GLN Q 66 57.08 78.94 70.24
C GLN Q 66 58.16 79.11 71.29
N VAL Q 67 57.77 79.13 72.55
CA VAL Q 67 58.69 79.22 73.66
C VAL Q 67 58.29 78.20 74.70
N LYS Q 68 59.20 77.31 75.04
CA LYS Q 68 58.96 76.28 76.03
C LYS Q 68 60.02 76.37 77.12
N ILE Q 69 59.62 76.08 78.35
CA ILE Q 69 60.50 76.12 79.50
C ILE Q 69 60.39 74.80 80.23
N GLN Q 70 61.53 74.24 80.59
CA GLN Q 70 61.60 72.94 81.24
C GLN Q 70 62.43 73.07 82.50
N ASN Q 71 61.79 72.86 83.65
CA ASN Q 71 62.43 73.03 84.96
C ASN Q 71 62.20 71.77 85.77
N PRO Q 72 63.12 70.83 85.75
CA PRO Q 72 62.94 69.59 86.50
C PRO Q 72 63.05 69.84 88.00
N THR Q 73 62.80 68.78 88.75
CA THR Q 73 62.93 68.80 90.20
C THR Q 73 63.94 67.75 90.61
N ALA Q 74 65.07 68.22 91.13
CA ALA Q 74 66.14 67.34 91.54
C ALA Q 74 65.76 66.65 92.85
N CYS Q 75 65.99 65.34 92.91
CA CYS Q 75 65.97 64.61 94.17
C CYS Q 75 67.42 64.41 94.57
N THR Q 76 67.86 65.16 95.58
CA THR Q 76 69.26 65.12 95.97
C THR Q 76 69.64 63.76 96.52
N ALA Q 77 68.94 63.32 97.57
CA ALA Q 77 69.18 62.00 98.14
C ALA Q 77 68.06 61.09 97.67
N ASN Q 78 68.40 60.19 96.76
CA ASN Q 78 67.50 59.13 96.35
C ASN Q 78 67.78 57.83 97.11
N GLY Q 79 68.69 57.88 98.08
CA GLY Q 79 69.27 56.65 98.58
C GLY Q 79 70.39 56.15 97.70
N SER Q 80 70.74 56.90 96.66
CA SER Q 80 71.78 56.53 95.72
C SER Q 80 72.76 57.69 95.63
N CYS Q 81 73.92 57.43 95.05
CA CYS Q 81 74.99 58.41 94.99
C CYS Q 81 74.71 59.56 94.03
N ASP Q 82 73.72 59.43 93.16
CA ASP Q 82 73.48 60.47 92.17
C ASP Q 82 72.07 60.99 92.28
N PRO Q 83 71.87 62.30 92.09
CA PRO Q 83 70.51 62.84 92.11
C PRO Q 83 69.73 62.36 90.90
N SER Q 84 68.42 62.48 90.97
CA SER Q 84 67.55 61.98 89.93
C SER Q 84 66.39 62.93 89.69
N VAL Q 85 65.94 62.98 88.44
CA VAL Q 85 64.80 63.79 88.06
C VAL Q 85 63.57 63.23 88.76
N THR Q 86 62.79 64.12 89.37
CA THR Q 86 61.56 63.68 90.01
C THR Q 86 60.34 64.20 89.26
N ARG Q 87 60.08 65.50 89.36
CA ARG Q 87 58.99 66.13 88.66
C ARG Q 87 59.55 67.04 87.59
N GLN Q 88 58.83 67.15 86.48
CA GLN Q 88 59.30 67.97 85.37
C GLN Q 88 58.26 69.05 85.11
N ALA Q 89 58.61 70.30 85.39
CA ALA Q 89 57.70 71.42 85.19
C ALA Q 89 57.74 71.81 83.72
N TYR Q 90 56.57 71.88 83.09
CA TYR Q 90 56.48 72.28 81.70
C TYR Q 90 55.78 73.62 81.57
N ALA Q 91 56.50 74.58 81.02
CA ALA Q 91 55.95 75.90 80.74
C ALA Q 91 56.05 76.12 79.25
N ASP Q 92 54.90 76.28 78.59
CA ASP Q 92 54.85 76.41 77.14
C ASP Q 92 54.10 77.67 76.75
N VAL Q 93 54.66 78.40 75.80
CA VAL Q 93 54.07 79.64 75.29
C VAL Q 93 54.21 79.63 73.77
N THR Q 94 53.14 80.00 73.09
CA THR Q 94 53.15 80.08 71.64
C THR Q 94 52.61 81.43 71.18
N PHE Q 95 52.84 81.73 69.91
CA PHE Q 95 52.33 82.95 69.32
C PHE Q 95 51.96 82.69 67.88
N SER Q 96 50.88 83.33 67.45
CA SER Q 96 50.45 83.26 66.07
C SER Q 96 50.31 84.68 65.55
N PHE Q 97 50.67 84.87 64.28
CA PHE Q 97 50.56 86.17 63.66
C PHE Q 97 50.28 85.99 62.18
N THR Q 98 49.75 87.05 61.59
CA THR Q 98 49.43 87.05 60.17
C THR Q 98 50.50 87.84 59.43
N GLN Q 99 50.74 87.43 58.19
CA GLN Q 99 51.75 88.08 57.38
C GLN Q 99 51.61 89.59 57.38
N TYR Q 100 50.39 90.10 57.56
CA TYR Q 100 50.21 91.54 57.63
C TYR Q 100 50.28 92.08 59.05
N SER Q 101 50.59 91.24 60.02
CA SER Q 101 50.67 91.69 61.40
C SER Q 101 51.66 92.85 61.51
N THR Q 102 51.29 93.88 62.25
CA THR Q 102 52.18 95.02 62.36
C THR Q 102 53.08 94.88 63.58
N ASP Q 103 53.95 95.86 63.76
CA ASP Q 103 54.91 95.80 64.86
C ASP Q 103 54.22 96.02 66.19
N GLU Q 104 53.55 97.16 66.34
CA GLU Q 104 53.03 97.52 67.65
C GLU Q 104 52.02 96.50 68.16
N GLU Q 105 51.18 95.99 67.26
CA GLU Q 105 50.30 94.89 67.64
C GLU Q 105 51.07 93.79 68.35
N ARG Q 106 52.12 93.31 67.72
CA ARG Q 106 52.97 92.31 68.37
C ARG Q 106 53.51 92.85 69.68
N ALA Q 107 54.19 93.99 69.63
CA ALA Q 107 54.67 94.62 70.85
C ALA Q 107 53.57 94.72 71.89
N PHE Q 108 52.39 95.15 71.48
CA PHE Q 108 51.27 95.20 72.41
C PHE Q 108 51.03 93.85 73.05
N VAL Q 109 51.12 92.77 72.28
CA VAL Q 109 50.93 91.45 72.86
C VAL Q 109 52.00 91.14 73.88
N ARG Q 110 53.25 91.47 73.56
CA ARG Q 110 54.34 91.06 74.42
C ARG Q 110 54.16 91.59 75.84
N THR Q 111 54.03 92.91 75.98
CA THR Q 111 53.92 93.48 77.31
C THR Q 111 52.73 92.92 78.08
N GLU Q 112 51.53 93.02 77.51
CA GLU Q 112 50.33 92.65 78.24
C GLU Q 112 50.42 91.25 78.82
N LEU Q 113 50.98 90.30 78.07
CA LEU Q 113 51.15 88.97 78.63
C LEU Q 113 51.98 89.02 79.90
N ALA Q 114 53.09 89.76 79.86
CA ALA Q 114 53.89 89.92 81.06
C ALA Q 114 53.07 90.52 82.19
N ALA Q 115 52.39 91.64 81.92
CA ALA Q 115 51.58 92.27 82.96
C ALA Q 115 50.64 91.27 83.61
N LEU Q 116 49.95 90.46 82.81
CA LEU Q 116 49.13 89.41 83.37
C LEU Q 116 49.92 88.54 84.32
N LEU Q 117 51.11 88.12 83.91
CA LEU Q 117 51.90 87.27 84.77
C LEU Q 117 52.22 87.94 86.09
N ALA Q 118 52.27 89.26 86.12
CA ALA Q 118 52.41 89.99 87.36
C ALA Q 118 51.06 90.34 87.97
N SER Q 119 49.97 90.12 87.26
CA SER Q 119 48.66 90.46 87.79
C SER Q 119 48.33 89.57 88.98
N PRO Q 120 47.63 90.12 89.97
CA PRO Q 120 47.19 89.30 91.10
C PRO Q 120 46.25 88.19 90.71
N LEU Q 121 45.65 88.28 89.51
CA LEU Q 121 44.77 87.20 89.09
C LEU Q 121 45.54 85.90 88.92
N LEU Q 122 46.53 85.89 88.03
CA LEU Q 122 47.17 84.64 87.68
C LEU Q 122 47.92 84.00 88.83
N ILE Q 123 48.44 84.80 89.77
CA ILE Q 123 49.26 84.23 90.82
C ILE Q 123 48.51 83.16 91.58
N ASP Q 124 47.28 83.43 92.00
CA ASP Q 124 46.47 82.40 92.60
C ASP Q 124 46.18 81.27 91.64
N ALA Q 125 45.86 81.61 90.40
CA ALA Q 125 45.71 80.62 89.35
C ALA Q 125 46.95 79.77 89.20
N ILE Q 126 48.12 80.37 89.10
CA ILE Q 126 49.37 79.64 88.98
C ILE Q 126 49.80 79.05 90.31
N ASP Q 127 50.15 79.89 91.26
CA ASP Q 127 50.76 79.41 92.49
C ASP Q 127 49.83 78.48 93.26
N GLN Q 128 48.63 78.94 93.56
CA GLN Q 128 47.72 78.18 94.37
C GLN Q 128 46.75 77.34 93.57
N LEU Q 129 46.88 77.32 92.25
CA LEU Q 129 46.03 76.50 91.38
C LEU Q 129 44.57 76.80 91.64
N ASN Q 130 44.18 78.02 91.35
CA ASN Q 130 42.81 78.36 91.66
C ASN Q 130 42.11 78.92 90.43
N PRO Q 131 40.87 78.56 90.23
CA PRO Q 131 40.08 79.20 89.18
C PRO Q 131 39.75 80.63 89.54
N ALA Q 132 38.83 81.22 88.78
CA ALA Q 132 38.66 82.66 88.70
C ALA Q 132 37.85 83.24 89.85
N TYR Q 133 37.48 82.41 90.82
CA TYR Q 133 36.63 82.89 91.90
C TYR Q 133 37.47 83.19 93.13
N ALA R 2 82.21 75.65 71.02
CA ALA R 2 82.35 77.05 70.61
C ALA R 2 82.20 77.18 69.11
N LYS R 3 82.52 78.36 68.60
CA LYS R 3 82.36 78.67 67.19
C LYS R 3 83.29 77.81 66.35
N LEU R 4 82.78 77.38 65.21
CA LEU R 4 83.61 76.77 64.18
C LEU R 4 84.70 77.75 63.82
N GLU R 5 85.94 77.29 63.83
CA GLU R 5 87.07 78.13 63.51
C GLU R 5 88.09 77.35 62.70
N THR R 6 89.13 78.04 62.27
CA THR R 6 90.29 77.37 61.70
C THR R 6 90.90 76.56 62.82
N VAL R 7 91.07 75.27 62.59
CA VAL R 7 91.65 74.40 63.61
C VAL R 7 93.02 73.95 63.14
N THR R 8 94.06 74.48 63.76
CA THR R 8 95.41 74.07 63.47
C THR R 8 95.75 72.85 64.31
N LEU R 9 96.49 71.93 63.73
CA LEU R 9 96.91 70.73 64.43
C LEU R 9 98.40 70.51 64.21
N GLY R 10 99.15 70.43 65.30
CA GLY R 10 100.55 70.08 65.25
C GLY R 10 100.74 68.63 65.67
N ASN R 11 101.97 68.15 65.50
CA ASN R 11 102.36 66.83 65.96
C ASN R 11 101.45 65.76 65.36
N ILE R 12 101.61 65.56 64.05
CA ILE R 12 100.74 64.69 63.29
C ILE R 12 101.61 63.67 62.57
N GLY R 13 101.05 62.49 62.32
CA GLY R 13 101.75 61.45 61.59
C GLY R 13 102.84 60.83 62.42
N LYS R 14 103.36 59.72 61.88
CA LYS R 14 104.44 59.00 62.55
C LYS R 14 105.58 59.92 62.90
N ASP R 15 105.87 60.89 62.04
CA ASP R 15 106.88 61.88 62.34
C ASP R 15 106.48 62.74 63.54
N GLY R 16 105.26 63.27 63.52
CA GLY R 16 104.90 64.28 64.50
C GLY R 16 105.34 65.67 64.10
N LYS R 17 106.00 65.81 62.96
CA LYS R 17 106.29 67.12 62.42
C LYS R 17 105.19 67.58 61.47
N GLN R 18 104.27 66.68 61.13
CA GLN R 18 103.16 67.01 60.26
C GLN R 18 102.21 67.97 60.97
N THR R 19 101.69 68.92 60.21
CA THR R 19 100.72 69.87 60.70
C THR R 19 99.54 69.94 59.75
N LEU R 20 98.38 70.31 60.29
CA LEU R 20 97.17 70.37 59.49
C LEU R 20 96.28 71.47 59.99
N VAL R 21 95.64 72.18 59.07
CA VAL R 21 94.65 73.18 59.40
C VAL R 21 93.32 72.72 58.82
N LEU R 22 92.23 73.14 59.46
CA LEU R 22 90.89 72.74 59.05
C LEU R 22 90.00 73.99 59.00
N ASN R 23 89.47 74.25 57.87
CA ASN R 23 88.57 75.38 57.87
C ASN R 23 87.15 74.95 58.18
N PRO R 24 86.37 75.80 58.82
CA PRO R 24 84.96 75.50 59.01
C PRO R 24 84.25 75.40 57.67
N ARG R 25 83.55 74.30 57.48
CA ARG R 25 82.82 74.05 56.24
C ARG R 25 81.35 74.41 56.35
N GLY R 26 80.91 74.93 57.48
CA GLY R 26 79.49 75.11 57.72
C GLY R 26 78.89 73.86 58.33
N VAL R 27 77.57 73.89 58.46
CA VAL R 27 76.84 72.81 59.11
C VAL R 27 75.67 72.40 58.24
N ASN R 28 75.57 71.12 57.94
CA ASN R 28 74.38 70.65 57.28
C ASN R 28 73.23 70.65 58.26
N PRO R 29 72.20 71.49 58.08
CA PRO R 29 71.11 71.54 59.04
C PRO R 29 70.24 70.31 59.04
N THR R 30 70.13 69.63 57.91
CA THR R 30 69.25 68.46 57.84
C THR R 30 69.62 67.44 58.90
N ASN R 31 70.76 66.78 58.73
CA ASN R 31 71.26 65.89 59.76
C ASN R 31 71.77 66.64 60.97
N GLY R 32 71.91 67.96 60.89
CA GLY R 32 72.45 68.72 62.00
C GLY R 32 73.88 68.34 62.30
N VAL R 33 74.76 68.39 61.30
CA VAL R 33 76.13 67.93 61.44
C VAL R 33 77.06 69.00 60.91
N ALA R 34 78.05 69.39 61.72
CA ALA R 34 79.08 70.31 61.29
C ALA R 34 80.08 69.60 60.39
N SER R 35 80.84 70.41 59.64
CA SER R 35 81.85 69.88 58.75
C SER R 35 83.07 70.76 58.80
N LEU R 36 84.24 70.12 58.74
CA LEU R 36 85.52 70.81 58.73
C LEU R 36 86.37 70.22 57.62
N SER R 37 87.25 71.03 57.06
CA SER R 37 88.09 70.51 55.99
C SER R 37 89.41 71.24 55.94
N GLN R 38 90.43 70.50 55.53
CA GLN R 38 91.64 71.10 55.00
C GLN R 38 91.30 71.92 53.77
N ALA R 39 92.06 73.00 53.57
CA ALA R 39 91.92 73.75 52.32
C ALA R 39 92.94 73.21 51.33
N GLY R 40 92.41 72.46 50.37
CA GLY R 40 93.21 71.95 49.28
C GLY R 40 92.84 72.60 47.97
N ALA R 41 93.09 71.87 46.89
CA ALA R 41 92.60 72.30 45.59
C ALA R 41 91.20 71.75 45.33
N VAL R 42 91.09 70.44 45.23
CA VAL R 42 89.82 69.80 44.90
C VAL R 42 89.14 69.35 46.17
N PRO R 43 87.94 69.85 46.48
CA PRO R 43 87.23 69.40 47.68
C PRO R 43 87.11 67.89 47.78
N ALA R 44 86.83 67.20 46.69
CA ALA R 44 86.84 65.74 46.68
C ALA R 44 88.14 65.19 47.24
N LEU R 45 89.27 65.83 46.94
CA LEU R 45 90.54 65.41 47.48
C LEU R 45 90.75 65.89 48.91
N GLU R 46 90.12 66.99 49.29
CA GLU R 46 90.42 67.64 50.56
C GLU R 46 89.94 66.77 51.72
N LYS R 47 90.74 66.78 52.80
CA LYS R 47 90.45 65.99 53.98
C LYS R 47 89.17 66.53 54.60
N ARG R 48 88.37 65.65 55.18
CA ARG R 48 87.12 66.08 55.79
C ARG R 48 87.05 65.63 57.23
N VAL R 49 86.42 66.45 58.06
CA VAL R 49 86.20 66.14 59.47
C VAL R 49 84.77 66.50 59.80
N THR R 50 84.05 65.57 60.40
CA THR R 50 82.64 65.75 60.70
C THR R 50 82.40 65.49 62.18
N VAL R 51 81.66 66.39 62.82
CA VAL R 51 81.26 66.20 64.20
C VAL R 51 79.77 66.46 64.30
N SER R 52 79.15 65.83 65.29
CA SER R 52 77.73 65.99 65.48
C SER R 52 77.39 65.74 66.95
N VAL R 53 76.33 66.39 67.41
CA VAL R 53 75.77 66.10 68.71
C VAL R 53 74.42 65.48 68.47
N SER R 54 73.70 65.17 69.54
CA SER R 54 72.38 64.60 69.44
C SER R 54 71.64 64.90 70.74
N GLN R 55 70.33 64.72 70.69
CA GLN R 55 69.55 64.91 71.90
C GLN R 55 68.54 63.78 72.01
N PRO R 56 68.25 63.32 73.23
CA PRO R 56 67.38 62.16 73.39
C PRO R 56 65.98 62.45 72.88
N SER R 57 65.38 61.45 72.25
CA SER R 57 64.03 61.56 71.72
C SER R 57 63.20 60.41 72.26
N ARG R 58 61.97 60.31 71.77
CA ARG R 58 61.17 59.13 72.05
C ARG R 58 61.80 57.86 71.52
N ASN R 59 62.68 57.96 70.52
CA ASN R 59 63.39 56.81 69.99
C ASN R 59 64.57 56.39 70.85
N ARG R 60 65.29 57.34 71.44
CA ARG R 60 66.44 57.02 72.25
C ARG R 60 66.56 58.04 73.37
N LYS R 61 66.92 57.56 74.55
CA LYS R 61 67.03 58.40 75.74
C LYS R 61 68.47 58.83 75.96
N ASN R 62 69.35 58.47 75.05
CA ASN R 62 70.77 58.66 75.24
C ASN R 62 71.31 59.70 74.29
N TYR R 63 72.36 60.39 74.71
CA TYR R 63 73.04 61.31 73.82
C TYR R 63 74.03 60.56 72.94
N LYS R 64 74.09 60.97 71.67
CA LYS R 64 75.07 60.43 70.74
C LYS R 64 75.97 61.56 70.27
N VAL R 65 77.26 61.32 70.28
CA VAL R 65 78.24 62.23 69.71
C VAL R 65 79.02 61.44 68.67
N GLN R 66 78.87 61.81 67.42
CA GLN R 66 79.46 61.09 66.31
C GLN R 66 80.53 61.95 65.66
N VAL R 67 81.68 61.34 65.41
CA VAL R 67 82.78 62.02 64.74
C VAL R 67 83.33 61.09 63.69
N LYS R 68 83.34 61.55 62.45
CA LYS R 68 83.85 60.77 61.33
C LYS R 68 84.93 61.56 60.61
N ILE R 69 85.94 60.85 60.12
CA ILE R 69 87.05 61.45 59.40
C ILE R 69 87.20 60.75 58.08
N GLN R 70 87.37 61.52 57.02
CA GLN R 70 87.46 61.00 55.67
C GLN R 70 88.72 61.57 55.02
N ASN R 71 89.67 60.69 54.70
CA ASN R 71 90.96 61.09 54.15
C ASN R 71 91.23 60.26 52.90
N PRO R 72 90.88 60.78 51.74
CA PRO R 72 91.09 60.03 50.51
C PRO R 72 92.57 59.93 50.18
N THR R 73 92.84 59.19 49.11
CA THR R 73 94.19 59.04 48.59
C THR R 73 94.21 59.52 47.15
N ALA R 74 94.92 60.61 46.92
CA ALA R 74 95.00 61.20 45.59
C ALA R 74 95.93 60.37 44.72
N CYS R 75 95.49 60.10 43.49
CA CYS R 75 96.37 59.56 42.46
C CYS R 75 96.72 60.75 41.58
N THR R 76 97.96 61.23 41.70
CA THR R 76 98.36 62.43 40.97
C THR R 76 98.37 62.18 39.47
N ALA R 77 99.14 61.19 39.03
CA ALA R 77 99.17 60.83 37.61
C ALA R 77 98.33 59.57 37.45
N ASN R 78 97.16 59.74 36.84
CA ASN R 78 96.33 58.62 36.44
C ASN R 78 96.54 58.27 34.98
N GLY R 79 97.49 58.93 34.32
CA GLY R 79 97.52 58.93 32.87
C GLY R 79 96.55 59.94 32.29
N SER R 80 95.90 60.73 33.14
CA SER R 80 94.93 61.73 32.74
C SER R 80 95.34 63.05 33.36
N CYS R 81 94.75 64.14 32.87
CA CYS R 81 95.12 65.48 33.29
C CYS R 81 94.67 65.81 34.71
N ASP R 82 93.78 65.02 35.29
CA ASP R 82 93.26 65.37 36.60
C ASP R 82 93.50 64.24 37.58
N PRO R 83 93.82 64.55 38.83
CA PRO R 83 93.98 63.50 39.83
C PRO R 83 92.65 62.85 40.14
N SER R 84 92.70 61.67 40.74
CA SER R 84 91.51 60.90 41.02
C SER R 84 91.61 60.22 42.38
N VAL R 85 90.46 60.07 43.01
CA VAL R 85 90.37 59.39 44.30
C VAL R 85 90.75 57.93 44.08
N THR R 86 91.62 57.41 44.94
CA THR R 86 91.98 56.00 44.84
C THR R 86 91.43 55.22 46.03
N ARG R 87 92.02 55.42 47.20
CA ARG R 87 91.57 54.78 48.42
C ARG R 87 90.96 55.82 49.33
N GLN R 88 89.95 55.41 50.08
CA GLN R 88 89.26 56.34 50.97
C GLN R 88 89.39 55.82 52.39
N ALA R 89 90.15 56.53 53.21
CA ALA R 89 90.35 56.14 54.60
C ALA R 89 89.15 56.59 55.41
N TYR R 90 88.55 55.67 56.16
CA TYR R 90 87.42 55.99 57.01
C TYR R 90 87.79 55.85 58.47
N ALA R 91 87.68 56.97 59.18
CA ALA R 91 87.91 56.98 60.63
C ALA R 91 86.62 57.43 61.29
N ASP R 92 86.02 56.57 62.09
CA ASP R 92 84.74 56.83 62.71
C ASP R 92 84.84 56.67 64.21
N VAL R 93 84.25 57.62 64.95
CA VAL R 93 84.24 57.62 66.40
C VAL R 93 82.85 58.03 66.84
N THR R 94 82.31 57.32 67.82
CA THR R 94 81.00 57.63 68.37
C THR R 94 81.08 57.71 69.90
N PHE R 95 80.04 58.27 70.49
CA PHE R 95 79.95 58.35 71.92
C PHE R 95 78.50 58.19 72.35
N SER R 96 78.31 57.51 73.46
CA SER R 96 76.99 57.36 74.05
C SER R 96 77.05 57.83 75.48
N PHE R 97 75.97 58.47 75.93
CA PHE R 97 75.89 58.95 77.29
C PHE R 97 74.44 58.91 77.75
N THR R 98 74.28 58.92 79.06
CA THR R 98 72.97 58.90 79.67
C THR R 98 72.62 60.29 80.17
N GLN R 99 71.35 60.61 80.14
CA GLN R 99 70.88 61.92 80.56
C GLN R 99 71.45 62.32 81.90
N TYR R 100 71.77 61.36 82.76
CA TYR R 100 72.38 61.68 84.05
C TYR R 100 73.89 61.67 83.99
N SER R 101 74.49 61.48 82.83
CA SER R 101 75.94 61.45 82.71
C SER R 101 76.53 62.73 83.27
N THR R 102 77.60 62.61 84.05
CA THR R 102 78.18 63.82 84.62
C THR R 102 79.27 64.36 83.73
N ASP R 103 79.86 65.47 84.15
CA ASP R 103 80.89 66.11 83.35
C ASP R 103 82.18 65.31 83.36
N GLU R 104 82.72 65.06 84.55
CA GLU R 104 84.05 64.47 84.63
C GLU R 104 84.08 63.09 84.00
N GLU R 105 83.02 62.31 84.19
CA GLU R 105 82.90 61.04 83.49
C GLU R 105 83.18 61.22 82.01
N ARG R 106 82.45 62.15 81.37
CA ARG R 106 82.70 62.42 79.97
C ARG R 106 84.13 62.86 79.77
N ALA R 107 84.56 63.91 80.50
CA ALA R 107 85.94 64.33 80.42
C ALA R 107 86.90 63.17 80.60
N PHE R 108 86.64 62.32 81.58
CA PHE R 108 87.45 61.13 81.76
C PHE R 108 87.52 60.30 80.48
N VAL R 109 86.40 60.15 79.78
CA VAL R 109 86.41 59.40 78.54
C VAL R 109 87.28 60.07 77.51
N ARG R 110 87.17 61.40 77.39
CA ARG R 110 87.86 62.08 76.31
C ARG R 110 89.36 61.83 76.36
N THR R 111 89.98 62.16 77.49
CA THR R 111 91.43 62.00 77.57
C THR R 111 91.87 60.57 77.31
N GLU R 112 91.34 59.61 78.08
CA GLU R 112 91.82 58.25 77.99
C GLU R 112 91.80 57.72 76.56
N LEU R 113 90.78 58.04 75.78
CA LEU R 113 90.78 57.62 74.39
C LEU R 113 92.00 58.15 73.68
N ALA R 114 92.31 59.44 73.87
CA ALA R 114 93.52 59.99 73.29
C ALA R 114 94.75 59.24 73.75
N ALA R 115 94.91 59.07 75.05
CA ALA R 115 96.07 58.36 75.56
C ALA R 115 96.24 57.01 74.88
N LEU R 116 95.16 56.25 74.73
CA LEU R 116 95.24 55.02 73.98
C LEU R 116 95.82 55.24 72.59
N LEU R 117 95.32 56.26 71.90
CA LEU R 117 95.82 56.53 70.57
C LEU R 117 97.32 56.80 70.57
N ALA R 118 97.85 57.32 71.67
CA ALA R 118 99.29 57.46 71.81
C ALA R 118 99.93 56.23 72.44
N SER R 119 99.13 55.29 72.94
CA SER R 119 99.70 54.12 73.57
C SER R 119 100.44 53.27 72.54
N PRO R 120 101.53 52.63 72.96
CA PRO R 120 102.24 51.73 72.05
C PRO R 120 101.41 50.55 71.62
N LEU R 121 100.33 50.25 72.33
CA LEU R 121 99.47 49.15 71.91
C LEU R 121 98.85 49.43 70.55
N LEU R 122 98.07 50.49 70.44
CA LEU R 122 97.29 50.72 69.25
C LEU R 122 98.14 50.95 68.01
N ILE R 123 99.33 51.53 68.17
CA ILE R 123 100.11 51.89 66.99
C ILE R 123 100.37 50.67 66.13
N ASP R 124 100.82 49.56 66.72
CA ASP R 124 100.93 48.32 65.96
C ASP R 124 99.60 47.85 65.44
N ALA R 125 98.56 47.91 66.28
CA ALA R 125 97.21 47.63 65.84
C ALA R 125 96.80 48.49 64.66
N ILE R 126 97.00 49.79 64.74
CA ILE R 126 96.65 50.70 63.66
C ILE R 126 97.67 50.63 62.54
N ASP R 127 98.90 51.06 62.81
CA ASP R 127 99.86 51.22 61.72
C ASP R 127 100.17 49.90 61.05
N GLN R 128 100.58 48.90 61.82
CA GLN R 128 100.99 47.63 61.26
C GLN R 128 99.88 46.61 61.21
N LEU R 129 98.66 46.97 61.58
CA LEU R 129 97.52 46.08 61.51
C LEU R 129 97.80 44.78 62.27
N ASN R 130 97.99 44.92 63.57
CA ASN R 130 98.34 43.73 64.30
C ASN R 130 97.40 43.52 65.47
N PRO R 131 97.03 42.30 65.72
CA PRO R 131 96.26 42.00 66.94
C PRO R 131 97.13 42.13 68.17
N ALA R 132 96.62 41.65 69.29
CA ALA R 132 97.09 42.03 70.62
C ALA R 132 98.34 41.26 71.04
N TYR R 133 98.90 40.44 70.17
CA TYR R 133 100.05 39.63 70.55
C TYR R 133 101.33 40.27 70.05
N ALA S 2 80.25 81.80 57.27
CA ALA S 2 80.25 82.03 58.71
C ALA S 2 78.83 82.14 59.23
N LYS S 3 78.70 82.54 60.49
CA LYS S 3 77.42 82.64 61.16
C LYS S 3 76.54 83.69 60.48
N LEU S 4 75.26 83.37 60.39
CA LEU S 4 74.25 84.36 60.03
C LEU S 4 74.36 85.52 61.01
N GLU S 5 74.44 86.72 60.50
CA GLU S 5 74.54 87.90 61.34
C GLU S 5 73.73 89.03 60.73
N THR S 6 73.68 90.14 61.45
CA THR S 6 73.14 91.37 60.89
C THR S 6 74.11 91.77 59.78
N VAL S 7 73.56 91.98 58.59
CA VAL S 7 74.41 92.36 57.48
C VAL S 7 74.06 93.79 57.09
N THR S 8 74.97 94.71 57.37
CA THR S 8 74.81 96.10 56.99
C THR S 8 75.34 96.27 55.57
N LEU S 9 74.67 97.10 54.79
CA LEU S 9 75.09 97.38 53.43
C LEU S 9 75.06 98.88 53.20
N GLY S 10 76.21 99.43 52.80
CA GLY S 10 76.29 100.81 52.40
C GLY S 10 76.35 100.92 50.89
N ASN S 11 76.26 102.15 50.40
CA ASN S 11 76.41 102.45 48.99
C ASN S 11 75.42 101.65 48.15
N ILE S 12 74.15 102.03 48.30
CA ILE S 12 73.05 101.29 47.69
C ILE S 12 72.24 102.26 46.85
N GLY S 13 71.61 101.75 45.81
CA GLY S 13 70.75 102.54 44.96
C GLY S 13 71.55 103.48 44.08
N LYS S 14 70.84 104.08 43.13
CA LYS S 14 71.46 105.01 42.19
C LYS S 14 72.23 106.09 42.94
N ASP S 15 71.70 106.53 44.09
CA ASP S 15 72.42 107.49 44.91
C ASP S 15 73.71 106.88 45.45
N GLY S 16 73.63 105.70 46.03
CA GLY S 16 74.77 105.19 46.77
C GLY S 16 74.83 105.70 48.18
N LYS S 17 73.88 106.54 48.58
CA LYS S 17 73.77 106.93 49.97
C LYS S 17 72.80 106.01 50.71
N GLN S 18 72.10 105.16 49.99
CA GLN S 18 71.18 104.22 50.59
C GLN S 18 71.94 103.18 51.38
N THR S 19 71.39 102.79 52.52
CA THR S 19 71.95 101.76 53.36
C THR S 19 70.87 100.76 53.73
N LEU S 20 71.28 99.53 54.01
CA LEU S 20 70.34 98.48 54.33
C LEU S 20 70.96 97.52 55.33
N VAL S 21 70.16 97.05 56.28
CA VAL S 21 70.57 96.03 57.20
C VAL S 21 69.69 94.82 56.99
N LEU S 22 70.23 93.64 57.29
CA LEU S 22 69.53 92.39 57.07
C LEU S 22 69.66 91.53 58.34
N ASN S 23 68.56 91.19 58.91
CA ASN S 23 68.71 90.32 60.05
C ASN S 23 68.65 88.87 59.62
N PRO S 24 69.36 88.00 60.32
CA PRO S 24 69.23 86.57 60.06
C PRO S 24 67.82 86.11 60.35
N ARG S 25 67.23 85.43 59.37
CA ARG S 25 65.87 84.92 59.48
C ARG S 25 65.83 83.46 59.87
N GLY S 26 66.97 82.83 60.12
CA GLY S 26 67.01 81.40 60.30
C GLY S 26 67.16 80.69 58.98
N VAL S 27 67.08 79.37 59.03
CA VAL S 27 67.30 78.53 57.87
C VAL S 27 66.16 77.53 57.76
N ASN S 28 65.53 77.48 56.60
CA ASN S 28 64.59 76.39 56.38
C ASN S 28 65.34 75.10 56.19
N PRO S 29 65.21 74.14 57.10
CA PRO S 29 65.96 72.89 56.96
C PRO S 29 65.49 72.02 55.83
N THR S 30 64.22 72.10 55.45
CA THR S 30 63.70 71.24 54.39
C THR S 30 64.51 71.41 53.12
N ASN S 31 64.37 72.55 52.47
CA ASN S 31 65.19 72.87 51.31
C ASN S 31 66.62 73.16 51.70
N GLY S 32 66.91 73.33 52.98
CA GLY S 32 68.25 73.68 53.40
C GLY S 32 68.68 75.04 52.88
N VAL S 33 67.88 76.07 53.14
CA VAL S 33 68.13 77.40 52.60
C VAL S 33 68.04 78.42 53.72
N ALA S 34 69.07 79.24 53.83
CA ALA S 34 69.08 80.34 54.77
C ALA S 34 68.20 81.48 54.27
N SER S 35 67.83 82.35 55.20
CA SER S 35 67.00 83.50 54.87
C SER S 35 67.48 84.72 55.63
N LEU S 36 67.45 85.86 54.97
CA LEU S 36 67.83 87.13 55.58
C LEU S 36 66.76 88.15 55.24
N SER S 37 66.58 89.12 56.14
CA SER S 37 65.56 90.13 55.85
C SER S 37 65.93 91.45 56.50
N GLN S 38 65.50 92.52 55.84
CA GLN S 38 65.36 93.80 56.49
C GLN S 38 64.35 93.68 57.62
N ALA S 39 64.55 94.48 58.67
CA ALA S 39 63.55 94.55 59.72
C ALA S 39 62.63 95.73 59.40
N GLY S 40 61.43 95.37 58.96
CA GLY S 40 60.39 96.34 58.69
C GLY S 40 59.25 96.19 59.68
N ALA S 41 58.08 96.63 59.24
CA ALA S 41 56.87 96.38 60.01
C ALA S 41 56.26 95.04 59.62
N VAL S 42 55.79 94.93 58.38
CA VAL S 42 55.11 93.74 57.92
C VAL S 42 56.10 92.84 57.19
N PRO S 43 56.32 91.62 57.67
CA PRO S 43 57.22 90.70 56.96
C PRO S 43 56.91 90.56 55.48
N ALA S 44 55.64 90.46 55.11
CA ALA S 44 55.26 90.46 53.71
C ALA S 44 55.85 91.65 52.96
N LEU S 45 55.93 92.81 53.61
CA LEU S 45 56.54 93.97 52.98
C LEU S 45 58.06 93.93 53.07
N GLU S 46 58.60 93.25 54.07
CA GLU S 46 60.03 93.33 54.34
C GLU S 46 60.84 92.67 53.25
N LYS S 47 61.98 93.26 52.94
CA LYS S 47 62.86 92.76 51.88
C LYS S 47 63.37 91.40 52.32
N ARG S 48 63.56 90.51 51.36
CA ARG S 48 64.05 89.18 51.68
C ARG S 48 65.29 88.85 50.88
N VAL S 49 66.20 88.10 51.50
CA VAL S 49 67.41 87.64 50.84
C VAL S 49 67.59 86.18 51.18
N THR S 50 67.81 85.35 50.17
CA THR S 50 67.91 83.91 50.33
C THR S 50 69.20 83.42 49.72
N VAL S 51 69.93 82.60 50.46
CA VAL S 51 71.13 81.96 49.95
C VAL S 51 71.04 80.47 50.25
N SER S 52 71.72 79.69 49.41
CA SER S 52 71.72 78.25 49.60
C SER S 52 72.99 77.68 49.00
N VAL S 53 73.42 76.56 49.57
CA VAL S 53 74.49 75.78 48.98
C VAL S 53 73.88 74.48 48.51
N SER S 54 74.70 73.59 47.98
CA SER S 54 74.24 72.30 47.53
C SER S 54 75.42 71.35 47.52
N GLN S 55 75.13 70.07 47.43
CA GLN S 55 76.19 69.09 47.33
C GLN S 55 75.84 68.06 46.27
N PRO S 56 76.83 67.57 45.54
CA PRO S 56 76.53 66.68 44.42
C PRO S 56 75.91 65.38 44.90
N SER S 57 74.94 64.90 44.13
CA SER S 57 74.25 63.67 44.45
C SER S 57 74.32 62.75 43.24
N ARG S 58 73.63 61.61 43.34
CA ARG S 58 73.46 60.76 42.17
C ARG S 58 72.72 61.46 41.05
N ASN S 59 71.94 62.50 41.35
CA ASN S 59 71.26 63.28 40.34
C ASN S 59 72.16 64.29 39.66
N ARG S 60 73.08 64.91 40.38
CA ARG S 60 73.96 65.91 39.80
C ARG S 60 75.30 65.83 40.49
N LYS S 61 76.37 65.98 39.71
CA LYS S 61 77.73 65.90 40.21
C LYS S 61 78.30 67.28 40.49
N ASN S 62 77.47 68.31 40.33
CA ASN S 62 77.94 69.67 40.38
C ASN S 62 77.39 70.38 41.61
N TYR S 63 78.14 71.34 42.11
CA TYR S 63 77.65 72.18 43.19
C TYR S 63 76.78 73.29 42.64
N LYS S 64 75.69 73.58 43.35
CA LYS S 64 74.82 74.69 43.02
C LYS S 64 74.82 75.66 44.19
N VAL S 65 74.98 76.94 43.88
CA VAL S 65 74.83 78.01 44.85
C VAL S 65 73.78 78.94 44.32
N GLN S 66 72.65 79.01 45.01
CA GLN S 66 71.50 79.78 44.57
C GLN S 66 71.28 80.95 45.51
N VAL S 67 71.08 82.13 44.93
CA VAL S 67 70.80 83.33 45.69
C VAL S 67 69.63 84.04 45.03
N LYS S 68 68.58 84.27 45.80
CA LYS S 68 67.39 84.95 45.31
C LYS S 68 67.10 86.15 46.19
N ILE S 69 66.61 87.22 45.58
CA ILE S 69 66.28 88.45 46.29
C ILE S 69 64.84 88.82 45.94
N GLN S 70 64.07 89.18 46.95
CA GLN S 70 62.66 89.49 46.79
C GLN S 70 62.41 90.85 47.44
N ASN S 71 62.03 91.83 46.62
CA ASN S 71 61.82 93.20 47.08
C ASN S 71 60.46 93.66 46.60
N PRO S 72 59.43 93.53 47.41
CA PRO S 72 58.10 93.94 46.99
C PRO S 72 57.99 95.46 46.90
N THR S 73 56.83 95.91 46.44
CA THR S 73 56.52 97.32 46.36
C THR S 73 55.28 97.59 47.19
N ALA S 74 55.46 98.33 48.27
CA ALA S 74 54.37 98.65 49.17
C ALA S 74 53.47 99.70 48.54
N CYS S 75 52.16 99.48 48.62
CA CYS S 75 51.19 100.52 48.32
C CYS S 75 50.70 101.02 49.68
N THR S 76 51.15 102.24 50.04
CA THR S 76 50.84 102.77 51.36
C THR S 76 49.35 103.02 51.51
N ALA S 77 48.79 103.84 50.63
CA ALA S 77 47.36 104.11 50.64
C ALA S 77 46.73 103.31 49.51
N ASN S 78 46.02 102.26 49.89
CA ASN S 78 45.20 101.51 48.96
C ASN S 78 43.75 101.97 48.99
N GLY S 79 43.46 103.02 49.74
CA GLY S 79 42.08 103.29 50.11
C GLY S 79 41.63 102.45 51.29
N SER S 80 42.55 101.67 51.87
CA SER S 80 42.26 100.80 52.99
C SER S 80 43.27 101.09 54.09
N CYS S 81 42.99 100.60 55.29
CA CYS S 81 43.80 100.91 56.45
C CYS S 81 45.17 100.23 56.43
N ASP S 82 45.36 99.24 55.57
CA ASP S 82 46.61 98.51 55.59
C ASP S 82 47.29 98.56 54.24
N PRO S 83 48.61 98.67 54.20
CA PRO S 83 49.32 98.65 52.93
C PRO S 83 49.22 97.28 52.29
N SER S 84 49.50 97.22 50.99
CA SER S 84 49.36 96.00 50.23
C SER S 84 50.49 95.86 49.23
N VAL S 85 50.87 94.61 48.98
CA VAL S 85 51.90 94.30 48.00
C VAL S 85 51.38 94.69 46.62
N THR S 86 52.19 95.39 45.86
CA THR S 86 51.80 95.76 44.51
C THR S 86 52.63 95.01 43.48
N ARG S 87 53.89 95.38 43.34
CA ARG S 87 54.81 94.73 42.43
C ARG S 87 55.84 93.98 43.24
N GLN S 88 56.29 92.86 42.69
CA GLN S 88 57.27 92.04 43.41
C GLN S 88 58.50 91.91 42.53
N ALA S 89 59.60 92.52 42.96
CA ALA S 89 60.85 92.48 42.23
C ALA S 89 61.55 91.16 42.51
N TYR S 90 61.91 90.44 41.46
CA TYR S 90 62.61 89.18 41.61
C TYR S 90 64.04 89.29 41.09
N ALA S 91 64.99 89.07 41.98
CA ALA S 91 66.40 89.04 41.61
C ALA S 91 66.93 87.66 41.95
N ASP S 92 67.38 86.93 40.94
CA ASP S 92 67.83 85.56 41.11
C ASP S 92 69.23 85.40 40.55
N VAL S 93 70.07 84.71 41.32
CA VAL S 93 71.45 84.45 40.94
C VAL S 93 71.76 83.01 41.30
N THR S 94 72.41 82.30 40.39
CA THR S 94 72.81 80.92 40.62
C THR S 94 74.29 80.75 40.30
N PHE S 95 74.83 79.62 40.74
CA PHE S 95 76.20 79.26 40.46
C PHE S 95 76.32 77.77 40.27
N SER S 96 77.18 77.39 39.33
CA SER S 96 77.48 75.99 39.10
C SER S 96 78.98 75.80 39.20
N PHE S 97 79.39 74.67 39.75
CA PHE S 97 80.81 74.36 39.86
C PHE S 97 80.99 72.86 39.79
N THR S 98 82.21 72.47 39.48
CA THR S 98 82.58 71.08 39.37
C THR S 98 83.36 70.66 40.61
N GLN S 99 83.20 69.40 40.98
CA GLN S 99 83.87 68.89 42.16
C GLN S 99 85.35 69.23 42.17
N TYR S 100 85.97 69.39 41.02
CA TYR S 100 87.37 69.77 40.96
C TYR S 100 87.57 71.28 40.88
N SER S 101 86.50 72.05 40.96
CA SER S 101 86.62 73.51 40.88
C SER S 101 87.58 73.99 41.96
N THR S 102 88.47 74.92 41.59
CA THR S 102 89.42 75.40 42.57
C THR S 102 88.89 76.64 43.27
N ASP S 103 89.69 77.14 44.20
CA ASP S 103 89.26 78.30 44.96
C ASP S 103 89.27 79.56 44.12
N GLU S 104 90.43 79.90 43.54
CA GLU S 104 90.56 81.19 42.88
C GLU S 104 89.61 81.31 41.71
N GLU S 105 89.40 80.23 40.97
CA GLU S 105 88.39 80.23 39.93
C GLU S 105 87.07 80.75 40.47
N ARG S 106 86.59 80.15 41.55
CA ARG S 106 85.37 80.64 42.17
C ARG S 106 85.53 82.09 42.58
N ALA S 107 86.56 82.40 43.37
CA ALA S 107 86.83 83.77 43.73
C ALA S 107 86.85 84.68 42.52
N PHE S 108 87.52 84.25 41.45
CA PHE S 108 87.51 85.01 40.22
C PHE S 108 86.09 85.28 39.74
N VAL S 109 85.21 84.30 39.84
CA VAL S 109 83.83 84.52 39.43
C VAL S 109 83.17 85.56 40.31
N ARG S 110 83.38 85.48 41.61
CA ARG S 110 82.65 86.35 42.52
C ARG S 110 82.87 87.81 42.18
N THR S 111 84.13 88.25 42.17
CA THR S 111 84.40 89.66 41.93
C THR S 111 83.85 90.12 40.59
N GLU S 112 84.24 89.46 39.50
CA GLU S 112 83.88 89.92 38.17
C GLU S 112 82.38 90.16 38.04
N LEU S 113 81.56 89.28 38.60
CA LEU S 113 80.13 89.51 38.55
C LEU S 113 79.79 90.86 39.18
N ALA S 114 80.37 91.13 40.35
CA ALA S 114 80.15 92.42 40.97
C ALA S 114 80.59 93.56 40.07
N ALA S 115 81.81 93.49 39.56
CA ALA S 115 82.30 94.53 38.68
C ALA S 115 81.32 94.82 37.55
N LEU S 116 80.82 93.76 36.91
CA LEU S 116 79.79 93.96 35.90
C LEU S 116 78.63 94.76 36.45
N LEU S 117 78.15 94.41 37.64
CA LEU S 117 77.03 95.14 38.21
C LEU S 117 77.35 96.61 38.40
N ALA S 118 78.62 96.95 38.59
CA ALA S 118 79.02 98.33 38.61
C ALA S 118 79.41 98.86 37.23
N SER S 119 79.50 97.97 36.24
CA SER S 119 79.89 98.41 34.91
C SER S 119 78.82 99.31 34.31
N PRO S 120 79.22 100.32 33.53
CA PRO S 120 78.24 101.16 32.85
C PRO S 120 77.38 100.40 31.88
N LEU S 121 77.80 99.21 31.46
CA LEU S 121 76.97 98.43 30.56
C LEU S 121 75.65 98.06 31.20
N LEU S 122 75.70 97.32 32.30
CA LEU S 122 74.49 96.76 32.86
C LEU S 122 73.52 97.80 33.36
N ILE S 123 74.01 98.96 33.83
CA ILE S 123 73.12 99.93 34.41
C ILE S 123 72.01 100.33 33.45
N ASP S 124 72.36 100.65 32.21
CA ASP S 124 71.33 100.89 31.21
C ASP S 124 70.49 99.65 30.95
N ALA S 125 71.14 98.50 30.85
CA ALA S 125 70.44 97.24 30.77
C ALA S 125 69.47 97.04 31.92
N ILE S 126 69.92 97.24 33.15
CA ILE S 126 69.07 97.09 34.32
C ILE S 126 68.15 98.28 34.49
N ASP S 127 68.71 99.45 34.77
CA ASP S 127 67.89 100.59 35.14
C ASP S 127 66.96 101.00 34.03
N GLN S 128 67.49 101.26 32.85
CA GLN S 128 66.69 101.76 31.75
C GLN S 128 66.19 100.66 30.82
N LEU S 129 66.45 99.39 31.14
CA LEU S 129 65.96 98.27 30.36
C LEU S 129 66.39 98.41 28.91
N ASN S 130 67.69 98.37 28.69
CA ASN S 130 68.13 98.59 27.33
C ASN S 130 69.03 97.46 26.88
N PRO S 131 68.90 97.04 25.66
CA PRO S 131 69.84 96.07 25.10
C PRO S 131 71.20 96.72 24.86
N ALA S 132 72.05 96.02 24.13
CA ALA S 132 73.48 96.26 24.13
C ALA S 132 73.90 97.41 23.22
N TYR S 133 72.94 98.10 22.63
CA TYR S 133 73.28 99.17 21.69
C TYR S 133 73.19 100.52 22.36
N ALA T 2 -2.80 113.45 68.19
CA ALA T 2 -3.17 113.64 69.58
C ALA T 2 -4.58 113.13 69.84
N LYS T 3 -5.12 113.45 71.00
CA LYS T 3 -6.42 112.98 71.43
C LYS T 3 -7.51 113.53 70.53
N LEU T 4 -8.49 112.69 70.24
CA LEU T 4 -9.73 113.15 69.61
C LEU T 4 -10.32 114.24 70.50
N GLU T 5 -10.66 115.36 69.90
CA GLU T 5 -11.24 116.46 70.64
C GLU T 5 -12.32 117.13 69.80
N THR T 6 -12.97 118.11 70.40
CA THR T 6 -13.86 118.97 69.65
C THR T 6 -12.97 119.75 68.70
N VAL T 7 -13.29 119.70 67.41
CA VAL T 7 -12.50 120.41 66.43
C VAL T 7 -13.33 121.53 65.87
N THR T 8 -12.99 122.77 66.22
CA THR T 8 -13.65 123.94 65.69
C THR T 8 -12.97 124.32 64.39
N LEU T 9 -13.76 124.77 63.43
CA LEU T 9 -13.24 125.21 62.15
C LEU T 9 -13.86 126.54 61.77
N GLY T 10 -13.01 127.54 61.53
CA GLY T 10 -13.45 128.82 61.04
C GLY T 10 -13.14 128.93 59.55
N ASN T 11 -13.65 130.00 58.96
CA ASN T 11 -13.36 130.33 57.56
C ASN T 11 -13.74 129.17 56.65
N ILE T 12 -15.04 128.96 56.52
CA ILE T 12 -15.59 127.82 55.81
C ILE T 12 -16.55 128.34 54.75
N GLY T 13 -16.68 127.59 53.67
CA GLY T 13 -17.62 127.94 52.61
C GLY T 13 -17.13 129.13 51.80
N LYS T 14 -17.84 129.35 50.70
CA LYS T 14 -17.50 130.45 49.81
C LYS T 14 -17.42 131.77 50.58
N ASP T 15 -18.31 131.94 51.57
CA ASP T 15 -18.24 133.11 52.41
C ASP T 15 -16.94 133.14 53.23
N GLY T 16 -16.62 132.03 53.89
CA GLY T 16 -15.55 132.07 54.85
C GLY T 16 -15.99 132.57 56.20
N LYS T 17 -17.27 132.91 56.36
CA LYS T 17 -17.80 133.22 57.67
C LYS T 17 -18.41 131.98 58.30
N GLN T 18 -18.52 130.89 57.55
CA GLN T 18 -19.06 129.65 58.06
C GLN T 18 -18.09 129.05 59.07
N THR T 19 -18.65 128.46 60.11
CA THR T 19 -17.88 127.78 61.13
C THR T 19 -18.48 126.41 61.38
N LEU T 20 -17.64 125.49 61.85
CA LEU T 20 -18.09 124.12 62.10
C LEU T 20 -17.32 123.55 63.27
N VAL T 21 -18.01 122.78 64.10
CA VAL T 21 -17.39 122.04 65.17
C VAL T 21 -17.61 120.56 64.91
N LEU T 22 -16.69 119.74 65.40
CA LEU T 22 -16.74 118.30 65.18
C LEU T 22 -16.51 117.59 66.51
N ASN T 23 -17.45 116.82 66.91
CA ASN T 23 -17.17 116.11 68.14
C ASN T 23 -16.52 114.76 67.83
N PRO T 24 -15.65 114.30 68.73
CA PRO T 24 -15.11 112.95 68.57
C PRO T 24 -16.22 111.92 68.65
N ARG T 25 -16.25 111.05 67.65
CA ARG T 25 -17.26 110.00 67.57
C ARG T 25 -16.76 108.67 68.07
N GLY T 26 -15.53 108.61 68.56
CA GLY T 26 -14.92 107.33 68.89
C GLY T 26 -14.22 106.75 67.67
N VAL T 27 -13.73 105.52 67.83
CA VAL T 27 -12.96 104.86 66.80
C VAL T 27 -13.52 103.46 66.58
N ASN T 28 -13.83 103.14 65.35
CA ASN T 28 -14.15 101.76 65.05
C ASN T 28 -12.91 100.91 65.12
N PRO T 29 -12.78 99.99 66.07
CA PRO T 29 -11.56 99.20 66.18
C PRO T 29 -11.38 98.21 65.06
N THR T 30 -12.47 97.72 64.46
CA THR T 30 -12.35 96.72 63.42
C THR T 30 -11.46 97.22 62.29
N ASN T 31 -11.94 98.18 61.52
CA ASN T 31 -11.13 98.82 60.50
C ASN T 31 -10.06 99.71 61.11
N GLY T 32 -10.13 99.99 62.41
CA GLY T 32 -9.18 100.90 63.02
C GLY T 32 -9.28 102.29 62.46
N VAL T 33 -10.48 102.88 62.48
CA VAL T 33 -10.71 104.17 61.88
C VAL T 33 -11.44 105.06 62.87
N ALA T 34 -10.91 106.26 63.09
CA ALA T 34 -11.56 107.26 63.92
C ALA T 34 -12.72 107.90 63.17
N SER T 35 -13.60 108.52 63.94
CA SER T 35 -14.76 109.20 63.36
C SER T 35 -15.00 110.51 64.10
N LEU T 36 -15.38 111.52 63.33
CA LEU T 36 -15.71 112.82 63.89
C LEU T 36 -17.02 113.28 63.28
N SER T 37 -17.77 114.08 64.03
CA SER T 37 -19.03 114.54 63.49
C SER T 37 -19.42 115.89 64.08
N GLN T 38 -20.11 116.66 63.25
CA GLN T 38 -20.91 117.76 63.76
C GLN T 38 -21.97 117.22 64.70
N ALA T 39 -22.34 118.03 65.70
CA ALA T 39 -23.47 117.66 66.54
C ALA T 39 -24.71 118.32 65.96
N GLY T 40 -25.53 117.48 65.35
CA GLY T 40 -26.82 117.89 64.83
C GLY T 40 -27.95 117.28 65.60
N ALA T 41 -29.09 117.15 64.93
CA ALA T 41 -30.20 116.40 65.50
C ALA T 41 -30.09 114.93 65.12
N VAL T 42 -30.21 114.63 63.84
CA VAL T 42 -30.22 113.24 63.38
C VAL T 42 -28.83 112.86 62.91
N PRO T 43 -28.20 111.86 63.51
CA PRO T 43 -26.87 111.43 63.07
C PRO T 43 -26.79 111.15 61.59
N ALA T 44 -27.80 110.52 61.01
CA ALA T 44 -27.86 110.35 59.55
C ALA T 44 -27.70 111.67 58.83
N LEU T 45 -28.25 112.75 59.35
CA LEU T 45 -28.09 114.06 58.76
C LEU T 45 -26.75 114.68 59.11
N GLU T 46 -26.17 114.31 60.25
CA GLU T 46 -25.00 115.01 60.77
C GLU T 46 -23.79 114.75 59.88
N LYS T 47 -22.97 115.79 59.73
CA LYS T 47 -21.77 115.72 58.89
C LYS T 47 -20.83 114.71 59.53
N ARG T 48 -20.10 113.99 58.70
CA ARG T 48 -19.15 113.01 59.22
C ARG T 48 -17.76 113.26 58.69
N VAL T 49 -16.77 112.97 59.51
CA VAL T 49 -15.37 113.09 59.13
C VAL T 49 -14.65 111.85 59.63
N THR T 50 -13.91 111.20 58.74
CA THR T 50 -13.24 109.95 59.04
C THR T 50 -11.77 110.06 58.70
N VAL T 51 -10.92 109.64 59.63
CA VAL T 51 -9.48 109.59 59.40
C VAL T 51 -8.98 108.21 59.81
N SER T 52 -7.89 107.81 59.18
CA SER T 52 -7.31 106.51 59.49
C SER T 52 -5.83 106.54 59.17
N VAL T 53 -5.09 105.72 59.91
CA VAL T 53 -3.69 105.49 59.59
C VAL T 53 -3.59 104.05 59.13
N SER T 54 -2.37 103.61 58.84
CA SER T 54 -2.14 102.23 58.43
C SER T 54 -0.70 101.89 58.71
N GLN T 55 -0.39 100.61 58.68
CA GLN T 55 0.98 100.20 58.86
C GLN T 55 1.32 99.12 57.85
N PRO T 56 2.54 99.10 57.34
CA PRO T 56 2.88 98.16 56.28
C PRO T 56 2.79 96.72 56.77
N SER T 57 2.30 95.87 55.88
CA SER T 57 2.14 94.45 56.18
C SER T 57 2.83 93.66 55.09
N ARG T 58 2.70 92.34 55.16
CA ARG T 58 3.13 91.49 54.07
C ARG T 58 2.40 91.80 52.77
N ASN T 59 1.22 92.39 52.84
CA ASN T 59 0.47 92.80 51.66
C ASN T 59 0.98 94.08 51.05
N ARG T 60 1.38 95.05 51.87
CA ARG T 60 1.85 96.33 51.37
C ARG T 60 2.93 96.86 52.29
N LYS T 61 3.96 97.44 51.69
CA LYS T 61 5.10 97.97 52.42
C LYS T 61 4.96 99.45 52.67
N ASN T 62 3.82 100.02 52.29
CA ASN T 62 3.64 101.46 52.31
C ASN T 62 2.61 101.85 53.34
N TYR T 63 2.77 103.05 53.89
CA TYR T 63 1.77 103.59 54.78
C TYR T 63 0.63 104.21 53.99
N LYS T 64 -0.58 104.00 54.47
CA LYS T 64 -1.77 104.62 53.90
C LYS T 64 -2.41 105.50 54.96
N VAL T 65 -2.75 106.72 54.57
CA VAL T 65 -3.53 107.61 55.41
C VAL T 65 -4.76 108.00 54.61
N GLN T 66 -5.93 107.57 55.09
CA GLN T 66 -7.17 107.76 54.39
C GLN T 66 -8.06 108.72 55.16
N VAL T 67 -8.62 109.69 54.45
CA VAL T 67 -9.53 110.66 55.04
C VAL T 67 -10.73 110.79 54.13
N LYS T 68 -11.91 110.54 54.68
CA LYS T 68 -13.15 110.64 53.93
C LYS T 68 -14.09 111.59 54.64
N ILE T 69 -14.87 112.34 53.86
CA ILE T 69 -15.83 113.30 54.39
C ILE T 69 -17.17 113.01 53.76
N GLN T 70 -18.21 113.00 54.60
CA GLN T 70 -19.55 112.68 54.15
C GLN T 70 -20.49 113.78 54.62
N ASN T 71 -21.07 114.50 53.67
CA ASN T 71 -21.94 115.64 53.96
C ASN T 71 -23.25 115.47 53.21
N PRO T 72 -24.26 114.90 53.84
CA PRO T 72 -25.52 114.68 53.15
C PRO T 72 -26.24 116.01 52.92
N THR T 73 -27.37 115.90 52.22
CA THR T 73 -28.23 117.03 51.96
C THR T 73 -29.60 116.74 52.54
N ALA T 74 -29.98 117.50 53.55
CA ALA T 74 -31.25 117.32 54.23
C ALA T 74 -32.37 117.87 53.35
N CYS T 75 -33.44 117.10 53.22
CA CYS T 75 -34.69 117.60 52.67
C CYS T 75 -35.59 117.86 53.88
N THR T 76 -35.79 119.14 54.20
CA THR T 76 -36.55 119.49 55.39
C THR T 76 -38.00 119.08 55.25
N ALA T 77 -38.68 119.56 54.21
CA ALA T 77 -40.05 119.19 53.96
C ALA T 77 -40.05 118.19 52.81
N ASN T 78 -40.31 116.93 53.15
CA ASN T 78 -40.52 115.89 52.16
C ASN T 78 -42.00 115.67 51.89
N GLY T 79 -42.86 116.49 52.48
CA GLY T 79 -44.26 116.14 52.59
C GLY T 79 -44.53 115.20 53.74
N SER T 80 -43.50 114.89 54.53
CA SER T 80 -43.61 113.99 55.66
C SER T 80 -43.05 114.70 56.88
N CYS T 81 -43.33 114.14 58.06
CA CYS T 81 -42.97 114.78 59.32
C CYS T 81 -41.48 114.76 59.60
N ASP T 82 -40.71 113.95 58.87
CA ASP T 82 -39.30 113.84 59.18
C ASP T 82 -38.46 114.18 57.96
N PRO T 83 -37.33 114.84 58.15
CA PRO T 83 -36.44 115.13 57.02
C PRO T 83 -35.82 113.84 56.50
N SER T 84 -35.30 113.91 55.29
CA SER T 84 -34.75 112.75 54.62
C SER T 84 -33.49 113.11 53.86
N VAL T 85 -32.58 112.14 53.78
CA VAL T 85 -31.34 112.31 53.03
C VAL T 85 -31.70 112.43 51.56
N THR T 86 -31.13 113.42 50.88
CA THR T 86 -31.37 113.57 49.46
C THR T 86 -30.12 113.26 48.66
N ARG T 87 -29.14 114.15 48.71
CA ARG T 87 -27.86 113.95 48.04
C ARG T 87 -26.79 113.73 49.08
N GLN T 88 -25.81 112.91 48.73
CA GLN T 88 -24.74 112.59 49.66
C GLN T 88 -23.42 113.02 49.03
N ALA T 89 -22.80 114.05 49.59
CA ALA T 89 -21.54 114.55 49.09
C ALA T 89 -20.41 113.67 49.62
N TYR T 90 -19.58 113.17 48.71
CA TYR T 90 -18.44 112.35 49.09
C TYR T 90 -17.14 113.06 48.82
N ALA T 91 -16.38 113.28 49.89
CA ALA T 91 -15.05 113.87 49.76
C ALA T 91 -14.06 112.87 50.32
N ASP T 92 -13.16 112.39 49.47
CA ASP T 92 -12.21 111.35 49.83
C ASP T 92 -10.79 111.82 49.55
N VAL T 93 -9.89 111.58 50.51
CA VAL T 93 -8.49 111.93 50.40
C VAL T 93 -7.68 110.77 50.94
N THR T 94 -6.62 110.42 50.23
CA THR T 94 -5.73 109.35 50.63
C THR T 94 -4.28 109.83 50.59
N PHE T 95 -3.42 109.05 51.23
CA PHE T 95 -1.99 109.34 51.22
C PHE T 95 -1.22 108.04 51.19
N SER T 96 -0.11 108.07 50.46
CA SER T 96 0.79 106.93 50.42
C SER T 96 2.17 107.41 50.78
N PHE T 97 2.92 106.58 51.50
CA PHE T 97 4.27 106.92 51.88
C PHE T 97 5.10 105.65 51.98
N THR T 98 6.40 105.83 51.91
CA THR T 98 7.34 104.73 51.99
C THR T 98 7.96 104.70 53.38
N GLN T 99 8.28 103.51 53.84
CA GLN T 99 8.86 103.34 55.15
C GLN T 99 10.02 104.29 55.40
N TYR T 100 10.73 104.70 54.35
CA TYR T 100 11.81 105.65 54.51
C TYR T 100 11.36 107.09 54.34
N SER T 101 10.06 107.33 54.16
CA SER T 101 9.57 108.69 53.97
C SER T 101 10.00 109.55 55.14
N THR T 102 10.46 110.76 54.86
CA THR T 102 10.91 111.61 55.95
C THR T 102 9.78 112.51 56.42
N ASP T 103 10.08 113.31 57.43
CA ASP T 103 9.06 114.17 58.01
C ASP T 103 8.70 115.31 57.07
N GLU T 104 9.69 116.11 56.68
CA GLU T 104 9.40 117.32 55.94
C GLU T 104 8.72 117.02 54.62
N GLU T 105 9.15 115.95 53.95
CA GLU T 105 8.46 115.51 52.75
C GLU T 105 6.96 115.40 53.01
N ARG T 106 6.59 114.66 54.04
CA ARG T 106 5.18 114.58 54.39
C ARG T 106 4.62 115.95 54.68
N ALA T 107 5.25 116.67 55.61
CA ALA T 107 4.83 118.03 55.89
C ALA T 107 4.70 118.85 54.62
N PHE T 108 5.68 118.74 53.73
CA PHE T 108 5.59 119.43 52.45
C PHE T 108 4.30 119.06 51.72
N VAL T 109 3.93 117.79 51.75
CA VAL T 109 2.70 117.37 51.08
C VAL T 109 1.50 118.03 51.73
N ARG T 110 1.47 118.06 53.06
CA ARG T 110 0.27 118.52 53.74
C ARG T 110 -0.08 119.94 53.32
N THR T 111 0.84 120.88 53.49
CA THR T 111 0.53 122.26 53.17
C THR T 111 0.11 122.44 51.72
N GLU T 112 0.95 122.00 50.78
CA GLU T 112 0.69 122.26 49.38
C GLU T 112 -0.71 121.82 48.96
N LEU T 113 -1.17 120.68 49.44
CA LEU T 113 -2.52 120.27 49.12
C LEU T 113 -3.52 121.32 49.57
N ALA T 114 -3.36 121.83 50.79
CA ALA T 114 -4.23 122.90 51.25
C ALA T 114 -4.13 124.11 50.34
N ALA T 115 -2.93 124.58 50.05
CA ALA T 115 -2.76 125.73 49.19
C ALA T 115 -3.52 125.55 47.88
N LEU T 116 -3.41 124.39 47.26
CA LEU T 116 -4.20 124.11 46.08
C LEU T 116 -5.68 124.32 46.34
N LEU T 117 -6.18 123.80 47.46
CA LEU T 117 -7.59 123.98 47.75
C LEU T 117 -7.98 125.44 47.85
N ALA T 118 -7.04 126.29 48.24
CA ALA T 118 -7.28 127.73 48.20
C ALA T 118 -6.88 128.35 46.88
N SER T 119 -6.24 127.60 46.00
CA SER T 119 -5.82 128.16 44.72
C SER T 119 -7.03 128.50 43.88
N PRO T 120 -6.95 129.58 43.09
CA PRO T 120 -8.05 129.90 42.18
C PRO T 120 -8.29 128.84 41.13
N LEU T 121 -7.33 127.95 40.91
CA LEU T 121 -7.55 126.89 39.94
C LEU T 121 -8.68 125.97 40.38
N LEU T 122 -8.53 125.33 41.53
CA LEU T 122 -9.47 124.30 41.92
C LEU T 122 -10.88 124.83 42.14
N ILE T 123 -11.03 126.08 42.58
CA ILE T 123 -12.35 126.57 42.92
C ILE T 123 -13.30 126.45 41.75
N ASP T 124 -12.89 126.88 40.57
CA ASP T 124 -13.70 126.64 39.38
C ASP T 124 -13.86 125.17 39.09
N ALA T 125 -12.78 124.41 39.21
CA ALA T 125 -12.85 122.97 39.11
C ALA T 125 -13.84 122.37 40.09
N ILE T 126 -13.77 122.75 41.36
CA ILE T 126 -14.68 122.26 42.37
C ILE T 126 -16.04 122.92 42.26
N ASP T 127 -16.10 124.22 42.54
CA ASP T 127 -17.39 124.88 42.66
C ASP T 127 -18.17 124.85 41.37
N GLN T 128 -17.58 125.31 40.28
CA GLN T 128 -18.27 125.41 39.02
C GLN T 128 -18.06 124.20 38.12
N LEU T 129 -17.37 123.18 38.59
CA LEU T 129 -17.16 121.94 37.84
C LEU T 129 -16.56 122.26 36.47
N ASN T 130 -15.35 122.78 36.50
CA ASN T 130 -14.79 123.16 35.22
C ASN T 130 -13.42 122.54 35.04
N PRO T 131 -13.12 122.09 33.85
CA PRO T 131 -11.77 121.64 33.56
C PRO T 131 -10.80 122.80 33.50
N ALA T 132 -9.60 122.54 32.99
CA ALA T 132 -8.43 123.38 33.23
C ALA T 132 -8.38 124.60 32.30
N TYR T 133 -9.41 124.80 31.49
CA TYR T 133 -9.39 125.90 30.55
C TYR T 133 -10.18 127.09 31.07
N ALA U 2 -19.17 107.30 76.52
CA ALA U 2 -17.97 107.87 77.12
C ALA U 2 -16.95 106.79 77.40
N LYS U 3 -15.91 107.15 78.14
CA LYS U 3 -14.81 106.26 78.45
C LYS U 3 -15.28 105.10 79.30
N LEU U 4 -14.75 103.92 79.00
CA LEU U 4 -14.90 102.78 79.90
C LEU U 4 -14.38 103.17 81.26
N GLU U 5 -15.17 102.93 82.29
CA GLU U 5 -14.77 103.27 83.64
C GLU U 5 -15.25 102.18 84.60
N THR U 6 -14.88 102.33 85.86
CA THR U 6 -15.46 101.51 86.91
C THR U 6 -16.93 101.89 86.97
N VAL U 7 -17.80 100.89 86.87
CA VAL U 7 -19.23 101.17 86.91
C VAL U 7 -19.77 100.57 88.19
N THR U 8 -20.14 101.42 89.13
CA THR U 8 -20.76 101.00 90.37
C THR U 8 -22.26 100.89 90.15
N LEU U 9 -22.87 99.88 90.75
CA LEU U 9 -24.30 99.68 90.65
C LEU U 9 -24.88 99.43 92.04
N GLY U 10 -25.84 100.26 92.43
CA GLY U 10 -26.58 100.05 93.65
C GLY U 10 -27.95 99.48 93.35
N ASN U 11 -28.65 99.08 94.41
CA ASN U 11 -30.01 98.62 94.31
C ASN U 11 -30.12 97.43 93.35
N ILE U 12 -29.57 96.31 93.78
CA ILE U 12 -29.44 95.13 92.95
C ILE U 12 -30.08 93.97 93.68
N GLY U 13 -30.59 93.01 92.93
CA GLY U 13 -31.17 91.81 93.50
C GLY U 13 -32.52 92.09 94.13
N LYS U 14 -33.20 91.00 94.48
CA LYS U 14 -34.50 91.10 95.11
C LYS U 14 -34.45 92.02 96.33
N ASP U 15 -33.35 91.96 97.07
CA ASP U 15 -33.18 92.88 98.19
C ASP U 15 -33.09 94.32 97.72
N GLY U 16 -32.25 94.59 96.73
CA GLY U 16 -31.96 95.96 96.40
C GLY U 16 -30.88 96.56 97.27
N LYS U 17 -30.35 95.79 98.21
CA LYS U 17 -29.19 96.23 98.96
C LYS U 17 -27.91 95.74 98.31
N GLN U 18 -28.02 94.87 97.31
CA GLN U 18 -26.88 94.37 96.59
C GLN U 18 -26.25 95.48 95.77
N THR U 19 -24.92 95.47 95.73
CA THR U 19 -24.16 96.42 94.94
C THR U 19 -23.13 95.67 94.10
N LEU U 20 -22.75 96.29 92.99
CA LEU U 20 -21.79 95.65 92.08
C LEU U 20 -20.95 96.70 91.40
N VAL U 21 -19.67 96.41 91.24
CA VAL U 21 -18.78 97.26 90.48
C VAL U 21 -18.29 96.47 89.28
N LEU U 22 -17.96 97.18 88.21
CA LEU U 22 -17.52 96.57 86.96
C LEU U 22 -16.27 97.28 86.47
N ASN U 23 -15.22 96.55 86.34
CA ASN U 23 -14.07 97.23 85.80
C ASN U 23 -14.04 97.13 84.29
N PRO U 24 -13.52 98.14 83.62
CA PRO U 24 -13.32 98.03 82.18
C PRO U 24 -12.36 96.91 81.85
N ARG U 25 -12.80 96.03 80.94
CA ARG U 25 -12.00 94.90 80.53
C ARG U 25 -11.27 95.14 79.22
N GLY U 26 -11.38 96.33 78.65
CA GLY U 26 -10.87 96.57 77.33
C GLY U 26 -11.91 96.22 76.28
N VAL U 27 -11.49 96.29 75.03
CA VAL U 27 -12.38 96.08 73.89
C VAL U 27 -11.75 95.09 72.93
N ASN U 28 -12.48 94.05 72.59
CA ASN U 28 -12.00 93.19 71.53
C ASN U 28 -12.15 93.91 70.20
N PRO U 29 -11.06 94.26 69.52
CA PRO U 29 -11.18 94.99 68.26
C PRO U 29 -11.76 94.17 67.13
N THR U 30 -11.56 92.85 67.15
CA THR U 30 -12.06 92.03 66.05
C THR U 30 -13.55 92.21 65.85
N ASN U 31 -14.35 91.72 66.79
CA ASN U 31 -15.77 91.96 66.75
C ASN U 31 -16.11 93.40 67.11
N GLY U 32 -15.16 94.17 67.59
CA GLY U 32 -15.44 95.53 68.01
C GLY U 32 -16.42 95.59 69.17
N VAL U 33 -16.12 94.87 70.25
CA VAL U 33 -17.04 94.76 71.37
C VAL U 33 -16.28 95.06 72.65
N ALA U 34 -16.83 95.96 73.45
CA ALA U 34 -16.29 96.26 74.77
C ALA U 34 -16.64 95.16 75.75
N SER U 35 -15.91 95.12 76.85
CA SER U 35 -16.13 94.14 77.90
C SER U 35 -15.98 94.79 79.26
N LEU U 36 -16.84 94.39 80.18
CA LEU U 36 -16.78 94.87 81.56
C LEU U 36 -16.88 93.68 82.49
N SER U 37 -16.28 93.79 83.65
CA SER U 37 -16.36 92.67 84.59
C SER U 37 -16.28 93.15 86.02
N GLN U 38 -16.95 92.40 86.88
CA GLN U 38 -16.64 92.43 88.30
C GLN U 38 -15.21 91.99 88.51
N ALA U 39 -14.58 92.54 89.55
CA ALA U 39 -13.26 92.05 89.94
C ALA U 39 -13.45 90.98 91.00
N GLY U 40 -13.24 89.74 90.58
CA GLY U 40 -13.29 88.60 91.47
C GLY U 40 -11.92 87.99 91.64
N ALA U 41 -11.91 86.70 91.97
CA ALA U 41 -10.67 85.95 91.96
C ALA U 41 -10.41 85.35 90.58
N VAL U 42 -11.27 84.43 90.17
CA VAL U 42 -11.07 83.72 88.90
C VAL U 42 -11.90 84.39 87.82
N PRO U 43 -11.27 84.89 86.77
CA PRO U 43 -12.03 85.51 85.67
C PRO U 43 -13.15 84.63 85.14
N ALA U 44 -12.92 83.33 84.98
CA ALA U 44 -13.99 82.41 84.62
C ALA U 44 -15.18 82.54 85.55
N LEU U 45 -14.96 82.76 86.84
CA LEU U 45 -16.04 82.96 87.77
C LEU U 45 -16.59 84.38 87.72
N GLU U 46 -15.77 85.35 87.31
CA GLU U 46 -16.16 86.75 87.43
C GLU U 46 -17.29 87.08 86.47
N LYS U 47 -18.19 87.94 86.92
CA LYS U 47 -19.35 88.35 86.14
C LYS U 47 -18.84 89.11 84.93
N ARG U 48 -19.52 88.97 83.81
CA ARG U 48 -19.12 89.66 82.60
C ARG U 48 -20.25 90.49 82.04
N VAL U 49 -19.90 91.63 81.45
CA VAL U 49 -20.87 92.50 80.79
C VAL U 49 -20.28 92.93 79.47
N THR U 50 -21.04 92.78 78.41
CA THR U 50 -20.57 93.07 77.06
C THR U 50 -21.53 94.03 76.38
N VAL U 51 -20.98 95.06 75.77
CA VAL U 51 -21.77 96.00 74.98
C VAL U 51 -21.09 96.17 73.63
N SER U 52 -21.90 96.52 72.64
CA SER U 52 -21.37 96.72 71.30
C SER U 52 -22.28 97.66 70.55
N VAL U 53 -21.69 98.39 69.61
CA VAL U 53 -22.45 99.19 68.68
C VAL U 53 -22.28 98.56 67.31
N SER U 54 -22.86 99.16 66.30
CA SER U 54 -22.73 98.67 64.94
C SER U 54 -22.99 99.82 63.99
N GLN U 55 -22.62 99.63 62.73
CA GLN U 55 -22.90 100.64 61.74
C GLN U 55 -23.42 99.97 60.48
N PRO U 56 -24.34 100.61 59.78
CA PRO U 56 -24.97 99.96 58.63
C PRO U 56 -23.96 99.70 57.53
N SER U 57 -24.11 98.55 56.88
CA SER U 57 -23.22 98.16 55.80
C SER U 57 -24.07 97.81 54.59
N ARG U 58 -23.42 97.33 53.55
CA ARG U 58 -24.14 96.76 52.41
C ARG U 58 -24.99 95.57 52.81
N ASN U 59 -24.66 94.90 53.91
CA ASN U 59 -25.45 93.79 54.42
C ASN U 59 -26.68 94.23 55.18
N ARG U 60 -26.59 95.32 55.95
CA ARG U 60 -27.72 95.79 56.74
C ARG U 60 -27.67 97.30 56.81
N LYS U 61 -28.84 97.93 56.71
CA LYS U 61 -28.96 99.38 56.72
C LYS U 61 -29.29 99.88 58.11
N ASN U 62 -29.34 98.98 59.08
CA ASN U 62 -29.84 99.32 60.40
C ASN U 62 -28.72 99.25 61.41
N TYR U 63 -28.84 100.06 62.46
CA TYR U 63 -27.91 100.00 63.57
C TYR U 63 -28.30 98.88 64.52
N LYS U 64 -27.29 98.16 65.02
CA LYS U 64 -27.51 97.14 66.03
C LYS U 64 -26.74 97.53 67.27
N VAL U 65 -27.39 97.43 68.42
CA VAL U 65 -26.75 97.60 69.71
C VAL U 65 -27.01 96.34 70.50
N GLN U 66 -25.95 95.60 70.79
CA GLN U 66 -26.05 94.31 71.43
C GLN U 66 -25.44 94.40 72.81
N VAL U 67 -26.15 93.87 73.80
CA VAL U 67 -25.68 93.83 75.18
C VAL U 67 -25.95 92.44 75.71
N LYS U 68 -24.90 91.77 76.17
CA LYS U 68 -25.00 90.44 76.74
C LYS U 68 -24.41 90.43 78.13
N ILE U 69 -25.01 89.64 79.01
CA ILE U 69 -24.55 89.52 80.39
C ILE U 69 -24.36 88.05 80.69
N GLN U 70 -23.25 87.74 81.34
CA GLN U 70 -22.88 86.36 81.63
C GLN U 70 -22.54 86.28 83.12
N ASN U 71 -23.35 85.51 83.86
CA ASN U 71 -23.21 85.39 85.31
C ASN U 71 -23.18 83.92 85.67
N PRO U 72 -22.00 83.33 85.78
CA PRO U 72 -21.91 81.91 86.11
C PRO U 72 -22.33 81.65 87.54
N THR U 73 -22.35 80.38 87.89
CA THR U 73 -22.66 79.93 89.24
C THR U 73 -21.48 79.12 89.75
N ALA U 74 -20.81 79.66 90.75
CA ALA U 74 -19.64 79.02 91.33
C ALA U 74 -20.08 77.85 92.20
N CYS U 75 -19.40 76.72 92.04
CA CYS U 75 -19.52 75.62 92.99
C CYS U 75 -18.27 75.70 93.86
N THR U 76 -18.45 76.14 95.11
CA THR U 76 -17.30 76.36 95.98
C THR U 76 -16.61 75.05 96.31
N ALA U 77 -17.35 74.10 96.88
CA ALA U 77 -16.81 72.79 97.18
C ALA U 77 -17.32 71.83 96.13
N ASN U 78 -16.43 71.42 95.24
CA ASN U 78 -16.70 70.36 94.28
C ASN U 78 -16.19 69.02 94.77
N GLY U 79 -15.67 68.97 96.00
CA GLY U 79 -14.84 67.86 96.39
C GLY U 79 -13.42 68.00 95.92
N SER U 80 -13.10 69.14 95.30
CA SER U 80 -11.78 69.41 94.76
C SER U 80 -11.32 70.76 95.32
N CYS U 81 -10.03 71.04 95.17
CA CYS U 81 -9.44 72.23 95.74
C CYS U 81 -9.85 73.52 95.05
N ASP U 82 -10.44 73.43 93.86
CA ASP U 82 -10.75 74.64 93.13
C ASP U 82 -12.24 74.69 92.80
N PRO U 83 -12.85 75.87 92.86
CA PRO U 83 -14.25 75.98 92.47
C PRO U 83 -14.41 75.75 90.98
N SER U 84 -15.65 75.48 90.58
CA SER U 84 -15.94 75.14 89.20
C SER U 84 -17.25 75.77 88.76
N VAL U 85 -17.31 76.12 87.48
CA VAL U 85 -18.52 76.68 86.89
C VAL U 85 -19.60 75.60 86.92
N THR U 86 -20.79 75.97 87.37
CA THR U 86 -21.89 75.02 87.37
C THR U 86 -22.95 75.41 86.36
N ARG U 87 -23.70 76.47 86.64
CA ARG U 87 -24.71 76.99 85.75
C ARG U 87 -24.25 78.33 85.21
N GLN U 88 -24.62 78.61 83.97
CA GLN U 88 -24.20 79.85 83.33
C GLN U 88 -25.46 80.63 82.95
N ALA U 89 -25.69 81.75 83.62
CA ALA U 89 -26.85 82.58 83.35
C ALA U 89 -26.56 83.45 82.13
N TYR U 90 -27.44 83.39 81.14
CA TYR U 90 -27.28 84.22 79.96
C TYR U 90 -28.37 85.28 79.89
N ALA U 91 -27.93 86.53 79.88
CA ALA U 91 -28.84 87.66 79.72
C ALA U 91 -28.42 88.40 78.46
N ASP U 92 -29.31 88.45 77.47
CA ASP U 92 -29.00 89.05 76.19
C ASP U 92 -30.03 90.11 75.84
N VAL U 93 -29.55 91.25 75.36
CA VAL U 93 -30.38 92.38 74.96
C VAL U 93 -29.83 92.93 73.67
N THR U 94 -30.72 93.21 72.72
CA THR U 94 -30.35 93.78 71.44
C THR U 94 -31.20 95.00 71.15
N PHE U 95 -30.74 95.77 70.16
CA PHE U 95 -31.48 96.94 69.71
C PHE U 95 -31.32 97.09 68.23
N SER U 96 -32.39 97.52 67.58
CA SER U 96 -32.36 97.82 66.15
C SER U 96 -32.86 99.23 65.96
N PHE U 97 -32.26 99.94 65.00
CA PHE U 97 -32.68 101.30 64.70
C PHE U 97 -32.44 101.56 63.22
N THR U 98 -33.12 102.58 62.73
CA THR U 98 -33.03 102.98 61.35
C THR U 98 -32.17 104.24 61.26
N GLN U 99 -31.46 104.36 60.15
CA GLN U 99 -30.59 105.50 59.96
C GLN U 99 -31.28 106.81 60.24
N TYR U 100 -32.59 106.88 60.06
CA TYR U 100 -33.32 108.10 60.38
C TYR U 100 -33.85 108.12 61.80
N SER U 101 -33.53 107.11 62.61
CA SER U 101 -34.02 107.06 63.98
C SER U 101 -33.61 108.33 64.71
N THR U 102 -34.53 108.90 65.47
CA THR U 102 -34.20 110.13 66.17
C THR U 102 -33.70 109.83 67.57
N ASP U 103 -33.34 110.89 68.29
CA ASP U 103 -32.79 110.71 69.61
C ASP U 103 -33.85 110.27 70.61
N GLU U 104 -34.91 111.05 70.74
CA GLU U 104 -35.88 110.79 71.80
C GLU U 104 -36.52 109.44 71.64
N GLU U 105 -36.82 109.04 70.40
CA GLU U 105 -37.30 107.69 70.15
C GLU U 105 -36.40 106.68 70.83
N ARG U 106 -35.11 106.74 70.56
CA ARG U 106 -34.18 105.84 71.23
C ARG U 106 -34.26 106.02 72.74
N ALA U 107 -34.09 107.26 73.21
CA ALA U 107 -34.23 107.53 74.63
C ALA U 107 -35.53 106.97 75.17
N PHE U 108 -36.62 107.17 74.45
CA PHE U 108 -37.89 106.59 74.86
C PHE U 108 -37.77 105.09 75.04
N VAL U 109 -37.07 104.42 74.14
CA VAL U 109 -36.91 102.97 74.28
C VAL U 109 -36.13 102.64 75.53
N ARG U 110 -35.07 103.38 75.80
CA ARG U 110 -34.18 103.01 76.90
C ARG U 110 -34.94 102.95 78.21
N THR U 111 -35.59 104.05 78.60
CA THR U 111 -36.28 104.08 79.88
C THR U 111 -37.33 102.98 79.98
N GLU U 112 -38.27 102.95 79.05
CA GLU U 112 -39.40 102.03 79.15
C GLU U 112 -38.95 100.60 79.39
N LEU U 113 -37.89 100.16 78.71
CA LEU U 113 -37.40 98.82 78.97
C LEU U 113 -37.04 98.66 80.43
N ALA U 114 -36.33 99.63 80.99
CA ALA U 114 -36.02 99.58 82.41
C ALA U 114 -37.28 99.51 83.24
N ALA U 115 -38.23 100.42 83.01
CA ALA U 115 -39.47 100.40 83.77
C ALA U 115 -40.12 99.03 83.77
N LEU U 116 -40.19 98.39 82.60
CA LEU U 116 -40.68 97.03 82.55
C LEU U 116 -39.92 96.13 83.50
N LEU U 117 -38.59 96.22 83.50
CA LEU U 117 -37.81 95.38 84.38
C LEU U 117 -38.16 95.61 85.83
N ALA U 118 -38.61 96.81 86.18
CA ALA U 118 -39.12 97.07 87.51
C ALA U 118 -40.61 96.81 87.62
N SER U 119 -41.28 96.56 86.52
CA SER U 119 -42.71 96.32 86.57
C SER U 119 -43.02 95.03 87.31
N PRO U 120 -44.12 94.99 88.06
CA PRO U 120 -44.51 93.74 88.72
C PRO U 120 -44.82 92.63 87.75
N LEU U 121 -45.05 92.94 86.48
CA LEU U 121 -45.30 91.88 85.52
C LEU U 121 -44.09 90.99 85.36
N LEU U 122 -42.96 91.55 84.94
CA LEU U 122 -41.82 90.73 84.58
C LEU U 122 -41.24 89.96 85.76
N ILE U 123 -41.34 90.50 86.97
CA ILE U 123 -40.69 89.84 88.10
C ILE U 123 -41.17 88.41 88.25
N ASP U 124 -42.48 88.19 88.23
CA ASP U 124 -42.98 86.82 88.22
C ASP U 124 -42.55 86.07 86.98
N ALA U 125 -42.61 86.71 85.82
CA ALA U 125 -42.07 86.14 84.61
C ALA U 125 -40.61 85.76 84.74
N ILE U 126 -39.78 86.66 85.25
CA ILE U 126 -38.37 86.39 85.45
C ILE U 126 -38.13 85.51 86.66
N ASP U 127 -38.42 86.04 87.85
CA ASP U 127 -38.03 85.34 89.07
C ASP U 127 -38.72 84.00 89.19
N GLN U 128 -40.04 83.98 89.12
CA GLN U 128 -40.79 82.76 89.32
C GLN U 128 -41.11 82.02 88.03
N LEU U 129 -40.61 82.50 86.89
CA LEU U 129 -40.81 81.83 85.61
C LEU U 129 -42.29 81.61 85.35
N ASN U 130 -43.01 82.70 85.21
CA ASN U 130 -44.43 82.53 85.05
C ASN U 130 -44.92 83.26 83.82
N PRO U 131 -45.83 82.66 83.09
CA PRO U 131 -46.46 83.38 81.99
C PRO U 131 -47.40 84.46 82.50
N ALA U 132 -48.21 84.99 81.60
CA ALA U 132 -48.89 86.27 81.80
C ALA U 132 -50.14 86.17 82.66
N TYR U 133 -50.43 85.00 83.19
CA TYR U 133 -51.66 84.82 83.96
C TYR U 133 -51.37 84.90 85.44
N ALA V 2 -6.21 100.47 79.94
CA ALA V 2 -6.88 101.71 79.60
C ALA V 2 -6.57 102.12 78.18
N LYS V 3 -6.96 103.34 77.83
CA LYS V 3 -6.81 103.85 76.48
C LYS V 3 -5.34 103.98 76.13
N LEU V 4 -5.02 103.65 74.89
CA LEU V 4 -3.72 103.96 74.32
C LEU V 4 -3.50 105.46 74.45
N GLU V 5 -2.36 105.86 74.97
CA GLU V 5 -2.05 107.25 75.15
C GLU V 5 -0.58 107.49 74.86
N THR V 6 -0.18 108.75 74.91
CA THR V 6 1.23 109.09 74.89
C THR V 6 1.81 108.55 76.18
N VAL V 7 2.85 107.74 76.07
CA VAL V 7 3.46 107.17 77.26
C VAL V 7 4.84 107.78 77.41
N THR V 8 5.00 108.63 78.42
CA THR V 8 6.29 109.22 78.73
C THR V 8 7.03 108.29 79.66
N LEU V 9 8.34 108.19 79.48
CA LEU V 9 9.17 107.35 80.31
C LEU V 9 10.40 108.14 80.75
N GLY V 10 10.60 108.24 82.06
CA GLY V 10 11.79 108.83 82.61
C GLY V 10 12.73 107.74 83.10
N ASN V 11 13.93 108.17 83.48
CA ASN V 11 14.92 107.28 84.09
C ASN V 11 15.21 106.09 83.17
N ILE V 12 15.88 106.38 82.07
CA ILE V 12 16.11 105.40 81.02
C ILE V 12 17.60 105.35 80.76
N GLY V 13 18.08 104.20 80.32
CA GLY V 13 19.48 104.03 79.98
C GLY V 13 20.36 103.98 81.21
N LYS V 14 21.62 103.62 80.96
CA LYS V 14 22.59 103.54 82.03
C LYS V 14 22.65 104.84 82.82
N ASP V 15 22.49 105.97 82.14
CA ASP V 15 22.42 107.24 82.83
C ASP V 15 21.19 107.33 83.71
N GLY V 16 20.03 107.00 83.17
CA GLY V 16 18.80 107.27 83.89
C GLY V 16 18.31 108.69 83.69
N LYS V 17 19.05 109.50 82.93
CA LYS V 17 18.56 110.81 82.54
C LYS V 17 17.83 110.74 81.21
N GLN V 18 17.91 109.61 80.53
CA GLN V 18 17.23 109.42 79.26
C GLN V 18 15.73 109.38 79.48
N THR V 19 15.00 109.98 78.55
CA THR V 19 13.55 109.98 78.57
C THR V 19 13.02 109.57 77.20
N LEU V 20 11.82 109.02 77.20
CA LEU V 20 11.23 108.55 75.95
C LEU V 20 9.72 108.71 76.01
N VAL V 21 9.14 109.10 74.89
CA VAL V 21 7.70 109.16 74.75
C VAL V 21 7.29 108.19 73.67
N LEU V 22 6.07 107.67 73.78
CA LEU V 22 5.55 106.67 72.85
C LEU V 22 4.16 107.08 72.41
N ASN V 23 4.00 107.26 71.15
CA ASN V 23 2.65 107.59 70.74
C ASN V 23 1.87 106.32 70.42
N PRO V 24 0.57 106.32 70.67
CA PRO V 24 -0.25 105.19 70.24
C PRO V 24 -0.22 105.05 68.72
N ARG V 25 0.09 103.85 68.27
CA ARG V 25 0.17 103.55 66.86
C ARG V 25 -1.10 102.90 66.32
N GLY V 26 -2.12 102.73 67.15
CA GLY V 26 -3.27 101.95 66.76
C GLY V 26 -3.07 100.49 67.08
N VAL V 27 -4.02 99.68 66.64
CA VAL V 27 -4.02 98.25 66.93
C VAL V 27 -4.25 97.48 65.65
N ASN V 28 -3.37 96.53 65.37
CA ASN V 28 -3.65 95.63 64.28
C ASN V 28 -4.76 94.68 64.68
N PRO V 29 -5.94 94.75 64.06
CA PRO V 29 -7.04 93.88 64.47
C PRO V 29 -6.81 92.43 64.12
N THR V 30 -6.06 92.13 63.06
CA THR V 30 -5.86 90.75 62.65
C THR V 30 -5.30 89.92 63.79
N ASN V 31 -4.04 90.16 64.14
CA ASN V 31 -3.45 89.51 65.29
C ASN V 31 -4.01 90.07 66.59
N GLY V 32 -4.75 91.16 66.56
CA GLY V 32 -5.25 91.77 67.76
C GLY V 32 -4.13 92.26 68.66
N VAL V 33 -3.24 93.09 68.12
CA VAL V 33 -2.06 93.54 68.85
C VAL V 33 -1.96 95.04 68.73
N ALA V 34 -1.82 95.71 69.86
CA ALA V 34 -1.58 97.13 69.90
C ALA V 34 -0.14 97.45 69.53
N SER V 35 0.09 98.71 69.17
CA SER V 35 1.42 99.15 68.78
C SER V 35 1.66 100.55 69.35
N LEU V 36 2.89 100.78 69.79
CA LEU V 36 3.30 102.07 70.31
C LEU V 36 4.63 102.43 69.68
N SER V 37 4.87 103.73 69.52
CA SER V 37 6.14 104.11 68.93
C SER V 37 6.58 105.48 69.44
N GLN V 38 7.90 105.64 69.51
CA GLN V 38 8.48 106.96 69.52
C GLN V 38 8.12 107.71 68.25
N ALA V 39 8.00 109.02 68.36
CA ALA V 39 7.82 109.84 67.17
C ALA V 39 9.19 110.30 66.71
N GLY V 40 9.65 109.68 65.63
CA GLY V 40 10.89 110.06 65.00
C GLY V 40 10.64 110.69 63.64
N ALA V 41 11.65 110.57 62.78
CA ALA V 41 11.48 110.94 61.39
C ALA V 41 10.98 109.76 60.58
N VAL V 42 11.80 108.72 60.46
CA VAL V 42 11.47 107.57 59.63
C VAL V 42 10.88 106.48 60.52
N PRO V 43 9.63 106.06 60.27
CA PRO V 43 9.05 104.97 61.06
C PRO V 43 9.92 103.74 61.13
N ALA V 44 10.56 103.33 60.04
CA ALA V 44 11.52 102.25 60.07
C ALA V 44 12.58 102.47 61.13
N LEU V 45 13.02 103.70 61.33
CA LEU V 45 13.98 104.02 62.38
C LEU V 45 13.32 104.11 63.74
N GLU V 46 12.05 104.47 63.80
CA GLU V 46 11.41 104.79 65.06
C GLU V 46 11.28 103.55 65.93
N LYS V 47 11.45 103.76 67.23
CA LYS V 47 11.38 102.66 68.20
C LYS V 47 9.95 102.14 68.21
N ARG V 48 9.80 100.84 68.41
CA ARG V 48 8.47 100.25 68.42
C ARG V 48 8.24 99.49 69.71
N VAL V 49 6.99 99.50 70.18
CA VAL V 49 6.58 98.76 71.36
C VAL V 49 5.26 98.09 71.05
N THR V 50 5.19 96.79 71.30
CA THR V 50 4.02 96.00 70.98
C THR V 50 3.54 95.27 72.21
N VAL V 51 2.24 95.33 72.47
CA VAL V 51 1.64 94.59 73.55
C VAL V 51 0.43 93.85 73.00
N SER V 52 0.09 92.74 73.65
CA SER V 52 -1.05 91.96 73.22
C SER V 52 -1.59 91.19 74.41
N VAL V 53 -2.88 90.91 74.36
CA VAL V 53 -3.51 90.01 75.31
C VAL V 53 -3.94 88.79 74.53
N SER V 54 -4.58 87.84 75.21
CA SER V 54 -5.07 86.64 74.56
C SER V 54 -6.19 86.08 75.41
N GLN V 55 -6.95 85.17 74.82
CA GLN V 55 -7.99 84.52 75.57
C GLN V 55 -7.98 83.03 75.28
N PRO V 56 -8.28 82.19 76.26
CA PRO V 56 -8.15 80.75 76.05
C PRO V 56 -9.13 80.26 75.01
N SER V 57 -8.66 79.31 74.20
CA SER V 57 -9.47 78.73 73.13
C SER V 57 -9.45 77.22 73.30
N ARG V 58 -10.06 76.53 72.34
CA ARG V 58 -9.93 75.09 72.27
C ARG V 58 -8.49 74.65 72.09
N ASN V 59 -7.63 75.52 71.55
CA ASN V 59 -6.22 75.22 71.40
C ASN V 59 -5.43 75.38 72.69
N ARG V 60 -5.76 76.38 73.50
CA ARG V 60 -5.03 76.61 74.73
C ARG V 60 -6.00 77.16 75.77
N LYS V 61 -5.84 76.70 77.01
CA LYS V 61 -6.70 77.08 78.12
C LYS V 61 -6.08 78.21 78.93
N ASN V 62 -4.95 78.72 78.47
CA ASN V 62 -4.17 79.66 79.25
C ASN V 62 -4.17 81.02 78.59
N TYR V 63 -4.06 82.06 79.40
CA TYR V 63 -3.91 83.40 78.87
C TYR V 63 -2.46 83.66 78.50
N LYS V 64 -2.25 84.34 77.38
CA LYS V 64 -0.94 84.78 76.96
C LYS V 64 -0.92 86.29 76.90
N VAL V 65 0.12 86.89 77.46
CA VAL V 65 0.37 88.31 77.33
C VAL V 65 1.76 88.46 76.74
N GLN V 66 1.83 88.98 75.53
CA GLN V 66 3.06 89.09 74.79
C GLN V 66 3.45 90.55 74.64
N VAL V 67 4.71 90.85 74.92
CA VAL V 67 5.23 92.21 74.77
C VAL V 67 6.56 92.11 74.06
N LYS V 68 6.68 92.79 72.93
CA LYS V 68 7.90 92.81 72.16
C LYS V 68 8.36 94.24 71.96
N ILE V 69 9.67 94.45 71.95
CA ILE V 69 10.26 95.76 71.77
C ILE V 69 11.27 95.67 70.64
N GLN V 70 11.23 96.64 69.74
CA GLN V 70 12.08 96.66 68.57
C GLN V 70 12.77 98.02 68.50
N ASN V 71 14.10 98.01 68.63
CA ASN V 71 14.89 99.24 68.68
C ASN V 71 16.02 99.10 67.67
N PRO V 72 15.84 99.59 66.46
CA PRO V 72 16.88 99.48 65.45
C PRO V 72 18.06 100.38 65.78
N THR V 73 19.09 100.27 64.94
CA THR V 73 20.27 101.11 65.05
C THR V 73 20.44 101.86 63.74
N ALA V 74 20.28 103.17 63.81
CA ALA V 74 20.39 104.02 62.64
C ALA V 74 21.86 104.18 62.26
N CYS V 75 22.14 104.04 60.97
CA CYS V 75 23.43 104.44 60.41
C CYS V 75 23.18 105.79 59.74
N THR V 76 23.67 106.85 60.36
CA THR V 76 23.40 108.19 59.86
C THR V 76 24.06 108.40 58.51
N ALA V 77 25.37 108.24 58.45
CA ALA V 77 26.10 108.36 57.19
C ALA V 77 26.42 106.96 56.71
N ASN V 78 25.71 106.53 55.66
CA ASN V 78 26.03 105.30 54.96
C ASN V 78 26.89 105.56 53.73
N GLY V 79 27.31 106.80 53.52
CA GLY V 79 27.80 107.20 52.23
C GLY V 79 26.68 107.53 51.28
N SER V 80 25.44 107.51 51.76
CA SER V 80 24.27 107.79 50.96
C SER V 80 23.46 108.87 51.67
N CYS V 81 22.51 109.45 50.95
CA CYS V 81 21.74 110.58 51.46
C CYS V 81 20.75 110.19 52.55
N ASP V 82 20.46 108.90 52.71
CA ASP V 82 19.46 108.50 53.67
C ASP V 82 20.04 107.53 54.68
N PRO V 83 19.63 107.63 55.94
CA PRO V 83 20.10 106.67 56.94
C PRO V 83 19.52 105.29 56.66
N SER V 84 20.14 104.28 57.26
CA SER V 84 19.74 102.91 57.02
C SER V 84 19.80 102.10 58.30
N VAL V 85 18.91 101.12 58.39
CA VAL V 85 18.88 100.22 59.53
C VAL V 85 20.17 99.40 59.52
N THR V 86 20.81 99.30 60.68
CA THR V 86 22.00 98.48 60.78
C THR V 86 21.77 97.25 61.64
N ARG V 87 21.64 97.44 62.94
CA ARG V 87 21.36 96.37 63.86
C ARG V 87 19.95 96.56 64.40
N GLN V 88 19.29 95.43 64.67
CA GLN V 88 17.92 95.49 65.16
C GLN V 88 17.88 94.78 66.52
N ALA V 89 17.65 95.56 67.57
CA ALA V 89 17.58 95.03 68.92
C ALA V 89 16.20 94.42 69.14
N TYR V 90 16.16 93.17 69.56
CA TYR V 90 14.90 92.51 69.85
C TYR V 90 14.75 92.24 71.34
N ALA V 91 13.71 92.82 71.92
CA ALA V 91 13.38 92.58 73.31
C ALA V 91 11.99 91.98 73.35
N ASP V 92 11.88 90.74 73.85
CA ASP V 92 10.64 90.01 73.86
C ASP V 92 10.31 89.55 75.28
N VAL V 93 9.05 89.73 75.66
CA VAL V 93 8.56 89.33 76.97
C VAL V 93 7.20 88.69 76.78
N THR V 94 6.98 87.56 77.45
CA THR V 94 5.71 86.86 77.40
C THR V 94 5.21 86.57 78.80
N PHE V 95 3.94 86.20 78.88
CA PHE V 95 3.33 85.83 80.14
C PHE V 95 2.33 84.72 79.91
N SER V 96 2.27 83.80 80.86
CA SER V 96 1.29 82.73 80.83
C SER V 96 0.53 82.75 82.15
N PHE V 97 -0.75 82.46 82.07
CA PHE V 97 -1.58 82.42 83.27
C PHE V 97 -2.69 81.40 83.07
N THR V 98 -3.24 80.96 84.18
CA THR V 98 -4.31 79.98 84.18
C THR V 98 -5.62 80.70 84.46
N GLN V 99 -6.70 80.18 83.88
CA GLN V 99 -8.01 80.77 84.05
C GLN V 99 -8.33 81.07 85.50
N TYR V 100 -7.77 80.31 86.42
CA TYR V 100 -8.00 80.57 87.84
C TYR V 100 -6.94 81.49 88.43
N SER V 101 -6.02 82.00 87.63
CA SER V 101 -4.98 82.89 88.14
C SER V 101 -5.62 84.07 88.88
N THR V 102 -5.07 84.42 90.03
CA THR V 102 -5.67 85.52 90.78
C THR V 102 -4.97 86.82 90.42
N ASP V 103 -5.46 87.89 91.03
CA ASP V 103 -4.92 89.21 90.73
C ASP V 103 -3.51 89.38 91.31
N GLU V 104 -3.38 89.20 92.62
CA GLU V 104 -2.12 89.53 93.27
C GLU V 104 -0.99 88.68 92.73
N GLU V 105 -1.25 87.40 92.46
CA GLU V 105 -0.26 86.56 91.81
C GLU V 105 0.29 87.26 90.58
N ARG V 106 -0.59 87.68 89.69
CA ARG V 106 -0.14 88.41 88.52
C ARG V 106 0.61 89.68 88.93
N ALA V 107 -0.03 90.51 89.75
CA ALA V 107 0.65 91.70 90.26
C ALA V 107 2.00 91.34 90.85
N PHE V 108 2.07 90.27 91.64
CA PHE V 108 3.34 89.83 92.17
C PHE V 108 4.35 89.59 91.06
N VAL V 109 3.91 88.99 89.96
CA VAL V 109 4.84 88.75 88.85
C VAL V 109 5.32 90.06 88.27
N ARG V 110 4.42 91.02 88.10
CA ARG V 110 4.78 92.24 87.40
C ARG V 110 5.95 92.93 88.08
N THR V 111 5.80 93.27 89.36
CA THR V 111 6.85 94.00 90.04
C THR V 111 8.16 93.25 90.03
N GLU V 112 8.17 92.00 90.52
CA GLU V 112 9.43 91.28 90.67
C GLU V 112 10.25 91.26 89.39
N LEU V 113 9.60 91.09 88.24
CA LEU V 113 10.34 91.14 86.99
C LEU V 113 11.05 92.47 86.85
N ALA V 114 10.35 93.56 87.13
CA ALA V 114 10.99 94.87 87.09
C ALA V 114 12.17 94.93 88.05
N ALA V 115 11.96 94.54 89.32
CA ALA V 115 13.04 94.56 90.28
C ALA V 115 14.27 93.84 89.76
N LEU V 116 14.09 92.66 89.19
CA LEU V 116 15.21 91.97 88.57
C LEU V 116 15.90 92.85 87.55
N LEU V 117 15.12 93.51 86.69
CA LEU V 117 15.74 94.37 85.69
C LEU V 117 16.57 95.47 86.32
N ALA V 118 16.22 95.89 87.53
CA ALA V 118 17.06 96.82 88.27
C ALA V 118 18.09 96.12 89.13
N SER V 119 18.00 94.80 89.25
CA SER V 119 18.94 94.08 90.10
C SER V 119 20.34 94.16 89.50
N PRO V 120 21.37 94.24 90.36
CA PRO V 120 22.74 94.22 89.84
C PRO V 120 23.09 92.94 89.12
N LEU V 121 22.32 91.88 89.31
CA LEU V 121 22.60 90.64 88.59
C LEU V 121 22.46 90.84 87.10
N LEU V 122 21.27 91.20 86.65
CA LEU V 122 20.99 91.22 85.22
C LEU V 122 21.81 92.24 84.47
N ILE V 123 22.19 93.35 85.10
CA ILE V 123 22.87 94.40 84.36
C ILE V 123 24.14 93.87 83.71
N ASP V 124 24.97 93.14 84.45
CA ASP V 124 26.11 92.49 83.84
C ASP V 124 25.69 91.45 82.82
N ALA V 125 24.68 90.66 83.13
CA ALA V 125 24.10 89.75 82.18
C ALA V 125 23.63 90.47 80.92
N ILE V 126 22.89 91.54 81.05
CA ILE V 126 22.41 92.31 79.91
C ILE V 126 23.52 93.17 79.32
N ASP V 127 23.98 94.16 80.07
CA ASP V 127 24.89 95.14 79.50
C ASP V 127 26.19 94.52 79.05
N GLN V 128 26.86 93.81 79.94
CA GLN V 128 28.16 93.25 79.63
C GLN V 128 28.11 91.82 79.14
N LEU V 129 26.91 91.26 78.94
CA LEU V 129 26.75 89.91 78.41
C LEU V 129 27.54 88.91 79.25
N ASN V 130 27.15 88.78 80.50
CA ASN V 130 27.93 87.90 81.33
C ASN V 130 27.04 86.86 81.99
N PRO V 131 27.50 85.66 82.10
CA PRO V 131 26.78 84.65 82.87
C PRO V 131 26.87 84.94 84.36
N ALA V 132 26.48 83.98 85.17
CA ALA V 132 26.11 84.18 86.56
C ALA V 132 27.31 84.25 87.49
N TYR V 133 28.52 84.21 86.95
CA TYR V 133 29.70 84.19 87.80
C TYR V 133 30.32 85.57 87.88
N ALA W 2 42.53 112.97 -55.53
CA ALA W 2 41.51 113.92 -55.99
C ALA W 2 40.27 113.18 -56.45
N LYS W 3 39.37 113.91 -57.08
CA LYS W 3 38.09 113.37 -57.52
C LYS W 3 38.30 112.30 -58.59
N LEU W 4 37.49 111.25 -58.51
CA LEU W 4 37.39 110.29 -59.59
C LEU W 4 37.00 111.04 -60.84
N GLU W 5 37.74 110.80 -61.92
CA GLU W 5 37.46 111.46 -63.18
C GLU W 5 37.70 110.50 -64.32
N THR W 6 37.40 110.96 -65.52
CA THR W 6 37.79 110.23 -66.72
C THR W 6 39.31 110.26 -66.74
N VAL W 7 39.91 109.08 -66.85
CA VAL W 7 41.36 109.01 -66.87
C VAL W 7 41.78 108.54 -68.24
N THR W 8 42.37 109.43 -69.02
CA THR W 8 42.90 109.11 -70.33
C THR W 8 44.32 108.61 -70.16
N LEU W 9 44.69 107.62 -70.96
CA LEU W 9 46.03 107.06 -70.92
C LEU W 9 46.55 106.94 -72.34
N GLY W 10 47.70 107.56 -72.60
CA GLY W 10 48.39 107.42 -73.85
C GLY W 10 49.58 106.48 -73.69
N ASN W 11 50.19 106.14 -74.82
CA ASN W 11 51.41 105.35 -74.84
C ASN W 11 51.20 104.03 -74.11
N ILE W 12 50.41 103.16 -74.73
CA ILE W 12 49.98 101.92 -74.12
C ILE W 12 50.35 100.78 -75.07
N GLY W 13 50.60 99.61 -74.52
CA GLY W 13 50.89 98.43 -75.31
C GLY W 13 52.28 98.50 -75.90
N LYS W 14 52.69 97.36 -76.45
CA LYS W 14 54.00 97.26 -77.09
C LYS W 14 54.18 98.36 -78.12
N ASP W 15 53.12 98.71 -78.83
CA ASP W 15 53.20 99.83 -79.77
C ASP W 15 53.45 101.14 -79.04
N GLY W 16 52.67 101.42 -78.00
CA GLY W 16 52.71 102.74 -77.42
C GLY W 16 51.82 103.73 -78.15
N LYS W 17 51.15 103.29 -79.20
CA LYS W 17 50.14 104.12 -79.83
C LYS W 17 48.77 103.84 -79.25
N GLN W 18 48.66 102.80 -78.42
CA GLN W 18 47.40 102.46 -77.78
C GLN W 18 47.03 103.52 -76.77
N THR W 19 45.74 103.82 -76.70
CA THR W 19 45.21 104.76 -75.73
C THR W 19 44.01 104.15 -75.03
N LEU W 20 43.76 104.61 -73.81
CA LEU W 20 42.67 104.06 -73.02
C LEU W 20 42.08 105.15 -72.14
N VAL W 21 40.77 105.15 -72.00
CA VAL W 21 40.07 106.03 -71.08
C VAL W 21 39.39 105.18 -70.04
N LEU W 22 39.22 105.75 -68.84
CA LEU W 22 38.62 105.03 -67.73
C LEU W 22 37.56 105.92 -67.08
N ASN W 23 36.37 105.45 -67.06
CA ASN W 23 35.39 106.28 -66.39
C ASN W 23 35.32 105.91 -64.91
N PRO W 24 35.02 106.88 -64.07
CA PRO W 24 34.78 106.55 -62.66
C PRO W 24 33.57 105.65 -62.52
N ARG W 25 33.77 104.55 -61.80
CA ARG W 25 32.71 103.58 -61.59
C ARG W 25 32.02 103.75 -60.24
N GLY W 26 32.40 104.76 -59.46
CA GLY W 26 31.94 104.86 -58.11
C GLY W 26 32.84 104.10 -57.17
N VAL W 27 32.42 104.03 -55.91
CA VAL W 27 33.22 103.41 -54.86
C VAL W 27 32.34 102.44 -54.08
N ASN W 28 32.79 101.21 -53.95
CA ASN W 28 32.10 100.32 -53.05
C ASN W 28 32.38 100.71 -51.61
N PRO W 29 31.39 101.18 -50.86
CA PRO W 29 31.65 101.63 -49.49
C PRO W 29 31.99 100.50 -48.54
N THR W 30 31.49 99.29 -48.80
CA THR W 30 31.75 98.18 -47.88
C THR W 30 33.24 97.98 -47.68
N ASN W 31 33.91 97.47 -48.70
CA ASN W 31 35.36 97.37 -48.67
C ASN W 31 36.03 98.72 -48.75
N GLY W 32 35.31 99.78 -49.08
CA GLY W 32 35.91 101.08 -49.24
C GLY W 32 36.89 101.11 -50.38
N VAL W 33 36.47 100.70 -51.57
CA VAL W 33 37.36 100.57 -52.72
C VAL W 33 36.72 101.28 -53.91
N ALA W 34 37.49 102.15 -54.54
CA ALA W 34 37.07 102.81 -55.76
C ALA W 34 37.17 101.85 -56.95
N SER W 35 36.47 102.20 -58.02
CA SER W 35 36.48 101.38 -59.22
C SER W 35 36.52 102.30 -60.43
N LEU W 36 37.27 101.88 -61.44
CA LEU W 36 37.36 102.60 -62.70
C LEU W 36 37.21 101.61 -63.83
N SER W 37 36.67 102.08 -64.96
CA SER W 37 36.50 101.16 -66.07
C SER W 37 36.57 101.90 -67.39
N GLN W 38 37.07 101.18 -68.40
CA GLN W 38 36.80 101.53 -69.78
C GLN W 38 35.31 101.50 -70.03
N ALA W 39 34.86 102.36 -70.94
CA ALA W 39 33.48 102.28 -71.38
C ALA W 39 33.43 101.41 -72.64
N GLY W 40 32.93 100.19 -72.44
CA GLY W 40 32.71 99.27 -73.51
C GLY W 40 31.24 99.04 -73.76
N ALA W 41 30.94 97.88 -74.32
CA ALA W 41 29.55 97.45 -74.43
C ALA W 41 29.12 96.68 -73.18
N VAL W 42 29.72 95.53 -72.96
CA VAL W 42 29.34 94.67 -71.84
C VAL W 42 30.27 94.92 -70.67
N PRO W 43 29.76 95.36 -69.52
CA PRO W 43 30.62 95.55 -68.36
C PRO W 43 31.49 94.36 -68.02
N ALA W 44 30.95 93.14 -68.10
CA ALA W 44 31.76 91.94 -67.94
C ALA W 44 32.97 91.95 -68.84
N LEU W 45 32.83 92.45 -70.06
CA LEU W 45 33.96 92.56 -70.98
C LEU W 45 34.83 93.77 -70.67
N GLU W 46 34.26 94.81 -70.08
CA GLU W 46 34.96 96.08 -69.94
C GLU W 46 36.12 95.95 -68.96
N LYS W 47 37.21 96.64 -69.28
CA LYS W 47 38.41 96.60 -68.45
C LYS W 47 38.08 97.24 -67.12
N ARG W 48 38.68 96.73 -66.05
CA ARG W 48 38.42 97.27 -64.73
C ARG W 48 39.71 97.69 -64.05
N VAL W 49 39.63 98.74 -63.25
CA VAL W 49 40.76 99.24 -62.48
C VAL W 49 40.25 99.54 -61.09
N THR W 50 40.93 99.02 -60.07
CA THR W 50 40.51 99.15 -58.69
C THR W 50 41.66 99.72 -57.87
N VAL W 51 41.35 100.73 -57.06
CA VAL W 51 42.32 101.29 -56.14
C VAL W 51 41.69 101.37 -54.76
N SER W 52 42.52 101.32 -53.75
CA SER W 52 42.04 101.40 -52.39
C SER W 52 43.12 101.95 -51.49
N VAL W 53 42.70 102.60 -50.42
CA VAL W 53 43.61 103.03 -49.38
C VAL W 53 43.25 102.21 -48.15
N SER W 54 43.94 102.46 -47.04
CA SER W 54 43.66 101.77 -45.80
C SER W 54 44.18 102.64 -44.66
N GLN W 55 43.74 102.31 -43.46
CA GLN W 55 44.23 103.03 -42.30
C GLN W 55 44.54 102.04 -41.20
N PRO W 56 45.58 102.30 -40.41
CA PRO W 56 46.01 101.32 -39.41
C PRO W 56 44.94 101.12 -38.35
N SER W 57 44.79 99.87 -37.93
CA SER W 57 43.80 99.51 -36.92
C SER W 57 44.53 98.75 -35.82
N ARG W 58 43.75 98.25 -34.86
CA ARG W 58 44.30 97.33 -33.87
C ARG W 58 44.85 96.07 -34.50
N ASN W 59 44.38 95.71 -35.70
CA ASN W 59 44.90 94.56 -36.41
C ASN W 59 46.23 94.83 -37.11
N ARG W 60 46.41 96.02 -37.65
CA ARG W 60 47.64 96.35 -38.36
C ARG W 60 47.95 97.81 -38.17
N LYS W 61 49.22 98.12 -37.98
CA LYS W 61 49.69 99.47 -37.72
C LYS W 61 50.17 100.13 -39.01
N ASN W 62 50.02 99.43 -40.12
CA ASN W 62 50.62 99.87 -41.37
C ASN W 62 49.54 100.26 -42.36
N TYR W 63 49.87 101.19 -43.24
CA TYR W 63 48.97 101.55 -44.32
C TYR W 63 49.11 100.57 -45.46
N LYS W 64 47.98 100.21 -46.07
CA LYS W 64 47.96 99.37 -47.26
C LYS W 64 47.34 100.16 -48.39
N VAL W 65 47.98 100.13 -49.55
CA VAL W 65 47.43 100.68 -50.76
C VAL W 65 47.39 99.56 -51.78
N GLN W 66 46.20 99.16 -52.17
CA GLN W 66 46.01 98.01 -53.05
C GLN W 66 45.46 98.49 -54.38
N VAL W 67 46.05 98.00 -55.47
CA VAL W 67 45.62 98.33 -56.81
C VAL W 67 45.55 97.04 -57.60
N LYS W 68 44.38 96.73 -58.15
CA LYS W 68 44.19 95.54 -58.95
C LYS W 68 43.64 95.93 -60.31
N ILE W 69 44.04 95.19 -61.33
CA ILE W 69 43.62 95.44 -62.70
C ILE W 69 43.08 94.14 -63.27
N GLN W 70 41.94 94.22 -63.93
CA GLN W 70 41.27 93.05 -64.46
C GLN W 70 40.95 93.32 -65.93
N ASN W 71 41.57 92.54 -66.82
CA ASN W 71 41.44 92.71 -68.27
C ASN W 71 41.06 91.38 -68.89
N PRO W 72 39.79 91.12 -69.08
CA PRO W 72 39.36 89.85 -69.65
C PRO W 72 39.74 89.76 -71.12
N THR W 73 39.48 88.60 -71.69
CA THR W 73 39.69 88.35 -73.10
C THR W 73 38.37 87.95 -73.73
N ALA W 74 37.87 88.82 -74.61
CA ALA W 74 36.60 88.58 -75.27
C ALA W 74 36.76 87.53 -76.34
N CYS W 75 35.84 86.58 -76.38
CA CYS W 75 35.70 85.67 -77.51
C CYS W 75 34.53 86.21 -78.33
N THR W 76 34.84 86.81 -79.47
CA THR W 76 33.80 87.46 -80.27
C THR W 76 32.82 86.42 -80.82
N ALA W 77 33.33 85.45 -81.57
CA ALA W 77 32.50 84.39 -82.10
C ALA W 77 32.74 83.15 -81.25
N ASN W 78 31.75 82.82 -80.42
CA ASN W 78 31.75 81.57 -79.69
C ASN W 78 30.94 80.50 -80.40
N GLY W 79 30.45 80.80 -81.61
CA GLY W 79 29.39 80.00 -82.18
C GLY W 79 28.04 80.40 -81.65
N SER W 80 27.98 81.45 -80.83
CA SER W 80 26.76 81.93 -80.22
C SER W 80 26.64 83.42 -80.51
N CYS W 81 25.45 83.97 -80.29
CA CYS W 81 25.18 85.35 -80.63
C CYS W 81 25.87 86.35 -79.72
N ASP W 82 26.38 85.91 -78.57
CA ASP W 82 26.97 86.86 -77.64
C ASP W 82 28.41 86.48 -77.34
N PRO W 83 29.28 87.48 -77.19
CA PRO W 83 30.66 87.18 -76.83
C PRO W 83 30.74 86.65 -75.41
N SER W 84 31.85 86.02 -75.09
CA SER W 84 32.03 85.38 -73.80
C SER W 84 33.45 85.58 -73.28
N VAL W 85 33.56 85.67 -71.95
CA VAL W 85 34.85 85.80 -71.31
C VAL W 85 35.63 84.53 -71.55
N THR W 86 36.89 84.68 -71.96
CA THR W 86 37.74 83.51 -72.15
C THR W 86 38.84 83.45 -71.11
N ARG W 87 39.82 84.33 -71.21
CA ARG W 87 40.90 84.42 -70.26
C ARG W 87 40.76 85.71 -69.47
N GLN W 88 41.16 85.67 -68.20
CA GLN W 88 41.04 86.83 -67.36
C GLN W 88 42.44 87.20 -66.86
N ALA W 89 42.94 88.33 -67.32
CA ALA W 89 44.27 88.81 -66.92
C ALA W 89 44.16 89.48 -65.57
N TYR W 90 44.97 89.05 -64.63
CA TYR W 90 45.00 89.65 -63.30
C TYR W 90 46.30 90.39 -63.05
N ALA W 91 46.17 91.69 -62.82
CA ALA W 91 47.32 92.52 -62.47
C ALA W 91 47.05 93.10 -61.09
N ASP W 92 47.91 92.75 -60.13
CA ASP W 92 47.72 93.16 -58.75
C ASP W 92 48.96 93.87 -58.25
N VAL W 93 48.76 94.98 -57.55
CA VAL W 93 49.82 95.78 -56.98
C VAL W 93 49.39 96.20 -55.58
N THR W 94 50.31 96.09 -54.62
CA THR W 94 50.04 96.48 -53.26
C THR W 94 51.15 97.39 -52.75
N PHE W 95 50.88 98.05 -51.63
CA PHE W 95 51.86 98.91 -51.00
C PHE W 95 51.70 98.82 -49.49
N SER W 96 52.83 98.86 -48.81
CA SER W 96 52.84 98.89 -47.36
C SER W 96 53.66 100.08 -46.92
N PHE W 97 53.23 100.72 -45.83
CA PHE W 97 53.94 101.86 -45.30
C PHE W 97 53.75 101.91 -43.79
N THR W 98 54.64 102.62 -43.14
CA THR W 98 54.61 102.78 -41.70
C THR W 98 54.07 104.16 -41.37
N GLN W 99 53.38 104.25 -40.25
CA GLN W 99 52.81 105.51 -39.82
C GLN W 99 53.79 106.65 -39.88
N TYR W 100 55.08 106.37 -39.73
CA TYR W 100 56.09 107.42 -39.82
C TYR W 100 56.64 107.56 -41.23
N SER W 101 56.11 106.83 -42.20
CA SER W 101 56.61 106.91 -43.57
C SER W 101 56.54 108.36 -44.04
N THR W 102 57.58 108.82 -44.72
CA THR W 102 57.57 110.20 -45.16
C THR W 102 57.03 110.28 -46.58
N ASP W 103 56.95 111.51 -47.08
CA ASP W 103 56.41 111.73 -48.41
C ASP W 103 57.35 111.23 -49.49
N GLU W 104 58.59 111.74 -49.50
CA GLU W 104 59.48 111.46 -50.61
C GLU W 104 59.78 109.98 -50.71
N GLU W 105 59.95 109.31 -49.57
CA GLU W 105 60.08 107.86 -49.59
C GLU W 105 58.99 107.22 -50.42
N ARG W 106 57.73 107.54 -50.12
CA ARG W 106 56.64 107.04 -50.93
C ARG W 106 56.79 107.47 -52.37
N ALA W 107 56.93 108.77 -52.61
CA ALA W 107 57.16 109.26 -53.95
C ALA W 107 58.30 108.51 -54.61
N PHE W 108 59.40 108.31 -53.90
CA PHE W 108 60.50 107.52 -54.43
C PHE W 108 60.03 106.16 -54.88
N VAL W 109 59.17 105.51 -54.10
CA VAL W 109 58.67 104.20 -54.50
C VAL W 109 57.87 104.30 -55.78
N ARG W 110 57.02 105.32 -55.88
CA ARG W 110 56.10 105.37 -57.01
C ARG W 110 56.85 105.37 -58.33
N THR W 111 57.75 106.34 -58.52
CA THR W 111 58.46 106.43 -59.79
C THR W 111 59.22 105.15 -60.11
N GLU W 112 60.10 104.72 -59.21
CA GLU W 112 60.97 103.60 -59.51
C GLU W 112 60.21 102.38 -59.99
N LEU W 113 59.06 102.10 -59.39
CA LEU W 113 58.27 100.98 -59.87
C LEU W 113 57.91 101.17 -61.34
N ALA W 114 57.47 102.37 -61.70
CA ALA W 114 57.19 102.66 -63.10
C ALA W 114 58.42 102.45 -63.96
N ALA W 115 59.55 103.05 -63.57
CA ALA W 115 60.77 102.88 -64.35
C ALA W 115 61.06 101.41 -64.61
N LEU W 116 60.95 100.58 -63.59
CA LEU W 116 61.11 99.14 -63.80
C LEU W 116 60.18 98.64 -64.88
N LEU W 117 58.92 99.04 -64.82
CA LEU W 117 57.97 98.59 -65.83
C LEU W 117 58.40 98.99 -67.22
N ALA W 118 59.13 100.10 -67.36
CA ALA W 118 59.71 100.46 -68.63
C ALA W 118 61.10 99.87 -68.83
N SER W 119 61.68 99.28 -67.79
CA SER W 119 63.02 98.72 -67.92
C SER W 119 63.01 97.55 -68.89
N PRO W 120 64.09 97.38 -69.66
CA PRO W 120 64.19 96.22 -70.54
C PRO W 120 64.20 94.91 -69.80
N LEU W 121 64.47 94.92 -68.50
CA LEU W 121 64.44 93.68 -67.75
C LEU W 121 63.04 93.08 -67.73
N LEU W 122 62.07 93.81 -67.20
CA LEU W 122 60.76 93.23 -66.97
C LEU W 122 60.04 92.86 -68.26
N ILE W 123 60.30 93.56 -69.35
CA ILE W 123 59.54 93.30 -70.56
C ILE W 123 59.67 91.85 -70.99
N ASP W 124 60.88 91.31 -71.03
CA ASP W 124 61.05 89.90 -71.28
C ASP W 124 60.41 89.05 -70.19
N ALA W 125 60.61 89.44 -68.94
CA ALA W 125 59.91 88.81 -67.84
C ALA W 125 58.41 88.82 -68.01
N ILE W 126 57.83 89.96 -68.32
CA ILE W 126 56.39 90.08 -68.53
C ILE W 126 55.99 89.52 -69.88
N ASP W 127 56.41 90.17 -70.97
CA ASP W 127 55.91 89.82 -72.28
C ASP W 127 56.26 88.40 -72.67
N GLN W 128 57.53 88.05 -72.62
CA GLN W 128 57.98 86.75 -73.06
C GLN W 128 58.08 85.73 -71.94
N LEU W 129 57.68 86.09 -70.72
CA LEU W 129 57.68 85.17 -69.59
C LEU W 129 59.07 84.56 -69.40
N ASN W 130 60.02 85.41 -69.09
CA ASN W 130 61.36 84.88 -68.99
C ASN W 130 61.97 85.24 -67.65
N PRO W 131 62.70 84.31 -67.06
CA PRO W 131 63.46 84.65 -65.85
C PRO W 131 64.64 85.54 -66.19
N ALA W 132 65.54 85.69 -65.24
CA ALA W 132 66.49 86.79 -65.20
C ALA W 132 67.71 86.56 -66.09
N TYR W 133 67.73 85.46 -66.83
CA TYR W 133 68.89 85.15 -67.65
C TYR W 133 68.67 85.55 -69.08
N ALA X 2 -13.72 131.01 16.37
CA ALA X 2 -12.96 131.89 17.24
C ALA X 2 -13.04 131.38 18.67
N LYS X 3 -12.56 132.20 19.59
CA LYS X 3 -12.49 131.86 21.00
C LYS X 3 -13.88 131.66 21.57
N LEU X 4 -14.00 130.65 22.43
CA LEU X 4 -15.19 130.52 23.27
C LEU X 4 -15.37 131.80 24.05
N GLU X 5 -16.58 132.34 24.01
CA GLU X 5 -16.87 133.57 24.72
C GLU X 5 -18.27 133.50 25.29
N THR X 6 -18.63 134.54 26.03
CA THR X 6 -20.00 134.71 26.46
C THR X 6 -20.80 134.97 25.18
N VAL X 7 -21.83 134.17 24.97
CA VAL X 7 -22.64 134.35 23.78
C VAL X 7 -24.01 134.84 24.20
N THR X 8 -24.31 136.10 23.90
CA THR X 8 -25.61 136.69 24.17
C THR X 8 -26.51 136.38 22.99
N LEU X 9 -27.78 136.12 23.28
CA LEU X 9 -28.76 135.86 22.25
C LEU X 9 -30.01 136.66 22.53
N GLY X 10 -30.41 137.47 21.55
CA GLY X 10 -31.66 138.19 21.62
C GLY X 10 -32.69 137.52 20.73
N ASN X 11 -33.93 138.01 20.86
CA ASN X 11 -35.02 137.56 20.00
C ASN X 11 -35.20 136.05 20.09
N ILE X 12 -35.67 135.61 21.25
CA ILE X 12 -35.78 134.20 21.58
C ILE X 12 -37.21 133.91 21.98
N GLY X 13 -37.65 132.68 21.74
CA GLY X 13 -38.98 132.25 22.12
C GLY X 13 -40.04 132.86 21.24
N LYS X 14 -41.25 132.33 21.42
CA LYS X 14 -42.39 132.82 20.64
C LYS X 14 -42.53 134.33 20.76
N ASP X 15 -42.23 134.87 21.92
CA ASP X 15 -42.24 136.32 22.09
C ASP X 15 -41.16 136.97 21.25
N GLY X 16 -39.93 136.48 21.32
CA GLY X 16 -38.82 137.19 20.73
C GLY X 16 -38.28 138.27 21.63
N LYS X 17 -38.86 138.45 22.80
CA LYS X 17 -38.27 139.33 23.80
C LYS X 17 -37.34 138.57 24.73
N GLN X 18 -37.35 137.25 24.64
CA GLN X 18 -36.48 136.41 25.46
C GLN X 18 -35.03 136.61 25.04
N THR X 19 -34.15 136.62 26.02
CA THR X 19 -32.72 136.73 25.80
C THR X 19 -32.00 135.65 26.59
N LEU X 20 -30.82 135.26 26.10
CA LEU X 20 -30.06 134.21 26.75
C LEU X 20 -28.58 134.48 26.58
N VAL X 21 -27.81 134.21 27.63
CA VAL X 21 -26.37 134.27 27.56
C VAL X 21 -25.82 132.87 27.81
N LEU X 22 -24.65 132.60 27.25
CA LEU X 22 -24.03 131.29 27.35
C LEU X 22 -22.57 131.47 27.74
N ASN X 23 -22.20 130.91 28.84
CA ASN X 23 -20.80 131.03 29.15
C ASN X 23 -20.02 129.86 28.57
N PRO X 24 -18.78 130.09 28.19
CA PRO X 24 -17.93 128.97 27.77
C PRO X 24 -17.72 127.99 28.91
N ARG X 25 -17.99 126.73 28.63
CA ARG X 25 -17.86 125.67 29.62
C ARG X 25 -16.54 124.92 29.50
N GLY X 26 -15.68 125.32 28.58
CA GLY X 26 -14.50 124.54 28.28
C GLY X 26 -14.80 123.50 27.22
N VAL X 27 -13.81 122.65 26.97
CA VAL X 27 -13.90 121.65 25.91
C VAL X 27 -13.50 120.31 26.47
N ASN X 28 -14.34 119.31 26.29
CA ASN X 28 -13.92 117.97 26.61
C ASN X 28 -12.92 117.49 25.58
N PRO X 29 -11.66 117.27 25.94
CA PRO X 29 -10.67 116.85 24.96
C PRO X 29 -10.87 115.45 24.45
N THR X 30 -11.46 114.56 25.25
CA THR X 30 -11.63 113.19 24.81
C THR X 30 -12.40 113.11 23.50
N ASN X 31 -13.68 113.42 23.54
CA ASN X 31 -14.46 113.51 22.32
C ASN X 31 -14.10 114.74 21.51
N GLY X 32 -13.33 115.67 22.06
CA GLY X 32 -13.01 116.89 21.35
C GLY X 32 -14.24 117.72 21.08
N VAL X 33 -15.01 118.04 22.11
CA VAL X 33 -16.27 118.74 21.95
C VAL X 33 -16.31 119.91 22.93
N ALA X 34 -16.62 121.09 22.41
CA ALA X 34 -16.82 122.26 23.23
C ALA X 34 -18.17 122.21 23.93
N SER X 35 -18.29 123.02 24.98
CA SER X 35 -19.53 123.08 25.73
C SER X 35 -19.82 124.53 26.11
N LEU X 36 -21.09 124.89 26.05
CA LEU X 36 -21.54 126.22 26.44
C LEU X 36 -22.74 126.07 27.35
N SER X 37 -22.92 127.02 28.26
CA SER X 37 -24.07 126.92 29.13
C SER X 37 -24.54 128.30 29.57
N GLN X 38 -25.84 128.38 29.81
CA GLN X 38 -26.39 129.44 30.63
C GLN X 38 -25.81 129.35 32.02
N ALA X 39 -25.67 130.50 32.67
CA ALA X 39 -25.27 130.50 34.08
C ALA X 39 -26.55 130.54 34.92
N GLY X 40 -26.85 129.38 35.50
CA GLY X 40 -27.95 129.25 36.41
C GLY X 40 -27.48 129.00 37.83
N ALA X 41 -28.35 128.36 38.60
CA ALA X 41 -27.94 127.88 39.91
C ALA X 41 -27.36 126.48 39.82
N VAL X 42 -28.18 125.51 39.44
CA VAL X 42 -27.75 124.11 39.40
C VAL X 42 -27.35 123.76 37.98
N PRO X 43 -26.09 123.36 37.75
CA PRO X 43 -25.67 122.95 36.41
C PRO X 43 -26.58 121.93 35.77
N ALA X 44 -27.05 120.94 36.52
CA ALA X 44 -28.03 120.00 36.01
C ALA X 44 -29.25 120.72 35.44
N LEU X 45 -29.67 121.81 36.04
CA LEU X 45 -30.78 122.60 35.52
C LEU X 45 -30.34 123.49 34.38
N GLU X 46 -29.08 123.91 34.35
CA GLU X 46 -28.64 124.94 33.42
C GLU X 46 -28.68 124.42 31.99
N LYS X 47 -29.05 125.31 31.08
CA LYS X 47 -29.17 124.98 29.66
C LYS X 47 -27.77 124.64 29.16
N ARG X 48 -27.69 123.70 28.24
CA ARG X 48 -26.40 123.31 27.68
C ARG X 48 -26.40 123.44 26.18
N VAL X 49 -25.24 123.80 25.63
CA VAL X 49 -25.05 123.89 24.18
C VAL X 49 -23.72 123.25 23.86
N THR X 50 -23.73 122.34 22.90
CA THR X 50 -22.54 121.57 22.54
C THR X 50 -22.29 121.71 21.05
N VAL X 51 -21.04 121.99 20.69
CA VAL X 51 -20.63 122.03 19.30
C VAL X 51 -19.38 121.20 19.15
N SER X 52 -19.18 120.68 17.95
CA SER X 52 -18.01 119.87 17.67
C SER X 52 -17.69 119.94 16.20
N VAL X 53 -16.41 119.78 15.90
CA VAL X 53 -15.97 119.62 14.51
C VAL X 53 -15.46 118.20 14.38
N SER X 54 -14.97 117.86 13.20
CA SER X 54 -14.42 116.54 12.97
C SER X 54 -13.46 116.63 11.80
N GLN X 55 -12.65 115.60 11.64
CA GLN X 55 -11.76 115.57 10.50
C GLN X 55 -11.77 114.18 9.90
N PRO X 56 -11.65 114.07 8.58
CA PRO X 56 -11.79 112.76 7.94
C PRO X 56 -10.67 111.83 8.36
N SER X 57 -11.03 110.56 8.54
CA SER X 57 -10.08 109.53 8.95
C SER X 57 -10.18 108.39 7.95
N ARG X 58 -9.44 107.32 8.24
CA ARG X 58 -9.61 106.08 7.49
C ARG X 58 -11.01 105.52 7.61
N ASN X 59 -11.75 105.87 8.66
CA ASN X 59 -13.13 105.45 8.82
C ASN X 59 -14.11 106.26 7.99
N ARG X 60 -13.88 107.56 7.85
CA ARG X 60 -14.79 108.41 7.09
C ARG X 60 -13.97 109.52 6.43
N LYS X 61 -14.35 109.82 5.19
CA LYS X 61 -13.66 110.83 4.39
C LYS X 61 -14.36 112.18 4.48
N ASN X 62 -15.39 112.26 5.30
CA ASN X 62 -16.26 113.43 5.32
C ASN X 62 -16.11 114.16 6.63
N TYR X 63 -16.31 115.47 6.59
CA TYR X 63 -16.35 116.26 7.80
C TYR X 63 -17.71 116.17 8.46
N LYS X 64 -17.70 116.08 9.79
CA LYS X 64 -18.93 116.10 10.57
C LYS X 64 -18.90 117.30 11.48
N VAL X 65 -19.98 118.04 11.52
CA VAL X 65 -20.17 119.13 12.47
C VAL X 65 -21.44 118.82 13.24
N GLN X 66 -21.30 118.56 14.52
CA GLN X 66 -22.41 118.14 15.37
C GLN X 66 -22.72 119.23 16.38
N VAL X 67 -23.99 119.56 16.52
CA VAL X 67 -24.44 120.54 17.48
C VAL X 67 -25.66 119.97 18.20
N LYS X 68 -25.57 119.89 19.51
CA LYS X 68 -26.66 119.37 20.33
C LYS X 68 -27.03 120.40 21.38
N ILE X 69 -28.32 120.48 21.69
CA ILE X 69 -28.83 121.41 22.68
C ILE X 69 -29.65 120.64 23.69
N GLN X 70 -29.44 120.92 24.96
CA GLN X 70 -30.10 120.21 26.04
C GLN X 70 -30.73 121.24 26.97
N ASN X 71 -32.06 121.23 27.05
CA ASN X 71 -32.81 122.20 27.83
C ASN X 71 -33.77 121.45 28.74
N PRO X 72 -33.38 121.18 29.97
CA PRO X 72 -34.25 120.43 30.88
C PRO X 72 -35.44 121.29 31.30
N THR X 73 -36.34 120.66 32.05
CA THR X 73 -37.49 121.32 32.62
C THR X 73 -37.44 121.19 34.13
N ALA X 74 -37.25 122.31 34.80
CA ALA X 74 -37.14 122.33 36.25
C ALA X 74 -38.53 122.14 36.86
N CYS X 75 -38.60 121.27 37.86
CA CYS X 75 -39.78 121.21 38.73
C CYS X 75 -39.39 121.94 40.01
N THR X 76 -39.94 123.14 40.18
CA THR X 76 -39.55 123.96 41.32
C THR X 76 -39.98 123.34 42.63
N ALA X 77 -41.27 123.07 42.77
CA ALA X 77 -41.79 122.41 43.96
C ALA X 77 -42.07 120.96 43.60
N ASN X 78 -41.22 120.07 44.10
CA ASN X 78 -41.46 118.64 44.00
C ASN X 78 -42.10 118.11 45.26
N GLY X 79 -42.45 118.96 46.21
CA GLY X 79 -42.72 118.52 47.56
C GLY X 79 -41.46 118.33 48.36
N SER X 80 -40.31 118.67 47.78
CA SER X 80 -39.01 118.52 48.41
C SER X 80 -38.29 119.86 48.32
N CYS X 81 -37.23 119.99 49.11
CA CYS X 81 -36.52 121.26 49.22
C CYS X 81 -35.72 121.62 47.98
N ASP X 82 -35.50 120.67 47.06
CA ASP X 82 -34.67 120.97 45.91
C ASP X 82 -35.44 120.70 44.62
N PRO X 83 -35.23 121.53 43.61
CA PRO X 83 -35.88 121.28 42.32
C PRO X 83 -35.31 120.03 41.67
N SER X 84 -36.04 119.51 40.71
CA SER X 84 -35.66 118.26 40.05
C SER X 84 -35.95 118.32 38.56
N VAL X 85 -35.11 117.63 37.80
CA VAL X 85 -35.28 117.54 36.37
C VAL X 85 -36.56 116.78 36.09
N THR X 86 -37.39 117.32 35.20
CA THR X 86 -38.61 116.63 34.82
C THR X 86 -38.55 116.12 33.40
N ARG X 87 -38.63 117.03 32.43
CA ARG X 87 -38.52 116.69 31.02
C ARG X 87 -37.21 117.23 30.49
N GLN X 88 -36.64 116.52 29.53
CA GLN X 88 -35.36 116.92 28.97
C GLN X 88 -35.56 117.13 27.47
N ALA X 89 -35.46 118.38 27.03
CA ALA X 89 -35.63 118.71 25.63
C ALA X 89 -34.33 118.43 24.90
N TYR X 90 -34.39 117.65 23.83
CA TYR X 90 -33.21 117.35 23.04
C TYR X 90 -33.31 117.98 21.66
N ALA X 91 -32.35 118.86 21.37
CA ALA X 91 -32.25 119.49 20.07
C ALA X 91 -30.90 119.10 19.48
N ASP X 92 -30.92 118.38 18.37
CA ASP X 92 -29.71 117.87 17.75
C ASP X 92 -29.62 118.32 16.30
N VAL X 93 -28.43 118.77 15.90
CA VAL X 93 -28.17 119.22 14.55
C VAL X 93 -26.82 118.67 14.13
N THR X 94 -26.73 118.15 12.92
CA THR X 94 -25.50 117.62 12.38
C THR X 94 -25.24 118.21 11.01
N PHE X 95 -24.00 118.04 10.55
CA PHE X 95 -23.62 118.49 9.22
C PHE X 95 -22.62 117.52 8.63
N SER X 96 -22.74 117.31 7.33
CA SER X 96 -21.80 116.48 6.60
C SER X 96 -21.25 117.29 5.44
N PHE X 97 -19.98 117.10 5.14
CA PHE X 97 -19.36 117.80 4.03
C PHE X 97 -18.27 116.92 3.44
N THR X 98 -17.90 117.23 2.21
CA THR X 98 -16.88 116.51 1.50
C THR X 98 -15.61 117.34 1.49
N GLN X 99 -14.48 116.64 1.50
CA GLN X 99 -13.19 117.32 1.52
C GLN X 99 -13.09 118.40 0.47
N TYR X 100 -13.81 118.27 -0.63
CA TYR X 100 -13.81 119.30 -1.65
C TYR X 100 -14.92 120.34 -1.46
N SER X 101 -15.68 120.24 -0.38
CA SER X 101 -16.76 121.18 -0.13
C SER X 101 -16.21 122.60 -0.15
N THR X 102 -16.91 123.51 -0.81
CA THR X 102 -16.41 124.88 -0.86
C THR X 102 -17.01 125.70 0.27
N ASP X 103 -16.59 126.96 0.33
CA ASP X 103 -17.04 127.83 1.40
C ASP X 103 -18.50 128.20 1.23
N GLU X 104 -18.86 128.80 0.10
CA GLU X 104 -20.19 129.35 -0.05
C GLU X 104 -21.24 128.28 0.06
N GLU X 105 -20.98 127.10 -0.50
CA GLU X 105 -21.89 125.97 -0.30
C GLU X 105 -22.22 125.81 1.17
N ARG X 106 -21.19 125.70 2.01
CA ARG X 106 -21.43 125.61 3.43
C ARG X 106 -22.19 126.82 3.92
N ALA X 107 -21.67 128.02 3.65
CA ALA X 107 -22.38 129.23 4.02
C ALA X 107 -23.82 129.19 3.54
N PHE X 108 -24.04 128.76 2.30
CA PHE X 108 -25.39 128.62 1.80
C PHE X 108 -26.23 127.72 2.71
N VAL X 109 -25.64 126.63 3.18
CA VAL X 109 -26.38 125.75 4.07
C VAL X 109 -26.73 126.46 5.37
N ARG X 110 -25.78 127.21 5.93
CA ARG X 110 -26.00 127.78 7.24
C ARG X 110 -27.22 128.66 7.26
N THR X 111 -27.27 129.67 6.39
CA THR X 111 -28.40 130.60 6.40
C THR X 111 -29.72 129.88 6.19
N GLU X 112 -29.84 129.14 5.09
CA GLU X 112 -31.13 128.55 4.74
C GLU X 112 -31.73 127.75 5.88
N LEU X 113 -30.91 127.00 6.61
CA LEU X 113 -31.45 126.29 7.75
C LEU X 113 -32.09 127.24 8.74
N ALA X 114 -31.41 128.35 9.03
CA ALA X 114 -32.00 129.36 9.90
C ALA X 114 -33.31 129.87 9.33
N ALA X 115 -33.31 130.28 8.07
CA ALA X 115 -34.53 130.78 7.45
C ALA X 115 -35.69 129.81 7.63
N LEU X 116 -35.45 128.52 7.40
CA LEU X 116 -36.48 127.54 7.67
C LEU X 116 -36.97 127.64 9.10
N LEU X 117 -36.06 127.74 10.06
CA LEU X 117 -36.47 127.83 11.45
C LEU X 117 -37.36 129.03 11.69
N ALA X 118 -37.19 130.09 10.90
CA ALA X 118 -38.10 131.22 10.96
C ALA X 118 -39.28 131.07 10.01
N SER X 119 -39.26 130.07 9.14
CA SER X 119 -40.34 129.89 8.19
C SER X 119 -41.63 129.53 8.92
N PRO X 120 -42.78 130.00 8.43
CA PRO X 120 -44.05 129.62 9.03
C PRO X 120 -44.31 128.13 8.93
N LEU X 121 -43.62 127.42 8.05
CA LEU X 121 -43.82 125.99 7.97
C LEU X 121 -43.43 125.30 9.28
N LEU X 122 -42.18 125.42 9.66
CA LEU X 122 -41.68 124.65 10.79
C LEU X 122 -42.34 124.99 12.10
N ILE X 123 -42.77 126.23 12.28
CA ILE X 123 -43.31 126.63 13.57
C ILE X 123 -44.47 125.74 13.98
N ASP X 124 -45.43 125.52 13.09
CA ASP X 124 -46.48 124.56 13.38
C ASP X 124 -45.93 123.16 13.55
N ALA X 125 -45.01 122.76 12.69
CA ALA X 125 -44.30 121.50 12.86
C ALA X 125 -43.63 121.39 14.22
N ILE X 126 -42.88 122.41 14.62
CA ILE X 126 -42.21 122.42 15.91
C ILE X 126 -43.18 122.71 17.03
N ASP X 127 -43.73 123.92 17.06
CA ASP X 127 -44.51 124.34 18.23
C ASP X 127 -45.75 123.49 18.42
N GLN X 128 -46.57 123.37 17.39
CA GLN X 128 -47.82 122.65 17.50
C GLN X 128 -47.73 121.20 17.08
N LEU X 129 -46.54 120.71 16.75
CA LEU X 129 -46.33 119.32 16.37
C LEU X 129 -47.28 118.92 15.25
N ASN X 130 -47.09 119.54 14.10
CA ASN X 130 -48.02 119.26 13.04
C ASN X 130 -47.28 118.84 11.79
N PRO X 131 -47.79 117.87 11.08
CA PRO X 131 -47.23 117.54 9.77
C PRO X 131 -47.53 118.62 8.75
N ALA X 132 -47.31 118.30 7.49
CA ALA X 132 -47.16 119.30 6.43
C ALA X 132 -48.49 119.81 5.89
N TYR X 133 -49.59 119.38 6.48
CA TYR X 133 -50.89 119.77 5.96
C TYR X 133 -51.47 120.91 6.78
N ALA Y 2 -10.54 128.18 35.29
CA ALA Y 2 -9.96 129.16 34.37
C ALA Y 2 -8.75 128.56 33.67
N LYS Y 3 -8.01 129.42 32.98
CA LYS Y 3 -6.86 129.00 32.19
C LYS Y 3 -5.77 128.44 33.10
N LEU Y 4 -5.13 127.38 32.61
CA LEU Y 4 -3.89 126.91 33.22
C LEU Y 4 -2.90 128.05 33.25
N GLU Y 5 -2.32 128.30 34.42
CA GLU Y 5 -1.36 129.38 34.55
C GLU Y 5 -0.24 128.94 35.48
N THR Y 6 0.75 129.81 35.64
CA THR Y 6 1.75 129.62 36.67
C THR Y 6 1.02 129.76 37.99
N VAL Y 7 1.15 128.76 38.84
CA VAL Y 7 0.49 128.81 40.13
C VAL Y 7 1.55 128.93 41.21
N THR Y 8 1.62 130.10 41.83
CA THR Y 8 2.53 130.33 42.93
C THR Y 8 1.85 129.92 44.22
N LEU Y 9 2.62 129.33 45.12
CA LEU Y 9 2.09 128.90 46.41
C LEU Y 9 3.04 129.37 47.50
N GLY Y 10 2.48 130.12 48.46
CA GLY Y 10 3.22 130.52 49.64
C GLY Y 10 2.79 129.69 50.82
N ASN Y 11 3.51 129.84 51.92
CA ASN Y 11 3.17 129.20 53.18
C ASN Y 11 3.08 127.69 53.02
N ILE Y 12 4.23 127.09 52.81
CA ILE Y 12 4.32 125.67 52.49
C ILE Y 12 5.27 125.02 53.50
N GLY Y 13 5.05 123.74 53.76
CA GLY Y 13 5.90 122.99 54.65
C GLY Y 13 5.69 123.37 56.09
N LYS Y 14 6.29 122.57 56.96
CA LYS Y 14 6.20 122.81 58.40
C LYS Y 14 6.61 124.23 58.74
N ASP Y 15 7.60 124.76 58.03
CA ASP Y 15 7.99 126.15 58.22
C ASP Y 15 6.88 127.09 57.81
N GLY Y 16 6.33 126.90 56.62
CA GLY Y 16 5.43 127.89 56.07
C GLY Y 16 6.15 129.01 55.37
N LYS Y 17 7.49 128.97 55.35
CA LYS Y 17 8.24 129.91 54.54
C LYS Y 17 8.53 129.33 53.17
N GLN Y 18 8.22 128.05 52.97
CA GLN Y 18 8.42 127.40 51.69
C GLN Y 18 7.45 127.96 50.67
N THR Y 19 7.94 128.12 49.45
CA THR Y 19 7.12 128.58 48.33
C THR Y 19 7.32 127.66 47.15
N LEU Y 20 6.31 127.59 46.29
CA LEU Y 20 6.37 126.72 45.13
C LEU Y 20 5.60 127.33 43.98
N VAL Y 21 6.14 127.19 42.78
CA VAL Y 21 5.46 127.60 41.57
C VAL Y 21 5.20 126.36 40.73
N LEU Y 22 4.15 126.41 39.92
CA LEU Y 22 3.74 125.28 39.10
C LEU Y 22 3.47 125.78 37.68
N ASN Y 23 4.18 125.26 36.75
CA ASN Y 23 3.85 125.69 35.41
C ASN Y 23 2.81 124.78 34.81
N PRO Y 24 1.96 125.32 33.95
CA PRO Y 24 1.03 124.47 33.21
C PRO Y 24 1.78 123.50 32.32
N ARG Y 25 1.44 122.23 32.46
CA ARG Y 25 2.07 121.17 31.68
C ARG Y 25 1.26 120.76 30.46
N GLY Y 26 0.13 121.41 30.21
CA GLY Y 26 -0.78 120.96 29.19
C GLY Y 26 -1.77 119.95 29.76
N VAL Y 27 -2.55 119.38 28.87
CA VAL Y 27 -3.62 118.46 29.26
C VAL Y 27 -3.53 117.22 28.40
N ASN Y 28 -3.48 116.07 29.05
CA ASN Y 28 -3.61 114.84 28.27
C ASN Y 28 -5.05 114.68 27.80
N PRO Y 29 -5.31 114.75 26.50
CA PRO Y 29 -6.69 114.65 26.03
C PRO Y 29 -7.28 113.28 26.19
N THR Y 30 -6.47 112.22 26.17
CA THR Y 30 -7.01 110.87 26.26
C THR Y 30 -7.83 110.71 27.53
N ASN Y 31 -7.19 110.69 28.68
CA ASN Y 31 -7.90 110.67 29.95
C ASN Y 31 -8.57 112.00 30.24
N GLY Y 32 -8.26 113.05 29.48
CA GLY Y 32 -8.82 114.35 29.75
C GLY Y 32 -8.38 114.89 31.09
N VAL Y 33 -7.08 114.94 31.34
CA VAL Y 33 -6.54 115.33 32.64
C VAL Y 33 -5.47 116.39 32.43
N ALA Y 34 -5.60 117.50 33.14
CA ALA Y 34 -4.59 118.53 33.14
C ALA Y 34 -3.39 118.12 33.98
N SER Y 35 -2.27 118.80 33.74
CA SER Y 35 -1.06 118.51 34.48
C SER Y 35 -0.35 119.82 34.81
N LEU Y 36 0.23 119.88 36.00
CA LEU Y 36 0.99 121.03 36.45
C LEU Y 36 2.30 120.53 37.04
N SER Y 37 3.33 121.36 36.95
CA SER Y 37 4.61 120.93 37.51
C SER Y 37 5.42 122.12 37.95
N GLN Y 38 6.21 121.88 38.98
CA GLN Y 38 7.36 122.72 39.28
C GLN Y 38 8.32 122.69 38.09
N ALA Y 39 9.02 123.79 37.88
CA ALA Y 39 10.08 123.79 36.88
C ALA Y 39 11.40 123.47 37.59
N GLY Y 40 11.85 122.24 37.37
CA GLY Y 40 13.12 121.78 37.88
C GLY Y 40 14.11 121.57 36.76
N ALA Y 41 15.07 120.69 37.03
CA ALA Y 41 15.96 120.24 35.97
C ALA Y 41 15.38 119.03 35.26
N VAL Y 42 15.26 117.92 35.98
CA VAL Y 42 14.81 116.68 35.37
C VAL Y 42 13.31 116.51 35.62
N PRO Y 43 12.49 116.44 34.57
CA PRO Y 43 11.06 116.24 34.76
C PRO Y 43 10.73 115.07 35.67
N ALA Y 44 11.42 113.94 35.53
CA ALA Y 44 11.25 112.83 36.46
C ALA Y 44 11.40 113.28 37.90
N LEU Y 45 12.31 114.20 38.18
CA LEU Y 45 12.46 114.73 39.53
C LEU Y 45 11.42 115.78 39.85
N GLU Y 46 10.91 116.48 38.85
CA GLU Y 46 10.06 117.64 39.09
C GLU Y 46 8.74 117.22 39.70
N LYS Y 47 8.24 118.06 40.61
CA LYS Y 47 6.99 117.80 41.31
C LYS Y 47 5.87 117.84 40.29
N ARG Y 48 4.86 117.00 40.47
CA ARG Y 48 3.75 116.97 39.54
C ARG Y 48 2.44 117.18 40.27
N VAL Y 49 1.50 117.85 39.59
CA VAL Y 49 0.16 118.08 40.12
C VAL Y 49 -0.82 117.79 39.01
N THR Y 50 -1.82 116.97 39.29
CA THR Y 50 -2.79 116.54 38.30
C THR Y 50 -4.19 116.82 38.80
N VAL Y 51 -5.01 117.42 37.94
CA VAL Y 51 -6.40 117.64 38.24
C VAL Y 51 -7.23 117.15 37.08
N SER Y 52 -8.47 116.77 37.38
CA SER Y 52 -9.35 116.28 36.34
C SER Y 52 -10.79 116.53 36.77
N VAL Y 53 -11.66 116.69 35.78
CA VAL Y 53 -13.08 116.73 36.02
C VAL Y 53 -13.67 115.49 35.38
N SER Y 54 -14.98 115.35 35.43
CA SER Y 54 -15.66 114.21 34.83
C SER Y 54 -17.09 114.61 34.57
N GLN Y 55 -17.77 113.81 33.75
CA GLN Y 55 -19.16 114.07 33.51
C GLN Y 55 -19.92 112.76 33.55
N PRO Y 56 -21.16 112.76 34.04
CA PRO Y 56 -21.87 111.51 34.22
C PRO Y 56 -22.16 110.84 32.89
N SER Y 57 -22.06 109.52 32.89
CA SER Y 57 -22.28 108.73 31.70
C SER Y 57 -23.31 107.65 32.03
N ARG Y 58 -23.55 106.78 31.06
CA ARG Y 58 -24.35 105.59 31.33
C ARG Y 58 -23.73 104.70 32.40
N ASN Y 59 -22.42 104.80 32.60
CA ASN Y 59 -21.74 104.06 33.64
C ASN Y 59 -21.89 104.66 35.02
N ARG Y 60 -21.90 105.99 35.13
CA ARG Y 60 -22.03 106.64 36.42
C ARG Y 60 -22.79 107.94 36.24
N LYS Y 61 -23.67 108.23 37.19
CA LYS Y 61 -24.51 109.42 37.16
C LYS Y 61 -23.90 110.55 37.96
N ASN Y 62 -22.70 110.33 38.49
CA ASN Y 62 -22.11 111.26 39.43
C ASN Y 62 -20.89 111.92 38.83
N TYR Y 63 -20.62 113.14 39.27
CA TYR Y 63 -19.40 113.82 38.86
C TYR Y 63 -18.23 113.36 39.71
N LYS Y 64 -17.08 113.18 39.08
CA LYS Y 64 -15.85 112.86 39.78
C LYS Y 64 -14.85 113.99 39.54
N VAL Y 65 -14.22 114.44 40.60
CA VAL Y 65 -13.11 115.38 40.51
C VAL Y 65 -11.93 114.73 41.20
N GLN Y 66 -10.90 114.43 40.43
CA GLN Y 66 -9.74 113.70 40.91
C GLN Y 66 -8.53 114.62 40.90
N VAL Y 67 -7.79 114.63 42.00
CA VAL Y 67 -6.58 115.41 42.12
C VAL Y 67 -5.51 114.51 42.73
N LYS Y 68 -4.40 114.37 42.03
CA LYS Y 68 -3.28 113.56 42.48
C LYS Y 68 -2.02 114.41 42.51
N ILE Y 69 -1.16 114.15 43.48
CA ILE Y 69 0.09 114.87 43.63
C ILE Y 69 1.21 113.86 43.74
N GLN Y 70 2.29 114.11 43.00
CA GLN Y 70 3.41 113.19 42.94
C GLN Y 70 4.68 113.98 43.24
N ASN Y 71 5.33 113.64 44.35
CA ASN Y 71 6.53 114.35 44.81
C ASN Y 71 7.62 113.33 45.08
N PRO Y 72 8.49 113.08 44.12
CA PRO Y 72 9.55 112.10 44.32
C PRO Y 72 10.59 112.62 45.30
N THR Y 73 11.54 111.74 45.60
CA THR Y 73 12.67 112.07 46.46
C THR Y 73 13.94 111.86 45.68
N ALA Y 74 14.64 112.95 45.40
CA ALA Y 74 15.89 112.90 44.64
C ALA Y 74 16.99 112.36 45.51
N CYS Y 75 17.77 111.43 44.96
CA CYS Y 75 19.04 111.02 45.55
C CYS Y 75 20.12 111.74 44.75
N THR Y 76 20.72 112.77 45.36
CA THR Y 76 21.69 113.59 44.65
C THR Y 76 22.93 112.79 44.29
N ALA Y 77 23.57 112.21 45.29
CA ALA Y 77 24.75 111.37 45.06
C ALA Y 77 24.30 109.93 45.21
N ASN Y 78 24.22 109.23 44.08
CA ASN Y 78 24.00 107.80 44.07
C ASN Y 78 25.31 107.03 43.94
N GLY Y 79 26.44 107.73 43.96
CA GLY Y 79 27.67 107.15 43.47
C GLY Y 79 27.79 107.22 41.97
N SER Y 80 26.82 107.86 41.32
CA SER Y 80 26.78 107.98 39.87
C SER Y 80 26.62 109.46 39.53
N CYS Y 81 26.86 109.79 38.27
CA CYS Y 81 26.85 111.18 37.83
C CYS Y 81 25.46 111.80 37.79
N ASP Y 82 24.41 110.99 37.86
CA ASP Y 82 23.08 111.55 37.73
C ASP Y 82 22.23 111.19 38.94
N PRO Y 83 21.39 112.11 39.40
CA PRO Y 83 20.49 111.79 40.51
C PRO Y 83 19.47 110.76 40.09
N SER Y 84 18.84 110.13 41.08
CA SER Y 84 17.89 109.07 40.83
C SER Y 84 16.72 109.16 41.79
N VAL Y 85 15.55 108.73 41.30
CA VAL Y 85 14.35 108.70 42.10
C VAL Y 85 14.55 107.67 43.21
N THR Y 86 14.22 108.05 44.44
CA THR Y 86 14.31 107.12 45.53
C THR Y 86 12.94 106.73 46.06
N ARG Y 87 12.28 107.66 46.74
CA ARG Y 87 10.94 107.45 47.25
C ARG Y 87 9.97 108.32 46.47
N GLN Y 88 8.75 107.82 46.29
CA GLN Y 88 7.77 108.57 45.52
C GLN Y 88 6.57 108.81 46.43
N ALA Y 89 6.35 110.06 46.79
CA ALA Y 89 5.24 110.44 47.65
C ALA Y 89 3.97 110.53 46.80
N TYR Y 90 2.94 109.82 47.22
CA TYR Y 90 1.66 109.87 46.52
C TYR Y 90 0.60 110.55 47.35
N ALA Y 91 0.07 111.64 46.83
CA ALA Y 91 -1.03 112.35 47.47
C ALA Y 91 -2.20 112.34 46.50
N ASP Y 92 -3.29 111.71 46.91
CA ASP Y 92 -4.46 111.55 46.05
C ASP Y 92 -5.70 112.09 46.74
N VAL Y 93 -6.50 112.84 45.99
CA VAL Y 93 -7.74 113.42 46.47
C VAL Y 93 -8.79 113.24 45.39
N THR Y 94 -9.98 112.84 45.80
CA THR Y 94 -11.10 112.65 44.88
C THR Y 94 -12.32 113.37 45.41
N PHE Y 95 -13.30 113.54 44.52
CA PHE Y 95 -14.57 114.15 44.90
C PHE Y 95 -15.69 113.49 44.13
N SER Y 96 -16.82 113.33 44.81
CA SER Y 96 -18.02 112.81 44.19
C SER Y 96 -19.14 113.79 44.41
N PHE Y 97 -20.00 113.94 43.41
CA PHE Y 97 -21.14 114.83 43.52
C PHE Y 97 -22.28 114.28 42.69
N THR Y 98 -23.47 114.75 43.01
CA THR Y 98 -24.68 114.34 42.32
C THR Y 98 -25.10 115.44 41.38
N GLN Y 99 -25.71 115.05 40.27
CA GLN Y 99 -26.15 116.00 39.27
C GLN Y 99 -26.94 117.15 39.87
N TYR Y 100 -27.61 116.91 40.99
CA TYR Y 100 -28.34 117.98 41.65
C TYR Y 100 -27.51 118.70 42.71
N SER Y 101 -26.24 118.36 42.84
CA SER Y 101 -25.39 119.00 43.83
C SER Y 101 -25.40 120.51 43.63
N THR Y 102 -25.51 121.26 44.71
CA THR Y 102 -25.56 122.70 44.55
C THR Y 102 -24.16 123.29 44.68
N ASP Y 103 -24.09 124.61 44.53
CA ASP Y 103 -22.80 125.27 44.58
C ASP Y 103 -22.23 125.30 45.98
N GLU Y 104 -22.98 125.86 46.93
CA GLU Y 104 -22.43 126.09 48.25
C GLU Y 104 -22.05 124.79 48.92
N GLU Y 105 -22.86 123.74 48.74
CA GLU Y 105 -22.47 122.42 49.22
C GLU Y 105 -21.05 122.09 48.79
N ARG Y 106 -20.79 122.18 47.50
CA ARG Y 106 -19.43 121.94 47.01
C ARG Y 106 -18.46 122.91 47.66
N ALA Y 107 -18.74 124.20 47.56
CA ALA Y 107 -17.89 125.19 48.22
C ALA Y 107 -17.69 124.83 49.68
N PHE Y 108 -18.75 124.45 50.37
CA PHE Y 108 -18.62 124.01 51.76
C PHE Y 108 -17.61 122.89 51.88
N VAL Y 109 -17.62 121.94 50.95
CA VAL Y 109 -16.66 120.85 51.02
C VAL Y 109 -15.25 121.37 50.84
N ARG Y 110 -15.05 122.29 49.89
CA ARG Y 110 -13.70 122.71 49.57
C ARG Y 110 -12.99 123.27 50.80
N THR Y 111 -13.57 124.29 51.42
CA THR Y 111 -12.90 124.91 52.56
C THR Y 111 -12.63 123.92 53.66
N GLU Y 112 -13.67 123.25 54.16
CA GLU Y 112 -13.51 122.38 55.32
C GLU Y 112 -12.37 121.39 55.16
N LEU Y 113 -12.22 120.82 53.98
CA LEU Y 113 -11.09 119.92 53.76
C LEU Y 113 -9.78 120.64 54.05
N ALA Y 114 -9.64 121.85 53.52
CA ALA Y 114 -8.45 122.63 53.80
C ALA Y 114 -8.28 122.85 55.30
N ALA Y 115 -9.32 123.33 55.97
CA ALA Y 115 -9.24 123.57 57.40
C ALA Y 115 -8.73 122.34 58.13
N LEU Y 116 -9.26 121.16 57.81
CA LEU Y 116 -8.73 119.94 58.39
C LEU Y 116 -7.24 119.83 58.17
N LEU Y 117 -6.78 120.09 56.95
CA LEU Y 117 -5.36 119.99 56.68
C LEU Y 117 -4.56 120.93 57.55
N ALA Y 118 -5.14 122.04 57.96
CA ALA Y 118 -4.49 122.90 58.94
C ALA Y 118 -4.84 122.54 60.37
N SER Y 119 -5.79 121.64 60.57
CA SER Y 119 -6.17 121.27 61.92
C SER Y 119 -5.02 120.56 62.62
N PRO Y 120 -4.87 120.78 63.93
CA PRO Y 120 -3.85 120.06 64.68
C PRO Y 120 -4.05 118.56 64.69
N LEU Y 121 -5.25 118.10 64.36
CA LEU Y 121 -5.49 116.67 64.32
C LEU Y 121 -4.62 116.01 63.25
N LEU Y 122 -4.81 116.40 61.99
CA LEU Y 122 -4.17 115.69 60.90
C LEU Y 122 -2.66 115.79 60.92
N ILE Y 123 -2.10 116.88 61.44
CA ILE Y 123 -0.67 117.06 61.36
C ILE Y 123 0.05 115.89 62.03
N ASP Y 124 -0.34 115.50 63.23
CA ASP Y 124 0.21 114.30 63.83
C ASP Y 124 -0.11 113.06 63.01
N ALA Y 125 -1.35 112.95 62.54
CA ALA Y 125 -1.71 111.89 61.63
C ALA Y 125 -0.84 111.86 60.39
N ILE Y 126 -0.63 113.00 59.74
CA ILE Y 126 0.20 113.08 58.56
C ILE Y 126 1.67 113.06 58.93
N ASP Y 127 2.15 114.10 59.60
CA ASP Y 127 3.58 114.25 59.81
C ASP Y 127 4.16 113.12 60.64
N GLN Y 128 3.60 112.86 61.81
CA GLN Y 128 4.13 111.86 62.71
C GLN Y 128 3.48 110.50 62.56
N LEU Y 129 2.56 110.34 61.60
CA LEU Y 129 1.92 109.07 61.34
C LEU Y 129 1.28 108.52 62.61
N ASN Y 130 0.29 109.25 63.10
CA ASN Y 130 -0.29 108.81 64.35
C ASN Y 130 -1.79 108.67 64.22
N PRO Y 131 -2.35 107.65 64.82
CA PRO Y 131 -3.81 107.55 64.88
C PRO Y 131 -4.38 108.59 65.82
N ALA Y 132 -5.66 108.42 66.16
CA ALA Y 132 -6.48 109.48 66.71
C ALA Y 132 -6.29 109.70 68.20
N TYR Y 133 -5.35 108.98 68.80
CA TYR Y 133 -5.16 109.08 70.24
C TYR Y 133 -4.00 109.99 70.57
N ALA Z 2 0.88 126.48 25.51
CA ALA Z 2 -0.32 127.23 25.85
C ALA Z 2 -1.48 126.84 24.95
N LYS Z 3 -2.55 127.60 25.03
CA LYS Z 3 -3.77 127.32 24.29
C LYS Z 3 -3.53 127.43 22.79
N LEU Z 4 -4.14 126.52 22.05
CA LEU Z 4 -4.22 126.65 20.61
C LEU Z 4 -4.87 127.99 20.29
N GLU Z 5 -4.23 128.76 19.42
CA GLU Z 5 -4.76 130.05 19.04
C GLU Z 5 -4.52 130.29 17.57
N THR Z 6 -5.02 131.42 17.09
CA THR Z 6 -4.67 131.88 15.75
C THR Z 6 -3.19 132.21 15.80
N VAL Z 7 -2.43 131.62 14.90
CA VAL Z 7 -0.99 131.88 14.89
C VAL Z 7 -0.67 132.66 13.62
N THR Z 8 -0.33 133.93 13.78
CA THR Z 8 0.08 134.76 12.67
C THR Z 8 1.57 134.59 12.46
N LEU Z 9 2.00 134.58 11.21
CA LEU Z 9 3.41 134.45 10.88
C LEU Z 9 3.77 135.51 9.84
N GLY Z 10 4.77 136.33 10.18
CA GLY Z 10 5.32 137.28 9.25
C GLY Z 10 6.65 136.78 8.72
N ASN Z 11 7.15 137.49 7.71
CA ASN Z 11 8.48 137.22 7.16
C ASN Z 11 8.57 135.78 6.68
N ILE Z 12 7.86 135.51 5.59
CA ILE Z 12 7.71 134.16 5.07
C ILE Z 12 8.13 134.18 3.61
N GLY Z 13 8.63 133.05 3.13
CA GLY Z 13 9.01 132.91 1.74
C GLY Z 13 10.29 133.66 1.43
N LYS Z 14 10.81 133.39 0.23
CA LYS Z 14 12.03 134.04 -0.22
C LYS Z 14 11.92 135.55 -0.10
N ASP Z 15 10.74 136.09 -0.36
CA ASP Z 15 10.51 137.52 -0.17
C ASP Z 15 10.64 137.91 1.30
N GLY Z 16 9.96 137.18 2.18
CA GLY Z 16 9.85 137.64 3.55
C GLY Z 16 8.74 138.64 3.75
N LYS Z 17 8.03 138.98 2.69
CA LYS Z 17 6.83 139.80 2.84
C LYS Z 17 5.60 138.92 2.97
N GLN Z 18 5.75 137.62 2.76
CA GLN Z 18 4.65 136.68 2.90
C GLN Z 18 4.24 136.57 4.36
N THR Z 19 2.94 136.47 4.58
CA THR Z 19 2.38 136.28 5.90
C THR Z 19 1.40 135.13 5.88
N LEU Z 20 1.23 134.50 7.04
CA LEU Z 20 0.33 133.35 7.13
C LEU Z 20 -0.31 133.32 8.51
N VAL Z 21 -1.58 132.96 8.55
CA VAL Z 21 -2.28 132.74 9.80
C VAL Z 21 -2.70 131.28 9.86
N LEU Z 22 -2.82 130.75 11.07
CA LEU Z 22 -3.16 129.35 11.28
C LEU Z 22 -4.26 129.27 12.33
N ASN Z 23 -5.35 128.71 11.95
CA ASN Z 23 -6.35 128.57 12.98
C ASN Z 23 -6.20 127.24 13.70
N PRO Z 24 -6.53 127.20 14.98
CA PRO Z 24 -6.56 125.92 15.69
C PRO Z 24 -7.58 124.99 15.07
N ARG Z 25 -7.13 123.78 14.75
CA ARG Z 25 -7.99 122.78 14.14
C ARG Z 25 -8.53 121.78 15.16
N GLY Z 26 -8.22 121.95 16.44
CA GLY Z 26 -8.53 120.94 17.41
C GLY Z 26 -7.41 119.93 17.52
N VAL Z 27 -7.66 118.88 18.30
CA VAL Z 27 -6.66 117.87 18.58
C VAL Z 27 -7.27 116.51 18.37
N ASN Z 28 -6.62 115.68 17.57
CA ASN Z 28 -7.04 114.30 17.49
C ASN Z 28 -6.66 113.58 18.77
N PRO Z 29 -7.62 113.15 19.58
CA PRO Z 29 -7.26 112.49 20.84
C PRO Z 29 -6.64 111.13 20.67
N THR Z 30 -6.97 110.42 19.59
CA THR Z 30 -6.44 109.07 19.41
C THR Z 30 -4.92 109.08 19.44
N ASN Z 31 -4.30 109.64 18.41
CA ASN Z 31 -2.86 109.81 18.40
C ASN Z 31 -2.42 110.90 19.36
N GLY Z 32 -3.35 111.69 19.91
CA GLY Z 32 -2.97 112.78 20.77
C GLY Z 32 -2.15 113.82 20.04
N VAL Z 33 -2.65 114.34 18.94
CA VAL Z 33 -1.90 115.26 18.10
C VAL Z 33 -2.77 116.46 17.79
N ALA Z 34 -2.23 117.65 18.04
CA ALA Z 34 -2.90 118.89 17.67
C ALA Z 34 -2.78 119.14 16.17
N SER Z 35 -3.66 120.01 15.68
CA SER Z 35 -3.66 120.35 14.27
C SER Z 35 -3.91 121.84 14.11
N LEU Z 36 -3.22 122.45 13.15
CA LEU Z 36 -3.39 123.86 12.84
C LEU Z 36 -3.53 123.99 11.34
N SER Z 37 -4.26 125.01 10.90
CA SER Z 37 -4.42 125.19 9.47
C SER Z 37 -4.63 126.64 9.12
N GLN Z 38 -4.15 127.00 7.94
CA GLN Z 38 -4.62 128.18 7.25
C GLN Z 38 -6.11 128.06 6.99
N ALA Z 39 -6.80 129.20 7.00
CA ALA Z 39 -8.20 129.20 6.59
C ALA Z 39 -8.26 129.52 5.10
N GLY Z 40 -8.54 128.47 4.33
CA GLY Z 40 -8.74 128.61 2.90
C GLY Z 40 -10.17 128.35 2.52
N ALA Z 41 -10.34 127.94 1.27
CA ALA Z 41 -11.65 127.46 0.83
C ALA Z 41 -11.80 125.97 1.10
N VAL Z 42 -10.99 125.17 0.42
CA VAL Z 42 -11.10 123.71 0.52
C VAL Z 42 -10.08 123.21 1.53
N PRO Z 43 -10.52 122.56 2.62
CA PRO Z 43 -9.57 122.01 3.58
C PRO Z 43 -8.49 121.15 2.96
N ALA Z 44 -8.83 120.30 2.00
CA ALA Z 44 -7.84 119.55 1.25
C ALA Z 44 -6.75 120.44 0.68
N LEU Z 45 -7.12 121.64 0.23
CA LEU Z 45 -6.14 122.59 -0.27
C LEU Z 45 -5.44 123.33 0.86
N GLU Z 46 -6.09 123.48 2.00
CA GLU Z 46 -5.59 124.35 3.05
C GLU Z 46 -4.32 123.78 3.66
N LYS Z 47 -3.39 124.67 4.00
CA LYS Z 47 -2.11 124.29 4.57
C LYS Z 47 -2.39 123.66 5.93
N ARG Z 48 -1.59 122.67 6.30
CA ARG Z 48 -1.77 122.01 7.58
C ARG Z 48 -0.49 122.05 8.39
N VAL Z 49 -0.63 122.15 9.71
CA VAL Z 49 0.48 122.13 10.64
C VAL Z 49 0.11 121.23 11.78
N THR Z 50 0.98 120.28 12.11
CA THR Z 50 0.71 119.28 13.13
C THR Z 50 1.84 119.29 14.14
N VAL Z 51 1.48 119.30 15.42
CA VAL Z 51 2.45 119.19 16.49
C VAL Z 51 1.97 118.12 17.45
N SER Z 52 2.93 117.50 18.15
CA SER Z 52 2.60 116.47 19.10
C SER Z 52 3.68 116.39 20.15
N VAL Z 53 3.29 115.97 21.34
CA VAL Z 53 4.24 115.66 22.39
C VAL Z 53 4.17 114.16 22.60
N SER Z 54 4.93 113.66 23.56
CA SER Z 54 4.93 112.25 23.89
C SER Z 54 5.43 112.09 25.31
N GLN Z 55 5.20 110.91 25.87
CA GLN Z 55 5.70 110.64 27.20
C GLN Z 55 6.29 109.25 27.23
N PRO Z 56 7.36 109.05 27.98
CA PRO Z 56 8.06 107.76 27.96
C PRO Z 56 7.17 106.65 28.49
N SER Z 57 7.27 105.49 27.85
CA SER Z 57 6.49 104.33 28.23
C SER Z 57 7.44 103.17 28.44
N ARG Z 58 6.88 101.99 28.69
CA ARG Z 58 7.67 100.78 28.70
C ARG Z 58 8.34 100.51 27.37
N ASN Z 59 7.80 101.05 26.28
CA ASN Z 59 8.40 100.92 24.97
C ASN Z 59 9.57 101.86 24.74
N ARG Z 60 9.51 103.07 25.25
CA ARG Z 60 10.57 104.04 25.06
C ARG Z 60 10.66 104.93 26.29
N LYS Z 61 11.89 105.23 26.68
CA LYS Z 61 12.16 106.04 27.87
C LYS Z 61 12.38 107.49 27.50
N ASN Z 62 12.21 107.82 26.23
CA ASN Z 62 12.58 109.13 25.73
C ASN Z 62 11.33 109.90 25.31
N TYR Z 63 11.41 111.22 25.42
CA TYR Z 63 10.34 112.07 24.92
C TYR Z 63 10.49 112.28 23.42
N LYS Z 64 9.37 112.26 22.72
CA LYS Z 64 9.34 112.57 21.29
C LYS Z 64 8.47 113.78 21.08
N VAL Z 65 8.97 114.72 20.29
CA VAL Z 65 8.19 115.87 19.86
C VAL Z 65 8.22 115.87 18.35
N GLN Z 66 7.06 115.65 17.73
CA GLN Z 66 6.95 115.50 16.30
C GLN Z 66 6.19 116.68 15.73
N VAL Z 67 6.71 117.26 14.67
CA VAL Z 67 6.07 118.36 13.97
C VAL Z 67 6.12 118.07 12.49
N LYS Z 68 4.95 118.05 11.85
CA LYS Z 68 4.85 117.80 10.42
C LYS Z 68 4.10 118.95 9.78
N ILE Z 69 4.48 119.28 8.56
CA ILE Z 69 3.87 120.36 7.80
C ILE Z 69 3.47 119.81 6.43
N GLN Z 70 2.26 120.11 6.01
CA GLN Z 70 1.72 119.61 4.76
C GLN Z 70 1.20 120.79 3.95
N ASN Z 71 1.82 121.04 2.81
CA ASN Z 71 1.50 122.18 1.95
C ASN Z 71 1.27 121.68 0.54
N PRO Z 72 0.03 121.40 0.17
CA PRO Z 72 -0.25 120.90 -1.17
C PRO Z 72 -0.03 121.99 -2.21
N THR Z 73 -0.19 121.59 -3.46
CA THR Z 73 -0.10 122.49 -4.59
C THR Z 73 -1.42 122.43 -5.36
N ALA Z 74 -2.15 123.53 -5.34
CA ALA Z 74 -3.44 123.61 -5.99
C ALA Z 74 -3.23 123.73 -7.50
N CYS Z 75 -4.00 122.95 -8.26
CA CYS Z 75 -4.12 123.16 -9.70
C CYS Z 75 -5.45 123.87 -9.89
N THR Z 76 -5.38 125.16 -10.21
CA THR Z 76 -6.60 125.96 -10.31
C THR Z 76 -7.46 125.50 -11.48
N ALA Z 77 -6.89 125.50 -12.68
CA ALA Z 77 -7.61 125.01 -13.85
C ALA Z 77 -7.07 123.63 -14.18
N ASN Z 78 -7.88 122.62 -13.91
CA ASN Z 78 -7.61 121.26 -14.33
C ASN Z 78 -8.32 120.92 -15.63
N GLY Z 79 -8.98 121.89 -16.25
CA GLY Z 79 -9.97 121.58 -17.25
C GLY Z 79 -11.29 121.20 -16.65
N SER Z 80 -11.42 121.27 -15.33
CA SER Z 80 -12.62 120.91 -14.61
C SER Z 80 -13.00 122.08 -13.71
N CYS Z 81 -14.23 122.04 -13.20
CA CYS Z 81 -14.77 123.15 -12.42
C CYS Z 81 -14.13 123.28 -11.04
N ASP Z 82 -13.42 122.27 -10.58
CA ASP Z 82 -12.89 122.32 -9.23
C ASP Z 82 -11.38 122.14 -9.24
N PRO Z 83 -10.67 122.86 -8.38
CA PRO Z 83 -9.21 122.67 -8.30
C PRO Z 83 -8.89 121.30 -7.73
N SER Z 84 -7.66 120.87 -7.94
CA SER Z 84 -7.23 119.55 -7.52
C SER Z 84 -5.81 119.59 -6.97
N VAL Z 85 -5.57 118.69 -6.02
CA VAL Z 85 -4.24 118.56 -5.43
C VAL Z 85 -3.30 118.06 -6.51
N THR Z 86 -2.14 118.69 -6.62
CA THR Z 86 -1.15 118.23 -7.58
C THR Z 86 0.07 117.64 -6.89
N ARG Z 87 0.87 118.49 -6.27
CA ARG Z 87 2.04 118.07 -5.52
C ARG Z 87 1.79 118.31 -4.05
N GLN Z 88 2.35 117.44 -3.21
CA GLN Z 88 2.14 117.57 -1.78
C GLN Z 88 3.51 117.72 -1.12
N ALA Z 89 3.77 118.90 -0.58
CA ALA Z 89 5.04 119.18 0.09
C ALA Z 89 4.99 118.62 1.50
N TYR Z 90 5.98 117.81 1.84
CA TYR Z 90 6.06 117.25 3.17
C TYR Z 90 7.24 117.81 3.94
N ALA Z 91 6.94 118.46 5.05
CA ALA Z 91 7.98 118.98 5.94
C ALA Z 91 7.79 118.31 7.28
N ASP Z 92 8.79 117.55 7.71
CA ASP Z 92 8.71 116.78 8.93
C ASP Z 92 9.88 117.12 9.85
N VAL Z 93 9.58 117.31 11.13
CA VAL Z 93 10.58 117.62 12.15
C VAL Z 93 10.25 116.81 13.38
N THR Z 94 11.28 116.21 13.97
CA THR Z 94 11.12 115.43 15.19
C THR Z 94 12.13 115.87 16.23
N PHE Z 95 11.88 115.44 17.46
CA PHE Z 95 12.79 115.74 18.56
C PHE Z 95 12.83 114.56 19.50
N SER Z 96 14.01 114.31 20.04
CA SER Z 96 14.19 113.28 21.04
C SER Z 96 14.86 113.90 22.26
N PHE Z 97 14.47 113.45 23.44
CA PHE Z 97 15.05 113.94 24.67
C PHE Z 97 15.03 112.85 25.71
N THR Z 98 15.88 113.01 26.70
CA THR Z 98 15.98 112.06 27.80
C THR Z 98 15.28 112.62 29.01
N GLN Z 99 14.73 111.73 29.82
CA GLN Z 99 14.01 112.14 31.01
C GLN Z 99 14.79 113.13 31.84
N TYR Z 100 16.12 113.08 31.79
CA TYR Z 100 16.92 114.04 32.53
C TYR Z 100 17.27 115.27 31.71
N SER Z 101 16.75 115.38 30.49
CA SER Z 101 17.06 116.53 29.65
C SER Z 101 16.70 117.81 30.39
N THR Z 102 17.58 118.81 30.32
CA THR Z 102 17.29 120.04 31.02
C THR Z 102 16.59 121.02 30.11
N ASP Z 103 16.26 122.19 30.67
CA ASP Z 103 15.53 123.18 29.90
C ASP Z 103 16.41 123.82 28.85
N GLU Z 104 17.53 124.42 29.26
CA GLU Z 104 18.32 125.20 28.33
C GLU Z 104 18.84 124.36 27.19
N GLU Z 105 19.24 123.13 27.47
CA GLU Z 105 19.60 122.20 26.40
C GLU Z 105 18.53 122.19 25.33
N ARG Z 106 17.29 121.93 25.72
CA ARG Z 106 16.20 121.96 24.77
C ARG Z 106 16.11 123.33 24.11
N ALA Z 107 16.01 124.38 24.92
CA ALA Z 107 15.99 125.73 24.38
C ALA Z 107 17.16 125.94 23.41
N PHE Z 108 18.35 125.50 23.80
CA PHE Z 108 19.49 125.59 22.90
C PHE Z 108 19.19 124.93 21.56
N VAL Z 109 18.54 123.77 21.58
CA VAL Z 109 18.21 123.10 20.34
C VAL Z 109 17.26 123.93 19.52
N ARG Z 110 16.24 124.51 20.16
CA ARG Z 110 15.20 125.19 19.40
C ARG Z 110 15.78 126.30 18.54
N THR Z 111 16.49 127.24 19.16
CA THR Z 111 17.01 128.37 18.39
C THR Z 111 17.92 127.90 17.26
N GLU Z 112 18.97 127.15 17.59
CA GLU Z 112 19.97 126.80 16.59
C GLU Z 112 19.35 126.19 15.34
N LEU Z 113 18.34 125.34 15.49
CA LEU Z 113 17.68 124.81 14.32
C LEU Z 113 17.13 125.93 13.46
N ALA Z 114 16.46 126.90 14.09
CA ALA Z 114 15.97 128.05 13.34
C ALA Z 114 17.11 128.77 12.65
N ALA Z 115 18.16 129.11 13.38
CA ALA Z 115 19.29 129.80 12.78
C ALA Z 115 19.79 129.08 11.53
N LEU Z 116 19.94 127.76 11.61
CA LEU Z 116 20.29 127.01 10.41
C LEU Z 116 19.33 127.28 9.28
N LEU Z 117 18.03 127.26 9.56
CA LEU Z 117 17.06 127.50 8.52
C LEU Z 117 17.25 128.87 7.89
N ALA Z 118 17.77 129.83 8.63
CA ALA Z 118 18.14 131.11 8.07
C ALA Z 118 19.57 131.13 7.56
N SER Z 119 20.35 130.11 7.83
CA SER Z 119 21.73 130.10 7.39
C SER Z 119 21.80 130.03 5.87
N PRO Z 120 22.79 130.69 5.26
CA PRO Z 120 22.96 130.58 3.81
C PRO Z 120 23.27 129.17 3.35
N LEU Z 121 23.69 128.30 4.26
CA LEU Z 121 23.94 126.92 3.85
C LEU Z 121 22.67 126.25 3.36
N LEU Z 122 21.67 126.15 4.23
CA LEU Z 122 20.51 125.35 3.91
C LEU Z 122 19.71 125.89 2.74
N ILE Z 123 19.71 127.21 2.53
CA ILE Z 123 18.87 127.77 1.49
C ILE Z 123 19.17 127.14 0.14
N ASP Z 124 20.44 127.06 -0.24
CA ASP Z 124 20.80 126.34 -1.45
C ASP Z 124 20.44 124.87 -1.36
N ALA Z 125 20.71 124.26 -0.22
CA ALA Z 125 20.27 122.90 0.04
C ALA Z 125 18.77 122.74 -0.13
N ILE Z 126 17.98 123.61 0.48
CA ILE Z 126 16.54 123.56 0.37
C ILE Z 126 16.07 124.10 -0.97
N ASP Z 127 16.26 125.39 -1.20
CA ASP Z 127 15.65 126.01 -2.37
C ASP Z 127 16.17 125.44 -3.67
N GLN Z 128 17.48 125.42 -3.85
CA GLN Z 128 18.07 124.96 -5.08
C GLN Z 128 18.46 123.50 -5.06
N LEU Z 129 18.17 122.77 -3.99
CA LEU Z 129 18.45 121.34 -3.90
C LEU Z 129 19.91 121.07 -4.18
N ASN Z 130 20.77 121.59 -3.31
CA ASN Z 130 22.17 121.43 -3.59
C ASN Z 130 22.87 120.81 -2.39
N PRO Z 131 23.80 119.92 -2.64
CA PRO Z 131 24.64 119.41 -1.56
C PRO Z 131 25.61 120.47 -1.08
N ALA Z 132 26.59 120.05 -0.29
CA ALA Z 132 27.36 120.93 0.57
C ALA Z 132 28.48 121.67 -0.16
N TYR Z 133 28.57 121.49 -1.47
CA TYR Z 133 29.67 122.10 -2.20
C TYR Z 133 29.22 123.38 -2.88
N ALA AA 2 -65.74 115.73 3.62
CA ALA AA 2 -65.26 117.03 3.17
C ALA AA 2 -63.97 117.39 3.88
N LYS AA 3 -63.54 118.64 3.73
CA LYS AA 3 -62.29 119.12 4.26
C LYS AA 3 -62.32 119.08 5.78
N LEU AA 4 -61.19 118.70 6.36
CA LEU AA 4 -60.97 118.88 7.79
C LEU AA 4 -61.17 120.34 8.13
N GLU AA 5 -61.98 120.61 9.13
CA GLU AA 5 -62.24 121.97 9.54
C GLU AA 5 -62.34 122.04 11.05
N THR AA 6 -62.50 123.26 11.55
CA THR AA 6 -62.84 123.45 12.95
C THR AA 6 -64.23 122.86 13.12
N VAL AA 7 -64.37 121.95 14.08
CA VAL AA 7 -65.66 121.33 14.30
C VAL AA 7 -66.17 121.79 15.66
N THR AA 8 -67.19 122.62 15.66
CA THR AA 8 -67.83 123.09 16.88
C THR AA 8 -68.89 122.08 17.26
N LEU AA 9 -69.04 121.84 18.55
CA LEU AA 9 -70.04 120.93 19.06
C LEU AA 9 -70.77 121.59 20.21
N GLY AA 10 -72.10 121.68 20.08
CA GLY AA 10 -72.94 122.15 21.17
C GLY AA 10 -73.64 120.97 21.82
N ASN AA 11 -74.31 121.27 22.94
CA ASN AA 11 -75.13 120.29 23.63
C ASN AA 11 -74.30 119.06 24.02
N ILE AA 12 -73.40 119.27 24.97
CA ILE AA 12 -72.43 118.26 25.35
C ILE AA 12 -72.55 118.04 26.84
N GLY AA 13 -72.23 116.84 27.30
CA GLY AA 13 -72.24 116.51 28.71
C GLY AA 13 -73.64 116.40 29.24
N LYS AA 14 -73.71 115.88 30.47
CA LYS AA 14 -75.00 115.72 31.14
C LYS AA 14 -75.80 117.01 31.13
N ASP AA 15 -75.12 118.14 31.28
CA ASP AA 15 -75.78 119.42 31.18
C ASP AA 15 -76.34 119.66 29.78
N GLY AA 16 -75.52 119.45 28.75
CA GLY AA 16 -75.90 119.87 27.43
C GLY AA 16 -75.62 121.32 27.17
N LYS AA 17 -75.07 122.03 28.14
CA LYS AA 17 -74.60 123.38 27.91
C LYS AA 17 -73.13 123.38 27.53
N GLN AA 18 -72.47 122.24 27.65
CA GLN AA 18 -71.07 122.11 27.29
C GLN AA 18 -70.91 122.23 25.79
N THR AA 19 -69.83 122.90 25.39
CA THR AA 19 -69.49 123.06 23.98
C THR AA 19 -68.03 122.68 23.78
N LEU AA 20 -67.71 122.27 22.56
CA LEU AA 20 -66.35 121.84 22.26
C LEU AA 20 -66.03 122.17 20.81
N VAL AA 21 -64.81 122.61 20.56
CA VAL AA 21 -64.31 122.82 19.23
C VAL AA 21 -63.15 121.87 18.99
N LEU AA 22 -62.94 121.50 17.73
CA LEU AA 22 -61.91 120.55 17.36
C LEU AA 22 -61.13 121.11 16.18
N ASN AA 23 -59.88 121.29 16.35
CA ASN AA 23 -59.15 121.74 15.19
C ASN AA 23 -58.62 120.56 14.39
N PRO AA 24 -58.53 120.72 13.08
CA PRO AA 24 -57.90 119.68 12.27
C PRO AA 24 -56.44 119.51 12.67
N ARG AA 25 -56.07 118.27 12.94
CA ARG AA 25 -54.70 117.95 13.34
C ARG AA 25 -53.87 117.44 12.19
N GLY AA 26 -54.40 117.39 10.99
CA GLY AA 26 -53.73 116.73 9.89
C GLY AA 26 -54.06 115.26 9.85
N VAL AA 27 -53.39 114.55 8.96
CA VAL AA 27 -53.66 113.14 8.73
C VAL AA 27 -52.35 112.38 8.75
N ASN AA 28 -52.28 111.34 9.56
CA ASN AA 28 -51.14 110.46 9.46
C ASN AA 28 -51.24 109.64 8.20
N PRO AA 29 -50.34 109.82 7.23
CA PRO AA 29 -50.45 109.07 5.98
C PRO AA 29 -50.15 107.61 6.12
N THR AA 30 -49.31 107.23 7.08
CA THR AA 30 -48.94 105.82 7.23
C THR AA 30 -50.16 104.96 7.39
N ASN AA 31 -50.82 105.05 8.54
CA ASN AA 31 -52.08 104.37 8.75
C ASN AA 31 -53.20 104.99 7.95
N GLY AA 32 -53.00 106.16 7.36
CA GLY AA 32 -54.06 106.83 6.64
C GLY AA 32 -55.20 107.21 7.55
N VAL AA 33 -54.92 107.94 8.63
CA VAL AA 33 -55.93 108.26 9.63
C VAL AA 33 -55.86 109.75 9.93
N ALA AA 34 -57.02 110.40 9.85
CA ALA AA 34 -57.13 111.81 10.22
C ALA AA 34 -57.12 111.96 11.73
N SER AA 35 -56.85 113.17 12.18
CA SER AA 35 -56.82 113.47 13.59
C SER AA 35 -57.45 114.84 13.84
N LEU AA 36 -58.19 114.94 14.93
CA LEU AA 36 -58.81 116.19 15.34
C LEU AA 36 -58.54 116.39 16.82
N SER AA 37 -58.47 117.66 17.23
CA SER AA 37 -58.21 117.90 18.64
C SER AA 37 -58.84 119.22 19.08
N GLN AA 38 -59.23 119.24 20.34
CA GLN AA 38 -59.43 120.49 21.05
C GLN AA 38 -58.12 121.25 21.09
N ALA AA 39 -58.21 122.58 21.09
CA ALA AA 39 -57.02 123.39 21.30
C ALA AA 39 -56.93 123.71 22.79
N GLY AA 40 -55.98 123.02 23.43
CA GLY AA 40 -55.68 123.26 24.83
C GLY AA 40 -54.31 123.89 24.99
N ALA AA 41 -53.74 123.66 26.17
CA ALA AA 41 -52.35 124.03 26.38
C ALA AA 41 -51.42 122.88 25.98
N VAL AA 42 -51.50 121.77 26.69
CA VAL AA 42 -50.60 120.66 26.45
C VAL AA 42 -51.29 119.64 25.55
N PRO AA 43 -50.73 119.36 24.37
CA PRO AA 43 -51.33 118.34 23.49
C PRO AA 43 -51.61 117.02 24.18
N ALA AA 44 -50.70 116.55 25.03
CA ALA AA 44 -50.95 115.36 25.82
C ALA AA 44 -52.25 115.48 26.60
N LEU AA 45 -52.57 116.67 27.11
CA LEU AA 45 -53.82 116.88 27.81
C LEU AA 45 -54.99 117.07 26.85
N GLU AA 46 -54.73 117.55 25.64
CA GLU AA 46 -55.79 117.97 24.75
C GLU AA 46 -56.59 116.76 24.26
N LYS AA 47 -57.90 116.95 24.14
CA LYS AA 47 -58.80 115.89 23.70
C LYS AA 47 -58.43 115.52 22.27
N ARG AA 48 -58.57 114.25 21.93
CA ARG AA 48 -58.25 113.80 20.60
C ARG AA 48 -59.42 113.09 19.96
N VAL AA 49 -59.56 113.24 18.66
CA VAL AA 49 -60.60 112.57 17.89
C VAL AA 49 -59.95 112.03 16.62
N THR AA 50 -60.17 110.76 16.35
CA THR AA 50 -59.55 110.09 15.22
C THR AA 50 -60.61 109.41 14.37
N VAL AA 51 -60.53 109.63 13.07
CA VAL AA 51 -61.42 108.96 12.12
C VAL AA 51 -60.58 108.36 11.03
N SER AA 52 -61.11 107.30 10.42
CA SER AA 52 -60.39 106.64 9.35
C SER AA 52 -61.40 105.94 8.45
N VAL AA 53 -61.01 105.80 7.18
CA VAL AA 53 -61.77 104.99 6.26
C VAL AA 53 -60.89 103.81 5.91
N SER AA 54 -61.36 102.95 5.02
CA SER AA 54 -60.60 101.80 4.58
C SER AA 54 -61.14 101.36 3.23
N GLN AA 55 -60.36 100.54 2.55
CA GLN AA 55 -60.82 100.01 1.28
C GLN AA 55 -60.52 98.52 1.22
N PRO AA 56 -61.38 97.74 0.59
CA PRO AA 56 -61.19 96.29 0.61
C PRO AA 56 -59.92 95.89 -0.12
N SER AA 57 -59.24 94.89 0.43
CA SER AA 57 -58.00 94.40 -0.14
C SER AA 57 -58.14 92.89 -0.33
N ARG AA 58 -57.05 92.25 -0.75
CA ARG AA 58 -57.00 90.80 -0.75
C ARG AA 58 -57.18 90.21 0.63
N ASN AA 59 -56.88 90.98 1.68
CA ASN AA 59 -57.08 90.53 3.04
C ASN AA 59 -58.52 90.62 3.50
N ARG AA 60 -59.24 91.65 3.08
CA ARG AA 60 -60.63 91.83 3.50
C ARG AA 60 -61.41 92.48 2.37
N LYS AA 61 -62.64 92.02 2.17
CA LYS AA 61 -63.49 92.51 1.11
C LYS AA 61 -64.44 93.58 1.62
N ASN AA 62 -64.30 93.96 2.88
CA ASN AA 62 -65.26 94.82 3.53
C ASN AA 62 -64.64 96.16 3.84
N TYR AA 63 -65.47 97.20 3.86
CA TYR AA 63 -65.02 98.51 4.27
C TYR AA 63 -65.03 98.60 5.79
N LYS AA 64 -64.00 99.25 6.35
CA LYS AA 64 -63.93 99.53 7.76
C LYS AA 64 -63.89 101.03 7.96
N VAL AA 65 -64.72 101.51 8.88
CA VAL AA 65 -64.67 102.91 9.30
C VAL AA 65 -64.44 102.90 10.80
N GLN AA 66 -63.30 103.40 11.22
CA GLN AA 66 -62.89 103.36 12.61
C GLN AA 66 -62.87 104.77 13.17
N VAL AA 67 -63.46 104.95 14.34
CA VAL AA 67 -63.46 106.22 15.03
C VAL AA 67 -63.10 105.98 16.49
N LYS AA 68 -62.05 106.63 16.95
CA LYS AA 68 -61.60 106.51 18.33
C LYS AA 68 -61.55 107.88 18.96
N ILE AA 69 -61.86 107.95 20.25
CA ILE AA 69 -61.86 109.19 21.00
C ILE AA 69 -61.02 108.99 22.25
N GLN AA 70 -60.15 109.94 22.53
CA GLN AA 70 -59.23 109.85 23.65
C GLN AA 70 -59.36 111.13 24.48
N ASN AA 71 -59.82 110.97 25.72
CA ASN AA 71 -60.08 112.11 26.61
C ASN AA 71 -59.39 111.85 27.93
N PRO AA 72 -58.17 112.34 28.11
CA PRO AA 72 -57.45 112.10 29.35
C PRO AA 72 -58.08 112.88 30.49
N THR AA 73 -57.53 112.65 31.67
CA THR AA 73 -57.93 113.36 32.88
C THR AA 73 -56.73 114.07 33.46
N ALA AA 74 -56.78 115.39 33.42
CA ALA AA 74 -55.68 116.21 33.92
C ALA AA 74 -55.68 116.21 35.43
N CYS AA 75 -54.50 116.01 36.01
CA CYS AA 75 -54.29 116.27 37.43
C CYS AA 75 -53.59 117.62 37.50
N THR AA 76 -54.34 118.65 37.94
CA THR AA 76 -53.80 120.00 37.95
C THR AA 76 -52.66 120.13 38.94
N ALA AA 77 -52.93 119.82 40.20
CA ALA AA 77 -51.89 119.85 41.23
C ALA AA 77 -51.48 118.41 41.51
N ASN AA 78 -50.29 118.06 41.04
CA ASN AA 78 -49.67 116.78 41.38
C ASN AA 78 -48.70 116.93 42.54
N GLY AA 79 -48.62 118.12 43.14
CA GLY AA 79 -47.49 118.45 43.98
C GLY AA 79 -46.30 118.90 43.18
N SER AA 80 -46.46 119.01 41.87
CA SER AA 80 -45.39 119.41 40.96
C SER AA 80 -45.90 120.57 40.12
N CYS AA 81 -44.97 121.25 39.45
CA CYS AA 81 -45.29 122.45 38.70
C CYS AA 81 -46.10 122.18 37.43
N ASP AA 82 -46.16 120.93 36.98
CA ASP AA 82 -46.83 120.66 35.73
C ASP AA 82 -47.94 119.64 35.94
N PRO AA 83 -49.06 119.80 35.24
CA PRO AA 83 -50.13 118.81 35.34
C PRO AA 83 -49.69 117.49 34.70
N SER AA 84 -50.41 116.43 35.04
CA SER AA 84 -50.06 115.10 34.57
C SER AA 84 -51.31 114.30 34.23
N VAL AA 85 -51.15 113.43 33.24
CA VAL AA 85 -52.24 112.55 32.83
C VAL AA 85 -52.53 111.59 33.98
N THR AA 86 -53.81 111.45 34.30
CA THR AA 86 -54.19 110.51 35.34
C THR AA 86 -54.95 109.32 34.77
N ARG AA 87 -56.18 109.55 34.33
CA ARG AA 87 -56.99 108.51 33.72
C ARG AA 87 -57.16 108.85 32.24
N GLN AA 88 -57.24 107.81 31.43
CA GLN AA 88 -57.38 108.02 29.99
C GLN AA 88 -58.66 107.35 29.54
N ALA AA 89 -59.64 108.15 29.14
CA ALA AA 89 -60.93 107.63 28.68
C ALA AA 89 -60.79 107.19 27.23
N TYR AA 90 -61.17 105.95 26.95
CA TYR AA 90 -61.12 105.43 25.60
C TYR AA 90 -62.52 105.20 25.05
N ALA AA 91 -62.82 105.90 23.96
CA ALA AA 91 -64.09 105.71 23.28
C ALA AA 91 -63.77 105.26 21.87
N ASP AA 92 -64.21 104.05 21.51
CA ASP AA 92 -63.90 103.45 20.22
C ASP AA 92 -65.18 103.05 19.51
N VAL AA 93 -65.25 103.36 18.22
CA VAL AA 93 -66.38 103.03 17.38
C VAL AA 93 -65.85 102.54 16.05
N THR AA 94 -66.43 101.46 15.55
CA THR AA 94 -66.04 100.89 14.27
C THR AA 94 -67.27 100.67 13.41
N PHE AA 95 -67.03 100.45 12.12
CA PHE AA 95 -68.10 100.15 11.19
C PHE AA 95 -67.60 99.16 10.16
N SER AA 96 -68.49 98.26 9.77
CA SER AA 96 -68.20 97.31 8.71
C SER AA 96 -69.28 97.42 7.66
N PHE AA 97 -68.89 97.27 6.40
CA PHE AA 97 -69.84 97.32 5.31
C PHE AA 97 -69.35 96.43 4.19
N THR AA 98 -70.29 96.06 3.33
CA THR AA 98 -70.01 95.22 2.19
C THR AA 98 -69.96 96.07 0.94
N GLN AA 99 -69.13 95.65 0.00
CA GLN AA 99 -68.96 96.39 -1.24
C GLN AA 99 -70.29 96.73 -1.88
N TYR AA 100 -71.32 95.93 -1.66
CA TYR AA 100 -72.64 96.23 -2.20
C TYR AA 100 -73.50 97.04 -1.24
N SER AA 101 -72.95 97.45 -0.09
CA SER AA 101 -73.72 98.21 0.87
C SER AA 101 -74.28 99.46 0.20
N THR AA 102 -75.55 99.77 0.47
CA THR AA 102 -76.14 100.93 -0.17
C THR AA 102 -75.99 102.16 0.73
N ASP AA 103 -76.48 103.29 0.22
CA ASP AA 103 -76.34 104.53 0.97
C ASP AA 103 -77.25 104.55 2.18
N GLU AA 104 -78.55 104.38 1.97
CA GLU AA 104 -79.50 104.58 3.05
C GLU AA 104 -79.25 103.60 4.19
N GLU AA 105 -78.91 102.36 3.86
CA GLU AA 105 -78.51 101.41 4.89
C GLU AA 105 -77.46 102.02 5.80
N ARG AA 106 -76.38 102.53 5.23
CA ARG AA 106 -75.38 103.20 6.03
C ARG AA 106 -75.97 104.37 6.77
N ALA AA 107 -76.63 105.28 6.05
CA ALA AA 107 -77.31 106.40 6.70
C ALA AA 107 -78.21 105.91 7.82
N PHE AA 108 -78.97 104.85 7.57
CA PHE AA 108 -79.80 104.27 8.62
C PHE AA 108 -78.98 103.92 9.84
N VAL AA 109 -77.79 103.35 9.63
CA VAL AA 109 -76.95 103.01 10.76
C VAL AA 109 -76.53 104.24 11.51
N ARG AA 110 -76.15 105.29 10.80
CA ARG AA 110 -75.58 106.46 11.46
C ARG AA 110 -76.54 107.04 12.48
N THR AA 111 -77.75 107.39 12.04
CA THR AA 111 -78.69 108.02 12.96
C THR AA 111 -78.98 107.13 14.16
N GLU AA 112 -79.44 105.90 13.91
CA GLU AA 112 -79.88 105.05 15.01
C GLU AA 112 -78.85 104.92 16.11
N LEU AA 113 -77.58 104.81 15.75
CA LEU AA 113 -76.55 104.76 16.78
C LEU AA 113 -76.61 106.01 17.65
N ALA AA 114 -76.73 107.18 17.02
CA ALA AA 114 -76.88 108.40 17.79
C ALA AA 114 -78.10 108.35 18.69
N ALA AA 115 -79.25 108.00 18.12
CA ALA AA 115 -80.47 107.92 18.93
C ALA AA 115 -80.26 107.06 20.16
N LEU AA 116 -79.63 105.90 20.01
CA LEU AA 116 -79.30 105.09 21.17
C LEU AA 116 -78.50 105.88 22.18
N LEU AA 117 -77.49 106.61 21.71
CA LEU AA 117 -76.68 107.38 22.65
C LEU AA 117 -77.52 108.39 23.40
N ALA AA 118 -78.61 108.87 22.81
CA ALA AA 118 -79.55 109.71 23.54
C ALA AA 118 -80.63 108.91 24.24
N SER AA 119 -80.71 107.61 23.98
CA SER AA 119 -81.75 106.81 24.60
C SER AA 119 -81.52 106.73 26.11
N PRO AA 120 -82.61 106.70 26.89
CA PRO AA 120 -82.46 106.53 28.34
C PRO AA 120 -81.83 105.22 28.72
N LEU AA 121 -81.80 104.24 27.82
CA LEU AA 121 -81.16 102.99 28.13
C LEU AA 121 -79.67 103.17 28.38
N LEU AA 122 -78.95 103.66 27.39
CA LEU AA 122 -77.49 103.68 27.48
C LEU AA 122 -76.98 104.60 28.57
N ILE AA 123 -77.72 105.67 28.89
CA ILE AA 123 -77.18 106.63 29.85
C ILE AA 123 -76.86 105.96 31.17
N ASP AA 124 -77.78 105.16 31.71
CA ASP AA 124 -77.46 104.37 32.89
C ASP AA 124 -76.35 103.38 32.63
N ALA AA 125 -76.39 102.71 31.49
CA ALA AA 125 -75.30 101.86 31.08
C ALA AA 125 -73.98 102.60 31.02
N ILE AA 126 -73.93 103.75 30.38
CA ILE AA 126 -72.73 104.56 30.30
C ILE AA 126 -72.44 105.27 31.61
N ASP AA 127 -73.30 106.23 31.96
CA ASP AA 127 -72.98 107.10 33.09
C ASP AA 127 -72.87 106.33 34.39
N GLN AA 128 -73.88 105.56 34.74
CA GLN AA 128 -73.91 104.86 36.00
C GLN AA 128 -73.39 103.45 35.92
N LEU AA 129 -72.90 103.01 34.76
CA LEU AA 129 -72.32 101.68 34.59
C LEU AA 129 -73.31 100.62 35.04
N ASN AA 130 -74.43 100.54 34.34
CA ASN AA 130 -75.42 99.60 34.78
C ASN AA 130 -75.82 98.68 33.65
N PRO AA 131 -76.02 97.41 33.94
CA PRO AA 131 -76.57 96.50 32.94
C PRO AA 131 -78.04 96.80 32.69
N ALA AA 132 -78.71 95.89 32.01
CA ALA AA 132 -79.96 96.15 31.33
C ALA AA 132 -81.16 96.11 32.26
N TYR AA 133 -80.94 95.93 33.55
CA TYR AA 133 -82.05 95.79 34.48
C TYR AA 133 -82.32 97.11 35.20
N ALA BA 2 -49.12 124.10 8.61
CA ALA BA 2 -50.09 124.48 7.61
C ALA BA 2 -49.81 123.78 6.28
N LYS BA 3 -50.50 124.21 5.24
CA LYS BA 3 -50.40 123.61 3.93
C LYS BA 3 -49.00 123.79 3.36
N LEU BA 4 -48.52 122.75 2.70
CA LEU BA 4 -47.33 122.87 1.87
C LEU BA 4 -47.55 123.97 0.86
N GLU BA 5 -46.61 124.88 0.76
CA GLU BA 5 -46.72 125.99 -0.17
C GLU BA 5 -45.36 126.29 -0.77
N THR BA 6 -45.34 127.24 -1.70
CA THR BA 6 -44.08 127.78 -2.18
C THR BA 6 -43.47 128.51 -1.00
N VAL BA 7 -42.24 128.16 -0.67
CA VAL BA 7 -41.58 128.82 0.45
C VAL BA 7 -40.44 129.66 -0.09
N THR BA 8 -40.60 130.98 -0.03
CA THR BA 8 -39.56 131.90 -0.45
C THR BA 8 -38.65 132.15 0.74
N LEU BA 9 -37.36 132.28 0.47
CA LEU BA 9 -36.39 132.55 1.50
C LEU BA 9 -35.47 133.67 1.04
N GLY BA 10 -35.40 134.73 1.83
CA GLY BA 10 -34.46 135.81 1.60
C GLY BA 10 -33.29 135.70 2.56
N ASN BA 11 -32.29 136.53 2.32
CA ASN BA 11 -31.14 136.65 3.21
C ASN BA 11 -30.47 135.30 3.39
N ILE BA 12 -29.83 134.85 2.33
CA ILE BA 12 -29.25 133.52 2.27
C ILE BA 12 -27.79 133.65 1.88
N GLY BA 13 -26.96 132.71 2.33
CA GLY BA 13 -25.56 132.70 1.99
C GLY BA 13 -24.79 133.78 2.72
N LYS BA 14 -23.47 133.66 2.62
CA LYS BA 14 -22.59 134.64 3.26
C LYS BA 14 -22.96 136.05 2.85
N ASP BA 15 -23.38 136.25 1.61
CA ASP BA 15 -23.86 137.55 1.18
C ASP BA 15 -25.13 137.95 1.93
N GLY BA 16 -26.11 137.06 1.97
CA GLY BA 16 -27.41 137.45 2.45
C GLY BA 16 -28.26 138.10 1.40
N LYS BA 17 -27.73 138.24 0.18
CA LYS BA 17 -28.55 138.68 -0.94
C LYS BA 17 -29.13 137.50 -1.68
N GLN BA 18 -28.69 136.29 -1.35
CA GLN BA 18 -29.19 135.08 -1.98
C GLN BA 18 -30.63 134.86 -1.56
N THR BA 19 -31.44 134.39 -2.51
CA THR BA 19 -32.82 134.04 -2.27
C THR BA 19 -33.11 132.66 -2.82
N LEU BA 20 -34.10 132.00 -2.24
CA LEU BA 20 -34.44 130.65 -2.66
C LEU BA 20 -35.94 130.43 -2.50
N VAL BA 21 -36.53 129.72 -3.45
CA VAL BA 21 -37.91 129.31 -3.36
C VAL BA 21 -37.94 127.79 -3.33
N LEU BA 22 -38.98 127.25 -2.70
CA LEU BA 22 -39.12 125.81 -2.53
C LEU BA 22 -40.54 125.41 -2.91
N ASN BA 23 -40.65 124.57 -3.88
CA ASN BA 23 -42.01 124.15 -4.16
C ASN BA 23 -42.36 122.91 -3.36
N PRO BA 24 -43.63 122.78 -2.99
CA PRO BA 24 -44.06 121.53 -2.35
C PRO BA 24 -43.88 120.36 -3.29
N ARG BA 25 -43.22 119.33 -2.78
CA ARG BA 25 -42.95 118.12 -3.54
C ARG BA 25 -43.94 117.01 -3.25
N GLY BA 26 -44.92 117.25 -2.41
CA GLY BA 26 -45.79 116.19 -1.93
C GLY BA 26 -45.19 115.53 -0.70
N VAL BA 27 -45.85 114.46 -0.27
CA VAL BA 27 -45.46 113.76 0.95
C VAL BA 27 -45.37 112.28 0.66
N ASN BA 28 -44.24 111.68 1.00
CA ASN BA 28 -44.18 110.23 0.93
C ASN BA 28 -45.00 109.64 2.07
N PRO BA 29 -46.09 108.95 1.78
CA PRO BA 29 -46.93 108.42 2.85
C PRO BA 29 -46.28 107.28 3.61
N THR BA 30 -45.40 106.52 2.97
CA THR BA 30 -44.79 105.38 3.65
C THR BA 30 -44.10 105.81 4.94
N ASN BA 31 -42.99 106.52 4.80
CA ASN BA 31 -42.32 107.09 5.96
C ASN BA 31 -43.11 108.26 6.54
N GLY BA 32 -44.12 108.75 5.85
CA GLY BA 32 -44.86 109.90 6.32
C GLY BA 32 -43.99 111.13 6.40
N VAL BA 33 -43.34 111.49 5.31
CA VAL BA 33 -42.39 112.60 5.30
C VAL BA 33 -42.71 113.50 4.12
N ALA BA 34 -42.84 114.80 4.41
CA ALA BA 34 -43.02 115.79 3.38
C ALA BA 34 -41.70 116.08 2.66
N SER BA 35 -41.82 116.67 1.49
CA SER BA 35 -40.64 117.01 0.70
C SER BA 35 -40.85 118.37 0.05
N LEU BA 36 -39.78 119.15 0.00
CA LEU BA 36 -39.79 120.45 -0.64
C LEU BA 36 -38.58 120.56 -1.53
N SER BA 37 -38.69 121.33 -2.61
CA SER BA 37 -37.55 121.46 -3.49
C SER BA 37 -37.56 122.81 -4.19
N GLN BA 38 -36.35 123.29 -4.47
CA GLN BA 38 -36.15 124.30 -5.48
C GLN BA 38 -36.62 123.76 -6.82
N ALA BA 39 -37.12 124.66 -7.67
CA ALA BA 39 -37.44 124.27 -9.04
C ALA BA 39 -36.22 124.58 -9.91
N GLY BA 40 -35.53 123.50 -10.28
CA GLY BA 40 -34.41 123.58 -11.18
C GLY BA 40 -34.73 122.93 -12.50
N ALA BA 41 -33.67 122.50 -13.18
CA ALA BA 41 -33.84 121.67 -14.36
C ALA BA 41 -33.92 120.20 -13.99
N VAL BA 42 -32.84 119.66 -13.47
CA VAL BA 42 -32.77 118.24 -13.16
C VAL BA 42 -33.08 118.03 -11.69
N PRO BA 43 -34.14 117.27 -11.35
CA PRO BA 43 -34.45 117.01 -9.95
C PRO BA 43 -33.27 116.48 -9.16
N ALA BA 44 -32.47 115.58 -9.72
CA ALA BA 44 -31.24 115.15 -9.07
C ALA BA 44 -30.37 116.32 -8.68
N LEU BA 45 -30.31 117.36 -9.49
CA LEU BA 45 -29.56 118.55 -9.15
C LEU BA 45 -30.30 119.46 -8.18
N GLU BA 46 -31.63 119.41 -8.20
CA GLU BA 46 -32.42 120.38 -7.46
C GLU BA 46 -32.26 120.18 -5.96
N LYS BA 47 -32.25 121.29 -5.24
CA LYS BA 47 -32.08 121.28 -3.79
C LYS BA 47 -33.30 120.60 -3.20
N ARG BA 48 -33.09 119.87 -2.11
CA ARG BA 48 -34.19 119.18 -1.46
C ARG BA 48 -34.28 119.57 0.00
N VAL BA 49 -35.51 119.62 0.51
CA VAL BA 49 -35.78 119.90 1.91
C VAL BA 49 -36.83 118.92 2.38
N THR BA 50 -36.55 118.26 3.50
CA THR BA 50 -37.42 117.22 4.03
C THR BA 50 -37.76 117.53 5.47
N VAL BA 51 -39.04 117.44 5.80
CA VAL BA 51 -39.49 117.59 7.18
C VAL BA 51 -40.40 116.42 7.51
N SER BA 52 -40.44 116.11 8.80
CA SER BA 52 -41.29 115.01 9.25
C SER BA 52 -41.67 115.24 10.70
N VAL BA 53 -42.83 114.71 11.06
CA VAL BA 53 -43.24 114.68 12.45
C VAL BA 53 -43.25 113.22 12.86
N SER BA 54 -43.63 112.94 14.10
CA SER BA 54 -43.72 111.58 14.59
C SER BA 54 -44.69 111.56 15.75
N GLN BA 55 -45.11 110.37 16.12
CA GLN BA 55 -45.98 110.24 17.27
C GLN BA 55 -45.52 109.07 18.12
N PRO BA 56 -45.65 109.17 19.43
CA PRO BA 56 -45.11 108.13 20.30
C PRO BA 56 -45.83 106.81 20.09
N SER BA 57 -45.05 105.73 20.14
CA SER BA 57 -45.58 104.40 19.95
C SER BA 57 -45.15 103.54 21.13
N ARG BA 58 -45.47 102.26 21.07
CA ARG BA 58 -44.93 101.31 22.04
C ARG BA 58 -43.41 101.25 21.99
N ASN BA 59 -42.80 101.63 20.86
CA ASN BA 59 -41.35 101.68 20.75
C ASN BA 59 -40.74 102.90 21.38
N ARG BA 60 -41.39 104.06 21.29
CA ARG BA 60 -40.85 105.29 21.85
C ARG BA 60 -42.00 106.15 22.33
N LYS BA 61 -41.80 106.79 23.47
CA LYS BA 61 -42.82 107.63 24.09
C LYS BA 61 -42.61 109.09 23.73
N ASN BA 62 -41.64 109.36 22.89
CA ASN BA 62 -41.22 110.73 22.63
C ASN BA 62 -41.56 111.12 21.20
N TYR BA 63 -41.80 112.40 21.00
CA TYR BA 63 -42.00 112.92 19.65
C TYR BA 63 -40.66 113.17 18.99
N LYS BA 64 -40.58 112.85 17.71
CA LYS BA 64 -39.41 113.14 16.90
C LYS BA 64 -39.81 114.07 15.77
N VAL BA 65 -39.04 115.12 15.57
CA VAL BA 65 -39.19 116.00 14.43
C VAL BA 65 -37.86 116.01 13.70
N GLN BA 66 -37.86 115.48 12.48
CA GLN BA 66 -36.65 115.31 11.71
C GLN BA 66 -36.69 116.24 10.50
N VAL BA 67 -35.59 116.94 10.27
CA VAL BA 67 -35.47 117.83 9.13
C VAL BA 67 -34.11 117.58 8.50
N LYS BA 68 -34.11 117.23 7.23
CA LYS BA 68 -32.89 116.98 6.48
C LYS BA 68 -32.85 117.87 5.25
N ILE BA 69 -31.65 118.31 4.89
CA ILE BA 69 -31.45 119.16 3.74
C ILE BA 69 -30.38 118.54 2.87
N GLN BA 70 -30.62 118.50 1.57
CA GLN BA 70 -29.73 117.86 0.62
C GLN BA 70 -29.45 118.85 -0.50
N ASN BA 71 -28.20 119.28 -0.62
CA ASN BA 71 -27.78 120.29 -1.59
C ASN BA 71 -26.59 119.75 -2.36
N PRO BA 72 -26.82 119.14 -3.51
CA PRO BA 72 -25.71 118.59 -4.29
C PRO BA 72 -24.87 119.69 -4.89
N THR BA 73 -23.80 119.28 -5.55
CA THR BA 73 -22.91 120.17 -6.26
C THR BA 73 -22.86 119.75 -7.72
N ALA BA 74 -23.39 120.60 -8.58
CA ALA BA 74 -23.44 120.32 -10.00
C ALA BA 74 -22.06 120.51 -10.61
N CYS BA 75 -21.66 119.54 -11.44
CA CYS BA 75 -20.51 119.72 -12.31
C CYS BA 75 -21.07 120.03 -13.69
N THR BA 76 -20.95 121.29 -14.10
CA THR BA 76 -21.55 121.71 -15.36
C THR BA 76 -20.88 121.03 -16.54
N ALA BA 77 -19.57 121.20 -16.66
CA ALA BA 77 -18.82 120.54 -17.73
C ALA BA 77 -18.08 119.37 -17.11
N ASN BA 78 -18.57 118.17 -17.41
CA ASN BA 78 -17.86 116.95 -17.06
C ASN BA 78 -17.03 116.43 -18.22
N GLY BA 79 -16.96 117.18 -19.32
CA GLY BA 79 -16.51 116.61 -20.56
C GLY BA 79 -17.61 115.87 -21.28
N SER BA 80 -18.83 115.90 -20.74
CA SER BA 80 -19.98 115.21 -21.30
C SER BA 80 -21.10 116.22 -21.44
N CYS BA 81 -22.12 115.84 -22.21
CA CYS BA 81 -23.21 116.74 -22.53
C CYS BA 81 -24.12 117.04 -21.35
N ASP BA 82 -24.04 116.26 -20.27
CA ASP BA 82 -24.96 116.46 -19.17
C ASP BA 82 -24.20 116.71 -17.88
N PRO BA 83 -24.71 117.59 -17.03
CA PRO BA 83 -24.07 117.81 -15.73
C PRO BA 83 -24.20 116.58 -14.85
N SER BA 84 -23.38 116.52 -13.83
CA SER BA 84 -23.34 115.36 -12.95
C SER BA 84 -23.14 115.79 -11.50
N VAL BA 85 -23.72 115.01 -10.60
CA VAL BA 85 -23.59 115.24 -9.17
C VAL BA 85 -22.13 115.03 -8.80
N THR BA 86 -21.56 115.97 -8.05
CA THR BA 86 -20.20 115.81 -7.60
C THR BA 86 -20.14 115.58 -6.09
N ARG BA 87 -20.41 116.62 -5.31
CA ARG BA 87 -20.44 116.54 -3.88
C ARG BA 87 -21.87 116.69 -3.41
N GLN BA 88 -22.21 116.01 -2.32
CA GLN BA 88 -23.57 116.06 -1.80
C GLN BA 88 -23.51 116.59 -0.37
N ALA BA 89 -24.02 117.80 -0.17
CA ALA BA 89 -24.03 118.41 1.15
C ALA BA 89 -25.20 117.85 1.95
N TYR BA 90 -24.91 117.35 3.13
CA TYR BA 90 -25.95 116.82 4.01
C TYR BA 90 -26.12 117.69 5.24
N ALA BA 91 -27.32 118.23 5.39
CA ALA BA 91 -27.67 119.01 6.56
C ALA BA 91 -28.83 118.31 7.25
N ASP BA 92 -28.62 117.86 8.48
CA ASP BA 92 -29.61 117.09 9.20
C ASP BA 92 -29.89 117.73 10.55
N VAL BA 93 -31.17 117.82 10.89
CA VAL BA 93 -31.62 118.40 12.15
C VAL BA 93 -32.72 117.52 12.70
N THR BA 94 -32.67 117.23 13.99
CA THR BA 94 -33.67 116.42 14.65
C THR BA 94 -34.17 117.13 15.90
N PHE BA 95 -35.30 116.65 16.42
CA PHE BA 95 -35.85 117.17 17.65
C PHE BA 95 -36.49 116.04 18.44
N SER BA 96 -36.34 116.13 19.74
CA SER BA 96 -36.99 115.19 20.65
C SER BA 96 -37.80 115.96 21.65
N PHE BA 97 -38.95 115.41 22.02
CA PHE BA 97 -39.81 116.05 23.00
C PHE BA 97 -40.57 114.98 23.76
N THR BA 98 -41.05 115.37 24.93
CA THR BA 98 -41.81 114.48 25.79
C THR BA 98 -43.28 114.82 25.68
N GLN BA 99 -44.12 113.80 25.83
CA GLN BA 99 -45.54 113.99 25.73
C GLN BA 99 -46.04 115.15 26.56
N TYR BA 100 -45.35 115.47 27.64
CA TYR BA 100 -45.75 116.61 28.46
C TYR BA 100 -45.04 117.90 28.04
N SER BA 101 -44.26 117.88 26.98
CA SER BA 101 -43.54 119.06 26.55
C SER BA 101 -44.54 120.19 26.30
N THR BA 102 -44.21 121.39 26.76
CA THR BA 102 -45.14 122.49 26.58
C THR BA 102 -44.82 123.24 25.29
N ASP BA 103 -45.63 124.26 25.02
CA ASP BA 103 -45.46 125.01 23.80
C ASP BA 103 -44.22 125.88 23.84
N GLU BA 104 -44.13 126.76 24.84
CA GLU BA 104 -43.07 127.75 24.85
C GLU BA 104 -41.70 127.09 24.91
N GLU BA 105 -41.57 126.01 25.68
CA GLU BA 105 -40.34 125.24 25.67
C GLU BA 105 -39.92 124.93 24.25
N ARG BA 106 -40.81 124.33 23.47
CA ARG BA 106 -40.51 124.07 22.08
C ARG BA 106 -40.18 125.35 21.35
N ALA BA 107 -41.09 126.34 21.42
CA ALA BA 107 -40.81 127.63 20.82
C ALA BA 107 -39.46 128.17 21.25
N PHE BA 108 -39.16 128.07 22.54
CA PHE BA 108 -37.84 128.48 23.02
C PHE BA 108 -36.73 127.77 22.27
N VAL BA 109 -36.91 126.48 22.02
CA VAL BA 109 -35.88 125.75 21.29
C VAL BA 109 -35.74 126.29 19.88
N ARG BA 110 -36.86 126.55 19.22
CA ARG BA 110 -36.81 126.92 17.80
C ARG BA 110 -35.94 128.15 17.59
N THR BA 111 -36.27 129.25 18.26
CA THR BA 111 -35.53 130.48 18.05
C THR BA 111 -34.04 130.30 18.35
N GLU BA 112 -33.72 129.86 19.57
CA GLU BA 112 -32.32 129.81 19.98
C GLU BA 112 -31.45 129.07 18.98
N LEU BA 113 -31.94 127.97 18.43
CA LEU BA 113 -31.16 127.28 17.42
C LEU BA 113 -30.85 128.20 16.26
N ALA BA 114 -31.84 128.94 15.79
CA ALA BA 114 -31.59 129.91 14.73
C ALA BA 114 -30.55 130.92 15.16
N ALA BA 115 -30.74 131.54 16.33
CA ALA BA 115 -29.78 132.53 16.80
C ALA BA 115 -28.35 131.98 16.77
N LEU BA 116 -28.16 130.76 17.24
CA LEU BA 116 -26.85 130.14 17.13
C LEU BA 116 -26.37 130.14 15.70
N LEU BA 117 -27.23 129.75 14.76
CA LEU BA 117 -26.82 129.72 13.37
C LEU BA 117 -26.37 131.09 12.88
N ALA BA 118 -26.91 132.15 13.46
CA ALA BA 118 -26.43 133.49 13.17
C ALA BA 118 -25.31 133.92 14.11
N SER BA 119 -25.03 133.15 15.15
CA SER BA 119 -23.99 133.53 16.08
C SER BA 119 -22.62 133.49 15.39
N PRO BA 120 -21.73 134.41 15.75
CA PRO BA 120 -20.37 134.37 15.20
C PRO BA 120 -19.62 133.10 15.56
N LEU BA 121 -20.07 132.37 16.57
CA LEU BA 121 -19.40 131.13 16.91
C LEU BA 121 -19.49 130.12 15.78
N LEU BA 122 -20.70 129.74 15.40
CA LEU BA 122 -20.87 128.65 14.46
C LEU BA 122 -20.31 128.96 13.08
N ILE BA 123 -20.32 130.22 12.67
CA ILE BA 123 -19.91 130.52 11.31
C ILE BA 123 -18.49 130.02 11.03
N ASP BA 124 -17.55 130.30 11.93
CA ASP BA 124 -16.23 129.71 11.79
C ASP BA 124 -16.26 128.21 11.89
N ALA BA 125 -17.03 127.68 12.84
CA ALA BA 125 -17.26 126.26 12.92
C ALA BA 125 -17.81 125.68 11.63
N ILE BA 126 -18.84 126.29 11.07
CA ILE BA 126 -19.43 125.84 9.82
C ILE BA 126 -18.57 126.23 8.63
N ASP BA 127 -18.47 127.53 8.36
CA ASP BA 127 -17.83 127.97 7.13
C ASP BA 127 -16.38 127.56 7.06
N GLN BA 128 -15.60 127.91 8.06
CA GLN BA 128 -14.17 127.65 8.04
C GLN BA 128 -13.79 126.36 8.73
N LEU BA 129 -14.76 125.57 9.19
CA LEU BA 129 -14.50 124.28 9.81
C LEU BA 129 -13.51 124.43 10.97
N ASN BA 130 -13.95 125.16 11.98
CA ASN BA 130 -13.01 125.40 13.05
C ASN BA 130 -13.62 124.99 14.38
N PRO BA 131 -12.83 124.40 15.25
CA PRO BA 131 -13.30 124.15 16.60
C PRO BA 131 -13.40 125.44 17.40
N ALA BA 132 -13.56 125.30 18.70
CA ALA BA 132 -14.07 126.36 19.56
C ALA BA 132 -13.00 127.37 19.96
N TYR BA 133 -11.81 127.24 19.43
CA TYR BA 133 -10.72 128.14 19.83
C TYR BA 133 -10.53 129.25 18.80
N ALA CA 2 -50.85 118.97 -5.44
CA ALA CA 2 -51.48 119.62 -4.29
C ALA CA 2 -52.37 118.65 -3.55
N LYS CA 3 -53.16 119.16 -2.62
CA LYS CA 3 -54.03 118.37 -1.78
C LYS CA 3 -55.10 117.68 -2.61
N LEU CA 4 -55.38 116.44 -2.24
CA LEU CA 4 -56.56 115.75 -2.75
C LEU CA 4 -57.78 116.60 -2.45
N GLU CA 5 -58.60 116.84 -3.45
CA GLU CA 5 -59.80 117.64 -3.26
C GLU CA 5 -60.93 117.07 -4.10
N THR CA 6 -62.09 117.67 -3.96
CA THR CA 6 -63.19 117.37 -4.86
C THR CA 6 -62.76 117.88 -6.21
N VAL CA 7 -62.81 117.01 -7.21
CA VAL CA 7 -62.41 117.41 -8.55
C VAL CA 7 -63.64 117.41 -9.44
N THR CA 8 -64.10 118.59 -9.82
CA THR CA 8 -65.21 118.74 -10.72
C THR CA 8 -64.68 118.69 -12.15
N LEU CA 9 -65.44 118.06 -13.03
CA LEU CA 9 -65.07 117.97 -14.43
C LEU CA 9 -66.26 118.33 -15.30
N GLY CA 10 -66.09 119.33 -16.15
CA GLY CA 10 -67.09 119.68 -17.13
C GLY CA 10 -66.69 119.16 -18.50
N ASN CA 11 -67.62 119.28 -19.44
CA ASN CA 11 -67.36 118.94 -20.83
C ASN CA 11 -66.89 117.49 -20.96
N ILE CA 12 -67.82 116.58 -20.71
CA ILE CA 12 -67.53 115.16 -20.64
C ILE CA 12 -68.45 114.44 -21.60
N GLY CA 13 -67.99 113.31 -22.12
CA GLY CA 13 -68.79 112.49 -23.01
C GLY CA 13 -68.93 113.12 -24.38
N LYS CA 14 -69.47 112.32 -25.29
CA LYS CA 14 -69.68 112.78 -26.65
C LYS CA 14 -70.47 114.08 -26.68
N ASP CA 15 -71.42 114.22 -25.76
CA ASP CA 15 -72.15 115.47 -25.64
C ASP CA 15 -71.23 116.61 -25.21
N GLY CA 16 -70.45 116.40 -24.16
CA GLY CA 16 -69.72 117.50 -23.58
C GLY CA 16 -70.56 118.29 -22.60
N LYS CA 17 -71.82 117.90 -22.40
CA LYS CA 17 -72.62 118.49 -21.34
C LYS CA 17 -72.51 117.67 -20.07
N GLN CA 18 -71.89 116.50 -20.14
CA GLN CA 18 -71.70 115.65 -18.98
C GLN CA 18 -70.73 116.29 -18.02
N THR CA 19 -71.01 116.14 -16.74
CA THR CA 19 -70.14 116.63 -15.68
C THR CA 19 -69.91 115.54 -14.67
N LEU CA 20 -68.78 115.61 -13.97
CA LEU CA 20 -68.43 114.59 -13.00
C LEU CA 20 -67.64 115.22 -11.87
N VAL CA 21 -67.90 114.78 -10.65
CA VAL CA 21 -67.14 115.18 -9.49
C VAL CA 21 -66.45 113.94 -8.93
N LEU CA 22 -65.32 114.15 -8.28
CA LEU CA 22 -64.52 113.06 -7.74
C LEU CA 22 -64.12 113.40 -6.31
N ASN CA 23 -64.52 112.59 -5.40
CA ASN CA 23 -64.08 112.90 -4.06
C ASN CA 23 -62.75 112.20 -3.77
N PRO CA 24 -61.92 112.83 -2.95
CA PRO CA 24 -60.70 112.15 -2.51
C PRO CA 24 -61.04 110.90 -1.72
N ARG CA 25 -60.44 109.79 -2.13
CA ARG CA 25 -60.66 108.51 -1.47
C ARG CA 25 -59.58 108.16 -0.47
N GLY CA 26 -58.61 109.04 -0.26
CA GLY CA 26 -57.45 108.70 0.52
C GLY CA 26 -56.38 108.07 -0.34
N VAL CA 27 -55.33 107.59 0.31
CA VAL CA 27 -54.17 107.04 -0.37
C VAL CA 27 -53.82 105.71 0.25
N ASN CA 28 -53.70 104.69 -0.58
CA ASN CA 28 -53.17 103.45 -0.07
C ASN CA 28 -51.68 103.60 0.17
N PRO CA 29 -51.21 103.54 1.41
CA PRO CA 29 -49.78 103.74 1.67
C PRO CA 29 -48.92 102.60 1.19
N THR CA 30 -49.45 101.39 1.13
CA THR CA 30 -48.64 100.25 0.72
C THR CA 30 -48.03 100.48 -0.65
N ASN CA 31 -48.85 100.45 -1.68
CA ASN CA 31 -48.39 100.80 -3.02
C ASN CA 31 -48.11 102.29 -3.16
N GLY CA 32 -48.50 103.10 -2.19
CA GLY CA 32 -48.32 104.52 -2.30
C GLY CA 32 -49.11 105.11 -3.46
N VAL CA 33 -50.40 104.86 -3.50
CA VAL CA 33 -51.24 105.28 -4.62
C VAL CA 33 -52.47 105.98 -4.08
N ALA CA 34 -52.74 107.18 -4.60
CA ALA CA 34 -53.94 107.91 -4.27
C ALA CA 34 -55.14 107.32 -5.00
N SER CA 35 -56.33 107.65 -4.50
CA SER CA 35 -57.56 107.17 -5.09
C SER CA 35 -58.59 108.28 -5.09
N LEU CA 36 -59.36 108.35 -6.17
CA LEU CA 36 -60.44 109.32 -6.29
C LEU CA 36 -61.67 108.60 -6.77
N SER CA 37 -62.84 109.10 -6.40
CA SER CA 37 -64.06 108.46 -6.85
C SER CA 37 -65.20 109.44 -6.96
N GLN CA 38 -66.08 109.15 -7.91
CA GLN CA 38 -67.43 109.70 -7.88
C GLN CA 38 -68.12 109.25 -6.61
N ALA CA 39 -69.02 110.10 -6.10
CA ALA CA 39 -69.86 109.69 -4.99
C ALA CA 39 -71.15 109.14 -5.56
N GLY CA 40 -71.27 107.81 -5.50
CA GLY CA 40 -72.47 107.13 -5.91
C GLY CA 40 -73.17 106.50 -4.73
N ALA CA 41 -73.93 105.46 -5.02
CA ALA CA 41 -74.50 104.65 -3.95
C ALA CA 41 -73.54 103.54 -3.55
N VAL CA 42 -73.29 102.62 -4.46
CA VAL CA 42 -72.45 101.45 -4.16
C VAL CA 42 -71.03 101.72 -4.63
N PRO CA 43 -70.05 101.71 -3.73
CA PRO CA 43 -68.66 101.91 -4.15
C PRO CA 43 -68.22 101.01 -5.28
N ALA CA 44 -68.61 99.73 -5.26
CA ALA CA 44 -68.36 98.85 -6.38
C ALA CA 44 -68.85 99.44 -7.69
N LEU CA 45 -69.99 100.12 -7.68
CA LEU CA 45 -70.49 100.77 -8.87
C LEU CA 45 -69.79 102.10 -9.15
N GLU CA 46 -69.28 102.75 -8.11
CA GLU CA 46 -68.79 104.12 -8.25
C GLU CA 46 -67.53 104.15 -9.09
N LYS CA 47 -67.42 105.20 -9.89
CA LYS CA 47 -66.28 105.37 -10.80
C LYS CA 47 -65.04 105.55 -9.93
N ARG CA 48 -63.92 105.05 -10.42
CA ARG CA 48 -62.68 105.17 -9.66
C ARG CA 48 -61.60 105.82 -10.51
N VAL CA 49 -60.74 106.59 -9.86
CA VAL CA 49 -59.61 107.23 -10.51
C VAL CA 49 -58.40 107.06 -9.61
N THR CA 50 -57.31 106.57 -10.17
CA THR CA 50 -56.11 106.27 -9.42
C THR CA 50 -54.92 106.97 -10.04
N VAL CA 51 -54.13 107.63 -9.20
CA VAL CA 51 -52.89 108.25 -9.65
C VAL CA 51 -51.78 107.82 -8.72
N SER CA 52 -50.56 107.83 -9.25
CA SER CA 52 -49.41 107.44 -8.45
C SER CA 52 -48.17 108.10 -9.02
N VAL CA 53 -47.21 108.34 -8.13
CA VAL CA 53 -45.89 108.78 -8.55
C VAL CA 53 -44.95 107.66 -8.23
N SER CA 54 -43.66 107.86 -8.50
CA SER CA 54 -42.65 106.88 -8.19
C SER CA 54 -41.32 107.58 -8.06
N GLN CA 55 -40.35 106.88 -7.50
CA GLN CA 55 -39.02 107.45 -7.41
C GLN CA 55 -38.00 106.39 -7.78
N PRO CA 56 -36.92 106.79 -8.44
CA PRO CA 56 -35.95 105.80 -8.94
C PRO CA 56 -35.31 105.05 -7.79
N SER CA 57 -35.09 103.76 -8.02
CA SER CA 57 -34.49 102.89 -7.03
C SER CA 57 -33.31 102.18 -7.68
N ARG CA 58 -32.70 101.26 -6.94
CA ARG CA 58 -31.71 100.37 -7.51
C ARG CA 58 -32.29 99.51 -8.63
N ASN CA 59 -33.60 99.30 -8.63
CA ASN CA 59 -34.27 98.55 -9.69
C ASN CA 59 -34.49 99.37 -10.95
N ARG CA 60 -34.81 100.65 -10.81
CA ARG CA 60 -35.08 101.49 -11.97
C ARG CA 60 -34.62 102.90 -11.66
N LYS CA 61 -34.01 103.54 -12.66
CA LYS CA 61 -33.48 104.88 -12.52
C LYS CA 61 -34.47 105.92 -13.02
N ASN CA 62 -35.65 105.48 -13.41
CA ASN CA 62 -36.59 106.35 -14.09
C ASN CA 62 -37.81 106.58 -13.21
N TYR CA 63 -38.43 107.74 -13.39
CA TYR CA 63 -39.68 108.02 -12.71
C TYR CA 63 -40.84 107.40 -13.46
N LYS CA 64 -41.80 106.85 -12.72
CA LYS CA 64 -43.02 106.33 -13.29
C LYS CA 64 -44.19 107.11 -12.72
N VAL CA 65 -45.10 107.53 -13.59
CA VAL CA 65 -46.34 108.13 -13.18
C VAL CA 65 -47.46 107.30 -13.80
N GLN CA 66 -48.23 106.64 -12.97
CA GLN CA 66 -49.25 105.72 -13.41
C GLN CA 66 -50.62 106.28 -13.07
N VAL CA 67 -51.53 106.24 -14.04
CA VAL CA 67 -52.89 106.69 -13.85
C VAL CA 67 -53.82 105.66 -14.46
N LYS CA 68 -54.72 105.13 -13.65
CA LYS CA 68 -55.68 104.14 -14.10
C LYS CA 68 -57.08 104.63 -13.79
N ILE CA 69 -58.02 104.29 -14.67
CA ILE CA 69 -59.42 104.68 -14.53
C ILE CA 69 -60.27 103.44 -14.65
N GLN CA 70 -61.22 103.30 -13.75
CA GLN CA 70 -62.08 102.12 -13.70
C GLN CA 70 -63.53 102.59 -13.68
N ASN CA 71 -64.27 102.25 -14.73
CA ASN CA 71 -65.66 102.69 -14.89
C ASN CA 71 -66.51 101.48 -15.19
N PRO CA 72 -67.11 100.88 -14.18
CA PRO CA 72 -67.94 99.69 -14.41
C PRO CA 72 -69.23 100.05 -15.13
N THR CA 73 -69.98 99.02 -15.45
CA THR CA 73 -71.28 99.16 -16.08
C THR CA 73 -72.33 98.52 -15.18
N ALA CA 74 -73.20 99.34 -14.62
CA ALA CA 74 -74.24 98.87 -13.73
C ALA CA 74 -75.33 98.18 -14.53
N CYS CA 75 -75.76 97.02 -14.05
CA CYS CA 75 -76.99 96.39 -14.52
C CYS CA 75 -78.04 96.70 -13.46
N THR CA 76 -78.97 97.60 -13.79
CA THR CA 76 -79.95 98.03 -12.82
C THR CA 76 -80.89 96.90 -12.45
N ALA CA 77 -81.56 96.32 -13.44
CA ALA CA 77 -82.44 95.18 -13.20
C ALA CA 77 -81.70 93.94 -13.67
N ASN CA 78 -81.27 93.14 -12.70
CA ASN CA 78 -80.72 91.82 -12.99
C ASN CA 78 -81.78 90.74 -12.81
N GLY CA 79 -83.02 91.12 -12.56
CA GLY CA 79 -83.98 90.18 -12.02
C GLY CA 79 -83.84 90.00 -10.53
N SER CA 80 -82.95 90.76 -9.91
CA SER CA 80 -82.69 90.69 -8.48
C SER CA 80 -82.81 92.10 -7.91
N CYS CA 81 -82.90 92.18 -6.59
CA CYS CA 81 -83.14 93.44 -5.91
C CYS CA 81 -81.95 94.39 -5.96
N ASP CA 82 -80.76 93.90 -6.30
CA ASP CA 82 -79.59 94.75 -6.26
C ASP CA 82 -78.92 94.80 -7.62
N PRO CA 83 -78.40 95.96 -8.01
CA PRO CA 83 -77.67 96.04 -9.27
C PRO CA 83 -76.38 95.26 -9.19
N SER CA 84 -75.81 94.96 -10.36
CA SER CA 84 -74.60 94.15 -10.43
C SER CA 84 -73.67 94.68 -11.50
N VAL CA 85 -72.38 94.49 -11.26
CA VAL CA 85 -71.35 94.89 -12.21
C VAL CA 85 -71.50 94.01 -13.45
N THR CA 86 -71.48 94.63 -14.62
CA THR CA 86 -71.56 93.87 -15.85
C THR CA 86 -70.24 93.93 -16.61
N ARG CA 87 -69.94 95.08 -17.20
CA ARG CA 87 -68.70 95.30 -17.91
C ARG CA 87 -67.85 96.28 -17.12
N GLN CA 88 -66.54 96.08 -17.19
CA GLN CA 88 -65.63 96.93 -16.45
C GLN CA 88 -64.69 97.61 -17.46
N ALA CA 89 -64.84 98.92 -17.61
CA ALA CA 89 -64.02 99.68 -18.53
C ALA CA 89 -62.67 99.97 -17.87
N TYR CA 90 -61.59 99.63 -18.53
CA TYR CA 90 -60.27 99.90 -18.02
C TYR CA 90 -59.55 100.94 -18.85
N ALA CA 91 -59.20 102.05 -18.22
CA ALA CA 91 -58.43 103.10 -18.87
C ALA CA 91 -57.14 103.26 -18.08
N ASP CA 92 -56.02 103.00 -18.74
CA ASP CA 92 -54.71 103.01 -18.10
C ASP CA 92 -53.77 103.95 -18.84
N VAL CA 93 -53.05 104.76 -18.07
CA VAL CA 93 -52.08 105.71 -18.61
C VAL CA 93 -50.85 105.65 -17.73
N THR CA 94 -49.68 105.63 -18.37
CA THR CA 94 -48.41 105.62 -17.65
C THR CA 94 -47.50 106.70 -18.21
N PHE CA 95 -46.44 106.98 -17.44
CA PHE CA 95 -45.45 107.95 -17.87
C PHE CA 95 -44.08 107.49 -17.40
N SER CA 96 -43.09 107.73 -18.23
CA SER CA 96 -41.71 107.45 -17.88
C SER CA 96 -40.91 108.72 -18.07
N PHE CA 97 -39.93 108.93 -17.20
CA PHE CA 97 -39.07 110.09 -17.30
C PHE CA 97 -37.71 109.74 -16.74
N THR CA 98 -36.72 110.54 -17.13
CA THR CA 98 -35.36 110.37 -16.70
C THR CA 98 -35.04 111.40 -15.63
N GLN CA 99 -34.17 111.01 -14.71
CA GLN CA 99 -33.80 111.90 -13.62
C GLN CA 99 -33.42 113.28 -14.11
N TYR CA 100 -32.91 113.40 -15.33
CA TYR CA 100 -32.58 114.70 -15.88
C TYR CA 100 -33.73 115.32 -16.67
N SER CA 101 -34.89 114.69 -16.69
CA SER CA 101 -36.03 115.22 -17.43
C SER CA 101 -36.33 116.63 -16.95
N THR CA 102 -36.58 117.54 -17.88
CA THR CA 102 -36.85 118.91 -17.48
C THR CA 102 -38.35 119.12 -17.31
N ASP CA 103 -38.70 120.34 -16.92
CA ASP CA 103 -40.09 120.66 -16.67
C ASP CA 103 -40.88 120.73 -17.96
N GLU CA 104 -40.47 121.59 -18.88
CA GLU CA 104 -41.27 121.86 -20.05
C GLU CA 104 -41.46 120.60 -20.89
N GLU CA 105 -40.42 119.79 -21.01
CA GLU CA 105 -40.56 118.50 -21.66
C GLU CA 105 -41.77 117.75 -21.11
N ARG CA 106 -41.81 117.58 -19.79
CA ARG CA 106 -42.96 116.95 -19.19
C ARG CA 106 -44.23 117.70 -19.51
N ALA CA 107 -44.25 119.00 -19.21
CA ALA CA 107 -45.39 119.82 -19.58
C ALA CA 107 -45.78 119.64 -21.03
N PHE CA 108 -44.78 119.63 -21.92
CA PHE CA 108 -45.05 119.38 -23.32
C PHE CA 108 -45.79 118.07 -23.52
N VAL CA 109 -45.38 117.03 -22.79
CA VAL CA 109 -46.07 115.75 -22.91
C VAL CA 109 -47.51 115.86 -22.45
N ARG CA 110 -47.74 116.55 -21.34
CA ARG CA 110 -49.08 116.56 -20.77
C ARG CA 110 -50.11 117.08 -21.76
N THR CA 111 -49.89 118.29 -22.26
CA THR CA 111 -50.87 118.89 -23.17
C THR CA 111 -51.10 118.02 -24.40
N GLU CA 112 -50.04 117.71 -25.13
CA GLU CA 112 -50.20 117.01 -26.40
C GLU CA 112 -51.03 115.75 -26.27
N LEU CA 113 -50.83 114.98 -25.20
CA LEU CA 113 -51.67 113.82 -25.00
C LEU CA 113 -53.13 114.21 -24.97
N ALA CA 114 -53.46 115.25 -24.21
CA ALA CA 114 -54.83 115.73 -24.20
C ALA CA 114 -55.31 116.11 -25.58
N ALA CA 115 -54.54 116.93 -26.29
CA ALA CA 115 -54.92 117.34 -27.64
C ALA CA 115 -55.25 116.14 -28.50
N LEU CA 116 -54.41 115.10 -28.47
CA LEU CA 116 -54.74 113.87 -29.19
C LEU CA 116 -56.10 113.36 -28.78
N LEU CA 117 -56.38 113.31 -27.49
CA LEU CA 117 -57.67 112.80 -27.04
C LEU CA 117 -58.82 113.62 -27.62
N ALA CA 118 -58.59 114.90 -27.90
CA ALA CA 118 -59.57 115.69 -28.60
C ALA CA 118 -59.41 115.64 -30.11
N SER CA 119 -58.34 115.04 -30.60
CA SER CA 119 -58.12 114.98 -32.04
C SER CA 119 -59.18 114.11 -32.70
N PRO CA 120 -59.60 114.46 -33.91
CA PRO CA 120 -60.55 113.61 -34.63
C PRO CA 120 -60.00 112.24 -34.94
N LEU CA 121 -58.69 112.05 -34.87
CA LEU CA 121 -58.13 110.73 -35.11
C LEU CA 121 -58.61 109.74 -34.07
N LEU CA 122 -58.31 110.00 -32.80
CA LEU CA 122 -58.56 109.00 -31.77
C LEU CA 122 -60.03 108.70 -31.58
N ILE CA 123 -60.90 109.67 -31.81
CA ILE CA 123 -62.31 109.46 -31.52
C ILE CA 123 -62.85 108.26 -32.26
N ASP CA 124 -62.58 108.15 -33.56
CA ASP CA 124 -62.94 106.94 -34.28
C ASP CA 124 -62.21 105.73 -33.76
N ALA CA 125 -60.92 105.87 -33.48
CA ALA CA 125 -60.16 104.82 -32.84
C ALA CA 125 -60.78 104.40 -31.51
N ILE CA 126 -61.11 105.35 -30.66
CA ILE CA 126 -61.73 105.05 -29.38
C ILE CA 126 -63.20 104.69 -29.54
N ASP CA 127 -64.01 105.66 -29.94
CA ASP CA 127 -65.45 105.46 -29.92
C ASP CA 127 -65.89 104.34 -30.85
N GLN CA 128 -65.49 104.42 -32.12
CA GLN CA 128 -65.94 103.45 -33.10
C GLN CA 128 -64.96 102.30 -33.29
N LEU CA 129 -63.89 102.24 -32.51
CA LEU CA 129 -62.92 101.15 -32.58
C LEU CA 129 -62.41 100.97 -33.99
N ASN CA 130 -61.72 101.99 -34.48
CA ASN CA 130 -61.29 101.91 -35.85
C ASN CA 130 -59.79 102.14 -35.95
N PRO CA 131 -59.13 101.39 -36.79
CA PRO CA 131 -57.72 101.68 -37.06
C PRO CA 131 -57.57 102.94 -37.88
N ALA CA 132 -56.38 103.16 -38.42
CA ALA CA 132 -55.93 104.47 -38.86
C ALA CA 132 -56.43 104.83 -40.25
N TYR CA 133 -57.27 103.99 -40.84
CA TYR CA 133 -57.71 104.24 -42.20
C TYR CA 133 -59.10 104.86 -42.20
N ALA DA 2 -87.16 88.70 47.52
CA ALA DA 2 -88.03 89.61 46.78
C ALA DA 2 -87.21 90.48 45.84
N LYS DA 3 -87.86 91.49 45.27
CA LYS DA 3 -87.24 92.37 44.29
C LYS DA 3 -86.11 93.16 44.93
N LEU DA 4 -85.04 93.32 44.16
CA LEU DA 4 -84.00 94.27 44.51
C LEU DA 4 -84.64 95.64 44.69
N GLU DA 5 -84.34 96.29 45.79
CA GLU DA 5 -84.90 97.60 46.06
C GLU DA 5 -83.86 98.47 46.75
N THR DA 6 -84.22 99.72 46.97
CA THR DA 6 -83.42 100.58 47.83
C THR DA 6 -83.49 99.98 49.22
N VAL DA 7 -82.34 99.72 49.81
CA VAL DA 7 -82.32 99.15 51.15
C VAL DA 7 -81.77 100.19 52.11
N THR DA 8 -82.63 100.72 52.95
CA THR DA 8 -82.22 101.67 53.98
C THR DA 8 -81.78 100.88 55.20
N LEU DA 9 -80.75 101.37 55.87
CA LEU DA 9 -80.26 100.74 57.08
C LEU DA 9 -80.05 101.80 58.14
N GLY DA 10 -80.70 101.62 59.29
CA GLY DA 10 -80.48 102.46 60.44
C GLY DA 10 -79.61 101.74 61.45
N ASN DA 11 -79.20 102.49 62.47
CA ASN DA 11 -78.45 101.94 63.60
C ASN DA 11 -77.18 101.25 63.11
N ILE DA 12 -76.25 102.07 62.66
CA ILE DA 12 -75.03 101.59 62.01
C ILE DA 12 -73.85 102.21 62.74
N GLY DA 13 -72.73 101.50 62.75
CA GLY DA 13 -71.50 102.00 63.35
C GLY DA 13 -71.58 101.98 64.86
N LYS DA 14 -70.41 102.22 65.45
CA LYS DA 14 -70.32 102.25 66.91
C LYS DA 14 -71.35 103.20 67.50
N ASP DA 15 -71.61 104.31 66.83
CA ASP DA 15 -72.65 105.23 67.28
C ASP DA 15 -74.03 104.57 67.21
N GLY DA 16 -74.35 103.97 66.06
CA GLY DA 16 -75.71 103.53 65.86
C GLY DA 16 -76.61 104.64 65.35
N LYS DA 17 -76.06 105.84 65.17
CA LYS DA 17 -76.82 106.89 64.51
C LYS DA 17 -76.52 106.91 63.02
N GLN DA 18 -75.55 106.13 62.57
CA GLN DA 18 -75.21 106.03 61.17
C GLN DA 18 -76.33 105.35 60.41
N THR DA 19 -76.59 105.84 59.20
CA THR DA 19 -77.58 105.25 58.31
C THR DA 19 -76.97 105.05 56.94
N LEU DA 20 -77.51 104.09 56.21
CA LEU DA 20 -76.99 103.78 54.89
C LEU DA 20 -78.12 103.32 53.99
N VAL DA 21 -78.08 103.72 52.73
CA VAL DA 21 -79.00 103.25 51.73
C VAL DA 21 -78.20 102.51 50.67
N LEU DA 22 -78.84 101.55 50.02
CA LEU DA 22 -78.20 100.72 49.01
C LEU DA 22 -79.09 100.65 47.79
N ASN DA 23 -78.57 101.08 46.69
CA ASN DA 23 -79.41 100.94 45.52
C ASN DA 23 -79.16 99.60 44.84
N PRO DA 24 -80.18 99.03 44.23
CA PRO DA 24 -79.95 97.83 43.42
C PRO DA 24 -79.01 98.12 42.26
N ARG DA 25 -77.98 97.30 42.15
CA ARG DA 25 -76.98 97.46 41.10
C ARG DA 25 -77.23 96.53 39.93
N GLY DA 26 -78.30 95.75 39.94
CA GLY DA 26 -78.50 94.72 38.96
C GLY DA 26 -77.83 93.43 39.39
N VAL DA 27 -77.84 92.45 38.49
CA VAL DA 27 -77.34 91.13 38.78
C VAL DA 27 -76.40 90.70 37.67
N ASN DA 28 -75.19 90.29 38.03
CA ASN DA 28 -74.34 89.68 37.03
C ASN DA 28 -74.87 88.30 36.69
N PRO DA 29 -75.34 88.07 35.48
CA PRO DA 29 -75.90 86.75 35.15
C PRO DA 29 -74.86 85.65 35.07
N THR DA 30 -73.62 85.99 34.72
CA THR DA 30 -72.60 84.96 34.58
C THR DA 30 -72.45 84.15 35.86
N ASN DA 31 -71.91 84.75 36.90
CA ASN DA 31 -71.86 84.11 38.20
C ASN DA 31 -73.22 84.03 38.86
N GLY DA 32 -74.23 84.71 38.31
CA GLY DA 32 -75.53 84.72 38.93
C GLY DA 32 -75.51 85.35 40.29
N VAL DA 33 -75.01 86.58 40.40
CA VAL DA 33 -74.83 87.24 41.68
C VAL DA 33 -75.42 88.64 41.59
N ALA DA 34 -76.27 88.97 42.55
CA ALA DA 34 -76.81 90.31 42.67
C ALA DA 34 -75.78 91.26 43.25
N SER DA 35 -76.01 92.55 43.05
CA SER DA 35 -75.12 93.58 43.57
C SER DA 35 -75.93 94.73 44.10
N LEU DA 36 -75.47 95.31 45.21
CA LEU DA 36 -76.10 96.47 45.81
C LEU DA 36 -75.02 97.48 46.13
N SER DA 37 -75.38 98.76 46.11
CA SER DA 37 -74.38 99.77 46.41
C SER DA 37 -75.02 100.99 47.02
N GLN DA 38 -74.25 101.65 47.89
CA GLN DA 38 -74.49 103.03 48.22
C GLN DA 38 -74.38 103.88 46.97
N ALA DA 39 -75.15 104.95 46.93
CA ALA DA 39 -74.99 105.92 45.85
C ALA DA 39 -74.02 107.00 46.32
N GLY DA 40 -72.81 106.93 45.79
CA GLY DA 40 -71.80 107.93 46.03
C GLY DA 40 -71.50 108.73 44.80
N ALA DA 41 -70.28 109.27 44.76
CA ALA DA 41 -69.80 109.89 43.54
C ALA DA 41 -69.12 108.87 42.64
N VAL DA 42 -68.00 108.33 43.11
CA VAL DA 42 -67.22 107.41 42.30
C VAL DA 42 -67.58 105.98 42.66
N PRO DA 43 -68.08 105.18 41.72
CA PRO DA 43 -68.41 103.78 42.02
C PRO DA 43 -67.27 103.03 42.67
N ALA DA 44 -66.04 103.22 42.22
CA ALA DA 44 -64.88 102.64 42.90
C ALA DA 44 -64.86 102.97 44.37
N LEU DA 45 -65.27 104.17 44.74
CA LEU DA 45 -65.35 104.54 46.15
C LEU DA 45 -66.61 104.00 46.82
N GLU DA 46 -67.67 103.79 46.05
CA GLU DA 46 -68.96 103.49 46.63
C GLU DA 46 -68.96 102.12 47.27
N LYS DA 47 -69.66 102.01 48.40
CA LYS DA 47 -69.74 100.76 49.16
C LYS DA 47 -70.45 99.74 48.29
N ARG DA 48 -70.05 98.48 48.40
CA ARG DA 48 -70.67 97.43 47.61
C ARG DA 48 -71.19 96.32 48.50
N VAL DA 49 -72.30 95.72 48.10
CA VAL DA 49 -72.89 94.59 48.81
C VAL DA 49 -73.28 93.57 47.77
N THR DA 50 -72.86 92.32 47.98
CA THR DA 50 -73.09 91.25 47.02
C THR DA 50 -73.76 90.08 47.73
N VAL DA 51 -74.80 89.55 47.11
CA VAL DA 51 -75.47 88.36 47.62
C VAL DA 51 -75.63 87.39 46.46
N SER DA 52 -75.68 86.11 46.81
CA SER DA 52 -75.84 85.09 45.81
C SER DA 52 -76.51 83.87 46.43
N VAL DA 53 -77.22 83.13 45.59
CA VAL DA 53 -77.76 81.84 45.99
C VAL DA 53 -77.02 80.81 45.16
N SER DA 54 -77.38 79.54 45.33
CA SER DA 54 -76.77 78.46 44.57
C SER DA 54 -77.74 77.31 44.55
N GLN DA 55 -77.49 76.36 43.67
CA GLN DA 55 -78.31 75.17 43.64
C GLN DA 55 -77.41 73.95 43.46
N PRO DA 56 -77.78 72.84 44.09
CA PRO DA 56 -76.88 71.67 44.07
C PRO DA 56 -76.72 71.13 42.66
N SER DA 57 -75.50 70.70 42.35
CA SER DA 57 -75.18 70.16 41.04
C SER DA 57 -74.53 68.81 41.24
N ARG DA 58 -74.08 68.21 40.14
CA ARG DA 58 -73.26 67.02 40.22
C ARG DA 58 -71.98 67.25 41.00
N ASN DA 59 -71.51 68.50 41.07
CA ASN DA 59 -70.33 68.84 41.84
C ASN DA 59 -70.59 68.95 43.33
N ARG DA 60 -71.74 69.47 43.73
CA ARG DA 60 -72.06 69.63 45.13
C ARG DA 60 -73.56 69.45 45.33
N LYS DA 61 -73.91 68.78 46.41
CA LYS DA 61 -75.30 68.47 46.73
C LYS DA 61 -75.88 69.49 47.70
N ASN DA 62 -75.10 70.51 48.03
CA ASN DA 62 -75.47 71.43 49.08
C ASN DA 62 -75.74 72.80 48.50
N TYR DA 63 -76.62 73.54 49.17
CA TYR DA 63 -76.86 74.93 48.79
C TYR DA 63 -75.79 75.83 49.39
N LYS DA 64 -75.36 76.81 48.61
CA LYS DA 64 -74.43 77.82 49.08
C LYS DA 64 -75.11 79.17 48.99
N VAL DA 65 -75.00 79.95 50.05
CA VAL DA 65 -75.45 81.34 50.05
C VAL DA 65 -74.25 82.18 50.44
N GLN DA 66 -73.78 82.99 49.52
CA GLN DA 66 -72.57 83.78 49.70
C GLN DA 66 -72.93 85.25 49.76
N VAL DA 67 -72.38 85.95 50.75
CA VAL DA 67 -72.58 87.38 50.90
C VAL DA 67 -71.23 88.01 51.18
N LYS DA 68 -70.86 88.97 50.34
CA LYS DA 68 -69.59 89.66 50.49
C LYS DA 68 -69.86 91.17 50.55
N ILE DA 69 -69.06 91.87 51.35
CA ILE DA 69 -69.19 93.30 51.53
C ILE DA 69 -67.84 93.92 51.27
N GLN DA 70 -67.82 95.00 50.50
CA GLN DA 70 -66.60 95.68 50.11
C GLN DA 70 -66.75 97.15 50.44
N ASN DA 71 -65.92 97.64 51.37
CA ASN DA 71 -65.98 99.02 51.84
C ASN DA 71 -64.60 99.62 51.76
N PRO DA 72 -64.28 100.31 50.68
CA PRO DA 72 -62.94 100.89 50.54
C PRO DA 72 -62.77 102.06 51.49
N THR DA 73 -61.55 102.60 51.48
CA THR DA 73 -61.21 103.77 52.27
C THR DA 73 -60.73 104.85 51.32
N ALA DA 74 -61.49 105.92 51.22
CA ALA DA 74 -61.17 107.02 50.34
C ALA DA 74 -60.04 107.85 50.94
N CYS DA 75 -59.06 108.18 50.12
CA CYS DA 75 -58.07 109.19 50.46
C CYS DA 75 -58.50 110.45 49.73
N THR DA 76 -59.02 111.43 50.48
CA THR DA 76 -59.57 112.63 49.86
C THR DA 76 -58.46 113.44 49.19
N ALA DA 77 -57.46 113.83 49.98
CA ALA DA 77 -56.32 114.55 49.44
C ALA DA 77 -55.16 113.59 49.32
N ASN DA 78 -54.85 113.21 48.08
CA ASN DA 78 -53.66 112.44 47.77
C ASN DA 78 -52.52 113.34 47.33
N GLY DA 79 -52.70 114.66 47.39
CA GLY DA 79 -51.83 115.55 46.65
C GLY DA 79 -52.21 115.65 45.20
N SER DA 80 -53.31 115.01 44.81
CA SER DA 80 -53.79 115.01 43.44
C SER DA 80 -55.25 115.44 43.45
N CYS DA 81 -55.77 115.78 42.27
CA CYS DA 81 -57.12 116.32 42.16
C CYS DA 81 -58.21 115.29 42.41
N ASP DA 82 -57.88 114.00 42.41
CA ASP DA 82 -58.91 112.99 42.56
C ASP DA 82 -58.62 112.10 43.74
N PRO DA 83 -59.64 111.69 44.47
CA PRO DA 83 -59.43 110.76 45.58
C PRO DA 83 -59.01 109.40 45.06
N SER DA 84 -58.44 108.60 45.95
CA SER DA 84 -57.91 107.30 45.58
C SER DA 84 -58.21 106.26 46.66
N VAL DA 85 -58.40 105.02 46.21
CA VAL DA 85 -58.62 103.91 47.11
C VAL DA 85 -57.37 103.71 47.94
N THR DA 86 -57.53 103.57 49.25
CA THR DA 86 -56.39 103.30 50.10
C THR DA 86 -56.44 101.90 50.68
N ARG DA 87 -57.35 101.67 51.61
CA ARG DA 87 -57.55 100.36 52.20
C ARG DA 87 -58.89 99.82 51.75
N GLN DA 88 -58.95 98.50 51.59
CA GLN DA 88 -60.18 97.87 51.12
C GLN DA 88 -60.63 96.88 52.18
N ALA DA 89 -61.75 97.18 52.83
CA ALA DA 89 -62.29 96.32 53.87
C ALA DA 89 -63.06 95.18 53.21
N TYR DA 90 -62.73 93.95 53.57
CA TYR DA 90 -63.43 92.80 53.04
C TYR DA 90 -64.23 92.11 54.13
N ALA DA 91 -65.54 92.05 53.91
CA ALA DA 91 -66.43 91.33 54.81
C ALA DA 91 -67.11 90.24 54.00
N ASP DA 92 -66.87 88.99 54.37
CA ASP DA 92 -67.37 87.84 53.63
C ASP DA 92 -68.16 86.92 54.56
N VAL DA 93 -69.31 86.47 54.07
CA VAL DA 93 -70.19 85.58 54.81
C VAL DA 93 -70.70 84.52 53.84
N THR DA 94 -70.69 83.27 54.27
CA THR DA 94 -71.18 82.17 53.47
C THR DA 94 -72.17 81.33 54.27
N PHE DA 95 -72.90 80.49 53.55
CA PHE DA 95 -73.84 79.58 54.19
C PHE DA 95 -73.86 78.27 53.42
N SER DA 96 -73.98 77.19 54.17
CA SER DA 96 -74.13 75.87 53.58
C SER DA 96 -75.38 75.23 54.14
N PHE DA 97 -76.08 74.49 53.30
CA PHE DA 97 -77.28 73.79 53.72
C PHE DA 97 -77.43 72.51 52.92
N THR DA 98 -78.22 71.62 53.47
CA THR DA 98 -78.49 70.33 52.84
C THR DA 98 -79.87 70.37 52.21
N GLN DA 99 -80.02 69.63 51.12
CA GLN DA 99 -81.28 69.60 50.40
C GLN DA 99 -82.45 69.34 51.33
N TYR DA 100 -82.24 68.64 52.44
CA TYR DA 100 -83.30 68.41 53.39
C TYR DA 100 -83.37 69.47 54.48
N SER DA 101 -82.54 70.51 54.40
CA SER DA 101 -82.54 71.55 55.41
C SER DA 101 -83.94 72.14 55.54
N THR DA 102 -84.40 72.35 56.76
CA THR DA 102 -85.74 72.88 56.94
C THR DA 102 -85.70 74.39 57.04
N ASP DA 103 -86.87 74.98 57.17
CA ASP DA 103 -86.97 76.43 57.22
C ASP DA 103 -86.43 76.97 58.54
N GLU DA 104 -86.99 76.53 59.65
CA GLU DA 104 -86.65 77.14 60.93
C GLU DA 104 -85.19 76.98 61.25
N GLU DA 105 -84.60 75.84 60.92
CA GLU DA 105 -83.16 75.66 61.06
C GLU DA 105 -82.43 76.83 60.42
N ARG DA 106 -82.73 77.09 59.15
CA ARG DA 106 -82.12 78.23 58.48
C ARG DA 106 -82.44 79.51 59.22
N ALA DA 107 -83.73 79.77 59.43
CA ALA DA 107 -84.12 80.94 60.20
C ALA DA 107 -83.37 81.02 61.52
N PHE DA 108 -83.26 79.89 62.22
CA PHE DA 108 -82.49 79.86 63.44
C PHE DA 108 -81.07 80.35 63.22
N VAL DA 109 -80.46 79.94 62.11
CA VAL DA 109 -79.11 80.40 61.82
C VAL DA 109 -79.07 81.90 61.61
N ARG DA 110 -80.04 82.43 60.88
CA ARG DA 110 -79.98 83.83 60.51
C ARG DA 110 -79.92 84.72 61.74
N THR DA 111 -80.89 84.61 62.63
CA THR DA 111 -80.92 85.47 63.80
C THR DA 111 -79.65 85.35 64.63
N GLU DA 112 -79.33 84.14 65.07
CA GLU DA 112 -78.22 83.95 65.99
C GLU DA 112 -76.94 84.60 65.49
N LEU DA 113 -76.65 84.50 64.20
CA LEU DA 113 -75.48 85.18 63.68
C LEU DA 113 -75.55 86.67 63.96
N ALA DA 114 -76.70 87.27 63.71
CA ALA DA 114 -76.87 88.68 64.02
C ALA DA 114 -76.64 88.94 65.50
N ALA DA 115 -77.30 88.18 66.36
CA ALA DA 115 -77.13 88.37 67.79
C ALA DA 115 -75.66 88.36 68.18
N LEU DA 116 -74.90 87.41 67.67
CA LEU DA 116 -73.46 87.41 67.90
C LEU DA 116 -72.85 88.74 67.50
N LEU DA 117 -73.21 89.24 66.32
CA LEU DA 117 -72.63 90.50 65.88
C LEU DA 117 -72.95 91.62 66.84
N ALA DA 118 -74.07 91.54 67.56
CA ALA DA 118 -74.36 92.48 68.61
C ALA DA 118 -73.81 92.04 69.97
N SER DA 119 -73.31 90.82 70.07
CA SER DA 119 -72.80 90.34 71.33
C SER DA 119 -71.56 91.12 71.73
N PRO DA 120 -71.38 91.37 73.04
CA PRO DA 120 -70.15 92.03 73.49
C PRO DA 120 -68.90 91.24 73.20
N LEU DA 121 -69.02 89.95 72.91
CA LEU DA 121 -67.84 89.18 72.57
C LEU DA 121 -67.19 89.69 71.30
N LEU DA 122 -67.93 89.66 70.19
CA LEU DA 122 -67.32 89.94 68.90
C LEU DA 122 -66.82 91.37 68.79
N ILE DA 123 -67.46 92.32 69.47
CA ILE DA 123 -67.08 93.71 69.27
C ILE DA 123 -65.60 93.92 69.57
N ASP DA 124 -65.11 93.42 70.70
CA ASP DA 124 -63.68 93.45 70.95
C ASP DA 124 -62.90 92.66 69.93
N ALA DA 125 -63.39 91.48 69.59
CA ALA DA 125 -62.81 90.71 68.51
C ALA DA 125 -62.75 91.49 67.21
N ILE DA 126 -63.85 92.10 66.80
CA ILE DA 126 -63.90 92.89 65.58
C ILE DA 126 -63.23 94.24 65.77
N ASP DA 127 -63.81 95.10 66.61
CA ASP DA 127 -63.34 96.47 66.68
C ASP DA 127 -61.91 96.56 67.17
N GLN DA 128 -61.62 95.97 68.31
CA GLN DA 128 -60.30 96.08 68.90
C GLN DA 128 -59.38 94.93 68.54
N LEU DA 129 -59.81 94.02 67.67
CA LEU DA 129 -58.98 92.92 67.20
C LEU DA 129 -58.43 92.13 68.39
N ASN DA 130 -59.34 91.52 69.13
CA ASN DA 130 -58.86 90.83 70.31
C ASN DA 130 -59.33 89.39 70.31
N PRO DA 131 -58.50 88.49 70.73
CA PRO DA 131 -58.95 87.11 70.93
C PRO DA 131 -59.86 87.00 72.14
N ALA DA 132 -60.11 85.77 72.57
CA ALA DA 132 -61.24 85.44 73.42
C ALA DA 132 -60.98 85.73 74.89
N TYR DA 133 -59.85 86.31 75.22
CA TYR DA 133 -59.51 86.54 76.61
C TYR DA 133 -59.80 87.97 77.01
N ALA EA 2 -81.64 100.86 33.45
CA ALA EA 2 -82.98 100.50 33.89
C ALA EA 2 -83.45 99.25 33.18
N LYS EA 3 -84.73 98.93 33.34
CA LYS EA 3 -85.32 97.73 32.79
C LYS EA 3 -85.29 97.77 31.27
N LEU EA 4 -85.02 96.61 30.68
CA LEU EA 4 -85.22 96.42 29.25
C LEU EA 4 -86.66 96.75 28.93
N GLU EA 5 -86.86 97.60 27.93
CA GLU EA 5 -88.21 97.98 27.53
C GLU EA 5 -88.28 98.09 26.02
N THR EA 6 -89.48 98.37 25.54
CA THR EA 6 -89.64 98.74 24.14
C THR EA 6 -88.93 100.07 23.97
N VAL EA 7 -88.02 100.14 23.02
CA VAL EA 7 -87.29 101.38 22.80
C VAL EA 7 -87.71 101.94 21.46
N THR EA 8 -88.46 103.03 21.48
CA THR EA 8 -88.87 103.72 20.27
C THR EA 8 -87.77 104.70 19.89
N LEU EA 9 -87.53 104.84 18.59
CA LEU EA 9 -86.54 105.76 18.08
C LEU EA 9 -87.14 106.57 16.95
N GLY EA 10 -87.11 107.89 17.09
CA GLY EA 10 -87.51 108.79 16.02
C GLY EA 10 -86.28 109.38 15.36
N ASN EA 11 -86.53 110.07 14.25
CA ASN EA 11 -85.48 110.82 13.56
C ASN EA 11 -84.33 109.90 13.16
N ILE EA 12 -84.62 109.02 12.20
CA ILE EA 12 -83.71 107.98 11.80
C ILE EA 12 -83.49 108.09 10.30
N GLY EA 13 -82.33 107.67 9.85
CA GLY EA 13 -82.01 107.66 8.43
C GLY EA 13 -81.77 109.06 7.91
N LYS EA 14 -81.26 109.10 6.67
CA LYS EA 14 -80.99 110.38 6.02
C LYS EA 14 -82.21 111.28 6.04
N ASP EA 15 -83.39 110.70 5.90
CA ASP EA 15 -84.62 111.48 6.02
C ASP EA 15 -84.78 112.04 7.42
N GLY EA 16 -84.64 111.19 8.44
CA GLY EA 16 -85.02 111.60 9.77
C GLY EA 16 -86.49 111.44 10.05
N LYS EA 17 -87.26 110.97 9.06
CA LYS EA 17 -88.65 110.61 9.31
C LYS EA 17 -88.77 109.13 9.66
N GLN EA 18 -87.68 108.38 9.53
CA GLN EA 18 -87.68 106.97 9.87
C GLN EA 18 -87.81 106.81 11.37
N THR EA 19 -88.56 105.79 11.77
CA THR EA 19 -88.73 105.45 13.17
C THR EA 19 -88.49 103.96 13.36
N LEU EA 20 -88.09 103.59 14.57
CA LEU EA 20 -87.79 102.20 14.86
C LEU EA 20 -88.14 101.90 16.30
N VAL EA 21 -88.68 100.71 16.54
CA VAL EA 21 -88.93 100.22 17.87
C VAL EA 21 -88.08 98.98 18.09
N LEU EA 22 -87.73 98.73 19.35
CA LEU EA 22 -86.87 97.61 19.69
C LEU EA 22 -87.49 96.87 20.88
N ASN EA 23 -87.77 95.64 20.69
CA ASN EA 23 -88.29 94.94 21.85
C ASN EA 23 -87.15 94.32 22.63
N PRO EA 24 -87.30 94.22 23.95
CA PRO EA 24 -86.31 93.49 24.74
C PRO EA 24 -86.29 92.03 24.34
N ARG EA 25 -85.08 91.55 24.05
CA ARG EA 25 -84.89 90.17 23.62
C ARG EA 25 -84.44 89.26 24.76
N GLY EA 26 -84.34 89.79 25.97
CA GLY EA 26 -83.74 89.05 27.06
C GLY EA 26 -82.24 89.25 27.09
N VAL EA 27 -81.58 88.51 27.98
CA VAL EA 27 -80.15 88.66 28.20
C VAL EA 27 -79.51 87.28 28.16
N ASN EA 28 -78.49 87.14 27.34
CA ASN EA 28 -77.71 85.91 27.41
C ASN EA 28 -76.87 85.92 28.68
N PRO EA 29 -77.14 85.04 29.64
CA PRO EA 29 -76.37 85.07 30.89
C PRO EA 29 -74.94 84.64 30.73
N THR EA 30 -74.64 83.77 29.76
CA THR EA 30 -73.28 83.29 29.61
C THR EA 30 -72.30 84.45 29.44
N ASN EA 31 -72.35 85.11 28.29
CA ASN EA 31 -71.55 86.31 28.10
C ASN EA 31 -72.07 87.48 28.91
N GLY EA 32 -73.25 87.36 29.50
CA GLY EA 32 -73.83 88.47 30.24
C GLY EA 32 -74.11 89.66 29.35
N VAL EA 33 -74.85 89.45 28.27
CA VAL EA 33 -75.11 90.49 27.29
C VAL EA 33 -76.59 90.56 27.00
N ALA EA 34 -77.14 91.77 27.09
CA ALA EA 34 -78.53 92.01 26.73
C ALA EA 34 -78.69 92.04 25.22
N SER EA 35 -79.94 91.86 24.78
CA SER EA 35 -80.24 91.89 23.36
C SER EA 35 -81.54 92.62 23.14
N LEU EA 36 -81.59 93.40 22.05
CA LEU EA 36 -82.78 94.12 21.66
C LEU EA 36 -83.02 93.89 20.18
N SER EA 37 -84.28 93.93 19.78
CA SER EA 37 -84.56 93.71 18.37
C SER EA 37 -85.81 94.45 17.94
N GLN EA 38 -85.81 94.86 16.68
CA GLN EA 38 -87.05 95.17 15.99
C GLN EA 38 -87.91 93.93 15.93
N ALA EA 39 -89.23 94.14 15.95
CA ALA EA 39 -90.15 93.03 15.74
C ALA EA 39 -90.48 92.98 14.24
N GLY EA 40 -89.89 91.99 13.58
CA GLY EA 40 -90.16 91.72 12.19
C GLY EA 40 -90.90 90.42 12.02
N ALA EA 41 -90.73 89.83 10.84
CA ALA EA 41 -91.22 88.49 10.61
C ALA EA 41 -90.17 87.46 11.00
N VAL EA 42 -89.06 87.45 10.28
CA VAL EA 42 -88.02 86.45 10.50
C VAL EA 42 -86.95 87.03 11.40
N PRO EA 43 -86.70 86.44 12.57
CA PRO EA 43 -85.64 86.95 13.45
C PRO EA 43 -84.31 87.11 12.75
N ALA EA 44 -83.90 86.17 11.90
CA ALA EA 44 -82.71 86.33 11.09
C ALA EA 44 -82.72 87.64 10.32
N LEU EA 45 -83.88 88.07 9.83
CA LEU EA 45 -83.99 89.35 9.15
C LEU EA 45 -84.06 90.51 10.12
N GLU EA 46 -84.57 90.28 11.33
CA GLU EA 46 -84.87 91.37 12.23
C GLU EA 46 -83.59 92.04 12.72
N LYS EA 47 -83.67 93.37 12.87
CA LYS EA 47 -82.53 94.17 13.30
C LYS EA 47 -82.20 93.75 14.71
N ARG EA 48 -80.92 93.77 15.04
CA ARG EA 48 -80.49 93.40 16.38
C ARG EA 48 -79.67 94.50 17.02
N VAL EA 49 -79.79 94.65 18.32
CA VAL EA 49 -79.03 95.61 19.10
C VAL EA 49 -78.55 94.91 20.35
N THR EA 50 -77.25 95.01 20.63
CA THR EA 50 -76.64 94.31 21.74
C THR EA 50 -75.87 95.31 22.60
N VAL EA 51 -76.08 95.24 23.90
CA VAL EA 51 -75.33 96.05 24.85
C VAL EA 51 -74.80 95.14 25.94
N SER EA 52 -73.70 95.57 26.53
CA SER EA 52 -73.09 94.79 27.60
C SER EA 52 -72.30 95.72 28.50
N VAL EA 53 -72.19 95.32 29.76
CA VAL EA 53 -71.31 95.99 30.69
C VAL EA 53 -70.20 95.00 31.03
N SER EA 54 -69.31 95.40 31.91
CA SER EA 54 -68.22 94.53 32.33
C SER EA 54 -67.74 95.00 33.68
N GLN EA 55 -66.98 94.16 34.35
CA GLN EA 55 -66.40 94.57 35.62
C GLN EA 55 -64.95 94.12 35.67
N PRO EA 56 -64.09 94.90 36.30
CA PRO EA 56 -62.66 94.59 36.27
C PRO EA 56 -62.36 93.28 36.99
N SER EA 57 -61.43 92.53 36.42
CA SER EA 57 -61.04 91.24 36.97
C SER EA 57 -59.53 91.25 37.15
N ARG EA 58 -59.00 90.11 37.57
CA ARG EA 58 -57.55 89.92 37.56
C ARG EA 58 -56.96 90.06 36.16
N ASN EA 59 -57.75 89.85 35.12
CA ASN EA 59 -57.30 90.02 33.76
C ASN EA 59 -57.26 91.47 33.32
N ARG EA 60 -58.23 92.28 33.75
CA ARG EA 60 -58.29 93.68 33.34
C ARG EA 60 -58.86 94.49 34.49
N LYS EA 61 -58.30 95.67 34.69
CA LYS EA 61 -58.70 96.56 35.78
C LYS EA 61 -59.68 97.60 35.28
N ASN EA 62 -60.08 97.50 34.02
CA ASN EA 62 -60.85 98.55 33.39
C ASN EA 62 -62.25 98.05 33.08
N TYR EA 63 -63.21 98.97 33.07
CA TYR EA 63 -64.55 98.63 32.65
C TYR EA 63 -64.66 98.66 31.15
N LYS EA 64 -65.39 97.71 30.59
CA LYS EA 64 -65.69 97.67 29.17
C LYS EA 64 -67.19 97.78 28.99
N VAL EA 65 -67.61 98.65 28.07
CA VAL EA 65 -69.00 98.73 27.67
C VAL EA 65 -69.02 98.52 26.17
N GLN EA 66 -69.62 97.43 25.73
CA GLN EA 66 -69.63 97.03 24.34
C GLN EA 66 -71.03 97.14 23.79
N VAL EA 67 -71.17 97.75 22.62
CA VAL EA 67 -72.45 97.88 21.95
C VAL EA 67 -72.24 97.51 20.49
N LYS EA 68 -72.99 96.53 20.02
CA LYS EA 68 -72.92 96.09 18.64
C LYS EA 68 -74.30 96.15 18.01
N ILE EA 69 -74.33 96.49 16.73
CA ILE EA 69 -75.57 96.61 15.98
C ILE EA 69 -75.45 95.76 14.73
N GLN EA 70 -76.48 94.99 14.43
CA GLN EA 70 -76.48 94.07 13.31
C GLN EA 70 -77.74 94.32 12.50
N ASN EA 71 -77.56 94.78 11.25
CA ASN EA 71 -78.67 95.14 10.38
C ASN EA 71 -78.48 94.44 9.05
N PRO EA 72 -79.07 93.28 8.86
CA PRO EA 72 -78.92 92.55 7.61
C PRO EA 72 -79.64 93.26 6.48
N THR EA 73 -79.47 92.70 5.29
CA THR EA 73 -80.14 93.18 4.09
C THR EA 73 -80.97 92.05 3.51
N ALA EA 74 -82.28 92.21 3.55
CA ALA EA 74 -83.18 91.20 3.06
C ALA EA 74 -83.19 91.21 1.54
N CYS EA 75 -83.12 90.03 0.94
CA CYS EA 75 -83.40 89.85 -0.48
C CYS EA 75 -84.81 89.28 -0.54
N THR EA 76 -85.76 90.12 -0.97
CA THR EA 76 -87.15 89.70 -0.97
C THR EA 76 -87.38 88.58 -1.97
N ALA EA 77 -87.07 88.84 -3.24
CA ALA EA 77 -87.19 87.82 -4.26
C ALA EA 77 -85.80 87.29 -4.56
N ASN EA 78 -85.54 86.06 -4.12
CA ASN EA 78 -84.33 85.35 -4.47
C ASN EA 78 -84.58 84.40 -5.64
N GLY EA 79 -85.76 84.44 -6.22
CA GLY EA 79 -86.20 83.34 -7.08
C GLY EA 79 -86.74 82.18 -6.29
N SER EA 80 -86.84 82.34 -4.97
CA SER EA 80 -87.32 81.31 -4.07
C SER EA 80 -88.43 81.90 -3.22
N CYS EA 81 -89.18 81.03 -2.55
CA CYS EA 81 -90.34 81.45 -1.79
C CYS EA 81 -90.00 82.21 -0.52
N ASP EA 82 -88.75 82.16 -0.08
CA ASP EA 82 -88.41 82.79 1.18
C ASP EA 82 -87.30 83.81 0.98
N PRO EA 83 -87.35 84.93 1.69
CA PRO EA 83 -86.27 85.91 1.59
C PRO EA 83 -85.00 85.36 2.21
N SER EA 84 -83.88 85.98 1.88
CA SER EA 84 -82.59 85.51 2.33
C SER EA 84 -81.67 86.67 2.68
N VAL EA 85 -80.81 86.44 3.66
CA VAL EA 85 -79.83 87.43 4.08
C VAL EA 85 -78.87 87.67 2.93
N THR EA 86 -78.61 88.92 2.62
CA THR EA 86 -77.65 89.24 1.57
C THR EA 86 -76.39 89.87 2.15
N ARG EA 87 -76.51 91.11 2.59
CA ARG EA 87 -75.40 91.83 3.21
C ARG EA 87 -75.71 92.01 4.69
N GLN EA 88 -74.67 91.99 5.50
CA GLN EA 88 -74.85 92.12 6.94
C GLN EA 88 -74.06 93.35 7.40
N ALA EA 89 -74.78 94.39 7.81
CA ALA EA 89 -74.16 95.61 8.29
C ALA EA 89 -73.72 95.43 9.73
N TYR EA 90 -72.45 95.68 10.00
CA TYR EA 90 -71.92 95.58 11.35
C TYR EA 90 -71.57 96.95 11.91
N ALA EA 91 -72.23 97.31 13.00
CA ALA EA 91 -71.93 98.55 13.71
C ALA EA 91 -71.50 98.17 15.11
N ASP EA 92 -70.26 98.50 15.45
CA ASP EA 92 -69.68 98.12 16.73
C ASP EA 92 -69.15 99.35 17.46
N VAL EA 93 -69.46 99.43 18.75
CA VAL EA 93 -69.02 100.53 19.61
C VAL EA 93 -68.57 99.93 20.92
N THR EA 94 -67.44 100.41 21.42
CA THR EA 94 -66.90 99.97 22.70
C THR EA 94 -66.57 101.17 23.57
N PHE EA 95 -66.36 100.88 24.85
CA PHE EA 95 -65.97 101.92 25.79
C PHE EA 95 -65.01 101.33 26.81
N SER EA 96 -64.04 102.13 27.20
CA SER EA 96 -63.11 101.75 28.25
C SER EA 96 -63.13 102.83 29.31
N PHE EA 97 -62.99 102.42 30.56
CA PHE EA 97 -62.96 103.34 31.67
C PHE EA 97 -62.10 102.78 32.78
N THR EA 98 -61.65 103.66 33.65
CA THR EA 98 -60.82 103.30 34.77
C THR EA 98 -61.67 103.31 36.03
N GLN EA 99 -61.32 102.43 36.96
CA GLN EA 99 -62.07 102.33 38.21
C GLN EA 99 -62.29 103.67 38.85
N TYR EA 100 -61.40 104.63 38.64
CA TYR EA 100 -61.59 105.96 39.19
C TYR EA 100 -62.32 106.90 38.24
N SER EA 101 -62.78 106.40 37.11
CA SER EA 101 -63.48 107.25 36.15
C SER EA 101 -64.67 107.90 36.83
N THR EA 102 -64.87 109.20 36.58
CA THR EA 102 -65.97 109.88 37.23
C THR EA 102 -67.20 109.85 36.35
N ASP EA 103 -68.28 110.42 36.86
CA ASP EA 103 -69.54 110.40 36.13
C ASP EA 103 -69.49 111.33 34.92
N GLU EA 104 -69.20 112.61 35.15
CA GLU EA 104 -69.33 113.57 34.07
C GLU EA 104 -68.38 113.25 32.92
N GLU EA 105 -67.17 112.81 33.24
CA GLU EA 105 -66.27 112.34 32.20
C GLU EA 105 -66.98 111.36 31.28
N ARG EA 106 -67.58 110.32 31.85
CA ARG EA 106 -68.33 109.38 31.04
C ARG EA 106 -69.45 110.09 30.31
N ALA EA 107 -70.29 110.82 31.05
CA ALA EA 107 -71.35 111.59 30.41
C ALA EA 107 -70.79 112.46 29.30
N PHE EA 108 -69.67 113.13 29.55
CA PHE EA 108 -69.03 113.91 28.50
C PHE EA 108 -68.75 113.07 27.28
N VAL EA 109 -68.29 111.84 27.46
CA VAL EA 109 -68.03 110.99 26.32
C VAL EA 109 -69.31 110.67 25.58
N ARG EA 110 -70.38 110.38 26.30
CA ARG EA 110 -71.59 109.93 25.65
C ARG EA 110 -72.09 110.94 24.64
N THR EA 111 -72.33 112.17 25.08
CA THR EA 111 -72.87 113.18 24.18
C THR EA 111 -71.98 113.41 22.97
N GLU EA 112 -70.71 113.75 23.21
CA GLU EA 112 -69.84 114.13 22.12
C GLU EA 112 -69.81 113.10 21.01
N LEU EA 113 -69.80 111.81 21.36
CA LEU EA 113 -69.86 110.81 20.32
C LEU EA 113 -71.09 110.99 19.46
N ALA EA 114 -72.24 111.20 20.10
CA ALA EA 114 -73.46 111.46 19.34
C ALA EA 114 -73.30 112.68 18.45
N ALA EA 115 -72.85 113.80 19.02
CA ALA EA 115 -72.67 115.00 18.22
C ALA EA 115 -71.84 114.73 16.99
N LEU EA 116 -70.73 114.00 17.13
CA LEU EA 116 -69.96 113.62 15.96
C LEU EA 116 -70.83 112.90 14.95
N LEU EA 117 -71.64 111.95 15.40
CA LEU EA 117 -72.49 111.23 14.47
C LEU EA 117 -73.43 112.16 13.73
N ALA EA 118 -73.80 113.27 14.33
CA ALA EA 118 -74.55 114.29 13.63
C ALA EA 118 -73.66 115.31 12.93
N SER EA 119 -72.37 115.28 13.18
CA SER EA 119 -71.48 116.24 12.56
C SER EA 119 -71.43 116.03 11.05
N PRO EA 120 -71.31 117.11 10.28
CA PRO EA 120 -71.17 116.96 8.83
C PRO EA 120 -69.91 116.22 8.44
N LEU EA 121 -68.94 116.11 9.34
CA LEU EA 121 -67.74 115.36 9.00
C LEU EA 121 -68.06 113.89 8.73
N LEU EA 122 -68.60 113.21 9.72
CA LEU EA 122 -68.76 111.77 9.62
C LEU EA 122 -69.72 111.34 8.52
N ILE EA 123 -70.72 112.16 8.22
CA ILE EA 123 -71.74 111.74 7.27
C ILE EA 123 -71.10 111.37 5.94
N ASP EA 124 -70.23 112.22 5.40
CA ASP EA 124 -69.48 111.84 4.21
C ASP EA 124 -68.59 110.65 4.45
N ALA EA 125 -67.91 110.62 5.58
CA ALA EA 125 -67.15 109.46 5.99
C ALA EA 125 -68.01 108.20 6.04
N ILE EA 126 -69.16 108.26 6.68
CA ILE EA 126 -70.06 107.12 6.76
C ILE EA 126 -70.81 106.92 5.46
N ASP EA 127 -71.69 107.85 5.11
CA ASP EA 127 -72.59 107.64 3.99
C ASP EA 127 -71.84 107.46 2.69
N GLN EA 128 -70.99 108.41 2.34
CA GLN EA 128 -70.31 108.38 1.07
C GLN EA 128 -68.93 107.74 1.14
N LEU EA 129 -68.54 107.20 2.28
CA LEU EA 129 -67.26 106.52 2.45
C LEU EA 129 -66.12 107.40 2.00
N ASN EA 130 -65.93 108.50 2.72
CA ASN EA 130 -64.91 109.42 2.26
C ASN EA 130 -63.95 109.72 3.40
N PRO EA 131 -62.69 109.81 3.10
CA PRO EA 131 -61.73 110.27 4.10
C PRO EA 131 -61.89 111.76 4.36
N ALA EA 132 -60.91 112.33 5.05
CA ALA EA 132 -61.06 113.61 5.74
C ALA EA 132 -60.92 114.81 4.82
N TYR EA 133 -60.77 114.58 3.53
CA TYR EA 133 -60.55 115.69 2.62
C TYR EA 133 -61.83 116.06 1.91
N ALA FA 2 -89.88 88.67 29.89
CA ALA FA 2 -89.62 89.74 30.85
C ALA FA 2 -88.88 89.21 32.06
N LYS FA 3 -88.79 90.03 33.09
CA LYS FA 3 -88.06 89.70 34.31
C LYS FA 3 -88.71 88.53 35.02
N LEU FA 4 -87.87 87.67 35.56
CA LEU FA 4 -88.32 86.64 36.50
C LEU FA 4 -89.03 87.34 37.64
N GLU FA 5 -90.23 86.88 37.96
CA GLU FA 5 -90.99 87.48 39.04
C GLU FA 5 -91.73 86.39 39.80
N THR FA 6 -92.41 86.80 40.86
CA THR FA 6 -93.34 85.91 41.53
C THR FA 6 -94.46 85.66 40.54
N VAL FA 7 -94.73 84.39 40.28
CA VAL FA 7 -95.79 84.05 39.34
C VAL FA 7 -96.91 83.39 40.12
N THR FA 8 -98.03 84.10 40.24
CA THR FA 8 -99.21 83.57 40.89
C THR FA 8 -100.03 82.83 39.84
N LEU FA 9 -100.63 81.73 40.25
CA LEU FA 9 -101.48 80.95 39.36
C LEU FA 9 -102.78 80.61 40.08
N GLY FA 10 -103.89 80.99 39.47
CA GLY FA 10 -105.19 80.61 39.94
C GLY FA 10 -105.77 79.49 39.09
N ASN FA 11 -106.89 78.95 39.55
CA ASN FA 11 -107.63 77.95 38.79
C ASN FA 11 -106.74 76.75 38.47
N ILE FA 12 -106.42 76.00 39.52
CA ILE FA 12 -105.46 74.90 39.42
C ILE FA 12 -106.14 73.65 39.95
N GLY FA 13 -105.72 72.50 39.45
CA GLY FA 13 -106.23 71.23 39.91
C GLY FA 13 -107.65 70.99 39.42
N LYS FA 14 -108.09 69.75 39.64
CA LYS FA 14 -109.44 69.36 39.24
C LYS FA 14 -110.47 70.31 39.81
N ASP FA 15 -110.24 70.79 41.03
CA ASP FA 15 -111.13 71.80 41.61
C ASP FA 15 -111.08 73.10 40.82
N GLY FA 16 -109.89 73.60 40.55
CA GLY FA 16 -109.77 74.94 40.01
C GLY FA 16 -109.81 76.00 41.08
N LYS FA 17 -109.94 75.60 42.34
CA LYS FA 17 -109.79 76.56 43.43
C LYS FA 17 -108.35 76.58 43.93
N GLN FA 18 -107.53 75.66 43.46
CA GLN FA 18 -106.13 75.60 43.84
C GLN FA 18 -105.39 76.81 43.26
N THR FA 19 -104.47 77.34 44.05
CA THR FA 19 -103.63 78.43 43.63
C THR FA 19 -102.17 78.11 43.93
N LEU FA 20 -101.27 78.71 43.17
CA LEU FA 20 -99.85 78.45 43.35
C LEU FA 20 -99.06 79.70 43.02
N VAL FA 21 -98.02 79.94 43.78
CA VAL FA 21 -97.08 81.01 43.51
C VAL FA 21 -95.72 80.39 43.24
N LEU FA 22 -94.92 81.08 42.44
CA LEU FA 22 -93.60 80.59 42.04
C LEU FA 22 -92.59 81.70 42.22
N ASN FA 23 -91.62 81.47 43.03
CA ASN FA 23 -90.63 82.51 43.12
C ASN FA 23 -89.52 82.28 42.11
N PRO FA 24 -88.93 83.36 41.61
CA PRO FA 24 -87.76 83.20 40.74
C PRO FA 24 -86.62 82.55 41.50
N ARG FA 25 -86.07 81.50 40.90
CA ARG FA 25 -84.98 80.76 41.51
C ARG FA 25 -83.62 81.17 40.95
N GLY FA 26 -83.58 82.14 40.06
CA GLY FA 26 -82.35 82.45 39.35
C GLY FA 26 -82.23 81.62 38.10
N VAL FA 27 -81.09 81.73 37.45
CA VAL FA 27 -80.84 81.06 36.18
C VAL FA 27 -79.51 80.35 36.25
N ASN FA 28 -79.51 79.07 35.92
CA ASN FA 28 -78.24 78.39 35.76
C ASN FA 28 -77.57 78.86 34.48
N PRO FA 29 -76.45 79.56 34.56
CA PRO FA 29 -75.82 80.06 33.34
C PRO FA 29 -75.21 78.97 32.48
N THR FA 30 -74.79 77.86 33.07
CA THR FA 30 -74.15 76.81 32.29
C THR FA 30 -75.06 76.35 31.16
N ASN FA 31 -76.13 75.66 31.50
CA ASN FA 31 -77.13 75.28 30.51
C ASN FA 31 -77.93 76.47 30.04
N GLY FA 32 -77.82 77.62 30.70
CA GLY FA 32 -78.62 78.77 30.35
C GLY FA 32 -80.10 78.52 30.54
N VAL FA 33 -80.50 78.10 31.73
CA VAL FA 33 -81.88 77.72 32.00
C VAL FA 33 -82.34 78.42 33.26
N ALA FA 34 -83.49 79.08 33.17
CA ALA FA 34 -84.12 79.70 34.32
C ALA FA 34 -84.79 78.65 35.19
N SER FA 35 -85.06 79.03 36.43
CA SER FA 35 -85.72 78.13 37.36
C SER FA 35 -86.72 78.90 38.19
N LEU FA 36 -87.86 78.27 38.46
CA LEU FA 36 -88.90 78.85 39.29
C LEU FA 36 -89.34 77.82 40.30
N SER FA 37 -89.79 78.27 41.46
CA SER FA 37 -90.23 77.32 42.46
C SER FA 37 -91.30 77.91 43.35
N GLN FA 38 -92.18 77.03 43.81
CA GLN FA 38 -92.98 77.31 44.98
C GLN FA 38 -92.07 77.53 46.18
N ALA FA 39 -92.50 78.38 47.10
CA ALA FA 39 -91.78 78.53 48.36
C ALA FA 39 -92.41 77.57 49.37
N GLY FA 40 -91.68 76.50 49.64
CA GLY FA 40 -92.06 75.53 50.64
C GLY FA 40 -91.12 75.57 51.81
N ALA FA 41 -91.05 74.43 52.50
CA ALA FA 41 -90.02 74.25 53.52
C ALA FA 41 -88.75 73.69 52.93
N VAL FA 42 -88.81 72.47 52.43
CA VAL FA 42 -87.63 71.79 51.92
C VAL FA 42 -87.59 71.95 50.40
N PRO FA 43 -86.53 72.57 49.87
CA PRO FA 43 -86.41 72.71 48.41
C PRO FA 43 -86.59 71.41 47.66
N ALA FA 44 -86.02 70.31 48.16
CA ALA FA 44 -86.26 69.00 47.57
C ALA FA 44 -87.75 68.71 47.43
N LEU FA 45 -88.55 69.13 48.40
CA LEU FA 45 -89.99 68.95 48.32
C LEU FA 45 -90.65 70.00 47.44
N GLU FA 46 -90.05 71.18 47.32
CA GLU FA 46 -90.71 72.30 46.67
C GLU FA 46 -90.87 72.04 45.19
N LYS FA 47 -91.99 72.49 44.64
CA LYS FA 47 -92.32 72.31 43.23
C LYS FA 47 -91.30 73.10 42.43
N ARG FA 48 -90.94 72.58 41.27
CA ARG FA 48 -89.98 73.27 40.43
C ARG FA 48 -90.54 73.50 39.03
N VAL FA 49 -90.16 74.61 38.43
CA VAL FA 49 -90.55 74.96 37.07
C VAL FA 49 -89.32 75.47 36.35
N THR FA 50 -89.04 74.92 35.18
CA THR FA 50 -87.85 75.24 34.42
C THR FA 50 -88.24 75.66 33.02
N VAL FA 51 -87.68 76.77 32.56
CA VAL FA 51 -87.88 77.22 31.19
C VAL FA 51 -86.52 77.53 30.59
N SER FA 52 -86.45 77.41 29.28
CA SER FA 52 -85.19 77.69 28.59
C SER FA 52 -85.50 78.11 27.17
N VAL FA 53 -84.61 78.92 26.61
CA VAL FA 53 -84.64 79.25 25.20
C VAL FA 53 -83.42 78.62 24.58
N SER FA 54 -83.24 78.83 23.29
CA SER FA 54 -82.08 78.32 22.59
C SER FA 54 -81.86 79.16 21.34
N GLN FA 55 -80.68 79.03 20.77
CA GLN FA 55 -80.41 79.73 19.53
C GLN FA 55 -79.71 78.80 18.55
N PRO FA 56 -79.99 78.93 17.26
CA PRO FA 56 -79.44 77.98 16.31
C PRO FA 56 -77.94 78.06 16.24
N SER FA 57 -77.31 76.90 16.10
CA SER FA 57 -75.86 76.81 16.02
C SER FA 57 -75.49 76.03 14.77
N ARG FA 58 -74.21 75.77 14.61
CA ARG FA 58 -73.77 74.85 13.56
C ARG FA 58 -74.34 73.46 13.74
N ASN FA 59 -74.73 73.09 14.96
CA ASN FA 59 -75.36 71.81 15.22
C ASN FA 59 -76.82 71.77 14.83
N ARG FA 60 -77.56 72.86 15.05
CA ARG FA 60 -78.98 72.89 14.74
C ARG FA 60 -79.35 74.29 14.29
N LYS FA 61 -80.20 74.37 13.28
CA LYS FA 61 -80.64 75.64 12.71
C LYS FA 61 -81.96 76.08 13.30
N ASN FA 62 -82.46 75.33 14.27
CA ASN FA 62 -83.80 75.56 14.77
C ASN FA 62 -83.75 76.05 16.20
N TYR FA 63 -84.76 76.82 16.58
CA TYR FA 63 -84.90 77.25 17.96
C TYR FA 63 -85.57 76.16 18.78
N LYS FA 64 -85.08 75.97 20.00
CA LYS FA 64 -85.68 75.05 20.95
C LYS FA 64 -86.15 75.85 22.16
N VAL FA 65 -87.37 75.59 22.60
CA VAL FA 65 -87.88 76.13 23.84
C VAL FA 65 -88.32 74.95 24.68
N GLN FA 66 -87.64 74.75 25.79
CA GLN FA 66 -87.86 73.59 26.65
C GLN FA 66 -88.44 74.05 27.97
N VAL FA 67 -89.50 73.36 28.40
CA VAL FA 67 -90.13 73.66 29.68
C VAL FA 67 -90.36 72.33 30.38
N LYS FA 68 -89.82 72.20 31.59
CA LYS FA 68 -89.98 71.01 32.39
C LYS FA 68 -90.56 71.37 33.74
N ILE FA 69 -91.39 70.48 34.27
CA ILE FA 69 -92.04 70.69 35.57
C ILE FA 69 -91.77 69.47 36.42
N GLN FA 70 -91.41 69.70 37.66
CA GLN FA 70 -91.05 68.64 38.59
C GLN FA 70 -91.85 68.83 39.87
N ASN FA 71 -92.73 67.88 40.16
CA ASN FA 71 -93.64 67.96 41.32
C ASN FA 71 -93.51 66.66 42.10
N PRO FA 72 -92.66 66.63 43.11
CA PRO FA 72 -92.50 65.41 43.90
C PRO FA 72 -93.73 65.14 44.74
N THR FA 73 -93.70 64.00 45.42
CA THR FA 73 -94.73 63.60 46.34
C THR FA 73 -94.13 63.40 47.72
N ALA FA 74 -94.50 64.26 48.65
CA ALA FA 74 -93.98 64.20 50.00
C ALA FA 74 -94.61 63.05 50.75
N CYS FA 75 -93.78 62.29 51.45
CA CYS FA 75 -94.27 61.33 52.45
C CYS FA 75 -94.06 62.01 53.79
N THR FA 76 -95.15 62.44 54.41
CA THR FA 76 -95.05 63.19 55.65
C THR FA 76 -94.52 62.31 56.77
N ALA FA 77 -95.20 61.22 57.05
CA ALA FA 77 -94.74 60.27 58.06
C ALA FA 77 -94.12 59.09 57.34
N ASN FA 78 -92.79 59.01 57.41
CA ASN FA 78 -92.06 57.86 56.94
C ASN FA 78 -91.75 56.90 58.07
N GLY FA 79 -92.24 57.17 59.27
CA GLY FA 79 -91.70 56.54 60.46
C GLY FA 79 -90.45 57.22 60.95
N SER FA 80 -90.06 58.32 60.30
CA SER FA 80 -88.87 59.08 60.64
C SER FA 80 -89.27 60.53 60.84
N CYS FA 81 -88.37 61.30 61.44
CA CYS FA 81 -88.66 62.68 61.79
C CYS FA 81 -88.74 63.61 60.59
N ASP FA 82 -88.27 63.19 59.42
CA ASP FA 82 -88.26 64.08 58.28
C ASP FA 82 -89.04 63.48 57.12
N PRO FA 83 -89.75 64.30 56.37
CA PRO FA 83 -90.46 63.79 55.19
C PRO FA 83 -89.46 63.37 54.13
N SER FA 84 -89.94 62.57 53.18
CA SER FA 84 -89.09 62.03 52.14
C SER FA 84 -89.80 62.02 50.80
N VAL FA 85 -89.03 62.19 49.74
CA VAL FA 85 -89.56 62.14 48.39
C VAL FA 85 -90.03 60.72 48.12
N THR FA 86 -91.25 60.61 47.58
CA THR FA 86 -91.77 59.30 47.23
C THR FA 86 -91.85 59.12 45.72
N ARG FA 87 -92.80 59.80 45.10
CA ARG FA 87 -92.97 59.76 43.66
C ARG FA 87 -92.59 61.11 43.09
N GLN FA 88 -92.03 61.11 41.88
CA GLN FA 88 -91.61 62.35 41.26
C GLN FA 88 -92.35 62.49 39.94
N ALA FA 89 -93.25 63.47 39.88
CA ALA FA 89 -94.03 63.72 38.68
C ALA FA 89 -93.19 64.52 37.70
N TYR FA 90 -93.06 64.02 36.47
CA TYR FA 90 -92.32 64.72 35.45
C TYR FA 90 -93.24 65.22 34.36
N ALA FA 91 -93.24 66.54 34.18
CA ALA FA 91 -94.00 67.17 33.11
C ALA FA 91 -93.01 67.91 32.22
N ASP FA 92 -92.92 67.49 30.96
CA ASP FA 92 -91.94 68.04 30.02
C ASP FA 92 -92.65 68.55 28.78
N VAL FA 93 -92.25 69.73 28.34
CA VAL FA 93 -92.79 70.37 27.14
C VAL FA 93 -91.64 70.97 26.38
N THR FA 94 -91.64 70.78 25.06
CA THR FA 94 -90.62 71.34 24.20
C THR FA 94 -91.26 72.06 23.02
N PHE FA 95 -90.45 72.85 22.34
CA PHE FA 95 -90.91 73.56 21.16
C PHE FA 95 -89.78 73.64 20.16
N SER FA 96 -90.15 73.53 18.89
CA SER FA 96 -89.20 73.68 17.80
C SER FA 96 -89.72 74.73 16.86
N PHE FA 97 -88.82 75.53 16.31
CA PHE FA 97 -89.20 76.56 15.36
C PHE FA 97 -88.06 76.76 14.37
N THR FA 98 -88.42 77.35 13.24
CA THR FA 98 -87.47 77.64 12.19
C THR FA 98 -87.13 79.12 12.21
N GLN FA 99 -85.90 79.43 11.83
CA GLN FA 99 -85.44 80.80 11.82
C GLN FA 99 -86.41 81.73 11.14
N TYR FA 100 -87.18 81.23 10.19
CA TYR FA 100 -88.18 82.07 9.52
C TYR FA 100 -89.55 81.99 10.19
N SER FA 101 -89.66 81.29 11.31
CA SER FA 101 -90.94 81.16 11.99
C SER FA 101 -91.49 82.55 12.31
N THR FA 102 -92.77 82.76 12.08
CA THR FA 102 -93.33 84.08 12.34
C THR FA 102 -93.90 84.13 13.74
N ASP FA 103 -94.41 85.31 14.10
CA ASP FA 103 -94.94 85.50 15.44
C ASP FA 103 -96.25 84.75 15.64
N GLU FA 104 -97.24 85.03 14.80
CA GLU FA 104 -98.57 84.49 15.04
C GLU FA 104 -98.57 82.98 15.00
N GLU FA 105 -97.80 82.39 14.09
CA GLU FA 105 -97.63 80.94 14.10
C GLU FA 105 -97.28 80.45 15.48
N ARG FA 106 -96.23 81.02 16.07
CA ARG FA 106 -95.87 80.66 17.43
C ARG FA 106 -97.02 80.93 18.38
N ALA FA 107 -97.53 82.16 18.38
CA ALA FA 107 -98.69 82.49 19.20
C ALA FA 107 -99.81 81.49 18.97
N PHE FA 108 -100.09 81.15 17.72
CA PHE FA 108 -101.09 80.13 17.44
C PHE FA 108 -100.79 78.84 18.16
N VAL FA 109 -99.52 78.43 18.20
CA VAL FA 109 -99.17 77.21 18.91
C VAL FA 109 -99.45 77.34 20.39
N ARG FA 110 -99.10 78.49 20.97
CA ARG FA 110 -99.20 78.61 22.41
C ARG FA 110 -100.62 78.37 22.90
N THR FA 111 -101.58 79.12 22.37
CA THR FA 111 -102.95 78.99 22.85
C THR FA 111 -103.47 77.57 22.66
N GLU FA 112 -103.43 77.06 21.43
CA GLU FA 112 -104.05 75.77 21.14
C GLU FA 112 -103.57 74.68 22.08
N LEU FA 113 -102.29 74.66 22.42
CA LEU FA 113 -101.82 73.68 23.37
C LEU FA 113 -102.57 73.81 24.68
N ALA FA 114 -102.73 75.04 25.17
CA ALA FA 114 -103.51 75.24 26.38
C ALA FA 114 -104.92 74.74 26.21
N ALA FA 115 -105.60 75.15 25.14
CA ALA FA 115 -106.96 74.70 24.92
C ALA FA 115 -107.08 73.19 25.00
N LEU FA 116 -106.15 72.47 24.36
CA LEU FA 116 -106.14 71.03 24.51
C LEU FA 116 -106.07 70.61 25.96
N LEU FA 117 -105.20 71.24 26.73
CA LEU FA 117 -105.10 70.88 28.13
C LEU FA 117 -106.41 71.08 28.87
N ALA FA 118 -107.24 72.01 28.41
CA ALA FA 118 -108.58 72.16 28.95
C ALA FA 118 -109.60 71.32 28.20
N SER FA 119 -109.21 70.72 27.09
CA SER FA 119 -110.16 69.91 26.33
C SER FA 119 -110.59 68.68 27.12
N PRO FA 120 -111.83 68.26 26.99
CA PRO FA 120 -112.27 67.03 27.65
C PRO FA 120 -111.52 65.80 27.17
N LEU FA 121 -110.87 65.88 26.02
CA LEU FA 121 -110.10 64.73 25.56
C LEU FA 121 -108.97 64.39 26.52
N LEU FA 122 -108.05 65.33 26.71
CA LEU FA 122 -106.84 65.03 27.45
C LEU FA 122 -107.10 64.68 28.91
N ILE FA 123 -108.15 65.25 29.51
CA ILE FA 123 -108.35 65.03 30.93
C ILE FA 123 -108.45 63.54 31.25
N ASP FA 124 -109.25 62.79 30.51
CA ASP FA 124 -109.27 61.35 30.67
C ASP FA 124 -107.92 60.73 30.34
N ALA FA 125 -107.31 61.18 29.25
CA ALA FA 125 -105.95 60.78 28.93
C ALA FA 125 -104.98 61.05 30.06
N ILE FA 126 -104.99 62.25 30.61
CA ILE FA 126 -104.12 62.61 31.72
C ILE FA 126 -104.61 62.02 33.02
N ASP FA 127 -105.76 62.49 33.51
CA ASP FA 127 -106.20 62.13 34.84
C ASP FA 127 -106.44 60.64 34.98
N GLN FA 128 -107.26 60.07 34.12
CA GLN FA 128 -107.62 58.68 34.23
C GLN FA 128 -106.75 57.76 33.39
N LEU FA 129 -105.73 58.28 32.73
CA LEU FA 129 -104.80 57.48 31.94
C LEU FA 129 -105.55 56.64 30.92
N ASN FA 130 -106.20 57.32 29.99
CA ASN FA 130 -107.00 56.56 29.06
C ASN FA 130 -106.63 56.91 27.64
N PRO FA 131 -106.58 55.94 26.77
CA PRO FA 131 -106.40 56.22 25.35
C PRO FA 131 -107.65 56.85 24.76
N ALA FA 132 -107.70 56.92 23.44
CA ALA FA 132 -108.58 57.82 22.71
C ALA FA 132 -109.99 57.29 22.58
N TYR FA 133 -110.30 56.16 23.19
CA TYR FA 133 -111.61 55.57 23.03
C TYR FA 133 -112.49 55.88 24.23
N ALA GA 2 -48.28 87.29 87.33
CA ALA GA 2 -49.65 87.52 87.72
C ALA GA 2 -50.50 87.83 86.50
N LYS GA 3 -51.73 88.27 86.74
CA LYS GA 3 -52.70 88.55 85.70
C LYS GA 3 -52.22 89.70 84.83
N LEU GA 4 -52.45 89.57 83.54
CA LEU GA 4 -52.30 90.70 82.62
C LEU GA 4 -53.18 91.83 83.12
N GLU GA 5 -52.62 93.01 83.23
CA GLU GA 5 -53.35 94.17 83.71
C GLU GA 5 -52.93 95.40 82.93
N THR GA 6 -53.59 96.51 83.21
CA THR GA 6 -53.12 97.80 82.73
C THR GA 6 -51.80 98.05 83.43
N VAL GA 7 -50.77 98.32 82.65
CA VAL GA 7 -49.46 98.57 83.23
C VAL GA 7 -49.12 100.03 83.00
N THR GA 8 -49.13 100.82 84.06
CA THR GA 8 -48.73 102.22 84.00
C THR GA 8 -47.23 102.30 84.18
N LEU GA 9 -46.61 103.21 83.46
CA LEU GA 9 -45.17 103.42 83.57
C LEU GA 9 -44.90 104.91 83.69
N GLY GA 10 -44.20 105.29 84.76
CA GLY GA 10 -43.74 106.65 84.93
C GLY GA 10 -42.26 106.73 84.62
N ASN GA 11 -41.76 107.96 84.58
CA ASN GA 11 -40.34 108.22 84.42
C ASN GA 11 -39.81 107.57 83.15
N ILE GA 12 -40.24 108.12 82.02
CA ILE GA 12 -39.95 107.55 80.72
C ILE GA 12 -39.29 108.62 79.87
N GLY GA 13 -38.46 108.20 78.93
CA GLY GA 13 -37.82 109.11 78.00
C GLY GA 13 -36.73 109.91 78.68
N LYS GA 14 -35.96 110.60 77.84
CA LYS GA 14 -34.87 111.43 78.34
C LYS GA 14 -35.35 112.39 79.40
N ASP GA 15 -36.57 112.90 79.24
CA ASP GA 15 -37.16 113.76 80.27
C ASP GA 15 -37.39 112.98 81.55
N GLY GA 16 -38.02 111.82 81.47
CA GLY GA 16 -38.48 111.16 82.67
C GLY GA 16 -39.81 111.66 83.15
N LYS GA 17 -40.39 112.63 82.44
CA LYS GA 17 -41.76 113.04 82.74
C LYS GA 17 -42.74 112.28 81.88
N GLN GA 18 -42.25 111.53 80.90
CA GLN GA 18 -43.10 110.73 80.04
C GLN GA 18 -43.72 109.59 80.82
N THR GA 19 -44.97 109.31 80.52
CA THR GA 19 -45.70 108.20 81.13
C THR GA 19 -46.35 107.37 80.04
N LEU GA 20 -46.58 106.10 80.35
CA LEU GA 20 -47.17 105.20 79.38
C LEU GA 20 -48.02 104.16 80.10
N VAL GA 21 -49.15 103.82 79.50
CA VAL GA 21 -49.99 102.75 79.98
C VAL GA 21 -50.05 101.68 78.92
N LEU GA 22 -50.25 100.44 79.35
CA LEU GA 22 -50.28 99.29 78.45
C LEU GA 22 -51.49 98.43 78.77
N ASN GA 23 -52.33 98.26 77.81
CA ASN GA 23 -53.44 97.39 78.12
C ASN GA 23 -53.09 95.96 77.76
N PRO GA 24 -53.63 95.00 78.50
CA PRO GA 24 -53.48 93.60 78.11
C PRO GA 24 -54.12 93.35 76.77
N ARG GA 25 -53.34 92.75 75.87
CA ARG GA 25 -53.81 92.44 74.53
C ARG GA 25 -54.26 91.00 74.37
N GLY GA 26 -54.24 90.22 75.44
CA GLY GA 26 -54.46 88.81 75.34
C GLY GA 26 -53.17 88.07 75.05
N VAL GA 27 -53.30 86.77 74.81
CA VAL GA 27 -52.16 85.90 74.61
C VAL GA 27 -52.37 85.07 73.37
N ASN GA 28 -51.41 85.10 72.46
CA ASN GA 28 -51.46 84.17 71.36
C ASN GA 28 -51.15 82.77 71.84
N PRO GA 29 -52.10 81.85 71.82
CA PRO GA 29 -51.84 80.50 72.34
C PRO GA 29 -50.89 79.70 71.49
N THR GA 30 -50.83 79.96 70.18
CA THR GA 30 -49.97 79.19 69.31
C THR GA 30 -48.53 79.22 69.78
N ASN GA 31 -47.89 80.37 69.64
CA ASN GA 31 -46.55 80.55 70.19
C ASN GA 31 -46.57 80.65 71.70
N GLY GA 32 -47.74 80.78 72.32
CA GLY GA 32 -47.80 80.94 73.76
C GLY GA 32 -47.14 82.22 74.21
N VAL GA 33 -47.54 83.36 73.66
CA VAL GA 33 -46.89 84.62 73.95
C VAL GA 33 -47.96 85.65 74.28
N ALA GA 34 -47.78 86.33 75.40
CA ALA GA 34 -48.64 87.42 75.80
C ALA GA 34 -48.33 88.67 74.99
N SER GA 35 -49.28 89.59 74.98
CA SER GA 35 -49.11 90.85 74.26
C SER GA 35 -49.69 91.98 75.09
N LEU GA 36 -49.01 93.12 75.05
CA LEU GA 36 -49.46 94.32 75.73
C LEU GA 36 -49.36 95.49 74.76
N SER GA 37 -50.22 96.48 74.94
CA SER GA 37 -50.15 97.62 74.04
C SER GA 37 -50.63 98.88 74.73
N GLN GA 38 -50.05 99.99 74.30
CA GLN GA 38 -50.67 101.29 74.50
C GLN GA 38 -52.01 101.32 73.80
N ALA GA 39 -52.95 102.09 74.36
CA ALA GA 39 -54.21 102.31 73.67
C ALA GA 39 -54.07 103.60 72.86
N GLY GA 40 -53.95 103.42 71.56
CA GLY GA 40 -53.92 104.52 70.63
C GLY GA 40 -55.16 104.56 69.77
N ALA GA 41 -55.00 105.15 68.59
CA ALA GA 41 -56.06 105.07 67.59
C ALA GA 41 -55.88 103.83 66.72
N VAL GA 42 -54.80 103.79 65.95
CA VAL GA 42 -54.57 102.70 65.02
C VAL GA 42 -53.65 101.66 65.67
N PRO GA 43 -54.11 100.42 65.82
CA PRO GA 43 -53.24 99.38 66.39
C PRO GA 43 -51.90 99.27 65.71
N ALA GA 44 -51.85 99.35 64.38
CA ALA GA 44 -50.59 99.40 63.67
C ALA GA 44 -49.67 100.49 64.21
N LEU GA 45 -50.22 101.63 64.60
CA LEU GA 45 -49.43 102.69 65.20
C LEU GA 45 -49.14 102.43 66.67
N GLU GA 46 -50.00 101.69 67.35
CA GLU GA 46 -49.91 101.57 68.80
C GLU GA 46 -48.68 100.79 69.20
N LYS GA 47 -48.08 101.21 70.30
CA LYS GA 47 -46.86 100.59 70.82
C LYS GA 47 -47.21 99.17 71.23
N ARG GA 48 -46.28 98.25 71.05
CA ARG GA 48 -46.52 96.86 71.42
C ARG GA 48 -45.45 96.37 72.37
N VAL GA 49 -45.86 95.49 73.29
CA VAL GA 49 -44.95 94.86 74.23
C VAL GA 49 -45.30 93.39 74.29
N THR GA 50 -44.29 92.53 74.12
CA THR GA 50 -44.49 91.10 74.07
C THR GA 50 -43.59 90.43 75.09
N VAL GA 51 -44.17 89.51 75.85
CA VAL GA 51 -43.41 88.70 76.79
C VAL GA 51 -43.77 87.24 76.58
N SER GA 52 -42.84 86.37 76.92
CA SER GA 52 -43.07 84.95 76.76
C SER GA 52 -42.21 84.20 77.75
N VAL GA 53 -42.69 83.03 78.15
CA VAL GA 53 -41.90 82.10 78.94
C VAL GA 53 -41.65 80.90 78.05
N SER GA 54 -40.96 79.90 78.58
CA SER GA 54 -40.69 78.68 77.85
C SER GA 54 -40.44 77.58 78.86
N GLN GA 55 -40.47 76.34 78.37
CA GLN GA 55 -40.16 75.23 79.25
C GLN GA 55 -39.27 74.26 78.50
N PRO GA 56 -38.33 73.63 79.19
CA PRO GA 56 -37.36 72.77 78.51
C PRO GA 56 -38.03 71.58 77.86
N SER GA 57 -37.53 71.24 76.67
CA SER GA 57 -38.07 70.12 75.92
C SER GA 57 -36.92 69.20 75.56
N ARG GA 58 -37.22 68.18 74.77
CA ARG GA 58 -36.18 67.34 74.19
C ARG GA 58 -35.23 68.14 73.31
N ASN GA 59 -35.68 69.27 72.78
CA ASN GA 59 -34.84 70.14 71.98
C ASN GA 59 -33.91 71.01 72.81
N ARG GA 60 -34.36 71.49 73.96
CA ARG GA 60 -33.54 72.35 74.79
C ARG GA 60 -33.89 72.09 76.24
N LYS GA 61 -32.86 72.08 77.09
CA LYS GA 61 -33.01 71.81 78.51
C LYS GA 61 -33.09 73.10 79.31
N ASN GA 62 -33.10 74.22 78.62
CA ASN GA 62 -32.98 75.51 79.28
C ASN GA 62 -34.27 76.30 79.13
N TYR GA 63 -34.53 77.15 80.12
CA TYR GA 63 -35.66 78.05 80.04
C TYR GA 63 -35.30 79.27 79.21
N LYS GA 64 -36.25 79.72 78.38
CA LYS GA 64 -36.09 80.94 77.62
C LYS GA 64 -37.18 81.91 78.05
N VAL GA 65 -36.79 83.15 78.29
CA VAL GA 65 -37.73 84.23 78.54
C VAL GA 65 -37.43 85.30 77.52
N GLN GA 66 -38.38 85.54 76.63
CA GLN GA 66 -38.20 86.46 75.51
C GLN GA 66 -39.11 87.66 75.70
N VAL GA 67 -38.56 88.84 75.52
CA VAL GA 67 -39.30 90.08 75.60
C VAL GA 67 -38.93 90.94 74.42
N LYS GA 68 -39.91 91.33 73.63
CA LYS GA 68 -39.70 92.17 72.46
C LYS GA 68 -40.58 93.40 72.57
N ILE GA 69 -40.07 94.53 72.09
CA ILE GA 69 -40.79 95.79 72.11
C ILE GA 69 -40.78 96.37 70.71
N GLN GA 70 -41.94 96.84 70.27
CA GLN GA 70 -42.11 97.35 68.92
C GLN GA 70 -42.75 98.72 69.02
N ASN GA 71 -42.01 99.75 68.59
CA ASN GA 71 -42.44 101.14 68.69
C ASN GA 71 -42.29 101.79 67.33
N PRO GA 72 -43.33 101.81 66.52
CA PRO GA 72 -43.24 102.40 65.19
C PRO GA 72 -43.11 103.92 65.28
N THR GA 73 -42.94 104.52 64.11
CA THR GA 73 -42.87 105.97 63.98
C THR GA 73 -43.98 106.42 63.04
N ALA GA 74 -44.94 107.14 63.59
CA ALA GA 74 -46.06 107.61 62.80
C ALA GA 74 -45.64 108.78 61.93
N CYS GA 75 -46.04 108.74 60.67
CA CYS GA 75 -45.95 109.91 59.80
C CYS GA 75 -47.36 110.48 59.75
N THR GA 76 -47.55 111.62 60.43
CA THR GA 76 -48.89 112.20 60.53
C THR GA 76 -49.38 112.67 59.17
N ALA GA 77 -48.63 113.55 58.53
CA ALA GA 77 -48.98 114.02 57.20
C ALA GA 77 -48.08 113.31 56.21
N ASN GA 78 -48.66 112.38 55.47
CA ASN GA 78 -47.98 111.74 54.35
C ASN GA 78 -48.35 112.41 53.03
N GLY GA 79 -49.12 113.49 53.07
CA GLY GA 79 -49.80 113.95 51.89
C GLY GA 79 -51.09 113.20 51.64
N SER GA 80 -51.45 112.30 52.56
CA SER GA 80 -52.65 111.48 52.43
C SER GA 80 -53.45 111.65 53.72
N CYS GA 81 -54.70 111.20 53.68
CA CYS GA 81 -55.62 111.40 54.79
C CYS GA 81 -55.29 110.53 56.00
N ASP GA 82 -54.45 109.51 55.84
CA ASP GA 82 -54.20 108.61 56.95
C ASP GA 82 -52.71 108.56 57.27
N PRO GA 83 -52.36 108.48 58.54
CA PRO GA 83 -50.94 108.35 58.89
C PRO GA 83 -50.40 107.00 58.45
N SER GA 84 -49.09 106.91 58.39
CA SER GA 84 -48.43 105.70 57.91
C SER GA 84 -47.19 105.39 58.72
N VAL GA 85 -46.91 104.10 58.84
CA VAL GA 85 -45.72 103.64 59.55
C VAL GA 85 -44.50 104.10 58.76
N THR GA 86 -43.53 104.67 59.45
CA THR GA 86 -42.31 105.08 58.79
C THR GA 86 -41.13 104.23 59.22
N ARG GA 87 -40.67 104.41 60.45
CA ARG GA 87 -39.60 103.63 61.03
C ARG GA 87 -40.15 102.73 62.11
N GLN GA 88 -39.57 101.55 62.26
CA GLN GA 88 -40.05 100.61 63.25
C GLN GA 88 -38.90 100.30 64.20
N ALA GA 89 -39.03 100.76 65.44
CA ALA GA 89 -38.00 100.54 66.46
C ALA GA 89 -38.17 99.13 67.02
N TYR GA 90 -37.09 98.36 66.99
CA TYR GA 90 -37.11 97.01 67.55
C TYR GA 90 -36.26 96.92 68.79
N ALA GA 91 -36.90 96.56 69.90
CA ALA GA 91 -36.19 96.35 71.15
C ALA GA 91 -36.46 94.90 71.55
N ASP GA 92 -35.40 94.10 71.63
CA ASP GA 92 -35.50 92.68 71.92
C ASP GA 92 -34.63 92.32 73.12
N VAL GA 93 -35.19 91.52 74.01
CA VAL GA 93 -34.50 91.07 75.21
C VAL GA 93 -34.83 89.60 75.39
N THR GA 94 -33.82 88.80 75.71
CA THR GA 94 -34.00 87.38 75.95
C THR GA 94 -33.33 86.98 77.26
N PHE GA 95 -33.68 85.80 77.72
CA PHE GA 95 -33.07 85.26 78.93
C PHE GA 95 -32.93 83.76 78.79
N SER GA 96 -31.83 83.26 79.34
CA SER GA 96 -31.59 81.82 79.38
C SER GA 96 -31.33 81.43 80.81
N PHE GA 97 -31.81 80.24 81.19
CA PHE GA 97 -31.58 79.75 82.53
C PHE GA 97 -31.52 78.22 82.48
N THR GA 98 -30.94 77.66 83.52
CA THR GA 98 -30.80 76.23 83.65
C THR GA 98 -31.82 75.73 84.65
N GLN GA 99 -32.28 74.51 84.43
CA GLN GA 99 -33.28 73.91 85.29
C GLN GA 99 -32.92 74.03 86.76
N TYR GA 100 -31.63 74.09 87.09
CA TYR GA 100 -31.22 74.27 88.47
C TYR GA 100 -31.04 75.73 88.84
N SER GA 101 -31.35 76.66 87.94
CA SER GA 101 -31.18 78.07 88.24
C SER GA 101 -31.96 78.43 89.49
N THR GA 102 -31.35 79.21 90.38
CA THR GA 102 -32.05 79.56 91.61
C THR GA 102 -32.79 80.86 91.45
N ASP GA 103 -33.49 81.26 92.50
CA ASP GA 103 -34.29 82.48 92.44
C ASP GA 103 -33.41 83.71 92.42
N GLU GA 104 -32.56 83.87 93.43
CA GLU GA 104 -31.84 85.12 93.57
C GLU GA 104 -30.93 85.38 92.38
N GLU GA 105 -30.30 84.33 91.86
CA GLU GA 105 -29.55 84.47 90.62
C GLU GA 105 -30.37 85.17 89.56
N ARG GA 106 -31.56 84.66 89.29
CA ARG GA 106 -32.45 85.32 88.35
C ARG GA 106 -32.74 86.74 88.80
N ALA GA 107 -33.23 86.89 90.03
CA ALA GA 107 -33.46 88.23 90.56
C ALA GA 107 -32.24 89.11 90.39
N PHE GA 108 -31.07 88.58 90.70
CA PHE GA 108 -29.84 89.33 90.49
C PHE GA 108 -29.73 89.80 89.06
N VAL GA 109 -30.07 88.95 88.10
CA VAL GA 109 -30.01 89.36 86.71
C VAL GA 109 -30.97 90.50 86.43
N ARG GA 110 -32.18 90.39 86.95
CA ARG GA 110 -33.21 91.36 86.60
C ARG GA 110 -32.77 92.77 86.92
N THR GA 111 -32.43 93.03 88.19
CA THR GA 111 -32.07 94.38 88.59
C THR GA 111 -30.89 94.91 87.78
N GLU GA 112 -29.76 94.19 87.80
CA GLU GA 112 -28.55 94.70 87.18
C GLU GA 112 -28.77 95.14 85.75
N LEU GA 113 -29.56 94.39 84.98
CA LEU GA 113 -29.85 94.84 83.63
C LEU GA 113 -30.48 96.21 83.64
N ALA GA 114 -31.47 96.41 84.52
CA ALA GA 114 -32.08 97.72 84.64
C ALA GA 114 -31.04 98.77 85.00
N ALA GA 115 -30.25 98.52 86.03
CA ALA GA 115 -29.23 99.49 86.43
C ALA GA 115 -28.37 99.89 85.25
N LEU GA 116 -27.91 98.93 84.46
CA LEU GA 116 -27.19 99.27 83.24
C LEU GA 116 -27.97 100.23 82.38
N LEU GA 117 -29.25 99.96 82.17
CA LEU GA 117 -30.05 100.83 81.34
C LEU GA 117 -30.09 102.25 81.89
N ALA GA 118 -29.95 102.40 83.19
CA ALA GA 118 -29.81 103.73 83.78
C ALA GA 118 -28.36 104.16 83.88
N SER GA 119 -27.41 103.28 83.60
CA SER GA 119 -26.02 103.65 83.70
C SER GA 119 -25.67 104.69 82.65
N PRO GA 120 -24.77 105.62 82.98
CA PRO GA 120 -24.32 106.59 81.98
C PRO GA 120 -23.61 105.96 80.82
N LEU GA 121 -23.16 104.72 80.95
CA LEU GA 121 -22.51 104.06 79.83
C LEU GA 121 -23.47 103.88 78.67
N LEU GA 122 -24.55 103.15 78.89
CA LEU GA 122 -25.43 102.77 77.79
C LEU GA 122 -26.11 103.95 77.13
N ILE GA 123 -26.38 105.02 77.88
CA ILE GA 123 -27.14 106.11 77.29
C ILE GA 123 -26.46 106.66 76.06
N ASP GA 124 -25.16 106.92 76.12
CA ASP GA 124 -24.42 107.30 74.92
C ASP GA 124 -24.43 106.19 73.89
N ALA GA 125 -24.22 104.96 74.33
CA ALA GA 125 -24.36 103.82 73.46
C ALA GA 125 -25.73 103.76 72.78
N ILE GA 126 -26.79 103.89 73.55
CA ILE GA 126 -28.15 103.88 73.01
C ILE GA 126 -28.48 105.18 72.33
N ASP GA 127 -28.57 106.27 73.09
CA ASP GA 127 -29.09 107.51 72.55
C ASP GA 127 -28.21 108.05 71.43
N GLN GA 128 -26.93 108.22 71.69
CA GLN GA 128 -26.04 108.82 70.72
C GLN GA 128 -25.31 107.80 69.86
N LEU GA 129 -25.62 106.52 70.01
CA LEU GA 129 -25.02 105.46 69.20
C LEU GA 129 -23.50 105.53 69.26
N ASN GA 130 -22.98 105.31 70.46
CA ASN GA 130 -21.54 105.46 70.58
C ASN GA 130 -20.93 104.20 71.17
N PRO GA 131 -19.80 103.79 70.68
CA PRO GA 131 -19.07 102.71 71.32
C PRO GA 131 -18.48 103.15 72.64
N ALA GA 132 -17.59 102.34 73.18
CA ALA GA 132 -17.23 102.36 74.60
C ALA GA 132 -16.20 103.43 74.92
N TYR GA 133 -15.83 104.25 73.95
CA TYR GA 133 -14.80 105.25 74.19
C TYR GA 133 -15.42 106.62 74.45
N ALA HA 2 25.19 79.29 102.12
CA ALA HA 2 25.77 80.63 102.11
C ALA HA 2 27.10 80.63 101.39
N LYS HA 3 27.83 81.73 101.50
CA LYS HA 3 29.09 81.92 100.81
C LYS HA 3 30.13 80.93 101.31
N LEU HA 4 30.93 80.42 100.39
CA LEU HA 4 32.13 79.68 100.75
C LEU HA 4 32.98 80.56 101.64
N GLU HA 5 33.41 80.02 102.77
CA GLU HA 5 34.23 80.78 103.69
C GLU HA 5 35.27 79.87 104.30
N THR HA 6 36.14 80.47 105.10
CA THR HA 6 37.05 79.68 105.93
C THR HA 6 36.16 78.94 106.92
N VAL HA 7 36.30 77.63 106.97
CA VAL HA 7 35.49 76.85 107.90
C VAL HA 7 36.41 76.28 108.96
N THR HA 8 36.30 76.79 110.18
CA THR HA 8 37.05 76.29 111.31
C THR HA 8 36.28 75.15 111.93
N LEU HA 9 36.99 74.13 112.38
CA LEU HA 9 36.38 72.99 113.03
C LEU HA 9 37.14 72.66 114.30
N GLY HA 10 36.42 72.65 115.41
CA GLY HA 10 36.97 72.22 116.68
C GLY HA 10 36.49 70.81 117.00
N ASN HA 11 37.08 70.25 118.06
CA ASN HA 11 36.66 68.95 118.59
C ASN HA 11 36.75 67.89 117.50
N ILE HA 12 37.98 67.56 117.14
CA ILE HA 12 38.26 66.67 116.03
C ILE HA 12 39.13 65.54 116.53
N GLY HA 13 39.02 64.38 115.91
CA GLY HA 13 39.84 63.24 116.25
C GLY HA 13 39.44 62.63 117.58
N LYS HA 14 40.02 61.45 117.83
CA LYS HA 14 39.74 60.74 119.07
C LYS HA 14 39.96 61.63 120.28
N ASP HA 15 40.98 62.50 120.21
CA ASP HA 15 41.20 63.46 121.28
C ASP HA 15 40.04 64.44 121.38
N GLY HA 16 39.64 65.03 120.26
CA GLY HA 16 38.72 66.14 120.32
C GLY HA 16 39.40 67.46 120.60
N LYS HA 17 40.72 67.46 120.75
CA LYS HA 17 41.46 68.71 120.82
C LYS HA 17 41.95 69.13 119.45
N GLN HA 18 41.81 68.25 118.46
CA GLN HA 18 42.21 68.55 117.10
C GLN HA 18 41.31 69.62 116.52
N THR HA 19 41.90 70.52 115.75
CA THR HA 19 41.17 71.57 115.06
C THR HA 19 41.60 71.61 113.60
N LEU HA 20 40.70 72.09 112.76
CA LEU HA 20 40.97 72.14 111.33
C LEU HA 20 40.28 73.34 110.71
N VAL HA 21 40.95 73.99 109.78
CA VAL HA 21 40.38 75.05 109.00
C VAL HA 21 40.34 74.63 107.55
N LEU HA 22 39.38 75.16 106.80
CA LEU HA 22 39.19 74.79 105.40
C LEU HA 22 39.03 76.07 104.59
N ASN HA 23 39.88 76.26 103.66
CA ASN HA 23 39.67 77.43 102.84
C ASN HA 23 38.79 77.10 101.64
N PRO HA 24 37.99 78.05 101.19
CA PRO HA 24 37.25 77.85 99.95
C PRO HA 24 38.19 77.66 98.79
N ARG HA 25 37.96 76.58 98.05
CA ARG HA 25 38.78 76.26 96.89
C ARG HA 25 38.16 76.70 95.58
N GLY HA 26 37.01 77.35 95.62
CA GLY HA 26 36.26 77.63 94.42
C GLY HA 26 35.33 76.48 94.09
N VAL HA 27 34.70 76.59 92.92
CA VAL HA 27 33.71 75.62 92.48
C VAL HA 27 34.02 75.19 91.07
N ASN HA 28 34.11 73.89 90.85
CA ASN HA 28 34.20 73.42 89.48
C ASN HA 28 32.85 73.58 88.81
N PRO HA 29 32.72 74.45 87.81
CA PRO HA 29 31.42 74.66 87.18
C PRO HA 29 30.96 73.48 86.35
N THR HA 30 31.88 72.70 85.81
CA THR HA 30 31.47 71.58 84.96
C THR HA 30 30.53 70.65 85.70
N ASN HA 31 31.05 69.91 86.67
CA ASN HA 31 30.20 69.09 87.53
C ASN HA 31 29.37 69.94 88.48
N GLY HA 32 29.65 71.23 88.59
CA GLY HA 32 28.94 72.06 89.53
C GLY HA 32 29.17 71.63 90.96
N VAL HA 33 30.43 71.53 91.38
CA VAL HA 33 30.77 71.03 92.69
C VAL HA 33 31.74 71.99 93.36
N ALA HA 34 31.42 72.40 94.58
CA ALA HA 34 32.31 73.21 95.37
C ALA HA 34 33.46 72.38 95.93
N SER HA 35 34.51 73.06 96.34
CA SER HA 35 35.66 72.40 96.92
C SER HA 35 36.18 73.21 98.09
N LEU HA 36 36.62 72.50 99.13
CA LEU HA 36 37.20 73.13 100.30
C LEU HA 36 38.48 72.39 100.65
N SER HA 37 39.43 73.10 101.25
CA SER HA 37 40.67 72.43 101.59
C SER HA 37 41.31 73.08 102.81
N GLN HA 38 42.01 72.25 103.58
CA GLN HA 38 43.02 72.74 104.49
C GLN HA 38 44.10 73.46 103.71
N ALA HA 39 44.70 74.47 104.33
CA ALA HA 39 45.86 75.10 103.73
C ALA HA 39 47.12 74.41 104.27
N GLY HA 40 47.71 73.60 103.40
CA GLY HA 40 48.96 72.95 103.71
C GLY HA 40 50.09 73.50 102.86
N ALA HA 41 51.10 72.65 102.67
CA ALA HA 41 52.15 72.98 101.71
C ALA HA 41 51.77 72.48 100.32
N VAL HA 42 51.69 71.17 100.16
CA VAL HA 42 51.43 70.58 98.85
C VAL HA 42 49.94 70.29 98.72
N PRO HA 43 49.26 70.87 97.74
CA PRO HA 43 47.84 70.58 97.55
C PRO HA 43 47.53 69.10 97.46
N ALA HA 44 48.34 68.32 96.77
CA ALA HA 44 48.20 66.88 96.76
C ALA HA 44 48.14 66.31 98.17
N LEU HA 45 48.91 66.86 99.10
CA LEU HA 45 48.86 66.43 100.48
C LEU HA 45 47.68 67.03 101.23
N GLU HA 46 47.21 68.19 100.81
CA GLU HA 46 46.23 68.93 101.58
C GLU HA 46 44.90 68.21 101.60
N LYS HA 47 44.23 68.28 102.75
CA LYS HA 47 42.93 67.62 102.93
C LYS HA 47 41.94 68.29 102.00
N ARG HA 48 41.01 67.51 101.48
CA ARG HA 48 40.01 68.06 100.57
C ARG HA 48 38.61 67.76 101.07
N VAL HA 49 37.69 68.68 100.83
CA VAL HA 49 36.29 68.52 101.17
C VAL HA 49 35.47 68.99 99.99
N THR HA 50 34.54 68.16 99.55
CA THR HA 50 33.74 68.43 98.37
C THR HA 50 32.26 68.33 98.72
N VAL HA 51 31.48 69.33 98.30
CA VAL HA 51 30.04 69.29 98.47
C VAL HA 51 29.41 69.64 97.13
N SER HA 52 28.19 69.14 96.95
CA SER HA 52 27.47 69.39 95.72
C SER HA 52 25.98 69.31 95.98
N VAL HA 53 25.23 70.04 95.19
CA VAL HA 53 23.79 69.92 95.18
C VAL HA 53 23.41 69.34 93.83
N SER HA 54 22.12 69.19 93.59
CA SER HA 54 21.63 68.68 92.32
C SER HA 54 20.20 69.14 92.14
N GLN HA 55 19.71 69.03 90.93
CA GLN HA 55 18.32 69.36 90.68
C GLN HA 55 17.71 68.31 89.78
N PRO HA 56 16.43 67.99 89.99
CA PRO HA 56 15.82 66.89 89.22
C PRO HA 56 15.77 67.21 87.74
N SER HA 57 16.01 66.19 86.94
CA SER HA 57 16.00 66.32 85.50
C SER HA 57 15.05 65.27 84.93
N ARG HA 58 15.01 65.19 83.60
CA ARG HA 58 14.31 64.09 82.95
C ARG HA 58 14.91 62.75 83.31
N ASN HA 59 16.18 62.70 83.73
CA ASN HA 59 16.81 61.48 84.17
C ASN HA 59 16.42 61.07 85.58
N ARG HA 60 16.28 62.03 86.49
CA ARG HA 60 15.94 61.73 87.87
C ARG HA 60 15.08 62.84 88.42
N LYS HA 61 14.08 62.46 89.21
CA LYS HA 61 13.12 63.40 89.78
C LYS HA 61 13.53 63.77 91.19
N ASN HA 62 14.67 63.28 91.65
CA ASN HA 62 15.05 63.41 93.03
C ASN HA 62 16.26 64.32 93.17
N TYR HA 63 16.35 64.99 94.30
CA TYR HA 63 17.53 65.80 94.60
C TYR HA 63 18.64 64.90 95.15
N LYS HA 64 19.86 65.19 94.73
CA LYS HA 64 21.04 64.51 95.25
C LYS HA 64 21.93 65.54 95.91
N VAL HA 65 22.40 65.23 97.10
CA VAL HA 65 23.40 66.03 97.79
C VAL HA 65 24.56 65.11 98.09
N GLN HA 66 25.69 65.37 97.47
CA GLN HA 66 26.87 64.52 97.57
C GLN HA 66 27.96 65.24 98.31
N VAL HA 67 28.57 64.56 99.26
CA VAL HA 67 29.69 65.11 100.03
C VAL HA 67 30.77 64.05 100.11
N LYS HA 68 31.96 64.39 99.64
CA LYS HA 68 33.09 63.49 99.66
C LYS HA 68 34.24 64.15 100.39
N ILE HA 69 35.01 63.33 101.11
CA ILE HA 69 36.16 63.81 101.87
C ILE HA 69 37.37 62.98 101.48
N GLN HA 70 38.48 63.63 101.24
CA GLN HA 70 39.70 62.98 100.79
C GLN HA 70 40.83 63.42 101.70
N ASN HA 71 41.40 62.46 102.45
CA ASN HA 71 42.44 62.74 103.42
C ASN HA 71 43.60 61.79 103.16
N PRO HA 72 44.59 62.21 102.39
CA PRO HA 72 45.72 61.33 102.09
C PRO HA 72 46.59 61.13 103.33
N THR HA 73 47.59 60.27 103.16
CA THR HA 73 48.57 60.00 104.19
C THR HA 73 49.94 60.33 103.65
N ALA HA 74 50.55 61.36 104.22
CA ALA HA 74 51.86 61.82 103.80
C ALA HA 74 52.92 60.86 104.30
N CYS HA 75 53.85 60.50 103.41
CA CYS HA 75 55.08 59.83 103.81
C CYS HA 75 56.15 60.90 103.80
N THR HA 76 56.57 61.31 105.00
CA THR HA 76 57.52 62.42 105.10
C THR HA 76 58.87 62.03 104.52
N ALA HA 77 59.47 60.96 105.04
CA ALA HA 77 60.74 60.46 104.51
C ALA HA 77 60.43 59.24 103.66
N ASN HA 78 60.55 59.42 102.35
CA ASN HA 78 60.47 58.31 101.40
C ASN HA 78 61.86 57.81 101.04
N GLY HA 79 62.91 58.35 101.65
CA GLY HA 79 64.24 58.21 101.11
C GLY HA 79 64.51 59.21 100.01
N SER HA 80 63.56 60.12 99.76
CA SER HA 80 63.67 61.13 98.71
C SER HA 80 63.39 62.48 99.35
N CYS HA 81 63.74 63.54 98.62
CA CYS HA 81 63.63 64.89 99.15
C CYS HA 81 62.21 65.38 99.29
N ASP HA 82 61.24 64.70 98.69
CA ASP HA 82 59.87 65.20 98.73
C ASP HA 82 58.94 64.15 99.32
N PRO HA 83 57.96 64.57 100.10
CA PRO HA 83 56.99 63.61 100.62
C PRO HA 83 56.13 63.06 99.51
N SER HA 84 55.46 61.94 99.79
CA SER HA 84 54.67 61.26 98.79
C SER HA 84 53.39 60.72 99.40
N VAL HA 85 52.34 60.69 98.59
CA VAL HA 85 51.07 60.13 99.00
C VAL HA 85 51.24 58.65 99.24
N THR HA 86 50.74 58.17 100.38
CA THR HA 86 50.81 56.75 100.66
C THR HA 86 49.43 56.10 100.60
N ARG HA 87 48.61 56.38 101.61
CA ARG HA 87 47.25 55.89 101.66
C ARG HA 87 46.29 57.05 101.46
N GLN HA 88 45.17 56.76 100.83
CA GLN HA 88 44.20 57.81 100.55
C GLN HA 88 42.88 57.42 101.22
N ALA HA 89 42.50 58.16 102.24
CA ALA HA 89 41.26 57.89 102.97
C ALA HA 89 40.10 58.48 102.20
N TYR HA 90 39.10 57.66 101.91
CA TYR HA 90 37.91 58.13 101.21
C TYR HA 90 36.70 58.11 102.11
N ALA HA 91 36.12 59.29 102.31
CA ALA HA 91 34.89 59.43 103.08
C ALA HA 91 33.84 60.01 102.15
N ASP HA 92 32.78 59.27 101.91
CA ASP HA 92 31.74 59.65 100.97
C ASP HA 92 30.38 59.63 101.65
N VAL HA 93 29.60 60.68 101.41
CA VAL HA 93 28.25 60.82 101.96
C VAL HA 93 27.36 61.34 100.87
N THR HA 94 26.17 60.76 100.74
CA THR HA 94 25.19 61.18 99.76
C THR HA 94 23.85 61.40 100.43
N PHE HA 95 22.96 62.07 99.70
CA PHE HA 95 21.61 62.30 100.18
C PHE HA 95 20.65 62.25 99.01
N SER HA 96 19.47 61.70 99.26
CA SER HA 96 18.41 61.67 98.28
C SER HA 96 17.18 62.29 98.89
N PHE HA 97 16.42 63.01 98.07
CA PHE HA 97 15.19 63.62 98.55
C PHE HA 97 14.21 63.71 97.40
N THR HA 98 12.95 63.85 97.75
CA THR HA 98 11.87 63.96 96.78
C THR HA 98 11.44 65.40 96.68
N GLN HA 99 11.01 65.79 95.49
CA GLN HA 99 10.58 67.16 95.26
C GLN HA 99 9.62 67.65 96.31
N TYR HA 100 8.86 66.76 96.92
CA TYR HA 100 7.95 67.17 97.99
C TYR HA 100 8.59 67.07 99.37
N SER HA 101 9.86 66.73 99.45
CA SER HA 101 10.51 66.61 100.74
C SER HA 101 10.38 67.92 101.51
N THR HA 102 10.07 67.82 102.80
CA THR HA 102 9.89 69.04 103.57
C THR HA 102 11.19 69.43 104.25
N ASP HA 103 11.16 70.55 104.96
CA ASP HA 103 12.35 71.05 105.60
C ASP HA 103 12.75 70.19 106.78
N GLU HA 104 11.86 70.03 107.75
CA GLU HA 104 12.23 69.37 108.99
C GLU HA 104 12.66 67.94 108.75
N GLU HA 105 12.00 67.24 107.84
CA GLU HA 105 12.46 65.92 107.45
C GLU HA 105 13.95 65.94 107.12
N ARG HA 106 14.34 66.83 106.22
CA ARG HA 106 15.74 66.96 105.91
C ARG HA 106 16.55 67.31 107.16
N ALA HA 107 16.15 68.39 107.85
CA ALA HA 107 16.81 68.74 109.09
C ALA HA 107 16.88 67.55 110.03
N PHE HA 108 15.79 66.79 110.15
CA PHE HA 108 15.82 65.59 110.97
C PHE HA 108 16.92 64.65 110.52
N VAL HA 109 17.11 64.49 109.21
CA VAL HA 109 18.17 63.63 108.72
C VAL HA 109 19.53 64.15 109.14
N ARG HA 110 19.73 65.46 109.00
CA ARG HA 110 21.06 66.00 109.22
C ARG HA 110 21.58 65.69 110.62
N THR HA 111 20.82 66.07 111.65
CA THR HA 111 21.30 65.85 113.00
C THR HA 111 21.54 64.38 113.28
N GLU HA 112 20.53 63.53 113.09
CA GLU HA 112 20.64 62.13 113.47
C GLU HA 112 21.89 61.48 112.90
N LEU HA 113 22.24 61.77 111.65
CA LEU HA 113 23.47 61.23 111.11
C LEU HA 113 24.66 61.63 111.97
N ALA HA 114 24.73 62.90 112.34
CA ALA HA 114 25.80 63.34 113.22
C ALA HA 114 25.78 62.57 114.52
N ALA HA 115 24.61 62.51 115.18
CA ALA HA 115 24.52 61.79 116.44
C ALA HA 115 25.07 60.38 116.32
N LEU HA 116 24.70 59.66 115.25
CA LEU HA 116 25.29 58.35 115.03
C LEU HA 116 26.81 58.43 115.01
N LEU HA 117 27.36 59.40 114.30
CA LEU HA 117 28.80 59.51 114.25
C LEU HA 117 29.41 59.71 115.62
N ALA HA 118 28.67 60.29 116.55
CA ALA HA 118 29.10 60.37 117.93
C ALA HA 118 28.64 59.18 118.75
N SER HA 119 27.78 58.33 118.20
CA SER HA 119 27.29 57.19 118.95
C SER HA 119 28.42 56.21 119.23
N PRO HA 120 28.40 55.56 120.39
CA PRO HA 120 29.41 54.54 120.67
C PRO HA 120 29.35 53.37 119.72
N LEU HA 121 28.25 53.20 118.99
CA LEU HA 121 28.19 52.11 118.03
C LEU HA 121 29.21 52.28 116.93
N LEU HA 122 29.13 53.38 116.19
CA LEU HA 122 29.95 53.53 115.01
C LEU HA 122 31.43 53.60 115.31
N ILE HA 123 31.82 54.13 116.47
CA ILE HA 123 33.23 54.32 116.73
C ILE HA 123 33.99 53.02 116.63
N ASP HA 124 33.51 51.94 117.25
CA ASP HA 124 34.12 50.65 117.05
C ASP HA 124 34.02 50.20 115.60
N ALA HA 125 32.86 50.39 114.99
CA ALA HA 125 32.70 50.14 113.57
C ALA HA 125 33.71 50.91 112.74
N ILE HA 126 33.86 52.20 112.97
CA ILE HA 126 34.81 53.02 112.24
C ILE HA 126 36.23 52.78 112.73
N ASP HA 127 36.51 53.17 113.97
CA ASP HA 127 37.89 53.17 114.44
C ASP HA 127 38.49 51.78 114.46
N GLN HA 128 37.83 50.84 115.11
CA GLN HA 128 38.37 49.51 115.27
C GLN HA 128 37.87 48.53 114.21
N LEU HA 129 37.10 49.00 113.23
CA LEU HA 129 36.61 48.17 112.14
C LEU HA 129 35.89 46.94 112.68
N ASN HA 130 34.79 47.18 113.36
CA ASN HA 130 34.13 46.05 113.96
C ASN HA 130 32.66 46.01 113.55
N PRO HA 131 32.15 44.84 113.29
CA PRO HA 131 30.72 44.70 113.06
C PRO HA 131 29.94 44.90 114.34
N ALA HA 132 28.66 44.55 114.30
CA ALA HA 132 27.67 45.03 115.26
C ALA HA 132 27.68 44.24 116.56
N TYR HA 133 28.62 43.32 116.73
CA TYR HA 133 28.62 42.49 117.92
C TYR HA 133 29.64 43.01 118.92
N ALA IA 2 -63.11 90.28 75.39
CA ALA IA 2 -63.10 90.04 76.83
C ALA IA 2 -63.11 88.55 77.11
N LYS IA 3 -63.31 88.19 78.36
CA LYS IA 3 -63.30 86.81 78.81
C LYS IA 3 -64.42 86.02 78.17
N LEU IA 4 -64.12 84.79 77.81
CA LEU IA 4 -65.15 83.82 77.44
C LEU IA 4 -66.13 83.72 78.59
N GLU IA 5 -67.41 83.85 78.29
CA GLU IA 5 -68.43 83.75 79.31
C GLU IA 5 -69.64 83.02 78.76
N THR IA 6 -70.62 82.81 79.62
CA THR IA 6 -71.91 82.34 79.17
C THR IA 6 -72.50 83.45 78.33
N VAL IA 7 -72.89 83.12 77.11
CA VAL IA 7 -73.45 84.13 76.22
C VAL IA 7 -74.92 83.80 76.01
N THR IA 8 -75.79 84.61 76.59
CA THR IA 8 -77.23 84.46 76.40
C THR IA 8 -77.62 85.23 75.15
N LEU IA 9 -78.55 84.67 74.40
CA LEU IA 9 -79.06 85.31 73.20
C LEU IA 9 -80.58 85.26 73.20
N GLY IA 10 -81.19 86.44 73.09
CA GLY IA 10 -82.63 86.54 72.94
C GLY IA 10 -82.97 86.85 71.49
N ASN IA 11 -84.26 86.79 71.20
CA ASN IA 11 -84.78 87.18 69.89
C ASN IA 11 -84.11 86.37 68.79
N ILE IA 12 -84.45 85.09 68.75
CA ILE IA 12 -83.82 84.13 67.87
C ILE IA 12 -84.90 83.44 67.07
N GLY IA 13 -84.56 83.01 65.86
CA GLY IA 13 -85.48 82.28 65.01
C GLY IA 13 -86.55 83.19 64.43
N LYS IA 14 -87.28 82.62 63.49
CA LYS IA 14 -88.35 83.36 62.84
C LYS IA 14 -89.31 83.95 63.86
N ASP IA 15 -89.55 83.22 64.95
CA ASP IA 15 -90.37 83.76 66.02
C ASP IA 15 -89.71 84.96 66.68
N GLY IA 16 -88.44 84.83 67.05
CA GLY IA 16 -87.82 85.83 67.88
C GLY IA 16 -88.10 85.64 69.34
N LYS IA 17 -88.87 84.61 69.70
CA LYS IA 17 -89.02 84.25 71.10
C LYS IA 17 -88.00 83.20 71.50
N GLN IA 18 -87.26 82.67 70.54
CA GLN IA 18 -86.23 81.69 70.82
C GLN IA 18 -85.08 82.35 71.56
N THR IA 19 -84.52 81.61 72.51
CA THR IA 19 -83.37 82.06 73.26
C THR IA 19 -82.31 80.97 73.28
N LEU IA 20 -81.05 81.38 73.44
CA LEU IA 20 -79.95 80.42 73.42
C LEU IA 20 -78.86 80.91 74.34
N VAL IA 21 -78.24 79.98 75.05
CA VAL IA 21 -77.08 80.27 75.88
C VAL IA 21 -75.91 79.47 75.32
N LEU IA 22 -74.71 80.00 75.52
CA LEU IA 22 -73.50 79.38 74.99
C LEU IA 22 -72.45 79.33 76.11
N ASN IA 23 -72.03 78.17 76.42
CA ASN IA 23 -70.98 78.14 77.42
C ASN IA 23 -69.62 78.21 76.77
N PRO IA 24 -68.66 78.82 77.44
CA PRO IA 24 -67.28 78.79 76.94
C PRO IA 24 -66.76 77.37 76.90
N ARG IA 25 -66.25 76.98 75.74
CA ARG IA 25 -65.72 75.64 75.54
C ARG IA 25 -64.21 75.58 75.69
N GLY IA 26 -63.56 76.68 76.02
CA GLY IA 26 -62.12 76.75 75.99
C GLY IA 26 -61.63 77.14 74.61
N VAL IA 27 -60.32 77.10 74.45
CA VAL IA 27 -59.68 77.54 73.22
C VAL IA 27 -58.69 76.48 72.76
N ASN IA 28 -58.82 76.06 71.52
CA ASN IA 28 -57.79 75.20 70.97
C ASN IA 28 -56.55 76.02 70.71
N PRO IA 29 -55.44 75.77 71.43
CA PRO IA 29 -54.24 76.58 71.23
C PRO IA 29 -53.56 76.34 69.91
N THR IA 30 -53.69 75.15 69.34
CA THR IA 30 -53.01 74.86 68.08
C THR IA 30 -53.38 75.85 67.01
N ASN IA 31 -54.62 75.78 66.53
CA ASN IA 31 -55.12 76.78 65.60
C ASN IA 31 -55.36 78.12 66.27
N GLY IA 32 -55.32 78.18 67.59
CA GLY IA 32 -55.61 79.41 68.30
C GLY IA 32 -57.04 79.86 68.07
N VAL IA 33 -58.00 79.00 68.34
CA VAL IA 33 -59.40 79.30 68.06
C VAL IA 33 -60.23 78.99 69.29
N ALA IA 34 -61.04 79.95 69.71
CA ALA IA 34 -61.97 79.76 70.80
C ALA IA 34 -63.17 78.94 70.34
N SER IA 35 -63.88 78.38 71.31
CA SER IA 35 -65.06 77.58 71.02
C SER IA 35 -66.14 77.89 72.04
N LEU IA 36 -67.38 77.92 71.58
CA LEU IA 36 -68.53 78.15 72.43
C LEU IA 36 -69.59 77.11 72.08
N SER IA 37 -70.41 76.75 73.06
CA SER IA 37 -71.43 75.77 72.77
C SER IA 37 -72.64 75.97 73.67
N GLN IA 38 -73.79 75.63 73.12
CA GLN IA 38 -74.95 75.32 73.93
C GLN IA 38 -74.65 74.14 74.84
N ALA IA 39 -75.27 74.15 76.01
CA ALA IA 39 -75.18 72.97 76.88
C ALA IA 39 -76.37 72.07 76.58
N GLY IA 40 -76.08 70.98 75.89
CA GLY IA 40 -77.07 69.97 75.61
C GLY IA 40 -76.77 68.69 76.35
N ALA IA 41 -77.25 67.59 75.78
CA ALA IA 41 -76.86 66.28 76.29
C ALA IA 41 -75.60 65.79 75.58
N VAL IA 42 -75.70 65.55 74.29
CA VAL IA 42 -74.58 64.99 73.54
C VAL IA 42 -73.82 66.12 72.86
N PRO IA 43 -72.54 66.31 73.16
CA PRO IA 43 -71.75 67.34 72.49
C PRO IA 43 -71.84 67.30 70.99
N ALA IA 44 -71.80 66.12 70.38
CA ALA IA 44 -72.03 65.97 68.95
C ALA IA 44 -73.31 66.64 68.52
N LEU IA 45 -74.36 66.56 69.33
CA LEU IA 45 -75.61 67.23 69.02
C LEU IA 45 -75.56 68.72 69.36
N GLU IA 46 -74.74 69.11 70.32
CA GLU IA 46 -74.80 70.45 70.85
C GLU IA 46 -74.31 71.46 69.80
N LYS IA 47 -74.97 72.62 69.80
CA LYS IA 47 -74.65 73.68 68.85
C LYS IA 47 -73.24 74.16 69.15
N ARG IA 48 -72.51 74.54 68.12
CA ARG IA 48 -71.15 75.02 68.30
C ARG IA 48 -70.98 76.39 67.69
N VAL IA 49 -70.13 77.20 68.32
CA VAL IA 49 -69.79 78.53 67.83
C VAL IA 49 -68.30 78.70 67.97
N THR IA 50 -67.64 79.11 66.88
CA THR IA 50 -66.20 79.24 66.84
C THR IA 50 -65.83 80.63 66.38
N VAL IA 51 -64.90 81.25 67.10
CA VAL IA 51 -64.36 82.54 66.71
C VAL IA 51 -62.85 82.46 66.76
N SER IA 52 -62.21 83.30 65.95
CA SER IA 52 -60.76 83.32 65.90
C SER IA 52 -60.30 84.69 65.45
N VAL IA 53 -59.11 85.05 65.90
CA VAL IA 53 -58.44 86.24 65.40
C VAL IA 53 -57.23 85.77 64.62
N SER IA 54 -56.45 86.69 64.11
CA SER IA 54 -55.23 86.36 63.39
C SER IA 54 -54.31 87.56 63.44
N GLN IA 55 -53.05 87.33 63.11
CA GLN IA 55 -52.12 88.43 63.04
C GLN IA 55 -51.27 88.30 61.80
N PRO IA 56 -50.91 89.41 61.18
CA PRO IA 56 -50.20 89.35 59.89
C PRO IA 56 -48.84 88.70 60.05
N SER IA 57 -48.47 87.89 59.05
CA SER IA 57 -47.21 87.19 59.06
C SER IA 57 -46.49 87.50 57.75
N ARG IA 58 -45.35 86.86 57.55
CA ARG IA 58 -44.69 86.91 56.26
C ARG IA 58 -45.57 86.35 55.14
N ASN IA 59 -46.53 85.50 55.47
CA ASN IA 59 -47.45 84.96 54.49
C ASN IA 59 -48.57 85.93 54.12
N ARG IA 60 -49.08 86.69 55.10
CA ARG IA 60 -50.16 87.62 54.84
C ARG IA 60 -49.99 88.83 55.74
N LYS IA 61 -50.27 90.00 55.17
CA LYS IA 61 -50.12 91.27 55.88
C LYS IA 61 -51.44 91.72 56.47
N ASN IA 62 -52.47 90.90 56.34
CA ASN IA 62 -53.81 91.31 56.68
C ASN IA 62 -54.31 90.54 57.88
N TYR IA 63 -55.18 91.16 58.66
CA TYR IA 63 -55.84 90.46 59.75
C TYR IA 63 -57.01 89.66 59.24
N LYS IA 64 -57.18 88.46 59.79
CA LYS IA 64 -58.32 87.61 59.49
C LYS IA 64 -59.09 87.38 60.77
N VAL IA 65 -60.41 87.54 60.71
CA VAL IA 65 -61.30 87.19 61.79
C VAL IA 65 -62.30 86.20 61.24
N GLN IA 66 -62.25 84.97 61.73
CA GLN IA 66 -63.07 83.89 61.21
C GLN IA 66 -64.07 83.47 62.27
N VAL IA 67 -65.33 83.33 61.86
CA VAL IA 67 -66.39 82.89 62.74
C VAL IA 67 -67.19 81.83 62.00
N LYS IA 68 -67.28 80.65 62.60
CA LYS IA 68 -68.03 79.54 62.02
C LYS IA 68 -69.07 79.07 63.02
N ILE IA 69 -70.22 78.64 62.51
CA ILE IA 69 -71.31 78.15 63.33
C ILE IA 69 -71.72 76.79 62.80
N GLN IA 70 -71.91 75.85 63.71
CA GLN IA 70 -72.24 74.47 63.36
C GLN IA 70 -73.47 74.06 64.16
N ASN IA 71 -74.56 73.79 63.45
CA ASN IA 71 -75.84 73.46 64.07
C ASN IA 71 -76.37 72.19 63.44
N PRO IA 72 -76.09 71.03 64.03
CA PRO IA 72 -76.55 69.78 63.45
C PRO IA 72 -78.06 69.64 63.58
N THR IA 73 -78.57 68.56 63.02
CA THR IA 73 -79.97 68.22 63.09
C THR IA 73 -80.10 66.84 63.73
N ALA IA 74 -80.67 66.81 64.92
CA ALA IA 74 -80.83 65.57 65.66
C ALA IA 74 -81.96 64.76 65.06
N CYS IA 75 -81.71 63.46 64.87
CA CYS IA 75 -82.78 62.51 64.58
C CYS IA 75 -83.06 61.80 65.90
N THR IA 76 -84.19 62.13 66.51
CA THR IA 76 -84.51 61.58 67.82
C THR IA 76 -84.72 60.08 67.74
N ALA IA 77 -85.67 59.65 66.92
CA ALA IA 77 -85.92 58.23 66.73
C ALA IA 77 -85.31 57.83 65.40
N ASN IA 78 -84.20 57.10 65.48
CA ASN IA 78 -83.60 56.48 64.31
C ASN IA 78 -84.04 55.03 64.16
N GLY IA 79 -84.95 54.57 65.01
CA GLY IA 79 -85.15 53.15 65.17
C GLY IA 79 -84.13 52.53 66.11
N SER IA 80 -83.28 53.37 66.71
CA SER IA 80 -82.23 52.92 67.61
C SER IA 80 -82.37 53.72 68.90
N CYS IA 81 -81.68 53.25 69.94
CA CYS IA 81 -81.80 53.85 71.27
C CYS IA 81 -81.15 55.22 71.37
N ASP IA 82 -80.30 55.60 70.43
CA ASP IA 82 -79.60 56.85 70.55
C ASP IA 82 -79.87 57.74 69.35
N PRO IA 83 -80.00 59.05 69.57
CA PRO IA 83 -80.18 59.96 68.44
C PRO IA 83 -78.93 60.02 67.59
N SER IA 84 -79.09 60.52 66.37
CA SER IA 84 -77.99 60.56 65.41
C SER IA 84 -78.02 61.85 64.62
N VAL IA 85 -76.83 62.30 64.24
CA VAL IA 85 -76.69 63.49 63.42
C VAL IA 85 -77.29 63.19 62.06
N THR IA 86 -78.12 64.11 61.56
CA THR IA 86 -78.69 63.93 60.23
C THR IA 86 -78.13 64.96 59.25
N ARG IA 87 -78.53 66.21 59.40
CA ARG IA 87 -78.04 67.29 58.58
C ARG IA 87 -77.17 68.20 59.42
N GLN IA 88 -76.15 68.77 58.80
CA GLN IA 88 -75.24 69.64 59.53
C GLN IA 88 -75.27 71.01 58.87
N ALA IA 89 -75.81 71.99 59.58
CA ALA IA 89 -75.90 73.36 59.06
C ALA IA 89 -74.56 74.04 59.26
N TYR IA 90 -74.01 74.59 58.19
CA TYR IA 90 -72.74 75.31 58.26
C TYR IA 90 -72.96 76.80 58.02
N ALA IA 91 -72.60 77.59 59.02
CA ALA IA 91 -72.65 79.04 58.90
C ALA IA 91 -71.24 79.55 59.10
N ASP IA 92 -70.67 80.20 58.08
CA ASP IA 92 -69.30 80.66 58.11
C ASP IA 92 -69.24 82.14 57.79
N VAL IA 93 -68.45 82.87 58.57
CA VAL IA 93 -68.26 84.31 58.40
C VAL IA 93 -66.78 84.59 58.58
N THR IA 94 -66.23 85.42 57.70
CA THR IA 94 -64.84 85.82 57.76
C THR IA 94 -64.73 87.34 57.68
N PHE IA 95 -63.54 87.82 58.04
CA PHE IA 95 -63.27 89.25 57.95
C PHE IA 95 -61.82 89.44 57.55
N SER IA 96 -61.59 90.46 56.74
CA SER IA 96 -60.24 90.85 56.35
C SER IA 96 -60.06 92.31 56.67
N PHE IA 97 -58.86 92.67 57.10
CA PHE IA 97 -58.55 94.05 57.40
C PHE IA 97 -57.08 94.31 57.13
N THR IA 98 -56.75 95.57 56.97
CA THR IA 98 -55.40 96.00 56.72
C THR IA 98 -54.80 96.57 57.99
N GLN IA 99 -53.50 96.40 58.13
CA GLN IA 99 -52.81 96.88 59.32
C GLN IA 99 -53.16 98.32 59.64
N TYR IA 100 -53.49 99.12 58.64
CA TYR IA 100 -53.89 100.49 58.89
C TYR IA 100 -55.39 100.65 59.08
N SER IA 101 -56.14 99.56 59.10
CA SER IA 101 -57.59 99.64 59.27
C SER IA 101 -57.90 100.38 60.55
N THR IA 102 -58.88 101.29 60.49
CA THR IA 102 -59.21 102.05 61.69
C THR IA 102 -60.32 101.36 62.46
N ASP IA 103 -60.67 101.96 63.59
CA ASP IA 103 -61.70 101.37 64.44
C ASP IA 103 -63.08 101.48 63.82
N GLU IA 104 -63.51 102.70 63.51
CA GLU IA 104 -64.89 102.91 63.09
C GLU IA 104 -65.18 102.15 61.81
N GLU IA 105 -64.24 102.13 60.88
CA GLU IA 105 -64.39 101.29 59.70
C GLU IA 105 -64.81 99.89 60.07
N ARG IA 106 -64.04 99.26 60.95
CA ARG IA 106 -64.42 97.94 61.42
C ARG IA 106 -65.79 97.97 62.07
N ALA IA 107 -65.96 98.84 63.06
CA ALA IA 107 -67.27 99.00 63.68
C ALA IA 107 -68.36 99.19 62.64
N PHE IA 108 -68.11 100.04 61.65
CA PHE IA 108 -69.06 100.22 60.57
C PHE IA 108 -69.40 98.89 59.91
N VAL IA 109 -68.40 98.03 59.70
CA VAL IA 109 -68.67 96.74 59.09
C VAL IA 109 -69.55 95.90 59.98
N ARG IA 110 -69.26 95.90 61.28
CA ARG IA 110 -69.97 94.99 62.17
C ARG IA 110 -71.48 95.22 62.12
N THR IA 111 -71.91 96.44 62.39
CA THR IA 111 -73.35 96.70 62.42
C THR IA 111 -74.01 96.37 61.09
N GLU IA 112 -73.53 96.96 59.99
CA GLU IA 112 -74.21 96.81 58.71
C GLU IA 112 -74.45 95.36 58.36
N LEU IA 113 -73.49 94.49 58.63
CA LEU IA 113 -73.73 93.07 58.37
C LEU IA 113 -74.93 92.58 59.14
N ALA IA 114 -75.02 92.94 60.41
CA ALA IA 114 -76.20 92.57 61.18
C ALA IA 114 -77.46 93.12 60.56
N ALA IA 115 -77.48 94.42 60.26
CA ALA IA 115 -78.67 95.01 59.65
C ALA IA 115 -79.11 94.23 58.43
N LEU IA 116 -78.17 93.87 57.56
CA LEU IA 116 -78.53 93.02 56.43
C LEU IA 116 -79.22 91.76 56.89
N LEU IA 117 -78.67 91.10 57.91
CA LEU IA 117 -79.29 89.88 58.38
C LEU IA 117 -80.72 90.11 58.85
N ALA IA 118 -81.03 91.31 59.30
CA ALA IA 118 -82.41 91.65 59.60
C ALA IA 118 -83.14 92.25 58.41
N SER IA 119 -82.43 92.54 57.34
CA SER IA 119 -83.08 93.13 56.18
C SER IA 119 -84.05 92.15 55.55
N PRO IA 120 -85.17 92.64 55.03
CA PRO IA 120 -86.10 91.75 54.32
C PRO IA 120 -85.50 91.11 53.10
N LEU IA 121 -84.39 91.63 52.59
CA LEU IA 121 -83.77 91.00 51.44
C LEU IA 121 -83.28 89.60 51.77
N LEU IA 122 -82.38 89.49 52.75
CA LEU IA 122 -81.73 88.22 52.99
C LEU IA 122 -82.68 87.14 53.47
N ILE IA 123 -83.74 87.51 54.19
CA ILE IA 123 -84.59 86.49 54.77
C ILE IA 123 -85.13 85.56 53.69
N ASP IA 124 -85.66 86.10 52.60
CA ASP IA 124 -86.04 85.25 51.49
C ASP IA 124 -84.86 84.52 50.89
N ALA IA 125 -83.74 85.21 50.73
CA ALA IA 125 -82.51 84.56 50.33
C ALA IA 125 -82.11 83.43 51.25
N ILE IA 126 -82.11 83.66 52.55
CA ILE IA 126 -81.77 82.64 53.52
C ILE IA 126 -82.92 81.65 53.70
N ASP IA 127 -84.03 82.11 54.26
CA ASP IA 127 -85.08 81.20 54.66
C ASP IA 127 -85.66 80.45 53.48
N GLN IA 128 -86.11 81.17 52.46
CA GLN IA 128 -86.77 80.55 51.33
C GLN IA 128 -85.83 80.27 50.18
N LEU IA 129 -84.54 80.50 50.34
CA LEU IA 129 -83.54 80.19 49.32
C LEU IA 129 -83.92 80.86 48.00
N ASN IA 130 -83.92 82.18 48.01
CA ASN IA 130 -84.36 82.83 46.80
C ASN IA 130 -83.33 83.84 46.34
N PRO IA 131 -83.10 83.92 45.06
CA PRO IA 131 -82.25 84.99 44.53
C PRO IA 131 -82.94 86.34 44.63
N ALA IA 132 -82.36 87.33 43.96
CA ALA IA 132 -82.61 88.74 44.24
C ALA IA 132 -83.91 89.26 43.62
N TYR IA 133 -84.68 88.38 42.99
CA TYR IA 133 -85.88 88.84 42.30
C TYR IA 133 -87.11 88.59 43.14
N ALA JA 2 -62.15 77.23 82.65
CA ALA JA 2 -61.94 78.66 82.69
C ALA JA 2 -60.45 78.99 82.57
N LYS JA 3 -60.11 80.25 82.81
CA LYS JA 3 -58.75 80.74 82.66
C LYS JA 3 -57.83 80.06 83.67
N LEU JA 4 -56.63 79.74 83.22
CA LEU JA 4 -55.56 79.36 84.12
C LEU JA 4 -55.37 80.46 85.14
N GLU JA 5 -55.35 80.09 86.41
CA GLU JA 5 -55.19 81.06 87.48
C GLU JA 5 -54.32 80.46 88.57
N THR JA 6 -54.03 81.29 89.56
CA THR JA 6 -53.41 80.78 90.78
C THR JA 6 -54.44 79.88 91.43
N VAL JA 7 -54.04 78.64 91.71
CA VAL JA 7 -54.96 77.71 92.33
C VAL JA 7 -54.47 77.42 93.74
N THR JA 8 -55.20 77.93 94.73
CA THR JA 8 -54.90 77.67 96.12
C THR JA 8 -55.58 76.38 96.53
N LEU JA 9 -54.92 75.60 97.36
CA LEU JA 9 -55.47 74.35 97.86
C LEU JA 9 -55.26 74.28 99.36
N GLY JA 10 -56.37 74.11 100.09
CA GLY JA 10 -56.31 73.87 101.51
C GLY JA 10 -56.55 72.40 101.80
N ASN JA 11 -56.35 72.05 103.07
CA ASN JA 11 -56.65 70.70 103.55
C ASN JA 11 -55.88 69.67 102.75
N ILE JA 12 -54.57 69.66 102.95
CA ILE JA 12 -53.66 68.82 102.18
C ILE JA 12 -52.85 67.98 103.14
N GLY JA 13 -52.43 66.81 102.68
CA GLY JA 13 -51.59 65.94 103.47
C GLY JA 13 -52.36 65.29 104.59
N LYS JA 14 -51.70 64.31 105.21
CA LYS JA 14 -52.31 63.58 106.32
C LYS JA 14 -52.82 64.54 107.39
N ASP JA 15 -52.10 65.64 107.61
CA ASP JA 15 -52.56 66.65 108.55
C ASP JA 15 -53.84 67.30 108.04
N GLY JA 16 -53.85 67.74 106.79
CA GLY JA 16 -54.95 68.57 106.32
C GLY JA 16 -54.75 70.02 106.67
N LYS JA 17 -53.65 70.36 107.33
CA LYS JA 17 -53.32 71.77 107.53
C LYS JA 17 -52.39 72.26 106.43
N GLN JA 18 -51.91 71.35 105.59
CA GLN JA 18 -51.05 71.72 104.47
C GLN JA 18 -51.85 72.49 103.44
N THR JA 19 -51.21 73.49 102.86
CA THR JA 19 -51.79 74.29 101.81
C THR JA 19 -50.82 74.39 100.64
N LEU JA 20 -51.35 74.61 99.44
CA LEU JA 20 -50.52 74.68 98.26
C LEU JA 20 -51.14 75.65 97.26
N VAL JA 21 -50.30 76.42 96.59
CA VAL JA 21 -50.73 77.28 95.52
C VAL JA 21 -50.05 76.81 94.24
N LEU JA 22 -50.70 77.06 93.12
CA LEU JA 22 -50.20 76.62 91.81
C LEU JA 22 -50.29 77.78 90.84
N ASN JA 23 -49.19 78.16 90.31
CA ASN JA 23 -49.30 79.21 89.32
C ASN JA 23 -49.49 78.63 87.94
N PRO JA 24 -50.22 79.33 87.08
CA PRO JA 24 -50.31 78.89 85.69
C PRO JA 24 -48.95 78.93 85.02
N ARG JA 25 -48.60 77.81 84.41
CA ARG JA 25 -47.32 77.67 83.74
C ARG JA 25 -47.42 77.91 82.24
N GLY JA 26 -48.59 78.24 81.73
CA GLY JA 26 -48.81 78.28 80.30
C GLY JA 26 -49.21 76.91 79.78
N VAL JA 27 -49.31 76.82 78.46
CA VAL JA 27 -49.79 75.61 77.80
C VAL JA 27 -48.82 75.24 76.69
N ASN JA 28 -48.36 74.00 76.71
CA ASN JA 28 -47.60 73.54 75.57
C ASN JA 28 -48.54 73.32 74.39
N PRO JA 29 -48.43 74.10 73.32
CA PRO JA 29 -49.35 73.94 72.20
C PRO JA 29 -49.15 72.66 71.43
N THR JA 30 -47.94 72.11 71.41
CA THR JA 30 -47.69 70.91 70.63
C THR JA 30 -48.62 69.79 71.05
N ASN JA 31 -48.41 69.25 72.24
CA ASN JA 31 -49.32 68.26 72.78
C ASN JA 31 -50.65 68.89 73.21
N GLY JA 32 -50.74 70.21 73.24
CA GLY JA 32 -51.95 70.85 73.70
C GLY JA 32 -52.25 70.54 75.14
N VAL JA 33 -51.29 70.80 76.03
CA VAL JA 33 -51.43 70.42 77.44
C VAL JA 33 -51.06 71.63 78.29
N ALA JA 34 -51.95 71.97 79.22
CA ALA JA 34 -51.69 73.01 80.19
C ALA JA 34 -50.73 72.52 81.26
N SER JA 35 -50.13 73.47 81.97
CA SER JA 35 -49.21 73.14 83.04
C SER JA 35 -49.42 74.10 84.19
N LEU JA 36 -49.31 73.56 85.40
CA LEU JA 36 -49.44 74.35 86.63
C LEU JA 36 -48.29 73.97 87.54
N SER JA 37 -47.87 74.92 88.37
CA SER JA 37 -46.78 74.61 89.27
C SER JA 37 -46.86 75.43 90.54
N GLN JA 38 -46.39 74.84 91.62
CA GLN JA 38 -45.99 75.59 92.79
C GLN JA 38 -44.87 76.55 92.41
N ALA JA 39 -44.83 77.70 93.09
CA ALA JA 39 -43.70 78.59 92.91
C ALA JA 39 -42.67 78.27 94.00
N GLY JA 40 -41.61 77.62 93.56
CA GLY JA 40 -40.48 77.32 94.42
C GLY JA 40 -39.26 78.11 94.03
N ALA JA 41 -38.10 77.56 94.37
CA ALA JA 41 -36.86 78.11 93.87
C ALA JA 41 -36.48 77.50 92.54
N VAL JA 42 -36.20 76.20 92.53
CA VAL JA 42 -35.74 75.54 91.32
C VAL JA 42 -36.93 74.86 90.65
N PRO JA 43 -37.26 75.23 89.41
CA PRO JA 43 -38.36 74.57 88.70
C PRO JA 43 -38.26 73.06 88.70
N ALA JA 44 -37.07 72.49 88.50
CA ALA JA 44 -36.88 71.05 88.63
C ALA JA 44 -37.40 70.53 89.96
N LEU JA 45 -37.22 71.29 91.03
CA LEU JA 45 -37.76 70.90 92.33
C LEU JA 45 -39.25 71.19 92.46
N GLU JA 46 -39.74 72.19 91.74
CA GLU JA 46 -41.09 72.67 91.95
C GLU JA 46 -42.12 71.63 91.53
N LYS JA 47 -43.21 71.55 92.29
CA LYS JA 47 -44.27 70.59 92.04
C LYS JA 47 -44.90 70.95 90.70
N ARG JA 48 -45.33 69.94 89.96
CA ARG JA 48 -45.95 70.18 88.67
C ARG JA 48 -47.31 69.54 88.60
N VAL JA 49 -48.23 70.20 87.89
CA VAL JA 49 -49.57 69.68 87.66
C VAL JA 49 -49.91 69.89 86.20
N THR JA 50 -50.36 68.83 85.53
CA THR JA 50 -50.63 68.86 84.11
C THR JA 50 -52.05 68.38 83.85
N VAL JA 51 -52.77 69.13 83.04
CA VAL JA 51 -54.11 68.73 82.61
C VAL JA 51 -54.19 68.86 81.11
N SER JA 52 -55.06 68.06 80.52
CA SER JA 52 -55.23 68.09 79.08
C SER JA 52 -56.63 67.62 78.74
N VAL JA 53 -57.14 68.11 77.62
CA VAL JA 53 -58.38 67.61 77.06
C VAL JA 53 -58.01 66.93 75.75
N SER JA 54 -59.00 66.43 75.05
CA SER JA 54 -58.78 65.78 73.77
C SER JA 54 -60.08 65.84 72.98
N GLN JA 55 -59.97 65.58 71.69
CA GLN JA 55 -61.16 65.53 70.87
C GLN JA 55 -61.08 64.33 69.95
N PRO JA 56 -62.22 63.70 69.67
CA PRO JA 56 -62.19 62.46 68.89
C PRO JA 56 -61.70 62.70 67.48
N SER JA 57 -60.91 61.76 66.98
CA SER JA 57 -60.35 61.84 65.65
C SER JA 57 -60.70 60.57 64.90
N ARG JA 58 -60.17 60.44 63.69
CA ARG JA 58 -60.26 59.18 62.96
C ARG JA 58 -59.59 58.03 63.71
N ASN JA 59 -58.64 58.35 64.60
CA ASN JA 59 -58.00 57.33 65.42
C ASN JA 59 -58.83 56.88 66.60
N ARG JA 60 -59.56 57.80 67.23
CA ARG JA 60 -60.36 57.46 68.40
C ARG JA 60 -61.61 58.33 68.40
N LYS JA 61 -62.74 57.72 68.76
CA LYS JA 61 -64.02 58.40 68.79
C LYS JA 61 -64.35 58.91 70.18
N ASN JA 62 -63.42 58.74 71.10
CA ASN JA 62 -63.70 59.01 72.51
C ASN JA 62 -62.90 60.20 72.98
N TYR JA 63 -63.44 60.91 73.96
CA TYR JA 63 -62.70 61.99 74.60
C TYR JA 63 -61.76 61.44 75.65
N LYS JA 64 -60.57 62.01 75.72
CA LYS JA 64 -59.60 61.68 76.75
C LYS JA 64 -59.33 62.93 77.57
N VAL JA 65 -59.34 62.79 78.88
CA VAL JA 65 -58.93 63.84 79.79
C VAL JA 65 -57.83 63.26 80.66
N GLN JA 66 -56.63 63.79 80.50
CA GLN JA 66 -55.45 63.26 81.17
C GLN JA 66 -54.96 64.28 82.18
N VAL JA 67 -54.68 63.81 83.40
CA VAL JA 67 -54.14 64.64 84.46
C VAL JA 67 -52.99 63.90 85.10
N LYS JA 68 -51.81 64.53 85.10
CA LYS JA 68 -50.62 63.94 85.69
C LYS JA 68 -50.06 64.90 86.73
N ILE JA 69 -49.52 64.34 87.79
CA ILE JA 69 -48.92 65.12 88.88
C ILE JA 69 -47.52 64.61 89.11
N GLN JA 70 -46.57 65.54 89.26
CA GLN JA 70 -45.18 65.21 89.42
C GLN JA 70 -44.66 65.95 90.64
N ASN JA 71 -44.26 65.20 91.66
CA ASN JA 71 -43.81 65.76 92.93
C ASN JA 71 -42.47 65.14 93.28
N PRO JA 72 -41.37 65.78 92.93
CA PRO JA 72 -40.06 65.22 93.22
C PRO JA 72 -39.77 65.27 94.71
N THR JA 73 -38.62 64.71 95.07
CA THR JA 73 -38.13 64.73 96.44
C THR JA 73 -36.77 65.40 96.45
N ALA JA 74 -36.71 66.56 97.08
CA ALA JA 74 -35.48 67.33 97.15
C ALA JA 74 -34.53 66.69 98.16
N CYS JA 75 -33.27 66.56 97.77
CA CYS JA 75 -32.20 66.24 98.71
C CYS JA 75 -31.50 67.56 98.99
N THR JA 76 -31.72 68.10 100.19
CA THR JA 76 -31.17 69.41 100.52
C THR JA 76 -29.66 69.37 100.57
N ALA JA 77 -29.11 68.51 101.42
CA ALA JA 77 -27.66 68.34 101.51
C ALA JA 77 -27.30 67.07 100.78
N ASN JA 78 -26.69 67.22 99.61
CA ASN JA 78 -26.11 66.10 98.89
C ASN JA 78 -24.62 65.98 99.17
N GLY JA 79 -24.09 66.79 100.08
CA GLY JA 79 -22.65 66.99 100.13
C GLY JA 79 -22.18 67.99 99.11
N SER JA 80 -23.11 68.60 98.38
CA SER JA 80 -22.81 69.58 97.35
C SER JA 80 -23.61 70.83 97.63
N CYS JA 81 -23.24 71.92 96.96
CA CYS JA 81 -23.85 73.22 97.22
C CYS JA 81 -25.29 73.32 96.71
N ASP JA 82 -25.74 72.40 95.87
CA ASP JA 82 -27.05 72.53 95.30
C ASP JA 82 -27.89 71.29 95.60
N PRO JA 83 -29.17 71.46 95.86
CA PRO JA 83 -30.04 70.30 96.08
C PRO JA 83 -30.21 69.51 94.80
N SER JA 84 -30.65 68.28 94.94
CA SER JA 84 -30.78 67.38 93.80
C SER JA 84 -32.05 66.54 93.92
N VAL JA 85 -32.61 66.21 92.77
CA VAL JA 85 -33.79 65.36 92.71
C VAL JA 85 -33.39 63.97 93.20
N THR JA 86 -34.21 63.42 94.09
CA THR JA 86 -33.94 62.07 94.57
C THR JA 86 -34.99 61.09 94.06
N ARG JA 87 -36.20 61.18 94.60
CA ARG JA 87 -37.31 60.34 94.18
C ARG JA 87 -38.32 61.21 93.45
N GLN JA 88 -38.99 60.62 92.47
CA GLN JA 88 -39.96 61.38 91.69
C GLN JA 88 -41.31 60.67 91.82
N ALA JA 89 -42.24 61.32 92.51
CA ALA JA 89 -43.57 60.77 92.70
C ALA JA 89 -44.41 61.02 91.45
N TYR JA 90 -44.98 59.95 90.91
CA TYR JA 90 -45.83 60.07 89.74
C TYR JA 90 -47.28 59.77 90.08
N ALA JA 91 -48.13 60.76 89.87
CA ALA JA 91 -49.56 60.59 90.06
C ALA JA 91 -50.24 60.86 88.72
N ASP JA 92 -50.90 59.85 88.17
CA ASP JA 92 -51.51 59.94 86.86
C ASP JA 92 -52.98 59.58 86.94
N VAL JA 93 -53.81 60.38 86.27
CA VAL JA 93 -55.25 60.18 86.22
C VAL JA 93 -55.70 60.42 84.79
N THR JA 94 -56.55 59.55 84.28
CA THR JA 94 -57.10 59.68 82.94
C THR JA 94 -58.61 59.56 82.99
N PHE JA 95 -59.23 59.95 81.88
CA PHE JA 95 -60.67 59.84 81.74
C PHE JA 95 -61.02 59.51 80.31
N SER JA 96 -62.03 58.68 80.15
CA SER JA 96 -62.55 58.35 78.83
C SER JA 96 -64.03 58.63 78.82
N PHE JA 97 -64.52 59.11 77.67
CA PHE JA 97 -65.93 59.40 77.53
C PHE JA 97 -66.33 59.20 76.09
N THR JA 98 -67.63 59.02 75.88
CA THR JA 98 -68.19 58.81 74.57
C THR JA 98 -68.85 60.09 74.11
N GLN JA 99 -68.82 60.32 72.80
CA GLN JA 99 -69.40 61.52 72.23
C GLN JA 99 -70.79 61.78 72.74
N TYR JA 100 -71.53 60.74 73.11
CA TYR JA 100 -72.86 60.93 73.66
C TYR JA 100 -72.86 61.05 75.18
N SER JA 101 -71.70 61.05 75.81
CA SER JA 101 -71.63 61.14 77.26
C SER JA 101 -72.38 62.39 77.73
N THR JA 102 -73.17 62.25 78.79
CA THR JA 102 -73.92 63.40 79.25
C THR JA 102 -73.14 64.14 80.33
N ASP JA 103 -73.73 65.22 80.80
CA ASP JA 103 -73.05 66.04 81.80
C ASP JA 103 -73.01 65.34 83.15
N GLU JA 104 -74.16 64.98 83.69
CA GLU JA 104 -74.22 64.49 85.05
C GLU JA 104 -73.40 63.22 85.21
N GLU JA 105 -73.45 62.34 84.20
CA GLU JA 105 -72.59 61.16 84.21
C GLU JA 105 -71.15 61.57 84.50
N ARG JA 106 -70.62 62.50 83.72
CA ARG JA 106 -69.28 62.98 83.98
C ARG JA 106 -69.19 63.56 85.38
N ALA JA 107 -70.05 64.51 85.70
CA ALA JA 107 -70.09 65.06 87.05
C ALA JA 107 -70.14 63.96 88.09
N PHE JA 108 -70.98 62.96 87.87
CA PHE JA 108 -71.03 61.82 88.78
C PHE JA 108 -69.66 61.19 88.95
N VAL JA 109 -68.92 61.05 87.85
CA VAL JA 109 -67.59 60.47 87.94
C VAL JA 109 -66.68 61.35 88.79
N ARG JA 110 -66.74 62.66 88.58
CA ARG JA 110 -65.78 63.53 89.23
C ARG JA 110 -65.85 63.39 90.75
N THR JA 111 -67.02 63.61 91.33
CA THR JA 111 -67.13 63.55 92.78
C THR JA 111 -66.71 62.21 93.33
N GLU JA 112 -67.32 61.13 92.86
CA GLU JA 112 -67.06 59.81 93.44
C GLU JA 112 -65.59 59.48 93.51
N LEU JA 113 -64.82 59.83 92.48
CA LEU JA 113 -63.39 59.60 92.55
C LEU JA 113 -62.79 60.32 93.74
N ALA JA 114 -63.17 61.58 93.94
CA ALA JA 114 -62.70 62.30 95.11
C ALA JA 114 -63.10 61.60 96.39
N ALA JA 115 -64.38 61.25 96.53
CA ALA JA 115 -64.83 60.57 97.73
C ALA JA 115 -63.98 59.35 98.02
N LEU JA 116 -63.70 58.53 97.01
CA LEU JA 116 -62.79 57.42 97.21
C LEU JA 116 -61.47 57.87 97.79
N LEU JA 117 -60.90 58.94 97.24
CA LEU JA 117 -59.62 59.42 97.75
C LEU JA 117 -59.71 59.79 99.22
N ALA JA 118 -60.89 60.21 99.67
CA ALA JA 118 -61.10 60.43 101.09
C ALA JA 118 -61.59 59.18 101.82
N SER JA 119 -61.92 58.13 101.08
CA SER JA 119 -62.41 56.92 101.72
C SER JA 119 -61.32 56.27 102.56
N PRO JA 120 -61.68 55.68 103.70
CA PRO JA 120 -60.68 54.96 104.50
C PRO JA 120 -60.06 53.79 103.76
N LEU JA 121 -60.69 53.32 102.69
CA LEU JA 121 -60.10 52.23 101.94
C LEU JA 121 -58.77 52.63 101.33
N LEU JA 122 -58.78 53.64 100.47
CA LEU JA 122 -57.59 53.96 99.70
C LEU JA 122 -56.44 54.43 100.56
N ILE JA 123 -56.71 55.07 101.70
CA ILE JA 123 -55.62 55.63 102.47
C ILE JA 123 -54.61 54.57 102.85
N ASP JA 124 -55.06 53.42 103.36
CA ASP JA 124 -54.15 52.32 103.60
C ASP JA 124 -53.53 51.81 102.32
N ALA JA 125 -54.34 51.69 101.27
CA ALA JA 125 -53.81 51.36 99.95
C ALA JA 125 -52.75 52.35 99.49
N ILE JA 126 -53.01 53.63 99.59
CA ILE JA 126 -52.05 54.65 99.20
C ILE JA 126 -50.96 54.81 100.24
N ASP JA 127 -51.31 55.29 101.43
CA ASP JA 127 -50.30 55.66 102.40
C ASP JA 127 -49.47 54.47 102.84
N GLN JA 128 -50.11 53.42 103.30
CA GLN JA 128 -49.41 52.27 103.82
C GLN JA 128 -49.18 51.17 102.80
N LEU JA 129 -49.55 51.40 101.55
CA LEU JA 129 -49.33 50.43 100.47
C LEU JA 129 -49.92 49.08 100.84
N ASN JA 130 -51.23 49.05 100.99
CA ASN JA 130 -51.81 47.81 101.42
C ASN JA 130 -52.90 47.37 100.47
N PRO JA 131 -52.99 46.10 100.19
CA PRO JA 131 -54.13 45.59 99.42
C PRO JA 131 -55.40 45.61 100.25
N ALA JA 132 -56.43 44.95 99.75
CA ALA JA 132 -57.81 45.17 100.16
C ALA JA 132 -58.17 44.46 101.45
N TYR JA 133 -57.21 43.81 102.10
CA TYR JA 133 -57.51 43.05 103.30
C TYR JA 133 -57.15 43.84 104.54
N ALA KA 2 12.82 -100.94 -82.55
CA ALA KA 2 12.02 -102.15 -82.60
C ALA KA 2 11.99 -102.83 -81.25
N LYS KA 3 11.47 -104.05 -81.23
CA LYS KA 3 11.31 -104.81 -80.00
C LYS KA 3 12.66 -105.15 -79.40
N LEU KA 4 12.72 -105.08 -78.07
CA LEU KA 4 13.85 -105.62 -77.34
C LEU KA 4 14.01 -107.08 -77.70
N GLU KA 5 15.21 -107.46 -78.07
CA GLU KA 5 15.47 -108.84 -78.44
C GLU KA 5 16.83 -109.26 -77.92
N THR KA 6 17.15 -110.53 -78.13
CA THR KA 6 18.51 -111.00 -77.90
C THR KA 6 19.38 -110.30 -78.92
N VAL KA 7 20.41 -109.63 -78.44
CA VAL KA 7 21.31 -108.91 -79.35
C VAL KA 7 22.65 -109.62 -79.35
N THR KA 8 22.96 -110.28 -80.45
CA THR KA 8 24.25 -110.93 -80.61
C THR KA 8 25.24 -109.92 -81.17
N LEU KA 9 26.47 -109.98 -80.70
CA LEU KA 9 27.52 -109.09 -81.19
C LEU KA 9 28.76 -109.89 -81.50
N GLY KA 10 29.23 -109.78 -82.74
CA GLY KA 10 30.48 -110.37 -83.15
C GLY KA 10 31.56 -109.32 -83.23
N ASN KA 11 32.79 -109.78 -83.42
CA ASN KA 11 33.93 -108.89 -83.64
C ASN KA 11 34.09 -107.92 -82.47
N ILE KA 12 34.48 -108.46 -81.34
CA ILE KA 12 34.54 -107.72 -80.09
C ILE KA 12 35.94 -107.87 -79.53
N GLY KA 13 36.38 -106.85 -78.78
CA GLY KA 13 37.68 -106.89 -78.15
C GLY KA 13 38.80 -106.71 -79.14
N LYS KA 14 40.00 -106.51 -78.58
CA LYS KA 14 41.19 -106.33 -79.39
C LYS KA 14 41.34 -107.46 -80.40
N ASP KA 15 40.98 -108.68 -80.00
CA ASP KA 15 40.98 -109.81 -80.92
C ASP KA 15 39.97 -109.61 -82.04
N GLY KA 16 38.73 -109.27 -81.69
CA GLY KA 16 37.67 -109.29 -82.67
C GLY KA 16 37.08 -110.67 -82.85
N LYS KA 17 37.59 -111.67 -82.14
CA LYS KA 17 36.95 -112.97 -82.12
C LYS KA 17 35.95 -113.08 -80.97
N GLN KA 18 35.95 -112.09 -80.08
CA GLN KA 18 35.03 -112.07 -78.96
C GLN KA 18 33.61 -111.86 -79.46
N THR KA 19 32.67 -112.54 -78.84
CA THR KA 19 31.25 -112.40 -79.14
C THR KA 19 30.47 -112.19 -77.86
N LEU KA 20 29.33 -111.53 -77.98
CA LEU KA 20 28.51 -111.24 -76.81
C LEU KA 20 27.05 -111.25 -77.21
N VAL KA 21 26.22 -111.78 -76.32
CA VAL KA 21 24.78 -111.72 -76.48
C VAL KA 21 24.20 -110.92 -75.34
N LEU KA 22 23.07 -110.28 -75.59
CA LEU KA 22 22.43 -109.41 -74.61
C LEU KA 22 20.94 -109.77 -74.54
N ASN KA 23 20.50 -110.15 -73.40
CA ASN KA 23 19.08 -110.41 -73.35
C ASN KA 23 18.34 -109.15 -72.94
N PRO KA 24 17.11 -108.99 -73.43
CA PRO KA 24 16.28 -107.88 -72.96
C PRO KA 24 16.00 -108.02 -71.48
N ARG KA 25 16.27 -106.95 -70.75
CA ARG KA 25 16.06 -106.92 -69.32
C ARG KA 25 14.75 -106.26 -68.92
N GLY KA 26 13.94 -105.85 -69.88
CA GLY KA 26 12.78 -105.04 -69.60
C GLY KA 26 13.12 -103.57 -69.57
N VAL KA 27 12.15 -102.76 -69.19
CA VAL KA 27 12.30 -101.32 -69.19
C VAL KA 27 11.84 -100.77 -67.86
N ASN KA 28 12.69 -99.98 -67.22
CA ASN KA 28 12.22 -99.27 -66.06
C ASN KA 28 11.29 -98.15 -66.47
N PRO KA 29 10.00 -98.22 -66.13
CA PRO KA 29 9.07 -97.18 -66.57
C PRO KA 29 9.28 -95.85 -65.90
N THR KA 30 9.82 -95.83 -64.68
CA THR KA 30 9.99 -94.57 -63.98
C THR KA 30 10.84 -93.61 -64.80
N ASN KA 31 12.12 -93.89 -64.92
CA ASN KA 31 12.98 -93.11 -65.79
C ASN KA 31 12.69 -93.36 -67.26
N GLY KA 32 11.90 -94.37 -67.58
CA GLY KA 32 11.64 -94.70 -68.96
C GLY KA 32 12.89 -95.13 -69.69
N VAL KA 33 13.60 -96.12 -69.17
CA VAL KA 33 14.87 -96.55 -69.71
C VAL KA 33 14.87 -98.05 -69.87
N ALA KA 34 15.22 -98.51 -71.07
CA ALA KA 34 15.38 -99.92 -71.34
C ALA KA 34 16.68 -100.44 -70.75
N SER KA 35 16.76 -101.76 -70.60
CA SER KA 35 17.95 -102.39 -70.05
C SER KA 35 18.22 -103.67 -70.81
N LEU KA 36 19.50 -103.94 -71.05
CA LEU KA 36 19.94 -105.15 -71.71
C LEU KA 36 21.08 -105.75 -70.91
N SER KA 37 21.21 -107.06 -70.97
CA SER KA 37 22.30 -107.68 -70.22
C SER KA 37 22.76 -108.96 -70.89
N GLN KA 38 24.04 -109.23 -70.72
CA GLN KA 38 24.55 -110.58 -70.89
C GLN KA 38 23.88 -111.50 -69.89
N ALA KA 39 23.71 -112.75 -70.27
CA ALA KA 39 23.23 -113.76 -69.32
C ALA KA 39 24.46 -114.43 -68.69
N GLY KA 40 24.70 -114.06 -67.45
CA GLY KA 40 25.75 -114.67 -66.65
C GLY KA 40 25.18 -115.49 -65.53
N ALA KA 41 25.99 -115.63 -64.48
CA ALA KA 41 25.49 -116.22 -63.25
C ALA KA 41 24.90 -115.16 -62.34
N VAL KA 42 25.74 -114.25 -61.87
CA VAL KA 42 25.30 -113.25 -60.91
C VAL KA 42 24.98 -111.96 -61.66
N PRO KA 43 23.74 -111.47 -61.59
CA PRO KA 43 23.40 -110.20 -62.25
C PRO KA 43 24.33 -109.07 -61.91
N ALA KA 44 24.74 -108.94 -60.65
CA ALA KA 44 25.75 -107.96 -60.28
C ALA KA 44 27.00 -108.08 -61.13
N LEU KA 45 27.40 -109.30 -61.47
CA LEU KA 45 28.54 -109.51 -62.35
C LEU KA 45 28.19 -109.30 -63.81
N GLU KA 46 26.94 -109.51 -64.19
CA GLU KA 46 26.57 -109.54 -65.59
C GLU KA 46 26.69 -108.16 -66.21
N LYS KA 47 27.13 -108.13 -67.47
CA LYS KA 47 27.33 -106.88 -68.20
C LYS KA 47 25.97 -106.24 -68.37
N ARG KA 48 25.94 -104.92 -68.35
CA ARG KA 48 24.68 -104.21 -68.51
C ARG KA 48 24.77 -103.21 -69.65
N VAL KA 49 23.66 -103.02 -70.34
CA VAL KA 49 23.56 -102.05 -71.42
C VAL KA 49 22.24 -101.31 -71.25
N THR KA 50 22.29 -99.99 -71.26
CA THR KA 50 21.13 -99.16 -71.02
C THR KA 50 20.97 -98.17 -72.16
N VAL KA 51 19.75 -98.07 -72.68
CA VAL KA 51 19.43 -97.08 -73.70
C VAL KA 51 18.18 -96.34 -73.26
N SER KA 52 18.06 -95.11 -73.73
CA SER KA 52 16.90 -94.32 -73.39
C SER KA 52 16.66 -93.29 -74.49
N VAL KA 53 15.40 -92.90 -74.64
CA VAL KA 53 15.05 -91.80 -75.50
C VAL KA 53 14.54 -90.69 -74.60
N SER KA 54 14.11 -89.59 -75.20
CA SER KA 54 13.57 -88.48 -74.44
C SER KA 54 12.68 -87.67 -75.37
N GLN KA 55 11.87 -86.80 -74.78
CA GLN KA 55 11.05 -85.94 -75.59
C GLN KA 55 11.08 -84.54 -75.00
N PRO KA 56 11.06 -83.51 -75.85
CA PRO KA 56 11.21 -82.14 -75.35
C PRO KA 56 10.06 -81.76 -74.43
N SER KA 57 10.40 -81.02 -73.38
CA SER KA 57 9.41 -80.57 -72.41
C SER KA 57 9.55 -79.06 -72.27
N ARG KA 58 8.79 -78.50 -71.33
CA ARG KA 58 8.99 -77.11 -70.96
C ARG KA 58 10.37 -76.86 -70.41
N ASN KA 59 11.04 -77.88 -69.89
CA ASN KA 59 12.40 -77.75 -69.40
C ASN KA 59 13.44 -77.76 -70.51
N ARG KA 60 13.25 -78.56 -71.56
CA ARG KA 60 14.20 -78.64 -72.64
C ARG KA 60 13.45 -78.89 -73.94
N LYS KA 61 13.91 -78.23 -75.00
CA LYS KA 61 13.28 -78.33 -76.31
C LYS KA 61 13.98 -79.34 -77.18
N ASN KA 62 14.96 -80.03 -76.62
CA ASN KA 62 15.84 -80.88 -77.40
C ASN KA 62 15.62 -82.34 -77.03
N TYR KA 63 15.85 -83.22 -77.99
CA TYR KA 63 15.81 -84.65 -77.72
C TYR KA 63 17.12 -85.11 -77.12
N LYS KA 64 17.04 -85.99 -76.14
CA LYS KA 64 18.21 -86.62 -75.56
C LYS KA 64 18.13 -88.12 -75.79
N VAL KA 65 19.23 -88.70 -76.24
CA VAL KA 65 19.37 -90.14 -76.35
C VAL KA 65 20.58 -90.52 -75.53
N GLN KA 66 20.36 -91.26 -74.45
CA GLN KA 66 21.41 -91.62 -73.52
C GLN KA 66 21.66 -93.11 -73.59
N VAL KA 67 22.93 -93.48 -73.66
CA VAL KA 67 23.34 -94.88 -73.68
C VAL KA 67 24.49 -95.04 -72.71
N LYS KA 68 24.32 -95.92 -71.74
CA LYS KA 68 25.34 -96.19 -70.75
C LYS KA 68 25.67 -97.68 -70.75
N ILE KA 69 26.92 -98.01 -70.52
CA ILE KA 69 27.39 -99.38 -70.49
C ILE KA 69 28.14 -99.60 -69.18
N GLN KA 70 27.85 -100.70 -68.52
CA GLN KA 70 28.43 -101.02 -67.23
C GLN KA 70 29.02 -102.42 -67.29
N ASN KA 71 30.34 -102.52 -67.15
CA ASN KA 71 31.06 -103.79 -67.27
C ASN KA 71 31.95 -103.95 -66.06
N PRO KA 72 31.48 -104.63 -65.03
CA PRO KA 72 32.28 -104.80 -63.83
C PRO KA 72 33.46 -105.74 -64.08
N THR KA 73 34.28 -105.88 -63.06
CA THR KA 73 35.41 -106.79 -63.08
C THR KA 73 35.25 -107.78 -61.94
N ALA KA 74 35.05 -109.04 -62.30
CA ALA KA 74 34.85 -110.08 -61.31
C ALA KA 74 36.18 -110.45 -60.68
N CYS KA 75 36.20 -110.57 -59.36
CA CYS KA 75 37.31 -111.18 -58.66
C CYS KA 75 36.85 -112.60 -58.32
N THR KA 76 37.40 -113.59 -59.03
CA THR KA 76 36.95 -114.96 -58.86
C THR KA 76 37.28 -115.48 -57.47
N ALA KA 77 38.57 -115.45 -57.12
CA ALA KA 77 39.01 -115.86 -55.79
C ALA KA 77 39.29 -114.60 -54.99
N ASN KA 78 38.39 -114.32 -54.04
CA ASN KA 78 38.62 -113.26 -53.08
C ASN KA 78 39.18 -113.82 -51.77
N GLY KA 79 39.48 -115.11 -51.73
CA GLY KA 79 39.66 -115.78 -50.46
C GLY KA 79 38.35 -116.18 -49.83
N SER KA 80 37.25 -115.94 -50.54
CA SER KA 80 35.90 -116.25 -50.07
C SER KA 80 35.21 -117.10 -51.12
N CYS KA 81 34.10 -117.71 -50.73
CA CYS KA 81 33.40 -118.64 -51.60
C CYS KA 81 32.68 -117.97 -52.77
N ASP KA 82 32.51 -116.65 -52.73
CA ASP KA 82 31.76 -115.99 -53.77
C ASP KA 82 32.60 -114.92 -54.44
N PRO KA 83 32.47 -114.75 -55.74
CA PRO KA 83 33.19 -113.67 -56.42
C PRO KA 83 32.65 -112.32 -56.00
N SER KA 84 33.44 -111.28 -56.25
CA SER KA 84 33.07 -109.95 -55.83
C SER KA 84 33.45 -108.92 -56.90
N VAL KA 85 32.66 -107.87 -56.96
CA VAL KA 85 32.93 -106.77 -57.88
C VAL KA 85 34.22 -106.09 -57.46
N THR KA 86 35.10 -105.86 -58.43
CA THR KA 86 36.33 -105.15 -58.12
C THR KA 86 36.35 -103.77 -58.75
N ARG KA 87 36.50 -103.71 -60.07
CA ARG KA 87 36.49 -102.47 -60.80
C ARG KA 87 35.22 -102.41 -61.63
N GLN KA 88 34.70 -101.20 -61.80
CA GLN KA 88 33.46 -101.03 -62.56
C GLN KA 88 33.75 -100.11 -63.73
N ALA KA 89 33.71 -100.65 -64.94
CA ALA KA 89 33.96 -99.88 -66.14
C ALA KA 89 32.70 -99.12 -66.52
N TYR KA 90 32.83 -97.81 -66.68
CA TYR KA 90 31.69 -96.99 -67.08
C TYR KA 90 31.88 -96.45 -68.49
N ALA KA 91 30.96 -96.81 -69.37
CA ALA KA 91 30.95 -96.29 -70.73
C ALA KA 91 29.63 -95.56 -70.92
N ASP KA 92 29.71 -94.26 -71.18
CA ASP KA 92 28.53 -93.42 -71.30
C ASP KA 92 28.55 -92.68 -72.63
N VAL KA 93 27.39 -92.65 -73.29
CA VAL KA 93 27.21 -91.99 -74.57
C VAL KA 93 25.89 -91.26 -74.53
N THR KA 94 25.87 -90.02 -74.99
CA THR KA 94 24.67 -89.22 -75.06
C THR KA 94 24.50 -88.63 -76.45
N PHE KA 95 23.30 -88.14 -76.70
CA PHE KA 95 23.00 -87.49 -77.97
C PHE KA 95 22.03 -86.35 -77.73
N SER KA 96 22.23 -85.27 -78.47
CA SER KA 96 21.33 -84.14 -78.43
C SER KA 96 20.87 -83.85 -79.84
N PHE KA 97 19.61 -83.45 -79.98
CA PHE KA 97 19.07 -83.11 -81.28
C PHE KA 97 18.01 -82.04 -81.11
N THR KA 98 17.73 -81.36 -82.21
CA THR KA 98 16.74 -80.31 -82.23
C THR KA 98 15.48 -80.83 -82.89
N GLN KA 99 14.34 -80.32 -82.45
CA GLN KA 99 13.07 -80.74 -82.99
C GLN KA 99 13.05 -80.74 -84.50
N TYR KA 100 13.83 -79.88 -85.14
CA TYR KA 100 13.90 -79.87 -86.59
C TYR KA 100 15.01 -80.77 -87.14
N SER KA 101 15.70 -81.50 -86.28
CA SER KA 101 16.78 -82.37 -86.73
C SER KA 101 16.24 -83.33 -87.79
N THR KA 102 17.00 -83.51 -88.86
CA THR KA 102 16.52 -84.40 -89.91
C THR KA 102 17.05 -85.81 -89.69
N ASP KA 103 16.64 -86.71 -90.58
CA ASP KA 103 17.04 -88.10 -90.44
C ASP KA 103 18.51 -88.30 -90.75
N GLU KA 104 18.94 -87.90 -91.95
CA GLU KA 104 20.29 -88.23 -92.37
C GLU KA 104 21.33 -87.60 -91.47
N GLU KA 105 21.09 -86.37 -91.03
CA GLU KA 105 21.96 -85.76 -90.03
C GLU KA 105 22.19 -86.72 -88.88
N ARG KA 106 21.12 -87.21 -88.27
CA ARG KA 106 21.26 -88.18 -87.21
C ARG KA 106 22.00 -89.41 -87.70
N ALA KA 107 21.52 -90.02 -88.78
CA ALA KA 107 22.22 -91.15 -89.37
C ALA KA 107 23.69 -90.84 -89.59
N PHE KA 108 23.97 -89.65 -90.12
CA PHE KA 108 25.36 -89.25 -90.30
C PHE KA 108 26.12 -89.30 -88.98
N VAL KA 109 25.50 -88.87 -87.89
CA VAL KA 109 26.16 -88.93 -86.61
C VAL KA 109 26.44 -90.36 -86.21
N ARG KA 110 25.47 -91.25 -86.41
CA ARG KA 110 25.60 -92.60 -85.90
C ARG KA 110 26.85 -93.27 -86.46
N THR KA 111 26.96 -93.35 -87.79
CA THR KA 111 28.09 -94.04 -88.37
C THR KA 111 29.41 -93.43 -87.94
N GLU KA 112 29.60 -92.14 -88.16
CA GLU KA 112 30.90 -91.52 -87.91
C GLU KA 112 31.42 -91.81 -86.52
N LEU KA 113 30.55 -91.79 -85.52
CA LEU KA 113 31.00 -92.13 -84.18
C LEU KA 113 31.58 -93.52 -84.16
N ALA KA 114 30.90 -94.48 -84.78
CA ALA KA 114 31.45 -95.82 -84.88
C ALA KA 114 32.80 -95.82 -85.58
N ALA KA 115 32.89 -95.19 -86.75
CA ALA KA 115 34.15 -95.15 -87.47
C ALA KA 115 35.28 -94.65 -86.58
N LEU KA 116 35.03 -93.58 -85.84
CA LEU KA 116 36.03 -93.13 -84.88
C LEU KA 116 36.43 -94.24 -83.93
N LEU KA 117 35.46 -94.97 -83.40
CA LEU KA 117 35.79 -96.04 -82.48
C LEU KA 117 36.68 -97.09 -83.13
N ALA KA 118 36.58 -97.25 -84.44
CA ALA KA 118 37.50 -98.10 -85.16
C ALA KA 118 38.73 -97.36 -85.66
N SER KA 119 38.75 -96.05 -85.54
CA SER KA 119 39.89 -95.29 -86.02
C SER KA 119 41.12 -95.60 -85.18
N PRO KA 120 42.30 -95.62 -85.81
CA PRO KA 120 43.54 -95.82 -85.04
C PRO KA 120 43.79 -94.74 -84.03
N LEU KA 121 43.14 -93.59 -84.16
CA LEU KA 121 43.33 -92.54 -83.18
C LEU KA 121 42.85 -92.98 -81.80
N LEU KA 122 41.58 -93.31 -81.68
CA LEU KA 122 41.00 -93.55 -80.37
C LEU KA 122 41.59 -94.76 -79.67
N ILE KA 123 42.02 -95.77 -80.42
CA ILE KA 123 42.47 -96.99 -79.79
C ILE KA 123 43.60 -96.71 -78.81
N ASP KA 124 44.61 -95.95 -79.20
CA ASP KA 124 45.63 -95.53 -78.27
C ASP KA 124 45.05 -94.66 -77.16
N ALA KA 125 44.18 -93.74 -77.52
CA ALA KA 125 43.45 -92.96 -76.53
C ALA KA 125 42.70 -93.83 -75.56
N ILE KA 126 41.94 -94.80 -76.05
CA ILE KA 126 41.18 -95.71 -75.20
C ILE KA 126 42.09 -96.76 -74.58
N ASP KA 127 42.65 -97.65 -75.40
CA ASP KA 127 43.35 -98.80 -74.86
C ASP KA 127 44.57 -98.39 -74.05
N GLN KA 128 45.45 -97.60 -74.62
CA GLN KA 128 46.68 -97.23 -73.97
C GLN KA 128 46.60 -95.92 -73.22
N LEU KA 129 45.43 -95.29 -73.17
CA LEU KA 129 45.23 -94.04 -72.43
C LEU KA 129 46.24 -92.99 -72.86
N ASN KA 130 46.13 -92.60 -74.13
CA ASN KA 130 47.13 -91.67 -74.60
C ASN KA 130 46.45 -90.45 -75.22
N PRO KA 131 47.00 -89.29 -74.98
CA PRO KA 131 46.52 -88.10 -75.67
C PRO KA 131 46.90 -88.12 -77.14
N ALA KA 132 46.75 -86.99 -77.80
CA ALA KA 132 46.67 -86.92 -79.25
C ALA KA 132 48.05 -86.93 -79.91
N TYR KA 133 49.11 -87.10 -79.15
CA TYR KA 133 50.44 -87.05 -79.72
C TYR KA 133 50.99 -88.44 -79.95
N ALA LA 2 8.40 -112.48 -68.00
CA ALA LA 2 7.89 -112.44 -69.37
C ALA LA 2 6.72 -111.49 -69.47
N LYS LA 3 6.04 -111.53 -70.61
CA LYS LA 3 4.93 -110.64 -70.90
C LYS LA 3 3.77 -110.90 -69.94
N LEU LA 4 3.14 -109.82 -69.52
CA LEU LA 4 1.85 -109.91 -68.83
C LEU LA 4 0.90 -110.68 -69.72
N GLU LA 5 0.25 -111.69 -69.16
CA GLU LA 5 -0.70 -112.48 -69.91
C GLU LA 5 -1.88 -112.84 -69.02
N THR LA 6 -2.85 -113.51 -69.63
CA THR LA 6 -3.91 -114.12 -68.85
C THR LA 6 -3.26 -115.21 -68.02
N VAL LA 7 -3.48 -115.16 -66.71
CA VAL LA 7 -2.89 -116.17 -65.85
C VAL LA 7 -4.01 -117.02 -65.28
N THR LA 8 -4.10 -118.26 -65.73
CA THR LA 8 -5.06 -119.21 -65.22
C THR LA 8 -4.46 -119.89 -64.00
N LEU LA 9 -5.30 -120.15 -63.01
CA LEU LA 9 -4.86 -120.82 -61.80
C LEU LA 9 -5.86 -121.92 -61.46
N GLY LA 10 -5.36 -123.15 -61.35
CA GLY LA 10 -6.14 -124.27 -60.89
C GLY LA 10 -5.80 -124.59 -59.45
N ASN LA 11 -6.59 -125.48 -58.87
CA ASN LA 11 -6.34 -126.00 -57.53
C ASN LA 11 -6.27 -124.86 -56.52
N ILE LA 12 -7.43 -124.26 -56.28
CA ILE LA 12 -7.54 -123.07 -55.46
C ILE LA 12 -8.55 -123.34 -54.36
N GLY LA 13 -8.38 -122.69 -53.22
CA GLY LA 13 -9.31 -122.81 -52.12
C GLY LA 13 -9.17 -124.15 -51.42
N LYS LA 14 -9.84 -124.22 -50.27
CA LYS LA 14 -9.82 -125.45 -49.49
C LYS LA 14 -10.22 -126.65 -50.33
N ASP LA 15 -11.16 -126.45 -51.25
CA ASP LA 15 -11.53 -127.52 -52.18
C ASP LA 15 -10.37 -127.88 -53.09
N GLY LA 16 -9.75 -126.89 -53.71
CA GLY LA 16 -8.80 -127.18 -54.76
C GLY LA 16 -9.46 -127.39 -56.10
N LYS LA 17 -10.78 -127.31 -56.16
CA LYS LA 17 -11.47 -127.33 -57.44
C LYS LA 17 -11.69 -125.91 -57.95
N GLN LA 18 -11.40 -124.92 -57.12
CA GLN LA 18 -11.54 -123.53 -57.51
C GLN LA 18 -10.49 -123.18 -58.55
N THR LA 19 -10.90 -122.36 -59.52
CA THR LA 19 -10.01 -121.88 -60.56
C THR LA 19 -10.16 -120.38 -60.69
N LEU LA 20 -9.10 -119.73 -61.16
CA LEU LA 20 -9.11 -118.28 -61.29
C LEU LA 20 -8.26 -117.88 -62.48
N VAL LA 21 -8.73 -116.86 -63.21
CA VAL LA 21 -7.96 -116.27 -64.28
C VAL LA 21 -7.69 -114.83 -63.92
N LEU LA 22 -6.58 -114.30 -64.44
CA LEU LA 22 -6.16 -112.93 -64.13
C LEU LA 22 -5.79 -112.24 -65.43
N ASN LA 23 -6.45 -111.17 -65.71
CA ASN LA 23 -6.04 -110.49 -66.91
C ASN LA 23 -4.97 -109.45 -66.59
N PRO LA 24 -4.06 -109.21 -67.52
CA PRO LA 24 -3.11 -108.11 -67.33
C PRO LA 24 -3.84 -106.79 -67.25
N ARG LA 25 -3.52 -106.03 -66.20
CA ARG LA 25 -4.14 -104.73 -65.98
C ARG LA 25 -3.27 -103.59 -66.44
N GLY LA 26 -2.11 -103.87 -67.03
CA GLY LA 26 -1.15 -102.84 -67.33
C GLY LA 26 -0.23 -102.61 -66.14
N VAL LA 27 0.61 -101.58 -66.27
CA VAL LA 27 1.61 -101.29 -65.27
C VAL LA 27 1.55 -99.81 -64.93
N ASN LA 28 1.44 -99.50 -63.65
CA ASN LA 28 1.58 -98.12 -63.26
C ASN LA 28 3.04 -97.71 -63.38
N PRO LA 29 3.39 -96.80 -64.28
CA PRO LA 29 4.79 -96.42 -64.44
C PRO LA 29 5.34 -95.63 -63.28
N THR LA 30 4.50 -94.88 -62.57
CA THR LA 30 5.00 -94.06 -61.48
C THR LA 30 5.75 -94.90 -60.46
N ASN LA 31 5.02 -95.72 -59.71
CA ASN LA 31 5.66 -96.66 -58.81
C ASN LA 31 6.34 -97.80 -59.56
N GLY LA 32 6.11 -97.94 -60.85
CA GLY LA 32 6.68 -99.03 -61.60
C GLY LA 32 6.18 -100.37 -61.12
N VAL LA 33 4.86 -100.55 -61.08
CA VAL LA 33 4.26 -101.75 -60.52
C VAL LA 33 3.23 -102.28 -61.51
N ALA LA 34 3.33 -103.56 -61.83
CA ALA LA 34 2.35 -104.23 -62.66
C ALA LA 34 1.10 -104.53 -61.86
N SER LA 35 0.01 -104.78 -62.58
CA SER LA 35 -1.26 -105.10 -61.95
C SER LA 35 -1.94 -106.20 -62.74
N LEU LA 36 -2.60 -107.11 -62.01
CA LEU LA 36 -3.35 -108.19 -62.61
C LEU LA 36 -4.71 -108.26 -61.93
N SER LA 37 -5.71 -108.71 -62.66
CA SER LA 37 -7.02 -108.80 -62.04
C SER LA 37 -7.85 -109.91 -62.67
N GLN LA 38 -8.70 -110.49 -61.84
CA GLN LA 38 -9.85 -111.23 -62.33
C GLN LA 38 -10.73 -110.32 -63.15
N ALA LA 39 -11.39 -110.88 -64.16
CA ALA LA 39 -12.39 -110.12 -64.89
C ALA LA 39 -13.75 -110.38 -64.24
N GLY LA 40 -14.22 -109.38 -63.52
CA GLY LA 40 -15.53 -109.42 -62.91
C GLY LA 40 -16.45 -108.42 -63.56
N ALA LA 41 -17.45 -108.00 -62.79
CA ALA LA 41 -18.29 -106.88 -63.21
C ALA LA 41 -17.70 -105.56 -62.77
N VAL LA 42 -17.64 -105.34 -61.47
CA VAL LA 42 -17.17 -104.07 -60.92
C VAL LA 42 -15.70 -104.19 -60.55
N PRO LA 43 -14.83 -103.38 -61.15
CA PRO LA 43 -13.41 -103.43 -60.79
C PRO LA 43 -13.16 -103.32 -59.30
N ALA LA 44 -13.88 -102.44 -58.60
CA ALA LA 44 -13.79 -102.38 -57.15
C ALA LA 44 -14.02 -103.74 -56.51
N LEU LA 45 -14.91 -104.54 -57.06
CA LEU LA 45 -15.14 -105.89 -56.55
C LEU LA 45 -14.09 -106.87 -57.05
N GLU LA 46 -13.50 -106.61 -58.21
CA GLU LA 46 -12.65 -107.59 -58.86
C GLU LA 46 -11.37 -107.80 -58.07
N LYS LA 47 -10.91 -109.05 -58.04
CA LYS LA 47 -9.72 -109.43 -57.30
C LYS LA 47 -8.53 -108.73 -57.97
N ARG LA 48 -7.55 -108.34 -57.16
CA ARG LA 48 -6.39 -107.67 -57.69
C ARG LA 48 -5.11 -108.38 -57.29
N VAL LA 49 -4.13 -108.35 -58.17
CA VAL LA 49 -2.83 -108.94 -57.91
C VAL LA 49 -1.78 -107.95 -58.40
N THR LA 50 -0.82 -107.64 -57.54
CA THR LA 50 0.20 -106.64 -57.83
C THR LA 50 1.57 -107.24 -57.62
N VAL LA 51 2.46 -107.03 -58.59
CA VAL LA 51 3.84 -107.45 -58.47
C VAL LA 51 4.72 -106.28 -58.85
N SER LA 52 5.92 -106.28 -58.29
CA SER LA 52 6.87 -105.22 -58.57
C SER LA 52 8.28 -105.74 -58.38
N VAL LA 53 9.20 -105.13 -59.12
CA VAL LA 53 10.62 -105.37 -58.91
C VAL LA 53 11.20 -104.09 -58.38
N SER LA 54 12.50 -104.08 -58.16
CA SER LA 54 13.19 -102.88 -57.69
C SER LA 54 14.65 -102.99 -58.08
N GLN LA 55 15.35 -101.87 -58.00
CA GLN LA 55 16.77 -101.90 -58.27
C GLN LA 55 17.49 -101.07 -57.22
N PRO LA 56 18.69 -101.48 -56.83
CA PRO LA 56 19.38 -100.79 -55.73
C PRO LA 56 19.72 -99.36 -56.13
N SER LA 57 19.59 -98.46 -55.15
CA SER LA 57 19.86 -97.05 -55.36
C SER LA 57 20.84 -96.61 -54.28
N ARG LA 58 21.13 -95.31 -54.27
CA ARG LA 58 21.87 -94.74 -53.17
C ARG LA 58 21.17 -94.90 -51.83
N ASN LA 59 19.84 -95.08 -51.85
CA ASN LA 59 19.09 -95.33 -50.62
C ASN LA 59 19.18 -96.76 -50.13
N ARG LA 60 19.22 -97.73 -51.04
CA ARG LA 60 19.28 -99.12 -50.66
C ARG LA 60 20.07 -99.89 -51.70
N LYS LA 61 20.90 -100.81 -51.22
CA LYS LA 61 21.77 -101.62 -52.08
C LYS LA 61 21.14 -102.96 -52.40
N ASN LA 62 19.91 -103.16 -51.96
CA ASN LA 62 19.28 -104.47 -52.04
C ASN LA 62 18.12 -104.42 -53.01
N TYR LA 63 17.85 -105.56 -53.63
CA TYR LA 63 16.68 -105.70 -54.47
C TYR LA 63 15.45 -105.98 -53.63
N LYS LA 64 14.34 -105.37 -53.98
CA LYS LA 64 13.06 -105.63 -53.36
C LYS LA 64 12.10 -106.18 -54.40
N VAL LA 65 11.41 -107.25 -54.06
CA VAL LA 65 10.34 -107.79 -54.88
C VAL LA 65 9.10 -107.83 -54.02
N GLN LA 66 8.11 -107.01 -54.37
CA GLN LA 66 6.91 -106.86 -53.57
C GLN LA 66 5.73 -107.43 -54.33
N VAL LA 67 4.92 -108.23 -53.63
CA VAL LA 67 3.71 -108.81 -54.20
C VAL LA 67 2.59 -108.62 -53.21
N LYS LA 68 1.53 -107.98 -53.63
CA LYS LA 68 0.36 -107.74 -52.79
C LYS LA 68 -0.87 -108.29 -53.48
N ILE LA 69 -1.80 -108.82 -52.68
CA ILE LA 69 -3.04 -109.38 -53.19
C ILE LA 69 -4.19 -108.74 -52.43
N GLN LA 70 -5.21 -108.33 -53.17
CA GLN LA 70 -6.35 -107.64 -52.60
C GLN LA 70 -7.62 -108.35 -53.05
N ASN LA 71 -8.35 -108.92 -52.09
CA ASN LA 71 -9.54 -109.71 -52.38
C ASN LA 71 -10.68 -109.20 -51.52
N PRO LA 72 -11.48 -108.29 -52.02
CA PRO LA 72 -12.59 -107.74 -51.22
C PRO LA 72 -13.67 -108.79 -51.01
N THR LA 73 -14.66 -108.39 -50.22
CA THR LA 73 -15.82 -109.22 -49.95
C THR LA 73 -17.06 -108.46 -50.39
N ALA LA 74 -17.71 -108.97 -51.42
CA ALA LA 74 -18.90 -108.35 -51.97
C ALA LA 74 -20.08 -108.59 -51.04
N CYS LA 75 -20.84 -107.53 -50.78
CA CYS LA 75 -22.15 -107.66 -50.16
C CYS LA 75 -23.16 -107.53 -51.29
N THR LA 76 -23.77 -108.64 -51.66
CA THR LA 76 -24.67 -108.64 -52.81
C THR LA 76 -25.91 -107.80 -52.53
N ALA LA 77 -26.64 -108.14 -51.47
CA ALA LA 77 -27.81 -107.36 -51.08
C ALA LA 77 -27.41 -106.52 -49.89
N ASN LA 78 -27.28 -105.22 -50.12
CA ASN LA 78 -27.09 -104.25 -49.05
C ASN LA 78 -28.40 -103.60 -48.66
N GLY LA 79 -29.51 -104.06 -49.23
CA GLY LA 79 -30.74 -103.28 -49.19
C GLY LA 79 -30.76 -102.21 -50.26
N SER LA 80 -29.73 -102.18 -51.11
CA SER LA 80 -29.61 -101.20 -52.17
C SER LA 80 -29.39 -101.95 -53.48
N CYS LA 81 -29.55 -101.23 -54.60
CA CYS LA 81 -29.47 -101.84 -55.91
C CYS LA 81 -28.08 -102.27 -56.31
N ASP LA 82 -27.05 -101.80 -55.61
CA ASP LA 82 -25.69 -102.13 -56.03
C ASP LA 82 -24.94 -102.81 -54.91
N PRO LA 83 -24.10 -103.78 -55.23
CA PRO LA 83 -23.28 -104.41 -54.20
C PRO LA 83 -22.26 -103.44 -53.65
N SER LA 84 -21.71 -103.78 -52.49
CA SER LA 84 -20.77 -102.90 -51.81
C SER LA 84 -19.65 -103.69 -51.17
N VAL LA 85 -18.47 -103.07 -51.12
CA VAL LA 85 -17.31 -103.68 -50.48
C VAL LA 85 -17.61 -103.80 -48.99
N THR LA 86 -17.35 -104.97 -48.43
CA THR LA 86 -17.53 -105.15 -47.00
C THR LA 86 -16.20 -105.32 -46.29
N ARG LA 87 -15.56 -106.46 -46.48
CA ARG LA 87 -14.26 -106.73 -45.90
C ARG LA 87 -13.23 -106.77 -47.01
N GLN LA 88 -12.02 -106.33 -46.70
CA GLN LA 88 -10.96 -106.30 -47.70
C GLN LA 88 -9.81 -107.17 -47.21
N ALA LA 89 -9.59 -108.28 -47.88
CA ALA LA 89 -8.52 -109.20 -47.51
C ALA LA 89 -7.20 -108.68 -48.07
N TYR LA 90 -6.21 -108.54 -47.21
CA TYR LA 90 -4.90 -108.09 -47.64
C TYR LA 90 -3.88 -109.20 -47.52
N ALA LA 91 -3.28 -109.56 -48.65
CA ALA LA 91 -2.21 -110.54 -48.68
C ALA LA 91 -0.99 -109.85 -49.25
N ASP LA 92 0.08 -109.77 -48.45
CA ASP LA 92 1.28 -109.05 -48.83
C ASP LA 92 2.49 -109.96 -48.70
N VAL LA 93 3.35 -109.93 -49.71
CA VAL LA 93 4.57 -110.72 -49.75
C VAL LA 93 5.68 -109.83 -50.28
N THR LA 94 6.84 -109.89 -49.64
CA THR LA 94 8.00 -109.13 -50.06
C THR LA 94 9.21 -110.03 -50.16
N PHE LA 95 10.25 -109.52 -50.82
CA PHE LA 95 11.50 -110.24 -50.94
C PHE LA 95 12.65 -109.26 -50.90
N SER LA 96 13.73 -109.69 -50.27
CA SER LA 96 14.95 -108.90 -50.23
C SER LA 96 16.08 -109.77 -50.75
N PHE LA 97 17.00 -109.15 -51.47
CA PHE LA 97 18.16 -109.87 -51.99
C PHE LA 97 19.33 -108.91 -52.08
N THR LA 98 20.51 -109.50 -52.14
CA THR LA 98 21.75 -108.75 -52.22
C THR LA 98 22.26 -108.81 -53.65
N GLN LA 99 22.92 -107.74 -54.07
CA GLN LA 99 23.45 -107.66 -55.41
C GLN LA 99 24.21 -108.89 -55.81
N TYR LA 100 24.82 -109.59 -54.85
CA TYR LA 100 25.53 -110.82 -55.15
C TYR LA 100 24.66 -112.05 -55.03
N SER LA 101 23.37 -111.89 -54.76
CA SER LA 101 22.48 -113.03 -54.60
C SER LA 101 22.53 -113.89 -55.86
N THR LA 102 22.61 -115.20 -55.69
CA THR LA 102 22.70 -116.06 -56.86
C THR LA 102 21.30 -116.51 -57.29
N ASP LA 103 21.27 -117.29 -58.36
CA ASP LA 103 20.00 -117.73 -58.90
C ASP LA 103 19.36 -118.77 -58.00
N GLU LA 104 20.06 -119.86 -57.75
CA GLU LA 104 19.43 -120.98 -57.05
C GLU LA 104 18.97 -120.59 -55.67
N GLU LA 105 19.77 -119.77 -54.97
CA GLU LA 105 19.33 -119.23 -53.70
C GLU LA 105 17.93 -118.65 -53.81
N ARG LA 106 17.74 -117.74 -54.77
CA ARG LA 106 16.42 -117.18 -55.00
C ARG LA 106 15.43 -118.29 -55.33
N ALA LA 107 15.74 -119.09 -56.34
CA ALA LA 107 14.89 -120.22 -56.67
C ALA LA 107 14.58 -121.06 -55.44
N PHE LA 108 15.60 -121.34 -54.62
CA PHE LA 108 15.37 -122.06 -53.39
C PHE LA 108 14.32 -121.37 -52.53
N VAL LA 109 14.37 -120.05 -52.46
CA VAL LA 109 13.37 -119.33 -51.66
C VAL LA 109 11.99 -119.52 -52.25
N ARG LA 110 11.87 -119.42 -53.57
CA ARG LA 110 10.55 -119.44 -54.18
C ARG LA 110 9.79 -120.69 -53.81
N THR LA 111 10.35 -121.86 -54.11
CA THR LA 111 9.64 -123.10 -53.85
C THR LA 111 9.28 -123.25 -52.39
N GLU LA 112 10.27 -123.17 -51.49
CA GLU LA 112 10.01 -123.45 -50.09
C GLU LA 112 8.86 -122.64 -49.53
N LEU LA 113 8.76 -121.37 -49.91
CA LEU LA 113 7.63 -120.58 -49.45
C LEU LA 113 6.33 -121.23 -49.88
N ALA LA 114 6.24 -121.65 -51.14
CA ALA LA 114 5.05 -122.35 -51.59
C ALA LA 114 4.81 -123.60 -50.75
N ALA LA 115 5.82 -124.45 -50.59
CA ALA LA 115 5.66 -125.67 -49.81
C ALA LA 115 5.07 -125.36 -48.44
N LEU LA 116 5.59 -124.35 -47.77
CA LEU LA 116 5.00 -123.93 -46.50
C LEU LA 116 3.52 -123.65 -46.66
N LEU LA 117 3.15 -122.91 -47.70
CA LEU LA 117 1.74 -122.60 -47.88
C LEU LA 117 0.91 -123.86 -48.04
N ALA LA 118 1.49 -124.93 -48.54
CA ALA LA 118 0.81 -126.22 -48.57
C ALA LA 118 1.07 -127.04 -47.33
N SER LA 119 1.97 -126.61 -46.46
CA SER LA 119 2.26 -127.37 -45.26
C SER LA 119 1.05 -127.38 -44.34
N PRO LA 120 0.84 -128.48 -43.62
CA PRO LA 120 -0.25 -128.52 -42.64
C PRO LA 120 -0.07 -127.53 -41.53
N LEU LA 121 1.13 -127.00 -41.32
CA LEU LA 121 1.33 -126.02 -40.28
C LEU LA 121 0.52 -124.75 -40.57
N LEU LA 122 0.78 -124.10 -41.70
CA LEU LA 122 0.20 -122.80 -41.95
C LEU LA 122 -1.30 -122.84 -42.08
N ILE LA 123 -1.87 -123.94 -42.58
CA ILE LA 123 -3.30 -123.96 -42.84
C ILE LA 123 -4.08 -123.64 -41.58
N ASP LA 124 -3.77 -124.28 -40.46
CA ASP LA 124 -4.39 -123.89 -39.20
C ASP LA 124 -4.05 -122.48 -38.81
N ALA LA 125 -2.79 -122.08 -38.98
CA ALA LA 125 -2.40 -120.70 -38.79
C ALA LA 125 -3.20 -119.75 -39.65
N ILE LA 126 -3.33 -120.02 -40.94
CA ILE LA 126 -4.09 -119.19 -41.84
C ILE LA 126 -5.58 -119.40 -41.66
N ASP LA 127 -6.08 -120.59 -42.00
CA ASP LA 127 -7.51 -120.81 -42.06
C ASP LA 127 -8.16 -120.63 -40.70
N GLN LA 128 -7.68 -121.34 -39.70
CA GLN LA 128 -8.30 -121.31 -38.38
C GLN LA 128 -7.66 -120.31 -37.44
N LEU LA 129 -6.70 -119.52 -37.91
CA LEU LA 129 -6.06 -118.48 -37.11
C LEU LA 129 -5.52 -119.08 -35.81
N ASN LA 130 -4.54 -119.95 -35.97
CA ASN LA 130 -4.06 -120.60 -34.77
C ASN LA 130 -2.55 -120.45 -34.66
N PRO LA 131 -2.05 -120.22 -33.49
CA PRO LA 131 -0.60 -120.24 -33.28
C PRO LA 131 -0.05 -121.65 -33.37
N ALA LA 132 1.19 -121.82 -32.96
CA ALA LA 132 2.01 -122.97 -33.33
C ALA LA 132 1.72 -124.21 -32.49
N TYR LA 133 0.73 -124.14 -31.60
CA TYR LA 133 0.47 -125.27 -30.73
C TYR LA 133 -0.69 -126.09 -31.25
N ALA MA 2 -2.32 -104.01 -73.82
CA ALA MA 2 -1.12 -104.81 -74.06
C ALA MA 2 0.07 -103.92 -74.32
N LYS MA 3 1.16 -104.53 -74.74
CA LYS MA 3 2.42 -103.84 -74.97
C LYS MA 3 2.27 -102.83 -76.10
N LEU MA 4 2.90 -101.68 -75.92
CA LEU MA 4 3.09 -100.73 -77.01
C LEU MA 4 3.78 -101.45 -78.15
N GLU MA 5 3.23 -101.33 -79.34
CA GLU MA 5 3.81 -101.97 -80.51
C GLU MA 5 3.67 -101.06 -81.71
N THR MA 6 4.24 -101.51 -82.82
CA THR MA 6 3.98 -100.85 -84.10
C THR MA 6 2.51 -101.08 -84.39
N VAL MA 7 1.79 -100.00 -84.64
CA VAL MA 7 0.37 -100.13 -84.93
C VAL MA 7 0.15 -99.75 -86.39
N THR MA 8 -0.16 -100.73 -87.22
CA THR MA 8 -0.48 -100.50 -88.61
C THR MA 8 -1.96 -100.20 -88.71
N LEU MA 9 -2.30 -99.28 -89.61
CA LEU MA 9 -3.69 -98.92 -89.84
C LEU MA 9 -3.96 -98.89 -91.32
N GLY MA 10 -4.95 -99.67 -91.75
CA GLY MA 10 -5.41 -99.64 -93.12
C GLY MA 10 -6.72 -98.87 -93.20
N ASN MA 11 -7.15 -98.63 -94.45
CA ASN MA 11 -8.44 -98.02 -94.71
C ASN MA 11 -8.55 -96.66 -94.02
N ILE MA 12 -7.77 -95.71 -94.52
CA ILE MA 12 -7.63 -94.41 -93.90
C ILE MA 12 -7.96 -93.35 -94.95
N GLY MA 13 -8.46 -92.21 -94.50
CA GLY MA 13 -8.75 -91.10 -95.38
C GLY MA 13 -9.99 -91.37 -96.21
N LYS MA 14 -10.44 -90.30 -96.87
CA LYS MA 14 -11.60 -90.40 -97.73
C LYS MA 14 -11.46 -91.53 -98.74
N ASP MA 15 -10.25 -91.75 -99.23
CA ASP MA 15 -10.00 -92.88 -100.12
C ASP MA 15 -10.22 -94.20 -99.39
N GLY MA 16 -9.62 -94.36 -98.22
CA GLY MA 16 -9.58 -95.66 -97.59
C GLY MA 16 -8.45 -96.52 -98.11
N LYS MA 17 -7.66 -96.02 -99.04
CA LYS MA 17 -6.46 -96.72 -99.45
C LYS MA 17 -5.25 -96.24 -98.64
N GLN MA 18 -5.43 -95.19 -97.85
CA GLN MA 18 -4.37 -94.66 -97.02
C GLN MA 18 -4.06 -95.65 -95.91
N THR MA 19 -2.78 -95.77 -95.60
CA THR MA 19 -2.32 -96.61 -94.51
C THR MA 19 -1.35 -95.83 -93.63
N LEU MA 20 -1.27 -96.23 -92.37
CA LEU MA 20 -0.41 -95.52 -91.42
C LEU MA 20 0.13 -96.51 -90.41
N VAL MA 21 1.38 -96.32 -90.04
CA VAL MA 21 2.00 -97.09 -88.98
C VAL MA 21 2.37 -96.13 -87.86
N LEU MA 22 2.40 -96.65 -86.64
CA LEU MA 22 2.68 -95.84 -85.45
C LEU MA 22 3.72 -96.56 -84.59
N ASN MA 23 4.81 -95.93 -84.39
CA ASN MA 23 5.75 -96.61 -83.51
C ASN MA 23 5.51 -96.21 -82.07
N PRO MA 24 5.76 -97.11 -81.13
CA PRO MA 24 5.70 -96.73 -79.72
C PRO MA 24 6.74 -95.68 -79.41
N ARG MA 25 6.28 -94.60 -78.79
CA ARG MA 25 7.14 -93.49 -78.43
C ARG MA 25 7.58 -93.54 -76.98
N GLY MA 26 7.21 -94.57 -76.24
CA GLY MA 26 7.43 -94.58 -74.81
C GLY MA 26 6.27 -93.93 -74.08
N VAL MA 27 6.44 -93.78 -72.78
CA VAL MA 27 5.40 -93.26 -71.91
C VAL MA 27 5.99 -92.17 -71.03
N ASN MA 28 5.36 -91.01 -71.04
CA ASN MA 28 5.76 -90.01 -70.07
C ASN MA 28 5.26 -90.42 -68.69
N PRO MA 29 6.15 -90.73 -67.75
CA PRO MA 29 5.71 -91.18 -66.43
C PRO MA 29 5.06 -90.10 -65.61
N THR MA 30 5.44 -88.84 -65.82
CA THR MA 30 4.88 -87.77 -65.01
C THR MA 30 3.37 -87.75 -65.09
N ASN MA 31 2.83 -87.36 -66.24
CA ASN MA 31 1.39 -87.45 -66.46
C ASN MA 31 0.92 -88.89 -66.61
N GLY MA 32 1.84 -89.84 -66.75
CA GLY MA 32 1.44 -91.22 -66.97
C GLY MA 32 0.69 -91.39 -68.27
N VAL MA 33 1.28 -90.96 -69.38
CA VAL MA 33 0.60 -90.98 -70.67
C VAL MA 33 1.53 -91.61 -71.69
N ALA MA 34 1.01 -92.60 -72.42
CA ALA MA 34 1.72 -93.21 -73.52
C ALA MA 34 1.72 -92.29 -74.74
N SER MA 35 2.64 -92.57 -75.64
CA SER MA 35 2.75 -91.78 -76.87
C SER MA 35 3.05 -92.71 -78.04
N LEU MA 36 2.44 -92.42 -79.18
CA LEU MA 36 2.67 -93.17 -80.40
C LEU MA 36 2.91 -92.19 -81.52
N SER MA 37 3.70 -92.59 -82.52
CA SER MA 37 3.94 -91.68 -83.62
C SER MA 37 4.21 -92.45 -84.89
N GLN MA 38 3.82 -91.83 -86.00
CA GLN MA 38 4.36 -92.17 -87.29
C GLN MA 38 5.86 -91.93 -87.29
N ALA MA 39 6.59 -92.74 -88.06
CA ALA MA 39 8.01 -92.48 -88.25
C ALA MA 39 8.16 -91.64 -89.51
N GLY MA 40 8.47 -90.36 -89.28
CA GLY MA 40 8.76 -89.44 -90.34
C GLY MA 40 10.21 -89.02 -90.33
N ALA MA 41 10.45 -87.83 -90.87
CA ALA MA 41 11.76 -87.22 -90.75
C ALA MA 41 11.85 -86.38 -89.48
N VAL MA 42 11.06 -85.31 -89.42
CA VAL MA 42 11.13 -84.39 -88.30
C VAL MA 42 10.03 -84.74 -87.30
N PRO MA 43 10.39 -85.08 -86.06
CA PRO MA 43 9.36 -85.38 -85.05
C PRO MA 43 8.30 -84.30 -84.93
N ALA MA 44 8.68 -83.03 -84.97
CA ALA MA 44 7.71 -81.95 -85.00
C ALA MA 44 6.69 -82.13 -86.11
N LEU MA 45 7.12 -82.64 -87.26
CA LEU MA 45 6.20 -82.91 -88.35
C LEU MA 45 5.45 -84.22 -88.15
N GLU MA 46 6.04 -85.16 -87.43
CA GLU MA 46 5.49 -86.50 -87.37
C GLU MA 46 4.17 -86.52 -86.61
N LYS MA 47 3.25 -87.36 -87.08
CA LYS MA 47 1.92 -87.47 -86.49
C LYS MA 47 2.09 -88.03 -85.09
N ARG MA 48 1.24 -87.59 -84.17
CA ARG MA 48 1.33 -88.06 -82.81
C ARG MA 48 0.00 -88.64 -82.35
N VAL MA 49 0.07 -89.66 -81.51
CA VAL MA 49 -1.10 -90.29 -80.92
C VAL MA 49 -0.82 -90.50 -79.45
N THR MA 50 -1.74 -90.06 -78.60
CA THR MA 50 -1.57 -90.11 -77.16
C THR MA 50 -2.76 -90.81 -76.54
N VAL MA 51 -2.48 -91.75 -75.64
CA VAL MA 51 -3.53 -92.42 -74.88
C VAL MA 51 -3.14 -92.38 -73.42
N SER MA 52 -4.15 -92.43 -72.57
CA SER MA 52 -3.91 -92.41 -71.14
C SER MA 52 -5.06 -93.10 -70.42
N VAL MA 53 -4.76 -93.67 -69.28
CA VAL MA 53 -5.78 -94.19 -68.39
C VAL MA 53 -5.77 -93.31 -67.15
N SER MA 54 -6.60 -93.63 -66.18
CA SER MA 54 -6.66 -92.90 -64.94
C SER MA 54 -7.24 -93.80 -63.87
N GLN MA 55 -7.07 -93.40 -62.63
CA GLN MA 55 -7.68 -94.15 -61.55
C GLN MA 55 -8.31 -93.19 -60.56
N PRO MA 56 -9.43 -93.58 -59.96
CA PRO MA 56 -10.15 -92.64 -59.10
C PRO MA 56 -9.33 -92.28 -57.87
N SER MA 57 -9.43 -91.01 -57.48
CA SER MA 57 -8.70 -90.50 -56.33
C SER MA 57 -9.70 -89.82 -55.41
N ARG MA 58 -9.19 -89.21 -54.35
CA ARG MA 58 -10.01 -88.36 -53.51
C ARG MA 58 -10.60 -87.19 -54.29
N ASN MA 59 -9.98 -86.80 -55.40
CA ASN MA 59 -10.51 -85.74 -56.24
C ASN MA 59 -11.63 -86.20 -57.14
N ARG MA 60 -11.56 -87.41 -57.67
CA ARG MA 60 -12.58 -87.91 -58.57
C ARG MA 60 -12.73 -89.41 -58.37
N LYS MA 61 -13.97 -89.87 -58.39
CA LYS MA 61 -14.29 -91.28 -58.17
C LYS MA 61 -14.44 -92.01 -59.49
N ASN MA 62 -14.19 -91.33 -60.59
CA ASN MA 62 -14.48 -91.87 -61.90
C ASN MA 62 -13.20 -92.13 -62.66
N TYR MA 63 -13.24 -93.11 -63.55
CA TYR MA 63 -12.12 -93.37 -64.44
C TYR MA 63 -12.18 -92.43 -65.64
N LYS MA 64 -11.01 -91.93 -66.04
CA LYS MA 64 -10.88 -91.12 -67.24
C LYS MA 64 -9.96 -91.84 -68.21
N VAL MA 65 -10.39 -91.91 -69.46
CA VAL MA 65 -9.55 -92.41 -70.54
C VAL MA 65 -9.48 -91.31 -71.58
N GLN MA 66 -8.30 -90.76 -71.76
CA GLN MA 66 -8.10 -89.61 -72.64
C GLN MA 66 -7.27 -90.04 -73.84
N VAL MA 67 -7.71 -89.65 -75.03
CA VAL MA 67 -6.99 -89.94 -76.26
C VAL MA 67 -6.96 -88.67 -77.08
N LYS MA 68 -5.76 -88.22 -77.42
CA LYS MA 68 -5.57 -87.02 -78.22
C LYS MA 68 -4.74 -87.37 -79.44
N ILE MA 69 -5.05 -86.71 -80.55
CA ILE MA 69 -4.35 -86.92 -81.82
C ILE MA 69 -3.90 -85.57 -82.33
N GLN MA 70 -2.65 -85.51 -82.77
CA GLN MA 70 -2.04 -84.27 -83.24
C GLN MA 70 -1.44 -84.52 -84.60
N ASN MA 71 -1.99 -83.84 -85.63
CA ASN MA 71 -1.57 -84.03 -87.00
C ASN MA 71 -1.27 -82.67 -87.61
N PRO MA 72 -0.01 -82.24 -87.58
CA PRO MA 72 0.33 -80.93 -88.13
C PRO MA 72 0.22 -80.93 -89.65
N THR MA 73 0.43 -79.75 -90.21
CA THR MA 73 0.45 -79.56 -91.65
C THR MA 73 1.80 -79.00 -92.05
N ALA MA 74 2.56 -79.80 -92.78
CA ALA MA 74 3.89 -79.41 -93.22
C ALA MA 74 3.78 -78.41 -94.35
N CYS MA 75 4.58 -77.33 -94.25
CA CYS MA 75 4.80 -76.45 -95.39
C CYS MA 75 6.16 -76.84 -95.95
N THR MA 76 6.15 -77.49 -97.10
CA THR MA 76 7.39 -78.00 -97.68
C THR MA 76 8.30 -76.87 -98.09
N ALA MA 77 7.82 -75.99 -98.96
CA ALA MA 77 8.58 -74.82 -99.37
C ALA MA 77 8.03 -73.61 -98.63
N ASN MA 78 8.80 -73.14 -97.67
CA ASN MA 78 8.51 -71.88 -96.99
C ASN MA 78 9.29 -70.73 -97.60
N GLY MA 79 10.03 -70.98 -98.68
CA GLY MA 79 11.06 -70.06 -99.09
C GLY MA 79 12.34 -70.26 -98.32
N SER MA 80 12.37 -71.27 -97.45
CA SER MA 80 13.52 -71.57 -96.61
C SER MA 80 13.88 -73.04 -96.81
N CYS MA 81 15.07 -73.41 -96.36
CA CYS MA 81 15.58 -74.76 -96.58
C CYS MA 81 14.87 -75.83 -95.77
N ASP MA 82 14.11 -75.44 -94.76
CA ASP MA 82 13.49 -76.43 -93.90
C ASP MA 82 11.98 -76.26 -93.88
N PRO MA 83 11.23 -77.35 -93.85
CA PRO MA 83 9.77 -77.24 -93.75
C PRO MA 83 9.37 -76.70 -92.39
N SER MA 84 8.14 -76.23 -92.30
CA SER MA 84 7.66 -75.59 -91.09
C SER MA 84 6.22 -75.98 -90.82
N VAL MA 85 5.88 -76.05 -89.54
CA VAL MA 85 4.51 -76.35 -89.12
C VAL MA 85 3.62 -75.20 -89.56
N THR MA 86 2.50 -75.52 -90.18
CA THR MA 86 1.56 -74.48 -90.56
C THR MA 86 0.29 -74.55 -89.74
N ARG MA 87 -0.54 -75.56 -89.98
CA ARG MA 87 -1.75 -75.77 -89.23
C ARG MA 87 -1.59 -77.02 -88.38
N GLN MA 88 -2.22 -77.00 -87.21
CA GLN MA 88 -2.11 -78.14 -86.29
C GLN MA 88 -3.51 -78.67 -86.04
N ALA MA 89 -3.77 -79.88 -86.54
CA ALA MA 89 -5.07 -80.51 -86.37
C ALA MA 89 -5.13 -81.15 -84.98
N TYR MA 90 -6.15 -80.81 -84.22
CA TYR MA 90 -6.33 -81.38 -82.90
C TYR MA 90 -7.55 -82.28 -82.86
N ALA MA 91 -7.30 -83.55 -82.54
CA ALA MA 91 -8.38 -84.52 -82.37
C ALA MA 91 -8.29 -85.04 -80.95
N ASP MA 92 -9.34 -84.79 -80.17
CA ASP MA 92 -9.37 -85.14 -78.76
C ASP MA 92 -10.58 -86.00 -78.45
N VAL MA 93 -10.36 -87.07 -77.68
CA VAL MA 93 -11.40 -88.00 -77.27
C VAL MA 93 -11.18 -88.32 -75.81
N THR MA 94 -12.25 -88.31 -75.04
CA THR MA 94 -12.19 -88.65 -73.62
C THR MA 94 -13.26 -89.69 -73.30
N PHE MA 95 -13.10 -90.28 -72.12
CA PHE MA 95 -14.07 -91.26 -71.63
C PHE MA 95 -14.20 -91.12 -70.13
N SER MA 96 -15.41 -91.30 -69.65
CA SER MA 96 -15.69 -91.31 -68.23
C SER MA 96 -16.41 -92.60 -67.89
N PHE MA 97 -16.11 -93.15 -66.72
CA PHE MA 97 -16.75 -94.36 -66.26
C PHE MA 97 -16.82 -94.36 -64.76
N THR MA 98 -17.73 -95.17 -64.25
CA THR MA 98 -17.93 -95.29 -62.81
C THR MA 98 -17.30 -96.58 -62.34
N GLN MA 99 -16.82 -96.56 -61.10
CA GLN MA 99 -16.16 -97.72 -60.53
C GLN MA 99 -16.97 -98.98 -60.72
N TYR MA 100 -18.28 -98.88 -60.80
CA TYR MA 100 -19.11 -100.05 -61.03
C TYR MA 100 -19.38 -100.30 -62.51
N SER MA 101 -18.78 -99.51 -63.40
CA SER MA 101 -19.00 -99.69 -64.83
C SER MA 101 -18.65 -101.13 -65.22
N THR MA 102 -19.49 -101.73 -66.04
CA THR MA 102 -19.22 -103.11 -66.42
C THR MA 102 -18.43 -103.15 -67.72
N ASP MA 103 -18.11 -104.36 -68.15
CA ASP MA 103 -17.30 -104.52 -69.36
C ASP MA 103 -18.09 -104.18 -70.60
N GLU MA 104 -19.22 -104.86 -70.81
CA GLU MA 104 -19.93 -104.71 -72.07
C GLU MA 104 -20.40 -103.29 -72.30
N GLU MA 105 -20.86 -102.63 -71.23
CA GLU MA 105 -21.17 -101.21 -71.32
C GLU MA 105 -20.03 -100.46 -71.98
N ARG MA 106 -18.83 -100.59 -71.45
CA ARG MA 106 -17.68 -99.96 -72.07
C ARG MA 106 -17.50 -100.43 -73.49
N ALA MA 107 -17.43 -101.75 -73.69
CA ALA MA 107 -17.35 -102.29 -75.04
C ALA MA 107 -18.44 -101.71 -75.92
N PHE MA 108 -19.67 -101.64 -75.42
CA PHE MA 108 -20.74 -101.03 -76.18
C PHE MA 108 -20.38 -99.61 -76.59
N VAL MA 109 -19.76 -98.85 -75.70
CA VAL MA 109 -19.38 -97.49 -76.05
C VAL MA 109 -18.35 -97.50 -77.17
N ARG MA 110 -17.37 -98.39 -77.08
CA ARG MA 110 -16.26 -98.34 -78.02
C ARG MA 110 -16.75 -98.48 -79.45
N THR MA 111 -17.47 -99.55 -79.76
CA THR MA 111 -17.91 -99.77 -81.13
C THR MA 111 -18.76 -98.61 -81.63
N GLU MA 112 -19.84 -98.29 -80.93
CA GLU MA 112 -20.78 -97.30 -81.43
C GLU MA 112 -20.12 -96.00 -81.82
N LEU MA 113 -19.13 -95.54 -81.03
CA LEU MA 113 -18.42 -94.34 -81.41
C LEU MA 113 -17.79 -94.52 -82.77
N ALA MA 114 -17.13 -95.65 -83.00
CA ALA MA 114 -16.57 -95.93 -84.31
C ALA MA 114 -17.64 -95.89 -85.39
N ALA MA 115 -18.73 -96.63 -85.19
CA ALA MA 115 -19.80 -96.65 -86.17
C ALA MA 115 -20.23 -95.24 -86.55
N LEU MA 116 -20.42 -94.38 -85.55
CA LEU MA 116 -20.71 -92.98 -85.86
C LEU MA 116 -19.68 -92.38 -86.77
N LEU MA 117 -18.40 -92.60 -86.48
CA LEU MA 117 -17.36 -92.04 -87.31
C LEU MA 117 -17.47 -92.52 -88.75
N ALA MA 118 -18.02 -93.72 -88.95
CA ALA MA 118 -18.30 -94.19 -90.29
C ALA MA 118 -19.70 -93.80 -90.76
N SER MA 119 -20.53 -93.26 -89.88
CA SER MA 119 -21.88 -92.90 -90.26
C SER MA 119 -21.85 -91.75 -91.26
N PRO MA 120 -22.79 -91.75 -92.22
CA PRO MA 120 -22.87 -90.62 -93.16
C PRO MA 120 -23.18 -89.31 -92.48
N LEU MA 121 -23.68 -89.34 -91.25
CA LEU MA 121 -23.95 -88.09 -90.56
C LEU MA 121 -22.67 -87.31 -90.32
N LEU MA 122 -21.73 -87.89 -89.59
CA LEU MA 122 -20.56 -87.14 -89.16
C LEU MA 122 -19.68 -86.69 -90.30
N ILE MA 123 -19.64 -87.44 -91.40
CA ILE MA 123 -18.71 -87.11 -92.47
C ILE MA 123 -18.95 -85.70 -92.98
N ASP MA 124 -20.19 -85.33 -93.25
CA ASP MA 124 -20.49 -83.95 -93.58
C ASP MA 124 -20.18 -83.01 -92.44
N ALA MA 125 -20.55 -83.40 -91.23
CA ALA MA 125 -20.16 -82.65 -90.05
C ALA MA 125 -18.66 -82.47 -89.95
N ILE MA 126 -17.88 -83.53 -90.10
CA ILE MA 126 -16.43 -83.45 -90.06
C ILE MA 126 -15.87 -82.87 -91.33
N ASP MA 127 -16.00 -83.59 -92.45
CA ASP MA 127 -15.31 -83.20 -93.66
C ASP MA 127 -15.77 -81.84 -94.16
N GLN MA 128 -17.06 -81.67 -94.36
CA GLN MA 128 -17.59 -80.45 -94.93
C GLN MA 128 -18.02 -79.43 -93.89
N LEU MA 129 -17.80 -79.71 -92.60
CA LEU MA 129 -18.14 -78.78 -91.52
C LEU MA 129 -19.60 -78.36 -91.62
N ASN MA 130 -20.48 -79.32 -91.44
CA ASN MA 130 -21.87 -78.97 -91.60
C ASN MA 130 -22.67 -79.38 -90.38
N PRO MA 131 -23.59 -78.57 -89.97
CA PRO MA 131 -24.52 -78.98 -88.91
C PRO MA 131 -25.48 -80.03 -89.41
N ALA MA 132 -26.51 -80.28 -88.62
CA ALA MA 132 -27.32 -81.50 -88.71
C ALA MA 132 -28.37 -81.44 -89.81
N TYR MA 133 -28.39 -80.38 -90.60
CA TYR MA 133 -29.42 -80.24 -91.61
C TYR MA 133 -28.89 -80.64 -92.98
N ALA NA 2 65.40 -82.48 -76.54
CA ALA NA 2 65.03 -83.06 -77.82
C ALA NA 2 63.72 -83.80 -77.72
N LYS NA 3 63.39 -84.56 -78.76
CA LYS NA 3 62.14 -85.27 -78.84
C LYS NA 3 62.04 -86.34 -77.77
N LEU NA 4 60.85 -86.47 -77.21
CA LEU NA 4 60.54 -87.62 -76.36
C LEU NA 4 60.80 -88.88 -77.16
N GLU NA 5 61.55 -89.79 -76.57
CA GLU NA 5 61.87 -91.05 -77.24
C GLU NA 5 61.86 -92.18 -76.23
N THR NA 6 62.06 -93.38 -76.73
CA THR NA 6 62.30 -94.52 -75.86
C THR NA 6 63.63 -94.24 -75.18
N VAL NA 7 63.64 -94.29 -73.86
CA VAL NA 7 64.87 -94.04 -73.13
C VAL NA 7 65.30 -95.33 -72.46
N THR NA 8 66.37 -95.92 -72.97
CA THR NA 8 66.94 -97.12 -72.38
C THR NA 8 67.91 -96.71 -71.29
N LEU NA 9 67.94 -97.47 -70.22
CA LEU NA 9 68.85 -97.21 -69.11
C LEU NA 9 69.53 -98.49 -68.71
N GLY NA 10 70.86 -98.49 -68.72
CA GLY NA 10 71.65 -99.58 -68.23
C GLY NA 10 72.21 -99.25 -66.86
N ASN NA 11 72.81 -100.26 -66.24
CA ASN NA 11 73.51 -100.08 -64.97
C ASN NA 11 72.58 -99.49 -63.91
N ILE NA 12 71.63 -100.31 -63.49
CA ILE NA 12 70.56 -99.87 -62.60
C ILE NA 12 70.55 -100.80 -61.39
N GLY NA 13 70.12 -100.27 -60.26
CA GLY NA 13 70.00 -101.06 -59.05
C GLY NA 13 71.35 -101.37 -58.45
N LYS NA 14 71.30 -101.90 -57.23
CA LYS NA 14 72.51 -102.27 -56.52
C LYS NA 14 73.39 -103.18 -57.36
N ASP NA 15 72.77 -104.05 -58.15
CA ASP NA 15 73.53 -104.89 -59.06
C ASP NA 15 74.20 -104.05 -60.14
N GLY NA 16 73.46 -103.16 -60.78
CA GLY NA 16 73.97 -102.51 -61.96
C GLY NA 16 73.80 -103.33 -63.21
N LYS NA 17 73.22 -104.53 -63.10
CA LYS NA 17 72.87 -105.29 -64.28
C LYS NA 17 71.42 -105.01 -64.68
N GLN NA 18 70.69 -104.29 -63.85
CA GLN NA 18 69.31 -103.94 -64.14
C GLN NA 18 69.27 -102.94 -65.29
N THR NA 19 68.28 -103.10 -66.15
CA THR NA 19 68.06 -102.21 -67.27
C THR NA 19 66.60 -101.79 -67.29
N LEU NA 20 66.34 -100.62 -67.87
CA LEU NA 20 64.98 -100.10 -67.92
C LEU NA 20 64.79 -99.29 -69.18
N VAL NA 21 63.63 -99.40 -69.79
CA VAL NA 21 63.25 -98.59 -70.92
C VAL NA 21 62.05 -97.75 -70.52
N LEU NA 22 61.92 -96.60 -71.15
CA LEU NA 22 60.85 -95.66 -70.83
C LEU NA 22 60.20 -95.19 -72.13
N ASN NA 23 58.96 -95.43 -72.26
CA ASN NA 23 58.35 -94.90 -73.47
C ASN NA 23 57.82 -93.51 -73.22
N PRO NA 24 57.83 -92.67 -74.25
CA PRO NA 24 57.19 -91.36 -74.14
C PRO NA 24 55.70 -91.52 -73.89
N ARG NA 25 55.22 -90.85 -72.85
CA ARG NA 25 53.82 -90.90 -72.49
C ARG NA 25 53.04 -89.71 -73.00
N GLY NA 26 53.66 -88.82 -73.75
CA GLY NA 26 53.03 -87.57 -74.10
C GLY NA 26 53.27 -86.52 -73.05
N VAL NA 27 52.62 -85.37 -73.22
CA VAL NA 27 52.81 -84.22 -72.35
C VAL NA 27 51.46 -83.69 -71.92
N ASN NA 28 51.26 -83.56 -70.63
CA ASN NA 28 50.07 -82.86 -70.18
C ASN NA 28 50.21 -81.38 -70.46
N PRO NA 29 49.41 -80.81 -71.36
CA PRO NA 29 49.56 -79.40 -71.69
C PRO NA 29 49.15 -78.47 -70.57
N THR NA 30 48.22 -78.89 -69.71
CA THR NA 30 47.75 -78.00 -68.65
C THR NA 30 48.90 -77.53 -67.79
N ASN NA 31 49.47 -78.43 -67.00
CA ASN NA 31 50.66 -78.11 -66.23
C ASN NA 31 51.89 -77.98 -67.13
N GLY NA 32 51.80 -78.38 -68.38
CA GLY NA 32 52.96 -78.34 -69.25
C GLY NA 32 54.05 -79.26 -68.79
N VAL NA 33 53.74 -80.53 -68.58
CA VAL NA 33 54.69 -81.49 -68.02
C VAL NA 33 54.69 -82.74 -68.89
N ALA NA 34 55.88 -83.15 -69.28
CA ALA NA 34 56.06 -84.39 -70.01
C ALA NA 34 55.95 -85.58 -69.08
N SER NA 35 55.73 -86.75 -69.67
CA SER NA 35 55.61 -87.97 -68.90
C SER NA 35 56.31 -89.10 -69.64
N LEU NA 36 56.97 -89.97 -68.88
CA LEU NA 36 57.64 -91.13 -69.43
C LEU NA 36 57.27 -92.34 -68.59
N SER NA 37 57.25 -93.51 -69.20
CA SER NA 37 56.91 -94.69 -68.42
C SER NA 37 57.58 -95.93 -69.00
N GLN NA 38 57.88 -96.85 -68.09
CA GLN NA 38 58.09 -98.23 -68.48
C GLN NA 38 56.84 -98.78 -69.12
N ALA NA 39 57.02 -99.70 -70.06
CA ALA NA 39 55.87 -100.41 -70.61
C ALA NA 39 55.69 -101.70 -69.80
N GLY NA 40 54.66 -101.68 -68.98
CA GLY NA 40 54.27 -102.84 -68.21
C GLY NA 40 52.94 -103.37 -68.68
N ALA NA 41 52.26 -104.06 -67.76
CA ALA NA 41 50.89 -104.46 -68.01
C ALA NA 41 49.92 -103.37 -67.58
N VAL NA 42 49.87 -103.10 -66.28
CA VAL NA 42 48.92 -102.14 -65.73
C VAL NA 42 49.60 -100.80 -65.57
N PRO NA 43 49.12 -99.75 -66.24
CA PRO NA 43 49.71 -98.42 -66.06
C PRO NA 43 49.85 -98.00 -64.62
N ALA NA 44 48.85 -98.25 -63.79
CA ALA NA 44 48.97 -98.01 -62.35
C ALA NA 44 50.20 -98.65 -61.77
N LEU NA 45 50.56 -99.85 -62.23
CA LEU NA 45 51.77 -100.51 -61.78
C LEU NA 45 53.01 -99.97 -62.46
N GLU NA 46 52.88 -99.44 -63.67
CA GLU NA 46 54.04 -99.09 -64.48
C GLU NA 46 54.78 -97.91 -63.87
N LYS NA 47 56.10 -97.96 -63.97
CA LYS NA 47 56.97 -96.92 -63.42
C LYS NA 47 56.69 -95.64 -64.18
N ARG NA 48 56.77 -94.51 -63.49
CA ARG NA 48 56.52 -93.23 -64.14
C ARG NA 48 57.70 -92.29 -63.94
N VAL NA 49 57.94 -91.46 -64.95
CA VAL NA 49 58.98 -90.45 -64.90
C VAL NA 49 58.40 -89.17 -65.46
N THR NA 50 58.56 -88.08 -64.71
CA THR NA 50 57.98 -86.80 -65.08
C THR NA 50 59.06 -85.74 -65.10
N VAL NA 51 59.10 -84.94 -66.16
CA VAL NA 51 60.00 -83.81 -66.24
C VAL NA 51 59.20 -82.60 -66.66
N SER NA 52 59.71 -81.43 -66.27
CA SER NA 52 59.04 -80.20 -66.61
C SER NA 52 60.05 -79.07 -66.63
N VAL NA 53 59.76 -78.07 -67.45
CA VAL NA 53 60.53 -76.84 -67.44
C VAL NA 53 59.61 -75.76 -66.93
N SER NA 54 60.10 -74.53 -66.88
CA SER NA 54 59.29 -73.40 -66.44
C SER NA 54 59.89 -72.14 -67.02
N GLN NA 55 59.12 -71.07 -66.97
CA GLN NA 55 59.65 -69.80 -67.43
C GLN NA 55 59.24 -68.72 -66.45
N PRO NA 56 60.10 -67.72 -66.23
CA PRO NA 56 59.81 -66.73 -65.20
C PRO NA 56 58.58 -65.91 -65.55
N SER NA 57 57.80 -65.60 -64.52
CA SER NA 57 56.58 -64.83 -64.69
C SER NA 57 56.64 -63.65 -63.73
N ARG NA 58 55.54 -62.90 -63.69
CA ARG NA 58 55.39 -61.88 -62.66
C ARG NA 58 55.42 -62.46 -61.26
N ASN NA 59 55.10 -63.75 -61.10
CA ASN NA 59 55.17 -64.41 -59.82
C ASN NA 59 56.57 -64.82 -59.42
N ARG NA 60 57.39 -65.24 -60.37
CA ARG NA 60 58.74 -65.68 -60.07
C ARG NA 60 59.65 -65.34 -61.25
N LYS NA 61 60.85 -64.88 -60.94
CA LYS NA 61 61.82 -64.46 -61.93
C LYS NA 61 62.80 -65.58 -62.24
N ASN NA 62 62.57 -66.74 -61.65
CA ASN NA 62 63.54 -67.82 -61.73
C ASN NA 62 62.99 -68.97 -62.53
N TYR NA 63 63.89 -69.71 -63.17
CA TYR NA 63 63.49 -70.93 -63.87
C TYR NA 63 63.39 -72.08 -62.87
N LYS NA 64 62.37 -72.91 -63.06
CA LYS NA 64 62.21 -74.14 -62.28
C LYS NA 64 62.26 -75.32 -63.23
N VAL NA 65 63.04 -76.32 -62.85
CA VAL NA 65 63.05 -77.59 -63.55
C VAL NA 65 62.72 -78.66 -62.53
N GLN NA 66 61.57 -79.31 -62.71
CA GLN NA 66 61.07 -80.27 -61.75
C GLN NA 66 61.09 -81.66 -62.38
N VAL NA 67 61.60 -82.62 -61.63
CA VAL NA 67 61.63 -84.00 -62.06
C VAL NA 67 61.15 -84.87 -60.92
N LYS NA 68 60.11 -85.65 -61.17
CA LYS NA 68 59.55 -86.55 -60.18
C LYS NA 68 59.54 -87.96 -60.72
N ILE NA 69 59.76 -88.93 -59.84
CA ILE NA 69 59.77 -90.34 -60.20
C ILE NA 69 58.84 -91.08 -59.28
N GLN NA 70 58.02 -91.94 -59.85
CA GLN NA 70 57.00 -92.67 -59.11
C GLN NA 70 57.16 -94.16 -59.43
N ASN NA 71 57.52 -94.94 -58.42
CA ASN NA 71 57.77 -96.37 -58.58
C ASN NA 71 56.97 -97.13 -57.55
N PRO NA 72 55.78 -97.60 -57.89
CA PRO NA 72 54.95 -98.31 -56.93
C PRO NA 72 55.54 -99.68 -56.64
N THR NA 73 54.89 -100.36 -55.71
CA THR NA 73 55.25 -101.72 -55.33
C THR NA 73 54.05 -102.63 -55.56
N ALA NA 74 54.18 -103.52 -56.53
CA ALA NA 74 53.11 -104.43 -56.88
C ALA NA 74 52.99 -105.51 -55.82
N CYS NA 75 51.76 -105.79 -55.40
CA CYS NA 75 51.46 -106.99 -54.62
C CYS NA 75 50.86 -107.97 -55.61
N THR NA 76 51.63 -109.00 -55.95
CA THR NA 76 51.18 -109.95 -56.97
C THR NA 76 49.98 -110.74 -56.49
N ALA NA 77 50.13 -111.43 -55.36
CA ALA NA 77 49.03 -112.18 -54.78
C ALA NA 77 48.50 -111.37 -53.61
N ASN NA 78 47.33 -110.78 -53.79
CA ASN NA 78 46.60 -110.14 -52.71
C ASN NA 78 45.56 -111.06 -52.11
N GLY NA 79 45.52 -112.32 -52.55
CA GLY NA 79 44.35 -113.13 -52.32
C GLY NA 79 43.25 -112.86 -53.31
N SER NA 80 43.51 -112.00 -54.29
CA SER NA 80 42.55 -111.62 -55.30
C SER NA 80 43.19 -111.84 -56.66
N CYS NA 81 42.36 -111.82 -57.71
CA CYS NA 81 42.83 -112.13 -59.05
C CYS NA 81 43.70 -111.04 -59.65
N ASP NA 82 43.71 -109.84 -59.07
CA ASP NA 82 44.46 -108.76 -59.68
C ASP NA 82 45.48 -108.20 -58.70
N PRO NA 83 46.66 -107.82 -59.18
CA PRO NA 83 47.65 -107.21 -58.30
C PRO NA 83 47.18 -105.84 -57.85
N SER NA 84 47.80 -105.35 -56.78
CA SER NA 84 47.39 -104.09 -56.19
C SER NA 84 48.61 -103.29 -55.74
N VAL NA 85 48.47 -101.97 -55.82
CA VAL NA 85 49.52 -101.07 -55.36
C VAL NA 85 49.68 -101.24 -53.86
N THR NA 86 50.91 -101.37 -53.40
CA THR NA 86 51.15 -101.47 -51.97
C THR NA 86 51.86 -100.23 -51.45
N ARG NA 87 53.14 -100.09 -51.78
CA ARG NA 87 53.92 -98.93 -51.39
C ARG NA 87 54.23 -98.12 -52.63
N GLN NA 88 54.30 -96.81 -52.45
CA GLN NA 88 54.55 -95.92 -53.58
C GLN NA 88 55.83 -95.14 -53.28
N ALA NA 89 56.89 -95.42 -54.04
CA ALA NA 89 58.16 -94.75 -53.86
C ALA NA 89 58.10 -93.39 -54.56
N TYR NA 90 58.43 -92.34 -53.83
CA TYR NA 90 58.44 -91.00 -54.41
C TYR NA 90 59.87 -90.47 -54.48
N ALA NA 91 60.29 -90.17 -55.70
CA ALA NA 91 61.60 -89.55 -55.92
C ALA NA 91 61.36 -88.23 -56.61
N ASP NA 92 61.74 -87.14 -55.95
CA ASP NA 92 61.49 -85.80 -56.44
C ASP NA 92 62.79 -85.01 -56.52
N VAL NA 93 62.97 -84.31 -57.63
CA VAL NA 93 64.15 -83.49 -57.88
C VAL NA 93 63.68 -82.18 -58.49
N THR NA 94 64.23 -81.08 -58.01
CA THR NA 94 63.90 -79.76 -58.54
C THR NA 94 65.18 -79.00 -58.85
N PHE NA 95 65.02 -77.92 -59.60
CA PHE NA 95 66.13 -77.05 -59.94
C PHE NA 95 65.66 -75.62 -59.99
N SER NA 96 66.51 -74.73 -59.53
CA SER NA 96 66.25 -73.30 -59.61
C SER NA 96 67.41 -72.63 -60.31
N PHE NA 97 67.11 -71.62 -61.12
CA PHE NA 97 68.13 -70.89 -61.82
C PHE NA 97 67.68 -69.45 -62.00
N THR NA 98 68.65 -68.59 -62.25
CA THR NA 98 68.40 -67.18 -62.46
C THR NA 98 68.49 -66.88 -63.94
N GLN NA 99 67.71 -65.91 -64.38
CA GLN NA 99 67.70 -65.53 -65.78
C GLN NA 99 69.08 -65.33 -66.34
N TYR NA 100 70.05 -64.93 -65.51
CA TYR NA 100 71.41 -64.77 -65.97
C TYR NA 100 72.24 -66.03 -65.79
N SER NA 101 71.65 -67.13 -65.34
CA SER NA 101 72.39 -68.36 -65.15
C SER NA 101 73.08 -68.76 -66.44
N THR NA 102 74.34 -69.18 -66.34
CA THR NA 102 75.05 -69.54 -67.56
C THR NA 102 74.91 -71.02 -67.82
N ASP NA 103 75.52 -71.45 -68.93
CA ASP NA 103 75.40 -72.85 -69.32
C ASP NA 103 76.22 -73.75 -68.40
N GLU NA 104 77.52 -73.49 -68.30
CA GLU NA 104 78.39 -74.42 -67.59
C GLU NA 104 77.99 -74.55 -66.14
N GLU NA 105 77.60 -73.44 -65.51
CA GLU NA 105 77.05 -73.51 -64.17
C GLU NA 105 75.99 -74.59 -64.07
N ARG NA 106 74.99 -74.51 -64.93
CA ARG NA 106 73.97 -75.55 -64.96
C ARG NA 106 74.60 -76.90 -65.22
N ALA NA 107 75.35 -77.03 -66.31
CA ALA NA 107 76.05 -78.27 -66.58
C ALA NA 107 76.83 -78.74 -65.36
N PHE NA 108 77.54 -77.83 -64.71
CA PHE NA 108 78.24 -78.19 -63.49
C PHE NA 108 77.31 -78.80 -62.47
N VAL NA 109 76.11 -78.25 -62.33
CA VAL NA 109 75.17 -78.82 -61.38
C VAL NA 109 74.77 -80.23 -61.78
N ARG NA 110 74.52 -80.43 -63.07
CA ARG NA 110 73.97 -81.71 -63.51
C ARG NA 110 74.89 -82.85 -63.12
N THR NA 111 76.15 -82.80 -63.54
CA THR NA 111 77.06 -83.90 -63.26
C THR NA 111 77.20 -84.15 -61.77
N GLU NA 112 77.60 -83.12 -61.01
CA GLU NA 112 77.90 -83.31 -59.60
C GLU NA 112 76.77 -84.00 -58.85
N LEU NA 113 75.53 -83.66 -59.15
CA LEU NA 113 74.42 -84.36 -58.50
C LEU NA 113 74.50 -85.84 -58.79
N ALA NA 114 74.74 -86.20 -60.05
CA ALA NA 114 74.91 -87.61 -60.37
C ALA NA 114 76.06 -88.23 -59.59
N ALA NA 115 77.23 -87.60 -59.61
CA ALA NA 115 78.36 -88.12 -58.87
C ALA NA 115 78.00 -88.41 -57.43
N LEU NA 116 77.33 -87.48 -56.77
CA LEU NA 116 76.85 -87.74 -55.43
C LEU NA 116 76.03 -89.01 -55.37
N LEU NA 117 75.10 -89.19 -56.30
CA LEU NA 117 74.28 -90.39 -56.29
C LEU NA 117 75.12 -91.64 -56.41
N ALA NA 118 76.29 -91.55 -57.04
CA ALA NA 118 77.22 -92.67 -57.04
C ALA NA 118 78.19 -92.61 -55.88
N SER NA 119 78.21 -91.54 -55.12
CA SER NA 119 79.14 -91.43 -54.02
C SER NA 119 78.80 -92.45 -52.94
N PRO NA 120 79.81 -93.00 -52.26
CA PRO NA 120 79.54 -93.91 -51.16
C PRO NA 120 78.80 -93.27 -50.02
N LEU NA 121 78.78 -91.94 -49.95
CA LEU NA 121 78.03 -91.28 -48.90
C LEU NA 121 76.55 -91.58 -49.00
N LEU NA 122 75.93 -91.20 -50.12
CA LEU NA 122 74.48 -91.28 -50.22
C LEU NA 122 73.95 -92.69 -50.16
N ILE NA 123 74.72 -93.67 -50.63
CA ILE NA 123 74.19 -95.02 -50.71
C ILE NA 123 73.72 -95.50 -49.35
N ASP NA 124 74.54 -95.34 -48.31
CA ASP NA 124 74.08 -95.63 -46.96
C ASP NA 124 72.93 -94.75 -46.54
N ALA NA 125 73.01 -93.46 -46.85
CA ALA NA 125 71.91 -92.55 -46.64
C ALA NA 125 70.65 -93.02 -47.34
N ILE NA 126 70.72 -93.38 -48.61
CA ILE NA 126 69.58 -93.86 -49.36
C ILE NA 126 69.24 -95.30 -49.00
N ASP NA 127 70.13 -96.23 -49.34
CA ASP NA 127 69.80 -97.63 -49.22
C ASP NA 127 69.53 -98.03 -47.78
N GLN NA 128 70.46 -97.76 -46.89
CA GLN NA 128 70.35 -98.18 -45.51
C GLN NA 128 69.74 -97.12 -44.61
N LEU NA 129 69.31 -95.99 -45.15
CA LEU NA 129 68.67 -94.93 -44.38
C LEU NA 129 69.55 -94.51 -43.21
N ASN NA 130 70.70 -93.97 -43.53
CA ASN NA 130 71.59 -93.64 -42.45
C ASN NA 130 72.02 -92.19 -42.53
N PRO NA 131 72.11 -91.52 -41.41
CA PRO NA 131 72.67 -90.18 -41.40
C PRO NA 131 74.17 -90.22 -41.65
N ALA NA 132 74.83 -89.09 -41.40
CA ALA NA 132 76.15 -88.80 -41.94
C ALA NA 132 77.27 -89.45 -41.13
N TYR NA 133 76.94 -90.24 -40.12
CA TYR NA 133 77.97 -90.82 -39.28
C TYR NA 133 78.25 -92.25 -39.69
N ALA OA 2 48.55 -91.85 -80.99
CA ALA OA 2 49.61 -91.43 -81.92
C ALA OA 2 49.39 -90.00 -82.34
N LYS OA 3 50.15 -89.56 -83.34
CA LYS OA 3 50.12 -88.20 -83.82
C LYS OA 3 48.77 -87.88 -84.43
N LEU OA 4 48.31 -86.66 -84.16
CA LEU OA 4 47.18 -86.10 -84.89
C LEU OA 4 47.48 -86.16 -86.37
N GLU OA 5 46.56 -86.70 -87.15
CA GLU OA 5 46.75 -86.80 -88.58
C GLU OA 5 45.43 -86.54 -89.29
N THR OA 6 45.49 -86.52 -90.60
CA THR OA 6 44.27 -86.52 -91.40
C THR OA 6 43.60 -87.86 -91.14
N VAL OA 7 42.34 -87.80 -90.74
CA VAL OA 7 41.62 -89.04 -90.46
C VAL OA 7 40.53 -89.19 -91.51
N THR OA 8 40.70 -90.15 -92.40
CA THR OA 8 39.72 -90.47 -93.42
C THR OA 8 38.74 -91.46 -92.82
N LEU OA 9 37.46 -91.31 -93.16
CA LEU OA 9 36.43 -92.20 -92.70
C LEU OA 9 35.55 -92.62 -93.86
N GLY OA 10 35.46 -93.93 -94.08
CA GLY OA 10 34.55 -94.48 -95.07
C GLY OA 10 33.33 -95.05 -94.39
N ASN OA 11 32.35 -95.42 -95.21
CA ASN OA 11 31.15 -96.10 -94.73
C ASN OA 11 30.45 -95.27 -93.68
N ILE OA 12 29.87 -94.17 -94.13
CA ILE OA 12 29.27 -93.18 -93.25
C ILE OA 12 27.84 -92.95 -93.69
N GLY OA 13 26.98 -92.59 -92.75
CA GLY OA 13 25.60 -92.28 -93.05
C GLY OA 13 24.81 -93.53 -93.36
N LYS OA 14 23.49 -93.33 -93.44
CA LYS OA 14 22.58 -94.43 -93.74
C LYS OA 14 23.01 -95.15 -95.01
N ASP OA 15 23.51 -94.40 -95.98
CA ASP OA 15 24.03 -95.03 -97.20
C ASP OA 15 25.24 -95.88 -96.89
N GLY OA 16 26.22 -95.33 -96.16
CA GLY OA 16 27.49 -95.99 -96.04
C GLY OA 16 28.42 -95.71 -97.20
N LYS OA 17 27.96 -94.93 -98.17
CA LYS OA 17 28.86 -94.46 -99.22
C LYS OA 17 29.46 -93.12 -98.86
N GLN OA 18 28.98 -92.50 -97.78
CA GLN OA 18 29.51 -91.23 -97.32
C GLN OA 18 30.92 -91.42 -96.79
N THR OA 19 31.76 -90.44 -97.07
CA THR OA 19 33.14 -90.42 -96.57
C THR OA 19 33.43 -89.07 -95.95
N LEU OA 20 34.39 -89.06 -95.03
CA LEU OA 20 34.73 -87.83 -94.33
C LEU OA 20 36.20 -87.85 -93.97
N VAL OA 21 36.84 -86.69 -94.10
CA VAL OA 21 38.20 -86.52 -93.66
C VAL OA 21 38.22 -85.48 -92.56
N LEU OA 22 39.20 -85.60 -91.66
CA LEU OA 22 39.31 -84.71 -90.51
C LEU OA 22 40.74 -84.21 -90.41
N ASN OA 23 40.91 -82.94 -90.47
CA ASN OA 23 42.27 -82.49 -90.29
C ASN OA 23 42.56 -82.22 -88.83
N PRO OA 24 43.79 -82.43 -88.40
CA PRO OA 24 44.16 -82.04 -87.04
C PRO OA 24 44.03 -80.54 -86.87
N ARG OA 25 43.32 -80.17 -85.80
CA ARG OA 25 43.09 -78.77 -85.50
C ARG OA 25 44.04 -78.24 -84.44
N GLY OA 26 44.97 -79.05 -83.97
CA GLY OA 26 45.77 -78.67 -82.83
C GLY OA 26 45.10 -79.07 -81.54
N VAL OA 27 45.70 -78.66 -80.43
CA VAL OA 27 45.24 -79.03 -79.10
C VAL OA 27 45.14 -77.79 -78.24
N ASN OA 28 43.99 -77.58 -77.64
CA ASN OA 28 43.91 -76.53 -76.65
C ASN OA 28 44.64 -76.96 -75.40
N PRO OA 29 45.75 -76.30 -75.04
CA PRO OA 29 46.50 -76.73 -73.87
C PRO OA 29 45.79 -76.46 -72.56
N THR OA 30 44.94 -75.44 -72.50
CA THR OA 30 44.27 -75.11 -71.25
C THR OA 30 43.50 -76.30 -70.71
N ASN OA 31 42.41 -76.67 -71.36
CA ASN OA 31 41.69 -77.87 -71.01
C ASN OA 31 42.45 -79.13 -71.40
N GLY OA 32 43.51 -79.01 -72.17
CA GLY OA 32 44.23 -80.18 -72.63
C GLY OA 32 43.38 -81.07 -73.51
N VAL OA 33 42.81 -80.51 -74.57
CA VAL OA 33 41.88 -81.24 -75.41
C VAL OA 33 42.28 -81.04 -76.86
N ALA OA 34 42.42 -82.15 -77.59
CA ALA OA 34 42.68 -82.11 -79.01
C ALA OA 34 41.41 -81.75 -79.77
N SER OA 35 41.61 -81.32 -81.02
CA SER OA 35 40.49 -80.96 -81.87
C SER OA 35 40.76 -81.44 -83.29
N LEU OA 36 39.70 -81.92 -83.94
CA LEU OA 36 39.78 -82.36 -85.32
C LEU OA 36 38.62 -81.75 -86.08
N SER OA 37 38.82 -81.53 -87.38
CA SER OA 37 37.74 -80.94 -88.15
C SER OA 37 37.81 -81.38 -89.59
N GLN OA 38 36.63 -81.47 -90.20
CA GLN OA 38 36.52 -81.45 -91.64
C GLN OA 38 37.06 -80.13 -92.16
N ALA OA 39 37.62 -80.17 -93.37
CA ALA OA 39 38.03 -78.92 -94.02
C ALA OA 39 36.86 -78.48 -94.90
N GLY OA 40 36.19 -77.44 -94.43
CA GLY OA 40 35.12 -76.81 -95.19
C GLY OA 40 35.51 -75.42 -95.62
N ALA OA 41 34.49 -74.60 -95.82
CA ALA OA 41 34.74 -73.17 -96.05
C ALA OA 41 34.77 -72.41 -94.73
N VAL OA 42 33.64 -72.37 -94.04
CA VAL OA 42 33.53 -71.60 -92.81
C VAL OA 42 33.75 -72.52 -91.62
N PRO OA 43 34.77 -72.28 -90.80
CA PRO OA 43 34.98 -73.11 -89.60
C PRO OA 43 33.75 -73.27 -88.75
N ALA OA 44 32.98 -72.21 -88.53
CA ALA OA 44 31.70 -72.33 -87.84
C ALA OA 44 30.82 -73.40 -88.45
N LEU OA 45 30.84 -73.54 -89.77
CA LEU OA 45 30.08 -74.58 -90.43
C LEU OA 45 30.78 -75.93 -90.36
N GLU OA 46 32.10 -75.94 -90.26
CA GLU OA 46 32.86 -77.17 -90.41
C GLU OA 46 32.61 -78.10 -89.24
N LYS OA 47 32.56 -79.39 -89.53
CA LYS OA 47 32.30 -80.42 -88.52
C LYS OA 47 33.47 -80.41 -87.55
N ARG OA 48 33.18 -80.68 -86.29
CA ARG OA 48 34.23 -80.70 -85.28
C ARG OA 48 34.23 -82.02 -84.54
N VAL OA 49 35.43 -82.45 -84.15
CA VAL OA 49 35.61 -83.67 -83.37
C VAL OA 49 36.61 -83.36 -82.28
N THR OA 50 36.25 -83.69 -81.04
CA THR OA 50 37.07 -83.37 -79.88
C THR OA 50 37.32 -84.63 -79.08
N VAL OA 51 38.58 -84.85 -78.71
CA VAL OA 51 38.94 -85.96 -77.86
C VAL OA 51 39.81 -85.42 -76.73
N SER OA 52 39.78 -86.12 -75.61
CA SER OA 52 40.56 -85.71 -74.46
C SER OA 52 40.86 -86.92 -73.60
N VAL OA 53 41.98 -86.85 -72.90
CA VAL OA 53 42.30 -87.84 -71.88
C VAL OA 53 42.26 -87.13 -70.55
N SER OA 54 42.56 -87.83 -69.48
CA SER OA 54 42.60 -87.23 -68.16
C SER OA 54 43.50 -88.09 -67.29
N GLN OA 55 43.87 -87.53 -66.15
CA GLN OA 55 44.67 -88.30 -65.21
C GLN OA 55 44.15 -88.07 -63.81
N PRO OA 56 44.18 -89.10 -62.96
CA PRO OA 56 43.57 -88.97 -61.64
C PRO OA 56 44.28 -87.93 -60.80
N SER OA 57 43.49 -87.19 -60.04
CA SER OA 57 44.02 -86.14 -59.18
C SER OA 57 43.50 -86.38 -57.77
N ARG OA 58 43.79 -85.45 -56.88
CA ARG OA 58 43.17 -85.46 -55.56
C ARG OA 58 41.67 -85.32 -55.62
N ASN OA 59 41.13 -84.77 -56.71
CA ASN OA 59 39.70 -84.66 -56.91
C ASN OA 59 39.06 -85.96 -57.38
N ARG OA 60 39.74 -86.71 -58.24
CA ARG OA 60 39.19 -87.95 -58.76
C ARG OA 60 40.31 -88.93 -58.98
N LYS OA 61 40.06 -90.19 -58.66
CA LYS OA 61 41.04 -91.26 -58.78
C LYS OA 61 40.88 -92.01 -60.08
N ASN OA 62 39.96 -91.57 -60.92
CA ASN OA 62 39.59 -92.32 -62.10
C ASN OA 62 40.02 -91.58 -63.36
N TYR OA 63 40.30 -92.34 -64.41
CA TYR OA 63 40.58 -91.74 -65.69
C TYR OA 63 39.30 -91.39 -66.42
N LYS OA 64 39.29 -90.24 -67.07
CA LYS OA 64 38.18 -89.82 -67.91
C LYS OA 64 38.67 -89.68 -69.34
N VAL OA 65 37.91 -90.24 -70.27
CA VAL OA 65 38.16 -90.05 -71.69
C VAL OA 65 36.88 -89.48 -72.28
N GLN OA 66 36.94 -88.24 -72.74
CA GLN OA 66 35.78 -87.52 -73.23
C GLN OA 66 35.92 -87.30 -74.72
N VAL OA 67 34.84 -87.60 -75.45
CA VAL OA 67 34.80 -87.39 -76.89
C VAL OA 67 33.50 -86.71 -77.22
N LYS OA 68 33.57 -85.56 -77.86
CA LYS OA 68 32.39 -84.80 -78.25
C LYS OA 68 32.44 -84.54 -79.75
N ILE OA 69 31.28 -84.55 -80.38
CA ILE OA 69 31.16 -84.31 -81.81
C ILE OA 69 30.13 -83.21 -82.03
N GLN OA 70 30.46 -82.26 -82.89
CA GLN OA 70 29.62 -81.11 -83.14
C GLN OA 70 29.43 -80.99 -84.64
N ASN OA 71 28.18 -81.16 -85.10
CA ASN OA 71 27.84 -81.15 -86.52
C ASN OA 71 26.70 -80.18 -86.74
N PRO OA 72 27.00 -78.94 -87.08
CA PRO OA 72 25.94 -77.95 -87.29
C PRO OA 72 25.15 -78.26 -88.55
N THR OA 73 24.12 -77.47 -88.77
CA THR OA 73 23.28 -77.55 -89.94
C THR OA 73 23.32 -76.21 -90.67
N ALA OA 74 23.92 -76.20 -91.84
CA ALA OA 74 24.05 -74.99 -92.63
C ALA OA 74 22.72 -74.64 -93.25
N CYS OA 75 22.36 -73.36 -93.16
CA CYS OA 75 21.25 -72.82 -93.96
C CYS OA 75 21.92 -72.06 -95.11
N THR OA 76 21.83 -72.64 -96.30
CA THR OA 76 22.53 -72.06 -97.45
C THR OA 76 21.93 -70.72 -97.82
N ALA OA 77 20.63 -70.70 -98.10
CA ALA OA 77 19.94 -69.45 -98.41
C ALA OA 77 19.15 -69.05 -97.18
N ASN OA 78 19.63 -68.02 -96.49
CA ASN OA 78 18.89 -67.39 -95.42
C ASN OA 78 18.13 -66.17 -95.89
N GLY OA 79 18.13 -65.90 -97.20
CA GLY OA 79 17.75 -64.60 -97.69
C GLY OA 79 18.88 -63.60 -97.59
N SER OA 80 20.06 -64.05 -97.16
CA SER OA 80 21.23 -63.22 -96.99
C SER OA 80 22.38 -63.85 -97.76
N CYS OA 81 23.44 -63.07 -97.96
CA CYS OA 81 24.56 -63.52 -98.77
C CYS OA 81 25.40 -64.60 -98.11
N ASP OA 82 25.24 -64.82 -96.81
CA ASP OA 82 26.10 -65.78 -96.14
C ASP OA 82 25.26 -66.85 -95.47
N PRO OA 83 25.72 -68.10 -95.47
CA PRO OA 83 25.00 -69.15 -94.77
C PRO OA 83 25.07 -68.94 -93.27
N SER OA 84 24.17 -69.61 -92.56
CA SER OA 84 24.06 -69.43 -91.12
C SER OA 84 23.79 -70.75 -90.43
N VAL OA 85 24.29 -70.87 -89.22
CA VAL OA 85 24.07 -72.05 -88.40
C VAL OA 85 22.59 -72.13 -88.07
N THR OA 86 22.00 -73.29 -88.25
CA THR OA 86 20.60 -73.46 -87.90
C THR OA 86 20.44 -74.38 -86.70
N ARG OA 87 20.67 -75.67 -86.89
CA ARG OA 87 20.62 -76.65 -85.82
C ARG OA 87 22.03 -77.14 -85.53
N GLN OA 88 22.28 -77.45 -84.27
CA GLN OA 88 23.61 -77.91 -83.87
C GLN OA 88 23.45 -79.29 -83.26
N ALA OA 89 23.97 -80.30 -83.95
CA ALA OA 89 23.91 -81.68 -83.48
C ALA OA 89 25.01 -81.90 -82.46
N TYR OA 90 24.65 -82.39 -81.29
CA TYR OA 90 25.62 -82.68 -80.25
C TYR OA 90 25.72 -84.17 -80.01
N ALA OA 91 26.93 -84.70 -80.22
CA ALA OA 91 27.21 -86.10 -79.94
C ALA OA 91 28.32 -86.14 -78.91
N ASP OA 92 28.01 -86.69 -77.74
CA ASP OA 92 28.95 -86.72 -76.62
C ASP OA 92 29.15 -88.14 -76.14
N VAL OA 93 30.40 -88.50 -75.89
CA VAL OA 93 30.79 -89.82 -75.41
C VAL OA 93 31.85 -89.63 -74.34
N THR OA 94 31.70 -90.35 -73.24
CA THR OA 94 32.65 -90.30 -72.14
C THR OA 94 33.07 -91.71 -71.76
N PHE OA 95 34.15 -91.78 -70.99
CA PHE OA 95 34.64 -93.05 -70.48
C PHE OA 95 35.21 -92.85 -69.09
N SER OA 96 34.99 -93.84 -68.25
CA SER OA 96 35.55 -93.85 -66.91
C SER OA 96 36.32 -95.14 -66.72
N PHE OA 97 37.43 -95.06 -66.01
CA PHE OA 97 38.23 -96.23 -65.74
C PHE OA 97 38.92 -96.07 -64.40
N THR OA 98 39.35 -97.18 -63.84
CA THR OA 98 40.02 -97.22 -62.57
C THR OA 98 41.51 -97.42 -62.81
N GLN OA 99 42.31 -96.85 -61.92
CA GLN OA 99 43.76 -96.95 -62.05
C GLN OA 99 44.21 -98.37 -62.28
N TYR OA 100 43.47 -99.36 -61.79
CA TYR OA 100 43.82 -100.75 -62.02
C TYR OA 100 43.16 -101.32 -63.27
N SER OA 101 42.45 -100.51 -64.03
CA SER OA 101 41.79 -101.01 -65.24
C SER OA 101 42.81 -101.65 -66.16
N THR OA 102 42.47 -102.80 -66.72
CA THR OA 102 43.42 -103.47 -67.58
C THR OA 102 43.20 -103.07 -69.03
N ASP OA 103 44.04 -103.60 -69.90
CA ASP OA 103 43.96 -103.25 -71.31
C ASP OA 103 42.73 -103.85 -71.96
N GLU OA 104 42.59 -105.17 -71.91
CA GLU OA 104 41.54 -105.83 -72.66
C GLU OA 104 40.17 -105.36 -72.23
N GLU OA 105 39.98 -105.16 -70.92
CA GLU OA 105 38.73 -104.57 -70.45
C GLU OA 105 38.40 -103.32 -71.24
N ARG OA 106 39.33 -102.38 -71.29
CA ARG OA 106 39.12 -101.18 -72.09
C ARG OA 106 38.85 -101.55 -73.54
N ALA OA 107 39.77 -102.31 -74.14
CA ALA OA 107 39.55 -102.77 -75.51
C ALA OA 107 38.18 -103.41 -75.67
N PHE OA 108 37.80 -104.26 -74.72
CA PHE OA 108 36.47 -104.84 -74.75
C PHE OA 108 35.39 -103.77 -74.82
N VAL OA 109 35.55 -102.69 -74.06
CA VAL OA 109 34.57 -101.63 -74.10
C VAL OA 109 34.53 -100.98 -75.48
N ARG OA 110 35.70 -100.74 -76.06
CA ARG OA 110 35.73 -99.98 -77.30
C ARG OA 110 34.90 -100.65 -78.38
N THR OA 111 35.20 -101.91 -78.69
CA THR OA 111 34.50 -102.59 -79.77
C THR OA 111 33.00 -102.63 -79.51
N GLU OA 112 32.58 -103.18 -78.37
CA GLU OA 112 31.17 -103.40 -78.11
C GLU OA 112 30.35 -102.14 -78.32
N LEU OA 113 30.85 -100.99 -77.89
CA LEU OA 113 30.12 -99.75 -78.14
C LEU OA 113 29.90 -99.57 -79.62
N ALA OA 114 30.93 -99.77 -80.43
CA ALA OA 114 30.77 -99.69 -81.87
C ALA OA 114 29.72 -100.66 -82.36
N ALA OA 115 29.84 -101.93 -81.98
CA ALA OA 115 28.87 -102.93 -82.41
C ALA OA 115 27.44 -102.48 -82.13
N LEU OA 116 27.19 -101.96 -80.93
CA LEU OA 116 25.88 -101.39 -80.64
C LEU OA 116 25.50 -100.35 -81.65
N LEU OA 117 26.41 -99.44 -81.98
CA LEU OA 117 26.09 -98.41 -82.95
C LEU OA 117 25.70 -98.99 -84.29
N ALA OA 118 26.22 -100.17 -84.62
CA ALA OA 118 25.78 -100.88 -85.81
C ALA OA 118 24.60 -101.80 -85.54
N SER OA 119 24.25 -102.00 -84.28
CA SER OA 119 23.15 -102.90 -83.96
C SER OA 119 21.84 -102.34 -84.48
N PRO OA 120 20.93 -103.20 -84.93
CA PRO OA 120 19.61 -102.73 -85.36
C PRO OA 120 18.82 -102.08 -84.25
N LEU OA 121 19.20 -102.31 -83.00
CA LEU OA 121 18.49 -101.67 -81.90
C LEU OA 121 18.63 -100.15 -81.97
N LEU OA 122 19.86 -99.67 -81.89
CA LEU OA 122 20.07 -98.24 -81.75
C LEU OA 122 19.60 -97.44 -82.95
N ILE OA 123 19.65 -98.02 -84.15
CA ILE OA 123 19.33 -97.25 -85.33
C ILE OA 123 17.93 -96.66 -85.25
N ASP OA 124 16.94 -97.45 -84.88
CA ASP OA 124 15.62 -96.90 -84.62
C ASP OA 124 15.62 -95.92 -83.46
N ALA OA 125 16.33 -96.26 -82.39
CA ALA OA 125 16.53 -95.34 -81.30
C ALA OA 125 17.15 -94.04 -81.75
N ILE OA 126 18.23 -94.10 -82.52
CA ILE OA 126 18.88 -92.90 -83.03
C ILE OA 126 18.11 -92.29 -84.19
N ASP OA 127 18.04 -93.00 -85.32
CA ASP OA 127 17.49 -92.40 -86.52
C ASP OA 127 16.04 -92.01 -86.35
N GLN OA 128 15.20 -92.96 -85.96
CA GLN OA 128 13.78 -92.71 -85.85
C GLN OA 128 13.33 -92.28 -84.47
N LEU OA 129 14.26 -92.10 -83.54
CA LEU OA 129 13.94 -91.63 -82.19
C LEU OA 129 12.89 -92.54 -81.55
N ASN OA 130 13.26 -93.79 -81.34
CA ASN OA 130 12.26 -94.68 -80.82
C ASN OA 130 12.78 -95.38 -79.58
N PRO OA 131 11.93 -95.56 -78.60
CA PRO OA 131 12.31 -96.37 -77.45
C PRO OA 131 12.37 -97.84 -77.81
N ALA OA 132 12.45 -98.69 -76.81
CA ALA OA 132 12.92 -100.06 -76.93
C ALA OA 132 11.85 -101.01 -77.44
N TYR OA 133 10.68 -100.50 -77.79
CA TYR OA 133 9.60 -101.37 -78.21
C TYR OA 133 9.48 -101.40 -79.73
N ALA PA 2 51.26 -77.80 -86.56
CA ALA PA 2 51.84 -79.09 -86.22
C ALA PA 2 52.64 -78.98 -84.93
N LYS PA 3 53.39 -80.03 -84.63
CA LYS PA 3 54.16 -80.12 -83.39
C LYS PA 3 55.24 -79.05 -83.36
N LEU PA 4 55.43 -78.48 -82.18
CA LEU PA 4 56.60 -77.65 -81.93
C LEU PA 4 57.84 -78.47 -82.23
N GLU PA 5 58.73 -77.90 -83.02
CA GLU PA 5 59.96 -78.59 -83.38
C GLU PA 5 61.10 -77.60 -83.43
N THR PA 6 62.29 -78.12 -83.67
CA THR PA 6 63.43 -77.28 -83.97
C THR PA 6 63.12 -76.61 -85.30
N VAL PA 7 63.18 -75.29 -85.32
CA VAL PA 7 62.89 -74.57 -86.55
C VAL PA 7 64.18 -73.93 -87.05
N THR PA 8 64.71 -74.46 -88.14
CA THR PA 8 65.90 -73.90 -88.77
C THR PA 8 65.46 -72.82 -89.73
N LEU PA 9 66.24 -71.75 -89.80
CA LEU PA 9 65.95 -70.66 -90.71
C LEU PA 9 67.23 -70.28 -91.45
N GLY PA 10 67.15 -70.32 -92.78
CA GLY PA 10 68.24 -69.85 -93.62
C GLY PA 10 67.89 -68.49 -94.19
N ASN PA 11 68.89 -67.88 -94.84
CA ASN PA 11 68.70 -66.62 -95.54
C ASN PA 11 68.17 -65.54 -94.61
N ILE PA 12 69.03 -65.12 -93.70
CA ILE PA 12 68.65 -64.21 -92.63
C ILE PA 12 69.59 -63.03 -92.67
N GLY PA 13 69.11 -61.87 -92.23
CA GLY PA 13 69.92 -60.67 -92.17
C GLY PA 13 70.19 -60.10 -93.53
N LYS PA 14 70.73 -58.88 -93.51
CA LYS PA 14 71.07 -58.20 -94.75
C LYS PA 14 71.92 -59.07 -95.66
N ASP PA 15 72.82 -59.86 -95.06
CA ASP PA 15 73.60 -60.80 -95.84
C ASP PA 15 72.72 -61.87 -96.46
N GLY PA 16 71.85 -62.49 -95.67
CA GLY PA 16 71.16 -63.66 -96.14
C GLY PA 16 71.96 -64.93 -95.99
N LYS PA 17 73.19 -64.82 -95.47
CA LYS PA 17 73.95 -66.01 -95.11
C LYS PA 17 73.73 -66.38 -93.66
N GLN PA 18 73.05 -65.53 -92.91
CA GLN PA 18 72.74 -65.80 -91.51
C GLN PA 18 71.73 -66.94 -91.42
N THR PA 19 71.92 -67.78 -90.42
CA THR PA 19 71.02 -68.88 -90.14
C THR PA 19 70.66 -68.88 -88.68
N LEU PA 20 69.49 -69.44 -88.36
CA LEU PA 20 69.02 -69.46 -86.99
C LEU PA 20 68.20 -70.71 -86.76
N VAL PA 21 68.37 -71.30 -85.58
CA VAL PA 21 67.54 -72.41 -85.16
C VAL PA 21 66.77 -71.99 -83.93
N LEU PA 22 65.59 -72.59 -83.75
CA LEU PA 22 64.71 -72.25 -82.64
C LEU PA 22 64.24 -73.53 -81.96
N ASN PA 23 64.53 -73.65 -80.72
CA ASN PA 23 64.02 -74.84 -80.07
C ASN PA 23 62.64 -74.57 -79.49
N PRO PA 24 61.79 -75.58 -79.46
CA PRO PA 24 60.51 -75.43 -78.77
C PRO PA 24 60.74 -75.18 -77.29
N ARG PA 25 60.10 -74.12 -76.80
CA ARG PA 25 60.22 -73.73 -75.40
C ARG PA 25 59.05 -74.22 -74.57
N GLY PA 26 58.12 -74.96 -75.14
CA GLY PA 26 56.89 -75.29 -74.46
C GLY PA 26 55.84 -74.22 -74.67
N VAL PA 27 54.73 -74.37 -73.97
CA VAL PA 27 53.59 -73.48 -74.13
C VAL PA 27 53.12 -73.03 -72.75
N ASN PA 28 53.01 -71.73 -72.57
CA ASN PA 28 52.37 -71.26 -71.37
C ASN PA 28 50.88 -71.51 -71.44
N PRO PA 29 50.33 -72.39 -70.60
CA PRO PA 29 48.90 -72.70 -70.69
C PRO PA 29 48.01 -71.55 -70.26
N THR PA 30 48.48 -70.70 -69.35
CA THR PA 30 47.64 -69.62 -68.87
C THR PA 30 47.14 -68.75 -70.01
N ASN PA 31 48.02 -67.99 -70.62
CA ASN PA 31 47.66 -67.23 -71.81
C ASN PA 31 47.47 -68.14 -73.02
N GLY PA 32 47.85 -69.40 -72.93
CA GLY PA 32 47.75 -70.29 -74.07
C GLY PA 32 48.64 -69.85 -75.21
N VAL PA 33 49.93 -69.66 -74.95
CA VAL PA 33 50.85 -69.13 -75.94
C VAL PA 33 52.08 -70.01 -76.00
N ALA PA 34 52.44 -70.44 -77.20
CA ALA PA 34 53.66 -71.19 -77.42
C ALA PA 34 54.87 -70.26 -77.37
N SER PA 35 56.04 -70.87 -77.17
CA SER PA 35 57.27 -70.12 -77.12
C SER PA 35 58.36 -70.89 -77.85
N LEU PA 36 59.21 -70.16 -78.56
CA LEU PA 36 60.34 -70.74 -79.26
C LEU PA 36 61.57 -69.91 -78.96
N SER PA 37 62.73 -70.54 -78.98
CA SER PA 37 63.94 -69.77 -78.70
C SER PA 37 65.13 -70.37 -79.40
N GLN PA 38 66.06 -69.50 -79.75
CA GLN PA 38 67.42 -69.89 -80.02
C GLN PA 38 68.02 -70.54 -78.78
N ALA PA 39 68.92 -71.49 -78.99
CA ALA PA 39 69.66 -72.04 -77.86
C ALA PA 39 70.97 -71.26 -77.74
N GLY PA 40 71.00 -70.41 -76.72
CA GLY PA 40 72.19 -69.66 -76.38
C GLY PA 40 72.78 -70.12 -75.07
N ALA PA 41 73.50 -69.20 -74.44
CA ALA PA 41 73.95 -69.44 -73.07
C ALA PA 41 72.91 -68.98 -72.07
N VAL PA 42 72.66 -67.68 -72.02
CA VAL PA 42 71.75 -67.11 -71.04
C VAL PA 42 70.38 -66.92 -71.68
N PRO PA 43 69.34 -67.57 -71.15
CA PRO PA 43 67.99 -67.38 -71.69
C PRO PA 43 67.58 -65.93 -71.82
N ALA PA 44 67.90 -65.09 -70.85
CA ALA PA 44 67.67 -63.66 -70.98
C ALA PA 44 68.28 -63.10 -72.25
N LEU PA 45 69.45 -63.59 -72.65
CA LEU PA 45 70.06 -63.16 -73.89
C LEU PA 45 69.45 -63.85 -75.10
N GLU PA 46 68.92 -65.05 -74.92
CA GLU PA 46 68.51 -65.86 -76.06
C GLU PA 46 67.31 -65.25 -76.76
N LYS PA 47 67.30 -65.37 -78.08
CA LYS PA 47 66.24 -64.81 -78.91
C LYS PA 47 64.97 -65.55 -78.57
N ARG PA 48 63.85 -64.84 -78.61
CA ARG PA 48 62.56 -65.46 -78.31
C ARG PA 48 61.59 -65.27 -79.44
N VAL PA 49 60.73 -66.27 -79.64
CA VAL PA 49 59.68 -66.20 -80.65
C VAL PA 49 58.41 -66.74 -80.01
N THR PA 50 57.33 -65.98 -80.12
CA THR PA 50 56.07 -66.32 -79.49
C THR PA 50 54.96 -66.32 -80.52
N VAL PA 51 54.15 -67.38 -80.51
CA VAL PA 51 52.99 -67.45 -81.37
C VAL PA 51 51.79 -67.84 -80.52
N SER PA 52 50.62 -67.44 -80.99
CA SER PA 52 49.40 -67.75 -80.25
C SER PA 52 48.23 -67.77 -81.23
N VAL PA 53 47.23 -68.57 -80.90
CA VAL PA 53 45.97 -68.55 -81.61
C VAL PA 53 44.93 -68.01 -80.65
N SER PA 54 43.69 -67.95 -81.08
CA SER PA 54 42.61 -67.48 -80.24
C SER PA 54 41.31 -68.04 -80.79
N GLN PA 55 40.27 -67.98 -79.97
CA GLN PA 55 38.98 -68.41 -80.44
C GLN PA 55 37.92 -67.41 -80.00
N PRO PA 56 36.91 -67.18 -80.82
CA PRO PA 56 35.93 -66.15 -80.52
C PRO PA 56 35.16 -66.46 -79.25
N SER PA 57 34.90 -65.42 -78.46
CA SER PA 57 34.18 -65.56 -77.22
C SER PA 57 33.02 -64.58 -77.23
N ARG PA 58 32.31 -64.50 -76.11
CA ARG PA 58 31.31 -63.46 -75.93
C ARG PA 58 31.92 -62.06 -76.00
N ASN PA 59 33.21 -61.94 -75.74
CA ASN PA 59 33.90 -60.66 -75.85
C ASN PA 59 34.25 -60.29 -77.28
N ARG PA 60 34.63 -61.26 -78.11
CA ARG PA 60 35.01 -60.98 -79.48
C ARG PA 60 34.61 -62.16 -80.34
N LYS PA 61 34.11 -61.85 -81.53
CA LYS PA 61 33.64 -62.86 -82.47
C LYS PA 61 34.71 -63.20 -83.49
N ASN PA 62 35.89 -62.62 -83.32
CA ASN PA 62 36.93 -62.73 -84.34
C ASN PA 62 38.10 -63.54 -83.82
N TYR PA 63 38.78 -64.21 -84.73
CA TYR PA 63 40.00 -64.92 -84.37
C TYR PA 63 41.18 -63.94 -84.33
N LYS PA 64 42.04 -64.13 -83.35
CA LYS PA 64 43.28 -63.37 -83.24
C LYS PA 64 44.45 -64.33 -83.33
N VAL PA 65 45.43 -63.98 -84.14
CA VAL PA 65 46.69 -64.71 -84.21
C VAL PA 65 47.78 -63.70 -83.94
N GLN PA 66 48.47 -63.87 -82.82
CA GLN PA 66 49.47 -62.93 -82.36
C GLN PA 66 50.84 -63.58 -82.42
N VAL PA 67 51.80 -62.85 -82.98
CA VAL PA 67 53.17 -63.31 -83.07
C VAL PA 67 54.08 -62.17 -82.64
N LYS PA 68 54.89 -62.41 -81.63
CA LYS PA 68 55.83 -61.43 -81.13
C LYS PA 68 57.23 -62.00 -81.16
N ILE PA 69 58.21 -61.14 -81.43
CA ILE PA 69 59.60 -61.52 -81.50
C ILE PA 69 60.39 -60.59 -80.60
N GLN PA 70 61.29 -61.17 -79.81
CA GLN PA 70 62.07 -60.43 -78.84
C GLN PA 70 63.53 -60.78 -79.04
N ASN PA 71 64.33 -59.78 -79.45
CA ASN PA 71 65.74 -59.97 -79.76
C ASN PA 71 66.55 -58.94 -79.00
N PRO PA 72 67.04 -59.28 -77.82
CA PRO PA 72 67.82 -58.32 -77.05
C PRO PA 72 69.17 -58.05 -77.69
N THR PA 73 69.89 -57.13 -77.08
CA THR PA 73 71.23 -56.77 -77.49
C THR PA 73 72.18 -57.00 -76.34
N ALA PA 74 73.06 -57.98 -76.49
CA ALA PA 74 74.00 -58.34 -75.45
C ALA PA 74 75.10 -57.30 -75.39
N CYS PA 75 75.45 -56.87 -74.18
CA CYS PA 75 76.66 -56.10 -73.93
C CYS PA 75 77.66 -57.10 -73.36
N THR PA 76 78.64 -57.48 -74.17
CA THR PA 76 79.60 -58.50 -73.74
C THR PA 76 80.44 -58.01 -72.58
N ALA PA 77 81.14 -56.90 -72.78
CA ALA PA 77 81.94 -56.31 -71.71
C ALA PA 77 81.17 -55.12 -71.17
N ASN PA 78 80.63 -55.29 -69.97
CA ASN PA 78 80.03 -54.17 -69.23
C ASN PA 78 81.01 -53.58 -68.24
N GLY PA 79 82.26 -54.03 -68.24
CA GLY PA 79 83.13 -53.81 -67.11
C GLY PA 79 82.88 -54.77 -65.99
N SER PA 80 82.00 -55.75 -66.21
CA SER PA 80 81.64 -56.75 -65.20
C SER PA 80 81.81 -58.12 -65.84
N CYS PA 81 81.81 -59.15 -65.00
CA CYS PA 81 82.07 -60.50 -65.45
C CYS PA 81 80.94 -61.11 -66.27
N ASP PA 82 79.75 -60.50 -66.25
CA ASP PA 82 78.63 -61.10 -66.94
C ASP PA 82 78.06 -60.12 -67.96
N PRO PA 83 77.62 -60.61 -69.11
CA PRO PA 83 76.98 -59.73 -70.09
C PRO PA 83 75.64 -59.25 -69.57
N SER PA 84 75.13 -58.19 -70.18
CA SER PA 84 73.90 -57.57 -69.74
C SER PA 84 73.07 -57.13 -70.92
N VAL PA 85 71.75 -57.17 -70.74
CA VAL PA 85 70.81 -56.72 -71.75
C VAL PA 85 70.99 -55.22 -71.93
N THR PA 86 71.09 -54.78 -73.17
CA THR PA 86 71.20 -53.36 -73.44
C THR PA 86 69.94 -52.82 -74.11
N ARG PA 87 69.75 -53.16 -75.37
CA ARG PA 87 68.57 -52.77 -76.11
C ARG PA 87 67.71 -54.00 -76.37
N GLN PA 88 66.40 -53.81 -76.39
CA GLN PA 88 65.50 -54.92 -76.60
C GLN PA 88 64.67 -54.63 -77.85
N ALA PA 89 64.89 -55.41 -78.90
CA ALA PA 89 64.17 -55.23 -80.15
C ALA PA 89 62.82 -55.91 -80.03
N TYR PA 90 61.75 -55.17 -80.32
CA TYR PA 90 60.41 -55.73 -80.27
C TYR PA 90 59.82 -55.80 -81.66
N ALA PA 91 59.49 -57.03 -82.07
CA ALA PA 91 58.83 -57.25 -83.35
C ALA PA 91 57.49 -57.92 -83.04
N ASP PA 92 56.39 -57.25 -83.39
CA ASP PA 92 55.06 -57.72 -83.07
C ASP PA 92 54.22 -57.80 -84.34
N VAL PA 93 53.49 -58.90 -84.48
CA VAL PA 93 52.62 -59.13 -85.62
C VAL PA 93 51.32 -59.73 -85.10
N THR PA 94 50.20 -59.24 -85.60
CA THR PA 94 48.90 -59.74 -85.22
C THR PA 94 48.07 -60.05 -86.46
N PHE PA 95 47.00 -60.80 -86.24
CA PHE PA 95 46.08 -61.12 -87.31
C PHE PA 95 44.66 -61.15 -86.77
N SER PA 96 43.74 -60.68 -87.61
CA SER PA 96 42.32 -60.74 -87.28
C SER PA 96 41.61 -61.45 -88.40
N PHE PA 97 40.60 -62.22 -88.05
CA PHE PA 97 39.81 -62.93 -89.04
C PHE PA 97 38.39 -63.09 -88.53
N THR PA 98 37.48 -63.33 -89.45
CA THR PA 98 36.08 -63.52 -89.14
C THR PA 98 35.75 -65.00 -89.22
N GLN PA 99 34.81 -65.41 -88.39
CA GLN PA 99 34.41 -66.80 -88.34
C GLN PA 99 34.14 -67.37 -89.71
N TYR PA 100 33.72 -66.55 -90.66
CA TYR PA 100 33.50 -67.02 -92.01
C TYR PA 100 34.73 -66.87 -92.90
N SER PA 101 35.85 -66.44 -92.35
CA SER PA 101 37.06 -66.27 -93.15
C SER PA 101 37.41 -67.58 -93.84
N THR PA 102 37.77 -67.51 -95.12
CA THR PA 102 38.08 -68.74 -95.81
C THR PA 102 39.58 -69.03 -95.74
N ASP PA 103 39.96 -70.14 -96.34
CA ASP PA 103 41.36 -70.56 -96.27
C ASP PA 103 42.24 -69.66 -97.14
N GLU PA 104 41.92 -69.57 -98.43
CA GLU PA 104 42.82 -68.89 -99.34
C GLU PA 104 43.00 -67.43 -98.98
N GLU PA 105 41.92 -66.78 -98.55
CA GLU PA 105 42.04 -65.43 -98.03
C GLU PA 105 43.15 -65.34 -97.01
N ARG PA 106 43.11 -66.20 -95.99
CA ARG PA 106 44.18 -66.23 -95.02
C ARG PA 106 45.50 -66.51 -95.69
N ALA PA 107 45.58 -67.61 -96.44
CA ALA PA 107 46.79 -67.91 -97.19
C ALA PA 107 47.25 -66.72 -98.00
N PHE PA 108 46.32 -66.06 -98.68
CA PHE PA 108 46.67 -64.85 -99.42
C PHE PA 108 47.33 -63.83 -98.52
N VAL PA 109 46.83 -63.66 -97.30
CA VAL PA 109 47.45 -62.71 -96.39
C VAL PA 109 48.86 -63.14 -96.05
N ARG PA 110 49.06 -64.42 -95.78
CA ARG PA 110 50.36 -64.86 -95.29
C ARG PA 110 51.47 -64.50 -96.26
N THR PA 111 51.36 -64.95 -97.51
CA THR PA 111 52.43 -64.70 -98.46
C THR PA 111 52.68 -63.20 -98.64
N GLU PA 112 51.66 -62.44 -99.00
CA GLU PA 112 51.86 -61.04 -99.32
C GLU PA 112 52.61 -60.28 -98.24
N LEU PA 113 52.30 -60.56 -96.97
CA LEU PA 113 53.06 -59.92 -95.91
C LEU PA 113 54.54 -60.23 -96.05
N ALA PA 114 54.87 -61.49 -96.28
CA ALA PA 114 56.27 -61.84 -96.50
C ALA PA 114 56.84 -61.08 -97.68
N ALA PA 115 56.17 -61.11 -98.82
CA ALA PA 115 56.66 -60.39 -100.00
C ALA PA 115 56.99 -58.95 -99.67
N LEU PA 116 56.09 -58.27 -98.97
CA LEU PA 116 56.40 -56.92 -98.51
C LEU PA 116 57.70 -56.87 -97.75
N LEU PA 117 57.90 -57.80 -96.82
CA LEU PA 117 59.12 -57.80 -96.04
C LEU PA 117 60.35 -57.95 -96.94
N ALA PA 118 60.20 -58.60 -98.08
CA ALA PA 118 61.27 -58.63 -99.06
C ALA PA 118 61.21 -57.48 -100.05
N SER PA 119 60.13 -56.71 -100.03
CA SER PA 119 60.01 -55.61 -100.97
C SER PA 119 61.06 -54.54 -100.68
N PRO PA 120 61.58 -53.89 -101.73
CA PRO PA 120 62.52 -52.80 -101.51
C PRO PA 120 61.92 -51.63 -100.76
N LEU PA 121 60.60 -51.54 -100.69
CA LEU PA 121 59.99 -50.46 -99.93
C LEU PA 121 60.35 -50.56 -98.45
N LEU PA 122 59.97 -51.66 -97.81
CA LEU PA 122 60.10 -51.74 -96.37
C LEU PA 122 61.54 -51.71 -95.89
N ILE PA 123 62.48 -52.21 -96.69
CA ILE PA 123 63.85 -52.29 -96.21
C ILE PA 123 64.37 -50.93 -95.78
N ASP PA 124 64.19 -49.90 -96.61
CA ASP PA 124 64.53 -48.56 -96.18
C ASP PA 124 63.69 -48.11 -95.00
N ALA PA 125 62.40 -48.40 -95.03
CA ALA PA 125 61.54 -48.16 -93.88
C ALA PA 125 62.05 -48.85 -92.63
N ILE PA 126 62.37 -50.13 -92.71
CA ILE PA 126 62.89 -50.87 -91.58
C ILE PA 126 64.35 -50.52 -91.31
N ASP PA 127 65.24 -50.89 -92.22
CA ASP PA 127 66.66 -50.79 -91.95
C ASP PA 127 67.09 -49.35 -91.72
N GLN PA 128 66.78 -48.47 -92.65
CA GLN PA 128 67.23 -47.10 -92.57
C GLN PA 128 66.22 -46.17 -91.94
N LEU PA 129 65.10 -46.69 -91.46
CA LEU PA 129 64.07 -45.90 -90.78
C LEU PA 129 63.64 -44.72 -91.66
N ASN PA 130 63.05 -45.06 -92.79
CA ASN PA 130 62.70 -43.98 -93.68
C ASN PA 130 61.23 -44.04 -94.04
N PRO PA 131 60.58 -42.92 -94.12
CA PRO PA 131 59.22 -42.89 -94.63
C PRO PA 131 59.19 -43.15 -96.13
N ALA PA 132 58.04 -42.90 -96.74
CA ALA PA 132 57.70 -43.44 -98.04
C ALA PA 132 58.30 -42.66 -99.20
N TYR PA 133 59.13 -41.67 -98.92
CA TYR PA 133 59.68 -40.84 -99.98
C TYR PA 133 61.09 -41.29 -100.31
N ALA QA 2 83.00 -97.13 -25.70
CA ALA QA 2 83.90 -97.13 -26.85
C ALA QA 2 83.12 -96.92 -28.14
N LYS QA 3 83.80 -97.11 -29.26
CA LYS QA 3 83.23 -96.89 -30.57
C LYS QA 3 82.08 -97.86 -30.83
N LEU QA 4 81.04 -97.34 -31.46
CA LEU QA 4 80.00 -98.20 -32.01
C LEU QA 4 80.65 -99.20 -32.97
N GLU QA 5 80.34 -100.46 -32.80
CA GLU QA 5 80.90 -101.49 -33.63
C GLU QA 5 79.85 -102.56 -33.91
N THR QA 6 80.22 -103.52 -34.74
CA THR QA 6 79.41 -104.70 -34.91
C THR QA 6 79.44 -105.43 -33.58
N VAL QA 7 78.27 -105.71 -33.03
CA VAL QA 7 78.20 -106.39 -31.76
C VAL QA 7 77.63 -107.78 -31.99
N THR QA 8 78.47 -108.79 -31.86
CA THR QA 8 78.05 -110.18 -31.98
C THR QA 8 77.57 -110.65 -30.62
N LEU QA 9 76.53 -111.46 -30.61
CA LEU QA 9 75.99 -112.01 -29.38
C LEU QA 9 75.76 -113.50 -29.56
N GLY QA 10 76.37 -114.29 -28.68
CA GLY QA 10 76.14 -115.71 -28.63
C GLY QA 10 75.23 -116.04 -27.46
N ASN QA 11 74.81 -117.31 -27.43
CA ASN QA 11 74.02 -117.83 -26.31
C ASN QA 11 72.75 -117.01 -26.11
N ILE QA 12 71.84 -117.14 -27.07
CA ILE QA 12 70.64 -116.32 -27.12
C ILE QA 12 69.44 -117.26 -27.18
N GLY QA 13 68.31 -116.81 -26.67
CA GLY QA 13 67.09 -117.58 -26.72
C GLY QA 13 67.12 -118.75 -25.77
N LYS QA 14 65.93 -119.35 -25.61
CA LYS QA 14 65.80 -120.51 -24.73
C LYS QA 14 66.83 -121.57 -25.07
N ASP QA 15 67.12 -121.74 -26.36
CA ASP QA 15 68.16 -122.68 -26.76
C ASP QA 15 69.52 -122.23 -26.25
N GLY QA 16 69.88 -120.97 -26.48
CA GLY QA 16 71.23 -120.55 -26.24
C GLY QA 16 72.16 -120.85 -27.39
N LYS QA 17 71.64 -121.45 -28.46
CA LYS QA 17 72.42 -121.60 -29.68
C LYS QA 17 72.17 -120.44 -30.62
N GLN QA 18 71.19 -119.59 -30.30
CA GLN QA 18 70.90 -118.43 -31.11
C GLN QA 18 72.03 -117.43 -31.02
N THR QA 19 72.33 -116.79 -32.15
CA THR QA 19 73.33 -115.74 -32.22
C THR QA 19 72.76 -114.54 -32.93
N LEU QA 20 73.32 -113.37 -32.62
CA LEU QA 20 72.82 -112.14 -33.21
C LEU QA 20 73.98 -111.16 -33.37
N VAL QA 21 73.97 -110.43 -34.48
CA VAL QA 21 74.92 -109.36 -34.70
C VAL QA 21 74.14 -108.06 -34.81
N LEU QA 22 74.79 -106.96 -34.44
CA LEU QA 22 74.15 -105.65 -34.43
C LEU QA 22 75.09 -104.66 -35.12
N ASN QA 23 74.61 -104.06 -36.15
CA ASN QA 23 75.48 -103.06 -36.74
C ASN QA 23 75.21 -101.70 -36.12
N PRO QA 24 76.24 -100.87 -36.03
CA PRO QA 24 76.03 -99.50 -35.59
C PRO QA 24 75.12 -98.77 -36.57
N ARG QA 25 74.09 -98.15 -36.03
CA ARG QA 25 73.12 -97.41 -36.82
C ARG QA 25 73.39 -95.91 -36.82
N GLY QA 26 74.46 -95.46 -36.18
CA GLY QA 26 74.66 -94.04 -35.98
C GLY QA 26 73.96 -93.58 -34.71
N VAL QA 27 73.99 -92.27 -34.51
CA VAL QA 27 73.46 -91.66 -33.31
C VAL QA 27 72.55 -90.51 -33.69
N ASN QA 28 71.33 -90.52 -33.18
CA ASN QA 28 70.50 -89.35 -33.34
C ASN QA 28 71.00 -88.24 -32.46
N PRO QA 29 71.52 -87.14 -33.01
CA PRO QA 29 72.06 -86.08 -32.18
C PRO QA 29 71.02 -85.32 -31.39
N THR QA 30 69.79 -85.24 -31.91
CA THR QA 30 68.76 -84.47 -31.22
C THR QA 30 68.58 -84.97 -29.80
N ASN QA 31 68.00 -86.15 -29.64
CA ASN QA 31 67.90 -86.76 -28.33
C ASN QA 31 69.26 -87.25 -27.83
N GLY QA 32 70.27 -87.26 -28.67
CA GLY QA 32 71.57 -87.77 -28.25
C GLY QA 32 71.51 -89.24 -27.89
N VAL QA 33 71.02 -90.07 -28.81
CA VAL QA 33 70.82 -91.48 -28.53
C VAL QA 33 71.43 -92.29 -29.67
N ALA QA 34 72.26 -93.26 -29.31
CA ALA QA 34 72.82 -94.19 -30.27
C ALA QA 34 71.78 -95.23 -30.68
N SER QA 35 72.04 -95.88 -31.81
CA SER QA 35 71.15 -96.90 -32.31
C SER QA 35 71.95 -98.06 -32.87
N LEU QA 36 71.47 -99.26 -32.63
CA LEU QA 36 72.10 -100.47 -33.16
C LEU QA 36 71.02 -101.34 -33.78
N SER QA 37 71.40 -102.12 -34.78
CA SER QA 37 70.40 -102.97 -35.41
C SER QA 37 71.04 -104.22 -35.97
N GLN QA 38 70.25 -105.29 -35.96
CA GLN QA 38 70.50 -106.41 -36.83
C GLN QA 38 70.44 -105.96 -38.28
N ALA QA 39 71.23 -106.61 -39.14
CA ALA QA 39 71.11 -106.36 -40.57
C ALA QA 39 70.14 -107.40 -41.14
N GLY QA 40 68.94 -106.91 -41.45
CA GLY QA 40 67.94 -107.71 -42.10
C GLY QA 40 67.69 -107.24 -43.51
N ALA QA 41 66.49 -107.53 -43.99
CA ALA QA 41 66.04 -106.97 -45.26
C ALA QA 41 65.37 -105.62 -45.03
N VAL QA 42 64.24 -105.62 -44.35
CA VAL QA 42 63.46 -104.40 -44.16
C VAL QA 42 63.80 -103.81 -42.80
N PRO QA 43 64.32 -102.58 -42.74
CA PRO QA 43 64.61 -101.95 -41.46
C PRO QA 43 63.45 -101.97 -40.48
N ALA QA 44 62.22 -101.72 -40.96
CA ALA QA 44 61.05 -101.87 -40.11
C ALA QA 44 60.99 -103.23 -39.45
N LEU QA 45 61.40 -104.28 -40.14
CA LEU QA 45 61.45 -105.61 -39.57
C LEU QA 45 62.68 -105.81 -38.70
N GLU QA 46 63.76 -105.10 -38.98
CA GLU QA 46 65.04 -105.38 -38.34
C GLU QA 46 64.99 -105.03 -36.86
N LYS QA 47 65.66 -105.85 -36.06
CA LYS QA 47 65.69 -105.67 -34.61
C LYS QA 47 66.42 -104.37 -34.33
N ARG QA 48 66.00 -103.67 -33.28
CA ARG QA 48 66.63 -102.41 -32.94
C ARG QA 48 67.11 -102.42 -31.50
N VAL QA 49 68.22 -101.75 -31.25
CA VAL QA 49 68.78 -101.61 -29.91
C VAL QA 49 69.18 -100.16 -29.74
N THR QA 50 68.74 -99.54 -28.65
CA THR QA 50 68.97 -98.14 -28.39
C THR QA 50 69.61 -97.96 -27.03
N VAL QA 51 70.68 -97.18 -26.96
CA VAL QA 51 71.30 -96.83 -25.70
C VAL QA 51 71.48 -95.33 -25.65
N SER QA 52 71.52 -94.81 -24.43
CA SER QA 52 71.69 -93.38 -24.26
C SER QA 52 72.31 -93.12 -22.90
N VAL QA 53 73.04 -92.01 -22.82
CA VAL QA 53 73.55 -91.53 -21.54
C VAL QA 53 72.82 -90.23 -21.27
N SER QA 54 73.16 -89.58 -20.17
CA SER QA 54 72.56 -88.31 -19.82
C SER QA 54 73.52 -87.59 -18.88
N GLN QA 55 73.28 -86.30 -18.70
CA GLN QA 55 74.08 -85.55 -17.77
C GLN QA 55 73.18 -84.65 -16.95
N PRO QA 56 73.50 -84.44 -15.67
CA PRO QA 56 72.60 -83.69 -14.80
C PRO QA 56 72.47 -82.24 -15.27
N SER QA 57 71.25 -81.73 -15.15
CA SER QA 57 70.96 -80.36 -15.55
C SER QA 57 70.29 -79.66 -14.38
N ARG QA 58 69.86 -78.42 -14.61
CA ARG QA 58 69.03 -77.74 -13.65
C ARG QA 58 67.72 -78.47 -13.39
N ASN QA 59 67.26 -79.30 -14.32
CA ASN QA 59 66.07 -80.10 -14.15
C ASN QA 59 66.29 -81.33 -13.30
N ARG QA 60 67.45 -81.99 -13.43
CA ARG QA 60 67.72 -83.19 -12.68
C ARG QA 60 69.20 -83.25 -12.37
N LYS QA 61 69.53 -83.69 -11.16
CA LYS QA 61 70.90 -83.76 -10.68
C LYS QA 61 71.46 -85.17 -10.87
N ASN QA 62 70.68 -86.04 -11.49
CA ASN QA 62 71.04 -87.45 -11.54
C ASN QA 62 71.35 -87.86 -12.96
N TYR QA 63 72.21 -88.85 -13.11
CA TYR QA 63 72.48 -89.42 -14.41
C TYR QA 63 71.41 -90.43 -14.77
N LYS QA 64 71.02 -90.43 -16.04
CA LYS QA 64 70.08 -91.41 -16.57
C LYS QA 64 70.78 -92.19 -17.67
N VAL QA 65 70.66 -93.51 -17.62
CA VAL QA 65 71.12 -94.37 -18.70
C VAL QA 65 69.93 -95.18 -19.14
N GLN QA 66 69.49 -94.96 -20.37
CA GLN QA 66 68.29 -95.57 -20.90
C GLN QA 66 68.66 -96.54 -22.00
N VAL QA 67 68.10 -97.73 -21.95
CA VAL QA 67 68.32 -98.75 -22.96
C VAL QA 67 66.98 -99.34 -23.33
N LYS QA 68 66.62 -99.27 -24.61
CA LYS QA 68 65.37 -99.81 -25.11
C LYS QA 68 65.66 -100.80 -26.22
N ILE QA 69 64.84 -101.85 -26.30
CA ILE QA 69 64.99 -102.88 -27.31
C ILE QA 69 63.65 -103.05 -28.00
N GLN QA 70 63.68 -103.12 -29.32
CA GLN QA 70 62.46 -103.21 -30.13
C GLN QA 70 62.62 -104.39 -31.07
N ASN QA 71 61.78 -105.40 -30.90
CA ASN QA 71 61.85 -106.64 -31.68
C ASN QA 71 60.47 -106.93 -32.25
N PRO QA 72 60.19 -106.50 -33.46
CA PRO QA 72 58.88 -106.74 -34.05
C PRO QA 72 58.69 -108.21 -34.37
N THR QA 73 57.48 -108.52 -34.84
CA THR QA 73 57.13 -109.85 -35.27
C THR QA 73 56.68 -109.79 -36.72
N ALA QA 74 57.47 -110.38 -37.60
CA ALA QA 74 57.18 -110.37 -39.02
C ALA QA 74 56.05 -111.34 -39.32
N CYS QA 75 55.10 -110.89 -40.13
CA CYS QA 75 54.11 -111.78 -40.73
C CYS QA 75 54.58 -111.99 -42.17
N THR QA 76 55.09 -113.19 -42.44
CA THR QA 76 55.67 -113.45 -43.75
C THR QA 76 54.59 -113.44 -44.83
N ALA QA 77 53.58 -114.26 -44.68
CA ALA QA 77 52.46 -114.29 -45.63
C ALA QA 77 51.30 -113.57 -44.97
N ASN QA 78 51.03 -112.37 -45.46
CA ASN QA 78 49.82 -111.63 -45.07
C ASN QA 78 48.71 -111.84 -46.08
N GLY QA 79 48.91 -112.69 -47.07
CA GLY QA 79 48.07 -112.67 -48.25
C GLY QA 79 48.50 -111.60 -49.23
N SER QA 80 49.60 -110.91 -48.94
CA SER QA 80 50.12 -109.84 -49.77
C SER QA 80 51.58 -110.14 -50.06
N CYS QA 81 52.14 -109.44 -51.05
CA CYS QA 81 53.50 -109.69 -51.50
C CYS QA 81 54.56 -109.27 -50.51
N ASP QA 82 54.21 -108.46 -49.50
CA ASP QA 82 55.22 -107.96 -48.60
C ASP QA 82 54.89 -108.34 -47.17
N PRO QA 83 55.90 -108.67 -46.37
CA PRO QA 83 55.63 -108.95 -44.95
C PRO QA 83 55.21 -107.70 -44.23
N SER QA 84 54.60 -107.89 -43.06
CA SER QA 84 54.08 -106.78 -42.29
C SER QA 84 54.33 -106.98 -40.80
N VAL QA 85 54.50 -105.87 -40.10
CA VAL QA 85 54.69 -105.88 -38.67
C VAL QA 85 53.40 -106.38 -38.03
N THR QA 86 53.54 -107.32 -37.10
CA THR QA 86 52.36 -107.81 -36.39
C THR QA 86 52.38 -107.38 -34.93
N ARG QA 87 53.26 -107.99 -34.14
CA ARG QA 87 53.43 -107.64 -32.75
C ARG QA 87 54.77 -106.96 -32.57
N GLN QA 88 54.82 -106.02 -31.63
CA GLN QA 88 56.05 -105.28 -31.40
C GLN QA 88 56.47 -105.51 -29.95
N ALA QA 89 57.56 -106.22 -29.75
CA ALA QA 89 58.07 -106.50 -28.41
C ALA QA 89 58.84 -105.29 -27.91
N TYR QA 90 58.48 -104.80 -26.74
CA TYR QA 90 59.18 -103.68 -26.14
C TYR QA 90 59.94 -104.10 -24.91
N ALA QA 91 61.25 -103.91 -24.96
CA ALA QA 91 62.11 -104.18 -23.82
C ALA QA 91 62.80 -102.88 -23.44
N ASP QA 92 62.53 -102.39 -22.23
CA ASP QA 92 63.03 -101.10 -21.78
C ASP QA 92 63.79 -101.27 -20.47
N VAL QA 93 64.95 -100.63 -20.38
CA VAL QA 93 65.79 -100.66 -19.20
C VAL QA 93 66.31 -99.26 -18.97
N THR QA 94 66.27 -98.81 -17.71
CA THR QA 94 66.77 -97.51 -17.34
C THR QA 94 67.72 -97.62 -16.16
N PHE QA 95 68.47 -96.55 -15.92
CA PHE QA 95 69.36 -96.49 -14.78
C PHE QA 95 69.40 -95.08 -14.24
N SER QA 96 69.49 -95.00 -12.92
CA SER QA 96 69.63 -93.72 -12.26
C SER QA 96 70.86 -93.77 -11.37
N PHE QA 97 71.57 -92.66 -11.29
CA PHE QA 97 72.75 -92.57 -10.45
C PHE QA 97 72.90 -91.16 -9.94
N THR QA 98 73.67 -91.03 -8.88
CA THR QA 98 73.93 -89.75 -8.25
C THR QA 98 75.33 -89.30 -8.64
N GLN QA 99 75.50 -87.99 -8.74
CA GLN QA 99 76.78 -87.43 -9.12
C GLN QA 99 77.92 -88.00 -8.31
N TYR QA 100 77.66 -88.44 -7.08
CA TYR QA 100 78.70 -89.05 -6.27
C TYR QA 100 78.75 -90.56 -6.43
N SER QA 101 77.94 -91.13 -7.30
CA SER QA 101 77.94 -92.57 -7.50
C SER QA 101 79.33 -93.06 -7.84
N THR QA 102 79.75 -94.16 -7.23
CA THR QA 102 81.10 -94.64 -7.50
C THR QA 102 81.08 -95.66 -8.63
N ASP QA 103 82.26 -96.15 -8.97
CA ASP QA 103 82.37 -97.09 -10.07
C ASP QA 103 81.80 -98.45 -9.70
N GLU QA 104 82.32 -99.05 -8.64
CA GLU QA 104 81.95 -100.43 -8.33
C GLU QA 104 80.47 -100.56 -8.05
N GLU QA 105 79.89 -99.59 -7.36
CA GLU QA 105 78.44 -99.57 -7.19
C GLU QA 105 77.75 -99.77 -8.51
N ARG QA 106 78.08 -98.95 -9.50
CA ARG QA 106 77.51 -99.12 -10.83
C ARG QA 106 77.83 -100.50 -11.36
N ALA QA 107 79.12 -100.86 -11.40
CA ALA QA 107 79.50 -102.20 -11.82
C ALA QA 107 78.71 -103.25 -11.09
N PHE QA 108 78.57 -103.10 -9.77
CA PHE QA 108 77.76 -104.04 -9.00
C PHE QA 108 76.35 -104.14 -9.58
N VAL QA 109 75.77 -103.01 -9.97
CA VAL QA 109 74.44 -103.05 -10.53
C VAL QA 109 74.43 -103.82 -11.84
N ARG QA 110 75.42 -103.59 -12.69
CA ARG QA 110 75.39 -104.17 -14.02
C ARG QA 110 75.30 -105.69 -13.95
N THR QA 111 76.26 -106.32 -13.27
CA THR QA 111 76.25 -107.78 -13.23
C THR QA 111 74.96 -108.33 -12.65
N GLU QA 112 74.61 -107.92 -11.44
CA GLU QA 112 73.47 -108.52 -10.75
C GLU QA 112 72.21 -108.51 -11.61
N LEU QA 113 71.96 -107.43 -12.34
CA LEU QA 113 70.81 -107.43 -13.22
C LEU QA 113 70.90 -108.57 -14.22
N ALA QA 114 72.07 -108.76 -14.82
CA ALA QA 114 72.25 -109.90 -15.72
C ALA QA 114 71.97 -111.21 -15.01
N ALA QA 115 72.61 -111.43 -13.85
CA ALA QA 115 72.39 -112.66 -13.12
C ALA QA 115 70.92 -112.94 -12.92
N LEU QA 116 70.15 -111.93 -12.51
CA LEU QA 116 68.71 -112.09 -12.41
C LEU QA 116 68.13 -112.60 -13.71
N LEU QA 117 68.52 -112.00 -14.83
CA LEU QA 117 67.98 -112.42 -16.10
C LEU QA 117 68.29 -113.88 -16.38
N ALA QA 118 69.38 -114.40 -15.83
CA ALA QA 118 69.66 -115.83 -15.91
C ALA QA 118 69.07 -116.60 -14.74
N SER QA 119 68.55 -115.90 -13.74
CA SER QA 119 67.99 -116.60 -12.59
C SER QA 119 66.75 -117.37 -12.98
N PRO QA 120 66.53 -118.55 -12.37
CA PRO QA 120 65.31 -119.30 -12.64
C PRO QA 120 64.06 -118.56 -12.24
N LEU QA 121 64.17 -117.53 -11.41
CA LEU QA 121 62.99 -116.77 -11.04
C LEU QA 121 62.38 -116.08 -12.25
N LEU QA 122 63.14 -115.21 -12.89
CA LEU QA 122 62.58 -114.37 -13.94
C LEU QA 122 62.10 -115.16 -15.14
N ILE QA 123 62.73 -116.29 -15.45
CA ILE QA 123 62.38 -117.00 -16.66
C ILE QA 123 60.90 -117.35 -16.69
N ASP QA 124 60.37 -117.90 -15.61
CA ASP QA 124 58.93 -118.11 -15.51
C ASP QA 124 58.17 -116.80 -15.56
N ALA QA 125 58.65 -115.81 -14.83
CA ALA QA 125 58.09 -114.47 -14.91
C ALA QA 125 58.08 -113.94 -16.33
N ILE QA 126 59.20 -114.02 -17.04
CA ILE QA 126 59.29 -113.56 -18.41
C ILE QA 126 58.62 -114.54 -19.36
N ASP QA 127 59.20 -115.73 -19.50
CA ASP QA 127 58.75 -116.64 -20.55
C ASP QA 127 57.31 -117.05 -20.35
N GLN QA 128 56.98 -117.57 -19.18
CA GLN QA 128 55.64 -118.09 -18.94
C GLN QA 128 54.72 -117.08 -18.30
N LEU QA 129 55.16 -115.83 -18.11
CA LEU QA 129 54.33 -114.78 -17.55
C LEU QA 129 53.74 -115.20 -16.21
N ASN QA 130 54.62 -115.41 -15.25
CA ASN QA 130 54.09 -115.90 -14.01
C ASN QA 130 54.56 -115.02 -12.85
N PRO QA 131 53.69 -114.77 -11.91
CA PRO QA 131 54.11 -114.08 -10.70
C PRO QA 131 54.99 -114.96 -9.83
N ALA QA 132 55.22 -114.55 -8.60
CA ALA QA 132 56.32 -115.02 -7.78
C ALA QA 132 56.02 -116.35 -7.09
N TYR QA 133 54.88 -116.95 -7.38
CA TYR QA 133 54.51 -118.17 -6.70
C TYR QA 133 54.81 -119.38 -7.57
N ALA RA 2 78.13 -93.66 -43.69
CA ALA RA 2 79.40 -93.73 -42.98
C ALA RA 2 79.83 -92.35 -42.54
N LYS RA 3 81.07 -92.25 -42.08
CA LYS RA 3 81.62 -91.01 -41.55
C LYS RA 3 81.70 -89.96 -42.64
N LEU RA 4 81.39 -88.73 -42.25
CA LEU RA 4 81.68 -87.57 -43.09
C LEU RA 4 83.16 -87.57 -43.41
N GLU RA 5 83.50 -87.45 -44.68
CA GLU RA 5 84.88 -87.43 -45.09
C GLU RA 5 85.06 -86.44 -46.22
N THR RA 6 86.30 -86.28 -46.64
CA THR RA 6 86.59 -85.53 -47.85
C THR RA 6 85.99 -86.35 -48.98
N VAL RA 7 85.16 -85.71 -49.79
CA VAL RA 7 84.54 -86.41 -50.90
C VAL RA 7 85.09 -85.84 -52.19
N THR RA 8 85.90 -86.63 -52.87
CA THR RA 8 86.44 -86.23 -54.17
C THR RA 8 85.45 -86.64 -55.24
N LEU RA 9 85.31 -85.81 -56.25
CA LEU RA 9 84.42 -86.10 -57.37
C LEU RA 9 85.14 -85.83 -58.67
N GLY RA 10 85.21 -86.86 -59.52
CA GLY RA 10 85.74 -86.72 -60.86
C GLY RA 10 84.60 -86.65 -61.86
N ASN RA 11 84.98 -86.36 -63.10
CA ASN RA 11 84.03 -86.37 -64.22
C ASN RA 11 82.86 -85.44 -63.95
N ILE RA 12 83.16 -84.15 -63.97
CA ILE RA 12 82.20 -83.12 -63.59
C ILE RA 12 82.10 -82.14 -64.73
N GLY RA 13 80.94 -81.50 -64.86
CA GLY RA 13 80.73 -80.48 -65.87
C GLY RA 13 80.62 -81.09 -67.26
N LYS RA 14 80.21 -80.23 -68.19
CA LYS RA 14 80.06 -80.65 -69.58
C LYS RA 14 81.34 -81.31 -70.09
N ASP RA 15 82.48 -80.80 -69.66
CA ASP RA 15 83.75 -81.42 -70.01
C ASP RA 15 83.85 -82.83 -69.42
N GLY RA 16 83.59 -82.96 -68.12
CA GLY RA 16 83.90 -84.21 -67.44
C GLY RA 16 85.33 -84.29 -67.00
N LYS RA 17 86.13 -83.25 -67.27
CA LYS RA 17 87.46 -83.19 -66.71
C LYS RA 17 87.46 -82.41 -65.39
N GLN RA 18 86.34 -81.79 -65.06
CA GLN RA 18 86.21 -81.06 -63.82
C GLN RA 18 86.22 -82.02 -62.65
N THR RA 19 86.88 -81.60 -61.57
CA THR RA 19 86.93 -82.36 -60.33
C THR RA 19 86.58 -81.46 -59.17
N LEU RA 20 86.07 -82.07 -58.10
CA LEU RA 20 85.65 -81.29 -56.94
C LEU RA 20 85.87 -82.12 -55.69
N VAL RA 21 86.31 -81.46 -54.63
CA VAL RA 21 86.43 -82.08 -53.32
C VAL RA 21 85.49 -81.36 -52.37
N LEU RA 22 85.03 -82.09 -51.36
CA LEU RA 22 84.07 -81.55 -50.40
C LEU RA 22 84.55 -81.90 -49.00
N ASN RA 23 84.76 -80.90 -48.22
CA ASN RA 23 85.14 -81.24 -46.86
C ASN RA 23 83.92 -81.36 -45.98
N PRO RA 24 83.96 -82.24 -44.99
CA PRO RA 24 82.88 -82.29 -44.02
C PRO RA 24 82.77 -80.98 -43.26
N ARG RA 25 81.56 -80.43 -43.23
CA ARG RA 25 81.31 -79.17 -42.57
C ARG RA 25 80.72 -79.36 -41.17
N GLY RA 26 80.57 -80.59 -40.71
CA GLY RA 26 79.84 -80.85 -39.49
C GLY RA 26 78.36 -81.02 -39.77
N VAL RA 27 77.60 -81.12 -38.69
CA VAL RA 27 76.17 -81.38 -38.78
C VAL RA 27 75.43 -80.39 -37.89
N ASN RA 28 74.47 -79.70 -38.46
CA ASN RA 28 73.60 -78.91 -37.60
C ASN RA 28 72.68 -79.82 -36.82
N PRO RA 29 72.81 -79.89 -35.50
CA PRO RA 29 71.97 -80.80 -34.73
C PRO RA 29 70.53 -80.39 -34.66
N THR RA 30 70.23 -79.09 -34.76
CA THR RA 30 68.86 -78.63 -34.65
C THR RA 30 67.98 -79.31 -35.69
N ASN RA 31 68.15 -78.96 -36.95
CA ASN RA 31 67.45 -79.66 -38.03
C ASN RA 31 67.99 -81.06 -38.25
N GLY RA 32 69.12 -81.41 -37.63
CA GLY RA 32 69.72 -82.71 -37.86
C GLY RA 32 70.14 -82.89 -39.29
N VAL RA 33 70.95 -81.98 -39.82
CA VAL RA 33 71.33 -82.00 -41.23
C VAL RA 33 72.84 -81.85 -41.32
N ALA RA 34 73.47 -82.75 -42.06
CA ALA RA 34 74.88 -82.67 -42.35
C ALA RA 34 75.16 -81.61 -43.40
N SER RA 35 76.41 -81.18 -43.46
CA SER RA 35 76.82 -80.17 -44.43
C SER RA 35 78.18 -80.53 -44.99
N LEU RA 36 78.36 -80.29 -46.28
CA LEU RA 36 79.63 -80.52 -46.95
C LEU RA 36 79.95 -79.31 -47.79
N SER RA 37 81.23 -79.03 -47.98
CA SER RA 37 81.60 -77.88 -48.78
C SER RA 37 82.93 -78.09 -49.46
N GLN RA 38 83.04 -77.47 -50.64
CA GLN RA 38 84.33 -77.20 -51.22
C GLN RA 38 85.13 -76.30 -50.28
N ALA RA 39 86.45 -76.46 -50.30
CA ALA RA 39 87.30 -75.53 -49.57
C ALA RA 39 87.72 -74.43 -50.53
N GLY RA 40 87.11 -73.26 -50.34
CA GLY RA 40 87.47 -72.08 -51.09
C GLY RA 40 88.12 -71.05 -50.21
N ALA RA 41 88.00 -69.79 -50.63
CA ALA RA 41 88.41 -68.69 -49.78
C ALA RA 41 87.26 -68.25 -48.88
N VAL RA 42 86.21 -67.72 -49.48
CA VAL RA 42 85.09 -67.19 -48.71
C VAL RA 42 83.99 -68.24 -48.61
N PRO RA 43 83.63 -68.66 -47.41
CA PRO RA 43 82.55 -69.64 -47.26
C PRO RA 43 81.28 -69.25 -47.99
N ALA RA 44 80.87 -67.99 -47.95
CA ALA RA 44 79.76 -67.51 -48.75
C ALA RA 44 79.91 -67.88 -50.20
N LEU RA 45 81.13 -67.82 -50.74
CA LEU RA 45 81.37 -68.23 -52.11
C LEU RA 45 81.46 -69.74 -52.26
N GLU RA 46 81.86 -70.45 -51.22
CA GLU RA 46 82.18 -71.86 -51.33
C GLU RA 46 80.93 -72.67 -51.61
N LYS RA 47 81.07 -73.70 -52.43
CA LYS RA 47 79.97 -74.56 -52.83
C LYS RA 47 79.51 -75.29 -51.58
N ARG RA 48 78.20 -75.54 -51.49
CA ARG RA 48 77.66 -76.24 -50.33
C ARG RA 48 76.88 -77.46 -50.76
N VAL RA 49 76.92 -78.50 -49.94
CA VAL RA 49 76.18 -79.72 -50.16
C VAL RA 49 75.56 -80.13 -48.84
N THR RA 50 74.26 -80.39 -48.85
CA THR RA 50 73.51 -80.70 -47.65
C THR RA 50 72.76 -82.01 -47.84
N VAL RA 51 72.88 -82.89 -46.85
CA VAL RA 51 72.12 -84.14 -46.85
C VAL RA 51 71.45 -84.28 -45.50
N SER RA 52 70.34 -85.01 -45.50
CA SER RA 52 69.61 -85.22 -44.27
C SER RA 52 68.83 -86.52 -44.38
N VAL RA 53 68.60 -87.14 -43.24
CA VAL RA 53 67.70 -88.27 -43.15
C VAL RA 53 66.52 -87.82 -42.32
N SER RA 54 65.58 -88.72 -42.08
CA SER RA 54 64.41 -88.42 -41.27
C SER RA 54 63.87 -89.72 -40.72
N GLN RA 55 63.00 -89.61 -39.73
CA GLN RA 55 62.38 -90.79 -39.20
C GLN RA 55 60.89 -90.52 -38.98
N PRO RA 56 60.05 -91.51 -39.20
CA PRO RA 56 58.60 -91.27 -39.13
C PRO RA 56 58.18 -90.87 -37.73
N SER RA 57 57.23 -89.95 -37.68
CA SER RA 57 56.72 -89.44 -36.42
C SER RA 57 55.20 -89.56 -36.44
N ARG RA 58 54.56 -89.06 -35.40
CA ARG RA 58 53.11 -88.94 -35.41
C ARG RA 58 52.62 -88.03 -36.53
N ASN RA 59 53.47 -87.13 -37.03
CA ASN RA 59 53.13 -86.28 -38.15
C ASN RA 59 53.23 -86.97 -39.50
N ARG RA 60 54.22 -87.84 -39.67
CA ARG RA 60 54.39 -88.53 -40.95
C ARG RA 60 54.94 -89.92 -40.67
N LYS RA 61 54.44 -90.89 -41.42
CA LYS RA 61 54.83 -92.28 -41.28
C LYS RA 61 55.92 -92.66 -42.26
N ASN RA 62 56.40 -91.69 -43.03
CA ASN RA 62 57.29 -91.97 -44.14
C ASN RA 62 58.66 -91.40 -43.86
N TYR RA 63 59.67 -92.04 -44.42
CA TYR RA 63 61.02 -91.51 -44.34
C TYR RA 63 61.24 -90.45 -45.40
N LYS RA 64 61.94 -89.39 -45.03
CA LYS RA 64 62.33 -88.35 -45.96
C LYS RA 64 63.85 -88.29 -46.01
N VAL RA 65 64.38 -88.24 -47.22
CA VAL RA 65 65.80 -88.01 -47.43
C VAL RA 65 65.92 -86.79 -48.33
N GLN RA 66 66.47 -85.71 -47.79
CA GLN RA 66 66.55 -84.45 -48.47
C GLN RA 66 68.00 -84.12 -48.78
N VAL RA 67 68.25 -83.72 -50.02
CA VAL RA 67 69.58 -83.32 -50.45
C VAL RA 67 69.45 -82.03 -51.23
N LYS RA 68 70.16 -81.00 -50.78
CA LYS RA 68 70.15 -79.70 -51.43
C LYS RA 68 71.58 -79.31 -51.77
N ILE RA 69 71.73 -78.62 -52.91
CA ILE RA 69 73.03 -78.17 -53.37
C ILE RA 69 72.93 -76.68 -53.66
N GLN RA 70 73.92 -75.94 -53.21
CA GLN RA 70 73.94 -74.49 -53.33
C GLN RA 70 75.27 -74.08 -53.96
N ASN RA 71 75.21 -73.52 -55.16
CA ASN RA 71 76.40 -73.14 -55.92
C ASN RA 71 76.26 -71.70 -56.37
N PRO RA 72 76.78 -70.76 -55.61
CA PRO RA 72 76.66 -69.35 -55.97
C PRO RA 72 77.51 -69.04 -57.19
N THR RA 73 77.38 -67.80 -57.64
CA THR RA 73 78.17 -67.27 -58.75
C THR RA 73 78.95 -66.07 -58.27
N ALA RA 74 80.27 -66.22 -58.21
CA ALA RA 74 81.14 -65.16 -57.75
C ALA RA 74 81.24 -64.08 -58.81
N CYS RA 75 81.13 -62.82 -58.39
CA CYS RA 75 81.50 -61.68 -59.22
C CYS RA 75 82.86 -61.23 -58.72
N THR RA 76 83.90 -61.52 -59.52
CA THR RA 76 85.26 -61.24 -59.08
C THR RA 76 85.48 -59.73 -58.96
N ALA RA 77 85.27 -59.01 -60.05
CA ALA RA 77 85.39 -57.56 -60.03
C ALA RA 77 83.99 -56.98 -60.00
N ASN RA 78 83.63 -56.44 -58.83
CA ASN RA 78 82.39 -55.68 -58.69
C ASN RA 78 82.65 -54.19 -58.80
N GLY RA 79 83.89 -53.79 -59.12
CA GLY RA 79 84.30 -52.42 -58.88
C GLY RA 79 84.70 -52.19 -57.45
N SER RA 80 84.71 -53.24 -56.64
CA SER RA 80 85.07 -53.16 -55.23
C SER RA 80 86.14 -54.19 -54.95
N CYS RA 81 86.79 -54.05 -53.80
CA CYS RA 81 87.92 -54.89 -53.45
C CYS RA 81 87.54 -56.33 -53.14
N ASP RA 82 86.26 -56.62 -52.93
CA ASP RA 82 85.88 -57.95 -52.54
C ASP RA 82 84.85 -58.52 -53.51
N PRO RA 83 84.94 -59.82 -53.81
CA PRO RA 83 83.94 -60.43 -54.68
C PRO RA 83 82.59 -60.48 -53.99
N SER RA 84 81.55 -60.67 -54.78
CA SER RA 84 80.19 -60.66 -54.25
C SER RA 84 79.35 -61.73 -54.93
N VAL RA 85 78.40 -62.26 -54.16
CA VAL RA 85 77.46 -63.25 -54.68
C VAL RA 85 76.60 -62.59 -55.74
N THR RA 86 76.45 -63.24 -56.88
CA THR RA 86 75.59 -62.71 -57.93
C THR RA 86 74.35 -63.56 -58.10
N ARG RA 87 74.51 -64.75 -58.67
CA ARG RA 87 73.43 -65.69 -58.86
C ARG RA 87 73.63 -66.87 -57.93
N GLN RA 88 72.54 -67.44 -57.46
CA GLN RA 88 72.63 -68.57 -56.53
C GLN RA 88 71.90 -69.75 -57.17
N ALA RA 89 72.66 -70.77 -57.54
CA ALA RA 89 72.08 -71.96 -58.16
C ALA RA 89 71.53 -72.86 -57.06
N TYR RA 90 70.27 -73.24 -57.18
CA TYR RA 90 69.64 -74.13 -56.23
C TYR RA 90 69.35 -75.48 -56.85
N ALA RA 91 69.95 -76.52 -56.28
CA ALA RA 91 69.69 -77.88 -56.71
C ALA RA 91 69.14 -78.63 -55.50
N ASP RA 92 67.90 -79.11 -55.62
CA ASP RA 92 67.21 -79.76 -54.52
C ASP RA 92 66.72 -81.13 -54.95
N VAL RA 93 66.94 -82.12 -54.08
CA VAL RA 93 66.52 -83.49 -54.31
C VAL RA 93 65.94 -84.03 -53.02
N THR RA 94 64.81 -84.71 -53.13
CA THR RA 94 64.16 -85.31 -51.97
C THR RA 94 63.85 -86.77 -52.25
N PHE RA 95 63.53 -87.49 -51.19
CA PHE RA 95 63.14 -88.88 -51.30
C PHE RA 95 62.08 -89.20 -50.27
N SER RA 96 61.14 -90.04 -50.67
CA SER RA 96 60.11 -90.52 -49.76
C SER RA 96 60.12 -92.04 -49.79
N PHE RA 97 59.88 -92.64 -48.64
CA PHE RA 97 59.83 -94.09 -48.55
C PHE RA 97 58.86 -94.48 -47.45
N THR RA 98 58.41 -95.72 -47.52
CA THR RA 98 57.49 -96.27 -46.56
C THR RA 98 58.24 -97.18 -45.61
N GLN RA 99 57.77 -97.23 -44.37
CA GLN RA 99 58.41 -98.05 -43.36
C GLN RA 99 58.69 -99.46 -43.85
N TYR RA 100 57.87 -99.97 -44.77
CA TYR RA 100 58.12 -101.29 -45.32
C TYR RA 100 58.98 -101.27 -46.57
N SER RA 101 59.48 -100.11 -46.96
CA SER RA 101 60.31 -100.02 -48.16
C SER RA 101 61.48 -100.97 -48.04
N THR RA 102 61.79 -101.69 -49.11
CA THR RA 102 62.89 -102.63 -49.04
C THR RA 102 64.18 -101.98 -49.52
N ASP RA 103 65.26 -102.75 -49.46
CA ASP RA 103 66.55 -102.22 -49.83
C ASP RA 103 66.66 -101.99 -51.33
N GLU RA 104 66.45 -103.04 -52.11
CA GLU RA 104 66.70 -102.96 -53.54
C GLU RA 104 65.83 -101.91 -54.20
N GLU RA 105 64.57 -101.82 -53.78
CA GLU RA 105 63.71 -100.74 -54.25
C GLU RA 105 64.42 -99.41 -54.12
N ARG RA 106 64.89 -99.09 -52.93
CA ARG RA 106 65.64 -97.87 -52.75
C ARG RA 106 66.86 -97.84 -53.66
N ALA RA 107 67.70 -98.87 -53.57
CA ALA RA 107 68.84 -98.97 -54.47
C ALA RA 107 68.42 -98.77 -55.91
N PHE RA 108 67.33 -99.41 -56.33
CA PHE RA 108 66.83 -99.21 -57.67
C PHE RA 108 66.58 -97.74 -57.95
N VAL RA 109 66.02 -97.02 -56.99
CA VAL RA 109 65.78 -95.60 -57.20
C VAL RA 109 67.08 -94.85 -57.37
N ARG RA 110 68.09 -95.17 -56.55
CA ARG RA 110 69.30 -94.38 -56.57
C ARG RA 110 69.94 -94.37 -57.94
N THR RA 111 70.24 -95.54 -58.48
CA THR RA 111 70.91 -95.60 -59.77
C THR RA 111 70.12 -94.90 -60.85
N GLU RA 112 68.86 -95.31 -61.06
CA GLU RA 112 68.08 -94.78 -62.18
C GLU RA 112 68.07 -93.26 -62.22
N LEU RA 113 67.95 -92.62 -61.06
CA LEU RA 113 68.01 -91.17 -61.06
C LEU RA 113 69.32 -90.69 -61.66
N ALA RA 114 70.43 -91.29 -61.26
CA ALA RA 114 71.70 -90.94 -61.85
C ALA RA 114 71.70 -91.16 -63.35
N ALA RA 115 71.29 -92.34 -63.79
CA ALA RA 115 71.25 -92.61 -65.23
C ALA RA 115 70.49 -91.53 -65.98
N LEU RA 116 69.33 -91.13 -65.47
CA LEU RA 116 68.61 -90.02 -66.08
C LEU RA 116 69.50 -88.79 -66.18
N LEU RA 117 70.21 -88.46 -65.12
CA LEU RA 117 71.07 -87.28 -65.17
C LEU RA 117 72.12 -87.40 -66.24
N ALA RA 118 72.52 -88.61 -66.59
CA ALA RA 118 73.40 -88.82 -67.73
C ALA RA 118 72.64 -89.03 -69.02
N SER RA 119 71.32 -89.18 -68.95
CA SER RA 119 70.55 -89.41 -70.16
C SER RA 119 70.59 -88.18 -71.06
N PRO RA 120 70.60 -88.38 -72.38
CA PRO RA 120 70.55 -87.25 -73.30
C PRO RA 120 69.28 -86.45 -73.16
N LEU RA 121 68.24 -87.00 -72.55
CA LEU RA 121 67.01 -86.23 -72.37
C LEU RA 121 67.25 -85.02 -71.48
N LEU RA 122 67.67 -85.25 -70.25
CA LEU RA 122 67.74 -84.17 -69.28
C LEU RA 122 68.74 -83.10 -69.65
N ILE RA 123 69.82 -83.46 -70.34
CA ILE RA 123 70.86 -82.48 -70.59
C ILE RA 123 70.31 -81.27 -71.33
N ASP RA 124 69.53 -81.47 -72.38
CA ASP RA 124 68.85 -80.36 -73.02
C ASP RA 124 67.86 -79.69 -72.08
N ALA RA 125 67.10 -80.49 -71.34
CA ALA RA 125 66.24 -79.96 -70.31
C ALA RA 125 66.99 -79.12 -69.30
N ILE RA 126 68.10 -79.62 -68.77
CA ILE RA 126 68.91 -78.89 -67.82
C ILE RA 126 69.74 -77.81 -68.50
N ASP RA 127 70.69 -78.23 -69.33
CA ASP RA 127 71.66 -77.27 -69.86
C ASP RA 127 71.00 -76.21 -70.72
N GLN RA 128 70.24 -76.62 -71.72
CA GLN RA 128 69.64 -75.70 -72.65
C GLN RA 128 68.23 -75.29 -72.28
N LEU RA 129 67.73 -75.74 -71.13
CA LEU RA 129 66.39 -75.37 -70.66
C LEU RA 129 65.34 -75.67 -71.72
N ASN RA 130 65.19 -76.95 -72.02
CA ASN RA 130 64.27 -77.26 -73.08
C ASN RA 130 63.25 -78.28 -72.62
N PRO RA 131 62.02 -78.12 -73.01
CA PRO RA 131 61.02 -79.16 -72.75
C PRO RA 131 61.27 -80.39 -73.60
N ALA RA 132 60.29 -81.28 -73.63
CA ALA RA 132 60.49 -82.67 -74.03
C ALA RA 132 60.49 -82.84 -75.55
N TYR RA 133 60.41 -81.76 -76.30
CA TYR RA 133 60.32 -81.87 -77.75
C TYR RA 133 61.68 -81.64 -78.39
N ALA SA 2 28.37 110.19 -59.96
CA ALA SA 2 29.30 111.16 -59.42
C ALA SA 2 29.07 111.36 -57.93
N LYS SA 3 29.71 112.36 -57.36
CA LYS SA 3 29.65 112.64 -55.94
C LYS SA 3 28.23 113.04 -55.54
N LEU SA 4 27.83 112.55 -54.37
CA LEU SA 4 26.63 113.05 -53.72
C LEU SA 4 26.76 114.55 -53.56
N GLU SA 5 25.75 115.29 -53.99
CA GLU SA 5 25.76 116.72 -53.89
C GLU SA 5 24.37 117.23 -53.54
N THR SA 6 24.29 118.54 -53.33
CA THR SA 6 22.98 119.18 -53.22
C THR SA 6 22.33 119.03 -54.58
N VAL SA 7 21.12 118.47 -54.59
CA VAL SA 7 20.42 118.29 -55.85
C VAL SA 7 19.22 119.22 -55.86
N THR SA 8 19.27 120.25 -56.68
CA THR SA 8 18.17 121.17 -56.86
C THR SA 8 17.25 120.61 -57.93
N LEU SA 9 15.95 120.78 -57.73
CA LEU SA 9 14.96 120.33 -58.69
C LEU SA 9 13.96 121.44 -58.93
N GLY SA 10 13.81 121.82 -60.20
CA GLY SA 10 12.79 122.76 -60.61
C GLY SA 10 11.65 122.02 -61.27
N ASN SA 11 10.57 122.78 -61.53
CA ASN SA 11 9.43 122.26 -62.27
C ASN SA 11 8.86 121.02 -61.59
N ILE SA 12 8.25 121.24 -60.44
CA ILE SA 12 7.78 120.17 -59.59
C ILE SA 12 6.31 120.41 -59.31
N GLY SA 13 5.57 119.33 -59.07
CA GLY SA 13 4.16 119.43 -58.74
C GLY SA 13 3.32 119.81 -59.93
N LYS SA 14 2.01 119.69 -59.73
CA LYS SA 14 1.06 120.04 -60.78
C LYS SA 14 1.31 121.44 -61.32
N ASP SA 15 1.71 122.35 -60.43
CA ASP SA 15 2.08 123.70 -60.87
C ASP SA 15 3.32 123.66 -61.76
N GLY SA 16 4.37 122.98 -61.31
CA GLY SA 16 5.65 123.10 -61.99
C GLY SA 16 6.42 124.31 -61.55
N LYS SA 17 5.88 125.10 -60.63
CA LYS SA 17 6.66 126.18 -60.02
C LYS SA 17 7.32 125.69 -58.74
N GLN SA 18 6.98 124.50 -58.28
CA GLN SA 18 7.56 123.93 -57.09
C GLN SA 18 9.02 123.60 -57.34
N THR SA 19 9.85 123.83 -56.33
CA THR SA 19 11.26 123.51 -56.38
C THR SA 19 11.65 122.74 -55.13
N LEU SA 20 12.70 121.94 -55.25
CA LEU SA 20 13.14 121.12 -54.14
C LEU SA 20 14.65 120.95 -54.19
N VAL SA 21 15.28 120.99 -53.03
CA VAL SA 21 16.69 120.69 -52.92
C VAL SA 21 16.85 119.45 -52.05
N LEU SA 22 17.93 118.71 -52.28
CA LEU SA 22 18.18 117.46 -51.56
C LEU SA 22 19.62 117.46 -51.09
N ASN SA 23 19.80 117.36 -49.83
CA ASN SA 23 21.18 117.29 -49.40
C ASN SA 23 21.63 115.84 -49.33
N PRO SA 24 22.91 115.60 -49.60
CA PRO SA 24 23.45 114.25 -49.41
C PRO SA 24 23.35 113.85 -47.95
N ARG SA 25 22.78 112.66 -47.73
CA ARG SA 25 22.60 112.14 -46.39
C ARG SA 25 23.67 111.13 -46.01
N GLY SA 26 24.64 110.90 -46.87
CA GLY SA 26 25.58 109.82 -46.67
C GLY SA 26 25.05 108.52 -47.24
N VAL SA 27 25.79 107.45 -46.98
CA VAL SA 27 25.47 106.14 -47.55
C VAL SA 27 25.49 105.11 -46.43
N ASN SA 28 24.42 104.35 -46.31
CA ASN SA 28 24.47 103.22 -45.42
C ASN SA 28 25.34 102.13 -46.01
N PRO SA 29 26.49 101.82 -45.42
CA PRO SA 29 27.37 100.82 -46.01
C PRO SA 29 26.82 99.41 -45.93
N THR SA 30 25.99 99.11 -44.93
CA THR SA 30 25.48 97.75 -44.78
C THR SA 30 24.76 97.30 -46.04
N ASN SA 31 23.60 97.87 -46.30
CA ASN SA 31 22.90 97.60 -47.55
C ASN SA 31 23.60 98.25 -48.74
N GLY SA 32 24.57 99.13 -48.51
CA GLY SA 32 25.22 99.82 -49.60
C GLY SA 32 24.26 100.71 -50.35
N VAL SA 33 23.57 101.60 -49.66
CA VAL SA 33 22.54 102.44 -50.26
C VAL SA 33 22.77 103.88 -49.86
N ALA SA 34 22.80 104.76 -50.86
CA ALA SA 34 22.90 106.18 -50.62
C ALA SA 34 21.56 106.75 -50.16
N SER SA 35 21.61 107.93 -49.55
CA SER SA 35 20.42 108.58 -49.08
C SER SA 35 20.51 110.06 -49.36
N LEU SA 36 19.38 110.65 -49.72
CA LEU SA 36 19.28 112.08 -49.98
C LEU SA 36 18.06 112.61 -49.26
N SER SA 37 18.11 113.87 -48.87
CA SER SA 37 16.95 114.42 -48.18
C SER SA 37 16.84 115.92 -48.41
N GLN SA 38 15.60 116.38 -48.42
CA GLN SA 38 15.33 117.78 -48.19
C GLN SA 38 15.82 118.17 -46.81
N ALA SA 39 16.24 119.43 -46.68
CA ALA SA 39 16.57 119.94 -45.35
C ALA SA 39 15.33 120.62 -44.78
N GLY SA 40 14.73 119.92 -43.82
CA GLY SA 40 13.59 120.46 -43.09
C GLY SA 40 13.95 120.74 -41.65
N ALA SA 41 12.93 120.70 -40.81
CA ALA SA 41 13.15 120.75 -39.38
C ALA SA 41 13.35 119.35 -38.82
N VAL SA 42 12.31 118.53 -38.87
CA VAL SA 42 12.36 117.20 -38.28
C VAL SA 42 12.71 116.18 -39.37
N PRO SA 43 13.81 115.45 -39.23
CA PRO SA 43 14.15 114.43 -40.22
C PRO SA 43 13.02 113.47 -40.51
N ALA SA 44 12.29 113.02 -39.49
CA ALA SA 44 11.11 112.21 -39.70
C ALA SA 44 10.15 112.86 -40.68
N LEU SA 45 10.01 114.17 -40.63
CA LEU SA 45 9.17 114.88 -41.58
C LEU SA 45 9.84 115.08 -42.92
N GLU SA 46 11.17 115.14 -42.94
CA GLU SA 46 11.89 115.55 -44.13
C GLU SA 46 11.77 114.49 -45.22
N LYS SA 47 11.67 114.96 -46.46
CA LYS SA 47 11.50 114.08 -47.62
C LYS SA 47 12.78 113.26 -47.74
N ARG SA 48 12.63 112.03 -48.20
CA ARG SA 48 13.79 111.16 -48.34
C ARG SA 48 13.88 110.62 -49.76
N VAL SA 49 15.10 110.44 -50.24
CA VAL SA 49 15.35 109.87 -51.55
C VAL SA 49 16.48 108.87 -51.41
N THR SA 50 16.27 107.65 -51.90
CA THR SA 50 17.21 106.56 -51.75
C THR SA 50 17.53 105.98 -53.12
N VAL SA 51 18.82 105.80 -53.39
CA VAL SA 51 19.27 105.15 -54.60
C VAL SA 51 20.26 104.08 -54.22
N SER SA 52 20.35 103.06 -55.07
CA SER SA 52 21.28 101.98 -54.83
C SER SA 52 21.65 101.33 -56.15
N VAL SA 53 22.85 100.77 -56.17
CA VAL SA 53 23.27 99.94 -57.29
C VAL SA 53 23.39 98.53 -56.76
N SER SA 54 23.82 97.61 -57.62
CA SER SA 54 24.01 96.23 -57.22
C SER SA 54 25.00 95.60 -58.18
N GLN SA 55 25.51 94.44 -57.79
CA GLN SA 55 26.39 93.72 -58.68
C GLN SA 55 26.04 92.25 -58.67
N PRO SA 56 26.16 91.56 -59.80
CA PRO SA 56 25.71 90.17 -59.86
C PRO SA 56 26.53 89.28 -58.95
N SER SA 57 25.83 88.34 -58.31
CA SER SA 57 26.47 87.41 -57.40
C SER SA 57 26.12 86.00 -57.84
N ARG SA 58 26.53 85.02 -57.04
CA ARG SA 58 26.07 83.66 -57.25
C ARG SA 58 24.56 83.53 -57.11
N ASN SA 59 23.91 84.45 -56.40
CA ASN SA 59 22.47 84.47 -56.27
C ASN SA 59 21.76 85.04 -57.49
N ARG SA 60 22.33 86.07 -58.11
CA ARG SA 60 21.70 86.69 -59.26
C ARG SA 60 22.79 87.19 -60.21
N LYS SA 61 22.55 87.01 -61.50
CA LYS SA 61 23.49 87.38 -62.53
C LYS SA 61 23.17 88.75 -63.10
N ASN SA 62 22.17 89.41 -62.54
CA ASN SA 62 21.65 90.64 -63.11
C ASN SA 62 21.94 91.81 -62.21
N TYR SA 63 22.08 92.99 -62.80
CA TYR SA 63 22.23 94.21 -62.04
C TYR SA 63 20.87 94.71 -61.59
N LYS SA 64 20.80 95.20 -60.35
CA LYS SA 64 19.60 95.83 -59.83
C LYS SA 64 19.94 97.27 -59.48
N VAL SA 65 19.07 98.18 -59.90
CA VAL SA 65 19.15 99.58 -59.51
C VAL SA 65 17.82 99.92 -58.88
N GLN SA 66 17.85 100.22 -57.58
CA GLN SA 66 16.65 100.46 -56.81
C GLN SA 66 16.61 101.90 -56.38
N VAL SA 67 15.46 102.54 -56.56
CA VAL SA 67 15.25 103.92 -56.16
C VAL SA 67 13.91 104.00 -55.45
N LYS SA 68 13.93 104.47 -54.21
CA LYS SA 68 12.74 104.61 -53.41
C LYS SA 68 12.61 106.05 -52.94
N ILE SA 69 11.38 106.54 -52.86
CA ILE SA 69 11.10 107.90 -52.43
C ILE SA 69 10.07 107.83 -51.31
N GLN SA 70 10.32 108.58 -50.25
CA GLN SA 70 9.47 108.58 -49.07
C GLN SA 70 9.10 110.02 -48.74
N ASN SA 71 7.81 110.34 -48.85
CA ASN SA 71 7.31 111.70 -48.63
C ASN SA 71 6.17 111.64 -47.65
N PRO SA 72 6.43 111.84 -46.37
CA PRO SA 72 5.36 111.78 -45.38
C PRO SA 72 4.43 112.97 -45.50
N THR SA 73 3.40 112.95 -44.68
CA THR SA 73 2.43 114.02 -44.61
C THR SA 73 2.41 114.54 -43.18
N ALA SA 74 2.86 115.77 -43.00
CA ALA SA 74 2.92 116.39 -41.69
C ALA SA 74 1.53 116.80 -41.25
N CYS SA 75 1.19 116.49 -40.00
CA CYS SA 75 0.02 117.07 -39.36
C CYS SA 75 0.55 118.16 -38.45
N THR SA 76 0.33 119.41 -38.85
CA THR SA 76 0.89 120.53 -38.11
C THR SA 76 0.27 120.64 -36.73
N ALA SA 77 -1.05 120.76 -36.67
CA ALA SA 77 -1.75 120.81 -35.39
C ALA SA 77 -2.39 119.45 -35.18
N ASN SA 78 -1.83 118.69 -34.25
CA ASN SA 78 -2.42 117.45 -33.78
C ASN SA 78 -3.23 117.67 -32.51
N GLY SA 79 -3.37 118.91 -32.07
CA GLY SA 79 -3.78 119.16 -30.70
C GLY SA 79 -2.63 119.06 -29.73
N SER SA 80 -1.42 118.84 -30.23
CA SER SA 80 -0.23 118.69 -29.42
C SER SA 80 0.82 119.68 -29.94
N CYS SA 81 1.86 119.89 -29.14
CA CYS SA 81 2.87 120.88 -29.46
C CYS SA 81 3.77 120.48 -30.62
N ASP SA 82 3.77 119.21 -31.03
CA ASP SA 82 4.67 118.79 -32.06
C ASP SA 82 3.90 118.18 -33.23
N PRO SA 83 4.35 118.42 -34.46
CA PRO SA 83 3.70 117.79 -35.60
C PRO SA 83 3.94 116.29 -35.60
N SER SA 84 3.12 115.58 -36.36
CA SER SA 84 3.18 114.12 -36.39
C SER SA 84 2.97 113.61 -37.81
N VAL SA 85 3.61 112.49 -38.09
CA VAL SA 85 3.47 111.83 -39.38
C VAL SA 85 2.03 111.34 -39.50
N THR SA 86 1.41 111.60 -40.63
CA THR SA 86 0.06 111.12 -40.85
C THR SA 86 0.03 110.04 -41.94
N ARG SA 87 0.22 110.45 -43.18
CA ARG SA 87 0.27 109.52 -44.30
C ARG SA 87 1.69 109.47 -44.83
N GLN SA 88 2.09 108.31 -45.32
CA GLN SA 88 3.45 108.13 -45.82
C GLN SA 88 3.35 107.72 -47.27
N ALA SA 89 3.78 108.60 -48.17
CA ALA SA 89 3.75 108.32 -49.60
C ALA SA 89 4.96 107.48 -49.96
N TYR SA 90 4.72 106.35 -50.61
CA TYR SA 90 5.80 105.48 -51.05
C TYR SA 90 5.92 105.47 -52.57
N ALA SA 91 7.08 105.90 -53.04
CA ALA SA 91 7.37 105.86 -54.46
C ALA SA 91 8.59 104.97 -54.65
N ASP SA 92 8.42 103.87 -55.37
CA ASP SA 92 9.47 102.88 -55.54
C ASP SA 92 9.71 102.63 -57.03
N VAL SA 93 10.99 102.58 -57.41
CA VAL SA 93 11.40 102.33 -58.78
C VAL SA 93 12.57 101.37 -58.75
N THR SA 94 12.55 100.38 -59.62
CA THR SA 94 13.62 99.41 -59.71
C THR SA 94 14.07 99.28 -61.16
N PHE SA 95 15.23 98.65 -61.34
CA PHE SA 95 15.76 98.39 -62.66
C PHE SA 95 16.48 97.07 -62.66
N SER SA 96 16.34 96.35 -63.77
CA SER SA 96 17.06 95.10 -63.96
C SER SA 96 17.83 95.19 -65.27
N PHE SA 97 19.02 94.61 -65.28
CA PHE SA 97 19.83 94.60 -66.48
C PHE SA 97 20.67 93.34 -66.51
N THR SA 98 21.14 93.00 -67.69
CA THR SA 98 21.96 91.83 -67.90
C THR SA 98 23.40 92.27 -68.06
N GLN SA 99 24.32 91.42 -67.62
CA GLN SA 99 25.73 91.73 -67.70
C GLN SA 99 26.13 92.20 -69.07
N TYR SA 100 25.44 91.77 -70.12
CA TYR SA 100 25.75 92.24 -71.46
C TYR SA 100 24.94 93.47 -71.86
N SER SA 101 24.15 94.02 -70.94
CA SER SA 101 23.35 95.20 -71.26
C SER SA 101 24.25 96.31 -71.77
N THR SA 102 23.82 96.98 -72.84
CA THR SA 102 24.67 98.04 -73.37
C THR SA 102 24.28 99.38 -72.77
N ASP SA 103 25.00 100.41 -73.18
CA ASP SA 103 24.77 101.74 -72.62
C ASP SA 103 23.46 102.32 -73.13
N GLU SA 104 23.31 102.44 -74.45
CA GLU SA 104 22.17 103.15 -74.99
C GLU SA 104 20.86 102.50 -74.60
N GLU SA 105 20.82 101.16 -74.58
CA GLU SA 105 19.66 100.46 -74.07
C GLU SA 105 19.25 101.02 -72.72
N ARG SA 106 20.19 101.06 -71.78
CA ARG SA 106 19.90 101.65 -70.49
C ARG SA 106 19.46 103.09 -70.65
N ALA SA 107 20.29 103.90 -71.30
CA ALA SA 107 19.91 105.28 -71.57
C ALA SA 107 18.52 105.36 -72.19
N PHE SA 108 18.24 104.51 -73.15
CA PHE SA 108 16.91 104.47 -73.73
C PHE SA 108 15.85 104.26 -72.66
N VAL SA 109 16.11 103.38 -71.70
CA VAL SA 109 15.14 103.16 -70.64
C VAL SA 109 14.95 104.41 -69.82
N ARG SA 110 16.04 105.09 -69.49
CA ARG SA 110 15.94 106.21 -68.56
C ARG SA 110 14.99 107.27 -69.08
N THR SA 111 15.24 107.78 -70.28
CA THR SA 111 14.39 108.84 -70.80
C THR SA 111 12.94 108.43 -70.89
N GLU SA 112 12.66 107.33 -71.60
CA GLU SA 112 11.27 106.96 -71.84
C GLU SA 112 10.45 106.88 -70.57
N LEU SA 113 11.01 106.35 -69.49
CA LEU SA 113 10.28 106.34 -68.24
C LEU SA 113 9.89 107.74 -67.84
N ALA SA 114 10.83 108.69 -67.93
CA ALA SA 114 10.49 110.07 -67.63
C ALA SA 114 9.38 110.58 -68.54
N ALA SA 115 9.52 110.39 -69.85
CA ALA SA 115 8.49 110.84 -70.77
C ALA SA 115 7.12 110.33 -70.37
N LEU SA 116 7.02 109.05 -70.03
CA LEU SA 116 5.77 108.54 -69.51
C LEU SA 116 5.27 109.34 -68.33
N LEU SA 117 6.15 109.64 -67.39
CA LEU SA 117 5.73 110.41 -66.24
C LEU SA 117 5.19 111.76 -66.62
N ALA SA 118 5.64 112.32 -67.74
CA ALA SA 118 5.05 113.53 -68.27
C ALA SA 118 3.92 113.25 -69.23
N SER SA 119 3.70 112.00 -69.61
CA SER SA 119 2.63 111.69 -70.54
C SER SA 119 1.28 111.96 -69.92
N PRO SA 120 0.31 112.43 -70.71
CA PRO SA 120 -1.04 112.63 -70.18
C PRO SA 120 -1.69 111.35 -69.70
N LEU SA 121 -1.17 110.19 -70.11
CA LEU SA 121 -1.73 108.95 -69.62
C LEU SA 121 -1.58 108.82 -68.13
N LEU SA 122 -0.35 108.82 -67.64
CA LEU SA 122 -0.10 108.51 -66.24
C LEU SA 122 -0.70 109.52 -65.29
N ILE SA 123 -0.78 110.79 -65.70
CA ILE SA 123 -1.24 111.80 -64.76
C ILE SA 123 -2.61 111.46 -64.19
N ASP SA 124 -3.56 111.09 -65.04
CA ASP SA 124 -4.84 110.61 -64.53
C ASP SA 124 -4.68 109.34 -63.73
N ALA SA 125 -3.86 108.42 -64.21
CA ALA SA 125 -3.53 107.23 -63.45
C ALA SA 125 -2.93 107.58 -62.09
N ILE SA 126 -1.96 108.46 -62.03
CA ILE SA 126 -1.35 108.88 -60.78
C ILE SA 126 -2.25 109.83 -60.02
N ASP SA 127 -2.45 111.03 -60.56
CA ASP SA 127 -3.13 112.07 -59.80
C ASP SA 127 -4.55 111.69 -59.44
N GLN SA 128 -5.35 111.32 -60.43
CA GLN SA 128 -6.75 111.03 -60.21
C GLN SA 128 -7.02 109.55 -59.98
N LEU SA 129 -6.00 108.71 -59.93
CA LEU SA 129 -6.15 107.29 -59.67
C LEU SA 129 -7.13 106.66 -60.65
N ASN SA 130 -6.75 106.69 -61.91
CA ASN SA 130 -7.70 106.18 -62.89
C ASN SA 130 -7.05 105.11 -63.75
N PRO SA 131 -7.78 104.07 -64.06
CA PRO SA 131 -7.28 103.10 -65.03
C PRO SA 131 -7.28 103.67 -66.43
N ALA SA 132 -7.10 102.80 -67.42
CA ALA SA 132 -6.66 103.19 -68.75
C ALA SA 132 -7.80 103.70 -69.62
N TYR SA 133 -9.00 103.82 -69.07
CA TYR SA 133 -10.13 104.24 -69.88
C TYR SA 133 -10.41 105.71 -69.69
N ALA TA 2 41.73 -125.21 -0.48
CA ALA TA 2 43.08 -125.72 -0.30
C ALA TA 2 44.03 -125.07 -1.29
N LYS TA 3 45.24 -125.60 -1.37
CA LYS TA 3 46.28 -125.06 -2.21
C LYS TA 3 45.89 -125.18 -3.68
N LEU TA 4 46.23 -124.15 -4.44
CA LEU TA 4 46.17 -124.23 -5.90
C LEU TA 4 47.02 -125.40 -6.34
N GLU TA 5 46.46 -126.25 -7.18
CA GLU TA 5 47.18 -127.40 -7.67
C GLU TA 5 46.82 -127.65 -9.13
N THR TA 6 47.48 -128.64 -9.70
CA THR TA 6 47.07 -129.12 -11.02
C THR TA 6 45.70 -129.75 -10.82
N VAL TA 7 44.74 -129.29 -11.61
CA VAL TA 7 43.39 -129.83 -11.49
C VAL TA 7 43.08 -130.62 -12.75
N THR TA 8 43.02 -131.94 -12.62
CA THR TA 8 42.66 -132.81 -13.72
C THR TA 8 41.15 -132.93 -13.75
N LEU TA 9 40.59 -132.98 -14.95
CA LEU TA 9 39.16 -133.13 -15.12
C LEU TA 9 38.88 -134.20 -16.17
N GLY TA 10 38.12 -135.22 -15.77
CA GLY TA 10 37.66 -136.23 -16.69
C GLY TA 10 36.20 -135.99 -17.04
N ASN TA 11 35.73 -136.76 -18.01
CA ASN TA 11 34.32 -136.75 -18.40
C ASN TA 11 33.90 -135.34 -18.81
N ILE TA 12 34.42 -134.90 -19.95
CA ILE TA 12 34.24 -133.54 -20.42
C ILE TA 12 33.67 -133.60 -21.82
N GLY TA 13 32.91 -132.58 -22.19
CA GLY TA 13 32.34 -132.48 -23.52
C GLY TA 13 31.21 -133.47 -23.73
N LYS TA 14 30.52 -133.27 -24.86
CA LYS TA 14 29.40 -134.13 -25.20
C LYS TA 14 29.82 -135.60 -25.16
N ASP TA 15 31.05 -135.89 -25.59
CA ASP TA 15 31.56 -137.25 -25.49
C ASP TA 15 31.69 -137.68 -24.03
N GLY TA 16 32.30 -136.87 -23.19
CA GLY TA 16 32.66 -137.33 -21.87
C GLY TA 16 33.95 -138.10 -21.84
N LYS TA 17 34.60 -138.26 -22.99
CA LYS TA 17 35.95 -138.82 -23.00
C LYS TA 17 36.99 -137.71 -22.96
N GLN TA 18 36.56 -136.47 -23.09
CA GLN TA 18 37.46 -135.34 -23.03
C GLN TA 18 38.01 -135.18 -21.61
N THR TA 19 39.28 -134.83 -21.53
CA THR TA 19 39.93 -134.57 -20.26
C THR TA 19 40.67 -133.25 -20.33
N LEU TA 20 40.85 -132.63 -19.17
CA LEU TA 20 41.50 -131.32 -19.11
C LEU TA 20 42.28 -131.20 -17.82
N VAL TA 21 43.45 -130.59 -17.89
CA VAL TA 21 44.24 -130.28 -16.73
C VAL TA 21 44.36 -128.76 -16.64
N LEU TA 22 44.51 -128.26 -15.41
CA LEU TA 22 44.59 -126.82 -15.18
C LEU TA 22 45.77 -126.55 -14.25
N ASN TA 23 46.68 -125.78 -14.71
CA ASN TA 23 47.75 -125.47 -13.79
C ASN TA 23 47.42 -124.22 -12.99
N PRO TA 24 47.89 -124.15 -11.75
CA PRO TA 24 47.74 -122.91 -10.99
C PRO TA 24 48.48 -121.78 -11.67
N ARG TA 25 47.77 -120.68 -11.87
CA ARG TA 25 48.34 -119.49 -12.52
C ARG TA 25 48.78 -118.44 -11.53
N GLY TA 26 48.66 -118.71 -10.24
CA GLY TA 26 48.89 -117.68 -9.24
C GLY TA 26 47.61 -116.91 -8.96
N VAL TA 27 47.74 -115.87 -8.17
CA VAL TA 27 46.60 -115.08 -7.73
C VAL TA 27 46.90 -113.62 -7.93
N ASN TA 28 46.01 -112.92 -8.63
CA ASN TA 28 46.15 -111.47 -8.67
C ASN TA 28 45.78 -110.89 -7.33
N PRO TA 29 46.72 -110.28 -6.60
CA PRO TA 29 46.39 -109.75 -5.27
C PRO TA 29 45.50 -108.54 -5.32
N THR TA 30 45.56 -107.74 -6.39
CA THR TA 30 44.75 -106.53 -6.44
C THR TA 30 43.28 -106.85 -6.26
N ASN TA 31 42.67 -107.48 -7.24
CA ASN TA 31 41.30 -107.93 -7.09
C ASN TA 31 41.19 -109.12 -6.15
N GLY TA 32 42.31 -109.72 -5.76
CA GLY TA 32 42.26 -110.89 -4.91
C GLY TA 32 41.58 -112.05 -5.58
N VAL TA 33 42.04 -112.43 -6.77
CA VAL TA 33 41.39 -113.46 -7.56
C VAL TA 33 42.44 -114.46 -8.03
N ALA TA 34 42.18 -115.74 -7.78
CA ALA TA 34 43.02 -116.80 -8.28
C ALA TA 34 42.79 -117.03 -9.77
N SER TA 35 43.76 -117.70 -10.39
CA SER TA 35 43.66 -118.00 -11.81
C SER TA 35 44.19 -119.40 -12.07
N LEU TA 36 43.52 -120.09 -12.98
CA LEU TA 36 43.93 -121.43 -13.38
C LEU TA 36 43.92 -121.50 -14.89
N SER TA 37 44.78 -122.34 -15.45
CA SER TA 37 44.80 -122.43 -16.90
C SER TA 37 45.24 -123.82 -17.34
N GLN TA 38 44.72 -124.22 -18.49
CA GLN TA 38 45.33 -125.27 -19.27
C GLN TA 38 46.73 -124.85 -19.68
N ALA TA 39 47.62 -125.82 -19.81
CA ALA TA 39 48.94 -125.54 -20.35
C ALA TA 39 48.89 -125.80 -21.85
N GLY TA 40 48.86 -124.70 -22.61
CA GLY TA 40 48.92 -124.76 -24.05
C GLY TA 40 50.22 -124.21 -24.57
N ALA TA 41 50.17 -123.73 -25.81
CA ALA TA 41 51.30 -122.99 -26.35
C ALA TA 41 51.18 -121.51 -26.03
N VAL TA 42 50.16 -120.86 -26.58
CA VAL TA 42 50.00 -119.42 -26.42
C VAL TA 42 49.02 -119.16 -25.28
N PRO TA 43 49.44 -118.46 -24.22
CA PRO TA 43 48.52 -118.14 -23.13
C PRO TA 43 47.24 -117.49 -23.59
N ALA TA 44 47.29 -116.57 -24.55
CA ALA TA 44 46.09 -116.02 -25.14
C ALA TA 44 45.14 -117.10 -25.63
N LEU TA 45 45.67 -118.18 -26.19
CA LEU TA 45 44.85 -119.29 -26.62
C LEU TA 45 44.44 -120.19 -25.46
N GLU TA 46 45.24 -120.24 -24.41
CA GLU TA 46 45.04 -121.22 -23.35
C GLU TA 46 43.77 -120.92 -22.58
N LYS TA 47 43.08 -122.00 -22.19
CA LYS TA 47 41.82 -121.90 -21.47
C LYS TA 47 42.12 -121.26 -20.11
N ARG TA 48 41.19 -120.47 -19.62
CA ARG TA 48 41.39 -119.82 -18.33
C ARG TA 48 40.24 -120.13 -17.39
N VAL TA 49 40.55 -120.23 -16.10
CA VAL TA 49 39.56 -120.46 -15.07
C VAL TA 49 39.89 -119.53 -13.92
N THR TA 50 38.88 -118.79 -13.46
CA THR TA 50 39.06 -117.79 -12.42
C THR TA 50 38.08 -118.04 -11.30
N VAL TA 51 38.58 -118.02 -10.07
CA VAL TA 51 37.74 -118.13 -8.90
C VAL TA 51 38.11 -117.01 -7.93
N SER TA 52 37.13 -116.63 -7.12
CA SER TA 52 37.36 -115.58 -6.15
C SER TA 52 36.41 -115.75 -5.00
N VAL TA 53 36.85 -115.28 -3.83
CA VAL TA 53 35.98 -115.20 -2.67
C VAL TA 53 35.78 -113.73 -2.39
N SER TA 54 35.04 -113.41 -1.33
CA SER TA 54 34.83 -112.03 -0.94
C SER TA 54 34.47 -112.02 0.53
N GLN TA 55 34.53 -110.85 1.12
CA GLN TA 55 34.13 -110.71 2.51
C GLN TA 55 33.28 -109.46 2.67
N PRO TA 56 32.29 -109.51 3.55
CA PRO TA 56 31.37 -108.37 3.66
C PRO TA 56 32.07 -107.13 4.14
N SER TA 57 31.66 -105.99 3.57
CA SER TA 57 32.25 -104.71 3.92
C SER TA 57 31.11 -103.77 4.30
N ARG TA 58 31.47 -102.51 4.55
CA ARG TA 58 30.46 -101.48 4.71
C ARG TA 58 29.60 -101.32 3.46
N ASN TA 59 30.10 -101.71 2.30
CA ASN TA 59 29.34 -101.66 1.06
C ASN TA 59 28.36 -102.81 0.92
N ARG TA 60 28.72 -104.01 1.36
CA ARG TA 60 27.85 -105.16 1.23
C ARG TA 60 28.08 -106.08 2.42
N LYS TA 61 26.99 -106.64 2.93
CA LYS TA 61 27.02 -107.51 4.09
C LYS TA 61 27.06 -108.97 3.68
N ASN TA 62 27.13 -109.22 2.39
CA ASN TA 62 26.97 -110.56 1.86
C ASN TA 62 28.28 -111.06 1.28
N TYR TA 63 28.48 -112.36 1.32
CA TYR TA 63 29.63 -112.96 0.66
C TYR TA 63 29.34 -113.16 -0.82
N LYS TA 64 30.36 -112.90 -1.63
CA LYS TA 64 30.28 -113.15 -3.06
C LYS TA 64 31.34 -114.18 -3.43
N VAL TA 65 30.95 -115.18 -4.20
CA VAL TA 65 31.88 -116.12 -4.77
C VAL TA 65 31.68 -116.09 -6.27
N GLN TA 66 32.70 -115.63 -6.98
CA GLN TA 66 32.62 -115.42 -8.42
C GLN TA 66 33.53 -116.40 -9.13
N VAL TA 67 33.01 -117.05 -10.16
CA VAL TA 67 33.76 -117.98 -10.97
C VAL TA 67 33.50 -117.67 -12.43
N LYS TA 68 34.55 -117.39 -13.17
CA LYS TA 68 34.44 -117.09 -14.59
C LYS TA 68 35.32 -118.04 -15.37
N ILE TA 69 34.87 -118.42 -16.56
CA ILE TA 69 35.59 -119.33 -17.44
C ILE TA 69 35.71 -118.67 -18.80
N GLN TA 70 36.90 -118.72 -19.37
CA GLN TA 70 37.19 -118.08 -20.64
C GLN TA 70 37.84 -119.11 -21.56
N ASN TA 71 37.14 -119.45 -22.65
CA ASN TA 71 37.59 -120.48 -23.58
C ASN TA 71 37.56 -119.90 -24.99
N PRO TA 72 38.66 -119.37 -25.47
CA PRO TA 72 38.68 -118.78 -26.81
C PRO TA 72 38.57 -119.87 -27.88
N THR TA 73 38.50 -119.41 -29.12
CA THR TA 73 38.46 -120.27 -30.28
C THR TA 73 39.63 -119.94 -31.17
N ALA TA 74 40.58 -120.87 -31.27
CA ALA TA 74 41.76 -120.67 -32.08
C ALA TA 74 41.42 -120.79 -33.55
N CYS TA 75 41.92 -119.85 -34.34
CA CYS TA 75 41.93 -119.99 -35.80
C CYS TA 75 43.33 -120.41 -36.17
N THR TA 76 43.48 -121.69 -36.54
CA THR TA 76 44.82 -122.22 -36.82
C THR TA 76 45.42 -121.56 -38.04
N ALA TA 77 44.74 -121.65 -39.18
CA ALA TA 77 45.20 -121.00 -40.39
C ALA TA 77 44.38 -119.74 -40.59
N ASN TA 78 45.00 -118.59 -40.36
CA ASN TA 78 44.41 -117.31 -40.67
C ASN TA 78 44.89 -116.80 -42.03
N GLY TA 79 45.66 -117.60 -42.76
CA GLY TA 79 46.44 -117.07 -43.85
C GLY TA 79 47.73 -116.44 -43.38
N SER TA 80 48.01 -116.53 -42.07
CA SER TA 80 49.20 -115.95 -41.47
C SER TA 80 49.89 -117.06 -40.68
N CYS TA 81 51.14 -116.79 -40.30
CA CYS TA 81 51.97 -117.78 -39.64
C CYS TA 81 51.54 -118.08 -38.22
N ASP TA 82 50.70 -117.23 -37.61
CA ASP TA 82 50.35 -117.44 -36.22
C ASP TA 82 48.84 -117.56 -36.08
N PRO TA 83 48.38 -118.43 -35.18
CA PRO TA 83 46.94 -118.53 -34.94
C PRO TA 83 46.42 -117.27 -34.27
N SER TA 84 45.11 -117.09 -34.32
CA SER TA 84 44.49 -115.89 -33.80
C SER TA 84 43.18 -116.23 -33.10
N VAL TA 85 42.86 -115.43 -32.08
CA VAL TA 85 41.62 -115.58 -31.35
C VAL TA 85 40.48 -115.25 -32.29
N THR TA 86 39.46 -116.10 -32.31
CA THR TA 86 38.30 -115.82 -33.14
C THR TA 86 37.08 -115.51 -32.29
N ARG TA 87 36.53 -116.51 -31.63
CA ARG TA 87 35.40 -116.36 -30.74
C ARG TA 87 35.86 -116.58 -29.31
N GLN TA 88 35.25 -115.86 -28.39
CA GLN TA 88 35.63 -115.98 -26.99
C GLN TA 88 34.41 -116.43 -26.20
N ALA TA 89 34.45 -117.66 -25.69
CA ALA TA 89 33.34 -118.20 -24.91
C ALA TA 89 33.43 -117.68 -23.48
N TYR TA 90 32.35 -117.09 -23.00
CA TYR TA 90 32.32 -116.59 -21.64
C TYR TA 90 31.37 -117.40 -20.78
N ALA TA 91 31.91 -118.01 -19.74
CA ALA TA 91 31.11 -118.75 -18.78
C ALA TA 91 31.31 -118.09 -17.42
N ASP TA 92 30.24 -117.56 -16.86
CA ASP TA 92 30.30 -116.82 -15.60
C ASP TA 92 29.33 -117.41 -14.59
N VAL TA 93 29.81 -117.57 -13.36
CA VAL TA 93 29.02 -118.11 -12.26
C VAL TA 93 29.32 -117.28 -11.03
N THR TA 94 28.28 -116.91 -10.30
CA THR TA 94 28.41 -116.15 -9.08
C THR TA 94 27.64 -116.82 -7.95
N PHE TA 95 27.93 -116.38 -6.73
CA PHE TA 95 27.24 -116.88 -5.57
C PHE TA 95 27.07 -115.76 -4.56
N SER TA 96 25.93 -115.76 -3.90
CA SER TA 96 25.67 -114.82 -2.82
C SER TA 96 25.28 -115.59 -1.59
N PHE TA 97 25.71 -115.11 -0.43
CA PHE TA 97 25.39 -115.74 0.83
C PHE TA 97 25.30 -114.69 1.91
N THR TA 98 24.63 -115.05 2.99
CA THR TA 98 24.47 -114.17 4.13
C THR TA 98 25.40 -114.62 5.24
N GLN TA 99 25.86 -113.65 6.02
CA GLN TA 99 26.77 -113.95 7.10
C GLN TA 99 26.29 -115.09 7.97
N TYR TA 100 24.99 -115.30 8.06
CA TYR TA 100 24.47 -116.42 8.84
C TYR TA 100 24.28 -117.68 7.99
N SER TA 101 24.67 -117.65 6.72
CA SER TA 101 24.50 -118.81 5.87
C SER TA 101 25.18 -120.02 6.49
N THR TA 102 24.51 -121.17 6.47
CA THR TA 102 25.11 -122.33 7.08
C THR TA 102 25.88 -123.14 6.05
N ASP TA 103 26.50 -124.21 6.51
CA ASP TA 103 27.32 -125.03 5.62
C ASP TA 103 26.47 -125.80 4.64
N GLU TA 104 25.54 -126.61 5.14
CA GLU TA 104 24.82 -127.52 4.26
C GLU TA 104 24.02 -126.77 3.22
N GLU TA 105 23.41 -125.65 3.60
CA GLU TA 105 22.76 -124.79 2.63
C GLU TA 105 23.68 -124.53 1.45
N ARG TA 106 24.88 -124.04 1.72
CA ARG TA 106 25.85 -123.83 0.65
C ARG TA 106 26.12 -125.13 -0.07
N ALA TA 107 26.52 -126.17 0.67
CA ALA TA 107 26.73 -127.47 0.05
C ALA TA 107 25.54 -127.89 -0.79
N PHE TA 108 24.33 -127.69 -0.25
CA PHE TA 108 23.13 -127.99 -1.03
C PHE TA 108 23.14 -127.24 -2.36
N VAL TA 109 23.55 -125.98 -2.34
CA VAL TA 109 23.59 -125.22 -3.59
C VAL TA 109 24.59 -125.83 -4.55
N ARG TA 110 25.77 -126.21 -4.04
CA ARG TA 110 26.82 -126.64 -4.94
C ARG TA 110 26.38 -127.82 -5.79
N THR TA 111 25.95 -128.90 -5.15
CA THR TA 111 25.57 -130.08 -5.91
C THR TA 111 24.47 -129.79 -6.91
N GLU TA 112 23.34 -129.26 -6.44
CA GLU TA 112 22.18 -129.09 -7.31
C GLU TA 112 22.52 -128.34 -8.58
N LEU TA 113 23.36 -127.31 -8.49
CA LEU TA 113 23.76 -126.62 -9.71
C LEU TA 113 24.42 -127.59 -10.67
N ALA TA 114 25.33 -128.42 -10.17
CA ALA TA 114 25.94 -129.42 -11.02
C ALA TA 114 24.90 -130.34 -11.62
N ALA TA 115 24.01 -130.91 -10.80
CA ALA TA 115 22.99 -131.79 -11.31
C ALA TA 115 22.22 -131.15 -12.45
N LEU TA 116 21.82 -129.89 -12.30
CA LEU TA 116 21.19 -129.20 -13.41
C LEU TA 116 22.06 -129.24 -14.65
N LEU TA 117 23.35 -128.96 -14.50
CA LEU TA 117 24.22 -128.98 -15.67
C LEU TA 117 24.24 -130.34 -16.34
N ALA TA 118 24.00 -131.40 -15.58
CA ALA TA 118 23.83 -132.72 -16.18
C ALA TA 118 22.38 -133.02 -16.53
N SER TA 119 21.45 -132.17 -16.13
CA SER TA 119 20.05 -132.42 -16.42
C SER TA 119 19.80 -132.33 -17.92
N PRO TA 120 18.90 -133.15 -18.44
CA PRO TA 120 18.53 -133.05 -19.86
C PRO TA 120 17.91 -131.72 -20.22
N LEU TA 121 17.43 -130.96 -19.23
CA LEU TA 121 16.87 -129.67 -19.54
C LEU TA 121 17.92 -128.74 -20.12
N LEU TA 122 18.97 -128.46 -19.37
CA LEU TA 122 19.93 -127.43 -19.77
C LEU TA 122 20.66 -127.78 -21.04
N ILE TA 123 20.89 -129.05 -21.32
CA ILE TA 123 21.72 -129.41 -22.47
C ILE TA 123 21.14 -128.83 -23.74
N ASP TA 124 19.85 -128.98 -23.98
CA ASP TA 124 19.22 -128.32 -25.10
C ASP TA 124 19.29 -126.81 -24.98
N ALA TA 125 19.04 -126.29 -23.78
CA ALA TA 125 19.22 -124.88 -23.52
C ALA TA 125 20.63 -124.42 -23.83
N ILE TA 126 21.65 -125.13 -23.35
CA ILE TA 126 23.03 -124.79 -23.62
C ILE TA 126 23.44 -125.18 -25.02
N ASP TA 127 23.49 -126.48 -25.30
CA ASP TA 127 24.06 -126.95 -26.55
C ASP TA 127 23.29 -126.43 -27.75
N GLN TA 128 21.99 -126.68 -27.79
CA GLN TA 128 21.19 -126.32 -28.93
C GLN TA 128 20.52 -124.97 -28.80
N LEU TA 129 20.79 -124.23 -27.73
CA LEU TA 129 20.24 -122.89 -27.54
C LEU TA 129 18.73 -122.91 -27.64
N ASN TA 130 18.10 -123.61 -26.72
CA ASN TA 130 16.67 -123.73 -26.84
C ASN TA 130 16.00 -123.29 -25.54
N PRO TA 131 14.90 -122.60 -25.65
CA PRO TA 131 14.10 -122.29 -24.45
C PRO TA 131 13.42 -123.55 -23.94
N ALA TA 132 12.48 -123.35 -23.02
CA ALA TA 132 12.01 -124.39 -22.13
C ALA TA 132 10.97 -125.30 -22.77
N TYR TA 133 10.69 -125.12 -24.06
CA TYR TA 133 9.66 -125.91 -24.70
C TYR TA 133 10.27 -127.05 -25.49
N ALA UA 2 58.11 -119.58 -10.39
CA ALA UA 2 58.06 -120.55 -9.31
C ALA UA 2 58.06 -119.85 -7.96
N LYS UA 3 58.23 -120.62 -6.90
CA LYS UA 3 58.18 -120.12 -5.54
C LYS UA 3 59.33 -119.16 -5.29
N LEU UA 4 59.02 -118.10 -4.55
CA LEU UA 4 60.06 -117.24 -4.00
C LEU UA 4 61.01 -118.10 -3.18
N GLU UA 5 62.30 -117.97 -3.44
CA GLU UA 5 63.29 -118.73 -2.72
C GLU UA 5 64.51 -117.88 -2.46
N THR UA 6 65.47 -118.45 -1.74
CA THR UA 6 66.77 -117.83 -1.61
C THR UA 6 67.38 -117.86 -2.99
N VAL UA 7 67.80 -116.70 -3.48
CA VAL UA 7 68.40 -116.64 -4.81
C VAL UA 7 69.87 -116.30 -4.65
N THR UA 8 70.73 -117.27 -4.91
CA THR UA 8 72.17 -117.07 -4.88
C THR UA 8 72.61 -116.56 -6.24
N LEU UA 9 73.55 -115.65 -6.25
CA LEU UA 9 74.10 -115.11 -7.48
C LEU UA 9 75.61 -115.11 -7.41
N GLY UA 10 76.24 -115.77 -8.39
CA GLY UA 10 77.68 -115.74 -8.54
C GLY UA 10 78.06 -114.80 -9.66
N ASN UA 11 79.37 -114.56 -9.77
CA ASN UA 11 79.92 -113.78 -10.87
C ASN UA 11 79.29 -112.39 -10.93
N ILE UA 12 79.63 -111.60 -9.93
CA ILE UA 12 79.01 -110.29 -9.74
C ILE UA 12 80.12 -109.26 -9.67
N GLY UA 13 79.81 -108.04 -10.08
CA GLY UA 13 80.75 -106.94 -10.01
C GLY UA 13 81.83 -107.07 -11.06
N LYS UA 14 82.60 -105.98 -11.19
CA LYS UA 14 83.69 -105.95 -12.14
C LYS UA 14 84.62 -107.14 -11.95
N ASP UA 15 84.82 -107.55 -10.71
CA ASP UA 15 85.62 -108.75 -10.45
C ASP UA 15 84.93 -109.99 -11.00
N GLY UA 16 83.66 -110.17 -10.70
CA GLY UA 16 83.02 -111.43 -10.99
C GLY UA 16 83.26 -112.47 -9.92
N LYS UA 17 84.01 -112.12 -8.88
CA LYS UA 17 84.12 -113.01 -7.73
C LYS UA 17 83.08 -112.66 -6.68
N GLN UA 18 82.37 -111.56 -6.87
CA GLN UA 18 81.32 -111.15 -5.95
C GLN UA 18 80.15 -112.11 -6.03
N THR UA 19 79.56 -112.40 -4.89
CA THR UA 19 78.39 -113.25 -4.80
C THR UA 19 77.33 -112.56 -3.95
N LEU UA 20 76.07 -112.91 -4.20
CA LEU UA 20 74.97 -112.29 -3.48
C LEU UA 20 73.84 -113.29 -3.31
N VAL UA 21 73.20 -113.27 -2.16
CA VAL UA 21 72.02 -114.05 -1.91
C VAL UA 21 70.87 -113.11 -1.65
N LEU UA 22 69.66 -113.56 -1.97
CA LEU UA 22 68.46 -112.74 -1.84
C LEU UA 22 67.38 -113.57 -1.13
N ASN UA 23 66.95 -113.09 -0.03
CA ASN UA 23 65.87 -113.84 0.59
C ASN UA 23 64.52 -113.35 0.10
N PRO UA 24 63.54 -114.22 0.01
CA PRO UA 24 62.19 -113.79 -0.30
C PRO UA 24 61.67 -112.86 0.79
N ARG UA 25 61.18 -111.70 0.36
CA ARG UA 25 60.66 -110.70 1.28
C ARG UA 25 59.14 -110.75 1.38
N GLY UA 26 58.50 -111.68 0.71
CA GLY UA 26 57.05 -111.66 0.60
C GLY UA 26 56.61 -110.82 -0.57
N VAL UA 27 55.29 -110.63 -0.67
CA VAL UA 27 54.70 -109.93 -1.78
C VAL UA 27 53.72 -108.90 -1.25
N ASN UA 28 53.88 -107.65 -1.68
CA ASN UA 28 52.86 -106.68 -1.37
C ASN UA 28 51.62 -106.96 -2.20
N PRO UA 29 50.51 -107.34 -1.59
CA PRO UA 29 49.31 -107.66 -2.37
C PRO UA 29 48.67 -106.45 -3.01
N THR UA 30 48.82 -105.27 -2.43
CA THR UA 30 48.17 -104.09 -2.99
C THR UA 30 48.58 -103.88 -4.43
N ASN UA 31 49.83 -103.48 -4.64
CA ASN UA 31 50.37 -103.37 -5.99
C ASN UA 31 50.59 -104.73 -6.62
N GLY UA 32 50.51 -105.81 -5.85
CA GLY UA 32 50.79 -107.12 -6.38
C GLY UA 32 52.22 -107.26 -6.85
N VAL UA 33 53.18 -106.97 -5.98
CA VAL UA 33 54.58 -106.94 -6.35
C VAL UA 33 55.37 -107.74 -5.33
N ALA UA 34 56.17 -108.68 -5.81
CA ALA UA 34 57.07 -109.44 -4.97
C ALA UA 34 58.28 -108.60 -4.59
N SER UA 35 58.96 -109.04 -3.53
CA SER UA 35 60.14 -108.34 -3.05
C SER UA 35 61.19 -109.35 -2.64
N LEU UA 36 62.45 -109.03 -2.93
CA LEU UA 36 63.57 -109.87 -2.56
C LEU UA 36 64.63 -108.98 -1.94
N SER UA 37 65.42 -109.53 -1.03
CA SER UA 37 66.45 -108.73 -0.40
C SER UA 37 67.63 -109.57 0.02
N GLN UA 38 68.80 -108.96 -0.03
CA GLN UA 38 69.93 -109.44 0.73
C GLN UA 38 69.60 -109.41 2.21
N ALA UA 39 70.18 -110.35 2.95
CA ALA UA 39 70.05 -110.30 4.40
C ALA UA 39 71.25 -109.54 4.96
N GLY UA 40 70.99 -108.32 5.38
CA GLY UA 40 71.97 -107.49 6.03
C GLY UA 40 71.64 -107.27 7.49
N ALA UA 41 72.14 -106.17 8.01
CA ALA UA 41 71.74 -105.74 9.34
C ALA UA 41 70.49 -104.86 9.27
N VAL UA 42 70.62 -103.70 8.66
CA VAL UA 42 69.53 -102.74 8.62
C VAL UA 42 68.80 -102.88 7.29
N PRO UA 43 67.50 -103.21 7.30
CA PRO UA 43 66.74 -103.31 6.05
C PRO UA 43 66.87 -102.10 5.17
N ALA UA 44 66.84 -100.89 5.72
CA ALA UA 44 67.11 -99.69 4.96
C ALA UA 44 68.42 -99.78 4.19
N LEU UA 45 69.44 -100.39 4.77
CA LEU UA 45 70.70 -100.59 4.09
C LEU UA 45 70.65 -101.77 3.13
N GLU UA 46 69.80 -102.75 3.39
CA GLU UA 46 69.84 -104.00 2.66
C GLU UA 46 69.40 -103.80 1.21
N LYS UA 47 70.05 -104.52 0.32
CA LYS UA 47 69.77 -104.42 -1.12
C LYS UA 47 68.35 -104.92 -1.34
N ARG UA 48 67.66 -104.33 -2.29
CA ARG UA 48 66.29 -104.74 -2.58
C ARG UA 48 66.15 -105.10 -4.04
N VAL UA 49 65.29 -106.09 -4.32
CA VAL UA 49 64.97 -106.51 -5.67
C VAL UA 49 63.47 -106.69 -5.75
N THR UA 50 62.86 -106.08 -6.75
CA THR UA 50 61.41 -106.09 -6.90
C THR UA 50 61.05 -106.58 -8.30
N VAL UA 51 60.11 -107.52 -8.35
CA VAL UA 51 59.59 -108.00 -9.63
C VAL UA 51 58.07 -107.95 -9.57
N SER UA 52 57.47 -107.82 -10.74
CA SER UA 52 56.03 -107.76 -10.81
C SER UA 52 55.58 -108.24 -12.18
N VAL UA 53 54.38 -108.80 -12.22
CA VAL UA 53 53.73 -109.12 -13.47
C VAL UA 53 52.54 -108.20 -13.60
N SER UA 54 51.77 -108.36 -14.67
CA SER UA 54 50.59 -107.55 -14.88
C SER UA 54 49.66 -108.32 -15.81
N GLN UA 55 48.41 -107.88 -15.86
CA GLN UA 55 47.49 -108.49 -16.79
C GLN UA 55 46.67 -107.41 -17.48
N PRO UA 56 46.33 -107.61 -18.75
CA PRO UA 56 45.66 -106.55 -19.50
C PRO UA 56 44.30 -106.24 -18.92
N SER UA 57 43.96 -104.96 -18.91
CA SER UA 57 42.69 -104.49 -18.39
C SER UA 57 42.02 -103.65 -19.45
N ARG UA 58 40.88 -103.06 -19.09
CA ARG UA 58 40.26 -102.06 -19.94
C ARG UA 58 41.16 -100.86 -20.18
N ASN UA 59 42.11 -100.61 -19.28
CA ASN UA 59 43.07 -99.52 -19.44
C ASN UA 59 44.20 -99.87 -20.40
N ARG UA 60 44.67 -101.10 -20.39
CA ARG UA 60 45.77 -101.50 -21.26
C ARG UA 60 45.58 -102.96 -21.67
N LYS UA 61 45.87 -103.24 -22.93
CA LYS UA 61 45.71 -104.57 -23.49
C LYS UA 61 47.01 -105.35 -23.45
N ASN UA 62 48.05 -104.75 -22.87
CA ASN UA 62 49.39 -105.31 -22.95
C ASN UA 62 49.84 -105.77 -21.58
N TYR UA 63 50.69 -106.79 -21.58
CA TYR UA 63 51.31 -107.24 -20.33
C TYR UA 63 52.49 -106.35 -19.99
N LYS UA 64 52.64 -106.05 -18.71
CA LYS UA 64 53.79 -105.33 -18.20
C LYS UA 64 54.53 -106.21 -17.22
N VAL UA 65 55.84 -106.27 -17.35
CA VAL UA 65 56.70 -106.94 -16.39
C VAL UA 65 57.71 -105.91 -15.93
N GLN UA 66 57.64 -105.53 -14.66
CA GLN UA 66 58.47 -104.48 -14.11
C GLN UA 66 59.44 -105.07 -13.12
N VAL UA 67 60.70 -104.68 -13.23
CA VAL UA 67 61.74 -105.12 -12.32
C VAL UA 67 62.55 -103.92 -11.91
N LYS UA 68 62.62 -103.65 -10.62
CA LYS UA 68 63.38 -102.53 -10.08
C LYS UA 68 64.38 -103.04 -9.07
N ILE UA 69 65.54 -102.40 -9.02
CA ILE UA 69 66.61 -102.77 -8.11
C ILE UA 69 67.04 -101.52 -7.35
N GLN UA 70 67.19 -101.65 -6.05
CA GLN UA 70 67.53 -100.54 -5.18
C GLN UA 70 68.73 -100.94 -4.34
N ASN UA 71 69.85 -100.24 -4.54
CA ASN UA 71 71.10 -100.54 -3.86
C ASN UA 71 71.64 -99.27 -3.24
N PRO UA 72 71.34 -99.02 -1.98
CA PRO UA 72 71.82 -97.80 -1.33
C PRO UA 72 73.32 -97.85 -1.12
N THR UA 73 73.85 -96.74 -0.60
CA THR UA 73 75.24 -96.62 -0.25
C THR UA 73 75.34 -96.28 1.23
N ALA UA 74 75.87 -97.21 2.00
CA ALA UA 74 76.00 -97.03 3.43
C ALA UA 74 77.15 -96.08 3.73
N CYS UA 75 76.91 -95.14 4.62
CA CYS UA 75 77.97 -94.33 5.21
C CYS UA 75 78.21 -94.93 6.59
N THR UA 76 79.34 -95.64 6.74
CA THR UA 76 79.60 -96.35 7.98
C THR UA 76 79.82 -95.36 9.13
N ALA UA 77 80.79 -94.47 8.97
CA ALA UA 77 81.04 -93.45 9.98
C ALA UA 77 80.46 -92.14 9.46
N ASN UA 78 79.36 -91.73 10.06
CA ASN UA 78 78.78 -90.41 9.81
C ASN UA 78 79.21 -89.41 10.87
N GLY UA 79 80.10 -89.81 11.77
CA GLY UA 79 80.28 -89.06 13.01
C GLY UA 79 79.24 -89.40 14.03
N SER UA 80 78.37 -90.37 13.73
CA SER UA 80 77.30 -90.79 14.61
C SER UA 80 77.39 -92.29 14.79
N CYS UA 81 76.69 -92.81 15.78
CA CYS UA 81 76.77 -94.22 16.14
C CYS UA 81 76.11 -95.14 15.11
N ASP UA 82 75.30 -94.61 14.20
CA ASP UA 82 74.59 -95.46 13.28
C ASP UA 82 74.91 -95.08 11.84
N PRO UA 83 75.03 -96.05 10.95
CA PRO UA 83 75.25 -95.73 9.54
C PRO UA 83 74.03 -95.08 8.94
N SER UA 84 74.22 -94.43 7.81
CA SER UA 84 73.16 -93.68 7.16
C SER UA 84 73.22 -93.85 5.66
N VAL UA 85 72.04 -93.81 5.04
CA VAL UA 85 71.92 -93.89 3.59
C VAL UA 85 72.57 -92.65 2.99
N THR UA 86 73.42 -92.85 2.00
CA THR UA 86 74.02 -91.71 1.32
C THR UA 86 73.50 -91.56 -0.09
N ARG UA 87 73.91 -92.45 -0.98
CA ARG UA 87 73.44 -92.47 -2.36
C ARG UA 87 72.55 -93.68 -2.57
N GLN UA 88 71.55 -93.51 -3.42
CA GLN UA 88 70.62 -94.60 -3.68
C GLN UA 88 70.67 -94.94 -5.17
N ALA UA 89 71.19 -96.11 -5.48
CA ALA UA 89 71.31 -96.54 -6.87
C ALA UA 89 69.96 -97.10 -7.32
N TYR UA 90 69.45 -96.59 -8.43
CA TYR UA 90 68.20 -97.06 -8.97
C TYR UA 90 68.41 -97.79 -10.28
N ALA UA 91 68.03 -99.06 -10.30
CA ALA UA 91 68.08 -99.86 -11.52
C ALA UA 91 66.67 -100.31 -11.83
N ASP UA 92 66.15 -99.89 -12.96
CA ASP UA 92 64.78 -100.17 -13.35
C ASP UA 92 64.74 -100.84 -14.72
N VAL UA 93 63.92 -101.88 -14.82
CA VAL UA 93 63.73 -102.63 -16.05
C VAL UA 93 62.26 -102.92 -16.21
N THR UA 94 61.74 -102.73 -17.42
CA THR UA 94 60.35 -103.00 -17.71
C THR UA 94 60.24 -103.86 -18.96
N PHE UA 95 59.06 -104.42 -19.16
CA PHE UA 95 58.78 -105.22 -20.33
C PHE UA 95 57.36 -105.01 -20.77
N SER UA 96 57.16 -104.98 -22.07
CA SER UA 96 55.83 -104.89 -22.65
C SER UA 96 55.63 -106.04 -23.61
N PHE UA 97 54.42 -106.57 -23.65
CA PHE UA 97 54.10 -107.66 -24.54
C PHE UA 97 52.65 -107.57 -24.95
N THR UA 98 52.33 -108.22 -26.05
CA THR UA 98 50.98 -108.26 -26.58
C THR UA 98 50.36 -109.60 -26.25
N GLN UA 99 49.05 -109.58 -26.05
CA GLN UA 99 48.33 -110.79 -25.72
C GLN UA 99 48.67 -111.94 -26.65
N TYR UA 100 49.04 -111.66 -27.89
CA TYR UA 100 49.44 -112.71 -28.81
C TYR UA 100 50.94 -112.99 -28.77
N SER UA 101 51.68 -112.34 -27.89
CA SER UA 101 53.12 -112.56 -27.82
C SER UA 101 53.40 -114.03 -27.61
N THR UA 102 54.39 -114.57 -28.33
CA THR UA 102 54.67 -115.98 -28.18
C THR UA 102 55.77 -116.19 -27.14
N ASP UA 103 56.09 -117.46 -26.91
CA ASP UA 103 57.07 -117.78 -25.89
C ASP UA 103 58.47 -117.39 -26.34
N GLU UA 104 58.91 -117.92 -27.49
CA GLU UA 104 60.31 -117.73 -27.87
C GLU UA 104 60.64 -116.27 -28.06
N GLU UA 105 59.72 -115.51 -28.64
CA GLU UA 105 59.91 -114.06 -28.71
C GLU UA 105 60.31 -113.50 -27.37
N ARG UA 106 59.52 -113.78 -26.34
CA ARG UA 106 59.87 -113.34 -25.00
C ARG UA 106 61.22 -113.90 -24.60
N ALA UA 107 61.37 -115.22 -24.67
CA ALA UA 107 62.66 -115.83 -24.38
C ALA UA 107 63.78 -115.15 -25.14
N PHE UA 108 63.56 -114.89 -26.44
CA PHE UA 108 64.55 -114.17 -27.22
C PHE UA 108 64.90 -112.84 -26.58
N VAL UA 109 63.90 -112.13 -26.06
CA VAL UA 109 64.18 -110.85 -25.41
C VAL UA 109 65.04 -111.06 -24.18
N ARG UA 110 64.71 -112.08 -23.38
CA ARG UA 110 65.39 -112.23 -22.10
C ARG UA 110 66.89 -112.36 -22.28
N THR UA 111 67.33 -113.33 -23.07
CA THR UA 111 68.76 -113.55 -23.22
C THR UA 111 69.46 -112.31 -23.76
N GLU UA 112 69.02 -111.81 -24.92
CA GLU UA 112 69.73 -110.73 -25.57
C GLU UA 112 69.98 -109.55 -24.65
N LEU UA 113 69.01 -109.20 -23.81
CA LEU UA 113 69.24 -108.13 -22.86
C LEU UA 113 70.42 -108.46 -21.97
N ALA UA 114 70.48 -109.68 -21.46
CA ALA UA 114 71.62 -110.09 -20.67
C ALA UA 114 72.91 -109.96 -21.46
N ALA UA 115 72.95 -110.52 -22.66
CA ALA UA 115 74.15 -110.44 -23.48
C ALA UA 115 74.63 -109.01 -23.61
N LEU UA 116 73.72 -108.08 -23.89
CA LEU UA 116 74.10 -106.68 -23.91
C LEU UA 116 74.77 -106.27 -22.61
N LEU UA 117 74.19 -106.65 -21.48
CA LEU UA 117 74.79 -106.28 -20.21
C LEU UA 117 76.20 -106.82 -20.07
N ALA UA 118 76.51 -107.92 -20.73
CA ALA UA 118 77.87 -108.41 -20.79
C ALA UA 118 78.65 -107.85 -21.97
N SER UA 119 77.97 -107.17 -22.88
CA SER UA 119 78.66 -106.64 -24.05
C SER UA 119 79.64 -105.55 -23.64
N PRO UA 120 80.78 -105.47 -24.33
CA PRO UA 120 81.73 -104.39 -24.05
C PRO UA 120 81.16 -103.02 -24.30
N LEU UA 121 80.07 -102.92 -25.06
CA LEU UA 121 79.48 -101.61 -25.28
C LEU UA 121 78.97 -101.00 -23.98
N LEU UA 122 78.05 -101.67 -23.32
CA LEU UA 122 77.38 -101.08 -22.18
C LEU UA 122 78.31 -100.80 -21.01
N ILE UA 123 79.36 -101.62 -20.84
CA ILE UA 123 80.19 -101.46 -19.67
C ILE UA 123 80.76 -100.05 -19.58
N ASP UA 124 81.32 -99.53 -20.67
CA ASP UA 124 81.73 -98.14 -20.69
C ASP UA 124 80.56 -97.20 -20.49
N ALA UA 125 79.45 -97.47 -21.17
CA ALA UA 125 78.22 -96.73 -20.93
C ALA UA 125 77.80 -96.75 -19.49
N ILE UA 126 77.76 -97.91 -18.86
CA ILE UA 126 77.39 -98.04 -17.46
C ILE UA 126 78.52 -97.60 -16.55
N ASP UA 127 79.62 -98.35 -16.55
CA ASP UA 127 80.65 -98.12 -15.55
C ASP UA 127 81.27 -96.74 -15.69
N GLN UA 128 81.75 -96.40 -16.87
CA GLN UA 128 82.45 -95.14 -17.07
C GLN UA 128 81.54 -94.03 -17.57
N LEU UA 129 80.23 -94.28 -17.68
CA LEU UA 129 79.27 -93.26 -18.10
C LEU UA 129 79.70 -92.64 -19.42
N ASN UA 130 79.70 -93.47 -20.45
CA ASN UA 130 80.18 -92.93 -21.70
C ASN UA 130 79.16 -93.17 -22.80
N PRO UA 131 78.97 -92.21 -23.67
CA PRO UA 131 78.14 -92.44 -24.85
C PRO UA 131 78.82 -93.36 -25.83
N ALA UA 132 78.29 -93.44 -27.04
CA ALA UA 132 78.53 -94.53 -27.97
C ALA UA 132 79.84 -94.38 -28.73
N TYR UA 133 80.63 -93.36 -28.42
CA TYR UA 133 81.85 -93.12 -29.18
C TYR UA 133 83.05 -93.66 -28.44
N ALA VA 2 55.90 -116.70 4.78
CA ALA VA 2 55.66 -117.67 3.72
C ALA VA 2 54.20 -117.66 3.31
N LYS VA 3 53.82 -118.65 2.51
CA LYS VA 3 52.49 -118.74 1.96
C LYS VA 3 51.47 -118.95 3.07
N LEU VA 4 50.32 -118.30 2.92
CA LEU VA 4 49.16 -118.60 3.74
C LEU VA 4 48.85 -120.07 3.59
N GLU VA 5 48.69 -120.76 4.70
CA GLU VA 5 48.39 -122.18 4.68
C GLU VA 5 47.41 -122.51 5.80
N THR VA 6 47.00 -123.77 5.82
CA THR VA 6 46.26 -124.27 6.97
C THR VA 6 47.21 -124.24 8.14
N VAL VA 7 46.79 -123.59 9.22
CA VAL VA 7 47.66 -123.50 10.39
C VAL VA 7 47.02 -124.32 11.50
N THR VA 8 47.62 -125.45 11.83
CA THR VA 8 47.17 -126.27 12.93
C THR VA 8 47.82 -125.77 14.21
N LEU VA 9 47.08 -125.80 15.30
CA LEU VA 9 47.59 -125.39 16.59
C LEU VA 9 47.22 -126.43 17.63
N GLY VA 10 48.23 -126.95 18.32
CA GLY VA 10 48.02 -127.84 19.44
C GLY VA 10 48.24 -127.10 20.74
N ASN VA 11 47.91 -127.77 21.83
CA ASN VA 11 48.16 -127.26 23.17
C ASN VA 11 47.50 -125.90 23.36
N ILE VA 12 46.17 -125.92 23.42
CA ILE VA 12 45.38 -124.72 23.45
C ILE VA 12 44.46 -124.79 24.66
N GLY VA 13 44.11 -123.63 25.21
CA GLY VA 13 43.19 -123.55 26.33
C GLY VA 13 43.85 -124.01 27.61
N LYS VA 14 43.13 -123.76 28.71
CA LYS VA 14 43.62 -124.15 30.02
C LYS VA 14 43.99 -125.61 30.05
N ASP VA 15 43.24 -126.45 29.34
CA ASP VA 15 43.59 -127.86 29.23
C ASP VA 15 44.91 -128.04 28.50
N GLY VA 16 45.06 -127.41 27.34
CA GLY VA 16 46.18 -127.73 26.49
C GLY VA 16 45.94 -128.94 25.62
N LYS VA 17 44.76 -129.56 25.74
CA LYS VA 17 44.39 -130.60 24.80
C LYS VA 17 43.60 -130.03 23.64
N GLN VA 18 43.22 -128.76 23.73
CA GLN VA 18 42.49 -128.10 22.66
C GLN VA 18 43.38 -127.93 21.45
N THR VA 19 42.79 -128.11 20.27
CA THR VA 19 43.49 -127.92 19.02
C THR VA 19 42.65 -127.04 18.10
N LEU VA 20 43.32 -126.35 17.19
CA LEU VA 20 42.62 -125.44 16.29
C LEU VA 20 43.34 -125.42 14.95
N VAL VA 21 42.57 -125.36 13.88
CA VAL VA 21 43.10 -125.19 12.55
C VAL VA 21 42.58 -123.86 12.00
N LEU VA 22 43.36 -123.26 11.11
CA LEU VA 22 43.01 -121.96 10.54
C LEU VA 22 43.19 -122.02 9.03
N ASN VA 23 42.14 -121.78 8.33
CA ASN VA 23 42.36 -121.77 6.90
C ASN VA 23 42.71 -120.37 6.43
N PRO VA 24 43.52 -120.28 5.38
CA PRO VA 24 43.78 -118.97 4.78
C PRO VA 24 42.50 -118.39 4.23
N ARG VA 25 42.22 -117.14 4.62
CA ARG VA 25 41.03 -116.44 4.19
C ARG VA 25 41.30 -115.49 3.03
N GLY VA 26 42.52 -115.45 2.52
CA GLY VA 26 42.90 -114.44 1.56
C GLY VA 26 43.38 -113.18 2.25
N VAL VA 27 43.62 -112.15 1.45
CA VAL VA 27 44.19 -110.90 1.94
C VAL VA 27 43.36 -109.75 1.42
N ASN VA 28 42.91 -108.89 2.31
CA ASN VA 28 42.30 -107.67 1.85
C ASN VA 28 43.35 -106.75 1.29
N PRO VA 29 43.36 -106.46 0.00
CA PRO VA 29 44.41 -105.61 -0.57
C PRO VA 29 44.32 -104.17 -0.15
N THR VA 30 43.12 -103.67 0.15
CA THR VA 30 42.97 -102.27 0.52
C THR VA 30 43.86 -101.92 1.69
N ASN VA 31 43.52 -102.41 2.88
CA ASN VA 31 44.37 -102.25 4.03
C ASN VA 31 45.63 -103.09 3.94
N GLY VA 32 45.71 -104.01 2.98
CA GLY VA 32 46.85 -104.89 2.89
C GLY VA 32 46.99 -105.78 4.11
N VAL VA 33 45.95 -106.52 4.45
CA VAL VA 33 45.93 -107.33 5.66
C VAL VA 33 45.45 -108.72 5.31
N ALA VA 34 46.22 -109.71 5.74
CA ALA VA 34 45.83 -111.10 5.58
C ALA VA 34 44.77 -111.48 6.60
N SER VA 35 44.09 -112.58 6.33
CA SER VA 35 43.04 -113.06 7.22
C SER VA 35 43.11 -114.57 7.30
N LEU VA 36 42.88 -115.10 8.49
CA LEU VA 36 42.86 -116.54 8.73
C LEU VA 36 41.62 -116.86 9.54
N SER VA 37 41.09 -118.07 9.35
CA SER VA 37 39.91 -118.42 10.11
C SER VA 37 39.85 -119.92 10.35
N GLN VA 38 39.26 -120.27 11.49
CA GLN VA 38 38.72 -121.60 11.67
C GLN VA 38 37.65 -121.86 10.64
N ALA VA 39 37.51 -123.13 10.23
CA ALA VA 39 36.40 -123.49 9.37
C ALA VA 39 35.26 -123.98 10.26
N GLY VA 40 34.25 -123.12 10.38
CA GLY VA 40 33.05 -123.46 11.10
C GLY VA 40 31.87 -123.59 10.18
N ALA VA 41 30.69 -123.36 10.73
CA ALA VA 41 29.50 -123.25 9.91
C ALA VA 41 29.28 -121.82 9.45
N VAL VA 42 29.01 -120.92 10.39
CA VAL VA 42 28.72 -119.54 10.06
C VAL VA 42 29.98 -118.70 10.19
N PRO VA 43 30.43 -118.06 9.11
CA PRO VA 43 31.62 -117.20 9.22
C PRO VA 43 31.54 -116.18 10.32
N ALA VA 44 30.39 -115.56 10.53
CA ALA VA 44 30.20 -114.67 11.67
C ALA VA 44 30.56 -115.34 12.98
N LEU VA 45 30.27 -116.63 13.12
CA LEU VA 45 30.65 -117.37 14.31
C LEU VA 45 32.11 -117.80 14.27
N GLU VA 46 32.68 -117.98 13.08
CA GLU VA 46 33.99 -118.59 12.96
C GLU VA 46 35.06 -117.67 13.52
N LYS VA 47 36.06 -118.28 14.16
CA LYS VA 47 37.16 -117.54 14.77
C LYS VA 47 37.93 -116.86 13.66
N ARG VA 48 38.46 -115.68 13.95
CA ARG VA 48 39.21 -114.94 12.94
C ARG VA 48 40.60 -114.59 13.47
N VAL VA 49 41.57 -114.58 12.58
CA VAL VA 49 42.93 -114.20 12.89
C VAL VA 49 43.42 -113.28 11.78
N THR VA 50 43.96 -112.13 12.17
CA THR VA 50 44.39 -111.12 11.22
C THR VA 50 45.83 -110.75 11.50
N VAL VA 51 46.65 -110.71 10.44
CA VAL VA 51 48.02 -110.26 10.55
C VAL VA 51 48.26 -109.23 9.45
N SER VA 52 49.21 -108.35 9.71
CA SER VA 52 49.54 -107.31 8.75
C SER VA 52 50.98 -106.88 8.96
N VAL VA 53 51.59 -106.43 7.88
CA VAL VA 53 52.90 -105.79 7.96
C VAL VA 53 52.69 -104.34 7.58
N SER VA 54 53.77 -103.58 7.54
CA SER VA 54 53.70 -102.18 7.17
C SER VA 54 55.06 -101.76 6.68
N GLN VA 55 55.12 -100.62 6.02
CA GLN VA 55 56.39 -100.09 5.58
C GLN VA 55 56.44 -98.60 5.86
N PRO VA 56 57.60 -98.08 6.21
CA PRO VA 56 57.68 -96.67 6.61
C PRO VA 56 57.34 -95.75 5.46
N SER VA 57 56.63 -94.68 5.78
CA SER VA 57 56.21 -93.70 4.79
C SER VA 57 56.67 -92.32 5.27
N ARG VA 58 56.27 -91.30 4.52
CA ARG VA 58 56.47 -89.93 4.99
C ARG VA 58 55.73 -89.66 6.28
N ASN VA 59 54.69 -90.43 6.58
CA ASN VA 59 53.95 -90.30 7.84
C ASN VA 59 54.66 -90.95 9.02
N ARG VA 60 55.30 -92.10 8.81
CA ARG VA 60 55.97 -92.80 9.88
C ARG VA 60 57.20 -93.49 9.32
N LYS VA 61 58.28 -93.47 10.09
CA LYS VA 61 59.55 -94.05 9.69
C LYS VA 61 59.71 -95.44 10.26
N ASN VA 62 58.69 -95.94 10.93
CA ASN VA 62 58.80 -97.17 11.68
C ASN VA 62 57.94 -98.24 11.06
N TYR VA 63 58.36 -99.50 11.22
CA TYR VA 63 57.55 -100.62 10.79
C TYR VA 63 56.51 -100.94 11.84
N LYS VA 64 55.30 -101.26 11.38
CA LYS VA 64 54.23 -101.72 12.25
C LYS VA 64 53.84 -103.13 11.85
N VAL VA 65 53.72 -104.01 12.83
CA VAL VA 65 53.19 -105.34 12.62
C VAL VA 65 52.01 -105.49 13.55
N GLN VA 66 50.83 -105.63 12.98
CA GLN VA 66 49.59 -105.66 13.74
C GLN VA 66 48.97 -107.04 13.62
N VAL VA 67 48.55 -107.59 14.76
CA VAL VA 67 47.89 -108.88 14.81
C VAL VA 67 46.69 -108.75 15.71
N LYS VA 68 45.52 -109.07 15.17
CA LYS VA 68 44.27 -109.01 15.92
C LYS VA 68 43.58 -110.36 15.85
N ILE VA 69 42.92 -110.72 16.95
CA ILE VA 69 42.21 -111.99 17.04
C ILE VA 69 40.79 -111.70 17.49
N GLN VA 70 39.83 -112.32 16.83
CA GLN VA 70 38.42 -112.10 17.10
C GLN VA 70 37.75 -113.45 17.33
N ASN VA 71 37.26 -113.67 18.54
CA ASN VA 71 36.65 -114.94 18.93
C ASN VA 71 35.30 -114.66 19.54
N PRO VA 72 34.23 -114.72 18.76
CA PRO VA 72 32.90 -114.45 19.28
C PRO VA 72 32.45 -115.56 20.22
N THR VA 73 31.28 -115.34 20.80
CA THR VA 73 30.64 -116.32 21.65
C THR VA 73 29.27 -116.65 21.07
N ALA VA 74 29.13 -117.88 20.63
CA ALA VA 74 27.89 -118.33 20.02
C ALA VA 74 26.85 -118.56 21.10
N CYS VA 75 25.64 -118.07 20.86
CA CYS VA 75 24.47 -118.46 21.65
C CYS VA 75 23.72 -119.48 20.81
N THR VA 76 23.80 -120.75 21.22
CA THR VA 76 23.21 -121.82 20.42
C THR VA 76 21.69 -121.68 20.39
N ALA VA 77 21.06 -121.69 21.56
CA ALA VA 77 19.62 -121.52 21.64
C ALA VA 77 19.35 -120.09 22.09
N ASN VA 78 18.89 -119.28 21.16
CA ASN VA 78 18.41 -117.94 21.47
C ASN VA 78 16.89 -117.93 21.65
N GLY VA 79 16.24 -119.09 21.61
CA GLY VA 79 14.81 -119.13 21.40
C GLY VA 79 14.45 -119.00 19.94
N SER VA 80 15.45 -118.96 19.07
CA SER VA 80 15.25 -118.82 17.64
C SER VA 80 16.00 -119.94 16.94
N CYS VA 81 15.70 -120.15 15.67
CA CYS VA 81 16.26 -121.25 14.91
C CYS VA 81 17.74 -121.08 14.59
N ASP VA 82 18.29 -119.88 14.74
CA ASP VA 82 19.67 -119.67 14.36
C ASP VA 82 20.48 -119.14 15.54
N PRO VA 83 21.72 -119.57 15.67
CA PRO VA 83 22.56 -119.03 16.74
C PRO VA 83 22.89 -117.57 16.48
N SER VA 84 23.33 -116.90 17.52
CA SER VA 84 23.60 -115.46 17.44
C SER VA 84 24.85 -115.10 18.23
N VAL VA 85 25.54 -114.09 17.74
CA VAL VA 85 26.74 -113.58 18.41
C VAL VA 85 26.31 -112.99 19.75
N THR VA 86 27.02 -113.34 20.81
CA THR VA 86 26.72 -112.77 22.11
C THR VA 86 27.83 -111.84 22.57
N ARG VA 87 28.97 -112.40 22.94
CA ARG VA 87 30.13 -111.64 23.35
C ARG VA 87 31.21 -111.78 22.30
N GLN VA 88 31.98 -110.72 22.12
CA GLN VA 88 33.03 -110.73 21.11
C GLN VA 88 34.37 -110.49 21.82
N ALA VA 89 35.21 -111.52 21.84
CA ALA VA 89 36.51 -111.41 22.48
C ALA VA 89 37.48 -110.72 21.52
N TYR VA 90 38.12 -109.67 21.98
CA TYR VA 90 39.10 -108.96 21.17
C TYR VA 90 40.51 -109.15 21.72
N ALA VA 91 41.36 -109.73 20.89
CA ALA VA 91 42.76 -109.90 21.24
C ALA VA 91 43.57 -109.15 20.19
N ASP VA 92 44.31 -108.13 20.63
CA ASP VA 92 45.07 -107.27 19.73
C ASP VA 92 46.53 -107.23 20.15
N VAL VA 93 47.41 -107.34 19.17
CA VAL VA 93 48.85 -107.30 19.37
C VAL VA 93 49.46 -106.45 18.27
N THR VA 94 50.37 -105.57 18.64
CA THR VA 94 51.06 -104.72 17.69
C THR VA 94 52.57 -104.81 17.91
N PHE VA 95 53.30 -104.32 16.92
CA PHE VA 95 54.75 -104.28 17.02
C PHE VA 95 55.26 -103.02 16.32
N SER VA 96 56.30 -102.44 16.90
CA SER VA 96 56.95 -101.30 16.31
C SER VA 96 58.43 -101.61 16.19
N PHE VA 97 59.04 -101.14 15.10
CA PHE VA 97 60.45 -101.35 14.89
C PHE VA 97 61.02 -100.18 14.10
N THR VA 98 62.33 -100.03 14.19
CA THR VA 98 63.03 -98.98 13.50
C THR VA 98 63.72 -99.55 12.28
N GLN VA 99 63.84 -98.73 11.25
CA GLN VA 99 64.46 -99.17 10.02
C GLN VA 99 65.80 -99.85 10.25
N TYR VA 100 66.50 -99.50 11.32
CA TYR VA 100 67.76 -100.15 11.63
C TYR VA 100 67.59 -101.34 12.56
N SER VA 101 66.36 -101.71 12.90
CA SER VA 101 66.12 -102.84 13.79
C SER VA 101 66.79 -104.08 13.22
N THR VA 102 67.47 -104.85 14.07
CA THR VA 102 68.15 -106.03 13.58
C THR VA 102 67.24 -107.24 13.70
N ASP VA 103 67.75 -108.38 13.25
CA ASP VA 103 66.96 -109.59 13.26
C ASP VA 103 66.78 -110.13 14.67
N GLU VA 104 67.88 -110.38 15.38
CA GLU VA 104 67.77 -111.07 16.66
C GLU VA 104 66.96 -110.25 17.66
N GLU VA 105 67.14 -108.93 17.64
CA GLU VA 105 66.29 -108.07 18.46
C GLU VA 105 64.83 -108.42 18.26
N ARG VA 106 64.37 -108.42 17.01
CA ARG VA 106 63.01 -108.82 16.73
C ARG VA 106 62.75 -110.23 17.22
N ALA VA 107 63.57 -111.18 16.79
CA ALA VA 107 63.44 -112.55 17.29
C ALA VA 107 63.39 -112.58 18.80
N PHE VA 108 64.26 -111.83 19.45
CA PHE VA 108 64.22 -111.75 20.91
C PHE VA 108 62.85 -111.32 21.40
N VAL VA 109 62.24 -110.35 20.72
CA VAL VA 109 60.91 -109.91 21.13
C VAL VA 109 59.90 -111.03 20.98
N ARG VA 110 59.97 -111.76 19.86
CA ARG VA 110 58.93 -112.74 19.58
C ARG VA 110 58.83 -113.77 20.70
N THR VA 111 59.93 -114.45 21.01
CA THR VA 111 59.88 -115.49 22.02
C THR VA 111 59.40 -114.95 23.36
N GLU VA 112 60.09 -113.94 23.89
CA GLU VA 112 59.78 -113.47 25.23
C GLU VA 112 58.31 -113.17 25.43
N LEU VA 113 57.66 -112.57 24.44
CA LEU VA 113 56.23 -112.33 24.56
C LEU VA 113 55.50 -113.64 24.78
N ALA VA 114 55.83 -114.66 24.00
CA ALA VA 114 55.22 -115.96 24.20
C ALA VA 114 55.49 -116.47 25.61
N ALA VA 115 56.75 -116.47 26.05
CA ALA VA 115 57.06 -116.94 27.38
C ALA VA 115 56.21 -116.26 28.43
N LEU VA 116 56.04 -114.94 28.34
CA LEU VA 116 55.14 -114.26 29.25
C LEU VA 116 53.75 -114.87 29.20
N LEU VA 117 53.24 -115.13 28.01
CA LEU VA 117 51.91 -115.70 27.90
C LEU VA 117 51.83 -117.05 28.60
N ALA VA 118 52.94 -117.77 28.69
CA ALA VA 118 52.98 -118.99 29.48
C ALA VA 118 53.40 -118.73 30.92
N SER VA 119 53.83 -117.52 31.23
CA SER VA 119 54.26 -117.23 32.59
C SER VA 119 53.08 -117.31 33.54
N PRO VA 120 53.32 -117.79 34.78
CA PRO VA 120 52.25 -117.80 35.78
C PRO VA 120 51.73 -116.41 36.12
N LEU VA 121 52.49 -115.38 35.79
CA LEU VA 121 52.00 -114.03 36.07
C LEU VA 121 50.74 -113.73 35.28
N LEU VA 122 50.84 -113.78 33.96
CA LEU VA 122 49.74 -113.32 33.12
C LEU VA 122 48.48 -114.14 33.27
N ILE VA 123 48.61 -115.44 33.57
CA ILE VA 123 47.44 -116.30 33.59
C ILE VA 123 46.41 -115.77 34.57
N ASP VA 124 46.81 -115.43 35.79
CA ASP VA 124 45.89 -114.78 36.71
C ASP VA 124 45.43 -113.43 36.19
N ALA VA 125 46.35 -112.65 35.64
CA ALA VA 125 45.99 -111.41 34.97
C ALA VA 125 44.97 -111.64 33.87
N ILE VA 126 45.20 -112.59 32.99
CA ILE VA 126 44.27 -112.89 31.91
C ILE VA 126 43.07 -113.67 32.41
N ASP VA 127 43.29 -114.90 32.86
CA ASP VA 127 42.16 -115.77 33.17
C ASP VA 127 41.31 -115.22 34.29
N GLN VA 128 41.91 -114.93 35.43
CA GLN VA 128 41.16 -114.48 36.58
C GLN VA 128 41.06 -112.98 36.70
N LEU VA 129 41.58 -112.22 35.72
CA LEU VA 129 41.49 -110.77 35.71
C LEU VA 129 42.04 -110.19 37.01
N ASN VA 130 43.33 -110.39 37.21
CA ASN VA 130 43.87 -109.94 38.46
C ASN VA 130 45.07 -109.04 38.22
N PRO VA 131 45.20 -108.00 38.99
CA PRO VA 131 46.42 -107.19 38.94
C PRO VA 131 47.59 -107.94 39.55
N ALA VA 132 48.68 -107.22 39.79
CA ALA VA 132 50.00 -107.80 39.98
C ALA VA 132 50.22 -108.31 41.40
N TYR VA 133 49.21 -108.26 42.24
CA TYR VA 133 49.38 -108.67 43.62
C TYR VA 133 48.88 -110.08 43.84
N ALA WA 2 -1.57 -126.59 -35.40
CA ALA WA 2 -1.27 -127.77 -34.59
C ALA WA 2 0.11 -127.64 -33.95
N LYS WA 3 0.59 -128.72 -33.37
CA LYS WA 3 1.85 -128.75 -32.65
C LYS WA 3 3.00 -128.50 -33.61
N LEU WA 4 3.97 -127.73 -33.12
CA LEU WA 4 5.25 -127.61 -33.80
C LEU WA 4 5.83 -129.01 -33.97
N GLU WA 5 6.24 -129.33 -35.18
CA GLU WA 5 6.80 -130.64 -35.45
C GLU WA 5 7.95 -130.51 -36.44
N THR WA 6 8.59 -131.63 -36.72
CA THR WA 6 9.56 -131.68 -37.81
C THR WA 6 8.74 -131.49 -39.08
N VAL WA 7 9.14 -130.51 -39.88
CA VAL WA 7 8.42 -130.26 -41.11
C VAL WA 7 9.32 -130.62 -42.28
N THR WA 8 8.99 -131.71 -42.96
CA THR WA 8 9.71 -132.13 -44.15
C THR WA 8 9.13 -131.42 -45.35
N LEU WA 9 9.98 -131.04 -46.28
CA LEU WA 9 9.55 -130.38 -47.49
C LEU WA 9 10.23 -131.02 -48.69
N GLY WA 10 9.42 -131.50 -49.64
CA GLY WA 10 9.93 -132.01 -50.88
C GLY WA 10 9.71 -130.99 -51.99
N ASN WA 11 10.29 -131.28 -53.14
CA ASN WA 11 10.09 -130.49 -54.34
C ASN WA 11 10.49 -129.03 -54.09
N ILE WA 12 11.79 -128.83 -53.93
CA ILE WA 12 12.34 -127.55 -53.55
C ILE WA 12 13.38 -127.15 -54.58
N GLY WA 13 13.56 -125.85 -54.77
CA GLY WA 13 14.55 -125.33 -55.67
C GLY WA 13 14.15 -125.53 -57.11
N LYS WA 14 14.93 -124.88 -57.99
CA LYS WA 14 14.68 -124.98 -59.42
C LYS WA 14 14.60 -126.42 -59.87
N ASP WA 15 15.42 -127.28 -59.27
CA ASP WA 15 15.34 -128.71 -59.56
C ASP WA 15 14.00 -129.29 -59.12
N GLY WA 16 13.61 -129.02 -57.88
CA GLY WA 16 12.48 -129.73 -57.31
C GLY WA 16 12.86 -131.07 -56.74
N LYS WA 17 14.13 -131.44 -56.81
CA LYS WA 17 14.60 -132.63 -56.12
C LYS WA 17 15.13 -132.27 -54.75
N GLN WA 18 15.26 -130.98 -54.45
CA GLN WA 18 15.72 -130.52 -53.16
C GLN WA 18 14.68 -130.83 -52.09
N THR WA 19 15.16 -131.22 -50.92
CA THR WA 19 14.31 -131.48 -49.78
C THR WA 19 14.85 -130.76 -48.56
N LEU WA 20 13.96 -130.46 -47.63
CA LEU WA 20 14.37 -129.73 -46.43
C LEU WA 20 13.51 -130.17 -45.26
N VAL WA 21 14.13 -130.28 -44.10
CA VAL WA 21 13.43 -130.55 -42.87
C VAL WA 21 13.62 -129.36 -41.94
N LEU WA 22 12.65 -129.15 -41.07
CA LEU WA 22 12.67 -128.01 -40.15
C LEU WA 22 12.34 -128.50 -38.74
N ASN WA 23 13.23 -128.30 -37.85
CA ASN WA 23 12.86 -128.71 -36.51
C ASN WA 23 12.19 -127.56 -35.78
N PRO WA 24 11.26 -127.88 -34.88
CA PRO WA 24 10.69 -126.84 -34.03
C PRO WA 24 11.76 -126.22 -33.15
N ARG WA 25 11.83 -124.89 -33.19
CA ARG WA 25 12.81 -124.15 -32.42
C ARG WA 25 12.24 -123.60 -31.12
N GLY WA 26 10.98 -123.89 -30.82
CA GLY WA 26 10.31 -123.26 -29.70
C GLY WA 26 9.67 -121.95 -30.14
N VAL WA 27 9.14 -121.23 -29.16
CA VAL WA 27 8.41 -120.00 -29.42
C VAL WA 27 8.93 -118.91 -28.50
N ASN WA 28 9.31 -117.78 -29.08
CA ASN WA 28 9.61 -116.65 -28.25
C ASN WA 28 8.34 -116.08 -27.66
N PRO WA 29 8.14 -116.16 -26.34
CA PRO WA 29 6.89 -115.67 -25.76
C PRO WA 29 6.74 -114.18 -25.80
N THR WA 30 7.85 -113.43 -25.78
CA THR WA 30 7.77 -111.98 -25.76
C THR WA 30 6.96 -111.46 -26.95
N ASN WA 31 7.52 -111.56 -28.14
CA ASN WA 31 6.78 -111.24 -29.35
C ASN WA 31 5.71 -112.26 -29.66
N GLY WA 32 5.70 -113.40 -28.98
CA GLY WA 32 4.75 -114.45 -29.29
C GLY WA 32 4.92 -114.99 -30.69
N VAL WA 33 6.13 -115.43 -31.03
CA VAL WA 33 6.44 -115.87 -32.37
C VAL WA 33 7.13 -117.22 -32.31
N ALA WA 34 6.62 -118.17 -33.07
CA ALA WA 34 7.25 -119.47 -33.21
C ALA WA 34 8.47 -119.38 -34.11
N SER WA 35 9.33 -120.39 -34.01
CA SER WA 35 10.53 -120.46 -34.81
C SER WA 35 10.77 -121.89 -35.27
N LEU WA 36 11.22 -122.03 -36.51
CA LEU WA 36 11.56 -123.32 -37.07
C LEU WA 36 12.91 -123.22 -37.73
N SER WA 37 13.64 -124.33 -37.77
CA SER WA 37 14.95 -124.28 -38.40
C SER WA 37 15.32 -125.62 -38.97
N GLN WA 38 16.10 -125.57 -40.05
CA GLN WA 38 16.90 -126.69 -40.46
C GLN WA 38 17.89 -127.05 -39.36
N ALA WA 39 18.21 -128.33 -39.26
CA ALA WA 39 19.27 -128.74 -38.36
C ALA WA 39 20.58 -128.79 -39.15
N GLY WA 40 21.41 -127.78 -38.90
CA GLY WA 40 22.73 -127.71 -39.48
C GLY WA 40 23.80 -127.89 -38.43
N ALA WA 41 24.97 -127.34 -38.72
CA ALA WA 41 26.01 -127.27 -37.72
C ALA WA 41 25.89 -125.99 -36.89
N VAL WA 42 26.08 -124.86 -37.54
CA VAL WA 42 26.08 -123.58 -36.84
C VAL WA 42 24.70 -122.95 -36.96
N PRO WA 43 24.01 -122.70 -35.84
CA PRO WA 43 22.69 -122.04 -35.91
C PRO WA 43 22.70 -120.76 -36.72
N ALA WA 44 23.73 -119.92 -36.58
CA ALA WA 44 23.87 -118.75 -37.43
C ALA WA 44 23.78 -119.10 -38.90
N LEU WA 45 24.34 -120.24 -39.30
CA LEU WA 45 24.24 -120.69 -40.68
C LEU WA 45 22.91 -121.34 -40.98
N GLU WA 46 22.25 -121.91 -39.98
CA GLU WA 46 21.07 -122.73 -40.22
C GLU WA 46 19.91 -121.88 -40.69
N LYS WA 47 19.13 -122.45 -41.61
CA LYS WA 47 17.98 -121.76 -42.20
C LYS WA 47 16.97 -121.53 -41.09
N ARG WA 48 16.27 -120.41 -41.15
CA ARG WA 48 15.27 -120.10 -40.14
C ARG WA 48 13.92 -119.85 -40.78
N VAL WA 49 12.87 -120.23 -40.07
CA VAL WA 49 11.50 -120.00 -40.50
C VAL WA 49 10.72 -119.50 -39.30
N THR WA 50 10.01 -118.39 -39.46
CA THR WA 50 9.29 -117.75 -38.37
C THR WA 50 7.84 -117.55 -38.78
N VAL WA 51 6.93 -117.92 -37.90
CA VAL WA 51 5.51 -117.68 -38.10
C VAL WA 51 4.96 -117.04 -36.84
N SER WA 52 3.89 -116.27 -37.04
CA SER WA 52 3.26 -115.61 -35.91
C SER WA 52 1.80 -115.37 -36.24
N VAL WA 53 0.99 -115.33 -35.18
CA VAL WA 53 -0.39 -114.90 -35.32
C VAL WA 53 -0.51 -113.59 -34.57
N SER WA 54 -1.72 -113.04 -34.52
CA SER WA 54 -1.97 -111.81 -33.80
C SER WA 54 -3.44 -111.76 -33.45
N GLN WA 55 -3.77 -110.86 -32.54
CA GLN WA 55 -5.17 -110.68 -32.21
C GLN WA 55 -5.48 -109.20 -32.11
N PRO WA 56 -6.67 -108.79 -32.51
CA PRO WA 56 -6.97 -107.35 -32.57
C PRO WA 56 -6.95 -106.73 -31.19
N SER WA 57 -6.44 -105.51 -31.12
CA SER WA 57 -6.33 -104.78 -29.87
C SER WA 57 -6.99 -103.42 -30.06
N ARG WA 58 -6.89 -102.59 -29.04
CA ARG WA 58 -7.28 -101.19 -29.18
C ARG WA 58 -6.47 -100.47 -30.24
N ASN WA 59 -5.27 -100.95 -30.55
CA ASN WA 59 -4.45 -100.38 -31.60
C ASN WA 59 -4.88 -100.80 -32.99
N ARG WA 60 -5.30 -102.04 -33.18
CA ARG WA 60 -5.70 -102.52 -34.48
C ARG WA 60 -6.82 -103.53 -34.31
N LYS WA 61 -7.80 -103.47 -35.21
CA LYS WA 61 -8.97 -104.34 -35.17
C LYS WA 61 -8.79 -105.54 -36.08
N ASN WA 62 -7.62 -105.65 -36.68
CA ASN WA 62 -7.41 -106.65 -37.72
C ASN WA 62 -6.43 -107.70 -37.25
N TYR WA 63 -6.57 -108.91 -37.77
CA TYR WA 63 -5.62 -109.97 -37.50
C TYR WA 63 -4.41 -109.83 -38.42
N LYS WA 64 -3.23 -110.07 -37.87
CA LYS WA 64 -2.00 -110.10 -38.64
C LYS WA 64 -1.40 -111.49 -38.54
N VAL WA 65 -1.00 -112.03 -39.67
CA VAL WA 65 -0.25 -113.27 -39.71
C VAL WA 65 1.04 -112.98 -40.46
N GLN WA 66 2.15 -113.07 -39.75
CA GLN WA 66 3.45 -112.71 -40.28
C GLN WA 66 4.30 -113.95 -40.42
N VAL WA 67 4.94 -114.10 -41.57
CA VAL WA 67 5.85 -115.21 -41.83
C VAL WA 67 7.10 -114.66 -42.46
N LYS WA 68 8.24 -114.92 -41.85
CA LYS WA 68 9.53 -114.46 -42.34
C LYS WA 68 10.45 -115.66 -42.51
N ILE WA 69 11.29 -115.60 -43.54
CA ILE WA 69 12.24 -116.67 -43.82
C ILE WA 69 13.62 -116.04 -43.96
N GLN WA 70 14.60 -116.67 -43.33
CA GLN WA 70 15.96 -116.16 -43.29
C GLN WA 70 16.90 -117.28 -43.74
N ASN WA 71 17.56 -117.08 -44.88
CA ASN WA 71 18.44 -118.09 -45.46
C ASN WA 71 19.78 -117.45 -45.76
N PRO WA 72 20.74 -117.54 -44.86
CA PRO WA 72 22.03 -116.93 -45.09
C PRO WA 72 22.80 -117.67 -46.18
N THR WA 73 23.97 -117.12 -46.50
CA THR WA 73 24.87 -117.71 -47.45
C THR WA 73 26.20 -117.97 -46.77
N ALA WA 74 26.53 -119.24 -46.61
CA ALA WA 74 27.76 -119.64 -45.95
C ALA WA 74 28.94 -119.40 -46.87
N CYS WA 75 30.00 -118.80 -46.32
CA CYS WA 75 31.30 -118.77 -46.99
C CYS WA 75 32.13 -119.85 -46.32
N THR WA 76 32.35 -120.95 -47.03
CA THR WA 76 33.04 -122.09 -46.43
C THR WA 76 34.49 -121.74 -46.14
N ALA WA 77 35.23 -121.33 -47.15
CA ALA WA 77 36.61 -120.91 -46.97
C ALA WA 77 36.65 -119.40 -47.00
N ASN WA 78 36.85 -118.80 -45.84
CA ASN WA 78 37.09 -117.37 -45.73
C ASN WA 78 38.58 -117.07 -45.66
N GLY WA 79 39.43 -118.08 -45.81
CA GLY WA 79 40.80 -117.95 -45.39
C GLY WA 79 40.98 -118.17 -43.91
N SER WA 80 39.90 -118.51 -43.21
CA SER WA 80 39.91 -118.74 -41.77
C SER WA 80 39.31 -120.10 -41.50
N CYS WA 81 39.50 -120.59 -40.28
CA CYS WA 81 39.08 -121.93 -39.92
C CYS WA 81 37.58 -122.09 -39.80
N ASP WA 82 36.83 -120.99 -39.75
CA ASP WA 82 35.40 -121.11 -39.55
C ASP WA 82 34.64 -120.43 -40.68
N PRO WA 83 33.53 -120.99 -41.11
CA PRO WA 83 32.72 -120.34 -42.13
C PRO WA 83 32.09 -119.06 -41.58
N SER WA 84 31.64 -118.21 -42.48
CA SER WA 84 31.09 -116.92 -42.10
C SER WA 84 29.90 -116.57 -42.97
N VAL WA 85 28.96 -115.84 -42.36
CA VAL WA 85 27.79 -115.37 -43.07
C VAL WA 85 28.23 -114.37 -44.13
N THR WA 86 27.72 -114.55 -45.34
CA THR WA 86 28.05 -113.60 -46.41
C THR WA 86 26.85 -112.77 -46.80
N ARG WA 87 25.89 -113.38 -47.47
CA ARG WA 87 24.66 -112.73 -47.86
C ARG WA 87 23.51 -113.32 -47.06
N GLN WA 88 22.52 -112.48 -46.75
CA GLN WA 88 21.40 -112.93 -45.95
C GLN WA 88 20.13 -112.72 -46.78
N ALA WA 89 19.51 -113.82 -47.19
CA ALA WA 89 18.28 -113.76 -47.98
C ALA WA 89 17.11 -113.53 -47.04
N TYR WA 90 16.32 -112.50 -47.33
CA TYR WA 90 15.15 -112.20 -46.54
C TYR WA 90 13.88 -112.45 -47.34
N ALA WA 91 13.06 -113.36 -46.82
CA ALA WA 91 11.76 -113.64 -47.42
C ALA WA 91 10.71 -113.34 -46.37
N ASP WA 92 9.84 -112.37 -46.65
CA ASP WA 92 8.84 -111.92 -45.69
C ASP WA 92 7.46 -112.00 -46.32
N VAL WA 93 6.50 -112.51 -45.55
CA VAL WA 93 5.12 -112.64 -45.96
C VAL WA 93 4.24 -112.23 -44.80
N THR WA 94 3.22 -111.44 -45.09
CA THR WA 94 2.28 -110.99 -44.08
C THR WA 94 0.85 -111.25 -44.55
N PHE WA 95 -0.07 -111.17 -43.60
CA PHE WA 95 -1.48 -111.33 -43.90
C PHE WA 95 -2.29 -110.41 -43.02
N SER WA 96 -3.35 -109.87 -43.60
CA SER WA 96 -4.29 -109.04 -42.85
C SER WA 96 -5.68 -109.61 -43.04
N PHE WA 97 -6.49 -109.54 -41.99
CA PHE WA 97 -7.85 -110.02 -42.05
C PHE WA 97 -8.71 -109.21 -41.12
N THR WA 98 -10.00 -109.26 -41.37
CA THR WA 98 -10.98 -108.55 -40.56
C THR WA 98 -11.67 -109.53 -39.65
N GLN WA 99 -12.07 -109.05 -38.47
CA GLN WA 99 -12.72 -109.89 -37.50
C GLN WA 99 -13.87 -110.69 -38.11
N TYR WA 100 -14.50 -110.18 -39.15
CA TYR WA 100 -15.57 -110.92 -39.81
C TYR WA 100 -15.06 -111.77 -40.96
N SER WA 101 -13.75 -111.84 -41.17
CA SER WA 101 -13.21 -112.63 -42.28
C SER WA 101 -13.68 -114.08 -42.14
N THR WA 102 -14.09 -114.67 -43.25
CA THR WA 102 -14.58 -116.04 -43.16
C THR WA 102 -13.45 -117.02 -43.43
N ASP WA 103 -13.78 -118.31 -43.36
CA ASP WA 103 -12.77 -119.33 -43.54
C ASP WA 103 -12.33 -119.41 -44.99
N GLU WA 104 -13.28 -119.65 -45.90
CA GLU WA 104 -12.90 -119.94 -47.28
C GLU WA 104 -12.16 -118.77 -47.90
N GLU WA 105 -12.58 -117.55 -47.60
CA GLU WA 105 -11.83 -116.38 -48.03
C GLU WA 105 -10.36 -116.53 -47.71
N ARG WA 106 -10.06 -116.80 -46.43
CA ARG WA 106 -8.68 -117.04 -46.05
C ARG WA 106 -8.10 -118.20 -46.82
N ALA WA 107 -8.76 -119.35 -46.77
CA ALA WA 107 -8.32 -120.50 -47.55
C ALA WA 107 -8.09 -120.12 -49.00
N PHE WA 108 -9.02 -119.36 -49.59
CA PHE WA 108 -8.82 -118.89 -50.94
C PHE WA 108 -7.52 -118.13 -51.09
N VAL WA 109 -7.19 -117.30 -50.12
CA VAL WA 109 -5.93 -116.56 -50.19
C VAL WA 109 -4.75 -117.51 -50.16
N ARG WA 110 -4.80 -118.50 -49.28
CA ARG WA 110 -3.63 -119.35 -49.08
C ARG WA 110 -3.21 -120.01 -50.39
N THR WA 111 -4.12 -120.75 -51.02
CA THR WA 111 -3.74 -121.46 -52.23
C THR WA 111 -3.24 -120.52 -53.32
N GLU WA 112 -4.03 -119.52 -53.68
CA GLU WA 112 -3.68 -118.67 -54.81
C GLU WA 112 -2.28 -118.10 -54.68
N LEU WA 113 -1.88 -117.69 -53.48
CA LEU WA 113 -0.52 -117.21 -53.31
C LEU WA 113 0.48 -118.27 -53.73
N ALA WA 114 0.26 -119.51 -53.28
CA ALA WA 114 1.13 -120.59 -53.70
C ALA WA 114 1.13 -120.75 -55.21
N ALA WA 115 -0.04 -120.82 -55.82
CA ALA WA 115 -0.12 -120.96 -57.27
C ALA WA 115 0.70 -119.90 -57.97
N LEU WA 116 0.59 -118.65 -57.54
CA LEU WA 116 1.45 -117.62 -58.09
C LEU WA 116 2.91 -117.98 -57.98
N LEU WA 117 3.33 -118.47 -56.81
CA LEU WA 117 4.72 -118.83 -56.65
C LEU WA 117 5.14 -119.91 -57.63
N ALA WA 118 4.21 -120.75 -58.06
CA ALA WA 118 4.49 -121.70 -59.12
C ALA WA 118 4.20 -121.14 -60.51
N SER WA 119 3.57 -119.97 -60.59
CA SER WA 119 3.25 -119.40 -61.88
C SER WA 119 4.53 -119.03 -62.64
N PRO WA 120 4.52 -119.19 -63.96
CA PRO WA 120 5.68 -118.77 -64.75
C PRO WA 120 5.95 -117.28 -64.66
N LEU WA 121 4.98 -116.49 -64.21
CA LEU WA 121 5.23 -115.07 -64.08
C LEU WA 121 6.31 -114.79 -63.05
N LEU WA 122 6.07 -115.21 -61.80
CA LEU WA 122 6.96 -114.82 -60.72
C LEU WA 122 8.36 -115.37 -60.88
N ILE WA 123 8.52 -116.55 -61.49
CA ILE WA 123 9.82 -117.16 -61.54
C ILE WA 123 10.85 -116.24 -62.18
N ASP WA 124 10.52 -115.64 -63.33
CA ASP WA 124 11.39 -114.64 -63.91
C ASP WA 124 11.52 -113.43 -63.01
N ALA WA 125 10.42 -112.97 -62.44
CA ALA WA 125 10.46 -111.92 -61.43
C ALA WA 125 11.37 -112.27 -60.28
N ILE WA 126 11.23 -113.45 -59.70
CA ILE WA 126 12.07 -113.88 -58.59
C ILE WA 126 13.45 -114.29 -59.08
N ASP WA 127 13.52 -115.37 -59.84
CA ASP WA 127 14.82 -115.94 -60.16
C ASP WA 127 15.68 -114.98 -60.96
N GLN WA 128 15.17 -114.48 -62.08
CA GLN WA 128 15.94 -113.64 -62.95
C GLN WA 128 15.75 -112.15 -62.69
N LEU WA 129 15.00 -111.79 -61.66
CA LEU WA 129 14.80 -110.39 -61.27
C LEU WA 129 14.29 -109.59 -62.46
N ASN WA 130 13.10 -109.93 -62.91
CA ASN WA 130 12.62 -109.24 -64.08
C ASN WA 130 11.24 -108.65 -63.83
N PRO WA 131 11.00 -107.47 -64.33
CA PRO WA 131 9.66 -106.92 -64.28
C PRO WA 131 8.73 -107.65 -65.22
N ALA WA 132 7.56 -107.07 -65.46
CA ALA WA 132 6.40 -107.78 -65.99
C ALA WA 132 6.44 -107.92 -67.50
N TYR WA 133 7.52 -107.49 -68.14
CA TYR WA 133 7.58 -107.53 -69.59
C TYR WA 133 8.37 -108.74 -70.06
N ALA XA 2 13.84 -129.31 -24.32
CA ALA XA 2 12.61 -130.08 -24.41
C ALA XA 2 11.56 -129.51 -23.48
N LYS XA 3 10.47 -130.25 -23.32
CA LYS XA 3 9.33 -129.82 -22.52
C LYS XA 3 9.73 -129.70 -21.06
N LEU XA 4 9.21 -128.66 -20.41
CA LEU XA 4 9.26 -128.56 -18.97
C LEU XA 4 8.65 -129.80 -18.37
N GLU XA 5 9.35 -130.43 -17.46
CA GLU XA 5 8.86 -131.65 -16.83
C GLU XA 5 9.26 -131.64 -15.35
N THR XA 6 8.79 -132.66 -14.65
CA THR XA 6 9.27 -132.91 -13.30
C THR XA 6 10.73 -133.29 -13.45
N VAL XA 7 11.59 -132.57 -12.73
CA VAL XA 7 13.02 -132.86 -12.81
C VAL XA 7 13.46 -133.44 -11.47
N THR XA 8 13.77 -134.72 -11.46
CA THR XA 8 14.28 -135.38 -10.27
C THR XA 8 15.79 -135.21 -10.25
N LEU XA 9 16.34 -135.01 -9.07
CA LEU XA 9 17.78 -134.87 -8.90
C LEU XA 9 18.24 -135.75 -7.75
N GLY XA 10 19.18 -136.64 -8.04
CA GLY XA 10 19.82 -137.44 -7.02
C GLY XA 10 21.20 -136.88 -6.71
N ASN XA 11 21.81 -137.44 -5.67
CA ASN XA 11 23.18 -137.12 -5.31
C ASN XA 11 23.33 -135.62 -5.07
N ILE XA 12 22.74 -135.16 -3.98
CA ILE XA 12 22.66 -133.75 -3.67
C ILE XA 12 23.23 -133.54 -2.28
N GLY XA 13 23.78 -132.36 -2.04
CA GLY XA 13 24.31 -132.00 -0.74
C GLY XA 13 25.60 -132.72 -0.44
N LYS XA 14 26.23 -132.28 0.64
CA LYS XA 14 27.49 -132.88 1.07
C LYS XA 14 27.36 -134.38 1.21
N ASP XA 15 26.20 -134.85 1.67
CA ASP XA 15 25.95 -136.28 1.74
C ASP XA 15 25.92 -136.90 0.35
N GLY XA 16 25.17 -136.31 -0.56
CA GLY XA 16 24.91 -136.98 -1.82
C GLY XA 16 23.78 -137.97 -1.75
N LYS XA 17 23.17 -138.12 -0.58
CA LYS XA 17 21.96 -138.92 -0.47
C LYS XA 17 20.72 -138.05 -0.62
N GLN XA 18 20.91 -136.73 -0.65
CA GLN XA 18 19.81 -135.80 -0.82
C GLN XA 18 19.27 -135.91 -2.23
N THR XA 19 17.94 -135.82 -2.34
CA THR XA 19 17.25 -135.83 -3.62
C THR XA 19 16.28 -134.67 -3.69
N LEU XA 20 15.99 -134.23 -4.90
CA LEU XA 20 15.11 -133.09 -5.10
C LEU XA 20 14.34 -133.27 -6.39
N VAL XA 21 13.07 -132.88 -6.37
CA VAL XA 21 12.25 -132.84 -7.55
C VAL XA 21 11.84 -131.41 -7.80
N LEU XA 22 11.60 -131.08 -9.08
CA LEU XA 22 11.26 -129.73 -9.47
C LEU XA 22 10.06 -129.78 -10.41
N ASN XA 23 9.01 -129.15 -10.02
CA ASN XA 23 7.91 -129.15 -10.96
C ASN XA 23 8.00 -127.96 -11.90
N PRO XA 24 7.54 -128.12 -13.13
CA PRO XA 24 7.46 -126.97 -14.03
C PRO XA 24 6.52 -125.93 -13.48
N ARG XA 25 7.00 -124.70 -13.40
CA ARG XA 25 6.22 -123.58 -12.89
C ARG XA 25 5.60 -122.75 -13.99
N GLY XA 26 5.76 -123.13 -15.25
CA GLY XA 26 5.37 -122.29 -16.35
C GLY XA 26 6.48 -121.33 -16.72
N VAL XA 27 6.15 -120.43 -17.65
CA VAL XA 27 7.13 -119.50 -18.18
C VAL XA 27 6.56 -118.10 -18.14
N ASN XA 28 7.30 -117.18 -17.55
CA ASN XA 28 6.89 -115.79 -17.66
C ASN XA 28 7.16 -115.29 -19.07
N PRO XA 29 6.12 -114.97 -19.84
CA PRO XA 29 6.35 -114.55 -21.23
C PRO XA 29 7.00 -113.19 -21.33
N THR XA 30 6.79 -112.31 -20.37
CA THR XA 30 7.35 -110.97 -20.46
C THR XA 30 8.85 -111.02 -20.64
N ASN XA 31 9.57 -111.40 -19.60
CA ASN XA 31 11.01 -111.62 -19.71
C ASN XA 31 11.34 -112.86 -20.52
N GLY XA 32 10.35 -113.71 -20.82
CA GLY XA 32 10.62 -114.93 -21.53
C GLY XA 32 11.50 -115.86 -20.74
N VAL XA 33 11.12 -116.18 -19.51
CA VAL XA 33 11.94 -116.97 -18.61
C VAL XA 33 11.10 -118.08 -18.02
N ALA XA 34 11.59 -119.31 -18.12
CA ALA XA 34 10.96 -120.45 -17.50
C ALA XA 34 11.22 -120.46 -16.00
N SER XA 35 10.40 -121.22 -15.29
CA SER XA 35 10.54 -121.33 -13.84
C SER XA 35 10.29 -122.76 -13.42
N LEU XA 36 11.06 -123.22 -12.45
CA LEU XA 36 10.91 -124.55 -11.89
C LEU XA 36 10.93 -124.44 -10.38
N SER XA 37 10.24 -125.36 -9.71
CA SER XA 37 10.22 -125.28 -8.26
C SER XA 37 10.05 -126.66 -7.65
N GLN XA 38 10.63 -126.83 -6.48
CA GLN XA 38 10.22 -127.88 -5.57
C GLN XA 38 8.77 -127.68 -5.19
N ALA XA 39 8.07 -128.78 -4.94
CA ALA XA 39 6.72 -128.68 -4.40
C ALA XA 39 6.81 -128.76 -2.88
N GLY XA 40 6.62 -127.60 -2.26
CA GLY XA 40 6.58 -127.49 -0.83
C GLY XA 40 5.19 -127.14 -0.35
N ALA XA 41 5.15 -126.52 0.83
CA ALA XA 41 3.89 -125.95 1.30
C ALA XA 41 3.74 -124.51 0.81
N VAL XA 42 4.61 -123.63 1.26
CA VAL XA 42 4.51 -122.21 0.94
C VAL XA 42 5.43 -121.91 -0.24
N PRO XA 43 4.88 -121.43 -1.36
CA PRO XA 43 5.73 -121.07 -2.50
C PRO XA 43 6.87 -120.14 -2.14
N ALA XA 44 6.64 -119.14 -1.29
CA ALA XA 44 7.72 -118.31 -0.78
C ALA XA 44 8.84 -119.13 -0.19
N LEU XA 45 8.52 -120.23 0.49
CA LEU XA 45 9.54 -121.10 1.04
C LEU XA 45 10.11 -122.04 -0.02
N GLU XA 46 9.34 -122.35 -1.05
CA GLU XA 46 9.72 -123.40 -1.99
C GLU XA 46 10.93 -122.97 -2.81
N LYS XA 47 11.80 -123.93 -3.09
CA LYS XA 47 13.03 -123.67 -3.84
C LYS XA 47 12.62 -123.28 -5.24
N ARG XA 48 13.40 -122.38 -5.84
CA ARG XA 48 13.08 -121.93 -7.19
C ARG XA 48 14.27 -122.13 -8.11
N VAL XA 49 13.99 -122.44 -9.37
CA VAL XA 49 15.00 -122.60 -10.39
C VAL XA 49 14.52 -121.88 -11.64
N THR XA 50 15.37 -121.03 -12.19
CA THR XA 50 15.01 -120.19 -13.33
C THR XA 50 16.03 -120.39 -14.44
N VAL XA 51 15.54 -120.61 -15.65
CA VAL XA 51 16.39 -120.69 -16.83
C VAL XA 51 15.83 -119.79 -17.90
N SER XA 52 16.72 -119.32 -18.76
CA SER XA 52 16.30 -118.44 -19.84
C SER XA 52 17.28 -118.57 -21.00
N VAL XA 53 16.77 -118.33 -22.18
CA VAL XA 53 17.61 -118.22 -23.37
C VAL XA 53 17.54 -116.77 -23.82
N SER XA 54 18.20 -116.46 -24.92
CA SER XA 54 18.17 -115.12 -25.46
C SER XA 54 18.51 -115.21 -26.94
N GLN XA 55 18.24 -114.14 -27.66
CA GLN XA 55 18.61 -114.10 -29.05
C GLN XA 55 19.22 -112.74 -29.37
N PRO XA 56 20.20 -112.70 -30.26
CA PRO XA 56 20.90 -111.44 -30.51
C PRO XA 56 19.98 -110.41 -31.12
N SER XA 57 20.16 -109.16 -30.70
CA SER XA 57 19.35 -108.05 -31.18
C SER XA 57 20.29 -106.96 -31.68
N ARG XA 58 19.71 -105.83 -32.06
CA ARG XA 58 20.51 -104.66 -32.36
C ARG XA 58 21.31 -104.19 -31.16
N ASN XA 59 20.89 -104.54 -29.95
CA ASN XA 59 21.62 -104.20 -28.73
C ASN XA 59 22.79 -105.13 -28.48
N ARG XA 60 22.66 -106.41 -28.77
CA ARG XA 60 23.74 -107.36 -28.53
C ARG XA 60 23.69 -108.44 -29.60
N LYS XA 61 24.87 -108.84 -30.06
CA LYS XA 61 25.02 -109.83 -31.11
C LYS XA 61 25.25 -111.21 -30.54
N ASN XA 62 25.21 -111.32 -29.22
CA ASN XA 62 25.61 -112.55 -28.55
C ASN XA 62 24.42 -113.20 -27.89
N TYR XA 63 24.47 -114.52 -27.78
CA TYR XA 63 23.45 -115.25 -27.04
C TYR XA 63 23.76 -115.21 -25.56
N LYS XA 64 22.71 -115.05 -24.75
CA LYS XA 64 22.82 -115.12 -23.31
C LYS XA 64 21.96 -116.27 -22.81
N VAL XA 65 22.53 -117.08 -21.93
CA VAL XA 65 21.80 -118.13 -21.24
C VAL XA 65 21.97 -117.87 -19.75
N GLN XA 66 20.89 -117.53 -19.08
CA GLN XA 66 20.92 -117.15 -17.69
C GLN XA 66 20.21 -118.20 -16.86
N VAL XA 67 20.84 -118.60 -15.76
CA VAL XA 67 20.26 -119.57 -14.84
C VAL XA 67 20.46 -119.05 -13.43
N LYS XA 68 19.37 -118.89 -12.71
CA LYS XA 68 19.42 -118.41 -11.33
C LYS XA 68 18.72 -119.41 -10.43
N ILE XA 69 19.24 -119.55 -9.22
CA ILE XA 69 18.68 -120.47 -8.24
C ILE XA 69 18.43 -119.70 -6.95
N GLN XA 70 17.27 -119.91 -6.36
CA GLN XA 70 16.87 -119.19 -5.17
C GLN XA 70 16.42 -120.21 -4.13
N ASN XA 71 17.15 -120.28 -3.02
CA ASN XA 71 16.91 -121.27 -1.97
C ASN XA 71 16.83 -120.53 -0.64
N PRO XA 72 15.63 -120.16 -0.20
CA PRO XA 72 15.50 -119.44 1.07
C PRO XA 72 15.81 -120.35 2.24
N THR XA 73 15.79 -119.75 3.42
CA THR XA 73 15.98 -120.45 4.67
C THR XA 73 14.76 -120.24 5.54
N ALA XA 74 14.01 -121.31 5.78
CA ALA XA 74 12.80 -121.25 6.57
C ALA XA 74 13.15 -121.13 8.04
N CYS XA 75 12.47 -120.22 8.73
CA CYS XA 75 12.50 -120.18 10.18
C CYS XA 75 11.19 -120.82 10.63
N THR XA 76 11.27 -122.04 11.14
CA THR XA 76 10.07 -122.79 11.50
C THR XA 76 9.34 -122.11 12.65
N ALA XA 77 10.03 -121.94 13.77
CA ALA XA 77 9.44 -121.25 14.92
C ALA XA 77 10.02 -119.85 14.95
N ASN XA 78 9.20 -118.87 14.60
CA ASN XA 78 9.53 -117.47 14.76
C ASN XA 78 8.96 -116.91 16.05
N GLY XA 79 8.35 -117.75 16.89
CA GLY XA 79 7.47 -117.25 17.92
C GLY XA 79 6.09 -116.93 17.40
N SER XA 80 5.84 -117.22 16.12
CA SER XA 80 4.56 -116.94 15.48
C SER XA 80 4.09 -118.24 14.83
N CYS XA 81 2.81 -118.26 14.44
CA CYS XA 81 2.19 -119.45 13.91
C CYS XA 81 2.68 -119.82 12.52
N ASP XA 82 3.35 -118.92 11.82
CA ASP XA 82 3.74 -119.21 10.46
C ASP XA 82 5.24 -119.07 10.29
N PRO XA 83 5.86 -119.94 9.50
CA PRO XA 83 7.29 -119.79 9.24
C PRO XA 83 7.58 -118.55 8.43
N SER XA 84 8.83 -118.12 8.43
CA SER XA 84 9.22 -116.89 7.77
C SER XA 84 10.57 -117.06 7.09
N VAL XA 85 10.74 -116.34 5.98
CA VAL XA 85 11.99 -116.33 5.26
C VAL XA 85 13.04 -115.69 6.13
N THR XA 86 14.20 -116.33 6.24
CA THR XA 86 15.29 -115.74 7.00
C THR XA 86 16.43 -115.31 6.10
N ARG XA 87 17.17 -116.27 5.56
CA ARG XA 87 18.26 -116.00 4.64
C ARG XA 87 17.85 -116.48 3.26
N GLN XA 88 18.32 -115.77 2.24
CA GLN XA 88 17.97 -116.12 0.88
C GLN XA 88 19.26 -116.42 0.12
N ALA XA 89 19.46 -117.68 -0.24
CA ALA XA 89 20.65 -118.09 -0.98
C ALA XA 89 20.46 -117.77 -2.45
N TYR XA 90 21.41 -117.05 -3.02
CA TYR XA 90 21.36 -116.71 -4.43
C TYR XA 90 22.46 -117.42 -5.20
N ALA XA 91 22.05 -118.24 -6.16
CA ALA XA 91 22.98 -118.92 -7.04
C ALA XA 91 22.66 -118.48 -8.46
N ASP XA 92 23.62 -117.82 -9.10
CA ASP XA 92 23.42 -117.26 -10.43
C ASP XA 92 24.49 -117.77 -11.39
N VAL XA 93 24.05 -118.16 -12.58
CA VAL XA 93 24.94 -118.66 -13.63
C VAL XA 93 24.50 -118.04 -14.93
N THR XA 94 25.46 -117.58 -15.72
CA THR XA 94 25.19 -117.00 -17.03
C THR XA 94 26.08 -117.64 -18.08
N PHE XA 95 25.72 -117.41 -19.33
CA PHE XA 95 26.51 -117.90 -20.44
C PHE XA 95 26.45 -116.90 -21.57
N SER XA 96 27.59 -116.76 -22.25
CA SER XA 96 27.66 -115.91 -23.43
C SER XA 96 28.19 -116.74 -24.59
N PHE XA 97 27.69 -116.48 -25.77
CA PHE XA 97 28.14 -117.18 -26.95
C PHE XA 97 28.02 -116.27 -28.16
N THR XA 98 28.76 -116.62 -29.20
CA THR XA 98 28.77 -115.86 -30.43
C THR XA 98 27.94 -116.60 -31.47
N GLN XA 99 27.31 -115.83 -32.34
CA GLN XA 99 26.47 -116.41 -33.37
C GLN XA 99 27.15 -117.54 -34.11
N TYR XA 100 28.48 -117.52 -34.20
CA TYR XA 100 29.19 -118.60 -34.85
C TYR XA 100 29.62 -119.69 -33.87
N SER XA 101 29.23 -119.59 -32.61
CA SER XA 101 29.60 -120.59 -31.63
C SER XA 101 29.16 -121.97 -32.09
N THR XA 102 30.03 -122.96 -31.96
CA THR XA 102 29.67 -124.29 -32.42
C THR XA 102 29.05 -125.10 -31.29
N ASP XA 103 28.66 -126.32 -31.62
CA ASP XA 103 28.00 -127.16 -30.63
C ASP XA 103 28.97 -127.64 -29.57
N GLU XA 104 30.04 -128.32 -30.00
CA GLU XA 104 30.91 -128.97 -29.03
C GLU XA 104 31.55 -127.96 -28.10
N GLU XA 105 31.94 -126.80 -28.62
CA GLU XA 105 32.41 -125.73 -27.75
C GLU XA 105 31.46 -125.51 -26.60
N ARG XA 106 30.18 -125.29 -26.91
CA ARG XA 106 29.20 -125.14 -25.86
C ARG XA 106 29.17 -126.38 -24.98
N ALA XA 107 28.97 -127.54 -25.59
CA ALA XA 107 29.01 -128.79 -24.82
C ALA XA 107 30.25 -128.87 -23.97
N PHE XA 108 31.40 -128.53 -24.53
CA PHE XA 108 32.63 -128.50 -23.75
C PHE XA 108 32.48 -127.61 -22.52
N VAL XA 109 31.84 -126.46 -22.67
CA VAL XA 109 31.65 -125.59 -21.52
C VAL XA 109 30.77 -126.26 -20.48
N ARG XA 110 29.69 -126.90 -20.92
CA ARG XA 110 28.73 -127.43 -19.96
C ARG XA 110 29.38 -128.39 -18.99
N THR XA 111 30.01 -129.44 -19.51
CA THR XA 111 30.60 -130.44 -18.62
C THR XA 111 31.63 -129.82 -17.68
N GLU XA 112 32.64 -129.16 -18.22
CA GLU XA 112 33.73 -128.68 -17.40
C GLU XA 112 33.25 -127.86 -16.22
N LEU XA 113 32.25 -127.02 -16.41
CA LEU XA 113 31.71 -126.28 -15.28
C LEU XA 113 31.24 -127.24 -14.20
N ALA XA 114 30.50 -128.27 -14.59
CA ALA XA 114 30.09 -129.27 -13.62
C ALA XA 114 31.28 -129.90 -12.92
N ALA XA 115 32.25 -130.39 -13.70
CA ALA XA 115 33.43 -130.99 -13.11
C ALA XA 115 34.06 -130.09 -12.06
N LEU XA 116 34.21 -128.81 -12.36
CA LEU XA 116 34.70 -127.89 -11.35
C LEU XA 116 33.84 -127.95 -10.10
N LEU XA 117 32.53 -127.93 -10.25
CA LEU XA 117 31.66 -127.98 -9.08
C LEU XA 117 31.90 -129.24 -8.26
N ALA XA 118 32.35 -130.32 -8.88
CA ALA XA 118 32.75 -131.49 -8.15
C ALA XA 118 34.22 -131.47 -7.78
N SER XA 119 34.99 -130.52 -8.30
CA SER XA 119 36.40 -130.47 -8.01
C SER XA 119 36.63 -130.17 -6.54
N PRO XA 120 37.67 -130.74 -5.93
CA PRO XA 120 37.99 -130.41 -4.55
C PRO XA 120 38.36 -128.95 -4.35
N LEU XA 121 38.69 -128.24 -5.42
CA LEU XA 121 38.99 -126.83 -5.28
C LEU XA 121 37.78 -126.05 -4.78
N LEU XA 122 36.71 -126.07 -5.56
CA LEU XA 122 35.58 -125.20 -5.25
C LEU XA 122 34.91 -125.52 -3.94
N ILE XA 123 34.93 -126.78 -3.51
CA ILE XA 123 34.17 -127.15 -2.32
C ILE XA 123 34.63 -126.33 -1.13
N ASP XA 124 35.93 -126.21 -0.90
CA ASP XA 124 36.41 -125.31 0.13
C ASP XA 124 36.06 -123.88 -0.16
N ALA XA 125 36.23 -123.45 -1.41
CA ALA XA 125 35.77 -122.14 -1.83
C ALA XA 125 34.30 -121.93 -1.55
N ILE XA 126 33.45 -122.86 -1.93
CA ILE XA 126 32.02 -122.76 -1.69
C ILE XA 126 31.67 -123.06 -0.23
N ASP XA 127 31.88 -124.30 0.19
CA ASP XA 127 31.39 -124.71 1.50
C ASP XA 127 32.05 -123.94 2.62
N GLN XA 128 33.37 -123.93 2.66
CA GLN XA 128 34.09 -123.30 3.75
C GLN XA 128 34.49 -121.86 3.45
N LEU XA 129 34.09 -121.31 2.31
CA LEU XA 129 34.38 -119.93 1.95
C LEU XA 129 35.88 -119.65 2.03
N ASN XA 130 36.62 -120.32 1.18
CA ASN XA 130 38.04 -120.15 1.29
C ASN XA 130 38.63 -119.76 -0.05
N PRO XA 131 39.58 -118.87 -0.05
CA PRO XA 131 40.31 -118.56 -1.28
C PRO XA 131 41.22 -119.71 -1.66
N ALA XA 132 42.11 -119.45 -2.61
CA ALA XA 132 42.78 -120.48 -3.38
C ALA XA 132 43.97 -121.11 -2.66
N TYR XA 133 44.20 -120.73 -1.41
CA TYR XA 133 45.35 -121.23 -0.70
C TYR XA 133 44.96 -122.37 0.22
N ALA YA 2 0.54 -126.83 -17.73
CA ALA YA 2 1.26 -127.46 -18.83
C ALA YA 2 1.06 -126.68 -20.12
N LYS YA 3 1.49 -127.27 -21.23
CA LYS YA 3 1.43 -126.63 -22.53
C LYS YA 3 -0.01 -126.39 -22.95
N LEU YA 4 -0.24 -125.24 -23.57
CA LEU YA 4 -1.49 -124.99 -24.27
C LEU YA 4 -1.70 -126.09 -25.28
N GLU YA 5 -2.87 -126.69 -25.28
CA GLU YA 5 -3.18 -127.77 -26.20
C GLU YA 5 -4.62 -127.65 -26.65
N THR YA 6 -5.00 -128.52 -27.57
CA THR YA 6 -6.40 -128.67 -27.91
C THR YA 6 -7.07 -129.23 -26.66
N VAL YA 7 -8.13 -128.55 -26.21
CA VAL YA 7 -8.82 -129.01 -25.03
C VAL YA 7 -10.20 -129.47 -25.45
N THR YA 8 -10.42 -130.78 -25.40
CA THR YA 8 -11.72 -131.36 -25.69
C THR YA 8 -12.54 -131.36 -24.42
N LEU YA 9 -13.83 -131.10 -24.55
CA LEU YA 9 -14.74 -131.11 -23.41
C LEU YA 9 -15.98 -131.91 -23.77
N GLY YA 10 -16.27 -132.92 -22.97
CA GLY YA 10 -17.49 -133.68 -23.09
C GLY YA 10 -18.48 -133.26 -22.02
N ASN YA 11 -19.70 -133.76 -22.15
CA ASN YA 11 -20.73 -133.56 -21.14
C ASN YA 11 -20.98 -132.08 -20.90
N ILE YA 12 -21.56 -131.44 -21.91
CA ILE YA 12 -21.73 -129.99 -21.91
C ILE YA 12 -23.20 -129.70 -22.14
N GLY YA 13 -23.67 -128.57 -21.62
CA GLY YA 13 -25.03 -128.14 -21.81
C GLY YA 13 -26.00 -128.98 -21.00
N LYS YA 14 -27.24 -128.49 -20.97
CA LYS YA 14 -28.30 -129.18 -20.24
C LYS YA 14 -28.39 -130.63 -20.65
N ASP YA 15 -28.17 -130.91 -21.94
CA ASP YA 15 -28.14 -132.29 -22.39
C ASP YA 15 -26.97 -133.05 -21.79
N GLY YA 16 -25.78 -132.48 -21.85
CA GLY YA 16 -24.59 -133.24 -21.50
C GLY YA 16 -24.09 -134.09 -22.64
N LYS YA 17 -24.76 -134.04 -23.79
CA LYS YA 17 -24.21 -134.68 -24.98
C LYS YA 17 -23.40 -133.69 -25.80
N GLN YA 18 -23.43 -132.41 -25.42
CA GLN YA 18 -22.66 -131.39 -26.11
C GLN YA 18 -21.19 -131.59 -25.85
N THR YA 19 -20.39 -131.35 -26.88
CA THR YA 19 -18.95 -131.43 -26.78
C THR YA 19 -18.33 -130.17 -27.38
N LEU YA 20 -17.13 -129.84 -26.91
CA LEU YA 20 -16.46 -128.64 -27.37
C LEU YA 20 -14.96 -128.86 -27.36
N VAL YA 21 -14.29 -128.33 -28.38
CA VAL YA 21 -12.84 -128.34 -28.44
C VAL YA 21 -12.37 -126.89 -28.43
N LEU YA 22 -11.17 -126.68 -27.90
CA LEU YA 22 -10.60 -125.35 -27.77
C LEU YA 22 -9.17 -125.37 -28.30
N ASN YA 23 -8.91 -124.58 -29.27
CA ASN YA 23 -7.54 -124.55 -29.70
C ASN YA 23 -6.76 -123.50 -28.94
N PRO YA 24 -5.47 -123.74 -28.72
CA PRO YA 24 -4.64 -122.68 -28.13
C PRO YA 24 -4.56 -121.49 -29.05
N ARG YA 25 -4.85 -120.32 -28.48
CA ARG YA 25 -4.83 -119.08 -29.24
C ARG YA 25 -3.54 -118.30 -29.06
N GLY YA 26 -2.59 -118.83 -28.32
CA GLY YA 26 -1.42 -118.07 -27.94
C GLY YA 26 -1.66 -117.30 -26.66
N VAL YA 27 -0.69 -116.47 -26.30
CA VAL YA 27 -0.73 -115.71 -25.07
C VAL YA 27 -0.42 -114.26 -25.35
N ASN YA 28 -1.29 -113.38 -24.91
CA ASN YA 28 -0.94 -111.97 -24.97
C ASN YA 28 0.13 -111.67 -23.93
N PRO YA 29 1.35 -111.31 -24.34
CA PRO YA 29 2.41 -111.06 -23.36
C PRO YA 29 2.19 -109.81 -22.54
N THR YA 30 1.51 -108.81 -23.10
CA THR YA 30 1.32 -107.56 -22.37
C THR YA 30 0.67 -107.80 -21.03
N ASN YA 31 -0.61 -108.16 -21.03
CA ASN YA 31 -1.29 -108.53 -19.81
C ASN YA 31 -0.82 -109.89 -19.30
N GLY YA 32 -0.06 -110.63 -20.09
CA GLY YA 32 0.35 -111.97 -19.68
C GLY YA 32 -0.82 -112.90 -19.50
N VAL YA 33 -1.66 -113.03 -20.53
CA VAL YA 33 -2.87 -113.82 -20.43
C VAL YA 33 -2.95 -114.76 -21.62
N ALA YA 34 -3.18 -116.03 -21.34
CA ALA YA 34 -3.39 -117.02 -22.38
C ALA YA 34 -4.80 -116.90 -22.95
N SER YA 35 -4.99 -117.47 -24.13
CA SER YA 35 -6.27 -117.44 -24.79
C SER YA 35 -6.54 -118.79 -25.44
N LEU YA 36 -7.79 -119.22 -25.37
CA LEU YA 36 -8.22 -120.46 -25.99
C LEU YA 36 -9.50 -120.19 -26.76
N SER YA 37 -9.72 -120.94 -27.84
CA SER YA 37 -10.94 -120.72 -28.59
C SER YA 37 -11.38 -121.99 -29.27
N GLN YA 38 -12.70 -122.09 -29.42
CA GLN YA 38 -13.28 -122.99 -30.41
C GLN YA 38 -12.81 -122.58 -31.79
N ALA YA 39 -12.69 -123.57 -32.68
CA ALA YA 39 -12.41 -123.26 -34.07
C ALA YA 39 -13.74 -123.18 -34.81
N GLY YA 40 -14.13 -121.94 -35.12
CA GLY YA 40 -15.32 -121.68 -35.90
C GLY YA 40 -14.96 -121.12 -37.26
N ALA YA 41 -15.91 -120.37 -37.81
CA ALA YA 41 -15.62 -119.61 -39.02
C ALA YA 41 -15.08 -118.23 -38.67
N VAL YA 42 -15.91 -117.41 -38.04
CA VAL YA 42 -15.53 -116.04 -37.74
C VAL YA 42 -15.03 -115.96 -36.31
N PRO YA 43 -13.77 -115.56 -36.10
CA PRO YA 43 -13.26 -115.41 -34.73
C PRO YA 43 -14.15 -114.60 -33.82
N ALA YA 44 -14.71 -113.49 -34.32
CA ALA YA 44 -15.69 -112.73 -33.55
C ALA YA 44 -16.82 -113.61 -33.05
N LEU YA 45 -17.25 -114.58 -33.85
CA LEU YA 45 -18.29 -115.51 -33.43
C LEU YA 45 -17.73 -116.60 -32.53
N GLU YA 46 -16.45 -116.95 -32.68
CA GLU YA 46 -15.91 -118.12 -32.02
C GLU YA 46 -15.85 -117.92 -30.52
N LYS YA 47 -16.11 -119.00 -29.78
CA LYS YA 47 -16.12 -118.96 -28.33
C LYS YA 47 -14.70 -118.68 -27.87
N ARG YA 48 -14.58 -117.95 -26.77
CA ARG YA 48 -13.27 -117.61 -26.25
C ARG YA 48 -13.14 -118.04 -24.80
N VAL YA 49 -11.94 -118.45 -24.43
CA VAL YA 49 -11.62 -118.84 -23.06
C VAL YA 49 -10.29 -118.20 -22.69
N THR YA 50 -10.25 -117.52 -21.56
CA THR YA 50 -9.07 -116.78 -21.14
C THR YA 50 -8.69 -117.21 -19.73
N VAL YA 51 -7.41 -117.50 -19.53
CA VAL YA 51 -6.88 -117.80 -18.21
C VAL YA 51 -5.65 -116.96 -17.98
N SER YA 52 -5.38 -116.69 -16.72
CA SER YA 52 -4.22 -115.89 -16.36
C SER YA 52 -3.78 -116.26 -14.96
N VAL YA 53 -2.49 -116.09 -14.72
CA VAL YA 53 -1.94 -116.21 -13.38
C VAL YA 53 -1.47 -114.82 -12.98
N SER YA 54 -0.90 -114.70 -11.80
CA SER YA 54 -0.38 -113.43 -11.33
C SER YA 54 0.67 -113.71 -10.28
N GLN YA 55 1.46 -112.70 -9.97
CA GLN YA 55 2.44 -112.86 -8.91
C GLN YA 55 2.43 -111.61 -8.03
N PRO YA 56 2.65 -111.78 -6.73
CA PRO YA 56 2.51 -110.65 -5.82
C PRO YA 56 3.56 -109.59 -6.11
N SER YA 57 3.14 -108.33 -6.00
CA SER YA 57 4.01 -107.21 -6.25
C SER YA 57 3.97 -106.29 -5.03
N ARG YA 58 4.63 -105.15 -5.14
CA ARG YA 58 4.49 -104.11 -4.14
C ARG YA 58 3.06 -103.60 -4.03
N ASN YA 59 2.26 -103.77 -5.07
CA ASN YA 59 0.85 -103.39 -5.04
C ASN YA 59 -0.03 -104.42 -4.33
N ARG YA 60 0.26 -105.70 -4.49
CA ARG YA 60 -0.56 -106.73 -3.87
C ARG YA 60 0.35 -107.90 -3.50
N LYS YA 61 0.08 -108.49 -2.33
CA LYS YA 61 0.87 -109.59 -1.82
C LYS YA 61 0.22 -110.93 -2.14
N ASN YA 62 -0.88 -110.88 -2.88
CA ASN YA 62 -1.69 -112.07 -3.08
C ASN YA 62 -1.63 -112.51 -4.53
N TYR YA 63 -1.79 -113.81 -4.74
CA TYR YA 63 -1.89 -114.33 -6.10
C TYR YA 63 -3.31 -114.17 -6.62
N LYS YA 64 -3.42 -113.81 -7.90
CA LYS YA 64 -4.70 -113.73 -8.57
C LYS YA 64 -4.70 -114.71 -9.73
N VAL YA 65 -5.76 -115.49 -9.84
CA VAL YA 65 -5.98 -116.36 -10.99
C VAL YA 65 -7.32 -115.97 -11.57
N GLN YA 66 -7.29 -115.43 -12.79
CA GLN YA 66 -8.48 -114.91 -13.44
C GLN YA 66 -8.82 -115.77 -14.63
N VAL YA 67 -10.10 -116.13 -14.74
CA VAL YA 67 -10.59 -116.92 -15.86
C VAL YA 67 -11.87 -116.27 -16.35
N LYS YA 68 -11.90 -115.91 -17.62
CA LYS YA 68 -13.07 -115.30 -18.23
C LYS YA 68 -13.48 -116.11 -19.44
N ILE YA 69 -14.79 -116.18 -19.67
CA ILE YA 69 -15.35 -116.92 -20.79
C ILE YA 69 -16.28 -115.99 -21.55
N GLN YA 70 -16.15 -115.99 -22.87
CA GLN YA 70 -16.92 -115.11 -23.73
C GLN YA 70 -17.59 -115.96 -24.80
N ASN YA 71 -18.92 -115.99 -24.79
CA ASN YA 71 -19.70 -116.82 -25.70
C ASN YA 71 -20.76 -115.95 -26.36
N PRO YA 72 -20.48 -115.40 -27.52
CA PRO YA 72 -21.46 -114.54 -28.19
C PRO YA 72 -22.64 -115.34 -28.70
N THR YA 73 -23.61 -114.62 -29.24
CA THR YA 73 -24.79 -115.20 -29.85
C THR YA 73 -24.85 -114.76 -31.29
N ALA YA 74 -24.68 -115.71 -32.20
CA ALA YA 74 -24.69 -115.42 -33.62
C ALA YA 74 -26.13 -115.19 -34.08
N CYS YA 75 -26.32 -114.14 -34.87
CA CYS YA 75 -27.55 -113.95 -35.62
C CYS YA 75 -27.25 -114.38 -37.05
N THR YA 76 -27.77 -115.54 -37.43
CA THR YA 76 -27.44 -116.10 -38.74
C THR YA 76 -28.00 -115.22 -39.86
N ALA YA 77 -29.31 -115.01 -39.85
CA ALA YA 77 -29.94 -114.14 -40.83
C ALA YA 77 -30.24 -112.81 -40.15
N ASN YA 78 -29.47 -111.80 -40.51
CA ASN YA 78 -29.74 -110.44 -40.09
C ASN YA 78 -30.51 -109.67 -41.17
N GLY YA 79 -30.90 -110.35 -42.24
CA GLY YA 79 -31.30 -109.65 -43.44
C GLY YA 79 -30.11 -109.23 -44.28
N SER YA 80 -28.91 -109.62 -43.86
CA SER YA 80 -27.67 -109.28 -44.54
C SER YA 80 -26.90 -110.57 -44.80
N CYS YA 81 -25.90 -110.48 -45.66
CA CYS YA 81 -25.15 -111.66 -46.08
C CYS YA 81 -24.25 -112.22 -45.01
N ASP YA 82 -23.99 -111.48 -43.93
CA ASP YA 82 -23.06 -111.96 -42.93
C ASP YA 82 -23.73 -112.01 -41.57
N PRO YA 83 -23.41 -113.02 -40.77
CA PRO YA 83 -23.96 -113.08 -39.41
C PRO YA 83 -23.38 -111.96 -38.56
N SER YA 84 -24.06 -111.68 -37.45
CA SER YA 84 -23.67 -110.58 -36.58
C SER YA 84 -23.83 -110.97 -35.12
N VAL YA 85 -22.95 -110.40 -34.29
CA VAL YA 85 -23.01 -110.62 -32.85
C VAL YA 85 -24.30 -110.01 -32.33
N THR YA 86 -25.03 -110.75 -31.52
CA THR YA 86 -26.24 -110.23 -30.93
C THR YA 86 -26.08 -110.02 -29.42
N ARG YA 87 -26.04 -111.11 -28.68
CA ARG YA 87 -25.84 -111.07 -27.25
C ARG YA 87 -24.47 -111.65 -26.93
N GLN YA 88 -23.85 -111.11 -25.89
CA GLN YA 88 -22.52 -111.56 -25.51
C GLN YA 88 -22.59 -112.09 -24.09
N ALA YA 89 -22.42 -113.39 -23.92
CA ALA YA 89 -22.46 -114.01 -22.61
C ALA YA 89 -21.10 -113.83 -21.93
N TYR YA 90 -21.11 -113.28 -20.73
CA TYR YA 90 -19.88 -113.10 -19.97
C TYR YA 90 -19.85 -114.02 -18.76
N ALA YA 91 -18.84 -114.88 -18.73
CA ALA YA 91 -18.61 -115.75 -17.60
C ALA YA 91 -17.24 -115.43 -17.04
N ASP YA 92 -17.19 -114.96 -15.80
CA ASP YA 92 -15.94 -114.52 -15.18
C ASP YA 92 -15.73 -115.26 -13.87
N VAL YA 93 -14.50 -115.72 -13.65
CA VAL YA 93 -14.11 -116.42 -12.45
C VAL YA 93 -12.75 -115.91 -12.03
N THR YA 94 -12.59 -115.64 -10.74
CA THR YA 94 -11.33 -115.18 -10.19
C THR YA 94 -10.94 -116.02 -8.99
N PHE YA 95 -9.68 -115.89 -8.60
CA PHE YA 95 -9.17 -116.59 -7.43
C PHE YA 95 -8.16 -115.71 -6.72
N SER YA 96 -8.19 -115.78 -5.40
CA SER YA 96 -7.21 -115.08 -4.59
C SER YA 96 -6.56 -116.08 -3.66
N PHE YA 97 -5.26 -115.89 -3.42
CA PHE YA 97 -4.53 -116.77 -2.53
C PHE YA 97 -3.44 -115.98 -1.85
N THR YA 98 -2.97 -116.52 -0.74
CA THR YA 98 -1.91 -115.90 0.03
C THR YA 98 -0.61 -116.65 -0.24
N GLN YA 99 0.49 -115.92 -0.17
CA GLN YA 99 1.80 -116.50 -0.42
C GLN YA 99 2.01 -117.77 0.37
N TYR YA 100 1.38 -117.91 1.52
CA TYR YA 100 1.51 -119.14 2.30
C TYR YA 100 0.43 -120.16 1.97
N SER YA 101 -0.43 -119.88 0.99
CA SER YA 101 -1.49 -120.81 0.64
C SER YA 101 -0.90 -122.17 0.30
N THR YA 102 -1.51 -123.22 0.80
CA THR YA 102 -0.96 -124.55 0.53
C THR YA 102 -1.61 -125.15 -0.70
N ASP YA 103 -1.16 -126.34 -1.05
CA ASP YA 103 -1.67 -127.00 -2.25
C ASP YA 103 -3.09 -127.47 -2.06
N GLU YA 104 -3.33 -128.31 -1.05
CA GLU YA 104 -4.63 -128.94 -0.92
C GLU YA 104 -5.73 -127.92 -0.73
N GLU YA 105 -5.46 -126.87 0.04
CA GLU YA 105 -6.41 -125.77 0.15
C GLU YA 105 -6.87 -125.33 -1.22
N ARG YA 106 -5.92 -125.00 -2.09
CA ARG YA 106 -6.27 -124.63 -3.44
C ARG YA 106 -7.03 -125.75 -4.13
N ALA YA 107 -6.45 -126.95 -4.15
CA ALA YA 107 -7.14 -128.10 -4.70
C ALA YA 107 -8.55 -128.23 -4.13
N PHE YA 108 -8.68 -128.07 -2.82
CA PHE YA 108 -9.99 -128.10 -2.20
C PHE YA 108 -10.92 -127.09 -2.84
N VAL YA 109 -10.42 -125.89 -3.12
CA VAL YA 109 -11.25 -124.88 -3.75
C VAL YA 109 -11.68 -125.33 -5.13
N ARG YA 110 -10.76 -125.89 -5.90
CA ARG YA 110 -11.06 -126.19 -7.29
C ARG YA 110 -12.26 -127.12 -7.40
N THR YA 111 -12.20 -128.28 -6.76
CA THR YA 111 -13.29 -129.24 -6.90
C THR YA 111 -14.60 -128.65 -6.43
N GLU YA 112 -14.67 -128.17 -5.20
CA GLU YA 112 -15.94 -127.72 -4.64
C GLU YA 112 -16.66 -126.73 -5.54
N LEU YA 113 -15.93 -125.80 -6.16
CA LEU YA 113 -16.58 -124.90 -7.09
C LEU YA 113 -17.27 -125.68 -8.20
N ALA YA 114 -16.57 -126.66 -8.76
CA ALA YA 114 -17.19 -127.49 -9.78
C ALA YA 114 -18.44 -128.18 -9.24
N ALA YA 115 -18.32 -128.84 -8.09
CA ALA YA 115 -19.47 -129.51 -7.51
C ALA YA 115 -20.67 -128.59 -7.41
N LEU YA 116 -20.45 -127.37 -6.92
CA LEU YA 116 -21.54 -126.40 -6.91
C LEU YA 116 -22.14 -126.23 -8.29
N LEU YA 117 -21.31 -126.09 -9.31
CA LEU YA 117 -21.83 -125.90 -10.64
C LEU YA 117 -22.69 -127.08 -11.08
N ALA YA 118 -22.43 -128.26 -10.55
CA ALA YA 118 -23.30 -129.40 -10.77
C ALA YA 118 -24.39 -129.52 -9.72
N SER YA 119 -24.34 -128.71 -8.67
CA SER YA 119 -25.35 -128.79 -7.63
C SER YA 119 -26.70 -128.35 -8.17
N PRO YA 120 -27.79 -128.98 -7.71
CA PRO YA 120 -29.12 -128.54 -8.12
C PRO YA 120 -29.43 -127.12 -7.70
N LEU YA 121 -28.69 -126.57 -6.74
CA LEU YA 121 -28.94 -125.20 -6.35
C LEU YA 121 -28.67 -124.23 -7.49
N LEU YA 122 -27.45 -124.22 -8.00
CA LEU YA 122 -27.07 -123.19 -8.96
C LEU YA 122 -27.84 -123.29 -10.27
N ILE YA 123 -28.24 -124.50 -10.68
CA ILE YA 123 -28.85 -124.64 -11.97
C ILE YA 123 -30.08 -123.75 -12.10
N ASP YA 124 -30.97 -123.76 -11.12
CA ASP YA 124 -32.07 -122.82 -11.11
C ASP YA 124 -31.59 -121.39 -11.04
N ALA YA 125 -30.61 -121.13 -10.18
CA ALA YA 125 -29.97 -119.83 -10.14
C ALA YA 125 -29.41 -119.41 -11.48
N ILE YA 126 -28.66 -120.28 -12.14
CA ILE YA 126 -28.10 -119.99 -13.45
C ILE YA 126 -29.15 -120.09 -14.53
N ASP YA 127 -29.66 -121.29 -14.79
CA ASP YA 127 -30.50 -121.50 -15.94
C ASP YA 127 -31.78 -120.69 -15.86
N GLN YA 128 -32.52 -120.83 -14.79
CA GLN YA 128 -33.81 -120.17 -14.66
C GLN YA 128 -33.73 -118.83 -13.94
N LEU YA 129 -32.54 -118.37 -13.59
CA LEU YA 129 -32.35 -117.07 -12.95
C LEU YA 129 -33.21 -116.96 -11.70
N ASN YA 130 -32.91 -117.81 -10.74
CA ASN YA 130 -33.77 -117.78 -9.57
C ASN YA 130 -32.93 -117.60 -8.31
N PRO YA 131 -33.42 -116.83 -7.38
CA PRO YA 131 -32.77 -116.76 -6.08
C PRO YA 131 -32.96 -118.03 -5.28
N ALA YA 132 -32.63 -117.97 -4.01
CA ALA YA 132 -32.36 -119.15 -3.20
C ALA YA 132 -33.64 -119.83 -2.68
N TYR YA 133 -34.80 -119.35 -3.09
CA TYR YA 133 -36.03 -119.90 -2.57
C TYR YA 133 -36.64 -120.88 -3.57
N ALA ZA 2 -41.45 -89.33 -87.47
CA ALA ZA 2 -40.85 -89.65 -88.76
C ALA ZA 2 -40.77 -88.41 -89.63
N LYS ZA 3 -40.44 -88.60 -90.89
CA LYS ZA 3 -40.24 -87.52 -91.84
C LYS ZA 3 -41.54 -86.76 -92.06
N LEU ZA 4 -41.41 -85.44 -92.16
CA LEU ZA 4 -42.51 -84.61 -92.64
C LEU ZA 4 -42.94 -85.12 -94.00
N GLU ZA 5 -44.23 -85.35 -94.17
CA GLU ZA 5 -44.75 -85.84 -95.43
C GLU ZA 5 -46.08 -85.18 -95.72
N THR ZA 6 -46.62 -85.49 -96.90
CA THR ZA 6 -47.99 -85.13 -97.20
C THR ZA 6 -48.85 -85.91 -96.24
N VAL ZA 7 -49.71 -85.22 -95.52
CA VAL ZA 7 -50.59 -85.89 -94.56
C VAL ZA 7 -52.01 -85.77 -95.07
N THR ZA 8 -52.57 -86.88 -95.52
CA THR ZA 8 -53.95 -86.93 -95.96
C THR ZA 8 -54.83 -87.21 -94.75
N LEU ZA 9 -55.98 -86.59 -94.70
CA LEU ZA 9 -56.93 -86.80 -93.62
C LEU ZA 9 -58.31 -87.02 -94.20
N GLY ZA 10 -58.92 -88.16 -93.85
CA GLY ZA 10 -60.28 -88.46 -94.20
C GLY ZA 10 -61.19 -88.24 -93.00
N ASN ZA 11 -62.49 -88.31 -93.26
CA ASN ZA 11 -63.49 -88.25 -92.20
C ASN ZA 11 -63.35 -86.96 -91.39
N ILE ZA 12 -63.68 -85.86 -92.03
CA ILE ZA 12 -63.46 -84.54 -91.46
C ILE ZA 12 -64.78 -83.79 -91.48
N GLY ZA 13 -64.96 -82.89 -90.54
CA GLY ZA 13 -66.15 -82.06 -90.48
C GLY ZA 13 -67.36 -82.86 -90.01
N LYS ZA 14 -68.42 -82.11 -89.73
CA LYS ZA 14 -69.67 -82.72 -89.28
C LYS ZA 14 -70.11 -83.82 -90.23
N ASP ZA 15 -69.90 -83.61 -91.53
CA ASP ZA 15 -70.20 -84.65 -92.50
C ASP ZA 15 -69.32 -85.88 -92.29
N GLY ZA 16 -68.01 -85.67 -92.18
CA GLY ZA 16 -67.11 -86.80 -92.22
C GLY ZA 16 -66.77 -87.23 -93.62
N LYS ZA 17 -67.32 -86.56 -94.63
CA LYS ZA 17 -66.90 -86.80 -96.00
C LYS ZA 17 -65.80 -85.83 -96.40
N GLN ZA 18 -65.53 -84.84 -95.56
CA GLN ZA 18 -64.47 -83.87 -95.83
C GLN ZA 18 -63.11 -84.55 -95.73
N THR ZA 19 -62.23 -84.15 -96.62
CA THR ZA 19 -60.85 -84.65 -96.63
C THR ZA 19 -59.89 -83.47 -96.72
N LEU ZA 20 -58.68 -83.68 -96.22
CA LEU ZA 20 -57.69 -82.62 -96.21
C LEU ZA 20 -56.31 -83.22 -96.35
N VAL ZA 21 -55.46 -82.53 -97.12
CA VAL ZA 21 -54.06 -82.89 -97.24
C VAL ZA 21 -53.23 -81.76 -96.69
N LEU ZA 22 -52.05 -82.10 -96.18
CA LEU ZA 22 -51.15 -81.13 -95.57
C LEU ZA 22 -49.75 -81.32 -96.12
N ASN ZA 23 -49.24 -80.30 -96.71
CA ASN ZA 23 -47.88 -80.49 -97.17
C ASN ZA 23 -46.89 -80.05 -96.10
N PRO ZA 24 -45.74 -80.70 -96.04
CA PRO ZA 24 -44.70 -80.23 -95.13
C PRO ZA 24 -44.26 -78.83 -95.51
N ARG ZA 25 -44.25 -77.96 -94.52
CA ARG ZA 25 -43.86 -76.57 -94.73
C ARG ZA 25 -42.42 -76.29 -94.31
N GLY ZA 26 -41.69 -77.31 -93.89
CA GLY ZA 26 -40.39 -77.10 -93.30
C GLY ZA 26 -40.50 -76.85 -91.81
N VAL ZA 27 -39.36 -76.51 -91.21
CA VAL ZA 27 -39.29 -76.34 -89.77
C VAL ZA 27 -38.58 -75.02 -89.47
N ASN ZA 28 -39.21 -74.19 -88.67
CA ASN ZA 28 -38.50 -73.02 -88.20
C ASN ZA 28 -37.46 -73.44 -87.18
N PRO ZA 29 -36.17 -73.29 -87.48
CA PRO ZA 29 -35.14 -73.74 -86.53
C PRO ZA 29 -35.07 -72.90 -85.28
N THR ZA 30 -35.42 -71.61 -85.36
CA THR ZA 30 -35.31 -70.75 -84.19
C THR ZA 30 -36.09 -71.32 -83.01
N ASN ZA 31 -37.42 -71.29 -83.10
CA ASN ZA 31 -38.24 -71.93 -82.09
C ASN ZA 31 -38.19 -73.44 -82.18
N GLY ZA 32 -37.60 -73.99 -83.24
CA GLY ZA 32 -37.58 -75.42 -83.40
C GLY ZA 32 -38.96 -76.01 -83.55
N VAL ZA 33 -39.75 -75.50 -84.50
CA VAL ZA 33 -41.14 -75.91 -84.66
C VAL ZA 33 -41.38 -76.24 -86.12
N ALA ZA 34 -41.95 -77.41 -86.35
CA ALA ZA 34 -42.36 -77.83 -87.69
C ALA ZA 34 -43.64 -77.12 -88.09
N SER ZA 35 -43.89 -77.11 -89.40
CA SER ZA 35 -45.09 -76.48 -89.92
C SER ZA 35 -45.66 -77.34 -91.03
N LEU ZA 36 -46.98 -77.41 -91.09
CA LEU ZA 36 -47.68 -78.15 -92.12
C LEU ZA 36 -48.79 -77.27 -92.66
N SER ZA 37 -49.14 -77.45 -93.93
CA SER ZA 37 -50.21 -76.63 -94.48
C SER ZA 37 -50.94 -77.37 -95.58
N GLN ZA 38 -52.22 -77.05 -95.70
CA GLN ZA 38 -52.96 -77.30 -96.92
C GLN ZA 38 -52.31 -76.52 -98.05
N ALA ZA 39 -52.39 -77.08 -99.26
CA ALA ZA 39 -51.95 -76.33 -100.44
C ALA ZA 39 -53.18 -75.62 -101.01
N GLY ZA 40 -53.20 -74.31 -100.79
CA GLY ZA 40 -54.22 -73.45 -101.35
C GLY ZA 40 -53.65 -72.53 -102.40
N ALA ZA 41 -54.34 -71.40 -102.57
CA ALA ZA 41 -53.78 -70.33 -103.40
C ALA ZA 41 -52.92 -69.40 -102.55
N VAL ZA 42 -53.53 -68.70 -101.61
CA VAL ZA 42 -52.82 -67.71 -100.82
C VAL ZA 42 -52.41 -68.34 -99.49
N PRO ZA 43 -51.11 -68.39 -99.20
CA PRO ZA 43 -50.66 -68.94 -97.91
C PRO ZA 43 -51.35 -68.34 -96.72
N ALA ZA 44 -51.58 -67.02 -96.71
CA ALA ZA 44 -52.36 -66.39 -95.65
C ALA ZA 44 -53.72 -67.06 -95.49
N LEU ZA 45 -54.34 -67.49 -96.58
CA LEU ZA 45 -55.60 -68.19 -96.50
C LEU ZA 45 -55.42 -69.66 -96.14
N GLU ZA 46 -54.27 -70.24 -96.47
CA GLU ZA 46 -54.09 -71.68 -96.36
C GLU ZA 46 -54.08 -72.10 -94.90
N LYS ZA 47 -54.66 -73.27 -94.65
CA LYS ZA 47 -54.75 -73.81 -93.29
C LYS ZA 47 -53.34 -74.12 -92.82
N ARG ZA 48 -53.10 -73.93 -91.53
CA ARG ZA 48 -51.78 -74.20 -90.99
C ARG ZA 48 -51.86 -75.18 -89.83
N VAL ZA 49 -50.83 -76.01 -89.71
CA VAL ZA 49 -50.71 -76.96 -88.61
C VAL ZA 49 -49.29 -76.91 -88.11
N THR ZA 50 -49.13 -76.75 -86.80
CA THR ZA 50 -47.84 -76.58 -86.18
C THR ZA 50 -47.67 -77.61 -85.07
N VAL ZA 51 -46.52 -78.28 -85.07
CA VAL ZA 51 -46.19 -79.21 -84.01
C VAL ZA 51 -44.78 -78.88 -83.51
N SER ZA 52 -44.53 -79.22 -82.25
CA SER ZA 52 -43.23 -78.96 -81.68
C SER ZA 52 -42.99 -79.95 -80.56
N VAL ZA 53 -41.71 -80.24 -80.34
CA VAL ZA 53 -41.30 -81.01 -79.17
C VAL ZA 53 -40.51 -80.07 -78.28
N SER ZA 54 -40.00 -80.58 -77.18
CA SER ZA 54 -39.19 -79.79 -76.28
C SER ZA 54 -38.32 -80.73 -75.47
N GLN ZA 55 -37.32 -80.17 -74.82
CA GLN ZA 55 -36.47 -80.98 -73.97
C GLN ZA 55 -36.21 -80.24 -72.68
N PRO ZA 56 -36.13 -80.95 -71.56
CA PRO ZA 56 -36.01 -80.26 -70.27
C PRO ZA 56 -34.71 -79.49 -70.17
N SER ZA 57 -34.79 -78.33 -69.55
CA SER ZA 57 -33.63 -77.47 -69.37
C SER ZA 57 -33.51 -77.12 -67.90
N ARG ZA 58 -32.56 -76.25 -67.58
CA ARG ZA 58 -32.49 -75.69 -66.25
C ARG ZA 58 -33.75 -74.91 -65.87
N ASN ZA 59 -34.49 -74.43 -66.86
CA ASN ZA 59 -35.74 -73.74 -66.63
C ASN ZA 59 -36.90 -74.68 -66.32
N ARG ZA 60 -36.96 -75.82 -66.99
CA ARG ZA 60 -38.05 -76.76 -66.79
C ARG ZA 60 -37.53 -78.18 -66.95
N LYS ZA 61 -38.00 -79.07 -66.11
CA LYS ZA 61 -37.56 -80.46 -66.10
C LYS ZA 61 -38.52 -81.34 -66.88
N ASN ZA 62 -39.53 -80.72 -67.50
CA ASN ZA 62 -40.61 -81.47 -68.11
C ASN ZA 62 -40.58 -81.30 -69.61
N TYR ZA 63 -41.05 -82.32 -70.32
CA TYR ZA 63 -41.20 -82.22 -71.76
C TYR ZA 63 -42.49 -81.50 -72.10
N LYS ZA 64 -42.43 -80.65 -73.12
CA LYS ZA 64 -43.60 -79.98 -73.65
C LYS ZA 64 -43.78 -80.40 -75.10
N VAL ZA 65 -45.01 -80.75 -75.46
CA VAL ZA 65 -45.38 -81.00 -76.84
C VAL ZA 65 -46.53 -80.08 -77.15
N GLN ZA 66 -46.28 -79.13 -78.06
CA GLN ZA 66 -47.25 -78.10 -78.40
C GLN ZA 66 -47.73 -78.31 -79.81
N VAL ZA 67 -49.05 -78.24 -79.99
CA VAL ZA 67 -49.67 -78.36 -81.31
C VAL ZA 67 -50.70 -77.26 -81.44
N LYS ZA 68 -50.55 -76.44 -82.47
CA LYS ZA 68 -51.47 -75.35 -82.72
C LYS ZA 68 -52.01 -75.47 -84.14
N ILE ZA 69 -53.27 -75.10 -84.32
CA ILE ZA 69 -53.94 -75.16 -85.61
C ILE ZA 69 -54.53 -73.80 -85.90
N GLN ZA 70 -54.34 -73.32 -87.11
CA GLN ZA 70 -54.79 -72.00 -87.52
C GLN ZA 70 -55.59 -72.15 -88.80
N ASN ZA 71 -56.88 -71.83 -88.74
CA ASN ZA 71 -57.80 -71.99 -89.86
C ASN ZA 71 -58.54 -70.68 -90.07
N PRO ZA 72 -58.05 -69.82 -90.94
CA PRO ZA 72 -58.73 -68.55 -91.17
C PRO ZA 72 -60.05 -68.74 -91.89
N THR ZA 73 -60.75 -67.63 -92.06
CA THR ZA 73 -62.00 -67.59 -92.78
C THR ZA 73 -61.86 -66.62 -93.94
N ALA ZA 74 -61.89 -67.15 -95.15
CA ALA ZA 74 -61.74 -66.34 -96.34
C ALA ZA 74 -63.03 -65.57 -96.60
N CYS ZA 75 -62.88 -64.27 -96.90
CA CYS ZA 75 -63.99 -63.49 -97.45
C CYS ZA 75 -63.71 -63.40 -98.95
N THR ZA 76 -64.49 -64.13 -99.74
CA THR ZA 76 -64.24 -64.19 -101.17
C THR ZA 76 -64.49 -62.84 -101.82
N ALA ZA 77 -65.69 -62.30 -101.67
CA ALA ZA 77 -66.00 -60.98 -102.19
C ALA ZA 77 -65.99 -60.00 -101.04
N ASN ZA 78 -64.96 -59.18 -101.01
CA ASN ZA 78 -64.88 -58.05 -100.07
C ASN ZA 78 -65.36 -56.77 -100.72
N GLY ZA 79 -65.85 -56.83 -101.96
CA GLY ZA 79 -65.96 -55.64 -102.77
C GLY ZA 79 -64.65 -55.27 -103.43
N SER ZA 80 -63.63 -56.09 -103.25
CA SER ZA 80 -62.31 -55.85 -103.81
C SER ZA 80 -61.89 -57.09 -104.59
N CYS ZA 81 -60.85 -56.95 -105.40
CA CYS ZA 81 -60.42 -58.01 -106.28
C CYS ZA 81 -59.76 -59.19 -105.56
N ASP ZA 82 -59.38 -59.01 -104.30
CA ASP ZA 82 -58.68 -60.07 -103.62
C ASP ZA 82 -59.41 -60.47 -102.34
N PRO ZA 83 -59.42 -61.76 -102.02
CA PRO ZA 83 -60.05 -62.19 -100.77
C PRO ZA 83 -59.26 -61.70 -99.57
N SER ZA 84 -59.90 -61.71 -98.42
CA SER ZA 84 -59.28 -61.19 -97.21
C SER ZA 84 -59.63 -62.06 -96.01
N VAL ZA 85 -58.70 -62.12 -95.07
CA VAL ZA 85 -58.90 -62.86 -93.83
C VAL ZA 85 -60.01 -62.17 -93.05
N THR ZA 86 -60.96 -62.96 -92.56
CA THR ZA 86 -62.02 -62.40 -91.75
C THR ZA 86 -61.90 -62.84 -90.30
N ARG ZA 87 -62.21 -64.11 -90.04
CA ARG ZA 87 -62.09 -64.69 -88.71
C ARG ZA 87 -60.94 -65.68 -88.72
N GLN ZA 88 -60.26 -65.79 -87.58
CA GLN ZA 88 -59.13 -66.69 -87.49
C GLN ZA 88 -59.42 -67.69 -86.37
N ALA ZA 89 -59.61 -68.94 -86.75
CA ALA ZA 89 -59.89 -69.99 -85.78
C ALA ZA 89 -58.58 -70.46 -85.16
N TYR ZA 90 -58.52 -70.45 -83.84
CA TYR ZA 90 -57.34 -70.91 -83.14
C TYR ZA 90 -57.62 -72.20 -82.38
N ALA ZA 91 -56.88 -73.24 -82.74
CA ALA ZA 91 -56.97 -74.52 -82.05
C ALA ZA 91 -55.59 -74.81 -81.48
N ASP ZA 92 -55.50 -74.90 -80.16
CA ASP ZA 92 -54.23 -75.09 -79.48
C ASP ZA 92 -54.30 -76.30 -78.57
N VAL ZA 93 -53.24 -77.12 -78.62
CA VAL ZA 93 -53.12 -78.32 -77.81
C VAL ZA 93 -51.71 -78.39 -77.29
N THR ZA 94 -51.56 -78.71 -76.01
CA THR ZA 94 -50.26 -78.85 -75.38
C THR ZA 94 -50.18 -80.17 -74.64
N PHE ZA 95 -48.96 -80.55 -74.28
CA PHE ZA 95 -48.73 -81.75 -73.51
C PHE ZA 95 -47.57 -81.52 -72.56
N SER ZA 96 -47.69 -82.09 -71.37
CA SER ZA 96 -46.62 -82.05 -70.40
C SER ZA 96 -46.32 -83.47 -69.98
N PHE ZA 97 -45.04 -83.74 -69.74
CA PHE ZA 97 -44.62 -85.06 -69.30
C PHE ZA 97 -43.39 -84.92 -68.43
N THR ZA 98 -43.15 -85.95 -67.64
CA THR ZA 98 -42.02 -86.01 -66.74
C THR ZA 98 -40.95 -86.90 -67.34
N GLN ZA 99 -39.69 -86.57 -67.05
CA GLN ZA 99 -38.58 -87.34 -67.57
C GLN ZA 99 -38.75 -88.83 -67.36
N TYR ZA 100 -39.47 -89.23 -66.33
CA TYR ZA 100 -39.72 -90.65 -66.10
C TYR ZA 100 -41.02 -91.12 -66.75
N SER ZA 101 -41.70 -90.27 -67.50
CA SER ZA 101 -42.95 -90.67 -68.13
C SER ZA 101 -42.71 -91.89 -69.01
N THR ZA 102 -43.62 -92.86 -68.94
CA THR ZA 102 -43.42 -94.07 -69.73
C THR ZA 102 -44.13 -93.94 -71.06
N ASP ZA 103 -43.99 -94.98 -71.87
CA ASP ZA 103 -44.57 -94.95 -73.21
C ASP ZA 103 -46.08 -95.06 -73.14
N GLU ZA 104 -46.59 -96.12 -72.54
CA GLU ZA 104 -48.02 -96.39 -72.61
C GLU ZA 104 -48.82 -95.27 -71.98
N GLU ZA 105 -48.34 -94.72 -70.87
CA GLU ZA 105 -48.98 -93.55 -70.29
C GLU ZA 105 -49.21 -92.49 -71.35
N ARG ZA 106 -48.16 -92.11 -72.07
CA ARG ZA 106 -48.30 -91.16 -73.15
C ARG ZA 106 -49.30 -91.69 -74.18
N ALA ZA 107 -49.05 -92.89 -74.70
CA ALA ZA 107 -49.98 -93.49 -75.63
C ALA ZA 107 -51.40 -93.46 -75.08
N PHE ZA 108 -51.57 -93.81 -73.81
CA PHE ZA 108 -52.88 -93.72 -73.20
C PHE ZA 108 -53.47 -92.33 -73.34
N VAL ZA 109 -52.65 -91.29 -73.14
CA VAL ZA 109 -53.16 -89.94 -73.28
C VAL ZA 109 -53.60 -89.67 -74.71
N ARG ZA 110 -52.81 -90.12 -75.69
CA ARG ZA 110 -53.09 -89.76 -77.06
C ARG ZA 110 -54.48 -90.21 -77.48
N THR ZA 111 -54.77 -91.50 -77.35
CA THR ZA 111 -56.07 -92.00 -77.79
C THR ZA 111 -57.21 -91.31 -77.07
N GLU ZA 112 -57.22 -91.35 -75.74
CA GLU ZA 112 -58.36 -90.84 -75.00
C GLU ZA 112 -58.73 -89.42 -75.40
N LEU ZA 113 -57.75 -88.56 -75.63
CA LEU ZA 113 -58.08 -87.22 -76.10
C LEU ZA 113 -58.87 -87.29 -77.38
N ALA ZA 114 -58.42 -88.12 -78.33
CA ALA ZA 114 -59.18 -88.29 -79.56
C ALA ZA 114 -60.59 -88.78 -79.27
N ALA ZA 115 -60.73 -89.84 -78.49
CA ALA ZA 115 -62.06 -90.35 -78.16
C ALA ZA 115 -62.96 -89.26 -77.65
N LEU ZA 116 -62.47 -88.44 -76.72
CA LEU ZA 116 -63.25 -87.29 -76.29
C LEU ZA 116 -63.71 -86.44 -77.45
N LEU ZA 117 -62.79 -86.14 -78.38
CA LEU ZA 117 -63.17 -85.32 -79.50
C LEU ZA 117 -64.28 -85.96 -80.31
N ALA ZA 118 -64.38 -87.28 -80.30
CA ALA ZA 118 -65.51 -87.95 -80.92
C ALA ZA 118 -66.65 -88.16 -79.95
N SER ZA 119 -66.45 -87.89 -78.67
CA SER ZA 119 -67.51 -88.10 -77.71
C SER ZA 119 -68.66 -87.14 -77.97
N PRO ZA 120 -69.90 -87.58 -77.72
CA PRO ZA 120 -71.04 -86.67 -77.87
C PRO ZA 120 -70.99 -85.52 -76.90
N LEU ZA 121 -70.19 -85.61 -75.85
CA LEU ZA 121 -70.09 -84.47 -74.93
C LEU ZA 121 -69.52 -83.25 -75.62
N LEU ZA 122 -68.30 -83.36 -76.13
CA LEU ZA 122 -67.61 -82.19 -76.64
C LEU ZA 122 -68.28 -81.56 -77.84
N ILE ZA 123 -68.96 -82.36 -78.66
CA ILE ZA 123 -69.52 -81.81 -79.89
C ILE ZA 123 -70.45 -80.65 -79.60
N ASP ZA 124 -71.37 -80.80 -78.65
CA ASP ZA 124 -72.18 -79.68 -78.22
C ASP ZA 124 -71.35 -78.58 -77.61
N ALA ZA 125 -70.39 -78.95 -76.77
CA ALA ZA 125 -69.44 -77.99 -76.25
C ALA ZA 125 -68.70 -77.25 -77.35
N ILE ZA 126 -68.17 -77.95 -78.33
CA ILE ZA 126 -67.47 -77.34 -79.44
C ILE ZA 126 -68.45 -76.72 -80.43
N ASP ZA 127 -69.22 -77.54 -81.11
CA ASP ZA 127 -70.03 -77.05 -82.21
C ASP ZA 127 -71.06 -76.03 -81.77
N GLN ZA 128 -71.87 -76.38 -80.79
CA GLN ZA 128 -72.94 -75.50 -80.35
C GLN ZA 128 -72.56 -74.63 -79.17
N LEU ZA 129 -71.30 -74.66 -78.72
CA LEU ZA 129 -70.82 -73.83 -77.64
C LEU ZA 129 -71.70 -73.99 -76.41
N ASN ZA 130 -71.69 -75.19 -75.86
CA ASN ZA 130 -72.58 -75.40 -74.74
C ASN ZA 130 -71.81 -75.96 -73.57
N PRO ZA 131 -72.13 -75.51 -72.38
CA PRO ZA 131 -71.56 -76.12 -71.17
C PRO ZA 131 -72.14 -77.51 -70.95
N ALA ZA 132 -71.89 -78.05 -69.76
CA ALA ZA 132 -71.99 -79.47 -69.50
C ALA ZA 132 -73.42 -79.93 -69.23
N TYR ZA 133 -74.39 -79.03 -69.36
CA TYR ZA 133 -75.76 -79.40 -69.04
C TYR ZA 133 -76.54 -79.71 -70.30
N ALA AB 2 -36.98 -76.94 -101.67
CA ALA AB 2 -36.66 -78.36 -101.55
C ALA AB 2 -35.38 -78.55 -100.77
N LYS AB 3 -34.87 -79.78 -100.78
CA LYS AB 3 -33.69 -80.14 -100.02
C LYS AB 3 -32.47 -79.40 -100.53
N LEU AB 4 -31.63 -78.99 -99.59
CA LEU AB 4 -30.30 -78.50 -99.93
C LEU AB 4 -29.59 -79.58 -100.72
N GLU AB 5 -29.02 -79.20 -101.85
CA GLU AB 5 -28.32 -80.15 -102.68
C GLU AB 5 -27.09 -79.48 -103.29
N THR AB 6 -26.32 -80.27 -104.01
CA THR AB 6 -25.26 -79.71 -104.84
C THR AB 6 -25.95 -78.90 -105.91
N VAL AB 7 -25.56 -77.64 -106.02
CA VAL AB 7 -26.17 -76.77 -107.03
C VAL AB 7 -25.12 -76.45 -108.07
N THR AB 8 -25.28 -77.01 -109.26
CA THR AB 8 -24.40 -76.72 -110.38
C THR AB 8 -24.92 -75.49 -111.10
N LEU AB 9 -24.02 -74.66 -111.56
CA LEU AB 9 -24.37 -73.46 -112.30
C LEU AB 9 -23.52 -73.36 -113.55
N GLY AB 10 -24.19 -73.27 -114.70
CA GLY AB 10 -23.50 -73.03 -115.95
C GLY AB 10 -23.70 -71.59 -116.37
N ASN AB 11 -22.98 -71.21 -117.42
CA ASN AB 11 -23.12 -69.90 -118.03
C ASN AB 11 -22.89 -68.79 -117.01
N ILE AB 12 -21.64 -68.68 -116.60
CA ILE AB 12 -21.25 -67.78 -115.53
C ILE AB 12 -20.15 -66.87 -116.04
N GLY AB 13 -20.07 -65.67 -115.48
CA GLY AB 13 -19.04 -64.72 -115.85
C GLY AB 13 -19.27 -64.13 -117.22
N LYS AB 14 -18.47 -63.10 -117.50
CA LYS AB 14 -18.57 -62.42 -118.79
C LYS AB 14 -18.46 -63.42 -119.94
N ASP AB 15 -17.63 -64.44 -119.78
CA ASP AB 15 -17.55 -65.50 -120.78
C ASP AB 15 -18.87 -66.25 -120.88
N GLY AB 16 -19.41 -66.70 -119.76
CA GLY AB 16 -20.52 -67.62 -119.81
C GLY AB 16 -20.08 -69.05 -119.98
N LYS AB 17 -18.78 -69.30 -120.07
CA LYS AB 17 -18.28 -70.66 -120.04
C LYS AB 17 -17.93 -71.08 -118.62
N GLN AB 18 -17.95 -70.14 -117.68
CA GLN AB 18 -17.66 -70.43 -116.29
C GLN AB 18 -18.78 -71.27 -115.70
N THR AB 19 -18.38 -72.22 -114.86
CA THR AB 19 -19.33 -73.07 -114.16
C THR AB 19 -18.98 -73.09 -112.68
N LEU AB 20 -19.98 -73.35 -111.85
CA LEU AB 20 -19.78 -73.36 -110.41
C LEU AB 20 -20.70 -74.38 -109.77
N VAL AB 21 -20.20 -75.08 -108.77
CA VAL AB 21 -21.00 -75.98 -107.97
C VAL AB 21 -21.02 -75.46 -106.54
N LEU AB 22 -22.09 -75.76 -105.83
CA LEU AB 22 -22.26 -75.29 -104.45
C LEU AB 22 -22.69 -76.46 -103.58
N ASN AB 23 -21.92 -76.74 -102.60
CA ASN AB 23 -22.40 -77.81 -101.74
C ASN AB 23 -23.23 -77.25 -100.61
N PRO AB 24 -24.23 -78.01 -100.15
CA PRO AB 24 -24.96 -77.59 -98.96
C PRO AB 24 -24.05 -77.51 -97.76
N ARG AB 25 -24.10 -76.37 -97.09
CA ARG AB 25 -23.28 -76.13 -95.91
C ARG AB 25 -24.03 -76.37 -94.62
N GLY AB 26 -25.28 -76.80 -94.68
CA GLY AB 26 -26.12 -76.86 -93.50
C GLY AB 26 -26.83 -75.55 -93.27
N VAL AB 27 -27.52 -75.47 -92.14
CA VAL AB 27 -28.32 -74.30 -91.82
C VAL AB 27 -28.00 -73.86 -90.40
N ASN AB 28 -27.67 -72.59 -90.25
CA ASN AB 28 -27.56 -72.06 -88.91
C ASN AB 28 -28.94 -71.93 -88.29
N PRO AB 29 -29.27 -72.70 -87.26
CA PRO AB 29 -30.61 -72.63 -86.69
C PRO AB 29 -30.88 -71.33 -85.95
N THR AB 30 -29.86 -70.70 -85.39
CA THR AB 30 -30.08 -69.48 -84.64
C THR AB 30 -30.80 -68.43 -85.46
N ASN AB 31 -30.12 -67.87 -86.44
CA ASN AB 31 -30.75 -66.96 -87.38
C ASN AB 31 -31.69 -67.69 -88.34
N GLY AB 32 -31.65 -69.02 -88.36
CA GLY AB 32 -32.48 -69.76 -89.29
C GLY AB 32 -32.11 -69.47 -90.73
N VAL AB 33 -30.85 -69.64 -91.09
CA VAL AB 33 -30.35 -69.28 -92.41
C VAL AB 33 -29.55 -70.45 -92.97
N ALA AB 34 -29.89 -70.85 -94.18
CA ALA AB 34 -29.14 -71.87 -94.88
C ALA AB 34 -27.83 -71.29 -95.43
N SER AB 35 -26.91 -72.19 -95.75
CA SER AB 35 -25.63 -71.78 -96.30
C SER AB 35 -25.22 -72.74 -97.39
N LEU AB 36 -24.62 -72.19 -98.46
CA LEU AB 36 -24.11 -72.98 -99.56
C LEU AB 36 -22.71 -72.51 -99.87
N SER AB 37 -21.88 -73.41 -100.38
CA SER AB 37 -20.52 -73.00 -100.71
C SER AB 37 -19.98 -73.84 -101.85
N GLN AB 38 -19.11 -73.19 -102.63
CA GLN AB 38 -18.17 -73.91 -103.46
C GLN AB 38 -17.27 -74.76 -102.58
N ALA AB 39 -16.84 -75.90 -103.13
CA ALA AB 39 -15.84 -76.70 -102.44
C ALA AB 39 -14.46 -76.29 -102.94
N GLY AB 40 -13.76 -75.55 -102.09
CA GLY AB 40 -12.39 -75.16 -102.36
C GLY AB 40 -11.43 -75.84 -101.43
N ALA AB 41 -10.29 -75.19 -101.23
CA ALA AB 41 -9.36 -75.65 -100.21
C ALA AB 41 -9.69 -75.00 -98.86
N VAL AB 42 -9.54 -73.70 -98.78
CA VAL AB 42 -9.73 -72.99 -97.52
C VAL AB 42 -11.14 -72.42 -97.48
N PRO AB 43 -11.97 -72.82 -96.51
CA PRO AB 43 -13.32 -72.25 -96.40
C PRO AB 43 -13.35 -70.74 -96.40
N ALA AB 44 -12.43 -70.09 -95.71
CA ALA AB 44 -12.31 -68.64 -95.79
C ALA AB 44 -12.21 -68.15 -97.22
N LEU AB 45 -11.51 -68.89 -98.08
CA LEU AB 45 -11.42 -68.54 -99.48
C LEU AB 45 -12.66 -68.96 -100.26
N GLU AB 46 -13.35 -69.99 -99.82
CA GLU AB 46 -14.42 -70.59 -100.60
C GLU AB 46 -15.60 -69.63 -100.72
N LYS AB 47 -16.23 -69.65 -101.89
CA LYS AB 47 -17.36 -68.78 -102.17
C LYS AB 47 -18.50 -69.20 -101.27
N ARG AB 48 -19.29 -68.23 -100.83
CA ARG AB 48 -20.41 -68.53 -99.96
C ARG AB 48 -21.71 -68.01 -100.54
N VAL AB 49 -22.80 -68.74 -100.28
CA VAL AB 49 -24.12 -68.34 -100.71
C VAL AB 49 -25.07 -68.58 -99.54
N THR AB 50 -25.84 -67.57 -99.20
CA THR AB 50 -26.73 -67.62 -98.04
C THR AB 50 -28.14 -67.27 -98.48
N VAL AB 51 -29.11 -68.07 -98.06
CA VAL AB 51 -30.51 -67.79 -98.29
C VAL AB 51 -31.25 -67.93 -96.98
N SER AB 52 -32.36 -67.21 -96.88
CA SER AB 52 -33.16 -67.26 -95.67
C SER AB 52 -34.59 -66.91 -96.02
N VAL AB 53 -35.51 -67.46 -95.23
CA VAL AB 53 -36.91 -67.06 -95.30
C VAL AB 53 -37.22 -66.35 -94.01
N SER AB 54 -38.47 -65.94 -93.84
CA SER AB 54 -38.90 -65.28 -92.62
C SER AB 54 -40.39 -65.45 -92.50
N GLN AB 55 -40.92 -65.18 -91.31
CA GLN AB 55 -42.35 -65.25 -91.12
C GLN AB 55 -42.79 -64.04 -90.31
N PRO AB 56 -43.97 -63.51 -90.60
CA PRO AB 56 -44.40 -62.28 -89.93
C PRO AB 56 -44.58 -62.49 -88.44
N SER AB 57 -44.18 -61.48 -87.68
CA SER AB 57 -44.28 -61.52 -86.22
C SER AB 57 -45.03 -60.28 -85.76
N ARG AB 58 -45.11 -60.12 -84.45
CA ARG AB 58 -45.62 -58.88 -83.90
C ARG AB 58 -44.77 -57.68 -84.30
N ASN AB 59 -43.51 -57.89 -84.65
CA ASN AB 59 -42.64 -56.83 -85.12
C ASN AB 59 -42.88 -56.45 -86.56
N ARG AB 60 -43.17 -57.42 -87.43
CA ARG AB 60 -43.38 -57.15 -88.84
C ARG AB 60 -44.42 -58.12 -89.38
N LYS AB 61 -45.30 -57.61 -90.23
CA LYS AB 61 -46.39 -58.39 -90.81
C LYS AB 61 -46.00 -58.91 -92.18
N ASN AB 62 -44.76 -58.67 -92.59
CA ASN AB 62 -44.36 -58.95 -93.95
C ASN AB 62 -43.34 -60.07 -93.97
N TYR AB 63 -43.33 -60.82 -95.07
CA TYR AB 63 -42.31 -61.83 -95.26
C TYR AB 63 -41.04 -61.20 -95.80
N LYS AB 64 -39.89 -61.67 -95.29
CA LYS AB 64 -38.59 -61.26 -95.80
C LYS AB 64 -37.89 -62.48 -96.36
N VAL AB 65 -37.32 -62.33 -97.55
CA VAL AB 65 -36.46 -63.34 -98.13
C VAL AB 65 -35.13 -62.67 -98.42
N GLN AB 66 -34.08 -63.08 -97.72
CA GLN AB 66 -32.78 -62.47 -97.80
C GLN AB 66 -31.81 -63.44 -98.46
N VAL AB 67 -31.04 -62.93 -99.41
CA VAL AB 67 -30.02 -63.71 -100.09
C VAL AB 67 -28.77 -62.88 -100.17
N LYS AB 68 -27.68 -63.41 -99.62
CA LYS AB 68 -26.39 -62.72 -99.63
C LYS AB 68 -25.35 -63.63 -100.27
N ILE AB 69 -24.41 -63.02 -100.98
CA ILE AB 69 -23.35 -63.74 -101.66
C ILE AB 69 -22.04 -63.11 -101.25
N GLN AB 70 -21.07 -63.95 -100.92
CA GLN AB 70 -19.76 -63.50 -100.44
C GLN AB 70 -18.70 -64.20 -101.26
N ASN AB 71 -17.93 -63.42 -102.03
CA ASN AB 71 -16.91 -63.92 -102.94
C ASN AB 71 -15.61 -63.19 -102.66
N PRO AB 72 -14.75 -63.73 -101.83
CA PRO AB 72 -13.50 -63.07 -101.52
C PRO AB 72 -12.55 -63.09 -102.71
N THR AB 73 -11.43 -62.43 -102.54
CA THR AB 73 -10.37 -62.40 -103.53
C THR AB 73 -9.10 -62.96 -102.92
N ALA AB 74 -8.67 -64.11 -103.39
CA ALA AB 74 -7.49 -64.77 -102.88
C ALA AB 74 -6.25 -64.05 -103.37
N CYS AB 75 -5.31 -63.81 -102.46
CA CYS AB 75 -3.96 -63.40 -102.83
C CYS AB 75 -3.10 -64.65 -102.71
N THR AB 76 -2.71 -65.20 -103.86
CA THR AB 76 -1.98 -66.47 -103.86
C THR AB 76 -0.61 -66.30 -103.22
N ALA AB 77 0.20 -65.39 -103.77
CA ALA AB 77 1.51 -65.10 -103.20
C ALA AB 77 1.40 -63.80 -102.44
N ASN AB 78 1.43 -63.91 -101.11
CA ASN AB 78 1.53 -62.75 -100.24
C ASN AB 78 2.97 -62.50 -99.82
N GLY AB 79 3.92 -63.25 -100.36
CA GLY AB 79 5.22 -63.33 -99.75
C GLY AB 79 5.26 -64.30 -98.59
N SER AB 80 4.15 -64.99 -98.34
CA SER AB 80 4.03 -65.94 -97.24
C SER AB 80 3.53 -67.26 -97.82
N CYS AB 81 3.65 -68.31 -97.02
CA CYS AB 81 3.32 -69.66 -97.48
C CYS AB 81 1.82 -69.89 -97.68
N ASP AB 82 0.97 -69.00 -97.15
CA ASP AB 82 -0.45 -69.25 -97.24
C ASP AB 82 -1.15 -68.08 -97.92
N PRO AB 83 -2.16 -68.36 -98.75
CA PRO AB 83 -2.91 -67.27 -99.36
C PRO AB 83 -3.70 -66.51 -98.33
N SER AB 84 -4.13 -65.32 -98.69
CA SER AB 84 -4.83 -64.44 -97.77
C SER AB 84 -5.96 -63.70 -98.47
N VAL AB 85 -7.01 -63.43 -97.71
CA VAL AB 85 -8.16 -62.69 -98.22
C VAL AB 85 -7.69 -61.27 -98.54
N THR AB 86 -8.05 -60.78 -99.71
CA THR AB 86 -7.70 -59.41 -100.06
C THR AB 86 -8.94 -58.52 -100.13
N ARG AB 87 -9.76 -58.71 -101.15
CA ARG AB 87 -11.00 -57.97 -101.30
C ARG AB 87 -12.16 -58.93 -101.09
N GLN AB 88 -13.24 -58.40 -100.53
CA GLN AB 88 -14.40 -59.24 -100.24
C GLN AB 88 -15.59 -58.65 -100.99
N ALA AB 89 -16.06 -59.38 -102.01
CA ALA AB 89 -17.19 -58.93 -102.81
C ALA AB 89 -18.49 -59.25 -102.05
N TYR AB 90 -19.33 -58.25 -101.87
CA TYR AB 90 -20.61 -58.45 -101.20
C TYR AB 90 -21.76 -58.26 -102.17
N ALA AB 91 -22.54 -59.32 -102.34
CA ALA AB 91 -23.73 -59.28 -103.15
C ALA AB 91 -24.91 -59.60 -102.26
N ASP AB 92 -25.83 -58.66 -102.11
CA ASP AB 92 -26.95 -58.80 -101.21
C ASP AB 92 -28.26 -58.57 -101.96
N VAL AB 93 -29.23 -59.44 -101.70
CA VAL AB 93 -30.55 -59.36 -102.32
C VAL AB 93 -31.57 -59.65 -101.24
N THR AB 94 -32.63 -58.85 -101.21
CA THR AB 94 -33.71 -59.02 -100.26
C THR AB 94 -35.05 -59.03 -100.97
N PHE AB 95 -36.07 -59.49 -100.26
CA PHE AB 95 -37.42 -59.49 -100.80
C PHE AB 95 -38.40 -59.20 -99.67
N SER AB 96 -39.45 -58.46 -100.03
CA SER AB 96 -40.52 -58.17 -99.10
C SER AB 96 -41.83 -58.59 -99.74
N PHE AB 97 -42.74 -59.11 -98.94
CA PHE AB 97 -44.04 -59.52 -99.43
C PHE AB 97 -45.06 -59.35 -98.33
N THR AB 98 -46.31 -59.28 -98.74
CA THR AB 98 -47.43 -59.13 -97.83
C THR AB 98 -48.12 -60.47 -97.67
N GLN AB 99 -48.68 -60.69 -96.48
CA GLN AB 99 -49.35 -61.94 -96.20
C GLN AB 99 -50.35 -62.32 -97.27
N TYR AB 100 -50.91 -61.34 -97.97
CA TYR AB 100 -51.83 -61.64 -99.06
C TYR AB 100 -51.13 -61.74 -100.41
N SER AB 101 -49.80 -61.65 -100.44
CA SER AB 101 -49.09 -61.73 -101.70
C SER AB 101 -49.44 -63.03 -102.41
N THR AB 102 -49.67 -62.96 -103.72
CA THR AB 102 -50.04 -64.17 -104.43
C THR AB 102 -48.80 -64.83 -105.01
N ASP AB 103 -49.02 -65.97 -105.67
CA ASP AB 103 -47.91 -66.72 -106.22
C ASP AB 103 -47.31 -66.01 -107.42
N GLU AB 104 -48.13 -65.75 -108.44
CA GLU AB 104 -47.59 -65.26 -109.70
C GLU AB 104 -46.89 -63.91 -109.51
N GLU AB 105 -47.46 -63.05 -108.67
CA GLU AB 105 -46.78 -61.81 -108.33
C GLU AB 105 -45.34 -62.08 -107.93
N ARG AB 106 -45.15 -62.97 -106.96
CA ARG AB 106 -43.81 -63.35 -106.57
C ARG AB 106 -43.04 -63.91 -107.75
N ALA AB 107 -43.60 -64.93 -108.41
CA ALA AB 107 -42.98 -65.48 -109.60
C ALA AB 107 -42.63 -64.37 -110.59
N PHE AB 108 -43.56 -63.45 -110.81
CA PHE AB 108 -43.28 -62.32 -111.68
C PHE AB 108 -42.04 -61.57 -111.23
N VAL AB 109 -41.88 -61.37 -109.92
CA VAL AB 109 -40.70 -60.68 -109.43
C VAL AB 109 -39.45 -61.47 -109.74
N ARG AB 110 -39.50 -62.79 -109.53
CA ARG AB 110 -38.28 -63.58 -109.65
C ARG AB 110 -37.66 -63.44 -111.03
N THR AB 111 -38.43 -63.75 -112.07
CA THR AB 111 -37.87 -63.70 -113.43
C THR AB 111 -37.35 -62.32 -113.76
N GLU AB 112 -38.18 -61.29 -113.66
CA GLU AB 112 -37.79 -59.96 -114.10
C GLU AB 112 -36.48 -59.51 -113.52
N LEU AB 113 -36.24 -59.79 -112.23
CA LEU AB 113 -34.96 -59.44 -111.66
C LEU AB 113 -33.83 -60.10 -112.43
N ALA AB 114 -33.97 -61.39 -112.73
CA ALA AB 114 -32.97 -62.07 -113.54
C ALA AB 114 -32.80 -61.39 -114.89
N ALA AB 115 -33.90 -61.16 -115.60
CA ALA AB 115 -33.81 -60.51 -116.89
C ALA AB 115 -33.01 -59.22 -116.83
N LEU AB 116 -33.29 -58.38 -115.82
CA LEU AB 116 -32.47 -57.20 -115.62
C LEU AB 116 -31.01 -57.54 -115.52
N LEU AB 117 -30.67 -58.56 -114.73
CA LEU AB 117 -29.27 -58.93 -114.60
C LEU AB 117 -28.65 -59.31 -115.93
N ALA AB 118 -29.46 -59.81 -116.87
CA ALA AB 118 -28.98 -60.04 -118.22
C ALA AB 118 -29.19 -58.84 -119.12
N SER AB 119 -29.89 -57.82 -118.65
CA SER AB 119 -30.14 -56.66 -119.49
C SER AB 119 -28.83 -55.92 -119.76
N PRO AB 120 -28.68 -55.34 -120.96
CA PRO AB 120 -27.49 -54.54 -121.24
C PRO AB 120 -27.37 -53.33 -120.36
N LEU AB 121 -28.45 -52.92 -119.70
CA LEU AB 121 -28.35 -51.78 -118.80
C LEU AB 121 -27.42 -52.07 -117.64
N LEU AB 122 -27.73 -53.09 -116.84
CA LEU AB 122 -27.00 -53.31 -115.62
C LEU AB 122 -25.55 -53.66 -115.84
N ILE AB 123 -25.22 -54.33 -116.95
CA ILE AB 123 -23.86 -54.79 -117.13
C ILE AB 123 -22.88 -53.65 -117.05
N ASP AB 124 -23.13 -52.55 -117.75
CA ASP AB 124 -22.31 -51.36 -117.59
C ASP AB 124 -22.37 -50.82 -116.18
N ALA AB 125 -23.57 -50.76 -115.61
CA ALA AB 125 -23.74 -50.40 -114.22
C ALA AB 125 -22.93 -51.29 -113.30
N ILE AB 126 -23.01 -52.59 -113.45
CA ILE AB 126 -22.25 -53.53 -112.63
C ILE AB 126 -20.80 -53.59 -113.06
N ASP AB 127 -20.54 -54.10 -114.26
CA ASP AB 127 -19.17 -54.37 -114.66
C ASP AB 127 -18.33 -53.12 -114.72
N GLN AB 128 -18.77 -52.12 -115.46
CA GLN AB 128 -17.99 -50.91 -115.65
C GLN AB 128 -18.34 -49.82 -114.67
N LEU AB 129 -19.23 -50.07 -113.72
CA LEU AB 129 -19.59 -49.09 -112.69
C LEU AB 129 -20.05 -47.79 -113.33
N ASN AB 130 -21.15 -47.88 -114.06
CA ASN AB 130 -21.56 -46.68 -114.75
C ASN AB 130 -23.00 -46.34 -114.41
N PRO AB 131 -23.30 -45.08 -114.24
CA PRO AB 131 -24.69 -44.67 -114.09
C PRO AB 131 -25.45 -44.80 -115.39
N ALA AB 132 -26.64 -44.22 -115.45
CA ALA AB 132 -27.66 -44.56 -116.43
C ALA AB 132 -27.44 -43.88 -117.77
N TYR AB 133 -26.35 -43.15 -117.93
CA TYR AB 133 -26.14 -42.41 -119.16
C TYR AB 133 -25.19 -43.17 -120.08
N ALA BB 2 -25.96 -83.51 -93.69
CA ALA BB 2 -27.28 -83.67 -94.29
C ALA BB 2 -28.36 -83.64 -93.22
N LYS BB 3 -29.57 -83.98 -93.63
CA LYS BB 3 -30.74 -83.93 -92.76
C LYS BB 3 -30.58 -84.95 -91.63
N LEU BB 4 -31.03 -84.52 -90.44
CA LEU BB 4 -31.19 -85.46 -89.34
C LEU BB 4 -32.13 -86.56 -89.79
N GLU BB 5 -31.73 -87.80 -89.58
CA GLU BB 5 -32.53 -88.93 -89.97
C GLU BB 5 -32.42 -90.02 -88.92
N THR BB 6 -33.18 -91.09 -89.13
CA THR BB 6 -33.00 -92.30 -88.34
C THR BB 6 -31.63 -92.83 -88.71
N VAL BB 7 -30.80 -93.05 -87.70
CA VAL BB 7 -29.46 -93.55 -87.97
C VAL BB 7 -29.37 -94.97 -87.41
N THR BB 8 -29.32 -95.95 -88.31
CA THR BB 8 -29.15 -97.33 -87.93
C THR BB 8 -27.66 -97.61 -87.79
N LEU BB 9 -27.31 -98.43 -86.81
CA LEU BB 9 -25.93 -98.81 -86.60
C LEU BB 9 -25.84 -100.31 -86.39
N GLY BB 10 -25.04 -100.97 -87.22
CA GLY BB 10 -24.75 -102.38 -87.06
C GLY BB 10 -23.38 -102.55 -86.45
N ASN BB 11 -23.07 -103.80 -86.10
CA ASN BB 11 -21.75 -104.18 -85.62
C ASN BB 11 -21.37 -103.35 -84.40
N ILE BB 12 -22.05 -103.61 -83.30
CA ILE BB 12 -21.92 -102.82 -82.09
C ILE BB 12 -21.58 -103.77 -80.95
N GLY BB 13 -20.88 -103.26 -79.95
CA GLY BB 13 -20.53 -104.03 -78.77
C GLY BB 13 -19.47 -105.06 -79.07
N LYS BB 14 -18.96 -105.65 -77.98
CA LYS BB 14 -17.94 -106.67 -78.11
C LYS BB 14 -18.37 -107.77 -79.06
N ASP BB 15 -19.65 -108.11 -79.05
CA ASP BB 15 -20.17 -109.08 -80.01
C ASP BB 15 -20.07 -108.56 -81.43
N GLY BB 16 -20.52 -107.33 -81.68
CA GLY BB 16 -20.67 -106.88 -83.04
C GLY BB 16 -21.96 -107.33 -83.67
N LYS BB 17 -22.78 -108.07 -82.95
CA LYS BB 17 -24.12 -108.38 -83.42
C LYS BB 17 -25.12 -107.36 -82.92
N GLN BB 18 -24.70 -106.48 -82.02
CA GLN BB 18 -25.57 -105.45 -81.49
C GLN BB 18 -25.87 -104.42 -82.58
N THR BB 19 -27.10 -103.95 -82.58
CA THR BB 19 -27.54 -102.92 -83.50
C THR BB 19 -28.25 -101.82 -82.74
N LEU BB 20 -28.24 -100.62 -83.30
CA LEU BB 20 -28.84 -99.47 -82.63
C LEU BB 20 -29.39 -98.52 -83.67
N VAL BB 21 -30.56 -97.96 -83.39
CA VAL BB 21 -31.14 -96.91 -84.20
C VAL BB 21 -31.22 -95.64 -83.38
N LEU BB 22 -31.16 -94.50 -84.06
CA LEU BB 22 -31.18 -93.20 -83.39
C LEU BB 22 -32.18 -92.30 -84.10
N ASN BB 23 -33.14 -91.86 -83.37
CA ASN BB 23 -34.04 -90.95 -84.03
C ASN BB 23 -33.57 -89.51 -83.87
N PRO BB 24 -33.83 -88.67 -84.86
CA PRO BB 24 -33.53 -87.25 -84.70
C PRO BB 24 -34.36 -86.67 -83.58
N ARG BB 25 -33.67 -85.99 -82.66
CA ARG BB 25 -34.31 -85.37 -81.51
C ARG BB 25 -34.57 -83.89 -81.71
N GLY BB 26 -34.26 -83.34 -82.87
CA GLY BB 26 -34.29 -81.92 -83.07
C GLY BB 26 -32.97 -81.28 -82.67
N VAL BB 27 -32.96 -79.95 -82.69
CA VAL BB 27 -31.74 -79.20 -82.42
C VAL BB 27 -32.05 -78.12 -81.41
N ASN BB 28 -31.27 -78.07 -80.35
CA ASN BB 28 -31.38 -76.93 -79.46
C ASN BB 28 -30.79 -75.71 -80.11
N PRO BB 29 -31.59 -74.70 -80.44
CA PRO BB 29 -31.05 -73.52 -81.12
C PRO BB 29 -30.16 -72.68 -80.25
N THR BB 30 -30.36 -72.67 -78.94
CA THR BB 30 -29.56 -71.83 -78.06
C THR BB 30 -28.08 -72.13 -78.23
N ASN BB 31 -27.64 -73.28 -77.77
CA ASN BB 31 -26.28 -73.72 -77.99
C ASN BB 31 -26.05 -74.11 -79.44
N GLY BB 32 -27.09 -74.23 -80.25
CA GLY BB 32 -26.94 -74.67 -81.62
C GLY BB 32 -26.39 -76.08 -81.70
N VAL BB 33 -27.04 -77.03 -81.05
CA VAL BB 33 -26.55 -78.40 -80.97
C VAL BB 33 -27.68 -79.35 -81.32
N ALA BB 34 -27.41 -80.25 -82.26
CA ALA BB 34 -28.34 -81.30 -82.61
C ALA BB 34 -28.35 -82.39 -81.54
N SER BB 35 -29.42 -83.18 -81.56
CA SER BB 35 -29.55 -84.27 -80.61
C SER BB 35 -30.14 -85.49 -81.32
N LEU BB 36 -29.65 -86.66 -80.95
CA LEU BB 36 -30.13 -87.92 -81.48
C LEU BB 36 -30.37 -88.86 -80.32
N SER BB 37 -31.32 -89.78 -80.49
CA SER BB 37 -31.58 -90.71 -79.41
C SER BB 37 -32.11 -92.02 -79.94
N GLN BB 38 -31.78 -93.08 -79.23
CA GLN BB 38 -32.53 -94.32 -79.31
C GLN BB 38 -33.97 -94.06 -78.89
N ALA BB 39 -34.89 -94.82 -79.49
CA ALA BB 39 -36.28 -94.76 -79.03
C ALA BB 39 -36.46 -95.87 -78.00
N GLY BB 40 -36.55 -95.45 -76.74
CA GLY BB 40 -36.83 -96.33 -75.65
C GLY BB 40 -38.20 -96.06 -75.06
N ALA BB 41 -38.33 -96.42 -73.78
CA ALA BB 41 -39.52 -96.03 -73.04
C ALA BB 41 -39.32 -94.66 -72.39
N VAL BB 42 -38.40 -94.58 -71.44
CA VAL BB 42 -38.18 -93.36 -70.69
C VAL BB 42 -37.03 -92.59 -71.31
N PRO BB 43 -37.26 -91.36 -71.77
CA PRO BB 43 -36.17 -90.56 -72.33
C PRO BB 43 -34.96 -90.46 -71.43
N ALA BB 44 -35.16 -90.28 -70.12
CA ALA BB 44 -34.06 -90.33 -69.18
C ALA BB 44 -33.22 -91.58 -69.34
N LEU BB 45 -33.85 -92.72 -69.62
CA LEU BB 45 -33.14 -93.95 -69.84
C LEU BB 45 -32.56 -94.02 -71.26
N GLU BB 46 -33.18 -93.36 -72.21
CA GLU BB 46 -32.83 -93.53 -73.61
C GLU BB 46 -31.43 -92.98 -73.89
N LYS BB 47 -30.72 -93.69 -74.76
CA LYS BB 47 -29.36 -93.31 -75.13
C LYS BB 47 -29.43 -91.97 -75.85
N ARG BB 48 -28.42 -91.15 -75.65
CA ARG BB 48 -28.39 -89.84 -76.30
C ARG BB 48 -27.11 -89.66 -77.10
N VAL BB 49 -27.22 -88.95 -78.21
CA VAL BB 49 -26.08 -88.63 -79.06
C VAL BB 49 -26.19 -87.17 -79.44
N THR BB 50 -25.12 -86.42 -79.23
CA THR BB 50 -25.12 -84.98 -79.47
C THR BB 50 -23.97 -84.62 -80.39
N VAL BB 51 -24.26 -83.83 -81.41
CA VAL BB 51 -23.24 -83.31 -82.31
C VAL BB 51 -23.43 -81.81 -82.43
N SER BB 52 -22.33 -81.13 -82.73
CA SER BB 52 -22.39 -79.70 -82.88
C SER BB 52 -21.26 -79.24 -83.79
N VAL BB 53 -21.50 -78.14 -84.48
CA VAL BB 53 -20.46 -77.48 -85.24
C VAL BB 53 -20.19 -76.16 -84.55
N SER BB 54 -19.29 -75.37 -85.12
CA SER BB 54 -18.98 -74.06 -84.57
C SER BB 54 -18.40 -73.21 -85.68
N GLN BB 55 -18.33 -71.91 -85.44
CA GLN BB 55 -17.72 -71.04 -86.41
C GLN BB 55 -16.83 -70.04 -85.69
N PRO BB 56 -15.71 -69.66 -86.29
CA PRO BB 56 -14.75 -68.80 -85.58
C PRO BB 56 -15.36 -67.43 -85.30
N SER BB 57 -15.03 -66.91 -84.12
CA SER BB 57 -15.52 -65.62 -83.69
C SER BB 57 -14.32 -64.77 -83.29
N ARG BB 58 -14.61 -63.58 -82.76
CA ARG BB 58 -13.57 -62.78 -82.15
C ARG BB 58 -12.92 -63.48 -80.96
N ASN BB 59 -13.61 -64.43 -80.34
CA ASN BB 59 -13.05 -65.21 -79.25
C ASN BB 59 -12.13 -66.32 -79.71
N ARG BB 60 -12.45 -66.97 -80.83
CA ARG BB 60 -11.62 -68.06 -81.32
C ARG BB 60 -11.67 -68.06 -82.84
N LYS BB 61 -10.53 -68.33 -83.45
CA LYS BB 61 -10.38 -68.33 -84.89
C LYS BB 61 -10.52 -69.74 -85.45
N ASN BB 62 -10.80 -70.70 -84.59
CA ASN BB 62 -10.76 -72.09 -84.98
C ASN BB 62 -12.15 -72.69 -84.96
N TYR BB 63 -12.36 -73.69 -85.80
CA TYR BB 63 -13.61 -74.43 -85.79
C TYR BB 63 -13.57 -75.49 -84.70
N LYS BB 64 -14.70 -75.66 -84.02
CA LYS BB 64 -14.87 -76.72 -83.04
C LYS BB 64 -15.98 -77.63 -83.49
N VAL BB 65 -15.74 -78.93 -83.43
CA VAL BB 65 -16.77 -79.92 -83.66
C VAL BB 65 -16.82 -80.80 -82.43
N GLN BB 66 -17.92 -80.74 -81.71
CA GLN BB 66 -18.07 -81.44 -80.44
C GLN BB 66 -19.09 -82.54 -80.59
N VAL BB 67 -18.76 -83.72 -80.10
CA VAL BB 67 -19.66 -84.86 -80.11
C VAL BB 67 -19.62 -85.50 -78.74
N LYS BB 68 -20.77 -85.62 -78.11
CA LYS BB 68 -20.89 -86.23 -76.79
C LYS BB 68 -21.90 -87.35 -76.85
N ILE BB 69 -21.64 -88.40 -76.09
CA ILE BB 69 -22.52 -89.56 -76.03
C ILE BB 69 -22.85 -89.84 -74.58
N GLN BB 70 -24.11 -90.09 -74.29
CA GLN BB 70 -24.60 -90.30 -72.94
C GLN BB 70 -25.39 -91.59 -72.91
N ASN BB 71 -24.89 -92.58 -72.18
CA ASN BB 71 -25.50 -93.90 -72.11
C ASN BB 71 -25.69 -94.28 -70.65
N PRO BB 72 -26.84 -94.02 -70.08
CA PRO BB 72 -27.07 -94.35 -68.67
C PRO BB 72 -27.15 -95.84 -68.47
N THR BB 73 -27.26 -96.23 -67.21
CA THR BB 73 -27.43 -97.62 -66.81
C THR BB 73 -28.73 -97.74 -66.04
N ALA BB 74 -29.68 -98.44 -66.62
CA ALA BB 74 -30.99 -98.64 -66.01
C ALA BB 74 -30.88 -99.63 -64.87
N CYS BB 75 -31.49 -99.30 -63.74
CA CYS BB 75 -31.73 -100.27 -62.68
C CYS BB 75 -33.19 -100.68 -62.81
N THR BB 76 -33.42 -101.90 -63.29
CA THR BB 76 -34.79 -102.34 -63.56
C THR BB 76 -35.57 -102.46 -62.27
N ALA BB 77 -35.08 -103.28 -61.35
CA ALA BB 77 -35.72 -103.44 -60.05
C ALA BB 77 -34.91 -102.65 -59.04
N ASN BB 78 -35.47 -101.52 -58.60
CA ASN BB 78 -34.92 -100.75 -57.50
C ASN BB 78 -35.60 -101.09 -56.19
N GLY BB 79 -36.48 -102.08 -56.19
CA GLY BB 79 -37.43 -102.22 -55.09
C GLY BB 79 -38.61 -101.29 -55.24
N SER BB 80 -38.68 -100.55 -56.36
CA SER BB 80 -39.74 -99.61 -56.62
C SER BB 80 -40.32 -99.93 -57.99
N CYS BB 81 -41.49 -99.37 -58.28
CA CYS BB 81 -42.22 -99.67 -59.49
C CYS BB 81 -41.57 -99.11 -60.74
N ASP BB 82 -40.63 -98.18 -60.61
CA ASP BB 82 -40.07 -97.56 -61.78
C ASP BB 82 -38.56 -97.74 -61.81
N PRO BB 83 -37.97 -97.94 -62.99
CA PRO BB 83 -36.52 -98.04 -63.07
C PRO BB 83 -35.87 -96.70 -62.78
N SER BB 84 -34.58 -96.74 -62.47
CA SER BB 84 -33.87 -95.53 -62.09
C SER BB 84 -32.47 -95.53 -62.69
N VAL BB 85 -31.98 -94.32 -62.98
CA VAL BB 85 -30.64 -94.15 -63.50
C VAL BB 85 -29.65 -94.57 -62.42
N THR BB 86 -28.67 -95.38 -62.80
CA THR BB 86 -27.65 -95.77 -61.84
C THR BB 86 -26.30 -95.15 -62.18
N ARG BB 87 -25.67 -95.64 -63.24
CA ARG BB 87 -24.42 -95.10 -63.71
C ARG BB 87 -24.64 -94.40 -65.03
N GLN BB 88 -23.88 -93.34 -65.26
CA GLN BB 88 -24.04 -92.56 -66.49
C GLN BB 88 -22.71 -92.59 -67.23
N ALA BB 89 -22.68 -93.25 -68.37
CA ALA BB 89 -21.48 -93.35 -69.18
C ALA BB 89 -21.33 -92.08 -70.01
N TYR BB 90 -20.18 -91.43 -69.91
CA TYR BB 90 -19.92 -90.24 -70.69
C TYR BB 90 -18.85 -90.49 -71.73
N ALA BB 91 -19.24 -90.29 -72.99
CA ALA BB 91 -18.30 -90.41 -74.10
C ALA BB 91 -18.27 -89.05 -74.80
N ASP BB 92 -17.11 -88.42 -74.80
CA ASP BB 92 -16.96 -87.07 -75.35
C ASP BB 92 -15.86 -87.05 -76.39
N VAL BB 93 -16.13 -86.40 -77.51
CA VAL BB 93 -15.18 -86.26 -78.61
C VAL BB 93 -15.26 -84.83 -79.12
N THR BB 94 -14.11 -84.23 -79.35
CA THR BB 94 -14.03 -82.87 -79.87
C THR BB 94 -13.10 -82.83 -81.07
N PHE BB 95 -13.19 -81.73 -81.80
CA PHE BB 95 -12.32 -81.51 -82.95
C PHE BB 95 -11.98 -80.04 -83.05
N SER BB 96 -10.74 -79.77 -83.44
CA SER BB 96 -10.30 -78.41 -83.68
C SER BB 96 -9.74 -78.34 -85.09
N PHE BB 97 -9.96 -77.22 -85.75
CA PHE BB 97 -9.45 -77.02 -87.08
C PHE BB 97 -9.18 -75.54 -87.31
N THR BB 98 -8.35 -75.26 -88.29
CA THR BB 98 -7.97 -73.91 -88.64
C THR BB 98 -8.73 -73.50 -89.90
N GLN BB 99 -9.04 -72.22 -89.98
CA GLN BB 99 -9.77 -71.71 -91.12
C GLN BB 99 -9.19 -72.16 -92.44
N TYR BB 100 -7.89 -72.43 -92.49
CA TYR BB 100 -7.28 -72.92 -93.72
C TYR BB 100 -7.25 -74.43 -93.78
N SER BB 101 -7.83 -75.13 -92.81
CA SER BB 101 -7.82 -76.58 -92.81
C SER BB 101 -8.42 -77.09 -94.12
N THR BB 102 -7.79 -78.10 -94.71
CA THR BB 102 -8.30 -78.61 -95.97
C THR BB 102 -9.24 -79.77 -95.73
N ASP BB 103 -9.79 -80.28 -96.81
CA ASP BB 103 -10.76 -81.37 -96.70
C ASP BB 103 -10.09 -82.67 -96.29
N GLU BB 104 -9.12 -83.12 -97.07
CA GLU BB 104 -8.55 -84.44 -96.84
C GLU BB 104 -7.92 -84.55 -95.47
N GLU BB 105 -7.25 -83.49 -95.02
CA GLU BB 105 -6.74 -83.46 -93.66
C GLU BB 105 -7.83 -83.86 -92.68
N ARG BB 106 -8.96 -83.17 -92.74
CA ARG BB 106 -10.08 -83.52 -91.89
C ARG BB 106 -10.50 -84.96 -92.12
N ALA BB 107 -10.79 -85.30 -93.38
CA ALA BB 107 -11.12 -86.68 -93.71
C ALA BB 107 -10.08 -87.64 -93.16
N PHE BB 108 -8.80 -87.31 -93.32
CA PHE BB 108 -7.75 -88.14 -92.74
C PHE BB 108 -7.95 -88.32 -91.25
N VAL BB 109 -8.33 -87.27 -90.54
CA VAL BB 109 -8.57 -87.39 -89.11
C VAL BB 109 -9.72 -88.34 -88.84
N ARG BB 110 -10.80 -88.21 -89.60
CA ARG BB 110 -12.00 -88.96 -89.28
C ARG BB 110 -11.72 -90.46 -89.26
N THR BB 111 -11.21 -91.00 -90.38
CA THR BB 111 -10.98 -92.43 -90.44
C THR BB 111 -10.04 -92.91 -89.34
N GLU BB 112 -8.85 -92.34 -89.27
CA GLU BB 112 -7.84 -92.84 -88.34
C GLU BB 112 -8.37 -92.97 -86.92
N LEU BB 113 -9.15 -92.00 -86.47
CA LEU BB 113 -9.74 -92.13 -85.14
C LEU BB 113 -10.56 -93.40 -85.04
N ALA BB 114 -11.39 -93.66 -86.05
CA ALA BB 114 -12.15 -94.90 -86.05
C ALA BB 114 -11.24 -96.10 -86.01
N ALA BB 115 -10.25 -96.15 -86.89
CA ALA BB 115 -9.33 -97.28 -86.91
C ALA BB 115 -8.74 -97.54 -85.52
N LEU BB 116 -8.30 -96.49 -84.83
CA LEU BB 116 -7.85 -96.66 -83.47
C LEU BB 116 -8.91 -97.33 -82.62
N LEU BB 117 -10.15 -96.88 -82.72
CA LEU BB 117 -11.20 -97.48 -81.92
C LEU BB 117 -11.35 -98.97 -82.21
N ALA BB 118 -11.00 -99.40 -83.41
CA ALA BB 118 -10.96 -100.81 -83.72
C ALA BB 118 -9.59 -101.42 -83.45
N SER BB 119 -8.59 -100.61 -83.15
CA SER BB 119 -7.27 -101.14 -82.91
C SER BB 119 -7.25 -101.98 -81.64
N PRO BB 120 -6.46 -103.06 -81.62
CA PRO BB 120 -6.33 -103.85 -80.39
C PRO BB 120 -5.75 -103.07 -79.24
N LEU BB 121 -5.11 -101.94 -79.50
CA LEU BB 121 -4.58 -101.15 -78.41
C LEU BB 121 -5.68 -100.63 -77.51
N LEU BB 122 -6.60 -99.84 -78.07
CA LEU BB 122 -7.58 -99.16 -77.24
C LEU BB 122 -8.53 -100.10 -76.53
N ILE BB 123 -8.82 -101.26 -77.12
CA ILE BB 123 -9.81 -102.13 -76.52
C ILE BB 123 -9.45 -102.50 -75.09
N ASP BB 124 -8.20 -102.90 -74.84
CA ASP BB 124 -7.76 -103.10 -73.48
C ASP BB 124 -7.78 -101.83 -72.68
N ALA BB 125 -7.33 -100.73 -73.28
CA ALA BB 125 -7.45 -99.42 -72.66
C ALA BB 125 -8.88 -99.09 -72.30
N ILE BB 126 -9.81 -99.26 -73.22
CA ILE BB 126 -11.22 -98.99 -72.98
C ILE BB 126 -11.85 -100.09 -72.16
N ASP BB 127 -11.96 -101.29 -72.72
CA ASP BB 127 -12.75 -102.33 -72.07
C ASP BB 127 -12.16 -102.73 -70.73
N GLN BB 128 -10.89 -103.09 -70.70
CA GLN BB 128 -10.28 -103.57 -69.49
C GLN BB 128 -9.58 -102.49 -68.69
N LEU BB 129 -9.66 -101.23 -69.12
CA LEU BB 129 -9.06 -100.11 -68.40
C LEU BB 129 -7.58 -100.36 -68.16
N ASN BB 130 -6.83 -100.43 -69.24
CA ASN BB 130 -5.44 -100.75 -69.04
C ASN BB 130 -4.56 -99.72 -69.73
N PRO BB 131 -3.48 -99.35 -69.10
CA PRO BB 131 -2.50 -98.49 -69.77
C PRO BB 131 -1.76 -99.26 -70.85
N ALA BB 132 -0.68 -98.66 -71.34
CA ALA BB 132 -0.09 -99.01 -72.62
C ALA BB 132 0.82 -100.24 -72.55
N TYR BB 133 0.88 -100.88 -71.39
CA TYR BB 133 1.79 -102.01 -71.24
C TYR BB 133 1.04 -103.32 -71.37
N ALA CB 2 -89.61 -74.49 -63.41
CA ALA CB 2 -89.47 -75.86 -63.86
C ALA CB 2 -88.26 -76.00 -64.77
N LYS CB 3 -88.15 -77.15 -65.41
CA LYS CB 3 -87.02 -77.48 -66.26
C LYS CB 3 -86.96 -76.55 -67.46
N LEU CB 4 -85.76 -76.15 -67.82
CA LEU CB 4 -85.52 -75.49 -69.09
C LEU CB 4 -86.03 -76.40 -70.19
N GLU CB 5 -86.83 -75.84 -71.09
CA GLU CB 5 -87.39 -76.61 -72.18
C GLU CB 5 -87.43 -75.75 -73.44
N THR CB 6 -87.85 -76.36 -74.53
CA THR CB 6 -88.15 -75.62 -75.73
C THR CB 6 -89.36 -74.76 -75.39
N VAL CB 7 -89.24 -73.46 -75.61
CA VAL CB 7 -90.35 -72.57 -75.30
C VAL CB 7 -90.88 -72.02 -76.61
N THR CB 8 -92.08 -72.46 -77.00
CA THR CB 8 -92.74 -71.96 -78.18
C THR CB 8 -93.54 -70.73 -77.80
N LEU CB 9 -93.56 -69.75 -78.70
CA LEU CB 9 -94.30 -68.53 -78.47
C LEU CB 9 -95.11 -68.20 -79.71
N GLY CB 10 -96.43 -68.07 -79.52
CA GLY CB 10 -97.31 -67.62 -80.58
C GLY CB 10 -97.69 -66.17 -80.36
N ASN CB 11 -98.35 -65.60 -81.36
CA ASN CB 11 -98.89 -64.25 -81.27
C ASN CB 11 -97.79 -63.24 -80.95
N ILE CB 12 -96.92 -63.04 -81.92
CA ILE CB 12 -95.73 -62.23 -81.75
C ILE CB 12 -95.73 -61.15 -82.82
N GLY CB 13 -95.11 -60.01 -82.51
CA GLY CB 13 -94.98 -58.93 -83.46
C GLY CB 13 -96.30 -58.22 -83.68
N LYS CB 14 -96.20 -57.08 -84.37
CA LYS CB 14 -97.37 -56.29 -84.68
C LYS CB 14 -98.45 -57.13 -85.34
N ASP CB 15 -98.04 -58.08 -86.18
CA ASP CB 15 -99.00 -59.00 -86.79
C ASP CB 15 -99.65 -59.88 -85.73
N GLY CB 16 -98.85 -60.49 -84.87
CA GLY CB 16 -99.37 -61.52 -84.01
C GLY CB 16 -99.44 -62.88 -84.67
N LYS CB 17 -99.04 -62.97 -85.93
CA LYS CB 17 -98.90 -64.26 -86.57
C LYS CB 17 -97.49 -64.80 -86.42
N GLN CB 18 -96.58 -63.97 -85.91
CA GLN CB 18 -95.20 -64.37 -85.69
C GLN CB 18 -95.14 -65.39 -84.56
N THR CB 19 -94.27 -66.38 -84.74
CA THR CB 19 -94.04 -67.40 -83.74
C THR CB 19 -92.54 -67.54 -83.50
N LEU CB 20 -92.18 -68.00 -82.30
CA LEU CB 20 -90.78 -68.14 -81.95
C LEU CB 20 -90.61 -69.31 -81.00
N VAL CB 21 -89.53 -70.06 -81.19
CA VAL CB 21 -89.16 -71.12 -80.29
C VAL CB 21 -87.82 -70.77 -79.66
N LEU CB 22 -87.60 -71.26 -78.45
CA LEU CB 22 -86.38 -70.96 -77.70
C LEU CB 22 -85.81 -72.25 -77.14
N ASN CB 23 -84.62 -72.56 -77.52
CA ASN CB 23 -84.08 -73.75 -76.92
C ASN CB 23 -83.33 -73.41 -75.64
N PRO CB 24 -83.34 -74.32 -74.68
CA PRO CB 24 -82.51 -74.13 -73.49
C PRO CB 24 -81.05 -74.08 -73.86
N ARG CB 25 -80.39 -73.02 -73.39
CA ARG CB 25 -78.97 -72.83 -73.67
C ARG CB 25 -78.07 -73.29 -72.53
N GLY CB 26 -78.65 -73.85 -71.48
CA GLY CB 26 -77.89 -74.12 -70.27
C GLY CB 26 -77.89 -72.93 -69.35
N VAL CB 27 -77.10 -73.04 -68.29
CA VAL CB 27 -77.05 -72.02 -67.26
C VAL CB 27 -75.59 -71.69 -66.96
N ASN CB 28 -75.26 -70.41 -67.02
CA ASN CB 28 -73.94 -70.03 -66.54
C ASN CB 28 -73.90 -70.11 -65.03
N PRO CB 29 -73.13 -71.03 -64.44
CA PRO CB 29 -73.11 -71.16 -62.99
C PRO CB 29 -72.47 -70.00 -62.28
N THR CB 30 -71.52 -69.31 -62.92
CA THR CB 30 -70.84 -68.21 -62.26
C THR CB 30 -71.82 -67.16 -61.76
N ASN CB 31 -72.42 -66.43 -62.68
CA ASN CB 31 -73.48 -65.50 -62.32
C ASN CB 31 -74.76 -66.22 -61.92
N GLY CB 32 -74.85 -67.52 -62.16
CA GLY CB 32 -76.07 -68.24 -61.86
C GLY CB 32 -77.23 -67.77 -62.70
N VAL CB 33 -77.07 -67.75 -64.02
CA VAL CB 33 -78.08 -67.21 -64.91
C VAL CB 33 -78.35 -68.21 -66.02
N ALA CB 34 -79.62 -68.51 -66.22
CA ALA CB 34 -80.04 -69.36 -67.33
C ALA CB 34 -80.01 -68.59 -68.64
N SER CB 35 -80.00 -69.34 -69.73
CA SER CB 35 -79.97 -68.74 -71.06
C SER CB 35 -80.89 -69.53 -71.98
N LEU CB 36 -81.59 -68.81 -72.84
CA LEU CB 36 -82.46 -69.41 -73.84
C LEU CB 36 -82.18 -68.76 -75.18
N SER CB 37 -82.38 -69.51 -76.26
CA SER CB 37 -82.13 -68.92 -77.56
C SER CB 37 -83.01 -69.56 -78.62
N GLN CB 38 -83.35 -68.75 -79.61
CA GLN CB 38 -83.79 -69.26 -80.89
C GLN CB 38 -82.69 -70.11 -81.49
N ALA CB 39 -83.09 -71.13 -82.26
CA ALA CB 39 -82.11 -71.89 -83.02
C ALA CB 39 -82.03 -71.27 -84.42
N GLY CB 40 -80.92 -70.56 -84.63
CA GLY CB 40 -80.62 -69.99 -85.93
C GLY CB 40 -79.44 -70.67 -86.56
N ALA CB 41 -78.76 -69.93 -87.44
CA ALA CB 41 -77.49 -70.39 -87.96
C ALA CB 41 -76.35 -69.94 -87.07
N VAL CB 42 -76.14 -68.64 -86.99
CA VAL CB 42 -75.01 -68.09 -86.24
C VAL CB 42 -75.49 -67.68 -84.85
N PRO CB 43 -74.93 -68.28 -83.79
CA PRO CB 43 -75.32 -67.87 -82.43
C PRO CB 43 -75.26 -66.38 -82.19
N ALA CB 44 -74.22 -65.70 -82.68
CA ALA CB 44 -74.16 -64.26 -82.62
C ALA CB 44 -75.42 -63.61 -83.18
N LEU CB 45 -75.98 -64.17 -84.25
CA LEU CB 45 -77.21 -63.66 -84.81
C LEU CB 45 -78.43 -64.13 -84.03
N GLU CB 46 -78.34 -65.27 -83.36
CA GLU CB 46 -79.52 -65.89 -82.78
C GLU CB 46 -80.03 -65.06 -81.60
N LYS CB 47 -81.35 -65.02 -81.47
CA LYS CB 47 -82.00 -64.25 -80.42
C LYS CB 47 -81.62 -64.89 -79.09
N ARG CB 48 -81.48 -64.06 -78.06
CA ARG CB 48 -81.12 -64.57 -76.75
C ARG CB 48 -82.13 -64.13 -75.71
N VAL CB 49 -82.37 -65.00 -74.73
CA VAL CB 49 -83.25 -64.70 -73.61
C VAL CB 49 -82.56 -65.16 -72.34
N THR CB 50 -82.48 -64.29 -71.35
CA THR CB 50 -81.77 -64.56 -70.11
C THR CB 50 -82.69 -64.32 -68.94
N VAL CB 51 -82.72 -65.26 -68.02
CA VAL CB 51 -83.47 -65.11 -66.78
C VAL CB 51 -82.56 -65.47 -65.62
N SER CB 52 -82.85 -64.89 -64.47
CA SER CB 52 -82.06 -65.15 -63.28
C SER CB 52 -82.91 -64.92 -62.05
N VAL CB 53 -82.57 -65.64 -61.00
CA VAL CB 53 -83.15 -65.40 -59.69
C VAL CB 53 -82.05 -64.87 -58.82
N SER CB 54 -82.35 -64.62 -57.54
CA SER CB 54 -81.36 -64.15 -56.61
C SER CB 54 -81.84 -64.49 -55.21
N GLN CB 55 -80.93 -64.41 -54.26
CA GLN CB 55 -81.31 -64.64 -52.88
C GLN CB 55 -80.67 -63.60 -52.00
N PRO CB 56 -81.36 -63.16 -50.95
CA PRO CB 56 -80.84 -62.07 -50.13
C PRO CB 56 -79.55 -62.46 -49.44
N SER CB 57 -78.63 -61.49 -49.37
CA SER CB 57 -77.34 -61.71 -48.74
C SER CB 57 -77.13 -60.61 -47.70
N ARG CB 58 -75.96 -60.60 -47.10
CA ARG CB 58 -75.56 -59.49 -46.26
C ARG CB 58 -75.53 -58.17 -47.02
N ASN CB 59 -75.37 -58.21 -48.34
CA ASN CB 59 -75.41 -57.02 -49.15
C ASN CB 59 -76.82 -56.51 -49.43
N ARG CB 60 -77.77 -57.41 -49.62
CA ARG CB 60 -79.14 -57.00 -49.92
C ARG CB 60 -80.09 -58.02 -49.32
N LYS CB 61 -81.18 -57.52 -48.76
CA LYS CB 61 -82.19 -58.34 -48.10
C LYS CB 61 -83.33 -58.67 -49.04
N ASN CB 62 -83.21 -58.25 -50.29
CA ASN CB 62 -84.33 -58.34 -51.21
C ASN CB 62 -84.02 -59.34 -52.32
N TYR CB 63 -85.06 -59.95 -52.85
CA TYR CB 63 -84.91 -60.82 -54.00
C TYR CB 63 -84.87 -60.01 -55.27
N LYS CB 64 -84.00 -60.39 -56.19
CA LYS CB 64 -83.92 -59.79 -57.51
C LYS CB 64 -84.23 -60.86 -58.55
N VAL CB 65 -85.09 -60.52 -59.49
CA VAL CB 65 -85.36 -61.36 -60.65
C VAL CB 65 -85.08 -60.52 -61.87
N GLN CB 66 -84.05 -60.91 -62.62
CA GLN CB 66 -83.59 -60.15 -63.76
C GLN CB 66 -83.86 -60.93 -65.03
N VAL CB 67 -84.42 -60.24 -66.02
CA VAL CB 67 -84.70 -60.84 -67.32
C VAL CB 67 -84.22 -59.86 -68.39
N LYS CB 68 -83.34 -60.33 -69.25
CA LYS CB 68 -82.81 -59.51 -70.33
C LYS CB 68 -83.03 -60.22 -71.65
N ILE CB 69 -83.31 -59.44 -72.70
CA ILE CB 69 -83.55 -59.97 -74.02
C ILE CB 69 -82.63 -59.25 -74.99
N GLN CB 70 -81.99 -60.01 -75.87
CA GLN CB 70 -81.03 -59.49 -76.82
C GLN CB 70 -81.42 -59.96 -78.21
N ASN CB 71 -81.77 -59.02 -79.08
CA ASN CB 71 -82.24 -59.32 -80.42
C ASN CB 71 -81.45 -58.48 -81.41
N PRO CB 72 -80.37 -59.02 -81.96
CA PRO CB 72 -79.56 -58.25 -82.90
C PRO CB 72 -80.30 -58.05 -84.22
N THR CB 73 -79.66 -57.30 -85.09
CA THR CB 73 -80.16 -57.05 -86.43
C THR CB 73 -79.13 -57.52 -87.43
N ALA CB 74 -79.49 -58.56 -88.17
CA ALA CB 74 -78.59 -59.14 -89.16
C ALA CB 74 -78.52 -58.25 -90.38
N CYS CB 75 -77.29 -58.01 -90.86
CA CYS CB 75 -77.09 -57.42 -92.17
C CYS CB 75 -76.73 -58.58 -93.09
N THR CB 76 -77.66 -58.95 -93.96
CA THR CB 76 -77.45 -60.12 -94.81
C THR CB 76 -76.33 -59.88 -95.79
N ALA CB 77 -76.46 -58.84 -96.61
CA ALA CB 77 -75.42 -58.47 -97.56
C ALA CB 77 -74.67 -57.28 -96.99
N ASN CB 78 -73.45 -57.53 -96.52
CA ASN CB 78 -72.54 -56.46 -96.12
C ASN CB 78 -71.58 -56.11 -97.25
N GLY CB 79 -71.76 -56.70 -98.43
CA GLY CB 79 -70.70 -56.69 -99.40
C GLY CB 79 -69.67 -57.77 -99.15
N SER CB 80 -69.91 -58.60 -98.12
CA SER CB 80 -69.01 -59.67 -97.74
C SER CB 80 -69.80 -60.97 -97.69
N CYS CB 81 -69.09 -62.09 -97.63
CA CYS CB 81 -69.71 -63.39 -97.70
C CYS CB 81 -70.49 -63.76 -96.44
N ASP CB 82 -70.29 -63.04 -95.34
CA ASP CB 82 -70.93 -63.42 -94.10
C ASP CB 82 -71.76 -62.27 -93.56
N PRO CB 83 -72.92 -62.56 -92.98
CA PRO CB 83 -73.73 -61.51 -92.38
C PRO CB 83 -73.03 -60.95 -91.14
N SER CB 84 -73.47 -59.77 -90.73
CA SER CB 84 -72.84 -59.08 -89.61
C SER CB 84 -73.88 -58.41 -88.74
N VAL CB 85 -73.57 -58.33 -87.45
CA VAL CB 85 -74.44 -57.66 -86.49
C VAL CB 85 -74.46 -56.18 -86.84
N THR CB 86 -75.66 -55.60 -86.88
CA THR CB 86 -75.76 -54.18 -87.14
C THR CB 86 -76.24 -53.43 -85.91
N ARG CB 87 -77.51 -53.59 -85.56
CA ARG CB 87 -78.09 -52.98 -84.39
C ARG CB 87 -78.40 -54.07 -83.37
N GLN CB 88 -78.28 -53.73 -82.10
CA GLN CB 88 -78.52 -54.70 -81.04
C GLN CB 88 -79.64 -54.17 -80.16
N ALA CB 89 -80.78 -54.83 -80.21
CA ALA CB 89 -81.94 -54.43 -79.41
C ALA CB 89 -81.76 -54.97 -77.99
N TYR CB 90 -81.86 -54.09 -77.01
CA TYR CB 90 -81.76 -54.49 -75.62
C TYR CB 90 -83.09 -54.33 -74.91
N ALA CB 91 -83.59 -55.45 -74.41
CA ALA CB 91 -84.82 -55.44 -73.62
C ALA CB 91 -84.46 -55.99 -72.23
N ASP CB 92 -84.62 -55.16 -71.21
CA ASP CB 92 -84.24 -55.52 -69.86
C ASP CB 92 -85.42 -55.35 -68.92
N VAL CB 93 -85.62 -56.34 -68.05
CA VAL CB 93 -86.69 -56.35 -67.06
C VAL CB 93 -86.11 -56.85 -65.76
N THR CB 94 -86.44 -56.18 -64.67
CA THR CB 94 -86.00 -56.58 -63.34
C THR CB 94 -87.18 -56.65 -62.39
N PHE CB 95 -86.95 -57.28 -61.25
CA PHE CB 95 -87.97 -57.38 -60.22
C PHE CB 95 -87.30 -57.32 -58.86
N SER CB 96 -87.97 -56.66 -57.93
CA SER CB 96 -87.52 -56.60 -56.56
C SER CB 96 -88.65 -57.07 -55.66
N PHE CB 97 -88.29 -57.78 -54.60
CA PHE CB 97 -89.28 -58.26 -53.65
C PHE CB 97 -88.65 -58.33 -52.28
N THR CB 98 -89.50 -58.36 -51.28
CA THR CB 98 -89.09 -58.43 -49.89
C THR CB 98 -89.30 -59.84 -49.38
N GLN CB 99 -88.43 -60.25 -48.47
CA GLN CB 99 -88.50 -61.58 -47.91
C GLN CB 99 -89.90 -61.95 -47.46
N TYR CB 100 -90.71 -60.96 -47.07
CA TYR CB 100 -92.08 -61.25 -46.67
C TYR CB 100 -93.05 -61.12 -47.84
N SER CB 101 -92.57 -60.89 -49.06
CA SER CB 101 -93.45 -60.75 -50.20
C SER CB 101 -94.31 -62.00 -50.33
N THR CB 102 -95.60 -61.81 -50.59
CA THR CB 102 -96.48 -62.96 -50.70
C THR CB 102 -96.57 -63.43 -52.15
N ASP CB 103 -97.33 -64.50 -52.35
CA ASP CB 103 -97.45 -65.06 -53.68
C ASP CB 103 -98.29 -64.17 -54.59
N GLU CB 104 -99.52 -63.88 -54.19
CA GLU CB 104 -100.44 -63.20 -55.08
C GLU CB 104 -99.92 -61.82 -55.46
N GLU CB 105 -99.31 -61.12 -54.50
CA GLU CB 105 -98.66 -59.86 -54.82
C GLU CB 105 -97.75 -60.02 -56.02
N ARG CB 106 -96.84 -60.99 -55.95
CA ARG CB 106 -95.98 -61.25 -57.10
C ARG CB 106 -96.81 -61.59 -58.31
N ALA CB 107 -97.68 -62.59 -58.20
CA ALA CB 107 -98.56 -62.92 -59.30
C ALA CB 107 -99.28 -61.70 -59.83
N PHE CB 108 -99.79 -60.86 -58.93
CA PHE CB 108 -100.41 -59.62 -59.35
C PHE CB 108 -99.47 -58.80 -60.22
N VAL CB 109 -98.20 -58.73 -59.84
CA VAL CB 109 -97.25 -57.97 -60.64
C VAL CB 109 -97.10 -58.59 -62.02
N ARG CB 110 -97.00 -59.92 -62.08
CA ARG CB 110 -96.68 -60.55 -63.35
C ARG CB 110 -97.71 -60.20 -64.41
N THR CB 111 -98.98 -60.47 -64.15
CA THR CB 111 -100.00 -60.21 -65.16
C THR CB 111 -100.03 -58.75 -65.58
N GLU CB 112 -100.20 -57.84 -64.62
CA GLU CB 112 -100.39 -56.44 -64.95
C GLU CB 112 -99.30 -55.92 -65.88
N LEU CB 113 -98.05 -56.31 -65.65
CA LEU CB 113 -97.00 -55.89 -66.56
C LEU CB 113 -97.31 -56.33 -67.98
N ALA CB 114 -97.72 -57.58 -68.14
CA ALA CB 114 -98.11 -58.07 -69.46
C ALA CB 114 -99.24 -57.23 -70.02
N ALA CB 115 -100.31 -57.04 -69.26
CA ALA CB 115 -101.43 -56.24 -69.74
C ALA CB 115 -100.98 -54.90 -70.25
N LEU CB 116 -100.11 -54.21 -69.51
CA LEU CB 116 -99.55 -52.97 -70.01
C LEU CB 116 -98.91 -53.17 -71.37
N LEU CB 117 -98.12 -54.22 -71.53
CA LEU CB 117 -97.47 -54.44 -72.80
C LEU CB 117 -98.48 -54.60 -73.93
N ALA CB 118 -99.67 -55.09 -73.61
CA ALA CB 118 -100.75 -55.12 -74.59
C ALA CB 118 -101.59 -53.86 -74.57
N SER CB 119 -101.37 -52.98 -73.61
CA SER CB 119 -102.17 -51.77 -73.53
C SER CB 119 -101.87 -50.86 -74.73
N PRO CB 120 -102.88 -50.15 -75.23
CA PRO CB 120 -102.63 -49.19 -76.31
C PRO CB 120 -101.70 -48.08 -75.92
N LEU CB 121 -101.48 -47.86 -74.63
CA LEU CB 121 -100.56 -46.83 -74.21
C LEU CB 121 -99.15 -47.14 -74.68
N LEU CB 122 -98.60 -48.26 -74.24
CA LEU CB 122 -97.19 -48.54 -74.47
C LEU CB 122 -96.85 -48.71 -75.93
N ILE CB 123 -97.79 -49.21 -76.74
CA ILE CB 123 -97.46 -49.50 -78.12
C ILE CB 123 -96.94 -48.27 -78.84
N ASP CB 124 -97.61 -47.13 -78.71
CA ASP CB 124 -97.07 -45.89 -79.24
C ASP CB 124 -95.77 -45.52 -78.57
N ALA CB 125 -95.71 -45.65 -77.25
CA ALA CB 125 -94.47 -45.46 -76.53
C ALA CB 125 -93.36 -46.35 -77.04
N ILE CB 126 -93.61 -47.64 -77.21
CA ILE CB 126 -92.63 -48.57 -77.73
C ILE CB 126 -92.46 -48.42 -79.23
N ASP CB 127 -93.49 -48.77 -79.99
CA ASP CB 127 -93.34 -48.85 -81.43
C ASP CB 127 -92.99 -47.51 -82.05
N GLN CB 128 -93.78 -46.50 -81.79
CA GLN CB 128 -93.59 -45.20 -82.39
C GLN CB 128 -92.76 -44.25 -81.56
N LEU CB 129 -92.24 -44.70 -80.41
CA LEU CB 129 -91.38 -43.89 -79.56
C LEU CB 129 -92.07 -42.58 -79.20
N ASN CB 130 -93.17 -42.71 -78.47
CA ASN CB 130 -93.90 -41.49 -78.19
C ASN CB 130 -94.12 -41.35 -76.70
N PRO CB 131 -94.01 -40.16 -76.18
CA PRO CB 131 -94.39 -39.92 -74.79
C PRO CB 131 -95.89 -39.98 -74.61
N ALA CB 132 -96.36 -39.53 -73.45
CA ALA CB 132 -97.68 -39.88 -72.94
C ALA CB 132 -98.79 -39.04 -73.54
N TYR CB 133 -98.47 -38.18 -74.50
CA TYR CB 133 -99.48 -37.29 -75.06
C TYR CB 133 -100.00 -37.83 -76.37
N ALA DB 2 41.28 125.46 8.13
CA ALA DB 2 40.76 126.64 7.46
C ALA DB 2 40.75 126.43 5.96
N LYS DB 3 40.50 127.51 5.23
CA LYS DB 3 40.39 127.48 3.78
C LYS DB 3 41.72 127.08 3.15
N LEU DB 4 41.63 126.27 2.11
CA LEU DB 4 42.78 126.03 1.25
C LEU DB 4 43.27 127.36 0.72
N GLU DB 5 44.56 127.61 0.85
CA GLU DB 5 45.14 128.85 0.40
C GLU DB 5 46.51 128.58 -0.21
N THR DB 6 47.11 129.63 -0.73
CA THR DB 6 48.51 129.57 -1.13
C THR DB 6 49.30 129.37 0.15
N VAL DB 7 50.12 128.34 0.18
CA VAL DB 7 50.92 128.08 1.37
C VAL DB 7 52.37 128.32 1.03
N THR DB 8 52.93 129.40 1.56
CA THR DB 8 54.34 129.72 1.39
C THR DB 8 55.12 128.99 2.47
N LEU DB 9 56.30 128.50 2.11
CA LEU DB 9 57.17 127.82 3.05
C LEU DB 9 58.58 128.36 2.90
N GLY DB 10 59.13 128.85 4.02
CA GLY DB 10 60.51 129.27 4.08
C GLY DB 10 61.34 128.21 4.78
N ASN DB 11 62.65 128.41 4.74
CA ASN DB 11 63.60 127.56 5.47
C ASN DB 11 63.42 126.10 5.07
N ILE DB 12 63.82 125.81 3.84
CA ILE DB 12 63.61 124.51 3.24
C ILE DB 12 64.96 123.99 2.76
N GLY DB 13 65.10 122.67 2.74
CA GLY DB 13 66.30 122.03 2.25
C GLY DB 13 67.45 122.19 3.22
N LYS DB 14 68.51 121.45 2.91
CA LYS DB 14 69.71 121.49 3.75
C LYS DB 14 70.19 122.92 3.94
N ASP DB 15 70.06 123.75 2.90
CA ASP DB 15 70.40 125.16 3.04
C ASP DB 15 69.47 125.86 4.02
N GLY DB 16 68.16 125.67 3.87
CA GLY DB 16 67.23 126.49 4.61
C GLY DB 16 66.97 127.83 3.96
N LYS DB 17 67.61 128.10 2.82
CA LYS DB 17 67.26 129.28 2.04
C LYS DB 17 66.21 128.95 0.99
N GLN DB 18 65.91 127.66 0.82
CA GLN DB 18 64.90 127.24 -0.13
C GLN DB 18 63.52 127.66 0.34
N THR DB 19 62.70 128.07 -0.61
CA THR DB 19 61.33 128.46 -0.33
C THR DB 19 60.40 127.75 -1.31
N LEU DB 20 59.16 127.56 -0.89
CA LEU DB 20 58.19 126.86 -1.72
C LEU DB 20 56.80 127.41 -1.47
N VAL DB 21 56.02 127.53 -2.53
CA VAL DB 21 54.63 127.91 -2.43
C VAL DB 21 53.79 126.75 -2.94
N LEU DB 22 52.57 126.65 -2.43
CA LEU DB 22 51.67 125.56 -2.77
C LEU DB 22 50.30 126.15 -3.10
N ASN DB 23 49.84 125.91 -4.27
CA ASN DB 23 48.51 126.41 -4.53
C ASN DB 23 47.48 125.36 -4.18
N PRO DB 24 46.31 125.78 -3.74
CA PRO DB 24 45.22 124.83 -3.54
C PRO DB 24 44.83 124.18 -4.85
N ARG DB 25 44.79 122.85 -4.83
CA ARG DB 25 44.45 122.07 -6.00
C ARG DB 25 42.99 121.63 -6.01
N GLY DB 26 42.21 122.02 -5.02
CA GLY DB 26 40.88 121.49 -4.86
C GLY DB 26 40.91 120.22 -4.03
N VAL DB 27 39.75 119.58 -3.93
CA VAL DB 27 39.58 118.40 -3.10
C VAL DB 27 38.89 117.32 -3.91
N ASN DB 28 39.49 116.14 -3.95
CA ASN DB 28 38.78 115.03 -4.52
C ASN DB 28 37.67 114.59 -3.58
N PRO DB 29 36.41 114.75 -3.97
CA PRO DB 29 35.32 114.38 -3.06
C PRO DB 29 35.18 112.89 -2.84
N THR DB 30 35.57 112.08 -3.81
CA THR DB 30 35.41 110.63 -3.67
C THR DB 30 36.11 110.14 -2.41
N ASN DB 31 37.43 110.13 -2.42
CA ASN DB 31 38.18 109.80 -1.22
C ASN DB 31 38.09 110.89 -0.16
N GLY DB 32 37.56 112.06 -0.51
CA GLY DB 32 37.51 113.16 0.43
C GLY DB 32 38.88 113.62 0.84
N VAL DB 33 39.73 113.96 -0.12
CA VAL DB 33 41.12 114.30 0.15
C VAL DB 33 41.45 115.59 -0.57
N ALA DB 34 42.00 116.55 0.17
CA ALA DB 34 42.48 117.80 -0.40
C ALA DB 34 43.80 117.57 -1.12
N SER DB 35 44.14 118.51 -1.99
CA SER DB 35 45.38 118.45 -2.74
C SER DB 35 46.00 119.83 -2.83
N LEU DB 36 47.32 119.89 -2.73
CA LEU DB 36 48.07 121.12 -2.85
C LEU DB 36 49.23 120.89 -3.79
N SER DB 37 49.65 121.93 -4.49
CA SER DB 37 50.77 121.75 -5.41
C SER DB 37 51.54 123.04 -5.56
N GLN DB 38 52.84 122.88 -5.80
CA GLN DB 38 53.64 123.92 -6.40
C GLN DB 38 53.08 124.24 -7.78
N ALA DB 39 53.23 125.50 -8.18
CA ALA DB 39 52.88 125.87 -9.55
C ALA DB 39 54.15 125.78 -10.39
N GLY DB 40 54.20 124.72 -11.19
CA GLY DB 40 55.27 124.53 -12.14
C GLY DB 40 54.79 124.68 -13.56
N ALA DB 41 55.51 124.03 -14.46
CA ALA DB 41 55.04 123.93 -15.84
C ALA DB 41 54.15 122.70 -16.02
N VAL DB 42 54.72 121.52 -15.85
CA VAL DB 42 53.99 120.28 -16.08
C VAL DB 42 53.48 119.75 -14.75
N PRO DB 43 52.16 119.61 -14.60
CA PRO DB 43 51.62 119.05 -13.35
C PRO DB 43 52.25 117.74 -12.94
N ALA DB 44 52.50 116.84 -13.89
CA ALA DB 44 53.25 115.62 -13.60
C ALA DB 44 54.57 115.91 -12.91
N LEU DB 45 55.24 116.97 -13.30
CA LEU DB 45 56.48 117.37 -12.64
C LEU DB 45 56.24 118.10 -11.34
N GLU DB 46 55.10 118.77 -11.21
CA GLU DB 46 54.88 119.67 -10.09
C GLU DB 46 54.76 118.88 -8.79
N LYS DB 47 55.30 119.47 -7.72
CA LYS DB 47 55.30 118.83 -6.40
C LYS DB 47 53.85 118.74 -5.95
N ARG DB 48 53.53 117.68 -5.23
CA ARG DB 48 52.18 117.49 -4.74
C ARG DB 48 52.16 117.30 -3.23
N VAL DB 49 51.10 117.80 -2.60
CA VAL DB 49 50.90 117.66 -1.17
C VAL DB 49 49.45 117.28 -0.96
N THR DB 50 49.22 116.22 -0.20
CA THR DB 50 47.88 115.69 0.02
C THR DB 50 47.62 115.57 1.52
N VAL DB 51 46.47 116.07 1.94
CA VAL DB 51 46.04 115.91 3.33
C VAL DB 51 44.62 115.38 3.33
N SER DB 52 44.28 114.69 4.41
CA SER DB 52 42.95 114.12 4.54
C SER DB 52 42.61 113.98 6.01
N VAL DB 53 41.32 114.05 6.30
CA VAL DB 53 40.83 113.73 7.62
C VAL DB 53 40.01 112.46 7.48
N SER DB 54 39.41 112.01 8.57
CA SER DB 54 38.57 110.83 8.55
C SER DB 54 37.62 110.91 9.73
N GLN DB 55 36.59 110.08 9.70
CA GLN DB 55 35.69 110.02 10.82
C GLN DB 55 35.37 108.57 11.13
N PRO DB 56 35.19 108.24 12.40
CA PRO DB 56 35.01 106.84 12.77
C PRO DB 56 33.72 106.28 12.19
N SER DB 57 33.80 105.02 11.76
CA SER DB 57 32.65 104.35 11.17
C SER DB 57 32.45 103.04 11.91
N ARG DB 58 31.50 102.24 11.43
CA ARG DB 58 31.35 100.88 11.91
C ARG DB 58 32.60 100.04 11.67
N ASN DB 59 33.42 100.42 10.68
CA ASN DB 59 34.68 99.73 10.42
C ASN DB 59 35.79 100.12 11.38
N ARG DB 60 35.87 101.39 11.77
CA ARG DB 60 36.92 101.84 12.67
C ARG DB 60 36.37 102.94 13.56
N LYS DB 61 36.76 102.91 14.82
CA LYS DB 61 36.30 103.86 15.83
C LYS DB 61 37.29 105.00 16.00
N ASN DB 62 38.33 105.00 15.19
CA ASN DB 62 39.44 105.93 15.38
C ASN DB 62 39.50 106.92 14.24
N TYR DB 63 40.00 108.11 14.55
CA TYR DB 63 40.24 109.11 13.51
C TYR DB 63 41.56 108.84 12.82
N LYS DB 64 41.57 109.00 11.51
CA LYS DB 64 42.80 108.90 10.72
C LYS DB 64 43.06 110.25 10.07
N VAL DB 65 44.30 110.71 10.16
CA VAL DB 65 44.75 111.89 9.43
C VAL DB 65 45.94 111.47 8.60
N GLN DB 66 45.77 111.50 7.29
CA GLN DB 66 46.78 111.02 6.37
C GLN DB 66 47.35 112.18 5.58
N VAL DB 67 48.67 112.23 5.50
CA VAL DB 67 49.37 113.26 4.74
C VAL DB 67 50.43 112.58 3.89
N LYS DB 68 50.36 112.78 2.59
CA LYS DB 68 51.32 112.21 1.67
C LYS DB 68 51.96 113.32 0.83
N ILE DB 69 53.23 113.15 0.52
CA ILE DB 69 53.97 114.13 -0.27
C ILE DB 69 54.62 113.40 -1.42
N GLN DB 70 54.51 113.97 -2.61
CA GLN DB 70 55.02 113.37 -3.83
C GLN DB 70 55.90 114.39 -4.54
N ASN DB 71 57.18 114.08 -4.65
CA ASN DB 71 58.16 115.00 -5.24
C ASN DB 71 58.95 114.24 -6.30
N PRO DB 72 58.55 114.31 -7.54
CA PRO DB 72 59.26 113.59 -8.59
C PRO DB 72 60.62 114.21 -8.87
N THR DB 73 61.35 113.57 -9.75
CA THR DB 73 62.65 114.04 -10.19
C THR DB 73 62.60 114.23 -11.70
N ALA DB 74 62.70 115.47 -12.13
CA ALA DB 74 62.65 115.81 -13.53
C ALA DB 74 63.96 115.44 -14.20
N CYS DB 75 63.87 114.79 -15.36
CA CYS DB 75 65.02 114.63 -16.24
C CYS DB 75 64.84 115.67 -17.34
N THR DB 76 65.65 116.72 -17.29
CA THR DB 76 65.49 117.83 -18.23
C THR DB 76 65.80 117.39 -19.65
N ALA DB 77 67.01 116.87 -19.87
CA ALA DB 77 67.39 116.36 -21.17
C ALA DB 77 67.32 114.85 -21.11
N ASN DB 78 66.31 114.29 -21.76
CA ASN DB 78 66.21 112.85 -21.95
C ASN DB 78 66.75 112.45 -23.31
N GLY DB 79 67.32 113.37 -24.07
CA GLY DB 79 67.51 113.15 -25.48
C GLY DB 79 66.27 113.43 -26.28
N SER DB 80 65.21 113.89 -25.62
CA SER DB 80 63.93 114.17 -26.24
C SER DB 80 63.53 115.60 -25.88
N CYS DB 81 62.54 116.13 -26.61
CA CYS DB 81 62.14 117.51 -26.44
C CYS DB 81 61.41 117.78 -25.14
N ASP DB 82 60.96 116.76 -24.43
CA ASP DB 82 60.19 116.99 -23.23
C ASP DB 82 60.83 116.31 -22.04
N PRO DB 83 60.80 116.94 -20.87
CA PRO DB 83 61.34 116.31 -19.68
C PRO DB 83 60.48 115.11 -19.28
N SER DB 84 61.04 114.25 -18.44
CA SER DB 84 60.37 113.02 -18.05
C SER DB 84 60.62 112.72 -16.59
N VAL DB 85 59.63 112.10 -15.96
CA VAL DB 85 59.74 111.69 -14.57
C VAL DB 85 60.82 110.62 -14.47
N THR DB 86 61.71 110.77 -13.51
CA THR DB 86 62.73 109.76 -13.31
C THR DB 86 62.52 109.00 -12.01
N ARG DB 87 62.77 109.65 -10.89
CA ARG DB 87 62.56 109.08 -9.57
C ARG DB 87 61.39 109.79 -8.91
N GLN DB 88 60.64 109.04 -8.11
CA GLN DB 88 59.47 109.61 -7.46
C GLN DB 88 59.67 109.47 -5.95
N ALA DB 89 59.85 110.59 -5.26
CA ALA DB 89 60.06 110.58 -3.83
C ALA DB 89 58.70 110.48 -3.14
N TYR DB 90 58.56 109.50 -2.25
CA TYR DB 90 57.32 109.33 -1.52
C TYR DB 90 57.52 109.64 -0.04
N ALA DB 91 56.78 110.64 0.43
CA ALA DB 91 56.79 110.99 1.84
C ALA DB 91 55.37 110.82 2.36
N ASP DB 92 55.20 109.90 3.31
CA ASP DB 92 53.88 109.57 3.83
C ASP DB 92 53.86 109.72 5.35
N VAL DB 93 52.80 110.34 5.85
CA VAL DB 93 52.60 110.56 7.27
C VAL DB 93 51.15 110.27 7.59
N THR DB 94 50.92 109.55 8.68
CA THR DB 94 49.58 109.22 9.13
C THR DB 94 49.43 109.57 10.60
N PHE DB 95 48.17 109.60 11.04
CA PHE DB 95 47.87 109.85 12.43
C PHE DB 95 46.66 109.03 12.83
N SER DB 96 46.69 108.55 14.07
CA SER DB 96 45.57 107.83 14.63
C SER DB 96 45.20 108.49 15.94
N PHE DB 97 43.90 108.54 16.23
CA PHE DB 97 43.42 109.12 17.46
C PHE DB 97 42.14 108.42 17.88
N THR DB 98 41.83 108.56 19.15
CA THR DB 98 40.64 107.96 19.72
C THR DB 98 39.59 109.03 19.92
N GLN DB 99 38.34 108.64 19.80
CA GLN DB 99 37.24 109.57 19.95
C GLN DB 99 37.36 110.42 21.18
N TYR DB 100 38.00 109.91 22.23
CA TYR DB 100 38.20 110.70 23.44
C TYR DB 100 39.52 111.46 23.43
N SER DB 101 40.27 111.41 22.34
CA SER DB 101 41.54 112.11 22.27
C SER DB 101 41.33 113.60 22.57
N THR DB 102 42.21 114.17 23.38
CA THR DB 102 42.03 115.57 23.73
C THR DB 102 42.82 116.45 22.77
N ASP DB 103 42.71 117.75 22.97
CA ASP DB 103 43.37 118.70 22.09
C ASP DB 103 44.87 118.69 22.30
N GLU DB 104 45.32 118.94 23.52
CA GLU DB 104 46.74 119.14 23.75
C GLU DB 104 47.54 117.89 23.41
N GLU DB 105 47.00 116.72 23.72
CA GLU DB 105 47.62 115.47 23.29
C GLU DB 105 47.95 115.54 21.81
N ARG DB 106 46.94 115.83 20.99
CA ARG DB 106 47.19 115.98 19.57
C ARG DB 106 48.23 117.06 19.31
N ALA DB 107 47.98 118.26 19.83
CA ALA DB 107 48.96 119.33 19.71
C ALA DB 107 50.34 118.87 20.13
N PHE DB 108 50.43 118.17 21.26
CA PHE DB 108 51.70 117.62 21.69
C PHE DB 108 52.32 116.76 20.61
N VAL DB 109 51.52 115.94 19.93
CA VAL DB 109 52.06 115.11 18.86
C VAL DB 109 52.60 115.97 17.74
N ARG DB 110 51.86 117.01 17.36
CA ARG DB 110 52.24 117.77 16.19
C ARG DB 110 53.64 118.33 16.32
N THR DB 111 53.89 119.11 17.38
CA THR DB 111 55.19 119.74 17.52
C THR DB 111 56.31 118.71 17.57
N GLU DB 112 56.24 117.76 18.49
CA GLU DB 112 57.34 116.82 18.69
C GLU DB 112 57.77 116.15 17.40
N LEU DB 113 56.82 115.77 16.55
CA LEU DB 113 57.21 115.20 15.28
C LEU DB 113 58.09 116.16 14.50
N ALA DB 114 57.68 117.44 14.44
CA ALA DB 114 58.51 118.43 13.79
C ALA DB 114 59.89 118.51 14.41
N ALA DB 115 59.95 118.65 15.74
CA ALA DB 115 61.24 118.73 16.41
C ALA DB 115 62.15 117.57 16.02
N LEU DB 116 61.61 116.35 16.00
CA LEU DB 116 62.39 115.23 15.50
C LEU DB 116 62.94 115.49 14.12
N LEU DB 117 62.10 116.00 13.22
CA LEU DB 117 62.56 116.26 11.87
C LEU DB 117 63.70 117.26 11.86
N ALA DB 118 63.76 118.15 12.84
CA ALA DB 118 64.91 119.03 12.99
C ALA DB 118 65.99 118.42 13.87
N SER DB 119 65.71 117.30 14.52
CA SER DB 119 66.71 116.70 15.40
C SER DB 119 67.90 116.20 14.59
N PRO DB 120 69.10 116.30 15.15
CA PRO DB 120 70.28 115.75 14.46
C PRO DB 120 70.20 114.25 14.25
N LEU DB 121 69.33 113.56 14.97
CA LEU DB 121 69.20 112.13 14.76
C LEU DB 121 68.70 111.82 13.36
N LEU DB 122 67.52 112.31 13.03
CA LEU DB 122 66.88 111.90 11.78
C LEU DB 122 67.65 112.34 10.55
N ILE DB 123 68.36 113.47 10.61
CA ILE DB 123 69.00 113.98 9.42
C ILE DB 123 69.94 112.96 8.82
N ASP DB 124 70.80 112.33 9.63
CA ASP DB 124 71.61 111.24 9.13
C ASP DB 124 70.76 110.07 8.69
N ALA DB 125 69.75 109.73 9.47
CA ALA DB 125 68.79 108.73 9.06
C ALA DB 125 68.14 109.05 7.73
N ILE DB 126 67.66 110.27 7.55
CA ILE DB 126 67.05 110.68 6.30
C ILE DB 126 68.08 110.97 5.25
N ASP DB 127 68.89 112.00 5.44
CA ASP DB 127 69.78 112.45 4.38
C ASP DB 127 70.79 111.40 3.99
N GLN DB 128 71.54 110.89 4.96
CA GLN DB 128 72.60 109.95 4.67
C GLN DB 128 72.16 108.50 4.81
N LEU DB 129 70.89 108.24 5.06
CA LEU DB 129 70.36 106.88 5.16
C LEU DB 129 71.15 106.06 6.16
N ASN DB 130 71.09 106.48 7.40
CA ASN DB 130 71.90 105.77 8.37
C ASN DB 130 71.04 105.30 9.53
N PRO DB 131 71.30 104.12 10.02
CA PRO DB 131 70.65 103.67 11.24
C PRO DB 131 71.17 104.42 12.45
N ALA DB 132 70.84 103.92 13.63
CA ALA DB 132 70.89 104.69 14.87
C ALA DB 132 72.28 104.77 15.47
N TYR DB 133 73.28 104.22 14.79
CA TYR DB 133 74.61 104.20 15.35
C TYR DB 133 75.47 105.31 14.77
N ALA EB 2 -74.88 -81.55 -73.87
CA ALA EB 2 -75.95 -82.24 -73.18
C ALA EB 2 -75.58 -82.51 -71.74
N LYS EB 3 -76.39 -83.33 -71.08
CA LYS EB 3 -76.22 -83.64 -69.67
C LYS EB 3 -74.91 -84.40 -69.45
N LEU EB 4 -74.25 -84.07 -68.36
CA LEU EB 4 -73.14 -84.87 -67.87
C LEU EB 4 -73.64 -86.29 -67.66
N GLU EB 5 -72.92 -87.25 -68.21
CA GLU EB 5 -73.30 -88.64 -68.08
C GLU EB 5 -72.06 -89.50 -67.91
N THR EB 6 -72.28 -90.78 -67.70
CA THR EB 6 -71.20 -91.75 -67.74
C THR EB 6 -70.71 -91.75 -69.18
N VAL EB 7 -69.42 -91.53 -69.36
CA VAL EB 7 -68.87 -91.51 -70.71
C VAL EB 7 -67.96 -92.73 -70.86
N THR EB 8 -68.39 -93.69 -71.64
CA THR EB 8 -67.59 -94.87 -71.95
C THR EB 8 -66.71 -94.55 -73.13
N LEU EB 9 -65.49 -95.06 -73.11
CA LEU EB 9 -64.56 -94.86 -74.20
C LEU EB 9 -63.92 -96.19 -74.56
N GLY EB 10 -64.05 -96.57 -75.83
CA GLY EB 10 -63.38 -97.75 -76.35
C GLY EB 10 -62.18 -97.33 -77.18
N ASN EB 11 -61.37 -98.32 -77.56
CA ASN EB 11 -60.25 -98.12 -78.45
C ASN EB 11 -59.29 -97.08 -77.88
N ILE EB 12 -58.61 -97.48 -76.81
CA ILE EB 12 -57.76 -96.58 -76.05
C ILE EB 12 -56.38 -97.21 -75.95
N GLY EB 13 -55.36 -96.36 -75.85
CA GLY EB 13 -54.01 -96.82 -75.69
C GLY EB 13 -53.45 -97.40 -76.98
N LYS EB 14 -52.14 -97.63 -76.96
CA LYS EB 14 -51.47 -98.20 -78.12
C LYS EB 14 -52.16 -99.47 -78.59
N ASP EB 15 -52.66 -100.27 -77.64
CA ASP EB 15 -53.41 -101.45 -78.01
C ASP EB 15 -54.71 -101.08 -78.73
N GLY EB 16 -55.47 -100.15 -78.15
CA GLY EB 16 -56.81 -99.93 -78.65
C GLY EB 16 -57.81 -100.90 -78.10
N LYS EB 17 -57.38 -101.82 -77.23
CA LYS EB 17 -58.32 -102.66 -76.51
C LYS EB 17 -58.66 -102.04 -75.16
N GLN EB 18 -57.96 -100.99 -74.78
CA GLN EB 18 -58.22 -100.31 -73.53
C GLN EB 18 -59.56 -99.59 -73.60
N THR EB 19 -60.27 -99.63 -72.49
CA THR EB 19 -61.54 -98.94 -72.35
C THR EB 19 -61.55 -98.12 -71.07
N LEU EB 20 -62.36 -97.07 -71.06
CA LEU EB 20 -62.42 -96.19 -69.91
C LEU EB 20 -63.83 -95.62 -69.78
N VAL EB 21 -64.29 -95.51 -68.54
CA VAL EB 21 -65.55 -94.85 -68.24
C VAL EB 21 -65.25 -93.64 -67.38
N LEU EB 22 -66.11 -92.64 -67.49
CA LEU EB 22 -65.94 -91.38 -66.76
C LEU EB 22 -67.26 -91.01 -66.10
N ASN EB 23 -67.23 -90.89 -64.83
CA ASN EB 23 -68.47 -90.46 -64.23
C ASN EB 23 -68.52 -88.95 -64.13
N PRO EB 24 -69.71 -88.37 -64.23
CA PRO EB 24 -69.84 -86.94 -63.99
C PRO EB 24 -69.45 -86.60 -62.57
N ARG EB 25 -68.56 -85.62 -62.44
CA ARG EB 25 -68.07 -85.18 -61.14
C ARG EB 25 -68.79 -83.94 -60.64
N GLY EB 26 -69.77 -83.43 -61.37
CA GLY EB 26 -70.36 -82.15 -61.06
C GLY EB 26 -69.58 -81.03 -61.73
N VAL EB 27 -69.97 -79.80 -61.40
CA VAL EB 27 -69.41 -78.61 -62.02
C VAL EB 27 -69.00 -77.64 -60.93
N ASN EB 28 -67.76 -77.19 -60.97
CA ASN EB 28 -67.40 -76.10 -60.09
C ASN EB 28 -68.02 -74.81 -60.59
N PRO EB 29 -68.96 -74.22 -59.85
CA PRO EB 29 -69.61 -73.00 -60.34
C PRO EB 29 -68.72 -71.80 -60.35
N THR EB 30 -67.71 -71.74 -59.48
CA THR EB 30 -66.85 -70.58 -59.42
C THR EB 30 -66.21 -70.30 -60.77
N ASN EB 31 -65.29 -71.15 -61.18
CA ASN EB 31 -64.71 -71.06 -62.51
C ASN EB 31 -65.70 -71.47 -63.58
N GLY EB 32 -66.83 -72.06 -63.22
CA GLY EB 32 -67.77 -72.54 -64.20
C GLY EB 32 -67.19 -73.64 -65.05
N VAL EB 33 -66.67 -74.70 -64.44
CA VAL EB 33 -65.98 -75.76 -65.16
C VAL EB 33 -66.54 -77.10 -64.71
N ALA EB 34 -66.93 -77.92 -65.67
CA ALA EB 34 -67.37 -79.27 -65.40
C ALA EB 34 -66.16 -80.18 -65.11
N SER EB 35 -66.46 -81.31 -64.48
CA SER EB 35 -65.42 -82.27 -64.15
C SER EB 35 -65.93 -83.68 -64.40
N LEU EB 36 -65.05 -84.53 -64.91
CA LEU EB 36 -65.37 -85.93 -65.15
C LEU EB 36 -64.24 -86.77 -64.59
N SER EB 37 -64.56 -87.98 -64.16
CA SER EB 37 -63.51 -88.83 -63.63
C SER EB 37 -63.84 -90.30 -63.85
N GLN EB 38 -62.77 -91.08 -64.01
CA GLN EB 38 -62.84 -92.51 -63.79
C GLN EB 38 -63.24 -92.78 -62.35
N ALA EB 39 -63.95 -93.88 -62.14
CA ALA EB 39 -64.23 -94.31 -60.77
C ALA EB 39 -63.15 -95.29 -60.36
N GLY EB 40 -62.26 -94.80 -59.51
CA GLY EB 40 -61.22 -95.61 -58.93
C GLY EB 40 -61.44 -95.82 -57.44
N ALA EB 41 -60.34 -96.07 -56.74
CA ALA EB 41 -60.38 -96.09 -55.29
C ALA EB 41 -60.13 -94.70 -54.74
N VAL EB 42 -58.93 -94.18 -54.95
CA VAL EB 42 -58.55 -92.89 -54.37
C VAL EB 42 -58.75 -91.80 -55.43
N PRO EB 43 -59.60 -90.82 -55.15
CA PRO EB 43 -59.79 -89.72 -56.11
C PRO EB 43 -58.50 -89.07 -56.56
N ALA EB 44 -57.55 -88.85 -55.66
CA ALA EB 44 -56.23 -88.38 -56.03
C ALA EB 44 -55.61 -89.23 -57.13
N LEU EB 45 -55.81 -90.54 -57.07
CA LEU EB 45 -55.31 -91.43 -58.11
C LEU EB 45 -56.21 -91.42 -59.35
N GLU EB 46 -57.49 -91.14 -59.19
CA GLU EB 46 -58.44 -91.31 -60.27
C GLU EB 46 -58.18 -90.31 -61.38
N LYS EB 47 -58.38 -90.77 -62.61
CA LYS EB 47 -58.15 -89.95 -63.79
C LYS EB 47 -59.17 -88.82 -63.77
N ARG EB 48 -58.77 -87.65 -64.25
CA ARG EB 48 -59.67 -86.51 -64.26
C ARG EB 48 -59.79 -85.94 -65.67
N VAL EB 49 -60.97 -85.44 -65.99
CA VAL EB 49 -61.24 -84.80 -67.26
C VAL EB 49 -62.03 -83.53 -66.98
N THR EB 50 -61.57 -82.42 -67.52
CA THR EB 50 -62.18 -81.11 -67.27
C THR EB 50 -62.52 -80.44 -68.59
N VAL EB 51 -63.74 -79.93 -68.69
CA VAL EB 51 -64.15 -79.16 -69.84
C VAL EB 51 -64.77 -77.87 -69.36
N SER EB 52 -64.70 -76.85 -70.21
CA SER EB 52 -65.27 -75.56 -69.86
C SER EB 52 -65.63 -74.82 -71.13
N VAL EB 53 -66.63 -73.96 -71.01
CA VAL EB 53 -66.97 -73.04 -72.07
C VAL EB 53 -66.64 -71.65 -71.56
N SER EB 54 -66.91 -70.64 -72.37
CA SER EB 54 -66.69 -69.27 -71.97
C SER EB 54 -67.58 -68.38 -72.81
N GLN EB 55 -67.72 -67.13 -72.37
CA GLN EB 55 -68.50 -66.19 -73.15
C GLN EB 55 -67.77 -64.87 -73.20
N PRO EB 56 -67.86 -64.16 -74.32
CA PRO EB 56 -67.07 -62.93 -74.47
C PRO EB 56 -67.50 -61.88 -73.47
N SER EB 57 -66.51 -61.15 -72.95
CA SER EB 57 -66.75 -60.11 -71.98
C SER EB 57 -66.10 -58.83 -72.49
N ARG EB 58 -66.13 -57.79 -71.66
CA ARG EB 58 -65.36 -56.59 -71.94
C ARG EB 58 -63.87 -56.86 -72.01
N ASN EB 59 -63.40 -57.94 -71.38
CA ASN EB 59 -62.01 -58.33 -71.44
C ASN EB 59 -61.65 -59.05 -72.73
N ARG EB 60 -62.53 -59.88 -73.25
CA ARG EB 60 -62.25 -60.63 -74.47
C ARG EB 60 -63.53 -60.80 -75.25
N LYS EB 61 -63.44 -60.67 -76.57
CA LYS EB 61 -64.58 -60.77 -77.46
C LYS EB 61 -64.70 -62.17 -78.04
N ASN EB 62 -63.84 -63.08 -77.60
CA ASN EB 62 -63.74 -64.38 -78.23
C ASN EB 62 -64.21 -65.45 -77.26
N TYR EB 63 -64.74 -66.54 -77.82
CA TYR EB 63 -65.09 -67.69 -77.01
C TYR EB 63 -63.87 -68.54 -76.75
N LYS EB 64 -63.77 -69.06 -75.52
CA LYS EB 64 -62.72 -69.99 -75.15
C LYS EB 64 -63.36 -71.30 -74.74
N VAL EB 65 -62.84 -72.39 -75.25
CA VAL EB 65 -63.22 -73.73 -74.82
C VAL EB 65 -61.95 -74.42 -74.37
N GLN EB 66 -61.89 -74.72 -73.07
CA GLN EB 66 -60.70 -75.28 -72.47
C GLN EB 66 -60.99 -76.70 -72.02
N VAL EB 67 -60.08 -77.61 -72.34
CA VAL EB 67 -60.19 -79.00 -71.95
C VAL EB 67 -58.84 -79.44 -71.41
N LYS EB 68 -58.82 -79.92 -70.18
CA LYS EB 68 -57.60 -80.38 -69.54
C LYS EB 68 -57.80 -81.81 -69.07
N ILE EB 69 -56.75 -82.60 -69.14
CA ILE EB 69 -56.78 -83.99 -68.72
C ILE EB 69 -55.63 -84.23 -67.76
N GLN EB 70 -55.92 -84.90 -66.66
CA GLN EB 70 -54.95 -85.14 -65.61
C GLN EB 70 -54.93 -86.63 -65.30
N ASN EB 71 -53.80 -87.27 -65.57
CA ASN EB 71 -53.65 -88.71 -65.41
C ASN EB 71 -52.41 -88.99 -64.58
N PRO EB 72 -52.55 -89.13 -63.27
CA PRO EB 72 -51.38 -89.37 -62.43
C PRO EB 72 -50.82 -90.76 -62.65
N THR EB 73 -49.71 -91.02 -61.98
CA THR EB 73 -49.06 -92.32 -62.00
C THR EB 73 -48.99 -92.86 -60.60
N ALA EB 74 -49.72 -93.92 -60.33
CA ALA EB 74 -49.77 -94.53 -59.01
C ALA EB 74 -48.48 -95.29 -58.76
N CYS EB 75 -47.92 -95.10 -57.57
CA CYS EB 75 -46.86 -95.98 -57.08
C CYS EB 75 -47.54 -96.91 -56.09
N THR EB 76 -47.70 -98.18 -56.49
CA THR EB 76 -48.43 -99.12 -55.66
C THR EB 76 -47.69 -99.41 -54.38
N ALA EB 77 -46.45 -99.88 -54.49
CA ALA EB 77 -45.62 -100.13 -53.32
C ALA EB 77 -44.63 -98.99 -53.21
N ASN EB 78 -44.85 -98.13 -52.22
CA ASN EB 78 -43.89 -97.10 -51.87
C ASN EB 78 -43.01 -97.54 -50.70
N GLY EB 79 -43.15 -98.78 -50.26
CA GLY EB 79 -42.64 -99.15 -48.97
C GLY EB 79 -43.58 -98.77 -47.85
N SER EB 80 -44.74 -98.23 -48.20
CA SER EB 80 -45.74 -97.79 -47.22
C SER EB 80 -47.07 -98.45 -47.59
N CYS EB 81 -48.00 -98.40 -46.66
CA CYS EB 81 -49.28 -99.08 -46.82
C CYS EB 81 -50.19 -98.44 -47.86
N ASP EB 82 -49.90 -97.22 -48.28
CA ASP EB 82 -50.80 -96.55 -49.21
C ASP EB 82 -50.05 -96.15 -50.47
N PRO EB 83 -50.71 -96.24 -51.62
CA PRO EB 83 -50.07 -95.78 -52.86
C PRO EB 83 -49.90 -94.27 -52.84
N SER EB 84 -49.04 -93.79 -53.73
CA SER EB 84 -48.72 -92.37 -53.77
C SER EB 84 -48.57 -91.90 -55.21
N VAL EB 85 -48.93 -90.64 -55.43
CA VAL EB 85 -48.79 -90.02 -56.74
C VAL EB 85 -47.30 -89.92 -57.05
N THR EB 86 -46.92 -90.33 -58.26
CA THR EB 86 -45.54 -90.21 -58.66
C THR EB 86 -45.37 -89.16 -59.75
N ARG EB 87 -45.83 -89.47 -60.95
CA ARG EB 87 -45.78 -88.55 -62.07
C ARG EB 87 -47.19 -88.12 -62.41
N GLN EB 88 -47.33 -86.88 -62.86
CA GLN EB 88 -48.65 -86.35 -63.17
C GLN EB 88 -48.64 -85.95 -64.65
N ALA EB 89 -49.40 -86.67 -65.46
CA ALA EB 89 -49.48 -86.38 -66.89
C ALA EB 89 -50.47 -85.25 -67.10
N TYR EB 90 -50.03 -84.21 -67.80
CA TYR EB 90 -50.90 -83.08 -68.10
C TYR EB 90 -51.20 -83.01 -69.58
N ALA EB 91 -52.49 -83.11 -69.90
CA ALA EB 91 -52.94 -82.97 -71.28
C ALA EB 91 -53.90 -81.78 -71.32
N ASP EB 92 -53.54 -80.76 -72.06
CA ASP EB 92 -54.31 -79.52 -72.12
C ASP EB 92 -54.68 -79.19 -73.56
N VAL EB 93 -55.93 -78.81 -73.77
CA VAL EB 93 -56.44 -78.44 -75.08
C VAL EB 93 -57.30 -77.20 -74.89
N THR EB 94 -57.14 -76.24 -75.79
CA THR EB 94 -57.92 -75.01 -75.77
C THR EB 94 -58.51 -74.74 -77.14
N PHE EB 95 -59.47 -73.84 -77.17
CA PHE EB 95 -60.09 -73.42 -78.42
C PHE EB 95 -60.43 -71.95 -78.35
N SER EB 96 -60.26 -71.28 -79.48
CA SER EB 96 -60.64 -69.88 -79.59
C SER EB 96 -61.57 -69.74 -80.78
N PHE EB 97 -62.56 -68.87 -80.65
CA PHE EB 97 -63.49 -68.62 -81.74
C PHE EB 97 -63.97 -67.18 -81.67
N THR EB 98 -64.48 -66.72 -82.78
CA THR EB 98 -65.00 -65.37 -82.90
C THR EB 98 -66.50 -65.41 -82.87
N GLN EB 99 -67.09 -64.35 -82.32
CA GLN EB 99 -68.53 -64.28 -82.21
C GLN EB 99 -69.23 -64.61 -83.52
N TYR EB 100 -68.59 -64.36 -84.65
CA TYR EB 100 -69.19 -64.70 -85.93
C TYR EB 100 -68.80 -66.10 -86.40
N SER EB 101 -68.06 -66.86 -85.60
CA SER EB 101 -67.64 -68.18 -86.00
C SER EB 101 -68.86 -69.02 -86.36
N THR EB 102 -68.78 -69.76 -87.46
CA THR EB 102 -69.92 -70.55 -87.86
C THR EB 102 -69.83 -71.96 -87.30
N ASP EB 103 -70.85 -72.75 -87.58
CA ASP EB 103 -70.89 -74.10 -87.04
C ASP EB 103 -69.87 -75.00 -87.70
N GLU EB 104 -69.93 -75.12 -89.03
CA GLU EB 104 -69.09 -76.10 -89.70
C GLU EB 104 -67.62 -75.82 -89.50
N GLU EB 105 -67.24 -74.55 -89.52
CA GLU EB 105 -65.87 -74.19 -89.17
C GLU EB 105 -65.44 -74.86 -87.88
N ARG EB 106 -66.23 -74.67 -86.82
CA ARG EB 106 -65.94 -75.34 -85.57
C ARG EB 106 -65.91 -76.84 -85.76
N ALA EB 107 -67.00 -77.39 -86.29
CA ALA EB 107 -67.04 -78.82 -86.58
C ALA EB 107 -65.82 -79.24 -87.37
N PHE EB 108 -65.45 -78.48 -88.38
CA PHE EB 108 -64.23 -78.78 -89.13
C PHE EB 108 -63.04 -78.88 -88.22
N VAL EB 109 -62.93 -77.98 -87.25
CA VAL EB 109 -61.80 -78.03 -86.33
C VAL EB 109 -61.84 -79.31 -85.52
N ARG EB 110 -63.02 -79.68 -85.03
CA ARG EB 110 -63.10 -80.81 -84.10
C ARG EB 110 -62.53 -82.06 -84.72
N THR EB 111 -63.06 -82.48 -85.87
CA THR EB 111 -62.60 -83.72 -86.48
C THR EB 111 -61.11 -83.69 -86.76
N GLU EB 112 -60.64 -82.70 -87.52
CA GLU EB 112 -59.26 -82.69 -87.97
C GLU EB 112 -58.28 -82.86 -86.81
N LEU EB 113 -58.55 -82.22 -85.68
CA LEU EB 113 -57.68 -82.42 -84.53
C LEU EB 113 -57.61 -83.89 -84.16
N ALA EB 114 -58.77 -84.55 -84.10
CA ALA EB 114 -58.78 -85.98 -83.83
C ALA EB 114 -57.96 -86.74 -84.87
N ALA EB 115 -58.22 -86.50 -86.15
CA ALA EB 115 -57.48 -87.19 -87.20
C ALA EB 115 -55.98 -87.06 -86.99
N LEU EB 116 -55.51 -85.86 -86.68
CA LEU EB 116 -54.09 -85.71 -86.36
C LEU EB 116 -53.69 -86.63 -85.23
N LEU EB 117 -54.48 -86.71 -84.18
CA LEU EB 117 -54.13 -87.57 -83.08
C LEU EB 117 -54.02 -89.02 -83.51
N ALA EB 118 -54.74 -89.41 -84.54
CA ALA EB 118 -54.57 -90.73 -85.13
C ALA EB 118 -53.53 -90.75 -86.25
N SER EB 119 -53.05 -89.58 -86.66
CA SER EB 119 -52.07 -89.54 -87.73
C SER EB 119 -50.76 -90.19 -87.28
N PRO EB 120 -50.07 -90.87 -88.19
CA PRO EB 120 -48.76 -91.42 -87.85
C PRO EB 120 -47.74 -90.37 -87.48
N LEU EB 121 -47.99 -89.12 -87.83
CA LEU EB 121 -47.05 -88.07 -87.45
C LEU EB 121 -46.96 -87.93 -85.94
N LEU EB 122 -48.08 -87.61 -85.29
CA LEU EB 122 -48.05 -87.28 -83.89
C LEU EB 122 -47.62 -88.42 -83.01
N ILE EB 123 -47.92 -89.66 -83.39
CA ILE EB 123 -47.64 -90.78 -82.51
C ILE EB 123 -46.16 -90.82 -82.14
N ASP EB 124 -45.26 -90.70 -83.11
CA ASP EB 124 -43.85 -90.57 -82.78
C ASP EB 124 -43.57 -89.33 -81.99
N ALA EB 125 -44.17 -88.21 -82.38
CA ALA EB 125 -44.08 -86.99 -81.60
C ALA EB 125 -44.55 -87.20 -80.17
N ILE EB 126 -45.71 -87.80 -79.97
CA ILE EB 126 -46.24 -88.06 -78.64
C ILE EB 126 -45.53 -89.23 -77.98
N ASP EB 127 -45.72 -90.43 -78.53
CA ASP EB 127 -45.24 -91.61 -77.84
C ASP EB 127 -43.73 -91.63 -77.68
N GLN EB 128 -43.01 -91.46 -78.78
CA GLN EB 128 -41.56 -91.55 -78.74
C GLN EB 128 -40.88 -90.21 -78.58
N LEU EB 129 -41.64 -89.13 -78.42
CA LEU EB 129 -41.09 -87.80 -78.19
C LEU EB 129 -40.11 -87.44 -79.31
N ASN EB 130 -40.65 -87.33 -80.51
CA ASN EB 130 -39.74 -87.08 -81.61
C ASN EB 130 -40.19 -85.87 -82.39
N PRO EB 131 -39.27 -85.05 -82.82
CA PRO EB 131 -39.60 -83.96 -83.73
C PRO EB 131 -39.95 -84.49 -85.11
N ALA EB 132 -40.02 -83.59 -86.07
CA ALA EB 132 -40.72 -83.82 -87.34
C ALA EB 132 -39.88 -84.60 -88.34
N TYR EB 133 -38.70 -85.04 -87.95
CA TYR EB 133 -37.83 -85.72 -88.90
C TYR EB 133 -37.92 -87.22 -88.72
N ALA FB 2 -76.00 -85.20 -59.31
CA ALA FB 2 -76.70 -84.90 -60.55
C ALA FB 2 -77.32 -83.53 -60.49
N LYS FB 3 -78.16 -83.23 -61.47
CA LYS FB 3 -78.79 -81.93 -61.61
C LYS FB 3 -79.73 -81.68 -60.44
N LEU FB 4 -79.73 -80.43 -59.98
CA LEU FB 4 -80.75 -79.96 -59.06
C LEU FB 4 -82.11 -80.20 -59.69
N GLU FB 5 -83.01 -80.83 -58.96
CA GLU FB 5 -84.34 -81.10 -59.46
C GLU FB 5 -85.35 -80.92 -58.34
N THR FB 6 -86.62 -81.07 -58.71
CA THR FB 6 -87.66 -81.16 -57.71
C THR FB 6 -87.41 -82.44 -56.95
N VAL FB 7 -87.32 -82.33 -55.63
CA VAL FB 7 -87.07 -83.52 -54.83
C VAL FB 7 -88.32 -83.79 -54.00
N THR FB 8 -89.02 -84.86 -54.35
CA THR FB 8 -90.19 -85.29 -53.60
C THR FB 8 -89.73 -86.19 -52.47
N LEU FB 9 -90.37 -86.08 -51.33
CA LEU FB 9 -90.06 -86.91 -50.18
C LEU FB 9 -91.34 -87.45 -49.59
N GLY FB 10 -91.42 -88.79 -49.49
CA GLY FB 10 -92.52 -89.44 -48.82
C GLY FB 10 -92.07 -89.92 -47.45
N ASN FB 11 -93.05 -90.39 -46.67
CA ASN FB 11 -92.78 -91.00 -45.38
C ASN FB 11 -92.02 -90.03 -44.47
N ILE FB 12 -92.73 -88.99 -44.05
CA ILE FB 12 -92.13 -87.89 -43.32
C ILE FB 12 -92.92 -87.71 -42.03
N GLY FB 13 -92.25 -87.22 -40.99
CA GLY FB 13 -92.90 -86.95 -39.72
C GLY FB 13 -93.24 -88.23 -38.98
N LYS FB 14 -93.63 -88.02 -37.72
CA LYS FB 14 -94.00 -89.15 -36.87
C LYS FB 14 -95.05 -90.03 -37.55
N ASP FB 15 -95.96 -89.41 -38.28
CA ASP FB 15 -96.94 -90.17 -39.05
C ASP FB 15 -96.26 -90.99 -40.13
N GLY FB 16 -95.40 -90.37 -40.93
CA GLY FB 16 -94.91 -91.02 -42.11
C GLY FB 16 -95.85 -90.89 -43.29
N LYS FB 17 -96.98 -90.22 -43.11
CA LYS FB 17 -97.85 -89.90 -44.23
C LYS FB 17 -97.51 -88.52 -44.79
N GLN FB 18 -96.65 -87.78 -44.09
CA GLN FB 18 -96.24 -86.46 -44.54
C GLN FB 18 -95.37 -86.59 -45.78
N THR FB 19 -95.56 -85.66 -46.71
CA THR FB 19 -94.78 -85.60 -47.92
C THR FB 19 -94.27 -84.18 -48.12
N LEU FB 20 -93.15 -84.06 -48.83
CA LEU FB 20 -92.54 -82.76 -49.05
C LEU FB 20 -91.87 -82.74 -50.40
N VAL FB 21 -91.97 -81.61 -51.09
CA VAL FB 21 -91.26 -81.39 -52.32
C VAL FB 21 -90.30 -80.23 -52.12
N LEU FB 22 -89.20 -80.24 -52.87
CA LEU FB 22 -88.16 -79.22 -52.74
C LEU FB 22 -87.80 -78.72 -54.13
N ASN FB 23 -87.96 -77.47 -54.34
CA ASN FB 23 -87.54 -77.01 -55.65
C ASN FB 23 -86.08 -76.56 -55.60
N PRO FB 24 -85.36 -76.73 -56.70
CA PRO FB 24 -84.01 -76.18 -56.77
C PRO FB 24 -84.04 -74.66 -56.64
N ARG FB 25 -83.23 -74.16 -55.71
CA ARG FB 25 -83.15 -72.73 -55.47
C ARG FB 25 -81.97 -72.08 -56.17
N GLY FB 26 -81.21 -72.83 -56.94
CA GLY FB 26 -79.96 -72.33 -57.48
C GLY FB 26 -78.83 -72.57 -56.51
N VAL FB 27 -77.66 -72.02 -56.86
CA VAL FB 27 -76.45 -72.23 -56.09
C VAL FB 27 -75.79 -70.88 -55.84
N ASN FB 28 -75.50 -70.59 -54.59
CA ASN FB 28 -74.68 -69.43 -54.32
C ASN FB 28 -73.25 -69.70 -54.73
N PRO FB 29 -72.72 -69.03 -55.75
CA PRO FB 29 -71.36 -69.31 -56.20
C PRO FB 29 -70.30 -68.88 -55.22
N THR FB 30 -70.56 -67.85 -54.41
CA THR FB 30 -69.54 -67.37 -53.49
C THR FB 30 -69.06 -68.48 -52.58
N ASN FB 31 -69.90 -68.91 -51.66
CA ASN FB 31 -69.59 -70.05 -50.83
C ASN FB 31 -69.64 -71.36 -51.62
N GLY FB 32 -70.16 -71.34 -52.83
CA GLY FB 32 -70.29 -72.56 -53.60
C GLY FB 32 -71.23 -73.54 -52.95
N VAL FB 33 -72.45 -73.12 -52.64
CA VAL FB 33 -73.40 -73.94 -51.91
C VAL FB 33 -74.73 -73.93 -52.64
N ALA FB 34 -75.27 -75.12 -52.90
CA ALA FB 34 -76.58 -75.26 -53.48
C ALA FB 34 -77.65 -74.98 -52.43
N SER FB 35 -78.87 -74.71 -52.93
CA SER FB 35 -79.99 -74.44 -52.05
C SER FB 35 -81.24 -75.10 -52.62
N LEU FB 36 -82.05 -75.64 -51.72
CA LEU FB 36 -83.31 -76.26 -52.09
C LEU FB 36 -84.39 -75.73 -51.17
N SER FB 37 -85.63 -75.68 -51.65
CA SER FB 37 -86.69 -75.18 -50.80
C SER FB 37 -88.02 -75.80 -51.18
N GLN FB 38 -88.86 -75.95 -50.18
CA GLN FB 38 -90.29 -76.10 -50.39
C GLN FB 38 -90.82 -74.86 -51.09
N ALA FB 39 -91.85 -75.05 -51.91
CA ALA FB 39 -92.53 -73.90 -52.49
C ALA FB 39 -93.71 -73.55 -51.59
N GLY FB 40 -93.53 -72.46 -50.85
CA GLY FB 40 -94.58 -71.92 -50.01
C GLY FB 40 -95.07 -70.60 -50.54
N ALA FB 41 -95.60 -69.80 -49.62
CA ALA FB 41 -95.94 -68.42 -49.95
C ALA FB 41 -94.74 -67.50 -49.71
N VAL FB 42 -94.33 -67.37 -48.46
CA VAL FB 42 -93.26 -66.45 -48.10
C VAL FB 42 -91.95 -67.22 -48.01
N PRO FB 43 -90.95 -66.88 -48.82
CA PRO FB 43 -89.65 -67.56 -48.73
C PRO FB 43 -89.09 -67.62 -47.32
N ALA FB 44 -89.20 -66.53 -46.55
CA ALA FB 44 -88.81 -66.55 -45.16
C ALA FB 44 -89.47 -67.68 -44.40
N LEU FB 45 -90.72 -67.99 -44.71
CA LEU FB 45 -91.41 -69.10 -44.09
C LEU FB 45 -91.03 -70.43 -44.71
N GLU FB 46 -90.63 -70.44 -45.98
CA GLU FB 46 -90.44 -71.68 -46.70
C GLU FB 46 -89.26 -72.46 -46.15
N LYS FB 47 -89.40 -73.77 -46.13
CA LYS FB 47 -88.38 -74.67 -45.61
C LYS FB 47 -87.16 -74.55 -46.52
N ARG FB 48 -85.98 -74.66 -45.95
CA ARG FB 48 -84.76 -74.55 -46.74
C ARG FB 48 -83.89 -75.78 -46.53
N VAL FB 49 -83.19 -76.18 -47.59
CA VAL FB 49 -82.25 -77.28 -47.55
C VAL FB 49 -80.99 -76.85 -48.28
N THR FB 50 -79.85 -77.02 -47.64
CA THR FB 50 -78.58 -76.58 -48.17
C THR FB 50 -77.60 -77.73 -48.19
N VAL FB 51 -76.93 -77.91 -49.32
CA VAL FB 51 -75.88 -78.90 -49.45
C VAL FB 51 -74.66 -78.24 -50.05
N SER FB 52 -73.50 -78.80 -49.73
CA SER FB 52 -72.26 -78.26 -50.25
C SER FB 52 -71.22 -79.35 -50.31
N VAL FB 53 -70.29 -79.21 -51.23
CA VAL FB 53 -69.12 -80.06 -51.28
C VAL FB 53 -67.93 -79.19 -50.96
N SER FB 54 -66.74 -79.76 -50.99
CA SER FB 54 -65.53 -79.01 -50.75
C SER FB 54 -64.37 -79.74 -51.38
N GLN FB 55 -63.25 -79.06 -51.51
CA GLN FB 55 -62.07 -79.71 -52.05
C GLN FB 55 -60.86 -79.32 -51.21
N PRO FB 56 -59.91 -80.23 -51.03
CA PRO FB 56 -58.80 -79.94 -50.13
C PRO FB 56 -57.94 -78.80 -50.67
N SER FB 57 -57.48 -77.96 -49.74
CA SER FB 57 -56.65 -76.82 -50.09
C SER FB 57 -55.38 -76.88 -49.27
N ARG FB 58 -54.55 -75.86 -49.38
CA ARG FB 58 -53.42 -75.70 -48.48
C ARG FB 58 -53.86 -75.57 -47.03
N ASN FB 59 -55.09 -75.14 -46.78
CA ASN FB 59 -55.63 -75.06 -45.43
C ASN FB 59 -56.08 -76.39 -44.88
N ARG FB 60 -56.66 -77.25 -45.70
CA ARG FB 60 -57.15 -78.54 -45.25
C ARG FB 60 -56.99 -79.56 -46.36
N LYS FB 61 -56.58 -80.76 -46.00
CA LYS FB 61 -56.34 -81.84 -46.94
C LYS FB 61 -57.55 -82.74 -47.05
N ASN FB 62 -58.63 -82.39 -46.36
CA ASN FB 62 -59.77 -83.29 -46.25
C ASN FB 62 -60.96 -82.70 -46.98
N TYR FB 63 -61.82 -83.59 -47.46
CA TYR FB 63 -63.08 -83.16 -48.06
C TYR FB 63 -64.11 -82.89 -46.98
N LYS FB 64 -64.88 -81.84 -47.17
CA LYS FB 64 -66.00 -81.51 -46.30
C LYS FB 64 -67.28 -81.55 -47.10
N VAL FB 65 -68.29 -82.22 -46.56
CA VAL FB 65 -69.63 -82.19 -47.12
C VAL FB 65 -70.56 -81.70 -46.04
N GLN FB 66 -71.14 -80.53 -46.26
CA GLN FB 66 -71.96 -79.87 -45.25
C GLN FB 66 -73.40 -79.84 -45.74
N VAL FB 67 -74.31 -80.20 -44.85
CA VAL FB 67 -75.74 -80.18 -45.15
C VAL FB 67 -76.44 -79.54 -43.96
N LYS FB 68 -77.17 -78.47 -44.23
CA LYS FB 68 -77.92 -77.76 -43.20
C LYS FB 68 -79.38 -77.68 -43.60
N ILE FB 69 -80.26 -77.77 -42.61
CA ILE FB 69 -81.69 -77.70 -42.83
C ILE FB 69 -82.27 -76.64 -41.92
N GLN FB 70 -83.13 -75.80 -42.48
CA GLN FB 70 -83.71 -74.68 -41.76
C GLN FB 70 -85.22 -74.75 -41.91
N ASN FB 71 -85.93 -74.95 -40.80
CA ASN FB 71 -87.37 -75.12 -40.80
C ASN FB 71 -87.97 -74.17 -39.77
N PRO FB 72 -88.37 -72.99 -40.18
CA PRO FB 72 -88.94 -72.04 -39.23
C PRO FB 72 -90.31 -72.49 -38.74
N THR FB 73 -90.84 -71.71 -37.81
CA THR FB 73 -92.17 -71.94 -37.26
C THR FB 73 -93.01 -70.70 -37.52
N ALA FB 74 -94.01 -70.85 -38.37
CA ALA FB 74 -94.88 -69.73 -38.72
C ALA FB 74 -95.83 -69.45 -37.57
N CYS FB 75 -95.99 -68.17 -37.25
CA CYS FB 75 -97.07 -67.72 -36.38
C CYS FB 75 -98.11 -67.12 -37.31
N THR FB 76 -99.22 -67.84 -37.49
CA THR FB 76 -100.23 -67.41 -38.44
C THR FB 76 -100.89 -66.12 -37.99
N ALA FB 77 -101.46 -66.12 -36.79
CA ALA FB 77 -102.07 -64.92 -36.24
C ALA FB 77 -101.11 -64.37 -35.19
N ASN FB 78 -100.46 -63.26 -35.54
CA ASN FB 78 -99.66 -62.51 -34.60
C ASN FB 78 -100.45 -61.34 -34.00
N GLY FB 79 -101.74 -61.24 -34.32
CA GLY FB 79 -102.45 -60.00 -34.11
C GLY FB 79 -102.20 -59.02 -35.21
N SER FB 80 -101.47 -59.42 -36.25
CA SER FB 80 -101.14 -58.56 -37.37
C SER FB 80 -101.53 -59.30 -38.65
N CYS FB 81 -101.57 -58.56 -39.76
CA CYS FB 81 -102.05 -59.11 -41.02
C CYS FB 81 -101.10 -60.10 -41.65
N ASP FB 82 -99.84 -60.16 -41.19
CA ASP FB 82 -98.89 -61.04 -41.82
C ASP FB 82 -98.30 -62.02 -40.82
N PRO FB 83 -98.05 -63.25 -41.24
CA PRO FB 83 -97.42 -64.21 -40.33
C PRO FB 83 -95.98 -63.81 -40.06
N SER FB 84 -95.42 -64.38 -39.01
CA SER FB 84 -94.08 -64.03 -38.58
C SER FB 84 -93.33 -65.26 -38.11
N VAL FB 85 -92.02 -65.23 -38.32
CA VAL FB 85 -91.14 -66.31 -37.87
C VAL FB 85 -91.15 -66.32 -36.35
N THR FB 86 -91.32 -67.50 -35.77
CA THR FB 86 -91.29 -67.62 -34.32
C THR FB 86 -90.06 -68.38 -33.87
N ARG FB 87 -90.03 -69.68 -34.09
CA ARG FB 87 -88.90 -70.52 -33.76
C ARG FB 87 -88.24 -70.99 -35.04
N GLN FB 88 -86.92 -71.15 -34.99
CA GLN FB 88 -86.18 -71.55 -36.17
C GLN FB 88 -85.47 -72.86 -35.84
N ALA FB 89 -85.90 -73.94 -36.48
CA ALA FB 89 -85.29 -75.25 -36.25
C ALA FB 89 -84.02 -75.35 -37.08
N TYR FB 90 -82.92 -75.68 -36.44
CA TYR FB 90 -81.66 -75.86 -37.14
C TYR FB 90 -81.22 -77.31 -37.14
N ALA FB 91 -81.09 -77.86 -38.34
CA ALA FB 91 -80.60 -79.22 -38.50
C ALA FB 91 -79.33 -79.14 -39.34
N ASP FB 92 -78.21 -79.55 -38.76
CA ASP FB 92 -76.91 -79.44 -39.41
C ASP FB 92 -76.24 -80.80 -39.45
N VAL FB 93 -75.66 -81.12 -40.60
CA VAL FB 93 -74.95 -82.38 -40.82
C VAL FB 93 -73.69 -82.07 -41.61
N THR FB 94 -72.58 -82.65 -41.19
CA THR FB 94 -71.31 -82.47 -41.87
C THR FB 94 -70.67 -83.83 -42.14
N PHE FB 95 -69.67 -83.81 -43.01
CA PHE FB 95 -68.92 -85.01 -43.33
C PHE FB 95 -67.47 -84.65 -43.57
N SER FB 96 -66.59 -85.53 -43.12
CA SER FB 96 -65.17 -85.37 -43.37
C SER FB 96 -64.66 -86.63 -44.03
N PHE FB 97 -63.71 -86.47 -44.95
CA PHE FB 97 -63.13 -87.61 -45.63
C PHE FB 97 -61.70 -87.28 -46.00
N THR FB 98 -60.93 -88.33 -46.24
CA THR FB 98 -59.53 -88.21 -46.61
C THR FB 98 -59.39 -88.45 -48.10
N GLN FB 99 -58.43 -87.78 -48.70
CA GLN FB 99 -58.20 -87.90 -50.13
C GLN FB 99 -58.15 -89.35 -50.58
N TYR FB 100 -57.74 -90.27 -49.70
CA TYR FB 100 -57.72 -91.67 -50.06
C TYR FB 100 -59.01 -92.39 -49.68
N SER FB 101 -60.01 -91.67 -49.19
CA SER FB 101 -61.27 -92.31 -48.80
C SER FB 101 -61.84 -93.07 -49.99
N THR FB 102 -62.33 -94.28 -49.74
CA THR FB 102 -62.86 -95.06 -50.85
C THR FB 102 -64.36 -94.83 -50.98
N ASP FB 103 -64.94 -95.47 -51.97
CA ASP FB 103 -66.36 -95.29 -52.23
C ASP FB 103 -67.21 -95.96 -51.16
N GLU FB 104 -67.03 -97.27 -50.97
CA GLU FB 104 -67.92 -98.00 -50.10
C GLU FB 104 -67.87 -97.47 -48.68
N GLU FB 105 -66.68 -97.12 -48.20
CA GLU FB 105 -66.58 -96.47 -46.91
C GLU FB 105 -67.57 -95.33 -46.80
N ARG FB 106 -67.52 -94.41 -47.76
CA ARG FB 106 -68.48 -93.32 -47.77
C ARG FB 106 -69.89 -93.85 -47.83
N ALA FB 107 -70.19 -94.69 -48.83
CA ALA FB 107 -71.49 -95.31 -48.91
C ALA FB 107 -71.88 -95.95 -47.59
N PHE FB 108 -70.96 -96.67 -46.98
CA PHE FB 108 -71.23 -97.25 -45.66
C PHE FB 108 -71.67 -96.19 -44.68
N VAL FB 109 -71.03 -95.02 -44.70
CA VAL FB 109 -71.42 -93.96 -43.78
C VAL FB 109 -72.83 -93.50 -44.09
N ARG FB 110 -73.16 -93.33 -45.37
CA ARG FB 110 -74.44 -92.73 -45.71
C ARG FB 110 -75.60 -93.53 -45.13
N THR FB 111 -75.67 -94.81 -45.45
CA THR FB 111 -76.79 -95.61 -44.98
C THR FB 111 -76.89 -95.61 -43.46
N GLU FB 112 -75.82 -96.02 -42.78
CA GLU FB 112 -75.88 -96.19 -41.33
C GLU FB 112 -76.41 -94.96 -40.63
N LEU FB 113 -76.02 -93.77 -41.06
CA LEU FB 113 -76.57 -92.58 -40.45
C LEU FB 113 -78.08 -92.56 -40.58
N ALA FB 114 -78.59 -92.88 -41.77
CA ALA FB 114 -80.03 -92.97 -41.94
C ALA FB 114 -80.64 -93.99 -40.99
N ALA FB 115 -80.08 -95.21 -40.98
CA ALA FB 115 -80.62 -96.24 -40.10
C ALA FB 115 -80.72 -95.74 -38.66
N LEU FB 116 -79.68 -95.08 -38.17
CA LEU FB 116 -79.76 -94.48 -36.85
C LEU FB 116 -80.96 -93.56 -36.74
N LEU FB 117 -81.17 -92.70 -37.73
CA LEU FB 117 -82.30 -91.80 -37.67
C LEU FB 117 -83.62 -92.55 -37.58
N ALA FB 118 -83.68 -93.76 -38.12
CA ALA FB 118 -84.84 -94.60 -37.93
C ALA FB 118 -84.74 -95.48 -36.70
N SER FB 119 -83.59 -95.52 -36.05
CA SER FB 119 -83.43 -96.36 -34.89
C SER FB 119 -84.31 -95.86 -33.75
N PRO FB 120 -84.85 -96.77 -32.94
CA PRO FB 120 -85.63 -96.34 -31.77
C PRO FB 120 -84.80 -95.56 -30.77
N LEU FB 121 -83.48 -95.63 -30.84
CA LEU FB 121 -82.67 -94.85 -29.92
C LEU FB 121 -82.88 -93.36 -30.13
N LEU FB 122 -82.58 -92.88 -31.33
CA LEU FB 122 -82.56 -91.44 -31.55
C LEU FB 122 -83.92 -90.79 -31.40
N ILE FB 123 -85.00 -91.53 -31.70
CA ILE FB 123 -86.31 -90.90 -31.69
C ILE FB 123 -86.62 -90.30 -30.33
N ASP FB 124 -86.39 -91.03 -29.25
CA ASP FB 124 -86.52 -90.44 -27.92
C ASP FB 124 -85.52 -89.34 -27.70
N ALA FB 125 -84.28 -89.55 -28.12
CA ALA FB 125 -83.28 -88.49 -28.10
C ALA FB 125 -83.73 -87.25 -28.86
N ILE FB 126 -84.22 -87.41 -30.07
CA ILE FB 126 -84.70 -86.30 -30.88
C ILE FB 126 -86.07 -85.83 -30.41
N ASP FB 127 -87.08 -86.67 -30.57
CA ASP FB 127 -88.45 -86.22 -30.34
C ASP FB 127 -88.67 -85.81 -28.90
N GLN FB 128 -88.37 -86.68 -27.96
CA GLN FB 128 -88.63 -86.43 -26.56
C GLN FB 128 -87.45 -85.83 -25.82
N LEU FB 129 -86.35 -85.53 -26.51
CA LEU FB 129 -85.18 -84.91 -25.91
C LEU FB 129 -84.70 -85.72 -24.71
N ASN FB 130 -84.27 -86.94 -24.98
CA ASN FB 130 -83.89 -87.76 -23.86
C ASN FB 130 -82.49 -88.29 -24.05
N PRO FB 131 -81.72 -88.34 -23.01
CA PRO FB 131 -80.42 -89.01 -23.07
C PRO FB 131 -80.58 -90.52 -23.17
N ALA FB 132 -79.48 -91.24 -22.99
CA ALA FB 132 -79.35 -92.62 -23.44
C ALA FB 132 -79.98 -93.62 -22.47
N TYR FB 133 -80.64 -93.14 -21.43
CA TYR FB 133 -81.19 -94.05 -20.44
C TYR FB 133 -82.68 -94.27 -20.68
N ALA GB 2 -102.51 -23.27 -81.15
CA ALA GB 2 -103.57 -24.25 -80.99
C ALA GB 2 -102.99 -25.65 -80.81
N LYS GB 3 -103.86 -26.65 -80.87
CA LYS GB 3 -103.48 -28.03 -80.65
C LYS GB 3 -102.54 -28.50 -81.72
N LEU GB 4 -101.56 -29.29 -81.31
CA LEU GB 4 -100.73 -30.04 -82.24
C LEU GB 4 -101.64 -30.89 -83.10
N GLU GB 5 -101.47 -30.81 -84.41
CA GLU GB 5 -102.28 -31.58 -85.33
C GLU GB 5 -101.43 -32.06 -86.49
N THR GB 6 -102.05 -32.84 -87.35
CA THR GB 6 -101.42 -33.19 -88.62
C THR GB 6 -101.32 -31.90 -89.39
N VAL GB 7 -100.12 -31.57 -89.84
CA VAL GB 7 -99.94 -30.34 -90.59
C VAL GB 7 -99.58 -30.71 -92.03
N THR GB 8 -100.51 -30.47 -92.94
CA THR GB 8 -100.29 -30.70 -94.35
C THR GB 8 -99.65 -29.46 -94.94
N LEU GB 9 -98.73 -29.65 -95.86
CA LEU GB 9 -98.06 -28.55 -96.54
C LEU GB 9 -98.05 -28.80 -98.03
N GLY GB 10 -98.60 -27.86 -98.79
CA GLY GB 10 -98.54 -27.89 -100.23
C GLY GB 10 -97.50 -26.91 -100.72
N ASN GB 11 -97.23 -26.98 -102.02
CA ASN GB 11 -96.35 -26.03 -102.69
C ASN GB 11 -94.97 -26.03 -102.04
N ILE GB 12 -94.25 -27.12 -102.23
CA ILE GB 12 -92.98 -27.35 -101.56
C ILE GB 12 -91.94 -27.66 -102.62
N GLY GB 13 -90.69 -27.31 -102.33
CA GLY GB 13 -89.58 -27.59 -103.23
C GLY GB 13 -89.61 -26.68 -104.43
N LYS GB 14 -88.51 -26.75 -105.17
CA LYS GB 14 -88.37 -25.94 -106.38
C LYS GB 14 -89.55 -26.14 -107.31
N ASP GB 15 -90.07 -27.36 -107.37
CA ASP GB 15 -91.28 -27.62 -108.16
C ASP GB 15 -92.47 -26.87 -107.57
N GLY GB 16 -92.70 -27.00 -106.27
CA GLY GB 16 -93.94 -26.52 -105.72
C GLY GB 16 -95.07 -27.51 -105.85
N LYS GB 17 -94.81 -28.66 -106.46
CA LYS GB 17 -95.79 -29.73 -106.45
C LYS GB 17 -95.56 -30.67 -105.28
N GLN GB 18 -94.45 -30.49 -104.57
CA GLN GB 18 -94.14 -31.31 -103.40
C GLN GB 18 -95.12 -30.99 -102.28
N THR GB 19 -95.52 -32.03 -101.56
CA THR GB 19 -96.39 -31.90 -100.41
C THR GB 19 -95.80 -32.66 -99.23
N LEU GB 20 -96.14 -32.22 -98.03
CA LEU GB 20 -95.61 -32.86 -96.84
C LEU GB 20 -96.64 -32.79 -95.73
N VAL GB 21 -96.73 -33.85 -94.95
CA VAL GB 21 -97.55 -33.88 -93.76
C VAL GB 21 -96.66 -34.08 -92.56
N LEU GB 22 -97.10 -33.57 -91.41
CA LEU GB 22 -96.31 -33.63 -90.18
C LEU GB 22 -97.21 -34.12 -89.06
N ASN GB 23 -96.85 -35.20 -88.46
CA ASN GB 23 -97.67 -35.60 -87.34
C ASN GB 23 -97.15 -35.00 -86.06
N PRO GB 24 -98.03 -34.70 -85.12
CA PRO GB 24 -97.59 -34.28 -83.80
C PRO GB 24 -96.78 -35.36 -83.12
N ARG GB 25 -95.59 -34.99 -82.67
CA ARG GB 25 -94.70 -35.91 -82.00
C ARG GB 25 -94.77 -35.82 -80.48
N GLY GB 26 -95.65 -34.99 -79.96
CA GLY GB 26 -95.64 -34.70 -78.54
C GLY GB 26 -94.71 -33.57 -78.22
N VAL GB 27 -94.53 -33.32 -76.92
CA VAL GB 27 -93.74 -32.21 -76.45
C VAL GB 27 -92.77 -32.70 -75.38
N ASN GB 28 -91.50 -32.41 -75.57
CA ASN GB 28 -90.57 -32.67 -74.49
C ASN GB 28 -90.78 -31.67 -73.37
N PRO GB 29 -91.24 -32.10 -72.20
CA PRO GB 29 -91.51 -31.15 -71.12
C PRO GB 29 -90.26 -30.55 -70.53
N THR GB 30 -89.14 -31.25 -70.57
CA THR GB 30 -87.91 -30.72 -69.96
C THR GB 30 -87.56 -29.37 -70.54
N ASN GB 31 -87.12 -29.35 -71.80
CA ASN GB 31 -86.89 -28.09 -72.49
C ASN GB 31 -88.19 -27.38 -72.83
N GLY GB 32 -89.33 -28.03 -72.68
CA GLY GB 32 -90.59 -27.43 -73.06
C GLY GB 32 -90.66 -27.13 -74.54
N VAL GB 33 -90.42 -28.14 -75.38
CA VAL GB 33 -90.36 -27.94 -76.81
C VAL GB 33 -91.23 -28.98 -77.50
N ALA GB 34 -92.10 -28.52 -78.37
CA ALA GB 34 -92.92 -29.40 -79.18
C ALA GB 34 -92.10 -30.01 -80.31
N SER GB 35 -92.62 -31.10 -80.86
CA SER GB 35 -91.95 -31.78 -81.96
C SER GB 35 -92.98 -32.23 -82.98
N LEU GB 36 -92.62 -32.12 -84.25
CA LEU GB 36 -93.46 -32.56 -85.35
C LEU GB 36 -92.61 -33.38 -86.30
N SER GB 37 -93.24 -34.34 -86.98
CA SER GB 37 -92.47 -35.15 -87.90
C SER GB 37 -93.34 -35.64 -89.04
N GLN GB 38 -92.70 -35.79 -90.19
CA GLN GB 38 -93.23 -36.64 -91.24
C GLN GB 38 -93.35 -38.07 -90.73
N ALA GB 39 -94.34 -38.79 -91.24
CA ALA GB 39 -94.43 -40.22 -90.93
C ALA GB 39 -93.70 -40.97 -92.03
N GLY GB 40 -92.52 -41.46 -91.68
CA GLY GB 40 -91.74 -42.30 -92.56
C GLY GB 40 -91.66 -43.72 -92.05
N ALA GB 41 -90.60 -44.40 -92.44
CA ALA GB 41 -90.30 -45.70 -91.87
C ALA GB 41 -89.45 -45.55 -90.62
N VAL GB 42 -88.22 -45.07 -90.79
CA VAL GB 42 -87.29 -44.97 -89.68
C VAL GB 42 -87.32 -43.56 -89.13
N PRO GB 43 -87.67 -43.39 -87.85
CA PRO GB 43 -87.67 -42.04 -87.25
C PRO GB 43 -86.37 -41.29 -87.46
N ALA GB 44 -85.23 -41.94 -87.33
CA ALA GB 44 -83.95 -41.32 -87.65
C ALA GB 44 -83.96 -40.73 -89.04
N LEU GB 45 -84.60 -41.37 -90.01
CA LEU GB 45 -84.72 -40.83 -91.34
C LEU GB 45 -85.81 -39.77 -91.45
N GLU GB 46 -86.82 -39.85 -90.60
CA GLU GB 46 -87.99 -39.02 -90.77
C GLU GB 46 -87.66 -37.55 -90.49
N LYS GB 47 -88.29 -36.68 -91.27
CA LYS GB 47 -88.07 -35.24 -91.17
C LYS GB 47 -88.58 -34.79 -89.81
N ARG GB 48 -87.90 -33.82 -89.22
CA ARG GB 48 -88.32 -33.33 -87.91
C ARG GB 48 -88.55 -31.83 -87.95
N VAL GB 49 -89.51 -31.38 -87.16
CA VAL GB 49 -89.82 -29.95 -87.02
C VAL GB 49 -90.01 -29.68 -85.55
N THR GB 50 -89.33 -28.66 -85.05
CA THR GB 50 -89.34 -28.32 -83.64
C THR GB 50 -89.71 -26.86 -83.46
N VAL GB 51 -90.65 -26.60 -82.56
CA VAL GB 51 -91.02 -25.24 -82.21
C VAL GB 51 -91.00 -25.12 -80.70
N SER GB 52 -90.77 -23.90 -80.24
CA SER GB 52 -90.74 -23.64 -78.81
C SER GB 52 -91.09 -22.20 -78.55
N VAL GB 53 -91.66 -21.96 -77.38
CA VAL GB 53 -91.88 -20.61 -76.90
C VAL GB 53 -90.97 -20.41 -75.71
N SER GB 54 -91.05 -19.25 -75.09
CA SER GB 54 -90.25 -18.96 -73.91
C SER GB 54 -90.94 -17.86 -73.13
N GLN GB 55 -90.51 -17.69 -71.89
CA GLN GB 55 -91.05 -16.61 -71.10
C GLN GB 55 -89.93 -15.92 -70.35
N PRO GB 56 -90.01 -14.61 -70.18
CA PRO GB 56 -88.89 -13.88 -69.57
C PRO GB 56 -88.67 -14.30 -68.14
N SER GB 57 -87.39 -14.38 -67.78
CA SER GB 57 -87.00 -14.78 -66.43
C SER GB 57 -86.07 -13.72 -65.87
N ARG GB 58 -85.53 -13.98 -64.68
CA ARG GB 58 -84.48 -13.16 -64.15
C ARG GB 58 -83.24 -13.14 -65.03
N ASN GB 59 -83.06 -14.17 -65.86
CA ASN GB 59 -81.95 -14.22 -66.81
C ASN GB 59 -82.18 -13.39 -68.05
N ARG GB 60 -83.41 -13.34 -68.55
CA ARG GB 60 -83.71 -12.59 -69.76
C ARG GB 60 -85.12 -12.04 -69.66
N LYS GB 61 -85.30 -10.80 -70.11
CA LYS GB 61 -86.57 -10.11 -70.05
C LYS GB 61 -87.33 -10.24 -71.37
N ASN GB 62 -86.77 -11.00 -72.29
CA ASN GB 62 -87.30 -11.04 -73.65
C ASN GB 62 -87.88 -12.40 -73.95
N TYR GB 63 -88.87 -12.43 -74.83
CA TYR GB 63 -89.42 -13.68 -75.29
C TYR GB 63 -88.56 -14.26 -76.41
N LYS GB 64 -88.36 -15.57 -76.38
CA LYS GB 64 -87.67 -16.28 -77.44
C LYS GB 64 -88.63 -17.27 -78.08
N VAL GB 65 -88.66 -17.28 -79.39
CA VAL GB 65 -89.40 -18.29 -80.15
C VAL GB 65 -88.40 -18.95 -81.07
N GLN GB 66 -88.14 -20.23 -80.83
CA GLN GB 66 -87.13 -20.98 -81.55
C GLN GB 66 -87.79 -22.03 -82.41
N VAL GB 67 -87.38 -22.11 -83.67
CA VAL GB 67 -87.88 -23.10 -84.59
C VAL GB 67 -86.70 -23.71 -85.32
N LYS GB 68 -86.56 -25.03 -85.23
CA LYS GB 68 -85.47 -25.74 -85.88
C LYS GB 68 -86.06 -26.83 -86.77
N ILE GB 69 -85.41 -27.07 -87.90
CA ILE GB 69 -85.84 -28.08 -88.85
C ILE GB 69 -84.66 -28.98 -89.15
N GLN GB 70 -84.91 -30.28 -89.14
CA GLN GB 70 -83.87 -31.28 -89.33
C GLN GB 70 -84.32 -32.23 -90.44
N ASN GB 71 -83.60 -32.23 -91.55
CA ASN GB 71 -83.94 -33.03 -92.72
C ASN GB 71 -82.72 -33.83 -93.14
N PRO GB 72 -82.59 -35.06 -92.69
CA PRO GB 72 -81.42 -35.86 -93.05
C PRO GB 72 -81.47 -36.26 -94.51
N THR GB 73 -80.41 -36.93 -94.94
CA THR GB 73 -80.30 -37.47 -96.28
C THR GB 73 -80.09 -38.96 -96.19
N ALA GB 74 -81.08 -39.72 -96.64
CA ALA GB 74 -81.03 -41.16 -96.59
C ALA GB 74 -80.09 -41.68 -97.66
N CYS GB 75 -79.23 -42.62 -97.29
CA CYS GB 75 -78.47 -43.41 -98.26
C CYS GB 75 -79.19 -44.75 -98.34
N THR GB 76 -79.89 -44.97 -99.45
CA THR GB 76 -80.70 -46.17 -99.58
C THR GB 76 -79.83 -47.41 -99.64
N ALA GB 77 -78.90 -47.46 -100.59
CA ALA GB 77 -77.97 -48.58 -100.69
C ALA GB 77 -76.63 -48.11 -100.14
N ASN GB 78 -76.29 -48.60 -98.96
CA ASN GB 78 -74.97 -48.40 -98.38
C ASN GB 78 -74.07 -49.59 -98.65
N GLY GB 79 -74.53 -50.56 -99.43
CA GLY GB 79 -73.90 -51.86 -99.45
C GLY GB 79 -74.35 -52.72 -98.30
N SER GB 80 -75.29 -52.22 -97.50
CA SER GB 80 -75.81 -52.92 -96.33
C SER GB 80 -77.33 -52.97 -96.44
N CYS GB 81 -77.94 -53.83 -95.63
CA CYS GB 81 -79.37 -54.06 -95.71
C CYS GB 81 -80.21 -52.89 -95.21
N ASP GB 82 -79.60 -51.94 -94.50
CA ASP GB 82 -80.39 -50.85 -93.94
C ASP GB 82 -79.87 -49.51 -94.42
N PRO GB 83 -80.76 -48.56 -94.68
CA PRO GB 83 -80.31 -47.22 -95.06
C PRO GB 83 -79.62 -46.53 -93.90
N SER GB 84 -78.86 -45.49 -94.22
CA SER GB 84 -78.08 -44.79 -93.22
C SER GB 84 -78.11 -43.30 -93.47
N VAL GB 85 -78.03 -42.54 -92.37
CA VAL GB 85 -77.99 -41.09 -92.45
C VAL GB 85 -76.69 -40.69 -93.12
N THR GB 86 -76.77 -39.78 -94.09
CA THR GB 86 -75.57 -39.30 -94.74
C THR GB 86 -75.30 -37.85 -94.39
N ARG GB 87 -76.10 -36.94 -94.93
CA ARG GB 87 -75.99 -35.53 -94.64
C ARG GB 87 -77.20 -35.10 -93.81
N GLN GB 88 -76.97 -34.14 -92.92
CA GLN GB 88 -78.05 -33.68 -92.06
C GLN GB 88 -78.25 -32.19 -92.31
N ALA GB 89 -79.37 -31.83 -92.90
CA ALA GB 89 -79.68 -30.44 -93.19
C ALA GB 89 -80.22 -29.78 -91.93
N TYR GB 90 -79.61 -28.66 -91.54
CA TYR GB 90 -80.06 -27.93 -90.37
C TYR GB 90 -80.65 -26.59 -90.76
N ALA GB 91 -81.92 -26.41 -90.43
CA ALA GB 91 -82.61 -25.15 -90.66
C ALA GB 91 -83.06 -24.63 -89.31
N ASP GB 92 -82.54 -23.47 -88.91
CA ASP GB 92 -82.80 -22.90 -87.60
C ASP GB 92 -83.34 -21.48 -87.75
N VAL GB 93 -84.39 -21.19 -86.99
CA VAL GB 93 -85.02 -19.88 -86.97
C VAL GB 93 -85.32 -19.52 -85.53
N THR GB 94 -85.03 -18.28 -85.16
CA THR GB 94 -85.29 -17.78 -83.83
C THR GB 94 -86.05 -16.46 -83.90
N PHE GB 95 -86.60 -16.07 -82.76
CA PHE GB 95 -87.30 -14.80 -82.65
C PHE GB 95 -87.06 -14.22 -81.28
N SER GB 96 -86.92 -12.90 -81.25
CA SER GB 96 -86.79 -12.18 -80.00
C SER GB 96 -87.86 -11.10 -79.95
N PHE GB 97 -88.41 -10.87 -78.77
CA PHE GB 97 -89.42 -9.84 -78.60
C PHE GB 97 -89.31 -9.27 -77.20
N THR GB 98 -89.87 -8.09 -77.04
CA THR GB 98 -89.88 -7.39 -75.77
C THR GB 98 -91.24 -7.51 -75.14
N GLN GB 99 -91.26 -7.54 -73.82
CA GLN GB 99 -92.52 -7.68 -73.09
C GLN GB 99 -93.57 -6.71 -73.58
N TYR GB 100 -93.17 -5.56 -74.09
CA TYR GB 100 -94.13 -4.60 -74.63
C TYR GB 100 -94.39 -4.80 -76.12
N SER GB 101 -93.81 -5.82 -76.73
CA SER GB 101 -94.01 -6.06 -78.15
C SER GB 101 -95.49 -6.17 -78.45
N THR GB 102 -95.94 -5.53 -79.52
CA THR GB 102 -97.35 -5.58 -79.83
C THR GB 102 -97.65 -6.73 -80.79
N ASP GB 103 -98.92 -6.89 -81.12
CA ASP GB 103 -99.32 -7.98 -81.98
C ASP GB 103 -98.86 -7.75 -83.41
N GLU GB 104 -99.28 -6.64 -84.01
CA GLU GB 104 -99.04 -6.44 -85.43
C GLU GB 104 -97.56 -6.42 -85.75
N GLU GB 105 -96.76 -5.81 -84.88
CA GLU GB 105 -95.31 -5.88 -85.04
C GLU GB 105 -94.87 -7.31 -85.26
N ARG GB 106 -95.26 -8.20 -84.35
CA ARG GB 106 -94.94 -9.61 -84.53
C ARG GB 106 -95.51 -10.12 -85.83
N ALA GB 107 -96.82 -9.96 -86.03
CA ALA GB 107 -97.43 -10.35 -87.29
C ALA GB 107 -96.67 -9.80 -88.47
N PHE GB 108 -96.29 -8.52 -88.41
CA PHE GB 108 -95.49 -7.93 -89.46
C PHE GB 108 -94.22 -8.73 -89.69
N VAL GB 109 -93.57 -9.17 -88.62
CA VAL GB 109 -92.36 -9.96 -88.79
C VAL GB 109 -92.66 -11.27 -89.49
N ARG GB 110 -93.74 -11.93 -89.10
CA ARG GB 110 -94.01 -13.26 -89.61
C ARG GB 110 -94.09 -13.27 -91.13
N THR GB 111 -94.99 -12.45 -91.69
CA THR GB 111 -95.16 -12.46 -93.13
C THR GB 111 -93.87 -12.12 -93.86
N GLU GB 112 -93.27 -10.97 -93.55
CA GLU GB 112 -92.12 -10.50 -94.31
C GLU GB 112 -91.03 -11.56 -94.41
N LEU GB 113 -90.78 -12.29 -93.32
CA LEU GB 113 -89.80 -13.36 -93.41
C LEU GB 113 -90.18 -14.36 -94.49
N ALA GB 114 -91.45 -14.76 -94.51
CA ALA GB 114 -91.91 -15.64 -95.57
C ALA GB 114 -91.69 -15.04 -96.94
N ALA GB 115 -92.14 -13.80 -97.14
CA ALA GB 115 -91.95 -13.15 -98.43
C ALA GB 115 -90.51 -13.20 -98.88
N LEU GB 116 -89.58 -12.91 -97.99
CA LEU GB 116 -88.17 -13.05 -98.33
C LEU GB 116 -87.87 -14.45 -98.83
N LEU GB 117 -88.37 -15.46 -98.12
CA LEU GB 117 -88.10 -16.82 -98.55
C LEU GB 117 -88.63 -17.09 -99.95
N ALA GB 118 -89.67 -16.38 -100.36
CA ALA GB 118 -90.12 -16.46 -101.74
C ALA GB 118 -89.45 -15.43 -102.63
N SER GB 119 -88.69 -14.50 -102.06
CA SER GB 119 -88.05 -13.48 -102.86
C SER GB 119 -87.00 -14.11 -103.76
N PRO GB 120 -86.82 -13.57 -104.98
CA PRO GB 120 -85.76 -14.07 -105.86
C PRO GB 120 -84.38 -13.87 -105.29
N LEU GB 121 -84.23 -13.00 -104.30
CA LEU GB 121 -82.93 -12.82 -103.69
C LEU GB 121 -82.44 -14.09 -103.03
N LEU GB 122 -83.19 -14.57 -102.04
CA LEU GB 122 -82.70 -15.67 -101.22
C LEU GB 122 -82.52 -16.96 -101.99
N ILE GB 123 -83.33 -17.19 -103.02
CA ILE GB 123 -83.27 -18.46 -103.70
C ILE GB 123 -81.87 -18.75 -104.22
N ASP GB 124 -81.24 -17.78 -104.89
CA ASP GB 124 -79.84 -17.95 -105.26
C ASP GB 124 -78.95 -18.07 -104.05
N ALA GB 125 -79.18 -17.25 -103.04
CA ALA GB 125 -78.48 -17.38 -101.79
C ALA GB 125 -78.63 -18.77 -101.18
N ILE GB 126 -79.85 -19.27 -101.10
CA ILE GB 126 -80.11 -20.60 -100.57
C ILE GB 126 -79.74 -21.68 -101.56
N ASP GB 127 -80.46 -21.76 -102.67
CA ASP GB 127 -80.30 -22.88 -103.57
C ASP GB 127 -78.91 -22.95 -104.16
N GLN GB 128 -78.46 -21.88 -104.78
CA GLN GB 128 -77.18 -21.87 -105.44
C GLN GB 128 -76.04 -21.36 -104.58
N LEU GB 129 -76.29 -21.06 -103.31
CA LEU GB 129 -75.26 -20.63 -102.38
C LEU GB 129 -74.52 -19.42 -102.95
N ASN GB 130 -75.24 -18.33 -103.10
CA ASN GB 130 -74.59 -17.20 -103.71
C ASN GB 130 -74.74 -15.97 -102.85
N PRO GB 131 -73.72 -15.17 -102.74
CA PRO GB 131 -73.84 -13.88 -102.06
C PRO GB 131 -74.67 -12.92 -102.89
N ALA GB 132 -74.64 -11.66 -102.51
CA ALA GB 132 -75.64 -10.68 -102.90
C ALA GB 132 -75.40 -10.09 -104.28
N TYR GB 133 -74.41 -10.58 -105.00
CA TYR GB 133 -74.09 -10.02 -106.29
C TYR GB 133 -74.67 -10.85 -107.41
N ALA HB 2 -100.37 -42.01 -77.34
CA ALA HB 2 -101.57 -41.19 -77.36
C ALA HB 2 -101.78 -40.53 -76.01
N LYS HB 3 -102.95 -39.93 -75.83
CA LYS HB 3 -103.28 -39.20 -74.63
C LYS HB 3 -103.33 -40.12 -73.43
N LEU HB 4 -102.84 -39.63 -72.31
CA LEU HB 4 -103.06 -40.28 -71.03
C LEU HB 4 -104.56 -40.44 -70.83
N GLU HB 5 -104.99 -41.63 -70.48
CA GLU HB 5 -106.40 -41.90 -70.27
C GLU HB 5 -106.56 -42.86 -69.11
N THR HB 6 -107.81 -43.11 -68.77
CA THR HB 6 -108.12 -44.20 -67.84
C THR HB 6 -107.74 -45.47 -68.55
N VAL HB 7 -106.91 -46.28 -67.91
CA VAL HB 7 -106.49 -47.53 -68.52
C VAL HB 7 -107.09 -48.68 -67.72
N THR HB 8 -108.06 -49.35 -68.31
CA THR HB 8 -108.66 -50.52 -67.70
C THR HB 8 -107.84 -51.74 -68.07
N LEU HB 9 -107.69 -52.65 -67.13
CA LEU HB 9 -106.96 -53.89 -67.36
C LEU HB 9 -107.78 -55.06 -66.85
N GLY HB 10 -108.04 -56.02 -67.73
CA GLY HB 10 -108.67 -57.25 -67.36
C GLY HB 10 -107.64 -58.37 -67.30
N ASN HB 11 -108.09 -59.51 -66.79
CA ASN HB 11 -107.27 -60.73 -66.76
C ASN HB 11 -105.98 -60.47 -66.01
N ILE HB 12 -106.10 -60.30 -64.70
CA ILE HB 12 -104.99 -59.91 -63.86
C ILE HB 12 -104.88 -60.92 -62.73
N GLY HB 13 -103.67 -61.11 -62.22
CA GLY HB 13 -103.43 -62.00 -61.11
C GLY HB 13 -103.53 -63.46 -61.53
N LYS HB 14 -103.11 -64.32 -60.60
CA LYS HB 14 -103.16 -65.75 -60.85
C LYS HB 14 -104.54 -66.19 -61.29
N ASP HB 15 -105.57 -65.57 -60.72
CA ASP HB 15 -106.94 -65.86 -61.15
C ASP HB 15 -107.16 -65.44 -62.59
N GLY HB 16 -106.78 -64.20 -62.92
CA GLY HB 16 -107.18 -63.65 -64.21
C GLY HB 16 -108.57 -63.07 -64.19
N LYS HB 17 -109.24 -63.12 -63.05
CA LYS HB 17 -110.51 -62.41 -62.91
C LYS HB 17 -110.27 -61.02 -62.33
N GLN HB 18 -109.06 -60.74 -61.89
CA GLN HB 18 -108.72 -59.44 -61.34
C GLN HB 18 -108.74 -58.40 -62.44
N THR HB 19 -109.23 -57.21 -62.09
CA THR HB 19 -109.26 -56.08 -63.00
C THR HB 19 -108.69 -54.86 -62.31
N LEU HB 20 -108.16 -53.94 -63.10
CA LEU HB 20 -107.53 -52.75 -62.56
C LEU HB 20 -107.73 -51.58 -63.51
N VAL HB 21 -107.99 -50.41 -62.96
CA VAL HB 21 -108.06 -49.19 -63.73
C VAL HB 21 -106.95 -48.26 -63.25
N LEU HB 22 -106.48 -47.41 -64.15
CA LEU HB 22 -105.38 -46.50 -63.86
C LEU HB 22 -105.75 -45.10 -64.33
N ASN HB 23 -105.78 -44.19 -63.43
CA ASN HB 23 -106.06 -42.86 -63.91
C ASN HB 23 -104.78 -42.14 -64.28
N PRO HB 24 -104.84 -41.26 -65.27
CA PRO HB 24 -103.69 -40.43 -65.57
C PRO HB 24 -103.35 -39.54 -64.39
N ARG HB 25 -102.08 -39.58 -63.99
CA ARG HB 25 -101.60 -38.79 -62.87
C ARG HB 25 -100.91 -37.51 -63.30
N GLY HB 26 -100.87 -37.23 -64.60
CA GLY HB 26 -100.07 -36.13 -65.10
C GLY HB 26 -98.65 -36.58 -65.38
N VAL HB 27 -97.81 -35.62 -65.72
CA VAL HB 27 -96.43 -35.90 -66.12
C VAL HB 27 -95.51 -34.98 -65.35
N ASN HB 28 -94.52 -35.56 -64.69
CA ASN HB 28 -93.48 -34.73 -64.12
C ASN HB 28 -92.61 -34.17 -65.23
N PRO HB 29 -92.63 -32.86 -65.46
CA PRO HB 29 -91.83 -32.29 -66.55
C PRO HB 29 -90.34 -32.36 -66.31
N THR HB 30 -89.91 -32.32 -65.05
CA THR HB 30 -88.48 -32.31 -64.77
C THR HB 30 -87.80 -33.51 -65.40
N ASN HB 31 -88.04 -34.70 -64.87
CA ASN HB 31 -87.55 -35.92 -65.48
C ASN HB 31 -88.28 -36.24 -66.77
N GLY HB 32 -89.37 -35.56 -67.08
CA GLY HB 32 -90.15 -35.87 -68.26
C GLY HB 32 -90.73 -37.26 -68.20
N VAL HB 33 -91.46 -37.58 -67.15
CA VAL HB 33 -91.97 -38.92 -66.93
C VAL HB 33 -93.46 -38.83 -66.61
N ALA HB 34 -94.25 -39.60 -67.33
CA ALA HB 34 -95.68 -39.72 -67.05
C ALA HB 34 -95.91 -40.60 -65.83
N SER HB 35 -97.11 -40.46 -65.26
CA SER HB 35 -97.47 -41.25 -64.10
C SER HB 35 -98.92 -41.70 -64.22
N LEU HB 36 -99.19 -42.92 -63.79
CA LEU HB 36 -100.53 -43.47 -63.80
C LEU HB 36 -100.78 -44.11 -62.44
N SER HB 37 -102.04 -44.12 -62.01
CA SER HB 37 -102.32 -44.73 -60.73
C SER HB 37 -103.73 -45.29 -60.70
N GLN HB 38 -103.88 -46.35 -59.92
CA GLN HB 38 -105.18 -46.75 -59.43
C GLN HB 38 -105.76 -45.63 -58.59
N ALA HB 39 -107.09 -45.52 -58.59
CA ALA HB 39 -107.74 -44.59 -57.68
C ALA HB 39 -108.11 -45.36 -56.42
N GLY HB 40 -107.35 -45.10 -55.37
CA GLY HB 40 -107.62 -45.65 -54.06
C GLY HB 40 -108.06 -44.58 -53.09
N ALA HB 41 -107.82 -44.87 -51.81
CA ALA HB 41 -108.01 -43.84 -50.79
C ALA HB 41 -106.74 -43.03 -50.61
N VAL HB 42 -105.69 -43.67 -50.12
CA VAL HB 42 -104.44 -42.98 -49.82
C VAL HB 42 -103.49 -43.13 -50.99
N PRO HB 43 -103.07 -42.03 -51.61
CA PRO HB 43 -102.09 -42.13 -52.71
C PRO HB 43 -100.87 -42.94 -52.37
N ALA HB 44 -100.31 -42.80 -51.17
CA ALA HB 44 -99.23 -43.64 -50.73
C ALA HB 44 -99.56 -45.12 -50.87
N LEU HB 45 -100.80 -45.50 -50.62
CA LEU HB 45 -101.23 -46.88 -50.80
C LEU HB 45 -101.52 -47.20 -52.26
N GLU HB 46 -101.90 -46.20 -53.05
CA GLU HB 46 -102.40 -46.45 -54.39
C GLU HB 46 -101.29 -46.96 -55.30
N LYS HB 47 -101.65 -47.88 -56.18
CA LYS HB 47 -100.70 -48.49 -57.10
C LYS HB 47 -100.21 -47.41 -58.04
N ARG HB 48 -98.95 -47.50 -58.44
CA ARG HB 48 -98.39 -46.50 -59.33
C ARG HB 48 -97.80 -47.16 -60.57
N VAL HB 49 -97.90 -46.46 -61.70
CA VAL HB 49 -97.33 -46.92 -62.96
C VAL HB 49 -96.65 -45.74 -63.61
N THR HB 50 -95.39 -45.92 -64.00
CA THR HB 50 -94.58 -44.85 -64.56
C THR HB 50 -94.03 -45.28 -65.90
N VAL HB 51 -94.15 -44.41 -66.89
CA VAL HB 51 -93.55 -44.64 -68.20
C VAL HB 51 -92.78 -43.41 -68.60
N SER HB 52 -91.78 -43.62 -69.43
CA SER HB 52 -90.97 -42.51 -69.90
C SER HB 52 -90.36 -42.86 -71.24
N VAL HB 53 -90.11 -41.82 -72.03
CA VAL HB 53 -89.35 -41.98 -73.26
C VAL HB 53 -88.04 -41.25 -73.05
N SER HB 54 -87.20 -41.22 -74.08
CA SER HB 54 -85.95 -40.52 -74.02
C SER HB 54 -85.51 -40.19 -75.43
N GLN HB 55 -84.55 -39.30 -75.55
CA GLN HB 55 -84.02 -38.99 -76.85
C GLN HB 55 -82.50 -38.91 -76.78
N PRO HB 56 -81.81 -39.34 -77.82
CA PRO HB 56 -80.36 -39.40 -77.76
C PRO HB 56 -79.74 -38.02 -77.60
N SER HB 57 -78.69 -37.96 -76.79
CA SER HB 57 -78.00 -36.71 -76.52
C SER HB 57 -76.52 -36.92 -76.81
N ARG HB 58 -75.72 -35.90 -76.52
CA ARG HB 58 -74.28 -36.06 -76.54
C ARG HB 58 -73.79 -37.10 -75.56
N ASN HB 59 -74.57 -37.40 -74.52
CA ASN HB 59 -74.23 -38.43 -73.57
C ASN HB 59 -74.54 -39.83 -74.06
N ARG HB 60 -75.64 -40.01 -74.78
CA ARG HB 60 -76.02 -41.32 -75.27
C ARG HB 60 -76.72 -41.16 -76.61
N LYS HB 61 -76.41 -42.08 -77.52
CA LYS HB 61 -76.96 -42.06 -78.87
C LYS HB 61 -78.17 -42.96 -79.00
N ASN HB 62 -78.59 -43.54 -77.88
CA ASN HB 62 -79.62 -44.57 -77.91
C ASN HB 62 -80.88 -44.06 -77.24
N TYR HB 63 -82.01 -44.59 -77.68
CA TYR HB 63 -83.27 -44.29 -77.03
C TYR HB 63 -83.45 -45.19 -75.81
N LYS HB 64 -83.98 -44.62 -74.74
CA LYS HB 64 -84.33 -45.37 -73.55
C LYS HB 64 -85.82 -45.24 -73.31
N VAL HB 65 -86.47 -46.36 -73.05
CA VAL HB 65 -87.86 -46.39 -72.63
C VAL HB 65 -87.90 -47.11 -71.30
N GLN HB 66 -88.27 -46.39 -70.26
CA GLN HB 66 -88.25 -46.90 -68.90
C GLN HB 66 -89.67 -47.01 -68.39
N VAL HB 67 -89.99 -48.15 -67.79
CA VAL HB 67 -91.30 -48.39 -67.19
C VAL HB 67 -91.08 -49.01 -65.83
N LYS HB 68 -91.61 -48.36 -64.80
CA LYS HB 68 -91.51 -48.84 -63.44
C LYS HB 68 -92.89 -48.98 -62.84
N ILE HB 69 -93.07 -49.99 -62.00
CA ILE HB 69 -94.34 -50.25 -61.34
C ILE HB 69 -94.09 -50.37 -59.85
N GLN HB 70 -94.94 -49.71 -59.07
CA GLN HB 70 -94.78 -49.67 -57.63
C GLN HB 70 -96.10 -50.08 -57.01
N ASN HB 71 -96.09 -51.21 -56.29
CA ASN HB 71 -97.30 -51.78 -55.69
C ASN HB 71 -97.01 -52.06 -54.22
N PRO HB 72 -97.35 -51.13 -53.35
CA PRO HB 72 -97.08 -51.34 -51.92
C PRO HB 72 -98.00 -52.41 -51.34
N THR HB 73 -97.77 -52.72 -50.07
CA THR HB 73 -98.58 -53.66 -49.33
C THR HB 73 -99.16 -52.95 -48.12
N ALA HB 74 -100.47 -52.77 -48.13
CA ALA HB 74 -101.15 -52.09 -47.05
C ALA HB 74 -101.24 -52.98 -45.83
N CYS HB 75 -100.92 -52.43 -44.66
CA CYS HB 75 -101.22 -53.08 -43.39
C CYS HB 75 -102.47 -52.38 -42.87
N THR HB 76 -103.61 -53.08 -42.93
CA THR HB 76 -104.87 -52.46 -42.56
C THR HB 76 -104.90 -52.14 -41.07
N ALA HB 77 -104.70 -53.15 -40.24
CA ALA HB 77 -104.64 -52.94 -38.79
C ALA HB 77 -103.19 -52.99 -38.38
N ASN HB 78 -102.65 -51.82 -38.05
CA ASN HB 78 -101.32 -51.72 -37.46
C ASN HB 78 -101.40 -51.62 -35.94
N GLY HB 79 -102.60 -51.75 -35.37
CA GLY HB 79 -102.81 -51.31 -34.01
C GLY HB 79 -103.05 -49.82 -33.92
N SER HB 80 -103.11 -49.15 -35.06
CA SER HB 80 -103.30 -47.71 -35.13
C SER HB 80 -104.48 -47.44 -36.06
N CYS HB 81 -104.99 -46.21 -36.03
CA CYS HB 81 -106.17 -45.85 -36.77
C CYS HB 81 -105.95 -45.76 -38.27
N ASP HB 82 -104.70 -45.72 -38.72
CA ASP HB 82 -104.44 -45.55 -40.14
C ASP HB 82 -103.60 -46.69 -40.67
N PRO HB 83 -103.87 -47.14 -41.89
CA PRO HB 83 -103.04 -48.18 -42.49
C PRO HB 83 -101.65 -47.65 -42.79
N SER HB 84 -100.72 -48.56 -42.99
CA SER HB 84 -99.33 -48.20 -43.20
C SER HB 84 -98.69 -49.08 -44.26
N VAL HB 85 -97.74 -48.51 -44.98
CA VAL HB 85 -97.00 -49.23 -46.00
C VAL HB 85 -96.17 -50.29 -45.30
N THR HB 86 -96.21 -51.52 -45.80
CA THR HB 86 -95.40 -52.58 -45.23
C THR HB 86 -94.29 -52.99 -46.19
N ARG HB 87 -94.65 -53.68 -47.26
CA ARG HB 87 -93.71 -54.10 -48.28
C ARG HB 87 -93.98 -53.31 -49.55
N GLN HB 88 -92.91 -53.03 -50.29
CA GLN HB 88 -93.06 -52.25 -51.51
C GLN HB 88 -92.55 -53.10 -52.67
N ALA HB 89 -93.46 -53.51 -53.55
CA ALA HB 89 -93.10 -54.32 -54.70
C ALA HB 89 -92.56 -53.41 -55.79
N TYR HB 90 -91.38 -53.72 -56.29
CA TYR HB 90 -90.78 -52.95 -57.36
C TYR HB 90 -90.70 -53.76 -58.64
N ALA HB 91 -91.38 -53.27 -59.67
CA ALA HB 91 -91.33 -53.88 -60.99
C ALA HB 91 -90.76 -52.84 -61.95
N ASP HB 92 -89.61 -53.15 -62.54
CA ASP HB 92 -88.90 -52.22 -63.41
C ASP HB 92 -88.64 -52.87 -64.76
N VAL HB 93 -88.88 -52.11 -65.81
CA VAL HB 93 -88.67 -52.55 -67.18
C VAL HB 93 -88.03 -51.39 -67.94
N THR HB 94 -87.01 -51.71 -68.73
CA THR HB 94 -86.32 -50.72 -69.55
C THR HB 94 -86.23 -51.22 -70.98
N PHE HB 95 -85.91 -50.29 -71.88
CA PHE HB 95 -85.71 -50.61 -73.28
C PHE HB 95 -84.60 -49.75 -73.83
N SER HB 96 -83.81 -50.35 -74.71
CA SER HB 96 -82.77 -49.63 -75.42
C SER HB 96 -82.97 -49.84 -76.91
N PHE HB 97 -82.69 -48.80 -77.69
CA PHE HB 97 -82.82 -48.89 -79.12
C PHE HB 97 -81.80 -47.96 -79.77
N THR HB 98 -81.52 -48.24 -81.03
CA THR HB 98 -80.58 -47.46 -81.81
C THR HB 98 -81.35 -46.55 -82.74
N GLN HB 99 -80.77 -45.39 -83.01
CA GLN HB 99 -81.41 -44.42 -83.88
C GLN HB 99 -81.90 -45.04 -85.17
N TYR HB 100 -81.25 -46.10 -85.65
CA TYR HB 100 -81.70 -46.77 -86.85
C TYR HB 100 -82.68 -47.91 -86.56
N SER HB 101 -83.06 -48.10 -85.31
CA SER HB 101 -83.98 -49.18 -84.97
C SER HB 101 -85.26 -49.04 -85.79
N THR HB 102 -85.74 -50.16 -86.33
CA THR HB 102 -86.94 -50.08 -87.14
C THR HB 102 -88.18 -50.32 -86.29
N ASP HB 103 -89.34 -50.24 -86.94
CA ASP HB 103 -90.58 -50.40 -86.22
C ASP HB 103 -90.80 -51.83 -85.79
N GLU HB 104 -90.80 -52.76 -86.75
CA GLU HB 104 -91.19 -54.13 -86.44
C GLU HB 104 -90.25 -54.75 -85.41
N GLU HB 105 -88.96 -54.46 -85.52
CA GLU HB 105 -88.02 -54.90 -84.49
C GLU HB 105 -88.54 -54.54 -83.11
N ARG HB 106 -88.86 -53.26 -82.91
CA ARG HB 106 -89.43 -52.85 -81.64
C ARG HB 106 -90.71 -53.61 -81.36
N ALA HB 107 -91.66 -53.55 -82.30
CA ALA HB 107 -92.88 -54.32 -82.14
C ALA HB 107 -92.60 -55.77 -81.80
N PHE HB 108 -91.64 -56.38 -82.50
CA PHE HB 108 -91.23 -57.74 -82.18
C PHE HB 108 -90.84 -57.86 -80.73
N VAL HB 109 -90.10 -56.89 -80.19
CA VAL HB 109 -89.71 -56.94 -78.80
C VAL HB 109 -90.92 -56.88 -77.90
N ARG HB 110 -91.87 -56.00 -78.21
CA ARG HB 110 -92.98 -55.78 -77.30
C ARG HB 110 -93.74 -57.07 -77.04
N THR HB 111 -94.23 -57.72 -78.09
CA THR HB 111 -95.03 -58.92 -77.89
C THR HB 111 -94.26 -59.99 -77.15
N GLU HB 112 -93.10 -60.38 -77.66
CA GLU HB 112 -92.37 -61.50 -77.08
C GLU HB 112 -92.17 -61.36 -75.59
N LEU HB 113 -91.86 -60.16 -75.11
CA LEU HB 113 -91.74 -59.97 -73.68
C LEU HB 113 -93.03 -60.36 -72.98
N ALA HB 114 -94.16 -59.91 -73.50
CA ALA HB 114 -95.43 -60.31 -72.93
C ALA HB 114 -95.60 -61.81 -72.95
N ALA HB 115 -95.38 -62.45 -74.10
CA ALA HB 115 -95.51 -63.89 -74.18
C ALA HB 115 -94.71 -64.59 -73.10
N LEU HB 116 -93.46 -64.16 -72.90
CA LEU HB 116 -92.67 -64.71 -71.80
C LEU HB 116 -93.41 -64.57 -70.49
N LEU HB 117 -93.96 -63.40 -70.22
CA LEU HB 117 -94.66 -63.20 -68.96
C LEU HB 117 -95.82 -64.17 -68.82
N ALA HB 118 -96.41 -64.61 -69.92
CA ALA HB 118 -97.41 -65.66 -69.87
C ALA HB 118 -96.81 -67.05 -70.00
N SER HB 119 -95.52 -67.15 -70.30
CA SER HB 119 -94.90 -68.45 -70.45
C SER HB 119 -94.88 -69.18 -69.12
N PRO HB 120 -95.05 -70.51 -69.14
CA PRO HB 120 -94.93 -71.28 -67.90
C PRO HB 120 -93.57 -71.19 -67.27
N LEU HB 121 -92.55 -70.77 -68.01
CA LEU HB 121 -91.23 -70.64 -67.42
C LEU HB 121 -91.23 -69.59 -66.31
N LEU HB 122 -91.56 -68.35 -66.66
CA LEU HB 122 -91.40 -67.26 -65.73
C LEU HB 122 -92.29 -67.38 -64.51
N ILE HB 123 -93.46 -67.98 -64.64
CA ILE HB 123 -94.39 -68.01 -63.53
C ILE HB 123 -93.76 -68.64 -62.30
N ASP HB 124 -93.12 -69.79 -62.45
CA ASP HB 124 -92.37 -70.36 -61.34
C ASP HB 124 -91.23 -69.47 -60.92
N ALA HB 125 -90.50 -68.92 -61.89
CA ALA HB 125 -89.49 -67.93 -61.60
C ALA HB 125 -90.03 -66.75 -60.82
N ILE HB 126 -91.13 -66.17 -61.27
CA ILE HB 126 -91.75 -65.05 -60.59
C ILE HB 126 -92.51 -65.50 -59.34
N ASP HB 127 -93.58 -66.26 -59.53
CA ASP HB 127 -94.46 -66.56 -58.41
C ASP HB 127 -93.76 -67.34 -57.32
N GLN HB 128 -93.16 -68.47 -57.69
CA GLN HB 128 -92.55 -69.34 -56.71
C GLN HB 128 -91.07 -69.09 -56.52
N LEU HB 129 -90.51 -68.07 -57.16
CA LEU HB 129 -89.11 -67.70 -57.01
C LEU HB 129 -88.21 -68.90 -57.29
N ASN HB 130 -88.24 -69.37 -58.52
CA ASN HB 130 -87.47 -70.55 -58.79
C ASN HB 130 -86.55 -70.33 -59.97
N PRO HB 131 -85.35 -70.83 -59.90
CA PRO HB 131 -84.47 -70.81 -61.06
C PRO HB 131 -84.95 -71.78 -62.13
N ALA HB 132 -84.10 -72.02 -63.11
CA ALA HB 132 -84.50 -72.58 -64.40
C ALA HB 132 -84.67 -74.09 -64.38
N TYR HB 133 -84.53 -74.71 -63.21
CA TYR HB 133 -84.60 -76.15 -63.15
C TYR HB 133 -85.97 -76.60 -62.68
N ALA IB 2 -105.75 -32.94 -66.65
CA ALA IB 2 -105.71 -33.27 -68.07
C ALA IB 2 -104.83 -32.29 -68.81
N LYS IB 3 -104.88 -32.34 -70.14
CA LYS IB 3 -104.05 -31.53 -71.00
C LYS IB 3 -104.40 -30.06 -70.83
N LEU IB 4 -103.36 -29.22 -70.85
CA LEU IB 4 -103.55 -27.79 -70.97
C LEU IB 4 -104.35 -27.52 -72.23
N GLU IB 5 -105.40 -26.73 -72.11
CA GLU IB 5 -106.24 -26.41 -73.25
C GLU IB 5 -106.70 -24.96 -73.15
N THR IB 6 -107.40 -24.53 -74.18
CA THR IB 6 -108.09 -23.25 -74.12
C THR IB 6 -109.16 -23.41 -73.06
N VAL IB 7 -109.15 -22.51 -72.08
CA VAL IB 7 -110.15 -22.59 -71.01
C VAL IB 7 -111.08 -21.40 -71.15
N THR IB 8 -112.31 -21.65 -71.56
CA THR IB 8 -113.33 -20.62 -71.65
C THR IB 8 -114.00 -20.50 -70.30
N LEU IB 9 -114.33 -19.27 -69.92
CA LEU IB 9 -115.01 -19.01 -68.67
C LEU IB 9 -116.17 -18.07 -68.91
N GLY IB 10 -117.37 -18.50 -68.53
CA GLY IB 10 -118.54 -17.65 -68.58
C GLY IB 10 -118.88 -17.17 -67.18
N ASN IB 11 -119.83 -16.25 -67.12
CA ASN IB 11 -120.37 -15.76 -65.85
C ASN IB 11 -119.26 -15.19 -64.99
N ILE IB 12 -118.74 -14.05 -65.42
CA ILE IB 12 -117.57 -13.43 -64.81
C ILE IB 12 -117.93 -12.00 -64.45
N GLY IB 13 -117.29 -11.49 -63.42
CA GLY IB 13 -117.49 -10.11 -63.00
C GLY IB 13 -118.84 -9.93 -62.33
N LYS IB 14 -118.98 -8.75 -61.74
CA LYS IB 14 -120.23 -8.40 -61.06
C LYS IB 14 -121.42 -8.60 -61.97
N ASP IB 15 -121.26 -8.32 -63.26
CA ASP IB 15 -122.32 -8.58 -64.21
C ASP IB 15 -122.59 -10.08 -64.33
N GLY IB 16 -121.55 -10.88 -64.53
CA GLY IB 16 -121.76 -12.26 -64.88
C GLY IB 16 -121.98 -12.46 -66.35
N LYS IB 17 -121.97 -11.38 -67.13
CA LYS IB 17 -122.00 -11.52 -68.58
C LYS IB 17 -120.59 -11.53 -69.15
N GLN IB 18 -119.60 -11.25 -68.31
CA GLN IB 18 -118.20 -11.26 -68.72
C GLN IB 18 -117.77 -12.68 -69.02
N THR IB 19 -116.96 -12.83 -70.07
CA THR IB 19 -116.40 -14.11 -70.44
C THR IB 19 -114.90 -13.96 -70.65
N LEU IB 20 -114.18 -15.06 -70.47
CA LEU IB 20 -112.73 -15.03 -70.61
C LEU IB 20 -112.25 -16.37 -71.14
N VAL IB 21 -111.25 -16.32 -72.01
CA VAL IB 21 -110.59 -17.50 -72.50
C VAL IB 21 -109.13 -17.44 -72.06
N LEU IB 22 -108.53 -18.62 -71.88
CA LEU IB 22 -107.16 -18.72 -71.42
C LEU IB 22 -106.41 -19.70 -72.31
N ASN IB 23 -105.38 -19.23 -72.92
CA ASN IB 23 -104.64 -20.19 -73.70
C ASN IB 23 -103.54 -20.83 -72.85
N PRO IB 24 -103.23 -22.09 -73.14
CA PRO IB 24 -102.09 -22.71 -72.48
C PRO IB 24 -100.80 -21.98 -72.82
N ARG IB 25 -100.07 -21.61 -71.78
CA ARG IB 25 -98.81 -20.89 -71.94
C ARG IB 25 -97.60 -21.81 -71.87
N GLY IB 26 -97.79 -23.11 -71.72
CA GLY IB 26 -96.70 -24.02 -71.44
C GLY IB 26 -96.46 -24.11 -69.96
N VAL IB 27 -95.38 -24.82 -69.62
CA VAL IB 27 -95.04 -25.09 -68.23
C VAL IB 27 -93.59 -24.75 -68.00
N ASN IB 28 -93.32 -23.94 -66.99
CA ASN IB 28 -91.93 -23.76 -66.60
C ASN IB 28 -91.44 -25.00 -65.90
N PRO IB 29 -90.48 -25.73 -66.48
CA PRO IB 29 -90.03 -26.97 -65.85
C PRO IB 29 -89.23 -26.74 -64.59
N THR IB 30 -88.55 -25.61 -64.46
CA THR IB 30 -87.73 -25.37 -63.29
C THR IB 30 -88.55 -25.49 -62.01
N ASN IB 31 -89.42 -24.53 -61.78
CA ASN IB 31 -90.35 -24.62 -60.66
C ASN IB 31 -91.42 -25.67 -60.90
N GLY IB 32 -91.54 -26.20 -62.11
CA GLY IB 32 -92.59 -27.15 -62.39
C GLY IB 32 -93.96 -26.55 -62.26
N VAL IB 33 -94.22 -25.44 -62.95
CA VAL IB 33 -95.47 -24.71 -62.81
C VAL IB 33 -96.03 -24.43 -64.19
N ALA IB 34 -97.30 -24.77 -64.38
CA ALA IB 34 -98.00 -24.46 -65.61
C ALA IB 34 -98.40 -22.98 -65.62
N SER IB 35 -98.69 -22.50 -66.82
CA SER IB 35 -99.10 -21.11 -66.99
C SER IB 35 -100.22 -21.03 -68.02
N LEU IB 36 -101.18 -20.16 -67.75
CA LEU IB 36 -102.30 -19.92 -68.65
C LEU IB 36 -102.45 -18.42 -68.83
N SER IB 37 -102.95 -18.01 -69.98
CA SER IB 37 -103.14 -16.58 -70.19
C SER IB 37 -104.28 -16.32 -71.15
N GLN IB 38 -104.92 -15.18 -70.92
CA GLN IB 38 -105.71 -14.55 -71.96
C GLN IB 38 -104.83 -14.21 -73.14
N ALA IB 39 -105.41 -14.24 -74.34
CA ALA IB 39 -104.69 -13.76 -75.51
C ALA IB 39 -105.05 -12.29 -75.72
N GLY IB 40 -104.10 -11.43 -75.37
CA GLY IB 40 -104.22 -10.02 -75.60
C GLY IB 40 -103.26 -9.54 -76.65
N ALA IB 41 -102.92 -8.26 -76.55
CA ALA IB 41 -101.85 -7.72 -77.39
C ALA IB 41 -100.50 -7.89 -76.70
N VAL IB 42 -100.31 -7.20 -75.59
CA VAL IB 42 -99.03 -7.22 -74.89
C VAL IB 42 -99.08 -8.25 -73.77
N PRO IB 43 -98.21 -9.25 -73.81
CA PRO IB 43 -98.18 -10.24 -72.72
C PRO IB 43 -98.09 -9.62 -71.34
N ALA IB 44 -97.27 -8.59 -71.16
CA ALA IB 44 -97.25 -7.86 -69.90
C ALA IB 44 -98.63 -7.41 -69.47
N LEU IB 45 -99.47 -7.01 -70.42
CA LEU IB 45 -100.84 -6.63 -70.11
C LEU IB 45 -101.75 -7.84 -69.94
N GLU IB 46 -101.42 -8.95 -70.58
CA GLU IB 46 -102.34 -10.08 -70.64
C GLU IB 46 -102.49 -10.72 -69.28
N LYS IB 47 -103.71 -11.16 -68.99
CA LYS IB 47 -104.03 -11.78 -67.71
C LYS IB 47 -103.25 -13.08 -67.62
N ARG IB 48 -102.83 -13.44 -66.41
CA ARG IB 48 -102.06 -14.66 -66.23
C ARG IB 48 -102.72 -15.54 -65.18
N VAL IB 49 -102.62 -16.84 -65.38
CA VAL IB 49 -103.13 -17.83 -64.44
C VAL IB 49 -102.07 -18.90 -64.28
N THR IB 50 -101.71 -19.21 -63.03
CA THR IB 50 -100.65 -20.15 -62.73
C THR IB 50 -101.18 -21.23 -61.79
N VAL IB 51 -100.89 -22.48 -62.12
CA VAL IB 51 -101.24 -23.59 -61.26
C VAL IB 51 -100.00 -24.46 -61.09
N SER IB 52 -99.95 -25.15 -59.97
CA SER IB 52 -98.83 -26.03 -59.70
C SER IB 52 -99.26 -27.13 -58.76
N VAL IB 53 -98.60 -28.27 -58.87
CA VAL IB 53 -98.76 -29.34 -57.92
C VAL IB 53 -97.45 -29.47 -57.17
N SER IB 54 -97.37 -30.43 -56.26
CA SER IB 54 -96.15 -30.67 -55.52
C SER IB 54 -96.16 -32.10 -55.03
N GLN IB 55 -95.01 -32.58 -54.60
CA GLN IB 55 -94.95 -33.90 -54.04
C GLN IB 55 -94.09 -33.89 -52.79
N PRO IB 56 -94.45 -34.69 -51.79
CA PRO IB 56 -93.74 -34.62 -50.50
C PRO IB 56 -92.28 -35.03 -50.65
N SER IB 57 -91.42 -34.32 -49.93
CA SER IB 57 -90.00 -34.58 -49.97
C SER IB 57 -89.52 -34.78 -48.54
N ARG IB 58 -88.21 -34.92 -48.38
CA ARG IB 58 -87.62 -34.91 -47.05
C ARG IB 58 -87.87 -33.60 -46.33
N ASN IB 59 -88.11 -32.52 -47.06
CA ASN IB 59 -88.44 -31.23 -46.46
C ASN IB 59 -89.88 -31.13 -45.99
N ARG IB 60 -90.82 -31.71 -46.71
CA ARG IB 60 -92.22 -31.64 -46.34
C ARG IB 60 -92.91 -32.93 -46.76
N LYS IB 61 -93.80 -33.40 -45.90
CA LYS IB 61 -94.52 -34.65 -46.12
C LYS IB 61 -95.88 -34.39 -46.73
N ASN IB 62 -96.17 -33.13 -47.03
CA ASN IB 62 -97.51 -32.74 -47.43
C ASN IB 62 -97.52 -32.30 -48.88
N TYR IB 63 -98.66 -32.49 -49.53
CA TYR IB 63 -98.83 -31.98 -50.89
C TYR IB 63 -99.21 -30.51 -50.84
N LYS IB 64 -98.65 -29.74 -51.77
CA LYS IB 64 -99.00 -28.35 -51.94
C LYS IB 64 -99.58 -28.16 -53.34
N VAL IB 65 -100.71 -27.47 -53.41
CA VAL IB 65 -101.28 -27.06 -54.68
C VAL IB 65 -101.41 -25.55 -54.64
N GLN IB 66 -100.66 -24.87 -55.48
CA GLN IB 66 -100.59 -23.43 -55.48
C GLN IB 66 -101.20 -22.89 -56.76
N VAL IB 67 -102.07 -21.89 -56.61
CA VAL IB 67 -102.71 -21.24 -57.74
C VAL IB 67 -102.61 -19.74 -57.52
N LYS IB 68 -102.01 -19.04 -58.48
CA LYS IB 68 -101.87 -17.60 -58.42
C LYS IB 68 -102.47 -16.97 -59.66
N ILE IB 69 -103.07 -15.80 -59.50
CA ILE IB 69 -103.69 -15.08 -60.60
C ILE IB 69 -103.14 -13.67 -60.61
N GLN IB 70 -102.77 -13.19 -61.79
CA GLN IB 70 -102.17 -11.89 -61.95
C GLN IB 70 -102.95 -11.13 -63.02
N ASN IB 71 -103.58 -10.03 -62.61
CA ASN IB 71 -104.43 -9.24 -63.50
C ASN IB 71 -104.00 -7.79 -63.41
N PRO IB 72 -103.13 -7.34 -64.29
CA PRO IB 72 -102.67 -5.95 -64.23
C PRO IB 72 -103.79 -4.99 -64.63
N THR IB 73 -103.46 -3.71 -64.52
CA THR IB 73 -104.37 -2.64 -64.93
C THR IB 73 -103.67 -1.80 -65.99
N ALA IB 74 -104.19 -1.85 -67.20
CA ALA IB 74 -103.63 -1.13 -68.32
C ALA IB 74 -103.96 0.34 -68.19
N CYS IB 75 -102.96 1.20 -68.40
CA CYS IB 75 -103.18 2.62 -68.60
C CYS IB 75 -103.07 2.84 -70.10
N THR IB 76 -104.22 3.08 -70.74
CA THR IB 76 -104.24 3.20 -72.20
C THR IB 76 -103.48 4.44 -72.65
N ALA IB 77 -103.89 5.61 -72.16
CA ALA IB 77 -103.19 6.84 -72.48
C ALA IB 77 -102.35 7.23 -71.27
N ASN IB 78 -101.05 7.06 -71.42
CA ASN IB 78 -100.09 7.55 -70.43
C ASN IB 78 -99.53 8.91 -70.83
N GLY IB 79 -100.04 9.49 -71.91
CA GLY IB 79 -99.32 10.57 -72.56
C GLY IB 79 -98.24 10.07 -73.48
N SER IB 80 -98.13 8.75 -73.63
CA SER IB 80 -97.11 8.13 -74.46
C SER IB 80 -97.82 7.19 -75.42
N CYS IB 81 -97.09 6.74 -76.44
CA CYS IB 81 -97.66 5.93 -77.50
C CYS IB 81 -98.00 4.51 -77.06
N ASP IB 82 -97.48 4.07 -75.92
CA ASP IB 82 -97.71 2.70 -75.52
C ASP IB 82 -98.38 2.63 -74.15
N PRO IB 83 -99.29 1.69 -73.95
CA PRO IB 83 -99.90 1.54 -72.63
C PRO IB 83 -98.88 1.05 -71.62
N SER IB 84 -99.21 1.21 -70.34
CA SER IB 84 -98.29 0.85 -69.28
C SER IB 84 -99.04 0.23 -68.11
N VAL IB 85 -98.36 -0.69 -67.43
CA VAL IB 85 -98.91 -1.34 -66.25
C VAL IB 85 -99.08 -0.28 -65.17
N THR IB 86 -100.25 -0.27 -64.55
CA THR IB 86 -100.48 0.66 -63.46
C THR IB 86 -100.59 -0.07 -62.12
N ARG IB 87 -101.68 -0.78 -61.91
CA ARG IB 87 -101.89 -1.57 -60.71
C ARG IB 87 -101.84 -3.04 -61.07
N GLN IB 88 -101.34 -3.85 -60.15
CA GLN IB 88 -101.22 -5.27 -60.41
C GLN IB 88 -102.04 -6.01 -59.36
N ALA IB 89 -103.12 -6.64 -59.78
CA ALA IB 89 -103.98 -7.38 -58.88
C ALA IB 89 -103.37 -8.75 -58.63
N TYR IB 90 -103.19 -9.11 -57.37
CA TYR IB 90 -102.65 -10.40 -57.00
C TYR IB 90 -103.70 -11.26 -56.33
N ALA IB 91 -104.00 -12.40 -56.95
CA ALA IB 91 -104.92 -13.37 -56.37
C ALA IB 91 -104.14 -14.66 -56.19
N ASP IB 92 -104.01 -15.10 -54.94
CA ASP IB 92 -103.22 -16.27 -54.60
C ASP IB 92 -104.06 -17.26 -53.81
N VAL IB 93 -103.96 -18.53 -54.18
CA VAL IB 93 -104.67 -19.62 -53.53
C VAL IB 93 -103.70 -20.78 -53.37
N THR IB 94 -103.71 -21.39 -52.20
CA THR IB 94 -102.87 -22.54 -51.92
C THR IB 94 -103.70 -23.67 -51.34
N PHE IB 95 -103.11 -24.85 -51.32
CA PHE IB 95 -103.75 -26.01 -50.73
C PHE IB 95 -102.71 -26.89 -50.08
N SER IB 96 -103.09 -27.46 -48.95
CA SER IB 96 -102.24 -28.41 -48.25
C SER IB 96 -103.02 -29.70 -48.05
N PHE IB 97 -102.33 -30.83 -48.15
CA PHE IB 97 -102.97 -32.11 -47.94
C PHE IB 97 -101.95 -33.08 -47.38
N THR IB 98 -102.46 -34.13 -46.77
CA THR IB 98 -101.63 -35.17 -46.18
C THR IB 98 -101.62 -36.37 -47.09
N GLN IB 99 -100.51 -37.09 -47.08
CA GLN IB 99 -100.36 -38.26 -47.93
C GLN IB 99 -101.55 -39.20 -47.81
N TYR IB 100 -102.23 -39.22 -46.67
CA TYR IB 100 -103.41 -40.06 -46.52
C TYR IB 100 -104.69 -39.34 -46.88
N SER IB 101 -104.61 -38.10 -47.37
CA SER IB 101 -105.81 -37.35 -47.72
C SER IB 101 -106.62 -38.14 -48.73
N THR IB 102 -107.94 -38.19 -48.52
CA THR IB 102 -108.76 -38.95 -49.44
C THR IB 102 -109.29 -38.07 -50.56
N ASP IB 103 -110.03 -38.67 -51.47
CA ASP IB 103 -110.53 -37.93 -52.62
C ASP IB 103 -111.63 -36.97 -52.21
N GLU IB 104 -112.69 -37.48 -51.59
CA GLU IB 104 -113.87 -36.65 -51.35
C GLU IB 104 -113.53 -35.49 -50.44
N GLU IB 105 -112.69 -35.71 -49.43
CA GLU IB 105 -112.20 -34.61 -48.62
C GLU IB 105 -111.70 -33.48 -49.49
N ARG IB 106 -110.78 -33.79 -50.41
CA ARG IB 106 -110.29 -32.78 -51.33
C ARG IB 106 -111.45 -32.20 -52.14
N ALA IB 107 -112.21 -33.06 -52.80
CA ALA IB 107 -113.38 -32.61 -53.53
C ALA IB 107 -114.27 -31.73 -52.67
N PHE IB 108 -114.50 -32.15 -51.43
CA PHE IB 108 -115.27 -31.32 -50.51
C PHE IB 108 -114.66 -29.93 -50.37
N VAL IB 109 -113.34 -29.85 -50.30
CA VAL IB 109 -112.70 -28.54 -50.19
C VAL IB 109 -112.95 -27.73 -51.43
N ARG IB 110 -112.84 -28.34 -52.61
CA ARG IB 110 -112.90 -27.58 -53.84
C ARG IB 110 -114.22 -26.82 -53.94
N THR IB 111 -115.34 -27.53 -53.87
CA THR IB 111 -116.63 -26.87 -54.03
C THR IB 111 -116.83 -25.77 -53.00
N GLU IB 112 -116.72 -26.09 -51.72
CA GLU IB 112 -117.05 -25.14 -50.68
C GLU IB 112 -116.32 -23.83 -50.85
N LEU IB 113 -115.05 -23.86 -51.24
CA LEU IB 113 -114.34 -22.62 -51.48
C LEU IB 113 -115.06 -21.81 -52.55
N ALA IB 114 -115.45 -22.45 -53.64
CA ALA IB 114 -116.21 -21.75 -54.66
C ALA IB 114 -117.49 -21.17 -54.09
N ALA IB 115 -118.28 -21.99 -53.40
CA ALA IB 115 -119.53 -21.49 -52.82
C ALA IB 115 -119.29 -20.24 -51.99
N LEU IB 116 -118.26 -20.23 -51.15
CA LEU IB 116 -117.91 -19.02 -50.43
C LEU IB 116 -117.72 -17.85 -51.38
N LEU IB 117 -116.97 -18.06 -52.46
CA LEU IB 117 -116.74 -16.98 -53.39
C LEU IB 117 -118.05 -16.45 -53.97
N ALA IB 118 -119.07 -17.28 -54.06
CA ALA IB 118 -120.39 -16.81 -54.44
C ALA IB 118 -121.22 -16.39 -53.25
N SER IB 119 -120.76 -16.64 -52.03
CA SER IB 119 -121.53 -16.28 -50.86
C SER IB 119 -121.63 -14.76 -50.75
N PRO IB 120 -122.77 -14.25 -50.26
CA PRO IB 120 -122.90 -12.81 -50.04
C PRO IB 120 -121.93 -12.28 -49.02
N LEU IB 121 -121.34 -13.15 -48.20
CA LEU IB 121 -120.36 -12.67 -47.24
C LEU IB 121 -119.15 -12.08 -47.94
N LEU IB 122 -118.46 -12.87 -48.73
CA LEU IB 122 -117.18 -12.45 -49.28
C LEU IB 122 -117.30 -11.26 -50.21
N ILE IB 123 -118.42 -11.13 -50.93
CA ILE IB 123 -118.52 -10.09 -51.93
C ILE IB 123 -118.28 -8.72 -51.32
N ASP IB 124 -118.92 -8.41 -50.20
CA ASP IB 124 -118.60 -7.18 -49.50
C ASP IB 124 -117.18 -7.16 -49.00
N ALA IB 125 -116.72 -8.27 -48.46
CA ALA IB 125 -115.32 -8.42 -48.09
C ALA IB 125 -114.39 -8.16 -49.26
N ILE IB 126 -114.64 -8.78 -50.40
CA ILE IB 126 -113.83 -8.58 -51.58
C ILE IB 126 -114.14 -7.26 -52.26
N ASP IB 127 -115.34 -7.11 -52.81
CA ASP IB 127 -115.64 -5.96 -53.63
C ASP IB 127 -115.53 -4.66 -52.86
N GLN IB 128 -116.25 -4.55 -51.75
CA GLN IB 128 -116.28 -3.32 -50.99
C GLN IB 128 -115.27 -3.26 -49.86
N LEU IB 129 -114.41 -4.28 -49.74
CA LEU IB 129 -113.36 -4.30 -48.73
C LEU IB 129 -113.95 -4.08 -47.34
N ASN IB 130 -114.77 -5.04 -46.92
CA ASN IB 130 -115.41 -4.82 -45.65
C ASN IB 130 -115.18 -6.01 -44.74
N PRO IB 131 -114.95 -5.77 -43.48
CA PRO IB 131 -114.89 -6.85 -42.51
C PRO IB 131 -116.26 -7.44 -42.27
N ALA IB 132 -116.37 -8.27 -41.24
CA ALA IB 132 -117.46 -9.23 -41.08
C ALA IB 132 -118.72 -8.60 -40.52
N TYR IB 133 -118.74 -7.30 -40.34
CA TYR IB 133 -119.90 -6.66 -39.73
C TYR IB 133 -120.79 -6.03 -40.80
N ALA JB 2 -62.51 -6.54 -116.24
CA ALA JB 2 -63.90 -6.21 -116.56
C ALA JB 2 -64.84 -7.00 -115.67
N LYS JB 3 -66.13 -6.94 -116.00
CA LYS JB 3 -67.16 -7.58 -115.23
C LYS JB 3 -67.00 -9.09 -115.25
N LEU JB 4 -67.25 -9.71 -114.10
CA LEU JB 4 -67.40 -11.15 -114.04
C LEU JB 4 -68.48 -11.56 -115.01
N GLU JB 5 -68.19 -12.54 -115.85
CA GLU JB 5 -69.14 -13.01 -116.83
C GLU JB 5 -69.02 -14.52 -116.96
N THR JB 6 -69.91 -15.09 -117.78
CA THR JB 6 -69.77 -16.48 -118.17
C THR JB 6 -68.51 -16.53 -119.02
N VAL JB 7 -67.59 -17.41 -118.65
CA VAL JB 7 -66.35 -17.53 -119.39
C VAL JB 7 -66.35 -18.89 -120.08
N THR JB 8 -66.49 -18.87 -121.40
CA THR JB 8 -66.43 -20.08 -122.20
C THR JB 8 -64.97 -20.34 -122.55
N LEU JB 9 -64.59 -21.61 -122.56
CA LEU JB 9 -63.24 -22.00 -122.90
C LEU JB 9 -63.29 -23.15 -123.89
N GLY JB 10 -62.65 -22.96 -125.05
CA GLY JB 10 -62.50 -24.01 -126.02
C GLY JB 10 -61.08 -24.55 -125.96
N ASN JB 11 -60.88 -25.65 -126.70
CA ASN JB 11 -59.56 -26.24 -126.86
C ASN JB 11 -58.95 -26.59 -125.50
N ILE JB 12 -59.53 -27.60 -124.88
CA ILE JB 12 -59.20 -27.98 -123.52
C ILE JB 12 -58.83 -29.45 -123.52
N GLY JB 13 -57.97 -29.84 -122.59
CA GLY JB 13 -57.57 -31.22 -122.44
C GLY JB 13 -56.67 -31.67 -123.56
N LYS JB 14 -56.10 -32.87 -123.36
CA LYS JB 14 -55.20 -33.44 -124.35
C LYS JB 14 -55.85 -33.47 -125.73
N ASP JB 15 -57.16 -33.72 -125.78
CA ASP JB 15 -57.86 -33.66 -127.04
C ASP JB 15 -57.87 -32.25 -127.61
N GLY JB 16 -58.23 -31.26 -126.80
CA GLY JB 16 -58.47 -29.94 -127.33
C GLY JB 16 -59.86 -29.79 -127.88
N LYS JB 17 -60.67 -30.84 -127.83
CA LYS JB 17 -62.08 -30.70 -128.18
C LYS JB 17 -62.91 -30.42 -126.94
N GLN JB 18 -62.31 -30.50 -125.77
CA GLN JB 18 -63.00 -30.22 -124.52
C GLN JB 18 -63.31 -28.74 -124.43
N THR JB 19 -64.48 -28.44 -123.89
CA THR JB 19 -64.92 -27.07 -123.67
C THR JB 19 -65.41 -26.93 -122.25
N LEU JB 20 -65.34 -25.70 -121.73
CA LEU JB 20 -65.76 -25.45 -120.36
C LEU JB 20 -66.32 -24.04 -120.25
N VAL JB 21 -67.38 -23.89 -119.47
CA VAL JB 21 -67.93 -22.60 -119.16
C VAL JB 21 -67.79 -22.38 -117.66
N LEU JB 22 -67.70 -21.11 -117.27
CA LEU JB 22 -67.51 -20.74 -115.87
C LEU JB 22 -68.49 -19.64 -115.51
N ASN JB 23 -69.31 -19.89 -114.56
CA ASN JB 23 -70.19 -18.80 -114.19
C ASN JB 23 -69.55 -17.97 -113.10
N PRO JB 24 -69.83 -16.67 -113.09
CA PRO JB 24 -69.38 -15.85 -111.97
C PRO JB 24 -70.01 -16.31 -110.67
N ARG JB 25 -69.16 -16.53 -109.68
CA ARG JB 25 -69.60 -16.98 -108.37
C ARG JB 25 -69.73 -15.86 -107.36
N GLY JB 26 -69.48 -14.62 -107.77
CA GLY JB 26 -69.40 -13.52 -106.84
C GLY JB 26 -67.99 -13.38 -106.31
N VAL JB 27 -67.83 -12.49 -105.35
CA VAL JB 27 -66.53 -12.16 -104.79
C VAL JB 27 -66.61 -12.20 -103.27
N ASN JB 28 -65.72 -12.95 -102.67
CA ASN JB 28 -65.61 -12.86 -101.22
C ASN JB 28 -64.98 -11.55 -100.84
N PRO JB 29 -65.70 -10.64 -100.19
CA PRO JB 29 -65.12 -9.34 -99.84
C PRO JB 29 -64.05 -9.42 -98.78
N THR JB 30 -64.12 -10.40 -97.89
CA THR JB 30 -63.14 -10.47 -96.81
C THR JB 30 -61.72 -10.52 -97.36
N ASN JB 31 -61.36 -11.63 -97.97
CA ASN JB 31 -60.07 -11.73 -98.66
C ASN JB 31 -60.04 -10.91 -99.93
N GLY JB 32 -61.19 -10.40 -100.39
CA GLY JB 32 -61.23 -9.68 -101.64
C GLY JB 32 -60.85 -10.54 -102.81
N VAL JB 33 -61.51 -11.67 -102.99
CA VAL JB 33 -61.15 -12.63 -104.02
C VAL JB 33 -62.41 -13.01 -104.79
N ALA JB 34 -62.33 -12.92 -106.11
CA ALA JB 34 -63.40 -13.37 -106.97
C ALA JB 34 -63.40 -14.88 -107.08
N SER JB 35 -64.54 -15.42 -107.51
CA SER JB 35 -64.68 -16.85 -107.68
C SER JB 35 -65.47 -17.14 -108.96
N LEU JB 36 -65.05 -18.19 -109.65
CA LEU JB 36 -65.73 -18.64 -110.87
C LEU JB 36 -65.92 -20.13 -110.77
N SER JB 37 -66.98 -20.63 -111.41
CA SER JB 37 -67.21 -22.06 -111.35
C SER JB 37 -67.93 -22.54 -112.59
N GLN JB 38 -67.63 -23.78 -112.95
CA GLN JB 38 -68.50 -24.55 -113.81
C GLN JB 38 -69.85 -24.72 -113.13
N ALA JB 39 -70.91 -24.79 -113.94
CA ALA JB 39 -72.22 -25.11 -113.40
C ALA JB 39 -72.41 -26.63 -113.51
N GLY JB 40 -72.31 -27.28 -112.36
CA GLY JB 40 -72.56 -28.69 -112.25
C GLY JB 40 -73.81 -28.97 -111.46
N ALA JB 41 -73.84 -30.17 -110.87
CA ALA JB 41 -74.89 -30.48 -109.92
C ALA JB 41 -74.48 -30.06 -108.51
N VAL JB 42 -73.45 -30.69 -107.97
CA VAL JB 42 -73.03 -30.43 -106.60
C VAL JB 42 -71.88 -29.44 -106.60
N PRO JB 43 -72.04 -28.28 -105.97
CA PRO JB 43 -70.94 -27.31 -105.91
C PRO JB 43 -69.63 -27.90 -105.42
N ALA JB 44 -69.67 -28.76 -104.40
CA ALA JB 44 -68.48 -29.47 -103.98
C ALA JB 44 -67.80 -30.19 -105.14
N LEU JB 45 -68.58 -30.74 -106.06
CA LEU JB 45 -68.01 -31.39 -107.24
C LEU JB 45 -67.61 -30.37 -108.31
N GLU JB 46 -68.26 -29.22 -108.35
CA GLU JB 46 -68.08 -28.29 -109.44
C GLU JB 46 -66.69 -27.69 -109.43
N LYS JB 47 -66.15 -27.49 -110.63
CA LYS JB 47 -64.80 -26.95 -110.80
C LYS JB 47 -64.81 -25.53 -110.27
N ARG JB 48 -63.71 -25.11 -109.68
CA ARG JB 48 -63.61 -23.76 -109.15
C ARG JB 48 -62.43 -23.03 -109.73
N VAL JB 49 -62.58 -21.72 -109.92
CA VAL JB 49 -61.52 -20.86 -110.41
C VAL JB 49 -61.53 -19.60 -109.56
N THR JB 50 -60.37 -19.24 -109.02
CA THR JB 50 -60.24 -18.11 -108.12
C THR JB 50 -59.18 -17.16 -108.64
N VAL JB 51 -59.50 -15.88 -108.67
CA VAL JB 51 -58.53 -14.85 -109.03
C VAL JB 51 -58.58 -13.76 -107.98
N SER JB 52 -57.46 -13.07 -107.83
CA SER JB 52 -57.38 -12.00 -106.85
C SER JB 52 -56.33 -11.00 -107.30
N VAL JB 53 -56.52 -9.76 -106.89
CA VAL JB 53 -55.52 -8.74 -107.07
C VAL JB 53 -55.03 -8.37 -105.68
N SER JB 54 -54.13 -7.41 -105.59
CA SER JB 54 -53.63 -6.94 -104.32
C SER JB 54 -53.09 -5.54 -104.51
N GLN JB 55 -52.87 -4.85 -103.40
CA GLN JB 55 -52.27 -3.54 -103.47
C GLN JB 55 -51.22 -3.40 -102.40
N PRO JB 56 -50.14 -2.68 -102.68
CA PRO JB 56 -49.04 -2.62 -101.73
C PRO JB 56 -49.45 -1.94 -100.44
N SER JB 57 -48.94 -2.46 -99.33
CA SER JB 57 -49.25 -1.93 -98.01
C SER JB 57 -47.93 -1.65 -97.30
N ARG JB 58 -48.03 -1.25 -96.04
CA ARG JB 58 -46.86 -1.15 -95.20
C ARG JB 58 -46.16 -2.50 -95.04
N ASN JB 59 -46.87 -3.61 -95.22
CA ASN JB 59 -46.28 -4.92 -95.16
C ASN JB 59 -45.52 -5.30 -96.43
N ARG JB 60 -46.03 -4.92 -97.60
CA ARG JB 60 -45.38 -5.26 -98.85
C ARG JB 60 -45.60 -4.13 -99.85
N LYS JB 61 -44.56 -3.83 -100.61
CA LYS JB 61 -44.58 -2.75 -101.59
C LYS JB 61 -44.92 -3.28 -102.97
N ASN JB 62 -45.21 -4.56 -103.07
CA ASN JB 62 -45.34 -5.20 -104.37
C ASN JB 62 -46.78 -5.64 -104.58
N TYR JB 63 -47.19 -5.67 -105.85
CA TYR JB 63 -48.49 -6.19 -106.20
C TYR JB 63 -48.45 -7.70 -106.28
N LYS JB 64 -49.49 -8.35 -105.78
CA LYS JB 64 -49.65 -9.79 -105.89
C LYS JB 64 -50.92 -10.07 -106.69
N VAL JB 65 -50.80 -10.98 -107.66
CA VAL JB 65 -51.94 -11.49 -108.39
C VAL JB 65 -51.93 -12.99 -108.22
N GLN JB 66 -52.94 -13.50 -107.55
CA GLN JB 66 -53.02 -14.91 -107.20
C GLN JB 66 -54.17 -15.55 -107.95
N VAL JB 67 -53.89 -16.71 -108.56
CA VAL JB 67 -54.91 -17.46 -109.28
C VAL JB 67 -54.78 -18.91 -108.86
N LYS JB 68 -55.86 -19.48 -108.35
CA LYS JB 68 -55.88 -20.87 -107.93
C LYS JB 68 -57.01 -21.59 -108.64
N ILE JB 69 -56.78 -22.86 -108.96
CA ILE JB 69 -57.76 -23.69 -109.64
C ILE JB 69 -57.95 -24.96 -108.85
N GLN JB 70 -59.19 -25.35 -108.65
CA GLN JB 70 -59.54 -26.51 -107.84
C GLN JB 70 -60.46 -27.40 -108.66
N ASN JB 71 -59.98 -28.61 -108.99
CA ASN JB 71 -60.71 -29.54 -109.84
C ASN JB 71 -60.77 -30.89 -109.13
N PRO JB 72 -61.83 -31.16 -108.39
CA PRO JB 72 -61.92 -32.43 -107.68
C PRO JB 72 -62.13 -33.58 -108.64
N THR JB 73 -62.15 -34.78 -108.07
CA THR JB 73 -62.41 -36.00 -108.81
C THR JB 73 -63.62 -36.68 -108.20
N ALA JB 74 -64.70 -36.72 -108.96
CA ALA JB 74 -65.94 -37.32 -108.51
C ALA JB 74 -65.81 -38.84 -108.52
N CYS JB 75 -66.25 -39.47 -107.44
CA CYS JB 75 -66.47 -40.92 -107.43
C CYS JB 75 -67.97 -41.10 -107.60
N THR JB 76 -68.37 -41.56 -108.77
CA THR JB 76 -69.79 -41.68 -109.06
C THR JB 76 -70.45 -42.74 -108.20
N ALA JB 77 -69.94 -43.96 -108.27
CA ALA JB 77 -70.44 -45.05 -107.44
C ALA JB 77 -69.45 -45.26 -106.31
N ASN JB 78 -69.84 -44.84 -105.11
CA ASN JB 78 -69.09 -45.14 -103.91
C ASN JB 78 -69.65 -46.37 -103.19
N GLY JB 79 -70.63 -47.03 -103.79
CA GLY JB 79 -71.45 -47.96 -103.03
C GLY JB 79 -72.55 -47.25 -102.27
N SER JB 80 -72.67 -45.93 -102.45
CA SER JB 80 -73.65 -45.12 -101.76
C SER JB 80 -74.41 -44.32 -102.80
N CYS JB 81 -75.54 -43.75 -102.40
CA CYS JB 81 -76.43 -43.05 -103.32
C CYS JB 81 -75.87 -41.73 -103.82
N ASP JB 82 -74.83 -41.21 -103.18
CA ASP JB 82 -74.33 -39.90 -103.58
C ASP JB 82 -72.86 -39.98 -103.95
N PRO JB 83 -72.44 -39.23 -104.96
CA PRO JB 83 -71.01 -39.21 -105.31
C PRO JB 83 -70.22 -38.53 -104.22
N SER JB 84 -68.91 -38.75 -104.24
CA SER JB 84 -68.03 -38.24 -103.21
C SER JB 84 -66.71 -37.76 -103.81
N VAL JB 85 -66.15 -36.74 -103.19
CA VAL JB 85 -64.85 -36.21 -103.60
C VAL JB 85 -63.81 -37.28 -103.35
N THR JB 86 -62.96 -37.52 -104.34
CA THR JB 86 -61.88 -38.48 -104.16
C THR JB 86 -60.53 -37.80 -104.13
N ARG JB 87 -60.07 -37.32 -105.27
CA ARG JB 87 -58.83 -36.59 -105.37
C ARG JB 87 -59.12 -35.14 -105.69
N GLN JB 88 -58.28 -34.25 -105.17
CA GLN JB 88 -58.50 -32.82 -105.37
C GLN JB 88 -57.27 -32.27 -106.08
N ALA JB 89 -57.45 -31.85 -107.33
CA ALA JB 89 -56.35 -31.29 -108.12
C ALA JB 89 -56.17 -29.84 -107.74
N TYR JB 90 -54.95 -29.46 -107.37
CA TYR JB 90 -54.66 -28.08 -107.03
C TYR JB 90 -53.75 -27.45 -108.06
N ALA JB 91 -54.24 -26.39 -108.68
CA ALA JB 91 -53.46 -25.62 -109.64
C ALA JB 91 -53.37 -24.20 -109.10
N ASP JB 92 -52.16 -23.75 -108.80
CA ASP JB 92 -51.93 -22.45 -108.19
C ASP JB 92 -50.95 -21.64 -109.03
N VAL JB 93 -51.28 -20.37 -109.24
CA VAL JB 93 -50.46 -19.44 -110.00
C VAL JB 93 -50.45 -18.12 -109.26
N THR JB 94 -49.26 -17.52 -109.14
CA THR JB 94 -49.11 -16.24 -108.50
C THR JB 94 -48.32 -15.30 -109.39
N PHE JB 95 -48.37 -14.02 -109.05
CA PHE JB 95 -47.62 -13.01 -109.76
C PHE JB 95 -47.15 -11.95 -108.79
N SER JB 96 -45.94 -11.46 -109.04
CA SER JB 96 -45.40 -10.37 -108.26
C SER JB 96 -44.98 -9.26 -109.21
N PHE JB 97 -45.17 -8.02 -108.78
CA PHE JB 97 -44.79 -6.88 -109.58
C PHE JB 97 -44.39 -5.73 -108.68
N THR JB 98 -43.65 -4.81 -109.24
CA THR JB 98 -43.18 -3.63 -108.53
C THR JB 98 -44.04 -2.44 -108.94
N GLN JB 99 -44.22 -1.53 -108.00
CA GLN JB 99 -45.02 -0.34 -108.26
C GLN JB 99 -44.63 0.35 -109.55
N TYR JB 100 -43.38 0.23 -109.97
CA TYR JB 100 -42.96 0.82 -111.22
C TYR JB 100 -43.09 -0.14 -112.40
N SER JB 101 -43.64 -1.33 -112.19
CA SER JB 101 -43.77 -2.29 -113.26
C SER JB 101 -44.56 -1.67 -114.41
N THR JB 102 -44.10 -1.88 -115.64
CA THR JB 102 -44.81 -1.29 -116.76
C THR JB 102 -45.83 -2.26 -117.32
N ASP JB 103 -46.54 -1.81 -118.34
CA ASP JB 103 -47.60 -2.63 -118.91
C ASP JB 103 -47.02 -3.78 -119.70
N GLU JB 104 -46.19 -3.49 -120.69
CA GLU JB 104 -45.75 -4.53 -121.61
C GLU JB 104 -44.97 -5.61 -120.89
N GLU JB 105 -44.15 -5.23 -119.91
CA GLU JB 105 -43.49 -6.23 -119.07
C GLU JB 105 -44.50 -7.23 -118.55
N ARG JB 106 -45.56 -6.75 -117.91
CA ARG JB 106 -46.61 -7.64 -117.45
C ARG JB 106 -47.19 -8.42 -118.61
N ALA JB 107 -47.66 -7.72 -119.64
CA ALA JB 107 -48.16 -8.39 -120.83
C ALA JB 107 -47.17 -9.43 -121.33
N PHE JB 108 -45.89 -9.08 -121.39
CA PHE JB 108 -44.88 -10.04 -121.78
C PHE JB 108 -44.92 -11.28 -120.91
N VAL JB 109 -45.12 -11.10 -119.61
CA VAL JB 109 -45.20 -12.26 -118.72
C VAL JB 109 -46.40 -13.12 -119.06
N ARG JB 110 -47.55 -12.48 -119.31
CA ARG JB 110 -48.77 -13.23 -119.49
C ARG JB 110 -48.64 -14.24 -120.62
N THR JB 111 -48.31 -13.76 -121.82
CA THR JB 111 -48.25 -14.65 -122.96
C THR JB 111 -47.25 -15.78 -122.74
N GLU JB 112 -46.00 -15.44 -122.44
CA GLU JB 112 -44.96 -16.45 -122.35
C GLU JB 112 -45.32 -17.60 -121.43
N LEU JB 113 -45.95 -17.30 -120.30
CA LEU JB 113 -46.39 -18.39 -119.44
C LEU JB 113 -47.33 -19.32 -120.18
N ALA JB 114 -48.29 -18.75 -120.92
CA ALA JB 114 -49.17 -19.59 -121.72
C ALA JB 114 -48.38 -20.42 -122.73
N ALA JB 115 -47.50 -19.77 -123.49
CA ALA JB 115 -46.71 -20.50 -124.47
C ALA JB 115 -46.01 -21.70 -123.84
N LEU JB 116 -45.39 -21.49 -122.68
CA LEU JB 116 -44.81 -22.62 -121.98
C LEU JB 116 -45.82 -23.73 -121.76
N LEU JB 117 -47.02 -23.37 -121.31
CA LEU JB 117 -48.03 -24.38 -121.07
C LEU JB 117 -48.36 -25.16 -122.33
N ALA JB 118 -48.19 -24.53 -123.49
CA ALA JB 118 -48.33 -25.25 -124.75
C ALA JB 118 -47.01 -25.84 -125.22
N SER JB 119 -45.91 -25.50 -124.58
CA SER JB 119 -44.63 -26.01 -125.01
C SER JB 119 -44.55 -27.53 -124.81
N PRO JB 120 -43.88 -28.24 -125.70
CA PRO JB 120 -43.70 -29.68 -125.51
C PRO JB 120 -42.92 -30.01 -124.26
N LEU JB 121 -42.19 -29.05 -123.69
CA LEU JB 121 -41.47 -29.34 -122.47
C LEU JB 121 -42.41 -29.68 -121.33
N LEU JB 122 -43.30 -28.76 -120.98
CA LEU JB 122 -44.11 -28.93 -119.79
C LEU JB 122 -45.05 -30.11 -119.88
N ILE JB 123 -45.53 -30.45 -121.07
CA ILE JB 123 -46.54 -31.49 -121.17
C ILE JB 123 -46.05 -32.79 -120.56
N ASP JB 124 -44.84 -33.23 -120.88
CA ASP JB 124 -44.27 -34.37 -120.21
C ASP JB 124 -44.07 -34.11 -118.72
N ALA JB 125 -43.58 -32.93 -118.38
CA ALA JB 125 -43.49 -32.52 -116.99
C ALA JB 125 -44.83 -32.59 -116.29
N ILE JB 126 -45.88 -32.03 -116.88
CA ILE JB 126 -47.21 -32.06 -116.31
C ILE JB 126 -47.85 -33.42 -116.49
N ASP JB 127 -48.15 -33.79 -117.73
CA ASP JB 127 -48.96 -34.98 -117.96
C ASP JB 127 -48.27 -36.24 -117.46
N GLN JB 128 -47.05 -36.48 -117.90
CA GLN JB 128 -46.35 -37.70 -117.55
C GLN JB 128 -45.46 -37.56 -116.34
N LEU JB 129 -45.47 -36.40 -115.68
CA LEU JB 129 -44.68 -36.19 -114.46
C LEU JB 129 -43.22 -36.51 -114.71
N ASN JB 130 -42.60 -35.74 -115.58
CA ASN JB 130 -41.24 -36.08 -115.90
C ASN JB 130 -40.34 -34.87 -115.72
N PRO JB 131 -39.16 -35.07 -115.19
CA PRO JB 131 -38.18 -34.00 -115.15
C PRO JB 131 -37.65 -33.67 -116.53
N ALA JB 132 -36.57 -32.90 -116.58
CA ALA JB 132 -36.17 -32.17 -117.77
C ALA JB 132 -35.40 -33.03 -118.76
N TYR JB 133 -35.26 -34.32 -118.49
CA TYR JB 133 -34.47 -35.17 -119.36
C TYR JB 133 -35.35 -35.95 -120.31
N ALA KB 2 -78.33 -13.05 -107.13
CA ALA KB 2 -78.21 -12.02 -108.16
C ALA KB 2 -77.89 -10.68 -107.52
N LYS KB 3 -77.96 -9.62 -108.32
CA LYS KB 3 -77.61 -8.29 -107.89
C LYS KB 3 -78.58 -7.82 -106.81
N LEU KB 4 -78.02 -7.12 -105.83
CA LEU KB 4 -78.83 -6.37 -104.87
C LEU KB 4 -79.72 -5.41 -105.65
N GLU KB 5 -81.01 -5.43 -105.35
CA GLU KB 5 -81.95 -4.57 -106.03
C GLU KB 5 -82.99 -4.08 -105.05
N THR KB 6 -83.86 -3.21 -105.53
CA THR KB 6 -85.04 -2.84 -104.76
C THR KB 6 -85.89 -4.09 -104.67
N VAL KB 7 -86.23 -4.46 -103.45
CA VAL KB 7 -87.04 -5.67 -103.26
C VAL KB 7 -88.41 -5.24 -102.76
N THR KB 8 -89.41 -5.37 -103.60
CA THR KB 8 -90.79 -5.08 -103.23
C THR KB 8 -91.39 -6.33 -102.61
N LEU KB 9 -92.22 -6.14 -101.59
CA LEU KB 9 -92.89 -7.25 -100.94
C LEU KB 9 -94.35 -6.91 -100.76
N GLY KB 10 -95.22 -7.77 -101.30
CA GLY KB 10 -96.64 -7.67 -101.10
C GLY KB 10 -97.10 -8.69 -100.07
N ASN KB 11 -98.36 -8.55 -99.67
CA ASN KB 11 -99.00 -9.52 -98.78
C ASN KB 11 -98.21 -9.66 -97.48
N ILE KB 12 -98.27 -8.60 -96.69
CA ILE KB 12 -97.47 -8.48 -95.47
C ILE KB 12 -98.42 -8.19 -94.32
N GLY KB 13 -98.03 -8.63 -93.13
CA GLY KB 13 -98.80 -8.37 -91.93
C GLY KB 13 -100.06 -9.21 -91.89
N LYS KB 14 -100.69 -9.17 -90.71
CA LYS KB 14 -101.93 -9.92 -90.51
C LYS KB 14 -102.94 -9.60 -91.59
N ASP KB 15 -102.99 -8.35 -92.02
CA ASP KB 15 -103.86 -7.97 -93.13
C ASP KB 15 -103.44 -8.67 -94.41
N GLY KB 16 -102.16 -8.60 -94.76
CA GLY KB 16 -101.75 -9.03 -96.07
C GLY KB 16 -101.93 -7.96 -97.12
N LYS KB 17 -102.44 -6.80 -96.74
CA LYS KB 17 -102.46 -5.66 -97.65
C LYS KB 17 -101.21 -4.81 -97.48
N GLN KB 18 -100.42 -5.09 -96.46
CA GLN KB 18 -99.18 -4.36 -96.22
C GLN KB 18 -98.17 -4.68 -97.32
N THR KB 19 -97.43 -3.65 -97.72
CA THR KB 19 -96.38 -3.79 -98.70
C THR KB 19 -95.11 -3.14 -98.18
N LEU KB 20 -93.97 -3.62 -98.67
CA LEU KB 20 -92.69 -3.09 -98.22
C LEU KB 20 -91.69 -3.16 -99.36
N VAL KB 21 -90.85 -2.13 -99.46
CA VAL KB 21 -89.75 -2.11 -100.39
C VAL KB 21 -88.46 -2.04 -99.59
N LEU KB 22 -87.40 -2.58 -100.18
CA LEU KB 22 -86.10 -2.63 -99.52
C LEU KB 22 -85.03 -2.15 -100.49
N ASN KB 23 -84.35 -1.13 -100.12
CA ASN KB 23 -83.29 -0.74 -101.02
C ASN KB 23 -81.99 -1.45 -100.67
N PRO KB 24 -81.16 -1.73 -101.65
CA PRO KB 24 -79.83 -2.27 -101.36
C PRO KB 24 -79.03 -1.27 -100.55
N ARG KB 25 -78.48 -1.75 -99.44
CA ARG KB 25 -77.68 -0.92 -98.56
C ARG KB 25 -76.19 -1.08 -98.78
N GLY KB 26 -75.79 -1.88 -99.76
CA GLY KB 26 -74.40 -2.25 -99.91
C GLY KB 26 -74.06 -3.45 -99.07
N VAL KB 27 -72.77 -3.78 -99.04
CA VAL KB 27 -72.29 -4.97 -98.35
C VAL KB 27 -71.13 -4.59 -97.47
N ASN KB 28 -71.20 -4.96 -96.20
CA ASN KB 28 -70.03 -4.81 -95.37
C ASN KB 28 -69.00 -5.85 -95.75
N PRO KB 29 -67.85 -5.47 -96.30
CA PRO KB 29 -66.86 -6.46 -96.72
C PRO KB 29 -66.20 -7.17 -95.57
N THR KB 30 -66.08 -6.54 -94.40
CA THR KB 30 -65.40 -7.18 -93.29
C THR KB 30 -66.03 -8.52 -92.95
N ASN KB 31 -67.22 -8.50 -92.41
CA ASN KB 31 -67.98 -9.73 -92.17
C ASN KB 31 -68.48 -10.33 -93.47
N GLY KB 32 -68.39 -9.62 -94.58
CA GLY KB 32 -68.92 -10.12 -95.83
C GLY KB 32 -70.42 -10.33 -95.77
N VAL KB 33 -71.17 -9.30 -95.41
CA VAL KB 33 -72.61 -9.42 -95.21
C VAL KB 33 -73.29 -8.29 -95.96
N ALA KB 34 -74.28 -8.65 -96.76
CA ALA KB 34 -75.10 -7.67 -97.45
C ALA KB 34 -76.12 -7.05 -96.49
N SER KB 35 -76.66 -5.91 -96.89
CA SER KB 35 -77.63 -5.21 -96.08
C SER KB 35 -78.72 -4.65 -96.98
N LEU KB 36 -79.95 -4.70 -96.49
CA LEU KB 36 -81.09 -4.15 -97.20
C LEU KB 36 -81.91 -3.33 -96.23
N SER KB 37 -82.58 -2.31 -96.73
CA SER KB 37 -83.39 -1.50 -95.83
C SER KB 37 -84.57 -0.90 -96.55
N GLN KB 38 -85.65 -0.72 -95.80
CA GLN KB 38 -86.69 0.23 -96.17
C GLN KB 38 -86.10 1.62 -96.26
N ALA KB 39 -86.64 2.44 -97.15
CA ALA KB 39 -86.27 3.84 -97.18
C ALA KB 39 -87.26 4.62 -96.31
N GLY KB 40 -86.76 5.01 -95.15
CA GLY KB 40 -87.52 5.84 -94.24
C GLY KB 40 -86.91 7.22 -94.13
N ALA KB 41 -87.17 7.86 -93.00
CA ALA KB 41 -86.49 9.10 -92.68
C ALA KB 41 -85.18 8.82 -91.96
N VAL KB 42 -85.26 8.28 -90.75
CA VAL KB 42 -84.09 8.06 -89.93
C VAL KB 42 -83.61 6.62 -90.10
N PRO KB 43 -82.39 6.40 -90.58
CA PRO KB 43 -81.88 5.03 -90.72
C PRO KB 43 -82.01 4.22 -89.45
N ALA KB 44 -81.73 4.78 -88.28
CA ALA KB 44 -81.98 4.10 -87.02
C ALA KB 44 -83.40 3.58 -86.93
N LEU KB 45 -84.37 4.32 -87.44
CA LEU KB 45 -85.75 3.86 -87.46
C LEU KB 45 -86.01 2.88 -88.59
N GLU KB 46 -85.26 2.97 -89.68
CA GLU KB 46 -85.58 2.23 -90.88
C GLU KB 46 -85.38 0.74 -90.66
N LYS KB 47 -86.26 -0.05 -91.26
CA LYS KB 47 -86.21 -1.51 -91.13
C LYS KB 47 -84.94 -1.99 -91.79
N ARG KB 48 -84.35 -3.04 -91.24
CA ARG KB 48 -83.12 -3.57 -91.80
C ARG KB 48 -83.26 -5.05 -92.12
N VAL KB 49 -82.60 -5.49 -93.18
CA VAL KB 49 -82.58 -6.89 -93.58
C VAL KB 49 -81.15 -7.24 -93.93
N THR KB 50 -80.65 -8.32 -93.35
CA THR KB 50 -79.26 -8.72 -93.52
C THR KB 50 -79.22 -10.17 -94.00
N VAL KB 51 -78.42 -10.42 -95.03
CA VAL KB 51 -78.19 -11.77 -95.51
C VAL KB 51 -76.69 -11.98 -95.64
N SER KB 52 -76.29 -13.24 -95.53
CA SER KB 52 -74.89 -13.57 -95.65
C SER KB 52 -74.75 -15.00 -96.11
N VAL KB 53 -73.65 -15.27 -96.80
CA VAL KB 53 -73.28 -16.63 -97.14
C VAL KB 53 -72.02 -16.94 -96.36
N SER KB 54 -71.48 -18.13 -96.57
CA SER KB 54 -70.25 -18.53 -95.90
C SER KB 54 -69.61 -19.63 -96.72
N GLN KB 55 -68.35 -19.90 -96.44
CA GLN KB 55 -67.68 -20.98 -97.12
C GLN KB 55 -66.87 -21.78 -96.10
N PRO KB 56 -66.78 -23.09 -96.28
CA PRO KB 56 -66.12 -23.92 -95.28
C PRO KB 56 -64.65 -23.58 -95.16
N SER KB 57 -64.16 -23.61 -93.93
CA SER KB 57 -62.77 -23.31 -93.65
C SER KB 57 -62.19 -24.45 -92.84
N ARG KB 58 -60.94 -24.29 -92.40
CA ARG KB 58 -60.36 -25.22 -91.45
C ARG KB 58 -61.14 -25.26 -90.14
N ASN KB 59 -61.87 -24.20 -89.82
CA ASN KB 59 -62.71 -24.17 -88.62
C ASN KB 59 -64.01 -24.92 -88.78
N ARG KB 60 -64.64 -24.86 -89.96
CA ARG KB 60 -65.90 -25.52 -90.18
C ARG KB 60 -65.97 -25.99 -91.63
N LYS KB 61 -66.51 -27.19 -91.82
CA LYS KB 61 -66.62 -27.79 -93.13
C LYS KB 61 -67.98 -27.54 -93.75
N ASN KB 62 -68.81 -26.77 -93.06
CA ASN KB 62 -70.20 -26.63 -93.46
C ASN KB 62 -70.47 -25.22 -93.93
N TYR KB 63 -71.43 -25.08 -94.82
CA TYR KB 63 -71.87 -23.77 -95.25
C TYR KB 63 -72.86 -23.19 -94.26
N LYS KB 64 -72.74 -21.89 -93.99
CA LYS KB 64 -73.69 -21.18 -93.16
C LYS KB 64 -74.34 -20.10 -94.00
N VAL KB 65 -75.66 -20.00 -93.90
CA VAL KB 65 -76.40 -18.92 -94.50
C VAL KB 65 -77.19 -18.26 -93.38
N GLN KB 66 -76.86 -17.02 -93.08
CA GLN KB 66 -77.44 -16.31 -91.95
C GLN KB 66 -78.28 -15.16 -92.47
N VAL KB 67 -79.49 -15.04 -91.94
CA VAL KB 67 -80.41 -13.96 -92.28
C VAL KB 67 -80.97 -13.39 -91.00
N LYS KB 68 -80.79 -12.10 -90.80
CA LYS KB 68 -81.30 -11.42 -89.62
C LYS KB 68 -82.17 -10.25 -90.06
N ILE KB 69 -83.21 -10.00 -89.28
CA ILE KB 69 -84.14 -8.91 -89.56
C ILE KB 69 -84.27 -8.06 -88.31
N GLN KB 70 -84.21 -6.76 -88.48
CA GLN KB 70 -84.25 -5.82 -87.37
C GLN KB 70 -85.32 -4.78 -87.65
N ASN KB 71 -86.37 -4.76 -86.83
CA ASN KB 71 -87.51 -3.88 -87.01
C ASN KB 71 -87.77 -3.14 -85.71
N PRO KB 72 -87.23 -1.95 -85.55
CA PRO KB 72 -87.43 -1.21 -84.31
C PRO KB 72 -88.87 -0.72 -84.21
N THR KB 73 -89.15 -0.10 -83.07
CA THR KB 73 -90.44 0.50 -82.79
C THR KB 73 -90.24 1.96 -82.51
N ALA KB 74 -90.75 2.80 -83.40
CA ALA KB 74 -90.60 4.25 -83.27
C ALA KB 74 -91.54 4.76 -82.20
N CYS KB 75 -91.04 5.61 -81.33
CA CYS KB 75 -91.88 6.41 -80.44
C CYS KB 75 -91.95 7.79 -81.06
N THR KB 76 -93.11 8.12 -81.64
CA THR KB 76 -93.24 9.38 -82.36
C THR KB 76 -93.13 10.56 -81.42
N ALA KB 77 -93.98 10.60 -80.41
CA ALA KB 77 -93.93 11.66 -79.40
C ALA KB 77 -93.29 11.08 -78.16
N ASN KB 78 -92.06 11.48 -77.91
CA ASN KB 78 -91.37 11.17 -76.66
C ASN KB 78 -91.49 12.31 -75.67
N GLY KB 79 -92.26 13.35 -75.99
CA GLY KB 79 -92.13 14.60 -75.29
C GLY KB 79 -90.97 15.43 -75.80
N SER KB 80 -90.30 14.96 -76.84
CA SER KB 80 -89.14 15.62 -77.42
C SER KB 80 -89.40 15.77 -78.92
N CYS KB 81 -88.59 16.61 -79.56
CA CYS KB 81 -88.79 16.93 -80.97
C CYS KB 81 -88.44 15.79 -81.90
N ASP KB 82 -87.74 14.78 -81.43
CA ASP KB 82 -87.32 13.72 -82.32
C ASP KB 82 -87.83 12.37 -81.84
N PRO KB 83 -88.22 11.50 -82.76
CA PRO KB 83 -88.64 10.15 -82.35
C PRO KB 83 -87.47 9.37 -81.82
N SER KB 84 -87.78 8.29 -81.10
CA SER KB 84 -86.75 7.49 -80.46
C SER KB 84 -87.08 6.01 -80.55
N VAL KB 85 -86.04 5.20 -80.61
CA VAL KB 85 -86.20 3.75 -80.65
C VAL KB 85 -86.77 3.30 -79.31
N THR KB 86 -87.80 2.47 -79.36
CA THR KB 86 -88.36 1.94 -78.13
C THR KB 86 -88.08 0.46 -77.98
N ARG KB 87 -88.74 -0.37 -78.79
CA ARG KB 87 -88.53 -1.80 -78.79
C ARG KB 87 -87.84 -2.19 -80.08
N GLN KB 88 -87.00 -3.21 -80.00
CA GLN KB 88 -86.26 -3.65 -81.18
C GLN KB 88 -86.63 -5.11 -81.44
N ALA KB 89 -87.34 -5.35 -82.53
CA ALA KB 89 -87.74 -6.71 -82.88
C ALA KB 89 -86.57 -7.41 -83.58
N TYR KB 90 -86.20 -8.58 -83.08
CA TYR KB 90 -85.13 -9.35 -83.68
C TYR KB 90 -85.66 -10.62 -84.31
N ALA KB 91 -85.44 -10.73 -85.61
CA ALA KB 91 -85.81 -11.93 -86.35
C ALA KB 91 -84.54 -12.49 -86.95
N ASP KB 92 -84.18 -13.71 -86.54
CA ASP KB 92 -82.94 -14.33 -86.96
C ASP KB 92 -83.21 -15.70 -87.57
N VAL KB 93 -82.56 -15.97 -88.70
CA VAL KB 93 -82.70 -17.23 -89.40
C VAL KB 93 -81.31 -17.66 -89.86
N THR KB 94 -80.99 -18.93 -89.68
CA THR KB 94 -79.72 -19.48 -90.10
C THR KB 94 -79.94 -20.74 -90.92
N PHE KB 95 -78.88 -21.16 -91.60
CA PHE KB 95 -78.92 -22.39 -92.37
C PHE KB 95 -77.57 -23.06 -92.30
N SER KB 96 -77.60 -24.38 -92.25
CA SER KB 96 -76.39 -25.17 -92.29
C SER KB 96 -76.51 -26.18 -93.41
N PHE KB 97 -75.40 -26.46 -94.08
CA PHE KB 97 -75.38 -27.42 -95.16
C PHE KB 97 -74.02 -28.07 -95.22
N THR KB 98 -73.98 -29.22 -95.86
CA THR KB 98 -72.76 -29.98 -96.03
C THR KB 98 -72.26 -29.81 -97.44
N GLN KB 99 -70.95 -29.85 -97.60
CA GLN KB 99 -70.33 -29.67 -98.90
C GLN KB 99 -70.97 -30.54 -99.95
N TYR KB 100 -71.51 -31.69 -99.57
CA TYR KB 100 -72.19 -32.56 -100.53
C TYR KB 100 -73.68 -32.26 -100.63
N SER KB 101 -74.17 -31.24 -99.94
CA SER KB 101 -75.60 -30.92 -99.99
C SER KB 101 -76.02 -30.70 -101.43
N THR KB 102 -77.17 -31.25 -101.80
CA THR KB 102 -77.61 -31.08 -103.18
C THR KB 102 -78.52 -29.87 -103.30
N ASP KB 103 -78.95 -29.62 -104.53
CA ASP KB 103 -79.78 -28.46 -104.78
C ASP KB 103 -81.18 -28.63 -104.21
N GLU KB 104 -81.88 -29.69 -104.63
CA GLU KB 104 -83.27 -29.82 -104.26
C GLU KB 104 -83.45 -29.91 -102.77
N GLU KB 105 -82.56 -30.62 -102.08
CA GLU KB 105 -82.57 -30.63 -100.63
C GLU KB 105 -82.66 -29.22 -100.09
N ARG KB 106 -81.75 -28.36 -100.51
CA ARG KB 106 -81.80 -26.97 -100.09
C ARG KB 106 -83.12 -26.34 -100.50
N ALA KB 107 -83.45 -26.42 -101.79
CA ALA KB 107 -84.73 -25.93 -102.26
C ALA KB 107 -85.87 -26.46 -101.42
N PHE KB 108 -85.85 -27.76 -101.13
CA PHE KB 108 -86.86 -28.34 -100.26
C PHE KB 108 -86.92 -27.62 -98.93
N VAL KB 109 -85.77 -27.27 -98.36
CA VAL KB 109 -85.78 -26.56 -97.10
C VAL KB 109 -86.43 -25.19 -97.25
N ARG KB 110 -86.10 -24.49 -98.34
CA ARG KB 110 -86.55 -23.11 -98.46
C ARG KB 110 -88.06 -23.02 -98.40
N THR KB 111 -88.75 -23.74 -99.28
CA THR KB 111 -90.20 -23.64 -99.32
C THR KB 111 -90.83 -24.03 -97.99
N GLU KB 112 -90.54 -25.23 -97.49
CA GLU KB 112 -91.21 -25.72 -96.30
C GLU KB 112 -91.14 -24.74 -95.15
N LEU KB 113 -90.00 -24.08 -94.95
CA LEU KB 113 -89.94 -23.08 -93.91
C LEU KB 113 -90.98 -22.00 -94.12
N ALA KB 114 -91.09 -21.51 -95.36
CA ALA KB 114 -92.12 -20.54 -95.66
C ALA KB 114 -93.51 -21.09 -95.35
N ALA KB 115 -93.82 -22.28 -95.85
CA ALA KB 115 -95.12 -22.87 -95.58
C ALA KB 115 -95.44 -22.89 -94.10
N LEU KB 116 -94.49 -23.30 -93.28
CA LEU KB 116 -94.68 -23.22 -91.84
C LEU KB 116 -95.06 -21.81 -91.41
N LEU KB 117 -94.35 -20.81 -91.92
CA LEU KB 117 -94.67 -19.44 -91.53
C LEU KB 117 -96.09 -19.07 -91.90
N ALA KB 118 -96.65 -19.69 -92.93
CA ALA KB 118 -98.05 -19.52 -93.25
C ALA KB 118 -98.93 -20.54 -92.56
N SER KB 119 -98.35 -21.53 -91.91
CA SER KB 119 -99.15 -22.54 -91.26
C SER KB 119 -99.92 -21.94 -90.08
N PRO KB 120 -101.14 -22.42 -89.83
CA PRO KB 120 -101.89 -21.94 -88.66
C PRO KB 120 -101.20 -22.26 -87.36
N LEU KB 121 -100.25 -23.19 -87.35
CA LEU KB 121 -99.55 -23.49 -86.11
C LEU KB 121 -98.76 -22.29 -85.63
N LEU KB 122 -97.81 -21.82 -86.44
CA LEU KB 122 -96.89 -20.80 -85.97
C LEU KB 122 -97.57 -19.48 -85.64
N ILE KB 123 -98.66 -19.15 -86.33
CA ILE KB 123 -99.25 -17.84 -86.14
C ILE KB 123 -99.61 -17.62 -84.67
N ASP KB 124 -100.28 -18.58 -84.04
CA ASP KB 124 -100.51 -18.48 -82.61
C ASP KB 124 -99.22 -18.49 -81.83
N ALA KB 125 -98.28 -19.35 -82.20
CA ALA KB 125 -96.96 -19.33 -81.62
C ALA KB 125 -96.29 -17.98 -81.76
N ILE KB 126 -96.29 -17.39 -82.95
CA ILE KB 126 -95.71 -16.09 -83.17
C ILE KB 126 -96.60 -14.98 -82.65
N ASP KB 127 -97.76 -14.80 -83.26
CA ASP KB 127 -98.57 -13.64 -82.95
C ASP KB 127 -99.03 -13.62 -81.50
N GLN KB 128 -99.66 -14.69 -81.06
CA GLN KB 128 -100.21 -14.74 -79.71
C GLN KB 128 -99.27 -15.36 -78.70
N LEU KB 129 -98.05 -15.72 -79.09
CA LEU KB 129 -97.06 -16.27 -78.18
C LEU KB 129 -97.62 -17.49 -77.46
N ASN KB 130 -97.91 -18.52 -78.22
CA ASN KB 130 -98.52 -19.65 -77.57
C ASN KB 130 -97.75 -20.92 -77.89
N PRO KB 131 -97.60 -21.78 -76.92
CA PRO KB 131 -97.02 -23.09 -77.19
C PRO KB 131 -97.97 -23.96 -77.99
N ALA KB 132 -97.67 -25.24 -78.07
CA ALA KB 132 -98.20 -26.14 -79.09
C ALA KB 132 -99.60 -26.66 -78.75
N TYR KB 133 -100.18 -26.18 -77.66
CA TYR KB 133 -101.48 -26.70 -77.24
C TYR KB 133 -102.59 -25.77 -77.67
N ALA LB 2 -74.12 1.28 -105.47
CA ALA LB 2 -74.21 0.13 -106.36
C ALA LB 2 -72.84 -0.48 -106.58
N LYS LB 3 -72.76 -1.40 -107.53
CA LYS LB 3 -71.55 -2.14 -107.82
C LYS LB 3 -70.47 -1.20 -108.32
N LEU LB 4 -69.25 -1.46 -107.89
CA LEU LB 4 -68.08 -0.83 -108.49
C LEU LB 4 -68.08 -1.13 -109.97
N GLU LB 5 -67.93 -0.11 -110.78
CA GLU LB 5 -67.93 -0.27 -112.23
C GLU LB 5 -66.90 0.65 -112.85
N THR LB 6 -66.74 0.54 -114.15
CA THR LB 6 -65.98 1.52 -114.90
C THR LB 6 -66.77 2.81 -114.81
N VAL LB 7 -66.10 3.87 -114.36
CA VAL LB 7 -66.78 5.15 -114.23
C VAL LB 7 -66.17 6.10 -115.26
N THR LB 8 -66.95 6.42 -116.28
CA THR LB 8 -66.54 7.38 -117.29
C THR LB 8 -66.92 8.77 -116.81
N LEU LB 9 -66.06 9.74 -117.09
CA LEU LB 9 -66.32 11.12 -116.71
C LEU LB 9 -66.04 12.02 -117.91
N GLY LB 10 -67.04 12.80 -118.31
CA GLY LB 10 -66.88 13.80 -119.33
C GLY LB 10 -66.78 15.18 -118.69
N ASN LB 11 -66.46 16.15 -119.52
CA ASN LB 11 -66.44 17.56 -119.10
C ASN LB 11 -65.51 17.76 -117.92
N ILE LB 12 -64.22 17.63 -118.20
CA ILE LB 12 -63.19 17.63 -117.17
C ILE LB 12 -62.18 18.70 -117.53
N GLY LB 13 -61.54 19.27 -116.52
CA GLY LB 13 -60.49 20.26 -116.74
C GLY LB 13 -61.06 21.58 -117.19
N LYS LB 14 -60.18 22.58 -117.19
CA LYS LB 14 -60.57 23.92 -117.61
C LYS LB 14 -61.22 23.89 -118.99
N ASP LB 15 -60.74 23.02 -119.86
CA ASP LB 15 -61.38 22.86 -121.16
C ASP LB 15 -62.79 22.30 -121.02
N GLY LB 16 -62.94 21.23 -120.26
CA GLY LB 16 -64.20 20.52 -120.27
C GLY LB 16 -64.32 19.54 -121.40
N LYS LB 17 -63.28 19.45 -122.25
CA LYS LB 17 -63.24 18.38 -123.25
C LYS LB 17 -62.49 17.17 -122.72
N GLN LB 18 -61.87 17.30 -121.56
CA GLN LB 18 -61.16 16.19 -120.94
C GLN LB 18 -62.14 15.14 -120.48
N THR LB 19 -61.75 13.88 -120.66
CA THR LB 19 -62.54 12.75 -120.21
C THR LB 19 -61.66 11.80 -119.42
N LEU LB 20 -62.28 11.04 -118.52
CA LEU LB 20 -61.54 10.12 -117.67
C LEU LB 20 -62.39 8.90 -117.38
N VAL LB 21 -61.77 7.74 -117.35
CA VAL LB 21 -62.41 6.52 -116.95
C VAL LB 21 -61.70 6.00 -115.70
N LEU LB 22 -62.45 5.28 -114.87
CA LEU LB 22 -61.93 4.77 -113.62
C LEU LB 22 -62.30 3.29 -113.49
N ASN LB 23 -61.32 2.48 -113.38
CA ASN LB 23 -61.71 1.09 -113.18
C ASN LB 23 -61.83 0.78 -111.70
N PRO LB 24 -62.73 -0.13 -111.35
CA PRO LB 24 -62.78 -0.59 -109.96
C PRO LB 24 -61.49 -1.27 -109.57
N ARG LB 25 -60.93 -0.82 -108.45
CA ARG LB 25 -59.68 -1.37 -107.94
C ARG LB 25 -59.90 -2.39 -106.85
N GLY LB 26 -61.14 -2.73 -106.53
CA GLY LB 26 -61.42 -3.55 -105.37
C GLY LB 26 -61.56 -2.70 -104.12
N VAL LB 27 -61.69 -3.38 -102.99
CA VAL LB 27 -61.92 -2.72 -101.72
C VAL LB 27 -60.96 -3.27 -100.70
N ASN LB 28 -60.24 -2.38 -100.03
CA ASN LB 28 -59.45 -2.83 -98.91
C ASN LB 28 -60.37 -3.16 -97.74
N PRO LB 29 -60.48 -4.42 -97.33
CA PRO LB 29 -61.39 -4.77 -96.25
C PRO LB 29 -60.96 -4.26 -94.91
N THR LB 30 -59.66 -4.09 -94.67
CA THR LB 30 -59.19 -3.64 -93.37
C THR LB 30 -59.84 -2.33 -92.98
N ASN LB 31 -59.47 -1.25 -93.64
CA ASN LB 31 -60.13 0.02 -93.43
C ASN LB 31 -61.53 0.05 -94.01
N GLY LB 32 -61.90 -0.95 -94.80
CA GLY LB 32 -63.21 -0.96 -95.43
C GLY LB 32 -63.37 0.20 -96.41
N VAL LB 33 -62.45 0.34 -97.36
CA VAL LB 33 -62.44 1.46 -98.26
C VAL LB 33 -62.30 0.95 -99.69
N ALA LB 34 -63.20 1.39 -100.56
CA ALA LB 34 -63.12 1.09 -101.97
C ALA LB 34 -62.04 1.92 -102.64
N SER LB 35 -61.62 1.47 -103.82
CA SER LB 35 -60.60 2.17 -104.57
C SER LB 35 -60.96 2.14 -106.05
N LEU LB 36 -60.69 3.25 -106.73
CA LEU LB 36 -60.92 3.36 -108.15
C LEU LB 36 -59.69 3.96 -108.79
N SER LB 37 -59.44 3.63 -110.04
CA SER LB 37 -58.27 4.17 -110.69
C SER LB 37 -58.47 4.29 -112.19
N GLN LB 38 -57.84 5.30 -112.76
CA GLN LB 38 -57.55 5.31 -114.18
C GLN LB 38 -56.69 4.12 -114.54
N ALA LB 39 -56.85 3.60 -115.75
CA ALA LB 39 -55.95 2.57 -116.24
C ALA LB 39 -54.83 3.26 -117.01
N GLY LB 40 -53.67 3.30 -116.37
CA GLY LB 40 -52.47 3.82 -117.00
C GLY LB 40 -51.47 2.72 -117.25
N ALA LB 41 -50.20 3.13 -117.31
CA ALA LB 41 -49.12 2.16 -117.35
C ALA LB 41 -48.69 1.78 -115.93
N VAL LB 42 -48.14 2.74 -115.21
CA VAL LB 42 -47.60 2.48 -113.88
C VAL LB 42 -48.65 2.84 -112.84
N PRO LB 43 -49.10 1.90 -112.01
CA PRO LB 43 -50.06 2.22 -110.96
C PRO LB 43 -49.65 3.38 -110.09
N ALA LB 44 -48.38 3.48 -109.71
CA ALA LB 44 -47.88 4.64 -109.00
C ALA LB 44 -48.22 5.93 -109.73
N LEU LB 45 -48.16 5.93 -111.06
CA LEU LB 45 -48.53 7.10 -111.83
C LEU LB 45 -50.05 7.24 -111.97
N GLU LB 46 -50.77 6.14 -111.92
CA GLU LB 46 -52.20 6.15 -112.25
C GLU LB 46 -52.99 6.92 -111.21
N LYS LB 47 -54.00 7.64 -111.69
CA LYS LB 47 -54.84 8.46 -110.82
C LYS LB 47 -55.59 7.52 -109.90
N ARG LB 48 -55.83 7.97 -108.67
CA ARG LB 48 -56.54 7.15 -107.71
C ARG LB 48 -57.75 7.88 -107.16
N VAL LB 49 -58.81 7.13 -106.88
CA VAL LB 49 -60.02 7.66 -106.28
C VAL LB 49 -60.45 6.71 -105.19
N THR LB 50 -60.70 7.25 -104.00
CA THR LB 50 -61.02 6.44 -102.84
C THR LB 50 -62.32 6.95 -102.23
N VAL LB 51 -63.24 6.03 -101.93
CA VAL LB 51 -64.46 6.36 -101.23
C VAL LB 51 -64.63 5.40 -100.08
N SER LB 52 -65.35 5.85 -99.06
CA SER LB 52 -65.59 5.02 -97.90
C SER LB 52 -66.86 5.47 -97.23
N VAL LB 53 -67.51 4.52 -96.56
CA VAL LB 53 -68.64 4.83 -95.71
C VAL LB 53 -68.19 4.54 -94.29
N SER LB 54 -69.09 4.71 -93.33
CA SER LB 54 -68.79 4.43 -91.94
C SER LB 54 -70.10 4.17 -91.22
N GLN LB 55 -70.00 3.60 -90.03
CA GLN LB 55 -71.19 3.40 -89.24
C GLN LB 55 -70.90 3.79 -87.80
N PRO LB 56 -71.88 4.35 -87.11
CA PRO LB 56 -71.63 4.86 -85.76
C PRO LB 56 -71.27 3.74 -84.81
N SER LB 57 -70.32 4.05 -83.92
CA SER LB 57 -69.84 3.08 -82.95
C SER LB 57 -69.95 3.72 -81.57
N ARG LB 58 -69.46 3.01 -80.55
CA ARG LB 58 -69.32 3.59 -79.24
C ARG LB 58 -68.38 4.80 -79.24
N ASN LB 59 -67.48 4.89 -80.21
CA ASN LB 59 -66.59 6.03 -80.35
C ASN LB 59 -67.26 7.24 -80.98
N ARG LB 60 -68.14 7.03 -81.95
CA ARG LB 60 -68.80 8.14 -82.63
C ARG LB 60 -70.21 7.71 -83.02
N LYS LB 61 -71.16 8.62 -82.86
CA LYS LB 61 -72.55 8.36 -83.16
C LYS LB 61 -72.92 8.84 -84.55
N ASN LB 62 -71.93 9.33 -85.29
CA ASN LB 62 -72.21 9.99 -86.55
C ASN LB 62 -71.65 9.16 -87.70
N TYR LB 63 -72.30 9.30 -88.86
CA TYR LB 63 -71.79 8.67 -90.06
C TYR LB 63 -70.71 9.53 -90.68
N LYS LB 64 -69.65 8.88 -91.18
CA LYS LB 64 -68.60 9.56 -91.91
C LYS LB 64 -68.55 9.00 -93.32
N VAL LB 65 -68.48 9.89 -94.30
CA VAL LB 65 -68.26 9.51 -95.67
C VAL LB 65 -67.03 10.25 -96.14
N GLN LB 66 -65.97 9.51 -96.43
CA GLN LB 66 -64.69 10.07 -96.78
C GLN LB 66 -64.37 9.78 -98.23
N VAL LB 67 -63.94 10.80 -98.96
CA VAL LB 67 -63.55 10.66 -100.35
C VAL LB 67 -62.24 11.38 -100.54
N LYS LB 68 -61.23 10.66 -101.02
CA LYS LB 68 -59.92 11.23 -101.27
C LYS LB 68 -59.53 10.97 -102.71
N ILE LB 69 -58.81 11.93 -103.31
CA ILE LB 69 -58.37 11.84 -104.68
C ILE LB 69 -56.88 12.10 -104.70
N GLN LB 70 -56.15 11.26 -105.44
CA GLN LB 70 -54.70 11.34 -105.51
C GLN LB 70 -54.30 11.37 -106.97
N ASN LB 71 -53.70 12.48 -107.40
CA ASN LB 71 -53.32 12.69 -108.80
C ASN LB 71 -51.87 13.13 -108.85
N PRO LB 72 -50.95 12.19 -109.02
CA PRO LB 72 -49.54 12.55 -109.05
C PRO LB 72 -49.20 13.32 -110.32
N THR LB 73 -47.95 13.75 -110.39
CA THR LB 73 -47.41 14.44 -111.54
C THR LB 73 -46.23 13.65 -112.07
N ALA LB 74 -46.38 13.09 -113.26
CA ALA LB 74 -45.34 12.28 -113.87
C ALA LB 74 -44.24 13.19 -114.40
N CYS LB 75 -43.00 12.82 -114.12
CA CYS LB 75 -41.84 13.41 -114.80
C CYS LB 75 -41.43 12.39 -115.85
N THR LB 76 -41.70 12.71 -117.11
CA THR LB 76 -41.43 11.76 -118.19
C THR LB 76 -39.94 11.53 -118.34
N ALA LB 77 -39.19 12.59 -118.58
CA ALA LB 77 -37.75 12.50 -118.69
C ALA LB 77 -37.15 13.00 -117.39
N ASN LB 78 -36.63 12.07 -116.59
CA ASN LB 78 -35.86 12.42 -115.41
C ASN LB 78 -34.37 12.38 -115.69
N GLY LB 79 -33.98 12.17 -116.95
CA GLY LB 79 -32.62 11.76 -117.23
C GLY LB 79 -32.42 10.28 -117.03
N SER LB 80 -33.49 9.55 -116.71
CA SER LB 80 -33.44 8.12 -116.46
C SER LB 80 -34.49 7.46 -117.35
N CYS LB 81 -34.38 6.14 -117.48
CA CYS LB 81 -35.25 5.39 -118.37
C CYS LB 81 -36.69 5.30 -117.90
N ASP LB 82 -36.96 5.62 -116.64
CA ASP LB 82 -38.31 5.44 -116.14
C ASP LB 82 -38.84 6.76 -115.58
N PRO LB 83 -40.13 7.03 -115.78
CA PRO LB 83 -40.70 8.25 -115.21
C PRO LB 83 -40.76 8.14 -113.70
N SER LB 84 -40.94 9.29 -113.05
CA SER LB 84 -40.92 9.36 -111.60
C SER LB 84 -41.96 10.33 -111.10
N VAL LB 85 -42.51 10.03 -109.93
CA VAL LB 85 -43.47 10.90 -109.27
C VAL LB 85 -42.77 12.20 -108.91
N THR LB 86 -43.41 13.32 -109.23
CA THR LB 86 -42.84 14.60 -108.86
C THR LB 86 -43.68 15.28 -107.78
N ARG LB 87 -44.85 15.77 -108.17
CA ARG LB 87 -45.77 16.39 -107.25
C ARG LB 87 -46.98 15.49 -107.08
N GLN LB 88 -47.55 15.51 -105.87
CA GLN LB 88 -48.70 14.66 -105.59
C GLN LB 88 -49.86 15.56 -105.17
N ALA LB 89 -50.88 15.63 -106.01
CA ALA LB 89 -52.05 16.45 -105.73
C ALA LB 89 -52.96 15.68 -104.79
N TYR LB 90 -53.33 16.31 -103.68
CA TYR LB 90 -54.24 15.70 -102.73
C TYR LB 90 -55.57 16.42 -102.70
N ALA LB 91 -56.62 15.68 -103.03
CA ALA LB 91 -57.98 16.22 -102.96
C ALA LB 91 -58.74 15.35 -101.97
N ASP LB 92 -59.20 15.96 -100.88
CA ASP LB 92 -59.88 15.25 -99.80
C ASP LB 92 -61.24 15.86 -99.53
N VAL LB 93 -62.24 15.00 -99.38
CA VAL LB 93 -63.61 15.41 -99.09
C VAL LB 93 -64.16 14.48 -98.04
N THR LB 94 -64.83 15.04 -97.05
CA THR LB 94 -65.45 14.27 -95.99
C THR LB 94 -66.90 14.68 -95.81
N PHE LB 95 -67.64 13.84 -95.09
CA PHE LB 95 -69.03 14.15 -94.78
C PHE LB 95 -69.35 13.63 -93.40
N SER LB 96 -70.18 14.40 -92.70
CA SER LB 96 -70.66 13.98 -91.39
C SER LB 96 -72.17 14.03 -91.41
N PHE LB 97 -72.80 13.10 -90.73
CA PHE LB 97 -74.25 13.06 -90.65
C PHE LB 97 -74.66 12.45 -89.32
N THR LB 98 -75.90 12.73 -88.94
CA THR LB 98 -76.46 12.24 -87.71
C THR LB 98 -77.40 11.08 -88.02
N GLN LB 99 -77.47 10.14 -87.09
CA GLN LB 99 -78.31 8.98 -87.27
C GLN LB 99 -79.71 9.34 -87.71
N TYR LB 100 -80.20 10.53 -87.34
CA TYR LB 100 -81.51 10.96 -87.78
C TYR LB 100 -81.47 11.76 -89.07
N SER LB 101 -80.31 11.90 -89.69
CA SER LB 101 -80.19 12.66 -90.93
C SER LB 101 -81.16 12.10 -91.96
N THR LB 102 -81.86 12.98 -92.67
CA THR LB 102 -82.82 12.49 -93.64
C THR LB 102 -82.17 12.40 -95.01
N ASP LB 103 -82.95 11.94 -95.98
CA ASP LB 103 -82.43 11.74 -97.32
C ASP LB 103 -82.17 13.07 -98.01
N GLU LB 104 -83.20 13.90 -98.13
CA GLU LB 104 -83.09 15.10 -98.95
C GLU LB 104 -82.01 16.03 -98.40
N GLU LB 105 -81.92 16.15 -97.08
CA GLU LB 105 -80.82 16.89 -96.48
C GLU LB 105 -79.50 16.46 -97.08
N ARG LB 106 -79.21 15.17 -97.04
CA ARG LB 106 -77.99 14.67 -97.65
C ARG LB 106 -77.96 15.02 -99.13
N ALA LB 107 -79.00 14.63 -99.87
CA ALA LB 107 -79.08 15.00 -101.27
C ALA LB 107 -78.86 16.48 -101.48
N PHE LB 108 -79.49 17.31 -100.64
CA PHE LB 108 -79.25 18.74 -100.71
C PHE LB 108 -77.77 19.07 -100.59
N VAL LB 109 -77.06 18.39 -99.70
CA VAL LB 109 -75.64 18.64 -99.56
C VAL LB 109 -74.90 18.26 -100.83
N ARG LB 110 -75.24 17.12 -101.41
CA ARG LB 110 -74.47 16.63 -102.53
C ARG LB 110 -74.44 17.63 -103.68
N THR LB 111 -75.61 18.04 -104.17
CA THR LB 111 -75.64 18.95 -105.30
C THR LB 111 -74.90 20.25 -105.00
N GLU LB 112 -75.29 20.94 -103.93
CA GLU LB 112 -74.74 22.27 -103.67
C GLU LB 112 -73.23 22.27 -103.67
N LEU LB 113 -72.60 21.24 -103.10
CA LEU LB 113 -71.15 21.19 -103.15
C LEU LB 113 -70.67 21.20 -104.59
N ALA LB 114 -71.30 20.39 -105.45
CA ALA LB 114 -70.93 20.42 -106.86
C ALA LB 114 -71.11 21.81 -107.45
N ALA LB 115 -72.29 22.41 -107.25
CA ALA LB 115 -72.54 23.74 -107.79
C ALA LB 115 -71.42 24.71 -107.39
N LEU LB 116 -71.02 24.70 -106.12
CA LEU LB 116 -69.90 25.51 -105.72
C LEU LB 116 -68.68 25.22 -106.57
N LEU LB 117 -68.37 23.96 -106.79
CA LEU LB 117 -67.20 23.63 -107.60
C LEU LB 117 -67.31 24.20 -108.99
N ALA LB 118 -68.52 24.38 -109.50
CA ALA LB 118 -68.71 25.08 -110.76
C ALA LB 118 -68.89 26.58 -110.58
N SER LB 119 -69.03 27.04 -109.35
CA SER LB 119 -69.22 28.47 -109.12
C SER LB 119 -67.98 29.25 -109.52
N PRO LB 120 -68.15 30.45 -110.06
CA PRO LB 120 -66.99 31.29 -110.38
C PRO LB 120 -66.17 31.66 -109.16
N LEU LB 121 -66.73 31.53 -107.96
CA LEU LB 121 -65.96 31.83 -106.78
C LEU LB 121 -64.77 30.89 -106.64
N LEU LB 122 -65.03 29.59 -106.53
CA LEU LB 122 -63.98 28.66 -106.19
C LEU LB 122 -62.91 28.57 -107.27
N ILE LB 123 -63.26 28.78 -108.54
CA ILE LB 123 -62.28 28.57 -109.59
C ILE LB 123 -61.06 29.44 -109.37
N ASP LB 124 -61.23 30.72 -109.08
CA ASP LB 124 -60.09 31.55 -108.71
C ASP LB 124 -59.44 31.07 -107.44
N ALA LB 125 -60.25 30.72 -106.44
CA ALA LB 125 -59.73 30.10 -105.23
C ALA LB 125 -58.91 28.85 -105.53
N ILE LB 126 -59.43 27.94 -106.33
CA ILE LB 126 -58.73 26.73 -106.69
C ILE LB 126 -57.65 27.00 -107.72
N ASP LB 127 -58.06 27.39 -108.93
CA ASP LB 127 -57.10 27.46 -110.03
C ASP LB 127 -56.02 28.49 -109.76
N GLN LB 128 -56.40 29.72 -109.47
CA GLN LB 128 -55.45 30.79 -109.29
C GLN LB 128 -55.04 31.01 -107.85
N LEU LB 129 -55.51 30.17 -106.93
CA LEU LB 129 -55.14 30.26 -105.52
C LEU LB 129 -55.40 31.66 -104.98
N ASN LB 130 -56.66 32.01 -104.96
CA ASN LB 130 -56.95 33.37 -104.54
C ASN LB 130 -57.98 33.37 -103.42
N PRO LB 131 -57.79 34.22 -102.45
CA PRO LB 131 -58.83 34.40 -101.43
C PRO LB 131 -60.03 35.12 -102.00
N ALA LB 132 -60.92 35.55 -101.11
CA ALA LB 132 -62.30 35.88 -101.46
C ALA LB 132 -62.44 37.28 -102.06
N TYR LB 133 -61.34 37.97 -102.29
CA TYR LB 133 -61.43 39.33 -102.79
C TYR LB 133 -61.18 39.36 -104.29
N ALA MB 2 -24.79 -47.47 -120.33
CA ALA MB 2 -25.15 -46.74 -121.52
C ALA MB 2 -26.39 -45.90 -121.28
N LYS MB 3 -26.93 -45.34 -122.36
CA LYS MB 3 -28.07 -44.46 -122.29
C LYS MB 3 -29.30 -45.20 -121.79
N LEU MB 4 -30.07 -44.50 -120.96
CA LEU MB 4 -31.41 -44.98 -120.60
C LEU MB 4 -32.19 -45.17 -121.88
N GLU MB 5 -32.81 -46.33 -122.01
CA GLU MB 5 -33.59 -46.63 -123.20
C GLU MB 5 -34.82 -47.43 -122.81
N THR MB 6 -35.65 -47.70 -123.80
CA THR MB 6 -36.75 -48.64 -123.60
C THR MB 6 -36.10 -49.98 -123.38
N VAL MB 7 -36.46 -50.63 -122.29
CA VAL MB 7 -35.88 -51.94 -121.99
C VAL MB 7 -36.97 -52.98 -122.12
N THR MB 8 -36.90 -53.80 -123.15
CA THR MB 8 -37.83 -54.89 -123.34
C THR MB 8 -37.32 -56.10 -122.59
N LEU MB 9 -38.23 -56.86 -122.00
CA LEU MB 9 -37.87 -58.06 -121.27
C LEU MB 9 -38.80 -59.19 -121.69
N GLY MB 10 -38.20 -60.29 -122.17
CA GLY MB 10 -38.94 -61.49 -122.47
C GLY MB 10 -38.73 -62.52 -121.37
N ASN MB 11 -39.49 -63.60 -121.46
CA ASN MB 11 -39.34 -64.74 -120.57
C ASN MB 11 -39.49 -64.30 -119.11
N ILE MB 12 -40.71 -63.94 -118.76
CA ILE MB 12 -41.01 -63.36 -117.46
C ILE MB 12 -42.11 -64.18 -116.82
N GLY MB 13 -42.12 -64.22 -115.50
CA GLY MB 13 -43.15 -64.93 -114.75
C GLY MB 13 -42.98 -66.42 -114.84
N LYS MB 14 -43.76 -67.10 -114.00
CA LYS MB 14 -43.73 -68.57 -113.98
C LYS MB 14 -43.92 -69.14 -115.37
N ASP MB 15 -44.76 -68.51 -116.18
CA ASP MB 15 -44.93 -68.94 -117.55
C ASP MB 15 -43.66 -68.74 -118.36
N GLY MB 16 -43.06 -67.56 -118.27
CA GLY MB 16 -41.98 -67.24 -119.18
C GLY MB 16 -42.46 -66.73 -120.51
N LYS MB 17 -43.78 -66.65 -120.71
CA LYS MB 17 -44.31 -66.00 -121.89
C LYS MB 17 -44.60 -64.53 -121.62
N GLN MB 18 -44.50 -64.12 -120.35
CA GLN MB 18 -44.71 -62.73 -119.99
C GLN MB 18 -43.59 -61.87 -120.54
N THR MB 19 -43.96 -60.67 -120.99
CA THR MB 19 -43.01 -59.70 -121.49
C THR MB 19 -43.27 -58.36 -120.84
N LEU MB 20 -42.23 -57.54 -120.76
CA LEU MB 20 -42.34 -56.24 -120.11
C LEU MB 20 -41.42 -55.25 -120.79
N VAL MB 21 -41.89 -54.03 -120.94
CA VAL MB 21 -41.07 -52.94 -121.44
C VAL MB 21 -40.96 -51.89 -120.33
N LEU MB 22 -39.85 -51.15 -120.35
CA LEU MB 22 -39.58 -50.16 -119.33
C LEU MB 22 -39.14 -48.87 -120.00
N ASN MB 23 -39.86 -47.83 -119.78
CA ASN MB 23 -39.38 -46.60 -120.38
C ASN MB 23 -38.46 -45.87 -119.42
N PRO MB 24 -37.47 -45.16 -119.95
CA PRO MB 24 -36.65 -44.32 -119.10
C PRO MB 24 -37.49 -43.24 -118.44
N ARG MB 25 -37.36 -43.15 -117.12
CA ARG MB 25 -38.11 -42.17 -116.34
C ARG MB 25 -37.29 -40.94 -116.01
N GLY MB 26 -36.07 -40.85 -116.50
CA GLY MB 26 -35.17 -39.80 -116.07
C GLY MB 26 -34.41 -40.21 -114.83
N VAL MB 27 -33.65 -39.26 -114.29
CA VAL MB 27 -32.79 -39.51 -113.15
C VAL MB 27 -33.02 -38.43 -112.11
N ASN MB 28 -33.30 -38.85 -110.89
CA ASN MB 28 -33.32 -37.88 -109.82
C ASN MB 28 -31.91 -37.45 -109.49
N PRO MB 29 -31.54 -36.19 -109.74
CA PRO MB 29 -30.17 -35.75 -109.49
C PRO MB 29 -29.82 -35.69 -108.02
N THR MB 30 -30.79 -35.44 -107.16
CA THR MB 30 -30.49 -35.30 -105.73
C THR MB 30 -29.79 -36.54 -105.21
N ASN MB 31 -30.51 -37.65 -105.10
CA ASN MB 31 -29.90 -38.91 -104.74
C ASN MB 31 -29.04 -39.47 -105.86
N GLY MB 32 -29.12 -38.91 -107.06
CA GLY MB 32 -28.37 -39.43 -108.18
C GLY MB 32 -28.81 -40.84 -108.54
N VAL MB 33 -30.10 -41.03 -108.79
CA VAL MB 33 -30.65 -42.36 -109.02
C VAL MB 33 -31.52 -42.31 -110.27
N ALA MB 34 -31.27 -43.22 -111.19
CA ALA MB 34 -32.09 -43.38 -112.37
C ALA MB 34 -33.40 -44.07 -112.04
N SER MB 35 -34.36 -43.92 -112.93
CA SER MB 35 -35.67 -44.54 -112.74
C SER MB 35 -36.16 -45.09 -114.06
N LEU MB 36 -36.80 -46.25 -114.02
CA LEU MB 36 -37.39 -46.87 -115.18
C LEU MB 36 -38.80 -47.31 -114.84
N SER MB 37 -39.68 -47.33 -115.82
CA SER MB 37 -41.04 -47.75 -115.53
C SER MB 37 -41.68 -48.38 -116.74
N GLN MB 38 -42.57 -49.33 -116.47
CA GLN MB 38 -43.58 -49.71 -117.44
C GLN MB 38 -44.46 -48.52 -117.77
N ALA MB 39 -44.94 -48.48 -119.00
CA ALA MB 39 -45.93 -47.46 -119.36
C ALA MB 39 -47.32 -48.06 -119.15
N GLY MB 40 -47.95 -47.59 -118.08
CA GLY MB 40 -49.31 -47.96 -117.77
C GLY MB 40 -50.25 -46.79 -117.93
N ALA MB 41 -51.35 -46.85 -117.20
CA ALA MB 41 -52.23 -45.69 -117.10
C ALA MB 41 -51.80 -44.80 -115.95
N VAL MB 42 -51.91 -45.30 -114.73
CA VAL MB 42 -51.63 -44.50 -113.55
C VAL MB 42 -50.20 -44.77 -113.09
N PRO MB 43 -49.33 -43.75 -113.06
CA PRO MB 43 -47.97 -43.96 -112.58
C PRO MB 43 -47.89 -44.64 -111.22
N ALA MB 44 -48.75 -44.28 -110.29
CA ALA MB 44 -48.83 -44.98 -109.01
C ALA MB 44 -49.00 -46.48 -109.22
N LEU MB 45 -49.77 -46.89 -110.22
CA LEU MB 45 -49.93 -48.30 -110.53
C LEU MB 45 -48.75 -48.85 -111.31
N GLU MB 46 -48.06 -48.02 -112.06
CA GLU MB 46 -47.06 -48.50 -113.01
C GLU MB 46 -45.86 -49.07 -112.27
N LYS MB 47 -45.31 -50.14 -112.83
CA LYS MB 47 -44.16 -50.82 -112.24
C LYS MB 47 -42.99 -49.87 -112.27
N ARG MB 48 -42.14 -49.94 -111.25
CA ARG MB 48 -40.99 -49.06 -111.18
C ARG MB 48 -39.71 -49.86 -111.04
N VAL MB 49 -38.63 -49.36 -111.64
CA VAL MB 49 -37.31 -49.97 -111.54
C VAL MB 49 -36.32 -48.86 -111.29
N THR MB 50 -35.48 -49.02 -110.27
CA THR MB 50 -34.54 -48.01 -109.85
C THR MB 50 -33.15 -48.60 -109.80
N VAL MB 51 -32.18 -47.90 -110.38
CA VAL MB 51 -30.79 -48.29 -110.31
C VAL MB 51 -29.98 -47.08 -109.89
N SER MB 52 -28.84 -47.36 -109.26
CA SER MB 52 -27.98 -46.29 -108.80
C SER MB 52 -26.56 -46.80 -108.72
N VAL MB 53 -25.61 -45.89 -108.91
CA VAL MB 53 -24.22 -46.19 -108.66
C VAL MB 53 -23.81 -45.36 -107.46
N SER MB 54 -22.54 -45.44 -107.08
CA SER MB 54 -22.02 -44.66 -105.98
C SER MB 54 -20.53 -44.53 -106.15
N GLN MB 55 -19.94 -43.61 -105.41
CA GLN MB 55 -18.50 -43.47 -105.46
C GLN MB 55 -17.97 -43.29 -104.05
N PRO MB 56 -16.79 -43.82 -103.76
CA PRO MB 56 -16.29 -43.80 -102.38
C PRO MB 56 -16.04 -42.38 -101.91
N SER MB 57 -16.36 -42.13 -100.65
CA SER MB 57 -16.18 -40.82 -100.06
C SER MB 57 -15.36 -40.98 -98.79
N ARG MB 58 -15.20 -39.88 -98.05
CA ARG MB 58 -14.63 -39.96 -96.72
C ARG MB 58 -15.46 -40.82 -95.79
N ASN MB 59 -16.75 -40.98 -96.07
CA ASN MB 59 -17.62 -41.85 -95.28
C ASN MB 59 -17.45 -43.32 -95.60
N ARG MB 60 -17.23 -43.67 -96.87
CA ARG MB 60 -17.10 -45.06 -97.25
C ARG MB 60 -16.12 -45.15 -98.42
N LYS MB 61 -15.28 -46.18 -98.38
CA LYS MB 61 -14.25 -46.39 -99.39
C LYS MB 61 -14.73 -47.37 -100.45
N ASN MB 62 -15.98 -47.80 -100.35
CA ASN MB 62 -16.47 -48.87 -101.19
C ASN MB 62 -17.52 -48.36 -102.14
N TYR MB 63 -17.62 -49.01 -103.30
CA TYR MB 63 -18.67 -48.68 -104.24
C TYR MB 63 -19.95 -49.40 -103.84
N LYS MB 64 -21.08 -48.70 -103.99
CA LYS MB 64 -22.39 -49.28 -103.77
C LYS MB 64 -23.17 -49.21 -105.08
N VAL MB 65 -23.80 -50.31 -105.43
CA VAL MB 65 -24.72 -50.36 -106.55
C VAL MB 65 -26.04 -50.86 -106.01
N GLN MB 66 -27.05 -50.01 -106.03
CA GLN MB 66 -28.34 -50.32 -105.45
C GLN MB 66 -29.38 -50.42 -106.54
N VAL MB 67 -30.18 -51.48 -106.48
CA VAL MB 67 -31.26 -51.69 -107.43
C VAL MB 67 -32.50 -52.09 -106.65
N LYS MB 68 -33.57 -51.33 -106.82
CA LYS MB 68 -34.83 -51.59 -106.15
C LYS MB 68 -35.93 -51.71 -107.19
N ILE MB 69 -36.89 -52.60 -106.92
CA ILE MB 69 -38.01 -52.83 -107.81
C ILE MB 69 -39.28 -52.71 -107.00
N GLN MB 70 -40.25 -51.99 -107.55
CA GLN MB 70 -41.51 -51.72 -106.87
C GLN MB 70 -42.65 -52.11 -107.81
N ASN MB 71 -43.42 -53.11 -107.40
CA ASN MB 71 -44.51 -53.65 -108.21
C ASN MB 71 -45.78 -53.69 -107.36
N PRO MB 72 -46.60 -52.67 -107.44
CA PRO MB 72 -47.82 -52.64 -106.64
C PRO MB 72 -48.82 -53.66 -107.15
N THR MB 73 -49.92 -53.76 -106.41
CA THR MB 73 -51.04 -54.61 -106.78
C THR MB 73 -52.28 -53.76 -106.93
N ALA MB 74 -52.77 -53.68 -108.15
CA ALA MB 74 -53.94 -52.87 -108.46
C ALA MB 74 -55.18 -53.58 -107.96
N CYS MB 75 -56.07 -52.83 -107.31
CA CYS MB 75 -57.42 -53.30 -107.02
C CYS MB 75 -58.30 -52.60 -108.05
N THR MB 76 -58.77 -53.37 -109.03
CA THR MB 76 -59.54 -52.78 -110.13
C THR MB 76 -60.87 -52.23 -109.63
N ALA MB 77 -61.67 -53.10 -109.01
CA ALA MB 77 -62.94 -52.66 -108.44
C ALA MB 77 -62.76 -52.56 -106.93
N ASN MB 78 -62.71 -51.33 -106.44
CA ASN MB 78 -62.72 -51.06 -105.01
C ASN MB 78 -64.12 -50.75 -104.53
N GLY MB 79 -65.13 -50.85 -105.40
CA GLY MB 79 -66.40 -50.22 -105.13
C GLY MB 79 -66.40 -48.76 -105.47
N SER MB 80 -65.30 -48.27 -106.04
CA SER MB 80 -65.15 -46.86 -106.41
C SER MB 80 -64.72 -46.81 -107.87
N CYS MB 81 -64.82 -45.62 -108.46
CA CYS MB 81 -64.56 -45.45 -109.88
C CYS MB 81 -63.08 -45.58 -110.24
N ASP MB 82 -62.18 -45.53 -109.26
CA ASP MB 82 -60.77 -45.56 -109.60
C ASP MB 82 -60.09 -46.72 -108.89
N PRO MB 83 -59.13 -47.36 -109.55
CA PRO MB 83 -58.38 -48.43 -108.90
C PRO MB 83 -57.50 -47.87 -107.80
N SER MB 84 -57.06 -48.75 -106.91
CA SER MB 84 -56.29 -48.35 -105.75
C SER MB 84 -55.18 -49.34 -105.47
N VAL MB 85 -54.08 -48.83 -104.94
CA VAL MB 85 -52.95 -49.66 -104.55
C VAL MB 85 -53.39 -50.55 -103.41
N THR MB 86 -53.08 -51.83 -103.50
CA THR MB 86 -53.40 -52.74 -102.42
C THR MB 86 -52.15 -53.24 -101.72
N ARG MB 87 -51.40 -54.10 -102.38
CA ARG MB 87 -50.15 -54.61 -101.85
C ARG MB 87 -49.00 -54.04 -102.67
N GLN MB 88 -47.87 -53.81 -102.01
CA GLN MB 88 -46.72 -53.24 -102.68
C GLN MB 88 -45.56 -54.22 -102.56
N ALA MB 89 -45.17 -54.81 -103.68
CA ALA MB 89 -44.07 -55.77 -103.70
C ALA MB 89 -42.76 -55.00 -103.72
N TYR MB 90 -41.88 -55.32 -102.78
CA TYR MB 90 -40.57 -54.68 -102.73
C TYR MB 90 -39.47 -55.67 -103.06
N ALA MB 91 -38.73 -55.38 -104.11
CA ALA MB 91 -37.58 -56.18 -104.51
C ALA MB 91 -36.36 -55.27 -104.45
N ASP MB 92 -35.42 -55.59 -103.59
CA ASP MB 92 -34.24 -54.77 -103.37
C ASP MB 92 -32.97 -55.59 -103.56
N VAL MB 93 -32.02 -55.02 -104.28
CA VAL MB 93 -30.74 -55.65 -104.55
C VAL MB 93 -29.65 -54.60 -104.38
N THR MB 94 -28.57 -54.96 -103.71
CA THR MB 94 -27.45 -54.07 -103.50
C THR MB 94 -26.15 -54.77 -103.89
N PHE MB 95 -25.10 -53.97 -104.03
CA PHE MB 95 -23.79 -54.49 -104.35
C PHE MB 95 -22.74 -53.65 -103.64
N SER MB 96 -21.70 -54.34 -103.18
CA SER MB 96 -20.57 -53.68 -102.57
C SER MB 96 -19.31 -54.11 -103.30
N PHE MB 97 -18.37 -53.20 -103.46
CA PHE MB 97 -17.12 -53.51 -104.10
C PHE MB 97 -16.02 -52.64 -103.52
N THR MB 98 -14.80 -53.08 -103.70
CA THR MB 98 -13.63 -52.37 -103.22
C THR MB 98 -12.96 -51.66 -104.39
N GLN MB 99 -12.36 -50.53 -104.09
CA GLN MB 99 -11.70 -49.74 -105.11
C GLN MB 99 -10.78 -50.58 -105.98
N TYR MB 100 -10.22 -51.65 -105.44
CA TYR MB 100 -9.38 -52.53 -106.24
C TYR MB 100 -10.15 -53.66 -106.89
N SER MB 101 -11.48 -53.68 -106.76
CA SER MB 101 -12.27 -54.75 -107.35
C SER MB 101 -12.00 -54.82 -108.85
N THR MB 102 -11.84 -56.02 -109.37
CA THR MB 102 -11.55 -56.14 -110.80
C THR MB 102 -12.83 -56.31 -111.58
N ASP MB 103 -12.68 -56.41 -112.90
CA ASP MB 103 -13.84 -56.52 -113.76
C ASP MB 103 -14.49 -57.89 -113.63
N GLU MB 104 -13.73 -58.96 -113.89
CA GLU MB 104 -14.32 -60.28 -113.97
C GLU MB 104 -14.96 -60.68 -112.66
N GLU MB 105 -14.32 -60.34 -111.54
CA GLU MB 105 -14.95 -60.55 -110.24
C GLU MB 105 -16.37 -60.01 -110.24
N ARG MB 106 -16.53 -58.75 -110.59
CA ARG MB 106 -17.85 -58.18 -110.69
C ARG MB 106 -18.71 -58.96 -111.67
N ALA MB 107 -18.22 -59.11 -112.90
CA ALA MB 107 -18.93 -59.91 -113.88
C ALA MB 107 -19.29 -61.27 -113.32
N PHE MB 108 -18.36 -61.92 -112.64
CA PHE MB 108 -18.65 -63.19 -112.01
C PHE MB 108 -19.84 -63.07 -111.07
N VAL MB 109 -19.92 -61.98 -110.31
CA VAL MB 109 -21.05 -61.81 -109.41
C VAL MB 109 -22.34 -61.69 -110.20
N ARG MB 110 -22.31 -60.92 -111.27
CA ARG MB 110 -23.56 -60.62 -111.97
C ARG MB 110 -24.25 -61.89 -112.43
N THR MB 111 -23.55 -62.73 -113.21
CA THR MB 111 -24.18 -63.92 -113.73
C THR MB 111 -24.69 -64.82 -112.62
N GLU MB 112 -23.81 -65.22 -111.70
CA GLU MB 112 -24.20 -66.21 -110.69
C GLU MB 112 -25.46 -65.82 -109.96
N LEU MB 113 -25.63 -64.55 -109.63
CA LEU MB 113 -26.87 -64.14 -108.99
C LEU MB 113 -28.06 -64.49 -109.87
N ALA MB 114 -27.97 -64.19 -111.16
CA ALA MB 114 -29.03 -64.57 -112.07
C ALA MB 114 -29.26 -66.07 -112.06
N ALA MB 115 -28.19 -66.86 -112.22
CA ALA MB 115 -28.34 -68.30 -112.21
C ALA MB 115 -29.09 -68.78 -110.98
N LEU MB 116 -28.74 -68.26 -109.80
CA LEU MB 116 -29.51 -68.58 -108.62
C LEU MB 116 -30.98 -68.29 -108.81
N LEU MB 117 -31.30 -67.13 -109.35
CA LEU MB 117 -32.70 -66.79 -109.54
C LEU MB 117 -33.40 -67.78 -110.44
N ALA MB 118 -32.67 -68.42 -111.34
CA ALA MB 118 -33.23 -69.51 -112.12
C ALA MB 118 -33.04 -70.86 -111.46
N SER MB 119 -32.27 -70.93 -110.38
CA SER MB 119 -32.05 -72.20 -109.73
C SER MB 119 -33.34 -72.72 -109.12
N PRO MB 120 -33.54 -74.04 -109.13
CA PRO MB 120 -34.73 -74.61 -108.47
C PRO MB 120 -34.76 -74.35 -106.98
N LEU MB 121 -33.63 -73.99 -106.39
CA LEU MB 121 -33.65 -73.69 -104.96
C LEU MB 121 -34.52 -72.48 -104.66
N LEU MB 122 -34.19 -71.33 -105.23
CA LEU MB 122 -34.85 -70.10 -104.85
C LEU MB 122 -36.33 -70.09 -105.19
N ILE MB 123 -36.74 -70.78 -106.26
CA ILE MB 123 -38.12 -70.68 -106.69
C ILE MB 123 -39.06 -71.08 -105.57
N ASP MB 124 -38.82 -72.21 -104.92
CA ASP MB 124 -39.60 -72.56 -103.74
C ASP MB 124 -39.43 -71.55 -102.63
N ALA MB 125 -38.20 -71.11 -102.39
CA ALA MB 125 -37.95 -70.02 -101.46
C ALA MB 125 -38.74 -68.78 -101.80
N ILE MB 126 -38.70 -68.34 -103.05
CA ILE MB 126 -39.43 -67.16 -103.48
C ILE MB 126 -40.91 -67.47 -103.65
N ASP MB 127 -41.25 -68.30 -104.62
CA ASP MB 127 -42.64 -68.48 -104.98
C ASP MB 127 -43.46 -69.06 -103.84
N GLN MB 128 -43.03 -70.18 -103.30
CA GLN MB 128 -43.79 -70.86 -102.26
C GLN MB 128 -43.35 -70.49 -100.85
N LEU MB 129 -42.41 -69.55 -100.70
CA LEU MB 129 -41.96 -69.09 -99.40
C LEU MB 129 -41.51 -70.26 -98.54
N ASN MB 130 -40.45 -70.91 -98.99
CA ASN MB 130 -40.05 -72.08 -98.25
C ASN MB 130 -38.58 -71.99 -97.87
N PRO MB 131 -38.23 -72.41 -96.69
CA PRO MB 131 -36.82 -72.50 -96.32
C PRO MB 131 -36.15 -73.64 -97.06
N ALA MB 132 -34.95 -73.98 -96.62
CA ALA MB 132 -34.00 -74.75 -97.42
C ALA MB 132 -34.26 -76.25 -97.39
N TYR MB 133 -35.33 -76.68 -96.76
CA TYR MB 133 -35.60 -78.09 -96.63
C TYR MB 133 -36.62 -78.55 -97.66
N ALA NB 2 -39.07 -34.49 -121.92
CA ALA NB 2 -38.00 -34.83 -122.84
C ALA NB 2 -36.75 -34.03 -122.54
N LYS NB 3 -35.77 -34.09 -123.44
CA LYS NB 3 -34.49 -33.44 -123.27
C LYS NB 3 -34.67 -31.93 -123.24
N LEU NB 4 -33.91 -31.29 -122.37
CA LEU NB 4 -33.76 -29.84 -122.41
C LEU NB 4 -33.27 -29.45 -123.79
N GLU NB 5 -33.94 -28.49 -124.40
CA GLU NB 5 -33.57 -28.04 -125.73
C GLU NB 5 -33.75 -26.54 -125.82
N THR NB 6 -33.36 -25.99 -126.97
CA THR NB 6 -33.70 -24.61 -127.28
C THR NB 6 -35.21 -24.58 -127.42
N VAL NB 7 -35.85 -23.67 -126.67
CA VAL NB 7 -37.30 -23.58 -126.74
C VAL NB 7 -37.64 -22.24 -127.37
N THR NB 8 -38.14 -22.28 -128.59
CA THR NB 8 -38.59 -21.09 -129.29
C THR NB 8 -40.04 -20.83 -128.90
N LEU NB 9 -40.39 -19.57 -128.75
CA LEU NB 9 -41.74 -19.18 -128.42
C LEU NB 9 -42.18 -18.06 -129.33
N GLY NB 10 -43.29 -18.27 -130.05
CA GLY NB 10 -43.90 -17.24 -130.85
C GLY NB 10 -45.13 -16.69 -130.14
N ASN NB 11 -45.67 -15.62 -130.70
CA ASN NB 11 -46.92 -15.03 -130.22
C ASN NB 11 -46.80 -14.65 -128.74
N ILE NB 12 -46.00 -13.63 -128.50
CA ILE NB 12 -45.65 -13.22 -127.15
C ILE NB 12 -45.99 -11.74 -127.00
N GLY NB 13 -46.31 -11.33 -125.79
CA GLY NB 13 -46.59 -9.94 -125.50
C GLY NB 13 -47.93 -9.51 -126.06
N LYS NB 14 -48.34 -8.32 -125.63
CA LYS NB 14 -49.60 -7.76 -126.08
C LYS NB 14 -49.69 -7.76 -127.59
N ASP NB 15 -48.58 -7.52 -128.27
CA ASP NB 15 -48.55 -7.61 -129.72
C ASP NB 15 -48.81 -9.03 -130.19
N GLY NB 16 -48.10 -10.00 -129.63
CA GLY NB 16 -48.13 -11.33 -130.19
C GLY NB 16 -47.17 -11.50 -131.34
N LYS NB 17 -46.44 -10.45 -131.70
CA LYS NB 17 -45.37 -10.59 -132.67
C LYS NB 17 -44.04 -10.85 -131.97
N GLN NB 18 -44.02 -10.74 -130.65
CA GLN NB 18 -42.81 -11.00 -129.88
C GLN NB 18 -42.48 -12.48 -129.93
N THR NB 19 -41.18 -12.77 -130.01
CA THR NB 19 -40.69 -14.13 -130.00
C THR NB 19 -39.56 -14.25 -128.98
N LEU NB 20 -39.38 -15.46 -128.47
CA LEU NB 20 -38.35 -15.68 -127.45
C LEU NB 20 -37.79 -17.08 -127.60
N VAL NB 21 -36.49 -17.22 -127.42
CA VAL NB 21 -35.84 -18.50 -127.38
C VAL NB 21 -35.24 -18.69 -126.00
N LEU NB 22 -35.13 -19.94 -125.59
CA LEU NB 22 -34.62 -20.29 -124.26
C LEU NB 22 -33.58 -21.38 -124.39
N ASN NB 23 -32.42 -21.11 -123.95
CA ASN NB 23 -31.45 -22.19 -124.02
C ASN NB 23 -31.48 -23.01 -122.74
N PRO NB 24 -31.22 -24.31 -122.84
CA PRO NB 24 -31.08 -25.10 -121.63
C PRO NB 24 -29.91 -24.62 -120.80
N ARG NB 25 -30.19 -24.37 -119.53
CA ARG NB 25 -29.18 -23.89 -118.60
C ARG NB 25 -28.58 -25.00 -117.75
N GLY NB 26 -28.97 -26.23 -117.97
CA GLY NB 26 -28.59 -27.31 -117.09
C GLY NB 26 -29.58 -27.45 -115.95
N VAL NB 27 -29.24 -28.32 -115.00
CA VAL NB 27 -30.11 -28.63 -113.89
C VAL NB 27 -29.32 -28.55 -112.60
N ASN NB 28 -29.83 -27.79 -111.65
CA ASN NB 28 -29.23 -27.85 -110.33
C ASN NB 28 -29.59 -29.16 -109.66
N PRO NB 29 -28.63 -30.05 -109.41
CA PRO NB 29 -28.96 -31.35 -108.82
C PRO NB 29 -29.40 -31.25 -107.38
N THR NB 30 -28.92 -30.25 -106.64
CA THR NB 30 -29.28 -30.14 -105.22
C THR NB 30 -30.77 -30.10 -105.04
N ASN NB 31 -31.40 -29.00 -105.43
CA ASN NB 31 -32.85 -28.92 -105.41
C ASN NB 31 -33.48 -29.77 -106.50
N GLY NB 32 -32.69 -30.28 -107.44
CA GLY NB 32 -33.25 -31.04 -108.54
C GLY NB 32 -34.15 -30.21 -109.40
N VAL NB 33 -33.66 -29.08 -109.90
CA VAL NB 33 -34.48 -28.14 -110.66
C VAL NB 33 -33.75 -27.77 -111.94
N ALA NB 34 -34.44 -27.90 -113.06
CA ALA NB 34 -33.92 -27.47 -114.34
C ALA NB 34 -33.98 -25.95 -114.46
N SER NB 35 -33.20 -25.43 -115.41
CA SER NB 35 -33.16 -24.00 -115.64
C SER NB 35 -33.10 -23.75 -117.14
N LEU NB 36 -33.79 -22.71 -117.58
CA LEU NB 36 -33.79 -22.29 -118.97
C LEU NB 36 -33.57 -20.79 -119.01
N SER NB 37 -32.95 -20.30 -120.08
CA SER NB 37 -32.75 -18.87 -120.17
C SER NB 37 -32.71 -18.42 -121.61
N GLN NB 38 -33.16 -17.19 -121.81
CA GLN NB 38 -32.80 -16.44 -123.00
C GLN NB 38 -31.29 -16.26 -123.05
N ALA NB 39 -30.75 -16.21 -124.27
CA ALA NB 39 -29.35 -15.87 -124.41
C ALA NB 39 -29.25 -14.36 -124.64
N GLY NB 40 -28.80 -13.69 -123.59
CA GLY NB 40 -28.54 -12.26 -123.65
C GLY NB 40 -27.07 -11.97 -123.55
N ALA NB 41 -26.77 -10.76 -123.07
CA ALA NB 41 -25.39 -10.43 -122.74
C ALA NB 41 -25.08 -10.83 -121.31
N VAL NB 42 -25.73 -10.18 -120.35
CA VAL NB 42 -25.44 -10.40 -118.94
C VAL NB 42 -26.44 -11.40 -118.38
N PRO NB 43 -25.99 -12.54 -117.87
CA PRO NB 43 -26.92 -13.51 -117.27
C PRO NB 43 -27.83 -12.91 -116.24
N ALA NB 44 -27.33 -12.03 -115.37
CA ALA NB 44 -28.19 -11.30 -114.45
C ALA NB 44 -29.34 -10.62 -115.15
N LEU NB 45 -29.11 -10.08 -116.35
CA LEU NB 45 -30.16 -9.47 -117.13
C LEU NB 45 -31.02 -10.50 -117.84
N GLU NB 46 -30.46 -11.66 -118.16
CA GLU NB 46 -31.12 -12.60 -119.03
C GLU NB 46 -32.34 -13.20 -118.35
N LYS NB 47 -33.38 -13.43 -119.14
CA LYS NB 47 -34.65 -13.96 -118.63
C LYS NB 47 -34.37 -15.38 -118.15
N ARG NB 48 -35.06 -15.79 -117.09
CA ARG NB 48 -34.87 -17.13 -116.56
C ARG NB 48 -36.18 -17.87 -116.48
N VAL NB 49 -36.13 -19.18 -116.70
CA VAL NB 49 -37.28 -20.05 -116.60
C VAL NB 49 -36.86 -21.29 -115.83
N THR NB 50 -37.62 -21.65 -114.81
CA THR NB 50 -37.29 -22.75 -113.93
C THR NB 50 -38.47 -23.71 -113.86
N VAL NB 51 -38.18 -25.00 -114.02
CA VAL NB 51 -39.19 -26.03 -113.85
C VAL NB 51 -38.64 -27.09 -112.93
N SER NB 52 -39.54 -27.78 -112.25
CA SER NB 52 -39.14 -28.83 -111.34
C SER NB 52 -40.27 -29.83 -111.20
N VAL NB 53 -39.89 -31.07 -110.92
CA VAL NB 53 -40.85 -32.10 -110.56
C VAL NB 53 -40.61 -32.43 -109.10
N SER NB 54 -41.35 -33.39 -108.58
CA SER NB 54 -41.18 -33.82 -107.21
C SER NB 54 -41.73 -35.23 -107.09
N GLN NB 55 -41.39 -35.88 -106.00
CA GLN NB 55 -41.94 -37.21 -105.76
C GLN NB 55 -42.34 -37.33 -104.30
N PRO NB 56 -43.42 -38.04 -104.03
CA PRO NB 56 -43.94 -38.09 -102.66
C PRO NB 56 -42.95 -38.75 -101.71
N SER NB 57 -42.87 -38.19 -100.51
CA SER NB 57 -41.97 -38.70 -99.49
C SER NB 57 -42.78 -38.96 -98.23
N ARG NB 58 -42.09 -39.33 -97.16
CA ARG NB 58 -42.72 -39.40 -95.86
C ARG NB 58 -43.27 -38.06 -95.40
N ASN NB 59 -42.74 -36.96 -95.94
CA ASN NB 59 -43.25 -35.63 -95.63
C ASN NB 59 -44.51 -35.28 -96.38
N ARG NB 60 -44.63 -35.70 -97.64
CA ARG NB 60 -45.80 -35.38 -98.44
C ARG NB 60 -46.07 -36.53 -99.40
N LYS NB 61 -47.35 -36.85 -99.57
CA LYS NB 61 -47.78 -37.94 -100.42
C LYS NB 61 -48.15 -37.46 -101.80
N ASN NB 62 -47.96 -36.16 -102.05
CA ASN NB 62 -48.46 -35.55 -103.27
C ASN NB 62 -47.31 -35.13 -104.15
N TYR NB 63 -47.56 -35.12 -105.46
CA TYR NB 63 -46.58 -34.61 -106.39
C TYR NB 63 -46.67 -33.09 -106.47
N LYS NB 64 -45.52 -32.45 -106.55
CA LYS NB 64 -45.44 -31.01 -106.75
C LYS NB 64 -44.73 -30.74 -108.07
N VAL NB 65 -45.29 -29.86 -108.87
CA VAL NB 65 -44.64 -29.37 -110.07
C VAL NB 65 -44.59 -27.86 -109.95
N GLN NB 66 -43.38 -27.33 -109.84
CA GLN NB 66 -43.16 -25.91 -109.61
C GLN NB 66 -42.52 -25.29 -110.83
N VAL NB 67 -43.06 -24.16 -111.26
CA VAL NB 67 -42.53 -23.41 -112.39
C VAL NB 67 -42.45 -21.95 -111.98
N LYS NB 68 -41.26 -21.38 -112.07
CA LYS NB 68 -41.04 -19.98 -111.73
C LYS NB 68 -40.41 -19.27 -112.91
N ILE NB 69 -40.77 -18.01 -113.11
CA ILE NB 69 -40.25 -17.20 -114.19
C ILE NB 69 -39.72 -15.92 -113.61
N GLN NB 70 -38.53 -15.52 -114.04
CA GLN NB 70 -37.85 -14.34 -113.51
C GLN NB 70 -37.45 -13.47 -114.69
N ASN NB 71 -38.03 -12.27 -114.77
CA ASN NB 71 -37.80 -11.35 -115.89
C ASN NB 71 -37.43 -9.99 -115.31
N PRO NB 72 -36.15 -9.71 -115.17
CA PRO NB 72 -35.73 -8.43 -114.61
C PRO NB 72 -36.03 -7.30 -115.59
N THR NB 73 -35.75 -6.08 -115.11
CA THR NB 73 -35.88 -4.88 -115.92
C THR NB 73 -34.54 -4.18 -115.98
N ALA NB 74 -33.95 -4.16 -117.16
CA ALA NB 74 -32.64 -3.55 -117.36
C ALA NB 74 -32.78 -2.04 -117.34
N CYS NB 75 -31.88 -1.38 -116.62
CA CYS NB 75 -31.70 0.06 -116.74
C CYS NB 75 -30.47 0.25 -117.60
N THR NB 76 -30.67 0.68 -118.84
CA THR NB 76 -29.57 0.79 -119.79
C THR NB 76 -28.59 1.87 -119.35
N ALA NB 77 -29.09 3.09 -119.19
CA ALA NB 77 -28.25 4.19 -118.72
C ALA NB 77 -28.59 4.43 -117.27
N ASN NB 78 -27.67 4.04 -116.39
CA ASN NB 78 -27.76 4.36 -114.98
C ASN NB 78 -26.93 5.60 -114.64
N GLY NB 79 -26.37 6.25 -115.65
CA GLY NB 79 -25.29 7.18 -115.39
C GLY NB 79 -23.96 6.49 -115.23
N SER NB 80 -23.92 5.18 -115.41
CA SER NB 80 -22.73 4.38 -115.27
C SER NB 80 -22.55 3.56 -116.54
N CYS NB 81 -21.36 3.00 -116.70
CA CYS NB 81 -21.01 2.28 -117.92
C CYS NB 81 -21.73 0.94 -118.07
N ASP NB 82 -22.33 0.42 -117.00
CA ASP NB 82 -22.94 -0.88 -117.08
C ASP NB 82 -24.42 -0.80 -116.71
N PRO NB 83 -25.27 -1.58 -117.39
CA PRO NB 83 -26.68 -1.61 -117.01
C PRO NB 83 -26.85 -2.26 -115.66
N SER NB 84 -28.01 -2.03 -115.06
CA SER NB 84 -28.29 -2.53 -113.73
C SER NB 84 -29.73 -3.01 -113.62
N VAL NB 85 -29.92 -4.02 -112.78
CA VAL NB 85 -31.25 -4.55 -112.51
C VAL NB 85 -32.06 -3.48 -111.81
N THR NB 86 -33.28 -3.26 -112.28
CA THR NB 86 -34.15 -2.29 -111.63
C THR NB 86 -35.31 -2.98 -110.94
N ARG NB 87 -36.26 -3.48 -111.72
CA ARG NB 87 -37.40 -4.22 -111.20
C ARG NB 87 -37.27 -5.68 -111.59
N GLN NB 88 -37.76 -6.55 -110.71
CA GLN NB 88 -37.65 -7.98 -110.97
C GLN NB 88 -39.05 -8.55 -110.99
N ALA NB 89 -39.50 -8.99 -112.17
CA ALA NB 89 -40.83 -9.57 -112.32
C ALA NB 89 -40.79 -11.02 -111.88
N TYR NB 90 -41.68 -11.38 -110.97
CA TYR NB 90 -41.76 -12.75 -110.49
C TYR NB 90 -43.05 -13.40 -110.96
N ALA NB 91 -42.90 -14.48 -111.72
CA ALA NB 91 -44.04 -15.27 -112.17
C ALA NB 91 -43.85 -16.68 -111.63
N ASP NB 92 -44.76 -17.12 -110.78
CA ASP NB 92 -44.66 -18.40 -110.11
C ASP NB 92 -45.91 -19.23 -110.36
N VAL NB 93 -45.72 -20.50 -110.67
CA VAL NB 93 -46.79 -21.44 -110.94
C VAL NB 93 -46.44 -22.75 -110.26
N THR NB 94 -47.41 -23.34 -109.57
CA THR NB 94 -47.23 -24.62 -108.91
C THR NB 94 -48.34 -25.58 -109.30
N PHE NB 95 -48.12 -26.85 -108.99
CA PHE NB 95 -49.11 -27.88 -109.25
C PHE NB 95 -49.06 -28.92 -108.15
N SER NB 96 -50.23 -29.41 -107.78
CA SER NB 96 -50.33 -30.48 -106.80
C SER NB 96 -51.13 -31.60 -107.43
N PHE NB 97 -50.75 -32.84 -107.12
CA PHE NB 97 -51.47 -33.99 -107.62
C PHE NB 97 -51.36 -35.11 -106.61
N THR NB 98 -52.28 -36.06 -106.74
CA THR NB 98 -52.33 -37.21 -105.86
C THR NB 98 -51.77 -38.41 -106.61
N GLN NB 99 -51.16 -39.32 -105.85
CA GLN NB 99 -50.56 -40.50 -106.43
C GLN NB 99 -51.51 -41.22 -107.37
N TYR NB 100 -52.81 -41.10 -107.14
CA TYR NB 100 -53.77 -41.73 -108.04
C TYR NB 100 -54.23 -40.80 -109.15
N SER NB 101 -53.66 -39.60 -109.25
CA SER NB 101 -54.07 -38.66 -110.28
C SER NB 101 -53.91 -39.30 -111.64
N THR NB 102 -54.91 -39.12 -112.51
CA THR NB 102 -54.82 -39.74 -113.82
C THR NB 102 -54.20 -38.78 -114.82
N ASP NB 103 -54.04 -39.26 -116.05
CA ASP NB 103 -53.41 -38.45 -117.07
C ASP NB 103 -54.30 -37.31 -117.51
N GLU NB 104 -55.50 -37.62 -117.98
CA GLU NB 104 -56.33 -36.60 -118.59
C GLU NB 104 -56.67 -35.50 -117.61
N GLU NB 105 -56.93 -35.86 -116.35
CA GLU NB 105 -57.11 -34.85 -115.31
C GLU NB 105 -55.99 -33.83 -115.36
N ARG NB 106 -54.76 -34.30 -115.30
CA ARG NB 106 -53.62 -33.40 -115.41
C ARG NB 106 -53.67 -32.65 -116.72
N ALA NB 107 -53.75 -33.37 -117.84
CA ALA NB 107 -53.88 -32.72 -119.14
C ALA NB 107 -54.99 -31.70 -119.12
N PHE NB 108 -56.15 -32.06 -118.56
CA PHE NB 108 -57.23 -31.10 -118.43
C PHE NB 108 -56.78 -29.84 -117.71
N VAL NB 109 -55.99 -29.99 -116.66
CA VAL NB 109 -55.51 -28.82 -115.95
C VAL NB 109 -54.62 -27.97 -116.84
N ARG NB 110 -53.73 -28.61 -117.59
CA ARG NB 110 -52.74 -27.86 -118.34
C ARG NB 110 -53.41 -26.88 -119.30
N THR NB 111 -54.26 -27.38 -120.18
CA THR NB 111 -54.88 -26.51 -121.17
C THR NB 111 -55.66 -25.38 -120.52
N GLU NB 112 -56.61 -25.71 -119.65
CA GLU NB 112 -57.50 -24.70 -119.10
C GLU NB 112 -56.75 -23.53 -118.50
N LEU NB 113 -55.65 -23.80 -117.79
CA LEU NB 113 -54.86 -22.70 -117.27
C LEU NB 113 -54.40 -21.79 -118.39
N ALA NB 114 -53.90 -22.36 -119.47
CA ALA NB 114 -53.53 -21.55 -120.62
C ALA NB 114 -54.70 -20.75 -121.13
N ALA NB 115 -55.83 -21.41 -121.39
CA ALA NB 115 -57.00 -20.70 -121.88
C ALA NB 115 -57.33 -19.50 -121.02
N LEU NB 116 -57.32 -19.66 -119.69
CA LEU NB 116 -57.51 -18.52 -118.82
C LEU NB 116 -56.51 -17.42 -119.14
N LEU NB 117 -55.25 -17.76 -119.30
CA LEU NB 117 -54.26 -16.74 -119.59
C LEU NB 117 -54.58 -16.00 -120.88
N ALA NB 118 -55.27 -16.64 -121.81
CA ALA NB 118 -55.76 -15.95 -122.99
C ALA NB 118 -57.15 -15.38 -122.79
N SER NB 119 -57.81 -15.70 -121.68
CA SER NB 119 -59.15 -15.19 -121.46
C SER NB 119 -59.12 -13.68 -121.28
N PRO NB 120 -60.16 -12.98 -121.76
CA PRO NB 120 -60.23 -11.54 -121.53
C PRO NB 120 -60.33 -11.18 -120.07
N LEU NB 121 -60.68 -12.13 -119.20
CA LEU NB 121 -60.74 -11.82 -117.79
C LEU NB 121 -59.37 -11.44 -117.25
N LEU NB 122 -58.41 -12.37 -117.34
CA LEU NB 122 -57.14 -12.17 -116.68
C LEU NB 122 -56.35 -10.99 -117.23
N ILE NB 123 -56.51 -10.68 -118.52
CA ILE NB 123 -55.68 -9.64 -119.10
C ILE NB 123 -55.84 -8.33 -118.36
N ASP NB 124 -57.05 -7.90 -118.08
CA ASP NB 124 -57.25 -6.74 -117.23
C ASP NB 124 -56.71 -6.96 -115.84
N ALA NB 125 -56.97 -8.14 -115.27
CA ALA NB 125 -56.38 -8.51 -114.00
C ALA NB 125 -54.86 -8.43 -114.04
N ILE NB 126 -54.22 -9.01 -115.04
CA ILE NB 126 -52.78 -8.97 -115.17
C ILE NB 126 -52.31 -7.62 -115.67
N ASP NB 127 -52.65 -7.26 -116.90
CA ASP NB 127 -52.06 -6.08 -117.52
C ASP NB 127 -52.43 -4.82 -116.78
N GLN NB 128 -53.71 -4.58 -116.58
CA GLN NB 128 -54.17 -3.35 -115.97
C GLN NB 128 -54.37 -3.47 -114.47
N LEU NB 129 -54.05 -4.61 -113.86
CA LEU NB 129 -54.16 -4.80 -112.42
C LEU NB 129 -55.57 -4.47 -111.94
N ASN NB 130 -56.52 -5.27 -112.41
CA ASN NB 130 -57.87 -4.93 -112.04
C ASN NB 130 -58.56 -6.14 -111.42
N PRO NB 131 -59.34 -5.92 -110.40
CA PRO NB 131 -60.18 -7.00 -109.88
C PRO NB 131 -61.30 -7.34 -110.83
N ALA NB 132 -62.25 -8.12 -110.35
CA ALA NB 132 -63.17 -8.87 -111.18
C ALA NB 132 -64.34 -8.03 -111.70
N TYR NB 133 -64.34 -6.74 -111.43
CA TYR NB 133 -65.46 -5.91 -111.82
C TYR NB 133 -65.13 -5.15 -113.10
N ALA OB 2 38.00 127.05 -10.82
CA ALA OB 2 37.63 127.93 -9.72
C ALA OB 2 36.30 127.51 -9.12
N LYS OB 3 35.76 128.36 -8.26
CA LYS OB 3 34.54 128.08 -7.54
C LYS OB 3 33.37 127.97 -8.51
N LEU OB 4 32.48 127.02 -8.23
CA LEU OB 4 31.19 126.97 -8.89
C LEU OB 4 30.49 128.29 -8.68
N GLU OB 5 30.01 128.88 -9.75
CA GLU OB 5 29.32 130.16 -9.67
C GLU OB 5 28.16 130.18 -10.64
N THR OB 6 27.40 131.27 -10.60
CA THR OB 6 26.40 131.52 -11.62
C THR OB 6 27.17 131.74 -12.91
N VAL OB 7 26.83 130.97 -13.93
CA VAL OB 7 27.52 131.11 -15.21
C VAL OB 7 26.54 131.69 -16.22
N THR OB 8 26.76 132.93 -16.59
CA THR OB 8 25.95 133.58 -17.61
C THR OB 8 26.55 133.26 -18.97
N LEU OB 9 25.69 133.07 -19.95
CA LEU OB 9 26.13 132.79 -21.31
C LEU OB 9 25.34 133.66 -22.27
N GLY OB 10 26.07 134.43 -23.08
CA GLY OB 10 25.48 135.21 -24.14
C GLY OB 10 25.73 134.53 -25.47
N ASN OB 11 25.09 135.07 -26.50
CA ASN OB 11 25.30 134.62 -27.88
C ASN OB 11 25.04 133.13 -28.00
N ILE OB 12 23.77 132.78 -27.89
CA ILE OB 12 23.35 131.39 -27.85
C ILE OB 12 22.30 131.17 -28.93
N GLY OB 13 22.24 129.95 -29.44
CA GLY OB 13 21.25 129.60 -30.44
C GLY OB 13 21.57 130.20 -31.79
N LYS OB 14 20.83 129.73 -32.79
CA LYS OB 14 21.00 130.22 -34.15
C LYS OB 14 20.94 131.74 -34.20
N ASP OB 15 20.07 132.33 -33.39
CA ASP OB 15 20.02 133.79 -33.30
C ASP OB 15 21.31 134.35 -32.73
N GLY OB 16 21.78 133.80 -31.62
CA GLY OB 16 22.86 134.45 -30.90
C GLY OB 16 22.40 135.55 -29.99
N LYS OB 17 21.09 135.80 -29.95
CA LYS OB 17 20.56 136.72 -28.95
C LYS OB 17 20.12 135.97 -27.71
N GLN OB 18 20.11 134.64 -27.77
CA GLN OB 18 19.73 133.82 -26.63
C GLN OB 18 20.79 133.93 -25.55
N THR OB 19 20.33 133.97 -24.31
CA THR OB 19 21.20 134.00 -23.15
C THR OB 19 20.77 132.94 -22.15
N LEU OB 20 21.72 132.48 -21.35
CA LEU OB 20 21.44 131.43 -20.37
C LEU OB 20 22.29 131.63 -19.15
N VAL OB 21 21.71 131.38 -17.99
CA VAL OB 21 22.44 131.38 -16.73
C VAL OB 21 22.38 129.98 -16.15
N LEU OB 22 23.41 129.64 -15.37
CA LEU OB 22 23.52 128.30 -14.80
C LEU OB 22 23.86 128.44 -13.32
N ASN OB 23 23.04 127.93 -12.49
CA ASN OB 23 23.42 128.01 -11.10
C ASN OB 23 24.22 126.78 -10.70
N PRO OB 24 25.15 126.94 -9.77
CA PRO OB 24 25.84 125.77 -9.23
C PRO OB 24 24.87 124.85 -8.53
N ARG OB 25 24.91 123.58 -8.91
CA ARG OB 25 24.03 122.56 -8.35
C ARG OB 25 24.69 121.76 -7.25
N GLY OB 26 25.93 122.07 -6.90
CA GLY OB 26 26.70 121.23 -6.01
C GLY OB 26 27.43 120.16 -6.78
N VAL OB 27 28.06 119.25 -6.04
CA VAL OB 27 28.89 118.21 -6.63
C VAL OB 27 28.49 116.87 -6.02
N ASN OB 28 28.20 115.91 -6.87
CA ASN OB 28 28.02 114.56 -6.36
C ASN OB 28 29.37 114.00 -5.95
N PRO OB 29 29.62 113.75 -4.68
CA PRO OB 29 30.93 113.25 -4.25
C PRO OB 29 31.20 111.83 -4.69
N THR OB 30 30.15 111.01 -4.85
CA THR OB 30 30.38 109.61 -5.22
C THR OB 30 31.17 109.51 -6.51
N ASN OB 31 30.55 109.86 -7.63
CA ASN OB 31 31.28 109.92 -8.89
C ASN OB 31 32.24 111.09 -8.93
N GLY OB 32 32.17 112.02 -7.98
CA GLY OB 32 33.02 113.19 -8.02
C GLY OB 32 32.74 114.06 -9.22
N VAL OB 33 31.49 114.46 -9.41
CA VAL OB 33 31.09 115.20 -10.60
C VAL OB 33 30.28 116.41 -10.16
N ALA OB 34 30.68 117.58 -10.66
CA ALA OB 34 29.94 118.79 -10.44
C ALA OB 34 28.69 118.84 -11.31
N SER OB 35 27.76 119.69 -10.92
CA SER OB 35 26.52 119.85 -11.67
C SER OB 35 26.15 121.32 -11.73
N LEU OB 36 25.62 121.74 -12.87
CA LEU OB 36 25.16 123.10 -13.08
C LEU OB 36 23.79 123.04 -13.72
N SER OB 37 22.97 124.05 -13.45
CA SER OB 37 21.64 124.05 -14.05
C SER OB 37 21.13 125.46 -14.24
N GLN OB 38 20.33 125.61 -15.29
CA GLN OB 38 19.42 126.72 -15.38
C GLN OB 38 18.45 126.69 -14.22
N ALA OB 39 18.01 127.86 -13.76
CA ALA OB 39 16.96 127.92 -12.77
C ALA OB 39 15.62 128.04 -13.50
N GLY OB 40 14.89 126.94 -13.50
CA GLY OB 40 13.56 126.89 -14.06
C GLY OB 40 12.52 126.70 -12.99
N ALA OB 41 11.39 126.13 -13.40
CA ALA OB 41 10.39 125.70 -12.43
C ALA OB 41 10.66 124.27 -11.97
N VAL OB 42 10.55 123.33 -12.89
CA VAL OB 42 10.69 121.91 -12.55
C VAL OB 42 12.12 121.47 -12.86
N PRO OB 43 12.87 121.01 -11.86
CA PRO OB 43 14.22 120.52 -12.12
C PRO OB 43 14.30 119.51 -13.23
N ALA OB 44 13.35 118.56 -13.31
CA ALA OB 44 13.29 117.64 -14.43
C ALA OB 44 13.28 118.38 -15.76
N LEU OB 45 12.61 119.52 -15.83
CA LEU OB 45 12.62 120.32 -17.05
C LEU OB 45 13.88 121.14 -17.19
N GLU OB 46 14.52 121.50 -16.09
CA GLU OB 46 15.61 122.46 -16.11
C GLU OB 46 16.82 121.88 -16.82
N LYS OB 47 17.51 122.73 -17.57
CA LYS OB 47 18.69 122.33 -18.34
C LYS OB 47 19.75 121.92 -17.34
N ARG OB 48 20.56 120.93 -17.72
CA ARG OB 48 21.61 120.46 -16.83
C ARG OB 48 22.96 120.51 -17.53
N VAL OB 49 24.01 120.79 -16.76
CA VAL OB 49 25.37 120.80 -17.27
C VAL OB 49 26.24 120.09 -16.24
N THR OB 50 27.02 119.13 -16.71
CA THR OB 50 27.84 118.30 -15.84
C THR OB 50 29.28 118.35 -16.31
N VAL OB 51 30.20 118.56 -15.37
CA VAL OB 51 31.62 118.52 -15.66
C VAL OB 51 32.28 117.63 -14.62
N SER OB 52 33.40 117.04 -15.02
CA SER OB 52 34.14 116.17 -14.12
C SER OB 52 35.60 116.15 -14.53
N VAL OB 53 36.45 115.92 -13.54
CA VAL OB 53 37.85 115.68 -13.80
C VAL OB 53 38.12 114.23 -13.42
N SER OB 54 39.36 113.81 -13.54
CA SER OB 54 39.75 112.46 -13.18
C SER OB 54 41.23 112.46 -12.87
N GLN OB 55 41.68 111.39 -12.24
CA GLN OB 55 43.10 111.26 -11.99
C GLN OB 55 43.54 109.83 -12.29
N PRO OB 56 44.75 109.66 -12.80
CA PRO OB 56 45.17 108.33 -13.24
C PRO OB 56 45.26 107.37 -12.07
N SER OB 57 44.84 106.14 -12.32
CA SER OB 57 44.86 105.09 -11.30
C SER OB 57 45.63 103.90 -11.86
N ARG OB 58 45.64 102.82 -11.09
CA ARG OB 58 46.14 101.55 -11.60
C ARG OB 58 45.36 101.06 -12.80
N ASN OB 59 44.11 101.48 -12.95
CA ASN OB 59 43.30 101.13 -14.10
C ASN OB 59 43.62 101.94 -15.34
N ARG OB 60 43.94 103.22 -15.19
CA ARG OB 60 44.24 104.07 -16.34
C ARG OB 60 45.27 105.10 -15.92
N LYS OB 61 46.22 105.36 -16.82
CA LYS OB 61 47.31 106.29 -16.58
C LYS OB 61 46.99 107.66 -17.14
N ASN OB 62 45.79 107.83 -17.67
CA ASN OB 62 45.45 109.03 -18.40
C ASN OB 62 44.40 109.83 -17.65
N TYR OB 63 44.43 111.14 -17.84
CA TYR OB 63 43.39 111.99 -17.29
C TYR OB 63 42.17 111.99 -18.19
N LYS OB 64 40.99 111.96 -17.58
CA LYS OB 64 39.74 112.08 -18.30
C LYS OB 64 39.02 113.33 -17.82
N VAL OB 65 38.53 114.12 -18.76
CA VAL OB 65 37.67 115.25 -18.47
C VAL OB 65 36.38 115.04 -19.24
N GLN OB 66 35.29 114.83 -18.51
CA GLN OB 66 34.02 114.50 -19.11
C GLN OB 66 33.05 115.65 -18.89
N VAL OB 67 32.36 116.04 -19.96
CA VAL OB 67 31.35 117.09 -19.89
C VAL OB 67 30.12 116.61 -20.63
N LYS OB 68 28.99 116.58 -19.95
CA LYS OB 68 27.74 116.15 -20.53
C LYS OB 68 26.70 117.26 -20.36
N ILE OB 69 25.83 117.40 -21.35
CA ILE OB 69 24.78 118.41 -21.33
C ILE OB 69 23.46 117.71 -21.60
N GLN OB 70 22.45 118.06 -20.81
CA GLN OB 70 21.14 117.43 -20.90
C GLN OB 70 20.10 118.53 -21.02
N ASN OB 71 19.41 118.57 -22.15
CA ASN OB 71 18.43 119.61 -22.45
C ASN OB 71 17.13 118.95 -22.88
N PRO OB 72 16.21 118.72 -21.96
CA PRO OB 72 14.95 118.06 -22.32
C PRO OB 72 14.08 118.98 -23.16
N THR OB 73 12.97 118.43 -23.60
CA THR OB 73 11.97 119.17 -24.36
C THR OB 73 10.65 119.11 -23.61
N ALA OB 74 10.22 120.26 -23.11
CA ALA OB 74 8.99 120.35 -22.34
C ALA OB 74 7.80 120.24 -23.28
N CYS OB 75 6.82 119.44 -22.89
CA CYS OB 75 5.51 119.47 -23.53
C CYS OB 75 4.60 120.24 -22.58
N THR OB 76 4.26 121.47 -22.96
CA THR OB 76 3.50 122.34 -22.08
C THR OB 76 2.11 121.79 -21.86
N ALA OB 77 1.35 121.59 -22.94
CA ALA OB 77 0.02 121.01 -22.85
C ALA OB 77 0.12 119.56 -23.28
N ASN OB 78 0.02 118.66 -22.32
CA ASN OB 78 -0.09 117.23 -22.59
C ASN OB 78 -1.55 116.79 -22.57
N GLY OB 79 -2.49 117.71 -22.43
CA GLY OB 79 -3.83 117.36 -22.04
C GLY OB 79 -3.96 117.16 -20.55
N SER OB 80 -2.88 117.41 -19.81
CA SER OB 80 -2.86 117.25 -18.37
C SER OB 80 -2.37 118.55 -17.75
N CYS OB 81 -2.55 118.69 -16.44
CA CYS OB 81 -2.24 119.92 -15.75
C CYS OB 81 -0.74 120.18 -15.62
N ASP OB 82 0.10 119.19 -15.86
CA ASP OB 82 1.52 119.38 -15.66
C ASP OB 82 2.28 119.08 -16.94
N PRO OB 83 3.33 119.85 -17.23
CA PRO OB 83 4.15 119.56 -18.41
C PRO OB 83 4.91 118.26 -18.21
N SER OB 84 5.39 117.71 -19.32
CA SER OB 84 6.06 116.43 -19.30
C SER OB 84 7.25 116.42 -20.24
N VAL OB 85 8.26 115.65 -19.87
CA VAL OB 85 9.46 115.50 -20.70
C VAL OB 85 9.04 114.78 -21.98
N THR OB 86 9.49 115.30 -23.11
CA THR OB 86 9.20 114.64 -24.37
C THR OB 86 10.46 114.06 -24.99
N ARG OB 87 11.33 114.92 -25.49
CA ARG OB 87 12.60 114.51 -26.06
C ARG OB 87 13.73 114.98 -25.15
N GLN OB 88 14.78 114.17 -25.09
CA GLN OB 88 15.91 114.51 -24.22
C GLN OB 88 17.15 114.65 -25.09
N ALA OB 89 17.66 115.86 -25.20
CA ALA OB 89 18.85 116.12 -26.01
C ALA OB 89 20.08 115.76 -25.19
N TYR OB 90 20.94 114.93 -25.76
CA TYR OB 90 22.17 114.55 -25.08
C TYR OB 90 23.38 115.10 -25.81
N ALA OB 91 24.13 115.93 -25.09
CA ALA OB 91 25.38 116.48 -25.61
C ALA OB 91 26.49 116.01 -24.69
N ASP OB 92 27.42 115.25 -25.23
CA ASP OB 92 28.50 114.65 -24.45
C ASP OB 92 29.84 115.02 -25.05
N VAL OB 93 30.78 115.40 -24.18
CA VAL OB 93 32.14 115.76 -24.57
C VAL OB 93 33.08 115.14 -23.57
N THR OB 94 34.16 114.55 -24.08
CA THR OB 94 35.19 113.96 -23.24
C THR OB 94 36.56 114.46 -23.63
N PHE OB 95 37.52 114.22 -22.77
CA PHE OB 95 38.90 114.59 -23.04
C PHE OB 95 39.82 113.55 -22.45
N SER OB 96 40.90 113.27 -23.16
CA SER OB 96 41.93 112.38 -22.67
C SER OB 96 43.26 113.10 -22.73
N PHE OB 97 44.11 112.84 -21.74
CA PHE OB 97 45.43 113.44 -21.70
C PHE OB 97 46.39 112.51 -21.02
N THR OB 98 47.66 112.74 -21.27
CA THR OB 98 48.73 111.94 -20.70
C THR OB 98 49.37 112.71 -19.57
N GLN OB 99 49.85 111.98 -18.57
CA GLN OB 99 50.47 112.59 -17.42
C GLN OB 99 51.51 113.63 -17.82
N TYR OB 100 52.14 113.46 -18.97
CA TYR OB 100 53.12 114.45 -19.43
C TYR OB 100 52.49 115.53 -20.30
N SER OB 101 51.18 115.51 -20.47
CA SER OB 101 50.52 116.51 -21.31
C SER OB 101 50.88 117.91 -20.81
N THR OB 102 51.19 118.82 -21.74
CA THR OB 102 51.56 120.15 -21.30
C THR OB 102 50.34 121.05 -21.28
N ASP OB 103 50.56 122.30 -20.88
CA ASP OB 103 49.46 123.23 -20.76
C ASP OB 103 48.96 123.66 -22.14
N GLU OB 104 49.84 124.21 -22.96
CA GLU OB 104 49.38 124.81 -24.21
C GLU OB 104 48.72 123.78 -25.11
N GLU OB 105 49.26 122.57 -25.15
CA GLU OB 105 48.60 121.49 -25.87
C GLU OB 105 47.13 121.41 -25.47
N ARG OB 106 46.86 121.31 -24.18
CA ARG OB 106 45.49 121.30 -23.72
C ARG OB 106 44.77 122.57 -24.15
N ALA OB 107 45.33 123.73 -23.81
CA ALA OB 107 44.77 124.98 -24.26
C ALA OB 107 44.51 124.98 -25.75
N PHE OB 108 45.47 124.50 -26.53
CA PHE OB 108 45.28 124.38 -27.96
C PHE OB 108 44.03 123.56 -28.28
N VAL OB 109 43.81 122.48 -27.55
CA VAL OB 109 42.62 121.67 -27.80
C VAL OB 109 41.36 122.46 -27.50
N ARG OB 110 41.36 123.20 -26.39
CA ARG OB 110 40.14 123.85 -25.96
C ARG OB 110 39.60 124.79 -27.04
N THR OB 111 40.41 125.74 -27.47
CA THR OB 111 39.93 126.71 -28.44
C THR OB 111 39.48 126.04 -29.72
N GLU OB 112 40.34 125.24 -30.35
CA GLU OB 112 40.01 124.69 -31.66
C GLU OB 112 38.67 123.97 -31.67
N LEU OB 113 38.36 123.23 -30.61
CA LEU OB 113 37.06 122.59 -30.55
C LEU OB 113 35.95 123.63 -30.66
N ALA OB 114 36.08 124.73 -29.90
CA ALA OB 114 35.10 125.80 -30.01
C ALA OB 114 35.03 126.34 -31.42
N ALA OB 115 36.17 126.68 -32.02
CA ALA OB 115 36.17 127.19 -33.38
C ALA OB 115 35.42 126.28 -34.32
N LEU OB 116 35.65 124.97 -34.24
CA LEU OB 116 34.86 124.05 -35.03
C LEU OB 116 33.38 124.24 -34.79
N LEU OB 117 32.97 124.35 -33.54
CA LEU OB 117 31.56 124.53 -33.26
C LEU OB 117 31.01 125.79 -33.91
N ALA OB 118 31.85 126.80 -34.13
CA ALA OB 118 31.44 127.95 -34.90
C ALA OB 118 31.73 127.80 -36.37
N SER OB 119 32.44 126.76 -36.78
CA SER OB 119 32.76 126.58 -38.18
C SER OB 119 31.50 126.30 -38.98
N PRO OB 120 31.43 126.80 -40.22
CA PRO OB 120 30.28 126.49 -41.07
C PRO OB 120 30.15 125.02 -41.38
N LEU OB 121 31.20 124.23 -41.17
CA LEU OB 121 31.09 122.80 -41.40
C LEU OB 121 30.08 122.17 -40.46
N LEU OB 122 30.32 122.26 -39.16
CA LEU OB 122 29.52 121.53 -38.20
C LEU OB 122 28.07 121.97 -38.18
N ILE OB 123 27.78 123.23 -38.46
CA ILE OB 123 26.42 123.72 -38.33
C ILE OB 123 25.46 122.90 -39.18
N ASP OB 124 25.79 122.67 -40.44
CA ASP OB 124 24.99 121.77 -41.25
C ASP OB 124 24.99 120.36 -40.70
N ALA OB 125 26.16 119.88 -40.28
CA ALA OB 125 26.26 118.60 -39.60
C ALA OB 125 25.37 118.54 -38.38
N ILE OB 126 25.42 119.54 -37.52
CA ILE OB 126 24.60 119.59 -36.32
C ILE OB 126 23.17 119.98 -36.65
N ASP OB 127 22.96 121.21 -37.10
CA ASP OB 127 21.61 121.72 -37.25
C ASP OB 127 20.81 120.93 -38.26
N GLN OB 128 21.32 120.79 -39.46
CA GLN OB 128 20.59 120.13 -40.53
C GLN OB 128 20.92 118.66 -40.67
N LEU OB 129 21.74 118.10 -39.78
CA LEU OB 129 22.07 116.68 -39.78
C LEU OB 129 22.60 116.27 -41.14
N ASN OB 130 23.74 116.83 -41.50
CA ASN OB 130 24.22 116.52 -42.83
C ASN OB 130 25.65 116.02 -42.76
N PRO OB 131 25.98 115.03 -43.55
CA PRO OB 131 27.38 114.61 -43.67
C PRO OB 131 28.19 115.64 -44.41
N ALA OB 132 29.40 115.26 -44.80
CA ALA OB 132 30.46 116.19 -45.15
C ALA OB 132 30.35 116.71 -46.57
N TYR OB 133 29.29 116.37 -47.28
CA TYR OB 133 29.17 116.79 -48.67
C TYR OB 133 28.26 117.99 -48.79
N ALA PB 2 -24.68 -29.72 -122.09
CA ALA PB 2 -25.63 -30.76 -122.49
C ALA PB 2 -25.48 -31.98 -121.61
N LYS PB 3 -26.14 -33.06 -122.00
CA LYS PB 3 -26.17 -34.29 -121.23
C LYS PB 3 -24.78 -34.90 -121.16
N LEU PB 4 -24.46 -35.44 -119.99
CA LEU PB 4 -23.28 -36.29 -119.84
C LEU PB 4 -23.39 -37.42 -120.83
N GLU PB 5 -22.33 -37.64 -121.60
CA GLU PB 5 -22.32 -38.71 -122.58
C GLU PB 5 -20.95 -39.35 -122.62
N THR PB 6 -20.84 -40.38 -123.43
CA THR PB 6 -19.53 -40.94 -123.74
C THR PB 6 -18.80 -39.87 -124.51
N VAL PB 7 -17.61 -39.53 -124.04
CA VAL PB 7 -16.83 -38.50 -124.72
C VAL PB 7 -15.60 -39.17 -125.33
N THR PB 8 -15.59 -39.27 -126.65
CA THR PB 8 -14.45 -39.80 -127.37
C THR PB 8 -13.47 -38.67 -127.63
N LEU PB 9 -12.19 -38.97 -127.55
CA LEU PB 9 -11.15 -37.99 -127.80
C LEU PB 9 -10.11 -38.60 -128.72
N GLY PB 10 -9.86 -37.94 -129.85
CA GLY PB 10 -8.80 -38.32 -130.75
C GLY PB 10 -7.63 -37.36 -130.59
N ASN PB 11 -6.53 -37.72 -131.24
CA ASN PB 11 -5.35 -36.87 -131.31
C ASN PB 11 -4.86 -36.53 -129.91
N ILE PB 12 -4.32 -37.55 -129.24
CA ILE PB 12 -3.92 -37.45 -127.85
C ILE PB 12 -2.47 -37.87 -127.74
N GLY PB 13 -1.77 -37.32 -126.75
CA GLY PB 13 -0.39 -37.67 -126.50
C GLY PB 13 0.53 -37.10 -127.54
N LYS PB 14 1.82 -37.20 -127.23
CA LYS PB 14 2.85 -36.70 -128.15
C LYS PB 14 2.66 -37.26 -129.54
N ASP PB 15 2.24 -38.52 -129.64
CA ASP PB 15 1.92 -39.10 -130.94
C ASP PB 15 0.75 -38.39 -131.59
N GLY PB 16 -0.34 -38.22 -130.87
CA GLY PB 16 -1.56 -37.78 -131.49
C GLY PB 16 -2.35 -38.89 -132.12
N LYS PB 17 -1.85 -40.12 -132.04
CA LYS PB 17 -2.63 -41.27 -132.45
C LYS PB 17 -3.38 -41.86 -131.28
N GLN PB 18 -3.10 -41.39 -130.07
CA GLN PB 18 -3.79 -41.85 -128.89
C GLN PB 18 -5.23 -41.39 -128.91
N THR PB 19 -6.12 -42.27 -128.44
CA THR PB 19 -7.53 -41.96 -128.33
C THR PB 19 -8.02 -42.33 -126.94
N LEU PB 20 -9.08 -41.67 -126.50
CA LEU PB 20 -9.61 -41.92 -125.17
C LEU PB 20 -11.11 -41.71 -125.18
N VAL PB 21 -11.83 -42.56 -124.45
CA VAL PB 21 -13.25 -42.40 -124.25
C VAL PB 21 -13.48 -42.18 -122.76
N LEU PB 22 -14.57 -41.47 -122.45
CA LEU PB 22 -14.90 -41.14 -121.07
C LEU PB 22 -16.37 -41.44 -120.83
N ASN PB 23 -16.63 -42.29 -119.90
CA ASN PB 23 -18.03 -42.51 -119.64
C ASN PB 23 -18.52 -41.55 -118.58
N PRO PB 24 -19.79 -41.15 -118.66
CA PRO PB 24 -20.36 -40.36 -117.57
C PRO PB 24 -20.37 -41.14 -116.28
N ARG PB 25 -19.84 -40.52 -115.24
CA ARG PB 25 -19.77 -41.15 -113.93
C ARG PB 25 -20.88 -40.71 -113.00
N GLY PB 26 -21.81 -39.89 -113.48
CA GLY PB 26 -22.78 -39.27 -112.61
C GLY PB 26 -22.25 -37.97 -112.02
N VAL PB 27 -23.02 -37.41 -111.11
CA VAL PB 27 -22.70 -36.12 -110.51
C VAL PB 27 -22.82 -36.23 -109.01
N ASN PB 28 -21.78 -35.83 -108.31
CA ASN PB 28 -21.91 -35.71 -106.87
C ASN PB 28 -22.77 -34.51 -106.54
N PRO PB 29 -23.96 -34.69 -105.97
CA PRO PB 29 -24.83 -33.55 -105.70
C PRO PB 29 -24.31 -32.67 -104.58
N THR PB 30 -23.57 -33.22 -103.63
CA THR PB 30 -23.10 -32.42 -102.50
C THR PB 30 -22.31 -31.21 -102.99
N ASN PB 31 -21.12 -31.44 -103.51
CA ASN PB 31 -20.35 -30.37 -104.12
C ASN PB 31 -20.95 -29.92 -105.44
N GLY PB 32 -21.91 -30.66 -105.99
CA GLY PB 32 -22.47 -30.31 -107.27
C GLY PB 32 -21.44 -30.40 -108.38
N VAL PB 33 -20.78 -31.54 -108.52
CA VAL PB 33 -19.69 -31.70 -109.47
C VAL PB 33 -19.91 -32.97 -110.26
N ALA PB 34 -19.87 -32.84 -111.58
CA ALA PB 34 -19.94 -33.99 -112.47
C ALA PB 34 -18.62 -34.74 -112.48
N SER PB 35 -18.68 -35.99 -112.93
CA SER PB 35 -17.50 -36.83 -113.02
C SER PB 35 -17.54 -37.64 -114.31
N LEU PB 36 -16.38 -37.80 -114.92
CA LEU PB 36 -16.23 -38.59 -116.12
C LEU PB 36 -15.04 -39.50 -115.95
N SER PB 37 -15.08 -40.66 -116.60
CA SER PB 37 -13.96 -41.57 -116.46
C SER PB 37 -13.80 -42.43 -117.70
N GLN PB 38 -12.55 -42.79 -117.97
CA GLN PB 38 -12.26 -43.92 -118.83
C GLN PB 38 -12.84 -45.18 -118.20
N ALA PB 39 -13.24 -46.11 -119.05
CA ALA PB 39 -13.65 -47.43 -118.55
C ALA PB 39 -12.42 -48.34 -118.57
N GLY PB 40 -11.90 -48.58 -117.39
CA GLY PB 40 -10.80 -49.50 -117.21
C GLY PB 40 -11.24 -50.74 -116.45
N ALA PB 41 -10.28 -51.37 -115.78
CA ALA PB 41 -10.60 -52.44 -114.87
C ALA PB 41 -10.87 -51.89 -113.47
N VAL PB 42 -9.85 -51.32 -112.84
CA VAL PB 42 -9.97 -50.85 -111.48
C VAL PB 42 -10.26 -49.35 -111.49
N PRO PB 43 -11.39 -48.92 -110.94
CA PRO PB 43 -11.69 -47.48 -110.89
C PRO PB 43 -10.57 -46.65 -110.30
N ALA PB 44 -9.92 -47.11 -109.24
CA ALA PB 44 -8.74 -46.44 -108.72
C ALA PB 44 -7.71 -46.19 -109.79
N LEU PB 45 -7.54 -47.13 -110.71
CA LEU PB 45 -6.61 -46.95 -111.82
C LEU PB 45 -7.21 -46.09 -112.93
N GLU PB 46 -8.52 -46.08 -113.06
CA GLU PB 46 -9.16 -45.45 -114.22
C GLU PB 46 -8.98 -43.94 -114.17
N LYS PB 47 -8.78 -43.37 -115.36
CA LYS PB 47 -8.57 -41.93 -115.50
C LYS PB 47 -9.86 -41.24 -115.06
N ARG PB 48 -9.71 -40.07 -114.45
CA ARG PB 48 -10.88 -39.33 -114.00
C ARG PB 48 -10.88 -37.92 -114.57
N VAL PB 49 -12.07 -37.41 -114.84
CA VAL PB 49 -12.26 -36.06 -115.33
C VAL PB 49 -13.41 -35.44 -114.57
N THR PB 50 -13.19 -34.26 -114.01
CA THR PB 50 -14.19 -33.60 -113.17
C THR PB 50 -14.43 -32.20 -113.69
N VAL PB 51 -15.70 -31.83 -113.82
CA VAL PB 51 -16.08 -30.49 -114.20
C VAL PB 51 -17.13 -29.99 -113.22
N SER PB 52 -17.18 -28.68 -113.06
CA SER PB 52 -18.14 -28.09 -112.16
C SER PB 52 -18.45 -26.67 -112.60
N VAL PB 53 -19.66 -26.23 -112.29
CA VAL PB 53 -20.02 -24.84 -112.47
C VAL PB 53 -20.22 -24.26 -111.09
N SER PB 54 -20.60 -22.99 -111.03
CA SER PB 54 -20.85 -22.34 -109.76
C SER PB 54 -21.78 -21.17 -110.01
N GLN PB 55 -22.35 -20.65 -108.93
CA GLN PB 55 -23.20 -19.48 -109.08
C GLN PB 55 -22.88 -18.51 -107.96
N PRO PB 56 -22.94 -17.21 -108.24
CA PRO PB 56 -22.52 -16.23 -107.24
C PRO PB 56 -23.42 -16.26 -106.01
N SER PB 57 -22.80 -16.09 -104.85
CA SER PB 57 -23.51 -16.10 -103.59
C SER PB 57 -23.16 -14.84 -102.83
N ARG PB 58 -23.65 -14.74 -101.61
CA ARG PB 58 -23.21 -13.67 -100.71
C ARG PB 58 -21.72 -13.74 -100.44
N ASN PB 59 -21.10 -14.91 -100.59
CA ASN PB 59 -19.67 -15.04 -100.42
C ASN PB 59 -18.87 -14.58 -101.62
N ARG PB 60 -19.37 -14.80 -102.83
CA ARG PB 60 -18.65 -14.41 -104.03
C ARG PB 60 -19.66 -14.02 -105.10
N LYS PB 61 -19.34 -12.96 -105.83
CA LYS PB 61 -20.21 -12.44 -106.88
C LYS PB 61 -19.82 -12.97 -108.24
N ASN PB 62 -18.83 -13.86 -108.27
CA ASN PB 62 -18.25 -14.29 -109.53
C ASN PB 62 -18.57 -15.75 -109.79
N TYR PB 63 -18.64 -16.11 -111.06
CA TYR PB 63 -18.81 -17.50 -111.44
C TYR PB 63 -17.47 -18.21 -111.43
N LYS PB 64 -17.47 -19.44 -110.94
CA LYS PB 64 -16.30 -20.30 -110.96
C LYS PB 64 -16.61 -21.52 -111.81
N VAL PB 65 -15.70 -21.86 -112.71
CA VAL PB 65 -15.77 -23.11 -113.45
C VAL PB 65 -14.48 -23.85 -113.20
N GLN PB 66 -14.59 -24.98 -112.53
CA GLN PB 66 -13.43 -25.75 -112.10
C GLN PB 66 -13.39 -27.05 -112.88
N VAL PB 67 -12.21 -27.39 -113.39
CA VAL PB 67 -12.00 -28.64 -114.11
C VAL PB 67 -10.71 -29.25 -113.60
N LYS PB 68 -10.79 -30.47 -113.10
CA LYS PB 68 -9.65 -31.20 -112.59
C LYS PB 68 -9.52 -32.52 -113.31
N ILE PB 69 -8.30 -32.95 -113.54
CA ILE PB 69 -8.01 -34.21 -114.22
C ILE PB 69 -7.06 -35.01 -113.35
N GLN PB 70 -7.35 -36.29 -113.19
CA GLN PB 70 -6.58 -37.17 -112.34
C GLN PB 70 -6.20 -38.41 -113.14
N ASN PB 71 -4.90 -38.59 -113.36
CA ASN PB 71 -4.38 -39.68 -114.18
C ASN PB 71 -3.31 -40.41 -113.39
N PRO PB 72 -3.65 -41.47 -112.69
CA PRO PB 72 -2.66 -42.18 -111.89
C PRO PB 72 -1.69 -42.93 -112.80
N THR PB 73 -0.71 -43.55 -112.16
CA THR PB 73 0.28 -44.38 -112.84
C THR PB 73 0.22 -45.77 -112.25
N ALA PB 74 -0.22 -46.72 -113.05
CA ALA PB 74 -0.35 -48.10 -112.62
C ALA PB 74 1.03 -48.74 -112.54
N CYS PB 75 1.27 -49.45 -111.43
CA CYS PB 75 2.41 -50.36 -111.34
C CYS PB 75 1.85 -51.74 -111.56
N THR PB 76 2.13 -52.32 -112.73
CA THR PB 76 1.55 -53.61 -113.08
C THR PB 76 2.08 -54.71 -112.18
N ALA PB 77 3.40 -54.87 -112.15
CA ALA PB 77 4.01 -55.86 -111.27
C ALA PB 77 4.61 -55.11 -110.09
N ASN PB 78 3.95 -55.26 -108.94
CA ASN PB 78 4.50 -54.77 -107.68
C ASN PB 78 5.21 -55.87 -106.93
N GLY PB 79 5.36 -57.05 -107.52
CA GLY PB 79 5.69 -58.22 -106.74
C GLY PB 79 4.48 -58.83 -106.08
N SER PB 80 3.30 -58.27 -106.35
CA SER PB 80 2.04 -58.73 -105.76
C SER PB 80 1.06 -58.99 -106.89
N CYS PB 81 -0.03 -59.69 -106.57
CA CYS PB 81 -0.99 -60.09 -107.58
C CYS PB 81 -1.81 -58.95 -108.13
N ASP PB 82 -1.82 -57.79 -107.48
CA ASP PB 82 -2.66 -56.71 -107.93
C ASP PB 82 -1.84 -55.46 -108.23
N PRO PB 83 -2.20 -54.72 -109.27
CA PRO PB 83 -1.48 -53.47 -109.55
C PRO PB 83 -1.76 -52.45 -108.47
N SER PB 84 -0.91 -51.43 -108.41
CA SER PB 84 -1.02 -50.42 -107.37
C SER PB 84 -0.72 -49.04 -107.94
N VAL PB 85 -1.37 -48.04 -107.35
CA VAL PB 85 -1.15 -46.65 -107.74
C VAL PB 85 0.28 -46.28 -107.37
N THR PB 86 0.98 -45.65 -108.30
CA THR PB 86 2.32 -45.20 -108.02
C THR PB 86 2.40 -43.68 -107.96
N ARG PB 87 2.30 -43.04 -109.11
CA ARG PB 87 2.30 -41.59 -109.20
C ARG PB 87 0.92 -41.13 -109.61
N GLN PB 88 0.53 -39.96 -109.11
CA GLN PB 88 -0.79 -39.44 -109.42
C GLN PB 88 -0.63 -38.09 -110.10
N ALA PB 89 -0.96 -38.03 -111.39
CA ALA PB 89 -0.85 -36.78 -112.15
C ALA PB 89 -2.06 -35.91 -111.85
N TYR PB 90 -1.80 -34.67 -111.46
CA TYR PB 90 -2.87 -33.73 -111.19
C TYR PB 90 -2.88 -32.62 -112.22
N ALA PB 91 -4.00 -32.51 -112.93
CA ALA PB 91 -4.20 -31.43 -113.89
C ALA PB 91 -5.42 -30.66 -113.44
N ASP PB 92 -5.24 -29.38 -113.11
CA ASP PB 92 -6.30 -28.55 -112.58
C ASP PB 92 -6.45 -27.29 -113.41
N VAL PB 93 -7.70 -26.94 -113.71
CA VAL PB 93 -8.03 -25.76 -114.49
C VAL PB 93 -9.22 -25.10 -113.84
N THR PB 94 -9.16 -23.78 -113.70
CA THR PB 94 -10.25 -23.01 -113.13
C THR PB 94 -10.61 -21.85 -114.05
N PHE PB 95 -11.77 -21.26 -113.78
CA PHE PB 95 -12.21 -20.10 -114.53
C PHE PB 95 -12.97 -19.17 -113.60
N SER PB 96 -12.78 -17.87 -113.82
CA SER PB 96 -13.51 -16.86 -113.09
C SER PB 96 -14.18 -15.95 -114.09
N PHE PB 97 -15.39 -15.50 -113.75
CA PHE PB 97 -16.12 -14.59 -114.60
C PHE PB 97 -16.98 -13.69 -113.76
N THR PB 98 -17.38 -12.58 -114.34
CA THR PB 98 -18.22 -11.60 -113.68
C THR PB 98 -19.64 -11.74 -114.20
N GLN PB 99 -20.59 -11.45 -113.33
CA GLN PB 99 -21.99 -11.55 -113.70
C GLN PB 99 -22.29 -10.86 -115.01
N TYR PB 100 -21.54 -9.83 -115.36
CA TYR PB 100 -21.76 -9.16 -116.64
C TYR PB 100 -20.89 -9.73 -117.75
N SER PB 101 -20.14 -10.80 -117.49
CA SER PB 101 -19.30 -11.40 -118.51
C SER PB 101 -20.13 -11.76 -119.73
N THR PB 102 -19.63 -11.45 -120.92
CA THR PB 102 -20.41 -11.75 -122.10
C THR PB 102 -20.03 -13.12 -122.65
N ASP PB 103 -20.70 -13.51 -123.73
CA ASP PB 103 -20.46 -14.82 -124.30
C ASP PB 103 -19.12 -14.89 -124.99
N GLU PB 104 -18.88 -14.01 -125.96
CA GLU PB 104 -17.69 -14.14 -126.78
C GLU PB 104 -16.42 -14.02 -125.96
N GLU PB 105 -16.42 -13.12 -124.97
CA GLU PB 105 -15.31 -13.06 -124.04
C GLU PB 105 -14.98 -14.44 -123.50
N ARG PB 106 -15.97 -15.11 -122.95
CA ARG PB 106 -15.75 -16.48 -122.48
C ARG PB 106 -15.27 -17.36 -123.61
N ALA PB 107 -16.03 -17.41 -124.71
CA ALA PB 107 -15.60 -18.16 -125.88
C ALA PB 107 -14.18 -17.82 -126.27
N PHE PB 108 -13.84 -16.53 -126.29
CA PHE PB 108 -12.48 -16.12 -126.57
C PHE PB 108 -11.50 -16.79 -125.62
N VAL PB 109 -11.84 -16.88 -124.33
CA VAL PB 109 -10.96 -17.54 -123.40
C VAL PB 109 -10.79 -19.00 -123.74
N ARG PB 110 -11.88 -19.67 -124.08
CA ARG PB 110 -11.82 -21.11 -124.26
C ARG PB 110 -10.81 -21.48 -125.32
N THR PB 111 -10.96 -20.96 -126.54
CA THR PB 111 -10.06 -21.34 -127.61
C THR PB 111 -8.61 -21.03 -127.27
N GLU PB 112 -8.31 -19.77 -126.94
CA GLU PB 112 -6.93 -19.37 -126.74
C GLU PB 112 -6.19 -20.28 -125.77
N LEU PB 113 -6.84 -20.69 -124.69
CA LEU PB 113 -6.20 -21.63 -123.78
C LEU PB 113 -5.79 -22.89 -124.51
N ALA PB 114 -6.70 -23.43 -125.32
CA ALA PB 114 -6.35 -24.60 -126.11
C ALA PB 114 -5.17 -24.32 -127.02
N ALA PB 115 -5.23 -23.23 -127.79
CA ALA PB 115 -4.13 -22.90 -128.68
C ALA PB 115 -2.80 -22.89 -127.94
N LEU PB 116 -2.75 -22.26 -126.77
CA LEU PB 116 -1.55 -22.33 -125.97
C LEU PB 116 -1.12 -23.75 -125.73
N LEU PB 117 -2.05 -24.63 -125.36
CA LEU PB 117 -1.69 -26.00 -125.11
C LEU PB 117 -1.09 -26.66 -126.33
N ALA PB 118 -1.45 -26.20 -127.52
CA ALA PB 118 -0.80 -26.67 -128.73
C ALA PB 118 0.39 -25.81 -129.11
N SER PB 119 0.60 -24.68 -128.43
CA SER PB 119 1.71 -23.83 -128.77
C SER PB 119 3.04 -24.52 -128.47
N PRO PB 120 4.06 -24.28 -129.28
CA PRO PB 120 5.38 -24.84 -129.00
C PRO PB 120 5.96 -24.34 -127.69
N LEU PB 121 5.44 -23.24 -127.15
CA LEU PB 121 5.95 -22.76 -125.88
C LEU PB 121 5.69 -23.77 -124.77
N LEU PB 122 4.44 -24.08 -124.52
CA LEU PB 122 4.09 -24.87 -123.36
C LEU PB 122 4.64 -26.28 -123.42
N ILE PB 123 4.79 -26.85 -124.61
CA ILE PB 123 5.20 -28.25 -124.68
C ILE PB 123 6.52 -28.47 -123.97
N ASP PB 124 7.52 -27.63 -124.22
CA ASP PB 124 8.74 -27.71 -123.44
C ASP PB 124 8.51 -27.43 -121.97
N ALA PB 125 7.71 -26.41 -121.68
CA ALA PB 125 7.28 -26.16 -120.32
C ALA PB 125 6.63 -27.36 -119.68
N ILE PB 126 5.67 -27.98 -120.35
CA ILE PB 126 4.98 -29.15 -119.84
C ILE PB 126 5.85 -30.40 -119.96
N ASP PB 127 6.13 -30.83 -121.19
CA ASP PB 127 6.77 -32.12 -121.39
C ASP PB 127 8.15 -32.15 -120.78
N GLN PB 128 9.01 -31.21 -121.13
CA GLN PB 128 10.38 -31.21 -120.68
C GLN PB 128 10.61 -30.38 -119.44
N LEU PB 129 9.56 -29.81 -118.85
CA LEU PB 129 9.65 -29.04 -117.62
C LEU PB 129 10.69 -27.92 -117.77
N ASN PB 130 10.39 -27.00 -118.67
CA ASN PB 130 11.39 -25.98 -118.90
C ASN PB 130 10.77 -24.60 -118.75
N PRO PB 131 11.50 -23.69 -118.16
CA PRO PB 131 11.04 -22.30 -118.14
C PRO PB 131 11.14 -21.67 -119.51
N ALA PB 132 11.00 -20.36 -119.56
CA ALA PB 132 10.67 -19.63 -120.77
C ALA PB 132 11.87 -19.37 -121.66
N TYR PB 133 13.03 -19.90 -121.31
CA TYR PB 133 14.23 -19.63 -122.09
C TYR PB 133 14.54 -20.78 -123.02
N ALA QB 2 -64.24 -49.87 104.27
CA ALA QB 2 -65.67 -50.03 104.47
C ALA QB 2 -66.39 -48.70 104.32
N LYS QB 3 -67.66 -48.67 104.68
CA LYS QB 3 -68.51 -47.50 104.53
C LYS QB 3 -68.00 -46.37 105.40
N LEU QB 4 -68.06 -45.16 104.85
CA LEU QB 4 -67.88 -43.95 105.65
C LEU QB 4 -68.88 -43.98 106.78
N GLU QB 5 -68.40 -43.76 107.99
CA GLU QB 5 -69.27 -43.76 109.15
C GLU QB 5 -68.82 -42.69 110.12
N THR QB 6 -69.58 -42.54 111.19
CA THR QB 6 -69.14 -41.71 112.30
C THR QB 6 -67.94 -42.41 112.90
N VAL QB 7 -66.83 -41.69 113.01
CA VAL QB 7 -65.62 -42.29 113.56
C VAL QB 7 -65.34 -41.64 114.90
N THR QB 8 -65.53 -42.38 115.97
CA THR QB 8 -65.22 -41.91 117.30
C THR QB 8 -63.76 -42.21 117.59
N LEU QB 9 -63.11 -41.29 118.29
CA LEU QB 9 -61.71 -41.46 118.66
C LEU QB 9 -61.54 -41.12 120.13
N GLY QB 10 -61.02 -42.08 120.88
CA GLY QB 10 -60.66 -41.86 122.26
C GLY QB 10 -59.15 -41.68 122.40
N ASN QB 11 -58.73 -41.30 123.60
CA ASN QB 11 -57.32 -41.20 123.93
C ASN QB 11 -56.60 -40.26 122.97
N ILE QB 12 -56.92 -38.97 123.11
CA ILE QB 12 -56.45 -37.96 122.19
C ILE QB 12 -55.77 -36.87 123.00
N GLY QB 13 -54.80 -36.21 122.39
CA GLY QB 13 -54.10 -35.11 123.03
C GLY QB 13 -53.15 -35.60 124.10
N LYS QB 14 -52.33 -34.66 124.57
CA LYS QB 14 -51.36 -34.96 125.61
C LYS QB 14 -52.03 -35.62 126.80
N ASP QB 15 -53.25 -35.18 127.12
CA ASP QB 15 -54.01 -35.81 128.19
C ASP QB 15 -54.35 -37.26 127.83
N GLY QB 16 -54.89 -37.49 126.64
CA GLY QB 16 -55.45 -38.78 126.34
C GLY QB 16 -56.86 -38.95 126.85
N LYS QB 17 -57.41 -37.93 127.49
CA LYS QB 17 -58.82 -37.94 127.83
C LYS QB 17 -59.65 -37.27 126.75
N GLN QB 18 -58.99 -36.64 125.78
CA GLN QB 18 -59.68 -36.00 124.67
C GLN QB 18 -60.32 -37.05 123.78
N THR QB 19 -61.51 -36.73 123.29
CA THR QB 19 -62.23 -37.58 122.37
C THR QB 19 -62.70 -36.77 121.18
N LEU QB 20 -62.89 -37.44 120.06
CA LEU QB 20 -63.29 -36.76 118.84
C LEU QB 20 -64.16 -37.68 118.00
N VAL QB 21 -65.19 -37.12 117.39
CA VAL QB 21 -66.01 -37.84 116.44
C VAL QB 21 -65.87 -37.17 115.09
N LEU QB 22 -66.04 -37.96 114.03
CA LEU QB 22 -65.89 -37.47 112.66
C LEU QB 22 -67.09 -37.93 111.84
N ASN QB 23 -67.78 -37.00 111.31
CA ASN QB 23 -68.87 -37.47 110.46
C ASN QB 23 -68.40 -37.61 109.03
N PRO QB 24 -68.96 -38.57 108.30
CA PRO QB 24 -68.67 -38.66 106.87
C PRO QB 24 -69.12 -37.41 106.15
N ARG QB 25 -68.21 -36.83 105.38
CA ARG QB 25 -68.49 -35.61 104.63
C ARG QB 25 -68.83 -35.89 103.17
N GLY QB 26 -68.90 -37.15 102.78
CA GLY QB 26 -69.02 -37.49 101.38
C GLY QB 26 -67.66 -37.58 100.72
N VAL QB 27 -67.67 -37.74 99.41
CA VAL QB 27 -66.46 -37.94 98.64
C VAL QB 27 -66.47 -37.01 97.44
N ASN QB 28 -65.41 -36.24 97.29
CA ASN QB 28 -65.28 -35.49 96.05
C ASN QB 28 -64.94 -36.43 94.92
N PRO QB 29 -65.82 -36.61 93.94
CA PRO QB 29 -65.54 -37.56 92.86
C PRO QB 29 -64.44 -37.10 91.93
N THR QB 30 -64.25 -35.79 91.77
CA THR QB 30 -63.24 -35.30 90.84
C THR QB 30 -61.87 -35.87 91.18
N ASN QB 31 -61.29 -35.43 92.28
CA ASN QB 31 -60.04 -36.01 92.75
C ASN QB 31 -60.25 -37.41 93.31
N GLY QB 32 -61.49 -37.84 93.51
CA GLY QB 32 -61.74 -39.14 94.11
C GLY QB 32 -61.21 -39.23 95.51
N VAL QB 33 -61.61 -38.30 96.38
CA VAL QB 33 -61.09 -38.22 97.73
C VAL QB 33 -62.25 -38.11 98.71
N ALA QB 34 -62.25 -38.98 99.71
CA ALA QB 34 -63.22 -38.91 100.78
C ALA QB 34 -62.89 -37.78 101.74
N SER QB 35 -63.89 -37.39 102.52
CA SER QB 35 -63.71 -36.33 103.50
C SER QB 35 -64.45 -36.69 104.77
N LEU QB 36 -63.84 -36.35 105.90
CA LEU QB 36 -64.45 -36.56 107.21
C LEU QB 36 -64.29 -35.29 108.02
N SER QB 37 -65.23 -35.06 108.93
CA SER QB 37 -65.13 -33.86 109.73
C SER QB 37 -65.77 -34.06 111.08
N GLN QB 38 -65.21 -33.35 112.06
CA GLN QB 38 -65.93 -33.07 113.30
C GLN QB 38 -67.18 -32.27 112.98
N ALA QB 39 -68.22 -32.47 113.78
CA ALA QB 39 -69.40 -31.63 113.66
C ALA QB 39 -69.25 -30.47 114.65
N GLY QB 40 -68.96 -29.30 114.08
CA GLY QB 40 -68.88 -28.08 114.83
C GLY QB 40 -70.00 -27.14 114.48
N ALA QB 41 -69.75 -25.86 114.69
CA ALA QB 41 -70.66 -24.83 114.20
C ALA QB 41 -70.30 -24.42 112.77
N VAL QB 42 -69.13 -23.82 112.60
CA VAL QB 42 -68.73 -23.31 111.30
C VAL QB 42 -67.84 -24.33 110.61
N PRO QB 43 -68.23 -24.84 109.44
CA PRO QB 43 -67.38 -25.78 108.73
C PRO QB 43 -65.96 -25.31 108.54
N ALA QB 44 -65.75 -24.03 108.22
CA ALA QB 44 -64.42 -23.47 108.16
C ALA QB 44 -63.64 -23.72 109.44
N LEU QB 45 -64.31 -23.67 110.59
CA LEU QB 45 -63.65 -23.97 111.85
C LEU QB 45 -63.53 -25.47 112.09
N GLU QB 46 -64.42 -26.26 111.52
CA GLU QB 46 -64.51 -27.67 111.86
C GLU QB 46 -63.28 -28.42 111.37
N LYS QB 47 -62.85 -29.39 112.17
CA LYS QB 47 -61.66 -30.19 111.86
C LYS QB 47 -61.97 -31.00 110.61
N ARG QB 48 -60.96 -31.21 109.78
CA ARG QB 48 -61.17 -31.97 108.55
C ARG QB 48 -60.20 -33.14 108.49
N VAL QB 49 -60.65 -34.24 107.90
CA VAL QB 49 -59.83 -35.41 107.69
C VAL QB 49 -60.09 -35.90 106.28
N THR QB 50 -59.02 -36.12 105.52
CA THR QB 50 -59.12 -36.51 104.12
C THR QB 50 -58.31 -37.77 103.89
N VAL QB 51 -58.92 -38.73 103.21
CA VAL QB 51 -58.23 -39.94 102.81
C VAL QB 51 -58.49 -40.17 101.33
N SER QB 52 -57.54 -40.86 100.70
CA SER QB 52 -57.66 -41.15 99.28
C SER QB 52 -56.88 -42.40 98.96
N VAL QB 53 -57.34 -43.10 97.93
CA VAL QB 53 -56.59 -44.21 97.38
C VAL QB 53 -56.15 -43.79 95.99
N SER QB 54 -55.48 -44.68 95.27
CA SER QB 54 -55.06 -44.40 93.92
C SER QB 54 -54.85 -45.73 93.21
N GLN QB 55 -54.75 -45.66 91.90
CA GLN QB 55 -54.48 -46.86 91.14
C GLN QB 55 -53.44 -46.56 90.07
N PRO QB 56 -52.57 -47.51 89.79
CA PRO QB 56 -51.46 -47.23 88.86
C PRO QB 56 -51.98 -46.93 87.47
N SER QB 57 -51.32 -45.97 86.82
CA SER QB 57 -51.69 -45.56 85.48
C SER QB 57 -50.45 -45.63 84.60
N ARG QB 58 -50.59 -45.18 83.37
CA ARG QB 58 -49.42 -45.01 82.50
C ARG QB 58 -48.44 -44.00 83.08
N ASN QB 59 -48.89 -43.10 83.94
CA ASN QB 59 -48.01 -42.14 84.60
C ASN QB 59 -47.24 -42.74 85.76
N ARG QB 60 -47.86 -43.63 86.53
CA ARG QB 60 -47.20 -44.21 87.69
C ARG QB 60 -47.70 -45.64 87.86
N LYS QB 61 -46.79 -46.53 88.21
CA LYS QB 61 -47.09 -47.95 88.38
C LYS QB 61 -47.35 -48.28 89.83
N ASN QB 62 -47.35 -47.27 90.68
CA ASN QB 62 -47.39 -47.49 92.11
C ASN QB 62 -48.70 -46.99 92.69
N TYR QB 63 -49.12 -47.61 93.78
CA TYR QB 63 -50.30 -47.14 94.49
C TYR QB 63 -49.91 -46.00 95.42
N LYS QB 64 -50.78 -45.00 95.50
CA LYS QB 64 -50.61 -43.90 96.43
C LYS QB 64 -51.80 -43.89 97.38
N VAL QB 65 -51.51 -43.76 98.66
CA VAL QB 65 -52.55 -43.56 99.68
C VAL QB 65 -52.19 -42.28 100.40
N GLN QB 66 -53.03 -41.27 100.25
CA GLN QB 66 -52.77 -39.95 100.79
C GLN QB 66 -53.78 -39.65 101.89
N VAL QB 67 -53.28 -39.16 103.02
CA VAL QB 67 -54.11 -38.77 104.14
C VAL QB 67 -53.65 -37.41 104.63
N LYS QB 68 -54.55 -36.45 104.65
CA LYS QB 68 -54.25 -35.11 105.11
C LYS QB 68 -55.21 -34.73 106.22
N ILE QB 69 -54.71 -33.97 107.19
CA ILE QB 69 -55.50 -33.52 108.32
C ILE QB 69 -55.36 -32.01 108.42
N GLN QB 70 -56.49 -31.33 108.62
CA GLN QB 70 -56.53 -29.89 108.67
C GLN QB 70 -57.26 -29.48 109.94
N ASN QB 71 -56.54 -28.82 110.84
CA ASN QB 71 -57.06 -28.42 112.15
C ASN QB 71 -56.79 -26.95 112.36
N PRO QB 72 -57.73 -26.08 112.02
CA PRO QB 72 -57.50 -24.65 112.18
C PRO QB 72 -57.49 -24.26 113.65
N THR QB 73 -57.21 -22.99 113.89
CA THR QB 73 -57.22 -22.41 115.22
C THR QB 73 -58.22 -21.27 115.24
N ALA QB 74 -59.29 -21.45 115.99
CA ALA QB 74 -60.34 -20.47 116.09
C ALA QB 74 -59.88 -19.31 116.96
N CYS QB 75 -60.12 -18.09 116.49
CA CYS QB 75 -60.01 -16.91 117.34
C CYS QB 75 -61.43 -16.55 117.73
N THR QB 76 -61.77 -16.80 119.00
CA THR QB 76 -63.14 -16.59 119.45
C THR QB 76 -63.50 -15.11 119.42
N ALA QB 77 -62.73 -14.29 120.14
CA ALA QB 77 -62.95 -12.85 120.13
C ALA QB 77 -61.89 -12.23 119.25
N ASN QB 78 -62.32 -11.78 118.07
CA ASN QB 78 -61.47 -10.99 117.18
C ASN QB 78 -61.73 -9.50 117.37
N GLY QB 79 -62.55 -9.12 118.34
CA GLY QB 79 -63.11 -7.79 118.34
C GLY QB 79 -64.30 -7.68 117.43
N SER QB 80 -64.72 -8.78 116.82
CA SER QB 80 -65.84 -8.82 115.89
C SER QB 80 -66.80 -9.91 116.37
N CYS QB 81 -68.01 -9.89 115.82
CA CYS QB 81 -69.06 -10.79 116.26
C CYS QB 81 -68.84 -12.24 115.84
N ASP QB 82 -67.92 -12.49 114.91
CA ASP QB 82 -67.75 -13.85 114.43
C ASP QB 82 -66.31 -14.30 114.63
N PRO QB 83 -66.10 -15.56 114.98
CA PRO QB 83 -64.74 -16.08 115.10
C PRO QB 83 -64.07 -16.14 113.75
N SER QB 84 -62.75 -16.23 113.76
CA SER QB 84 -61.98 -16.23 112.54
C SER QB 84 -60.82 -17.21 112.62
N VAL QB 85 -60.48 -17.77 111.47
CA VAL QB 85 -59.35 -18.69 111.36
C VAL QB 85 -58.08 -17.93 111.67
N THR QB 86 -57.24 -18.48 112.52
CA THR QB 86 -55.97 -17.84 112.82
C THR QB 86 -54.81 -18.64 112.26
N ARG QB 87 -54.52 -19.79 112.86
CA ARG QB 87 -53.46 -20.67 112.40
C ARG QB 87 -54.10 -21.93 111.84
N GLN QB 88 -53.46 -22.50 110.83
CA GLN QB 88 -54.00 -23.69 110.19
C GLN QB 88 -52.96 -24.80 110.32
N ALA QB 89 -53.26 -25.81 111.11
CA ALA QB 89 -52.36 -26.93 111.32
C ALA QB 89 -52.50 -27.89 110.15
N TYR QB 90 -51.39 -28.22 109.51
CA TYR QB 90 -51.39 -29.17 108.41
C TYR QB 90 -50.69 -30.46 108.79
N ALA QB 91 -51.44 -31.55 108.73
CA ALA QB 91 -50.88 -32.87 108.98
C ALA QB 91 -51.09 -33.69 107.72
N ASP QB 92 -50.00 -34.12 107.10
CA ASP QB 92 -50.05 -34.83 105.83
C ASP QB 92 -49.31 -36.15 105.94
N VAL QB 93 -49.93 -37.21 105.42
CA VAL QB 93 -49.36 -38.54 105.41
C VAL QB 93 -49.63 -39.16 104.06
N THR QB 94 -48.61 -39.80 103.49
CA THR QB 94 -48.72 -40.47 102.20
C THR QB 94 -48.19 -41.89 102.31
N PHE QB 95 -48.53 -42.69 101.30
CA PHE QB 95 -48.05 -44.04 101.22
C PHE QB 95 -47.79 -44.41 99.78
N SER QB 96 -46.74 -45.18 99.57
CA SER QB 96 -46.42 -45.70 98.25
C SER QB 96 -46.31 -47.21 98.35
N PHE QB 97 -46.74 -47.89 97.30
CA PHE QB 97 -46.66 -49.34 97.26
C PHE QB 97 -46.51 -49.79 95.82
N THR QB 98 -46.02 -51.00 95.68
CA THR QB 98 -45.80 -51.60 94.37
C THR QB 98 -46.91 -52.60 94.10
N GLN QB 99 -47.26 -52.74 92.83
CA GLN QB 99 -48.31 -53.65 92.44
C GLN QB 99 -48.14 -55.02 93.05
N TYR QB 100 -46.92 -55.43 93.33
CA TYR QB 100 -46.69 -56.73 93.97
C TYR QB 100 -46.64 -56.62 95.48
N SER QB 101 -46.89 -55.45 96.05
CA SER QB 101 -46.85 -55.30 97.49
C SER QB 101 -47.80 -56.29 98.15
N THR QB 102 -47.35 -56.93 99.22
CA THR QB 102 -48.22 -57.92 99.86
C THR QB 102 -49.02 -57.27 100.97
N ASP QB 103 -49.85 -58.08 101.61
CA ASP QB 103 -50.72 -57.56 102.65
C ASP QB 103 -49.92 -57.22 103.91
N GLU QB 104 -49.21 -58.21 104.46
CA GLU QB 104 -48.58 -58.01 105.75
C GLU QB 104 -47.56 -56.89 105.71
N GLU QB 105 -46.81 -56.79 104.62
CA GLU QB 105 -45.92 -55.66 104.43
C GLU QB 105 -46.64 -54.35 104.70
N ARG QB 106 -47.77 -54.15 104.01
CA ARG QB 106 -48.56 -52.96 104.26
C ARG QB 106 -48.99 -52.90 105.71
N ALA QB 107 -49.65 -53.96 106.19
CA ALA QB 107 -50.03 -54.03 107.59
C ALA QB 107 -48.85 -53.71 108.49
N PHE QB 108 -47.69 -54.28 108.21
CA PHE QB 108 -46.50 -53.96 108.97
C PHE QB 108 -46.23 -52.47 108.99
N VAL QB 109 -46.41 -51.80 107.84
CA VAL QB 109 -46.20 -50.36 107.81
C VAL QB 109 -47.19 -49.65 108.70
N ARG QB 110 -48.45 -50.06 108.66
CA ARG QB 110 -49.48 -49.31 109.35
C ARG QB 110 -49.17 -49.21 110.84
N THR QB 111 -49.01 -50.35 111.50
CA THR QB 111 -48.78 -50.32 112.94
C THR QB 111 -47.55 -49.52 113.30
N GLU QB 112 -46.39 -49.87 112.73
CA GLU QB 112 -45.15 -49.24 113.15
C GLU QB 112 -45.22 -47.73 113.10
N LEU QB 113 -45.85 -47.17 112.08
CA LEU QB 113 -46.00 -45.73 112.05
C LEU QB 113 -46.74 -45.23 113.29
N ALA QB 114 -47.82 -45.90 113.65
CA ALA QB 114 -48.52 -45.55 114.87
C ALA QB 114 -47.60 -45.64 116.08
N ALA QB 115 -46.93 -46.78 116.24
CA ALA QB 115 -46.02 -46.94 117.37
C ALA QB 115 -45.05 -45.78 117.48
N LEU QB 116 -44.44 -45.38 116.36
CA LEU QB 116 -43.60 -44.20 116.38
C LEU QB 116 -44.33 -43.01 116.94
N LEU QB 117 -45.56 -42.77 116.49
CA LEU QB 117 -46.30 -41.63 116.99
C LEU QB 117 -46.49 -41.70 118.49
N ALA QB 118 -46.52 -42.89 119.05
CA ALA QB 118 -46.54 -43.04 120.50
C ALA QB 118 -45.14 -43.12 121.09
N SER QB 119 -44.12 -43.24 120.26
CA SER QB 119 -42.76 -43.35 120.78
C SER QB 119 -42.35 -42.06 121.47
N PRO QB 120 -41.56 -42.15 122.54
CA PRO QB 120 -41.05 -40.95 123.19
C PRO QB 120 -40.18 -40.12 122.29
N LEU QB 121 -39.67 -40.69 121.21
CA LEU QB 121 -38.85 -39.90 120.30
C LEU QB 121 -39.65 -38.77 119.67
N LEU QB 122 -40.70 -39.11 118.95
CA LEU QB 122 -41.41 -38.11 118.17
C LEU QB 122 -42.07 -37.05 119.01
N ILE QB 123 -42.50 -37.38 120.23
CA ILE QB 123 -43.25 -36.41 121.01
C ILE QB 123 -42.46 -35.14 121.21
N ASP QB 124 -41.19 -35.24 121.60
CA ASP QB 124 -40.35 -34.05 121.66
C ASP QB 124 -40.16 -33.43 120.29
N ALA QB 125 -39.93 -34.26 119.28
CA ALA QB 125 -39.90 -33.78 117.91
C ALA QB 125 -41.16 -33.05 117.52
N ILE QB 126 -42.32 -33.62 117.78
CA ILE QB 126 -43.59 -32.99 117.46
C ILE QB 126 -43.93 -31.90 118.46
N ASP QB 127 -44.18 -32.26 119.72
CA ASP QB 127 -44.70 -31.31 120.67
C ASP QB 127 -43.73 -30.17 120.91
N GLN QB 128 -42.50 -30.48 121.28
CA GLN QB 128 -41.53 -29.46 121.63
C GLN QB 128 -40.65 -29.05 120.48
N LEU QB 129 -40.89 -29.57 119.27
CA LEU QB 129 -40.13 -29.19 118.08
C LEU QB 129 -38.64 -29.37 118.33
N ASN QB 130 -38.26 -30.61 118.53
CA ASN QB 130 -36.86 -30.82 118.84
C ASN QB 130 -36.25 -31.84 117.90
N PRO QB 131 -35.04 -31.62 117.48
CA PRO QB 131 -34.32 -32.64 116.71
C PRO QB 131 -33.93 -33.80 117.60
N ALA QB 132 -33.06 -34.65 117.08
CA ALA QB 132 -32.88 -36.01 117.59
C ALA QB 132 -31.97 -36.07 118.81
N TYR QB 133 -31.54 -34.93 119.31
CA TYR QB 133 -30.60 -34.94 120.43
C TYR QB 133 -31.33 -34.69 121.73
N ALA RB 2 -77.76 -36.09 102.02
CA ALA RB 2 -77.91 -37.52 102.23
C ALA RB 2 -77.88 -38.26 100.90
N LYS RB 3 -78.22 -39.55 100.95
CA LYS RB 3 -78.16 -40.41 99.78
C LYS RB 3 -79.15 -39.95 98.73
N LEU RB 4 -78.72 -40.04 97.48
CA LEU RB 4 -79.63 -39.90 96.35
C LEU RB 4 -80.74 -40.92 96.51
N GLU RB 5 -81.97 -40.46 96.40
CA GLU RB 5 -83.12 -41.35 96.53
C GLU RB 5 -84.19 -40.94 95.54
N THR RB 6 -85.25 -41.72 95.52
CA THR RB 6 -86.46 -41.33 94.79
C THR RB 6 -87.00 -40.11 95.52
N VAL RB 7 -87.20 -39.03 94.79
CA VAL RB 7 -87.71 -37.81 95.41
C VAL RB 7 -89.12 -37.57 94.88
N THR RB 8 -90.11 -37.76 95.74
CA THR RB 8 -91.49 -37.49 95.40
C THR RB 8 -91.77 -36.03 95.68
N LEU RB 9 -92.57 -35.41 94.83
CA LEU RB 9 -92.95 -34.02 95.00
C LEU RB 9 -94.45 -33.88 94.80
N GLY RB 10 -95.11 -33.34 95.81
CA GLY RB 10 -96.52 -33.02 95.72
C GLY RB 10 -96.70 -31.52 95.53
N ASN RB 11 -97.94 -31.13 95.24
CA ASN RB 11 -98.31 -29.73 95.15
C ASN RB 11 -97.45 -29.02 94.10
N ILE RB 12 -97.71 -29.36 92.85
CA ILE RB 12 -96.91 -28.91 91.73
C ILE RB 12 -97.82 -28.26 90.72
N GLY RB 13 -97.30 -27.30 89.97
CA GLY RB 13 -98.05 -26.64 88.92
C GLY RB 13 -99.09 -25.70 89.49
N LYS RB 14 -99.66 -24.91 88.59
CA LYS RB 14 -100.69 -23.96 88.96
C LYS RB 14 -101.80 -24.63 89.75
N ASP RB 15 -102.14 -25.86 89.38
CA ASP RB 15 -103.12 -26.62 90.13
C ASP RB 15 -102.62 -26.92 91.54
N GLY RB 16 -101.41 -27.43 91.66
CA GLY RB 16 -100.97 -27.95 92.94
C GLY RB 16 -101.43 -29.37 93.19
N LYS RB 17 -102.16 -29.96 92.24
CA LYS RB 17 -102.48 -31.37 92.32
C LYS RB 17 -101.44 -32.19 91.57
N GLN RB 18 -100.55 -31.54 90.83
CA GLN RB 18 -99.50 -32.22 90.10
C GLN RB 18 -98.50 -32.82 91.07
N THR RB 19 -98.02 -34.01 90.74
CA THR RB 19 -97.01 -34.69 91.52
C THR RB 19 -95.90 -35.17 90.59
N LEU RB 20 -94.70 -35.32 91.16
CA LEU RB 20 -93.56 -35.72 90.37
C LEU RB 20 -92.61 -36.54 91.23
N VAL RB 21 -92.04 -37.57 90.64
CA VAL RB 21 -91.01 -38.37 91.27
C VAL RB 21 -89.73 -38.22 90.48
N LEU RB 22 -88.60 -38.35 91.16
CA LEU RB 22 -87.29 -38.19 90.54
C LEU RB 22 -86.40 -39.36 90.94
N ASN RB 23 -85.95 -40.07 89.99
CA ASN RB 23 -85.04 -41.13 90.39
C ASN RB 23 -83.60 -40.63 90.38
N PRO RB 24 -82.78 -41.15 91.27
CA PRO RB 24 -81.36 -40.84 91.21
C PRO RB 24 -80.75 -41.31 89.91
N ARG RB 25 -80.07 -40.40 89.25
CA ARG RB 25 -79.43 -40.70 87.97
C ARG RB 25 -77.95 -41.01 88.11
N GLY RB 26 -77.43 -41.03 89.32
CA GLY RB 26 -76.00 -41.12 89.52
C GLY RB 26 -75.36 -39.75 89.52
N VAL RB 27 -74.03 -39.74 89.56
CA VAL RB 27 -73.27 -38.50 89.65
C VAL RB 27 -72.17 -38.51 88.61
N ASN RB 28 -72.11 -37.47 87.80
CA ASN RB 28 -70.97 -37.34 86.93
C ASN RB 28 -69.75 -36.96 87.75
N PRO RB 29 -68.74 -37.82 87.85
CA PRO RB 29 -67.58 -37.50 88.68
C PRO RB 29 -66.72 -36.40 88.11
N THR RB 30 -66.70 -36.23 86.78
CA THR RB 30 -65.84 -35.21 86.19
C THR RB 30 -66.14 -33.84 86.75
N ASN RB 31 -67.29 -33.29 86.41
CA ASN RB 31 -67.73 -32.04 87.01
C ASN RB 31 -68.15 -32.22 88.46
N GLY RB 32 -68.28 -33.45 88.94
CA GLY RB 32 -68.74 -33.67 90.29
C GLY RB 32 -70.15 -33.18 90.50
N VAL RB 33 -71.09 -33.61 89.68
CA VAL RB 33 -72.45 -33.12 89.72
C VAL RB 33 -73.40 -34.30 89.73
N ALA RB 34 -74.32 -34.29 90.69
CA ALA RB 34 -75.37 -35.28 90.75
C ALA RB 34 -76.45 -34.99 89.71
N SER RB 35 -77.24 -36.02 89.41
CA SER RB 35 -78.32 -35.88 88.45
C SER RB 35 -79.54 -36.64 88.95
N LEU RB 36 -80.71 -36.06 88.71
CA LEU RB 36 -81.98 -36.67 89.07
C LEU RB 36 -82.90 -36.57 87.88
N SER RB 37 -83.82 -37.53 87.76
CA SER RB 37 -84.74 -37.47 86.64
C SER RB 37 -86.05 -38.13 86.98
N GLN RB 38 -87.11 -37.61 86.37
CA GLN RB 38 -88.34 -38.35 86.22
C GLN RB 38 -88.08 -39.61 85.43
N ALA RB 39 -88.84 -40.66 85.73
CA ALA RB 39 -88.79 -41.86 84.90
C ALA RB 39 -89.87 -41.75 83.84
N GLY RB 40 -89.43 -41.48 82.62
CA GLY RB 40 -90.31 -41.45 81.47
C GLY RB 40 -90.02 -42.58 80.53
N ALA RB 41 -90.35 -42.37 79.27
CA ALA RB 41 -89.95 -43.29 78.23
C ALA RB 41 -88.58 -42.92 77.68
N VAL RB 42 -88.49 -41.77 77.03
CA VAL RB 42 -87.25 -41.36 76.38
C VAL RB 42 -86.49 -40.43 77.31
N PRO RB 43 -85.27 -40.79 77.72
CA PRO RB 43 -84.48 -39.90 78.56
C PRO RB 43 -84.37 -38.49 78.03
N ALA RB 44 -84.17 -38.31 76.73
CA ALA RB 44 -84.20 -36.99 76.13
C ALA RB 44 -85.46 -36.23 76.49
N LEU RB 45 -86.60 -36.92 76.56
CA LEU RB 45 -87.84 -36.28 76.97
C LEU RB 45 -87.93 -36.12 78.48
N GLU RB 46 -87.27 -36.99 79.24
CA GLU RB 46 -87.47 -37.03 80.68
C GLU RB 46 -86.92 -35.78 81.35
N LYS RB 47 -87.65 -35.34 82.38
CA LYS RB 47 -87.27 -34.13 83.11
C LYS RB 47 -85.95 -34.40 83.80
N ARG RB 48 -85.12 -33.38 83.91
CA ARG RB 48 -83.83 -33.54 84.55
C ARG RB 48 -83.67 -32.54 85.68
N VAL RB 49 -82.96 -32.95 86.73
CA VAL RB 49 -82.66 -32.09 87.86
C VAL RB 49 -81.20 -32.32 88.22
N THR RB 50 -80.45 -31.23 88.33
CA THR RB 50 -79.01 -31.29 88.58
C THR RB 50 -78.67 -30.46 89.79
N VAL RB 51 -77.89 -31.03 90.71
CA VAL RB 51 -77.39 -30.30 91.85
C VAL RB 51 -75.90 -30.53 91.94
N SER RB 52 -75.22 -29.55 92.55
CA SER RB 52 -73.78 -29.65 92.70
C SER RB 52 -73.34 -28.83 93.90
N VAL RB 53 -72.25 -29.25 94.50
CA VAL RB 53 -71.61 -28.46 95.54
C VAL RB 53 -70.27 -28.02 94.98
N SER RB 54 -69.49 -27.31 95.77
CA SER RB 54 -68.18 -26.86 95.35
C SER RB 54 -67.35 -26.62 96.59
N GLN RB 55 -66.04 -26.50 96.39
CA GLN RB 55 -65.18 -26.18 97.51
C GLN RB 55 -64.17 -25.12 97.08
N PRO RB 56 -63.80 -24.23 97.99
CA PRO RB 56 -62.94 -23.11 97.59
C PRO RB 56 -61.57 -23.61 97.16
N SER RB 57 -61.03 -22.97 96.13
CA SER RB 57 -59.73 -23.32 95.59
C SER RB 57 -58.88 -22.07 95.56
N ARG RB 58 -57.68 -22.19 94.99
CA ARG RB 58 -56.87 -21.03 94.70
C ARG RB 58 -57.55 -20.08 93.74
N ASN RB 59 -58.49 -20.57 92.94
CA ASN RB 59 -59.25 -19.72 92.03
C ASN RB 59 -60.37 -18.96 92.72
N ARG RB 60 -61.04 -19.56 93.69
CA ARG RB 60 -62.14 -18.91 94.38
C ARG RB 60 -62.16 -19.39 95.81
N LYS RB 61 -62.45 -18.45 96.73
CA LYS RB 61 -62.47 -18.72 98.16
C LYS RB 61 -63.88 -18.99 98.63
N ASN RB 62 -64.83 -19.03 97.71
CA ASN RB 62 -66.23 -19.09 98.07
C ASN RB 62 -66.82 -20.42 97.66
N TYR RB 63 -67.83 -20.86 98.39
CA TYR RB 63 -68.57 -22.05 98.02
C TYR RB 63 -69.62 -21.71 96.98
N LYS RB 64 -69.77 -22.60 95.99
CA LYS RB 64 -70.81 -22.48 94.99
C LYS RB 64 -71.73 -23.68 95.10
N VAL RB 65 -73.02 -23.42 95.10
CA VAL RB 65 -74.03 -24.48 95.02
C VAL RB 65 -74.88 -24.16 93.81
N GLN RB 66 -74.82 -25.03 92.81
CA GLN RB 66 -75.49 -24.82 91.54
C GLN RB 66 -76.59 -25.84 91.37
N VAL RB 67 -77.77 -25.37 90.98
CA VAL RB 67 -78.91 -26.23 90.73
C VAL RB 67 -79.54 -25.81 89.41
N LYS RB 68 -79.64 -26.74 88.47
CA LYS RB 68 -80.23 -26.48 87.18
C LYS RB 68 -81.35 -27.47 86.94
N ILE RB 69 -82.39 -27.00 86.26
CA ILE RB 69 -83.55 -27.83 85.94
C ILE RB 69 -83.81 -27.73 84.45
N GLN RB 70 -84.04 -28.87 83.82
CA GLN RB 70 -84.23 -28.95 82.39
C GLN RB 70 -85.53 -29.71 82.12
N ASN RB 71 -86.50 -29.02 81.53
CA ASN RB 71 -87.83 -29.58 81.28
C ASN RB 71 -88.19 -29.35 79.82
N PRO RB 72 -87.92 -30.30 78.95
CA PRO RB 72 -88.22 -30.12 77.54
C PRO RB 72 -89.72 -30.14 77.30
N THR RB 73 -90.08 -29.90 76.05
CA THR RB 73 -91.46 -29.94 75.60
C THR RB 73 -91.57 -30.97 74.49
N ALA RB 74 -92.29 -32.05 74.78
CA ALA RB 74 -92.45 -33.13 73.82
C ALA RB 74 -93.45 -32.71 72.75
N CYS RB 75 -93.10 -32.98 71.49
CA CYS RB 75 -94.06 -32.90 70.40
C CYS RB 75 -94.46 -34.34 70.11
N THR RB 76 -95.68 -34.69 70.49
CA THR RB 76 -96.12 -36.08 70.36
C THR RB 76 -96.23 -36.47 68.90
N ALA RB 77 -97.04 -35.74 68.14
CA ALA RB 77 -97.18 -36.00 66.70
C ALA RB 77 -96.37 -34.93 65.97
N ASN RB 78 -95.23 -35.36 65.43
CA ASN RB 78 -94.45 -34.52 64.53
C ASN RB 78 -94.77 -34.80 63.07
N GLY RB 79 -95.76 -35.66 62.81
CA GLY RB 79 -95.88 -36.25 61.50
C GLY RB 79 -94.96 -37.43 61.32
N SER RB 80 -94.24 -37.81 62.37
CA SER RB 80 -93.29 -38.91 62.35
C SER RB 80 -93.63 -39.85 63.50
N CYS RB 81 -93.07 -41.05 63.45
CA CYS RB 81 -93.40 -42.09 64.41
C CYS RB 81 -92.85 -41.82 65.80
N ASP RB 82 -91.92 -40.88 65.95
CA ASP RB 82 -91.32 -40.66 67.25
C ASP RB 82 -91.49 -39.23 67.69
N PRO RB 83 -91.72 -39.00 68.98
CA PRO RB 83 -91.81 -37.62 69.47
C PRO RB 83 -90.47 -36.93 69.38
N SER RB 84 -90.50 -35.60 69.45
CA SER RB 84 -89.31 -34.81 69.30
C SER RB 84 -89.31 -33.64 70.27
N VAL RB 85 -88.11 -33.24 70.70
CA VAL RB 85 -87.94 -32.10 71.58
C VAL RB 85 -88.35 -30.86 70.81
N THR RB 86 -89.17 -30.01 71.43
CA THR RB 86 -89.55 -28.77 70.80
C THR RB 86 -88.94 -27.57 71.51
N ARG RB 87 -89.42 -27.27 72.70
CA ARG RB 87 -88.90 -26.18 73.50
C ARG RB 87 -88.21 -26.78 74.73
N GLN RB 88 -87.16 -26.11 75.18
CA GLN RB 88 -86.41 -26.61 76.31
C GLN RB 88 -86.44 -25.54 77.40
N ALA RB 89 -87.12 -25.83 78.49
CA ALA RB 89 -87.23 -24.90 79.61
C ALA RB 89 -85.98 -25.01 80.46
N TYR RB 90 -85.33 -23.87 80.70
CA TYR RB 90 -84.15 -23.84 81.53
C TYR RB 90 -84.41 -23.11 82.83
N ALA RB 91 -84.24 -23.83 83.93
CA ALA RB 91 -84.36 -23.24 85.26
C ALA RB 91 -83.02 -23.41 85.96
N ASP RB 92 -82.38 -22.29 86.29
CA ASP RB 92 -81.05 -22.31 86.87
C ASP RB 92 -81.05 -21.54 88.19
N VAL RB 93 -80.41 -22.12 89.20
CA VAL RB 93 -80.29 -21.52 90.51
C VAL RB 93 -78.88 -21.74 91.00
N THR RB 94 -78.27 -20.69 91.56
CA THR RB 94 -76.92 -20.77 92.10
C THR RB 94 -76.90 -20.22 93.51
N PHE RB 95 -75.81 -20.50 94.21
CA PHE RB 95 -75.61 -19.99 95.55
C PHE RB 95 -74.15 -19.70 95.76
N SER RB 96 -73.88 -18.62 96.49
CA SER RB 96 -72.52 -18.27 96.86
C SER RB 96 -72.47 -18.12 98.37
N PHE RB 97 -71.37 -18.53 98.96
CA PHE RB 97 -71.18 -18.41 100.40
C PHE RB 97 -69.71 -18.21 100.70
N THR RB 98 -69.45 -17.69 101.88
CA THR RB 98 -68.10 -17.44 102.34
C THR RB 98 -67.71 -18.52 103.34
N GLN RB 99 -66.43 -18.84 103.36
CA GLN RB 99 -65.93 -19.87 104.24
C GLN RB 99 -66.41 -19.67 105.67
N TYR RB 100 -66.67 -18.44 106.08
CA TYR RB 100 -67.18 -18.19 107.42
C TYR RB 100 -68.71 -18.17 107.47
N SER RB 101 -69.37 -18.46 106.37
CA SER RB 101 -70.83 -18.45 106.35
C SER RB 101 -71.36 -19.38 107.42
N THR RB 102 -72.38 -18.94 108.16
CA THR RB 102 -72.90 -19.79 109.22
C THR RB 102 -74.06 -20.62 108.70
N ASP RB 103 -74.60 -21.45 109.58
CA ASP RB 103 -75.67 -22.34 109.19
C ASP RB 103 -76.97 -21.58 108.96
N GLU RB 104 -77.43 -20.86 109.98
CA GLU RB 104 -78.76 -20.26 109.89
C GLU RB 104 -78.84 -19.26 108.75
N GLU RB 105 -77.78 -18.50 108.53
CA GLU RB 105 -77.72 -17.63 107.36
C GLU RB 105 -78.09 -18.39 106.11
N ARG RB 106 -77.41 -19.50 105.86
CA ARG RB 106 -77.75 -20.33 104.73
C ARG RB 106 -79.20 -20.79 104.82
N ALA RB 107 -79.56 -21.43 105.94
CA ALA RB 107 -80.94 -21.83 106.15
C ALA RB 107 -81.89 -20.68 105.89
N PHE RB 108 -81.57 -19.49 106.41
CA PHE RB 108 -82.39 -18.33 106.13
C PHE RB 108 -82.55 -18.10 104.64
N VAL RB 109 -81.49 -18.28 103.87
CA VAL RB 109 -81.59 -18.10 102.44
C VAL RB 109 -82.53 -19.12 101.83
N ARG RB 110 -82.41 -20.38 102.27
CA ARG RB 110 -83.16 -21.43 101.62
C ARG RB 110 -84.66 -21.15 101.66
N THR RB 111 -85.21 -20.98 102.85
CA THR RB 111 -86.64 -20.77 102.96
C THR RB 111 -87.10 -19.56 102.17
N GLU RB 112 -86.53 -18.39 102.43
CA GLU RB 112 -87.03 -17.17 101.81
C GLU RB 112 -87.12 -17.27 100.31
N LEU RB 113 -86.15 -17.91 99.66
CA LEU RB 113 -86.26 -18.09 98.23
C LEU RB 113 -87.52 -18.86 97.88
N ALA RB 114 -87.80 -19.93 98.61
CA ALA RB 114 -89.03 -20.66 98.38
C ALA RB 114 -90.25 -19.76 98.58
N ALA RB 115 -90.32 -19.06 99.71
CA ALA RB 115 -91.44 -18.18 99.96
C ALA RB 115 -91.68 -17.23 98.80
N LEU RB 116 -90.61 -16.62 98.27
CA LEU RB 116 -90.76 -15.80 97.09
C LEU RB 116 -91.42 -16.58 95.96
N LEU RB 117 -90.97 -17.80 95.72
CA LEU RB 117 -91.57 -18.58 94.64
C LEU RB 117 -93.05 -18.79 94.86
N ALA RB 118 -93.50 -18.80 96.11
CA ALA RB 118 -94.92 -18.84 96.39
C ALA RB 118 -95.53 -17.45 96.50
N SER RB 119 -94.70 -16.41 96.51
CA SER RB 119 -95.24 -15.07 96.64
C SER RB 119 -96.07 -14.70 95.41
N PRO RB 120 -97.13 -13.93 95.60
CA PRO RB 120 -97.91 -13.47 94.45
C PRO RB 120 -97.12 -12.58 93.51
N LEU RB 121 -95.99 -12.04 93.97
CA LEU RB 121 -95.18 -11.24 93.08
C LEU RB 121 -94.65 -12.05 91.91
N LEU RB 122 -93.87 -13.09 92.20
CA LEU RB 122 -93.18 -13.80 91.14
C LEU RB 122 -94.11 -14.50 90.18
N ILE RB 123 -95.28 -14.95 90.64
CA ILE RB 123 -96.14 -15.73 89.78
C ILE RB 123 -96.47 -14.97 88.51
N ASP RB 124 -96.89 -13.71 88.61
CA ASP RB 124 -97.07 -12.90 87.43
C ASP RB 124 -95.77 -12.70 86.67
N ALA RB 125 -94.69 -12.44 87.38
CA ALA RB 125 -93.37 -12.39 86.78
C ALA RB 125 -93.03 -13.66 86.04
N ILE RB 126 -93.21 -14.81 86.66
CA ILE RB 126 -92.94 -16.10 86.03
C ILE RB 126 -94.02 -16.47 85.05
N ASP RB 127 -95.24 -16.73 85.55
CA ASP RB 127 -96.27 -17.29 84.70
C ASP RB 127 -96.64 -16.36 83.56
N GLN RB 128 -97.01 -15.14 83.88
CA GLN RB 128 -97.47 -14.20 82.88
C GLN RB 128 -96.37 -13.30 82.33
N LEU RB 129 -95.13 -13.52 82.74
CA LEU RB 129 -93.99 -12.74 82.23
C LEU RB 129 -94.24 -11.25 82.40
N ASN RB 130 -94.33 -10.83 83.65
CA ASN RB 130 -94.64 -9.44 83.85
C ASN RB 130 -93.63 -8.79 84.77
N PRO RB 131 -93.25 -7.58 84.46
CA PRO RB 131 -92.40 -6.83 85.39
C PRO RB 131 -93.18 -6.42 86.63
N ALA RB 132 -92.60 -5.52 87.41
CA ALA RB 132 -92.97 -5.31 88.80
C ALA RB 132 -94.20 -4.42 88.96
N TYR RB 133 -94.82 -4.02 87.87
CA TYR RB 133 -95.95 -3.12 87.95
C TYR RB 133 -97.26 -3.87 87.86
N ALA SB 2 -76.89 -47.35 92.00
CA ALA SB 2 -76.78 -46.95 93.40
C ALA SB 2 -75.32 -46.89 93.82
N LYS SB 3 -75.10 -46.75 95.11
CA LYS SB 3 -73.77 -46.59 95.67
C LYS SB 3 -72.94 -47.85 95.43
N LEU SB 4 -71.67 -47.64 95.13
CA LEU SB 4 -70.70 -48.72 95.14
C LEU SB 4 -70.72 -49.36 96.51
N GLU SB 5 -70.83 -50.67 96.55
CA GLU SB 5 -70.88 -51.38 97.81
C GLU SB 5 -70.11 -52.69 97.68
N THR SB 6 -70.01 -53.41 98.78
CA THR SB 6 -69.51 -54.77 98.75
C THR SB 6 -70.55 -55.57 97.98
N VAL SB 7 -70.11 -56.27 96.94
CA VAL SB 7 -71.04 -57.06 96.14
C VAL SB 7 -70.72 -58.52 96.36
N THR SB 8 -71.60 -59.21 97.06
CA THR SB 8 -71.46 -60.64 97.27
C THR SB 8 -72.09 -61.37 96.11
N LEU SB 9 -71.49 -62.47 95.69
CA LEU SB 9 -72.02 -63.27 94.60
C LEU SB 9 -72.00 -64.73 95.01
N GLY SB 10 -73.17 -65.36 94.96
CA GLY SB 10 -73.28 -66.78 95.18
C GLY SB 10 -73.45 -67.50 93.85
N ASN SB 11 -73.39 -68.83 93.92
CA ASN SB 11 -73.66 -69.68 92.76
C ASN SB 11 -72.73 -69.32 91.61
N ILE SB 12 -71.46 -69.65 91.80
CA ILE SB 12 -70.40 -69.26 90.88
C ILE SB 12 -69.66 -70.52 90.46
N GLY SB 13 -69.10 -70.50 89.25
CA GLY SB 13 -68.32 -71.61 88.75
C GLY SB 13 -69.18 -72.79 88.40
N LYS SB 14 -68.54 -73.76 87.73
CA LYS SB 14 -69.23 -74.96 87.32
C LYS SB 14 -69.94 -75.62 88.50
N ASP SB 15 -69.33 -75.57 89.68
CA ASP SB 15 -69.98 -76.08 90.88
C ASP SB 15 -71.23 -75.26 91.21
N GLY SB 16 -71.11 -73.95 91.24
CA GLY SB 16 -72.18 -73.13 91.77
C GLY SB 16 -72.13 -73.02 93.27
N LYS SB 17 -71.15 -73.65 93.91
CA LYS SB 17 -70.94 -73.43 95.34
C LYS SB 17 -69.92 -72.32 95.56
N GLN SB 18 -69.27 -71.87 94.49
CA GLN SB 18 -68.31 -70.79 94.58
C GLN SB 18 -69.01 -69.48 94.92
N THR SB 19 -68.37 -68.69 95.75
CA THR SB 19 -68.87 -67.37 96.13
C THR SB 19 -67.76 -66.35 95.97
N LEU SB 20 -68.16 -65.10 95.76
CA LEU SB 20 -67.19 -64.03 95.55
C LEU SB 20 -67.75 -62.74 96.09
N VAL SB 21 -66.88 -61.95 96.70
CA VAL SB 21 -67.23 -60.62 97.15
C VAL SB 21 -66.35 -59.62 96.38
N LEU SB 22 -66.88 -58.41 96.21
CA LEU SB 22 -66.19 -57.38 95.44
C LEU SB 22 -66.23 -56.08 96.24
N ASN SB 23 -65.09 -55.58 96.55
CA ASN SB 23 -65.16 -54.30 97.23
C ASN SB 23 -65.14 -53.16 96.24
N PRO SB 24 -65.79 -52.06 96.57
CA PRO SB 24 -65.67 -50.87 95.73
C PRO SB 24 -64.25 -50.37 95.70
N ARG SB 25 -63.74 -50.17 94.48
CA ARG SB 25 -62.38 -49.71 94.29
C ARG SB 25 -62.30 -48.21 94.02
N GLY SB 26 -63.43 -47.51 94.06
CA GLY SB 26 -63.46 -46.13 93.65
C GLY SB 26 -63.71 -46.03 92.16
N VAL SB 27 -63.63 -44.81 91.66
CA VAL SB 27 -63.93 -44.52 90.26
C VAL SB 27 -62.82 -43.68 89.67
N ASN SB 28 -62.28 -44.13 88.56
CA ASN SB 28 -61.35 -43.27 87.84
C ASN SB 28 -62.11 -42.15 87.19
N PRO SB 29 -61.92 -40.89 87.60
CA PRO SB 29 -62.68 -39.79 87.02
C PRO SB 29 -62.30 -39.49 85.59
N THR SB 30 -61.06 -39.75 85.19
CA THR SB 30 -60.63 -39.42 83.84
C THR SB 30 -61.53 -40.09 82.81
N ASN SB 31 -61.43 -41.40 82.69
CA ASN SB 31 -62.34 -42.14 81.82
C ASN SB 31 -63.74 -42.20 82.41
N GLY SB 32 -63.93 -41.81 83.66
CA GLY SB 32 -65.23 -41.92 84.27
C GLY SB 32 -65.69 -43.35 84.40
N VAL SB 33 -64.88 -44.22 85.00
CA VAL SB 33 -65.16 -45.64 85.08
C VAL SB 33 -65.00 -46.10 86.50
N ALA SB 34 -66.01 -46.78 87.02
CA ALA SB 34 -65.94 -47.39 88.33
C ALA SB 34 -65.10 -48.66 88.29
N SER SB 35 -64.66 -49.09 89.47
CA SER SB 35 -63.86 -50.29 89.58
C SER SB 35 -64.28 -51.07 90.82
N LEU SB 36 -64.29 -52.39 90.69
CA LEU SB 36 -64.62 -53.27 91.79
C LEU SB 36 -63.58 -54.37 91.84
N SER SB 37 -63.32 -54.89 93.03
CA SER SB 37 -62.34 -55.95 93.13
C SER SB 37 -62.65 -56.88 94.29
N GLN SB 38 -62.27 -58.14 94.10
CA GLN SB 38 -62.08 -59.04 95.22
C GLN SB 38 -60.99 -58.49 96.12
N ALA SB 39 -61.10 -58.78 97.41
CA ALA SB 39 -60.03 -58.44 98.33
C ALA SB 39 -59.13 -59.67 98.46
N GLY SB 40 -57.97 -59.57 97.82
CA GLY SB 40 -56.95 -60.59 97.91
C GLY SB 40 -55.74 -60.09 98.68
N ALA SB 41 -54.61 -60.69 98.38
CA ALA SB 41 -53.35 -60.18 98.88
C ALA SB 41 -52.76 -59.14 97.93
N VAL SB 42 -52.40 -59.57 96.74
CA VAL SB 42 -51.75 -58.70 95.77
C VAL SB 42 -52.79 -58.16 94.80
N PRO SB 43 -52.98 -56.83 94.74
CA PRO SB 43 -53.94 -56.27 93.78
C PRO SB 43 -53.74 -56.75 92.37
N ALA SB 44 -52.50 -56.86 91.90
CA ALA SB 44 -52.23 -57.45 90.60
C ALA SB 44 -52.87 -58.82 90.45
N LEU SB 45 -52.89 -59.62 91.51
CA LEU SB 45 -53.56 -60.90 91.49
C LEU SB 45 -55.06 -60.78 91.65
N GLU SB 46 -55.53 -59.74 92.32
CA GLU SB 46 -56.92 -59.66 92.71
C GLU SB 46 -57.82 -59.48 91.48
N LYS SB 47 -58.98 -60.12 91.52
CA LYS SB 47 -59.94 -60.07 90.43
C LYS SB 47 -60.42 -58.64 90.30
N ARG SB 48 -60.69 -58.22 89.07
CA ARG SB 48 -61.15 -56.86 88.83
C ARG SB 48 -62.46 -56.86 88.07
N VAL SB 49 -63.30 -55.89 88.37
CA VAL SB 49 -64.57 -55.71 87.68
C VAL SB 49 -64.73 -54.22 87.40
N THR SB 50 -65.02 -53.89 86.15
CA THR SB 50 -65.10 -52.50 85.71
C THR SB 50 -66.45 -52.28 85.03
N VAL SB 51 -67.12 -51.21 85.42
CA VAL SB 51 -68.36 -50.80 84.77
C VAL SB 51 -68.25 -49.32 84.42
N SER SB 52 -68.99 -48.93 83.39
CA SER SB 52 -68.98 -47.55 82.97
C SER SB 52 -70.29 -47.24 82.27
N VAL SB 53 -70.67 -45.97 82.34
CA VAL SB 53 -71.79 -45.47 81.58
C VAL SB 53 -71.22 -44.50 80.56
N SER SB 54 -72.09 -43.89 79.78
CA SER SB 54 -71.66 -42.91 78.79
C SER SB 54 -72.83 -42.02 78.47
N GLN SB 55 -72.56 -40.89 77.84
CA GLN SB 55 -73.63 -40.01 77.42
C GLN SB 55 -73.36 -39.53 76.01
N PRO SB 56 -74.40 -39.35 75.21
CA PRO SB 56 -74.19 -39.02 73.81
C PRO SB 56 -73.54 -37.65 73.65
N SER SB 57 -72.64 -37.56 72.68
CA SER SB 57 -71.91 -36.32 72.43
C SER SB 57 -72.08 -35.99 70.96
N ARG SB 58 -71.39 -34.94 70.51
CA ARG SB 58 -71.31 -34.65 69.10
C ARG SB 58 -70.66 -35.78 68.32
N ASN SB 59 -69.86 -36.61 68.97
CA ASN SB 59 -69.25 -37.76 68.32
C ASN SB 59 -70.19 -38.94 68.19
N ARG SB 60 -71.06 -39.17 69.17
CA ARG SB 60 -71.98 -40.30 69.11
C ARG SB 60 -73.28 -39.91 69.81
N LYS SB 61 -74.39 -40.33 69.23
CA LYS SB 61 -75.71 -40.01 69.74
C LYS SB 61 -76.25 -41.13 70.61
N ASN SB 62 -75.43 -42.15 70.84
CA ASN SB 62 -75.91 -43.36 71.49
C ASN SB 62 -75.25 -43.51 72.85
N TYR SB 63 -75.96 -44.16 73.76
CA TYR SB 63 -75.40 -44.49 75.05
C TYR SB 63 -74.56 -45.75 74.95
N LYS SB 64 -73.42 -45.76 75.64
CA LYS SB 64 -72.57 -46.94 75.74
C LYS SB 64 -72.49 -47.33 77.20
N VAL SB 65 -72.67 -48.62 77.46
CA VAL SB 65 -72.44 -49.19 78.77
C VAL SB 65 -71.42 -50.30 78.61
N GLN SB 66 -70.25 -50.11 79.18
CA GLN SB 66 -69.14 -51.02 79.01
C GLN SB 66 -68.84 -51.71 80.33
N VAL SB 67 -68.68 -53.03 80.29
CA VAL SB 67 -68.34 -53.81 81.45
C VAL SB 67 -67.24 -54.76 81.07
N LYS SB 68 -66.12 -54.70 81.79
CA LYS SB 68 -64.98 -55.55 81.54
C LYS SB 68 -64.62 -56.28 82.82
N ILE SB 69 -64.17 -57.53 82.68
CA ILE SB 69 -63.78 -58.35 83.80
C ILE SB 69 -62.38 -58.88 83.54
N GLN SB 70 -61.53 -58.82 84.55
CA GLN SB 70 -60.14 -59.21 84.44
C GLN SB 70 -59.83 -60.18 85.57
N ASN SB 71 -59.51 -61.43 85.21
CA ASN SB 71 -59.26 -62.49 86.18
C ASN SB 71 -57.94 -63.16 85.83
N PRO SB 72 -56.86 -62.72 86.45
CA PRO SB 72 -55.56 -63.31 86.14
C PRO SB 72 -55.46 -64.73 86.68
N THR SB 73 -54.34 -65.36 86.37
CA THR SB 73 -54.03 -66.69 86.85
C THR SB 73 -52.73 -66.63 87.64
N ALA SB 74 -52.82 -66.87 88.94
CA ALA SB 74 -51.67 -66.81 89.81
C ALA SB 74 -50.82 -68.05 89.61
N CYS SB 75 -49.51 -67.86 89.50
CA CYS SB 75 -48.56 -68.95 89.60
C CYS SB 75 -47.98 -68.87 91.00
N THR SB 76 -48.38 -69.81 91.85
CA THR SB 76 -47.97 -69.76 93.25
C THR SB 76 -46.49 -69.97 93.40
N ALA SB 77 -45.99 -71.10 92.89
CA ALA SB 77 -44.56 -71.39 92.92
C ALA SB 77 -44.02 -71.14 91.52
N ASN SB 78 -43.28 -70.04 91.38
CA ASN SB 78 -42.54 -69.77 90.16
C ASN SB 78 -41.10 -70.22 90.27
N GLY SB 79 -40.73 -70.87 91.37
CA GLY SB 79 -39.33 -71.00 91.73
C GLY SB 79 -38.80 -69.77 92.42
N SER SB 80 -39.67 -68.80 92.68
CA SER SB 80 -39.30 -67.55 93.31
C SER SB 80 -40.23 -67.33 94.50
N CYS SB 81 -39.85 -66.40 95.38
CA CYS SB 81 -40.58 -66.16 96.61
C CYS SB 81 -41.94 -65.52 96.41
N ASP SB 82 -42.20 -64.97 95.23
CA ASP SB 82 -43.45 -64.26 95.03
C ASP SB 82 -44.23 -64.85 93.88
N PRO SB 83 -45.55 -64.92 93.98
CA PRO SB 83 -46.35 -65.41 92.86
C PRO SB 83 -46.30 -64.43 91.71
N SER SB 84 -46.67 -64.90 90.53
CA SER SB 84 -46.61 -64.10 89.32
C SER SB 84 -47.81 -64.35 88.43
N VAL SB 85 -48.20 -63.31 87.71
CA VAL SB 85 -49.30 -63.40 86.77
C VAL SB 85 -48.88 -64.34 85.65
N THR SB 86 -49.76 -65.28 85.30
CA THR SB 86 -49.47 -66.17 84.20
C THR SB 86 -50.38 -65.90 83.01
N ARG SB 87 -51.64 -66.27 83.14
CA ARG SB 87 -52.64 -66.02 82.10
C ARG SB 87 -53.60 -64.96 82.60
N GLN SB 88 -54.09 -64.15 81.67
CA GLN SB 88 -55.01 -63.08 82.04
C GLN SB 88 -56.32 -63.30 81.28
N ALA SB 89 -57.37 -63.64 82.01
CA ALA SB 89 -58.67 -63.87 81.40
C ALA SB 89 -59.36 -62.53 81.17
N TYR SB 90 -59.79 -62.29 79.94
CA TYR SB 90 -60.48 -61.07 79.61
C TYR SB 90 -61.94 -61.35 79.28
N ALA SB 91 -62.83 -60.74 80.06
CA ALA SB 91 -64.26 -60.83 79.82
C ALA SB 91 -64.76 -59.42 79.59
N ASP SB 92 -65.29 -59.16 78.40
CA ASP SB 92 -65.73 -57.82 78.01
C ASP SB 92 -67.17 -57.87 77.55
N VAL SB 93 -67.96 -56.90 78.01
CA VAL SB 93 -69.36 -56.77 77.66
C VAL SB 93 -69.64 -55.30 77.41
N THR SB 94 -70.37 -55.02 76.34
CA THR SB 94 -70.75 -53.66 75.99
C THR SB 94 -72.24 -53.58 75.73
N PHE SB 95 -72.75 -52.36 75.71
CA PHE SB 95 -74.15 -52.12 75.40
C PHE SB 95 -74.28 -50.83 74.62
N SER SB 96 -75.21 -50.84 73.68
CA SER SB 96 -75.52 -49.66 72.91
C SER SB 96 -77.01 -49.40 73.02
N PHE SB 97 -77.38 -48.13 73.08
CA PHE SB 97 -78.78 -47.76 73.16
C PHE SB 97 -78.98 -46.42 72.48
N THR SB 98 -80.22 -46.16 72.12
CA THR SB 98 -80.60 -44.92 71.46
C THR SB 98 -81.28 -44.01 72.47
N GLN SB 99 -81.10 -42.71 72.28
CA GLN SB 99 -81.68 -41.74 73.19
C GLN SB 99 -83.14 -42.00 73.44
N TYR SB 100 -83.85 -42.60 72.50
CA TYR SB 100 -85.25 -42.93 72.71
C TYR SB 100 -85.45 -44.32 73.28
N SER SB 101 -84.38 -45.04 73.60
CA SER SB 101 -84.51 -46.39 74.13
C SER SB 101 -85.38 -46.36 75.38
N THR SB 102 -86.29 -47.32 75.48
CA THR SB 102 -87.17 -47.32 76.65
C THR SB 102 -86.59 -48.18 77.75
N ASP SB 103 -87.31 -48.24 78.87
CA ASP SB 103 -86.82 -48.99 80.01
C ASP SB 103 -86.90 -50.48 79.77
N GLU SB 104 -88.09 -50.99 79.46
CA GLU SB 104 -88.27 -52.43 79.41
C GLU SB 104 -87.40 -53.05 78.33
N GLU SB 105 -87.27 -52.38 77.19
CA GLU SB 105 -86.33 -52.85 76.17
C GLU SB 105 -84.98 -53.14 76.79
N ARG SB 106 -84.42 -52.16 77.50
CA ARG SB 106 -83.16 -52.39 78.18
C ARG SB 106 -83.27 -53.54 79.16
N ALA SB 107 -84.25 -53.45 80.07
CA ALA SB 107 -84.48 -54.55 80.99
C ALA SB 107 -84.59 -55.87 80.27
N PHE SB 108 -85.34 -55.90 79.16
CA PHE SB 108 -85.42 -57.11 78.36
C PHE SB 108 -84.04 -57.59 77.95
N VAL SB 109 -83.15 -56.69 77.56
CA VAL SB 109 -81.82 -57.09 77.18
C VAL SB 109 -81.08 -57.70 78.36
N ARG SB 110 -81.21 -57.08 79.53
CA ARG SB 110 -80.40 -57.51 80.66
C ARG SB 110 -80.65 -58.98 80.99
N THR SB 111 -81.90 -59.34 81.24
CA THR SB 111 -82.19 -60.72 81.62
C THR SB 111 -81.74 -61.70 80.55
N GLU SB 112 -82.21 -61.54 79.32
CA GLU SB 112 -81.95 -62.53 78.28
C GLU SB 112 -80.47 -62.84 78.15
N LEU SB 113 -79.61 -61.84 78.24
CA LEU SB 113 -78.19 -62.11 78.20
C LEU SB 113 -77.79 -63.08 79.30
N ALA SB 114 -78.28 -62.83 80.51
CA ALA SB 114 -78.01 -63.76 81.60
C ALA SB 114 -78.51 -65.15 81.28
N ALA SB 115 -79.78 -65.26 80.87
CA ALA SB 115 -80.34 -66.56 80.54
C ALA SB 115 -79.45 -67.32 79.57
N LEU SB 116 -78.99 -66.64 78.52
CA LEU SB 116 -78.03 -67.27 77.62
C LEU SB 116 -76.84 -67.81 78.36
N LEU SB 117 -76.27 -67.01 79.26
CA LEU SB 117 -75.11 -67.46 80.00
C LEU SB 117 -75.41 -68.71 80.80
N ALA SB 118 -76.66 -68.91 81.21
CA ALA SB 118 -77.06 -70.15 81.83
C ALA SB 118 -77.54 -71.18 80.81
N SER SB 119 -77.72 -70.79 79.56
CA SER SB 119 -78.20 -71.72 78.57
C SER SB 119 -77.18 -72.82 78.32
N PRO SB 120 -77.63 -74.05 78.06
CA PRO SB 120 -76.70 -75.12 77.73
C PRO SB 120 -75.93 -74.86 76.46
N LEU SB 121 -76.38 -73.93 75.62
CA LEU SB 121 -75.63 -73.63 74.42
C LEU SB 121 -74.26 -73.06 74.75
N LEU SB 122 -74.22 -71.93 75.45
CA LEU SB 122 -72.98 -71.23 75.64
C LEU SB 122 -71.96 -72.00 76.46
N ILE SB 123 -72.42 -72.85 77.39
CA ILE SB 123 -71.49 -73.51 78.28
C ILE SB 123 -70.46 -74.30 77.48
N ASP SB 124 -70.89 -75.10 76.51
CA ASP SB 124 -69.95 -75.77 75.63
C ASP SB 124 -69.13 -74.77 74.83
N ALA SB 125 -69.80 -73.74 74.30
CA ALA SB 125 -69.10 -72.66 73.65
C ALA SB 125 -68.05 -72.02 74.55
N ILE SB 126 -68.41 -71.68 75.78
CA ILE SB 126 -67.47 -71.09 76.72
C ILE SB 126 -66.53 -72.13 77.29
N ASP SB 127 -67.07 -73.06 78.08
CA ASP SB 127 -66.22 -73.97 78.83
C ASP SB 127 -65.37 -74.83 77.93
N GLN SB 128 -65.99 -75.54 77.00
CA GLN SB 128 -65.29 -76.47 76.16
C GLN SB 128 -64.86 -75.87 74.82
N LEU SB 129 -65.09 -74.57 74.61
CA LEU SB 129 -64.66 -73.88 73.39
C LEU SB 129 -65.20 -74.60 72.17
N ASN SB 130 -66.51 -74.62 72.05
CA ASN SB 130 -67.06 -75.37 70.93
C ASN SB 130 -67.99 -74.50 70.12
N PRO SB 131 -67.95 -74.62 68.82
CA PRO SB 131 -68.95 -73.95 67.99
C PRO SB 131 -70.31 -74.59 68.14
N ALA SB 132 -71.22 -74.23 67.24
CA ALA SB 132 -72.65 -74.41 67.44
C ALA SB 132 -73.12 -75.82 67.12
N TYR SB 133 -72.21 -76.72 66.81
CA TYR SB 133 -72.62 -78.06 66.42
C TYR SB 133 -72.47 -79.02 67.58
N ALA TB 2 -18.49 -27.78 127.05
CA ALA TB 2 -19.04 -28.99 127.64
C ALA TB 2 -20.43 -29.25 127.09
N LYS TB 3 -21.12 -30.21 127.71
CA LYS TB 3 -22.44 -30.63 127.27
C LYS TB 3 -23.44 -29.50 127.42
N LEU TB 4 -24.33 -29.39 126.45
CA LEU TB 4 -25.51 -28.54 126.57
C LEU TB 4 -26.27 -28.97 127.81
N GLU TB 5 -26.60 -28.02 128.66
CA GLU TB 5 -27.32 -28.32 129.87
C GLU TB 5 -28.32 -27.21 130.15
N THR TB 6 -29.11 -27.41 131.20
CA THR TB 6 -29.95 -26.33 131.71
C THR TB 6 -28.99 -25.28 132.23
N VAL TB 7 -29.16 -24.05 131.76
CA VAL TB 7 -28.28 -22.98 132.20
C VAL TB 7 -29.11 -22.01 133.03
N THR TB 8 -28.88 -21.99 134.33
CA THR TB 8 -29.54 -21.05 135.22
C THR TB 8 -28.74 -19.77 135.25
N LEU TB 9 -29.42 -18.65 135.31
CA LEU TB 9 -28.78 -17.35 135.37
C LEU TB 9 -29.43 -16.51 136.47
N GLY TB 10 -28.61 -16.07 137.42
CA GLY TB 10 -29.05 -15.14 138.44
C GLY TB 10 -28.57 -13.74 138.12
N ASN TB 11 -29.08 -12.79 138.90
CA ASN TB 11 -28.64 -11.40 138.82
C ASN TB 11 -28.84 -10.86 137.41
N ILE TB 12 -30.10 -10.69 137.05
CA ILE TB 12 -30.48 -10.31 135.69
C ILE TB 12 -31.34 -9.07 135.77
N GLY TB 13 -31.30 -8.26 134.72
CA GLY TB 13 -32.12 -7.07 134.64
C GLY TB 13 -31.60 -5.97 135.56
N LYS TB 14 -32.18 -4.79 135.37
CA LYS TB 14 -31.80 -3.64 136.18
C LYS TB 14 -31.90 -3.95 137.66
N ASP TB 15 -32.90 -4.76 138.04
CA ASP TB 15 -33.01 -5.19 139.42
C ASP TB 15 -31.83 -6.08 139.82
N GLY TB 16 -31.52 -7.07 139.00
CA GLY TB 16 -30.58 -8.09 139.42
C GLY TB 16 -31.21 -9.16 140.27
N LYS TB 17 -32.52 -9.07 140.52
CA LYS TB 17 -33.22 -10.16 141.17
C LYS TB 17 -33.82 -11.09 140.13
N GLN TB 18 -33.79 -10.70 138.87
CA GLN TB 18 -34.31 -11.53 137.79
C GLN TB 18 -33.43 -12.76 137.62
N THR TB 19 -34.08 -13.88 137.34
CA THR TB 19 -33.40 -15.13 137.07
C THR TB 19 -33.94 -15.75 135.79
N LEU TB 20 -33.12 -16.55 135.14
CA LEU TB 20 -33.52 -17.17 133.89
C LEU TB 20 -32.86 -18.54 133.76
N VAL TB 21 -33.61 -19.49 133.23
CA VAL TB 21 -33.08 -20.80 132.91
C VAL TB 21 -33.18 -20.99 131.41
N LEU TB 22 -32.28 -21.81 130.87
CA LEU TB 22 -32.21 -22.06 129.43
C LEU TB 22 -32.10 -23.55 129.19
N ASN TB 23 -33.04 -24.08 128.49
CA ASN TB 23 -32.87 -25.49 128.21
C ASN TB 23 -32.11 -25.69 126.92
N PRO TB 24 -31.34 -26.76 126.83
CA PRO TB 24 -30.71 -27.10 125.55
C PRO TB 24 -31.76 -27.38 124.49
N ARG TB 25 -31.61 -26.71 123.36
CA ARG TB 25 -32.53 -26.86 122.25
C ARG TB 25 -32.02 -27.81 121.19
N GLY TB 26 -30.86 -28.42 121.39
CA GLY TB 26 -30.22 -29.17 120.34
C GLY TB 26 -29.34 -28.28 119.49
N VAL TB 27 -28.82 -28.86 118.42
CA VAL TB 27 -27.88 -28.16 117.54
C VAL TB 27 -28.32 -28.35 116.10
N ASN TB 28 -28.46 -27.25 115.39
CA ASN TB 28 -28.67 -27.39 113.96
C ASN TB 28 -27.38 -27.83 113.29
N PRO TB 29 -27.33 -29.03 112.73
CA PRO TB 29 -26.08 -29.50 112.12
C PRO TB 29 -25.71 -28.77 110.86
N THR TB 30 -26.69 -28.26 110.11
CA THR TB 30 -26.37 -27.59 108.86
C THR TB 30 -25.40 -26.45 109.07
N ASN TB 31 -25.84 -25.38 109.71
CA ASN TB 31 -24.94 -24.31 110.07
C ASN TB 31 -24.01 -24.70 111.21
N GLY TB 32 -24.25 -25.83 111.86
CA GLY TB 32 -23.44 -26.22 112.99
C GLY TB 32 -23.55 -25.25 114.14
N VAL TB 33 -24.78 -24.97 114.59
CA VAL TB 33 -25.01 -23.95 115.61
C VAL TB 33 -25.91 -24.55 116.67
N ALA TB 34 -25.47 -24.43 117.93
CA ALA TB 34 -26.28 -24.83 119.07
C ALA TB 34 -27.38 -23.81 119.34
N SER TB 35 -28.38 -24.25 120.08
CA SER TB 35 -29.49 -23.39 120.43
C SER TB 35 -29.90 -23.64 121.87
N LEU TB 36 -30.24 -22.57 122.57
CA LEU TB 36 -30.71 -22.65 123.94
C LEU TB 36 -31.97 -21.80 124.07
N SER TB 37 -32.85 -22.19 124.98
CA SER TB 37 -34.06 -21.41 125.14
C SER TB 37 -34.58 -21.50 126.56
N GLN TB 38 -35.22 -20.41 126.98
CA GLN TB 38 -36.14 -20.46 128.09
C GLN TB 38 -37.28 -21.42 127.78
N ALA TB 39 -37.80 -22.07 128.81
CA ALA TB 39 -39.01 -22.87 128.62
C ALA TB 39 -40.22 -22.00 128.94
N GLY TB 40 -40.90 -21.60 127.88
CA GLY TB 40 -42.13 -20.86 127.99
C GLY TB 40 -43.31 -21.67 127.54
N ALA TB 41 -44.35 -20.96 127.11
CA ALA TB 41 -45.47 -21.63 126.47
C ALA TB 41 -45.24 -21.75 124.97
N VAL TB 42 -45.18 -20.62 124.28
CA VAL TB 42 -45.05 -20.61 122.83
C VAL TB 42 -43.59 -20.43 122.46
N PRO TB 43 -42.98 -21.38 121.75
CA PRO TB 43 -41.59 -21.22 121.32
C PRO TB 43 -41.31 -19.92 120.62
N ALA TB 44 -42.21 -19.46 119.74
CA ALA TB 44 -42.08 -18.15 119.13
C ALA TB 44 -41.90 -17.06 120.18
N LEU TB 45 -42.58 -17.17 121.31
CA LEU TB 45 -42.42 -16.21 122.39
C LEU TB 45 -41.17 -16.48 123.21
N GLU TB 46 -40.72 -17.72 123.26
CA GLU TB 46 -39.66 -18.10 124.19
C GLU TB 46 -38.34 -17.47 123.79
N LYS TB 47 -37.57 -17.08 124.80
CA LYS TB 47 -36.28 -16.42 124.59
C LYS TB 47 -35.37 -17.43 123.93
N ARG TB 48 -34.49 -16.96 123.06
CA ARG TB 48 -33.58 -17.85 122.37
C ARG TB 48 -32.13 -17.39 122.57
N VAL TB 49 -31.23 -18.37 122.65
CA VAL TB 49 -29.81 -18.10 122.76
C VAL TB 49 -29.08 -19.03 121.82
N THR TB 50 -28.21 -18.46 120.99
CA THR TB 50 -27.50 -19.22 119.97
C THR TB 50 -26.02 -19.01 120.11
N VAL TB 51 -25.26 -20.10 120.08
CA VAL TB 51 -23.80 -20.03 120.09
C VAL TB 51 -23.29 -20.90 118.96
N SER TB 52 -22.10 -20.55 118.48
CA SER TB 52 -21.49 -21.30 117.40
C SER TB 52 -19.99 -21.14 117.48
N VAL TB 53 -19.29 -22.16 116.99
CA VAL TB 53 -17.86 -22.07 116.80
C VAL TB 53 -17.61 -22.10 115.32
N SER TB 54 -16.35 -22.08 114.91
CA SER TB 54 -15.99 -22.15 113.51
C SER TB 54 -14.56 -22.67 113.41
N GLN TB 55 -14.18 -23.08 112.22
CA GLN TB 55 -12.82 -23.51 112.02
C GLN TB 55 -12.30 -22.93 110.70
N PRO TB 56 -11.02 -22.58 110.66
CA PRO TB 56 -10.50 -21.89 109.47
C PRO TB 56 -10.57 -22.79 108.24
N SER TB 57 -10.90 -22.17 107.11
CA SER TB 57 -11.01 -22.89 105.86
C SER TB 57 -10.14 -22.18 104.83
N ARG TB 58 -10.22 -22.65 103.59
CA ARG TB 58 -9.60 -21.92 102.48
C ARG TB 58 -10.18 -20.53 102.32
N ASN TB 59 -11.40 -20.31 102.79
CA ASN TB 59 -12.02 -18.98 102.74
C ASN TB 59 -11.52 -18.05 103.83
N ARG TB 60 -11.27 -18.56 105.03
CA ARG TB 60 -10.82 -17.73 106.13
C ARG TB 60 -9.89 -18.54 107.01
N LYS TB 61 -8.84 -17.89 107.49
CA LYS TB 61 -7.82 -18.53 108.31
C LYS TB 61 -8.10 -18.29 109.79
N ASN TB 62 -9.20 -17.64 110.09
CA ASN TB 62 -9.46 -17.19 111.45
C ASN TB 62 -10.63 -17.94 112.03
N TYR TB 63 -10.62 -18.09 113.36
CA TYR TB 63 -11.74 -18.67 114.05
C TYR TB 63 -12.81 -17.62 114.29
N LYS TB 64 -14.07 -18.02 114.12
CA LYS TB 64 -15.20 -17.16 114.43
C LYS TB 64 -16.02 -17.82 115.53
N VAL TB 65 -16.38 -17.04 116.53
CA VAL TB 65 -17.32 -17.47 117.56
C VAL TB 65 -18.45 -16.48 117.56
N GLN TB 66 -19.63 -16.94 117.20
CA GLN TB 66 -20.80 -16.11 117.04
C GLN TB 66 -21.82 -16.45 118.12
N VAL TB 67 -22.36 -15.42 118.76
CA VAL TB 67 -23.38 -15.58 119.77
C VAL TB 67 -24.47 -14.57 119.50
N LYS TB 68 -25.69 -15.04 119.32
CA LYS TB 68 -26.83 -14.18 119.07
C LYS TB 68 -27.91 -14.46 120.10
N ILE TB 69 -28.63 -13.41 120.50
CA ILE TB 69 -29.70 -13.52 121.48
C ILE TB 69 -30.94 -12.89 120.89
N GLN TB 70 -32.07 -13.57 121.03
CA GLN TB 70 -33.32 -13.13 120.47
C GLN TB 70 -34.37 -13.13 121.58
N ASN TB 71 -34.88 -11.95 121.91
CA ASN TB 71 -35.83 -11.78 123.00
C ASN TB 71 -37.03 -10.99 122.48
N PRO TB 72 -38.07 -11.67 122.03
CA PRO TB 72 -39.24 -10.97 121.51
C PRO TB 72 -40.00 -10.26 122.62
N THR TB 73 -41.02 -9.53 122.20
CA THR TB 73 -41.92 -8.84 123.12
C THR TB 73 -43.32 -9.34 122.90
N ALA TB 74 -43.86 -10.03 123.88
CA ALA TB 74 -45.19 -10.59 123.78
C ALA TB 74 -46.23 -9.49 123.94
N CYS TB 75 -47.23 -9.51 123.07
CA CYS TB 75 -48.43 -8.70 123.27
C CYS TB 75 -49.48 -9.67 123.79
N THR TB 76 -49.80 -9.54 125.09
CA THR TB 76 -50.72 -10.49 125.71
C THR TB 76 -52.11 -10.35 125.14
N ALA TB 77 -52.68 -9.15 125.23
CA ALA TB 77 -54.00 -8.89 124.66
C ALA TB 77 -53.79 -8.12 123.36
N ASN TB 78 -54.01 -8.81 122.25
CA ASN TB 78 -54.05 -8.18 120.94
C ASN TB 78 -55.47 -7.85 120.51
N GLY TB 79 -56.44 -8.07 121.40
CA GLY TB 79 -57.82 -8.14 120.95
C GLY TB 79 -58.17 -9.50 120.39
N SER TB 80 -57.24 -10.44 120.44
CA SER TB 80 -57.41 -11.79 119.92
C SER TB 80 -57.07 -12.78 121.02
N CYS TB 81 -57.45 -14.03 120.82
CA CYS TB 81 -57.28 -15.05 121.84
C CYS TB 81 -55.83 -15.47 122.05
N ASP TB 82 -54.93 -15.12 121.14
CA ASP TB 82 -53.57 -15.58 121.26
C ASP TB 82 -52.61 -14.40 121.28
N PRO TB 83 -51.55 -14.49 122.09
CA PRO TB 83 -50.56 -13.41 122.08
C PRO TB 83 -49.80 -13.39 120.77
N SER TB 84 -49.14 -12.27 120.52
CA SER TB 84 -48.44 -12.07 119.26
C SER TB 84 -47.12 -11.35 119.48
N VAL TB 85 -46.15 -11.67 118.63
CA VAL TB 85 -44.85 -11.03 118.67
C VAL TB 85 -45.03 -9.56 118.31
N THR TB 86 -44.44 -8.68 119.08
CA THR TB 86 -44.52 -7.25 118.77
C THR TB 86 -43.16 -6.73 118.35
N ARG TB 87 -42.24 -6.59 119.29
CA ARG TB 87 -40.89 -6.14 119.04
C ARG TB 87 -39.93 -7.31 119.23
N GLN TB 88 -38.88 -7.32 118.44
CA GLN TB 88 -37.91 -8.41 118.53
C GLN TB 88 -36.55 -7.81 118.87
N ALA TB 89 -36.07 -8.08 120.08
CA ALA TB 89 -34.77 -7.56 120.51
C ALA TB 89 -33.68 -8.45 119.95
N TYR TB 90 -32.72 -7.83 119.27
CA TYR TB 90 -31.59 -8.57 118.72
C TYR TB 90 -30.31 -8.20 119.43
N ALA TB 91 -29.69 -9.21 120.03
CA ALA TB 91 -28.40 -9.05 120.69
C ALA TB 91 -27.42 -9.98 119.99
N ASP TB 92 -26.40 -9.41 119.36
CA ASP TB 92 -25.44 -10.17 118.58
C ASP TB 92 -24.02 -9.91 119.07
N VAL TB 93 -23.25 -10.98 119.22
CA VAL TB 93 -21.87 -10.91 119.66
C VAL TB 93 -21.05 -11.85 118.79
N THR TB 94 -19.89 -11.39 118.34
CA THR TB 94 -19.00 -12.20 117.54
C THR TB 94 -17.60 -12.16 118.11
N PHE TB 95 -16.77 -13.08 117.65
CA PHE TB 95 -15.38 -13.13 118.05
C PHE TB 95 -14.52 -13.58 116.89
N SER TB 96 -13.34 -12.99 116.79
CA SER TB 96 -12.38 -13.39 115.79
C SER TB 96 -11.08 -13.73 116.49
N PHE TB 97 -10.38 -14.73 115.99
CA PHE TB 97 -9.11 -15.13 116.55
C PHE TB 97 -8.23 -15.69 115.45
N THR TB 98 -6.93 -15.71 115.73
CA THR TB 98 -5.95 -16.22 114.80
C THR TB 98 -5.51 -17.59 115.26
N GLN TB 99 -5.17 -18.43 114.30
CA GLN TB 99 -4.75 -19.79 114.59
C GLN TB 99 -3.69 -19.83 115.67
N TYR TB 100 -2.88 -18.78 115.80
CA TYR TB 100 -1.88 -18.75 116.86
C TYR TB 100 -2.39 -18.08 118.13
N SER TB 101 -3.67 -17.71 118.18
CA SER TB 101 -4.21 -17.06 119.36
C SER TB 101 -3.97 -17.94 120.58
N THR TB 102 -3.56 -17.33 121.68
CA THR TB 102 -3.29 -18.14 122.86
C THR TB 102 -4.53 -18.19 123.75
N ASP TB 103 -4.41 -18.92 124.85
CA ASP TB 103 -5.53 -19.10 125.74
C ASP TB 103 -5.84 -17.82 126.50
N GLU TB 104 -4.86 -17.30 127.23
CA GLU TB 104 -5.13 -16.18 128.13
C GLU TB 104 -5.62 -14.97 127.37
N GLU TB 105 -5.05 -14.71 126.20
CA GLU TB 105 -5.56 -13.65 125.34
C GLU TB 105 -7.07 -13.78 125.18
N ARG TB 106 -7.53 -14.95 124.76
CA ARG TB 106 -8.96 -15.17 124.66
C ARG TB 106 -9.63 -14.97 126.00
N ALA TB 107 -9.16 -15.67 127.03
CA ALA TB 107 -9.69 -15.48 128.36
C ALA TB 107 -9.72 -14.00 128.74
N PHE TB 108 -8.63 -13.29 128.45
CA PHE TB 108 -8.61 -11.86 128.70
C PHE TB 108 -9.76 -11.16 128.00
N VAL TB 109 -10.06 -11.54 126.77
CA VAL TB 109 -11.18 -10.93 126.07
C VAL TB 109 -12.49 -11.22 126.77
N ARG TB 110 -12.68 -12.46 127.21
CA ARG TB 110 -13.97 -12.84 127.74
C ARG TB 110 -14.36 -11.97 128.92
N THR TB 111 -13.53 -11.92 129.95
CA THR TB 111 -13.87 -11.15 131.13
C THR TB 111 -14.11 -9.69 130.81
N GLU TB 112 -13.15 -9.02 130.20
CA GLU TB 112 -13.26 -7.58 129.99
C GLU TB 112 -14.55 -7.19 129.31
N LEU TB 113 -15.00 -7.96 128.33
CA LEU TB 113 -16.28 -7.66 127.72
C LEU TB 113 -17.38 -7.65 128.76
N ALA TB 114 -17.40 -8.67 129.63
CA ALA TB 114 -18.38 -8.68 130.70
C ALA TB 114 -18.26 -7.44 131.57
N ALA TB 115 -17.05 -7.15 132.05
CA ALA TB 115 -16.85 -5.98 132.88
C ALA TB 115 -17.43 -4.73 132.25
N LEU TB 116 -17.17 -4.51 130.96
CA LEU TB 116 -17.80 -3.41 130.27
C LEU TB 116 -19.31 -3.44 130.42
N LEU TB 117 -19.91 -4.62 130.22
CA LEU TB 117 -21.35 -4.70 130.33
C LEU TB 117 -21.83 -4.31 131.72
N ALA TB 118 -21.00 -4.48 132.73
CA ALA TB 118 -21.31 -3.98 134.06
C ALA TB 118 -20.79 -2.57 134.29
N SER TB 119 -20.00 -2.04 133.36
CA SER TB 119 -19.47 -0.70 133.54
C SER TB 119 -20.59 0.33 133.49
N PRO TB 120 -20.48 1.40 134.28
CA PRO TB 120 -21.47 2.47 134.21
C PRO TB 120 -21.51 3.14 132.85
N LEU TB 121 -20.49 2.98 132.04
CA LEU TB 121 -20.52 3.59 130.71
C LEU TB 121 -21.65 3.00 129.88
N LEU TB 122 -21.61 1.69 129.64
CA LEU TB 122 -22.53 1.09 128.69
C LEU TB 122 -23.98 1.18 129.12
N ILE TB 123 -24.24 1.18 130.43
CA ILE TB 123 -25.62 1.14 130.88
C ILE TB 123 -26.41 2.30 130.31
N ASP TB 124 -25.90 3.52 130.40
CA ASP TB 124 -26.54 4.64 129.74
C ASP TB 124 -26.57 4.47 128.23
N ALA TB 125 -25.48 4.01 127.65
CA ALA TB 125 -25.45 3.66 126.25
C ALA TB 125 -26.52 2.64 125.89
N ILE TB 126 -26.62 1.55 126.64
CA ILE TB 126 -27.62 0.53 126.40
C ILE TB 126 -28.99 0.97 126.87
N ASP TB 127 -29.16 1.13 128.18
CA ASP TB 127 -30.49 1.35 128.73
C ASP TB 127 -31.11 2.64 128.23
N GLN TB 128 -30.41 3.75 128.38
CA GLN TB 128 -30.95 5.04 128.02
C GLN TB 128 -30.57 5.49 126.62
N LEU TB 129 -29.87 4.65 125.87
CA LEU TB 129 -29.50 4.95 124.48
C LEU TB 129 -28.76 6.29 124.42
N ASN TB 130 -27.60 6.31 125.04
CA ASN TB 130 -26.90 7.58 125.06
C ASN TB 130 -25.49 7.42 124.54
N PRO TB 131 -25.03 8.37 123.79
CA PRO TB 131 -23.61 8.38 123.40
C PRO TB 131 -22.72 8.69 124.57
N ALA TB 132 -21.46 8.98 124.28
CA ALA TB 132 -20.38 8.92 125.26
C ALA TB 132 -20.29 10.16 126.12
N TYR TB 133 -21.22 11.09 125.98
CA TYR TB 133 -21.14 12.33 126.73
C TYR TB 133 -22.05 12.28 127.94
N ALA UB 2 -35.32 -36.02 122.51
CA ALA UB 2 -34.23 -36.51 123.35
C ALA UB 2 -33.19 -37.23 122.51
N LYS UB 3 -32.27 -37.89 123.18
CA LYS UB 3 -31.16 -38.57 122.55
C LYS UB 3 -31.66 -39.71 121.66
N LEU UB 4 -31.03 -39.86 120.51
CA LEU UB 4 -31.21 -41.06 119.70
C LEU UB 4 -30.87 -42.26 120.55
N GLU UB 5 -31.77 -43.24 120.57
CA GLU UB 5 -31.56 -44.44 121.35
C GLU UB 5 -32.08 -45.64 120.59
N THR UB 6 -31.87 -46.82 121.17
CA THR UB 6 -32.52 -48.02 120.67
C THR UB 6 -34.00 -47.82 120.90
N VAL UB 7 -34.78 -47.96 119.85
CA VAL UB 7 -36.23 -47.78 119.99
C VAL UB 7 -36.89 -49.14 119.78
N THR UB 8 -37.42 -49.71 120.84
CA THR UB 8 -38.15 -50.96 120.78
C THR UB 8 -39.59 -50.64 120.46
N LEU UB 9 -40.21 -51.48 119.65
CA LEU UB 9 -41.61 -51.32 119.30
C LEU UB 9 -42.33 -52.66 119.44
N GLY UB 10 -43.38 -52.66 120.25
CA GLY UB 10 -44.24 -53.82 120.37
C GLY UB 10 -45.53 -53.59 119.61
N ASN UB 11 -46.32 -54.65 119.51
CA ASN UB 11 -47.65 -54.59 118.90
C ASN UB 11 -47.56 -54.05 117.47
N ILE UB 12 -47.01 -54.87 116.61
CA ILE UB 12 -46.70 -54.48 115.24
C ILE UB 12 -47.35 -55.50 114.31
N GLY UB 13 -47.72 -55.04 113.11
CA GLY UB 13 -48.30 -55.92 112.11
C GLY UB 13 -49.72 -56.30 112.45
N LYS UB 14 -50.37 -56.91 111.47
CA LYS UB 14 -51.74 -57.36 111.64
C LYS UB 14 -51.89 -58.22 112.88
N ASP UB 15 -50.88 -59.03 113.18
CA ASP UB 15 -50.89 -59.81 114.41
C ASP UB 15 -50.83 -58.91 115.63
N GLY UB 16 -49.90 -57.96 115.65
CA GLY UB 16 -49.65 -57.24 116.87
C GLY UB 16 -48.73 -57.96 117.81
N LYS UB 17 -48.27 -59.15 117.43
CA LYS UB 17 -47.22 -59.82 118.19
C LYS UB 17 -45.85 -59.48 117.64
N GLN UB 18 -45.80 -58.81 116.50
CA GLN UB 18 -44.54 -58.40 115.90
C GLN UB 18 -43.89 -57.33 116.76
N THR UB 19 -42.57 -57.41 116.86
CA THR UB 19 -41.78 -56.43 117.58
C THR UB 19 -40.62 -55.98 116.70
N LEU UB 20 -40.14 -54.76 116.95
CA LEU UB 20 -39.06 -54.21 116.16
C LEU UB 20 -38.20 -53.31 117.04
N VAL UB 21 -36.89 -53.36 116.82
CA VAL UB 21 -35.98 -52.45 117.47
C VAL UB 21 -35.30 -51.62 116.39
N LEU UB 22 -34.89 -50.41 116.76
CA LEU UB 22 -34.28 -49.48 115.82
C LEU UB 22 -33.02 -48.91 116.46
N ASN UB 23 -31.92 -49.10 115.82
CA ASN UB 23 -30.75 -48.49 116.40
C ASN UB 23 -30.55 -47.10 115.83
N PRO UB 24 -30.00 -46.19 116.62
CA PRO UB 24 -29.64 -44.88 116.08
C PRO UB 24 -28.59 -45.03 115.01
N ARG UB 25 -28.86 -44.42 113.86
CA ARG UB 25 -27.95 -44.47 112.73
C ARG UB 25 -27.08 -43.23 112.62
N GLY UB 26 -27.20 -42.30 113.55
CA GLY UB 26 -26.55 -41.01 113.41
C GLY UB 26 -27.44 -40.04 112.65
N VAL UB 27 -26.88 -38.88 112.36
CA VAL UB 27 -27.62 -37.81 111.72
C VAL UB 27 -26.83 -37.28 110.55
N ASN UB 28 -27.44 -37.23 109.38
CA ASN UB 28 -26.80 -36.54 108.28
C ASN UB 28 -26.84 -35.05 108.52
N PRO UB 29 -25.69 -34.40 108.73
CA PRO UB 29 -25.71 -32.96 109.02
C PRO UB 29 -26.09 -32.12 107.84
N THR UB 30 -25.83 -32.57 106.62
CA THR UB 30 -26.14 -31.76 105.44
C THR UB 30 -27.61 -31.38 105.42
N ASN UB 31 -28.48 -32.34 105.17
CA ASN UB 31 -29.91 -32.10 105.25
C ASN UB 31 -30.37 -31.93 106.69
N GLY UB 32 -29.52 -32.24 107.67
CA GLY UB 32 -29.93 -32.16 109.05
C GLY UB 32 -31.03 -33.14 109.38
N VAL UB 33 -30.83 -34.41 109.08
CA VAL UB 33 -31.86 -35.43 109.24
C VAL UB 33 -31.28 -36.61 110.00
N ALA UB 34 -31.97 -37.01 111.06
CA ALA UB 34 -31.60 -38.21 111.80
C ALA UB 34 -32.01 -39.47 111.04
N SER UB 35 -31.40 -40.58 111.42
CA SER UB 35 -31.70 -41.85 110.79
C SER UB 35 -31.74 -42.94 111.85
N LEU UB 36 -32.67 -43.87 111.69
CA LEU UB 36 -32.81 -45.00 112.58
C LEU UB 36 -32.94 -46.25 111.74
N SER UB 37 -32.50 -47.39 112.27
CA SER UB 37 -32.62 -48.61 111.50
C SER UB 37 -32.73 -49.81 112.41
N GLN UB 38 -33.45 -50.80 111.91
CA GLN UB 38 -33.31 -52.16 112.41
C GLN UB 38 -31.90 -52.63 112.19
N ALA UB 39 -31.42 -53.49 113.10
CA ALA UB 39 -30.13 -54.13 112.89
C ALA UB 39 -30.39 -55.47 112.20
N GLY UB 40 -30.06 -55.49 110.91
CA GLY UB 40 -30.13 -56.69 110.12
C GLY UB 40 -28.76 -57.17 109.72
N ALA UB 41 -28.72 -57.90 108.61
CA ALA UB 41 -27.44 -58.25 108.01
C ALA UB 41 -26.98 -57.17 107.03
N VAL UB 42 -27.74 -57.00 105.95
CA VAL UB 42 -27.35 -56.07 104.90
C VAL UB 42 -28.09 -54.74 105.12
N PRO UB 43 -27.37 -53.65 105.32
CA PRO UB 43 -28.03 -52.35 105.47
C PRO UB 43 -29.02 -52.03 104.38
N ALA UB 44 -28.70 -52.32 103.12
CA ALA UB 44 -29.65 -52.19 102.04
C ALA UB 44 -30.96 -52.90 102.34
N LEU UB 45 -30.90 -54.07 102.98
CA LEU UB 45 -32.10 -54.78 103.38
C LEU UB 45 -32.72 -54.22 104.64
N GLU UB 46 -31.93 -53.60 105.50
CA GLU UB 46 -32.40 -53.22 106.82
C GLU UB 46 -33.43 -52.11 106.72
N LYS UB 47 -34.43 -52.17 107.60
CA LYS UB 47 -35.50 -51.20 107.63
C LYS UB 47 -34.90 -49.86 108.02
N ARG UB 48 -35.44 -48.78 107.46
CA ARG UB 48 -34.93 -47.46 107.77
C ARG UB 48 -36.04 -46.56 108.27
N VAL UB 49 -35.70 -45.66 109.19
CA VAL UB 49 -36.63 -44.68 109.73
C VAL UB 49 -35.91 -43.34 109.77
N THR UB 50 -36.54 -42.32 109.22
CA THR UB 50 -35.93 -41.01 109.10
C THR UB 50 -36.86 -39.97 109.71
N VAL UB 51 -36.30 -39.10 110.54
CA VAL UB 51 -37.04 -37.98 111.10
C VAL UB 51 -36.23 -36.72 110.90
N SER UB 52 -36.93 -35.60 110.84
CA SER UB 52 -36.27 -34.33 110.66
C SER UB 52 -37.14 -33.24 111.24
N VAL UB 53 -36.48 -32.16 111.67
CA VAL UB 53 -37.18 -30.95 112.08
C VAL UB 53 -36.80 -29.89 111.05
N SER UB 54 -37.30 -28.68 111.25
CA SER UB 54 -36.98 -27.58 110.37
C SER UB 54 -37.20 -26.29 111.14
N GLN UB 55 -36.68 -25.20 110.59
CA GLN UB 55 -36.90 -23.92 111.21
C GLN UB 55 -37.22 -22.90 110.13
N PRO UB 56 -38.10 -21.94 110.42
CA PRO UB 56 -38.55 -21.01 109.39
C PRO UB 56 -37.40 -20.15 108.90
N SER UB 57 -37.40 -19.90 107.60
CA SER UB 57 -36.37 -19.10 106.96
C SER UB 57 -37.05 -17.99 106.17
N ARG UB 58 -36.25 -17.22 105.44
CA ARG UB 58 -36.80 -16.28 104.49
C ARG UB 58 -37.63 -16.95 103.41
N ASN UB 59 -37.38 -18.24 103.16
CA ASN UB 59 -38.16 -19.00 102.20
C ASN UB 59 -39.50 -19.46 102.74
N ARG UB 60 -39.56 -19.84 104.01
CA ARG UB 60 -40.81 -20.32 104.59
C ARG UB 60 -40.84 -19.91 106.06
N LYS UB 61 -42.03 -19.50 106.51
CA LYS UB 61 -42.23 -19.03 107.87
C LYS UB 61 -42.76 -20.15 108.75
N ASN UB 62 -42.87 -21.36 108.20
CA ASN UB 62 -43.54 -22.43 108.88
C ASN UB 62 -42.54 -23.52 109.25
N TYR UB 63 -42.84 -24.24 110.33
CA TYR UB 63 -42.03 -25.39 110.70
C TYR UB 63 -42.47 -26.60 109.91
N LYS UB 64 -41.49 -27.39 109.48
CA LYS UB 64 -41.75 -28.66 108.81
C LYS UB 64 -41.17 -29.78 109.66
N VAL UB 65 -41.94 -30.83 109.87
CA VAL UB 65 -41.47 -32.04 110.50
C VAL UB 65 -41.74 -33.18 109.53
N GLN UB 66 -40.67 -33.77 109.02
CA GLN UB 66 -40.78 -34.80 108.00
C GLN UB 66 -40.34 -36.13 108.57
N VAL UB 67 -41.14 -37.17 108.31
CA VAL UB 67 -40.83 -38.52 108.75
C VAL UB 67 -41.06 -39.45 107.58
N LYS UB 68 -40.05 -40.19 107.20
CA LYS UB 68 -40.12 -41.14 106.11
C LYS UB 68 -39.71 -42.51 106.59
N ILE UB 69 -40.35 -43.55 106.07
CA ILE UB 69 -40.07 -44.92 106.43
C ILE UB 69 -39.81 -45.71 105.17
N GLN UB 70 -38.76 -46.51 105.17
CA GLN UB 70 -38.36 -47.28 104.00
C GLN UB 70 -38.20 -48.73 104.42
N ASN UB 71 -39.04 -49.60 103.86
CA ASN UB 71 -39.06 -51.01 104.21
C ASN UB 71 -38.98 -51.83 102.94
N PRO UB 72 -37.79 -52.24 102.53
CA PRO UB 72 -37.66 -53.01 101.30
C PRO UB 72 -38.23 -54.41 101.47
N THR UB 73 -38.22 -55.15 100.37
CA THR UB 73 -38.65 -56.53 100.34
C THR UB 73 -37.49 -57.39 99.86
N ALA UB 74 -36.97 -58.22 100.74
CA ALA UB 74 -35.86 -59.08 100.42
C ALA UB 74 -36.32 -60.24 99.56
N CYS UB 75 -35.57 -60.51 98.50
CA CYS UB 75 -35.72 -61.75 97.75
C CYS UB 75 -34.58 -62.66 98.22
N THR UB 76 -34.93 -63.67 99.01
CA THR UB 76 -33.92 -64.53 99.60
C THR UB 76 -33.19 -65.33 98.53
N ALA UB 77 -33.94 -66.10 97.75
CA ALA UB 77 -33.36 -66.86 96.66
C ALA UB 77 -33.69 -66.14 95.36
N ASN UB 78 -32.68 -65.51 94.78
CA ASN UB 78 -32.78 -64.92 93.46
C ASN UB 78 -32.24 -65.87 92.39
N GLY UB 79 -31.87 -67.09 92.78
CA GLY UB 79 -31.02 -67.90 91.93
C GLY UB 79 -29.56 -67.54 92.06
N SER UB 80 -29.25 -66.61 92.96
CA SER UB 80 -27.89 -66.14 93.18
C SER UB 80 -27.58 -66.26 94.66
N CYS UB 81 -26.30 -66.16 95.00
CA CYS UB 81 -25.85 -66.37 96.36
C CYS UB 81 -26.26 -65.26 97.32
N ASP UB 82 -26.69 -64.11 96.81
CA ASP UB 82 -27.00 -63.01 97.69
C ASP UB 82 -28.43 -62.54 97.50
N PRO UB 83 -29.11 -62.16 98.57
CA PRO UB 83 -30.47 -61.63 98.42
C PRO UB 83 -30.43 -60.29 97.71
N SER UB 84 -31.60 -59.88 97.22
CA SER UB 84 -31.70 -58.66 96.44
C SER UB 84 -32.99 -57.92 96.78
N VAL UB 85 -32.92 -56.61 96.69
CA VAL UB 85 -34.08 -55.75 96.91
C VAL UB 85 -35.09 -56.03 95.81
N THR UB 86 -36.35 -56.23 96.19
CA THR UB 86 -37.38 -56.43 95.19
C THR UB 86 -38.34 -55.25 95.14
N ARG UB 87 -39.17 -55.11 96.16
CA ARG UB 87 -40.10 -54.01 96.27
C ARG UB 87 -39.66 -53.11 97.41
N GLN UB 88 -39.90 -51.82 97.25
CA GLN UB 88 -39.49 -50.86 98.26
C GLN UB 88 -40.73 -50.13 98.76
N ALA UB 89 -41.11 -50.37 100.01
CA ALA UB 89 -42.28 -49.75 100.60
C ALA UB 89 -41.90 -48.35 101.06
N TYR UB 90 -42.65 -47.35 100.62
CA TYR UB 90 -42.41 -45.97 101.03
C TYR UB 90 -43.53 -45.47 101.92
N ALA UB 91 -43.18 -45.10 103.14
CA ALA UB 91 -44.12 -44.50 104.06
C ALA UB 91 -43.60 -43.11 104.41
N ASP UB 92 -44.36 -42.08 104.06
CA ASP UB 92 -43.95 -40.71 104.24
C ASP UB 92 -44.99 -39.95 105.05
N VAL UB 93 -44.52 -39.18 106.02
CA VAL UB 93 -45.37 -38.36 106.87
C VAL UB 93 -44.70 -37.00 107.03
N THR UB 94 -45.49 -35.95 106.92
CA THR UB 94 -45.00 -34.59 107.08
C THR UB 94 -45.88 -33.83 108.07
N PHE UB 95 -45.37 -32.70 108.53
CA PHE UB 95 -46.11 -31.84 109.42
C PHE UB 95 -45.79 -30.39 109.11
N SER UB 96 -46.80 -29.54 109.21
CA SER UB 96 -46.63 -28.12 109.05
C SER UB 96 -47.18 -27.43 110.28
N PHE UB 97 -46.52 -26.36 110.70
CA PHE UB 97 -46.97 -25.59 111.84
C PHE UB 97 -46.58 -24.13 111.65
N THR UB 98 -47.27 -23.28 112.39
CA THR UB 98 -47.03 -21.85 112.35
C THR UB 98 -46.24 -21.45 113.58
N GLN UB 99 -45.41 -20.43 113.42
CA GLN UB 99 -44.59 -19.95 114.51
C GLN UB 99 -45.39 -19.74 115.78
N TYR UB 100 -46.66 -19.43 115.66
CA TYR UB 100 -47.50 -19.26 116.84
C TYR UB 100 -48.20 -20.55 117.26
N SER UB 101 -47.92 -21.66 116.60
CA SER UB 101 -48.56 -22.92 116.93
C SER UB 101 -48.32 -23.24 118.40
N THR UB 102 -49.35 -23.69 119.10
CA THR UB 102 -49.18 -23.97 120.51
C THR UB 102 -48.83 -25.44 120.71
N ASP UB 103 -48.62 -25.80 121.97
CA ASP UB 103 -48.21 -27.17 122.28
C ASP UB 103 -49.36 -28.14 122.07
N GLU UB 104 -50.48 -27.91 122.75
CA GLU UB 104 -51.54 -28.91 122.75
C GLU UB 104 -52.08 -29.13 121.36
N GLU UB 105 -52.21 -28.07 120.56
CA GLU UB 105 -52.57 -28.23 119.17
C GLU UB 105 -51.71 -29.28 118.50
N ARG UB 106 -50.39 -29.12 118.60
CA ARG UB 106 -49.50 -30.13 118.06
C ARG UB 106 -49.77 -31.49 118.70
N ALA UB 107 -49.72 -31.54 120.03
CA ALA UB 107 -50.04 -32.78 120.72
C ALA UB 107 -51.36 -33.35 120.23
N PHE UB 108 -52.37 -32.51 120.09
CA PHE UB 108 -53.64 -32.97 119.56
C PHE UB 108 -53.46 -33.63 118.21
N VAL UB 109 -52.62 -33.06 117.35
CA VAL UB 109 -52.38 -33.68 116.05
C VAL UB 109 -51.75 -35.04 116.21
N ARG UB 110 -50.76 -35.15 117.09
CA ARG UB 110 -50.00 -36.38 117.17
C ARG UB 110 -50.89 -37.57 117.46
N THR UB 111 -51.65 -37.52 118.55
CA THR UB 111 -52.48 -38.66 118.91
C THR UB 111 -53.47 -39.01 117.82
N GLU UB 112 -54.29 -38.04 117.41
CA GLU UB 112 -55.37 -38.34 116.46
C GLU UB 112 -54.87 -39.07 115.23
N LEU UB 113 -53.72 -38.67 114.70
CA LEU UB 113 -53.18 -39.40 113.56
C LEU UB 113 -52.98 -40.86 113.90
N ALA UB 114 -52.40 -41.14 115.06
CA ALA UB 114 -52.26 -42.52 115.50
C ALA UB 114 -53.60 -43.21 115.58
N ALA UB 115 -54.57 -42.60 116.27
CA ALA UB 115 -55.88 -43.22 116.38
C ALA UB 115 -56.45 -43.59 115.03
N LEU UB 116 -56.34 -42.69 114.05
CA LEU UB 116 -56.75 -43.05 112.70
C LEU UB 116 -56.05 -44.31 112.22
N LEU UB 117 -54.74 -44.39 112.43
CA LEU UB 117 -54.02 -45.56 111.98
C LEU UB 117 -54.54 -46.83 112.63
N ALA UB 118 -55.10 -46.72 113.83
CA ALA UB 118 -55.78 -47.85 114.44
C ALA UB 118 -57.25 -47.91 114.09
N SER UB 119 -57.79 -46.88 113.44
CA SER UB 119 -59.19 -46.88 113.10
C SER UB 119 -59.50 -47.96 112.08
N PRO UB 120 -60.68 -48.58 112.18
CA PRO UB 120 -61.07 -49.57 111.17
C PRO UB 120 -61.19 -48.99 109.79
N LEU UB 121 -61.29 -47.67 109.67
CA LEU UB 121 -61.36 -47.07 108.34
C LEU UB 121 -60.09 -47.33 107.55
N LEU UB 122 -58.97 -46.86 108.06
CA LEU UB 122 -57.74 -46.90 107.29
C LEU UB 122 -57.26 -48.30 106.99
N ILE UB 123 -57.53 -49.26 107.86
CA ILE UB 123 -56.98 -50.59 107.67
C ILE UB 123 -57.39 -51.16 106.32
N ASP UB 124 -58.67 -51.08 105.96
CA ASP UB 124 -59.09 -51.47 104.63
C ASP UB 124 -58.47 -50.59 103.57
N ALA UB 125 -58.42 -49.29 103.81
CA ALA UB 125 -57.72 -48.38 102.93
C ALA UB 125 -56.27 -48.76 102.76
N ILE UB 126 -55.55 -49.02 103.84
CA ILE UB 126 -54.16 -49.43 103.78
C ILE UB 126 -54.02 -50.88 103.36
N ASP UB 127 -54.47 -51.80 104.20
CA ASP UB 127 -54.18 -53.20 103.97
C ASP UB 127 -54.81 -53.71 102.67
N GLN UB 128 -56.10 -53.51 102.50
CA GLN UB 128 -56.80 -54.03 101.35
C GLN UB 128 -56.92 -53.03 100.22
N LEU UB 129 -56.32 -51.85 100.35
CA LEU UB 129 -56.33 -50.84 99.30
C LEU UB 129 -57.75 -50.52 98.86
N ASN UB 130 -58.52 -49.98 99.79
CA ASN UB 130 -59.90 -49.75 99.43
C ASN UB 130 -60.28 -48.31 99.69
N PRO UB 131 -61.06 -47.72 98.82
CA PRO UB 131 -61.60 -46.40 99.09
C PRO UB 131 -62.65 -46.45 100.17
N ALA UB 132 -63.40 -45.36 100.33
CA ALA UB 132 -64.15 -45.07 101.53
C ALA UB 132 -65.49 -45.79 101.59
N TYR UB 133 -65.77 -46.65 100.62
CA TYR UB 133 -67.07 -47.31 100.58
C TYR UB 133 -66.97 -48.71 101.15
N ALA VB 2 -22.40 -42.59 118.40
CA ALA VB 2 -23.10 -41.81 119.40
C ALA VB 2 -22.64 -40.37 119.36
N LYS VB 3 -23.05 -39.60 120.37
CA LYS VB 3 -22.75 -38.19 120.45
C LYS VB 3 -21.26 -37.96 120.59
N LEU VB 4 -20.78 -36.91 119.91
CA LEU VB 4 -19.44 -36.41 120.15
C LEU VB 4 -19.32 -36.07 121.62
N GLU VB 5 -18.27 -36.55 122.25
CA GLU VB 5 -18.06 -36.29 123.66
C GLU VB 5 -16.58 -36.08 123.92
N THR VB 6 -16.26 -35.76 125.16
CA THR VB 6 -14.87 -35.77 125.60
C THR VB 6 -14.43 -37.22 125.54
N VAL VB 7 -13.33 -37.48 124.84
CA VAL VB 7 -12.84 -38.84 124.73
C VAL VB 7 -11.51 -38.92 125.47
N THR VB 8 -11.53 -39.60 126.60
CA THR VB 8 -10.32 -39.84 127.38
C THR VB 8 -9.64 -41.09 126.85
N LEU VB 9 -8.33 -41.07 126.81
CA LEU VB 9 -7.55 -42.21 126.36
C LEU VB 9 -6.43 -42.47 127.34
N GLY VB 10 -6.39 -43.70 127.87
CA GLY VB 10 -5.30 -44.14 128.70
C GLY VB 10 -4.38 -45.05 127.91
N ASN VB 11 -3.25 -45.38 128.53
CA ASN VB 11 -2.30 -46.33 127.97
C ASN VB 11 -1.85 -45.89 126.59
N ILE VB 12 -1.07 -44.82 126.57
CA ILE VB 12 -0.66 -44.17 125.34
C ILE VB 12 0.86 -44.09 125.34
N GLY VB 13 1.45 -44.10 124.15
CA GLY VB 13 2.89 -43.96 124.00
C GLY VB 13 3.61 -45.21 124.42
N LYS VB 14 4.91 -45.22 124.10
CA LYS VB 14 5.75 -46.35 124.45
C LYS VB 14 5.64 -46.68 125.94
N ASP VB 15 5.51 -45.66 126.77
CA ASP VB 15 5.30 -45.89 128.20
C ASP VB 15 3.97 -46.57 128.44
N GLY VB 16 2.89 -46.05 127.86
CA GLY VB 16 1.58 -46.52 128.25
C GLY VB 16 1.04 -45.83 129.48
N LYS VB 17 1.82 -44.93 130.06
CA LYS VB 17 1.31 -44.10 131.14
C LYS VB 17 0.75 -42.79 130.60
N GLN VB 18 0.96 -42.52 129.31
CA GLN VB 18 0.45 -41.32 128.67
C GLN VB 18 -1.06 -41.40 128.58
N THR VB 19 -1.70 -40.26 128.79
CA THR VB 19 -3.14 -40.13 128.67
C THR VB 19 -3.48 -38.94 127.81
N LEU VB 20 -4.64 -38.99 127.18
CA LEU VB 20 -5.05 -37.91 126.29
C LEU VB 20 -6.56 -37.77 126.33
N VAL VB 21 -7.03 -36.52 126.30
CA VAL VB 21 -8.43 -36.24 126.18
C VAL VB 21 -8.67 -35.50 124.88
N LEU VB 22 -9.86 -35.65 124.33
CA LEU VB 22 -10.22 -35.05 123.04
C LEU VB 22 -11.57 -34.36 123.18
N ASN VB 23 -11.59 -33.11 122.93
CA ASN VB 23 -12.89 -32.49 123.00
C ASN VB 23 -13.56 -32.52 121.63
N PRO VB 24 -14.88 -32.62 121.60
CA PRO VB 24 -15.58 -32.50 120.33
C PRO VB 24 -15.36 -31.13 119.71
N ARG VB 25 -14.95 -31.13 118.46
CA ARG VB 25 -14.68 -29.89 117.74
C ARG VB 25 -15.84 -29.47 116.85
N GLY VB 26 -16.94 -30.21 116.86
CA GLY VB 26 -17.99 -29.99 115.90
C GLY VB 26 -17.75 -30.77 114.64
N VAL VB 27 -18.60 -30.54 113.65
CA VAL VB 27 -18.57 -31.28 112.39
C VAL VB 27 -18.60 -30.30 111.25
N ASN VB 28 -17.66 -30.42 110.33
CA ASN VB 28 -17.76 -29.65 109.11
C ASN VB 28 -18.86 -30.24 108.24
N PRO VB 29 -19.95 -29.52 108.01
CA PRO VB 29 -21.04 -30.08 107.21
C PRO VB 29 -20.71 -30.23 105.75
N THR VB 30 -19.82 -29.40 105.22
CA THR VB 30 -19.51 -29.48 103.79
C THR VB 30 -19.04 -30.88 103.42
N ASN VB 31 -17.84 -31.25 103.86
CA ASN VB 31 -17.36 -32.60 103.67
C ASN VB 31 -18.11 -33.59 104.55
N GLY VB 32 -18.89 -33.13 105.51
CA GLY VB 32 -19.55 -34.02 106.42
C GLY VB 32 -18.58 -34.82 107.26
N VAL VB 33 -17.67 -34.14 107.96
CA VAL VB 33 -16.62 -34.79 108.71
C VAL VB 33 -16.58 -34.20 110.11
N ALA VB 34 -16.60 -35.07 111.11
CA ALA VB 34 -16.45 -34.67 112.49
C ALA VB 34 -14.99 -34.35 112.79
N SER VB 35 -14.78 -33.62 113.88
CA SER VB 35 -13.44 -33.25 114.30
C SER VB 35 -13.34 -33.35 115.82
N LEU VB 36 -12.20 -33.82 116.28
CA LEU VB 36 -11.91 -33.93 117.71
C LEU VB 36 -10.54 -33.35 117.96
N SER VB 37 -10.34 -32.80 119.16
CA SER VB 37 -9.03 -32.24 119.44
C SER VB 37 -8.73 -32.31 120.93
N GLN VB 38 -7.44 -32.46 121.22
CA GLN VB 38 -6.93 -32.11 122.52
C GLN VB 38 -7.17 -30.63 122.80
N ALA VB 39 -7.38 -30.31 124.08
CA ALA VB 39 -7.45 -28.90 124.45
C ALA VB 39 -6.06 -28.45 124.86
N GLY VB 40 -5.44 -27.67 123.98
CA GLY VB 40 -4.17 -27.07 124.24
C GLY VB 40 -4.28 -25.57 124.38
N ALA VB 41 -3.17 -24.90 124.09
CA ALA VB 41 -3.20 -23.45 123.98
C ALA VB 41 -3.53 -23.02 122.57
N VAL VB 42 -2.66 -23.32 121.63
CA VAL VB 42 -2.82 -22.88 120.25
C VAL VB 42 -3.45 -24.01 119.44
N PRO VB 43 -4.63 -23.80 118.86
CA PRO VB 43 -5.25 -24.83 118.03
C PRO VB 43 -4.34 -25.39 116.96
N ALA VB 44 -3.55 -24.54 116.29
CA ALA VB 44 -2.55 -25.02 115.36
C ALA VB 44 -1.63 -26.05 115.99
N LEU VB 45 -1.29 -25.88 117.26
CA LEU VB 45 -0.48 -26.85 117.97
C LEU VB 45 -1.28 -28.05 118.43
N GLU VB 46 -2.58 -27.86 118.68
CA GLU VB 46 -3.38 -28.88 119.33
C GLU VB 46 -3.56 -30.09 118.41
N LYS VB 47 -3.55 -31.28 119.03
CA LYS VB 47 -3.68 -32.53 118.30
C LYS VB 47 -5.07 -32.55 117.69
N ARG VB 48 -5.18 -33.15 116.51
CA ARG VB 48 -6.46 -33.23 115.83
C ARG VB 48 -6.81 -34.67 115.50
N VAL VB 49 -8.10 -34.98 115.56
CA VAL VB 49 -8.61 -36.30 115.20
C VAL VB 49 -9.85 -36.10 114.35
N THR VB 50 -9.89 -36.76 113.20
CA THR VB 50 -10.96 -36.58 112.24
C THR VB 50 -11.55 -37.94 111.89
N VAL VB 51 -12.87 -38.03 111.92
CA VAL VB 51 -13.56 -39.23 111.50
C VAL VB 51 -14.66 -38.84 110.53
N SER VB 52 -15.01 -39.77 109.66
CA SER VB 52 -16.05 -39.51 108.68
C SER VB 52 -16.69 -40.82 108.28
N VAL VB 53 -17.95 -40.74 107.89
CA VAL VB 53 -18.64 -41.87 107.29
C VAL VB 53 -18.90 -41.49 105.85
N SER VB 54 -19.57 -42.36 105.11
CA SER VB 54 -19.92 -42.10 103.74
C SER VB 54 -21.10 -42.97 103.37
N GLN VB 55 -21.74 -42.64 102.26
CA GLN VB 55 -22.83 -43.46 101.79
C GLN VB 55 -22.71 -43.66 100.29
N PRO VB 56 -23.08 -44.82 99.79
CA PRO VB 56 -22.86 -45.11 98.37
C PRO VB 56 -23.68 -44.19 97.49
N SER VB 57 -23.06 -43.78 96.38
CA SER VB 57 -23.71 -42.89 95.43
C SER VB 57 -23.63 -43.53 94.06
N ARG VB 58 -24.09 -42.80 93.05
CA ARG VB 58 -23.87 -43.21 91.67
C ARG VB 58 -22.40 -43.31 91.32
N ASN VB 59 -21.53 -42.61 92.05
CA ASN VB 59 -20.09 -42.70 91.85
C ASN VB 59 -19.47 -43.93 92.47
N ARG VB 60 -19.95 -44.35 93.64
CA ARG VB 60 -19.39 -45.51 94.31
C ARG VB 60 -20.50 -46.22 95.08
N LYS VB 61 -20.46 -47.54 95.04
CA LYS VB 61 -21.46 -48.37 95.68
C LYS VB 61 -21.01 -48.82 97.05
N ASN VB 62 -19.85 -48.34 97.49
CA ASN VB 62 -19.23 -48.86 98.70
C ASN VB 62 -19.22 -47.79 99.76
N TYR VB 63 -19.26 -48.23 101.02
CA TYR VB 63 -19.11 -47.32 102.14
C TYR VB 63 -17.65 -47.02 102.38
N LYS VB 64 -17.35 -45.76 102.69
CA LYS VB 64 -16.01 -45.36 103.09
C LYS VB 64 -16.06 -44.82 104.50
N VAL VB 65 -15.13 -45.25 105.33
CA VAL VB 65 -14.94 -44.70 106.66
C VAL VB 65 -13.51 -44.22 106.74
N GLN VB 66 -13.33 -42.92 106.85
CA GLN VB 66 -12.00 -42.31 106.83
C GLN VB 66 -11.69 -41.73 108.19
N VAL VB 67 -10.49 -42.02 108.68
CA VAL VB 67 -10.01 -41.49 109.95
C VAL VB 67 -8.61 -40.99 109.75
N LYS VB 68 -8.40 -39.71 110.06
CA LYS VB 68 -7.09 -39.09 109.92
C LYS VB 68 -6.69 -38.49 111.27
N ILE VB 69 -5.40 -38.54 111.56
CA ILE VB 69 -4.86 -38.00 112.81
C ILE VB 69 -3.72 -37.07 112.46
N GLN VB 70 -3.70 -35.90 113.08
CA GLN VB 70 -2.72 -34.87 112.80
C GLN VB 70 -2.10 -34.44 114.12
N ASN VB 71 -0.80 -34.70 114.28
CA ASN VB 71 -0.07 -34.41 115.52
C ASN VB 71 1.18 -33.62 115.17
N PRO VB 72 1.11 -32.30 115.24
CA PRO VB 72 2.27 -31.49 114.90
C PRO VB 72 3.35 -31.62 115.96
N THR VB 73 4.47 -30.97 115.69
CA THR VB 73 5.60 -30.92 116.61
C THR VB 73 5.88 -29.46 116.92
N ALA VB 74 5.65 -29.09 118.18
CA ALA VB 74 5.86 -27.72 118.61
C ALA VB 74 7.34 -27.45 118.77
N CYS VB 75 7.78 -26.31 118.25
CA CYS VB 75 9.11 -25.78 118.58
C CYS VB 75 8.87 -24.69 119.61
N THR VB 76 9.23 -24.98 120.85
CA THR VB 76 8.95 -24.04 121.95
C THR VB 76 9.75 -22.76 121.77
N ALA VB 77 11.07 -22.89 121.71
CA ALA VB 77 11.94 -21.74 121.49
C ALA VB 77 12.38 -21.77 120.04
N ASN VB 78 11.83 -20.85 119.26
CA ASN VB 78 12.29 -20.63 117.89
C ASN VB 78 13.27 -19.47 117.83
N GLY VB 79 13.65 -18.91 118.97
CA GLY VB 79 14.28 -17.60 118.98
C GLY VB 79 13.26 -16.49 118.90
N SER VB 80 11.97 -16.83 118.92
CA SER VB 80 10.89 -15.88 118.84
C SER VB 80 9.95 -16.12 120.01
N CYS VB 81 9.06 -15.16 120.25
CA CYS VB 81 8.19 -15.21 121.41
C CYS VB 81 7.09 -16.26 121.30
N ASP VB 82 6.86 -16.80 120.10
CA ASP VB 82 5.76 -17.74 119.94
C ASP VB 82 6.26 -19.06 119.39
N PRO VB 83 5.71 -20.18 119.85
CA PRO VB 83 6.10 -21.47 119.30
C PRO VB 83 5.64 -21.59 117.86
N SER VB 84 6.22 -22.55 117.14
CA SER VB 84 5.94 -22.73 115.74
C SER VB 84 5.89 -24.20 115.37
N VAL VB 85 5.04 -24.52 114.40
CA VAL VB 85 4.92 -25.88 113.90
C VAL VB 85 6.23 -26.26 113.24
N THR VB 86 6.74 -27.44 113.57
CA THR VB 86 7.95 -27.91 112.94
C THR VB 86 7.68 -29.09 112.02
N ARG VB 87 7.39 -30.24 112.60
CA ARG VB 87 7.05 -31.44 111.85
C ARG VB 87 5.59 -31.75 112.07
N GLN VB 88 4.95 -32.31 111.04
CA GLN VB 88 3.53 -32.61 111.12
C GLN VB 88 3.38 -34.11 110.89
N ALA VB 89 2.98 -34.83 111.93
CA ALA VB 89 2.77 -36.27 111.85
C ALA VB 89 1.41 -36.54 111.22
N TYR VB 90 1.39 -37.34 110.17
CA TYR VB 90 0.14 -37.69 109.53
C TYR VB 90 -0.17 -39.17 109.73
N ALA VB 91 -1.31 -39.42 110.37
CA ALA VB 91 -1.79 -40.79 110.56
C ALA VB 91 -3.14 -40.88 109.88
N ASP VB 92 -3.24 -41.74 108.87
CA ASP VB 92 -4.44 -41.88 108.06
C ASP VB 92 -4.91 -43.31 108.04
N VAL VB 93 -6.20 -43.51 108.22
CA VAL VB 93 -6.83 -44.82 108.22
C VAL VB 93 -8.13 -44.71 107.43
N THR VB 94 -8.37 -45.68 106.56
CA THR VB 94 -9.58 -45.74 105.77
C THR VB 94 -10.23 -47.11 105.89
N PHE VB 95 -11.48 -47.17 105.46
CA PHE VB 95 -12.21 -48.43 105.45
C PHE VB 95 -13.13 -48.47 104.25
N SER VB 96 -13.25 -49.65 103.67
CA SER VB 96 -14.16 -49.87 102.57
C SER VB 96 -15.07 -51.03 102.93
N PHE VB 97 -16.33 -50.94 102.53
CA PHE VB 97 -17.28 -52.00 102.78
C PHE VB 97 -18.30 -52.03 101.66
N THR VB 98 -18.97 -53.17 101.55
CA THR VB 98 -19.98 -53.38 100.55
C THR VB 98 -21.35 -53.29 101.19
N GLN VB 99 -22.31 -52.81 100.42
CA GLN VB 99 -23.66 -52.64 100.92
C GLN VB 99 -24.16 -53.88 101.63
N TYR VB 100 -23.68 -55.06 101.25
CA TYR VB 100 -24.09 -56.28 101.92
C TYR VB 100 -23.17 -56.65 103.07
N SER VB 101 -22.19 -55.81 103.39
CA SER VB 101 -21.26 -56.12 104.47
C SER VB 101 -22.04 -56.35 105.76
N THR VB 102 -21.66 -57.39 106.50
CA THR VB 102 -22.39 -57.68 107.73
C THR VB 102 -21.73 -56.98 108.90
N ASP VB 103 -22.33 -57.17 110.07
CA ASP VB 103 -21.83 -56.51 111.27
C ASP VB 103 -20.52 -57.14 111.73
N GLU VB 104 -20.53 -58.44 111.99
CA GLU VB 104 -19.38 -59.07 112.61
C GLU VB 104 -18.14 -58.94 111.74
N GLU VB 105 -18.31 -59.08 110.43
CA GLU VB 105 -17.20 -58.83 109.51
C GLU VB 105 -16.55 -57.50 109.83
N ARG VB 106 -17.33 -56.44 109.87
CA ARG VB 106 -16.79 -55.14 110.24
C ARG VB 106 -16.17 -55.20 111.62
N ALA VB 107 -16.93 -55.64 112.61
CA ALA VB 107 -16.38 -55.80 113.95
C ALA VB 107 -15.09 -56.60 113.92
N PHE VB 108 -15.07 -57.69 113.17
CA PHE VB 108 -13.84 -58.46 113.03
C PHE VB 108 -12.71 -57.59 112.53
N VAL VB 109 -12.97 -56.71 111.58
CA VAL VB 109 -11.92 -55.83 111.09
C VAL VB 109 -11.43 -54.91 112.18
N ARG VB 110 -12.35 -54.35 112.96
CA ARG VB 110 -11.97 -53.33 113.92
C ARG VB 110 -10.94 -53.86 114.90
N THR VB 111 -11.25 -54.95 115.59
CA THR VB 111 -10.33 -55.47 116.60
C THR VB 111 -8.99 -55.80 116.00
N GLU VB 112 -8.96 -56.67 114.98
CA GLU VB 112 -7.70 -57.16 114.45
C GLU VB 112 -6.74 -56.04 114.09
N LEU VB 113 -7.24 -54.95 113.52
CA LEU VB 113 -6.36 -53.83 113.23
C LEU VB 113 -5.70 -53.34 114.51
N ALA VB 114 -6.48 -53.19 115.58
CA ALA VB 114 -5.91 -52.80 116.85
C ALA VB 114 -4.86 -53.79 117.31
N ALA VB 115 -5.21 -55.08 117.32
CA ALA VB 115 -4.25 -56.09 117.75
C ALA VB 115 -2.93 -55.95 117.00
N LEU VB 116 -2.98 -55.77 115.68
CA LEU VB 116 -1.76 -55.52 114.94
C LEU VB 116 -1.00 -54.35 115.52
N LEU VB 117 -1.70 -53.25 115.81
CA LEU VB 117 -1.02 -52.08 116.34
C LEU VB 117 -0.32 -52.40 117.66
N ALA VB 118 -0.83 -53.37 118.40
CA ALA VB 118 -0.14 -53.85 119.59
C ALA VB 118 0.81 -54.99 119.29
N SER VB 119 0.78 -55.53 118.08
CA SER VB 119 1.65 -56.63 117.75
C SER VB 119 3.11 -56.19 117.76
N PRO VB 120 4.02 -57.07 118.18
CA PRO VB 120 5.45 -56.72 118.12
C PRO VB 120 5.94 -56.50 116.71
N LEU VB 121 5.21 -56.94 115.71
CA LEU VB 121 5.64 -56.69 114.34
C LEU VB 121 5.66 -55.20 114.04
N LEU VB 122 4.51 -54.54 114.14
CA LEU VB 122 4.41 -53.18 113.68
C LEU VB 122 5.27 -52.22 114.48
N ILE VB 123 5.51 -52.48 115.76
CA ILE VB 123 6.22 -51.52 116.57
C ILE VB 123 7.58 -51.20 115.98
N ASP VB 124 8.35 -52.22 115.60
CA ASP VB 124 9.58 -51.96 114.88
C ASP VB 124 9.34 -51.29 113.56
N ALA VB 125 8.34 -51.74 112.82
CA ALA VB 125 7.92 -51.07 111.61
C ALA VB 125 7.58 -49.62 111.83
N ILE VB 126 6.77 -49.32 112.84
CA ILE VB 126 6.40 -47.95 113.16
C ILE VB 126 7.52 -47.23 113.87
N ASP VB 127 7.84 -47.66 115.09
CA ASP VB 127 8.76 -46.89 115.92
C ASP VB 127 10.14 -46.80 115.30
N GLN VB 128 10.73 -47.93 114.97
CA GLN VB 128 12.09 -47.95 114.47
C GLN VB 128 12.16 -47.94 112.95
N LEU VB 129 11.03 -47.82 112.26
CA LEU VB 129 11.00 -47.74 110.80
C LEU VB 129 11.74 -48.92 110.19
N ASN VB 130 11.21 -50.10 110.42
CA ASN VB 130 11.93 -51.26 109.93
C ASN VB 130 11.02 -52.12 109.08
N PRO VB 131 11.52 -52.65 108.00
CA PRO VB 131 10.77 -53.64 107.23
C PRO VB 131 10.67 -54.95 107.99
N ALA VB 132 10.23 -55.99 107.29
CA ALA VB 132 9.69 -57.20 107.90
C ALA VB 132 10.77 -58.17 108.36
N TYR VB 133 12.03 -57.79 108.25
CA TYR VB 133 13.10 -58.70 108.60
C TYR VB 133 13.64 -58.40 110.00
N ALA WB 2 -23.96 27.76 126.69
CA ALA WB 2 -23.37 27.14 127.86
C ALA WB 2 -23.59 25.63 127.84
N LYS WB 3 -23.28 24.99 128.94
CA LYS WB 3 -23.37 23.54 129.07
C LYS WB 3 -24.81 23.08 128.93
N LEU WB 4 -24.98 21.95 128.24
CA LEU WB 4 -26.26 21.24 128.26
C LEU WB 4 -26.61 20.95 129.70
N GLU WB 5 -27.83 21.28 130.09
CA GLU WB 5 -28.28 21.05 131.44
C GLU WB 5 -29.74 20.62 131.43
N THR WB 6 -30.24 20.30 132.61
CA THR WB 6 -31.68 20.10 132.77
C THR WB 6 -32.31 21.45 132.54
N VAL WB 7 -33.27 21.51 131.61
CA VAL WB 7 -33.93 22.77 131.32
C VAL WB 7 -35.37 22.67 131.80
N THR WB 8 -35.69 23.39 132.85
CA THR WB 8 -37.04 23.46 133.37
C THR WB 8 -37.78 24.56 132.63
N LEU WB 9 -39.05 24.34 132.35
CA LEU WB 9 -39.88 25.32 131.68
C LEU WB 9 -41.20 25.44 132.41
N GLY WB 10 -41.52 26.66 132.84
CA GLY WB 10 -42.80 26.96 133.42
C GLY WB 10 -43.68 27.68 132.41
N ASN WB 11 -44.94 27.85 132.78
CA ASN WB 11 -45.89 28.62 131.98
C ASN WB 11 -45.99 28.06 130.57
N ILE WB 12 -46.59 26.88 130.48
CA ILE WB 12 -46.64 26.12 129.24
C ILE WB 12 -48.10 25.80 128.96
N GLY WB 13 -48.43 25.66 127.68
CA GLY WB 13 -49.77 25.30 127.27
C GLY WB 13 -50.75 26.44 127.46
N LYS WB 14 -51.94 26.23 126.90
CA LYS WB 14 -53.00 27.23 127.01
C LYS WB 14 -53.23 27.62 128.46
N ASP WB 15 -53.12 26.66 129.36
CA ASP WB 15 -53.23 26.98 130.78
C ASP WB 15 -52.09 27.88 131.24
N GLY WB 16 -50.86 27.52 130.90
CA GLY WB 16 -49.73 28.20 131.50
C GLY WB 16 -49.36 27.65 132.86
N LYS WB 17 -50.10 26.66 133.34
CA LYS WB 17 -49.69 25.96 134.55
C LYS WB 17 -48.85 24.74 134.21
N GLN WB 18 -48.76 24.39 132.93
CA GLN WB 18 -47.96 23.27 132.48
C GLN WB 18 -46.48 23.58 132.68
N THR WB 19 -45.74 22.56 133.09
CA THR WB 19 -44.30 22.67 133.25
C THR WB 19 -43.63 21.50 132.55
N LEU WB 20 -42.38 21.71 132.15
CA LEU WB 20 -41.64 20.68 131.43
C LEU WB 20 -40.17 20.78 131.78
N VAL WB 21 -39.52 19.63 131.91
CA VAL WB 21 -38.10 19.56 132.09
C VAL WB 21 -37.51 18.82 130.91
N LEU WB 22 -36.25 19.14 130.59
CA LEU WB 22 -35.57 18.55 129.43
C LEU WB 22 -34.19 18.10 129.87
N ASN WB 23 -33.93 16.85 129.72
CA ASN WB 23 -32.59 16.45 130.07
C ASN WB 23 -31.67 16.54 128.85
N PRO WB 24 -30.41 16.85 129.07
CA PRO WB 24 -29.46 16.79 127.96
C PRO WB 24 -29.35 15.38 127.42
N ARG WB 25 -29.50 15.26 126.11
CA ARG WB 25 -29.43 13.97 125.44
C ARG WB 25 -28.07 13.71 124.81
N GLY WB 26 -27.12 14.61 124.98
CA GLY WB 26 -25.87 14.52 124.26
C GLY WB 26 -25.97 15.22 122.92
N VAL WB 27 -24.91 15.07 122.14
CA VAL WB 27 -24.81 15.75 120.85
C VAL WB 27 -24.40 14.74 119.79
N ASN WB 28 -25.16 14.68 118.71
CA ASN WB 28 -24.70 13.90 117.59
C ASN WB 28 -23.55 14.61 116.91
N PRO WB 29 -22.34 14.06 116.93
CA PRO WB 29 -21.20 14.76 116.34
C PRO WB 29 -21.25 14.81 114.83
N THR WB 30 -21.90 13.82 114.19
CA THR WB 30 -21.93 13.80 112.73
C THR WB 30 -22.51 15.09 112.17
N ASN WB 31 -23.81 15.28 112.35
CA ASN WB 31 -24.43 16.54 111.98
C ASN WB 31 -24.05 17.66 112.92
N GLY WB 32 -23.41 17.37 114.04
CA GLY WB 32 -23.07 18.39 115.00
C GLY WB 32 -24.31 19.05 115.59
N VAL WB 33 -25.22 18.26 116.14
CA VAL WB 33 -26.49 18.76 116.63
C VAL WB 33 -26.72 18.23 118.03
N ALA WB 34 -27.02 19.13 118.95
CA ALA WB 34 -27.39 18.76 120.31
C ALA WB 34 -28.81 18.22 120.35
N SER WB 35 -29.12 17.52 121.42
CA SER WB 35 -30.44 16.96 121.61
C SER WB 35 -30.86 17.10 123.06
N LEU WB 36 -32.13 17.40 123.27
CA LEU WB 36 -32.70 17.51 124.60
C LEU WB 36 -34.00 16.72 124.63
N SER WB 37 -34.36 16.21 125.80
CA SER WB 37 -35.59 15.46 125.88
C SER WB 37 -36.19 15.54 127.27
N GLN WB 38 -37.51 15.48 127.30
CA GLN WB 38 -38.23 15.11 128.51
C GLN WB 38 -37.81 13.71 128.92
N ALA WB 39 -37.82 13.46 130.23
CA ALA WB 39 -37.61 12.10 130.71
C ALA WB 39 -38.99 11.44 130.88
N GLY WB 40 -39.29 10.55 129.94
CA GLY WB 40 -40.50 9.76 130.00
C GLY WB 40 -40.19 8.32 130.26
N ALA WB 41 -41.11 7.46 129.81
CA ALA WB 41 -40.84 6.03 129.81
C ALA WB 41 -40.16 5.61 128.52
N VAL WB 42 -40.88 5.73 127.41
CA VAL WB 42 -40.37 5.27 126.13
C VAL WB 42 -39.77 6.45 125.37
N PRO WB 43 -38.48 6.40 125.04
CA PRO WB 43 -37.87 7.50 124.27
C PRO WB 43 -38.63 7.85 123.02
N ALA WB 44 -39.13 6.87 122.28
CA ALA WB 44 -39.99 7.14 121.13
C ALA WB 44 -41.16 8.04 121.51
N LEU WB 45 -41.71 7.87 122.70
CA LEU WB 45 -42.79 8.73 123.17
C LEU WB 45 -42.27 10.05 123.71
N GLU WB 46 -41.04 10.08 124.20
CA GLU WB 46 -40.54 11.25 124.91
C GLU WB 46 -40.37 12.43 123.97
N LYS WB 47 -40.67 13.62 124.50
CA LYS WB 47 -40.59 14.85 123.72
C LYS WB 47 -39.13 15.07 123.38
N ARG WB 48 -38.87 15.63 122.20
CA ARG WB 48 -37.50 15.89 121.79
C ARG WB 48 -37.32 17.35 121.43
N VAL WB 49 -36.13 17.87 121.70
CA VAL WB 49 -35.76 19.23 121.36
C VAL WB 49 -34.37 19.19 120.77
N THR WB 50 -34.19 19.80 119.61
CA THR WB 50 -32.93 19.77 118.88
C THR WB 50 -32.50 21.19 118.57
N VAL WB 51 -31.24 21.49 118.84
CA VAL WB 51 -30.65 22.78 118.48
C VAL WB 51 -29.35 22.52 117.77
N SER WB 52 -28.97 23.46 116.92
CA SER WB 52 -27.73 23.33 116.18
C SER WB 52 -27.22 24.72 115.81
N VAL WB 53 -25.91 24.81 115.68
CA VAL WB 53 -25.30 26.02 115.14
C VAL WB 53 -24.69 25.63 113.80
N SER WB 54 -24.03 26.57 113.15
CA SER WB 54 -23.38 26.31 111.88
C SER WB 54 -22.29 27.34 111.69
N GLN WB 55 -21.40 27.08 110.75
CA GLN WB 55 -20.38 28.05 110.45
C GLN WB 55 -20.23 28.15 108.94
N PRO WB 56 -19.95 29.35 108.43
CA PRO WB 56 -19.93 29.54 106.98
C PRO WB 56 -18.81 28.73 106.33
N SER WB 57 -19.12 28.19 105.16
CA SER WB 57 -18.18 27.38 104.42
C SER WB 57 -18.08 27.94 103.01
N ARG WB 58 -17.33 27.25 102.16
CA ARG WB 58 -17.32 27.58 100.75
C ARG WB 58 -18.71 27.43 100.12
N ASN WB 59 -19.57 26.62 100.71
CA ASN WB 59 -20.94 26.48 100.23
C ASN WB 59 -21.85 27.62 100.64
N ARG WB 60 -21.69 28.15 101.85
CA ARG WB 60 -22.53 29.23 102.33
C ARG WB 60 -21.72 30.14 103.24
N LYS WB 61 -21.94 31.44 103.10
CA LYS WB 61 -21.22 32.45 103.86
C LYS WB 61 -22.00 32.87 105.09
N ASN WB 62 -23.13 32.22 105.32
CA ASN WB 62 -24.05 32.68 106.36
C ASN WB 62 -24.11 31.67 107.48
N TYR WB 63 -24.40 32.15 108.68
CA TYR WB 63 -24.62 31.27 109.80
C TYR WB 63 -26.05 30.76 109.80
N LYS WB 64 -26.21 29.48 110.13
CA LYS WB 64 -27.53 28.88 110.28
C LYS WB 64 -27.67 28.40 111.71
N VAL WB 65 -28.80 28.72 112.32
CA VAL WB 65 -29.16 28.20 113.62
C VAL WB 65 -30.51 27.51 113.45
N GLN WB 66 -30.51 26.20 113.62
CA GLN WB 66 -31.70 25.38 113.40
C GLN WB 66 -32.19 24.81 114.71
N VAL WB 67 -33.49 24.93 114.94
CA VAL WB 67 -34.12 24.38 116.13
C VAL WB 67 -35.37 23.64 115.70
N LYS WB 68 -35.45 22.37 116.05
CA LYS WB 68 -36.60 21.55 115.72
C LYS WB 68 -37.16 20.93 116.99
N ILE WB 69 -38.48 20.79 117.03
CA ILE WB 69 -39.17 20.22 118.19
C ILE WB 69 -40.06 19.11 117.69
N GLN WB 70 -40.02 17.98 118.38
CA GLN WB 70 -40.78 16.80 118.00
C GLN WB 70 -41.58 16.32 119.20
N ASN WB 71 -42.91 16.38 119.08
CA ASN WB 71 -43.81 16.03 120.18
C ASN WB 71 -44.83 15.04 119.66
N PRO WB 72 -44.58 13.75 119.82
CA PRO WB 72 -45.53 12.74 119.33
C PRO WB 72 -46.80 12.74 120.16
N THR WB 73 -47.74 11.93 119.71
CA THR WB 73 -49.00 11.72 120.41
C THR WB 73 -49.13 10.26 120.77
N ALA WB 74 -49.09 9.97 122.06
CA ALA WB 74 -49.17 8.60 122.54
C ALA WB 74 -50.60 8.11 122.43
N CYS WB 75 -50.76 6.88 121.92
CA CYS WB 75 -52.03 6.17 122.02
C CYS WB 75 -51.85 5.17 123.15
N THR WB 76 -52.48 5.45 124.28
CA THR WB 76 -52.29 4.61 125.46
C THR WB 76 -52.85 3.21 125.23
N ALA WB 77 -54.13 3.13 124.91
CA ALA WB 77 -54.76 1.84 124.61
C ALA WB 77 -54.90 1.75 123.10
N ASN WB 78 -54.07 0.90 122.51
CA ASN WB 78 -54.21 0.55 121.10
C ASN WB 78 -54.98 -0.75 120.92
N GLY WB 79 -55.50 -1.31 122.01
CA GLY WB 79 -55.90 -2.70 121.99
C GLY WB 79 -54.74 -3.64 122.18
N SER WB 80 -53.55 -3.09 122.43
CA SER WB 80 -52.34 -3.88 122.61
C SER WB 80 -51.70 -3.44 123.93
N CYS WB 81 -50.75 -4.24 124.39
CA CYS WB 81 -50.13 -4.00 125.69
C CYS WB 81 -49.21 -2.80 125.71
N ASP WB 82 -48.82 -2.27 124.56
CA ASP WB 82 -47.87 -1.18 124.54
C ASP WB 82 -48.44 0.02 123.82
N PRO WB 83 -48.16 1.23 124.29
CA PRO WB 83 -48.62 2.43 123.58
C PRO WB 83 -47.91 2.56 122.26
N SER WB 84 -48.48 3.38 121.39
CA SER WB 84 -47.94 3.55 120.04
C SER WB 84 -48.04 5.00 119.61
N VAL WB 85 -47.08 5.41 118.78
CA VAL WB 85 -47.06 6.75 118.23
C VAL WB 85 -48.26 6.90 117.31
N THR WB 86 -48.99 7.99 117.46
CA THR WB 86 -50.11 8.23 116.57
C THR WB 86 -49.84 9.41 115.64
N ARG WB 87 -49.85 10.62 116.19
CA ARG WB 87 -49.54 11.82 115.44
C ARG WB 87 -48.21 12.37 115.91
N GLN WB 88 -47.48 12.97 114.98
CA GLN WB 88 -46.17 13.51 115.31
C GLN WB 88 -46.18 15.01 115.01
N ALA WB 89 -46.12 15.82 116.06
CA ALA WB 89 -46.12 17.27 115.91
C ALA WB 89 -44.71 17.72 115.55
N TYR WB 90 -44.59 18.47 114.46
CA TYR WB 90 -43.31 19.01 114.04
C TYR WB 90 -43.27 20.52 114.20
N ALA WB 91 -42.34 20.97 115.03
CA ALA WB 91 -42.11 22.41 115.21
C ALA WB 91 -40.67 22.69 114.79
N ASP WB 92 -40.51 23.50 113.76
CA ASP WB 92 -39.21 23.79 113.19
C ASP WB 92 -38.96 25.29 113.16
N VAL WB 93 -37.76 25.70 113.57
CA VAL WB 93 -37.35 27.09 113.60
C VAL WB 93 -35.94 27.16 113.08
N THR WB 94 -35.66 28.12 112.21
CA THR WB 94 -34.34 28.34 111.66
C THR WB 94 -33.94 29.80 111.81
N PHE WB 95 -32.65 30.05 111.62
CA PHE WB 95 -32.13 31.40 111.66
C PHE WB 95 -31.01 31.53 110.66
N SER WB 96 -30.95 32.70 110.03
CA SER WB 96 -29.88 33.02 109.11
C SER WB 96 -29.24 34.32 109.56
N PHE WB 97 -27.94 34.42 109.41
CA PHE WB 97 -27.22 35.63 109.77
C PHE WB 97 -26.02 35.78 108.87
N THR WB 98 -25.52 37.00 108.81
CA THR WB 98 -24.37 37.33 107.99
C THR WB 98 -23.15 37.47 108.90
N GLN WB 99 -22.00 37.13 108.36
CA GLN WB 99 -20.76 37.20 109.12
C GLN WB 99 -20.60 38.53 109.82
N TYR WB 100 -21.16 39.60 109.28
CA TYR WB 100 -21.09 40.89 109.93
C TYR WB 100 -22.26 41.15 110.86
N SER WB 101 -23.16 40.19 111.04
CA SER WB 101 -24.31 40.38 111.91
C SER WB 101 -23.85 40.79 113.29
N THR WB 102 -24.52 41.78 113.89
CA THR WB 102 -24.09 42.22 115.19
C THR WB 102 -24.86 41.49 116.28
N ASP WB 103 -24.54 41.80 117.52
CA ASP WB 103 -25.17 41.12 118.64
C ASP WB 103 -26.62 41.55 118.79
N GLU WB 104 -26.85 42.85 118.97
CA GLU WB 104 -28.19 43.30 119.31
C GLU WB 104 -29.19 42.95 118.23
N GLU WB 105 -28.79 43.06 116.97
CA GLU WB 105 -29.64 42.61 115.88
C GLU WB 105 -30.15 41.21 116.16
N ARG WB 106 -29.23 40.28 116.42
CA ARG WB 106 -29.64 38.94 116.76
C ARG WB 106 -30.53 38.95 117.99
N ALA WB 107 -30.05 39.53 119.08
CA ALA WB 107 -30.87 39.66 120.28
C ALA WB 107 -32.24 40.24 119.95
N PHE WB 108 -32.27 41.29 119.13
CA PHE WB 108 -33.54 41.84 118.71
C PHE WB 108 -34.42 40.79 118.07
N VAL WB 109 -33.84 39.92 117.24
CA VAL WB 109 -34.64 38.88 116.63
C VAL WB 109 -35.18 37.93 117.67
N ARG WB 110 -34.36 37.55 118.64
CA ARG WB 110 -34.78 36.52 119.58
C ARG WB 110 -36.04 36.92 120.31
N THR WB 111 -36.04 38.07 120.97
CA THR WB 111 -37.21 38.46 121.74
C THR WB 111 -38.45 38.57 120.88
N GLU WB 112 -38.39 39.38 119.81
CA GLU WB 112 -39.58 39.64 119.02
C GLU WB 112 -40.28 38.37 118.57
N LEU WB 113 -39.52 37.36 118.17
CA LEU WB 113 -40.15 36.11 117.81
C LEU WB 113 -40.97 35.56 118.97
N ALA WB 114 -40.39 35.57 120.17
CA ALA WB 114 -41.14 35.14 121.34
C ALA WB 114 -42.40 35.98 121.51
N ALA WB 115 -42.26 37.30 121.50
CA ALA WB 115 -43.43 38.16 121.66
C ALA WB 115 -44.54 37.79 120.70
N LEU WB 116 -44.19 37.57 119.43
CA LEU WB 116 -45.19 37.09 118.48
C LEU WB 116 -45.87 35.84 118.99
N LEU WB 117 -45.09 34.88 119.47
CA LEU WB 117 -45.68 33.64 119.96
C LEU WB 117 -46.66 33.90 121.09
N ALA WB 118 -46.46 34.97 121.85
CA ALA WB 118 -47.44 35.37 122.85
C ALA WB 118 -48.47 36.34 122.29
N SER WB 119 -48.27 36.82 121.08
CA SER WB 119 -49.22 37.77 120.51
C SER WB 119 -50.57 37.09 120.26
N PRO WB 120 -51.67 37.83 120.45
CA PRO WB 120 -52.99 37.27 120.15
C PRO WB 120 -53.15 36.90 118.69
N LEU WB 121 -52.31 37.42 117.82
CA LEU WB 121 -52.41 37.05 116.42
C LEU WB 121 -52.15 35.56 116.21
N LEU WB 122 -50.96 35.11 116.58
CA LEU WB 122 -50.57 33.76 116.24
C LEU WB 122 -51.42 32.71 116.92
N ILE WB 123 -51.94 32.98 118.12
CA ILE WB 123 -52.65 31.95 118.84
C ILE WB 123 -53.81 31.40 118.02
N ASP WB 124 -54.63 32.25 117.43
CA ASP WB 124 -55.65 31.79 116.52
C ASP WB 124 -55.05 31.10 115.30
N ALA WB 125 -54.00 31.69 114.75
CA ALA WB 125 -53.25 31.05 113.68
C ALA WB 125 -52.75 29.67 114.08
N ILE WB 126 -52.12 29.55 115.22
CA ILE WB 126 -51.62 28.27 115.71
C ILE WB 126 -52.74 27.41 116.25
N ASP WB 127 -53.36 27.82 117.35
CA ASP WB 127 -54.30 26.95 118.04
C ASP WB 127 -55.50 26.61 117.18
N GLN WB 128 -56.18 27.62 116.66
CA GLN WB 128 -57.39 27.41 115.90
C GLN WB 128 -57.16 27.33 114.41
N LEU WB 129 -55.91 27.37 113.95
CA LEU WB 129 -55.58 27.24 112.54
C LEU WB 129 -56.35 28.26 111.71
N ASN WB 130 -56.05 29.53 111.96
CA ASN WB 130 -56.82 30.53 111.27
C ASN WB 130 -55.91 31.50 110.55
N PRO WB 131 -56.27 31.89 109.36
CA PRO WB 131 -55.52 32.96 108.68
C PRO WB 131 -55.77 34.30 109.35
N ALA WB 132 -55.36 35.36 108.68
CA ALA WB 132 -55.14 36.67 109.30
C ALA WB 132 -56.42 37.47 109.48
N TYR WB 133 -57.56 36.89 109.16
CA TYR WB 133 -58.80 37.63 109.23
C TYR WB 133 -59.55 37.30 110.52
N ALA XB 2 -22.94 8.73 130.18
CA ALA XB 2 -22.30 9.84 130.87
C ALA XB 2 -20.98 10.19 130.21
N LYS XB 3 -20.21 11.04 130.86
CA LYS XB 3 -18.95 11.53 130.33
C LYS XB 3 -17.95 10.40 130.18
N LEU XB 4 -17.20 10.45 129.09
CA LEU XB 4 -16.03 9.61 128.95
C LEU XB 4 -15.12 9.84 130.12
N GLU XB 5 -14.69 8.78 130.77
CA GLU XB 5 -13.80 8.88 131.92
C GLU XB 5 -12.80 7.76 131.89
N THR XB 6 -11.88 7.79 132.85
CA THR XB 6 -11.00 6.66 133.08
C THR XB 6 -11.90 5.53 133.55
N VAL XB 7 -11.81 4.39 132.88
CA VAL XB 7 -12.64 3.26 133.26
C VAL XB 7 -11.72 2.18 133.81
N THR XB 8 -11.78 1.95 135.11
CA THR XB 8 -11.03 0.90 135.76
C THR XB 8 -11.84 -0.38 135.69
N LEU XB 9 -11.17 -1.50 135.49
CA LEU XB 9 -11.81 -2.79 135.44
C LEU XB 9 -11.05 -3.77 136.30
N GLY XB 10 -11.75 -4.38 137.26
CA GLY XB 10 -11.18 -5.44 138.06
C GLY XB 10 -11.70 -6.78 137.60
N ASN XB 11 -11.13 -7.84 138.15
CA ASN XB 11 -11.59 -9.20 137.91
C ASN XB 11 -11.58 -9.52 136.42
N ILE XB 12 -10.37 -9.62 135.88
CA ILE XB 12 -10.16 -9.77 134.46
C ILE XB 12 -9.33 -11.02 134.23
N GLY XB 13 -9.51 -11.65 133.08
CA GLY XB 13 -8.72 -12.81 132.71
C GLY XB 13 -9.13 -14.04 133.51
N LYS XB 14 -8.60 -15.17 133.07
CA LYS XB 14 -8.88 -16.44 133.73
C LYS XB 14 -8.59 -16.35 135.22
N ASP XB 15 -7.55 -15.62 135.59
CA ASP XB 15 -7.26 -15.39 137.00
C ASP XB 15 -8.37 -14.59 137.67
N GLY XB 16 -8.76 -13.48 137.07
CA GLY XB 16 -9.63 -12.55 137.76
C GLY XB 16 -8.89 -11.61 138.67
N LYS XB 17 -7.57 -11.74 138.74
CA LYS XB 17 -6.77 -10.75 139.45
C LYS XB 17 -6.28 -9.67 138.51
N GLN XB 18 -6.49 -9.85 137.20
CA GLN XB 18 -6.10 -8.87 136.21
C GLN XB 18 -6.97 -7.64 136.34
N THR XB 19 -6.35 -6.48 136.16
CA THR XB 19 -7.05 -5.21 136.17
C THR XB 19 -6.66 -4.40 134.95
N LEU XB 20 -7.55 -3.51 134.54
CA LEU XB 20 -7.30 -2.70 133.35
C LEU XB 20 -7.95 -1.34 133.52
N VAL XB 21 -7.26 -0.31 133.05
CA VAL XB 21 -7.81 1.03 133.01
C VAL XB 21 -7.90 1.46 131.55
N LEU XB 22 -8.85 2.34 131.27
CA LEU XB 22 -9.09 2.80 129.90
C LEU XB 22 -9.21 4.31 129.91
N ASN XB 23 -8.37 4.95 129.19
CA ASN XB 23 -8.55 6.38 129.16
C ASN XB 23 -9.47 6.77 128.01
N PRO XB 24 -10.23 7.85 128.18
CA PRO XB 24 -11.01 8.36 127.07
C PRO XB 24 -10.11 8.82 125.94
N ARG XB 25 -10.39 8.32 124.74
CA ARG XB 25 -9.61 8.65 123.56
C ARG XB 25 -10.24 9.75 122.73
N GLY XB 26 -11.37 10.31 123.17
CA GLY XB 26 -12.13 11.22 122.34
C GLY XB 26 -13.11 10.46 121.48
N VAL XB 27 -13.76 11.19 120.59
CA VAL XB 27 -14.81 10.64 119.74
C VAL XB 27 -14.54 11.05 118.30
N ASN XB 28 -14.51 10.07 117.42
CA ASN XB 28 -14.48 10.42 116.01
C ASN XB 28 -15.83 10.96 115.58
N PRO XB 29 -15.95 12.23 115.22
CA PRO XB 29 -17.25 12.79 114.86
C PRO XB 29 -17.78 12.26 113.55
N THR XB 30 -16.92 11.87 112.62
CA THR XB 30 -17.39 11.40 111.33
C THR XB 30 -18.36 10.24 111.48
N ASN XB 31 -17.85 9.09 111.89
CA ASN XB 31 -18.71 7.96 112.19
C ASN XB 31 -19.48 8.16 113.48
N GLY XB 32 -19.15 9.18 114.26
CA GLY XB 32 -19.80 9.38 115.53
C GLY XB 32 -19.56 8.24 116.49
N VAL XB 33 -18.29 7.91 116.74
CA VAL XB 33 -17.95 6.76 117.55
C VAL XB 33 -16.91 7.18 118.58
N ALA XB 34 -17.20 6.87 119.85
CA ALA XB 34 -16.25 7.10 120.91
C ALA XB 34 -15.14 6.06 120.88
N SER XB 35 -14.04 6.39 121.56
CA SER XB 35 -12.90 5.48 121.64
C SER XB 35 -12.32 5.51 123.03
N LEU XB 36 -11.90 4.35 123.50
CA LEU XB 36 -11.26 4.22 124.80
C LEU XB 36 -10.01 3.38 124.64
N SER XB 37 -9.02 3.62 125.48
CA SER XB 37 -7.80 2.84 125.37
C SER XB 37 -7.11 2.71 126.71
N GLN XB 38 -6.43 1.58 126.87
CA GLN XB 38 -5.38 1.46 127.85
C GLN XB 38 -4.29 2.46 127.54
N ALA XB 39 -3.62 2.95 128.58
CA ALA XB 39 -2.45 3.78 128.38
C ALA XB 39 -1.22 2.87 128.41
N GLY XB 40 -0.68 2.65 127.21
CA GLY XB 40 0.55 1.90 127.06
C GLY XB 40 1.67 2.79 126.60
N ALA XB 41 2.65 2.17 125.93
CA ALA XB 41 3.69 2.93 125.26
C ALA XB 41 3.26 3.28 123.84
N VAL XB 42 3.11 2.27 123.00
CA VAL XB 42 2.80 2.49 121.60
C VAL XB 42 1.30 2.35 121.39
N PRO XB 43 0.62 3.40 120.92
CA PRO XB 43 -0.82 3.29 120.65
C PRO XB 43 -1.20 2.11 119.80
N ALA XB 44 -0.42 1.80 118.75
CA ALA XB 44 -0.64 0.60 117.97
C ALA XB 44 -0.70 -0.63 118.84
N LEU XB 45 0.12 -0.70 119.90
CA LEU XB 45 0.08 -1.82 120.82
C LEU XB 45 -1.06 -1.69 121.82
N GLU XB 46 -1.48 -0.47 122.13
CA GLU XB 46 -2.41 -0.24 123.23
C GLU XB 46 -3.77 -0.82 122.91
N LYS XB 47 -4.42 -1.37 123.93
CA LYS XB 47 -5.73 -1.99 123.78
C LYS XB 47 -6.72 -0.89 123.41
N ARG XB 48 -7.70 -1.24 122.58
CA ARG XB 48 -8.69 -0.25 122.16
C ARG XB 48 -10.09 -0.74 122.48
N VAL XB 49 -10.97 0.19 122.80
CA VAL XB 49 -12.37 -0.10 123.07
C VAL XB 49 -13.19 0.96 122.37
N THR XB 50 -14.17 0.54 121.59
CA THR XB 50 -14.99 1.42 120.79
C THR XB 50 -16.45 1.19 121.08
N VAL XB 51 -17.19 2.27 121.31
CA VAL XB 51 -18.63 2.18 121.49
C VAL XB 51 -19.28 3.21 120.59
N SER XB 52 -20.51 2.93 120.21
CA SER XB 52 -21.25 3.83 119.35
C SER XB 52 -22.73 3.65 119.58
N VAL XB 53 -23.47 4.72 119.36
CA VAL XB 53 -24.92 4.67 119.34
C VAL XB 53 -25.36 4.92 117.91
N SER XB 54 -26.66 4.95 117.68
CA SER XB 54 -27.19 5.23 116.35
C SER XB 54 -28.60 5.74 116.52
N GLN XB 55 -29.12 6.33 115.46
CA GLN XB 55 -30.49 6.79 115.49
C GLN XB 55 -31.18 6.41 114.19
N PRO XB 56 -32.46 6.06 114.25
CA PRO XB 56 -33.13 5.57 113.04
C PRO XB 56 -33.21 6.64 111.97
N SER XB 57 -33.04 6.21 110.74
CA SER XB 57 -33.07 7.11 109.59
C SER XB 57 -34.07 6.56 108.59
N ARG XB 58 -34.15 7.21 107.43
CA ARG XB 58 -34.91 6.66 106.33
C ARG XB 58 -34.37 5.32 105.87
N ASN XB 59 -33.10 5.02 106.15
CA ASN XB 59 -32.51 3.74 105.81
C ASN XB 59 -32.88 2.64 106.81
N ARG XB 60 -32.97 2.97 108.09
CA ARG XB 60 -33.29 1.96 109.10
C ARG XB 60 -34.09 2.63 110.20
N LYS XB 61 -35.09 1.90 110.69
CA LYS XB 61 -35.98 2.41 111.73
C LYS XB 61 -35.54 1.93 113.11
N ASN XB 62 -34.40 1.25 113.17
CA ASN XB 62 -33.98 0.60 114.39
C ASN XB 62 -32.73 1.26 114.94
N TYR XB 63 -32.59 1.20 116.26
CA TYR XB 63 -31.36 1.68 116.88
C TYR XB 63 -30.30 0.61 116.83
N LYS XB 64 -29.06 1.03 116.56
CA LYS XB 64 -27.91 0.16 116.58
C LYS XB 64 -26.96 0.64 117.66
N VAL XB 65 -26.47 -0.28 118.48
CA VAL XB 65 -25.42 -0.01 119.44
C VAL XB 65 -24.30 -0.98 119.15
N GLN XB 66 -23.17 -0.44 118.71
CA GLN XB 66 -22.04 -1.25 118.28
C GLN XB 66 -20.89 -1.07 119.25
N VAL XB 67 -20.29 -2.18 119.66
CA VAL XB 67 -19.14 -2.17 120.55
C VAL XB 67 -18.11 -3.13 120.00
N LYS XB 68 -16.91 -2.62 119.73
CA LYS XB 68 -15.83 -3.42 119.21
C LYS XB 68 -14.63 -3.29 120.14
N ILE XB 69 -13.88 -4.38 120.27
CA ILE XB 69 -12.70 -4.43 121.11
C ILE XB 69 -11.54 -4.94 120.28
N GLN XB 70 -10.39 -4.29 120.39
CA GLN XB 70 -9.22 -4.63 119.61
C GLN XB 70 -8.05 -4.79 120.56
N ASN XB 71 -7.51 -6.01 120.64
CA ASN XB 71 -6.44 -6.34 121.56
C ASN XB 71 -5.32 -7.03 120.78
N PRO XB 72 -4.34 -6.28 120.32
CA PRO XB 72 -3.26 -6.88 119.55
C PRO XB 72 -2.37 -7.75 120.43
N THR XB 73 -1.42 -8.40 119.79
CA THR XB 73 -0.42 -9.21 120.46
C THR XB 73 0.95 -8.68 120.14
N ALA XB 74 1.62 -8.14 121.14
CA ALA XB 74 2.94 -7.56 120.97
C ALA XB 74 3.97 -8.67 120.83
N CYS XB 75 4.85 -8.52 119.85
CA CYS XB 75 6.06 -9.33 119.77
C CYS XB 75 7.18 -8.45 120.30
N THR XB 76 7.65 -8.77 121.50
CA THR XB 76 8.66 -7.92 122.15
C THR XB 76 9.97 -7.96 121.40
N ALA XB 77 10.52 -9.16 121.23
CA ALA XB 77 11.75 -9.31 120.46
C ALA XB 77 11.38 -9.87 119.09
N ASN XB 78 11.47 -9.02 118.09
CA ASN XB 78 11.33 -9.44 116.69
C ASN XB 78 12.68 -9.69 116.05
N GLY XB 79 13.76 -9.60 116.83
CA GLY XB 79 15.07 -9.45 116.23
C GLY XB 79 15.37 -8.02 115.84
N SER XB 80 14.46 -7.11 116.16
CA SER XB 80 14.59 -5.70 115.83
C SER XB 80 14.39 -4.89 117.11
N CYS XB 81 14.76 -3.62 117.06
CA CYS XB 81 14.73 -2.77 118.23
C CYS XB 81 13.33 -2.41 118.68
N ASP XB 82 12.32 -2.61 117.85
CA ASP XB 82 10.99 -2.19 118.21
C ASP XB 82 10.02 -3.36 118.17
N PRO XB 83 9.08 -3.41 119.10
CA PRO XB 83 8.07 -4.47 119.06
C PRO XB 83 7.16 -4.31 117.86
N SER XB 84 6.46 -5.38 117.53
CA SER XB 84 5.61 -5.38 116.35
C SER XB 84 4.32 -6.13 116.62
N VAL XB 85 3.25 -5.69 115.97
CA VAL XB 85 1.96 -6.35 116.07
C VAL XB 85 2.08 -7.73 115.46
N THR XB 86 1.58 -8.74 116.17
CA THR XB 86 1.60 -10.08 115.64
C THR XB 86 0.19 -10.56 115.30
N ARG XB 87 -0.60 -10.85 116.33
CA ARG XB 87 -1.98 -11.26 116.17
C ARG XB 87 -2.88 -10.14 116.67
N GLN XB 88 -4.04 -10.02 116.03
CA GLN XB 88 -4.98 -8.96 116.40
C GLN XB 88 -6.28 -9.62 116.81
N ALA XB 89 -6.61 -9.54 118.10
CA ALA XB 89 -7.84 -10.12 118.61
C ALA XB 89 -9.00 -9.17 118.33
N TYR XB 90 -10.04 -9.69 117.69
CA TYR XB 90 -11.21 -8.88 117.40
C TYR XB 90 -12.41 -9.35 118.21
N ALA XB 91 -12.92 -8.45 119.04
CA ALA XB 91 -14.14 -8.73 119.81
C ALA XB 91 -15.18 -7.71 119.39
N ASP XB 92 -16.28 -8.17 118.83
CA ASP XB 92 -17.32 -7.31 118.30
C ASP XB 92 -18.66 -7.66 118.91
N VAL XB 93 -19.40 -6.63 119.31
CA VAL XB 93 -20.72 -6.78 119.91
C VAL XB 93 -21.62 -5.72 119.31
N THR XB 94 -22.84 -6.11 118.94
CA THR XB 94 -23.82 -5.20 118.39
C THR XB 94 -25.13 -5.34 119.13
N PHE XB 95 -26.01 -4.36 118.92
CA PHE XB 95 -27.33 -4.39 119.50
C PHE XB 95 -28.32 -3.77 118.53
N SER XB 96 -29.51 -4.34 118.49
CA SER XB 96 -30.59 -3.80 117.69
C SER XB 96 -31.79 -3.58 118.60
N PHE XB 97 -32.53 -2.51 118.35
CA PHE XB 97 -33.71 -2.23 119.12
C PHE XB 97 -34.72 -1.50 118.25
N THR XB 98 -35.96 -1.54 118.68
CA THR XB 98 -37.06 -0.90 117.97
C THR XB 98 -37.42 0.38 118.68
N GLN XB 99 -37.87 1.36 117.92
CA GLN XB 99 -38.23 2.65 118.46
C GLN XB 99 -39.14 2.52 119.67
N TYR XB 100 -39.94 1.46 119.73
CA TYR XB 100 -40.80 1.25 120.89
C TYR XB 100 -40.14 0.40 121.97
N SER XB 101 -38.88 0.04 121.79
CA SER XB 101 -38.20 -0.78 122.79
C SER XB 101 -38.26 -0.10 124.15
N THR XB 102 -38.55 -0.88 125.19
CA THR XB 102 -38.65 -0.27 126.51
C THR XB 102 -37.31 -0.34 127.22
N ASP XB 103 -37.30 0.21 128.43
CA ASP XB 103 -36.06 0.25 129.19
C ASP XB 103 -35.67 -1.12 129.70
N GLU XB 104 -36.56 -1.76 130.46
CA GLU XB 104 -36.18 -2.99 131.13
C GLU XB 104 -35.82 -4.07 130.13
N GLU XB 105 -36.53 -4.15 129.03
CA GLU XB 105 -36.14 -5.06 127.96
C GLU XB 105 -34.68 -4.91 127.63
N ARG XB 106 -34.25 -3.68 127.34
CA ARG XB 106 -32.84 -3.43 127.09
C ARG XB 106 -32.01 -3.84 128.29
N ALA XB 107 -32.34 -3.30 129.47
CA ALA XB 107 -31.65 -3.70 130.67
C ALA XB 107 -31.59 -5.21 130.81
N PHE XB 108 -32.72 -5.88 130.56
CA PHE XB 108 -32.73 -7.33 130.59
C PHE XB 108 -31.68 -7.91 129.65
N VAL XB 109 -31.53 -7.33 128.47
CA VAL XB 109 -30.53 -7.83 127.54
C VAL XB 109 -29.13 -7.64 128.11
N ARG XB 110 -28.86 -6.48 128.70
CA ARG XB 110 -27.51 -6.18 129.12
C ARG XB 110 -26.99 -7.22 130.09
N THR XB 111 -27.69 -7.43 131.20
CA THR XB 111 -27.21 -8.36 132.20
C THR XB 111 -27.02 -9.77 131.63
N GLU XB 112 -28.07 -10.34 131.05
CA GLU XB 112 -28.02 -11.72 130.60
C GLU XB 112 -26.81 -11.99 129.72
N LEU XB 113 -26.47 -11.08 128.82
CA LEU XB 113 -25.29 -11.28 128.02
C LEU XB 113 -24.06 -11.43 128.90
N ALA XB 114 -23.92 -10.57 129.89
CA ALA XB 114 -22.82 -10.71 130.83
C ALA XB 114 -22.85 -12.07 131.51
N ALA XB 115 -24.00 -12.44 132.08
CA ALA XB 115 -24.10 -13.73 132.75
C ALA XB 115 -23.62 -14.86 131.86
N LEU XB 116 -24.04 -14.88 130.60
CA LEU XB 116 -23.52 -15.86 129.67
C LEU XB 116 -22.00 -15.83 129.63
N LEU XB 117 -21.42 -14.64 129.54
CA LEU XB 117 -19.97 -14.56 129.48
C LEU XB 117 -19.33 -15.17 130.72
N ALA XB 118 -20.03 -15.15 131.85
CA ALA XB 118 -19.55 -15.85 133.03
C ALA XB 118 -20.06 -17.29 133.09
N SER XB 119 -20.96 -17.67 132.20
CA SER XB 119 -21.48 -19.02 132.25
C SER XB 119 -20.39 -20.02 131.89
N PRO XB 120 -20.41 -21.20 132.52
CA PRO XB 120 -19.45 -22.25 132.16
C PRO XB 120 -19.59 -22.70 130.73
N LEU XB 121 -20.71 -22.42 130.07
CA LEU XB 121 -20.84 -22.81 128.69
C LEU XB 121 -19.83 -22.10 127.81
N LEU XB 122 -19.88 -20.78 127.78
CA LEU XB 122 -19.08 -20.03 126.83
C LEU XB 122 -17.59 -20.17 127.06
N ILE XB 123 -17.16 -20.36 128.31
CA ILE XB 123 -15.74 -20.38 128.58
C ILE XB 123 -15.03 -21.44 127.75
N ASP XB 124 -15.55 -22.67 127.71
CA ASP XB 124 -15.02 -23.67 126.81
C ASP XB 124 -15.17 -23.26 125.36
N ALA XB 125 -16.32 -22.73 125.00
CA ALA XB 125 -16.52 -22.16 123.68
C ALA XB 125 -15.49 -21.10 123.35
N ILE XB 126 -15.28 -20.14 124.24
CA ILE XB 126 -14.31 -19.08 124.03
C ILE XB 126 -12.90 -19.58 124.25
N ASP XB 127 -12.57 -19.94 125.49
CA ASP XB 127 -11.18 -20.23 125.83
C ASP XB 127 -10.65 -21.43 125.06
N GLN XB 128 -11.34 -22.55 125.14
CA GLN XB 128 -10.86 -23.77 124.51
C GLN XB 128 -11.41 -24.00 123.12
N LEU XB 129 -12.19 -23.06 122.59
CA LEU XB 129 -12.74 -23.15 121.24
C LEU XB 129 -13.49 -24.45 121.06
N ASN XB 130 -14.57 -24.58 121.81
CA ASN XB 130 -15.27 -25.85 121.73
C ASN XB 130 -16.73 -25.61 121.42
N PRO XB 131 -17.31 -26.44 120.59
CA PRO XB 131 -18.76 -26.40 120.38
C PRO XB 131 -19.50 -26.90 121.60
N ALA XB 132 -20.79 -27.14 121.43
CA ALA XB 132 -21.74 -27.23 122.54
C ALA XB 132 -21.74 -28.60 123.21
N TYR XB 133 -20.84 -29.49 122.81
CA TYR XB 133 -20.84 -30.83 123.36
C TYR XB 133 -19.78 -30.97 124.43
N ALA YB 2 -10.32 16.15 126.45
CA ALA YB 2 -11.60 16.17 127.16
C ALA YB 2 -12.61 17.00 126.41
N LYS YB 3 -13.74 17.27 127.05
CA LYS YB 3 -14.84 17.99 126.44
C LYS YB 3 -14.42 19.41 126.12
N LEU YB 4 -14.89 19.90 124.97
CA LEU YB 4 -14.82 21.31 124.65
C LEU YB 4 -15.50 22.09 125.76
N GLU YB 5 -14.82 23.09 126.27
CA GLU YB 5 -15.36 23.90 127.34
C GLU YB 5 -14.97 25.35 127.14
N THR YB 6 -15.48 26.21 128.01
CA THR YB 6 -15.00 27.58 128.07
C THR YB 6 -13.56 27.49 128.54
N VAL YB 7 -12.66 28.09 127.78
CA VAL YB 7 -11.25 28.06 128.15
C VAL YB 7 -10.83 29.47 128.53
N THR YB 8 -10.59 29.68 129.82
CA THR YB 8 -10.10 30.95 130.31
C THR YB 8 -8.59 30.95 130.23
N LEU YB 9 -8.02 32.09 129.88
CA LEU YB 9 -6.58 32.23 129.80
C LEU YB 9 -6.16 33.51 130.50
N GLY YB 10 -5.26 33.36 131.48
CA GLY YB 10 -4.66 34.49 132.15
C GLY YB 10 -3.26 34.71 131.63
N ASN YB 11 -2.67 35.83 132.05
CA ASN YB 11 -1.28 36.14 131.76
C ASN YB 11 -1.04 36.14 130.25
N ILE YB 12 -1.61 37.15 129.59
CA ILE YB 12 -1.61 37.23 128.14
C ILE YB 12 -1.02 38.57 127.75
N GLY YB 13 -0.40 38.63 126.58
CA GLY YB 13 0.15 39.87 126.06
C GLY YB 13 1.41 40.27 126.80
N LYS YB 14 2.08 41.27 126.22
CA LYS YB 14 3.30 41.78 126.82
C LYS YB 14 3.09 42.17 128.28
N ASP YB 15 1.91 42.68 128.60
CA ASP YB 15 1.59 42.97 129.99
C ASP YB 15 1.51 41.70 130.81
N GLY YB 16 0.78 40.70 130.33
CA GLY YB 16 0.49 39.56 131.17
C GLY YB 16 -0.69 39.79 132.08
N LYS YB 17 -1.30 40.97 132.01
CA LYS YB 17 -2.56 41.19 132.72
C LYS YB 17 -3.74 40.90 131.81
N GLN YB 18 -3.49 40.67 130.53
CA GLN YB 18 -4.54 40.36 129.58
C GLN YB 18 -5.11 38.98 129.88
N THR YB 19 -6.42 38.87 129.72
CA THR YB 19 -7.11 37.60 129.90
C THR YB 19 -8.02 37.35 128.71
N LEU YB 20 -8.29 36.08 128.45
CA LEU YB 20 -9.11 35.72 127.32
C LEU YB 20 -9.91 34.46 127.64
N VAL YB 21 -11.15 34.43 127.19
CA VAL YB 21 -11.98 33.25 127.30
C VAL YB 21 -12.31 32.78 125.89
N LEU YB 22 -12.54 31.48 125.75
CA LEU YB 22 -12.82 30.87 124.46
C LEU YB 22 -14.03 29.96 124.59
N ASN YB 23 -15.03 30.24 123.85
CA ASN YB 23 -16.14 29.32 123.93
C ASN YB 23 -15.98 28.21 122.91
N PRO YB 24 -16.47 27.02 123.23
CA PRO YB 24 -16.50 25.95 122.23
C PRO YB 24 -17.39 26.33 121.07
N ARG YB 25 -16.84 26.21 119.87
CA ARG YB 25 -17.55 26.55 118.64
C ARG YB 25 -18.14 25.33 117.96
N GLY YB 26 -18.00 24.16 118.54
CA GLY YB 26 -18.36 22.94 117.86
C GLY YB 26 -17.21 22.42 117.03
N VAL YB 27 -17.48 21.37 116.26
CA VAL YB 27 -16.46 20.70 115.48
C VAL YB 27 -16.96 20.52 114.06
N ASN YB 28 -16.17 20.97 113.09
CA ASN YB 28 -16.49 20.64 111.72
C ASN YB 28 -16.22 19.18 111.47
N PRO YB 29 -17.23 18.36 111.21
CA PRO YB 29 -17.00 16.93 111.02
C PRO YB 29 -16.29 16.61 109.72
N THR YB 30 -16.44 17.44 108.70
CA THR YB 30 -15.80 17.14 107.41
C THR YB 30 -14.30 16.97 107.58
N ASN YB 31 -13.60 18.06 107.83
CA ASN YB 31 -12.18 17.98 108.14
C ASN YB 31 -11.92 17.37 109.51
N GLY YB 32 -12.95 17.20 110.33
CA GLY YB 32 -12.76 16.69 111.67
C GLY YB 32 -11.92 17.62 112.51
N VAL YB 33 -12.31 18.88 112.62
CA VAL YB 33 -11.52 19.89 113.31
C VAL YB 33 -12.42 20.65 114.26
N ALA YB 34 -11.99 20.73 115.51
CA ALA YB 34 -12.68 21.52 116.51
C ALA YB 34 -12.41 23.01 116.31
N SER YB 35 -13.27 23.83 116.89
CA SER YB 35 -13.12 25.27 116.79
C SER YB 35 -13.45 25.90 118.13
N LEU YB 36 -12.69 26.94 118.48
CA LEU YB 36 -12.91 27.70 119.70
C LEU YB 36 -12.88 29.17 119.36
N SER YB 37 -13.61 29.98 120.12
CA SER YB 37 -13.61 31.40 119.83
C SER YB 37 -13.86 32.20 121.09
N GLN YB 38 -13.27 33.39 121.10
CA GLN YB 38 -13.72 34.44 121.98
C GLN YB 38 -15.16 34.79 121.64
N ALA YB 39 -15.92 35.21 122.65
CA ALA YB 39 -17.26 35.72 122.40
C ALA YB 39 -17.16 37.24 122.25
N GLY YB 40 -17.28 37.67 121.00
CA GLY YB 40 -17.31 39.08 120.67
C GLY YB 40 -18.68 39.48 120.18
N ALA YB 41 -18.68 40.56 119.38
CA ALA YB 41 -19.89 40.93 118.68
C ALA YB 41 -19.97 40.23 117.33
N VAL YB 42 -19.05 40.55 116.44
CA VAL YB 42 -19.09 40.00 115.09
C VAL YB 42 -18.17 38.80 115.01
N PRO YB 43 -18.68 37.61 114.69
CA PRO YB 43 -17.82 36.43 114.55
C PRO YB 43 -16.63 36.66 113.64
N ALA YB 44 -16.80 37.34 112.51
CA ALA YB 44 -15.68 37.71 111.67
C ALA YB 44 -14.60 38.43 112.45
N LEU YB 45 -14.97 39.27 113.41
CA LEU YB 45 -14.01 39.93 114.25
C LEU YB 45 -13.49 39.04 115.36
N GLU YB 46 -14.28 38.07 115.79
CA GLU YB 46 -13.96 37.31 116.98
C GLU YB 46 -12.74 36.43 116.75
N LYS YB 47 -11.92 36.30 117.78
CA LYS YB 47 -10.69 35.52 117.72
C LYS YB 47 -11.08 34.06 117.51
N ARG YB 48 -10.27 33.33 116.77
CA ARG YB 48 -10.56 31.93 116.51
C ARG YB 48 -9.39 31.06 116.92
N VAL YB 49 -9.70 29.86 117.39
CA VAL YB 49 -8.70 28.88 117.76
C VAL YB 49 -9.15 27.54 117.23
N THR YB 50 -8.27 26.85 116.50
CA THR YB 50 -8.59 25.60 115.85
C THR YB 50 -7.59 24.54 116.26
N VAL YB 51 -8.10 23.37 116.63
CA VAL YB 51 -7.26 22.23 116.94
C VAL YB 51 -7.78 21.03 116.18
N SER YB 52 -6.88 20.10 115.89
CA SER YB 52 -7.26 18.91 115.18
C SER YB 52 -6.30 17.79 115.53
N VAL YB 53 -6.80 16.57 115.45
CA VAL YB 53 -5.96 15.39 115.56
C VAL YB 53 -5.97 14.73 114.21
N SER YB 54 -5.29 13.59 114.09
CA SER YB 54 -5.26 12.84 112.85
C SER YB 54 -4.93 11.40 113.19
N GLN YB 55 -5.15 10.53 112.22
CA GLN YB 55 -4.78 9.14 112.43
C GLN YB 55 -4.11 8.62 111.16
N PRO YB 56 -3.13 7.73 111.31
CA PRO YB 56 -2.37 7.29 110.14
C PRO YB 56 -3.24 6.53 109.16
N SER YB 57 -2.99 6.76 107.88
CA SER YB 57 -3.74 6.11 106.82
C SER YB 57 -2.76 5.46 105.88
N ARG YB 58 -3.28 4.91 104.79
CA ARG YB 58 -2.42 4.43 103.71
C ARG YB 58 -1.58 5.55 103.11
N ASN YB 59 -2.02 6.80 103.25
CA ASN YB 59 -1.26 7.94 102.78
C ASN YB 59 -0.12 8.34 103.70
N ARG YB 60 -0.33 8.25 105.02
CA ARG YB 60 0.70 8.63 105.98
C ARG YB 60 0.58 7.74 107.19
N LYS YB 61 1.74 7.35 107.73
CA LYS YB 61 1.82 6.45 108.87
C LYS YB 61 1.99 7.24 110.16
N ASN YB 62 1.95 8.55 110.06
CA ASN YB 62 2.29 9.41 111.19
C ASN YB 62 1.06 10.16 111.67
N TYR YB 63 1.05 10.47 112.96
CA TYR YB 63 0.00 11.30 113.50
C TYR YB 63 0.32 12.77 113.27
N LYS YB 64 -0.71 13.54 112.92
CA LYS YB 64 -0.60 14.98 112.78
C LYS YB 64 -1.51 15.64 113.79
N VAL YB 65 -0.97 16.64 114.50
CA VAL YB 65 -1.76 17.48 115.37
C VAL YB 65 -1.56 18.91 114.90
N GLN YB 66 -2.63 19.52 114.41
CA GLN YB 66 -2.56 20.84 113.82
C GLN YB 66 -3.32 21.81 114.68
N VAL YB 67 -2.71 22.96 114.96
CA VAL YB 67 -3.33 24.02 115.74
C VAL YB 67 -3.09 25.33 115.01
N LYS YB 68 -4.17 26.03 114.69
CA LYS YB 68 -4.09 27.30 114.01
C LYS YB 68 -4.82 28.35 114.82
N ILE YB 69 -4.31 29.57 114.80
CA ILE YB 69 -4.90 30.68 115.53
C ILE YB 69 -5.10 31.84 114.56
N GLN YB 70 -6.26 32.45 114.61
CA GLN YB 70 -6.63 33.52 113.69
C GLN YB 70 -7.11 34.70 114.52
N ASN YB 71 -6.38 35.81 114.46
CA ASN YB 71 -6.68 37.00 115.25
C ASN YB 71 -6.71 38.21 114.32
N PRO YB 72 -7.87 38.58 113.83
CA PRO YB 72 -7.96 39.71 112.91
C PRO YB 72 -7.69 41.02 113.66
N THR YB 73 -7.67 42.09 112.87
CA THR YB 73 -7.51 43.44 113.40
C THR YB 73 -8.71 44.26 112.99
N ALA YB 74 -9.51 44.66 113.96
CA ALA YB 74 -10.71 45.42 113.71
C ALA YB 74 -10.34 46.86 113.39
N CYS YB 75 -10.96 47.40 112.35
CA CYS YB 75 -10.93 48.84 112.10
C CYS YB 75 -12.27 49.37 112.58
N THR YB 76 -12.24 50.07 113.71
CA THR YB 76 -13.48 50.53 114.33
C THR YB 76 -14.17 51.57 113.44
N ALA YB 77 -13.47 52.65 113.13
CA ALA YB 77 -14.01 53.68 112.26
C ALA YB 77 -13.35 53.50 110.90
N ASN YB 78 -14.13 53.00 109.95
CA ASN YB 78 -13.72 52.94 108.55
C ASN YB 78 -14.25 54.14 107.77
N GLY YB 79 -14.89 55.08 108.44
CA GLY YB 79 -15.74 56.03 107.75
C GLY YB 79 -17.10 55.47 107.44
N SER YB 80 -17.37 54.25 107.91
CA SER YB 80 -18.64 53.57 107.67
C SER YB 80 -19.20 53.12 109.01
N CYS YB 81 -20.47 52.75 109.03
CA CYS YB 81 -21.15 52.40 110.26
C CYS YB 81 -20.70 51.08 110.86
N ASP YB 82 -19.99 50.25 110.11
CA ASP YB 82 -19.62 48.95 110.62
C ASP YB 82 -18.11 48.78 110.59
N PRO YB 83 -17.54 48.11 111.60
CA PRO YB 83 -16.11 47.84 111.57
C PRO YB 83 -15.77 46.85 110.48
N SER YB 84 -14.50 46.79 110.12
CA SER YB 84 -14.05 45.95 109.04
C SER YB 84 -12.71 45.30 109.38
N VAL YB 85 -12.52 44.10 108.85
CA VAL YB 85 -11.26 43.38 109.03
C VAL YB 85 -10.17 44.15 108.30
N THR YB 86 -9.05 44.36 108.98
CA THR YB 86 -7.93 45.02 108.35
C THR YB 86 -6.77 44.06 108.12
N ARG YB 87 -6.09 43.68 109.19
CA ARG YB 87 -5.00 42.72 109.13
C ARG YB 87 -5.44 41.43 109.79
N GLN YB 88 -4.94 40.31 109.27
CA GLN YB 88 -5.31 39.02 109.81
C GLN YB 88 -4.05 38.32 110.28
N ALA YB 89 -3.93 38.15 111.59
CA ALA YB 89 -2.76 37.50 112.18
C ALA YB 89 -2.94 36.00 112.07
N TYR YB 90 -1.95 35.32 111.50
CA TYR YB 90 -2.00 33.88 111.38
C TYR YB 90 -0.95 33.22 112.26
N ALA YB 91 -1.41 32.40 113.19
CA ALA YB 91 -0.52 31.63 114.05
C ALA YB 91 -0.82 30.16 113.81
N ASP YB 92 0.17 29.43 113.32
CA ASP YB 92 -0.01 28.03 112.95
C ASP YB 92 1.01 27.17 113.66
N VAL YB 93 0.56 26.05 114.19
CA VAL YB 93 1.40 25.09 114.90
C VAL YB 93 0.99 23.70 114.47
N THR YB 94 1.97 22.85 114.18
CA THR YB 94 1.72 21.48 113.79
C THR YB 94 2.56 20.54 114.64
N PHE YB 95 2.20 19.27 114.58
CA PHE YB 95 2.95 18.23 115.28
C PHE YB 95 2.95 16.96 114.46
N SER YB 96 4.08 16.27 114.49
CA SER YB 96 4.20 14.99 113.83
C SER YB 96 4.67 13.98 114.86
N PHE YB 97 4.17 12.75 114.75
CA PHE YB 97 4.57 11.69 115.66
C PHE YB 97 4.50 10.37 114.92
N THR YB 98 5.21 9.40 115.47
CA THR YB 98 5.25 8.06 114.92
C THR YB 98 4.38 7.15 115.76
N GLN YB 99 3.79 6.16 115.11
CA GLN YB 99 2.91 5.23 115.79
C GLN YB 99 3.53 4.68 117.04
N TYR YB 100 4.84 4.59 117.12
CA TYR YB 100 5.51 4.11 118.32
C TYR YB 100 5.88 5.24 119.26
N SER YB 101 5.49 6.48 118.96
CA SER YB 101 5.83 7.60 119.81
C SER YB 101 5.31 7.35 121.22
N THR YB 102 6.13 7.64 122.23
CA THR YB 102 5.69 7.38 123.59
C THR YB 102 5.04 8.63 124.17
N ASP YB 103 4.58 8.49 125.41
CA ASP YB 103 3.88 9.59 126.05
C ASP YB 103 4.84 10.71 126.42
N GLU YB 104 5.86 10.40 127.21
CA GLU YB 104 6.71 11.45 127.75
C GLU YB 104 7.41 12.22 126.65
N GLU YB 105 7.84 11.53 125.61
CA GLU YB 105 8.39 12.22 124.44
C GLU YB 105 7.45 13.33 123.99
N ARG YB 106 6.19 12.99 123.76
CA ARG YB 106 5.22 14.00 123.40
C ARG YB 106 5.13 15.06 124.48
N ALA YB 107 4.87 14.63 125.72
CA ALA YB 107 4.84 15.58 126.82
C ALA YB 107 6.09 16.44 126.84
N PHE YB 108 7.26 15.83 126.65
CA PHE YB 108 8.48 16.61 126.57
C PHE YB 108 8.39 17.68 125.51
N VAL YB 109 7.81 17.36 124.36
CA VAL YB 109 7.68 18.35 123.31
C VAL YB 109 6.77 19.48 123.76
N ARG YB 110 5.66 19.15 124.40
CA ARG YB 110 4.67 20.17 124.72
C ARG YB 110 5.28 21.28 125.56
N THR YB 111 5.85 20.93 126.71
CA THR YB 111 6.40 21.96 127.59
C THR YB 111 7.46 22.80 126.90
N GLU YB 112 8.50 22.15 126.38
CA GLU YB 112 9.63 22.90 125.83
C GLU YB 112 9.20 23.95 124.82
N LEU YB 113 8.23 23.62 123.97
CA LEU YB 113 7.75 24.63 123.04
C LEU YB 113 7.24 25.85 123.79
N ALA YB 114 6.44 25.62 124.83
CA ALA YB 114 5.98 26.73 125.65
C ALA YB 114 7.14 27.51 126.23
N ALA YB 115 8.08 26.83 126.87
CA ALA YB 115 9.23 27.50 127.44
C ALA YB 115 9.91 28.41 126.44
N LEU YB 116 10.13 27.91 125.22
CA LEU YB 116 10.67 28.77 124.18
C LEU YB 116 9.83 30.01 124.00
N LEU YB 117 8.51 29.85 123.94
CA LEU YB 117 7.66 31.02 123.76
C LEU YB 117 7.83 32.02 124.88
N ALA YB 118 8.21 31.57 126.07
CA ALA YB 118 8.56 32.48 127.15
C ALA YB 118 10.04 32.83 127.16
N SER YB 119 10.84 32.17 126.33
CA SER YB 119 12.26 32.46 126.32
C SER YB 119 12.51 33.87 125.80
N PRO YB 120 13.52 34.55 126.33
CA PRO YB 120 13.87 35.88 125.81
C PRO YB 120 14.32 35.84 124.36
N LEU YB 121 14.68 34.68 123.84
CA LEU YB 121 15.06 34.61 122.44
C LEU YB 121 13.90 34.97 121.54
N LEU YB 122 12.82 34.22 121.61
CA LEU YB 122 11.74 34.38 120.65
C LEU YB 122 11.06 35.72 120.72
N ILE YB 123 11.01 36.34 121.91
CA ILE YB 123 10.25 37.57 122.04
C ILE YB 123 10.76 38.63 121.07
N ASP YB 124 12.07 38.84 120.99
CA ASP YB 124 12.60 39.72 119.98
C ASP YB 124 12.33 39.20 118.58
N ALA YB 125 12.50 37.91 118.36
CA ALA YB 125 12.11 37.29 117.12
C ALA YB 125 10.66 37.53 116.77
N ILE YB 126 9.75 37.30 117.71
CA ILE YB 126 8.34 37.53 117.50
C ILE YB 126 8.00 39.00 117.54
N ASP YB 127 8.13 39.62 118.72
CA ASP YB 127 7.63 40.97 118.90
C ASP YB 127 8.34 41.97 118.00
N GLN YB 128 9.66 42.01 118.06
CA GLN YB 128 10.42 42.98 117.30
C GLN YB 128 10.90 42.47 115.96
N LEU YB 129 10.52 41.25 115.57
CA LEU YB 129 10.86 40.69 114.27
C LEU YB 129 12.37 40.74 114.07
N ASN YB 130 13.08 39.99 114.90
CA ASN YB 130 14.52 40.07 114.79
C ASN YB 130 15.11 38.69 114.65
N PRO YB 131 16.11 38.55 113.81
CA PRO YB 131 16.85 37.29 113.74
C PRO YB 131 17.70 37.08 114.98
N ALA YB 132 18.58 36.11 114.92
CA ALA YB 132 19.19 35.51 116.09
C ALA YB 132 20.35 36.32 116.66
N TYR YB 133 20.61 37.50 116.11
CA TYR YB 133 21.75 38.28 116.56
C TYR YB 133 21.30 39.36 117.52
N ALA ZB 2 26.25 126.06 -1.43
CA ALA ZB 2 27.60 126.57 -1.66
C ALA ZB 2 28.60 125.76 -0.88
N LYS ZB 3 29.83 126.25 -0.84
CA LYS ZB 3 30.94 125.55 -0.19
C LYS ZB 3 30.70 125.43 1.30
N LEU ZB 4 31.06 124.28 1.84
CA LEU ZB 4 31.15 124.11 3.28
C LEU ZB 4 32.08 125.17 3.83
N GLU ZB 5 31.63 125.88 4.85
CA GLU ZB 5 32.43 126.92 5.45
C GLU ZB 5 32.22 126.92 6.96
N THR ZB 6 32.97 127.79 7.63
CA THR ZB 6 32.69 128.05 9.04
C THR ZB 6 31.33 128.73 9.08
N VAL ZB 7 30.44 128.16 9.88
CA VAL ZB 7 29.10 128.74 9.98
C VAL ZB 7 28.94 129.31 11.38
N THR ZB 8 28.92 130.64 11.47
CA THR ZB 8 28.69 131.31 12.73
C THR ZB 8 27.19 131.46 12.94
N LEU ZB 9 26.74 131.31 14.17
CA LEU ZB 9 25.34 131.45 14.51
C LEU ZB 9 25.21 132.34 15.73
N GLY ZB 10 24.45 133.42 15.59
CA GLY ZB 10 24.11 134.28 16.70
C GLY ZB 10 22.69 134.00 17.17
N ASN ZB 11 22.33 134.60 18.28
CA ASN ZB 11 20.98 134.56 18.81
C ASN ZB 11 20.54 133.10 19.01
N ILE ZB 12 21.15 132.48 20.00
CA ILE ZB 12 20.97 131.06 20.26
C ILE ZB 12 20.52 130.88 21.70
N GLY ZB 13 19.77 129.83 21.97
CA GLY ZB 13 19.34 129.52 23.31
C GLY ZB 13 18.27 130.47 23.80
N LYS ZB 14 17.67 130.11 24.93
CA LYS ZB 14 16.63 130.92 25.53
C LYS ZB 14 17.10 132.36 25.70
N ASP ZB 15 18.37 132.55 26.03
CA ASP ZB 15 18.92 133.90 26.11
C ASP ZB 15 18.91 134.57 24.75
N GLY ZB 16 19.42 133.90 23.73
CA GLY ZB 16 19.65 134.57 22.47
C GLY ZB 16 20.97 135.31 22.44
N LYS ZB 17 21.73 135.27 23.53
CA LYS ZB 17 23.09 135.79 23.51
C LYS ZB 17 24.08 134.69 23.18
N GLN ZB 18 23.63 133.45 23.14
CA GLN ZB 18 24.49 132.33 22.80
C GLN ZB 18 24.88 132.40 21.34
N THR ZB 19 26.13 132.04 21.06
CA THR ZB 19 26.65 132.00 19.71
C THR ZB 19 27.34 130.66 19.49
N LEU ZB 20 27.40 130.24 18.24
CA LEU ZB 20 28.00 128.97 17.89
C LEU ZB 20 28.63 129.05 16.52
N VAL ZB 21 29.79 128.41 16.38
CA VAL ZB 21 30.45 128.28 15.10
C VAL ZB 21 30.52 126.80 14.76
N LEU ZB 22 30.53 126.51 13.46
CA LEU ZB 22 30.54 125.13 12.98
C LEU ZB 22 31.61 125.00 11.90
N ASN ZB 23 32.54 124.14 12.14
CA ASN ZB 23 33.51 123.97 11.07
C ASN ZB 23 33.06 122.88 10.12
N PRO ZB 24 33.40 123.01 8.85
CA PRO ZB 24 33.14 121.92 7.91
C PRO ZB 24 33.91 120.68 8.31
N ARG ZB 25 33.18 119.57 8.41
CA ARG ZB 25 33.76 118.30 8.78
C ARG ZB 25 34.08 117.42 7.59
N GLY ZB 26 33.85 117.89 6.38
CA GLY ZB 26 33.94 117.05 5.21
C GLY ZB 26 32.61 116.36 4.94
N VAL ZB 27 32.64 115.46 3.97
CA VAL ZB 27 31.43 114.77 3.52
C VAL ZB 27 31.70 113.29 3.46
N ASN ZB 28 30.86 112.51 4.10
CA ASN ZB 28 30.95 111.08 3.89
C ASN ZB 28 30.44 110.73 2.52
N PRO ZB 29 31.28 110.24 1.61
CA PRO ZB 29 30.82 109.94 0.25
C PRO ZB 29 29.89 108.75 0.18
N THR ZB 30 30.02 107.80 1.09
CA THR ZB 30 29.19 106.60 1.03
C THR ZB 30 27.71 106.97 1.04
N ASN ZB 31 27.22 107.44 2.18
CA ASN ZB 31 25.86 107.94 2.24
C ASN ZB 31 25.70 109.26 1.52
N GLY ZB 32 26.80 109.90 1.12
CA GLY ZB 32 26.71 111.20 0.49
C GLY ZB 32 26.13 112.25 1.42
N VAL ZB 33 26.72 112.41 2.60
CA VAL ZB 33 26.18 113.31 3.61
C VAL ZB 33 27.31 114.19 4.13
N ALA ZB 34 27.06 115.49 4.12
CA ALA ZB 34 27.99 116.45 4.70
C ALA ZB 34 27.91 116.43 6.22
N SER ZB 35 28.95 116.95 6.85
CA SER ZB 35 29.00 117.02 8.30
C SER ZB 35 29.59 118.35 8.74
N LEU ZB 36 29.04 118.89 9.81
CA LEU ZB 36 29.53 120.13 10.38
C LEU ZB 36 29.67 119.95 11.88
N SER ZB 37 30.60 120.66 12.49
CA SER ZB 37 30.76 120.52 13.92
C SER ZB 37 31.30 121.79 14.53
N GLN ZB 38 30.89 122.02 15.78
CA GLN ZB 38 31.61 122.91 16.67
C GLN ZB 38 33.03 122.39 16.86
N ALA ZB 39 33.96 123.32 17.06
CA ALA ZB 39 35.31 122.91 17.42
C ALA ZB 39 35.42 122.92 18.94
N GLY ZB 40 35.43 121.71 19.50
CA GLY ZB 40 35.62 121.53 20.91
C GLY ZB 40 36.95 120.87 21.20
N ALA ZB 41 36.99 120.19 22.35
CA ALA ZB 41 38.14 119.35 22.65
C ALA ZB 41 37.93 117.95 22.09
N VAL ZB 42 36.96 117.23 22.63
CA VAL ZB 42 36.73 115.85 22.25
C VAL ZB 42 35.64 115.79 21.19
N PRO ZB 43 35.93 115.28 19.99
CA PRO ZB 43 34.91 115.16 18.96
C PRO ZB 43 33.65 114.48 19.43
N ALA ZB 44 33.76 113.40 20.21
CA ALA ZB 44 32.60 112.78 20.82
C ALA ZB 44 31.74 113.77 21.57
N LEU ZB 45 32.37 114.74 22.24
CA LEU ZB 45 31.63 115.78 22.94
C LEU ZB 45 31.14 116.87 21.98
N GLU ZB 46 31.84 117.08 20.87
CA GLU ZB 46 31.57 118.22 20.03
C GLU ZB 46 30.22 118.09 19.35
N LYS ZB 47 29.54 119.22 19.21
CA LYS ZB 47 28.21 119.27 18.60
C LYS ZB 47 28.36 118.87 17.15
N ARG ZB 48 27.36 118.18 16.62
CA ARG ZB 48 27.41 117.76 15.23
C ARG ZB 48 26.19 118.24 14.47
N VAL ZB 49 26.38 118.55 13.20
CA VAL ZB 49 25.32 118.97 12.31
C VAL ZB 49 25.49 118.24 10.99
N THR ZB 50 24.43 117.61 10.52
CA THR ZB 50 24.48 116.79 9.32
C THR ZB 50 23.40 117.25 8.36
N VAL ZB 51 23.78 117.42 7.11
CA VAL ZB 51 22.83 117.75 6.04
C VAL ZB 51 23.07 116.80 4.89
N SER ZB 52 22.01 116.57 4.12
CA SER ZB 52 22.11 115.69 2.98
C SER ZB 52 21.06 116.08 1.96
N VAL ZB 53 21.37 115.81 0.69
CA VAL ZB 53 20.39 115.93 -0.37
C VAL ZB 53 20.12 114.53 -0.88
N SER ZB 54 19.28 114.42 -1.88
CA SER ZB 54 18.97 113.14 -2.47
C SER ZB 54 18.48 113.37 -3.89
N GLN ZB 55 18.45 112.30 -4.67
CA GLN ZB 55 17.91 112.42 -6.01
C GLN ZB 55 17.01 111.23 -6.30
N PRO ZB 56 15.94 111.44 -7.05
CA PRO ZB 56 14.97 110.37 -7.25
C PRO ZB 56 15.59 109.20 -8.00
N SER ZB 57 15.19 108.00 -7.60
CA SER ZB 57 15.70 106.77 -8.21
C SER ZB 57 14.51 105.93 -8.63
N ARG ZB 58 14.79 104.73 -9.11
CA ARG ZB 58 13.74 103.76 -9.34
C ARG ZB 58 12.99 103.40 -8.06
N ASN ZB 59 13.62 103.58 -6.91
CA ASN ZB 59 12.97 103.34 -5.63
C ASN ZB 59 12.05 104.46 -5.20
N ARG ZB 60 12.41 105.71 -5.46
CA ARG ZB 60 11.60 106.84 -5.06
C ARG ZB 60 11.74 107.94 -6.09
N LYS ZB 61 10.63 108.60 -6.40
CA LYS ZB 61 10.57 109.66 -7.40
C LYS ZB 61 10.70 111.02 -6.75
N ASN ZB 62 10.91 111.05 -5.45
CA ASN ZB 62 10.85 112.30 -4.70
C ASN ZB 62 12.22 112.65 -4.17
N TYR ZB 63 12.45 113.95 -4.01
CA TYR ZB 63 13.69 114.41 -3.39
C TYR ZB 63 13.55 114.36 -1.87
N LYS ZB 64 14.62 113.95 -1.21
CA LYS ZB 64 14.69 113.96 0.24
C LYS ZB 64 15.82 114.88 0.66
N VAL ZB 65 15.54 115.74 1.62
CA VAL ZB 65 16.55 116.57 2.25
C VAL ZB 65 16.49 116.28 3.74
N GLN ZB 66 17.55 115.69 4.26
CA GLN ZB 66 17.61 115.25 5.64
C GLN ZB 66 18.61 116.08 6.41
N VAL ZB 67 18.20 116.55 7.58
CA VAL ZB 67 19.08 117.32 8.45
C VAL ZB 67 18.92 116.77 9.86
N LYS ZB 68 20.04 116.35 10.44
CA LYS ZB 68 20.05 115.82 11.79
C LYS ZB 68 21.05 116.60 12.63
N ILE ZB 69 20.71 116.78 13.91
CA ILE ZB 69 21.55 117.51 14.84
C ILE ZB 69 21.77 116.64 16.06
N GLN ZB 70 23.01 116.58 16.51
CA GLN ZB 70 23.40 115.73 17.62
C GLN ZB 70 24.16 116.58 18.63
N ASN ZB 71 23.59 116.73 19.82
CA ASN ZB 71 24.16 117.59 20.86
C ASN ZB 71 24.23 116.78 22.15
N PRO ZB 72 25.36 116.16 22.43
CA PRO ZB 72 25.49 115.36 23.64
C PRO ZB 72 25.51 116.24 24.88
N THR ZB 73 25.55 115.58 26.03
CA THR ZB 73 25.64 116.24 27.31
C THR ZB 73 26.89 115.74 28.02
N ALA ZB 74 27.86 116.62 28.18
CA ALA ZB 74 29.11 116.27 28.82
C ALA ZB 74 28.91 116.14 30.32
N CYS ZB 75 29.46 115.08 30.90
CA CYS ZB 75 29.60 114.97 32.34
C CYS ZB 75 31.06 115.30 32.64
N THR ZB 76 31.28 116.49 33.20
CA THR ZB 76 32.65 116.95 33.43
C THR ZB 76 33.35 116.08 34.45
N ALA ZB 77 32.78 115.98 35.66
CA ALA ZB 77 33.34 115.13 36.70
C ALA ZB 77 32.48 113.88 36.75
N ASN ZB 78 33.05 112.77 36.27
CA ASN ZB 78 32.45 111.46 36.43
C ASN ZB 78 33.03 110.73 37.63
N GLY ZB 79 33.89 111.38 38.40
CA GLY ZB 79 34.76 110.66 39.31
C GLY ZB 79 35.97 110.10 38.61
N SER ZB 80 36.13 110.40 37.32
CA SER ZB 80 37.24 109.91 36.52
C SER ZB 80 37.90 111.11 35.86
N CYS ZB 81 39.09 110.90 35.32
CA CYS ZB 81 39.89 111.97 34.75
C CYS ZB 81 39.33 112.51 33.44
N ASP ZB 82 38.42 111.79 32.80
CA ASP ZB 82 37.94 112.23 31.50
C ASP ZB 82 36.43 112.41 31.53
N PRO ZB 83 35.92 113.42 30.83
CA PRO ZB 83 34.47 113.58 30.76
C PRO ZB 83 33.85 112.47 29.94
N SER ZB 84 32.54 112.31 30.10
CA SER ZB 84 31.83 111.22 29.44
C SER ZB 84 30.47 111.69 28.95
N VAL ZB 85 30.04 111.09 27.84
CA VAL ZB 85 28.73 111.38 27.27
C VAL ZB 85 27.67 110.91 28.26
N THR ZB 86 26.69 111.77 28.52
CA THR ZB 86 25.60 111.37 29.40
C THR ZB 86 24.30 111.23 28.63
N ARG ZB 87 23.72 112.34 28.20
CA ARG ZB 87 22.50 112.35 27.42
C ARG ZB 87 22.85 112.82 26.02
N GLN ZB 88 22.12 112.27 25.05
CA GLN ZB 88 22.38 112.62 23.66
C GLN ZB 88 21.10 113.22 23.07
N ALA ZB 89 21.13 114.51 22.78
CA ALA ZB 89 19.98 115.19 22.21
C ALA ZB 89 19.92 114.92 20.71
N TYR ZB 90 18.78 114.44 20.25
CA TYR ZB 90 18.59 114.17 18.83
C TYR ZB 90 17.59 115.14 18.23
N ALA ZB 91 18.06 115.90 17.25
CA ALA ZB 91 17.19 116.81 16.51
C ALA ZB 91 17.24 116.38 15.05
N ASP ZB 92 16.10 115.98 14.51
CA ASP ZB 92 16.02 115.46 13.15
C ASP ZB 92 14.98 116.23 12.35
N VAL ZB 93 15.35 116.58 11.13
CA VAL ZB 93 14.47 117.31 10.21
C VAL ZB 93 14.63 116.69 8.84
N THR ZB 94 13.50 116.48 8.17
CA THR ZB 94 13.50 115.93 6.82
C THR ZB 94 12.65 116.79 5.91
N PHE ZB 95 12.81 116.56 4.61
CA PHE ZB 95 12.02 117.27 3.62
C PHE ZB 95 11.73 116.32 2.46
N SER ZB 96 10.53 116.47 1.92
CA SER ZB 96 10.13 115.72 0.74
C SER ZB 96 9.66 116.70 -0.31
N PHE ZB 97 9.97 116.40 -1.57
CA PHE ZB 97 9.54 117.24 -2.66
C PHE ZB 97 9.33 116.40 -3.90
N THR ZB 98 8.56 116.94 -4.83
CA THR ZB 98 8.25 116.27 -6.07
C THR ZB 98 9.10 116.89 -7.17
N GLN ZB 99 9.45 116.05 -8.15
CA GLN ZB 99 10.27 116.51 -9.26
C GLN ZB 99 9.76 117.79 -9.87
N TYR ZB 100 8.46 118.04 -9.80
CA TYR ZB 100 7.90 119.29 -10.31
C TYR ZB 100 7.83 120.38 -9.26
N SER ZB 101 8.34 120.14 -8.06
CA SER ZB 101 8.28 121.14 -7.01
C SER ZB 101 8.95 122.43 -7.49
N THR ZB 102 8.33 123.57 -7.21
CA THR ZB 102 8.90 124.81 -7.68
C THR ZB 102 9.81 125.41 -6.61
N ASP ZB 103 10.40 126.54 -6.94
CA ASP ZB 103 11.33 127.18 -6.02
C ASP ZB 103 10.60 127.79 -4.84
N GLU ZB 104 9.66 128.69 -5.10
CA GLU ZB 104 9.05 129.45 -4.02
C GLU ZB 104 8.33 128.55 -3.04
N GLU ZB 105 7.66 127.51 -3.55
CA GLU ZB 105 7.08 126.51 -2.67
C GLU ZB 105 8.09 126.04 -1.64
N ARG ZB 106 9.25 125.59 -2.11
CA ARG ZB 106 10.29 125.19 -1.20
C ARG ZB 106 10.68 126.34 -0.29
N ALA ZB 107 11.04 127.48 -0.89
CA ALA ZB 107 11.35 128.65 -0.09
C ALA ZB 107 10.26 128.94 0.92
N PHE ZB 108 9.00 128.87 0.49
CA PHE ZB 108 7.89 129.05 1.42
C PHE ZB 108 7.99 128.09 2.59
N VAL ZB 109 8.36 126.83 2.33
CA VAL ZB 109 8.50 125.88 3.41
C VAL ZB 109 9.61 126.30 4.36
N ARG ZB 110 10.73 126.74 3.81
CA ARG ZB 110 11.89 127.00 4.65
C ARG ZB 110 11.57 128.02 5.73
N THR ZB 111 11.11 129.21 5.33
CA THR ZB 111 10.86 130.25 6.31
C THR ZB 111 9.84 129.81 7.35
N GLU ZB 112 8.65 129.39 6.91
CA GLU ZB 112 7.58 129.09 7.85
C GLU ZB 112 8.01 128.14 8.95
N LEU ZB 113 8.79 127.11 8.60
CA LEU ZB 113 9.29 126.22 9.64
C LEU ZB 113 10.07 127.00 10.68
N ALA ZB 114 10.96 127.89 10.24
CA ALA ZB 114 11.69 128.73 11.17
C ALA ZB 114 10.73 129.56 12.03
N ALA ZB 115 9.79 130.26 11.39
CA ALA ZB 115 8.85 131.07 12.14
C ALA ZB 115 8.17 130.25 13.24
N LEU ZB 116 7.72 129.05 12.92
CA LEU ZB 116 7.18 128.18 13.96
C LEU ZB 116 8.16 128.00 15.09
N LEU ZB 117 9.42 127.74 14.77
CA LEU ZB 117 10.39 127.54 15.83
C LEU ZB 117 10.52 128.77 16.71
N ALA ZB 118 10.25 129.94 16.18
CA ALA ZB 118 10.18 131.14 16.99
C ALA ZB 118 8.78 131.40 17.54
N SER ZB 119 7.79 130.65 17.08
CA SER ZB 119 6.44 130.88 17.55
C SER ZB 119 6.32 130.53 19.03
N PRO ZB 120 5.50 131.28 19.77
CA PRO ZB 120 5.28 130.94 21.18
C PRO ZB 120 4.65 129.58 21.37
N LEU ZB 121 4.05 129.01 20.33
CA LEU ZB 121 3.47 127.69 20.47
C LEU ZB 121 4.54 126.65 20.79
N LEU ZB 122 5.51 126.50 19.90
CA LEU ZB 122 6.45 125.41 20.02
C LEU ZB 122 7.33 125.50 21.26
N ILE ZB 123 7.63 126.72 21.71
CA ILE ZB 123 8.56 126.86 22.82
C ILE ZB 123 8.09 126.08 24.03
N ASP ZB 124 6.82 126.22 24.42
CA ASP ZB 124 6.28 125.38 25.48
C ASP ZB 124 6.29 123.92 25.10
N ALA ZB 125 5.91 123.61 23.86
CA ALA ZB 125 6.03 122.26 23.35
C ALA ZB 125 7.45 121.74 23.45
N ILE ZB 126 8.42 122.49 22.99
CA ILE ZB 126 9.82 122.09 23.06
C ILE ZB 126 10.38 122.24 24.46
N ASP ZB 127 10.49 123.46 24.94
CA ASP ZB 127 11.20 123.70 26.19
C ASP ZB 127 10.52 123.02 27.36
N GLN ZB 128 9.25 123.27 27.57
CA GLN ZB 128 8.54 122.74 28.71
C GLN ZB 128 7.81 121.44 28.42
N LEU ZB 129 7.96 120.88 27.23
CA LEU ZB 129 7.35 119.60 26.86
C LEU ZB 129 5.86 119.63 27.12
N ASN ZB 130 5.17 120.49 26.39
CA ASN ZB 130 3.76 120.60 26.66
C ASN ZB 130 2.95 120.41 25.39
N PRO ZB 131 1.85 119.74 25.49
CA PRO ZB 131 0.94 119.65 24.35
C PRO ZB 131 0.25 120.98 24.11
N ALA ZB 132 -0.78 120.96 23.28
CA ALA ZB 132 -1.31 122.15 22.62
C ALA ZB 132 -2.24 122.95 23.50
N TYR ZB 133 -2.40 122.57 24.76
CA TYR ZB 133 -3.35 123.26 25.62
C TYR ZB 133 -2.62 124.24 26.52
N ALA AC 2 -73.08 39.93 103.21
CA ALA AC 2 -72.64 40.71 104.36
C ALA AC 2 -71.46 40.04 105.04
N LYS AC 3 -71.11 40.55 106.21
CA LYS AC 3 -69.96 40.07 106.97
C LYS AC 3 -70.17 38.63 107.39
N LEU AC 4 -69.09 37.86 107.33
CA LEU AC 4 -69.06 36.55 107.97
C LEU AC 4 -69.39 36.71 109.43
N GLU AC 5 -70.33 35.92 109.91
CA GLU AC 5 -70.74 35.99 111.30
C GLU AC 5 -71.01 34.60 111.83
N THR AC 6 -71.32 34.53 113.11
CA THR AC 6 -71.84 33.30 113.69
C THR AC 6 -73.19 33.08 113.04
N VAL AC 7 -73.37 31.90 112.46
CA VAL AC 7 -74.65 31.61 111.81
C VAL AC 7 -75.35 30.51 112.61
N THR AC 8 -76.41 30.89 113.30
CA THR AC 8 -77.22 29.94 114.05
C THR AC 8 -78.26 29.36 113.11
N LEU AC 9 -78.54 28.07 113.27
CA LEU AC 9 -79.53 27.40 112.46
C LEU AC 9 -80.44 26.58 113.36
N GLY AC 10 -81.74 26.85 113.28
CA GLY AC 10 -82.74 26.07 113.96
C GLY AC 10 -83.43 25.13 112.98
N ASN AC 11 -84.24 24.24 113.54
CA ASN AC 11 -85.07 23.34 112.74
C ASN AC 11 -84.21 22.52 111.78
N ILE AC 12 -83.46 21.60 112.36
CA ILE AC 12 -82.48 20.83 111.62
C ILE AC 12 -82.75 19.36 111.87
N GLY AC 13 -82.40 18.53 110.90
CA GLY AC 13 -82.56 17.09 111.03
C GLY AC 13 -84.01 16.67 110.93
N LYS AC 14 -84.19 15.36 110.84
CA LYS AC 14 -85.53 14.80 110.74
C LYS AC 14 -86.40 15.29 111.88
N ASP AC 15 -85.83 15.45 113.07
CA ASP AC 15 -86.57 16.02 114.19
C ASP AC 15 -86.96 17.46 113.92
N GLY AC 16 -86.01 18.28 113.49
CA GLY AC 16 -86.27 19.71 113.43
C GLY AC 16 -86.05 20.39 114.76
N LYS AC 17 -85.68 19.64 115.79
CA LYS AC 17 -85.27 20.26 117.05
C LYS AC 17 -83.76 20.47 117.07
N GLN AC 18 -83.05 19.93 116.09
CA GLN AC 18 -81.61 20.09 116.00
C GLN AC 18 -81.28 21.54 115.68
N THR AC 19 -80.21 22.04 116.29
CA THR AC 19 -79.71 23.37 116.04
C THR AC 19 -78.22 23.31 115.77
N LEU AC 20 -77.73 24.30 115.04
CA LEU AC 20 -76.32 24.33 114.68
C LEU AC 20 -75.85 25.77 114.58
N VAL AC 21 -74.64 26.03 115.04
CA VAL AC 21 -74.00 27.31 114.88
C VAL AC 21 -72.76 27.12 114.03
N LEU AC 22 -72.38 28.17 113.31
CA LEU AC 22 -71.25 28.13 112.41
C LEU AC 22 -70.38 29.36 112.64
N ASN AC 23 -69.16 29.13 112.99
CA ASN AC 23 -68.34 30.30 113.15
C ASN AC 23 -67.64 30.63 111.83
N PRO AC 24 -67.41 31.91 111.58
CA PRO AC 24 -66.60 32.28 110.41
C PRO AC 24 -65.20 31.72 110.53
N ARG AC 25 -64.77 31.04 109.48
CA ARG AC 25 -63.45 30.43 109.44
C ARG AC 25 -62.44 31.28 108.68
N GLY AC 26 -62.84 32.45 108.21
CA GLY AC 26 -61.99 33.21 107.32
C GLY AC 26 -62.23 32.81 105.88
N VAL AC 27 -61.40 33.37 105.00
CA VAL AC 27 -61.54 33.16 103.57
C VAL AC 27 -60.20 32.79 102.99
N ASN AC 28 -60.15 31.68 102.26
CA ASN AC 28 -58.96 31.39 101.52
C ASN AC 28 -58.84 32.33 100.34
N PRO AC 29 -57.86 33.22 100.30
CA PRO AC 29 -57.76 34.18 99.20
C PRO AC 29 -57.37 33.55 97.90
N THR AC 30 -56.63 32.44 97.91
CA THR AC 30 -56.19 31.83 96.67
C THR AC 30 -57.37 31.51 95.77
N ASN AC 31 -58.16 30.52 96.15
CA ASN AC 31 -59.39 30.22 95.43
C ASN AC 31 -60.45 31.27 95.67
N GLY AC 32 -60.25 32.18 96.62
CA GLY AC 32 -61.27 33.16 96.92
C GLY AC 32 -62.53 32.53 97.44
N VAL AC 33 -62.43 31.72 98.49
CA VAL AC 33 -63.57 30.98 99.00
C VAL AC 33 -63.64 31.16 100.51
N ALA AC 34 -64.81 31.55 100.99
CA ALA AC 34 -65.07 31.66 102.41
C ALA AC 34 -65.26 30.28 103.02
N SER AC 35 -65.11 30.22 104.34
CA SER AC 35 -65.28 28.96 105.06
C SER AC 35 -66.02 29.23 106.37
N LEU AC 36 -66.89 28.30 106.73
CA LEU AC 36 -67.64 28.37 107.97
C LEU AC 36 -67.57 27.02 108.65
N SER AC 37 -67.63 27.02 109.97
CA SER AC 37 -67.56 25.75 110.67
C SER AC 37 -68.31 25.80 111.99
N GLN AC 38 -68.86 24.66 112.34
CA GLN AC 38 -69.22 24.40 113.73
C GLN AC 38 -67.98 24.48 114.60
N ALA AC 39 -68.17 24.92 115.84
CA ALA AC 39 -67.06 24.87 116.80
C ALA AC 39 -67.17 23.54 117.56
N GLY AC 40 -66.27 22.63 117.21
CA GLY AC 40 -66.15 21.37 117.90
C GLY AC 40 -64.86 21.29 118.67
N ALA AC 41 -64.41 20.05 118.88
CA ALA AC 41 -63.09 19.84 119.45
C ALA AC 41 -62.05 19.78 118.33
N VAL AC 42 -62.13 18.76 117.50
CA VAL AC 42 -61.13 18.54 116.46
C VAL AC 42 -61.64 19.14 115.15
N PRO AC 43 -60.93 20.10 114.56
CA PRO AC 43 -61.35 20.66 113.29
C PRO AC 43 -61.62 19.63 112.22
N ALA AC 44 -60.79 18.59 112.12
CA ALA AC 44 -61.05 17.48 111.23
C ALA AC 44 -62.44 16.91 111.43
N LEU AC 45 -62.89 16.84 112.68
CA LEU AC 45 -64.24 16.36 112.98
C LEU AC 45 -65.29 17.43 112.74
N GLU AC 46 -64.92 18.71 112.85
CA GLU AC 46 -65.90 19.77 112.85
C GLU AC 46 -66.54 19.92 111.48
N LYS AC 47 -67.83 20.23 111.49
CA LYS AC 47 -68.61 20.38 110.26
C LYS AC 47 -68.05 21.58 109.52
N ARG AC 48 -68.06 21.51 108.19
CA ARG AC 48 -67.55 22.60 107.40
C ARG AC 48 -68.60 23.07 106.40
N VAL AC 49 -68.59 24.38 106.12
CA VAL AC 49 -69.47 24.97 105.14
C VAL AC 49 -68.65 25.94 104.32
N THR AC 50 -68.74 25.82 103.00
CA THR AC 50 -67.94 26.61 102.08
C THR AC 50 -68.86 27.30 101.08
N VAL AC 51 -68.63 28.59 100.89
CA VAL AC 51 -69.35 29.34 99.88
C VAL AC 51 -68.34 30.12 99.05
N SER AC 52 -68.72 30.39 97.81
CA SER AC 52 -67.85 31.13 96.92
C SER AC 52 -68.68 31.86 95.88
N VAL AC 53 -68.15 32.97 95.41
CA VAL AC 53 -68.73 33.66 94.28
C VAL AC 53 -67.74 33.53 93.14
N SER AC 54 -68.05 34.14 92.01
CA SER AC 54 -67.16 34.12 90.86
C SER AC 54 -67.50 35.30 89.98
N GLN AC 55 -66.60 35.61 89.07
CA GLN AC 55 -66.87 36.69 88.13
C GLN AC 55 -66.44 36.24 86.74
N PRO AC 56 -67.18 36.66 85.71
CA PRO AC 56 -66.89 36.17 84.36
C PRO AC 56 -65.53 36.61 83.89
N SER AC 57 -64.86 35.72 83.18
CA SER AC 57 -63.52 35.99 82.65
C SER AC 57 -63.54 35.70 81.16
N ARG AC 58 -62.36 35.79 80.55
CA ARG AC 58 -62.21 35.34 79.18
C ARG AC 58 -62.50 33.86 79.03
N ASN AC 59 -62.39 33.08 80.11
CA ASN AC 59 -62.73 31.67 80.09
C ASN AC 59 -64.22 31.40 80.17
N ARG AC 60 -64.96 32.19 80.94
CA ARG AC 60 -66.39 31.97 81.09
C ARG AC 60 -67.06 33.32 81.28
N LYS AC 61 -68.22 33.47 80.66
CA LYS AC 61 -68.98 34.72 80.71
C LYS AC 61 -70.06 34.66 81.78
N ASN AC 62 -70.09 33.58 82.54
CA ASN AC 62 -71.18 33.33 83.46
C ASN AC 62 -70.68 33.40 84.88
N TYR AC 63 -71.58 33.79 85.78
CA TYR AC 63 -71.27 33.76 87.21
C TYR AC 63 -71.47 32.36 87.76
N LYS AC 64 -70.56 31.96 88.65
CA LYS AC 64 -70.67 30.70 89.35
C LYS AC 64 -70.77 30.99 90.84
N VAL AC 65 -71.72 30.35 91.50
CA VAL AC 65 -71.83 30.39 92.94
C VAL AC 65 -71.79 28.96 93.43
N GLN AC 66 -70.74 28.61 94.14
CA GLN AC 66 -70.50 27.24 94.58
C GLN AC 66 -70.63 27.16 96.09
N VAL AC 67 -71.37 26.16 96.55
CA VAL AC 67 -71.54 25.93 97.97
C VAL AC 67 -71.34 24.45 98.23
N LYS AC 68 -70.40 24.12 99.10
CA LYS AC 68 -70.11 22.74 99.45
C LYS AC 68 -70.22 22.57 100.95
N ILE AC 69 -70.70 21.40 101.37
CA ILE AC 69 -70.86 21.08 102.78
C ILE AC 69 -70.17 19.77 103.05
N GLN AC 70 -69.41 19.72 104.14
CA GLN AC 70 -68.62 18.55 104.49
C GLN AC 70 -68.93 18.19 105.94
N ASN AC 71 -69.53 17.02 106.13
CA ASN AC 71 -69.96 16.56 107.45
C ASN AC 71 -69.42 15.17 107.69
N PRO AC 72 -68.27 15.04 108.32
CA PRO AC 72 -67.69 13.72 108.56
C PRO AC 72 -68.50 12.94 109.59
N THR AC 73 -68.08 11.71 109.79
CA THR AC 73 -68.68 10.83 110.78
C THR AC 73 -67.60 10.41 111.76
N ALA AC 74 -67.73 10.86 112.99
CA ALA AC 74 -66.77 10.56 114.03
C ALA AC 74 -66.94 9.12 114.49
N CYS AC 75 -65.82 8.40 114.61
CA CYS AC 75 -65.81 7.13 115.32
C CYS AC 75 -65.22 7.42 116.69
N THR AC 76 -66.07 7.40 117.71
CA THR AC 76 -65.63 7.78 119.05
C THR AC 76 -64.63 6.77 119.60
N ALA AC 77 -65.02 5.50 119.66
CA ALA AC 77 -64.13 4.46 120.11
C ALA AC 77 -63.66 3.70 118.88
N ASN AC 78 -62.39 3.92 118.53
CA ASN AC 78 -61.74 3.13 117.48
C ASN AC 78 -60.93 1.99 118.08
N GLY AC 79 -61.00 1.80 119.40
CA GLY AC 79 -60.00 1.01 120.08
C GLY AC 79 -58.76 1.80 120.38
N SER AC 80 -58.76 3.09 120.07
CA SER AC 80 -57.63 3.97 120.27
C SER AC 80 -58.10 5.18 121.07
N CYS AC 81 -57.15 5.94 121.59
CA CYS AC 81 -57.47 7.06 122.46
C CYS AC 81 -58.09 8.24 121.74
N ASP AC 82 -58.01 8.28 120.41
CA ASP AC 82 -58.51 9.43 119.70
C ASP AC 82 -59.57 9.02 118.68
N PRO AC 83 -60.60 9.84 118.51
CA PRO AC 83 -61.60 9.53 117.48
C PRO AC 83 -61.01 9.66 116.10
N SER AC 84 -61.69 9.07 115.12
CA SER AC 84 -61.19 9.06 113.76
C SER AC 84 -62.34 9.25 112.77
N VAL AC 85 -62.00 9.89 111.65
CA VAL AC 85 -62.97 10.10 110.58
C VAL AC 85 -63.34 8.74 110.00
N THR AC 86 -64.64 8.50 109.83
CA THR AC 86 -65.08 7.26 109.23
C THR AC 86 -65.66 7.50 107.85
N ARG AC 87 -66.86 8.08 107.80
CA ARG AC 87 -67.51 8.42 106.56
C ARG AC 87 -67.54 9.93 106.40
N GLN AC 88 -67.44 10.38 105.16
CA GLN AC 88 -67.41 11.81 104.89
C GLN AC 88 -68.60 12.14 103.99
N ALA AC 89 -69.57 12.86 104.54
CA ALA AC 89 -70.75 13.26 103.77
C ALA AC 89 -70.41 14.47 102.92
N TYR AC 90 -70.67 14.38 101.63
CA TYR AC 90 -70.43 15.49 100.73
C TYR AC 90 -71.73 16.05 100.19
N ALA AC 91 -71.95 17.33 100.49
CA ALA AC 91 -73.11 18.03 99.97
C ALA AC 91 -72.60 19.19 99.13
N ASP AC 92 -72.90 19.18 97.85
CA ASP AC 92 -72.40 20.18 96.92
C ASP AC 92 -73.56 20.84 96.18
N VAL AC 93 -73.50 22.17 96.07
CA VAL AC 93 -74.49 22.97 95.38
C VAL AC 93 -73.77 24.01 94.56
N THR AC 94 -74.21 24.19 93.33
CA THR AC 94 -73.64 25.19 92.43
C THR AC 94 -74.74 26.04 91.83
N PHE AC 95 -74.33 27.16 91.25
CA PHE AC 95 -75.25 28.05 90.57
C PHE AC 95 -74.58 28.66 89.37
N SER AC 96 -75.35 28.83 88.31
CA SER AC 96 -74.87 29.49 87.12
C SER AC 96 -75.83 30.61 86.79
N PHE AC 97 -75.28 31.72 86.29
CA PHE AC 97 -76.09 32.86 85.91
C PHE AC 97 -75.43 33.59 84.77
N THR AC 98 -76.21 34.38 84.06
CA THR AC 98 -75.74 35.15 82.94
C THR AC 98 -75.60 36.60 83.37
N GLN AC 99 -74.64 37.28 82.77
CA GLN AC 99 -74.38 38.67 83.09
C GLN AC 99 -75.64 39.50 83.09
N TYR AC 100 -76.63 39.13 82.29
CA TYR AC 100 -77.89 39.86 82.28
C TYR AC 100 -78.91 39.28 83.26
N SER AC 101 -78.54 38.29 84.04
CA SER AC 101 -79.47 37.69 84.99
C SER AC 101 -80.03 38.77 85.92
N THR AC 102 -81.34 38.73 86.15
CA THR AC 102 -81.93 39.76 87.00
C THR AC 102 -81.96 39.29 88.45
N ASP AC 103 -82.46 40.16 89.31
CA ASP AC 103 -82.50 39.85 90.72
C ASP AC 103 -83.55 38.79 91.03
N GLU AC 104 -84.80 39.06 90.67
CA GLU AC 104 -85.87 38.18 91.10
C GLU AC 104 -85.71 36.78 90.55
N GLU AC 105 -85.24 36.66 89.31
CA GLU AC 105 -84.90 35.35 88.77
C GLU AC 105 -84.02 34.59 89.74
N ARG AC 106 -82.92 35.20 90.15
CA ARG AC 106 -82.06 34.56 91.13
C ARG AC 106 -82.83 34.28 92.41
N ALA AC 107 -83.44 35.31 92.97
CA ALA AC 107 -84.27 35.12 94.16
C ALA AC 107 -85.26 33.99 93.95
N PHE AC 108 -85.93 33.96 92.79
CA PHE AC 108 -86.82 32.87 92.49
C PHE AC 108 -86.13 31.52 92.61
N VAL AC 109 -84.90 31.43 92.13
CA VAL AC 109 -84.17 30.18 92.24
C VAL AC 109 -83.92 29.82 93.69
N ARG AC 110 -83.54 30.80 94.50
CA ARG AC 110 -83.13 30.49 95.86
C ARG AC 110 -84.24 29.80 96.63
N THR AC 111 -85.41 30.43 96.71
CA THR AC 111 -86.50 29.85 97.48
C THR AC 111 -86.87 28.47 96.99
N GLU AC 112 -87.21 28.35 95.70
CA GLU AC 112 -87.72 27.08 95.18
C GLU AC 112 -86.81 25.91 95.51
N LEU AC 113 -85.50 26.09 95.42
CA LEU AC 113 -84.61 25.02 95.80
C LEU AC 113 -84.87 24.60 97.24
N ALA AC 114 -84.98 25.57 98.14
CA ALA AC 114 -85.30 25.26 99.52
C ALA AC 114 -86.62 24.50 99.62
N ALA AC 115 -87.67 25.02 99.01
CA ALA AC 115 -88.96 24.35 99.05
C ALA AC 115 -88.85 22.89 98.64
N LEU AC 116 -88.13 22.62 97.56
CA LEU AC 116 -87.88 21.23 97.19
C LEU AC 116 -87.27 20.46 98.33
N LEU AC 117 -86.26 21.02 98.97
CA LEU AC 117 -85.62 20.32 100.08
C LEU AC 117 -86.61 20.01 101.18
N ALA AC 118 -87.65 20.81 101.33
CA ALA AC 118 -88.72 20.48 102.25
C ALA AC 118 -89.83 19.67 101.60
N SER AC 119 -89.79 19.51 100.29
CA SER AC 119 -90.83 18.76 99.62
C SER AC 119 -90.79 17.30 100.03
N PRO AC 120 -91.95 16.65 100.13
CA PRO AC 120 -91.96 15.22 100.44
C PRO AC 120 -91.29 14.38 99.37
N LEU AC 121 -91.10 14.92 98.17
CA LEU AC 121 -90.41 14.16 97.14
C LEU AC 121 -88.99 13.85 97.56
N LEU AC 122 -88.18 14.87 97.78
CA LEU AC 122 -86.76 14.66 97.99
C LEU AC 122 -86.45 13.87 99.24
N ILE AC 123 -87.27 13.98 100.28
CA ILE AC 123 -86.93 13.33 101.53
C ILE AC 123 -86.73 11.84 101.33
N ASP AC 124 -87.64 11.16 100.65
CA ASP AC 124 -87.42 9.77 100.31
C ASP AC 124 -86.21 9.60 99.40
N ALA AC 125 -86.08 10.46 98.41
CA ALA AC 125 -84.89 10.48 97.59
C ALA AC 125 -83.62 10.66 98.40
N ILE AC 126 -83.58 11.61 99.31
CA ILE AC 126 -82.42 11.84 100.16
C ILE AC 126 -82.35 10.81 101.27
N ASP AC 127 -83.30 10.86 102.19
CA ASP AC 127 -83.19 10.04 103.40
C ASP AC 127 -83.17 8.55 103.08
N GLN AC 128 -84.17 8.08 102.36
CA GLN AC 128 -84.29 6.67 102.09
C GLN AC 128 -83.68 6.25 100.78
N LEU AC 129 -83.02 7.16 100.06
CA LEU AC 129 -82.35 6.84 98.80
C LEU AC 129 -83.31 6.17 97.83
N ASN AC 130 -84.32 6.92 97.43
CA ASN AC 130 -85.29 6.28 96.58
C ASN AC 130 -85.49 7.09 95.32
N PRO AC 131 -85.64 6.43 94.19
CA PRO AC 131 -86.01 7.14 92.97
C PRO AC 131 -87.45 7.61 93.02
N ALA AC 132 -87.97 8.02 91.88
CA ALA AC 132 -89.15 8.87 91.79
C ALA AC 132 -90.45 8.08 91.92
N TYR AC 133 -90.37 6.79 92.16
CA TYR AC 133 -91.57 5.98 92.21
C TYR AC 133 -92.01 5.74 93.64
N ALA BC 2 -57.62 36.33 114.38
CA ALA BC 2 -58.49 37.50 114.33
C ALA BC 2 -58.01 38.49 113.30
N LYS BC 3 -58.59 39.68 113.32
CA LYS BC 3 -58.29 40.72 112.35
C LYS BC 3 -56.85 41.17 112.48
N LEU BC 4 -56.22 41.42 111.33
CA LEU BC 4 -54.95 42.11 111.30
C LEU BC 4 -55.11 43.44 112.01
N GLU BC 5 -54.22 43.73 112.94
CA GLU BC 5 -54.27 44.98 113.68
C GLU BC 5 -52.87 45.49 113.91
N THR BC 6 -52.80 46.67 114.52
CA THR BC 6 -51.53 47.18 115.01
C THR BC 6 -51.11 46.23 116.12
N VAL BC 7 -49.91 45.70 116.02
CA VAL BC 7 -49.43 44.78 117.04
C VAL BC 7 -48.28 45.46 117.78
N THR BC 8 -48.53 45.84 119.02
CA THR BC 8 -47.50 46.42 119.87
C THR BC 8 -46.76 45.29 120.56
N LEU BC 9 -45.46 45.45 120.72
CA LEU BC 9 -44.64 44.47 121.39
C LEU BC 9 -43.73 45.17 122.39
N GLY BC 10 -43.83 44.75 123.65
CA GLY BC 10 -42.94 45.22 124.68
C GLY BC 10 -41.90 44.16 124.99
N ASN BC 11 -40.92 44.56 125.80
CA ASN BC 11 -39.90 43.64 126.30
C ASN BC 11 -39.17 42.98 125.14
N ILE BC 12 -38.38 43.78 124.44
CA ILE BC 12 -37.71 43.35 123.21
C ILE BC 12 -36.23 43.61 123.37
N GLY BC 13 -35.41 42.81 122.69
CA GLY BC 13 -33.98 42.98 122.70
C GLY BC 13 -33.38 42.57 124.03
N LYS BC 14 -32.05 42.50 124.01
CA LYS BC 14 -31.31 42.12 125.22
C LYS BC 14 -31.72 42.98 126.40
N ASP BC 15 -31.99 44.26 126.16
CA ASP BC 15 -32.48 45.13 127.21
C ASP BC 15 -33.86 44.67 127.70
N GLY BC 16 -34.79 44.44 126.78
CA GLY BC 16 -36.15 44.24 127.18
C GLY BC 16 -36.90 45.54 127.38
N LYS BC 17 -36.24 46.67 127.19
CA LYS BC 17 -36.94 47.94 127.18
C LYS BC 17 -37.35 48.33 125.77
N GLN BC 18 -36.88 47.59 124.78
CA GLN BC 18 -37.24 47.84 123.40
C GLN BC 18 -38.70 47.52 123.17
N THR BC 19 -39.35 48.34 122.36
CA THR BC 19 -40.73 48.14 121.97
C THR BC 19 -40.87 48.25 120.47
N LEU BC 20 -41.88 47.60 119.93
CA LEU BC 20 -42.09 47.60 118.48
C LEU BC 20 -43.57 47.52 118.19
N VAL BC 21 -43.99 48.25 117.17
CA VAL BC 21 -45.35 48.17 116.67
C VAL BC 21 -45.31 47.66 115.25
N LEU BC 22 -46.37 46.99 114.83
CA LEU BC 22 -46.45 46.40 113.50
C LEU BC 22 -47.79 46.77 112.88
N ASN BC 23 -47.73 47.42 111.77
CA ASN BC 23 -49.01 47.69 111.16
C ASN BC 23 -49.38 46.57 110.20
N PRO BC 24 -50.68 46.30 110.06
CA PRO BC 24 -51.12 45.34 109.05
C PRO BC 24 -50.75 45.84 107.66
N ARG BC 25 -50.10 44.97 106.91
CA ARG BC 25 -49.67 45.29 105.55
C ARG BC 25 -50.61 44.75 104.50
N GLY BC 26 -51.71 44.12 104.89
CA GLY BC 26 -52.56 43.42 103.96
C GLY BC 26 -52.08 42.00 103.76
N VAL BC 27 -52.72 41.31 102.82
CA VAL BC 27 -52.45 39.91 102.58
C VAL BC 27 -52.24 39.70 101.09
N ASN BC 28 -51.12 39.08 100.74
CA ASN BC 28 -50.98 38.66 99.36
C ASN BC 28 -51.89 37.49 99.07
N PRO BC 29 -52.90 37.65 98.23
CA PRO BC 29 -53.82 36.55 97.97
C PRO BC 29 -53.21 35.40 97.20
N THR BC 30 -52.21 35.68 96.36
CA THR BC 30 -51.63 34.62 95.55
C THR BC 30 -51.13 33.49 96.41
N ASN BC 31 -50.05 33.72 97.15
CA ASN BC 31 -49.56 32.75 98.12
C ASN BC 31 -50.48 32.64 99.32
N GLY BC 32 -51.44 33.56 99.48
CA GLY BC 32 -52.29 33.54 100.64
C GLY BC 32 -51.52 33.78 101.92
N VAL BC 33 -50.75 34.86 101.99
CA VAL BC 33 -49.87 35.13 103.12
C VAL BC 33 -50.10 36.55 103.59
N ALA BC 34 -50.34 36.71 104.88
CA ALA BC 34 -50.45 38.02 105.49
C ALA BC 34 -49.08 38.65 105.66
N SER BC 35 -49.08 39.97 105.85
CA SER BC 35 -47.85 40.70 106.04
C SER BC 35 -48.05 41.76 107.10
N LEU BC 36 -47.02 41.96 107.92
CA LEU BC 36 -47.03 42.97 108.96
C LEU BC 36 -45.72 43.73 108.89
N SER BC 37 -45.75 45.00 109.29
CA SER BC 37 -44.51 45.76 109.24
C SER BC 37 -44.52 46.84 110.30
N GLN BC 38 -43.32 47.14 110.78
CA GLN BC 38 -43.06 48.41 111.44
C GLN BC 38 -43.33 49.55 110.47
N ALA BC 39 -43.77 50.67 111.02
CA ALA BC 39 -43.89 51.88 110.19
C ALA BC 39 -42.60 52.67 110.33
N GLY BC 40 -41.80 52.61 109.27
CA GLY BC 40 -40.58 53.38 109.17
C GLY BC 40 -40.70 54.45 108.11
N ALA BC 41 -39.53 54.84 107.59
CA ALA BC 41 -39.52 55.71 106.43
C ALA BC 41 -39.56 54.90 105.15
N VAL BC 42 -38.52 54.13 104.89
CA VAL BC 42 -38.40 53.38 103.65
C VAL BC 42 -38.88 51.95 103.88
N PRO BC 43 -39.92 51.50 103.17
CA PRO BC 43 -40.39 50.12 103.33
C PRO BC 43 -39.29 49.10 103.19
N ALA BC 44 -38.37 49.26 102.23
CA ALA BC 44 -37.21 48.40 102.13
C ALA BC 44 -36.46 48.30 103.45
N LEU BC 45 -36.37 49.40 104.19
CA LEU BC 45 -35.73 49.39 105.50
C LEU BC 45 -36.64 48.83 106.58
N GLU BC 46 -37.96 48.96 106.41
CA GLU BC 46 -38.89 48.65 107.48
C GLU BC 46 -38.91 47.16 107.76
N LYS BC 47 -39.04 46.84 109.05
CA LYS BC 47 -39.05 45.45 109.50
C LYS BC 47 -40.30 44.79 108.92
N ARG BC 48 -40.18 43.50 108.59
CA ARG BC 48 -41.31 42.79 108.03
C ARG BC 48 -41.61 41.55 108.85
N VAL BC 49 -42.89 41.20 108.92
CA VAL BC 49 -43.35 40.00 109.61
C VAL BC 49 -44.38 39.34 108.73
N THR BC 50 -44.21 38.05 108.47
CA THR BC 50 -45.07 37.31 107.57
C THR BC 50 -45.60 36.08 108.28
N VAL BC 51 -46.91 35.86 108.17
CA VAL BC 51 -47.53 34.67 108.70
C VAL BC 51 -48.41 34.07 107.61
N SER BC 52 -48.59 32.75 107.70
CA SER BC 52 -49.41 32.07 106.72
C SER BC 52 -49.99 30.81 107.35
N VAL BC 53 -51.14 30.41 106.86
CA VAL BC 53 -51.72 29.13 107.21
C VAL BC 53 -51.69 28.28 105.96
N SER BC 54 -52.21 27.07 106.05
CA SER BC 54 -52.28 26.18 104.91
C SER BC 54 -53.39 25.18 105.15
N GLN BC 55 -53.78 24.48 104.09
CA GLN BC 55 -54.77 23.45 104.25
C GLN BC 55 -54.36 22.23 103.45
N PRO BC 56 -54.64 21.03 103.94
CA PRO BC 56 -54.16 19.83 103.28
C PRO BC 56 -54.76 19.68 101.89
N SER BC 57 -53.94 19.21 100.96
CA SER BC 57 -54.36 19.01 99.59
C SER BC 57 -54.03 17.59 99.19
N ARG BC 58 -54.26 17.27 97.93
CA ARG BC 58 -53.79 16.00 97.38
C ARG BC 58 -52.28 15.88 97.44
N ASN BC 59 -51.55 17.00 97.51
CA ASN BC 59 -50.11 16.99 97.66
C ASN BC 59 -49.66 16.71 99.08
N ARG BC 60 -50.36 17.24 100.08
CA ARG BC 60 -49.97 17.04 101.46
C ARG BC 60 -51.21 16.99 102.32
N LYS BC 61 -51.20 16.09 103.30
CA LYS BC 61 -52.33 15.86 104.19
C LYS BC 61 -52.17 16.65 105.48
N ASN BC 62 -51.11 17.44 105.57
CA ASN BC 62 -50.75 18.08 106.82
C ASN BC 62 -50.92 19.58 106.72
N TYR BC 63 -51.22 20.21 107.85
CA TYR BC 63 -51.28 21.65 107.91
C TYR BC 63 -49.89 22.23 108.07
N LYS BC 64 -49.63 23.33 107.36
CA LYS BC 64 -48.38 24.07 107.49
C LYS BC 64 -48.70 25.47 108.00
N VAL BC 65 -47.97 25.92 109.00
CA VAL BC 65 -48.03 27.29 109.47
C VAL BC 65 -46.63 27.85 109.37
N GLN BC 66 -46.45 28.82 108.50
CA GLN BC 66 -45.14 29.38 108.22
C GLN BC 66 -45.09 30.82 108.71
N VAL BC 67 -44.02 31.15 109.41
CA VAL BC 67 -43.79 32.50 109.92
C VAL BC 67 -42.36 32.88 109.60
N LYS BC 68 -42.19 33.98 108.88
CA LYS BC 68 -40.87 34.47 108.52
C LYS BC 68 -40.72 35.91 108.99
N ILE BC 69 -39.53 36.27 109.41
CA ILE BC 69 -39.23 37.62 109.89
C ILE BC 69 -38.03 38.13 109.12
N GLN BC 70 -38.11 39.36 108.66
CA GLN BC 70 -37.07 39.97 107.85
C GLN BC 70 -36.71 41.32 108.47
N ASN BC 71 -35.48 41.44 108.96
CA ASN BC 71 -35.00 42.63 109.64
C ASN BC 71 -33.70 43.07 109.01
N PRO BC 72 -33.75 43.99 108.05
CA PRO BC 72 -32.53 44.43 107.39
C PRO BC 72 -31.69 45.27 108.34
N THR BC 73 -30.51 45.65 107.85
CA THR BC 73 -29.60 46.52 108.55
C THR BC 73 -29.35 47.76 107.71
N ALA BC 74 -29.82 48.90 108.20
CA ALA BC 74 -29.68 50.15 107.49
C ALA BC 74 -28.24 50.64 107.60
N CYS BC 75 -27.68 51.08 106.48
CA CYS BC 75 -26.44 51.84 106.48
C CYS BC 75 -26.85 53.30 106.30
N THR BC 76 -26.75 54.07 107.37
CA THR BC 76 -27.22 55.45 107.33
C THR BC 76 -26.38 56.29 106.38
N ALA BC 77 -25.07 56.33 106.62
CA ALA BC 77 -24.16 57.05 105.75
C ALA BC 77 -23.44 56.03 104.90
N ASN BC 78 -23.81 55.97 103.62
CA ASN BC 78 -23.09 55.17 102.64
C ASN BC 78 -22.08 56.03 101.87
N GLY BC 79 -21.92 57.29 102.25
CA GLY BC 79 -21.28 58.25 101.36
C GLY BC 79 -22.24 58.79 100.34
N SER BC 80 -23.51 58.40 100.41
CA SER BC 80 -24.54 58.83 99.49
C SER BC 80 -25.69 59.40 100.28
N CYS BC 81 -26.60 60.10 99.60
CA CYS BC 81 -27.69 60.80 100.25
C CYS BC 81 -28.76 59.87 100.80
N ASP BC 82 -28.76 58.60 100.41
CA ASP BC 82 -29.82 57.71 100.85
C ASP BC 82 -29.25 56.50 101.55
N PRO BC 83 -29.90 56.03 102.61
CA PRO BC 83 -29.43 54.81 103.27
C PRO BC 83 -29.61 53.61 102.37
N SER BC 84 -28.91 52.54 102.71
CA SER BC 84 -28.92 51.34 101.89
C SER BC 84 -28.93 50.09 102.76
N VAL BC 85 -29.57 49.05 102.25
CA VAL BC 85 -29.62 47.76 102.93
C VAL BC 85 -28.21 47.20 102.98
N THR BC 86 -27.80 46.73 104.15
CA THR BC 86 -26.49 46.12 104.27
C THR BC 86 -26.60 44.62 104.53
N ARG BC 87 -27.04 44.25 105.73
CA ARG BC 87 -27.24 42.87 106.09
C ARG BC 87 -28.72 42.61 106.25
N GLN BC 88 -29.14 41.41 105.90
CA GLN BC 88 -30.57 41.07 105.99
C GLN BC 88 -30.71 39.89 106.93
N ALA BC 89 -31.32 40.13 108.09
CA ALA BC 89 -31.52 39.09 109.08
C ALA BC 89 -32.75 38.26 108.69
N TYR BC 90 -32.57 36.95 108.61
CA TYR BC 90 -33.68 36.07 108.27
C TYR BC 90 -34.06 35.21 109.46
N ALA BC 91 -35.30 35.35 109.90
CA ALA BC 91 -35.83 34.53 110.97
C ALA BC 91 -37.02 33.78 110.41
N ASP BC 92 -36.93 32.45 110.38
CA ASP BC 92 -37.96 31.61 109.79
C ASP BC 92 -38.44 30.59 110.79
N VAL BC 93 -39.76 30.41 110.86
CA VAL BC 93 -40.40 29.45 111.75
C VAL BC 93 -41.50 28.77 110.97
N THR BC 94 -41.59 27.45 111.11
CA THR BC 94 -42.63 26.67 110.45
C THR BC 94 -43.31 25.77 111.46
N PHE BC 95 -44.46 25.23 111.05
CA PHE BC 95 -45.19 24.30 111.89
C PHE BC 95 -45.86 23.26 111.00
N SER BC 96 -45.88 22.03 111.50
CA SER BC 96 -46.57 20.95 110.82
C SER BC 96 -47.55 20.33 111.80
N PHE BC 97 -48.70 19.92 111.28
CA PHE BC 97 -49.71 19.28 112.10
C PHE BC 97 -50.49 18.30 111.26
N THR BC 98 -51.13 17.37 111.94
CA THR BC 98 -51.94 16.35 111.30
C THR BC 98 -53.41 16.71 111.44
N GLN BC 99 -54.19 16.32 110.45
CA GLN BC 99 -55.60 16.61 110.45
C GLN BC 99 -56.26 16.25 111.76
N TYR BC 100 -55.74 15.26 112.48
CA TYR BC 100 -56.30 14.89 113.77
C TYR BC 100 -55.62 15.63 114.92
N SER BC 101 -54.71 16.55 114.63
CA SER BC 101 -54.03 17.27 115.70
C SER BC 101 -55.04 17.96 116.60
N THR BC 102 -54.84 17.88 117.91
CA THR BC 102 -55.80 18.49 118.80
C THR BC 102 -55.38 19.90 119.15
N ASP BC 103 -56.21 20.56 119.94
CA ASP BC 103 -55.93 21.95 120.29
C ASP BC 103 -54.76 22.05 121.25
N GLU BC 104 -54.85 21.38 122.40
CA GLU BC 104 -53.85 21.58 123.44
C GLU BC 104 -52.46 21.19 122.97
N GLU BC 105 -52.37 20.10 122.20
CA GLU BC 105 -51.10 19.74 121.58
C GLU BC 105 -50.49 20.94 120.88
N ARG BC 106 -51.26 21.57 120.00
CA ARG BC 106 -50.76 22.77 119.34
C ARG BC 106 -50.42 23.84 120.36
N ALA BC 107 -51.38 24.18 121.23
CA ALA BC 107 -51.12 25.13 122.29
C ALA BC 107 -49.86 24.76 123.06
N PHE BC 108 -49.71 23.48 123.39
CA PHE BC 108 -48.50 23.03 124.06
C PHE BC 108 -47.26 23.40 123.25
N VAL BC 109 -47.32 23.25 121.94
CA VAL BC 109 -46.17 23.61 121.13
C VAL BC 109 -45.90 25.09 121.21
N ARG BC 110 -46.95 25.91 121.16
CA ARG BC 110 -46.73 27.34 121.06
C ARG BC 110 -45.92 27.85 122.24
N THR BC 111 -46.40 27.61 123.46
CA THR BC 111 -45.70 28.13 124.63
C THR BC 111 -44.26 27.64 124.70
N GLU BC 112 -44.06 26.32 124.69
CA GLU BC 112 -42.73 25.77 124.90
C GLU BC 112 -41.70 26.38 123.97
N LEU BC 113 -42.05 26.61 122.71
CA LEU BC 113 -41.11 27.26 121.82
C LEU BC 113 -40.71 28.62 122.36
N ALA BC 114 -41.69 29.39 122.82
CA ALA BC 114 -41.37 30.68 123.44
C ALA BC 114 -40.45 30.50 124.64
N ALA BC 115 -40.81 29.61 125.56
CA ALA BC 115 -39.97 29.38 126.73
C ALA BC 115 -38.53 29.10 126.34
N LEU BC 116 -38.32 28.24 125.35
CA LEU BC 116 -36.97 28.02 124.85
C LEU BC 116 -36.32 29.33 124.46
N LEU BC 117 -37.03 30.17 123.71
CA LEU BC 117 -36.45 31.44 123.29
C LEU BC 117 -36.04 32.28 124.48
N ALA BC 118 -36.71 32.13 125.61
CA ALA BC 118 -36.27 32.78 126.83
C ALA BC 118 -35.31 31.93 127.64
N SER BC 119 -35.10 30.68 127.25
CA SER BC 119 -34.20 29.82 127.99
C SER BC 119 -32.77 30.31 127.88
N PRO BC 120 -31.98 30.17 128.95
CA PRO BC 120 -30.57 30.54 128.86
C PRO BC 120 -29.80 29.73 127.85
N LEU BC 121 -30.32 28.59 127.43
CA LEU BC 121 -29.63 27.81 126.42
C LEU BC 121 -29.51 28.57 125.11
N LEU BC 122 -30.65 28.93 124.52
CA LEU BC 122 -30.63 29.48 123.18
C LEU BC 122 -29.92 30.82 123.09
N ILE BC 123 -29.96 31.62 124.16
CA ILE BC 123 -29.40 32.95 124.07
C ILE BC 123 -27.94 32.91 123.65
N ASP BC 124 -27.13 32.07 124.27
CA ASP BC 124 -25.77 31.87 123.80
C ASP BC 124 -25.73 31.31 122.41
N ALA BC 125 -26.57 30.33 122.13
CA ALA BC 125 -26.74 29.81 120.78
C ALA BC 125 -27.08 30.90 119.79
N ILE BC 126 -28.07 31.73 120.09
CA ILE BC 126 -28.47 32.82 119.23
C ILE BC 126 -27.50 33.97 119.30
N ASP BC 127 -27.43 34.64 120.46
CA ASP BC 127 -26.68 35.88 120.55
C ASP BC 127 -25.21 35.67 120.28
N GLN BC 128 -24.58 34.76 121.01
CA GLN BC 128 -23.16 34.55 120.89
C GLN BC 128 -22.77 33.45 119.91
N LEU BC 129 -23.74 32.87 119.22
CA LEU BC 129 -23.49 31.84 118.21
C LEU BC 129 -22.68 30.70 118.80
N ASN BC 130 -23.26 30.02 119.76
CA ASN BC 130 -22.48 29.00 120.42
C ASN BC 130 -23.22 27.67 120.39
N PRO BC 131 -22.52 26.60 120.16
CA PRO BC 131 -23.14 25.28 120.30
C PRO BC 131 -23.40 24.95 121.76
N ALA BC 132 -23.71 23.69 122.02
CA ALA BC 132 -24.39 23.27 123.25
C ALA BC 132 -23.45 23.12 124.42
N TYR BC 133 -22.18 23.46 124.25
CA TYR BC 133 -21.21 23.26 125.32
C TYR BC 133 -20.96 24.55 126.06
N ALA CC 2 -57.33 48.08 104.90
CA ALA CC 2 -58.12 47.26 105.80
C ALA CC 2 -59.04 46.34 105.02
N LYS CC 3 -59.96 45.70 105.73
CA LYS CC 3 -60.87 44.74 105.14
C LYS CC 3 -61.78 45.41 104.13
N LEU CC 4 -62.04 44.70 103.04
CA LEU CC 4 -63.09 45.07 102.11
C LEU CC 4 -64.39 45.16 102.89
N GLU CC 5 -65.10 46.27 102.74
CA GLU CC 5 -66.35 46.46 103.43
C GLU CC 5 -67.33 47.18 102.52
N THR CC 6 -68.55 47.34 103.01
CA THR CC 6 -69.51 48.20 102.35
C THR CC 6 -68.96 49.60 102.44
N VAL CC 7 -68.82 50.27 101.30
CA VAL CC 7 -68.29 51.62 101.32
C VAL CC 7 -69.40 52.57 100.92
N THR CC 8 -69.88 53.35 101.87
CA THR CC 8 -70.88 54.36 101.63
C THR CC 8 -70.18 55.64 101.19
N LEU CC 9 -70.79 56.34 100.25
CA LEU CC 9 -70.25 57.61 99.77
C LEU CC 9 -71.36 58.64 99.72
N GLY CC 10 -71.14 59.76 100.41
CA GLY CC 10 -72.03 60.89 100.35
C GLY CC 10 -71.42 61.97 99.47
N ASN CC 11 -72.24 62.99 99.21
CA ASN CC 11 -71.79 64.16 98.48
C ASN CC 11 -71.23 63.78 97.12
N ILE CC 12 -72.13 63.35 96.24
CA ILE CC 12 -71.74 62.80 94.95
C ILE CC 12 -72.50 63.56 93.88
N GLY CC 13 -71.90 63.65 92.70
CA GLY CC 13 -72.53 64.31 91.57
C GLY CC 13 -72.55 65.81 91.73
N LYS CC 14 -72.92 66.47 90.63
CA LYS CC 14 -73.00 67.92 90.62
C LYS CC 14 -73.85 68.43 91.77
N ASP CC 15 -74.92 67.70 92.09
CA ASP CC 15 -75.73 68.06 93.25
C ASP CC 15 -74.95 67.94 94.54
N GLY CC 16 -74.28 66.80 94.74
CA GLY CC 16 -73.72 66.52 96.04
C GLY CC 16 -74.71 65.93 97.00
N LYS CC 17 -75.96 65.74 96.58
CA LYS CC 17 -76.91 65.01 97.38
C LYS CC 17 -76.92 63.52 97.00
N GLN CC 18 -76.22 63.17 95.93
CA GLN CC 18 -76.12 61.79 95.50
C GLN CC 18 -75.30 60.99 96.50
N THR CC 19 -75.73 59.76 96.73
CA THR CC 19 -75.04 58.84 97.61
C THR CC 19 -74.86 57.51 96.90
N LEU CC 20 -73.82 56.78 97.31
CA LEU CC 20 -73.53 55.50 96.68
C LEU CC 20 -72.93 54.55 97.71
N VAL CC 21 -73.30 53.29 97.63
CA VAL CC 21 -72.71 52.25 98.44
C VAL CC 21 -72.03 51.26 97.51
N LEU CC 22 -70.99 50.62 98.02
CA LEU CC 22 -70.20 49.67 97.23
C LEU CC 22 -70.01 48.40 98.05
N ASN CC 23 -70.46 47.32 97.51
CA ASN CC 23 -70.20 46.11 98.26
C ASN CC 23 -68.88 45.49 97.84
N PRO CC 24 -68.18 44.84 98.76
CA PRO CC 24 -66.99 44.09 98.37
C PRO CC 24 -67.35 42.98 97.40
N ARG CC 25 -66.62 42.96 96.28
CA ARG CC 25 -66.85 41.96 95.24
C ARG CC 25 -65.88 40.79 95.33
N GLY CC 26 -65.00 40.78 96.32
CA GLY CC 26 -63.92 39.82 96.36
C GLY CC 26 -62.71 40.34 95.60
N VAL CC 27 -61.72 39.47 95.47
CA VAL CC 27 -60.45 39.83 94.85
C VAL CC 27 -60.09 38.79 93.81
N ASN CC 28 -59.81 39.23 92.60
CA ASN CC 28 -59.26 38.31 91.64
C ASN CC 28 -57.83 37.99 92.00
N PRO CC 29 -57.51 36.76 92.38
CA PRO CC 29 -56.13 36.45 92.79
C PRO CC 29 -55.15 36.45 91.64
N THR CC 30 -55.59 36.17 90.43
CA THR CC 30 -54.67 36.12 89.30
C THR CC 30 -53.92 37.43 89.16
N ASN CC 31 -54.60 38.48 88.74
CA ASN CC 31 -54.00 39.80 88.70
C ASN CC 31 -53.80 40.37 90.08
N GLY CC 32 -54.37 39.76 91.12
CA GLY CC 32 -54.27 40.30 92.46
C GLY CC 32 -54.94 41.65 92.58
N VAL CC 33 -56.20 41.74 92.20
CA VAL CC 33 -56.91 43.00 92.16
C VAL CC 33 -58.25 42.83 92.87
N ALA CC 34 -58.52 43.73 93.81
CA ALA CC 34 -59.81 43.77 94.49
C ALA CC 34 -60.87 44.38 93.59
N SER CC 35 -62.13 44.13 93.94
CA SER CC 35 -63.24 44.66 93.17
C SER CC 35 -64.33 45.10 94.13
N LEU CC 36 -64.98 46.20 93.79
CA LEU CC 36 -66.08 46.74 94.56
C LEU CC 36 -67.20 47.08 93.60
N SER CC 37 -68.45 47.00 94.08
CA SER CC 37 -69.55 47.33 93.20
C SER CC 37 -70.73 47.86 93.99
N GLN CC 38 -71.47 48.74 93.34
CA GLN CC 38 -72.84 49.01 93.72
C GLN CC 38 -73.66 47.74 93.62
N ALA CC 39 -74.66 47.61 94.50
CA ALA CC 39 -75.60 46.52 94.36
C ALA CC 39 -76.79 47.01 93.53
N GLY CC 40 -76.82 46.55 92.29
CA GLY CC 40 -77.92 46.82 91.40
C GLY CC 40 -78.71 45.58 91.11
N ALA CC 41 -79.37 45.58 89.95
CA ALA CC 41 -80.00 44.38 89.45
C ALA CC 41 -79.03 43.56 88.62
N VAL CC 42 -78.61 44.10 87.49
CA VAL CC 42 -77.75 43.36 86.57
C VAL CC 42 -76.29 43.77 86.82
N PRO CC 43 -75.43 42.82 87.19
CA PRO CC 43 -74.02 43.14 87.38
C PRO CC 43 -73.39 43.88 86.23
N ALA CC 44 -73.69 43.50 84.99
CA ALA CC 44 -73.24 44.25 83.83
C ALA CC 44 -73.61 45.72 83.94
N LEU CC 45 -74.79 46.03 84.47
CA LEU CC 45 -75.18 47.41 84.67
C LEU CC 45 -74.55 48.02 85.91
N GLU CC 46 -74.21 47.21 86.90
CA GLU CC 46 -73.80 47.71 88.19
C GLU CC 46 -72.44 48.41 88.09
N LYS CC 47 -72.30 49.49 88.84
CA LYS CC 47 -71.08 50.29 88.85
C LYS CC 47 -69.96 49.42 89.41
N ARG CC 48 -68.76 49.60 88.89
CA ARG CC 48 -67.63 48.81 89.36
C ARG CC 48 -66.50 49.72 89.82
N VAL CC 49 -65.78 49.27 90.84
CA VAL CC 49 -64.62 49.97 91.36
C VAL CC 49 -63.52 48.96 91.60
N THR CC 50 -62.34 49.23 91.06
CA THR CC 50 -61.22 48.30 91.13
C THR CC 50 -60.02 49.00 91.72
N VAL CC 51 -59.37 48.35 92.68
CA VAL CC 51 -58.14 48.85 93.25
C VAL CC 51 -57.12 47.73 93.25
N SER CC 52 -55.85 48.11 93.21
CA SER CC 52 -54.79 47.13 93.20
C SER CC 52 -53.54 47.75 93.78
N VAL CC 53 -52.71 46.91 94.38
CA VAL CC 53 -51.38 47.31 94.79
C VAL CC 53 -50.40 46.57 93.92
N SER CC 54 -49.11 46.75 94.16
CA SER CC 54 -48.08 46.08 93.42
C SER CC 54 -46.82 46.04 94.26
N GLN CC 55 -45.89 45.20 93.87
CA GLN CC 55 -44.62 45.17 94.57
C GLN CC 55 -43.50 45.08 93.56
N PRO CC 56 -42.36 45.72 93.84
CA PRO CC 56 -41.30 45.78 92.85
C PRO CC 56 -40.73 44.40 92.55
N SER CC 57 -40.42 44.19 91.27
CA SER CC 57 -39.88 42.92 90.82
C SER CC 57 -38.59 43.20 90.07
N ARG CC 58 -38.02 42.15 89.50
CA ARG CC 58 -36.91 42.33 88.57
C ARG CC 58 -37.29 43.15 87.36
N ASN CC 59 -38.57 43.21 87.02
CA ASN CC 59 -39.06 44.04 85.92
C ASN CC 59 -39.18 45.50 86.29
N ARG CC 60 -39.60 45.82 87.51
CA ARG CC 60 -39.77 47.20 87.92
C ARG CC 60 -39.44 47.31 89.40
N LYS CC 61 -38.77 48.40 89.75
CA LYS CC 61 -38.33 48.65 91.12
C LYS CC 61 -39.33 49.54 91.85
N ASN CC 62 -40.42 49.88 91.19
CA ASN CC 62 -41.33 50.88 91.71
C ASN CC 62 -42.66 50.25 92.07
N TYR CC 63 -43.33 50.83 93.06
CA TYR CC 63 -44.67 50.40 93.41
C TYR CC 63 -45.68 51.03 92.48
N LYS CC 64 -46.68 50.24 92.09
CA LYS CC 64 -47.79 50.73 91.30
C LYS CC 64 -49.07 50.55 92.09
N VAL CC 65 -49.89 51.59 92.13
CA VAL CC 65 -51.22 51.51 92.70
C VAL CC 65 -52.18 51.95 91.63
N GLN CC 66 -53.01 51.02 91.17
CA GLN CC 66 -53.92 51.25 90.06
C GLN CC 66 -55.34 51.23 90.56
N VAL CC 67 -56.12 52.23 90.14
CA VAL CC 67 -57.53 52.32 90.49
C VAL CC 67 -58.31 52.65 89.23
N LYS CC 68 -59.26 51.81 88.89
CA LYS CC 68 -60.09 51.99 87.72
C LYS CC 68 -61.55 52.00 88.13
N ILE CC 69 -62.35 52.82 87.45
CA ILE CC 69 -63.78 52.93 87.73
C ILE CC 69 -64.52 52.74 86.43
N GLN CC 70 -65.58 51.93 86.47
CA GLN CC 70 -66.35 51.60 85.30
C GLN CC 70 -67.82 51.86 85.60
N ASN CC 71 -68.41 52.82 84.89
CA ASN CC 71 -69.79 53.24 85.12
C ASN CC 71 -70.52 53.21 83.79
N PRO CC 72 -71.20 52.13 83.47
CA PRO CC 72 -71.92 52.05 82.19
C PRO CC 72 -73.12 52.96 82.19
N THR CC 73 -73.77 53.01 81.03
CA THR CC 73 -74.99 53.77 80.85
C THR CC 73 -76.09 52.82 80.41
N ALA CC 74 -77.08 52.64 81.27
CA ALA CC 74 -78.17 51.74 81.01
C ALA CC 74 -79.12 52.38 79.99
N CYS CC 75 -79.54 51.60 79.00
CA CYS CC 75 -80.65 51.96 78.14
C CYS CC 75 -81.84 51.17 78.65
N THR CC 76 -82.77 51.85 79.30
CA THR CC 76 -83.89 51.16 79.92
C THR CC 76 -84.79 50.54 78.87
N ALA CC 77 -85.30 51.36 77.96
CA ALA CC 77 -86.13 50.86 76.86
C ALA CC 77 -85.26 50.83 75.62
N ASN CC 78 -84.89 49.63 75.20
CA ASN CC 78 -84.23 49.42 73.92
C ASN CC 78 -85.23 49.02 72.84
N GLY CC 79 -86.52 49.01 73.15
CA GLY CC 79 -87.47 48.30 72.33
C GLY CC 79 -87.50 46.83 72.64
N SER CC 80 -86.74 46.40 73.64
CA SER CC 80 -86.66 45.00 74.04
C SER CC 80 -86.94 44.92 75.53
N CYS CC 81 -87.20 43.70 76.01
CA CYS CC 81 -87.59 43.50 77.40
C CYS CC 81 -86.47 43.72 78.39
N ASP CC 82 -85.23 43.78 77.94
CA ASP CC 82 -84.12 43.90 78.87
C ASP CC 82 -83.30 45.14 78.57
N PRO CC 83 -82.80 45.82 79.60
CA PRO CC 83 -81.93 46.97 79.36
C PRO CC 83 -80.61 46.52 78.78
N SER CC 84 -79.90 47.47 78.19
CA SER CC 84 -78.64 47.17 77.52
C SER CC 84 -77.61 48.26 77.77
N VAL CC 85 -76.35 47.85 77.82
CA VAL CC 85 -75.24 48.77 77.99
C VAL CC 85 -75.18 49.67 76.77
N THR CC 86 -75.07 50.98 76.99
CA THR CC 86 -74.94 51.90 75.88
C THR CC 86 -73.56 52.52 75.84
N ARG CC 87 -73.26 53.41 76.77
CA ARG CC 87 -71.96 54.04 76.88
C ARG CC 87 -71.27 53.52 78.13
N GLN CC 88 -69.95 53.40 78.05
CA GLN CC 88 -69.19 52.88 79.18
C GLN CC 88 -68.19 53.96 79.61
N ALA CC 89 -68.40 54.54 80.78
CA ALA CC 89 -67.52 55.57 81.30
C ALA CC 89 -66.30 54.91 81.92
N TYR CC 90 -65.12 55.32 81.50
CA TYR CC 90 -63.88 54.79 82.04
C TYR CC 90 -63.15 55.85 82.84
N ALA CC 91 -62.95 55.56 84.12
CA ALA CC 91 -62.17 56.43 84.99
C ALA CC 91 -60.99 55.62 85.51
N ASP CC 92 -59.79 56.06 85.17
CA ASP CC 92 -58.57 55.33 85.52
C ASP CC 92 -57.62 56.24 86.27
N VAL CC 93 -57.04 55.70 87.34
CA VAL CC 93 -56.09 56.42 88.17
C VAL CC 93 -54.96 55.46 88.52
N THR CC 94 -53.73 55.93 88.41
CA THR CC 94 -52.56 55.14 88.74
C THR CC 94 -51.66 55.91 89.69
N PHE CC 95 -50.72 55.19 90.30
CA PHE CC 95 -49.75 55.80 91.17
C PHE CC 95 -48.42 55.08 91.03
N SER CC 96 -47.35 55.85 91.09
CA SER CC 96 -46.02 55.30 91.08
C SER CC 96 -45.27 55.81 92.29
N PHE CC 97 -44.43 54.96 92.86
CA PHE CC 97 -43.63 55.33 94.01
C PHE CC 97 -42.33 54.57 93.99
N THR CC 98 -41.37 55.10 94.72
CA THR CC 98 -40.05 54.50 94.83
C THR CC 98 -39.93 53.79 96.16
N GLN CC 99 -39.16 52.72 96.17
CA GLN CC 99 -38.98 51.94 97.39
C GLN CC 99 -38.63 52.80 98.58
N TYR CC 100 -37.99 53.95 98.36
CA TYR CC 100 -37.67 54.85 99.46
C TYR CC 100 -38.76 55.89 99.68
N SER CC 101 -39.87 55.82 98.96
CA SER CC 101 -40.93 56.80 99.13
C SER CC 101 -41.38 56.82 100.58
N THR CC 102 -41.58 58.02 101.13
CA THR CC 102 -41.98 58.10 102.52
C THR CC 102 -43.50 58.15 102.63
N ASP CC 103 -43.98 58.20 103.87
CA ASP CC 103 -45.41 58.19 104.10
C ASP CC 103 -46.04 59.51 103.69
N GLU CC 104 -45.57 60.61 104.28
CA GLU CC 104 -46.25 61.87 104.08
C GLU CC 104 -46.25 62.29 102.62
N GLU CC 105 -45.14 62.04 101.91
CA GLU CC 105 -45.13 62.26 100.48
C GLU CC 105 -46.34 61.62 99.82
N ARG CC 106 -46.53 60.33 100.06
CA ARG CC 106 -47.70 59.67 99.53
C ARG CC 106 -48.97 60.33 100.02
N ALA CC 107 -49.12 60.47 101.34
CA ALA CC 107 -50.26 61.17 101.89
C ALA CC 107 -50.44 62.53 101.22
N PHE CC 108 -49.35 63.27 101.06
CA PHE CC 108 -49.43 64.54 100.35
C PHE CC 108 -50.05 64.37 98.97
N VAL CC 109 -49.67 63.31 98.26
CA VAL CC 109 -50.26 63.09 96.94
C VAL CC 109 -51.75 62.84 97.05
N ARG CC 110 -52.15 62.03 98.02
CA ARG CC 110 -53.54 61.62 98.07
C ARG CC 110 -54.47 62.81 98.16
N THR CC 111 -54.29 63.65 99.17
CA THR CC 111 -55.18 64.79 99.35
C THR CC 111 -55.20 65.69 98.13
N GLU CC 112 -54.04 66.19 97.71
CA GLU CC 112 -53.99 67.18 96.65
C GLU CC 112 -54.75 66.74 95.41
N LEU CC 113 -54.65 65.46 95.04
CA LEU CC 113 -55.42 64.98 93.91
C LEU CC 113 -56.90 65.21 94.14
N ALA CC 114 -57.39 64.86 95.33
CA ALA CC 114 -58.78 65.13 95.66
C ALA CC 114 -59.10 66.61 95.54
N ALA CC 115 -58.30 67.46 96.17
CA ALA CC 115 -58.55 68.90 96.10
C ALA CC 115 -58.69 69.36 94.66
N LEU CC 116 -57.80 68.92 93.78
CA LEU CC 116 -57.96 69.24 92.37
C LEU CC 116 -59.33 68.82 91.87
N LEU CC 117 -59.76 67.61 92.20
CA LEU CC 117 -61.06 67.16 91.73
C LEU CC 117 -62.18 68.06 92.21
N ALA CC 118 -61.99 68.72 93.35
CA ALA CC 118 -62.93 69.73 93.79
C ALA CC 118 -62.59 71.12 93.30
N SER CC 119 -61.42 71.28 92.68
CA SER CC 119 -61.03 72.60 92.21
C SER CC 119 -61.94 73.04 91.08
N PRO CC 120 -62.24 74.35 90.99
CA PRO CC 120 -63.03 74.85 89.86
C PRO CC 120 -62.36 74.65 88.53
N LEU CC 121 -61.06 74.40 88.51
CA LEU CC 121 -60.39 74.16 87.24
C LEU CC 121 -60.93 72.90 86.57
N LEU CC 122 -60.80 71.76 87.23
CA LEU CC 122 -61.11 70.50 86.57
C LEU CC 122 -62.57 70.36 86.21
N ILE CC 123 -63.47 70.97 86.97
CA ILE CC 123 -64.89 70.75 86.72
C ILE CC 123 -65.25 71.12 85.30
N ASP CC 124 -64.83 72.29 84.82
CA ASP CC 124 -65.02 72.63 83.42
C ASP CC 124 -64.27 71.68 82.50
N ALA CC 125 -63.04 71.35 82.86
CA ALA CC 125 -62.30 70.33 82.14
C ALA CC 125 -63.05 69.01 82.09
N ILE CC 126 -63.54 68.52 83.21
CA ILE CC 126 -64.29 67.28 83.26
C ILE CC 126 -65.70 67.46 82.73
N ASP CC 127 -66.51 68.23 83.44
CA ASP CC 127 -67.93 68.29 83.12
C ASP CC 127 -68.17 68.85 81.73
N GLN CC 128 -67.65 70.02 81.45
CA GLN CC 128 -67.89 70.69 80.19
C GLN CC 128 -66.84 70.41 79.14
N LEU CC 129 -65.87 69.55 79.43
CA LEU CC 129 -64.83 69.17 78.47
C LEU CC 129 -64.13 70.41 77.92
N ASN CC 130 -63.46 71.12 78.81
CA ASN CC 130 -62.86 72.34 78.34
C ASN CC 130 -61.39 72.38 78.68
N PRO CC 131 -60.57 72.86 77.78
CA PRO CC 131 -59.16 73.09 78.10
C PRO CC 131 -59.01 74.24 79.06
N ALA CC 132 -57.77 74.69 79.23
CA ALA CC 132 -57.35 75.49 80.37
C ALA CC 132 -57.70 76.97 80.23
N TYR CC 133 -58.40 77.34 79.17
CA TYR CC 133 -58.70 78.74 78.95
C TYR CC 133 -60.11 79.07 79.40
N ALA DC 2 -97.85 -7.95 89.25
CA ALA DC 2 -98.68 -6.88 89.79
C ALA DC 2 -97.80 -5.80 90.39
N LYS DC 3 -98.43 -4.87 91.09
CA LYS DC 3 -97.76 -3.73 91.68
C LYS DC 3 -96.76 -4.18 92.75
N LEU DC 4 -95.62 -3.52 92.77
CA LEU DC 4 -94.69 -3.65 93.88
C LEU DC 4 -95.43 -3.30 95.16
N GLU DC 5 -95.34 -4.16 96.16
CA GLU DC 5 -96.00 -3.94 97.42
C GLU DC 5 -95.12 -4.40 98.55
N THR DC 6 -95.59 -4.17 99.77
CA THR DC 6 -94.96 -4.77 100.94
C THR DC 6 -95.17 -6.26 100.81
N VAL DC 7 -94.10 -7.03 100.86
CA VAL DC 7 -94.22 -8.47 100.74
C VAL DC 7 -93.86 -9.09 102.08
N THR DC 8 -94.86 -9.62 102.77
CA THR DC 8 -94.65 -10.32 104.03
C THR DC 8 -94.33 -11.77 103.72
N LEU DC 9 -93.42 -12.35 104.49
CA LEU DC 9 -93.05 -13.74 104.34
C LEU DC 9 -93.05 -14.42 105.68
N GLY DC 10 -93.84 -15.49 105.81
CA GLY DC 10 -93.83 -16.32 106.99
C GLY DC 10 -93.04 -17.59 106.73
N ASN DC 11 -92.83 -18.35 107.79
CA ASN DC 11 -92.20 -19.67 107.70
C ASN DC 11 -90.84 -19.57 107.03
N ILE DC 12 -89.90 -18.97 107.76
CA ILE DC 12 -88.59 -18.65 107.23
C ILE DC 12 -87.55 -19.25 108.16
N GLY DC 13 -86.40 -19.59 107.61
CA GLY DC 13 -85.30 -20.13 108.39
C GLY DC 13 -85.58 -21.55 108.85
N LYS DC 14 -84.51 -22.15 109.38
CA LYS DC 14 -84.61 -23.52 109.88
C LYS DC 14 -85.77 -23.66 110.86
N ASP DC 15 -86.01 -22.64 111.66
CA ASP DC 15 -87.15 -22.66 112.56
C ASP DC 15 -88.46 -22.66 111.77
N GLY DC 16 -88.60 -21.75 110.82
CA GLY DC 16 -89.89 -21.55 110.20
C GLY DC 16 -90.77 -20.62 110.99
N LYS DC 17 -90.29 -20.12 112.12
CA LYS DC 17 -91.01 -19.08 112.83
C LYS DC 17 -90.53 -17.71 112.41
N GLN DC 18 -89.45 -17.64 111.63
CA GLN DC 18 -88.93 -16.39 111.13
C GLN DC 18 -89.90 -15.79 110.13
N THR DC 19 -90.02 -14.46 110.18
CA THR DC 19 -90.86 -13.72 109.26
C THR DC 19 -90.06 -12.56 108.69
N LEU DC 20 -90.44 -12.11 107.50
CA LEU DC 20 -89.73 -11.04 106.84
C LEU DC 20 -90.69 -10.23 106.00
N VAL DC 21 -90.51 -8.91 106.01
CA VAL DC 21 -91.26 -8.03 105.14
C VAL DC 21 -90.29 -7.35 104.19
N LEU DC 22 -90.78 -6.99 103.01
CA LEU DC 22 -89.95 -6.39 101.98
C LEU DC 22 -90.67 -5.16 101.43
N ASN DC 23 -90.05 -4.04 101.54
CA ASN DC 23 -90.71 -2.91 100.95
C ASN DC 23 -90.28 -2.73 99.51
N PRO DC 24 -91.17 -2.23 98.67
CA PRO DC 24 -90.77 -1.88 97.30
C PRO DC 24 -89.71 -0.80 97.32
N ARG DC 25 -88.62 -1.07 96.61
CA ARG DC 25 -87.51 -0.14 96.53
C ARG DC 25 -87.53 0.69 95.26
N GLY DC 26 -88.55 0.54 94.42
CA GLY DC 26 -88.55 1.15 93.12
C GLY DC 26 -87.86 0.25 92.11
N VAL DC 27 -87.70 0.78 90.90
CA VAL DC 27 -87.15 0.02 89.79
C VAL DC 27 -86.04 0.83 89.13
N ASN DC 28 -84.87 0.24 88.99
CA ASN DC 28 -83.87 0.89 88.19
C ASN DC 28 -84.25 0.80 86.72
N PRO DC 29 -84.54 1.93 86.06
CA PRO DC 29 -84.98 1.86 84.67
C PRO DC 29 -83.86 1.48 83.72
N THR DC 30 -82.61 1.78 84.05
CA THR DC 30 -81.51 1.48 83.14
C THR DC 30 -81.49 -0.01 82.79
N ASN DC 31 -81.13 -0.84 83.75
CA ASN DC 31 -81.20 -2.28 83.56
C ASN DC 31 -82.64 -2.77 83.54
N GLY DC 32 -83.60 -1.94 83.91
CA GLY DC 32 -84.98 -2.38 83.98
C GLY DC 32 -85.17 -3.47 85.02
N VAL DC 33 -84.76 -3.22 86.25
CA VAL DC 33 -84.80 -4.23 87.30
C VAL DC 33 -85.45 -3.63 88.54
N ALA DC 34 -86.45 -4.32 89.06
CA ALA DC 34 -87.09 -3.94 90.31
C ALA DC 34 -86.20 -4.29 91.49
N SER DC 35 -86.50 -3.66 92.61
CA SER DC 35 -85.75 -3.91 93.84
C SER DC 35 -86.69 -3.94 95.02
N LEU DC 36 -86.41 -4.85 95.95
CA LEU DC 36 -87.19 -4.97 97.17
C LEU DC 36 -86.22 -5.06 98.34
N SER DC 37 -86.66 -4.58 99.50
CA SER DC 37 -85.77 -4.65 100.65
C SER DC 37 -86.57 -4.75 101.94
N GLN DC 38 -85.96 -5.43 102.90
CA GLN DC 38 -86.33 -5.28 104.29
C GLN DC 38 -86.11 -3.83 104.71
N ALA DC 39 -86.94 -3.36 105.63
CA ALA DC 39 -86.70 -2.04 106.22
C ALA DC 39 -85.87 -2.25 107.49
N GLY DC 40 -84.60 -1.89 107.37
CA GLY DC 40 -83.69 -1.91 108.51
C GLY DC 40 -83.28 -0.51 108.90
N ALA DC 41 -82.11 -0.42 109.52
CA ALA DC 41 -81.51 0.88 109.78
C ALA DC 41 -80.66 1.31 108.60
N VAL DC 42 -79.58 0.59 108.35
CA VAL DC 42 -78.64 0.97 107.30
C VAL DC 42 -78.96 0.19 106.04
N PRO DC 43 -79.28 0.88 104.94
CA PRO DC 43 -79.54 0.17 103.67
C PRO DC 43 -78.46 -0.80 103.28
N ALA DC 44 -77.19 -0.44 103.45
CA ALA DC 44 -76.10 -1.38 103.22
C ALA DC 44 -76.30 -2.67 104.00
N LEU DC 45 -76.83 -2.59 105.22
CA LEU DC 45 -77.12 -3.77 106.00
C LEU DC 45 -78.41 -4.45 105.57
N GLU DC 46 -79.35 -3.69 105.03
CA GLU DC 46 -80.69 -4.20 104.79
C GLU DC 46 -80.67 -5.25 103.70
N LYS DC 47 -81.51 -6.27 103.87
CA LYS DC 47 -81.60 -7.38 102.93
C LYS DC 47 -82.13 -6.82 101.62
N ARG DC 48 -81.67 -7.38 100.51
CA ARG DC 48 -82.12 -6.92 99.21
C ARG DC 48 -82.68 -8.06 98.39
N VAL DC 49 -83.69 -7.77 97.58
CA VAL DC 49 -84.28 -8.73 96.68
C VAL DC 49 -84.47 -8.05 95.34
N THR DC 50 -84.00 -8.69 94.28
CA THR DC 50 -84.03 -8.13 92.94
C THR DC 50 -84.70 -9.10 91.99
N VAL DC 51 -85.64 -8.59 91.20
CA VAL DC 51 -86.28 -9.38 90.16
C VAL DC 51 -86.23 -8.59 88.86
N SER DC 52 -86.25 -9.32 87.76
CA SER DC 52 -86.21 -8.69 86.46
C SER DC 52 -86.86 -9.61 85.45
N VAL DC 53 -87.42 -8.99 84.41
CA VAL DC 53 -87.91 -9.73 83.26
C VAL DC 53 -87.01 -9.36 82.10
N SER DC 54 -87.30 -9.90 80.93
CA SER DC 54 -86.54 -9.59 79.73
C SER DC 54 -87.42 -9.86 78.53
N GLN DC 55 -86.99 -9.36 77.38
CA GLN DC 55 -87.73 -9.63 76.17
C GLN DC 55 -86.75 -9.95 75.06
N PRO DC 56 -87.10 -10.87 74.17
CA PRO DC 56 -86.15 -11.31 73.15
C PRO DC 56 -85.77 -10.19 72.21
N SER DC 57 -84.50 -10.17 71.84
CA SER DC 57 -83.97 -9.15 70.95
C SER DC 57 -83.27 -9.84 69.80
N ARG DC 58 -82.64 -9.05 68.94
CA ARG DC 58 -81.76 -9.60 67.92
C ARG DC 58 -80.60 -10.38 68.52
N ASN DC 59 -80.23 -10.10 69.76
CA ASN DC 59 -79.19 -10.84 70.45
C ASN DC 59 -79.65 -12.17 71.00
N ARG DC 60 -80.88 -12.25 71.50
CA ARG DC 60 -81.39 -13.49 72.06
C ARG DC 60 -82.88 -13.57 71.79
N LYS DC 61 -83.34 -14.78 71.47
CA LYS DC 61 -84.73 -15.03 71.13
C LYS DC 61 -85.49 -15.54 72.34
N ASN DC 62 -84.83 -15.61 73.49
CA ASN DC 62 -85.39 -16.26 74.65
C ASN DC 62 -85.67 -15.24 75.73
N TYR DC 63 -86.68 -15.53 76.55
CA TYR DC 63 -86.96 -14.71 77.71
C TYR DC 63 -86.04 -15.09 78.87
N LYS DC 64 -85.56 -14.09 79.59
CA LYS DC 64 -84.78 -14.29 80.79
C LYS DC 64 -85.52 -13.68 81.97
N VAL DC 65 -85.60 -14.44 83.05
CA VAL DC 65 -86.14 -13.95 84.31
C VAL DC 65 -85.06 -14.17 85.34
N GLN DC 66 -84.52 -13.08 85.87
CA GLN DC 66 -83.40 -13.13 86.79
C GLN DC 66 -83.85 -12.66 88.16
N VAL DC 67 -83.48 -13.42 89.18
CA VAL DC 67 -83.80 -13.08 90.57
C VAL DC 67 -82.54 -13.27 91.39
N LYS DC 68 -82.11 -12.22 92.06
CA LYS DC 68 -80.94 -12.26 92.91
C LYS DC 68 -81.30 -11.80 94.31
N ILE DC 69 -80.66 -12.41 95.30
CA ILE DC 69 -80.90 -12.09 96.70
C ILE DC 69 -79.56 -11.79 97.34
N GLN DC 70 -79.52 -10.72 98.12
CA GLN DC 70 -78.30 -10.26 98.76
C GLN DC 70 -78.58 -10.07 100.25
N ASN DC 71 -77.92 -10.87 101.08
CA ASN DC 71 -78.13 -10.86 102.52
C ASN DC 71 -76.79 -10.73 103.21
N PRO DC 72 -76.38 -9.53 103.54
CA PRO DC 72 -75.08 -9.34 104.19
C PRO DC 72 -75.10 -9.87 105.61
N THR DC 73 -73.94 -9.82 106.24
CA THR DC 73 -73.77 -10.20 107.63
C THR DC 73 -73.23 -9.02 108.40
N ALA DC 74 -74.05 -8.50 109.31
CA ALA DC 74 -73.68 -7.34 110.09
C ALA DC 74 -72.70 -7.76 111.18
N CYS DC 75 -71.63 -6.97 111.34
CA CYS DC 75 -70.77 -7.07 112.50
C CYS DC 75 -71.18 -5.93 113.42
N THR DC 76 -71.86 -6.26 114.51
CA THR DC 76 -72.39 -5.23 115.39
C THR DC 76 -71.27 -4.46 116.06
N ALA DC 77 -70.40 -5.17 116.78
CA ALA DC 77 -69.25 -4.55 117.42
C ALA DC 77 -68.03 -4.87 116.58
N ASN DC 78 -67.53 -3.85 115.87
CA ASN DC 78 -66.27 -3.95 115.17
C ASN DC 78 -65.14 -3.36 115.99
N GLY DC 79 -65.41 -2.96 117.24
CA GLY DC 79 -64.51 -2.07 117.94
C GLY DC 79 -64.71 -0.63 117.55
N SER DC 80 -65.70 -0.36 116.70
CA SER DC 80 -65.99 0.98 116.22
C SER DC 80 -67.47 1.26 116.48
N CYS DC 81 -67.85 2.53 116.37
CA CYS DC 81 -69.20 2.95 116.70
C CYS DC 81 -70.24 2.50 115.70
N ASP DC 82 -69.83 2.04 114.52
CA ASP DC 82 -70.81 1.69 113.51
C ASP DC 82 -70.63 0.24 113.07
N PRO DC 83 -71.71 -0.47 112.80
CA PRO DC 83 -71.58 -1.83 112.30
C PRO DC 83 -71.01 -1.84 110.90
N SER DC 84 -70.52 -2.99 110.48
CA SER DC 84 -69.86 -3.11 109.19
C SER DC 84 -70.23 -4.43 108.53
N VAL DC 85 -70.28 -4.40 107.20
CA VAL DC 85 -70.55 -5.59 106.41
C VAL DC 85 -69.40 -6.56 106.60
N THR DC 86 -69.73 -7.82 106.88
CA THR DC 86 -68.69 -8.83 107.00
C THR DC 86 -68.73 -9.82 105.85
N ARG DC 87 -69.73 -10.68 105.83
CA ARG DC 87 -69.93 -11.64 104.77
C ARG DC 87 -71.15 -11.25 103.97
N GLN DC 88 -71.11 -11.52 102.68
CA GLN DC 88 -72.22 -11.16 101.81
C GLN DC 88 -72.74 -12.43 101.16
N ALA DC 89 -73.96 -12.84 101.54
CA ALA DC 89 -74.58 -14.03 101.00
C ALA DC 89 -75.19 -13.70 99.64
N TYR DC 90 -74.82 -14.47 98.63
CA TYR DC 90 -75.37 -14.28 97.30
C TYR DC 90 -76.26 -15.44 96.90
N ALA DC 91 -77.52 -15.11 96.64
CA ALA DC 91 -78.48 -16.10 96.15
C ALA DC 91 -78.97 -15.62 94.80
N ASP DC 92 -78.70 -16.41 93.76
CA ASP DC 92 -79.03 -16.04 92.40
C ASP DC 92 -79.87 -17.12 91.74
N VAL DC 93 -80.92 -16.70 91.05
CA VAL DC 93 -81.84 -17.58 90.35
C VAL DC 93 -82.14 -16.97 88.99
N THR DC 94 -82.10 -17.79 87.95
CA THR DC 94 -82.41 -17.33 86.61
C THR DC 94 -83.44 -18.26 85.97
N PHE DC 95 -84.01 -17.78 84.87
CA PHE DC 95 -84.97 -18.57 84.11
C PHE DC 95 -84.80 -18.28 82.64
N SER DC 96 -84.96 -19.32 81.83
CA SER DC 96 -84.94 -19.18 80.40
C SER DC 96 -86.22 -19.78 79.85
N PHE DC 97 -86.74 -19.17 78.79
CA PHE DC 97 -87.95 -19.66 78.16
C PHE DC 97 -87.90 -19.31 76.69
N THR DC 98 -88.71 -20.04 75.92
CA THR DC 98 -88.80 -19.84 74.49
C THR DC 98 -90.09 -19.09 74.18
N GLN DC 99 -90.05 -18.29 73.14
CA GLN DC 99 -91.20 -17.50 72.75
C GLN DC 99 -92.46 -18.33 72.66
N TYR DC 100 -92.35 -19.62 72.39
CA TYR DC 100 -93.52 -20.48 72.35
C TYR DC 100 -93.79 -21.16 73.69
N SER DC 101 -93.03 -20.82 74.73
CA SER DC 101 -93.23 -21.43 76.03
C SER DC 101 -94.67 -21.22 76.48
N THR DC 102 -95.29 -22.26 77.02
CA THR DC 102 -96.68 -22.11 77.43
C THR DC 102 -96.74 -21.72 78.90
N ASP DC 103 -97.97 -21.52 79.38
CA ASP DC 103 -98.16 -21.10 80.75
C ASP DC 103 -97.83 -22.20 81.74
N GLU DC 104 -98.50 -23.34 81.60
CA GLU DC 104 -98.38 -24.37 82.62
C GLU DC 104 -96.95 -24.88 82.73
N GLU DC 105 -96.27 -25.01 81.60
CA GLU DC 105 -94.85 -25.34 81.63
C GLU DC 105 -94.11 -24.44 82.59
N ARG DC 106 -94.26 -23.13 82.42
CA ARG DC 106 -93.65 -22.19 83.34
C ARG DC 106 -94.14 -22.44 84.75
N ALA DC 107 -95.46 -22.42 84.94
CA ALA DC 107 -96.03 -22.72 86.24
C ALA DC 107 -95.45 -24.01 86.81
N PHE DC 108 -95.37 -25.05 85.97
CA PHE DC 108 -94.77 -26.29 86.41
C PHE DC 108 -93.36 -26.07 86.94
N VAL DC 109 -92.58 -25.21 86.28
CA VAL DC 109 -91.24 -24.94 86.75
C VAL DC 109 -91.27 -24.27 88.11
N ARG DC 110 -92.17 -23.30 88.27
CA ARG DC 110 -92.15 -22.49 89.49
C ARG DC 110 -92.30 -23.37 90.72
N THR DC 111 -93.38 -24.15 90.79
CA THR DC 111 -93.62 -24.95 91.98
C THR DC 111 -92.46 -25.91 92.25
N GLU DC 112 -92.11 -26.76 91.27
CA GLU DC 112 -91.13 -27.79 91.52
C GLU DC 112 -89.84 -27.25 92.10
N LEU DC 113 -89.38 -26.09 91.62
CA LEU DC 113 -88.20 -25.51 92.22
C LEU DC 113 -88.40 -25.27 93.71
N ALA DC 114 -89.54 -24.72 94.08
CA ALA DC 114 -89.85 -24.54 95.49
C ALA DC 114 -89.82 -25.87 96.23
N ALA DC 115 -90.55 -26.86 95.72
CA ALA DC 115 -90.58 -28.17 96.37
C ALA DC 115 -89.17 -28.68 96.62
N LEU DC 116 -88.28 -28.59 95.64
CA LEU DC 116 -86.90 -28.95 95.87
C LEU DC 116 -86.33 -28.21 97.05
N LEU DC 117 -86.56 -26.90 97.13
CA LEU DC 117 -86.02 -26.13 98.23
C LEU DC 117 -86.52 -26.64 99.57
N ALA DC 118 -87.71 -27.23 99.59
CA ALA DC 118 -88.20 -27.89 100.79
C ALA DC 118 -87.81 -29.36 100.85
N SER DC 119 -87.25 -29.89 99.78
CA SER DC 119 -86.89 -31.30 99.78
C SER DC 119 -85.76 -31.56 100.77
N PRO DC 120 -85.76 -32.71 101.43
CA PRO DC 120 -84.66 -33.05 102.33
C PRO DC 120 -83.33 -33.16 101.62
N LEU DC 121 -83.33 -33.29 100.30
CA LEU DC 121 -82.07 -33.35 99.58
C LEU DC 121 -81.29 -32.06 99.74
N LEU DC 122 -81.87 -30.95 99.27
CA LEU DC 122 -81.13 -29.71 99.21
C LEU DC 122 -80.69 -29.19 100.57
N ILE DC 123 -81.47 -29.45 101.61
CA ILE DC 123 -81.17 -28.85 102.90
C ILE DC 123 -79.76 -29.22 103.34
N ASP DC 124 -79.39 -30.50 103.27
CA ASP DC 124 -78.01 -30.87 103.54
C ASP DC 124 -77.06 -30.25 102.55
N ALA DC 125 -77.42 -30.26 101.28
CA ALA DC 125 -76.66 -29.56 100.26
C ALA DC 125 -76.47 -28.09 100.59
N ILE DC 126 -77.55 -27.39 100.94
CA ILE DC 126 -77.48 -25.98 101.30
C ILE DC 126 -76.92 -25.80 102.70
N ASP DC 127 -77.67 -26.23 103.71
CA ASP DC 127 -77.31 -25.91 105.07
C ASP DC 127 -75.96 -26.49 105.46
N GLN DC 128 -75.78 -27.79 105.29
CA GLN DC 128 -74.56 -28.45 105.71
C GLN DC 128 -73.53 -28.57 104.61
N LEU DC 129 -73.79 -28.01 103.43
CA LEU DC 129 -72.83 -28.02 102.32
C LEU DC 129 -72.39 -29.44 102.02
N ASN DC 130 -73.35 -30.24 101.57
CA ASN DC 130 -72.99 -31.62 101.36
C ASN DC 130 -73.37 -32.05 99.95
N PRO DC 131 -72.54 -32.82 99.31
CA PRO DC 131 -72.92 -33.41 98.02
C PRO DC 131 -73.97 -34.48 98.21
N ALA DC 132 -74.21 -35.26 97.17
CA ALA DC 132 -75.42 -36.05 97.01
C ALA DC 132 -75.37 -37.37 97.76
N TYR DC 133 -74.31 -37.60 98.54
CA TYR DC 133 -74.19 -38.87 99.22
C TYR DC 133 -74.62 -38.75 100.68
N ALA EC 2 -91.44 8.56 96.84
CA ALA EC 2 -92.80 8.14 96.50
C ALA EC 2 -93.10 8.45 95.05
N LYS EC 3 -94.37 8.32 94.67
CA LYS EC 3 -94.81 8.52 93.31
C LYS EC 3 -94.60 9.96 92.88
N LEU EC 4 -94.18 10.12 91.63
CA LEU EC 4 -94.20 11.44 90.99
C LEU EC 4 -95.61 11.98 91.06
N GLU EC 5 -95.75 13.20 91.52
CA GLU EC 5 -97.05 13.83 91.63
C GLU EC 5 -96.94 15.29 91.27
N THR EC 6 -98.08 15.96 91.26
CA THR EC 6 -98.10 17.41 91.15
C THR EC 6 -97.47 17.92 92.44
N VAL EC 7 -96.45 18.76 92.29
CA VAL EC 7 -95.79 19.29 93.47
C VAL EC 7 -96.07 20.78 93.54
N THR EC 8 -96.88 21.18 94.50
CA THR EC 8 -97.19 22.58 94.74
C THR EC 8 -96.12 23.15 95.66
N LEU EC 9 -95.74 24.39 95.42
CA LEU EC 9 -94.75 25.06 96.23
C LEU EC 9 -95.26 26.45 96.57
N GLY EC 10 -95.33 26.74 97.87
CA GLY EC 10 -95.65 28.07 98.35
C GLY EC 10 -94.40 28.77 98.82
N ASN EC 11 -94.55 30.05 99.12
CA ASN EC 11 -93.48 30.84 99.71
C ASN EC 11 -92.24 30.82 98.83
N ILE EC 12 -92.35 31.47 97.69
CA ILE EC 12 -91.33 31.43 96.66
C ILE EC 12 -90.94 32.86 96.32
N GLY EC 13 -89.69 33.05 95.90
CA GLY EC 13 -89.22 34.35 95.49
C GLY EC 13 -89.01 35.27 96.66
N LYS EC 14 -88.36 36.40 96.37
CA LYS EC 14 -88.09 37.38 97.40
C LYS EC 14 -89.36 37.77 98.15
N ASP EC 15 -90.47 37.83 97.43
CA ASP EC 15 -91.75 38.08 98.09
C ASP EC 15 -92.13 36.95 99.03
N GLY EC 16 -92.05 35.71 98.56
CA GLY EC 16 -92.61 34.62 99.32
C GLY EC 16 -94.09 34.46 99.11
N LYS EC 17 -94.70 35.30 98.28
CA LYS EC 17 -96.09 35.09 97.88
C LYS EC 17 -96.15 34.29 96.59
N GLN EC 18 -95.01 34.07 95.94
CA GLN EC 18 -94.96 33.30 94.72
C GLN EC 18 -95.26 31.85 95.02
N THR EC 19 -95.99 31.22 94.10
CA THR EC 19 -96.31 29.81 94.19
C THR EC 19 -96.00 29.14 92.87
N LEU EC 20 -95.73 27.84 92.94
CA LEU EC 20 -95.38 27.09 91.74
C LEU EC 20 -95.87 25.66 91.86
N VAL EC 21 -96.36 25.11 90.76
CA VAL EC 21 -96.74 23.72 90.68
C VAL EC 21 -95.85 23.04 89.67
N LEU EC 22 -95.62 21.75 89.86
CA LEU EC 22 -94.74 20.97 88.98
C LEU EC 22 -95.45 19.68 88.60
N ASN EC 23 -95.63 19.49 87.34
CA ASN EC 23 -96.24 18.23 86.99
C ASN EC 23 -95.17 17.18 86.75
N PRO EC 24 -95.47 15.93 87.06
CA PRO EC 24 -94.54 14.85 86.70
C PRO EC 24 -94.37 14.77 85.20
N ARG EC 25 -93.11 14.77 84.78
CA ARG EC 25 -92.78 14.71 83.36
C ARG EC 25 -92.41 13.31 82.91
N GLY EC 26 -92.50 12.32 83.79
CA GLY EC 26 -91.99 11.00 83.49
C GLY EC 26 -90.51 10.90 83.84
N VAL EC 27 -89.93 9.76 83.47
CA VAL EC 27 -88.54 9.47 83.81
C VAL EC 27 -87.81 9.00 82.58
N ASN EC 28 -86.69 9.64 82.28
CA ASN EC 28 -85.85 9.10 81.23
C ASN EC 28 -85.19 7.83 81.71
N PRO EC 29 -85.50 6.67 81.15
CA PRO EC 29 -84.90 5.43 81.64
C PRO EC 29 -83.43 5.31 81.32
N THR EC 30 -82.96 5.92 80.24
CA THR EC 30 -81.56 5.78 79.86
C THR EC 30 -80.65 6.21 81.00
N ASN EC 31 -80.60 7.51 81.27
CA ASN EC 31 -79.86 8.00 82.42
C ASN EC 31 -80.55 7.66 83.73
N GLY EC 32 -81.79 7.17 83.69
CA GLY EC 32 -82.51 6.89 84.91
C GLY EC 32 -82.76 8.14 85.72
N VAL EC 33 -83.36 9.15 85.13
CA VAL EC 33 -83.55 10.44 85.78
C VAL EC 33 -85.00 10.87 85.61
N ALA EC 34 -85.63 11.22 86.71
CA ALA EC 34 -86.97 11.76 86.69
C ALA EC 34 -86.95 13.22 86.24
N SER EC 35 -88.12 13.70 85.82
CA SER EC 35 -88.25 15.07 85.36
C SER EC 35 -89.57 15.64 85.87
N LEU EC 36 -89.53 16.91 86.25
CA LEU EC 36 -90.71 17.63 86.70
C LEU EC 36 -90.76 18.96 85.99
N SER EC 37 -91.96 19.49 85.79
CA SER EC 37 -92.05 20.77 85.12
C SER EC 37 -93.29 21.53 85.56
N GLN EC 38 -93.16 22.84 85.56
CA GLN EC 38 -94.31 23.71 85.52
C GLN EC 38 -95.09 23.45 84.24
N ALA EC 39 -96.41 23.63 84.32
CA ALA EC 39 -97.21 23.57 83.10
C ALA EC 39 -97.36 24.99 82.56
N GLY EC 40 -96.64 25.23 81.48
CA GLY EC 40 -96.72 26.49 80.76
C GLY EC 40 -97.35 26.31 79.41
N ALA EC 41 -97.00 27.22 78.50
CA ALA EC 41 -97.37 27.04 77.11
C ALA EC 41 -96.31 26.26 76.37
N VAL EC 42 -95.12 26.83 76.24
CA VAL EC 42 -94.05 26.20 75.47
C VAL EC 42 -93.14 25.44 76.41
N PRO EC 43 -93.00 24.12 76.24
CA PRO EC 43 -92.08 23.35 77.09
C PRO EC 43 -90.69 23.93 77.16
N ALA EC 44 -90.14 24.40 76.05
CA ALA EC 44 -88.86 25.10 76.07
C ALA EC 44 -88.86 26.24 77.07
N LEU EC 45 -89.97 26.95 77.20
CA LEU EC 45 -90.08 28.01 78.19
C LEU EC 45 -90.36 27.48 79.58
N GLU EC 46 -90.98 26.32 79.70
CA GLU EC 46 -91.46 25.84 80.98
C GLU EC 46 -90.30 25.47 81.89
N LYS EC 47 -90.48 25.77 83.18
CA LYS EC 47 -89.45 25.51 84.18
C LYS EC 47 -89.26 24.01 84.26
N ARG EC 48 -88.03 23.58 84.52
CA ARG EC 48 -87.75 22.16 84.62
C ARG EC 48 -87.09 21.84 85.94
N VAL EC 49 -87.38 20.66 86.47
CA VAL EC 49 -86.78 20.16 87.69
C VAL EC 49 -86.41 18.71 87.46
N THR EC 50 -85.16 18.36 87.77
CA THR EC 50 -84.64 17.03 87.52
C THR EC 50 -84.06 16.47 88.80
N VAL EC 51 -84.42 15.23 89.12
CA VAL EC 51 -83.84 14.54 90.25
C VAL EC 51 -83.39 13.16 89.79
N SER EC 52 -82.39 12.63 90.48
CA SER EC 52 -81.88 11.32 90.14
C SER EC 52 -81.26 10.69 91.38
N VAL EC 53 -81.29 9.37 91.39
CA VAL EC 53 -80.56 8.61 92.41
C VAL EC 53 -79.44 7.89 91.69
N SER EC 54 -78.68 7.09 92.43
CA SER EC 54 -77.60 6.32 91.84
C SER EC 54 -77.33 5.14 92.76
N GLN EC 55 -76.59 4.18 92.24
CA GLN EC 55 -76.21 3.05 93.07
C GLN EC 55 -74.74 2.72 92.81
N PRO EC 56 -74.01 2.31 93.83
CA PRO EC 56 -72.58 2.09 93.67
C PRO EC 56 -72.29 0.98 92.69
N SER EC 57 -71.25 1.18 91.89
CA SER EC 57 -70.85 0.21 90.89
C SER EC 57 -69.37 -0.10 91.10
N ARG EC 58 -68.81 -0.90 90.19
CA ARG EC 58 -67.38 -1.09 90.16
C ARG EC 58 -66.62 0.21 89.92
N ASN EC 59 -67.27 1.20 89.31
CA ASN EC 59 -66.67 2.50 89.10
C ASN EC 59 -66.67 3.38 90.34
N ARG EC 60 -67.73 3.32 91.14
CA ARG EC 60 -67.83 4.15 92.33
C ARG EC 60 -68.59 3.39 93.40
N LYS EC 61 -68.13 3.51 94.64
CA LYS EC 61 -68.72 2.82 95.76
C LYS EC 61 -69.70 3.71 96.50
N ASN EC 62 -69.93 4.91 95.98
CA ASN EC 62 -70.70 5.91 96.70
C ASN EC 62 -72.01 6.17 96.00
N TYR EC 63 -73.01 6.56 96.76
CA TYR EC 63 -74.27 6.97 96.19
C TYR EC 63 -74.20 8.42 95.74
N LYS EC 64 -74.80 8.70 94.59
CA LYS EC 64 -74.92 10.06 94.09
C LYS EC 64 -76.39 10.41 93.98
N VAL EC 65 -76.76 11.58 94.48
CA VAL EC 65 -78.08 12.13 94.29
C VAL EC 65 -77.90 13.48 93.63
N GLN EC 66 -78.38 13.59 92.40
CA GLN EC 66 -78.19 14.79 91.59
C GLN EC 66 -79.53 15.47 91.38
N VAL EC 67 -79.56 16.77 91.58
CA VAL EC 67 -80.75 17.59 91.37
C VAL EC 67 -80.35 18.82 90.59
N LYS EC 68 -80.97 19.02 89.44
CA LYS EC 68 -80.70 20.18 88.60
C LYS EC 68 -81.99 20.92 88.34
N ILE EC 69 -81.90 22.24 88.26
CA ILE EC 69 -83.04 23.10 88.00
C ILE EC 69 -82.71 24.00 86.83
N GLN EC 70 -83.65 24.12 85.91
CA GLN EC 70 -83.47 24.89 84.69
C GLN EC 70 -84.62 25.86 84.55
N ASN EC 71 -84.33 27.15 84.62
CA ASN EC 71 -85.35 28.20 84.58
C ASN EC 71 -84.95 29.21 83.53
N PRO EC 72 -85.44 29.08 82.31
CA PRO EC 72 -85.08 30.02 81.25
C PRO EC 72 -85.71 31.37 81.50
N THR EC 73 -85.36 32.31 80.62
CA THR EC 73 -85.91 33.65 80.64
C THR EC 73 -86.58 33.92 79.31
N ALA EC 74 -87.89 34.05 79.34
CA ALA EC 74 -88.67 34.28 78.13
C ALA EC 74 -88.50 35.71 77.68
N CYS EC 75 -88.27 35.89 76.38
CA CYS EC 75 -88.37 37.21 75.74
C CYS EC 75 -89.72 37.22 75.05
N THR EC 76 -90.66 37.97 75.61
CA THR EC 76 -92.02 37.97 75.08
C THR EC 76 -92.05 38.58 73.69
N ALA EC 77 -91.60 39.82 73.57
CA ALA EC 77 -91.53 40.49 72.27
C ALA EC 77 -90.09 40.47 71.81
N ASN EC 78 -89.82 39.63 70.83
CA ASN EC 78 -88.52 39.62 70.15
C ASN EC 78 -88.56 40.44 68.88
N GLY EC 79 -89.67 41.12 68.60
CA GLY EC 79 -89.92 41.61 67.28
C GLY EC 79 -90.49 40.54 66.37
N SER EC 80 -90.75 39.36 66.91
CA SER EC 80 -91.27 38.23 66.16
C SER EC 80 -92.50 37.72 66.88
N CYS EC 81 -93.27 36.89 66.18
CA CYS EC 81 -94.55 36.42 66.71
C CYS EC 81 -94.41 35.43 67.85
N ASP EC 82 -93.21 34.87 68.06
CA ASP EC 82 -93.08 33.86 69.09
C ASP EC 82 -92.01 34.27 70.10
N PRO EC 83 -92.23 33.96 71.38
CA PRO EC 83 -91.20 34.26 72.37
C PRO EC 83 -89.99 33.38 72.17
N SER EC 84 -88.88 33.79 72.77
CA SER EC 84 -87.62 33.09 72.58
C SER EC 84 -86.84 33.04 73.90
N VAL EC 85 -86.09 31.96 74.05
CA VAL EC 85 -85.24 31.80 75.22
C VAL EC 85 -84.16 32.86 75.18
N THR EC 86 -83.94 33.53 76.30
CA THR EC 86 -82.89 34.53 76.37
C THR EC 86 -81.75 34.07 77.27
N ARG EC 87 -82.00 34.06 78.58
CA ARG EC 87 -81.03 33.60 79.55
C ARG EC 87 -81.52 32.30 80.15
N GLN EC 88 -80.58 31.43 80.48
CA GLN EC 88 -80.95 30.12 81.04
C GLN EC 88 -80.30 30.01 82.42
N ALA EC 89 -81.13 30.01 83.45
CA ALA EC 89 -80.65 29.90 84.83
C ALA EC 89 -80.37 28.44 85.13
N TYR EC 90 -79.17 28.15 85.60
CA TYR EC 90 -78.80 26.79 85.96
C TYR EC 90 -78.61 26.68 87.47
N ALA EC 91 -79.42 25.81 88.08
CA ALA EC 91 -79.28 25.52 89.50
C ALA EC 91 -79.00 24.03 89.62
N ASP EC 92 -77.84 23.69 90.16
CA ASP EC 92 -77.40 22.31 90.26
C ASP EC 92 -77.05 21.97 91.70
N VAL EC 93 -77.50 20.80 92.14
CA VAL EC 93 -77.25 20.31 93.49
C VAL EC 93 -76.92 18.83 93.38
N THR EC 94 -75.89 18.41 94.10
CA THR EC 94 -75.48 17.02 94.13
C THR EC 94 -75.34 16.54 95.57
N PHE EC 95 -75.27 15.23 95.72
CA PHE EC 95 -75.05 14.63 97.02
C PHE EC 95 -74.20 13.39 96.88
N SER EC 96 -73.33 13.19 97.85
CA SER EC 96 -72.51 11.99 97.91
C SER EC 96 -72.72 11.33 99.26
N PHE EC 97 -72.72 10.01 99.27
CA PHE EC 97 -72.88 9.26 100.49
C PHE EC 97 -72.13 7.94 100.38
N THR EC 98 -71.84 7.37 101.54
CA THR EC 98 -71.14 6.11 101.62
C THR EC 98 -72.13 5.01 101.93
N GLN EC 99 -71.84 3.83 101.43
CA GLN EC 99 -72.72 2.69 101.64
C GLN EC 99 -73.11 2.52 103.09
N TYR EC 100 -72.26 2.95 104.02
CA TYR EC 100 -72.60 2.86 105.43
C TYR EC 100 -73.27 4.13 105.95
N SER EC 101 -73.55 5.09 105.08
CA SER EC 101 -74.19 6.32 105.52
C SER EC 101 -75.50 6.00 106.24
N THR EC 102 -75.73 6.67 107.36
CA THR EC 102 -76.96 6.38 108.09
C THR EC 102 -78.06 7.32 107.67
N ASP EC 103 -79.24 7.12 108.26
CA ASP EC 103 -80.39 7.92 107.90
C ASP EC 103 -80.26 9.35 108.40
N GLU EC 104 -80.08 9.52 109.71
CA GLU EC 104 -80.14 10.86 110.27
C GLU EC 104 -79.05 11.75 109.72
N GLU EC 105 -77.85 11.19 109.50
CA GLU EC 105 -76.80 11.93 108.83
C GLU EC 105 -77.33 12.56 107.55
N ARG EC 106 -77.92 11.74 106.69
CA ARG EC 106 -78.52 12.27 105.47
C ARG EC 106 -79.58 13.30 105.81
N ALA EC 107 -80.55 12.91 106.64
CA ALA EC 107 -81.57 13.86 107.07
C ALA EC 107 -80.94 15.14 107.61
N PHE EC 108 -79.90 15.00 108.43
CA PHE EC 108 -79.19 16.18 108.91
C PHE EC 108 -78.71 17.04 107.76
N VAL EC 109 -78.20 16.44 106.70
CA VAL EC 109 -77.75 17.21 105.55
C VAL EC 109 -78.91 17.94 104.91
N ARG EC 110 -80.03 17.26 104.75
CA ARG EC 110 -81.13 17.85 103.99
C ARG EC 110 -81.57 19.17 104.60
N THR EC 111 -81.94 19.17 105.87
CA THR EC 111 -82.44 20.39 106.49
C THR EC 111 -81.41 21.51 106.42
N GLU EC 112 -80.21 21.28 106.94
CA GLU EC 112 -79.23 22.35 107.05
C GLU EC 112 -79.00 23.07 105.73
N LEU EC 113 -78.95 22.33 104.63
CA LEU EC 113 -78.82 22.99 103.34
C LEU EC 113 -79.96 23.98 103.13
N ALA EC 114 -81.18 23.55 103.41
CA ALA EC 114 -82.31 24.47 103.30
C ALA EC 114 -82.12 25.68 104.20
N ALA EC 115 -81.82 25.45 105.48
CA ALA EC 115 -81.62 26.56 106.39
C ALA EC 115 -80.63 27.57 105.83
N LEU EC 116 -79.51 27.11 105.30
CA LEU EC 116 -78.58 28.00 104.65
C LEU EC 116 -79.27 28.81 103.57
N LEU EC 117 -80.07 28.16 102.73
CA LEU EC 117 -80.74 28.89 101.67
C LEU EC 117 -81.64 29.98 102.23
N ALA EC 118 -82.16 29.80 103.44
CA ALA EC 118 -82.89 30.86 104.10
C ALA EC 118 -81.99 31.75 104.94
N SER EC 119 -80.73 31.39 105.12
CA SER EC 119 -79.84 32.20 105.92
C SER EC 119 -79.60 33.54 105.26
N PRO EC 120 -79.46 34.61 106.05
CA PRO EC 120 -79.12 35.92 105.49
C PRO EC 120 -77.79 35.93 104.79
N LEU EC 121 -76.93 34.95 105.04
CA LEU EC 121 -75.65 34.92 104.36
C LEU EC 121 -75.84 34.73 102.86
N LEU EC 122 -76.45 33.63 102.46
CA LEU EC 122 -76.50 33.28 101.05
C LEU EC 122 -77.29 34.27 100.22
N ILE EC 123 -78.31 34.92 100.80
CA ILE EC 123 -79.16 35.78 99.99
C ILE EC 123 -78.35 36.86 99.30
N ASP EC 124 -77.48 37.54 100.02
CA ASP EC 124 -76.57 38.48 99.38
C ASP EC 124 -75.65 37.79 98.41
N ALA EC 125 -75.10 36.63 98.80
CA ALA EC 125 -74.32 35.82 97.90
C ALA EC 125 -75.09 35.46 96.65
N ILE EC 126 -76.32 34.98 96.78
CA ILE EC 126 -77.14 34.62 95.64
C ILE EC 126 -77.72 35.85 94.97
N ASP EC 127 -78.60 36.56 95.66
CA ASP EC 127 -79.35 37.63 95.02
C ASP EC 127 -78.44 38.74 94.53
N GLN EC 128 -77.62 39.29 95.40
CA GLN EC 128 -76.78 40.42 95.06
C GLN EC 128 -75.39 40.02 94.60
N LEU EC 129 -75.11 38.72 94.49
CA LEU EC 129 -73.81 38.23 94.01
C LEU EC 129 -72.68 38.83 94.82
N ASN EC 130 -72.66 38.48 96.10
CA ASN EC 130 -71.65 39.10 96.93
C ASN EC 130 -70.85 38.05 97.67
N PRO EC 131 -69.57 38.23 97.77
CA PRO EC 131 -68.76 37.34 98.63
C PRO EC 131 -69.06 37.59 100.09
N ALA EC 132 -68.22 37.03 100.94
CA ALA EC 132 -68.54 36.80 102.35
C ALA EC 132 -68.35 38.04 103.21
N TYR EC 133 -68.03 39.18 102.62
CA TYR EC 133 -67.77 40.36 103.40
C TYR EC 133 -68.98 41.27 103.42
N ALA FC 2 -98.35 8.85 83.49
CA ALA FC 2 -98.28 8.28 84.82
C ALA FC 2 -97.68 6.88 84.76
N LYS FC 3 -97.77 6.17 85.88
CA LYS FC 3 -97.17 4.85 86.02
C LYS FC 3 -97.84 3.87 85.08
N LEU FC 4 -97.02 2.99 84.50
CA LEU FC 4 -97.52 1.83 83.79
C LEU FC 4 -98.40 1.04 84.74
N GLU FC 5 -99.60 0.72 84.29
CA GLU FC 5 -100.54 -0.04 85.11
C GLU FC 5 -101.29 -1.02 84.24
N THR FC 6 -102.12 -1.82 84.90
CA THR FC 6 -103.07 -2.65 84.17
C THR FC 6 -104.04 -1.68 83.51
N VAL FC 7 -104.19 -1.82 82.20
CA VAL FC 7 -105.10 -0.94 81.48
C VAL FC 7 -106.27 -1.77 80.99
N THR FC 8 -107.43 -1.56 81.59
CA THR FC 8 -108.66 -2.21 81.18
C THR FC 8 -109.29 -1.38 80.08
N LEU FC 9 -109.88 -2.06 79.10
CA LEU FC 9 -110.55 -1.40 78.00
C LEU FC 9 -111.90 -2.04 77.78
N GLY FC 10 -112.95 -1.23 77.84
CA GLY FC 10 -114.28 -1.68 77.50
C GLY FC 10 -114.67 -1.18 76.12
N ASN FC 11 -115.81 -1.67 75.63
CA ASN FC 11 -116.39 -1.21 74.39
C ASN FC 11 -115.39 -1.37 73.24
N ILE FC 12 -115.16 -2.64 72.88
CA ILE FC 12 -114.14 -2.99 71.92
C ILE FC 12 -114.79 -3.83 70.83
N GLY FC 13 -114.25 -3.76 69.63
CA GLY FC 13 -114.74 -4.55 68.51
C GLY FC 13 -116.06 -4.04 68.00
N LYS FC 14 -116.44 -4.59 66.86
CA LYS FC 14 -117.71 -4.21 66.23
C LYS FC 14 -118.86 -4.33 67.21
N ASP FC 15 -118.81 -5.35 68.06
CA ASP FC 15 -119.83 -5.48 69.10
C ASP FC 15 -119.77 -4.34 70.09
N GLY FC 16 -118.58 -4.03 70.60
CA GLY FC 16 -118.48 -3.10 71.70
C GLY FC 16 -118.71 -3.76 73.04
N LYS FC 17 -118.98 -5.07 73.05
CA LYS FC 17 -119.01 -5.81 74.30
C LYS FC 17 -117.66 -6.41 74.62
N GLN FC 18 -116.73 -6.35 73.68
CA GLN FC 18 -115.39 -6.85 73.89
C GLN FC 18 -114.66 -6.01 74.91
N THR FC 19 -113.88 -6.66 75.75
CA THR FC 19 -113.06 -6.00 76.74
C THR FC 19 -111.64 -6.54 76.69
N LEU FC 20 -110.69 -5.71 77.10
CA LEU FC 20 -109.29 -6.11 77.05
C LEU FC 20 -108.54 -5.47 78.20
N VAL FC 21 -107.62 -6.22 78.77
CA VAL FC 21 -106.73 -5.72 79.79
C VAL FC 21 -105.30 -5.80 79.25
N LEU FC 22 -104.45 -4.90 79.73
CA LEU FC 22 -103.06 -4.82 79.27
C LEU FC 22 -102.15 -4.73 80.48
N ASN FC 23 -101.27 -5.66 80.60
CA ASN FC 23 -100.37 -5.51 81.72
C ASN FC 23 -99.14 -4.73 81.30
N PRO FC 24 -98.55 -3.98 82.21
CA PRO FC 24 -97.28 -3.32 81.92
C PRO FC 24 -96.20 -4.37 81.65
N ARG FC 25 -95.52 -4.19 80.52
CA ARG FC 25 -94.47 -5.11 80.11
C ARG FC 25 -93.09 -4.59 80.46
N GLY FC 26 -92.99 -3.44 81.12
CA GLY FC 26 -91.71 -2.79 81.31
C GLY FC 26 -91.38 -1.90 80.14
N VAL FC 27 -90.16 -1.36 80.15
CA VAL FC 27 -89.72 -0.40 79.15
C VAL FC 27 -88.37 -0.83 78.62
N ASN FC 28 -88.26 -0.94 77.32
CA ASN FC 28 -86.94 -1.13 76.76
C ASN FC 28 -86.14 0.16 76.85
N PRO FC 29 -85.08 0.20 77.65
CA PRO FC 29 -84.32 1.44 77.81
C PRO FC 29 -83.56 1.85 76.58
N THR FC 30 -83.14 0.90 75.76
CA THR FC 30 -82.35 1.23 74.58
C THR FC 30 -83.07 2.23 73.70
N ASN FC 31 -84.14 1.80 73.04
CA ASN FC 31 -84.97 2.71 72.28
C ASN FC 31 -85.79 3.61 73.18
N GLY FC 32 -85.84 3.34 74.48
CA GLY FC 32 -86.65 4.13 75.38
C GLY FC 32 -88.12 4.01 75.06
N VAL FC 33 -88.65 2.80 74.99
CA VAL FC 33 -90.02 2.56 74.59
C VAL FC 33 -90.68 1.64 75.59
N ALA FC 34 -91.85 2.05 76.08
CA ALA FC 34 -92.65 1.23 76.96
C ALA FC 34 -93.36 0.15 76.17
N SER FC 35 -93.81 -0.88 76.89
CA SER FC 35 -94.52 -1.98 76.26
C SER FC 35 -95.67 -2.41 77.16
N LEU FC 36 -96.79 -2.76 76.53
CA LEU FC 36 -97.96 -3.24 77.24
C LEU FC 36 -98.46 -4.49 76.53
N SER FC 37 -99.08 -5.38 77.28
CA SER FC 37 -99.58 -6.59 76.65
C SER FC 37 -100.78 -7.13 77.38
N GLN FC 38 -101.67 -7.76 76.61
CA GLN FC 38 -102.62 -8.70 77.15
C GLN FC 38 -101.88 -9.84 77.83
N ALA FC 39 -102.48 -10.39 78.87
CA ALA FC 39 -101.93 -11.60 79.48
C ALA FC 39 -102.62 -12.80 78.83
N GLY FC 40 -101.87 -13.46 77.96
CA GLY FC 40 -102.31 -14.68 77.33
C GLY FC 40 -101.52 -15.88 77.82
N ALA FC 41 -101.46 -16.90 76.96
CA ALA FC 41 -100.58 -18.02 77.22
C ALA FC 41 -99.20 -17.77 76.63
N VAL FC 42 -99.13 -17.69 75.31
CA VAL FC 42 -97.86 -17.53 74.63
C VAL FC 42 -97.62 -16.06 74.32
N PRO FC 43 -96.55 -15.46 74.84
CA PRO FC 43 -96.26 -14.06 74.53
C PRO FC 43 -96.25 -13.75 73.04
N ALA FC 44 -95.70 -14.62 72.22
CA ALA FC 44 -95.77 -14.46 70.77
C ALA FC 44 -97.21 -14.29 70.31
N LEU FC 45 -98.15 -14.99 70.92
CA LEU FC 45 -99.56 -14.82 70.59
C LEU FC 45 -100.16 -13.59 71.23
N GLU FC 46 -99.63 -13.16 72.38
CA GLU FC 46 -100.27 -12.13 73.16
C GLU FC 46 -100.23 -10.79 72.45
N LYS FC 47 -101.30 -10.02 72.59
CA LYS FC 47 -101.43 -8.72 71.94
C LYS FC 47 -100.37 -7.81 72.54
N ARG FC 48 -99.83 -6.91 71.73
CA ARG FC 48 -98.82 -6.00 72.20
C ARG FC 48 -99.22 -4.56 71.93
N VAL FC 49 -98.83 -3.67 72.85
CA VAL FC 49 -99.07 -2.24 72.70
C VAL FC 49 -97.79 -1.52 73.09
N THR FC 50 -97.34 -0.63 72.23
CA THR FC 50 -96.08 0.07 72.41
C THR FC 50 -96.32 1.57 72.32
N VAL FC 51 -95.77 2.30 73.28
CA VAL FC 51 -95.83 3.76 73.27
C VAL FC 51 -94.43 4.28 73.51
N SER FC 52 -94.17 5.48 73.00
CA SER FC 52 -92.87 6.10 73.17
C SER FC 52 -93.02 7.60 73.09
N VAL FC 53 -92.11 8.29 73.77
CA VAL FC 53 -92.00 9.73 73.64
C VAL FC 53 -90.67 9.99 72.97
N SER FC 54 -90.34 11.26 72.79
CA SER FC 54 -89.07 11.64 72.19
C SER FC 54 -88.76 13.05 72.63
N GLN FC 55 -87.50 13.45 72.43
CA GLN FC 55 -87.13 14.81 72.75
C GLN FC 55 -86.26 15.35 71.63
N PRO FC 56 -86.38 16.64 71.33
CA PRO FC 56 -85.66 17.18 70.18
C PRO FC 56 -84.15 17.12 70.38
N SER FC 57 -83.45 16.82 69.31
CA SER FC 57 -82.00 16.71 69.34
C SER FC 57 -81.43 17.61 68.25
N ARG FC 58 -80.12 17.55 68.07
CA ARG FC 58 -79.50 18.20 66.93
C ARG FC 58 -80.00 17.64 65.61
N ASN FC 59 -80.52 16.42 65.60
CA ASN FC 59 -81.09 15.82 64.41
C ASN FC 59 -82.49 16.32 64.11
N ARG FC 60 -83.31 16.53 65.13
CA ARG FC 60 -84.68 16.98 64.93
C ARG FC 60 -85.09 17.88 66.08
N LYS FC 61 -85.81 18.95 65.75
CA LYS FC 61 -86.24 19.94 66.73
C LYS FC 61 -87.66 19.65 67.20
N ASN FC 62 -88.22 18.55 66.75
CA ASN FC 62 -89.63 18.28 66.98
C ASN FC 62 -89.79 17.08 67.89
N TYR FC 63 -90.89 17.08 68.65
CA TYR FC 63 -91.22 15.93 69.46
C TYR FC 63 -91.91 14.87 68.63
N LYS FC 64 -91.58 13.61 68.88
CA LYS FC 64 -92.24 12.49 68.24
C LYS FC 64 -92.89 11.65 69.32
N VAL FC 65 -94.14 11.28 69.10
CA VAL FC 65 -94.85 10.33 69.95
C VAL FC 65 -95.31 9.21 69.05
N GLN FC 66 -94.76 8.02 69.27
CA GLN FC 66 -95.01 6.87 68.42
C GLN FC 66 -95.78 5.83 69.22
N VAL FC 67 -96.84 5.31 68.60
CA VAL FC 67 -97.65 4.26 69.20
C VAL FC 67 -97.89 3.19 68.16
N LYS FC 68 -97.50 1.96 68.46
CA LYS FC 68 -97.67 0.84 67.56
C LYS FC 68 -98.44 -0.26 68.28
N ILE FC 69 -99.29 -0.96 67.52
CA ILE FC 69 -100.09 -2.04 68.05
C ILE FC 69 -99.87 -3.27 67.19
N GLN FC 70 -99.67 -4.40 67.84
CA GLN FC 70 -99.36 -5.66 67.16
C GLN FC 70 -100.33 -6.71 67.66
N ASN FC 71 -101.18 -7.22 66.77
CA ASN FC 71 -102.22 -8.18 67.11
C ASN FC 71 -102.12 -9.35 66.15
N PRO FC 72 -101.41 -10.40 66.51
CA PRO FC 72 -101.27 -11.55 65.61
C PRO FC 72 -102.58 -12.31 65.50
N THR FC 73 -102.56 -13.31 64.65
CA THR FC 73 -103.68 -14.21 64.44
C THR FC 73 -103.24 -15.63 64.75
N ALA FC 74 -103.78 -16.18 65.82
CA ALA FC 74 -103.43 -17.52 66.24
C ALA FC 74 -104.07 -18.55 65.32
N CYS FC 75 -103.30 -19.54 64.90
CA CYS FC 75 -103.84 -20.72 64.26
C CYS FC 75 -103.85 -21.80 65.34
N THR FC 76 -105.04 -22.13 65.82
CA THR FC 76 -105.14 -23.07 66.94
C THR FC 76 -104.69 -24.46 66.51
N ALA FC 77 -105.33 -25.01 65.49
CA ALA FC 77 -104.95 -26.31 64.96
C ALA FC 77 -104.16 -26.07 63.69
N ASN FC 78 -102.85 -26.29 63.76
CA ASN FC 78 -102.01 -26.29 62.59
C ASN FC 78 -101.77 -27.71 62.07
N GLY FC 79 -102.44 -28.70 62.65
CA GLY FC 79 -102.01 -30.07 62.48
C GLY FC 79 -100.88 -30.44 63.41
N SER FC 80 -100.48 -29.51 64.28
CA SER FC 80 -99.39 -29.71 65.21
C SER FC 80 -99.90 -29.39 66.61
N CYS FC 81 -99.12 -29.79 67.61
CA CYS FC 81 -99.54 -29.65 69.00
C CYS FC 81 -99.53 -28.21 69.50
N ASP FC 82 -98.90 -27.29 68.78
CA ASP FC 82 -98.80 -25.94 69.27
C ASP FC 82 -99.38 -24.96 68.27
N PRO FC 83 -100.05 -23.92 68.74
CA PRO FC 83 -100.56 -22.91 67.81
C PRO FC 83 -99.43 -22.13 67.18
N SER FC 84 -99.73 -21.45 66.09
CA SER FC 84 -98.71 -20.73 65.34
C SER FC 84 -99.26 -19.40 64.84
N VAL FC 85 -98.36 -18.43 64.74
CA VAL FC 85 -98.71 -17.12 64.22
C VAL FC 85 -99.07 -17.27 62.75
N THR FC 86 -100.19 -16.67 62.35
CA THR FC 86 -100.58 -16.73 60.95
C THR FC 86 -100.46 -15.35 60.31
N ARG FC 87 -101.37 -14.45 60.66
CA ARG FC 87 -101.35 -13.09 60.16
C ARG FC 87 -101.00 -12.15 61.30
N GLN FC 88 -100.29 -11.08 60.97
CA GLN FC 88 -99.87 -10.13 62.00
C GLN FC 88 -100.45 -8.77 61.64
N ALA FC 89 -101.38 -8.31 62.46
CA ALA FC 89 -102.03 -7.02 62.25
C ALA FC 89 -101.12 -5.92 62.78
N TYR FC 90 -100.81 -4.94 61.93
CA TYR FC 90 -99.98 -3.82 62.35
C TYR FC 90 -100.80 -2.54 62.39
N ALA FC 91 -100.85 -1.95 63.58
CA ALA FC 91 -101.51 -0.66 63.77
C ALA FC 91 -100.46 0.31 64.28
N ASP FC 92 -100.19 1.34 63.52
CA ASP FC 92 -99.14 2.31 63.83
C ASP FC 92 -99.71 3.71 63.86
N VAL FC 93 -99.33 4.47 64.88
CA VAL FC 93 -99.76 5.85 65.06
C VAL FC 93 -98.56 6.66 65.50
N THR FC 94 -98.38 7.84 64.90
CA THR FC 94 -97.30 8.72 65.26
C THR FC 94 -97.83 10.12 65.52
N PHE FC 95 -96.99 10.95 66.13
CA PHE FC 95 -97.34 12.33 66.39
C PHE FC 95 -96.10 13.18 66.26
N SER FC 96 -96.31 14.38 65.72
CA SER FC 96 -95.24 15.35 65.62
C SER FC 96 -95.70 16.64 66.27
N PHE FC 97 -94.79 17.34 66.94
CA PHE FC 97 -95.10 18.59 67.58
C PHE FC 97 -93.88 19.47 67.57
N THR FC 98 -94.11 20.76 67.75
CA THR FC 98 -93.06 21.74 67.78
C THR FC 98 -92.82 22.17 69.22
N GLN FC 99 -91.57 22.50 69.51
CA GLN FC 99 -91.20 22.90 70.86
C GLN FC 99 -92.14 23.94 71.43
N TYR FC 100 -92.75 24.76 70.58
CA TYR FC 100 -93.71 25.75 71.07
C TYR FC 100 -95.14 25.23 71.06
N SER FC 101 -95.35 23.96 70.74
CA SER FC 101 -96.70 23.41 70.71
C SER FC 101 -97.35 23.61 72.06
N THR FC 102 -98.62 24.02 72.06
CA THR FC 102 -99.28 24.26 73.33
C THR FC 102 -100.03 23.01 73.77
N ASP FC 103 -100.65 23.11 74.94
CA ASP FC 103 -101.36 21.96 75.48
C ASP FC 103 -102.63 21.66 74.71
N GLU FC 104 -103.53 22.64 74.61
CA GLU FC 104 -104.83 22.37 74.06
C GLU FC 104 -104.74 21.92 72.61
N GLU FC 105 -103.83 22.51 71.84
CA GLU FC 105 -103.57 22.02 70.50
C GLU FC 105 -103.36 20.52 70.50
N ARG FC 106 -102.44 20.05 71.32
CA ARG FC 106 -102.23 18.62 71.45
C ARG FC 106 -103.51 17.92 71.88
N ALA FC 107 -104.08 18.37 73.00
CA ALA FC 107 -105.35 17.81 73.44
C ALA FC 107 -106.38 17.81 72.32
N PHE FC 108 -106.47 18.91 71.58
CA PHE FC 108 -107.36 18.96 70.43
C PHE FC 108 -107.08 17.83 69.46
N VAL FC 109 -105.80 17.54 69.22
CA VAL FC 109 -105.47 16.44 68.31
C VAL FC 109 -105.95 15.12 68.88
N ARG FC 110 -105.74 14.90 70.17
CA ARG FC 110 -106.03 13.59 70.74
C ARG FC 110 -107.48 13.20 70.51
N THR FC 111 -108.41 14.03 70.97
CA THR FC 111 -109.81 13.67 70.85
C THR FC 111 -110.22 13.45 69.40
N GLU FC 112 -109.99 14.44 68.54
CA GLU FC 112 -110.48 14.36 67.17
C GLU FC 112 -110.07 13.08 66.49
N LEU FC 113 -108.84 12.64 66.69
CA LEU FC 113 -108.44 11.36 66.10
C LEU FC 113 -109.35 10.25 66.57
N ALA FC 114 -109.64 10.20 67.87
CA ALA FC 114 -110.57 9.20 68.37
C ALA FC 114 -111.93 9.34 67.70
N ALA FC 115 -112.49 10.55 67.68
CA ALA FC 115 -113.79 10.75 67.05
C ALA FC 115 -113.81 10.19 65.64
N LEU FC 116 -112.77 10.48 64.85
CA LEU FC 116 -112.68 9.88 63.54
C LEU FC 116 -112.78 8.37 63.60
N LEU FC 117 -112.05 7.75 64.52
CA LEU FC 117 -112.10 6.31 64.63
C LEU FC 117 -113.51 5.82 64.92
N ALA FC 118 -114.33 6.63 65.58
CA ALA FC 118 -115.73 6.30 65.74
C ALA FC 118 -116.60 6.84 64.62
N SER FC 119 -116.04 7.65 63.74
CA SER FC 119 -116.83 8.20 62.66
C SER FC 119 -117.27 7.10 61.69
N PRO FC 120 -118.47 7.22 61.13
CA PRO FC 120 -118.91 6.24 60.12
C PRO FC 120 -118.03 6.23 58.90
N LEU FC 121 -117.24 7.26 58.67
CA LEU FC 121 -116.35 7.26 57.52
C LEU FC 121 -115.33 6.14 57.61
N LEU FC 122 -114.51 6.16 58.66
CA LEU FC 122 -113.38 5.25 58.72
C LEU FC 122 -113.80 3.79 58.82
N ILE FC 123 -114.95 3.50 59.43
CA ILE FC 123 -115.31 2.12 59.65
C ILE FC 123 -115.36 1.35 58.34
N ASP FC 124 -116.01 1.89 57.32
CA ASP FC 124 -115.96 1.28 56.00
C ASP FC 124 -114.55 1.26 55.44
N ALA FC 125 -113.84 2.36 55.60
CA ALA FC 125 -112.42 2.39 55.25
C ALA FC 125 -111.62 1.32 55.95
N ILE FC 126 -111.77 1.19 57.26
CA ILE FC 126 -111.07 0.18 58.02
C ILE FC 126 -111.69 -1.19 57.83
N ASP FC 127 -112.92 -1.38 58.31
CA ASP FC 127 -113.49 -2.71 58.35
C ASP FC 127 -113.65 -3.30 56.96
N GLN FC 128 -114.32 -2.59 56.07
CA GLN FC 128 -114.61 -3.11 54.75
C GLN FC 128 -113.59 -2.69 53.70
N LEU FC 129 -112.52 -2.01 54.10
CA LEU FC 129 -111.45 -1.60 53.19
C LEU FC 129 -112.02 -0.84 51.99
N ASN FC 130 -112.59 0.31 52.29
CA ASN FC 130 -113.22 1.02 51.20
C ASN FC 130 -112.70 2.45 51.13
N PRO FC 131 -112.47 2.94 49.94
CA PRO FC 131 -112.14 4.36 49.78
C PRO FC 131 -113.34 5.24 50.07
N ALA FC 132 -113.22 6.51 49.71
CA ALA FC 132 -114.06 7.57 50.25
C ALA FC 132 -115.41 7.67 49.57
N TYR FC 133 -115.72 6.75 48.66
CA TYR FC 133 -116.97 6.84 47.92
C TYR FC 133 -118.00 5.90 48.51
N ALA GC 2 -88.00 -77.50 61.96
CA ALA GC 2 -87.76 -78.38 63.09
C ALA GC 2 -86.64 -79.36 62.80
N LYS GC 3 -86.48 -80.34 63.68
CA LYS GC 3 -85.41 -81.31 63.58
C LYS GC 3 -85.58 -82.15 62.32
N LEU GC 4 -84.45 -82.45 61.69
CA LEU GC 4 -84.41 -83.46 60.64
C LEU GC 4 -84.94 -84.76 61.22
N GLU GC 5 -85.88 -85.37 60.53
CA GLU GC 5 -86.47 -86.62 60.98
C GLU GC 5 -86.72 -87.53 59.79
N THR GC 6 -87.18 -88.73 60.10
CA THR GC 6 -87.68 -89.61 59.05
C THR GC 6 -88.93 -88.94 58.50
N VAL GC 7 -88.96 -88.75 57.19
CA VAL GC 7 -90.11 -88.10 56.59
C VAL GC 7 -90.83 -89.14 55.74
N THR GC 8 -92.01 -89.56 56.18
CA THR GC 8 -92.84 -90.48 55.44
C THR GC 8 -93.71 -89.67 54.49
N LEU GC 9 -93.92 -90.21 53.30
CA LEU GC 9 -94.76 -89.55 52.31
C LEU GC 9 -95.72 -90.57 51.72
N GLY GC 10 -97.01 -90.27 51.82
CA GLY GC 10 -98.03 -91.08 51.18
C GLY GC 10 -98.53 -90.38 49.92
N ASN GC 11 -99.34 -91.10 49.17
CA ASN GC 11 -100.01 -90.56 47.99
C ASN GC 11 -98.99 -90.01 47.01
N ILE GC 12 -98.24 -90.91 46.40
CA ILE GC 12 -97.13 -90.57 45.54
C ILE GC 12 -97.34 -91.24 44.20
N GLY GC 13 -96.82 -90.63 43.14
CA GLY GC 13 -96.90 -91.20 41.81
C GLY GC 13 -98.29 -91.09 41.24
N LYS GC 14 -98.38 -91.39 39.94
CA LYS GC 14 -99.66 -91.35 39.25
C LYS GC 14 -100.70 -92.18 39.98
N ASP GC 15 -100.28 -93.30 40.55
CA ASP GC 15 -101.20 -94.10 41.36
C ASP GC 15 -101.65 -93.35 42.59
N GLY GC 16 -100.71 -92.78 43.34
CA GLY GC 16 -101.04 -92.25 44.65
C GLY GC 16 -101.04 -93.30 45.73
N LYS GC 17 -100.76 -94.55 45.37
CA LYS GC 17 -100.56 -95.58 46.38
C LYS GC 17 -99.08 -95.69 46.74
N GLN GC 18 -98.22 -95.01 46.00
CA GLN GC 18 -96.79 -95.02 46.28
C GLN GC 18 -96.52 -94.28 47.59
N THR GC 19 -95.57 -94.82 48.35
CA THR GC 19 -95.14 -94.20 49.59
C THR GC 19 -93.62 -94.11 49.61
N LEU GC 20 -93.11 -93.16 50.36
CA LEU GC 20 -91.66 -92.95 50.42
C LEU GC 20 -91.28 -92.45 51.80
N VAL GC 21 -90.16 -92.93 52.31
CA VAL GC 21 -89.60 -92.43 53.54
C VAL GC 21 -88.24 -91.81 53.23
N LEU GC 22 -87.85 -90.84 54.03
CA LEU GC 22 -86.59 -90.11 53.83
C LEU GC 22 -85.85 -90.04 55.15
N ASN GC 23 -84.67 -90.56 55.17
CA ASN GC 23 -83.96 -90.41 56.41
C ASN GC 23 -83.13 -89.14 56.40
N PRO GC 24 -82.94 -88.51 57.55
CA PRO GC 24 -82.02 -87.39 57.62
C PRO GC 24 -80.62 -87.81 57.28
N ARG GC 25 -80.01 -87.09 56.34
CA ARG GC 25 -78.66 -87.37 55.89
C ARG GC 25 -77.62 -86.49 56.56
N GLY GC 26 -78.02 -85.64 57.49
CA GLY GC 26 -77.12 -84.64 58.03
C GLY GC 26 -77.14 -83.39 57.16
N VAL GC 27 -76.25 -82.47 57.51
CA VAL GC 27 -76.19 -81.16 56.85
C VAL GC 27 -74.75 -80.88 56.45
N ASN GC 28 -74.55 -80.55 55.19
CA ASN GC 28 -73.25 -80.06 54.81
C ASN GC 28 -73.05 -78.66 55.34
N PRO GC 29 -72.13 -78.45 56.28
CA PRO GC 29 -71.95 -77.12 56.85
C PRO GC 29 -71.36 -76.12 55.89
N THR GC 30 -70.56 -76.56 54.92
CA THR GC 30 -69.92 -75.63 54.01
C THR GC 30 -70.95 -74.77 53.31
N ASN GC 31 -71.71 -75.37 52.40
CA ASN GC 31 -72.82 -74.66 51.78
C ASN GC 31 -73.97 -74.43 52.73
N GLY GC 32 -73.96 -75.06 53.90
CA GLY GC 32 -75.06 -74.93 54.83
C GLY GC 32 -76.34 -75.49 54.27
N VAL GC 33 -76.32 -76.75 53.83
CA VAL GC 33 -77.47 -77.36 53.17
C VAL GC 33 -77.74 -78.71 53.81
N ALA GC 34 -78.99 -78.91 54.20
CA ALA GC 34 -79.43 -80.20 54.71
C ALA GC 34 -79.61 -81.20 53.57
N SER GC 35 -79.63 -82.48 53.94
CA SER GC 35 -79.81 -83.53 52.96
C SER GC 35 -80.72 -84.60 53.54
N LEU GC 36 -81.58 -85.15 52.69
CA LEU GC 36 -82.48 -86.22 53.06
C LEU GC 36 -82.40 -87.30 52.00
N SER GC 37 -82.63 -88.55 52.40
CA SER GC 37 -82.58 -89.61 51.41
C SER GC 37 -83.49 -90.75 51.80
N GLN GC 38 -84.01 -91.41 50.77
CA GLN GC 38 -84.52 -92.75 50.92
C GLN GC 38 -83.40 -93.67 51.39
N ALA GC 39 -83.78 -94.69 52.17
CA ALA GC 39 -82.81 -95.72 52.52
C ALA GC 39 -82.92 -96.85 51.51
N GLY GC 40 -81.94 -96.90 50.63
CA GLY GC 40 -81.83 -97.96 49.66
C GLY GC 40 -80.65 -98.86 49.95
N ALA GC 41 -80.14 -99.49 48.90
CA ALA GC 41 -78.89 -100.21 49.00
C ALA GC 41 -77.71 -99.30 48.71
N VAL GC 42 -77.63 -98.82 47.48
CA VAL GC 42 -76.48 -98.02 47.06
C VAL GC 42 -76.86 -96.55 47.16
N PRO GC 43 -76.14 -95.76 47.97
CA PRO GC 43 -76.44 -94.32 48.06
C PRO GC 43 -76.49 -93.63 46.72
N ALA GC 44 -75.58 -93.94 45.80
CA ALA GC 44 -75.67 -93.42 44.44
C ALA GC 44 -77.03 -93.67 43.82
N LEU GC 45 -77.64 -94.82 44.09
CA LEU GC 45 -78.97 -95.11 43.60
C LEU GC 45 -80.05 -94.44 44.43
N GLU GC 46 -79.79 -94.18 45.71
CA GLU GC 46 -80.82 -93.75 46.62
C GLU GC 46 -81.29 -92.34 46.26
N LYS GC 47 -82.59 -92.12 46.43
CA LYS GC 47 -83.21 -90.84 46.11
C LYS GC 47 -82.63 -89.80 47.07
N ARG GC 48 -82.47 -88.58 46.59
CA ARG GC 48 -81.93 -87.53 47.43
C ARG GC 48 -82.87 -86.34 47.46
N VAL GC 49 -82.92 -85.67 48.61
CA VAL GC 49 -83.71 -84.46 48.78
C VAL GC 49 -82.85 -83.46 49.53
N THR GC 50 -82.76 -82.25 49.00
CA THR GC 50 -81.90 -81.21 49.54
C THR GC 50 -82.72 -79.95 49.79
N VAL GC 51 -82.57 -79.38 50.98
CA VAL GC 51 -83.20 -78.11 51.31
C VAL GC 51 -82.14 -77.19 51.89
N SER GC 52 -82.38 -75.89 51.73
CA SER GC 52 -81.45 -74.91 52.24
C SER GC 52 -82.18 -73.62 52.52
N VAL GC 53 -81.67 -72.87 53.47
CA VAL GC 53 -82.14 -71.52 53.72
C VAL GC 53 -81.01 -70.59 53.35
N SER GC 54 -81.20 -69.30 53.53
CA SER GC 54 -80.18 -68.32 53.25
C SER GC 54 -80.47 -67.07 54.07
N GLN GC 55 -79.49 -66.21 54.17
CA GLN GC 55 -79.70 -64.95 54.87
C GLN GC 55 -79.08 -63.82 54.07
N PRO GC 56 -79.70 -62.66 54.07
CA PRO GC 56 -79.21 -61.57 53.22
C PRO GC 56 -77.83 -61.11 53.63
N SER GC 57 -77.01 -60.80 52.63
CA SER GC 57 -75.65 -60.36 52.87
C SER GC 57 -75.45 -59.04 52.13
N ARG GC 58 -74.22 -58.55 52.15
CA ARG GC 58 -73.86 -57.42 51.30
C ARG GC 58 -74.03 -57.72 49.83
N ASN GC 59 -74.01 -59.00 49.44
CA ASN GC 59 -74.24 -59.39 48.06
C ASN GC 59 -75.71 -59.40 47.68
N ARG GC 60 -76.60 -59.81 48.59
CA ARG GC 60 -78.02 -59.88 48.29
C ARG GC 60 -78.79 -59.56 49.55
N LYS GC 61 -79.87 -58.80 49.38
CA LYS GC 61 -80.72 -58.37 50.50
C LYS GC 61 -81.91 -59.29 50.67
N ASN GC 62 -81.97 -60.35 49.87
CA ASN GC 62 -83.15 -61.19 49.81
C ASN GC 62 -82.86 -62.55 50.37
N TYR GC 63 -83.88 -63.19 50.92
CA TYR GC 63 -83.75 -64.56 51.37
C TYR GC 63 -83.93 -65.52 50.20
N LYS GC 64 -83.12 -66.57 50.18
CA LYS GC 64 -83.24 -67.63 49.19
C LYS GC 64 -83.54 -68.92 49.92
N VAL GC 65 -84.53 -69.66 49.42
CA VAL GC 65 -84.82 -71.00 49.90
C VAL GC 65 -84.75 -71.91 48.69
N GLN GC 66 -83.78 -72.80 48.70
CA GLN GC 66 -83.51 -73.68 47.57
C GLN GC 66 -83.82 -75.10 47.94
N VAL GC 67 -84.55 -75.80 47.07
CA VAL GC 67 -84.90 -77.20 47.26
C VAL GC 67 -84.63 -77.92 45.96
N LYS GC 68 -83.79 -78.94 46.01
CA LYS GC 68 -83.45 -79.74 44.85
C LYS GC 68 -83.75 -81.20 45.14
N ILE GC 69 -84.20 -81.92 44.12
CA ILE GC 69 -84.52 -83.34 44.23
C ILE GC 69 -83.78 -84.08 43.14
N GLN GC 70 -83.17 -85.20 43.51
CA GLN GC 70 -82.36 -85.98 42.60
C GLN GC 70 -82.84 -87.43 42.67
N ASN GC 71 -83.37 -87.92 41.55
CA ASN GC 71 -83.94 -89.27 41.49
C ASN GC 71 -83.34 -89.99 40.30
N PRO GC 72 -82.28 -90.75 40.50
CA PRO GC 72 -81.65 -91.44 39.39
C PRO GC 72 -82.53 -92.57 38.89
N THR GC 73 -82.07 -93.21 37.82
CA THR GC 73 -82.73 -94.36 37.24
C THR GC 73 -81.75 -95.53 37.25
N ALA GC 74 -82.07 -96.54 38.04
CA ALA GC 74 -81.22 -97.70 38.18
C ALA GC 74 -81.37 -98.58 36.95
N CYS GC 75 -80.23 -99.04 36.42
CA CYS GC 75 -80.21 -100.11 35.43
C CYS GC 75 -79.84 -101.36 36.19
N THR GC 76 -80.81 -102.25 36.41
CA THR GC 76 -80.57 -103.43 37.22
C THR GC 76 -79.58 -104.37 36.54
N ALA GC 77 -79.91 -104.80 35.32
CA ALA GC 77 -79.00 -105.65 34.56
C ALA GC 77 -78.33 -104.77 33.51
N ASN GC 78 -77.05 -104.50 33.74
CA ASN GC 78 -76.21 -103.84 32.74
C ASN GC 78 -75.41 -104.85 31.93
N GLY GC 79 -75.64 -106.14 32.15
CA GLY GC 79 -74.70 -107.14 31.71
C GLY GC 79 -73.55 -107.30 32.68
N SER GC 80 -73.60 -106.59 33.80
CA SER GC 80 -72.56 -106.61 34.81
C SER GC 80 -73.21 -106.93 36.16
N CYS GC 81 -72.39 -107.27 37.14
CA CYS GC 81 -72.88 -107.71 38.43
C CYS GC 81 -73.48 -106.59 39.26
N ASP GC 82 -73.24 -105.33 38.89
CA ASP GC 82 -73.71 -104.24 39.71
C ASP GC 82 -74.60 -103.31 38.90
N PRO GC 83 -75.66 -102.78 39.51
CA PRO GC 83 -76.49 -101.81 38.80
C PRO GC 83 -75.74 -100.52 38.56
N SER GC 84 -76.24 -99.72 37.63
CA SER GC 84 -75.58 -98.49 37.25
C SER GC 84 -76.60 -97.38 37.01
N VAL GC 85 -76.17 -96.16 37.30
CA VAL GC 85 -77.00 -94.98 37.07
C VAL GC 85 -77.20 -94.84 35.57
N THR GC 86 -78.45 -94.62 35.16
CA THR GC 86 -78.73 -94.41 33.75
C THR GC 86 -79.15 -92.97 33.49
N ARG GC 87 -80.35 -92.61 33.91
CA ARG GC 87 -80.87 -91.27 33.77
C ARG GC 87 -80.97 -90.63 35.15
N GLN GC 88 -80.74 -89.33 35.19
CA GLN GC 88 -80.78 -88.63 36.47
C GLN GC 88 -81.85 -87.55 36.38
N ALA GC 89 -82.93 -87.73 37.14
CA ALA GC 89 -84.02 -86.77 37.15
C ALA GC 89 -83.66 -85.62 38.07
N TYR GC 90 -83.74 -84.40 37.55
CA TYR GC 90 -83.46 -83.22 38.35
C TYR GC 90 -84.72 -82.41 38.59
N ALA GC 91 -85.06 -82.25 39.86
CA ALA GC 91 -86.19 -81.42 40.25
C ALA GC 91 -85.65 -80.33 41.15
N ASP GC 92 -85.79 -79.08 40.71
CA ASP GC 92 -85.23 -77.94 41.41
C ASP GC 92 -86.32 -76.91 41.69
N VAL GC 93 -86.34 -76.40 42.92
CA VAL GC 93 -87.29 -75.40 43.36
C VAL GC 93 -86.54 -74.36 44.17
N THR GC 94 -86.83 -73.09 43.91
CA THR GC 94 -86.21 -71.99 44.64
C THR GC 94 -87.28 -71.04 45.15
N PHE GC 95 -86.87 -70.18 46.06
CA PHE GC 95 -87.75 -69.17 46.60
C PHE GC 95 -86.97 -67.90 46.88
N SER GC 96 -87.61 -66.77 46.62
CA SER GC 96 -87.03 -65.48 46.93
C SER GC 96 -88.00 -64.72 47.80
N PHE GC 97 -87.47 -63.95 48.75
CA PHE GC 97 -88.30 -63.15 49.63
C PHE GC 97 -87.53 -61.90 50.02
N THR GC 98 -88.28 -60.91 50.46
CA THR GC 98 -87.73 -59.65 50.91
C THR GC 98 -87.74 -59.61 52.42
N GLN GC 99 -86.74 -58.92 52.98
CA GLN GC 99 -86.62 -58.82 54.42
C GLN GC 99 -87.92 -58.41 55.07
N TYR GC 100 -88.78 -57.68 54.38
CA TYR GC 100 -90.07 -57.31 54.93
C TYR GC 100 -91.17 -58.31 54.59
N SER GC 101 -90.83 -59.41 53.93
CA SER GC 101 -91.84 -60.40 53.56
C SER GC 101 -92.58 -60.86 54.80
N THR GC 102 -93.90 -60.97 54.71
CA THR GC 102 -94.65 -61.38 55.88
C THR GC 102 -94.85 -62.89 55.88
N ASP GC 103 -95.51 -63.38 56.92
CA ASP GC 103 -95.71 -64.80 57.06
C ASP GC 103 -96.72 -65.33 56.05
N GLU GC 104 -97.93 -64.78 56.06
CA GLU GC 104 -99.00 -65.34 55.26
C GLU GC 104 -98.66 -65.30 53.78
N GLU GC 105 -98.04 -64.21 53.33
CA GLU GC 105 -97.54 -64.15 51.96
C GLU GC 105 -96.75 -65.40 51.62
N ARG GC 106 -95.75 -65.70 52.44
CA ARG GC 106 -94.98 -66.92 52.23
C ARG GC 106 -95.89 -68.13 52.28
N ALA GC 107 -96.64 -68.28 53.37
CA ALA GC 107 -97.60 -69.37 53.47
C ALA GC 107 -98.48 -69.43 52.24
N PHE GC 108 -98.98 -68.29 51.78
CA PHE GC 108 -99.76 -68.26 50.56
C PHE GC 108 -99.01 -68.87 49.40
N VAL GC 109 -97.71 -68.58 49.30
CA VAL GC 109 -96.93 -69.15 48.20
C VAL GC 109 -96.86 -70.66 48.34
N ARG GC 110 -96.64 -71.14 49.56
CA ARG GC 110 -96.38 -72.57 49.74
C ARG GC 110 -97.54 -73.39 49.20
N THR GC 111 -98.74 -73.15 49.70
CA THR GC 111 -99.88 -73.96 49.29
C THR GC 111 -100.10 -73.89 47.78
N GLU GC 112 -100.26 -72.69 47.24
CA GLU GC 112 -100.62 -72.55 45.83
C GLU GC 112 -99.70 -73.32 44.92
N LEU GC 113 -98.40 -73.31 45.19
CA LEU GC 113 -97.48 -74.11 44.39
C LEU GC 113 -97.90 -75.57 44.41
N ALA GC 114 -98.19 -76.09 45.60
CA ALA GC 114 -98.67 -77.47 45.69
C ALA GC 114 -99.93 -77.66 44.87
N ALA GC 115 -100.92 -76.81 45.07
CA ALA GC 115 -102.17 -76.94 44.31
C ALA GC 115 -101.90 -77.03 42.82
N LEU GC 116 -101.03 -76.17 42.30
CA LEU GC 116 -100.65 -76.28 40.90
C LEU GC 116 -100.14 -77.67 40.58
N LEU GC 117 -99.27 -78.21 41.43
CA LEU GC 117 -98.73 -79.52 41.17
C LEU GC 117 -99.83 -80.57 41.11
N ALA GC 118 -100.93 -80.35 41.81
CA ALA GC 118 -102.09 -81.22 41.67
C ALA GC 118 -103.04 -80.75 40.60
N SER GC 119 -102.83 -79.56 40.03
CA SER GC 119 -103.72 -79.07 39.01
C SER GC 119 -103.64 -79.93 37.77
N PRO GC 120 -104.76 -80.11 37.07
CA PRO GC 120 -104.72 -80.85 35.80
C PRO GC 120 -103.87 -80.18 34.75
N LEU GC 121 -103.55 -78.90 34.91
CA LEU GC 121 -102.70 -78.25 33.94
C LEU GC 121 -101.31 -78.88 33.92
N LEU GC 122 -100.61 -78.85 35.04
CA LEU GC 122 -99.22 -79.25 35.06
C LEU GC 122 -99.01 -80.71 34.72
N ILE GC 123 -99.97 -81.57 35.06
CA ILE GC 123 -99.75 -83.00 34.88
C ILE GC 123 -99.43 -83.31 33.42
N ASP GC 124 -100.21 -82.79 32.48
CA ASP GC 124 -99.84 -82.94 31.07
C ASP GC 124 -98.53 -82.25 30.76
N ALA GC 125 -98.32 -81.06 31.29
CA ALA GC 125 -97.04 -80.39 31.18
C ALA GC 125 -95.90 -81.24 31.71
N ILE GC 126 -96.04 -81.79 32.91
CA ILE GC 126 -95.02 -82.63 33.50
C ILE GC 126 -95.03 -84.02 32.88
N ASP GC 127 -96.09 -84.78 33.10
CA ASP GC 127 -96.08 -86.19 32.73
C ASP GC 127 -95.92 -86.36 31.22
N GLN GC 128 -96.79 -85.74 30.44
CA GLN GC 128 -96.79 -85.92 29.01
C GLN GC 128 -95.98 -84.88 28.27
N LEU GC 129 -95.30 -83.98 28.97
CA LEU GC 129 -94.45 -82.96 28.36
C LEU GC 129 -95.23 -82.16 27.33
N ASN GC 130 -96.23 -81.45 27.81
CA ASN GC 130 -97.04 -80.74 26.84
C ASN GC 130 -97.13 -79.28 27.20
N PRO GC 131 -97.09 -78.41 26.22
CA PRO GC 131 -97.34 -77.00 26.47
C PRO GC 131 -98.80 -76.75 26.78
N ALA GC 132 -99.20 -75.49 26.77
CA ALA GC 132 -100.41 -75.02 27.41
C ALA GC 132 -101.66 -75.25 26.58
N TYR GC 133 -101.53 -75.91 25.44
CA TYR GC 133 -102.68 -76.09 24.56
C TYR GC 133 -103.27 -77.47 24.74
N ALA HC 2 -73.90 -90.57 63.45
CA ALA HC 2 -74.83 -90.07 64.45
C ALA HC 2 -74.28 -88.83 65.11
N LYS HC 3 -74.94 -88.39 66.17
CA LYS HC 3 -74.58 -87.17 66.88
C LYS HC 3 -73.20 -87.30 67.51
N LEU HC 4 -72.45 -86.21 67.44
CA LEU HC 4 -71.23 -86.10 68.23
C LEU HC 4 -71.57 -86.31 69.68
N GLU HC 5 -70.83 -87.18 70.34
CA GLU HC 5 -71.07 -87.47 71.74
C GLU HC 5 -69.74 -87.67 72.45
N THR HC 6 -69.83 -87.87 73.76
CA THR HC 6 -68.67 -88.29 74.53
C THR HC 6 -68.35 -89.70 74.03
N VAL HC 7 -67.10 -89.89 73.62
CA VAL HC 7 -66.72 -91.21 73.11
C VAL HC 7 -65.73 -91.80 74.11
N THR HC 8 -66.15 -92.82 74.83
CA THR HC 8 -65.29 -93.54 75.76
C THR HC 8 -64.57 -94.63 74.98
N LEU HC 9 -63.32 -94.85 75.32
CA LEU HC 9 -62.53 -95.90 74.70
C LEU HC 9 -61.81 -96.71 75.76
N GLY HC 10 -62.05 -98.02 75.76
CA GLY HC 10 -61.33 -98.93 76.61
C GLY HC 10 -60.28 -99.66 75.83
N ASN HC 11 -59.44 -100.40 76.54
CA ASN HC 11 -58.44 -101.27 75.95
C ASN HC 11 -57.52 -100.47 75.03
N ILE HC 12 -56.70 -99.64 75.65
CA ILE HC 12 -55.86 -98.70 74.94
C ILE HC 12 -54.42 -98.92 75.38
N GLY HC 13 -53.48 -98.63 74.50
CA GLY HC 13 -52.07 -98.73 74.82
C GLY HC 13 -51.62 -100.17 74.91
N LYS HC 14 -50.30 -100.33 74.98
CA LYS HC 14 -49.71 -101.66 75.08
C LYS HC 14 -50.32 -102.44 76.21
N ASP HC 15 -50.65 -101.77 77.31
CA ASP HC 15 -51.33 -102.43 78.42
C ASP HC 15 -52.72 -102.89 78.00
N GLY HC 16 -53.50 -102.01 77.39
CA GLY HC 16 -54.90 -102.30 77.19
C GLY HC 16 -55.75 -101.99 78.39
N LYS HC 17 -55.15 -101.52 79.47
CA LYS HC 17 -55.92 -101.03 80.60
C LYS HC 17 -56.16 -99.54 80.47
N GLN HC 18 -55.52 -98.89 79.51
CA GLN HC 18 -55.70 -97.46 79.29
C GLN HC 18 -57.10 -97.20 78.76
N THR HC 19 -57.68 -96.10 79.21
CA THR HC 19 -58.98 -95.67 78.75
C THR HC 19 -58.92 -94.20 78.37
N LEU HC 20 -59.82 -93.80 77.48
CA LEU HC 20 -59.83 -92.42 77.00
C LEU HC 20 -61.25 -92.01 76.68
N VAL HC 21 -61.58 -90.77 77.00
CA VAL HC 21 -62.86 -90.18 76.63
C VAL HC 21 -62.58 -89.01 75.71
N LEU HC 22 -63.54 -88.73 74.84
CA LEU HC 22 -63.40 -87.66 73.85
C LEU HC 22 -64.66 -86.82 73.86
N ASN HC 23 -64.50 -85.58 74.14
CA ASN HC 23 -65.70 -84.77 74.07
C ASN HC 23 -65.88 -84.20 72.67
N PRO HC 24 -67.12 -84.02 72.24
CA PRO HC 24 -67.35 -83.33 70.98
C PRO HC 24 -66.84 -81.90 71.04
N ARG HC 25 -66.03 -81.54 70.05
CA ARG HC 25 -65.45 -80.22 69.97
C ARG HC 25 -66.21 -79.29 69.04
N GLY HC 26 -67.31 -79.76 68.46
CA GLY HC 26 -67.97 -79.01 67.40
C GLY HC 26 -67.38 -79.34 66.06
N VAL HC 27 -67.84 -78.61 65.05
CA VAL HC 27 -67.45 -78.87 63.66
C VAL HC 27 -67.03 -77.56 63.02
N ASN HC 28 -65.84 -77.55 62.44
CA ASN HC 28 -65.47 -76.40 61.64
C ASN HC 28 -66.27 -76.41 60.35
N PRO HC 29 -67.16 -75.46 60.13
CA PRO HC 29 -67.97 -75.48 58.91
C PRO HC 29 -67.19 -75.19 57.66
N THR HC 30 -66.11 -74.41 57.75
CA THR HC 30 -65.36 -74.05 56.56
C THR HC 30 -64.90 -75.30 55.81
N ASN HC 31 -63.95 -76.02 56.37
CA ASN HC 31 -63.54 -77.29 55.82
C ASN HC 31 -64.60 -78.36 56.00
N GLY HC 32 -65.61 -78.12 56.81
CA GLY HC 32 -66.62 -79.12 57.07
C GLY HC 32 -66.04 -80.34 57.78
N VAL HC 33 -65.37 -80.12 58.90
CA VAL HC 33 -64.67 -81.19 59.60
C VAL HC 33 -65.04 -81.14 61.07
N ALA HC 34 -65.46 -82.29 61.59
CA ALA HC 34 -65.74 -82.43 63.01
C ALA HC 34 -64.45 -82.52 63.80
N SER HC 35 -64.56 -82.28 65.10
CA SER HC 35 -63.41 -82.35 65.99
C SER HC 35 -63.82 -82.98 67.29
N LEU HC 36 -62.93 -83.80 67.84
CA LEU HC 36 -63.15 -84.44 69.13
C LEU HC 36 -61.89 -84.27 69.96
N SER HC 37 -62.06 -84.23 71.28
CA SER HC 37 -60.88 -84.08 72.11
C SER HC 37 -61.09 -84.71 73.47
N GLN HC 38 -59.99 -85.20 74.03
CA GLN HC 38 -59.90 -85.44 75.45
C GLN HC 38 -60.11 -84.13 76.19
N ALA HC 39 -60.70 -84.22 77.38
CA ALA HC 39 -60.79 -83.05 78.25
C ALA HC 39 -59.58 -83.06 79.18
N GLY HC 40 -58.65 -82.16 78.87
CA GLY HC 40 -57.48 -81.95 79.70
C GLY HC 40 -57.52 -80.59 80.36
N ALA HC 41 -56.33 -80.10 80.68
CA ALA HC 41 -56.22 -78.72 81.15
C ALA HC 41 -56.03 -77.77 79.97
N VAL HC 42 -54.91 -77.90 79.28
CA VAL HC 42 -54.58 -76.98 78.19
C VAL HC 42 -55.00 -77.62 76.87
N PRO HC 43 -55.90 -76.99 76.12
CA PRO HC 43 -56.29 -77.52 74.81
C PRO HC 43 -55.12 -77.85 73.91
N ALA HC 44 -54.10 -76.99 73.87
CA ALA HC 44 -52.87 -77.31 73.14
C ALA HC 44 -52.31 -78.65 73.55
N LEU HC 45 -52.38 -79.00 74.82
CA LEU HC 45 -51.93 -80.30 75.28
C LEU HC 45 -52.94 -81.40 75.01
N GLU HC 46 -54.22 -81.06 74.93
CA GLU HC 46 -55.27 -82.06 74.88
C GLU HC 46 -55.22 -82.82 73.57
N LYS HC 47 -55.51 -84.11 73.64
CA LYS HC 47 -55.48 -84.99 72.47
C LYS HC 47 -56.59 -84.53 71.54
N ARG HC 48 -56.36 -84.65 70.24
CA ARG HC 48 -57.35 -84.23 69.27
C ARG HC 48 -57.68 -85.37 68.31
N VAL HC 49 -58.93 -85.42 67.88
CA VAL HC 49 -59.38 -86.40 66.91
C VAL HC 49 -60.25 -85.68 65.91
N THR HC 50 -59.97 -85.87 64.63
CA THR HC 50 -60.65 -85.17 63.56
C THR HC 50 -61.19 -86.18 62.56
N VAL HC 51 -62.45 -86.02 62.18
CA VAL HC 51 -63.06 -86.83 61.16
C VAL HC 51 -63.74 -85.92 60.15
N SER HC 52 -63.85 -86.41 58.93
CA SER HC 52 -64.49 -85.63 57.88
C SER HC 52 -65.05 -86.57 56.84
N VAL HC 53 -66.11 -86.10 56.18
CA VAL HC 53 -66.64 -86.79 55.02
C VAL HC 53 -66.39 -85.89 53.83
N SER HC 54 -66.84 -86.31 52.66
CA SER HC 54 -66.69 -85.52 51.46
C SER HC 54 -67.75 -85.97 50.47
N GLN HC 55 -67.95 -85.15 49.45
CA GLN HC 55 -68.89 -85.53 48.41
C GLN HC 55 -68.29 -85.21 47.06
N PRO HC 56 -68.57 -86.03 46.06
CA PRO HC 56 -67.91 -85.85 44.76
C PRO HC 56 -68.32 -84.53 44.12
N SER HC 57 -67.35 -83.90 43.48
CA SER HC 57 -67.58 -82.63 42.81
C SER HC 57 -67.10 -82.75 41.38
N ARG HC 58 -67.13 -81.64 40.65
CA ARG HC 58 -66.51 -81.58 39.34
C ARG HC 58 -65.02 -81.84 39.40
N ASN HC 59 -64.39 -81.63 40.55
CA ASN HC 59 -62.98 -81.92 40.74
C ASN HC 59 -62.69 -83.38 40.97
N ARG HC 60 -63.56 -84.08 41.71
CA ARG HC 60 -63.34 -85.49 42.01
C ARG HC 60 -64.69 -86.18 42.09
N LYS HC 61 -64.75 -87.40 41.54
CA LYS HC 61 -65.97 -88.18 41.50
C LYS HC 61 -66.03 -89.16 42.66
N ASN HC 62 -65.04 -89.10 43.54
CA ASN HC 62 -64.90 -90.11 44.58
C ASN HC 62 -65.16 -89.50 45.94
N TYR HC 63 -65.64 -90.33 46.86
CA TYR HC 63 -65.80 -89.91 48.24
C TYR HC 63 -64.49 -90.02 48.98
N LYS HC 64 -64.21 -89.03 49.82
CA LYS HC 64 -63.04 -89.06 50.69
C LYS HC 64 -63.53 -89.03 52.13
N VAL HC 65 -62.96 -89.91 52.95
CA VAL HC 65 -63.17 -89.90 54.38
C VAL HC 65 -61.81 -89.77 55.03
N GLN HC 66 -61.57 -88.65 55.70
CA GLN HC 66 -60.28 -88.34 56.27
C GLN HC 66 -60.39 -88.35 57.79
N VAL HC 67 -59.45 -89.02 58.43
CA VAL HC 67 -59.38 -89.07 59.89
C VAL HC 67 -57.95 -88.81 60.30
N LYS HC 68 -57.75 -87.79 61.12
CA LYS HC 68 -56.43 -87.43 61.62
C LYS HC 68 -56.46 -87.42 63.13
N ILE HC 69 -55.34 -87.83 63.74
CA ILE HC 69 -55.20 -87.86 65.18
C ILE HC 69 -53.94 -87.11 65.56
N GLN HC 70 -54.05 -86.27 66.56
CA GLN HC 70 -52.95 -85.43 67.00
C GLN HC 70 -52.76 -85.61 68.50
N ASN HC 71 -51.61 -86.15 68.88
CA ASN HC 71 -51.32 -86.47 70.28
C ASN HC 71 -49.98 -85.85 70.64
N PRO HC 72 -49.95 -84.66 71.19
CA PRO HC 72 -48.69 -84.03 71.54
C PRO HC 72 -48.03 -84.73 72.72
N THR HC 73 -46.84 -84.26 73.05
CA THR HC 73 -46.08 -84.75 74.18
C THR HC 73 -45.80 -83.58 75.11
N ALA HC 74 -46.41 -83.62 76.29
CA ALA HC 74 -46.25 -82.56 77.26
C ALA HC 74 -44.89 -82.66 77.91
N CYS HC 75 -44.21 -81.52 78.04
CA CYS HC 75 -43.04 -81.41 78.89
C CYS HC 75 -43.51 -80.71 80.15
N THR HC 76 -43.61 -81.48 81.24
CA THR HC 76 -44.16 -80.94 82.48
C THR HC 76 -43.25 -79.88 83.05
N ALA HC 77 -42.00 -80.23 83.31
CA ALA HC 77 -41.02 -79.26 83.82
C ALA HC 77 -40.13 -78.87 82.65
N ASN HC 78 -40.32 -77.66 82.17
CA ASN HC 78 -39.42 -77.06 81.18
C ASN HC 78 -38.38 -76.17 81.84
N GLY HC 79 -38.36 -76.13 83.18
CA GLY HC 79 -37.68 -75.06 83.86
C GLY HC 79 -38.52 -73.81 83.96
N SER HC 80 -39.77 -73.89 83.48
CA SER HC 80 -40.68 -72.76 83.48
C SER HC 80 -41.97 -73.21 84.15
N CYS HC 81 -42.81 -72.24 84.50
CA CYS HC 81 -44.03 -72.51 85.25
C CYS HC 81 -45.10 -73.22 84.43
N ASP HC 82 -44.97 -73.26 83.12
CA ASP HC 82 -46.01 -73.85 82.31
C ASP HC 82 -45.46 -74.97 81.44
N PRO HC 83 -46.22 -76.04 81.26
CA PRO HC 83 -45.76 -77.12 80.37
C PRO HC 83 -45.73 -76.63 78.93
N SER HC 84 -45.02 -77.38 78.09
CA SER HC 84 -44.84 -77.00 76.71
C SER HC 84 -44.89 -78.22 75.81
N VAL HC 85 -45.38 -77.99 74.59
CA VAL HC 85 -45.43 -79.05 73.59
C VAL HC 85 -44.01 -79.43 73.22
N THR HC 86 -43.74 -80.72 73.20
CA THR HC 86 -42.42 -81.18 72.78
C THR HC 86 -42.47 -81.89 71.45
N ARG HC 87 -43.02 -83.09 71.43
CA ARG HC 87 -43.18 -83.86 70.20
C ARG HC 87 -44.65 -83.93 69.87
N GLN HC 88 -44.95 -83.95 68.57
CA GLN HC 88 -46.33 -83.99 68.13
C GLN HC 88 -46.52 -85.26 67.29
N ALA HC 89 -47.30 -86.20 67.82
CA ALA HC 89 -47.57 -87.44 67.13
C ALA HC 89 -48.67 -87.21 66.10
N TYR HC 90 -48.40 -87.57 64.85
CA TYR HC 90 -49.40 -87.44 63.81
C TYR HC 90 -49.86 -88.80 63.32
N ALA HC 91 -51.17 -89.03 63.46
CA ALA HC 91 -51.78 -90.25 62.97
C ALA HC 91 -52.84 -89.83 61.96
N ASP HC 92 -52.66 -90.25 60.71
CA ASP HC 92 -53.54 -89.86 59.62
C ASP HC 92 -54.08 -91.08 58.91
N VAL HC 93 -55.38 -91.06 58.64
CA VAL HC 93 -56.07 -92.14 57.94
C VAL HC 93 -57.02 -91.52 56.94
N THR HC 94 -57.03 -92.06 55.73
CA THR HC 94 -57.91 -91.60 54.68
C THR HC 94 -58.67 -92.77 54.07
N PHE HC 95 -59.71 -92.44 53.32
CA PHE HC 95 -60.49 -93.44 52.61
C PHE HC 95 -60.96 -92.88 51.29
N SER HC 96 -60.97 -93.74 50.29
CA SER HC 96 -61.48 -93.38 48.99
C SER HC 96 -62.55 -94.40 48.60
N PHE HC 97 -63.59 -93.92 47.93
CA PHE HC 97 -64.66 -94.79 47.48
C PHE HC 97 -65.24 -94.23 46.20
N THR HC 98 -65.91 -95.11 45.48
CA THR HC 98 -66.56 -94.75 44.22
C THR HC 98 -68.05 -94.62 44.45
N GLN HC 99 -68.67 -93.73 43.70
CA GLN HC 99 -70.09 -93.48 43.83
C GLN HC 99 -70.90 -94.76 43.83
N TYR HC 100 -70.41 -95.80 43.17
CA TYR HC 100 -71.11 -97.08 43.17
C TYR HC 100 -70.64 -98.00 44.29
N SER HC 101 -69.76 -97.53 45.16
CA SER HC 101 -69.27 -98.37 46.26
C SER HC 101 -70.45 -98.88 47.07
N THR HC 102 -70.41 -100.17 47.43
CA THR HC 102 -71.52 -100.71 48.18
C THR HC 102 -71.24 -100.62 49.67
N ASP HC 103 -72.21 -101.07 50.46
CA ASP HC 103 -72.08 -100.99 51.91
C ASP HC 103 -71.05 -101.97 52.42
N GLU HC 104 -71.24 -103.26 52.14
CA GLU HC 104 -70.41 -104.27 52.76
C GLU HC 104 -68.95 -104.10 52.39
N GLU HC 105 -68.68 -103.74 51.14
CA GLU HC 105 -67.32 -103.41 50.74
C GLU HC 105 -66.71 -102.43 51.72
N ARG HC 106 -67.38 -101.31 51.95
CA ARG HC 106 -66.89 -100.36 52.93
C ARG HC 106 -66.76 -101.01 54.29
N ALA HC 107 -67.85 -101.60 54.78
CA ALA HC 107 -67.79 -102.33 56.04
C ALA HC 107 -66.63 -103.30 56.06
N PHE HC 108 -66.44 -104.05 54.98
CA PHE HC 108 -65.30 -104.95 54.89
C PHE HC 108 -64.00 -104.21 55.12
N VAL HC 109 -63.86 -103.01 54.55
CA VAL HC 109 -62.65 -102.24 54.76
C VAL HC 109 -62.47 -101.87 56.21
N ARG HC 110 -63.56 -101.45 56.86
CA ARG HC 110 -63.43 -100.92 58.20
C ARG HC 110 -62.82 -101.95 59.14
N THR HC 111 -63.44 -103.13 59.24
CA THR HC 111 -62.95 -104.13 60.17
C THR HC 111 -61.50 -104.50 59.89
N GLU HC 112 -61.21 -104.94 58.66
CA GLU HC 112 -59.88 -105.45 58.35
C GLU HC 112 -58.78 -104.49 58.74
N LEU HC 113 -58.97 -103.20 58.51
CA LEU HC 113 -57.96 -102.25 58.96
C LEU HC 113 -57.74 -102.37 60.45
N ALA HC 114 -58.82 -102.44 61.22
CA ALA HC 114 -58.67 -102.64 62.66
C ALA HC 114 -57.90 -103.92 62.97
N ALA HC 115 -58.32 -105.03 62.38
CA ALA HC 115 -57.64 -106.30 62.62
C ALA HC 115 -56.15 -106.17 62.39
N LEU HC 116 -55.75 -105.54 61.28
CA LEU HC 116 -54.34 -105.28 61.07
C LEU HC 116 -53.72 -104.55 62.24
N LEU HC 117 -54.38 -103.51 62.73
CA LEU HC 117 -53.84 -102.77 63.85
C LEU HC 117 -53.64 -103.65 65.06
N ALA HC 118 -54.44 -104.70 65.20
CA ALA HC 118 -54.21 -105.69 66.24
C ALA HC 118 -53.31 -106.82 65.80
N SER HC 119 -52.98 -106.88 64.52
CA SER HC 119 -52.14 -107.95 64.04
C SER HC 119 -50.74 -107.83 64.62
N PRO HC 120 -50.09 -108.96 64.90
CA PRO HC 120 -48.70 -108.91 65.38
C PRO HC 120 -47.75 -108.31 64.37
N LEU HC 121 -48.14 -108.22 63.11
CA LEU HC 121 -47.27 -107.60 62.12
C LEU HC 121 -47.03 -106.14 62.45
N LEU HC 122 -48.09 -105.35 62.47
CA LEU HC 122 -47.94 -103.90 62.58
C LEU HC 122 -47.32 -103.47 63.89
N ILE HC 123 -47.54 -104.22 64.97
CA ILE HC 123 -47.07 -103.75 66.27
C ILE HC 123 -45.56 -103.52 66.25
N ASP HC 124 -44.78 -104.47 65.73
CA ASP HC 124 -43.36 -104.23 65.54
C ASP HC 124 -43.10 -103.10 64.57
N ALA HC 125 -43.84 -103.08 63.47
CA ALA HC 125 -43.78 -101.96 62.55
C ALA HC 125 -44.07 -100.63 63.22
N ILE HC 126 -45.14 -100.55 64.00
CA ILE HC 126 -45.49 -99.33 64.72
C ILE HC 126 -44.61 -99.14 65.94
N ASP HC 127 -44.75 -100.02 66.92
CA ASP HC 127 -44.10 -99.78 68.21
C ASP HC 127 -42.60 -99.75 68.08
N GLN HC 128 -42.01 -100.79 67.51
CA GLN HC 128 -40.56 -100.90 67.43
C GLN HC 128 -39.99 -100.37 66.13
N LEU HC 129 -40.82 -99.81 65.25
CA LEU HC 129 -40.36 -99.22 63.99
C LEU HC 129 -39.55 -100.24 63.19
N ASN HC 130 -40.23 -101.30 62.80
CA ASN HC 130 -39.47 -102.33 62.11
C ASN HC 130 -40.12 -102.65 60.78
N PRO HC 131 -39.32 -102.86 59.76
CA PRO HC 131 -39.86 -103.35 58.50
C PRO HC 131 -40.30 -104.80 58.61
N ALA HC 132 -40.56 -105.42 57.48
CA ALA HC 132 -41.36 -106.63 57.39
C ALA HC 132 -40.58 -107.90 57.71
N TYR HC 133 -39.32 -107.76 58.11
CA TYR HC 133 -38.50 -108.93 58.37
C TYR HC 133 -38.43 -109.23 59.84
N ALA IC 2 -73.05 -78.02 71.76
CA ALA IC 2 -73.91 -79.06 71.19
C ALA IC 2 -74.66 -78.52 69.98
N LYS IC 3 -75.62 -79.29 69.50
CA LYS IC 3 -76.38 -78.96 68.31
C LYS IC 3 -77.20 -77.70 68.54
N LEU IC 4 -77.26 -76.87 67.50
CA LEU IC 4 -78.22 -75.77 67.47
C LEU IC 4 -79.61 -76.34 67.66
N GLU IC 5 -80.36 -75.78 68.59
CA GLU IC 5 -81.70 -76.24 68.86
C GLU IC 5 -82.60 -75.06 69.14
N THR IC 6 -83.89 -75.36 69.33
CA THR IC 6 -84.80 -74.36 69.84
C THR IC 6 -84.36 -74.06 71.26
N VAL IC 7 -84.13 -72.79 71.56
CA VAL IC 7 -83.69 -72.43 72.90
C VAL IC 7 -84.81 -71.64 73.56
N THR IC 8 -85.44 -72.25 74.54
CA THR IC 8 -86.49 -71.59 75.31
C THR IC 8 -85.82 -70.85 76.46
N LEU IC 9 -86.35 -69.68 76.78
CA LEU IC 9 -85.82 -68.88 77.88
C LEU IC 9 -86.98 -68.40 78.73
N GLY IC 10 -86.93 -68.72 80.02
CA GLY IC 10 -87.88 -68.21 80.98
C GLY IC 10 -87.25 -67.10 81.80
N ASN IC 11 -88.08 -66.44 82.59
CA ASN IC 11 -87.63 -65.43 83.53
C ASN IC 11 -86.86 -64.33 82.81
N ILE IC 12 -87.61 -63.55 82.03
CA ILE IC 12 -87.03 -62.54 81.16
C ILE IC 12 -87.69 -61.21 81.47
N GLY IC 13 -86.96 -60.12 81.27
CA GLY IC 13 -87.49 -58.79 81.47
C GLY IC 13 -87.63 -58.46 82.94
N LYS IC 14 -87.89 -57.18 83.19
CA LYS IC 14 -88.06 -56.71 84.55
C LYS IC 14 -89.10 -57.55 85.30
N ASP IC 15 -90.15 -57.98 84.60
CA ASP IC 15 -91.12 -58.87 85.20
C ASP IC 15 -90.50 -60.20 85.56
N GLY IC 16 -89.79 -60.82 84.62
CA GLY IC 16 -89.38 -62.19 84.82
C GLY IC 16 -90.44 -63.19 84.45
N LYS IC 17 -91.61 -62.72 84.01
CA LYS IC 17 -92.61 -63.62 83.46
C LYS IC 17 -92.46 -63.73 81.95
N GLN IC 18 -91.61 -62.90 81.36
CA GLN IC 18 -91.37 -62.94 79.94
C GLN IC 18 -90.64 -64.23 79.56
N THR IC 19 -91.01 -64.79 78.43
CA THR IC 19 -90.38 -65.98 77.90
C THR IC 19 -90.01 -65.75 76.44
N LEU IC 20 -88.99 -66.47 75.98
CA LEU IC 20 -88.54 -66.30 74.61
C LEU IC 20 -88.01 -67.64 74.09
N VAL IC 21 -88.30 -67.92 72.83
CA VAL IC 21 -87.74 -69.07 72.15
C VAL IC 21 -86.89 -68.58 71.00
N LEU IC 22 -85.88 -69.37 70.65
CA LEU IC 22 -84.94 -69.01 69.60
C LEU IC 22 -84.76 -70.20 68.66
N ASN IC 23 -85.07 -69.98 67.43
CA ASN IC 23 -84.83 -71.10 66.54
C ASN IC 23 -83.42 -71.03 65.96
N PRO IC 24 -82.81 -72.17 65.69
CA PRO IC 24 -81.54 -72.16 64.99
C PRO IC 24 -81.69 -71.57 63.61
N ARG IC 25 -80.83 -70.60 63.31
CA ARG IC 25 -80.86 -69.91 62.04
C ARG IC 25 -79.82 -70.46 61.06
N GLY IC 26 -79.08 -71.48 61.44
CA GLY IC 26 -77.96 -71.93 60.65
C GLY IC 26 -76.70 -71.16 61.03
N VAL IC 27 -75.64 -71.42 60.26
CA VAL IC 27 -74.34 -70.84 60.55
C VAL IC 27 -73.78 -70.23 59.29
N ASN IC 28 -73.39 -68.98 59.36
CA ASN IC 28 -72.65 -68.42 58.24
C ASN IC 28 -71.25 -69.00 58.19
N PRO IC 29 -70.91 -69.78 57.18
CA PRO IC 29 -69.59 -70.40 57.15
C PRO IC 29 -68.47 -69.42 56.92
N THR IC 30 -68.73 -68.31 56.22
CA THR IC 30 -67.66 -67.37 55.93
C THR IC 30 -66.98 -66.89 57.20
N ASN IC 31 -67.68 -66.09 57.99
CA ASN IC 31 -67.17 -65.70 59.29
C ASN IC 31 -67.18 -66.85 60.28
N GLY IC 32 -67.84 -67.96 59.96
CA GLY IC 32 -67.94 -69.05 60.89
C GLY IC 32 -68.71 -68.67 62.13
N VAL IC 33 -69.92 -68.16 61.97
CA VAL IC 33 -70.71 -67.66 63.09
C VAL IC 33 -72.10 -68.25 63.00
N ALA IC 34 -72.55 -68.83 64.12
CA ALA IC 34 -73.91 -69.31 64.23
C ALA IC 34 -74.88 -68.16 64.42
N SER IC 35 -76.15 -68.45 64.16
CA SER IC 35 -77.20 -67.46 64.31
C SER IC 35 -78.44 -68.11 64.91
N LEU IC 36 -79.10 -67.37 65.79
CA LEU IC 36 -80.33 -67.82 66.42
C LEU IC 36 -81.34 -66.70 66.34
N SER IC 37 -82.62 -67.05 66.29
CA SER IC 37 -83.63 -66.00 66.21
C SER IC 37 -84.92 -66.46 66.83
N GLN IC 38 -85.64 -65.49 67.39
CA GLN IC 38 -87.06 -65.64 67.63
C GLN IC 38 -87.77 -65.86 66.31
N ALA IC 39 -88.87 -66.63 66.36
CA ALA IC 39 -89.71 -66.76 65.18
C ALA IC 39 -90.81 -65.70 65.27
N GLY IC 40 -90.65 -64.67 64.44
CA GLY IC 40 -91.64 -63.63 64.32
C GLY IC 40 -92.30 -63.67 62.97
N ALA IC 41 -92.81 -62.51 62.56
CA ALA IC 41 -93.30 -62.37 61.19
C ALA IC 41 -92.17 -61.94 60.26
N VAL IC 42 -91.65 -60.74 60.48
CA VAL IC 42 -90.64 -60.19 59.59
C VAL IC 42 -89.25 -60.44 60.19
N PRO IC 43 -88.38 -61.17 59.50
CA PRO IC 43 -87.03 -61.40 60.01
C PRO IC 43 -86.32 -60.14 60.41
N ALA IC 44 -86.44 -59.06 59.64
CA ALA IC 44 -85.89 -57.77 60.04
C ALA IC 44 -86.37 -57.37 61.43
N LEU IC 45 -87.61 -57.67 61.77
CA LEU IC 45 -88.13 -57.38 63.10
C LEU IC 45 -87.69 -58.42 64.11
N GLU IC 46 -87.43 -59.64 63.68
CA GLU IC 46 -87.21 -60.74 64.61
C GLU IC 46 -85.91 -60.55 65.38
N LYS IC 47 -85.93 -60.94 66.64
CA LYS IC 47 -84.78 -60.81 67.52
C LYS IC 47 -83.69 -61.72 66.98
N ARG IC 48 -82.44 -61.30 67.11
CA ARG IC 48 -81.34 -62.11 66.63
C ARG IC 48 -80.34 -62.37 67.75
N VAL IC 49 -79.72 -63.55 67.70
CA VAL IC 49 -78.69 -63.93 68.65
C VAL IC 49 -77.57 -64.57 67.87
N THR IC 50 -76.35 -64.11 68.09
CA THR IC 50 -75.18 -64.57 67.35
C THR IC 50 -74.11 -65.03 68.31
N VAL IC 51 -73.55 -66.21 68.05
CA VAL IC 51 -72.43 -66.71 68.83
C VAL IC 51 -71.36 -67.17 67.86
N SER IC 52 -70.12 -67.13 68.35
CA SER IC 52 -69.00 -67.54 67.53
C SER IC 52 -67.87 -68.02 68.42
N VAL IC 53 -67.07 -68.93 67.89
CA VAL IC 53 -65.84 -69.33 68.54
C VAL IC 53 -64.71 -68.84 67.66
N SER IC 54 -63.48 -69.13 68.05
CA SER IC 54 -62.32 -68.75 67.28
C SER IC 54 -61.18 -69.68 67.64
N GLN IC 55 -60.15 -69.67 66.82
CA GLN IC 55 -58.98 -70.47 67.13
C GLN IC 55 -57.73 -69.65 66.86
N PRO IC 56 -56.69 -69.83 67.66
CA PRO IC 56 -55.51 -68.97 67.53
C PRO IC 56 -54.82 -69.19 66.19
N SER IC 57 -54.34 -68.09 65.63
CA SER IC 57 -53.66 -68.12 64.35
C SER IC 57 -52.32 -67.44 64.50
N ARG IC 58 -51.60 -67.29 63.39
CA ARG IC 58 -50.40 -66.48 63.39
C ARG IC 58 -50.69 -65.04 63.76
N ASN IC 59 -51.92 -64.57 63.58
CA ASN IC 59 -52.30 -63.23 63.98
C ASN IC 59 -52.57 -63.09 65.47
N ARG IC 60 -53.16 -64.10 66.09
CA ARG IC 60 -53.47 -64.04 67.51
C ARG IC 60 -53.35 -65.43 68.11
N LYS IC 61 -52.80 -65.49 69.31
CA LYS IC 61 -52.56 -66.75 70.01
C LYS IC 61 -53.69 -67.05 70.98
N ASN IC 62 -54.72 -66.21 70.99
CA ASN IC 62 -55.74 -66.29 72.00
C ASN IC 62 -57.06 -66.71 71.38
N TYR IC 63 -57.89 -67.38 72.17
CA TYR IC 63 -59.23 -67.72 71.72
C TYR IC 63 -60.16 -66.54 71.93
N LYS IC 64 -61.04 -66.32 70.97
CA LYS IC 64 -62.08 -65.30 71.07
C LYS IC 64 -63.43 -65.98 71.01
N VAL IC 65 -64.31 -65.61 71.92
CA VAL IC 65 -65.70 -66.04 71.89
C VAL IC 65 -66.54 -64.79 71.87
N GLN IC 66 -67.25 -64.58 70.77
CA GLN IC 66 -68.01 -63.36 70.55
C GLN IC 66 -69.49 -63.69 70.55
N VAL IC 67 -70.27 -62.91 71.28
CA VAL IC 67 -71.71 -63.06 71.34
C VAL IC 67 -72.34 -61.70 71.18
N LYS IC 68 -73.19 -61.55 70.17
CA LYS IC 68 -73.88 -60.30 69.91
C LYS IC 68 -75.38 -60.54 69.90
N ILE IC 69 -76.13 -59.56 70.38
CA ILE IC 69 -77.58 -59.64 70.42
C ILE IC 69 -78.15 -58.41 69.76
N GLN IC 70 -79.14 -58.60 68.92
CA GLN IC 70 -79.74 -57.52 68.15
C GLN IC 70 -81.24 -57.57 68.34
N ASN IC 71 -81.80 -56.54 68.97
CA ASN IC 71 -83.22 -56.48 69.30
C ASN IC 71 -83.78 -55.17 68.79
N PRO IC 72 -84.34 -55.14 67.60
CA PRO IC 72 -84.88 -53.90 67.05
C PRO IC 72 -86.13 -53.47 67.80
N THR IC 73 -86.63 -52.31 67.42
CA THR IC 73 -87.87 -51.77 67.96
C THR IC 73 -88.84 -51.55 66.81
N ALA IC 74 -89.91 -52.33 66.81
CA ALA IC 74 -90.91 -52.24 65.76
C ALA IC 74 -91.76 -51.00 65.95
N CYS IC 75 -91.99 -50.27 64.88
CA CYS IC 75 -93.00 -49.22 64.84
C CYS IC 75 -94.20 -49.83 64.12
N THR IC 76 -95.25 -50.15 64.87
CA THR IC 76 -96.39 -50.84 64.29
C THR IC 76 -97.10 -49.95 63.29
N ALA IC 77 -97.54 -48.78 63.73
CA ALA IC 77 -98.20 -47.82 62.85
C ALA IC 77 -97.19 -46.74 62.52
N ASN IC 78 -96.68 -46.77 61.29
CA ASN IC 78 -95.85 -45.69 60.77
C ASN IC 78 -96.67 -44.70 59.96
N GLY IC 79 -97.99 -44.87 59.92
CA GLY IC 79 -98.78 -44.23 58.90
C GLY IC 79 -98.76 -44.98 57.59
N SER IC 80 -98.10 -46.14 57.57
CA SER IC 80 -97.98 -46.96 56.38
C SER IC 80 -98.45 -48.37 56.73
N CYS IC 81 -98.67 -49.18 55.70
CA CYS IC 81 -99.23 -50.51 55.88
C CYS IC 81 -98.25 -51.49 56.52
N ASP IC 82 -96.97 -51.17 56.56
CA ASP IC 82 -96.01 -52.12 57.08
C ASP IC 82 -95.23 -51.53 58.23
N PRO IC 83 -94.92 -52.33 59.25
CA PRO IC 83 -94.10 -51.83 60.35
C PRO IC 83 -92.69 -51.55 59.89
N SER IC 84 -91.97 -50.77 60.68
CA SER IC 84 -90.63 -50.35 60.31
C SER IC 84 -89.71 -50.36 61.53
N VAL IC 85 -88.44 -50.65 61.28
CA VAL IC 85 -87.43 -50.63 62.32
C VAL IC 85 -87.28 -49.20 62.81
N THR IC 86 -87.28 -49.01 64.12
CA THR IC 86 -87.07 -47.68 64.67
C THR IC 86 -85.73 -47.59 65.38
N ARG IC 87 -85.61 -48.22 66.54
CA ARG IC 87 -84.38 -48.25 67.30
C ARG IC 87 -83.82 -49.66 67.27
N GLN IC 88 -82.50 -49.75 67.27
CA GLN IC 88 -81.86 -51.07 67.20
C GLN IC 88 -80.99 -51.22 68.45
N ALA IC 89 -81.39 -52.13 69.33
CA ALA IC 89 -80.65 -52.38 70.56
C ALA IC 89 -79.47 -53.29 70.25
N TYR IC 90 -78.28 -52.88 70.64
CA TYR IC 90 -77.09 -53.68 70.43
C TYR IC 90 -76.54 -54.17 71.75
N ALA IC 91 -76.48 -55.50 71.89
CA ALA IC 91 -75.88 -56.12 73.06
C ALA IC 91 -74.73 -56.98 72.57
N ASP IC 92 -73.51 -56.64 73.00
CA ASP IC 92 -72.32 -57.32 72.54
C ASP IC 92 -71.53 -57.84 73.73
N VAL IC 93 -71.06 -59.07 73.61
CA VAL IC 93 -70.26 -59.73 74.65
C VAL IC 93 -69.13 -60.47 73.95
N THR IC 94 -67.93 -60.35 74.50
CA THR IC 94 -66.77 -61.03 73.97
C THR IC 94 -66.04 -61.76 75.08
N PHE IC 95 -65.14 -62.66 74.68
CA PHE IC 95 -64.32 -63.39 75.63
C PHE IC 95 -62.95 -63.61 75.04
N SER IC 96 -61.95 -63.53 75.90
CA SER IC 96 -60.58 -63.82 75.50
C SER IC 96 -60.03 -64.88 76.43
N PHE IC 97 -59.22 -65.78 75.89
CA PHE IC 97 -58.61 -66.82 76.68
C PHE IC 97 -57.26 -67.17 76.08
N THR IC 98 -56.44 -67.80 76.91
CA THR IC 98 -55.10 -68.22 76.51
C THR IC 98 -55.11 -69.71 76.27
N GLN IC 99 -54.28 -70.14 75.33
CA GLN IC 99 -54.20 -71.54 74.99
C GLN IC 99 -54.07 -72.42 76.20
N TYR IC 100 -53.47 -71.93 77.28
CA TYR IC 100 -53.37 -72.71 78.50
C TYR IC 100 -54.54 -72.48 79.45
N SER IC 101 -55.54 -71.71 79.04
CA SER IC 101 -56.68 -71.45 79.91
C SER IC 101 -57.31 -72.77 80.34
N THR IC 102 -57.66 -72.88 81.62
CA THR IC 102 -58.23 -74.13 82.07
C THR IC 102 -59.75 -74.07 82.00
N ASP IC 103 -60.38 -75.18 82.38
CA ASP IC 103 -61.83 -75.26 82.29
C ASP IC 103 -62.49 -74.40 83.35
N GLU IC 104 -62.17 -74.64 84.63
CA GLU IC 104 -62.90 -73.99 85.70
C GLU IC 104 -62.74 -72.47 85.64
N GLU IC 105 -61.54 -72.00 85.30
CA GLU IC 105 -61.36 -70.58 85.07
C GLU IC 105 -62.43 -70.04 84.13
N ARG IC 106 -62.57 -70.65 82.97
CA ARG IC 106 -63.62 -70.25 82.05
C ARG IC 106 -64.98 -70.37 82.72
N ALA IC 107 -65.29 -71.56 83.23
CA ALA IC 107 -66.55 -71.74 83.95
C ALA IC 107 -66.73 -70.67 85.01
N PHE IC 108 -65.68 -70.38 85.77
CA PHE IC 108 -65.76 -69.31 86.75
C PHE IC 108 -66.18 -68.00 86.10
N VAL IC 109 -65.66 -67.70 84.92
CA VAL IC 109 -66.04 -66.48 84.24
C VAL IC 109 -67.51 -66.50 83.88
N ARG IC 110 -67.99 -67.63 83.37
CA ARG IC 110 -69.34 -67.67 82.86
C ARG IC 110 -70.35 -67.29 83.93
N THR IC 111 -70.34 -67.99 85.05
CA THR IC 111 -71.34 -67.71 86.09
C THR IC 111 -71.26 -66.27 86.57
N GLU IC 112 -70.09 -65.83 87.03
CA GLU IC 112 -69.98 -64.52 87.64
C GLU IC 112 -70.54 -63.42 86.76
N LEU IC 113 -70.30 -63.49 85.45
CA LEU IC 113 -70.89 -62.49 84.57
C LEU IC 113 -72.40 -62.50 84.72
N ALA IC 114 -73.00 -63.67 84.70
CA ALA IC 114 -74.45 -63.75 84.91
C ALA IC 114 -74.85 -63.15 86.24
N ALA IC 115 -74.20 -63.56 87.32
CA ALA IC 115 -74.53 -63.01 88.63
C ALA IC 115 -74.51 -61.49 88.62
N LEU IC 116 -73.49 -60.89 88.02
CA LEU IC 116 -73.49 -59.45 87.87
C LEU IC 116 -74.75 -58.96 87.18
N LEU IC 117 -75.14 -59.62 86.10
CA LEU IC 117 -76.33 -59.18 85.39
C LEU IC 117 -77.57 -59.24 86.28
N ALA IC 118 -77.58 -60.12 87.27
CA ALA IC 118 -78.62 -60.13 88.26
C ALA IC 118 -78.31 -59.25 89.45
N SER IC 119 -77.10 -58.74 89.55
CA SER IC 119 -76.73 -57.91 90.69
C SER IC 119 -77.52 -56.61 90.66
N PRO IC 120 -77.88 -56.09 91.84
CA PRO IC 120 -78.56 -54.80 91.89
C PRO IC 120 -77.72 -53.66 91.36
N LEU IC 121 -76.41 -53.85 91.25
CA LEU IC 121 -75.58 -52.80 90.70
C LEU IC 121 -75.94 -52.52 89.25
N LEU IC 122 -75.82 -53.51 88.39
CA LEU IC 122 -75.95 -53.26 86.96
C LEU IC 122 -77.35 -52.81 86.57
N ILE IC 123 -78.38 -53.25 87.29
CA ILE IC 123 -79.73 -52.94 86.86
C ILE IC 123 -79.94 -51.44 86.74
N ASP IC 124 -79.53 -50.67 87.75
CA ASP IC 124 -79.56 -49.22 87.61
C ASP IC 124 -78.65 -48.73 86.51
N ALA IC 125 -77.45 -49.30 86.43
CA ALA IC 125 -76.56 -49.02 85.32
C ALA IC 125 -77.20 -49.30 83.97
N ILE IC 126 -77.81 -50.47 83.82
CA ILE IC 126 -78.47 -50.83 82.57
C ILE IC 126 -79.82 -50.14 82.44
N ASP IC 127 -80.76 -50.49 83.30
CA ASP IC 127 -82.13 -50.02 83.11
C ASP IC 127 -82.22 -48.51 83.19
N GLN IC 128 -81.74 -47.92 84.27
CA GLN IC 128 -81.88 -46.50 84.48
C GLN IC 128 -80.68 -45.70 84.01
N LEU IC 129 -79.69 -46.35 83.39
CA LEU IC 129 -78.53 -45.67 82.85
C LEU IC 129 -77.85 -44.83 83.91
N ASN IC 130 -77.34 -45.50 84.93
CA ASN IC 130 -76.77 -44.74 86.00
C ASN IC 130 -75.35 -45.19 86.29
N PRO IC 131 -74.46 -44.27 86.56
CA PRO IC 131 -73.13 -44.64 87.02
C PRO IC 131 -73.17 -45.20 88.42
N ALA IC 132 -71.99 -45.34 89.02
CA ALA IC 132 -71.79 -46.20 90.18
C ALA IC 132 -72.21 -45.56 91.49
N TYR IC 133 -72.79 -44.38 91.44
CA TYR IC 133 -73.15 -43.69 92.67
C TYR IC 133 -74.63 -43.88 92.98
N ALA JC 2 -107.71 -77.17 9.81
CA ALA JC 2 -108.66 -77.26 10.91
C ALA JC 2 -107.94 -77.57 12.21
N LYS JC 3 -108.72 -77.89 13.24
CA LYS JC 3 -108.20 -78.14 14.57
C LYS JC 3 -107.31 -79.38 14.56
N LEU JC 4 -106.23 -79.30 15.33
CA LEU JC 4 -105.43 -80.48 15.64
C LEU JC 4 -106.34 -81.50 16.28
N GLU JC 5 -106.30 -82.72 15.78
CA GLU JC 5 -107.13 -83.79 16.32
C GLU JC 5 -106.36 -85.09 16.31
N THR JC 6 -106.97 -86.12 16.85
CA THR JC 6 -106.45 -87.47 16.71
C THR JC 6 -106.55 -87.80 15.23
N VAL JC 7 -105.42 -88.18 14.64
CA VAL JC 7 -105.42 -88.51 13.23
C VAL JC 7 -105.19 -90.01 13.09
N THR JC 8 -106.22 -90.74 12.69
CA THR JC 8 -106.12 -92.17 12.44
C THR JC 8 -105.66 -92.35 11.01
N LEU JC 9 -104.82 -93.35 10.79
CA LEU JC 9 -104.33 -93.68 9.46
C LEU JC 9 -104.44 -95.17 9.24
N GLY JC 10 -105.15 -95.55 8.18
CA GLY JC 10 -105.22 -96.93 7.76
C GLY JC 10 -104.33 -97.15 6.55
N ASN JC 11 -104.18 -98.42 6.18
CA ASN JC 11 -103.46 -98.81 4.98
C ASN JC 11 -102.03 -98.27 5.01
N ILE JC 12 -101.24 -98.85 5.91
CA ILE JC 12 -99.90 -98.37 6.17
C ILE JC 12 -98.94 -99.53 6.00
N GLY JC 13 -97.71 -99.23 5.62
CA GLY JC 13 -96.68 -100.23 5.48
C GLY JC 13 -96.90 -101.08 4.24
N LYS JC 14 -95.86 -101.87 3.95
CA LYS JC 14 -95.92 -102.76 2.79
C LYS JC 14 -97.17 -103.63 2.83
N ASP JC 15 -97.58 -104.05 4.03
CA ASP JC 15 -98.82 -104.80 4.17
C ASP JC 15 -100.02 -103.94 3.79
N GLY JC 16 -100.11 -102.73 4.34
CA GLY JC 16 -101.33 -101.97 4.20
C GLY JC 16 -102.37 -102.35 5.23
N LYS JC 17 -102.06 -103.30 6.10
CA LYS JC 17 -102.94 -103.57 7.23
C LYS JC 17 -102.50 -102.78 8.45
N GLN JC 18 -101.36 -102.12 8.37
CA GLN JC 18 -100.87 -101.30 9.47
C GLN JC 18 -101.75 -100.07 9.63
N THR JC 19 -101.97 -99.71 10.89
CA THR JC 19 -102.73 -98.52 11.22
C THR JC 19 -101.96 -97.69 12.24
N LEU JC 20 -102.23 -96.39 12.24
CA LEU JC 20 -101.53 -95.49 13.14
C LEU JC 20 -102.45 -94.35 13.55
N VAL JC 21 -102.36 -93.96 14.81
CA VAL JC 21 -103.06 -92.80 15.30
C VAL JC 21 -102.03 -91.77 15.75
N LEU JC 22 -102.41 -90.51 15.68
CA LEU JC 22 -101.50 -89.41 16.03
C LEU JC 22 -102.24 -88.45 16.94
N ASN JC 23 -101.72 -88.25 18.11
CA ASN JC 23 -102.39 -87.28 18.93
C ASN JC 23 -101.80 -85.90 18.69
N PRO JC 24 -102.62 -84.86 18.82
CA PRO JC 24 -102.08 -83.50 18.78
C PRO JC 24 -101.11 -83.26 19.91
N ARG JC 25 -99.92 -82.78 19.56
CA ARG JC 25 -98.88 -82.51 20.54
C ARG JC 25 -98.83 -81.05 20.93
N GLY JC 26 -99.72 -80.22 20.41
CA GLY JC 26 -99.60 -78.80 20.60
C GLY JC 26 -98.74 -78.18 19.50
N VAL JC 27 -98.47 -76.89 19.66
CA VAL JC 27 -97.73 -76.13 18.66
C VAL JC 27 -96.63 -75.35 19.34
N ASN JC 28 -95.41 -75.51 18.85
CA ASN JC 28 -94.36 -74.64 19.33
C ASN JC 28 -94.56 -73.25 18.76
N PRO JC 29 -94.86 -72.25 19.59
CA PRO JC 29 -95.10 -70.90 19.06
C PRO JC 29 -93.87 -70.23 18.52
N THR JC 30 -92.69 -70.56 19.04
CA THR JC 30 -91.47 -69.91 18.59
C THR JC 30 -91.30 -70.04 17.09
N ASN JC 31 -90.99 -71.24 16.62
CA ASN JC 31 -90.94 -71.50 15.20
C ASN JC 31 -92.33 -71.52 14.57
N GLY JC 32 -93.39 -71.52 15.37
CA GLY JC 32 -94.72 -71.61 14.83
C GLY JC 32 -94.97 -72.90 14.11
N VAL JC 33 -94.73 -74.03 14.76
CA VAL JC 33 -94.81 -75.34 14.12
C VAL JC 33 -95.65 -76.24 15.00
N ALA JC 34 -96.65 -76.88 14.38
CA ALA JC 34 -97.45 -77.88 15.07
C ALA JC 34 -96.69 -79.19 15.18
N SER JC 35 -97.16 -80.03 16.10
CA SER JC 35 -96.54 -81.32 16.32
C SER JC 35 -97.62 -82.37 16.55
N LEU JC 36 -97.39 -83.55 16.01
CA LEU JC 36 -98.30 -84.68 16.19
C LEU JC 36 -97.48 -85.89 16.57
N SER JC 37 -98.08 -86.80 17.32
CA SER JC 37 -97.33 -87.99 17.71
C SER JC 37 -98.25 -89.16 17.92
N GLN JC 38 -97.73 -90.35 17.63
CA GLN JC 38 -98.27 -91.57 18.17
C GLN JC 38 -98.21 -91.53 19.69
N ALA JC 39 -99.17 -92.18 20.33
CA ALA JC 39 -99.10 -92.34 21.78
C ALA JC 39 -98.42 -93.69 22.07
N GLY JC 40 -97.16 -93.58 22.50
CA GLY JC 40 -96.41 -94.73 22.92
C GLY JC 40 -96.15 -94.70 24.42
N ALA JC 41 -95.06 -95.36 24.80
CA ALA JC 41 -94.60 -95.25 26.18
C ALA JC 41 -93.64 -94.08 26.32
N VAL JC 42 -92.49 -94.16 25.66
CA VAL JC 42 -91.46 -93.14 25.81
C VAL JC 42 -91.57 -92.16 24.65
N PRO JC 43 -91.81 -90.88 24.92
CA PRO JC 43 -91.87 -89.89 23.85
C PRO JC 43 -90.68 -89.92 22.92
N ALA JC 44 -89.46 -90.08 23.44
CA ALA JC 44 -88.29 -90.27 22.61
C ALA JC 44 -88.49 -91.39 21.60
N LEU JC 45 -89.17 -92.46 22.00
CA LEU JC 45 -89.46 -93.55 21.08
C LEU JC 45 -90.64 -93.25 20.19
N GLU JC 46 -91.56 -92.41 20.64
CA GLU JC 46 -92.82 -92.22 19.94
C GLU JC 46 -92.60 -91.52 18.60
N LYS JC 47 -93.38 -91.93 17.61
CA LYS JC 47 -93.28 -91.38 16.26
C LYS JC 47 -93.69 -89.92 16.33
N ARG JC 48 -93.06 -89.09 15.51
CA ARG JC 48 -93.38 -87.67 15.50
C ARG JC 48 -93.75 -87.22 14.11
N VAL JC 49 -94.67 -86.27 14.04
CA VAL JC 49 -95.09 -85.66 12.78
C VAL JC 49 -95.17 -84.16 12.99
N THR JC 50 -94.53 -83.41 12.11
CA THR JC 50 -94.44 -81.96 12.23
C THR JC 50 -94.93 -81.32 10.96
N VAL JC 51 -95.79 -80.31 11.10
CA VAL JC 51 -96.25 -79.53 9.98
C VAL JC 51 -96.10 -78.05 10.32
N SER JC 52 -95.94 -77.24 9.29
CA SER JC 52 -95.78 -75.82 9.50
C SER JC 52 -96.25 -75.10 8.25
N VAL JC 53 -96.71 -73.87 8.46
CA VAL JC 53 -97.01 -72.97 7.35
C VAL JC 53 -96.01 -71.84 7.44
N SER JC 54 -96.13 -70.87 6.54
CA SER JC 54 -95.25 -69.72 6.55
C SER JC 54 -95.96 -68.59 5.83
N GLN JC 55 -95.43 -67.38 6.00
CA GLN JC 55 -95.99 -66.26 5.29
C GLN JC 55 -94.87 -65.40 4.75
N PRO JC 56 -95.05 -64.81 3.57
CA PRO JC 56 -93.96 -64.08 2.94
C PRO JC 56 -93.55 -62.88 3.76
N SER JC 57 -92.24 -62.63 3.80
CA SER JC 57 -91.69 -61.52 4.55
C SER JC 57 -90.81 -60.71 3.61
N ARG JC 58 -90.15 -59.70 4.17
CA ARG JC 58 -89.12 -59.00 3.42
C ARG JC 58 -87.98 -59.92 2.99
N ASN JC 59 -87.79 -61.04 3.68
CA ASN JC 59 -86.78 -62.01 3.31
C ASN JC 59 -87.21 -62.91 2.16
N ARG JC 60 -88.48 -63.29 2.11
CA ARG JC 60 -88.95 -64.17 1.05
C ARG JC 60 -90.39 -63.81 0.73
N LYS JC 61 -90.72 -63.83 -0.55
CA LYS JC 61 -92.05 -63.47 -1.04
C LYS JC 61 -92.90 -64.71 -1.23
N ASN JC 62 -92.38 -65.87 -0.87
CA ASN JC 62 -93.03 -67.13 -1.19
C ASN JC 62 -93.52 -67.81 0.07
N TYR JC 63 -94.57 -68.59 -0.07
CA TYR JC 63 -95.05 -69.39 1.04
C TYR JC 63 -94.26 -70.68 1.13
N LYS JC 64 -93.94 -71.09 2.35
CA LYS JC 64 -93.28 -72.36 2.61
C LYS JC 64 -94.21 -73.21 3.46
N VAL JC 65 -94.37 -74.47 3.07
CA VAL JC 65 -95.07 -75.45 3.87
C VAL JC 65 -94.12 -76.60 4.09
N GLN JC 66 -93.72 -76.80 5.34
CA GLN JC 66 -92.72 -77.79 5.70
C GLN JC 66 -93.37 -78.90 6.50
N VAL JC 67 -93.07 -80.13 6.13
CA VAL JC 67 -93.57 -81.29 6.84
C VAL JC 67 -92.41 -82.25 7.05
N LYS JC 68 -92.15 -82.59 8.31
CA LYS JC 68 -91.07 -83.51 8.65
C LYS JC 68 -91.64 -84.65 9.47
N ILE JC 69 -91.08 -85.85 9.26
CA ILE JC 69 -91.51 -87.05 9.97
C ILE JC 69 -90.29 -87.69 10.60
N GLN JC 70 -90.40 -88.08 11.85
CA GLN JC 70 -89.30 -88.65 12.60
C GLN JC 70 -89.77 -89.96 13.21
N ASN JC 71 -89.16 -91.07 12.78
CA ASN JC 71 -89.55 -92.41 13.20
C ASN JC 71 -88.30 -93.14 13.68
N PRO JC 72 -88.02 -93.11 14.97
CA PRO JC 72 -86.83 -93.78 15.48
C PRO JC 72 -86.98 -95.29 15.41
N THR JC 73 -85.91 -95.97 15.78
CA THR JC 73 -85.88 -97.42 15.85
C THR JC 73 -85.53 -97.82 17.26
N ALA JC 74 -86.48 -98.43 17.95
CA ALA JC 74 -86.29 -98.85 19.32
C ALA JC 74 -85.41 -100.09 19.36
N CYS JC 75 -84.45 -100.09 20.27
CA CYS JC 75 -83.71 -101.31 20.62
C CYS JC 75 -84.31 -101.77 21.94
N THR JC 76 -85.09 -102.85 21.89
CA THR JC 76 -85.79 -103.31 23.07
C THR JC 76 -84.81 -103.80 24.13
N ALA JC 77 -83.99 -104.78 23.77
CA ALA JC 77 -82.98 -105.29 24.68
C ALA JC 77 -81.65 -104.71 24.25
N ASN JC 78 -81.14 -103.77 25.04
CA ASN JC 78 -79.80 -103.24 24.87
C ASN JC 78 -78.81 -103.95 25.80
N GLY JC 79 -79.27 -104.96 26.52
CA GLY JC 79 -78.52 -105.43 27.67
C GLY JC 79 -78.77 -104.59 28.90
N SER JC 80 -79.67 -103.61 28.80
CA SER JC 80 -80.01 -102.70 29.88
C SER JC 80 -81.52 -102.73 30.07
N CYS JC 81 -81.97 -102.19 31.19
CA CYS JC 81 -83.38 -102.25 31.56
C CYS JC 81 -84.26 -101.35 30.71
N ASP JC 82 -83.68 -100.42 29.96
CA ASP JC 82 -84.50 -99.49 29.21
C ASP JC 82 -84.16 -99.54 27.73
N PRO JC 83 -85.15 -99.43 26.86
CA PRO JC 83 -84.87 -99.39 25.43
C PRO JC 83 -84.13 -98.12 25.06
N SER JC 84 -83.51 -98.13 23.89
CA SER JC 84 -82.71 -97.01 23.45
C SER JC 84 -82.90 -96.76 21.96
N VAL JC 85 -82.78 -95.50 21.58
CA VAL JC 85 -82.87 -95.10 20.19
C VAL JC 85 -81.69 -95.70 19.45
N THR JC 86 -81.95 -96.32 18.30
CA THR JC 86 -80.87 -96.86 17.50
C THR JC 86 -80.70 -96.08 16.20
N ARG JC 87 -81.63 -96.24 15.28
CA ARG JC 87 -81.63 -95.52 14.02
C ARG JC 87 -82.78 -94.53 14.02
N GLN JC 88 -82.56 -93.39 13.37
CA GLN JC 88 -83.59 -92.36 13.33
C GLN JC 88 -83.94 -92.11 11.86
N ALA JC 89 -85.15 -92.48 11.48
CA ALA JC 89 -85.61 -92.29 10.11
C ALA JC 89 -86.08 -90.85 9.95
N TYR JC 90 -85.54 -90.17 8.95
CA TYR JC 90 -85.93 -88.80 8.66
C TYR JC 90 -86.70 -88.71 7.35
N ALA JC 91 -87.93 -88.25 7.44
CA ALA JC 91 -88.76 -88.02 6.26
C ALA JC 91 -89.12 -86.54 6.25
N ASP JC 92 -88.67 -85.83 5.21
CA ASP JC 92 -88.85 -84.39 5.11
C ASP JC 92 -89.54 -84.05 3.80
N VAL JC 93 -90.52 -83.16 3.88
CA VAL JC 93 -91.27 -82.69 2.73
C VAL JC 93 -91.46 -81.20 2.87
N THR JC 94 -91.24 -80.47 1.78
CA THR JC 94 -91.43 -79.03 1.76
C THR JC 94 -92.30 -78.62 0.59
N PHE JC 95 -92.76 -77.39 0.63
CA PHE JC 95 -93.57 -76.84 -0.45
C PHE JC 95 -93.25 -75.37 -0.60
N SER JC 96 -93.24 -74.93 -1.85
CA SER JC 96 -93.06 -73.52 -2.15
C SER JC 96 -94.21 -73.07 -3.03
N PHE JC 97 -94.65 -71.84 -2.82
CA PHE JC 97 -95.73 -71.28 -3.61
C PHE JC 97 -95.54 -69.78 -3.73
N THR JC 98 -96.18 -69.22 -4.73
CA THR JC 98 -96.13 -67.80 -4.99
C THR JC 98 -97.42 -67.15 -4.52
N GLN JC 99 -97.31 -65.91 -4.07
CA GLN JC 99 -98.47 -65.19 -3.57
C GLN JC 99 -99.65 -65.27 -4.50
N TYR JC 100 -99.40 -65.42 -5.81
CA TYR JC 100 -100.49 -65.55 -6.76
C TYR JC 100 -100.88 -67.01 -7.00
N SER JC 101 -100.27 -67.95 -6.29
CA SER JC 101 -100.59 -69.35 -6.50
C SER JC 101 -102.07 -69.58 -6.31
N THR JC 102 -102.68 -70.36 -7.19
CA THR JC 102 -104.11 -70.58 -7.07
C THR JC 102 -104.38 -71.84 -6.26
N ASP JC 103 -105.67 -72.12 -6.06
CA ASP JC 103 -106.05 -73.26 -5.24
C ASP JC 103 -105.76 -74.57 -5.97
N GLU JC 104 -106.33 -74.75 -7.15
CA GLU JC 104 -106.25 -76.05 -7.81
C GLU JC 104 -104.81 -76.44 -8.10
N GLU JC 105 -103.99 -75.47 -8.50
CA GLU JC 105 -102.57 -75.73 -8.65
C GLU JC 105 -102.02 -76.42 -7.42
N ARG JC 106 -102.23 -75.83 -6.26
CA ARG JC 106 -101.80 -76.46 -5.02
C ARG JC 106 -102.45 -77.83 -4.87
N ALA JC 107 -103.78 -77.88 -4.94
CA ALA JC 107 -104.48 -79.16 -4.88
C ALA JC 107 -103.88 -80.14 -5.87
N PHE JC 108 -103.62 -79.69 -7.10
CA PHE JC 108 -102.98 -80.56 -8.08
C PHE JC 108 -101.68 -81.11 -7.55
N VAL JC 109 -100.89 -80.28 -6.87
CA VAL JC 109 -99.63 -80.77 -6.32
C VAL JC 109 -99.88 -81.83 -5.27
N ARG JC 110 -100.86 -81.60 -4.40
CA ARG JC 110 -101.04 -82.50 -3.27
C ARG JC 110 -101.28 -83.93 -3.73
N THR JC 111 -102.29 -84.14 -4.57
CA THR JC 111 -102.61 -85.50 -4.99
C THR JC 111 -101.43 -86.16 -5.68
N GLU JC 112 -100.91 -85.53 -6.74
CA GLU JC 112 -99.89 -86.18 -7.56
C GLU JC 112 -98.73 -86.67 -6.72
N LEU JC 113 -98.30 -85.90 -5.72
CA LEU JC 113 -97.23 -86.40 -4.86
C LEU JC 113 -97.63 -87.71 -4.21
N ALA JC 114 -98.85 -87.77 -3.69
CA ALA JC 114 -99.32 -89.03 -3.12
C ALA JC 114 -99.29 -90.14 -4.15
N ALA JC 115 -99.87 -89.90 -5.33
CA ALA JC 115 -99.89 -90.93 -6.36
C ALA JC 115 -98.49 -91.47 -6.62
N LEU JC 116 -97.50 -90.58 -6.75
CA LEU JC 116 -96.13 -91.04 -6.88
C LEU JC 116 -95.76 -91.98 -5.74
N LEU JC 117 -96.09 -91.61 -4.51
CA LEU JC 117 -95.74 -92.46 -3.40
C LEU JC 117 -96.37 -93.83 -3.52
N ALA JC 118 -97.50 -93.93 -4.19
CA ALA JC 118 -98.08 -95.23 -4.49
C ALA JC 118 -97.60 -95.79 -5.82
N SER JC 119 -96.88 -95.00 -6.61
CA SER JC 119 -96.42 -95.47 -7.89
C SER JC 119 -95.40 -96.60 -7.71
N PRO JC 120 -95.40 -97.58 -8.61
CA PRO JC 120 -94.39 -98.64 -8.54
C PRO JC 120 -92.98 -98.12 -8.72
N LEU JC 121 -92.81 -96.92 -9.25
CA LEU JC 121 -91.48 -96.38 -9.39
C LEU JC 121 -90.82 -96.17 -8.04
N LEU JC 122 -91.41 -95.35 -7.19
CA LEU JC 122 -90.75 -94.95 -5.96
C LEU JC 122 -90.53 -96.11 -5.01
N ILE JC 123 -91.41 -97.11 -5.01
CA ILE JC 123 -91.30 -98.17 -4.02
C ILE JC 123 -89.93 -98.84 -4.09
N ASP JC 124 -89.46 -99.20 -5.27
CA ASP JC 124 -88.10 -99.69 -5.40
C ASP JC 124 -87.08 -98.65 -5.02
N ALA JC 125 -87.29 -97.41 -5.45
CA ALA JC 125 -86.47 -96.31 -5.02
C ALA JC 125 -86.44 -96.17 -3.51
N ILE JC 126 -87.59 -96.18 -2.86
CA ILE JC 126 -87.66 -96.09 -1.41
C ILE JC 126 -87.29 -97.40 -0.74
N ASP JC 127 -88.12 -98.42 -0.93
CA ASP JC 127 -87.94 -99.65 -0.17
C ASP JC 127 -86.62 -100.31 -0.45
N GLN JC 128 -86.33 -100.58 -1.71
CA GLN JC 128 -85.12 -101.29 -2.08
C GLN JC 128 -83.95 -100.39 -2.42
N LEU JC 129 -84.11 -99.07 -2.28
CA LEU JC 129 -83.04 -98.12 -2.53
C LEU JC 129 -82.46 -98.31 -3.93
N ASN JC 130 -83.30 -98.07 -4.92
CA ASN JC 130 -82.81 -98.33 -6.25
C ASN JC 130 -83.00 -97.10 -7.12
N PRO JC 131 -82.04 -96.81 -7.96
CA PRO JC 131 -82.22 -95.75 -8.96
C PRO JC 131 -83.22 -96.17 -10.02
N ALA JC 132 -83.26 -95.40 -11.10
CA ALA JC 132 -84.38 -95.39 -12.02
C ALA JC 132 -84.33 -96.53 -13.03
N TYR JC 133 -83.37 -97.43 -12.91
CA TYR JC 133 -83.23 -98.49 -13.89
C TYR JC 133 -83.84 -99.78 -13.37
N ALA KC 2 88.19 96.69 16.71
CA ALA KC 2 88.02 97.96 17.40
C ALA KC 2 86.86 98.73 16.80
N LYS KC 3 86.73 99.98 17.20
CA LYS KC 3 85.62 100.84 16.78
C LYS KC 3 85.67 101.07 15.29
N LEU KC 4 84.50 101.08 14.68
CA LEU KC 4 84.35 101.56 13.32
C LEU KC 4 84.88 102.98 13.25
N GLU KC 5 85.75 103.24 12.29
CA GLU KC 5 86.32 104.56 12.13
C GLU KC 5 86.46 104.88 10.66
N THR KC 6 86.90 106.10 10.38
CA THR KC 6 87.30 106.46 9.03
C THR KC 6 88.52 105.62 8.73
N VAL KC 7 88.46 104.89 7.61
CA VAL KC 7 89.58 104.05 7.25
C VAL KC 7 90.21 104.62 5.99
N THR KC 8 91.40 105.18 6.12
CA THR KC 8 92.14 105.70 4.99
C THR KC 8 92.96 104.57 4.39
N LEU KC 9 93.07 104.55 3.08
CA LEU KC 9 93.85 103.54 2.38
C LEU KC 9 94.72 104.21 1.35
N GLY KC 10 96.03 103.98 1.46
CA GLY KC 10 96.97 104.43 0.46
C GLY KC 10 97.40 103.27 -0.42
N ASN KC 11 98.13 103.60 -1.48
CA ASN KC 11 98.72 102.61 -2.37
C ASN KC 11 97.64 101.70 -2.94
N ILE KC 12 96.83 102.28 -3.81
CA ILE KC 12 95.66 101.61 -4.36
C ILE KC 12 95.75 101.65 -5.87
N GLY KC 13 95.16 100.66 -6.53
CA GLY KC 13 95.13 100.62 -7.97
C GLY KC 13 96.48 100.28 -8.56
N LYS KC 14 96.45 100.01 -9.86
CA LYS KC 14 97.68 99.67 -10.58
C LYS KC 14 98.75 100.73 -10.35
N ASP KC 15 98.34 101.99 -10.26
CA ASP KC 15 99.29 103.04 -9.95
C ASP KC 15 99.85 102.87 -8.54
N GLY KC 16 99.00 102.67 -7.56
CA GLY KC 16 99.44 102.74 -6.19
C GLY KC 16 99.49 104.15 -5.65
N LYS KC 17 99.14 105.13 -6.47
CA LYS KC 17 98.99 106.49 -5.96
C LYS KC 17 97.55 106.75 -5.57
N GLN KC 18 96.65 105.83 -5.88
CA GLN KC 18 95.25 105.97 -5.51
C GLN KC 18 95.09 105.84 -4.01
N THR KC 19 94.19 106.65 -3.46
CA THR KC 19 93.88 106.61 -2.05
C THR KC 19 92.37 106.56 -1.87
N LEU KC 20 91.94 106.00 -0.75
CA LEU KC 20 90.51 105.86 -0.49
C LEU KC 20 90.25 105.97 1.00
N VAL KC 21 89.16 106.62 1.35
CA VAL KC 21 88.70 106.70 2.71
C VAL KC 21 87.35 106.01 2.80
N LEU KC 22 87.04 105.47 3.98
CA LEU KC 22 85.80 104.73 4.19
C LEU KC 22 85.16 105.22 5.48
N ASN KC 23 83.98 105.71 5.38
CA ASN KC 23 83.37 106.10 6.62
C ASN KC 23 82.57 104.94 7.20
N PRO KC 24 82.50 104.86 8.52
CA PRO KC 24 81.62 103.86 9.13
C PRO KC 24 80.17 104.12 8.76
N ARG KC 25 79.52 103.06 8.27
CA ARG KC 25 78.13 103.15 7.85
C ARG KC 25 77.17 102.64 8.91
N GLY KC 26 77.67 102.24 10.07
CA GLY KC 26 76.85 101.57 11.04
C GLY KC 26 76.83 100.08 10.80
N VAL KC 27 76.00 99.39 11.56
CA VAL KC 27 75.93 97.93 11.52
C VAL KC 27 74.48 97.51 11.39
N ASN KC 28 74.19 96.68 10.41
CA ASN KC 28 72.87 96.09 10.38
C ASN KC 28 72.75 95.04 11.46
N PRO KC 29 71.91 95.24 12.47
CA PRO KC 29 71.83 94.28 13.57
C PRO KC 29 71.19 92.97 13.16
N THR KC 30 70.30 92.97 12.16
CA THR KC 30 69.62 91.75 11.77
C THR KC 30 70.62 90.66 11.41
N ASN KC 31 71.30 90.82 10.28
CA ASN KC 31 72.37 89.92 9.92
C ASN KC 31 73.60 90.11 10.79
N GLY KC 32 73.65 91.16 11.59
CA GLY KC 32 74.84 91.43 12.39
C GLY KC 32 76.05 91.70 11.54
N VAL KC 33 75.96 92.65 10.62
CA VAL KC 33 77.03 92.92 9.68
C VAL KC 33 77.31 94.41 9.66
N ALA KC 34 78.58 94.77 9.83
CA ALA KC 34 79.03 96.14 9.71
C ALA KC 34 79.08 96.57 8.26
N SER KC 35 79.10 97.88 8.06
CA SER KC 35 79.17 98.43 6.72
C SER KC 35 80.09 99.63 6.72
N LEU KC 36 80.87 99.77 5.64
CA LEU KC 36 81.75 100.89 5.46
C LEU KC 36 81.57 101.42 4.06
N SER KC 37 81.80 102.73 3.88
CA SER KC 37 81.63 103.28 2.55
C SER KC 37 82.54 104.47 2.35
N GLN KC 38 82.95 104.64 1.09
CA GLN KC 38 83.44 105.93 0.63
C GLN KC 38 82.35 106.96 0.76
N ALA KC 39 82.74 108.20 1.00
CA ALA KC 39 81.78 109.30 0.98
C ALA KC 39 81.78 109.89 -0.43
N GLY KC 40 80.72 109.58 -1.16
CA GLY KC 40 80.50 110.13 -2.48
C GLY KC 40 79.32 111.08 -2.49
N ALA KC 41 78.73 111.20 -3.67
CA ALA KC 41 77.46 111.91 -3.78
C ALA KC 41 76.29 110.97 -3.56
N VAL KC 42 76.13 110.02 -4.47
CA VAL KC 42 74.98 109.11 -4.42
C VAL KC 42 75.40 107.82 -3.74
N PRO KC 43 74.78 107.45 -2.62
CA PRO KC 43 75.12 106.18 -1.96
C PRO KC 43 75.09 104.99 -2.88
N ALA KC 44 74.11 104.89 -3.78
CA ALA KC 44 74.10 103.86 -4.79
C ALA KC 44 75.40 103.81 -5.57
N LEU KC 45 75.99 104.97 -5.86
CA LEU KC 45 77.28 105.01 -6.54
C LEU KC 45 78.44 104.75 -5.58
N GLU KC 46 78.28 105.05 -4.31
CA GLU KC 46 79.39 105.03 -3.38
C GLU KC 46 79.88 103.61 -3.15
N LYS KC 47 81.19 103.47 -3.01
CA LYS KC 47 81.82 102.16 -2.82
C LYS KC 47 81.36 101.64 -1.47
N ARG KC 48 81.19 100.32 -1.37
CA ARG KC 48 80.75 99.72 -0.13
C ARG KC 48 81.72 98.65 0.32
N VAL KC 49 81.87 98.52 1.63
CA VAL KC 49 82.71 97.50 2.24
C VAL KC 49 81.94 96.90 3.40
N THR KC 50 81.85 95.58 3.43
CA THR KC 50 81.07 94.87 4.42
C THR KC 50 81.94 93.83 5.11
N VAL KC 51 81.88 93.81 6.44
CA VAL KC 51 82.57 92.79 7.21
C VAL KC 51 81.60 92.21 8.21
N SER KC 52 81.85 90.96 8.58
CA SER KC 52 80.99 90.29 9.54
C SER KC 52 81.79 89.23 10.27
N VAL KC 53 81.37 88.95 11.49
CA VAL KC 53 81.90 87.83 12.24
C VAL KC 53 80.76 86.84 12.38
N SER KC 54 81.02 85.74 13.08
CA SER KC 54 80.00 84.73 13.32
C SER KC 54 80.40 83.95 14.56
N GLN KC 55 79.45 83.21 15.09
CA GLN KC 55 79.76 82.36 16.22
C GLN KC 55 79.10 81.01 16.02
N PRO KC 56 79.76 79.94 16.46
CA PRO KC 56 79.24 78.60 16.19
C PRO KC 56 77.90 78.37 16.86
N SER KC 57 77.03 77.67 16.15
CA SER KC 57 75.69 77.37 16.66
C SER KC 57 75.47 75.87 16.56
N ARG KC 58 74.27 75.44 16.88
CA ARG KC 58 73.88 74.07 16.63
C ARG KC 58 73.93 73.72 15.15
N ASN KC 59 73.84 74.72 14.27
CA ASN KC 59 73.96 74.49 12.84
C ASN KC 59 75.40 74.33 12.37
N ARG KC 60 76.32 75.07 12.95
CA ARG KC 60 77.72 75.00 12.54
C ARG KC 60 78.61 75.24 13.75
N LYS KC 61 79.68 74.48 13.83
CA LYS KC 61 80.62 74.55 14.95
C LYS KC 61 81.80 75.45 14.61
N ASN KC 62 81.76 76.08 13.45
CA ASN KC 62 82.92 76.79 12.95
C ASN KC 62 82.63 78.29 12.91
N TYR KC 63 83.67 79.08 13.05
CA TYR KC 63 83.53 80.52 12.89
C TYR KC 63 83.59 80.90 11.43
N LYS KC 64 82.76 81.85 11.03
CA LYS KC 64 82.77 82.39 9.69
C LYS KC 64 83.09 83.87 9.78
N VAL KC 65 84.02 84.33 8.94
CA VAL KC 65 84.30 85.74 8.78
C VAL KC 65 84.11 86.06 7.32
N GLN KC 66 83.11 86.88 7.02
CA GLN KC 66 82.74 87.19 5.66
C GLN KC 66 83.04 88.65 5.37
N VAL KC 67 83.67 88.90 4.24
CA VAL KC 67 83.98 90.25 3.80
C VAL KC 67 83.60 90.37 2.34
N LYS KC 68 82.74 91.32 2.03
CA LYS KC 68 82.30 91.56 0.66
C LYS KC 68 82.57 93.01 0.29
N ILE KC 69 82.92 93.23 -0.97
CA ILE KC 69 83.22 94.56 -1.48
C ILE KC 69 82.36 94.78 -2.72
N GLN KC 70 81.75 95.95 -2.80
CA GLN KC 70 80.86 96.29 -3.89
C GLN KC 70 81.29 97.62 -4.47
N ASN KC 71 81.72 97.61 -5.73
CA ASN KC 71 82.25 98.80 -6.39
C ASN KC 71 81.54 98.95 -7.73
N PRO KC 72 80.47 99.73 -7.78
CA PRO KC 72 79.73 99.91 -9.03
C PRO KC 72 80.54 100.72 -10.03
N THR KC 73 79.98 100.84 -11.22
CA THR KC 73 80.56 101.64 -12.28
C THR KC 73 79.56 102.71 -12.68
N ALA KC 74 79.91 103.96 -12.40
CA ALA KC 74 79.03 105.08 -12.71
C ALA KC 74 79.06 105.36 -14.20
N CYS KC 75 77.88 105.56 -14.77
CA CYS KC 75 77.76 106.11 -16.12
C CYS KC 75 77.39 107.58 -15.92
N THR KC 76 78.36 108.47 -16.18
CA THR KC 76 78.15 109.88 -15.92
C THR KC 76 77.08 110.45 -16.84
N ALA KC 77 77.30 110.32 -18.15
CA ALA KC 77 76.31 110.78 -19.12
C ALA KC 77 75.59 109.56 -19.65
N ASN KC 78 74.34 109.40 -19.23
CA ASN KC 78 73.45 108.40 -19.78
C ASN KC 78 72.56 108.98 -20.87
N GLY KC 79 72.77 110.24 -21.23
CA GLY KC 79 71.76 110.97 -21.97
C GLY KC 79 70.68 111.52 -21.07
N SER KC 80 70.83 111.34 -19.76
CA SER KC 80 69.88 111.80 -18.76
C SER KC 80 70.63 112.64 -17.74
N CYS KC 81 69.87 113.38 -16.94
CA CYS KC 81 70.45 114.31 -15.98
C CYS KC 81 71.14 113.64 -14.82
N ASP KC 82 70.91 112.35 -14.60
CA ASP KC 82 71.48 111.70 -13.44
C ASP KC 82 72.33 110.51 -13.86
N PRO KC 83 73.44 110.27 -13.17
CA PRO KC 83 74.25 109.10 -13.48
C PRO KC 83 73.52 107.83 -13.09
N SER KC 84 73.98 106.71 -13.64
CA SER KC 84 73.33 105.43 -13.42
C SER KC 84 74.34 104.32 -13.25
N VAL KC 85 73.98 103.34 -12.45
CA VAL KC 85 74.82 102.17 -12.23
C VAL KC 85 74.92 101.41 -13.54
N THR KC 86 76.14 101.04 -13.92
CA THR KC 86 76.31 100.24 -15.12
C THR KC 86 76.75 98.83 -14.80
N ARG KC 87 77.99 98.67 -14.37
CA ARG KC 87 78.54 97.40 -13.97
C ARG KC 87 78.75 97.40 -12.47
N GLN KC 88 78.58 96.24 -11.86
CA GLN KC 88 78.74 96.14 -10.41
C GLN KC 88 79.83 95.12 -10.12
N ALA KC 89 80.95 95.59 -9.60
CA ALA KC 89 82.07 94.71 -9.29
C ALA KC 89 81.81 94.06 -7.94
N TYR KC 90 81.89 92.73 -7.90
CA TYR KC 90 81.71 92.00 -6.67
C TYR KC 90 83.00 91.35 -6.21
N ALA KC 91 83.44 91.74 -5.03
CA ALA KC 91 84.62 91.15 -4.42
C ALA KC 91 84.19 90.52 -3.11
N ASP KC 92 84.33 89.21 -2.99
CA ASP KC 92 83.86 88.47 -1.83
C ASP KC 92 85.00 87.66 -1.24
N VAL KC 93 85.11 87.70 0.08
CA VAL KC 93 86.14 86.97 0.82
C VAL KC 93 85.48 86.37 2.05
N THR KC 94 85.78 85.11 2.33
CA THR KC 94 85.25 84.43 3.49
C THR KC 94 86.38 83.77 4.27
N PHE KC 95 86.07 83.37 5.50
CA PHE KC 95 87.03 82.68 6.33
C PHE KC 95 86.30 81.65 7.17
N SER KC 96 86.96 80.51 7.36
CA SER KC 96 86.43 79.47 8.23
C SER KC 96 87.50 79.14 9.26
N PHE KC 97 87.07 78.85 10.47
CA PHE KC 97 87.97 78.48 11.54
C PHE KC 97 87.28 77.52 12.48
N THR KC 98 88.09 76.80 13.24
CA THR KC 98 87.61 75.84 14.21
C THR KC 98 87.72 76.44 15.60
N GLN KC 99 86.80 76.06 16.46
CA GLN KC 99 86.80 76.57 17.82
C GLN KC 99 88.16 76.48 18.47
N TYR KC 100 88.98 75.51 18.09
CA TYR KC 100 90.32 75.40 18.64
C TYR KC 100 91.36 76.15 17.82
N SER KC 101 90.94 76.88 16.79
CA SER KC 101 91.89 77.61 15.96
C SER KC 101 92.71 78.55 16.83
N THR KC 102 94.01 78.60 16.59
CA THR KC 102 94.84 79.47 17.42
C THR KC 102 94.99 80.83 16.77
N ASP KC 103 95.71 81.71 17.46
CA ASP KC 103 95.89 83.06 16.97
C ASP KC 103 96.80 83.10 15.75
N GLU KC 104 98.02 82.60 15.89
CA GLU KC 104 99.00 82.78 14.84
C GLU KC 104 98.55 82.12 13.55
N GLU KC 105 97.93 80.94 13.65
CA GLU KC 105 97.34 80.32 12.47
C GLU KC 105 96.49 81.31 11.72
N ARG KC 106 95.54 81.94 12.41
CA ARG KC 106 94.73 82.96 11.77
C ARG KC 106 95.60 84.08 11.24
N ALA KC 107 96.42 84.66 12.10
CA ALA KC 107 97.35 85.69 11.65
C ALA KC 107 98.14 85.23 10.43
N PHE KC 108 98.63 83.99 10.47
CA PHE KC 108 99.33 83.45 9.31
C PHE KC 108 98.46 83.52 8.07
N VAL KC 109 97.18 83.22 8.19
CA VAL KC 109 96.29 83.29 7.04
C VAL KC 109 96.18 84.72 6.54
N ARG KC 110 96.04 85.67 7.46
CA ARG KC 110 95.77 87.03 7.03
C ARG KC 110 96.86 87.56 6.12
N THR KC 111 98.11 87.54 6.57
CA THR KC 111 99.17 88.09 5.76
C THR KC 111 99.28 87.40 4.41
N GLU KC 112 99.43 86.07 4.41
CA GLU KC 112 99.69 85.36 3.17
C GLU KC 112 98.67 85.68 2.09
N LEU KC 113 97.40 85.80 2.45
CA LEU KC 113 96.42 86.19 1.46
C LEU KC 113 96.78 87.52 0.84
N ALA KC 114 97.14 88.49 1.68
CA ALA KC 114 97.58 89.77 1.15
C ALA KC 114 98.78 89.61 0.22
N ALA KC 115 99.81 88.90 0.67
CA ALA KC 115 100.99 88.70 -0.17
C ALA KC 115 100.61 88.16 -1.53
N LEU KC 116 99.73 87.16 -1.57
CA LEU KC 116 99.24 86.68 -2.85
C LEU KC 116 98.66 87.80 -3.68
N LEU KC 117 97.84 88.65 -3.07
CA LEU KC 117 97.25 89.74 -3.82
C LEU KC 117 98.30 90.66 -4.40
N ALA KC 118 99.47 90.75 -3.76
CA ALA KC 118 100.59 91.47 -4.34
C ALA KC 118 101.47 90.59 -5.20
N SER KC 119 101.24 89.28 -5.19
CA SER KC 119 102.07 88.40 -5.98
C SER KC 119 101.87 88.65 -7.47
N PRO KC 120 102.93 88.52 -8.27
CA PRO KC 120 102.77 88.67 -9.72
C PRO KC 120 101.85 87.62 -10.31
N LEU KC 121 101.60 86.52 -9.61
CA LEU KC 121 100.68 85.53 -10.14
C LEU KC 121 99.28 86.10 -10.32
N LEU KC 122 98.68 86.54 -9.23
CA LEU KC 122 97.27 86.92 -9.28
C LEU KC 122 97.00 88.11 -10.17
N ILE KC 123 97.96 89.03 -10.29
CA ILE KC 123 97.68 90.25 -11.05
C ILE KC 123 97.25 89.92 -12.46
N ASP KC 124 97.96 89.04 -13.16
CA ASP KC 124 97.49 88.59 -14.46
C ASP KC 124 96.17 87.85 -14.36
N ALA KC 125 96.04 86.99 -13.36
CA ALA KC 125 94.78 86.35 -13.08
C ALA KC 125 93.66 87.35 -12.86
N ILE KC 126 93.88 88.35 -12.02
CA ILE KC 126 92.88 89.37 -11.75
C ILE KC 126 92.79 90.37 -12.90
N ASP KC 127 93.84 91.14 -13.10
CA ASP KC 127 93.76 92.26 -14.03
C ASP KC 127 93.50 91.80 -15.44
N GLN KC 128 94.32 90.89 -15.96
CA GLN KC 128 94.20 90.45 -17.34
C GLN KC 128 93.37 89.20 -17.50
N LEU KC 129 92.77 88.68 -16.42
CA LEU KC 129 91.90 87.52 -16.48
C LEU KC 129 92.63 86.35 -17.16
N ASN KC 130 93.68 85.89 -16.50
CA ASN KC 130 94.43 84.85 -17.14
C ASN KC 130 94.60 83.66 -16.21
N PRO KC 131 94.50 82.47 -16.74
CA PRO KC 131 94.81 81.29 -15.94
C PRO KC 131 96.30 81.19 -15.67
N ALA KC 132 96.74 80.03 -15.19
CA ALA KC 132 98.01 79.88 -14.51
C ALA KC 132 99.19 79.72 -15.46
N TYR KC 133 98.94 79.85 -16.77
CA TYR KC 133 100.02 79.63 -17.72
C TYR KC 133 100.58 80.96 -18.19
N ALA LC 2 -103.34 -79.59 28.45
CA ALA LC 2 -104.61 -79.27 27.83
C ALA LC 2 -104.74 -77.77 27.64
N LYS LC 3 -105.94 -77.34 27.28
CA LYS LC 3 -106.21 -75.94 26.99
C LYS LC 3 -106.04 -75.09 28.24
N LEU LC 4 -105.48 -73.91 28.05
CA LEU LC 4 -105.50 -72.88 29.08
C LEU LC 4 -106.94 -72.64 29.48
N GLU LC 5 -107.21 -72.66 30.77
CA GLU LC 5 -108.55 -72.44 31.26
C GLU LC 5 -108.50 -71.63 32.54
N THR LC 6 -109.67 -71.29 33.05
CA THR LC 6 -109.77 -70.73 34.39
C THR LC 6 -109.34 -71.83 35.34
N VAL LC 7 -108.36 -71.54 36.18
CA VAL LC 7 -107.89 -72.54 37.12
C VAL LC 7 -108.28 -72.10 38.52
N THR LC 8 -109.23 -72.80 39.12
CA THR LC 8 -109.65 -72.54 40.48
C THR LC 8 -108.75 -73.33 41.41
N LEU LC 9 -108.43 -72.74 42.55
CA LEU LC 9 -107.59 -73.40 43.54
C LEU LC 9 -108.22 -73.22 44.91
N GLY LC 10 -108.48 -74.35 45.58
CA GLY LC 10 -108.95 -74.33 46.95
C GLY LC 10 -107.81 -74.69 47.89
N ASN LC 11 -108.08 -74.54 49.18
CA ASN LC 11 -107.15 -74.95 50.21
C ASN LC 11 -105.81 -74.25 50.04
N ILE LC 12 -105.81 -72.95 50.29
CA ILE LC 12 -104.66 -72.10 50.03
C ILE LC 12 -104.33 -71.37 51.32
N GLY LC 13 -103.06 -71.03 51.50
CA GLY LC 13 -102.61 -70.27 52.65
C GLY LC 13 -102.62 -71.12 53.90
N LYS LC 14 -102.01 -70.54 54.94
CA LYS LC 14 -101.93 -71.22 56.23
C LYS LC 14 -103.31 -71.67 56.69
N ASP LC 15 -104.34 -70.87 56.41
CA ASP LC 15 -105.69 -71.27 56.73
C ASP LC 15 -106.12 -72.48 55.91
N GLY LC 16 -105.90 -72.45 54.60
CA GLY LC 16 -106.49 -73.46 53.75
C GLY LC 16 -107.91 -73.16 53.38
N LYS LC 17 -108.46 -72.05 53.86
CA LYS LC 17 -109.76 -71.60 53.39
C LYS LC 17 -109.62 -70.63 52.23
N GLN LC 18 -108.39 -70.21 51.94
CA GLN LC 18 -108.13 -69.31 50.83
C GLN LC 18 -108.38 -70.02 49.52
N THR LC 19 -108.94 -69.29 48.57
CA THR LC 19 -109.17 -69.79 47.23
C THR LC 19 -108.66 -68.80 46.21
N LEU LC 20 -108.31 -69.30 45.03
CA LEU LC 20 -107.76 -68.45 43.99
C LEU LC 20 -108.18 -68.97 42.63
N VAL LC 21 -108.49 -68.06 41.72
CA VAL LC 21 -108.76 -68.40 40.35
C VAL LC 21 -107.70 -67.74 39.48
N LEU LC 22 -107.42 -68.36 38.33
CA LEU LC 22 -106.39 -67.88 37.42
C LEU LC 22 -106.96 -67.86 36.01
N ASN LC 23 -106.96 -66.72 35.43
CA ASN LC 23 -107.44 -66.73 34.05
C ASN LC 23 -106.28 -66.95 33.10
N PRO LC 24 -106.54 -67.61 31.97
CA PRO LC 24 -105.51 -67.71 30.95
C PRO LC 24 -105.13 -66.35 30.42
N ARG LC 25 -103.84 -66.07 30.41
CA ARG LC 25 -103.32 -64.80 29.96
C ARG LC 25 -102.82 -64.85 28.52
N GLY LC 26 -102.95 -65.99 27.85
CA GLY LC 26 -102.32 -66.18 26.57
C GLY LC 26 -100.91 -66.69 26.73
N VAL LC 27 -100.20 -66.77 25.61
CA VAL LC 27 -98.86 -67.34 25.57
C VAL LC 27 -97.94 -66.38 24.82
N ASN LC 28 -96.84 -66.02 25.44
CA ASN LC 28 -95.84 -65.28 24.69
C ASN LC 28 -95.16 -66.21 23.72
N PRO LC 29 -95.33 -66.03 22.41
CA PRO LC 29 -94.71 -66.95 21.45
C PRO LC 29 -93.20 -66.84 21.38
N THR LC 30 -92.64 -65.67 21.67
CA THR LC 30 -91.20 -65.50 21.56
C THR LC 30 -90.47 -66.52 22.42
N ASN LC 31 -90.54 -66.37 23.73
CA ASN LC 31 -89.99 -67.37 24.63
C ASN LC 31 -90.82 -68.64 24.64
N GLY LC 32 -92.01 -68.63 24.05
CA GLY LC 32 -92.86 -69.80 24.08
C GLY LC 32 -93.30 -70.15 25.49
N VAL LC 33 -93.88 -69.19 26.20
CA VAL LC 33 -94.23 -69.37 27.60
C VAL LC 33 -95.66 -68.93 27.81
N ALA LC 34 -96.46 -69.79 28.42
CA ALA LC 34 -97.82 -69.47 28.80
C ALA LC 34 -97.83 -68.57 30.03
N SER LC 35 -98.96 -67.90 30.24
CA SER LC 35 -99.12 -67.02 31.38
C SER LC 35 -100.52 -67.18 31.94
N LEU LC 36 -100.62 -67.14 33.26
CA LEU LC 36 -101.90 -67.22 33.96
C LEU LC 36 -101.93 -66.11 34.99
N SER LC 37 -103.13 -65.63 35.31
CA SER LC 37 -103.21 -64.58 36.30
C SER LC 37 -104.54 -64.62 37.02
N GLN LC 38 -104.50 -64.21 38.28
CA GLN LC 38 -105.70 -63.78 38.97
C GLN LC 38 -106.29 -62.58 38.25
N ALA LC 39 -107.61 -62.46 38.30
CA ALA LC 39 -108.25 -61.26 37.79
C ALA LC 39 -108.41 -60.27 38.95
N GLY LC 40 -107.57 -59.25 38.92
CA GLY LC 40 -107.64 -58.17 39.88
C GLY LC 40 -108.07 -56.89 39.22
N ALA LC 41 -107.67 -55.78 39.84
CA ALA LC 41 -107.86 -54.48 39.21
C ALA LC 41 -106.65 -54.15 38.33
N VAL LC 42 -105.51 -53.97 38.95
CA VAL LC 42 -104.31 -53.54 38.23
C VAL LC 42 -103.48 -54.77 37.89
N PRO LC 43 -103.23 -55.04 36.62
CA PRO LC 43 -102.38 -56.18 36.24
C PRO LC 43 -101.05 -56.21 36.96
N ALA LC 44 -100.39 -55.07 37.11
CA ALA LC 44 -99.18 -54.99 37.91
C ALA LC 44 -99.38 -55.57 39.30
N LEU LC 45 -100.54 -55.35 39.90
CA LEU LC 45 -100.84 -55.93 41.19
C LEU LC 45 -101.26 -57.39 41.10
N GLU LC 46 -101.82 -57.80 39.96
CA GLU LC 46 -102.42 -59.11 39.86
C GLU LC 46 -101.37 -60.21 39.93
N LYS LC 47 -101.74 -61.31 40.57
CA LYS LC 47 -100.83 -62.44 40.75
C LYS LC 47 -100.56 -63.02 39.37
N ARG LC 48 -99.34 -63.52 39.17
CA ARG LC 48 -98.98 -64.10 37.89
C ARG LC 48 -98.48 -65.51 38.07
N VAL LC 49 -98.77 -66.36 37.08
CA VAL LC 49 -98.29 -67.73 37.06
C VAL LC 49 -97.81 -68.02 35.66
N THR LC 50 -96.59 -68.54 35.55
CA THR LC 50 -95.95 -68.79 34.26
C THR LC 50 -95.51 -70.24 34.19
N VAL LC 51 -95.82 -70.90 33.09
CA VAL LC 51 -95.36 -72.25 32.83
C VAL LC 51 -94.75 -72.30 31.44
N SER LC 52 -93.83 -73.23 31.26
CA SER LC 52 -93.18 -73.37 29.97
C SER LC 52 -92.70 -74.80 29.81
N VAL LC 53 -92.64 -75.24 28.57
CA VAL LC 53 -92.01 -76.50 28.25
C VAL LC 53 -90.77 -76.17 27.44
N SER LC 54 -90.05 -77.20 27.00
CA SER LC 54 -88.86 -77.01 26.19
C SER LC 54 -88.62 -78.28 25.40
N GLN LC 55 -87.77 -78.17 24.40
CA GLN LC 55 -87.42 -79.35 23.64
C GLN LC 55 -85.93 -79.36 23.39
N PRO LC 56 -85.31 -80.54 23.38
CA PRO LC 56 -83.85 -80.60 23.28
C PRO LC 56 -83.37 -80.06 21.95
N SER LC 57 -82.25 -79.35 22.00
CA SER LC 57 -81.66 -78.76 20.81
C SER LC 57 -80.21 -79.20 20.74
N ARG LC 58 -79.49 -78.66 19.75
CA ARG LC 58 -78.05 -78.84 19.71
C ARG LC 58 -77.36 -78.27 20.93
N ASN LC 59 -77.98 -77.32 21.63
CA ASN LC 59 -77.44 -76.76 22.85
C ASN LC 59 -77.66 -77.64 24.06
N ARG LC 60 -78.81 -78.31 24.15
CA ARG LC 60 -79.11 -79.16 25.29
C ARG LC 60 -79.96 -80.34 24.83
N LYS LC 61 -79.66 -81.50 25.38
CA LYS LC 61 -80.34 -82.73 25.01
C LYS LC 61 -81.47 -83.04 25.99
N ASN LC 62 -81.71 -82.14 26.92
CA ASN LC 62 -82.62 -82.42 28.02
C ASN LC 62 -83.84 -81.53 27.91
N TYR LC 63 -84.96 -82.04 28.41
CA TYR LC 63 -86.17 -81.23 28.50
C TYR LC 63 -86.13 -80.36 29.74
N LYS LC 64 -86.59 -79.12 29.59
CA LYS LC 64 -86.73 -78.20 30.71
C LYS LC 64 -88.19 -77.83 30.85
N VAL LC 65 -88.69 -77.89 32.08
CA VAL LC 65 -90.02 -77.40 32.40
C VAL LC 65 -89.85 -76.37 33.49
N GLN LC 66 -90.16 -75.12 33.17
CA GLN LC 66 -89.95 -74.00 34.06
C GLN LC 66 -91.29 -73.44 34.51
N VAL LC 67 -91.43 -73.22 35.80
CA VAL LC 67 -92.64 -72.63 36.37
C VAL LC 67 -92.21 -71.55 37.35
N LYS LC 68 -92.70 -70.33 37.12
CA LYS LC 68 -92.39 -69.21 37.96
C LYS LC 68 -93.69 -68.58 38.46
N ILE LC 69 -93.67 -68.10 39.69
CA ILE LC 69 -94.82 -67.46 40.31
C ILE LC 69 -94.40 -66.11 40.83
N GLN LC 70 -95.22 -65.10 40.57
CA GLN LC 70 -94.92 -63.73 40.94
C GLN LC 70 -96.12 -63.17 41.69
N ASN LC 71 -95.92 -62.85 42.96
CA ASN LC 71 -96.99 -62.38 43.84
C ASN LC 71 -96.53 -61.09 44.51
N PRO LC 72 -96.85 -59.94 43.95
CA PRO LC 72 -96.42 -58.68 44.54
C PRO LC 72 -97.15 -58.41 45.84
N THR LC 73 -96.75 -57.32 46.49
CA THR LC 73 -97.39 -56.85 47.70
C THR LC 73 -97.90 -55.44 47.47
N ALA LC 74 -99.21 -55.30 47.48
CA ALA LC 74 -99.84 -54.02 47.24
C ALA LC 74 -99.70 -53.14 48.47
N CYS LC 75 -99.32 -51.88 48.26
CA CYS LC 75 -99.42 -50.85 49.29
C CYS LC 75 -100.67 -50.05 48.95
N THR LC 76 -101.72 -50.25 49.74
CA THR LC 76 -102.99 -49.61 49.44
C THR LC 76 -102.89 -48.10 49.58
N ALA LC 77 -102.50 -47.64 50.76
CA ALA LC 77 -102.32 -46.21 50.99
C ALA LC 77 -100.82 -45.94 50.98
N ASN LC 78 -100.37 -45.30 49.91
CA ASN LC 78 -99.00 -44.80 49.82
C ASN LC 78 -98.94 -43.33 50.20
N GLY LC 79 -100.04 -42.74 50.65
CA GLY LC 79 -100.16 -41.30 50.67
C GLY LC 79 -100.53 -40.74 49.32
N SER LC 80 -100.77 -41.60 48.35
CA SER LC 80 -101.12 -41.20 47.00
C SER LC 80 -102.41 -41.91 46.60
N CYS LC 81 -103.03 -41.45 45.52
CA CYS LC 81 -104.32 -41.96 45.11
C CYS LC 81 -104.27 -43.38 44.54
N ASP LC 82 -103.08 -43.88 44.21
CA ASP LC 82 -103.01 -45.18 43.58
C ASP LC 82 -102.12 -46.11 44.38
N PRO LC 83 -102.47 -47.39 44.48
CA PRO LC 83 -101.61 -48.33 45.17
C PRO LC 83 -100.32 -48.55 44.41
N SER LC 84 -99.32 -49.10 45.09
CA SER LC 84 -98.01 -49.28 44.50
C SER LC 84 -97.41 -50.60 44.94
N VAL LC 85 -96.61 -51.18 44.05
CA VAL LC 85 -95.90 -52.42 44.34
C VAL LC 85 -94.90 -52.14 45.44
N THR LC 86 -94.88 -53.01 46.45
CA THR LC 86 -93.90 -52.85 47.51
C THR LC 86 -92.87 -53.98 47.48
N ARG LC 87 -93.27 -55.17 47.85
CA ARG LC 87 -92.41 -56.34 47.81
C ARG LC 87 -92.89 -57.27 46.72
N GLN LC 88 -91.96 -57.96 46.09
CA GLN LC 88 -92.30 -58.87 45.00
C GLN LC 88 -91.84 -60.27 45.38
N ALA LC 89 -92.79 -61.16 45.62
CA ALA LC 89 -92.48 -62.53 46.00
C ALA LC 89 -92.15 -63.31 44.74
N TYR LC 90 -90.99 -63.97 44.73
CA TYR LC 90 -90.60 -64.80 43.60
C TYR LC 90 -90.59 -66.26 43.97
N ALA LC 91 -91.42 -67.04 43.27
CA ALA LC 91 -91.45 -68.48 43.45
C ALA LC 91 -91.09 -69.10 42.11
N ASP LC 92 -89.99 -69.84 42.07
CA ASP LC 92 -89.48 -70.41 40.84
C ASP LC 92 -89.29 -71.91 41.00
N VAL LC 93 -89.72 -72.67 40.00
CA VAL LC 93 -89.62 -74.11 39.97
C VAL LC 93 -89.18 -74.52 38.58
N THR LC 94 -88.23 -75.43 38.50
CA THR LC 94 -87.74 -75.95 37.24
C THR LC 94 -87.75 -77.47 37.24
N PHE LC 95 -87.62 -78.04 36.06
CA PHE LC 95 -87.54 -79.49 35.92
C PHE LC 95 -86.59 -79.83 34.80
N SER LC 96 -85.84 -80.91 34.98
CA SER LC 96 -84.96 -81.42 33.96
C SER LC 96 -85.30 -82.88 33.73
N PHE LC 97 -85.21 -83.31 32.49
CA PHE LC 97 -85.48 -84.70 32.15
C PHE LC 97 -84.64 -85.08 30.95
N THR LC 98 -84.48 -86.39 30.79
CA THR LC 98 -83.70 -86.95 29.70
C THR LC 98 -84.66 -87.49 28.66
N GLN LC 99 -84.23 -87.43 27.40
CA GLN LC 99 -85.05 -87.90 26.30
C GLN LC 99 -85.61 -89.28 26.56
N TYR LC 100 -84.92 -90.11 27.34
CA TYR LC 100 -85.42 -91.43 27.67
C TYR LC 100 -86.24 -91.44 28.95
N SER LC 101 -86.47 -90.28 29.56
CA SER LC 101 -87.24 -90.24 30.80
C SER LC 101 -88.60 -90.88 30.59
N THR LC 102 -89.03 -91.70 31.54
CA THR LC 102 -90.31 -92.37 31.37
C THR LC 102 -91.42 -91.55 32.02
N ASP LC 103 -92.64 -92.06 31.90
CA ASP LC 103 -93.78 -91.33 32.42
C ASP LC 103 -93.81 -91.36 33.94
N GLU LC 104 -93.81 -92.55 34.53
CA GLU LC 104 -94.02 -92.66 35.97
C GLU LC 104 -92.93 -91.96 36.73
N GLU LC 105 -91.69 -92.06 36.26
CA GLU LC 105 -90.60 -91.28 36.86
C GLU LC 105 -91.01 -89.83 37.01
N ARG LC 106 -91.43 -89.22 35.90
CA ARG LC 106 -91.89 -87.85 35.97
C ARG LC 106 -93.06 -87.73 36.94
N ALA LC 107 -94.10 -88.52 36.73
CA ALA LC 107 -95.22 -88.53 37.66
C ALA LC 107 -94.75 -88.69 39.10
N PHE LC 108 -93.81 -89.61 39.33
CA PHE LC 108 -93.26 -89.75 40.66
C PHE LC 108 -92.69 -88.44 41.17
N VAL LC 109 -92.01 -87.70 40.31
CA VAL LC 109 -91.46 -86.41 40.74
C VAL LC 109 -92.57 -85.46 41.11
N ARG LC 110 -93.62 -85.42 40.31
CA ARG LC 110 -94.64 -84.39 40.52
C ARG LC 110 -95.25 -84.50 41.91
N THR LC 111 -95.78 -85.66 42.27
CA THR LC 111 -96.42 -85.80 43.56
C THR LC 111 -95.47 -85.48 44.70
N GLU LC 112 -94.34 -86.17 44.77
CA GLU LC 112 -93.45 -86.03 45.90
C GLU LC 112 -93.10 -84.58 46.19
N LEU LC 113 -92.86 -83.78 45.17
CA LEU LC 113 -92.61 -82.37 45.41
C LEU LC 113 -93.77 -81.74 46.15
N ALA LC 114 -94.99 -82.02 45.71
CA ALA LC 114 -96.15 -81.51 46.43
C ALA LC 114 -96.16 -81.98 47.87
N ALA LC 115 -96.00 -83.29 48.09
CA ALA LC 115 -96.00 -83.81 49.44
C ALA LC 115 -95.01 -83.06 50.33
N LEU LC 116 -93.80 -82.83 49.83
CA LEU LC 116 -92.86 -82.02 50.58
C LEU LC 116 -93.45 -80.67 50.93
N LEU LC 117 -94.09 -80.02 49.98
CA LEU LC 117 -94.68 -78.71 50.27
C LEU LC 117 -95.71 -78.79 51.37
N ALA LC 118 -96.36 -79.94 51.53
CA ALA LC 118 -97.24 -80.15 52.67
C ALA LC 118 -96.51 -80.75 53.86
N SER LC 119 -95.26 -81.15 53.70
CA SER LC 119 -94.54 -81.75 54.80
C SER LC 119 -94.30 -80.72 55.89
N PRO LC 120 -94.33 -81.15 57.16
CA PRO LC 120 -94.00 -80.22 58.25
C PRO LC 120 -92.60 -79.69 58.19
N LEU LC 121 -91.71 -80.34 57.43
CA LEU LC 121 -90.36 -79.82 57.32
C LEU LC 121 -90.34 -78.45 56.66
N LEU LC 122 -90.83 -78.37 55.42
CA LEU LC 122 -90.68 -77.15 54.66
C LEU LC 122 -91.42 -75.96 55.25
N ILE LC 123 -92.53 -76.21 55.94
CA ILE LC 123 -93.34 -75.09 56.41
C ILE LC 123 -92.51 -74.17 57.30
N ASP LC 124 -91.78 -74.72 58.27
CA ASP LC 124 -90.86 -73.90 59.03
C ASP LC 124 -89.77 -73.31 58.18
N ALA LC 125 -89.22 -74.10 57.27
CA ALA LC 125 -88.28 -73.59 56.29
C ALA LC 125 -88.85 -72.45 55.48
N ILE LC 126 -90.05 -72.60 54.95
CA ILE LC 126 -90.70 -71.56 54.18
C ILE LC 126 -91.26 -70.47 55.07
N ASP LC 127 -92.27 -70.81 55.87
CA ASP LC 127 -93.00 -69.78 56.60
C ASP LC 127 -92.11 -69.05 57.59
N GLN LC 128 -91.44 -69.78 58.46
CA GLN LC 128 -90.63 -69.19 59.50
C GLN LC 128 -89.18 -69.03 59.12
N LEU LC 129 -88.80 -69.37 57.90
CA LEU LC 129 -87.43 -69.21 57.42
C LEU LC 129 -86.45 -69.90 58.36
N ASN LC 130 -86.58 -71.21 58.42
CA ASN LC 130 -85.72 -71.90 59.36
C ASN LC 130 -84.95 -73.01 58.68
N PRO LC 131 -83.71 -73.19 59.02
CA PRO LC 131 -82.97 -74.35 58.53
C PRO LC 131 -83.46 -75.62 59.18
N ALA LC 132 -82.71 -76.69 59.01
CA ALA LC 132 -83.18 -78.06 59.19
C ALA LC 132 -83.19 -78.49 60.65
N TYR LC 133 -82.87 -77.60 61.56
CA TYR LC 133 -82.79 -77.98 62.96
C TYR LC 133 -84.05 -77.58 63.70
N ALA MC 2 -108.38 -66.21 23.89
CA ALA MC 2 -108.45 -67.66 23.76
C ALA MC 2 -107.75 -68.11 22.48
N LYS MC 3 -107.93 -69.38 22.14
CA LYS MC 3 -107.28 -69.99 21.00
C LYS MC 3 -107.74 -69.34 19.71
N LEU MC 4 -106.81 -69.16 18.79
CA LEU MC 4 -107.15 -68.81 17.42
C LEU MC 4 -108.09 -69.86 16.88
N GLU MC 5 -109.20 -69.43 16.31
CA GLU MC 5 -110.18 -70.34 15.77
C GLU MC 5 -110.75 -69.77 14.48
N THR MC 6 -111.60 -70.55 13.84
CA THR MC 6 -112.40 -70.03 12.74
C THR MC 6 -113.34 -69.01 13.35
N VAL MC 7 -113.32 -67.80 12.80
CA VAL MC 7 -114.18 -66.75 13.33
C VAL MC 7 -115.23 -66.44 12.28
N THR MC 8 -116.47 -66.82 12.55
CA THR MC 8 -117.59 -66.51 11.67
C THR MC 8 -118.12 -65.14 12.05
N LEU MC 9 -118.52 -64.39 11.05
CA LEU MC 9 -119.09 -63.06 11.27
C LEU MC 9 -120.36 -62.92 10.45
N GLY MC 10 -121.47 -62.62 11.13
CA GLY MC 10 -122.71 -62.30 10.47
C GLY MC 10 -122.95 -60.81 10.48
N ASN MC 11 -123.98 -60.39 9.75
CA ASN MC 11 -124.42 -59.00 9.74
C ASN MC 11 -123.28 -58.08 9.32
N ILE MC 12 -122.92 -58.17 8.06
CA ILE MC 12 -121.76 -57.47 7.52
C ILE MC 12 -122.22 -56.66 6.33
N GLY MC 13 -121.53 -55.55 6.07
CA GLY MC 13 -121.82 -54.71 4.93
C GLY MC 13 -123.10 -53.92 5.13
N LYS MC 14 -123.30 -52.97 4.21
CA LYS MC 14 -124.49 -52.14 4.25
C LYS MC 14 -125.75 -52.99 4.32
N ASP MC 15 -125.75 -54.12 3.63
CA ASP MC 15 -126.88 -55.04 3.72
C ASP MC 15 -127.02 -55.61 5.12
N GLY MC 16 -125.92 -56.12 5.68
CA GLY MC 16 -126.03 -56.87 6.91
C GLY MC 16 -126.39 -58.32 6.67
N LYS MC 17 -126.57 -58.71 5.42
CA LYS MC 17 -126.72 -60.13 5.11
C LYS MC 17 -125.38 -60.75 4.76
N GLN MC 18 -124.34 -59.95 4.64
CA GLN MC 18 -123.01 -60.44 4.34
C GLN MC 18 -122.48 -61.20 5.55
N THR MC 19 -121.77 -62.29 5.26
CA THR MC 19 -121.13 -63.09 6.27
C THR MC 19 -119.68 -63.35 5.89
N LEU MC 20 -118.84 -63.58 6.89
CA LEU MC 20 -117.42 -63.79 6.65
C LEU MC 20 -116.87 -64.75 7.67
N VAL MC 21 -115.98 -65.63 7.24
CA VAL MC 21 -115.26 -66.51 8.12
C VAL MC 21 -113.78 -66.18 8.02
N LEU MC 22 -113.06 -66.43 9.11
CA LEU MC 22 -111.64 -66.11 9.18
C LEU MC 22 -110.88 -67.31 9.73
N ASN MC 23 -109.99 -67.81 8.98
CA ASN MC 23 -109.23 -68.90 9.55
C ASN MC 23 -108.01 -68.39 10.28
N PRO MC 24 -107.60 -69.07 11.34
CA PRO MC 24 -106.33 -68.71 11.99
C PRO MC 24 -105.17 -68.90 11.04
N ARG MC 25 -104.37 -67.85 10.91
CA ARG MC 25 -103.21 -67.87 10.03
C ARG MC 25 -101.92 -68.17 10.77
N GLY MC 26 -101.98 -68.44 12.07
CA GLY MC 26 -100.78 -68.53 12.86
C GLY MC 26 -100.36 -67.17 13.39
N VAL MC 27 -99.20 -67.15 14.02
CA VAL MC 27 -98.70 -65.95 14.66
C VAL MC 27 -97.26 -65.72 14.24
N ASN MC 28 -96.97 -64.53 13.75
CA ASN MC 28 -95.58 -64.20 13.51
C ASN MC 28 -94.90 -63.96 14.85
N PRO MC 29 -93.94 -64.80 15.24
CA PRO MC 29 -93.30 -64.64 16.55
C PRO MC 29 -92.40 -63.43 16.62
N THR MC 30 -91.83 -62.99 15.50
CA THR MC 30 -90.92 -61.85 15.54
C THR MC 30 -91.58 -60.64 16.14
N ASN MC 31 -92.52 -60.04 15.41
CA ASN MC 31 -93.31 -58.96 15.96
C ASN MC 31 -94.29 -59.44 17.01
N GLY MC 32 -94.49 -60.75 17.15
CA GLY MC 32 -95.46 -61.26 18.10
C GLY MC 32 -96.86 -60.84 17.74
N VAL MC 33 -97.30 -61.12 16.51
CA VAL MC 33 -98.59 -60.67 16.02
C VAL MC 33 -99.32 -61.84 15.40
N ALA MC 34 -100.55 -62.05 15.83
CA ALA MC 34 -101.42 -63.06 15.24
C ALA MC 34 -101.95 -62.59 13.89
N SER MC 35 -102.42 -63.55 13.10
CA SER MC 35 -102.97 -63.24 11.79
C SER MC 35 -104.20 -64.10 11.55
N LEU MC 36 -105.20 -63.51 10.92
CA LEU MC 36 -106.41 -64.21 10.56
C LEU MC 36 -106.75 -63.89 9.11
N SER MC 37 -107.39 -64.82 8.43
CA SER MC 37 -107.72 -64.55 7.04
C SER MC 37 -108.98 -65.29 6.63
N GLN MC 38 -109.71 -64.67 5.71
CA GLN MC 38 -110.67 -65.40 4.90
C GLN MC 38 -109.95 -66.47 4.11
N ALA MC 39 -110.64 -67.57 3.84
CA ALA MC 39 -110.10 -68.57 2.94
C ALA MC 39 -110.62 -68.28 1.54
N GLY MC 40 -109.72 -67.74 0.72
CA GLY MC 40 -110.01 -67.50 -0.68
C GLY MC 40 -109.21 -68.42 -1.57
N ALA MC 41 -108.99 -67.94 -2.79
CA ALA MC 41 -108.07 -68.63 -3.70
C ALA MC 41 -106.65 -68.14 -3.49
N VAL MC 42 -106.41 -66.87 -3.81
CA VAL MC 42 -105.07 -66.31 -3.76
C VAL MC 42 -104.90 -65.57 -2.44
N PRO MC 43 -103.94 -65.98 -1.60
CA PRO MC 43 -103.70 -65.26 -0.34
C PRO MC 43 -103.53 -63.78 -0.50
N ALA MC 44 -102.80 -63.32 -1.53
CA ALA MC 44 -102.72 -61.91 -1.84
C ALA MC 44 -104.08 -61.27 -1.96
N LEU MC 45 -105.06 -61.98 -2.52
CA LEU MC 45 -106.41 -61.46 -2.61
C LEU MC 45 -107.18 -61.62 -1.30
N GLU MC 46 -106.82 -62.61 -0.49
CA GLU MC 46 -107.62 -62.97 0.67
C GLU MC 46 -107.57 -61.86 1.71
N LYS MC 47 -108.70 -61.65 2.37
CA LYS MC 47 -108.83 -60.61 3.39
C LYS MC 47 -107.92 -61.00 4.54
N ARG MC 48 -107.34 -60.00 5.19
CA ARG MC 48 -106.45 -60.25 6.31
C ARG MC 48 -106.90 -59.51 7.54
N VAL MC 49 -106.69 -60.12 8.71
CA VAL MC 49 -107.00 -59.50 9.99
C VAL MC 49 -105.83 -59.76 10.92
N THR MC 50 -105.33 -58.70 11.54
CA THR MC 50 -104.16 -58.79 12.39
C THR MC 50 -104.48 -58.22 13.76
N VAL MC 51 -104.10 -58.94 14.81
CA VAL MC 51 -104.25 -58.45 16.16
C VAL MC 51 -102.92 -58.65 16.88
N SER MC 52 -102.69 -57.82 17.88
CA SER MC 52 -101.46 -57.91 18.63
C SER MC 52 -101.69 -57.34 20.02
N VAL MC 53 -100.93 -57.86 20.98
CA VAL MC 53 -100.89 -57.29 22.32
C VAL MC 53 -99.51 -56.71 22.49
N SER MC 54 -99.23 -56.17 23.67
CA SER MC 54 -97.93 -55.62 23.97
C SER MC 54 -97.76 -55.61 25.47
N GLN MC 55 -96.53 -55.43 25.91
CA GLN MC 55 -96.27 -55.33 27.34
C GLN MC 55 -95.30 -54.19 27.59
N PRO MC 56 -95.46 -53.48 28.70
CA PRO MC 56 -94.64 -52.29 28.94
C PRO MC 56 -93.18 -52.66 29.09
N SER MC 57 -92.32 -51.81 28.54
CA SER MC 57 -90.88 -52.03 28.61
C SER MC 57 -90.24 -50.77 29.17
N ARG MC 58 -88.92 -50.76 29.19
CA ARG MC 58 -88.19 -49.54 29.51
C ARG MC 58 -88.48 -48.42 28.52
N ASN MC 59 -88.92 -48.75 27.31
CA ASN MC 59 -89.30 -47.75 26.32
C ASN MC 59 -90.69 -47.18 26.56
N ARG MC 60 -91.63 -47.99 27.00
CA ARG MC 60 -92.99 -47.51 27.22
C ARG MC 60 -93.60 -48.26 28.39
N LYS MC 61 -94.33 -47.55 29.22
CA LYS MC 61 -94.95 -48.10 30.41
C LYS MC 61 -96.40 -48.50 30.15
N ASN MC 62 -96.83 -48.37 28.91
CA ASN MC 62 -98.23 -48.52 28.58
C ASN MC 62 -98.44 -49.76 27.73
N TYR MC 63 -99.61 -50.35 27.84
CA TYR MC 63 -99.98 -51.46 26.96
C TYR MC 63 -100.49 -50.93 25.64
N LYS MC 64 -100.10 -51.60 24.57
CA LYS MC 64 -100.61 -51.30 23.23
C LYS MC 64 -101.35 -52.52 22.71
N VAL MC 65 -102.53 -52.30 22.16
CA VAL MC 65 -103.26 -53.33 21.46
C VAL MC 65 -103.54 -52.80 20.07
N GLN MC 66 -102.95 -53.44 19.07
CA GLN MC 66 -103.02 -52.98 17.70
C GLN MC 66 -103.82 -53.97 16.88
N VAL MC 67 -104.75 -53.46 16.08
CA VAL MC 67 -105.56 -54.28 15.20
C VAL MC 67 -105.60 -53.61 13.84
N LYS MC 68 -105.16 -54.33 12.82
CA LYS MC 68 -105.16 -53.82 11.46
C LYS MC 68 -105.94 -54.77 10.56
N ILE MC 69 -106.63 -54.19 9.58
CA ILE MC 69 -107.44 -54.95 8.64
C ILE MC 69 -107.02 -54.55 7.24
N GLN MC 70 -106.83 -55.55 6.38
CA GLN MC 70 -106.37 -55.33 5.02
C GLN MC 70 -107.33 -56.04 4.07
N ASN MC 71 -108.02 -55.27 3.24
CA ASN MC 71 -109.03 -55.80 2.33
C ASN MC 71 -108.73 -55.28 0.94
N PRO MC 72 -108.01 -56.02 0.13
CA PRO MC 72 -107.68 -55.56 -1.22
C PRO MC 72 -108.91 -55.57 -2.11
N THR MC 73 -108.71 -55.08 -3.32
CA THR MC 73 -109.75 -55.06 -4.34
C THR MC 73 -109.26 -55.85 -5.55
N ALA MC 74 -109.89 -56.97 -5.80
CA ALA MC 74 -109.51 -57.83 -6.90
C ALA MC 74 -109.97 -57.22 -8.21
N CYS MC 75 -109.08 -57.22 -9.20
CA CYS MC 75 -109.46 -56.94 -10.59
C CYS MC 75 -109.54 -58.30 -11.26
N THR MC 76 -110.76 -58.75 -11.55
CA THR MC 76 -110.95 -60.09 -12.10
C THR MC 76 -110.36 -60.18 -13.50
N ALA MC 77 -110.83 -59.32 -14.40
CA ALA MC 77 -110.29 -59.27 -15.76
C ALA MC 77 -109.37 -58.07 -15.85
N ASN MC 78 -108.07 -58.35 -15.90
CA ASN MC 78 -107.08 -57.33 -16.18
C ASN MC 78 -106.70 -57.31 -17.65
N GLY MC 79 -107.37 -58.11 -18.47
CA GLY MC 79 -106.84 -58.43 -19.78
C GLY MC 79 -105.80 -59.53 -19.73
N SER MC 80 -105.58 -60.10 -18.55
CA SER MC 80 -104.61 -61.15 -18.33
C SER MC 80 -105.31 -62.32 -17.65
N CYS MC 81 -104.65 -63.47 -17.64
CA CYS MC 81 -105.25 -64.69 -17.12
C CYS MC 81 -105.39 -64.70 -15.62
N ASP MC 82 -104.74 -63.80 -14.90
CA ASP MC 82 -104.78 -63.83 -13.46
C ASP MC 82 -105.30 -62.52 -12.91
N PRO MC 83 -106.09 -62.56 -11.84
CA PRO MC 83 -106.54 -61.32 -11.21
C PRO MC 83 -105.38 -60.59 -10.56
N SER MC 84 -105.58 -59.32 -10.29
CA SER MC 84 -104.53 -58.48 -9.73
C SER MC 84 -105.09 -57.53 -8.69
N VAL MC 85 -104.25 -57.22 -7.71
CA VAL MC 85 -104.62 -56.28 -6.66
C VAL MC 85 -104.78 -54.91 -7.30
N THR MC 86 -105.87 -54.23 -6.97
CA THR MC 86 -106.07 -52.89 -7.49
C THR MC 86 -105.97 -51.85 -6.38
N ARG MC 87 -106.96 -51.79 -5.51
CA ARG MC 87 -106.97 -50.91 -4.37
C ARG MC 87 -106.81 -51.72 -3.10
N GLN MC 88 -106.14 -51.14 -2.12
CA GLN MC 88 -105.91 -51.84 -0.86
C GLN MC 88 -106.54 -51.02 0.26
N ALA MC 89 -107.60 -51.55 0.86
CA ALA MC 89 -108.28 -50.87 1.94
C ALA MC 89 -107.52 -51.11 3.24
N TYR MC 90 -107.18 -50.04 3.93
CA TYR MC 90 -106.48 -50.15 5.21
C TYR MC 90 -107.36 -49.70 6.35
N ALA MC 91 -107.61 -50.63 7.27
CA ALA MC 91 -108.37 -50.33 8.47
C ALA MC 91 -107.47 -50.62 9.66
N ASP MC 92 -107.16 -49.58 10.43
CA ASP MC 92 -106.23 -49.69 11.55
C ASP MC 92 -106.88 -49.20 12.84
N VAL MC 93 -106.69 -49.96 13.90
CA VAL MC 93 -107.23 -49.65 15.21
C VAL MC 93 -106.14 -49.93 16.24
N THR MC 94 -105.96 -49.01 17.18
CA THR MC 94 -105.00 -49.17 18.24
C THR MC 94 -105.65 -48.92 19.59
N PHE MC 95 -104.95 -49.32 20.64
CA PHE MC 95 -105.41 -49.09 22.00
C PHE MC 95 -104.23 -48.82 22.89
N SER MC 96 -104.43 -47.91 23.83
CA SER MC 96 -103.42 -47.61 24.84
C SER MC 96 -104.05 -47.77 26.20
N PHE MC 97 -103.27 -48.27 27.15
CA PHE MC 97 -103.75 -48.44 28.51
C PHE MC 97 -102.59 -48.28 29.47
N THR MC 98 -102.93 -48.01 30.71
CA THR MC 98 -101.95 -47.83 31.77
C THR MC 98 -101.92 -49.08 32.63
N GLN MC 99 -100.75 -49.37 33.16
CA GLN MC 99 -100.58 -50.55 33.99
C GLN MC 99 -101.65 -50.67 35.06
N TYR MC 100 -102.20 -49.54 35.51
CA TYR MC 100 -103.27 -49.58 36.50
C TYR MC 100 -104.65 -49.61 35.87
N SER MC 101 -104.74 -49.68 34.54
CA SER MC 101 -106.03 -49.69 33.88
C SER MC 101 -106.87 -50.84 34.41
N THR MC 102 -108.15 -50.58 34.68
CA THR MC 102 -108.98 -51.63 35.22
C THR MC 102 -109.69 -52.37 34.10
N ASP MC 103 -110.48 -53.37 34.50
CA ASP MC 103 -111.16 -54.19 33.51
C ASP MC 103 -112.31 -53.43 32.86
N GLU MC 104 -113.24 -52.93 33.66
CA GLU MC 104 -114.45 -52.35 33.11
C GLU MC 104 -114.14 -51.15 32.24
N GLU MC 105 -113.18 -50.33 32.66
CA GLU MC 105 -112.71 -49.24 31.81
C GLU MC 105 -112.43 -49.75 30.41
N ARG MC 106 -111.58 -50.76 30.30
CA ARG MC 106 -111.30 -51.35 29.01
C ARG MC 106 -112.57 -51.85 28.36
N ALA MC 107 -113.31 -52.71 29.07
CA ALA MC 107 -114.59 -53.17 28.56
C ALA MC 107 -115.46 -52.01 28.10
N PHE MC 108 -115.53 -50.95 28.91
CA PHE MC 108 -116.27 -49.77 28.50
C PHE MC 108 -115.79 -49.25 27.17
N VAL MC 109 -114.48 -49.25 26.94
CA VAL MC 109 -113.96 -48.77 25.67
C VAL MC 109 -114.42 -49.67 24.54
N ARG MC 110 -114.37 -50.98 24.76
CA ARG MC 110 -114.64 -51.90 23.66
C ARG MC 110 -116.02 -51.67 23.07
N THR MC 111 -117.06 -51.74 23.90
CA THR MC 111 -118.41 -51.60 23.39
C THR MC 111 -118.61 -50.27 22.70
N GLU MC 112 -118.34 -49.16 23.39
CA GLU MC 112 -118.65 -47.85 22.84
C GLU MC 112 -118.07 -47.65 21.45
N LEU MC 113 -116.85 -48.12 21.22
CA LEU MC 113 -116.29 -48.01 19.88
C LEU MC 113 -117.19 -48.71 18.88
N ALA MC 114 -117.64 -49.91 19.20
CA ALA MC 114 -118.56 -50.60 18.32
C ALA MC 114 -119.83 -49.79 18.10
N ALA MC 115 -120.46 -49.34 19.19
CA ALA MC 115 -121.67 -48.55 19.05
C ALA MC 115 -121.48 -47.39 18.08
N LEU MC 116 -120.38 -46.66 18.22
CA LEU MC 116 -120.08 -45.62 17.25
C LEU MC 116 -120.09 -46.16 15.83
N LEU MC 117 -119.45 -47.30 15.61
CA LEU MC 117 -119.42 -47.86 14.27
C LEU MC 117 -120.81 -48.14 13.76
N ALA MC 118 -121.76 -48.42 14.64
CA ALA MC 118 -123.15 -48.54 14.25
C ALA MC 118 -123.89 -47.22 14.32
N SER MC 119 -123.28 -46.18 14.87
CA SER MC 119 -123.96 -44.90 14.98
C SER MC 119 -124.20 -44.31 13.59
N PRO MC 120 -125.32 -43.62 13.41
CA PRO MC 120 -125.56 -42.94 12.13
C PRO MC 120 -124.54 -41.88 11.83
N LEU MC 121 -123.79 -41.41 12.82
CA LEU MC 121 -122.77 -40.42 12.55
C LEU MC 121 -121.70 -40.97 11.63
N LEU MC 122 -121.02 -42.03 12.05
CA LEU MC 122 -119.86 -42.49 11.32
C LEU MC 122 -120.19 -43.00 9.92
N ILE MC 123 -121.39 -43.56 9.73
CA ILE MC 123 -121.69 -44.17 8.45
C ILE MC 123 -121.52 -43.17 7.32
N ASP MC 124 -122.06 -41.97 7.44
CA ASP MC 124 -121.81 -40.93 6.46
C ASP MC 124 -120.34 -40.56 6.42
N ALA MC 125 -119.71 -40.42 7.58
CA ALA MC 125 -118.28 -40.22 7.65
C ALA MC 125 -117.51 -41.31 6.93
N ILE MC 126 -117.82 -42.57 7.20
CA ILE MC 126 -117.16 -43.68 6.55
C ILE MC 126 -117.67 -43.87 5.12
N ASP MC 127 -118.92 -44.25 4.97
CA ASP MC 127 -119.41 -44.66 3.67
C ASP MC 127 -119.36 -43.53 2.67
N GLN MC 128 -119.95 -42.39 3.00
CA GLN MC 128 -120.04 -41.28 2.07
C GLN MC 128 -118.92 -40.27 2.25
N LEU MC 129 -117.95 -40.53 3.12
CA LEU MC 129 -116.81 -39.64 3.32
C LEU MC 129 -117.27 -38.22 3.62
N ASN MC 130 -117.94 -38.08 4.75
CA ASN MC 130 -118.47 -36.76 5.02
C ASN MC 130 -118.02 -36.29 6.39
N PRO MC 131 -117.69 -35.04 6.52
CA PRO MC 131 -117.43 -34.47 7.84
C PRO MC 131 -118.71 -34.34 8.64
N ALA MC 132 -118.63 -33.62 9.75
CA ALA MC 132 -119.59 -33.70 10.84
C ALA MC 132 -120.86 -32.89 10.57
N TYR MC 133 -120.98 -32.29 9.40
CA TYR MC 133 -122.12 -31.43 9.13
C TYR MC 133 -123.17 -32.19 8.33
N ALA NC 2 -73.47 -107.76 -21.69
CA ALA NC 2 -74.90 -107.85 -21.93
C ALA NC 2 -75.68 -107.22 -20.79
N LYS NC 3 -76.99 -107.43 -20.79
CA LYS NC 3 -77.88 -106.83 -19.81
C LYS NC 3 -77.56 -107.35 -18.42
N LEU NC 4 -77.64 -106.44 -17.45
CA LEU NC 4 -77.64 -106.83 -16.05
C LEU NC 4 -78.78 -107.82 -15.83
N GLU NC 5 -78.47 -108.94 -15.21
CA GLU NC 5 -79.47 -109.95 -14.94
C GLU NC 5 -79.22 -110.57 -13.58
N THR NC 6 -80.12 -111.46 -13.19
CA THR NC 6 -79.88 -112.30 -12.03
C THR NC 6 -78.71 -113.20 -12.39
N VAL NC 7 -77.68 -113.18 -11.55
CA VAL NC 7 -76.52 -114.01 -11.83
C VAL NC 7 -76.44 -115.09 -10.77
N THR NC 8 -76.72 -116.32 -11.18
CA THR NC 8 -76.61 -117.47 -10.29
C THR NC 8 -75.19 -117.97 -10.34
N LEU NC 9 -74.69 -118.41 -9.19
CA LEU NC 9 -73.34 -118.95 -9.10
C LEU NC 9 -73.38 -120.25 -8.32
N GLY NC 10 -72.88 -121.33 -8.94
CA GLY NC 10 -72.72 -122.59 -8.27
C GLY NC 10 -71.26 -122.81 -7.91
N ASN NC 11 -71.03 -123.86 -7.14
CA ASN NC 11 -69.67 -124.29 -6.79
C ASN NC 11 -68.91 -123.16 -6.12
N ILE NC 12 -69.32 -122.85 -4.90
CA ILE NC 12 -68.81 -121.70 -4.16
C ILE NC 12 -68.31 -122.20 -2.82
N GLY NC 13 -67.32 -121.50 -2.28
CA GLY NC 13 -66.79 -121.83 -0.97
C GLY NC 13 -65.95 -123.09 -1.01
N LYS NC 14 -65.25 -123.32 0.11
CA LYS NC 14 -64.41 -124.50 0.23
C LYS NC 14 -65.18 -125.76 -0.08
N ASP NC 15 -66.45 -125.81 0.29
CA ASP NC 15 -67.29 -126.94 -0.07
C ASP NC 15 -67.48 -127.02 -1.57
N GLY NC 16 -67.86 -125.92 -2.21
CA GLY NC 16 -68.29 -125.99 -3.59
C GLY NC 16 -69.73 -126.37 -3.73
N LYS NC 17 -70.43 -126.61 -2.63
CA LYS NC 17 -71.86 -126.80 -2.68
C LYS NC 17 -72.59 -125.48 -2.46
N GLN NC 18 -71.87 -124.44 -2.09
CA GLN NC 18 -72.45 -123.13 -1.89
C GLN NC 18 -72.90 -122.54 -3.22
N THR NC 19 -74.04 -121.87 -3.19
CA THR NC 19 -74.58 -121.19 -4.35
C THR NC 19 -74.95 -119.77 -3.98
N LEU NC 20 -74.94 -118.89 -4.98
CA LEU NC 20 -75.25 -117.49 -4.74
C LEU NC 20 -75.93 -116.91 -5.97
N VAL NC 21 -76.90 -116.05 -5.73
CA VAL NC 21 -77.56 -115.30 -6.78
C VAL NC 21 -77.29 -113.82 -6.54
N LEU NC 22 -77.29 -113.06 -7.63
CA LEU NC 22 -76.99 -111.63 -7.56
C LEU NC 22 -78.03 -110.88 -8.37
N ASN NC 23 -78.72 -110.01 -7.73
CA ASN NC 23 -79.67 -109.25 -8.53
C ASN NC 23 -79.00 -107.99 -9.07
N PRO NC 24 -79.41 -107.55 -10.25
CA PRO NC 24 -78.93 -106.26 -10.74
C PRO NC 24 -79.38 -105.14 -9.81
N ARG NC 25 -78.41 -104.32 -9.40
CA ARG NC 25 -78.68 -103.20 -8.51
C ARG NC 25 -78.81 -101.88 -9.25
N GLY NC 26 -78.74 -101.89 -10.57
CA GLY NC 26 -78.67 -100.66 -11.33
C GLY NC 26 -77.23 -100.21 -11.47
N VAL NC 27 -77.08 -99.02 -12.04
CA VAL NC 27 -75.76 -98.47 -12.34
C VAL NC 27 -75.69 -97.05 -11.82
N ASN NC 28 -74.66 -96.77 -11.03
CA ASN NC 28 -74.43 -95.38 -10.68
C ASN NC 28 -73.89 -94.64 -11.88
N PRO NC 29 -74.63 -93.68 -12.43
CA PRO NC 29 -74.15 -92.98 -13.63
C PRO NC 29 -72.98 -92.07 -13.36
N THR NC 30 -72.86 -91.53 -12.15
CA THR NC 30 -71.77 -90.60 -11.87
C THR NC 30 -70.42 -91.23 -12.17
N ASN NC 31 -70.01 -92.19 -11.36
CA ASN NC 31 -68.80 -92.94 -11.64
C ASN NC 31 -68.98 -93.89 -12.81
N GLY NC 32 -70.20 -94.09 -13.29
CA GLY NC 32 -70.44 -95.04 -14.36
C GLY NC 32 -70.09 -96.45 -13.96
N VAL NC 33 -70.66 -96.93 -12.87
CA VAL NC 33 -70.32 -98.24 -12.33
C VAL NC 33 -71.59 -99.00 -12.05
N ALA NC 34 -71.66 -100.23 -12.55
CA ALA NC 34 -72.76 -101.12 -12.27
C ALA NC 34 -72.63 -101.72 -10.87
N SER NC 35 -73.74 -102.23 -10.36
CA SER NC 35 -73.76 -102.82 -9.05
C SER NC 35 -74.63 -104.08 -9.07
N LEU NC 36 -74.19 -105.09 -8.35
CA LEU NC 36 -74.93 -106.34 -8.23
C LEU NC 36 -74.98 -106.71 -6.75
N SER NC 37 -76.03 -107.41 -6.35
CA SER NC 37 -76.11 -107.80 -4.96
C SER NC 37 -76.90 -109.08 -4.80
N GLN NC 38 -76.52 -109.84 -3.78
CA GLN NC 38 -77.39 -110.84 -3.21
C GLN NC 38 -78.65 -110.17 -2.68
N ALA NC 39 -79.77 -110.88 -2.74
CA ALA NC 39 -80.98 -110.39 -2.09
C ALA NC 39 -81.03 -110.97 -0.68
N GLY NC 40 -80.75 -110.10 0.29
CA GLY NC 40 -80.85 -110.44 1.68
C GLY NC 40 -81.98 -109.69 2.34
N ALA NC 41 -81.84 -109.52 3.65
CA ALA NC 41 -82.75 -108.64 4.38
C ALA NC 41 -82.24 -107.21 4.37
N VAL NC 42 -81.11 -106.97 5.01
CA VAL NC 42 -80.58 -105.62 5.14
C VAL NC 42 -79.54 -105.38 4.05
N PRO NC 43 -79.75 -104.40 3.18
CA PRO NC 43 -78.75 -104.10 2.15
C PRO NC 43 -77.35 -103.90 2.69
N ALA NC 44 -77.20 -103.23 3.82
CA ALA NC 44 -75.90 -103.13 4.48
C ALA NC 44 -75.28 -104.49 4.70
N LEU NC 45 -76.08 -105.50 5.04
CA LEU NC 45 -75.58 -106.85 5.20
C LEU NC 45 -75.39 -107.55 3.87
N GLU NC 46 -76.15 -107.18 2.86
CA GLU NC 46 -76.17 -107.93 1.61
C GLU NC 46 -74.85 -107.82 0.88
N LYS NC 47 -74.46 -108.92 0.25
CA LYS NC 47 -73.19 -109.00 -0.48
C LYS NC 47 -73.29 -108.04 -1.65
N ARG NC 48 -72.17 -107.42 -2.01
CA ARG NC 48 -72.17 -106.49 -3.11
C ARG NC 48 -71.12 -106.89 -4.14
N VAL NC 49 -71.42 -106.63 -5.41
CA VAL NC 49 -70.50 -106.88 -6.51
C VAL NC 49 -70.55 -105.68 -7.43
N THR NC 50 -69.39 -105.13 -7.75
CA THR NC 50 -69.28 -103.93 -8.55
C THR NC 50 -68.37 -104.18 -9.74
N VAL NC 51 -68.82 -103.78 -10.92
CA VAL NC 51 -68.00 -103.85 -12.12
C VAL NC 51 -68.05 -102.50 -12.81
N SER NC 52 -67.00 -102.21 -13.55
CA SER NC 52 -66.92 -100.96 -14.26
C SER NC 52 -66.02 -101.12 -15.48
N VAL NC 53 -66.30 -100.32 -16.50
CA VAL NC 53 -65.41 -100.23 -17.64
C VAL NC 53 -64.83 -98.83 -17.62
N SER NC 54 -64.03 -98.50 -18.61
CA SER NC 54 -63.45 -97.18 -18.72
C SER NC 54 -63.07 -96.94 -20.16
N GLN NC 55 -62.81 -95.69 -20.48
CA GLN NC 55 -62.36 -95.37 -21.83
C GLN NC 55 -61.22 -94.38 -21.76
N PRO NC 56 -60.25 -94.49 -22.66
CA PRO NC 56 -59.06 -93.64 -22.56
C PRO NC 56 -59.42 -92.18 -22.75
N SER NC 57 -58.75 -91.33 -21.97
CA SER NC 57 -58.97 -89.90 -22.03
C SER NC 57 -57.64 -89.21 -22.24
N ARG NC 58 -57.65 -87.89 -22.21
CA ARG NC 58 -56.41 -87.13 -22.18
C ARG NC 58 -55.56 -87.45 -20.96
N ASN NC 59 -56.18 -87.94 -19.88
CA ASN NC 59 -55.45 -88.35 -18.69
C ASN NC 59 -54.80 -89.71 -18.82
N ARG NC 60 -55.45 -90.66 -19.49
CA ARG NC 60 -54.90 -91.99 -19.63
C ARG NC 60 -55.33 -92.56 -20.98
N LYS NC 61 -54.41 -93.25 -21.63
CA LYS NC 61 -54.63 -93.83 -22.94
C LYS NC 61 -55.05 -95.29 -22.84
N ASN NC 62 -55.22 -95.77 -21.62
CA ASN NC 62 -55.42 -97.19 -21.40
C ASN NC 62 -56.82 -97.44 -20.89
N TYR NC 63 -57.34 -98.63 -21.20
CA TYR NC 63 -58.63 -99.04 -20.65
C TYR NC 63 -58.44 -99.60 -19.24
N LYS NC 64 -59.37 -99.27 -18.35
CA LYS NC 64 -59.40 -99.83 -17.02
C LYS NC 64 -60.69 -100.60 -16.83
N VAL NC 65 -60.59 -101.80 -16.30
CA VAL NC 65 -61.74 -102.58 -15.91
C VAL NC 65 -61.56 -102.91 -14.44
N GLN NC 66 -62.45 -102.37 -13.61
CA GLN NC 66 -62.35 -102.49 -12.18
C GLN NC 66 -63.50 -103.34 -11.66
N VAL NC 67 -63.18 -104.29 -10.80
CA VAL NC 67 -64.17 -105.15 -10.18
C VAL NC 67 -63.86 -105.24 -8.70
N LYS NC 68 -64.83 -104.86 -7.88
CA LYS NC 68 -64.67 -104.90 -6.43
C LYS NC 68 -65.80 -105.73 -5.84
N ILE NC 69 -65.48 -106.45 -4.77
CA ILE NC 69 -66.43 -107.31 -4.08
C ILE NC 69 -66.41 -106.94 -2.61
N GLN NC 70 -67.59 -106.81 -2.02
CA GLN NC 70 -67.73 -106.40 -0.63
C GLN NC 70 -68.63 -107.40 0.07
N ASN NC 71 -68.07 -108.12 1.04
CA ASN NC 71 -68.80 -109.17 1.76
C ASN NC 71 -68.65 -108.94 3.25
N PRO NC 72 -69.59 -108.25 3.86
CA PRO NC 72 -69.49 -107.98 5.29
C PRO NC 72 -69.68 -109.25 6.11
N THR NC 73 -69.51 -109.09 7.41
CA THR NC 73 -69.74 -110.17 8.36
C THR NC 73 -70.81 -109.74 9.34
N ALA NC 74 -71.95 -110.40 9.28
CA ALA NC 74 -73.07 -110.08 10.15
C ALA NC 74 -72.80 -110.59 11.56
N CYS NC 75 -73.07 -109.75 12.54
CA CYS NC 75 -73.13 -110.17 13.94
C CYS NC 75 -74.61 -110.29 14.26
N THR NC 76 -75.09 -111.53 14.36
CA THR NC 76 -76.52 -111.76 14.55
C THR NC 76 -76.97 -111.24 15.91
N ALA NC 77 -76.36 -111.73 16.98
CA ALA NC 77 -76.67 -111.25 18.32
C ALA NC 77 -75.55 -110.32 18.75
N ASN NC 78 -75.85 -109.03 18.78
CA ASN NC 78 -74.96 -108.03 19.34
C ASN NC 78 -75.33 -107.71 20.78
N GLY NC 79 -76.29 -108.43 21.35
CA GLY NC 79 -76.94 -107.96 22.55
C GLY NC 79 -78.01 -106.94 22.27
N SER NC 80 -78.27 -106.67 20.99
CA SER NC 80 -79.27 -105.70 20.55
C SER NC 80 -80.20 -106.39 19.57
N CYS NC 81 -81.33 -105.75 19.30
CA CYS NC 81 -82.37 -106.34 18.47
C CYS NC 81 -82.00 -106.43 17.00
N ASP NC 82 -80.95 -105.72 16.57
CA ASP NC 82 -80.64 -105.71 15.16
C ASP NC 82 -79.21 -106.18 14.93
N PRO NC 83 -78.97 -106.93 13.86
CA PRO NC 83 -77.60 -107.34 13.56
C PRO NC 83 -76.76 -106.14 13.15
N SER NC 84 -75.45 -106.31 13.20
CA SER NC 84 -74.53 -105.23 12.91
C SER NC 84 -73.32 -105.73 12.12
N VAL NC 85 -72.80 -104.85 11.28
CA VAL NC 85 -71.62 -105.16 10.49
C VAL NC 85 -70.44 -105.32 11.45
N THR NC 86 -69.68 -106.40 11.26
CA THR NC 86 -68.50 -106.60 12.09
C THR NC 86 -67.23 -106.43 11.28
N ARG NC 87 -66.94 -107.39 10.42
CA ARG NC 87 -65.79 -107.33 9.54
C ARG NC 87 -66.25 -107.14 8.11
N GLN NC 88 -65.46 -106.43 7.33
CA GLN NC 88 -65.84 -106.14 5.95
C GLN NC 88 -64.75 -106.71 5.05
N ALA NC 89 -65.08 -107.76 4.30
CA ALA NC 89 -64.14 -108.39 3.39
C ALA NC 89 -64.06 -107.57 2.11
N TYR NC 90 -62.86 -107.18 1.72
CA TYR NC 90 -62.66 -106.44 0.49
C TYR NC 90 -61.93 -107.27 -0.54
N ALA NC 91 -62.59 -107.49 -1.67
CA ALA NC 91 -61.98 -108.19 -2.79
C ALA NC 91 -61.97 -107.24 -3.97
N ASP NC 92 -60.78 -106.89 -4.46
CA ASP NC 92 -60.64 -105.91 -5.51
C ASP NC 92 -59.83 -106.51 -6.66
N VAL NC 93 -60.30 -106.28 -7.88
CA VAL NC 93 -59.65 -106.75 -9.09
C VAL NC 93 -59.69 -105.63 -10.11
N THR NC 94 -58.57 -105.40 -10.79
CA THR NC 94 -58.48 -104.39 -11.82
C THR NC 94 -57.89 -104.98 -13.09
N PHE NC 95 -58.03 -104.24 -14.17
CA PHE NC 95 -57.45 -104.64 -15.45
C PHE NC 95 -56.99 -103.42 -16.19
N SER NC 96 -55.87 -103.56 -16.89
CA SER NC 96 -55.35 -102.52 -17.74
C SER NC 96 -55.15 -103.09 -19.13
N PHE NC 97 -55.41 -102.28 -20.14
CA PHE NC 97 -55.22 -102.70 -21.52
C PHE NC 97 -54.86 -101.50 -22.36
N THR NC 98 -54.28 -101.79 -23.51
CA THR NC 98 -53.87 -100.77 -24.44
C THR NC 98 -54.85 -100.72 -25.59
N GLN NC 99 -55.03 -99.53 -26.14
CA GLN NC 99 -55.97 -99.33 -27.22
C GLN NC 99 -55.78 -100.36 -28.33
N TYR NC 100 -54.58 -100.87 -28.52
CA TYR NC 100 -54.34 -101.90 -29.51
C TYR NC 100 -54.50 -103.31 -28.95
N SER NC 101 -54.89 -103.45 -27.70
CA SER NC 101 -55.04 -104.77 -27.11
C SER NC 101 -56.00 -105.61 -27.95
N THR NC 102 -55.65 -106.86 -28.19
CA THR NC 102 -56.51 -107.68 -29.01
C THR NC 102 -57.49 -108.46 -28.14
N ASP NC 103 -58.34 -109.23 -28.80
CA ASP NC 103 -59.36 -109.98 -28.07
C ASP NC 103 -58.75 -111.13 -27.30
N GLU NC 104 -58.06 -112.03 -27.99
CA GLU NC 104 -57.61 -113.26 -27.34
C GLU NC 104 -56.67 -112.96 -26.19
N GLU NC 105 -55.79 -111.97 -26.35
CA GLU NC 105 -54.97 -111.53 -25.25
C GLU NC 105 -55.81 -111.31 -24.00
N ARG NC 106 -56.85 -110.48 -24.13
CA ARG NC 106 -57.75 -110.26 -23.01
C ARG NC 106 -58.36 -111.57 -22.56
N ALA NC 107 -58.99 -112.29 -23.49
CA ALA NC 107 -59.54 -113.60 -23.16
C ALA NC 107 -58.51 -114.46 -22.46
N PHE NC 108 -57.28 -114.49 -22.97
CA PHE NC 108 -56.22 -115.23 -22.32
C PHE NC 108 -56.06 -114.80 -20.87
N VAL NC 109 -56.14 -113.49 -20.60
CA VAL NC 109 -56.02 -113.03 -19.23
C VAL NC 109 -57.17 -113.55 -18.38
N ARG NC 110 -58.38 -113.50 -18.92
CA ARG NC 110 -59.54 -113.83 -18.10
C ARG NC 110 -59.43 -115.24 -17.53
N THR NC 111 -59.27 -116.24 -18.39
CA THR NC 111 -59.22 -117.61 -17.91
C THR NC 111 -58.10 -117.82 -16.91
N GLU NC 112 -56.87 -117.50 -17.29
CA GLU NC 112 -55.73 -117.82 -16.45
C GLU NC 112 -55.89 -117.30 -15.03
N LEU NC 113 -56.43 -116.09 -14.88
CA LEU NC 113 -56.68 -115.59 -13.53
C LEU NC 113 -57.58 -116.54 -12.77
N ALA NC 114 -58.66 -116.98 -13.40
CA ALA NC 114 -59.53 -117.96 -12.76
C ALA NC 114 -58.77 -119.22 -12.40
N ALA NC 115 -58.04 -119.80 -13.35
CA ALA NC 115 -57.28 -121.01 -13.06
C ALA NC 115 -56.41 -120.83 -11.84
N LEU NC 116 -55.70 -119.72 -11.74
CA LEU NC 116 -54.94 -119.45 -10.53
C LEU NC 116 -55.81 -119.54 -9.30
N LEU NC 117 -56.99 -118.91 -9.34
CA LEU NC 117 -57.86 -118.94 -8.18
C LEU NC 117 -58.24 -120.36 -7.81
N ALA NC 118 -58.26 -121.28 -8.77
CA ALA NC 118 -58.45 -122.69 -8.47
C ALA NC 118 -57.13 -123.41 -8.24
N SER NC 119 -56.00 -122.76 -8.49
CA SER NC 119 -54.73 -123.42 -8.30
C SER NC 119 -54.49 -123.70 -6.82
N PRO NC 120 -53.84 -124.82 -6.51
CA PRO NC 120 -53.50 -125.12 -5.11
C PRO NC 120 -52.57 -124.09 -4.51
N LEU NC 121 -51.89 -123.30 -5.33
CA LEU NC 121 -51.02 -122.28 -4.77
C LEU NC 121 -51.81 -121.25 -3.98
N LEU NC 122 -52.74 -120.57 -4.63
CA LEU NC 122 -53.40 -119.45 -3.99
C LEU NC 122 -54.24 -119.84 -2.79
N ILE NC 123 -54.79 -121.05 -2.78
CA ILE NC 123 -55.70 -121.42 -1.71
C ILE NC 123 -55.03 -121.28 -0.35
N ASP NC 124 -53.82 -121.80 -0.20
CA ASP NC 124 -53.07 -121.57 1.03
C ASP NC 124 -52.75 -120.10 1.21
N ALA NC 125 -52.34 -119.43 0.15
CA ALA NC 125 -52.17 -117.99 0.18
C ALA NC 125 -53.42 -117.27 0.63
N ILE NC 126 -54.57 -117.58 0.05
CA ILE NC 126 -55.82 -116.96 0.42
C ILE NC 126 -56.35 -117.52 1.73
N ASP NC 127 -56.73 -118.79 1.73
CA ASP NC 127 -57.43 -119.35 2.87
C ASP NC 127 -56.58 -119.32 4.13
N GLN NC 128 -55.40 -119.89 4.08
CA GLN NC 128 -54.55 -119.99 5.24
C GLN NC 128 -53.55 -118.85 5.38
N LEU NC 129 -53.61 -117.86 4.50
CA LEU NC 129 -52.73 -116.69 4.57
C LEU NC 129 -51.27 -117.12 4.62
N ASN NC 130 -50.83 -117.74 3.54
CA ASN NC 130 -49.47 -118.24 3.59
C ASN NC 130 -48.68 -117.74 2.40
N PRO NC 131 -47.45 -117.38 2.61
CA PRO NC 131 -46.58 -117.05 1.47
C PRO NC 131 -46.22 -118.29 0.69
N ALA NC 132 -45.24 -118.16 -0.19
CA ALA NC 132 -45.03 -119.08 -1.30
C ALA NC 132 -44.28 -120.34 -0.89
N TYR NC 133 -43.99 -120.51 0.39
CA TYR NC 133 -43.20 -121.65 0.82
C TYR NC 133 -44.10 -122.73 1.37
N ALA OC 2 -87.32 -100.04 -10.78
CA ALA OC 2 -87.41 -100.68 -12.08
C ALA OC 2 -87.15 -99.68 -13.19
N LYS OC 3 -87.40 -100.09 -14.42
CA LYS OC 3 -87.15 -99.28 -15.60
C LYS OC 3 -88.03 -98.05 -15.59
N LEU OC 4 -87.45 -96.93 -16.02
CA LEU OC 4 -88.22 -95.74 -16.32
C LEU OC 4 -89.26 -96.11 -17.36
N GLU OC 5 -90.51 -95.75 -17.09
CA GLU OC 5 -91.59 -96.06 -18.01
C GLU OC 5 -92.57 -94.89 -18.05
N THR OC 6 -93.57 -95.02 -18.91
CA THR OC 6 -94.68 -94.09 -18.88
C THR OC 6 -95.39 -94.34 -17.57
N VAL OC 7 -95.59 -93.28 -16.79
CA VAL OC 7 -96.25 -93.43 -15.50
C VAL OC 7 -97.60 -92.73 -15.58
N THR OC 8 -98.66 -93.50 -15.60
CA THR OC 8 -100.02 -92.97 -15.60
C THR OC 8 -100.43 -92.74 -14.16
N LEU OC 9 -101.16 -91.66 -13.92
CA LEU OC 9 -101.65 -91.35 -12.59
C LEU OC 9 -103.11 -90.98 -12.68
N GLY OC 10 -103.95 -91.70 -11.92
CA GLY OC 10 -105.35 -91.37 -11.79
C GLY OC 10 -105.60 -90.70 -10.46
N ASN OC 11 -106.82 -90.19 -10.31
CA ASN OC 11 -107.28 -89.63 -9.05
C ASN OC 11 -106.35 -88.49 -8.62
N ILE OC 12 -106.43 -87.39 -9.36
CA ILE OC 12 -105.53 -86.27 -9.19
C ILE OC 12 -106.37 -85.02 -8.99
N GLY OC 13 -105.82 -84.05 -8.26
CA GLY OC 13 -106.49 -82.79 -8.04
C GLY OC 13 -107.65 -82.93 -7.08
N LYS OC 14 -108.16 -81.76 -6.68
CA LYS OC 14 -109.30 -81.73 -5.77
C LYS OC 14 -110.44 -82.58 -6.28
N ASP OC 15 -110.65 -82.58 -7.59
CA ASP OC 15 -111.65 -83.45 -8.18
C ASP OC 15 -111.32 -84.92 -7.97
N GLY OC 16 -110.09 -85.31 -8.29
CA GLY OC 16 -109.77 -86.72 -8.35
C GLY OC 16 -110.16 -87.36 -9.65
N LYS OC 17 -110.72 -86.59 -10.57
CA LYS OC 17 -110.95 -87.10 -11.92
C LYS OC 17 -109.77 -86.75 -12.82
N GLN OC 18 -108.85 -85.92 -12.34
CA GLN OC 18 -107.68 -85.55 -13.11
C GLN OC 18 -106.76 -86.75 -13.26
N THR OC 19 -106.16 -86.86 -14.44
CA THR OC 19 -105.20 -87.90 -14.74
C THR OC 19 -103.96 -87.29 -15.34
N LEU OC 20 -102.83 -87.98 -15.19
CA LEU OC 20 -101.57 -87.46 -15.70
C LEU OC 20 -100.69 -88.63 -16.11
N VAL OC 21 -99.98 -88.45 -17.21
CA VAL OC 21 -98.98 -89.40 -17.65
C VAL OC 21 -97.62 -88.72 -17.62
N LEU OC 22 -96.58 -89.51 -17.42
CA LEU OC 22 -95.22 -89.00 -17.32
C LEU OC 22 -94.31 -89.84 -18.20
N ASN OC 23 -93.68 -89.21 -19.13
CA ASN OC 23 -92.76 -90.01 -19.90
C ASN OC 23 -91.38 -89.98 -19.28
N PRO OC 24 -90.62 -91.06 -19.42
CA PRO OC 24 -89.23 -91.05 -18.99
C PRO OC 24 -88.44 -90.02 -19.78
N ARG OC 25 -87.74 -89.16 -19.05
CA ARG OC 25 -86.94 -88.11 -19.65
C ARG OC 25 -85.47 -88.48 -19.75
N GLY OC 26 -85.10 -89.67 -19.34
CA GLY OC 26 -83.70 -90.03 -19.22
C GLY OC 26 -83.16 -89.65 -17.85
N VAL OC 27 -81.86 -89.81 -17.69
CA VAL OC 27 -81.20 -89.57 -16.42
C VAL OC 27 -79.99 -88.69 -16.64
N ASN OC 28 -79.91 -87.61 -15.89
CA ASN OC 28 -78.67 -86.84 -15.92
C ASN OC 28 -77.60 -87.61 -15.18
N PRO OC 29 -76.55 -88.07 -15.84
CA PRO OC 29 -75.52 -88.86 -15.16
C PRO OC 29 -74.68 -88.05 -14.21
N THR OC 30 -74.51 -86.76 -14.46
CA THR OC 30 -73.65 -85.94 -13.60
C THR OC 30 -74.12 -86.01 -12.16
N ASN OC 31 -75.26 -85.41 -11.86
CA ASN OC 31 -75.86 -85.52 -10.54
C ASN OC 31 -76.43 -86.92 -10.30
N GLY OC 32 -76.53 -87.74 -11.33
CA GLY OC 32 -77.13 -89.05 -11.18
C GLY OC 32 -78.59 -88.96 -10.79
N VAL OC 33 -79.39 -88.23 -11.55
CA VAL OC 33 -80.78 -87.99 -11.21
C VAL OC 33 -81.65 -88.29 -12.43
N ALA OC 34 -82.67 -89.11 -12.22
CA ALA OC 34 -83.65 -89.38 -13.25
C ALA OC 34 -84.60 -88.21 -13.42
N SER OC 35 -85.28 -88.18 -14.56
CA SER OC 35 -86.24 -87.13 -14.84
C SER OC 35 -87.46 -87.73 -15.53
N LEU OC 36 -88.63 -87.21 -15.17
CA LEU OC 36 -89.88 -87.63 -15.77
C LEU OC 36 -90.66 -86.39 -16.15
N SER OC 37 -91.48 -86.49 -17.19
CA SER OC 37 -92.26 -85.33 -17.57
C SER OC 37 -93.56 -85.75 -18.23
N GLN OC 38 -94.57 -84.90 -18.04
CA GLN OC 38 -95.72 -84.89 -18.92
C GLN OC 38 -95.27 -84.56 -20.32
N ALA OC 39 -95.99 -85.11 -21.30
CA ALA OC 39 -95.74 -84.72 -22.69
C ALA OC 39 -96.71 -83.58 -23.03
N GLY OC 40 -96.13 -82.39 -23.11
CA GLY OC 40 -96.87 -81.21 -23.52
C GLY OC 40 -96.39 -80.71 -24.86
N ALA OC 41 -96.58 -79.42 -25.07
CA ALA OC 41 -95.99 -78.77 -26.24
C ALA OC 41 -94.60 -78.26 -25.91
N VAL OC 42 -94.51 -77.29 -25.01
CA VAL OC 42 -93.23 -76.66 -24.69
C VAL OC 42 -92.65 -77.32 -23.45
N PRO OC 43 -91.47 -77.92 -23.54
CA PRO OC 43 -90.85 -78.52 -22.35
C PRO OC 43 -90.77 -77.57 -21.17
N ALA OC 44 -90.44 -76.31 -21.37
CA ALA OC 44 -90.48 -75.32 -20.31
C ALA OC 44 -91.83 -75.30 -19.62
N LEU OC 45 -92.92 -75.48 -20.36
CA LEU OC 45 -94.25 -75.55 -19.77
C LEU OC 45 -94.53 -76.91 -19.17
N GLU OC 46 -93.91 -77.96 -19.67
CA GLU OC 46 -94.28 -79.32 -19.31
C GLU OC 46 -93.91 -79.60 -17.85
N LYS OC 47 -94.77 -80.36 -17.19
CA LYS OC 47 -94.58 -80.70 -15.78
C LYS OC 47 -93.33 -81.56 -15.69
N ARG OC 48 -92.60 -81.42 -14.59
CA ARG OC 48 -91.38 -82.20 -14.42
C ARG OC 48 -91.44 -82.95 -13.09
N VAL OC 49 -90.84 -84.14 -13.10
CA VAL OC 49 -90.72 -84.96 -11.90
C VAL OC 49 -89.32 -85.51 -11.85
N THR OC 50 -88.66 -85.34 -10.71
CA THR OC 50 -87.27 -85.73 -10.54
C THR OC 50 -87.14 -86.64 -9.33
N VAL OC 51 -86.43 -87.75 -9.51
CA VAL OC 51 -86.13 -88.64 -8.41
C VAL OC 51 -84.64 -88.94 -8.44
N SER OC 52 -84.11 -89.26 -7.27
CA SER OC 52 -82.70 -89.57 -7.16
C SER OC 52 -82.48 -90.47 -5.96
N VAL OC 53 -81.44 -91.29 -6.06
CA VAL OC 53 -80.98 -92.07 -4.93
C VAL OC 53 -79.62 -91.51 -4.54
N SER OC 54 -78.99 -92.12 -3.55
CA SER OC 54 -77.67 -91.70 -3.11
C SER OC 54 -77.02 -92.87 -2.41
N GLN OC 55 -75.72 -92.77 -2.22
CA GLN OC 55 -75.02 -93.80 -1.48
C GLN OC 55 -74.05 -93.16 -0.52
N PRO OC 56 -73.85 -93.75 0.65
CA PRO OC 56 -73.03 -93.10 1.67
C PRO OC 56 -71.59 -92.99 1.21
N SER OC 57 -70.97 -91.86 1.56
CA SER OC 57 -69.59 -91.59 1.19
C SER OC 57 -68.83 -91.23 2.46
N ARG OC 58 -67.57 -90.85 2.28
CA ARG OC 58 -66.81 -90.28 3.39
C ARG OC 58 -67.43 -89.01 3.92
N ASN OC 59 -68.22 -88.31 3.11
CA ASN OC 59 -68.94 -87.13 3.55
C ASN OC 59 -70.18 -87.43 4.36
N ARG OC 60 -70.91 -88.47 4.02
CA ARG OC 60 -72.14 -88.81 4.73
C ARG OC 60 -72.30 -90.32 4.73
N LYS OC 61 -72.76 -90.85 5.86
CA LYS OC 61 -72.93 -92.28 6.05
C LYS OC 61 -74.37 -92.69 5.79
N ASN OC 62 -75.19 -91.74 5.37
CA ASN OC 62 -76.63 -91.97 5.28
C ASN OC 62 -77.07 -91.95 3.83
N TYR OC 63 -78.13 -92.69 3.54
CA TYR OC 63 -78.72 -92.64 2.22
C TYR OC 63 -79.66 -91.46 2.10
N LYS OC 64 -79.64 -90.81 0.95
CA LYS OC 64 -80.55 -89.71 0.65
C LYS OC 64 -81.39 -90.12 -0.56
N VAL OC 65 -82.69 -89.92 -0.45
CA VAL OC 65 -83.60 -90.08 -1.58
C VAL OC 65 -84.32 -88.76 -1.75
N GLN OC 66 -84.07 -88.10 -2.86
CA GLN OC 66 -84.60 -86.78 -3.13
C GLN OC 66 -85.60 -86.84 -4.26
N VAL OC 67 -86.75 -86.22 -4.07
CA VAL OC 67 -87.79 -86.14 -5.08
C VAL OC 67 -88.28 -84.71 -5.16
N LYS OC 68 -88.19 -84.12 -6.34
CA LYS OC 68 -88.63 -82.75 -6.56
C LYS OC 68 -89.64 -82.73 -7.68
N ILE OC 69 -90.64 -81.85 -7.56
CA ILE OC 69 -91.68 -81.70 -8.56
C ILE OC 69 -91.76 -80.25 -8.96
N GLN OC 70 -91.84 -79.99 -10.26
CA GLN OC 70 -91.85 -78.65 -10.79
C GLN OC 70 -93.04 -78.51 -11.73
N ASN OC 71 -93.99 -77.65 -11.36
CA ASN OC 71 -95.23 -77.47 -12.11
C ASN OC 71 -95.43 -75.99 -12.37
N PRO OC 72 -94.98 -75.50 -13.52
CA PRO OC 72 -95.12 -74.08 -13.81
C PRO OC 72 -96.57 -73.71 -14.07
N THR OC 73 -96.79 -72.43 -14.26
CA THR OC 73 -98.11 -71.89 -14.59
C THR OC 73 -98.02 -71.17 -15.91
N ALA OC 74 -98.68 -71.71 -16.92
CA ALA OC 74 -98.65 -71.15 -18.25
C ALA OC 74 -99.53 -69.90 -18.29
N CYS OC 75 -99.02 -68.84 -18.90
CA CYS OC 75 -99.84 -67.69 -19.27
C CYS OC 75 -100.09 -67.84 -20.76
N THR OC 76 -101.33 -68.20 -21.11
CA THR OC 76 -101.65 -68.47 -22.50
C THR OC 76 -101.56 -67.21 -23.34
N ALA OC 77 -102.31 -66.18 -22.96
CA ALA OC 77 -102.26 -64.90 -23.66
C ALA OC 77 -101.44 -63.95 -22.79
N ASN OC 78 -100.22 -63.66 -23.25
CA ASN OC 78 -99.40 -62.64 -22.65
C ASN OC 78 -99.52 -61.32 -23.40
N GLY OC 79 -100.40 -61.25 -24.40
CA GLY OC 79 -100.32 -60.20 -25.38
C GLY OC 79 -99.30 -60.49 -26.45
N SER OC 80 -98.69 -61.68 -26.40
CA SER OC 80 -97.67 -62.09 -27.35
C SER OC 80 -98.09 -63.44 -27.93
N CYS OC 81 -97.44 -63.82 -29.02
CA CYS OC 81 -97.80 -65.04 -29.73
C CYS OC 81 -97.45 -66.32 -28.99
N ASP OC 82 -96.62 -66.24 -27.96
CA ASP OC 82 -96.19 -67.45 -27.29
C ASP OC 82 -96.53 -67.39 -25.81
N PRO OC 83 -96.92 -68.51 -25.22
CA PRO OC 83 -97.17 -68.53 -23.78
C PRO OC 83 -95.88 -68.35 -23.00
N SER OC 84 -96.01 -67.99 -21.74
CA SER OC 84 -94.86 -67.70 -20.90
C SER OC 84 -95.07 -68.24 -19.50
N VAL OC 85 -93.97 -68.64 -18.88
CA VAL OC 85 -93.99 -69.12 -17.50
C VAL OC 85 -94.38 -67.96 -16.61
N THR OC 86 -95.32 -68.20 -15.71
CA THR OC 86 -95.71 -67.16 -14.76
C THR OC 86 -95.27 -67.51 -13.35
N ARG OC 87 -95.93 -68.48 -12.74
CA ARG OC 87 -95.59 -68.96 -11.42
C ARG OC 87 -95.01 -70.36 -11.52
N GLN OC 88 -94.07 -70.67 -10.64
CA GLN OC 88 -93.42 -71.97 -10.68
C GLN OC 88 -93.67 -72.65 -9.34
N ALA OC 89 -94.46 -73.71 -9.35
CA ALA OC 89 -94.77 -74.45 -8.15
C ALA OC 89 -93.61 -75.41 -7.84
N TYR OC 90 -93.09 -75.32 -6.63
CA TYR OC 90 -92.01 -76.21 -6.21
C TYR OC 90 -92.49 -77.18 -5.14
N ALA OC 91 -92.40 -78.46 -5.46
CA ALA OC 91 -92.73 -79.52 -4.52
C ALA OC 91 -91.48 -80.35 -4.32
N ASP OC 92 -90.96 -80.38 -3.09
CA ASP OC 92 -89.71 -81.06 -2.79
C ASP OC 92 -89.92 -82.04 -1.65
N VAL OC 93 -89.38 -83.25 -1.82
CA VAL OC 93 -89.46 -84.31 -0.83
C VAL OC 93 -88.10 -84.97 -0.74
N THR OC 94 -87.64 -85.22 0.47
CA THR OC 94 -86.37 -85.87 0.71
C THR OC 94 -86.56 -87.03 1.68
N PHE OC 95 -85.53 -87.89 1.74
CA PHE OC 95 -85.54 -89.00 2.66
C PHE OC 95 -84.14 -89.25 3.16
N SER OC 96 -84.04 -89.62 4.43
CA SER OC 96 -82.77 -89.98 5.02
C SER OC 96 -82.92 -91.36 5.63
N PHE OC 97 -81.86 -92.16 5.54
CA PHE OC 97 -81.86 -93.48 6.12
C PHE OC 97 -80.46 -93.84 6.55
N THR OC 98 -80.38 -94.82 7.44
CA THR OC 98 -79.11 -95.29 7.96
C THR OC 98 -78.78 -96.61 7.29
N GLN OC 99 -77.48 -96.86 7.13
CA GLN OC 99 -77.03 -98.07 6.48
C GLN OC 99 -77.68 -99.31 7.06
N TYR OC 100 -78.08 -99.27 8.33
CA TYR OC 100 -78.77 -100.41 8.92
C TYR OC 100 -80.28 -100.31 8.80
N SER OC 101 -80.79 -99.30 8.10
CA SER OC 101 -82.24 -99.15 7.97
C SER OC 101 -82.83 -100.41 7.36
N THR OC 102 -83.95 -100.86 7.89
CA THR OC 102 -84.54 -102.08 7.37
C THR OC 102 -85.56 -101.76 6.30
N ASP OC 103 -86.14 -102.80 5.73
CA ASP OC 103 -87.10 -102.61 4.65
C ASP OC 103 -88.40 -102.03 5.17
N GLU OC 104 -89.04 -102.72 6.12
CA GLU OC 104 -90.38 -102.32 6.52
C GLU OC 104 -90.39 -100.93 7.10
N GLU OC 105 -89.37 -100.57 7.87
CA GLU OC 105 -89.24 -99.20 8.33
C GLU OC 105 -89.40 -98.23 7.18
N ARG OC 106 -88.62 -98.41 6.12
CA ARG OC 106 -88.76 -97.57 4.94
C ARG OC 106 -90.17 -97.67 4.39
N ALA OC 107 -90.61 -98.89 4.10
CA ALA OC 107 -91.98 -99.09 3.64
C ALA OC 107 -92.97 -98.39 4.54
N PHE OC 108 -92.79 -98.53 5.86
CA PHE OC 108 -93.66 -97.83 6.80
C PHE OC 108 -93.66 -96.33 6.53
N VAL OC 109 -92.49 -95.76 6.24
CA VAL OC 109 -92.43 -94.33 5.95
C VAL OC 109 -93.21 -94.02 4.70
N ARG OC 110 -93.06 -94.82 3.66
CA ARG OC 110 -93.65 -94.48 2.38
C ARG OC 110 -95.16 -94.29 2.49
N THR OC 111 -95.86 -95.31 2.99
CA THR OC 111 -97.31 -95.22 3.05
C THR OC 111 -97.76 -94.04 3.90
N GLU OC 112 -97.31 -93.97 5.15
CA GLU OC 112 -97.81 -92.95 6.07
C GLU OC 112 -97.71 -91.55 5.49
N LEU OC 113 -96.62 -91.23 4.79
CA LEU OC 113 -96.54 -89.94 4.16
C LEU OC 113 -97.70 -89.73 3.20
N ALA OC 114 -97.99 -90.74 2.38
CA ALA OC 114 -99.13 -90.64 1.50
C ALA OC 114 -100.41 -90.42 2.27
N ALA OC 115 -100.67 -91.26 3.28
CA ALA OC 115 -101.87 -91.11 4.07
C ALA OC 115 -102.04 -89.68 4.58
N LEU OC 116 -100.97 -89.10 5.11
CA LEU OC 116 -101.03 -87.71 5.50
C LEU OC 116 -101.49 -86.83 4.35
N LEU OC 117 -100.93 -87.03 3.17
CA LEU OC 117 -101.33 -86.21 2.03
C LEU OC 117 -102.81 -86.35 1.74
N ALA OC 118 -103.40 -87.49 2.07
CA ALA OC 118 -104.84 -87.63 1.98
C ALA OC 118 -105.56 -87.24 3.26
N SER OC 119 -104.83 -86.99 4.33
CA SER OC 119 -105.45 -86.63 5.58
C SER OC 119 -106.15 -85.28 5.47
N PRO OC 120 -107.29 -85.11 6.14
CA PRO OC 120 -107.95 -83.81 6.14
C PRO OC 120 -107.11 -82.71 6.77
N LEU OC 121 -106.09 -83.07 7.53
CA LEU OC 121 -105.23 -82.05 8.12
C LEU OC 121 -104.51 -81.26 7.03
N LEU OC 122 -103.71 -81.94 6.23
CA LEU OC 122 -102.84 -81.24 5.30
C LEU OC 122 -103.59 -80.47 4.24
N ILE OC 123 -104.78 -80.93 3.84
CA ILE OC 123 -105.46 -80.29 2.74
C ILE OC 123 -105.69 -78.81 3.03
N ASP OC 124 -106.20 -78.47 4.21
CA ASP OC 124 -106.30 -77.08 4.59
C ASP OC 124 -104.94 -76.42 4.68
N ALA OC 125 -103.97 -77.12 5.26
CA ALA OC 125 -102.60 -76.65 5.26
C ALA OC 125 -102.07 -76.39 3.86
N ILE OC 126 -102.25 -77.33 2.95
CA ILE OC 126 -101.82 -77.17 1.57
C ILE OC 126 -102.75 -76.26 0.79
N ASP OC 127 -103.98 -76.70 0.57
CA ASP OC 127 -104.87 -75.98 -0.33
C ASP OC 127 -105.17 -74.58 0.16
N GLN OC 128 -105.64 -74.46 1.38
CA GLN OC 128 -106.05 -73.17 1.91
C GLN OC 128 -104.96 -72.47 2.70
N LEU OC 129 -103.76 -73.03 2.76
CA LEU OC 129 -102.63 -72.42 3.46
C LEU OC 129 -103.00 -72.08 4.89
N ASN OC 130 -103.27 -73.11 5.66
CA ASN OC 130 -103.71 -72.83 7.00
C ASN OC 130 -102.85 -73.58 8.01
N PRO OC 131 -102.53 -72.95 9.11
CA PRO OC 131 -101.86 -73.66 10.19
C PRO OC 131 -102.81 -74.62 10.87
N ALA OC 132 -102.39 -75.12 12.03
CA ALA OC 132 -102.95 -76.34 12.62
C ALA OC 132 -104.23 -76.09 13.38
N TYR OC 133 -104.75 -74.87 13.34
CA TYR OC 133 -105.95 -74.55 14.12
C TYR OC 133 -107.17 -74.58 13.24
N ALA PC 2 -84.54 -94.20 -24.44
CA ALA PC 2 -84.63 -95.41 -23.61
C ALA PC 2 -83.25 -95.91 -23.27
N LYS PC 3 -83.19 -97.12 -22.71
CA LYS PC 3 -81.95 -97.71 -22.25
C LYS PC 3 -81.02 -97.97 -23.42
N LEU PC 4 -79.74 -97.72 -23.18
CA LEU PC 4 -78.69 -98.17 -24.10
C LEU PC 4 -78.84 -99.67 -24.28
N GLU PC 5 -78.86 -100.11 -25.52
CA GLU PC 5 -78.99 -101.53 -25.81
C GLU PC 5 -78.14 -101.89 -27.01
N THR PC 6 -78.11 -103.17 -27.33
CA THR PC 6 -77.52 -103.61 -28.57
C THR PC 6 -78.39 -103.05 -29.67
N VAL PC 7 -77.78 -102.33 -30.61
CA VAL PC 7 -78.55 -101.74 -31.69
C VAL PC 7 -78.15 -102.45 -32.98
N THR PC 8 -79.05 -103.25 -33.51
CA THR PC 8 -78.84 -103.93 -34.78
C THR PC 8 -79.28 -102.99 -35.89
N LEU PC 9 -78.54 -103.01 -37.00
CA LEU PC 9 -78.88 -102.20 -38.15
C LEU PC 9 -78.81 -103.05 -39.40
N GLY PC 10 -79.91 -103.09 -40.14
CA GLY PC 10 -79.95 -103.74 -41.42
C GLY PC 10 -79.90 -102.71 -42.54
N ASN PC 11 -79.76 -103.19 -43.76
CA ASN PC 11 -79.83 -102.35 -44.95
C ASN PC 11 -78.79 -101.24 -44.87
N ILE PC 12 -77.52 -101.64 -44.98
CA ILE PC 12 -76.41 -100.74 -44.79
C ILE PC 12 -75.52 -100.81 -46.02
N GLY PC 13 -74.83 -99.72 -46.32
CA GLY PC 13 -73.90 -99.68 -47.44
C GLY PC 13 -74.64 -99.64 -48.77
N LYS PC 14 -73.85 -99.38 -49.81
CA LYS PC 14 -74.40 -99.31 -51.16
C LYS PC 14 -75.19 -100.57 -51.48
N ASP PC 15 -74.73 -101.72 -51.00
CA ASP PC 15 -75.49 -102.95 -51.18
C ASP PC 15 -76.81 -102.89 -50.45
N GLY PC 16 -76.80 -102.51 -49.18
CA GLY PC 16 -77.98 -102.65 -48.37
C GLY PC 16 -78.12 -104.04 -47.79
N LYS PC 17 -77.19 -104.93 -48.09
CA LYS PC 17 -77.17 -106.22 -47.41
C LYS PC 17 -76.26 -106.17 -46.19
N GLN PC 18 -75.53 -105.08 -46.00
CA GLN PC 18 -74.66 -104.92 -44.86
C GLN PC 18 -75.50 -104.75 -43.60
N THR PC 19 -75.02 -105.35 -42.52
CA THR PC 19 -75.65 -105.23 -41.22
C THR PC 19 -74.61 -104.86 -40.18
N LEU PC 20 -75.07 -104.21 -39.11
CA LEU PC 20 -74.17 -103.77 -38.06
C LEU PC 20 -74.87 -103.81 -36.73
N VAL PC 21 -74.14 -104.23 -35.70
CA VAL PC 21 -74.63 -104.19 -34.34
C VAL PC 21 -73.75 -103.23 -33.55
N LEU PC 22 -74.34 -102.63 -32.51
CA LEU PC 22 -73.64 -101.64 -31.70
C LEU PC 22 -73.87 -101.97 -30.23
N ASN PC 23 -72.82 -102.20 -29.54
CA ASN PC 23 -73.05 -102.45 -28.13
C ASN PC 23 -73.00 -101.14 -27.35
N PRO PC 24 -73.77 -101.04 -26.28
CA PRO PC 24 -73.64 -99.88 -25.40
C PRO PC 24 -72.26 -99.82 -24.79
N ARG PC 25 -71.62 -98.66 -24.93
CA ARG PC 25 -70.28 -98.44 -24.41
C ARG PC 25 -70.28 -97.73 -23.06
N GLY PC 26 -71.45 -97.45 -22.51
CA GLY PC 26 -71.54 -96.61 -21.33
C GLY PC 26 -71.61 -95.14 -21.72
N VAL PC 27 -71.56 -94.29 -20.71
CA VAL PC 27 -71.72 -92.85 -20.90
C VAL PC 27 -70.60 -92.14 -20.18
N ASN PC 28 -69.89 -91.27 -20.90
CA ASN PC 28 -68.96 -90.41 -20.21
C ASN PC 28 -69.72 -89.36 -19.42
N PRO PC 29 -69.66 -89.37 -18.09
CA PRO PC 29 -70.43 -88.40 -17.32
C PRO PC 29 -69.90 -86.99 -17.43
N THR PC 30 -68.60 -86.81 -17.67
CA THR PC 30 -68.04 -85.47 -17.73
C THR PC 30 -68.76 -84.62 -18.77
N ASN PC 31 -68.55 -84.93 -20.04
CA ASN PC 31 -69.29 -84.28 -21.10
C ASN PC 31 -70.75 -84.72 -21.14
N GLY PC 32 -71.11 -85.75 -20.40
CA GLY PC 32 -72.47 -86.26 -20.45
C GLY PC 32 -72.83 -86.78 -21.81
N VAL PC 33 -72.04 -87.71 -22.35
CA VAL PC 33 -72.23 -88.20 -23.70
C VAL PC 33 -72.20 -89.72 -23.68
N ALA PC 34 -73.22 -90.33 -24.27
CA ALA PC 34 -73.26 -91.76 -24.44
C ALA PC 34 -72.33 -92.21 -25.55
N SER PC 35 -72.00 -93.50 -25.54
CA SER PC 35 -71.14 -94.06 -26.57
C SER PC 35 -71.65 -95.43 -26.95
N LEU PC 36 -71.56 -95.73 -28.24
CA LEU PC 36 -71.95 -97.03 -28.78
C LEU PC 36 -70.84 -97.52 -29.69
N SER PC 37 -70.70 -98.83 -29.79
CA SER PC 37 -69.65 -99.35 -30.66
C SER PC 37 -70.03 -100.71 -31.20
N GLN PC 38 -69.54 -100.97 -32.41
CA GLN PC 38 -69.42 -102.33 -32.90
C GLN PC 38 -68.49 -103.11 -31.98
N ALA PC 39 -68.75 -104.41 -31.87
CA ALA PC 39 -67.81 -105.26 -31.15
C ALA PC 39 -66.85 -105.86 -32.18
N GLY PC 40 -65.63 -105.33 -32.15
CA GLY PC 40 -64.56 -105.84 -32.98
C GLY PC 40 -63.49 -106.51 -32.14
N ALA PC 41 -62.29 -106.52 -32.69
CA ALA PC 41 -61.13 -106.95 -31.91
C ALA PC 41 -60.52 -105.78 -31.16
N VAL PC 42 -59.98 -104.82 -31.90
CA VAL PC 42 -59.28 -103.69 -31.30
C VAL PC 42 -60.24 -102.51 -31.20
N PRO PC 43 -60.52 -102.01 -29.99
CA PRO PC 43 -61.39 -100.84 -29.85
C PRO PC 43 -60.99 -99.67 -30.73
N ALA PC 44 -59.70 -99.38 -30.84
CA ALA PC 44 -59.23 -98.36 -31.78
C ALA PC 44 -59.75 -98.61 -33.18
N LEU PC 45 -59.84 -99.87 -33.60
CA LEU PC 45 -60.40 -100.18 -34.91
C LEU PC 45 -61.92 -100.16 -34.90
N GLU PC 46 -62.54 -100.42 -33.76
CA GLU PC 46 -63.97 -100.63 -33.71
C GLU PC 46 -64.72 -99.34 -34.03
N LYS PC 47 -65.83 -99.48 -34.73
CA LYS PC 47 -66.65 -98.34 -35.13
C LYS PC 47 -67.21 -97.71 -33.87
N ARG PC 48 -67.36 -96.39 -33.87
CA ARG PC 48 -67.89 -95.71 -32.71
C ARG PC 48 -69.09 -94.86 -33.09
N VAL PC 49 -70.05 -94.75 -32.17
CA VAL PC 49 -71.23 -93.92 -32.35
C VAL PC 49 -71.45 -93.18 -31.06
N THR PC 50 -71.61 -91.87 -31.15
CA THR PC 50 -71.75 -90.99 -30.00
C THR PC 50 -73.01 -90.16 -30.13
N VAL PC 51 -73.80 -90.12 -29.07
CA VAL PC 51 -74.97 -89.27 -29.01
C VAL PC 51 -74.93 -88.48 -27.72
N SER PC 52 -75.57 -87.32 -27.75
CA SER PC 52 -75.61 -86.48 -26.57
C SER PC 52 -76.84 -85.60 -26.63
N VAL PC 53 -77.32 -85.23 -25.45
CA VAL PC 53 -78.38 -84.24 -25.34
C VAL PC 53 -77.76 -83.03 -24.68
N SER PC 54 -78.56 -82.01 -24.43
CA SER PC 54 -78.10 -80.81 -23.77
C SER PC 54 -79.30 -80.11 -23.14
N GLN PC 55 -79.01 -79.18 -22.25
CA GLN PC 55 -80.10 -78.41 -21.66
C GLN PC 55 -79.69 -76.95 -21.61
N PRO PC 56 -80.64 -76.04 -21.81
CA PRO PC 56 -80.28 -74.63 -21.89
C PRO PC 56 -79.71 -74.12 -20.59
N SER PC 57 -78.72 -73.25 -20.70
CA SER PC 57 -78.06 -72.68 -19.54
C SER PC 57 -78.07 -71.17 -19.69
N ARG PC 58 -77.41 -70.49 -18.77
CA ARG PC 58 -77.18 -69.06 -18.92
C ARG PC 58 -76.36 -68.74 -20.16
N ASN PC 59 -75.59 -69.70 -20.67
CA ASN PC 59 -74.82 -69.52 -21.89
C ASN PC 59 -75.66 -69.67 -23.15
N ARG PC 60 -76.62 -70.59 -23.16
CA ARG PC 60 -77.44 -70.82 -24.33
C ARG PC 60 -78.83 -71.23 -23.88
N LYS PC 61 -79.83 -70.71 -24.58
CA LYS PC 61 -81.23 -70.97 -24.26
C LYS PC 61 -81.78 -72.11 -25.11
N ASN PC 62 -80.93 -72.72 -25.91
CA ASN PC 62 -81.39 -73.67 -26.91
C ASN PC 62 -80.89 -75.07 -26.56
N TYR PC 63 -81.66 -76.07 -26.97
CA TYR PC 63 -81.23 -77.44 -26.82
C TYR PC 63 -80.30 -77.83 -27.95
N LYS PC 64 -79.25 -78.58 -27.62
CA LYS PC 64 -78.35 -79.13 -28.61
C LYS PC 64 -78.40 -80.65 -28.53
N VAL PC 65 -78.52 -81.29 -29.68
CA VAL PC 65 -78.41 -82.73 -29.79
C VAL PC 65 -77.31 -83.01 -30.78
N GLN PC 66 -76.22 -83.61 -30.29
CA GLN PC 66 -75.04 -83.85 -31.09
C GLN PC 66 -74.86 -85.33 -31.30
N VAL PC 67 -74.60 -85.73 -32.54
CA VAL PC 67 -74.35 -87.10 -32.89
C VAL PC 67 -73.13 -87.15 -33.79
N LYS PC 68 -72.12 -87.91 -33.37
CA LYS PC 68 -70.90 -88.05 -34.14
C LYS PC 68 -70.64 -89.52 -34.40
N ILE PC 69 -70.09 -89.83 -35.57
CA ILE PC 69 -69.78 -91.20 -35.97
C ILE PC 69 -68.33 -91.24 -36.40
N GLN PC 70 -67.61 -92.26 -35.93
CA GLN PC 70 -66.19 -92.40 -36.19
C GLN PC 70 -65.95 -93.80 -36.72
N ASN PC 71 -65.51 -93.89 -37.98
CA ASN PC 71 -65.30 -95.16 -38.66
C ASN PC 71 -63.90 -95.17 -39.24
N PRO PC 72 -62.93 -95.70 -38.54
CA PRO PC 72 -61.56 -95.73 -39.05
C PRO PC 72 -61.43 -96.70 -40.21
N THR PC 73 -60.24 -96.71 -40.78
CA THR PC 73 -59.89 -97.62 -41.86
C THR PC 73 -58.70 -98.46 -41.42
N ALA PC 74 -58.94 -99.75 -41.24
CA ALA PC 74 -57.90 -100.67 -40.80
C ALA PC 74 -56.95 -100.95 -41.95
N CYS PC 75 -55.65 -100.90 -41.65
CA CYS PC 75 -54.64 -101.43 -42.56
C CYS PC 75 -54.24 -102.78 -41.99
N THR PC 76 -54.68 -103.85 -42.65
CA THR PC 76 -54.45 -105.20 -42.12
C THR PC 76 -52.97 -105.53 -42.12
N ALA PC 77 -52.34 -105.45 -43.29
CA ALA PC 77 -50.90 -105.70 -43.40
C ALA PC 77 -50.23 -104.36 -43.54
N ASN PC 78 -49.55 -103.94 -42.48
CA ASN PC 78 -48.68 -102.77 -42.52
C ASN PC 78 -47.24 -103.15 -42.75
N GLY PC 79 -46.97 -104.44 -42.98
CA GLY PC 79 -45.62 -104.94 -42.85
C GLY PC 79 -45.27 -105.24 -41.42
N SER PC 80 -46.22 -105.10 -40.51
CA SER PC 80 -46.03 -105.33 -39.09
C SER PC 80 -47.10 -106.31 -38.62
N CYS PC 81 -46.91 -106.86 -37.43
CA CYS PC 81 -47.78 -107.88 -36.90
C CYS PC 81 -49.15 -107.36 -36.50
N ASP PC 82 -49.31 -106.06 -36.37
CA ASP PC 82 -50.58 -105.53 -35.89
C ASP PC 82 -51.17 -104.55 -36.90
N PRO PC 83 -52.48 -104.56 -37.06
CA PRO PC 83 -53.10 -103.58 -37.96
C PRO PC 83 -52.99 -102.18 -37.39
N SER PC 84 -53.18 -101.19 -38.24
CA SER PC 84 -53.02 -99.80 -37.84
C SER PC 84 -54.09 -98.93 -38.49
N VAL PC 85 -54.46 -97.88 -37.77
CA VAL PC 85 -55.44 -96.92 -38.27
C VAL PC 85 -54.82 -96.20 -39.46
N THR PC 86 -55.58 -96.10 -40.54
CA THR PC 86 -55.08 -95.37 -41.70
C THR PC 86 -55.86 -94.08 -41.91
N ARG PC 87 -57.11 -94.19 -42.34
CA ARG PC 87 -57.98 -93.05 -42.54
C ARG PC 87 -59.09 -93.09 -41.49
N GLN PC 88 -59.51 -91.92 -41.07
CA GLN PC 88 -60.55 -91.84 -40.04
C GLN PC 88 -61.73 -91.07 -40.62
N ALA PC 89 -62.83 -91.77 -40.83
CA ALA PC 89 -64.04 -91.16 -41.38
C ALA PC 89 -64.78 -90.45 -40.25
N TYR PC 90 -65.08 -89.17 -40.46
CA TYR PC 90 -65.82 -88.40 -39.47
C TYR PC 90 -67.20 -88.05 -39.99
N ALA PC 91 -68.21 -88.51 -39.28
CA ALA PC 91 -69.59 -88.18 -39.59
C ALA PC 91 -70.17 -87.46 -38.38
N ASP PC 92 -70.56 -86.21 -38.56
CA ASP PC 92 -71.04 -85.38 -37.47
C ASP PC 92 -72.42 -84.82 -37.81
N VAL PC 93 -73.32 -84.88 -36.83
CA VAL PC 93 -74.68 -84.38 -36.97
C VAL PC 93 -75.03 -83.65 -35.69
N THR PC 94 -75.64 -82.48 -35.82
CA THR PC 94 -76.08 -81.69 -34.69
C THR PC 94 -77.53 -81.28 -34.86
N PHE PC 95 -78.12 -80.81 -33.77
CA PHE PC 95 -79.48 -80.33 -33.78
C PHE PC 95 -79.61 -79.16 -32.82
N SER PC 96 -80.42 -78.20 -33.22
CA SER PC 96 -80.72 -77.06 -32.37
C SER PC 96 -82.23 -76.95 -32.25
N PHE PC 97 -82.70 -76.57 -31.08
CA PHE PC 97 -84.12 -76.39 -30.85
C PHE PC 97 -84.33 -75.30 -29.82
N THR PC 98 -85.54 -74.77 -29.82
CA THR PC 98 -85.92 -73.73 -28.88
C THR PC 98 -86.78 -74.32 -27.80
N GLN PC 99 -86.67 -73.75 -26.60
CA GLN PC 99 -87.43 -74.24 -25.47
C GLN PC 99 -88.89 -74.43 -25.79
N TYR PC 100 -89.44 -73.67 -26.73
CA TYR PC 100 -90.82 -73.83 -27.12
C TYR PC 100 -90.99 -74.80 -28.28
N SER PC 101 -89.91 -75.43 -28.74
CA SER PC 101 -90.00 -76.36 -29.86
C SER PC 101 -91.03 -77.43 -29.55
N THR PC 102 -91.86 -77.76 -30.52
CA THR PC 102 -92.88 -78.78 -30.26
C THR PC 102 -92.37 -80.15 -30.67
N ASP PC 103 -93.21 -81.15 -30.45
CA ASP PC 103 -92.81 -82.51 -30.76
C ASP PC 103 -92.74 -82.76 -32.25
N GLU PC 104 -93.86 -82.52 -32.94
CA GLU PC 104 -93.92 -82.91 -34.35
C GLU PC 104 -92.89 -82.18 -35.18
N GLU PC 105 -92.67 -80.90 -34.88
CA GLU PC 105 -91.58 -80.17 -35.53
C GLU PC 105 -90.30 -80.97 -35.47
N ARG PC 106 -89.90 -81.37 -34.27
CA ARG PC 106 -88.72 -82.21 -34.14
C ARG PC 106 -88.87 -83.48 -34.93
N ALA PC 107 -89.95 -84.24 -34.67
CA ALA PC 107 -90.21 -85.43 -35.45
C ALA PC 107 -90.13 -85.16 -36.94
N PHE PC 108 -90.74 -84.05 -37.38
CA PHE PC 108 -90.64 -83.67 -38.79
C PHE PC 108 -89.19 -83.58 -39.23
N VAL PC 109 -88.33 -83.00 -38.39
CA VAL PC 109 -86.93 -82.89 -38.75
C VAL PC 109 -86.30 -84.26 -38.88
N ARG PC 110 -86.61 -85.16 -37.95
CA ARG PC 110 -85.91 -86.44 -37.92
C ARG PC 110 -86.09 -87.19 -39.23
N THR PC 111 -87.33 -87.43 -39.63
CA THR PC 111 -87.57 -88.20 -40.84
C THR PC 111 -86.92 -87.55 -42.06
N GLU PC 112 -87.25 -86.29 -42.34
CA GLU PC 112 -86.80 -85.66 -43.56
C GLU PC 112 -85.30 -85.77 -43.74
N LEU PC 113 -84.53 -85.61 -42.67
CA LEU PC 113 -83.09 -85.78 -42.80
C LEU PC 113 -82.77 -87.17 -43.33
N ALA PC 114 -83.40 -88.19 -42.76
CA ALA PC 114 -83.20 -89.54 -43.27
C ALA PC 114 -83.57 -89.64 -44.74
N ALA PC 115 -84.76 -89.17 -45.11
CA ALA PC 115 -85.18 -89.22 -46.50
C ALA PC 115 -84.13 -88.62 -47.41
N LEU PC 116 -83.59 -87.46 -47.06
CA LEU PC 116 -82.50 -86.89 -47.83
C LEU PC 116 -81.36 -87.88 -47.98
N LEU PC 117 -80.97 -88.53 -46.88
CA LEU PC 117 -79.88 -89.47 -46.96
C LEU PC 117 -80.18 -90.60 -47.93
N ALA PC 118 -81.45 -90.93 -48.12
CA ALA PC 118 -81.83 -91.88 -49.15
C ALA PC 118 -82.12 -91.21 -50.48
N SER PC 119 -82.16 -89.89 -50.51
CA SER PC 119 -82.46 -89.20 -51.76
C SER PC 119 -81.33 -89.42 -52.77
N PRO PC 120 -81.66 -89.52 -54.05
CA PRO PC 120 -80.62 -89.62 -55.07
C PRO PC 120 -79.72 -88.42 -55.14
N LEU PC 121 -80.13 -87.29 -54.57
CA LEU PC 121 -79.27 -86.13 -54.57
C LEU PC 121 -78.00 -86.39 -53.78
N LEU PC 122 -78.13 -86.69 -52.50
CA LEU PC 122 -76.97 -86.76 -51.63
C LEU PC 122 -76.01 -87.88 -52.01
N ILE PC 123 -76.51 -88.98 -52.57
CA ILE PC 123 -75.65 -90.11 -52.82
C ILE PC 123 -74.48 -89.71 -53.71
N ASP PC 124 -74.72 -89.01 -54.81
CA ASP PC 124 -73.64 -88.48 -55.60
C ASP PC 124 -72.82 -87.48 -54.83
N ALA PC 125 -73.47 -86.59 -54.09
CA ALA PC 125 -72.78 -85.70 -53.18
C ALA PC 125 -71.90 -86.43 -52.20
N ILE PC 126 -72.43 -87.45 -51.54
CA ILE PC 126 -71.66 -88.24 -50.58
C ILE PC 126 -70.72 -89.20 -51.29
N ASP PC 127 -71.28 -90.19 -51.99
CA ASP PC 127 -70.46 -91.26 -52.51
C ASP PC 127 -69.45 -90.76 -53.52
N GLN PC 128 -69.90 -90.06 -54.54
CA GLN PC 128 -69.03 -89.62 -55.60
C GLN PC 128 -68.49 -88.22 -55.41
N LEU PC 129 -68.79 -87.58 -54.28
CA LEU PC 129 -68.27 -86.25 -53.96
C LEU PC 129 -68.60 -85.27 -55.08
N ASN PC 130 -69.88 -85.04 -55.26
CA ASN PC 130 -70.24 -84.18 -56.37
C ASN PC 130 -71.13 -83.06 -55.90
N PRO PC 131 -70.92 -81.87 -56.42
CA PRO PC 131 -71.85 -80.78 -56.15
C PRO PC 131 -73.17 -81.00 -56.85
N ALA PC 132 -73.99 -79.96 -56.89
CA ALA PC 132 -75.43 -80.07 -57.14
C ALA PC 132 -75.76 -80.18 -58.63
N TYR PC 133 -74.75 -80.25 -59.49
CA TYR PC 133 -75.00 -80.28 -60.92
C TYR PC 133 -74.93 -81.70 -61.45
N ALA QC 2 -32.74 -127.52 11.03
CA ALA QC 2 -33.30 -128.41 10.02
C ALA QC 2 -34.58 -127.83 9.46
N LYS QC 3 -35.28 -128.63 8.68
CA LYS QC 3 -36.50 -128.22 8.00
C LYS QC 3 -37.58 -127.86 9.01
N LEU QC 4 -38.32 -126.80 8.70
CA LEU QC 4 -39.56 -126.51 9.42
C LEU QC 4 -40.46 -127.73 9.32
N GLU QC 5 -40.97 -128.17 10.46
CA GLU QC 5 -41.84 -129.33 10.49
C GLU QC 5 -42.94 -129.10 11.51
N THR QC 6 -43.85 -130.06 11.58
CA THR QC 6 -44.82 -130.09 12.66
C THR QC 6 -44.02 -130.34 13.93
N VAL QC 7 -44.19 -129.47 14.91
CA VAL QC 7 -43.46 -129.64 16.16
C VAL QC 7 -44.46 -129.99 17.25
N THR QC 8 -44.41 -131.23 17.70
CA THR QC 8 -45.25 -131.68 18.80
C THR QC 8 -44.54 -131.37 20.11
N LEU QC 9 -45.30 -130.98 21.11
CA LEU QC 9 -44.76 -130.70 22.42
C LEU QC 9 -45.61 -131.37 23.48
N GLY QC 10 -44.96 -132.20 24.30
CA GLY QC 10 -45.61 -132.80 25.44
C GLY QC 10 -45.18 -132.09 26.72
N ASN QC 11 -45.85 -132.45 27.80
CA ASN QC 11 -45.48 -131.96 29.13
C ASN QC 11 -45.51 -130.44 29.17
N ILE QC 12 -46.73 -129.90 29.09
CA ILE QC 12 -46.93 -128.47 28.96
C ILE QC 12 -47.87 -128.03 30.07
N GLY QC 13 -47.73 -126.79 30.50
CA GLY QC 13 -48.60 -126.23 31.51
C GLY QC 13 -48.29 -126.77 32.89
N LYS QC 14 -48.90 -126.14 33.88
CA LYS QC 14 -48.73 -126.56 35.27
C LYS QC 14 -49.01 -128.05 35.43
N ASP QC 15 -50.00 -128.55 34.69
CA ASP QC 15 -50.27 -129.98 34.71
C ASP QC 15 -49.12 -130.77 34.12
N GLY QC 16 -48.63 -130.38 32.96
CA GLY QC 16 -47.70 -131.22 32.24
C GLY QC 16 -48.37 -132.30 31.43
N LYS QC 17 -49.70 -132.35 31.46
CA LYS QC 17 -50.42 -133.23 30.56
C LYS QC 17 -50.82 -132.50 29.29
N GLN QC 18 -50.62 -131.19 29.25
CA GLN QC 18 -50.93 -130.39 28.08
C GLN QC 18 -49.96 -130.73 26.96
N THR QC 19 -50.49 -130.78 25.75
CA THR QC 19 -49.70 -131.01 24.56
C THR QC 19 -50.02 -129.96 23.51
N LEU QC 20 -49.06 -129.72 22.63
CA LEU QC 20 -49.24 -128.69 21.61
C LEU QC 20 -48.48 -129.09 20.35
N VAL QC 21 -49.08 -128.84 19.21
CA VAL QC 21 -48.43 -129.03 17.93
C VAL QC 21 -48.31 -127.67 17.25
N LEU QC 22 -47.29 -127.54 16.41
CA LEU QC 22 -47.01 -126.28 15.73
C LEU QC 22 -46.76 -126.56 14.25
N ASN QC 23 -47.56 -125.98 13.43
CA ASN QC 23 -47.26 -126.20 12.04
C ASN QC 23 -46.31 -125.14 11.52
N PRO QC 24 -45.46 -125.50 10.55
CA PRO QC 24 -44.64 -124.48 9.90
C PRO QC 24 -45.50 -123.47 9.18
N ARG QC 25 -45.24 -122.20 9.47
CA ARG QC 25 -45.99 -121.11 8.89
C ARG QC 25 -45.27 -120.48 7.70
N GLY QC 26 -44.12 -121.00 7.31
CA GLY QC 26 -43.28 -120.35 6.33
C GLY QC 26 -42.36 -119.35 7.00
N VAL QC 27 -41.64 -118.60 6.17
CA VAL QC 27 -40.64 -117.66 6.63
C VAL QC 27 -40.86 -116.33 5.96
N ASN QC 28 -40.95 -115.28 6.75
CA ASN QC 28 -40.96 -113.96 6.15
C ASN QC 28 -39.57 -113.62 5.66
N PRO QC 29 -39.35 -113.50 4.35
CA PRO QC 29 -38.00 -113.23 3.84
C PRO QC 29 -37.50 -111.85 4.17
N THR QC 30 -38.39 -110.86 4.31
CA THR QC 30 -37.95 -109.50 4.57
C THR QC 30 -37.08 -109.44 5.81
N ASN QC 31 -37.68 -109.63 6.97
CA ASN QC 31 -36.91 -109.72 8.21
C ASN QC 31 -36.13 -111.02 8.29
N GLY QC 32 -36.39 -111.97 7.41
CA GLY QC 32 -35.72 -113.26 7.49
C GLY QC 32 -36.06 -114.00 8.76
N VAL QC 33 -37.35 -114.18 9.04
CA VAL QC 33 -37.79 -114.79 10.29
C VAL QC 33 -38.80 -115.88 9.98
N ALA QC 34 -38.55 -117.06 10.54
CA ALA QC 34 -39.48 -118.17 10.43
C ALA QC 34 -40.67 -117.96 11.36
N SER QC 35 -41.74 -118.69 11.08
CA SER QC 35 -42.94 -118.60 11.89
C SER QC 35 -43.53 -120.00 12.07
N LEU QC 36 -44.05 -120.25 13.26
CA LEU QC 36 -44.69 -121.50 13.58
C LEU QC 36 -46.01 -121.20 14.27
N SER QC 37 -46.99 -122.09 14.12
CA SER QC 37 -48.26 -121.84 14.76
C SER QC 37 -48.96 -123.14 15.08
N GLN QC 38 -49.73 -123.10 16.17
CA GLN QC 38 -50.79 -124.05 16.38
C GLN QC 38 -51.81 -123.94 15.26
N ALA QC 39 -52.43 -125.06 14.91
CA ALA QC 39 -53.54 -125.01 13.97
C ALA QC 39 -54.84 -124.89 14.77
N GLY QC 40 -55.38 -123.68 14.73
CA GLY QC 40 -56.67 -123.40 15.34
C GLY QC 40 -57.72 -123.12 14.30
N ALA QC 41 -58.73 -122.36 14.72
CA ALA QC 41 -59.71 -121.85 13.77
C ALA QC 41 -59.24 -120.51 13.21
N VAL QC 42 -59.17 -119.50 14.06
CA VAL QC 42 -58.83 -118.16 13.61
C VAL QC 42 -57.34 -117.92 13.82
N PRO QC 43 -56.58 -117.63 12.76
CA PRO QC 43 -55.16 -117.34 12.92
C PRO QC 43 -54.87 -116.29 13.96
N ALA QC 44 -55.65 -115.21 14.01
CA ALA QC 44 -55.53 -114.22 15.06
C ALA QC 44 -55.57 -114.85 16.44
N LEU QC 45 -56.40 -115.88 16.63
CA LEU QC 45 -56.44 -116.59 17.90
C LEU QC 45 -55.31 -117.59 18.03
N GLU QC 46 -54.80 -118.10 16.93
CA GLU QC 46 -53.86 -119.21 16.98
C GLU QC 46 -52.54 -118.79 17.59
N LYS QC 47 -51.95 -119.69 18.36
CA LYS QC 47 -50.69 -119.42 19.04
C LYS QC 47 -49.62 -119.24 17.97
N ARG QC 48 -48.67 -118.36 18.25
CA ARG QC 48 -47.60 -118.12 17.28
C ARG QC 48 -46.24 -118.33 17.92
N VAL QC 49 -45.29 -118.82 17.14
CA VAL QC 49 -43.92 -119.01 17.58
C VAL QC 49 -43.02 -118.51 16.47
N THR QC 50 -42.07 -117.65 16.84
CA THR QC 50 -41.18 -117.02 15.87
C THR QC 50 -39.73 -117.26 16.28
N VAL QC 51 -38.92 -117.67 15.32
CA VAL QC 51 -37.49 -117.82 15.53
C VAL QC 51 -36.76 -117.11 14.42
N SER QC 52 -35.55 -116.68 14.72
CA SER QC 52 -34.75 -115.99 13.73
C SER QC 52 -33.27 -116.18 14.07
N VAL QC 53 -32.45 -116.14 13.04
CA VAL QC 53 -31.01 -116.11 13.21
C VAL QC 53 -30.56 -114.73 12.72
N SER QC 54 -29.25 -114.51 12.76
CA SER QC 54 -28.69 -113.25 12.28
C SER QC 54 -27.24 -113.49 11.92
N GLN QC 55 -26.67 -112.55 11.19
CA GLN QC 55 -25.27 -112.66 10.86
C GLN QC 55 -24.61 -111.30 11.05
N PRO QC 56 -23.36 -111.28 11.49
CA PRO QC 56 -22.71 -110.01 11.81
C PRO QC 56 -22.55 -109.15 10.57
N SER QC 57 -22.75 -107.85 10.75
CA SER QC 57 -22.64 -106.89 9.67
C SER QC 57 -21.68 -105.79 10.10
N ARG QC 58 -21.54 -104.78 9.27
CA ARG QC 58 -20.82 -103.58 9.65
C ARG QC 58 -21.46 -102.90 10.86
N ASN QC 59 -22.75 -103.12 11.10
CA ASN QC 59 -23.44 -102.57 12.25
C ASN QC 59 -23.16 -103.34 13.52
N ARG QC 60 -23.05 -104.66 13.46
CA ARG QC 60 -22.83 -105.47 14.64
C ARG QC 60 -21.98 -106.67 14.26
N LYS QC 61 -21.05 -107.02 15.13
CA LYS QC 61 -20.12 -108.12 14.90
C LYS QC 61 -20.60 -109.39 15.56
N ASN QC 62 -21.79 -109.34 16.16
CA ASN QC 62 -22.26 -110.43 17.00
C ASN QC 62 -23.45 -111.09 16.36
N TYR QC 63 -23.62 -112.38 16.63
CA TYR QC 63 -24.80 -113.10 16.19
C TYR QC 63 -25.95 -112.84 17.14
N LYS QC 64 -27.15 -112.68 16.59
CA LYS QC 64 -28.37 -112.55 17.35
C LYS QC 64 -29.29 -113.71 17.01
N VAL QC 65 -29.84 -114.34 18.02
CA VAL QC 65 -30.88 -115.35 17.84
C VAL QC 65 -32.07 -114.90 18.65
N GLN QC 66 -33.15 -114.57 17.97
CA GLN QC 66 -34.34 -114.01 18.59
C GLN QC 66 -35.48 -115.01 18.50
N VAL QC 67 -36.16 -115.22 19.61
CA VAL QC 67 -37.31 -116.11 19.68
C VAL QC 67 -38.41 -115.39 20.43
N LYS QC 68 -39.56 -115.24 19.80
CA LYS QC 68 -40.71 -114.59 20.41
C LYS QC 68 -41.90 -115.52 20.35
N ILE QC 69 -42.73 -115.47 21.39
CA ILE QC 69 -43.91 -116.30 21.50
C ILE QC 69 -45.10 -115.40 21.77
N GLN QC 70 -46.19 -115.63 21.05
CA GLN QC 70 -47.38 -114.81 21.15
C GLN QC 70 -48.57 -115.72 21.39
N ASN QC 71 -49.21 -115.59 22.55
CA ASN QC 71 -50.31 -116.45 22.97
C ASN QC 71 -51.46 -115.56 23.41
N PRO QC 72 -52.39 -115.25 22.52
CA PRO QC 72 -53.51 -114.39 22.89
C PRO QC 72 -54.47 -115.11 23.83
N THR QC 73 -55.46 -114.37 24.28
CA THR QC 73 -56.52 -114.89 25.13
C THR QC 73 -57.84 -114.69 24.43
N ALA QC 74 -58.47 -115.78 24.04
CA ALA QC 74 -59.74 -115.72 23.34
C ALA QC 74 -60.86 -115.39 24.31
N CYS QC 75 -61.72 -114.46 23.91
CA CYS QC 75 -62.99 -114.24 24.61
C CYS QC 75 -64.04 -114.94 23.75
N THR QC 76 -64.54 -116.07 24.24
CA THR QC 76 -65.48 -116.87 23.46
C THR QC 76 -66.79 -116.12 23.25
N ALA QC 77 -67.43 -115.74 24.36
CA ALA QC 77 -68.66 -114.97 24.28
C ALA QC 77 -68.32 -113.53 24.61
N ASN QC 78 -68.34 -112.69 23.58
CA ASN QC 78 -68.22 -111.25 23.76
C ASN QC 78 -69.60 -110.57 23.78
N GLY QC 79 -70.67 -111.36 23.75
CA GLY QC 79 -71.96 -110.82 23.39
C GLY QC 79 -72.15 -110.70 21.90
N SER QC 80 -71.16 -111.17 21.12
CA SER QC 80 -71.19 -111.10 19.68
C SER QC 80 -70.93 -112.49 19.14
N CYS QC 81 -71.20 -112.69 17.85
CA CYS QC 81 -71.12 -113.99 17.23
C CYS QC 81 -69.70 -114.49 17.06
N ASP QC 82 -68.70 -113.62 17.19
CA ASP QC 82 -67.34 -114.04 16.94
C ASP QC 82 -66.47 -113.79 18.16
N PRO QC 83 -65.53 -114.69 18.45
CA PRO QC 83 -64.61 -114.45 19.56
C PRO QC 83 -63.68 -113.29 19.26
N SER QC 84 -63.07 -112.76 20.30
CA SER QC 84 -62.21 -111.59 20.15
C SER QC 84 -60.99 -111.72 21.04
N VAL QC 85 -59.88 -111.14 20.57
CA VAL QC 85 -58.65 -111.12 21.33
C VAL QC 85 -58.86 -110.26 22.57
N THR QC 86 -58.45 -110.78 23.72
CA THR QC 86 -58.57 -110.00 24.94
C THR QC 86 -57.20 -109.58 25.46
N ARG QC 87 -56.44 -110.53 25.99
CA ARG QC 87 -55.10 -110.29 26.46
C ARG QC 87 -54.11 -110.97 25.54
N GLN QC 88 -52.95 -110.36 25.38
CA GLN QC 88 -51.94 -110.91 24.49
C GLN QC 88 -50.68 -111.18 25.31
N ALA QC 89 -50.36 -112.46 25.50
CA ALA QC 89 -49.18 -112.85 26.26
C ALA QC 89 -47.95 -112.73 25.36
N TYR QC 90 -46.94 -112.00 25.82
CA TYR QC 90 -45.71 -111.85 25.07
C TYR QC 90 -44.56 -112.56 25.78
N ALA QC 91 -43.98 -113.52 25.08
CA ALA QC 91 -42.80 -114.23 25.59
C ALA QC 91 -41.69 -114.00 24.59
N ASP QC 92 -40.62 -113.35 25.04
CA ASP QC 92 -39.51 -112.97 24.17
C ASP QC 92 -38.21 -113.50 24.73
N VAL QC 93 -37.39 -114.08 23.85
CA VAL QC 93 -36.08 -114.62 24.21
C VAL QC 93 -35.11 -114.22 23.13
N THR QC 94 -33.93 -113.78 23.54
CA THR QC 94 -32.88 -113.39 22.61
C THR QC 94 -31.57 -114.08 22.99
N PHE QC 95 -30.63 -114.04 22.06
CA PHE QC 95 -29.31 -114.60 22.30
C PHE QC 95 -28.27 -113.75 21.59
N SER QC 96 -27.13 -113.60 22.23
CA SER QC 96 -26.01 -112.91 21.65
C SER QC 96 -24.80 -113.82 21.69
N PHE QC 97 -23.98 -113.76 20.65
CA PHE QC 97 -22.78 -114.57 20.59
C PHE QC 97 -21.71 -113.82 19.81
N THR QC 98 -20.48 -114.23 20.02
CA THR QC 98 -19.35 -113.65 19.35
C THR QC 98 -18.88 -114.58 18.24
N GLN QC 99 -18.36 -113.99 17.18
CA GLN QC 99 -17.90 -114.77 16.05
C GLN QC 99 -17.00 -115.92 16.46
N TYR QC 100 -16.29 -115.79 17.58
CA TYR QC 100 -15.46 -116.88 18.06
C TYR QC 100 -16.18 -117.78 19.03
N SER QC 101 -17.47 -117.56 19.26
CA SER QC 101 -18.22 -118.40 20.19
C SER QC 101 -18.11 -119.86 19.77
N THR QC 102 -17.89 -120.74 20.75
CA THR QC 102 -17.74 -122.14 20.40
C THR QC 102 -19.09 -122.84 20.50
N ASP QC 103 -19.07 -124.14 20.17
CA ASP QC 103 -20.31 -124.89 20.17
C ASP QC 103 -20.80 -125.16 21.59
N GLU QC 104 -19.97 -125.78 22.42
CA GLU QC 104 -20.45 -126.22 23.72
C GLU QC 104 -20.90 -125.05 24.57
N GLU QC 105 -20.17 -123.94 24.50
CA GLU QC 105 -20.63 -122.72 25.16
C GLU QC 105 -22.09 -122.44 24.84
N ARG QC 106 -22.40 -122.38 23.55
CA ARG QC 106 -23.78 -122.19 23.16
C ARG QC 106 -24.65 -123.30 23.71
N ALA QC 107 -24.29 -124.56 23.42
CA ALA QC 107 -25.02 -125.68 23.98
C ALA QC 107 -25.19 -125.54 25.48
N PHE QC 108 -24.12 -125.16 26.18
CA PHE QC 108 -24.22 -124.92 27.61
C PHE QC 108 -25.31 -123.91 27.93
N VAL QC 109 -25.41 -122.85 27.13
CA VAL QC 109 -26.44 -121.86 27.38
C VAL QC 109 -27.82 -122.47 27.19
N ARG QC 110 -28.00 -123.26 26.13
CA ARG QC 110 -29.33 -123.74 25.81
C ARG QC 110 -29.93 -124.51 26.97
N THR QC 111 -29.25 -125.56 27.43
CA THR QC 111 -29.81 -126.37 28.49
C THR QC 111 -30.10 -125.56 29.74
N GLU QC 112 -29.10 -124.87 30.28
CA GLU QC 112 -29.26 -124.19 31.55
C GLU QC 112 -30.47 -123.28 31.56
N LEU QC 113 -30.74 -122.56 30.48
CA LEU QC 113 -31.93 -121.74 30.43
C LEU QC 113 -33.17 -122.59 30.66
N ALA QC 114 -33.25 -123.73 29.98
CA ALA QC 114 -34.36 -124.63 30.20
C ALA QC 114 -34.44 -125.06 31.65
N ALA QC 115 -33.33 -125.54 32.22
CA ALA QC 115 -33.34 -125.96 33.60
C ALA QC 115 -33.90 -124.88 34.52
N LEU QC 116 -33.47 -123.64 34.33
CA LEU QC 116 -34.06 -122.56 35.09
C LEU QC 116 -35.57 -122.53 34.94
N LEU QC 117 -36.07 -122.67 33.71
CA LEU QC 117 -37.50 -122.63 33.51
C LEU QC 117 -38.19 -123.75 34.28
N ALA QC 118 -37.50 -124.85 34.52
CA ALA QC 118 -38.04 -125.89 35.38
C ALA QC 118 -37.65 -125.69 36.83
N SER QC 119 -36.77 -124.74 37.13
CA SER QC 119 -36.35 -124.53 38.50
C SER QC 119 -37.52 -124.01 39.34
N PRO QC 120 -37.59 -124.41 40.61
CA PRO QC 120 -38.62 -123.88 41.49
C PRO QC 120 -38.52 -122.39 41.69
N LEU QC 121 -37.37 -121.79 41.39
CA LEU QC 121 -37.26 -120.35 41.52
C LEU QC 121 -38.21 -119.62 40.59
N LEU QC 122 -38.06 -119.84 39.29
CA LEU QC 122 -38.80 -119.05 38.31
C LEU QC 122 -40.29 -119.26 38.39
N ILE QC 123 -40.74 -120.45 38.77
CA ILE QC 123 -42.17 -120.73 38.73
C ILE QC 123 -42.95 -119.72 39.56
N ASP QC 124 -42.52 -119.45 40.79
CA ASP QC 124 -43.13 -118.39 41.57
C ASP QC 124 -42.94 -117.04 40.92
N ALA QC 125 -41.73 -116.77 40.42
CA ALA QC 125 -41.49 -115.57 39.65
C ALA QC 125 -42.43 -115.45 38.46
N ILE QC 126 -42.57 -116.50 37.67
CA ILE QC 126 -43.46 -116.50 36.52
C ILE QC 126 -44.91 -116.65 36.94
N ASP QC 127 -45.27 -117.79 37.48
CA ASP QC 127 -46.68 -118.09 37.72
C ASP QC 127 -47.29 -117.12 38.71
N GLN QC 128 -46.70 -116.99 39.89
CA GLN QC 128 -47.26 -116.15 40.93
C GLN QC 128 -46.72 -114.74 40.94
N LEU QC 129 -45.87 -114.38 39.98
CA LEU QC 129 -45.32 -113.03 39.86
C LEU QC 129 -44.67 -112.61 41.18
N ASN QC 130 -43.61 -113.32 41.53
CA ASN QC 130 -43.01 -113.00 42.80
C ASN QC 130 -41.53 -112.73 42.64
N PRO QC 131 -41.02 -111.76 43.35
CA PRO QC 131 -39.57 -111.55 43.36
C PRO QC 131 -38.88 -112.65 44.15
N ALA QC 132 -37.60 -112.43 44.45
CA ALA QC 132 -36.68 -113.49 44.82
C ALA QC 132 -36.79 -113.91 46.27
N TYR QC 133 -37.75 -113.35 47.01
CA TYR QC 133 -37.86 -113.66 48.42
C TYR QC 133 -38.93 -114.69 48.67
N ALA RC 2 73.89 109.28 13.76
CA ALA RC 2 74.90 109.22 14.80
C ALA RC 2 74.44 108.37 15.95
N LYS RC 3 75.17 108.42 17.05
CA LYS RC 3 74.90 107.61 18.23
C LYS RC 3 73.57 108.00 18.85
N LEU RC 4 72.85 106.99 19.30
CA LEU RC 4 71.70 107.20 20.15
C LEU RC 4 72.13 108.01 21.37
N GLU RC 5 71.42 109.09 21.65
CA GLU RC 5 71.76 109.93 22.78
C GLU RC 5 70.48 110.42 23.45
N THR RC 6 70.66 111.14 24.54
CA THR RC 6 69.54 111.85 25.14
C THR RC 6 69.15 112.92 24.14
N VAL RC 7 67.87 112.94 23.78
CA VAL RC 7 67.41 113.92 22.81
C VAL RC 7 66.47 114.88 23.53
N THR RC 8 66.93 116.11 23.74
CA THR RC 8 66.12 117.15 24.33
C THR RC 8 65.31 117.83 23.24
N LEU RC 9 64.08 118.17 23.55
CA LEU RC 9 63.22 118.87 22.61
C LEU RC 9 62.56 120.04 23.29
N GLY RC 10 62.75 121.23 22.72
CA GLY RC 10 62.09 122.43 23.17
C GLY RC 10 60.95 122.77 22.23
N ASN RC 11 60.16 123.75 22.65
CA ASN RC 11 59.09 124.29 21.82
C ASN RC 11 58.12 123.19 21.40
N ILE RC 12 57.37 122.70 22.37
CA ILE RC 12 56.50 121.55 22.18
C ILE RC 12 55.10 121.94 22.60
N GLY RC 13 54.10 121.31 22.00
CA GLY RC 13 52.72 121.54 22.36
C GLY RC 13 52.24 122.89 21.87
N LYS RC 14 50.92 123.06 21.98
CA LYS RC 14 50.30 124.32 21.56
C LYS RC 14 50.97 125.51 22.22
N ASP RC 15 51.39 125.36 23.47
CA ASP RC 15 52.14 126.41 24.14
C ASP RC 15 53.49 126.65 23.45
N GLY RC 16 54.24 125.59 23.21
CA GLY RC 16 55.61 125.76 22.79
C GLY RC 16 56.56 125.98 23.94
N LYS RC 17 56.05 126.00 25.17
CA LYS RC 17 56.92 126.03 26.34
C LYS RC 17 57.19 124.61 26.83
N GLN RC 18 56.49 123.62 26.27
CA GLN RC 18 56.70 122.24 26.65
C GLN RC 18 58.06 121.77 26.16
N THR RC 19 58.70 120.97 26.99
CA THR RC 19 59.99 120.36 26.66
C THR RC 19 59.94 118.87 26.93
N LEU RC 20 60.77 118.13 26.22
CA LEU RC 20 60.79 116.68 26.36
C LEU RC 20 62.20 116.16 26.12
N VAL RC 21 62.59 115.17 26.91
CA VAL RC 21 63.85 114.48 26.73
C VAL RC 21 63.54 113.03 26.39
N LEU RC 22 64.44 112.41 25.65
CA LEU RC 22 64.25 111.02 25.21
C LEU RC 22 65.53 110.25 25.47
N ASN RC 23 65.43 109.24 26.25
CA ASN RC 23 66.65 108.47 26.42
C ASN RC 23 66.74 107.37 25.38
N PRO RC 24 67.94 107.02 24.97
CA PRO RC 24 68.11 105.87 24.10
C PRO RC 24 67.64 104.60 24.79
N ARG RC 25 66.77 103.87 24.11
CA ARG RC 25 66.22 102.63 24.64
C ARG RC 25 66.94 101.40 24.12
N GLY RC 26 67.98 101.57 23.31
CA GLY RC 26 68.58 100.46 22.62
C GLY RC 26 67.89 100.19 21.30
N VAL RC 27 68.29 99.10 20.65
CA VAL RC 27 67.80 98.76 19.34
C VAL RC 27 67.36 97.30 19.33
N ASN RC 28 66.14 97.06 18.90
CA ASN RC 28 65.76 95.68 18.68
C ASN RC 28 66.44 95.15 17.44
N PRO RC 29 67.34 94.19 17.57
CA PRO RC 29 68.07 93.69 16.39
C PRO RC 29 67.20 92.91 15.44
N THR RC 30 66.16 92.25 15.94
CA THR RC 30 65.32 91.44 15.07
C THR RC 30 64.78 92.25 13.91
N ASN RC 31 63.85 93.14 14.19
CA ASN RC 31 63.36 94.07 13.18
C ASN RC 31 64.41 95.12 12.82
N GLY RC 32 65.49 95.23 13.58
CA GLY RC 32 66.48 96.24 13.32
C GLY RC 32 65.91 97.64 13.50
N VAL RC 33 65.33 97.92 14.66
CA VAL RC 33 64.66 99.18 14.90
C VAL RC 33 65.14 99.76 16.22
N ALA RC 34 65.57 101.01 16.18
CA ALA RC 34 65.94 101.73 17.39
C ALA RC 34 64.71 102.15 18.17
N SER RC 35 64.92 102.47 19.44
CA SER RC 35 63.84 102.91 20.30
C SER RC 35 64.33 104.03 21.20
N LEU RC 36 63.46 105.01 21.42
CA LEU RC 36 63.74 106.12 22.30
C LEU RC 36 62.56 106.32 23.22
N SER RC 37 62.82 106.83 24.42
CA SER RC 37 61.72 107.04 25.33
C SER RC 37 62.01 108.20 26.27
N GLN RC 38 60.94 108.87 26.66
CA GLN RC 38 60.95 109.69 27.86
C GLN RC 38 61.25 108.81 29.06
N ALA RC 39 61.92 109.38 30.05
CA ALA RC 39 62.10 108.68 31.32
C ALA RC 39 60.96 109.08 32.25
N GLY RC 40 60.04 108.14 32.42
CA GLY RC 40 58.95 108.30 33.34
C GLY RC 40 59.07 107.35 34.51
N ALA RC 41 57.93 107.04 35.10
CA ALA RC 41 57.87 105.99 36.10
C ALA RC 41 57.64 104.63 35.45
N VAL RC 42 56.46 104.47 34.86
CA VAL RC 42 56.09 103.18 34.28
C VAL RC 42 56.39 103.20 32.78
N PRO RC 43 57.25 102.30 32.29
CA PRO RC 43 57.52 102.25 30.85
C PRO RC 43 56.28 102.17 30.00
N ALA RC 44 55.28 101.38 30.40
CA ALA RC 44 54.01 101.37 29.71
C ALA RC 44 53.43 102.77 29.55
N LEU RC 45 53.59 103.61 30.56
CA LEU RC 45 53.13 104.98 30.47
C LEU RC 45 54.09 105.87 29.68
N GLU RC 46 55.36 105.52 29.65
CA GLU RC 46 56.38 106.41 29.11
C GLU RC 46 56.22 106.55 27.61
N LYS RC 47 56.48 107.75 27.11
CA LYS RC 47 56.34 108.06 25.69
C LYS RC 47 57.39 107.24 24.95
N ARG RC 48 57.05 106.81 23.74
CA ARG RC 48 57.98 106.02 22.96
C ARG RC 48 58.21 106.65 21.60
N VAL RC 49 59.42 106.52 21.09
CA VAL RC 49 59.78 107.01 19.77
C VAL RC 49 60.60 105.92 19.08
N THR RC 50 60.21 105.56 17.87
CA THR RC 50 60.83 104.48 17.14
C THR RC 50 61.27 104.97 15.77
N VAL RC 51 62.50 104.66 15.40
CA VAL RC 51 63.01 104.97 14.07
C VAL RC 51 63.64 103.72 13.50
N SER RC 52 63.65 103.65 12.18
CA SER RC 52 64.23 102.50 11.51
C SER RC 52 64.69 102.92 10.13
N VAL RC 53 65.71 102.22 9.64
CA VAL RC 53 66.14 102.36 8.27
C VAL RC 53 65.82 101.04 7.58
N SER RC 54 66.17 100.94 6.31
CA SER RC 54 65.96 99.71 5.57
C SER RC 54 66.93 99.70 4.40
N GLN RC 55 67.08 98.53 3.80
CA GLN RC 55 67.93 98.44 2.63
C GLN RC 55 67.25 97.58 1.58
N PRO RC 56 67.41 97.91 0.31
CA PRO RC 56 66.67 97.20 -0.74
C PRO RC 56 67.07 95.74 -0.80
N SER RC 57 66.08 94.90 -1.04
CA SER RC 57 66.29 93.46 -1.13
C SER RC 57 65.71 92.98 -2.45
N ARG RC 58 65.72 91.67 -2.65
CA ARG RC 58 65.01 91.07 -3.75
C ARG RC 58 63.52 91.35 -3.69
N ASN RC 59 62.98 91.62 -2.51
CA ASN RC 59 61.58 91.98 -2.36
C ASN RC 59 61.28 93.42 -2.73
N ARG RC 60 62.16 94.35 -2.42
CA ARG RC 60 61.93 95.75 -2.72
C ARG RC 60 63.27 96.41 -3.04
N LYS RC 61 63.24 97.29 -4.04
CA LYS RC 61 64.44 97.97 -4.51
C LYS RC 61 64.55 99.35 -3.87
N ASN RC 62 63.64 99.67 -2.97
CA ASN RC 62 63.54 101.02 -2.44
C ASN RC 62 63.92 101.03 -0.98
N TYR RC 63 64.45 102.17 -0.52
CA TYR RC 63 64.72 102.36 0.88
C TYR RC 63 63.46 102.77 1.61
N LYS RC 64 63.27 102.23 2.81
CA LYS RC 64 62.18 102.62 3.68
C LYS RC 64 62.75 103.20 4.96
N VAL RC 65 62.22 104.34 5.38
CA VAL RC 65 62.55 104.93 6.66
C VAL RC 65 61.23 105.10 7.40
N GLN RC 66 61.09 104.36 8.49
CA GLN RC 66 59.85 104.32 9.25
C GLN RC 66 60.06 104.96 10.61
N VAL RC 67 59.15 105.84 10.99
CA VAL RC 67 59.19 106.49 12.28
C VAL RC 67 57.80 106.44 12.88
N LYS RC 68 57.69 105.85 14.07
CA LYS RC 68 56.42 105.75 14.77
C LYS RC 68 56.55 106.36 16.14
N ILE RC 69 55.48 106.99 16.60
CA ILE RC 69 55.44 107.63 17.92
C ILE RC 69 54.24 107.11 18.67
N GLN RC 70 54.44 106.77 19.92
CA GLN RC 70 53.40 106.18 20.75
C GLN RC 70 53.32 106.98 22.05
N ASN RC 71 52.19 107.63 22.27
CA ASN RC 71 51.98 108.51 23.42
C ASN RC 71 50.69 108.11 24.11
N PRO RC 72 50.74 107.26 25.10
CA PRO RC 72 49.52 106.83 25.77
C PRO RC 72 48.93 107.96 26.61
N THR RC 73 47.78 107.68 27.19
CA THR RC 73 47.10 108.60 28.08
C THR RC 73 46.92 107.93 29.42
N ALA RC 74 47.61 108.45 30.42
CA ALA RC 74 47.55 107.90 31.77
C ALA RC 74 46.23 108.27 32.42
N CYS RC 75 45.60 107.28 33.06
CA CYS RC 75 44.49 107.54 33.97
C CYS RC 75 45.08 107.45 35.36
N THR RC 76 45.24 108.59 36.02
CA THR RC 76 45.89 108.62 37.32
C THR RC 76 45.05 107.89 38.36
N ALA RC 77 43.82 108.33 38.54
CA ALA RC 77 42.91 107.66 39.48
C ALA RC 77 41.95 106.83 38.65
N ASN RC 78 42.13 105.52 38.70
CA ASN RC 78 41.18 104.57 38.14
C ASN RC 78 40.22 104.04 39.19
N GLY RC 79 40.30 104.57 40.41
CA GLY RC 79 39.70 103.88 41.54
C GLY RC 79 40.58 102.79 42.07
N SER RC 80 41.78 102.64 41.52
CA SER RC 80 42.72 101.61 41.92
C SER RC 80 44.05 102.30 42.24
N CYS RC 81 44.95 101.56 42.89
CA CYS RC 81 46.20 102.11 43.36
C CYS RC 81 47.19 102.41 42.24
N ASP RC 82 46.96 101.90 41.04
CA ASP RC 82 47.92 102.09 39.98
C ASP RC 82 47.28 102.75 38.78
N PRO RC 83 47.99 103.64 38.10
CA PRO RC 83 47.45 104.25 36.89
C PRO RC 83 47.32 103.21 35.79
N SER RC 84 46.53 103.55 34.78
CA SER RC 84 46.26 102.62 33.69
C SER RC 84 46.20 103.35 32.37
N VAL RC 85 46.62 102.64 31.32
CA VAL RC 85 46.57 103.18 29.97
C VAL RC 85 45.11 103.37 29.58
N THR RC 86 44.80 104.55 29.04
CA THR RC 86 43.43 104.79 28.58
C THR RC 86 43.37 104.88 27.07
N ARG RC 87 43.89 105.96 26.51
CA ARG RC 87 43.93 106.15 25.07
C ARG RC 87 45.38 106.07 24.62
N GLN RC 88 45.58 105.55 23.41
CA GLN RC 88 46.93 105.39 22.90
C GLN RC 88 47.02 106.19 21.59
N ALA RC 89 47.81 107.25 21.62
CA ALA RC 89 47.99 108.10 20.44
C ALA RC 89 49.01 107.46 19.53
N TYR RC 90 48.65 107.27 18.27
CA TYR RC 90 49.56 106.69 17.30
C TYR RC 90 49.96 107.72 16.25
N ALA RC 91 51.26 108.00 16.19
CA ALA RC 91 51.81 108.89 15.17
C ALA RC 91 52.79 108.09 14.35
N ASP RC 92 52.51 107.94 13.07
CA ASP RC 92 53.32 107.13 12.18
C ASP RC 92 53.77 107.94 10.98
N VAL RC 93 55.06 107.79 10.64
CA VAL RC 93 55.66 108.49 9.51
C VAL RC 93 56.55 107.50 8.78
N THR RC 94 56.46 107.49 7.46
CA THR RC 94 57.27 106.62 6.63
C THR RC 94 57.95 107.43 5.53
N PHE RC 95 58.95 106.81 4.91
CA PHE RC 95 59.64 107.42 3.80
C PHE RC 95 60.03 106.35 2.80
N SER RC 96 59.95 106.72 1.52
CA SER RC 96 60.37 105.84 0.45
C SER RC 96 61.37 106.60 -0.40
N PHE RC 97 62.38 105.88 -0.89
CA PHE RC 97 63.38 106.48 -1.75
C PHE RC 97 63.89 105.44 -2.72
N THR RC 98 64.48 105.92 -3.79
CA THR RC 98 65.04 105.08 -4.83
C THR RC 98 66.55 105.04 -4.68
N GLN RC 99 67.13 103.92 -5.04
CA GLN RC 99 68.57 103.74 -4.93
C GLN RC 99 69.33 104.90 -5.53
N TYR RC 100 68.77 105.58 -6.53
CA TYR RC 100 69.43 106.73 -7.11
C TYR RC 100 69.02 108.04 -6.44
N SER RC 101 68.22 107.99 -5.37
CA SER RC 101 67.79 109.20 -4.71
C SER RC 101 69.00 110.00 -4.27
N THR RC 102 68.97 111.32 -4.48
CA THR RC 102 70.12 112.12 -4.11
C THR RC 102 69.94 112.66 -2.70
N ASP RC 103 70.95 113.39 -2.25
CA ASP RC 103 70.92 113.92 -0.89
C ASP RC 103 69.91 115.04 -0.75
N GLU RC 104 70.05 116.09 -1.55
CA GLU RC 104 69.24 117.28 -1.35
C GLU RC 104 67.76 116.97 -1.51
N GLU RC 105 67.42 116.11 -2.48
CA GLU RC 105 66.04 115.66 -2.60
C GLU RC 105 65.52 115.18 -1.25
N ARG RC 106 66.25 114.26 -0.63
CA ARG RC 106 65.85 113.81 0.70
C ARG RC 106 65.81 114.97 1.67
N ALA RC 107 66.90 115.71 1.78
CA ALA RC 107 66.91 116.90 2.63
C ALA RC 107 65.73 117.80 2.33
N PHE RC 108 65.44 118.02 1.05
CA PHE RC 108 64.28 118.80 0.68
C PHE RC 108 63.02 118.23 1.30
N VAL RC 109 62.87 116.91 1.30
CA VAL RC 109 61.69 116.30 1.90
C VAL RC 109 61.65 116.58 3.38
N ARG RC 110 62.79 116.45 4.06
CA ARG RC 110 62.77 116.53 5.51
C ARG RC 110 62.21 117.87 5.97
N THR RC 111 62.79 118.97 5.54
CA THR RC 111 62.34 120.28 5.99
C THR RC 111 60.87 120.50 5.69
N GLU RC 112 60.48 120.39 4.42
CA GLU RC 112 59.12 120.73 4.03
C GLU RC 112 58.08 120.04 4.87
N LEU RC 113 58.29 118.76 5.20
CA LEU RC 113 57.35 118.08 6.07
C LEU RC 113 57.22 118.82 7.38
N ALA RC 114 58.34 119.20 7.98
CA ALA RC 114 58.29 119.98 9.20
C ALA RC 114 57.53 121.27 9.01
N ALA RC 115 57.87 122.04 7.98
CA ALA RC 115 57.17 123.29 7.71
C ALA RC 115 55.66 123.09 7.68
N LEU RC 116 55.20 122.05 6.97
CA LEU RC 116 53.79 121.74 7.00
C LEU RC 116 53.28 121.57 8.40
N LEU RC 117 54.02 120.83 9.23
CA LEU RC 117 53.56 120.62 10.60
C LEU RC 117 53.43 121.93 11.35
N ALA RC 118 54.21 122.94 10.97
CA ALA RC 118 54.04 124.27 11.53
C ALA RC 118 53.07 125.12 10.72
N SER RC 119 52.64 124.64 9.56
CA SER RC 119 51.73 125.42 8.74
C SER RC 119 50.39 125.56 9.43
N PRO RC 120 49.72 126.71 9.27
CA PRO RC 120 48.38 126.87 9.83
C PRO RC 120 47.38 125.91 9.24
N LEU RC 121 47.68 125.29 8.10
CA LEU RC 121 46.75 124.33 7.53
C LEU RC 121 46.58 123.13 8.46
N LEU RC 122 47.66 122.42 8.73
CA LEU RC 122 47.56 121.16 9.44
C LEU RC 122 47.05 121.31 10.85
N ILE RC 123 47.33 122.44 11.51
CA ILE RC 123 46.97 122.56 12.91
C ILE RC 123 45.47 122.35 13.11
N ASP RC 124 44.63 122.99 12.30
CA ASP RC 124 43.21 122.71 12.35
C ASP RC 124 42.91 121.28 11.96
N ALA RC 125 43.56 120.79 10.91
CA ALA RC 125 43.46 119.39 10.55
C ALA RC 125 43.85 118.47 11.69
N ILE RC 126 44.97 118.71 12.34
CA ILE RC 126 45.40 117.90 13.47
C ILE RC 126 44.63 118.24 14.72
N ASP RC 127 44.81 119.45 15.25
CA ASP RC 127 44.27 119.77 16.55
C ASP RC 127 42.75 119.70 16.57
N GLN RC 128 42.10 120.41 15.67
CA GLN RC 128 40.65 120.48 15.66
C GLN RC 128 40.00 119.47 14.74
N LEU RC 129 40.78 118.59 14.12
CA LEU RC 129 40.25 117.53 13.27
C LEU RC 129 39.35 118.12 12.18
N ASN RC 130 39.96 118.92 11.32
CA ASN RC 130 39.14 119.56 10.33
C ASN RC 130 39.67 119.30 8.94
N PRO RC 131 38.79 119.07 7.99
CA PRO RC 131 39.23 118.99 6.60
C PRO RC 131 39.63 120.35 6.07
N ALA RC 132 39.79 120.44 4.75
CA ALA RC 132 40.55 121.49 4.11
C ALA RC 132 39.75 122.78 3.94
N TYR RC 133 38.54 122.82 4.46
CA TYR RC 133 37.71 124.00 4.26
C TYR RC 133 37.74 124.90 5.48
N ALA SC 2 74.01 101.33 26.54
CA ALA SC 2 74.79 102.03 25.53
C ALA SC 2 75.46 101.04 24.60
N LYS SC 3 76.37 101.55 23.78
CA LYS SC 3 77.06 100.75 22.78
C LYS SC 3 77.93 99.69 23.44
N LEU SC 4 77.94 98.51 22.84
CA LEU SC 4 78.93 97.50 23.20
C LEU SC 4 80.31 98.09 23.03
N GLU SC 5 81.13 97.95 24.04
CA GLU SC 5 82.49 98.49 23.99
C GLU SC 5 83.44 97.52 24.68
N THR SC 6 84.71 97.87 24.63
CA THR SC 6 85.70 97.17 25.45
C THR SC 6 85.35 97.49 26.88
N VAL SC 7 85.18 96.45 27.70
CA VAL SC 7 84.84 96.67 29.09
C VAL SC 7 86.03 96.23 29.94
N THR SC 8 86.72 97.19 30.52
CA THR SC 8 87.82 96.91 31.43
C THR SC 8 87.26 96.70 32.82
N LEU SC 9 87.84 95.77 33.56
CA LEU SC 9 87.42 95.50 34.92
C LEU SC 9 88.64 95.40 35.81
N GLY SC 10 88.67 96.24 36.85
CA GLY SC 10 89.70 96.17 37.86
C GLY SC 10 89.15 95.49 39.12
N ASN SC 11 90.06 95.22 40.04
CA ASN SC 11 89.70 94.69 41.35
C ASN SC 11 88.93 93.38 41.20
N ILE SC 12 89.64 92.36 40.76
CA ILE SC 12 89.03 91.08 40.43
C ILE SC 12 89.75 90.00 41.22
N GLY SC 13 89.04 88.92 41.52
CA GLY SC 13 89.61 87.78 42.22
C GLY SC 13 89.85 88.10 43.67
N LYS SC 14 90.18 87.03 44.41
CA LYS SC 14 90.46 87.17 45.83
C LYS SC 14 91.51 88.23 46.09
N ASP SC 15 92.50 88.34 45.20
CA ASP SC 15 93.48 89.39 45.31
C ASP SC 15 92.85 90.76 45.13
N GLY SC 16 92.06 90.94 44.07
CA GLY SC 16 91.62 92.26 43.72
C GLY SC 16 92.63 93.02 42.89
N LYS SC 17 93.78 92.40 42.61
CA LYS SC 17 94.72 92.99 41.67
C LYS SC 17 94.47 92.48 40.26
N GLN SC 18 93.60 91.48 40.12
CA GLN SC 18 93.26 90.92 38.82
C GLN SC 18 92.46 91.94 38.02
N THR SC 19 92.74 91.99 36.73
CA THR SC 19 92.03 92.85 35.80
C THR SC 19 91.58 92.05 34.60
N LEU SC 20 90.52 92.51 33.96
CA LEU SC 20 89.98 91.79 32.81
C LEU SC 20 89.38 92.79 31.83
N VAL SC 21 89.57 92.53 30.55
CA VAL SC 21 88.94 93.31 29.50
C VAL SC 21 88.01 92.38 28.72
N LEU SC 22 86.96 92.97 28.15
CA LEU SC 22 85.96 92.20 27.42
C LEU SC 22 85.69 92.89 26.10
N ASN SC 23 85.91 92.20 25.03
CA ASN SC 23 85.59 92.85 23.79
C ASN SC 23 84.15 92.54 23.40
N PRO SC 24 83.49 93.47 22.73
CA PRO SC 24 82.17 93.18 22.18
C PRO SC 24 82.24 92.05 21.17
N ARG SC 25 81.40 91.06 21.36
CA ARG SC 25 81.35 89.91 20.47
C ARG SC 25 80.24 90.00 19.44
N GLY SC 26 79.51 91.09 19.42
CA GLY SC 26 78.31 91.17 18.61
C GLY SC 26 77.11 90.65 19.35
N VAL SC 27 75.99 90.55 18.64
CA VAL SC 27 74.72 90.16 19.23
C VAL SC 27 74.10 89.08 18.37
N ASN SC 28 73.74 87.97 18.98
CA ASN SC 28 72.95 87.00 18.26
C ASN SC 28 71.54 87.51 18.08
N PRO SC 29 71.10 87.81 16.86
CA PRO SC 29 69.77 88.36 16.67
C PRO SC 29 68.66 87.37 16.95
N THR SC 30 68.90 86.07 16.76
CA THR SC 30 67.85 85.09 16.95
C THR SC 30 67.27 85.18 18.36
N ASN SC 31 68.05 84.78 19.35
CA ASN SC 31 67.64 84.96 20.74
C ASN SC 31 67.69 86.42 21.16
N GLY SC 32 68.28 87.30 20.36
CA GLY SC 32 68.42 88.68 20.75
C GLY SC 32 69.28 88.84 21.98
N VAL SC 33 70.50 88.31 21.95
CA VAL SC 33 71.37 88.31 23.11
C VAL SC 33 72.74 88.81 22.70
N ALA SC 34 73.25 89.79 23.43
CA ALA SC 34 74.59 90.28 23.23
C ALA SC 34 75.62 89.32 23.80
N SER SC 35 76.85 89.47 23.36
CA SER SC 35 77.94 88.62 23.83
C SER SC 35 79.18 89.46 24.02
N LEU SC 36 79.93 89.15 25.07
CA LEU SC 36 81.18 89.81 25.36
C LEU SC 36 82.22 88.75 25.68
N SER SC 37 83.49 89.05 25.38
CA SER SC 37 84.51 88.06 25.67
C SER SC 37 85.83 88.73 25.95
N GLN SC 38 86.62 88.08 26.80
CA GLN SC 38 88.04 88.31 26.87
C GLN SC 38 88.66 87.98 25.51
N ALA SC 39 89.73 88.68 25.17
CA ALA SC 39 90.49 88.31 23.98
C ALA SC 39 91.62 87.39 24.42
N GLY SC 40 91.43 86.11 24.11
CA GLY SC 40 92.45 85.11 24.34
C GLY SC 40 93.02 84.59 23.05
N ALA SC 41 93.52 83.36 23.12
CA ALA SC 41 93.92 82.66 21.91
C ALA SC 41 92.75 81.89 21.32
N VAL SC 42 92.27 80.89 22.04
CA VAL SC 42 91.21 80.02 21.53
C VAL SC 42 89.88 80.50 22.07
N PRO SC 43 88.94 80.89 21.22
CA PRO SC 43 87.61 81.31 21.68
C PRO SC 43 86.96 80.32 22.63
N ALA SC 44 87.06 79.03 22.36
CA ALA SC 44 86.58 78.02 23.30
C ALA SC 44 87.16 78.22 24.69
N LEU SC 45 88.43 78.63 24.77
CA LEU SC 45 89.03 78.91 26.06
C LEU SC 45 88.64 80.28 26.59
N GLU SC 46 88.32 81.22 25.72
CA GLU SC 46 88.13 82.60 26.12
C GLU SC 46 86.89 82.74 26.99
N LYS SC 47 86.98 83.63 27.98
CA LYS SC 47 85.90 83.87 28.91
C LYS SC 47 84.75 84.49 28.12
N ARG SC 48 83.53 84.16 28.52
CA ARG SC 48 82.37 84.70 27.83
C ARG SC 48 81.44 85.39 28.81
N VAL SC 49 80.79 86.45 28.34
CA VAL SC 49 79.81 87.19 29.12
C VAL SC 49 78.63 87.46 28.22
N THR SC 50 77.43 87.13 28.69
CA THR SC 50 76.21 87.25 27.92
C THR SC 50 75.20 88.07 28.68
N VAL SC 51 74.59 89.04 28.01
CA VAL SC 51 73.51 89.82 28.59
C VAL SC 51 72.35 89.84 27.61
N SER SC 52 71.16 90.01 28.15
CA SER SC 52 69.97 90.04 27.32
C SER SC 52 68.90 90.84 28.02
N VAL SC 53 68.03 91.45 27.22
CA VAL SC 53 66.84 92.09 27.75
C VAL SC 53 65.66 91.29 27.23
N SER SC 54 64.46 91.72 27.55
CA SER SC 54 63.26 91.06 27.09
C SER SC 54 62.12 92.06 27.11
N GLN SC 55 61.04 91.71 26.45
CA GLN SC 55 59.87 92.57 26.49
C GLN SC 55 58.63 91.71 26.68
N PRO SC 56 57.65 92.21 27.41
CA PRO SC 56 56.48 91.38 27.73
C PRO SC 56 55.70 91.02 26.47
N SER SC 57 55.20 89.78 26.45
CA SER SC 57 54.45 89.28 25.33
C SER SC 57 53.13 88.74 25.85
N ARG SC 58 52.35 88.15 24.96
CA ARG SC 58 51.17 87.40 25.38
C ARG SC 58 51.52 86.24 26.29
N ASN SC 59 52.75 85.74 26.23
CA ASN SC 59 53.20 84.68 27.11
C ASN SC 59 53.57 85.17 28.50
N ARG SC 60 54.18 86.35 28.61
CA ARG SC 60 54.59 86.87 29.90
C ARG SC 60 54.46 88.39 29.87
N LYS SC 61 53.99 88.95 30.98
CA LYS SC 61 53.77 90.37 31.11
C LYS SC 61 54.95 91.05 31.79
N ASN SC 62 56.00 90.28 32.07
CA ASN SC 62 57.10 90.78 32.87
C ASN SC 62 58.35 90.90 32.04
N TYR SC 63 59.21 91.84 32.42
CA TYR SC 63 60.51 91.96 31.78
C TYR SC 63 61.48 90.96 32.39
N LYS SC 64 62.31 90.36 31.53
CA LYS SC 64 63.38 89.48 31.97
C LYS SC 64 64.70 90.08 31.53
N VAL SC 65 65.65 90.10 32.45
CA VAL SC 65 67.02 90.48 32.14
C VAL SC 65 67.89 89.33 32.58
N GLN SC 66 68.53 88.68 31.62
CA GLN SC 66 69.31 87.48 31.86
C GLN SC 66 70.78 87.78 31.61
N VAL SC 67 71.62 87.36 32.54
CA VAL SC 67 73.06 87.53 32.42
C VAL SC 67 73.72 86.22 32.80
N LYS SC 68 74.50 85.66 31.88
CA LYS SC 68 75.20 84.42 32.11
C LYS SC 68 76.69 84.63 31.88
N ILE SC 69 77.51 83.94 32.66
CA ILE SC 69 78.96 84.03 32.56
C ILE SC 69 79.51 82.63 32.43
N GLN SC 70 80.44 82.45 31.51
CA GLN SC 70 81.01 81.15 31.21
C GLN SC 70 82.52 81.28 31.26
N ASN SC 71 83.15 80.59 32.21
CA ASN SC 71 84.60 80.67 32.43
C ASN SC 71 85.15 79.26 32.47
N PRO SC 72 85.63 78.74 31.36
CA PRO SC 72 86.16 77.38 31.34
C PRO SC 72 87.48 77.31 32.09
N THR SC 73 87.98 76.08 32.19
CA THR SC 73 89.27 75.82 32.81
C THR SC 73 90.16 75.14 31.79
N ALA SC 74 91.21 75.84 31.39
CA ALA SC 74 92.14 75.33 30.40
C ALA SC 74 93.03 74.28 31.02
N CYS SC 75 93.21 73.16 30.32
CA CYS SC 75 94.25 72.20 30.65
C CYS SC 75 95.37 72.45 29.65
N THR SC 76 96.46 73.04 30.13
CA THR SC 76 97.54 73.43 29.24
C THR SC 76 98.21 72.21 28.64
N ALA SC 77 98.71 71.33 29.49
CA ALA SC 77 99.33 70.09 29.03
C ALA SC 77 98.33 68.96 29.26
N ASN SC 78 97.75 68.49 28.17
CA ASN SC 78 96.91 67.29 28.20
C ASN SC 78 97.70 66.06 27.81
N GLY SC 79 99.01 66.19 27.60
CA GLY SC 79 99.75 65.18 26.89
C GLY SC 79 99.61 65.33 25.39
N SER SC 80 98.93 66.37 24.93
CA SER SC 80 98.69 66.64 23.53
C SER SC 80 99.15 68.06 23.23
N CYS SC 81 99.28 68.37 21.95
CA CYS SC 81 99.81 69.65 21.53
C CYS SC 81 98.86 70.81 21.77
N ASP SC 82 97.58 70.55 22.04
CA ASP SC 82 96.64 71.62 22.19
C ASP SC 82 95.96 71.56 23.54
N PRO SC 83 95.69 72.71 24.15
CA PRO SC 83 94.97 72.71 25.42
C PRO SC 83 93.53 72.27 25.22
N SER SC 84 92.89 71.89 26.31
CA SER SC 84 91.53 71.37 26.25
C SER SC 84 90.71 71.87 27.42
N VAL SC 85 89.42 72.04 27.16
CA VAL SC 85 88.48 72.45 28.20
C VAL SC 85 88.41 71.35 29.24
N THR SC 86 88.50 71.73 30.51
CA THR SC 86 88.37 70.74 31.57
C THR SC 86 87.08 70.95 32.35
N ARG SC 87 87.03 72.00 33.15
CA ARG SC 87 85.85 72.34 33.92
C ARG SC 87 85.25 73.62 33.35
N GLN SC 88 83.93 73.71 33.41
CA GLN SC 88 83.24 74.87 32.86
C GLN SC 88 82.46 75.53 33.99
N ALA SC 89 82.89 76.72 34.40
CA ALA SC 89 82.23 77.46 35.46
C ALA SC 89 81.01 78.16 34.89
N TYR SC 90 79.86 77.95 35.50
CA TYR SC 90 78.64 78.60 35.06
C TYR SC 90 78.16 79.59 36.10
N ALA SC 91 78.07 80.85 35.69
CA ALA SC 91 77.54 81.91 36.54
C ALA SC 91 76.33 82.49 35.82
N ASP SC 92 75.17 82.37 36.44
CA ASP SC 92 73.91 82.79 35.84
C ASP SC 92 73.19 83.76 36.76
N VAL SC 93 72.68 84.84 36.18
CA VAL SC 93 71.94 85.86 36.91
C VAL SC 93 70.74 86.26 36.06
N THR SC 94 69.58 86.37 36.70
CA THR SC 94 68.37 86.77 36.02
C THR SC 94 67.70 87.90 36.78
N PHE SC 95 66.75 88.56 36.11
CA PHE SC 95 65.98 89.61 36.74
C PHE SC 95 64.57 89.57 36.20
N SER SC 96 63.62 89.86 37.09
CA SER SC 96 62.23 89.96 36.72
C SER SC 96 61.72 91.32 37.17
N PHE SC 97 60.84 91.92 36.36
CA PHE SC 97 60.25 93.19 36.69
C PHE SC 97 58.86 93.27 36.11
N THR SC 98 58.08 94.17 36.67
CA THR SC 98 56.71 94.39 36.23
C THR SC 98 56.66 95.65 35.39
N GLN SC 99 55.75 95.66 34.43
CA GLN SC 99 55.61 96.80 33.54
C GLN SC 99 55.53 98.11 34.29
N TYR SC 100 55.03 98.09 35.52
CA TYR SC 100 54.98 99.31 36.32
C TYR SC 100 56.22 99.50 37.18
N SER SC 101 57.21 98.63 37.06
CA SER SC 101 58.42 98.75 37.87
C SER SC 101 59.04 100.12 37.67
N THR SC 102 59.46 100.75 38.75
CA THR SC 102 60.04 102.08 38.61
C THR SC 102 61.55 101.99 38.45
N ASP SC 103 62.17 103.15 38.29
CA ASP SC 103 63.61 103.18 38.08
C ASP SC 103 64.36 102.83 39.36
N GLU SC 104 64.12 103.58 40.43
CA GLU SC 104 64.94 103.42 41.62
C GLU SC 104 64.82 102.02 42.19
N GLU SC 105 63.63 101.46 42.18
CA GLU SC 105 63.46 100.06 42.56
C GLU SC 105 64.48 99.19 41.86
N ARG SC 106 64.53 99.27 40.53
CA ARG SC 106 65.52 98.53 39.79
C ARG SC 106 66.91 98.90 40.24
N ALA SC 107 67.24 100.20 40.20
CA ALA SC 107 68.53 100.65 40.68
C ALA SC 107 68.81 100.11 42.08
N PHE SC 108 67.82 100.16 42.96
CA PHE SC 108 67.99 99.59 44.29
C PHE SC 108 68.42 98.13 44.20
N VAL SC 109 67.82 97.37 43.30
CA VAL SC 109 68.19 95.97 43.16
C VAL SC 109 69.64 95.85 42.71
N ARG SC 110 70.04 96.67 41.75
CA ARG SC 110 71.36 96.49 41.16
C ARG SC 110 72.45 96.58 42.22
N THR SC 111 72.51 97.68 42.94
CA THR SC 111 73.57 97.85 43.93
C THR SC 111 73.57 96.75 44.96
N GLU SC 112 72.44 96.54 45.65
CA GLU SC 112 72.40 95.59 46.75
C GLU SC 112 72.93 94.23 46.36
N LEU SC 113 72.61 93.75 45.17
CA LEU SC 113 73.17 92.48 44.74
C LEU SC 113 74.68 92.54 44.75
N ALA SC 114 75.25 93.60 44.21
CA ALA SC 114 76.70 93.76 44.27
C ALA SC 114 77.20 93.75 45.69
N ALA SC 115 76.62 94.58 46.55
CA ALA SC 115 77.05 94.61 47.94
C ALA SC 115 77.09 93.23 48.55
N LEU SC 116 76.04 92.44 48.34
CA LEU SC 116 76.07 91.06 48.80
C LEU SC 116 77.29 90.33 48.28
N LEU SC 117 77.59 90.48 46.99
CA LEU SC 117 78.75 89.79 46.44
C LEU SC 117 80.03 90.21 47.14
N ALA SC 118 80.08 91.42 47.67
CA ALA SC 118 81.20 91.83 48.49
C ALA SC 118 80.99 91.53 49.96
N SER SC 119 79.80 91.10 50.35
CA SER SC 119 79.54 90.81 51.75
C SER SC 119 80.36 89.62 52.21
N PRO SC 120 80.82 89.64 53.46
CA PRO SC 120 81.53 88.47 53.99
C PRO SC 120 80.69 87.23 54.04
N LEU SC 121 79.37 87.35 53.96
CA LEU SC 121 78.53 86.17 53.95
C LEU SC 121 78.81 85.31 52.73
N LEU SC 122 78.60 85.86 51.54
CA LEU SC 122 78.65 85.05 50.33
C LEU SC 122 80.02 84.48 50.06
N ILE SC 123 81.09 85.17 50.46
CA ILE SC 123 82.41 84.71 50.10
C ILE SC 123 82.65 83.29 50.60
N ASP SC 124 82.34 83.00 51.86
CA ASP SC 124 82.41 81.63 52.32
C ASP SC 124 81.44 80.73 51.59
N ALA SC 125 80.22 81.21 51.38
CA ALA SC 125 79.26 80.50 50.54
C ALA SC 125 79.80 80.21 49.16
N ILE SC 126 80.36 81.20 48.49
CA ILE SC 126 80.92 81.02 47.16
C ILE SC 126 82.27 80.32 47.23
N ASP SC 127 83.27 81.00 47.80
CA ASP SC 127 84.63 80.49 47.72
C ASP SC 127 84.78 79.15 48.40
N GLN SC 128 84.38 79.06 49.67
CA GLN SC 128 84.57 77.85 50.44
C GLN SC 128 83.37 76.94 50.42
N LEU SC 129 82.33 77.26 49.66
CA LEU SC 129 81.14 76.43 49.54
C LEU SC 129 80.57 76.09 50.91
N ASN SC 130 80.11 77.14 51.58
CA ASN SC 130 79.63 76.87 52.92
C ASN SC 130 78.22 77.42 53.09
N PRO SC 131 77.38 76.69 53.79
CA PRO SC 131 76.08 77.22 54.14
C PRO SC 131 76.20 78.32 55.18
N ALA SC 132 75.07 78.69 55.77
CA ALA SC 132 74.90 79.95 56.47
C ALA SC 132 75.44 79.91 57.89
N TYR SC 133 76.05 78.81 58.30
CA TYR SC 133 76.50 78.70 59.67
C TYR SC 133 78.00 78.99 59.76
N ALA TC 2 103.83 74.27 -32.05
CA ALA TC 2 104.88 74.82 -31.19
C ALA TC 2 104.27 75.65 -30.08
N LYS TC 3 105.12 76.37 -29.37
CA LYS TC 3 104.71 77.17 -28.22
C LYS TC 3 103.79 78.29 -28.66
N LEU TC 4 102.78 78.55 -27.85
CA LEU TC 4 101.98 79.77 -27.99
C LEU TC 4 102.91 80.96 -27.93
N GLU TC 5 102.80 81.84 -28.90
CA GLU TC 5 103.63 83.02 -28.93
C GLU TC 5 102.81 84.21 -29.42
N THR TC 6 103.45 85.37 -29.43
CA THR TC 6 102.88 86.54 -30.08
C THR TC 6 102.83 86.20 -31.55
N VAL TC 7 101.66 86.32 -32.15
CA VAL TC 7 101.53 86.02 -33.57
C VAL TC 7 101.23 87.32 -34.30
N THR TC 8 102.20 87.80 -35.06
CA THR TC 8 102.02 88.98 -35.88
C THR TC 8 101.43 88.56 -37.21
N LEU TC 9 100.55 89.38 -37.75
CA LEU TC 9 99.93 89.10 -39.04
C LEU TC 9 99.99 90.36 -39.88
N GLY TC 10 100.59 90.25 -41.07
CA GLY TC 10 100.58 91.32 -42.03
C GLY TC 10 99.57 91.02 -43.13
N ASN TC 11 99.36 92.01 -43.99
CA ASN TC 11 98.52 91.86 -45.17
C ASN TC 11 97.12 91.40 -44.78
N ILE TC 12 96.39 92.31 -44.15
CA ILE TC 12 95.09 92.00 -43.58
C ILE TC 12 94.09 92.99 -44.13
N GLY TC 13 92.83 92.57 -44.23
CA GLY TC 13 91.77 93.43 -44.69
C GLY TC 13 91.85 93.68 -46.19
N LYS TC 14 90.77 94.28 -46.69
CA LYS TC 14 90.71 94.59 -48.12
C LYS TC 14 91.93 95.38 -48.56
N ASP TC 15 92.43 96.26 -47.70
CA ASP TC 15 93.66 96.98 -48.01
C ASP TC 15 94.83 96.04 -48.10
N GLY TC 16 95.01 95.17 -47.11
CA GLY TC 16 96.23 94.42 -47.01
C GLY TC 16 97.35 95.18 -46.35
N LYS TC 17 97.09 96.42 -45.93
CA LYS TC 17 98.05 97.14 -45.11
C LYS TC 17 97.75 96.94 -43.63
N GLN TC 18 96.63 96.33 -43.31
CA GLN TC 18 96.26 96.06 -41.94
C GLN TC 18 97.19 95.00 -41.35
N THR TC 19 97.54 95.20 -40.08
CA THR TC 19 98.36 94.25 -39.35
C THR TC 19 97.70 93.95 -38.02
N LEU TC 20 98.01 92.77 -37.48
CA LEU TC 20 97.42 92.34 -36.23
C LEU TC 20 98.40 91.48 -35.47
N VAL TC 21 98.44 91.65 -34.15
CA VAL TC 21 99.21 90.80 -33.28
C VAL TC 21 98.26 90.08 -32.35
N LEU TC 22 98.67 88.90 -31.91
CA LEU TC 22 97.83 88.06 -31.05
C LEU TC 22 98.67 87.56 -29.89
N ASN TC 23 98.26 87.88 -28.72
CA ASN TC 23 99.03 87.34 -27.62
C ASN TC 23 98.47 86.00 -27.19
N PRO TC 24 99.32 85.11 -26.72
CA PRO TC 24 98.82 83.86 -26.13
C PRO TC 24 97.97 84.14 -24.92
N ARG TC 25 96.78 83.57 -24.93
CA ARG TC 25 95.83 83.75 -23.83
C ARG TC 25 95.84 82.59 -22.85
N GLY TC 26 96.72 81.61 -23.04
CA GLY TC 26 96.66 80.39 -22.27
C GLY TC 26 95.73 79.39 -22.91
N VAL TC 27 95.50 78.28 -22.20
CA VAL TC 27 94.71 77.18 -22.72
C VAL TC 27 93.69 76.77 -21.67
N ASN TC 28 92.44 76.72 -22.06
CA ASN TC 28 91.46 76.15 -21.17
C ASN TC 28 91.65 74.64 -21.11
N PRO TC 29 92.05 74.09 -19.97
CA PRO TC 29 92.29 72.64 -19.91
C PRO TC 29 91.03 71.81 -19.99
N THR TC 30 89.89 72.35 -19.56
CA THR TC 30 88.66 71.57 -19.57
C THR TC 30 88.35 71.06 -20.97
N ASN TC 31 87.97 71.96 -21.86
CA ASN TC 31 87.79 71.59 -23.25
C ASN TC 31 89.11 71.32 -23.96
N GLY TC 32 90.24 71.65 -23.33
CA GLY TC 32 91.51 71.48 -23.98
C GLY TC 32 91.65 72.35 -25.20
N VAL TC 33 91.44 73.65 -25.06
CA VAL TC 33 91.43 74.56 -26.21
C VAL TC 33 92.31 75.75 -25.88
N ALA TC 34 93.23 76.06 -26.79
CA ALA TC 34 94.07 77.24 -26.67
C ALA TC 34 93.28 78.48 -27.04
N SER TC 35 93.80 79.63 -26.62
CA SER TC 35 93.17 80.90 -26.90
C SER TC 35 94.23 81.93 -27.25
N LEU TC 36 93.92 82.79 -28.21
CA LEU TC 36 94.79 83.87 -28.61
C LEU TC 36 93.98 85.14 -28.71
N SER TC 37 94.61 86.28 -28.47
CA SER TC 37 93.87 87.52 -28.56
C SER TC 37 94.78 88.66 -28.95
N GLN TC 38 94.18 89.61 -29.66
CA GLN TC 38 94.73 90.95 -29.74
C GLN TC 38 94.80 91.56 -28.35
N ALA TC 39 95.80 92.41 -28.13
CA ALA TC 39 95.85 93.18 -26.89
C ALA TC 39 95.16 94.51 -27.14
N GLY TC 40 93.96 94.61 -26.58
CA GLY TC 40 93.19 95.85 -26.62
C GLY TC 40 93.08 96.45 -25.24
N ALA TC 41 92.02 97.23 -25.06
CA ALA TC 41 91.67 97.72 -23.74
C ALA TC 41 90.77 96.72 -23.02
N VAL TC 42 89.56 96.53 -23.54
CA VAL TC 42 88.57 95.67 -22.89
C VAL TC 42 88.61 94.30 -23.52
N PRO TC 43 88.92 93.25 -22.76
CA PRO TC 43 88.90 91.89 -23.32
C PRO TC 43 87.64 91.55 -24.06
N ALA TC 44 86.48 91.92 -23.55
CA ALA TC 44 85.23 91.75 -24.27
C ALA TC 44 85.30 92.34 -25.67
N LEU TC 45 85.97 93.47 -25.83
CA LEU TC 45 86.16 94.07 -27.14
C LEU TC 45 87.27 93.39 -27.93
N GLU TC 46 88.24 92.81 -27.25
CA GLU TC 46 89.45 92.33 -27.91
C GLU TC 46 89.13 91.14 -28.80
N LYS TC 47 89.80 91.08 -29.94
CA LYS TC 47 89.60 90.02 -30.92
C LYS TC 47 90.06 88.72 -30.28
N ARG TC 48 89.39 87.63 -30.60
CA ARG TC 48 89.74 86.34 -30.04
C ARG TC 48 90.01 85.33 -31.15
N VAL TC 49 90.95 84.43 -30.89
CA VAL TC 49 91.28 83.35 -31.81
C VAL TC 49 91.42 82.08 -30.99
N THR TC 50 90.73 81.02 -31.40
CA THR TC 50 90.70 79.77 -30.67
C THR TC 50 91.09 78.63 -31.60
N VAL TC 51 91.99 77.78 -31.12
CA VAL TC 51 92.37 76.58 -31.85
C VAL TC 51 92.29 75.41 -30.90
N SER TC 52 92.07 74.24 -31.48
CA SER TC 52 91.97 73.03 -30.67
C SER TC 52 92.35 71.84 -31.53
N VAL TC 53 92.87 70.82 -30.87
CA VAL TC 53 93.11 69.54 -31.51
C VAL TC 53 92.15 68.55 -30.86
N SER TC 54 92.21 67.30 -31.27
CA SER TC 54 91.37 66.26 -30.70
C SER TC 54 92.05 64.93 -30.92
N GLN TC 55 91.59 63.92 -30.22
CA GLN TC 55 92.12 62.59 -30.43
C GLN TC 55 90.96 61.59 -30.46
N PRO TC 56 91.06 60.56 -31.28
CA PRO TC 56 89.94 59.64 -31.45
C PRO TC 56 89.64 58.90 -30.15
N SER TC 57 88.36 58.71 -29.90
CA SER TC 57 87.90 58.03 -28.70
C SER TC 57 86.97 56.90 -29.12
N ARG TC 58 86.38 56.23 -28.14
CA ARG TC 58 85.31 55.29 -28.42
C ARG TC 58 84.13 55.95 -29.09
N ASN TC 59 83.95 57.26 -28.92
CA ASN TC 59 82.89 57.99 -29.58
C ASN TC 59 83.18 58.31 -31.03
N ARG TC 60 84.43 58.62 -31.36
CA ARG TC 60 84.79 58.97 -32.72
C ARG TC 60 86.21 58.49 -33.00
N LYS TC 61 86.42 57.97 -34.19
CA LYS TC 61 87.71 57.42 -34.60
C LYS TC 61 88.51 58.45 -35.38
N ASN TC 62 87.98 59.66 -35.49
CA ASN TC 62 88.56 60.65 -36.37
C ASN TC 62 89.14 61.80 -35.57
N TYR TC 63 90.16 62.44 -36.11
CA TYR TC 63 90.70 63.63 -35.50
C TYR TC 63 89.88 64.85 -35.89
N LYS TC 64 89.66 65.73 -34.94
CA LYS TC 64 88.99 67.01 -35.18
C LYS TC 64 89.96 68.13 -34.86
N VAL TC 65 90.05 69.10 -35.76
CA VAL TC 65 90.79 70.32 -35.52
C VAL TC 65 89.82 71.46 -35.72
N GLN TC 66 89.54 72.18 -34.64
CA GLN TC 66 88.54 73.23 -34.64
C GLN TC 66 89.21 74.57 -34.45
N VAL TC 67 88.85 75.54 -35.27
CA VAL TC 67 89.37 76.90 -35.18
C VAL TC 67 88.21 77.86 -35.28
N LYS TC 68 88.04 78.70 -34.27
CA LYS TC 68 86.97 79.69 -34.25
C LYS TC 68 87.58 81.07 -34.06
N ILE TC 69 86.96 82.06 -34.68
CA ILE TC 69 87.42 83.44 -34.60
C ILE TC 69 86.23 84.30 -34.19
N GLN TC 70 86.45 85.18 -33.24
CA GLN TC 70 85.41 86.03 -32.69
C GLN TC 70 85.89 87.47 -32.75
N ASN TC 71 85.21 88.29 -33.55
CA ASN TC 71 85.58 89.69 -33.76
C ASN TC 71 84.37 90.56 -33.53
N PRO TC 72 84.20 91.08 -32.33
CA PRO TC 72 83.04 91.92 -32.05
C PRO TC 72 83.14 93.26 -32.76
N THR TC 73 82.07 94.04 -32.62
CA THR TC 73 82.01 95.38 -33.17
C THR TC 73 81.77 96.35 -32.02
N ALA TC 74 82.76 97.19 -31.75
CA ALA TC 74 82.68 98.15 -30.67
C ALA TC 74 81.77 99.30 -31.08
N CYS TC 75 80.88 99.69 -30.18
CA CYS TC 75 80.16 100.95 -30.30
C CYS TC 75 80.86 101.92 -29.36
N THR TC 76 81.59 102.86 -29.94
CA THR TC 76 82.38 103.78 -29.13
C THR TC 76 81.49 104.68 -28.30
N ALA TC 77 80.60 105.43 -28.96
CA ALA TC 77 79.66 106.28 -28.26
C ALA TC 77 78.30 105.58 -28.29
N ASN TC 78 77.91 105.07 -27.12
CA ASN TC 78 76.57 104.54 -26.93
C ASN TC 78 75.66 105.58 -26.31
N GLY TC 79 76.13 106.80 -26.12
CA GLY TC 79 75.47 107.72 -25.21
C GLY TC 79 75.86 107.47 -23.77
N SER TC 80 76.78 106.54 -23.54
CA SER TC 80 77.24 106.18 -22.21
C SER TC 80 78.75 106.26 -22.19
N CYS TC 81 79.32 106.24 -20.99
CA CYS TC 81 80.74 106.44 -20.81
C CYS TC 81 81.59 105.26 -21.28
N ASP TC 82 80.97 104.10 -21.51
CA ASP TC 82 81.75 102.94 -21.87
C ASP TC 82 81.27 102.36 -23.19
N PRO TC 83 82.19 101.87 -24.02
CA PRO TC 83 81.79 101.23 -25.27
C PRO TC 83 81.05 99.93 -25.00
N SER TC 84 80.34 99.46 -26.00
CA SER TC 84 79.52 98.27 -25.85
C SER TC 84 79.59 97.40 -27.10
N VAL TC 85 79.48 96.10 -26.89
CA VAL TC 85 79.47 95.14 -28.00
C VAL TC 85 78.21 95.39 -28.80
N THR TC 86 78.35 95.46 -30.12
CA THR TC 86 77.18 95.63 -30.97
C THR TC 86 76.93 94.37 -31.80
N ARG TC 87 77.77 94.12 -32.78
CA ARG TC 87 77.68 92.92 -33.61
C ARG TC 87 78.85 92.02 -33.31
N GLN TC 88 78.62 90.71 -33.39
CA GLN TC 88 79.66 89.76 -33.08
C GLN TC 88 79.89 88.91 -34.33
N ALA TC 89 81.06 89.06 -34.95
CA ALA TC 89 81.40 88.31 -36.14
C ALA TC 89 81.90 86.93 -35.72
N TYR TC 90 81.29 85.88 -36.28
CA TYR TC 90 81.70 84.53 -36.00
C TYR TC 90 82.34 83.88 -37.21
N ALA TC 91 83.60 83.50 -37.05
CA ALA TC 91 84.32 82.77 -38.09
C ALA TC 91 84.72 81.43 -37.52
N ASP TC 92 84.21 80.36 -38.11
CA ASP TC 92 84.43 79.00 -37.61
C ASP TC 92 85.01 78.13 -38.71
N VAL TC 93 86.02 77.35 -38.35
CA VAL TC 93 86.68 76.43 -39.26
C VAL TC 93 86.92 75.14 -38.51
N THR TC 94 86.64 74.01 -39.17
CA THR TC 94 86.86 72.71 -38.60
C THR TC 94 87.64 71.83 -39.57
N PHE TC 95 88.15 70.73 -39.04
CA PHE TC 95 88.87 69.76 -39.86
C PHE TC 95 88.58 68.37 -39.35
N SER TC 96 88.48 67.44 -40.28
CA SER TC 96 88.31 66.04 -39.94
C SER TC 96 89.39 65.25 -40.64
N PHE TC 97 89.90 64.22 -39.99
CA PHE TC 97 90.91 63.37 -40.56
C PHE TC 97 90.76 61.97 -40.01
N THR TC 98 91.33 61.03 -40.74
CA THR TC 98 91.30 59.63 -40.36
C THR TC 98 92.64 59.23 -39.79
N GLN TC 99 92.61 58.30 -38.84
CA GLN TC 99 93.82 57.84 -38.19
C GLN TC 99 94.92 57.51 -39.19
N TYR TC 100 94.56 57.09 -40.40
CA TYR TC 100 95.56 56.80 -41.41
C TYR TC 100 95.87 58.00 -42.29
N SER TC 101 95.30 59.17 -41.99
CA SER TC 101 95.55 60.36 -42.80
C SER TC 101 97.05 60.62 -42.86
N THR TC 102 97.55 60.95 -44.04
CA THR TC 102 98.98 61.19 -44.16
C THR TC 102 99.28 62.67 -43.98
N ASP TC 103 100.57 62.99 -44.04
CA ASP TC 103 100.98 64.37 -43.82
C ASP TC 103 100.59 65.25 -44.99
N GLU TC 104 101.05 64.90 -46.20
CA GLU TC 104 100.88 65.80 -47.33
C GLU TC 104 99.41 66.04 -47.62
N GLU TC 105 98.58 65.01 -47.50
CA GLU TC 105 97.14 65.20 -47.62
C GLU TC 105 96.69 66.35 -46.75
N ARG TC 106 97.01 66.30 -45.47
CA ARG TC 106 96.68 67.40 -44.59
C ARG TC 106 97.29 68.70 -45.09
N ALA TC 107 98.61 68.70 -45.29
CA ALA TC 107 99.27 69.86 -45.84
C ALA TC 107 98.56 70.35 -47.10
N PHE TC 108 98.21 69.43 -47.99
CA PHE TC 108 97.46 69.80 -49.18
C PHE TC 108 96.19 70.54 -48.82
N VAL TC 109 95.49 70.09 -47.78
CA VAL TC 109 94.27 70.77 -47.37
C VAL TC 109 94.58 72.18 -46.91
N ARG TC 110 95.63 72.33 -46.11
CA ARG TC 110 95.89 73.62 -45.49
C ARG TC 110 96.03 74.71 -46.53
N THR TC 111 96.97 74.54 -47.46
CA THR TC 111 97.21 75.59 -48.45
C THR TC 111 95.95 75.91 -49.25
N GLU TC 112 95.37 74.90 -49.89
CA GLU TC 112 94.25 75.15 -50.80
C GLU TC 112 93.15 75.96 -50.15
N LEU TC 113 92.84 75.69 -48.89
CA LEU TC 113 91.84 76.51 -48.22
C LEU TC 113 92.25 77.96 -48.22
N ALA TC 114 93.51 78.24 -47.89
CA ALA TC 114 93.99 79.61 -47.96
C ALA TC 114 93.84 80.18 -49.35
N ALA TC 115 94.33 79.46 -50.36
CA ALA TC 115 94.21 79.94 -51.73
C ALA TC 115 92.78 80.33 -52.07
N LEU TC 116 91.82 79.50 -51.72
CA LEU TC 116 90.43 79.88 -51.89
C LEU TC 116 90.12 81.20 -51.23
N LEU TC 117 90.57 81.39 -50.00
CA LEU TC 117 90.29 82.65 -49.31
C LEU TC 117 90.87 83.83 -50.07
N ALA TC 118 91.94 83.63 -50.82
CA ALA TC 118 92.45 84.66 -51.70
C ALA TC 118 91.84 84.61 -53.09
N SER TC 119 91.07 83.57 -53.39
CA SER TC 119 90.49 83.45 -54.71
C SER TC 119 89.45 84.56 -54.93
N PRO TC 120 89.34 85.07 -56.16
CA PRO TC 120 88.31 86.06 -56.45
C PRO TC 120 86.91 85.53 -56.26
N LEU TC 121 86.73 84.22 -56.21
CA LEU TC 121 85.41 83.69 -55.99
C LEU TC 121 84.87 84.09 -54.62
N LEU TC 122 85.57 83.68 -53.57
CA LEU TC 122 85.03 83.85 -52.23
C LEU TC 122 84.86 85.31 -51.83
N ILE TC 123 85.70 86.21 -52.35
CA ILE TC 123 85.65 87.58 -51.90
C ILE TC 123 84.26 88.17 -52.10
N ASP TC 124 83.67 88.01 -53.29
CA ASP TC 124 82.30 88.42 -53.49
C ASP TC 124 81.35 87.64 -52.60
N ALA TC 125 81.55 86.34 -52.50
CA ALA TC 125 80.81 85.53 -51.56
C ALA TC 125 80.91 86.05 -50.14
N ILE TC 126 82.11 86.32 -49.66
CA ILE TC 126 82.32 86.84 -48.32
C ILE TC 126 81.97 88.32 -48.24
N ASP TC 127 82.74 89.15 -48.92
CA ASP TC 127 82.60 90.59 -48.73
C ASP TC 127 81.23 91.09 -49.15
N GLN TC 128 80.82 90.80 -50.38
CA GLN TC 128 79.58 91.30 -50.89
C GLN TC 128 78.41 90.35 -50.71
N LEU TC 129 78.61 89.21 -50.04
CA LEU TC 129 77.55 88.25 -49.76
C LEU TC 129 76.86 87.84 -51.05
N ASN TC 130 77.60 87.19 -51.92
CA ASN TC 130 77.00 86.86 -53.17
C ASN TC 130 77.14 85.38 -53.47
N PRO TC 131 76.13 84.78 -54.01
CA PRO TC 131 76.26 83.39 -54.48
C PRO TC 131 77.13 83.31 -55.71
N ALA TC 132 77.11 82.16 -56.36
CA ALA TC 132 78.14 81.75 -57.30
C ALA TC 132 77.97 82.34 -58.68
N TYR TC 133 76.99 83.22 -58.86
CA TYR TC 133 76.73 83.77 -60.18
C TYR TC 133 77.35 85.15 -60.32
N ALA UC 2 100.90 84.54 -15.74
CA ALA UC 2 102.13 83.97 -16.26
C ALA UC 2 102.30 82.54 -15.82
N LYS UC 3 103.48 81.98 -16.06
CA LYS UC 3 103.78 80.59 -15.76
C LYS UC 3 103.73 80.36 -14.26
N LEU UC 4 103.19 79.20 -13.89
CA LEU UC 4 103.33 78.71 -12.53
C LEU UC 4 104.80 78.64 -12.18
N GLU UC 5 105.16 79.21 -11.05
CA GLU UC 5 106.55 79.22 -10.62
C GLU UC 5 106.62 79.03 -9.12
N THR UC 6 107.83 78.94 -8.61
CA THR UC 6 108.05 78.99 -7.17
C THR UC 6 107.66 80.39 -6.75
N VAL UC 7 106.76 80.48 -5.77
CA VAL UC 7 106.33 81.78 -5.32
C VAL UC 7 106.84 81.98 -3.89
N THR UC 8 107.80 82.86 -3.73
CA THR UC 8 108.33 83.20 -2.42
C THR UC 8 107.47 84.30 -1.84
N LEU UC 9 107.25 84.25 -0.53
CA LEU UC 9 106.48 85.26 0.16
C LEU UC 9 107.22 85.68 1.41
N GLY UC 10 107.49 86.99 1.52
CA GLY UC 10 108.06 87.55 2.73
C GLY UC 10 106.98 88.27 3.52
N ASN UC 11 107.35 88.68 4.73
CA ASN UC 11 106.49 89.49 5.57
C ASN UC 11 105.16 88.78 5.82
N ILE UC 12 105.22 87.70 6.59
CA ILE UC 12 104.09 86.83 6.81
C ILE UC 12 103.88 86.70 8.31
N GLY UC 13 102.64 86.47 8.70
CA GLY UC 13 102.30 86.28 10.10
C GLY UC 13 102.37 87.57 10.88
N LYS UC 14 101.87 87.49 12.11
CA LYS UC 14 101.87 88.64 13.00
C LYS UC 14 103.26 89.25 13.11
N ASP UC 15 104.28 88.40 13.12
CA ASP UC 15 105.64 88.89 13.12
C ASP UC 15 105.96 89.65 11.84
N GLY UC 16 105.66 89.07 10.69
CA GLY UC 16 106.14 89.62 9.44
C GLY UC 16 107.54 89.19 9.11
N LYS UC 17 108.17 88.39 9.98
CA LYS UC 17 109.44 87.79 9.63
C LYS UC 17 109.24 86.42 9.01
N GLN UC 18 108.01 85.91 9.02
CA GLN UC 18 107.70 84.63 8.42
C GLN UC 18 107.82 84.72 6.91
N THR UC 19 108.33 83.66 6.31
CA THR UC 19 108.46 83.55 4.88
C THR UC 19 107.89 82.22 4.41
N LEU UC 20 107.45 82.18 3.16
CA LEU UC 20 106.84 80.97 2.62
C LEU UC 20 107.14 80.88 1.14
N VAL UC 21 107.42 79.66 0.68
CA VAL UC 21 107.57 79.39 -0.73
C VAL UC 21 106.48 78.43 -1.15
N LEU UC 22 106.09 78.50 -2.43
CA LEU UC 22 105.01 77.69 -2.96
C LEU UC 22 105.47 77.07 -4.28
N ASN UC 23 105.48 75.79 -4.33
CA ASN UC 23 105.84 75.23 -5.61
C ASN UC 23 104.61 75.03 -6.47
N PRO UC 24 104.76 75.15 -7.78
CA PRO UC 24 103.65 74.81 -8.68
C PRO UC 24 103.28 73.34 -8.54
N ARG UC 25 102.00 73.10 -8.32
CA ARG UC 25 101.50 71.75 -8.16
C ARG UC 25 100.88 71.19 -9.44
N GLY UC 26 100.93 71.94 -10.53
CA GLY UC 26 100.19 71.57 -11.72
C GLY UC 26 98.78 72.11 -11.67
N VAL UC 27 97.99 71.71 -12.66
CA VAL UC 27 96.63 72.20 -12.82
C VAL UC 27 95.70 71.03 -13.02
N ASN UC 28 94.66 70.96 -12.22
CA ASN UC 28 93.63 69.98 -12.51
C ASN UC 28 92.84 70.42 -13.73
N PRO UC 29 92.91 69.69 -14.84
CA PRO UC 29 92.20 70.12 -16.05
C PRO UC 29 90.70 69.99 -15.94
N THR UC 30 90.20 69.06 -15.13
CA THR UC 30 88.76 68.87 -15.04
C THR UC 30 88.07 70.15 -14.64
N ASN UC 31 88.24 70.56 -13.40
CA ASN UC 31 87.72 71.85 -12.96
C ASN UC 31 88.50 73.01 -13.55
N GLY UC 32 89.65 72.76 -14.18
CA GLY UC 32 90.46 73.83 -14.71
C GLY UC 32 90.98 74.72 -13.62
N VAL UC 33 91.65 74.16 -12.62
CA VAL UC 33 92.10 74.92 -11.46
C VAL UC 33 93.57 74.60 -11.21
N ALA UC 34 94.37 75.64 -11.08
CA ALA UC 34 95.77 75.51 -10.72
C ALA UC 34 95.90 75.21 -9.22
N SER UC 35 97.07 74.68 -8.86
CA SER UC 35 97.35 74.37 -7.47
C SER UC 35 98.77 74.75 -7.14
N LEU UC 36 98.97 75.27 -5.94
CA LEU UC 36 100.29 75.63 -5.44
C LEU UC 36 100.44 75.07 -4.04
N SER UC 37 101.68 74.75 -3.66
CA SER UC 37 101.87 74.22 -2.33
C SER UC 37 103.25 74.57 -1.80
N GLN UC 38 103.32 74.73 -0.49
CA GLN UC 38 104.57 74.62 0.22
C GLN UC 38 105.14 73.23 0.02
N ALA UC 39 106.47 73.14 0.02
CA ALA UC 39 107.11 71.83 0.00
C ALA UC 39 107.39 71.44 1.45
N GLY UC 40 106.58 70.50 1.92
CA GLY UC 40 106.77 69.92 3.23
C GLY UC 40 107.19 68.47 3.14
N ALA UC 41 106.89 67.74 4.20
CA ALA UC 41 107.06 66.29 4.16
C ALA UC 41 105.81 65.62 3.61
N VAL UC 42 104.71 65.71 4.34
CA VAL UC 42 103.48 65.03 3.96
C VAL UC 42 102.58 65.99 3.21
N PRO UC 43 102.23 65.72 1.96
CA PRO UC 43 101.32 66.59 1.21
C PRO UC 43 100.04 66.91 1.96
N ALA UC 44 99.44 65.94 2.63
CA ALA UC 44 98.29 66.21 3.49
C ALA UC 44 98.57 67.32 4.48
N LEU UC 45 99.79 67.38 5.02
CA LEU UC 45 100.16 68.45 5.92
C LEU UC 45 100.52 69.72 5.18
N GLU UC 46 100.98 69.62 3.95
CA GLU UC 46 101.54 70.76 3.25
C GLU UC 46 100.45 71.78 2.93
N LYS UC 47 100.82 73.06 3.04
CA LYS UC 47 99.90 74.16 2.79
C LYS UC 47 99.51 74.11 1.32
N ARG UC 48 98.27 74.48 1.03
CA ARG UC 48 97.80 74.46 -0.34
C ARG UC 48 97.25 75.82 -0.73
N VAL UC 49 97.44 76.18 -2.00
CA VAL UC 49 96.92 77.41 -2.56
C VAL UC 49 96.32 77.08 -3.91
N THR UC 50 95.08 77.52 -4.13
CA THR UC 50 94.34 77.19 -5.34
C THR UC 50 93.84 78.48 -5.97
N VAL UC 51 94.05 78.61 -7.28
CA VAL UC 51 93.51 79.72 -8.04
C VAL UC 51 92.82 79.18 -9.26
N SER UC 52 91.85 79.95 -9.74
CA SER UC 52 91.10 79.54 -10.91
C SER UC 52 90.56 80.77 -11.62
N VAL UC 53 90.39 80.64 -12.92
CA VAL UC 53 89.69 81.66 -13.70
C VAL UC 53 88.40 81.02 -14.18
N SER UC 54 87.63 81.76 -14.95
CA SER UC 54 86.39 81.25 -15.51
C SER UC 54 86.05 82.07 -16.74
N GLN UC 55 85.13 81.55 -17.53
CA GLN UC 55 84.69 82.30 -18.68
C GLN UC 55 83.17 82.21 -18.78
N PRO UC 56 82.52 83.27 -19.23
CA PRO UC 56 81.06 83.28 -19.22
C PRO UC 56 80.49 82.23 -20.17
N SER UC 57 79.40 81.61 -19.73
CA SER UC 57 78.75 80.58 -20.51
C SER UC 57 77.28 80.95 -20.65
N ARG UC 58 76.51 80.05 -21.25
CA ARG UC 58 75.06 80.19 -21.25
C ARG UC 58 74.48 80.19 -19.83
N ASN UC 59 75.19 79.62 -18.87
CA ASN UC 59 74.76 79.63 -17.48
C ASN UC 59 75.05 80.94 -16.77
N ARG UC 60 76.17 81.58 -17.08
CA ARG UC 60 76.53 82.83 -16.42
C ARG UC 60 77.30 83.71 -17.40
N LYS UC 61 77.01 84.99 -17.37
CA LYS UC 61 77.62 85.96 -18.28
C LYS UC 61 78.80 86.64 -17.62
N ASN UC 62 79.14 86.23 -16.41
CA ASN UC 62 80.12 86.94 -15.62
C ASN UC 62 81.37 86.09 -15.43
N TYR UC 63 82.51 86.75 -15.28
CA TYR UC 63 83.74 86.06 -14.96
C TYR UC 63 83.82 85.78 -13.47
N LYS UC 64 84.31 84.60 -13.13
CA LYS UC 64 84.56 84.23 -11.75
C LYS UC 64 86.05 83.96 -11.59
N VAL UC 65 86.63 84.53 -10.54
CA VAL UC 65 88.00 84.23 -10.15
C VAL UC 65 87.94 83.74 -8.72
N GLN UC 66 88.27 82.48 -8.51
CA GLN UC 66 88.16 81.84 -7.21
C GLN UC 66 89.56 81.52 -6.69
N VAL UC 67 89.80 81.86 -5.43
CA VAL UC 67 91.06 81.57 -4.77
C VAL UC 67 90.75 81.00 -3.41
N LYS UC 68 91.25 79.79 -3.14
CA LYS UC 68 91.05 79.13 -1.87
C LYS UC 68 92.40 78.78 -1.28
N ILE UC 69 92.49 78.84 0.05
CA ILE UC 69 93.71 78.54 0.78
C ILE UC 69 93.38 77.52 1.84
N GLN UC 70 94.20 76.50 1.96
CA GLN UC 70 93.98 75.42 2.90
C GLN UC 70 95.25 75.22 3.72
N ASN UC 71 95.16 75.47 5.03
CA ASN UC 71 96.31 75.41 5.93
C ASN UC 71 95.94 74.53 7.11
N PRO UC 72 96.26 73.25 7.06
CA PRO UC 72 95.91 72.35 8.16
C PRO UC 72 96.75 72.65 9.38
N THR UC 73 96.44 71.93 10.46
CA THR UC 73 97.17 72.03 11.70
C THR UC 73 97.71 70.65 12.04
N ALA UC 74 99.03 70.52 11.99
CA ALA UC 74 99.68 69.26 12.27
C ALA UC 74 99.66 68.98 13.77
N CYS UC 75 99.31 67.76 14.13
CA CYS UC 75 99.52 67.26 15.49
C CYS UC 75 100.77 66.39 15.41
N THR UC 76 101.87 66.89 15.96
CA THR UC 76 103.15 66.18 15.85
C THR UC 76 103.10 64.88 16.62
N ALA UC 77 102.82 64.96 17.93
CA ALA UC 77 102.69 63.76 18.74
C ALA UC 77 101.21 63.51 18.97
N ASN UC 78 100.70 62.48 18.30
CA ASN UC 78 99.36 61.99 18.54
C ASN UC 78 99.36 60.81 19.51
N GLY UC 79 100.52 60.47 20.07
CA GLY UC 79 100.68 59.18 20.69
C GLY UC 79 100.97 58.09 19.68
N SER UC 80 101.11 58.47 18.41
CA SER UC 80 101.38 57.53 17.33
C SER UC 80 102.60 58.02 16.57
N CYS UC 81 103.16 57.14 15.74
CA CYS UC 81 104.40 57.43 15.04
C CYS UC 81 104.25 58.46 13.94
N ASP UC 82 103.03 58.78 13.53
CA ASP UC 82 102.87 59.70 12.42
C ASP UC 82 102.00 60.88 12.83
N PRO UC 83 102.32 62.08 12.34
CA PRO UC 83 101.48 63.23 12.65
C PRO UC 83 100.13 63.10 11.97
N SER UC 84 99.17 63.89 12.44
CA SER UC 84 97.82 63.81 11.94
C SER UC 84 97.20 65.20 11.82
N VAL UC 85 96.31 65.34 10.85
CA VAL UC 85 95.60 66.59 10.64
C VAL UC 85 94.69 66.81 11.84
N THR UC 86 94.71 68.02 12.39
CA THR UC 86 93.83 68.32 13.50
C THR UC 86 92.75 69.33 13.08
N ARG UC 87 93.15 70.57 12.87
CA ARG UC 87 92.25 71.61 12.43
C ARG UC 87 92.61 72.00 11.00
N GLN UC 88 91.60 72.36 10.23
CA GLN UC 88 91.84 72.73 8.83
C GLN UC 88 91.35 74.15 8.62
N ALA UC 89 92.29 75.07 8.40
CA ALA UC 89 91.96 76.46 8.18
C ALA UC 89 91.52 76.65 6.74
N TYR UC 90 90.35 77.24 6.55
CA TYR UC 90 89.84 77.51 5.21
C TYR UC 90 89.80 79.00 4.94
N ALA UC 91 90.54 79.39 3.91
CA ALA UC 91 90.55 80.78 3.46
C ALA UC 91 90.07 80.78 2.02
N ASP UC 92 88.94 81.43 1.77
CA ASP UC 92 88.32 81.44 0.45
C ASP UC 92 88.10 82.87 -0.01
N VAL UC 93 88.43 83.13 -1.28
CA VAL UC 93 88.27 84.43 -1.90
C VAL UC 93 87.72 84.21 -3.29
N THR UC 94 86.73 85.01 -3.67
CA THR UC 94 86.14 84.95 -4.99
C THR UC 94 86.09 86.33 -5.61
N PHE UC 95 85.85 86.35 -6.92
CA PHE UC 95 85.71 87.59 -7.64
C PHE UC 95 84.67 87.44 -8.73
N SER UC 96 83.90 88.50 -8.94
CA SER UC 96 82.94 88.53 -10.02
C SER UC 96 83.20 89.76 -10.86
N PHE UC 97 83.01 89.62 -12.17
CA PHE UC 97 83.21 90.73 -13.08
C PHE UC 97 82.27 90.59 -14.25
N THR UC 98 82.05 91.69 -14.93
CA THR UC 98 81.17 91.74 -16.08
C THR UC 98 82.03 91.80 -17.34
N GLN UC 99 81.52 91.21 -18.41
CA GLN UC 99 82.23 91.18 -19.67
C GLN UC 99 82.76 92.54 -20.06
N TYR UC 100 82.11 93.61 -19.64
CA TYR UC 100 82.59 94.95 -19.94
C TYR UC 100 83.50 95.50 -18.86
N SER UC 101 83.81 94.72 -17.84
CA SER UC 101 84.67 95.19 -16.76
C SER UC 101 85.99 95.68 -17.34
N THR UC 102 86.46 96.83 -16.86
CA THR UC 102 87.70 97.36 -17.39
C THR UC 102 88.88 96.89 -16.55
N ASP UC 103 90.07 97.30 -16.98
CA ASP UC 103 91.28 96.86 -16.29
C ASP UC 103 91.41 97.53 -14.94
N GLU UC 104 91.42 98.86 -14.91
CA GLU UC 104 91.74 99.56 -13.67
C GLU UC 104 90.73 99.25 -12.59
N GLU UC 105 89.45 99.14 -12.95
CA GLU UC 105 88.45 98.69 -12.00
C GLU UC 105 88.91 97.43 -11.29
N ARG UC 106 89.26 96.41 -12.06
CA ARG UC 106 89.79 95.20 -11.46
C ARG UC 106 91.02 95.49 -10.64
N ALA UC 107 92.01 96.13 -11.25
CA ALA UC 107 93.19 96.53 -10.51
C ALA UC 107 92.83 97.27 -9.23
N PHE UC 108 91.89 98.21 -9.33
CA PHE UC 108 91.42 98.90 -8.14
C PHE UC 108 90.93 97.93 -7.08
N VAL UC 109 90.22 96.89 -7.49
CA VAL UC 109 89.75 95.91 -6.53
C VAL UC 109 90.91 95.20 -5.87
N ARG UC 110 91.91 94.81 -6.67
CA ARG UC 110 92.98 93.98 -6.14
C ARG UC 110 93.67 94.66 -4.96
N THR UC 111 94.20 95.86 -5.18
CA THR UC 111 94.93 96.54 -4.12
C THR UC 111 94.08 96.73 -2.87
N GLU UC 112 92.93 97.38 -3.01
CA GLU UC 112 92.13 97.74 -1.85
C GLU UC 112 91.85 96.55 -0.95
N LEU UC 113 91.57 95.39 -1.53
CA LEU UC 113 91.38 94.21 -0.70
C LEU UC 113 92.61 93.95 0.15
N ALA UC 114 93.78 94.01 -0.47
CA ALA UC 114 95.02 93.85 0.30
C ALA UC 114 95.11 94.89 1.40
N ALA UC 115 94.94 96.17 1.06
CA ALA UC 115 95.01 97.21 2.07
C ALA UC 115 94.12 96.90 3.26
N LEU UC 116 92.89 96.49 3.01
CA LEU UC 116 92.03 96.06 4.10
C LEU UC 116 92.70 94.99 4.95
N LEU UC 117 93.28 93.99 4.30
CA LEU UC 117 93.92 92.94 5.06
C LEU UC 117 95.04 93.47 5.94
N ALA UC 118 95.66 94.58 5.55
CA ALA UC 118 96.62 95.25 6.41
C ALA UC 118 95.96 96.29 7.31
N SER UC 119 94.68 96.59 7.09
CA SER UC 119 94.03 97.60 7.90
C SER UC 119 93.91 97.13 9.34
N PRO UC 120 94.01 98.04 10.31
CA PRO UC 120 93.82 97.66 11.70
C PRO UC 120 92.42 97.16 11.98
N LEU UC 121 91.46 97.43 11.11
CA LEU UC 121 90.12 96.92 11.32
C LEU UC 121 90.11 95.39 11.30
N LEU UC 122 90.50 94.80 10.18
CA LEU UC 122 90.33 93.37 10.01
C LEU UC 122 91.14 92.55 10.99
N ILE UC 123 92.30 93.05 11.41
CA ILE UC 123 93.17 92.24 12.25
C ILE UC 123 92.45 91.78 13.50
N ASP UC 124 91.78 92.69 14.21
CA ASP UC 124 90.95 92.27 15.32
C ASP UC 124 89.82 91.37 14.89
N ALA UC 125 89.17 91.71 13.78
CA ALA UC 125 88.18 90.83 13.18
C ALA UC 125 88.74 89.45 12.88
N ILE UC 126 89.88 89.37 12.24
CA ILE UC 126 90.50 88.10 11.92
C ILE UC 126 91.17 87.49 13.14
N ASP UC 127 92.22 88.13 13.64
CA ASP UC 127 93.03 87.51 14.68
C ASP UC 127 92.25 87.27 15.95
N GLN UC 128 91.61 88.30 16.49
CA GLN UC 128 90.92 88.19 17.74
C GLN UC 128 89.43 87.90 17.59
N LEU UC 129 88.95 87.67 16.36
CA LEU UC 129 87.56 87.34 16.11
C LEU UC 129 86.63 88.36 16.75
N ASN UC 130 86.71 89.58 16.25
CA ASN UC 130 85.92 90.59 16.89
C ASN UC 130 85.07 91.32 15.86
N PRO UC 131 83.85 91.62 16.19
CA PRO UC 131 83.03 92.47 15.33
C PRO UC 131 83.52 93.90 15.34
N ALA UC 132 82.72 94.80 14.79
CA ALA UC 132 83.16 96.11 14.35
C ALA UC 132 83.27 97.12 15.48
N TYR UC 133 83.05 96.70 16.71
CA TYR UC 133 83.05 97.64 17.82
C TYR UC 133 84.38 97.58 18.56
N ALA VC 2 105.96 70.36 -14.96
CA ALA VC 2 105.98 71.61 -15.70
C ALA VC 2 105.16 71.47 -16.98
N LYS VC 3 105.27 72.47 -17.84
CA LYS VC 3 104.50 72.54 -19.07
C LYS VC 3 104.89 71.40 -20.00
N LEU VC 4 103.89 70.85 -20.66
CA LEU VC 4 104.12 69.94 -21.78
C LEU VC 4 104.99 70.66 -22.79
N GLU VC 5 106.05 70.02 -23.22
CA GLU VC 5 106.96 70.60 -24.20
C GLU VC 5 107.45 69.54 -25.15
N THR VC 6 108.22 69.98 -26.14
CA THR VC 6 108.94 69.04 -26.98
C THR VC 6 109.96 68.37 -26.08
N VAL VC 7 109.94 67.04 -26.06
CA VAL VC 7 110.88 66.31 -25.22
C VAL VC 7 111.85 65.58 -26.12
N THR VC 8 113.09 66.03 -26.15
CA THR VC 8 114.14 65.39 -26.90
C THR VC 8 114.76 64.31 -26.03
N LEU VC 9 115.11 63.19 -26.63
CA LEU VC 9 115.75 62.10 -25.92
C LEU VC 9 116.94 61.61 -26.71
N GLY VC 10 118.11 61.63 -26.07
CA GLY VC 10 119.31 61.05 -26.64
C GLY VC 10 119.59 59.71 -26.02
N ASN VC 11 120.57 59.02 -26.59
CA ASN VC 11 121.07 57.76 -26.05
C ASN VC 11 119.93 56.75 -25.92
N ILE VC 12 119.47 56.29 -27.07
CA ILE VC 12 118.30 55.43 -27.15
C ILE VC 12 118.69 54.18 -27.92
N GLY VC 13 118.02 53.08 -27.62
CA GLY VC 13 118.24 51.83 -28.30
C GLY VC 13 119.56 51.19 -27.91
N LYS VC 14 119.72 49.95 -28.36
CA LYS VC 14 120.95 49.21 -28.07
C LYS VC 14 122.17 50.00 -28.48
N ASP VC 15 122.08 50.73 -29.58
CA ASP VC 15 123.17 51.60 -29.99
C ASP VC 15 123.40 52.70 -28.98
N GLY VC 16 122.35 53.40 -28.60
CA GLY VC 16 122.52 54.63 -27.83
C GLY VC 16 122.81 55.83 -28.68
N LYS VC 17 122.87 55.64 -30.00
CA LYS VC 17 122.95 56.78 -30.90
C LYS VC 17 121.57 57.22 -31.36
N GLN VC 18 120.55 56.43 -31.03
CA GLN VC 18 119.18 56.75 -31.39
C GLN VC 18 118.71 57.96 -30.59
N THR VC 19 117.95 58.82 -31.25
CA THR VC 19 117.37 59.98 -30.62
C THR VC 19 115.88 60.05 -30.94
N LEU VC 20 115.12 60.68 -30.06
CA LEU VC 20 113.68 60.78 -30.25
C LEU VC 20 113.18 62.08 -29.69
N VAL VC 21 112.22 62.69 -30.37
CA VAL VC 21 111.54 63.87 -29.89
C VAL VC 21 110.07 63.53 -29.71
N LEU VC 22 109.43 64.22 -28.77
CA LEU VC 22 108.03 63.96 -28.45
C LEU VC 22 107.29 65.29 -28.39
N ASN VC 23 106.31 65.42 -29.21
CA ASN VC 23 105.57 66.66 -29.09
C ASN VC 23 104.43 66.51 -28.11
N PRO VC 24 104.08 67.58 -27.41
CA PRO VC 24 102.89 67.54 -26.56
C PRO VC 24 101.65 67.29 -27.39
N ARG VC 25 100.87 66.30 -26.99
CA ARG VC 25 99.65 65.94 -27.69
C ARG VC 25 98.41 66.53 -27.04
N GLY VC 26 98.56 67.31 -25.99
CA GLY VC 26 97.43 67.75 -25.20
C GLY VC 26 97.10 66.75 -24.12
N VAL VC 27 96.00 67.00 -23.43
CA VAL VC 27 95.60 66.19 -22.30
C VAL VC 27 94.14 65.80 -22.46
N ASN VC 28 93.85 64.52 -22.38
CA ASN VC 28 92.46 64.12 -22.31
C ASN VC 28 91.88 64.48 -20.95
N PRO VC 29 90.95 65.42 -20.87
CA PRO VC 29 90.42 65.82 -19.57
C PRO VC 29 89.57 64.76 -18.91
N THR VC 30 88.93 63.89 -19.68
CA THR VC 30 88.06 62.88 -19.07
C THR VC 30 88.82 62.03 -18.08
N ASN VC 31 89.72 61.19 -18.56
CA ASN VC 31 90.59 60.44 -17.67
C ASN VC 31 91.64 61.32 -17.02
N GLY VC 32 91.79 62.56 -17.47
CA GLY VC 32 92.81 63.42 -16.93
C GLY VC 32 94.20 62.90 -17.19
N VAL VC 33 94.52 62.62 -18.45
CA VAL VC 33 95.78 62.00 -18.81
C VAL VC 33 96.42 62.79 -19.94
N ALA VC 34 97.68 63.17 -19.76
CA ALA VC 34 98.45 63.81 -20.80
C ALA VC 34 98.89 62.81 -21.85
N SER VC 35 99.26 63.35 -23.01
CA SER VC 35 99.72 62.51 -24.10
C SER VC 35 100.88 63.18 -24.80
N LEU VC 36 101.85 62.37 -25.21
CA LEU VC 36 103.01 62.85 -25.94
C LEU VC 36 103.23 61.94 -27.13
N SER VC 37 103.79 62.49 -28.20
CA SER VC 37 104.03 61.65 -29.36
C SER VC 37 105.22 62.15 -30.16
N GLN VC 38 105.90 61.19 -30.79
CA GLN VC 38 106.75 61.49 -31.90
C GLN VC 38 105.93 62.12 -33.02
N ALA VC 39 106.56 63.01 -33.79
CA ALA VC 39 105.91 63.53 -34.98
C ALA VC 39 106.33 62.66 -36.17
N GLY VC 40 105.38 61.83 -36.60
CA GLY VC 40 105.56 61.01 -37.77
C GLY VC 40 104.66 61.46 -38.90
N ALA VC 41 104.37 60.51 -39.78
CA ALA VC 41 103.35 60.75 -40.79
C ALA VC 41 101.97 60.38 -40.28
N VAL VC 42 101.76 59.10 -40.01
CA VAL VC 42 100.45 58.62 -39.59
C VAL VC 42 100.40 58.52 -38.08
N PRO VC 43 99.50 59.26 -37.41
CA PRO VC 43 99.39 59.15 -35.95
C PRO VC 43 99.26 57.73 -35.46
N ALA VC 44 98.48 56.89 -36.13
CA ALA VC 44 98.41 55.47 -35.79
C ALA VC 44 99.79 54.84 -35.74
N LEU VC 45 100.68 55.24 -36.64
CA LEU VC 45 102.04 54.74 -36.62
C LEU VC 45 102.90 55.44 -35.59
N GLU VC 46 102.58 56.67 -35.24
CA GLU VC 46 103.46 57.49 -34.42
C GLU VC 46 103.53 56.95 -33.00
N LYS VC 47 104.72 57.03 -32.42
CA LYS VC 47 104.97 56.53 -31.07
C LYS VC 47 104.14 57.37 -30.12
N ARG VC 48 103.65 56.74 -29.06
CA ARG VC 48 102.85 57.46 -28.08
C ARG VC 48 103.42 57.31 -26.68
N VAL VC 49 103.29 58.36 -25.88
CA VAL VC 49 103.72 58.35 -24.49
C VAL VC 49 102.63 58.98 -23.66
N THR VC 50 102.21 58.30 -22.61
CA THR VC 50 101.10 58.74 -21.78
C THR VC 50 101.55 58.80 -20.33
N VAL VC 51 101.24 59.91 -19.66
CA VAL VC 51 101.50 60.04 -18.24
C VAL VC 51 100.24 60.54 -17.57
N SER VC 52 100.12 60.20 -16.29
CA SER VC 52 98.95 60.62 -15.54
C SER VC 52 99.32 60.70 -14.07
N VAL VC 53 98.62 61.58 -13.36
CA VAL VC 53 98.71 61.63 -11.92
C VAL VC 53 97.36 61.18 -11.39
N SER VC 54 97.20 61.19 -10.07
CA SER VC 54 95.96 60.83 -9.44
C SER VC 54 95.89 61.47 -8.07
N GLN VC 55 94.71 61.49 -7.50
CA GLN VC 55 94.58 62.01 -6.15
C GLN VC 55 93.67 61.09 -5.35
N PRO VC 56 93.95 60.93 -4.07
CA PRO VC 56 93.19 59.96 -3.27
C PRO VC 56 91.74 60.37 -3.16
N SER VC 57 90.87 59.37 -3.22
CA SER VC 57 89.44 59.59 -3.13
C SER VC 57 88.89 58.69 -2.03
N ARG VC 58 87.57 58.68 -1.88
CA ARG VC 58 86.92 57.72 -1.01
C ARG VC 58 87.17 56.29 -1.45
N ASN VC 59 87.50 56.07 -2.72
CA ASN VC 59 87.83 54.75 -3.22
C ASN VC 59 89.24 54.32 -2.88
N ARG VC 60 90.20 55.24 -2.92
CA ARG VC 60 91.59 54.91 -2.63
C ARG VC 60 92.25 56.08 -1.95
N LYS VC 61 93.09 55.79 -0.97
CA LYS VC 61 93.77 56.80 -0.18
C LYS VC 61 95.17 57.04 -0.72
N ASN VC 62 95.52 56.39 -1.82
CA ASN VC 62 96.88 56.39 -2.30
C ASN VC 62 96.98 57.14 -3.62
N TYR VC 63 98.13 57.73 -3.87
CA TYR VC 63 98.38 58.35 -5.16
C TYR VC 63 98.81 57.32 -6.17
N LYS VC 64 98.31 57.46 -7.40
CA LYS VC 64 98.72 56.61 -8.51
C LYS VC 64 99.36 57.49 -9.57
N VAL VC 65 100.50 57.05 -10.07
CA VAL VC 65 101.15 57.68 -11.21
C VAL VC 65 101.32 56.61 -12.25
N GLN VC 66 100.63 56.76 -13.37
CA GLN VC 66 100.61 55.76 -14.43
C GLN VC 66 101.30 56.30 -15.66
N VAL VC 67 102.19 55.49 -16.23
CA VAL VC 67 102.90 55.86 -17.44
C VAL VC 67 102.84 54.67 -18.38
N LYS VC 68 102.31 54.88 -19.58
CA LYS VC 68 102.21 53.84 -20.59
C LYS VC 68 102.88 54.31 -21.87
N ILE VC 69 103.51 53.37 -22.56
CA ILE VC 69 104.20 53.66 -23.81
C ILE VC 69 103.69 52.70 -24.87
N GLN VC 70 103.40 53.23 -26.04
CA GLN VC 70 102.85 52.46 -27.13
C GLN VC 70 103.69 52.70 -28.38
N ASN VC 71 104.34 51.64 -28.86
CA ASN VC 71 105.25 51.72 -29.99
C ASN VC 71 104.87 50.65 -31.00
N PRO VC 72 104.06 50.99 -31.98
CA PRO VC 72 103.63 49.99 -32.96
C PRO VC 72 104.79 49.62 -33.88
N THR VC 73 104.52 48.65 -34.75
CA THR VC 73 105.46 48.20 -35.75
C THR VC 73 104.84 48.40 -37.12
N ALA VC 74 105.41 49.30 -37.89
CA ALA VC 74 104.92 49.61 -39.21
C ALA VC 74 105.30 48.50 -40.18
N CYS VC 75 104.33 48.08 -40.99
CA CYS VC 75 104.61 47.23 -42.14
C CYS VC 75 104.57 48.17 -43.34
N THR VC 76 105.76 48.46 -43.89
CA THR VC 76 105.84 49.43 -44.98
C THR VC 76 105.15 48.91 -46.23
N ALA VC 77 105.58 47.74 -46.71
CA ALA VC 77 104.93 47.12 -47.87
C ALA VC 77 104.05 46.01 -47.36
N ASN VC 78 102.75 46.24 -47.40
CA ASN VC 78 101.77 45.19 -47.13
C ASN VC 78 101.27 44.55 -48.42
N GLY VC 79 101.84 44.92 -49.56
CA GLY VC 79 101.19 44.65 -50.83
C GLY VC 79 100.13 45.68 -51.15
N SER VC 80 99.98 46.70 -50.32
CA SER VC 80 98.99 47.74 -50.49
C SER VC 80 99.70 49.08 -50.42
N CYS VC 81 99.00 50.13 -50.86
CA CYS VC 81 99.60 51.45 -50.96
C CYS VC 81 99.87 52.11 -49.62
N ASP VC 82 99.30 51.59 -48.54
CA ASP VC 82 99.46 52.24 -47.26
C ASP VC 82 100.06 51.30 -46.24
N PRO VC 83 100.94 51.78 -45.37
CA PRO VC 83 101.48 50.92 -44.32
C PRO VC 83 100.40 50.55 -43.32
N SER VC 84 100.68 49.51 -42.54
CA SER VC 84 99.71 49.00 -41.60
C SER VC 84 100.38 48.58 -40.30
N VAL VC 85 99.63 48.72 -39.21
CA VAL VC 85 100.12 48.32 -37.89
C VAL VC 85 100.27 46.81 -37.90
N THR VC 86 101.42 46.32 -37.42
CA THR VC 86 101.62 44.90 -37.33
C THR VC 86 101.65 44.43 -35.88
N ARG VC 87 102.71 44.77 -35.16
CA ARG VC 87 102.84 44.44 -33.75
C ARG VC 87 102.76 45.71 -32.94
N GLN VC 88 102.20 45.61 -31.74
CA GLN VC 88 102.04 46.79 -30.90
C GLN VC 88 102.78 46.52 -29.60
N ALA VC 89 103.87 47.25 -29.38
CA ALA VC 89 104.66 47.10 -28.17
C ALA VC 89 103.99 47.88 -27.04
N TYR VC 90 103.75 47.21 -25.93
CA TYR VC 90 103.15 47.85 -24.77
C TYR VC 90 104.15 47.94 -23.62
N ALA VC 91 104.43 49.16 -23.22
CA ALA VC 91 105.30 49.41 -22.07
C ALA VC 91 104.47 50.17 -21.04
N ASP VC 92 104.28 49.57 -19.88
CA ASP VC 92 103.43 50.14 -18.84
C ASP VC 92 104.20 50.25 -17.54
N VAL VC 93 104.07 51.40 -16.88
CA VAL VC 93 104.72 51.68 -15.61
C VAL VC 93 103.72 52.37 -14.71
N THR VC 94 103.64 51.94 -13.46
CA THR VC 94 102.76 52.54 -12.48
C THR VC 94 103.53 52.89 -11.22
N PHE VC 95 102.90 53.70 -10.38
CA PHE VC 95 103.48 54.07 -9.11
C PHE VC 95 102.38 54.21 -8.07
N SER VC 96 102.69 53.79 -6.86
CA SER VC 96 101.78 53.96 -5.74
C SER VC 96 102.51 54.68 -4.63
N PHE VC 97 101.79 55.54 -3.92
CA PHE VC 97 102.37 56.28 -2.81
C PHE VC 97 101.30 56.55 -1.79
N THR VC 98 101.74 56.82 -0.58
CA THR VC 98 100.87 57.12 0.54
C THR VC 98 100.86 58.61 0.78
N GLN VC 99 99.72 59.11 1.24
CA GLN VC 99 99.58 60.53 1.50
C GLN VC 99 100.73 61.09 2.32
N TYR VC 100 101.36 60.27 3.15
CA TYR VC 100 102.49 60.73 3.93
C TYR VC 100 103.82 60.47 3.23
N SER VC 101 103.80 59.98 1.99
CA SER VC 101 105.04 59.70 1.27
C SER VC 101 105.87 60.96 1.20
N THR VC 102 107.18 60.84 1.44
CA THR VC 102 108.01 62.02 1.41
C THR VC 102 108.61 62.21 0.03
N ASP VC 103 109.38 63.28 -0.13
CA ASP VC 103 109.95 63.59 -1.42
C ASP VC 103 111.06 62.62 -1.78
N GLU VC 104 112.08 62.53 -0.93
CA GLU VC 104 113.26 61.76 -1.30
C GLU VC 104 112.93 60.30 -1.53
N GLU VC 105 112.03 59.74 -0.73
CA GLU VC 105 111.55 58.39 -0.98
C GLU VC 105 111.12 58.25 -2.44
N ARG VC 106 110.23 59.13 -2.88
CA ARG VC 106 109.82 59.11 -4.28
C ARG VC 106 111.02 59.28 -5.19
N ALA VC 107 111.79 60.36 -4.98
CA ALA VC 107 113.01 60.56 -5.75
C ALA VC 107 113.87 59.31 -5.74
N PHE VC 108 114.05 58.70 -4.57
CA PHE VC 108 114.79 57.45 -4.49
C PHE VC 108 114.23 56.41 -5.43
N VAL VC 109 112.91 56.31 -5.52
CA VAL VC 109 112.30 55.34 -6.42
C VAL VC 109 112.64 55.66 -7.86
N ARG VC 110 112.56 56.95 -8.22
CA ARG VC 110 112.71 57.30 -9.63
C ARG VC 110 114.05 56.85 -10.18
N THR VC 111 115.14 57.27 -9.55
CA THR VC 111 116.45 56.91 -10.08
C THR VC 111 116.64 55.41 -10.15
N GLU VC 112 116.47 54.71 -9.02
CA GLU VC 112 116.79 53.29 -8.99
C GLU VC 112 116.09 52.51 -10.10
N LEU VC 113 114.84 52.84 -10.40
CA LEU VC 113 114.19 52.17 -11.51
C LEU VC 113 114.98 52.37 -12.79
N ALA VC 114 115.40 53.60 -13.06
CA ALA VC 114 116.22 53.85 -14.22
C ALA VC 114 117.50 53.02 -14.18
N ALA VC 115 118.23 53.07 -13.07
CA ALA VC 115 119.46 52.29 -12.96
C ALA VC 115 119.23 50.83 -13.32
N LEU VC 116 118.16 50.23 -12.80
CA LEU VC 116 117.83 48.88 -13.20
C LEU VC 116 117.71 48.76 -14.70
N LEU VC 117 117.01 49.70 -15.33
CA LEU VC 117 116.85 49.62 -16.77
C LEU VC 117 118.19 49.66 -17.48
N ALA VC 118 119.20 50.28 -16.88
CA ALA VC 118 120.54 50.23 -17.43
C ALA VC 118 121.34 49.07 -16.86
N SER VC 119 120.81 48.36 -15.86
CA SER VC 119 121.54 47.25 -15.28
C SER VC 119 121.69 46.12 -16.29
N PRO VC 120 122.82 45.42 -16.26
CA PRO VC 120 122.98 44.26 -17.14
C PRO VC 120 121.98 43.16 -16.87
N LEU VC 121 121.33 43.18 -15.71
CA LEU VC 121 120.32 42.16 -15.46
C LEU VC 121 119.16 42.26 -16.42
N LEU VC 122 118.48 43.41 -16.43
CA LEU VC 122 117.24 43.51 -17.19
C LEU VC 122 117.45 43.38 -18.68
N ILE VC 123 118.60 43.79 -19.20
CA ILE VC 123 118.78 43.80 -20.64
C ILE VC 123 118.55 42.41 -21.23
N ASP VC 124 119.15 41.38 -20.65
CA ASP VC 124 118.85 40.02 -21.06
C ASP VC 124 117.40 39.67 -20.81
N ALA VC 125 116.87 40.04 -19.65
CA ALA VC 125 115.46 39.90 -19.39
C ALA VC 125 114.59 40.57 -20.43
N ILE VC 126 114.88 41.82 -20.75
CA ILE VC 126 114.12 42.56 -21.75
C ILE VC 126 114.51 42.12 -23.15
N ASP VC 127 115.74 42.40 -23.57
CA ASP VC 127 116.11 42.20 -24.96
C ASP VC 127 116.01 40.74 -25.37
N GLN VC 128 116.68 39.86 -24.65
CA GLN VC 128 116.73 38.47 -25.01
C GLN VC 128 115.66 37.63 -24.33
N LEU VC 129 114.76 38.24 -23.56
CA LEU VC 129 113.66 37.53 -22.91
C LEU VC 129 114.20 36.37 -22.07
N ASN VC 130 114.97 36.72 -21.05
CA ASN VC 130 115.56 35.65 -20.29
C ASN VC 130 115.25 35.80 -18.82
N PRO VC 131 114.97 34.72 -18.15
CA PRO VC 131 114.83 34.78 -16.69
C PRO VC 131 116.18 35.00 -16.02
N ALA VC 132 116.21 34.82 -14.71
CA ALA VC 132 117.26 35.36 -13.85
C ALA VC 132 118.52 34.51 -13.85
N TYR VC 133 118.57 33.47 -14.67
CA TYR VC 133 119.73 32.59 -14.64
C TYR VC 133 120.67 32.92 -15.79
N ALA WC 2 41.47 84.58 92.99
CA ALA WC 2 40.44 85.39 93.64
C ALA WC 2 39.32 85.71 92.66
N LYS WC 3 38.44 86.61 93.07
CA LYS WC 3 37.28 86.99 92.29
C LYS WC 3 37.69 87.65 91.00
N LEU WC 4 36.97 87.32 89.94
CA LEU WC 4 37.06 88.07 88.69
C LEU WC 4 36.77 89.53 89.00
N GLU WC 5 37.64 90.41 88.54
CA GLU WC 5 37.47 91.83 88.76
C GLU WC 5 37.90 92.60 87.53
N THR WC 6 37.73 93.91 87.60
CA THR WC 6 38.31 94.79 86.59
C THR WC 6 39.81 94.68 86.78
N VAL WC 7 40.51 94.37 85.69
CA VAL WC 7 41.95 94.24 85.78
C VAL WC 7 42.57 95.37 84.97
N THR WC 8 43.17 96.33 85.66
CA THR WC 8 43.87 97.42 85.03
C THR WC 8 45.30 96.98 84.76
N LEU WC 9 45.84 97.40 83.62
CA LEU WC 9 47.20 97.09 83.26
C LEU WC 9 47.90 98.35 82.78
N GLY WC 10 49.01 98.67 83.42
CA GLY WC 10 49.87 99.76 82.99
C GLY WC 10 51.08 99.21 82.29
N ASN WC 11 51.85 100.13 81.69
CA ASN WC 11 53.13 99.79 81.06
C ASN WC 11 52.93 98.72 80.00
N ILE WC 12 52.29 99.13 78.91
CA ILE WC 12 51.89 98.21 77.86
C ILE WC 12 52.45 98.73 76.55
N GLY WC 13 52.72 97.82 75.62
CA GLY WC 13 53.20 98.19 74.31
C GLY WC 13 54.65 98.66 74.34
N LYS WC 14 55.19 98.81 73.14
CA LYS WC 14 56.58 99.26 73.01
C LYS WC 14 56.80 100.55 73.77
N ASP WC 15 55.80 101.43 73.79
CA ASP WC 15 55.90 102.65 74.57
C ASP WC 15 55.96 102.33 76.07
N GLY WC 16 55.05 101.50 76.55
CA GLY WC 16 54.91 101.34 77.98
C GLY WC 16 54.05 102.40 78.60
N LYS WC 17 53.53 103.34 77.80
CA LYS WC 17 52.54 104.28 78.30
C LYS WC 17 51.14 103.76 78.05
N GLN WC 18 51.01 102.68 77.30
CA GLN WC 18 49.72 102.08 77.02
C GLN WC 18 49.15 101.46 78.29
N THR WC 19 47.84 101.60 78.45
CA THR WC 19 47.13 101.03 79.58
C THR WC 19 45.92 100.27 79.07
N LEU WC 20 45.48 99.28 79.84
CA LEU WC 20 44.35 98.47 79.43
C LEU WC 20 43.58 98.02 80.66
N VAL WC 21 42.26 98.00 80.55
CA VAL WC 21 41.41 97.46 81.57
C VAL WC 21 40.67 96.27 81.00
N LEU WC 22 40.31 95.32 81.88
CA LEU WC 22 39.64 94.10 81.45
C LEU WC 22 38.46 93.85 82.37
N ASN WC 23 37.30 93.80 81.80
CA ASN WC 23 36.20 93.49 82.68
C ASN WC 23 35.98 91.99 82.74
N PRO WC 24 35.51 91.50 83.88
CA PRO WC 24 35.13 90.10 83.96
C PRO WC 24 33.98 89.80 83.01
N ARG WC 25 34.18 88.77 82.20
CA ARG WC 25 33.18 88.36 81.22
C ARG WC 25 32.34 87.20 81.70
N GLY WC 26 32.54 86.73 82.92
CA GLY WC 26 31.91 85.52 83.38
C GLY WC 26 32.75 84.31 83.01
N VAL WC 27 32.19 83.12 83.28
CA VAL WC 27 32.90 81.88 83.08
C VAL WC 27 32.02 80.93 82.29
N ASN WC 28 32.55 80.39 81.21
CA ASN WC 28 31.83 79.33 80.55
C ASN WC 28 31.91 78.06 81.38
N PRO WC 29 30.80 77.57 81.94
CA PRO WC 29 30.86 76.39 82.79
C PRO WC 29 31.16 75.12 82.03
N THR WC 30 30.80 75.04 80.75
CA THR WC 30 31.03 73.81 80.00
C THR WC 30 32.50 73.43 80.02
N ASN WC 31 33.33 74.18 79.32
CA ASN WC 31 34.76 73.98 79.39
C ASN WC 31 35.34 74.41 80.72
N GLY WC 32 34.57 75.10 81.55
CA GLY WC 32 35.09 75.60 82.81
C GLY WC 32 36.20 76.60 82.61
N VAL WC 33 35.95 77.65 81.83
CA VAL WC 33 36.97 78.62 81.47
C VAL WC 33 36.42 80.02 81.71
N ALA WC 34 37.19 80.81 82.45
CA ALA WC 34 36.87 82.21 82.66
C ALA WC 34 37.19 83.03 81.42
N SER WC 35 36.59 84.22 81.37
CA SER WC 35 36.81 85.12 80.25
C SER WC 35 36.92 86.54 80.76
N LEU WC 36 37.82 87.30 80.14
CA LEU WC 36 38.00 88.71 80.48
C LEU WC 36 38.05 89.49 79.18
N SER WC 37 37.62 90.75 79.23
CA SER WC 37 37.66 91.54 78.02
C SER WC 37 37.82 93.02 78.35
N GLN WC 38 38.48 93.70 77.43
CA GLN WC 38 38.36 95.14 77.33
C GLN WC 38 36.92 95.52 77.06
N ALA WC 39 36.51 96.67 77.56
CA ALA WC 39 35.19 97.20 77.21
C ALA WC 39 35.37 98.12 76.01
N GLY WC 40 34.94 97.62 74.86
CA GLY WC 40 34.92 98.38 73.64
C GLY WC 40 33.51 98.67 73.19
N ALA WC 41 33.37 98.88 71.89
CA ALA WC 41 32.04 98.97 71.30
C ALA WC 41 31.54 97.60 70.89
N VAL WC 42 32.20 96.98 69.92
CA VAL WC 42 31.74 95.70 69.39
C VAL WC 42 32.52 94.58 70.07
N PRO WC 43 31.84 93.67 70.76
CA PRO WC 43 32.54 92.54 71.39
C PRO WC 43 33.44 91.79 70.45
N ALA WC 44 33.01 91.54 69.21
CA ALA WC 44 33.89 90.95 68.20
C ALA WC 44 35.19 91.71 68.08
N LEU WC 45 35.17 93.03 68.18
CA LEU WC 45 36.38 93.83 68.15
C LEU WC 45 37.11 93.82 69.48
N GLU WC 46 36.40 93.63 70.58
CA GLU WC 46 36.98 93.82 71.89
C GLU WC 46 38.02 92.75 72.18
N LYS WC 47 39.08 93.15 72.87
CA LYS WC 47 40.18 92.25 73.21
C LYS WC 47 39.63 91.20 74.17
N ARG WC 48 40.15 89.99 74.06
CA ARG WC 48 39.69 88.91 74.93
C ARG WC 48 40.86 88.29 75.67
N VAL WC 49 40.60 87.86 76.89
CA VAL WC 49 41.59 87.18 77.71
C VAL WC 49 40.90 85.98 78.36
N THR WC 50 41.50 84.81 78.23
CA THR WC 50 40.91 83.57 78.71
C THR WC 50 41.90 82.86 79.62
N VAL WC 51 41.43 82.43 80.79
CA VAL WC 51 42.23 81.63 81.69
C VAL WC 51 41.43 80.42 82.10
N SER WC 52 42.15 79.36 82.44
CA SER WC 52 41.50 78.13 82.86
C SER WC 52 42.42 77.36 83.76
N VAL WC 53 41.82 76.58 84.65
CA VAL WC 53 42.57 75.63 85.46
C VAL WC 53 42.15 74.25 85.00
N SER WC 54 42.67 73.22 85.63
CA SER WC 54 42.31 71.85 85.32
C SER WC 54 42.61 70.99 86.53
N GLN WC 55 42.06 69.79 86.52
CA GLN WC 55 42.36 68.86 87.60
C GLN WC 55 42.60 67.49 87.02
N PRO WC 56 43.53 66.73 87.60
CA PRO WC 56 43.90 65.44 87.02
C PRO WC 56 42.73 64.47 87.02
N SER WC 57 42.64 63.71 85.93
CA SER WC 57 41.57 62.73 85.77
C SER WC 57 42.21 61.39 85.46
N ARG WC 58 41.38 60.40 85.18
CA ARG WC 58 41.86 59.13 84.65
C ARG WC 58 42.58 59.30 83.33
N ASN WC 59 42.30 60.37 82.58
CA ASN WC 59 42.98 60.65 81.34
C ASN WC 59 44.35 61.27 81.54
N ARG WC 60 44.51 62.14 82.53
CA ARG WC 60 45.79 62.80 82.77
C ARG WC 60 45.95 63.03 84.26
N LYS WC 61 47.17 62.83 84.73
CA LYS WC 61 47.49 62.96 86.15
C LYS WC 61 48.07 64.32 86.45
N ASN WC 62 48.11 65.19 85.45
CA ASN WC 62 48.82 66.46 85.57
C ASN WC 62 47.83 67.61 85.53
N TYR WC 63 48.19 68.70 86.19
CA TYR WC 63 47.41 69.91 86.12
C TYR WC 63 47.75 70.68 84.87
N LYS WC 64 46.74 71.25 84.23
CA LYS WC 64 46.92 72.13 83.08
C LYS WC 64 46.38 73.50 83.43
N VAL WC 65 47.14 74.52 83.12
CA VAL WC 65 46.70 75.90 83.23
C VAL WC 65 46.88 76.52 81.86
N GLN WC 66 45.77 76.88 81.24
CA GLN WC 66 45.77 77.39 79.88
C GLN WC 66 45.35 78.84 79.89
N VAL WC 67 46.10 79.67 79.17
CA VAL WC 67 45.80 81.09 79.03
C VAL WC 67 45.94 81.45 77.57
N LYS WC 68 44.86 81.99 76.99
CA LYS WC 68 44.85 82.40 75.61
C LYS WC 68 44.45 83.86 75.52
N ILE WC 69 45.03 84.57 74.57
CA ILE WC 69 44.75 85.97 74.35
C ILE WC 69 44.38 86.18 72.89
N GLN WC 70 43.32 86.93 72.65
CA GLN WC 70 42.80 87.15 71.31
C GLN WC 70 42.65 88.64 71.10
N ASN WC 71 43.43 89.19 70.16
CA ASN WC 71 43.45 90.62 69.90
C ASN WC 71 43.26 90.84 68.41
N PRO WC 72 42.03 91.06 67.97
CA PRO WC 72 41.78 91.26 66.55
C PRO WC 72 42.34 92.59 66.08
N THR WC 73 42.23 92.82 64.77
CA THR WC 73 42.63 94.06 64.15
C THR WC 73 41.42 94.66 63.45
N ALA WC 74 40.97 95.79 63.95
CA ALA WC 74 39.80 96.46 63.40
C ALA WC 74 40.18 97.15 62.09
N CYS WC 75 39.34 96.98 61.09
CA CYS WC 75 39.41 97.80 59.88
C CYS WC 75 38.30 98.83 60.02
N THR WC 76 38.69 100.08 60.29
CA THR WC 76 37.71 101.12 60.56
C THR WC 76 36.89 101.42 59.32
N ALA WC 77 37.56 101.79 58.23
CA ALA WC 77 36.88 102.04 56.97
C ALA WC 77 37.11 100.84 56.08
N ASN WC 78 36.06 100.05 55.88
CA ASN WC 78 36.07 98.97 54.90
C ASN WC 78 35.44 99.40 53.61
N GLY WC 79 35.07 100.67 53.48
CA GLY WC 79 34.15 101.07 52.44
C GLY WC 79 32.71 100.81 52.83
N SER WC 80 32.48 100.35 54.05
CA SER WC 80 31.16 100.03 54.55
C SER WC 80 30.96 100.77 55.87
N CYS WC 81 29.72 100.83 56.33
CA CYS WC 81 29.38 101.59 57.51
C CYS WC 81 29.87 100.97 58.80
N ASP WC 82 30.29 99.70 58.78
CA ASP WC 82 30.68 99.05 60.01
C ASP WC 82 32.10 98.53 59.91
N PRO WC 83 32.87 98.61 60.99
CA PRO WC 83 34.23 98.04 60.96
C PRO WC 83 34.17 96.54 60.88
N SER WC 84 35.28 95.94 60.49
CA SER WC 84 35.36 94.51 60.29
C SER WC 84 36.68 93.95 60.79
N VAL WC 85 36.63 92.71 61.27
CA VAL WC 85 37.82 92.02 61.72
C VAL WC 85 38.73 91.79 60.53
N THR WC 86 40.00 92.12 60.69
CA THR WC 86 40.96 91.87 59.61
C THR WC 86 41.93 90.76 59.98
N ARG WC 87 42.84 91.04 60.89
CA ARG WC 87 43.80 90.07 61.38
C ARG WC 87 43.47 89.72 62.81
N GLN WC 88 43.72 88.47 63.19
CA GLN WC 88 43.40 88.02 64.54
C GLN WC 88 44.69 87.54 65.18
N ALA WC 89 45.16 88.28 66.18
CA ALA WC 89 46.39 87.93 66.88
C ALA WC 89 46.07 86.85 67.91
N TYR WC 90 46.81 85.75 67.87
CA TYR WC 90 46.62 84.68 68.82
C TYR WC 90 47.83 84.55 69.74
N ALA WC 91 47.57 84.72 71.03
CA ALA WC 91 48.60 84.54 72.04
C ALA WC 91 48.14 83.44 72.97
N ASP WC 92 48.89 82.35 73.02
CA ASP WC 92 48.52 81.17 73.78
C ASP WC 92 49.63 80.80 74.75
N VAL WC 93 49.26 80.49 75.98
CA VAL WC 93 50.19 80.09 77.02
C VAL WC 93 49.56 78.93 77.79
N THR WC 94 50.36 77.91 78.06
CA THR WC 94 49.90 76.76 78.81
C THR WC 94 50.88 76.46 79.94
N PHE WC 95 50.42 75.62 80.87
CA PHE WC 95 51.25 75.18 81.97
C PHE WC 95 50.92 73.75 82.31
N SER WC 96 51.97 73.01 82.67
CA SER WC 96 51.80 71.64 83.13
C SER WC 96 52.46 71.51 84.48
N PHE WC 97 51.86 70.72 85.35
CA PHE WC 97 52.42 70.48 86.67
C PHE WC 97 52.03 69.09 87.13
N THR WC 98 52.80 68.60 88.10
CA THR WC 98 52.58 67.29 88.66
C THR WC 98 51.90 67.44 90.01
N GLN WC 99 51.08 66.46 90.35
CA GLN WC 99 50.36 66.49 91.61
C GLN WC 99 51.26 66.80 92.78
N TYR WC 100 52.53 66.45 92.71
CA TYR WC 100 53.47 66.77 93.78
C TYR WC 100 54.17 68.11 93.56
N SER WC 101 53.81 68.85 92.52
CA SER WC 101 54.45 70.13 92.27
C SER WC 101 54.33 71.03 93.48
N THR WC 102 55.41 71.70 93.85
CA THR WC 102 55.34 72.55 95.03
C THR WC 102 54.97 73.97 94.64
N ASP WC 103 54.86 74.83 95.64
CA ASP WC 103 54.46 76.20 95.39
C ASP WC 103 55.56 76.99 94.72
N GLU WC 104 56.74 77.04 95.33
CA GLU WC 104 57.78 77.93 94.84
C GLU WC 104 58.21 77.55 93.43
N GLU WC 105 58.29 76.26 93.15
CA GLU WC 105 58.53 75.82 91.78
C GLU WC 105 57.60 76.52 90.81
N ARG WC 106 56.30 76.44 91.07
CA ARG WC 106 55.35 77.15 90.23
C ARG WC 106 55.64 78.63 90.24
N ALA WC 107 55.70 79.24 91.42
CA ALA WC 107 56.05 80.64 91.52
C ALA WC 107 57.32 80.95 90.73
N PHE WC 108 58.33 80.10 90.87
CA PHE WC 108 59.55 80.27 90.09
C PHE WC 108 59.25 80.33 88.61
N VAL WC 109 58.34 79.48 88.13
CA VAL WC 109 58.00 79.50 86.72
C VAL WC 109 57.35 80.81 86.35
N ARG WC 110 56.44 81.30 87.19
CA ARG WC 110 55.66 82.46 86.82
C ARG WC 110 56.56 83.65 86.51
N THR WC 111 57.40 84.04 87.47
CA THR WC 111 58.24 85.21 87.27
C THR WC 111 59.13 85.06 86.05
N GLU WC 112 59.94 84.00 86.00
CA GLU WC 112 60.92 83.87 84.93
C GLU WC 112 60.31 84.03 83.55
N LEU WC 113 59.12 83.47 83.33
CA LEU WC 113 58.49 83.67 82.04
C LEU WC 113 58.29 85.15 81.76
N ALA WC 114 57.80 85.89 82.75
CA ALA WC 114 57.67 87.33 82.58
C ALA WC 114 59.00 87.97 82.26
N ALA WC 115 60.03 87.68 83.06
CA ALA WC 115 61.34 88.26 82.80
C ALA WC 115 61.78 88.04 81.37
N LEU WC 116 61.62 86.82 80.86
CA LEU WC 116 61.90 86.58 79.46
C LEU WC 116 61.15 87.54 78.57
N LEU WC 117 59.86 87.72 78.82
CA LEU WC 117 59.08 88.61 77.99
C LEU WC 117 59.64 90.03 78.01
N ALA WC 118 60.29 90.42 79.10
CA ALA WC 118 60.99 91.69 79.14
C ALA WC 118 62.43 91.57 78.69
N SER WC 119 62.93 90.36 78.48
CA SER WC 119 64.31 90.19 78.06
C SER WC 119 64.51 90.76 76.66
N PRO WC 120 65.68 91.34 76.40
CA PRO WC 120 65.97 91.82 75.04
C PRO WC 120 65.99 90.71 74.01
N LEU WC 121 66.11 89.46 74.44
CA LEU WC 121 66.08 88.38 73.47
C LEU WC 121 64.75 88.31 72.76
N LEU WC 122 63.67 88.10 73.51
CA LEU WC 122 62.38 87.84 72.88
C LEU WC 122 61.86 88.99 72.06
N ILE WC 123 62.18 90.23 72.44
CA ILE WC 123 61.59 91.37 71.77
C ILE WC 123 61.89 91.33 70.27
N ASP WC 124 63.13 91.09 69.88
CA ASP WC 124 63.44 90.89 68.48
C ASP WC 124 62.75 89.66 67.93
N ALA WC 125 62.75 88.56 68.69
CA ALA WC 125 62.00 87.39 68.32
C ALA WC 125 60.52 87.69 68.12
N ILE WC 126 59.89 88.39 69.05
CA ILE WC 126 58.49 88.75 68.94
C ILE WC 126 58.30 89.90 67.98
N ASP WC 127 58.80 91.09 68.32
CA ASP WC 127 58.47 92.27 67.55
C ASP WC 127 58.98 92.18 66.12
N GLN WC 128 60.26 91.92 65.95
CA GLN WC 128 60.86 91.90 64.63
C GLN WC 128 60.90 90.52 64.01
N LEU WC 129 60.34 89.51 64.66
CA LEU WC 129 60.27 88.15 64.12
C LEU WC 129 61.66 87.67 63.74
N ASN WC 130 62.51 87.54 64.75
CA ASN WC 130 63.86 87.16 64.41
C ASN WC 130 64.29 85.95 65.21
N PRO WC 131 65.00 85.04 64.59
CA PRO WC 131 65.59 83.93 65.34
C PRO WC 131 66.73 84.42 66.22
N ALA WC 132 67.50 83.48 66.75
CA ALA WC 132 68.36 83.69 67.90
C ALA WC 132 69.68 84.35 67.54
N TYR WC 133 69.87 84.73 66.30
CA TYR WC 133 71.14 85.30 65.88
C TYR WC 133 71.06 86.81 65.82
N ALA XC 2 80.16 41.09 -95.61
CA ALA XC 2 79.95 42.14 -96.60
C ALA XC 2 78.65 41.90 -97.35
N LYS XC 3 78.46 42.68 -98.42
CA LYS XC 3 77.25 42.63 -99.21
C LYS XC 3 77.11 41.28 -99.90
N LEU XC 4 75.87 40.79 -99.93
CA LEU XC 4 75.54 39.65 -100.78
C LEU XC 4 75.93 39.99 -102.21
N GLU XC 5 76.66 39.09 -102.85
CA GLU XC 5 77.10 39.31 -104.20
C GLU XC 5 77.05 38.00 -104.97
N THR XC 6 77.35 38.08 -106.26
CA THR XC 6 77.56 36.88 -107.05
C THR XC 6 78.81 36.24 -106.49
N VAL XC 7 78.70 34.96 -106.12
CA VAL XC 7 79.85 34.27 -105.57
C VAL XC 7 80.28 33.20 -106.57
N THR XC 8 81.42 33.42 -107.20
CA THR XC 8 81.99 32.46 -108.11
C THR XC 8 82.84 31.48 -107.32
N LEU XC 9 82.81 30.22 -107.71
CA LEU XC 9 83.60 29.19 -107.05
C LEU XC 9 84.30 28.35 -108.11
N GLY XC 10 85.62 28.29 -108.01
CA GLY XC 10 86.41 27.41 -108.84
C GLY XC 10 86.84 26.19 -108.06
N ASN XC 11 87.42 25.24 -108.78
CA ASN XC 11 88.00 24.05 -108.18
C ASN XC 11 86.95 23.30 -107.36
N ILE XC 12 86.01 22.71 -108.06
CA ILE XC 12 84.85 22.07 -107.45
C ILE XC 12 84.78 20.65 -107.96
N GLY XC 13 84.21 19.76 -107.14
CA GLY XC 13 84.03 18.38 -107.52
C GLY XC 13 85.33 17.61 -107.54
N LYS XC 14 85.20 16.29 -107.67
CA LYS XC 14 86.36 15.43 -107.71
C LYS XC 14 87.35 15.89 -108.77
N ASP XC 15 86.85 16.38 -109.89
CA ASP XC 15 87.72 16.94 -110.91
C ASP XC 15 88.44 18.18 -110.40
N GLY XC 16 87.72 19.12 -109.82
CA GLY XC 16 88.30 20.41 -109.52
C GLY XC 16 88.27 21.35 -110.70
N LYS XC 17 87.76 20.90 -111.84
CA LYS XC 17 87.53 21.80 -112.95
C LYS XC 17 86.12 22.37 -112.91
N GLN XC 18 85.28 21.86 -112.02
CA GLN XC 18 83.92 22.34 -111.87
C GLN XC 18 83.94 23.75 -111.28
N THR XC 19 83.03 24.58 -111.78
CA THR XC 19 82.86 25.93 -111.29
C THR XC 19 81.40 26.19 -111.00
N LEU XC 20 81.15 27.12 -110.09
CA LEU XC 20 79.77 27.43 -109.71
C LEU XC 20 79.67 28.90 -109.33
N VAL XC 21 78.56 29.51 -109.72
CA VAL XC 21 78.25 30.86 -109.33
C VAL XC 21 76.99 30.84 -108.49
N LEU XC 22 76.86 31.80 -107.59
CA LEU XC 22 75.72 31.87 -106.67
C LEU XC 22 75.18 33.29 -106.67
N ASN XC 23 73.95 33.43 -107.02
CA ASN XC 23 73.44 34.77 -106.95
C ASN XC 23 72.82 35.02 -105.59
N PRO XC 24 72.89 36.26 -105.11
CA PRO XC 24 72.19 36.60 -103.88
C PRO XC 24 70.68 36.43 -104.05
N ARG XC 25 70.09 35.69 -103.13
CA ARG XC 25 68.66 35.41 -103.16
C ARG XC 25 67.87 36.33 -102.25
N GLY XC 26 68.52 37.27 -101.59
CA GLY XC 26 67.88 38.06 -100.56
C GLY XC 26 67.97 37.36 -99.22
N VAL XC 27 67.29 37.94 -98.23
CA VAL XC 27 67.34 37.45 -96.87
C VAL XC 27 65.94 37.31 -96.32
N ASN XC 28 65.62 36.14 -95.81
CA ASN XC 28 64.37 36.02 -95.09
C ASN XC 28 64.47 36.74 -93.76
N PRO XC 29 63.73 37.82 -93.55
CA PRO XC 29 63.84 38.57 -92.30
C PRO XC 29 63.29 37.83 -91.10
N THR XC 30 62.30 36.95 -91.30
CA THR XC 30 61.70 36.25 -90.18
C THR XC 30 62.76 35.50 -89.38
N ASN XC 31 63.29 34.43 -89.94
CA ASN XC 31 64.39 33.73 -89.33
C ASN XC 31 65.69 34.52 -89.39
N GLY XC 32 65.73 35.61 -90.16
CA GLY XC 32 66.95 36.36 -90.32
C GLY XC 32 68.04 35.54 -90.97
N VAL XC 33 67.77 34.97 -92.13
CA VAL XC 33 68.70 34.07 -92.79
C VAL XC 33 68.85 34.51 -94.25
N ALA XC 34 70.09 34.67 -94.68
CA ALA XC 34 70.38 34.96 -96.07
C ALA XC 34 70.25 33.71 -96.92
N SER XC 35 70.12 33.92 -98.23
CA SER XC 35 69.99 32.81 -99.16
C SER XC 35 70.80 33.11 -100.41
N LEU XC 36 71.44 32.08 -100.95
CA LEU XC 36 72.20 32.19 -102.18
C LEU XC 36 71.81 31.04 -103.08
N SER XC 37 71.90 31.25 -104.39
CA SER XC 37 71.54 30.17 -105.29
C SER XC 37 72.31 30.28 -106.59
N GLN XC 38 72.58 29.11 -107.17
CA GLN XC 38 72.89 29.02 -108.58
C GLN XC 38 71.72 29.55 -109.40
N ALA XC 39 72.03 30.14 -110.55
CA ALA XC 39 70.96 30.52 -111.47
C ALA XC 39 70.77 29.37 -112.46
N GLY XC 40 69.67 28.65 -112.25
CA GLY XC 40 69.26 27.60 -113.14
C GLY XC 40 68.00 27.96 -113.89
N ALA XC 41 67.28 26.93 -114.30
CA ALA XC 41 65.95 27.14 -114.85
C ALA XC 41 64.90 27.14 -113.75
N VAL XC 42 64.72 25.99 -113.10
CA VAL XC 42 63.68 25.85 -112.09
C VAL XC 42 64.30 26.06 -110.71
N PRO XC 43 63.83 27.06 -109.96
CA PRO XC 43 64.35 27.27 -108.60
C PRO XC 43 64.33 26.02 -107.74
N ALA XC 44 63.28 25.22 -107.80
CA ALA XC 44 63.26 23.94 -107.12
C ALA XC 44 64.47 23.09 -107.47
N LEU XC 45 64.91 23.14 -108.72
CA LEU XC 45 66.11 22.41 -109.12
C LEU XC 45 67.38 23.14 -108.72
N GLU XC 46 67.33 24.46 -108.61
CA GLU XC 46 68.54 25.25 -108.45
C GLU XC 46 69.17 24.99 -107.09
N LYS XC 47 70.50 24.98 -107.07
CA LYS XC 47 71.27 24.73 -105.86
C LYS XC 47 70.99 25.87 -104.90
N ARG XC 48 70.96 25.57 -103.61
CA ARG XC 48 70.72 26.60 -102.61
C ARG XC 48 71.83 26.62 -101.58
N VAL XC 49 72.12 27.82 -101.08
CA VAL XC 49 73.12 28.01 -100.03
C VAL XC 49 72.53 28.98 -99.03
N THR XC 50 72.56 28.61 -97.76
CA THR XC 50 71.96 29.40 -96.70
C THR XC 50 72.99 29.67 -95.62
N VAL XC 51 73.08 30.91 -95.19
CA VAL XC 51 73.94 31.29 -94.09
C VAL XC 51 73.14 32.13 -93.11
N SER XC 52 73.54 32.08 -91.85
CA SER XC 52 72.85 32.84 -90.83
C SER XC 52 73.81 33.15 -89.71
N VAL XC 53 73.56 34.25 -89.03
CA VAL XC 53 74.27 34.58 -87.80
C VAL XC 53 73.25 34.50 -86.68
N SER XC 54 73.68 34.80 -85.47
CA SER XC 54 72.79 34.79 -84.32
C SER XC 54 73.38 35.69 -83.26
N GLN XC 55 72.57 36.04 -82.28
CA GLN XC 55 73.07 36.83 -81.18
C GLN XC 55 72.54 36.27 -79.88
N PRO XC 56 73.33 36.32 -78.81
CA PRO XC 56 72.90 35.68 -77.56
C PRO XC 56 71.68 36.35 -76.99
N SER XC 57 70.80 35.53 -76.43
CA SER XC 57 69.56 36.01 -75.84
C SER XC 57 69.47 35.47 -74.41
N ARG XC 58 68.34 35.73 -73.77
CA ARG XC 58 68.06 35.10 -72.49
C ARG XC 58 67.98 33.58 -72.62
N ASN XC 59 67.71 33.06 -73.80
CA ASN XC 59 67.70 31.63 -74.04
C ASN XC 59 69.08 31.03 -74.20
N ARG XC 60 70.01 31.73 -74.84
CA ARG XC 60 71.34 31.22 -75.07
C ARG XC 60 72.32 32.38 -75.04
N LYS XC 61 73.47 32.14 -74.42
CA LYS XC 61 74.51 33.15 -74.27
C LYS XC 61 75.56 33.03 -75.36
N ASN XC 62 75.34 32.12 -76.30
CA ASN XC 62 76.36 31.78 -77.27
C ASN XC 62 75.93 32.22 -78.65
N TYR XC 63 76.91 32.53 -79.49
CA TYR XC 63 76.63 32.83 -80.88
C TYR XC 63 76.50 31.55 -81.68
N LYS XC 64 75.54 31.53 -82.59
CA LYS XC 64 75.35 30.42 -83.52
C LYS XC 64 75.55 30.94 -84.93
N VAL XC 65 76.33 30.22 -85.72
CA VAL XC 65 76.47 30.48 -87.14
C VAL XC 65 76.10 29.21 -87.86
N GLN XC 66 75.00 29.25 -88.60
CA GLN XC 66 74.45 28.09 -89.26
C GLN XC 66 74.59 28.24 -90.77
N VAL XC 67 75.07 27.19 -91.42
CA VAL XC 67 75.21 27.16 -92.86
C VAL XC 67 74.67 25.85 -93.37
N LYS XC 68 73.69 25.90 -94.26
CA LYS XC 68 73.09 24.72 -94.83
C LYS XC 68 73.18 24.80 -96.35
N ILE XC 69 73.37 23.65 -96.98
CA ILE XC 69 73.48 23.55 -98.43
C ILE XC 69 72.49 22.50 -98.91
N GLN XC 70 71.77 22.83 -99.97
CA GLN XC 70 70.72 21.97 -100.49
C GLN XC 70 70.97 21.80 -101.99
N ASN XC 71 71.28 20.57 -102.40
CA ASN XC 71 71.61 20.26 -103.78
C ASN XC 71 70.75 19.09 -104.25
N PRO XC 72 69.62 19.37 -104.88
CA PRO XC 72 68.74 18.29 -105.32
C PRO XC 72 69.37 17.53 -106.48
N THR XC 73 68.67 16.48 -106.89
CA THR XC 73 69.05 15.67 -108.03
C THR XC 73 67.92 15.70 -109.04
N ALA XC 74 68.18 16.33 -110.18
CA ALA XC 74 67.18 16.44 -111.24
C ALA XC 74 67.02 15.12 -111.95
N CYS XC 75 65.77 14.72 -112.17
CA CYS XC 75 65.46 13.62 -113.08
C CYS XC 75 64.98 14.29 -114.37
N THR XC 76 65.82 14.25 -115.39
CA THR XC 76 65.52 14.95 -116.63
C THR XC 76 64.31 14.32 -117.32
N ALA XC 77 64.40 13.03 -117.62
CA ALA XC 77 63.28 12.32 -118.21
C ALA XC 77 62.62 11.50 -117.13
N ASN XC 78 61.44 11.94 -116.71
CA ASN XC 78 60.60 11.17 -115.81
C ASN XC 78 59.54 10.38 -116.58
N GLY XC 79 59.59 10.41 -117.91
CA GLY XC 79 58.45 10.01 -118.70
C GLY XC 79 57.43 11.12 -118.82
N SER XC 80 57.74 12.29 -118.28
CA SER XC 80 56.85 13.45 -118.31
C SER XC 80 57.62 14.62 -118.88
N CYS XC 81 56.89 15.67 -119.25
CA CYS XC 81 57.48 16.81 -119.93
C CYS XC 81 58.35 17.67 -119.01
N ASP XC 82 58.27 17.49 -117.70
CA ASP XC 82 59.01 18.35 -116.81
C ASP XC 82 59.92 17.52 -115.91
N PRO XC 83 61.11 18.02 -115.62
CA PRO XC 83 62.00 17.30 -114.69
C PRO XC 83 61.43 17.34 -113.28
N SER XC 84 61.93 16.44 -112.44
CA SER XC 84 61.42 16.30 -111.09
C SER XC 84 62.55 16.05 -110.11
N VAL XC 85 62.36 16.53 -108.89
CA VAL XC 85 63.33 16.31 -107.83
C VAL XC 85 63.35 14.84 -107.51
N THR XC 86 64.55 14.27 -107.41
CA THR XC 86 64.66 12.87 -107.05
C THR XC 86 65.27 12.70 -105.66
N ARG XC 87 66.56 12.97 -105.54
CA ARG XC 87 67.26 12.91 -104.27
C ARG XC 87 67.64 14.33 -103.86
N GLN XC 88 67.63 14.56 -102.54
CA GLN XC 88 67.95 15.89 -102.04
C GLN XC 88 69.16 15.76 -101.12
N ALA XC 89 70.29 16.32 -101.55
CA ALA XC 89 71.51 16.27 -100.76
C ALA XC 89 71.46 17.37 -99.70
N TYR XC 90 71.66 16.98 -98.44
CA TYR XC 90 71.67 17.95 -97.36
C TYR XC 90 73.06 18.08 -96.78
N ALA XC 91 73.59 19.29 -96.84
CA ALA XC 91 74.88 19.61 -96.24
C ALA XC 91 74.64 20.69 -95.20
N ASP XC 92 74.91 20.38 -93.94
CA ASP XC 92 74.64 21.29 -92.84
C ASP XC 92 75.91 21.52 -92.03
N VAL XC 93 76.17 22.78 -91.69
CA VAL XC 93 77.31 23.17 -90.90
C VAL XC 93 76.85 24.21 -89.89
N THR XC 94 77.30 24.06 -88.66
CA THR XC 94 76.97 24.99 -87.59
C THR XC 94 78.23 25.44 -86.87
N PHE XC 95 78.09 26.50 -86.10
CA PHE XC 95 79.19 27.00 -85.30
C PHE XC 95 78.65 27.54 -83.99
N SER XC 96 79.43 27.33 -82.94
CA SER XC 96 79.10 27.87 -81.62
C SER XC 96 80.29 28.67 -81.13
N PHE XC 97 80.01 29.76 -80.44
CA PHE XC 97 81.07 30.58 -79.88
C PHE XC 97 80.57 31.24 -78.62
N THR XC 98 81.51 31.68 -77.80
CA THR XC 98 81.22 32.33 -76.55
C THR XC 98 81.44 33.83 -76.72
N GLN XC 99 80.66 34.60 -75.98
CA GLN XC 99 80.75 36.04 -76.06
C GLN XC 99 82.17 36.54 -75.94
N TYR XC 100 83.03 35.81 -75.24
CA TYR XC 100 84.43 36.21 -75.13
C TYR XC 100 85.30 35.58 -76.22
N SER XC 101 84.71 34.86 -77.16
CA SER XC 101 85.49 34.23 -78.22
C SER XC 101 86.31 35.28 -78.94
N THR XC 102 87.57 34.98 -79.23
CA THR XC 102 88.40 35.97 -79.89
C THR XC 102 88.36 35.76 -81.39
N ASP XC 103 89.06 36.64 -82.11
CA ASP XC 103 89.05 36.56 -83.56
C ASP XC 103 89.82 35.36 -84.08
N GLU XC 104 91.10 35.25 -83.70
CA GLU XC 104 91.94 34.22 -84.30
C GLU XC 104 91.42 32.84 -84.00
N GLU XC 105 90.92 32.62 -82.79
CA GLU XC 105 90.26 31.36 -82.47
C GLU XC 105 89.24 31.01 -83.54
N ARG XC 106 88.33 31.92 -83.82
CA ARG XC 106 87.36 31.69 -84.87
C ARG XC 106 88.06 31.46 -86.20
N ALA XC 107 88.93 32.41 -86.60
CA ALA XC 107 89.70 32.23 -87.80
C ALA XC 107 90.39 30.87 -87.83
N PHE XC 108 91.00 30.49 -86.71
CA PHE XC 108 91.61 29.17 -86.62
C PHE XC 108 90.61 28.07 -86.96
N VAL XC 109 89.38 28.20 -86.47
CA VAL XC 109 88.38 27.19 -86.78
C VAL XC 109 88.08 27.17 -88.27
N ARG XC 110 87.95 28.34 -88.88
CA ARG XC 110 87.51 28.38 -90.26
C ARG XC 110 88.44 27.59 -91.17
N THR XC 111 89.72 27.92 -91.17
CA THR XC 111 90.66 27.24 -92.05
C THR XC 111 90.68 25.75 -91.81
N GLU XC 112 90.96 25.32 -90.58
CA GLU XC 112 91.14 23.90 -90.31
C GLU XC 112 89.99 23.06 -90.81
N LEU XC 113 88.76 23.53 -90.66
CA LEU XC 113 87.64 22.79 -91.20
C LEU XC 113 87.81 22.59 -92.69
N ALA XC 114 88.17 23.64 -93.41
CA ALA XC 114 88.44 23.50 -94.83
C ALA XC 114 89.52 22.48 -95.09
N ALA XC 115 90.67 22.62 -94.42
CA ALA XC 115 91.75 21.68 -94.62
C ALA XC 115 91.29 20.25 -94.47
N LEU XC 116 90.51 19.96 -93.42
CA LEU XC 116 89.93 18.63 -93.30
C LEU XC 116 89.17 18.24 -94.54
N LEU XC 117 88.34 19.14 -95.06
CA LEU XC 117 87.58 18.81 -96.25
C LEU XC 117 88.47 18.46 -97.42
N ALA XC 118 89.68 19.01 -97.45
CA ALA XC 118 90.66 18.60 -98.44
C ALA XC 118 91.53 17.45 -97.96
N SER XC 119 91.43 17.07 -96.71
CA SER XC 119 92.25 15.99 -96.19
C SER XC 119 91.86 14.68 -96.86
N PRO XC 120 92.83 13.79 -97.10
CA PRO XC 120 92.51 12.47 -97.65
C PRO XC 120 91.63 11.65 -96.73
N LEU XC 121 91.55 12.01 -95.45
CA LEU XC 121 90.69 11.26 -94.55
C LEU XC 121 89.23 11.38 -94.97
N LEU XC 122 88.71 12.60 -95.00
CA LEU XC 122 87.27 12.77 -95.21
C LEU XC 122 86.80 12.30 -96.57
N ILE XC 123 87.65 12.39 -97.59
CA ILE XC 123 87.18 12.08 -98.93
C ILE XC 123 86.63 10.67 -99.00
N ASP XC 124 87.34 9.68 -98.47
CA ASP XC 124 86.78 8.35 -98.36
C ASP XC 124 85.56 8.31 -97.47
N ALA XC 125 85.61 9.00 -96.34
CA ALA XC 125 84.45 9.16 -95.50
C ALA XC 125 83.28 9.76 -96.24
N ILE XC 126 83.49 10.85 -96.96
CA ILE XC 126 82.43 11.49 -97.73
C ILE XC 126 82.14 10.72 -99.00
N ASP XC 127 83.09 10.69 -99.93
CA ASP XC 127 82.80 10.16 -101.25
C ASP XC 127 82.42 8.69 -101.20
N GLN XC 128 83.27 7.86 -100.60
CA GLN XC 128 83.05 6.44 -100.58
C GLN XC 128 82.32 5.95 -99.35
N LEU XC 129 81.89 6.86 -98.47
CA LEU XC 129 81.14 6.50 -97.27
C LEU XC 129 81.88 5.46 -96.46
N ASN XC 130 83.04 5.86 -95.96
CA ASN XC 130 83.82 4.87 -95.25
C ASN XC 130 84.18 5.38 -93.87
N PRO XC 131 84.14 4.51 -92.88
CA PRO XC 131 84.64 4.89 -91.56
C PRO XC 131 86.16 5.00 -91.57
N ALA XC 132 86.74 5.07 -90.38
CA ALA XC 132 88.09 5.58 -90.18
C ALA XC 132 89.17 4.54 -90.47
N TYR XC 133 88.78 3.36 -90.94
CA TYR XC 133 89.75 2.31 -91.16
C TYR XC 133 90.14 2.22 -92.62
N ALA YC 2 64.32 43.24 -106.73
CA ALA YC 2 65.44 44.14 -106.49
C ALA YC 2 65.18 45.01 -105.28
N LYS YC 3 66.01 46.02 -105.09
CA LYS YC 3 65.94 46.89 -103.94
C LYS YC 3 64.65 47.69 -103.96
N LEU YC 4 64.08 47.86 -102.77
CA LEU YC 4 62.99 48.82 -102.58
C LEU YC 4 63.48 50.17 -103.03
N GLU YC 5 62.69 50.83 -103.88
CA GLU YC 5 63.06 52.13 -104.38
C GLU YC 5 61.82 53.00 -104.48
N THR YC 6 62.03 54.25 -104.85
CA THR YC 6 60.92 55.13 -105.21
C THR YC 6 60.32 54.53 -106.47
N VAL YC 7 59.02 54.28 -106.44
CA VAL YC 7 58.37 53.70 -107.60
C VAL YC 7 57.43 54.74 -108.18
N THR YC 8 57.78 55.28 -109.34
CA THR YC 8 56.94 56.23 -110.04
C THR YC 8 55.96 55.45 -110.91
N LEU YC 9 54.74 55.94 -111.00
CA LEU YC 9 53.72 55.31 -111.82
C LEU YC 9 53.04 56.37 -112.66
N GLY YC 10 53.05 56.19 -113.98
CA GLY YC 10 52.32 57.03 -114.88
C GLY YC 10 51.06 56.32 -115.35
N ASN YC 11 50.22 57.07 -116.06
CA ASN YC 11 49.03 56.52 -116.68
C ASN YC 11 48.13 55.84 -115.65
N ILE YC 12 47.54 56.66 -114.81
CA ILE YC 12 46.78 56.18 -113.67
C ILE YC 12 45.40 56.80 -113.73
N GLY YC 13 44.40 56.10 -113.20
CA GLY YC 13 43.04 56.60 -113.14
C GLY YC 13 42.39 56.59 -114.51
N LYS YC 14 41.08 56.83 -114.48
CA LYS YC 14 40.30 56.86 -115.71
C LYS YC 14 40.92 57.80 -116.72
N ASP YC 15 41.48 58.91 -116.25
CA ASP YC 15 42.18 59.82 -117.15
C ASP YC 15 43.42 59.16 -117.74
N GLY YC 16 44.25 58.56 -116.90
CA GLY YC 16 45.54 58.13 -117.36
C GLY YC 16 46.57 59.22 -117.34
N LYS YC 17 46.18 60.43 -116.93
CA LYS YC 17 47.16 61.48 -116.70
C LYS YC 17 47.62 61.50 -115.25
N GLN YC 18 46.98 60.71 -114.40
CA GLN YC 18 47.35 60.62 -113.00
C GLN YC 18 48.69 59.93 -112.87
N THR YC 19 49.50 60.42 -111.94
CA THR YC 19 50.79 59.83 -111.64
C THR YC 19 50.92 59.63 -110.14
N LEU YC 20 51.74 58.67 -109.75
CA LEU YC 20 51.91 58.36 -108.34
C LEU YC 20 53.33 57.88 -108.09
N VAL YC 21 53.90 58.29 -106.97
CA VAL YC 21 55.18 57.81 -106.52
C VAL YC 21 54.99 57.07 -105.22
N LEU YC 22 55.86 56.11 -104.95
CA LEU YC 22 55.78 55.28 -103.76
C LEU YC 22 57.14 55.21 -103.10
N ASN YC 23 57.22 55.64 -101.90
CA ASN YC 23 58.51 55.48 -101.27
C ASN YC 23 58.61 54.16 -100.55
N PRO YC 24 59.79 53.58 -100.49
CA PRO YC 24 59.98 52.37 -99.69
C PRO YC 24 59.71 52.68 -98.22
N ARG YC 25 58.85 51.86 -97.63
CA ARG YC 25 58.48 52.01 -96.23
C ARG YC 25 59.25 51.09 -95.31
N GLY YC 26 60.18 50.31 -95.84
CA GLY YC 26 60.82 49.26 -95.06
C GLY YC 26 60.03 47.98 -95.13
N VAL YC 27 60.47 47.01 -94.34
CA VAL YC 27 59.87 45.67 -94.36
C VAL YC 27 59.59 45.26 -92.93
N ASN YC 28 58.36 44.86 -92.67
CA ASN YC 28 58.08 44.24 -91.39
C ASN YC 28 58.69 42.86 -91.35
N PRO YC 29 59.70 42.61 -90.50
CA PRO YC 29 60.34 41.31 -90.48
C PRO YC 29 59.47 40.22 -89.91
N THR YC 30 58.54 40.55 -89.01
CA THR YC 30 57.71 39.52 -88.40
C THR YC 30 56.97 38.72 -89.45
N ASN YC 31 55.99 39.33 -90.11
CA ASN YC 31 55.33 38.69 -91.22
C ASN YC 31 56.21 38.59 -92.45
N GLY YC 32 57.35 39.27 -92.45
CA GLY YC 32 58.20 39.28 -93.62
C GLY YC 32 57.53 39.92 -94.81
N VAL YC 33 57.04 41.15 -94.66
CA VAL YC 33 56.28 41.81 -95.70
C VAL YC 33 56.84 43.21 -95.91
N ALA YC 34 57.13 43.53 -97.15
CA ALA YC 34 57.56 44.87 -97.52
C ALA YC 34 56.37 45.82 -97.54
N SER YC 35 56.68 47.11 -97.48
CA SER YC 35 55.66 48.14 -97.51
C SER YC 35 56.11 49.30 -98.36
N LEU YC 36 55.18 49.87 -99.10
CA LEU YC 36 55.45 51.03 -99.94
C LEU YC 36 54.35 52.05 -99.70
N SER YC 37 54.68 53.32 -99.86
CA SER YC 37 53.66 54.34 -99.65
C SER YC 37 53.93 55.57 -100.48
N GLN YC 38 52.84 56.22 -100.88
CA GLN YC 38 52.90 57.60 -101.29
C GLN YC 38 53.40 58.45 -100.13
N ALA YC 39 54.11 59.53 -100.47
CA ALA YC 39 54.49 60.50 -99.44
C ALA YC 39 53.41 61.57 -99.40
N GLY YC 40 52.60 61.51 -98.34
CA GLY YC 40 51.60 62.51 -98.09
C GLY YC 40 51.93 63.32 -96.86
N ALA YC 41 50.89 63.86 -96.24
CA ALA YC 41 51.04 64.48 -94.94
C ALA YC 41 50.87 63.46 -93.83
N VAL YC 42 49.67 62.92 -93.69
CA VAL YC 42 49.36 62.00 -92.61
C VAL YC 42 49.50 60.57 -93.11
N PRO YC 43 50.39 59.77 -92.52
CA PRO YC 43 50.52 58.37 -92.94
C PRO YC 43 49.21 57.62 -92.97
N ALA YC 44 48.34 57.81 -91.98
CA ALA YC 44 47.01 57.23 -92.01
C ALA YC 44 46.29 57.57 -93.31
N LEU YC 45 46.47 58.77 -93.83
CA LEU YC 45 45.87 59.15 -95.10
C LEU YC 45 46.66 58.60 -96.28
N GLU YC 46 47.96 58.39 -96.12
CA GLU YC 46 48.82 58.08 -97.25
C GLU YC 46 48.50 56.70 -97.81
N LYS YC 47 48.58 56.59 -99.13
CA LYS YC 47 48.27 55.35 -99.84
C LYS YC 47 49.31 54.33 -99.42
N ARG YC 48 48.90 53.07 -99.32
CA ARG YC 48 49.83 52.02 -98.93
C ARG YC 48 49.84 50.91 -99.96
N VAL YC 49 51.01 50.30 -100.13
CA VAL YC 49 51.19 49.17 -101.03
C VAL YC 49 52.03 48.13 -100.31
N THR YC 50 51.55 46.90 -100.29
CA THR YC 50 52.20 45.82 -99.56
C THR YC 50 52.45 44.66 -100.49
N VAL YC 51 53.67 44.12 -100.47
CA VAL YC 51 54.00 42.94 -101.22
C VAL YC 51 54.69 41.96 -100.28
N SER YC 52 54.57 40.68 -100.61
CA SER YC 52 55.19 39.65 -99.81
C SER YC 52 55.47 38.44 -100.67
N VAL YC 53 56.49 37.69 -100.27
CA VAL YC 53 56.76 36.40 -100.88
C VAL YC 53 56.51 35.37 -99.80
N SER YC 54 56.74 34.11 -100.13
CA SER YC 54 56.58 33.03 -99.16
C SER YC 54 57.43 31.86 -99.61
N GLN YC 55 57.62 30.92 -98.72
CA GLN YC 55 58.36 29.73 -99.07
C GLN YC 55 57.66 28.51 -98.50
N PRO YC 56 57.67 27.39 -99.21
CA PRO YC 56 56.89 26.23 -98.77
C PRO YC 56 57.42 25.69 -97.45
N SER YC 57 56.49 25.27 -96.60
CA SER YC 57 56.83 24.73 -95.30
C SER YC 57 56.17 23.37 -95.17
N ARG YC 58 56.30 22.78 -93.99
CA ARG YC 58 55.52 21.59 -93.67
C ARG YC 58 54.03 21.82 -93.72
N ASN YC 59 53.59 23.07 -93.57
CA ASN YC 59 52.18 23.42 -93.68
C ASN YC 59 51.70 23.53 -95.12
N ARG YC 60 52.54 24.05 -96.02
CA ARG YC 60 52.13 24.21 -97.41
C ARG YC 60 53.36 24.02 -98.29
N LYS YC 61 53.15 23.34 -99.41
CA LYS YC 61 54.22 23.05 -100.36
C LYS YC 61 54.27 24.07 -101.48
N ASN YC 62 53.42 25.08 -101.39
CA ASN YC 62 53.25 26.01 -102.50
C ASN YC 62 53.77 27.37 -102.13
N TYR YC 63 54.22 28.11 -103.12
CA TYR YC 63 54.62 29.49 -102.92
C TYR YC 63 53.40 30.40 -102.94
N LYS YC 64 53.39 31.38 -102.04
CA LYS YC 64 52.35 32.41 -102.01
C LYS YC 64 53.00 33.75 -102.25
N VAL YC 65 52.41 34.54 -103.13
CA VAL YC 65 52.79 35.92 -103.34
C VAL YC 65 51.56 36.76 -103.12
N GLN YC 66 51.59 37.57 -102.07
CA GLN YC 66 50.44 38.36 -101.67
C GLN YC 66 50.74 39.83 -101.89
N VAL YC 67 49.79 40.53 -102.49
CA VAL YC 67 49.89 41.96 -102.72
C VAL YC 67 48.59 42.60 -102.33
N LYS YC 68 48.65 43.55 -101.40
CA LYS YC 68 47.48 44.26 -100.93
C LYS YC 68 47.68 45.75 -101.12
N ILE YC 69 46.61 46.46 -101.43
CA ILE YC 69 46.64 47.90 -101.66
C ILE YC 69 45.57 48.52 -100.78
N GLN YC 70 45.93 49.60 -100.10
CA GLN YC 70 45.04 50.27 -99.17
C GLN YC 70 45.02 51.76 -99.53
N ASN YC 71 43.85 52.24 -99.96
CA ASN YC 71 43.69 53.62 -100.41
C ASN YC 71 42.51 54.23 -99.67
N PRO YC 72 42.75 54.91 -98.55
CA PRO YC 72 41.65 55.50 -97.81
C PRO YC 72 41.04 56.68 -98.55
N THR YC 73 39.98 57.21 -97.96
CA THR YC 73 39.31 58.39 -98.49
C THR YC 73 39.33 59.48 -97.43
N ALA YC 74 40.07 60.54 -97.71
CA ALA YC 74 40.20 61.64 -96.77
C ALA YC 74 38.93 62.46 -96.77
N CYS YC 75 38.46 62.81 -95.57
CA CYS YC 75 37.43 63.82 -95.40
C CYS YC 75 38.16 65.08 -94.96
N THR YC 76 38.27 66.05 -95.87
CA THR YC 76 39.05 67.25 -95.59
C THR YC 76 38.39 68.06 -94.49
N ALA YC 77 37.14 68.45 -94.68
CA ALA YC 77 36.40 69.19 -93.67
C ALA YC 77 35.44 68.22 -93.01
N ASN YC 78 35.77 67.85 -91.77
CA ASN YC 78 34.86 67.08 -90.93
C ASN YC 78 34.06 67.98 -90.01
N GLY YC 79 34.21 69.30 -90.15
CA GLY YC 79 33.80 70.19 -89.08
C GLY YC 79 34.83 70.30 -87.99
N SER YC 80 35.97 69.65 -88.17
CA SER YC 80 37.06 69.64 -87.20
C SER YC 80 38.33 70.08 -87.91
N CYS YC 81 39.34 70.41 -87.12
CA CYS YC 81 40.59 70.94 -87.66
C CYS YC 81 41.43 69.91 -88.40
N ASP YC 82 41.13 68.62 -88.24
CA ASP YC 82 41.96 67.61 -88.87
C ASP YC 82 41.13 66.72 -89.77
N PRO YC 83 41.69 66.30 -90.91
CA PRO YC 83 40.96 65.38 -91.77
C PRO YC 83 40.83 64.02 -91.11
N SER YC 84 39.91 63.22 -91.63
CA SER YC 84 39.63 61.92 -91.04
C SER YC 84 39.37 60.89 -92.13
N VAL YC 85 39.73 59.65 -91.82
CA VAL YC 85 39.50 58.54 -92.73
C VAL YC 85 38.00 58.33 -92.85
N THR YC 86 37.52 58.20 -94.09
CA THR YC 86 36.11 57.94 -94.29
C THR YC 86 35.87 56.53 -94.81
N ARG YC 87 36.22 56.29 -96.07
CA ARG YC 87 36.11 54.99 -96.69
C ARG YC 87 37.50 54.44 -96.92
N GLN YC 88 37.63 53.12 -96.81
CA GLN YC 88 38.93 52.49 -96.99
C GLN YC 88 38.81 51.50 -98.15
N ALA YC 89 39.49 51.80 -99.25
CA ALA YC 89 39.47 50.94 -100.42
C ALA YC 89 40.46 49.80 -100.20
N TYR YC 90 39.99 48.57 -100.36
CA TYR YC 90 40.85 47.42 -100.23
C TYR YC 90 41.03 46.71 -101.56
N ALA YC 91 42.29 46.66 -102.00
CA ALA YC 91 42.64 45.93 -103.22
C ALA YC 91 43.61 44.83 -102.83
N ASP YC 92 43.22 43.59 -103.04
CA ASP YC 92 44.01 42.44 -102.63
C ASP YC 92 44.27 41.52 -103.82
N VAL YC 93 45.50 41.07 -103.95
CA VAL YC 93 45.92 40.17 -105.01
C VAL YC 93 46.82 39.12 -104.41
N THR YC 94 46.60 37.86 -104.78
CA THR YC 94 47.41 36.76 -104.31
C THR YC 94 47.89 35.92 -105.48
N PHE YC 95 48.88 35.07 -105.20
CA PHE YC 95 49.40 34.16 -106.21
C PHE YC 95 49.77 32.86 -105.55
N SER YC 96 49.53 31.77 -106.27
CA SER YC 96 49.93 30.45 -105.81
C SER YC 96 50.76 29.80 -106.90
N PHE YC 97 51.78 29.05 -106.49
CA PHE YC 97 52.63 28.37 -107.44
C PHE YC 97 53.14 27.08 -106.81
N THR YC 98 53.57 26.17 -107.67
CA THR YC 98 54.10 24.90 -107.24
C THR YC 98 55.61 24.93 -107.35
N GLN YC 99 56.26 24.20 -106.46
CA GLN YC 99 57.71 24.15 -106.44
C GLN YC 99 58.29 23.89 -107.81
N TYR YC 100 57.57 23.19 -108.68
CA TYR YC 100 58.05 22.96 -110.04
C TYR YC 100 57.59 24.02 -111.02
N SER YC 101 56.91 25.06 -110.55
CA SER YC 101 56.43 26.10 -111.45
C SER YC 101 57.60 26.69 -112.23
N THR YC 102 57.41 26.90 -113.52
CA THR YC 102 58.51 27.42 -114.31
C THR YC 102 58.43 28.94 -114.38
N ASP YC 103 59.41 29.53 -115.06
CA ASP YC 103 59.47 30.98 -115.15
C ASP YC 103 58.37 31.53 -116.04
N GLU YC 104 58.32 31.08 -117.29
CA GLU YC 104 57.42 31.69 -118.25
C GLU YC 104 55.97 31.54 -117.83
N GLU YC 105 55.61 30.39 -117.27
CA GLU YC 105 54.29 30.23 -116.70
C GLU YC 105 53.95 31.39 -115.78
N ARG YC 106 54.82 31.65 -114.82
CA ARG YC 106 54.61 32.79 -113.94
C ARG YC 106 54.55 34.08 -114.74
N ALA YC 107 55.58 34.33 -115.55
CA ALA YC 107 55.56 35.50 -116.42
C ALA YC 107 54.27 35.58 -117.20
N PHE YC 108 53.84 34.45 -117.77
CA PHE YC 108 52.56 34.42 -118.48
C PHE YC 108 51.43 34.91 -117.59
N VAL YC 109 51.43 34.51 -116.33
CA VAL YC 109 50.37 34.97 -115.44
C VAL YC 109 50.45 36.48 -115.24
N ARG YC 110 51.66 36.99 -115.05
CA ARG YC 110 51.79 38.40 -114.70
C ARG YC 110 51.15 39.29 -115.75
N THR YC 111 51.57 39.18 -117.00
CA THR YC 111 51.04 40.05 -118.04
C THR YC 111 49.53 39.92 -118.17
N GLU YC 112 49.03 38.72 -118.39
CA GLU YC 112 47.60 38.54 -118.67
C GLU YC 112 46.72 39.19 -117.62
N LEU YC 113 47.09 39.09 -116.35
CA LEU YC 113 46.31 39.77 -115.33
C LEU YC 113 46.25 41.26 -115.61
N ALA YC 114 47.39 41.86 -115.94
CA ALA YC 114 47.39 43.27 -116.31
C ALA YC 114 46.48 43.52 -117.49
N ALA YC 115 46.65 42.77 -118.57
CA ALA YC 115 45.81 42.96 -119.74
C ALA YC 115 44.33 42.95 -119.37
N LEU YC 116 43.90 42.00 -118.55
CA LEU YC 116 42.53 42.02 -118.07
C LEU YC 116 42.19 43.34 -117.42
N LEU YC 117 43.07 43.84 -116.57
CA LEU YC 117 42.79 45.10 -115.91
C LEU YC 117 42.61 46.23 -116.90
N ALA YC 118 43.24 46.13 -118.06
CA ALA YC 118 42.99 47.08 -119.13
C ALA YC 118 41.87 46.64 -120.06
N SER YC 119 41.38 45.42 -119.90
CA SER YC 119 40.33 44.94 -120.78
C SER YC 119 39.04 45.74 -120.54
N PRO YC 120 38.26 45.98 -121.59
CA PRO YC 120 36.97 46.65 -121.40
C PRO YC 120 36.02 45.86 -120.55
N LEU YC 121 36.25 44.57 -120.35
CA LEU YC 121 35.37 43.81 -119.49
C LEU YC 121 35.41 44.32 -118.06
N LEU YC 122 36.58 44.28 -117.44
CA LEU YC 122 36.67 44.57 -116.02
C LEU YC 122 36.29 45.99 -115.67
N ILE YC 123 36.52 46.95 -116.58
CA ILE YC 123 36.29 48.33 -116.22
C ILE YC 123 34.86 48.55 -115.78
N ASP YC 124 33.88 48.05 -116.54
CA ASP YC 124 32.51 48.09 -116.08
C ASP YC 124 32.31 47.30 -114.81
N ALA YC 125 32.90 46.11 -114.74
CA ALA YC 125 32.90 45.35 -113.52
C ALA YC 125 33.48 46.12 -112.35
N ILE YC 126 34.63 46.73 -112.51
CA ILE YC 126 35.26 47.53 -111.47
C ILE YC 126 34.58 48.87 -111.31
N ASP YC 127 34.70 49.74 -112.32
CA ASP YC 127 34.26 51.11 -112.17
C ASP YC 127 32.76 51.20 -111.91
N GLN YC 128 31.95 50.61 -112.77
CA GLN YC 128 30.52 50.72 -112.66
C GLN YC 128 29.88 49.58 -111.90
N LEU YC 129 30.68 48.67 -111.34
CA LEU YC 129 30.17 47.56 -110.54
C LEU YC 129 29.12 46.78 -111.31
N ASN YC 130 29.55 46.16 -112.40
CA ASN YC 130 28.57 45.48 -113.21
C ASN YC 130 28.98 44.04 -113.44
N PRO YC 131 28.05 43.13 -113.40
CA PRO YC 131 28.34 41.75 -113.79
C PRO YC 131 28.56 41.65 -115.29
N ALA YC 132 28.58 40.42 -115.79
CA ALA YC 132 29.16 40.08 -117.08
C ALA YC 132 28.23 40.37 -118.24
N TYR YC 133 27.07 40.97 -117.98
CA TYR YC 133 26.12 41.19 -119.06
C TYR YC 133 26.18 42.63 -119.54
N ALA ZC 2 66.58 52.90 -95.29
CA ALA ZC 2 67.18 52.11 -96.35
C ALA ZC 2 67.85 50.88 -95.77
N LYS ZC 3 68.62 50.19 -96.60
CA LYS ZC 3 69.28 48.95 -96.24
C LYS ZC 3 70.29 49.19 -95.13
N LEU ZC 4 70.36 48.25 -94.20
CA LEU ZC 4 71.45 48.21 -93.25
C LEU ZC 4 72.75 48.14 -94.02
N GLU ZC 5 73.69 49.00 -93.67
CA GLU ZC 5 74.97 49.03 -94.35
C GLU ZC 5 76.06 49.32 -93.35
N THR ZC 6 77.30 49.29 -93.83
CA THR ZC 6 78.42 49.78 -93.03
C THR ZC 6 78.19 51.27 -92.87
N VAL ZC 7 78.20 51.72 -91.62
CA VAL ZC 7 77.98 53.14 -91.36
C VAL ZC 7 79.28 53.72 -90.82
N THR ZC 8 79.94 54.54 -91.63
CA THR ZC 8 81.14 55.23 -91.22
C THR ZC 8 80.75 56.52 -90.54
N LEU ZC 9 81.47 56.88 -89.50
CA LEU ZC 9 81.22 58.12 -88.79
C LEU ZC 9 82.53 58.86 -88.57
N GLY ZC 10 82.59 60.10 -89.05
CA GLY ZC 10 83.70 60.96 -88.79
C GLY ZC 10 83.36 61.97 -87.71
N ASN ZC 11 84.38 62.71 -87.27
CA ASN ZC 11 84.19 63.81 -86.33
C ASN ZC 11 83.53 63.31 -85.05
N ILE ZC 12 84.27 62.53 -84.30
CA ILE ZC 12 83.76 61.85 -83.12
C ILE ZC 12 84.64 62.21 -81.94
N GLY ZC 13 84.06 62.22 -80.74
CA GLY ZC 13 84.81 62.48 -79.53
C GLY ZC 13 85.16 63.94 -79.41
N LYS ZC 14 85.65 64.29 -78.22
CA LYS ZC 14 86.06 65.66 -77.95
C LYS ZC 14 87.04 66.17 -79.00
N ASP ZC 15 87.91 65.28 -79.48
CA ASP ZC 15 88.81 65.66 -80.57
C ASP ZC 15 88.04 65.95 -81.84
N GLY ZC 16 87.14 65.06 -82.23
CA GLY ZC 16 86.55 65.17 -83.55
C GLY ZC 16 87.41 64.55 -84.62
N LYS ZC 17 88.56 64.01 -84.26
CA LYS ZC 17 89.34 63.24 -85.21
C LYS ZC 17 89.01 61.76 -85.12
N GLN ZC 18 88.22 61.38 -84.12
CA GLN ZC 18 87.80 60.00 -83.95
C GLN ZC 18 86.85 59.61 -85.07
N THR ZC 19 86.99 58.37 -85.53
CA THR ZC 19 86.12 57.82 -86.55
C THR ZC 19 85.63 56.45 -86.10
N LEU ZC 20 84.46 56.06 -86.60
CA LEU ZC 20 83.88 54.79 -86.22
C LEU ZC 20 83.09 54.22 -87.38
N VAL ZC 21 83.18 52.90 -87.55
CA VAL ZC 21 82.38 52.19 -88.52
C VAL ZC 21 81.46 51.24 -87.78
N LEU ZC 22 80.32 50.95 -88.38
CA LEU ZC 22 79.32 50.08 -87.76
C LEU ZC 22 78.86 49.05 -88.79
N ASN ZC 23 79.03 47.83 -88.48
CA ASN ZC 23 78.52 46.86 -89.44
C ASN ZC 23 77.10 46.50 -89.10
N PRO ZC 24 76.29 46.19 -90.11
CA PRO ZC 24 74.95 45.68 -89.84
C PRO ZC 24 75.03 44.36 -89.10
N ARG ZC 25 74.30 44.29 -88.00
CA ARG ZC 25 74.27 43.09 -87.17
C ARG ZC 25 73.05 42.22 -87.45
N GLY ZC 26 72.22 42.59 -88.40
CA GLY ZC 26 70.95 41.92 -88.59
C GLY ZC 26 69.88 42.55 -87.71
N VAL ZC 27 68.71 41.92 -87.73
CA VAL ZC 27 67.54 42.44 -87.02
C VAL ZC 27 66.94 41.33 -86.19
N ASN ZC 28 66.75 41.59 -84.92
CA ASN ZC 28 65.97 40.65 -84.12
C ASN ZC 28 64.51 40.74 -84.50
N PRO ZC 29 63.93 39.71 -85.10
CA PRO ZC 29 62.54 39.79 -85.53
C PRO ZC 29 61.55 39.82 -84.38
N THR ZC 30 61.89 39.22 -83.24
CA THR ZC 30 60.96 39.17 -82.13
C THR ZC 30 60.52 40.56 -81.73
N ASN ZC 31 61.42 41.33 -81.14
CA ASN ZC 31 61.14 42.73 -80.83
C ASN ZC 31 61.10 43.58 -82.09
N GLY ZC 32 61.53 43.05 -83.23
CA GLY ZC 32 61.58 43.85 -84.44
C GLY ZC 32 62.54 45.00 -84.32
N VAL ZC 33 63.79 44.72 -83.96
CA VAL ZC 33 64.78 45.77 -83.71
C VAL ZC 33 66.05 45.44 -84.47
N ALA ZC 34 66.54 46.41 -85.23
CA ALA ZC 34 67.80 46.29 -85.92
C ALA ZC 34 68.96 46.46 -84.95
N SER ZC 35 70.13 46.00 -85.36
CA SER ZC 35 71.32 46.11 -84.54
C SER ZC 35 72.51 46.46 -85.42
N LEU ZC 36 73.38 47.32 -84.90
CA LEU ZC 36 74.60 47.71 -85.58
C LEU ZC 36 75.74 47.61 -84.60
N SER ZC 37 76.94 47.33 -85.12
CA SER ZC 37 78.08 47.23 -84.21
C SER ZC 37 79.36 47.62 -84.92
N GLN ZC 38 80.28 48.17 -84.14
CA GLN ZC 38 81.67 48.19 -84.50
C GLN ZC 38 82.18 46.78 -84.66
N ALA ZC 39 83.14 46.60 -85.56
CA ALA ZC 39 83.81 45.30 -85.66
C ALA ZC 39 85.06 45.35 -84.78
N GLY ZC 40 84.95 44.67 -83.65
CA GLY ZC 40 86.07 44.52 -82.74
C GLY ZC 40 86.55 43.09 -82.70
N ALA ZC 41 87.17 42.74 -81.58
CA ALA ZC 41 87.50 41.35 -81.33
C ALA ZC 41 86.35 40.62 -80.65
N VAL ZC 42 86.05 41.03 -79.42
CA VAL ZC 42 85.02 40.35 -78.64
C VAL ZC 42 83.71 41.11 -78.77
N PRO ZC 43 82.65 40.47 -79.29
CA PRO ZC 43 81.36 41.14 -79.39
C PRO ZC 43 80.90 41.78 -78.10
N ALA ZC 44 81.07 41.10 -76.96
CA ALA ZC 44 80.79 41.70 -75.67
C ALA ZC 44 81.48 43.05 -75.51
N LEU ZC 45 82.70 43.18 -76.01
CA LEU ZC 45 83.41 44.45 -75.97
C LEU ZC 45 82.95 45.41 -77.05
N GLU ZC 46 82.46 44.89 -78.16
CA GLU ZC 46 82.19 45.72 -79.33
C GLU ZC 46 81.04 46.66 -79.07
N LYS ZC 47 81.16 47.87 -79.61
CA LYS ZC 47 80.15 48.91 -79.43
C LYS ZC 47 78.88 48.43 -80.11
N ARG ZC 48 77.73 48.78 -79.55
CA ARG ZC 48 76.47 48.37 -80.13
C ARG ZC 48 75.58 49.58 -80.39
N VAL ZC 49 74.80 49.50 -81.46
CA VAL ZC 49 73.84 50.54 -81.81
C VAL ZC 49 72.55 49.85 -82.20
N THR ZC 50 71.44 50.28 -81.60
CA THR ZC 50 70.15 49.67 -81.81
C THR ZC 50 69.14 50.72 -82.23
N VAL ZC 51 68.38 50.42 -83.29
CA VAL ZC 51 67.31 51.28 -83.73
C VAL ZC 51 66.07 50.44 -83.91
N SER ZC 52 64.92 51.09 -83.77
CA SER ZC 52 63.65 50.39 -83.91
C SER ZC 52 62.59 51.38 -84.34
N VAL ZC 53 61.60 50.87 -85.06
CA VAL ZC 53 60.41 51.64 -85.37
C VAL ZC 53 59.27 50.98 -84.62
N SER ZC 54 58.07 51.51 -84.80
CA SER ZC 54 56.89 50.93 -84.17
C SER ZC 54 55.68 51.36 -84.98
N GLN ZC 55 54.56 50.69 -84.72
CA GLN ZC 55 53.34 51.07 -85.39
C GLN ZC 55 52.20 51.06 -84.38
N PRO ZC 56 51.25 51.98 -84.51
CA PRO ZC 56 50.21 52.10 -83.50
C PRO ZC 56 49.34 50.86 -83.45
N SER ZC 57 48.96 50.49 -82.24
CA SER ZC 57 48.14 49.30 -82.01
C SER ZC 57 46.93 49.72 -81.19
N ARG ZC 58 46.12 48.74 -80.80
CA ARG ZC 58 45.06 48.99 -79.84
C ARG ZC 58 45.60 49.47 -78.51
N ASN ZC 59 46.86 49.17 -78.20
CA ASN ZC 59 47.49 49.65 -76.97
C ASN ZC 59 47.95 51.09 -77.05
N ARG ZC 60 48.46 51.52 -78.21
CA ARG ZC 60 48.94 52.89 -78.37
C ARG ZC 60 48.68 53.34 -79.79
N LYS ZC 61 48.28 54.59 -79.92
CA LYS ZC 61 47.95 55.18 -81.21
C LYS ZC 61 49.12 55.95 -81.78
N ASN ZC 62 50.26 55.90 -81.10
CA ASN ZC 62 51.38 56.75 -81.44
C ASN ZC 62 52.53 55.91 -81.95
N TYR ZC 63 53.34 56.51 -82.83
CA TYR ZC 63 54.55 55.85 -83.29
C TYR ZC 63 55.66 56.05 -82.27
N LYS ZC 64 56.45 55.00 -82.05
CA LYS ZC 64 57.64 55.07 -81.21
C LYS ZC 64 58.85 54.75 -82.06
N VAL ZC 65 59.88 55.57 -81.93
CA VAL ZC 65 61.17 55.30 -82.53
C VAL ZC 65 62.19 55.30 -81.41
N GLN ZC 66 62.77 54.14 -81.16
CA GLN ZC 66 63.68 53.94 -80.04
C GLN ZC 66 65.08 53.70 -80.57
N VAL ZC 67 66.05 54.39 -79.99
CA VAL ZC 67 67.46 54.24 -80.35
C VAL ZC 67 68.25 54.13 -79.07
N LYS ZC 68 68.99 53.04 -78.91
CA LYS ZC 68 69.82 52.82 -77.75
C LYS ZC 68 71.25 52.57 -78.19
N ILE ZC 69 72.20 53.05 -77.39
CA ILE ZC 69 73.62 52.89 -77.67
C ILE ZC 69 74.28 52.29 -76.45
N GLN ZC 70 75.11 51.29 -76.66
CA GLN ZC 70 75.77 50.57 -75.59
C GLN ZC 70 77.27 50.55 -75.86
N ASN ZC 71 78.04 51.19 -75.00
CA ASN ZC 71 79.48 51.33 -75.18
C ASN ZC 71 80.17 50.89 -73.90
N PRO ZC 72 80.58 49.64 -73.81
CA PRO ZC 72 81.23 49.16 -72.59
C PRO ZC 72 82.61 49.77 -72.43
N THR ZC 73 83.24 49.44 -71.32
CA THR ZC 73 84.59 49.86 -71.02
C THR ZC 73 85.44 48.62 -70.79
N ALA ZC 74 86.37 48.39 -71.70
CA ALA ZC 74 87.24 47.22 -71.62
C ALA ZC 74 88.28 47.44 -70.54
N CYS ZC 75 88.48 46.41 -69.72
CA CYS ZC 75 89.63 46.35 -68.83
C CYS ZC 75 90.62 45.41 -69.50
N THR ZC 76 91.70 45.97 -70.04
CA THR ZC 76 92.65 45.17 -70.80
C THR ZC 76 93.36 44.18 -69.90
N ALA ZC 77 94.02 44.68 -68.86
CA ALA ZC 77 94.69 43.82 -67.90
C ALA ZC 77 93.82 43.75 -66.65
N ASN ZC 78 93.18 42.60 -66.47
CA ASN ZC 78 92.46 42.31 -65.23
C ASN ZC 78 93.32 41.51 -64.27
N GLY ZC 79 94.58 41.26 -64.61
CA GLY ZC 79 95.33 40.22 -63.96
C GLY ZC 79 95.04 38.85 -64.53
N SER ZC 80 94.22 38.80 -65.58
CA SER ZC 80 93.82 37.56 -66.23
C SER ZC 80 94.12 37.70 -67.72
N CYS ZC 81 94.09 36.57 -68.42
CA CYS ZC 81 94.45 36.53 -69.82
C CYS ZC 81 93.43 37.18 -70.74
N ASP ZC 82 92.22 37.45 -70.26
CA ASP ZC 82 91.21 37.99 -71.12
C ASP ZC 82 90.67 39.30 -70.58
N PRO ZC 83 90.37 40.25 -71.45
CA PRO ZC 83 89.78 41.51 -70.98
C PRO ZC 83 88.38 41.27 -70.45
N SER ZC 84 87.88 42.23 -69.69
CA SER ZC 84 86.57 42.10 -69.06
C SER ZC 84 85.84 43.42 -69.09
N VAL ZC 85 84.51 43.32 -69.17
CA VAL ZC 85 83.65 44.49 -69.14
C VAL ZC 85 83.77 45.14 -67.77
N THR ZC 86 83.96 46.45 -67.75
CA THR ZC 86 84.02 47.16 -66.49
C THR ZC 86 82.80 48.06 -66.30
N ARG ZC 87 82.74 49.15 -67.04
CA ARG ZC 87 81.62 50.06 -67.00
C ARG ZC 87 80.85 49.96 -68.31
N GLN ZC 88 79.54 50.13 -68.22
CA GLN ZC 88 78.71 50.02 -69.42
C GLN ZC 88 77.98 51.35 -69.60
N ALA ZC 89 78.35 52.07 -70.66
CA ALA ZC 89 77.73 53.36 -70.95
C ALA ZC 89 76.40 53.12 -71.65
N TYR ZC 90 75.34 53.70 -71.14
CA TYR ZC 90 74.03 53.58 -71.74
C TYR ZC 90 73.56 54.91 -72.32
N ALA ZC 91 73.33 54.91 -73.62
CA ALA ZC 91 72.80 56.08 -74.30
C ALA ZC 91 71.48 55.67 -74.93
N ASP ZC 92 70.39 56.30 -74.49
CA ASP ZC 92 69.06 55.93 -74.93
C ASP ZC 92 68.34 57.16 -75.48
N VAL ZC 93 67.68 56.99 -76.62
CA VAL ZC 93 66.93 58.04 -77.28
C VAL ZC 93 65.63 57.44 -77.78
N THR ZC 94 64.54 58.15 -77.55
CA THR ZC 94 63.22 57.72 -78.00
C THR ZC 94 62.53 58.84 -78.77
N PHE ZC 95 61.47 58.48 -79.46
CA PHE ZC 95 60.68 59.45 -80.20
C PHE ZC 95 59.23 59.03 -80.15
N SER ZC 96 58.36 60.02 -80.06
CA SER ZC 96 56.93 59.79 -80.11
C SER ZC 96 56.34 60.68 -81.19
N PHE ZC 97 55.34 60.15 -81.89
CA PHE ZC 97 54.68 60.91 -82.93
C PHE ZC 97 53.23 60.48 -83.02
N THR ZC 98 52.43 61.34 -83.62
CA THR ZC 98 51.02 61.08 -83.80
C THR ZC 98 50.76 60.69 -85.24
N GLN ZC 99 49.77 59.84 -85.44
CA GLN ZC 99 49.44 59.36 -86.77
C GLN ZC 99 49.32 60.49 -87.77
N TYR ZC 100 48.95 61.68 -87.33
CA TYR ZC 100 48.88 62.82 -88.23
C TYR ZC 100 50.17 63.61 -88.29
N SER ZC 101 51.22 63.16 -87.61
CA SER ZC 101 52.49 63.88 -87.63
C SER ZC 101 52.95 64.07 -89.05
N THR ZC 102 53.43 65.27 -89.37
CA THR ZC 102 53.87 65.51 -90.73
C THR ZC 102 55.36 65.24 -90.87
N ASP ZC 103 55.86 65.40 -92.08
CA ASP ZC 103 57.25 65.12 -92.35
C ASP ZC 103 58.16 66.16 -91.72
N GLU ZC 104 57.97 67.43 -92.07
CA GLU ZC 104 58.91 68.46 -91.66
C GLU ZC 104 58.97 68.57 -90.15
N GLU ZC 105 57.83 68.46 -89.48
CA GLU ZC 105 57.83 68.40 -88.03
C GLU ZC 105 58.85 67.39 -87.53
N ARG ZC 106 58.75 66.16 -88.01
CA ARG ZC 106 59.73 65.16 -87.64
C ARG ZC 106 61.12 65.60 -88.03
N ALA ZC 107 61.33 65.94 -89.30
CA ALA ZC 107 62.61 66.46 -89.74
C ALA ZC 107 63.08 67.58 -88.84
N PHE ZC 108 62.19 68.51 -88.51
CA PHE ZC 108 62.55 69.58 -87.58
C PHE ZC 108 63.08 69.02 -86.28
N VAL ZC 109 62.45 67.96 -85.76
CA VAL ZC 109 62.95 67.37 -84.52
C VAL ZC 109 64.34 66.81 -84.70
N ARG ZC 110 64.58 66.13 -85.82
CA ARG ZC 110 65.84 65.42 -85.98
C ARG ZC 110 67.01 66.38 -85.87
N THR ZC 111 67.04 67.42 -86.70
CA THR ZC 111 68.17 68.32 -86.69
C THR ZC 111 68.38 68.96 -85.32
N GLU ZC 112 67.35 69.62 -84.79
CA GLU ZC 112 67.51 70.39 -83.56
C GLU ZC 112 68.12 69.55 -82.45
N LEU ZC 113 67.72 68.29 -82.32
CA LEU ZC 113 68.34 67.45 -81.30
C LEU ZC 113 69.84 67.37 -81.53
N ALA ZC 114 70.25 67.16 -82.77
CA ALA ZC 114 71.67 67.15 -83.07
C ALA ZC 114 72.33 68.47 -82.70
N ALA ZC 115 71.75 69.59 -83.14
CA ALA ZC 115 72.32 70.88 -82.81
C ALA ZC 115 72.54 71.03 -81.31
N LEU ZC 116 71.56 70.65 -80.51
CA LEU ZC 116 71.75 70.65 -79.07
C LEU ZC 116 72.97 69.85 -78.68
N LEU ZC 117 73.13 68.66 -79.24
CA LEU ZC 117 74.28 67.85 -78.90
C LEU ZC 117 75.58 68.56 -79.23
N ALA ZC 118 75.57 69.43 -80.22
CA ALA ZC 118 76.73 70.26 -80.49
C ALA ZC 118 76.70 71.57 -79.73
N SER ZC 119 75.60 71.89 -79.07
CA SER ZC 119 75.50 73.14 -78.35
C SER ZC 119 76.47 73.15 -77.17
N PRO ZC 120 77.05 74.31 -76.86
CA PRO ZC 120 77.92 74.40 -75.68
C PRO ZC 120 77.18 74.11 -74.39
N LEU ZC 121 75.86 74.16 -74.39
CA LEU ZC 121 75.13 73.85 -73.17
C LEU ZC 121 75.36 72.40 -72.76
N LEU ZC 122 74.99 71.46 -73.61
CA LEU ZC 122 74.99 70.07 -73.22
C LEU ZC 122 76.38 69.53 -72.92
N ILE ZC 123 77.41 70.05 -73.57
CA ILE ZC 123 78.73 69.48 -73.39
C ILE ZC 123 79.14 69.49 -71.93
N ASP ZC 124 78.98 70.61 -71.24
CA ASP ZC 124 79.22 70.63 -69.81
C ASP ZC 124 78.26 69.72 -69.08
N ALA ZC 125 76.98 69.75 -69.45
CA ALA ZC 125 76.02 68.81 -68.92
C ALA ZC 125 76.44 67.37 -69.13
N ILE ZC 126 76.84 67.00 -70.33
CA ILE ZC 126 77.28 65.65 -70.63
C ILE ZC 126 78.69 65.41 -70.11
N ASP ZC 127 79.68 66.09 -70.68
CA ASP ZC 127 81.06 65.76 -70.38
C ASP ZC 127 81.40 65.98 -68.92
N GLN ZC 128 81.14 67.17 -68.42
CA GLN ZC 128 81.51 67.51 -67.06
C GLN ZC 128 80.40 67.29 -66.06
N LEU ZC 129 79.26 66.75 -66.48
CA LEU ZC 129 78.15 66.45 -65.58
C LEU ZC 129 77.74 67.69 -64.80
N ASN ZC 130 77.26 68.68 -65.53
CA ASN ZC 130 76.95 69.90 -64.82
C ASN ZC 130 75.52 70.32 -65.12
N PRO ZC 131 74.82 70.81 -64.12
CA PRO ZC 131 73.52 71.41 -64.36
C PRO ZC 131 73.63 72.73 -65.09
N ALA ZC 132 72.54 73.46 -65.14
CA ALA ZC 132 72.35 74.54 -66.11
C ALA ZC 132 73.02 75.84 -65.70
N TYR ZC 133 73.76 75.84 -64.61
CA TYR ZC 133 74.36 77.08 -64.13
C TYR ZC 133 75.82 77.15 -64.55
N ALA AD 2 92.31 -12.99 -90.75
CA ALA AD 2 93.37 -12.07 -91.12
C ALA AD 2 92.79 -10.72 -91.51
N LYS AD 3 93.64 -9.87 -92.05
CA LYS AD 3 93.26 -8.51 -92.42
C LYS AD 3 92.22 -8.52 -93.52
N LEU AD 4 91.27 -7.61 -93.40
CA LEU AD 4 90.35 -7.32 -94.50
C LEU AD 4 91.18 -6.94 -95.71
N GLU AD 5 90.90 -7.57 -96.83
CA GLU AD 5 91.62 -7.29 -98.06
C GLU AD 5 90.67 -7.33 -99.24
N THR AD 6 91.21 -7.01 -100.41
CA THR AD 6 90.48 -7.23 -101.65
C THR AD 6 90.33 -8.73 -101.78
N VAL AD 7 89.10 -9.20 -101.94
CA VAL AD 7 88.87 -10.63 -102.08
C VAL AD 7 88.40 -10.90 -103.50
N THR AD 8 89.25 -11.53 -104.29
CA THR AD 8 88.91 -11.92 -105.64
C THR AD 8 88.25 -13.29 -105.58
N LEU AD 9 87.25 -13.49 -106.41
CA LEU AD 9 86.56 -14.76 -106.49
C LEU AD 9 86.41 -15.17 -107.95
N GLY AD 10 86.91 -16.36 -108.27
CA GLY AD 10 86.73 -16.95 -109.58
C GLY AD 10 85.67 -18.03 -109.51
N ASN AD 11 85.29 -18.51 -110.70
CA ASN AD 11 84.37 -19.63 -110.81
C ASN AD 11 83.05 -19.33 -110.10
N ILE AD 12 82.31 -18.40 -110.70
CA ILE AD 12 81.09 -17.88 -110.09
C ILE AD 12 79.97 -18.05 -111.09
N GLY AD 13 78.75 -18.19 -110.58
CA GLY AD 13 77.58 -18.31 -111.42
C GLY AD 13 77.51 -19.65 -112.12
N LYS AD 14 76.35 -19.88 -112.72
CA LYS AD 14 76.12 -21.13 -113.45
C LYS AD 14 77.23 -21.37 -114.46
N ASP AD 15 77.72 -20.32 -115.09
CA ASP AD 15 78.84 -20.44 -116.00
C ASP AD 15 80.09 -20.89 -115.25
N GLY AD 16 80.43 -20.22 -114.16
CA GLY AD 16 81.72 -20.45 -113.54
C GLY AD 16 82.82 -19.63 -114.18
N LYS AD 17 82.49 -18.84 -115.20
CA LYS AD 17 83.45 -17.90 -115.74
C LYS AD 17 83.31 -16.54 -115.07
N GLN AD 18 82.26 -16.37 -114.27
CA GLN AD 18 82.04 -15.13 -113.55
C GLN AD 18 83.10 -14.95 -112.48
N THR AD 19 83.55 -13.72 -112.31
CA THR AD 19 84.51 -13.36 -111.28
C THR AD 19 84.01 -12.15 -110.52
N LEU AD 20 84.46 -12.04 -109.28
CA LEU AD 20 84.02 -10.94 -108.42
C LEU AD 20 85.14 -10.55 -107.48
N VAL AD 21 85.27 -9.25 -107.24
CA VAL AD 21 86.19 -8.73 -106.27
C VAL AD 21 85.39 -8.02 -105.19
N LEU AD 22 85.93 -8.00 -103.97
CA LEU AD 22 85.25 -7.39 -102.83
C LEU AD 22 86.24 -6.49 -102.10
N ASN AD 23 85.90 -5.26 -102.01
CA ASN AD 23 86.81 -4.43 -101.24
C ASN AD 23 86.40 -4.42 -99.77
N PRO AD 24 87.37 -4.29 -98.88
CA PRO AD 24 87.03 -4.11 -97.47
C PRO AD 24 86.27 -2.81 -97.28
N ARG AD 25 85.13 -2.93 -96.60
CA ARG AD 25 84.27 -1.79 -96.34
C ARG AD 25 84.48 -1.22 -94.94
N GLY AD 26 85.40 -1.76 -94.17
CA GLY AD 26 85.52 -1.40 -92.77
C GLY AD 26 84.63 -2.27 -91.92
N VAL AD 27 84.56 -1.93 -90.64
CA VAL AD 27 83.83 -2.72 -89.66
C VAL AD 27 82.94 -1.80 -88.85
N ASN AD 28 81.67 -2.11 -88.77
CA ASN AD 28 80.82 -1.39 -87.85
C ASN AD 28 81.14 -1.81 -86.44
N PRO AD 29 81.69 -0.93 -85.60
CA PRO AD 29 82.06 -1.33 -84.24
C PRO AD 29 80.88 -1.60 -83.36
N THR AD 30 79.74 -0.95 -83.60
CA THR AD 30 78.58 -1.14 -82.73
C THR AD 30 78.20 -2.60 -82.65
N ASN AD 31 77.66 -3.15 -83.72
CA ASN AD 31 77.39 -4.57 -83.78
C ASN AD 31 78.66 -5.40 -83.88
N GLY AD 32 79.80 -4.77 -84.13
CA GLY AD 32 81.03 -5.50 -84.30
C GLY AD 32 80.99 -6.42 -85.52
N VAL AD 33 80.67 -5.86 -86.68
CA VAL AD 33 80.49 -6.65 -87.89
C VAL AD 33 81.29 -6.01 -89.02
N ALA AD 34 82.10 -6.84 -89.68
CA ALA AD 34 82.83 -6.41 -90.85
C ALA AD 34 81.91 -6.33 -92.06
N SER AD 35 82.37 -5.60 -93.07
CA SER AD 35 81.60 -5.44 -94.30
C SER AD 35 82.54 -5.50 -95.49
N LEU AD 36 82.07 -6.13 -96.54
CA LEU AD 36 82.81 -6.22 -97.79
C LEU AD 36 81.88 -5.87 -98.93
N SER AD 37 82.44 -5.31 -100.01
CA SER AD 37 81.59 -4.97 -101.13
C SER AD 37 82.35 -5.04 -102.43
N GLN AD 38 81.62 -5.37 -103.49
CA GLN AD 38 82.05 -5.07 -104.84
C GLN AD 38 82.18 -3.56 -104.99
N ALA AD 39 83.12 -3.16 -105.84
CA ALA AD 39 83.21 -1.74 -106.18
C ALA AD 39 82.39 -1.51 -107.45
N GLY AD 40 81.24 -0.88 -107.24
CA GLY AD 40 80.37 -0.49 -108.34
C GLY AD 40 80.32 1.00 -108.48
N ALA AD 41 79.22 1.47 -109.04
CA ALA AD 41 78.95 2.90 -109.06
C ALA AD 41 78.19 3.33 -107.80
N VAL AD 42 76.98 2.84 -107.65
CA VAL AD 42 76.13 3.25 -106.55
C VAL AD 42 76.23 2.21 -105.44
N PRO AD 43 76.69 2.60 -104.24
CA PRO AD 43 76.75 1.65 -103.12
C PRO AD 43 75.45 0.91 -102.88
N ALA AD 44 74.32 1.58 -102.96
CA ALA AD 44 73.03 0.91 -102.88
C ALA AD 44 72.92 -0.23 -103.87
N LEU AD 45 73.48 -0.08 -105.07
CA LEU AD 45 73.49 -1.14 -106.05
C LEU AD 45 74.58 -2.16 -105.78
N GLU AD 46 75.67 -1.76 -105.13
CA GLU AD 46 76.84 -2.60 -105.01
C GLU AD 46 76.55 -3.80 -104.12
N LYS AD 47 77.13 -4.94 -104.48
CA LYS AD 47 76.93 -6.19 -103.75
C LYS AD 47 77.56 -6.01 -102.37
N ARG AD 48 76.94 -6.63 -101.37
CA ARG AD 48 77.46 -6.51 -100.01
C ARG AD 48 77.71 -7.89 -99.43
N VAL AD 49 78.75 -7.98 -98.60
CA VAL AD 49 79.09 -9.21 -97.89
C VAL AD 49 79.41 -8.84 -96.45
N THR AD 50 78.77 -9.52 -95.51
CA THR AD 50 78.92 -9.22 -94.10
C THR AD 50 79.33 -10.47 -93.35
N VAL AD 51 80.33 -10.34 -92.49
CA VAL AD 51 80.75 -11.42 -91.63
C VAL AD 51 80.86 -10.89 -90.21
N SER AD 52 80.68 -11.79 -89.25
CA SER AD 52 80.76 -11.40 -87.86
C SER AD 52 81.17 -12.60 -87.04
N VAL AD 53 81.83 -12.33 -85.92
CA VAL AD 53 82.11 -13.35 -84.93
C VAL AD 53 81.30 -12.99 -83.71
N SER AD 54 81.45 -13.77 -82.64
CA SER AD 54 80.75 -13.51 -81.40
C SER AD 54 81.51 -14.18 -80.29
N GLN AD 55 81.20 -13.80 -79.06
CA GLN AD 55 81.82 -14.44 -77.93
C GLN AD 55 80.76 -14.71 -76.87
N PRO AD 56 80.89 -15.82 -76.15
CA PRO AD 56 79.84 -16.20 -75.21
C PRO AD 56 79.72 -15.19 -74.08
N SER AD 57 78.48 -14.94 -73.69
CA SER AD 57 78.19 -13.99 -72.62
C SER AD 57 77.33 -14.68 -71.59
N ARG AD 58 76.89 -13.92 -70.59
CA ARG AD 58 75.88 -14.42 -69.66
C ARG AD 58 74.58 -14.79 -70.36
N ASN AD 59 74.32 -14.20 -71.53
CA ASN AD 59 73.14 -14.54 -72.31
C ASN AD 59 73.28 -15.84 -73.08
N ARG AD 60 74.46 -16.12 -73.62
CA ARG AD 60 74.67 -17.32 -74.41
C ARG AD 60 76.09 -17.81 -74.19
N LYS AD 61 76.24 -19.12 -74.08
CA LYS AD 61 77.53 -19.75 -73.83
C LYS AD 61 78.16 -20.22 -75.14
N ASN AD 62 77.53 -19.92 -76.25
CA ASN AD 62 77.94 -20.48 -77.52
C ASN AD 62 78.49 -19.39 -78.43
N TYR AD 63 79.39 -19.76 -79.31
CA TYR AD 63 79.89 -18.84 -80.31
C TYR AD 63 78.93 -18.79 -81.49
N LYS AD 64 78.72 -17.59 -82.01
CA LYS AD 64 77.93 -17.39 -83.22
C LYS AD 64 78.82 -16.79 -84.29
N VAL AD 65 78.75 -17.35 -85.49
CA VAL AD 65 79.40 -16.77 -86.65
C VAL AD 65 78.31 -16.55 -87.68
N GLN AD 66 78.06 -15.29 -88.00
CA GLN AD 66 76.98 -14.90 -88.89
C GLN AD 66 77.56 -14.33 -90.17
N VAL AD 67 77.05 -14.80 -91.30
CA VAL AD 67 77.46 -14.30 -92.61
C VAL AD 67 76.21 -14.04 -93.43
N LYS AD 68 76.06 -12.82 -93.89
CA LYS AD 68 74.92 -12.42 -94.71
C LYS AD 68 75.41 -11.84 -96.02
N ILE AD 69 74.67 -12.10 -97.08
CA ILE AD 69 75.00 -11.61 -98.41
C ILE AD 69 73.79 -10.89 -98.96
N GLN AD 70 74.02 -9.72 -99.55
CA GLN AD 70 72.96 -8.87 -100.06
C GLN AD 70 73.30 -8.50 -101.49
N ASN AD 71 72.48 -8.96 -102.44
CA ASN AD 71 72.73 -8.76 -103.87
C ASN AD 71 71.46 -8.19 -104.49
N PRO AD 72 71.35 -6.88 -104.61
CA PRO AD 72 70.16 -6.29 -105.18
C PRO AD 72 70.07 -6.56 -106.67
N THR AD 73 68.97 -6.11 -107.25
CA THR AD 73 68.74 -6.21 -108.68
C THR AD 73 68.52 -4.81 -109.23
N ALA AD 74 69.46 -4.35 -110.04
CA ALA AD 74 69.39 -3.02 -110.62
C ALA AD 74 68.35 -2.99 -111.73
N CYS AD 75 67.52 -1.96 -111.72
CA CYS AD 75 66.67 -1.65 -112.87
C CYS AD 75 67.36 -0.49 -113.58
N THR AD 76 67.96 -0.79 -114.73
CA THR AD 76 68.74 0.23 -115.43
C THR AD 76 67.84 1.35 -115.94
N ALA AD 77 66.85 1.00 -116.74
CA ALA AD 77 65.89 1.98 -117.24
C ALA AD 77 64.61 1.82 -116.44
N ASN AD 78 64.37 2.79 -115.56
CA ASN AD 78 63.10 2.88 -114.85
C ASN AD 78 62.16 3.85 -115.54
N GLY AD 79 62.54 4.38 -116.69
CA GLY AD 79 61.89 5.56 -117.21
C GLY AD 79 62.42 6.83 -116.58
N SER AD 80 63.44 6.70 -115.73
CA SER AD 80 64.03 7.83 -115.02
C SER AD 80 65.53 7.78 -115.27
N CYS AD 81 66.20 8.89 -114.95
CA CYS AD 81 67.62 9.03 -115.24
C CYS AD 81 68.51 8.17 -114.35
N ASP AD 82 67.98 7.63 -113.26
CA ASP AD 82 68.82 6.89 -112.35
C ASP AD 82 68.29 5.47 -112.16
N PRO AD 83 69.17 4.48 -112.05
CA PRO AD 83 68.71 3.13 -111.79
C PRO AD 83 68.12 3.02 -110.40
N SER AD 84 67.36 1.96 -110.17
CA SER AD 84 66.67 1.78 -108.91
C SER AD 84 66.70 0.31 -108.48
N VAL AD 85 66.72 0.11 -107.17
CA VAL AD 85 66.69 -1.24 -106.61
C VAL AD 85 65.35 -1.86 -106.94
N THR AD 86 65.36 -3.09 -107.42
CA THR AD 86 64.12 -3.77 -107.71
C THR AD 86 63.90 -4.94 -106.75
N ARG AD 87 64.68 -6.00 -106.90
CA ARG AD 87 64.61 -7.16 -106.02
C ARG AD 87 65.88 -7.21 -105.20
N GLN AD 88 65.74 -7.68 -103.97
CA GLN AD 88 66.90 -7.76 -103.07
C GLN AD 88 67.10 -9.21 -102.67
N ALA AD 89 68.18 -9.81 -103.14
CA ALA AD 89 68.48 -11.20 -102.83
C ALA AD 89 69.12 -11.26 -101.45
N TYR AD 90 68.57 -12.09 -100.58
CA TYR AD 90 69.12 -12.27 -99.24
C TYR AD 90 69.70 -13.65 -99.08
N ALA AD 91 70.99 -13.70 -98.79
CA ALA AD 91 71.68 -14.95 -98.51
C ALA AD 91 72.24 -14.85 -97.11
N ASP AD 92 71.77 -15.72 -96.21
CA ASP AD 92 72.16 -15.67 -94.81
C ASP AD 92 72.70 -17.02 -94.37
N VAL AD 93 73.81 -16.98 -93.64
CA VAL AD 93 74.47 -18.18 -93.12
C VAL AD 93 74.89 -17.89 -91.70
N THR AD 94 74.64 -18.84 -90.81
CA THR AD 94 75.02 -18.72 -89.42
C THR AD 94 75.79 -19.96 -88.97
N PHE AD 95 76.44 -19.84 -87.82
CA PHE AD 95 77.15 -20.95 -87.23
C PHE AD 95 77.04 -20.89 -85.73
N SER AD 96 76.93 -22.06 -85.13
CA SER AD 96 76.92 -22.17 -83.68
C SER AD 96 78.00 -23.14 -83.26
N PHE AD 97 78.64 -22.86 -82.14
CA PHE AD 97 79.67 -23.73 -81.62
C PHE AD 97 79.69 -23.65 -80.11
N THR AD 98 80.28 -24.66 -79.50
CA THR AD 98 80.40 -24.74 -78.06
C THR AD 98 81.81 -24.40 -77.66
N GLN AD 99 81.94 -23.79 -76.49
CA GLN AD 99 83.24 -23.38 -76.00
C GLN AD 99 84.27 -24.49 -76.09
N TYR AD 100 83.84 -25.75 -76.03
CA TYR AD 100 84.77 -26.86 -76.18
C TYR AD 100 84.90 -27.32 -77.62
N SER AD 101 84.26 -26.65 -78.57
CA SER AD 101 84.34 -27.06 -79.96
C SER AD 101 85.79 -27.12 -80.39
N THR AD 102 86.16 -28.17 -81.12
CA THR AD 102 87.55 -28.28 -81.54
C THR AD 102 87.73 -27.67 -82.92
N ASP AD 103 88.98 -27.69 -83.38
CA ASP AD 103 89.29 -27.09 -84.66
C ASP AD 103 88.73 -27.90 -85.82
N GLU AD 104 89.10 -29.18 -85.90
CA GLU AD 104 88.76 -29.95 -87.07
C GLU AD 104 87.25 -30.08 -87.24
N GLU AD 105 86.53 -30.24 -86.13
CA GLU AD 105 85.08 -30.21 -86.19
C GLU AD 105 84.60 -29.00 -86.97
N ARG AD 106 85.05 -27.82 -86.56
CA ARG AD 106 84.69 -26.62 -87.29
C ARG AD 106 85.15 -26.72 -88.74
N ALA AD 107 86.43 -26.98 -88.95
CA ALA AD 107 86.94 -27.19 -90.30
C ALA AD 107 86.09 -28.19 -91.06
N PHE AD 108 85.74 -29.30 -90.42
CA PHE AD 108 84.86 -30.26 -91.06
C PHE AD 108 83.56 -29.62 -91.51
N VAL AD 109 83.00 -28.74 -90.69
CA VAL AD 109 81.76 -28.07 -91.07
C VAL AD 109 81.99 -27.20 -92.30
N ARG AD 110 83.10 -26.46 -92.31
CA ARG AD 110 83.29 -25.48 -93.37
C ARG AD 110 83.26 -26.14 -94.74
N THR AD 111 84.12 -27.13 -94.97
CA THR AD 111 84.17 -27.75 -96.28
C THR AD 111 82.84 -28.34 -96.69
N GLU AD 112 82.28 -29.23 -95.87
CA GLU AD 112 81.07 -29.95 -96.26
C GLU AD 112 79.97 -29.02 -96.71
N LEU AD 113 79.79 -27.89 -96.03
CA LEU AD 113 78.79 -26.94 -96.49
C LEU AD 113 79.07 -26.51 -97.92
N ALA AD 114 80.32 -26.19 -98.21
CA ALA AD 114 80.68 -25.85 -99.58
C ALA AD 114 80.35 -26.98 -100.53
N ALA AD 115 80.81 -28.19 -100.22
CA ALA AD 115 80.53 -29.33 -101.09
C ALA AD 115 79.05 -29.45 -101.40
N LEU AD 116 78.20 -29.31 -100.39
CA LEU AD 116 76.78 -29.29 -100.65
C LEU AD 116 76.41 -28.24 -101.67
N LEU AD 117 76.95 -27.03 -101.52
CA LEU AD 117 76.63 -25.98 -102.47
C LEU AD 117 77.04 -26.35 -103.88
N ALA AD 118 78.04 -27.19 -104.03
CA ALA AD 118 78.39 -27.72 -105.34
C ALA AD 118 77.66 -29.03 -105.64
N SER AD 119 76.97 -29.60 -104.67
CA SER AD 119 76.27 -30.85 -104.90
C SER AD 119 75.14 -30.65 -105.90
N PRO AD 120 74.88 -31.65 -106.75
CA PRO AD 120 73.74 -31.55 -107.66
C PRO AD 120 72.41 -31.46 -106.95
N LEU AD 121 72.36 -31.82 -105.68
CA LEU AD 121 71.10 -31.70 -104.95
C LEU AD 121 70.66 -30.25 -104.86
N LEU AD 122 71.47 -29.41 -104.23
CA LEU AD 122 71.05 -28.06 -103.93
C LEU AD 122 70.79 -27.23 -105.16
N ILE AD 123 71.50 -27.47 -106.27
CA ILE AD 123 71.36 -26.61 -107.42
C ILE AD 123 69.92 -26.55 -107.89
N ASP AD 124 69.25 -27.69 -108.03
CA ASP AD 124 67.83 -27.67 -108.32
C ASP AD 124 67.03 -27.02 -107.22
N ALA AD 125 67.36 -27.34 -105.97
CA ALA AD 125 66.76 -26.65 -104.85
C ALA AD 125 66.95 -25.15 -104.91
N ILE AD 126 68.16 -24.68 -105.15
CA ILE AD 126 68.45 -23.27 -105.26
C ILE AD 126 67.98 -22.71 -106.59
N ASP AD 127 68.61 -23.13 -107.68
CA ASP AD 127 68.37 -22.50 -108.97
C ASP AD 127 66.92 -22.65 -109.41
N GLN AD 128 66.43 -23.88 -109.46
CA GLN AD 128 65.10 -24.15 -109.97
C GLN AD 128 64.05 -24.21 -108.88
N LEU AD 129 64.41 -23.94 -107.63
CA LEU AD 129 63.46 -23.91 -106.51
C LEU AD 129 62.70 -25.23 -106.45
N ASN AD 130 63.42 -26.29 -106.18
CA ASN AD 130 62.73 -27.56 -106.18
C ASN AD 130 62.98 -28.31 -104.88
N PRO AD 131 61.97 -28.96 -104.37
CA PRO AD 131 62.17 -29.84 -103.22
C PRO AD 131 62.95 -31.08 -103.61
N ALA AD 132 62.96 -32.05 -102.72
CA ALA AD 132 63.95 -33.13 -102.72
C ALA AD 132 63.60 -34.24 -103.70
N TYR AD 133 62.54 -34.09 -104.48
CA TYR AD 133 62.12 -35.16 -105.37
C TYR AD 133 62.60 -34.89 -106.79
N ALA BD 2 90.35 5.67 -95.28
CA ALA BD 2 91.56 4.90 -95.05
C ALA BD 2 91.89 4.87 -93.58
N LYS BD 3 93.09 4.38 -93.26
CA LYS BD 3 93.55 4.22 -91.90
C LYS BD 3 93.68 5.57 -91.21
N LEU BD 4 93.30 5.61 -89.95
CA LEU BD 4 93.62 6.74 -89.09
C LEU BD 4 95.11 6.93 -89.10
N GLU BD 5 95.55 8.15 -89.34
CA GLU BD 5 96.97 8.45 -89.39
C GLU BD 5 97.22 9.82 -88.77
N THR BD 6 98.49 10.18 -88.67
CA THR BD 6 98.85 11.54 -88.32
C THR BD 6 98.38 12.40 -89.47
N VAL BD 7 97.59 13.41 -89.16
CA VAL BD 7 97.10 14.30 -90.21
C VAL BD 7 97.74 15.66 -90.03
N THR BD 8 98.63 16.01 -90.93
CA THR BD 8 99.27 17.32 -90.92
C THR BD 8 98.39 18.27 -91.70
N LEU BD 9 98.31 19.51 -91.23
CA LEU BD 9 97.53 20.54 -91.90
C LEU BD 9 98.36 21.80 -91.99
N GLY BD 10 98.53 22.29 -93.22
CA GLY BD 10 99.16 23.56 -93.48
C GLY BD 10 98.13 24.61 -93.79
N ASN BD 11 98.59 25.86 -93.86
CA ASN BD 11 97.75 26.97 -94.28
C ASN BD 11 96.52 27.09 -93.37
N ILE BD 12 96.77 27.49 -92.13
CA ILE BD 12 95.75 27.51 -91.11
C ILE BD 12 95.72 28.91 -90.52
N GLY BD 13 94.55 29.32 -90.03
CA GLY BD 13 94.38 30.60 -89.39
C GLY BD 13 94.43 31.74 -90.39
N LYS BD 14 94.07 32.92 -89.89
CA LYS BD 14 94.05 34.11 -90.71
C LYS BD 14 95.39 34.30 -91.42
N ASP BD 15 96.49 33.96 -90.74
CA ASP BD 15 97.79 34.01 -91.36
C ASP BD 15 97.89 33.01 -92.51
N GLY BD 16 97.52 31.77 -92.26
CA GLY BD 16 97.81 30.72 -93.21
C GLY BD 16 99.21 30.17 -93.06
N LYS BD 17 99.98 30.68 -92.12
CA LYS BD 17 101.26 30.07 -91.81
C LYS BD 17 101.12 29.07 -90.67
N GLN BD 18 99.95 29.03 -90.04
CA GLN BD 18 99.69 28.09 -88.97
C GLN BD 18 99.63 26.68 -89.52
N THR BD 19 100.19 25.74 -88.75
CA THR BD 19 100.15 24.33 -89.10
C THR BD 19 99.67 23.53 -87.90
N LEU BD 20 99.09 22.37 -88.19
CA LEU BD 20 98.55 21.54 -87.13
C LEU BD 20 98.69 20.07 -87.51
N VAL BD 21 99.01 19.24 -86.54
CA VAL BD 21 99.05 17.80 -86.72
C VAL BD 21 98.00 17.19 -85.80
N LEU BD 22 97.47 16.05 -86.22
CA LEU BD 22 96.42 15.37 -85.47
C LEU BD 22 96.78 13.89 -85.33
N ASN BD 23 96.90 13.45 -84.13
CA ASN BD 23 97.17 12.03 -84.02
C ASN BD 23 95.88 11.25 -83.94
N PRO BD 24 95.87 10.03 -84.47
CA PRO BD 24 94.71 9.17 -84.29
C PRO BD 24 94.50 8.86 -82.82
N ARG BD 25 93.27 9.10 -82.36
CA ARG BD 25 92.91 8.87 -80.98
C ARG BD 25 92.22 7.54 -80.76
N GLY BD 26 92.07 6.73 -81.80
CA GLY BD 26 91.24 5.54 -81.72
C GLY BD 26 89.80 5.86 -82.05
N VAL BD 27 88.95 4.86 -81.86
CA VAL BD 27 87.54 4.97 -82.22
C VAL BD 27 86.70 4.48 -81.06
N ASN BD 28 85.77 5.30 -80.62
CA ASN BD 28 84.81 4.80 -79.66
C ASN BD 28 83.86 3.84 -80.34
N PRO BD 29 83.87 2.56 -80.01
CA PRO BD 29 83.00 1.60 -80.68
C PRO BD 29 81.53 1.78 -80.35
N THR BD 30 81.21 2.29 -79.16
CA THR BD 30 79.81 2.43 -78.79
C THR BD 30 79.05 3.25 -79.80
N ASN BD 31 79.32 4.55 -79.85
CA ASN BD 31 78.74 5.40 -80.87
C ASN BD 31 79.35 5.14 -82.24
N GLY BD 32 80.42 4.37 -82.32
CA GLY BD 32 81.09 4.14 -83.58
C GLY BD 32 81.64 5.42 -84.18
N VAL BD 33 82.46 6.14 -83.42
CA VAL BD 33 82.97 7.44 -83.85
C VAL BD 33 84.47 7.47 -83.64
N ALA BD 34 85.19 7.84 -84.69
CA ALA BD 34 86.62 8.05 -84.61
C ALA BD 34 86.94 9.35 -83.91
N SER BD 35 88.18 9.45 -83.44
CA SER BD 35 88.64 10.64 -82.76
C SER BD 35 90.05 10.97 -83.19
N LEU BD 36 90.33 12.26 -83.35
CA LEU BD 36 91.66 12.73 -83.70
C LEU BD 36 92.01 13.88 -82.78
N SER BD 37 93.30 14.05 -82.51
CA SER BD 37 93.68 15.14 -81.63
C SER BD 37 95.08 15.64 -81.96
N GLN BD 38 95.27 16.92 -81.73
CA GLN BD 38 96.61 17.47 -81.56
C GLN BD 38 97.28 16.81 -80.38
N ALA BD 39 98.59 16.67 -80.46
CA ALA BD 39 99.34 16.21 -79.29
C ALA BD 39 99.82 17.43 -78.52
N GLY BD 40 99.16 17.66 -77.39
CA GLY BD 40 99.53 18.71 -76.47
C GLY BD 40 100.07 18.15 -75.19
N ALA BD 41 99.94 18.95 -74.13
CA ALA BD 41 100.25 18.45 -72.80
C ALA BD 41 99.01 17.82 -72.17
N VAL BD 42 97.98 18.62 -71.92
CA VAL BD 42 96.80 18.15 -71.23
C VAL BD 42 95.73 17.80 -72.26
N PRO BD 43 95.28 16.54 -72.33
CA PRO BD 43 94.21 16.19 -73.27
C PRO BD 43 93.01 17.09 -73.20
N ALA BD 44 92.57 17.47 -72.01
CA ALA BD 44 91.50 18.46 -71.88
C ALA BD 44 91.79 19.71 -72.66
N LEU BD 45 93.04 20.15 -72.71
CA LEU BD 45 93.41 21.31 -73.49
C LEU BD 45 93.57 20.98 -74.96
N GLU BD 46 93.90 19.73 -75.29
CA GLU BD 46 94.28 19.39 -76.65
C GLU BD 46 93.07 19.49 -77.58
N LYS BD 47 93.35 19.94 -78.80
CA LYS BD 47 92.30 20.12 -79.81
C LYS BD 47 91.76 18.74 -80.15
N ARG BD 48 90.47 18.67 -80.44
CA ARG BD 48 89.85 17.41 -80.77
C ARG BD 48 89.15 17.49 -82.12
N VAL BD 49 89.16 16.38 -82.85
CA VAL BD 49 88.48 16.27 -84.13
C VAL BD 49 87.76 14.94 -84.14
N THR BD 50 86.47 14.96 -84.47
CA THR BD 50 85.64 13.77 -84.45
C THR BD 50 84.96 13.60 -85.79
N VAL BD 51 85.02 12.39 -86.33
CA VAL BD 51 84.31 12.06 -87.55
C VAL BD 51 83.53 10.78 -87.31
N SER BD 52 82.45 10.63 -88.07
CA SER BD 52 81.62 9.45 -87.94
C SER BD 52 80.89 9.21 -89.25
N VAL BD 53 80.59 7.94 -89.51
CA VAL BD 53 79.72 7.57 -90.61
C VAL BD 53 78.46 7.01 -90.00
N SER BD 54 77.54 6.58 -90.84
CA SER BD 54 76.30 5.99 -90.38
C SER BD 54 75.76 5.10 -91.47
N GLN BD 55 74.81 4.26 -91.11
CA GLN BD 55 74.17 3.43 -92.12
C GLN BD 55 72.67 3.42 -91.88
N PRO BD 56 71.87 3.37 -92.94
CA PRO BD 56 70.43 3.49 -92.78
C PRO BD 56 69.87 2.31 -92.00
N SER BD 57 68.89 2.62 -91.15
CA SER BD 57 68.25 1.62 -90.31
C SER BD 57 66.75 1.71 -90.54
N ARG BD 58 66.00 0.92 -89.78
CA ARG BD 58 64.56 1.08 -89.74
C ARG BD 58 64.14 2.46 -89.26
N ASN BD 59 65.00 3.14 -88.50
CA ASN BD 59 64.72 4.50 -88.05
C ASN BD 59 64.96 5.55 -89.12
N ARG BD 60 65.98 5.38 -89.94
CA ARG BD 60 66.30 6.35 -90.97
C ARG BD 60 66.87 5.63 -92.18
N LYS BD 61 66.47 6.08 -93.36
CA LYS BD 61 66.89 5.48 -94.61
C LYS BD 61 68.08 6.22 -95.21
N ASN BD 62 68.58 7.21 -94.49
CA ASN BD 62 69.57 8.11 -95.04
C ASN BD 62 70.89 7.93 -94.33
N TYR BD 63 71.98 8.20 -95.06
CA TYR BD 63 73.30 8.18 -94.45
C TYR BD 63 73.57 9.50 -93.75
N LYS BD 64 74.19 9.43 -92.59
CA LYS BD 64 74.63 10.61 -91.86
C LYS BD 64 76.14 10.57 -91.73
N VAL BD 65 76.78 11.68 -92.02
CA VAL BD 65 78.20 11.86 -91.79
C VAL BD 65 78.35 13.07 -90.89
N GLN BD 66 78.82 12.85 -89.68
CA GLN BD 66 78.91 13.90 -88.67
C GLN BD 66 80.36 14.18 -88.38
N VAL BD 67 80.71 15.46 -88.35
CA VAL BD 67 82.06 15.91 -88.04
C VAL BD 67 81.96 17.05 -87.04
N LYS BD 68 82.59 16.89 -85.89
CA LYS BD 68 82.59 17.91 -84.85
C LYS BD 68 84.02 18.26 -84.50
N ILE BD 69 84.25 19.53 -84.19
CA ILE BD 69 85.56 20.03 -83.81
C ILE BD 69 85.44 20.76 -82.50
N GLN BD 70 86.37 20.49 -81.60
CA GLN BD 70 86.34 21.06 -80.26
C GLN BD 70 87.70 21.68 -79.99
N ASN BD 71 87.73 23.00 -79.82
CA ASN BD 71 88.97 23.75 -79.63
C ASN BD 71 88.81 24.63 -78.40
N PRO BD 72 89.23 24.16 -77.24
CA PRO BD 72 89.09 24.96 -76.03
C PRO BD 72 90.03 26.15 -76.04
N THR BD 73 89.91 26.97 -75.01
CA THR BD 73 90.77 28.12 -74.81
C THR BD 73 91.46 27.98 -73.47
N ALA BD 74 92.77 27.80 -73.51
CA ALA BD 74 93.56 27.62 -72.31
C ALA BD 74 93.72 28.95 -71.60
N CYS BD 75 93.53 28.94 -70.29
CA CYS BD 75 93.93 30.06 -69.45
C CYS BD 75 95.24 29.63 -68.78
N THR BD 76 96.34 30.22 -69.24
CA THR BD 76 97.65 29.81 -68.75
C THR BD 76 97.81 30.13 -67.27
N ALA BD 77 97.67 31.41 -66.93
CA ALA BD 77 97.74 31.83 -65.53
C ALA BD 77 96.32 32.08 -65.05
N ASN BD 78 95.84 31.17 -64.21
CA ASN BD 78 94.57 31.35 -63.52
C ASN BD 78 94.79 31.91 -62.12
N GLY BD 79 96.02 32.24 -61.76
CA GLY BD 79 96.36 32.41 -60.37
C GLY BD 79 96.64 31.10 -59.68
N SER BD 80 96.61 30.00 -60.43
CA SER BD 80 96.83 28.66 -59.90
C SER BD 80 97.93 28.01 -60.73
N CYS BD 81 98.46 26.91 -60.22
CA CYS BD 81 99.59 26.24 -60.84
C CYS BD 81 99.24 25.52 -62.13
N ASP BD 82 97.95 25.33 -62.42
CA ASP BD 82 97.58 24.57 -63.59
C ASP BD 82 96.67 25.40 -64.49
N PRO BD 83 96.83 25.27 -65.80
CA PRO BD 83 95.92 25.98 -66.72
C PRO BD 83 94.52 25.40 -66.63
N SER BD 84 93.56 26.16 -67.11
CA SER BD 84 92.16 25.77 -67.02
C SER BD 84 91.42 26.13 -68.30
N VAL BD 85 90.43 25.32 -68.63
CA VAL BD 85 89.57 25.56 -69.79
C VAL BD 85 88.79 26.84 -69.52
N THR BD 86 88.76 27.72 -70.51
CA THR BD 86 87.98 28.93 -70.37
C THR BD 86 86.78 28.93 -71.31
N ARG BD 87 87.03 29.09 -72.60
CA ARG BD 87 86.00 29.05 -73.61
C ARG BD 87 86.18 27.79 -74.45
N GLN BD 88 85.06 27.25 -74.90
CA GLN BD 88 85.11 26.02 -75.68
C GLN BD 88 84.48 26.31 -77.04
N ALA BD 89 85.30 26.29 -78.09
CA ALA BD 89 84.82 26.54 -79.44
C ALA BD 89 84.21 25.27 -79.99
N TYR BD 90 82.98 25.36 -80.47
CA TYR BD 90 82.31 24.22 -81.06
C TYR BD 90 82.11 24.41 -82.55
N ALA BD 91 82.70 23.50 -83.32
CA ALA BD 91 82.52 23.51 -84.77
C ALA BD 91 81.89 22.18 -85.15
N ASP BD 92 80.69 22.23 -85.71
CA ASP BD 92 79.93 21.03 -86.03
C ASP BD 92 79.53 21.05 -87.49
N VAL BD 93 79.70 19.90 -88.15
CA VAL BD 93 79.36 19.72 -89.56
C VAL BD 93 78.68 18.38 -89.70
N THR BD 94 77.59 18.34 -90.46
CA THR BD 94 76.86 17.12 -90.70
C THR BD 94 76.62 16.95 -92.19
N PHE BD 95 76.24 15.73 -92.58
CA PHE BD 95 75.91 15.44 -93.96
C PHE BD 95 74.78 14.44 -94.01
N SER BD 96 73.91 14.63 -94.98
CA SER BD 96 72.82 13.69 -95.22
C SER BD 96 72.88 13.25 -96.67
N PHE BD 97 72.57 11.98 -96.91
CA PHE BD 97 72.56 11.45 -98.26
C PHE BD 97 71.51 10.36 -98.35
N THR BD 98 71.12 10.09 -99.57
CA THR BD 98 70.13 9.07 -99.87
C THR BD 98 70.84 7.83 -100.39
N GLN BD 99 70.26 6.67 -100.10
CA GLN BD 99 70.84 5.42 -100.53
C GLN BD 99 71.20 5.42 -101.99
N TYR BD 100 70.49 6.20 -102.80
CA TYR BD 100 70.83 6.28 -104.22
C TYR BD 100 71.79 7.42 -104.52
N SER BD 101 72.29 8.11 -103.51
CA SER BD 101 73.21 9.22 -103.75
C SER BD 101 74.41 8.73 -104.54
N THR BD 102 74.82 9.50 -105.54
CA THR BD 102 75.94 9.06 -106.35
C THR BD 102 77.24 9.62 -105.79
N ASP BD 103 78.34 9.25 -106.44
CA ASP BD 103 79.65 9.68 -105.97
C ASP BD 103 79.87 11.15 -106.22
N GLU BD 104 79.77 11.59 -107.47
CA GLU BD 104 80.14 12.95 -107.80
C GLU BD 104 79.29 13.97 -107.07
N GLU BD 105 78.00 13.68 -106.92
CA GLU BD 105 77.15 14.53 -106.09
C GLU BD 105 77.79 14.77 -104.74
N ARG BD 106 78.15 13.70 -104.05
CA ARG BD 106 78.84 13.85 -102.78
C ARG BD 106 80.13 14.63 -102.96
N ALA BD 107 80.99 14.17 -103.87
CA ALA BD 107 82.21 14.91 -104.16
C ALA BD 107 81.92 16.38 -104.45
N PHE BD 108 80.89 16.64 -105.25
CA PHE BD 108 80.49 18.02 -105.50
C PHE BD 108 80.21 18.76 -104.20
N VAL BD 109 79.56 18.11 -103.25
CA VAL BD 109 79.28 18.77 -101.98
C VAL BD 109 80.58 19.07 -101.25
N ARG BD 110 81.50 18.12 -101.24
CA ARG BD 110 82.70 18.29 -100.43
C ARG BD 110 83.45 19.55 -100.80
N THR BD 111 83.84 19.69 -102.06
CA THR BD 111 84.62 20.84 -102.47
C THR BD 111 83.89 22.14 -102.18
N GLU BD 112 82.68 22.30 -102.71
CA GLU BD 112 81.99 23.58 -102.60
C GLU BD 112 81.91 24.08 -101.17
N LEU BD 113 81.68 23.20 -100.21
CA LEU BD 113 81.69 23.64 -98.82
C LEU BD 113 83.02 24.26 -98.47
N ALA BD 114 84.12 23.61 -98.86
CA ALA BD 114 85.43 24.20 -98.62
C ALA BD 114 85.56 25.55 -99.28
N ALA BD 115 85.23 25.64 -100.57
CA ALA BD 115 85.32 26.91 -101.27
C ALA BD 115 84.59 28.01 -100.53
N LEU BD 116 83.37 27.74 -100.06
CA LEU BD 116 82.68 28.71 -99.22
C LEU BD 116 83.53 29.13 -98.05
N LEU BD 117 84.13 28.17 -97.36
CA LEU BD 117 84.95 28.51 -96.20
C LEU BD 117 86.10 29.43 -96.58
N ALA BD 118 86.57 29.36 -97.82
CA ALA BD 118 87.54 30.30 -98.30
C ALA BD 118 86.90 31.52 -98.95
N SER BD 119 85.60 31.51 -99.15
CA SER BD 119 84.94 32.63 -99.79
C SER BD 119 85.01 33.86 -98.89
N PRO BD 120 85.15 35.06 -99.49
CA PRO BD 120 85.13 36.27 -98.68
C PRO BD 120 83.82 36.49 -97.96
N LEU BD 121 82.76 35.81 -98.36
CA LEU BD 121 81.51 35.96 -97.65
C LEU BD 121 81.61 35.48 -96.22
N LEU BD 122 81.94 34.20 -96.04
CA LEU BD 122 81.89 33.62 -94.71
C LEU BD 122 82.88 34.23 -93.74
N ILE BD 123 84.02 34.70 -94.23
CA ILE BD 123 85.05 35.16 -93.31
C ILE BD 123 84.51 36.28 -92.42
N ASP BD 124 83.84 37.28 -92.98
CA ASP BD 124 83.18 38.26 -92.16
C ASP BD 124 82.09 37.66 -91.30
N ALA BD 125 81.29 36.77 -91.88
CA ALA BD 125 80.33 36.01 -91.10
C ALA BD 125 80.96 35.25 -89.96
N ILE BD 126 82.04 34.52 -90.20
CA ILE BD 126 82.74 33.79 -89.17
C ILE BD 126 83.58 34.71 -88.31
N ASP BD 127 84.63 35.29 -88.89
CA ASP BD 127 85.60 36.02 -88.09
C ASP BD 127 84.97 37.22 -87.39
N GLN BD 128 84.32 38.09 -88.13
CA GLN BD 128 83.77 39.31 -87.57
C GLN BD 128 82.32 39.18 -87.16
N LEU BD 129 81.73 38.00 -87.27
CA LEU BD 129 80.36 37.75 -86.85
C LEU BD 129 79.41 38.74 -87.52
N ASN BD 130 79.32 38.64 -88.83
CA ASN BD 130 78.51 39.62 -89.50
C ASN BD 130 77.49 38.93 -90.40
N PRO BD 131 76.29 39.44 -90.44
CA PRO BD 131 75.32 38.93 -91.41
C PRO BD 131 75.68 39.34 -92.82
N ALA BD 132 74.75 39.17 -93.73
CA ALA BD 132 75.02 39.12 -95.17
C ALA BD 132 75.16 40.50 -95.80
N TYR BD 133 75.11 41.55 -95.00
CA TYR BD 133 75.15 42.89 -95.55
C TYR BD 133 76.55 43.47 -95.44
N ALA CD 2 -48.11 -123.60 -0.01
CA ALA CD 2 -47.12 -124.66 -0.11
C ALA CD 2 -45.93 -124.20 -0.93
N LYS CD 3 -45.06 -125.14 -1.27
CA LYS CD 3 -43.83 -124.86 -1.99
C LYS CD 3 -44.14 -124.34 -3.39
N LEU CD 4 -43.36 -123.36 -3.82
CA LEU CD 4 -43.36 -122.96 -5.22
C LEU CD 4 -43.05 -124.18 -6.07
N GLU CD 5 -43.88 -124.41 -7.08
CA GLU CD 5 -43.69 -125.54 -7.96
C GLU CD 5 -44.02 -125.14 -9.38
N THR CD 6 -43.81 -126.08 -10.30
CA THR CD 6 -44.31 -125.92 -11.65
C THR CD 6 -45.82 -125.93 -11.55
N VAL CD 7 -46.46 -124.90 -12.08
CA VAL CD 7 -47.91 -124.83 -12.02
C VAL CD 7 -48.45 -124.98 -13.43
N THR CD 8 -49.06 -126.12 -13.69
CA THR CD 8 -49.70 -126.37 -14.98
C THR CD 8 -51.12 -125.82 -14.93
N LEU CD 9 -51.57 -125.25 -16.04
CA LEU CD 9 -52.92 -124.72 -16.13
C LEU CD 9 -53.55 -125.20 -17.42
N GLY CD 10 -54.70 -125.87 -17.30
CA GLY CD 10 -55.49 -126.26 -18.44
C GLY CD 10 -56.67 -125.32 -18.59
N ASN CD 11 -57.37 -125.48 -19.71
CA ASN CD 11 -58.61 -124.75 -19.96
C ASN CD 11 -58.38 -123.25 -19.89
N ILE CD 12 -57.66 -122.74 -20.87
CA ILE CD 12 -57.22 -121.36 -20.89
C ILE CD 12 -57.67 -120.74 -22.19
N GLY CD 13 -57.91 -119.43 -22.16
CA GLY CD 13 -58.29 -118.70 -23.35
C GLY CD 13 -59.71 -118.99 -23.76
N LYS CD 14 -60.19 -118.19 -24.71
CA LYS CD 14 -61.54 -118.35 -25.22
C LYS CD 14 -61.79 -119.78 -25.67
N ASP CD 15 -60.78 -120.42 -26.24
CA ASP CD 15 -60.89 -121.82 -26.62
C ASP CD 15 -61.06 -122.69 -25.38
N GLY CD 16 -60.21 -122.52 -24.39
CA GLY CD 16 -60.16 -123.47 -23.29
C GLY CD 16 -59.32 -124.68 -23.60
N LYS CD 17 -58.74 -124.73 -24.80
CA LYS CD 17 -57.76 -125.78 -25.10
C LYS CD 17 -56.35 -125.30 -24.80
N GLN CD 18 -56.19 -124.01 -24.50
CA GLN CD 18 -54.90 -123.44 -24.18
C GLN CD 18 -54.44 -123.98 -22.82
N THR CD 19 -53.14 -124.24 -22.74
CA THR CD 19 -52.51 -124.69 -21.51
C THR CD 19 -51.28 -123.85 -21.23
N LEU CD 20 -50.92 -123.75 -19.95
CA LEU CD 20 -49.79 -122.94 -19.56
C LEU CD 20 -49.11 -123.56 -18.35
N VAL CD 21 -47.79 -123.51 -18.33
CA VAL CD 21 -47.02 -123.93 -17.18
C VAL CD 21 -46.26 -122.73 -16.65
N LEU CD 22 -45.99 -122.74 -15.35
CA LEU CD 22 -45.32 -121.63 -14.69
C LEU CD 22 -44.20 -122.17 -13.82
N ASN CD 23 -43.02 -121.75 -14.09
CA ASN CD 23 -41.98 -122.23 -13.21
C ASN CD 23 -41.80 -121.27 -12.05
N PRO CD 24 -41.42 -121.79 -10.88
CA PRO CD 24 -41.06 -120.91 -9.78
C PRO CD 24 -39.88 -120.05 -10.13
N ARG CD 25 -40.04 -118.75 -9.93
CA ARG CD 25 -38.99 -117.78 -10.23
C ARG CD 25 -38.20 -117.38 -9.00
N GLY CD 26 -38.50 -117.96 -7.84
CA GLY CD 26 -37.92 -117.49 -6.61
C GLY CD 26 -38.76 -116.37 -6.01
N VAL CD 27 -38.25 -115.79 -4.94
CA VAL CD 27 -38.97 -114.78 -4.19
C VAL CD 27 -38.07 -113.58 -3.97
N ASN CD 28 -38.53 -112.41 -4.33
CA ASN CD 28 -37.79 -111.22 -3.95
C ASN CD 28 -37.96 -110.97 -2.47
N PRO CD 29 -36.90 -111.09 -1.67
CA PRO CD 29 -37.05 -110.91 -0.24
C PRO CD 29 -37.33 -109.49 0.18
N THR CD 30 -36.88 -108.50 -0.60
CA THR CD 30 -37.09 -107.11 -0.22
C THR CD 30 -38.56 -106.82 -0.02
N ASN CD 31 -39.32 -106.79 -1.09
CA ASN CD 31 -40.76 -106.65 -0.99
C ASN CD 31 -41.42 -107.90 -0.44
N GLY CD 32 -40.69 -109.01 -0.34
CA GLY CD 32 -41.28 -110.25 0.10
C GLY CD 32 -42.36 -110.75 -0.84
N VAL CD 33 -42.02 -110.89 -2.12
CA VAL CD 33 -43.00 -111.25 -3.13
C VAL CD 33 -42.45 -112.40 -3.96
N ALA CD 34 -43.24 -113.45 -4.10
CA ALA CD 34 -42.90 -114.57 -4.96
C ALA CD 34 -43.11 -114.20 -6.42
N SER CD 35 -42.48 -114.97 -7.30
CA SER CD 35 -42.62 -114.75 -8.73
C SER CD 35 -42.72 -116.09 -9.44
N LEU CD 36 -43.56 -116.13 -10.46
CA LEU CD 36 -43.74 -117.31 -11.29
C LEU CD 36 -43.69 -116.89 -12.74
N SER CD 37 -43.23 -117.80 -13.59
CA SER CD 37 -43.16 -117.45 -15.01
C SER CD 37 -43.33 -118.67 -15.88
N GLN CD 38 -43.91 -118.44 -17.05
CA GLN CD 38 -43.75 -119.34 -18.17
C GLN CD 38 -42.28 -119.45 -18.53
N ALA CD 39 -41.88 -120.62 -19.02
CA ALA CD 39 -40.54 -120.75 -19.56
C ALA CD 39 -40.60 -120.49 -21.07
N GLY CD 40 -40.11 -119.32 -21.44
CA GLY CD 40 -40.00 -118.94 -22.83
C GLY CD 40 -38.56 -118.86 -23.26
N ALA CD 41 -38.33 -118.04 -24.28
CA ALA CD 41 -36.96 -117.72 -24.66
C ALA CD 41 -36.46 -116.51 -23.90
N VAL CD 42 -37.07 -115.35 -24.13
CA VAL CD 42 -36.61 -114.11 -23.53
C VAL CD 42 -37.46 -113.83 -22.29
N PRO CD 43 -36.84 -113.74 -21.11
CA PRO CD 43 -37.61 -113.41 -19.90
C PRO CD 43 -38.46 -112.18 -20.04
N ALA CD 44 -37.97 -111.12 -20.67
CA ALA CD 44 -38.78 -109.95 -20.96
C ALA CD 44 -40.06 -110.32 -21.69
N LEU CD 45 -40.01 -111.30 -22.59
CA LEU CD 45 -41.20 -111.77 -23.27
C LEU CD 45 -42.01 -112.72 -22.41
N GLU CD 46 -41.39 -113.42 -21.49
CA GLU CD 46 -42.05 -114.50 -20.78
C GLU CD 46 -43.12 -113.95 -19.85
N LYS CD 47 -44.22 -114.70 -19.75
CA LYS CD 47 -45.35 -114.30 -18.93
C LYS CD 47 -44.90 -114.31 -17.49
N ARG CD 48 -45.43 -113.40 -16.69
CA ARG CD 48 -45.06 -113.33 -15.29
C ARG CD 48 -46.28 -113.41 -14.39
N VAL CD 49 -46.12 -114.02 -13.24
CA VAL CD 49 -47.17 -114.13 -12.24
C VAL CD 49 -46.55 -113.82 -10.89
N THR CD 50 -47.17 -112.91 -10.15
CA THR CD 50 -46.64 -112.46 -8.87
C THR CD 50 -47.70 -112.60 -7.80
N VAL CD 51 -47.32 -113.17 -6.67
CA VAL CD 51 -48.20 -113.28 -5.52
C VAL CD 51 -47.45 -112.78 -4.30
N SER CD 52 -48.22 -112.29 -3.34
CA SER CD 52 -47.62 -111.79 -2.11
C SER CD 52 -48.62 -111.90 -0.99
N VAL CD 53 -48.10 -112.04 0.22
CA VAL CD 53 -48.92 -111.97 1.42
C VAL CD 53 -48.49 -110.72 2.15
N SER CD 54 -49.09 -110.46 3.30
CA SER CD 54 -48.73 -109.32 4.12
C SER CD 54 -49.13 -109.62 5.54
N GLN CD 55 -48.61 -108.81 6.46
CA GLN CD 55 -48.99 -108.97 7.85
C GLN CD 55 -49.24 -107.60 8.45
N PRO CD 56 -50.21 -107.49 9.35
CA PRO CD 56 -50.58 -106.17 9.88
C PRO CD 56 -49.44 -105.56 10.66
N SER CD 57 -49.28 -104.24 10.50
CA SER CD 57 -48.24 -103.50 11.18
C SER CD 57 -48.88 -102.34 11.91
N ARG CD 58 -48.05 -101.50 12.50
CA ARG CD 58 -48.53 -100.24 13.05
C ARG CD 58 -49.15 -99.35 11.99
N ASN CD 59 -48.80 -99.53 10.73
CA ASN CD 59 -49.40 -98.79 9.63
C ASN CD 59 -50.76 -99.31 9.22
N ARG CD 60 -50.97 -100.62 9.24
CA ARG CD 60 -52.23 -101.19 8.84
C ARG CD 60 -52.49 -102.44 9.67
N LYS CD 61 -53.75 -102.61 10.07
CA LYS CD 61 -54.15 -103.73 10.90
C LYS CD 61 -54.72 -104.86 10.06
N ASN CD 62 -54.68 -104.71 8.75
CA ASN CD 62 -55.37 -105.63 7.86
C ASN CD 62 -54.35 -106.42 7.05
N TYR CD 63 -54.74 -107.63 6.67
CA TYR CD 63 -53.92 -108.43 5.78
C TYR CD 63 -54.16 -108.01 4.34
N LYS CD 64 -53.09 -107.96 3.56
CA LYS CD 64 -53.17 -107.71 2.12
C LYS CD 64 -52.63 -108.90 1.38
N VAL CD 65 -53.35 -109.35 0.38
CA VAL CD 65 -52.89 -110.38 -0.54
C VAL CD 65 -52.96 -109.80 -1.93
N GLN CD 66 -51.81 -109.61 -2.55
CA GLN CD 66 -51.70 -108.95 -3.84
C GLN CD 66 -51.26 -109.96 -4.88
N VAL CD 67 -51.93 -109.97 -6.02
CA VAL CD 67 -51.60 -110.83 -7.12
C VAL CD 67 -51.63 -110.00 -8.39
N LYS CD 68 -50.51 -109.98 -9.11
CA LYS CD 68 -50.40 -109.24 -10.35
C LYS CD 68 -49.95 -110.17 -11.45
N ILE CD 69 -50.45 -109.93 -12.66
CA ILE CD 69 -50.13 -110.74 -13.82
C ILE CD 69 -49.66 -109.80 -14.93
N GLN CD 70 -48.57 -110.19 -15.58
CA GLN CD 70 -47.97 -109.36 -16.61
C GLN CD 70 -47.77 -110.23 -17.85
N ASN CD 71 -48.46 -109.89 -18.93
CA ASN CD 71 -48.44 -110.66 -20.16
C ASN CD 71 -48.14 -109.72 -21.32
N PRO CD 72 -46.89 -109.58 -21.71
CA PRO CD 72 -46.55 -108.68 -22.79
C PRO CD 72 -47.04 -109.22 -24.12
N THR CD 73 -46.84 -108.41 -25.16
CA THR CD 73 -47.17 -108.78 -26.52
C THR CD 73 -45.91 -108.71 -27.37
N ALA CD 74 -45.45 -109.87 -27.83
CA ALA CD 74 -44.25 -109.95 -28.62
C ALA CD 74 -44.52 -109.44 -30.03
N CYS CD 75 -43.61 -108.62 -30.53
CA CYS CD 75 -43.58 -108.29 -31.96
C CYS CD 75 -42.47 -109.12 -32.55
N THR CD 76 -42.86 -110.16 -33.31
CA THR CD 76 -41.86 -111.09 -33.84
C THR CD 76 -40.95 -110.40 -34.84
N ALA CD 77 -41.54 -109.83 -35.89
CA ALA CD 77 -40.77 -109.10 -36.89
C ALA CD 77 -40.98 -107.62 -36.62
N ASN CD 78 -39.93 -106.98 -36.10
CA ASN CD 78 -39.91 -105.53 -35.96
C ASN CD 78 -39.18 -104.88 -37.12
N GLY CD 79 -38.78 -105.67 -38.13
CA GLY CD 79 -37.77 -105.21 -39.06
C GLY CD 79 -36.37 -105.36 -38.52
N SER CD 80 -36.24 -105.95 -37.34
CA SER CD 80 -34.96 -106.15 -36.69
C SER CD 80 -34.84 -107.63 -36.32
N CYS CD 81 -33.62 -108.04 -35.99
CA CYS CD 81 -33.34 -109.44 -35.73
C CYS CD 81 -33.94 -109.95 -34.44
N ASP CD 82 -34.37 -109.07 -33.54
CA ASP CD 82 -34.86 -109.52 -32.26
C ASP CD 82 -36.29 -109.04 -32.02
N PRO CD 83 -37.12 -109.86 -31.40
CA PRO CD 83 -38.48 -109.42 -31.09
C PRO CD 83 -38.45 -108.34 -30.03
N SER CD 84 -39.56 -107.62 -29.92
CA SER CD 84 -39.64 -106.49 -29.01
C SER CD 84 -41.01 -106.44 -28.34
N VAL CD 85 -41.02 -105.95 -27.11
CA VAL CD 85 -42.25 -105.78 -26.36
C VAL CD 85 -43.08 -104.71 -27.06
N THR CD 86 -44.37 -105.00 -27.26
CA THR CD 86 -45.25 -104.02 -27.87
C THR CD 86 -46.26 -103.51 -26.86
N ARG CD 87 -47.23 -104.34 -26.51
CA ARG CD 87 -48.24 -104.00 -25.52
C ARG CD 87 -48.00 -104.84 -24.28
N GLN CD 88 -48.31 -104.26 -23.12
CA GLN CD 88 -48.10 -104.96 -21.87
C GLN CD 88 -49.44 -105.06 -21.16
N ALA CD 89 -49.95 -106.27 -21.05
CA ALA CD 89 -51.24 -106.51 -20.39
C ALA CD 89 -51.01 -106.56 -18.88
N TYR CD 90 -51.76 -105.75 -18.15
CA TYR CD 90 -51.67 -105.73 -16.71
C TYR CD 90 -52.93 -106.28 -16.07
N ALA CD 91 -52.75 -107.36 -15.32
CA ALA CD 91 -53.86 -107.94 -14.56
C ALA CD 91 -53.48 -107.89 -13.09
N ASP CD 92 -54.26 -107.16 -12.30
CA ASP CD 92 -53.96 -106.95 -10.89
C ASP CD 92 -55.14 -107.36 -10.04
N VAL CD 93 -54.85 -108.08 -8.96
CA VAL CD 93 -55.86 -108.55 -8.02
C VAL CD 93 -55.32 -108.33 -6.62
N THR CD 94 -56.15 -107.81 -5.72
CA THR CD 94 -55.77 -107.60 -4.35
C THR CD 94 -56.82 -108.20 -3.42
N PHE CD 95 -56.45 -108.33 -2.16
CA PHE CD 95 -57.36 -108.81 -1.14
C PHE CD 95 -57.09 -108.11 0.17
N SER CD 96 -58.16 -107.83 0.89
CA SER CD 96 -58.06 -107.25 2.21
C SER CD 96 -58.81 -108.14 3.18
N PHE CD 97 -58.29 -108.26 4.40
CA PHE CD 97 -58.94 -109.05 5.42
C PHE CD 97 -58.62 -108.46 6.78
N THR CD 98 -59.45 -108.81 7.74
CA THR CD 98 -59.30 -108.35 9.11
C THR CD 98 -58.71 -109.46 9.95
N GLN CD 99 -57.94 -109.08 10.94
CA GLN CD 99 -57.30 -110.05 11.82
C GLN CD 99 -58.26 -111.10 12.32
N TYR CD 100 -59.54 -110.76 12.45
CA TYR CD 100 -60.53 -111.73 12.88
C TYR CD 100 -61.19 -112.45 11.71
N SER CD 101 -60.74 -112.20 10.49
CA SER CD 101 -61.35 -112.85 9.33
C SER CD 101 -61.27 -114.37 9.50
N THR CD 102 -62.37 -115.06 9.18
CA THR CD 102 -62.35 -116.50 9.36
C THR CD 102 -61.93 -117.18 8.07
N ASP CD 103 -61.87 -118.51 8.14
CA ASP CD 103 -61.42 -119.27 6.98
C ASP CD 103 -62.47 -119.26 5.87
N GLU CD 104 -63.67 -119.72 6.17
CA GLU CD 104 -64.66 -119.92 5.12
C GLU CD 104 -65.00 -118.62 4.43
N GLU CD 105 -65.09 -117.52 5.19
CA GLU CD 105 -65.25 -116.21 4.57
C GLU CD 105 -64.24 -116.01 3.46
N ARG CD 106 -62.96 -116.19 3.77
CA ARG CD 106 -61.94 -116.09 2.74
C ARG CD 106 -62.20 -117.08 1.63
N ALA CD 107 -62.33 -118.36 1.99
CA ALA CD 107 -62.65 -119.37 0.99
C ALA CD 107 -63.86 -118.96 0.17
N PHE CD 108 -64.90 -118.45 0.82
CA PHE CD 108 -66.06 -117.96 0.10
C PHE CD 108 -65.65 -116.92 -0.94
N VAL CD 109 -64.75 -116.02 -0.57
CA VAL CD 109 -64.31 -115.01 -1.52
C VAL CD 109 -63.61 -115.65 -2.69
N ARG CD 110 -62.74 -116.62 -2.43
CA ARG CD 110 -61.91 -117.16 -3.50
C ARG CD 110 -62.77 -117.71 -4.62
N THR CD 111 -63.66 -118.65 -4.32
CA THR CD 111 -64.45 -119.27 -5.38
C THR CD 111 -65.26 -118.24 -6.14
N GLU CD 112 -66.09 -117.45 -5.44
CA GLU CD 112 -67.00 -116.55 -6.12
C GLU CD 112 -66.30 -115.66 -7.12
N LEU CD 113 -65.11 -115.16 -6.80
CA LEU CD 113 -64.38 -114.37 -7.77
C LEU CD 113 -64.14 -115.17 -9.03
N ALA CD 114 -63.70 -116.42 -8.88
CA ALA CD 114 -63.53 -117.28 -10.05
C ALA CD 114 -64.82 -117.43 -10.82
N ALA CD 115 -65.90 -117.79 -10.13
CA ALA CD 115 -67.19 -117.96 -10.81
C ALA CD 115 -67.53 -116.73 -11.64
N LEU CD 116 -67.37 -115.54 -11.08
CA LEU CD 116 -67.57 -114.33 -11.86
C LEU CD 116 -66.74 -114.35 -13.13
N LEU CD 117 -65.46 -114.71 -13.00
CA LEU CD 117 -64.61 -114.73 -14.17
C LEU CD 117 -65.13 -115.68 -15.24
N ALA CD 118 -65.84 -116.73 -14.83
CA ALA CD 118 -66.53 -117.59 -15.78
C ALA CD 118 -67.93 -117.12 -16.08
N SER CD 119 -68.44 -116.13 -15.36
CA SER CD 119 -69.79 -115.67 -15.61
C SER CD 119 -69.89 -115.02 -16.99
N PRO CD 120 -71.03 -115.18 -17.66
CA PRO CD 120 -71.21 -114.50 -18.94
C PRO CD 120 -71.19 -112.99 -18.82
N LEU CD 121 -71.36 -112.45 -17.63
CA LEU CD 121 -71.31 -111.01 -17.47
C LEU CD 121 -69.92 -110.48 -17.83
N LEU CD 122 -68.90 -110.92 -17.11
CA LEU CD 122 -67.59 -110.33 -17.26
C LEU CD 122 -66.98 -110.54 -18.63
N ILE CD 123 -67.30 -111.64 -19.30
CA ILE CD 123 -66.64 -111.93 -20.55
C ILE CD 123 -66.84 -110.79 -21.55
N ASP CD 124 -68.07 -110.30 -21.72
CA ASP CD 124 -68.28 -109.12 -22.53
C ASP CD 124 -67.58 -107.91 -21.96
N ALA CD 125 -67.66 -107.73 -20.65
CA ALA CD 125 -66.91 -106.69 -19.98
C ALA CD 125 -65.42 -106.80 -20.25
N ILE CD 126 -64.83 -107.98 -20.10
CA ILE CD 126 -63.42 -108.19 -20.35
C ILE CD 126 -63.13 -108.26 -21.84
N ASP CD 127 -63.63 -109.30 -22.50
CA ASP CD 127 -63.23 -109.55 -23.88
C ASP CD 127 -63.64 -108.42 -24.80
N GLN CD 128 -64.92 -108.06 -24.80
CA GLN CD 128 -65.42 -107.07 -25.71
C GLN CD 128 -65.46 -105.67 -25.13
N LEU CD 129 -64.96 -105.49 -23.91
CA LEU CD 129 -64.89 -104.18 -23.27
C LEU CD 129 -66.27 -103.52 -23.25
N ASN CD 130 -67.18 -104.14 -22.53
CA ASN CD 130 -68.52 -103.60 -22.57
C ASN CD 130 -69.02 -103.35 -21.16
N PRO CD 131 -69.72 -102.26 -20.95
CA PRO CD 131 -70.38 -102.04 -19.67
C PRO CD 131 -71.56 -102.98 -19.50
N ALA CD 132 -72.38 -102.70 -18.50
CA ALA CD 132 -73.31 -103.66 -17.93
C ALA CD 132 -74.59 -103.81 -18.74
N TYR CD 133 -74.69 -103.14 -19.87
CA TYR CD 133 -75.92 -103.18 -20.64
C TYR CD 133 -75.80 -104.16 -21.80
N ALA DD 2 96.71 1.84 -81.90
CA ALA DD 2 96.50 1.55 -83.31
C ALA DD 2 95.57 0.36 -83.48
N LYS DD 3 95.48 -0.13 -84.71
CA LYS DD 3 94.58 -1.22 -85.06
C LYS DD 3 94.97 -2.49 -84.32
N LEU DD 4 93.96 -3.22 -83.88
CA LEU DD 4 94.16 -4.58 -83.41
C LEU DD 4 94.82 -5.38 -84.52
N GLU DD 5 95.90 -6.07 -84.19
CA GLU DD 5 96.62 -6.86 -85.17
C GLU DD 5 97.10 -8.15 -84.52
N THR DD 6 97.71 -8.99 -85.33
CA THR DD 6 98.42 -10.15 -84.81
C THR DD 6 99.59 -9.59 -84.02
N VAL DD 7 99.71 -10.00 -82.77
CA VAL DD 7 100.81 -9.50 -81.95
C VAL DD 7 101.73 -10.68 -81.66
N THR DD 8 102.91 -10.64 -82.27
CA THR DD 8 103.93 -11.65 -82.02
C THR DD 8 104.75 -11.21 -80.82
N LEU DD 9 105.14 -12.18 -80.00
CA LEU DD 9 105.95 -11.91 -78.83
C LEU DD 9 107.10 -12.90 -78.77
N GLY DD 10 108.33 -12.38 -78.74
CA GLY DD 10 109.50 -13.19 -78.55
C GLY DD 10 109.99 -13.06 -77.11
N ASN DD 11 110.96 -13.90 -76.77
CA ASN DD 11 111.63 -13.83 -75.48
C ASN DD 11 110.63 -13.96 -74.34
N ILE DD 12 110.08 -15.16 -74.21
CA ILE DD 12 109.00 -15.42 -73.28
C ILE DD 12 109.42 -16.58 -72.39
N GLY DD 13 108.90 -16.60 -71.17
CA GLY DD 13 109.17 -17.68 -70.24
C GLY DD 13 110.59 -17.61 -69.70
N LYS DD 14 110.82 -18.44 -68.68
CA LYS DD 14 112.13 -18.50 -68.05
C LYS DD 14 113.22 -18.72 -69.09
N ASP DD 15 112.93 -19.52 -70.11
CA ASP DD 15 113.88 -19.71 -71.19
C ASP DD 15 114.11 -18.41 -71.95
N GLY DD 16 113.04 -17.74 -72.36
CA GLY DD 16 113.18 -16.63 -73.28
C GLY DD 16 113.24 -17.08 -74.71
N LYS DD 17 113.18 -18.38 -74.97
CA LYS DD 17 113.05 -18.86 -76.33
C LYS DD 17 111.58 -19.05 -76.70
N GLN DD 18 110.69 -18.93 -75.73
CA GLN DD 18 109.26 -19.05 -75.96
C GLN DD 18 108.77 -17.87 -76.78
N THR DD 19 107.86 -18.16 -77.70
CA THR DD 19 107.24 -17.14 -78.53
C THR DD 19 105.72 -17.32 -78.49
N LEU DD 20 105.01 -16.22 -78.72
CA LEU DD 20 103.56 -16.27 -78.67
C LEU DD 20 102.99 -15.27 -79.67
N VAL DD 21 101.91 -15.65 -80.34
CA VAL DD 21 101.18 -14.75 -81.20
C VAL DD 21 99.78 -14.58 -80.63
N LEU DD 22 99.18 -13.43 -80.91
CA LEU DD 22 97.86 -13.10 -80.38
C LEU DD 22 97.00 -12.57 -81.52
N ASN DD 23 95.93 -13.22 -81.77
CA ASN DD 23 95.09 -12.66 -82.80
C ASN DD 23 94.09 -11.69 -82.20
N PRO DD 24 93.72 -10.66 -82.94
CA PRO DD 24 92.64 -9.78 -82.48
C PRO DD 24 91.34 -10.55 -82.36
N ARG DD 25 90.72 -10.43 -81.20
CA ARG DD 25 89.47 -11.12 -80.91
C ARG DD 25 88.25 -10.23 -81.10
N GLY DD 26 88.45 -8.99 -81.54
CA GLY DD 26 87.37 -8.03 -81.55
C GLY DD 26 87.27 -7.31 -80.23
N VAL DD 27 86.23 -6.50 -80.11
CA VAL DD 27 86.03 -5.66 -78.93
C VAL DD 27 84.61 -5.82 -78.43
N ASN DD 28 84.47 -6.14 -77.16
CA ASN DD 28 83.14 -6.10 -76.59
C ASN DD 28 82.69 -4.66 -76.43
N PRO DD 29 81.67 -4.21 -77.16
CA PRO DD 29 81.26 -2.81 -77.06
C PRO DD 29 80.61 -2.47 -75.75
N THR DD 30 79.96 -3.43 -75.08
CA THR DD 30 79.27 -3.13 -73.84
C THR DD 30 80.22 -2.52 -72.83
N ASN DD 31 81.14 -3.31 -72.30
CA ASN DD 31 82.17 -2.79 -71.42
C ASN DD 31 83.19 -1.96 -72.19
N GLY DD 32 83.17 -1.99 -73.51
CA GLY DD 32 84.16 -1.28 -74.28
C GLY DD 32 85.56 -1.80 -74.05
N VAL DD 33 85.76 -3.11 -74.23
CA VAL DD 33 87.04 -3.74 -73.92
C VAL DD 33 87.45 -4.60 -75.11
N ALA DD 34 88.68 -4.39 -75.56
CA ALA DD 34 89.26 -5.22 -76.60
C ALA DD 34 89.68 -6.57 -76.05
N SER DD 35 89.86 -7.52 -76.96
CA SER DD 35 90.26 -8.87 -76.57
C SER DD 35 91.29 -9.39 -77.57
N LEU DD 36 92.28 -10.11 -77.07
CA LEU DD 36 93.29 -10.72 -77.89
C LEU DD 36 93.46 -12.16 -77.45
N SER DD 37 93.85 -13.03 -78.36
CA SER DD 37 94.03 -14.42 -77.97
C SER DD 37 95.06 -15.10 -78.84
N GLN DD 38 95.75 -16.05 -78.24
CA GLN DD 38 96.45 -17.07 -78.98
C GLN DD 38 95.46 -17.86 -79.81
N ALA DD 39 95.90 -18.34 -80.96
CA ALA DD 39 95.07 -19.25 -81.74
C ALA DD 39 95.44 -20.68 -81.34
N GLY DD 40 94.54 -21.29 -80.59
CA GLY DD 40 94.66 -22.68 -80.20
C GLY DD 40 93.61 -23.52 -80.86
N ALA DD 41 93.30 -24.64 -80.21
CA ALA DD 41 92.16 -25.44 -80.62
C ALA DD 41 90.89 -24.97 -79.93
N VAL DD 42 90.83 -25.11 -78.62
CA VAL DD 42 89.63 -24.78 -77.86
C VAL DD 42 89.77 -23.38 -77.29
N PRO DD 43 88.88 -22.45 -77.65
CA PRO DD 43 88.95 -21.11 -77.08
C PRO DD 43 89.02 -21.08 -75.57
N ALA DD 44 88.25 -21.92 -74.89
CA ALA DD 44 88.36 -22.07 -73.45
C ALA DD 44 89.79 -22.33 -73.02
N LEU DD 45 90.54 -23.11 -73.78
CA LEU DD 45 91.93 -23.36 -73.49
C LEU DD 45 92.83 -22.22 -73.93
N GLU DD 46 92.42 -21.47 -74.95
CA GLU DD 46 93.30 -20.50 -75.57
C GLU DD 46 93.59 -19.34 -74.62
N LYS DD 47 94.82 -18.85 -74.67
CA LYS DD 47 95.28 -17.76 -73.81
C LYS DD 47 94.48 -16.52 -74.19
N ARG DD 48 94.18 -15.69 -73.21
CA ARG DD 48 93.42 -14.48 -73.47
C ARG DD 48 94.16 -13.26 -72.97
N VAL DD 49 94.02 -12.15 -73.68
CA VAL DD 49 94.60 -10.88 -73.30
C VAL DD 49 93.54 -9.81 -73.50
N THR DD 50 93.32 -9.01 -72.47
CA THR DD 50 92.28 -8.00 -72.48
C THR DD 50 92.87 -6.64 -72.14
N VAL DD 51 92.54 -5.63 -72.93
CA VAL DD 51 92.95 -4.26 -72.65
C VAL DD 51 91.72 -3.38 -72.74
N SER DD 52 91.77 -2.27 -72.02
CA SER DD 52 90.67 -1.34 -72.02
C SER DD 52 91.18 0.05 -71.68
N VAL DD 53 90.49 1.05 -72.19
CA VAL DD 53 90.73 2.42 -71.80
C VAL DD 53 89.50 2.88 -71.04
N SER DD 54 89.50 4.13 -70.62
CA SER DD 54 88.36 4.69 -69.91
C SER DD 54 88.40 6.20 -70.08
N GLN DD 55 87.29 6.84 -69.76
CA GLN DD 55 87.27 8.29 -69.81
C GLN DD 55 86.54 8.82 -68.59
N PRO DD 56 86.99 9.96 -68.06
CA PRO DD 56 86.42 10.44 -66.81
C PRO DD 56 84.96 10.80 -66.96
N SER DD 57 84.19 10.48 -65.92
CA SER DD 57 82.75 10.74 -65.91
C SER DD 57 82.43 11.54 -64.66
N ARG DD 58 81.14 11.76 -64.44
CA ARG DD 58 80.68 12.32 -63.18
C ARG DD 58 81.03 11.43 -62.00
N ASN DD 59 81.22 10.13 -62.23
CA ASN DD 59 81.63 9.21 -61.19
C ASN DD 59 83.11 9.29 -60.87
N ARG DD 60 83.96 9.47 -61.86
CA ARG DD 60 85.40 9.53 -61.64
C ARG DD 60 86.01 10.50 -62.62
N LYS DD 61 86.97 11.27 -62.15
CA LYS DD 61 87.64 12.29 -62.94
C LYS DD 61 88.95 11.76 -63.51
N ASN DD 62 89.22 10.48 -63.29
CA ASN DD 62 90.52 9.93 -63.63
C ASN DD 62 90.38 8.91 -64.75
N TYR DD 63 91.45 8.79 -65.53
CA TYR DD 63 91.49 7.75 -66.56
C TYR DD 63 91.90 6.43 -65.95
N LYS DD 64 91.27 5.36 -66.40
CA LYS DD 64 91.62 4.01 -66.01
C LYS DD 64 92.05 3.24 -67.24
N VAL DD 65 93.17 2.54 -67.15
CA VAL DD 65 93.61 1.63 -68.18
C VAL DD 65 93.78 0.28 -67.52
N GLN DD 66 92.95 -0.68 -67.92
CA GLN DD 66 92.92 -1.99 -67.31
C GLN DD 66 93.41 -3.03 -68.29
N VAL DD 67 94.29 -3.90 -67.83
CA VAL DD 67 94.81 -4.98 -68.64
C VAL DD 67 94.78 -6.25 -67.81
N LYS DD 68 94.10 -7.26 -68.32
CA LYS DD 68 93.99 -8.54 -67.64
C LYS DD 68 94.46 -9.64 -68.57
N ILE DD 69 95.10 -10.65 -67.99
CA ILE DD 69 95.61 -11.78 -68.73
C ILE DD 69 95.09 -13.05 -68.10
N GLN DD 70 94.62 -13.98 -68.93
CA GLN DD 70 94.01 -15.21 -68.47
C GLN DD 70 94.69 -16.37 -69.19
N ASN DD 71 95.38 -17.21 -68.43
CA ASN DD 71 96.15 -18.33 -68.99
C ASN DD 71 95.76 -19.60 -68.25
N PRO DD 72 94.81 -20.35 -68.76
CA PRO DD 72 94.39 -21.57 -68.08
C PRO DD 72 95.46 -22.64 -68.16
N THR DD 73 95.18 -23.74 -67.50
CA THR DD 73 96.05 -24.91 -67.50
C THR DD 73 95.27 -26.09 -68.04
N ALA DD 74 95.67 -26.57 -69.21
CA ALA DD 74 94.99 -27.68 -69.85
C ALA DD 74 95.37 -28.98 -69.16
N CYS DD 75 94.36 -29.80 -68.88
CA CYS DD 75 94.59 -31.20 -68.49
C CYS DD 75 94.33 -32.02 -69.74
N THR DD 76 95.41 -32.53 -70.34
CA THR DD 76 95.28 -33.25 -71.60
C THR DD 76 94.50 -34.54 -71.41
N ALA DD 77 94.98 -35.40 -70.53
CA ALA DD 77 94.28 -36.65 -70.22
C ALA DD 77 93.57 -36.47 -68.89
N ASN DD 78 92.25 -36.34 -68.95
CA ASN DD 78 91.41 -36.35 -67.76
C ASN DD 78 90.84 -37.73 -67.49
N GLY DD 79 91.24 -38.73 -68.28
CA GLY DD 79 90.49 -39.96 -68.34
C GLY DD 79 89.31 -39.86 -69.26
N SER DD 80 89.16 -38.73 -69.94
CA SER DD 80 88.04 -38.48 -70.85
C SER DD 80 88.63 -38.04 -72.18
N CYS DD 81 87.78 -38.05 -73.21
CA CYS DD 81 88.23 -37.77 -74.57
C CYS DD 81 88.58 -36.31 -74.80
N ASP DD 82 88.19 -35.41 -73.90
CA ASP DD 82 88.43 -34.00 -74.14
C ASP DD 82 89.23 -33.40 -73.00
N PRO DD 83 90.15 -32.48 -73.30
CA PRO DD 83 90.89 -31.81 -72.24
C PRO DD 83 89.98 -30.92 -71.44
N SER DD 84 90.43 -30.54 -70.25
CA SER DD 84 89.63 -29.74 -69.34
C SER DD 84 90.48 -28.70 -68.63
N VAL DD 85 89.86 -27.57 -68.33
CA VAL DD 85 90.51 -26.50 -67.59
C VAL DD 85 90.82 -27.00 -66.20
N THR DD 86 92.05 -26.79 -65.74
CA THR DD 86 92.41 -27.18 -64.39
C THR DD 86 92.64 -25.97 -63.51
N ARG DD 87 93.74 -25.27 -63.73
CA ARG DD 87 94.06 -24.06 -63.00
C ARG DD 87 93.95 -22.87 -63.94
N GLN DD 88 93.53 -21.74 -63.39
CA GLN DD 88 93.35 -20.55 -64.21
C GLN DD 88 94.26 -19.45 -63.65
N ALA DD 89 95.28 -19.10 -64.41
CA ALA DD 89 96.22 -18.06 -63.99
C ALA DD 89 95.62 -16.70 -64.28
N TYR DD 90 95.56 -15.84 -63.27
CA TYR DD 90 95.04 -14.50 -63.44
C TYR DD 90 96.15 -13.47 -63.29
N ALA DD 91 96.35 -12.71 -64.35
CA ALA DD 91 97.31 -11.61 -64.33
C ALA DD 91 96.53 -10.34 -64.63
N ASP DD 92 96.53 -9.41 -63.67
CA ASP DD 92 95.75 -8.19 -63.77
C ASP DD 92 96.66 -6.98 -63.57
N VAL DD 93 96.49 -5.98 -64.42
CA VAL DD 93 97.25 -4.74 -64.37
C VAL DD 93 96.27 -3.60 -64.61
N THR DD 94 96.40 -2.54 -63.81
CA THR DD 94 95.57 -1.36 -63.95
C THR DD 94 96.44 -0.12 -63.98
N PHE DD 95 95.83 0.99 -64.41
CA PHE DD 95 96.51 2.27 -64.42
C PHE DD 95 95.53 3.36 -64.09
N SER DD 96 96.01 4.36 -63.36
CA SER DD 96 95.23 5.52 -63.04
C SER DD 96 96.00 6.75 -63.48
N PHE DD 97 95.28 7.75 -63.97
CA PHE DD 97 95.90 8.99 -64.38
C PHE DD 97 94.93 10.14 -64.18
N THR DD 98 95.49 11.33 -64.12
CA THR DD 98 94.71 12.54 -63.93
C THR DD 98 94.59 13.25 -65.27
N GLN DD 99 93.46 13.94 -65.44
CA GLN DD 99 93.22 14.66 -66.68
C GLN DD 99 94.39 15.52 -67.09
N TYR DD 100 95.17 16.00 -66.14
CA TYR DD 100 96.35 16.79 -66.48
C TYR DD 100 97.60 15.95 -66.63
N SER DD 101 97.49 14.62 -66.54
CA SER DD 101 98.66 13.76 -66.67
C SER DD 101 99.36 14.04 -67.99
N THR DD 102 100.68 14.12 -67.97
CA THR DD 102 101.39 14.42 -69.20
C THR DD 102 101.81 13.13 -69.88
N ASP DD 103 102.44 13.28 -71.04
CA ASP DD 103 102.83 12.12 -71.81
C ASP DD 103 103.98 11.38 -71.16
N GLU DD 104 105.10 12.07 -70.93
CA GLU DD 104 106.30 11.39 -70.47
C GLU DD 104 106.09 10.72 -69.14
N GLU DD 105 105.35 11.37 -68.24
CA GLU DD 105 104.97 10.72 -66.99
C GLU DD 105 104.40 9.34 -67.25
N ARG DD 106 103.39 9.27 -68.11
CA ARG DD 106 102.83 7.98 -68.47
C ARG DD 106 103.90 7.08 -69.08
N ALA DD 107 104.57 7.57 -70.12
CA ALA DD 107 105.67 6.82 -70.70
C ALA DD 107 106.65 6.36 -69.65
N PHE DD 108 107.01 7.25 -68.72
CA PHE DD 108 107.89 6.86 -67.63
C PHE DD 108 107.32 5.68 -66.87
N VAL DD 109 106.01 5.67 -66.62
CA VAL DD 109 105.42 4.54 -65.92
C VAL DD 109 105.55 3.27 -66.73
N ARG DD 110 105.31 3.35 -68.03
CA ARG DD 110 105.25 2.14 -68.83
C ARG DD 110 106.56 1.37 -68.74
N THR DD 111 107.68 2.01 -69.08
CA THR DD 111 108.94 1.31 -69.08
C THR DD 111 109.28 0.73 -67.72
N GLU DD 112 109.31 1.58 -66.69
CA GLU DD 112 109.75 1.13 -65.37
C GLU DD 112 109.03 -0.12 -64.91
N LEU DD 113 107.73 -0.21 -65.14
CA LEU DD 113 107.02 -1.42 -64.78
C LEU DD 113 107.64 -2.62 -65.46
N ALA DD 114 107.90 -2.50 -66.76
CA ALA DD 114 108.56 -3.59 -67.47
C ALA DD 114 109.90 -3.91 -66.84
N ALA DD 115 110.75 -2.91 -66.64
CA ALA DD 115 112.05 -3.14 -66.03
C ALA DD 115 111.93 -3.94 -64.74
N LEU DD 116 111.00 -3.56 -63.88
CA LEU DD 116 110.75 -4.35 -62.69
C LEU DD 116 110.47 -5.80 -63.03
N LEU DD 117 109.62 -6.03 -64.01
CA LEU DD 117 109.31 -7.41 -64.38
C LEU DD 117 110.55 -8.17 -64.80
N ALA DD 118 111.54 -7.47 -65.34
CA ALA DD 118 112.83 -8.10 -65.62
C ALA DD 118 113.79 -8.00 -64.45
N SER DD 119 113.45 -7.26 -63.41
CA SER DD 119 114.35 -7.12 -62.29
C SER DD 119 114.49 -8.45 -61.56
N PRO DD 120 115.68 -8.73 -61.03
CA PRO DD 120 115.86 -9.96 -60.24
C PRO DD 120 115.00 -9.98 -58.99
N LEU DD 121 114.49 -8.84 -58.55
CA LEU DD 121 113.63 -8.84 -57.39
C LEU DD 121 112.37 -9.64 -57.65
N LEU DD 122 111.57 -9.23 -58.63
CA LEU DD 122 110.26 -9.81 -58.80
C LEU DD 122 110.30 -11.28 -59.17
N ILE DD 123 111.35 -11.73 -59.88
CA ILE DD 123 111.35 -13.09 -60.36
C ILE DD 123 111.21 -14.07 -59.21
N ASP DD 124 111.96 -13.91 -58.13
CA ASP DD 124 111.76 -14.72 -56.95
C ASP DD 124 110.38 -14.49 -56.35
N ALA DD 125 109.96 -13.23 -56.27
CA ALA DD 125 108.60 -12.92 -55.86
C ALA DD 125 107.57 -13.61 -56.72
N ILE DD 126 107.69 -13.54 -58.03
CA ILE DD 126 106.76 -14.19 -58.94
C ILE DD 126 107.02 -15.68 -59.02
N ASP DD 127 108.15 -16.08 -59.57
CA ASP DD 127 108.39 -17.48 -59.86
C ASP DD 127 108.39 -18.33 -58.61
N GLN DD 128 109.21 -17.99 -57.64
CA GLN DD 128 109.35 -18.79 -56.44
C GLN DD 128 108.47 -18.33 -55.30
N LEU DD 129 107.61 -17.35 -55.52
CA LEU DD 129 106.66 -16.87 -54.51
C LEU DD 129 107.40 -16.51 -53.23
N ASN DD 130 108.24 -15.49 -53.33
CA ASN DD 130 109.01 -15.17 -52.16
C ASN DD 130 108.86 -13.70 -51.81
N PRO DD 131 108.77 -13.39 -50.55
CA PRO DD 131 108.79 -11.99 -50.13
C PRO DD 131 110.17 -11.39 -50.31
N ALA DD 132 110.37 -10.22 -49.72
CA ALA DD 132 111.45 -9.32 -50.10
C ALA DD 132 112.79 -9.68 -49.46
N TYR DD 133 112.85 -10.79 -48.75
CA TYR DD 133 114.07 -11.14 -48.05
C TYR DD 133 114.85 -12.18 -48.84
N ALA ED 2 50.25 -42.55 -112.74
CA ALA ED 2 51.62 -43.00 -113.00
C ALA ED 2 52.61 -41.92 -112.60
N LYS ED 3 53.87 -42.12 -112.97
CA LYS ED 3 54.95 -41.24 -112.61
C LYS ED 3 54.75 -39.86 -113.23
N LEU ED 4 55.08 -38.83 -112.46
CA LEU ED 4 55.20 -37.49 -113.01
C LEU ED 4 56.19 -37.52 -114.14
N GLU ED 5 55.81 -36.97 -115.27
CA GLU ED 5 56.68 -36.94 -116.43
C GLU ED 5 56.53 -35.62 -117.16
N THR ED 6 57.33 -35.45 -118.20
CA THR ED 6 57.12 -34.34 -119.12
C THR ED 6 55.80 -34.62 -119.81
N VAL ED 7 54.90 -33.65 -119.76
CA VAL ED 7 53.60 -33.84 -120.38
C VAL ED 7 53.51 -32.88 -121.57
N THR ED 8 53.55 -33.43 -122.77
CA THR ED 8 53.40 -32.65 -123.98
C THR ED 8 51.91 -32.54 -124.29
N LEU ED 9 51.51 -31.39 -124.79
CA LEU ED 9 50.12 -31.15 -125.16
C LEU ED 9 50.08 -30.51 -126.52
N GLY ED 10 49.36 -31.14 -127.45
CA GLY ED 10 49.11 -30.58 -128.75
C GLY ED 10 47.69 -30.04 -128.82
N ASN ED 11 47.40 -29.34 -129.91
CA ASN ED 11 46.06 -28.86 -130.19
C ASN ED 11 45.56 -27.98 -129.05
N ILE ED 12 46.16 -26.81 -128.94
CA ILE ED 12 45.91 -25.91 -127.83
C ILE ED 12 45.52 -24.55 -128.40
N GLY ED 13 44.72 -23.81 -127.65
CA GLY ED 13 44.31 -22.48 -128.05
C GLY ED 13 43.30 -22.52 -129.18
N LYS ED 14 42.74 -21.34 -129.43
CA LYS ED 14 41.75 -21.21 -130.50
C LYS ED 14 42.28 -21.75 -131.81
N ASP ED 15 43.57 -21.56 -132.06
CA ASP ED 15 44.19 -22.13 -133.25
C ASP ED 15 44.18 -23.65 -133.18
N GLY ED 16 44.62 -24.22 -132.08
CA GLY ED 16 44.86 -25.65 -132.04
C GLY ED 16 46.21 -26.03 -132.59
N LYS ED 17 47.00 -25.07 -133.04
CA LYS ED 17 48.37 -25.34 -133.40
C LYS ED 17 49.30 -25.10 -132.22
N GLN ED 18 48.79 -24.54 -131.14
CA GLN ED 18 49.57 -24.30 -129.95
C GLN ED 18 49.93 -25.62 -129.29
N THR ED 19 51.15 -25.69 -128.77
CA THR ED 19 51.63 -26.86 -128.04
C THR ED 19 52.24 -26.41 -126.73
N LEU ED 20 52.23 -27.31 -125.76
CA LEU ED 20 52.76 -27.00 -124.44
C LEU ED 20 53.36 -28.25 -123.82
N VAL ED 21 54.47 -28.06 -123.13
CA VAL ED 21 55.08 -29.12 -122.36
C VAL ED 21 55.07 -28.72 -120.89
N LEU ED 22 55.03 -29.71 -120.02
CA LEU ED 22 54.95 -29.47 -118.57
C LEU ED 22 55.98 -30.35 -117.88
N ASN ED 23 56.86 -29.74 -117.19
CA ASN ED 23 57.78 -30.59 -116.48
C ASN ED 23 57.26 -30.91 -115.09
N PRO ED 24 57.57 -32.08 -114.57
CA PRO ED 24 57.22 -32.39 -113.18
C PRO ED 24 57.94 -31.44 -112.24
N ARG ED 25 57.15 -30.83 -111.36
CA ARG ED 25 57.69 -29.88 -110.40
C ARG ED 25 57.91 -30.50 -109.02
N GLY ED 26 57.67 -31.80 -108.88
CA GLY ED 26 57.68 -32.42 -107.57
C GLY ED 26 56.32 -32.32 -106.92
N VAL ED 27 56.26 -32.74 -105.66
CA VAL ED 27 55.01 -32.80 -104.93
C VAL ED 27 55.21 -32.15 -103.57
N ASN ED 28 54.34 -31.20 -103.25
CA ASN ED 28 54.36 -30.69 -101.89
C ASN ED 28 53.78 -31.72 -100.96
N PRO ED 29 54.56 -32.30 -100.05
CA PRO ED 29 54.05 -33.34 -99.17
C PRO ED 29 53.06 -32.83 -98.15
N THR ED 30 53.17 -31.57 -97.73
CA THR ED 30 52.27 -31.05 -96.71
C THR ED 30 50.82 -31.22 -97.12
N ASN ED 31 50.39 -30.45 -98.10
CA ASN ED 31 49.06 -30.62 -98.66
C ASN ED 31 48.94 -31.89 -99.48
N GLY ED 32 50.06 -32.55 -99.79
CA GLY ED 32 50.02 -33.72 -100.63
C GLY ED 32 49.53 -33.41 -102.02
N VAL ED 33 50.15 -32.46 -102.69
CA VAL ED 33 49.70 -32.00 -104.00
C VAL ED 33 50.87 -31.97 -104.95
N ALA ED 34 50.71 -32.60 -106.10
CA ALA ED 34 51.69 -32.55 -107.16
C ALA ED 34 51.66 -31.21 -107.87
N SER ED 35 52.75 -30.92 -108.58
CA SER ED 35 52.84 -29.67 -109.33
C SER ED 35 53.52 -29.94 -110.65
N LEU ED 36 53.03 -29.25 -111.70
CA LEU ED 36 53.60 -29.34 -113.02
C LEU ED 36 53.77 -27.94 -113.56
N SER ED 37 54.76 -27.76 -114.43
CA SER ED 37 54.96 -26.43 -114.97
C SER ED 37 55.57 -26.50 -116.36
N GLN ED 38 55.22 -25.52 -117.17
CA GLN ED 38 56.02 -25.17 -118.33
C GLN ED 38 57.41 -24.76 -117.89
N ALA ED 39 58.39 -25.03 -118.73
CA ALA ED 39 59.74 -24.53 -118.48
C ALA ED 39 59.88 -23.20 -119.21
N GLY ED 40 59.84 -22.13 -118.41
CA GLY ED 40 60.07 -20.80 -118.92
C GLY ED 40 61.38 -20.23 -118.40
N ALA ED 41 61.43 -18.90 -118.36
CA ALA ED 41 62.53 -18.24 -117.69
C ALA ED 41 62.24 -18.05 -116.22
N VAL ED 42 61.25 -17.23 -115.91
CA VAL ED 42 60.93 -16.91 -114.52
C VAL ED 42 59.81 -17.80 -114.03
N PRO ED 43 60.05 -18.61 -112.99
CA PRO ED 43 58.98 -19.46 -112.45
C PRO ED 43 57.71 -18.70 -112.15
N ALA ED 44 57.79 -17.51 -111.58
CA ALA ED 44 56.62 -16.67 -111.39
C ALA ED 44 55.84 -16.49 -112.68
N LEU ED 45 56.52 -16.36 -113.81
CA LEU ED 45 55.86 -16.26 -115.09
C LEU ED 45 55.41 -17.60 -115.62
N GLU ED 46 56.07 -18.67 -115.24
CA GLU ED 46 55.84 -19.97 -115.85
C GLU ED 46 54.46 -20.51 -115.48
N LYS ED 47 53.83 -21.17 -116.45
CA LYS ED 47 52.49 -21.71 -116.28
C LYS ED 47 52.58 -22.80 -115.22
N ARG ED 48 51.52 -22.93 -114.42
CA ARG ED 48 51.51 -23.95 -113.38
C ARG ED 48 50.29 -24.84 -113.53
N VAL ED 49 50.47 -26.11 -113.17
CA VAL ED 49 49.39 -27.09 -113.18
C VAL ED 49 49.49 -27.89 -111.90
N THR ED 50 48.38 -28.00 -111.18
CA THR ED 50 48.35 -28.66 -109.89
C THR ED 50 47.27 -29.72 -109.88
N VAL ED 51 47.62 -30.91 -109.42
CA VAL ED 51 46.65 -31.99 -109.25
C VAL ED 51 46.81 -32.55 -107.85
N SER ED 52 45.72 -33.11 -107.35
CA SER ED 52 45.74 -33.69 -106.02
C SER ED 52 44.67 -34.77 -105.94
N VAL ED 53 44.93 -35.73 -105.07
CA VAL ED 53 43.94 -36.73 -104.73
C VAL ED 53 43.57 -36.50 -103.28
N SER ED 54 42.70 -37.33 -102.74
CA SER ED 54 42.30 -37.23 -101.35
C SER ED 54 41.78 -38.59 -100.91
N GLN ED 55 41.66 -38.75 -99.61
CA GLN ED 55 41.10 -39.98 -99.10
C GLN ED 55 40.13 -39.66 -97.98
N PRO ED 56 39.05 -40.42 -97.87
CA PRO ED 56 38.02 -40.08 -96.89
C PRO ED 56 38.55 -40.18 -95.47
N SER ED 57 38.11 -39.24 -94.63
CA SER ED 57 38.53 -39.20 -93.24
C SER ED 57 37.29 -39.15 -92.38
N ARG ED 58 37.49 -39.00 -91.07
CA ARG ED 58 36.38 -38.73 -90.17
C ARG ED 58 35.66 -37.44 -90.51
N ASN ED 59 36.33 -36.51 -91.19
CA ASN ED 59 35.71 -35.27 -91.63
C ASN ED 59 34.86 -35.43 -92.87
N ARG ED 60 35.28 -36.27 -93.82
CA ARG ED 60 34.54 -36.46 -95.05
C ARG ED 60 34.70 -37.89 -95.52
N LYS ED 61 33.62 -38.46 -96.00
CA LYS ED 61 33.59 -39.85 -96.46
C LYS ED 61 33.80 -39.94 -97.96
N ASN ED 62 34.06 -38.81 -98.59
CA ASN ED 62 34.08 -38.75 -100.04
C ASN ED 62 35.48 -38.47 -100.53
N TYR ED 63 35.79 -38.95 -101.73
CA TYR ED 63 37.06 -38.63 -102.35
C TYR ED 63 36.97 -37.27 -103.05
N LYS ED 64 38.03 -36.50 -102.94
CA LYS ED 64 38.16 -35.23 -103.63
C LYS ED 64 39.34 -35.31 -104.58
N VAL ED 65 39.13 -34.88 -105.82
CA VAL ED 65 40.21 -34.72 -106.78
C VAL ED 65 40.18 -33.29 -107.24
N GLN ED 66 41.22 -32.54 -106.91
CA GLN ED 66 41.29 -31.12 -107.17
C GLN ED 66 42.36 -30.85 -108.22
N VAL ED 67 42.03 -30.05 -109.21
CA VAL ED 67 42.96 -29.65 -110.25
C VAL ED 67 42.83 -28.16 -110.46
N LYS ED 68 43.93 -27.44 -110.31
CA LYS ED 68 43.96 -26.01 -110.48
C LYS ED 68 45.02 -25.65 -111.51
N ILE ED 69 44.73 -24.62 -112.31
CA ILE ED 69 45.64 -24.16 -113.35
C ILE ED 69 45.85 -22.67 -113.15
N GLN ED 70 47.11 -22.25 -113.23
CA GLN ED 70 47.48 -20.86 -113.00
C GLN ED 70 48.31 -20.39 -114.18
N ASN ED 71 47.79 -19.42 -114.92
CA ASN ED 71 48.43 -18.92 -116.13
C ASN ED 71 48.51 -17.39 -116.05
N PRO ED 72 49.61 -16.86 -115.56
CA PRO ED 72 49.73 -15.40 -115.44
C PRO ED 72 49.85 -14.76 -116.80
N THR ED 73 49.88 -13.43 -116.77
CA THR ED 73 50.05 -12.62 -117.96
C THR ED 73 51.30 -11.76 -117.78
N ALA ED 74 52.31 -12.05 -118.58
CA ALA ED 74 53.57 -11.32 -118.51
C ALA ED 74 53.40 -9.95 -119.12
N CYS ED 75 53.91 -8.93 -118.43
CA CYS ED 75 54.09 -7.61 -119.02
C CYS ED 75 55.57 -7.51 -119.37
N THR ED 76 55.88 -7.59 -120.66
CA THR ED 76 57.27 -7.61 -121.09
C THR ED 76 57.96 -6.29 -120.78
N ALA ED 77 57.42 -5.21 -121.30
CA ALA ED 77 57.97 -3.88 -121.02
C ALA ED 77 57.05 -3.21 -120.01
N ASN ED 78 57.54 -3.12 -118.78
CA ASN ED 78 56.89 -2.34 -117.74
C ASN ED 78 57.46 -0.94 -117.63
N GLY ED 79 58.39 -0.58 -118.53
CA GLY ED 79 59.24 0.55 -118.27
C GLY ED 79 60.41 0.22 -117.38
N SER ED 80 60.53 -1.06 -117.01
CA SER ED 80 61.59 -1.53 -116.14
C SER ED 80 62.30 -2.70 -116.83
N CYS ED 81 63.46 -3.07 -116.31
CA CYS ED 81 64.28 -4.09 -116.93
C CYS ED 81 63.72 -5.48 -116.80
N ASP ED 82 62.75 -5.71 -115.93
CA ASP ED 82 62.25 -7.05 -115.72
C ASP ED 82 60.76 -7.11 -115.98
N PRO ED 83 60.27 -8.20 -116.57
CA PRO ED 83 58.83 -8.35 -116.76
C PRO ED 83 58.13 -8.52 -115.43
N SER ED 84 56.82 -8.31 -115.43
CA SER ED 84 56.04 -8.36 -114.21
C SER ED 84 54.69 -9.01 -114.47
N VAL ED 85 54.19 -9.69 -113.44
CA VAL ED 85 52.89 -10.33 -113.50
C VAL ED 85 51.83 -9.24 -113.62
N THR ED 86 50.90 -9.41 -114.55
CA THR ED 86 49.83 -8.44 -114.70
C THR ED 86 48.50 -9.05 -114.28
N ARG ED 87 47.96 -9.96 -115.09
CA ARG ED 87 46.73 -10.64 -114.80
C ARG ED 87 47.04 -12.10 -114.51
N GLN ED 88 46.26 -12.69 -113.61
CA GLN ED 88 46.49 -14.08 -113.23
C GLN ED 88 45.23 -14.86 -113.55
N ALA ED 89 45.31 -15.75 -114.53
CA ALA ED 89 44.17 -16.57 -114.94
C ALA ED 89 44.06 -17.75 -113.97
N TYR ED 90 42.88 -17.93 -113.40
CA TYR ED 90 42.65 -19.04 -112.50
C TYR ED 90 41.67 -20.03 -113.11
N ALA ED 91 42.15 -21.26 -113.30
CA ALA ED 91 41.31 -22.35 -113.78
C ALA ED 91 41.29 -23.41 -112.71
N ASP ED 92 40.11 -23.69 -112.16
CA ASP ED 92 39.96 -24.63 -111.06
C ASP ED 92 38.94 -25.70 -111.42
N VAL ED 93 39.29 -26.95 -111.12
CA VAL ED 93 38.42 -28.10 -111.37
C VAL ED 93 38.50 -29.00 -110.15
N THR ED 94 37.35 -29.49 -109.71
CA THR ED 94 37.27 -30.40 -108.59
C THR ED 94 36.44 -31.62 -108.95
N PHE ED 95 36.54 -32.64 -108.12
CA PHE ED 95 35.76 -33.84 -108.31
C PHE ED 95 35.39 -34.41 -106.95
N SER ED 96 34.18 -34.95 -106.88
CA SER ED 96 33.71 -35.62 -105.68
C SER ED 96 33.26 -37.02 -106.07
N PHE ED 97 33.51 -37.98 -105.19
CA PHE ED 97 33.09 -39.34 -105.44
C PHE ED 97 32.79 -40.02 -104.11
N THR ED 98 32.03 -41.09 -104.19
CA THR ED 98 31.65 -41.86 -103.03
C THR ED 98 32.49 -43.13 -102.98
N GLN ED 99 32.76 -43.58 -101.77
CA GLN ED 99 33.57 -44.77 -101.58
C GLN ED 99 33.10 -45.92 -102.45
N TYR ED 100 31.82 -45.98 -102.77
CA TYR ED 100 31.32 -47.03 -103.65
C TYR ED 100 31.34 -46.63 -105.12
N SER ED 101 31.87 -45.46 -105.44
CA SER ED 101 31.90 -45.02 -106.83
C SER ED 101 32.61 -46.06 -107.68
N THR ED 102 32.06 -46.35 -108.86
CA THR ED 102 32.69 -47.37 -109.69
C THR ED 102 33.64 -46.72 -110.67
N ASP ED 103 34.30 -47.56 -111.47
CA ASP ED 103 35.27 -47.06 -112.41
C ASP ED 103 34.62 -46.32 -113.56
N GLU ED 104 33.72 -46.98 -114.28
CA GLU ED 104 33.18 -46.39 -115.49
C GLU ED 104 32.45 -45.10 -115.21
N GLU ED 105 31.71 -45.04 -114.11
CA GLU ED 105 31.10 -43.79 -113.69
C GLU ED 105 32.12 -42.67 -113.71
N ARG ED 106 33.23 -42.87 -113.02
CA ARG ED 106 34.29 -41.88 -113.04
C ARG ED 106 34.77 -41.64 -114.46
N ALA ED 107 35.17 -42.70 -115.15
CA ALA ED 107 35.56 -42.57 -116.55
C ALA ED 107 34.51 -41.82 -117.34
N PHE ED 108 33.24 -42.16 -117.15
CA PHE ED 108 32.18 -41.43 -117.82
C PHE ED 108 32.27 -39.95 -117.53
N VAL ED 109 32.57 -39.57 -116.29
CA VAL ED 109 32.69 -38.15 -115.96
C VAL ED 109 33.84 -37.53 -116.73
N ARG ED 110 34.97 -38.22 -116.78
CA ARG ED 110 36.16 -37.61 -117.33
C ARG ED 110 35.93 -37.16 -118.77
N THR ED 111 35.52 -38.08 -119.64
CA THR ED 111 35.35 -37.72 -121.03
C THR ED 111 34.34 -36.60 -121.21
N GLU ED 112 33.13 -36.77 -120.71
CA GLU ED 112 32.07 -35.81 -120.96
C GLU ED 112 32.48 -34.39 -120.62
N LEU ED 113 33.20 -34.20 -119.52
CA LEU ED 113 33.68 -32.87 -119.20
C LEU ED 113 34.54 -32.32 -120.34
N ALA ED 114 35.45 -33.15 -120.85
CA ALA ED 114 36.25 -32.73 -121.99
C ALA ED 114 35.37 -32.37 -123.18
N ALA ED 115 34.46 -33.27 -123.55
CA ALA ED 115 33.57 -32.99 -124.67
C ALA ED 115 32.89 -31.64 -124.53
N LEU ED 116 32.36 -31.34 -123.34
CA LEU ED 116 31.81 -30.01 -123.11
C LEU ED 116 32.81 -28.93 -123.45
N LEU ED 117 34.05 -29.08 -122.98
CA LEU ED 117 35.05 -28.07 -123.26
C LEU ED 117 35.26 -27.89 -124.74
N ALA ED 118 35.03 -28.92 -125.54
CA ALA ED 118 35.05 -28.78 -126.98
C ALA ED 118 33.69 -28.43 -127.55
N SER ED 119 32.65 -28.46 -126.74
CA SER ED 119 31.32 -28.16 -127.24
C SER ED 119 31.24 -26.69 -127.67
N PRO ED 120 30.47 -26.39 -128.72
CA PRO ED 120 30.28 -25.00 -129.11
C PRO ED 120 29.58 -24.17 -128.05
N LEU ED 121 28.92 -24.81 -127.09
CA LEU ED 121 28.29 -24.05 -126.03
C LEU ED 121 29.32 -23.27 -125.21
N LEU ED 122 30.24 -23.99 -124.58
CA LEU ED 122 31.14 -23.35 -123.63
C LEU ED 122 32.05 -22.32 -124.26
N ILE ED 123 32.43 -22.51 -125.53
CA ILE ED 123 33.39 -21.61 -126.12
C ILE ED 123 32.93 -20.17 -126.05
N ASP ED 124 31.68 -19.89 -126.44
CA ASP ED 124 31.14 -18.56 -126.24
C ASP ED 124 31.06 -18.19 -124.77
N ALA ED 125 30.62 -19.12 -123.93
CA ALA ED 125 30.65 -18.92 -122.51
C ALA ED 125 32.04 -18.60 -121.99
N ILE ED 126 33.05 -19.37 -122.39
CA ILE ED 126 34.42 -19.12 -121.98
C ILE ED 126 35.03 -17.95 -122.75
N ASP ED 127 35.21 -18.12 -124.06
CA ASP ED 127 35.97 -17.14 -124.81
C ASP ED 127 35.30 -15.78 -124.82
N GLN ED 128 34.05 -15.72 -125.22
CA GLN ED 128 33.35 -14.45 -125.34
C GLN ED 128 32.56 -14.08 -124.11
N LEU ED 129 32.64 -14.87 -123.03
CA LEU ED 129 31.95 -14.57 -121.78
C LEU ED 129 30.47 -14.35 -122.02
N ASN ED 130 29.80 -15.41 -122.46
CA ASN ED 130 28.41 -15.21 -122.78
C ASN ED 130 27.56 -16.24 -122.04
N PRO ED 131 26.41 -15.82 -121.56
CA PRO ED 131 25.47 -16.78 -121.00
C PRO ED 131 24.84 -17.62 -122.09
N ALA ED 132 23.78 -18.34 -121.74
CA ALA ED 132 23.30 -19.49 -122.49
C ALA ED 132 22.44 -19.10 -123.68
N TYR ED 133 22.30 -17.81 -123.95
CA TYR ED 133 21.41 -17.38 -125.02
C TYR ED 133 22.22 -17.07 -126.27
N ALA FD 2 66.42 -32.92 -107.81
CA ALA FD 2 66.24 -34.29 -108.27
C ALA FD 2 65.98 -35.22 -107.10
N LYS FD 3 66.01 -36.52 -107.37
CA LYS FD 3 65.72 -37.53 -106.37
C LYS FD 3 66.76 -37.51 -105.27
N LEU FD 4 66.27 -37.71 -104.04
CA LEU FD 4 67.16 -37.99 -102.92
C LEU FD 4 68.00 -39.20 -103.27
N GLU FD 5 69.30 -39.09 -103.10
CA GLU FD 5 70.20 -40.18 -103.39
C GLU FD 5 71.32 -40.22 -102.37
N THR FD 6 72.16 -41.23 -102.49
CA THR FD 6 73.40 -41.26 -101.72
C THR FD 6 74.23 -40.10 -102.24
N VAL FD 7 74.67 -39.24 -101.32
CA VAL FD 7 75.47 -38.10 -101.73
C VAL FD 7 76.88 -38.30 -101.19
N THR FD 8 77.82 -38.57 -102.08
CA THR FD 8 79.22 -38.70 -101.71
C THR FD 8 79.84 -37.32 -101.74
N LEU FD 9 80.74 -37.06 -100.80
CA LEU FD 9 81.45 -35.80 -100.73
C LEU FD 9 82.92 -36.06 -100.53
N GLY FD 10 83.74 -35.53 -101.45
CA GLY FD 10 85.18 -35.57 -101.31
C GLY FD 10 85.70 -34.22 -100.86
N ASN FD 11 86.98 -34.19 -100.54
CA ASN FD 11 87.67 -32.95 -100.20
C ASN FD 11 86.99 -32.25 -99.03
N ILE FD 12 87.11 -32.87 -97.87
CA ILE FD 12 86.41 -32.43 -96.67
C ILE FD 12 87.43 -32.21 -95.58
N GLY FD 13 87.13 -31.30 -94.67
CA GLY FD 13 87.99 -31.02 -93.52
C GLY FD 13 89.23 -30.28 -93.94
N LYS FD 14 89.95 -29.82 -92.91
CA LYS FD 14 91.18 -29.08 -93.14
C LYS FD 14 92.13 -29.86 -94.04
N ASP FD 15 92.15 -31.18 -93.89
CA ASP FD 15 92.95 -32.01 -94.78
C ASP FD 15 92.43 -31.94 -96.21
N GLY FD 16 91.13 -32.11 -96.40
CA GLY FD 16 90.62 -32.28 -97.75
C GLY FD 16 90.73 -33.70 -98.24
N LYS FD 17 91.28 -34.60 -97.43
CA LYS FD 17 91.25 -36.01 -97.76
C LYS FD 17 90.03 -36.68 -97.15
N GLN FD 18 89.30 -35.97 -96.30
CA GLN FD 18 88.09 -36.50 -95.69
C GLN FD 18 87.01 -36.67 -96.73
N THR FD 19 86.25 -37.75 -96.61
CA THR FD 19 85.12 -38.02 -97.48
C THR FD 19 83.91 -38.36 -96.63
N LEU FD 20 82.73 -38.12 -97.21
CA LEU FD 20 81.49 -38.37 -96.48
C LEU FD 20 80.41 -38.78 -97.46
N VAL FD 21 79.59 -39.73 -97.04
CA VAL FD 21 78.43 -40.13 -97.81
C VAL FD 21 77.19 -39.82 -96.98
N LEU FD 22 76.08 -39.56 -97.66
CA LEU FD 22 74.83 -39.19 -97.00
C LEU FD 22 73.70 -40.03 -97.59
N ASN FD 23 73.05 -40.77 -96.76
CA ASN FD 23 71.94 -41.49 -97.33
C ASN FD 23 70.66 -40.67 -97.23
N PRO FD 24 69.77 -40.82 -98.18
CA PRO FD 24 68.45 -40.18 -98.06
C PRO FD 24 67.71 -40.72 -96.85
N ARG FD 25 67.24 -39.80 -96.02
CA ARG FD 25 66.52 -40.15 -94.81
C ARG FD 25 65.02 -40.07 -94.98
N GLY FD 26 64.53 -39.75 -96.17
CA GLY FD 26 63.13 -39.46 -96.36
C GLY FD 26 62.85 -38.01 -96.12
N VAL FD 27 61.56 -37.67 -96.13
CA VAL FD 27 61.11 -36.29 -96.01
C VAL FD 27 60.02 -36.22 -94.96
N ASN FD 28 60.19 -35.35 -93.99
CA ASN FD 28 59.08 -35.09 -93.09
C ASN FD 28 58.01 -34.29 -93.82
N PRO FD 29 56.83 -34.86 -94.05
CA PRO FD 29 55.81 -34.13 -94.80
C PRO FD 29 55.21 -32.96 -94.03
N THR FD 30 55.19 -33.04 -92.70
CA THR FD 30 54.59 -31.96 -91.92
C THR FD 30 55.22 -30.63 -92.25
N ASN FD 31 56.46 -30.43 -91.83
CA ASN FD 31 57.20 -29.24 -92.20
C ASN FD 31 57.60 -29.26 -93.66
N GLY FD 32 57.46 -30.39 -94.36
CA GLY FD 32 57.89 -30.48 -95.73
C GLY FD 32 59.38 -30.30 -95.88
N VAL FD 33 60.17 -31.09 -95.14
CA VAL FD 33 61.61 -30.93 -95.12
C VAL FD 33 62.25 -32.29 -95.35
N ALA FD 34 63.18 -32.34 -96.30
CA ALA FD 34 63.97 -33.53 -96.55
C ALA FD 34 65.04 -33.69 -95.49
N SER FD 35 65.56 -34.91 -95.39
CA SER FD 35 66.61 -35.21 -94.42
C SER FD 35 67.63 -36.13 -95.07
N LEU FD 36 68.90 -35.90 -94.74
CA LEU FD 36 69.99 -36.73 -95.22
C LEU FD 36 70.88 -37.06 -94.05
N SER FD 37 71.53 -38.21 -94.10
CA SER FD 37 72.41 -38.57 -93.00
C SER FD 37 73.54 -39.45 -93.47
N GLN FD 38 74.67 -39.31 -92.79
CA GLN FD 38 75.68 -40.34 -92.79
C GLN FD 38 75.11 -41.62 -92.22
N ALA FD 39 75.60 -42.76 -92.71
CA ALA FD 39 75.24 -44.03 -92.11
C ALA FD 39 76.28 -44.38 -91.06
N GLY FD 40 75.88 -44.22 -89.81
CA GLY FD 40 76.71 -44.59 -88.68
C GLY FD 40 76.13 -45.77 -87.95
N ALA FD 41 76.47 -45.86 -86.67
CA ALA FD 41 75.83 -46.83 -85.80
C ALA FD 41 74.57 -46.25 -85.17
N VAL FD 42 74.74 -45.24 -84.34
CA VAL FD 42 73.62 -44.66 -83.61
C VAL FD 42 73.13 -43.43 -84.36
N PRO FD 43 71.86 -43.41 -84.79
CA PRO FD 43 71.33 -42.21 -85.47
C PRO FD 43 71.54 -40.94 -84.70
N ALA FD 44 71.36 -40.94 -83.39
CA ALA FD 44 71.69 -39.79 -82.57
C ALA FD 44 73.10 -39.31 -82.81
N LEU FD 45 74.05 -40.22 -83.01
CA LEU FD 45 75.41 -39.84 -83.32
C LEU FD 45 75.58 -39.45 -84.77
N GLU FD 46 74.76 -39.99 -85.66
CA GLU FD 46 74.99 -39.85 -87.09
C GLU FD 46 74.78 -38.39 -87.52
N LYS FD 47 75.60 -37.96 -88.47
CA LYS FD 47 75.56 -36.59 -88.98
C LYS FD 47 74.23 -36.43 -89.69
N ARG FD 48 73.68 -35.22 -89.60
CA ARG FD 48 72.40 -34.95 -90.25
C ARG FD 48 72.51 -33.76 -91.18
N VAL FD 49 71.77 -33.81 -92.28
CA VAL FD 49 71.70 -32.73 -93.24
C VAL FD 49 70.25 -32.53 -93.61
N THR FD 50 69.78 -31.29 -93.52
CA THR FD 50 68.38 -30.97 -93.77
C THR FD 50 68.28 -29.87 -94.81
N VAL FD 51 67.42 -30.07 -95.79
CA VAL FD 51 67.13 -29.06 -96.79
C VAL FD 51 65.63 -28.89 -96.90
N SER FD 52 65.23 -27.70 -97.31
CA SER FD 52 63.82 -27.42 -97.46
C SER FD 52 63.63 -26.33 -98.50
N VAL FD 53 62.47 -26.36 -99.15
CA VAL FD 53 62.07 -25.28 -100.02
C VAL FD 53 60.87 -24.64 -99.37
N SER FD 54 60.30 -23.64 -100.03
CA SER FD 54 59.12 -22.96 -99.52
C SER FD 54 58.41 -22.31 -100.68
N GLN FD 55 57.17 -21.92 -100.46
CA GLN FD 55 56.43 -21.22 -101.49
C GLN FD 55 55.70 -20.05 -100.88
N PRO FD 56 55.59 -18.94 -101.59
CA PRO FD 56 54.99 -17.74 -101.00
C PRO FD 56 53.53 -17.96 -100.65
N SER FD 57 53.13 -17.40 -99.52
CA SER FD 57 51.76 -17.51 -99.03
C SER FD 57 51.24 -16.11 -98.76
N ARG FD 58 50.03 -16.05 -98.22
CA ARG FD 58 49.51 -14.79 -97.73
C ARG FD 58 50.37 -14.21 -96.61
N ASN FD 59 51.14 -15.03 -95.92
CA ASN FD 59 52.05 -14.57 -94.90
C ASN FD 59 53.34 -14.00 -95.45
N ARG FD 60 53.88 -14.57 -96.52
CA ARG FD 60 55.12 -14.09 -97.10
C ARG FD 60 55.07 -14.30 -98.60
N LYS FD 61 55.59 -13.32 -99.33
CA LYS FD 61 55.59 -13.34 -100.78
C LYS FD 61 56.92 -13.85 -101.32
N ASN FD 62 57.80 -14.27 -100.43
CA ASN FD 62 59.16 -14.60 -100.82
C ASN FD 62 59.41 -16.09 -100.64
N TYR FD 63 60.31 -16.61 -101.46
CA TYR FD 63 60.73 -17.99 -101.31
C TYR FD 63 61.79 -18.10 -100.24
N LYS FD 64 61.70 -19.16 -99.43
CA LYS FD 64 62.71 -19.46 -98.43
C LYS FD 64 63.32 -20.81 -98.76
N VAL FD 65 64.64 -20.89 -98.73
CA VAL FD 65 65.36 -22.14 -98.85
C VAL FD 65 66.23 -22.26 -97.61
N GLN FD 66 65.92 -23.24 -96.78
CA GLN FD 66 66.59 -23.42 -95.50
C GLN FD 66 67.41 -24.69 -95.53
N VAL FD 67 68.65 -24.60 -95.08
CA VAL FD 67 69.55 -25.74 -94.99
C VAL FD 67 70.22 -25.70 -93.64
N LYS FD 68 70.07 -26.78 -92.88
CA LYS FD 68 70.66 -26.90 -91.56
C LYS FD 68 71.51 -28.16 -91.50
N ILE FD 69 72.61 -28.09 -90.77
CA ILE FD 69 73.53 -29.20 -90.62
C ILE FD 69 73.75 -29.42 -89.13
N GLN FD 70 73.69 -30.67 -88.72
CA GLN FD 70 73.83 -31.04 -87.32
C GLN FD 70 74.88 -32.12 -87.21
N ASN FD 71 75.98 -31.80 -86.52
CA ASN FD 71 77.12 -32.70 -86.39
C ASN FD 71 77.49 -32.82 -84.91
N PRO FD 72 76.97 -33.80 -84.22
CA PRO FD 72 77.26 -33.96 -82.80
C PRO FD 72 78.71 -34.37 -82.59
N THR FD 73 79.08 -34.44 -81.32
CA THR FD 73 80.40 -34.89 -80.91
C THR FD 73 80.23 -36.10 -80.00
N ALA FD 74 80.67 -37.24 -80.48
CA ALA FD 74 80.55 -38.49 -79.72
C ALA FD 74 81.58 -38.50 -78.61
N CYS FD 75 81.14 -38.90 -77.42
CA CYS FD 75 82.06 -39.25 -76.33
C CYS FD 75 82.09 -40.77 -76.30
N THR FD 76 83.21 -41.33 -76.76
CA THR FD 76 83.30 -42.78 -76.87
C THR FD 76 83.28 -43.44 -75.50
N ALA FD 77 84.21 -43.06 -74.63
CA ALA FD 77 84.24 -43.57 -73.28
C ALA FD 77 83.68 -42.50 -72.36
N ASN FD 78 82.47 -42.72 -71.87
CA ASN FD 78 81.88 -41.89 -70.84
C ASN FD 78 82.08 -42.49 -69.46
N GLY FD 79 82.83 -43.59 -69.36
CA GLY FD 79 82.76 -44.41 -68.18
C GLY FD 79 81.57 -45.34 -68.19
N SER FD 80 80.83 -45.36 -69.29
CA SER FD 80 79.64 -46.19 -69.44
C SER FD 80 79.79 -46.97 -70.74
N CYS FD 81 78.95 -47.99 -70.90
CA CYS FD 81 79.04 -48.89 -72.04
C CYS FD 81 78.62 -48.26 -73.36
N ASP FD 82 77.94 -47.12 -73.32
CA ASP FD 82 77.45 -46.54 -74.55
C ASP FD 82 77.97 -45.13 -74.73
N PRO FD 83 78.30 -44.74 -75.97
CA PRO FD 83 78.73 -43.37 -76.21
C PRO FD 83 77.59 -42.40 -75.98
N SER FD 84 77.94 -41.13 -75.82
CA SER FD 84 76.96 -40.11 -75.52
C SER FD 84 77.27 -38.82 -76.27
N VAL FD 85 76.21 -38.09 -76.61
CA VAL FD 85 76.35 -36.81 -77.27
C VAL FD 85 77.02 -35.84 -76.31
N THR FD 86 78.03 -35.13 -76.78
CA THR FD 86 78.67 -34.14 -75.95
C THR FD 86 78.38 -32.73 -76.43
N ARG FD 87 78.98 -32.35 -77.55
CA ARG FD 87 78.74 -31.05 -78.16
C ARG FD 87 77.97 -31.25 -79.45
N GLN FD 88 77.12 -30.27 -79.76
CA GLN FD 88 76.30 -30.37 -80.96
C GLN FD 88 76.62 -29.17 -81.85
N ALA FD 89 77.25 -29.43 -82.98
CA ALA FD 89 77.62 -28.38 -83.91
C ALA FD 89 76.39 -28.03 -84.75
N TYR FD 90 76.05 -26.75 -84.79
CA TYR FD 90 74.93 -26.29 -85.58
C TYR FD 90 75.40 -25.43 -86.74
N ALA FD 91 75.09 -25.88 -87.95
CA ALA FD 91 75.39 -25.12 -89.15
C ALA FD 91 74.07 -24.85 -89.85
N ASP FD 92 73.73 -23.57 -89.98
CA ASP FD 92 72.45 -23.16 -90.55
C ASP FD 92 72.67 -22.19 -91.70
N VAL FD 93 71.94 -22.42 -92.79
CA VAL FD 93 72.01 -21.59 -93.98
C VAL FD 93 70.60 -21.38 -94.47
N THR FD 94 70.27 -20.15 -94.84
CA THR FD 94 68.96 -19.80 -95.37
C THR FD 94 69.12 -19.02 -96.66
N PHE FD 95 68.01 -18.91 -97.38
CA PHE FD 95 67.98 -18.15 -98.61
C PHE FD 95 66.62 -17.48 -98.74
N SER FD 96 66.66 -16.27 -99.28
CA SER FD 96 65.43 -15.53 -99.56
C SER FD 96 65.47 -15.12 -101.02
N PHE FD 97 64.30 -15.14 -101.66
CA PHE FD 97 64.19 -14.74 -103.05
C PHE FD 97 62.82 -14.15 -103.29
N THR FD 98 62.73 -13.38 -104.36
CA THR FD 98 61.50 -12.74 -104.76
C THR FD 98 60.89 -13.50 -105.92
N GLN FD 99 59.57 -13.50 -105.98
CA GLN FD 99 58.87 -14.21 -107.03
C GLN FD 99 59.42 -13.89 -108.40
N TYR FD 100 59.98 -12.70 -108.59
CA TYR FD 100 60.58 -12.36 -109.87
C TYR FD 100 62.06 -12.70 -109.94
N SER FD 101 62.61 -13.32 -108.91
CA SER FD 101 64.02 -13.67 -108.91
C SER FD 101 64.35 -14.50 -110.15
N THR FD 102 65.47 -14.19 -110.80
CA THR FD 102 65.80 -14.94 -111.99
C THR FD 102 66.71 -16.11 -111.65
N ASP FD 103 67.06 -16.88 -112.67
CA ASP FD 103 67.88 -18.06 -112.45
C ASP FD 103 69.31 -17.68 -112.12
N GLU FD 104 69.97 -16.92 -112.99
CA GLU FD 104 71.39 -16.67 -112.82
C GLU FD 104 71.68 -15.94 -111.53
N GLU FD 105 70.82 -14.99 -111.16
CA GLU FD 105 70.94 -14.36 -109.85
C GLU FD 105 71.09 -15.40 -108.76
N ARG FD 106 70.15 -16.33 -108.71
CA ARG FD 106 70.26 -17.40 -107.73
C ARG FD 106 71.55 -18.18 -107.93
N ALA FD 107 71.78 -18.67 -109.14
CA ALA FD 107 73.03 -19.35 -109.43
C ALA FD 107 74.22 -18.53 -108.98
N PHE FD 108 74.21 -17.23 -109.28
CA PHE FD 108 75.27 -16.35 -108.82
C PHE FD 108 75.44 -16.43 -107.32
N VAL FD 109 74.33 -16.48 -106.58
CA VAL FD 109 74.44 -16.59 -105.13
C VAL FD 109 75.08 -17.89 -104.73
N ARG FD 110 74.69 -18.98 -105.38
CA ARG FD 110 75.14 -20.29 -104.93
C ARG FD 110 76.66 -20.38 -104.94
N THR FD 111 77.28 -20.12 -106.09
CA THR FD 111 78.72 -20.26 -106.19
C THR FD 111 79.43 -19.36 -105.19
N GLU FD 112 79.17 -18.05 -105.24
CA GLU FD 112 79.92 -17.10 -104.43
C GLU FD 112 79.94 -17.49 -102.97
N LEU FD 113 78.83 -17.97 -102.42
CA LEU FD 113 78.84 -18.43 -101.04
C LEU FD 113 79.88 -19.51 -100.86
N ALA FD 114 79.91 -20.48 -101.77
CA ALA FD 114 80.93 -21.52 -101.69
C ALA FD 114 82.32 -20.92 -101.74
N ALA FD 115 82.59 -20.07 -102.72
CA ALA FD 115 83.91 -19.44 -102.83
C ALA FD 115 84.32 -18.80 -101.52
N LEU FD 116 83.43 -18.05 -100.89
CA LEU FD 116 83.73 -17.51 -99.58
C LEU FD 116 84.16 -18.60 -98.62
N LEU FD 117 83.42 -19.71 -98.58
CA LEU FD 117 83.78 -20.78 -97.67
C LEU FD 117 85.17 -21.30 -97.94
N ALA FD 118 85.64 -21.21 -99.17
CA ALA FD 118 87.02 -21.53 -99.48
C ALA FD 118 87.94 -20.33 -99.36
N SER FD 119 87.40 -19.14 -99.18
CA SER FD 119 88.23 -17.96 -99.07
C SER FD 119 89.09 -18.02 -97.81
N PRO FD 120 90.32 -17.51 -97.87
CA PRO FD 120 91.15 -17.44 -96.67
C PRO FD 120 90.56 -16.58 -95.58
N LEU FD 121 89.61 -15.71 -95.92
CA LEU FD 121 88.99 -14.89 -94.89
C LEU FD 121 88.25 -15.75 -93.88
N LEU FD 122 87.25 -16.50 -94.34
CA LEU FD 122 86.38 -17.20 -93.41
C LEU FD 122 87.08 -18.26 -92.59
N ILE FD 123 88.12 -18.89 -93.14
CA ILE FD 123 88.74 -19.99 -92.44
C ILE FD 123 89.22 -19.57 -91.06
N ASP FD 124 89.92 -18.44 -90.95
CA ASP FD 124 90.26 -17.91 -89.64
C ASP FD 124 89.02 -17.54 -88.85
N ALA FD 125 88.05 -16.91 -89.49
CA ALA FD 125 86.77 -16.65 -88.87
C ALA FD 125 86.11 -17.91 -88.36
N ILE FD 126 86.03 -18.95 -89.18
CA ILE FD 126 85.44 -20.22 -88.78
C ILE FD 126 86.38 -21.01 -87.89
N ASP FD 127 87.50 -21.46 -88.43
CA ASP FD 127 88.35 -22.39 -87.71
C ASP FD 127 88.90 -21.79 -86.44
N GLN FD 128 89.55 -20.64 -86.54
CA GLN FD 128 90.20 -20.04 -85.40
C GLN FD 128 89.33 -19.02 -84.69
N LEU FD 129 88.09 -18.84 -85.11
CA LEU FD 129 87.15 -17.92 -84.46
C LEU FD 129 87.74 -16.53 -84.37
N ASN FD 130 87.97 -15.94 -85.53
CA ASN FD 130 88.62 -14.65 -85.49
C ASN FD 130 87.81 -13.63 -86.26
N PRO FD 131 87.72 -12.43 -85.75
CA PRO FD 131 87.11 -11.35 -86.52
C PRO FD 131 88.00 -10.93 -87.68
N ALA FD 132 87.67 -9.80 -88.29
CA ALA FD 132 88.13 -9.44 -89.62
C ALA FD 132 89.53 -8.86 -89.64
N TYR FD 133 90.20 -8.82 -88.50
CA TYR FD 133 91.51 -8.21 -88.44
C TYR FD 133 92.60 -9.26 -88.50
N ALA GD 2 62.61 -45.30 -99.99
CA ALA GD 2 62.65 -44.62 -101.28
C ALA GD 2 61.27 -44.14 -101.67
N LYS GD 3 61.12 -43.69 -102.90
CA LYS GD 3 59.89 -43.13 -103.42
C LYS GD 3 58.80 -44.18 -103.44
N LEU GD 4 57.59 -43.76 -103.08
CA LEU GD 4 56.41 -44.57 -103.32
C LEU GD 4 56.34 -44.91 -104.80
N GLU GD 5 56.17 -46.17 -105.11
CA GLU GD 5 56.09 -46.60 -106.49
C GLU GD 5 55.06 -47.71 -106.63
N THR GD 6 54.84 -48.13 -107.86
CA THR GD 6 54.05 -49.33 -108.11
C THR GD 6 54.86 -50.48 -107.52
N VAL GD 7 54.23 -51.25 -106.65
CA VAL GD 7 54.93 -52.37 -106.04
C VAL GD 7 54.29 -53.66 -106.56
N THR GD 8 55.02 -54.37 -107.39
CA THR GD 8 54.59 -55.66 -107.90
C THR GD 8 55.00 -56.73 -106.91
N LEU GD 9 54.14 -57.73 -106.74
CA LEU GD 9 54.44 -58.83 -105.84
C LEU GD 9 54.11 -60.13 -106.55
N GLY GD 10 55.11 -61.02 -106.63
CA GLY GD 10 54.91 -62.35 -107.14
C GLY GD 10 54.87 -63.35 -106.00
N ASN GD 11 54.52 -64.58 -106.34
CA ASN GD 11 54.54 -65.69 -105.39
C ASN GD 11 53.67 -65.38 -104.18
N ILE GD 12 52.36 -65.36 -104.43
CA ILE GD 12 51.38 -64.94 -103.44
C ILE GD 12 50.36 -66.05 -103.28
N GLY GD 13 49.78 -66.16 -102.10
CA GLY GD 13 48.74 -67.14 -101.84
C GLY GD 13 49.31 -68.53 -101.74
N LYS GD 14 48.44 -69.44 -101.29
CA LYS GD 14 48.83 -70.84 -101.14
C LYS GD 14 49.42 -71.38 -102.43
N ASP GD 15 48.89 -70.95 -103.57
CA ASP GD 15 49.46 -71.33 -104.85
C ASP GD 15 50.86 -70.78 -105.02
N GLY GD 16 51.05 -69.49 -104.77
CA GLY GD 16 52.29 -68.85 -105.13
C GLY GD 16 52.33 -68.41 -106.58
N LYS GD 17 51.27 -68.67 -107.33
CA LYS GD 17 51.17 -68.12 -108.67
C LYS GD 17 50.43 -66.78 -108.65
N GLN GD 18 49.85 -66.42 -107.51
CA GLN GD 18 49.16 -65.16 -107.37
C GLN GD 18 50.15 -64.02 -107.43
N THR GD 19 49.73 -62.94 -108.08
CA THR GD 19 50.52 -61.72 -108.17
C THR GD 19 49.67 -60.53 -107.80
N LEU GD 20 50.32 -59.48 -107.33
CA LEU GD 20 49.60 -58.29 -106.90
C LEU GD 20 50.46 -57.05 -107.16
N VAL GD 21 49.81 -55.99 -107.59
CA VAL GD 21 50.46 -54.70 -107.75
C VAL GD 21 49.81 -53.72 -106.79
N LEU GD 22 50.58 -52.73 -106.37
CA LEU GD 22 50.10 -51.74 -105.40
C LEU GD 22 50.46 -50.35 -105.91
N ASN GD 23 49.48 -49.55 -106.09
CA ASN GD 23 49.85 -48.21 -106.50
C ASN GD 23 50.04 -47.32 -105.29
N PRO GD 24 50.94 -46.35 -105.38
CA PRO GD 24 51.06 -45.36 -104.32
C PRO GD 24 49.77 -44.57 -104.17
N ARG GD 25 49.28 -44.52 -102.94
CA ARG GD 25 48.04 -43.81 -102.64
C ARG GD 25 48.29 -42.42 -102.08
N GLY GD 26 49.54 -42.00 -101.98
CA GLY GD 26 49.86 -40.77 -101.28
C GLY GD 26 50.07 -41.04 -99.81
N VAL GD 27 50.24 -39.96 -99.05
CA VAL GD 27 50.55 -40.04 -97.64
C VAL GD 27 49.61 -39.11 -96.87
N ASN GD 28 48.95 -39.65 -95.88
CA ASN GD 28 48.20 -38.77 -95.00
C ASN GD 28 49.17 -38.00 -94.12
N PRO GD 29 49.27 -36.68 -94.27
CA PRO GD 29 50.24 -35.92 -93.47
C PRO GD 29 49.88 -35.83 -92.01
N THR GD 30 48.59 -35.89 -91.67
CA THR GD 30 48.19 -35.76 -90.27
C THR GD 30 48.88 -36.80 -89.41
N ASN GD 31 48.49 -38.05 -89.55
CA ASN GD 31 49.17 -39.14 -88.88
C ASN GD 31 50.54 -39.40 -89.46
N GLY GD 32 50.87 -38.82 -90.61
CA GLY GD 32 52.14 -39.08 -91.25
C GLY GD 32 52.27 -40.53 -91.67
N VAL GD 33 51.31 -41.04 -92.43
CA VAL GD 33 51.29 -42.44 -92.80
C VAL GD 33 51.07 -42.56 -94.30
N ALA GD 34 51.93 -43.32 -94.95
CA ALA GD 34 51.78 -43.62 -96.36
C ALA GD 34 50.68 -44.65 -96.58
N SER GD 35 50.21 -44.71 -97.82
CA SER GD 35 49.16 -45.66 -98.18
C SER GD 35 49.45 -46.24 -99.54
N LEU GD 36 49.17 -47.53 -99.70
CA LEU GD 36 49.34 -48.22 -100.97
C LEU GD 36 48.08 -49.02 -101.23
N SER GD 37 47.76 -49.21 -102.51
CA SER GD 37 46.58 -49.99 -102.81
C SER GD 37 46.72 -50.70 -104.14
N GLN GD 38 46.06 -51.85 -104.22
CA GLN GD 38 45.72 -52.44 -105.50
C GLN GD 38 44.82 -51.49 -106.26
N ALA GD 39 44.93 -51.52 -107.59
CA ALA GD 39 43.98 -50.77 -108.41
C ALA GD 39 42.84 -51.71 -108.79
N GLY GD 40 41.70 -51.48 -108.14
CA GLY GD 40 40.50 -52.20 -108.43
C GLY GD 40 39.46 -51.30 -109.06
N ALA GD 41 38.20 -51.68 -108.89
CA ALA GD 41 37.11 -50.81 -109.27
C ALA GD 41 36.73 -49.89 -108.12
N VAL GD 42 36.24 -50.46 -107.03
CA VAL GD 42 35.76 -49.66 -105.90
C VAL GD 42 36.85 -49.58 -104.85
N PRO GD 43 37.32 -48.38 -104.52
CA PRO GD 43 38.34 -48.25 -103.47
C PRO GD 43 37.99 -48.96 -102.18
N ALA GD 44 36.73 -48.89 -101.74
CA ALA GD 44 36.28 -49.65 -100.59
C ALA GD 44 36.60 -51.13 -100.74
N LEU GD 45 36.49 -51.67 -101.94
CA LEU GD 45 36.85 -53.05 -102.19
C LEU GD 45 38.34 -53.24 -102.34
N GLU GD 46 39.07 -52.23 -102.77
CA GLU GD 46 40.46 -52.39 -103.14
C GLU GD 46 41.31 -52.66 -101.91
N LYS GD 47 42.32 -53.52 -102.09
CA LYS GD 47 43.21 -53.92 -101.02
C LYS GD 47 43.99 -52.69 -100.59
N ARG GD 48 44.29 -52.60 -99.30
CA ARG GD 48 45.03 -51.46 -98.80
C ARG GD 48 46.27 -51.91 -98.06
N VAL GD 49 47.33 -51.12 -98.16
CA VAL GD 49 48.57 -51.37 -97.45
C VAL GD 49 49.04 -50.05 -96.86
N THR GD 50 49.35 -50.05 -95.57
CA THR GD 50 49.72 -48.84 -94.85
C THR GD 50 51.05 -49.07 -94.16
N VAL GD 51 51.97 -48.12 -94.31
CA VAL GD 51 53.23 -48.14 -93.60
C VAL GD 51 53.44 -46.78 -92.94
N SER GD 52 54.20 -46.79 -91.87
CA SER GD 52 54.48 -45.56 -91.16
C SER GD 52 55.80 -45.70 -90.43
N VAL GD 53 56.46 -44.56 -90.24
CA VAL GD 53 57.63 -44.50 -89.39
C VAL GD 53 57.25 -43.65 -88.19
N SER GD 54 58.19 -43.42 -87.29
CA SER GD 54 57.96 -42.60 -86.12
C SER GD 54 59.29 -42.08 -85.64
N GLN GD 55 59.23 -41.08 -84.77
CA GLN GD 55 60.45 -40.56 -84.20
C GLN GD 55 60.24 -40.33 -82.71
N PRO GD 56 61.27 -40.56 -81.90
CA PRO GD 56 61.08 -40.48 -80.45
C PRO GD 56 60.74 -39.06 -80.01
N SER GD 57 59.84 -38.97 -79.05
CA SER GD 57 59.40 -37.69 -78.52
C SER GD 57 59.58 -37.70 -77.02
N ARG GD 58 59.12 -36.64 -76.37
CA ARG GD 58 59.04 -36.63 -74.92
C ARG GD 58 58.13 -37.73 -74.38
N ASN GD 59 57.19 -38.20 -75.19
CA ASN GD 59 56.31 -39.29 -74.80
C ASN GD 59 56.97 -40.66 -74.92
N ARG GD 60 57.80 -40.88 -75.93
CA ARG GD 60 58.45 -42.17 -76.12
C ARG GD 60 59.82 -41.94 -76.72
N LYS GD 61 60.79 -42.71 -76.25
CA LYS GD 61 62.17 -42.61 -76.69
C LYS GD 61 62.48 -43.62 -77.78
N ASN GD 62 61.47 -44.36 -78.21
CA ASN GD 62 61.68 -45.48 -79.10
C ASN GD 62 61.07 -45.20 -80.46
N TYR GD 63 61.66 -45.79 -81.49
CA TYR GD 63 61.09 -45.71 -82.82
C TYR GD 63 59.98 -46.75 -82.98
N LYS GD 64 58.91 -46.36 -83.64
CA LYS GD 64 57.82 -47.26 -83.99
C LYS GD 64 57.71 -47.33 -85.50
N VAL GD 65 57.61 -48.54 -86.02
CA VAL GD 65 57.32 -48.76 -87.42
C VAL GD 65 56.08 -49.62 -87.49
N GLN GD 66 55.00 -49.05 -88.00
CA GLN GD 66 53.70 -49.71 -88.02
C GLN GD 66 53.32 -50.03 -89.45
N VAL GD 67 52.87 -51.25 -89.68
CA VAL GD 67 52.41 -51.69 -90.99
C VAL GD 67 51.11 -52.43 -90.80
N LYS GD 68 50.07 -51.96 -91.48
CA LYS GD 68 48.75 -52.56 -91.41
C LYS GD 68 48.29 -52.92 -92.82
N ILE GD 69 47.57 -54.03 -92.93
CA ILE GD 69 47.06 -54.51 -94.20
C ILE GD 69 45.57 -54.75 -94.05
N GLN GD 70 44.80 -54.28 -95.02
CA GLN GD 70 43.35 -54.37 -94.98
C GLN GD 70 42.88 -54.99 -96.28
N ASN GD 71 42.28 -56.18 -96.19
CA ASN GD 71 41.84 -56.95 -97.36
C ASN GD 71 40.39 -57.34 -97.16
N PRO GD 72 39.45 -56.57 -97.65
CA PRO GD 72 38.04 -56.89 -97.48
C PRO GD 72 37.66 -58.11 -98.30
N THR GD 73 36.41 -58.52 -98.12
CA THR GD 73 35.83 -59.62 -98.87
C THR GD 73 34.61 -59.11 -99.61
N ALA GD 74 34.71 -59.08 -100.93
CA ALA GD 74 33.64 -58.60 -101.77
C ALA GD 74 32.52 -59.63 -101.83
N CYS GD 75 31.28 -59.17 -101.67
CA CYS GD 75 30.11 -59.98 -101.99
C CYS GD 75 29.63 -59.49 -103.34
N THR GD 76 29.85 -60.29 -104.38
CA THR GD 76 29.52 -59.86 -105.73
C THR GD 76 28.02 -59.70 -105.90
N ALA GD 77 27.28 -60.78 -105.65
CA ALA GD 77 25.82 -60.72 -105.72
C ALA GD 77 25.29 -60.64 -104.30
N ASN GD 78 24.81 -59.46 -103.92
CA ASN GD 78 24.09 -59.29 -102.67
C ASN GD 78 22.59 -59.36 -102.88
N GLY GD 79 22.14 -59.68 -104.09
CA GLY GD 79 20.76 -59.41 -104.45
C GLY GD 79 20.55 -57.98 -104.86
N SER GD 80 21.62 -57.20 -104.91
CA SER GD 80 21.57 -55.79 -105.28
C SER GD 80 22.56 -55.56 -106.40
N CYS GD 81 22.43 -54.40 -107.05
CA CYS GD 81 23.25 -54.09 -108.22
C CYS GD 81 24.71 -53.82 -107.90
N ASP GD 82 25.04 -53.59 -106.63
CA ASP GD 82 26.41 -53.24 -106.30
C ASP GD 82 26.98 -54.22 -105.29
N PRO GD 83 28.26 -54.56 -105.42
CA PRO GD 83 28.89 -55.44 -104.43
C PRO GD 83 29.01 -54.72 -103.09
N SER GD 84 29.22 -55.51 -102.05
CA SER GD 84 29.27 -54.97 -100.70
C SER GD 84 30.36 -55.66 -99.89
N VAL GD 85 30.95 -54.91 -98.97
CA VAL GD 85 31.96 -55.44 -98.07
C VAL GD 85 31.30 -56.47 -97.17
N THR GD 86 31.93 -57.63 -97.03
CA THR GD 86 31.40 -58.65 -96.14
C THR GD 86 32.29 -58.84 -94.93
N ARG GD 87 33.45 -59.44 -95.13
CA ARG GD 87 34.43 -59.64 -94.08
C ARG GD 87 35.62 -58.75 -94.34
N GLN GD 88 36.25 -58.28 -93.27
CA GLN GD 88 37.40 -57.39 -93.42
C GLN GD 88 38.58 -58.04 -92.73
N ALA GD 89 39.56 -58.46 -93.52
CA ALA GD 89 40.76 -59.10 -92.98
C ALA GD 89 41.71 -58.03 -92.47
N TYR GD 90 42.13 -58.15 -91.23
CA TYR GD 90 43.07 -57.20 -90.65
C TYR GD 90 44.42 -57.87 -90.39
N ALA GD 91 45.44 -57.33 -91.04
CA ALA GD 91 46.81 -57.79 -90.82
C ALA GD 91 47.61 -56.61 -90.31
N ASP GD 92 48.13 -56.72 -89.10
CA ASP GD 92 48.83 -55.63 -88.44
C ASP GD 92 50.21 -56.09 -88.00
N VAL GD 93 51.21 -55.25 -88.26
CA VAL GD 93 52.59 -55.51 -87.90
C VAL GD 93 53.18 -54.23 -87.34
N THR GD 94 53.91 -54.35 -86.24
CA THR GD 94 54.56 -53.21 -85.63
C THR GD 94 56.02 -53.52 -85.37
N PHE GD 95 56.79 -52.47 -85.09
CA PHE GD 95 58.19 -52.62 -84.75
C PHE GD 95 58.57 -51.59 -83.72
N SER GD 96 59.44 -52.00 -82.81
CA SER GD 96 59.97 -51.09 -81.81
C SER GD 96 61.49 -51.17 -81.87
N PHE GD 97 62.14 -50.03 -81.67
CA PHE GD 97 63.59 -49.97 -81.67
C PHE GD 97 64.05 -48.88 -80.73
N THR GD 98 65.30 -48.98 -80.33
CA THR GD 98 65.91 -48.03 -79.44
C THR GD 98 66.81 -47.11 -80.24
N GLN GD 99 66.92 -45.88 -79.78
CA GLN GD 99 67.74 -44.89 -80.46
C GLN GD 99 69.12 -45.42 -80.78
N TYR GD 100 69.64 -46.34 -79.98
CA TYR GD 100 70.94 -46.93 -80.26
C TYR GD 100 70.85 -48.19 -81.11
N SER GD 101 69.65 -48.56 -81.57
CA SER GD 101 69.50 -49.75 -82.38
C SER GD 101 70.42 -49.68 -83.59
N THR GD 102 71.09 -50.78 -83.91
CA THR GD 102 72.00 -50.74 -85.05
C THR GD 102 71.28 -51.21 -86.29
N ASP GD 103 72.01 -51.19 -87.40
CA ASP GD 103 71.42 -51.55 -88.68
C ASP GD 103 71.16 -53.05 -88.75
N GLU GD 104 72.19 -53.86 -88.57
CA GLU GD 104 72.05 -55.28 -88.82
C GLU GD 104 71.02 -55.90 -87.89
N GLU GD 105 70.99 -55.47 -86.63
CA GLU GD 105 69.94 -55.91 -85.74
C GLU GD 105 68.58 -55.75 -86.39
N ARG GD 106 68.27 -54.55 -86.87
CA ARG GD 106 67.02 -54.34 -87.57
C ARG GD 106 66.93 -55.26 -88.77
N ALA GD 107 67.93 -55.22 -89.65
CA ALA GD 107 67.95 -56.12 -90.79
C ALA GD 107 67.74 -57.55 -90.35
N PHE GD 108 68.41 -57.98 -89.28
CA PHE GD 108 68.19 -59.32 -88.75
C PHE GD 108 66.72 -59.55 -88.44
N VAL GD 109 66.05 -58.56 -87.87
CA VAL GD 109 64.63 -58.72 -87.58
C VAL GD 109 63.83 -58.90 -88.85
N ARG GD 110 64.14 -58.09 -89.87
CA ARG GD 110 63.30 -58.10 -91.05
C ARG GD 110 63.23 -59.48 -91.68
N THR GD 111 64.38 -60.06 -92.01
CA THR GD 111 64.38 -61.36 -92.67
C THR GD 111 63.67 -62.42 -91.84
N GLU GD 112 64.12 -62.62 -90.60
CA GLU GD 112 63.60 -63.71 -89.79
C GLU GD 112 62.08 -63.70 -89.72
N LEU GD 113 61.48 -62.53 -89.59
CA LEU GD 113 60.02 -62.49 -89.59
C LEU GD 113 59.48 -63.09 -90.87
N ALA GD 114 60.04 -62.71 -92.02
CA ALA GD 114 59.63 -63.30 -93.27
C ALA GD 114 59.80 -64.82 -93.25
N ALA GD 115 60.98 -65.29 -92.88
CA ALA GD 115 61.23 -66.73 -92.83
C ALA GD 115 60.16 -67.44 -92.03
N LEU GD 116 59.81 -66.91 -90.85
CA LEU GD 116 58.72 -67.48 -90.10
C LEU GD 116 57.45 -67.57 -90.94
N LEU GD 117 57.12 -66.49 -91.64
CA LEU GD 117 55.91 -66.51 -92.45
C LEU GD 117 55.97 -67.61 -93.50
N ALA GD 118 57.15 -67.99 -93.94
CA ALA GD 118 57.30 -69.15 -94.81
C ALA GD 118 57.50 -70.43 -94.04
N SER GD 119 57.69 -70.36 -92.73
CA SER GD 119 57.92 -71.56 -91.96
C SER GD 119 56.68 -72.43 -91.94
N PRO GD 120 56.83 -73.76 -91.95
CA PRO GD 120 55.67 -74.64 -91.84
C PRO GD 120 54.92 -74.48 -90.54
N LEU GD 121 55.53 -73.87 -89.53
CA LEU GD 121 54.83 -73.65 -88.29
C LEU GD 121 53.63 -72.73 -88.49
N LEU GD 122 53.89 -71.50 -88.93
CA LEU GD 122 52.83 -70.51 -88.97
C LEU GD 122 51.71 -70.86 -89.92
N ILE GD 123 52.00 -71.57 -91.01
CA ILE GD 123 50.97 -71.81 -92.01
C ILE GD 123 49.77 -72.50 -91.39
N ASP GD 124 49.97 -73.56 -90.61
CA ASP GD 124 48.87 -74.16 -89.88
C ASP GD 124 48.26 -73.19 -88.89
N ALA GD 125 49.11 -72.47 -88.16
CA ALA GD 125 48.64 -71.40 -87.30
C ALA GD 125 47.81 -70.38 -88.03
N ILE GD 126 48.27 -69.89 -89.17
CA ILE GD 126 47.54 -68.91 -89.95
C ILE GD 126 46.41 -69.58 -90.74
N ASP GD 127 46.77 -70.43 -91.70
CA ASP GD 127 45.77 -70.94 -92.62
C ASP GD 127 44.70 -71.76 -91.91
N GLN GD 128 45.12 -72.76 -91.16
CA GLN GD 128 44.19 -73.66 -90.51
C GLN GD 128 43.85 -73.27 -89.09
N LEU GD 129 44.35 -72.13 -88.61
CA LEU GD 129 44.04 -71.63 -87.27
C LEU GD 129 44.35 -72.69 -86.23
N ASN GD 130 45.62 -73.02 -86.12
CA ASN GD 130 45.94 -74.08 -85.20
C ASN GD 130 47.02 -73.63 -84.21
N PRO GD 131 46.90 -74.01 -82.98
CA PRO GD 131 47.97 -73.76 -82.02
C PRO GD 131 49.17 -74.65 -82.30
N ALA GD 132 50.09 -74.70 -81.37
CA ALA GD 132 51.46 -75.15 -81.61
C ALA GD 132 51.60 -76.66 -81.60
N TYR GD 133 50.49 -77.39 -81.46
CA TYR GD 133 50.58 -78.83 -81.37
C TYR GD 133 50.27 -79.48 -82.71
N ALA HD 2 11.60 -6.55 -130.49
CA ALA HD 2 11.88 -7.72 -131.29
C ALA HD 2 13.15 -8.40 -130.82
N LYS HD 3 13.62 -9.35 -131.60
CA LYS HD 3 14.79 -10.15 -131.27
C LYS HD 3 16.03 -9.28 -131.21
N LEU HD 4 16.88 -9.57 -130.24
CA LEU HD 4 18.22 -9.01 -130.20
C LEU HD 4 18.91 -9.37 -131.51
N GLU HD 5 19.50 -8.38 -132.16
CA GLU HD 5 20.17 -8.60 -133.42
C GLU HD 5 21.41 -7.73 -133.49
N THR HD 6 22.17 -7.91 -134.55
CA THR HD 6 23.26 -6.99 -134.86
C THR HD 6 22.59 -5.66 -135.17
N VAL HD 7 23.02 -4.61 -134.46
CA VAL HD 7 22.43 -3.30 -134.70
C VAL HD 7 23.50 -2.42 -135.32
N THR HD 8 23.33 -2.10 -136.60
CA THR HD 8 24.22 -1.20 -137.29
C THR HD 8 23.74 0.22 -137.07
N LEU HD 9 24.67 1.14 -136.92
CA LEU HD 9 24.35 2.55 -136.73
C LEU HD 9 25.21 3.38 -137.65
N GLY HD 10 24.56 4.20 -138.49
CA GLY HD 10 25.24 5.16 -139.32
C GLY HD 10 25.09 6.55 -138.74
N ASN HD 11 25.83 7.49 -139.32
CA ASN HD 11 25.72 8.90 -138.96
C ASN HD 11 25.99 9.09 -137.48
N ILE HD 12 27.25 8.90 -137.10
CA ILE HD 12 27.65 8.91 -135.71
C ILE HD 12 28.78 9.91 -135.56
N GLY HD 13 28.89 10.50 -134.36
CA GLY HD 13 29.95 11.43 -134.06
C GLY HD 13 29.74 12.76 -134.75
N LYS HD 14 30.57 13.71 -134.34
CA LYS HD 14 30.50 15.05 -134.91
C LYS HD 14 30.58 15.00 -136.43
N ASP HD 15 31.38 14.09 -136.96
CA ASP HD 15 31.44 13.90 -138.41
C ASP HD 15 30.11 13.41 -138.95
N GLY HD 16 29.54 12.37 -138.34
CA GLY HD 16 28.41 11.71 -138.95
C GLY HD 16 28.80 10.70 -139.98
N LYS HD 17 30.10 10.53 -140.23
CA LYS HD 17 30.56 9.44 -141.07
C LYS HD 17 30.89 8.21 -140.24
N GLN HD 18 30.89 8.36 -138.91
CA GLN HD 18 31.16 7.25 -138.02
C GLN HD 18 30.02 6.25 -138.08
N THR HD 19 30.38 4.97 -138.03
CA THR HD 19 29.41 3.88 -138.00
C THR HD 19 29.76 2.93 -136.87
N LEU HD 20 28.74 2.24 -136.38
CA LEU HD 20 28.93 1.31 -135.27
C LEU HD 20 27.98 0.15 -135.40
N VAL HD 21 28.46 -1.03 -135.06
CA VAL HD 21 27.63 -2.22 -135.00
C VAL HD 21 27.62 -2.71 -133.56
N LEU HD 22 26.54 -3.37 -133.18
CA LEU HD 22 26.37 -3.87 -131.82
C LEU HD 22 25.90 -5.31 -131.87
N ASN HD 23 26.66 -6.17 -131.29
CA ASN HD 23 26.16 -7.52 -131.29
C ASN HD 23 25.33 -7.78 -130.04
N PRO HD 24 24.32 -8.64 -130.16
CA PRO HD 24 23.58 -9.04 -128.97
C PRO HD 24 24.49 -9.76 -127.99
N ARG HD 25 24.47 -9.30 -126.74
CA ARG HD 25 25.29 -9.87 -125.70
C ARG HD 25 24.53 -10.86 -124.83
N GLY HD 26 23.27 -11.12 -125.13
CA GLY HD 26 22.42 -11.88 -124.25
C GLY HD 26 21.75 -11.00 -123.23
N VAL HD 27 21.06 -11.63 -122.29
CA VAL HD 27 20.27 -10.91 -121.29
C VAL HD 27 20.61 -11.46 -119.92
N ASN HD 28 20.97 -10.57 -119.01
CA ASN HD 28 21.09 -11.01 -117.64
C ASN HD 28 19.71 -11.26 -117.05
N PRO HD 29 19.36 -12.50 -116.72
CA PRO HD 29 18.01 -12.78 -116.22
C PRO HD 29 17.78 -12.23 -114.83
N THR HD 30 18.82 -12.10 -114.01
CA THR HD 30 18.62 -11.63 -112.65
C THR HD 30 17.93 -10.28 -112.63
N ASN HD 31 18.64 -9.25 -113.05
CA ASN HD 31 18.03 -7.93 -113.19
C ASN HD 31 17.08 -7.88 -114.37
N GLY HD 32 17.08 -8.89 -115.23
CA GLY HD 32 16.24 -8.86 -116.42
C GLY HD 32 16.62 -7.74 -117.35
N VAL HD 33 17.88 -7.68 -117.75
CA VAL HD 33 18.39 -6.58 -118.56
C VAL HD 33 19.17 -7.16 -119.74
N ALA HD 34 18.82 -6.70 -120.94
CA ALA HD 34 19.55 -7.06 -122.13
C ALA HD 34 20.86 -6.30 -122.21
N SER HD 35 21.77 -6.82 -123.04
CA SER HD 35 23.07 -6.18 -123.22
C SER HD 35 23.46 -6.25 -124.69
N LEU HD 36 24.07 -5.18 -125.17
CA LEU HD 36 24.56 -5.11 -126.54
C LEU HD 36 25.98 -4.58 -126.51
N SER HD 37 26.78 -4.97 -127.48
CA SER HD 37 28.15 -4.49 -127.50
C SER HD 37 28.69 -4.43 -128.90
N GLN HD 38 29.57 -3.47 -129.12
CA GLN HD 38 30.50 -3.52 -130.23
C GLN HD 38 31.37 -4.76 -130.10
N ALA HD 39 31.77 -5.32 -131.25
CA ALA HD 39 32.74 -6.40 -131.23
C ALA HD 39 34.13 -5.79 -131.38
N GLY HD 40 34.85 -5.77 -130.27
CA GLY HD 40 36.23 -5.33 -130.25
C GLY HD 40 37.17 -6.47 -129.97
N ALA HD 41 38.33 -6.12 -129.42
CA ALA HD 41 39.24 -7.14 -128.91
C ALA HD 41 38.92 -7.48 -127.48
N VAL HD 42 39.11 -6.51 -126.58
CA VAL HD 42 38.93 -6.75 -125.15
C VAL HD 42 37.53 -6.30 -124.74
N PRO HD 43 36.69 -7.20 -124.23
CA PRO HD 43 35.36 -6.80 -123.77
C PRO HD 43 35.36 -5.62 -122.82
N ALA HD 44 36.31 -5.57 -121.88
CA ALA HD 44 36.47 -4.40 -121.04
C ALA HD 44 36.59 -3.12 -121.85
N LEU HD 45 37.27 -3.18 -122.99
CA LEU HD 45 37.38 -2.02 -123.86
C LEU HD 45 36.13 -1.82 -124.71
N GLU HD 46 35.41 -2.89 -125.00
CA GLU HD 46 34.32 -2.83 -125.97
C GLU HD 46 33.17 -2.00 -125.45
N LYS HD 47 32.55 -1.25 -126.36
CA LYS HD 47 31.44 -0.37 -126.01
C LYS HD 47 30.29 -1.24 -125.56
N ARG HD 48 29.52 -0.74 -124.60
CA ARG HD 48 28.39 -1.50 -124.10
C ARG HD 48 27.11 -0.70 -124.20
N VAL HD 49 26.00 -1.39 -124.44
CA VAL HD 49 24.68 -0.78 -124.51
C VAL HD 49 23.73 -1.68 -123.75
N THR HD 50 22.98 -1.10 -122.82
CA THR HD 50 22.09 -1.83 -121.96
C THR HD 50 20.69 -1.26 -122.05
N VAL HD 51 19.70 -2.12 -122.21
CA VAL HD 51 18.31 -1.72 -122.20
C VAL HD 51 17.55 -2.63 -121.25
N SER HD 52 16.47 -2.10 -120.71
CA SER HD 52 15.66 -2.88 -119.79
C SER HD 52 14.24 -2.36 -119.82
N VAL HD 53 13.31 -3.26 -119.54
CA VAL HD 53 11.92 -2.87 -119.33
C VAL HD 53 11.61 -3.13 -117.87
N SER HD 54 10.38 -2.89 -117.46
CA SER HD 54 9.96 -3.12 -116.10
C SER HD 54 8.46 -3.31 -116.09
N GLN HD 55 7.95 -3.82 -114.99
CA GLN HD 55 6.51 -3.95 -114.86
C GLN HD 55 6.10 -3.53 -113.47
N PRO HD 56 4.93 -2.90 -113.34
CA PRO HD 56 4.54 -2.35 -112.04
C PRO HD 56 4.35 -3.45 -111.01
N SER HD 57 4.77 -3.15 -109.79
CA SER HD 57 4.67 -4.10 -108.69
C SER HD 57 3.94 -3.41 -107.54
N ARG HD 58 3.85 -4.10 -106.41
CA ARG HD 58 3.38 -3.47 -105.20
C ARG HD 58 4.27 -2.31 -104.76
N ASN HD 59 5.52 -2.30 -105.19
CA ASN HD 59 6.43 -1.20 -104.90
C ASN HD 59 6.20 0.02 -105.78
N ARG HD 60 5.89 -0.19 -107.06
CA ARG HD 60 5.69 0.92 -107.97
C ARG HD 60 4.63 0.53 -108.99
N LYS HD 61 3.77 1.49 -109.32
CA LYS HD 61 2.67 1.27 -110.25
C LYS HD 61 3.04 1.71 -111.64
N ASN HD 62 4.29 2.13 -111.83
CA ASN HD 62 4.69 2.76 -113.07
C ASN HD 62 5.68 1.88 -113.81
N TYR HD 63 5.68 1.98 -115.13
CA TYR HD 63 6.67 1.30 -115.93
C TYR HD 63 7.97 2.09 -115.98
N LYS HD 64 9.08 1.39 -115.89
CA LYS HD 64 10.39 1.99 -116.04
C LYS HD 64 11.07 1.37 -117.25
N VAL HD 65 11.66 2.22 -118.08
CA VAL HD 65 12.49 1.78 -119.18
C VAL HD 65 13.83 2.46 -119.01
N GLN HD 66 14.86 1.67 -118.74
CA GLN HD 66 16.19 2.17 -118.44
C GLN HD 66 17.13 1.80 -119.56
N VAL HD 67 17.91 2.78 -120.00
CA VAL HD 67 18.92 2.57 -121.04
C VAL HD 67 20.20 3.23 -120.58
N LYS HD 68 21.27 2.46 -120.51
CA LYS HD 68 22.57 2.96 -120.10
C LYS HD 68 23.59 2.63 -121.18
N ILE HD 69 24.54 3.54 -121.37
CA ILE HD 69 25.59 3.38 -122.36
C ILE HD 69 26.93 3.57 -121.67
N GLN HD 70 27.87 2.69 -121.96
CA GLN HD 70 29.18 2.70 -121.33
C GLN HD 70 30.23 2.66 -122.42
N ASN HD 71 31.01 3.73 -122.52
CA ASN HD 71 32.03 3.87 -123.57
C ASN HD 71 33.35 4.24 -122.91
N PRO HD 72 34.19 3.27 -122.61
CA PRO HD 72 35.46 3.56 -121.97
C PRO HD 72 36.41 4.27 -122.93
N THR HD 73 37.56 4.65 -122.40
CA THR HD 73 38.62 5.27 -123.16
C THR HD 73 39.87 4.41 -123.04
N ALA HD 74 40.27 3.81 -124.15
CA ALA HD 74 41.42 2.95 -124.18
C ALA HD 74 42.70 3.78 -124.13
N CYS HD 75 43.63 3.37 -123.29
CA CYS HD 75 45.00 3.89 -123.33
C CYS HD 75 45.81 2.83 -124.04
N THR HD 76 46.20 3.11 -125.28
CA THR HD 76 46.89 2.10 -126.09
C THR HD 76 48.26 1.81 -125.51
N ALA HD 77 49.09 2.84 -125.36
CA ALA HD 77 50.41 2.66 -124.77
C ALA HD 77 50.34 3.20 -123.35
N ASN HD 78 50.35 2.28 -122.39
CA ASN HD 78 50.48 2.63 -120.98
C ASN HD 78 51.92 2.53 -120.52
N GLY HD 79 52.85 2.25 -121.42
CA GLY HD 79 54.15 1.78 -121.02
C GLY HD 79 54.16 0.30 -120.73
N SER HD 80 53.04 -0.37 -120.95
CA SER HD 80 52.88 -1.80 -120.69
C SER HD 80 52.35 -2.45 -121.97
N CYS HD 81 52.43 -3.77 -122.02
CA CYS HD 81 52.07 -4.52 -123.21
C CYS HD 81 50.56 -4.53 -123.48
N ASP HD 82 49.74 -4.15 -122.51
CA ASP HD 82 48.31 -4.26 -122.71
C ASP HD 82 47.65 -2.90 -122.50
N PRO HD 83 46.63 -2.59 -123.29
CA PRO HD 83 45.92 -1.32 -123.09
C PRO HD 83 45.14 -1.37 -121.79
N SER HD 84 44.75 -0.19 -121.31
CA SER HD 84 44.07 -0.07 -120.04
C SER HD 84 42.96 0.96 -120.11
N VAL HD 85 41.91 0.72 -119.33
CA VAL HD 85 40.80 1.65 -119.24
C VAL HD 85 41.30 2.94 -118.59
N THR HD 86 40.96 4.07 -119.20
CA THR HD 86 41.35 5.34 -118.62
C THR HD 86 40.14 6.09 -118.08
N ARG HD 87 39.32 6.62 -118.99
CA ARG HD 87 38.10 7.31 -118.62
C ARG HD 87 36.91 6.47 -119.04
N GLN HD 88 35.85 6.55 -118.26
CA GLN HD 88 34.66 5.76 -118.56
C GLN HD 88 33.49 6.72 -118.76
N ALA HD 89 33.00 6.80 -119.98
CA ALA HD 89 31.88 7.67 -120.31
C ALA HD 89 30.58 6.99 -119.92
N TYR HD 90 29.78 7.67 -119.13
CA TYR HD 90 28.49 7.13 -118.72
C TYR HD 90 27.34 7.91 -119.34
N ALA HD 91 26.54 7.20 -120.12
CA ALA HD 91 25.34 7.79 -120.72
C ALA HD 91 24.15 7.00 -120.20
N ASP HD 92 23.26 7.67 -119.48
CA ASP HD 92 22.13 7.01 -118.85
C ASP HD 92 20.83 7.70 -119.27
N VAL HD 93 19.83 6.89 -119.61
CA VAL HD 93 18.52 7.37 -120.02
C VAL HD 93 17.48 6.49 -119.35
N THR HD 94 16.44 7.12 -118.81
CA THR HD 94 15.36 6.40 -118.16
C THR HD 94 14.03 6.88 -118.71
N PHE HD 95 12.99 6.11 -118.42
CA PHE HD 95 11.65 6.48 -118.82
C PHE HD 95 10.66 6.02 -117.76
N SER HD 96 9.64 6.84 -117.55
CA SER HD 96 8.58 6.50 -116.63
C SER HD 96 7.27 6.63 -117.37
N PHE HD 97 6.34 5.73 -117.07
CA PHE HD 97 5.02 5.76 -117.69
C PHE HD 97 4.00 5.22 -116.71
N THR HD 98 2.75 5.57 -116.97
CA THR HD 98 1.64 5.14 -116.15
C THR HD 98 0.91 4.02 -116.87
N GLN HD 99 0.35 3.11 -116.08
CA GLN HD 99 -0.38 1.98 -116.63
C GLN HD 99 -1.37 2.39 -117.68
N TYR HD 100 -1.91 3.60 -117.61
CA TYR HD 100 -2.83 4.07 -118.63
C TYR HD 100 -2.13 4.82 -119.75
N SER HD 101 -0.80 4.88 -119.74
CA SER HD 101 -0.08 5.60 -120.78
C SER HD 101 -0.45 5.05 -122.14
N THR HD 102 -0.69 5.93 -123.11
CA THR HD 102 -1.08 5.45 -124.42
C THR HD 102 0.14 5.27 -125.31
N ASP HD 103 -0.11 4.80 -126.53
CA ASP HD 103 0.99 4.54 -127.44
C ASP HD 103 1.61 5.83 -127.95
N GLU HD 104 0.80 6.70 -128.56
CA GLU HD 104 1.36 7.86 -129.23
C GLU HD 104 2.09 8.76 -128.25
N GLU HD 105 1.54 8.92 -127.05
CA GLU HD 105 2.26 9.65 -126.01
C GLU HD 105 3.69 9.15 -125.90
N ARG HD 106 3.85 7.85 -125.70
CA ARG HD 106 5.18 7.28 -125.65
C ARG HD 106 5.93 7.56 -126.93
N ALA HD 107 5.35 7.19 -128.08
CA ALA HD 107 5.97 7.51 -129.35
C ALA HD 107 6.35 8.98 -129.44
N PHE HD 108 5.44 9.86 -129.01
CA PHE HD 108 5.76 11.28 -128.98
C PHE HD 108 7.02 11.54 -128.17
N VAL HD 109 7.18 10.86 -127.04
CA VAL HD 109 8.38 11.07 -126.24
C VAL HD 109 9.60 10.62 -127.00
N ARG HD 110 9.52 9.47 -127.67
CA ARG HD 110 10.71 8.90 -128.27
C ARG HD 110 11.34 9.86 -129.26
N THR HD 111 10.57 10.30 -130.25
CA THR HD 111 11.14 11.17 -131.28
C THR HD 111 11.70 12.44 -130.68
N GLU HD 112 10.89 13.20 -129.94
CA GLU HD 112 11.32 14.50 -129.46
C GLU HD 112 12.65 14.44 -128.74
N LEU HD 113 12.87 13.41 -127.92
CA LEU HD 113 14.16 13.29 -127.27
C LEU HD 113 15.27 13.23 -128.30
N ALA HD 114 15.10 12.43 -129.34
CA ALA HD 114 16.08 12.38 -130.41
C ALA HD 114 16.28 13.75 -131.03
N ALA HD 115 15.19 14.41 -131.43
CA ALA HD 115 15.30 15.73 -132.03
C ALA HD 115 16.14 16.66 -131.17
N LEU HD 116 15.88 16.69 -129.86
CA LEU HD 116 16.72 17.46 -128.97
C LEU HD 116 18.18 17.10 -129.13
N LEU HD 117 18.48 15.80 -129.17
CA LEU HD 117 19.87 15.41 -129.31
C LEU HD 117 20.48 15.93 -130.59
N ALA HD 118 19.68 16.15 -131.62
CA ALA HD 118 20.15 16.81 -132.82
C ALA HD 118 19.99 18.32 -132.77
N SER HD 119 19.31 18.83 -131.75
CA SER HD 119 19.10 20.27 -131.68
C SER HD 119 20.43 20.97 -131.44
N PRO HD 120 20.60 22.17 -132.00
CA PRO HD 120 21.81 22.94 -131.74
C PRO HD 120 21.95 23.33 -130.28
N LEU HD 121 20.89 23.26 -129.50
CA LEU HD 121 21.01 23.57 -128.09
C LEU HD 121 21.94 22.59 -127.39
N LEU HD 122 21.58 21.31 -127.40
CA LEU HD 122 22.30 20.35 -126.60
C LEU HD 122 23.75 20.18 -127.02
N ILE HD 123 24.06 20.36 -128.30
CA ILE HD 123 25.41 20.08 -128.75
C ILE HD 123 26.43 20.89 -127.98
N ASP HD 124 26.21 22.19 -127.83
CA ASP HD 124 27.07 22.98 -126.96
C ASP HD 124 27.00 22.52 -125.53
N ALA HD 125 25.80 22.25 -125.04
CA ALA HD 125 25.65 21.65 -123.73
C ALA HD 125 26.43 20.36 -123.58
N ILE HD 126 26.30 19.44 -124.52
CA ILE HD 126 27.03 18.18 -124.48
C ILE HD 126 28.49 18.37 -124.88
N ASP HD 127 28.74 18.72 -126.13
CA ASP HD 127 30.10 18.73 -126.64
C ASP HD 127 30.98 19.72 -125.90
N GLN HD 128 30.57 20.97 -125.84
CA GLN HD 128 31.38 22.01 -125.24
C GLN HD 128 31.05 22.26 -123.78
N LEU HD 129 30.16 21.48 -123.19
CA LEU HD 129 29.82 21.60 -121.77
C LEU HD 129 29.40 23.03 -121.44
N ASN HD 130 28.30 23.45 -122.04
CA ASN HD 130 27.93 24.82 -121.83
C ASN HD 130 26.49 24.90 -121.33
N PRO HD 131 26.23 25.78 -120.40
CA PRO HD 131 24.85 26.04 -120.00
C PRO HD 131 24.10 26.78 -121.09
N ALA HD 132 22.93 27.28 -120.75
CA ALA HD 132 21.90 27.67 -121.72
C ALA HD 132 22.13 29.04 -122.33
N TYR HD 133 23.25 29.68 -122.02
CA TYR HD 133 23.48 31.02 -122.51
C TYR HD 133 24.42 30.99 -123.71
N ALA ID 2 28.21 89.21 87.65
CA ALA ID 2 29.01 88.91 88.84
C ALA ID 2 28.58 87.59 89.44
N LYS ID 3 29.10 87.31 90.63
CA LYS ID 3 28.84 86.07 91.33
C LYS ID 3 27.36 85.93 91.68
N LEU ID 4 26.86 84.72 91.54
CA LEU ID 4 25.55 84.38 92.09
C LEU ID 4 25.57 84.69 93.57
N GLU ID 5 24.57 85.41 94.03
CA GLU ID 5 24.48 85.76 95.44
C GLU ID 5 23.03 85.71 95.88
N THR ID 6 22.83 85.94 97.16
CA THR ID 6 21.48 86.16 97.68
C THR ID 6 21.00 87.46 97.06
N VAL ID 7 19.85 87.41 96.42
CA VAL ID 7 19.31 88.61 95.79
C VAL ID 7 18.06 89.02 96.54
N THR ID 8 18.15 90.12 97.28
CA THR ID 8 17.01 90.67 97.99
C THR ID 8 16.27 91.59 97.03
N LEU ID 9 14.95 91.58 97.12
CA LEU ID 9 14.11 92.44 96.31
C LEU ID 9 13.07 93.10 97.18
N GLY ID 10 13.05 94.44 97.15
CA GLY ID 10 12.03 95.21 97.81
C GLY ID 10 11.02 95.72 96.80
N ASN ID 11 9.95 96.29 97.32
CA ASN ID 11 8.94 96.94 96.50
C ASN ID 11 8.37 95.97 95.47
N ILE ID 12 7.61 95.00 95.97
CA ILE ID 12 7.12 93.90 95.17
C ILE ID 12 5.61 93.85 95.34
N GLY ID 13 4.91 93.37 94.31
CA GLY ID 13 3.48 93.20 94.36
C GLY ID 13 2.76 94.53 94.28
N LYS ID 14 1.45 94.42 94.10
CA LYS ID 14 0.61 95.61 94.02
C LYS ID 14 0.84 96.53 95.20
N ASP ID 15 1.06 95.95 96.38
CA ASP ID 15 1.39 96.75 97.55
C ASP ID 15 2.73 97.46 97.37
N GLY ID 16 3.76 96.74 96.97
CA GLY ID 16 5.09 97.29 97.00
C GLY ID 16 5.74 97.18 98.36
N LYS ID 17 5.03 96.60 99.34
CA LYS ID 17 5.66 96.30 100.61
C LYS ID 17 6.19 94.88 100.62
N GLN ID 18 5.88 94.10 99.59
CA GLN ID 18 6.36 92.73 99.47
C GLN ID 18 7.86 92.74 99.22
N THR ID 19 8.54 91.79 99.84
CA THR ID 19 9.96 91.60 99.65
C THR ID 19 10.26 90.14 99.35
N LEU ID 20 11.36 89.90 98.66
CA LEU ID 20 11.72 88.55 98.27
C LEU ID 20 13.23 88.41 98.24
N VAL ID 21 13.72 87.26 98.68
CA VAL ID 21 15.12 86.93 98.59
C VAL ID 21 15.25 85.71 97.69
N LEU ID 22 16.39 85.60 97.03
CA LEU ID 22 16.64 84.51 96.09
C LEU ID 22 18.01 83.92 96.38
N ASN ID 23 18.04 82.67 96.69
CA ASN ID 23 19.37 82.12 96.88
C ASN ID 23 19.91 81.56 95.57
N PRO ID 24 21.21 81.62 95.38
CA PRO ID 24 21.81 80.96 94.22
C PRO ID 24 21.57 79.46 94.27
N ARG ID 25 21.05 78.94 93.17
CA ARG ID 25 20.75 77.53 93.06
C ARG ID 25 21.83 76.76 92.33
N GLY ID 26 22.91 77.41 91.94
CA GLY ID 26 23.88 76.79 91.08
C GLY ID 26 23.52 76.98 89.62
N VAL ID 27 24.29 76.33 88.75
CA VAL ID 27 24.13 76.47 87.31
C VAL ID 27 24.09 75.10 86.68
N ASN ID 28 23.05 74.85 85.88
CA ASN ID 28 23.07 73.64 85.10
C ASN ID 28 24.08 73.79 83.97
N PRO ID 29 25.16 73.02 83.97
CA PRO ID 29 26.17 73.17 82.93
C PRO ID 29 25.71 72.71 81.57
N THR ID 30 24.80 71.75 81.50
CA THR ID 30 24.36 71.23 80.22
C THR ID 30 23.83 72.34 79.33
N ASN ID 31 22.67 72.88 79.67
CA ASN ID 31 22.14 74.04 78.97
C ASN ID 31 22.93 75.30 79.29
N GLY ID 32 23.81 75.27 80.28
CA GLY ID 32 24.53 76.45 80.67
C GLY ID 32 23.61 77.54 81.19
N VAL ID 33 22.79 77.23 82.18
CA VAL ID 33 21.78 78.15 82.68
C VAL ID 33 21.88 78.20 84.20
N ALA ID 34 21.97 79.42 84.73
CA ALA ID 34 21.94 79.63 86.15
C ALA ID 34 20.53 79.49 86.70
N SER ID 35 20.43 79.29 88.01
CA SER ID 35 19.14 79.15 88.66
C SER ID 35 19.17 79.89 89.99
N LEU ID 36 18.05 80.52 90.31
CA LEU ID 36 17.90 81.22 91.58
C LEU ID 36 16.56 80.82 92.18
N SER ID 37 16.47 80.83 93.50
CA SER ID 37 15.22 80.47 94.11
C SER ID 37 15.05 81.16 95.45
N GLN ID 38 13.78 81.43 95.77
CA GLN ID 38 13.39 81.68 97.14
C GLN ID 38 13.69 80.45 97.97
N ALA ID 39 14.01 80.67 99.25
CA ALA ID 39 14.15 79.56 100.17
C ALA ID 39 12.80 79.35 100.87
N GLY ID 40 12.13 78.28 100.44
CA GLY ID 40 10.89 77.86 101.04
C GLY ID 40 11.06 76.56 101.79
N ALA ID 41 9.94 75.85 101.91
CA ALA ID 41 9.99 74.49 102.41
C ALA ID 41 10.21 73.50 101.29
N VAL ID 42 9.25 73.39 100.39
CA VAL ID 42 9.31 72.42 99.31
C VAL ID 42 9.85 73.08 98.05
N PRO ID 43 10.97 72.62 97.51
CA PRO ID 43 11.50 73.20 96.27
C PRO ID 43 10.47 73.28 95.16
N ALA ID 44 9.66 72.25 94.97
CA ALA ID 44 8.56 72.30 94.02
C ALA ID 44 7.69 73.52 94.24
N LEU ID 45 7.46 73.90 95.49
CA LEU ID 45 6.68 75.10 95.79
C LEU ID 45 7.51 76.36 95.64
N GLU ID 46 8.82 76.27 95.82
CA GLU ID 46 9.65 77.46 95.91
C GLU ID 46 9.73 78.18 94.57
N LYS ID 47 9.74 79.50 94.62
CA LYS ID 47 9.78 80.33 93.43
C LYS ID 47 11.10 80.08 92.74
N ARG ID 48 11.11 80.12 91.42
CA ARG ID 48 12.32 79.89 90.67
C ARG ID 48 12.61 81.05 89.73
N VAL ID 49 13.89 81.34 89.53
CA VAL ID 49 14.33 82.38 88.62
C VAL ID 49 15.49 81.81 87.82
N THR ID 50 15.42 81.92 86.50
CA THR ID 50 16.41 81.35 85.62
C THR ID 50 16.94 82.43 84.68
N VAL ID 51 18.25 82.50 84.55
CA VAL ID 51 18.89 83.40 83.61
C VAL ID 51 19.90 82.61 82.80
N SER ID 52 20.16 83.09 81.60
CA SER ID 52 21.11 82.44 80.73
C SER ID 52 21.68 83.45 79.75
N VAL ID 53 22.91 83.19 79.33
CA VAL ID 53 23.52 83.95 78.26
C VAL ID 53 23.67 82.99 77.08
N SER ID 54 24.25 83.47 76.00
CA SER ID 54 24.49 82.65 74.83
C SER ID 54 25.61 83.26 74.04
N GLN ID 55 26.15 82.49 73.11
CA GLN ID 55 27.18 83.02 72.25
C GLN ID 55 26.93 82.56 70.82
N PRO ID 56 27.22 83.41 69.85
CA PRO ID 56 26.87 83.07 68.46
C PRO ID 56 27.64 81.86 67.97
N SER ID 57 26.94 81.03 67.21
CA SER ID 57 27.51 79.82 66.67
C SER ID 57 27.31 79.82 65.16
N ARG ID 58 27.69 78.72 64.52
CA ARG ID 58 27.35 78.52 63.12
C ARG ID 58 25.85 78.49 62.89
N ASN ID 59 25.06 78.17 63.91
CA ASN ID 59 23.62 78.20 63.82
C ASN ID 59 23.02 79.59 63.92
N ARG ID 60 23.59 80.45 64.76
CA ARG ID 60 23.07 81.79 64.93
C ARG ID 60 24.21 82.73 65.23
N LYS ID 61 24.15 83.93 64.64
CA LYS ID 61 25.19 84.93 64.79
C LYS ID 61 24.84 85.93 65.88
N ASN ID 62 23.74 85.69 66.57
CA ASN ID 62 23.22 86.67 67.50
C ASN ID 62 23.32 86.15 68.92
N TYR ID 63 23.45 87.08 69.86
CA TYR ID 63 23.42 86.71 71.27
C TYR ID 63 22.00 86.58 71.75
N LYS ID 64 21.74 85.58 72.57
CA LYS ID 64 20.46 85.39 73.22
C LYS ID 64 20.65 85.49 74.72
N VAL ID 65 19.78 86.25 75.36
CA VAL ID 65 19.73 86.31 76.81
C VAL ID 65 18.31 85.94 77.21
N GLN ID 66 18.16 84.81 77.88
CA GLN ID 66 16.86 84.26 78.23
C GLN ID 66 16.68 84.31 79.73
N VAL ID 67 15.52 84.79 80.16
CA VAL ID 67 15.17 84.86 81.57
C VAL ID 67 13.76 84.34 81.73
N LYS ID 68 13.60 83.32 82.55
CA LYS ID 68 12.30 82.72 82.81
C LYS ID 68 12.04 82.74 84.30
N ILE ID 69 10.78 82.94 84.67
CA ILE ID 69 10.36 82.97 86.06
C ILE ID 69 9.22 82.00 86.24
N GLN ID 70 9.28 81.21 87.30
CA GLN ID 70 8.29 80.17 87.57
C GLN ID 70 7.79 80.35 88.99
N ASN ID 71 6.51 80.66 89.13
CA ASN ID 71 5.91 80.94 90.44
C ASN ID 71 4.65 80.09 90.57
N PRO ID 72 4.75 78.92 91.17
CA PRO ID 72 3.58 78.06 91.32
C PRO ID 72 2.59 78.64 92.31
N THR ID 73 1.47 77.95 92.44
CA THR ID 73 0.43 78.31 93.39
C THR ID 73 0.20 77.13 94.31
N ALA ID 74 0.55 77.30 95.58
CA ALA ID 74 0.42 76.25 96.56
C ALA ID 74 -1.04 76.10 96.95
N CYS ID 75 -1.50 74.86 97.01
CA CYS ID 75 -2.78 74.53 97.63
C CYS ID 75 -2.43 73.97 99.00
N THR ID 76 -2.69 74.76 100.04
CA THR ID 76 -2.30 74.37 101.38
C THR ID 76 -3.08 73.14 101.83
N ALA ID 77 -4.40 73.26 101.85
CA ALA ID 77 -5.26 72.13 102.21
C ALA ID 77 -5.83 71.55 100.92
N ASN ID 78 -5.32 70.39 100.55
CA ASN ID 78 -5.89 69.62 99.45
C ASN ID 78 -6.86 68.55 99.96
N GLY ID 79 -7.13 68.53 101.27
CA GLY ID 79 -7.71 67.36 101.88
C GLY ID 79 -6.68 66.30 102.19
N SER ID 80 -5.41 66.60 101.95
CA SER ID 80 -4.31 65.68 102.18
C SER ID 80 -3.28 66.38 103.05
N CYS ID 81 -2.36 65.59 103.60
CA CYS ID 81 -1.38 66.11 104.54
C CYS ID 81 -0.33 67.00 103.90
N ASP ID 82 -0.21 66.99 102.58
CA ASP ID 82 0.85 67.75 101.94
C ASP ID 82 0.26 68.73 100.93
N PRO ID 83 0.84 69.93 100.83
CA PRO ID 83 0.37 70.87 99.82
C PRO ID 83 0.70 70.37 98.43
N SER ID 84 0.03 70.95 97.44
CA SER ID 84 0.20 70.52 96.07
C SER ID 84 0.18 71.70 95.12
N VAL ID 85 0.93 71.56 94.03
CA VAL ID 85 0.99 72.59 92.99
C VAL ID 85 -0.39 72.68 92.35
N THR ID 86 -0.89 73.90 92.21
CA THR ID 86 -2.17 74.08 91.54
C THR ID 86 -2.00 74.76 90.19
N ARG ID 87 -1.69 76.05 90.21
CA ARG ID 87 -1.44 76.80 89.01
C ARG ID 87 0.03 77.16 88.94
N GLN ID 88 0.55 77.22 87.72
CA GLN ID 88 1.97 77.52 87.54
C GLN ID 88 2.08 78.77 86.69
N ALA ID 89 2.55 79.85 87.30
CA ALA ID 89 2.71 81.12 86.59
C ALA ID 89 4.01 81.08 85.80
N TYR ID 90 3.93 81.37 84.51
CA TYR ID 90 5.10 81.40 83.67
C TYR ID 90 5.40 82.82 83.21
N ALA ID 91 6.57 83.30 83.57
CA ALA ID 91 7.04 84.61 83.13
C ALA ID 91 8.33 84.39 82.36
N ASP ID 92 8.31 84.73 81.08
CA ASP ID 92 9.44 84.50 80.19
C ASP ID 92 9.87 85.80 79.53
N VAL ID 93 11.18 86.02 79.50
CA VAL ID 93 11.77 87.20 78.88
C VAL ID 93 13.00 86.75 78.11
N THR ID 94 13.14 87.27 76.89
CA THR ID 94 14.28 86.96 76.05
C THR ID 94 14.90 88.24 75.52
N PHE ID 95 16.11 88.11 75.00
CA PHE ID 95 16.81 89.23 74.40
C PHE ID 95 17.62 88.75 73.22
N SER ID 96 17.66 89.58 72.19
CA SER ID 96 18.48 89.31 71.02
C SER ID 96 19.38 90.49 70.78
N PHE ID 97 20.61 90.22 70.34
CA PHE ID 97 21.55 91.27 70.05
C PHE ID 97 22.47 90.82 68.94
N THR ID 98 23.10 91.79 68.29
CA THR ID 98 24.01 91.54 67.20
C THR ID 98 25.44 91.70 67.71
N GLN ID 99 26.34 90.93 67.13
CA GLN ID 99 27.73 90.97 67.53
C GLN ID 99 28.27 92.38 67.60
N TYR ID 100 27.73 93.30 66.82
CA TYR ID 100 28.16 94.69 66.88
C TYR ID 100 27.33 95.52 67.85
N SER ID 101 26.40 94.90 68.57
CA SER ID 101 25.56 95.65 69.50
C SER ID 101 26.44 96.39 70.49
N THR ID 102 26.11 97.65 70.77
CA THR ID 102 26.93 98.42 71.69
C THR ID 102 26.40 98.30 73.10
N ASP ID 103 27.10 98.93 74.03
CA ASP ID 103 26.71 98.85 75.42
C ASP ID 103 25.43 99.64 75.69
N GLU ID 104 25.44 100.93 75.38
CA GLU ID 104 24.33 101.77 75.78
C GLU ID 104 23.03 101.32 75.15
N GLU ID 105 23.07 100.89 73.89
CA GLU ID 105 21.91 100.30 73.27
C GLU ID 105 21.31 99.24 74.17
N ARG ID 106 22.11 98.27 74.59
CA ARG ID 106 21.63 97.27 75.51
C ARG ID 106 21.13 97.90 76.79
N ALA ID 107 21.97 98.71 77.43
CA ALA ID 107 21.53 99.42 78.62
C ALA ID 107 20.22 100.15 78.38
N PHE ID 108 20.12 100.83 77.24
CA PHE ID 108 18.87 101.49 76.89
C PHE ID 108 17.71 100.52 76.92
N VAL ID 109 17.91 99.30 76.41
CA VAL ID 109 16.84 98.32 76.42
C VAL ID 109 16.47 97.95 77.84
N ARG ID 110 17.47 97.75 78.69
CA ARG ID 110 17.20 97.24 80.02
C ARG ID 110 16.23 98.15 80.77
N THR ID 111 16.59 99.42 80.92
CA THR ID 111 15.74 100.32 81.69
C THR ID 111 14.34 100.41 81.12
N GLU ID 112 14.21 100.76 79.84
CA GLU ID 112 12.90 101.01 79.26
C GLU ID 112 11.94 99.86 79.50
N LEU ID 113 12.41 98.63 79.39
CA LEU ID 113 11.54 97.50 79.68
C LEU ID 113 11.01 97.60 81.10
N ALA ID 114 11.88 97.89 82.06
CA ALA ID 114 11.43 98.08 83.43
C ALA ID 114 10.40 99.20 83.51
N ALA ID 115 10.71 100.36 82.95
CA ALA ID 115 9.77 101.47 83.00
C ALA ID 115 8.39 101.05 82.50
N LEU ID 116 8.34 100.34 81.38
CA LEU ID 116 7.06 99.81 80.91
C LEU ID 116 6.38 99.00 82.00
N LEU ID 117 7.12 98.12 82.66
CA LEU ID 117 6.52 97.30 83.69
C LEU ID 117 5.94 98.15 84.80
N ALA ID 118 6.48 99.34 85.03
CA ALA ID 118 5.89 100.28 85.96
C ALA ID 118 4.89 101.21 85.30
N SER ID 119 4.81 101.18 83.97
CA SER ID 119 3.88 102.07 83.28
C SER ID 119 2.44 101.68 83.60
N PRO ID 120 1.55 102.68 83.71
CA PRO ID 120 0.13 102.37 83.91
C PRO ID 120 -0.48 101.57 82.79
N LEU ID 121 0.16 101.54 81.62
CA LEU ID 121 -0.38 100.75 80.53
C LEU ID 121 -0.40 99.27 80.89
N LEU ID 122 0.77 98.70 81.16
CA LEU ID 122 0.87 97.26 81.31
C LEU ID 122 0.09 96.74 82.50
N ILE ID 123 -0.03 97.52 83.57
CA ILE ID 123 -0.65 97.00 84.77
C ILE ID 123 -2.05 96.49 84.48
N ASP ID 124 -2.88 97.25 83.79
CA ASP ID 124 -4.17 96.75 83.36
C ASP ID 124 -4.03 95.57 82.42
N ALA ID 125 -3.10 95.66 81.47
CA ALA ID 125 -2.77 94.54 80.62
C ALA ID 125 -2.38 93.31 81.41
N ILE ID 126 -1.47 93.45 82.37
CA ILE ID 126 -1.05 92.33 83.20
C ILE ID 126 -2.09 92.00 84.25
N ASP ID 127 -2.31 92.90 85.20
CA ASP ID 127 -3.13 92.57 86.34
C ASP ID 127 -4.56 92.25 85.95
N GLN ID 128 -5.21 93.14 85.23
CA GLN ID 128 -6.61 92.97 84.87
C GLN ID 128 -6.81 92.32 83.51
N LEU ID 129 -5.74 91.90 82.85
CA LEU ID 129 -5.83 91.23 81.55
C LEU ID 129 -6.64 92.06 80.57
N ASN ID 130 -6.12 93.22 80.25
CA ASN ID 130 -6.91 94.06 79.37
C ASN ID 130 -6.10 94.48 78.17
N PRO ID 131 -6.71 94.52 77.02
CA PRO ID 131 -6.04 95.08 75.84
C PRO ID 131 -5.90 96.58 75.96
N ALA ID 132 -5.55 97.23 74.86
CA ALA ID 132 -4.99 98.57 74.85
C ALA ID 132 -6.04 99.66 74.96
N TYR ID 133 -7.31 99.29 75.14
CA TYR ID 133 -8.36 100.28 75.17
C TYR ID 133 -8.76 100.60 76.59
N ALA JD 2 25.86 -19.17 -127.55
CA ALA JD 2 24.72 -19.23 -128.46
C ALA JD 2 23.52 -19.83 -127.77
N LYS JD 3 22.49 -20.13 -128.55
CA LYS JD 3 21.24 -20.66 -128.04
C LYS JD 3 21.44 -22.03 -127.41
N LEU JD 4 20.74 -22.25 -126.31
CA LEU JD 4 20.62 -23.58 -125.74
C LEU JD 4 20.06 -24.50 -126.81
N GLU JD 5 20.71 -25.63 -127.03
CA GLU JD 5 20.26 -26.57 -128.02
C GLU JD 5 20.46 -27.99 -127.52
N THR JD 6 20.02 -28.95 -128.31
CA THR JD 6 20.36 -30.34 -128.06
C THR JD 6 21.85 -30.45 -128.27
N VAL JD 7 22.55 -30.96 -127.27
CA VAL JD 7 24.00 -31.09 -127.39
C VAL JD 7 24.33 -32.58 -127.45
N THR JD 8 24.75 -33.04 -128.61
CA THR JD 8 25.17 -34.42 -128.80
C THR JD 8 26.65 -34.51 -128.44
N LEU JD 9 27.04 -35.61 -127.81
CA LEU JD 9 28.42 -35.84 -127.45
C LEU JD 9 28.82 -37.24 -127.85
N GLY JD 10 29.87 -37.33 -128.66
CA GLY JD 10 30.45 -38.61 -129.02
C GLY JD 10 31.72 -38.83 -128.22
N ASN JD 11 32.25 -40.05 -128.35
CA ASN JD 11 33.54 -40.40 -127.76
C ASN JD 11 33.53 -40.15 -126.25
N ILE JD 12 32.76 -40.98 -125.55
CA ILE JD 12 32.52 -40.80 -124.13
C ILE JD 12 32.89 -42.09 -123.43
N GLY JD 13 33.30 -41.97 -122.17
CA GLY JD 13 33.63 -43.13 -121.36
C GLY JD 13 34.94 -43.75 -121.79
N LYS JD 14 35.40 -44.68 -120.94
CA LYS JD 14 36.64 -45.39 -121.22
C LYS JD 14 36.63 -46.00 -122.60
N ASP JD 15 35.48 -46.48 -123.04
CA ASP JD 15 35.36 -46.99 -124.40
C ASP JD 15 35.55 -45.89 -125.42
N GLY JD 16 34.85 -44.77 -125.25
CA GLY JD 16 34.83 -43.78 -126.31
C GLY JD 16 33.79 -44.09 -127.36
N LYS JD 17 33.05 -45.19 -127.21
CA LYS JD 17 31.92 -45.44 -128.08
C LYS JD 17 30.64 -44.91 -127.46
N GLN JD 18 30.70 -44.47 -126.21
CA GLN JD 18 29.55 -43.91 -125.53
C GLN JD 18 29.18 -42.58 -126.14
N THR JD 19 27.88 -42.33 -126.26
CA THR JD 19 27.36 -41.08 -126.76
C THR JD 19 26.31 -40.55 -125.81
N LEU JD 20 26.12 -39.24 -125.82
CA LEU JD 20 25.17 -38.61 -124.92
C LEU JD 20 24.57 -37.39 -125.58
N VAL JD 21 23.27 -37.18 -125.38
CA VAL JD 21 22.60 -35.98 -125.82
C VAL JD 21 22.10 -35.24 -124.59
N LEU JD 22 21.99 -33.92 -124.72
CA LEU JD 22 21.57 -33.07 -123.62
C LEU JD 22 20.50 -32.11 -124.11
N ASN JD 23 19.36 -32.18 -123.52
CA ASN JD 23 18.38 -31.21 -123.96
C ASN JD 23 18.48 -29.94 -123.12
N PRO JD 24 18.18 -28.79 -123.72
CA PRO JD 24 18.10 -27.58 -122.93
C PRO JD 24 17.00 -27.67 -121.90
N ARG JD 25 17.36 -27.38 -120.65
CA ARG JD 25 16.43 -27.43 -119.54
C ARG JD 25 15.86 -26.08 -119.19
N GLY JD 26 16.21 -25.03 -119.91
CA GLY JD 26 15.87 -23.69 -119.52
C GLY JD 26 16.93 -23.11 -118.59
N VAL JD 27 16.64 -21.93 -118.07
CA VAL JD 27 17.58 -21.19 -117.25
C VAL JD 27 16.88 -20.74 -115.98
N ASN JD 28 17.45 -21.05 -114.84
CA ASN JD 28 16.94 -20.47 -113.62
C ASN JD 28 17.32 -19.00 -113.56
N PRO JD 29 16.36 -18.08 -113.63
CA PRO JD 29 16.71 -16.65 -113.64
C PRO JD 29 17.24 -16.16 -112.31
N THR JD 30 16.83 -16.77 -111.21
CA THR JD 30 17.27 -16.29 -109.90
C THR JD 30 18.79 -16.26 -109.81
N ASN JD 31 19.41 -17.44 -109.76
CA ASN JD 31 20.86 -17.51 -109.82
C ASN JD 31 21.39 -17.18 -111.19
N GLY JD 32 20.54 -17.09 -112.21
CA GLY JD 32 21.00 -16.85 -113.55
C GLY JD 32 21.87 -17.97 -114.07
N VAL JD 33 21.37 -19.20 -114.03
CA VAL JD 33 22.16 -20.37 -114.39
C VAL JD 33 21.35 -21.22 -115.36
N ALA JD 34 21.97 -21.57 -116.48
CA ALA JD 34 21.37 -22.48 -117.44
C ALA JD 34 21.45 -23.91 -116.95
N SER JD 35 20.62 -24.76 -117.54
CA SER JD 35 20.60 -26.16 -117.17
C SER JD 35 20.43 -27.01 -118.42
N LEU JD 36 21.13 -28.14 -118.45
CA LEU JD 36 21.03 -29.09 -119.54
C LEU JD 36 20.85 -30.48 -118.96
N SER JD 37 20.18 -31.34 -119.71
CA SER JD 37 19.98 -32.69 -119.18
C SER JD 37 19.86 -33.69 -120.32
N GLN JD 38 20.33 -34.90 -120.03
CA GLN JD 38 19.91 -36.06 -120.78
C GLN JD 38 18.41 -36.23 -120.65
N ALA JD 39 17.78 -36.77 -121.71
CA ALA JD 39 16.38 -37.13 -121.61
C ALA JD 39 16.29 -38.59 -121.20
N GLY JD 40 15.93 -38.78 -119.93
CA GLY JD 40 15.69 -40.09 -119.39
C GLY JD 40 14.23 -40.32 -119.08
N ALA JD 41 14.00 -41.22 -118.14
CA ALA JD 41 12.65 -41.38 -117.59
C ALA JD 41 12.43 -40.43 -116.43
N VAL JD 42 13.15 -40.65 -115.35
CA VAL JD 42 12.95 -39.87 -114.13
C VAL JD 42 13.96 -38.74 -114.09
N PRO JD 43 13.52 -37.48 -114.06
CA PRO JD 43 14.47 -36.36 -113.97
C PRO JD 43 15.47 -36.50 -112.85
N ALA JD 44 15.04 -36.95 -111.67
CA ALA JD 44 15.96 -37.24 -110.58
C ALA JD 44 17.08 -38.17 -111.04
N LEU JD 45 16.79 -39.14 -111.89
CA LEU JD 45 17.80 -40.03 -112.42
C LEU JD 45 18.58 -39.38 -113.55
N GLU JD 46 17.98 -38.45 -114.28
CA GLU JD 46 18.57 -37.94 -115.49
C GLU JD 46 19.82 -37.13 -115.20
N LYS JD 47 20.80 -37.25 -116.08
CA LYS JD 47 22.08 -36.56 -115.93
C LYS JD 47 21.81 -35.07 -116.04
N ARG JD 48 22.55 -34.28 -115.29
CA ARG JD 48 22.37 -32.84 -115.33
C ARG JD 48 23.68 -32.14 -115.65
N VAL JD 49 23.58 -31.03 -116.37
CA VAL JD 49 24.72 -30.20 -116.72
C VAL JD 49 24.33 -28.75 -116.50
N THR JD 50 25.14 -28.02 -115.75
CA THR JD 50 24.85 -26.65 -115.38
C THR JD 50 26.01 -25.76 -115.78
N VAL JD 51 25.69 -24.64 -116.42
CA VAL JD 51 26.69 -23.65 -116.76
C VAL JD 51 26.17 -22.29 -116.32
N SER JD 52 27.11 -21.39 -116.04
CA SER JD 52 26.74 -20.06 -115.61
C SER JD 52 27.86 -19.10 -115.97
N VAL JD 53 27.48 -17.85 -116.18
CA VAL JD 53 28.43 -16.77 -116.34
C VAL JD 53 28.28 -15.87 -115.14
N SER JD 54 29.04 -14.79 -115.10
CA SER JD 54 28.96 -13.83 -114.01
C SER JD 54 29.48 -12.51 -114.52
N GLN JD 55 29.20 -11.46 -113.77
CA GLN JD 55 29.72 -10.16 -114.12
C GLN JD 55 30.23 -9.46 -112.86
N PRO JD 56 31.31 -8.70 -112.98
CA PRO JD 56 31.92 -8.11 -111.78
C PRO JD 56 30.98 -7.12 -111.12
N SER JD 57 30.99 -7.14 -109.79
CA SER JD 57 30.15 -6.25 -109.01
C SER JD 57 31.04 -5.51 -108.03
N ARG JD 58 30.41 -4.73 -107.15
CA ARG JD 58 31.12 -4.14 -106.03
C ARG JD 58 31.73 -5.18 -105.11
N ASN JD 59 31.18 -6.40 -105.11
CA ASN JD 59 31.75 -7.50 -104.33
C ASN JD 59 32.97 -8.13 -104.97
N ARG JD 60 32.99 -8.27 -106.29
CA ARG JD 60 34.10 -8.89 -106.97
C ARG JD 60 34.29 -8.23 -108.32
N LYS JD 61 35.55 -8.03 -108.70
CA LYS JD 61 35.90 -7.37 -109.94
C LYS JD 61 36.19 -8.39 -111.03
N ASN JD 62 36.01 -9.65 -110.73
CA ASN JD 62 36.45 -10.71 -111.62
C ASN JD 62 35.24 -11.45 -112.18
N TYR JD 63 35.41 -11.99 -113.37
CA TYR JD 63 34.37 -12.83 -113.95
C TYR JD 63 34.50 -14.25 -113.43
N LYS JD 64 33.36 -14.86 -113.15
CA LYS JD 64 33.29 -16.25 -112.74
C LYS JD 64 32.49 -17.02 -113.78
N VAL JD 65 33.03 -18.17 -114.20
CA VAL JD 65 32.32 -19.09 -115.05
C VAL JD 65 32.29 -20.42 -114.32
N GLN JD 66 31.10 -20.85 -113.93
CA GLN JD 66 30.93 -22.05 -113.12
C GLN JD 66 30.23 -23.11 -113.95
N VAL JD 67 30.76 -24.32 -113.91
CA VAL JD 67 30.17 -25.46 -114.60
C VAL JD 67 30.15 -26.63 -113.64
N LYS JD 68 28.96 -27.18 -113.39
CA LYS JD 68 28.80 -28.32 -112.51
C LYS JD 68 28.10 -29.43 -113.26
N ILE JD 69 28.47 -30.67 -112.94
CA ILE JD 69 27.90 -31.85 -113.57
C ILE JD 69 27.44 -32.78 -112.47
N GLN JD 70 26.23 -33.31 -112.63
CA GLN JD 70 25.61 -34.17 -111.64
C GLN JD 70 25.14 -35.44 -112.32
N ASN JD 71 25.74 -36.57 -111.95
CA ASN JD 71 25.46 -37.87 -112.57
C ASN JD 71 25.15 -38.87 -111.48
N PRO JD 72 23.89 -39.06 -111.14
CA PRO JD 72 23.54 -40.01 -110.09
C PRO JD 72 23.78 -41.44 -110.54
N THR JD 73 23.57 -42.35 -109.60
CA THR JD 73 23.68 -43.77 -109.85
C THR JD 73 22.35 -44.42 -109.53
N ALA JD 74 21.68 -44.92 -110.56
CA ALA JD 74 20.38 -45.55 -110.40
C ALA JD 74 20.54 -46.93 -109.78
N CYS JD 75 19.70 -47.22 -108.80
CA CYS JD 75 19.55 -48.59 -108.31
C CYS JD 75 18.26 -49.10 -108.93
N THR JD 76 18.40 -50.00 -109.91
CA THR JD 76 17.24 -50.47 -110.65
C THR JD 76 16.32 -51.27 -109.74
N ALA JD 77 16.84 -52.33 -109.13
CA ALA JD 77 16.06 -53.14 -108.21
C ALA JD 77 16.49 -52.76 -106.80
N ASN JD 78 15.62 -52.04 -106.10
CA ASN JD 78 15.82 -51.77 -104.68
C ASN JD 78 15.04 -52.75 -103.83
N GLY JD 79 14.42 -53.76 -104.44
CA GLY JD 79 13.38 -54.50 -103.76
C GLY JD 79 12.05 -53.80 -103.79
N SER JD 80 11.98 -52.66 -104.49
CA SER JD 80 10.77 -51.86 -104.61
C SER JD 80 10.50 -51.63 -106.08
N CYS JD 81 9.29 -51.16 -106.38
CA CYS JD 81 8.85 -51.01 -107.75
C CYS JD 81 9.53 -49.85 -108.48
N ASP JD 82 10.19 -48.95 -107.76
CA ASP JD 82 10.77 -47.79 -108.41
C ASP JD 82 12.27 -47.72 -108.14
N PRO JD 83 13.05 -47.30 -109.12
CA PRO JD 83 14.49 -47.14 -108.89
C PRO JD 83 14.74 -45.99 -107.93
N SER JD 84 15.94 -45.96 -107.37
CA SER JD 84 16.29 -44.96 -106.38
C SER JD 84 17.73 -44.49 -106.57
N VAL JD 85 17.95 -43.24 -106.23
CA VAL JD 85 19.28 -42.65 -106.30
C VAL JD 85 20.15 -43.35 -105.28
N THR JD 86 21.35 -43.76 -105.70
CA THR JD 86 22.28 -44.39 -104.77
C THR JD 86 23.47 -43.48 -104.50
N ARG JD 87 24.35 -43.35 -105.49
CA ARG JD 87 25.51 -42.48 -105.38
C ARG JD 87 25.33 -41.30 -106.32
N GLN JD 88 25.85 -40.15 -105.91
CA GLN JD 88 25.69 -38.94 -106.71
C GLN JD 88 27.09 -38.45 -107.06
N ALA JD 89 27.44 -38.53 -108.34
CA ALA JD 89 28.75 -38.08 -108.81
C ALA JD 89 28.71 -36.56 -108.99
N TYR JD 90 29.66 -35.88 -108.37
CA TYR JD 90 29.74 -34.43 -108.51
C TYR JD 90 30.98 -34.03 -109.27
N ALA JD 91 30.76 -33.35 -110.40
CA ALA JD 91 31.85 -32.83 -111.19
C ALA JD 91 31.67 -31.32 -111.26
N ASP JD 92 32.64 -30.58 -110.73
CA ASP JD 92 32.54 -29.13 -110.63
C ASP JD 92 33.76 -28.50 -111.28
N VAL JD 93 33.52 -27.46 -112.08
CA VAL JD 93 34.55 -26.71 -112.77
C VAL JD 93 34.22 -25.23 -112.65
N THR JD 94 35.22 -24.43 -112.34
CA THR JD 94 35.06 -22.99 -112.24
C THR JD 94 36.13 -22.28 -113.06
N PHE JD 95 35.90 -20.99 -113.28
CA PHE JD 95 36.85 -20.17 -114.00
C PHE JD 95 36.85 -18.77 -113.41
N SER JD 96 38.02 -18.18 -113.36
CA SER JD 96 38.17 -16.81 -112.91
C SER JD 96 38.91 -16.03 -113.99
N PHE JD 97 38.53 -14.78 -114.18
CA PHE JD 97 39.18 -13.93 -115.16
C PHE JD 97 39.13 -12.49 -114.69
N THR JD 98 40.00 -11.69 -115.25
CA THR JD 98 40.10 -10.28 -114.92
C THR JD 98 39.47 -9.48 -116.05
N GLN JD 99 38.88 -8.35 -115.69
CA GLN JD 99 38.23 -7.50 -116.65
C GLN JD 99 39.10 -7.23 -117.86
N TYR JD 100 40.41 -7.25 -117.70
CA TYR JD 100 41.31 -7.06 -118.84
C TYR JD 100 41.71 -8.37 -119.50
N SER JD 101 41.16 -9.49 -119.06
CA SER JD 101 41.50 -10.77 -119.65
C SER JD 101 41.26 -10.73 -121.15
N THR JD 102 42.19 -11.26 -121.93
CA THR JD 102 42.01 -11.23 -123.37
C THR JD 102 41.33 -12.51 -123.84
N ASP JD 103 41.09 -12.57 -125.15
CA ASP JD 103 40.41 -13.71 -125.71
C ASP JD 103 41.29 -14.94 -125.72
N GLU JD 104 42.46 -14.86 -126.35
CA GLU JD 104 43.27 -16.05 -126.55
C GLU JD 104 43.69 -16.66 -125.23
N GLU JD 105 44.03 -15.82 -124.25
CA GLU JD 105 44.29 -16.32 -122.91
C GLU JD 105 43.19 -17.26 -122.47
N ARG JD 106 41.95 -16.79 -122.51
CA ARG JD 106 40.84 -17.66 -122.17
C ARG JD 106 40.81 -18.88 -123.06
N ALA JD 107 40.80 -18.67 -124.38
CA ALA JD 107 40.86 -19.79 -125.30
C ALA JD 107 42.00 -20.73 -124.95
N PHE JD 108 43.17 -20.18 -124.66
CA PHE JD 108 44.28 -21.01 -124.23
C PHE JD 108 43.91 -21.87 -123.03
N VAL JD 109 43.18 -21.30 -122.08
CA VAL JD 109 42.78 -22.08 -120.92
C VAL JD 109 41.85 -23.20 -121.33
N ARG JD 110 40.89 -22.92 -122.21
CA ARG JD 110 39.88 -23.91 -122.52
C ARG JD 110 40.50 -25.19 -123.05
N THR JD 111 41.29 -25.10 -124.11
CA THR JD 111 41.85 -26.30 -124.70
C THR JD 111 42.69 -27.07 -123.70
N GLU JD 112 43.70 -26.43 -123.12
CA GLU JD 112 44.64 -27.14 -122.27
C GLU JD 112 43.94 -27.95 -121.18
N LEU JD 113 42.89 -27.41 -120.58
CA LEU JD 113 42.16 -28.20 -119.60
C LEU JD 113 41.65 -29.49 -120.22
N ALA JD 114 41.07 -29.39 -121.41
CA ALA JD 114 40.62 -30.60 -122.10
C ALA JD 114 41.79 -31.55 -122.33
N ALA JD 115 42.89 -31.05 -122.90
CA ALA JD 115 44.03 -31.91 -123.14
C ALA JD 115 44.44 -32.67 -121.88
N LEU JD 116 44.52 -31.98 -120.75
CA LEU JD 116 44.78 -32.67 -119.50
C LEU JD 116 43.80 -33.80 -119.27
N LEU JD 117 42.52 -33.54 -119.48
CA LEU JD 117 41.53 -34.58 -119.26
C LEU JD 117 41.78 -35.78 -120.15
N ALA JD 118 42.39 -35.58 -121.31
CA ALA JD 118 42.82 -36.70 -122.14
C ALA JD 118 44.23 -37.15 -121.82
N SER JD 119 44.95 -36.42 -120.98
CA SER JD 119 46.31 -36.80 -120.67
C SER JD 119 46.33 -38.10 -119.89
N PRO JD 120 47.34 -38.94 -120.11
CA PRO JD 120 47.46 -40.17 -119.32
C PRO JD 120 47.66 -39.91 -117.85
N LEU JD 121 48.05 -38.70 -117.47
CA LEU JD 121 48.21 -38.40 -116.06
C LEU JD 121 46.88 -38.51 -115.32
N LEU JD 122 45.90 -37.70 -115.72
CA LEU JD 122 44.68 -37.61 -114.95
C LEU JD 122 43.89 -38.90 -114.92
N ILE JD 123 43.96 -39.71 -115.98
CA ILE JD 123 43.12 -40.88 -116.04
C ILE JD 123 43.35 -41.78 -114.83
N ASP JD 124 44.59 -42.07 -114.48
CA ASP JD 124 44.87 -42.79 -113.25
C ASP JD 124 44.42 -42.01 -112.04
N ALA JD 125 44.69 -40.72 -112.02
CA ALA JD 125 44.17 -39.86 -110.98
C ALA JD 125 42.66 -39.93 -110.87
N ILE JD 126 41.95 -39.80 -111.96
CA ILE JD 126 40.50 -39.88 -111.98
C ILE JD 126 40.02 -41.32 -111.84
N ASP JD 127 40.29 -42.13 -112.86
CA ASP JD 127 39.68 -43.46 -112.89
C ASP JD 127 40.13 -44.32 -111.73
N GLN JD 128 41.43 -44.47 -111.55
CA GLN JD 128 41.95 -45.35 -110.52
C GLN JD 128 42.25 -44.63 -109.21
N LEU JD 129 41.94 -43.34 -109.10
CA LEU JD 129 42.13 -42.58 -107.88
C LEU JD 129 43.58 -42.70 -107.40
N ASN JD 130 44.48 -42.17 -108.21
CA ASN JD 130 45.87 -42.34 -107.83
C ASN JD 130 46.56 -40.99 -107.81
N PRO JD 131 47.43 -40.78 -106.85
CA PRO JD 131 48.26 -39.59 -106.85
C PRO JD 131 49.32 -39.67 -107.94
N ALA JD 132 50.29 -38.78 -107.88
CA ALA JD 132 51.14 -38.43 -109.01
C ALA JD 132 52.28 -39.42 -109.22
N TYR JD 133 52.32 -40.49 -108.45
CA TYR JD 133 53.43 -41.42 -108.55
C TYR JD 133 53.03 -42.63 -109.38
N ALA KD 2 11.69 -23.35 -124.83
CA ALA KD 2 12.58 -22.58 -125.68
C ALA KD 2 12.48 -21.10 -125.37
N LYS KD 3 13.09 -20.29 -126.23
CA LYS KD 3 13.14 -18.85 -126.04
C LYS KD 3 11.75 -18.25 -126.12
N LEU KD 4 11.51 -17.27 -125.26
CA LEU KD 4 10.34 -16.43 -125.39
C LEU KD 4 10.36 -15.80 -126.77
N GLU KD 5 9.24 -15.90 -127.48
CA GLU KD 5 9.14 -15.35 -128.81
C GLU KD 5 7.76 -14.76 -129.01
N THR KD 6 7.57 -14.14 -130.17
CA THR KD 6 6.23 -13.75 -130.60
C THR KD 6 5.47 -15.03 -130.80
N VAL KD 7 4.31 -15.14 -130.14
CA VAL KD 7 3.51 -16.34 -130.28
C VAL KD 7 2.24 -15.97 -131.01
N THR KD 8 2.12 -16.42 -132.25
CA THR KD 8 0.92 -16.21 -133.04
C THR KD 8 -0.05 -17.34 -132.74
N LEU KD 9 -1.33 -17.02 -132.70
CA LEU KD 9 -2.36 -18.00 -132.44
C LEU KD 9 -3.48 -17.82 -133.45
N GLY KD 10 -3.79 -18.88 -134.20
CA GLY KD 10 -4.92 -18.89 -135.09
C GLY KD 10 -6.06 -19.68 -134.47
N ASN KD 11 -7.22 -19.61 -135.12
CA ASN KD 11 -8.38 -20.40 -134.75
C ASN KD 11 -8.77 -20.12 -133.30
N ILE KD 12 -9.28 -18.91 -133.08
CA ILE KD 12 -9.56 -18.41 -131.75
C ILE KD 12 -11.01 -17.97 -131.71
N GLY KD 13 -11.63 -18.04 -130.55
CA GLY KD 13 -12.99 -17.60 -130.35
C GLY KD 13 -13.98 -18.55 -131.00
N LYS KD 14 -15.25 -18.31 -130.68
CA LYS KD 14 -16.32 -19.12 -131.22
C LYS KD 14 -16.25 -19.20 -132.73
N ASP KD 15 -15.85 -18.10 -133.38
CA ASP KD 15 -15.64 -18.12 -134.81
C ASP KD 15 -14.50 -19.05 -135.20
N GLY KD 16 -13.36 -18.91 -134.54
CA GLY KD 16 -12.18 -19.60 -135.02
C GLY KD 16 -11.46 -18.85 -136.11
N LYS KD 17 -11.98 -17.69 -136.50
CA LYS KD 17 -11.24 -16.83 -137.42
C LYS KD 17 -10.42 -15.82 -136.65
N GLN KD 18 -10.61 -15.75 -135.34
CA GLN KD 18 -9.84 -14.84 -134.49
C GLN KD 18 -8.40 -15.28 -134.43
N THR KD 19 -7.50 -14.31 -134.44
CA THR KD 19 -6.07 -14.56 -134.30
C THR KD 19 -5.50 -13.64 -133.24
N LEU KD 20 -4.40 -14.08 -132.64
CA LEU KD 20 -3.78 -13.32 -131.58
C LEU KD 20 -2.28 -13.53 -131.61
N VAL KD 21 -1.53 -12.47 -131.35
CA VAL KD 21 -0.10 -12.55 -131.20
C VAL KD 21 0.25 -12.13 -129.78
N LEU KD 22 1.36 -12.66 -129.28
CA LEU KD 22 1.80 -12.40 -127.90
C LEU KD 22 3.28 -12.05 -127.93
N ASN KD 23 3.59 -10.90 -127.46
CA ASN KD 23 5.00 -10.61 -127.42
C ASN KD 23 5.59 -11.04 -126.08
N PRO KD 24 6.85 -11.46 -126.08
CA PRO KD 24 7.51 -11.74 -124.82
C PRO KD 24 7.61 -10.49 -123.97
N ARG KD 25 7.16 -10.61 -122.72
CA ARG KD 25 7.16 -9.50 -121.79
C ARG KD 25 8.35 -9.54 -120.84
N GLY KD 26 9.25 -10.49 -121.00
CA GLY KD 26 10.30 -10.71 -120.03
C GLY KD 26 9.83 -11.63 -118.93
N VAL KD 27 10.68 -11.78 -117.91
CA VAL KD 27 10.42 -12.71 -116.82
C VAL KD 27 10.65 -11.99 -115.50
N ASN KD 28 9.67 -12.04 -114.63
CA ASN KD 28 9.90 -11.55 -113.29
C ASN KD 28 10.80 -12.52 -112.54
N PRO KD 29 12.03 -12.14 -112.20
CA PRO KD 29 12.93 -13.08 -111.54
C PRO KD 29 12.52 -13.41 -110.12
N THR KD 30 11.83 -12.50 -109.43
CA THR KD 30 11.45 -12.76 -108.05
C THR KD 30 10.66 -14.05 -107.93
N ASN KD 31 9.43 -14.04 -108.42
CA ASN KD 31 8.63 -15.25 -108.47
C ASN KD 31 9.15 -16.22 -109.53
N GLY KD 32 10.05 -15.79 -110.39
CA GLY KD 32 10.52 -16.64 -111.46
C GLY KD 32 9.42 -17.01 -112.43
N VAL KD 33 8.73 -16.02 -112.97
CA VAL KD 33 7.57 -16.25 -113.82
C VAL KD 33 7.72 -15.43 -115.09
N ALA KD 34 7.57 -16.09 -116.23
CA ALA KD 34 7.57 -15.42 -117.51
C ALA KD 34 6.24 -14.71 -117.74
N SER KD 35 6.25 -13.77 -118.68
CA SER KD 35 5.05 -13.03 -119.01
C SER KD 35 4.98 -12.82 -120.51
N LEU KD 36 3.77 -12.92 -121.06
CA LEU KD 36 3.53 -12.69 -122.46
C LEU KD 36 2.33 -11.76 -122.60
N SER KD 37 2.31 -10.99 -123.68
CA SER KD 37 1.18 -10.09 -123.85
C SER KD 37 0.93 -9.82 -125.32
N GLN KD 38 -0.35 -9.59 -125.61
CA GLN KD 38 -0.73 -8.90 -126.83
C GLN KD 38 -0.12 -7.51 -126.84
N ALA KD 39 0.20 -7.01 -128.02
CA ALA KD 39 0.62 -5.62 -128.14
C ALA KD 39 -0.62 -4.79 -128.46
N GLY KD 40 -1.06 -4.06 -127.43
CA GLY KD 40 -2.16 -3.12 -127.58
C GLY KD 40 -1.69 -1.70 -127.43
N ALA KD 41 -2.62 -0.85 -127.02
CA ALA KD 41 -2.24 0.51 -126.65
C ALA KD 41 -1.87 0.58 -125.18
N VAL KD 42 -2.82 0.34 -124.30
CA VAL KD 42 -2.60 0.47 -122.87
C VAL KD 42 -2.29 -0.90 -122.28
N PRO KD 43 -1.11 -1.09 -121.68
CA PRO KD 43 -0.78 -2.37 -121.06
C PRO KD 43 -1.84 -2.86 -120.11
N ALA KD 44 -2.42 -2.00 -119.29
CA ALA KD 44 -3.55 -2.39 -118.45
C ALA KD 44 -4.66 -3.03 -119.26
N LEU KD 45 -4.91 -2.56 -120.47
CA LEU KD 45 -5.91 -3.18 -121.33
C LEU KD 45 -5.38 -4.42 -122.01
N GLU KD 46 -4.07 -4.51 -122.23
CA GLU KD 46 -3.51 -5.56 -123.06
C GLU KD 46 -3.66 -6.91 -122.40
N LYS KD 47 -3.93 -7.93 -123.21
CA LYS KD 47 -4.12 -9.28 -122.73
C LYS KD 47 -2.80 -9.76 -122.14
N ARG KD 48 -2.88 -10.56 -121.09
CA ARG KD 48 -1.67 -11.06 -120.45
C ARG KD 48 -1.69 -12.58 -120.39
N VAL KD 49 -0.51 -13.18 -120.51
CA VAL KD 49 -0.33 -14.62 -120.41
C VAL KD 49 0.88 -14.88 -119.55
N THR KD 50 0.72 -15.72 -118.53
CA THR KD 50 1.78 -15.98 -117.57
C THR KD 50 2.01 -17.48 -117.48
N VAL KD 51 3.28 -17.88 -117.54
CA VAL KD 51 3.66 -19.27 -117.36
C VAL KD 51 4.78 -19.32 -116.34
N SER KD 52 4.86 -20.45 -115.66
CA SER KD 52 5.91 -20.63 -114.66
C SER KD 52 6.20 -22.11 -114.50
N VAL KD 53 7.43 -22.40 -114.12
CA VAL KD 53 7.81 -23.75 -113.74
C VAL KD 53 8.11 -23.71 -112.25
N SER KD 54 8.52 -24.83 -111.70
CA SER KD 54 8.88 -24.91 -110.29
C SER KD 54 9.81 -26.09 -110.11
N GLN KD 55 10.46 -26.13 -108.97
CA GLN KD 55 11.32 -27.25 -108.66
C GLN KD 55 11.09 -27.68 -107.22
N PRO KD 56 11.15 -28.98 -106.94
CA PRO KD 56 10.82 -29.45 -105.60
C PRO KD 56 11.81 -28.92 -104.58
N SER KD 57 11.27 -28.59 -103.40
CA SER KD 57 12.07 -28.06 -102.31
C SER KD 57 11.81 -28.90 -101.07
N ARG KD 58 12.38 -28.49 -99.96
CA ARG KD 58 12.02 -29.08 -98.68
C ARG KD 58 10.56 -28.89 -98.34
N ASN KD 59 9.91 -27.88 -98.91
CA ASN KD 59 8.49 -27.66 -98.71
C ASN KD 59 7.62 -28.58 -99.56
N ARG KD 60 8.02 -28.88 -100.78
CA ARG KD 60 7.23 -29.73 -101.66
C ARG KD 60 8.16 -30.54 -102.54
N LYS KD 61 7.81 -31.79 -102.75
CA LYS KD 61 8.61 -32.72 -103.54
C LYS KD 61 8.11 -32.79 -104.96
N ASN KD 62 7.12 -31.98 -105.30
CA ASN KD 62 6.43 -32.10 -106.57
C ASN KD 62 6.71 -30.89 -107.43
N TYR KD 63 6.69 -31.10 -108.74
CA TYR KD 63 6.80 -29.99 -109.67
C TYR KD 63 5.46 -29.31 -109.85
N LYS KD 64 5.47 -27.99 -109.92
CA LYS KD 64 4.28 -27.20 -110.21
C LYS KD 64 4.52 -26.44 -111.51
N VAL KD 65 3.54 -26.50 -112.40
CA VAL KD 65 3.53 -25.68 -113.60
C VAL KD 65 2.25 -24.88 -113.57
N GLN KD 66 2.39 -23.56 -113.46
CA GLN KD 66 1.25 -22.68 -113.30
C GLN KD 66 1.12 -21.80 -114.54
N VAL KD 67 -0.09 -21.70 -115.06
CA VAL KD 67 -0.38 -20.86 -116.21
C VAL KD 67 -1.63 -20.07 -115.92
N LYS KD 68 -1.53 -18.75 -115.97
CA LYS KD 68 -2.65 -17.87 -115.72
C LYS KD 68 -2.85 -16.95 -116.92
N ILE KD 69 -4.11 -16.64 -117.22
CA ILE KD 69 -4.46 -15.78 -118.33
C ILE KD 69 -5.37 -14.68 -117.81
N GLN KD 70 -5.08 -13.45 -118.21
CA GLN KD 70 -5.80 -12.28 -117.75
C GLN KD 70 -6.26 -11.49 -118.95
N ASN KD 71 -7.57 -11.40 -119.15
CA ASN KD 71 -8.17 -10.74 -120.30
C ASN KD 71 -9.20 -9.74 -119.81
N PRO KD 72 -8.83 -8.49 -119.63
CA PRO KD 72 -9.77 -7.49 -119.14
C PRO KD 72 -10.82 -7.17 -120.19
N THR KD 73 -11.76 -6.33 -119.80
CA THR KD 73 -12.81 -5.84 -120.69
C THR KD 73 -12.73 -4.33 -120.73
N ALA KD 74 -12.37 -3.80 -121.89
CA ALA KD 74 -12.23 -2.37 -122.07
C ALA KD 74 -13.61 -1.73 -122.16
N CYS KD 75 -13.79 -0.63 -121.44
CA CYS KD 75 -14.93 0.25 -121.65
C CYS KD 75 -14.41 1.42 -122.46
N THR KD 76 -14.78 1.46 -123.74
CA THR KD 76 -14.25 2.48 -124.64
C THR KD 76 -14.74 3.86 -124.23
N ALA KD 77 -16.05 4.04 -124.19
CA ALA KD 77 -16.62 5.31 -123.75
C ALA KD 77 -17.12 5.12 -122.33
N ASN KD 78 -16.39 5.72 -121.39
CA ASN KD 78 -16.83 5.81 -120.00
C ASN KD 78 -17.51 7.14 -119.72
N GLY KD 79 -17.71 7.97 -120.74
CA GLY KD 79 -18.01 9.36 -120.51
C GLY KD 79 -16.76 10.16 -120.24
N SER KD 80 -15.59 9.54 -120.33
CA SER KD 80 -14.32 10.18 -120.08
C SER KD 80 -13.42 9.92 -121.29
N CYS KD 81 -12.33 10.68 -121.36
CA CYS KD 81 -11.45 10.63 -122.51
C CYS KD 81 -10.63 9.35 -122.60
N ASP KD 82 -10.58 8.56 -121.53
CA ASP KD 82 -9.74 7.37 -121.55
C ASP KD 82 -10.56 6.14 -121.25
N PRO KD 83 -10.27 5.02 -121.91
CA PRO KD 83 -10.98 3.78 -121.60
C PRO KD 83 -10.60 3.29 -120.21
N SER KD 84 -11.42 2.40 -119.67
CA SER KD 84 -11.24 1.89 -118.32
C SER KD 84 -11.55 0.41 -118.24
N VAL KD 85 -10.84 -0.26 -117.35
CA VAL KD 85 -11.05 -1.68 -117.11
C VAL KD 85 -12.44 -1.85 -116.51
N THR KD 86 -13.21 -2.79 -117.05
CA THR KD 86 -14.52 -3.07 -116.51
C THR KD 86 -14.56 -4.43 -115.82
N ARG KD 87 -14.53 -5.49 -116.61
CA ARG KD 87 -14.51 -6.85 -116.09
C ARG KD 87 -13.16 -7.46 -116.38
N GLN KD 88 -12.71 -8.31 -115.47
CA GLN KD 88 -11.40 -8.94 -115.62
C GLN KD 88 -11.60 -10.44 -115.67
N ALA KD 89 -11.36 -11.04 -116.82
CA ALA KD 89 -11.51 -12.48 -117.00
C ALA KD 89 -10.27 -13.17 -116.46
N TYR KD 90 -10.47 -14.13 -115.57
CA TYR KD 90 -9.36 -14.89 -115.01
C TYR KD 90 -9.40 -16.34 -115.48
N ALA KD 91 -8.33 -16.73 -116.17
CA ALA KD 91 -8.18 -18.12 -116.61
C ALA KD 91 -6.92 -18.66 -115.97
N ASP KD 92 -7.06 -19.67 -115.13
CA ASP KD 92 -5.95 -20.22 -114.37
C ASP KD 92 -5.84 -21.72 -114.62
N VAL KD 93 -4.61 -22.18 -114.85
CA VAL KD 93 -4.32 -23.58 -115.09
C VAL KD 93 -3.07 -23.93 -114.31
N THR KD 94 -3.09 -25.07 -113.63
CA THR KD 94 -1.95 -25.55 -112.87
C THR KD 94 -1.64 -26.99 -113.25
N PHE KD 95 -0.45 -27.43 -112.85
CA PHE KD 95 -0.04 -28.81 -113.08
C PHE KD 95 0.79 -29.28 -111.90
N SER KD 96 0.61 -30.54 -111.56
CA SER KD 96 1.41 -31.17 -110.53
C SER KD 96 2.03 -32.43 -111.10
N PHE KD 97 3.26 -32.71 -110.69
CA PHE KD 97 3.95 -33.90 -111.14
C PHE KD 97 4.88 -34.38 -110.06
N THR KD 98 5.25 -35.64 -110.16
CA THR KD 98 6.16 -36.27 -109.22
C THR KD 98 7.53 -36.38 -109.85
N GLN KD 99 8.55 -36.30 -109.02
CA GLN KD 99 9.92 -36.37 -109.49
C GLN KD 99 10.14 -37.55 -110.41
N TYR KD 100 9.39 -38.62 -110.26
CA TYR KD 100 9.51 -39.77 -111.15
C TYR KD 100 8.57 -39.68 -112.34
N SER KD 101 7.82 -38.60 -112.49
CA SER KD 101 6.89 -38.48 -113.60
C SER KD 101 7.64 -38.66 -114.91
N THR KD 102 7.06 -39.42 -115.83
CA THR KD 102 7.74 -39.65 -117.09
C THR KD 102 7.30 -38.62 -118.12
N ASP KD 103 7.89 -38.73 -119.31
CA ASP KD 103 7.59 -37.76 -120.36
C ASP KD 103 6.19 -37.97 -120.91
N GLU KD 104 5.90 -39.17 -121.40
CA GLU KD 104 4.66 -39.38 -122.12
C GLU KD 104 3.46 -39.13 -121.23
N GLU KD 105 3.54 -39.54 -119.97
CA GLU KD 105 2.49 -39.19 -119.02
C GLU KD 105 2.18 -37.72 -119.08
N ARG KD 106 3.20 -36.88 -118.93
CA ARG KD 106 2.99 -35.44 -119.05
C ARG KD 106 2.41 -35.10 -120.41
N ALA KD 107 3.09 -35.53 -121.48
CA ALA KD 107 2.56 -35.32 -122.81
C ALA KD 107 1.12 -35.77 -122.92
N PHE KD 108 0.81 -36.95 -122.38
CA PHE KD 108 -0.56 -37.41 -122.37
C PHE KD 108 -1.48 -36.40 -121.72
N VAL KD 109 -1.05 -35.79 -120.62
CA VAL KD 109 -1.87 -34.79 -119.97
C VAL KD 109 -2.10 -33.60 -120.88
N ARG KD 110 -1.04 -33.14 -121.54
CA ARG KD 110 -1.14 -31.90 -122.30
C ARG KD 110 -2.24 -31.99 -123.34
N THR KD 111 -2.16 -32.97 -124.23
CA THR KD 111 -3.14 -33.07 -125.30
C THR KD 111 -4.55 -33.19 -124.76
N GLU KD 112 -4.81 -34.19 -123.92
CA GLU KD 112 -6.18 -34.45 -123.47
C GLU KD 112 -6.85 -33.21 -122.92
N LEU KD 113 -6.13 -32.41 -122.15
CA LEU KD 113 -6.73 -31.17 -121.67
C LEU KD 113 -7.21 -30.31 -122.82
N ALA KD 114 -6.37 -30.17 -123.85
CA ALA KD 114 -6.79 -29.43 -125.02
C ALA KD 114 -8.03 -30.04 -125.64
N ALA KD 115 -8.00 -31.35 -125.90
CA ALA KD 115 -9.16 -32.01 -126.49
C ALA KD 115 -10.43 -31.70 -125.73
N LEU KD 116 -10.38 -31.78 -124.40
CA LEU KD 116 -11.53 -31.37 -123.60
C LEU KD 116 -11.97 -29.97 -123.95
N LEU KD 117 -11.03 -29.04 -124.04
CA LEU KD 117 -11.40 -27.67 -124.36
C LEU KD 117 -12.10 -27.57 -125.70
N ALA KD 118 -11.81 -28.48 -126.61
CA ALA KD 118 -12.55 -28.56 -127.86
C ALA KD 118 -13.75 -29.48 -127.76
N SER KD 119 -13.89 -30.22 -126.67
CA SER KD 119 -15.01 -31.12 -126.54
C SER KD 119 -16.32 -30.35 -126.46
N PRO KD 120 -17.40 -30.89 -127.03
CA PRO KD 120 -18.70 -30.24 -126.89
C PRO KD 120 -19.18 -30.15 -125.47
N LEU KD 121 -18.61 -30.93 -124.56
CA LEU KD 121 -19.01 -30.84 -123.17
C LEU KD 121 -18.69 -29.47 -122.60
N LEU KD 122 -17.42 -29.09 -122.58
CA LEU KD 122 -17.01 -27.89 -121.89
C LEU KD 122 -17.59 -26.62 -122.49
N ILE KD 123 -17.84 -26.60 -123.79
CA ILE KD 123 -18.28 -25.36 -124.41
C ILE KD 123 -19.54 -24.84 -123.75
N ASP KD 124 -20.54 -25.69 -123.57
CA ASP KD 124 -21.72 -25.28 -122.80
C ASP KD 124 -21.37 -24.94 -121.37
N ALA KD 125 -20.53 -25.75 -120.74
CA ALA KD 125 -20.01 -25.42 -119.43
C ALA KD 125 -19.31 -24.07 -119.40
N ILE KD 126 -18.42 -23.80 -120.33
CA ILE KD 126 -17.73 -22.53 -120.41
C ILE KD 126 -18.63 -21.44 -120.97
N ASP KD 127 -18.99 -21.56 -122.24
CA ASP KD 127 -19.68 -20.46 -122.91
C ASP KD 127 -21.01 -20.15 -122.26
N GLN KD 128 -21.87 -21.14 -122.14
CA GLN KD 128 -23.21 -20.94 -121.63
C GLN KD 128 -23.34 -21.17 -120.15
N LEU KD 129 -22.24 -21.46 -119.45
CA LEU KD 129 -22.23 -21.65 -118.00
C LEU KD 129 -23.25 -22.72 -117.61
N ASN KD 130 -23.00 -23.93 -118.07
CA ASN KD 130 -23.99 -24.94 -117.78
C ASN KD 130 -23.35 -26.14 -117.12
N PRO KD 131 -24.00 -26.72 -116.14
CA PRO KD 131 -23.53 -27.98 -115.58
C PRO KD 131 -23.72 -29.12 -116.56
N ALA KD 132 -23.56 -30.34 -116.07
CA ALA KD 132 -23.30 -31.51 -116.90
C ALA KD 132 -24.56 -32.09 -117.51
N TYR KD 133 -25.69 -31.45 -117.32
CA TYR KD 133 -26.94 -32.01 -117.84
C TYR KD 133 -27.34 -31.34 -119.13
N ALA LD 2 29.77 45.00 -119.59
CA ALA LD 2 29.07 44.75 -120.84
C ALA LD 2 28.93 43.25 -121.07
N LYS LD 3 28.50 42.90 -122.28
CA LYS LD 3 28.26 41.52 -122.65
C LYS LD 3 29.55 40.73 -122.64
N LEU LD 4 29.45 39.49 -122.17
CA LEU LD 4 30.52 38.52 -122.33
C LEU LD 4 30.83 38.40 -123.81
N GLU LD 5 32.09 38.52 -124.17
CA GLU LD 5 32.49 38.42 -125.56
C GLU LD 5 33.81 37.68 -125.66
N THR LD 6 34.24 37.46 -126.88
CA THR LD 6 35.60 36.97 -127.11
C THR LD 6 36.52 38.08 -126.66
N VAL LD 7 37.45 37.74 -125.77
CA VAL LD 7 38.38 38.75 -125.28
C VAL LD 7 39.76 38.41 -125.80
N THR LD 8 40.26 39.21 -126.73
CA THR LD 8 41.61 39.05 -127.26
C THR LD 8 42.56 39.81 -126.35
N LEU LD 9 43.74 39.25 -126.15
CA LEU LD 9 44.75 39.87 -125.34
C LEU LD 9 46.09 39.82 -126.07
N GLY LD 10 46.69 40.99 -126.28
CA GLY LD 10 48.02 41.08 -126.83
C GLY LD 10 49.02 41.38 -125.74
N ASN LD 11 50.29 41.32 -126.10
CA ASN LD 11 51.38 41.70 -125.21
C ASN LD 11 51.32 40.88 -123.92
N ILE LD 12 51.63 39.61 -124.06
CA ILE LD 12 51.50 38.66 -122.97
C ILE LD 12 52.83 37.95 -122.78
N GLY LD 13 53.10 37.53 -121.56
CA GLY LD 13 54.32 36.79 -121.25
C GLY LD 13 55.53 37.69 -121.27
N LYS LD 14 56.63 37.11 -120.78
CA LYS LD 14 57.89 37.84 -120.73
C LYS LD 14 58.24 38.42 -122.10
N ASP LD 15 57.92 37.70 -123.17
CA ASP LD 15 58.12 38.22 -124.51
C ASP LD 15 57.24 39.43 -124.76
N GLY LD 16 55.94 39.32 -124.48
CA GLY LD 16 55.01 40.32 -124.91
C GLY LD 16 54.54 40.13 -126.33
N LYS LD 17 55.04 39.09 -127.00
CA LYS LD 17 54.50 38.73 -128.30
C LYS LD 17 53.39 37.69 -128.16
N GLN LD 18 53.21 37.16 -126.96
CA GLN LD 18 52.16 36.19 -126.71
C GLN LD 18 50.80 36.86 -126.79
N THR LD 19 49.85 36.13 -127.35
CA THR LD 19 48.47 36.59 -127.46
C THR LD 19 47.54 35.51 -126.96
N LEU LD 20 46.37 35.93 -126.49
CA LEU LD 20 45.41 34.99 -125.95
C LEU LD 20 43.99 35.48 -126.24
N VAL LD 21 43.10 34.55 -126.56
CA VAL LD 21 41.70 34.85 -126.70
C VAL LD 21 40.93 34.06 -125.65
N LEU LD 22 39.79 34.60 -125.25
CA LEU LD 22 38.97 34.00 -124.21
C LEU LD 22 37.53 33.96 -124.67
N ASN LD 23 36.99 32.79 -124.74
CA ASN LD 23 35.59 32.79 -125.11
C ASN LD 23 34.71 32.86 -123.88
N PRO LD 24 33.55 33.49 -124.01
CA PRO LD 24 32.59 33.47 -122.91
C PRO LD 24 32.15 32.05 -122.62
N ARG LD 25 32.25 31.67 -121.35
CA ARG LD 25 31.87 30.33 -120.92
C ARG LD 25 30.48 30.29 -120.31
N GLY LD 26 29.76 31.39 -120.30
CA GLY LD 26 28.51 31.47 -119.57
C GLY LD 26 28.75 31.87 -118.13
N VAL LD 27 27.67 31.84 -117.35
CA VAL LD 27 27.71 32.29 -115.97
C VAL LD 27 27.07 31.23 -115.08
N ASN LD 28 27.77 30.81 -114.07
CA ASN LD 28 27.14 29.97 -113.08
C ASN LD 28 26.17 30.80 -112.26
N PRO LD 29 24.86 30.56 -112.35
CA PRO LD 29 23.91 31.39 -111.60
C PRO LD 29 23.95 31.14 -110.12
N THR LD 30 24.33 29.95 -109.67
CA THR LD 30 24.33 29.66 -108.25
C THR LD 30 25.20 30.66 -107.48
N ASN LD 31 26.50 30.57 -107.66
CA ASN LD 31 27.40 31.56 -107.09
C ASN LD 31 27.30 32.90 -107.81
N GLY LD 32 26.62 32.96 -108.94
CA GLY LD 32 26.55 34.19 -109.70
C GLY LD 32 27.91 34.64 -110.19
N VAL LD 33 28.62 33.77 -110.90
CA VAL LD 33 29.99 34.05 -111.32
C VAL LD 33 30.10 33.72 -112.81
N ALA LD 34 30.63 34.68 -113.57
CA ALA LD 34 30.91 34.48 -114.97
C ALA LD 34 32.18 33.65 -115.14
N SER LD 35 32.32 33.09 -116.34
CA SER LD 35 33.49 32.28 -116.64
C SER LD 35 33.94 32.57 -118.06
N LEU LD 36 35.26 32.60 -118.25
CA LEU LD 36 35.86 32.81 -119.55
C LEU LD 36 36.94 31.78 -119.75
N SER LD 37 37.18 31.40 -121.00
CA SER LD 37 38.21 30.41 -121.24
C SER LD 37 38.84 30.59 -122.61
N GLN LD 38 40.12 30.24 -122.69
CA GLN LD 38 40.74 29.94 -123.95
C GLN LD 38 40.02 28.76 -124.59
N ALA LD 39 40.00 28.74 -125.92
CA ALA LD 39 39.48 27.57 -126.63
C ALA LD 39 40.67 26.67 -126.95
N GLY LD 40 40.74 25.58 -126.19
CA GLY LD 40 41.73 24.55 -126.42
C GLY LD 40 41.10 23.28 -126.92
N ALA LD 41 41.79 22.17 -126.66
CA ALA LD 41 41.20 20.87 -126.90
C ALA LD 41 40.42 20.39 -125.68
N VAL LD 42 41.13 20.15 -124.58
CA VAL LD 42 40.52 19.60 -123.38
C VAL LD 42 40.19 20.74 -122.43
N PRO LD 43 38.91 20.93 -122.08
CA PRO LD 43 38.56 21.99 -121.12
C PRO LD 43 39.36 21.93 -119.85
N ALA LD 44 39.61 20.74 -119.28
CA ALA LD 44 40.49 20.60 -118.14
C ALA LD 44 41.84 21.26 -118.38
N LEU LD 45 42.37 21.17 -119.60
CA LEU LD 45 43.62 21.84 -119.94
C LEU LD 45 43.43 23.31 -120.22
N GLU LD 46 42.25 23.71 -120.67
CA GLU LD 46 42.04 25.07 -121.16
C GLU LD 46 42.14 26.06 -120.02
N LYS LD 47 42.71 27.23 -120.33
CA LYS LD 47 42.91 28.29 -119.35
C LYS LD 47 41.53 28.78 -118.94
N ARG LD 48 41.39 29.17 -117.68
CA ARG LD 48 40.11 29.66 -117.19
C ARG LD 48 40.27 31.03 -116.58
N VAL LD 49 39.23 31.85 -116.73
CA VAL LD 49 39.18 33.18 -116.14
C VAL LD 49 37.81 33.37 -115.53
N THR LD 50 37.76 33.78 -114.28
CA THR LD 50 36.52 33.92 -113.54
C THR LD 50 36.42 35.32 -112.97
N VAL LD 51 35.27 35.95 -113.15
CA VAL LD 51 35.00 37.24 -112.56
C VAL LD 51 33.64 37.18 -111.86
N SER LD 52 33.49 38.01 -110.85
CA SER LD 52 32.24 38.04 -110.11
C SER LD 52 32.07 39.42 -109.50
N VAL LD 53 30.81 39.80 -109.32
CA VAL LD 53 30.48 41.00 -108.56
C VAL LD 53 29.79 40.53 -107.30
N SER LD 54 29.35 41.47 -106.47
CA SER LD 54 28.64 41.15 -105.26
C SER LD 54 27.81 42.35 -104.86
N GLN LD 55 26.88 42.13 -103.96
CA GLN LD 55 26.10 43.24 -103.45
C GLN LD 55 25.96 43.12 -101.95
N PRO LD 56 25.94 44.24 -101.24
CA PRO LD 56 25.94 44.17 -99.78
C PRO LD 56 24.67 43.53 -99.26
N SER LD 57 24.82 42.74 -98.21
CA SER LD 57 23.70 42.05 -97.59
C SER LD 57 23.71 42.37 -96.11
N ARG LD 58 22.81 41.73 -95.37
CA ARG LD 58 22.86 41.80 -93.92
C ARG LD 58 24.15 41.23 -93.36
N ASN LD 59 24.83 40.36 -94.10
CA ASN LD 59 26.11 39.82 -93.70
C ASN LD 59 27.27 40.78 -93.93
N ARG LD 60 27.26 41.53 -95.02
CA ARG LD 60 28.33 42.45 -95.32
C ARG LD 60 27.76 43.66 -96.03
N LYS LD 61 28.28 44.84 -95.68
CA LYS LD 61 27.82 46.10 -96.23
C LYS LD 61 28.70 46.54 -97.39
N ASN LD 62 29.65 45.71 -97.76
CA ASN LD 62 30.67 46.11 -98.72
C ASN LD 62 30.52 45.33 -100.00
N TYR LD 63 30.92 45.94 -101.10
CA TYR LD 63 30.96 45.24 -102.38
C TYR LD 63 32.22 44.42 -102.49
N LYS LD 64 32.10 43.22 -103.04
CA LYS LD 64 33.23 42.36 -103.34
C LYS LD 64 33.29 42.13 -104.83
N VAL LD 65 34.48 42.28 -105.40
CA VAL LD 65 34.73 41.92 -106.79
C VAL LD 65 35.87 40.92 -106.78
N GLN LD 66 35.57 39.70 -107.17
CA GLN LD 66 36.53 38.61 -107.12
C GLN LD 66 36.90 38.18 -108.53
N VAL LD 67 38.19 38.03 -108.77
CA VAL LD 67 38.70 37.58 -110.05
C VAL LD 67 39.74 36.50 -109.79
N LYS LD 68 39.52 35.32 -110.36
CA LYS LD 68 40.45 34.21 -110.21
C LYS LD 68 40.86 33.72 -111.57
N ILE LD 69 42.12 33.28 -111.68
CA ILE LD 69 42.68 32.78 -112.93
C ILE LD 69 43.28 31.42 -112.65
N GLN LD 70 43.00 30.48 -113.53
CA GLN LD 70 43.45 29.11 -113.38
C GLN LD 70 44.14 28.68 -114.67
N ASN LD 71 45.44 28.40 -114.58
CA ASN LD 71 46.26 28.05 -115.74
C ASN LD 71 47.01 26.77 -115.43
N PRO LD 72 46.47 25.63 -115.81
CA PRO LD 72 47.14 24.37 -115.52
C PRO LD 72 48.40 24.22 -116.38
N THR LD 73 49.12 23.13 -116.11
CA THR LD 73 50.31 22.77 -116.85
C THR LD 73 50.10 21.40 -117.46
N ALA LD 74 50.01 21.37 -118.79
CA ALA LD 74 49.79 20.12 -119.50
C ALA LD 74 51.06 19.30 -119.52
N CYS LD 75 50.93 18.01 -119.23
CA CYS LD 75 51.99 17.05 -119.49
C CYS LD 75 51.60 16.34 -120.77
N THR LD 76 52.30 16.65 -121.86
CA THR LD 76 51.94 16.10 -123.16
C THR LD 76 52.15 14.59 -123.19
N ALA LD 77 53.38 14.16 -122.92
CA ALA LD 77 53.68 12.73 -122.87
C ALA LD 77 53.78 12.34 -121.41
N ASN LD 78 52.77 11.62 -120.93
CA ASN LD 78 52.80 11.00 -119.62
C ASN LD 78 53.24 9.55 -119.69
N GLY LD 79 53.63 9.08 -120.88
CA GLY LD 79 53.70 7.65 -121.11
C GLY LD 79 52.36 7.06 -121.44
N SER LD 80 51.33 7.89 -121.55
CA SER LD 80 49.97 7.46 -121.84
C SER LD 80 49.47 8.26 -123.03
N CYS LD 81 48.37 7.80 -123.62
CA CYS LD 81 47.85 8.39 -124.84
C CYS LD 81 47.23 9.77 -124.62
N ASP LD 82 46.95 10.15 -123.38
CA ASP LD 82 46.28 11.42 -123.15
C ASP LD 82 47.11 12.31 -122.24
N PRO LD 83 47.13 13.61 -122.49
CA PRO LD 83 47.83 14.52 -121.60
C PRO LD 83 47.15 14.59 -120.25
N SER LD 84 47.88 15.08 -119.27
CA SER LD 84 47.38 15.13 -117.90
C SER LD 84 47.80 16.43 -117.22
N VAL LD 85 46.95 16.89 -116.31
CA VAL LD 85 47.24 18.08 -115.53
C VAL LD 85 48.42 17.78 -114.63
N THR LD 86 49.38 18.68 -114.60
CA THR LD 86 50.53 18.50 -113.71
C THR LD 86 50.51 19.53 -112.60
N ARG LD 87 50.80 20.78 -112.91
CA ARG LD 87 50.78 21.87 -111.96
C ARG LD 87 49.62 22.79 -112.29
N GLN LD 88 49.03 23.37 -111.25
CA GLN LD 88 47.89 24.24 -111.45
C GLN LD 88 48.24 25.62 -110.90
N ALA LD 89 48.38 26.59 -111.78
CA ALA LD 89 48.72 27.95 -111.38
C ALA LD 89 47.45 28.65 -110.91
N TYR LD 90 47.49 29.21 -109.71
CA TYR LD 90 46.37 29.94 -109.17
C TYR LD 90 46.68 31.42 -109.05
N ALA LD 91 45.88 32.22 -109.77
CA ALA LD 91 46.00 33.66 -109.69
C ALA LD 91 44.66 34.19 -109.19
N ASP LD 92 44.67 34.83 -108.03
CA ASP LD 92 43.47 35.31 -107.39
C ASP LD 92 43.58 36.80 -107.10
N VAL LD 93 42.51 37.53 -107.40
CA VAL LD 93 42.43 38.97 -107.16
C VAL LD 93 41.06 39.27 -106.61
N THR LD 94 41.01 40.11 -105.58
CA THR LD 94 39.76 40.52 -104.96
C THR LD 94 39.72 42.03 -104.85
N PHE LD 95 38.51 42.54 -104.59
CA PHE LD 95 38.32 43.96 -104.38
C PHE LD 95 37.25 44.17 -103.33
N SER LD 96 37.45 45.19 -102.51
CA SER LD 96 36.47 45.59 -101.53
C SER LD 96 36.16 47.05 -101.72
N PHE LD 97 34.90 47.42 -101.52
CA PHE LD 97 34.49 48.81 -101.64
C PHE LD 97 33.34 49.07 -100.69
N THR LD 98 33.14 50.34 -100.41
CA THR LD 98 32.08 50.78 -99.53
C THR LD 98 30.95 51.36 -100.36
N GLN LD 99 29.74 51.20 -99.86
CA GLN LD 99 28.56 51.69 -100.56
C GLN LD 99 28.72 53.12 -101.02
N TYR LD 100 29.51 53.91 -100.31
CA TYR LD 100 29.75 55.29 -100.73
C TYR LD 100 30.98 55.43 -101.63
N SER LD 101 31.62 54.33 -102.00
CA SER LD 101 32.79 54.40 -102.84
C SER LD 101 32.46 55.15 -104.12
N THR LD 102 33.36 56.04 -104.54
CA THR LD 102 33.07 56.79 -105.75
C THR LD 102 33.66 56.10 -106.96
N ASP LD 103 33.44 56.70 -108.12
CA ASP LD 103 33.91 56.10 -109.36
C ASP LD 103 35.42 56.19 -109.48
N GLU LD 104 35.96 57.41 -109.43
CA GLU LD 104 37.36 57.60 -109.72
C GLU LD 104 38.24 56.85 -108.74
N GLU LD 105 37.86 56.83 -107.47
CA GLU LD 105 38.56 56.00 -106.50
C GLU LD 105 38.74 54.59 -107.03
N ARG LD 106 37.63 53.96 -107.42
CA ARG LD 106 37.72 52.64 -108.01
C ARG LD 106 38.61 52.66 -109.24
N ALA LD 107 38.30 53.53 -110.21
CA ALA LD 107 39.14 53.67 -111.37
C ALA LD 107 40.60 53.85 -110.99
N PHE LD 108 40.86 54.71 -110.00
CA PHE LD 108 42.22 54.87 -109.52
C PHE LD 108 42.82 53.54 -109.09
N VAL LD 109 42.05 52.70 -108.42
CA VAL LD 109 42.56 51.41 -108.01
C VAL LD 109 42.90 50.55 -109.23
N ARG LD 110 42.02 50.56 -110.22
CA ARG LD 110 42.20 49.64 -111.34
C ARG LD 110 43.55 49.85 -112.02
N THR LD 111 43.81 51.07 -112.47
CA THR LD 111 45.06 51.32 -113.19
C THR LD 111 46.27 50.98 -112.35
N GLU LD 112 46.39 51.58 -111.16
CA GLU LD 112 47.59 51.42 -110.36
C GLU LD 112 47.96 49.97 -110.16
N LEU LD 113 46.99 49.10 -109.93
CA LEU LD 113 47.31 47.69 -109.81
C LEU LD 113 47.99 47.18 -111.06
N ALA LD 114 47.45 47.54 -112.23
CA ALA LD 114 48.11 47.16 -113.47
C ALA LD 114 49.52 47.70 -113.53
N ALA LD 115 49.70 49.00 -113.29
CA ALA LD 115 51.03 49.58 -113.33
C ALA LD 115 52.01 48.80 -112.47
N LEU LD 116 51.60 48.45 -111.25
CA LEU LD 116 52.45 47.60 -110.43
C LEU LD 116 52.82 46.33 -111.16
N LEU LD 117 51.85 45.67 -111.79
CA LEU LD 117 52.15 44.44 -112.50
C LEU LD 117 53.18 44.66 -113.58
N ALA LD 118 53.24 45.86 -114.15
CA ALA LD 118 54.31 46.19 -115.07
C ALA LD 118 55.53 46.78 -114.39
N SER LD 119 55.43 47.08 -113.09
CA SER LD 119 56.56 47.66 -112.40
C SER LD 119 57.71 46.67 -112.32
N PRO LD 120 58.95 47.15 -112.39
CA PRO LD 120 60.10 46.26 -112.24
C PRO LD 120 60.15 45.61 -110.87
N LEU LD 121 59.44 46.15 -109.90
CA LEU LD 121 59.44 45.53 -108.58
C LEU LD 121 58.83 44.13 -108.64
N LEU LD 122 57.57 44.02 -109.04
CA LEU LD 122 56.87 42.76 -108.95
C LEU LD 122 57.47 41.67 -109.82
N ILE LD 123 58.06 42.03 -110.96
CA ILE LD 123 58.52 41.01 -111.87
C ILE LD 123 59.50 40.08 -111.19
N ASP LD 124 60.49 40.60 -110.48
CA ASP LD 124 61.37 39.75 -109.69
C ASP LD 124 60.60 39.02 -108.60
N ALA LD 125 59.70 39.73 -107.92
CA ALA LD 125 58.81 39.10 -106.96
C ALA LD 125 58.02 37.97 -107.58
N ILE LD 126 57.39 38.20 -108.72
CA ILE LD 126 56.62 37.18 -109.41
C ILE LD 126 57.52 36.19 -110.11
N ASP LD 127 58.23 36.63 -111.14
CA ASP LD 127 58.95 35.71 -111.99
C ASP LD 127 60.03 34.96 -111.24
N GLN LD 128 60.92 35.67 -110.57
CA GLN LD 128 62.03 35.05 -109.90
C GLN LD 128 61.76 34.77 -108.43
N LEU LD 129 60.55 35.02 -107.94
CA LEU LD 129 60.18 34.72 -106.56
C LEU LD 129 61.15 35.37 -105.60
N ASN LD 130 61.16 36.70 -105.61
CA ASN LD 130 62.13 37.35 -104.77
C ASN LD 130 61.45 38.37 -103.87
N PRO LD 131 61.87 38.46 -102.64
CA PRO LD 131 61.39 39.53 -101.78
C PRO LD 131 61.94 40.87 -102.20
N ALA LD 132 61.79 41.87 -101.34
CA ALA LD 132 61.88 43.27 -101.71
C ALA LD 132 63.31 43.77 -101.78
N TYR LD 133 64.28 42.90 -101.60
CA TYR LD 133 65.67 43.35 -101.58
C TYR LD 133 66.34 43.08 -102.92
N ALA MD 2 24.62 27.79 -126.60
CA ALA MD 2 24.28 29.13 -127.05
C ALA MD 2 23.06 29.65 -126.32
N LYS MD 3 22.53 30.77 -126.79
CA LYS MD 3 21.41 31.44 -126.16
C LYS MD 3 20.17 30.57 -126.22
N LEU MD 4 19.41 30.60 -125.13
CA LEU MD 4 18.06 30.04 -125.14
C LEU MD 4 17.27 30.70 -126.24
N GLU MD 5 16.63 29.90 -127.07
CA GLU MD 5 15.84 30.43 -128.17
C GLU MD 5 14.60 29.59 -128.35
N THR MD 6 13.75 30.02 -129.27
CA THR MD 6 12.64 29.19 -129.71
C THR MD 6 13.25 28.00 -130.39
N VAL MD 7 12.88 26.81 -129.95
CA VAL MD 7 13.43 25.60 -130.55
C VAL MD 7 12.31 24.90 -131.30
N THR MD 8 12.37 24.91 -132.61
CA THR MD 8 11.41 24.21 -133.44
C THR MD 8 11.90 22.78 -133.63
N LEU MD 9 10.97 21.85 -133.64
CA LEU MD 9 11.29 20.44 -133.85
C LEU MD 9 10.34 19.86 -134.87
N GLY MD 10 10.92 19.30 -135.94
CA GLY MD 10 10.15 18.58 -136.93
C GLY MD 10 10.34 17.08 -136.73
N ASN MD 11 9.54 16.32 -137.47
CA ASN MD 11 9.67 14.86 -137.50
C ASN MD 11 9.53 14.28 -136.10
N ILE MD 12 8.31 14.36 -135.58
CA ILE MD 12 8.03 13.99 -134.20
C ILE MD 12 6.91 12.97 -134.22
N GLY MD 13 6.89 12.10 -133.21
CA GLY MD 13 5.85 11.11 -133.07
C GLY MD 13 5.98 10.00 -134.09
N LYS MD 14 5.18 8.95 -133.86
CA LYS MD 14 5.19 7.81 -134.77
C LYS MD 14 4.98 8.25 -136.21
N ASP MD 15 4.15 9.26 -136.42
CA ASP MD 15 3.97 9.81 -137.76
C ASP MD 15 5.26 10.44 -138.26
N GLY MD 16 5.88 11.29 -137.47
CA GLY MD 16 6.97 12.09 -137.98
C GLY MD 16 6.50 13.35 -138.68
N LYS MD 17 5.19 13.55 -138.76
CA LYS MD 17 4.66 14.82 -139.26
C LYS MD 17 4.41 15.78 -138.11
N GLN MD 18 4.53 15.30 -136.88
CA GLN MD 18 4.35 16.14 -135.71
C GLN MD 18 5.48 17.14 -135.61
N THR MD 19 5.15 18.35 -135.20
CA THR MD 19 6.13 19.41 -134.98
C THR MD 19 5.89 20.04 -133.62
N LEU MD 20 6.95 20.60 -133.05
CA LEU MD 20 6.86 21.21 -131.73
C LEU MD 20 7.81 22.38 -131.64
N VAL MD 21 7.38 23.44 -130.98
CA VAL MD 21 8.22 24.57 -130.69
C VAL MD 21 8.35 24.68 -129.18
N LEU MD 22 9.48 25.24 -128.74
CA LEU MD 22 9.77 25.36 -127.31
C LEU MD 22 10.24 26.78 -127.02
N ASN MD 23 9.54 27.46 -126.19
CA ASN MD 23 10.05 28.77 -125.88
C ASN MD 23 10.99 28.71 -124.69
N PRO MD 24 12.00 29.58 -124.66
CA PRO MD 24 12.83 29.68 -123.48
C PRO MD 24 12.02 30.12 -122.28
N ARG MD 25 12.15 29.34 -121.20
CA ARG MD 25 11.42 29.62 -119.97
C ARG MD 25 12.26 30.37 -118.95
N GLY MD 26 13.49 30.72 -119.29
CA GLY MD 26 14.42 31.24 -118.30
C GLY MD 26 15.17 30.12 -117.61
N VAL MD 27 15.94 30.50 -116.61
CA VAL MD 27 16.79 29.56 -115.89
C VAL MD 27 16.59 29.74 -114.40
N ASN MD 28 16.30 28.65 -113.72
CA ASN MD 28 16.29 28.72 -112.27
C ASN MD 28 17.72 28.84 -111.76
N PRO MD 29 18.12 29.96 -111.16
CA PRO MD 29 19.50 30.10 -110.72
C PRO MD 29 19.85 29.23 -109.54
N THR MD 30 18.88 28.88 -108.70
CA THR MD 30 19.18 28.08 -107.52
C THR MD 30 19.86 26.77 -107.90
N ASN MD 31 19.11 25.87 -108.51
CA ASN MD 31 19.69 24.65 -109.04
C ASN MD 31 20.54 24.91 -110.27
N GLY MD 32 20.47 26.11 -110.84
CA GLY MD 32 21.21 26.39 -112.06
C GLY MD 32 20.73 25.54 -113.22
N VAL MD 33 19.44 25.56 -113.51
CA VAL MD 33 18.86 24.71 -114.53
C VAL MD 33 18.00 25.55 -115.44
N ALA MD 34 18.23 25.42 -116.75
CA ALA MD 34 17.40 26.07 -117.74
C ALA MD 34 16.08 25.34 -117.90
N SER MD 35 15.12 26.03 -118.49
CA SER MD 35 13.81 25.46 -118.72
C SER MD 35 13.30 25.89 -120.08
N LEU MD 36 12.62 24.97 -120.76
CA LEU MD 36 12.02 25.24 -122.06
C LEU MD 36 10.61 24.71 -122.04
N SER MD 37 9.73 25.34 -122.81
CA SER MD 37 8.36 24.85 -122.84
C SER MD 37 7.71 25.14 -124.17
N GLN MD 38 6.79 24.26 -124.54
CA GLN MD 38 5.77 24.59 -125.52
C GLN MD 38 4.94 25.74 -125.00
N ALA MD 39 4.44 26.56 -125.93
CA ALA MD 39 3.48 27.59 -125.55
C ALA MD 39 2.09 27.03 -125.74
N GLY MD 40 1.46 26.71 -124.61
CA GLY MD 40 0.09 26.26 -124.59
C GLY MD 40 -0.81 27.29 -123.95
N ALA MD 41 -1.92 26.80 -123.41
CA ALA MD 41 -2.78 27.64 -122.59
C ALA MD 41 -2.34 27.60 -121.14
N VAL MD 42 -2.45 26.45 -120.51
CA VAL MD 42 -2.15 26.31 -119.09
C VAL MD 42 -0.73 25.79 -118.93
N PRO MD 43 0.16 26.54 -118.27
CA PRO MD 43 1.51 26.05 -118.05
C PRO MD 43 1.58 24.67 -117.43
N ALA MD 44 0.72 24.37 -116.47
CA ALA MD 44 0.62 23.01 -115.93
C ALA MD 44 0.42 21.98 -117.03
N LEU MD 45 -0.36 22.32 -118.06
CA LEU MD 45 -0.54 21.42 -119.18
C LEU MD 45 0.63 21.47 -120.16
N GLU MD 46 1.33 22.59 -120.23
CA GLU MD 46 2.32 22.79 -121.26
C GLU MD 46 3.50 21.86 -121.08
N LYS MD 47 4.04 21.38 -122.19
CA LYS MD 47 5.17 20.45 -122.18
C LYS MD 47 6.36 21.18 -121.61
N ARG MD 48 7.20 20.47 -120.89
CA ARG MD 48 8.38 21.08 -120.30
C ARG MD 48 9.63 20.35 -120.72
N VAL MD 49 10.72 21.10 -120.88
CA VAL MD 49 12.03 20.54 -121.20
C VAL MD 49 13.05 21.22 -120.31
N THR MD 50 13.87 20.43 -119.64
CA THR MD 50 14.84 20.94 -118.69
C THR MD 50 16.23 20.42 -119.04
N VAL MD 51 17.20 21.31 -119.06
CA VAL MD 51 18.59 20.93 -119.28
C VAL MD 51 19.42 21.59 -118.20
N SER MD 52 20.55 20.95 -117.90
CA SER MD 52 21.44 21.48 -116.89
C SER MD 52 22.85 21.00 -117.17
N VAL MD 53 23.81 21.81 -116.74
CA VAL MD 53 25.21 21.39 -116.75
C VAL MD 53 25.63 21.27 -115.31
N SER MD 54 26.90 20.94 -115.08
CA SER MD 54 27.44 20.83 -113.75
C SER MD 54 28.94 21.02 -113.82
N GLN MD 55 29.55 21.25 -112.67
CA GLN MD 55 30.99 21.37 -112.63
C GLN MD 55 31.51 20.60 -111.44
N PRO MD 56 32.68 19.97 -111.57
CA PRO MD 56 33.17 19.12 -110.50
C PRO MD 56 33.47 19.92 -109.24
N SER MD 57 33.14 19.32 -108.10
CA SER MD 57 33.35 19.96 -106.81
C SER MD 57 34.16 19.00 -105.94
N ARG MD 58 34.35 19.39 -104.69
CA ARG MD 58 34.92 18.47 -103.71
C ARG MD 58 34.06 17.23 -103.51
N ASN MD 59 32.77 17.31 -103.82
CA ASN MD 59 31.89 16.16 -103.75
C ASN MD 59 32.02 15.21 -104.93
N ARG MD 60 32.22 15.74 -106.13
CA ARG MD 60 32.34 14.91 -107.31
C ARG MD 60 33.31 15.55 -108.29
N LYS MD 61 34.13 14.73 -108.92
CA LYS MD 61 35.15 15.19 -109.84
C LYS MD 61 34.66 15.11 -111.28
N ASN MD 62 33.40 14.73 -111.46
CA ASN MD 62 32.88 14.43 -112.78
C ASN MD 62 31.85 15.47 -113.18
N TYR MD 63 31.73 15.70 -114.48
CA TYR MD 63 30.68 16.56 -114.99
C TYR MD 63 29.38 15.78 -115.12
N LYS MD 64 28.29 16.43 -114.77
CA LYS MD 64 26.95 15.87 -114.96
C LYS MD 64 26.18 16.76 -115.91
N VAL MD 65 25.53 16.15 -116.87
CA VAL MD 65 24.60 16.85 -117.76
C VAL MD 65 23.27 16.13 -117.65
N GLN MD 66 22.29 16.82 -117.10
CA GLN MD 66 20.99 16.24 -116.83
C GLN MD 66 19.94 16.87 -117.73
N VAL MD 67 19.11 16.03 -118.34
CA VAL MD 67 18.04 16.49 -119.19
C VAL MD 67 16.79 15.71 -118.82
N LYS MD 68 15.73 16.43 -118.46
CA LYS MD 68 14.47 15.83 -118.09
C LYS MD 68 13.36 16.41 -118.95
N ILE MD 69 12.39 15.57 -119.29
CA ILE MD 69 11.26 15.97 -120.11
C ILE MD 69 9.99 15.58 -119.39
N GLN MD 70 9.04 16.50 -119.35
CA GLN MD 70 7.79 16.31 -118.64
C GLN MD 70 6.65 16.62 -119.59
N ASN MD 71 5.84 15.60 -119.89
CA ASN MD 71 4.74 15.72 -120.85
C ASN MD 71 3.48 15.18 -120.21
N PRO MD 72 2.68 16.04 -119.60
CA PRO MD 72 1.46 15.57 -118.95
C PRO MD 72 0.43 15.12 -119.97
N THR MD 73 -0.67 14.60 -119.46
CA THR MD 73 -1.80 14.18 -120.26
C THR MD 73 -3.03 14.96 -119.83
N ALA MD 74 -3.51 15.82 -120.71
CA ALA MD 74 -4.66 16.65 -120.42
C ALA MD 74 -5.93 15.82 -120.46
N CYS MD 75 -6.79 15.99 -119.47
CA CYS MD 75 -8.15 15.48 -119.53
C CYS MD 75 -9.02 16.69 -119.88
N THR MD 76 -9.51 16.73 -121.12
CA THR MD 76 -10.26 17.88 -121.57
C THR MD 76 -11.57 18.02 -120.82
N ALA MD 77 -12.40 16.98 -120.88
CA ALA MD 77 -13.66 16.97 -120.15
C ALA MD 77 -13.47 16.10 -118.93
N ASN MD 78 -13.40 16.74 -117.76
CA ASN MD 78 -13.41 16.04 -116.49
C ASN MD 78 -14.80 16.00 -115.89
N GLY MD 79 -15.81 16.49 -116.62
CA GLY MD 79 -17.06 16.84 -116.00
C GLY MD 79 -17.03 18.18 -115.33
N SER MD 80 -15.91 18.90 -115.48
CA SER MD 80 -15.73 20.22 -114.88
C SER MD 80 -15.30 21.17 -115.98
N CYS MD 81 -15.37 22.46 -115.68
CA CYS MD 81 -15.10 23.49 -116.68
C CYS MD 81 -13.63 23.60 -117.06
N ASP MD 82 -12.73 23.00 -116.28
CA ASP MD 82 -11.32 23.16 -116.58
C ASP MD 82 -10.66 21.81 -116.78
N PRO MD 83 -9.73 21.71 -117.71
CA PRO MD 83 -9.00 20.45 -117.89
C PRO MD 83 -8.11 20.17 -116.69
N SER MD 84 -7.69 18.92 -116.57
CA SER MD 84 -6.91 18.49 -115.43
C SER MD 84 -5.83 17.52 -115.86
N VAL MD 85 -4.71 17.56 -115.14
CA VAL MD 85 -3.61 16.65 -115.38
C VAL MD 85 -4.06 15.24 -115.05
N THR MD 86 -3.79 14.30 -115.94
CA THR MD 86 -4.14 12.92 -115.67
C THR MD 86 -2.89 12.07 -115.45
N ARG MD 87 -2.15 11.81 -116.53
CA ARG MD 87 -0.92 11.06 -116.47
C ARG MD 87 0.24 12.00 -116.75
N GLN MD 88 1.37 11.73 -116.11
CA GLN MD 88 2.53 12.59 -116.29
C GLN MD 88 3.66 11.72 -116.82
N ALA MD 89 4.05 11.96 -118.07
CA ALA MD 89 5.13 11.21 -118.71
C ALA MD 89 6.46 11.79 -118.25
N TYR MD 90 7.33 10.94 -117.74
CA TYR MD 90 8.65 11.38 -117.32
C TYR MD 90 9.73 10.79 -118.22
N ALA MD 91 10.47 11.68 -118.85
CA ALA MD 91 11.60 11.28 -119.67
C ALA MD 91 12.85 11.93 -119.08
N ASP MD 92 13.78 11.11 -118.63
CA ASP MD 92 14.99 11.59 -117.95
C ASP MD 92 16.22 11.06 -118.65
N VAL MD 93 17.20 11.93 -118.85
CA VAL MD 93 18.47 11.59 -119.48
C VAL MD 93 19.57 12.28 -118.69
N THR MD 94 20.64 11.54 -118.41
CA THR MD 94 21.79 12.08 -117.71
C THR MD 94 23.07 11.77 -118.47
N PHE MD 95 24.13 12.47 -118.09
CA PHE MD 95 25.44 12.23 -118.68
C PHE MD 95 26.50 12.40 -117.62
N SER MD 96 27.53 11.56 -117.71
CA SER MD 96 28.67 11.68 -116.83
C SER MD 96 29.92 11.76 -117.70
N PHE MD 97 30.88 12.57 -117.24
CA PHE MD 97 32.13 12.71 -117.97
C PHE MD 97 33.25 13.00 -116.97
N THR MD 98 34.46 12.74 -117.42
CA THR MD 98 35.64 12.96 -116.61
C THR MD 98 36.33 14.24 -117.07
N GLN MD 99 36.95 14.92 -116.13
CA GLN MD 99 37.64 16.16 -116.44
C GLN MD 99 38.54 16.04 -117.64
N TYR MD 100 39.07 14.87 -117.92
CA TYR MD 100 39.89 14.68 -119.10
C TYR MD 100 39.09 14.22 -120.32
N SER MD 101 37.76 14.15 -120.21
CA SER MD 101 36.95 13.72 -121.33
C SER MD 101 37.22 14.61 -122.53
N THR MD 102 37.36 14.00 -123.71
CA THR MD 102 37.65 14.81 -124.88
C THR MD 102 36.36 15.19 -125.59
N ASP MD 103 36.50 15.95 -126.66
CA ASP MD 103 35.34 16.43 -127.39
C ASP MD 103 34.67 15.30 -128.15
N GLU MD 104 35.40 14.63 -129.03
CA GLU MD 104 34.78 13.67 -129.92
C GLU MD 104 34.13 12.54 -129.15
N GLU MD 105 34.77 12.08 -128.08
CA GLU MD 105 34.13 11.10 -127.20
C GLU MD 105 32.73 11.54 -126.83
N ARG MD 106 32.60 12.75 -126.31
CA ARG MD 106 31.28 13.27 -126.00
C ARG MD 106 30.42 13.31 -127.25
N ALA MD 107 30.91 13.97 -128.30
CA ALA MD 107 30.18 13.98 -129.56
C ALA MD 107 29.78 12.57 -129.98
N PHE MD 108 30.70 11.63 -129.88
CA PHE MD 108 30.38 10.24 -130.19
C PHE MD 108 29.19 9.77 -129.38
N VAL MD 109 29.14 10.12 -128.09
CA VAL MD 109 28.01 9.72 -127.27
C VAL MD 109 26.73 10.34 -127.77
N ARG MD 110 26.76 11.61 -128.13
CA ARG MD 110 25.53 12.31 -128.47
C ARG MD 110 24.81 11.62 -129.61
N THR MD 111 25.49 11.46 -130.75
CA THR MD 111 24.83 10.87 -131.91
C THR MD 111 24.30 9.48 -131.61
N GLU MD 112 25.17 8.57 -131.16
CA GLU MD 112 24.76 7.18 -131.00
C GLU MD 112 23.50 7.05 -130.17
N LEU MD 113 23.36 7.83 -129.10
CA LEU MD 113 22.14 7.77 -128.34
C LEU MD 113 20.94 8.07 -129.22
N ALA MD 114 21.04 9.12 -130.03
CA ALA MD 114 19.97 9.42 -130.96
C ALA MD 114 19.70 8.25 -131.89
N ALA MD 115 20.75 7.73 -132.54
CA ALA MD 115 20.57 6.60 -133.44
C ALA MD 115 19.80 5.48 -132.78
N LEU MD 116 20.16 5.12 -131.55
CA LEU MD 116 19.39 4.13 -130.82
C LEU MD 116 17.94 4.51 -130.77
N LEU MD 117 17.64 5.76 -130.44
CA LEU MD 117 16.25 6.17 -130.36
C LEU MD 117 15.53 5.98 -131.68
N ALA MD 118 16.24 6.04 -132.79
CA ALA MD 118 15.67 5.71 -134.08
C ALA MD 118 15.82 4.24 -134.42
N SER MD 119 16.58 3.49 -133.63
CA SER MD 119 16.77 2.09 -133.95
C SER MD 119 15.47 1.33 -133.78
N PRO MD 120 15.23 0.31 -134.62
CA PRO MD 120 14.04 -0.52 -134.45
C PRO MD 120 14.01 -1.26 -133.14
N LEU MD 121 15.14 -1.38 -132.46
CA LEU MD 121 15.14 -2.05 -131.17
C LEU MD 121 14.29 -1.29 -130.16
N LEU MD 122 14.65 -0.05 -129.88
CA LEU MD 122 14.01 0.67 -128.80
C LEU MD 122 12.54 0.93 -129.04
N ILE MD 123 12.12 1.08 -130.29
CA ILE MD 123 10.73 1.45 -130.54
C ILE MD 123 9.78 0.45 -129.92
N ASP MD 124 9.99 -0.84 -130.13
CA ASP MD 124 9.21 -1.84 -129.43
C ASP MD 124 9.39 -1.77 -127.93
N ALA MD 125 10.64 -1.60 -127.49
CA ALA MD 125 10.90 -1.36 -126.08
C ALA MD 125 10.15 -0.15 -125.54
N ILE MD 126 10.21 0.98 -126.23
CA ILE MD 126 9.50 2.17 -125.82
C ILE MD 126 8.02 2.07 -126.12
N ASP MD 127 7.66 2.05 -127.39
CA ASP MD 127 6.26 2.16 -127.76
C ASP MD 127 5.43 1.00 -127.23
N GLN MD 128 5.84 -0.22 -127.53
CA GLN MD 128 5.06 -1.38 -127.15
C GLN MD 128 5.51 -2.00 -125.83
N LEU MD 129 6.46 -1.39 -125.14
CA LEU MD 129 6.92 -1.86 -123.83
C LEU MD 129 7.34 -3.32 -123.92
N ASN MD 130 8.39 -3.55 -124.70
CA ASN MD 130 8.77 -4.94 -124.87
C ASN MD 130 10.24 -5.12 -124.54
N PRO MD 131 10.57 -6.21 -123.89
CA PRO MD 131 11.98 -6.54 -123.69
C PRO MD 131 12.62 -6.97 -124.99
N ALA MD 132 13.82 -7.54 -124.89
CA ALA MD 132 14.75 -7.65 -126.00
C ALA MD 132 14.45 -8.82 -126.92
N TYR MD 133 13.36 -9.53 -126.68
CA TYR MD 133 13.07 -10.70 -127.49
C TYR MD 133 12.05 -10.38 -128.55
N ALA ND 2 -34.47 -123.34 -6.24
CA ALA ND 2 -35.36 -123.97 -5.28
C ALA ND 2 -35.00 -123.54 -3.86
N LYS ND 3 -35.59 -124.21 -2.88
CA LYS ND 3 -35.41 -123.89 -1.48
C LYS ND 3 -33.97 -124.12 -1.06
N LEU ND 4 -33.47 -123.22 -0.23
CA LEU ND 4 -32.21 -123.44 0.46
C LEU ND 4 -32.32 -124.74 1.24
N GLU ND 5 -31.35 -125.61 1.07
CA GLU ND 5 -31.35 -126.88 1.77
C GLU ND 5 -29.94 -127.24 2.18
N THR ND 6 -29.83 -128.35 2.89
CA THR ND 6 -28.52 -128.93 3.16
C THR ND 6 -27.98 -129.38 1.82
N VAL ND 7 -26.79 -128.92 1.49
CA VAL ND 7 -26.20 -129.29 0.21
C VAL ND 7 -24.99 -130.18 0.49
N THR ND 8 -25.12 -131.46 0.18
CA THR ND 8 -24.03 -132.40 0.31
C THR ND 8 -23.20 -132.36 -0.96
N LEU ND 9 -21.90 -132.48 -0.81
CA LEU ND 9 -20.99 -132.50 -1.95
C LEU ND 9 -20.01 -133.65 -1.79
N GLY ND 10 -19.97 -134.53 -2.79
CA GLY ND 10 -18.99 -135.58 -2.85
C GLY ND 10 -17.90 -135.22 -3.85
N ASN ND 11 -16.85 -136.03 -3.86
CA ASN ND 11 -15.78 -135.92 -4.83
C ASN ND 11 -15.16 -134.52 -4.77
N ILE ND 12 -14.45 -134.28 -3.68
CA ILE ND 12 -13.91 -132.96 -3.39
C ILE ND 12 -12.42 -133.11 -3.14
N GLY ND 13 -11.66 -132.06 -3.44
CA GLY ND 13 -10.24 -132.05 -3.21
C GLY ND 13 -9.50 -132.92 -4.19
N LYS ND 14 -8.18 -132.78 -4.16
CA LYS ND 14 -7.32 -133.56 -5.04
C LYS ND 14 -7.62 -135.04 -4.93
N ASP ND 15 -7.94 -135.50 -3.72
CA ASP ND 15 -8.34 -136.89 -3.54
C ASP ND 15 -9.64 -137.18 -4.26
N GLY ND 16 -10.65 -136.35 -4.06
CA GLY ND 16 -11.98 -136.69 -4.52
C GLY ND 16 -12.72 -137.59 -3.56
N LYS ND 17 -12.10 -137.94 -2.44
CA LYS ND 17 -12.82 -138.65 -1.39
C LYS ND 17 -13.37 -137.66 -0.37
N GLN ND 18 -12.99 -136.39 -0.48
CA GLN ND 18 -13.48 -135.36 0.42
C GLN ND 18 -14.95 -135.11 0.16
N THR ND 19 -15.69 -134.89 1.24
CA THR ND 19 -17.10 -134.56 1.17
C THR ND 19 -17.39 -133.34 2.02
N LEU ND 20 -18.45 -132.63 1.66
CA LEU ND 20 -18.79 -131.40 2.37
C LEU ND 20 -20.30 -131.22 2.37
N VAL ND 21 -20.83 -130.75 3.49
CA VAL ND 21 -22.23 -130.39 3.58
C VAL ND 21 -22.32 -128.90 3.86
N LEU ND 22 -23.41 -128.29 3.44
CA LEU ND 22 -23.61 -126.85 3.59
C LEU ND 22 -25.00 -126.61 4.13
N ASN ND 23 -25.07 -125.99 5.25
CA ASN ND 23 -26.40 -125.70 5.72
C ASN ND 23 -26.86 -124.33 5.20
N PRO ND 24 -28.16 -124.18 4.97
CA PRO ND 24 -28.68 -122.86 4.62
C PRO ND 24 -28.46 -121.89 5.77
N ARG ND 25 -27.86 -120.75 5.45
CA ARG ND 25 -27.58 -119.73 6.43
C ARG ND 25 -28.61 -118.62 6.45
N GLY ND 26 -29.66 -118.72 5.64
CA GLY ND 26 -30.58 -117.63 5.46
C GLY ND 26 -30.11 -116.70 4.36
N VAL ND 27 -30.81 -115.59 4.21
CA VAL ND 27 -30.55 -114.64 3.13
C VAL ND 27 -30.48 -113.25 3.71
N ASN ND 28 -29.41 -112.54 3.43
CA ASN ND 28 -29.37 -111.14 3.78
C ASN ND 28 -30.29 -110.37 2.86
N PRO ND 29 -31.39 -109.80 3.35
CA PRO ND 29 -32.33 -109.10 2.47
C PRO ND 29 -31.77 -107.80 1.93
N THR ND 30 -30.86 -107.14 2.65
CA THR ND 30 -30.34 -105.86 2.19
C THR ND 30 -29.73 -106.00 0.80
N ASN ND 31 -28.60 -106.67 0.70
CA ASN ND 31 -28.01 -106.96 -0.60
C ASN ND 31 -28.80 -108.01 -1.36
N GLY ND 32 -29.75 -108.68 -0.71
CA GLY ND 32 -30.48 -109.74 -1.36
C GLY ND 32 -29.59 -110.89 -1.75
N VAL ND 33 -28.85 -111.44 -0.81
CA VAL ND 33 -27.86 -112.48 -1.09
C VAL ND 33 -28.07 -113.62 -0.11
N ALA ND 34 -28.18 -114.83 -0.65
CA ALA ND 34 -28.25 -116.03 0.16
C ALA ND 34 -26.87 -116.39 0.71
N SER ND 35 -26.88 -117.21 1.74
CA SER ND 35 -25.64 -117.66 2.36
C SER ND 35 -25.75 -119.13 2.72
N LEU ND 36 -24.66 -119.85 2.54
CA LEU ND 36 -24.57 -121.26 2.89
C LEU ND 36 -23.30 -121.49 3.66
N SER ND 37 -23.31 -122.48 4.55
CA SER ND 37 -22.10 -122.73 5.31
C SER ND 37 -22.01 -124.19 5.71
N GLN ND 38 -20.77 -124.66 5.80
CA GLN ND 38 -20.47 -125.85 6.57
C GLN ND 38 -20.85 -125.62 8.01
N ALA ND 39 -21.25 -126.69 8.69
CA ALA ND 39 -21.47 -126.61 10.13
C ALA ND 39 -20.18 -127.02 10.83
N GLY ND 40 -19.50 -126.02 11.37
CA GLY ND 40 -18.32 -126.24 12.15
C GLY ND 40 -18.54 -125.90 13.60
N ALA ND 41 -17.45 -125.55 14.27
CA ALA ND 41 -17.56 -125.00 15.62
C ALA ND 41 -17.71 -123.49 15.56
N VAL ND 42 -16.68 -122.80 15.09
CA VAL ND 42 -16.69 -121.34 15.08
C VAL ND 42 -17.12 -120.85 13.71
N PRO ND 43 -18.21 -120.09 13.62
CA PRO ND 43 -18.64 -119.55 12.32
C PRO ND 43 -17.54 -118.83 11.57
N ALA ND 44 -16.72 -118.03 12.25
CA ALA ND 44 -15.56 -117.42 11.64
C ALA ND 44 -14.69 -118.43 10.94
N LEU ND 45 -14.54 -119.63 11.51
CA LEU ND 45 -13.78 -120.69 10.88
C LEU ND 45 -14.57 -121.40 9.81
N GLU ND 46 -15.89 -121.43 9.91
CA GLU ND 46 -16.72 -122.25 9.05
C GLU ND 46 -16.68 -121.75 7.62
N LYS ND 47 -16.68 -122.69 6.68
CA LYS ND 47 -16.62 -122.37 5.26
C LYS ND 47 -17.90 -121.63 4.90
N ARG ND 48 -17.81 -120.69 3.97
CA ARG ND 48 -18.97 -119.93 3.57
C ARG ND 48 -19.17 -120.02 2.07
N VAL ND 49 -20.43 -120.01 1.64
CA VAL ND 49 -20.79 -120.02 0.24
C VAL ND 49 -21.91 -119.01 0.05
N THR ND 50 -21.74 -118.12 -0.91
CA THR ND 50 -22.67 -117.04 -1.15
C THR ND 50 -23.12 -117.05 -2.60
N VAL ND 51 -24.42 -116.95 -2.83
CA VAL ND 51 -24.97 -116.84 -4.16
C VAL ND 51 -25.93 -115.68 -4.19
N SER ND 52 -26.10 -115.10 -5.37
CA SER ND 52 -27.00 -113.98 -5.52
C SER ND 52 -27.48 -113.92 -6.96
N VAL ND 53 -28.68 -113.38 -7.12
CA VAL ND 53 -29.20 -113.08 -8.44
C VAL ND 53 -29.28 -111.57 -8.54
N SER ND 54 -29.77 -111.07 -9.65
CA SER ND 54 -29.93 -109.64 -9.85
C SER ND 54 -31.00 -109.43 -10.91
N GLN ND 55 -31.48 -108.20 -10.99
CA GLN ND 55 -32.44 -107.88 -12.03
C GLN ND 55 -32.08 -106.53 -12.64
N PRO ND 56 -32.30 -106.38 -13.94
CA PRO ND 56 -31.86 -105.16 -14.61
C PRO ND 56 -32.60 -103.95 -14.09
N SER ND 57 -31.86 -102.85 -13.96
CA SER ND 57 -32.42 -101.60 -13.46
C SER ND 57 -32.11 -100.50 -14.47
N ARG ND 58 -32.45 -99.27 -14.12
CA ARG ND 58 -32.01 -98.12 -14.90
C ARG ND 58 -30.50 -98.01 -14.94
N ASN ND 59 -29.79 -98.57 -13.97
CA ASN ND 59 -28.35 -98.59 -13.97
C ASN ND 59 -27.74 -99.63 -14.89
N ARG ND 60 -28.35 -100.81 -14.99
CA ARG ND 60 -27.83 -101.86 -15.82
C ARG ND 60 -28.98 -102.67 -16.39
N LYS ND 61 -28.86 -103.05 -17.65
CA LYS ND 61 -29.89 -103.78 -18.36
C LYS ND 61 -29.61 -105.27 -18.34
N ASN ND 62 -28.56 -105.67 -17.63
CA ASN ND 62 -28.09 -107.05 -17.69
C ASN ND 62 -28.30 -107.73 -16.36
N TYR ND 63 -28.49 -109.05 -16.41
CA TYR ND 63 -28.57 -109.83 -15.20
C TYR ND 63 -27.18 -110.16 -14.69
N LYS ND 64 -27.01 -110.09 -13.37
CA LYS ND 64 -25.77 -110.50 -12.73
C LYS ND 64 -26.06 -111.66 -11.79
N VAL ND 65 -25.23 -112.69 -11.87
CA VAL ND 65 -25.27 -113.79 -10.93
C VAL ND 65 -23.89 -113.89 -10.31
N GLN ND 66 -23.82 -113.62 -9.01
CA GLN ND 66 -22.56 -113.56 -8.31
C GLN ND 66 -22.47 -114.71 -7.32
N VAL ND 67 -21.35 -115.41 -7.32
CA VAL ND 67 -21.10 -116.50 -6.40
C VAL ND 67 -19.71 -116.32 -5.83
N LYS ND 68 -19.63 -116.24 -4.50
CA LYS ND 68 -18.35 -116.08 -3.81
C LYS ND 68 -18.19 -117.21 -2.79
N ILE ND 69 -16.96 -117.66 -2.62
CA ILE ND 69 -16.64 -118.73 -1.69
C ILE ND 69 -15.52 -118.24 -0.79
N GLN ND 70 -15.68 -118.48 0.51
CA GLN ND 70 -14.73 -118.02 1.50
C GLN ND 70 -14.33 -119.20 2.37
N ASN ND 71 -13.06 -119.58 2.31
CA ASN ND 71 -12.54 -120.75 3.02
C ASN ND 71 -11.31 -120.33 3.81
N PRO ND 72 -11.47 -119.97 5.07
CA PRO ND 72 -10.32 -119.54 5.87
C PRO ND 72 -9.40 -120.71 6.17
N THR ND 73 -8.30 -120.39 6.82
CA THR ND 73 -7.33 -121.38 7.27
C THR ND 73 -7.19 -121.26 8.77
N ALA ND 74 -7.62 -122.29 9.47
CA ALA ND 74 -7.57 -122.32 10.92
C ALA ND 74 -6.14 -122.55 11.37
N CYS ND 75 -5.70 -121.77 12.35
CA CYS ND 75 -4.48 -122.07 13.09
C CYS ND 75 -4.93 -122.68 14.41
N THR ND 76 -4.73 -123.99 14.55
CA THR ND 76 -5.23 -124.69 15.72
C THR ND 76 -4.49 -124.23 16.97
N ALA ND 77 -3.18 -124.37 16.97
CA ALA ND 77 -2.37 -123.91 18.09
C ALA ND 77 -1.71 -122.60 17.68
N ASN ND 78 -2.20 -121.51 18.26
CA ASN ND 78 -1.57 -120.21 18.12
C ASN ND 78 -0.66 -119.91 19.30
N GLY ND 79 -0.48 -120.86 20.21
CA GLY ND 79 0.04 -120.54 21.51
C GLY ND 79 -1.02 -120.01 22.45
N SER ND 80 -2.27 -119.98 21.99
CA SER ND 80 -3.38 -119.47 22.76
C SER ND 80 -4.47 -120.54 22.77
N CYS ND 81 -5.44 -120.38 23.67
CA CYS ND 81 -6.48 -121.37 23.86
C CYS ND 81 -7.47 -121.45 22.72
N ASP ND 82 -7.50 -120.48 21.83
CA ASP ND 82 -8.49 -120.48 20.78
C ASP ND 82 -7.82 -120.43 19.41
N PRO ND 83 -8.38 -121.14 18.44
CA PRO ND 83 -7.82 -121.06 17.09
C PRO ND 83 -8.06 -119.69 16.49
N SER ND 84 -7.32 -119.38 15.43
CA SER ND 84 -7.39 -118.07 14.82
C SER ND 84 -7.30 -118.18 13.30
N VAL ND 85 -7.97 -117.25 12.63
CA VAL ND 85 -7.93 -117.19 11.17
C VAL ND 85 -6.51 -116.83 10.76
N THR ND 86 -5.98 -117.57 9.78
CA THR ND 86 -4.66 -117.26 9.28
C THR ND 86 -4.72 -116.73 7.86
N ARG ND 87 -5.02 -117.61 6.91
CA ARG ND 87 -5.16 -117.22 5.52
C ARG ND 87 -6.63 -117.34 5.13
N GLN ND 88 -7.06 -116.47 4.22
CA GLN ND 88 -8.46 -116.48 3.81
C GLN ND 88 -8.49 -116.70 2.31
N ALA ND 89 -8.98 -117.86 1.89
CA ALA ND 89 -9.07 -118.20 0.48
C ALA ND 89 -10.32 -117.53 -0.11
N TYR ND 90 -10.13 -116.78 -1.19
CA TYR ND 90 -11.25 -116.14 -1.85
C TYR ND 90 -11.50 -116.74 -3.22
N ALA ND 91 -12.69 -117.29 -3.39
CA ALA ND 91 -13.10 -117.82 -4.68
C ALA ND 91 -14.33 -117.06 -5.12
N ASP ND 92 -14.22 -116.35 -6.24
CA ASP ND 92 -15.29 -115.49 -6.73
C ASP ND 92 -15.65 -115.86 -8.15
N VAL ND 93 -16.95 -115.94 -8.41
CA VAL ND 93 -17.48 -116.26 -9.73
C VAL ND 93 -18.65 -115.34 -10.00
N THR ND 94 -18.71 -114.79 -11.21
CA THR ND 94 -19.79 -113.90 -11.62
C THR ND 94 -20.36 -114.37 -12.95
N PHE ND 95 -21.53 -113.83 -13.27
CA PHE ND 95 -22.16 -114.13 -14.54
C PHE ND 95 -22.89 -112.90 -15.03
N SER ND 96 -22.85 -112.70 -16.35
CA SER ND 96 -23.58 -111.62 -16.97
C SER ND 96 -24.45 -112.21 -18.06
N PHE ND 97 -25.65 -111.65 -18.23
CA PHE ND 97 -26.56 -112.10 -19.26
C PHE ND 97 -27.40 -110.94 -19.73
N THR ND 98 -27.96 -111.10 -20.91
CA THR ND 98 -28.80 -110.10 -21.52
C THR ND 98 -30.25 -110.52 -21.38
N GLN ND 99 -31.12 -109.52 -21.26
CA GLN ND 99 -32.54 -109.79 -21.10
C GLN ND 99 -33.06 -110.77 -22.11
N TYR ND 100 -32.46 -110.84 -23.29
CA TYR ND 100 -32.87 -111.80 -24.29
C TYR ND 100 -32.11 -113.12 -24.20
N SER ND 101 -31.24 -113.27 -23.21
CA SER ND 101 -30.47 -114.49 -23.08
C SER ND 101 -31.41 -115.70 -23.01
N THR ND 102 -31.07 -116.76 -23.73
CA THR ND 102 -31.94 -117.92 -23.72
C THR ND 102 -31.52 -118.90 -22.64
N ASP ND 103 -32.27 -119.98 -22.53
CA ASP ND 103 -31.98 -120.97 -21.50
C ASP ND 103 -30.72 -121.75 -21.82
N GLU ND 104 -30.68 -122.40 -22.98
CA GLU ND 104 -29.59 -123.31 -23.27
C GLU ND 104 -28.26 -122.60 -23.28
N GLU ND 105 -28.22 -121.38 -23.82
CA GLU ND 105 -27.02 -120.57 -23.73
C GLU ND 105 -26.50 -120.54 -22.31
N ARG ND 106 -27.34 -120.15 -21.37
CA ARG ND 106 -26.95 -120.17 -19.97
C ARG ND 106 -26.53 -121.56 -19.56
N ALA ND 107 -27.40 -122.55 -19.75
CA ALA ND 107 -27.04 -123.92 -19.46
C ALA ND 107 -25.71 -124.30 -20.09
N PHE ND 108 -25.50 -123.92 -21.35
CA PHE ND 108 -24.23 -124.18 -21.99
C PHE ND 108 -23.09 -123.58 -21.19
N VAL ND 109 -23.27 -122.38 -20.66
CA VAL ND 109 -22.22 -121.76 -19.87
C VAL ND 109 -21.95 -122.57 -18.62
N ARG ND 110 -23.01 -123.02 -17.95
CA ARG ND 110 -22.83 -123.66 -16.66
C ARG ND 110 -21.92 -124.87 -16.76
N THR ND 111 -22.27 -125.83 -17.62
CA THR ND 111 -21.47 -127.04 -17.71
C THR ND 111 -20.03 -126.74 -18.08
N GLU ND 112 -19.81 -126.04 -19.20
CA GLU ND 112 -18.45 -125.85 -19.69
C GLU ND 112 -17.52 -125.28 -18.62
N LEU ND 113 -18.00 -124.33 -17.82
CA LEU ND 113 -17.17 -123.84 -16.75
C LEU ND 113 -16.73 -124.96 -15.84
N ALA ND 114 -17.68 -125.82 -15.46
CA ALA ND 114 -17.32 -126.98 -14.65
C ALA ND 114 -16.28 -127.85 -15.35
N ALA ND 115 -16.54 -128.22 -16.60
CA ALA ND 115 -15.59 -129.03 -17.33
C ALA ND 115 -14.19 -128.45 -17.28
N LEU ND 116 -14.07 -127.14 -17.51
CA LEU ND 116 -12.76 -126.50 -17.36
C LEU ND 116 -12.17 -126.77 -15.99
N LEU ND 117 -12.98 -126.63 -14.94
CA LEU ND 117 -12.46 -126.87 -13.60
C LEU ND 117 -11.95 -128.28 -13.44
N ALA ND 118 -12.48 -129.23 -14.20
CA ALA ND 118 -11.95 -130.58 -14.22
C ALA ND 118 -10.89 -130.75 -15.29
N SER ND 119 -10.72 -129.77 -16.17
CA SER ND 119 -9.73 -129.90 -17.23
C SER ND 119 -8.32 -129.95 -16.65
N PRO ND 120 -7.43 -130.73 -17.26
CA PRO ND 120 -6.04 -130.74 -16.81
C PRO ND 120 -5.36 -129.40 -16.94
N LEU ND 121 -5.91 -128.49 -17.75
CA LEU ND 121 -5.30 -127.18 -17.87
C LEU ND 121 -5.33 -126.44 -16.55
N LEU ND 122 -6.52 -126.19 -16.02
CA LEU ND 122 -6.64 -125.33 -14.86
C LEU ND 122 -5.97 -125.88 -13.62
N ILE ND 123 -5.91 -127.21 -13.47
CA ILE ND 123 -5.38 -127.76 -12.23
C ILE ND 123 -3.97 -127.26 -11.97
N ASP ND 124 -3.09 -127.31 -12.96
CA ASP ND 124 -1.78 -126.71 -12.80
C ASP ND 124 -1.87 -125.21 -12.58
N ALA ND 125 -2.73 -124.54 -13.34
CA ALA ND 125 -3.00 -123.14 -13.11
C ALA ND 125 -3.47 -122.87 -11.69
N ILE ND 126 -4.43 -123.62 -11.19
CA ILE ND 126 -4.94 -123.47 -9.85
C ILE ND 126 -3.98 -124.05 -8.83
N ASP ND 127 -3.81 -125.37 -8.84
CA ASP ND 127 -3.07 -126.02 -7.77
C ASP ND 127 -1.63 -125.58 -7.71
N GLN ND 128 -0.92 -125.68 -8.83
CA GLN ND 128 0.49 -125.36 -8.86
C GLN ND 128 0.79 -123.94 -9.29
N LEU ND 129 -0.24 -123.13 -9.50
CA LEU ND 129 -0.06 -121.72 -9.86
C LEU ND 129 0.83 -121.59 -11.09
N ASN ND 130 0.34 -122.11 -12.19
CA ASN ND 130 1.20 -122.08 -13.35
C ASN ND 130 0.48 -121.44 -14.52
N PRO ND 131 1.17 -120.65 -15.30
CA PRO ND 131 0.60 -120.14 -16.54
C PRO ND 131 0.48 -121.25 -17.57
N ALA ND 132 0.21 -120.85 -18.81
CA ALA ND 132 -0.33 -121.74 -19.83
C ALA ND 132 0.73 -122.60 -20.50
N TYR ND 133 1.97 -122.52 -20.04
CA TYR ND 133 3.03 -123.27 -20.69
C TYR ND 133 3.34 -124.55 -19.94
N ALA OD 2 14.03 37.23 -121.42
CA ALA OD 2 15.30 37.09 -122.13
C ALA OD 2 16.45 37.52 -121.24
N LYS OD 3 17.63 37.63 -121.83
CA LYS OD 3 18.84 37.96 -121.11
C LYS OD 3 18.76 39.36 -120.52
N LEU OD 4 19.28 39.48 -119.31
CA LEU OD 4 19.51 40.79 -118.73
C LEU OD 4 20.39 41.59 -119.68
N GLU OD 5 19.98 42.80 -119.99
CA GLU OD 5 20.73 43.65 -120.89
C GLU OD 5 20.66 45.09 -120.41
N THR OD 6 21.39 45.95 -121.11
CA THR OD 6 21.24 47.38 -120.91
C THR OD 6 19.83 47.72 -121.37
N VAL OD 7 19.07 48.36 -120.50
CA VAL OD 7 17.70 48.72 -120.85
C VAL OD 7 17.62 50.23 -120.96
N THR OD 8 17.48 50.73 -122.17
CA THR OD 8 17.30 52.15 -122.41
C THR OD 8 15.83 52.48 -122.30
N LEU OD 9 15.52 53.64 -121.74
CA LEU OD 9 14.15 54.09 -121.60
C LEU OD 9 14.05 55.53 -122.06
N GLY OD 10 13.18 55.78 -123.04
CA GLY OD 10 12.88 57.12 -123.47
C GLY OD 10 11.54 57.56 -122.91
N ASN OD 11 11.25 58.84 -123.10
CA ASN OD 11 9.95 59.40 -122.73
C ASN OD 11 9.67 59.17 -121.25
N ILE OD 12 10.43 59.88 -120.43
CA ILE OD 12 10.40 59.70 -118.98
C ILE OD 12 10.12 61.04 -118.33
N GLY OD 13 9.50 61.01 -117.17
CA GLY OD 13 9.22 62.22 -116.42
C GLY OD 13 8.12 63.04 -117.05
N LYS OD 14 7.68 64.04 -116.29
CA LYS OD 14 6.62 64.92 -116.76
C LYS OD 14 6.96 65.51 -118.13
N ASP OD 15 8.24 65.80 -118.36
CA ASP OD 15 8.67 66.26 -119.67
C ASP OD 15 8.47 65.18 -120.73
N GLY OD 16 8.94 63.96 -120.45
CA GLY OD 16 8.99 62.96 -121.49
C GLY OD 16 10.22 63.07 -122.35
N LYS OD 17 11.08 64.05 -122.08
CA LYS OD 17 12.37 64.11 -122.74
C LYS OD 17 13.44 63.39 -121.92
N GLN OD 18 13.10 63.00 -120.70
CA GLN OD 18 14.02 62.27 -119.84
C GLN OD 18 14.26 60.89 -120.40
N THR OD 19 15.51 60.44 -120.29
CA THR OD 19 15.90 59.11 -120.71
C THR OD 19 16.69 58.44 -119.60
N LEU OD 20 16.66 57.12 -119.59
CA LEU OD 20 17.34 56.36 -118.55
C LEU OD 20 17.84 55.05 -119.11
N VAL OD 21 19.03 54.64 -118.69
CA VAL OD 21 19.57 53.35 -119.02
C VAL OD 21 19.75 52.56 -117.74
N LEU OD 22 19.66 51.24 -117.86
CA LEU OD 22 19.75 50.35 -116.71
C LEU OD 22 20.72 49.23 -117.03
N ASN OD 23 21.74 49.12 -116.25
CA ASN OD 23 22.61 48.00 -116.52
C ASN OD 23 22.18 46.78 -115.73
N PRO OD 24 22.39 45.60 -116.27
CA PRO OD 24 22.14 44.38 -115.50
C PRO OD 24 23.05 44.33 -114.29
N ARG OD 25 22.45 44.13 -113.13
CA ARG OD 25 23.18 44.06 -111.88
C ARG OD 25 23.46 42.63 -111.44
N GLY OD 26 23.07 41.64 -112.23
CA GLY OD 26 23.12 40.27 -111.79
C GLY OD 26 21.85 39.88 -111.06
N VAL OD 27 21.86 38.68 -110.51
CA VAL OD 27 20.68 38.12 -109.86
C VAL OD 27 21.09 37.58 -108.50
N ASN OD 28 20.39 38.01 -107.47
CA ASN OD 28 20.59 37.36 -106.18
C ASN OD 28 19.98 35.97 -106.21
N PRO OD 29 20.78 34.91 -106.13
CA PRO OD 29 20.21 33.56 -106.19
C PRO OD 29 19.41 33.18 -104.99
N THR OD 30 19.71 33.74 -103.81
CA THR OD 30 18.98 33.37 -102.61
C THR OD 30 17.49 33.57 -102.78
N ASN OD 31 17.07 34.82 -102.82
CA ASN OD 31 15.67 35.14 -103.11
C ASN OD 31 15.34 34.87 -104.57
N GLY OD 32 16.32 34.62 -105.41
CA GLY OD 32 16.05 34.43 -106.83
C GLY OD 32 15.47 35.67 -107.47
N VAL OD 33 16.14 36.80 -107.34
CA VAL OD 33 15.64 38.08 -107.82
C VAL OD 33 16.71 38.76 -108.63
N ALA OD 34 16.35 39.19 -109.84
CA ALA OD 34 17.23 39.97 -110.68
C ALA OD 34 17.30 41.41 -110.19
N SER OD 35 18.35 42.11 -110.62
CA SER OD 35 18.53 43.50 -110.24
C SER OD 35 19.03 44.28 -111.45
N LEU OD 36 18.54 45.51 -111.59
CA LEU OD 36 18.96 46.41 -112.64
C LEU OD 36 19.26 47.76 -112.02
N SER OD 37 20.17 48.50 -112.64
CA SER OD 37 20.48 49.81 -112.07
C SER OD 37 20.95 50.75 -113.16
N GLN OD 38 20.65 52.03 -112.94
CA GLN OD 38 21.37 53.10 -113.61
C GLN OD 38 22.84 53.03 -113.24
N ALA OD 39 23.69 53.44 -114.15
CA ALA OD 39 25.11 53.58 -113.82
C ALA OD 39 25.35 55.02 -113.39
N GLY OD 40 25.53 55.18 -112.08
CA GLY OD 40 25.87 56.45 -111.49
C GLY OD 40 27.28 56.44 -110.95
N ALA OD 41 27.49 57.31 -109.97
CA ALA OD 41 28.74 57.26 -109.22
C ALA OD 41 28.61 56.31 -108.03
N VAL OD 42 27.77 56.66 -107.07
CA VAL OD 42 27.63 55.88 -105.86
C VAL OD 42 26.46 54.93 -106.00
N PRO OD 43 26.68 53.62 -105.90
CA PRO OD 43 25.57 52.66 -105.99
C PRO OD 43 24.44 52.97 -105.03
N ALA OD 44 24.72 53.38 -103.81
CA ALA OD 44 23.69 53.83 -102.89
C ALA OD 44 22.83 54.91 -103.51
N LEU OD 45 23.41 55.80 -104.29
CA LEU OD 45 22.64 56.83 -104.98
C LEU OD 45 21.98 56.30 -106.24
N GLU OD 46 22.54 55.27 -106.85
CA GLU OD 46 22.09 54.84 -108.17
C GLU OD 46 20.69 54.23 -108.08
N LYS OD 47 19.89 54.50 -109.11
CA LYS OD 47 18.52 54.02 -109.18
C LYS OD 47 18.57 52.51 -109.26
N ARG OD 48 17.59 51.85 -108.65
CA ARG OD 48 17.55 50.40 -108.67
C ARG OD 48 16.22 49.91 -109.22
N VAL OD 49 16.26 48.79 -109.92
CA VAL OD 49 15.08 48.13 -110.46
C VAL OD 49 15.19 46.65 -110.19
N THR OD 50 14.16 46.08 -109.60
CA THR OD 50 14.16 44.68 -109.19
C THR OD 50 12.96 43.97 -109.79
N VAL OD 51 13.20 42.81 -110.39
CA VAL OD 51 12.14 41.97 -110.89
C VAL OD 51 12.34 40.57 -110.38
N SER OD 52 11.24 39.83 -110.26
CA SER OD 52 11.32 38.47 -109.78
C SER OD 52 10.15 37.68 -110.34
N VAL OD 53 10.36 36.39 -110.50
CA VAL OD 53 9.27 35.47 -110.82
C VAL OD 53 9.08 34.59 -109.62
N SER OD 54 8.16 33.64 -109.71
CA SER OD 54 7.92 32.70 -108.64
C SER OD 54 7.28 31.46 -109.23
N GLN OD 55 7.27 30.39 -108.45
CA GLN OD 55 6.60 29.19 -108.90
C GLN OD 55 5.79 28.60 -107.76
N PRO OD 56 4.64 28.02 -108.05
CA PRO OD 56 3.76 27.56 -106.98
C PRO OD 56 4.40 26.44 -106.18
N SER OD 57 4.17 26.48 -104.87
CA SER OD 57 4.72 25.49 -103.97
C SER OD 57 3.57 24.91 -103.15
N ARG OD 58 3.91 24.07 -102.19
CA ARG OD 58 2.95 23.61 -101.22
C ARG OD 58 2.37 24.76 -100.40
N ASN OD 59 3.08 25.87 -100.30
CA ASN OD 59 2.58 27.05 -99.61
C ASN OD 59 1.61 27.86 -100.44
N ARG OD 60 1.82 27.98 -101.74
CA ARG OD 60 0.95 28.76 -102.59
C ARG OD 60 0.89 28.11 -103.97
N LYS OD 61 -0.30 28.09 -104.54
CA LYS OD 61 -0.55 27.48 -105.84
C LYS OD 61 -0.49 28.50 -106.95
N ASN OD 62 -0.16 29.74 -106.61
CA ASN OD 62 -0.26 30.84 -107.56
C ASN OD 62 1.11 31.37 -107.90
N TYR OD 63 1.24 31.90 -109.10
CA TYR OD 63 2.47 32.56 -109.49
C TYR OD 63 2.49 33.99 -108.98
N LYS OD 64 3.65 34.42 -108.51
CA LYS OD 64 3.87 35.80 -108.09
C LYS OD 64 4.94 36.41 -108.98
N VAL OD 65 4.67 37.61 -109.47
CA VAL OD 65 5.65 38.40 -110.18
C VAL OD 65 5.77 39.72 -109.45
N GLN OD 66 6.92 39.97 -108.86
CA GLN OD 66 7.14 41.13 -108.03
C GLN OD 66 8.14 42.06 -108.71
N VAL OD 67 7.81 43.34 -108.74
CA VAL OD 67 8.67 44.35 -109.32
C VAL OD 67 8.71 45.53 -108.36
N LYS OD 68 9.91 45.89 -107.92
CA LYS OD 68 10.11 47.00 -107.01
C LYS OD 68 11.09 47.98 -107.62
N ILE OD 69 10.87 49.26 -107.37
CA ILE OD 69 11.72 50.33 -107.87
C ILE OD 69 12.14 51.19 -106.71
N GLN OD 70 13.42 51.53 -106.65
CA GLN OD 70 13.99 52.30 -105.56
C GLN OD 70 14.76 53.47 -106.15
N ASN OD 71 14.30 54.68 -105.88
CA ASN OD 71 14.87 55.90 -106.43
C ASN OD 71 15.16 56.86 -105.30
N PRO OD 72 16.35 56.86 -104.75
CA PRO OD 72 16.67 57.76 -103.65
C PRO OD 72 16.73 59.21 -104.12
N THR OD 73 16.93 60.08 -103.15
CA THR OD 73 17.09 61.50 -103.40
C THR OD 73 18.45 61.94 -102.86
N ALA OD 74 19.34 62.32 -103.76
CA ALA OD 74 20.67 62.73 -103.38
C ALA OD 74 20.63 64.12 -102.79
N CYS OD 75 21.32 64.30 -101.67
CA CYS OD 75 21.62 65.64 -101.15
C CYS OD 75 23.05 65.93 -101.54
N THR OD 76 23.23 66.82 -102.52
CA THR OD 76 24.55 67.09 -103.05
C THR OD 76 25.43 67.76 -101.99
N ALA OD 77 24.98 68.89 -101.48
CA ALA OD 77 25.71 69.58 -100.43
C ALA OD 77 25.00 69.31 -99.12
N ASN OD 78 25.61 68.47 -98.29
CA ASN OD 78 25.15 68.25 -96.93
C ASN OD 78 25.92 69.13 -95.95
N GLY OD 79 26.79 70.01 -96.43
CA GLY OD 79 27.79 70.59 -95.58
C GLY OD 79 28.99 69.68 -95.40
N SER OD 80 28.99 68.54 -96.09
CA SER OD 80 30.06 67.56 -96.00
C SER OD 80 30.53 67.26 -97.41
N CYS OD 81 31.68 66.61 -97.51
CA CYS OD 81 32.31 66.35 -98.79
C CYS OD 81 31.60 65.31 -99.63
N ASP OD 82 30.69 64.54 -99.03
CA ASP OD 82 30.05 63.48 -99.79
C ASP OD 82 28.54 63.64 -99.77
N PRO OD 83 27.88 63.33 -100.87
CA PRO OD 83 26.41 63.39 -100.89
C PRO OD 83 25.82 62.32 -99.99
N SER OD 84 24.56 62.49 -99.64
CA SER OD 84 23.89 61.59 -98.73
C SER OD 84 22.46 61.34 -99.16
N VAL OD 85 21.98 60.14 -98.87
CA VAL OD 85 20.60 59.77 -99.17
C VAL OD 85 19.69 60.62 -98.31
N THR OD 86 18.67 61.20 -98.92
CA THR OD 86 17.70 61.98 -98.15
C THR OD 86 16.35 61.29 -98.10
N ARG OD 87 15.64 61.27 -99.21
CA ARG OD 87 14.36 60.60 -99.31
C ARG OD 87 14.51 59.38 -100.21
N GLN OD 88 13.75 58.34 -99.90
CA GLN OD 88 13.84 57.11 -100.69
C GLN OD 88 12.46 56.83 -101.27
N ALA OD 89 12.34 56.95 -102.58
CA ALA OD 89 11.08 56.70 -103.27
C ALA OD 89 10.91 55.20 -103.46
N TYR OD 90 9.78 54.67 -103.01
CA TYR OD 90 9.49 53.26 -103.17
C TYR OD 90 8.35 53.04 -104.13
N ALA OD 91 8.65 52.32 -105.21
CA ALA OD 91 7.63 51.95 -106.19
C ALA OD 91 7.58 50.44 -106.23
N ASP OD 92 6.43 49.88 -105.87
CA ASP OD 92 6.28 48.43 -105.78
C ASP OD 92 5.10 47.97 -106.63
N VAL OD 93 5.31 46.90 -107.38
CA VAL OD 93 4.30 46.32 -108.24
C VAL OD 93 4.37 44.81 -108.09
N THR OD 94 3.22 44.17 -107.95
CA THR OD 94 3.13 42.72 -107.84
C THR OD 94 2.12 42.18 -108.82
N PHE OD 95 2.17 40.86 -109.02
CA PHE OD 95 1.23 40.19 -109.89
C PHE OD 95 0.91 38.82 -109.32
N SER OD 96 -0.34 38.42 -109.47
CA SER OD 96 -0.77 37.10 -109.07
C SER OD 96 -1.43 36.43 -110.26
N PHE OD 97 -1.22 35.13 -110.39
CA PHE OD 97 -1.83 34.39 -111.47
C PHE OD 97 -2.09 32.96 -111.02
N THR OD 98 -2.98 32.30 -111.73
CA THR OD 98 -3.34 30.93 -111.42
C THR OD 98 -2.67 30.02 -112.44
N GLN OD 99 -2.33 28.81 -111.99
CA GLN OD 99 -1.68 27.85 -112.85
C GLN OD 99 -2.36 27.70 -114.19
N TYR OD 100 -3.67 27.93 -114.25
CA TYR OD 100 -4.37 27.85 -115.52
C TYR OD 100 -4.45 29.19 -116.23
N SER OD 101 -3.81 30.23 -115.69
CA SER OD 101 -3.84 31.54 -116.33
C SER OD 101 -3.35 31.45 -117.76
N THR OD 102 -4.06 32.10 -118.67
CA THR OD 102 -3.64 32.00 -120.06
C THR OD 102 -2.70 33.15 -120.41
N ASP OD 103 -2.25 33.15 -121.66
CA ASP OD 103 -1.30 34.16 -122.09
C ASP OD 103 -1.97 35.52 -122.23
N GLU OD 104 -3.01 35.60 -123.05
CA GLU OD 104 -3.57 36.90 -123.37
C GLU OD 104 -4.11 37.59 -122.14
N GLU OD 105 -4.73 36.84 -121.23
CA GLU OD 105 -5.14 37.41 -119.96
C GLU OD 105 -3.99 38.17 -119.32
N ARG OD 106 -2.85 37.51 -119.17
CA ARG OD 106 -1.68 38.19 -118.64
C ARG OD 106 -1.32 39.37 -119.50
N ALA OD 107 -1.12 39.14 -120.80
CA ALA OD 107 -0.85 40.25 -121.71
C ALA OD 107 -1.87 41.36 -121.55
N PHE OD 108 -3.14 41.01 -121.45
CA PHE OD 108 -4.17 42.01 -121.22
C PHE OD 108 -3.87 42.81 -119.97
N VAL OD 109 -3.41 42.16 -118.91
CA VAL OD 109 -3.08 42.89 -117.70
C VAL OD 109 -1.93 43.84 -117.94
N ARG OD 110 -0.91 43.39 -118.65
CA ARG OD 110 0.30 44.20 -118.77
C ARG OD 110 -0.01 45.56 -119.38
N THR OD 111 -0.62 45.58 -120.57
CA THR OD 111 -0.87 46.84 -121.24
C THR OD 111 -1.75 47.76 -120.38
N GLU OD 112 -2.92 47.29 -119.98
CA GLU OD 112 -3.87 48.15 -119.29
C GLU OD 112 -3.24 48.85 -118.10
N LEU OD 113 -2.40 48.18 -117.33
CA LEU OD 113 -1.74 48.85 -116.24
C LEU OD 113 -0.93 50.03 -116.75
N ALA OD 114 -0.18 49.83 -117.83
CA ALA OD 114 0.55 50.94 -118.43
C ALA OD 114 -0.38 52.06 -118.84
N ALA OD 115 -1.44 51.73 -119.58
CA ALA OD 115 -2.38 52.76 -120.01
C ALA OD 115 -2.87 53.59 -118.84
N LEU OD 116 -3.23 52.93 -117.73
CA LEU OD 116 -3.59 53.68 -116.54
C LEU OD 116 -2.50 54.65 -116.14
N LEU OD 117 -1.25 54.18 -116.13
CA LEU OD 117 -0.17 55.07 -115.74
C LEU OD 117 -0.07 56.27 -116.65
N ALA OD 118 -0.50 56.15 -117.90
CA ALA OD 118 -0.60 57.30 -118.78
C ALA OD 118 -1.96 57.98 -118.70
N SER OD 119 -2.92 57.38 -118.01
CA SER OD 119 -4.24 57.98 -117.93
C SER OD 119 -4.18 59.28 -117.14
N PRO OD 120 -4.99 60.27 -117.52
CA PRO OD 120 -5.04 61.51 -116.75
C PRO OD 120 -5.53 61.31 -115.33
N LEU OD 121 -6.17 60.19 -115.05
CA LEU OD 121 -6.60 59.94 -113.67
C LEU OD 121 -5.41 59.86 -112.73
N LEU OD 122 -4.53 58.90 -112.96
CA LEU OD 122 -3.47 58.63 -112.00
C LEU OD 122 -2.50 59.78 -111.83
N ILE OD 123 -2.27 60.56 -112.87
CA ILE OD 123 -1.26 61.60 -112.78
C ILE OD 123 -1.54 62.54 -111.63
N ASP OD 124 -2.77 63.03 -111.49
CA ASP OD 124 -3.12 63.81 -110.32
C ASP OD 124 -3.01 62.99 -109.05
N ALA OD 125 -3.48 61.75 -109.08
CA ALA OD 125 -3.28 60.84 -107.97
C ALA OD 125 -1.83 60.67 -107.61
N ILE OD 126 -0.97 60.42 -108.59
CA ILE OD 126 0.46 60.26 -108.35
C ILE OD 126 1.13 61.61 -108.13
N ASP OD 127 1.18 62.44 -109.16
CA ASP OD 127 1.98 63.65 -109.09
C ASP OD 127 1.48 64.59 -108.00
N GLN OD 128 0.21 64.96 -108.04
CA GLN OD 128 -0.33 65.92 -107.11
C GLN OD 128 -0.96 65.29 -105.88
N LEU OD 129 -0.87 63.96 -105.72
CA LEU OD 129 -1.39 63.26 -104.55
C LEU OD 129 -2.85 63.61 -104.33
N ASN OD 130 -3.68 63.22 -105.28
CA ASN OD 130 -5.06 63.62 -105.14
C ASN OD 130 -5.96 62.40 -105.24
N PRO OD 131 -6.99 62.34 -104.44
CA PRO OD 131 -8.00 61.30 -104.60
C PRO OD 131 -8.83 61.52 -105.85
N ALA OD 132 -9.93 60.79 -105.95
CA ALA OD 132 -10.61 60.57 -107.22
C ALA OD 132 -11.54 61.71 -107.62
N TYR OD 133 -11.54 62.79 -106.84
CA TYR OD 133 -12.45 63.89 -107.13
C TYR OD 133 -11.74 65.00 -107.87
N ALA PD 2 89.54 -62.31 72.74
CA ALA PD 2 90.33 -63.49 72.41
C ALA PD 2 89.42 -64.62 71.96
N LYS PD 3 90.00 -65.80 71.83
CA LYS PD 3 89.30 -66.97 71.34
C LYS PD 3 88.18 -67.37 72.30
N LEU PD 4 87.07 -67.78 71.73
CA LEU PD 4 86.02 -68.44 72.50
C LEU PD 4 86.63 -69.65 73.19
N GLU PD 5 86.41 -69.76 74.48
CA GLU PD 5 86.94 -70.87 75.24
C GLU PD 5 85.93 -71.33 76.28
N THR PD 6 86.27 -72.38 76.99
CA THR PD 6 85.50 -72.78 78.16
C THR PD 6 85.70 -71.67 79.17
N VAL PD 7 84.59 -71.13 79.66
CA VAL PD 7 84.69 -70.04 80.63
C VAL PD 7 84.17 -70.57 81.96
N THR PD 8 85.07 -70.76 82.91
CA THR PD 8 84.72 -71.17 84.25
C THR PD 8 84.39 -69.94 85.07
N LEU PD 9 83.39 -70.04 85.93
CA LEU PD 9 83.00 -68.95 86.79
C LEU PD 9 82.84 -69.45 88.21
N GLY PD 10 83.58 -68.85 89.14
CA GLY PD 10 83.41 -69.13 90.55
C GLY PD 10 82.63 -68.01 91.22
N ASN PD 11 82.28 -68.25 92.47
CA ASN PD 11 81.63 -67.24 93.31
C ASN PD 11 80.35 -66.76 92.65
N ILE PD 12 79.36 -67.63 92.62
CA ILE PD 12 78.13 -67.39 91.91
C ILE PD 12 76.97 -67.59 92.89
N GLY PD 13 75.87 -66.89 92.65
CA GLY PD 13 74.69 -67.03 93.47
C GLY PD 13 74.86 -66.39 94.83
N LYS PD 14 73.74 -66.30 95.54
CA LYS PD 14 73.75 -65.71 96.87
C LYS PD 14 74.79 -66.38 97.76
N ASP PD 15 74.97 -67.70 97.60
CA ASP PD 15 76.02 -68.40 98.32
C ASP PD 15 77.39 -67.90 97.91
N GLY PD 16 77.66 -67.84 96.61
CA GLY PD 16 79.02 -67.61 96.16
C GLY PD 16 79.84 -68.88 96.11
N LYS PD 17 79.26 -70.01 96.48
CA LYS PD 17 79.93 -71.29 96.27
C LYS PD 17 79.53 -71.89 94.94
N GLN PD 18 78.55 -71.31 94.27
CA GLN PD 18 78.11 -71.79 92.97
C GLN PD 18 79.20 -71.53 91.94
N THR PD 19 79.35 -72.50 91.03
CA THR PD 19 80.29 -72.39 89.94
C THR PD 19 79.59 -72.73 88.63
N LEU PD 20 80.11 -72.20 87.54
CA LEU PD 20 79.50 -72.43 86.24
C LEU PD 20 80.58 -72.43 85.17
N VAL PD 21 80.44 -73.32 84.20
CA VAL PD 21 81.30 -73.35 83.04
C VAL PD 21 80.44 -73.08 81.82
N LEU PD 22 81.07 -72.51 80.79
CA LEU PD 22 80.37 -72.13 79.57
C LEU PD 22 81.18 -72.62 78.38
N ASN PD 23 80.59 -73.44 77.58
CA ASN PD 23 81.33 -73.84 76.42
C ASN PD 23 81.06 -72.89 75.26
N PRO PD 24 82.06 -72.67 74.41
CA PRO PD 24 81.81 -71.91 73.20
C PRO PD 24 80.79 -72.60 72.32
N ARG PD 25 79.77 -71.84 71.93
CA ARG PD 25 78.70 -72.36 71.10
C ARG PD 25 78.89 -72.02 69.62
N GLY PD 26 79.98 -71.36 69.26
CA GLY PD 26 80.13 -70.83 67.93
C GLY PD 26 79.53 -69.45 67.82
N VAL PD 27 79.51 -68.94 66.60
CA VAL PD 27 79.06 -67.58 66.34
C VAL PD 27 78.05 -67.60 65.20
N ASN PD 28 76.90 -67.02 65.43
CA ASN PD 28 76.00 -66.83 64.31
C ASN PD 28 76.52 -65.74 63.40
N PRO PD 29 76.92 -66.05 62.17
CA PRO PD 29 77.49 -65.02 61.30
C PRO PD 29 76.48 -64.00 60.84
N THR PD 30 75.21 -64.38 60.72
CA THR PD 30 74.21 -63.45 60.22
C THR PD 30 74.18 -62.17 61.05
N ASN PD 31 73.69 -62.27 62.28
CA ASN PD 31 73.75 -61.15 63.19
C ASN PD 31 75.16 -60.87 63.67
N GLY PD 32 76.10 -61.77 63.41
CA GLY PD 32 77.45 -61.60 63.91
C GLY PD 32 77.51 -61.61 65.42
N VAL PD 33 76.98 -62.65 66.05
CA VAL PD 33 76.87 -62.72 67.49
C VAL PD 33 77.41 -64.06 67.96
N ALA PD 34 78.33 -64.01 68.93
CA ALA PD 34 78.83 -65.21 69.56
C ALA PD 34 77.81 -65.78 70.54
N SER PD 35 78.01 -67.05 70.89
CA SER PD 35 77.12 -67.71 71.81
C SER PD 35 77.94 -68.60 72.75
N LEU PD 36 77.54 -68.63 74.01
CA LEU PD 36 78.18 -69.47 75.00
C LEU PD 36 77.10 -70.21 75.77
N SER PD 37 77.42 -71.39 76.27
CA SER PD 37 76.41 -72.13 77.02
C SER PD 37 77.06 -73.03 78.05
N GLN PD 38 76.33 -73.22 79.14
CA GLN PD 38 76.56 -74.36 80.01
C GLN PD 38 76.34 -75.64 79.23
N ALA PD 39 77.08 -76.68 79.59
CA ALA PD 39 76.80 -77.99 79.03
C ALA PD 39 75.85 -78.73 79.95
N GLY PD 40 74.61 -78.82 79.50
CA GLY PD 40 73.59 -79.57 80.20
C GLY PD 40 73.18 -80.79 79.42
N ALA PD 41 71.95 -81.23 79.67
CA ALA PD 41 71.36 -82.28 78.85
C ALA PD 41 70.65 -81.68 77.64
N VAL PD 42 69.58 -80.93 77.90
CA VAL PD 42 68.76 -80.38 76.83
C VAL PD 42 69.20 -78.95 76.56
N PRO PD 43 69.66 -78.65 75.34
CA PRO PD 43 70.03 -77.27 75.01
C PRO PD 43 68.97 -76.26 75.35
N ALA PD 44 67.70 -76.55 75.08
CA ALA PD 44 66.61 -75.68 75.51
C ALA PD 44 66.69 -75.37 76.99
N LEU PD 45 67.09 -76.32 77.81
CA LEU PD 45 67.26 -76.09 79.24
C LEU PD 45 68.58 -75.40 79.55
N GLU PD 46 69.59 -75.58 78.71
CA GLU PD 46 70.94 -75.13 79.04
C GLU PD 46 71.01 -73.61 79.06
N LYS PD 47 71.79 -73.09 79.99
CA LYS PD 47 71.94 -71.65 80.16
C LYS PD 47 72.63 -71.12 78.91
N ARG PD 48 72.27 -69.91 78.52
CA ARG PD 48 72.87 -69.31 77.34
C ARG PD 48 73.48 -67.96 77.66
N VAL PD 49 74.57 -67.64 76.98
CA VAL PD 49 75.23 -66.36 77.12
C VAL PD 49 75.58 -65.87 75.73
N THR PD 50 75.22 -64.63 75.43
CA THR PD 50 75.40 -64.06 74.10
C THR PD 50 76.15 -62.74 74.22
N VAL PD 51 77.17 -62.58 73.39
CA VAL PD 51 77.90 -61.32 73.32
C VAL PD 51 78.00 -60.92 71.86
N SER PD 52 78.12 -59.62 71.64
CA SER PD 52 78.23 -59.11 70.28
C SER PD 52 78.97 -57.79 70.32
N VAL PD 53 79.65 -57.50 69.21
CA VAL PD 53 80.24 -56.19 69.01
C VAL PD 53 79.48 -55.55 67.86
N SER PD 54 79.88 -54.35 67.48
CA SER PD 54 79.26 -53.65 66.38
C SER PD 54 80.25 -52.65 65.83
N GLN PD 55 79.96 -52.14 64.64
CA GLN PD 55 80.81 -51.12 64.07
C GLN PD 55 79.94 -50.04 63.47
N PRO PD 56 80.37 -48.79 63.54
CA PRO PD 56 79.52 -47.69 63.08
C PRO PD 56 79.27 -47.77 61.59
N SER PD 57 78.04 -47.44 61.20
CA SER PD 57 77.64 -47.47 59.80
C SER PD 57 77.05 -46.12 59.46
N ARG PD 58 76.53 -46.01 58.24
CA ARG PD 58 75.77 -44.84 57.86
C ARG PD 58 74.53 -44.67 58.73
N ASN PD 59 74.04 -45.74 59.34
CA ASN PD 59 72.90 -45.67 60.24
C ASN PD 59 73.27 -45.17 61.63
N ARG PD 60 74.43 -45.54 62.15
CA ARG PD 60 74.84 -45.13 63.47
C ARG PD 60 76.36 -44.96 63.49
N LYS PD 61 76.81 -43.93 64.18
CA LYS PD 61 78.22 -43.59 64.26
C LYS PD 61 78.84 -44.16 65.54
N ASN PD 62 78.05 -44.91 66.30
CA ASN PD 62 78.47 -45.32 67.62
C ASN PD 62 78.66 -46.83 67.65
N TYR PD 63 79.56 -47.27 68.52
CA TYR PD 63 79.74 -48.70 68.74
C TYR PD 63 78.70 -49.21 69.72
N LYS PD 64 78.18 -50.40 69.44
CA LYS PD 64 77.26 -51.08 70.33
C LYS PD 64 77.89 -52.39 70.77
N VAL PD 65 77.85 -52.65 72.07
CA VAL PD 65 78.25 -53.93 72.61
C VAL PD 65 77.06 -54.47 73.39
N GLN PD 66 76.50 -55.57 72.90
CA GLN PD 66 75.28 -56.13 73.46
C GLN PD 66 75.60 -57.47 74.10
N VAL PD 67 75.11 -57.66 75.32
CA VAL PD 67 75.28 -58.91 76.04
C VAL PD 67 73.94 -59.30 76.63
N LYS PD 68 73.47 -60.50 76.28
CA LYS PD 68 72.20 -61.01 76.78
C LYS PD 68 72.45 -62.35 77.45
N ILE PD 69 71.69 -62.61 78.50
CA ILE PD 69 71.78 -63.86 79.25
C ILE PD 69 70.40 -64.46 79.35
N GLN PD 70 70.30 -65.76 79.10
CA GLN PD 70 69.03 -66.46 79.09
C GLN PD 70 69.16 -67.68 79.99
N ASN PD 71 68.39 -67.69 81.08
CA ASN PD 71 68.44 -68.75 82.08
C ASN PD 71 67.04 -69.26 82.33
N PRO PD 72 66.62 -70.31 81.65
CA PRO PD 72 65.27 -70.83 81.84
C PRO PD 72 65.13 -71.49 83.19
N THR PD 73 63.91 -71.92 83.47
CA THR PD 73 63.58 -72.64 84.69
C THR PD 73 63.00 -73.99 84.31
N ALA PD 74 63.74 -75.04 84.62
CA ALA PD 74 63.31 -76.39 84.29
C ALA PD 74 62.21 -76.83 85.24
N CYS PD 75 61.16 -77.43 84.68
CA CYS PD 75 60.17 -78.15 85.47
C CYS PD 75 60.52 -79.62 85.31
N THR PD 76 61.07 -80.22 86.35
CA THR PD 76 61.53 -81.59 86.26
C THR PD 76 60.36 -82.55 86.06
N ALA PD 77 59.41 -82.53 86.98
CA ALA PD 77 58.21 -83.36 86.86
C ALA PD 77 57.08 -82.45 86.40
N ASN PD 78 56.69 -82.61 85.14
CA ASN PD 78 55.51 -81.97 84.61
C ASN PD 78 54.30 -82.90 84.65
N GLY PD 79 54.46 -84.09 85.23
CA GLY PD 79 53.51 -85.15 84.98
C GLY PD 79 53.78 -85.87 83.69
N SER PD 80 54.87 -85.51 83.01
CA SER PD 80 55.26 -86.10 81.73
C SER PD 80 56.70 -86.57 81.85
N CYS PD 81 57.13 -87.38 80.89
CA CYS PD 81 58.44 -88.00 80.93
C CYS PD 81 59.57 -87.01 80.68
N ASP PD 82 59.28 -85.83 80.17
CA ASP PD 82 60.35 -84.91 79.82
C ASP PD 82 60.17 -83.59 80.55
N PRO PD 83 61.26 -82.97 80.99
CA PRO PD 83 61.15 -81.66 81.62
C PRO PD 83 60.72 -80.61 80.60
N SER PD 84 60.24 -79.49 81.11
CA SER PD 84 59.73 -78.43 80.26
C SER PD 84 60.13 -77.06 80.79
N VAL PD 85 60.31 -76.13 79.86
CA VAL PD 85 60.64 -74.76 80.21
C VAL PD 85 59.45 -74.16 80.95
N THR PD 86 59.71 -73.50 82.07
CA THR PD 86 58.64 -72.85 82.79
C THR PD 86 58.78 -71.33 82.72
N ARG PD 87 59.75 -70.79 83.43
CA ARG PD 87 60.02 -69.36 83.41
C ARG PD 87 61.35 -69.13 82.69
N GLN PD 88 61.43 -68.00 82.01
CA GLN PD 88 62.65 -67.69 81.26
C GLN PD 88 63.20 -66.37 81.79
N ALA PD 89 64.35 -66.45 82.45
CA ALA PD 89 64.99 -65.26 83.00
C ALA PD 89 65.74 -64.54 81.89
N TYR PD 90 65.46 -63.26 81.72
CA TYR PD 90 66.16 -62.47 80.72
C TYR PD 90 67.05 -61.43 81.37
N ALA PD 91 68.34 -61.53 81.08
CA ALA PD 91 69.32 -60.57 81.56
C ALA PD 91 69.97 -59.94 80.33
N ASP PD 92 69.79 -58.63 80.16
CA ASP PD 92 70.27 -57.93 79.00
C ASP PD 92 71.15 -56.76 79.41
N VAL PD 93 72.27 -56.61 78.73
CA VAL PD 93 73.22 -55.53 78.98
C VAL PD 93 73.69 -55.01 77.63
N THR PD 94 73.74 -53.69 77.50
CA THR PD 94 74.21 -53.04 76.30
C THR PD 94 75.27 -52.01 76.62
N PHE PD 95 75.97 -51.57 75.59
CA PHE PD 95 76.98 -50.53 75.73
C PHE PD 95 76.98 -49.67 74.50
N SER PD 96 77.19 -48.38 74.72
CA SER PD 96 77.33 -47.43 73.62
C SER PD 96 78.64 -46.69 73.80
N PHE PD 97 79.29 -46.39 72.69
CA PHE PD 97 80.54 -45.65 72.71
C PHE PD 97 80.67 -44.83 71.45
N THR PD 98 81.52 -43.82 71.53
CA THR PD 98 81.78 -42.94 70.42
C THR PD 98 83.11 -43.30 69.78
N GLN PD 99 83.20 -43.10 68.49
CA GLN PD 99 84.41 -43.42 67.76
C GLN PD 99 85.64 -42.87 68.43
N TYR PD 100 85.53 -41.77 69.15
CA TYR PD 100 86.67 -41.22 69.87
C TYR PD 100 86.78 -41.74 71.29
N SER PD 101 85.93 -42.68 71.69
CA SER PD 101 85.97 -43.20 73.05
C SER PD 101 87.36 -43.76 73.32
N THR PD 102 87.89 -43.47 74.51
CA THR PD 102 89.22 -43.95 74.82
C THR PD 102 89.14 -45.29 75.54
N ASP PD 103 90.33 -45.84 75.83
CA ASP PD 103 90.37 -47.14 76.47
C ASP PD 103 89.91 -47.06 77.93
N GLU PD 104 90.56 -46.23 78.72
CA GLU PD 104 90.30 -46.24 80.16
C GLU PD 104 88.86 -45.89 80.46
N GLU PD 105 88.30 -44.94 79.72
CA GLU PD 105 86.88 -44.65 79.85
C GLU PD 105 86.07 -45.93 79.79
N ARG PD 106 86.26 -46.71 78.73
CA ARG PD 106 85.59 -47.98 78.63
C ARG PD 106 85.92 -48.87 79.81
N ALA PD 107 87.21 -49.08 80.05
CA ALA PD 107 87.63 -49.86 81.22
C ALA PD 107 86.97 -49.34 82.48
N PHE PD 108 86.94 -48.02 82.65
CA PHE PD 108 86.25 -47.44 83.80
C PHE PD 108 84.81 -47.91 83.86
N VAL PD 109 84.13 -47.96 82.72
CA VAL PD 109 82.75 -48.42 82.71
C VAL PD 109 82.66 -49.87 83.16
N ARG PD 110 83.56 -50.71 82.66
CA ARG PD 110 83.44 -52.13 82.91
C ARG PD 110 83.44 -52.43 84.39
N THR PD 111 84.47 -52.01 85.11
CA THR PD 111 84.55 -52.32 86.53
C THR PD 111 83.36 -51.80 87.29
N GLU PD 112 83.10 -50.49 87.20
CA GLU PD 112 82.06 -49.88 88.03
C GLU PD 112 80.73 -50.61 87.91
N LEU PD 113 80.36 -51.04 86.71
CA LEU PD 113 79.14 -51.81 86.59
C LEU PD 113 79.18 -53.05 87.45
N ALA PD 114 80.30 -53.76 87.41
CA ALA PD 114 80.45 -54.92 88.27
C ALA PD 114 80.32 -54.54 89.74
N ALA PD 115 81.06 -53.53 90.17
CA ALA PD 115 80.98 -53.10 91.56
C ALA PD 115 79.54 -52.85 91.99
N LEU PD 116 78.78 -52.15 91.16
CA LEU PD 116 77.35 -52.00 91.45
C LEU PD 116 76.68 -53.32 91.67
N LEU PD 117 76.94 -54.29 90.80
CA LEU PD 117 76.31 -55.58 90.94
C LEU PD 117 76.67 -56.23 92.27
N ALA PD 118 77.83 -55.91 92.83
CA ALA PD 118 78.16 -56.35 94.16
C ALA PD 118 77.73 -55.36 95.22
N SER PD 119 77.27 -54.19 94.84
CA SER PD 119 76.86 -53.19 95.82
C SER PD 119 75.63 -53.67 96.58
N PRO PD 120 75.54 -53.35 97.87
CA PRO PD 120 74.33 -53.70 98.63
C PRO PD 120 73.09 -53.03 98.10
N LEU PD 121 73.23 -51.99 97.30
CA LEU PD 121 72.04 -51.36 96.72
C LEU PD 121 71.29 -52.31 95.82
N LEU PD 122 71.94 -52.78 94.76
CA LEU PD 122 71.25 -53.54 93.74
C LEU PD 122 70.70 -54.86 94.26
N ILE PD 123 71.35 -55.48 95.23
CA ILE PD 123 70.92 -56.80 95.65
C ILE PD 123 69.47 -56.79 96.10
N ASP PD 124 69.07 -55.84 96.92
CA ASP PD 124 67.67 -55.70 97.25
C ASP PD 124 66.83 -55.35 96.04
N ALA PD 125 67.33 -54.44 95.21
CA ALA PD 125 66.69 -54.15 93.94
C ALA PD 125 66.52 -55.39 93.08
N ILE PD 126 67.57 -56.19 92.91
CA ILE PD 126 67.51 -57.41 92.13
C ILE PD 126 66.81 -58.52 92.90
N ASP PD 127 67.42 -58.99 93.98
CA ASP PD 127 66.93 -60.18 94.65
C ASP PD 127 65.53 -59.98 95.20
N GLN PD 128 65.34 -58.96 96.01
CA GLN PD 128 64.07 -58.74 96.66
C GLN PD 128 63.16 -57.79 95.90
N LEU PD 129 63.55 -57.34 94.71
CA LEU PD 129 62.72 -56.49 93.87
C LEU PD 129 62.28 -55.26 94.65
N ASN PD 130 63.25 -54.45 95.03
CA ASN PD 130 62.88 -53.31 95.84
C ASN PD 130 63.40 -52.02 95.22
N PRO PD 131 62.62 -50.98 95.26
CA PRO PD 131 63.11 -49.66 94.85
C PRO PD 131 64.11 -49.12 95.85
N ALA PD 132 64.43 -47.85 95.72
CA ALA PD 132 65.63 -47.26 96.30
C ALA PD 132 65.46 -46.90 97.76
N TYR PD 133 64.33 -47.23 98.37
CA TYR PD 133 64.10 -46.84 99.74
C TYR PD 133 64.37 -48.00 100.68
N ALA QD 2 83.38 -80.78 65.97
CA ALA QD 2 84.77 -80.37 66.14
C ALA QD 2 85.26 -79.65 64.90
N LYS QD 3 86.56 -79.41 64.85
CA LYS QD 3 87.18 -78.66 63.76
C LYS QD 3 87.04 -79.41 62.45
N LEU QD 4 86.78 -78.65 61.38
CA LEU QD 4 86.89 -79.18 60.04
C LEU QD 4 88.28 -79.75 59.85
N GLU QD 5 88.36 -80.97 59.37
CA GLU QD 5 89.64 -81.61 59.16
C GLU QD 5 89.59 -82.44 57.88
N THR QD 6 90.73 -83.01 57.53
CA THR QD 6 90.77 -84.01 56.47
C THR QD 6 89.98 -85.19 57.00
N VAL QD 7 88.99 -85.62 56.23
CA VAL QD 7 88.18 -86.75 56.65
C VAL QD 7 88.46 -87.92 55.72
N THR QD 8 89.14 -88.92 56.23
CA THR QD 8 89.42 -90.13 55.47
C THR QD 8 88.24 -91.08 55.65
N LEU QD 9 87.90 -91.80 54.59
CA LEU QD 9 86.82 -92.76 54.63
C LEU QD 9 87.28 -94.05 53.98
N GLY QD 10 87.19 -95.14 54.73
CA GLY QD 10 87.45 -96.46 54.21
C GLY QD 10 86.15 -97.19 53.96
N ASN QD 11 86.27 -98.34 53.31
CA ASN QD 11 85.13 -99.24 53.10
C ASN QD 11 84.02 -98.51 52.36
N ILE QD 12 84.28 -98.23 51.09
CA ILE QD 12 83.40 -97.42 50.26
C ILE QD 12 83.07 -98.21 49.01
N GLY QD 13 81.89 -97.95 48.45
CA GLY QD 13 81.48 -98.59 47.22
C GLY QD 13 81.11 -100.04 47.43
N LYS QD 14 80.52 -100.61 46.39
CA LYS QD 14 80.12 -102.01 46.43
C LYS QD 14 81.28 -102.90 46.84
N ASP QD 15 82.48 -102.56 46.39
CA ASP QD 15 83.67 -103.29 46.82
C ASP QD 15 83.90 -103.13 48.31
N GLY QD 16 83.89 -101.90 48.81
CA GLY QD 16 84.34 -101.67 50.16
C GLY QD 16 85.84 -101.52 50.26
N LYS QD 17 86.55 -101.64 49.14
CA LYS QD 17 87.97 -101.33 49.14
C LYS QD 17 88.20 -99.88 48.74
N GLN QD 18 87.16 -99.19 48.31
CA GLN QD 18 87.26 -97.79 47.94
C GLN QD 18 87.52 -96.95 49.18
N THR QD 19 88.35 -95.94 49.02
CA THR QD 19 88.66 -94.99 50.07
C THR QD 19 88.51 -93.58 49.54
N LEU QD 20 88.23 -92.64 50.44
CA LEU QD 20 88.03 -91.26 50.05
C LEU QD 20 88.50 -90.34 51.16
N VAL QD 21 89.13 -89.23 50.77
CA VAL QD 21 89.50 -88.20 51.71
C VAL QD 21 88.75 -86.94 51.34
N LEU QD 22 88.50 -86.09 52.33
CA LEU QD 22 87.74 -84.86 52.14
C LEU QD 22 88.48 -83.71 52.81
N ASN QD 23 88.83 -82.75 52.05
CA ASN QD 23 89.47 -81.64 52.71
C ASN QD 23 88.44 -80.62 53.15
N PRO QD 24 88.68 -79.93 54.25
CA PRO QD 24 87.80 -78.82 54.64
C PRO QD 24 87.84 -77.73 53.58
N ARG QD 25 86.65 -77.35 53.14
CA ARG QD 25 86.50 -76.32 52.13
C ARG QD 25 86.19 -74.94 52.72
N GLY QD 26 86.15 -74.83 54.03
CA GLY QD 26 85.68 -73.61 54.66
C GLY QD 26 84.17 -73.65 54.84
N VAL QD 27 83.63 -72.52 55.29
CA VAL QD 27 82.21 -72.42 55.61
C VAL QD 27 81.65 -71.18 54.94
N ASN QD 28 80.58 -71.34 54.20
CA ASN QD 28 79.89 -70.17 53.71
C ASN QD 28 79.15 -69.52 54.86
N PRO QD 29 79.52 -68.31 55.28
CA PRO QD 29 78.86 -67.68 56.41
C PRO QD 29 77.44 -67.24 56.13
N THR QD 30 77.13 -66.93 54.87
CA THR QD 30 75.79 -66.45 54.56
C THR QD 30 74.74 -67.46 54.99
N ASN QD 31 74.66 -68.58 54.31
CA ASN QD 31 73.78 -69.66 54.73
C ASN QD 31 74.29 -70.35 55.99
N GLY QD 32 75.53 -70.07 56.41
CA GLY QD 32 76.07 -70.75 57.56
C GLY QD 32 76.22 -72.24 57.33
N VAL QD 33 76.91 -72.63 56.26
CA VAL QD 33 77.01 -74.03 55.87
C VAL QD 33 78.46 -74.34 55.60
N ALA QD 34 78.96 -75.41 56.23
CA ALA QD 34 80.29 -75.91 55.97
C ALA QD 34 80.34 -76.66 54.66
N SER QD 35 81.55 -76.84 54.14
CA SER QD 35 81.75 -77.54 52.89
C SER QD 35 82.99 -78.41 52.99
N LEU QD 36 82.90 -79.60 52.41
CA LEU QD 36 84.02 -80.52 52.37
C LEU QD 36 84.17 -81.04 50.95
N SER QD 37 85.38 -81.38 50.56
CA SER QD 37 85.57 -81.87 49.21
C SER QD 37 86.74 -82.83 49.14
N GLN QD 38 86.62 -83.79 48.24
CA GLN QD 38 87.78 -84.50 47.72
C GLN QD 38 88.72 -83.51 47.04
N ALA QD 39 90.02 -83.80 47.12
CA ALA QD 39 90.98 -83.00 46.35
C ALA QD 39 91.19 -83.70 45.01
N GLY QD 40 90.61 -83.09 43.98
CA GLY QD 40 90.80 -83.53 42.62
C GLY QD 40 91.59 -82.53 41.82
N ALA QD 41 91.38 -82.57 40.51
CA ALA QD 41 91.92 -81.53 39.65
C ALA QD 41 90.96 -80.36 39.54
N VAL QD 42 89.81 -80.58 38.95
CA VAL QD 42 88.85 -79.51 38.71
C VAL QD 42 87.81 -79.51 39.81
N PRO QD 43 87.69 -78.42 40.57
CA PRO QD 43 86.67 -78.35 41.62
C PRO QD 43 85.28 -78.72 41.14
N ALA QD 44 84.87 -78.26 39.96
CA ALA QD 44 83.62 -78.68 39.37
C ALA QD 44 83.49 -80.19 39.32
N LEU QD 45 84.57 -80.89 39.05
CA LEU QD 45 84.56 -82.35 39.05
C LEU QD 45 84.64 -82.91 40.47
N GLU QD 46 85.25 -82.20 41.39
CA GLU QD 46 85.56 -82.74 42.69
C GLU QD 46 84.28 -83.00 43.49
N LYS QD 47 84.30 -84.10 44.24
CA LYS QD 47 83.15 -84.49 45.05
C LYS QD 47 82.94 -83.43 46.11
N ARG QD 48 81.68 -83.19 46.47
CA ARG QD 48 81.39 -82.19 47.47
C ARG QD 48 80.55 -82.78 48.59
N VAL QD 49 80.77 -82.30 49.81
CA VAL QD 49 80.02 -82.71 50.98
C VAL QD 49 79.67 -81.47 51.76
N THR QD 50 78.40 -81.31 52.09
CA THR QD 50 77.89 -80.12 52.77
C THR QD 50 77.15 -80.53 54.02
N VAL QD 51 77.46 -79.86 55.13
CA VAL QD 51 76.73 -80.07 56.37
C VAL QD 51 76.34 -78.71 56.92
N SER QD 52 75.26 -78.71 57.69
CA SER QD 52 74.79 -77.48 58.27
C SER QD 52 74.01 -77.79 59.55
N VAL QD 53 74.03 -76.84 60.46
CA VAL QD 53 73.18 -76.90 61.64
C VAL QD 53 72.16 -75.78 61.50
N SER QD 54 71.31 -75.64 62.50
CA SER QD 54 70.31 -74.59 62.50
C SER QD 54 69.90 -74.33 63.93
N GLN QD 55 69.24 -73.20 64.15
CA GLN QD 55 68.74 -72.90 65.47
C GLN QD 55 67.33 -72.37 65.36
N PRO QD 56 66.47 -72.68 66.31
CA PRO QD 56 65.06 -72.30 66.21
C PRO QD 56 64.90 -70.79 66.22
N SER QD 57 63.97 -70.31 65.40
CA SER QD 57 63.70 -68.89 65.29
C SER QD 57 62.22 -68.68 65.50
N ARG QD 58 61.77 -67.43 65.34
CA ARG QD 58 60.36 -67.15 65.31
C ARG QD 58 59.65 -67.87 64.17
N ASN QD 59 60.37 -68.24 63.12
CA ASN QD 59 59.81 -69.00 62.02
C ASN QD 59 59.66 -70.49 62.33
N ARG QD 60 60.60 -71.08 63.05
CA ARG QD 60 60.54 -72.50 63.36
C ARG QD 60 61.16 -72.72 64.73
N LYS QD 61 60.54 -73.61 65.50
CA LYS QD 61 60.96 -73.92 66.85
C LYS QD 61 61.85 -75.15 66.88
N ASN QD 62 62.15 -75.69 65.71
CA ASN QD 62 62.82 -76.97 65.63
C ASN QD 62 64.21 -76.81 65.06
N TYR QD 63 65.11 -77.70 65.46
CA TYR QD 63 66.45 -77.71 64.88
C TYR QD 63 66.43 -78.47 63.57
N LYS QD 64 67.18 -77.96 62.59
CA LYS QD 64 67.37 -78.62 61.32
C LYS QD 64 68.84 -78.93 61.14
N VAL QD 65 69.14 -80.15 60.75
CA VAL QD 65 70.48 -80.54 60.36
C VAL QD 65 70.41 -81.08 58.95
N GLN QD 66 71.04 -80.37 58.02
CA GLN QD 66 70.96 -80.68 56.61
C GLN QD 66 72.32 -81.15 56.12
N VAL QD 67 72.32 -82.25 55.38
CA VAL QD 67 73.54 -82.79 54.81
C VAL QD 67 73.25 -83.14 53.36
N LYS QD 68 74.01 -82.56 52.45
CA LYS QD 68 73.86 -82.83 51.02
C LYS QD 68 75.18 -83.29 50.45
N ILE QD 69 75.10 -84.20 49.49
CA ILE QD 69 76.28 -84.76 48.83
C ILE QD 69 76.10 -84.60 47.33
N GLN QD 70 77.16 -84.15 46.68
CA GLN QD 70 77.13 -83.88 45.25
C GLN QD 70 78.31 -84.58 44.61
N ASN QD 71 78.01 -85.57 43.74
CA ASN QD 71 79.03 -86.39 43.10
C ASN QD 71 78.78 -86.39 41.60
N PRO QD 72 79.42 -85.51 40.86
CA PRO QD 72 79.21 -85.44 39.42
C PRO QD 72 79.81 -86.66 38.74
N THR QD 73 79.58 -86.73 37.43
CA THR QD 73 80.12 -87.76 36.59
C THR QD 73 80.97 -87.12 35.51
N ALA QD 74 82.27 -87.35 35.57
CA ALA QD 74 83.20 -86.77 34.62
C ALA QD 74 83.09 -87.50 33.28
N CYS QD 75 83.04 -86.74 32.20
CA CYS QD 75 83.22 -87.28 30.86
C CYS QD 75 84.65 -86.94 30.47
N THR QD 76 85.52 -87.95 30.47
CA THR QD 76 86.93 -87.70 30.21
C THR QD 76 87.16 -87.22 28.79
N ALA QD 77 86.72 -88.01 27.81
CA ALA QD 77 86.82 -87.62 26.42
C ALA QD 77 85.45 -87.17 25.96
N ASN QD 78 85.30 -85.86 25.79
CA ASN QD 78 84.12 -85.29 25.17
C ASN QD 78 84.32 -85.04 23.69
N GLY QD 79 85.46 -85.45 23.14
CA GLY QD 79 85.89 -84.93 21.85
C GLY QD 79 86.56 -83.58 21.98
N SER QD 80 86.74 -83.10 23.21
CA SER QD 80 87.35 -81.81 23.47
C SER QD 80 88.48 -82.03 24.47
N CYS QD 81 89.34 -81.02 24.61
CA CYS QD 81 90.52 -81.13 25.44
C CYS QD 81 90.23 -81.16 26.93
N ASP QD 82 89.03 -80.80 27.35
CA ASP QD 82 88.75 -80.73 28.77
C ASP QD 82 87.57 -81.63 29.12
N PRO QD 83 87.60 -82.28 30.27
CA PRO QD 83 86.46 -83.09 30.69
C PRO QD 83 85.27 -82.21 31.02
N SER QD 84 84.10 -82.82 31.07
CA SER QD 84 82.87 -82.07 31.29
C SER QD 84 81.94 -82.85 32.20
N VAL QD 85 81.15 -82.11 32.97
CA VAL QD 85 80.16 -82.69 33.85
C VAL QD 85 79.09 -83.36 32.99
N THR QD 86 78.74 -84.59 33.32
CA THR QD 86 77.69 -85.28 32.59
C THR QD 86 76.44 -85.45 33.44
N ARG QD 87 76.51 -86.34 34.42
CA ARG QD 87 75.43 -86.58 35.35
C ARG QD 87 75.83 -86.08 36.72
N GLN QD 88 74.85 -85.58 37.47
CA GLN QD 88 75.14 -85.04 38.79
C GLN QD 88 74.32 -85.82 39.81
N ALA QD 89 75.00 -86.60 40.64
CA ALA QD 89 74.35 -87.40 41.66
C ALA QD 89 74.03 -86.52 42.85
N TYR QD 90 72.76 -86.51 43.27
CA TYR QD 90 72.36 -85.73 44.42
C TYR QD 90 71.96 -86.64 45.58
N ALA QD 91 72.68 -86.49 46.68
CA ALA QD 91 72.37 -87.22 47.90
C ALA QD 91 72.06 -86.19 48.97
N ASP QD 92 70.84 -86.21 49.49
CA ASP QD 92 70.38 -85.22 50.45
C ASP QD 92 69.84 -85.92 51.69
N VAL QD 93 70.23 -85.41 52.85
CA VAL QD 93 69.81 -85.93 54.14
C VAL QD 93 69.49 -84.75 55.04
N THR QD 94 68.37 -84.83 55.75
CA THR QD 94 67.95 -83.79 56.67
C THR QD 94 67.62 -84.41 58.02
N PHE QD 95 67.52 -83.53 59.02
CA PHE QD 95 67.14 -83.96 60.35
C PHE QD 95 66.31 -82.88 61.00
N SER QD 96 65.32 -83.31 61.77
CA SER QD 96 64.49 -82.40 62.54
C SER QD 96 64.51 -82.85 63.99
N PHE QD 97 64.51 -81.88 64.89
CA PHE QD 97 64.51 -82.18 66.31
C PHE QD 97 63.77 -81.08 67.05
N THR QD 98 63.34 -81.41 68.25
CA THR QD 98 62.62 -80.49 69.10
C THR QD 98 63.56 -79.97 70.18
N GLN QD 99 63.33 -78.73 70.59
CA GLN QD 99 64.17 -78.12 71.61
C GLN QD 99 64.36 -79.01 72.81
N TYR QD 100 63.40 -79.88 73.11
CA TYR QD 100 63.55 -80.80 74.23
C TYR QD 100 64.16 -82.14 73.80
N SER QD 101 64.56 -82.28 72.55
CA SER QD 101 65.14 -83.53 72.09
C SER QD 101 66.34 -83.90 72.96
N THR QD 102 66.43 -85.16 73.34
CA THR QD 102 67.54 -85.55 74.19
C THR QD 102 68.70 -86.04 73.35
N ASP QD 103 69.79 -86.40 74.04
CA ASP QD 103 70.98 -86.84 73.34
C ASP QD 103 70.79 -88.21 72.72
N GLU QD 104 70.44 -89.21 73.54
CA GLU QD 104 70.43 -90.57 73.05
C GLU QD 104 69.43 -90.75 71.92
N GLU QD 105 68.27 -90.11 72.04
CA GLU QD 105 67.31 -90.10 70.93
C GLU QD 105 68.02 -89.74 69.64
N ARG QD 106 68.70 -88.61 69.62
CA ARG QD 106 69.46 -88.23 68.44
C ARG QD 106 70.47 -89.30 68.09
N ALA QD 107 71.33 -89.67 69.05
CA ALA QD 107 72.28 -90.74 68.82
C ALA QD 107 71.60 -91.98 68.27
N PHE QD 108 70.46 -92.34 68.86
CA PHE QD 108 69.70 -93.47 68.34
C PHE QD 108 69.38 -93.29 66.87
N VAL QD 109 69.00 -92.07 66.47
CA VAL QD 109 68.70 -91.84 65.06
C VAL QD 109 69.94 -92.04 64.21
N ARG QD 110 71.08 -91.53 64.67
CA ARG QD 110 72.27 -91.55 63.83
C ARG QD 110 72.63 -92.96 63.41
N THR QD 111 72.83 -93.85 64.38
CA THR QD 111 73.25 -95.20 64.03
C THR QD 111 72.24 -95.89 63.13
N GLU QD 112 70.98 -95.97 63.55
CA GLU QD 112 70.00 -96.74 62.80
C GLU QD 112 69.95 -96.36 61.33
N LEU QD 113 70.05 -95.07 61.03
CA LEU QD 113 70.09 -94.68 59.63
C LEU QD 113 71.25 -95.35 58.91
N ALA QD 114 72.42 -95.32 59.53
CA ALA QD 114 73.56 -96.02 58.94
C ALA QD 114 73.27 -97.50 58.76
N ALA QD 115 72.80 -98.17 59.80
CA ALA QD 115 72.48 -99.58 59.68
C ALA QD 115 71.58 -99.86 58.49
N LEU QD 116 70.53 -99.07 58.32
CA LEU QD 116 69.71 -99.21 57.13
C LEU QD 116 70.53 -99.14 55.87
N LEU QD 117 71.43 -98.16 55.79
CA LEU QD 117 72.24 -98.04 54.59
C LEU QD 117 73.07 -99.29 54.35
N ALA QD 118 73.42 -100.01 55.39
CA ALA QD 118 74.06 -101.30 55.23
C ALA QD 118 73.06 -102.44 55.14
N SER QD 119 71.79 -102.19 55.39
CA SER QD 119 70.81 -103.25 55.35
C SER QD 119 70.65 -103.77 53.92
N PRO QD 120 70.42 -105.07 53.76
CA PRO QD 120 70.17 -105.62 52.42
C PRO QD 120 68.93 -105.04 51.77
N LEU QD 121 68.04 -104.43 52.54
CA LEU QD 121 66.87 -103.83 51.93
C LEU QD 121 67.25 -102.70 50.99
N LEU QD 122 67.90 -101.67 51.51
CA LEU QD 122 68.14 -100.47 50.73
C LEU QD 122 69.03 -100.71 49.53
N ILE QD 123 69.97 -101.65 49.62
CA ILE QD 123 70.93 -101.82 48.53
C ILE QD 123 70.21 -102.07 47.22
N ASP QD 124 69.26 -102.99 47.18
CA ASP QD 124 68.45 -103.16 45.99
C ASP QD 124 67.65 -101.92 45.67
N ALA QD 125 67.06 -101.30 46.68
CA ALA QD 125 66.40 -100.02 46.51
C ALA QD 125 67.32 -98.97 45.92
N ILE QD 126 68.52 -98.81 46.46
CA ILE QD 126 69.48 -97.85 45.96
C ILE QD 126 70.15 -98.36 44.69
N ASP QD 127 70.94 -99.42 44.79
CA ASP QD 127 71.76 -99.84 43.67
C ASP QD 127 70.94 -100.24 42.47
N GLN QD 128 70.00 -101.15 42.65
CA GLN QD 128 69.23 -101.67 41.55
C GLN QD 128 67.90 -100.95 41.36
N LEU QD 129 67.63 -99.91 42.13
CA LEU QD 129 66.41 -99.12 41.99
C LEU QD 129 65.18 -100.01 42.06
N ASN QD 130 65.00 -100.62 43.21
CA ASN QD 130 63.89 -101.54 43.30
C ASN QD 130 63.00 -101.20 44.48
N PRO QD 131 61.71 -101.30 44.31
CA PRO QD 131 60.80 -101.16 45.43
C PRO QD 131 60.90 -102.34 46.37
N ALA QD 132 59.95 -102.45 47.29
CA ALA QD 132 60.08 -103.24 48.50
C ALA QD 132 59.79 -104.72 48.27
N TYR QD 133 59.55 -105.12 47.03
CA TYR QD 133 59.20 -106.51 46.76
C TYR QD 133 60.40 -107.28 46.27
N ALA RD 2 97.26 -69.56 57.96
CA ALA RD 2 97.12 -70.11 59.30
C ALA RD 2 96.26 -69.20 60.16
N LYS RD 3 96.23 -69.48 61.45
CA LYS RD 3 95.41 -68.75 62.40
C LYS RD 3 95.85 -67.31 62.50
N LEU RD 4 94.87 -66.42 62.60
CA LEU RD 4 95.14 -65.04 62.98
C LEU RD 4 95.88 -65.03 64.30
N GLU RD 5 96.98 -64.31 64.35
CA GLU RD 5 97.77 -64.25 65.57
C GLU RD 5 98.32 -62.84 65.74
N THR RD 6 98.99 -62.62 66.85
CA THR RD 6 99.76 -61.40 67.04
C THR RD 6 100.87 -61.45 66.02
N VAL RD 7 100.98 -60.41 65.21
CA VAL RD 7 102.02 -60.38 64.18
C VAL RD 7 103.01 -59.29 64.56
N THR RD 8 104.20 -59.70 64.97
CA THR RD 8 105.27 -58.76 65.29
C THR RD 8 106.03 -58.46 64.00
N LEU RD 9 106.45 -57.22 63.85
CA LEU RD 9 107.21 -56.80 62.70
C LEU RD 9 108.42 -56.00 63.15
N GLY RD 10 109.60 -56.44 62.75
CA GLY RD 10 110.82 -55.70 62.98
C GLY RD 10 111.26 -55.02 61.71
N ASN RD 11 112.27 -54.17 61.85
CA ASN RD 11 112.91 -53.51 60.70
C ASN RD 11 111.87 -52.72 59.90
N ILE RD 12 111.40 -51.65 60.50
CA ILE RD 12 110.31 -50.87 59.94
C ILE RD 12 110.78 -49.42 59.84
N GLY RD 13 110.23 -48.70 58.89
CA GLY RD 13 110.54 -47.29 58.71
C GLY RD 13 111.93 -47.09 58.14
N LYS RD 14 112.18 -45.84 57.76
CA LYS RD 14 113.48 -45.48 57.21
C LYS RD 14 114.61 -45.91 58.12
N ASP RD 15 114.39 -45.82 59.43
CA ASP RD 15 115.38 -46.31 60.38
C ASP RD 15 115.55 -47.82 60.26
N GLY RD 16 114.45 -48.57 60.27
CA GLY RD 16 114.55 -50.00 60.39
C GLY RD 16 114.68 -50.46 61.82
N LYS RD 17 114.70 -49.53 62.77
CA LYS RD 17 114.63 -49.90 64.17
C LYS RD 17 113.20 -49.90 64.66
N GLN RD 18 112.26 -49.43 63.84
CA GLN RD 18 110.86 -49.41 64.20
C GLN RD 18 110.33 -50.83 64.23
N THR RD 19 109.46 -51.08 65.19
CA THR RD 19 108.79 -52.37 65.33
C THR RD 19 107.29 -52.15 65.48
N LEU RD 20 106.52 -53.16 65.10
CA LEU RD 20 105.08 -53.05 65.17
C LEU RD 20 104.47 -54.42 65.45
N VAL RD 21 103.44 -54.45 66.27
CA VAL RD 21 102.68 -55.65 66.53
C VAL RD 21 101.27 -55.42 66.03
N LEU RD 22 100.60 -56.50 65.65
CA LEU RD 22 99.25 -56.43 65.10
C LEU RD 22 98.39 -57.49 65.78
N ASN RD 23 97.36 -57.05 66.41
CA ASN RD 23 96.52 -58.09 66.99
C ASN RD 23 95.44 -58.50 66.00
N PRO RD 24 95.04 -59.76 66.05
CA PRO RD 24 93.90 -60.18 65.24
C PRO RD 24 92.64 -59.44 65.65
N ARG RD 25 91.99 -58.85 64.65
CA ARG RD 25 90.77 -58.09 64.87
C ARG RD 25 89.52 -58.89 64.59
N GLY RD 26 89.65 -60.17 64.25
CA GLY RD 26 88.51 -60.93 63.77
C GLY RD 26 88.34 -60.77 62.28
N VAL RD 27 87.25 -61.33 61.77
CA VAL RD 27 86.97 -61.35 60.35
C VAL RD 27 85.55 -60.88 60.11
N ASN RD 28 85.39 -59.90 59.24
CA ASN RD 28 84.04 -59.56 58.83
C ASN RD 28 83.51 -60.64 57.91
N PRO RD 29 82.49 -61.39 58.31
CA PRO RD 29 81.99 -62.47 57.47
C PRO RD 29 81.28 -61.98 56.22
N THR RD 30 80.67 -60.80 56.26
CA THR RD 30 79.94 -60.32 55.10
C THR RD 30 80.83 -60.28 53.86
N ASN RD 31 81.77 -59.35 53.84
CA ASN RD 31 82.74 -59.33 52.76
C ASN RD 31 83.74 -60.47 52.87
N GLY RD 32 83.76 -61.20 53.98
CA GLY RD 32 84.73 -62.25 54.15
C GLY RD 32 86.14 -61.74 54.18
N VAL RD 33 86.43 -60.77 55.05
CA VAL RD 33 87.73 -60.11 55.09
C VAL RD 33 88.22 -60.10 56.52
N ALA RD 34 89.45 -60.56 56.71
CA ALA RD 34 90.10 -60.50 58.00
C ALA RD 34 90.58 -59.08 58.29
N SER RD 35 90.84 -58.82 59.56
CA SER RD 35 91.33 -57.51 59.98
C SER RD 35 92.39 -57.69 61.05
N LEU RD 36 93.41 -56.84 60.98
CA LEU RD 36 94.48 -56.83 61.96
C LEU RD 36 94.73 -55.40 62.39
N SER RD 37 95.19 -55.22 63.62
CA SER RD 37 95.44 -53.86 64.07
C SER RD 37 96.53 -53.83 65.11
N GLN RD 38 97.27 -52.72 65.11
CA GLN RD 38 98.04 -52.32 66.26
C GLN RD 38 97.11 -52.12 67.45
N ALA RD 39 97.62 -52.39 68.64
CA ALA RD 39 96.87 -52.06 69.85
C ALA RD 39 97.30 -50.67 70.31
N GLY RD 40 96.42 -49.71 70.08
CA GLY RD 40 96.62 -48.35 70.54
C GLY RD 40 95.63 -48.00 71.62
N ALA RD 41 95.37 -46.70 71.72
CA ALA RD 41 94.29 -46.24 72.58
C ALA RD 41 92.97 -46.19 71.82
N VAL RD 42 92.89 -45.32 70.82
CA VAL RD 42 91.65 -45.13 70.08
C VAL RD 42 91.69 -45.95 68.81
N PRO RD 43 90.77 -46.89 68.63
CA PRO RD 43 90.74 -47.69 67.39
C PRO RD 43 90.76 -46.85 66.14
N ALA RD 44 90.03 -45.74 66.09
CA ALA RD 44 90.11 -44.82 64.98
C ALA RD 44 91.54 -44.41 64.69
N LEU RD 45 92.35 -44.22 65.73
CA LEU RD 45 93.75 -43.89 65.55
C LEU RD 45 94.59 -45.12 65.22
N GLU RD 46 94.17 -46.29 65.65
CA GLU RD 46 95.01 -47.48 65.57
C GLU RD 46 95.20 -47.89 64.11
N LYS RD 47 96.40 -48.36 63.81
CA LYS RD 47 96.76 -48.78 62.47
C LYS RD 47 95.90 -50.00 62.12
N ARG RD 48 95.53 -50.11 60.86
CA ARG RD 48 94.71 -51.24 60.44
C ARG RD 48 95.37 -51.99 59.29
N VAL RD 49 95.17 -53.29 59.26
CA VAL RD 49 95.67 -54.14 58.19
C VAL RD 49 94.56 -55.09 57.80
N THR RD 50 94.27 -55.17 56.51
CA THR RD 50 93.17 -55.98 56.01
C THR RD 50 93.68 -56.90 54.93
N VAL RD 51 93.30 -58.18 55.03
CA VAL RD 51 93.62 -59.15 54.01
C VAL RD 51 92.35 -59.90 53.65
N SER RD 52 92.32 -60.40 52.43
CA SER RD 52 91.15 -61.14 51.96
C SER RD 52 91.58 -62.09 50.86
N VAL RD 53 90.84 -63.19 50.77
CA VAL RD 53 90.99 -64.11 49.65
C VAL RD 53 89.72 -64.00 48.83
N SER RD 54 89.62 -64.81 47.78
CA SER RD 54 88.45 -64.83 46.95
C SER RD 54 88.40 -66.17 46.22
N GLN RD 55 87.25 -66.47 45.67
CA GLN RD 55 87.13 -67.70 44.89
C GLN RD 55 86.35 -67.41 43.62
N PRO RD 56 86.71 -68.06 42.52
CA PRO RD 56 86.09 -67.73 41.24
C PRO RD 56 84.61 -68.06 41.25
N SER RD 57 83.83 -67.18 40.62
CA SER RD 57 82.39 -67.35 40.54
C SER RD 57 81.98 -67.28 39.08
N ARG RD 58 80.67 -67.31 38.84
CA ARG RD 58 80.16 -67.03 37.52
C ARG RD 58 80.53 -65.64 37.03
N ASN RD 59 80.80 -64.71 37.94
CA ASN RD 59 81.23 -63.37 37.59
C ASN RD 59 82.69 -63.29 37.20
N ARG RD 60 83.56 -64.05 37.86
CA ARG RD 60 84.99 -64.01 37.56
C ARG RD 60 85.56 -65.39 37.79
N LYS RD 61 86.47 -65.79 36.91
CA LYS RD 61 87.10 -67.09 36.95
C LYS RD 61 88.45 -67.03 37.65
N ASN RD 62 88.79 -65.86 38.17
CA ASN RD 62 90.12 -65.64 38.69
C ASN RD 62 90.08 -65.44 40.19
N TYR RD 63 91.17 -65.81 40.85
CA TYR RD 63 91.30 -65.54 42.28
C TYR RD 63 91.77 -64.13 42.51
N LYS RD 64 91.21 -63.48 43.52
CA LYS RD 64 91.63 -62.16 43.94
C LYS RD 64 92.14 -62.25 45.37
N VAL RD 65 93.29 -61.65 45.62
CA VAL RD 65 93.82 -61.49 46.96
C VAL RD 65 94.05 -60.01 47.17
N GLN RD 66 93.30 -59.43 48.08
CA GLN RD 66 93.31 -58.00 48.32
C GLN RD 66 93.89 -57.73 49.70
N VAL RD 67 94.80 -56.78 49.76
CA VAL RD 67 95.42 -56.36 51.01
C VAL RD 67 95.43 -54.85 51.05
N LYS RD 68 94.83 -54.28 52.07
CA LYS RD 68 94.77 -52.84 52.24
C LYS RD 68 95.34 -52.47 53.61
N ILE RD 69 96.01 -51.33 53.67
CA ILE RD 69 96.62 -50.84 54.89
C ILE RD 69 96.15 -49.42 55.12
N GLN RD 70 95.75 -49.12 56.34
CA GLN RD 70 95.22 -47.82 56.69
C GLN RD 70 95.97 -47.30 57.91
N ASN RD 71 96.69 -46.20 57.72
CA ASN RD 71 97.54 -45.62 58.76
C ASN RD 71 97.21 -44.15 58.90
N PRO RD 72 96.32 -43.78 59.80
CA PRO RD 72 95.95 -42.37 59.95
C PRO RD 72 97.09 -41.58 60.56
N THR RD 73 96.86 -40.28 60.65
CA THR RD 73 97.79 -39.36 61.27
C THR RD 73 97.10 -38.66 62.42
N ALA RD 74 97.54 -38.94 63.63
CA ALA RD 74 96.96 -38.37 64.82
C ALA RD 74 97.38 -36.93 64.96
N CYS RD 75 96.42 -36.05 65.27
CA CYS RD 75 96.72 -34.70 65.72
C CYS RD 75 96.55 -34.72 67.23
N THR RD 76 97.67 -34.67 67.95
CA THR RD 76 97.62 -34.79 69.40
C THR RD 76 96.91 -33.60 70.02
N ALA RD 77 97.41 -32.40 69.75
CA ALA RD 77 96.78 -31.18 70.25
C ALA RD 77 96.03 -30.55 69.08
N ASN RD 78 94.71 -30.65 69.14
CA ASN RD 78 93.84 -29.94 68.21
C ASN RD 78 93.34 -28.63 68.80
N GLY RD 79 93.82 -28.27 69.99
CA GLY RD 79 93.14 -27.26 70.77
C GLY RD 79 91.98 -27.83 71.54
N SER RD 80 91.78 -29.14 71.47
CA SER RD 80 90.69 -29.83 72.13
C SER RD 80 91.27 -30.96 72.95
N CYS RD 81 90.46 -31.51 73.86
CA CYS RD 81 90.92 -32.52 74.78
C CYS RD 81 91.20 -33.87 74.13
N ASP RD 82 90.74 -34.09 72.90
CA ASP RD 82 90.90 -35.39 72.29
C ASP RD 82 91.64 -35.26 70.97
N PRO RD 83 92.50 -36.22 70.65
CA PRO RD 83 93.18 -36.19 69.35
C PRO RD 83 92.18 -36.44 68.23
N SER RD 84 92.59 -36.10 67.02
CA SER RD 84 91.71 -36.21 65.87
C SER RD 84 92.49 -36.69 64.65
N VAL RD 85 91.78 -37.43 63.80
CA VAL RD 85 92.36 -37.91 62.55
C VAL RD 85 92.66 -36.72 61.67
N THR RD 86 93.86 -36.68 61.11
CA THR RD 86 94.20 -35.60 60.20
C THR RD 86 94.33 -36.10 58.77
N ARG RD 87 95.40 -36.85 58.50
CA ARG RD 87 95.64 -37.44 57.19
C ARG RD 87 95.47 -38.94 57.30
N GLN RD 88 94.98 -39.55 56.23
CA GLN RD 88 94.75 -40.99 56.24
C GLN RD 88 95.58 -41.60 55.11
N ALA RD 89 96.60 -42.36 55.48
CA ALA RD 89 97.46 -43.01 54.50
C ALA RD 89 96.78 -44.27 53.99
N TYR RD 90 96.66 -44.40 52.68
CA TYR RD 90 96.06 -45.58 52.10
C TYR RD 90 97.09 -46.38 51.33
N ALA RD 91 97.29 -47.62 51.76
CA ALA RD 91 98.18 -48.54 51.08
C ALA RD 91 97.34 -49.74 50.64
N ASP RD 92 97.25 -49.95 49.33
CA ASP RD 92 96.41 -50.99 48.77
C ASP RD 92 97.24 -51.89 47.87
N VAL RD 93 97.03 -53.20 48.01
CA VAL RD 93 97.72 -54.21 47.22
C VAL RD 93 96.69 -55.26 46.83
N THR RD 94 96.73 -55.67 45.57
CA THR RD 94 95.83 -56.70 45.06
C THR RD 94 96.63 -57.77 44.34
N PHE RD 95 95.97 -58.90 44.10
CA PHE RD 95 96.58 -59.99 43.35
C PHE RD 95 95.51 -60.67 42.50
N SER RD 96 95.93 -61.07 41.32
CA SER RD 96 95.06 -61.84 40.44
C SER RD 96 95.77 -63.11 40.06
N PHE RD 97 95.01 -64.20 39.94
CA PHE RD 97 95.57 -65.48 39.55
C PHE RD 97 94.53 -66.26 38.78
N THR RD 98 95.01 -67.23 38.04
CA THR RD 98 94.16 -68.10 37.24
C THR RD 98 94.04 -69.44 37.93
N GLN RD 99 92.87 -70.06 37.76
CA GLN RD 99 92.62 -71.34 38.39
C GLN RD 99 93.75 -72.33 38.17
N TYR RD 100 94.48 -72.21 37.07
CA TYR RD 100 95.61 -73.09 36.83
C TYR RD 100 96.92 -72.53 37.37
N SER RD 101 96.89 -71.38 38.05
CA SER RD 101 98.11 -70.79 38.58
C SER RD 101 98.82 -71.79 39.48
N THR RD 102 100.13 -71.90 39.33
CA THR RD 102 100.86 -72.85 40.14
C THR RD 102 101.37 -72.19 41.41
N ASP RD 103 102.02 -72.99 42.24
CA ASP RD 103 102.50 -72.49 43.52
C ASP RD 103 103.68 -71.55 43.33
N GLU RD 104 104.75 -72.02 42.68
CA GLU RD 104 105.97 -71.25 42.63
C GLU RD 104 105.76 -69.93 41.93
N GLU RD 105 104.96 -69.93 40.85
CA GLU RD 105 104.59 -68.67 40.22
C GLU RD 105 104.11 -67.67 41.24
N ARG RD 106 103.12 -68.07 42.05
CA ARG RD 106 102.65 -67.19 43.10
C ARG RD 106 103.79 -66.84 44.04
N ALA RD 107 104.46 -67.85 44.59
CA ALA RD 107 105.62 -67.59 45.44
C ALA RD 107 106.60 -66.64 44.77
N PHE RD 108 106.88 -66.87 43.48
CA PHE RD 108 107.74 -65.96 42.75
C PHE RD 108 107.23 -64.54 42.83
N VAL RD 109 105.91 -64.35 42.70
CA VAL RD 109 105.36 -63.00 42.79
C VAL RD 109 105.60 -62.42 44.17
N ARG RD 110 105.38 -63.21 45.21
CA ARG RD 110 105.42 -62.66 46.56
C ARG RD 110 106.77 -62.03 46.85
N THR RD 111 107.85 -62.78 46.71
CA THR RD 111 109.17 -62.24 47.04
C THR RD 111 109.49 -61.01 46.22
N GLU RD 112 109.44 -61.12 44.89
CA GLU RD 112 109.88 -60.02 44.04
C GLU RD 112 109.22 -58.71 44.40
N LEU RD 113 107.93 -58.73 44.72
CA LEU RD 113 107.28 -57.50 45.14
C LEU RD 113 107.98 -56.92 46.35
N ALA RD 114 108.28 -57.76 47.34
CA ALA RD 114 109.03 -57.30 48.49
C ALA RD 114 110.36 -56.71 48.09
N ALA RD 115 111.14 -57.45 47.30
CA ALA RD 115 112.44 -56.96 46.87
C ALA RD 115 112.33 -55.56 46.26
N LEU RD 116 111.35 -55.36 45.39
CA LEU RD 116 111.12 -54.02 44.87
C LEU RD 116 110.95 -53.01 45.99
N LEU RD 117 110.13 -53.35 46.98
CA LEU RD 117 109.91 -52.41 48.07
C LEU RD 117 111.21 -52.08 48.78
N ALA RD 118 112.17 -52.99 48.77
CA ALA RD 118 113.49 -52.68 49.29
C ALA RD 118 114.42 -52.13 48.22
N SER RD 119 114.00 -52.14 46.96
CA SER RD 119 114.86 -51.64 45.91
C SER RD 119 115.07 -50.14 46.06
N PRO RD 120 116.26 -49.64 45.72
CA PRO RD 120 116.49 -48.19 45.74
C PRO RD 120 115.60 -47.43 44.78
N LEU RD 121 115.00 -48.11 43.80
CA LEU RD 121 114.11 -47.42 42.89
C LEU RD 121 112.91 -46.86 43.61
N LEU RD 122 112.12 -47.74 44.24
CA LEU RD 122 110.84 -47.31 44.80
C LEU RD 122 110.99 -46.31 45.92
N ILE RD 123 112.07 -46.38 46.70
CA ILE RD 123 112.18 -45.53 47.86
C ILE RD 123 112.06 -44.06 47.47
N ASP RD 124 112.77 -43.62 46.45
CA ASP RD 124 112.58 -42.27 45.95
C ASP RD 124 111.18 -42.07 45.40
N ALA RD 125 110.68 -43.05 44.66
CA ALA RD 125 109.30 -43.03 44.22
C ALA RD 125 108.33 -42.91 45.37
N ILE RD 126 108.47 -43.72 46.40
CA ILE RD 126 107.61 -43.66 47.57
C ILE RD 126 107.96 -42.49 48.46
N ASP RD 127 109.14 -42.52 49.07
CA ASP RD 127 109.46 -41.53 50.09
C ASP RD 127 109.48 -40.12 49.55
N GLN RD 128 110.25 -39.89 48.51
CA GLN RD 128 110.41 -38.56 47.96
C GLN RD 128 109.46 -38.25 46.82
N LEU RD 129 108.55 -39.17 46.49
CA LEU RD 129 107.56 -38.95 45.44
C LEU RD 129 108.24 -38.54 44.14
N ASN RD 130 109.01 -39.47 43.61
CA ASN RD 130 109.74 -39.10 42.42
C ASN RD 130 109.49 -40.09 41.31
N PRO RD 131 109.34 -39.63 40.10
CA PRO RD 131 109.28 -40.55 38.96
C PRO RD 131 110.62 -41.19 38.69
N ALA RD 132 110.74 -41.82 37.54
CA ALA RD 132 111.77 -42.82 37.27
C ALA RD 132 113.11 -42.20 36.89
N TYR RD 133 113.22 -40.89 36.92
CA TYR RD 133 114.44 -40.24 36.48
C TYR RD 133 115.30 -39.86 37.67
N ALA SD 2 53.74 -42.52 110.29
CA ALA SD 2 55.16 -42.58 110.61
C ALA SD 2 55.90 -43.41 109.57
N LYS SD 3 57.15 -43.72 109.86
CA LYS SD 3 58.01 -44.45 108.95
C LYS SD 3 57.48 -45.85 108.71
N LEU SD 4 57.59 -46.29 107.46
CA LEU SD 4 57.39 -47.70 107.13
C LEU SD 4 58.33 -48.52 107.98
N GLU SD 5 57.79 -49.53 108.64
CA GLU SD 5 58.61 -50.39 109.48
C GLU SD 5 58.12 -51.83 109.36
N THR SD 6 58.84 -52.72 110.02
CA THR SD 6 58.36 -54.08 110.18
C THR SD 6 57.11 -53.99 111.04
N VAL SD 7 56.01 -54.55 110.55
CA VAL SD 7 54.77 -54.50 111.31
C VAL SD 7 54.44 -55.91 111.75
N THR SD 8 54.57 -56.17 113.04
CA THR SD 8 54.20 -57.45 113.61
C THR SD 8 52.72 -57.41 113.96
N LEU SD 9 52.04 -58.53 113.75
CA LEU SD 9 50.64 -58.65 114.07
C LEU SD 9 50.40 -59.93 114.84
N GLY SD 10 49.82 -59.80 116.03
CA GLY SD 10 49.41 -60.95 116.81
C GLY SD 10 47.90 -61.12 116.71
N ASN SD 11 47.43 -62.24 117.24
CA ASN SD 11 46.00 -62.52 117.34
C ASN SD 11 45.34 -62.46 115.96
N ILE SD 12 45.67 -63.46 115.15
CA ILE SD 12 45.26 -63.48 113.75
C ILE SD 12 44.55 -64.80 113.51
N GLY SD 13 43.62 -64.80 112.55
CA GLY SD 13 42.91 -66.00 112.18
C GLY SD 13 41.91 -66.41 113.23
N LYS SD 14 41.08 -67.38 112.84
CA LYS SD 14 40.05 -67.90 113.74
C LYS SD 14 40.66 -68.33 115.06
N ASP SD 15 41.87 -68.88 115.03
CA ASP SD 15 42.56 -69.23 116.26
C ASP SD 15 42.89 -67.98 117.06
N GLY SD 16 43.49 -66.98 116.42
CA GLY SD 16 44.04 -65.89 117.18
C GLY SD 16 45.43 -66.17 117.70
N LYS SD 17 45.96 -67.36 117.44
CA LYS SD 17 47.35 -67.63 117.75
C LYS SD 17 48.24 -67.32 116.55
N GLN SD 18 47.64 -67.05 115.40
CA GLN SD 18 48.39 -66.71 114.20
C GLN SD 18 49.06 -65.36 114.37
N THR SD 19 50.28 -65.27 113.85
CA THR SD 19 51.02 -64.03 113.86
C THR SD 19 51.56 -63.75 112.48
N LEU SD 20 51.79 -62.47 112.18
CA LEU SD 20 52.27 -62.08 110.87
C LEU SD 20 53.16 -60.85 111.00
N VAL SD 21 54.22 -60.82 110.21
CA VAL SD 21 55.08 -59.67 110.12
C VAL SD 21 55.02 -59.15 108.69
N LEU SD 22 55.24 -57.85 108.53
CA LEU SD 22 55.15 -57.20 107.22
C LEU SD 22 56.38 -56.31 107.04
N ASN SD 23 57.12 -56.59 106.04
CA ASN SD 23 58.23 -55.68 105.83
C ASN SD 23 57.83 -54.54 104.92
N PRO SD 24 58.41 -53.37 105.13
CA PRO SD 24 58.19 -52.27 104.20
C PRO SD 24 58.69 -52.63 102.82
N ARG SD 25 57.83 -52.45 101.83
CA ARG SD 25 58.16 -52.76 100.45
C ARG SD 25 58.57 -51.53 99.66
N GLY SD 26 58.63 -50.37 100.29
CA GLY SD 26 58.82 -49.13 99.57
C GLY SD 26 57.48 -48.56 99.12
N VAL SD 27 57.57 -47.49 98.34
CA VAL SD 27 56.38 -46.77 97.90
C VAL SD 27 56.47 -46.55 96.40
N ASN SD 28 55.43 -46.95 95.70
CA ASN SD 28 55.36 -46.57 94.29
C ASN SD 28 55.07 -45.10 94.16
N PRO SD 29 55.99 -44.29 93.66
CA PRO SD 29 55.75 -42.85 93.57
C PRO SD 29 54.71 -42.47 92.56
N THR SD 30 54.54 -43.26 91.51
CA THR SD 30 53.58 -42.91 90.46
C THR SD 30 52.19 -42.71 91.05
N ASN SD 31 51.56 -43.80 91.47
CA ASN SD 31 50.29 -43.70 92.16
C ASN SD 31 50.45 -43.14 93.56
N GLY SD 32 51.67 -43.02 94.06
CA GLY SD 32 51.87 -42.56 95.42
C GLY SD 32 51.28 -43.50 96.44
N VAL SD 33 51.65 -44.77 96.38
CA VAL SD 33 51.06 -45.79 97.24
C VAL SD 33 52.18 -46.59 97.88
N ALA SD 34 52.12 -46.72 99.21
CA ALA SD 34 53.04 -47.56 99.94
C ALA SD 34 52.68 -49.03 99.77
N SER SD 35 53.65 -49.89 100.07
CA SER SD 35 53.44 -51.33 99.97
C SER SD 35 54.10 -52.02 101.14
N LEU SD 36 53.45 -53.04 101.66
CA LEU SD 36 53.98 -53.85 102.75
C LEU SD 36 53.81 -55.31 102.38
N SER SD 37 54.70 -56.16 102.88
CA SER SD 37 54.59 -57.56 102.56
C SER SD 37 55.15 -58.43 103.67
N GLN SD 38 54.55 -59.60 103.82
CA GLN SD 38 55.21 -60.70 104.49
C GLN SD 38 56.49 -61.05 103.75
N ALA SD 39 57.49 -61.52 104.49
CA ALA SD 39 58.68 -62.05 103.85
C ALA SD 39 58.50 -63.56 103.69
N GLY SD 40 58.26 -63.95 102.44
CA GLY SD 40 58.15 -65.34 102.08
C GLY SD 40 59.31 -65.77 101.21
N ALA SD 41 59.05 -66.79 100.41
CA ALA SD 41 60.00 -67.18 99.38
C ALA SD 41 59.72 -66.42 98.08
N VAL SD 42 58.58 -66.69 97.49
CA VAL SD 42 58.24 -66.10 96.19
C VAL SD 42 57.37 -64.87 96.42
N PRO SD 43 57.81 -63.68 96.00
CA PRO SD 43 56.98 -62.49 96.14
C PRO SD 43 55.58 -62.64 95.61
N ALA SD 44 55.40 -63.29 94.45
CA ALA SD 44 54.08 -63.61 93.95
C ALA SD 44 53.25 -64.33 94.99
N LEU SD 45 53.86 -65.22 95.77
CA LEU SD 45 53.14 -65.90 96.84
C LEU SD 45 52.99 -65.04 98.08
N GLU SD 46 53.89 -64.09 98.29
CA GLU SD 46 53.94 -63.37 99.55
C GLU SD 46 52.73 -62.47 99.70
N LYS SD 47 52.24 -62.36 100.93
CA LYS SD 47 51.06 -61.56 101.23
C LYS SD 47 51.42 -60.10 100.97
N ARG SD 48 50.45 -59.33 100.51
CA ARG SD 48 50.71 -57.92 100.21
C ARG SD 48 49.72 -57.05 100.97
N VAL SD 49 50.19 -55.88 101.38
CA VAL SD 49 49.36 -54.88 102.04
C VAL SD 49 49.68 -53.53 101.43
N THR SD 50 48.65 -52.81 101.02
CA THR SD 50 48.82 -51.54 100.34
C THR SD 50 48.00 -50.47 101.05
N VAL SD 51 48.63 -49.33 101.29
CA VAL SD 51 47.94 -48.19 101.87
C VAL SD 51 48.26 -46.96 101.02
N SER SD 52 47.33 -46.01 101.04
CA SER SD 52 47.53 -44.80 100.28
C SER SD 52 46.75 -43.68 100.93
N VAL SD 53 47.24 -42.46 100.74
CA VAL SD 53 46.51 -41.27 101.13
C VAL SD 53 46.15 -40.55 99.84
N SER SD 54 45.50 -39.41 99.96
CA SER SD 54 45.13 -38.61 98.81
C SER SD 54 44.95 -37.18 99.26
N GLN SD 55 44.92 -36.27 98.30
CA GLN SD 55 44.66 -34.89 98.64
C GLN SD 55 43.68 -34.30 97.63
N PRO SD 56 42.81 -33.42 98.08
CA PRO SD 56 41.76 -32.92 97.19
C PRO SD 56 42.34 -32.13 96.03
N SER SD 57 41.73 -32.31 94.87
CA SER SD 57 42.16 -31.64 93.65
C SER SD 57 40.97 -30.93 93.06
N ARG SD 58 41.17 -30.35 91.88
CA ARG SD 58 40.07 -29.81 91.10
C ARG SD 58 39.06 -30.89 90.73
N ASN SD 59 39.48 -32.16 90.69
CA ASN SD 59 38.58 -33.26 90.42
C ASN SD 59 37.75 -33.67 91.63
N ARG SD 60 38.32 -33.64 92.82
CA ARG SD 60 37.61 -34.04 94.02
C ARG SD 60 38.07 -33.20 95.19
N LYS SD 61 37.14 -32.80 96.03
CA LYS SD 61 37.41 -31.95 97.18
C LYS SD 61 37.58 -32.78 98.44
N ASN SD 62 37.55 -34.09 98.30
CA ASN SD 62 37.52 -34.97 99.45
C ASN SD 62 38.81 -35.77 99.54
N TYR SD 63 39.18 -36.13 100.76
CA TYR SD 63 40.32 -37.01 100.97
C TYR SD 63 39.91 -38.45 100.78
N LYS SD 64 40.78 -39.22 100.14
CA LYS SD 64 40.58 -40.66 99.98
C LYS SD 64 41.73 -41.38 100.68
N VAL SD 65 41.38 -42.38 101.47
CA VAL SD 65 42.36 -43.28 102.06
C VAL SD 65 41.99 -44.68 101.63
N GLN SD 66 42.85 -45.29 100.83
CA GLN SD 66 42.59 -46.59 100.25
C GLN SD 66 43.54 -47.61 100.84
N VAL SD 67 42.99 -48.75 101.23
CA VAL SD 67 43.78 -49.86 101.77
C VAL SD 67 43.30 -51.13 101.11
N LYS SD 68 44.22 -51.84 100.46
CA LYS SD 68 43.92 -53.08 99.80
C LYS SD 68 44.83 -54.18 100.33
N ILE SD 69 44.30 -55.39 100.43
CA ILE SD 69 45.04 -56.54 100.93
C ILE SD 69 44.92 -57.66 99.91
N GLN SD 70 46.04 -58.29 99.60
CA GLN SD 70 46.09 -59.34 98.59
C GLN SD 70 46.76 -60.55 99.21
N ASN SD 71 46.01 -61.65 99.33
CA ASN SD 71 46.48 -62.87 99.96
C ASN SD 71 46.22 -64.04 99.03
N PRO SD 72 47.18 -64.42 98.21
CA PRO SD 72 46.97 -65.52 97.29
C PRO SD 72 46.88 -66.85 98.02
N THR SD 73 46.61 -67.88 97.25
CA THR SD 73 46.57 -69.24 97.75
C THR SD 73 47.59 -70.08 96.99
N ALA SD 74 48.62 -70.52 97.69
CA ALA SD 74 49.68 -71.30 97.09
C ALA SD 74 49.19 -72.71 96.85
N CYS SD 75 49.47 -73.24 95.66
CA CYS SD 75 49.33 -74.66 95.37
C CYS SD 75 50.73 -75.23 95.45
N THR SD 76 51.00 -75.98 96.52
CA THR SD 76 52.36 -76.48 96.74
C THR SD 76 52.74 -77.49 95.67
N ALA SD 77 51.95 -78.55 95.54
CA ALA SD 77 52.18 -79.55 94.51
C ALA SD 77 51.18 -79.32 93.40
N ASN SD 78 51.67 -78.80 92.29
CA ASN SD 78 50.88 -78.68 91.07
C ASN SD 78 51.14 -79.85 90.12
N GLY SD 79 51.93 -80.83 90.56
CA GLY SD 79 52.50 -81.77 89.62
C GLY SD 79 53.74 -81.22 88.96
N SER SD 80 54.17 -80.03 89.36
CA SER SD 80 55.33 -79.37 88.80
C SER SD 80 56.25 -78.98 89.95
N CYS SD 81 57.49 -78.62 89.61
CA CYS SD 81 58.51 -78.35 90.60
C CYS SD 81 58.28 -77.04 91.35
N ASP SD 82 57.41 -76.17 90.85
CA ASP SD 82 57.24 -74.88 91.49
C ASP SD 82 55.79 -74.67 91.90
N PRO SD 83 55.55 -74.04 93.04
CA PRO SD 83 54.18 -73.74 93.44
C PRO SD 83 53.57 -72.70 92.52
N SER SD 84 52.26 -72.61 92.54
CA SER SD 84 51.53 -71.71 91.65
C SER SD 84 50.37 -71.06 92.37
N VAL SD 85 50.07 -69.83 91.96
CA VAL SD 85 48.94 -69.10 92.50
C VAL SD 85 47.66 -69.81 92.10
N THR SD 86 46.78 -70.03 93.06
CA THR SD 86 45.50 -70.65 92.75
C THR SD 86 44.35 -69.66 92.89
N ARG SD 87 44.02 -69.30 94.11
CA ARG SD 87 42.98 -68.32 94.40
C ARG SD 87 43.63 -67.07 94.94
N GLN SD 88 43.03 -65.92 94.63
CA GLN SD 88 43.58 -64.65 95.07
C GLN SD 88 42.52 -63.95 95.91
N ALA SD 89 42.77 -63.83 97.20
CA ALA SD 89 41.84 -63.18 98.12
C ALA SD 89 42.03 -61.67 98.01
N TYR SD 90 40.94 -60.96 97.76
CA TYR SD 90 40.99 -59.51 97.68
C TYR SD 90 40.25 -58.87 98.83
N ALA SD 91 40.98 -58.09 99.62
CA ALA SD 91 40.40 -57.35 100.72
C ALA SD 91 40.66 -55.87 100.45
N ASP SD 92 39.59 -55.10 100.27
CA ASP SD 92 39.70 -53.70 99.92
C ASP SD 92 38.94 -52.84 100.92
N VAL SD 93 39.56 -51.75 101.34
CA VAL SD 93 38.98 -50.81 102.28
C VAL SD 93 39.30 -49.41 101.79
N THR SD 94 38.30 -48.53 101.82
CA THR SD 94 38.47 -47.15 101.43
C THR SD 94 37.91 -46.22 102.49
N PHE SD 95 38.28 -44.95 102.38
CA PHE SD 95 37.79 -43.94 103.30
C PHE SD 95 37.60 -42.64 102.54
N SER SD 96 36.55 -41.92 102.91
CA SER SD 96 36.29 -40.61 102.36
C SER SD 96 36.14 -39.63 103.51
N PHE SD 97 36.63 -38.42 103.30
CA PHE SD 97 36.53 -37.38 104.31
C PHE SD 97 36.44 -36.03 103.64
N THR SD 98 35.94 -35.07 104.38
CA THR SD 98 35.78 -33.71 103.90
C THR SD 98 36.88 -32.85 104.49
N GLN SD 99 37.29 -31.86 103.73
CA GLN SD 99 38.35 -30.96 104.15
C GLN SD 99 38.13 -30.45 105.56
N TYR SD 100 36.89 -30.33 106.00
CA TYR SD 100 36.61 -29.89 107.36
C TYR SD 100 36.49 -31.05 108.33
N SER SD 101 36.73 -32.28 107.89
CA SER SD 101 36.62 -33.44 108.78
C SER SD 101 37.52 -33.24 109.98
N THR SD 102 37.01 -33.55 111.17
CA THR SD 102 37.83 -33.35 112.36
C THR SD 102 38.58 -34.63 112.70
N ASP SD 103 39.38 -34.55 113.75
CA ASP SD 103 40.20 -35.68 114.14
C ASP SD 103 39.35 -36.80 114.73
N GLU SD 104 38.60 -36.50 115.79
CA GLU SD 104 37.92 -37.55 116.52
C GLU SD 104 36.91 -38.27 115.64
N GLU SD 105 36.22 -37.53 114.78
CA GLU SD 105 35.35 -38.17 113.80
C GLU SD 105 36.09 -39.28 113.07
N ARG SD 106 37.23 -38.95 112.50
CA ARG SD 106 38.03 -39.97 111.84
C ARG SD 106 38.41 -41.06 112.82
N ALA SD 107 39.02 -40.70 113.95
CA ALA SD 107 39.32 -41.68 114.98
C ALA SD 107 38.11 -42.52 115.33
N PHE SD 108 36.96 -41.88 115.49
CA PHE SD 108 35.73 -42.63 115.73
C PHE SD 108 35.49 -43.66 114.66
N VAL SD 109 35.73 -43.30 113.40
CA VAL SD 109 35.54 -44.26 112.32
C VAL SD 109 36.50 -45.43 112.46
N ARG SD 110 37.75 -45.14 112.78
CA ARG SD 110 38.77 -46.19 112.77
C ARG SD 110 38.39 -47.32 113.71
N THR SD 111 38.16 -47.00 114.99
CA THR SD 111 37.87 -48.06 115.96
C THR SD 111 36.64 -48.84 115.57
N GLU SD 112 35.50 -48.17 115.38
CA GLU SD 112 34.25 -48.87 115.16
C GLU SD 112 34.34 -49.88 114.04
N LEU SD 113 35.03 -49.55 112.95
CA LEU SD 113 35.21 -50.53 111.90
C LEU SD 113 35.87 -51.78 112.43
N ALA SD 114 36.95 -51.60 113.22
CA ALA SD 114 37.58 -52.75 113.82
C ALA SD 114 36.61 -53.53 114.70
N ALA SD 115 35.91 -52.85 115.59
CA ALA SD 115 34.95 -53.53 116.46
C ALA SD 115 33.99 -54.38 115.65
N LEU SD 116 33.44 -53.84 114.57
CA LEU SD 116 32.61 -54.65 113.69
C LEU SD 116 33.33 -55.89 113.25
N LEU SD 117 34.58 -55.76 112.83
CA LEU SD 117 35.31 -56.94 112.37
C LEU SD 117 35.43 -57.98 113.47
N ALA SD 118 35.43 -57.56 114.72
CA ALA SD 118 35.36 -58.50 115.83
C ALA SD 118 33.94 -58.83 116.24
N SER SD 119 32.96 -58.13 115.70
CA SER SD 119 31.58 -58.38 116.08
C SER SD 119 31.15 -59.77 115.61
N PRO SD 120 30.32 -60.46 116.39
CA PRO SD 120 29.80 -61.75 115.95
C PRO SD 120 28.97 -61.65 114.68
N LEU SD 121 28.50 -60.47 114.33
CA LEU SD 121 27.74 -60.33 113.10
C LEU SD 121 28.59 -60.69 111.88
N LEU SD 122 29.67 -59.95 111.68
CA LEU SD 122 30.43 -60.09 110.44
C LEU SD 122 31.06 -61.46 110.28
N ILE SD 123 31.42 -62.12 111.38
CA ILE SD 123 32.16 -63.37 111.26
C ILE SD 123 31.36 -64.38 110.44
N ASP SD 124 30.08 -64.56 110.73
CA ASP SD 124 29.26 -65.40 109.88
C ASP SD 124 29.14 -64.84 108.48
N ALA SD 125 28.96 -63.53 108.36
CA ALA SD 125 28.98 -62.87 107.07
C ALA SD 125 30.28 -63.13 106.33
N ILE SD 126 31.41 -62.95 106.98
CA ILE SD 126 32.71 -63.19 106.36
C ILE SD 126 33.00 -64.68 106.27
N ASP SD 127 33.19 -65.33 107.41
CA ASP SD 127 33.68 -66.69 107.40
C ASP SD 127 32.72 -67.64 106.71
N GLN SD 128 31.47 -67.66 107.14
CA GLN SD 128 30.50 -68.59 106.60
C GLN SD 128 29.68 -68.02 105.47
N LEU SD 129 29.97 -66.81 105.02
CA LEU SD 129 29.28 -66.19 103.89
C LEU SD 129 27.77 -66.19 104.12
N ASN SD 130 27.35 -65.46 105.15
CA ASN SD 130 25.95 -65.52 105.45
C ASN SD 130 25.37 -64.12 105.51
N PRO SD 131 24.18 -63.93 105.00
CA PRO SD 131 23.49 -62.67 105.18
C PRO SD 131 23.04 -62.49 106.62
N ALA SD 132 22.19 -61.49 106.84
CA ALA SD 132 21.96 -60.91 108.15
C ALA SD 132 20.99 -61.73 109.00
N TYR SD 133 20.55 -62.87 108.52
CA TYR SD 133 19.57 -63.65 109.25
C TYR SD 133 20.23 -64.79 110.01
N ALA TD 2 67.33 -51.07 99.99
CA ALA TD 2 67.42 -50.24 101.19
C ALA TD 2 67.48 -48.77 100.82
N LYS TD 3 67.77 -47.93 101.80
CA LYS TD 3 67.80 -46.49 101.64
C LYS TD 3 68.89 -46.09 100.67
N LEU TD 4 68.58 -45.11 99.84
CA LEU TD 4 69.60 -44.43 99.05
C LEU TD 4 70.65 -43.89 99.99
N GLU TD 5 71.91 -44.18 99.70
CA GLU TD 5 73.00 -43.73 100.54
C GLU TD 5 74.18 -43.34 99.67
N THR TD 6 75.22 -42.83 100.31
CA THR TD 6 76.49 -42.63 99.63
C THR TD 6 77.00 -44.03 99.30
N VAL TD 7 77.31 -44.24 98.03
CA VAL TD 7 77.80 -45.55 97.62
C VAL TD 7 79.25 -45.40 97.21
N THR TD 8 80.15 -45.94 98.02
CA THR TD 8 81.56 -45.94 97.71
C THR TD 8 81.87 -47.16 96.87
N LEU TD 9 82.76 -47.01 95.91
CA LEU TD 9 83.17 -48.11 95.06
C LEU TD 9 84.68 -48.14 94.95
N GLY TD 10 85.27 -49.27 95.32
CA GLY TD 10 86.69 -49.49 95.14
C GLY TD 10 86.93 -50.38 93.94
N ASN TD 11 88.20 -50.50 93.58
CA ASN TD 11 88.63 -51.42 92.52
C ASN TD 11 87.91 -51.11 91.22
N ILE TD 12 88.27 -49.97 90.64
CA ILE TD 12 87.58 -49.45 89.47
C ILE TD 12 88.62 -49.20 88.39
N GLY TD 13 88.20 -49.28 87.14
CA GLY TD 13 89.07 -49.02 86.02
C GLY TD 13 90.09 -50.13 85.82
N LYS TD 14 90.76 -50.04 84.67
CA LYS TD 14 91.78 -51.03 84.32
C LYS TD 14 92.79 -51.17 85.45
N ASP TD 15 93.12 -50.08 86.12
CA ASP TD 15 94.00 -50.15 87.27
C ASP TD 15 93.36 -50.93 88.41
N GLY TD 16 92.12 -50.62 88.76
CA GLY TD 16 91.55 -51.17 89.97
C GLY TD 16 91.93 -50.38 91.20
N LYS TD 17 92.74 -49.33 91.05
CA LYS TD 17 92.99 -48.43 92.16
C LYS TD 17 92.01 -47.27 92.15
N GLN TD 18 91.22 -47.15 91.09
CA GLN TD 18 90.22 -46.10 90.99
C GLN TD 18 89.11 -46.35 92.01
N THR TD 19 88.63 -45.26 92.59
CA THR TD 19 87.52 -45.31 93.52
C THR TD 19 86.49 -44.27 93.14
N LEU TD 20 85.24 -44.52 93.52
CA LEU TD 20 84.15 -43.61 93.18
C LEU TD 20 83.11 -43.63 94.28
N VAL TD 21 82.56 -42.46 94.57
CA VAL TD 21 81.45 -42.33 95.49
C VAL TD 21 80.26 -41.79 94.72
N LEU TD 22 79.07 -42.14 95.18
CA LEU TD 22 77.84 -41.75 94.52
C LEU TD 22 76.87 -41.20 95.57
N ASN TD 23 76.48 -39.99 95.39
CA ASN TD 23 75.51 -39.51 96.36
C ASN TD 23 74.10 -39.79 95.86
N PRO TD 24 73.17 -40.03 96.78
CA PRO TD 24 71.78 -40.15 96.38
C PRO TD 24 71.28 -38.85 95.78
N ARG TD 25 70.69 -38.95 94.60
CA ARG TD 25 70.17 -37.80 93.88
C ARG TD 25 68.67 -37.61 94.07
N GLY TD 26 68.03 -38.46 94.87
CA GLY TD 26 66.59 -38.47 94.94
C GLY TD 26 66.01 -39.38 93.90
N VAL TD 27 64.68 -39.36 93.80
CA VAL TD 27 63.95 -40.24 92.90
C VAL TD 27 62.96 -39.43 92.10
N ASN TD 28 63.01 -39.56 90.79
CA ASN TD 28 61.96 -38.97 89.99
C ASN TD 28 60.68 -39.77 90.16
N PRO TD 29 59.64 -39.21 90.77
CA PRO TD 29 58.41 -39.96 90.99
C PRO TD 29 57.65 -40.28 89.73
N THR TD 30 57.76 -39.43 88.71
CA THR TD 30 57.00 -39.65 87.49
C THR TD 30 57.29 -41.02 86.90
N ASN TD 31 58.49 -41.20 86.37
CA ASN TD 31 58.91 -42.53 85.92
C ASN TD 31 59.18 -43.46 87.07
N GLY TD 32 59.22 -42.97 88.30
CA GLY TD 32 59.54 -43.81 89.43
C GLY TD 32 60.94 -44.38 89.33
N VAL TD 33 61.94 -43.52 89.18
CA VAL TD 33 63.31 -43.96 88.97
C VAL TD 33 64.22 -43.20 89.91
N ALA TD 34 65.05 -43.94 90.65
CA ALA TD 34 66.05 -43.35 91.50
C ALA TD 34 67.23 -42.84 90.68
N SER TD 35 68.01 -41.97 91.29
CA SER TD 35 69.18 -41.41 90.63
C SER TD 35 70.32 -41.31 91.63
N LEU TD 36 71.52 -41.59 91.14
CA LEU TD 36 72.73 -41.49 91.95
C LEU TD 36 73.77 -40.74 91.15
N SER TD 37 74.66 -40.03 91.84
CA SER TD 37 75.68 -39.30 91.12
C SER TD 37 76.93 -39.16 91.94
N GLN TD 38 78.06 -39.12 91.24
CA GLN TD 38 79.28 -38.56 91.79
C GLN TD 38 79.05 -37.10 92.13
N ALA TD 39 79.75 -36.63 93.16
CA ALA TD 39 79.72 -35.21 93.47
C ALA TD 39 80.91 -34.56 92.77
N GLY TD 40 80.60 -33.85 91.70
CA GLY TD 40 81.58 -33.09 90.96
C GLY TD 40 81.34 -31.60 91.12
N ALA TD 41 81.80 -30.86 90.12
CA ALA TD 41 81.47 -29.44 90.05
C ALA TD 41 80.18 -29.24 89.28
N VAL TD 42 80.19 -29.55 88.00
CA VAL TD 42 79.03 -29.31 87.14
C VAL TD 42 78.21 -30.59 87.04
N PRO TD 43 76.95 -30.58 87.47
CA PRO TD 43 76.11 -31.77 87.33
C PRO TD 43 76.10 -32.36 85.93
N ALA TD 44 76.03 -31.52 84.90
CA ALA TD 44 76.15 -32.00 83.54
C ALA TD 44 77.40 -32.85 83.35
N LEU TD 45 78.51 -32.47 83.99
CA LEU TD 45 79.72 -33.27 83.92
C LEU TD 45 79.68 -34.47 84.84
N GLU TD 46 78.91 -34.39 85.94
CA GLU TD 46 78.98 -35.41 86.97
C GLU TD 46 78.42 -36.73 86.47
N LYS TD 47 79.04 -37.82 86.91
CA LYS TD 47 78.65 -39.16 86.51
C LYS TD 47 77.25 -39.41 87.06
N ARG TD 48 76.45 -40.16 86.32
CA ARG TD 48 75.10 -40.46 86.76
C ARG TD 48 74.86 -41.96 86.78
N VAL TD 49 74.06 -42.39 87.74
CA VAL TD 49 73.67 -43.79 87.87
C VAL TD 49 72.18 -43.83 88.15
N THR TD 50 71.46 -44.62 87.37
CA THR TD 50 70.01 -44.69 87.46
C THR TD 50 69.58 -46.13 87.65
N VAL TD 51 68.69 -46.36 88.61
CA VAL TD 51 68.11 -47.67 88.82
C VAL TD 51 66.61 -47.52 88.91
N SER TD 52 65.91 -48.59 88.56
CA SER TD 52 64.46 -48.57 88.60
C SER TD 52 63.95 -49.98 88.79
N VAL TD 53 62.79 -50.07 89.42
CA VAL TD 53 62.07 -51.34 89.49
C VAL TD 53 60.82 -51.17 88.67
N SER TD 54 59.98 -52.21 88.63
CA SER TD 54 58.73 -52.15 87.90
C SER TD 54 57.80 -53.17 88.50
N GLN TD 55 56.53 -53.06 88.16
CA GLN TD 55 55.57 -54.04 88.62
C GLN TD 55 54.64 -54.41 87.47
N PRO TD 56 54.22 -55.67 87.39
CA PRO TD 56 53.43 -56.10 86.24
C PRO TD 56 52.09 -55.39 86.19
N SER TD 57 51.67 -55.05 84.97
CA SER TD 57 50.42 -54.37 84.75
C SER TD 57 49.62 -55.16 83.74
N ARG TD 58 48.48 -54.61 83.34
CA ARG TD 58 47.73 -55.17 82.22
C ARG TD 58 48.52 -55.16 80.93
N ASN TD 59 49.53 -54.28 80.82
CA ASN TD 59 50.40 -54.25 79.66
C ASN TD 59 51.48 -55.32 79.68
N ARG TD 60 52.02 -55.64 80.84
CA ARG TD 60 53.08 -56.63 80.93
C ARG TD 60 52.95 -57.36 82.27
N LYS TD 61 53.17 -58.66 82.24
CA LYS TD 61 53.04 -59.51 83.41
C LYS TD 61 54.40 -59.74 84.06
N ASN TD 62 55.43 -59.09 83.54
CA ASN TD 62 56.79 -59.37 83.95
C ASN TD 62 57.37 -58.18 84.69
N TYR TD 63 58.29 -58.47 85.60
CA TYR TD 63 59.03 -57.41 86.27
C TYR TD 63 60.18 -56.94 85.41
N LYS TD 64 60.40 -55.62 85.40
CA LYS TD 64 61.53 -55.02 84.71
C LYS TD 64 62.39 -54.32 85.74
N VAL TD 65 63.69 -54.55 85.67
CA VAL TD 65 64.66 -53.82 86.46
C VAL TD 65 65.64 -53.19 85.49
N GLN TD 66 65.64 -51.87 85.43
CA GLN TD 66 66.43 -51.13 84.47
C GLN TD 66 67.52 -50.35 85.19
N VAL TD 67 68.74 -50.46 84.69
CA VAL TD 67 69.87 -49.73 85.25
C VAL TD 67 70.63 -49.10 84.10
N LYS TD 68 70.78 -47.79 84.14
CA LYS TD 68 71.51 -47.04 83.12
C LYS TD 68 72.61 -46.24 83.77
N ILE TD 69 73.73 -46.12 83.07
CA ILE TD 69 74.89 -45.37 83.54
C ILE TD 69 75.28 -44.38 82.47
N GLN TD 70 75.54 -43.15 82.89
CA GLN TD 70 75.87 -42.07 81.99
C GLN TD 70 77.15 -41.41 82.47
N ASN TD 71 78.20 -41.50 81.66
CA ASN TD 71 79.53 -41.00 82.01
C ASN TD 71 80.03 -40.11 80.87
N PRO TD 72 79.81 -38.82 80.95
CA PRO TD 72 80.25 -37.93 79.87
C PRO TD 72 81.77 -37.82 79.86
N THR TD 73 82.25 -37.09 78.86
CA THR TD 73 83.66 -36.81 78.71
C THR TD 73 83.85 -35.29 78.72
N ALA TD 74 84.50 -34.79 79.75
CA ALA TD 74 84.72 -33.37 79.90
C ALA TD 74 85.83 -32.93 78.95
N CYS TD 75 85.59 -31.82 78.26
CA CYS TD 75 86.64 -31.11 77.54
C CYS TD 75 87.02 -29.94 78.41
N THR TD 76 88.19 -30.02 79.05
CA THR TD 76 88.60 -29.00 80.00
C THR TD 76 88.84 -27.67 79.29
N ALA TD 77 89.73 -27.66 78.31
CA ALA TD 77 89.99 -26.46 77.53
C ALA TD 77 89.29 -26.62 76.19
N ASN TD 78 88.21 -25.88 76.03
CA ASN TD 78 87.54 -25.78 74.73
C ASN TD 78 87.99 -24.54 73.97
N GLY TD 79 88.96 -23.81 74.50
CA GLY TD 79 89.19 -22.46 74.05
C GLY TD 79 88.25 -21.47 74.70
N SER TD 80 87.42 -21.94 75.63
CA SER TD 80 86.45 -21.12 76.32
C SER TD 80 86.65 -21.31 77.82
N CYS TD 81 86.05 -20.44 78.61
CA CYS TD 81 86.25 -20.43 80.05
C CYS TD 81 85.58 -21.60 80.76
N ASP TD 82 84.67 -22.31 80.10
CA ASP TD 82 83.96 -23.37 80.76
C ASP TD 82 84.14 -24.69 80.03
N PRO TD 83 84.25 -25.79 80.77
CA PRO TD 83 84.35 -27.10 80.12
C PRO TD 83 83.04 -27.45 79.44
N SER TD 84 83.11 -28.41 78.53
CA SER TD 84 81.96 -28.79 77.74
C SER TD 84 81.91 -30.30 77.55
N VAL TD 85 80.70 -30.82 77.47
CA VAL TD 85 80.48 -32.24 77.22
C VAL TD 85 80.99 -32.55 75.82
N THR TD 86 81.77 -33.63 75.71
CA THR TD 86 82.25 -34.04 74.41
C THR TD 86 81.61 -35.35 73.98
N ARG TD 87 82.01 -36.45 74.61
CA ARG TD 87 81.44 -37.75 74.34
C ARG TD 87 80.62 -38.20 75.54
N GLN TD 88 79.56 -38.93 75.26
CA GLN TD 88 78.68 -39.38 76.34
C GLN TD 88 78.65 -40.90 76.30
N ALA TD 89 79.22 -41.53 77.33
CA ALA TD 89 79.25 -42.97 77.43
C ALA TD 89 77.92 -43.47 77.96
N TYR TD 90 77.29 -44.39 77.24
CA TYR TD 90 76.02 -44.96 77.68
C TYR TD 90 76.19 -46.41 78.06
N ALA TD 91 75.89 -46.71 79.33
CA ALA TD 91 75.91 -48.08 79.81
C ALA TD 91 74.51 -48.41 80.30
N ASP TD 92 73.88 -49.38 79.66
CA ASP TD 92 72.49 -49.75 79.96
C ASP TD 92 72.39 -51.22 80.29
N VAL TD 93 71.65 -51.52 81.35
CA VAL TD 93 71.42 -52.88 81.80
C VAL TD 93 69.95 -53.01 82.16
N THR TD 94 69.33 -54.11 81.74
CA THR TD 94 67.95 -54.39 82.04
C THR TD 94 67.80 -55.79 82.61
N PHE TD 95 66.64 -56.05 83.19
CA PHE TD 95 66.33 -57.36 83.72
C PHE TD 95 64.86 -57.65 83.52
N SER TD 96 64.57 -58.91 83.22
CA SER TD 96 63.19 -59.36 83.09
C SER TD 96 63.01 -60.55 84.01
N PHE TD 97 61.83 -60.64 84.61
CA PHE TD 97 61.52 -61.75 85.49
C PHE TD 97 60.04 -62.03 85.43
N THR TD 98 59.68 -63.24 85.83
CA THR TD 98 58.30 -63.68 85.84
C THR TD 98 57.78 -63.65 87.27
N GLN TD 99 56.50 -63.39 87.40
CA GLN TD 99 55.88 -63.30 88.71
C GLN TD 99 56.22 -64.49 89.59
N TYR TD 100 56.49 -65.64 89.00
CA TYR TD 100 56.88 -66.81 89.78
C TYR TD 100 58.39 -66.93 89.93
N SER TD 101 59.16 -65.95 89.45
CA SER TD 101 60.60 -66.02 89.55
C SER TD 101 61.00 -66.18 91.01
N THR TD 102 61.95 -67.06 91.28
CA THR TD 102 62.34 -67.27 92.67
C THR TD 102 63.52 -66.38 93.03
N ASP TD 103 63.94 -66.48 94.28
CA ASP TD 103 65.02 -65.62 94.75
C ASP TD 103 66.36 -66.04 94.15
N GLU TD 104 66.75 -67.29 94.36
CA GLU TD 104 68.10 -67.71 93.99
C GLU TD 104 68.32 -67.58 92.50
N GLU TD 105 67.31 -67.90 91.69
CA GLU TD 105 67.39 -67.64 90.27
C GLU TD 105 67.86 -66.22 90.00
N ARG TD 106 67.17 -65.25 90.58
CA ARG TD 106 67.59 -63.87 90.44
C ARG TD 106 69.00 -63.68 90.96
N ALA TD 107 69.23 -64.08 92.21
CA ALA TD 107 70.57 -64.01 92.77
C ALA TD 107 71.58 -64.66 91.84
N PHE TD 108 71.25 -65.83 91.31
CA PHE TD 108 72.13 -66.48 90.35
C PHE TD 108 72.44 -65.57 89.18
N VAL TD 109 71.45 -64.84 88.69
CA VAL TD 109 71.69 -63.93 87.58
C VAL TD 109 72.65 -62.82 88.00
N ARG TD 110 72.45 -62.28 89.19
CA ARG TD 110 73.23 -61.11 89.58
C ARG TD 110 74.71 -61.40 89.54
N THR TD 111 75.16 -62.42 90.27
CA THR TD 111 76.58 -62.70 90.33
C THR TD 111 77.16 -62.97 88.95
N GLU TD 112 76.60 -63.95 88.23
CA GLU TD 112 77.19 -64.37 86.97
C GLU TD 112 77.43 -63.21 86.03
N LEU TD 113 76.49 -62.26 85.96
CA LEU TD 113 76.74 -61.10 85.13
C LEU TD 113 78.01 -60.38 85.55
N ALA TD 114 78.17 -60.18 86.86
CA ALA TD 114 79.40 -59.57 87.35
C ALA TD 114 80.61 -60.39 86.93
N ALA TD 115 80.60 -61.69 87.20
CA ALA TD 115 81.73 -62.53 86.82
C ALA TD 115 82.10 -62.35 85.37
N LEU TD 116 81.12 -62.35 84.47
CA LEU TD 116 81.40 -62.05 83.08
C LEU TD 116 82.14 -60.74 82.93
N LEU TD 117 81.67 -59.70 83.61
CA LEU TD 117 82.34 -58.42 83.50
C LEU TD 117 83.79 -58.49 83.93
N ALA TD 118 84.12 -59.41 84.83
CA ALA TD 118 85.51 -59.66 85.18
C ALA TD 118 86.14 -60.72 84.32
N SER TD 119 85.37 -61.41 83.48
CA SER TD 119 85.92 -62.45 82.65
C SER TD 119 86.87 -61.85 81.62
N PRO TD 120 87.94 -62.56 81.27
CA PRO TD 120 88.84 -62.09 80.23
C PRO TD 120 88.17 -61.98 78.88
N LEU TD 121 87.02 -62.62 78.69
CA LEU TD 121 86.33 -62.50 77.43
C LEU TD 121 85.89 -61.07 77.17
N LEU TD 122 85.05 -60.53 78.05
CA LEU TD 122 84.44 -59.24 77.79
C LEU TD 122 85.44 -58.10 77.72
N ILE TD 123 86.54 -58.19 78.47
CA ILE TD 123 87.45 -57.06 78.52
C ILE TD 123 87.93 -56.68 77.13
N ASP TD 124 88.36 -57.64 76.33
CA ASP TD 124 88.69 -57.35 74.95
C ASP TD 124 87.48 -56.88 74.17
N ALA TD 125 86.34 -57.53 74.37
CA ALA TD 125 85.10 -57.07 73.80
C ALA TD 125 84.77 -55.64 74.19
N ILE TD 126 84.86 -55.30 75.46
CA ILE TD 126 84.61 -53.95 75.94
C ILE TD 126 85.77 -53.03 75.64
N ASP TD 127 86.91 -53.27 76.27
CA ASP TD 127 88.00 -52.32 76.20
C ASP TD 127 88.52 -52.15 74.77
N GLN TD 128 88.89 -53.24 74.13
CA GLN TD 128 89.48 -53.18 72.81
C GLN TD 128 88.47 -53.35 71.69
N LEU TD 129 87.17 -53.45 72.01
CA LEU TD 129 86.12 -53.56 71.01
C LEU TD 129 86.40 -54.71 70.06
N ASN TD 130 86.39 -55.91 70.62
CA ASN TD 130 86.73 -57.03 69.78
C ASN TD 130 85.65 -58.09 69.84
N PRO TD 131 85.34 -58.70 68.72
CA PRO TD 131 84.44 -59.85 68.74
C PRO TD 131 85.11 -61.06 69.35
N ALA TD 132 84.48 -62.21 69.19
CA ALA TD 132 84.73 -63.38 70.02
C ALA TD 132 85.96 -64.17 69.58
N TYR TD 133 86.71 -63.67 68.61
CA TYR TD 133 87.85 -64.42 68.11
C TYR TD 133 89.13 -63.89 68.71
N ALA UD 2 66.44 -10.64 -14.72
CA ALA UD 2 67.20 -9.98 -15.77
C ALA UD 2 68.01 -11.00 -16.55
N LYS UD 3 68.91 -10.51 -17.38
CA LYS UD 3 69.72 -11.34 -18.26
C LYS UD 3 70.64 -12.22 -17.44
N LEU UD 4 70.80 -13.45 -17.91
CA LEU UD 4 71.84 -14.33 -17.41
C LEU UD 4 73.18 -13.62 -17.57
N GLU UD 5 73.96 -13.58 -16.51
CA GLU UD 5 75.26 -12.92 -16.56
C GLU UD 5 76.24 -13.71 -15.73
N THR UD 6 77.49 -13.25 -15.76
CA THR UD 6 78.49 -13.77 -14.84
C THR UD 6 78.04 -13.33 -13.45
N VAL UD 7 77.93 -14.28 -12.55
CA VAL UD 7 77.49 -13.95 -11.20
C VAL UD 7 78.66 -14.19 -10.26
N THR UD 8 79.23 -13.11 -9.75
CA THR UD 8 80.30 -13.18 -8.78
C THR UD 8 79.69 -13.29 -7.39
N LEU UD 9 80.30 -14.08 -6.54
CA LEU UD 9 79.84 -14.24 -5.17
C LEU UD 9 81.02 -14.12 -4.22
N GLY UD 10 80.92 -13.19 -3.27
CA GLY UD 10 81.89 -13.05 -2.22
C GLY UD 10 81.34 -13.63 -0.93
N ASN UD 11 82.23 -13.72 0.06
CA ASN UD 11 81.84 -14.14 1.41
C ASN UD 11 81.19 -15.52 1.36
N ILE UD 12 82.02 -16.52 1.08
CA ILE UD 12 81.55 -17.87 0.87
C ILE UD 12 82.32 -18.79 1.80
N GLY UD 13 81.68 -19.89 2.18
CA GLY UD 13 82.32 -20.87 3.03
C GLY UD 13 82.46 -20.39 4.46
N LYS UD 14 82.84 -21.34 5.32
CA LYS UD 14 83.03 -21.03 6.73
C LYS UD 14 83.97 -19.84 6.91
N ASP UD 15 84.99 -19.75 6.06
CA ASP UD 15 85.87 -18.60 6.09
C ASP UD 15 85.12 -17.31 5.73
N GLY UD 16 84.38 -17.33 4.63
CA GLY UD 16 83.84 -16.10 4.11
C GLY UD 16 84.83 -15.34 3.24
N LYS UD 17 86.03 -15.88 3.08
CA LYS UD 17 86.96 -15.31 2.12
C LYS UD 17 86.84 -15.99 0.77
N GLN UD 18 86.08 -17.07 0.71
CA GLN UD 18 85.85 -17.79 -0.53
C GLN UD 18 85.02 -16.95 -1.47
N THR UD 19 85.35 -17.03 -2.76
CA THR UD 19 84.62 -16.33 -3.81
C THR UD 19 84.31 -17.30 -4.93
N LEU UD 20 83.25 -17.01 -5.67
CA LEU UD 20 82.83 -17.90 -6.74
C LEU UD 20 82.20 -17.08 -7.85
N VAL UD 21 82.48 -17.44 -9.09
CA VAL UD 21 81.84 -16.86 -10.24
C VAL UD 21 81.04 -17.94 -10.95
N LEU UD 22 79.98 -17.53 -11.63
CA LEU UD 22 79.09 -18.45 -12.32
C LEU UD 22 78.83 -17.94 -13.72
N ASN UD 23 79.17 -18.72 -14.68
CA ASN UD 23 78.85 -18.24 -16.00
C ASN UD 23 77.47 -18.72 -16.42
N PRO UD 24 76.77 -17.94 -17.22
CA PRO UD 24 75.51 -18.41 -17.78
C PRO UD 24 75.73 -19.61 -18.66
N ARG UD 25 74.97 -20.67 -18.39
CA ARG UD 25 75.08 -21.90 -19.15
C ARG UD 25 74.02 -22.03 -20.23
N GLY UD 26 73.19 -21.01 -20.41
CA GLY UD 26 72.04 -21.13 -21.28
C GLY UD 26 70.85 -21.69 -20.53
N VAL UD 27 69.78 -21.97 -21.28
CA VAL UD 27 68.53 -22.42 -20.69
C VAL UD 27 68.04 -23.64 -21.46
N ASN UD 28 67.76 -24.70 -20.74
CA ASN UD 28 67.10 -25.82 -21.38
C ASN UD 28 65.66 -25.45 -21.67
N PRO UD 29 65.26 -25.34 -22.94
CA PRO UD 29 63.89 -24.93 -23.25
C PRO UD 29 62.87 -25.99 -22.92
N THR UD 30 63.24 -27.27 -22.94
CA THR UD 30 62.27 -28.32 -22.68
C THR UD 30 61.61 -28.13 -21.33
N ASN UD 31 62.36 -28.35 -20.26
CA ASN UD 31 61.86 -28.07 -18.93
C ASN UD 31 61.76 -26.57 -18.66
N GLY UD 32 62.31 -25.74 -19.53
CA GLY UD 32 62.31 -24.31 -19.29
C GLY UD 32 63.09 -23.93 -18.06
N VAL UD 33 64.35 -24.35 -17.98
CA VAL UD 33 65.15 -24.14 -16.78
C VAL UD 33 66.49 -23.56 -17.20
N ALA UD 34 66.87 -22.47 -16.55
CA ALA UD 34 68.17 -21.86 -16.74
C ALA UD 34 69.25 -22.66 -16.02
N SER UD 35 70.49 -22.45 -16.43
CA SER UD 35 71.61 -23.14 -15.82
C SER UD 35 72.78 -22.18 -15.67
N LEU UD 36 73.48 -22.30 -14.56
CA LEU UD 36 74.67 -21.48 -14.29
C LEU UD 36 75.77 -22.41 -13.81
N SER UD 37 77.02 -22.02 -14.09
CA SER UD 37 78.11 -22.87 -13.64
C SER UD 37 79.35 -22.05 -13.39
N GLN UD 38 80.14 -22.53 -12.42
CA GLN UD 38 81.54 -22.17 -12.34
C GLN UD 38 82.25 -22.58 -13.61
N ALA UD 39 83.27 -21.82 -13.99
CA ALA UD 39 84.12 -22.24 -15.09
C ALA UD 39 85.31 -23.00 -14.51
N GLY UD 40 85.25 -24.32 -14.68
CA GLY UD 40 86.33 -25.19 -14.29
C GLY UD 40 87.01 -25.79 -15.49
N ALA UD 41 87.62 -26.95 -15.26
CA ALA UD 41 88.15 -27.73 -16.37
C ALA UD 41 87.08 -28.67 -16.91
N VAL UD 42 86.66 -29.63 -16.11
CA VAL UD 42 85.71 -30.64 -16.56
C VAL UD 42 84.31 -30.24 -16.13
N PRO UD 43 83.38 -30.03 -17.08
CA PRO UD 43 82.01 -29.69 -16.71
C PRO UD 43 81.40 -30.63 -15.69
N ALA UD 44 81.62 -31.93 -15.80
CA ALA UD 44 81.19 -32.87 -14.79
C ALA UD 44 81.67 -32.47 -13.41
N LEU UD 45 82.88 -31.94 -13.30
CA LEU UD 45 83.40 -31.46 -12.03
C LEU UD 45 82.86 -30.09 -11.68
N GLU UD 46 82.50 -29.28 -12.67
CA GLU UD 46 82.17 -27.89 -12.43
C GLU UD 46 80.88 -27.76 -11.64
N LYS UD 47 80.85 -26.78 -10.75
CA LYS UD 47 79.68 -26.54 -9.89
C LYS UD 47 78.53 -26.12 -10.79
N ARG UD 48 77.32 -26.52 -10.42
CA ARG UD 48 76.15 -26.17 -11.21
C ARG UD 48 75.13 -25.46 -10.36
N VAL UD 49 74.41 -24.53 -10.98
CA VAL UD 49 73.32 -23.80 -10.33
C VAL UD 49 72.17 -23.75 -11.31
N THR UD 50 70.98 -24.13 -10.84
CA THR UD 50 69.80 -24.22 -11.68
C THR UD 50 68.68 -23.42 -11.06
N VAL UD 51 68.03 -22.59 -11.86
CA VAL UD 51 66.85 -21.85 -11.43
C VAL UD 51 65.76 -22.05 -12.45
N SER UD 52 64.52 -21.94 -11.98
CA SER UD 52 63.38 -22.11 -12.86
C SER UD 52 62.20 -21.33 -12.30
N VAL UD 53 61.34 -20.89 -13.20
CA VAL UD 53 60.07 -20.32 -12.81
C VAL UD 53 58.99 -21.29 -13.27
N SER UD 54 57.74 -20.94 -13.05
CA SER UD 54 56.63 -21.76 -13.50
C SER UD 54 55.41 -20.87 -13.62
N GLN UD 55 54.39 -21.39 -14.29
CA GLN UD 55 53.16 -20.65 -14.40
C GLN UD 55 51.99 -21.59 -14.18
N PRO UD 56 50.92 -21.11 -13.55
CA PRO UD 56 49.82 -22.01 -13.19
C PRO UD 56 49.14 -22.57 -14.43
N SER UD 57 48.77 -23.85 -14.33
CA SER UD 57 48.11 -24.53 -15.42
C SER UD 57 46.82 -25.14 -14.90
N ARG UD 58 46.15 -25.90 -15.76
CA ARG UD 58 45.02 -26.69 -15.31
C ARG UD 58 45.43 -27.72 -14.26
N ASN UD 59 46.69 -28.11 -14.21
CA ASN UD 59 47.19 -29.02 -13.19
C ASN UD 59 47.45 -28.35 -11.86
N ARG UD 60 47.93 -27.11 -11.86
CA ARG UD 60 48.22 -26.41 -10.61
C ARG UD 60 47.96 -24.93 -10.81
N LYS UD 61 47.39 -24.31 -9.79
CA LYS UD 61 47.04 -22.89 -9.83
C LYS UD 61 48.11 -22.04 -9.18
N ASN UD 62 49.21 -22.67 -8.78
CA ASN UD 62 50.21 -21.99 -7.99
C ASN UD 62 51.49 -21.85 -8.78
N TYR UD 63 52.24 -20.80 -8.46
CA TYR UD 63 53.56 -20.63 -9.05
C TYR UD 63 54.59 -21.45 -8.29
N LYS UD 64 55.50 -22.06 -9.04
CA LYS UD 64 56.62 -22.79 -8.47
C LYS UD 64 57.90 -22.12 -8.90
N VAL UD 65 58.80 -21.89 -7.96
CA VAL UD 65 60.15 -21.42 -8.25
C VAL UD 65 61.10 -22.45 -7.65
N GLN UD 66 61.84 -23.12 -8.50
CA GLN UD 66 62.71 -24.21 -8.09
C GLN UD 66 64.16 -23.80 -8.31
N VAL UD 67 64.99 -24.03 -7.30
CA VAL UD 67 66.41 -23.75 -7.38
C VAL UD 67 67.15 -24.95 -6.83
N LYS UD 68 68.04 -25.52 -7.64
CA LYS UD 68 68.83 -26.66 -7.24
C LYS UD 68 70.30 -26.33 -7.43
N ILE UD 69 71.13 -26.86 -6.54
CA ILE UD 69 72.57 -26.65 -6.58
C ILE UD 69 73.25 -28.00 -6.53
N GLN UD 70 74.24 -28.18 -7.40
CA GLN UD 70 74.94 -29.45 -7.52
C GLN UD 70 76.43 -29.18 -7.42
N ASN UD 71 77.07 -29.69 -6.36
CA ASN UD 71 78.49 -29.46 -6.11
C ASN UD 71 79.17 -30.79 -5.87
N PRO UD 72 79.75 -31.38 -6.91
CA PRO UD 72 80.40 -32.67 -6.75
C PRO UD 72 81.68 -32.55 -5.94
N THR UD 73 82.28 -33.70 -5.68
CA THR UD 73 83.54 -33.77 -4.97
C THR UD 73 84.55 -34.47 -5.88
N ALA UD 74 85.55 -33.72 -6.31
CA ALA UD 74 86.57 -34.24 -7.20
C ALA UD 74 87.52 -35.13 -6.41
N CYS UD 75 87.84 -36.30 -6.98
CA CYS UD 75 88.94 -37.12 -6.50
C CYS UD 75 90.08 -36.87 -7.47
N THR UD 76 91.10 -36.13 -7.02
CA THR UD 76 92.18 -35.74 -7.90
C THR UD 76 92.99 -36.95 -8.33
N ALA UD 77 93.53 -37.69 -7.36
CA ALA UD 77 94.27 -38.90 -7.66
C ALA UD 77 93.36 -40.09 -7.34
N ASN UD 78 92.88 -40.73 -8.40
CA ASN UD 78 92.16 -41.99 -8.27
C ASN UD 78 93.07 -43.18 -8.49
N GLY UD 79 94.37 -42.95 -8.65
CA GLY UD 79 95.23 -43.96 -9.22
C GLY UD 79 95.17 -43.98 -10.73
N SER UD 80 94.41 -43.06 -11.32
CA SER UD 80 94.24 -42.98 -12.75
C SER UD 80 94.57 -41.55 -13.19
N CYS UD 81 94.75 -41.37 -14.49
CA CYS UD 81 95.18 -40.10 -15.03
C CYS UD 81 94.12 -39.01 -14.97
N ASP UD 82 92.86 -39.38 -14.72
CA ASP UD 82 91.81 -38.38 -14.74
C ASP UD 82 91.07 -38.35 -13.41
N PRO UD 83 90.67 -37.17 -12.95
CA PRO UD 83 89.89 -37.10 -11.72
C PRO UD 83 88.51 -37.70 -11.94
N SER UD 84 87.84 -38.02 -10.83
CA SER UD 84 86.55 -38.68 -10.90
C SER UD 84 85.62 -38.12 -9.82
N VAL UD 85 84.33 -38.11 -10.15
CA VAL UD 85 83.31 -37.67 -9.21
C VAL UD 85 83.27 -38.66 -8.06
N THR UD 86 83.26 -38.14 -6.84
CA THR UD 86 83.17 -39.02 -5.67
C THR UD 86 81.82 -38.85 -4.99
N ARG UD 87 81.64 -37.73 -4.31
CA ARG UD 87 80.39 -37.41 -3.63
C ARG UD 87 79.71 -36.27 -4.37
N GLN UD 88 78.39 -36.30 -4.37
CA GLN UD 88 77.64 -35.27 -5.08
C GLN UD 88 76.74 -34.57 -4.07
N ALA UD 89 77.04 -33.31 -3.78
CA ALA UD 89 76.26 -32.52 -2.84
C ALA UD 89 75.01 -32.00 -3.54
N TYR UD 90 73.85 -32.27 -2.96
CA TYR UD 90 72.60 -31.78 -3.52
C TYR UD 90 71.97 -30.73 -2.62
N ALA UD 91 71.81 -29.54 -3.17
CA ALA UD 91 71.14 -28.45 -2.47
C ALA UD 91 69.93 -28.07 -3.29
N ASP UD 92 68.74 -28.23 -2.71
CA ASP UD 92 67.49 -27.99 -3.42
C ASP UD 92 66.64 -27.00 -2.64
N VAL UD 93 66.07 -26.04 -3.36
CA VAL UD 93 65.19 -25.02 -2.79
C VAL UD 93 64.01 -24.84 -3.72
N THR UD 94 62.82 -24.77 -3.15
CA THR UD 94 61.61 -24.56 -3.93
C THR UD 94 60.80 -23.42 -3.32
N PHE UD 95 59.84 -22.94 -4.10
CA PHE UD 95 58.94 -21.90 -3.64
C PHE UD 95 57.57 -22.12 -4.22
N SER UD 96 56.56 -21.83 -3.41
CA SER UD 96 55.18 -21.90 -3.86
C SER UD 96 54.53 -20.56 -3.59
N PHE UD 97 53.65 -20.14 -4.48
CA PHE UD 97 52.94 -18.89 -4.32
C PHE UD 97 51.57 -19.01 -4.97
N THR UD 98 50.69 -18.13 -4.56
CA THR UD 98 49.33 -18.09 -5.08
C THR UD 98 49.21 -16.94 -6.05
N GLN UD 99 48.36 -17.12 -7.05
CA GLN UD 99 48.16 -16.11 -8.06
C GLN UD 99 47.93 -14.73 -7.47
N TYR UD 100 47.37 -14.66 -6.27
CA TYR UD 100 47.17 -13.38 -5.62
C TYR UD 100 48.34 -12.98 -4.73
N SER UD 101 49.41 -13.76 -4.71
CA SER UD 101 50.55 -13.44 -3.86
C SER UD 101 51.05 -12.05 -4.19
N THR UD 102 51.37 -11.26 -3.16
CA THR UD 102 51.83 -9.91 -3.43
C THR UD 102 53.35 -9.87 -3.51
N ASP UD 103 53.87 -8.69 -3.77
CA ASP UD 103 55.31 -8.54 -3.93
C ASP UD 103 56.02 -8.67 -2.59
N GLU UD 104 55.66 -7.85 -1.62
CA GLU UD 104 56.43 -7.79 -0.38
C GLU UD 104 56.40 -9.13 0.34
N GLU UD 105 55.26 -9.80 0.33
CA GLU UD 105 55.20 -11.16 0.87
C GLU UD 105 56.33 -12.00 0.31
N ARG UD 106 56.44 -12.06 -1.01
CA ARG UD 106 57.53 -12.79 -1.62
C ARG UD 106 58.87 -12.23 -1.16
N ALA UD 107 59.07 -10.93 -1.33
CA ALA UD 107 60.28 -10.30 -0.84
C ALA UD 107 60.54 -10.66 0.61
N PHE UD 108 59.51 -10.60 1.44
CA PHE UD 108 59.67 -11.01 2.83
C PHE UD 108 60.21 -12.43 2.93
N VAL UD 109 59.73 -13.33 2.08
CA VAL UD 109 60.23 -14.69 2.12
C VAL UD 109 61.70 -14.73 1.75
N ARG UD 110 62.09 -13.98 0.73
CA ARG UD 110 63.45 -14.10 0.22
C ARG UD 110 64.47 -13.80 1.30
N THR UD 111 64.38 -12.62 1.91
CA THR UD 111 65.37 -12.25 2.92
C THR UD 111 65.41 -13.23 4.06
N GLU UD 112 64.28 -13.47 4.71
CA GLU UD 112 64.27 -14.28 5.92
C GLU UD 112 64.94 -15.63 5.70
N LEU UD 113 64.72 -16.26 4.56
CA LEU UD 113 65.41 -17.51 4.30
C LEU UD 113 66.92 -17.33 4.37
N ALA UD 114 67.41 -16.26 3.74
CA ALA UD 114 68.83 -15.97 3.83
C ALA UD 114 69.27 -15.77 5.27
N ALA UD 115 68.56 -14.92 6.01
CA ALA UD 115 68.92 -14.69 7.41
C ALA UD 115 69.04 -15.99 8.17
N LEU UD 116 68.09 -16.90 8.00
CA LEU UD 116 68.21 -18.22 8.61
C LEU UD 116 69.52 -18.88 8.23
N LEU UD 117 69.87 -18.83 6.95
CA LEU UD 117 71.11 -19.47 6.54
C LEU UD 117 72.32 -18.86 7.23
N ALA UD 118 72.23 -17.60 7.63
CA ALA UD 118 73.27 -17.00 8.44
C ALA UD 118 73.00 -17.15 9.93
N SER UD 119 71.82 -17.65 10.31
CA SER UD 119 71.52 -17.80 11.71
C SER UD 119 72.42 -18.86 12.35
N PRO UD 120 72.81 -18.67 13.60
CA PRO UD 120 73.60 -19.69 14.29
C PRO UD 120 72.86 -21.00 14.44
N LEU UD 121 71.55 -21.01 14.29
CA LEU UD 121 70.82 -22.26 14.38
C LEU UD 121 71.23 -23.22 13.28
N LEU UD 122 71.04 -22.83 12.03
CA LEU UD 122 71.22 -23.75 10.93
C LEU UD 122 72.66 -24.22 10.78
N ILE UD 123 73.64 -23.39 11.14
CA ILE UD 123 75.01 -23.76 10.89
C ILE UD 123 75.35 -25.09 11.55
N ASP UD 124 75.00 -25.27 12.82
CA ASP UD 124 75.16 -26.57 13.44
C ASP UD 124 74.31 -27.63 12.78
N ALA UD 125 73.07 -27.29 12.45
CA ALA UD 125 72.22 -28.17 11.68
C ALA UD 125 72.86 -28.56 10.36
N ILE UD 126 73.37 -27.60 9.59
CA ILE UD 126 74.01 -27.86 8.33
C ILE UD 126 75.42 -28.42 8.53
N ASP UD 127 76.32 -27.60 9.06
CA ASP UD 127 77.72 -27.97 9.10
C ASP UD 127 77.95 -29.22 9.94
N GLN UD 128 77.50 -29.20 11.18
CA GLN UD 128 77.76 -30.30 12.09
C GLN UD 128 76.64 -31.32 12.12
N LEU UD 129 75.61 -31.18 11.29
CA LEU UD 129 74.51 -32.14 11.20
C LEU UD 129 73.90 -32.36 12.58
N ASN UD 130 73.31 -31.31 13.12
CA ASN UD 130 72.79 -31.47 14.45
C ASN UD 130 71.33 -31.05 14.50
N PRO UD 131 70.53 -31.77 15.23
CA PRO UD 131 69.16 -31.33 15.47
C PRO UD 131 69.13 -30.12 16.39
N ALA UD 132 67.94 -29.80 16.87
CA ALA UD 132 67.62 -28.48 17.42
C ALA UD 132 68.09 -28.32 18.87
N TYR UD 133 68.77 -29.30 19.42
CA TYR UD 133 69.17 -29.23 20.81
C TYR UD 133 70.61 -28.80 20.94
N ALA VD 2 67.27 -35.49 101.05
CA ALA VD 2 67.08 -36.77 101.70
C ALA VD 2 65.60 -37.09 101.82
N LYS VD 3 65.30 -38.14 102.59
CA LYS VD 3 63.93 -38.62 102.75
C LYS VD 3 63.09 -37.58 103.45
N LEU VD 4 61.84 -37.46 102.99
CA LEU VD 4 60.83 -36.71 103.72
C LEU VD 4 60.74 -37.28 105.12
N GLU VD 5 60.80 -36.42 106.12
CA GLU VD 5 60.72 -36.85 107.49
C GLU VD 5 59.91 -35.85 108.30
N THR VD 6 59.71 -36.17 109.56
CA THR VD 6 59.16 -35.20 110.51
C THR VD 6 60.21 -34.12 110.64
N VAL VD 7 59.82 -32.88 110.41
CA VAL VD 7 60.77 -31.78 110.51
C VAL VD 7 60.37 -30.94 111.71
N THR VD 8 61.17 -30.99 112.76
CA THR VD 8 60.97 -30.17 113.94
C THR VD 8 61.65 -28.84 113.73
N LEU VD 9 61.03 -27.77 114.19
CA LEU VD 9 61.60 -26.44 114.09
C LEU VD 9 61.50 -25.74 115.43
N GLY VD 10 62.65 -25.29 115.95
CA GLY VD 10 62.69 -24.49 117.15
C GLY VD 10 62.92 -23.04 116.79
N ASN VD 11 62.80 -22.18 117.79
CA ASN VD 11 63.11 -20.77 117.65
C ASN VD 11 62.28 -20.14 116.54
N ILE VD 12 60.98 -20.03 116.81
CA ILE VD 12 60.01 -19.60 115.82
C ILE VD 12 59.25 -18.42 116.41
N GLY VD 13 58.78 -17.53 115.53
CA GLY VD 13 57.98 -16.40 115.94
C GLY VD 13 58.83 -15.34 116.63
N LYS VD 14 58.19 -14.19 116.83
CA LYS VD 14 58.85 -13.08 117.50
C LYS VD 14 59.45 -13.51 118.83
N ASP VD 15 58.76 -14.40 119.53
CA ASP VD 15 59.31 -14.95 120.77
C ASP VD 15 60.57 -15.77 120.49
N GLY VD 16 60.50 -16.69 119.54
CA GLY VD 16 61.56 -17.65 119.39
C GLY VD 16 61.42 -18.83 120.32
N LYS VD 17 60.38 -18.85 121.15
CA LYS VD 17 60.08 -20.03 121.93
C LYS VD 17 59.09 -20.92 121.20
N GLN VD 18 58.54 -20.45 120.10
CA GLN VD 18 57.61 -21.23 119.29
C GLN VD 18 58.35 -22.37 118.62
N THR VD 19 57.67 -23.51 118.56
CA THR VD 19 58.20 -24.69 117.90
C THR VD 19 57.15 -25.25 116.95
N LEU VD 20 57.62 -25.95 115.92
CA LEU VD 20 56.70 -26.50 114.93
C LEU VD 20 57.26 -27.80 114.39
N VAL VD 21 56.40 -28.77 114.16
CA VAL VD 21 56.76 -30.00 113.51
C VAL VD 21 55.99 -30.10 112.21
N LEU VD 22 56.57 -30.81 111.25
CA LEU VD 22 55.97 -30.94 109.92
C LEU VD 22 56.01 -32.40 109.51
N ASN VD 23 54.88 -32.95 109.27
CA ASN VD 23 54.94 -34.32 108.81
C ASN VD 23 55.03 -34.37 107.29
N PRO VD 24 55.71 -35.37 106.76
CA PRO VD 24 55.70 -35.56 105.31
C PRO VD 24 54.29 -35.85 104.82
N ARG VD 25 53.88 -35.08 103.82
CA ARG VD 25 52.55 -35.23 103.24
C ARG VD 25 52.55 -36.06 101.97
N GLY VD 26 53.70 -36.59 101.57
CA GLY VD 26 53.81 -37.22 100.27
C GLY VD 26 54.17 -36.22 99.21
N VAL VD 27 54.17 -36.68 97.96
CA VAL VD 27 54.58 -35.86 96.84
C VAL VD 27 53.53 -35.97 95.73
N ASN VD 28 53.06 -34.83 95.27
CA ASN VD 28 52.22 -34.88 94.09
C ASN VD 28 53.07 -35.18 92.88
N PRO VD 29 52.90 -36.33 92.24
CA PRO VD 29 53.74 -36.67 91.08
C PRO VD 29 53.47 -35.82 89.86
N THR VD 30 52.24 -35.33 89.70
CA THR VD 30 51.93 -34.55 88.51
C THR VD 30 52.86 -33.37 88.36
N ASN VD 31 52.72 -32.38 89.23
CA ASN VD 31 53.66 -31.27 89.25
C ASN VD 31 55.01 -31.68 89.80
N GLY VD 32 55.13 -32.87 90.37
CA GLY VD 32 56.38 -33.28 90.98
C GLY VD 32 56.77 -32.39 92.13
N VAL VD 33 55.89 -32.24 93.11
CA VAL VD 33 56.11 -31.33 94.22
C VAL VD 33 55.83 -32.05 95.52
N ALA VD 34 56.78 -32.00 96.45
CA ALA VD 34 56.60 -32.53 97.78
C ALA VD 34 55.71 -31.62 98.62
N SER VD 35 55.18 -32.18 99.69
CA SER VD 35 54.32 -31.43 100.58
C SER VD 35 54.63 -31.81 102.02
N LEU VD 36 54.60 -30.82 102.91
CA LEU VD 36 54.81 -31.03 104.32
C LEU VD 36 53.73 -30.30 105.08
N SER VD 37 53.37 -30.80 106.25
CA SER VD 37 52.34 -30.13 107.02
C SER VD 37 52.54 -30.35 108.51
N GLN VD 38 52.13 -29.35 109.26
CA GLN VD 38 51.82 -29.55 110.67
C GLN VD 38 50.70 -30.56 110.80
N ALA VD 39 50.72 -31.32 111.89
CA ALA VD 39 49.59 -32.18 112.20
C ALA VD 39 48.64 -31.42 113.11
N GLY VD 40 47.53 -31.00 112.52
CA GLY VD 40 46.47 -30.35 113.25
C GLY VD 40 45.23 -31.23 113.31
N ALA VD 41 44.10 -30.57 113.46
CA ALA VD 41 42.82 -31.25 113.34
C ALA VD 41 42.35 -31.25 111.89
N VAL VD 42 42.05 -30.08 111.37
CA VAL VD 42 41.50 -29.96 110.01
C VAL VD 42 42.62 -29.64 109.05
N PRO VD 43 42.87 -30.50 108.05
CA PRO VD 43 43.91 -30.21 107.06
C PRO VD 43 43.79 -28.83 106.44
N ALA VD 44 42.58 -28.38 106.11
CA ALA VD 44 42.38 -27.02 105.64
C ALA VD 44 42.97 -26.00 106.59
N LEU VD 45 42.89 -26.24 107.89
CA LEU VD 45 43.50 -25.36 108.87
C LEU VD 45 44.99 -25.59 109.00
N GLU VD 46 45.46 -26.80 108.73
CA GLU VD 46 46.83 -27.16 109.03
C GLU VD 46 47.81 -26.42 108.14
N LYS VD 47 48.94 -26.04 108.72
CA LYS VD 47 49.97 -25.29 108.02
C LYS VD 47 50.51 -26.18 106.91
N ARG VD 48 50.88 -25.58 105.80
CA ARG VD 48 51.41 -26.35 104.68
C ARG VD 48 52.77 -25.81 104.26
N VAL VD 49 53.63 -26.71 103.82
CA VAL VD 49 54.95 -26.37 103.31
C VAL VD 49 55.19 -27.16 102.05
N THR VD 50 55.57 -26.48 100.98
CA THR VD 50 55.74 -27.11 99.68
C THR VD 50 57.13 -26.80 99.14
N VAL VD 51 57.82 -27.83 98.67
CA VAL VD 51 59.10 -27.66 98.03
C VAL VD 51 59.09 -28.40 96.71
N SER VD 52 59.91 -27.93 95.79
CA SER VD 52 59.98 -28.56 94.48
C SER VD 52 61.35 -28.30 93.88
N VAL VD 53 61.77 -29.22 93.04
CA VAL VD 53 62.96 -29.02 92.23
C VAL VD 53 62.50 -28.93 90.78
N SER VD 54 63.44 -28.79 89.87
CA SER VD 54 63.13 -28.73 88.45
C SER VD 54 64.35 -29.13 87.67
N GLN VD 55 64.16 -29.42 86.40
CA GLN VD 55 65.30 -29.75 85.56
C GLN VD 55 65.14 -29.04 84.22
N PRO VD 56 66.23 -28.59 83.63
CA PRO VD 56 66.14 -27.80 82.41
C PRO VD 56 65.55 -28.61 81.27
N SER VD 57 64.71 -27.94 80.48
CA SER VD 57 64.06 -28.56 79.34
C SER VD 57 64.35 -27.71 78.11
N ARG VD 58 63.74 -28.10 77.00
CA ARG VD 58 63.75 -27.26 75.81
C ARG VD 58 63.11 -25.90 76.05
N ASN VD 59 62.23 -25.79 77.05
CA ASN VD 59 61.63 -24.52 77.42
C ASN VD 59 62.53 -23.64 78.25
N ARG VD 60 63.32 -24.21 79.16
CA ARG VD 60 64.20 -23.44 80.01
C ARG VD 60 65.45 -24.24 80.29
N LYS VD 61 66.58 -23.55 80.29
CA LYS VD 61 67.89 -24.17 80.50
C LYS VD 61 68.32 -24.05 81.95
N ASN VD 62 67.45 -23.51 82.78
CA ASN VD 62 67.83 -23.17 84.15
C ASN VD 62 67.08 -24.05 85.13
N TYR VD 63 67.70 -24.29 86.28
CA TYR VD 63 67.03 -25.00 87.36
C TYR VD 63 66.16 -24.05 88.15
N LYS VD 64 64.98 -24.52 88.53
CA LYS VD 64 64.08 -23.78 89.39
C LYS VD 64 63.88 -24.57 90.68
N VAL VD 65 63.99 -23.89 91.80
CA VAL VD 65 63.65 -24.46 93.10
C VAL VD 65 62.60 -23.56 93.71
N GLN VD 66 61.40 -24.09 93.88
CA GLN VD 66 60.27 -23.32 94.35
C GLN VD 66 59.86 -23.81 95.72
N VAL VD 67 59.65 -22.87 96.64
CA VAL VD 67 59.20 -23.18 97.99
C VAL VD 67 58.08 -22.23 98.34
N LYS VD 68 56.92 -22.78 98.68
CA LYS VD 68 55.77 -21.98 99.06
C LYS VD 68 55.30 -22.41 100.44
N ILE VD 69 54.81 -21.45 101.21
CA ILE VD 69 54.32 -21.70 102.55
C ILE VD 69 52.92 -21.12 102.66
N GLN VD 70 52.01 -21.89 103.23
CA GLN VD 70 50.61 -21.50 103.34
C GLN VD 70 50.18 -21.66 104.80
N ASN VD 71 49.85 -20.54 105.44
CA ASN VD 71 49.49 -20.52 106.85
C ASN VD 71 48.18 -19.79 107.01
N PRO VD 72 47.06 -20.50 107.02
CA PRO VD 72 45.77 -19.85 107.15
C PRO VD 72 45.57 -19.28 108.54
N THR VD 73 44.45 -18.60 108.71
CA THR VD 73 44.06 -18.04 109.99
C THR VD 73 42.71 -18.62 110.37
N ALA VD 74 42.71 -19.42 111.43
CA ALA VD 74 41.50 -20.06 111.91
C ALA VD 74 40.63 -19.05 112.61
N CYS VD 75 39.33 -19.08 112.29
CA CYS VD 75 38.33 -18.38 113.09
C CYS VD 75 37.66 -19.45 113.94
N THR VD 76 37.97 -19.45 115.24
CA THR VD 76 37.48 -20.50 116.12
C THR VD 76 35.96 -20.42 116.26
N ALA VD 77 35.46 -19.27 116.71
CA ALA VD 77 34.03 -19.06 116.82
C ALA VD 77 33.59 -18.19 115.65
N ASN VD 78 32.90 -18.82 114.71
CA ASN VD 78 32.26 -18.10 113.61
C ASN VD 78 30.79 -17.85 113.92
N GLY VD 79 30.33 -18.20 115.12
CA GLY VD 79 28.91 -18.33 115.35
C GLY VD 79 28.39 -19.67 114.87
N SER VD 80 29.27 -20.53 114.40
CA SER VD 80 28.90 -21.85 113.89
C SER VD 80 29.75 -22.89 114.61
N CYS VD 81 29.36 -24.15 114.48
CA CYS VD 81 30.01 -25.22 115.22
C CYS VD 81 31.40 -25.55 114.71
N ASP VD 82 31.77 -25.08 113.52
CA ASP VD 82 33.06 -25.45 112.97
C ASP VD 82 33.89 -24.20 112.67
N PRO VD 83 35.19 -24.27 112.89
CA PRO VD 83 36.04 -23.13 112.55
C PRO VD 83 36.11 -22.96 111.05
N SER VD 84 36.55 -21.78 110.62
CA SER VD 84 36.59 -21.44 109.21
C SER VD 84 37.84 -20.65 108.89
N VAL VD 85 38.32 -20.84 107.65
CA VAL VD 85 39.48 -20.11 107.17
C VAL VD 85 39.11 -18.64 107.07
N THR VD 86 39.96 -17.77 107.59
CA THR VD 86 39.71 -16.35 107.47
C THR VD 86 40.71 -15.68 106.53
N ARG VD 87 41.95 -15.55 106.97
CA ARG VD 87 43.02 -14.99 106.17
C ARG VD 87 43.99 -16.09 105.81
N GLN VD 88 44.57 -15.98 104.63
CA GLN VD 88 45.50 -17.00 104.15
C GLN VD 88 46.85 -16.32 103.90
N ALA VD 89 47.84 -16.65 104.72
CA ALA VD 89 49.17 -16.07 104.58
C ALA VD 89 49.92 -16.83 103.49
N TYR VD 90 50.44 -16.10 102.51
CA TYR VD 90 51.21 -16.71 101.44
C TYR VD 90 52.67 -16.31 101.53
N ALA VD 91 53.52 -17.31 101.68
CA ALA VD 91 54.96 -17.11 101.70
C ALA VD 91 55.54 -17.91 100.55
N ASP VD 92 56.15 -17.23 99.58
CA ASP VD 92 56.67 -17.87 98.39
C ASP VD 92 58.14 -17.52 98.21
N VAL VD 93 58.93 -18.54 97.88
CA VAL VD 93 60.35 -18.41 97.66
C VAL VD 93 60.72 -19.23 96.42
N THR VD 94 61.52 -18.66 95.54
CA THR VD 94 61.98 -19.34 94.35
C THR VD 94 63.49 -19.23 94.23
N PHE VD 95 64.04 -20.06 93.35
CA PHE VD 95 65.46 -20.03 93.08
C PHE VD 95 65.70 -20.34 91.62
N SER VD 96 66.69 -19.67 91.05
CA SER VD 96 67.10 -19.92 89.69
C SER VD 96 68.59 -20.21 89.69
N PHE VD 97 69.01 -21.12 88.83
CA PHE VD 97 70.41 -21.47 88.72
C PHE VD 97 70.71 -21.89 87.29
N THR VD 98 71.97 -21.83 86.95
CA THR VD 98 72.44 -22.20 85.63
C THR VD 98 73.10 -23.57 85.70
N GLN VD 99 72.98 -24.31 84.61
CA GLN VD 99 73.54 -25.65 84.55
C GLN VD 99 74.97 -25.70 85.03
N TYR VD 100 75.71 -24.61 84.88
CA TYR VD 100 77.09 -24.57 85.36
C TYR VD 100 77.19 -24.04 86.79
N SER VD 101 76.06 -23.76 87.44
CA SER VD 101 76.11 -23.24 88.80
C SER VD 101 76.90 -24.19 89.69
N THR VD 102 77.76 -23.64 90.54
CA THR VD 102 78.56 -24.50 91.39
C THR VD 102 77.86 -24.71 92.73
N ASP VD 103 78.50 -25.51 93.57
CA ASP VD 103 77.91 -25.83 94.86
C ASP VD 103 77.94 -24.63 95.80
N GLU VD 104 79.14 -24.09 96.05
CA GLU VD 104 79.26 -23.07 97.08
C GLU VD 104 78.45 -21.84 96.74
N GLU VD 105 78.41 -21.45 95.47
CA GLU VD 105 77.53 -20.38 95.05
C GLU VD 105 76.13 -20.59 95.57
N ARG VD 106 75.56 -21.77 95.29
CA ARG VD 106 74.24 -22.08 95.83
C ARG VD 106 74.26 -22.02 97.34
N ALA VD 107 75.17 -22.76 97.97
CA ALA VD 107 75.30 -22.70 99.42
C ALA VD 107 75.39 -21.27 99.90
N PHE VD 108 76.22 -20.46 99.22
CA PHE VD 108 76.31 -19.06 99.58
C PHE VD 108 74.94 -18.39 99.55
N VAL VD 109 74.12 -18.71 98.55
CA VAL VD 109 72.79 -18.12 98.49
C VAL VD 109 71.95 -18.56 99.68
N ARG VD 110 72.02 -19.83 100.03
CA ARG VD 110 71.12 -20.35 101.05
C ARG VD 110 71.29 -19.59 102.37
N THR VD 111 72.52 -19.55 102.90
CA THR VD 111 72.72 -18.91 104.18
C THR VD 111 72.31 -17.44 104.15
N GLU VD 112 72.87 -16.66 103.23
CA GLU VD 112 72.63 -15.23 103.23
C GLU VD 112 71.16 -14.89 103.26
N LEU VD 113 70.33 -15.61 102.52
CA LEU VD 113 68.91 -15.35 102.58
C LEU VD 113 68.40 -15.50 104.01
N ALA VD 114 68.81 -16.57 104.68
CA ALA VD 114 68.43 -16.74 106.08
C ALA VD 114 68.91 -15.56 106.92
N ALA VD 115 70.19 -15.22 106.82
CA ALA VD 115 70.71 -14.10 107.58
C ALA VD 115 69.87 -12.85 107.41
N LEU VD 116 69.51 -12.52 106.17
CA LEU VD 116 68.59 -11.42 105.94
C LEU VD 116 67.32 -11.57 106.75
N LEU VD 117 66.73 -12.77 106.74
CA LEU VD 117 65.50 -12.97 107.48
C LEU VD 117 65.70 -12.70 108.96
N ALA VD 118 66.91 -12.90 109.47
CA ALA VD 118 67.22 -12.51 110.83
C ALA VD 118 67.73 -11.09 110.94
N SER VD 119 68.00 -10.43 109.82
CA SER VD 119 68.52 -9.08 109.86
C SER VD 119 67.47 -8.13 110.42
N PRO VD 120 67.89 -7.12 111.17
CA PRO VD 120 66.94 -6.12 111.66
C PRO VD 120 66.26 -5.35 110.55
N LEU VD 121 66.81 -5.38 109.35
CA LEU VD 121 66.16 -4.69 108.25
C LEU VD 121 64.79 -5.29 107.95
N LEU VD 122 64.76 -6.57 107.60
CA LEU VD 122 63.53 -7.17 107.12
C LEU VD 122 62.43 -7.22 108.17
N ILE VD 123 62.79 -7.33 109.45
CA ILE VD 123 61.77 -7.50 110.47
C ILE VD 123 60.77 -6.36 110.43
N ASP VD 124 61.24 -5.11 110.39
CA ASP VD 124 60.32 -4.00 110.20
C ASP VD 124 59.61 -4.07 108.87
N ALA VD 125 60.34 -4.40 107.81
CA ALA VD 125 59.72 -4.65 106.53
C ALA VD 125 58.65 -5.71 106.59
N ILE VD 126 58.94 -6.86 107.20
CA ILE VD 126 57.97 -7.92 107.34
C ILE VD 126 56.95 -7.62 108.42
N ASP VD 127 57.40 -7.57 109.67
CA ASP VD 127 56.46 -7.48 110.78
C ASP VD 127 55.64 -6.21 110.73
N GLN VD 128 56.29 -5.06 110.67
CA GLN VD 128 55.61 -3.80 110.72
C GLN VD 128 55.30 -3.22 109.35
N LEU VD 129 55.59 -3.95 108.27
CA LEU VD 129 55.29 -3.52 106.92
C LEU VD 129 55.87 -2.14 106.65
N ASN VD 130 57.19 -2.07 106.68
CA ASN VD 130 57.78 -0.77 106.51
C ASN VD 130 58.80 -0.79 105.39
N PRO VD 131 58.84 0.25 104.60
CA PRO VD 131 59.91 0.37 103.62
C PRO VD 131 61.24 0.68 104.29
N ALA VD 132 62.21 1.07 103.49
CA ALA VD 132 63.63 1.01 103.87
C ALA VD 132 64.06 2.19 104.71
N TYR VD 133 63.14 3.07 105.09
CA TYR VD 133 63.52 4.25 105.84
C TYR VD 133 63.25 4.06 107.32
N ALA WD 2 7.23 -73.38 108.31
CA ALA WD 2 7.73 -72.97 109.62
C ALA WD 2 9.14 -72.43 109.51
N LYS WD 3 9.78 -72.23 110.65
CA LYS WD 3 11.10 -71.65 110.72
C LYS WD 3 12.12 -72.55 110.05
N LEU WD 4 13.05 -71.93 109.34
CA LEU WD 4 14.25 -72.63 108.87
C LEU WD 4 14.93 -73.25 110.07
N GLU WD 5 15.25 -74.52 109.98
CA GLU WD 5 15.92 -75.22 111.06
C GLU WD 5 16.93 -76.20 110.49
N THR WD 6 17.66 -76.84 111.39
CA THR WD 6 18.50 -77.96 111.00
C THR WD 6 17.54 -79.05 110.56
N VAL WD 7 17.76 -79.56 109.34
CA VAL WD 7 16.88 -80.60 108.83
C VAL WD 7 17.70 -81.88 108.72
N THR WD 8 17.41 -82.82 109.59
CA THR WD 8 18.05 -84.14 109.56
C THR WD 8 17.27 -85.02 108.61
N LEU WD 9 17.98 -85.85 107.86
CA LEU WD 9 17.36 -86.78 106.94
C LEU WD 9 17.97 -88.15 107.11
N GLY WD 10 17.12 -89.14 107.40
CA GLY WD 10 17.54 -90.52 107.44
C GLY WD 10 17.12 -91.24 106.19
N ASN WD 11 17.60 -92.47 106.05
CA ASN WD 11 17.19 -93.35 104.96
C ASN WD 11 17.47 -92.71 103.61
N ILE WD 12 18.75 -92.59 103.30
CA ILE WD 12 19.21 -91.87 102.13
C ILE WD 12 20.08 -92.79 101.31
N GLY WD 13 20.11 -92.59 100.00
CA GLY WD 13 20.95 -93.37 99.12
C GLY WD 13 20.42 -94.77 98.93
N LYS WD 14 21.03 -95.45 97.96
CA LYS WD 14 20.65 -96.83 97.67
C LYS WD 14 20.66 -97.69 98.92
N ASP WD 15 21.63 -97.44 99.81
CA ASP WD 15 21.66 -98.14 101.08
C ASP WD 15 20.45 -97.80 101.93
N GLY WD 16 20.16 -96.51 102.09
CA GLY WD 16 19.17 -96.11 103.07
C GLY WD 16 19.74 -95.99 104.46
N LYS WD 17 21.03 -96.27 104.63
CA LYS WD 17 21.69 -96.00 105.89
C LYS WD 17 22.33 -94.62 105.89
N GLN WD 18 22.35 -93.97 104.74
CA GLN WD 18 22.90 -92.63 104.63
C GLN WD 18 22.00 -91.64 105.35
N THR WD 19 22.64 -90.67 106.00
CA THR WD 19 21.94 -89.61 106.70
C THR WD 19 22.53 -88.27 106.30
N LEU WD 20 21.72 -87.23 106.40
CA LEU WD 20 22.17 -85.90 106.01
C LEU WD 20 21.49 -84.86 106.88
N VAL WD 21 22.23 -83.82 107.25
CA VAL WD 21 21.69 -82.69 107.95
C VAL WD 21 21.85 -81.46 107.07
N LEU WD 22 20.96 -80.50 107.25
CA LEU WD 22 20.96 -79.29 106.44
C LEU WD 22 20.83 -78.08 107.35
N ASN WD 23 21.78 -77.23 107.31
CA ASN WD 23 21.59 -76.05 108.14
C ASN WD 23 20.89 -74.96 107.36
N PRO WD 24 20.10 -74.15 108.04
CA PRO WD 24 19.52 -72.98 107.37
C PRO WD 24 20.60 -72.03 106.90
N ARG WD 25 20.53 -71.67 105.63
CA ARG WD 25 21.51 -70.78 105.02
C ARG WD 25 21.02 -69.34 104.96
N GLY WD 26 19.84 -69.05 105.49
CA GLY WD 26 19.22 -67.76 105.28
C GLY WD 26 18.42 -67.74 104.01
N VAL WD 27 17.92 -66.55 103.67
CA VAL WD 27 17.04 -66.37 102.53
C VAL WD 27 17.54 -65.21 101.70
N ASN WD 28 17.74 -65.45 100.41
CA ASN WD 28 18.01 -64.33 99.54
C ASN WD 28 16.75 -63.51 99.34
N PRO WD 29 16.70 -62.27 99.82
CA PRO WD 29 15.47 -61.49 99.70
C PRO WD 29 15.17 -61.06 98.27
N THR WD 30 16.20 -60.89 97.44
CA THR WD 30 15.96 -60.43 96.08
C THR WD 30 14.99 -61.35 95.35
N ASN WD 31 15.43 -62.54 95.03
CA ASN WD 31 14.53 -63.54 94.45
C ASN WD 31 13.55 -64.08 95.48
N GLY WD 32 13.74 -63.78 96.76
CA GLY WD 32 12.87 -64.32 97.78
C GLY WD 32 12.95 -65.83 97.85
N VAL WD 33 14.15 -66.36 98.02
CA VAL WD 33 14.36 -67.80 98.00
C VAL WD 33 15.19 -68.19 99.21
N ALA WD 34 14.71 -69.18 99.96
CA ALA WD 34 15.44 -69.74 101.06
C ALA WD 34 16.55 -70.65 100.57
N SER WD 35 17.52 -70.91 101.45
CA SER WD 35 18.62 -71.78 101.11
C SER WD 35 18.95 -72.66 102.30
N LEU WD 36 19.30 -73.91 102.02
CA LEU WD 36 19.71 -74.87 103.03
C LEU WD 36 20.96 -75.55 102.57
N SER WD 37 21.80 -75.97 103.52
CA SER WD 37 23.02 -76.64 103.12
C SER WD 37 23.47 -77.63 104.18
N GLN WD 38 24.11 -78.68 103.71
CA GLN WD 38 24.98 -79.48 104.56
C GLN WD 38 26.11 -78.61 105.09
N ALA WD 39 26.57 -78.92 106.29
CA ALA WD 39 27.76 -78.25 106.80
C ALA WD 39 28.97 -79.12 106.45
N GLY WD 40 29.72 -78.63 105.47
CA GLY WD 40 30.95 -79.25 105.05
C GLY WD 40 32.14 -78.38 105.40
N ALA WD 41 33.21 -78.57 104.64
CA ALA WD 41 34.34 -77.66 104.74
C ALA WD 41 34.18 -76.49 103.79
N VAL WD 42 34.18 -76.76 102.49
CA VAL WD 42 34.12 -75.71 101.48
C VAL WD 42 32.68 -75.55 101.03
N PRO WD 43 32.08 -74.36 101.20
CA PRO WD 43 30.71 -74.14 100.74
C PRO WD 43 30.50 -74.52 99.29
N ALA WD 44 31.44 -74.21 98.40
CA ALA WD 44 31.38 -74.67 97.02
C ALA WD 44 31.18 -76.17 96.94
N LEU WD 45 31.80 -76.93 97.82
CA LEU WD 45 31.61 -78.37 97.86
C LEU WD 45 30.32 -78.76 98.55
N GLU WD 46 29.84 -77.94 99.48
CA GLU WD 46 28.73 -78.33 100.34
C GLU WD 46 27.45 -78.45 99.54
N LYS WD 47 26.64 -79.44 99.91
CA LYS WD 47 25.38 -79.70 99.23
C LYS WD 47 24.46 -78.52 99.46
N ARG WD 48 23.64 -78.20 98.48
CA ARG WD 48 22.73 -77.07 98.61
C ARG WD 48 21.30 -77.50 98.35
N VAL WD 49 20.37 -76.88 99.06
CA VAL WD 49 18.95 -77.12 98.89
C VAL WD 49 18.25 -75.77 98.87
N THR WD 50 17.43 -75.54 97.86
CA THR WD 50 16.75 -74.27 97.67
C THR WD 50 15.27 -74.49 97.54
N VAL WD 51 14.49 -73.70 98.27
CA VAL WD 51 13.05 -73.73 98.16
C VAL WD 51 12.56 -72.31 98.00
N SER WD 52 11.40 -72.17 97.35
CA SER WD 52 10.83 -70.87 97.14
C SER WD 52 9.32 -71.00 97.00
N VAL WD 53 8.62 -69.94 97.36
CA VAL WD 53 7.20 -69.83 97.11
C VAL WD 53 7.02 -68.73 96.10
N SER WD 54 5.79 -68.43 95.75
CA SER WD 54 5.49 -67.36 94.81
C SER WD 54 4.06 -66.90 95.06
N GLN WD 55 3.73 -65.75 94.51
CA GLN WD 55 2.36 -65.28 94.62
C GLN WD 55 1.92 -64.72 93.29
N PRO WD 56 0.65 -64.90 92.92
CA PRO WD 56 0.21 -64.49 91.60
C PRO WD 56 0.31 -62.99 91.42
N SER WD 57 0.70 -62.60 90.21
CA SER WD 57 0.86 -61.20 89.87
C SER WD 57 0.06 -60.92 88.61
N ARG WD 58 0.16 -59.70 88.10
CA ARG WD 58 -0.38 -59.38 86.79
C ARG WD 58 0.24 -60.23 85.69
N ASN WD 59 1.44 -60.75 85.90
CA ASN WD 59 2.09 -61.63 84.94
C ASN WD 59 1.56 -63.06 84.99
N ARG WD 60 1.25 -63.58 86.18
CA ARG WD 60 0.77 -64.94 86.30
C ARG WD 60 -0.22 -65.01 87.45
N LYS WD 61 -1.27 -65.77 87.25
CA LYS WD 61 -2.34 -65.91 88.24
C LYS WD 61 -2.14 -67.16 89.08
N ASN WD 62 -1.03 -67.85 88.87
CA ASN WD 62 -0.83 -69.15 89.48
C ASN WD 62 0.30 -69.08 90.49
N TYR WD 63 0.22 -69.93 91.50
CA TYR WD 63 1.30 -70.07 92.45
C TYR WD 63 2.38 -70.97 91.90
N LYS WD 64 3.64 -70.61 92.15
CA LYS WD 64 4.77 -71.44 91.78
C LYS WD 64 5.52 -71.80 93.05
N VAL WD 65 5.86 -73.07 93.19
CA VAL WD 65 6.73 -73.54 94.25
C VAL WD 65 7.89 -74.24 93.60
N GLN WD 66 9.07 -73.67 93.74
CA GLN WD 66 10.27 -74.16 93.07
C GLN WD 66 11.23 -74.72 94.10
N VAL WD 67 11.75 -75.90 93.83
CA VAL WD 67 12.73 -76.55 94.69
C VAL WD 67 13.86 -77.08 93.82
N LYS WD 68 15.07 -76.64 94.11
CA LYS WD 68 16.24 -77.07 93.36
C LYS WD 68 17.27 -77.64 94.33
N ILE WD 69 17.98 -78.66 93.87
CA ILE WD 69 19.00 -79.32 94.67
C ILE WD 69 20.28 -79.35 93.86
N GLN WD 70 21.39 -79.01 94.52
CA GLN WD 70 22.69 -78.92 93.86
C GLN WD 70 23.67 -79.74 94.68
N ASN WD 71 24.20 -80.80 94.07
CA ASN WD 71 25.10 -81.73 94.74
C ASN WD 71 26.33 -81.92 93.87
N PRO WD 72 27.38 -81.15 94.11
CA PRO WD 72 28.59 -81.27 93.29
C PRO WD 72 29.30 -82.58 93.58
N THR WD 73 30.36 -82.80 92.81
CA THR WD 73 31.23 -83.96 92.98
C THR WD 73 32.64 -83.47 93.26
N ALA WD 74 33.12 -83.72 94.46
CA ALA WD 74 34.44 -83.29 94.87
C ALA WD 74 35.49 -84.18 94.22
N CYS WD 75 36.53 -83.55 93.68
CA CYS WD 75 37.74 -84.27 93.30
C CYS WD 75 38.75 -84.01 94.41
N THR WD 76 39.00 -85.04 95.22
CA THR WD 76 39.87 -84.86 96.38
C THR WD 76 41.29 -84.56 95.95
N ALA WD 77 41.88 -85.47 95.16
CA ALA WD 77 43.22 -85.26 94.65
C ALA WD 77 43.10 -84.83 93.19
N ASN WD 78 43.36 -83.56 92.94
CA ASN WD 78 43.46 -83.04 91.59
C ASN WD 78 44.91 -82.98 91.14
N GLY WD 79 45.84 -83.49 91.94
CA GLY WD 79 47.23 -83.15 91.76
C GLY WD 79 47.57 -81.82 92.37
N SER WD 80 46.62 -81.18 93.05
CA SER WD 80 46.80 -79.88 93.67
C SER WD 80 46.38 -80.00 95.13
N CYS WD 81 46.74 -79.01 95.92
CA CYS WD 81 46.49 -79.04 97.36
C CYS WD 81 45.04 -78.88 97.73
N ASP WD 82 44.19 -78.44 96.80
CA ASP WD 82 42.81 -78.19 97.16
C ASP WD 82 41.87 -78.99 96.28
N PRO WD 83 40.78 -79.50 96.83
CA PRO WD 83 39.81 -80.22 96.01
C PRO WD 83 39.12 -79.27 95.06
N SER WD 84 38.49 -79.83 94.03
CA SER WD 84 37.86 -79.04 93.00
C SER WD 84 36.55 -79.68 92.55
N VAL WD 85 35.61 -78.83 92.16
CA VAL WD 85 34.32 -79.27 91.66
C VAL WD 85 34.56 -80.01 90.35
N THR WD 86 33.95 -81.18 90.23
CA THR WD 86 34.07 -81.92 88.98
C THR WD 86 32.74 -81.96 88.23
N ARG WD 87 31.78 -82.73 88.75
CA ARG WD 87 30.47 -82.82 88.17
C ARG WD 87 29.48 -82.16 89.11
N GLN WD 88 28.45 -81.54 88.53
CA GLN WD 88 27.45 -80.84 89.33
C GLN WD 88 26.10 -81.48 89.05
N ALA WD 89 25.55 -82.16 90.05
CA ALA WD 89 24.26 -82.80 89.92
C ALA WD 89 23.16 -81.76 90.12
N TYR WD 90 22.25 -81.68 89.17
CA TYR WD 90 21.14 -80.75 89.26
C TYR WD 90 19.82 -81.50 89.44
N ALA WD 91 19.17 -81.23 90.55
CA ALA WD 91 17.85 -81.79 90.81
C ALA WD 91 16.88 -80.63 90.97
N ASP WD 92 15.90 -80.54 90.08
CA ASP WD 92 14.96 -79.44 90.06
C ASP WD 92 13.53 -79.96 90.13
N VAL WD 93 12.73 -79.31 90.96
CA VAL WD 93 11.33 -79.65 91.15
C VAL WD 93 10.54 -78.36 91.20
N THR WD 94 9.41 -78.32 90.50
CA THR WD 94 8.54 -77.17 90.49
C THR WD 94 7.10 -77.59 90.79
N PHE WD 95 6.28 -76.60 91.11
CA PHE WD 95 4.87 -76.84 91.34
C PHE WD 95 4.07 -75.67 90.84
N SER WD 96 2.90 -75.99 90.28
CA SER WD 96 1.98 -74.96 89.84
C SER WD 96 0.63 -75.22 90.50
N PHE WD 97 -0.07 -74.15 90.85
CA PHE WD 97 -1.37 -74.26 91.46
C PHE WD 97 -2.20 -73.06 91.08
N THR WD 98 -3.51 -73.23 91.22
CA THR WD 98 -4.47 -72.19 90.91
C THR WD 98 -4.96 -71.56 92.20
N GLN WD 99 -5.26 -70.28 92.14
CA GLN WD 99 -5.74 -69.56 93.30
C GLN WD 99 -6.85 -70.30 94.02
N TYR WD 100 -7.63 -71.09 93.32
CA TYR WD 100 -8.68 -71.87 93.96
C TYR WD 100 -8.22 -73.26 94.37
N SER WD 101 -6.93 -73.58 94.20
CA SER WD 101 -6.43 -74.89 94.57
C SER WD 101 -6.74 -75.17 96.02
N THR WD 102 -7.19 -76.38 96.32
CA THR WD 102 -7.53 -76.68 97.70
C THR WD 102 -6.34 -77.31 98.41
N ASP WD 103 -6.54 -77.60 99.69
CA ASP WD 103 -5.45 -78.15 100.48
C ASP WD 103 -5.15 -79.59 100.09
N GLU WD 104 -6.14 -80.46 100.16
CA GLU WD 104 -5.88 -81.88 99.99
C GLU WD 104 -5.34 -82.17 98.61
N GLU WD 105 -5.85 -81.49 97.58
CA GLU WD 105 -5.28 -81.60 96.25
C GLU WD 105 -3.78 -81.43 96.31
N ARG WD 106 -3.31 -80.32 96.89
CA ARG WD 106 -1.89 -80.12 97.05
C ARG WD 106 -1.28 -81.25 97.85
N ALA WD 107 -1.80 -81.50 99.04
CA ALA WD 107 -1.33 -82.63 99.85
C ALA WD 107 -1.29 -83.90 99.03
N PHE WD 108 -2.35 -84.16 98.27
CA PHE WD 108 -2.35 -85.33 97.39
C PHE WD 108 -1.16 -85.33 96.47
N VAL WD 109 -0.81 -84.17 95.92
CA VAL WD 109 0.35 -84.11 95.04
C VAL WD 109 1.62 -84.44 95.80
N ARG WD 110 1.76 -83.91 97.00
CA ARG WD 110 3.03 -84.05 97.71
C ARG WD 110 3.38 -85.52 97.91
N THR WD 111 2.50 -86.28 98.53
CA THR WD 111 2.81 -87.68 98.81
C THR WD 111 3.10 -88.45 97.53
N GLU WD 112 2.17 -88.44 96.58
CA GLU WD 112 2.32 -89.29 95.40
C GLU WD 112 3.66 -89.08 94.72
N LEU WD 113 4.14 -87.85 94.62
CA LEU WD 113 5.45 -87.64 94.05
C LEU WD 113 6.50 -88.43 94.81
N ALA WD 114 6.46 -88.36 96.13
CA ALA WD 114 7.39 -89.15 96.93
C ALA WD 114 7.25 -90.63 96.63
N ALA WD 115 6.02 -91.15 96.67
CA ALA WD 115 5.82 -92.56 96.40
C ALA WD 115 6.46 -92.97 95.07
N LEU WD 116 6.26 -92.17 94.03
CA LEU WD 116 6.94 -92.44 92.78
C LEU WD 116 8.44 -92.55 92.98
N LEU WD 117 9.03 -91.61 93.72
CA LEU WD 117 10.46 -91.66 93.94
C LEU WD 117 10.88 -92.95 94.62
N ALA WD 118 10.00 -93.55 95.40
CA ALA WD 118 10.26 -94.87 95.96
C ALA WD 118 9.78 -95.99 95.06
N SER WD 119 9.04 -95.66 94.01
CA SER WD 119 8.52 -96.70 93.13
C SER WD 119 9.66 -97.39 92.40
N PRO WD 120 9.54 -98.71 92.16
CA PRO WD 120 10.56 -99.41 91.38
C PRO WD 120 10.68 -98.89 89.97
N LEU WD 121 9.69 -98.17 89.48
CA LEU WD 121 9.80 -97.61 88.13
C LEU WD 121 10.95 -96.62 88.03
N LEU WD 122 10.89 -95.55 88.81
CA LEU WD 122 11.84 -94.47 88.65
C LEU WD 122 13.27 -94.87 88.96
N ILE WD 123 13.48 -95.82 89.86
CA ILE WD 123 14.83 -96.14 90.26
C ILE WD 123 15.68 -96.55 89.06
N ASP WD 124 15.17 -97.44 88.22
CA ASP WD 124 15.88 -97.74 86.99
C ASP WD 124 15.98 -96.53 86.08
N ALA WD 125 14.90 -95.77 85.96
CA ALA WD 125 14.93 -94.51 85.25
C ALA WD 125 15.99 -93.57 85.81
N ILE WD 126 16.03 -93.37 87.11
CA ILE WD 126 17.02 -92.51 87.73
C ILE WD 126 18.37 -93.19 87.80
N ASP WD 127 18.49 -94.24 88.59
CA ASP WD 127 19.79 -94.82 88.87
C ASP WD 127 20.46 -95.35 87.62
N GLN WD 128 19.78 -96.21 86.89
CA GLN WD 128 20.37 -96.85 85.73
C GLN WD 128 20.07 -96.14 84.43
N LEU WD 129 19.38 -94.99 84.48
CA LEU WD 129 19.09 -94.19 83.29
C LEU WD 129 18.38 -95.04 82.26
N ASN WD 130 17.19 -95.50 82.60
CA ASN WD 130 16.53 -96.37 81.66
C ASN WD 130 15.13 -95.85 81.36
N PRO WD 131 14.72 -95.95 80.12
CA PRO WD 131 13.33 -95.64 79.79
C PRO WD 131 12.39 -96.70 80.32
N ALA WD 132 11.16 -96.66 79.85
CA ALA WD 132 10.02 -97.31 80.52
C ALA WD 132 9.92 -98.79 80.20
N TYR WD 133 10.88 -99.34 79.47
CA TYR WD 133 10.80 -100.74 79.08
C TYR WD 133 11.65 -101.60 79.98
N ALA XD 2 24.21 -64.56 111.69
CA ALA XD 2 23.09 -64.80 112.58
C ALA XD 2 22.08 -63.68 112.47
N LYS XD 3 21.12 -63.68 113.39
CA LYS XD 3 20.03 -62.71 113.38
C LYS XD 3 20.56 -61.31 113.62
N LEU XD 4 19.97 -60.36 112.91
CA LEU XD 4 20.18 -58.95 113.22
C LEU XD 4 19.78 -58.72 114.66
N GLU XD 5 20.66 -58.08 115.41
CA GLU XD 5 20.39 -57.81 116.81
C GLU XD 5 20.93 -56.44 117.17
N THR XD 6 20.68 -56.04 118.41
CA THR XD 6 21.34 -54.86 118.95
C THR XD 6 22.81 -55.21 119.04
N VAL XD 7 23.64 -54.36 118.45
CA VAL XD 7 25.07 -54.63 118.47
C VAL XD 7 25.73 -53.55 119.33
N THR XD 8 26.20 -53.94 120.51
CA THR XD 8 26.92 -53.03 121.39
C THR XD 8 28.38 -53.06 120.99
N LEU XD 9 29.03 -51.90 121.07
CA LEU XD 9 30.44 -51.80 120.76
C LEU XD 9 31.13 -50.99 121.85
N GLY XD 10 32.15 -51.59 122.47
CA GLY XD 10 32.98 -50.91 123.42
C GLY XD 10 34.30 -50.54 122.77
N ASN XD 11 35.08 -49.74 123.51
CA ASN XD 11 36.44 -49.39 123.09
C ASN XD 11 36.43 -48.73 121.73
N ILE XD 12 35.89 -47.51 121.69
CA ILE XD 12 35.67 -46.79 120.45
C ILE XD 12 36.35 -45.44 120.57
N GLY XD 13 36.77 -44.89 119.43
CA GLY XD 13 37.37 -43.59 119.39
C GLY XD 13 38.77 -43.60 119.96
N LYS XD 14 39.46 -42.47 119.75
CA LYS XD 14 40.82 -42.33 120.25
C LYS XD 14 40.89 -42.64 121.73
N ASP XD 15 39.86 -42.26 122.48
CA ASP XD 15 39.81 -42.61 123.89
C ASP XD 15 39.71 -44.11 124.08
N GLY XD 16 38.79 -44.76 123.38
CA GLY XD 16 38.50 -46.14 123.69
C GLY XD 16 37.51 -46.30 124.83
N LYS XD 17 37.06 -45.19 125.41
CA LYS XD 17 35.97 -45.25 126.37
C LYS XD 17 34.64 -45.05 125.69
N GLN XD 18 34.64 -44.69 124.41
CA GLN XD 18 33.43 -44.51 123.64
C GLN XD 18 32.74 -45.86 123.44
N THR XD 19 31.42 -45.84 123.51
CA THR XD 19 30.62 -47.02 123.27
C THR XD 19 29.50 -46.68 122.29
N LEU XD 20 29.02 -47.69 121.58
CA LEU XD 20 27.98 -47.48 120.59
C LEU XD 20 27.10 -48.71 120.50
N VAL XD 21 25.81 -48.49 120.33
CA VAL XD 21 24.87 -49.56 120.09
C VAL XD 21 24.26 -49.34 118.72
N LEU XD 22 23.84 -50.44 118.08
CA LEU XD 22 23.29 -50.39 116.74
C LEU XD 22 22.02 -51.22 116.71
N ASN XD 23 20.95 -50.60 116.38
CA ASN XD 23 19.76 -51.41 116.28
C ASN XD 23 19.60 -51.97 114.86
N PRO XD 24 19.03 -53.16 114.74
CA PRO XD 24 18.71 -53.66 113.41
C PRO XD 24 17.70 -52.76 112.73
N ARG XD 25 18.03 -52.36 111.51
CA ARG XD 25 17.18 -51.48 110.73
C ARG XD 25 16.33 -52.25 109.72
N GLY XD 26 16.42 -53.56 109.69
CA GLY XD 26 15.80 -54.34 108.64
C GLY XD 26 16.73 -54.48 107.46
N VAL XD 27 16.20 -55.06 106.39
CA VAL XD 27 16.99 -55.36 105.20
C VAL XD 27 16.24 -54.87 103.98
N ASN XD 28 16.91 -54.07 103.17
CA ASN XD 28 16.33 -53.74 101.88
C ASN XD 28 16.38 -54.95 100.97
N PRO XD 29 15.24 -55.52 100.60
CA PRO XD 29 15.26 -56.73 99.77
C PRO XD 29 15.71 -56.48 98.35
N THR XD 30 15.50 -55.27 97.83
CA THR XD 30 15.87 -54.99 96.45
C THR XD 30 17.34 -55.27 96.21
N ASN XD 31 18.21 -54.44 96.77
CA ASN XD 31 19.64 -54.71 96.71
C ASN XD 31 20.04 -55.87 97.61
N GLY XD 32 19.15 -56.35 98.46
CA GLY XD 32 19.49 -57.41 99.39
C GLY XD 32 20.57 -56.99 100.36
N VAL XD 33 20.35 -55.88 101.07
CA VAL XD 33 21.37 -55.33 101.95
C VAL XD 33 20.74 -55.04 103.31
N ALA XD 34 21.38 -55.53 104.35
CA ALA XD 34 20.96 -55.24 105.72
C ALA XD 34 21.37 -53.83 106.11
N SER XD 35 20.74 -53.32 107.16
CA SER XD 35 21.04 -52.00 107.65
C SER XD 35 21.02 -52.01 109.17
N LEU XD 36 21.95 -51.27 109.76
CA LEU XD 36 22.03 -51.12 111.20
C LEU XD 36 22.19 -49.65 111.53
N SER XD 37 21.70 -49.25 112.70
CA SER XD 37 21.83 -47.84 113.05
C SER XD 37 21.89 -47.67 114.55
N GLN XD 38 22.62 -46.64 114.95
CA GLN XD 38 22.45 -46.06 116.27
C GLN XD 38 21.03 -45.54 116.42
N ALA XD 39 20.51 -45.59 117.64
CA ALA XD 39 19.22 -44.97 117.90
C ALA XD 39 19.48 -43.54 118.39
N GLY XD 40 19.22 -42.59 117.50
CA GLY XD 40 19.30 -41.19 117.82
C GLY XD 40 17.94 -40.55 117.84
N ALA XD 41 17.95 -39.24 117.60
CA ALA XD 41 16.69 -38.53 117.38
C ALA XD 41 16.30 -38.57 115.91
N VAL XD 42 17.10 -37.91 115.07
CA VAL XD 42 16.78 -37.80 113.66
C VAL XD 42 17.52 -38.88 112.88
N PRO XD 43 16.81 -39.78 112.19
CA PRO XD 43 17.47 -40.81 111.40
C PRO XD 43 18.51 -40.26 110.46
N ALA XD 44 18.26 -39.14 109.79
CA ALA XD 44 19.26 -38.48 108.97
C ALA XD 44 20.54 -38.23 109.76
N LEU XD 45 20.43 -37.88 111.03
CA LEU XD 45 21.60 -37.69 111.87
C LEU XD 45 22.18 -39.01 112.36
N GLU XD 46 21.35 -40.04 112.47
CA GLU XD 46 21.76 -41.27 113.14
C GLU XD 46 22.81 -41.99 112.31
N LYS XD 47 23.77 -42.60 113.00
CA LYS XD 47 24.86 -43.33 112.36
C LYS XD 47 24.26 -44.52 111.64
N ARG XD 48 24.85 -44.88 110.50
CA ARG XD 48 24.33 -46.00 109.74
C ARG XD 48 25.44 -47.02 109.48
N VAL XD 49 25.06 -48.29 109.45
CA VAL XD 49 25.98 -49.37 109.16
C VAL XD 49 25.28 -50.31 108.20
N THR XD 50 25.94 -50.63 107.09
CA THR XD 50 25.36 -51.46 106.05
C THR XD 50 26.27 -52.63 105.75
N VAL XD 51 25.69 -53.82 105.68
CA VAL XD 51 26.42 -55.01 105.30
C VAL XD 51 25.63 -55.73 104.21
N SER XD 52 26.36 -56.47 103.39
CA SER XD 52 25.72 -57.20 102.32
C SER XD 52 26.57 -58.41 101.96
N VAL XD 53 25.92 -59.44 101.47
CA VAL XD 53 26.61 -60.58 100.90
C VAL XD 53 26.30 -60.57 99.42
N SER XD 54 26.80 -61.56 98.70
CA SER XD 54 26.54 -61.69 97.28
C SER XD 54 26.74 -63.13 96.88
N GLN XD 55 26.25 -63.48 95.71
CA GLN XD 55 26.46 -64.83 95.21
C GLN XD 55 26.85 -64.76 93.74
N PRO XD 56 27.73 -65.65 93.30
CA PRO XD 56 28.22 -65.56 91.93
C PRO XD 56 27.12 -65.78 90.92
N SER XD 57 27.18 -65.00 89.83
CA SER XD 57 26.19 -65.08 88.77
C SER XD 57 26.93 -65.30 87.46
N ARG XD 58 26.17 -65.28 86.37
CA ARG XD 58 26.78 -65.27 85.05
C ARG XD 58 27.63 -64.04 84.83
N ASN XD 59 27.39 -62.96 85.56
CA ASN XD 59 28.20 -61.75 85.49
C ASN XD 59 29.51 -61.86 86.25
N ARG XD 60 29.51 -62.52 87.41
CA ARG XD 60 30.71 -62.63 88.20
C ARG XD 60 30.70 -63.98 88.93
N LYS XD 61 31.86 -64.60 88.99
CA LYS XD 61 32.01 -65.92 89.60
C LYS XD 61 32.49 -65.79 91.04
N ASN XD 62 32.60 -64.57 91.53
CA ASN XD 62 33.22 -64.32 92.81
C ASN XD 62 32.20 -63.82 93.80
N TYR XD 63 32.43 -64.11 95.08
CA TYR XD 63 31.60 -63.57 96.13
C TYR XD 63 32.05 -62.16 96.48
N LYS XD 64 31.08 -61.27 96.72
CA LYS XD 64 31.35 -59.93 97.18
C LYS XD 64 30.71 -59.75 98.55
N VAL XD 65 31.47 -59.19 99.48
CA VAL XD 65 30.95 -58.79 100.78
C VAL XD 65 31.25 -57.32 100.93
N GLN XD 66 30.21 -56.51 100.96
CA GLN XD 66 30.33 -55.06 101.01
C GLN XD 66 29.85 -54.54 102.34
N VAL XD 67 30.65 -53.67 102.94
CA VAL XD 67 30.30 -53.04 104.21
C VAL XD 67 30.58 -51.56 104.09
N LYS XD 68 29.56 -50.74 104.31
CA LYS XD 68 29.69 -49.29 104.24
C LYS XD 68 29.23 -48.69 105.56
N ILE XD 69 29.88 -47.61 105.97
CA ILE XD 69 29.56 -46.91 107.20
C ILE XD 69 29.35 -45.44 106.87
N GLN XD 70 28.29 -44.87 107.42
CA GLN XD 70 27.93 -43.50 107.14
C GLN XD 70 27.73 -42.78 108.48
N ASN XD 71 28.58 -41.79 108.75
CA ASN XD 71 28.57 -41.07 110.02
C ASN XD 71 28.54 -39.58 109.72
N PRO XD 72 27.37 -38.98 109.68
CA PRO XD 72 27.28 -37.56 109.38
C PRO XD 72 27.82 -36.72 110.54
N THR XD 73 27.85 -35.42 110.30
CA THR XD 73 28.25 -34.45 111.30
C THR XD 73 27.12 -33.48 111.54
N ALA XD 74 26.55 -33.54 112.73
CA ALA XD 74 25.42 -32.68 113.08
C ALA XD 74 25.92 -31.27 113.33
N CYS XD 75 25.21 -30.29 112.78
CA CYS XD 75 25.37 -28.90 113.16
C CYS XD 75 24.22 -28.59 114.09
N THR XD 76 24.51 -28.46 115.38
CA THR XD 76 23.46 -28.27 116.37
C THR XD 76 22.77 -26.92 116.17
N ALA XD 77 23.54 -25.85 116.22
CA ALA XD 77 23.00 -24.52 115.99
C ALA XD 77 23.40 -24.10 114.59
N ASN XD 78 22.41 -24.09 113.69
CA ASN XD 78 22.59 -23.54 112.37
C ASN XD 78 22.09 -22.11 112.29
N GLY XD 79 21.68 -21.53 113.41
CA GLY XD 79 20.87 -20.33 113.38
C GLY XD 79 19.40 -20.65 113.14
N SER XD 80 19.06 -21.93 113.09
CA SER XD 80 17.70 -22.38 112.84
C SER XD 80 17.33 -23.36 113.94
N CYS XD 81 16.03 -23.65 114.05
CA CYS XD 81 15.52 -24.48 115.12
C CYS XD 81 15.90 -25.95 115.00
N ASP XD 82 16.37 -26.38 113.84
CA ASP XD 82 16.65 -27.79 113.66
C ASP XD 82 18.09 -28.00 113.26
N PRO XD 83 18.73 -29.06 113.75
CA PRO XD 83 20.10 -29.35 113.32
C PRO XD 83 20.13 -29.77 111.86
N SER XD 84 21.31 -29.71 111.27
CA SER XD 84 21.46 -30.01 109.86
C SER XD 84 22.75 -30.78 109.61
N VAL XD 85 22.70 -31.63 108.59
CA VAL XD 85 23.87 -32.41 108.19
C VAL XD 85 24.91 -31.45 107.67
N THR XD 86 26.14 -31.61 108.12
CA THR XD 86 27.22 -30.78 107.62
C THR XD 86 28.20 -31.58 106.78
N ARG XD 87 28.99 -32.43 107.42
CA ARG XD 87 29.93 -33.29 106.73
C ARG XD 87 29.44 -34.73 106.85
N GLN XD 88 29.71 -35.51 105.82
CA GLN XD 88 29.26 -36.90 105.81
C GLN XD 88 30.49 -37.79 105.67
N ALA XD 89 30.81 -38.53 106.73
CA ALA XD 89 31.96 -39.41 106.73
C ALA XD 89 31.58 -40.71 106.02
N TYR XD 90 32.37 -41.11 105.04
CA TYR XD 90 32.13 -42.34 104.32
C TYR XD 90 33.21 -43.35 104.61
N ALA XD 91 32.80 -44.48 105.17
CA ALA XD 91 33.72 -45.59 105.42
C ALA XD 91 33.20 -46.78 104.64
N ASP XD 92 34.00 -47.26 103.69
CA ASP XD 92 33.59 -48.34 102.80
C ASP XD 92 34.60 -49.47 102.86
N VAL XD 93 34.10 -50.69 102.94
CA VAL XD 93 34.92 -51.89 102.98
C VAL XD 93 34.27 -52.94 102.09
N THR XD 94 35.08 -53.61 101.27
CA THR XD 94 34.60 -54.65 100.40
C THR XD 94 35.45 -55.91 100.56
N PHE XD 95 34.93 -57.01 100.03
CA PHE XD 95 35.65 -58.27 100.06
C PHE XD 95 35.35 -59.04 98.80
N SER XD 96 36.37 -59.72 98.30
CA SER XD 96 36.22 -60.58 97.15
C SER XD 96 36.73 -61.96 97.52
N PHE XD 97 36.07 -62.99 97.01
CA PHE XD 97 36.47 -64.36 97.27
C PHE XD 97 36.12 -65.22 96.07
N THR XD 98 36.77 -66.35 95.99
CA THR XD 98 36.56 -67.31 94.93
C THR XD 98 35.72 -68.46 95.45
N GLN XD 99 34.92 -69.03 94.57
CA GLN XD 99 34.05 -70.12 94.95
C GLN XD 99 34.79 -71.22 95.70
N TYR XD 100 36.09 -71.37 95.45
CA TYR XD 100 36.87 -72.36 96.18
C TYR XD 100 37.53 -71.78 97.42
N SER XD 101 37.26 -70.53 97.76
CA SER XD 101 37.87 -69.92 98.93
C SER XD 101 37.56 -70.75 100.16
N THR XD 102 38.56 -70.96 101.01
CA THR XD 102 38.32 -71.78 102.19
C THR XD 102 37.92 -70.90 103.36
N ASP XD 103 37.66 -71.55 104.49
CA ASP XD 103 37.22 -70.83 105.66
C ASP XD 103 38.36 -70.03 106.28
N GLU XD 104 39.46 -70.70 106.64
CA GLU XD 104 40.50 -70.03 107.39
C GLU XD 104 41.10 -68.88 106.61
N GLU XD 105 41.27 -69.05 105.31
CA GLU XD 105 41.70 -67.94 104.47
C GLU XD 105 40.85 -66.71 104.73
N ARG XD 106 39.54 -66.87 104.64
CA ARG XD 106 38.65 -65.75 104.95
C ARG XD 106 38.88 -65.28 106.37
N ALA XD 107 38.77 -66.21 107.33
CA ALA XD 107 39.05 -65.86 108.72
C ALA XD 107 40.38 -65.14 108.85
N PHE XD 108 41.41 -65.65 108.19
CA PHE XD 108 42.69 -64.97 108.20
C PHE XD 108 42.56 -63.53 107.73
N VAL XD 109 41.77 -63.28 106.70
CA VAL XD 109 41.59 -61.92 106.24
C VAL XD 109 40.91 -61.07 107.30
N ARG XD 110 39.90 -61.61 107.96
CA ARG XD 110 39.11 -60.80 108.86
C ARG XD 110 39.98 -60.20 109.95
N THR XD 111 40.68 -61.04 110.70
CA THR XD 111 41.49 -60.54 111.81
C THR XD 111 42.52 -59.53 111.35
N GLU XD 112 43.37 -59.91 110.40
CA GLU XD 112 44.48 -59.05 110.01
C GLU XD 112 44.03 -57.65 109.66
N LEU XD 113 42.91 -57.52 108.96
CA LEU XD 113 42.40 -56.18 108.67
C LEU XD 113 42.18 -55.40 109.95
N ALA XD 114 41.54 -56.05 110.94
CA ALA XD 114 41.36 -55.39 112.22
C ALA XD 114 42.69 -55.00 112.84
N ALA XD 115 43.62 -55.94 112.92
CA ALA XD 115 44.93 -55.64 113.49
C ALA XD 115 45.54 -54.41 112.85
N LEU XD 116 45.51 -54.33 111.52
CA LEU XD 116 45.96 -53.11 110.86
C LEU XD 116 45.27 -51.88 111.40
N LEU XD 117 43.95 -51.95 111.56
CA LEU XD 117 43.24 -50.79 112.06
C LEU XD 117 43.72 -50.39 113.45
N ALA XD 118 44.22 -51.35 114.22
CA ALA XD 118 44.85 -51.03 115.49
C ALA XD 118 46.34 -50.76 115.34
N SER XD 119 46.92 -51.02 114.18
CA SER XD 119 48.34 -50.82 114.00
C SER XD 119 48.68 -49.33 114.09
N PRO XD 120 49.83 -49.00 114.66
CA PRO XD 120 50.26 -47.60 114.69
C PRO XD 120 50.45 -47.01 113.31
N LEU XD 121 50.58 -47.83 112.28
CA LEU XD 121 50.71 -47.29 110.95
C LEU XD 121 49.48 -46.51 110.54
N LEU XD 122 48.33 -47.18 110.50
CA LEU XD 122 47.14 -46.56 109.93
C LEU XD 122 46.65 -45.36 110.72
N ILE XD 123 46.88 -45.34 112.03
CA ILE XD 123 46.31 -44.26 112.82
C ILE XD 123 46.78 -42.91 112.33
N ASP XD 124 48.08 -42.74 112.08
CA ASP XD 124 48.55 -41.52 111.45
C ASP XD 124 47.99 -41.34 110.05
N ALA XD 125 47.96 -42.43 109.28
CA ALA XD 125 47.30 -42.40 107.98
C ALA XD 125 45.84 -41.98 108.09
N ILE XD 126 45.09 -42.55 109.00
CA ILE XD 126 43.69 -42.20 109.19
C ILE XD 126 43.56 -40.89 109.93
N ASP XD 127 43.96 -40.87 111.21
CA ASP XD 127 43.66 -39.73 112.04
C ASP XD 127 44.33 -38.46 111.53
N GLN XD 128 45.64 -38.50 111.33
CA GLN XD 128 46.39 -37.33 110.94
C GLN XD 128 46.57 -37.21 109.44
N LEU XD 129 45.98 -38.10 108.65
CA LEU XD 129 46.04 -38.04 107.19
C LEU XD 129 47.50 -37.98 106.73
N ASN XD 130 48.22 -39.04 107.01
CA ASN XD 130 49.62 -38.98 106.66
C ASN XD 130 50.01 -40.17 105.81
N PRO XD 131 50.83 -39.96 104.82
CA PRO XD 131 51.38 -41.10 104.07
C PRO XD 131 52.39 -41.86 104.90
N ALA XD 132 53.13 -42.73 104.25
CA ALA XD 132 53.83 -43.83 104.90
C ALA XD 132 55.16 -43.40 105.51
N TYR XD 133 55.47 -42.12 105.48
CA TYR XD 133 56.76 -41.66 105.98
C TYR XD 133 56.62 -41.10 107.38
N ALA YD 2 -41.68 -108.48 62.67
CA ALA YD 2 -41.21 -109.85 62.50
C ALA YD 2 -41.32 -110.27 61.04
N LYS YD 3 -41.13 -111.56 60.80
CA LYS YD 3 -41.13 -112.12 59.47
C LYS YD 3 -42.51 -111.99 58.84
N LEU YD 4 -42.51 -111.68 57.54
CA LEU YD 4 -43.72 -111.78 56.75
C LEU YD 4 -44.25 -113.20 56.87
N GLU YD 5 -45.53 -113.33 57.17
CA GLU YD 5 -46.14 -114.64 57.31
C GLU YD 5 -47.55 -114.60 56.76
N THR YD 6 -48.19 -115.77 56.75
CA THR YD 6 -49.61 -115.83 56.47
C THR YD 6 -50.29 -115.10 57.61
N VAL YD 7 -51.12 -114.13 57.28
CA VAL YD 7 -51.82 -113.38 58.31
C VAL YD 7 -53.30 -113.70 58.20
N THR YD 8 -53.80 -114.45 59.18
CA THR YD 8 -55.21 -114.77 59.26
C THR YD 8 -55.92 -113.65 60.00
N LEU YD 9 -57.12 -113.31 59.56
CA LEU YD 9 -57.91 -112.28 60.20
C LEU YD 9 -59.33 -112.79 60.40
N GLY YD 10 -59.79 -112.77 61.65
CA GLY YD 10 -61.16 -113.09 61.97
C GLY YD 10 -61.94 -111.82 62.25
N ASN YD 11 -63.25 -111.97 62.39
CA ASN YD 11 -64.12 -110.89 62.78
C ASN YD 11 -64.00 -109.72 61.80
N ILE YD 12 -64.50 -109.95 60.59
CA ILE YD 12 -64.33 -109.01 59.50
C ILE YD 12 -65.72 -108.69 58.95
N GLY YD 13 -65.87 -107.50 58.39
CA GLY YD 13 -67.11 -107.08 57.78
C GLY YD 13 -68.18 -106.81 58.81
N LYS YD 14 -69.27 -106.22 58.32
CA LYS YD 14 -70.39 -105.88 59.18
C LYS YD 14 -70.85 -107.10 59.98
N ASP YD 15 -70.80 -108.27 59.36
CA ASP YD 15 -71.12 -109.50 60.08
C ASP YD 15 -70.12 -109.76 61.20
N GLY YD 16 -68.83 -109.70 60.88
CA GLY YD 16 -67.83 -110.16 61.82
C GLY YD 16 -67.61 -111.65 61.76
N LYS YD 17 -68.34 -112.34 60.89
CA LYS YD 17 -68.04 -113.75 60.64
C LYS YD 17 -67.09 -113.90 59.47
N GLN YD 18 -66.81 -112.82 58.76
CA GLN YD 18 -65.88 -112.84 57.65
C GLN YD 18 -64.47 -113.07 58.15
N THR YD 19 -63.72 -113.86 57.40
CA THR YD 19 -62.32 -114.14 57.69
C THR YD 19 -61.48 -113.91 56.45
N LEU YD 20 -60.21 -113.60 56.66
CA LEU YD 20 -59.32 -113.33 55.55
C LEU YD 20 -57.91 -113.77 55.90
N VAL YD 21 -57.21 -114.34 54.92
CA VAL YD 21 -55.83 -114.68 55.06
C VAL YD 21 -55.03 -113.86 54.06
N LEU YD 22 -53.77 -113.59 54.41
CA LEU YD 22 -52.91 -112.77 53.57
C LEU YD 22 -51.56 -113.47 53.42
N ASN YD 23 -51.21 -113.75 52.21
CA ASN YD 23 -49.90 -114.34 52.09
C ASN YD 23 -48.84 -113.26 51.90
N PRO YD 24 -47.63 -113.50 52.39
CA PRO YD 24 -46.54 -112.58 52.10
C PRO YD 24 -46.26 -112.53 50.61
N ARG YD 25 -46.23 -111.32 50.08
CA ARG YD 25 -45.99 -111.10 48.67
C ARG YD 25 -44.54 -110.74 48.37
N GLY YD 26 -43.68 -110.71 49.37
CA GLY YD 26 -42.34 -110.19 49.20
C GLY YD 26 -42.31 -108.70 49.44
N VAL YD 27 -41.15 -108.11 49.17
CA VAL YD 27 -40.92 -106.70 49.43
C VAL YD 27 -40.31 -106.06 48.20
N ASN YD 28 -40.92 -104.99 47.73
CA ASN YD 28 -40.25 -104.22 46.69
C ASN YD 28 -39.08 -103.48 47.28
N PRO YD 29 -37.85 -103.80 46.91
CA PRO YD 29 -36.69 -103.13 47.49
C PRO YD 29 -36.55 -101.69 47.07
N THR YD 30 -37.02 -101.33 45.88
CA THR YD 30 -36.86 -99.96 45.41
C THR YD 30 -37.46 -98.98 46.40
N ASN YD 31 -38.77 -98.94 46.50
CA ASN YD 31 -39.43 -98.12 47.50
C ASN YD 31 -39.25 -98.69 48.90
N GLY YD 32 -38.74 -99.91 49.03
CA GLY YD 32 -38.61 -100.53 50.33
C GLY YD 32 -39.95 -100.74 51.00
N VAL YD 33 -40.87 -101.42 50.32
CA VAL YD 33 -42.23 -101.58 50.81
C VAL YD 33 -42.60 -103.05 50.72
N ALA YD 34 -43.09 -103.60 51.82
CA ALA YD 34 -43.60 -104.96 51.84
C ALA YD 34 -44.99 -105.02 51.20
N SER YD 35 -45.38 -106.22 50.82
CA SER YD 35 -46.68 -106.43 50.21
C SER YD 35 -47.29 -107.71 50.74
N LEU YD 36 -48.60 -107.68 50.96
CA LEU YD 36 -49.35 -108.84 51.40
C LEU YD 36 -50.58 -108.97 50.54
N SER YD 37 -51.06 -110.21 50.37
CA SER YD 37 -52.24 -110.39 49.55
C SER YD 37 -53.02 -111.61 49.99
N GLN YD 38 -54.33 -111.51 49.81
CA GLN YD 38 -55.17 -112.69 49.75
C GLN YD 38 -54.73 -113.57 48.58
N ALA YD 39 -54.89 -114.88 48.76
CA ALA YD 39 -54.66 -115.78 47.64
C ALA YD 39 -55.99 -116.01 46.93
N GLY YD 40 -56.11 -115.38 45.77
CA GLY YD 40 -57.25 -115.56 44.90
C GLY YD 40 -56.89 -116.29 43.64
N ALA YD 41 -57.67 -116.05 42.60
CA ALA YD 41 -57.32 -116.53 41.28
C ALA YD 41 -56.46 -115.51 40.55
N VAL YD 42 -57.02 -114.35 40.25
CA VAL YD 42 -56.31 -113.34 39.48
C VAL YD 42 -55.70 -112.31 40.43
N PRO YD 43 -54.38 -112.16 40.42
CA PRO YD 43 -53.74 -111.16 41.29
C PRO YD 43 -54.35 -109.78 41.16
N ALA YD 44 -54.67 -109.33 39.95
CA ALA YD 44 -55.40 -108.09 39.77
C ALA YD 44 -56.66 -108.03 40.61
N LEU YD 45 -57.36 -109.15 40.75
CA LEU YD 45 -58.53 -109.20 41.60
C LEU YD 45 -58.18 -109.34 43.06
N GLU YD 46 -57.03 -109.93 43.37
CA GLU YD 46 -56.72 -110.29 44.74
C GLU YD 46 -56.51 -109.05 45.59
N LYS YD 47 -56.96 -109.13 46.84
CA LYS YD 47 -56.86 -108.01 47.78
C LYS YD 47 -55.38 -107.78 48.05
N ARG YD 48 -55.01 -106.52 48.24
CA ARG YD 48 -53.62 -106.19 48.50
C ARG YD 48 -53.48 -105.41 49.80
N VAL YD 49 -52.38 -105.63 50.49
CA VAL YD 49 -52.05 -104.91 51.72
C VAL YD 49 -50.60 -104.52 51.66
N THR YD 50 -50.31 -103.25 51.89
CA THR YD 50 -48.97 -102.71 51.78
C THR YD 50 -48.59 -102.00 53.07
N VAL YD 51 -47.41 -102.30 53.57
CA VAL YD 51 -46.86 -101.62 54.73
C VAL YD 51 -45.46 -101.17 54.41
N SER YD 52 -45.04 -100.11 55.08
CA SER YD 52 -43.71 -99.58 54.86
C SER YD 52 -43.25 -98.85 56.12
N VAL YD 53 -41.94 -98.84 56.31
CA VAL YD 53 -41.34 -98.01 57.34
C VAL YD 53 -40.54 -96.94 56.64
N SER YD 54 -39.87 -96.10 57.40
CA SER YD 54 -39.04 -95.05 56.84
C SER YD 54 -38.01 -94.66 57.87
N GLN YD 55 -36.99 -93.95 57.42
CA GLN YD 55 -35.99 -93.46 58.35
C GLN YD 55 -35.65 -92.02 58.01
N PRO YD 56 -35.38 -91.20 59.01
CA PRO YD 56 -35.17 -89.77 58.76
C PRO YD 56 -33.94 -89.53 57.91
N SER YD 57 -34.06 -88.58 57.01
CA SER YD 57 -32.96 -88.23 56.11
C SER YD 57 -32.72 -86.74 56.22
N ARG YD 58 -31.81 -86.23 55.39
CA ARG YD 58 -31.64 -84.79 55.27
C ARG YD 58 -32.91 -84.11 54.79
N ASN YD 59 -33.79 -84.82 54.12
CA ASN YD 59 -35.08 -84.28 53.69
C ASN YD 59 -36.10 -84.21 54.80
N ARG YD 60 -36.14 -85.19 55.69
CA ARG YD 60 -37.11 -85.21 56.77
C ARG YD 60 -36.49 -85.87 57.98
N LYS YD 61 -36.78 -85.30 59.15
CA LYS YD 61 -36.23 -85.77 60.41
C LYS YD 61 -37.20 -86.72 61.11
N ASN YD 62 -38.30 -87.02 60.46
CA ASN YD 62 -39.38 -87.75 61.10
C ASN YD 62 -39.53 -89.12 60.48
N TYR YD 63 -40.00 -90.08 61.28
CA TYR YD 63 -40.31 -91.40 60.76
C TYR YD 63 -41.69 -91.39 60.12
N LYS YD 64 -41.81 -92.09 59.00
CA LYS YD 64 -43.10 -92.29 58.34
C LYS YD 64 -43.39 -93.78 58.31
N VAL YD 65 -44.62 -94.13 58.68
CA VAL YD 65 -45.11 -95.48 58.53
C VAL YD 65 -46.37 -95.40 57.69
N GLN YD 66 -46.32 -95.97 56.50
CA GLN YD 66 -47.39 -95.88 55.54
C GLN YD 66 -48.02 -97.25 55.35
N VAL YD 67 -49.34 -97.30 55.39
CA VAL YD 67 -50.08 -98.54 55.17
C VAL YD 67 -51.22 -98.23 54.21
N LYS YD 68 -51.26 -98.95 53.10
CA LYS YD 68 -52.29 -98.78 52.10
C LYS YD 68 -52.97 -100.11 51.84
N ILE YD 69 -54.28 -100.05 51.58
CA ILE YD 69 -55.07 -101.25 51.32
C ILE YD 69 -55.81 -101.04 50.02
N GLN YD 70 -55.80 -102.05 49.17
CA GLN YD 70 -56.41 -101.98 47.86
C GLN YD 70 -57.33 -103.18 47.70
N ASN YD 71 -58.63 -102.92 47.57
CA ASN YD 71 -59.65 -103.96 47.47
C ASN YD 71 -60.52 -103.68 46.26
N PRO YD 72 -60.21 -104.26 45.13
CA PRO YD 72 -61.01 -104.02 43.93
C PRO YD 72 -62.38 -104.67 44.05
N THR YD 73 -63.19 -104.41 43.02
CA THR YD 73 -64.51 -104.99 42.92
C THR YD 73 -64.59 -105.78 41.63
N ALA YD 74 -64.71 -107.10 41.76
CA ALA YD 74 -64.76 -107.98 40.60
C ALA YD 74 -66.13 -107.88 39.94
N CYS YD 75 -66.13 -107.77 38.62
CA CYS YD 75 -67.35 -107.95 37.84
C CYS YD 75 -67.25 -109.34 37.26
N THR YD 76 -68.06 -110.27 37.80
CA THR YD 76 -67.96 -111.67 37.39
C THR YD 76 -68.38 -111.83 35.94
N ALA YD 77 -69.61 -111.42 35.62
CA ALA YD 77 -70.10 -111.48 34.25
C ALA YD 77 -70.03 -110.07 33.68
N ASN YD 78 -69.08 -109.86 32.79
CA ASN YD 78 -69.00 -108.64 32.01
C ASN YD 78 -69.65 -108.79 30.64
N GLY YD 79 -70.27 -109.94 30.39
CA GLY YD 79 -70.58 -110.32 29.03
C GLY YD 79 -69.40 -110.93 28.31
N SER YD 80 -68.28 -111.10 29.03
CA SER YD 80 -67.06 -111.65 28.48
C SER YD 80 -66.63 -112.82 29.37
N CYS YD 81 -65.69 -113.62 28.85
CA CYS YD 81 -65.27 -114.83 29.53
C CYS YD 81 -64.45 -114.57 30.78
N ASP YD 82 -63.94 -113.35 30.96
CA ASP YD 82 -63.08 -113.10 32.10
C ASP YD 82 -63.63 -111.97 32.96
N PRO YD 83 -63.49 -112.07 34.27
CA PRO YD 83 -63.94 -110.98 35.14
C PRO YD 83 -63.06 -109.76 34.94
N SER YD 84 -63.56 -108.61 35.38
CA SER YD 84 -62.87 -107.36 35.19
C SER YD 84 -63.00 -106.47 36.42
N VAL YD 85 -61.97 -105.68 36.65
CA VAL YD 85 -61.97 -104.72 37.76
C VAL YD 85 -63.04 -103.67 37.49
N THR YD 86 -63.86 -103.39 38.49
CA THR YD 86 -64.87 -102.36 38.33
C THR YD 86 -64.55 -101.15 39.19
N ARG YD 87 -64.71 -101.28 40.50
CA ARG YD 87 -64.39 -100.22 41.44
C ARG YD 87 -63.18 -100.63 42.24
N GLN YD 88 -62.37 -99.64 42.61
CA GLN YD 88 -61.16 -99.93 43.35
C GLN YD 88 -61.23 -99.16 44.68
N ALA YD 89 -61.36 -99.91 45.77
CA ALA YD 89 -61.44 -99.30 47.09
C ALA YD 89 -60.03 -98.97 47.56
N TYR YD 90 -59.82 -97.72 47.96
CA TYR YD 90 -58.54 -97.29 48.47
C TYR YD 90 -58.62 -96.97 49.95
N ALA YD 91 -57.83 -97.70 50.74
CA ALA YD 91 -57.73 -97.44 52.16
C ALA YD 91 -56.28 -97.11 52.46
N ASP YD 92 -56.03 -95.90 52.94
CA ASP YD 92 -54.69 -95.41 53.17
C ASP YD 92 -54.55 -94.94 54.61
N VAL YD 93 -53.44 -95.32 55.24
CA VAL YD 93 -53.13 -94.94 56.61
C VAL YD 93 -51.66 -94.58 56.67
N THR YD 94 -51.35 -93.49 57.34
CA THR YD 94 -49.98 -93.04 57.53
C THR YD 94 -49.70 -92.76 58.99
N PHE YD 95 -48.41 -92.64 59.31
CA PHE YD 95 -47.99 -92.32 60.65
C PHE YD 95 -46.76 -91.43 60.59
N SER YD 96 -46.71 -90.48 61.51
CA SER YD 96 -45.54 -89.63 61.65
C SER YD 96 -45.06 -89.71 63.09
N PHE YD 97 -43.75 -89.67 63.27
CA PHE YD 97 -43.17 -89.71 64.59
C PHE YD 97 -41.87 -88.93 64.59
N THR YD 98 -41.46 -88.55 65.78
CA THR YD 98 -40.23 -87.80 65.97
C THR YD 98 -39.16 -88.73 66.51
N GLN YD 99 -37.93 -88.44 66.14
CA GLN YD 99 -36.81 -89.27 66.57
C GLN YD 99 -36.82 -89.54 68.06
N TYR YD 100 -37.39 -88.62 68.85
CA TYR YD 100 -37.49 -88.84 70.28
C TYR YD 100 -38.80 -89.50 70.68
N SER YD 101 -39.63 -89.89 69.73
CA SER YD 101 -40.91 -90.52 70.05
C SER YD 101 -40.66 -91.75 70.91
N THR YD 102 -41.46 -91.91 71.96
CA THR YD 102 -41.25 -93.06 72.82
C THR YD 102 -42.12 -94.23 72.38
N ASP YD 103 -41.98 -95.34 73.09
CA ASP YD 103 -42.70 -96.54 72.72
C ASP YD 103 -44.19 -96.40 73.02
N GLU YD 104 -44.53 -96.13 74.27
CA GLU YD 104 -45.93 -96.17 74.68
C GLU YD 104 -46.75 -95.15 73.91
N GLU YD 105 -46.19 -93.97 73.68
CA GLU YD 105 -46.85 -93.00 72.81
C GLU YD 105 -47.30 -93.65 71.51
N ARG YD 106 -46.37 -94.29 70.81
CA ARG YD 106 -46.73 -95.00 69.60
C ARG YD 106 -47.77 -96.05 69.89
N ALA YD 107 -47.48 -96.94 70.84
CA ALA YD 107 -48.46 -97.95 71.24
C ALA YD 107 -49.80 -97.31 71.55
N PHE YD 108 -49.81 -96.20 72.28
CA PHE YD 108 -51.04 -95.50 72.54
C PHE YD 108 -51.75 -95.13 71.25
N VAL YD 109 -51.01 -94.69 70.24
CA VAL YD 109 -51.64 -94.36 68.98
C VAL YD 109 -52.26 -95.58 68.34
N ARG YD 110 -51.56 -96.70 68.37
CA ARG YD 110 -52.02 -97.87 67.64
C ARG YD 110 -53.40 -98.30 68.10
N THR YD 111 -53.56 -98.56 69.38
CA THR YD 111 -54.85 -99.04 69.89
C THR YD 111 -55.96 -98.05 69.59
N GLU YD 112 -55.82 -96.81 70.03
CA GLU YD 112 -56.91 -95.84 69.92
C GLU YD 112 -57.45 -95.75 68.50
N LEU YD 113 -56.58 -95.78 67.49
CA LEU YD 113 -57.07 -95.76 66.13
C LEU YD 113 -57.99 -96.94 65.89
N ALA YD 114 -57.59 -98.12 66.32
CA ALA YD 114 -58.46 -99.29 66.20
C ALA YD 114 -59.78 -99.06 66.91
N ALA YD 115 -59.73 -98.65 68.17
CA ALA YD 115 -60.95 -98.40 68.91
C ALA YD 115 -61.91 -97.49 68.15
N LEU YD 116 -61.38 -96.40 67.59
CA LEU YD 116 -62.21 -95.56 66.74
C LEU YD 116 -62.85 -96.35 65.63
N LEU YD 117 -62.09 -97.20 64.96
CA LEU YD 117 -62.66 -97.98 63.88
C LEU YD 117 -63.79 -98.87 64.36
N ALA YD 118 -63.77 -99.27 65.62
CA ALA YD 118 -64.89 -99.97 66.20
C ALA YD 118 -65.90 -99.04 66.84
N SER YD 119 -65.59 -97.75 66.95
CA SER YD 119 -66.50 -96.82 67.57
C SER YD 119 -67.77 -96.67 66.72
N PRO YD 120 -68.92 -96.49 67.35
CA PRO YD 120 -70.15 -96.25 66.59
C PRO YD 120 -70.09 -94.97 65.78
N LEU YD 121 -69.17 -94.07 66.10
CA LEU YD 121 -69.07 -92.85 65.30
C LEU YD 121 -68.69 -93.16 63.87
N LEU YD 122 -67.53 -93.77 63.67
CA LEU YD 122 -67.00 -93.93 62.33
C LEU YD 122 -67.86 -94.82 61.44
N ILE YD 123 -68.56 -95.79 62.02
CA ILE YD 123 -69.28 -96.73 61.19
C ILE YD 123 -70.28 -96.02 60.29
N ASP YD 124 -71.07 -95.10 60.84
CA ASP YD 124 -71.93 -94.27 60.00
C ASP YD 124 -71.12 -93.41 59.06
N ALA YD 125 -70.05 -92.82 59.55
CA ALA YD 125 -69.13 -92.09 58.70
C ALA YD 125 -68.59 -92.95 57.57
N ILE YD 126 -68.11 -94.14 57.86
CA ILE YD 126 -67.60 -95.06 56.86
C ILE YD 126 -68.73 -95.72 56.09
N ASP YD 127 -69.50 -96.56 56.76
CA ASP YD 127 -70.46 -97.38 56.05
C ASP YD 127 -71.52 -96.55 55.33
N GLN YD 128 -72.18 -95.67 56.06
CA GLN YD 128 -73.27 -94.90 55.50
C GLN YD 128 -72.84 -93.53 54.98
N LEU YD 129 -71.54 -93.22 55.02
CA LEU YD 129 -71.02 -91.97 54.50
C LEU YD 129 -71.74 -90.79 55.13
N ASN YD 130 -71.56 -90.66 56.43
CA ASN YD 130 -72.30 -89.60 57.08
C ASN YD 130 -71.36 -88.71 57.88
N PRO YD 131 -71.58 -87.43 57.86
CA PRO YD 131 -70.84 -86.54 58.74
C PRO YD 131 -71.26 -86.71 60.18
N ALA YD 132 -70.83 -85.78 61.03
CA ALA YD 132 -70.78 -85.97 62.47
C ALA YD 132 -72.12 -85.76 63.15
N TYR YD 133 -73.18 -85.51 62.38
CA TYR YD 133 -74.47 -85.22 62.98
C TYR YD 133 -75.35 -86.46 62.97
N ALA ZD 2 11.40 -56.78 113.15
CA ALA ZD 2 12.07 -58.06 113.32
C ALA ZD 2 11.64 -59.04 112.24
N LYS ZD 3 12.01 -60.29 112.41
CA LYS ZD 3 11.75 -61.34 111.42
C LYS ZD 3 10.25 -61.57 111.29
N LEU ZD 4 9.82 -61.79 110.06
CA LEU ZD 4 8.48 -62.29 109.80
C LEU ZD 4 8.31 -63.58 110.57
N GLU ZD 5 7.22 -63.68 111.32
CA GLU ZD 5 6.95 -64.88 112.10
C GLU ZD 5 5.47 -65.17 112.07
N THR ZD 6 5.10 -66.28 112.69
CA THR ZD 6 3.70 -66.57 112.94
C THR ZD 6 3.24 -65.52 113.93
N VAL ZD 7 2.16 -64.82 113.58
CA VAL ZD 7 1.65 -63.77 114.46
C VAL ZD 7 0.30 -64.23 114.98
N THR ZD 8 0.25 -64.57 116.25
CA THR ZD 8 -0.99 -64.94 116.91
C THR ZD 8 -1.67 -63.68 117.41
N LEU ZD 9 -2.98 -63.65 117.32
CA LEU ZD 9 -3.76 -62.51 117.79
C LEU ZD 9 -4.93 -63.01 118.62
N GLY ZD 10 -5.01 -62.54 119.86
CA GLY ZD 10 -6.13 -62.81 120.72
C GLY ZD 10 -7.04 -61.60 120.78
N ASN ZD 11 -8.20 -61.79 121.41
CA ASN ZD 11 -9.14 -60.71 121.66
C ASN ZD 11 -9.53 -60.02 120.36
N ILE ZD 12 -10.29 -60.74 119.55
CA ILE ZD 12 -10.64 -60.30 118.21
C ILE ZD 12 -12.15 -60.33 118.09
N GLY ZD 13 -12.69 -59.46 117.25
CA GLY ZD 13 -14.11 -59.42 116.98
C GLY ZD 13 -14.88 -58.84 118.15
N LYS ZD 14 -16.16 -58.58 117.89
CA LYS ZD 14 -17.03 -58.03 118.90
C LYS ZD 14 -17.00 -58.86 120.17
N ASP ZD 15 -16.88 -60.18 120.02
CA ASP ZD 15 -16.73 -61.05 121.19
C ASP ZD 15 -15.42 -60.77 121.91
N GLY ZD 16 -14.32 -60.73 121.18
CA GLY ZD 16 -13.02 -60.71 121.83
C GLY ZD 16 -12.54 -62.09 122.21
N LYS ZD 17 -13.32 -63.12 121.93
CA LYS ZD 17 -12.84 -64.48 122.10
C LYS ZD 17 -12.23 -65.00 120.81
N GLN ZD 18 -12.40 -64.26 119.72
CA GLN ZD 18 -11.84 -64.65 118.44
C GLN ZD 18 -10.32 -64.56 118.49
N THR ZD 19 -9.67 -65.51 117.84
CA THR ZD 19 -8.22 -65.54 117.72
C THR ZD 19 -7.83 -65.76 116.28
N LEU ZD 20 -6.64 -65.29 115.92
CA LEU ZD 20 -6.18 -65.41 114.55
C LEU ZD 20 -4.67 -65.56 114.55
N VAL ZD 21 -4.18 -66.42 113.65
CA VAL ZD 21 -2.76 -66.57 113.42
C VAL ZD 21 -2.47 -66.14 111.99
N LEU ZD 22 -1.25 -65.66 111.77
CA LEU ZD 22 -0.84 -65.16 110.46
C LEU ZD 22 0.52 -65.76 110.11
N ASN ZD 23 0.58 -66.45 109.04
CA ASN ZD 23 1.88 -66.94 108.70
C ASN ZD 23 2.61 -65.95 107.80
N PRO ZD 24 3.92 -65.88 107.90
CA PRO ZD 24 4.68 -65.07 106.96
C PRO ZD 24 4.51 -65.58 105.55
N ARG ZD 25 4.15 -64.67 104.65
CA ARG ZD 25 3.93 -65.01 103.25
C ARG ZD 25 5.13 -64.68 102.38
N GLY ZD 26 6.22 -64.19 102.96
CA GLY ZD 26 7.33 -63.68 102.18
C GLY ZD 26 7.11 -62.22 101.86
N VAL ZD 27 8.01 -61.69 101.03
CA VAL ZD 27 8.01 -60.28 100.70
C VAL ZD 27 8.12 -60.13 99.19
N ASN ZD 28 7.20 -59.38 98.61
CA ASN ZD 28 7.37 -59.03 97.22
C ASN ZD 28 8.49 -58.02 97.07
N PRO ZD 29 9.60 -58.37 96.45
CA PRO ZD 29 10.73 -57.44 96.34
C PRO ZD 29 10.44 -56.27 95.43
N THR ZD 30 9.59 -56.44 94.42
CA THR ZD 30 9.34 -55.36 93.47
C THR ZD 30 8.86 -54.12 94.20
N ASN ZD 31 7.64 -54.15 94.71
CA ASN ZD 31 7.15 -53.06 95.54
C ASN ZD 31 7.83 -53.02 96.90
N GLY ZD 32 8.59 -54.04 97.26
CA GLY ZD 32 9.20 -54.09 98.57
C GLY ZD 32 8.18 -54.13 99.68
N VAL ZD 33 7.26 -55.09 99.63
CA VAL ZD 33 6.16 -55.15 100.59
C VAL ZD 33 6.07 -56.57 101.13
N ALA ZD 34 6.03 -56.67 102.45
CA ALA ZD 34 5.83 -57.95 103.11
C ALA ZD 34 4.37 -58.37 103.04
N SER ZD 35 4.13 -59.65 103.26
CA SER ZD 35 2.78 -60.19 103.23
C SER ZD 35 2.62 -61.20 104.34
N LEU ZD 36 1.44 -61.19 104.96
CA LEU ZD 36 1.10 -62.13 106.01
C LEU ZD 36 -0.27 -62.70 105.72
N SER ZD 37 -0.51 -63.93 106.15
CA SER ZD 37 -1.82 -64.50 105.90
C SER ZD 37 -2.18 -65.51 106.96
N GLN ZD 38 -3.49 -65.60 107.22
CA GLN ZD 38 -4.05 -66.77 107.85
C GLN ZD 38 -3.78 -68.00 106.99
N ALA ZD 39 -3.63 -69.14 107.65
CA ALA ZD 39 -3.55 -70.39 106.90
C ALA ZD 39 -4.95 -70.98 106.80
N GLY ZD 40 -5.52 -70.87 105.61
CA GLY ZD 40 -6.80 -71.45 105.31
C GLY ZD 40 -6.66 -72.60 104.33
N ALA ZD 41 -7.75 -72.84 103.60
CA ALA ZD 41 -7.69 -73.77 102.49
C ALA ZD 41 -7.28 -73.05 101.21
N VAL ZD 42 -8.13 -72.15 100.74
CA VAL ZD 42 -7.89 -71.48 99.48
C VAL ZD 42 -7.25 -70.12 99.74
N PRO ZD 43 -6.04 -69.88 99.24
CA PRO ZD 43 -5.40 -68.57 99.43
C PRO ZD 43 -6.29 -67.40 99.05
N ALA ZD 44 -7.03 -67.49 97.94
CA ALA ZD 44 -8.01 -66.48 97.60
C ALA ZD 44 -8.97 -66.19 98.75
N LEU ZD 45 -9.36 -67.21 99.49
CA LEU ZD 45 -10.21 -67.03 100.65
C LEU ZD 45 -9.44 -66.56 101.86
N GLU ZD 46 -8.16 -66.88 101.96
CA GLU ZD 46 -7.40 -66.65 103.16
C GLU ZD 46 -7.21 -65.16 103.41
N LYS ZD 47 -7.27 -64.78 104.68
CA LYS ZD 47 -7.12 -63.38 105.08
C LYS ZD 47 -5.71 -62.95 104.74
N ARG ZD 48 -5.57 -61.69 104.35
CA ARG ZD 48 -4.25 -61.17 104.00
C ARG ZD 48 -3.92 -59.94 104.81
N VAL ZD 49 -2.64 -59.79 105.13
CA VAL ZD 49 -2.15 -58.62 105.84
C VAL ZD 49 -0.86 -58.18 105.16
N THR ZD 50 -0.79 -56.89 104.83
CA THR ZD 50 0.33 -56.33 104.09
C THR ZD 50 0.91 -55.16 104.85
N VAL ZD 51 2.22 -55.14 104.99
CA VAL ZD 51 2.91 -54.01 105.59
C VAL ZD 51 4.05 -53.61 104.68
N SER ZD 52 4.42 -52.34 104.75
CA SER ZD 52 5.51 -51.84 103.94
C SER ZD 52 6.14 -50.65 104.62
N VAL ZD 53 7.42 -50.45 104.34
CA VAL ZD 53 8.11 -49.25 104.76
C VAL ZD 53 8.44 -48.47 103.50
N SER ZD 54 9.12 -47.35 103.65
CA SER ZD 54 9.53 -46.55 102.52
C SER ZD 54 10.72 -45.71 102.94
N GLN ZD 55 11.41 -45.15 101.96
CA GLN ZD 55 12.51 -44.26 102.27
C GLN ZD 55 12.43 -43.04 101.35
N PRO ZD 56 12.80 -41.87 101.86
CA PRO ZD 56 12.64 -40.65 101.08
C PRO ZD 56 13.50 -40.68 99.83
N SER ZD 57 12.95 -40.15 98.75
CA SER ZD 57 13.65 -40.10 97.47
C SER ZD 57 13.62 -38.67 96.97
N ARG ZD 58 14.12 -38.46 95.77
CA ARG ZD 58 13.96 -37.18 95.10
C ARG ZD 58 12.50 -36.83 94.87
N ASN ZD 59 11.62 -37.83 94.83
CA ASN ZD 59 10.19 -37.60 94.70
C ASN ZD 59 9.53 -37.17 96.00
N ARG ZD 60 9.94 -37.74 97.13
CA ARG ZD 60 9.34 -37.41 98.40
C ARG ZD 60 10.40 -37.48 99.48
N LYS ZD 61 10.34 -36.53 100.42
CA LYS ZD 61 11.31 -36.43 101.49
C LYS ZD 61 10.79 -37.10 102.76
N ASN ZD 62 9.62 -37.72 102.66
CA ASN ZD 62 8.94 -38.22 103.84
C ASN ZD 62 8.90 -39.74 103.82
N TYR ZD 63 8.88 -40.32 105.01
CA TYR ZD 63 8.71 -41.77 105.12
C TYR ZD 63 7.24 -42.12 105.03
N LYS ZD 64 6.94 -43.21 104.32
CA LYS ZD 64 5.60 -43.75 104.24
C LYS ZD 64 5.60 -45.15 104.83
N VAL ZD 65 4.63 -45.43 105.69
CA VAL ZD 65 4.40 -46.76 106.21
C VAL ZD 65 2.97 -47.11 105.87
N GLN ZD 66 2.80 -48.10 105.00
CA GLN ZD 66 1.50 -48.48 104.49
C GLN ZD 66 1.13 -49.86 105.01
N VAL ZD 67 -0.09 -50.00 105.51
CA VAL ZD 67 -0.60 -51.27 105.99
C VAL ZD 67 -1.99 -51.45 105.43
N LYS ZD 68 -2.20 -52.55 104.72
CA LYS ZD 68 -3.49 -52.87 104.13
C LYS ZD 68 -3.93 -54.24 104.61
N ILE ZD 69 -5.23 -54.40 104.79
CA ILE ZD 69 -5.82 -55.65 105.25
C ILE ZD 69 -6.92 -56.03 104.29
N GLN ZD 70 -6.94 -57.29 103.89
CA GLN ZD 70 -7.90 -57.79 102.92
C GLN ZD 70 -8.57 -59.02 103.49
N ASN ZD 71 -9.87 -58.93 103.73
CA ASN ZD 71 -10.65 -60.01 104.36
C ASN ZD 71 -11.86 -60.29 103.50
N PRO ZD 72 -11.78 -61.25 102.60
CA PRO ZD 72 -12.91 -61.56 101.74
C PRO ZD 72 -14.04 -62.21 102.53
N THR ZD 73 -15.13 -62.44 101.82
CA THR ZD 73 -16.30 -63.13 102.37
C THR ZD 73 -16.57 -64.36 101.54
N ALA ZD 74 -16.37 -65.52 102.14
CA ALA ZD 74 -16.58 -66.78 101.46
C ALA ZD 74 -18.06 -67.06 101.31
N CYS ZD 75 -18.46 -67.47 100.11
CA CYS ZD 75 -19.79 -68.04 99.90
C CYS ZD 75 -19.58 -69.55 99.84
N THR ZD 76 -20.00 -70.24 100.90
CA THR ZD 76 -19.75 -71.68 100.99
C THR ZD 76 -20.52 -72.43 99.93
N ALA ZD 77 -21.84 -72.27 99.92
CA ALA ZD 77 -22.67 -72.90 98.90
C ALA ZD 77 -23.06 -71.83 97.90
N ASN ZD 78 -22.46 -71.92 96.71
CA ASN ZD 78 -22.85 -71.08 95.59
C ASN ZD 78 -23.82 -71.83 94.68
N GLY ZD 79 -24.23 -73.03 95.05
CA GLY ZD 79 -24.83 -73.93 94.10
C GLY ZD 79 -23.79 -74.67 93.29
N SER ZD 80 -22.52 -74.47 93.60
CA SER ZD 80 -21.42 -75.09 92.89
C SER ZD 80 -20.53 -75.78 93.92
N CYS ZD 81 -19.64 -76.64 93.43
CA CYS ZD 81 -18.80 -77.45 94.31
C CYS ZD 81 -17.73 -76.65 95.03
N ASP ZD 82 -17.45 -75.42 94.60
CA ASP ZD 82 -16.37 -74.68 95.21
C ASP ZD 82 -16.88 -73.35 95.75
N PRO ZD 83 -16.36 -72.92 96.90
CA PRO ZD 83 -16.75 -71.62 97.42
C PRO ZD 83 -16.22 -70.50 96.54
N SER ZD 84 -16.80 -69.32 96.70
CA SER ZD 84 -16.45 -68.19 95.86
C SER ZD 84 -16.41 -66.90 96.67
N VAL ZD 85 -15.54 -66.00 96.26
CA VAL ZD 85 -15.42 -64.69 96.89
C VAL ZD 85 -16.70 -63.93 96.66
N THR ZD 86 -17.26 -63.34 97.71
CA THR ZD 86 -18.45 -62.53 97.57
C THR ZD 86 -18.15 -61.07 97.79
N ARG ZD 87 -17.91 -60.68 99.03
CA ARG ZD 87 -17.56 -59.32 99.38
C ARG ZD 87 -16.11 -59.28 99.82
N GLN ZD 88 -15.45 -58.18 99.53
CA GLN ZD 88 -14.04 -58.04 99.86
C GLN ZD 88 -13.89 -56.84 100.78
N ALA ZD 89 -13.55 -57.09 102.04
CA ALA ZD 89 -13.37 -56.03 103.02
C ALA ZD 89 -11.99 -55.42 102.85
N TYR ZD 90 -11.94 -54.11 102.69
CA TYR ZD 90 -10.67 -53.42 102.55
C TYR ZD 90 -10.39 -52.54 103.76
N ALA ZD 91 -9.29 -52.85 104.44
CA ALA ZD 91 -8.84 -52.04 105.57
C ALA ZD 91 -7.46 -51.51 105.22
N ASP ZD 92 -7.33 -50.19 105.13
CA ASP ZD 92 -6.10 -49.55 104.72
C ASP ZD 92 -5.66 -48.54 105.76
N VAL ZD 93 -4.37 -48.55 106.09
CA VAL ZD 93 -3.77 -47.65 107.04
C VAL ZD 93 -2.44 -47.18 106.48
N THR ZD 94 -2.18 -45.88 106.58
CA THR ZD 94 -0.94 -45.30 106.12
C THR ZD 94 -0.32 -44.45 107.21
N PHE ZD 95 0.95 -44.12 107.01
CA PHE ZD 95 1.66 -43.24 107.94
C PHE ZD 95 2.61 -42.37 107.17
N SER ZD 96 2.74 -41.14 107.63
CA SER ZD 96 3.70 -40.21 107.06
C SER ZD 96 4.57 -39.68 108.18
N PHE ZD 97 5.85 -39.47 107.88
CA PHE ZD 97 6.76 -38.93 108.86
C PHE ZD 97 7.83 -38.13 108.15
N THR ZD 98 8.48 -37.27 108.92
CA THR ZD 98 9.53 -36.42 108.41
C THR ZD 98 10.87 -36.97 108.85
N GLN ZD 99 11.88 -36.77 108.01
CA GLN ZD 99 13.21 -37.26 108.29
C GLN ZD 99 13.67 -36.92 109.69
N TYR ZD 100 13.18 -35.82 110.25
CA TYR ZD 100 13.53 -35.47 111.62
C TYR ZD 100 12.55 -36.02 112.65
N SER ZD 101 11.58 -36.81 112.22
CA SER ZD 101 10.60 -37.36 113.16
C SER ZD 101 11.32 -38.14 114.25
N THR ZD 102 10.90 -37.95 115.49
CA THR ZD 102 11.57 -38.64 116.58
C THR ZD 102 10.87 -39.95 116.87
N ASP ZD 103 11.43 -40.68 117.85
CA ASP ZD 103 10.88 -41.98 118.18
C ASP ZD 103 9.55 -41.85 118.90
N GLU ZD 104 9.53 -41.13 120.01
CA GLU ZD 104 8.33 -41.13 120.86
C GLU ZD 104 7.13 -40.57 120.10
N GLU ZD 105 7.36 -39.52 119.30
CA GLU ZD 105 6.29 -39.02 118.44
C GLU ZD 105 5.65 -40.16 117.68
N ARG ZD 106 6.45 -40.95 116.97
CA ARG ZD 106 5.92 -42.10 116.28
C ARG ZD 106 5.23 -43.04 117.25
N ALA ZD 107 5.95 -43.47 118.28
CA ALA ZD 107 5.35 -44.30 119.30
C ALA ZD 107 4.04 -43.70 119.81
N PHE ZD 108 4.04 -42.41 120.08
CA PHE ZD 108 2.80 -41.75 120.47
C PHE ZD 108 1.69 -41.97 119.47
N VAL ZD 109 2.01 -41.91 118.18
CA VAL ZD 109 1.00 -42.15 117.16
C VAL ZD 109 0.48 -43.57 117.25
N ARG ZD 110 1.39 -44.53 117.42
CA ARG ZD 110 0.98 -45.92 117.33
C ARG ZD 110 -0.11 -46.24 118.35
N THR ZD 111 0.17 -45.99 119.63
CA THR ZD 111 -0.81 -46.33 120.66
C THR ZD 111 -2.14 -45.64 120.43
N GLU ZD 112 -2.13 -44.30 120.34
CA GLU ZD 112 -3.37 -43.56 120.28
C GLU ZD 112 -4.29 -44.07 119.18
N LEU ZD 113 -3.76 -44.42 118.03
CA LEU ZD 113 -4.61 -44.98 116.98
C LEU ZD 113 -5.30 -46.23 117.50
N ALA ZD 114 -4.56 -47.11 118.15
CA ALA ZD 114 -5.18 -48.30 118.73
C ALA ZD 114 -6.27 -47.91 119.72
N ALA ZD 115 -5.96 -47.04 120.67
CA ALA ZD 115 -6.95 -46.62 121.65
C ALA ZD 115 -8.23 -46.15 120.99
N LEU ZD 116 -8.12 -45.33 119.94
CA LEU ZD 116 -9.30 -44.96 119.20
C LEU ZD 116 -10.06 -46.17 118.72
N LEU ZD 117 -9.35 -47.15 118.16
CA LEU ZD 117 -10.04 -48.34 117.68
C LEU ZD 117 -10.79 -49.05 118.79
N ALA ZD 118 -10.33 -48.92 120.02
CA ALA ZD 118 -11.08 -49.42 121.15
C ALA ZD 118 -12.04 -48.39 121.73
N SER ZD 119 -11.97 -47.16 121.27
CA SER ZD 119 -12.84 -46.13 121.80
C SER ZD 119 -14.29 -46.42 121.43
N PRO ZD 120 -15.23 -46.10 122.32
CA PRO ZD 120 -16.65 -46.27 121.98
C PRO ZD 120 -17.09 -45.42 120.81
N LEU ZD 121 -16.31 -44.39 120.46
CA LEU ZD 121 -16.68 -43.57 119.31
C LEU ZD 121 -16.67 -44.39 118.03
N LEU ZD 122 -15.52 -44.94 117.69
CA LEU ZD 122 -15.36 -45.57 116.38
C LEU ZD 122 -16.24 -46.80 116.20
N ILE ZD 123 -16.54 -47.52 117.28
CA ILE ZD 123 -17.27 -48.77 117.13
C ILE ZD 123 -18.60 -48.54 116.44
N ASP ZD 124 -19.37 -47.55 116.86
CA ASP ZD 124 -20.58 -47.19 116.13
C ASP ZD 124 -20.26 -46.70 114.74
N ALA ZD 125 -19.24 -45.87 114.60
CA ALA ZD 125 -18.77 -45.47 113.29
C ALA ZD 125 -18.40 -46.66 112.42
N ILE ZD 126 -17.63 -47.60 112.93
CA ILE ZD 126 -17.25 -48.79 112.19
C ILE ZD 126 -18.39 -49.78 112.12
N ASP ZD 127 -18.76 -50.36 113.26
CA ASP ZD 127 -19.69 -51.47 113.24
C ASP ZD 127 -21.05 -51.07 112.69
N GLN ZD 128 -21.65 -50.04 113.25
CA GLN ZD 128 -22.99 -49.63 112.86
C GLN ZD 128 -23.00 -48.55 111.79
N LEU ZD 129 -21.84 -48.14 111.27
CA LEU ZD 129 -21.75 -47.16 110.21
C LEU ZD 129 -22.47 -45.88 110.59
N ASN ZD 130 -21.97 -45.24 111.63
CA ASN ZD 130 -22.69 -44.08 112.09
C ASN ZD 130 -21.77 -42.88 112.16
N PRO ZD 131 -22.24 -41.72 111.77
CA PRO ZD 131 -21.47 -40.50 111.98
C PRO ZD 131 -21.42 -40.13 113.45
N ALA ZD 132 -20.97 -38.91 113.73
CA ALA ZD 132 -20.48 -38.53 115.04
C ALA ZD 132 -21.59 -38.16 116.02
N TYR ZD 133 -22.84 -38.32 115.62
CA TYR ZD 133 -23.94 -37.92 116.47
C TYR ZD 133 -24.53 -39.12 117.20
N ALA AE 2 13.70 -111.30 68.35
CA ALA AE 2 12.99 -111.65 69.57
C ALA AE 2 13.18 -110.57 70.62
N LYS AE 3 12.76 -110.87 71.84
CA LYS AE 3 12.82 -109.92 72.94
C LYS AE 3 14.25 -109.55 73.28
N LEU AE 4 14.45 -108.28 73.59
CA LEU AE 4 15.70 -107.84 74.19
C LEU AE 4 15.93 -108.64 75.45
N GLU AE 5 17.11 -109.21 75.59
CA GLU AE 5 17.44 -110.00 76.75
C GLU AE 5 18.88 -109.75 77.15
N THR AE 6 19.29 -110.37 78.25
CA THR AE 6 20.70 -110.40 78.61
C THR AE 6 21.38 -111.22 77.55
N VAL AE 7 22.41 -110.66 76.93
CA VAL AE 7 23.12 -111.39 75.89
C VAL AE 7 24.52 -111.71 76.41
N THR AE 8 24.75 -112.98 76.69
CA THR AE 8 26.06 -113.44 77.11
C THR AE 8 26.88 -113.75 75.87
N LEU AE 9 28.17 -113.44 75.93
CA LEU AE 9 29.07 -113.71 74.83
C LEU AE 9 30.33 -114.37 75.36
N GLY AE 10 30.64 -115.55 74.84
CA GLY AE 10 31.89 -116.22 75.14
C GLY AE 10 32.85 -116.07 73.98
N ASN AE 11 34.09 -116.50 74.23
CA ASN AE 11 35.12 -116.54 73.19
C ASN AE 11 35.33 -115.16 72.59
N ILE AE 12 35.89 -114.28 73.39
CA ILE AE 12 36.04 -112.87 73.04
C ILE AE 12 37.50 -112.50 73.18
N GLY AE 13 37.95 -111.53 72.39
CA GLY AE 13 39.30 -111.04 72.45
C GLY AE 13 40.29 -112.04 71.88
N LYS AE 14 41.51 -111.54 71.72
CA LYS AE 14 42.58 -112.37 71.17
C LYS AE 14 42.70 -113.67 71.94
N ASP AE 15 42.50 -113.63 73.25
CA ASP AE 15 42.49 -114.84 74.05
C ASP AE 15 41.34 -115.76 73.65
N GLY AE 16 40.13 -115.22 73.58
CA GLY AE 16 38.97 -116.06 73.44
C GLY AE 16 38.48 -116.60 74.76
N LYS AE 17 39.14 -116.25 75.85
CA LYS AE 17 38.62 -116.58 77.17
C LYS AE 17 37.79 -115.44 77.72
N GLN AE 18 37.79 -114.30 77.04
CA GLN AE 18 37.01 -113.16 77.45
C GLN AE 18 35.53 -113.44 77.25
N THR AE 19 34.73 -112.97 78.20
CA THR AE 19 33.29 -113.10 78.13
C THR AE 19 32.65 -111.75 78.40
N LEU AE 20 31.44 -111.57 77.87
CA LEU AE 20 30.74 -110.29 78.02
C LEU AE 20 29.25 -110.54 78.08
N VAL AE 21 28.57 -109.80 78.93
CA VAL AE 21 27.13 -109.81 79.00
C VAL AE 21 26.62 -108.42 78.63
N LEU AE 22 25.42 -108.38 78.09
CA LEU AE 22 24.82 -107.13 77.62
C LEU AE 22 23.39 -107.04 78.14
N ASN AE 23 23.12 -106.04 78.89
CA ASN AE 23 21.74 -105.94 79.31
C ASN AE 23 20.95 -105.11 78.31
N PRO AE 24 19.66 -105.43 78.16
CA PRO AE 24 18.80 -104.58 77.33
C PRO AE 24 18.71 -103.19 77.93
N ARG AE 25 18.97 -102.20 77.09
CA ARG AE 25 18.93 -100.80 77.51
C ARG AE 25 17.62 -100.13 77.14
N GLY AE 26 16.67 -100.85 76.56
CA GLY AE 26 15.48 -100.23 76.01
C GLY AE 26 15.71 -99.79 74.59
N VAL AE 27 14.73 -99.10 74.04
CA VAL AE 27 14.75 -98.68 72.65
C VAL AE 27 14.41 -97.21 72.56
N ASN AE 28 15.25 -96.44 71.89
CA ASN AE 28 14.87 -95.08 71.61
C ASN AE 28 13.81 -95.06 70.54
N PRO AE 29 12.58 -94.65 70.85
CA PRO AE 29 11.52 -94.67 69.84
C PRO AE 29 11.71 -93.66 68.74
N THR AE 30 12.37 -92.53 69.02
CA THR AE 30 12.52 -91.50 68.00
C THR AE 30 13.18 -92.06 66.76
N ASN AE 31 14.46 -92.38 66.85
CA ASN AE 31 15.15 -93.04 65.75
C ASN AE 31 14.71 -94.49 65.60
N GLY AE 32 13.96 -95.03 66.56
CA GLY AE 32 13.58 -96.42 66.49
C GLY AE 32 14.77 -97.35 66.55
N VAL AE 33 15.61 -97.21 67.57
CA VAL AE 33 16.85 -97.96 67.66
C VAL AE 33 16.95 -98.57 69.05
N ALA AE 34 17.20 -99.87 69.10
CA ALA AE 34 17.44 -100.57 70.35
C ALA AE 34 18.84 -100.27 70.86
N SER AE 35 19.04 -100.53 72.14
CA SER AE 35 20.33 -100.31 72.77
C SER AE 35 20.62 -101.44 73.74
N LEU AE 36 21.88 -101.86 73.78
CA LEU AE 36 22.34 -102.89 74.69
C LEU AE 36 23.61 -102.41 75.36
N SER AE 37 23.85 -102.87 76.58
CA SER AE 37 25.06 -102.43 77.25
C SER AE 37 25.54 -103.48 78.23
N GLN AE 38 26.85 -103.52 78.39
CA GLN AE 38 27.45 -104.13 79.56
C GLN AE 38 26.99 -103.40 80.81
N ALA AE 39 26.88 -104.12 81.91
CA ALA AE 39 26.59 -103.48 83.19
C ALA AE 39 27.93 -103.20 83.86
N GLY AE 40 28.29 -101.91 83.85
CA GLY AE 40 29.47 -101.45 84.53
C GLY AE 40 29.10 -100.57 85.71
N ALA AE 41 30.04 -99.68 86.06
CA ALA AE 41 29.74 -98.65 87.04
C ALA AE 41 29.17 -97.42 86.36
N VAL AE 42 29.98 -96.76 85.54
CA VAL AE 42 29.57 -95.52 84.90
C VAL AE 42 29.06 -95.81 83.50
N PRO AE 43 27.80 -95.49 83.19
CA PRO AE 43 27.28 -95.71 81.85
C PRO AE 43 28.15 -95.13 80.75
N ALA AE 44 28.70 -93.93 80.95
CA ALA AE 44 29.65 -93.37 80.01
C ALA AE 44 30.80 -94.32 79.73
N LEU AE 45 31.26 -95.04 80.75
CA LEU AE 45 32.31 -96.04 80.57
C LEU AE 45 31.77 -97.32 79.98
N GLU AE 46 30.50 -97.65 80.22
CA GLU AE 46 29.98 -98.96 79.89
C GLU AE 46 29.91 -99.14 78.37
N LYS AE 47 30.21 -100.37 77.93
CA LYS AE 47 30.22 -100.70 76.52
C LYS AE 47 28.79 -100.57 76.01
N ARG AE 48 28.65 -100.13 74.76
CA ARG AE 48 27.33 -99.97 74.18
C ARG AE 48 27.21 -100.76 72.90
N VAL AE 49 26.01 -101.26 72.64
CA VAL AE 49 25.70 -101.99 71.41
C VAL AE 49 24.36 -101.50 70.91
N THR AE 50 24.30 -101.11 69.65
CA THR AE 50 23.11 -100.53 69.06
C THR AE 50 22.74 -101.30 67.81
N VAL AE 51 21.46 -101.66 67.70
CA VAL AE 51 20.94 -102.30 66.50
C VAL AE 51 19.69 -101.56 66.07
N SER AE 52 19.41 -101.62 64.78
CA SER AE 52 18.23 -100.97 64.24
C SER AE 52 17.79 -101.68 62.98
N VAL AE 53 16.50 -101.61 62.72
CA VAL AE 53 15.96 -102.06 61.45
C VAL AE 53 15.46 -100.83 60.72
N SER AE 54 14.88 -101.03 59.55
CA SER AE 54 14.33 -99.93 58.78
C SER AE 54 13.29 -100.49 57.84
N GLN AE 55 12.48 -99.60 57.29
CA GLN AE 55 11.50 -100.03 56.31
C GLN AE 55 11.49 -99.06 55.15
N PRO AE 56 11.27 -99.55 53.94
CA PRO AE 56 11.37 -98.68 52.76
C PRO AE 56 10.31 -97.59 52.78
N SER AE 57 10.70 -96.41 52.35
CA SER AE 57 9.81 -95.26 52.32
C SER AE 57 9.83 -94.68 50.92
N ARG AE 58 9.14 -93.57 50.74
CA ARG AE 58 9.27 -92.81 49.50
C ARG AE 58 10.68 -92.32 49.26
N ASN AE 59 11.49 -92.20 50.32
CA ASN AE 59 12.88 -91.82 50.18
C ASN AE 59 13.79 -92.96 49.74
N ARG AE 60 13.53 -94.18 50.22
CA ARG AE 60 14.36 -95.31 49.88
C ARG AE 60 13.49 -96.55 49.82
N LYS AE 61 13.76 -97.41 48.84
CA LYS AE 61 13.00 -98.62 48.62
C LYS AE 61 13.68 -99.82 49.26
N ASN AE 62 14.78 -99.58 49.95
CA ASN AE 62 15.61 -100.65 50.45
C ASN AE 62 15.56 -100.72 51.96
N TYR AE 63 15.74 -101.91 52.50
CA TYR AE 63 15.85 -102.08 53.93
C TYR AE 63 17.27 -101.76 54.39
N LYS AE 64 17.37 -101.10 55.53
CA LYS AE 64 18.66 -100.82 56.16
C LYS AE 64 18.67 -101.49 57.53
N VAL AE 65 19.75 -102.18 57.82
CA VAL AE 65 20.00 -102.73 59.14
C VAL AE 65 21.32 -102.18 59.61
N GLN AE 66 21.29 -101.36 60.64
CA GLN AE 66 22.47 -100.67 61.13
C GLN AE 66 22.83 -101.20 62.51
N VAL AE 67 24.11 -101.49 62.69
CA VAL AE 67 24.63 -101.96 63.97
C VAL AE 67 25.89 -101.20 64.27
N LYS AE 68 25.92 -100.52 65.42
CA LYS AE 68 27.06 -99.75 65.85
C LYS AE 68 27.50 -100.22 67.22
N ILE AE 69 28.81 -100.20 67.45
CA ILE AE 69 29.39 -100.63 68.72
C ILE AE 69 30.29 -99.52 69.21
N GLN AE 70 30.18 -99.21 70.49
CA GLN AE 70 30.93 -98.11 71.10
C GLN AE 70 31.62 -98.65 72.34
N ASN AE 71 32.94 -98.66 72.33
CA ASN AE 71 33.75 -99.22 73.41
C ASN AE 71 34.79 -98.18 73.82
N PRO AE 72 34.50 -97.36 74.82
CA PRO AE 72 35.45 -96.34 75.24
C PRO AE 72 36.66 -96.98 75.92
N THR AE 73 37.60 -96.12 76.26
CA THR AE 73 38.80 -96.51 76.99
C THR AE 73 38.86 -95.72 78.28
N ALA AE 74 38.70 -96.41 79.39
CA ALA AE 74 38.72 -95.77 80.69
C ALA AE 74 40.14 -95.40 81.08
N CYS AE 75 40.32 -94.18 81.58
CA CYS AE 75 41.55 -93.79 82.24
C CYS AE 75 41.25 -93.85 83.73
N THR AE 76 41.80 -94.87 84.40
CA THR AE 76 41.48 -95.09 85.80
C THR AE 76 42.03 -93.95 86.66
N ALA AE 77 43.33 -93.72 86.59
CA ALA AE 77 43.94 -92.62 87.32
C ALA AE 77 44.22 -91.50 86.33
N ASN AE 78 43.42 -90.45 86.42
CA ASN AE 78 43.67 -89.22 85.67
C ASN AE 78 44.42 -88.20 86.52
N GLY AE 79 44.83 -88.58 87.72
CA GLY AE 79 45.21 -87.59 88.71
C GLY AE 79 44.01 -87.01 89.42
N SER AE 80 42.82 -87.50 89.12
CA SER AE 80 41.58 -87.03 89.70
C SER AE 80 40.84 -88.22 90.28
N CYS AE 81 39.83 -87.95 91.11
CA CYS AE 81 39.11 -88.99 91.81
C CYS AE 81 38.22 -89.83 90.92
N ASP AE 82 37.94 -89.38 89.69
CA ASP AE 82 37.02 -90.11 88.85
C ASP AE 82 37.69 -90.49 87.54
N PRO AE 83 37.39 -91.68 87.02
CA PRO AE 83 37.94 -92.05 85.71
C PRO AE 83 37.34 -91.20 84.61
N SER AE 84 38.00 -91.21 83.47
CA SER AE 84 37.59 -90.36 82.36
C SER AE 84 37.75 -91.10 81.04
N VAL AE 85 36.87 -90.79 80.09
CA VAL AE 85 36.93 -91.35 78.76
C VAL AE 85 38.21 -90.87 78.09
N THR AE 86 38.95 -91.78 77.49
CA THR AE 86 40.15 -91.39 76.77
C THR AE 86 39.98 -91.57 75.28
N ARG AE 87 39.96 -92.82 74.82
CA ARG AE 87 39.76 -93.14 73.43
C ARG AE 87 38.40 -93.81 73.27
N GLN AE 88 37.76 -93.56 72.13
CA GLN AE 88 36.44 -94.12 71.89
C GLN AE 88 36.52 -94.98 70.64
N ALA AE 89 36.38 -96.28 70.81
CA ALA AE 89 36.43 -97.22 69.69
C ALA AE 89 35.07 -97.24 69.01
N TYR AE 90 35.07 -97.02 67.71
CA TYR AE 90 33.84 -97.05 66.94
C TYR AE 90 33.82 -98.23 65.99
N ALA AE 91 32.83 -99.10 66.19
CA ALA AE 91 32.62 -100.24 65.30
C ALA AE 91 31.23 -100.09 64.70
N ASP AE 92 31.17 -99.95 63.38
CA ASP AE 92 29.92 -99.71 62.68
C ASP AE 92 29.73 -100.75 61.60
N VAL AE 93 28.50 -101.27 61.51
CA VAL AE 93 28.13 -102.27 60.53
C VAL AE 93 26.75 -101.90 59.99
N THR AE 94 26.59 -101.97 58.68
CA THR AE 94 25.32 -101.69 58.05
C THR AE 94 24.94 -102.81 57.10
N PHE AE 95 23.68 -102.81 56.70
CA PHE AE 95 23.18 -103.78 55.74
C PHE AE 95 22.16 -103.13 54.84
N SER AE 96 22.18 -103.54 53.57
CA SER AE 96 21.20 -103.08 52.62
C SER AE 96 20.56 -104.29 51.98
N PHE AE 97 19.26 -104.20 51.71
CA PHE AE 97 18.55 -105.28 51.06
C PHE AE 97 17.43 -104.71 50.22
N THR AE 98 16.97 -105.52 49.29
CA THR AE 98 15.90 -105.14 48.40
C THR AE 98 14.62 -105.82 48.84
N GLN AE 99 13.50 -105.15 48.61
CA GLN AE 99 12.21 -105.68 49.01
C GLN AE 99 12.01 -107.11 48.57
N TYR AE 100 12.66 -107.53 47.47
CA TYR AE 100 12.55 -108.91 47.03
C TYR AE 100 13.65 -109.79 47.60
N SER AE 101 14.50 -109.26 48.47
CA SER AE 101 15.58 -110.05 49.04
C SER AE 101 15.01 -111.29 49.71
N THR AE 102 15.65 -112.44 49.49
CA THR AE 102 15.13 -113.65 50.08
C THR AE 102 15.79 -113.91 51.42
N ASP AE 103 15.37 -114.99 52.07
CA ASP AE 103 15.88 -115.30 53.38
C ASP AE 103 17.33 -115.79 53.31
N GLU AE 104 17.58 -116.85 52.54
CA GLU AE 104 18.90 -117.47 52.57
C GLU AE 104 19.97 -116.51 52.12
N GLU AE 105 19.69 -115.69 51.11
CA GLU AE 105 20.61 -114.64 50.73
C GLU AE 105 21.05 -113.86 51.94
N ARG AE 106 20.10 -113.33 52.70
CA ARG AE 106 20.45 -112.63 53.92
C ARG AE 106 21.23 -113.52 54.86
N ALA AE 107 20.68 -114.69 55.18
CA ALA AE 107 21.40 -115.65 56.00
C ALA AE 107 22.79 -115.89 55.47
N PHE AE 108 22.92 -116.08 54.16
CA PHE AE 108 24.24 -116.23 53.57
C PHE AE 108 25.14 -115.07 53.92
N VAL AE 109 24.62 -113.85 53.90
CA VAL AE 109 25.43 -112.70 54.24
C VAL AE 109 25.88 -112.78 55.69
N ARG AE 110 24.96 -113.15 56.59
CA ARG AE 110 25.27 -113.08 58.00
C ARG AE 110 26.49 -113.92 58.34
N THR AE 111 26.44 -115.21 58.01
CA THR AE 111 27.56 -116.09 58.37
C THR AE 111 28.87 -115.60 57.77
N GLU AE 112 28.92 -115.44 56.45
CA GLU AE 112 30.18 -115.12 55.79
C GLU AE 112 30.88 -113.93 56.41
N LEU AE 113 30.14 -112.90 56.78
CA LEU AE 113 30.76 -111.77 57.44
C LEU AE 113 31.47 -112.23 58.71
N ALA AE 114 30.80 -113.05 59.51
CA ALA AE 114 31.44 -113.59 60.70
C ALA AE 114 32.69 -114.36 60.34
N ALA AE 115 32.59 -115.30 59.39
CA ALA AE 115 33.75 -116.07 59.00
C ALA AE 115 34.93 -115.18 58.66
N LEU AE 116 34.69 -114.13 57.88
CA LEU AE 116 35.76 -113.17 57.62
C LEU AE 116 36.36 -112.64 58.90
N LEU AE 117 35.51 -112.26 59.86
CA LEU AE 117 36.04 -111.75 61.11
C LEU AE 117 36.92 -112.76 61.81
N ALA AE 118 36.68 -114.05 61.60
CA ALA AE 118 37.58 -115.07 62.10
C ALA AE 118 38.68 -115.42 61.11
N SER AE 119 38.60 -114.90 59.89
CA SER AE 119 39.61 -115.23 58.89
C SER AE 119 40.96 -114.64 59.30
N PRO AE 120 42.06 -115.34 59.00
CA PRO AE 120 43.38 -114.78 59.28
C PRO AE 120 43.66 -113.51 58.51
N LEU AE 121 42.91 -113.24 57.46
CA LEU AE 121 43.12 -112.01 56.72
C LEU AE 121 42.85 -110.79 57.60
N LEU AE 122 41.62 -110.66 58.09
CA LEU AE 122 41.22 -109.44 58.76
C LEU AE 122 41.99 -109.20 60.05
N ILE AE 123 42.41 -110.26 60.74
CA ILE AE 123 43.04 -110.05 62.04
C ILE AE 123 44.24 -109.13 61.93
N ASP AE 124 45.13 -109.37 60.97
CA ASP AE 124 46.21 -108.44 60.72
C ASP AE 124 45.70 -107.08 60.29
N ALA AE 125 44.71 -107.07 59.40
CA ALA AE 125 44.05 -105.84 59.04
C ALA AE 125 43.48 -105.10 60.24
N ILE AE 126 42.75 -105.79 61.10
CA ILE AE 126 42.19 -105.20 62.29
C ILE AE 126 43.25 -104.99 63.37
N ASP AE 127 43.77 -106.09 63.91
CA ASP AE 127 44.63 -105.98 65.08
C ASP AE 127 45.88 -105.20 64.79
N GLN AE 128 46.63 -105.59 63.76
CA GLN AE 128 47.90 -104.96 63.47
C GLN AE 128 47.79 -103.84 62.45
N LEU AE 129 46.59 -103.50 62.00
CA LEU AE 129 46.37 -102.41 61.05
C LEU AE 129 47.23 -102.60 59.82
N ASN AE 130 46.95 -103.66 59.09
CA ASN AE 130 47.80 -103.93 57.95
C ASN AE 130 46.97 -104.08 56.69
N PRO AE 131 47.43 -103.55 55.59
CA PRO AE 131 46.77 -103.82 54.32
C PRO AE 131 47.00 -105.25 53.87
N ALA AE 132 46.67 -105.52 52.62
CA ALA AE 132 46.42 -106.88 52.14
C ALA AE 132 47.70 -107.63 51.80
N TYR AE 133 48.86 -107.04 52.07
CA TYR AE 133 50.11 -107.69 51.70
C TYR AE 133 50.73 -108.37 52.89
N ALA BE 2 12.36 -100.74 84.11
CA ALA BE 2 11.72 -102.00 83.75
C ALA BE 2 10.44 -101.73 82.97
N LYS BE 3 9.65 -102.78 82.76
CA LYS BE 3 8.44 -102.70 81.97
C LYS BE 3 7.42 -101.79 82.65
N LEU BE 4 6.72 -101.03 81.82
CA LEU BE 4 5.54 -100.31 82.27
C LEU BE 4 4.57 -101.31 82.86
N GLU BE 5 4.09 -101.03 84.06
CA GLU BE 5 3.16 -101.93 84.72
C GLU BE 5 2.12 -101.12 85.46
N THR BE 6 1.17 -101.81 86.05
CA THR BE 6 0.24 -101.19 86.98
C THR BE 6 1.09 -100.78 88.18
N VAL BE 7 1.01 -99.50 88.53
CA VAL BE 7 1.79 -99.02 89.67
C VAL BE 7 0.82 -98.66 90.79
N THR BE 8 0.81 -99.46 91.84
CA THR BE 8 0.01 -99.19 93.01
C THR BE 8 0.79 -98.27 93.94
N LEU BE 9 0.10 -97.35 94.57
CA LEU BE 9 0.71 -96.43 95.51
C LEU BE 9 -0.12 -96.37 96.78
N GLY BE 10 0.52 -96.67 97.91
CA GLY BE 10 -0.11 -96.52 99.21
C GLY BE 10 0.42 -95.26 99.88
N ASN BE 11 -0.22 -94.93 101.00
CA ASN BE 11 0.22 -93.83 101.85
C ASN BE 11 0.28 -92.53 101.05
N ILE BE 12 -0.90 -92.03 100.71
CA ILE BE 12 -1.04 -90.89 99.82
C ILE BE 12 -1.90 -89.86 100.53
N GLY BE 13 -1.68 -88.59 100.22
CA GLY BE 13 -2.47 -87.51 100.77
C GLY BE 13 -2.13 -87.26 102.22
N LYS BE 14 -2.67 -86.14 102.72
CA LYS BE 14 -2.44 -85.76 104.11
C LYS BE 14 -2.81 -86.91 105.05
N ASP BE 15 -3.86 -87.66 104.72
CA ASP BE 15 -4.20 -88.82 105.51
C ASP BE 15 -3.11 -89.89 105.44
N GLY BE 16 -2.66 -90.22 104.23
CA GLY BE 16 -1.80 -91.37 104.08
C GLY BE 16 -2.57 -92.67 103.99
N LYS BE 17 -3.91 -92.61 104.06
CA LYS BE 17 -4.71 -93.79 103.79
C LYS BE 17 -5.12 -93.82 102.32
N GLN BE 18 -4.85 -92.75 101.59
CA GLN BE 18 -5.17 -92.70 100.17
C GLN BE 18 -4.27 -93.66 99.40
N THR BE 19 -4.86 -94.32 98.40
CA THR BE 19 -4.14 -95.22 97.53
C THR BE 19 -4.44 -94.87 96.08
N LEU BE 20 -3.51 -95.20 95.20
CA LEU BE 20 -3.68 -94.89 93.79
C LEU BE 20 -3.01 -95.96 92.95
N VAL BE 21 -3.64 -96.32 91.84
CA VAL BE 21 -3.06 -97.21 90.86
C VAL BE 21 -2.90 -96.45 89.57
N LEU BE 22 -1.91 -96.85 88.77
CA LEU BE 22 -1.59 -96.19 87.52
C LEU BE 22 -1.43 -97.24 86.43
N ASN BE 23 -2.23 -97.14 85.43
CA ASN BE 23 -2.02 -98.10 84.37
C ASN BE 23 -1.03 -97.56 83.35
N PRO BE 24 -0.25 -98.43 82.73
CA PRO BE 24 0.60 -97.99 81.63
C PRO BE 24 -0.24 -97.47 80.48
N ARG BE 25 0.10 -96.26 80.04
CA ARG BE 25 -0.61 -95.62 78.95
C ARG BE 25 0.08 -95.78 77.61
N GLY BE 26 1.19 -96.50 77.57
CA GLY BE 26 2.02 -96.54 76.38
C GLY BE 26 3.02 -95.41 76.38
N VAL BE 27 3.73 -95.28 75.27
CA VAL BE 27 4.81 -94.30 75.15
C VAL BE 27 4.63 -93.53 73.86
N ASN BE 28 4.62 -92.22 73.95
CA ASN BE 28 4.67 -91.44 72.74
C ASN BE 28 6.05 -91.52 72.13
N PRO BE 29 6.20 -92.14 70.96
CA PRO BE 29 7.55 -92.28 70.38
C PRO BE 29 8.13 -90.98 69.90
N THR BE 30 7.30 -90.02 69.49
CA THR BE 30 7.83 -88.76 68.97
C THR BE 30 8.76 -88.10 69.97
N ASN BE 31 8.21 -87.58 71.06
CA ASN BE 31 9.02 -87.06 72.13
C ASN BE 31 9.73 -88.15 72.91
N GLY BE 32 9.38 -89.41 72.68
CA GLY BE 32 9.98 -90.49 73.44
C GLY BE 32 9.67 -90.40 74.91
N VAL BE 33 8.38 -90.32 75.26
CA VAL BE 33 7.96 -90.11 76.64
C VAL BE 33 6.89 -91.13 76.98
N ALA BE 34 7.09 -91.84 78.09
CA ALA BE 34 6.11 -92.75 78.61
C ALA BE 34 4.98 -92.00 79.28
N SER BE 35 3.85 -92.69 79.46
CA SER BE 35 2.70 -92.10 80.09
C SER BE 35 2.04 -93.13 81.00
N LEU BE 36 1.57 -92.67 82.15
CA LEU BE 36 0.86 -93.50 83.11
C LEU BE 36 -0.39 -92.79 83.53
N SER BE 37 -1.43 -93.54 83.88
CA SER BE 37 -2.65 -92.89 84.32
C SER BE 37 -3.42 -93.77 85.29
N GLN BE 38 -4.12 -93.09 86.19
CA GLN BE 38 -5.22 -93.70 86.90
C GLN BE 38 -6.28 -94.15 85.89
N ALA BE 39 -6.98 -95.23 86.22
CA ALA BE 39 -8.13 -95.62 85.42
C ALA BE 39 -9.38 -95.00 86.03
N GLY BE 40 -9.86 -93.97 85.35
CA GLY BE 40 -11.10 -93.31 85.72
C GLY BE 40 -12.18 -93.57 84.70
N ALA BE 41 -13.13 -92.64 84.65
CA ALA BE 41 -14.11 -92.65 83.59
C ALA BE 41 -13.61 -91.86 82.38
N VAL BE 42 -13.44 -90.56 82.54
CA VAL BE 42 -13.05 -89.70 81.44
C VAL BE 42 -11.55 -89.49 81.47
N PRO BE 43 -10.83 -89.88 80.43
CA PRO BE 43 -9.38 -89.64 80.39
C PRO BE 43 -8.99 -88.21 80.69
N ALA BE 44 -9.71 -87.23 80.15
CA ALA BE 44 -9.48 -85.84 80.51
C ALA BE 44 -9.50 -85.63 82.01
N LEU BE 45 -10.37 -86.32 82.73
CA LEU BE 45 -10.41 -86.23 84.18
C LEU BE 45 -9.31 -87.07 84.83
N GLU BE 46 -8.88 -88.14 84.17
CA GLU BE 46 -8.00 -89.11 84.81
C GLU BE 46 -6.64 -88.51 85.08
N LYS BE 47 -6.06 -88.90 86.21
CA LYS BE 47 -4.75 -88.39 86.63
C LYS BE 47 -3.73 -88.88 85.63
N ARG BE 48 -2.71 -88.08 85.36
CA ARG BE 48 -1.68 -88.46 84.42
C ARG BE 48 -0.31 -88.38 85.06
N VAL BE 49 0.57 -89.29 84.65
CA VAL BE 49 1.95 -89.30 85.11
C VAL BE 49 2.84 -89.55 83.90
N THR BE 50 3.84 -88.70 83.73
CA THR BE 50 4.72 -88.74 82.58
C THR BE 50 6.16 -88.81 83.03
N VAL BE 51 6.91 -89.74 82.44
CA VAL BE 51 8.34 -89.85 82.69
C VAL BE 51 9.06 -89.91 81.36
N SER BE 52 10.30 -89.46 81.37
CA SER BE 52 11.10 -89.48 80.16
C SER BE 52 12.57 -89.56 80.53
N VAL BE 53 13.34 -90.14 79.63
CA VAL BE 53 14.79 -90.11 79.74
C VAL BE 53 15.29 -89.26 78.60
N SER BE 54 16.61 -89.14 78.49
CA SER BE 54 17.21 -88.39 77.41
C SER BE 54 18.63 -88.89 77.21
N GLN BE 55 19.21 -88.53 76.09
CA GLN BE 55 20.60 -88.89 75.86
C GLN BE 55 21.34 -87.70 75.27
N PRO BE 56 22.60 -87.53 75.62
CA PRO BE 56 23.33 -86.33 75.20
C PRO BE 56 23.48 -86.29 73.69
N SER BE 57 23.36 -85.09 73.14
CA SER BE 57 23.47 -84.88 71.71
C SER BE 57 24.51 -83.79 71.47
N ARG BE 58 24.66 -83.40 70.21
CA ARG BE 58 25.46 -82.24 69.89
C ARG BE 58 24.91 -80.97 70.53
N ASN BE 59 23.63 -80.94 70.86
CA ASN BE 59 23.03 -79.81 71.54
C ASN BE 59 23.31 -79.78 73.03
N ARG BE 60 23.35 -80.94 73.69
CA ARG BE 60 23.59 -80.99 75.11
C ARG BE 60 24.35 -82.27 75.44
N LYS BE 61 25.30 -82.15 76.35
CA LYS BE 61 26.16 -83.27 76.74
C LYS BE 61 25.63 -83.93 78.00
N ASN BE 62 24.49 -83.48 78.48
CA ASN BE 62 23.99 -83.91 79.78
C ASN BE 62 22.73 -84.74 79.61
N TYR BE 63 22.52 -85.65 80.54
CA TYR BE 63 21.28 -86.42 80.56
C TYR BE 63 20.18 -85.61 81.24
N LYS BE 64 18.98 -85.70 80.69
CA LYS BE 64 17.80 -85.08 81.28
C LYS BE 64 16.80 -86.18 81.62
N VAL BE 65 16.27 -86.12 82.83
CA VAL BE 65 15.18 -86.99 83.23
C VAL BE 65 14.04 -86.09 83.68
N GLN BE 66 12.95 -86.12 82.93
CA GLN BE 66 11.82 -85.23 83.17
C GLN BE 66 10.63 -86.03 83.64
N VAL BE 67 9.99 -85.56 84.70
CA VAL BE 67 8.79 -86.19 85.24
C VAL BE 67 7.77 -85.11 85.50
N LYS BE 68 6.60 -85.25 84.89
CA LYS BE 68 5.52 -84.29 85.06
C LYS BE 68 4.28 -85.02 85.54
N ILE BE 69 3.51 -84.36 86.38
CA ILE BE 69 2.28 -84.91 86.93
C ILE BE 69 1.15 -83.93 86.68
N GLN BE 70 0.02 -84.43 86.22
CA GLN BE 70 -1.12 -83.61 85.87
C GLN BE 70 -2.34 -84.17 86.57
N ASN BE 71 -2.91 -83.38 87.49
CA ASN BE 71 -4.04 -83.80 88.31
C ASN BE 71 -5.13 -82.75 88.21
N PRO BE 72 -6.07 -82.90 87.31
CA PRO BE 72 -7.13 -81.90 87.16
C PRO BE 72 -8.07 -81.93 88.35
N THR BE 73 -9.01 -80.99 88.33
CA THR BE 73 -10.05 -80.91 89.33
C THR BE 73 -11.40 -81.01 88.65
N ALA BE 74 -12.10 -82.10 88.92
CA ALA BE 74 -13.39 -82.35 88.32
C ALA BE 74 -14.44 -81.46 88.96
N CYS BE 75 -15.27 -80.84 88.13
CA CYS BE 75 -16.49 -80.19 88.60
C CYS BE 75 -17.63 -81.16 88.27
N THR BE 76 -18.16 -81.81 89.31
CA THR BE 76 -19.17 -82.84 89.08
C THR BE 76 -20.44 -82.23 88.53
N ALA BE 77 -21.02 -81.28 89.25
CA ALA BE 77 -22.22 -80.58 88.78
C ALA BE 77 -21.78 -79.22 88.27
N ASN BE 78 -21.81 -79.07 86.95
CA ASN BE 78 -21.60 -77.78 86.31
C ASN BE 78 -22.93 -77.11 85.98
N GLY BE 79 -24.05 -77.72 86.39
CA GLY BE 79 -25.32 -77.36 85.81
C GLY BE 79 -25.57 -78.05 84.49
N SER BE 80 -24.65 -78.93 84.09
CA SER BE 80 -24.73 -79.65 82.83
C SER BE 80 -24.58 -81.13 83.14
N CYS BE 81 -24.92 -81.96 82.16
CA CYS BE 81 -24.93 -83.40 82.34
C CYS BE 81 -23.54 -84.02 82.46
N ASP BE 82 -22.49 -83.28 82.09
CA ASP BE 82 -21.17 -83.86 82.09
C ASP BE 82 -20.23 -83.05 82.97
N PRO BE 83 -19.33 -83.71 83.69
CA PRO BE 83 -18.36 -82.97 84.50
C PRO BE 83 -17.38 -82.23 83.60
N SER BE 84 -16.69 -81.27 84.18
CA SER BE 84 -15.78 -80.43 83.42
C SER BE 84 -14.52 -80.14 84.22
N VAL BE 85 -13.41 -79.99 83.50
CA VAL BE 85 -12.14 -79.64 84.12
C VAL BE 85 -12.26 -78.23 84.71
N THR BE 86 -11.83 -78.08 85.95
CA THR BE 86 -11.85 -76.76 86.56
C THR BE 86 -10.43 -76.22 86.76
N ARG BE 87 -9.71 -76.78 87.70
CA ARG BE 87 -8.33 -76.42 87.97
C ARG BE 87 -7.43 -77.56 87.54
N GLN BE 88 -6.24 -77.21 87.07
CA GLN BE 88 -5.30 -78.23 86.61
C GLN BE 88 -4.03 -78.10 87.44
N ALA BE 89 -3.76 -79.09 88.27
CA ALA BE 89 -2.57 -79.09 89.11
C ALA BE 89 -1.38 -79.56 88.29
N TYR BE 90 -0.32 -78.76 88.27
CA TYR BE 90 0.89 -79.13 87.55
C TYR BE 90 2.02 -79.42 88.52
N ALA BE 91 2.52 -80.65 88.45
CA ALA BE 91 3.68 -81.05 89.24
C ALA BE 91 4.76 -81.47 88.26
N ASP BE 92 5.88 -80.75 88.27
CA ASP BE 92 6.97 -80.99 87.34
C ASP BE 92 8.27 -81.22 88.09
N VAL BE 93 9.02 -82.23 87.65
CA VAL BE 93 10.30 -82.59 88.24
C VAL BE 93 11.25 -82.90 87.10
N THR BE 94 12.47 -82.39 87.19
CA THR BE 94 13.50 -82.64 86.20
C THR BE 94 14.78 -83.10 86.88
N PHE BE 95 15.68 -83.65 86.07
CA PHE BE 95 16.98 -84.07 86.55
C PHE BE 95 18.02 -83.81 85.49
N SER BE 96 19.20 -83.42 85.95
CA SER BE 96 20.33 -83.23 85.06
C SER BE 96 21.48 -84.06 85.59
N PHE BE 97 22.27 -84.62 84.67
CA PHE BE 97 23.42 -85.41 85.05
C PHE BE 97 24.48 -85.28 83.98
N THR BE 98 25.70 -85.60 84.37
CA THR BE 98 26.83 -85.55 83.47
C THR BE 98 27.20 -86.96 83.04
N GLN BE 99 27.71 -87.08 81.83
CA GLN BE 99 28.07 -88.37 81.30
C GLN BE 99 28.92 -89.17 82.25
N TYR BE 100 29.69 -88.51 83.12
CA TYR BE 100 30.49 -89.22 84.10
C TYR BE 100 29.76 -89.41 85.42
N SER BE 101 28.49 -89.01 85.51
CA SER BE 101 27.74 -89.16 86.75
C SER BE 101 27.75 -90.61 87.18
N THR BE 102 27.97 -90.84 88.48
CA THR BE 102 28.02 -92.22 88.94
C THR BE 102 26.65 -92.66 89.42
N ASP BE 103 26.58 -93.92 89.84
CA ASP BE 103 25.31 -94.48 90.27
C ASP BE 103 24.87 -93.89 91.60
N GLU BE 104 25.70 -94.03 92.62
CA GLU BE 104 25.27 -93.67 93.97
C GLU BE 104 24.92 -92.20 94.05
N GLU BE 105 25.70 -91.34 93.38
CA GLU BE 105 25.33 -89.94 93.29
C GLU BE 105 23.89 -89.78 92.88
N ARG BE 106 23.50 -90.40 91.76
CA ARG BE 106 22.13 -90.35 91.34
C ARG BE 106 21.22 -90.93 92.41
N ALA BE 107 21.50 -92.16 92.84
CA ALA BE 107 20.73 -92.75 93.93
C ALA BE 107 20.64 -91.81 95.11
N PHE BE 108 21.77 -91.19 95.49
CA PHE BE 108 21.73 -90.22 96.57
C PHE BE 108 20.72 -89.12 96.29
N VAL BE 109 20.64 -88.65 95.05
CA VAL BE 109 19.67 -87.62 94.73
C VAL BE 109 18.26 -88.13 94.91
N ARG BE 110 18.00 -89.35 94.46
CA ARG BE 110 16.63 -89.85 94.46
C ARG BE 110 16.04 -89.82 95.85
N THR BE 111 16.68 -90.49 96.79
CA THR BE 111 16.13 -90.57 98.14
C THR BE 111 15.93 -89.20 98.75
N GLU BE 112 17.00 -88.40 98.83
CA GLU BE 112 16.92 -87.13 99.53
C GLU BE 112 15.77 -86.26 99.05
N LEU BE 113 15.50 -86.24 97.76
CA LEU BE 113 14.35 -85.49 97.29
C LEU BE 113 13.08 -85.99 97.94
N ALA BE 114 12.91 -87.31 97.99
CA ALA BE 114 11.76 -87.87 98.68
C ALA BE 114 11.72 -87.44 100.14
N ALA BE 115 12.82 -87.61 100.85
CA ALA BE 115 12.86 -87.23 102.25
C ALA BE 115 12.40 -85.79 102.44
N LEU BE 116 12.88 -84.88 101.61
CA LEU BE 116 12.38 -83.51 101.66
C LEU BE 116 10.88 -83.47 101.54
N LEU BE 117 10.33 -84.20 100.58
CA LEU BE 117 8.88 -84.19 100.41
C LEU BE 117 8.17 -84.67 101.66
N ALA BE 118 8.80 -85.51 102.46
CA ALA BE 118 8.25 -85.88 103.75
C ALA BE 118 8.72 -84.94 104.86
N SER BE 119 9.66 -84.06 104.58
CA SER BE 119 10.15 -83.17 105.62
C SER BE 119 9.06 -82.21 106.05
N PRO BE 120 9.02 -81.85 107.34
CA PRO BE 120 8.06 -80.85 107.79
C PRO BE 120 8.24 -79.50 107.16
N LEU BE 121 9.41 -79.24 106.57
CA LEU BE 121 9.60 -77.96 105.91
C LEU BE 121 8.64 -77.80 104.74
N LEU BE 122 8.74 -78.69 103.76
CA LEU BE 122 8.00 -78.50 102.52
C LEU BE 122 6.49 -78.54 102.70
N ILE BE 123 6.00 -79.29 103.68
CA ILE BE 123 4.56 -79.45 103.80
C ILE BE 123 3.88 -78.11 103.97
N ASP BE 124 4.37 -77.25 104.85
CA ASP BE 124 3.86 -75.89 104.94
C ASP BE 124 4.08 -75.12 103.66
N ALA BE 125 5.27 -75.25 103.08
CA ALA BE 125 5.55 -74.68 101.78
C ALA BE 125 4.57 -75.16 100.72
N ILE BE 126 4.33 -76.46 100.62
CA ILE BE 126 3.40 -77.01 99.67
C ILE BE 126 1.96 -76.80 100.11
N ASP BE 127 1.56 -77.45 101.20
CA ASP BE 127 0.16 -77.46 101.57
C ASP BE 127 -0.36 -76.08 101.88
N GLN BE 128 0.30 -75.37 102.79
CA GLN BE 128 -0.18 -74.08 103.22
C GLN BE 128 0.45 -72.92 102.47
N LEU BE 129 1.26 -73.19 101.45
CA LEU BE 129 1.87 -72.16 100.62
C LEU BE 129 2.61 -71.15 101.49
N ASN BE 130 3.65 -71.63 102.16
CA ASN BE 130 4.32 -70.72 103.05
C ASN BE 130 5.81 -70.68 102.75
N PRO BE 131 6.40 -69.52 102.82
CA PRO BE 131 7.86 -69.43 102.71
C PRO BE 131 8.52 -69.99 103.95
N ALA BE 132 9.81 -69.72 104.08
CA ALA BE 132 10.70 -70.48 104.96
C ALA BE 132 10.63 -70.03 106.41
N TYR BE 133 9.74 -69.10 106.73
CA TYR BE 133 9.68 -68.59 108.09
C TYR BE 133 8.56 -69.25 108.87
N ALA CE 2 0.06 -103.04 75.64
CA ALA CE 2 1.29 -103.61 76.18
C ALA CE 2 2.36 -103.66 75.11
N LYS CE 3 3.45 -104.35 75.42
CA LYS CE 3 4.60 -104.45 74.54
C LYS CE 3 4.23 -105.18 73.27
N LEU CE 4 4.79 -104.69 72.15
CA LEU CE 4 4.75 -105.43 70.90
C LEU CE 4 5.37 -106.79 71.14
N GLU CE 5 4.69 -107.84 70.73
CA GLU CE 5 5.18 -109.19 70.91
C GLU CE 5 4.83 -110.02 69.71
N THR CE 6 5.29 -111.25 69.71
CA THR CE 6 4.84 -112.24 68.73
C THR CE 6 3.38 -112.47 69.04
N VAL CE 7 2.53 -112.31 68.02
CA VAL CE 7 1.10 -112.50 68.24
C VAL CE 7 0.69 -113.74 67.45
N THR CE 8 0.37 -114.81 68.17
CA THR CE 8 -0.12 -116.03 67.56
C THR CE 8 -1.62 -115.92 67.41
N LEU CE 9 -2.16 -116.44 66.32
CA LEU CE 9 -3.58 -116.43 66.08
C LEU CE 9 -4.02 -117.81 65.62
N GLY CE 10 -4.97 -118.38 66.35
CA GLY CE 10 -5.59 -119.62 65.96
C GLY CE 10 -6.97 -119.37 65.37
N ASN CE 11 -7.55 -120.42 64.81
CA ASN CE 11 -8.92 -120.37 64.31
C ASN CE 11 -9.07 -119.28 63.25
N ILE CE 12 -8.44 -119.51 62.11
CA ILE CE 12 -8.36 -118.53 61.05
C ILE CE 12 -8.89 -119.15 59.78
N GLY CE 13 -9.44 -118.32 58.90
CA GLY CE 13 -9.94 -118.77 57.62
C GLY CE 13 -11.22 -119.55 57.77
N LYS CE 14 -11.84 -119.80 56.61
CA LYS CE 14 -13.09 -120.55 56.57
C LYS CE 14 -12.96 -121.87 57.32
N ASP CE 15 -11.79 -122.51 57.23
CA ASP CE 15 -11.54 -123.72 57.99
C ASP CE 15 -11.55 -123.44 59.48
N GLY CE 16 -10.80 -122.42 59.92
CA GLY CE 16 -10.58 -122.25 61.34
C GLY CE 16 -9.45 -123.10 61.86
N LYS CE 17 -8.82 -123.89 60.99
CA LYS CE 17 -7.60 -124.59 61.38
C LYS CE 17 -6.38 -123.77 61.03
N GLN CE 18 -6.55 -122.68 60.30
CA GLN CE 18 -5.46 -121.81 59.94
C GLN CE 18 -4.93 -121.10 61.17
N THR CE 19 -3.62 -120.94 61.22
CA THR CE 19 -2.96 -120.22 62.30
C THR CE 19 -1.98 -119.21 61.70
N LEU CE 20 -1.72 -118.16 62.47
CA LEU CE 20 -0.83 -117.11 61.99
C LEU CE 20 -0.08 -116.50 63.16
N VAL CE 21 1.18 -116.20 62.95
CA VAL CE 21 1.98 -115.49 63.92
C VAL CE 21 2.39 -114.15 63.32
N LEU CE 22 2.60 -113.17 64.17
CA LEU CE 22 2.95 -111.81 63.74
C LEU CE 22 4.12 -111.32 64.56
N ASN CE 23 5.18 -111.00 63.90
CA ASN CE 23 6.26 -110.47 64.69
C ASN CE 23 6.16 -108.95 64.78
N PRO CE 24 6.59 -108.38 65.89
CA PRO CE 24 6.66 -106.93 65.98
C PRO CE 24 7.62 -106.38 64.94
N ARG CE 25 7.13 -105.41 64.18
CA ARG CE 25 7.93 -104.78 63.13
C ARG CE 25 8.55 -103.46 63.57
N GLY CE 26 8.34 -103.07 64.82
CA GLY CE 26 8.73 -101.73 65.25
C GLY CE 26 7.61 -100.75 65.00
N VAL CE 27 7.92 -99.48 65.24
CA VAL CE 27 6.93 -98.41 65.14
C VAL CE 27 7.51 -97.28 64.32
N ASN CE 28 6.79 -96.87 63.29
CA ASN CE 28 7.19 -95.66 62.60
C ASN CE 28 6.91 -94.46 63.47
N PRO CE 29 7.93 -93.74 63.94
CA PRO CE 29 7.67 -92.61 64.83
C PRO CE 29 7.03 -91.43 64.14
N THR CE 30 7.26 -91.26 62.84
CA THR CE 30 6.69 -90.10 62.14
C THR CE 30 5.19 -90.06 62.29
N ASN CE 31 4.49 -90.98 61.65
CA ASN CE 31 3.06 -91.10 61.83
C ASN CE 31 2.70 -91.66 63.19
N GLY CE 32 3.68 -92.18 63.94
CA GLY CE 32 3.39 -92.78 65.22
C GLY CE 32 2.52 -94.01 65.08
N VAL CE 33 2.93 -94.96 64.26
CA VAL CE 33 2.12 -96.13 63.96
C VAL CE 33 2.98 -97.38 64.13
N ALA CE 34 2.47 -98.33 64.89
CA ALA CE 34 3.11 -99.62 65.04
C ALA CE 34 2.89 -100.49 63.82
N SER CE 35 3.72 -101.50 63.68
CA SER CE 35 3.61 -102.41 62.55
C SER CE 35 3.86 -103.84 63.03
N LEU CE 36 3.10 -104.77 62.48
CA LEU CE 36 3.26 -106.19 62.78
C LEU CE 36 3.28 -106.95 61.47
N SER CE 37 3.97 -108.09 61.45
CA SER CE 37 4.02 -108.85 60.23
C SER CE 37 4.21 -110.33 60.53
N GLN CE 38 3.64 -111.14 59.64
CA GLN CE 38 4.07 -112.52 59.50
C GLN CE 38 5.53 -112.55 59.10
N ALA CE 39 6.22 -113.60 59.53
CA ALA CE 39 7.59 -113.81 59.06
C ALA CE 39 7.52 -114.74 57.86
N GLY CE 40 7.73 -114.14 56.69
CA GLY CE 40 7.81 -114.88 55.44
C GLY CE 40 9.21 -114.84 54.88
N ALA CE 41 9.27 -115.00 53.56
CA ALA CE 41 10.54 -114.79 52.87
C ALA CE 41 10.68 -113.34 52.46
N VAL CE 42 9.83 -112.87 51.56
CA VAL CE 42 9.93 -111.52 51.03
C VAL CE 42 8.98 -110.60 51.80
N PRO CE 43 9.51 -109.57 52.46
CA PRO CE 43 8.64 -108.63 53.17
C PRO CE 43 7.51 -108.09 52.33
N ALA CE 44 7.76 -107.75 51.07
CA ALA CE 44 6.70 -107.36 50.15
C ALA CE 44 5.58 -108.38 50.12
N LEU CE 45 5.92 -109.67 50.19
CA LEU CE 45 4.91 -110.71 50.22
C LEU CE 45 4.30 -110.88 51.61
N GLU CE 46 5.06 -110.55 52.65
CA GLU CE 46 4.65 -110.88 54.01
C GLU CE 46 3.43 -110.07 54.41
N LYS CE 47 2.54 -110.70 55.16
CA LYS CE 47 1.31 -110.07 55.63
C LYS CE 47 1.69 -108.94 56.56
N ARG CE 48 0.91 -107.87 56.53
CA ARG CE 48 1.19 -106.73 57.39
C ARG CE 48 -0.02 -106.39 58.23
N VAL CE 49 0.24 -105.92 59.45
CA VAL CE 49 -0.80 -105.47 60.36
C VAL CE 49 -0.34 -104.17 60.98
N THR CE 50 -1.19 -103.15 60.94
CA THR CE 50 -0.85 -101.82 61.41
C THR CE 50 -1.89 -101.36 62.41
N VAL CE 51 -1.43 -100.84 63.53
CA VAL CE 51 -2.32 -100.25 64.53
C VAL CE 51 -1.77 -98.88 64.90
N SER CE 52 -2.66 -98.01 65.33
CA SER CE 52 -2.27 -96.68 65.73
C SER CE 52 -3.26 -96.13 66.73
N VAL CE 53 -2.78 -95.25 67.59
CA VAL CE 53 -3.65 -94.50 68.47
C VAL CE 53 -3.57 -93.06 68.02
N SER CE 54 -4.26 -92.17 68.73
CA SER CE 54 -4.23 -90.75 68.42
C SER CE 54 -4.61 -89.99 69.66
N GLN CE 55 -4.35 -88.70 69.65
CA GLN CE 55 -4.75 -87.88 70.77
C GLN CE 55 -5.35 -86.58 70.25
N PRO CE 56 -6.35 -86.05 70.93
CA PRO CE 56 -7.05 -84.88 70.41
C PRO CE 56 -6.14 -83.68 70.34
N SER CE 57 -6.31 -82.90 69.28
CA SER CE 57 -5.50 -81.71 69.06
C SER CE 57 -6.45 -80.54 68.83
N ARG CE 58 -5.88 -79.38 68.51
CA ARG CE 58 -6.67 -78.26 68.07
C ARG CE 58 -7.46 -78.56 66.80
N ASN CE 59 -7.00 -79.53 66.01
CA ASN CE 59 -7.71 -79.96 64.81
C ASN CE 59 -8.89 -80.87 65.11
N ARG CE 60 -8.77 -81.76 66.09
CA ARG CE 60 -9.83 -82.69 66.41
C ARG CE 60 -9.81 -82.96 67.90
N LYS CE 61 -11.00 -83.04 68.48
CA LYS CE 61 -11.17 -83.25 69.92
C LYS CE 61 -11.40 -84.72 70.22
N ASN CE 62 -11.34 -85.56 69.21
CA ASN CE 62 -11.73 -86.95 69.35
C ASN CE 62 -10.53 -87.85 69.19
N TYR CE 63 -10.58 -88.99 69.86
CA TYR CE 63 -9.54 -90.01 69.69
C TYR CE 63 -9.82 -90.83 68.45
N LYS CE 64 -8.76 -91.15 67.71
CA LYS CE 64 -8.84 -92.03 66.56
C LYS CE 64 -7.98 -93.26 66.83
N VAL CE 65 -8.54 -94.43 66.56
CA VAL CE 65 -7.78 -95.66 66.59
C VAL CE 65 -7.94 -96.30 65.23
N GLN CE 66 -6.83 -96.40 64.50
CA GLN CE 66 -6.83 -96.88 63.13
C GLN CE 66 -6.11 -98.22 63.06
N VAL CE 67 -6.72 -99.18 62.39
CA VAL CE 67 -6.13 -100.48 62.19
C VAL CE 67 -6.30 -100.87 60.74
N LYS CE 68 -5.20 -101.13 60.06
CA LYS CE 68 -5.21 -101.52 58.66
C LYS CE 68 -4.50 -102.86 58.50
N ILE CE 69 -4.98 -103.67 57.58
CA ILE CE 69 -4.42 -104.98 57.30
C ILE CE 69 -4.15 -105.08 55.82
N GLN CE 70 -2.97 -105.58 55.47
CA GLN CE 70 -2.54 -105.66 54.09
C GLN CE 70 -2.08 -107.08 53.82
N ASN CE 71 -2.79 -107.79 52.94
CA ASN CE 71 -2.52 -109.19 52.64
C ASN CE 71 -2.41 -109.35 51.14
N PRO CE 72 -1.21 -109.28 50.58
CA PRO CE 72 -1.05 -109.41 49.14
C PRO CE 72 -1.33 -110.83 48.68
N THR CE 73 -1.29 -111.00 47.37
CA THR CE 73 -1.46 -112.31 46.74
C THR CE 73 -0.22 -112.61 45.93
N ALA CE 74 0.52 -113.62 46.37
CA ALA CE 74 1.75 -114.01 45.70
C ALA CE 74 1.43 -114.75 44.42
N CYS CE 75 2.12 -114.39 43.35
CA CYS CE 75 2.13 -115.20 42.12
C CYS CE 75 3.44 -115.96 42.16
N THR CE 76 3.37 -117.26 42.42
CA THR CE 76 4.57 -118.06 42.58
C THR CE 76 5.34 -118.15 41.26
N ALA CE 77 4.67 -118.66 40.22
CA ALA CE 77 5.28 -118.74 38.90
C ALA CE 77 4.70 -117.61 38.06
N ASN CE 78 5.53 -116.60 37.81
CA ASN CE 78 5.21 -115.55 36.87
C ASN CE 78 5.81 -115.82 35.50
N GLY CE 79 6.42 -116.98 35.31
CA GLY CE 79 7.32 -117.15 34.20
C GLY CE 79 8.70 -116.58 34.46
N SER CE 80 8.91 -116.09 35.67
CA SER CE 80 10.18 -115.49 36.08
C SER CE 80 10.64 -116.17 37.36
N CYS CE 81 11.90 -115.96 37.71
CA CYS CE 81 12.51 -116.64 38.84
C CYS CE 81 11.99 -116.15 40.19
N ASP CE 82 11.32 -115.01 40.23
CA ASP CE 82 10.90 -114.47 41.51
C ASP CE 82 9.38 -114.28 41.53
N PRO CE 83 8.75 -114.54 42.67
CA PRO CE 83 7.31 -114.29 42.78
C PRO CE 83 7.02 -112.80 42.72
N SER CE 84 5.78 -112.47 42.45
CA SER CE 84 5.37 -111.09 42.30
C SER CE 84 4.01 -110.84 42.92
N VAL CE 85 3.83 -109.63 43.41
CA VAL CE 85 2.55 -109.22 44.00
C VAL CE 85 1.52 -109.20 42.88
N THR CE 86 0.36 -109.78 43.14
CA THR CE 86 -0.70 -109.76 42.15
C THR CE 86 -1.87 -108.89 42.63
N ARG CE 87 -2.61 -109.38 43.61
CA ARG CE 87 -3.71 -108.65 44.19
C ARG CE 87 -3.35 -108.25 45.61
N GLN CE 88 -3.83 -107.09 46.03
CA GLN CE 88 -3.51 -106.60 47.36
C GLN CE 88 -4.82 -106.42 48.13
N ALA CE 89 -5.03 -107.25 49.14
CA ALA CE 89 -6.24 -107.19 49.95
C ALA CE 89 -6.07 -106.08 50.98
N TYR CE 90 -7.04 -105.17 51.02
CA TYR CE 90 -7.02 -104.08 51.99
C TYR CE 90 -8.13 -104.24 53.00
N ALA CE 91 -7.73 -104.36 54.26
CA ALA CE 91 -8.68 -104.42 55.36
C ALA CE 91 -8.40 -103.25 56.28
N ASP CE 92 -9.37 -102.35 56.42
CA ASP CE 92 -9.20 -101.13 57.19
C ASP CE 92 -10.29 -101.02 58.25
N VAL CE 93 -9.88 -100.65 59.45
CA VAL CE 93 -10.77 -100.48 60.58
C VAL CE 93 -10.36 -99.22 61.31
N THR CE 94 -11.34 -98.40 61.68
CA THR CE 94 -11.09 -97.18 62.42
C THR CE 94 -12.01 -97.11 63.63
N PHE CE 95 -11.67 -96.20 64.54
CA PHE CE 95 -12.48 -95.98 65.72
C PHE CE 95 -12.45 -94.50 66.08
N SER CE 96 -13.58 -94.01 66.54
CA SER CE 96 -13.69 -92.65 67.02
C SER CE 96 -14.25 -92.68 68.43
N PHE CE 97 -13.76 -91.78 69.27
CA PHE CE 97 -14.24 -91.69 70.63
C PHE CE 97 -14.14 -90.25 71.10
N THR CE 98 -14.90 -89.95 72.14
CA THR CE 98 -14.93 -88.63 72.72
C THR CE 98 -14.13 -88.64 74.00
N GLN CE 99 -13.51 -87.50 74.31
CA GLN CE 99 -12.70 -87.38 75.49
C GLN CE 99 -13.40 -87.89 76.72
N TYR CE 100 -14.73 -87.84 76.77
CA TYR CE 100 -15.47 -88.37 77.90
C TYR CE 100 -15.87 -89.83 77.71
N SER CE 101 -15.45 -90.45 76.63
CA SER CE 101 -15.82 -91.85 76.39
C SER CE 101 -15.39 -92.70 77.57
N THR CE 102 -16.25 -93.60 78.00
CA THR CE 102 -15.90 -94.42 79.15
C THR CE 102 -15.26 -95.72 78.68
N ASP CE 103 -14.88 -96.54 79.65
CA ASP CE 103 -14.20 -97.79 79.34
C ASP CE 103 -15.16 -98.80 78.72
N GLU CE 104 -16.24 -99.12 79.44
CA GLU CE 104 -17.10 -100.21 79.00
C GLU CE 104 -17.71 -99.93 77.65
N GLU CE 105 -18.11 -98.67 77.41
CA GLU CE 105 -18.56 -98.30 76.08
C GLU CE 105 -17.58 -98.76 75.02
N ARG CE 106 -16.32 -98.40 75.17
CA ARG CE 106 -15.30 -98.86 74.24
C ARG CE 106 -15.26 -100.38 74.23
N ALA CE 107 -15.08 -100.99 75.40
CA ALA CE 107 -15.11 -102.45 75.49
C ALA CE 107 -16.34 -103.01 74.80
N PHE CE 108 -17.50 -102.42 75.04
CA PHE CE 108 -18.70 -102.85 74.36
C PHE CE 108 -18.53 -102.83 72.86
N VAL CE 109 -17.89 -101.79 72.33
CA VAL CE 109 -17.67 -101.73 70.90
C VAL CE 109 -16.77 -102.85 70.44
N ARG CE 110 -15.70 -103.13 71.19
CA ARG CE 110 -14.73 -104.09 70.72
C ARG CE 110 -15.36 -105.45 70.46
N THR CE 111 -16.02 -106.02 71.46
CA THR CE 111 -16.58 -107.35 71.30
C THR CE 111 -17.59 -107.39 70.15
N GLU CE 112 -18.61 -106.54 70.21
CA GLU CE 112 -19.68 -106.63 69.23
C GLU CE 112 -19.18 -106.62 67.80
N LEU CE 113 -18.17 -105.81 67.49
CA LEU CE 113 -17.61 -105.86 66.16
C LEU CE 113 -17.12 -107.25 65.82
N ALA CE 114 -16.40 -107.87 66.75
CA ALA CE 114 -15.96 -109.24 66.53
C ALA CE 114 -17.15 -110.17 66.30
N ALA CE 115 -18.14 -110.12 67.19
CA ALA CE 115 -19.31 -110.97 67.03
C ALA CE 115 -19.91 -110.84 65.64
N LEU CE 116 -20.06 -109.62 65.16
CA LEU CE 116 -20.52 -109.43 63.78
C LEU CE 116 -19.64 -110.19 62.81
N LEU CE 117 -18.33 -110.08 62.96
CA LEU CE 117 -17.45 -110.78 62.04
C LEU CE 117 -17.67 -112.28 62.08
N ALA CE 118 -18.13 -112.81 63.20
CA ALA CE 118 -18.52 -114.20 63.26
C ALA CE 118 -20.00 -114.41 62.92
N SER CE 119 -20.76 -113.34 62.79
CA SER CE 119 -22.17 -113.48 62.49
C SER CE 119 -22.37 -114.07 61.10
N PRO CE 120 -23.40 -114.90 60.92
CA PRO CE 120 -23.69 -115.42 59.58
C PRO CE 120 -24.04 -114.33 58.59
N LEU CE 121 -24.39 -113.14 59.06
CA LEU CE 121 -24.69 -112.07 58.13
C LEU CE 121 -23.47 -111.70 57.31
N LEU CE 122 -22.40 -111.27 57.96
CA LEU CE 122 -21.27 -110.71 57.24
C LEU CE 122 -20.58 -111.72 56.36
N ILE CE 123 -20.58 -113.00 56.73
CA ILE CE 123 -19.82 -113.97 55.97
C ILE CE 123 -20.24 -113.98 54.51
N ASP CE 124 -21.54 -114.03 54.23
CA ASP CE 124 -22.00 -113.88 52.86
C ASP CE 124 -21.64 -112.53 52.28
N ALA CE 125 -21.84 -111.47 53.07
CA ALA CE 125 -21.39 -110.16 52.68
C ALA CE 125 -19.90 -110.12 52.35
N ILE CE 126 -19.06 -110.66 53.21
CA ILE CE 126 -17.63 -110.70 52.98
C ILE CE 126 -17.26 -111.77 51.96
N ASP CE 127 -17.46 -113.04 52.32
CA ASP CE 127 -16.95 -114.11 51.49
C ASP CE 127 -17.58 -114.13 50.11
N GLN CE 128 -18.90 -114.15 50.05
CA GLN CE 128 -19.60 -114.26 48.79
C GLN CE 128 -20.00 -112.92 48.21
N LEU CE 129 -19.61 -111.81 48.83
CA LEU CE 129 -19.90 -110.48 48.33
C LEU CE 129 -21.40 -110.32 48.08
N ASN CE 130 -22.16 -110.38 49.16
CA ASN CE 130 -23.59 -110.31 48.94
C ASN CE 130 -24.20 -109.23 49.81
N PRO CE 131 -25.14 -108.51 49.27
CA PRO CE 131 -25.90 -107.57 50.11
C PRO CE 131 -26.83 -108.29 51.06
N ALA CE 132 -27.73 -107.55 51.67
CA ALA CE 132 -28.42 -107.96 52.89
C ALA CE 132 -29.58 -108.90 52.62
N TYR CE 133 -29.80 -109.30 51.38
CA TYR CE 133 -30.95 -110.13 51.06
C TYR CE 133 -30.53 -111.59 50.95
N ALA DE 2 64.60 -106.61 47.39
CA ALA DE 2 64.02 -107.92 47.65
C ALA DE 2 62.76 -107.79 48.49
N LYS DE 3 62.27 -108.92 48.96
CA LYS DE 3 61.03 -108.99 49.72
C LYS DE 3 61.17 -108.24 51.03
N LEU DE 4 60.10 -107.55 51.40
CA LEU DE 4 59.98 -107.00 52.75
C LEU DE 4 60.12 -108.14 53.73
N GLU DE 5 60.98 -107.96 54.71
CA GLU DE 5 61.20 -108.99 55.71
C GLU DE 5 61.40 -108.34 57.07
N THR DE 6 61.54 -109.18 58.08
CA THR DE 6 61.97 -108.71 59.39
C THR DE 6 63.39 -108.22 59.21
N VAL DE 7 63.65 -106.98 59.60
CA VAL DE 7 64.98 -106.43 59.46
C VAL DE 7 65.56 -106.23 60.85
N THR DE 8 66.54 -107.05 61.20
CA THR DE 8 67.24 -106.92 62.46
C THR DE 8 68.38 -105.95 62.28
N LEU DE 9 68.63 -105.14 63.30
CA LEU DE 9 69.72 -104.18 63.27
C LEU DE 9 70.50 -104.27 64.56
N GLY DE 10 71.80 -104.52 64.45
CA GLY DE 10 72.69 -104.48 65.59
C GLY DE 10 73.49 -103.19 65.58
N ASN DE 11 74.22 -102.98 66.67
CA ASN DE 11 75.14 -101.85 66.79
C ASN DE 11 74.41 -100.53 66.56
N ILE DE 12 73.57 -100.19 67.53
CA ILE DE 12 72.69 -99.04 67.42
C ILE DE 12 72.92 -98.15 68.63
N GLY DE 13 72.69 -96.85 68.45
CA GLY DE 13 72.82 -95.91 69.54
C GLY DE 13 74.27 -95.66 69.90
N LYS DE 14 74.45 -94.64 70.74
CA LYS DE 14 75.79 -94.28 71.19
C LYS DE 14 76.51 -95.48 71.77
N ASP DE 15 75.79 -96.35 72.46
CA ASP DE 15 76.38 -97.58 72.96
C ASP DE 15 76.81 -98.49 71.82
N GLY DE 16 75.94 -98.72 70.86
CA GLY DE 16 76.21 -99.75 69.88
C GLY DE 16 75.82 -101.13 70.35
N LYS DE 17 75.31 -101.24 71.58
CA LYS DE 17 74.76 -102.50 72.03
C LYS DE 17 73.26 -102.56 71.76
N GLN DE 18 72.68 -101.45 71.34
CA GLN DE 18 71.26 -101.39 71.02
C GLN DE 18 70.99 -102.20 69.76
N THR DE 19 69.85 -102.89 69.77
CA THR DE 19 69.40 -103.66 68.63
C THR DE 19 67.95 -103.32 68.33
N LEU DE 20 67.57 -103.50 67.07
CA LEU DE 20 66.22 -103.17 66.65
C LEU DE 20 65.78 -104.12 65.55
N VAL DE 21 64.52 -104.52 65.59
CA VAL DE 21 63.92 -105.30 64.54
C VAL DE 21 62.79 -104.49 63.93
N LEU DE 22 62.52 -104.74 62.65
CA LEU DE 22 61.51 -104.00 61.91
C LEU DE 22 60.62 -104.99 61.17
N ASN DE 23 59.37 -104.96 61.45
CA ASN DE 23 58.54 -105.87 60.68
C ASN DE 23 58.03 -105.16 59.43
N PRO DE 24 57.84 -105.91 58.36
CA PRO DE 24 57.19 -105.32 57.18
C PRO DE 24 55.78 -104.88 57.50
N ARG DE 25 55.49 -103.63 57.16
CA ARG DE 25 54.18 -103.06 57.41
C ARG DE 25 53.28 -103.08 56.19
N GLY DE 26 53.74 -103.65 55.08
CA GLY DE 26 53.03 -103.55 53.83
C GLY DE 26 53.44 -102.30 53.09
N VAL DE 27 52.74 -102.05 51.99
CA VAL DE 27 53.06 -100.94 51.11
C VAL DE 27 51.80 -100.16 50.80
N ASN DE 28 51.85 -98.86 51.03
CA ASN DE 28 50.74 -98.04 50.56
C ASN DE 28 50.79 -97.92 49.06
N PRO DE 29 49.82 -98.48 48.33
CA PRO DE 29 49.88 -98.43 46.87
C PRO DE 29 49.66 -97.05 46.30
N THR DE 30 48.91 -96.19 47.00
CA THR DE 30 48.64 -94.87 46.46
C THR DE 30 49.92 -94.12 46.15
N ASN DE 31 50.64 -93.72 47.18
CA ASN DE 31 51.94 -93.11 46.99
C ASN DE 31 52.98 -94.13 46.54
N GLY DE 32 52.67 -95.42 46.60
CA GLY DE 32 53.64 -96.43 46.25
C GLY DE 32 54.82 -96.43 47.18
N VAL DE 33 54.58 -96.53 48.48
CA VAL DE 33 55.64 -96.42 49.47
C VAL DE 33 55.52 -97.57 50.44
N ALA DE 34 56.63 -98.27 50.65
CA ALA DE 34 56.69 -99.34 51.64
C ALA DE 34 56.79 -98.76 53.04
N SER DE 35 56.48 -99.59 54.03
CA SER DE 35 56.54 -99.17 55.41
C SER DE 35 57.11 -100.31 56.26
N LEU DE 36 57.93 -99.94 57.23
CA LEU DE 36 58.51 -100.89 58.16
C LEU DE 36 58.33 -100.35 59.57
N SER DE 37 58.22 -101.25 60.54
CA SER DE 37 58.07 -100.78 61.90
C SER DE 37 58.64 -101.77 62.89
N GLN DE 38 59.12 -101.22 63.99
CA GLN DE 38 59.30 -102.00 65.20
C GLN DE 38 57.96 -102.54 65.66
N ALA DE 39 57.99 -103.71 66.28
CA ALA DE 39 56.77 -104.23 66.91
C ALA DE 39 56.77 -103.79 68.37
N GLY DE 40 55.91 -102.81 68.64
CA GLY DE 40 55.70 -102.34 69.99
C GLY DE 40 54.32 -102.70 70.49
N ALA DE 41 53.84 -101.90 71.43
CA ALA DE 41 52.45 -102.01 71.85
C ALA DE 41 51.56 -101.13 70.98
N VAL DE 42 51.74 -99.82 71.08
CA VAL DE 42 50.89 -98.88 70.37
C VAL DE 42 51.56 -98.47 69.06
N PRO DE 43 50.94 -98.73 67.91
CA PRO DE 43 51.53 -98.32 66.64
C PRO DE 43 51.92 -96.86 66.60
N ALA DE 44 51.10 -95.96 67.14
CA ALA DE 44 51.47 -94.57 67.27
C ALA DE 44 52.81 -94.40 67.96
N LEU DE 45 53.11 -95.23 68.96
CA LEU DE 45 54.39 -95.19 69.62
C LEU DE 45 55.48 -95.90 68.83
N GLU DE 46 55.10 -96.87 68.02
CA GLU DE 46 56.08 -97.74 67.39
C GLU DE 46 56.90 -96.97 66.36
N LYS DE 47 58.19 -97.32 66.28
CA LYS DE 47 59.11 -96.66 65.37
C LYS DE 47 58.66 -96.99 63.94
N ARG DE 48 58.83 -96.04 63.04
CA ARG DE 48 58.45 -96.26 61.66
C ARG DE 48 59.61 -96.03 60.72
N VAL DE 49 59.65 -96.80 59.64
CA VAL DE 49 60.65 -96.65 58.60
C VAL DE 49 59.96 -96.73 57.26
N THR DE 50 60.21 -95.75 56.40
CA THR DE 50 59.55 -95.65 55.12
C THR DE 50 60.58 -95.56 54.01
N VAL DE 51 60.40 -96.35 52.97
CA VAL DE 51 61.25 -96.29 51.79
C VAL DE 51 60.36 -96.21 50.57
N SER DE 52 60.90 -95.61 49.51
CA SER DE 52 60.15 -95.48 48.28
C SER DE 52 61.12 -95.38 47.12
N VAL DE 53 60.65 -95.83 45.96
CA VAL DE 53 61.39 -95.62 44.72
C VAL DE 53 60.54 -94.67 43.89
N SER DE 54 61.00 -94.38 42.68
CA SER DE 54 60.27 -93.52 41.78
C SER DE 54 60.72 -93.83 40.37
N GLN DE 55 59.96 -93.36 39.40
CA GLN DE 55 60.35 -93.53 38.02
C GLN DE 55 60.11 -92.25 37.26
N PRO DE 56 60.97 -91.91 36.31
CA PRO DE 56 60.86 -90.62 35.63
C PRO DE 56 59.57 -90.52 34.85
N SER DE 57 58.98 -89.33 34.88
CA SER DE 57 57.74 -89.06 34.19
C SER DE 57 57.93 -87.84 33.30
N ARG DE 58 56.85 -87.40 32.67
CA ARG DE 58 56.87 -86.13 31.97
C ARG DE 58 57.18 -84.96 32.89
N ASN DE 59 56.92 -85.12 34.20
CA ASN DE 59 57.24 -84.09 35.17
C ASN DE 59 58.71 -84.07 35.56
N ARG DE 60 59.35 -85.23 35.67
CA ARG DE 60 60.74 -85.29 36.06
C ARG DE 60 61.40 -86.47 35.35
N LYS DE 61 62.63 -86.26 34.91
CA LYS DE 61 63.39 -87.25 34.17
C LYS DE 61 64.31 -88.04 35.10
N ASN DE 62 64.24 -87.75 36.39
CA ASN DE 62 65.20 -88.28 37.33
C ASN DE 62 64.53 -89.26 38.27
N TYR DE 63 65.31 -90.22 38.75
CA TYR DE 63 64.82 -91.13 39.77
C TYR DE 63 64.93 -90.50 41.14
N LYS DE 64 63.92 -90.72 41.97
CA LYS DE 64 63.93 -90.29 43.35
C LYS DE 64 63.83 -91.51 44.24
N VAL DE 65 64.68 -91.57 45.26
CA VAL DE 65 64.61 -92.58 46.29
C VAL DE 65 64.49 -91.85 47.61
N GLN DE 66 63.35 -91.99 48.26
CA GLN DE 66 63.05 -91.26 49.48
C GLN DE 66 62.99 -92.23 50.65
N VAL DE 67 63.65 -91.88 51.74
CA VAL DE 67 63.64 -92.68 52.96
C VAL DE 67 63.40 -91.75 54.12
N LYS DE 68 62.35 -92.01 54.88
CA LYS DE 68 62.01 -91.22 56.05
C LYS DE 68 61.93 -92.11 57.27
N ILE DE 69 62.33 -91.58 58.41
CA ILE DE 69 62.31 -92.31 59.67
C ILE DE 69 61.58 -91.47 60.70
N GLN DE 70 60.69 -92.10 61.43
CA GLN DE 70 59.85 -91.43 62.41
C GLN DE 70 59.97 -92.17 63.74
N ASN DE 71 60.53 -91.48 64.74
CA ASN DE 71 60.79 -92.07 66.05
C ASN DE 71 60.20 -91.15 67.11
N PRO DE 72 58.99 -91.41 67.55
CA PRO DE 72 58.36 -90.56 68.56
C PRO DE 72 59.03 -90.73 69.91
N THR DE 73 58.58 -89.94 70.86
CA THR DE 73 59.04 -90.01 72.24
C THR DE 73 57.84 -90.27 73.13
N ALA DE 74 57.81 -91.45 73.73
CA ALA DE 74 56.72 -91.84 74.59
C ALA DE 74 56.82 -91.12 75.92
N CYS DE 75 55.69 -90.59 76.39
CA CYS DE 75 55.58 -90.12 77.77
C CYS DE 75 54.82 -91.21 78.51
N THR DE 76 55.54 -91.96 79.34
CA THR DE 76 54.93 -93.10 80.01
C THR DE 76 53.86 -92.65 81.00
N ALA DE 77 54.23 -91.80 81.94
CA ALA DE 77 53.27 -91.26 82.89
C ALA DE 77 52.96 -89.84 82.46
N ASN DE 78 51.76 -89.65 81.93
CA ASN DE 78 51.23 -88.32 81.65
C ASN DE 78 50.35 -87.83 82.78
N GLY DE 79 50.25 -88.58 83.87
CA GLY DE 79 49.17 -88.38 84.80
C GLY DE 79 47.89 -89.05 84.37
N SER DE 80 47.95 -89.80 83.26
CA SER DE 80 46.80 -90.49 82.70
C SER DE 80 47.19 -91.94 82.49
N CYS DE 81 46.18 -92.77 82.27
CA CYS DE 81 46.39 -94.22 82.17
C CYS DE 81 47.10 -94.64 80.90
N ASP DE 82 47.20 -93.76 79.91
CA ASP DE 82 47.80 -94.17 78.65
C ASP DE 82 48.98 -93.27 78.30
N PRO DE 83 50.03 -93.83 77.72
CA PRO DE 83 51.15 -93.00 77.29
C PRO DE 83 50.74 -92.11 76.13
N SER DE 84 51.54 -91.09 75.89
CA SER DE 84 51.22 -90.11 74.86
C SER DE 84 52.48 -89.68 74.12
N VAL DE 85 52.30 -89.36 72.85
CA VAL DE 85 53.40 -88.87 72.01
C VAL DE 85 53.83 -87.52 72.56
N THR DE 86 55.13 -87.33 72.72
CA THR DE 86 55.64 -86.05 73.18
C THR DE 86 56.40 -85.35 72.07
N ARG DE 87 57.59 -85.84 71.76
CA ARG DE 87 58.41 -85.30 70.69
C ARG DE 87 58.46 -86.30 69.55
N GLN DE 88 58.53 -85.78 68.33
CA GLN DE 88 58.55 -86.65 67.17
C GLN DE 88 59.84 -86.39 66.40
N ALA DE 89 60.74 -87.36 66.40
CA ALA DE 89 62.01 -87.23 65.70
C ALA DE 89 61.79 -87.52 64.22
N TYR DE 90 62.21 -86.60 63.37
CA TYR DE 90 62.10 -86.78 61.94
C TYR DE 90 63.47 -86.94 61.30
N ALA DE 91 63.65 -88.09 60.67
CA ALA DE 91 64.88 -88.37 59.92
C ALA DE 91 64.49 -88.61 58.48
N ASP DE 92 64.96 -87.75 57.58
CA ASP DE 92 64.59 -87.82 56.17
C ASP DE 92 65.83 -87.90 55.31
N VAL DE 93 65.79 -88.80 54.32
CA VAL DE 93 66.88 -88.99 53.38
C VAL DE 93 66.28 -89.15 51.99
N THR DE 94 66.87 -88.49 51.01
CA THR DE 94 66.43 -88.57 49.64
C THR DE 94 67.60 -88.88 48.73
N PHE DE 95 67.28 -89.27 47.50
CA PHE DE 95 68.29 -89.54 46.50
C PHE DE 95 67.77 -89.12 45.14
N SER DE 96 68.68 -88.59 44.33
CA SER DE 96 68.37 -88.23 42.97
C SER DE 96 69.36 -88.92 42.05
N PHE DE 97 68.89 -89.34 40.89
CA PHE DE 97 69.75 -89.99 39.92
C PHE DE 97 69.25 -89.70 38.53
N THR DE 98 70.13 -89.86 37.56
CA THR DE 98 69.81 -89.64 36.18
C THR DE 98 69.63 -90.98 35.48
N GLN DE 99 68.75 -90.99 34.49
CA GLN DE 99 68.46 -92.21 33.76
C GLN DE 99 69.72 -92.92 33.32
N TYR DE 100 70.81 -92.19 33.09
CA TYR DE 100 72.06 -92.82 32.70
C TYR DE 100 72.94 -93.14 33.91
N SER DE 101 72.46 -92.92 35.12
CA SER DE 101 73.26 -93.19 36.31
C SER DE 101 73.71 -94.65 36.30
N THR DE 102 74.97 -94.88 36.63
CA THR DE 102 75.45 -96.26 36.60
C THR DE 102 75.31 -96.89 37.98
N ASP DE 103 75.69 -98.16 38.06
CA ASP DE 103 75.54 -98.89 39.31
C ASP DE 103 76.53 -98.40 40.35
N GLU DE 104 77.82 -98.46 40.03
CA GLU DE 104 78.84 -98.19 41.05
C GLU DE 104 78.72 -96.78 41.59
N GLU DE 105 78.42 -95.82 40.72
CA GLU DE 105 78.14 -94.47 41.18
C GLU DE 105 77.14 -94.50 42.32
N ARG DE 106 76.00 -95.12 42.09
CA ARG DE 106 75.01 -95.25 43.16
C ARG DE 106 75.61 -95.96 44.34
N ALA DE 107 76.16 -97.16 44.13
CA ALA DE 107 76.82 -97.88 45.20
C ALA DE 107 77.82 -96.99 45.91
N PHE DE 108 78.62 -96.24 45.16
CA PHE DE 108 79.55 -95.31 45.77
C PHE DE 108 78.84 -94.35 46.70
N VAL DE 109 77.67 -93.86 46.30
CA VAL DE 109 76.93 -92.95 47.15
C VAL DE 109 76.50 -93.65 48.43
N ARG DE 110 76.01 -94.88 48.31
CA ARG DE 110 75.44 -95.55 49.47
C ARG DE 110 76.44 -95.65 50.61
N THR DE 111 77.59 -96.25 50.35
CA THR DE 111 78.56 -96.45 51.41
C THR DE 111 78.99 -95.12 52.03
N GLU DE 112 79.48 -94.20 51.21
CA GLU DE 112 80.06 -92.96 51.75
C GLU DE 112 79.10 -92.25 52.69
N LEU DE 113 77.82 -92.22 52.37
CA LEU DE 113 76.87 -91.61 53.30
C LEU DE 113 76.93 -92.30 54.65
N ALA DE 114 76.95 -93.63 54.65
CA ALA DE 114 77.08 -94.35 55.90
C ALA DE 114 78.36 -93.97 56.62
N ALA DE 115 79.50 -94.03 55.91
CA ALA DE 115 80.76 -93.68 56.54
C ALA DE 115 80.69 -92.32 57.22
N LEU DE 116 80.12 -91.32 56.54
CA LEU DE 116 79.91 -90.03 57.19
C LEU DE 116 79.14 -90.19 58.48
N LEU DE 117 78.07 -90.96 58.47
CA LEU DE 117 77.29 -91.14 59.69
C LEU DE 117 78.12 -91.73 60.80
N ALA DE 118 79.14 -92.51 60.47
CA ALA DE 118 80.09 -92.97 61.47
C ALA DE 118 81.26 -92.04 61.66
N SER DE 119 81.39 -91.03 60.81
CA SER DE 119 82.50 -90.11 60.93
C SER DE 119 82.40 -89.31 62.23
N PRO DE 120 83.52 -89.00 62.86
CA PRO DE 120 83.50 -88.15 64.05
C PRO DE 120 82.96 -86.76 63.78
N LEU DE 121 82.92 -86.35 62.52
CA LEU DE 121 82.37 -85.03 62.22
C LEU DE 121 80.89 -84.96 62.59
N LEU DE 122 80.08 -85.80 61.98
CA LEU DE 122 78.64 -85.67 62.12
C LEU DE 122 78.16 -85.90 63.55
N ILE DE 123 78.85 -86.75 64.31
CA ILE DE 123 78.34 -87.09 65.62
C ILE DE 123 78.15 -85.86 66.48
N ASP DE 124 79.14 -84.97 66.54
CA ASP DE 124 78.96 -83.70 67.21
C ASP DE 124 77.88 -82.87 66.55
N ALA DE 125 77.88 -82.82 65.22
CA ALA DE 125 76.80 -82.18 64.49
C ALA DE 125 75.45 -82.76 64.85
N ILE DE 126 75.30 -84.06 64.84
CA ILE DE 126 74.04 -84.70 65.19
C ILE DE 126 73.82 -84.70 66.70
N ASP DE 127 74.64 -85.43 67.43
CA ASP DE 127 74.37 -85.63 68.85
C ASP DE 127 74.39 -84.33 69.63
N GLN DE 128 75.47 -83.59 69.53
CA GLN DE 128 75.61 -82.37 70.31
C GLN DE 128 75.16 -81.13 69.57
N LEU DE 129 74.62 -81.25 68.37
CA LEU DE 129 74.10 -80.12 67.60
C LEU DE 129 75.17 -79.05 67.45
N ASN DE 130 76.24 -79.42 66.75
CA ASN DE 130 77.30 -78.45 66.66
C ASN DE 130 77.67 -78.21 65.20
N PRO DE 131 77.95 -76.99 64.85
CA PRO DE 131 78.48 -76.70 63.52
C PRO DE 131 79.92 -77.20 63.39
N ALA DE 132 80.58 -76.78 62.32
CA ALA DE 132 81.77 -77.44 61.81
C ALA DE 132 83.03 -77.05 62.55
N TYR DE 133 82.91 -76.26 63.61
CA TYR DE 133 84.09 -75.79 64.31
C TYR DE 133 84.33 -76.62 65.57
N ALA EE 2 48.38 -110.22 55.95
CA ALA EE 2 49.27 -111.05 55.15
C ALA EE 2 48.89 -110.99 53.68
N LYS EE 3 49.49 -111.87 52.89
CA LYS EE 3 49.28 -111.90 51.45
C LYS EE 3 47.84 -112.25 51.13
N LEU EE 4 47.32 -111.60 50.11
CA LEU EE 4 46.06 -112.01 49.50
C LEU EE 4 46.20 -113.46 49.07
N GLU EE 5 45.24 -114.28 49.45
CA GLU EE 5 45.26 -115.68 49.11
C GLU EE 5 43.85 -116.16 48.80
N THR EE 6 43.76 -117.41 48.39
CA THR EE 6 42.46 -118.06 48.29
C THR EE 6 41.94 -118.17 49.71
N VAL EE 7 40.74 -117.66 49.94
CA VAL EE 7 40.17 -117.72 51.27
C VAL EE 7 38.99 -118.68 51.24
N THR EE 8 39.14 -119.83 51.86
CA THR EE 8 38.07 -120.79 51.97
C THR EE 8 37.26 -120.46 53.21
N LEU EE 9 35.95 -120.64 53.11
CA LEU EE 9 35.05 -120.39 54.23
C LEU EE 9 34.09 -121.55 54.37
N GLY EE 10 34.08 -122.15 55.56
CA GLY EE 10 33.12 -123.17 55.90
C GLY EE 10 32.03 -122.61 56.79
N ASN EE 11 31.00 -123.42 57.01
CA ASN EE 11 29.93 -123.08 57.94
C ASN EE 11 29.28 -121.75 57.55
N ILE EE 12 28.56 -121.79 56.44
CA ILE EE 12 27.99 -120.60 55.83
C ILE EE 12 26.50 -120.83 55.65
N GLY EE 13 25.73 -119.76 55.69
CA GLY EE 13 24.31 -119.83 55.48
C GLY EE 13 23.59 -120.44 56.66
N LYS EE 14 22.27 -120.34 56.61
CA LYS EE 14 21.43 -120.89 57.68
C LYS EE 14 21.76 -122.34 57.93
N ASP EE 15 22.08 -123.09 56.87
CA ASP EE 15 22.50 -124.47 57.03
C ASP EE 15 23.82 -124.55 57.78
N GLY EE 16 24.81 -123.77 57.36
CA GLY EE 16 26.15 -123.97 57.88
C GLY EE 16 26.90 -125.06 57.15
N LYS EE 17 26.28 -125.69 56.18
CA LYS EE 17 27.00 -126.62 55.32
C LYS EE 17 27.53 -125.92 54.08
N GLN EE 18 27.12 -124.67 53.88
CA GLN EE 18 27.58 -123.88 52.75
C GLN EE 18 29.06 -123.55 52.92
N THR EE 19 29.78 -123.59 51.80
CA THR EE 19 31.18 -123.23 51.77
C THR EE 19 31.43 -122.25 50.64
N LEU EE 20 32.48 -121.44 50.79
CA LEU EE 20 32.80 -120.43 49.80
C LEU EE 20 34.30 -120.23 49.74
N VAL EE 21 34.81 -120.03 48.54
CA VAL EE 21 36.20 -119.69 48.34
C VAL EE 21 36.26 -118.32 47.69
N LEU EE 22 37.34 -117.60 47.94
CA LEU EE 22 37.51 -116.24 47.44
C LEU EE 22 38.89 -116.11 46.83
N ASN EE 23 38.93 -115.78 45.59
CA ASN EE 23 40.26 -115.59 45.05
C ASN EE 23 40.69 -114.14 45.21
N PRO EE 24 41.98 -113.91 45.38
CA PRO EE 24 42.48 -112.54 45.37
C PRO EE 24 42.24 -111.89 44.02
N ARG EE 25 41.62 -110.71 44.07
CA ARG EE 25 41.30 -109.96 42.86
C ARG EE 25 42.32 -108.88 42.56
N GLY EE 26 43.37 -108.76 43.36
CA GLY EE 26 44.27 -107.64 43.26
C GLY EE 26 43.78 -106.48 44.10
N VAL EE 27 44.47 -105.35 43.96
CA VAL EE 27 44.19 -104.17 44.77
C VAL EE 27 44.09 -102.96 43.87
N ASN EE 28 43.00 -102.24 43.98
CA ASN EE 28 42.95 -100.95 43.29
C ASN EE 28 43.86 -99.97 43.98
N PRO EE 29 44.94 -99.52 43.35
CA PRO EE 29 45.86 -98.61 44.01
C PRO EE 29 45.29 -97.22 44.23
N THR EE 30 44.36 -96.78 43.38
CA THR EE 30 43.82 -95.44 43.53
C THR EE 30 43.23 -95.23 44.91
N ASN EE 31 42.11 -95.87 45.18
CA ASN EE 31 41.53 -95.85 46.51
C ASN EE 31 42.35 -96.67 47.49
N GLY EE 32 43.30 -97.46 47.02
CA GLY EE 32 44.06 -98.32 47.91
C GLY EE 32 43.20 -99.34 48.59
N VAL EE 33 42.45 -100.12 47.82
CA VAL EE 33 41.50 -101.08 48.37
C VAL EE 33 41.72 -102.42 47.69
N ALA EE 34 41.86 -103.46 48.51
CA ALA EE 34 41.95 -104.82 48.02
C ALA EE 34 40.58 -105.33 47.60
N SER EE 35 40.59 -106.39 46.79
CA SER EE 35 39.35 -106.99 46.32
C SER EE 35 39.50 -108.51 46.34
N LEU EE 36 38.41 -109.17 46.71
CA LEU EE 36 38.36 -110.63 46.71
C LEU EE 36 37.08 -111.06 46.05
N SER EE 37 37.10 -112.24 45.42
CA SER EE 37 35.88 -112.69 44.77
C SER EE 37 35.83 -114.20 44.75
N GLN EE 38 34.60 -114.71 44.79
CA GLN EE 38 34.32 -116.06 44.34
C GLN EE 38 34.69 -116.19 42.87
N ALA EE 39 35.11 -117.39 42.48
CA ALA EE 39 35.31 -117.65 41.06
C ALA EE 39 34.02 -118.26 40.51
N GLY EE 40 33.31 -117.43 39.75
CA GLY EE 40 32.12 -117.85 39.06
C GLY EE 40 32.33 -117.87 37.56
N ALA EE 41 31.22 -117.73 36.85
CA ALA EE 41 31.31 -117.52 35.41
C ALA EE 41 31.44 -116.04 35.08
N VAL EE 42 30.40 -115.27 35.38
CA VAL EE 42 30.37 -113.86 35.03
C VAL EE 42 30.80 -113.04 36.24
N PRO EE 43 31.89 -112.26 36.13
CA PRO EE 43 32.30 -111.42 37.24
C PRO EE 43 31.20 -110.55 37.80
N ALA EE 44 30.36 -109.96 36.95
CA ALA EE 44 29.20 -109.23 37.42
C ALA EE 44 28.34 -110.06 38.36
N LEU EE 45 28.22 -111.35 38.09
CA LEU EE 45 27.49 -112.24 38.98
C LEU EE 45 28.31 -112.65 40.19
N GLU EE 46 29.63 -112.68 40.06
CA GLU EE 46 30.47 -113.25 41.10
C GLU EE 46 30.44 -112.41 42.36
N LYS EE 47 30.47 -113.09 43.50
CA LYS EE 47 30.41 -112.43 44.81
C LYS EE 47 31.68 -111.61 44.95
N ARG EE 48 31.57 -110.47 45.61
CA ARG EE 48 32.72 -109.61 45.81
C ARG EE 48 32.94 -109.32 47.28
N VAL EE 49 34.20 -109.19 47.67
CA VAL EE 49 34.59 -108.84 49.03
C VAL EE 49 35.67 -107.79 48.95
N THR EE 50 35.49 -106.69 49.67
CA THR EE 50 36.41 -105.57 49.62
C THR EE 50 36.86 -105.22 51.02
N VAL EE 51 38.17 -105.05 51.19
CA VAL EE 51 38.73 -104.60 52.45
C VAL EE 51 39.67 -103.45 52.18
N SER EE 52 39.82 -102.60 53.18
CA SER EE 52 40.71 -101.45 53.04
C SER EE 52 41.20 -101.03 54.40
N VAL EE 53 42.39 -100.45 54.41
CA VAL EE 53 42.91 -99.83 55.62
C VAL EE 53 42.96 -98.34 55.34
N SER EE 54 43.45 -97.57 56.29
CA SER EE 54 43.59 -96.13 56.12
C SER EE 54 44.66 -95.64 57.08
N GLN EE 55 45.12 -94.42 56.86
CA GLN EE 55 46.08 -93.84 57.76
C GLN EE 55 45.69 -92.39 58.04
N PRO EE 56 45.93 -91.92 59.25
CA PRO EE 56 45.46 -90.57 59.60
C PRO EE 56 46.18 -89.51 58.79
N SER EE 57 45.41 -88.49 58.40
CA SER EE 57 45.94 -87.40 57.60
C SER EE 57 45.61 -86.10 58.31
N ARG EE 58 45.93 -84.98 57.66
CA ARG EE 58 45.48 -83.69 58.14
C ARG EE 58 43.97 -83.59 58.18
N ASN EE 59 43.27 -84.39 57.38
CA ASN EE 59 41.81 -84.43 57.40
C ASN EE 59 41.24 -85.22 58.55
N ARG EE 60 41.87 -86.32 58.93
CA ARG EE 60 41.38 -87.16 60.02
C ARG EE 60 42.56 -87.77 60.74
N LYS EE 61 42.45 -87.83 62.07
CA LYS EE 61 43.50 -88.35 62.92
C LYS EE 61 43.25 -89.81 63.27
N ASN EE 62 42.20 -90.39 62.70
CA ASN EE 62 41.76 -91.71 63.10
C ASN EE 62 41.98 -92.70 61.98
N TYR EE 63 42.19 -93.95 62.35
CA TYR EE 63 42.28 -95.02 61.36
C TYR EE 63 40.89 -95.48 60.97
N LYS EE 64 40.70 -95.75 59.68
CA LYS EE 64 39.47 -96.32 59.17
C LYS EE 64 39.77 -97.66 58.56
N VAL EE 65 38.97 -98.66 58.89
CA VAL EE 65 39.03 -99.96 58.25
C VAL EE 65 37.65 -100.24 57.69
N GLN EE 66 37.55 -100.30 56.38
CA GLN EE 66 36.28 -100.44 55.70
C GLN EE 66 36.22 -101.80 55.02
N VAL EE 67 35.10 -102.49 55.21
CA VAL EE 67 34.87 -103.78 54.59
C VAL EE 67 33.47 -103.78 54.01
N LYS EE 68 33.37 -104.03 52.71
CA LYS EE 68 32.10 -104.07 52.02
C LYS EE 68 31.95 -105.41 51.31
N ILE EE 69 30.72 -105.91 51.27
CA ILE EE 69 30.42 -107.18 50.64
C ILE EE 69 29.28 -106.96 49.65
N GLN EE 70 29.43 -107.50 48.46
CA GLN EE 70 28.47 -107.32 47.40
C GLN EE 70 28.09 -108.69 46.85
N ASN EE 71 26.81 -109.06 47.02
CA ASN EE 71 26.32 -110.38 46.63
C ASN EE 71 25.07 -110.19 45.78
N PRO EE 72 25.21 -110.15 44.47
CA PRO EE 72 24.05 -109.96 43.60
C PRO EE 72 23.15 -111.18 43.61
N THR EE 73 22.03 -111.05 42.92
CA THR EE 73 21.08 -112.13 42.74
C THR EE 73 20.92 -112.39 41.26
N ALA EE 74 21.38 -113.56 40.83
CA ALA EE 74 21.31 -113.94 39.43
C ALA EE 74 19.89 -114.31 39.06
N CYS EE 75 19.42 -113.80 37.93
CA CYS EE 75 18.19 -114.29 37.30
C CYS EE 75 18.65 -115.20 36.17
N THR EE 76 18.48 -116.50 36.37
CA THR EE 76 18.98 -117.47 35.39
C THR EE 76 18.22 -117.35 34.08
N ALA EE 77 16.90 -117.51 34.13
CA ALA EE 77 16.08 -117.35 32.95
C ALA EE 77 15.40 -116.00 33.03
N ASN EE 78 15.86 -115.07 32.19
CA ASN EE 78 15.21 -113.79 32.01
C ASN EE 78 14.28 -113.80 30.81
N GLY EE 79 14.11 -114.95 30.17
CA GLY EE 79 13.57 -114.97 28.83
C GLY EE 79 14.61 -114.67 27.77
N SER EE 80 15.86 -114.51 28.20
CA SER EE 80 16.97 -114.19 27.31
C SER EE 80 18.07 -115.20 27.54
N CYS EE 81 19.04 -115.25 26.63
CA CYS EE 81 20.09 -116.25 26.67
C CYS EE 81 21.09 -116.03 27.79
N ASP EE 82 21.10 -114.85 28.40
CA ASP EE 82 22.11 -114.59 29.41
C ASP EE 82 21.46 -114.21 30.73
N PRO EE 83 22.03 -114.64 31.85
CA PRO EE 83 21.49 -114.25 33.14
C PRO EE 83 21.71 -112.77 33.38
N SER EE 84 20.96 -112.22 34.33
CA SER EE 84 21.01 -110.79 34.61
C SER EE 84 20.93 -110.53 36.09
N VAL EE 85 21.59 -109.45 36.52
CA VAL EE 85 21.56 -109.03 37.91
C VAL EE 85 20.14 -108.61 38.25
N THR EE 86 19.64 -109.09 39.38
CA THR EE 86 18.31 -108.69 39.81
C THR EE 86 18.38 -107.82 41.05
N ARG EE 87 18.70 -108.42 42.19
CA ARG EE 87 18.85 -107.71 43.44
C ARG EE 87 20.32 -107.71 43.82
N GLN EE 88 20.74 -106.64 44.47
CA GLN EE 88 22.14 -106.51 44.86
C GLN EE 88 22.18 -106.35 46.38
N ALA EE 89 22.71 -107.36 47.05
CA ALA EE 89 22.82 -107.34 48.51
C ALA EE 89 24.05 -106.53 48.90
N TYR EE 90 23.86 -105.54 49.75
CA TYR EE 90 24.98 -104.73 50.22
C TYR EE 90 25.24 -104.97 51.69
N ALA EE 91 26.45 -105.44 51.98
CA ALA EE 91 26.89 -105.63 53.36
C ALA EE 91 28.10 -104.76 53.57
N ASP EE 92 27.99 -103.80 54.49
CA ASP EE 92 29.05 -102.83 54.73
C ASP EE 92 29.43 -102.83 56.20
N VAL EE 93 30.74 -102.82 56.46
CA VAL EE 93 31.29 -102.79 57.81
C VAL EE 93 32.43 -101.81 57.83
N THR EE 94 32.48 -100.97 58.85
CA THR EE 94 33.55 -100.00 59.02
C THR EE 94 34.14 -100.11 60.41
N PHE EE 95 35.30 -99.49 60.59
CA PHE EE 95 35.95 -99.45 61.87
C PHE EE 95 36.66 -98.13 62.04
N SER EE 96 36.62 -97.61 63.26
CA SER EE 96 37.34 -96.40 63.60
C SER EE 96 38.24 -96.69 64.79
N PHE EE 97 39.41 -96.08 64.79
CA PHE EE 97 40.35 -96.25 65.89
C PHE EE 97 41.17 -94.99 66.05
N THR EE 98 41.74 -94.85 67.22
CA THR EE 98 42.57 -93.71 67.55
C THR EE 98 44.03 -94.12 67.50
N GLN EE 99 44.88 -93.18 67.13
CA GLN EE 99 46.30 -93.45 67.01
C GLN EE 99 46.85 -94.14 68.23
N TYR EE 100 46.25 -93.92 69.41
CA TYR EE 100 46.70 -94.60 70.60
C TYR EE 100 45.96 -95.91 70.86
N SER EE 101 45.09 -96.32 69.94
CA SER EE 101 44.33 -97.55 70.13
C SER EE 101 45.29 -98.71 70.35
N THR EE 102 44.99 -99.57 71.31
CA THR EE 102 45.89 -100.68 71.57
C THR EE 102 45.47 -101.91 70.78
N ASP EE 103 46.25 -102.97 70.93
CA ASP EE 103 45.97 -104.19 70.18
C ASP EE 103 44.73 -104.89 70.70
N GLU EE 104 44.71 -105.23 71.99
CA GLU EE 104 43.64 -106.07 72.50
C GLU EE 104 42.30 -105.40 72.36
N GLU EE 105 42.24 -104.08 72.59
CA GLU EE 105 41.02 -103.34 72.31
C GLU EE 105 40.48 -103.67 70.94
N ARG EE 106 41.32 -103.52 69.92
CA ARG EE 106 40.91 -103.89 68.58
C ARG EE 106 40.52 -105.34 68.51
N ALA EE 107 41.40 -106.23 68.94
CA ALA EE 107 41.07 -107.64 68.99
C ALA EE 107 39.75 -107.87 69.72
N PHE EE 108 39.56 -107.20 70.85
CA PHE EE 108 38.29 -107.30 71.55
C PHE EE 108 37.13 -106.95 70.65
N VAL EE 109 37.28 -105.91 69.83
CA VAL EE 109 36.21 -105.54 68.93
C VAL EE 109 35.96 -106.63 67.91
N ARG EE 110 37.02 -107.21 67.37
CA ARG EE 110 36.84 -108.15 66.28
C ARG EE 110 35.95 -109.32 66.69
N THR EE 111 36.33 -110.03 67.75
CA THR EE 111 35.56 -111.19 68.16
C THR EE 111 34.12 -110.83 68.45
N GLU EE 112 33.88 -109.89 69.36
CA GLU EE 112 32.53 -109.60 69.81
C GLU EE 112 31.58 -109.33 68.65
N LEU EE 113 32.03 -108.61 67.63
CA LEU EE 113 31.18 -108.40 66.48
C LEU EE 113 30.76 -109.73 65.89
N ALA EE 114 31.72 -110.64 65.71
CA ALA EE 114 31.38 -111.97 65.22
C ALA EE 114 30.36 -112.65 66.12
N ALA EE 115 30.64 -112.69 67.42
CA ALA EE 115 29.71 -113.33 68.35
C ALA EE 115 28.30 -112.79 68.18
N LEU EE 116 28.15 -111.48 68.07
CA LEU EE 116 26.84 -110.91 67.78
C LEU EE 116 26.24 -111.53 66.54
N LEU EE 117 27.03 -111.63 65.48
CA LEU EE 117 26.50 -112.20 64.25
C LEU EE 117 26.02 -113.63 64.45
N ALA EE 118 26.59 -114.34 65.41
CA ALA EE 118 26.07 -115.65 65.76
C ALA EE 118 25.03 -115.57 66.87
N SER EE 119 24.83 -114.41 67.47
CA SER EE 119 23.87 -114.29 68.55
C SER EE 119 22.46 -114.51 68.02
N PRO EE 120 21.59 -115.13 68.81
CA PRO EE 120 20.19 -115.27 68.38
C PRO EE 120 19.49 -113.95 68.20
N LEU EE 121 20.02 -112.87 68.75
CA LEU EE 121 19.39 -111.57 68.55
C LEU EE 121 19.40 -111.18 67.08
N LEU EE 122 20.58 -111.06 66.50
CA LEU EE 122 20.67 -110.50 65.15
C LEU EE 122 20.00 -111.36 64.10
N ILE EE 123 19.96 -112.67 64.29
CA ILE EE 123 19.44 -113.53 63.24
C ILE EE 123 18.02 -113.15 62.88
N ASP EE 124 17.14 -112.95 63.86
CA ASP EE 124 15.82 -112.43 63.57
C ASP EE 124 15.88 -111.04 62.99
N ALA EE 125 16.72 -110.18 63.55
CA ALA EE 125 16.97 -108.88 62.98
C ALA EE 125 17.42 -108.96 61.53
N ILE EE 126 18.40 -109.80 61.22
CA ILE EE 126 18.88 -109.97 59.86
C ILE EE 126 17.93 -110.81 59.03
N ASP EE 127 17.79 -112.08 59.38
CA ASP EE 127 17.06 -112.99 58.51
C ASP EE 127 15.60 -112.60 58.37
N GLN EE 128 14.91 -112.44 59.48
CA GLN EE 128 13.49 -112.15 59.45
C GLN EE 128 13.17 -110.67 59.52
N LEU EE 129 14.17 -109.80 59.52
CA LEU EE 129 13.98 -108.35 59.51
C LEU EE 129 13.09 -107.94 60.68
N ASN EE 130 13.60 -108.16 61.88
CA ASN EE 130 12.75 -107.87 63.01
C ASN EE 130 13.47 -106.95 63.98
N PRO EE 131 12.76 -106.00 64.54
CA PRO EE 131 13.33 -105.19 65.61
C PRO EE 131 13.49 -105.99 66.88
N ALA EE 132 13.76 -105.31 67.97
CA ALA EE 132 14.33 -105.90 69.17
C ALA EE 132 13.29 -106.59 70.06
N TYR EE 133 12.05 -106.66 69.60
CA TYR EE 133 11.01 -107.24 70.44
C TYR EE 133 10.72 -108.67 70.03
N ALA FE 2 48.93 -113.11 40.94
CA ALA FE 2 49.62 -113.30 42.20
C ALA FE 2 50.65 -112.21 42.42
N LYS FE 3 51.49 -112.39 43.43
CA LYS FE 3 52.48 -111.41 43.81
C LYS FE 3 53.50 -111.21 42.70
N LEU FE 4 53.90 -109.97 42.51
CA LEU FE 4 55.06 -109.65 41.69
C LEU FE 4 56.25 -110.41 42.23
N GLU FE 5 56.94 -111.13 41.36
CA GLU FE 5 58.10 -111.89 41.77
C GLU FE 5 59.17 -111.81 40.69
N THR FE 6 60.32 -112.41 40.99
CA THR FE 6 61.33 -112.61 39.97
C THR FE 6 60.74 -113.57 38.97
N VAL FE 7 60.73 -113.18 37.70
CA VAL FE 7 60.18 -114.03 36.67
C VAL FE 7 61.31 -114.50 35.78
N THR FE 8 61.64 -115.78 35.89
CA THR FE 8 62.66 -116.38 35.03
C THR FE 8 61.99 -116.85 33.76
N LEU FE 9 62.69 -116.70 32.64
CA LEU FE 9 62.19 -117.15 31.36
C LEU FE 9 63.27 -117.93 30.63
N GLY FE 10 62.95 -119.16 30.26
CA GLY FE 10 63.82 -119.97 29.45
C GLY FE 10 63.31 -120.00 28.02
N ASN FE 11 64.13 -120.57 27.15
CA ASN FE 11 63.75 -120.79 25.75
C ASN FE 11 63.36 -119.48 25.09
N ILE FE 12 64.37 -118.64 24.88
CA ILE FE 12 64.16 -117.29 24.39
C ILE FE 12 65.03 -117.10 23.16
N GLY FE 13 64.58 -116.23 22.26
CA GLY FE 13 65.34 -115.92 21.06
C GLY FE 13 65.30 -117.05 20.07
N LYS FE 14 65.79 -116.73 18.86
CA LYS FE 14 65.85 -117.71 17.79
C LYS FE 14 66.54 -118.99 18.25
N ASP FE 15 67.57 -118.84 19.07
CA ASP FE 15 68.23 -120.01 19.64
C ASP FE 15 67.29 -120.79 20.54
N GLY FE 16 66.63 -120.10 21.47
CA GLY FE 16 65.91 -120.80 22.51
C GLY FE 16 66.79 -121.21 23.66
N LYS FE 17 68.08 -120.90 23.60
CA LYS FE 17 68.95 -121.09 24.76
C LYS FE 17 69.02 -119.83 25.58
N GLN FE 18 68.47 -118.72 25.08
CA GLN FE 18 68.46 -117.48 25.81
C GLN FE 18 67.54 -117.58 27.01
N THR FE 19 67.96 -116.96 28.11
CA THR FE 19 67.18 -116.91 29.32
C THR FE 19 67.11 -115.47 29.82
N LEU FE 20 66.06 -115.17 30.56
CA LEU FE 20 65.87 -113.82 31.06
C LEU FE 20 65.16 -113.87 32.41
N VAL FE 21 65.58 -112.99 33.31
CA VAL FE 21 64.91 -112.83 34.58
C VAL FE 21 64.36 -111.40 34.64
N LEU FE 22 63.28 -111.23 35.40
CA LEU FE 22 62.62 -109.94 35.50
C LEU FE 22 62.35 -109.65 36.98
N ASN FE 23 62.89 -108.58 37.44
CA ASN FE 23 62.56 -108.29 38.83
C ASN FE 23 61.31 -107.41 38.90
N PRO FE 24 60.53 -107.58 39.95
CA PRO FE 24 59.41 -106.67 40.17
C PRO FE 24 59.90 -105.24 40.35
N ARG FE 25 59.33 -104.33 39.58
CA ARG FE 25 59.70 -102.93 39.64
C ARG FE 25 58.75 -102.11 40.49
N GLY FE 26 57.76 -102.73 41.10
CA GLY FE 26 56.70 -102.00 41.76
C GLY FE 26 55.59 -101.67 40.78
N VAL FE 27 54.64 -100.87 41.26
CA VAL FE 27 53.45 -100.52 40.49
C VAL FE 27 53.24 -99.03 40.54
N ASN FE 28 53.11 -98.41 39.39
CA ASN FE 28 52.70 -97.03 39.38
C ASN FE 28 51.23 -96.92 39.76
N PRO FE 29 50.89 -96.34 40.90
CA PRO FE 29 49.50 -96.28 41.31
C PRO FE 29 48.66 -95.36 40.47
N THR FE 30 49.26 -94.31 39.90
CA THR FE 30 48.48 -93.36 39.11
C THR FE 30 47.72 -94.06 38.00
N ASN FE 31 48.43 -94.53 36.99
CA ASN FE 31 47.81 -95.33 35.94
C ASN FE 31 47.43 -96.72 36.45
N GLY FE 32 47.87 -97.11 37.62
CA GLY FE 32 47.60 -98.45 38.12
C GLY FE 32 48.22 -99.51 37.25
N VAL FE 33 49.52 -99.42 37.02
CA VAL FE 33 50.21 -100.33 36.11
C VAL FE 33 51.44 -100.88 36.80
N ALA FE 34 51.58 -102.19 36.79
CA ALA FE 34 52.77 -102.85 37.30
C ALA FE 34 53.93 -102.72 36.32
N SER FE 35 55.14 -102.93 36.83
CA SER FE 35 56.32 -102.85 36.00
C SER FE 35 57.28 -103.96 36.39
N LEU FE 36 57.94 -104.53 35.39
CA LEU FE 36 58.94 -105.57 35.59
C LEU FE 36 60.16 -105.22 34.77
N SER FE 37 61.33 -105.64 35.24
CA SER FE 37 62.53 -105.34 34.49
C SER FE 37 63.58 -106.40 34.70
N GLN FE 38 64.39 -106.60 33.66
CA GLN FE 38 65.69 -107.21 33.82
C GLN FE 38 66.54 -106.36 34.74
N ALA FE 39 67.43 -107.03 35.49
CA ALA FE 39 68.40 -106.28 36.28
C ALA FE 39 69.67 -106.14 35.44
N GLY FE 40 69.86 -104.92 34.95
CA GLY FE 40 71.06 -104.56 34.22
C GLY FE 40 71.91 -103.59 35.00
N ALA FE 41 72.70 -102.83 34.26
CA ALA FE 41 73.41 -101.72 34.87
C ALA FE 41 72.57 -100.45 34.85
N VAL FE 42 72.28 -99.95 33.66
CA VAL FE 42 71.56 -98.69 33.52
C VAL FE 42 70.08 -98.99 33.30
N PRO FE 43 69.20 -98.53 34.18
CA PRO FE 43 67.76 -98.74 33.98
C PRO FE 43 67.27 -98.33 32.61
N ALA FE 44 67.73 -97.20 32.08
CA ALA FE 44 67.42 -96.81 30.72
C ALA FE 44 67.74 -97.91 29.73
N LEU FE 45 68.83 -98.64 29.94
CA LEU FE 45 69.17 -99.76 29.08
C LEU FE 45 68.37 -101.01 29.43
N GLU FE 46 67.93 -101.15 30.66
CA GLU FE 46 67.35 -102.39 31.13
C GLU FE 46 66.01 -102.64 30.46
N LYS FE 47 65.75 -103.91 30.15
CA LYS FE 47 64.52 -104.32 29.48
C LYS FE 47 63.36 -104.02 30.42
N ARG FE 48 62.23 -103.64 29.86
CA ARG FE 48 61.07 -103.34 30.68
C ARG FE 48 59.87 -104.16 30.24
N VAL FE 49 59.04 -104.53 31.21
CA VAL FE 49 57.81 -105.26 30.96
C VAL FE 49 56.72 -104.62 31.79
N THR FE 50 55.60 -104.30 31.15
CA THR FE 50 54.50 -103.60 31.80
C THR FE 50 53.21 -104.38 31.60
N VAL FE 51 52.47 -104.57 32.68
CA VAL FE 51 51.17 -105.20 32.61
C VAL FE 51 50.18 -104.33 33.37
N SER FE 52 48.92 -104.42 32.97
CA SER FE 52 47.89 -103.65 33.62
C SER FE 52 46.56 -104.36 33.46
N VAL FE 53 45.68 -104.14 34.42
CA VAL FE 53 44.30 -104.58 34.31
C VAL FE 53 43.45 -103.33 34.21
N SER FE 54 42.14 -103.50 34.14
CA SER FE 54 41.22 -102.38 34.08
C SER FE 54 39.88 -102.85 34.58
N GLN FE 55 39.01 -101.90 34.88
CA GLN FE 55 37.67 -102.24 35.28
C GLN FE 55 36.68 -101.34 34.58
N PRO FE 56 35.51 -101.85 34.22
CA PRO FE 56 34.57 -101.05 33.43
C PRO FE 56 34.08 -99.85 34.21
N SER FE 57 33.93 -98.74 33.51
CA SER FE 57 33.47 -97.49 34.10
C SER FE 57 32.29 -96.99 33.29
N ARG FE 58 31.81 -95.80 33.64
CA ARG FE 58 30.82 -95.13 32.82
C ARG FE 58 31.33 -94.85 31.42
N ASN FE 59 32.65 -94.78 31.24
CA ASN FE 59 33.25 -94.59 29.92
C ASN FE 59 33.30 -95.85 29.09
N ARG FE 60 33.56 -97.00 29.71
CA ARG FE 60 33.64 -98.25 28.99
C ARG FE 60 33.13 -99.37 29.87
N LYS FE 61 32.40 -100.29 29.26
CA LYS FE 61 31.80 -101.42 29.97
C LYS FE 61 32.66 -102.66 29.86
N ASN FE 62 33.83 -102.52 29.24
CA ASN FE 62 34.64 -103.67 28.92
C ASN FE 62 35.92 -103.65 29.73
N TYR FE 63 36.46 -104.83 29.99
CA TYR FE 63 37.75 -104.95 30.64
C TYR FE 63 38.86 -104.79 29.63
N LYS FE 64 39.92 -104.08 30.01
CA LYS FE 64 41.11 -103.95 29.20
C LYS FE 64 42.28 -104.54 29.95
N VAL FE 65 43.07 -105.36 29.27
CA VAL FE 65 44.32 -105.86 29.79
C VAL FE 65 45.40 -105.47 28.81
N GLN FE 66 46.30 -104.61 29.26
CA GLN FE 66 47.33 -104.03 28.40
C GLN FE 66 48.69 -104.55 28.84
N VAL FE 67 49.48 -104.99 27.88
CA VAL FE 67 50.84 -105.46 28.15
C VAL FE 67 51.75 -104.85 27.11
N LYS FE 68 52.76 -104.13 27.58
CA LYS FE 68 53.73 -103.49 26.70
C LYS FE 68 55.13 -103.95 27.08
N ILE FE 69 55.98 -104.09 26.08
CA ILE FE 69 57.36 -104.51 26.27
C ILE FE 69 58.27 -103.51 25.60
N GLN FE 70 59.33 -103.11 26.29
CA GLN FE 70 60.25 -102.10 25.81
C GLN FE 70 61.66 -102.66 25.91
N ASN FE 71 62.31 -102.85 24.78
CA ASN FE 71 63.64 -103.44 24.71
C ASN FE 71 64.54 -102.53 23.88
N PRO FE 72 65.27 -101.64 24.52
CA PRO FE 72 66.14 -100.73 23.78
C PRO FE 72 67.32 -101.47 23.17
N THR FE 73 68.10 -100.73 22.41
CA THR FE 73 69.33 -101.24 21.81
C THR FE 73 70.49 -100.40 22.29
N ALA FE 74 71.36 -101.01 23.08
CA ALA FE 74 72.51 -100.31 23.63
C ALA FE 74 73.56 -100.11 22.55
N CYS FE 75 74.11 -98.90 22.49
CA CYS FE 75 75.32 -98.63 21.72
C CYS FE 75 76.45 -98.59 22.73
N THR FE 76 77.28 -99.63 22.73
CA THR FE 76 78.32 -99.74 23.73
C THR FE 76 79.36 -98.64 23.54
N ALA FE 77 79.97 -98.58 22.36
CA ALA FE 77 80.93 -97.53 22.05
C ALA FE 77 80.23 -96.51 21.17
N ASN FE 78 79.94 -95.36 21.76
CA ASN FE 78 79.45 -94.21 21.01
C ASN FE 78 80.58 -93.26 20.65
N GLY FE 79 81.82 -93.63 20.96
CA GLY FE 79 82.88 -92.65 20.99
C GLY FE 79 82.91 -91.87 22.29
N SER FE 80 82.04 -92.24 23.22
CA SER FE 80 81.93 -91.58 24.52
C SER FE 80 82.03 -92.64 25.60
N CYS FE 81 82.24 -92.20 26.83
CA CYS FE 81 82.47 -93.11 27.95
C CYS FE 81 81.23 -93.87 28.38
N ASP FE 82 80.04 -93.45 27.94
CA ASP FE 82 78.84 -94.10 28.41
C ASP FE 82 78.03 -94.63 27.23
N PRO FE 83 77.40 -95.78 27.38
CA PRO FE 83 76.54 -96.29 26.31
C PRO FE 83 75.31 -95.42 26.16
N SER FE 84 74.64 -95.56 25.02
CA SER FE 84 73.50 -94.74 24.70
C SER FE 84 72.43 -95.55 24.00
N VAL FE 85 71.17 -95.16 24.24
CA VAL FE 85 70.04 -95.81 23.60
C VAL FE 85 70.11 -95.51 22.11
N THR FE 86 69.95 -96.54 21.30
CA THR FE 86 69.93 -96.34 19.86
C THR FE 86 68.55 -96.57 19.27
N ARG FE 87 68.12 -97.83 19.23
CA ARG FE 87 66.81 -98.19 18.74
C ARG FE 87 65.98 -98.68 19.91
N GLN FE 88 64.68 -98.42 19.86
CA GLN FE 88 63.80 -98.81 20.95
C GLN FE 88 62.73 -99.74 20.38
N ALA FE 89 62.78 -101.00 20.76
CA ALA FE 89 61.82 -101.98 20.28
C ALA FE 89 60.54 -101.87 21.10
N TYR FE 90 59.42 -101.70 20.42
CA TYR FE 90 58.13 -101.62 21.09
C TYR FE 90 57.29 -102.84 20.80
N ALA FE 91 56.93 -103.56 21.86
CA ALA FE 91 56.04 -104.71 21.75
C ALA FE 91 54.83 -104.41 22.61
N ASP FE 92 53.66 -104.33 21.98
CA ASP FE 92 52.43 -103.96 22.66
C ASP FE 92 51.37 -105.02 22.43
N VAL FE 93 50.68 -105.39 23.51
CA VAL FE 93 49.61 -106.37 23.48
C VAL FE 93 48.47 -105.86 24.34
N THR FE 94 47.25 -105.98 23.83
CA THR FE 94 46.07 -105.56 24.56
C THR FE 94 45.03 -106.67 24.55
N PHE FE 95 44.04 -106.53 25.43
CA PHE FE 95 42.96 -107.48 25.51
C PHE FE 95 41.68 -106.75 25.85
N SER FE 96 40.59 -107.20 25.25
CA SER FE 96 39.28 -106.68 25.55
C SER FE 96 38.37 -107.82 25.95
N PHE FE 97 37.48 -107.58 26.90
CA PHE FE 97 36.55 -108.59 27.34
C PHE FE 97 35.27 -107.92 27.79
N THR FE 98 34.22 -108.71 27.83
CA THR FE 98 32.91 -108.25 28.25
C THR FE 98 32.65 -108.74 29.66
N GLN FE 99 31.90 -107.94 30.40
CA GLN FE 99 31.58 -108.29 31.78
C GLN FE 99 31.07 -109.70 31.92
N TYR FE 100 30.44 -110.24 30.89
CA TYR FE 100 29.97 -111.62 30.93
C TYR FE 100 30.99 -112.61 30.40
N SER FE 101 32.19 -112.14 30.04
CA SER FE 101 33.20 -113.04 29.50
C SER FE 101 33.47 -114.17 30.49
N THR FE 102 33.58 -115.39 29.98
CA THR FE 102 33.79 -116.50 30.89
C THR FE 102 35.28 -116.78 31.04
N ASP FE 103 35.60 -117.76 31.86
CA ASP FE 103 37.00 -118.07 32.12
C ASP FE 103 37.65 -118.75 30.92
N GLU FE 104 37.08 -119.86 30.46
CA GLU FE 104 37.75 -120.64 29.43
C GLU FE 104 37.93 -119.85 28.16
N GLU FE 105 36.93 -119.06 27.79
CA GLU FE 105 37.09 -118.14 26.66
C GLU FE 105 38.38 -117.37 26.78
N ARG FE 106 38.57 -116.69 27.91
CA ARG FE 106 39.81 -115.98 28.13
C ARG FE 106 40.99 -116.93 28.05
N ALA FE 107 40.97 -117.99 28.84
CA ALA FE 107 42.02 -119.00 28.77
C ALA FE 107 42.26 -119.44 27.34
N PHE FE 108 41.18 -119.69 26.60
CA PHE FE 108 41.33 -120.05 25.19
C PHE FE 108 42.11 -118.99 24.44
N VAL FE 109 41.85 -117.72 24.71
CA VAL FE 109 42.59 -116.67 24.04
C VAL FE 109 44.06 -116.73 24.40
N ARG FE 110 44.37 -116.94 25.67
CA ARG FE 110 45.75 -116.85 26.10
C ARG FE 110 46.64 -117.81 25.35
N THR FE 111 46.31 -119.10 25.39
CA THR FE 111 47.14 -120.09 24.74
C THR FE 111 47.30 -119.81 23.25
N GLU FE 112 46.19 -119.73 22.53
CA GLU FE 112 46.26 -119.61 21.07
C GLU FE 112 47.17 -118.48 20.62
N LEU FE 113 47.14 -117.34 21.31
CA LEU FE 113 48.05 -116.28 20.96
C LEU FE 113 49.49 -116.75 21.04
N ALA FE 114 49.83 -117.45 22.13
CA ALA FE 114 51.16 -118.00 22.25
C ALA FE 114 51.47 -118.95 21.10
N ALA FE 115 50.59 -119.90 20.84
CA ALA FE 115 50.81 -120.84 19.76
C ALA FE 115 51.12 -120.12 18.46
N LEU FE 116 50.36 -119.09 18.13
CA LEU FE 116 50.68 -118.28 16.96
C LEU FE 116 52.11 -117.78 17.02
N LEU FE 117 52.52 -117.25 18.16
CA LEU FE 117 53.87 -116.74 18.27
C LEU FE 117 54.90 -117.82 18.00
N ALA FE 118 54.57 -119.08 18.27
CA ALA FE 118 55.43 -120.19 17.90
C ALA FE 118 55.11 -120.71 16.51
N SER FE 119 54.03 -120.26 15.90
CA SER FE 119 53.68 -120.76 14.57
C SER FE 119 54.72 -120.33 13.55
N PRO FE 120 54.99 -121.17 12.56
CA PRO FE 120 55.91 -120.78 11.48
C PRO FE 120 55.42 -119.59 10.69
N LEU FE 121 54.12 -119.27 10.77
CA LEU FE 121 53.63 -118.11 10.05
C LEU FE 121 54.28 -116.83 10.56
N LEU FE 122 54.08 -116.53 11.84
CA LEU FE 122 54.49 -115.23 12.36
C LEU FE 122 55.99 -115.03 12.31
N ILE FE 123 56.79 -116.09 12.44
CA ILE FE 123 58.22 -115.91 12.53
C ILE FE 123 58.76 -115.15 11.31
N ASP FE 124 58.37 -115.56 10.10
CA ASP FE 124 58.72 -114.78 8.93
C ASP FE 124 58.12 -113.39 8.97
N ALA FE 125 56.86 -113.30 9.36
CA ALA FE 125 56.24 -112.01 9.59
C ALA FE 125 57.01 -111.15 10.58
N ILE FE 126 57.37 -111.70 11.73
CA ILE FE 126 58.13 -110.98 12.72
C ILE FE 126 59.59 -110.86 12.33
N ASP FE 127 60.30 -111.99 12.30
CA ASP FE 127 61.74 -111.94 12.13
C ASP FE 127 62.14 -111.33 10.80
N GLN FE 128 61.64 -111.86 9.71
CA GLN FE 128 62.03 -111.41 8.40
C GLN FE 128 61.11 -110.35 7.82
N LEU FE 129 60.13 -109.88 8.58
CA LEU FE 129 59.22 -108.81 8.15
C LEU FE 129 58.58 -109.17 6.82
N ASN FE 130 57.79 -110.22 6.85
CA ASN FE 130 57.22 -110.64 5.58
C ASN FE 130 55.72 -110.76 5.69
N PRO FE 131 55.01 -110.34 4.67
CA PRO FE 131 53.57 -110.59 4.62
C PRO FE 131 53.27 -112.05 4.40
N ALA FE 132 52.02 -112.34 4.09
CA ALA FE 132 51.44 -113.68 4.24
C ALA FE 132 51.78 -114.60 3.08
N TYR FE 133 52.60 -114.16 2.14
CA TYR FE 133 52.89 -114.96 0.98
C TYR FE 133 54.23 -115.66 1.14
N ALA GE 2 122.14 -51.19 26.22
CA ALA GE 2 123.01 -50.85 27.35
C ALA GE 2 123.16 -49.34 27.47
N LYS GE 3 124.09 -48.92 28.31
CA LYS GE 3 124.31 -47.51 28.60
C LYS GE 3 124.81 -46.79 27.36
N LEU GE 4 124.31 -45.57 27.19
CA LEU GE 4 124.89 -44.66 26.21
C LEU GE 4 126.36 -44.50 26.51
N GLU GE 5 127.19 -44.67 25.51
CA GLU GE 5 128.63 -44.55 25.68
C GLU GE 5 129.23 -43.88 24.46
N THR GE 6 130.53 -43.63 24.54
CA THR GE 6 131.28 -43.21 23.37
C THR GE 6 131.24 -44.38 22.42
N VAL GE 7 130.80 -44.13 21.19
CA VAL GE 7 130.73 -45.21 20.20
C VAL GE 7 131.75 -44.92 19.12
N THR GE 8 132.81 -45.72 19.09
CA THR GE 8 133.83 -45.61 18.07
C THR GE 8 133.40 -46.45 16.88
N LEU GE 9 133.68 -45.96 15.69
CA LEU GE 9 133.35 -46.68 14.47
C LEU GE 9 134.55 -46.67 13.54
N GLY GE 10 135.00 -47.86 13.15
CA GLY GE 10 136.04 -47.99 12.16
C GLY GE 10 135.44 -48.40 10.83
N ASN GE 11 136.29 -48.39 9.81
CA ASN GE 11 135.91 -48.86 8.47
C ASN GE 11 134.69 -48.10 7.96
N ILE GE 12 134.92 -46.84 7.65
CA ILE GE 12 133.86 -45.92 7.28
C ILE GE 12 134.21 -45.30 5.95
N GLY GE 13 133.20 -44.93 5.18
CA GLY GE 13 133.39 -44.27 3.90
C GLY GE 13 133.90 -45.24 2.85
N LYS GE 14 133.89 -44.75 1.61
CA LYS GE 14 134.37 -45.54 0.48
C LYS GE 14 135.75 -46.09 0.76
N ASP GE 15 136.60 -45.30 1.42
CA ASP GE 15 137.92 -45.79 1.80
C ASP GE 15 137.82 -46.94 2.80
N GLY GE 16 137.03 -46.76 3.86
CA GLY GE 16 137.07 -47.70 4.94
C GLY GE 16 138.18 -47.43 5.92
N LYS GE 17 138.97 -46.40 5.68
CA LYS GE 17 139.95 -45.96 6.67
C LYS GE 17 139.36 -44.86 7.55
N GLN GE 18 138.18 -44.37 7.21
CA GLN GE 18 137.52 -43.35 8.00
C GLN GE 18 137.07 -43.95 9.32
N THR GE 19 137.19 -43.15 10.37
CA THR GE 19 136.74 -43.52 11.70
C THR GE 19 135.89 -42.42 12.29
N LEU GE 20 135.01 -42.79 13.20
CA LEU GE 20 134.11 -41.81 13.81
C LEU GE 20 133.81 -42.22 15.24
N VAL GE 21 133.73 -41.24 16.12
CA VAL GE 21 133.32 -41.45 17.48
C VAL GE 21 132.04 -40.66 17.71
N LEU GE 22 131.21 -41.15 18.64
CA LEU GE 22 129.92 -40.54 18.92
C LEU GE 22 129.78 -40.40 20.43
N ASN GE 23 129.61 -39.21 20.88
CA ASN GE 23 129.39 -39.11 22.31
C ASN GE 23 127.91 -39.19 22.63
N PRO GE 24 127.57 -39.74 23.78
CA PRO GE 24 126.18 -39.71 24.22
C PRO GE 24 125.71 -38.27 24.42
N ARG GE 25 124.59 -37.95 23.79
CA ARG GE 25 124.02 -36.61 23.88
C ARG GE 25 122.92 -36.51 24.90
N GLY GE 26 122.63 -37.58 25.63
CA GLY GE 26 121.46 -37.62 26.48
C GLY GE 26 120.25 -38.08 25.72
N VAL GE 27 119.09 -38.03 26.39
CA VAL GE 27 117.85 -38.53 25.84
C VAL GE 27 116.78 -37.47 26.00
N ASN GE 28 116.12 -37.12 24.92
CA ASN GE 28 114.94 -36.28 25.07
C ASN GE 28 113.81 -37.09 25.68
N PRO GE 29 113.37 -36.77 26.89
CA PRO GE 29 112.32 -37.57 27.52
C PRO GE 29 110.97 -37.40 26.87
N THR GE 30 110.69 -36.24 26.27
CA THR GE 30 109.39 -36.01 25.68
C THR GE 30 109.05 -37.08 24.66
N ASN GE 31 109.73 -37.06 23.52
CA ASN GE 31 109.58 -38.12 22.54
C ASN GE 31 110.21 -39.42 23.01
N GLY GE 32 110.99 -39.40 24.08
CA GLY GE 32 111.67 -40.60 24.53
C GLY GE 32 112.67 -41.09 23.51
N VAL GE 33 113.59 -40.24 23.08
CA VAL GE 33 114.53 -40.57 22.03
C VAL GE 33 115.93 -40.21 22.48
N ALA GE 34 116.85 -41.17 22.37
CA ALA GE 34 118.25 -40.93 22.65
C ALA GE 34 118.90 -40.16 21.51
N SER GE 35 120.04 -39.56 21.81
CA SER GE 35 120.78 -38.80 20.82
C SER GE 35 122.27 -39.07 20.98
N LEU GE 36 122.96 -39.17 19.86
CA LEU GE 36 124.41 -39.36 19.85
C LEU GE 36 125.01 -38.37 18.86
N SER GE 37 126.24 -37.97 19.13
CA SER GE 37 126.87 -37.02 18.21
C SER GE 37 128.37 -37.20 18.19
N GLN GE 38 128.94 -36.91 17.04
CA GLN GE 38 130.36 -36.58 16.95
C GLN GE 38 130.64 -35.36 17.78
N ALA GE 39 131.84 -35.29 18.34
CA ALA GE 39 132.27 -34.07 19.01
C ALA GE 39 133.03 -33.22 18.00
N GLY GE 40 132.36 -32.16 17.56
CA GLY GE 40 132.95 -31.19 16.67
C GLY GE 40 133.13 -29.86 17.37
N ALA GE 41 133.15 -28.80 16.56
CA ALA GE 41 133.12 -27.46 17.11
C ALA GE 41 131.69 -26.98 17.30
N VAL GE 42 130.97 -26.82 16.20
CA VAL GE 42 129.61 -26.29 16.26
C VAL GE 42 128.62 -27.44 16.24
N PRO GE 43 127.79 -27.57 17.28
CA PRO GE 43 126.79 -28.64 17.29
C PRO GE 43 125.93 -28.68 16.05
N ALA GE 44 125.51 -27.53 15.52
CA ALA GE 44 124.82 -27.49 14.25
C ALA GE 44 125.58 -28.21 13.16
N LEU GE 45 126.91 -28.10 13.15
CA LEU GE 45 127.72 -28.81 12.19
C LEU GE 45 127.92 -30.27 12.57
N GLU GE 46 127.87 -30.59 13.86
CA GLU GE 46 128.25 -31.91 14.33
C GLU GE 46 127.26 -32.96 13.85
N LYS GE 47 127.79 -34.13 13.52
CA LYS GE 47 126.99 -35.24 13.03
C LYS GE 47 126.06 -35.67 14.15
N ARG GE 48 124.86 -36.10 13.80
CA ARG GE 48 123.90 -36.53 14.81
C ARG GE 48 123.41 -37.94 14.51
N VAL GE 49 123.15 -38.69 15.57
CA VAL GE 49 122.61 -40.04 15.47
C VAL GE 49 121.50 -40.17 16.50
N THR GE 50 120.34 -40.63 16.06
CA THR GE 50 119.17 -40.72 16.92
C THR GE 50 118.62 -42.14 16.87
N VAL GE 51 118.33 -42.69 18.05
CA VAL GE 51 117.69 -44.00 18.14
C VAL GE 51 116.52 -43.88 19.08
N SER GE 52 115.55 -44.75 18.88
CA SER GE 52 114.37 -44.73 19.73
C SER GE 52 113.75 -46.12 19.74
N VAL GE 53 113.09 -46.44 20.84
CA VAL GE 53 112.28 -47.63 20.92
C VAL GE 53 110.84 -47.19 21.02
N SER GE 54 109.93 -48.13 21.16
CA SER GE 54 108.52 -47.82 21.30
C SER GE 54 107.84 -48.98 21.98
N GLN GE 55 106.64 -48.76 22.46
CA GLN GE 55 105.87 -49.84 23.05
C GLN GE 55 104.44 -49.76 22.57
N PRO GE 56 103.79 -50.90 22.37
CA PRO GE 56 102.45 -50.90 21.78
C PRO GE 56 101.46 -50.21 22.69
N SER GE 57 100.55 -49.46 22.08
CA SER GE 57 99.53 -48.73 22.82
C SER GE 57 98.18 -49.11 22.24
N ARG GE 58 97.13 -48.45 22.73
CA ARG GE 58 95.82 -48.57 22.11
C ARG GE 58 95.82 -48.09 20.67
N ASN GE 59 96.77 -47.24 20.29
CA ASN GE 59 96.90 -46.78 18.91
C ASN GE 59 97.59 -47.79 18.01
N ARG GE 60 98.58 -48.50 18.51
CA ARG GE 60 99.31 -49.47 17.70
C ARG GE 60 99.74 -50.63 18.59
N LYS GE 61 99.65 -51.83 18.05
CA LYS GE 61 99.97 -53.05 18.78
C LYS GE 61 101.39 -53.49 18.46
N ASN GE 62 102.11 -52.71 17.68
CA ASN GE 62 103.40 -53.12 17.16
C ASN GE 62 104.51 -52.29 17.75
N TYR GE 63 105.68 -52.87 17.86
CA TYR GE 63 106.85 -52.13 18.30
C TYR GE 63 107.46 -51.38 17.13
N LYS GE 64 107.90 -50.15 17.38
CA LYS GE 64 108.61 -49.36 16.41
C LYS GE 64 110.00 -49.07 16.93
N VAL GE 65 111.00 -49.26 16.09
CA VAL GE 65 112.37 -48.86 16.39
C VAL GE 65 112.80 -47.93 15.27
N GLN GE 66 113.03 -46.67 15.62
CA GLN GE 66 113.35 -45.64 14.66
C GLN GE 66 114.78 -45.19 14.85
N VAL GE 67 115.52 -45.08 13.75
CA VAL GE 67 116.89 -44.62 13.77
C VAL GE 67 117.05 -43.62 12.65
N LYS GE 68 117.47 -42.41 12.99
CA LYS GE 68 117.68 -41.35 12.02
C LYS GE 68 119.11 -40.84 12.14
N ILE GE 69 119.70 -40.47 11.01
CA ILE GE 69 121.06 -39.96 10.96
C ILE GE 69 121.03 -38.64 10.21
N GLN GE 70 121.71 -37.64 10.76
CA GLN GE 70 121.74 -36.30 10.20
C GLN GE 70 123.19 -35.88 10.06
N ASN GE 71 123.62 -35.67 8.82
CA ASN GE 71 125.00 -35.32 8.50
C ASN GE 71 125.01 -34.10 7.60
N PRO GE 72 125.13 -32.91 8.18
CA PRO GE 72 125.12 -31.70 7.37
C PRO GE 72 126.40 -31.59 6.55
N THR GE 73 126.43 -30.55 5.71
CA THR GE 73 127.58 -30.23 4.90
C THR GE 73 128.05 -28.84 5.25
N ALA GE 74 129.22 -28.74 5.85
CA ALA GE 74 129.78 -27.47 6.26
C ALA GE 74 130.29 -26.70 5.04
N CYS GE 75 129.96 -25.42 4.98
CA CYS GE 75 130.60 -24.51 4.03
C CYS GE 75 131.62 -23.73 4.85
N THR GE 76 132.90 -24.05 4.67
CA THR GE 76 133.93 -23.43 5.48
C THR GE 76 134.03 -21.94 5.20
N ALA GE 77 134.27 -21.58 3.94
CA ALA GE 77 134.32 -20.18 3.56
C ALA GE 77 133.01 -19.84 2.86
N ASN GE 78 132.18 -19.08 3.55
CA ASN GE 78 130.97 -18.52 2.95
C ASN GE 78 131.20 -17.10 2.49
N GLY GE 79 132.43 -16.61 2.57
CA GLY GE 79 132.66 -15.18 2.50
C GLY GE 79 132.41 -14.50 3.82
N SER GE 80 132.11 -15.27 4.86
CA SER GE 80 131.84 -14.75 6.19
C SER GE 80 132.74 -15.48 7.18
N CYS GE 81 132.82 -14.93 8.39
CA CYS GE 81 133.73 -15.45 9.40
C CYS GE 81 133.32 -16.79 9.97
N ASP GE 82 132.07 -17.22 9.74
CA ASP GE 82 131.61 -18.45 10.35
C ASP GE 82 131.12 -19.42 9.29
N PRO GE 83 131.37 -20.70 9.46
CA PRO GE 83 130.84 -21.69 8.51
C PRO GE 83 129.33 -21.77 8.61
N SER GE 84 128.72 -22.34 7.57
CA SER GE 84 127.28 -22.41 7.49
C SER GE 84 126.84 -23.74 6.92
N VAL GE 85 125.68 -24.20 7.38
CA VAL GE 85 125.08 -25.43 6.88
C VAL GE 85 124.73 -25.23 5.41
N THR GE 86 125.11 -26.19 4.58
CA THR GE 86 124.74 -26.11 3.17
C THR GE 86 123.72 -27.16 2.80
N ARG GE 87 124.16 -28.42 2.74
CA ARG GE 87 123.28 -29.54 2.46
C ARG GE 87 123.13 -30.38 3.72
N GLN GE 88 121.95 -30.97 3.87
CA GLN GE 88 121.69 -31.77 5.06
C GLN GE 88 121.34 -33.18 4.60
N ALA GE 89 122.21 -34.13 4.89
CA ALA GE 89 122.01 -35.51 4.51
C ALA GE 89 121.07 -36.16 5.52
N TYR GE 90 119.99 -36.77 5.04
CA TYR GE 90 119.06 -37.45 5.92
C TYR GE 90 119.10 -38.95 5.68
N ALA GE 91 119.44 -39.68 6.73
CA ALA GE 91 119.43 -41.14 6.69
C ALA GE 91 118.45 -41.61 7.76
N ASP GE 92 117.40 -42.29 7.32
CA ASP GE 92 116.34 -42.73 8.21
C ASP GE 92 116.13 -44.23 8.09
N VAL GE 93 115.98 -44.89 9.22
CA VAL GE 93 115.75 -46.32 9.30
C VAL GE 93 114.70 -46.57 10.35
N THR GE 94 113.75 -47.44 10.04
CA THR GE 94 112.69 -47.81 10.97
C THR GE 94 112.58 -49.32 11.06
N PHE GE 95 111.86 -49.76 12.08
CA PHE GE 95 111.62 -51.18 12.27
C PHE GE 95 110.23 -51.37 12.86
N SER GE 96 109.58 -52.44 12.40
CA SER GE 96 108.28 -52.81 12.93
C SER GE 96 108.36 -54.25 13.40
N PHE GE 97 107.68 -54.55 14.49
CA PHE GE 97 107.64 -55.91 15.00
C PHE GE 97 106.32 -56.15 15.70
N THR GE 98 105.99 -57.41 15.85
CA THR GE 98 104.76 -57.83 16.49
C THR GE 98 105.08 -58.31 17.90
N GLN GE 99 104.13 -58.11 18.79
CA GLN GE 99 104.31 -58.50 20.18
C GLN GE 99 104.81 -59.92 20.31
N TYR GE 100 104.50 -60.79 19.35
CA TYR GE 100 104.99 -62.16 19.39
C TYR GE 100 106.29 -62.33 18.64
N SER GE 101 106.87 -61.25 18.13
CA SER GE 101 108.13 -61.35 17.39
C SER GE 101 109.18 -62.03 18.26
N THR GE 102 109.93 -62.95 17.67
CA THR GE 102 110.94 -63.65 18.46
C THR GE 102 112.27 -62.95 18.35
N ASP GE 103 113.26 -63.49 19.07
CA ASP GE 103 114.57 -62.86 19.08
C ASP GE 103 115.28 -63.04 17.76
N GLU GE 104 115.47 -64.29 17.33
CA GLU GE 104 116.30 -64.55 16.17
C GLU GE 104 115.75 -63.88 14.92
N GLU GE 105 114.43 -63.89 14.77
CA GLU GE 105 113.81 -63.13 13.68
C GLU GE 105 114.35 -61.72 13.64
N ARG GE 106 114.26 -61.02 14.77
CA ARG GE 106 114.82 -59.67 14.83
C ARG GE 106 116.30 -59.69 14.51
N ALA GE 107 117.07 -60.51 15.24
CA ALA GE 107 118.48 -60.66 14.94
C ALA GE 107 118.70 -60.94 13.47
N PHE GE 108 117.92 -61.84 12.89
CA PHE GE 108 118.02 -62.09 11.46
C PHE GE 108 117.86 -60.82 10.66
N VAL GE 109 116.92 -59.96 11.05
CA VAL GE 109 116.74 -58.71 10.32
C VAL GE 109 117.97 -57.83 10.45
N ARG GE 110 118.54 -57.76 11.64
CA ARG GE 110 119.63 -56.80 11.86
C ARG GE 110 120.78 -57.06 10.92
N THR GE 111 121.32 -58.28 10.93
CA THR GE 111 122.48 -58.57 10.10
C THR GE 111 122.19 -58.32 8.63
N GLU GE 112 121.16 -58.98 8.09
CA GLU GE 112 120.91 -58.91 6.66
C GLU GE 112 120.85 -57.49 6.14
N LEU GE 113 120.23 -56.58 6.90
CA LEU GE 113 120.23 -55.19 6.46
C LEU GE 113 121.66 -54.68 6.30
N ALA GE 114 122.51 -54.96 7.28
CA ALA GE 114 123.91 -54.57 7.15
C ALA GE 114 124.54 -55.19 5.92
N ALA GE 115 124.40 -56.50 5.74
CA ALA GE 115 124.97 -57.15 4.58
C ALA GE 115 124.57 -56.46 3.29
N LEU GE 116 123.28 -56.13 3.15
CA LEU GE 116 122.86 -55.36 1.99
C LEU GE 116 123.66 -54.08 1.86
N LEU GE 117 123.84 -53.36 2.96
CA LEU GE 117 124.59 -52.12 2.88
C LEU GE 117 126.00 -52.35 2.39
N ALA GE 118 126.56 -53.53 2.63
CA ALA GE 118 127.85 -53.88 2.06
C ALA GE 118 127.71 -54.57 0.71
N SER GE 119 126.49 -54.90 0.30
CA SER GE 119 126.31 -55.57 -0.97
C SER GE 119 126.69 -54.65 -2.12
N PRO GE 120 127.26 -55.20 -3.20
CA PRO GE 120 127.56 -54.36 -4.37
C PRO GE 120 126.32 -53.78 -5.00
N LEU GE 121 125.15 -54.32 -4.71
CA LEU GE 121 123.93 -53.74 -5.27
C LEU GE 121 123.73 -52.32 -4.79
N LEU GE 122 123.60 -52.13 -3.48
CA LEU GE 122 123.21 -50.83 -2.96
C LEU GE 122 124.23 -49.75 -3.22
N ILE GE 123 125.52 -50.09 -3.29
CA ILE GE 123 126.53 -49.07 -3.41
C ILE GE 123 126.29 -48.21 -4.64
N ASP GE 124 126.04 -48.81 -5.80
CA ASP GE 124 125.65 -48.04 -6.96
C ASP GE 124 124.34 -47.32 -6.75
N ALA GE 125 123.37 -48.01 -6.16
CA ALA GE 125 122.12 -47.36 -5.76
C ALA GE 125 122.35 -46.16 -4.86
N ILE GE 126 123.16 -46.31 -3.82
CA ILE GE 126 123.46 -45.23 -2.91
C ILE GE 126 124.46 -44.26 -3.50
N ASP GE 127 125.68 -44.72 -3.72
CA ASP GE 127 126.75 -43.80 -4.10
C ASP GE 127 126.48 -43.13 -5.44
N GLN GE 128 126.23 -43.92 -6.47
CA GLN GE 128 126.05 -43.39 -7.80
C GLN GE 128 124.59 -43.14 -8.16
N LEU GE 129 123.67 -43.34 -7.23
CA LEU GE 129 122.25 -43.08 -7.45
C LEU GE 129 121.76 -43.82 -8.69
N ASN GE 130 121.79 -45.14 -8.60
CA ASN GE 130 121.41 -45.88 -9.78
C ASN GE 130 120.33 -46.89 -9.45
N PRO GE 131 119.38 -47.04 -10.32
CA PRO GE 131 118.41 -48.13 -10.16
C PRO GE 131 119.04 -49.47 -10.41
N ALA GE 132 118.20 -50.49 -10.54
CA ALA GE 132 118.60 -51.88 -10.39
C ALA GE 132 119.24 -52.46 -11.63
N TYR GE 133 119.44 -51.65 -12.66
CA TYR GE 133 119.99 -52.17 -13.91
C TYR GE 133 121.48 -51.89 -14.00
N ALA HE 2 125.04 -33.80 32.36
CA ALA HE 2 125.24 -35.13 32.94
C ALA HE 2 124.03 -35.54 33.75
N LYS HE 3 124.18 -36.63 34.50
CA LYS HE 3 123.10 -37.21 35.27
C LYS HE 3 122.65 -36.24 36.37
N LEU HE 4 121.35 -36.20 36.58
CA LEU HE 4 120.80 -35.54 37.75
C LEU HE 4 121.43 -36.17 38.99
N GLU HE 5 121.93 -35.34 39.88
CA GLU HE 5 122.56 -35.83 41.09
C GLU HE 5 122.22 -34.91 42.24
N THR HE 6 122.67 -35.29 43.43
CA THR HE 6 122.63 -34.40 44.57
C THR HE 6 123.57 -33.26 44.24
N VAL HE 7 123.06 -32.03 44.32
CA VAL HE 7 123.90 -30.88 44.01
C VAL HE 7 124.11 -30.10 45.30
N THR HE 8 125.33 -30.16 45.82
CA THR HE 8 125.70 -29.39 47.00
C THR HE 8 126.14 -28.02 46.56
N LEU HE 9 125.79 -27.01 47.35
CA LEU HE 9 126.18 -25.64 47.07
C LEU HE 9 126.73 -24.99 48.33
N GLY HE 10 127.95 -24.50 48.24
CA GLY HE 10 128.55 -23.74 49.31
C GLY HE 10 128.53 -22.26 48.98
N ASN HE 11 128.89 -21.45 49.97
CA ASN HE 11 129.04 -20.02 49.78
C ASN HE 11 127.73 -19.40 49.27
N ILE HE 12 126.74 -19.39 50.15
CA ILE HE 12 125.40 -18.98 49.79
C ILE HE 12 124.97 -17.87 50.74
N GLY HE 13 124.10 -16.99 50.26
CA GLY HE 13 123.57 -15.93 51.09
C GLY HE 13 124.59 -14.85 51.35
N LYS HE 14 124.10 -13.75 51.90
CA LYS HE 14 124.97 -12.62 52.22
C LYS HE 14 126.16 -13.06 53.06
N ASP HE 15 125.94 -14.01 53.95
CA ASP HE 15 127.04 -14.56 54.72
C ASP HE 15 128.03 -15.30 53.82
N GLY HE 16 127.53 -16.19 52.97
CA GLY HE 16 128.43 -17.07 52.27
C GLY HE 16 128.80 -18.30 53.06
N LYS HE 17 128.30 -18.40 54.28
CA LYS HE 17 128.46 -19.64 55.04
C LYS HE 17 127.28 -20.56 54.82
N GLN HE 18 126.24 -20.08 54.17
CA GLN HE 18 125.07 -20.89 53.87
C GLN HE 18 125.42 -21.96 52.87
N THR HE 19 124.85 -23.13 53.06
CA THR HE 19 125.03 -24.25 52.15
C THR HE 19 123.67 -24.84 51.81
N LEU HE 20 123.59 -25.48 50.64
CA LEU HE 20 122.33 -26.05 50.19
C LEU HE 20 122.60 -27.28 49.35
N VAL HE 21 121.78 -28.29 49.52
CA VAL HE 21 121.82 -29.48 48.70
C VAL HE 21 120.51 -29.57 47.94
N LEU HE 22 120.57 -30.20 46.77
CA LEU HE 22 119.40 -30.33 45.90
C LEU HE 22 119.28 -31.77 45.43
N ASN HE 23 118.20 -32.38 45.74
CA ASN HE 23 118.08 -33.72 45.22
C ASN HE 23 117.42 -33.71 43.85
N PRO HE 24 117.79 -34.65 42.99
CA PRO HE 24 117.08 -34.79 41.72
C PRO HE 24 115.62 -35.14 41.96
N ARG HE 25 114.73 -34.37 41.34
CA ARG HE 25 113.31 -34.58 41.48
C ARG HE 25 112.71 -35.35 40.32
N GLY HE 26 113.53 -35.80 39.37
CA GLY HE 26 113.02 -36.37 38.16
C GLY HE 26 112.76 -35.30 37.11
N VAL HE 27 112.18 -35.72 36.00
CA VAL HE 27 111.95 -34.83 34.88
C VAL HE 27 110.50 -34.97 34.43
N ASN HE 28 109.81 -33.85 34.33
CA ASN HE 28 108.51 -33.90 33.70
C ASN HE 28 108.66 -34.10 32.21
N PRO HE 29 108.23 -35.24 31.66
CA PRO HE 29 108.42 -35.48 30.23
C PRO HE 29 107.55 -34.61 29.35
N THR HE 30 106.39 -34.18 29.84
CA THR HE 30 105.50 -33.38 29.02
C THR HE 30 106.19 -32.15 28.50
N ASN HE 31 106.46 -31.20 29.39
CA ASN HE 31 107.24 -30.03 29.02
C ASN HE 31 108.71 -30.37 28.80
N GLY HE 32 109.14 -31.57 29.18
CA GLY HE 32 110.53 -31.92 29.06
C GLY HE 32 111.42 -31.06 29.93
N VAL HE 33 111.12 -31.00 31.23
CA VAL HE 33 111.83 -30.11 32.14
C VAL HE 33 112.24 -30.91 33.37
N ALA HE 34 113.52 -30.81 33.71
CA ALA HE 34 114.04 -31.42 34.92
C ALA HE 34 113.64 -30.60 36.14
N SER HE 35 113.73 -31.23 37.30
CA SER HE 35 113.39 -30.57 38.55
C SER HE 35 114.39 -30.98 39.63
N LEU HE 36 114.75 -30.03 40.47
CA LEU HE 36 115.64 -30.29 41.59
C LEU HE 36 115.05 -29.64 42.82
N SER HE 37 115.33 -30.22 43.98
CA SER HE 37 114.79 -29.64 45.19
C SER HE 37 115.69 -29.91 46.38
N GLN HE 38 115.68 -28.96 47.31
CA GLN HE 38 116.11 -29.23 48.66
C GLN HE 38 115.23 -30.31 49.27
N ALA HE 39 115.82 -31.11 50.16
CA ALA HE 39 115.02 -32.07 50.91
C ALA HE 39 114.61 -31.40 52.23
N GLY HE 40 113.33 -31.03 52.28
CA GLY HE 40 112.74 -30.48 53.48
C GLY HE 40 111.73 -31.43 54.07
N ALA HE 41 110.79 -30.85 54.81
CA ALA HE 41 109.65 -31.61 55.27
C ALA HE 41 108.53 -31.58 54.24
N VAL HE 42 107.96 -30.41 54.02
CA VAL HE 42 106.82 -30.28 53.12
C VAL HE 42 107.31 -29.85 51.74
N PRO HE 43 107.07 -30.66 50.70
CA PRO HE 43 107.47 -30.26 49.35
C PRO HE 43 107.01 -28.87 48.96
N ALA HE 44 105.78 -28.50 49.28
CA ALA HE 44 105.32 -27.14 49.06
C ALA HE 44 106.27 -26.11 49.66
N LEU HE 45 106.85 -26.40 50.82
CA LEU HE 45 107.82 -25.52 51.42
C LEU HE 45 109.20 -25.66 50.80
N GLU HE 46 109.52 -26.83 50.25
CA GLU HE 46 110.87 -27.12 49.83
C GLU HE 46 111.25 -26.27 48.63
N LYS HE 47 112.51 -25.86 48.61
CA LYS HE 47 113.03 -25.00 47.54
C LYS HE 47 112.99 -25.82 46.26
N ARG HE 48 112.74 -25.15 45.14
CA ARG HE 48 112.68 -25.85 43.86
C ARG HE 48 113.63 -25.21 42.87
N VAL HE 49 114.21 -26.03 42.00
CA VAL HE 49 115.09 -25.58 40.94
C VAL HE 49 114.70 -26.32 39.67
N THR HE 50 114.48 -25.57 38.60
CA THR HE 50 114.02 -26.13 37.34
C THR HE 50 114.96 -25.72 36.22
N VAL HE 51 115.36 -26.68 35.41
CA VAL HE 51 116.16 -26.41 34.23
C VAL HE 51 115.52 -27.10 33.04
N SER HE 52 115.76 -26.55 31.86
CA SER HE 52 115.21 -27.12 30.66
C SER HE 52 116.10 -26.74 29.48
N VAL HE 53 116.09 -27.62 28.48
CA VAL HE 53 116.72 -27.31 27.20
C VAL HE 53 115.61 -27.19 26.19
N SER HE 54 115.96 -26.95 24.94
CA SER HE 54 114.99 -26.86 23.87
C SER HE 54 115.70 -27.16 22.56
N GLN HE 55 114.91 -27.41 21.53
CA GLN HE 55 115.49 -27.63 20.23
C GLN HE 55 114.68 -26.87 19.18
N PRO HE 56 115.32 -26.35 18.16
CA PRO HE 56 114.61 -25.51 17.20
C PRO HE 56 113.57 -26.30 16.44
N SER HE 57 112.43 -25.66 16.20
CA SER HE 57 111.33 -26.29 15.49
C SER HE 57 110.94 -25.39 14.33
N ARG HE 58 109.87 -25.76 13.64
CA ARG HE 58 109.27 -24.88 12.65
C ARG HE 58 108.79 -23.57 13.27
N ASN HE 59 108.51 -23.56 14.57
CA ASN HE 59 108.12 -22.35 15.27
C ASN HE 59 109.28 -21.44 15.59
N ARG HE 60 110.42 -21.99 15.96
CA ARG HE 60 111.58 -21.19 16.33
C ARG HE 60 112.84 -21.92 15.91
N LYS HE 61 113.80 -21.17 15.40
CA LYS HE 61 115.07 -21.71 14.91
C LYS HE 61 116.14 -21.62 15.98
N ASN HE 62 115.78 -21.17 17.16
CA ASN HE 62 116.77 -20.86 18.18
C ASN HE 62 116.63 -21.81 19.35
N TYR HE 63 117.74 -22.05 20.02
CA TYR HE 63 117.71 -22.85 21.24
C TYR HE 63 117.31 -21.99 22.41
N LYS HE 64 116.48 -22.55 23.29
CA LYS HE 64 116.10 -21.89 24.54
C LYS HE 64 116.59 -22.75 25.70
N VAL HE 65 117.21 -22.10 26.67
CA VAL HE 65 117.58 -22.74 27.91
C VAL HE 65 116.93 -21.94 29.03
N GLN HE 66 115.99 -22.54 29.72
CA GLN HE 66 115.21 -21.87 30.74
C GLN HE 66 115.55 -22.43 32.10
N VAL HE 67 115.78 -21.54 33.06
CA VAL HE 67 116.06 -21.93 34.43
C VAL HE 67 115.22 -21.07 35.35
N LYS HE 68 114.40 -21.70 36.17
CA LYS HE 68 113.56 -21.00 37.13
C LYS HE 68 113.84 -21.51 38.52
N ILE HE 69 113.76 -20.62 39.50
CA ILE HE 69 113.99 -20.94 40.89
C ILE HE 69 112.81 -20.45 41.70
N GLN HE 70 112.33 -21.30 42.60
CA GLN HE 70 111.15 -21.02 43.40
C GLN HE 70 111.50 -21.25 44.86
N ASN HE 71 111.48 -20.18 45.66
CA ASN HE 71 111.87 -20.24 47.06
C ASN HE 71 110.77 -19.60 47.89
N PRO HE 72 109.83 -20.38 48.40
CA PRO HE 72 108.74 -19.82 49.19
C PRO HE 72 109.25 -19.31 50.53
N THR HE 73 108.32 -18.71 51.27
CA THR HE 73 108.59 -18.23 52.60
C THR HE 73 107.63 -18.91 53.56
N ALA HE 74 108.18 -19.74 54.43
CA ALA HE 74 107.38 -20.49 55.39
C ALA HE 74 106.92 -19.56 56.50
N CYS HE 75 105.64 -19.65 56.86
CA CYS HE 75 105.13 -19.05 58.08
C CYS HE 75 105.01 -20.20 59.08
N THR HE 76 105.92 -20.22 60.05
CA THR HE 76 105.96 -21.34 60.99
C THR HE 76 104.70 -21.35 61.86
N ALA HE 77 104.45 -20.26 62.57
CA ALA HE 77 103.25 -20.15 63.38
C ALA HE 77 102.27 -19.27 62.64
N ASN HE 78 101.22 -19.89 62.10
CA ASN HE 78 100.10 -19.18 61.52
C ASN HE 78 98.96 -19.03 62.52
N GLY HE 79 99.16 -19.45 63.77
CA GLY HE 79 98.04 -19.69 64.65
C GLY HE 79 97.40 -21.04 64.40
N SER HE 80 97.98 -21.84 63.51
CA SER HE 80 97.46 -23.15 63.15
C SER HE 80 98.60 -24.15 63.30
N CYS HE 81 98.24 -25.43 63.31
CA CYS HE 81 99.20 -26.49 63.56
C CYS HE 81 100.17 -26.71 62.41
N ASP HE 82 99.89 -26.17 61.23
CA ASP HE 82 100.76 -26.43 60.10
C ASP HE 82 101.28 -25.13 59.51
N PRO HE 83 102.53 -25.12 59.06
CA PRO HE 83 103.06 -23.91 58.42
C PRO HE 83 102.38 -23.68 57.09
N SER HE 84 102.51 -22.46 56.58
CA SER HE 84 101.83 -22.07 55.36
C SER HE 84 102.73 -21.19 54.51
N VAL HE 85 102.55 -21.30 53.20
CA VAL HE 85 103.30 -20.48 52.26
C VAL HE 85 102.87 -19.04 52.44
N THR HE 86 103.83 -18.13 52.53
CA THR HE 86 103.50 -16.72 52.65
C THR HE 86 103.88 -15.96 51.38
N ARG HE 87 105.18 -15.77 51.18
CA ARG HE 87 105.68 -15.11 49.99
C ARG HE 87 106.40 -16.12 49.12
N GLN HE 88 106.32 -15.94 47.82
CA GLN HE 88 106.94 -16.87 46.89
C GLN HE 88 107.96 -16.11 46.06
N ALA HE 89 109.23 -16.39 46.27
CA ALA HE 89 110.31 -15.74 45.53
C ALA HE 89 110.44 -16.40 44.17
N TYR HE 90 110.39 -15.61 43.11
CA TYR HE 90 110.56 -16.13 41.76
C TYR HE 90 111.86 -15.63 41.15
N ALA HE 91 112.72 -16.59 40.81
CA ALA HE 91 113.97 -16.28 40.12
C ALA HE 91 113.94 -17.02 38.79
N ASP HE 92 113.96 -16.26 37.70
CA ASP HE 92 113.85 -16.81 36.36
C ASP HE 92 115.03 -16.38 35.51
N VAL HE 93 115.59 -17.32 34.77
CA VAL HE 93 116.72 -17.09 33.88
C VAL HE 93 116.46 -17.84 32.59
N THR HE 94 116.70 -17.18 31.47
CA THR HE 94 116.54 -17.80 30.16
C THR HE 94 117.79 -17.59 29.32
N PHE HE 95 117.87 -18.34 28.24
CA PHE HE 95 118.98 -18.22 27.30
C PHE HE 95 118.48 -18.45 25.90
N SER HE 96 119.04 -17.69 24.97
CA SER HE 96 118.73 -17.87 23.56
C SER HE 96 120.04 -18.06 22.82
N PHE HE 97 120.01 -18.91 21.80
CA PHE HE 97 121.19 -19.17 21.00
C PHE HE 97 120.76 -19.51 19.59
N THR HE 98 121.70 -19.35 18.67
CA THR HE 98 121.47 -19.64 17.27
C THR HE 98 122.12 -20.97 16.93
N GLN HE 99 121.52 -21.68 15.99
CA GLN HE 99 122.02 -22.98 15.58
C GLN HE 99 123.50 -22.95 15.29
N TYR HE 100 124.04 -21.81 14.87
CA TYR HE 100 125.47 -21.70 14.62
C TYR HE 100 126.24 -21.22 15.85
N SER HE 101 125.57 -21.04 16.98
CA SER HE 101 126.26 -20.57 18.18
C SER HE 101 127.41 -21.50 18.50
N THR HE 102 128.56 -20.92 18.85
CA THR HE 102 129.70 -21.76 19.15
C THR HE 102 129.77 -22.07 20.65
N ASP HE 103 130.77 -22.85 21.01
CA ASP HE 103 130.90 -23.26 22.40
C ASP HE 103 131.35 -22.10 23.28
N GLU HE 104 132.48 -21.49 22.96
CA GLU HE 104 133.06 -20.51 23.85
C GLU HE 104 132.14 -19.31 24.03
N GLU HE 105 131.47 -18.89 22.96
CA GLU HE 105 130.45 -17.86 23.10
C GLU HE 105 129.50 -18.19 24.23
N ARG HE 106 128.92 -19.38 24.18
CA ARG HE 106 128.05 -19.80 25.27
C ARG HE 106 128.80 -19.80 26.59
N ALA HE 107 129.92 -20.51 26.65
CA ALA HE 107 130.75 -20.49 27.84
C ALA HE 107 131.02 -19.06 28.31
N PHE HE 108 131.37 -18.18 27.37
CA PHE HE 108 131.57 -16.79 27.72
C PHE HE 108 130.34 -16.21 28.41
N VAL HE 109 129.15 -16.54 27.92
CA VAL HE 109 127.95 -16.04 28.55
C VAL HE 109 127.82 -16.57 29.97
N ARG HE 110 128.10 -17.85 30.17
CA ARG HE 110 127.84 -18.46 31.46
C ARG HE 110 128.60 -17.74 32.56
N THR HE 111 129.92 -17.65 32.43
CA THR HE 111 130.71 -17.04 33.49
C THR HE 111 130.27 -15.61 33.76
N GLU HE 112 130.28 -14.75 32.73
CA GLU HE 112 130.03 -13.35 32.94
C GLU HE 112 128.74 -13.09 33.71
N LEU HE 113 127.68 -13.85 33.42
CA LEU HE 113 126.47 -13.69 34.20
C LEU HE 113 126.73 -13.92 35.67
N ALA HE 114 127.46 -14.98 35.99
CA ALA HE 114 127.83 -15.22 37.38
C ALA HE 114 128.60 -14.05 37.95
N ALA HE 115 129.66 -13.62 37.25
CA ALA HE 115 130.45 -12.50 37.74
C ALA HE 115 129.58 -11.30 38.08
N LEU HE 116 128.64 -10.96 37.20
CA LEU HE 116 127.70 -9.91 37.52
C LEU HE 116 126.99 -10.17 38.83
N LEU HE 117 126.53 -11.40 39.03
CA LEU HE 117 125.83 -11.70 40.27
C LEU HE 117 126.71 -11.49 41.49
N ALA HE 118 128.02 -11.62 41.31
CA ALA HE 118 128.95 -11.26 42.38
C ALA HE 118 129.39 -9.82 42.31
N SER HE 119 129.05 -9.11 41.24
CA SER HE 119 129.47 -7.73 41.11
C SER HE 119 128.80 -6.87 42.17
N PRO HE 120 129.50 -5.86 42.69
CA PRO HE 120 128.87 -4.94 43.65
C PRO HE 120 127.71 -4.18 43.06
N LEU HE 121 127.60 -4.13 41.74
CA LEU HE 121 126.46 -3.44 41.15
C LEU HE 121 125.15 -4.12 41.51
N LEU HE 122 125.00 -5.38 41.15
CA LEU HE 122 123.71 -6.03 41.29
C LEU HE 122 123.27 -6.19 42.74
N ILE HE 123 124.23 -6.33 43.67
CA ILE HE 123 123.84 -6.60 45.04
C ILE HE 123 122.91 -5.53 45.57
N ASP HE 124 123.25 -4.26 45.39
CA ASP HE 124 122.33 -3.19 45.75
C ASP HE 124 121.05 -3.26 44.93
N ALA HE 125 121.18 -3.50 43.63
CA ALA HE 125 120.02 -3.75 42.79
C ALA HE 125 119.16 -4.87 43.31
N ILE HE 126 119.74 -6.02 43.63
CA ILE HE 126 119.01 -7.15 44.14
C ILE HE 126 118.64 -6.95 45.61
N ASP HE 127 119.65 -6.92 46.48
CA ASP HE 127 119.37 -6.94 47.91
C ASP HE 127 118.59 -5.72 48.36
N GLN HE 128 119.09 -4.53 48.05
CA GLN HE 128 118.47 -3.31 48.51
C GLN HE 128 117.51 -2.71 47.51
N LEU HE 129 117.26 -3.38 46.38
CA LEU HE 129 116.30 -2.92 45.39
C LEU HE 129 116.63 -1.49 44.95
N ASN HE 130 117.79 -1.35 44.33
CA ASN HE 130 118.16 0.00 43.99
C ASN HE 130 118.51 0.09 42.52
N PRO HE 131 118.12 1.15 41.87
CA PRO HE 131 118.56 1.40 40.49
C PRO HE 131 120.03 1.76 40.45
N ALA HE 132 120.48 2.23 39.30
CA ALA HE 132 121.89 2.26 38.93
C ALA HE 132 122.64 3.43 39.54
N TYR HE 133 122.00 4.22 40.37
CA TYR HE 133 122.65 5.40 40.92
C TYR HE 133 123.15 5.14 42.31
N ALA IE 2 -39.87 -117.94 45.96
CA ALA IE 2 -39.41 -118.29 47.29
C ALA IE 2 -38.04 -117.70 47.56
N LYS IE 3 -37.42 -118.13 48.65
CA LYS IE 3 -36.14 -117.61 49.08
C LYS IE 3 -35.06 -117.94 48.08
N LEU IE 4 -34.17 -116.99 47.86
CA LEU IE 4 -32.92 -117.25 47.14
C LEU IE 4 -32.21 -118.38 47.84
N GLU IE 5 -31.80 -119.40 47.08
CA GLU IE 5 -31.10 -120.53 47.64
C GLU IE 5 -30.03 -120.98 46.68
N THR IE 6 -29.26 -121.98 47.12
CA THR IE 6 -28.34 -122.67 46.22
C THR IE 6 -29.22 -123.38 45.20
N VAL IE 7 -28.96 -123.13 43.93
CA VAL IE 7 -29.76 -123.77 42.89
C VAL IE 7 -28.86 -124.73 42.14
N THR IE 8 -29.10 -126.02 42.34
CA THR IE 8 -28.38 -127.06 41.63
C THR IE 8 -29.08 -127.33 40.32
N LEU IE 9 -28.31 -127.58 39.28
CA LEU IE 9 -28.85 -127.88 37.97
C LEU IE 9 -28.15 -129.10 37.40
N GLY IE 10 -28.94 -130.12 37.05
CA GLY IE 10 -28.43 -131.29 36.37
C GLY IE 10 -28.80 -131.23 34.90
N ASN IE 11 -28.23 -132.16 34.15
CA ASN IE 11 -28.57 -132.32 32.74
C ASN IE 11 -28.33 -131.03 31.97
N ILE IE 12 -27.05 -130.69 31.82
CA ILE IE 12 -26.64 -129.43 31.26
C ILE IE 12 -25.68 -129.72 30.10
N GLY IE 13 -25.66 -128.83 29.12
CA GLY IE 13 -24.77 -128.96 27.99
C GLY IE 13 -25.20 -130.06 27.05
N LYS IE 14 -24.54 -130.07 25.90
CA LYS IE 14 -24.83 -131.08 24.88
C LYS IE 14 -24.75 -132.48 25.47
N ASP IE 15 -23.82 -132.71 26.39
CA ASP IE 15 -23.75 -133.99 27.07
C ASP IE 15 -24.99 -134.23 27.93
N GLY IE 16 -25.37 -133.25 28.74
CA GLY IE 16 -26.39 -133.50 29.74
C GLY IE 16 -25.84 -134.13 30.99
N LYS IE 17 -24.54 -134.39 31.04
CA LYS IE 17 -23.90 -134.81 32.28
C LYS IE 17 -23.37 -133.62 33.05
N GLN IE 18 -23.39 -132.45 32.44
CA GLN IE 18 -22.92 -131.24 33.09
C GLN IE 18 -23.88 -130.85 34.21
N THR IE 19 -23.32 -130.37 35.31
CA THR IE 19 -24.10 -129.90 36.43
C THR IE 19 -23.59 -128.52 36.85
N LEU IE 20 -24.47 -127.74 37.47
CA LEU IE 20 -24.11 -126.40 37.88
C LEU IE 20 -24.86 -126.04 39.14
N VAL IE 21 -24.19 -125.34 40.04
CA VAL IE 21 -24.82 -124.80 41.23
C VAL IE 21 -24.73 -123.28 41.16
N LEU IE 22 -25.68 -122.61 41.80
CA LEU IE 22 -25.77 -121.16 41.77
C LEU IE 22 -25.98 -120.66 43.19
N ASN IE 23 -25.09 -119.86 43.66
CA ASN IE 23 -25.36 -119.35 44.98
C ASN IE 23 -26.13 -118.04 44.88
N PRO IE 24 -26.98 -117.77 45.87
CA PRO IE 24 -27.63 -116.46 45.91
C PRO IE 24 -26.60 -115.35 46.08
N ARG IE 25 -26.69 -114.37 45.21
CA ARG IE 25 -25.78 -113.23 45.23
C ARG IE 25 -26.36 -112.03 45.93
N GLY IE 26 -27.55 -112.12 46.48
CA GLY IE 26 -28.26 -110.97 46.99
C GLY IE 26 -29.05 -110.30 45.90
N VAL IE 27 -29.62 -109.15 46.24
CA VAL IE 27 -30.51 -108.42 45.33
C VAL IE 27 -30.08 -106.97 45.28
N ASN IE 28 -29.86 -106.46 44.10
CA ASN IE 28 -29.65 -105.03 43.98
C ASN IE 28 -30.96 -104.31 44.21
N PRO IE 29 -31.10 -103.53 45.28
CA PRO IE 29 -32.37 -102.87 45.55
C PRO IE 29 -32.69 -101.75 44.58
N THR IE 30 -31.68 -101.11 44.01
CA THR IE 30 -31.93 -99.99 43.11
C THR IE 30 -32.82 -100.41 41.96
N ASN IE 31 -32.31 -101.22 41.05
CA ASN IE 31 -33.13 -101.78 39.99
C ASN IE 31 -34.08 -102.84 40.52
N GLY IE 32 -33.93 -103.27 41.75
CA GLY IE 32 -34.77 -104.33 42.28
C GLY IE 32 -34.59 -105.63 41.54
N VAL IE 33 -33.35 -106.11 41.44
CA VAL IE 33 -33.04 -107.30 40.64
C VAL IE 33 -32.20 -108.24 41.49
N ALA IE 34 -32.62 -109.49 41.55
CA ALA IE 34 -31.86 -110.53 42.21
C ALA IE 34 -30.69 -110.96 41.35
N SER IE 35 -29.72 -111.60 41.98
CA SER IE 35 -28.55 -112.09 41.28
C SER IE 35 -28.17 -113.47 41.81
N LEU IE 36 -27.74 -114.34 40.91
CA LEU IE 36 -27.29 -115.67 41.27
C LEU IE 36 -25.97 -115.93 40.56
N SER IE 37 -25.12 -116.75 41.16
CA SER IE 37 -23.85 -117.04 40.51
C SER IE 37 -23.35 -118.41 40.89
N GLN IE 38 -22.63 -119.00 39.94
CA GLN IE 38 -21.73 -120.09 40.26
C GLN IE 38 -20.66 -119.58 41.23
N ALA IE 39 -20.18 -120.48 42.09
CA ALA IE 39 -19.04 -120.14 42.93
C ALA IE 39 -17.78 -120.60 42.22
N GLY IE 40 -17.06 -119.62 41.69
CA GLY IE 40 -15.78 -119.85 41.07
C GLY IE 40 -14.66 -119.25 41.88
N ALA IE 41 -13.57 -118.95 41.19
CA ALA IE 41 -12.50 -118.18 41.80
C ALA IE 41 -12.74 -116.69 41.63
N VAL IE 42 -12.71 -116.21 40.40
CA VAL IE 42 -12.83 -114.79 40.13
C VAL IE 42 -14.28 -114.47 39.77
N PRO IE 43 -14.95 -113.61 40.54
CA PRO IE 43 -16.33 -113.24 40.20
C PRO IE 43 -16.50 -112.77 38.77
N ALA IE 44 -15.58 -111.98 38.24
CA ALA IE 44 -15.60 -111.62 36.83
C ALA IE 44 -15.70 -112.84 35.94
N LEU IE 45 -15.03 -113.93 36.29
CA LEU IE 45 -15.13 -115.16 35.53
C LEU IE 45 -16.40 -115.93 35.86
N GLU IE 46 -16.94 -115.78 37.05
CA GLU IE 46 -18.02 -116.63 37.52
C GLU IE 46 -19.30 -116.36 36.72
N LYS IE 47 -20.04 -117.43 36.46
CA LYS IE 47 -21.28 -117.36 35.69
C LYS IE 47 -22.26 -116.54 36.50
N ARG IE 48 -23.09 -115.77 35.81
CA ARG IE 48 -24.08 -114.95 36.49
C ARG IE 48 -25.47 -115.25 35.97
N VAL IE 49 -26.45 -115.15 36.87
CA VAL IE 49 -27.85 -115.33 36.53
C VAL IE 49 -28.64 -114.24 37.23
N THR IE 50 -29.47 -113.54 36.46
CA THR IE 50 -30.22 -112.40 36.95
C THR IE 50 -31.69 -112.59 36.67
N VAL IE 51 -32.52 -112.37 37.68
CA VAL IE 51 -33.96 -112.42 37.51
C VAL IE 51 -34.54 -111.15 38.12
N SER IE 52 -35.71 -110.75 37.60
CA SER IE 52 -36.36 -109.56 38.11
C SER IE 52 -37.85 -109.68 37.85
N VAL IE 53 -38.62 -109.03 38.71
CA VAL IE 53 -40.05 -108.88 38.49
C VAL IE 53 -40.30 -107.41 38.23
N SER IE 54 -41.55 -107.04 38.05
CA SER IE 54 -41.91 -105.64 37.83
C SER IE 54 -43.36 -105.47 38.22
N GLN IE 55 -43.77 -104.22 38.38
CA GLN IE 55 -45.16 -103.96 38.66
C GLN IE 55 -45.62 -102.78 37.83
N PRO IE 56 -46.88 -102.81 37.38
CA PRO IE 56 -47.35 -101.77 36.46
C PRO IE 56 -47.34 -100.41 37.13
N SER IE 57 -46.96 -99.40 36.35
CA SER IE 57 -46.90 -98.03 36.83
C SER IE 57 -47.71 -97.16 35.89
N ARG IE 58 -47.67 -95.85 36.13
CA ARG IE 58 -48.23 -94.91 35.18
C ARG IE 58 -47.54 -94.98 33.82
N ASN IE 59 -46.30 -95.47 33.77
CA ASN IE 59 -45.60 -95.65 32.52
C ASN IE 59 -46.03 -96.89 31.76
N ARG IE 60 -46.32 -97.99 32.45
CA ARG IE 60 -46.70 -99.23 31.81
C ARG IE 60 -47.70 -99.96 32.69
N LYS IE 61 -48.70 -100.55 32.07
CA LYS IE 61 -49.76 -101.26 32.76
C LYS IE 61 -49.48 -102.75 32.80
N ASN IE 62 -48.33 -103.16 32.30
CA ASN IE 62 -48.04 -104.56 32.11
C ASN IE 62 -46.93 -105.00 33.05
N TYR IE 63 -46.96 -106.27 33.43
CA TYR IE 63 -45.88 -106.84 34.21
C TYR IE 63 -44.73 -107.25 33.29
N LYS IE 64 -43.51 -107.00 33.74
CA LYS IE 64 -42.32 -107.45 33.05
C LYS IE 64 -41.56 -108.40 33.95
N VAL IE 65 -41.13 -109.52 33.39
CA VAL IE 65 -40.25 -110.45 34.06
C VAL IE 65 -39.03 -110.62 33.18
N GLN IE 66 -37.90 -110.16 33.66
CA GLN IE 66 -36.67 -110.15 32.89
C GLN IE 66 -35.67 -111.13 33.49
N VAL IE 67 -35.06 -111.94 32.64
CA VAL IE 67 -34.06 -112.90 33.06
C VAL IE 67 -32.90 -112.80 32.08
N LYS IE 68 -31.72 -112.53 32.61
CA LYS IE 68 -30.51 -112.42 31.81
C LYS IE 68 -29.46 -113.38 32.35
N ILE IE 69 -28.68 -113.94 31.45
CA ILE IE 69 -27.62 -114.88 31.79
C ILE IE 69 -26.33 -114.40 31.16
N GLN IE 70 -25.26 -114.41 31.94
CA GLN IE 70 -23.97 -113.91 31.50
C GLN IE 70 -22.93 -115.00 31.77
N ASN IE 71 -22.33 -115.53 30.71
CA ASN IE 71 -21.37 -116.62 30.81
C ASN IE 71 -20.12 -116.23 30.04
N PRO IE 72 -19.13 -115.67 30.69
CA PRO IE 72 -17.91 -115.26 30.00
C PRO IE 72 -17.11 -116.48 29.55
N THR IE 73 -16.03 -116.18 28.84
CA THR IE 73 -15.09 -117.20 28.40
C THR IE 73 -13.72 -116.87 28.94
N ALA IE 74 -13.24 -117.72 29.84
CA ALA IE 74 -11.95 -117.52 30.48
C ALA IE 74 -10.84 -117.85 29.50
N CYS IE 75 -9.84 -116.98 29.43
CA CYS IE 75 -8.58 -117.31 28.77
C CYS IE 75 -7.60 -117.65 29.88
N THR IE 76 -7.29 -118.93 30.02
CA THR IE 76 -6.45 -119.37 31.13
C THR IE 76 -5.04 -118.81 30.98
N ALA IE 77 -4.38 -119.11 29.86
CA ALA IE 77 -3.05 -118.58 29.60
C ALA IE 77 -3.20 -117.44 28.60
N ASN IE 78 -3.02 -116.23 29.10
CA ASN IE 78 -2.94 -115.04 28.25
C ASN IE 78 -1.49 -114.67 27.97
N GLY IE 79 -0.54 -115.49 28.41
CA GLY IE 79 0.82 -115.03 28.49
C GLY IE 79 1.08 -114.23 29.76
N SER IE 80 0.07 -114.12 30.62
CA SER IE 80 0.16 -113.37 31.85
C SER IE 80 -0.27 -114.28 33.00
N CYS IE 81 0.02 -113.86 34.22
CA CYS IE 81 -0.23 -114.68 35.39
C CYS IE 81 -1.69 -114.82 35.73
N ASP IE 82 -2.56 -113.99 35.16
CA ASP IE 82 -3.96 -114.05 35.53
C ASP IE 82 -4.83 -114.29 34.31
N PRO IE 83 -5.89 -115.07 34.46
CA PRO IE 83 -6.82 -115.28 33.33
C PRO IE 83 -7.55 -114.00 33.02
N SER IE 84 -8.13 -113.95 31.82
CA SER IE 84 -8.81 -112.75 31.35
C SER IE 84 -10.08 -113.12 30.59
N VAL IE 85 -11.06 -112.24 30.69
CA VAL IE 85 -12.31 -112.40 29.96
C VAL IE 85 -12.02 -112.30 28.48
N THR IE 86 -12.54 -113.24 27.71
CA THR IE 86 -12.36 -113.18 26.26
C THR IE 86 -13.68 -112.87 25.56
N ARG IE 87 -14.58 -113.84 25.53
CA ARG IE 87 -15.90 -113.67 24.94
C ARG IE 87 -16.94 -113.67 26.05
N GLN IE 88 -17.99 -112.91 25.85
CA GLN IE 88 -19.04 -112.81 26.87
C GLN IE 88 -20.35 -113.26 26.23
N ALA IE 89 -20.85 -114.40 26.68
CA ALA IE 89 -22.11 -114.94 26.16
C ALA IE 89 -23.27 -114.24 26.84
N TYR IE 90 -24.18 -113.69 26.04
CA TYR IE 90 -25.35 -113.03 26.58
C TYR IE 90 -26.61 -113.81 26.27
N ALA IE 91 -27.30 -114.22 27.32
CA ALA IE 91 -28.58 -114.91 27.18
C ALA IE 91 -29.62 -114.06 27.90
N ASP IE 92 -30.60 -113.56 27.15
CA ASP IE 92 -31.61 -112.67 27.69
C ASP IE 92 -33.00 -113.22 27.40
N VAL IE 93 -33.85 -113.17 28.43
CA VAL IE 93 -35.23 -113.64 28.33
C VAL IE 93 -36.10 -112.62 29.05
N THR IE 94 -37.22 -112.27 28.43
CA THR IE 94 -38.18 -111.34 29.02
C THR IE 94 -39.57 -111.93 28.97
N PHE IE 95 -40.47 -111.32 29.74
CA PHE IE 95 -41.86 -111.73 29.75
C PHE IE 95 -42.74 -110.51 29.92
N SER IE 96 -43.87 -110.53 29.24
CA SER IE 96 -44.86 -109.48 29.38
C SER IE 96 -46.19 -110.13 29.74
N PHE IE 97 -46.95 -109.46 30.58
CA PHE IE 97 -48.25 -109.96 30.98
C PHE IE 97 -49.17 -108.78 31.28
N THR IE 98 -50.46 -109.07 31.25
CA THR IE 98 -51.47 -108.08 31.51
C THR IE 98 -52.02 -108.29 32.91
N GLN IE 99 -52.42 -107.19 33.53
CA GLN IE 99 -52.94 -107.25 34.89
C GLN IE 99 -54.00 -108.31 35.05
N TYR IE 100 -54.73 -108.64 33.99
CA TYR IE 100 -55.73 -109.69 34.05
C TYR IE 100 -55.18 -111.05 33.66
N SER IE 101 -53.87 -111.15 33.41
CA SER IE 101 -53.29 -112.43 33.02
C SER IE 101 -53.59 -113.48 34.09
N THR IE 102 -53.97 -114.68 33.66
CA THR IE 102 -54.29 -115.70 34.64
C THR IE 102 -53.07 -116.54 34.94
N ASP IE 103 -53.25 -117.50 35.85
CA ASP IE 103 -52.14 -118.33 36.26
C ASP IE 103 -51.74 -119.31 35.16
N GLU IE 104 -52.68 -120.13 34.71
CA GLU IE 104 -52.33 -121.20 33.80
C GLU IE 104 -51.74 -120.67 32.50
N GLU IE 105 -52.30 -119.57 32.00
CA GLU IE 105 -51.71 -118.91 30.84
C GLU IE 105 -50.21 -118.72 31.05
N ARG IE 106 -49.84 -118.08 32.15
CA ARG IE 106 -48.43 -117.93 32.46
C ARG IE 106 -47.75 -119.28 32.55
N ALA IE 107 -48.27 -120.17 33.39
CA ALA IE 107 -47.73 -121.51 33.47
C ALA IE 107 -47.60 -122.14 32.10
N PHE IE 108 -48.63 -121.99 31.26
CA PHE IE 108 -48.54 -122.50 29.91
C PHE IE 108 -47.34 -121.93 29.18
N VAL IE 109 -47.06 -120.64 29.36
CA VAL IE 109 -45.91 -120.05 28.71
C VAL IE 109 -44.63 -120.68 29.22
N ARG IE 110 -44.53 -120.88 30.53
CA ARG IE 110 -43.26 -121.33 31.09
C ARG IE 110 -42.81 -122.64 30.47
N THR IE 111 -43.66 -123.67 30.55
CA THR IE 111 -43.25 -124.97 30.04
C THR IE 111 -42.90 -124.91 28.56
N GLU IE 112 -43.82 -124.43 27.73
CA GLU IE 112 -43.60 -124.48 26.28
C GLU IE 112 -42.27 -123.87 25.87
N LEU IE 113 -41.88 -122.76 26.49
CA LEU IE 113 -40.58 -122.20 26.18
C LEU IE 113 -39.49 -123.22 26.43
N ALA IE 114 -39.54 -123.89 27.58
CA ALA IE 114 -38.57 -124.93 27.86
C ALA IE 114 -38.61 -126.01 26.80
N ALA IE 115 -39.79 -126.55 26.50
CA ALA IE 115 -39.90 -127.59 25.49
C ALA IE 115 -39.23 -127.18 24.19
N LEU IE 116 -39.47 -125.95 23.74
CA LEU IE 116 -38.75 -125.46 22.57
C LEU IE 116 -37.26 -125.58 22.74
N LEU IE 117 -36.74 -125.17 23.90
CA LEU IE 117 -35.31 -125.26 24.12
C LEU IE 117 -34.81 -126.68 24.01
N ALA IE 118 -35.65 -127.66 24.30
CA ALA IE 118 -35.30 -129.05 24.06
C ALA IE 118 -35.71 -129.52 22.69
N SER IE 119 -36.47 -128.72 21.95
CA SER IE 119 -36.90 -129.13 20.63
C SER IE 119 -35.71 -129.26 19.68
N PRO IE 120 -35.75 -130.23 18.77
CA PRO IE 120 -34.67 -130.34 17.78
C PRO IE 120 -34.57 -129.13 16.87
N LEU IE 121 -35.61 -128.30 16.81
CA LEU IE 121 -35.52 -127.11 15.99
C LEU IE 121 -34.45 -126.16 16.49
N LEU IE 122 -34.58 -125.71 17.73
CA LEU IE 122 -33.70 -124.66 18.22
C LEU IE 122 -32.25 -125.09 18.31
N ILE IE 123 -31.99 -126.37 18.57
CA ILE IE 123 -30.62 -126.78 18.80
C ILE IE 123 -29.73 -126.42 17.61
N ASP IE 124 -30.17 -126.74 16.39
CA ASP IE 124 -29.45 -126.28 15.22
C ASP IE 124 -29.41 -124.76 15.12
N ALA IE 125 -30.55 -124.12 15.39
CA ALA IE 125 -30.60 -122.68 15.48
C ALA IE 125 -29.61 -122.13 16.50
N ILE IE 126 -29.59 -122.68 17.70
CA ILE IE 126 -28.66 -122.25 18.74
C ILE IE 126 -27.26 -122.77 18.49
N ASP IE 127 -27.09 -124.09 18.58
CA ASP IE 127 -25.74 -124.66 18.56
C ASP IE 127 -25.03 -124.38 17.25
N GLN IE 128 -25.65 -124.74 16.14
CA GLN IE 128 -25.01 -124.62 14.84
C GLN IE 128 -25.35 -123.32 14.13
N LEU IE 129 -26.11 -122.43 14.76
CA LEU IE 129 -26.44 -121.13 14.19
C LEU IE 129 -27.09 -121.31 12.82
N ASN IE 130 -28.25 -121.93 12.82
CA ASN IE 130 -28.84 -122.19 11.53
C ASN IE 130 -30.26 -121.67 11.49
N PRO IE 131 -30.66 -121.10 10.38
CA PRO IE 131 -32.06 -120.73 10.21
C PRO IE 131 -32.93 -121.96 10.04
N ALA IE 132 -34.17 -121.73 9.62
CA ALA IE 132 -35.26 -122.69 9.78
C ALA IE 132 -35.26 -123.77 8.70
N TYR IE 133 -34.26 -123.78 7.83
CA TYR IE 133 -34.25 -124.74 6.74
C TYR IE 133 -33.34 -125.92 7.07
N ALA JE 2 115.42 -42.06 41.42
CA ALA JE 2 116.64 -41.88 40.64
C ALA JE 2 116.45 -42.41 39.24
N LYS JE 3 117.54 -42.50 38.49
CA LYS JE 3 117.53 -42.92 37.11
C LYS JE 3 117.08 -44.37 36.99
N LEU JE 4 116.28 -44.63 35.96
CA LEU JE 4 115.99 -45.99 35.57
C LEU JE 4 117.30 -46.71 35.31
N GLU JE 5 117.46 -47.87 35.91
CA GLU JE 5 118.68 -48.65 35.73
C GLU JE 5 118.34 -50.12 35.66
N THR JE 6 119.36 -50.93 35.42
CA THR JE 6 119.22 -52.37 35.56
C THR JE 6 118.97 -52.62 37.03
N VAL JE 7 117.89 -53.33 37.33
CA VAL JE 7 117.57 -53.62 38.71
C VAL JE 7 117.73 -55.11 38.94
N THR JE 8 118.77 -55.49 39.68
CA THR JE 8 119.00 -56.87 40.04
C THR JE 8 118.23 -57.18 41.30
N LEU JE 9 117.67 -58.37 41.38
CA LEU JE 9 116.93 -58.80 42.54
C LEU JE 9 117.39 -60.19 42.95
N GLY JE 10 117.84 -60.32 44.20
CA GLY JE 10 118.18 -61.61 44.76
C GLY JE 10 117.07 -62.06 45.69
N ASN JE 11 117.20 -63.31 46.14
CA ASN JE 11 116.30 -63.88 47.12
C ASN JE 11 114.84 -63.80 46.65
N ILE JE 12 114.55 -64.60 45.64
CA ILE JE 12 113.26 -64.56 44.96
C ILE JE 12 112.67 -65.96 44.99
N GLY JE 13 111.34 -66.03 44.98
CA GLY JE 13 110.65 -67.30 44.94
C GLY JE 13 110.73 -68.03 46.26
N LYS JE 14 109.93 -69.08 46.35
CA LYS JE 14 109.91 -69.90 47.56
C LYS JE 14 111.30 -70.34 47.97
N ASP JE 15 112.14 -70.64 46.98
CA ASP JE 15 113.53 -70.98 47.26
C ASP JE 15 114.27 -69.79 47.86
N GLY JE 16 114.16 -68.63 47.23
CA GLY JE 16 115.02 -67.53 47.62
C GLY JE 16 116.37 -67.59 46.96
N LYS JE 17 116.62 -68.60 46.14
CA LYS JE 17 117.83 -68.62 45.33
C LYS JE 17 117.57 -68.02 43.97
N GLN JE 18 116.31 -67.74 43.64
CA GLN JE 18 115.95 -67.12 42.38
C GLN JE 18 116.45 -65.69 42.33
N THR JE 19 116.92 -65.29 41.17
CA THR JE 19 117.37 -63.93 40.93
C THR JE 19 116.73 -63.39 39.67
N LEU JE 20 116.60 -62.08 39.59
CA LEU JE 20 115.97 -61.44 38.45
C LEU JE 20 116.60 -60.09 38.19
N VAL JE 21 116.78 -59.76 36.92
CA VAL JE 21 117.24 -58.45 36.52
C VAL JE 21 116.13 -57.80 35.70
N LEU JE 22 116.10 -56.48 35.74
CA LEU JE 22 115.07 -55.70 35.05
C LEU JE 22 115.73 -54.58 34.28
N ASN JE 23 115.53 -54.58 33.00
CA ASN JE 23 116.11 -53.46 32.30
C ASN JE 23 115.11 -52.31 32.21
N PRO JE 24 115.60 -51.08 32.21
CA PRO JE 24 114.71 -49.95 31.98
C PRO JE 24 114.09 -50.04 30.59
N ARG JE 25 112.77 -49.93 30.56
CA ARG JE 25 112.02 -50.00 29.31
C ARG JE 25 111.67 -48.63 28.76
N GLY JE 26 112.10 -47.56 29.41
CA GLY JE 26 111.63 -46.24 29.06
C GLY JE 26 110.36 -45.91 29.80
N VAL JE 27 109.78 -44.76 29.45
CA VAL JE 27 108.61 -44.24 30.12
C VAL JE 27 107.57 -43.85 29.08
N ASN JE 28 106.37 -44.36 29.23
CA ASN JE 28 105.30 -43.85 28.40
C ASN JE 28 104.92 -42.45 28.85
N PRO JE 29 105.15 -41.42 28.04
CA PRO JE 29 104.83 -40.06 28.48
C PRO JE 29 103.35 -39.79 28.59
N THR JE 30 102.53 -40.46 27.80
CA THR JE 30 101.09 -40.20 27.83
C THR JE 30 100.54 -40.35 29.23
N ASN JE 31 100.46 -41.58 29.71
CA ASN JE 31 100.07 -41.84 31.08
C ASN JE 31 101.16 -41.41 32.07
N GLY JE 32 102.36 -41.11 31.59
CA GLY JE 32 103.44 -40.77 32.49
C GLY JE 32 103.82 -41.93 33.39
N VAL JE 33 104.12 -43.08 32.81
CA VAL JE 33 104.39 -44.29 33.57
C VAL JE 33 105.66 -44.92 33.06
N ALA JE 34 106.58 -45.21 33.98
CA ALA JE 34 107.80 -45.93 33.66
C ALA JE 34 107.51 -47.40 33.47
N SER JE 35 108.45 -48.08 32.82
CA SER JE 35 108.32 -49.50 32.56
C SER JE 35 109.66 -50.18 32.75
N LEU JE 36 109.63 -51.37 33.33
CA LEU JE 36 110.83 -52.17 33.53
C LEU JE 36 110.54 -53.59 33.07
N SER JE 37 111.57 -54.29 32.60
CA SER JE 37 111.34 -55.64 32.16
C SER JE 37 112.58 -56.49 32.33
N GLN JE 38 112.35 -57.77 32.59
CA GLN JE 38 113.35 -58.79 32.34
C GLN JE 38 113.73 -58.79 30.87
N ALA JE 39 114.98 -59.13 30.58
CA ALA JE 39 115.38 -59.33 29.20
C ALA JE 39 115.23 -60.81 28.87
N GLY JE 40 114.19 -61.10 28.11
CA GLY JE 40 113.94 -62.43 27.61
C GLY JE 40 114.13 -62.51 26.13
N ALA JE 41 113.46 -63.48 25.52
CA ALA JE 41 113.39 -63.53 24.07
C ALA JE 41 112.22 -62.70 23.54
N VAL JE 42 111.01 -63.13 23.86
CA VAL JE 42 109.82 -62.47 23.34
C VAL JE 42 109.30 -61.48 24.38
N PRO JE 43 109.23 -60.19 24.04
CA PRO JE 43 108.69 -59.21 24.98
C PRO JE 43 107.34 -59.59 25.55
N ALA JE 44 106.43 -60.12 24.73
CA ALA JE 44 105.17 -60.64 25.23
C ALA JE 44 105.37 -61.63 26.36
N LEU JE 45 106.41 -62.46 26.28
CA LEU JE 45 106.72 -63.39 27.35
C LEU JE 45 107.45 -62.72 28.51
N GLU JE 46 108.19 -61.65 28.24
CA GLU JE 46 109.08 -61.07 29.23
C GLU JE 46 108.29 -60.45 30.37
N LYS JE 47 108.82 -60.59 31.58
CA LYS JE 47 108.19 -60.08 32.79
C LYS JE 47 108.16 -58.56 32.68
N ARG JE 48 107.11 -57.96 33.20
CA ARG JE 48 106.99 -56.50 33.15
C ARG JE 48 106.79 -55.93 34.54
N VAL JE 49 107.34 -54.74 34.76
CA VAL JE 49 107.19 -54.02 36.01
C VAL JE 49 106.89 -52.58 35.67
N THR JE 50 105.84 -52.03 36.26
CA THR JE 50 105.38 -50.69 35.97
C THR JE 50 105.27 -49.89 37.25
N VAL JE 51 105.81 -48.68 37.25
CA VAL JE 51 105.68 -47.77 38.37
C VAL JE 51 105.23 -46.43 37.85
N SER JE 52 104.54 -45.69 38.71
CA SER JE 52 104.05 -44.38 38.32
C SER JE 52 103.91 -43.53 39.56
N VAL JE 53 104.05 -42.21 39.36
CA VAL JE 53 103.74 -41.26 40.40
C VAL JE 53 102.53 -40.49 39.93
N SER JE 54 102.10 -39.51 40.72
CA SER JE 54 100.97 -38.68 40.35
C SER JE 54 101.08 -37.37 41.12
N GLN JE 55 100.32 -36.38 40.68
CA GLN JE 55 100.30 -35.13 41.40
C GLN JE 55 98.86 -34.65 41.53
N PRO JE 56 98.52 -34.01 42.63
CA PRO JE 56 97.13 -33.64 42.86
C PRO JE 56 96.65 -32.62 41.83
N SER JE 57 95.40 -32.79 41.42
CA SER JE 57 94.80 -31.91 40.43
C SER JE 57 93.49 -31.39 41.01
N ARG JE 58 92.76 -30.64 40.19
CA ARG JE 58 91.40 -30.26 40.55
C ARG JE 58 90.50 -31.47 40.74
N ASN JE 59 90.84 -32.62 40.14
CA ASN JE 59 90.09 -33.85 40.33
C ASN JE 59 90.40 -34.55 41.64
N ARG JE 60 91.65 -34.53 42.08
CA ARG JE 60 92.03 -35.20 43.31
C ARG JE 60 93.15 -34.42 43.98
N LYS JE 61 93.08 -34.32 45.29
CA LYS JE 61 94.04 -33.57 46.08
C LYS JE 61 95.13 -34.49 46.63
N ASN JE 62 95.08 -35.75 46.26
CA ASN JE 62 95.94 -36.74 46.88
C ASN JE 62 96.94 -37.27 45.88
N TYR JE 63 98.10 -37.69 46.37
CA TYR JE 63 99.09 -38.33 45.54
C TYR JE 63 98.75 -39.80 45.36
N LYS JE 64 98.94 -40.31 44.15
CA LYS JE 64 98.78 -41.72 43.86
C LYS JE 64 100.12 -42.27 43.38
N VAL JE 65 100.50 -43.41 43.94
CA VAL JE 65 101.66 -44.14 43.46
C VAL JE 65 101.17 -45.54 43.11
N GLN JE 66 101.24 -45.86 41.83
CA GLN JE 66 100.71 -47.12 41.32
C GLN JE 66 101.85 -47.99 40.84
N VAL JE 67 101.83 -49.26 41.23
CA VAL JE 67 102.82 -50.23 40.82
C VAL JE 67 102.10 -51.49 40.40
N LYS JE 68 102.32 -51.91 39.17
CA LYS JE 68 101.70 -53.12 38.64
C LYS JE 68 102.78 -54.05 38.13
N ILE JE 69 102.55 -55.35 38.29
CA ILE JE 69 103.49 -56.37 37.86
C ILE JE 69 102.74 -57.37 37.00
N GLN JE 70 103.33 -57.73 35.87
CA GLN JE 70 102.71 -58.62 34.90
C GLN JE 70 103.69 -59.73 34.59
N ASN JE 71 103.32 -60.96 34.95
CA ASN JE 71 104.18 -62.14 34.78
C ASN JE 71 103.39 -63.21 34.07
N PRO JE 72 103.49 -63.30 32.76
CA PRO JE 72 102.75 -64.31 32.01
C PRO JE 72 103.29 -65.70 32.28
N THR JE 73 102.61 -66.68 31.70
CA THR JE 73 103.02 -68.07 31.78
C THR JE 73 103.24 -68.59 30.37
N ALA JE 74 104.48 -68.89 30.04
CA ALA JE 74 104.83 -69.37 28.71
C ALA JE 74 104.40 -70.81 28.57
N CYS JE 75 103.77 -71.12 27.43
CA CYS JE 75 103.56 -72.51 27.02
C CYS JE 75 104.61 -72.79 25.97
N THR JE 76 105.63 -73.58 26.35
CA THR JE 76 106.74 -73.83 25.45
C THR JE 76 106.29 -74.62 24.23
N ALA JE 77 105.72 -75.79 24.46
CA ALA JE 77 105.20 -76.60 23.36
C ALA JE 77 103.69 -76.43 23.35
N ASN JE 78 103.20 -75.70 22.35
CA ASN JE 78 101.77 -75.61 22.09
C ASN JE 78 101.34 -76.59 21.01
N GLY JE 79 102.26 -77.44 20.54
CA GLY JE 79 102.05 -78.13 19.29
C GLY JE 79 102.40 -77.27 18.10
N SER JE 80 102.91 -76.07 18.34
CA SER JE 80 103.27 -75.12 17.30
C SER JE 80 104.72 -74.69 17.54
N CYS JE 81 105.30 -74.06 16.53
CA CYS JE 81 106.71 -73.70 16.57
C CYS JE 81 107.02 -72.56 17.53
N ASP JE 82 106.00 -71.83 17.99
CA ASP JE 82 106.27 -70.69 18.84
C ASP JE 82 105.54 -70.82 20.17
N PRO JE 83 106.15 -70.39 21.26
CA PRO JE 83 105.47 -70.41 22.55
C PRO JE 83 104.32 -69.42 22.56
N SER JE 84 103.42 -69.60 23.51
CA SER JE 84 102.23 -68.77 23.60
C SER JE 84 101.90 -68.45 25.05
N VAL JE 85 101.32 -67.27 25.25
CA VAL JE 85 100.89 -66.84 26.57
C VAL JE 85 99.76 -67.75 27.02
N THR JE 86 99.85 -68.25 28.24
CA THR JE 86 98.77 -69.08 28.76
C THR JE 86 98.02 -68.36 29.88
N ARG JE 87 98.65 -68.22 31.03
CA ARG JE 87 98.07 -67.51 32.16
C ARG JE 87 98.84 -66.22 32.38
N GLN JE 88 98.13 -65.19 32.82
CA GLN JE 88 98.75 -63.89 33.03
C GLN JE 88 98.58 -63.52 34.50
N ALA JE 89 99.68 -63.50 35.24
CA ALA JE 89 99.65 -63.16 36.66
C ALA JE 89 99.61 -61.65 36.79
N TYR JE 90 98.63 -61.14 37.53
CA TYR JE 90 98.52 -59.71 37.76
C TYR JE 90 98.80 -59.37 39.22
N ALA JE 91 99.83 -58.56 39.43
CA ALA JE 91 100.17 -58.08 40.75
C ALA JE 91 100.07 -56.56 40.72
N ASP JE 92 99.16 -56.00 41.51
CA ASP JE 92 98.89 -54.57 41.50
C ASP JE 92 99.03 -54.02 42.91
N VAL JE 93 99.70 -52.87 43.01
CA VAL JE 93 99.91 -52.18 44.27
C VAL JE 93 99.70 -50.70 44.03
N THR JE 94 98.98 -50.05 44.94
CA THR JE 94 98.73 -48.63 44.85
C THR JE 94 99.07 -47.96 46.18
N PHE JE 95 99.16 -46.64 46.13
CA PHE JE 95 99.42 -45.85 47.32
C PHE JE 95 98.67 -44.54 47.23
N SER JE 96 98.16 -44.10 48.37
CA SER JE 96 97.51 -42.82 48.47
C SER JE 96 98.17 -42.02 49.57
N PHE JE 97 98.29 -40.72 49.37
CA PHE JE 97 98.88 -39.85 50.36
C PHE JE 97 98.25 -38.47 50.27
N THR JE 98 98.38 -37.72 51.34
CA THR JE 98 97.85 -36.38 51.42
C THR JE 98 98.98 -35.39 51.26
N GLN JE 99 98.66 -34.25 50.68
CA GLN JE 99 99.65 -33.22 50.44
C GLN JE 99 100.48 -32.92 51.66
N TYR JE 100 99.92 -33.11 52.85
CA TYR JE 100 100.68 -32.90 54.08
C TYR JE 100 101.37 -34.16 54.57
N SER JE 101 101.29 -35.25 53.83
CA SER JE 101 101.92 -36.50 54.25
C SER JE 101 103.40 -36.26 54.51
N THR JE 102 103.92 -36.80 55.60
CA THR JE 102 105.32 -36.58 55.89
C THR JE 102 106.16 -37.71 55.31
N ASP JE 103 107.47 -37.59 55.51
CA ASP JE 103 108.38 -38.58 54.96
C ASP JE 103 108.29 -39.91 55.70
N GLU JE 104 108.51 -39.88 57.01
CA GLU JE 104 108.62 -41.13 57.75
C GLU JE 104 107.33 -41.92 57.68
N GLU JE 105 106.19 -41.25 57.74
CA GLU JE 105 104.91 -41.93 57.52
C GLU JE 105 104.97 -42.78 56.26
N ARG JE 106 105.35 -42.17 55.14
CA ARG JE 106 105.49 -42.92 53.92
C ARG JE 106 106.51 -44.03 54.09
N ALA JE 107 107.71 -43.67 54.52
CA ALA JE 107 108.73 -44.68 54.80
C ALA JE 107 108.19 -45.78 55.68
N PHE JE 108 107.46 -45.42 56.74
CA PHE JE 108 106.84 -46.42 57.58
C PHE JE 108 105.96 -47.35 56.78
N VAL JE 109 105.20 -46.81 55.83
CA VAL JE 109 104.35 -47.66 55.00
C VAL JE 109 105.19 -48.62 54.18
N ARG JE 110 106.27 -48.12 53.60
CA ARG JE 110 107.02 -48.94 52.66
C ARG JE 110 107.51 -50.21 53.31
N THR JE 111 108.26 -50.10 54.41
CA THR JE 111 108.81 -51.29 55.04
C THR JE 111 107.72 -52.27 55.45
N GLU JE 112 106.76 -51.81 56.26
CA GLU JE 112 105.76 -52.72 56.82
C GLU JE 112 105.08 -53.56 55.76
N LEU JE 113 104.77 -52.97 54.60
CA LEU JE 113 104.19 -53.77 53.54
C LEU JE 113 105.11 -54.91 53.16
N ALA JE 114 106.40 -54.62 53.00
CA ALA JE 114 107.36 -55.68 52.72
C ALA JE 114 107.34 -56.73 53.82
N ALA JE 115 107.47 -56.31 55.08
CA ALA JE 115 107.46 -57.26 56.18
C ALA JE 115 106.27 -58.19 56.10
N LEU JE 116 105.08 -57.65 55.85
CA LEU JE 116 103.92 -58.50 55.65
C LEU JE 116 104.18 -59.52 54.56
N LEU JE 117 104.73 -59.09 53.43
CA LEU JE 117 104.99 -60.03 52.36
C LEU JE 117 105.91 -61.15 52.79
N ALA JE 118 106.79 -60.89 53.76
CA ALA JE 118 107.59 -61.94 54.34
C ALA JE 118 106.92 -62.59 55.54
N SER JE 119 105.81 -62.05 56.01
CA SER JE 119 105.15 -62.62 57.16
C SER JE 119 104.59 -64.00 56.82
N PRO JE 120 104.61 -64.93 57.78
CA PRO JE 120 104.00 -66.24 57.55
C PRO JE 120 102.52 -66.17 57.28
N LEU JE 121 101.87 -65.07 57.62
CA LEU JE 121 100.45 -64.95 57.33
C LEU JE 121 100.19 -64.98 55.84
N LEU JE 122 100.74 -64.03 55.10
CA LEU JE 122 100.39 -63.88 53.71
C LEU JE 122 100.80 -65.06 52.85
N ILE JE 123 101.89 -65.74 53.21
CA ILE JE 123 102.37 -66.80 52.34
C ILE JE 123 101.30 -67.85 52.09
N ASP JE 124 100.63 -68.32 53.14
CA ASP JE 124 99.49 -69.20 52.94
C ASP JE 124 98.38 -68.52 52.18
N ALA JE 125 98.08 -67.28 52.53
CA ALA JE 125 97.15 -66.47 51.77
C ALA JE 125 97.52 -66.38 50.31
N ILE JE 126 98.76 -66.06 50.00
CA ILE JE 126 99.23 -65.96 48.62
C ILE JE 126 99.46 -67.34 48.03
N ASP JE 127 100.45 -68.06 48.54
CA ASP JE 127 100.86 -69.29 47.89
C ASP JE 127 99.75 -70.33 47.87
N GLN JE 128 99.20 -70.64 49.02
CA GLN JE 128 98.20 -71.68 49.11
C GLN JE 128 96.78 -71.17 49.02
N LEU JE 129 96.59 -69.87 48.79
CA LEU JE 129 95.26 -69.28 48.64
C LEU JE 129 94.38 -69.62 49.84
N ASN JE 130 94.78 -69.11 50.99
CA ASN JE 130 94.02 -69.48 52.16
C ASN JE 130 93.59 -68.24 52.91
N PRO JE 131 92.39 -68.24 53.42
CA PRO JE 131 91.96 -67.16 54.31
C PRO JE 131 92.67 -67.25 55.65
N ALA JE 132 92.18 -66.48 56.62
CA ALA JE 132 92.93 -66.12 57.81
C ALA JE 132 92.91 -67.20 58.88
N TYR JE 133 92.33 -68.35 58.59
CA TYR JE 133 92.21 -69.38 59.60
C TYR JE 133 93.30 -70.44 59.40
N ALA KE 2 120.47 -50.56 -29.89
CA ALA KE 2 121.26 -51.59 -29.21
C ALA KE 2 121.38 -51.28 -27.74
N LYS KE 3 122.25 -52.02 -27.07
CA LYS KE 3 122.43 -51.89 -25.63
C LYS KE 3 123.01 -50.52 -25.28
N LEU KE 4 122.51 -49.98 -24.18
CA LEU KE 4 123.14 -48.81 -23.57
C LEU KE 4 124.59 -49.15 -23.29
N GLU KE 5 125.49 -48.28 -23.72
CA GLU KE 5 126.91 -48.50 -23.52
C GLU KE 5 127.59 -47.17 -23.21
N THR KE 6 128.87 -47.25 -22.92
CA THR KE 6 129.69 -46.05 -22.83
C THR KE 6 129.73 -45.47 -24.24
N VAL KE 7 129.36 -44.21 -24.36
CA VAL KE 7 129.36 -43.58 -25.67
C VAL KE 7 130.45 -42.53 -25.69
N THR KE 8 131.52 -42.79 -26.43
CA THR KE 8 132.61 -41.84 -26.59
C THR KE 8 132.26 -40.92 -27.75
N LEU KE 9 132.60 -39.65 -27.62
CA LEU KE 9 132.36 -38.68 -28.67
C LEU KE 9 133.62 -37.86 -28.89
N GLY KE 10 134.11 -37.86 -30.14
CA GLY KE 10 135.21 -37.02 -30.53
C GLY KE 10 134.69 -35.82 -31.32
N ASN KE 11 135.60 -34.89 -31.58
CA ASN KE 11 135.31 -33.75 -32.42
C ASN KE 11 134.13 -32.96 -31.88
N ILE KE 12 134.37 -32.31 -30.75
CA ILE KE 12 133.31 -31.63 -30.00
C ILE KE 12 133.75 -30.19 -29.79
N GLY KE 13 132.78 -29.29 -29.69
CA GLY KE 13 133.05 -27.89 -29.43
C GLY KE 13 133.64 -27.20 -30.64
N LYS KE 14 133.70 -25.87 -30.52
CA LYS KE 14 134.25 -25.06 -31.60
C LYS KE 14 135.63 -25.55 -32.01
N ASP KE 15 136.42 -26.01 -31.05
CA ASP KE 15 137.72 -26.59 -31.37
C ASP KE 15 137.56 -27.87 -32.17
N GLY KE 16 136.70 -28.78 -31.72
CA GLY KE 16 136.68 -30.10 -32.31
C GLY KE 16 137.73 -31.02 -31.72
N LYS KE 17 138.53 -30.53 -30.79
CA LYS KE 17 139.44 -31.40 -30.05
C LYS KE 17 138.79 -31.90 -28.77
N GLN KE 18 137.63 -31.36 -28.43
CA GLN KE 18 136.90 -31.77 -27.24
C GLN KE 18 136.37 -33.19 -27.44
N THR KE 19 136.41 -33.96 -26.37
CA THR KE 19 135.89 -35.32 -26.36
C THR KE 19 134.99 -35.50 -25.15
N LEU KE 20 134.05 -36.43 -25.26
CA LEU KE 20 133.11 -36.68 -24.18
C LEU KE 20 132.72 -38.14 -24.17
N VAL KE 21 132.59 -38.69 -22.98
CA VAL KE 21 132.09 -40.04 -22.79
C VAL KE 21 130.78 -39.96 -22.01
N LEU KE 22 129.91 -40.93 -22.24
CA LEU KE 22 128.60 -40.96 -21.60
C LEU KE 22 128.35 -42.35 -21.04
N ASN KE 23 128.15 -42.41 -19.78
CA ASN KE 23 127.84 -43.73 -19.27
C ASN KE 23 126.33 -43.98 -19.29
N PRO KE 24 125.93 -45.21 -19.50
CA PRO KE 24 124.51 -45.54 -19.38
C PRO KE 24 124.03 -45.29 -17.95
N ARG KE 25 122.94 -44.53 -17.86
CA ARG KE 25 122.36 -44.19 -16.58
C ARG KE 25 121.18 -45.08 -16.21
N GLY KE 26 120.86 -46.07 -17.03
CA GLY KE 26 119.65 -46.83 -16.85
C GLY KE 26 118.48 -46.16 -17.55
N VAL KE 27 117.29 -46.72 -17.33
CA VAL KE 27 116.09 -46.25 -18.00
C VAL KE 27 115.00 -46.05 -16.97
N ASN KE 28 114.40 -44.88 -16.97
CA ASN KE 28 113.22 -44.70 -16.16
C ASN KE 28 112.06 -45.45 -16.79
N PRO KE 29 111.54 -46.50 -16.15
CA PRO KE 29 110.45 -47.26 -16.75
C PRO KE 29 109.14 -46.52 -16.81
N THR KE 30 108.90 -45.59 -15.88
CA THR KE 30 107.63 -44.88 -15.88
C THR KE 30 107.37 -44.20 -17.20
N ASN KE 31 108.12 -43.15 -17.49
CA ASN KE 31 108.04 -42.51 -18.80
C ASN KE 31 108.65 -43.37 -19.89
N GLY KE 32 109.36 -44.44 -19.54
CA GLY KE 32 110.03 -45.25 -20.54
C GLY KE 32 111.09 -44.48 -21.28
N VAL KE 33 112.03 -43.88 -20.56
CA VAL KE 33 113.04 -43.02 -21.16
C VAL KE 33 114.40 -43.43 -20.64
N ALA KE 34 115.33 -43.65 -21.56
CA ALA KE 34 116.71 -43.94 -21.21
C ALA KE 34 117.42 -42.66 -20.79
N SER KE 35 118.55 -42.84 -20.10
CA SER KE 35 119.34 -41.72 -19.64
C SER KE 35 120.81 -42.04 -19.82
N LEU KE 36 121.58 -41.03 -20.20
CA LEU KE 36 123.01 -41.16 -20.35
C LEU KE 36 123.67 -39.98 -19.68
N SER KE 37 124.89 -40.17 -19.18
CA SER KE 37 125.55 -39.06 -18.53
C SER KE 37 127.06 -39.19 -18.65
N GLN KE 38 127.70 -38.03 -18.70
CA GLN KE 38 129.11 -37.94 -18.38
C GLN KE 38 129.34 -38.39 -16.95
N ALA KE 39 130.51 -38.97 -16.69
CA ALA KE 39 130.87 -39.29 -15.32
C ALA KE 39 131.69 -38.11 -14.78
N GLY KE 40 131.03 -37.35 -13.91
CA GLY KE 40 131.67 -36.25 -13.22
C GLY KE 40 131.79 -36.55 -11.75
N ALA KE 41 131.87 -35.47 -10.97
CA ALA KE 41 131.78 -35.60 -9.52
C ALA KE 41 130.34 -35.56 -9.06
N VAL KE 42 129.69 -34.43 -9.23
CA VAL KE 42 128.33 -34.24 -8.74
C VAL KE 42 127.34 -34.51 -9.87
N PRO KE 43 126.45 -35.49 -9.73
CA PRO KE 43 125.46 -35.75 -10.78
C PRO KE 43 124.69 -34.52 -11.20
N ALA KE 44 124.29 -33.66 -10.26
CA ALA KE 44 123.67 -32.38 -10.61
C ALA KE 44 124.52 -31.60 -11.58
N LEU KE 45 125.83 -31.65 -11.46
CA LEU KE 45 126.72 -30.98 -12.39
C LEU KE 45 126.90 -31.78 -13.67
N GLU KE 46 126.77 -33.10 -13.60
CA GLU KE 46 127.14 -33.95 -14.72
C GLU KE 46 126.19 -33.74 -15.89
N LYS KE 47 126.75 -33.81 -17.09
CA LYS KE 47 125.98 -33.60 -18.32
C LYS KE 47 125.00 -34.75 -18.43
N ARG KE 48 123.82 -34.47 -18.98
CA ARG KE 48 122.81 -35.50 -19.13
C ARG KE 48 122.36 -35.59 -20.57
N VAL KE 49 122.03 -36.81 -20.99
CA VAL KE 49 121.51 -37.08 -22.32
C VAL KE 49 120.35 -38.03 -22.19
N THR KE 50 119.22 -37.69 -22.78
CA THR KE 50 117.99 -38.45 -22.65
C THR KE 50 117.46 -38.79 -24.03
N VAL KE 51 117.11 -40.05 -24.24
CA VAL KE 51 116.48 -40.49 -25.47
C VAL KE 51 115.25 -41.30 -25.11
N SER KE 52 114.29 -41.29 -26.03
CA SER KE 52 113.07 -42.03 -25.81
C SER KE 52 112.46 -42.40 -27.15
N VAL KE 53 111.73 -43.51 -27.15
CA VAL KE 53 110.93 -43.89 -28.30
C VAL KE 53 109.48 -43.77 -27.87
N SER KE 54 108.57 -44.12 -28.77
CA SER KE 54 107.15 -44.08 -28.46
C SER KE 54 106.44 -45.03 -29.41
N GLN KE 55 105.21 -45.35 -29.07
CA GLN KE 55 104.42 -46.19 -29.96
C GLN KE 55 103.02 -45.62 -30.07
N PRO KE 56 102.39 -45.72 -31.24
CA PRO KE 56 101.10 -45.08 -31.44
C PRO KE 56 100.04 -45.70 -30.54
N SER KE 57 99.17 -44.84 -30.03
CA SER KE 57 98.09 -45.27 -29.14
C SER KE 57 96.78 -44.75 -29.72
N ARG KE 58 95.70 -44.96 -28.96
CA ARG KE 58 94.44 -44.33 -29.29
C ARG KE 58 94.53 -42.82 -29.26
N ASN KE 59 95.49 -42.26 -28.52
CA ASN KE 59 95.70 -40.82 -28.48
C ASN KE 59 96.45 -40.29 -29.69
N ARG KE 60 97.42 -41.04 -30.20
CA ARG KE 60 98.20 -40.58 -31.34
C ARG KE 60 98.60 -41.79 -32.18
N LYS KE 61 98.54 -41.62 -33.49
CA LYS KE 61 98.84 -42.68 -34.44
C LYS KE 61 100.27 -42.60 -34.92
N ASN KE 62 101.04 -41.67 -34.36
CA ASN KE 62 102.35 -41.36 -34.88
C ASN KE 62 103.41 -41.76 -33.87
N TYR KE 63 104.59 -42.11 -34.37
CA TYR KE 63 105.72 -42.37 -33.51
C TYR KE 63 106.40 -41.07 -33.11
N LYS KE 64 106.80 -40.99 -31.86
CA LYS KE 64 107.57 -39.86 -31.35
C LYS KE 64 108.92 -40.37 -30.88
N VAL KE 65 109.98 -39.67 -31.29
CA VAL KE 65 111.31 -39.91 -30.78
C VAL KE 65 111.81 -38.61 -30.20
N GLN KE 66 112.01 -38.59 -28.90
CA GLN KE 66 112.37 -37.39 -28.18
C GLN KE 66 113.78 -37.52 -27.64
N VAL KE 67 114.59 -36.49 -27.86
CA VAL KE 67 115.95 -36.45 -27.36
C VAL KE 67 116.18 -35.09 -26.72
N LYS KE 68 116.57 -35.10 -25.45
CA LYS KE 68 116.83 -33.87 -24.72
C LYS KE 68 118.24 -33.92 -24.15
N ILE KE 69 118.89 -32.77 -24.11
CA ILE KE 69 120.26 -32.66 -23.59
C ILE KE 69 120.27 -31.56 -22.55
N GLN KE 70 120.90 -31.83 -21.42
CA GLN KE 70 120.94 -30.91 -20.30
C GLN KE 70 122.39 -30.73 -19.88
N ASN KE 71 122.91 -29.51 -20.04
CA ASN KE 71 124.30 -29.20 -19.77
C ASN KE 71 124.36 -27.99 -18.85
N PRO KE 72 124.43 -28.19 -17.55
CA PRO KE 72 124.47 -27.06 -16.62
C PRO KE 72 125.78 -26.32 -16.72
N THR KE 73 125.86 -25.22 -15.97
CA THR KE 73 127.06 -24.43 -15.86
C THR KE 73 127.48 -24.37 -14.40
N ALA KE 74 128.63 -24.99 -14.12
CA ALA KE 74 129.13 -25.04 -12.76
C ALA KE 74 129.72 -23.70 -12.38
N CYS KE 75 129.38 -23.23 -11.18
CA CYS KE 75 130.08 -22.11 -10.56
C CYS KE 75 131.02 -22.72 -9.55
N THR KE 76 132.32 -22.71 -9.87
CA THR KE 76 133.30 -23.37 -9.01
C THR KE 76 133.40 -22.68 -7.67
N ALA KE 77 133.72 -21.39 -7.68
CA ALA KE 77 133.78 -20.62 -6.45
C ALA KE 77 132.52 -19.77 -6.37
N ASN KE 78 131.62 -20.16 -5.47
CA ASN KE 78 130.46 -19.37 -5.13
C ASN KE 78 130.71 -18.51 -3.90
N GLY KE 79 131.92 -18.52 -3.37
CA GLY KE 79 132.14 -18.06 -2.02
C GLY KE 79 131.81 -19.10 -0.99
N SER KE 80 131.45 -20.30 -1.43
CA SER KE 80 131.07 -21.41 -0.56
C SER KE 80 131.92 -22.61 -0.94
N CYS KE 81 131.92 -23.62 -0.08
CA CYS KE 81 132.78 -24.77 -0.26
C CYS KE 81 132.33 -25.69 -1.39
N ASP KE 82 131.11 -25.53 -1.88
CA ASP KE 82 130.62 -26.43 -2.90
C ASP KE 82 130.21 -25.67 -4.15
N PRO KE 83 130.46 -26.24 -5.32
CA PRO KE 83 130.01 -25.58 -6.55
C PRO KE 83 128.50 -25.61 -6.65
N SER KE 84 127.96 -24.75 -7.50
CA SER KE 84 126.52 -24.61 -7.64
C SER KE 84 126.13 -24.43 -9.10
N VAL KE 85 124.94 -24.92 -9.43
CA VAL KE 85 124.40 -24.77 -10.77
C VAL KE 85 124.13 -23.30 -11.01
N THR KE 86 124.57 -22.80 -12.16
CA THR KE 86 124.30 -21.41 -12.49
C THR KE 86 123.31 -21.30 -13.64
N ARG KE 87 123.76 -21.64 -14.85
CA ARG KE 87 122.91 -21.63 -16.03
C ARG KE 87 122.70 -23.07 -16.47
N GLN KE 88 121.51 -23.33 -17.01
CA GLN KE 88 121.19 -24.67 -17.45
C GLN KE 88 120.88 -24.63 -18.93
N ALA KE 89 121.74 -25.23 -19.74
CA ALA KE 89 121.57 -25.26 -21.18
C ALA KE 89 120.58 -26.36 -21.54
N TYR KE 90 119.54 -26.01 -22.28
CA TYR KE 90 118.55 -26.99 -22.72
C TYR KE 90 118.62 -27.21 -24.21
N ALA KE 91 118.91 -28.45 -24.60
CA ALA KE 91 118.91 -28.83 -26.00
C ALA KE 91 117.87 -29.92 -26.17
N ASP KE 92 116.85 -29.64 -26.99
CA ASP KE 92 115.74 -30.55 -27.17
C ASP KE 92 115.56 -30.86 -28.65
N VAL KE 93 115.34 -32.14 -28.96
CA VAL KE 93 115.13 -32.61 -30.31
C VAL KE 93 114.01 -33.63 -30.28
N THR KE 94 113.08 -33.52 -31.22
CA THR KE 94 111.98 -34.45 -31.32
C THR KE 94 111.87 -34.98 -32.75
N PHE KE 95 111.09 -36.05 -32.90
CA PHE KE 95 110.86 -36.62 -34.21
C PHE KE 95 109.43 -37.14 -34.27
N SER KE 96 108.82 -36.99 -35.43
CA SER KE 96 107.50 -37.54 -35.67
C SER KE 96 107.56 -38.40 -36.91
N PHE KE 97 106.80 -39.48 -36.91
CA PHE KE 97 106.75 -40.37 -38.05
C PHE KE 97 105.39 -41.03 -38.12
N THR KE 98 105.06 -41.52 -39.30
CA THR KE 98 103.80 -42.17 -39.54
C THR KE 98 104.03 -43.68 -39.58
N GLN KE 99 103.03 -44.43 -39.15
CA GLN KE 99 103.13 -45.87 -39.12
C GLN KE 99 103.63 -46.44 -40.43
N TYR KE 100 103.38 -45.76 -41.55
CA TYR KE 100 103.88 -46.23 -42.83
C TYR KE 100 105.24 -45.63 -43.18
N SER KE 101 105.84 -44.86 -42.28
CA SER KE 101 107.14 -44.26 -42.56
C SER KE 101 108.14 -45.35 -42.93
N THR KE 102 108.94 -45.09 -43.96
CA THR KE 102 109.89 -46.11 -44.37
C THR KE 102 111.23 -45.89 -43.68
N ASP KE 103 112.17 -46.78 -43.97
CA ASP KE 103 113.47 -46.69 -43.34
C ASP KE 103 114.27 -45.52 -43.88
N GLU KE 104 114.50 -45.48 -45.19
CA GLU KE 104 115.40 -44.50 -45.74
C GLU KE 104 114.92 -43.08 -45.48
N GLU KE 105 113.61 -42.86 -45.57
CA GLU KE 105 113.06 -41.56 -45.18
C GLU KE 105 113.59 -41.15 -43.81
N ARG KE 106 113.42 -42.01 -42.82
CA ARG KE 106 113.96 -41.72 -41.51
C ARG KE 106 115.46 -41.51 -41.58
N ALA KE 107 116.19 -42.48 -42.12
CA ALA KE 107 117.62 -42.32 -42.32
C ALA KE 107 117.94 -41.01 -43.00
N PHE KE 108 117.20 -40.67 -44.06
CA PHE KE 108 117.40 -39.38 -44.71
C PHE KE 108 117.28 -38.24 -43.73
N VAL KE 109 116.30 -38.31 -42.82
CA VAL KE 109 116.17 -37.24 -41.84
C VAL KE 109 117.38 -37.18 -40.93
N ARG KE 110 117.87 -38.33 -40.48
CA ARG KE 110 118.92 -38.33 -39.49
C ARG KE 110 120.14 -37.57 -39.98
N THR KE 111 120.69 -37.97 -41.12
CA THR KE 111 121.90 -37.33 -41.61
C THR KE 111 121.70 -35.84 -41.81
N GLU KE 112 120.71 -35.46 -42.62
CA GLU KE 112 120.56 -34.05 -42.98
C GLU KE 112 120.52 -33.14 -41.77
N LEU KE 113 119.85 -33.56 -40.70
CA LEU KE 113 119.86 -32.74 -39.50
C LEU KE 113 121.28 -32.52 -39.02
N ALA KE 114 122.07 -33.58 -38.98
CA ALA KE 114 123.47 -33.43 -38.60
C ALA KE 114 124.19 -32.46 -39.53
N ALA KE 115 124.07 -32.68 -40.84
CA ALA KE 115 124.73 -31.79 -41.79
C ALA KE 115 124.40 -30.33 -41.50
N LEU KE 116 123.13 -30.03 -41.27
CA LEU KE 116 122.77 -28.67 -40.88
C LEU KE 116 123.57 -28.23 -39.67
N LEU KE 117 123.66 -29.07 -38.65
CA LEU KE 117 124.41 -28.68 -37.47
C LEU KE 117 125.86 -28.37 -37.79
N ALA KE 118 126.41 -28.97 -38.83
CA ALA KE 118 127.73 -28.60 -39.31
C ALA KE 118 127.68 -27.50 -40.36
N SER KE 119 126.50 -27.14 -40.83
CA SER KE 119 126.41 -26.11 -41.85
C SER KE 119 126.84 -24.76 -41.29
N PRO KE 120 127.50 -23.93 -42.10
CA PRO KE 120 127.85 -22.59 -41.64
C PRO KE 120 126.65 -21.74 -41.30
N LEU KE 121 125.46 -22.11 -41.76
CA LEU KE 121 124.29 -21.33 -41.40
C LEU KE 121 124.04 -21.37 -39.90
N LEU KE 122 123.82 -22.55 -39.36
CA LEU KE 122 123.39 -22.65 -37.97
C LEU KE 122 124.42 -22.14 -36.98
N ILE KE 123 125.71 -22.26 -37.30
CA ILE KE 123 126.71 -21.90 -36.32
C ILE KE 123 126.54 -20.46 -35.86
N ASP KE 124 126.38 -19.52 -36.78
CA ASP KE 124 126.06 -18.15 -36.39
C ASP KE 124 124.73 -18.08 -35.68
N ALA KE 125 123.72 -18.79 -36.19
CA ALA KE 125 122.46 -18.90 -35.49
C ALA KE 125 122.62 -19.43 -34.08
N ILE KE 126 123.35 -20.52 -33.89
CA ILE KE 126 123.58 -21.09 -32.59
C ILE KE 126 124.61 -20.29 -31.80
N ASP KE 127 125.85 -20.29 -32.27
CA ASP KE 127 126.93 -19.72 -31.47
C ASP KE 127 126.74 -18.23 -31.23
N GLN KE 128 126.57 -17.47 -32.29
CA GLN KE 128 126.47 -16.03 -32.17
C GLN KE 128 125.04 -15.53 -32.08
N LEU KE 129 124.05 -16.42 -32.03
CA LEU KE 129 122.65 -16.05 -31.88
C LEU KE 129 122.25 -15.06 -32.96
N ASN KE 130 122.28 -15.52 -34.20
CA ASN KE 130 122.00 -14.59 -35.25
C ASN KE 130 120.90 -15.13 -36.16
N PRO KE 131 120.00 -14.29 -36.58
CA PRO KE 131 119.03 -14.71 -37.59
C PRO KE 131 119.69 -14.89 -38.94
N ALA KE 132 118.87 -15.01 -39.97
CA ALA KE 132 119.27 -15.59 -41.25
C ALA KE 132 120.00 -14.60 -42.16
N TYR KE 133 120.27 -13.40 -41.67
CA TYR KE 133 120.89 -12.39 -42.51
C TYR KE 133 122.38 -12.31 -42.23
N ALA LE 2 124.20 -51.84 -10.58
CA ALA LE 2 124.45 -52.82 -11.63
C ALA LE 2 123.24 -53.72 -11.81
N LYS LE 3 123.42 -54.78 -12.58
CA LYS LE 3 122.36 -55.70 -12.91
C LYS LE 3 121.87 -56.43 -11.67
N LEU LE 4 120.56 -56.62 -11.60
CA LEU LE 4 119.97 -57.52 -10.61
C LEU LE 4 120.61 -58.88 -10.78
N GLU LE 5 121.08 -59.45 -9.69
CA GLU LE 5 121.71 -60.76 -9.73
C GLU LE 5 121.32 -61.55 -8.50
N THR LE 6 121.78 -62.79 -8.46
CA THR LE 6 121.69 -63.57 -7.24
C THR LE 6 122.59 -62.89 -6.23
N VAL LE 7 122.04 -62.57 -5.07
CA VAL LE 7 122.84 -61.90 -4.05
C VAL LE 7 123.00 -62.87 -2.89
N THR LE 8 124.22 -63.36 -2.72
CA THR LE 8 124.55 -64.24 -1.61
C THR LE 8 124.94 -63.36 -0.43
N LEU LE 9 124.55 -63.78 0.77
CA LEU LE 9 124.89 -63.06 1.98
C LEU LE 9 125.41 -64.05 3.01
N GLY LE 10 126.62 -63.80 3.51
CA GLY LE 10 127.17 -64.57 4.60
C GLY LE 10 127.09 -63.76 5.89
N ASN LE 11 127.41 -64.43 6.99
CA ASN LE 11 127.52 -63.79 8.29
C ASN LE 11 126.19 -63.10 8.65
N ILE LE 12 125.20 -63.92 8.92
CA ILE LE 12 123.83 -63.46 9.13
C ILE LE 12 123.36 -64.00 10.47
N GLY LE 13 122.46 -63.27 11.11
CA GLY LE 13 121.88 -63.70 12.37
C GLY LE 13 122.87 -63.58 13.51
N LYS LE 14 122.33 -63.75 14.71
CA LYS LE 14 123.15 -63.69 15.91
C LYS LE 14 124.34 -64.61 15.82
N ASP LE 15 124.15 -65.78 15.20
CA ASP LE 15 125.27 -66.68 14.97
C ASP LE 15 126.30 -66.07 14.02
N GLY LE 16 125.84 -65.55 12.89
CA GLY LE 16 126.77 -65.16 11.85
C GLY LE 16 127.19 -66.32 10.98
N LYS LE 17 126.67 -67.51 11.25
CA LYS LE 17 126.89 -68.63 10.34
C LYS LE 17 125.73 -68.73 9.35
N GLN LE 18 124.68 -67.96 9.55
CA GLN LE 18 123.54 -67.94 8.65
C GLN LE 18 123.95 -67.34 7.32
N THR LE 19 123.42 -67.92 6.25
CA THR LE 19 123.63 -67.42 4.90
C THR LE 19 122.31 -67.30 4.18
N LEU LE 20 122.26 -66.39 3.21
CA LEU LE 20 121.03 -66.16 2.47
C LEU LE 20 121.36 -65.77 1.04
N VAL LE 21 120.57 -66.26 0.11
CA VAL LE 21 120.65 -65.88 -1.28
C VAL LE 21 119.36 -65.19 -1.67
N LEU LE 22 119.46 -64.29 -2.64
CA LEU LE 22 118.31 -63.51 -3.08
C LEU LE 22 118.25 -63.54 -4.61
N ASN LE 23 117.18 -64.03 -5.13
CA ASN LE 23 117.12 -63.98 -6.57
C ASN LE 23 116.47 -62.68 -7.03
N PRO LE 24 116.87 -62.18 -8.18
CA PRO LE 24 116.19 -61.03 -8.75
C PRO LE 24 114.74 -61.38 -9.06
N ARG LE 25 113.84 -60.55 -8.57
CA ARG LE 25 112.41 -60.74 -8.77
C ARG LE 25 111.86 -59.90 -9.91
N GLY LE 26 112.70 -59.15 -10.61
CA GLY LE 26 112.22 -58.19 -11.57
C GLY LE 26 111.94 -56.85 -10.91
N VAL LE 27 111.38 -55.94 -11.68
CA VAL LE 27 111.12 -54.59 -11.23
C VAL LE 27 109.70 -54.21 -11.56
N ASN LE 28 108.96 -53.75 -10.56
CA ASN LE 28 107.67 -53.19 -10.86
C ASN LE 28 107.84 -51.84 -11.54
N PRO LE 29 107.47 -51.70 -12.80
CA PRO LE 29 107.68 -50.42 -13.49
C PRO LE 29 106.78 -49.31 -12.98
N THR LE 30 105.60 -49.63 -12.47
CA THR LE 30 104.69 -48.60 -12.02
C THR LE 30 105.34 -47.70 -10.99
N ASN LE 31 105.57 -48.22 -9.79
CA ASN LE 31 106.31 -47.50 -8.78
C ASN LE 31 107.79 -47.40 -9.12
N GLY LE 32 108.26 -48.14 -10.11
CA GLY LE 32 109.67 -48.15 -10.43
C GLY LE 32 110.50 -48.69 -9.30
N VAL LE 33 110.20 -49.89 -8.83
CA VAL LE 33 110.87 -50.46 -7.67
C VAL LE 33 111.29 -51.88 -8.01
N ALA LE 34 112.57 -52.18 -7.76
CA ALA LE 34 113.10 -53.52 -7.91
C ALA LE 34 112.66 -54.39 -6.75
N SER LE 35 112.75 -55.70 -6.97
CA SER LE 35 112.39 -56.66 -5.94
C SER LE 35 113.38 -57.81 -5.95
N LEU LE 36 113.70 -58.30 -4.76
CA LEU LE 36 114.59 -59.43 -4.59
C LEU LE 36 113.96 -60.39 -3.62
N SER LE 37 114.26 -61.67 -3.77
CA SER LE 37 113.67 -62.64 -2.85
C SER LE 37 114.58 -63.84 -2.68
N GLN LE 38 114.51 -64.41 -1.48
CA GLN LE 38 114.94 -65.78 -1.27
C GLN LE 38 114.10 -66.70 -2.14
N ALA LE 39 114.70 -67.80 -2.57
CA ALA LE 39 113.94 -68.83 -3.26
C ALA LE 39 113.49 -69.86 -2.22
N GLY LE 40 112.20 -69.79 -1.89
CA GLY LE 40 111.58 -70.74 -1.01
C GLY LE 40 110.60 -71.62 -1.75
N ALA LE 41 109.63 -72.13 -0.99
CA ALA LE 41 108.52 -72.82 -1.61
C ALA LE 41 107.40 -71.84 -1.96
N VAL LE 42 106.79 -71.23 -0.95
CA VAL LE 42 105.66 -70.35 -1.16
C VAL LE 42 106.15 -68.92 -1.19
N PRO LE 43 105.94 -68.20 -2.30
CA PRO LE 43 106.35 -66.78 -2.35
C PRO LE 43 105.84 -65.96 -1.19
N ALA LE 44 104.59 -66.15 -0.77
CA ALA LE 44 104.09 -65.50 0.42
C ALA LE 44 104.99 -65.73 1.62
N LEU LE 45 105.57 -66.92 1.74
CA LEU LE 45 106.50 -67.20 2.82
C LEU LE 45 107.88 -66.65 2.53
N GLU LE 46 108.25 -66.52 1.26
CA GLU LE 46 109.62 -66.20 0.90
C GLU LE 46 109.99 -64.79 1.32
N LYS LE 47 111.23 -64.63 1.77
CA LYS LE 47 111.72 -63.34 2.23
C LYS LE 47 111.73 -62.39 1.05
N ARG LE 48 111.46 -61.12 1.30
CA ARG LE 48 111.44 -60.14 0.23
C ARG LE 48 112.38 -58.99 0.54
N VAL LE 49 112.99 -58.44 -0.50
CA VAL LE 49 113.87 -57.28 -0.39
C VAL LE 49 113.52 -56.33 -1.51
N THR LE 50 113.29 -55.07 -1.17
CA THR LE 50 112.86 -54.07 -2.13
C THR LE 50 113.79 -52.87 -2.07
N VAL LE 51 114.24 -52.41 -3.23
CA VAL LE 51 115.04 -51.21 -3.32
C VAL LE 51 114.44 -50.32 -4.39
N SER LE 52 114.66 -49.02 -4.24
CA SER LE 52 114.15 -48.06 -5.20
C SER LE 52 115.02 -46.84 -5.19
N VAL LE 53 115.07 -46.17 -6.34
CA VAL LE 53 115.70 -44.87 -6.44
C VAL LE 53 114.59 -43.86 -6.71
N SER LE 54 114.95 -42.61 -6.87
CA SER LE 54 113.98 -41.57 -7.18
C SER LE 54 114.71 -40.43 -7.86
N GLN LE 55 113.95 -39.54 -8.46
CA GLN LE 55 114.55 -38.38 -9.07
C GLN LE 55 113.72 -37.15 -8.73
N PRO LE 56 114.36 -36.00 -8.54
CA PRO LE 56 113.62 -34.82 -8.10
C PRO LE 56 112.62 -34.38 -9.13
N SER LE 57 111.46 -33.94 -8.66
CA SER LE 57 110.38 -33.47 -9.52
C SER LE 57 109.97 -32.09 -9.06
N ARG LE 58 108.93 -31.56 -9.67
CA ARG LE 58 108.31 -30.34 -9.19
C ARG LE 58 107.77 -30.49 -7.78
N ASN LE 59 107.48 -31.72 -7.35
CA ASN LE 59 107.03 -31.98 -5.99
C ASN LE 59 108.16 -32.00 -4.98
N ARG LE 60 109.32 -32.53 -5.35
CA ARG LE 60 110.44 -32.60 -4.42
C ARG LE 60 111.73 -32.45 -5.20
N LYS LE 61 112.67 -31.71 -4.62
CA LYS LE 61 113.95 -31.43 -5.24
C LYS LE 61 115.02 -32.39 -4.77
N ASN LE 62 114.63 -33.36 -3.96
CA ASN LE 62 115.59 -34.22 -3.30
C ASN LE 62 115.48 -35.64 -3.83
N TYR LE 63 116.59 -36.35 -3.79
CA TYR LE 63 116.58 -37.76 -4.14
C TYR LE 63 116.13 -38.60 -2.96
N LYS LE 64 115.33 -39.62 -3.23
CA LYS LE 64 114.91 -40.58 -2.23
C LYS LE 64 115.41 -41.95 -2.64
N VAL LE 65 116.00 -42.66 -1.69
CA VAL LE 65 116.38 -44.05 -1.87
C VAL LE 65 115.69 -44.83 -0.77
N GLN LE 66 114.76 -45.69 -1.15
CA GLN LE 66 113.94 -46.43 -0.21
C GLN LE 66 114.29 -47.90 -0.28
N VAL LE 67 114.49 -48.52 0.87
CA VAL LE 67 114.76 -49.94 0.96
C VAL LE 67 113.89 -50.52 2.05
N LYS LE 68 113.09 -51.52 1.69
CA LYS LE 68 112.20 -52.19 2.63
C LYS LE 68 112.49 -53.67 2.62
N ILE LE 69 112.36 -54.30 3.78
CA ILE LE 69 112.60 -55.73 3.93
C ILE LE 69 111.40 -56.34 4.61
N GLN LE 70 110.93 -57.46 4.09
CA GLN LE 70 109.75 -58.12 4.58
C GLN LE 70 110.08 -59.58 4.85
N ASN LE 71 110.02 -59.99 6.11
CA ASN LE 71 110.39 -61.33 6.54
C ASN LE 71 109.26 -61.91 7.37
N PRO LE 72 108.35 -62.65 6.76
CA PRO LE 72 107.23 -63.21 7.51
C PRO LE 72 107.70 -64.31 8.44
N THR LE 73 106.76 -64.82 9.21
CA THR LE 73 106.99 -65.93 10.13
C THR LE 73 106.05 -67.06 9.76
N ALA LE 74 106.61 -68.15 9.27
CA ALA LE 74 105.83 -69.30 8.86
C ALA LE 74 105.33 -70.05 10.07
N CYS LE 75 104.06 -70.42 10.05
CA CYS LE 75 103.50 -71.38 11.00
C CYS LE 75 103.42 -72.70 10.25
N THR LE 76 104.32 -73.63 10.57
CA THR LE 76 104.39 -74.88 9.83
C THR LE 76 103.13 -75.71 10.05
N ALA LE 77 102.83 -76.02 11.30
CA ALA LE 77 101.62 -76.76 11.63
C ALA LE 77 100.61 -75.76 12.17
N ASN LE 78 99.60 -75.47 11.37
CA ASN LE 78 98.45 -74.69 11.81
C ASN LE 78 97.30 -75.59 12.23
N GLY LE 79 97.51 -76.90 12.24
CA GLY LE 79 96.39 -77.81 12.27
C GLY LE 79 95.80 -78.03 10.90
N SER LE 80 96.41 -77.44 9.87
CA SER LE 80 95.95 -77.54 8.50
C SER LE 80 97.12 -78.01 7.64
N CYS LE 81 96.81 -78.43 6.42
CA CYS LE 81 97.80 -79.00 5.54
C CYS LE 81 98.79 -77.99 4.99
N ASP LE 82 98.50 -76.70 5.12
CA ASP LE 82 99.39 -75.71 4.53
C ASP LE 82 99.88 -74.73 5.58
N PRO LE 83 101.12 -74.30 5.49
CA PRO LE 83 101.62 -73.29 6.43
C PRO LE 83 100.94 -71.96 6.20
N SER LE 84 101.03 -71.09 7.19
CA SER LE 84 100.35 -69.81 7.13
C SER LE 84 101.23 -68.71 7.73
N VAL LE 85 101.07 -67.51 7.18
CA VAL LE 85 101.79 -66.34 7.68
C VAL LE 85 101.30 -66.06 9.09
N THR LE 86 102.23 -65.84 10.01
CA THR LE 86 101.84 -65.49 11.37
C THR LE 86 102.21 -64.05 11.69
N ARG LE 87 103.50 -63.78 11.84
CA ARG LE 87 104.00 -62.44 12.10
C ARG LE 87 104.75 -61.96 10.88
N GLN LE 88 104.69 -60.65 10.63
CA GLN LE 88 105.35 -60.09 9.47
C GLN LE 88 106.34 -59.04 9.95
N ALA LE 89 107.62 -59.34 9.80
CA ALA LE 89 108.67 -58.41 10.23
C ALA LE 89 108.86 -57.35 9.16
N TYR LE 90 108.78 -56.09 9.56
CA TYR LE 90 108.98 -54.98 8.64
C TYR LE 90 110.27 -54.24 8.95
N ALA LE 91 111.17 -54.23 7.97
CA ALA LE 91 112.40 -53.48 8.08
C ALA LE 91 112.42 -52.46 6.96
N ASP LE 92 112.44 -51.18 7.31
CA ASP LE 92 112.35 -50.10 6.35
C ASP LE 92 113.53 -49.14 6.53
N VAL LE 93 114.13 -48.75 5.41
CA VAL LE 93 115.25 -47.84 5.39
C VAL LE 93 115.03 -46.86 4.24
N THR LE 94 115.26 -45.58 4.51
CA THR LE 94 115.14 -44.55 3.50
C THR LE 94 116.38 -43.69 3.47
N PHE LE 95 116.51 -42.90 2.40
CA PHE LE 95 117.61 -41.98 2.27
C PHE LE 95 117.13 -40.72 1.56
N SER LE 96 117.68 -39.60 1.99
CA SER LE 96 117.39 -38.33 1.36
C SER LE 96 118.71 -37.69 0.98
N PHE LE 97 118.73 -37.01 -0.16
CA PHE LE 97 119.92 -36.32 -0.61
C PHE LE 97 119.52 -35.11 -1.42
N THR LE 98 120.46 -34.19 -1.54
CA THR LE 98 120.26 -32.95 -2.28
C THR LE 98 120.96 -33.06 -3.61
N GLN LE 99 120.39 -32.42 -4.62
CA GLN LE 99 120.94 -32.45 -5.95
C GLN LE 99 122.43 -32.17 -5.96
N TYR LE 100 122.92 -31.38 -5.01
CA TYR LE 100 124.35 -31.11 -4.93
C TYR LE 100 125.09 -32.12 -4.04
N SER LE 101 124.41 -33.13 -3.53
CA SER LE 101 125.07 -34.11 -2.67
C SER LE 101 126.26 -34.71 -3.39
N THR LE 102 127.37 -34.86 -2.69
CA THR LE 102 128.55 -35.41 -3.35
C THR LE 102 128.61 -36.91 -3.14
N ASP LE 103 129.63 -37.52 -3.73
CA ASP LE 103 129.76 -38.96 -3.65
C ASP LE 103 130.16 -39.41 -2.25
N GLU LE 104 131.27 -38.90 -1.74
CA GLU LE 104 131.81 -39.42 -0.49
C GLU LE 104 130.84 -39.21 0.65
N GLU LE 105 130.17 -38.07 0.68
CA GLU LE 105 129.12 -37.86 1.66
C GLU LE 105 128.16 -39.03 1.68
N ARG LE 106 127.63 -39.39 0.52
CA ARG LE 106 126.76 -40.55 0.44
C ARG LE 106 127.49 -41.80 0.91
N ALA LE 107 128.64 -42.07 0.31
CA ALA LE 107 129.45 -43.20 0.74
C ALA LE 107 129.67 -43.17 2.24
N PHE LE 108 130.00 -42.00 2.79
CA PHE LE 108 130.14 -41.87 4.23
C PHE LE 108 128.89 -42.34 4.95
N VAL LE 109 127.71 -41.99 4.43
CA VAL LE 109 126.48 -42.43 5.07
C VAL LE 109 126.37 -43.94 5.02
N ARG LE 110 126.68 -44.54 3.88
CA ARG LE 110 126.44 -45.97 3.72
C ARG LE 110 127.15 -46.77 4.79
N THR LE 111 128.48 -46.61 4.88
CA THR LE 111 129.24 -47.41 5.84
C THR LE 111 128.74 -47.19 7.27
N GLU LE 112 128.73 -45.95 7.73
CA GLU LE 112 128.42 -45.68 9.13
C GLU LE 112 127.12 -46.33 9.57
N LEU LE 113 126.10 -46.31 8.71
CA LEU LE 113 124.86 -46.99 9.08
C LEU LE 113 125.13 -48.46 9.35
N ALA LE 114 125.89 -49.11 8.47
CA ALA LE 114 126.25 -50.50 8.72
C ALA LE 114 126.98 -50.65 10.04
N ALA LE 115 128.02 -49.85 10.26
CA ALA LE 115 128.76 -49.95 11.51
C ALA LE 115 127.84 -49.87 12.71
N LEU LE 116 126.91 -48.93 12.71
CA LEU LE 116 125.92 -48.90 13.78
C LEU LE 116 125.22 -50.23 13.93
N LEU LE 117 124.79 -50.82 12.81
CA LEU LE 117 124.09 -52.09 12.91
C LEU LE 117 124.96 -53.16 13.54
N ALA LE 118 126.28 -53.05 13.41
CA ALA LE 118 127.17 -53.93 14.13
C ALA LE 118 127.56 -53.38 15.49
N SER LE 119 127.20 -52.14 15.79
CA SER LE 119 127.58 -51.57 17.07
C SER LE 119 126.86 -52.30 18.21
N PRO LE 120 127.53 -52.45 19.36
CA PRO LE 120 126.86 -53.05 20.52
C PRO LE 120 125.67 -52.26 21.00
N LEU LE 121 125.56 -50.99 20.61
CA LEU LE 121 124.41 -50.21 21.02
C LEU LE 121 123.12 -50.79 20.45
N LEU LE 122 123.02 -50.85 19.14
CA LEU LE 122 121.76 -51.20 18.52
C LEU LE 122 121.31 -52.62 18.82
N ILE LE 123 122.25 -53.55 19.03
CA ILE LE 123 121.87 -54.93 19.20
C ILE LE 123 120.90 -55.09 20.36
N ASP LE 124 121.19 -54.50 21.51
CA ASP LE 124 120.22 -54.48 22.60
C ASP LE 124 118.96 -53.74 22.22
N ALA LE 125 119.11 -52.59 21.57
CA ALA LE 125 117.98 -51.88 21.02
C ALA LE 125 117.14 -52.74 20.09
N ILE LE 126 117.77 -53.42 19.14
CA ILE LE 126 117.08 -54.28 18.21
C ILE LE 126 116.69 -55.60 18.87
N ASP LE 127 117.68 -56.41 19.22
CA ASP LE 127 117.39 -57.76 19.66
C ASP LE 127 116.56 -57.79 20.92
N GLN LE 128 117.02 -57.11 21.97
CA GLN LE 128 116.35 -57.15 23.24
C GLN LE 128 115.37 -56.01 23.45
N LEU LE 129 115.16 -55.17 22.44
CA LEU LE 129 114.20 -54.07 22.51
C LEU LE 129 114.48 -53.20 23.73
N ASN LE 130 115.63 -52.56 23.71
CA ASN LE 130 115.97 -51.79 24.88
C ASN LE 130 116.32 -50.37 24.50
N PRO LE 131 115.90 -49.41 25.28
CA PRO LE 131 116.34 -48.04 25.07
C PRO LE 131 117.80 -47.88 25.46
N ALA LE 132 118.24 -46.63 25.55
CA ALA LE 132 119.66 -46.27 25.50
C ALA LE 132 120.36 -46.46 26.84
N TYR LE 133 119.67 -46.99 27.83
CA TYR LE 133 120.28 -47.11 29.15
C TYR LE 133 120.78 -48.53 29.37
N ALA ME 2 122.49 2.47 -46.31
CA ALA ME 2 123.16 1.43 -47.08
C ALA ME 2 123.18 0.14 -46.29
N LYS ME 3 123.95 -0.83 -46.79
CA LYS ME 3 124.03 -2.16 -46.20
C LYS ME 3 124.62 -2.09 -44.80
N LEU ME 4 124.07 -2.90 -43.91
CA LEU ME 4 124.68 -3.15 -42.62
C LEU ME 4 126.08 -3.66 -42.86
N GLU ME 5 127.05 -3.06 -42.20
CA GLU ME 5 128.44 -3.46 -42.35
C GLU ME 5 129.14 -3.39 -41.00
N THR ME 6 130.39 -3.81 -41.00
CA THR ME 6 131.26 -3.58 -39.86
C THR ME 6 131.44 -2.07 -39.77
N VAL ME 7 131.14 -1.50 -38.62
CA VAL ME 7 131.28 -0.07 -38.46
C VAL ME 7 132.42 0.19 -37.47
N THR ME 8 133.53 0.69 -37.98
CA THR ME 8 134.66 1.05 -37.15
C THR ME 8 134.45 2.48 -36.66
N LEU ME 9 134.85 2.74 -35.42
CA LEU ME 9 134.74 4.07 -34.85
C LEU ME 9 136.05 4.43 -34.17
N GLY ME 10 136.63 5.55 -34.58
CA GLY ME 10 137.81 6.09 -33.93
C GLY ME 10 137.41 7.26 -33.05
N ASN ME 11 138.38 7.73 -32.27
CA ASN ME 11 138.22 8.93 -31.47
C ASN ME 11 137.02 8.78 -30.53
N ILE ME 12 137.19 7.90 -29.54
CA ILE ME 12 136.12 7.54 -28.64
C ILE ME 12 136.59 7.76 -27.22
N GLY ME 13 135.66 8.04 -26.32
CA GLY ME 13 135.97 8.23 -24.92
C GLY ME 13 136.68 9.55 -24.67
N LYS ME 14 136.79 9.86 -23.38
CA LYS ME 14 137.47 11.09 -22.97
C LYS ME 14 138.86 11.18 -23.59
N ASP ME 15 139.54 10.04 -23.72
CA ASP ME 15 140.83 10.02 -24.39
C ASP ME 15 140.69 10.38 -25.86
N GLY ME 16 139.76 9.74 -26.56
CA GLY ME 16 139.73 9.87 -28.00
C GLY ME 16 140.68 8.93 -28.69
N LYS ME 17 141.42 8.13 -27.93
CA LYS ME 17 142.22 7.07 -28.53
C LYS ME 17 141.44 5.76 -28.56
N GLN ME 18 140.27 5.72 -27.92
CA GLN ME 18 139.43 4.54 -27.93
C GLN ME 18 138.86 4.31 -29.31
N THR ME 19 138.78 3.05 -29.70
CA THR ME 19 138.21 2.66 -30.96
C THR ME 19 137.19 1.53 -30.73
N LEU ME 20 136.23 1.44 -31.63
CA LEU ME 20 135.19 0.43 -31.50
C LEU ME 20 134.73 -0.03 -32.87
N VAL ME 21 134.48 -1.32 -32.99
CA VAL ME 21 133.90 -1.88 -34.20
C VAL ME 21 132.54 -2.46 -33.85
N LEU ME 22 131.65 -2.48 -34.83
CA LEU ME 22 130.28 -2.96 -34.63
C LEU ME 22 129.93 -3.92 -35.74
N ASN ME 23 129.61 -5.11 -35.39
CA ASN ME 23 129.20 -5.99 -36.47
C ASN ME 23 127.71 -5.90 -36.69
N PRO ME 24 127.26 -6.07 -37.93
CA PRO ME 24 125.83 -6.16 -38.17
C PRO ME 24 125.23 -7.36 -37.46
N ARG ME 25 124.18 -7.11 -36.70
CA ARG ME 25 123.49 -8.14 -35.95
C ARG ME 25 122.26 -8.66 -36.65
N GLY ME 26 121.97 -8.19 -37.85
CA GLY ME 26 120.71 -8.49 -38.49
C GLY ME 26 119.63 -7.50 -38.08
N VAL ME 27 118.42 -7.77 -38.51
CA VAL ME 27 117.29 -6.88 -38.28
C VAL ME 27 116.13 -7.68 -37.74
N ASN ME 28 115.58 -7.24 -36.63
CA ASN ME 28 114.35 -7.83 -36.18
C ASN ME 28 113.21 -7.38 -37.07
N PRO ME 29 112.59 -8.26 -37.85
CA PRO ME 29 111.53 -7.84 -38.76
C PRO ME 29 110.26 -7.41 -38.05
N THR ME 30 109.99 -7.96 -36.87
CA THR ME 30 108.75 -7.62 -36.18
C THR ME 30 108.63 -6.12 -35.96
N ASN ME 31 109.45 -5.58 -35.08
CA ASN ME 31 109.52 -4.14 -34.90
C ASN ME 31 110.18 -3.45 -36.09
N GLY ME 32 110.81 -4.20 -36.98
CA GLY ME 32 111.52 -3.59 -38.09
C GLY ME 32 112.67 -2.74 -37.62
N VAL ME 33 113.57 -3.32 -36.83
CA VAL ME 33 114.67 -2.57 -36.23
C VAL ME 33 115.97 -3.32 -36.47
N ALA ME 34 116.96 -2.61 -36.99
CA ALA ME 34 118.28 -3.16 -37.16
C ALA ME 34 119.02 -3.21 -35.83
N SER ME 35 120.06 -4.03 -35.79
CA SER ME 35 120.87 -4.17 -34.59
C SER ME 35 122.33 -4.26 -34.96
N LEU ME 36 123.18 -3.63 -34.15
CA LEU ME 36 124.61 -3.67 -34.34
C LEU ME 36 125.26 -3.98 -33.01
N SER ME 37 126.42 -4.63 -33.04
CA SER ME 37 127.07 -4.94 -31.79
C SER ME 37 128.58 -5.01 -31.97
N GLN ME 38 129.27 -4.65 -30.90
CA GLN ME 38 130.65 -5.06 -30.72
C GLN ME 38 130.73 -6.57 -30.69
N ALA ME 39 131.85 -7.12 -31.17
CA ALA ME 39 132.08 -8.54 -31.02
C ALA ME 39 132.90 -8.75 -29.74
N GLY ME 40 132.20 -9.25 -28.72
CA GLY ME 40 132.82 -9.61 -27.47
C GLY ME 40 132.82 -11.10 -27.26
N ALA ME 41 132.86 -11.49 -25.99
CA ALA ME 41 132.65 -12.89 -25.64
C ALA ME 41 131.17 -13.17 -25.43
N VAL ME 42 130.58 -12.57 -24.40
CA VAL ME 42 129.20 -12.84 -24.05
C VAL ME 42 128.31 -11.77 -24.66
N PRO ME 43 127.37 -12.14 -25.53
CA PRO ME 43 126.46 -11.15 -26.11
C PRO ME 43 125.78 -10.27 -25.08
N ALA ME 44 125.34 -10.83 -23.95
CA ALA ME 44 124.80 -10.04 -22.86
C ALA ME 44 125.77 -8.94 -22.45
N LEU ME 45 127.07 -9.21 -22.46
CA LEU ME 45 128.06 -8.19 -22.15
C LEU ME 45 128.32 -7.26 -23.33
N GLU ME 46 128.12 -7.75 -24.55
CA GLU ME 46 128.55 -7.01 -25.73
C GLU ME 46 127.71 -5.75 -25.91
N LYS ME 47 128.37 -4.70 -26.37
CA LYS ME 47 127.72 -3.40 -26.57
C LYS ME 47 126.70 -3.58 -27.68
N ARG ME 48 125.59 -2.86 -27.57
CA ARG ME 48 124.55 -2.96 -28.58
C ARG ME 48 124.22 -1.59 -29.15
N VAL ME 49 123.88 -1.55 -30.43
CA VAL ME 49 123.46 -0.34 -31.11
C VAL ME 49 122.25 -0.67 -31.95
N THR ME 50 121.19 0.11 -31.80
CA THR ME 50 119.93 -0.15 -32.47
C THR ME 50 119.50 1.10 -33.24
N VAL ME 51 119.12 0.91 -34.50
CA VAL ME 51 118.58 1.99 -35.30
C VAL ME 51 117.28 1.51 -35.92
N SER ME 52 116.41 2.46 -36.21
CA SER ME 52 115.14 2.13 -36.83
C SER ME 52 114.64 3.33 -37.61
N VAL ME 53 113.86 3.04 -38.64
CA VAL ME 53 113.14 4.08 -39.37
C VAL ME 53 111.67 3.85 -39.09
N SER ME 54 110.83 4.66 -39.70
CA SER ME 54 109.39 4.52 -39.56
C SER ME 54 108.73 5.17 -40.75
N GLN ME 55 107.45 4.87 -40.93
CA GLN ME 55 106.71 5.51 -41.99
C GLN ME 55 105.35 5.93 -41.48
N PRO ME 56 104.83 7.05 -41.95
CA PRO ME 56 103.58 7.58 -41.40
C PRO ME 56 102.42 6.63 -41.67
N SER ME 57 101.54 6.52 -40.68
CA SER ME 57 100.39 5.65 -40.78
C SER ME 57 99.15 6.47 -40.46
N ARG ME 58 98.00 5.80 -40.41
CA ARG ME 58 96.80 6.44 -39.90
C ARG ME 58 96.95 6.89 -38.46
N ASN ME 59 97.87 6.30 -37.71
CA ASN ME 59 98.14 6.70 -36.34
C ASN ME 59 99.01 7.94 -36.24
N ARG ME 60 99.99 8.09 -37.13
CA ARG ME 60 100.89 9.23 -37.09
C ARG ME 60 101.29 9.58 -38.51
N LYS ME 61 101.37 10.88 -38.77
CA LYS ME 61 101.70 11.40 -40.10
C LYS ME 61 103.18 11.74 -40.19
N ASN ME 62 103.92 11.45 -39.13
CA ASN ME 62 105.29 11.90 -39.05
C ASN ME 62 106.25 10.72 -39.09
N TYR ME 63 107.44 10.98 -39.60
CA TYR ME 63 108.48 9.96 -39.59
C TYR ME 63 109.17 9.95 -38.24
N LYS ME 64 109.48 8.75 -37.75
CA LYS ME 64 110.25 8.58 -36.52
C LYS ME 64 111.53 7.84 -36.86
N VAL ME 65 112.64 8.35 -36.36
CA VAL ME 65 113.91 7.67 -36.44
C VAL ME 65 114.42 7.50 -35.02
N GLN ME 66 114.51 6.25 -34.58
CA GLN ME 66 114.86 5.94 -33.20
C GLN ME 66 116.21 5.26 -33.18
N VAL ME 67 117.07 5.71 -32.29
CA VAL ME 67 118.40 5.13 -32.10
C VAL ME 67 118.63 4.95 -30.61
N LYS ME 68 118.90 3.72 -30.20
CA LYS ME 68 119.16 3.41 -28.81
C LYS ME 68 120.50 2.72 -28.69
N ILE ME 69 121.20 2.99 -27.60
CA ILE ME 69 122.52 2.41 -27.34
C ILE ME 69 122.48 1.79 -25.96
N GLN ME 70 123.01 0.58 -25.85
CA GLN ME 70 122.99 -0.18 -24.62
C GLN ME 70 124.41 -0.65 -24.32
N ASN ME 71 124.98 -0.15 -23.23
CA ASN ME 71 126.36 -0.44 -22.86
C ASN ME 71 126.39 -0.91 -21.42
N PRO ME 72 126.34 -2.21 -21.18
CA PRO ME 72 126.35 -2.72 -19.82
C PRO ME 72 127.71 -2.51 -19.16
N THR ME 73 127.76 -2.87 -17.89
CA THR ME 73 128.99 -2.82 -17.11
C THR ME 73 129.28 -4.21 -16.59
N ALA ME 74 130.36 -4.79 -17.09
CA ALA ME 74 130.75 -6.13 -16.70
C ALA ME 74 131.36 -6.11 -15.31
N CYS ME 75 130.94 -7.06 -14.47
CA CYS ME 75 131.63 -7.34 -13.22
C CYS ME 75 132.45 -8.59 -13.48
N THR ME 76 133.77 -8.41 -13.59
CA THR ME 76 134.65 -9.52 -13.95
C THR ME 76 134.66 -10.57 -12.84
N ALA ME 77 135.03 -10.17 -11.63
CA ALA ME 77 135.02 -11.07 -10.50
C ALA ME 77 133.80 -10.75 -9.67
N ASN ME 78 132.82 -11.65 -9.72
CA ASN ME 78 131.66 -11.59 -8.84
C ASN ME 78 131.84 -12.49 -7.64
N GLY ME 79 133.00 -13.11 -7.49
CA GLY ME 79 133.12 -14.25 -6.61
C GLY ME 79 132.66 -15.53 -7.25
N SER ME 80 132.29 -15.47 -8.53
CA SER ME 80 131.79 -16.61 -9.28
C SER ME 80 132.61 -16.72 -10.55
N CYS ME 81 132.50 -17.87 -11.21
CA CYS ME 81 133.31 -18.16 -12.38
C CYS ME 81 132.92 -17.35 -13.61
N ASP ME 82 131.76 -16.71 -13.60
CA ASP ME 82 131.32 -16.01 -14.79
C ASP ME 82 131.05 -14.55 -14.48
N PRO ME 83 131.37 -13.65 -15.39
CA PRO ME 83 131.06 -12.23 -15.17
C PRO ME 83 129.56 -12.02 -15.21
N SER ME 84 129.14 -10.87 -14.68
CA SER ME 84 127.73 -10.56 -14.57
C SER ME 84 127.47 -9.09 -14.87
N VAL ME 85 126.30 -8.83 -15.43
CA VAL ME 85 125.88 -7.47 -15.73
C VAL ME 85 125.70 -6.73 -14.41
N THR ME 86 126.25 -5.54 -14.32
CA THR ME 86 126.07 -4.74 -13.12
C THR ME 86 125.19 -3.53 -13.38
N ARG ME 87 125.73 -2.56 -14.10
CA ARG ME 87 124.99 -1.35 -14.47
C ARG ME 87 124.74 -1.39 -15.97
N GLN ME 88 123.61 -0.85 -16.38
CA GLN ME 88 123.25 -0.85 -17.79
C GLN ME 88 123.08 0.60 -18.22
N ALA ME 89 123.99 1.08 -19.08
CA ALA ME 89 123.93 2.44 -19.58
C ALA ME 89 122.93 2.50 -20.72
N TYR ME 90 121.98 3.42 -20.63
CA TYR ME 90 121.00 3.60 -21.67
C TYR ME 90 121.18 4.93 -22.37
N ALA ME 91 121.44 4.86 -23.68
CA ALA ME 91 121.56 6.06 -24.50
C ALA ME 91 120.48 5.97 -25.57
N ASP ME 92 119.56 6.91 -25.56
CA ASP ME 92 118.42 6.90 -26.47
C ASP ME 92 118.35 8.21 -27.24
N VAL ME 93 118.11 8.09 -28.55
CA VAL ME 93 117.99 9.24 -29.43
C VAL ME 93 116.83 8.98 -30.37
N THR ME 94 116.00 9.99 -30.58
CA THR ME 94 114.86 9.90 -31.47
C THR ME 94 114.86 11.07 -32.43
N PHE ME 95 114.06 10.94 -33.48
CA PHE ME 95 113.91 12.01 -34.45
C PHE ME 95 112.48 12.02 -34.95
N SER ME 96 111.96 13.22 -35.17
CA SER ME 96 110.65 13.41 -35.75
C SER ME 96 110.78 14.29 -36.97
N PHE ME 97 109.98 13.99 -37.99
CA PHE ME 97 109.98 14.79 -39.20
C PHE ME 97 108.61 14.77 -39.82
N THR ME 98 108.37 15.75 -40.67
CA THR ME 98 107.10 15.88 -41.36
C THR ME 98 107.27 15.42 -42.79
N GLN ME 99 106.20 14.86 -43.34
CA GLN ME 99 106.23 14.35 -44.69
C GLN ME 99 106.82 15.35 -45.68
N TYR ME 100 106.69 16.64 -45.40
CA TYR ME 100 107.29 17.65 -46.26
C TYR ME 100 108.69 18.04 -45.84
N SER ME 101 109.25 17.38 -44.82
CA SER ME 101 110.59 17.72 -44.36
C SER ME 101 111.57 17.62 -45.52
N THR ME 102 112.46 18.59 -45.63
CA THR ME 102 113.40 18.56 -46.74
C THR ME 102 114.68 17.86 -46.32
N ASP ME 103 115.61 17.75 -47.26
CA ASP ME 103 116.85 17.06 -46.99
C ASP ME 103 117.75 17.86 -46.07
N GLU ME 104 118.08 19.09 -46.48
CA GLU ME 104 119.08 19.85 -45.74
C GLU ME 104 118.64 20.11 -44.31
N GLU ME 105 117.35 20.39 -44.11
CA GLU ME 105 116.83 20.50 -42.76
C GLU ME 105 117.25 19.30 -41.92
N ARG ME 106 116.96 18.10 -42.41
CA ARG ME 106 117.40 16.92 -41.71
C ARG ME 106 118.91 16.91 -41.54
N ALA ME 107 119.63 17.04 -42.66
CA ALA ME 107 121.09 17.13 -42.58
C ALA ME 107 121.52 18.17 -41.58
N PHE ME 108 120.90 19.34 -41.59
CA PHE ME 108 121.20 20.35 -40.60
C PHE ME 108 121.05 19.81 -39.19
N VAL ME 109 120.00 19.03 -38.95
CA VAL ME 109 119.81 18.47 -37.62
C VAL ME 109 120.95 17.53 -37.27
N ARG ME 110 121.34 16.68 -38.22
CA ARG ME 110 122.30 15.64 -37.91
C ARG ME 110 123.60 16.23 -37.37
N THR ME 111 124.23 17.12 -38.14
CA THR ME 111 125.50 17.68 -37.70
C THR ME 111 125.39 18.37 -36.35
N GLU ME 112 124.49 19.35 -36.23
CA GLU ME 112 124.43 20.17 -35.03
C GLU ME 112 124.32 19.33 -33.77
N LEU ME 113 123.55 18.25 -33.80
CA LEU ME 113 123.49 17.38 -32.64
C LEU ME 113 124.87 16.86 -32.29
N ALA ME 114 125.62 16.40 -33.30
CA ALA ME 114 126.98 15.97 -33.05
C ALA ME 114 127.82 17.08 -32.45
N ALA ME 115 127.80 18.27 -33.08
CA ALA ME 115 128.58 19.38 -32.56
C ALA ME 115 128.29 19.62 -31.09
N LEU ME 116 127.01 19.62 -30.70
CA LEU ME 116 126.68 19.73 -29.29
C LEU ME 116 127.39 18.67 -28.48
N LEU ME 117 127.37 17.42 -28.95
CA LEU ME 117 128.02 16.36 -28.21
C LEU ME 117 129.51 16.63 -28.03
N ALA ME 118 130.11 17.37 -28.94
CA ALA ME 118 131.48 17.80 -28.77
C ALA ME 118 131.57 19.15 -28.08
N SER ME 119 130.46 19.83 -27.88
CA SER ME 119 130.50 21.13 -27.24
C SER ME 119 130.95 20.99 -25.78
N PRO ME 120 131.70 21.97 -25.27
CA PRO ME 120 132.08 21.95 -23.87
C PRO ME 120 130.89 22.01 -22.93
N LEU ME 121 129.73 22.44 -23.42
CA LEU ME 121 128.56 22.47 -22.55
C LEU ME 121 128.19 21.07 -22.09
N LEU ME 122 127.87 20.20 -23.02
CA LEU ME 122 127.31 18.90 -22.66
C LEU ME 122 128.28 18.04 -21.86
N ILE ME 123 129.58 18.17 -22.10
CA ILE ME 123 130.51 17.27 -21.45
C ILE ME 123 130.37 17.33 -19.93
N ASP ME 124 130.32 18.52 -19.35
CA ASP ME 124 130.03 18.63 -17.93
C ASP ME 124 128.65 18.11 -17.60
N ALA ME 125 127.66 18.44 -18.42
CA ALA ME 125 126.33 17.88 -18.29
C ALA ME 125 126.35 16.37 -18.32
N ILE ME 126 127.01 15.77 -19.31
CA ILE ME 126 127.12 14.32 -19.41
C ILE ME 126 128.11 13.76 -18.41
N ASP ME 127 129.38 14.07 -18.59
CA ASP ME 127 130.41 13.40 -17.80
C ASP ME 127 130.26 13.68 -16.32
N GLN ME 128 130.20 14.95 -15.93
CA GLN ME 128 130.16 15.32 -14.54
C GLN ME 128 128.76 15.53 -14.01
N LEU ME 129 127.74 15.28 -14.83
CA LEU ME 129 126.34 15.40 -14.41
C LEU ME 129 126.08 16.77 -13.82
N ASN ME 130 126.20 17.78 -14.67
CA ASN ME 130 126.04 19.11 -14.13
C ASN ME 130 125.00 19.88 -14.93
N PRO ME 131 124.19 20.65 -14.26
CA PRO ME 131 123.29 21.55 -14.97
C PRO ME 131 124.05 22.71 -15.60
N ALA ME 132 123.32 23.71 -16.05
CA ALA ME 132 123.81 24.68 -17.02
C ALA ME 132 124.65 25.78 -16.39
N TYR ME 133 124.92 25.69 -15.09
CA TYR ME 133 125.66 26.76 -14.43
C TYR ME 133 127.13 26.38 -14.28
N ALA NE 2 124.76 -15.64 -41.04
CA ALA NE 2 125.06 -14.93 -42.27
C ALA NE 2 123.88 -14.95 -43.21
N LYS NE 3 124.11 -14.53 -44.45
CA LYS NE 3 123.07 -14.41 -45.44
C LYS NE 3 122.51 -15.78 -45.79
N LEU NE 4 121.19 -15.82 -45.98
CA LEU NE 4 120.54 -16.98 -46.57
C LEU NE 4 121.20 -17.25 -47.91
N GLU NE 5 121.59 -18.49 -48.14
CA GLU NE 5 122.23 -18.86 -49.38
C GLU NE 5 121.77 -20.25 -49.79
N THR NE 6 122.21 -20.68 -50.96
CA THR NE 6 122.05 -22.06 -51.37
C THR NE 6 122.89 -22.88 -50.40
N VAL NE 7 122.26 -23.86 -49.76
CA VAL NE 7 122.99 -24.69 -48.83
C VAL NE 7 123.09 -26.08 -49.41
N THR NE 8 124.28 -26.47 -49.81
CA THR NE 8 124.54 -27.80 -50.32
C THR NE 8 124.86 -28.70 -49.14
N LEU NE 9 124.40 -29.94 -49.20
CA LEU NE 9 124.66 -30.91 -48.16
C LEU NE 9 125.09 -32.22 -48.79
N GLY NE 10 126.28 -32.69 -48.39
CA GLY NE 10 126.77 -33.99 -48.80
C GLY NE 10 126.60 -34.98 -47.66
N ASN NE 11 126.86 -36.25 -47.98
CA ASN NE 11 126.86 -37.31 -46.99
C ASN NE 11 125.53 -37.38 -46.26
N ILE NE 12 124.51 -37.80 -46.99
CA ILE NE 12 123.14 -37.80 -46.51
C ILE NE 12 122.59 -39.20 -46.65
N GLY NE 13 121.64 -39.56 -45.78
CA GLY NE 13 120.99 -40.84 -45.84
C GLY NE 13 121.89 -41.96 -45.38
N LYS NE 14 121.28 -43.13 -45.21
CA LYS NE 14 122.02 -44.31 -44.78
C LYS NE 14 123.22 -44.55 -45.68
N ASP NE 15 123.08 -44.28 -46.97
CA ASP NE 15 124.21 -44.39 -47.88
C ASP NE 15 125.28 -43.38 -47.55
N GLY NE 16 124.90 -42.12 -47.39
CA GLY NE 16 125.90 -41.07 -47.30
C GLY NE 16 126.37 -40.60 -48.64
N LYS NE 17 125.84 -41.17 -49.72
CA LYS NE 17 126.11 -40.63 -51.06
C LYS NE 17 125.03 -39.64 -51.46
N GLN NE 18 123.96 -39.55 -50.68
CA GLN NE 18 122.89 -38.61 -50.94
C GLN NE 18 123.37 -37.19 -50.74
N THR NE 19 122.92 -36.30 -51.61
CA THR NE 19 123.23 -34.89 -51.51
C THR NE 19 121.95 -34.08 -51.63
N LEU NE 20 121.96 -32.89 -51.04
CA LEU NE 20 120.78 -32.04 -51.05
C LEU NE 20 121.20 -30.58 -51.10
N VAL NE 21 120.46 -29.79 -51.85
CA VAL NE 21 120.64 -28.35 -51.87
C VAL NE 21 119.37 -27.70 -51.36
N LEU NE 22 119.52 -26.52 -50.78
CA LEU NE 22 118.41 -25.80 -50.17
C LEU NE 22 118.45 -24.35 -50.64
N ASN NE 23 117.41 -23.94 -51.28
CA ASN NE 23 117.45 -22.54 -51.65
C ASN NE 23 116.83 -21.68 -50.56
N PRO NE 24 117.31 -20.47 -50.39
CA PRO NE 24 116.65 -19.54 -49.48
C PRO NE 24 115.23 -19.26 -49.92
N ARG NE 25 114.29 -19.44 -49.00
CA ARG NE 25 112.89 -19.21 -49.28
C ARG NE 25 112.41 -17.84 -48.81
N GLY NE 26 113.29 -17.02 -48.28
CA GLY NE 26 112.88 -15.79 -47.64
C GLY NE 26 112.55 -16.02 -46.18
N VAL NE 27 112.03 -14.98 -45.54
CA VAL NE 27 111.76 -15.01 -44.11
C VAL NE 27 110.35 -14.50 -43.87
N ASN NE 28 109.55 -15.28 -43.17
CA ASN NE 28 108.27 -14.75 -42.74
C ASN NE 28 108.48 -13.73 -41.64
N PRO NE 29 108.19 -12.45 -41.87
CA PRO NE 29 108.44 -11.44 -40.84
C PRO NE 29 107.52 -11.55 -39.65
N THR NE 30 106.31 -12.06 -39.84
CA THR NE 30 105.36 -12.13 -38.73
C THR NE 30 105.95 -12.91 -37.56
N ASN NE 31 106.10 -14.21 -37.72
CA ASN NE 31 106.77 -15.02 -36.72
C ASN NE 31 108.27 -14.76 -36.69
N GLY NE 32 108.80 -14.05 -37.68
CA GLY NE 32 110.23 -13.83 -37.74
C GLY NE 32 111.00 -15.12 -37.93
N VAL NE 33 110.66 -15.90 -38.94
CA VAL NE 33 111.26 -17.21 -39.15
C VAL NE 33 111.71 -17.32 -40.59
N ALA NE 34 112.97 -17.72 -40.77
CA ALA NE 34 113.50 -17.99 -42.09
C ALA NE 34 112.99 -19.33 -42.61
N SER NE 35 113.10 -19.50 -43.92
CA SER NE 35 112.67 -20.73 -44.56
C SER NE 35 113.66 -21.11 -45.64
N LEU NE 36 113.92 -22.42 -45.75
CA LEU NE 36 114.80 -22.95 -46.78
C LEU NE 36 114.10 -24.14 -47.43
N SER NE 37 114.41 -24.38 -48.69
CA SER NE 37 113.77 -25.50 -49.36
C SER NE 37 114.66 -26.06 -50.45
N GLN NE 38 114.53 -27.37 -50.65
CA GLN NE 38 114.94 -27.99 -51.89
C GLN NE 38 114.15 -27.37 -53.04
N ALA NE 39 114.79 -27.30 -54.21
CA ALA NE 39 114.06 -26.91 -55.41
C ALA NE 39 113.55 -28.16 -56.10
N GLY NE 40 112.25 -28.38 -55.97
CA GLY NE 40 111.57 -29.46 -56.63
C GLY NE 40 110.65 -28.95 -57.70
N ALA NE 41 109.63 -29.76 -57.99
CA ALA NE 41 108.55 -29.30 -58.86
C ALA NE 41 107.47 -28.62 -58.05
N VAL NE 42 106.80 -29.37 -57.19
CA VAL NE 42 105.67 -28.84 -56.42
C VAL NE 42 106.15 -28.43 -55.05
N PRO NE 43 106.03 -27.15 -54.68
CA PRO NE 43 106.44 -26.72 -53.34
C PRO NE 43 105.85 -27.56 -52.22
N ALA NE 44 104.58 -27.95 -52.31
CA ALA NE 44 103.99 -28.86 -51.36
C ALA NE 44 104.82 -30.13 -51.21
N LEU NE 45 105.39 -30.63 -52.31
CA LEU NE 45 106.26 -31.79 -52.24
C LEU NE 45 107.66 -31.44 -51.78
N GLU NE 46 108.10 -30.22 -52.00
CA GLU NE 46 109.49 -29.86 -51.78
C GLU NE 46 109.82 -29.87 -50.30
N LYS NE 47 111.04 -30.33 -49.99
CA LYS NE 47 111.50 -30.43 -48.61
C LYS NE 47 111.58 -29.02 -48.05
N ARG NE 48 111.30 -28.89 -46.76
CA ARG NE 48 111.35 -27.57 -46.13
C ARG NE 48 112.26 -27.60 -44.92
N VAL NE 49 112.93 -26.49 -44.68
CA VAL NE 49 113.80 -26.32 -43.53
C VAL NE 49 113.52 -24.94 -42.95
N THR NE 50 113.27 -24.90 -41.64
CA THR NE 50 112.90 -23.67 -40.97
C THR NE 50 113.82 -23.43 -39.79
N VAL NE 51 114.33 -22.22 -39.67
CA VAL NE 51 115.15 -21.83 -38.54
C VAL NE 51 114.61 -20.52 -37.99
N SER NE 52 114.83 -20.30 -36.71
CA SER NE 52 114.37 -19.08 -36.07
C SER NE 52 115.24 -18.78 -34.88
N VAL NE 53 115.36 -17.49 -34.57
CA VAL NE 53 115.99 -17.07 -33.34
C VAL NE 53 114.90 -16.45 -32.48
N SER NE 54 115.27 -15.95 -31.32
CA SER NE 54 114.33 -15.30 -30.43
C SER NE 54 115.09 -14.37 -29.52
N GLN NE 55 114.37 -13.49 -28.85
CA GLN NE 55 115.00 -12.61 -27.90
C GLN NE 55 114.15 -12.53 -26.65
N PRO NE 56 114.78 -12.42 -25.48
CA PRO NE 56 114.01 -12.46 -24.24
C PRO NE 56 113.07 -11.27 -24.13
N SER NE 57 111.88 -11.55 -23.60
CA SER NE 57 110.87 -10.52 -23.42
C SER NE 57 110.43 -10.53 -21.97
N ARG NE 58 109.42 -9.73 -21.66
CA ARG NE 58 108.77 -9.80 -20.36
C ARG NE 58 108.14 -11.17 -20.12
N ASN NE 59 107.82 -11.91 -21.18
CA ASN NE 59 107.29 -13.25 -21.04
C ASN NE 59 108.35 -14.29 -20.74
N ARG NE 60 109.54 -14.17 -21.33
CA ARG NE 60 110.59 -15.14 -21.12
C ARG NE 60 111.93 -14.43 -21.16
N LYS NE 61 112.83 -14.83 -20.28
CA LYS NE 61 114.14 -14.23 -20.15
C LYS NE 61 115.19 -15.02 -20.93
N ASN NE 62 114.75 -16.06 -21.64
CA ASN NE 62 115.66 -17.00 -22.24
C ASN NE 62 115.59 -16.89 -23.75
N TYR NE 63 116.70 -17.19 -24.41
CA TYR NE 63 116.71 -17.27 -25.86
C TYR NE 63 116.19 -18.62 -26.33
N LYS NE 64 115.41 -18.59 -27.40
CA LYS NE 64 114.92 -19.81 -28.04
C LYS NE 64 115.45 -19.84 -29.46
N VAL NE 65 115.99 -20.99 -29.85
CA VAL NE 65 116.37 -21.24 -31.22
C VAL NE 65 115.62 -22.47 -31.67
N GLN NE 66 114.72 -22.30 -32.62
CA GLN NE 66 113.84 -23.36 -33.08
C GLN NE 66 114.20 -23.74 -34.50
N VAL NE 67 114.31 -25.04 -34.76
CA VAL NE 67 114.60 -25.55 -36.09
C VAL NE 67 113.65 -26.70 -36.35
N LYS NE 68 112.88 -26.59 -37.42
CA LYS NE 68 111.94 -27.63 -37.80
C LYS NE 68 112.23 -28.06 -39.23
N ILE NE 69 112.03 -29.35 -39.50
CA ILE NE 69 112.26 -29.92 -40.82
C ILE NE 69 111.00 -30.67 -41.24
N GLN NE 70 110.58 -30.46 -42.47
CA GLN NE 70 109.36 -31.06 -42.99
C GLN NE 70 109.69 -31.74 -44.30
N ASN NE 71 109.54 -33.07 -44.32
CA ASN NE 71 109.89 -33.89 -45.48
C ASN NE 71 108.71 -34.78 -45.82
N PRO NE 72 107.84 -34.35 -46.72
CA PRO NE 72 106.68 -35.17 -47.07
C PRO NE 72 107.09 -36.41 -47.84
N THR NE 73 106.09 -37.23 -48.13
CA THR NE 73 106.27 -38.43 -48.92
C THR NE 73 105.36 -38.34 -50.13
N ALA NE 74 105.95 -38.23 -51.29
CA ALA NE 74 105.21 -38.11 -52.54
C ALA NE 74 104.63 -39.47 -52.92
N CYS NE 75 103.35 -39.47 -53.29
CA CYS NE 75 102.76 -40.63 -53.96
C CYS NE 75 102.71 -40.27 -55.44
N THR NE 76 103.59 -40.92 -56.22
CA THR NE 76 103.71 -40.57 -57.63
C THR NE 76 102.45 -40.93 -58.38
N ALA NE 77 102.06 -42.21 -58.33
CA ALA NE 77 100.84 -42.66 -58.97
C ALA NE 77 99.79 -42.83 -57.88
N ASN NE 78 98.83 -41.92 -57.85
CA ASN NE 78 97.66 -42.05 -56.99
C ASN NE 78 96.49 -42.64 -57.75
N GLY NE 79 96.69 -43.04 -59.01
CA GLY NE 79 95.57 -43.26 -59.90
C GLY NE 79 95.07 -41.98 -60.51
N SER NE 80 95.75 -40.87 -60.23
CA SER NE 80 95.38 -39.55 -60.73
C SER NE 80 96.59 -38.94 -61.40
N CYS NE 81 96.36 -37.87 -62.16
CA CYS NE 81 97.41 -37.25 -62.95
C CYS NE 81 98.44 -36.50 -62.11
N ASP NE 82 98.14 -36.23 -60.84
CA ASP NE 82 99.06 -35.43 -60.05
C ASP NE 82 99.48 -36.19 -58.80
N PRO NE 83 100.73 -36.06 -58.38
CA PRO NE 83 101.16 -36.70 -57.15
C PRO NE 83 100.49 -36.05 -55.95
N SER NE 84 100.51 -36.75 -54.82
CA SER NE 84 99.85 -36.29 -53.63
C SER NE 84 100.68 -36.59 -52.39
N VAL NE 85 100.55 -35.72 -51.40
CA VAL NE 85 101.23 -35.90 -50.12
C VAL NE 85 100.66 -37.13 -49.46
N THR NE 86 101.53 -38.00 -48.96
CA THR NE 86 101.06 -39.17 -48.25
C THR NE 86 101.41 -39.09 -46.77
N ARG NE 87 102.67 -39.24 -46.44
CA ARG NE 87 103.15 -39.14 -45.07
C ARG NE 87 103.99 -37.88 -44.95
N GLN NE 88 103.93 -37.26 -43.77
CA GLN NE 88 104.67 -36.02 -43.55
C GLN NE 88 105.62 -36.25 -42.39
N ALA NE 89 106.91 -36.26 -42.69
CA ALA NE 89 107.94 -36.46 -41.67
C ALA NE 89 108.18 -35.15 -40.95
N TYR NE 90 108.09 -35.17 -39.62
CA TYR NE 90 108.34 -33.99 -38.83
C TYR NE 90 109.60 -34.14 -38.01
N ALA NE 91 110.56 -33.26 -38.25
CA ALA NE 91 111.79 -33.22 -37.48
C ALA NE 91 111.87 -31.85 -36.83
N ASP NE 92 111.87 -31.83 -35.49
CA ASP NE 92 111.85 -30.59 -34.74
C ASP NE 92 112.99 -30.56 -33.76
N VAL NE 93 113.67 -29.41 -33.69
CA VAL NE 93 114.79 -29.20 -32.79
C VAL NE 93 114.64 -27.81 -32.20
N THR NE 94 114.85 -27.71 -30.89
CA THR NE 94 114.79 -26.43 -30.19
C THR NE 94 116.04 -26.24 -29.35
N PHE NE 95 116.22 -25.00 -28.90
CA PHE NE 95 117.34 -24.67 -28.04
C PHE NE 95 116.91 -23.61 -27.05
N SER NE 96 117.42 -23.73 -25.83
CA SER NE 96 117.17 -22.74 -24.80
C SER NE 96 118.51 -22.27 -24.27
N PHE NE 97 118.60 -20.99 -23.95
CA PHE NE 97 119.82 -20.44 -23.40
C PHE NE 97 119.47 -19.29 -22.47
N THR NE 98 120.41 -18.96 -21.61
CA THR NE 98 120.26 -17.89 -20.65
C THR NE 98 121.04 -16.69 -21.12
N GLN NE 99 120.54 -15.51 -20.80
CA GLN NE 99 121.17 -14.28 -21.20
C GLN NE 99 122.65 -14.27 -20.90
N TYR NE 100 123.09 -14.99 -19.88
CA TYR NE 100 124.51 -15.07 -19.56
C TYR NE 100 125.19 -16.26 -20.25
N SER NE 101 124.49 -16.99 -21.09
CA SER NE 101 125.07 -18.14 -21.76
C SER NE 101 126.32 -17.70 -22.53
N THR NE 102 127.38 -18.48 -22.44
CA THR NE 102 128.60 -18.08 -23.13
C THR NE 102 128.65 -18.71 -24.52
N ASP NE 103 129.70 -18.39 -25.24
CA ASP NE 103 129.83 -18.89 -26.60
C ASP NE 103 130.14 -20.38 -26.62
N GLU NE 104 131.22 -20.78 -25.96
CA GLU NE 104 131.68 -22.16 -26.09
C GLU NE 104 130.64 -23.14 -25.58
N GLU NE 105 129.97 -22.79 -24.49
CA GLU NE 105 128.85 -23.60 -24.02
C GLU NE 105 127.90 -23.91 -25.17
N ARG NE 106 127.44 -22.86 -25.86
CA ARG NE 106 126.58 -23.08 -27.01
C ARG NE 106 127.28 -23.92 -28.05
N ALA NE 107 128.47 -23.49 -28.47
CA ALA NE 107 129.26 -24.29 -29.40
C ALA NE 107 129.37 -25.72 -28.94
N PHE NE 108 129.66 -25.93 -27.65
CA PHE NE 108 129.71 -27.27 -27.12
C PHE NE 108 128.41 -28.03 -27.38
N VAL NE 109 127.28 -27.36 -27.23
CA VAL NE 109 126.01 -28.01 -27.48
C VAL NE 109 125.90 -28.40 -28.93
N ARG NE 110 126.30 -27.51 -29.84
CA ARG NE 110 126.06 -27.75 -31.25
C ARG NE 110 126.71 -29.04 -31.70
N THR NE 111 128.02 -29.16 -31.50
CA THR NE 111 128.71 -30.36 -31.98
C THR NE 111 128.13 -31.63 -31.38
N GLU NE 112 128.09 -31.71 -30.05
CA GLU NE 112 127.69 -32.96 -29.40
C GLU NE 112 126.37 -33.48 -29.91
N LEU NE 113 125.40 -32.60 -30.15
CA LEU NE 113 124.15 -33.06 -30.73
C LEU NE 113 124.39 -33.77 -32.05
N ALA NE 114 125.21 -33.16 -32.91
CA ALA NE 114 125.56 -33.82 -34.16
C ALA NE 114 126.20 -35.17 -33.92
N ALA NE 115 127.23 -35.22 -33.07
CA ALA NE 115 127.89 -36.48 -32.78
C ALA NE 115 126.89 -37.55 -32.38
N LEU NE 116 125.96 -37.22 -31.51
CA LEU NE 116 124.90 -38.17 -31.18
C LEU NE 116 124.19 -38.65 -32.43
N LEU NE 117 123.83 -37.74 -33.32
CA LEU NE 117 123.14 -38.14 -34.53
C LEU NE 117 123.97 -39.11 -35.35
N ALA NE 118 125.29 -39.04 -35.25
CA ALA NE 118 126.14 -40.03 -35.88
C ALA NE 118 126.44 -41.20 -34.96
N SER NE 119 126.07 -41.11 -33.69
CA SER NE 119 126.35 -42.20 -32.77
C SER NE 119 125.56 -43.45 -33.15
N PRO NE 120 126.15 -44.63 -32.96
CA PRO NE 120 125.41 -45.86 -33.21
C PRO NE 120 124.20 -46.02 -32.32
N LEU NE 121 124.11 -45.28 -31.23
CA LEU NE 121 122.93 -45.38 -30.39
C LEU NE 121 121.69 -44.92 -31.13
N LEU NE 122 121.67 -43.68 -31.57
CA LEU NE 122 120.45 -43.11 -32.11
C LEU NE 122 119.99 -43.79 -33.40
N ILE NE 123 120.92 -44.31 -34.20
CA ILE NE 123 120.52 -44.85 -35.48
C ILE NE 123 119.48 -45.94 -35.32
N ASP NE 124 119.70 -46.89 -34.42
CA ASP NE 124 118.66 -47.86 -34.11
C ASP NE 124 117.42 -47.21 -33.54
N ALA NE 125 117.62 -46.26 -32.62
CA ALA NE 125 116.51 -45.48 -32.11
C ALA NE 125 115.75 -44.78 -33.23
N ILE NE 126 116.43 -44.10 -34.13
CA ILE NE 126 115.80 -43.42 -35.24
C ILE NE 126 115.38 -44.41 -36.32
N ASP NE 127 116.34 -45.03 -36.98
CA ASP NE 127 116.03 -45.82 -38.16
C ASP NE 127 115.12 -46.99 -37.84
N GLN NE 128 115.51 -47.82 -36.88
CA GLN NE 128 114.76 -49.01 -36.56
C GLN NE 128 113.77 -48.82 -35.43
N LEU NE 129 113.62 -47.60 -34.91
CA LEU NE 129 112.66 -47.30 -33.86
C LEU NE 129 112.86 -48.22 -32.67
N ASN NE 130 114.01 -48.10 -32.04
CA ASN NE 130 114.27 -49.01 -30.96
C ASN NE 130 114.64 -48.26 -29.71
N PRO NE 131 114.17 -48.71 -28.57
CA PRO NE 131 114.63 -48.13 -27.30
C PRO NE 131 116.06 -48.54 -27.01
N ALA NE 132 116.48 -48.30 -25.78
CA ALA NE 132 117.89 -48.24 -25.42
C ALA NE 132 118.51 -49.61 -25.20
N TYR NE 133 117.76 -50.67 -25.45
CA TYR NE 133 118.28 -52.00 -25.17
C TYR NE 133 118.77 -52.65 -26.45
N ALA OE 2 115.04 -12.52 -53.20
CA ALA OE 2 116.29 -12.29 -52.49
C ALA OE 2 116.20 -11.04 -51.64
N LYS OE 3 117.34 -10.61 -51.13
CA LYS OE 3 117.42 -9.48 -50.23
C LYS OE 3 117.01 -8.20 -50.94
N LEU OE 4 116.29 -7.35 -50.22
CA LEU OE 4 116.05 -5.99 -50.66
C LEU OE 4 117.39 -5.33 -50.90
N GLU OE 5 117.55 -4.72 -52.07
CA GLU OE 5 118.79 -4.05 -52.41
C GLU OE 5 118.50 -2.79 -53.18
N THR OE 6 119.55 -2.05 -53.48
CA THR OE 6 119.44 -0.93 -54.41
C THR OE 6 119.11 -1.55 -55.75
N VAL OE 7 118.03 -1.08 -56.36
CA VAL OE 7 117.64 -1.61 -57.65
C VAL OE 7 117.82 -0.52 -58.70
N THR OE 8 118.82 -0.70 -59.54
CA THR OE 8 119.07 0.23 -60.65
C THR OE 8 118.22 -0.21 -61.83
N LEU OE 9 117.70 0.76 -62.56
CA LEU OE 9 116.90 0.49 -63.74
C LEU OE 9 117.37 1.38 -64.88
N GLY OE 10 117.75 0.75 -65.99
CA GLY OE 10 118.08 1.46 -67.19
C GLY OE 10 116.93 1.37 -68.19
N ASN OE 11 117.06 2.14 -69.27
CA ASN OE 11 116.12 2.08 -70.37
C ASN OE 11 114.70 2.37 -69.89
N ILE OE 12 114.48 3.62 -69.51
CA ILE OE 12 113.24 4.04 -68.88
C ILE OE 12 112.68 5.20 -69.68
N GLY OE 13 111.37 5.34 -69.67
CA GLY OE 13 110.70 6.45 -70.33
C GLY OE 13 110.72 6.28 -71.84
N LYS OE 14 109.95 7.15 -72.49
CA LYS OE 14 109.87 7.12 -73.95
C LYS OE 14 111.25 7.19 -74.58
N ASP OE 15 112.16 7.95 -73.96
CA ASP OE 15 113.53 7.98 -74.44
C ASP OE 15 114.20 6.63 -74.28
N GLY OE 16 114.10 6.03 -73.10
CA GLY OE 16 114.91 4.87 -72.81
C GLY OE 16 116.30 5.21 -72.35
N LYS OE 17 116.63 6.50 -72.27
CA LYS OE 17 117.87 6.91 -71.66
C LYS OE 17 117.69 7.21 -70.19
N GLN OE 18 116.44 7.23 -69.72
CA GLN OE 18 116.13 7.46 -68.32
C GLN OE 18 116.60 6.28 -67.49
N THR OE 19 117.13 6.61 -66.31
CA THR OE 19 117.57 5.60 -65.36
C THR OE 19 116.99 5.91 -64.00
N LEU OE 20 116.83 4.88 -63.18
CA LEU OE 20 116.25 5.05 -61.85
C LEU OE 20 116.87 4.05 -60.89
N VAL OE 21 117.11 4.49 -59.67
CA VAL OE 21 117.55 3.62 -58.61
C VAL OE 21 116.49 3.61 -57.52
N LEU OE 22 116.42 2.50 -56.80
CA LEU OE 22 115.41 2.32 -55.76
C LEU OE 22 116.09 1.80 -54.50
N ASN OE 23 115.97 2.53 -53.46
CA ASN OE 23 116.56 1.99 -52.25
C ASN OE 23 115.54 1.15 -51.49
N PRO OE 24 115.99 0.11 -50.81
CA PRO OE 24 115.09 -0.64 -49.93
C PRO OE 24 114.56 0.26 -48.84
N ARG OE 25 113.23 0.27 -48.69
CA ARG OE 25 112.56 1.08 -47.69
C ARG OE 25 112.21 0.29 -46.44
N GLY OE 26 112.57 -0.99 -46.37
CA GLY OE 26 112.10 -1.84 -45.32
C GLY OE 26 110.78 -2.48 -45.68
N VAL OE 27 110.20 -3.18 -44.72
CA VAL OE 27 108.96 -3.93 -44.94
C VAL OE 27 107.99 -3.60 -43.83
N ASN OE 28 106.79 -3.20 -44.20
CA ASN OE 28 105.76 -3.08 -43.19
C ASN OE 28 105.31 -4.47 -42.76
N PRO OE 29 105.57 -4.86 -41.51
CA PRO OE 29 105.19 -6.21 -41.08
C PRO OE 29 103.71 -6.42 -40.95
N THR OE 30 102.94 -5.36 -40.66
CA THR OE 30 101.50 -5.53 -40.49
C THR OE 30 100.87 -6.16 -41.72
N ASN OE 31 100.80 -5.42 -42.80
CA ASN OE 31 100.34 -5.99 -44.06
C ASN OE 31 101.35 -6.94 -44.67
N GLY OE 32 102.56 -6.99 -44.14
CA GLY OE 32 103.59 -7.84 -44.72
C GLY OE 32 103.94 -7.43 -46.12
N VAL OE 33 104.30 -6.16 -46.32
CA VAL OE 33 104.55 -5.62 -47.65
C VAL OE 33 105.87 -4.88 -47.64
N ALA OE 34 106.74 -5.22 -48.60
CA ALA OE 34 107.98 -4.52 -48.78
C ALA OE 34 107.75 -3.17 -49.47
N SER OE 35 108.74 -2.30 -49.34
CA SER OE 35 108.66 -0.99 -49.94
C SER OE 35 110.02 -0.61 -50.52
N LEU OE 36 109.98 0.04 -51.68
CA LEU OE 36 111.18 0.52 -52.34
C LEU OE 36 110.96 1.95 -52.76
N SER OE 37 112.03 2.73 -52.82
CA SER OE 37 111.86 4.12 -53.21
C SER OE 37 113.12 4.65 -53.88
N GLN OE 38 112.90 5.56 -54.81
CA GLN OE 38 113.94 6.48 -55.24
C GLN OE 38 114.40 7.30 -54.04
N ALA OE 39 115.68 7.68 -54.05
CA ALA OE 39 116.16 8.60 -53.04
C ALA OE 39 116.07 10.01 -53.61
N GLY OE 40 115.08 10.74 -53.12
CA GLY OE 40 114.90 12.13 -53.46
C GLY OE 40 115.18 13.03 -52.29
N ALA OE 41 114.56 14.21 -52.32
CA ALA OE 41 114.59 15.09 -51.16
C ALA OE 41 113.44 14.78 -50.22
N VAL OE 42 112.22 15.00 -50.68
CA VAL OE 42 111.04 14.82 -49.84
C VAL OE 42 110.44 13.45 -50.10
N PRO OE 43 110.36 12.58 -49.09
CA PRO OE 43 109.73 11.27 -49.28
C PRO OE 43 108.36 11.33 -49.92
N ALA OE 44 107.52 12.29 -49.52
CA ALA OE 44 106.25 12.50 -50.18
C ALA OE 44 106.41 12.65 -51.68
N LEU OE 45 107.47 13.32 -52.12
CA LEU OE 45 107.74 13.46 -53.55
C LEU OE 45 108.38 12.22 -54.14
N GLU OE 46 109.10 11.45 -53.32
CA GLU OE 46 109.91 10.36 -53.84
C GLU OE 46 109.04 9.25 -54.39
N LYS OE 47 109.51 8.65 -55.48
CA LYS OE 47 108.78 7.58 -56.16
C LYS OE 47 108.73 6.40 -55.20
N ARG OE 48 107.64 5.65 -55.24
CA ARG OE 48 107.49 4.50 -54.38
C ARG OE 48 107.19 3.25 -55.18
N VAL OE 49 107.69 2.12 -54.70
CA VAL OE 49 107.45 0.82 -55.31
C VAL OE 49 107.13 -0.16 -54.20
N THR OE 50 106.04 -0.87 -54.33
CA THR OE 50 105.56 -1.78 -53.31
C THR OE 50 105.35 -3.17 -53.90
N VAL OE 51 105.87 -4.19 -53.23
CA VAL OE 51 105.64 -5.56 -53.63
C VAL OE 51 105.18 -6.34 -52.41
N SER OE 52 104.44 -7.40 -52.67
CA SER OE 52 103.94 -8.23 -51.59
C SER OE 52 103.69 -9.63 -52.10
N VAL OE 53 103.81 -10.60 -51.21
CA VAL OE 53 103.42 -11.96 -51.50
C VAL OE 53 102.21 -12.26 -50.63
N SER OE 54 101.72 -13.48 -50.71
CA SER OE 54 100.60 -13.90 -49.89
C SER OE 54 100.63 -15.40 -49.77
N GLN OE 55 99.87 -15.93 -48.83
CA GLN OE 55 99.77 -17.36 -48.70
C GLN OE 55 98.31 -17.75 -48.47
N PRO OE 56 97.90 -18.89 -49.01
CA PRO OE 56 96.49 -19.25 -48.94
C PRO OE 56 96.05 -19.47 -47.50
N SER OE 57 94.82 -19.03 -47.21
CA SER OE 57 94.26 -19.16 -45.87
C SER OE 57 92.91 -19.84 -46.00
N ARG OE 58 92.20 -19.95 -44.88
CA ARG OE 58 90.82 -20.39 -44.91
C ARG OE 58 89.94 -19.45 -45.73
N ASN OE 59 90.34 -18.19 -45.90
CA ASN OE 59 89.61 -17.25 -46.73
C ASN OE 59 89.87 -17.43 -48.22
N ARG OE 60 91.09 -17.76 -48.61
CA ARG OE 60 91.42 -17.94 -50.02
C ARG OE 60 92.47 -19.02 -50.15
N LYS OE 61 92.32 -19.85 -51.18
CA LYS OE 61 93.21 -20.96 -51.43
C LYS OE 61 94.28 -20.58 -52.44
N ASN OE 62 94.30 -19.33 -52.86
CA ASN OE 62 95.13 -18.92 -53.96
C ASN OE 62 96.21 -17.97 -53.48
N TYR OE 63 97.34 -17.97 -54.16
CA TYR OE 63 98.40 -17.02 -53.87
C TYR OE 63 98.10 -15.70 -54.56
N LYS OE 64 98.38 -14.61 -53.87
CA LYS OE 64 98.28 -13.27 -54.43
C LYS OE 64 99.65 -12.63 -54.40
N VAL OE 65 100.03 -12.03 -55.51
CA VAL OE 65 101.24 -11.22 -55.58
C VAL OE 65 100.81 -9.85 -56.07
N GLN OE 66 100.96 -8.85 -55.22
CA GLN OE 66 100.49 -7.51 -55.49
C GLN OE 66 101.68 -6.58 -55.64
N VAL OE 67 101.67 -5.76 -56.68
CA VAL OE 67 102.71 -4.79 -56.93
C VAL OE 67 102.04 -3.47 -57.28
N LYS OE 68 102.35 -2.43 -56.52
CA LYS OE 68 101.78 -1.11 -56.75
C LYS OE 68 102.92 -0.11 -56.91
N ILE OE 69 102.71 0.87 -57.78
CA ILE OE 69 103.71 1.91 -58.04
C ILE OE 69 103.03 3.26 -57.87
N GLN OE 70 103.70 4.15 -57.18
CA GLN OE 70 103.16 5.47 -56.87
C GLN OE 70 104.18 6.51 -57.29
N ASN OE 71 103.82 7.34 -58.27
CA ASN OE 71 104.71 8.34 -58.84
C ASN OE 71 104.00 9.69 -58.84
N PRO OE 72 104.19 10.49 -57.82
CA PRO OE 72 103.51 11.78 -57.76
C PRO OE 72 104.08 12.74 -58.79
N THR OE 73 103.46 13.90 -58.85
CA THR OE 73 103.90 14.99 -59.72
C THR OE 73 104.21 16.20 -58.86
N ALA OE 74 105.48 16.57 -58.81
CA ALA OE 74 105.92 17.69 -58.01
C ALA OE 74 105.53 18.99 -58.70
N CYS OE 75 104.98 19.92 -57.93
CA CYS OE 75 104.82 21.30 -58.38
C CYS OE 75 105.95 22.07 -57.71
N THR OE 76 106.95 22.45 -58.51
CA THR OE 76 108.14 23.11 -57.95
C THR OE 76 107.78 24.47 -57.38
N ALA OE 77 107.22 25.34 -58.22
CA ALA OE 77 106.79 26.65 -57.76
C ALA OE 77 105.28 26.62 -57.61
N ASN OE 78 104.83 26.60 -56.36
CA ASN OE 78 103.42 26.76 -56.04
C ASN OE 78 103.09 28.20 -55.70
N GLY OE 79 104.04 29.11 -55.83
CA GLY OE 79 103.92 30.41 -55.19
C GLY OE 79 104.32 30.35 -53.73
N SER OE 80 104.79 29.19 -53.27
CA SER OE 80 105.19 29.00 -51.89
C SER OE 80 106.61 28.43 -51.88
N CYS OE 81 107.24 28.46 -50.72
CA CYS OE 81 108.63 28.05 -50.59
C CYS OE 81 108.85 26.56 -50.74
N ASP OE 82 107.79 25.75 -50.67
CA ASP OE 82 107.97 24.32 -50.72
C ASP OE 82 107.17 23.71 -51.85
N PRO OE 83 107.72 22.70 -52.53
CA PRO OE 83 106.95 22.03 -53.58
C PRO OE 83 105.78 21.26 -52.98
N SER OE 84 104.82 20.92 -53.83
CA SER OE 84 103.62 20.26 -53.38
C SER OE 84 103.19 19.19 -54.38
N VAL OE 85 102.57 18.14 -53.85
CA VAL OE 85 102.05 17.06 -54.67
C VAL OE 85 100.92 17.62 -55.52
N THR OE 86 100.94 17.31 -56.81
CA THR OE 86 99.86 17.76 -57.68
C THR OE 86 99.03 16.58 -58.16
N ARG OE 87 99.58 15.78 -59.04
CA ARG OE 87 98.92 14.59 -59.54
C ARG OE 87 99.64 13.36 -59.00
N GLN OE 88 98.88 12.30 -58.77
CA GLN OE 88 99.46 11.09 -58.21
C GLN OE 88 99.18 9.96 -59.20
N ALA OE 89 100.24 9.45 -59.83
CA ALA OE 89 100.11 8.36 -60.79
C ALA OE 89 100.03 7.05 -60.05
N TYR OE 90 99.00 6.27 -60.33
CA TYR OE 90 98.84 4.97 -59.70
C TYR OE 90 99.02 3.86 -60.71
N ALA OE 91 100.02 3.01 -60.44
CA ALA OE 91 100.26 1.84 -61.27
C ALA OE 91 100.13 0.62 -60.37
N ASP OE 92 99.15 -0.24 -60.66
CA ASP OE 92 98.85 -1.39 -59.84
C ASP OE 92 98.89 -2.66 -60.68
N VAL OE 93 99.53 -3.70 -60.13
CA VAL OE 93 99.65 -4.98 -60.78
C VAL OE 93 99.41 -6.05 -59.72
N THR OE 94 98.63 -7.06 -60.07
CA THR OE 94 98.34 -8.17 -59.18
C THR OE 94 98.58 -9.49 -59.90
N PHE OE 95 98.64 -10.55 -59.11
CA PHE OE 95 98.81 -11.88 -59.65
C PHE OE 95 98.03 -12.87 -58.80
N SER OE 96 97.45 -13.86 -59.47
CA SER OE 96 96.75 -14.93 -58.78
C SER OE 96 97.33 -16.25 -59.26
N PHE OE 97 97.42 -17.21 -58.36
CA PHE OE 97 97.94 -18.52 -58.69
C PHE OE 97 97.28 -19.55 -57.80
N THR OE 98 97.33 -20.79 -58.27
CA THR OE 98 96.76 -21.91 -57.55
C THR OE 98 97.88 -22.69 -56.89
N GLN OE 99 97.56 -23.27 -55.74
CA GLN OE 99 98.54 -24.04 -54.99
C GLN OE 99 99.28 -25.03 -55.86
N TYR OE 100 98.66 -25.52 -56.92
CA TYR OE 100 99.34 -26.44 -57.83
C TYR OE 100 100.03 -25.72 -58.98
N SER OE 101 100.02 -24.39 -59.00
CA SER OE 101 100.65 -23.65 -60.07
C SER OE 101 102.12 -24.06 -60.19
N THR OE 102 102.58 -24.27 -61.42
CA THR OE 102 103.95 -24.69 -61.58
C THR OE 102 104.86 -23.49 -61.79
N ASP OE 103 106.15 -23.77 -61.93
CA ASP OE 103 107.12 -22.69 -62.06
C ASP OE 103 107.00 -22.03 -63.43
N GLU OE 104 107.15 -22.80 -64.50
CA GLU OE 104 107.24 -22.21 -65.82
C GLU OE 104 105.99 -21.44 -66.17
N GLU OE 105 104.82 -21.96 -65.80
CA GLU OE 105 103.58 -21.22 -65.96
C GLU OE 105 103.74 -19.80 -65.42
N ARG OE 106 104.16 -19.69 -64.16
CA ARG OE 106 104.40 -18.38 -63.59
C ARG OE 106 105.44 -17.62 -64.41
N ALA OE 107 106.60 -18.23 -64.59
CA ALA OE 107 107.63 -17.62 -65.43
C ALA OE 107 107.06 -17.19 -66.77
N PHE OE 108 106.27 -18.05 -67.39
CA PHE OE 108 105.62 -17.68 -68.64
C PHE OE 108 104.81 -16.41 -68.48
N VAL OE 109 104.10 -16.26 -67.37
CA VAL OE 109 103.32 -15.05 -67.15
C VAL OE 109 104.23 -13.85 -67.05
N ARG OE 110 105.33 -13.98 -66.33
CA ARG OE 110 106.15 -12.81 -66.05
C ARG OE 110 106.64 -12.16 -67.33
N THR OE 111 107.31 -12.92 -68.19
CA THR OE 111 107.85 -12.34 -69.41
C THR OE 111 106.77 -11.72 -70.27
N GLU OE 112 105.75 -12.50 -70.63
CA GLU OE 112 104.75 -12.01 -71.58
C GLU OE 112 104.15 -10.68 -71.17
N LEU OE 113 103.90 -10.49 -69.87
CA LEU OE 113 103.40 -9.19 -69.43
C LEU OE 113 104.38 -8.10 -69.81
N ALA OE 114 105.66 -8.32 -69.56
CA ALA OE 114 106.66 -7.34 -69.97
C ALA OE 114 106.61 -7.10 -71.47
N ALA OE 115 106.65 -8.17 -72.26
CA ALA OE 115 106.60 -8.01 -73.70
C ALA OE 115 105.44 -7.13 -74.13
N LEU OE 116 104.25 -7.37 -73.58
CA LEU OE 116 103.13 -6.50 -73.85
C LEU OE 116 103.48 -5.06 -73.56
N LEU OE 117 104.08 -4.80 -72.41
CA LEU OE 117 104.43 -3.43 -72.07
C LEU OE 117 105.36 -2.81 -73.10
N ALA OE 118 106.16 -3.62 -73.78
CA ALA OE 118 106.96 -3.14 -74.88
C ALA OE 118 106.23 -3.24 -76.21
N SER OE 119 105.08 -3.89 -76.24
CA SER OE 119 104.36 -4.05 -77.50
C SER OE 119 103.86 -2.70 -77.99
N PRO OE 120 103.85 -2.49 -79.30
CA PRO OE 120 103.30 -1.24 -79.85
C PRO OE 120 101.82 -1.07 -79.53
N LEU OE 121 101.13 -2.13 -79.16
CA LEU OE 121 99.73 -1.98 -78.81
C LEU OE 121 99.56 -1.09 -77.59
N LEU OE 122 100.13 -1.48 -76.46
CA LEU OE 122 99.86 -0.79 -75.21
C LEU OE 122 100.34 0.64 -75.20
N ILE OE 123 101.43 0.95 -75.93
CA ILE OE 123 101.99 2.28 -75.84
C ILE OE 123 100.96 3.34 -76.19
N ASP OE 124 100.24 3.16 -77.30
CA ASP OE 124 99.14 4.06 -77.60
C ASP OE 124 98.05 4.00 -76.55
N ALA OE 125 97.71 2.79 -76.11
CA ALA OE 125 96.80 2.62 -75.00
C ALA OE 125 97.26 3.36 -73.76
N ILE OE 126 98.51 3.19 -73.36
CA ILE OE 126 99.05 3.88 -72.20
C ILE OE 126 99.35 5.32 -72.50
N ASP OE 127 100.33 5.58 -73.37
CA ASP OE 127 100.81 6.94 -73.55
C ASP OE 127 99.73 7.86 -74.09
N GLN OE 128 99.11 7.50 -75.19
CA GLN OE 128 98.14 8.35 -75.82
C GLN OE 128 96.71 8.05 -75.41
N LEU OE 129 96.50 7.14 -74.48
CA LEU OE 129 95.17 6.80 -73.97
C LEU OE 129 94.24 6.45 -75.11
N ASN OE 130 94.56 5.36 -75.78
CA ASN OE 130 93.74 5.04 -76.93
C ASN OE 130 93.22 3.61 -76.83
N PRO OE 131 91.99 3.39 -77.21
CA PRO OE 131 91.49 2.02 -77.29
C PRO OE 131 92.12 1.29 -78.47
N ALA OE 132 91.55 0.15 -78.81
CA ALA OE 132 92.22 -0.88 -79.60
C ALA OE 132 92.17 -0.60 -81.10
N TYR OE 133 91.63 0.54 -81.50
CA TYR OE 133 91.48 0.83 -82.91
C TYR OE 133 92.60 1.74 -83.39
N ALA PE 2 127.21 34.71 -0.73
CA ALA PE 2 128.04 35.05 -1.88
C ALA PE 2 128.03 33.91 -2.89
N LYS PE 3 128.91 34.01 -3.88
CA LYS PE 3 128.99 33.03 -4.96
C LYS PE 3 129.40 31.67 -4.43
N LEU PE 4 128.79 30.64 -4.99
CA LEU PE 4 129.25 29.28 -4.79
C LEU PE 4 130.71 29.21 -5.21
N GLU PE 5 131.54 28.67 -4.36
CA GLU PE 5 132.96 28.55 -4.66
C GLU PE 5 133.49 27.24 -4.12
N THR PE 6 134.75 26.97 -4.40
CA THR PE 6 135.44 25.86 -3.77
C THR PE 6 135.53 26.23 -2.30
N VAL PE 7 135.05 25.33 -1.44
CA VAL PE 7 135.09 25.60 -0.01
C VAL PE 7 136.08 24.63 0.62
N THR PE 8 137.21 25.15 1.05
CA THR PE 8 138.20 24.36 1.76
C THR PE 8 137.86 24.35 3.23
N LEU PE 9 138.08 23.22 3.88
CA LEU PE 9 137.82 23.09 5.30
C LEU PE 9 139.01 22.42 5.96
N GLY PE 10 139.58 23.09 6.96
CA GLY PE 10 140.63 22.52 7.78
C GLY PE 10 140.06 22.09 9.12
N ASN PE 11 140.90 21.39 9.89
CA ASN PE 11 140.56 21.00 11.25
C ASN PE 11 139.27 20.19 11.28
N ILE PE 12 139.36 18.98 10.75
CA ILE PE 12 138.21 18.11 10.56
C ILE PE 12 138.49 16.79 11.24
N GLY PE 13 137.43 16.13 11.69
CA GLY PE 13 137.56 14.82 12.31
C GLY PE 13 138.16 14.92 13.69
N LYS PE 14 138.09 13.78 14.39
CA LYS PE 14 138.64 13.70 15.73
C LYS PE 14 140.08 14.17 15.76
N ASP PE 15 140.84 13.87 14.71
CA ASP PE 15 142.20 14.38 14.62
C ASP PE 15 142.22 15.89 14.52
N GLY PE 16 141.43 16.45 13.61
CA GLY PE 16 141.57 17.86 13.30
C GLY PE 16 142.66 18.13 12.29
N LYS PE 17 143.34 17.09 11.82
CA LYS PE 17 144.27 17.25 10.72
C LYS PE 17 143.57 16.97 9.39
N GLN PE 18 142.35 16.47 9.43
CA GLN PE 18 141.58 16.19 8.24
C GLN PE 18 141.20 17.49 7.56
N THR PE 19 141.24 17.49 6.23
CA THR PE 19 140.85 18.63 5.43
C THR PE 19 139.89 18.17 4.34
N LEU PE 20 139.04 19.09 3.89
CA LEU PE 20 138.06 18.76 2.87
C LEU PE 20 137.81 19.97 1.99
N VAL PE 21 137.64 19.72 0.69
CA VAL PE 21 137.26 20.75 -0.24
C VAL PE 21 135.90 20.38 -0.81
N LEU PE 22 135.14 21.39 -1.21
CA LEU PE 22 133.80 21.19 -1.73
C LEU PE 22 133.64 22.00 -3.01
N ASN PE 23 133.34 21.34 -4.07
CA ASN PE 23 133.14 22.13 -5.25
C ASN PE 23 131.67 22.52 -5.38
N PRO PE 24 131.39 23.68 -5.95
CA PRO PE 24 130.00 24.04 -6.23
C PRO PE 24 129.40 23.06 -7.23
N ARG PE 25 128.24 22.52 -6.86
CA ARG PE 25 127.54 21.56 -7.69
C ARG PE 25 126.43 22.20 -8.51
N GLY PE 26 126.26 23.50 -8.43
CA GLY PE 26 125.11 24.15 -9.03
C GLY PE 26 123.95 24.17 -8.06
N VAL PE 27 122.81 24.62 -8.56
CA VAL PE 27 121.61 24.79 -7.75
C VAL PE 27 120.44 24.15 -8.45
N ASN PE 28 119.73 23.29 -7.75
CA ASN PE 28 118.48 22.80 -8.30
C ASN PE 28 117.44 23.90 -8.24
N PRO PE 29 116.98 24.43 -9.37
CA PRO PE 29 116.01 25.53 -9.33
C PRO PE 29 114.65 25.12 -8.85
N THR PE 30 114.26 23.86 -9.04
CA THR PE 30 112.93 23.43 -8.63
C THR PE 30 112.70 23.71 -7.15
N ASN PE 31 113.37 22.95 -6.29
CA ASN PE 31 113.33 23.21 -4.87
C ASN PE 31 114.09 24.47 -4.50
N GLY PE 32 114.87 25.03 -5.41
CA GLY PE 32 115.67 26.19 -5.09
C GLY PE 32 116.71 25.89 -4.05
N VAL PE 33 117.54 24.87 -4.27
CA VAL PE 33 118.50 24.42 -3.28
C VAL PE 33 119.86 24.29 -3.95
N ALA PE 34 120.87 24.90 -3.34
CA ALA PE 34 122.24 24.76 -3.79
C ALA PE 34 122.80 23.40 -3.38
N SER PE 35 123.88 23.01 -4.05
CA SER PE 35 124.53 21.75 -3.74
C SER PE 35 126.04 21.93 -3.80
N LEU PE 36 126.74 21.27 -2.89
CA LEU PE 36 128.19 21.29 -2.85
C LEU PE 36 128.67 19.86 -2.69
N SER PE 37 129.86 19.59 -3.21
CA SER PE 37 130.38 18.23 -3.08
C SER PE 37 131.89 18.22 -3.06
N GLN PE 38 132.43 17.26 -2.34
CA GLN PE 38 133.80 16.82 -2.54
C GLN PE 38 133.95 16.32 -3.96
N ALA PE 39 135.15 16.50 -4.52
CA ALA PE 39 135.45 15.90 -5.81
C ALA PE 39 136.11 14.54 -5.55
N GLY PE 40 135.33 13.49 -5.79
CA GLY PE 40 135.80 12.14 -5.71
C GLY PE 40 135.85 11.49 -7.07
N ALA PE 41 135.76 10.16 -7.05
CA ALA PE 41 135.60 9.42 -8.29
C ALA PE 41 134.12 9.30 -8.64
N VAL PE 42 133.38 8.57 -7.83
CA VAL PE 42 131.98 8.29 -8.11
C VAL PE 42 131.10 9.29 -7.35
N PRO PE 43 130.31 10.09 -8.05
CA PRO PE 43 129.41 11.03 -7.36
C PRO PE 43 128.57 10.38 -6.29
N ALA PE 44 128.02 9.20 -6.53
CA ALA PE 44 127.31 8.46 -5.50
C ALA PE 44 128.14 8.30 -4.25
N LEU PE 45 129.45 8.10 -4.38
CA LEU PE 45 130.34 8.02 -3.23
C LEU PE 45 130.69 9.38 -2.68
N GLU PE 46 130.67 10.41 -3.51
CA GLU PE 46 131.20 11.71 -3.12
C GLU PE 46 130.32 12.34 -2.06
N LYS PE 47 130.97 13.03 -1.12
CA LYS PE 47 130.28 13.69 -0.01
C LYS PE 47 129.41 14.78 -0.60
N ARG PE 48 128.25 15.02 0.01
CA ARG PE 48 127.36 16.05 -0.48
C ARG PE 48 127.03 17.04 0.62
N VAL PE 49 126.84 18.29 0.24
CA VAL PE 49 126.45 19.35 1.16
C VAL PE 49 125.37 20.17 0.48
N THR PE 50 124.25 20.38 1.18
CA THR PE 50 123.10 21.06 0.61
C THR PE 50 122.71 22.21 1.53
N VAL PE 51 122.48 23.38 0.94
CA VAL PE 51 121.99 24.52 1.69
C VAL PE 51 120.82 25.10 0.92
N SER PE 52 119.93 25.75 1.66
CA SER PE 52 118.77 26.36 1.05
C SER PE 52 118.30 27.52 1.92
N VAL PE 53 117.68 28.49 1.26
CA VAL PE 53 117.00 29.56 1.96
C VAL PE 53 115.52 29.38 1.69
N SER PE 54 114.71 30.30 2.21
CA SER PE 54 113.28 30.26 1.98
C SER PE 54 112.73 31.66 2.18
N GLN PE 55 111.51 31.86 1.73
CA GLN PE 55 110.87 33.15 1.96
C GLN PE 55 109.43 32.92 2.38
N PRO PE 56 108.91 33.76 3.26
CA PRO PE 56 107.57 33.53 3.80
C PRO PE 56 106.52 33.61 2.72
N SER PE 57 105.53 32.73 2.82
CA SER PE 57 104.44 32.68 1.85
C SER PE 57 103.14 32.75 2.62
N ARG PE 58 102.03 32.61 1.89
CA ARG PE 58 100.73 32.44 2.53
C ARG PE 58 100.68 31.20 3.41
N ASN PE 59 101.53 30.21 3.14
CA ASN PE 59 101.61 29.02 3.95
C ASN PE 59 102.38 29.21 5.25
N ARG PE 60 103.46 29.99 5.22
CA ARG PE 60 104.27 30.21 6.40
C ARG PE 60 104.83 31.62 6.35
N LYS PE 61 104.85 32.27 7.51
CA LYS PE 61 105.32 33.64 7.64
C LYS PE 61 106.77 33.68 8.08
N ASN PE 62 107.40 32.52 8.18
CA ASN PE 62 108.72 32.43 8.77
C ASN PE 62 109.74 32.02 7.73
N TYR PE 63 110.98 32.46 7.93
CA TYR PE 63 112.07 32.03 7.07
C TYR PE 63 112.58 30.67 7.52
N LYS PE 64 112.89 29.83 6.55
CA LYS PE 64 113.51 28.54 6.81
C LYS PE 64 114.87 28.50 6.14
N VAL PE 65 115.87 28.06 6.87
CA VAL PE 65 117.19 27.80 6.32
C VAL PE 65 117.52 26.36 6.62
N GLN PE 66 117.62 25.55 5.57
CA GLN PE 66 117.82 24.12 5.71
C GLN PE 66 119.19 23.74 5.20
N VAL PE 67 119.91 22.95 5.98
CA VAL PE 67 121.23 22.47 5.60
C VAL PE 67 121.28 20.98 5.89
N LYS PE 68 121.57 20.19 4.87
CA LYS PE 68 121.68 18.75 5.00
C LYS PE 68 123.03 18.29 4.51
N ILE PE 69 123.57 17.27 5.16
CA ILE PE 69 124.87 16.71 4.81
C ILE PE 69 124.71 15.22 4.62
N GLN PE 70 125.28 14.70 3.54
CA GLN PE 70 125.15 13.29 3.19
C GLN PE 70 126.56 12.73 2.96
N ASN PE 71 126.96 11.79 3.80
CA ASN PE 71 128.30 11.21 3.77
C ASN PE 71 128.17 9.70 3.75
N PRO PE 72 128.17 9.09 2.58
CA PRO PE 72 128.03 7.64 2.50
C PRO PE 72 129.28 6.94 3.01
N THR PE 73 129.20 5.62 3.06
CA THR PE 73 130.31 4.78 3.45
C THR PE 73 130.63 3.83 2.30
N ALA PE 74 131.79 4.02 1.70
CA ALA PE 74 132.21 3.20 0.57
C ALA PE 74 132.63 1.82 1.06
N CYS PE 75 132.17 0.79 0.37
CA CYS PE 75 132.70 -0.55 0.55
C CYS PE 75 133.63 -0.77 -0.65
N THR PE 76 134.94 -0.75 -0.38
CA THR PE 76 135.91 -0.83 -1.47
C THR PE 76 135.86 -2.19 -2.14
N ALA PE 77 136.05 -3.25 -1.36
CA ALA PE 77 135.95 -4.61 -1.90
C ALA PE 77 134.61 -5.18 -1.46
N ASN PE 78 133.70 -5.29 -2.41
CA ASN PE 78 132.44 -5.99 -2.21
C ASN PE 78 132.52 -7.42 -2.70
N GLY PE 79 133.69 -7.87 -3.13
CA GLY PE 79 133.76 -9.06 -3.94
C GLY PE 79 133.46 -8.79 -5.39
N SER PE 80 133.25 -7.53 -5.74
CA SER PE 80 132.92 -7.11 -7.10
C SER PE 80 133.89 -6.02 -7.50
N CYS PE 81 133.94 -5.74 -8.80
CA CYS PE 81 134.90 -4.80 -9.35
C CYS PE 81 134.62 -3.35 -8.98
N ASP PE 82 133.43 -3.05 -8.48
CA ASP PE 82 133.10 -1.66 -8.20
C ASP PE 82 132.71 -1.49 -6.74
N PRO PE 83 133.10 -0.38 -6.12
CA PRO PE 83 132.68 -0.13 -4.74
C PRO PE 83 131.18 0.13 -4.68
N SER PE 84 130.63 0.01 -3.48
CA SER PE 84 129.20 0.14 -3.29
C SER PE 84 128.90 0.91 -2.01
N VAL PE 85 127.79 1.63 -2.03
CA VAL PE 85 127.33 2.37 -0.86
C VAL PE 85 126.95 1.36 0.22
N THR PE 86 127.41 1.58 1.43
CA THR PE 86 127.04 0.70 2.53
C THR PE 86 126.14 1.42 3.52
N ARG PE 87 126.70 2.33 4.29
CA ARG PE 87 125.95 3.13 5.24
C ARG PE 87 125.89 4.56 4.75
N GLN PE 88 124.78 5.23 5.04
CA GLN PE 88 124.61 6.60 4.58
C GLN PE 88 124.40 7.48 5.82
N ALA PE 89 125.38 8.33 6.11
CA ALA PE 89 125.31 9.22 7.25
C ALA PE 89 124.46 10.43 6.89
N TYR PE 90 123.45 10.71 7.69
CA TYR PE 90 122.60 11.86 7.46
C TYR PE 90 122.79 12.91 8.54
N ALA PE 91 123.21 14.09 8.11
CA ALA PE 91 123.36 15.23 9.02
C ALA PE 91 122.44 16.33 8.51
N ASP PE 92 121.46 16.70 9.33
CA ASP PE 92 120.45 17.67 8.94
C ASP PE 92 120.39 18.80 9.95
N VAL PE 93 120.33 20.02 9.44
CA VAL PE 93 120.26 21.23 10.26
C VAL PE 93 119.24 22.15 9.62
N THR PE 94 118.38 22.74 10.45
CA THR PE 94 117.37 23.67 9.99
C THR PE 94 117.43 24.95 10.83
N PHE PE 95 116.77 25.98 10.31
CA PHE PE 95 116.66 27.23 11.03
C PHE PE 95 115.31 27.86 10.76
N SER PE 96 114.77 28.49 11.80
CA SER PE 96 113.53 29.22 11.67
C SER PE 96 113.75 30.63 12.16
N PHE PE 97 113.11 31.59 11.51
CA PHE PE 97 113.22 32.98 11.91
C PHE PE 97 111.94 33.69 11.58
N THR PE 98 111.75 34.82 12.23
CA THR PE 98 110.57 35.65 12.04
C THR PE 98 110.94 36.85 11.19
N GLN PE 99 109.98 37.31 10.40
CA GLN PE 99 110.21 38.44 9.52
C GLN PE 99 110.86 39.61 10.24
N TYR PE 100 110.63 39.75 11.54
CA TYR PE 100 111.26 40.82 12.30
C TYR PE 100 112.58 40.38 12.92
N SER PE 101 113.04 39.17 12.65
CA SER PE 101 114.30 38.70 13.23
C SER PE 101 115.41 39.67 12.88
N THR PE 102 116.26 39.97 13.86
CA THR PE 102 117.32 40.92 13.58
C THR PE 102 118.58 40.18 13.17
N ASP PE 103 119.62 40.95 12.87
CA ASP PE 103 120.86 40.35 12.41
C ASP PE 103 121.60 39.64 13.53
N GLU PE 104 121.90 40.35 14.61
CA GLU PE 104 122.75 39.78 15.64
C GLU PE 104 122.12 38.56 16.26
N GLU PE 105 120.81 38.58 16.47
CA GLU PE 105 120.11 37.39 16.93
C GLU PE 105 120.49 36.19 16.08
N ARG PE 106 120.34 36.32 14.77
CA ARG PE 106 120.76 35.24 13.88
C ARG PE 106 122.23 34.94 14.06
N ALA PE 107 123.07 35.96 13.93
CA ALA PE 107 124.50 35.76 14.17
C ALA PE 107 124.75 35.08 15.49
N PHE PE 108 124.05 35.52 16.54
CA PHE PE 108 124.18 34.86 17.83
C PHE PE 108 123.88 33.38 17.72
N VAL PE 109 122.86 33.01 16.95
CA VAL PE 109 122.54 31.60 16.79
C VAL PE 109 123.68 30.87 16.10
N ARG PE 110 124.24 31.48 15.06
CA ARG PE 110 125.21 30.76 14.25
C ARG PE 110 126.39 30.30 15.10
N THR PE 111 127.06 31.23 15.77
CA THR PE 111 128.23 30.86 16.54
C THR PE 111 127.91 29.80 17.59
N GLU PE 112 126.96 30.09 18.47
CA GLU PE 112 126.69 29.20 19.60
C GLU PE 112 126.48 27.76 19.16
N LEU PE 113 125.77 27.54 18.05
CA LEU PE 113 125.63 26.18 17.57
C LEU PE 113 126.99 25.55 17.31
N ALA PE 114 127.87 26.29 16.65
CA ALA PE 114 129.22 25.78 16.43
C ALA PE 114 129.90 25.47 17.75
N ALA PE 115 129.90 26.42 18.68
CA ALA PE 115 130.54 26.19 19.97
C ALA PE 115 130.06 24.90 20.61
N LEU PE 116 128.74 24.67 20.59
CA LEU PE 116 128.24 23.39 21.08
C LEU PE 116 128.90 22.23 20.38
N LEU PE 117 129.00 22.30 19.05
CA LEU PE 117 129.62 21.20 18.33
C LEU PE 117 131.05 20.97 18.78
N ALA PE 118 131.72 22.00 19.25
CA ALA PE 118 133.04 21.83 19.85
C ALA PE 118 132.96 21.57 21.35
N SER PE 119 131.79 21.71 21.95
CA SER PE 119 131.67 21.49 23.37
C SER PE 119 131.95 20.02 23.72
N PRO PE 120 132.57 19.76 24.87
CA PRO PE 120 132.76 18.38 25.30
C PRO PE 120 131.48 17.64 25.53
N LEU PE 121 130.36 18.34 25.68
CA LEU PE 121 129.09 17.65 25.85
C LEU PE 121 128.75 16.83 24.63
N LEU PE 122 128.60 17.48 23.48
CA LEU PE 122 128.08 16.79 22.31
C LEU PE 122 128.99 15.69 21.81
N ILE PE 123 130.29 15.81 21.99
CA ILE PE 123 131.19 14.83 21.42
C ILE PE 123 130.86 13.43 21.90
N ASP PE 124 130.67 13.24 23.21
CA ASP PE 124 130.20 11.96 23.70
C ASP PE 124 128.81 11.63 23.17
N ALA PE 125 127.92 12.61 23.16
CA ALA PE 125 126.63 12.44 22.54
C ALA PE 125 126.73 12.02 21.08
N ILE PE 126 127.54 12.69 20.30
CA ILE PE 126 127.74 12.35 18.90
C ILE PE 126 128.63 11.14 18.75
N ASP PE 127 129.90 11.26 19.11
CA ASP PE 127 130.86 10.21 18.81
C ASP PE 127 130.51 8.90 19.50
N GLN PE 128 130.34 8.93 20.80
CA GLN PE 128 130.10 7.72 21.56
C GLN PE 128 128.62 7.43 21.78
N LEU PE 129 127.73 8.24 21.21
CA LEU PE 129 126.29 8.02 21.32
C LEU PE 129 125.88 7.91 22.78
N ASN PE 130 126.04 9.01 23.50
CA ASN PE 130 125.74 8.91 24.91
C ASN PE 130 124.77 10.00 25.31
N PRO PE 131 123.83 9.69 26.16
CA PRO PE 131 122.98 10.73 26.73
C PRO PE 131 123.75 11.60 27.71
N ALA PE 132 123.02 12.40 28.46
CA ALA PE 132 123.56 13.56 29.15
C ALA PE 132 124.25 13.22 30.46
N TYR PE 133 124.37 11.94 30.77
CA TYR PE 133 124.96 11.55 32.05
C TYR PE 133 126.41 11.14 31.87
N ALA QE 2 129.45 23.95 -17.15
CA ALA QE 2 129.91 25.30 -16.89
C ALA QE 2 128.82 26.31 -17.19
N LYS QE 3 129.18 27.57 -17.20
CA LYS QE 3 128.25 28.66 -17.41
C LYS QE 3 127.65 28.61 -18.80
N LEU QE 4 126.36 28.90 -18.89
CA LEU QE 4 125.72 29.15 -20.17
C LEU QE 4 126.47 30.25 -20.87
N GLU QE 5 126.83 30.02 -22.13
CA GLU QE 5 127.56 31.00 -22.89
C GLU QE 5 127.07 30.98 -24.34
N THR QE 6 127.61 31.89 -25.13
CA THR QE 6 127.41 31.84 -26.57
C THR QE 6 128.11 30.58 -27.03
N VAL QE 7 127.38 29.73 -27.74
CA VAL QE 7 127.97 28.50 -28.22
C VAL QE 7 128.06 28.58 -29.74
N THR QE 8 129.27 28.71 -30.25
CA THR QE 8 129.51 28.71 -31.68
C THR QE 8 129.66 27.28 -32.16
N LEU QE 9 129.15 26.98 -33.33
CA LEU QE 9 129.26 25.66 -33.91
C LEU QE 9 129.70 25.78 -35.36
N GLY QE 10 130.81 25.13 -35.69
CA GLY QE 10 131.26 25.04 -37.05
C GLY QE 10 130.95 23.66 -37.61
N ASN QE 11 131.17 23.52 -38.92
CA ASN QE 11 131.03 22.24 -39.60
C ASN QE 11 129.63 21.68 -39.40
N ILE QE 12 128.66 22.33 -40.03
CA ILE QE 12 127.26 22.03 -39.84
C ILE QE 12 126.64 21.76 -41.21
N GLY QE 13 125.62 20.92 -41.24
CA GLY QE 13 124.90 20.63 -42.46
C GLY QE 13 125.71 19.74 -43.38
N LYS QE 14 125.02 19.26 -44.42
CA LYS QE 14 125.66 18.40 -45.40
C LYS QE 14 126.92 19.03 -45.95
N ASP QE 15 126.91 20.36 -46.12
CA ASP QE 15 128.12 21.06 -46.53
C ASP QE 15 129.21 20.96 -45.49
N GLY QE 16 128.88 21.25 -44.23
CA GLY QE 16 129.91 21.41 -43.24
C GLY QE 16 130.53 22.78 -43.24
N LYS QE 17 130.08 23.66 -44.12
CA LYS QE 17 130.49 25.05 -44.06
C LYS QE 17 129.51 25.88 -43.25
N GLN QE 18 128.39 25.28 -42.88
CA GLN QE 18 127.38 25.95 -42.07
C GLN QE 18 127.91 26.17 -40.67
N THR QE 19 127.59 27.33 -40.11
CA THR QE 19 127.95 27.67 -38.75
C THR QE 19 126.73 28.17 -38.00
N LEU QE 20 126.76 28.01 -36.68
CA LEU QE 20 125.62 28.42 -35.86
C LEU QE 20 126.12 28.89 -34.51
N VAL QE 21 125.49 29.94 -34.00
CA VAL QE 21 125.74 30.42 -32.65
C VAL QE 21 124.46 30.27 -31.84
N LEU QE 22 124.62 30.10 -30.54
CA LEU QE 22 123.49 29.89 -29.65
C LEU QE 22 123.65 30.79 -28.44
N ASN QE 23 122.71 31.63 -28.24
CA ASN QE 23 122.85 32.44 -27.04
C ASN QE 23 122.16 31.75 -25.87
N PRO QE 24 122.68 31.95 -24.67
CA PRO QE 24 121.99 31.46 -23.48
C PRO QE 24 120.63 32.11 -23.34
N ARG QE 25 119.61 31.28 -23.18
CA ARG QE 25 118.25 31.77 -23.04
C ARG QE 25 117.79 31.83 -21.59
N GLY QE 26 118.66 31.50 -20.65
CA GLY QE 26 118.25 31.35 -19.27
C GLY QE 26 117.78 29.94 -19.00
N VAL QE 27 117.26 29.73 -17.80
CA VAL QE 27 116.84 28.41 -17.35
C VAL QE 27 115.44 28.50 -16.78
N ASN QE 28 114.55 27.66 -17.26
CA ASN QE 28 113.26 27.57 -16.60
C ASN QE 28 113.43 26.84 -15.28
N PRO QE 29 113.22 27.51 -14.15
CA PRO QE 29 113.42 26.86 -12.86
C PRO QE 29 112.39 25.80 -12.55
N THR QE 30 111.17 25.93 -13.07
CA THR QE 30 110.13 24.96 -12.76
C THR QE 30 110.56 23.56 -13.12
N ASN QE 31 110.66 23.26 -14.40
CA ASN QE 31 111.19 21.98 -14.84
C ASN QE 31 112.69 21.89 -14.61
N GLY QE 32 113.35 22.99 -14.28
CA GLY QE 32 114.79 22.97 -14.12
C GLY QE 32 115.50 22.64 -15.40
N VAL QE 33 115.23 23.38 -16.47
CA VAL QE 33 115.77 23.08 -17.79
C VAL QE 33 116.36 24.35 -18.38
N ALA QE 34 117.59 24.26 -18.83
CA ALA QE 34 118.24 25.35 -19.53
C ALA QE 34 117.72 25.46 -20.96
N SER QE 35 117.94 26.62 -21.55
CA SER QE 35 117.51 26.86 -22.92
C SER QE 35 118.58 27.65 -23.66
N LEU QE 36 118.77 27.30 -24.92
CA LEU QE 36 119.72 28.00 -25.79
C LEU QE 36 119.03 28.30 -27.10
N SER QE 37 119.45 29.37 -27.76
CA SER QE 37 118.82 29.70 -29.02
C SER QE 37 119.78 30.45 -29.92
N GLN QE 38 119.59 30.23 -31.21
CA GLN QE 38 120.10 31.15 -32.22
C GLN QE 38 119.46 32.51 -32.01
N ALA QE 39 120.20 33.56 -32.34
CA ALA QE 39 119.62 34.89 -32.34
C ALA QE 39 119.11 35.18 -33.75
N GLY QE 40 117.79 35.13 -33.89
CA GLY QE 40 117.13 35.48 -35.12
C GLY QE 40 116.33 36.74 -34.98
N ALA QE 41 115.30 36.86 -35.81
CA ALA QE 41 114.34 37.93 -35.65
C ALA QE 41 113.21 37.51 -34.73
N VAL QE 42 112.43 36.53 -35.14
CA VAL QE 42 111.27 36.10 -34.37
C VAL QE 42 111.64 34.89 -33.53
N PRO QE 43 111.54 34.98 -32.21
CA PRO QE 43 111.84 33.81 -31.36
C PRO QE 43 111.11 32.56 -31.77
N ALA QE 44 109.84 32.64 -32.15
CA ALA QE 44 109.12 31.51 -32.70
C ALA QE 44 109.86 30.87 -33.85
N LEU QE 45 110.50 31.68 -34.70
CA LEU QE 45 111.31 31.15 -35.79
C LEU QE 45 112.67 30.67 -35.33
N GLU QE 46 113.20 31.24 -34.25
CA GLU QE 46 114.57 31.01 -33.87
C GLU QE 46 114.76 29.57 -33.40
N LYS QE 47 115.92 29.01 -33.73
CA LYS QE 47 116.24 27.63 -33.39
C LYS QE 47 116.34 27.55 -31.88
N ARG QE 48 115.94 26.43 -31.32
CA ARG QE 48 116.00 26.25 -29.88
C ARG QE 48 116.79 25.01 -29.51
N VAL QE 49 117.50 25.07 -28.40
CA VAL QE 49 118.25 23.95 -27.87
C VAL QE 49 117.99 23.89 -26.38
N THR QE 50 117.62 22.70 -25.89
CA THR QE 50 117.25 22.52 -24.50
C THR QE 50 118.07 21.38 -23.92
N VAL QE 51 118.64 21.61 -22.74
CA VAL QE 51 119.35 20.58 -22.00
C VAL QE 51 118.83 20.57 -20.58
N SER QE 52 118.94 19.40 -19.95
CA SER QE 52 118.49 19.26 -18.59
C SER QE 52 119.26 18.14 -17.92
N VAL QE 53 119.41 18.25 -16.62
CA VAL QE 53 119.94 17.17 -15.81
C VAL QE 53 118.80 16.68 -14.93
N SER QE 54 119.09 15.71 -14.08
CA SER QE 54 118.10 15.18 -13.17
C SER QE 54 118.82 14.55 -12.00
N GLN QE 55 118.08 14.30 -10.93
CA GLN QE 55 118.67 13.62 -9.80
C GLN QE 55 117.71 12.56 -9.30
N PRO QE 56 118.22 11.44 -8.82
CA PRO QE 56 117.34 10.33 -8.44
C PRO QE 56 116.46 10.71 -7.26
N SER QE 57 115.21 10.24 -7.32
CA SER QE 57 114.24 10.53 -6.28
C SER QE 57 113.66 9.20 -5.81
N ARG QE 58 112.67 9.29 -4.93
CA ARG QE 58 111.90 8.11 -4.57
C ARG QE 58 111.18 7.50 -5.76
N ASN QE 59 110.93 8.28 -6.80
CA ASN QE 59 110.32 7.78 -8.02
C ASN QE 59 111.30 7.05 -8.93
N ARG QE 60 112.53 7.51 -9.02
CA ARG QE 60 113.52 6.89 -9.89
C ARG QE 60 114.89 7.02 -9.24
N LYS QE 61 115.68 5.96 -9.35
CA LYS QE 61 117.01 5.90 -8.76
C LYS QE 61 118.07 6.26 -9.78
N ASN QE 62 117.65 6.63 -10.97
CA ASN QE 62 118.58 6.81 -12.09
C ASN QE 62 118.65 8.27 -12.48
N TYR QE 63 119.80 8.67 -13.00
CA TYR QE 63 119.95 10.00 -13.55
C TYR QE 63 119.41 10.05 -14.96
N LYS QE 64 118.72 11.15 -15.28
CA LYS QE 64 118.24 11.41 -16.63
C LYS QE 64 118.90 12.68 -17.15
N VAL QE 65 119.41 12.61 -18.36
CA VAL QE 65 119.91 13.78 -19.06
C VAL QE 65 119.15 13.87 -20.36
N GLN QE 66 118.35 14.93 -20.50
CA GLN QE 66 117.47 15.09 -21.64
C GLN QE 66 117.94 16.28 -22.47
N VAL QE 67 118.01 16.08 -23.77
CA VAL QE 67 118.39 17.13 -24.71
C VAL QE 67 117.41 17.11 -25.86
N LYS QE 68 116.76 18.23 -26.11
CA LYS QE 68 115.80 18.35 -27.19
C LYS QE 68 116.21 19.52 -28.08
N ILE QE 69 115.97 19.37 -29.38
CA ILE QE 69 116.29 20.40 -30.35
C ILE QE 69 115.05 20.67 -31.18
N GLN QE 70 114.75 21.95 -31.38
CA GLN QE 70 113.56 22.37 -32.09
C GLN QE 70 113.98 23.34 -33.18
N ASN QE 71 113.76 22.95 -34.43
CA ASN QE 71 114.18 23.74 -35.60
C ASN QE 71 112.99 23.88 -36.53
N PRO QE 72 112.24 24.95 -36.41
CA PRO QE 72 111.07 25.14 -37.27
C PRO QE 72 111.49 25.42 -38.70
N THR QE 73 110.49 25.52 -39.56
CA THR QE 73 110.68 25.86 -40.96
C THR QE 73 109.89 27.12 -41.26
N ALA QE 74 110.60 28.19 -41.55
CA ALA QE 74 109.97 29.47 -41.84
C ALA QE 74 109.37 29.45 -43.23
N CYS QE 75 108.14 29.94 -43.34
CA CYS QE 75 107.54 30.25 -44.64
C CYS QE 75 107.66 31.76 -44.79
N THR QE 76 108.58 32.18 -45.66
CA THR QE 76 108.85 33.61 -45.81
C THR QE 76 107.64 34.33 -46.38
N ALA QE 77 107.18 33.90 -47.56
CA ALA QE 77 106.01 34.49 -48.17
C ALA QE 77 104.85 33.52 -47.96
N ASN QE 78 103.95 33.89 -47.07
CA ASN QE 78 102.70 33.17 -46.90
C ASN QE 78 101.57 33.82 -47.68
N GLY QE 79 101.87 34.83 -48.49
CA GLY QE 79 100.83 35.72 -48.96
C GLY QE 79 100.46 36.77 -47.95
N SER QE 80 101.16 36.79 -46.81
CA SER QE 80 100.89 37.73 -45.73
C SER QE 80 102.21 38.43 -45.39
N CYS QE 81 102.10 39.52 -44.64
CA CYS QE 81 103.25 40.35 -44.33
C CYS QE 81 104.22 39.70 -43.37
N ASP QE 82 103.83 38.64 -42.68
CA ASP QE 82 104.71 38.05 -41.68
C ASP QE 82 104.96 36.59 -41.99
N PRO QE 83 106.17 36.11 -41.75
CA PRO QE 83 106.46 34.69 -41.96
C PRO QE 83 105.72 33.85 -40.93
N SER QE 84 105.60 32.56 -41.23
CA SER QE 84 104.83 31.65 -40.39
C SER QE 84 105.53 30.31 -40.27
N VAL QE 85 105.36 29.67 -39.13
CA VAL QE 85 105.91 28.34 -38.88
C VAL QE 85 105.21 27.38 -39.82
N THR QE 86 105.99 26.54 -40.49
CA THR QE 86 105.39 25.53 -41.36
C THR QE 86 105.60 24.14 -40.79
N ARG QE 87 106.83 23.64 -40.85
CA ARG QE 87 107.18 22.34 -40.31
C ARG QE 87 108.06 22.55 -39.09
N GLN QE 88 107.92 21.65 -38.12
CA GLN QE 88 108.70 21.77 -36.89
C GLN QE 88 109.53 20.50 -36.74
N ALA QE 89 110.85 20.64 -36.87
CA ALA QE 89 111.74 19.51 -36.74
C ALA QE 89 111.99 19.24 -35.27
N TYR QE 90 111.77 18.00 -34.85
CA TYR QE 90 112.01 17.61 -33.47
C TYR QE 90 113.18 16.65 -33.37
N ALA QE 91 114.19 17.08 -32.62
CA ALA QE 91 115.35 16.23 -32.36
C ALA QE 91 115.43 16.05 -30.85
N ASP QE 92 115.30 14.81 -30.40
CA ASP QE 92 115.27 14.50 -28.97
C ASP QE 92 116.33 13.47 -28.64
N VAL QE 93 117.06 13.71 -27.55
CA VAL QE 93 118.09 12.83 -27.06
C VAL QE 93 117.96 12.72 -25.55
N THR QE 94 118.05 11.51 -25.03
CA THR QE 94 117.99 11.28 -23.60
C THR QE 94 119.15 10.42 -23.16
N PHE QE 95 119.37 10.39 -21.85
CA PHE QE 95 120.40 9.57 -21.26
C PHE QE 95 119.93 9.03 -19.93
N SER QE 96 120.32 7.80 -19.65
CA SER QE 96 120.02 7.18 -18.37
C SER QE 96 121.33 6.68 -17.77
N PHE QE 97 121.45 6.80 -16.46
CA PHE QE 97 122.65 6.33 -15.78
C PHE QE 97 122.26 5.87 -14.38
N THR QE 98 123.14 5.06 -13.81
CA THR QE 98 122.95 4.53 -12.47
C THR QE 98 123.83 5.28 -11.51
N GLN QE 99 123.36 5.42 -10.28
CA GLN QE 99 124.09 6.14 -9.26
C GLN QE 99 125.54 5.70 -9.18
N TYR QE 100 125.84 4.45 -9.54
CA TYR QE 100 127.22 3.98 -9.53
C TYR QE 100 127.90 4.16 -10.88
N SER QE 101 127.24 4.79 -11.84
CA SER QE 101 127.83 4.99 -13.15
C SER QE 101 129.16 5.72 -13.01
N THR QE 102 130.18 5.28 -13.73
CA THR QE 102 131.46 5.93 -13.61
C THR QE 102 131.61 7.01 -14.65
N ASP QE 103 132.75 7.69 -14.62
CA ASP QE 103 132.98 8.79 -15.54
C ASP QE 103 133.21 8.29 -16.95
N GLU QE 104 134.21 7.43 -17.14
CA GLU QE 104 134.60 7.05 -18.49
C GLU QE 104 133.47 6.37 -19.22
N GLU QE 105 132.72 5.52 -18.52
CA GLU QE 105 131.53 4.94 -19.12
C GLU QE 105 130.68 6.02 -19.77
N ARG QE 106 130.33 7.05 -19.00
CA ARG QE 106 129.57 8.14 -19.56
C ARG QE 106 130.33 8.77 -20.72
N ALA QE 107 131.57 9.19 -20.47
CA ALA QE 107 132.40 9.72 -21.55
C ALA QE 107 132.41 8.80 -22.76
N PHE QE 108 132.56 7.50 -22.53
CA PHE QE 108 132.50 6.55 -23.62
C PHE QE 108 131.19 6.69 -24.39
N VAL QE 109 130.08 6.88 -23.69
CA VAL QE 109 128.81 7.04 -24.38
C VAL QE 109 128.81 8.30 -25.22
N ARG QE 110 129.33 9.39 -24.68
CA ARG QE 110 129.22 10.66 -25.37
C ARG QE 110 129.84 10.60 -26.75
N THR QE 111 131.12 10.23 -26.83
CA THR QE 111 131.80 10.21 -28.12
C THR QE 111 131.11 9.29 -29.10
N GLU QE 112 130.93 8.02 -28.75
CA GLU QE 112 130.41 7.05 -29.70
C GLU QE 112 129.12 7.50 -30.35
N LEU QE 113 128.22 8.12 -29.58
CA LEU QE 113 127.01 8.64 -30.19
C LEU QE 113 127.34 9.62 -31.28
N ALA QE 114 128.26 10.54 -31.02
CA ALA QE 114 128.69 11.47 -32.05
C ALA QE 114 129.25 10.74 -33.26
N ALA QE 115 130.19 9.82 -33.03
CA ALA QE 115 130.75 9.06 -34.14
C ALA QE 115 129.67 8.44 -35.01
N LEU QE 116 128.67 7.82 -34.39
CA LEU QE 116 127.55 7.32 -35.17
C LEU QE 116 126.93 8.41 -36.02
N LEU QE 117 126.71 9.58 -35.44
CA LEU QE 117 126.11 10.66 -36.22
C LEU QE 117 126.96 11.02 -37.42
N ALA QE 118 128.26 10.82 -37.34
CA ALA QE 118 129.12 10.99 -38.49
C ALA QE 118 129.29 9.72 -39.29
N SER QE 119 128.79 8.60 -38.79
CA SER QE 119 128.94 7.34 -39.51
C SER QE 119 128.13 7.38 -40.80
N PRO QE 120 128.63 6.75 -41.86
CA PRO QE 120 127.86 6.66 -43.11
C PRO QE 120 126.56 5.91 -42.95
N LEU QE 121 126.41 5.13 -41.89
CA LEU QE 121 125.15 4.43 -41.68
C LEU QE 121 124.01 5.41 -41.48
N LEU QE 122 124.09 6.23 -40.45
CA LEU QE 122 122.96 7.05 -40.07
C LEU QE 122 122.59 8.08 -41.11
N ILE QE 123 123.56 8.57 -41.89
CA ILE QE 123 123.27 9.65 -42.82
C ILE QE 123 122.16 9.25 -43.78
N ASP QE 124 122.23 8.06 -44.38
CA ASP QE 124 121.13 7.58 -45.19
C ASP QE 124 119.89 7.37 -44.35
N ALA QE 125 120.03 6.80 -43.16
CA ALA QE 125 118.93 6.70 -42.23
C ALA QE 125 118.31 8.05 -41.93
N ILE QE 126 119.11 9.04 -41.60
CA ILE QE 126 118.62 10.38 -41.32
C ILE QE 126 118.24 11.12 -42.59
N ASP QE 127 119.24 11.43 -43.42
CA ASP QE 127 118.99 12.31 -44.55
C ASP QE 127 118.01 11.72 -45.53
N GLN QE 128 118.26 10.51 -46.00
CA GLN QE 128 117.42 9.91 -47.01
C GLN QE 128 116.35 9.00 -46.44
N LEU QE 129 116.21 8.93 -45.11
CA LEU QE 129 115.17 8.15 -44.46
C LEU QE 129 115.20 6.71 -44.95
N ASN QE 130 116.31 6.04 -44.64
CA ASN QE 130 116.41 4.70 -45.16
C ASN QE 130 116.70 3.73 -44.03
N PRO QE 131 116.10 2.57 -44.08
CA PRO QE 131 116.47 1.51 -43.13
C PRO QE 131 117.84 0.96 -43.43
N ALA QE 132 118.16 -0.17 -42.81
CA ALA QE 132 119.54 -0.63 -42.66
C ALA QE 132 120.06 -1.35 -43.89
N TYR QE 133 119.28 -1.40 -44.96
CA TYR QE 133 119.71 -2.14 -46.14
C TYR QE 133 120.28 -1.21 -47.18
N PRO RE 2 115.60 -56.56 -34.97
CA PRO RE 2 114.99 -56.36 -33.65
C PRO RE 2 113.60 -55.75 -33.69
N LYS RE 3 113.17 -55.20 -34.82
CA LYS RE 3 111.85 -54.60 -34.88
C LYS RE 3 110.75 -55.63 -34.65
N LEU RE 4 110.98 -56.88 -35.03
CA LEU RE 4 109.99 -57.95 -34.91
C LEU RE 4 110.25 -58.74 -33.64
N PRO RE 5 109.42 -58.63 -32.60
CA PRO RE 5 109.59 -59.54 -31.45
C PRO RE 5 109.32 -60.99 -31.81
N ARG RE 6 109.48 -61.88 -30.82
CA ARG RE 6 109.32 -63.30 -31.08
C ARG RE 6 107.87 -63.67 -31.36
N GLY RE 7 106.91 -62.85 -30.93
CA GLY RE 7 105.50 -63.12 -31.15
C GLY RE 7 104.77 -62.18 -32.10
N LEU RE 8 105.47 -61.36 -32.86
CA LEU RE 8 104.83 -60.38 -33.72
C LEU RE 8 105.32 -60.53 -35.14
N ARG RE 9 104.43 -60.30 -36.10
CA ARG RE 9 104.78 -60.42 -37.51
C ARG RE 9 104.27 -59.21 -38.27
N PHE RE 10 105.04 -58.78 -39.26
CA PHE RE 10 104.64 -57.67 -40.10
C PHE RE 10 103.64 -58.15 -41.15
N GLY RE 11 103.38 -57.29 -42.14
CA GLY RE 11 102.25 -57.40 -43.03
C GLY RE 11 102.51 -56.63 -44.30
N ALA RE 12 101.47 -56.35 -45.07
CA ALA RE 12 101.61 -55.46 -46.23
C ALA RE 12 101.46 -53.98 -45.95
N ASP RE 13 100.64 -53.60 -44.96
CA ASP RE 13 100.35 -52.22 -44.63
C ASP RE 13 101.02 -51.75 -43.34
N ASN RE 14 102.08 -52.44 -42.91
CA ASN RE 14 102.75 -52.13 -41.64
C ASN RE 14 101.81 -52.42 -40.48
N GLU RE 15 101.22 -53.61 -40.53
CA GLU RE 15 100.34 -54.09 -39.49
C GLU RE 15 101.08 -55.10 -38.62
N ILE RE 16 100.91 -54.98 -37.31
CA ILE RE 16 101.61 -55.83 -36.36
C ILE RE 16 100.62 -56.92 -35.96
N LEU RE 17 100.84 -58.11 -36.45
CA LEU RE 17 100.00 -59.24 -36.10
C LEU RE 17 100.87 -60.31 -35.48
N ASN RE 18 100.22 -61.22 -34.76
CA ASN RE 18 100.95 -62.30 -34.13
C ASN RE 18 101.43 -63.29 -35.18
N ASP RE 19 102.67 -63.73 -35.02
CA ASP RE 19 103.25 -64.64 -36.00
C ASP RE 19 102.66 -66.02 -35.73
N PHE RE 20 101.82 -66.49 -36.64
CA PHE RE 20 101.13 -67.75 -36.41
C PHE RE 20 102.07 -68.92 -36.59
N GLN RE 21 103.14 -68.74 -37.35
CA GLN RE 21 104.11 -69.80 -37.52
C GLN RE 21 104.78 -70.14 -36.19
N GLU RE 22 105.19 -69.12 -35.44
CA GLU RE 22 105.80 -69.34 -34.14
C GLU RE 22 104.79 -69.51 -33.01
N LEU RE 23 103.63 -68.86 -33.11
CA LEU RE 23 102.67 -68.91 -32.00
C LEU RE 23 102.05 -70.29 -31.87
N TRP RE 24 101.92 -71.01 -32.98
CA TRP RE 24 101.35 -72.35 -32.91
C TRP RE 24 102.33 -73.33 -32.29
N PHE RE 25 103.47 -73.54 -32.94
CA PHE RE 25 104.52 -74.38 -32.37
C PHE RE 25 105.71 -73.51 -31.99
N PRO RE 26 106.02 -73.35 -30.73
CA PRO RE 26 107.23 -72.60 -30.35
C PRO RE 26 108.53 -73.35 -30.62
N ASP RE 27 109.63 -72.83 -30.08
CA ASP RE 27 110.94 -73.46 -30.18
C ASP RE 27 111.35 -73.99 -28.82
N LEU RE 28 111.90 -75.21 -28.80
CA LEU RE 28 112.27 -75.86 -27.55
C LEU RE 28 113.60 -75.31 -27.07
N PHE RE 29 113.58 -74.67 -25.90
CA PHE RE 29 114.77 -74.08 -25.31
C PHE RE 29 115.31 -75.01 -24.24
N ILE RE 30 116.63 -75.20 -24.26
CA ILE RE 30 117.29 -76.07 -23.29
C ILE RE 30 117.67 -75.25 -22.07
N GLU RE 31 117.31 -75.75 -20.89
CA GLU RE 31 117.57 -75.06 -19.63
C GLU RE 31 118.82 -75.62 -18.98
N SER RE 32 119.84 -74.77 -18.82
CA SER RE 32 121.06 -75.15 -18.10
C SER RE 32 121.20 -74.59 -16.68
N SER RE 33 120.30 -73.72 -16.22
CA SER RE 33 120.53 -73.09 -14.93
C SER RE 33 120.04 -73.99 -13.80
N ASP RE 34 120.24 -73.53 -12.57
CA ASP RE 34 119.81 -74.26 -11.38
C ASP RE 34 118.69 -73.51 -10.67
N THR RE 35 117.71 -74.27 -10.20
CA THR RE 35 116.58 -73.69 -9.48
C THR RE 35 116.88 -73.57 -7.99
N HIS RE 36 117.11 -74.70 -7.32
CA HIS RE 36 117.46 -74.71 -5.90
C HIS RE 36 118.52 -75.78 -5.63
N PRO RE 37 119.76 -75.54 -6.05
CA PRO RE 37 120.83 -76.51 -5.83
C PRO RE 37 121.35 -76.62 -4.41
N TRP RE 38 121.15 -75.62 -3.56
CA TRP RE 38 121.71 -75.63 -2.22
C TRP RE 38 120.58 -75.49 -1.21
N TYR RE 39 120.45 -76.50 -0.33
CA TYR RE 39 119.49 -76.48 0.77
C TYR RE 39 120.21 -76.52 2.11
N THR RE 40 119.55 -75.98 3.13
CA THR RE 40 120.12 -75.82 4.46
C THR RE 40 119.50 -76.81 5.44
N LEU RE 41 120.23 -77.11 6.50
CA LEU RE 41 119.78 -78.04 7.53
C LEU RE 41 119.77 -77.34 8.87
N LYS RE 42 118.65 -77.42 9.59
CA LYS RE 42 118.52 -76.86 10.93
C LYS RE 42 118.16 -77.99 11.90
N GLY RE 43 119.10 -78.38 12.73
CA GLY RE 43 118.88 -79.50 13.64
C GLY RE 43 120.17 -80.04 14.22
N ARG RE 44 120.12 -81.28 14.68
CA ARG RE 44 121.25 -81.95 15.30
C ARG RE 44 121.27 -83.42 14.87
N VAL RE 45 122.47 -83.97 14.80
CA VAL RE 45 122.65 -85.38 14.44
C VAL RE 45 123.95 -85.87 15.06
N LEU RE 46 124.00 -87.17 15.37
CA LEU RE 46 125.17 -87.82 15.94
C LEU RE 46 125.56 -87.21 17.28
N ASN RE 47 124.62 -86.57 17.96
CA ASN RE 47 124.90 -85.93 19.25
C ASN RE 47 126.04 -84.91 19.12
N ALA RE 48 126.09 -84.22 17.99
CA ALA RE 48 127.10 -83.19 17.78
C ALA RE 48 126.53 -82.10 16.90
N HIS RE 49 126.89 -80.86 17.19
CA HIS RE 49 126.34 -79.76 16.41
C HIS RE 49 127.09 -79.72 15.08
N LEU RE 50 126.38 -80.03 14.00
CA LEU RE 50 126.96 -80.05 12.66
C LEU RE 50 126.00 -79.31 11.74
N ASP RE 51 126.40 -78.15 11.24
CA ASP RE 51 125.61 -77.45 10.22
C ASP RE 51 126.52 -77.27 9.01
N ASP RE 52 126.28 -78.08 7.99
CA ASP RE 52 127.04 -78.06 6.75
C ASP RE 52 126.07 -78.06 5.58
N ARG RE 53 126.60 -77.76 4.41
CA ARG RE 53 125.81 -77.68 3.19
C ARG RE 53 126.38 -78.66 2.17
N LEU RE 54 125.59 -79.65 1.78
CA LEU RE 54 126.02 -80.62 0.81
C LEU RE 54 124.97 -80.77 -0.28
N PRO RE 55 125.41 -80.85 -1.54
CA PRO RE 55 124.45 -81.05 -2.64
C PRO RE 55 124.03 -82.51 -2.76
N ASN RE 56 122.76 -82.72 -3.10
CA ASN RE 56 122.21 -84.05 -3.31
C ASN RE 56 122.22 -84.37 -4.81
N VAL RE 57 121.60 -85.50 -5.18
CA VAL RE 57 121.47 -85.89 -6.57
C VAL RE 57 120.42 -85.03 -7.26
N GLY RE 58 120.37 -85.13 -8.59
CA GLY RE 58 119.70 -84.13 -9.37
C GLY RE 58 119.91 -84.27 -10.87
N GLY RE 59 120.04 -83.11 -11.50
CA GLY RE 59 120.29 -82.89 -12.91
C GLY RE 59 119.22 -82.09 -13.61
N ARG RE 60 119.69 -81.27 -14.55
CA ARG RE 60 118.91 -80.20 -15.15
C ARG RE 60 118.76 -80.55 -16.62
N GLN RE 61 117.62 -81.13 -16.96
CA GLN RE 61 117.23 -81.21 -18.36
C GLN RE 61 115.72 -80.98 -18.41
N VAL RE 62 115.32 -79.78 -18.79
CA VAL RE 62 113.91 -79.42 -18.88
C VAL RE 62 113.76 -78.47 -20.05
N ARG RE 63 112.82 -78.78 -20.95
CA ARG RE 63 112.53 -77.92 -22.09
C ARG RE 63 111.41 -76.95 -21.73
N ARG RE 64 111.68 -75.66 -21.89
CA ARG RE 64 110.73 -74.62 -21.53
C ARG RE 64 110.62 -73.63 -22.67
N THR RE 65 109.53 -72.86 -22.66
CA THR RE 65 109.27 -71.81 -23.64
C THR RE 65 108.73 -70.59 -22.92
N PRO RE 66 109.08 -69.39 -23.36
CA PRO RE 66 108.59 -68.18 -22.70
C PRO RE 66 107.13 -67.89 -23.01
N HIS RE 67 106.41 -67.45 -21.99
CA HIS RE 67 105.00 -67.11 -22.16
C HIS RE 67 104.87 -65.83 -22.98
N ARG RE 68 103.72 -65.69 -23.63
CA ARG RE 68 103.45 -64.52 -24.45
C ARG RE 68 102.04 -64.02 -24.15
N VAL RE 69 101.93 -62.78 -23.68
CA VAL RE 69 100.64 -62.14 -23.45
C VAL RE 69 100.59 -60.92 -24.38
N THR RE 70 99.76 -61.00 -25.41
CA THR RE 70 99.62 -59.92 -26.37
C THR RE 70 98.14 -59.63 -26.59
N VAL RE 71 97.87 -58.62 -27.40
CA VAL RE 71 96.52 -58.18 -27.69
C VAL RE 71 95.84 -59.26 -28.53
N PRO RE 72 94.53 -59.43 -28.44
CA PRO RE 72 93.86 -60.46 -29.24
C PRO RE 72 93.94 -60.15 -30.72
N ILE RE 73 93.66 -61.20 -31.50
CA ILE RE 73 93.68 -61.16 -32.95
C ILE RE 73 92.27 -61.00 -33.53
N ALA RE 74 91.27 -60.75 -32.69
CA ALA RE 74 89.91 -60.57 -33.18
C ALA RE 74 89.23 -59.44 -32.43
N SER RE 75 88.47 -58.64 -33.15
CA SER RE 75 87.75 -57.53 -32.54
C SER RE 75 86.71 -58.03 -31.56
N SER RE 76 86.73 -57.47 -30.34
CA SER RE 76 85.82 -57.87 -29.27
C SER RE 76 85.93 -59.37 -29.00
N GLY RE 77 87.16 -59.87 -29.06
CA GLY RE 77 87.45 -61.26 -28.81
C GLY RE 77 88.15 -61.50 -27.48
N LEU RE 78 88.35 -62.79 -27.20
CA LEU RE 78 89.08 -63.27 -26.05
C LEU RE 78 90.59 -63.23 -26.29
N ARG RE 79 91.34 -63.21 -25.20
CA ARG RE 79 92.80 -63.20 -25.28
C ARG RE 79 93.30 -64.47 -25.97
N PRO RE 80 94.40 -64.37 -26.70
CA PRO RE 80 94.96 -65.57 -27.34
C PRO RE 80 95.51 -66.54 -26.32
N VAL RE 81 95.52 -67.81 -26.71
CA VAL RE 81 95.99 -68.87 -25.80
C VAL RE 81 97.49 -68.76 -25.62
N THR RE 82 97.96 -69.01 -24.40
CA THR RE 82 99.39 -68.94 -24.15
C THR RE 82 99.92 -70.34 -24.42
N THR RE 83 100.55 -70.50 -25.59
CA THR RE 83 101.03 -71.81 -26.00
C THR RE 83 102.41 -72.00 -25.42
N VAL RE 84 102.54 -72.93 -24.48
CA VAL RE 84 103.79 -73.19 -23.80
C VAL RE 84 103.98 -74.69 -23.76
N GLN RE 85 105.16 -75.12 -24.15
CA GLN RE 85 105.51 -76.54 -24.17
C GLN RE 85 106.40 -76.84 -22.98
N TYR RE 86 106.02 -77.86 -22.21
CA TYR RE 86 106.78 -78.26 -21.02
C TYR RE 86 107.07 -79.75 -21.09
N ASP RE 87 108.36 -80.11 -21.01
CA ASP RE 87 108.77 -81.51 -21.07
C ASP RE 87 108.96 -82.02 -19.65
N PRO RE 88 108.21 -83.04 -19.21
CA PRO RE 88 108.41 -83.56 -17.85
C PRO RE 88 109.75 -84.26 -17.69
N ALA RE 89 110.46 -83.88 -16.62
CA ALA RE 89 111.77 -84.40 -16.18
C ALA RE 89 111.70 -85.22 -14.88
N ALA RE 90 110.54 -85.77 -14.52
CA ALA RE 90 110.30 -86.39 -13.21
C ALA RE 90 110.33 -85.33 -12.10
N LEU RE 91 109.26 -84.54 -12.13
CA LEU RE 91 109.08 -83.39 -11.26
C LEU RE 91 109.35 -83.74 -9.80
N SER RE 92 110.13 -82.91 -9.14
CA SER RE 92 110.51 -83.13 -7.76
C SER RE 92 109.70 -82.22 -6.85
N PHE RE 93 109.37 -82.73 -5.67
CA PHE RE 93 108.67 -81.97 -4.65
C PHE RE 93 109.61 -81.68 -3.50
N LEU RE 94 109.55 -80.46 -2.98
CA LEU RE 94 110.43 -80.09 -1.88
C LEU RE 94 109.94 -80.77 -0.61
N LEU RE 95 110.80 -81.59 -0.01
CA LEU RE 95 110.41 -82.35 1.15
C LEU RE 95 110.67 -81.54 2.40
N ASN RE 96 109.61 -81.24 3.16
CA ASN RE 96 109.76 -80.64 4.48
C ASN RE 96 109.13 -81.58 5.49
N ALA RE 97 109.97 -82.30 6.22
CA ALA RE 97 109.54 -83.34 7.15
C ALA RE 97 110.26 -83.16 8.46
N ARG RE 98 109.50 -82.98 9.53
CA ARG RE 98 110.05 -82.83 10.87
C ARG RE 98 109.70 -84.10 11.63
N VAL RE 99 110.73 -84.88 11.96
CA VAL RE 99 110.55 -86.16 12.63
C VAL RE 99 111.25 -86.09 13.99
N ASP RE 100 110.60 -86.65 15.00
CA ASP RE 100 111.13 -86.68 16.36
C ASP RE 100 111.03 -88.12 16.87
N TRP RE 101 112.18 -88.74 17.11
CA TRP RE 101 112.24 -90.13 17.56
C TRP RE 101 112.92 -90.18 18.92
N ASP RE 102 112.37 -91.02 19.81
CA ASP RE 102 112.96 -91.27 21.12
C ASP RE 102 113.06 -92.78 21.34
N PHE RE 103 114.28 -93.30 21.35
CA PHE RE 103 114.54 -94.71 21.58
C PHE RE 103 115.91 -94.87 22.19
N GLY RE 104 116.18 -96.07 22.72
CA GLY RE 104 117.49 -96.30 23.31
C GLY RE 104 117.64 -95.51 24.59
N ASN RE 105 118.87 -95.46 25.12
CA ASN RE 105 119.15 -94.56 26.23
C ASN RE 105 120.02 -93.34 25.91
N GLY RE 106 120.91 -93.40 24.93
CA GLY RE 106 121.72 -92.24 24.58
C GLY RE 106 121.65 -91.77 23.14
N ASP RE 107 120.85 -92.43 22.31
CA ASP RE 107 120.85 -92.13 20.88
C ASP RE 107 119.59 -91.30 20.64
N SER RE 108 119.79 -90.00 20.67
CA SER RE 108 118.71 -89.02 20.58
C SER RE 108 119.23 -87.88 19.73
N ALA RE 109 118.51 -87.58 18.65
CA ALA RE 109 118.90 -86.50 17.76
C ALA RE 109 117.65 -86.02 17.05
N ASN RE 110 117.68 -84.75 16.65
CA ASN RE 110 116.57 -84.17 15.88
C ASN RE 110 117.15 -83.28 14.79
N LEU RE 111 116.81 -83.56 13.54
CA LEU RE 111 117.24 -82.73 12.42
C LEU RE 111 116.12 -82.67 11.40
N VAL RE 112 115.96 -81.52 10.76
CA VAL RE 112 114.92 -81.29 9.76
C VAL RE 112 115.58 -81.11 8.40
N ILE RE 113 115.22 -81.96 7.45
CA ILE RE 113 115.74 -81.88 6.09
C ILE RE 113 114.72 -81.14 5.26
N ASN RE 114 115.06 -79.92 4.85
CA ASN RE 114 114.15 -79.10 4.07
C ASN RE 114 114.65 -78.97 2.64
N ASP RE 115 113.69 -78.86 1.73
CA ASP RE 115 113.97 -78.66 0.31
C ASP RE 115 114.79 -79.81 -0.26
N PHE RE 116 114.34 -81.03 0.00
CA PHE RE 116 114.98 -82.22 -0.51
C PHE RE 116 114.24 -82.67 -1.76
N LEU RE 117 114.90 -82.60 -2.90
CA LEU RE 117 114.33 -83.03 -4.17
C LEU RE 117 114.72 -84.47 -4.46
N PHE RE 118 113.81 -85.18 -5.13
CA PHE RE 118 114.07 -86.57 -5.50
C PHE RE 118 113.44 -86.83 -6.87
N ARG RE 119 113.46 -88.10 -7.29
CA ARG RE 119 112.90 -88.49 -8.58
C ARG RE 119 111.93 -89.66 -8.39
N THR RE 120 110.80 -89.59 -9.08
CA THR RE 120 109.77 -90.62 -9.07
C THR RE 120 109.50 -91.10 -10.49
N PHE RE 121 108.51 -91.98 -10.60
CA PHE RE 121 108.07 -92.52 -11.88
C PHE RE 121 106.65 -92.00 -12.13
N ALA RE 122 106.51 -91.07 -13.07
CA ALA RE 122 105.23 -90.48 -13.37
C ALA RE 122 104.90 -90.67 -14.85
N PRO RE 123 103.65 -90.97 -15.20
CA PRO RE 123 103.32 -91.15 -16.62
C PRO RE 123 103.48 -89.83 -17.37
N LYS RE 124 104.28 -89.86 -18.43
CA LYS RE 124 104.57 -88.63 -19.15
C LYS RE 124 103.47 -88.29 -20.14
N GLU RE 125 102.72 -89.28 -20.61
CA GLU RE 125 101.66 -89.07 -21.59
C GLU RE 125 100.47 -89.93 -21.23
N PHE RE 126 99.29 -89.52 -21.69
CA PHE RE 126 98.06 -90.26 -21.52
C PHE RE 126 97.06 -89.76 -22.54
N ASP RE 127 95.87 -90.34 -22.57
CA ASP RE 127 94.82 -89.87 -23.47
C ASP RE 127 93.45 -90.02 -22.83
N PHE RE 128 92.71 -88.92 -22.68
CA PHE RE 128 91.33 -88.96 -22.18
C PHE RE 128 90.27 -88.66 -23.25
N SER RE 129 90.64 -88.60 -24.52
CA SER RE 129 89.67 -88.25 -25.56
C SER RE 129 88.52 -89.25 -25.68
N ASN RE 130 88.70 -90.48 -25.18
CA ASN RE 130 87.63 -91.45 -25.28
C ASN RE 130 86.43 -91.05 -24.45
N SER RE 131 86.65 -90.41 -23.30
CA SER RE 131 85.54 -89.92 -22.50
C SER RE 131 85.24 -88.44 -22.65
N LEU RE 132 86.15 -87.65 -23.22
CA LEU RE 132 85.90 -86.22 -23.39
C LEU RE 132 85.20 -85.87 -24.69
N VAL RE 133 85.70 -86.41 -25.80
CA VAL RE 133 85.12 -86.08 -27.09
C VAL RE 133 83.66 -86.47 -27.17
N PRO RE 134 83.24 -87.63 -26.69
CA PRO RE 134 81.81 -87.91 -26.70
C PRO RE 134 81.01 -86.92 -25.87
N ARG RE 135 81.47 -86.60 -24.66
CA ARG RE 135 80.76 -85.63 -23.84
C ARG RE 135 80.84 -84.23 -24.41
N TYR RE 136 81.79 -83.98 -25.31
CA TYR RE 136 81.93 -82.66 -25.87
C TYR RE 136 80.78 -82.31 -26.80
N THR RE 137 80.37 -83.26 -27.65
CA THR RE 137 79.32 -83.00 -28.60
C THR RE 137 77.93 -83.12 -27.99
N GLN RE 138 77.85 -83.58 -26.74
CA GLN RE 138 76.54 -83.72 -26.11
C GLN RE 138 75.99 -82.39 -25.62
N ALA RE 139 76.87 -81.46 -25.25
CA ALA RE 139 76.39 -80.17 -24.79
C ALA RE 139 75.87 -79.31 -25.93
N PHE RE 140 76.21 -79.65 -27.17
CA PHE RE 140 75.75 -78.86 -28.29
C PHE RE 140 74.24 -79.00 -28.49
N SER RE 141 73.71 -80.19 -28.23
CA SER RE 141 72.27 -80.37 -28.39
C SER RE 141 71.49 -79.57 -27.37
N ALA RE 142 71.97 -79.52 -26.12
CA ALA RE 142 71.26 -78.78 -25.09
C ALA RE 142 71.54 -77.28 -25.15
N PHE RE 143 72.52 -76.85 -25.94
CA PHE RE 143 72.83 -75.43 -26.00
C PHE RE 143 71.70 -74.64 -26.64
N ASN RE 144 70.96 -75.25 -27.57
CA ASN RE 144 69.89 -74.50 -28.21
C ASN RE 144 68.68 -74.35 -27.32
N ALA RE 145 68.46 -75.29 -26.40
CA ALA RE 145 67.38 -75.17 -25.42
C ALA RE 145 67.77 -74.36 -24.20
N LYS RE 146 68.99 -74.53 -23.69
CA LYS RE 146 69.36 -73.86 -22.45
C LYS RE 146 69.65 -72.39 -22.67
N TYR RE 147 70.49 -72.08 -23.65
CA TYR RE 147 70.84 -70.70 -23.95
C TYR RE 147 70.09 -70.13 -25.15
N GLY RE 148 69.23 -70.92 -25.79
CA GLY RE 148 68.51 -70.42 -26.94
C GLY RE 148 67.53 -69.31 -26.60
N THR RE 149 67.04 -69.29 -25.36
CA THR RE 149 66.11 -68.25 -24.96
C THR RE 149 66.77 -66.88 -24.94
N MET RE 150 67.99 -66.81 -24.40
CA MET RE 150 68.70 -65.53 -24.35
C MET RE 150 69.08 -65.06 -25.74
N ILE RE 151 69.41 -65.98 -26.63
CA ILE RE 151 69.78 -65.60 -27.99
C ILE RE 151 68.59 -65.00 -28.72
N GLY RE 152 67.45 -65.68 -28.64
CA GLY RE 152 66.26 -65.18 -29.32
C GLY RE 152 65.71 -63.92 -28.70
N GLU RE 153 65.95 -63.72 -27.40
CA GLU RE 153 65.49 -62.51 -26.76
C GLU RE 153 66.26 -61.29 -27.23
N GLY RE 154 67.58 -61.42 -27.37
CA GLY RE 154 68.37 -60.29 -27.83
C GLY RE 154 68.13 -59.96 -29.28
N LEU RE 155 67.73 -60.95 -30.08
CA LEU RE 155 67.45 -60.68 -31.48
C LEU RE 155 66.23 -59.80 -31.65
N GLU RE 156 65.24 -59.91 -30.75
CA GLU RE 156 64.06 -59.08 -30.85
C GLU RE 156 64.30 -57.67 -30.32
N THR RE 157 65.22 -57.52 -29.37
CA THR RE 157 65.49 -56.21 -28.80
C THR RE 157 66.35 -55.35 -29.73
N ILE RE 158 67.13 -55.97 -30.60
CA ILE RE 158 67.95 -55.21 -31.55
C ILE RE 158 67.17 -54.83 -32.80
N LYS RE 159 66.11 -55.55 -33.14
CA LYS RE 159 65.36 -55.20 -34.33
C LYS RE 159 64.51 -53.96 -34.11
N TYR RE 160 64.04 -53.76 -32.88
CA TYR RE 160 63.23 -52.59 -32.58
C TYR RE 160 64.07 -51.32 -32.61
N LEU RE 161 65.38 -51.44 -32.37
CA LEU RE 161 66.23 -50.26 -32.41
C LEU RE 161 66.35 -49.72 -33.83
N GLY RE 162 66.48 -50.61 -34.81
CA GLY RE 162 66.54 -50.14 -36.19
C GLY RE 162 65.26 -49.48 -36.66
N LEU RE 163 64.12 -49.93 -36.12
CA LEU RE 163 62.85 -49.32 -36.50
C LEU RE 163 62.77 -47.88 -36.02
N LEU RE 164 63.26 -47.62 -34.81
CA LEU RE 164 63.26 -46.25 -34.34
C LEU RE 164 64.16 -45.38 -35.18
N LEU RE 165 65.24 -45.96 -35.72
CA LEU RE 165 66.17 -45.18 -36.54
C LEU RE 165 65.57 -44.81 -37.89
N ARG RE 166 64.65 -45.63 -38.40
CA ARG RE 166 64.02 -45.26 -39.66
C ARG RE 166 62.98 -44.17 -39.49
N ARG RE 167 62.42 -44.01 -38.29
CA ARG RE 167 61.41 -43.00 -38.04
C ARG RE 167 61.97 -41.61 -37.71
N LEU RE 168 63.09 -41.53 -37.01
CA LEU RE 168 63.59 -40.22 -36.60
C LEU RE 168 64.29 -39.47 -37.73
N ARG RE 169 64.62 -40.15 -38.83
CA ARG RE 169 65.23 -39.45 -39.95
C ARG RE 169 64.26 -38.48 -40.60
N GLU RE 170 62.95 -38.72 -40.47
CA GLU RE 170 61.98 -37.82 -41.08
C GLU RE 170 61.92 -36.49 -40.36
N GLY RE 171 62.05 -36.51 -39.03
CA GLY RE 171 62.00 -35.26 -38.28
C GLY RE 171 63.21 -34.39 -38.52
N TYR RE 172 64.37 -35.00 -38.73
CA TYR RE 172 65.58 -34.21 -38.95
C TYR RE 172 65.51 -33.51 -40.31
N ARG RE 173 65.22 -34.26 -41.37
CA ARG RE 173 65.14 -33.67 -42.70
C ARG RE 173 63.96 -32.73 -42.86
N ALA RE 174 62.99 -32.76 -41.95
CA ALA RE 174 61.83 -31.89 -42.07
C ALA RE 174 62.24 -30.42 -42.07
N VAL RE 175 63.28 -30.08 -41.31
CA VAL RE 175 63.76 -28.71 -41.28
C VAL RE 175 64.53 -28.38 -42.54
N LYS RE 176 65.16 -29.39 -43.16
CA LYS RE 176 65.96 -29.15 -44.35
C LYS RE 176 65.12 -28.54 -45.47
N ARG RE 177 64.18 -29.30 -46.01
CA ARG RE 177 63.35 -28.81 -47.10
C ARG RE 177 62.18 -27.96 -46.64
N GLY RE 178 61.77 -28.09 -45.39
CA GLY RE 178 60.64 -27.34 -44.88
C GLY RE 178 59.33 -28.09 -44.74
N ASP RE 179 59.33 -29.43 -44.80
CA ASP RE 179 58.05 -30.11 -44.66
C ASP RE 179 57.85 -30.31 -43.16
N LEU RE 180 57.10 -29.38 -42.58
CA LEU RE 180 56.81 -29.41 -41.16
C LEU RE 180 55.50 -30.11 -40.86
N ARG RE 181 54.71 -30.39 -41.90
CA ARG RE 181 53.46 -31.09 -41.69
C ARG RE 181 53.70 -32.54 -41.28
N ALA RE 182 54.71 -33.18 -41.87
CA ALA RE 182 55.00 -34.56 -41.50
C ALA RE 182 55.57 -34.66 -40.09
N LEU RE 183 56.20 -33.59 -39.62
CA LEU RE 183 56.77 -33.61 -38.28
C LEU RE 183 55.67 -33.71 -37.23
N ARG RE 184 54.60 -32.95 -37.40
CA ARG RE 184 53.53 -32.93 -36.39
C ARG RE 184 52.78 -34.25 -36.34
N ARG RE 185 52.89 -35.09 -37.37
CA ARG RE 185 52.19 -36.37 -37.34
C ARG RE 185 52.93 -37.39 -36.49
N VAL RE 186 54.25 -37.27 -36.43
CA VAL RE 186 55.04 -38.21 -35.68
C VAL RE 186 55.04 -37.85 -34.19
N ILE RE 187 55.04 -36.56 -33.88
CA ILE RE 187 55.06 -36.13 -32.48
C ILE RE 187 53.79 -36.53 -31.76
N GLN RE 188 52.64 -36.41 -32.43
CA GLN RE 188 51.37 -36.74 -31.79
C GLN RE 188 51.23 -38.24 -31.51
N SER RE 189 51.96 -39.07 -32.23
CA SER RE 189 51.90 -40.52 -32.07
C SER RE 189 52.81 -41.02 -30.95
N TYR RE 190 53.47 -40.11 -30.24
CA TYR RE 190 54.36 -40.45 -29.14
C TYR RE 190 53.74 -40.20 -27.78
N HIS RE 191 53.35 -38.96 -27.50
CA HIS RE 191 52.73 -38.61 -26.23
C HIS RE 191 51.33 -39.20 -26.12
N ASN RE 192 50.89 -39.38 -24.87
CA ASN RE 192 49.53 -39.89 -24.63
C ASN RE 192 48.49 -38.83 -24.98
N GLY RE 193 48.63 -37.63 -24.43
CA GLY RE 193 47.73 -36.51 -24.67
C GLY RE 193 48.30 -35.54 -25.70
N LYS RE 194 47.89 -34.27 -25.61
CA LYS RE 194 48.54 -33.21 -26.41
C LYS RE 194 48.88 -32.03 -25.48
N TRP RE 195 50.14 -31.94 -25.07
CA TRP RE 195 50.63 -30.78 -24.35
C TRP RE 195 51.74 -30.02 -25.07
N LYS RE 196 51.95 -30.26 -26.37
CA LYS RE 196 53.07 -29.66 -27.08
C LYS RE 196 53.03 -28.12 -27.04
N PRO RE 197 54.18 -27.46 -27.04
CA PRO RE 197 54.21 -26.00 -27.06
C PRO RE 197 53.65 -25.42 -28.35
N ALA RE 198 52.74 -24.45 -28.21
CA ALA RE 198 52.16 -23.76 -29.35
C ALA RE 198 52.76 -22.40 -29.67
N THR RE 199 53.68 -21.89 -28.85
CA THR RE 199 54.23 -20.57 -29.09
C THR RE 199 55.18 -20.60 -30.28
N ALA RE 200 55.14 -19.55 -31.10
CA ALA RE 200 55.96 -19.56 -32.31
C ALA RE 200 57.39 -19.25 -31.91
N GLY RE 201 58.24 -20.27 -32.03
CA GLY RE 201 59.64 -20.28 -31.67
C GLY RE 201 60.57 -20.25 -32.85
N ASN RE 202 61.65 -21.02 -32.76
CA ASN RE 202 62.56 -21.26 -33.87
C ASN RE 202 62.08 -22.41 -34.74
N LEU RE 203 62.80 -22.61 -35.84
CA LEU RE 203 62.47 -23.70 -36.77
C LEU RE 203 63.04 -25.03 -36.31
N TRP RE 204 64.25 -25.02 -35.75
CA TRP RE 204 64.88 -26.25 -35.29
C TRP RE 204 64.54 -26.59 -33.85
N LEU RE 205 64.00 -25.62 -33.09
CA LEU RE 205 63.68 -25.89 -31.69
C LEU RE 205 62.52 -26.84 -31.54
N GLU RE 206 61.64 -26.91 -32.54
CA GLU RE 206 60.50 -27.82 -32.47
C GLU RE 206 60.94 -29.29 -32.53
N PHE RE 207 62.10 -29.58 -33.10
CA PHE RE 207 62.59 -30.95 -33.14
C PHE RE 207 62.97 -31.46 -31.77
N ARG RE 208 63.40 -30.57 -30.88
CA ARG RE 208 63.79 -30.98 -29.54
C ARG RE 208 62.59 -31.46 -28.75
N TYR RE 209 61.49 -30.71 -28.78
CA TYR RE 209 60.32 -31.06 -27.98
C TYR RE 209 59.66 -32.34 -28.48
N GLY RE 210 59.66 -32.57 -29.79
CA GLY RE 210 58.96 -33.72 -30.32
C GLY RE 210 59.62 -35.05 -30.00
N LEU RE 211 60.93 -35.04 -29.76
CA LEU RE 211 61.75 -36.24 -29.53
C LEU RE 211 62.12 -36.44 -28.05
N MET RE 212 61.43 -35.74 -27.13
CA MET RE 212 61.80 -35.85 -25.72
C MET RE 212 61.68 -37.27 -25.18
N PRO RE 213 60.55 -37.98 -25.28
CA PRO RE 213 60.55 -39.39 -24.85
C PRO RE 213 61.38 -40.30 -25.72
N LEU RE 214 61.63 -39.93 -26.98
CA LEU RE 214 62.39 -40.82 -27.86
C LEU RE 214 63.85 -40.92 -27.43
N PHE RE 215 64.38 -39.86 -26.84
CA PHE RE 215 65.78 -39.89 -26.42
C PHE RE 215 65.99 -40.87 -25.26
N TYR RE 216 65.03 -40.92 -24.34
CA TYR RE 216 65.15 -41.84 -23.21
C TYR RE 216 64.96 -43.29 -23.63
N ASP RE 217 64.23 -43.54 -24.73
CA ASP RE 217 64.00 -44.92 -25.16
C ASP RE 217 65.26 -45.55 -25.72
N ILE RE 218 65.94 -44.83 -26.62
CA ILE RE 218 67.15 -45.38 -27.23
C ILE RE 218 68.26 -45.51 -26.20
N ARG RE 219 68.29 -44.61 -25.22
CA ARG RE 219 69.33 -44.67 -24.20
C ARG RE 219 69.29 -45.99 -23.44
N ASP RE 220 68.09 -46.45 -23.08
CA ASP RE 220 67.96 -47.70 -22.36
C ASP RE 220 68.27 -48.90 -23.25
N VAL RE 221 68.12 -48.75 -24.56
CA VAL RE 221 68.40 -49.88 -25.45
C VAL RE 221 69.89 -50.13 -25.53
N MET RE 222 70.66 -49.08 -25.81
CA MET RE 222 72.10 -49.25 -25.94
C MET RE 222 72.77 -49.51 -24.62
N LEU RE 223 72.07 -49.27 -23.50
CA LEU RE 223 72.69 -49.44 -22.20
C LEU RE 223 72.90 -50.91 -21.89
N ASP RE 224 71.81 -51.67 -21.83
CA ASP RE 224 71.88 -53.08 -21.49
C ASP RE 224 72.35 -53.94 -22.66
N TRP RE 225 72.38 -53.41 -23.88
CA TRP RE 225 72.86 -54.18 -25.01
C TRP RE 225 74.34 -54.49 -24.89
N GLN RE 226 75.11 -53.53 -24.37
CA GLN RE 226 76.54 -53.75 -24.21
C GLN RE 226 76.81 -54.88 -23.23
N ASN RE 227 75.97 -55.04 -22.21
CA ASN RE 227 76.19 -56.12 -21.26
C ASN RE 227 75.87 -57.47 -21.87
N ARG RE 228 74.78 -57.56 -22.64
CA ARG RE 228 74.41 -58.83 -23.25
C ARG RE 228 75.34 -59.18 -24.40
N HIS RE 229 75.96 -58.18 -25.02
CA HIS RE 229 76.88 -58.46 -26.10
C HIS RE 229 78.09 -59.25 -25.62
N ASP RE 230 78.55 -58.95 -24.41
CA ASP RE 230 79.69 -59.67 -23.84
C ASP RE 230 79.29 -61.01 -23.25
N LYS RE 231 78.02 -61.17 -22.88
CA LYS RE 231 77.61 -62.44 -22.29
C LYS RE 231 77.59 -63.55 -23.33
N ILE RE 232 77.24 -63.23 -24.57
CA ILE RE 232 77.18 -64.26 -25.60
C ILE RE 232 78.54 -64.60 -26.14
N GLN RE 233 79.54 -63.74 -25.93
CA GLN RE 233 80.87 -64.05 -26.42
C GLN RE 233 81.53 -65.15 -25.59
N ARG RE 234 81.18 -65.25 -24.31
CA ARG RE 234 81.74 -66.28 -23.45
C ARG RE 234 81.19 -67.67 -23.76
N LEU RE 235 80.02 -67.74 -24.39
CA LEU RE 235 79.44 -69.04 -24.72
C LEU RE 235 80.13 -69.68 -25.92
N LEU RE 236 80.81 -68.90 -26.75
CA LEU RE 236 81.48 -69.47 -27.90
C LEU RE 236 82.66 -70.34 -27.50
N ARG RE 237 83.23 -70.10 -26.33
CA ARG RE 237 84.39 -70.88 -25.93
C ARG RE 237 83.86 -72.09 -25.20
N PHE RE 238 83.86 -73.22 -25.90
CA PHE RE 238 83.33 -74.46 -25.36
C PHE RE 238 84.49 -75.25 -24.79
N SER RE 239 84.47 -75.46 -23.47
CA SER RE 239 85.51 -76.23 -22.81
C SER RE 239 84.86 -77.14 -21.79
N VAL RE 240 85.06 -78.44 -21.94
CA VAL RE 240 84.52 -79.43 -21.01
C VAL RE 240 85.64 -80.41 -20.64
N GLY RE 241 85.48 -81.05 -19.50
CA GLY RE 241 86.46 -81.99 -19.03
C GLY RE 241 85.97 -82.73 -17.79
N HIS RE 242 86.81 -83.65 -17.31
CA HIS RE 242 86.50 -84.43 -16.12
C HIS RE 242 87.80 -84.84 -15.45
N GLY RE 243 87.78 -84.87 -14.11
CA GLY RE 243 88.87 -85.43 -13.33
C GLY RE 243 88.58 -86.84 -12.84
N GLU RE 244 89.63 -87.65 -12.71
CA GLU RE 244 89.56 -89.00 -12.18
C GLU RE 244 90.64 -89.20 -11.14
N ASP RE 245 90.39 -90.11 -10.20
CA ASP RE 245 91.35 -90.40 -9.14
C ASP RE 245 92.41 -91.37 -9.62
N TYR RE 246 93.62 -91.22 -9.08
CA TYR RE 246 94.71 -92.12 -9.40
C TYR RE 246 95.75 -92.03 -8.30
N VAL RE 247 96.54 -93.10 -8.16
CA VAL RE 247 97.61 -93.17 -7.16
C VAL RE 247 98.91 -93.53 -7.84
N VAL RE 248 100.00 -92.87 -7.43
CA VAL RE 248 101.33 -93.10 -7.98
C VAL RE 248 102.21 -93.65 -6.88
N GLU RE 249 102.88 -94.77 -7.14
CA GLU RE 249 103.79 -95.40 -6.20
C GLU RE 249 105.23 -95.03 -6.54
N PHE RE 250 106.04 -94.86 -5.50
CA PHE RE 250 107.44 -94.52 -5.68
C PHE RE 250 108.26 -95.16 -4.57
N ASP RE 251 109.55 -95.34 -4.84
CA ASP RE 251 110.45 -95.99 -3.89
C ASP RE 251 111.86 -95.48 -4.13
N ASN RE 252 112.84 -96.16 -3.52
CA ASN RE 252 114.26 -95.84 -3.65
C ASN RE 252 114.56 -94.41 -3.19
N LEU RE 253 114.16 -94.13 -1.95
CA LEU RE 253 114.44 -92.87 -1.30
C LEU RE 253 115.41 -93.11 -0.15
N TYR RE 254 116.54 -92.39 -0.16
CA TYR RE 254 117.58 -92.54 0.85
C TYR RE 254 118.05 -91.17 1.32
N PRO RE 255 117.15 -90.37 1.90
CA PRO RE 255 117.55 -89.09 2.49
C PRO RE 255 118.25 -89.16 3.84
N ALA RE 256 118.19 -90.25 4.59
CA ALA RE 256 118.92 -90.29 5.86
C ALA RE 256 120.01 -91.34 5.84
N VAL RE 257 121.22 -90.91 5.49
CA VAL RE 257 122.31 -91.80 5.15
C VAL RE 257 122.81 -92.47 6.42
N ALA RE 258 122.81 -93.81 6.44
CA ALA RE 258 123.30 -94.59 7.58
C ALA RE 258 122.49 -94.37 8.86
N TYR RE 259 121.25 -93.93 8.73
CA TYR RE 259 120.33 -93.80 9.86
C TYR RE 259 119.02 -94.52 9.62
N PHE RE 260 118.31 -94.19 8.54
CA PHE RE 260 117.09 -94.88 8.17
C PHE RE 260 116.70 -94.58 6.73
N LYS RE 261 115.56 -95.12 6.28
CA LYS RE 261 114.99 -94.81 4.98
C LYS RE 261 113.56 -94.30 5.16
N LEU RE 262 113.09 -93.55 4.16
CA LEU RE 262 111.78 -92.94 4.19
C LEU RE 262 111.00 -93.32 2.94
N LYS RE 263 109.74 -93.67 3.12
CA LYS RE 263 108.86 -94.02 2.02
C LYS RE 263 107.54 -93.28 2.18
N GLY RE 264 106.61 -93.55 1.28
CA GLY RE 264 105.30 -92.92 1.34
C GLY RE 264 104.57 -93.08 0.03
N GLU RE 265 103.38 -92.46 0.00
CA GLU RE 265 102.52 -92.48 -1.18
C GLU RE 265 102.00 -91.08 -1.45
N ILE RE 266 101.86 -90.77 -2.74
CA ILE RE 266 101.36 -89.47 -3.18
C ILE RE 266 100.22 -89.71 -4.15
N THR RE 267 99.09 -89.05 -3.91
CA THR RE 267 97.90 -89.17 -4.74
C THR RE 267 97.80 -87.97 -5.67
N LEU RE 268 97.65 -88.24 -6.96
CA LEU RE 268 97.51 -87.19 -7.95
C LEU RE 268 96.11 -87.22 -8.56
N GLU RE 269 95.83 -86.21 -9.37
CA GLU RE 269 94.56 -86.12 -10.10
C GLU RE 269 94.89 -85.91 -11.57
N ARG RE 270 94.63 -86.93 -12.38
CA ARG RE 270 94.96 -86.83 -13.79
C ARG RE 270 93.73 -86.23 -14.46
N ARG RE 271 93.86 -84.98 -14.88
CA ARG RE 271 92.76 -84.22 -15.43
C ARG RE 271 93.06 -83.92 -16.88
N HIS RE 272 92.00 -83.65 -17.63
CA HIS RE 272 92.16 -83.29 -19.03
C HIS RE 272 91.01 -82.41 -19.44
N ARG RE 273 91.29 -81.38 -20.22
CA ARG RE 273 90.25 -80.50 -20.73
C ARG RE 273 90.66 -79.95 -22.09
N HIS RE 274 89.72 -79.89 -23.01
CA HIS RE 274 89.96 -79.43 -24.36
C HIS RE 274 89.11 -78.19 -24.64
N GLY RE 275 89.77 -77.08 -24.95
CA GLY RE 275 89.08 -75.88 -25.37
C GLY RE 275 89.12 -75.67 -26.88
N ILE RE 276 88.15 -74.90 -27.37
CA ILE RE 276 88.05 -74.55 -28.80
C ILE RE 276 87.80 -73.06 -28.92
N SER RE 277 88.25 -72.49 -30.03
CA SER RE 277 88.04 -71.08 -30.33
C SER RE 277 87.09 -70.95 -31.52
N TYR RE 278 86.16 -70.02 -31.42
CA TYR RE 278 85.19 -69.78 -32.49
C TYR RE 278 85.15 -68.29 -32.78
N ALA RE 279 85.63 -67.89 -33.95
CA ALA RE 279 85.75 -66.48 -34.30
C ALA RE 279 85.79 -66.35 -35.82
N ASN RE 280 86.07 -65.15 -36.30
CA ASN RE 280 86.07 -64.89 -37.74
C ASN RE 280 87.24 -65.59 -38.41
N ARG RE 281 86.95 -66.23 -39.55
CA ARG RE 281 88.01 -66.92 -40.28
C ARG RE 281 88.99 -65.92 -40.89
N GLU RE 282 88.49 -64.82 -41.43
CA GLU RE 282 89.33 -63.80 -42.02
C GLU RE 282 89.60 -62.63 -41.07
N GLY RE 283 89.18 -62.73 -39.81
CA GLY RE 283 89.33 -61.60 -38.91
C GLY RE 283 90.76 -61.33 -38.51
N TYR RE 284 91.59 -62.35 -38.50
CA TYR RE 284 92.96 -62.22 -38.02
C TYR RE 284 93.93 -61.81 -39.12
N ALA RE 285 93.41 -61.26 -40.22
CA ALA RE 285 94.32 -60.74 -41.24
C ALA RE 285 94.74 -59.27 -41.17
N VAL RE 286 93.98 -58.39 -40.52
CA VAL RE 286 94.32 -56.97 -40.46
C VAL RE 286 94.06 -56.45 -39.05
N PHE RE 287 95.11 -56.03 -38.35
CA PHE RE 287 94.95 -55.50 -37.01
C PHE RE 287 96.16 -54.67 -36.63
N ASP RE 288 95.97 -53.71 -35.71
CA ASP RE 288 97.03 -52.83 -35.26
C ASP RE 288 96.85 -52.59 -33.76
N ASN RE 289 97.76 -51.82 -33.15
CA ASN RE 289 97.70 -51.63 -31.71
C ASN RE 289 96.84 -50.40 -31.42
N GLY RE 290 95.54 -50.67 -31.47
CA GLY RE 290 94.36 -49.83 -31.46
C GLY RE 290 94.23 -49.07 -32.77
N SER RE 291 93.22 -49.41 -33.57
CA SER RE 291 92.74 -48.58 -34.67
C SER RE 291 91.26 -48.24 -34.59
N LEU RE 292 90.55 -48.73 -33.60
CA LEU RE 292 89.10 -48.83 -33.63
C LEU RE 292 88.52 -47.98 -32.50
N ARG RE 293 87.19 -47.97 -32.39
CA ARG RE 293 86.56 -47.18 -31.34
C ARG RE 293 86.47 -48.00 -30.07
N PRO RE 294 87.02 -47.54 -28.96
CA PRO RE 294 86.99 -48.32 -27.72
C PRO RE 294 85.59 -48.43 -27.14
N VAL RE 295 85.42 -49.45 -26.31
CA VAL RE 295 84.17 -49.71 -25.61
C VAL RE 295 84.19 -49.31 -24.14
N SER RE 296 85.32 -48.86 -23.60
CA SER RE 296 85.32 -48.49 -22.19
C SER RE 296 84.55 -47.20 -21.94
N ASP RE 297 84.44 -46.32 -22.94
CA ASP RE 297 83.72 -45.07 -22.84
C ASP RE 297 82.32 -45.12 -23.46
N TRP RE 298 81.89 -46.28 -23.97
CA TRP RE 298 80.59 -46.35 -24.61
C TRP RE 298 79.48 -46.07 -23.60
N LYS RE 299 79.67 -46.49 -22.35
CA LYS RE 299 78.66 -46.25 -21.33
C LYS RE 299 78.56 -44.78 -20.97
N GLU RE 300 79.65 -44.02 -21.08
CA GLU RE 300 79.66 -42.59 -20.83
C GLU RE 300 79.26 -41.74 -22.04
N LEU RE 301 79.67 -42.13 -23.25
CA LEU RE 301 79.39 -41.32 -24.43
C LEU RE 301 77.96 -41.45 -24.92
N ALA RE 302 77.21 -42.45 -24.43
CA ALA RE 302 75.82 -42.60 -24.86
C ALA RE 302 74.94 -41.53 -24.21
N THR RE 303 75.11 -41.29 -22.92
CA THR RE 303 74.33 -40.29 -22.20
C THR RE 303 74.80 -38.87 -22.50
N ALA RE 304 75.93 -38.71 -23.18
CA ALA RE 304 76.42 -37.38 -23.50
C ALA RE 304 75.49 -36.60 -24.42
N PHE RE 305 74.67 -37.28 -25.22
CA PHE RE 305 73.67 -36.60 -26.04
C PHE RE 305 72.25 -36.63 -25.49
N ILE RE 306 71.92 -37.55 -24.58
CA ILE RE 306 70.54 -37.63 -24.11
C ILE RE 306 70.29 -36.59 -23.02
N ASN RE 307 71.34 -36.18 -22.33
CA ASN RE 307 71.21 -35.19 -21.28
C ASN RE 307 70.78 -33.84 -21.86
N PRO RE 308 69.93 -33.10 -21.14
CA PRO RE 308 69.48 -31.80 -21.63
C PRO RE 308 70.58 -30.78 -21.70
N HIS RE 309 71.72 -31.08 -21.11
CA HIS RE 309 72.81 -30.13 -21.00
C HIS RE 309 73.88 -30.45 -22.03
N GLU RE 310 74.14 -29.52 -22.94
CA GLU RE 310 75.10 -29.71 -24.01
C GLU RE 310 76.04 -28.51 -24.08
N VAL RE 311 77.24 -28.77 -24.59
CA VAL RE 311 78.26 -27.74 -24.79
C VAL RE 311 78.42 -27.34 -26.26
N ALA RE 312 77.59 -27.86 -27.17
CA ALA RE 312 77.70 -27.59 -28.61
C ALA RE 312 76.68 -26.58 -29.14
N TRP RE 313 75.92 -25.91 -28.29
CA TRP RE 313 74.84 -25.06 -28.80
C TRP RE 313 75.37 -23.95 -29.72
N GLU RE 314 76.40 -23.23 -29.28
CA GLU RE 314 76.98 -22.13 -30.05
C GLU RE 314 78.10 -22.60 -30.97
N LEU RE 315 78.30 -23.91 -31.07
CA LEU RE 315 79.37 -24.60 -31.79
C LEU RE 315 78.88 -25.25 -33.10
N THR RE 316 77.81 -24.72 -33.73
CA THR RE 316 77.24 -25.30 -34.96
C THR RE 316 76.66 -26.68 -34.66
N PRO RE 317 75.52 -26.73 -33.97
CA PRO RE 317 74.91 -28.04 -33.66
C PRO RE 317 74.63 -28.90 -34.88
N TYR RE 318 74.35 -28.30 -36.04
CA TYR RE 318 74.08 -29.11 -37.23
C TYR RE 318 75.28 -29.97 -37.60
N SER RE 319 76.50 -29.48 -37.38
CA SER RE 319 77.68 -30.28 -37.67
C SER RE 319 77.84 -31.41 -36.65
N PHE RE 320 77.51 -31.13 -35.39
CA PHE RE 320 77.64 -32.16 -34.37
C PHE RE 320 76.62 -33.27 -34.54
N VAL RE 321 75.43 -32.92 -35.01
CA VAL RE 321 74.40 -33.93 -35.18
C VAL RE 321 74.79 -34.92 -36.28
N VAL RE 322 75.27 -34.40 -37.41
CA VAL RE 322 75.68 -35.28 -38.50
C VAL RE 322 76.86 -36.15 -38.07
N ASP RE 323 77.82 -35.57 -37.34
CA ASP RE 323 78.94 -36.36 -36.85
C ASP RE 323 78.48 -37.41 -35.84
N TRP RE 324 77.45 -37.11 -35.06
CA TRP RE 324 76.98 -38.07 -34.08
C TRP RE 324 76.44 -39.32 -34.75
N PHE RE 325 75.57 -39.15 -35.74
CA PHE RE 325 75.03 -40.31 -36.44
C PHE RE 325 76.10 -41.03 -37.23
N LEU RE 326 77.06 -40.28 -37.77
CA LEU RE 326 78.14 -40.92 -38.51
C LEU RE 326 78.98 -41.81 -37.61
N ASN RE 327 79.17 -41.39 -36.36
CA ASN RE 327 79.96 -42.23 -35.45
C ASN RE 327 79.18 -43.44 -35.01
N VAL RE 328 77.85 -43.37 -35.02
CA VAL RE 328 77.05 -44.52 -34.62
C VAL RE 328 77.14 -45.62 -35.67
N GLY RE 329 76.99 -45.25 -36.95
CA GLY RE 329 77.08 -46.24 -38.00
C GLY RE 329 78.45 -46.84 -38.15
N ASP RE 330 79.50 -46.07 -37.80
CA ASP RE 330 80.86 -46.60 -37.87
C ASP RE 330 81.06 -47.69 -36.83
N ILE RE 331 80.55 -47.48 -35.61
CA ILE RE 331 80.68 -48.49 -34.58
C ILE RE 331 79.82 -49.70 -34.91
N LEU RE 332 78.62 -49.46 -35.44
CA LEU RE 332 77.75 -50.57 -35.81
C LEU RE 332 78.34 -51.39 -36.94
N ALA RE 333 79.08 -50.74 -37.84
CA ALA RE 333 79.74 -51.48 -38.91
C ALA RE 333 80.92 -52.28 -38.37
N GLN RE 334 81.57 -51.76 -37.35
CA GLN RE 334 82.68 -52.47 -36.76
C GLN RE 334 82.21 -53.74 -36.07
N GLN RE 335 81.13 -53.64 -35.30
CA GLN RE 335 80.56 -54.83 -34.70
C GLN RE 335 79.89 -55.72 -35.72
N GLY RE 336 79.44 -55.16 -36.85
CA GLY RE 336 78.77 -55.93 -37.87
C GLY RE 336 79.65 -56.90 -38.62
N GLN RE 337 80.97 -56.78 -38.47
CA GLN RE 337 81.91 -57.64 -39.15
C GLN RE 337 82.25 -58.89 -38.35
N LEU RE 338 81.52 -59.14 -37.27
CA LEU RE 338 81.73 -60.34 -36.48
C LEU RE 338 80.72 -61.45 -36.74
N TYR RE 339 79.70 -61.22 -37.57
CA TYR RE 339 78.74 -62.27 -37.87
C TYR RE 339 78.73 -62.79 -39.31
N HIS RE 340 79.67 -62.39 -40.17
CA HIS RE 340 79.53 -62.72 -41.60
C HIS RE 340 79.72 -64.20 -41.83
N ASN RE 341 80.93 -64.70 -41.61
CA ASN RE 341 81.12 -66.14 -41.57
C ASN RE 341 82.04 -66.47 -40.40
N ILE RE 342 81.49 -67.11 -39.38
CA ILE RE 342 82.25 -67.44 -38.19
C ILE RE 342 82.38 -68.95 -38.11
N ASP RE 343 83.61 -69.42 -38.00
CA ASP RE 343 83.92 -70.84 -38.00
C ASP RE 343 85.05 -71.10 -37.02
N ILE RE 344 85.25 -72.38 -36.71
CA ILE RE 344 86.36 -72.77 -35.86
C ILE RE 344 87.66 -72.36 -36.52
N VAL RE 345 88.47 -71.59 -35.79
CA VAL RE 345 89.73 -71.07 -36.28
C VAL RE 345 90.92 -71.66 -35.54
N ASP RE 346 90.89 -71.62 -34.20
CA ASP RE 346 91.97 -72.15 -33.39
C ASP RE 346 91.46 -73.23 -32.46
N GLY RE 347 92.34 -74.18 -32.17
CA GLY RE 347 92.04 -75.22 -31.20
C GLY RE 347 93.28 -75.64 -30.45
N PHE RE 348 93.06 -76.13 -29.24
CA PHE RE 348 94.13 -76.41 -28.32
C PHE RE 348 93.68 -77.46 -27.34
N ASP RE 349 94.61 -78.31 -26.92
CA ASP RE 349 94.35 -79.36 -25.95
C ASP RE 349 95.38 -79.24 -24.84
N ARG RE 350 94.91 -78.89 -23.64
CA ARG RE 350 95.79 -78.72 -22.49
C ARG RE 350 95.52 -79.83 -21.49
N ARG RE 351 96.55 -80.61 -21.18
CA ARG RE 351 96.47 -81.67 -20.20
C ARG RE 351 97.34 -81.30 -19.00
N ASP RE 352 96.81 -81.56 -17.80
CA ASP RE 352 97.54 -81.22 -16.59
C ASP RE 352 97.18 -82.22 -15.49
N ILE RE 353 98.08 -82.32 -14.51
CA ILE RE 353 97.86 -83.16 -13.32
C ILE RE 353 98.16 -82.30 -12.10
N ARG RE 354 97.13 -81.99 -11.33
CA ARG RE 354 97.29 -81.17 -10.13
C ARG RE 354 97.64 -82.05 -8.95
N LEU RE 355 97.70 -81.47 -7.76
CA LEU RE 355 98.06 -82.18 -6.55
C LEU RE 355 96.92 -82.10 -5.55
N LYS RE 356 96.69 -83.19 -4.83
CA LYS RE 356 95.67 -83.25 -3.79
C LYS RE 356 96.30 -83.66 -2.47
N SER RE 357 95.45 -83.77 -1.45
CA SER RE 357 95.91 -84.13 -0.13
C SER RE 357 96.37 -85.59 -0.13
N PHE RE 358 97.59 -85.80 0.36
CA PHE RE 358 98.17 -87.13 0.47
C PHE RE 358 98.60 -87.37 1.92
N THR RE 359 99.06 -88.59 2.17
CA THR RE 359 99.49 -89.00 3.50
C THR RE 359 100.91 -89.53 3.42
N ILE RE 360 101.63 -89.42 4.55
CA ILE RE 360 103.02 -89.86 4.65
C ILE RE 360 103.14 -90.76 5.86
N LYS RE 361 103.74 -91.92 5.68
CA LYS RE 361 103.94 -92.88 6.75
C LYS RE 361 105.40 -92.89 7.17
N GLY RE 362 105.65 -92.71 8.46
CA GLY RE 362 106.99 -92.80 9.01
C GLY RE 362 107.36 -94.20 9.48
N GLU RE 363 108.61 -94.58 9.28
CA GLU RE 363 109.12 -95.85 9.75
C GLU RE 363 110.62 -95.74 9.96
N ARG RE 364 111.13 -96.49 10.94
CA ARG RE 364 112.57 -96.58 11.17
C ARG RE 364 112.93 -98.05 11.21
N ASN RE 365 113.52 -98.53 10.11
CA ASN RE 365 113.95 -99.91 9.93
C ASN RE 365 112.88 -100.92 10.34
N GLY RE 366 111.61 -100.57 10.23
CA GLY RE 366 110.52 -101.45 10.61
C GLY RE 366 109.74 -101.02 11.84
N ARG RE 367 110.22 -100.03 12.61
CA ARG RE 367 109.46 -99.60 13.79
C ARG RE 367 108.56 -98.42 13.45
N PRO RE 368 107.32 -98.40 13.96
CA PRO RE 368 106.44 -97.26 13.69
C PRO RE 368 106.88 -96.01 14.46
N VAL RE 369 106.72 -94.86 13.83
CA VAL RE 369 107.08 -93.58 14.44
C VAL RE 369 106.11 -92.52 13.91
N ASN RE 370 105.82 -91.54 14.76
CA ASN RE 370 104.92 -90.46 14.39
C ASN RE 370 105.68 -89.41 13.59
N VAL RE 371 105.25 -89.17 12.36
CA VAL RE 371 105.88 -88.20 11.47
C VAL RE 371 104.80 -87.27 10.94
N SER RE 372 105.05 -85.96 11.05
CA SER RE 372 104.14 -84.94 10.57
C SER RE 372 104.90 -84.04 9.59
N ALA RE 373 104.43 -83.99 8.34
CA ALA RE 373 105.11 -83.26 7.29
C ALA RE 373 104.08 -82.53 6.44
N SER RE 374 104.57 -81.62 5.61
CA SER RE 374 103.73 -80.92 4.65
C SER RE 374 104.57 -80.58 3.42
N LEU RE 375 103.99 -80.78 2.23
CA LEU RE 375 104.68 -80.55 0.98
C LEU RE 375 103.79 -79.73 0.04
N SER RE 376 104.42 -79.11 -0.95
CA SER RE 376 103.73 -78.29 -1.93
C SER RE 376 104.31 -78.55 -3.30
N ALA RE 377 103.52 -78.22 -4.32
CA ALA RE 377 103.92 -78.41 -5.71
C ALA RE 377 104.46 -77.12 -6.28
N VAL RE 378 105.56 -77.22 -7.02
CA VAL RE 378 106.18 -76.09 -7.67
C VAL RE 378 105.91 -76.10 -9.19
N ASP RE 379 106.38 -77.14 -9.87
CA ASP RE 379 106.15 -77.31 -11.29
C ASP RE 379 105.09 -78.37 -11.55
N LEU RE 380 104.35 -78.18 -12.64
CA LEU RE 380 103.25 -79.07 -13.02
C LEU RE 380 103.27 -79.26 -14.51
N PHE RE 381 102.45 -80.20 -14.99
CA PHE RE 381 102.36 -80.47 -16.41
C PHE RE 381 101.58 -79.35 -17.09
N TYR RE 382 102.24 -78.64 -17.99
CA TYR RE 382 101.52 -77.66 -18.79
C TYR RE 382 102.03 -77.80 -20.22
N SER RE 383 101.23 -78.42 -21.07
CA SER RE 383 101.56 -78.51 -22.49
C SER RE 383 100.27 -78.27 -23.27
N ARG RE 384 100.17 -77.13 -23.92
CA ARG RE 384 98.97 -76.81 -24.68
C ARG RE 384 99.33 -77.01 -26.13
N LEU RE 385 98.85 -78.10 -26.72
CA LEU RE 385 99.19 -78.45 -28.09
C LEU RE 385 98.15 -77.83 -29.00
N HIS RE 386 98.59 -76.92 -29.86
CA HIS RE 386 97.69 -76.23 -30.77
C HIS RE 386 97.55 -77.03 -32.05
N THR RE 387 96.31 -77.22 -32.48
CA THR RE 387 96.04 -77.98 -33.70
C THR RE 387 94.68 -77.55 -34.22
N SER RE 388 94.40 -77.92 -35.47
CA SER RE 388 93.09 -77.69 -36.06
C SER RE 388 92.58 -79.01 -36.63
N ASN RE 389 91.64 -79.63 -35.92
CA ASN RE 389 91.04 -80.90 -36.31
C ASN RE 389 90.08 -81.30 -35.20
N LEU RE 390 89.15 -82.20 -35.54
CA LEU RE 390 88.19 -82.74 -34.59
C LEU RE 390 87.90 -84.19 -34.95
N PRO RE 391 87.71 -85.06 -33.96
CA PRO RE 391 87.34 -86.45 -34.30
C PRO RE 391 85.99 -86.54 -35.00
N PHE RE 392 84.95 -85.96 -34.42
CA PHE RE 392 83.66 -85.87 -35.10
C PHE RE 392 83.16 -84.43 -34.93
N ALA RE 393 83.24 -83.66 -36.00
CA ALA RE 393 82.86 -82.26 -35.94
C ALA RE 393 81.36 -82.15 -36.17
N THR RE 394 80.65 -81.58 -35.20
CA THR RE 394 79.24 -81.31 -35.42
C THR RE 394 78.92 -79.94 -34.85
N LEU RE 395 78.80 -78.94 -35.73
CA LEU RE 395 78.46 -77.56 -35.33
C LEU RE 395 77.83 -76.84 -36.50
N ASP RE 396 76.80 -76.03 -36.22
CA ASP RE 396 76.29 -75.09 -37.23
C ASP RE 396 75.82 -73.81 -36.54
N LEU RE 397 76.56 -72.72 -36.69
CA LEU RE 397 76.10 -71.42 -36.20
C LEU RE 397 75.87 -70.34 -37.27
N ASP RE 398 75.97 -70.66 -38.56
CA ASP RE 398 75.89 -69.61 -39.57
C ASP RE 398 74.47 -69.09 -39.77
N THR RE 399 73.51 -70.01 -40.00
CA THR RE 399 72.13 -69.59 -40.21
C THR RE 399 71.53 -69.01 -38.95
N THR RE 400 72.00 -69.47 -37.79
CA THR RE 400 71.47 -68.96 -36.54
C THR RE 400 71.76 -67.47 -36.39
N PHE RE 401 72.95 -67.05 -36.78
CA PHE RE 401 73.33 -65.65 -36.70
C PHE RE 401 73.19 -64.90 -38.01
N SER RE 402 72.69 -65.56 -39.05
CA SER RE 402 72.52 -64.87 -40.33
C SER RE 402 71.46 -63.80 -40.25
N SER RE 403 70.48 -63.98 -39.36
CA SER RE 403 69.43 -62.98 -39.25
C SER RE 403 69.94 -61.70 -38.61
N PHE RE 404 71.04 -61.77 -37.89
CA PHE RE 404 71.59 -60.58 -37.27
C PHE RE 404 72.46 -59.76 -38.21
N LYS RE 405 72.95 -60.37 -39.28
CA LYS RE 405 73.89 -59.69 -40.16
C LYS RE 405 73.20 -58.60 -40.97
N HIS RE 406 72.07 -58.94 -41.60
CA HIS RE 406 71.43 -57.98 -42.48
C HIS RE 406 70.75 -56.85 -41.70
N VAL RE 407 70.52 -57.03 -40.40
CA VAL RE 407 69.91 -55.98 -39.61
C VAL RE 407 70.84 -54.77 -39.53
N LEU RE 408 72.09 -55.01 -39.15
CA LEU RE 408 73.07 -53.92 -39.09
C LEU RE 408 73.44 -53.42 -40.47
N ASP RE 409 73.32 -54.26 -41.50
CA ASP RE 409 73.60 -53.81 -42.86
C ASP RE 409 72.59 -52.75 -43.30
N SER RE 410 71.31 -52.96 -43.01
CA SER RE 410 70.32 -51.97 -43.38
C SER RE 410 70.50 -50.67 -42.61
N ILE RE 411 71.07 -50.75 -41.40
CA ILE RE 411 71.29 -49.55 -40.61
C ILE RE 411 72.49 -48.78 -41.13
N PHE RE 412 73.54 -49.50 -41.51
CA PHE RE 412 74.72 -48.84 -42.02
C PHE RE 412 74.43 -48.15 -43.35
N LEU RE 413 73.58 -48.76 -44.17
CA LEU RE 413 73.21 -48.14 -45.43
C LEU RE 413 72.24 -46.99 -45.23
N LEU RE 414 71.54 -46.95 -44.10
CA LEU RE 414 70.62 -45.84 -43.84
C LEU RE 414 71.37 -44.57 -43.48
N THR RE 415 72.43 -44.68 -42.69
CA THR RE 415 73.20 -43.53 -42.28
C THR RE 415 73.94 -42.88 -43.45
N GLN RE 416 74.14 -43.60 -44.54
CA GLN RE 416 74.81 -43.01 -45.70
C GLN RE 416 73.95 -41.97 -46.39
N ARG RE 417 72.65 -41.94 -46.10
CA ARG RE 417 71.74 -40.96 -46.69
C ARG RE 417 71.63 -39.68 -45.87
N VAL RE 418 72.43 -39.54 -44.81
CA VAL RE 418 72.51 -38.38 -43.92
C VAL RE 418 73.70 -37.48 -44.26
N LYS RE 419 74.25 -37.62 -45.46
CA LYS RE 419 75.42 -36.82 -45.81
C LYS RE 419 75.05 -35.33 -45.89
N ARG RE 420 76.07 -34.51 -46.18
CA ARG RE 420 75.91 -33.06 -46.24
C ARG RE 420 75.10 -32.64 -47.46
N ALA SE 2 121.37 36.86 -17.45
CA ALA SE 2 122.51 36.15 -16.88
C ALA SE 2 122.23 35.77 -15.45
N LYS SE 3 123.27 35.30 -14.76
CA LYS SE 3 123.16 34.83 -13.39
C LYS SE 3 122.76 35.96 -12.46
N LEU SE 4 121.90 35.64 -11.51
CA LEU SE 4 121.63 36.53 -10.39
C LEU SE 4 122.95 36.84 -9.70
N GLU SE 5 123.22 38.12 -9.48
CA GLU SE 5 124.45 38.52 -8.84
C GLU SE 5 124.17 39.69 -7.91
N THR SE 6 125.20 40.11 -7.20
CA THR SE 6 125.14 41.37 -6.47
C THR SE 6 125.02 42.46 -7.51
N VAL SE 7 124.01 43.30 -7.37
CA VAL SE 7 123.82 44.37 -8.34
C VAL SE 7 124.07 45.69 -7.61
N THR SE 8 125.18 46.34 -7.95
CA THR SE 8 125.51 47.64 -7.40
C THR SE 8 124.86 48.69 -8.27
N LEU SE 9 124.36 49.75 -7.64
CA LEU SE 9 123.75 50.85 -8.35
C LEU SE 9 124.30 52.16 -7.83
N GLY SE 10 124.86 52.96 -8.75
CA GLY SE 10 125.30 54.29 -8.43
C GLY SE 10 124.29 55.31 -8.94
N ASN SE 11 124.51 56.57 -8.56
CA ASN SE 11 123.73 57.68 -9.06
C ASN SE 11 122.23 57.46 -8.78
N ILE SE 12 121.89 57.54 -7.50
CA ILE SE 12 120.55 57.21 -7.04
C ILE SE 12 120.03 58.40 -6.25
N GLY SE 13 118.72 58.58 -6.25
CA GLY SE 13 118.08 59.63 -5.49
C GLY SE 13 118.30 60.98 -6.13
N LYS SE 14 117.56 61.96 -5.60
CA LYS SE 14 117.68 63.33 -6.09
C LYS SE 14 119.12 63.80 -6.09
N ASP SE 15 119.89 63.38 -5.09
CA ASP SE 15 121.31 63.70 -5.06
C ASP SE 15 122.04 63.04 -6.21
N GLY SE 16 121.83 61.74 -6.41
CA GLY SE 16 122.66 61.01 -7.34
C GLY SE 16 123.96 60.56 -6.72
N LYS SE 17 124.18 60.87 -5.44
CA LYS SE 17 125.32 60.30 -4.73
C LYS SE 17 124.92 59.03 -4.00
N GLN SE 18 123.62 58.73 -3.97
CA GLN SE 18 123.13 57.52 -3.33
C GLN SE 18 123.57 56.31 -4.12
N THR SE 19 123.91 55.26 -3.40
CA THR SE 19 124.28 53.98 -3.99
C THR SE 19 123.52 52.86 -3.33
N LEU SE 20 123.32 51.77 -4.06
CA LEU SE 20 122.56 50.65 -3.53
C LEU SE 20 123.11 49.35 -4.11
N VAL SE 21 123.16 48.32 -3.28
CA VAL SE 21 123.52 46.99 -3.71
C VAL SE 21 122.33 46.08 -3.49
N LEU SE 22 122.23 45.04 -4.30
CA LEU SE 22 121.11 44.11 -4.24
C LEU SE 22 121.66 42.69 -4.26
N ASN SE 23 121.36 41.96 -3.25
CA ASN SE 23 121.82 40.59 -3.33
C ASN SE 23 120.77 39.71 -3.98
N PRO SE 24 121.20 38.68 -4.69
CA PRO SE 24 120.23 37.70 -5.20
C PRO SE 24 119.51 37.01 -4.07
N ARG SE 25 118.18 37.02 -4.15
CA ARG SE 25 117.34 36.41 -3.13
C ARG SE 25 116.87 35.02 -3.52
N GLY SE 26 117.31 34.51 -4.67
CA GLY SE 26 116.76 33.27 -5.19
C GLY SE 26 115.54 33.55 -6.03
N VAL SE 27 114.88 32.47 -6.45
CA VAL SE 27 113.75 32.56 -7.35
C VAL SE 27 112.61 31.71 -6.79
N ASN SE 28 111.45 32.32 -6.65
CA ASN SE 28 110.29 31.51 -6.33
C ASN SE 28 109.88 30.68 -7.53
N PRO SE 29 110.00 29.36 -7.48
CA PRO SE 29 109.66 28.55 -8.66
C PRO SE 29 108.18 28.52 -8.96
N THR SE 30 107.32 28.68 -7.96
CA THR SE 30 105.89 28.60 -8.21
C THR SE 30 105.46 29.60 -9.26
N ASN SE 31 105.49 30.88 -8.92
CA ASN SE 31 105.23 31.92 -9.89
C ASN SE 31 106.36 32.07 -10.89
N GLY SE 32 107.51 31.44 -10.65
CA GLY SE 32 108.65 31.60 -11.51
C GLY SE 32 109.15 33.02 -11.54
N VAL SE 33 109.45 33.60 -10.37
CA VAL SE 33 109.83 34.98 -10.27
C VAL SE 33 111.09 35.08 -9.43
N ALA SE 34 112.09 35.78 -9.96
CA ALA SE 34 113.31 36.06 -9.23
C ALA SE 34 113.08 37.17 -8.21
N SER SE 35 113.99 37.24 -7.24
CA SER SE 35 113.91 38.25 -6.20
C SER SE 35 115.29 38.78 -5.89
N LEU SE 36 115.37 40.08 -5.66
CA LEU SE 36 116.61 40.74 -5.29
C LEU SE 36 116.35 41.63 -4.10
N SER SE 37 117.37 41.82 -3.26
CA SER SE 37 117.16 42.67 -2.11
C SER SE 37 118.46 43.35 -1.69
N GLN SE 38 118.30 44.54 -1.15
CA GLN SE 38 119.32 45.14 -0.31
C GLN SE 38 119.57 44.24 0.90
N ALA SE 39 120.81 44.23 1.37
CA ALA SE 39 121.10 43.55 2.62
C ALA SE 39 120.99 44.56 3.75
N GLY SE 40 119.90 44.43 4.50
CA GLY SE 40 119.68 45.23 5.68
C GLY SE 40 119.75 44.39 6.94
N ALA SE 41 119.06 44.88 7.96
CA ALA SE 41 118.89 44.07 9.16
C ALA SE 41 117.64 43.20 9.05
N VAL SE 42 116.48 43.83 8.99
CA VAL SE 42 115.22 43.10 8.97
C VAL SE 42 114.75 42.96 7.53
N PRO SE 43 114.59 41.74 7.03
CA PRO SE 43 114.09 41.54 5.67
C PRO SE 43 112.81 42.30 5.39
N ALA SE 44 111.86 42.33 6.32
CA ALA SE 44 110.67 43.15 6.17
C ALA SE 44 111.02 44.60 5.87
N LEU SE 45 112.08 45.12 6.46
CA LEU SE 45 112.52 46.47 6.17
C LEU SE 45 113.31 46.55 4.87
N GLU SE 46 113.97 45.47 4.48
CA GLU SE 46 114.92 45.51 3.38
C GLU SE 46 114.20 45.76 2.06
N LYS SE 47 114.84 46.53 1.20
CA LYS SE 47 114.28 46.89 -0.10
C LYS SE 47 114.17 45.60 -0.92
N ARG SE 48 113.14 45.51 -1.75
CA ARG SE 48 112.96 44.33 -2.57
C ARG SE 48 112.85 44.70 -4.03
N VAL SE 49 113.36 43.83 -4.89
CA VAL SE 49 113.28 44.00 -6.34
C VAL SE 49 112.89 42.66 -6.93
N THR SE 50 111.87 42.67 -7.77
CA THR SE 50 111.32 41.45 -8.35
C THR SE 50 111.29 41.59 -9.86
N VAL SE 51 111.76 40.56 -10.56
CA VAL SE 51 111.69 40.50 -12.00
C VAL SE 51 111.13 39.15 -12.40
N SER SE 52 110.49 39.13 -13.55
CA SER SE 52 109.91 37.89 -14.04
C SER SE 52 109.83 37.94 -15.56
N VAL SE 53 109.89 36.76 -16.15
CA VAL SE 53 109.63 36.63 -17.58
C VAL SE 53 108.35 35.84 -17.71
N SER SE 54 107.94 35.56 -18.93
CA SER SE 54 106.75 34.77 -19.18
C SER SE 54 106.86 34.15 -20.56
N GLN SE 55 106.02 33.17 -20.83
CA GLN SE 55 106.00 32.59 -22.15
C GLN SE 55 104.56 32.40 -22.59
N PRO SE 56 104.28 32.57 -23.88
CA PRO SE 56 102.90 32.53 -24.34
C PRO SE 56 102.30 31.15 -24.14
N SER SE 57 101.03 31.14 -23.75
CA SER SE 57 100.30 29.91 -23.52
C SER SE 57 99.02 29.94 -24.33
N ARG SE 58 98.19 28.92 -24.14
CA ARG SE 58 96.85 28.95 -24.72
C ARG SE 58 96.02 30.11 -24.20
N ASN SE 59 96.37 30.65 -23.02
CA ASN SE 59 95.69 31.81 -22.47
C ASN SE 59 96.14 33.12 -23.10
N ARG SE 60 97.42 33.26 -23.41
CA ARG SE 60 97.94 34.48 -23.98
C ARG SE 60 99.08 34.15 -24.94
N LYS SE 61 99.11 34.86 -26.05
CA LYS SE 61 100.10 34.64 -27.09
C LYS SE 61 101.26 35.60 -26.95
N ASN SE 62 101.24 36.41 -25.91
CA ASN SE 62 102.19 37.50 -25.78
C ASN SE 62 103.14 37.24 -24.62
N TYR SE 63 104.34 37.76 -24.73
CA TYR SE 63 105.29 37.70 -23.62
C TYR SE 63 105.01 38.81 -22.62
N LYS SE 64 105.12 38.49 -21.35
CA LYS SE 64 105.00 39.47 -20.28
C LYS SE 64 106.31 39.51 -19.52
N VAL SE 65 106.80 40.72 -19.27
CA VAL SE 65 107.94 40.93 -18.40
C VAL SE 65 107.49 41.88 -17.32
N GLN SE 66 107.47 41.39 -16.09
CA GLN SE 66 106.95 42.14 -14.96
C GLN SE 66 108.10 42.46 -14.01
N VAL SE 67 108.16 43.71 -13.58
CA VAL SE 67 109.16 44.16 -12.62
C VAL SE 67 108.45 44.99 -11.57
N LYS SE 68 108.59 44.59 -10.32
CA LYS SE 68 107.99 45.30 -9.20
C LYS SE 68 109.07 45.66 -8.19
N ILE SE 69 108.91 46.82 -7.57
CA ILE SE 69 109.86 47.30 -6.58
C ILE SE 69 109.09 47.66 -5.32
N GLN SE 70 109.60 47.24 -4.18
CA GLN SE 70 108.94 47.43 -2.90
C GLN SE 70 109.94 48.06 -1.94
N ASN SE 71 109.65 49.30 -1.52
CA ASN SE 71 110.55 50.07 -0.66
C ASN SE 71 109.75 50.58 0.53
N PRO SE 72 109.75 49.86 1.63
CA PRO SE 72 109.00 50.30 2.81
C PRO SE 72 109.62 51.52 3.44
N THR SE 73 108.94 52.03 4.45
CA THR SE 73 109.42 53.16 5.24
C THR SE 73 109.53 52.72 6.68
N ALA SE 74 110.76 52.67 7.18
CA ALA SE 74 111.02 52.24 8.54
C ALA SE 74 110.65 53.36 9.50
N CYS SE 75 109.94 53.00 10.57
CA CYS SE 75 109.76 53.88 11.71
C CYS SE 75 110.74 53.40 12.77
N THR SE 76 111.80 54.17 12.97
CA THR SE 76 112.86 53.74 13.89
C THR SE 76 112.35 53.69 15.32
N ALA SE 77 111.84 54.82 15.81
CA ALA SE 77 111.28 54.86 17.15
C ALA SE 77 109.77 54.86 17.01
N ASN SE 78 109.16 53.73 17.36
CA ASN SE 78 107.71 53.63 17.45
C ASN SE 78 107.24 53.81 18.89
N GLY SE 79 108.15 54.14 19.80
CA GLY SE 79 107.86 53.97 21.21
C GLY SE 79 108.07 52.55 21.67
N SER SE 80 108.55 51.68 20.77
CA SER SE 80 108.79 50.28 21.07
C SER SE 80 110.21 49.95 20.68
N CYS SE 81 110.69 48.80 21.15
CA CYS SE 81 112.07 48.41 20.95
C CYS SE 81 112.41 48.03 19.52
N ASP SE 82 111.40 47.81 18.67
CA ASP SE 82 111.68 47.36 17.32
C ASP SE 82 111.08 48.31 16.30
N PRO SE 83 111.76 48.55 15.20
CA PRO SE 83 111.19 49.40 14.15
C PRO SE 83 110.01 48.70 13.50
N SER SE 84 109.20 49.48 12.80
CA SER SE 84 107.98 48.97 12.20
C SER SE 84 107.75 49.60 10.83
N VAL SE 85 107.15 48.83 9.94
CA VAL SE 85 106.80 49.29 8.61
C VAL SE 85 105.76 50.38 8.76
N THR SE 86 105.97 51.49 8.06
CA THR SE 86 104.99 52.57 8.08
C THR SE 86 104.30 52.71 6.74
N ARG SE 87 105.01 53.22 5.74
CA ARG SE 87 104.50 53.37 4.40
C ARG SE 87 105.22 52.39 3.49
N GLN SE 88 104.50 51.89 2.50
CA GLN SE 88 105.09 50.92 1.58
C GLN SE 88 105.01 51.49 0.17
N ALA SE 89 106.17 51.82 -0.39
CA ALA SE 89 106.24 52.38 -1.73
C ALA SE 89 106.15 51.24 -2.74
N TYR SE 90 105.22 51.36 -3.68
CA TYR SE 90 105.06 50.36 -4.71
C TYR SE 90 105.45 50.92 -6.07
N ALA SE 91 106.45 50.30 -6.68
CA ALA SE 91 106.87 50.66 -8.02
C ALA SE 91 106.69 49.43 -8.89
N ASP SE 92 105.84 49.52 -9.90
CA ASP SE 92 105.50 48.40 -10.76
C ASP SE 92 105.73 48.76 -12.21
N VAL SE 93 106.36 47.85 -12.94
CA VAL SE 93 106.65 48.02 -14.36
C VAL SE 93 106.34 46.70 -15.05
N THR SE 94 105.68 46.78 -16.19
CA THR SE 94 105.35 45.61 -16.99
C THR SE 94 105.77 45.82 -18.43
N PHE SE 95 105.80 44.72 -19.17
CA PHE SE 95 106.11 44.78 -20.59
C PHE SE 95 105.30 43.73 -21.32
N SER SE 96 104.87 44.10 -22.52
CA SER SE 96 104.16 43.17 -23.38
C SER SE 96 104.88 43.13 -24.72
N PHE SE 97 104.92 41.95 -25.33
CA PHE SE 97 105.56 41.79 -26.62
C PHE SE 97 104.86 40.68 -27.38
N THR SE 98 105.05 40.70 -28.68
CA THR SE 98 104.46 39.71 -29.57
C THR SE 98 105.53 38.72 -29.98
N GLN SE 99 105.11 37.48 -30.20
CA GLN SE 99 106.03 36.43 -30.58
C GLN SE 99 106.94 36.85 -31.71
N TYR SE 100 106.49 37.75 -32.58
CA TYR SE 100 107.34 38.23 -33.66
C TYR SE 100 108.13 39.48 -33.28
N SER SE 101 108.03 39.93 -32.03
CA SER SE 101 108.75 41.12 -31.61
C SER SE 101 110.24 40.95 -31.89
N THR SE 102 110.87 41.99 -32.43
CA THR SE 102 112.28 41.86 -32.74
C THR SE 102 113.12 42.35 -31.57
N ASP SE 103 114.44 42.26 -31.75
CA ASP SE 103 115.34 42.65 -30.68
C ASP SE 103 115.37 44.16 -30.50
N GLU SE 104 115.70 44.89 -31.56
CA GLU SE 104 115.93 46.32 -31.40
C GLU SE 104 114.68 47.03 -30.92
N GLU SE 105 113.51 46.62 -31.42
CA GLU SE 105 112.27 47.15 -30.89
C GLU SE 105 112.25 47.08 -29.38
N ARG SE 106 112.50 45.90 -28.83
CA ARG SE 106 112.57 45.77 -27.38
C ARG SE 106 113.66 46.67 -26.82
N ALA SE 107 114.88 46.54 -27.34
CA ALA SE 107 115.95 47.42 -26.91
C ALA SE 107 115.54 48.87 -26.99
N PHE SE 108 114.89 49.27 -28.09
CA PHE SE 108 114.38 50.62 -28.20
C PHE SE 108 113.48 50.98 -27.04
N VAL SE 109 112.63 50.05 -26.62
CA VAL SE 109 111.75 50.32 -25.50
C VAL SE 109 112.56 50.53 -24.23
N ARG SE 110 113.57 49.69 -24.01
CA ARG SE 110 114.27 49.73 -22.74
C ARG SE 110 114.87 51.10 -22.49
N THR SE 111 115.70 51.60 -23.41
CA THR SE 111 116.35 52.87 -23.18
C THR SE 111 115.35 54.00 -22.98
N GLU SE 112 114.44 54.18 -23.95
CA GLU SE 112 113.54 55.33 -23.90
C GLU SE 112 112.82 55.43 -22.56
N LEU SE 113 112.38 54.32 -22.00
CA LEU SE 113 111.74 54.39 -20.69
C LEU SE 113 112.69 55.00 -19.68
N ALA SE 114 113.94 54.56 -19.67
CA ALA SE 114 114.92 55.16 -18.78
C ALA SE 114 115.05 56.65 -19.04
N ALA SE 115 115.25 57.04 -20.29
CA ALA SE 115 115.39 58.46 -20.61
C ALA SE 115 114.24 59.26 -20.04
N LEU SE 116 113.01 58.78 -20.22
CA LEU SE 116 111.88 59.45 -19.59
C LEU SE 116 112.09 59.60 -18.10
N LEU SE 117 112.52 58.55 -17.42
CA LEU SE 117 112.73 58.65 -16.00
C LEU SE 117 113.74 59.72 -15.65
N ALA SE 118 114.68 60.00 -16.54
CA ALA SE 118 115.58 61.13 -16.35
C ALA SE 118 115.05 62.42 -16.95
N SER SE 119 113.95 62.34 -17.70
CA SER SE 119 113.41 63.55 -18.32
C SER SE 119 112.90 64.50 -17.25
N PRO SE 120 113.03 65.81 -17.47
CA PRO SE 120 112.47 66.78 -16.53
C PRO SE 120 110.97 66.69 -16.41
N LEU SE 121 110.30 66.06 -17.37
CA LEU SE 121 108.86 65.93 -17.27
C LEU SE 121 108.47 65.09 -16.05
N LEU SE 122 108.92 63.84 -16.01
CA LEU SE 122 108.45 62.93 -14.99
C LEU SE 122 108.84 63.34 -13.59
N ILE SE 123 109.98 64.01 -13.42
CA ILE SE 123 110.44 64.31 -12.07
C ILE SE 123 109.40 65.10 -11.29
N ASP SE 124 108.84 66.15 -11.89
CA ASP SE 124 107.73 66.85 -11.25
C ASP SE 124 106.53 65.94 -11.09
N ALA SE 125 106.21 65.17 -12.12
CA ALA SE 125 105.17 64.16 -12.02
C ALA SE 125 105.41 63.19 -10.89
N ILE SE 126 106.61 62.64 -10.78
CA ILE SE 126 106.96 61.72 -9.71
C ILE SE 126 107.20 62.45 -8.41
N ASP SE 127 108.26 63.25 -8.35
CA ASP SE 127 108.68 63.82 -7.07
C ASP SE 127 107.62 64.73 -6.48
N GLN SE 128 107.18 65.71 -7.25
CA GLN SE 128 106.23 66.69 -6.74
C GLN SE 128 104.79 66.35 -7.04
N LEU SE 129 104.52 65.19 -7.63
CA LEU SE 129 103.16 64.73 -7.91
C LEU SE 129 102.40 65.78 -8.71
N ASN SE 130 102.88 66.02 -9.92
CA ASN SE 130 102.24 67.08 -10.67
C ASN SE 130 101.80 66.56 -12.03
N PRO SE 131 100.66 66.97 -12.49
CA PRO SE 131 100.25 66.66 -13.86
C PRO SE 131 101.08 67.45 -14.86
N ALA SE 132 100.63 67.45 -16.10
CA ALA SE 132 101.47 67.80 -17.25
C ALA SE 132 101.59 69.29 -17.47
N TYR SE 133 101.03 70.10 -16.58
CA TYR SE 133 101.05 71.53 -16.78
C TYR SE 133 102.15 72.18 -15.96
N ALA TE 2 -27.39 -113.48 53.18
CA ALA TE 2 -28.74 -114.01 53.29
C ALA TE 2 -29.70 -112.92 53.74
N LYS TE 3 -30.91 -113.31 54.08
CA LYS TE 3 -31.97 -112.39 54.46
C LYS TE 3 -31.60 -111.66 55.74
N LEU TE 4 -31.94 -110.37 55.78
CA LEU TE 4 -31.90 -109.62 57.02
C LEU TE 4 -32.77 -110.33 58.04
N GLU TE 5 -32.22 -110.56 59.21
CA GLU TE 5 -32.96 -111.23 60.26
C GLU TE 5 -32.63 -110.61 61.60
N THR TE 6 -33.30 -111.10 62.64
CA THR TE 6 -32.92 -110.75 64.00
C THR TE 6 -31.55 -111.37 64.21
N VAL TE 7 -30.60 -110.56 64.62
CA VAL TE 7 -29.25 -111.07 64.86
C VAL TE 7 -28.97 -111.01 66.34
N THR TE 8 -28.92 -112.17 66.98
CA THR TE 8 -28.57 -112.26 68.39
C THR TE 8 -27.07 -112.35 68.51
N LEU TE 9 -26.53 -111.71 69.53
CA LEU TE 9 -25.10 -111.73 69.78
C LEU TE 9 -24.86 -112.02 71.25
N GLY TE 10 -24.09 -113.08 71.52
CA GLY TE 10 -23.65 -113.40 72.85
C GLY TE 10 -22.20 -113.00 73.04
N ASN TE 11 -21.75 -113.08 74.28
CA ASN TE 11 -20.36 -112.86 74.62
C ASN TE 11 -19.92 -111.46 74.16
N ILE TE 12 -20.45 -110.46 74.85
CA ILE TE 12 -20.26 -109.07 74.46
C ILE TE 12 -19.71 -108.33 75.66
N GLY TE 13 -18.95 -107.27 75.41
CA GLY TE 13 -18.40 -106.44 76.46
C GLY TE 13 -17.28 -107.13 77.20
N LYS TE 14 -16.61 -106.34 78.03
CA LYS TE 14 -15.50 -106.86 78.83
C LYS TE 14 -15.93 -108.08 79.62
N ASP TE 15 -17.17 -108.08 80.10
CA ASP TE 15 -17.69 -109.25 80.79
C ASP TE 15 -17.80 -110.44 79.84
N GLY TE 16 -18.40 -110.25 78.67
CA GLY TE 16 -18.73 -111.38 77.83
C GLY TE 16 -20.04 -112.02 78.22
N LYS TE 17 -20.70 -111.51 79.25
CA LYS TE 17 -22.05 -111.97 79.56
C LYS TE 17 -23.08 -111.08 78.88
N GLN TE 18 -22.64 -109.98 78.28
CA GLN TE 18 -23.54 -109.08 77.57
C GLN TE 18 -24.06 -109.75 76.32
N THR TE 19 -25.33 -109.51 76.02
CA THR TE 19 -25.96 -110.01 74.83
C THR TE 19 -26.69 -108.88 74.11
N LEU TE 20 -26.84 -109.03 72.81
CA LEU TE 20 -27.49 -107.99 72.01
C LEU TE 20 -28.24 -108.63 70.86
N VAL TE 21 -29.41 -108.08 70.56
CA VAL TE 21 -30.17 -108.48 69.40
C VAL TE 21 -30.28 -107.28 68.48
N LEU TE 22 -30.42 -107.55 67.18
CA LEU TE 22 -30.48 -106.51 66.17
C LEU TE 22 -31.63 -106.80 65.22
N ASN TE 23 -32.54 -105.90 65.15
CA ASN TE 23 -33.60 -106.18 64.20
C ASN TE 23 -33.25 -105.59 62.84
N PRO TE 24 -33.69 -106.23 61.78
CA PRO TE 24 -33.53 -105.64 60.44
C PRO TE 24 -34.27 -104.33 60.35
N ARG TE 25 -33.55 -103.31 59.91
CA ARG TE 25 -34.11 -101.97 59.77
C ARG TE 25 -34.53 -101.66 58.35
N GLY TE 26 -34.40 -102.61 57.43
CA GLY TE 26 -34.59 -102.33 56.03
C GLY TE 26 -33.31 -101.84 55.39
N VAL TE 27 -33.42 -101.44 54.13
CA VAL TE 27 -32.26 -101.04 53.35
C VAL TE 27 -32.55 -99.71 52.68
N ASN TE 28 -31.68 -98.75 52.87
CA ASN TE 28 -31.80 -97.53 52.09
C ASN TE 28 -31.40 -97.80 50.66
N PRO TE 29 -32.32 -97.72 49.71
CA PRO TE 29 -31.98 -98.03 48.32
C PRO TE 29 -31.08 -97.00 47.68
N THR TE 30 -31.14 -95.75 48.12
CA THR TE 30 -30.32 -94.71 47.49
C THR TE 30 -28.85 -95.08 47.53
N ASN TE 31 -28.26 -95.04 48.71
CA ASN TE 31 -26.89 -95.50 48.88
C ASN TE 31 -26.78 -97.01 48.77
N GLY TE 32 -27.90 -97.73 48.76
CA GLY TE 32 -27.85 -99.18 48.73
C GLY TE 32 -27.18 -99.76 49.96
N VAL TE 33 -27.67 -99.40 51.14
CA VAL TE 33 -27.05 -99.80 52.39
C VAL TE 33 -28.10 -100.35 53.32
N ALA TE 34 -27.85 -101.54 53.84
CA ALA TE 34 -28.72 -102.15 54.84
C ALA TE 34 -28.51 -101.49 56.20
N SER TE 35 -29.49 -101.69 57.07
CA SER TE 35 -29.41 -101.13 58.42
C SER TE 35 -29.96 -102.14 59.41
N LEU TE 36 -29.32 -102.21 60.56
CA LEU TE 36 -29.74 -103.08 61.65
C LEU TE 36 -29.75 -102.28 62.93
N SER TE 37 -30.63 -102.65 63.86
CA SER TE 37 -30.67 -101.91 65.11
C SER TE 37 -31.13 -102.80 66.24
N GLN TE 38 -30.62 -102.49 67.43
CA GLN TE 38 -31.26 -102.91 68.65
C GLN TE 38 -32.66 -102.33 68.73
N ALA TE 39 -33.56 -103.06 69.37
CA ALA TE 39 -34.89 -102.51 69.63
C ALA TE 39 -34.85 -101.88 71.03
N GLY TE 40 -34.83 -100.55 71.03
CA GLY TE 40 -34.91 -99.78 72.24
C GLY TE 40 -36.22 -99.03 72.33
N ALA TE 41 -36.18 -97.94 73.09
CA ALA TE 41 -37.31 -97.02 73.10
C ALA TE 41 -37.16 -95.98 72.00
N VAL TE 42 -36.15 -95.13 72.11
CA VAL TE 42 -35.97 -94.04 71.16
C VAL TE 42 -34.98 -94.47 70.08
N PRO TE 43 -35.37 -94.49 68.82
CA PRO TE 43 -34.44 -94.84 67.75
C PRO TE 43 -33.15 -94.04 67.78
N ALA TE 44 -33.21 -92.74 68.05
CA ALA TE 44 -32.02 -91.95 68.24
C ALA TE 44 -31.09 -92.56 69.27
N LEU TE 45 -31.64 -93.15 70.33
CA LEU TE 45 -30.83 -93.82 71.34
C LEU TE 45 -30.41 -95.21 70.90
N GLU TE 46 -31.20 -95.86 70.04
CA GLU TE 46 -30.99 -97.26 69.73
C GLU TE 46 -29.70 -97.46 68.96
N LYS TE 47 -29.01 -98.55 69.25
CA LYS TE 47 -27.74 -98.88 68.61
C LYS TE 47 -28.02 -99.12 67.14
N ARG TE 48 -27.07 -98.75 66.29
CA ARG TE 48 -27.25 -98.94 64.86
C ARG TE 48 -26.09 -99.73 64.29
N VAL TE 49 -26.39 -100.55 63.27
CA VAL TE 49 -25.39 -101.32 62.57
C VAL TE 49 -25.68 -101.20 61.08
N THR TE 50 -24.67 -100.84 60.30
CA THR TE 50 -24.83 -100.61 58.88
C THR TE 50 -23.83 -101.45 58.11
N VAL TE 51 -24.31 -102.14 57.08
CA VAL TE 51 -23.45 -102.89 56.19
C VAL TE 51 -23.80 -102.51 54.76
N SER TE 52 -22.81 -102.65 53.89
CA SER TE 52 -23.01 -102.33 52.49
C SER TE 52 -22.05 -103.13 51.65
N VAL TE 53 -22.46 -103.41 50.42
CA VAL TE 53 -21.58 -103.99 49.42
C VAL TE 53 -21.36 -102.93 48.37
N SER TE 54 -20.61 -103.27 47.33
CA SER TE 54 -20.36 -102.36 46.24
C SER TE 54 -19.99 -103.19 45.01
N GLN TE 55 -20.03 -102.54 43.86
CA GLN TE 55 -19.62 -103.22 42.65
C GLN TE 55 -18.75 -102.28 41.83
N PRO TE 56 -17.75 -102.81 41.14
CA PRO TE 56 -16.81 -101.95 40.43
C PRO TE 56 -17.49 -101.19 39.31
N SER TE 57 -17.09 -99.93 39.15
CA SER TE 57 -17.65 -99.08 38.12
C SER TE 57 -16.50 -98.51 37.30
N ARG TE 58 -16.84 -97.61 36.37
CA ARG TE 58 -15.82 -96.86 35.68
C ARG TE 58 -14.98 -96.01 36.62
N ASN TE 59 -15.51 -95.68 37.80
CA ASN TE 59 -14.75 -94.94 38.80
C ASN TE 59 -13.79 -95.80 39.58
N ARG TE 60 -14.17 -97.04 39.90
CA ARG TE 60 -13.30 -97.92 40.67
C ARG TE 60 -13.52 -99.35 40.20
N LYS TE 61 -12.43 -100.10 40.12
CA LYS TE 61 -12.45 -101.47 39.66
C LYS TE 61 -12.50 -102.44 40.82
N ASN TE 62 -12.60 -101.91 42.03
CA ASN TE 62 -12.46 -102.73 43.22
C ASN TE 62 -13.78 -102.80 43.96
N TYR TE 63 -13.99 -103.91 44.67
CA TYR TE 63 -15.15 -104.04 45.52
C TYR TE 63 -14.90 -103.37 46.86
N LYS TE 64 -15.92 -102.68 47.37
CA LYS TE 64 -15.87 -102.08 48.70
C LYS TE 64 -16.94 -102.72 49.55
N VAL TE 65 -16.57 -103.10 50.76
CA VAL TE 65 -17.52 -103.57 51.76
C VAL TE 65 -17.34 -102.68 52.98
N GLN TE 66 -18.37 -101.90 53.28
CA GLN TE 66 -18.31 -100.92 54.35
C GLN TE 66 -19.24 -101.33 55.47
N VAL TE 67 -18.73 -101.28 56.70
CA VAL TE 67 -19.51 -101.59 57.88
C VAL TE 67 -19.26 -100.51 58.91
N LYS TE 68 -20.32 -99.85 59.35
CA LYS TE 68 -20.23 -98.81 60.35
C LYS TE 68 -21.13 -99.15 61.52
N ILE TE 69 -20.69 -98.78 62.73
CA ILE TE 69 -21.44 -99.04 63.94
C ILE TE 69 -21.57 -97.72 64.70
N GLN TE 70 -22.77 -97.45 65.18
CA GLN TE 70 -23.08 -96.20 65.85
C GLN TE 70 -23.74 -96.52 67.18
N ASN TE 71 -23.07 -96.19 68.28
CA ASN TE 71 -23.54 -96.51 69.62
C ASN TE 71 -23.52 -95.24 70.46
N PRO TE 72 -24.63 -94.53 70.54
CA PRO TE 72 -24.66 -93.29 71.31
C PRO TE 72 -24.58 -93.58 72.80
N THR TE 73 -24.51 -92.50 73.56
CA THR TE 73 -24.51 -92.56 75.02
C THR TE 73 -25.69 -91.78 75.54
N ALA TE 74 -26.63 -92.49 76.14
CA ALA TE 74 -27.83 -91.86 76.67
C ALA TE 74 -27.51 -91.13 77.95
N CYS TE 75 -28.02 -89.91 78.08
CA CYS TE 75 -28.04 -89.20 79.35
C CYS TE 75 -29.46 -89.34 79.87
N THR TE 76 -29.63 -90.18 80.90
CA THR TE 76 -30.97 -90.47 81.40
C THR TE 76 -31.59 -89.23 82.02
N ALA TE 77 -30.91 -88.65 83.02
CA ALA TE 77 -31.39 -87.43 83.65
C ALA TE 77 -30.55 -86.28 83.11
N ASN TE 78 -31.17 -85.48 82.26
CA ASN TE 78 -30.58 -84.23 81.81
C ASN TE 78 -31.06 -83.04 82.63
N GLY TE 79 -31.85 -83.30 83.66
CA GLY TE 79 -32.65 -82.24 84.26
C GLY TE 79 -33.92 -82.00 83.49
N SER TE 80 -34.19 -82.79 82.46
CA SER TE 80 -35.36 -82.66 81.62
C SER TE 80 -36.06 -84.02 81.57
N CYS TE 81 -37.30 -84.01 81.10
CA CYS TE 81 -38.12 -85.21 81.09
C CYS TE 81 -37.67 -86.26 80.09
N ASP TE 82 -36.82 -85.90 79.14
CA ASP TE 82 -36.44 -86.85 78.11
C ASP TE 82 -34.94 -87.04 78.08
N PRO TE 83 -34.48 -88.27 77.84
CA PRO TE 83 -33.04 -88.49 77.72
C PRO TE 83 -32.50 -87.82 76.47
N SER TE 84 -31.18 -87.65 76.44
CA SER TE 84 -30.54 -86.95 75.33
C SER TE 84 -29.23 -87.62 74.97
N VAL TE 85 -28.89 -87.54 73.68
CA VAL TE 85 -27.63 -88.08 73.19
C VAL TE 85 -26.50 -87.27 73.80
N THR TE 86 -25.50 -87.96 74.31
CA THR TE 86 -24.34 -87.26 74.86
C THR TE 86 -23.11 -87.49 74.00
N ARG TE 87 -22.56 -88.69 74.04
CA ARG TE 87 -21.41 -89.06 73.23
C ARG TE 87 -21.85 -90.06 72.18
N GLN TE 88 -21.22 -89.99 71.01
CA GLN TE 88 -21.60 -90.88 69.93
C GLN TE 88 -20.36 -91.69 69.56
N ALA TE 89 -20.39 -92.99 69.82
CA ALA TE 89 -19.29 -93.88 69.51
C ALA TE 89 -19.36 -94.26 68.03
N TYR TE 90 -18.27 -94.04 67.32
CA TYR TE 90 -18.21 -94.40 65.92
C TYR TE 90 -17.25 -95.56 65.69
N ALA TE 91 -17.78 -96.65 65.16
CA ALA TE 91 -16.97 -97.80 64.80
C ALA TE 91 -17.15 -98.03 63.31
N ASP TE 92 -16.06 -97.91 62.56
CA ASP TE 92 -16.10 -98.01 61.11
C ASP TE 92 -15.13 -99.07 60.63
N VAL TE 93 -15.58 -99.90 59.69
CA VAL TE 93 -14.78 -100.96 59.10
C VAL TE 93 -15.06 -100.97 57.61
N THR TE 94 -14.00 -101.08 56.83
CA THR TE 94 -14.11 -101.14 55.38
C THR TE 94 -13.33 -102.33 54.84
N PHE TE 95 -13.60 -102.66 53.59
CA PHE TE 95 -12.89 -103.73 52.92
C PHE TE 95 -12.70 -103.39 51.46
N SER TE 96 -11.55 -103.76 50.93
CA SER TE 96 -11.27 -103.59 49.52
C SER TE 96 -10.87 -104.93 48.94
N PHE TE 97 -11.28 -105.18 47.71
CA PHE TE 97 -10.93 -106.41 47.03
C PHE TE 97 -10.84 -106.16 45.55
N THR TE 98 -10.15 -107.06 44.87
CA THR TE 98 -9.95 -106.99 43.44
C THR TE 98 -10.88 -107.99 42.76
N GLN TE 99 -11.32 -107.63 41.57
CA GLN TE 99 -12.22 -108.48 40.81
C GLN TE 99 -11.74 -109.92 40.76
N TYR TE 100 -10.44 -110.14 40.83
CA TYR TE 100 -9.92 -111.51 40.83
C TYR TE 100 -9.75 -112.06 42.24
N SER TE 101 -10.16 -111.32 43.26
CA SER TE 101 -10.01 -111.80 44.63
C SER TE 101 -10.70 -113.15 44.79
N THR TE 102 -10.03 -114.07 45.47
CA THR TE 102 -10.65 -115.39 45.62
C THR TE 102 -11.44 -115.46 46.90
N ASP TE 103 -12.05 -116.62 47.13
CA ASP TE 103 -12.89 -116.78 48.30
C ASP TE 103 -12.06 -116.86 49.57
N GLU TE 104 -11.13 -117.82 49.63
CA GLU TE 104 -10.43 -118.07 50.88
C GLU TE 104 -9.64 -116.86 51.33
N GLU TE 105 -9.02 -116.15 50.38
CA GLU TE 105 -8.38 -114.89 50.72
C GLU TE 105 -9.31 -114.01 51.52
N ARG TE 106 -10.50 -113.76 51.01
CA ARG TE 106 -11.48 -112.99 51.75
C ARG TE 106 -11.77 -113.64 53.08
N ALA TE 107 -12.17 -114.92 53.04
CA ALA TE 107 -12.40 -115.64 54.28
C ALA TE 107 -11.22 -115.51 55.23
N PHE TE 108 -10.01 -115.66 54.71
CA PHE TE 108 -8.83 -115.46 55.54
C PHE TE 108 -8.84 -114.09 56.20
N VAL TE 109 -9.24 -113.06 55.47
CA VAL TE 109 -9.30 -111.74 56.06
C VAL TE 109 -10.31 -111.69 57.18
N ARG TE 110 -11.48 -112.29 56.96
CA ARG TE 110 -12.56 -112.14 57.93
C ARG TE 110 -12.14 -112.63 59.31
N THR TE 111 -11.71 -113.88 59.40
CA THR TE 111 -11.36 -114.43 60.69
C THR TE 111 -10.27 -113.61 61.38
N GLU TE 112 -9.12 -113.45 60.71
CA GLU TE 112 -7.98 -112.81 61.35
C GLU TE 112 -8.33 -111.48 61.98
N LEU TE 113 -9.15 -110.67 61.30
CA LEU TE 113 -9.56 -109.43 61.90
C LEU TE 113 -10.25 -109.67 63.24
N ALA TE 114 -11.16 -110.64 63.27
CA ALA TE 114 -11.80 -110.99 64.53
C ALA TE 114 -10.77 -111.40 65.57
N ALA TE 115 -9.88 -112.34 65.22
CA ALA TE 115 -8.86 -112.78 66.16
C ALA TE 115 -8.11 -111.61 66.76
N LEU TE 116 -7.70 -110.65 65.93
CA LEU TE 116 -7.08 -109.45 66.45
C LEU TE 116 -7.97 -108.78 67.49
N LEU TE 117 -9.25 -108.64 67.19
CA LEU TE 117 -10.14 -107.99 68.14
C LEU TE 117 -10.18 -108.74 69.46
N ALA TE 118 -9.93 -110.04 69.45
CA ALA TE 118 -9.79 -110.79 70.69
C ALA TE 118 -8.34 -110.83 71.17
N SER TE 119 -7.40 -110.36 70.37
CA SER TE 119 -6.02 -110.41 70.78
C SER TE 119 -5.78 -109.49 71.97
N PRO TE 120 -4.89 -109.87 72.88
CA PRO TE 120 -4.55 -108.98 74.00
C PRO TE 120 -3.92 -107.68 73.55
N LEU TE 121 -3.43 -107.61 72.32
CA LEU TE 121 -2.86 -106.36 71.84
C LEU TE 121 -3.90 -105.27 71.78
N LEU TE 122 -4.94 -105.47 70.99
CA LEU TE 122 -5.88 -104.39 70.72
C LEU TE 122 -6.65 -103.96 71.95
N ILE TE 123 -6.89 -104.87 72.90
CA ILE TE 123 -7.73 -104.50 74.03
C ILE TE 123 -7.17 -103.30 74.77
N ASP TE 124 -5.88 -103.29 75.07
CA ASP TE 124 -5.26 -102.10 75.63
C ASP TE 124 -5.31 -100.93 74.67
N ALA TE 125 -5.04 -101.18 73.40
CA ALA TE 125 -5.22 -100.17 72.38
C ALA TE 125 -6.63 -99.61 72.35
N ILE TE 126 -7.64 -100.47 72.35
CA ILE TE 126 -9.02 -100.04 72.35
C ILE TE 126 -9.46 -99.57 73.72
N ASP TE 127 -9.52 -100.48 74.68
CA ASP TE 127 -10.11 -100.16 75.97
C ASP TE 127 -9.35 -99.06 76.69
N GLN TE 128 -8.06 -99.24 76.88
CA GLN TE 128 -7.27 -98.30 77.63
C GLN TE 128 -6.59 -97.25 76.77
N LEU TE 129 -6.84 -97.24 75.46
CA LEU TE 129 -6.28 -96.25 74.55
C LEU TE 129 -4.76 -96.20 74.68
N ASN TE 130 -4.13 -97.31 74.31
CA ASN TE 130 -2.70 -97.33 74.50
C ASN TE 130 -2.00 -97.71 73.21
N PRO TE 131 -0.90 -97.08 72.91
CA PRO TE 131 -0.08 -97.50 71.78
C PRO TE 131 0.60 -98.83 72.06
N ALA TE 132 1.55 -99.18 71.22
CA ALA TE 132 2.03 -100.55 71.09
C ALA TE 132 3.05 -100.94 72.15
N TYR TE 133 3.31 -100.06 73.10
CA TYR TE 133 4.32 -100.35 74.10
C TYR TE 133 3.69 -100.85 75.39
N ALA UE 2 124.41 1.31 43.74
CA ALA UE 2 125.31 2.45 43.78
C ALA UE 2 125.46 3.04 42.39
N LYS UE 3 126.42 3.96 42.25
CA LYS UE 3 126.66 4.67 41.02
C LYS UE 3 127.10 3.72 39.92
N LEU UE 4 126.60 3.96 38.72
CA LEU UE 4 127.14 3.31 37.53
C LEU UE 4 128.63 3.60 37.46
N GLU UE 5 129.42 2.56 37.28
CA GLU UE 5 130.86 2.72 37.20
C GLU UE 5 131.42 1.76 36.17
N THR UE 6 132.72 1.87 35.94
CA THR UE 6 133.42 0.87 35.15
C THR UE 6 133.35 -0.41 35.96
N VAL UE 7 132.86 -1.47 35.33
CA VAL UE 7 132.76 -2.74 36.03
C VAL UE 7 133.74 -3.71 35.40
N THR UE 8 134.80 -4.04 36.12
CA THR UE 8 135.78 -5.01 35.68
C THR UE 8 135.30 -6.38 36.10
N LEU UE 9 135.53 -7.37 35.25
CA LEU UE 9 135.16 -8.74 35.54
C LEU UE 9 136.33 -9.66 35.21
N GLY UE 10 136.76 -10.43 36.21
CA GLY UE 10 137.76 -11.45 36.01
C GLY UE 10 137.11 -12.81 35.97
N ASN UE 11 137.92 -13.81 35.62
CA ASN UE 11 137.49 -15.20 35.64
C ASN UE 11 136.26 -15.40 34.76
N ILE UE 12 136.48 -15.29 33.47
CA ILE UE 12 135.40 -15.31 32.49
C ILE UE 12 135.70 -16.39 31.47
N GLY UE 13 134.66 -16.96 30.88
CA GLY UE 13 134.81 -17.96 29.85
C GLY UE 13 135.28 -19.28 30.42
N LYS UE 14 135.22 -20.29 29.55
CA LYS UE 14 135.65 -21.63 29.95
C LYS UE 14 137.05 -21.60 30.53
N ASP UE 15 137.92 -20.75 29.99
CA ASP UE 15 139.25 -20.59 30.55
C ASP UE 15 139.18 -20.02 31.97
N GLY UE 16 138.44 -18.93 32.14
CA GLY UE 16 138.52 -18.20 33.39
C GLY UE 16 139.67 -17.23 33.42
N LYS UE 17 140.46 -17.16 32.35
CA LYS UE 17 141.46 -16.11 32.24
C LYS UE 17 140.91 -14.91 31.51
N GLN UE 18 139.72 -15.03 30.95
CA GLN UE 18 139.08 -13.93 30.25
C GLN UE 18 138.67 -12.85 31.24
N THR UE 19 138.84 -11.61 30.82
CA THR UE 19 138.45 -10.45 31.62
C THR UE 19 137.62 -9.51 30.77
N LEU UE 20 136.76 -8.74 31.42
CA LEU UE 20 135.89 -7.82 30.71
C LEU UE 20 135.64 -6.59 31.56
N VAL UE 21 135.61 -5.44 30.91
CA VAL UE 21 135.23 -4.20 31.56
C VAL UE 21 133.96 -3.68 30.91
N LEU UE 22 133.17 -2.94 31.68
CA LEU UE 22 131.89 -2.42 31.21
C LEU UE 22 131.80 -0.94 31.57
N ASN UE 23 131.65 -0.14 30.59
CA ASN UE 23 131.49 1.25 30.97
C ASN UE 23 130.02 1.58 31.15
N PRO UE 24 129.72 2.51 32.06
CA PRO UE 24 128.35 2.98 32.18
C PRO UE 24 127.89 3.65 30.89
N ARG UE 25 126.74 3.20 30.40
CA ARG UE 25 126.18 3.73 29.17
C ARG UE 25 125.10 4.78 29.42
N GLY UE 26 124.85 5.12 30.67
CA GLY UE 26 123.72 5.96 31.00
C GLY UE 26 122.47 5.14 31.21
N VAL UE 27 121.36 5.83 31.38
CA VAL UE 27 120.08 5.19 31.69
C VAL UE 27 119.02 5.72 30.76
N ASN UE 28 118.32 4.83 30.10
CA ASN UE 28 117.15 5.28 29.36
C ASN UE 28 116.05 5.63 30.33
N PRO UE 29 115.65 6.90 30.44
CA PRO UE 29 114.62 7.28 31.41
C PRO UE 29 113.25 6.77 31.05
N THR UE 30 112.95 6.58 29.77
CA THR UE 30 111.62 6.14 29.38
C THR UE 30 111.25 4.84 30.06
N ASN UE 31 111.89 3.75 29.66
CA ASN UE 31 111.70 2.48 30.35
C ASN UE 31 112.35 2.49 31.73
N GLY UE 32 113.16 3.48 32.05
CA GLY UE 32 113.86 3.49 33.32
C GLY UE 32 114.82 2.34 33.44
N VAL UE 33 115.73 2.17 32.49
CA VAL UE 33 116.63 1.03 32.44
C VAL UE 33 118.04 1.54 32.22
N ALA UE 34 118.95 1.09 33.09
CA ALA UE 34 120.36 1.38 32.93
C ALA UE 34 120.97 0.53 31.83
N SER UE 35 122.13 0.97 31.35
CA SER UE 35 122.83 0.24 30.30
C SER UE 35 124.32 0.27 30.58
N LEU UE 36 124.97 -0.86 30.30
CA LEU UE 36 126.41 -0.98 30.47
C LEU UE 36 126.97 -1.61 29.21
N SER UE 37 128.22 -1.28 28.89
CA SER UE 37 128.81 -1.86 27.69
C SER UE 37 130.31 -1.98 27.83
N GLN UE 38 130.84 -3.00 27.18
CA GLN UE 38 132.24 -3.03 26.83
C GLN UE 38 132.56 -1.86 25.92
N ALA UE 39 133.79 -1.35 26.03
CA ALA UE 39 134.24 -0.34 25.09
C ALA UE 39 134.96 -1.05 23.94
N GLY UE 40 134.26 -1.10 22.81
CA GLY UE 40 134.82 -1.64 21.58
C GLY UE 40 135.03 -0.56 20.55
N ALA UE 41 135.02 -0.99 19.30
CA ALA UE 41 135.01 -0.03 18.20
C ALA UE 41 133.59 0.36 17.83
N VAL UE 42 132.83 -0.61 17.33
CA VAL UE 42 131.47 -0.33 16.87
C VAL UE 42 130.48 -0.68 17.97
N PRO UE 43 129.69 0.28 18.44
CA PRO UE 43 128.69 -0.01 19.46
C PRO UE 43 127.78 -1.18 19.11
N ALA UE 44 127.35 -1.29 17.86
CA ALA UE 44 126.60 -2.45 17.41
C ALA UE 44 127.33 -3.74 17.73
N LEU UE 45 128.65 -3.76 17.61
CA LEU UE 45 129.43 -4.93 17.97
C LEU UE 45 129.65 -5.05 19.46
N GLU UE 46 129.64 -3.93 20.18
CA GLU UE 46 130.04 -3.93 21.58
C GLU UE 46 129.04 -4.68 22.44
N LYS UE 47 129.55 -5.39 23.44
CA LYS UE 47 128.73 -6.18 24.33
C LYS UE 47 127.85 -5.23 25.12
N ARG UE 48 126.63 -5.66 25.42
CA ARG UE 48 125.71 -4.81 26.17
C ARG UE 48 125.22 -5.53 27.41
N VAL UE 49 125.00 -4.76 28.47
CA VAL UE 49 124.45 -5.28 29.72
C VAL UE 49 123.39 -4.30 30.18
N THR UE 50 122.21 -4.83 30.50
CA THR UE 50 121.07 -4.01 30.88
C THR UE 50 120.52 -4.49 32.20
N VAL UE 51 120.29 -3.55 33.12
CA VAL UE 51 119.65 -3.86 34.39
C VAL UE 51 118.52 -2.88 34.60
N SER UE 52 117.53 -3.32 35.36
CA SER UE 52 116.39 -2.47 35.65
C SER UE 52 115.77 -2.90 36.97
N VAL UE 53 115.15 -1.93 37.63
CA VAL UE 53 114.34 -2.22 38.81
C VAL UE 53 112.91 -1.92 38.43
N SER UE 54 112.00 -2.07 39.38
CA SER UE 54 110.60 -1.77 39.14
C SER UE 54 109.95 -1.50 40.48
N GLN UE 55 108.77 -0.92 40.43
CA GLN UE 55 108.03 -0.69 41.65
C GLN UE 55 106.58 -1.07 41.45
N PRO UE 56 105.92 -1.61 42.47
CA PRO UE 56 104.57 -2.11 42.29
C PRO UE 56 103.60 -0.99 41.95
N SER UE 57 102.67 -1.30 41.06
CA SER UE 57 101.67 -0.33 40.62
C SER UE 57 100.30 -0.95 40.81
N ARG UE 58 99.28 -0.23 40.35
CA ARG UE 58 97.95 -0.81 40.28
C ARG UE 58 97.89 -2.03 39.37
N ASN UE 59 98.82 -2.14 38.42
CA ASN UE 59 98.90 -3.30 37.54
C ASN UE 59 99.55 -4.51 38.21
N ARG UE 60 100.57 -4.30 39.03
CA ARG UE 60 101.26 -5.40 39.68
C ARG UE 60 101.74 -4.95 41.04
N LYS UE 61 101.61 -5.84 42.01
CA LYS UE 61 101.98 -5.57 43.39
C LYS UE 61 103.38 -6.06 43.70
N ASN UE 62 104.07 -6.56 42.68
CA ASN UE 62 105.34 -7.23 42.90
C ASN UE 62 106.46 -6.43 42.28
N TYR UE 63 107.65 -6.56 42.87
CA TYR UE 63 108.83 -5.95 42.29
C TYR UE 63 109.39 -6.84 41.19
N LYS UE 64 109.84 -6.22 40.10
CA LYS UE 64 110.51 -6.91 39.02
C LYS UE 64 111.92 -6.36 38.90
N VAL UE 65 112.89 -7.26 38.80
CA VAL UE 65 114.26 -6.90 38.49
C VAL UE 65 114.66 -7.67 37.26
N GLN UE 66 114.91 -6.94 36.18
CA GLN UE 66 115.18 -7.53 34.88
C GLN UE 66 116.61 -7.25 34.49
N VAL UE 67 117.31 -8.29 34.04
CA VAL UE 67 118.68 -8.16 33.58
C VAL UE 67 118.80 -8.90 32.27
N LYS UE 68 119.24 -8.21 31.22
CA LYS UE 68 119.41 -8.80 29.91
C LYS UE 68 120.83 -8.56 29.45
N ILE UE 69 121.39 -9.53 28.72
CA ILE UE 69 122.74 -9.45 28.21
C ILE UE 69 122.69 -9.73 26.72
N GLN UE 70 123.39 -8.92 25.94
CA GLN UE 70 123.39 -9.03 24.50
C GLN UE 70 124.83 -9.07 24.02
N ASN UE 71 125.21 -10.19 23.42
CA ASN UE 71 126.59 -10.42 22.98
C ASN UE 71 126.55 -10.88 21.53
N PRO UE 72 126.69 -9.96 20.59
CA PRO UE 72 126.66 -10.34 19.18
C PRO UE 72 127.90 -11.12 18.80
N THR UE 73 127.90 -11.57 17.55
CA THR UE 73 129.03 -12.28 16.97
C THR UE 73 129.49 -11.52 15.74
N ALA UE 74 130.69 -10.96 15.83
CA ALA UE 74 131.26 -10.18 14.76
C ALA UE 74 131.72 -11.10 13.64
N CYS UE 75 131.39 -10.74 12.41
CA CYS UE 75 132.00 -11.36 11.23
C CYS UE 75 133.04 -10.36 10.74
N THR UE 76 134.31 -10.68 10.96
CA THR UE 76 135.38 -9.75 10.63
C THR UE 76 135.47 -9.54 9.12
N ALA UE 77 135.66 -10.62 8.38
CA ALA UE 77 135.70 -10.54 6.92
C ALA UE 77 134.36 -11.05 6.40
N ASN UE 78 133.55 -10.11 5.91
CA ASN UE 78 132.32 -10.45 5.21
C ASN UE 78 132.53 -10.44 3.71
N GLY UE 79 133.76 -10.25 3.25
CA GLY UE 79 133.99 -9.86 1.87
C GLY UE 79 133.79 -8.39 1.66
N SER UE 80 133.53 -7.65 2.73
CA SER UE 80 133.30 -6.20 2.67
C SER UE 80 134.23 -5.54 3.67
N CYS UE 81 134.37 -4.22 3.55
CA CYS UE 81 135.32 -3.47 4.34
C CYS UE 81 134.92 -3.35 5.81
N ASP UE 82 133.67 -3.65 6.15
CA ASP UE 82 133.24 -3.46 7.51
C ASP UE 82 132.70 -4.76 8.09
N PRO UE 83 132.96 -5.02 9.37
CA PRO UE 83 132.41 -6.22 10.00
C PRO UE 83 130.90 -6.10 10.13
N SER UE 84 130.26 -7.24 10.34
CA SER UE 84 128.80 -7.29 10.41
C SER UE 84 128.34 -8.25 11.48
N VAL UE 85 127.20 -7.93 12.08
CA VAL UE 85 126.59 -8.77 13.09
C VAL UE 85 126.18 -10.07 12.43
N THR UE 86 126.52 -11.19 13.06
CA THR UE 86 126.11 -12.48 12.54
C THR UE 86 125.08 -13.14 13.43
N ARG UE 87 125.51 -13.61 14.60
CA ARG UE 87 124.63 -14.22 15.57
C ARG UE 87 124.52 -13.30 16.77
N GLN UE 88 123.36 -13.29 17.40
CA GLN UE 88 123.13 -12.42 18.54
C GLN UE 88 122.77 -13.30 19.73
N ALA UE 89 123.66 -13.36 20.72
CA ALA UE 89 123.44 -14.15 21.91
C ALA UE 89 122.54 -13.38 22.86
N TYR UE 90 121.45 -13.99 23.29
CA TYR UE 90 120.55 -13.35 24.24
C TYR UE 90 120.58 -14.06 25.58
N ALA UE 91 120.96 -13.31 26.60
CA ALA UE 91 120.96 -13.82 27.97
C ALA UE 91 120.01 -12.93 28.77
N ASP UE 92 118.94 -13.53 29.29
CA ASP UE 92 117.92 -12.80 30.00
C ASP UE 92 117.70 -13.39 31.38
N VAL UE 93 117.61 -12.51 32.38
CA VAL UE 93 117.38 -12.90 33.77
C VAL UE 93 116.37 -11.95 34.36
N THR UE 94 115.41 -12.49 35.09
CA THR UE 94 114.39 -11.70 35.74
C THR UE 94 114.28 -12.09 37.21
N PHE UE 95 113.61 -11.24 37.97
CA PHE UE 95 113.37 -11.52 39.38
C PHE UE 95 112.00 -10.98 39.77
N SER UE 96 111.33 -11.72 40.63
CA SER UE 96 110.06 -11.29 41.17
C SER UE 96 110.15 -11.33 42.69
N PHE UE 97 109.51 -10.37 43.33
CA PHE UE 97 109.50 -10.32 44.78
C PHE UE 97 108.20 -9.69 45.25
N THR UE 98 107.89 -9.95 46.50
CA THR UE 98 106.68 -9.43 47.12
C THR UE 98 107.05 -8.27 48.03
N GLN UE 99 106.14 -7.32 48.13
CA GLN UE 99 106.38 -6.14 48.95
C GLN UE 99 106.88 -6.50 50.34
N TYR UE 100 106.53 -7.67 50.85
CA TYR UE 100 107.02 -8.09 52.15
C TYR UE 100 108.30 -8.91 52.05
N SER UE 101 108.86 -9.06 50.86
CA SER UE 101 110.08 -9.83 50.71
C SER UE 101 111.16 -9.27 51.61
N THR UE 102 111.90 -10.15 52.28
CA THR UE 102 112.92 -9.66 53.18
C THR UE 102 114.26 -9.59 52.46
N ASP UE 103 115.27 -9.12 53.19
CA ASP UE 103 116.59 -8.95 52.60
C ASP UE 103 117.25 -10.29 52.33
N GLU UE 104 117.42 -11.10 53.36
CA GLU UE 104 118.21 -12.31 53.22
C GLU UE 104 117.61 -13.25 52.19
N GLU UE 105 116.28 -13.36 52.17
CA GLU UE 105 115.62 -14.11 51.11
C GLU UE 105 116.16 -13.71 49.75
N ARG UE 106 116.11 -12.42 49.45
CA ARG UE 106 116.67 -11.95 48.20
C ARG UE 106 118.14 -12.31 48.10
N ALA UE 107 118.93 -11.91 49.10
CA ALA UE 107 120.34 -12.29 49.11
C ALA UE 107 120.51 -13.78 48.90
N PHE UE 108 119.70 -14.59 49.58
CA PHE UE 108 119.75 -16.03 49.36
C PHE UE 108 119.56 -16.37 47.89
N VAL UE 109 118.64 -15.70 47.22
CA VAL UE 109 118.42 -15.96 45.80
C VAL UE 109 119.66 -15.61 45.01
N ARG UE 110 120.27 -14.47 45.31
CA ARG UE 110 121.36 -14.00 44.46
C ARG UE 110 122.48 -15.01 44.39
N THR UE 111 123.02 -15.41 45.53
CA THR UE 111 124.15 -16.33 45.53
C THR UE 111 123.80 -17.63 44.83
N GLU UE 112 122.75 -18.32 45.28
CA GLU UE 112 122.45 -19.64 44.77
C GLU UE 112 122.38 -19.67 43.24
N LEU UE 113 121.79 -18.65 42.64
CA LEU UE 113 121.76 -18.61 41.18
C LEU UE 113 123.17 -18.65 40.63
N ALA UE 114 124.07 -17.84 41.21
CA ALA UE 114 125.46 -17.88 40.78
C ALA UE 114 126.04 -19.27 40.95
N ALA UE 115 125.90 -19.86 42.14
CA ALA UE 115 126.43 -21.18 42.37
C ALA UE 115 125.98 -22.17 41.30
N LEU UE 116 124.69 -22.15 40.97
CA LEU UE 116 124.22 -22.98 39.86
C LEU UE 116 125.02 -22.72 38.60
N LEU UE 117 125.24 -21.45 38.27
CA LEU UE 117 125.98 -21.15 37.07
C LEU UE 117 127.38 -21.74 37.10
N ALA UE 118 127.94 -21.91 38.30
CA ALA UE 118 129.21 -22.61 38.42
C ALA UE 118 129.02 -24.11 38.64
N SER UE 119 127.79 -24.56 38.85
CA SER UE 119 127.57 -25.97 39.07
C SER UE 119 127.90 -26.77 37.81
N PRO UE 120 128.43 -27.98 37.98
CA PRO UE 120 128.68 -28.84 36.82
C PRO UE 120 127.42 -29.20 36.07
N LEU UE 121 126.26 -29.05 36.69
CA LEU UE 121 125.03 -29.36 35.98
C LEU UE 121 124.83 -28.43 34.79
N LEU UE 122 124.75 -27.14 35.04
CA LEU UE 122 124.38 -26.21 33.98
C LEU UE 122 125.40 -26.14 32.86
N ILE UE 123 126.68 -26.37 33.15
CA ILE UE 123 127.68 -26.19 32.12
C ILE UE 123 127.39 -27.06 30.91
N ASP UE 124 127.10 -28.34 31.11
CA ASP UE 124 126.67 -29.18 30.02
C ASP UE 124 125.37 -28.70 29.42
N ALA UE 125 124.42 -28.32 30.26
CA ALA UE 125 123.19 -27.71 29.81
C ALA UE 125 123.45 -26.47 28.97
N ILE UE 126 124.29 -25.56 29.43
CA ILE UE 126 124.63 -24.36 28.69
C ILE UE 126 125.61 -24.65 27.56
N ASP UE 127 126.83 -25.04 27.91
CA ASP UE 127 127.87 -25.15 26.90
C ASP UE 127 127.55 -26.18 25.85
N GLN UE 128 127.26 -27.40 26.27
CA GLN UE 128 127.03 -28.48 25.34
C GLN UE 128 125.56 -28.70 25.01
N LEU UE 129 124.67 -27.85 25.51
CA LEU UE 129 123.25 -27.93 25.20
C LEU UE 129 122.71 -29.31 25.52
N ASN UE 130 122.75 -29.66 26.79
CA ASN UE 130 122.33 -31.01 27.11
C ASN UE 130 121.27 -30.98 28.18
N PRO UE 131 120.28 -31.82 28.07
CA PRO UE 131 119.30 -31.98 29.16
C PRO UE 131 119.93 -32.68 30.35
N ALA UE 132 119.09 -33.09 31.28
CA ALA UE 132 119.49 -33.41 32.65
C ALA UE 132 120.09 -34.81 32.78
N TYR UE 133 120.26 -35.52 31.68
CA TYR UE 133 120.76 -36.88 31.76
C TYR UE 133 122.24 -36.93 31.44
N ALA VE 2 129.13 13.00 28.97
CA ALA VE 2 129.47 13.12 30.37
C ALA VE 2 128.36 13.82 31.13
N LYS VE 3 128.64 14.19 32.38
CA LYS VE 3 127.67 14.81 33.26
C LYS VE 3 127.26 16.17 32.73
N LEU VE 4 125.97 16.46 32.86
CA LEU VE 4 125.47 17.81 32.65
C LEU VE 4 126.24 18.74 33.57
N GLU VE 5 126.77 19.82 33.01
CA GLU VE 5 127.52 20.78 33.79
C GLU VE 5 127.21 22.18 33.29
N THR VE 6 127.79 23.16 33.98
CA THR VE 6 127.77 24.52 33.49
C THR VE 6 128.61 24.52 32.22
N VAL VE 7 128.03 25.00 31.13
CA VAL VE 7 128.75 25.03 29.87
C VAL VE 7 129.02 26.48 29.51
N THR VE 8 130.27 26.89 29.60
CA THR VE 8 130.68 28.22 29.22
C THR VE 8 130.99 28.21 27.73
N LEU VE 9 130.64 29.29 27.04
CA LEU VE 9 130.91 29.42 25.63
C LEU VE 9 131.51 30.79 25.36
N GLY VE 10 132.70 30.79 24.75
CA GLY VE 10 133.33 32.02 24.31
C GLY VE 10 133.16 32.16 22.80
N ASN VE 11 133.55 33.32 22.31
CA ASN VE 11 133.59 33.59 20.87
C ASN VE 11 132.21 33.37 20.25
N ILE VE 12 131.29 34.26 20.59
CA ILE VE 12 129.89 34.13 20.22
C ILE VE 12 129.47 35.40 19.51
N GLY VE 13 128.51 35.28 18.60
CA GLY VE 13 127.98 36.41 17.89
C GLY VE 13 128.95 36.94 16.86
N LYS VE 14 128.42 37.84 16.03
CA LYS VE 14 129.23 38.45 14.98
C LYS VE 14 130.51 39.03 15.55
N ASP VE 15 130.44 39.60 16.75
CA ASP VE 15 131.64 40.09 17.41
C ASP VE 15 132.59 38.96 17.73
N GLY VE 16 132.10 37.89 18.35
CA GLY VE 16 132.98 36.89 18.90
C GLY VE 16 133.51 37.25 20.26
N LYS VE 17 133.12 38.41 20.79
CA LYS VE 17 133.43 38.73 22.18
C LYS VE 17 132.30 38.31 23.10
N GLN VE 18 131.18 37.89 22.53
CA GLN VE 18 130.05 37.43 23.31
C GLN VE 18 130.38 36.11 23.99
N THR VE 19 129.91 35.97 25.22
CA THR VE 19 130.08 34.74 25.98
C THR VE 19 128.75 34.31 26.55
N LEU VE 20 128.62 33.01 26.80
CA LEU VE 20 127.37 32.47 27.32
C LEU VE 20 127.66 31.29 28.21
N VAL VE 21 126.92 31.18 29.30
CA VAL VE 21 126.97 30.03 30.17
C VAL VE 21 125.61 29.34 30.14
N LEU VE 22 125.62 28.03 30.38
CA LEU VE 22 124.40 27.24 30.34
C LEU VE 22 124.34 26.35 31.57
N ASN VE 23 123.34 26.51 32.34
CA ASN VE 23 123.27 25.61 33.46
C ASN VE 23 122.50 24.36 33.09
N PRO VE 24 122.85 23.23 33.69
CA PRO VE 24 122.04 22.02 33.49
C PRO VE 24 120.64 22.22 34.03
N ARG VE 25 119.67 21.92 33.20
CA ARG VE 25 118.27 22.07 33.56
C ARG VE 25 117.63 20.76 34.00
N GLY VE 26 118.40 19.68 34.05
CA GLY VE 26 117.83 18.38 34.27
C GLY VE 26 117.42 17.74 32.96
N VAL VE 27 116.76 16.59 33.07
CA VAL VE 27 116.38 15.80 31.90
C VAL VE 27 114.92 15.42 32.03
N ASN VE 28 114.15 15.71 31.00
CA ASN VE 28 112.80 15.18 30.98
C ASN VE 28 112.85 13.70 30.69
N PRO VE 29 112.46 12.84 31.64
CA PRO VE 29 112.54 11.40 31.41
C PRO VE 29 111.55 10.90 30.40
N THR VE 30 110.40 11.55 30.25
CA THR VE 30 109.39 11.07 29.33
C THR VE 30 109.95 10.93 27.92
N ASN VE 31 110.22 12.05 27.28
CA ASN VE 31 110.89 12.02 25.99
C ASN VE 31 112.35 11.63 26.11
N GLY VE 32 112.90 11.58 27.32
CA GLY VE 32 114.30 11.28 27.49
C GLY VE 32 115.19 12.33 26.87
N VAL VE 33 115.00 13.59 27.22
CA VAL VE 33 115.72 14.70 26.61
C VAL VE 33 116.29 15.59 27.70
N ALA VE 34 117.58 15.86 27.60
CA ALA VE 34 118.24 16.79 28.49
C ALA VE 34 117.89 18.23 28.12
N SER VE 35 118.11 19.13 29.08
CA SER VE 35 117.83 20.54 28.86
C SER VE 35 118.94 21.37 29.49
N LEU VE 36 119.31 22.44 28.82
CA LEU VE 36 120.31 23.37 29.31
C LEU VE 36 119.77 24.79 29.14
N SER VE 37 120.19 25.69 30.02
CA SER VE 37 119.70 27.06 29.89
C SER VE 37 120.72 28.04 30.42
N GLN VE 38 120.72 29.21 29.81
CA GLN VE 38 121.27 30.39 30.44
C GLN VE 38 120.53 30.68 31.74
N ALA VE 39 121.24 31.24 32.71
CA ALA VE 39 120.57 31.71 33.92
C ALA VE 39 120.23 33.18 33.72
N GLY VE 40 118.94 33.41 33.50
CA GLY VE 40 118.41 34.76 33.40
C GLY VE 40 117.53 35.09 34.58
N ALA VE 41 116.61 36.02 34.34
CA ALA VE 41 115.57 36.29 35.32
C ALA VE 41 114.36 35.39 35.07
N VAL VE 42 113.70 35.56 33.95
CA VAL VE 42 112.48 34.82 33.65
C VAL VE 42 112.83 33.62 32.77
N PRO VE 43 112.56 32.40 33.24
CA PRO VE 43 112.82 31.22 32.42
C PRO VE 43 112.23 31.30 31.02
N ALA VE 44 111.01 31.80 30.88
CA ALA VE 44 110.44 32.04 29.56
C ALA VE 44 111.36 32.87 28.69
N LEU VE 45 112.05 33.85 29.27
CA LEU VE 45 113.01 34.65 28.52
C LEU VE 45 114.34 33.93 28.35
N GLU VE 46 114.69 33.03 29.25
CA GLU VE 46 116.02 32.45 29.27
C GLU VE 46 116.24 31.56 28.07
N LYS VE 47 117.47 31.60 27.55
CA LYS VE 47 117.83 30.82 26.38
C LYS VE 47 117.75 29.35 26.75
N ARG VE 48 117.36 28.52 25.80
CA ARG VE 48 117.24 27.09 26.07
C ARG VE 48 118.06 26.30 25.07
N VAL VE 49 118.62 25.18 25.54
CA VAL VE 49 119.38 24.27 24.70
C VAL VE 49 118.94 22.86 25.06
N THR VE 50 118.58 22.08 24.04
CA THR VE 50 118.06 20.73 24.23
C THR VE 50 118.87 19.76 23.42
N VAL VE 51 119.27 18.65 24.03
CA VAL VE 51 119.95 17.58 23.34
C VAL VE 51 119.26 16.28 23.69
N SER VE 52 119.36 15.32 22.78
CA SER VE 52 118.75 14.03 23.01
C SER VE 52 119.51 12.98 22.21
N VAL VE 53 119.48 11.75 22.72
CA VAL VE 53 119.98 10.61 21.99
C VAL VE 53 118.78 9.75 21.67
N SER VE 54 119.02 8.61 21.03
CA SER VE 54 117.95 7.69 20.70
C SER VE 54 118.56 6.31 20.52
N GLN VE 55 117.71 5.30 20.52
CA GLN VE 55 118.20 3.96 20.26
C GLN VE 55 117.26 3.25 19.31
N PRO VE 56 117.78 2.40 18.43
CA PRO VE 56 116.93 1.80 17.42
C PRO VE 56 115.89 0.89 18.03
N SER VE 57 114.70 0.93 17.45
CA SER VE 57 113.58 0.12 17.93
C SER VE 57 113.03 -0.67 16.76
N ARG VE 58 111.94 -1.38 16.99
CA ARG VE 58 111.21 -2.01 15.91
C ARG VE 58 110.69 -0.99 14.90
N ASN VE 59 110.52 0.26 15.32
CA ASN VE 59 110.09 1.32 14.42
C ASN VE 59 111.22 1.86 13.55
N ARG VE 60 112.43 1.97 14.09
CA ARG VE 60 113.55 2.50 13.33
C ARG VE 60 114.82 1.80 13.78
N LYS VE 61 115.68 1.49 12.82
CA LYS VE 61 116.93 0.79 13.07
C LYS VE 61 118.08 1.76 13.21
N ASN VE 62 117.79 3.05 13.17
CA ASN VE 62 118.83 4.06 13.11
C ASN VE 62 118.86 4.88 14.38
N TYR VE 63 120.04 5.37 14.72
CA TYR VE 63 120.17 6.29 15.85
C TYR VE 63 119.80 7.69 15.43
N LYS VE 64 119.10 8.40 16.31
CA LYS VE 64 118.78 9.80 16.10
C LYS VE 64 119.41 10.61 17.21
N VAL VE 65 120.06 11.70 16.85
CA VAL VE 65 120.57 12.66 17.81
C VAL VE 65 119.97 14.00 17.43
N GLN VE 66 119.13 14.52 18.31
CA GLN VE 66 118.39 15.74 18.05
C GLN VE 66 118.88 16.84 18.97
N VAL VE 67 119.13 18.01 18.41
CA VAL VE 67 119.55 19.18 19.17
C VAL VE 67 118.73 20.37 18.71
N LYS VE 68 118.03 20.99 19.63
CA LYS VE 68 117.23 22.16 19.34
C LYS VE 68 117.65 23.32 20.23
N ILE VE 69 117.59 24.52 19.69
CA ILE VE 69 117.96 25.73 20.40
C ILE VE 69 116.82 26.71 20.29
N GLN VE 70 116.47 27.33 21.41
CA GLN VE 70 115.35 28.25 21.49
C GLN VE 70 115.84 29.53 22.13
N ASN VE 71 115.80 30.63 21.36
CA ASN VE 71 116.31 31.93 21.81
C ASN VE 71 115.24 32.97 21.56
N PRO VE 72 114.41 33.26 22.55
CA PRO VE 72 113.34 34.25 22.35
C PRO VE 72 113.92 35.64 22.24
N THR VE 73 113.03 36.59 21.97
CA THR VE 73 113.37 37.99 21.90
C THR VE 73 112.54 38.75 22.93
N ALA VE 74 113.22 39.28 23.94
CA ALA VE 74 112.55 40.00 25.01
C ALA VE 74 112.12 41.37 24.51
N CYS VE 75 110.89 41.75 24.83
CA CYS VE 75 110.44 43.13 24.68
C CYS VE 75 110.48 43.73 26.08
N THR VE 76 111.47 44.59 26.32
CA THR VE 76 111.66 45.14 27.66
C THR VE 76 110.49 46.02 28.06
N ALA VE 77 110.22 47.05 27.26
CA ALA VE 77 109.09 47.92 27.51
C ALA VE 77 107.99 47.55 26.54
N ASN VE 78 106.94 46.90 27.06
CA ASN VE 78 105.73 46.64 26.31
C ASN VE 78 104.67 47.70 26.58
N GLY VE 79 105.01 48.73 27.34
CA GLY VE 79 103.99 49.56 27.94
C GLY VE 79 103.42 48.96 29.20
N SER VE 80 103.97 47.81 29.63
CA SER VE 80 103.51 47.11 30.82
C SER VE 80 104.73 46.86 31.71
N CYS VE 81 104.46 46.49 32.96
CA CYS VE 81 105.51 46.34 33.95
C CYS VE 81 106.39 45.13 33.72
N ASP VE 82 105.98 44.19 32.87
CA ASP VE 82 106.76 42.99 32.69
C ASP VE 82 107.15 42.81 31.23
N PRO VE 83 108.36 42.31 30.97
CA PRO VE 83 108.75 42.04 29.59
C PRO VE 83 107.94 40.89 29.02
N SER VE 84 107.94 40.80 27.70
CA SER VE 84 107.14 39.79 27.01
C SER VE 84 107.91 39.21 25.83
N VAL VE 85 107.64 37.95 25.55
CA VAL VE 85 108.24 37.26 24.42
C VAL VE 85 107.72 37.92 23.15
N THR VE 86 108.62 38.22 22.23
CA THR VE 86 108.21 38.80 20.96
C THR VE 86 108.43 37.82 19.82
N ARG VE 87 109.69 37.59 19.45
CA ARG VE 87 110.05 36.66 18.41
C ARG VE 87 110.76 35.47 19.05
N GLN VE 88 110.56 34.30 18.47
CA GLN VE 88 111.17 33.09 19.03
C GLN VE 88 112.05 32.48 17.95
N ALA VE 89 113.36 32.51 18.17
CA ALA VE 89 114.32 31.96 17.23
C ALA VE 89 114.40 30.45 17.42
N TYR VE 90 114.20 29.70 16.35
CA TYR VE 90 114.29 28.26 16.41
C TYR VE 90 115.49 27.75 15.64
N ALA VE 91 116.38 27.08 16.37
CA ALA VE 91 117.55 26.45 15.76
C ALA VE 91 117.46 24.97 16.03
N ASP VE 92 117.35 24.16 14.98
CA ASP VE 92 117.16 22.73 15.11
C ASP VE 92 118.24 21.99 14.32
N VAL VE 93 118.80 20.95 14.95
CA VAL VE 93 119.82 20.12 14.35
C VAL VE 93 119.52 18.68 14.69
N THR VE 94 119.62 17.81 13.71
CA THR VE 94 119.39 16.39 13.89
C THR VE 94 120.55 15.59 13.33
N PHE VE 95 120.59 14.32 13.71
CA PHE VE 95 121.60 13.41 13.19
C PHE VE 95 121.01 12.03 13.03
N SER VE 96 121.43 11.35 11.98
CA SER VE 96 121.03 9.98 11.75
C SER VE 96 122.28 9.14 11.58
N PHE VE 97 122.22 7.91 12.08
CA PHE VE 97 123.35 7.01 11.97
C PHE VE 97 122.83 5.59 11.90
N THR VE 98 123.67 4.71 11.39
CA THR VE 98 123.36 3.30 11.26
C THR VE 98 124.06 2.53 12.34
N GLN VE 99 123.43 1.45 12.78
CA GLN VE 99 123.99 0.64 13.84
C GLN VE 99 125.44 0.28 13.59
N TYR VE 100 125.85 0.20 12.33
CA TYR VE 100 127.25 -0.08 12.03
C TYR VE 100 128.08 1.19 11.87
N SER VE 101 127.51 2.36 12.12
CA SER VE 101 128.25 3.60 11.98
C SER VE 101 129.49 3.56 12.85
N THR VE 102 130.62 4.00 12.31
CA THR VE 102 131.84 3.96 13.09
C THR VE 102 132.04 5.27 13.82
N ASP VE 103 133.13 5.33 14.59
CA ASP VE 103 133.40 6.51 15.38
C ASP VE 103 133.83 7.67 14.51
N GLU VE 104 134.90 7.49 13.75
CA GLU VE 104 135.48 8.61 13.02
C GLU VE 104 134.50 9.21 12.04
N GLU VE 105 133.72 8.37 11.37
CA GLU VE 105 132.65 8.88 10.53
C GLU VE 105 131.82 9.90 11.28
N ARG VE 106 131.31 9.53 12.44
CA ARG VE 106 130.56 10.47 13.25
C ARG VE 106 131.41 11.68 13.58
N ALA VE 107 132.59 11.45 14.17
CA ALA VE 107 133.51 12.54 14.44
C ALA VE 107 133.72 13.40 13.21
N PHE VE 108 133.92 12.78 12.05
CA PHE VE 108 134.06 13.53 10.83
C PHE VE 108 132.85 14.43 10.60
N VAL VE 109 131.66 13.93 10.88
CA VAL VE 109 130.48 14.76 10.70
C VAL VE 109 130.50 15.95 11.64
N ARG VE 110 130.88 15.71 12.91
CA ARG VE 110 130.78 16.77 13.90
C ARG VE 110 131.58 17.99 13.49
N THR VE 111 132.86 17.83 13.24
CA THR VE 111 133.69 18.98 12.91
C THR VE 111 133.19 19.69 11.68
N GLU VE 112 133.05 18.99 10.56
CA GLU VE 112 132.71 19.65 9.30
C GLU VE 112 131.49 20.52 9.41
N LEU VE 113 130.47 20.08 10.13
CA LEU VE 113 129.31 20.93 10.33
C LEU VE 113 129.71 22.24 10.98
N ALA VE 114 130.54 22.17 12.02
CA ALA VE 114 131.03 23.40 12.63
C ALA VE 114 131.76 24.25 11.63
N ALA VE 115 132.73 23.68 10.92
CA ALA VE 115 133.48 24.44 9.93
C ALA VE 115 132.56 25.18 8.99
N LEU VE 116 131.53 24.50 8.48
CA LEU VE 116 130.55 25.20 7.66
C LEU VE 116 129.98 26.40 8.38
N LEU VE 117 129.60 26.23 9.64
CA LEU VE 117 129.03 27.35 10.38
C LEU VE 117 130.01 28.51 10.46
N ALA VE 118 131.30 28.25 10.42
CA ALA VE 118 132.29 29.31 10.32
C ALA VE 118 132.62 29.66 8.88
N SER VE 119 132.14 28.89 7.92
CA SER VE 119 132.45 29.18 6.53
C SER VE 119 131.82 30.49 6.11
N PRO VE 120 132.48 31.25 5.24
CA PRO VE 120 131.88 32.48 4.72
C PRO VE 120 130.62 32.24 3.92
N LEU VE 121 130.39 31.00 3.48
CA LEU VE 121 129.17 30.72 2.75
C LEU VE 121 127.94 30.94 3.62
N LEU VE 122 127.85 30.20 4.72
CA LEU VE 122 126.62 30.20 5.51
C LEU VE 122 126.33 31.55 6.14
N ILE VE 123 127.35 32.34 6.47
CA ILE VE 123 127.10 33.57 7.19
C ILE VE 123 126.15 34.47 6.41
N ASP VE 124 126.38 34.67 5.12
CA ASP VE 124 125.42 35.40 4.30
C ASP VE 124 124.10 34.67 4.24
N ALA VE 125 124.13 33.36 4.06
CA ALA VE 125 122.93 32.55 4.14
C ALA VE 125 122.19 32.74 5.44
N ILE VE 126 122.88 32.65 6.57
CA ILE VE 126 122.26 32.83 7.87
C ILE VE 126 122.02 34.30 8.16
N ASP VE 127 123.08 35.09 8.31
CA ASP VE 127 122.92 36.45 8.79
C ASP VE 127 122.09 37.29 7.84
N GLN VE 128 122.49 37.35 6.58
CA GLN VE 128 121.82 38.20 5.62
C GLN VE 128 120.74 37.49 4.82
N LEU VE 129 120.45 36.23 5.14
CA LEU VE 129 119.39 35.48 4.49
C LEU VE 129 119.57 35.49 2.97
N ASN VE 130 120.66 34.89 2.54
CA ASN VE 130 120.93 34.96 1.12
C ASN VE 130 121.13 33.57 0.55
N PRO VE 131 120.62 33.32 -0.62
CA PRO VE 131 120.93 32.07 -1.30
C PRO VE 131 122.37 32.04 -1.79
N ALA VE 132 122.68 31.08 -2.65
CA ALA VE 132 124.05 30.66 -2.90
C ALA VE 132 124.77 31.55 -3.90
N TYR VE 133 124.14 32.63 -4.34
CA TYR VE 133 124.75 33.48 -5.34
C TYR VE 133 125.39 34.70 -4.71
N ALA WE 2 120.47 17.97 40.55
CA ALA WE 2 121.59 17.12 40.17
C ALA WE 2 121.19 15.66 40.20
N LYS WE 3 122.17 14.77 40.08
CA LYS WE 3 121.93 13.35 40.02
C LYS WE 3 121.34 12.84 41.33
N LEU WE 4 120.41 11.91 41.20
CA LEU WE 4 119.95 11.14 42.34
C LEU WE 4 121.15 10.48 42.98
N GLU WE 5 121.28 10.63 44.29
CA GLU WE 5 122.39 10.04 45.00
C GLU WE 5 121.91 9.54 46.35
N THR WE 6 122.83 8.91 47.08
CA THR WE 6 122.58 8.59 48.47
C THR WE 6 122.49 9.92 49.19
N VAL WE 7 121.40 10.13 49.92
CA VAL WE 7 121.23 11.38 50.63
C VAL WE 7 121.30 11.07 52.12
N THR WE 8 122.38 11.50 52.76
CA THR WE 8 122.54 11.35 54.20
C THR WE 8 121.89 12.54 54.87
N LEU WE 9 121.26 12.32 56.01
CA LEU WE 9 120.64 13.38 56.77
C LEU WE 9 121.02 13.24 58.23
N GLY WE 10 121.61 14.29 58.79
CA GLY WE 10 121.90 14.36 60.19
C GLY WE 10 120.88 15.24 60.89
N ASN WE 11 120.95 15.23 62.22
CA ASN WE 11 120.13 16.11 63.05
C ASN WE 11 118.65 15.91 62.76
N ILE WE 12 118.16 14.75 63.17
CA ILE WE 12 116.81 14.32 62.84
C ILE WE 12 116.10 13.98 64.14
N GLY WE 13 114.79 14.14 64.16
CA GLY WE 13 113.98 13.80 65.31
C GLY WE 13 114.17 14.80 66.43
N LYS WE 14 113.30 14.65 67.43
CA LYS WE 14 113.35 15.52 68.59
C LYS WE 14 114.74 15.54 69.21
N ASP WE 15 115.42 14.40 69.19
CA ASP WE 15 116.79 14.35 69.66
C ASP WE 15 117.70 15.18 68.78
N GLY WE 16 117.63 15.00 67.47
CA GLY WE 16 118.62 15.58 66.59
C GLY WE 16 119.87 14.74 66.49
N LYS WE 17 119.92 13.61 67.18
CA LYS WE 17 121.01 12.66 66.98
C LYS WE 17 120.63 11.63 65.95
N GLN WE 18 119.37 11.61 65.52
CA GLN WE 18 118.91 10.68 64.51
C GLN WE 18 119.53 11.03 63.17
N THR WE 19 119.88 9.99 62.42
CA THR WE 19 120.42 10.14 61.08
C THR WE 19 119.66 9.23 60.12
N LEU WE 20 119.65 9.61 58.86
CA LEU WE 20 118.94 8.83 57.86
C LEU WE 20 119.64 8.94 56.53
N VAL WE 21 119.69 7.84 55.79
CA VAL WE 21 120.20 7.82 54.45
C VAL WE 21 119.07 7.43 53.51
N LEU WE 22 119.15 7.89 52.27
CA LEU WE 22 118.11 7.66 51.28
C LEU WE 22 118.77 7.19 49.99
N ASN WE 23 118.42 6.04 49.55
CA ASN WE 23 119.00 5.65 48.28
C ASN WE 23 118.10 6.09 47.14
N PRO WE 24 118.69 6.42 46.00
CA PRO WE 24 117.87 6.69 44.82
C PRO WE 24 117.08 5.47 44.41
N ARG WE 25 115.78 5.67 44.25
CA ARG WE 25 114.88 4.59 43.87
C ARG WE 25 114.58 4.57 42.38
N GLY WE 26 115.19 5.46 41.60
CA GLY WE 26 114.80 5.63 40.22
C GLY WE 26 113.66 6.62 40.10
N VAL WE 27 113.15 6.74 38.88
CA VAL WE 27 112.12 7.71 38.57
C VAL WE 27 110.99 7.03 37.81
N ASN WE 28 109.78 7.19 38.28
CA ASN WE 28 108.67 6.73 37.49
C ASN WE 28 108.46 7.65 36.31
N PRO WE 29 108.68 7.20 35.08
CA PRO WE 29 108.55 8.10 33.93
C PRO WE 29 107.13 8.50 33.64
N THR WE 30 106.15 7.67 34.00
CA THR WE 30 104.76 8.00 33.69
C THR WE 30 104.37 9.34 34.28
N ASN WE 31 104.26 9.40 35.59
CA ASN WE 31 104.02 10.67 36.27
C ASN WE 31 105.26 11.56 36.25
N GLY WE 32 106.41 11.04 35.85
CA GLY WE 32 107.62 11.82 35.88
C GLY WE 32 108.01 12.23 37.27
N VAL WE 33 108.12 11.27 38.18
CA VAL WE 33 108.38 11.56 39.59
C VAL WE 33 109.53 10.69 40.06
N ALA WE 34 110.52 11.32 40.68
CA ALA WE 34 111.62 10.60 41.30
C ALA WE 34 111.18 9.98 42.62
N SER WE 35 111.96 9.01 43.08
CA SER WE 35 111.68 8.35 44.33
C SER WE 35 112.97 8.10 45.08
N LEU WE 36 112.91 8.25 46.39
CA LEU WE 36 114.05 8.01 47.27
C LEU WE 36 113.58 7.16 48.43
N SER WE 37 114.48 6.35 48.97
CA SER WE 37 114.07 5.53 50.10
C SER WE 37 115.25 5.22 51.01
N GLN WE 38 114.94 5.08 52.29
CA GLN WE 38 115.81 4.38 53.20
C GLN WE 38 115.99 2.95 52.74
N ALA WE 39 117.16 2.39 53.01
CA ALA WE 39 117.37 0.97 52.76
C ALA WE 39 117.04 0.21 54.04
N GLY WE 40 115.89 -0.45 54.01
CA GLY WE 40 115.46 -1.30 55.09
C GLY WE 40 115.46 -2.75 54.68
N ALA WE 41 114.63 -3.53 55.35
CA ALA WE 41 114.38 -4.89 54.92
C ALA WE 41 113.23 -4.95 53.93
N VAL WE 42 112.03 -4.60 54.37
CA VAL WE 42 110.85 -4.70 53.53
C VAL WE 42 110.55 -3.34 52.93
N PRO WE 43 110.56 -3.22 51.60
CA PRO WE 43 110.24 -1.94 50.97
C PRO WE 43 108.94 -1.33 51.45
N ALA WE 44 107.88 -2.14 51.64
CA ALA WE 44 106.66 -1.65 52.25
C ALA WE 44 106.92 -0.95 53.57
N LEU WE 45 107.86 -1.43 54.37
CA LEU WE 45 108.23 -0.79 55.61
C LEU WE 45 109.14 0.40 55.39
N GLU WE 46 109.93 0.39 54.32
CA GLU WE 46 110.99 1.37 54.15
C GLU WE 46 110.41 2.75 53.91
N LYS WE 47 111.08 3.75 54.46
CA LYS WE 47 110.64 5.14 54.36
C LYS WE 47 110.74 5.54 52.90
N ARG WE 48 109.82 6.39 52.45
CA ARG WE 48 109.83 6.81 51.07
C ARG WE 48 109.86 8.33 50.97
N VAL WE 49 110.54 8.84 49.95
CA VAL WE 49 110.60 10.26 49.68
C VAL WE 49 110.39 10.46 48.20
N THR WE 50 109.48 11.35 47.84
CA THR WE 50 109.10 11.57 46.45
C THR WE 50 109.22 13.05 46.14
N VAL WE 51 109.87 13.36 45.01
CA VAL WE 51 109.96 14.72 44.52
C VAL WE 51 109.56 14.73 43.06
N SER WE 52 109.06 15.87 42.63
CA SER WE 52 108.65 16.01 41.25
C SER WE 52 108.74 17.47 40.84
N VAL WE 53 108.96 17.69 39.55
CA VAL WE 53 108.87 19.01 38.98
C VAL WE 53 107.68 19.00 38.04
N SER WE 54 107.45 20.12 37.37
CA SER WE 54 106.36 20.21 36.42
C SER WE 54 106.69 21.33 35.45
N GLN WE 55 105.96 21.37 34.34
CA GLN WE 55 106.14 22.44 33.40
C GLN WE 55 104.78 22.92 32.93
N PRO WE 56 104.64 24.22 32.68
CA PRO WE 56 103.33 24.76 32.34
C PRO WE 56 102.82 24.20 31.03
N SER WE 57 101.51 23.94 31.00
CA SER WE 57 100.87 23.40 29.81
C SER WE 57 99.70 24.30 29.46
N ARG WE 58 98.94 23.88 28.45
CA ARG WE 58 97.67 24.54 28.17
C ARG WE 58 96.70 24.47 29.33
N ASN WE 59 96.86 23.49 30.22
CA ASN WE 59 96.04 23.38 31.40
C ASN WE 59 96.45 24.33 32.52
N ARG WE 60 97.74 24.56 32.70
CA ARG WE 60 98.21 25.43 33.76
C ARG WE 60 99.47 26.13 33.28
N LYS WE 61 99.57 27.41 33.63
CA LYS WE 61 100.70 28.25 33.23
C LYS WE 61 101.75 28.31 34.31
N ASN WE 62 101.55 27.56 35.39
CA ASN WE 62 102.39 27.68 36.57
C ASN WE 62 103.20 26.43 36.76
N TYR WE 63 104.37 26.59 37.37
CA TYR WE 63 105.19 25.45 37.74
C TYR WE 63 104.70 24.86 39.05
N LYS WE 64 104.69 23.53 39.13
CA LYS WE 64 104.37 22.83 40.36
C LYS WE 64 105.58 22.01 40.77
N VAL WE 65 105.93 22.10 42.05
CA VAL WE 65 106.96 21.25 42.63
C VAL WE 65 106.31 20.54 43.80
N GLN WE 66 106.18 19.23 43.69
CA GLN WE 66 105.48 18.42 44.67
C GLN WE 66 106.47 17.52 45.39
N VAL WE 67 106.39 17.49 46.71
CA VAL WE 67 107.23 16.63 47.52
C VAL WE 67 106.35 15.94 48.55
N LYS WE 68 106.37 14.62 48.54
CA LYS WE 68 105.59 13.82 49.48
C LYS WE 68 106.51 12.89 50.24
N ILE WE 69 106.19 12.66 51.51
CA ILE WE 69 106.97 11.78 52.36
C ILE WE 69 106.03 10.77 52.98
N GLN WE 70 106.44 9.52 52.97
CA GLN WE 70 105.63 8.41 53.45
C GLN WE 70 106.46 7.61 54.46
N ASN WE 71 106.03 7.60 55.71
CA ASN WE 71 106.76 6.95 56.79
C ASN WE 71 105.79 6.04 57.55
N PRO WE 72 105.72 4.77 57.19
CA PRO WE 72 104.80 3.86 57.86
C PRO WE 72 105.26 3.58 59.28
N THR WE 73 104.43 2.82 59.99
CA THR WE 73 104.72 2.38 61.33
C THR WE 73 104.70 0.87 61.37
N ALA WE 74 105.86 0.28 61.59
CA ALA WE 74 106.00 -1.17 61.61
C ALA WE 74 105.42 -1.71 62.91
N CYS WE 75 104.63 -2.77 62.80
CA CYS WE 75 104.24 -3.57 63.95
C CYS WE 75 105.14 -4.80 63.92
N THR WE 76 106.11 -4.85 64.83
CA THR WE 76 107.08 -5.94 64.81
C THR WE 76 106.42 -7.28 65.13
N ALA WE 77 105.76 -7.36 66.28
CA ALA WE 77 105.05 -8.56 66.65
C ALA WE 77 103.57 -8.30 66.44
N ASN WE 78 103.03 -8.92 65.40
CA ASN WE 78 101.59 -8.92 65.17
C ASN WE 78 100.94 -10.19 65.71
N GLY WE 79 101.71 -11.04 66.40
CA GLY WE 79 101.28 -12.39 66.61
C GLY WE 79 101.55 -13.28 65.42
N SER WE 80 102.20 -12.74 64.40
CA SER WE 80 102.51 -13.46 63.17
C SER WE 80 104.00 -13.32 62.91
N CYS WE 81 104.51 -14.14 62.00
CA CYS WE 81 105.94 -14.19 61.73
C CYS WE 81 106.45 -12.97 60.99
N ASP WE 82 105.58 -12.16 60.42
CA ASP WE 82 106.04 -11.04 59.63
C ASP WE 82 105.48 -9.73 60.16
N PRO WE 83 106.27 -8.66 60.15
CA PRO WE 83 105.76 -7.36 60.58
C PRO WE 83 104.71 -6.86 59.59
N SER WE 84 103.93 -5.89 60.04
CA SER WE 84 102.84 -5.37 59.24
C SER WE 84 102.72 -3.86 59.41
N VAL WE 85 102.28 -3.20 58.34
CA VAL WE 85 102.05 -1.77 58.36
C VAL WE 85 100.92 -1.48 59.31
N THR WE 86 101.11 -0.50 60.19
CA THR WE 86 100.04 -0.12 61.11
C THR WE 86 99.50 1.26 60.77
N ARG WE 87 100.29 2.29 61.05
CA ARG WE 87 99.92 3.66 60.73
C ARG WE 87 100.81 4.16 59.63
N GLN WE 88 100.26 5.01 58.78
CA GLN WE 88 101.02 5.54 57.64
C GLN WE 88 101.06 7.05 57.78
N ALA WE 89 102.25 7.59 58.05
CA ALA WE 89 102.43 9.03 58.20
C ALA WE 89 102.54 9.65 56.81
N TYR WE 90 101.71 10.65 56.54
CA TYR WE 90 101.76 11.35 55.26
C TYR WE 90 102.25 12.78 55.45
N ALA WE 91 103.36 13.07 54.79
CA ALA WE 91 103.91 14.43 54.79
C ALA WE 91 103.94 14.89 53.35
N ASP WE 92 103.19 15.95 53.05
CA ASP WE 92 103.05 16.45 51.69
C ASP WE 92 103.41 17.93 51.63
N VAL WE 93 104.19 18.30 50.62
CA VAL WE 93 104.63 19.66 50.39
C VAL WE 93 104.51 19.95 48.92
N THR WE 94 103.97 21.11 48.57
CA THR WE 94 103.84 21.53 47.19
C THR WE 94 104.40 22.93 47.02
N PHE WE 95 104.60 23.30 45.76
CA PHE WE 95 105.08 24.63 45.43
C PHE WE 95 104.43 25.09 44.14
N SER WE 96 104.12 26.37 44.08
CA SER WE 96 103.60 26.98 42.87
C SER WE 96 104.46 28.17 42.52
N PHE WE 97 104.67 28.38 41.23
CA PHE WE 97 105.46 29.50 40.77
C PHE WE 97 104.95 29.95 39.41
N THR WE 98 105.28 31.18 39.07
CA THR WE 98 104.88 31.77 37.81
C THR WE 98 106.07 31.76 36.87
N GLN WE 99 105.77 31.64 35.58
CA GLN WE 99 106.81 31.59 34.58
C GLN WE 99 107.81 32.73 34.74
N TYR WE 100 107.39 33.86 35.29
CA TYR WE 100 108.31 34.96 35.53
C TYR WE 100 108.95 34.91 36.91
N SER WE 101 108.68 33.86 37.69
CA SER WE 101 109.25 33.77 39.02
C SER WE 101 110.77 33.85 38.95
N THR WE 102 111.37 34.63 39.85
CA THR WE 102 112.81 34.77 39.80
C THR WE 102 113.47 33.74 40.71
N ASP WE 103 114.80 33.76 40.71
CA ASP WE 103 115.54 32.79 41.50
C ASP WE 103 115.43 33.07 42.98
N GLU WE 104 115.82 34.27 43.41
CA GLU WE 104 115.90 34.54 44.83
C GLU WE 104 114.55 34.40 45.51
N GLU WE 105 113.49 34.86 44.85
CA GLU WE 105 112.15 34.62 45.36
C GLU WE 105 111.97 33.15 45.74
N ARG WE 106 112.25 32.26 44.80
CA ARG WE 106 112.17 30.84 45.11
C ARG WE 106 113.10 30.49 46.26
N ALA WE 107 114.38 30.83 46.11
CA ALA WE 107 115.33 30.62 47.19
C ALA WE 107 114.80 31.16 48.51
N PHE WE 108 114.26 32.38 48.48
CA PHE WE 108 113.65 32.94 49.68
C PHE WE 108 112.60 32.02 50.26
N VAL WE 109 111.78 31.41 49.40
CA VAL WE 109 110.77 30.50 49.90
C VAL WE 109 111.40 29.29 50.56
N ARG WE 110 112.44 28.75 49.93
CA ARG WE 110 112.99 27.49 50.43
C ARG WE 110 113.44 27.62 51.88
N THR WE 111 114.33 28.57 52.16
CA THR WE 111 114.85 28.69 53.51
C THR WE 111 113.74 28.92 54.52
N GLU WE 112 112.93 29.97 54.33
CA GLU WE 112 111.95 30.35 55.33
C GLU WE 112 111.07 29.17 55.73
N LEU WE 113 110.65 28.35 54.78
CA LEU WE 113 109.88 27.17 55.16
C LEU WE 113 110.65 26.32 56.14
N ALA WE 114 111.92 26.08 55.87
CA ALA WE 114 112.74 25.33 56.81
C ALA WE 114 112.78 26.01 58.16
N ALA WE 115 113.10 27.30 58.19
CA ALA WE 115 113.14 28.02 59.46
C ALA WE 115 111.87 27.82 60.26
N LEU WE 116 110.72 27.94 59.62
CA LEU WE 116 109.46 27.65 60.30
C LEU WE 116 109.49 26.27 60.91
N LEU WE 117 109.94 25.27 60.16
CA LEU WE 117 109.97 23.92 60.70
C LEU WE 117 110.84 23.83 61.93
N ALA WE 118 111.85 24.69 62.04
CA ALA WE 118 112.63 24.77 63.26
C ALA WE 118 112.06 25.78 64.25
N SER WE 119 111.07 26.56 63.85
CA SER WE 119 110.50 27.55 64.75
C SER WE 119 109.80 26.87 65.91
N PRO WE 120 109.85 27.47 67.10
CA PRO WE 120 109.11 26.91 68.23
C PRO WE 120 107.62 26.90 68.02
N LEU WE 121 107.11 27.68 67.06
CA LEU WE 121 105.69 27.65 66.79
C LEU WE 121 105.23 26.29 66.32
N LEU WE 122 105.77 25.83 65.20
CA LEU WE 122 105.26 24.63 64.58
C LEU WE 122 105.45 23.38 65.42
N ILE WE 123 106.51 23.33 66.24
CA ILE WE 123 106.79 22.11 66.96
C ILE WE 123 105.60 21.70 67.82
N ASP WE 124 105.03 22.62 68.59
CA ASP WE 124 103.80 22.32 69.31
C ASP WE 124 102.66 22.00 68.37
N ALA WE 125 102.53 22.77 67.30
CA ALA WE 125 101.57 22.46 66.25
C ALA WE 125 101.77 21.06 65.69
N ILE WE 126 102.98 20.70 65.33
CA ILE WE 126 103.29 19.38 64.80
C ILE WE 126 103.31 18.34 65.91
N ASP WE 127 104.29 18.43 66.81
CA ASP WE 127 104.51 17.37 67.76
C ASP WE 127 103.32 17.17 68.68
N GLN WE 128 102.89 18.23 69.34
CA GLN WE 128 101.81 18.13 70.31
C GLN WE 128 100.45 18.43 69.74
N LEU WE 129 100.35 18.66 68.43
CA LEU WE 129 99.07 18.90 67.77
C LEU WE 129 98.32 20.05 68.45
N ASN WE 130 98.91 21.22 68.38
CA ASN WE 130 98.28 22.31 69.08
C ASN WE 130 98.05 23.48 68.14
N PRO WE 131 96.93 24.14 68.27
CA PRO WE 131 96.72 25.38 67.53
C PRO WE 131 97.58 26.50 68.08
N ALA WE 132 97.28 27.72 67.66
CA ALA WE 132 98.21 28.84 67.75
C ALA WE 132 98.24 29.49 69.12
N TYR WE 133 97.52 28.94 70.08
CA TYR WE 133 97.44 29.56 71.40
C TYR WE 133 98.38 28.88 72.36
N ALA XE 2 -121.69 36.96 -40.04
CA ALA XE 2 -122.35 38.24 -39.85
C ALA XE 2 -122.41 38.60 -38.38
N LYS XE 3 -123.17 39.63 -38.06
CA LYS XE 3 -123.29 40.14 -36.71
C LYS XE 3 -123.93 39.10 -35.80
N LEU XE 4 -123.41 39.03 -34.58
CA LEU XE 4 -124.08 38.29 -33.52
C LEU XE 4 -125.48 38.83 -33.36
N GLU XE 5 -126.47 37.95 -33.37
CA GLU XE 5 -127.85 38.37 -33.24
C GLU XE 5 -128.60 37.37 -32.37
N THR XE 6 -129.86 37.67 -32.12
CA THR XE 6 -130.75 36.70 -31.51
C THR XE 6 -130.92 35.60 -32.53
N VAL XE 7 -130.65 34.37 -32.12
CA VAL XE 7 -130.78 33.24 -33.04
C VAL XE 7 -131.94 32.39 -32.57
N THR XE 8 -133.03 32.41 -33.33
CA THR XE 8 -134.18 31.58 -33.05
C THR XE 8 -133.98 30.23 -33.72
N LEU XE 9 -134.40 29.17 -33.05
CA LEU XE 9 -134.30 27.84 -33.59
C LEU XE 9 -135.62 27.12 -33.42
N GLY XE 10 -136.18 26.64 -34.53
CA GLY XE 10 -137.37 25.81 -34.50
C GLY XE 10 -136.99 24.36 -34.72
N ASN XE 11 -137.98 23.49 -34.54
CA ASN XE 11 -137.83 22.07 -34.82
C ASN XE 11 -136.67 21.48 -34.03
N ILE XE 12 -136.88 21.39 -32.72
CA ILE XE 12 -135.84 21.00 -31.79
C ILE XE 12 -136.36 19.82 -30.98
N GLY XE 13 -135.46 18.97 -30.53
CA GLY XE 13 -135.81 17.84 -29.69
C GLY XE 13 -136.51 16.76 -30.48
N LYS XE 14 -136.66 15.62 -29.81
CA LYS XE 14 -137.34 14.48 -30.42
C LYS XE 14 -138.71 14.87 -30.97
N ASP XE 15 -139.40 15.77 -30.26
CA ASP XE 15 -140.67 16.28 -30.77
C ASP XE 15 -140.46 17.08 -32.05
N GLY XE 16 -139.52 18.02 -32.04
CA GLY XE 16 -139.44 18.95 -33.14
C GLY XE 16 -140.39 20.12 -32.97
N LYS XE 17 -141.16 20.15 -31.89
CA LYS XE 17 -141.95 21.33 -31.58
C LYS XE 17 -141.19 22.25 -30.65
N GLN XE 18 -140.05 21.80 -30.14
CA GLN XE 18 -139.22 22.62 -29.27
C GLN XE 18 -138.61 23.76 -30.05
N THR XE 19 -138.53 24.91 -29.41
CA THR XE 19 -137.92 26.10 -29.99
C THR XE 19 -136.93 26.69 -28.99
N LEU XE 20 -135.94 27.40 -29.52
CA LEU XE 20 -134.92 27.98 -28.67
C LEU XE 20 -134.42 29.27 -29.28
N VAL XE 21 -134.17 30.27 -28.44
CA VAL XE 21 -133.57 31.51 -28.86
C VAL XE 21 -132.23 31.64 -28.15
N LEU XE 22 -131.30 32.35 -28.78
CA LEU XE 22 -129.96 32.52 -28.26
C LEU XE 22 -129.57 33.99 -28.35
N ASN XE 23 -129.28 34.56 -27.24
CA ASN XE 23 -128.86 35.93 -27.35
C ASN XE 23 -127.34 36.01 -27.51
N PRO XE 24 -126.86 37.01 -28.23
CA PRO XE 24 -125.42 37.23 -28.29
C PRO XE 24 -124.87 37.55 -26.92
N ARG XE 25 -123.84 36.81 -26.54
CA ARG XE 25 -123.20 36.98 -25.24
C ARG XE 25 -121.94 37.84 -25.32
N GLY XE 26 -121.61 38.35 -26.49
CA GLY XE 26 -120.32 39.00 -26.68
C GLY XE 26 -119.26 38.00 -27.06
N VAL XE 27 -118.03 38.48 -27.14
CA VAL XE 27 -116.90 37.68 -27.58
C VAL XE 27 -115.76 37.84 -26.59
N ASN XE 28 -115.25 36.71 -26.10
CA ASN XE 28 -114.03 36.79 -25.33
C ASN XE 28 -112.87 37.09 -26.24
N PRO XE 29 -112.24 38.26 -26.11
CA PRO XE 29 -111.14 38.60 -27.02
C PRO XE 29 -109.88 37.78 -26.79
N THR XE 30 -109.66 37.31 -25.57
CA THR XE 30 -108.44 36.57 -25.28
C THR XE 30 -108.32 35.37 -26.20
N ASN XE 31 -109.16 34.36 -26.00
CA ASN XE 31 -109.21 33.23 -26.91
C ASN XE 31 -109.82 33.60 -28.25
N GLY XE 32 -110.42 34.78 -28.36
CA GLY XE 32 -111.09 35.15 -29.59
C GLY XE 32 -112.25 34.24 -29.91
N VAL XE 33 -113.19 34.09 -28.98
CA VAL XE 33 -114.28 33.15 -29.14
C VAL XE 33 -115.58 33.87 -28.80
N ALA XE 34 -116.55 33.77 -29.71
CA ALA XE 34 -117.88 34.29 -29.48
C ALA XE 34 -118.66 33.38 -28.53
N SER XE 35 -119.72 33.95 -27.96
CA SER XE 35 -120.56 33.19 -27.05
C SER XE 35 -122.01 33.54 -27.30
N LEU XE 36 -122.87 32.54 -27.22
CA LEU XE 36 -124.31 32.73 -27.36
C LEU XE 36 -125.01 31.99 -26.24
N SER XE 37 -126.17 32.50 -25.84
CA SER XE 37 -126.87 31.82 -24.76
C SER XE 37 -128.37 32.02 -24.88
N GLN XE 38 -129.10 31.02 -24.42
CA GLN XE 38 -130.48 31.20 -24.06
C GLN XE 38 -130.59 32.23 -22.95
N ALA XE 39 -131.69 32.97 -22.93
CA ALA XE 39 -131.96 33.86 -21.81
C ALA XE 39 -132.81 33.11 -20.80
N GLY XE 40 -132.16 32.72 -19.71
CA GLY XE 40 -132.83 32.08 -18.60
C GLY XE 40 -132.85 32.98 -17.38
N ALA XE 41 -132.94 32.34 -16.23
CA ALA XE 41 -132.77 33.06 -14.97
C ALA XE 41 -131.30 33.09 -14.57
N VAL XE 42 -130.74 31.92 -14.27
CA VAL XE 42 -129.37 31.84 -13.77
C VAL XE 42 -128.44 31.52 -14.95
N PRO XE 43 -127.48 32.38 -15.25
CA PRO XE 43 -126.53 32.09 -16.33
C PRO XE 43 -125.88 30.73 -16.21
N ALA XE 44 -125.48 30.31 -15.01
CA ALA XE 44 -124.99 28.97 -14.80
C ALA XE 44 -125.94 27.92 -15.33
N LEU XE 45 -127.24 28.13 -15.19
CA LEU XE 45 -128.23 27.21 -15.74
C LEU XE 45 -128.44 27.41 -17.23
N GLU XE 46 -128.20 28.62 -17.74
CA GLU XE 46 -128.58 28.95 -19.09
C GLU XE 46 -127.72 28.19 -20.09
N LYS XE 47 -128.35 27.79 -21.19
CA LYS XE 47 -127.68 27.03 -22.23
C LYS XE 47 -126.62 27.92 -22.85
N ARG XE 48 -125.50 27.33 -23.25
CA ARG XE 48 -124.43 28.11 -23.86
C ARG XE 48 -124.06 27.55 -25.21
N VAL XE 49 -123.68 28.45 -26.12
CA VAL XE 49 -123.22 28.06 -27.45
C VAL XE 49 -121.99 28.89 -27.76
N THR XE 50 -120.92 28.22 -28.18
CA THR XE 50 -119.64 28.86 -28.43
C THR XE 50 -119.17 28.53 -29.83
N VAL XE 51 -118.75 29.55 -30.56
CA VAL XE 51 -118.16 29.37 -31.88
C VAL XE 51 -116.85 30.14 -31.93
N SER XE 52 -115.96 29.66 -32.78
CA SER XE 52 -114.68 30.30 -32.93
C SER XE 52 -114.13 30.03 -34.31
N VAL XE 53 -113.32 30.96 -34.80
CA VAL XE 53 -112.56 30.74 -36.02
C VAL XE 53 -111.11 30.68 -35.62
N SER XE 54 -110.23 30.54 -36.60
CA SER XE 54 -108.80 30.50 -36.35
C SER XE 54 -108.09 30.90 -37.63
N GLN XE 55 -106.81 31.21 -37.49
CA GLN XE 55 -106.03 31.52 -38.67
C GLN XE 55 -104.68 30.84 -38.55
N PRO XE 56 -104.12 30.38 -39.68
CA PRO XE 56 -102.89 29.60 -39.62
C PRO XE 56 -101.74 30.44 -39.10
N SER XE 57 -100.90 29.80 -38.30
CA SER XE 57 -99.74 30.46 -37.71
C SER XE 57 -98.51 29.63 -38.03
N ARG XE 58 -97.37 30.05 -37.47
CA ARG XE 58 -96.18 29.22 -37.53
C ARG XE 58 -96.37 27.87 -36.86
N ASN XE 59 -97.32 27.77 -35.93
CA ASN XE 59 -97.63 26.51 -35.28
C ASN XE 59 -98.50 25.60 -36.13
N ARG XE 60 -99.44 26.14 -36.88
CA ARG XE 60 -100.33 25.32 -37.70
C ARG XE 60 -100.68 26.10 -38.96
N LYS XE 61 -100.72 25.39 -40.08
CA LYS XE 61 -101.00 25.98 -41.38
C LYS XE 61 -102.47 25.83 -41.74
N ASN XE 62 -103.26 25.28 -40.82
CA ASN XE 62 -104.62 24.92 -41.13
C ASN XE 62 -105.58 25.79 -40.36
N TYR XE 63 -106.77 26.00 -40.93
CA TYR XE 63 -107.82 26.71 -40.23
C TYR XE 63 -108.55 25.76 -39.30
N LYS XE 64 -108.90 26.25 -38.12
CA LYS XE 64 -109.70 25.52 -37.16
C LYS XE 64 -110.98 26.29 -36.91
N VAL XE 65 -112.10 25.59 -36.96
CA VAL XE 65 -113.39 26.15 -36.57
C VAL XE 65 -113.94 25.26 -35.48
N GLN XE 66 -114.06 25.81 -34.28
CA GLN XE 66 -114.47 25.05 -33.11
C GLN XE 66 -115.83 25.54 -32.66
N VAL XE 67 -116.71 24.58 -32.38
CA VAL XE 67 -118.05 24.88 -31.88
C VAL XE 67 -118.33 23.95 -30.72
N LYS XE 68 -118.64 24.51 -29.57
CA LYS XE 68 -118.94 23.74 -28.38
C LYS XE 68 -120.30 24.16 -27.85
N ILE XE 69 -121.04 23.20 -27.31
CA ILE XE 69 -122.36 23.44 -26.75
C ILE XE 69 -122.39 22.89 -25.34
N GLN XE 70 -122.93 23.66 -24.43
CA GLN XE 70 -122.97 23.31 -23.02
C GLN XE 70 -124.40 23.45 -22.53
N ASN XE 71 -125.01 22.33 -22.14
CA ASN XE 71 -126.41 22.29 -21.72
C ASN XE 71 -126.49 21.58 -20.38
N PRO XE 72 -126.47 22.32 -19.28
CA PRO XE 72 -126.52 21.70 -17.96
C PRO XE 72 -127.90 21.10 -17.70
N THR XE 73 -128.01 20.45 -16.56
CA THR XE 73 -129.26 19.87 -16.09
C THR XE 73 -129.59 20.48 -14.75
N ALA XE 74 -130.66 21.26 -14.71
CA ALA XE 74 -131.08 21.93 -13.49
C ALA XE 74 -131.74 20.92 -12.56
N CYS XE 75 -131.35 20.98 -11.28
CA CYS XE 75 -132.09 20.28 -10.24
C CYS XE 75 -132.92 21.36 -9.55
N THR XE 76 -134.23 21.33 -9.80
CA THR XE 76 -135.12 22.37 -9.29
C THR XE 76 -135.18 22.33 -7.76
N ALA XE 77 -135.59 21.18 -7.23
CA ALA XE 77 -135.63 21.01 -5.78
C ALA XE 77 -134.43 20.16 -5.38
N ASN XE 78 -133.46 20.82 -4.75
CA ASN XE 78 -132.34 20.13 -4.14
C ASN XE 78 -132.56 19.90 -2.65
N GLY XE 79 -133.74 20.24 -2.15
CA GLY XE 79 -133.91 20.41 -0.73
C GLY XE 79 -133.44 21.75 -0.24
N SER XE 80 -133.02 22.62 -1.17
CA SER XE 80 -132.52 23.95 -0.86
C SER XE 80 -133.30 24.95 -1.69
N CYS XE 81 -133.18 26.22 -1.34
CA CYS XE 81 -133.95 27.28 -1.96
C CYS XE 81 -133.51 27.58 -3.39
N ASP XE 82 -132.34 27.12 -3.81
CA ASP XE 82 -131.85 27.46 -5.12
C ASP XE 82 -131.57 26.21 -5.94
N PRO XE 83 -131.85 26.25 -7.23
CA PRO XE 83 -131.53 25.10 -8.08
C PRO XE 83 -130.03 24.95 -8.21
N SER XE 84 -129.61 23.76 -8.64
CA SER XE 84 -128.19 23.45 -8.74
C SER XE 84 -127.91 22.63 -9.99
N VAL XE 85 -126.72 22.84 -10.53
CA VAL XE 85 -126.26 22.08 -11.69
C VAL XE 85 -126.12 20.63 -11.29
N THR XE 86 -126.66 19.73 -12.11
CA THR XE 86 -126.51 18.31 -11.83
C THR XE 86 -125.60 17.64 -12.86
N ARG XE 87 -126.10 17.48 -14.07
CA ARG XE 87 -125.34 16.91 -15.16
C ARG XE 87 -125.04 17.99 -16.18
N GLN XE 88 -123.87 17.89 -16.81
CA GLN XE 88 -123.48 18.90 -17.79
C GLN XE 88 -123.27 18.20 -19.13
N ALA XE 89 -124.14 18.48 -20.08
CA ALA XE 89 -124.05 17.89 -21.40
C ALA XE 89 -123.01 18.65 -22.22
N TYR XE 90 -122.05 17.92 -22.77
CA TYR XE 90 -121.03 18.52 -23.60
C TYR XE 90 -121.17 18.10 -25.05
N ALA XE 91 -121.38 19.09 -25.92
CA ALA XE 91 -121.46 18.84 -27.34
C ALA XE 91 -120.35 19.66 -28.00
N ASP XE 92 -119.41 18.97 -28.63
CA ASP XE 92 -118.24 19.62 -29.22
C ASP XE 92 -118.12 19.26 -30.69
N VAL XE 93 -117.85 20.26 -31.51
CA VAL XE 93 -117.68 20.10 -32.95
C VAL XE 93 -116.49 20.93 -33.38
N THR XE 94 -115.64 20.35 -34.21
CA THR XE 94 -114.48 21.05 -34.74
C THR XE 94 -114.42 20.91 -36.25
N PHE XE 95 -113.59 21.74 -36.86
CA PHE XE 95 -113.38 21.69 -38.29
C PHE XE 95 -111.94 22.01 -38.60
N SER XE 96 -111.41 21.33 -39.60
CA SER XE 96 -110.07 21.60 -40.09
C SER XE 96 -110.14 21.86 -41.58
N PHE XE 97 -109.31 22.78 -42.05
CA PHE XE 97 -109.27 23.08 -43.47
C PHE XE 97 -107.87 23.52 -43.84
N THR XE 98 -107.59 23.44 -45.12
CA THR XE 98 -106.29 23.82 -45.66
C THR XE 98 -106.42 25.17 -46.32
N GLN XE 99 -105.34 25.94 -46.28
CA GLN XE 99 -105.33 27.27 -46.86
C GLN XE 99 -105.87 27.27 -48.28
N TYR XE 100 -105.73 26.17 -49.00
CA TYR XE 100 -106.29 26.11 -50.35
C TYR XE 100 -107.71 25.54 -50.37
N SER XE 101 -108.30 25.28 -49.22
CA SER XE 101 -109.66 24.74 -49.18
C SER XE 101 -110.60 25.65 -49.95
N THR XE 102 -111.47 25.07 -50.76
CA THR XE 102 -112.37 25.90 -51.54
C THR XE 102 -113.67 26.10 -50.79
N ASP XE 103 -114.56 26.87 -51.40
CA ASP XE 103 -115.83 27.18 -50.77
C ASP XE 103 -116.75 25.97 -50.72
N GLU XE 104 -117.05 25.40 -51.90
CA GLU XE 104 -118.06 24.36 -51.95
C GLU XE 104 -117.67 23.15 -51.13
N GLU XE 105 -116.38 22.80 -51.14
CA GLU XE 105 -115.90 21.75 -50.26
C GLU XE 105 -116.37 21.98 -48.84
N ARG XE 106 -116.08 23.17 -48.30
CA ARG XE 106 -116.56 23.51 -46.98
C ARG XE 106 -118.07 23.43 -46.92
N ALA XE 107 -118.76 24.13 -47.81
CA ALA XE 107 -120.21 24.04 -47.88
C ALA XE 107 -120.67 22.60 -47.92
N PHE XE 108 -120.02 21.78 -48.76
CA PHE XE 108 -120.35 20.37 -48.80
C PHE XE 108 -120.25 19.74 -47.43
N VAL XE 109 -119.22 20.09 -46.66
CA VAL XE 109 -119.08 19.53 -45.33
C VAL XE 109 -120.25 19.96 -44.44
N ARG XE 110 -120.62 21.23 -44.52
CA ARG XE 110 -121.62 21.75 -43.58
C ARG XE 110 -122.91 20.97 -43.68
N THR XE 111 -123.50 20.90 -44.87
CA THR XE 111 -124.78 20.22 -45.00
C THR XE 111 -124.71 18.77 -44.56
N GLU XE 112 -123.80 18.00 -45.15
CA GLU XE 112 -123.77 16.56 -44.88
C GLU XE 112 -123.71 16.25 -43.41
N LEU XE 113 -122.96 17.01 -42.63
CA LEU XE 113 -122.95 16.78 -41.19
C LEU XE 113 -124.35 16.91 -40.63
N ALA XE 114 -125.07 17.97 -41.04
CA ALA XE 114 -126.44 18.11 -40.59
C ALA XE 114 -127.29 16.92 -41.00
N ALA XE 115 -127.23 16.55 -42.28
CA ALA XE 115 -128.01 15.40 -42.74
C ALA XE 115 -127.77 14.18 -41.87
N LEU XE 116 -126.51 13.89 -41.57
CA LEU XE 116 -126.23 12.80 -40.64
C LEU XE 116 -126.97 12.97 -39.34
N LEU XE 117 -126.95 14.17 -38.78
CA LEU XE 117 -127.65 14.39 -37.52
C LEU XE 117 -129.13 14.10 -37.64
N ALA XE 118 -129.70 14.25 -38.83
CA ALA XE 118 -131.06 13.84 -39.07
C ALA XE 118 -131.16 12.40 -39.55
N SER XE 119 -130.04 11.77 -39.86
CA SER XE 119 -130.09 10.40 -40.34
C SER XE 119 -130.58 9.47 -39.25
N PRO XE 120 -131.34 8.43 -39.62
CA PRO XE 120 -131.77 7.44 -38.63
C PRO XE 120 -130.62 6.71 -37.98
N LEU XE 121 -129.44 6.75 -38.59
CA LEU XE 121 -128.30 6.09 -37.97
C LEU XE 121 -127.95 6.73 -36.64
N LEU XE 122 -127.62 8.01 -36.64
CA LEU XE 122 -127.10 8.63 -35.44
C LEU XE 122 -128.09 8.69 -34.31
N ILE XE 123 -129.38 8.78 -34.61
CA ILE XE 123 -130.36 8.96 -33.54
C ILE XE 123 -130.27 7.84 -32.52
N ASP XE 124 -130.22 6.58 -32.97
CA ASP XE 124 -129.97 5.49 -32.04
C ASP XE 124 -128.61 5.59 -31.39
N ALA XE 125 -127.60 5.94 -32.18
CA ALA XE 125 -126.28 6.21 -31.63
C ALA XE 125 -126.32 7.30 -30.58
N ILE XE 126 -126.96 8.43 -30.85
CA ILE XE 126 -127.07 9.51 -29.91
C ILE XE 126 -128.10 9.21 -28.83
N ASP XE 127 -129.36 9.13 -29.22
CA ASP XE 127 -130.43 9.05 -28.22
C ASP XE 127 -130.33 7.79 -27.38
N GLN XE 128 -130.27 6.64 -28.02
CA GLN XE 128 -130.27 5.38 -27.30
C GLN XE 128 -128.88 4.84 -27.04
N LEU XE 129 -127.83 5.58 -27.41
CA LEU XE 129 -126.45 5.17 -27.15
C LEU XE 129 -126.19 3.79 -27.72
N ASN XE 130 -126.28 3.69 -29.02
CA ASN XE 130 -126.11 2.38 -29.60
C ASN XE 130 -125.04 2.39 -30.67
N PRO XE 131 -124.24 1.37 -30.73
CA PRO XE 131 -123.30 1.23 -31.84
C PRO XE 131 -124.02 0.89 -33.12
N ALA XE 132 -123.27 0.49 -34.14
CA ALA XE 132 -123.70 0.51 -35.52
C ALA XE 132 -124.55 -0.69 -35.90
N TYR XE 133 -124.88 -1.54 -34.95
CA TYR XE 133 -125.61 -2.75 -35.26
C TYR XE 133 -127.09 -2.58 -34.94
N ALA YE 2 -123.71 46.36 -23.28
CA ALA YE 2 -123.97 46.81 -24.64
C ALA YE 2 -122.73 47.39 -25.28
N LYS YE 3 -122.90 48.02 -26.43
CA LYS YE 3 -121.79 48.58 -27.19
C LYS YE 3 -121.13 49.70 -26.42
N LEU YE 4 -119.81 49.74 -26.52
CA LEU YE 4 -119.05 50.90 -26.08
C LEU YE 4 -119.58 52.12 -26.80
N GLU YE 5 -119.89 53.16 -26.04
CA GLU YE 5 -120.40 54.38 -26.62
C GLU YE 5 -119.83 55.58 -25.88
N THR YE 6 -120.17 56.76 -26.38
CA THR YE 6 -119.88 57.98 -25.64
C THR YE 6 -120.73 57.92 -24.38
N VAL YE 7 -120.09 58.06 -23.23
CA VAL YE 7 -120.82 58.01 -21.98
C VAL YE 7 -120.79 59.39 -21.35
N THR YE 8 -121.93 60.07 -21.35
CA THR YE 8 -122.06 61.35 -20.72
C THR YE 8 -122.41 61.14 -19.26
N LEU YE 9 -121.86 61.98 -18.39
CA LEU YE 9 -122.12 61.91 -16.98
C LEU YE 9 -122.44 63.29 -16.45
N GLY YE 10 -123.61 63.44 -15.83
CA GLY YE 10 -123.98 64.66 -15.16
C GLY YE 10 -123.83 64.49 -13.66
N ASN YE 11 -123.98 65.61 -12.95
CA ASN YE 11 -123.98 65.61 -11.49
C ASN YE 11 -122.70 65.00 -10.95
N ILE YE 12 -121.61 65.73 -11.14
CA ILE YE 12 -120.28 65.24 -10.81
C ILE YE 12 -119.62 66.24 -9.88
N GLY YE 13 -118.73 65.76 -9.04
CA GLY YE 13 -117.99 66.62 -8.14
C GLY YE 13 -118.85 67.13 -7.01
N LYS YE 14 -118.17 67.74 -6.03
CA LYS YE 14 -118.86 68.30 -4.88
C LYS YE 14 -119.98 69.23 -5.31
N ASP YE 15 -119.76 69.97 -6.39
CA ASP YE 15 -120.82 70.82 -6.93
C ASP YE 15 -121.98 69.99 -7.44
N GLY YE 16 -121.70 68.98 -8.25
CA GLY YE 16 -122.76 68.30 -8.96
C GLY YE 16 -123.16 69.00 -10.23
N LYS YE 17 -122.53 70.13 -10.54
CA LYS YE 17 -122.74 70.75 -11.84
C LYS YE 17 -121.70 70.27 -12.84
N GLN YE 18 -120.69 69.54 -12.37
CA GLN YE 18 -119.67 69.00 -13.25
C GLN YE 18 -120.26 67.93 -14.15
N THR YE 19 -119.80 67.92 -15.38
CA THR YE 19 -120.21 66.91 -16.36
C THR YE 19 -118.97 66.33 -17.02
N LEU YE 20 -119.11 65.10 -17.50
CA LEU YE 20 -117.99 64.41 -18.13
C LEU YE 20 -118.49 63.49 -19.22
N VAL YE 21 -117.76 63.43 -20.32
CA VAL YE 21 -118.04 62.49 -21.38
C VAL YE 21 -116.85 61.56 -21.51
N LEU YE 22 -117.13 60.34 -21.97
CA LEU YE 22 -116.10 59.32 -22.09
C LEU YE 22 -116.20 58.68 -23.47
N ASN YE 23 -115.16 58.75 -24.21
CA ASN YE 23 -115.26 58.08 -25.48
C ASN YE 23 -114.77 56.64 -25.36
N PRO YE 24 -115.33 55.74 -26.14
CA PRO YE 24 -114.80 54.38 -26.18
C PRO YE 24 -113.37 54.38 -26.71
N ARG YE 25 -112.49 53.74 -25.95
CA ARG YE 25 -111.09 53.66 -26.29
C ARG YE 25 -110.73 52.35 -26.98
N GLY YE 26 -111.70 51.48 -27.22
CA GLY YE 26 -111.42 50.15 -27.68
C GLY YE 26 -111.18 49.21 -26.51
N VAL YE 27 -110.78 47.99 -26.84
CA VAL YE 27 -110.59 46.94 -25.85
C VAL YE 27 -109.23 46.29 -26.05
N ASN YE 28 -108.44 46.23 -25.01
CA ASN YE 28 -107.23 45.43 -25.10
C ASN YE 28 -107.60 43.95 -25.10
N PRO YE 29 -107.36 43.24 -26.19
CA PRO YE 29 -107.75 41.82 -26.23
C PRO YE 29 -106.91 40.94 -25.34
N THR YE 30 -105.66 41.31 -25.08
CA THR YE 30 -104.78 40.47 -24.28
C THR YE 30 -105.41 40.19 -22.92
N ASN YE 31 -105.45 41.20 -22.07
CA ASN YE 31 -106.15 41.09 -20.80
C ASN YE 31 -107.65 41.04 -20.97
N GLY YE 32 -108.16 41.33 -22.16
CA GLY YE 32 -109.59 41.36 -22.37
C GLY YE 32 -110.26 42.44 -21.55
N VAL YE 33 -109.80 43.68 -21.67
CA VAL YE 33 -110.29 44.77 -20.86
C VAL YE 33 -110.64 45.94 -21.75
N ALA YE 34 -111.85 46.47 -21.59
CA ALA YE 34 -112.27 47.65 -22.29
C ALA YE 34 -111.64 48.90 -21.67
N SER YE 35 -111.65 49.98 -22.43
CA SER YE 35 -111.10 51.24 -21.96
C SER YE 35 -111.99 52.38 -22.42
N LEU YE 36 -112.15 53.37 -21.54
CA LEU YE 36 -112.92 54.56 -21.85
C LEU YE 36 -112.11 55.77 -21.44
N SER YE 37 -112.31 56.89 -22.13
CA SER YE 37 -111.56 58.08 -21.75
C SER YE 37 -112.33 59.33 -22.09
N GLN YE 38 -112.10 60.35 -21.27
CA GLN YE 38 -112.38 61.72 -21.66
C GLN YE 38 -111.56 62.07 -22.90
N ALA YE 39 -112.12 62.94 -23.74
CA ALA YE 39 -111.34 63.46 -24.85
C ALA YE 39 -110.70 64.77 -24.40
N GLY YE 40 -109.40 64.69 -24.17
CA GLY YE 40 -108.62 65.86 -23.83
C GLY YE 40 -107.65 66.20 -24.93
N ALA YE 41 -106.56 66.86 -24.54
CA ALA YE 41 -105.46 67.07 -25.47
C ALA YE 41 -104.48 65.91 -25.42
N VAL YE 42 -103.82 65.75 -24.28
CA VAL YE 42 -102.79 64.72 -24.14
C VAL YE 42 -103.40 63.48 -23.50
N PRO YE 43 -103.37 62.34 -24.18
CA PRO YE 43 -103.90 61.10 -23.59
C PRO YE 43 -103.34 60.81 -22.22
N ALA YE 44 -102.05 61.01 -22.00
CA ALA YE 44 -101.47 60.89 -20.66
C ALA YE 44 -102.21 61.72 -19.64
N LEU YE 45 -102.68 62.91 -20.03
CA LEU YE 45 -103.47 63.73 -19.13
C LEU YE 45 -104.92 63.28 -19.07
N GLU YE 46 -105.42 62.66 -20.12
CA GLU YE 46 -106.85 62.39 -20.23
C GLU YE 46 -107.27 61.36 -19.20
N LYS YE 47 -108.47 61.55 -18.66
CA LYS YE 47 -109.03 60.66 -17.65
C LYS YE 47 -109.24 59.31 -18.29
N ARG YE 48 -109.05 58.25 -17.51
CA ARG YE 48 -109.23 56.91 -18.03
C ARG YE 48 -110.22 56.13 -17.19
N VAL YE 49 -110.98 55.26 -17.85
CA VAL YE 49 -111.93 54.39 -17.18
C VAL YE 49 -111.78 53.01 -17.78
N THR YE 50 -111.62 52.00 -16.93
CA THR YE 50 -111.39 50.64 -17.37
C THR YE 50 -112.40 49.71 -16.74
N VAL YE 51 -112.99 48.85 -17.55
CA VAL YE 51 -113.91 47.83 -17.05
C VAL YE 51 -113.50 46.50 -17.64
N SER YE 52 -113.82 45.43 -16.92
CA SER YE 52 -113.48 44.11 -17.39
C SER YE 52 -114.46 43.11 -16.79
N VAL YE 53 -114.66 42.03 -17.52
CA VAL YE 53 -115.42 40.89 -16.99
C VAL YE 53 -114.43 39.75 -16.85
N SER YE 54 -114.92 38.60 -16.43
CA SER YE 54 -114.08 37.43 -16.29
C SER YE 54 -114.96 36.20 -16.36
N GLN YE 55 -114.34 35.05 -16.55
CA GLN YE 55 -115.10 33.82 -16.54
C GLN YE 55 -114.34 32.77 -15.75
N PRO YE 56 -115.05 31.91 -15.03
CA PRO YE 56 -114.38 30.96 -14.15
C PRO YE 56 -113.52 29.98 -14.94
N SER YE 57 -112.36 29.66 -14.38
CA SER YE 57 -111.42 28.75 -15.01
C SER YE 57 -111.08 27.65 -14.01
N ARG YE 58 -110.15 26.79 -14.40
CA ARG YE 58 -109.60 25.83 -13.45
C ARG YE 58 -108.89 26.52 -12.29
N ASN YE 59 -108.46 27.77 -12.46
CA ASN YE 59 -107.85 28.53 -11.39
C ASN YE 59 -108.86 29.13 -10.43
N ARG YE 60 -110.01 29.58 -10.92
CA ARG YE 60 -111.01 30.18 -10.07
C ARG YE 60 -112.38 29.86 -10.61
N LYS YE 61 -113.32 29.58 -9.71
CA LYS YE 61 -114.67 29.20 -10.07
C LYS YE 61 -115.60 30.40 -10.02
N ASN YE 62 -115.05 31.58 -9.75
CA ASN YE 62 -115.86 32.74 -9.47
C ASN YE 62 -115.69 33.76 -10.58
N TYR YE 63 -116.73 34.56 -10.80
CA TYR YE 63 -116.64 35.66 -11.75
C TYR YE 63 -116.00 36.86 -11.08
N LYS YE 64 -115.15 37.55 -11.82
CA LYS YE 64 -114.55 38.80 -11.37
C LYS YE 64 -114.97 39.91 -12.31
N VAL YE 65 -115.40 41.03 -11.74
CA VAL YE 65 -115.67 42.23 -12.50
C VAL YE 65 -114.81 43.32 -11.90
N GLN YE 66 -113.86 43.81 -12.68
CA GLN YE 66 -112.89 44.78 -12.20
C GLN YE 66 -113.12 46.10 -12.91
N VAL YE 67 -113.13 47.18 -12.13
CA VAL YE 67 -113.29 48.53 -12.67
C VAL YE 67 -112.26 49.41 -12.01
N LYS YE 68 -111.42 50.04 -12.82
CA LYS YE 68 -110.39 50.94 -12.33
C LYS YE 68 -110.55 52.30 -12.97
N ILE YE 69 -110.25 53.35 -12.22
CA ILE YE 69 -110.36 54.71 -12.70
C ILE YE 69 -109.03 55.41 -12.43
N GLN YE 70 -108.53 56.13 -13.43
CA GLN YE 70 -107.24 56.79 -13.35
C GLN YE 70 -107.43 58.25 -13.73
N ASN YE 71 -107.20 59.15 -12.79
CA ASN YE 71 -107.41 60.59 -12.98
C ASN YE 71 -106.16 61.32 -12.56
N PRO YE 72 -105.26 61.60 -13.48
CA PRO YE 72 -104.02 62.30 -13.13
C PRO YE 72 -104.30 63.74 -12.75
N THR YE 73 -103.24 64.41 -12.34
CA THR YE 73 -103.28 65.83 -12.01
C THR YE 73 -102.29 66.56 -12.89
N ALA YE 74 -102.81 67.39 -13.77
CA ALA YE 74 -101.99 68.14 -14.71
C ALA YE 74 -101.30 69.29 -13.98
N CYS YE 75 -100.01 69.45 -14.23
CA CYS YE 75 -99.29 70.65 -13.84
C CYS YE 75 -99.18 71.49 -15.11
N THR YE 76 -99.95 72.57 -15.17
CA THR YE 76 -99.99 73.37 -16.39
C THR YE 76 -98.66 74.05 -16.63
N ALA YE 77 -98.20 74.84 -15.67
CA ALA YE 77 -96.90 75.50 -15.77
C ALA YE 77 -95.93 74.72 -14.90
N ASN YE 78 -95.03 73.98 -15.55
CA ASN YE 78 -93.92 73.35 -14.88
C ASN YE 78 -92.65 74.19 -14.96
N GLY YE 79 -92.75 75.39 -15.52
CA GLY YE 79 -91.56 76.08 -15.97
C GLY YE 79 -91.10 75.61 -17.33
N SER YE 80 -91.86 74.71 -17.95
CA SER YE 80 -91.54 74.15 -19.25
C SER YE 80 -92.76 74.33 -20.16
N CYS YE 81 -92.54 74.15 -21.45
CA CYS YE 81 -93.57 74.39 -22.44
C CYS YE 81 -94.70 73.37 -22.42
N ASP YE 82 -94.51 72.24 -21.76
CA ASP YE 82 -95.53 71.20 -21.80
C ASP YE 82 -95.98 70.85 -20.39
N PRO YE 83 -97.26 70.58 -20.20
CA PRO YE 83 -97.74 70.15 -18.88
C PRO YE 83 -97.20 68.77 -18.55
N SER YE 84 -97.25 68.44 -17.27
CA SER YE 84 -96.70 67.18 -16.79
C SER YE 84 -97.59 66.57 -15.72
N VAL YE 85 -97.59 65.24 -15.69
CA VAL YE 85 -98.35 64.51 -14.69
C VAL YE 85 -97.74 64.80 -13.33
N THR YE 86 -98.59 65.12 -12.35
CA THR YE 86 -98.10 65.34 -11.01
C THR YE 86 -98.53 64.25 -10.06
N ARG YE 87 -99.81 64.23 -9.72
CA ARG YE 87 -100.39 63.20 -8.87
C ARG YE 87 -101.32 62.34 -9.70
N GLN YE 88 -101.37 61.07 -9.35
CA GLN YE 88 -102.21 60.13 -10.10
C GLN YE 88 -103.23 59.54 -9.15
N ALA YE 89 -104.49 59.87 -9.34
CA ALA YE 89 -105.56 59.37 -8.50
C ALA YE 89 -105.95 57.97 -8.96
N TYR YE 90 -105.94 57.02 -8.04
CA TYR YE 90 -106.32 55.65 -8.38
C TYR YE 90 -107.63 55.28 -7.69
N ALA YE 91 -108.62 54.96 -8.52
CA ALA YE 91 -109.90 54.48 -8.00
C ALA YE 91 -110.12 53.08 -8.56
N ASP YE 92 -110.20 52.11 -7.67
CA ASP YE 92 -110.31 50.70 -8.06
C ASP YE 92 -111.53 50.08 -7.41
N VAL YE 93 -112.28 49.32 -8.21
CA VAL YE 93 -113.48 48.62 -7.75
C VAL YE 93 -113.45 47.23 -8.35
N THR YE 94 -113.76 46.23 -7.54
CA THR YE 94 -113.83 44.85 -7.99
C THR YE 94 -115.15 44.22 -7.56
N PHE YE 95 -115.44 43.08 -8.16
CA PHE YE 95 -116.63 42.32 -7.82
C PHE YE 95 -116.33 40.84 -7.92
N SER YE 96 -116.91 40.10 -7.00
CA SER YE 96 -116.82 38.64 -7.02
C SER YE 96 -118.21 38.08 -7.00
N PHE YE 97 -118.41 36.97 -7.72
CA PHE YE 97 -119.70 36.31 -7.75
C PHE YE 97 -119.48 34.83 -7.95
N THR YE 98 -120.50 34.07 -7.59
CA THR YE 98 -120.48 32.63 -7.73
C THR YE 98 -121.31 32.23 -8.93
N GLN YE 99 -120.91 31.14 -9.57
CA GLN YE 99 -121.59 30.66 -10.74
C GLN YE 99 -123.09 30.58 -10.54
N TYR YE 100 -123.55 30.36 -9.32
CA TYR YE 100 -124.98 30.33 -9.04
C TYR YE 100 -125.53 31.69 -8.65
N SER YE 101 -124.72 32.74 -8.68
CA SER YE 101 -125.19 34.06 -8.31
C SER YE 101 -126.40 34.43 -9.15
N THR YE 102 -127.42 35.00 -8.53
CA THR YE 102 -128.61 35.35 -9.28
C THR YE 102 -128.52 36.79 -9.76
N ASP YE 103 -129.54 37.21 -10.49
CA ASP YE 103 -129.54 38.54 -11.05
C ASP YE 103 -129.75 39.60 -9.97
N GLU YE 104 -130.85 39.49 -9.23
CA GLU YE 104 -131.21 40.56 -8.32
C GLU YE 104 -130.14 40.76 -7.25
N GLU YE 105 -129.56 39.66 -6.76
CA GLU YE 105 -128.43 39.78 -5.86
C GLU YE 105 -127.39 40.73 -6.41
N ARG YE 106 -126.95 40.47 -7.64
CA ARG YE 106 -126.01 41.37 -8.27
C ARG YE 106 -126.58 42.77 -8.36
N ALA YE 107 -127.77 42.90 -8.96
CA ALA YE 107 -128.42 44.20 -9.01
C ALA YE 107 -128.48 44.84 -7.65
N PHE YE 108 -128.84 44.07 -6.63
CA PHE YE 108 -128.84 44.60 -5.27
C PHE YE 108 -127.49 45.17 -4.90
N VAL YE 109 -126.41 44.51 -5.29
CA VAL YE 109 -125.08 45.02 -4.98
C VAL YE 109 -124.84 46.33 -5.70
N ARG YE 110 -125.23 46.41 -6.96
CA ARG YE 110 -124.89 47.58 -7.75
C ARG YE 110 -125.42 48.86 -7.11
N THR YE 111 -126.73 48.92 -6.88
CA THR YE 111 -127.30 50.14 -6.34
C THR YE 111 -126.69 50.51 -4.99
N GLU YE 112 -126.74 49.60 -4.03
CA GLU YE 112 -126.30 49.92 -2.68
C GLU YE 112 -124.91 50.53 -2.65
N LEU YE 113 -123.99 50.02 -3.45
CA LEU YE 113 -122.68 50.64 -3.51
C LEU YE 113 -122.79 52.10 -3.90
N ALA YE 114 -123.58 52.39 -4.93
CA ALA YE 114 -123.80 53.77 -5.30
C ALA YE 114 -124.36 54.58 -4.15
N ALA YE 115 -125.44 54.09 -3.53
CA ALA YE 115 -126.04 54.81 -2.41
C ALA YE 115 -125.00 55.15 -1.36
N LEU YE 116 -124.15 54.20 -1.00
CA LEU YE 116 -123.06 54.51 -0.09
C LEU YE 116 -122.24 55.67 -0.58
N LEU YE 117 -121.88 55.67 -1.86
CA LEU YE 117 -121.08 56.76 -2.38
C LEU YE 117 -121.78 58.08 -2.24
N ALA YE 118 -123.10 58.09 -2.23
CA ALA YE 118 -123.85 59.31 -1.92
C ALA YE 118 -124.14 59.46 -0.45
N SER YE 119 -123.85 58.44 0.35
CA SER YE 119 -124.13 58.53 1.78
C SER YE 119 -123.25 59.58 2.43
N PRO YE 120 -123.77 60.29 3.43
CA PRO YE 120 -122.93 61.25 4.15
C PRO YE 120 -121.77 60.61 4.87
N LEU YE 121 -121.81 59.30 5.09
CA LEU YE 121 -120.69 58.64 5.73
C LEU YE 121 -119.43 58.75 4.88
N LEU YE 122 -119.45 58.22 3.67
CA LEU YE 122 -118.24 58.11 2.89
C LEU YE 122 -117.66 59.46 2.51
N ILE YE 123 -118.49 60.49 2.34
CA ILE YE 123 -117.97 61.76 1.86
C ILE YE 123 -116.88 62.28 2.77
N ASP YE 124 -117.09 62.29 4.08
CA ASP YE 124 -116.02 62.63 4.99
C ASP YE 124 -114.87 61.65 4.92
N ALA YE 125 -115.18 60.37 4.85
CA ALA YE 125 -114.17 59.36 4.61
C ALA YE 125 -113.38 59.61 3.34
N ILE YE 126 -114.04 59.87 2.24
CA ILE YE 126 -113.38 60.16 0.97
C ILE YE 126 -112.82 61.58 0.96
N ASP YE 127 -113.69 62.57 0.96
CA ASP YE 127 -113.25 63.94 0.74
C ASP YE 127 -112.30 64.41 1.82
N GLN YE 128 -112.69 64.31 3.08
CA GLN YE 128 -111.89 64.82 4.17
C GLN YE 128 -110.99 63.77 4.80
N LEU YE 129 -110.96 62.56 4.26
CA LEU YE 129 -110.10 61.49 4.75
C LEU YE 129 -110.32 61.27 6.24
N ASN YE 130 -111.52 60.84 6.57
CA ASN YE 130 -111.78 60.69 7.99
C ASN YE 130 -112.29 59.30 8.29
N PRO YE 131 -111.88 58.74 9.39
CA PRO YE 131 -112.45 57.48 9.84
C PRO YE 131 -113.86 57.67 10.33
N ALA YE 132 -114.40 56.66 11.00
CA ALA YE 132 -115.83 56.49 11.20
C ALA YE 132 -116.37 57.31 12.35
N TYR YE 133 -115.54 58.14 12.97
CA TYR YE 133 -115.98 58.89 14.12
C TYR YE 133 -116.34 60.31 13.73
N ALA ZE 2 -114.18 51.70 -33.58
CA ALA ZE 2 -115.45 51.05 -33.32
C ALA ZE 2 -115.35 49.57 -33.65
N LYS ZE 3 -116.50 48.90 -33.65
CA LYS ZE 3 -116.58 47.47 -33.87
C LYS ZE 3 -116.10 47.12 -35.27
N LEU ZE 4 -115.38 46.01 -35.37
CA LEU ZE 4 -115.09 45.40 -36.66
C LEU ZE 4 -116.41 45.14 -37.37
N GLU ZE 5 -116.51 45.56 -38.60
CA GLU ZE 5 -117.72 45.37 -39.37
C GLU ZE 5 -117.36 45.06 -40.81
N THR ZE 6 -118.38 44.78 -41.60
CA THR ZE 6 -118.21 44.70 -43.05
C THR ZE 6 -117.85 46.09 -43.50
N VAL ZE 7 -116.74 46.21 -44.21
CA VAL ZE 7 -116.31 47.51 -44.69
C VAL ZE 7 -116.44 47.53 -46.21
N THR ZE 8 -117.41 48.28 -46.70
CA THR ZE 8 -117.59 48.45 -48.13
C THR ZE 8 -116.71 49.60 -48.59
N LEU ZE 9 -116.15 49.47 -49.78
CA LEU ZE 9 -115.31 50.51 -50.35
C LEU ZE 9 -115.72 50.74 -51.80
N GLY ZE 10 -116.07 51.99 -52.11
CA GLY ZE 10 -116.34 52.38 -53.47
C GLY ZE 10 -115.16 53.16 -54.03
N ASN ZE 11 -115.24 53.43 -55.33
CA ASN ZE 11 -114.25 54.27 -56.01
C ASN ZE 11 -112.85 53.70 -55.82
N ILE ZE 12 -112.61 52.57 -56.46
CA ILE ZE 12 -111.38 51.81 -56.29
C ILE ZE 12 -110.76 51.60 -57.66
N GLY ZE 13 -109.44 51.48 -57.70
CA GLY ZE 13 -108.73 51.22 -58.92
C GLY ZE 13 -108.70 52.42 -59.83
N LYS ZE 14 -107.88 52.31 -60.87
CA LYS ZE 14 -107.75 53.37 -61.84
C LYS ZE 14 -109.10 53.80 -62.38
N ASP ZE 15 -110.01 52.85 -62.56
CA ASP ZE 15 -111.37 53.18 -62.97
C ASP ZE 15 -112.08 53.99 -61.91
N GLY ZE 16 -112.04 53.54 -60.65
CA GLY ZE 16 -112.89 54.13 -59.65
C GLY ZE 16 -114.29 53.57 -59.64
N LYS ZE 17 -114.58 52.63 -60.54
CA LYS ZE 17 -115.83 51.91 -60.48
C LYS ZE 17 -115.69 50.63 -59.69
N GLN ZE 18 -114.46 50.27 -59.33
CA GLN ZE 18 -114.21 49.09 -58.53
C GLN ZE 18 -114.73 49.29 -57.12
N THR ZE 19 -115.29 48.22 -56.57
CA THR ZE 19 -115.78 48.21 -55.21
C THR ZE 19 -115.25 46.99 -54.47
N LEU ZE 20 -115.14 47.11 -53.16
CA LEU ZE 20 -114.60 46.02 -52.35
C LEU ZE 20 -115.28 46.01 -51.00
N VAL ZE 21 -115.55 44.82 -50.49
CA VAL ZE 21 -116.06 44.63 -49.15
C VAL ZE 21 -115.03 43.85 -48.36
N LEU ZE 22 -115.02 44.07 -47.05
CA LEU ZE 22 -114.05 43.43 -46.17
C LEU ZE 22 -114.78 42.87 -44.96
N ASN ZE 23 -114.68 41.61 -44.77
CA ASN ZE 23 -115.33 41.11 -43.58
C ASN ZE 23 -114.36 41.11 -42.41
N PRO ZE 24 -114.86 41.33 -41.20
CA PRO ZE 24 -114.01 41.20 -40.02
C PRO ZE 24 -113.50 39.77 -39.89
N ARG ZE 25 -112.18 39.66 -39.76
CA ARG ZE 25 -111.53 38.37 -39.63
C ARG ZE 25 -111.23 37.99 -38.18
N GLY ZE 26 -111.63 38.83 -37.23
CA GLY ZE 26 -111.22 38.64 -35.86
C GLY ZE 26 -109.90 39.33 -35.59
N VAL ZE 27 -109.37 39.10 -34.40
CA VAL ZE 27 -108.16 39.77 -33.94
C VAL ZE 27 -107.21 38.72 -33.38
N ASN ZE 28 -105.99 38.71 -33.87
CA ASN ZE 28 -105.00 37.89 -33.22
C ASN ZE 28 -104.60 38.51 -31.90
N PRO ZE 29 -104.91 37.87 -30.76
CA PRO ZE 29 -104.59 38.47 -29.48
C PRO ZE 29 -103.12 38.52 -29.18
N THR ZE 30 -102.32 37.59 -29.72
CA THR ZE 30 -100.91 37.56 -29.41
C THR ZE 30 -100.24 38.88 -29.76
N ASN ZE 31 -100.12 39.17 -31.04
CA ASN ZE 31 -99.63 40.47 -31.47
C ASN ZE 31 -100.64 41.57 -31.23
N GLY ZE 32 -101.88 41.23 -30.89
CA GLY ZE 32 -102.90 42.24 -30.71
C GLY ZE 32 -103.19 42.98 -31.98
N VAL ZE 33 -103.51 42.26 -33.06
CA VAL ZE 33 -103.70 42.87 -34.36
C VAL ZE 33 -105.00 42.36 -34.96
N ALA ZE 34 -105.84 43.30 -35.39
CA ALA ZE 34 -107.06 42.97 -36.09
C ALA ZE 34 -106.77 42.53 -37.52
N SER ZE 35 -107.74 41.85 -38.12
CA SER ZE 35 -107.60 41.41 -39.49
C SER ZE 35 -108.93 41.58 -40.23
N LEU ZE 36 -108.83 41.98 -41.48
CA LEU ZE 36 -110.00 42.14 -42.34
C LEU ZE 36 -109.72 41.47 -43.66
N SER ZE 37 -110.77 40.98 -44.32
CA SER ZE 37 -110.55 40.32 -45.58
C SER ZE 37 -111.77 40.46 -46.48
N GLN ZE 38 -111.48 40.50 -47.78
CA GLN ZE 38 -112.49 40.19 -48.78
C GLN ZE 38 -112.96 38.77 -48.58
N ALA ZE 39 -114.23 38.52 -48.92
CA ALA ZE 39 -114.73 37.16 -48.93
C ALA ZE 39 -114.57 36.61 -50.34
N GLY ZE 40 -113.59 35.74 -50.49
CA GLY ZE 40 -113.35 35.04 -51.73
C GLY ZE 40 -113.65 33.58 -51.60
N ALA ZE 41 -113.00 32.78 -52.45
CA ALA ZE 41 -113.05 31.34 -52.30
C ALA ZE 41 -111.93 30.86 -51.38
N VAL ZE 42 -110.69 31.03 -51.80
CA VAL ZE 42 -109.55 30.53 -51.05
C VAL ZE 42 -108.98 31.66 -50.21
N PRO ZE 43 -108.95 31.51 -48.88
CA PRO ZE 43 -108.37 32.55 -48.03
C PRO ZE 43 -106.97 32.95 -48.45
N ALA ZE 44 -106.11 32.01 -48.83
CA ALA ZE 44 -104.82 32.34 -49.37
C ALA ZE 44 -104.92 33.33 -50.53
N LEU ZE 45 -105.95 33.20 -51.37
CA LEU ZE 45 -106.16 34.15 -52.44
C LEU ZE 45 -106.82 35.42 -51.97
N GLU ZE 46 -107.58 35.37 -50.89
CA GLU ZE 46 -108.41 36.49 -50.49
C GLU ZE 46 -107.55 37.66 -50.01
N LYS ZE 47 -108.00 38.86 -50.34
CA LYS ZE 47 -107.28 40.08 -49.98
C LYS ZE 47 -107.29 40.19 -48.47
N ARG ZE 48 -106.21 40.72 -47.91
CA ARG ZE 48 -106.12 40.87 -46.47
C ARG ZE 48 -105.84 42.32 -46.09
N VAL ZE 49 -106.38 42.74 -44.96
CA VAL ZE 49 -106.15 44.07 -44.42
C VAL ZE 49 -105.92 43.93 -42.94
N THR ZE 50 -104.83 44.51 -42.45
CA THR ZE 50 -104.42 44.38 -41.07
C THR ZE 50 -104.22 45.76 -40.47
N VAL ZE 51 -104.79 45.97 -39.27
CA VAL ZE 51 -104.58 47.19 -38.54
C VAL ZE 51 -104.19 46.83 -37.12
N SER ZE 52 -103.45 47.75 -36.49
CA SER ZE 52 -103.02 47.53 -35.13
C SER ZE 52 -102.80 48.85 -34.45
N VAL ZE 53 -102.98 48.86 -33.13
CA VAL ZE 53 -102.61 50.00 -32.32
C VAL ZE 53 -101.45 49.56 -31.46
N SER ZE 54 -100.98 50.46 -30.59
CA SER ZE 54 -99.89 50.14 -29.69
C SER ZE 54 -99.98 51.08 -28.51
N GLN ZE 55 -99.26 50.74 -27.45
CA GLN ZE 55 -99.21 51.63 -26.31
C GLN ZE 55 -97.77 51.72 -25.81
N PRO ZE 56 -97.37 52.89 -25.32
CA PRO ZE 56 -95.96 53.07 -24.95
C PRO ZE 56 -95.59 52.17 -23.78
N SER ZE 57 -94.37 51.65 -23.86
CA SER ZE 57 -93.85 50.76 -22.83
C SER ZE 57 -92.52 51.31 -22.36
N ARG ZE 58 -91.86 50.56 -21.49
CA ARG ZE 58 -90.48 50.87 -21.14
C ARG ZE 58 -89.55 50.83 -22.33
N ASN ZE 59 -89.91 50.09 -23.38
CA ASN ZE 59 -89.13 50.04 -24.60
C ASN ZE 59 -89.33 51.26 -25.50
N ARG ZE 60 -90.56 51.78 -25.58
CA ARG ZE 60 -90.83 52.92 -26.43
C ARG ZE 60 -91.91 53.77 -25.78
N LYS ZE 61 -91.74 55.08 -25.86
CA LYS ZE 61 -92.66 56.04 -25.26
C LYS ZE 61 -93.69 56.53 -26.27
N ASN ZE 62 -93.65 55.97 -27.47
CA ASN ZE 62 -94.44 56.51 -28.57
C ASN ZE 62 -95.50 55.51 -28.97
N TYR ZE 63 -96.61 56.02 -29.48
CA TYR ZE 63 -97.65 55.16 -30.03
C TYR ZE 63 -97.30 54.75 -31.45
N LYS ZE 64 -97.57 53.50 -31.78
CA LYS ZE 64 -97.40 53.00 -33.14
C LYS ZE 64 -98.76 52.55 -33.65
N VAL ZE 65 -99.09 52.95 -34.87
CA VAL ZE 65 -100.26 52.46 -35.56
C VAL ZE 65 -99.78 51.88 -36.88
N GLN ZE 66 -99.94 50.57 -37.02
CA GLN ZE 66 -99.42 49.86 -38.17
C GLN ZE 66 -100.58 49.33 -38.99
N VAL ZE 67 -100.51 49.54 -40.30
CA VAL ZE 67 -101.51 49.05 -41.23
C VAL ZE 67 -100.79 48.42 -42.40
N LYS ZE 68 -101.10 47.15 -42.65
CA LYS ZE 68 -100.50 46.41 -43.75
C LYS ZE 68 -101.60 45.86 -44.63
N ILE ZE 69 -101.34 45.81 -45.93
CA ILE ZE 69 -102.29 45.30 -46.91
C ILE ZE 69 -101.59 44.25 -47.75
N GLN ZE 70 -102.26 43.14 -47.97
CA GLN ZE 70 -101.69 42.01 -48.69
C GLN ZE 70 -102.66 41.60 -49.78
N ASN ZE 71 -102.24 41.76 -51.04
CA ASN ZE 71 -103.10 41.49 -52.19
C ASN ZE 71 -102.35 40.57 -53.14
N PRO ZE 72 -102.55 39.27 -53.04
CA PRO ZE 72 -101.84 38.33 -53.91
C PRO ZE 72 -102.34 38.44 -55.34
N THR ZE 73 -101.69 37.68 -56.20
CA THR ZE 73 -102.06 37.59 -57.60
C THR ZE 73 -102.37 36.13 -57.92
N ALA ZE 74 -103.63 35.85 -58.21
CA ALA ZE 74 -104.06 34.50 -58.51
C ALA ZE 74 -103.62 34.11 -59.90
N CYS ZE 75 -103.08 32.91 -60.03
CA CYS ZE 75 -102.86 32.29 -61.34
C CYS ZE 75 -104.00 31.29 -61.50
N THR ZE 76 -104.96 31.62 -62.35
CA THR ZE 76 -106.14 30.78 -62.50
C THR ZE 76 -105.77 29.42 -63.10
N ALA ZE 77 -105.16 29.43 -64.27
CA ALA ZE 77 -104.71 28.20 -64.90
C ALA ZE 77 -103.21 28.11 -64.71
N ASN ZE 78 -102.80 27.19 -63.83
CA ASN ZE 78 -101.39 26.85 -63.66
C ASN ZE 78 -101.04 25.61 -64.46
N GLY ZE 79 -101.97 25.08 -65.26
CA GLY ZE 79 -101.83 23.74 -65.75
C GLY ZE 79 -102.29 22.71 -64.74
N SER ZE 80 -102.80 23.16 -63.61
CA SER ZE 80 -103.25 22.30 -62.53
C SER ZE 80 -104.68 22.69 -62.18
N CYS ZE 81 -105.35 21.83 -61.43
CA CYS ZE 81 -106.75 22.02 -61.11
C CYS ZE 81 -107.00 23.15 -60.13
N ASP ZE 82 -105.98 23.65 -59.45
CA ASP ZE 82 -106.20 24.66 -58.44
C ASP ZE 82 -105.38 25.90 -58.74
N PRO ZE 83 -105.92 27.08 -58.48
CA PRO ZE 83 -105.14 28.30 -58.68
C PRO ZE 83 -104.01 28.38 -57.66
N SER ZE 84 -103.04 29.23 -57.95
CA SER ZE 84 -101.86 29.36 -57.12
C SER ZE 84 -101.43 30.81 -57.00
N VAL ZE 85 -100.87 31.13 -55.85
CA VAL ZE 85 -100.34 32.47 -55.59
C VAL ZE 85 -99.17 32.69 -56.53
N THR ZE 86 -99.16 33.85 -57.20
CA THR ZE 86 -98.04 34.18 -58.06
C THR ZE 86 -97.21 35.32 -57.49
N ARG ZE 87 -97.76 36.52 -57.53
CA ARG ZE 87 -97.11 37.69 -56.98
C ARG ZE 87 -97.88 38.14 -55.75
N GLN ZE 88 -97.16 38.69 -54.78
CA GLN ZE 88 -97.79 39.12 -53.55
C GLN ZE 88 -97.52 40.61 -53.37
N ALA ZE 89 -98.56 41.43 -53.49
CA ALA ZE 89 -98.42 42.87 -53.35
C ALA ZE 89 -98.41 43.21 -51.88
N TYR ZE 90 -97.39 43.96 -51.45
CA TYR ZE 90 -97.29 44.38 -50.07
C TYR ZE 90 -97.47 45.88 -49.95
N ALA ZE 91 -98.49 46.27 -49.20
CA ALA ZE 91 -98.74 47.68 -48.91
C ALA ZE 91 -98.67 47.85 -47.40
N ASP ZE 92 -97.71 48.65 -46.94
CA ASP ZE 92 -97.47 48.84 -45.52
C ASP ZE 92 -97.51 50.31 -45.18
N VAL ZE 93 -98.20 50.63 -44.08
CA VAL ZE 93 -98.33 51.98 -43.57
C VAL ZE 93 -98.16 51.94 -42.07
N THR ZE 94 -97.38 52.88 -41.54
CA THR ZE 94 -97.17 52.98 -40.11
C THR ZE 94 -97.42 54.41 -39.64
N PHE ZE 95 -97.53 54.56 -38.33
CA PHE ZE 95 -97.72 55.88 -37.74
C PHE ZE 95 -97.00 55.93 -36.41
N SER ZE 96 -96.41 57.08 -36.12
CA SER ZE 96 -95.78 57.31 -34.84
C SER ZE 96 -96.38 58.56 -34.23
N PHE ZE 97 -96.53 58.55 -32.91
CA PHE ZE 97 -97.06 59.70 -32.21
C PHE ZE 97 -96.46 59.76 -30.83
N THR ZE 98 -96.54 60.94 -30.24
CA THR ZE 98 -96.02 61.17 -28.90
C THR ZE 98 -97.18 61.23 -27.93
N GLN ZE 99 -96.91 60.79 -26.71
CA GLN ZE 99 -97.94 60.77 -25.68
C GLN ZE 99 -98.68 62.09 -25.58
N TYR ZE 100 -98.04 63.21 -25.93
CA TYR ZE 100 -98.70 64.49 -25.91
C TYR ZE 100 -99.33 64.85 -27.25
N SER ZE 101 -99.30 63.95 -28.22
CA SER ZE 101 -99.87 64.24 -29.53
C SER ZE 101 -101.33 64.62 -29.37
N THR ZE 102 -101.76 65.65 -30.08
CA THR ZE 102 -103.14 66.08 -29.95
C THR ZE 102 -104.00 65.40 -31.01
N ASP ZE 103 -105.30 65.70 -30.95
CA ASP ZE 103 -106.23 65.07 -31.87
C ASP ZE 103 -106.06 65.61 -33.29
N GLU ZE 104 -106.18 66.93 -33.45
CA GLU ZE 104 -106.21 67.48 -34.80
C GLU ZE 104 -104.92 67.21 -35.54
N GLU ZE 105 -103.79 67.28 -34.85
CA GLU ZE 105 -102.53 66.88 -35.46
C GLU ZE 105 -102.67 65.53 -36.12
N ARG ZE 106 -103.12 64.53 -35.36
CA ARG ZE 106 -103.34 63.23 -35.94
C ARG ZE 106 -104.33 63.31 -37.09
N ALA ZE 107 -105.51 63.87 -36.83
CA ALA ZE 107 -106.49 64.06 -37.89
C ALA ZE 107 -105.86 64.74 -39.10
N PHE ZE 108 -105.06 65.78 -38.86
CA PHE ZE 108 -104.36 66.44 -39.95
C PHE ZE 108 -103.53 65.44 -40.74
N VAL ZE 109 -102.85 64.53 -40.05
CA VAL ZE 109 -102.05 63.54 -40.75
C VAL ZE 109 -102.93 62.65 -41.60
N ARG ZE 110 -104.06 62.22 -41.05
CA ARG ZE 110 -104.87 61.22 -41.75
C ARG ZE 110 -105.27 61.72 -43.13
N THR ZE 111 -105.94 62.86 -43.19
CA THR ZE 111 -106.43 63.36 -44.47
C THR ZE 111 -105.29 63.56 -45.46
N GLU ZE 112 -104.29 64.35 -45.10
CA GLU ZE 112 -103.25 64.70 -46.05
C GLU ZE 112 -102.63 63.48 -46.71
N LEU ZE 113 -102.41 62.41 -45.96
CA LEU ZE 113 -101.89 61.20 -46.58
C LEU ZE 113 -102.82 60.73 -47.68
N ALA ZE 114 -104.12 60.71 -47.41
CA ALA ZE 114 -105.08 60.35 -48.45
C ALA ZE 114 -104.97 61.27 -49.64
N ALA ZE 115 -105.01 62.58 -49.40
CA ALA ZE 115 -104.90 63.53 -50.50
C ALA ZE 115 -103.71 63.24 -51.39
N LEU ZE 116 -102.55 62.99 -50.77
CA LEU ZE 116 -101.40 62.58 -51.55
C LEU ZE 116 -101.71 61.38 -52.43
N LEU ZE 117 -102.36 60.37 -51.85
CA LEU ZE 117 -102.67 59.19 -52.64
C LEU ZE 117 -103.55 59.52 -53.82
N ALA ZE 118 -104.35 60.58 -53.73
CA ALA ZE 118 -105.10 61.05 -54.88
C ALA ZE 118 -104.32 62.10 -55.67
N SER ZE 119 -103.19 62.56 -55.17
CA SER ZE 119 -102.43 63.57 -55.88
C SER ZE 119 -101.88 63.00 -57.19
N PRO ZE 120 -101.81 63.82 -58.24
CA PRO ZE 120 -101.21 63.35 -59.49
C PRO ZE 120 -99.75 63.00 -59.34
N LEU ZE 121 -99.09 63.45 -58.27
CA LEU ZE 121 -97.71 63.07 -58.08
C LEU ZE 121 -97.54 61.58 -57.90
N LEU ZE 122 -98.17 61.04 -56.86
CA LEU ZE 122 -97.92 59.65 -56.51
C LEU ZE 122 -98.37 58.67 -57.56
N ILE ZE 123 -99.42 58.99 -58.32
CA ILE ZE 123 -99.94 58.02 -59.26
C ILE ZE 123 -98.88 57.55 -60.24
N ASP ZE 124 -98.12 58.47 -60.83
CA ASP ZE 124 -96.99 58.07 -61.65
C ASP ZE 124 -95.94 57.34 -60.83
N ALA ZE 125 -95.64 57.84 -59.64
CA ALA ZE 125 -94.77 57.13 -58.71
C ALA ZE 125 -95.26 55.73 -58.42
N ILE ZE 126 -96.53 55.56 -58.09
CA ILE ZE 126 -97.09 54.26 -57.81
C ILE ZE 126 -97.35 53.49 -59.09
N ASP ZE 127 -98.28 53.95 -59.91
CA ASP ZE 127 -98.72 53.16 -61.05
C ASP ZE 127 -97.61 52.91 -62.04
N GLN ZE 128 -96.95 53.96 -62.50
CA GLN ZE 128 -95.93 53.84 -63.52
C GLN ZE 128 -94.52 53.73 -62.95
N LEU ZE 129 -94.38 53.67 -61.63
CA LEU ZE 129 -93.08 53.51 -60.99
C LEU ZE 129 -92.11 54.59 -61.47
N ASN ZE 130 -92.44 55.82 -61.14
CA ASN ZE 130 -91.59 56.87 -61.66
C ASN ZE 130 -91.12 57.77 -60.53
N PRO ZE 131 -89.88 58.19 -60.57
CA PRO ZE 131 -89.42 59.19 -59.62
C PRO ZE 131 -90.02 60.55 -59.90
N ALA ZE 132 -89.47 61.57 -59.27
CA ALA ZE 132 -90.15 62.86 -59.10
C ALA ZE 132 -90.03 63.76 -60.32
N TYR ZE 133 -89.45 63.26 -61.40
CA TYR ZE 133 -89.24 64.10 -62.57
C TYR ZE 133 -90.31 63.84 -63.62
N ALA AF 2 -128.06 -17.78 -31.93
CA ALA AF 2 -128.82 -17.13 -32.99
C ALA AF 2 -128.75 -15.63 -32.87
N LYS AF 3 -129.57 -14.95 -33.64
CA LYS AF 3 -129.58 -13.49 -33.70
C LYS AF 3 -130.02 -12.91 -32.36
N LEU AF 4 -129.37 -11.83 -31.97
CA LEU AF 4 -129.85 -11.01 -30.86
C LEU AF 4 -131.27 -10.60 -31.15
N GLU AF 5 -132.16 -10.81 -30.21
CA GLU AF 5 -133.56 -10.45 -30.39
C GLU AF 5 -134.11 -9.91 -29.08
N THR AF 6 -135.36 -9.46 -29.15
CA THR AF 6 -136.09 -9.14 -27.93
C THR AF 6 -136.26 -10.45 -27.19
N VAL AF 7 -135.84 -10.48 -25.93
CA VAL AF 7 -135.96 -11.69 -25.14
C VAL AF 7 -136.98 -11.44 -24.04
N THR AF 8 -138.14 -12.06 -24.16
CA THR AF 8 -139.18 -11.98 -23.16
C THR AF 8 -138.92 -13.05 -22.12
N LEU AF 9 -139.17 -12.74 -20.87
CA LEU AF 9 -139.00 -13.69 -19.78
C LEU AF 9 -140.23 -13.66 -18.89
N GLY AF 10 -140.86 -14.82 -18.71
CA GLY AF 10 -141.95 -14.97 -17.78
C GLY AF 10 -141.47 -15.67 -16.53
N ASN AF 11 -142.34 -15.70 -15.54
CA ASN AF 11 -142.09 -16.43 -14.30
C ASN AF 11 -140.80 -15.96 -13.64
N ILE AF 12 -140.86 -14.73 -13.12
CA ILE AF 12 -139.70 -14.05 -12.59
C ILE AF 12 -140.02 -13.62 -11.17
N GLY AF 13 -139.00 -13.54 -10.33
CA GLY AF 13 -139.15 -13.09 -8.97
C GLY AF 13 -139.84 -14.12 -8.10
N LYS AF 14 -139.81 -13.84 -6.80
CA LYS AF 14 -140.43 -14.74 -5.84
C LYS AF 14 -141.88 -15.03 -6.21
N ASP AF 15 -142.58 -14.03 -6.75
CA ASP AF 15 -143.92 -14.24 -7.23
C ASP AF 15 -143.94 -15.22 -8.41
N GLY AF 16 -143.09 -14.99 -9.40
CA GLY AF 16 -143.22 -15.72 -10.65
C GLY AF 16 -144.24 -15.13 -11.57
N LYS AF 17 -144.89 -14.04 -11.17
CA LYS AF 17 -145.75 -13.31 -12.09
C LYS AF 17 -144.99 -12.19 -12.77
N GLN AF 18 -143.77 -11.93 -12.33
CA GLN AF 18 -142.92 -10.91 -12.92
C GLN AF 18 -142.51 -11.33 -14.32
N THR AF 19 -142.47 -10.36 -15.21
CA THR AF 19 -142.03 -10.57 -16.58
C THR AF 19 -141.01 -9.52 -16.96
N LEU AF 20 -140.14 -9.86 -17.91
CA LEU AF 20 -139.10 -8.94 -18.32
C LEU AF 20 -138.79 -9.15 -19.80
N VAL AF 21 -138.55 -8.04 -20.50
CA VAL AF 21 -138.11 -8.09 -21.87
C VAL AF 21 -136.72 -7.48 -21.94
N LEU AF 22 -135.93 -7.92 -22.91
CA LEU AF 22 -134.56 -7.47 -23.08
C LEU AF 22 -134.33 -7.10 -24.53
N ASN AF 23 -133.98 -5.90 -24.76
CA ASN AF 23 -133.70 -5.59 -26.16
C ASN AF 23 -132.23 -5.83 -26.46
N PRO AF 24 -131.92 -6.23 -27.68
CA PRO AF 24 -130.51 -6.33 -28.08
C PRO AF 24 -129.85 -4.96 -28.03
N ARG AF 25 -128.72 -4.91 -27.33
CA ARG AF 25 -127.96 -3.68 -27.18
C ARG AF 25 -126.82 -3.57 -28.16
N GLY AF 26 -126.64 -4.53 -29.05
CA GLY AF 26 -125.47 -4.60 -29.87
C GLY AF 26 -124.35 -5.36 -29.18
N VAL AF 27 -123.19 -5.36 -29.81
CA VAL AF 27 -122.04 -6.11 -29.32
C VAL AF 27 -120.83 -5.22 -29.30
N ASN AF 28 -120.17 -5.16 -28.16
CA ASN AF 28 -118.89 -4.48 -28.13
C ASN AF 28 -117.86 -5.33 -28.85
N PRO AF 29 -117.32 -4.89 -29.99
CA PRO AF 29 -116.37 -5.71 -30.72
C PRO AF 29 -115.03 -5.85 -30.03
N THR AF 30 -114.63 -4.86 -29.24
CA THR AF 30 -113.32 -4.92 -28.59
C THR AF 30 -113.19 -6.18 -27.76
N ASN AF 31 -113.91 -6.25 -26.65
CA ASN AF 31 -113.95 -7.47 -25.86
C ASN AF 31 -114.73 -8.57 -26.55
N GLY AF 32 -115.45 -8.26 -27.62
CA GLY AF 32 -116.28 -9.25 -28.27
C GLY AF 32 -117.38 -9.76 -27.38
N VAL AF 33 -118.19 -8.86 -26.83
CA VAL AF 33 -119.21 -9.23 -25.85
C VAL AF 33 -120.52 -8.59 -26.27
N ALA AF 34 -121.57 -9.41 -26.34
CA ALA AF 34 -122.91 -8.93 -26.61
C ALA AF 34 -123.49 -8.27 -25.36
N SER AF 35 -124.53 -7.47 -25.58
CA SER AF 35 -125.20 -6.79 -24.48
C SER AF 35 -126.70 -6.81 -24.72
N LEU AF 36 -127.45 -6.98 -23.64
CA LEU AF 36 -128.90 -6.96 -23.69
C LEU AF 36 -129.40 -6.07 -22.56
N SER AF 37 -130.56 -5.46 -22.76
CA SER AF 37 -131.07 -4.60 -21.72
C SER AF 37 -132.58 -4.55 -21.76
N GLN AF 38 -133.16 -4.37 -20.58
CA GLN AF 38 -134.52 -3.87 -20.47
C GLN AF 38 -134.59 -2.49 -21.08
N ALA AF 39 -135.76 -2.16 -21.64
CA ALA AF 39 -135.97 -0.79 -22.10
C ALA AF 39 -136.64 -0.02 -20.98
N GLY AF 40 -135.85 0.84 -20.35
CA GLY AF 40 -136.34 1.73 -19.33
C GLY AF 40 -136.30 3.16 -19.78
N ALA AF 41 -136.21 4.07 -18.82
CA ALA AF 41 -135.97 5.46 -19.13
C ALA AF 41 -134.47 5.75 -19.21
N VAL AF 42 -133.79 5.62 -18.08
CA VAL AF 42 -132.37 5.95 -18.03
C VAL AF 42 -131.55 4.68 -18.19
N PRO AF 43 -130.70 4.60 -19.22
CA PRO AF 43 -129.85 3.42 -19.39
C PRO AF 43 -129.07 3.05 -18.15
N ALA AF 44 -128.51 4.02 -17.44
CA ALA AF 44 -127.87 3.75 -16.16
C ALA AF 44 -128.78 2.99 -15.22
N LEU AF 45 -130.06 3.28 -15.23
CA LEU AF 45 -131.02 2.55 -14.41
C LEU AF 45 -131.40 1.21 -15.04
N GLU AF 46 -131.34 1.11 -16.36
CA GLU AF 46 -131.89 -0.04 -17.05
C GLU AF 46 -131.07 -1.29 -16.75
N LYS AF 47 -131.78 -2.41 -16.63
CA LYS AF 47 -131.15 -3.70 -16.31
C LYS AF 47 -130.26 -4.07 -17.48
N ARG AF 48 -129.14 -4.72 -17.18
CA ARG AF 48 -128.21 -5.11 -18.23
C ARG AF 48 -127.94 -6.60 -18.16
N VAL AF 49 -127.75 -7.20 -19.33
CA VAL AF 49 -127.40 -8.61 -19.46
C VAL AF 49 -126.29 -8.73 -20.47
N THR AF 50 -125.22 -9.41 -20.10
CA THR AF 50 -124.03 -9.54 -20.93
C THR AF 50 -123.70 -11.01 -21.11
N VAL AF 51 -123.44 -11.39 -22.36
CA VAL AF 51 -122.98 -12.74 -22.66
C VAL AF 51 -121.77 -12.65 -23.56
N SER AF 52 -120.93 -13.66 -23.49
CA SER AF 52 -119.73 -13.69 -24.30
C SER AF 52 -119.32 -15.13 -24.53
N VAL AF 53 -118.65 -15.35 -25.65
CA VAL AF 53 -118.03 -16.63 -25.93
C VAL AF 53 -116.53 -16.37 -25.93
N SER AF 54 -115.75 -17.41 -26.19
CA SER AF 54 -114.30 -17.28 -26.26
C SER AF 54 -113.77 -18.41 -27.12
N GLN AF 55 -112.52 -18.28 -27.52
CA GLN AF 55 -111.91 -19.35 -28.28
C GLN AF 55 -110.49 -19.56 -27.76
N PRO AF 56 -110.02 -20.81 -27.75
CA PRO AF 56 -108.72 -21.09 -27.15
C PRO AF 56 -107.60 -20.41 -27.91
N SER AF 57 -106.62 -19.92 -27.17
CA SER AF 57 -105.48 -19.23 -27.75
C SER AF 57 -104.22 -19.89 -27.22
N ARG AF 58 -103.07 -19.32 -27.57
CA ARG AF 58 -101.82 -19.72 -26.96
C ARG AF 58 -101.81 -19.50 -25.45
N ASN AF 59 -102.65 -18.59 -24.96
CA ASN AF 59 -102.77 -18.35 -23.53
C ASN AF 59 -103.63 -19.39 -22.82
N ARG AF 60 -104.70 -19.87 -23.45
CA ARG AF 60 -105.58 -20.84 -22.83
C ARG AF 60 -106.14 -21.75 -23.91
N LYS AF 61 -106.23 -23.03 -23.58
CA LYS AF 61 -106.71 -24.05 -24.50
C LYS AF 61 -108.18 -24.33 -24.29
N ASN AF 62 -108.80 -23.58 -23.41
CA ASN AF 62 -110.16 -23.89 -22.98
C ASN AF 62 -111.11 -22.81 -23.46
N TYR AF 63 -112.36 -23.20 -23.69
CA TYR AF 63 -113.39 -22.23 -24.00
C TYR AF 63 -113.93 -21.60 -22.74
N LYS AF 64 -114.19 -20.30 -22.79
CA LYS AF 64 -114.83 -19.58 -21.70
C LYS AF 64 -116.14 -19.01 -22.20
N VAL AF 65 -117.18 -19.19 -21.42
CA VAL AF 65 -118.46 -18.56 -21.67
C VAL AF 65 -118.81 -17.76 -20.42
N GLN AF 66 -118.85 -16.45 -20.55
CA GLN AF 66 -119.06 -15.56 -19.43
C GLN AF 66 -120.40 -14.88 -19.57
N VAL AF 67 -121.17 -14.85 -18.49
CA VAL AF 67 -122.46 -14.19 -18.46
C VAL AF 67 -122.53 -13.38 -17.18
N LYS AF 68 -122.76 -12.07 -17.31
CA LYS AF 68 -122.87 -11.18 -16.18
C LYS AF 68 -124.19 -10.45 -16.24
N ILE AF 69 -124.77 -10.18 -15.08
CA ILE AF 69 -126.04 -9.50 -14.97
C ILE AF 69 -125.87 -8.33 -14.01
N GLN AF 70 -126.39 -7.18 -14.39
CA GLN AF 70 -126.23 -5.96 -13.61
C GLN AF 70 -127.62 -5.36 -13.42
N ASN AF 71 -128.07 -5.30 -12.17
CA ASN AF 71 -129.40 -4.81 -11.84
C ASN AF 71 -129.27 -3.76 -10.75
N PRO AF 72 -129.20 -2.49 -11.10
CA PRO AF 72 -129.06 -1.45 -10.10
C PRO AF 72 -130.33 -1.29 -9.30
N THR AF 73 -130.26 -0.41 -8.31
CA THR AF 73 -131.39 -0.06 -7.47
C THR AF 73 -131.64 1.43 -7.58
N ALA AF 74 -132.76 1.79 -8.17
CA ALA AF 74 -133.11 3.17 -8.37
C ALA AF 74 -133.56 3.79 -7.06
N CYS AF 75 -133.06 4.98 -6.77
CA CYS AF 75 -133.61 5.81 -5.70
C CYS AF 75 -134.47 6.86 -6.40
N THR AF 76 -135.79 6.71 -6.28
CA THR AF 76 -136.69 7.59 -7.00
C THR AF 76 -136.59 9.02 -6.48
N ALA AF 77 -136.82 9.19 -5.18
CA ALA AF 77 -136.70 10.51 -4.56
C ALA AF 77 -135.39 10.52 -3.79
N ASN AF 78 -134.42 11.25 -4.34
CA ASN AF 78 -133.18 11.53 -3.63
C ASN AF 78 -133.23 12.87 -2.93
N GLY AF 79 -134.37 13.56 -2.95
CA GLY AF 79 -134.40 14.97 -2.64
C GLY AF 79 -134.01 15.81 -3.83
N SER AF 80 -133.77 15.18 -4.98
CA SER AF 80 -133.37 15.87 -6.19
C SER AF 80 -134.32 15.46 -7.30
N CYS AF 81 -134.28 16.20 -8.41
CA CYS AF 81 -135.21 15.98 -9.50
C CYS AF 81 -134.96 14.71 -10.28
N ASP AF 82 -133.80 14.08 -10.11
CA ASP AF 82 -133.49 12.92 -10.92
C ASP AF 82 -133.18 11.73 -10.02
N PRO AF 83 -133.60 10.53 -10.42
CA PRO AF 83 -133.27 9.34 -9.64
C PRO AF 83 -131.78 9.06 -9.71
N SER AF 84 -131.30 8.24 -8.79
CA SER AF 84 -129.88 7.95 -8.69
C SER AF 84 -129.66 6.48 -8.35
N VAL AF 85 -128.55 5.96 -8.85
CA VAL AF 85 -128.16 4.58 -8.55
C VAL AF 85 -127.84 4.48 -7.08
N THR AF 86 -128.38 3.47 -6.42
CA THR AF 86 -128.07 3.26 -5.01
C THR AF 86 -127.23 2.02 -4.81
N ARG AF 87 -127.83 0.85 -4.97
CA ARG AF 87 -127.14 -0.42 -4.87
C ARG AF 87 -127.05 -1.05 -6.23
N GLN AF 88 -125.96 -1.77 -6.48
CA GLN AF 88 -125.76 -2.40 -7.77
C GLN AF 88 -125.64 -3.89 -7.56
N ALA AF 89 -126.63 -4.64 -8.02
CA ALA AF 89 -126.63 -6.09 -7.88
C ALA AF 89 -125.75 -6.69 -8.97
N TYR AF 90 -124.79 -7.52 -8.58
CA TYR AF 90 -123.92 -8.18 -9.54
C TYR AF 90 -124.18 -9.67 -9.56
N ALA AF 91 -124.59 -10.16 -10.73
CA ALA AF 91 -124.78 -11.59 -10.94
C ALA AF 91 -123.84 -12.02 -12.04
N ASP AF 92 -122.90 -12.91 -11.71
CA ASP AF 92 -121.88 -13.34 -12.64
C ASP AF 92 -121.89 -14.86 -12.77
N VAL AF 93 -121.79 -15.34 -14.01
CA VAL AF 93 -121.77 -16.75 -14.31
C VAL AF 93 -120.71 -16.98 -15.38
N THR AF 94 -119.90 -18.01 -15.20
CA THR AF 94 -118.87 -18.37 -16.15
C THR AF 94 -118.96 -19.85 -16.50
N PHE AF 95 -118.28 -20.22 -17.57
CA PHE AF 95 -118.23 -21.61 -17.99
C PHE AF 95 -116.86 -21.90 -18.57
N SER AF 96 -116.39 -23.11 -18.30
CA SER AF 96 -115.13 -23.57 -18.86
C SER AF 96 -115.38 -24.89 -19.56
N PHE AF 97 -114.71 -25.11 -20.67
CA PHE AF 97 -114.85 -26.34 -21.41
C PHE AF 97 -113.54 -26.65 -22.11
N THR AF 98 -113.38 -27.91 -22.47
CA THR AF 98 -112.20 -28.39 -23.15
C THR AF 98 -112.53 -28.59 -24.62
N GLN AF 99 -111.52 -28.37 -25.46
CA GLN AF 99 -111.70 -28.51 -26.89
C GLN AF 99 -112.38 -29.80 -27.27
N TYR AF 100 -112.23 -30.85 -26.47
CA TYR AF 100 -112.91 -32.10 -26.76
C TYR AF 100 -114.26 -32.20 -26.07
N SER AF 101 -114.70 -31.15 -25.39
CA SER AF 101 -115.98 -31.19 -24.70
C SER AF 101 -117.09 -31.56 -25.68
N THR AF 102 -117.99 -32.45 -25.27
CA THR AF 102 -119.04 -32.84 -26.19
C THR AF 102 -120.27 -31.98 -25.99
N ASP AF 103 -121.29 -32.25 -26.80
CA ASP AF 103 -122.50 -31.45 -26.73
C ASP AF 103 -123.29 -31.74 -25.47
N GLU AF 104 -123.67 -33.00 -25.26
CA GLU AF 104 -124.57 -33.31 -24.18
C GLU AF 104 -123.98 -32.95 -22.82
N GLU AF 105 -122.68 -33.18 -22.65
CA GLU AF 105 -122.02 -32.71 -21.45
C GLU AF 105 -122.35 -31.26 -21.18
N ARG AF 106 -122.12 -30.40 -22.17
CA ARG AF 106 -122.48 -29.01 -22.01
C ARG AF 106 -123.96 -28.86 -21.72
N ALA AF 107 -124.80 -29.42 -22.59
CA ALA AF 107 -126.24 -29.42 -22.35
C ALA AF 107 -126.56 -29.89 -20.95
N PHE AF 108 -125.93 -30.98 -20.51
CA PHE AF 108 -126.13 -31.45 -19.15
C PHE AF 108 -125.82 -30.36 -18.14
N VAL AF 109 -124.76 -29.60 -18.36
CA VAL AF 109 -124.44 -28.53 -17.44
C VAL AF 109 -125.53 -27.48 -17.43
N ARG AF 110 -126.02 -27.11 -18.61
CA ARG AF 110 -126.95 -25.99 -18.68
C ARG AF 110 -128.17 -26.23 -17.82
N THR AF 111 -128.88 -27.34 -18.05
CA THR AF 111 -130.10 -27.58 -17.30
C THR AF 111 -129.84 -27.64 -15.80
N GLU AF 112 -128.93 -28.51 -15.36
CA GLU AF 112 -128.74 -28.72 -13.94
C GLU AF 112 -128.50 -27.42 -13.19
N LEU AF 113 -127.74 -26.51 -13.75
CA LEU AF 113 -127.56 -25.23 -13.10
C LEU AF 113 -128.90 -24.55 -12.88
N ALA AF 114 -129.75 -24.53 -13.91
CA ALA AF 114 -131.07 -23.98 -13.74
C ALA AF 114 -131.84 -24.68 -12.64
N ALA AF 115 -131.89 -26.02 -12.68
CA ALA AF 115 -132.61 -26.76 -11.66
C ALA AF 115 -132.15 -26.35 -10.27
N LEU AF 116 -130.85 -26.25 -10.05
CA LEU AF 116 -130.37 -25.74 -8.77
C LEU AF 116 -130.99 -24.40 -8.44
N LEU AF 117 -131.02 -23.48 -9.40
CA LEU AF 117 -131.59 -22.18 -9.13
C LEU AF 117 -133.05 -22.28 -8.72
N ALA AF 118 -133.75 -23.31 -9.17
CA ALA AF 118 -135.09 -23.56 -8.68
C ALA AF 118 -135.10 -24.48 -7.46
N SER AF 119 -133.98 -25.05 -7.09
CA SER AF 119 -133.94 -25.93 -5.95
C SER AF 119 -134.23 -25.17 -4.67
N PRO AF 120 -134.92 -25.79 -3.72
CA PRO AF 120 -135.15 -25.15 -2.42
C PRO AF 120 -133.87 -24.85 -1.67
N LEU AF 121 -132.76 -25.49 -2.04
CA LEU AF 121 -131.51 -25.21 -1.37
C LEU AF 121 -131.09 -23.76 -1.59
N LEU AF 122 -130.87 -23.40 -2.84
CA LEU AF 122 -130.29 -22.09 -3.13
C LEU AF 122 -131.15 -20.93 -2.71
N ILE AF 123 -132.48 -21.09 -2.73
CA ILE AF 123 -133.34 -19.96 -2.44
C ILE AF 123 -133.03 -19.36 -1.09
N ASP AF 124 -132.92 -20.18 -0.05
CA ASP AF 124 -132.48 -19.68 1.24
C ASP AF 124 -131.07 -19.13 1.18
N ALA AF 125 -130.18 -19.83 0.49
CA ALA AF 125 -128.85 -19.33 0.24
C ALA AF 125 -128.87 -17.98 -0.45
N ILE AF 126 -129.63 -17.84 -1.52
CA ILE AF 126 -129.75 -16.58 -2.24
C ILE AF 126 -130.62 -15.59 -1.49
N ASP AF 127 -131.91 -15.89 -1.39
CA ASP AF 127 -132.85 -14.90 -0.88
C ASP AF 127 -132.54 -14.51 0.56
N GLN AF 128 -132.45 -15.49 1.44
CA GLN AF 128 -132.25 -15.21 2.85
C GLN AF 128 -130.80 -15.24 3.27
N LEU AF 129 -129.87 -15.42 2.33
CA LEU AF 129 -128.44 -15.41 2.62
C LEU AF 129 -128.11 -16.41 3.72
N ASN AF 130 -128.33 -17.68 3.41
CA ASN AF 130 -128.10 -18.64 4.46
C ASN AF 130 -127.17 -19.73 3.99
N PRO AF 131 -126.27 -20.17 4.84
CA PRO AF 131 -125.45 -21.33 4.51
C PRO AF 131 -126.28 -22.61 4.52
N ALA AF 132 -125.60 -23.74 4.48
CA ALA AF 132 -126.18 -25.02 4.09
C ALA AF 132 -126.95 -25.69 5.21
N TYR AF 133 -127.09 -25.04 6.35
CA TYR AF 133 -127.74 -25.67 7.48
C TYR AF 133 -129.19 -25.20 7.60
N ALA BF 2 -129.29 1.17 -35.28
CA ALA BF 2 -129.74 0.05 -36.09
C ALA BF 2 -128.61 -0.44 -36.98
N LYS BF 3 -128.97 -1.33 -37.91
CA LYS BF 3 -128.01 -1.96 -38.81
C LYS BF 3 -127.37 -0.92 -39.71
N LEU BF 4 -126.07 -1.08 -39.94
CA LEU BF 4 -125.39 -0.35 -41.00
C LEU BF 4 -126.10 -0.61 -42.30
N GLU BF 5 -126.42 0.46 -43.01
CA GLU BF 5 -127.11 0.33 -44.28
C GLU BF 5 -126.57 1.37 -45.25
N THR BF 6 -127.08 1.30 -46.48
CA THR BF 6 -126.83 2.37 -47.44
C THR BF 6 -127.54 3.58 -46.89
N VAL BF 7 -126.79 4.68 -46.74
CA VAL BF 7 -127.39 5.90 -46.23
C VAL BF 7 -127.43 6.93 -47.34
N THR BF 8 -128.61 7.22 -47.84
CA THR BF 8 -128.81 8.24 -48.85
C THR BF 8 -128.98 9.57 -48.15
N LEU BF 9 -128.42 10.62 -48.75
CA LEU BF 9 -128.54 11.96 -48.21
C LEU BF 9 -128.93 12.92 -49.32
N GLY BF 10 -130.04 13.62 -49.13
CA GLY BF 10 -130.46 14.67 -50.03
C GLY BF 10 -130.14 16.03 -49.43
N ASN BF 11 -130.31 17.06 -50.24
CA ASN BF 11 -130.18 18.44 -49.80
C ASN BF 11 -128.79 18.68 -49.21
N ILE BF 12 -127.80 18.66 -50.08
CA ILE BF 12 -126.41 18.72 -49.68
C ILE BF 12 -125.76 19.87 -50.43
N GLY BF 13 -124.73 20.47 -49.82
CA GLY BF 13 -123.99 21.54 -50.44
C GLY BF 13 -124.78 22.83 -50.47
N LYS BF 14 -124.07 23.89 -50.83
CA LYS BF 14 -124.68 25.21 -50.91
C LYS BF 14 -125.93 25.17 -51.80
N ASP BF 15 -125.89 24.37 -52.86
CA ASP BF 15 -127.06 24.19 -53.70
C ASP BF 15 -128.19 23.52 -52.92
N GLY BF 16 -127.90 22.42 -52.25
CA GLY BF 16 -128.96 21.61 -51.70
C GLY BF 16 -129.56 20.65 -52.71
N LYS BF 17 -129.07 20.67 -53.94
CA LYS BF 17 -129.46 19.66 -54.90
C LYS BF 17 -128.48 18.49 -54.89
N GLN BF 18 -127.38 18.63 -54.17
CA GLN BF 18 -126.40 17.57 -54.06
C GLN BF 18 -126.97 16.42 -53.25
N THR BF 19 -126.65 15.20 -53.67
CA THR BF 19 -127.05 14.00 -52.98
C THR BF 19 -125.85 13.11 -52.77
N LEU BF 20 -125.91 12.27 -51.75
CA LEU BF 20 -124.79 11.39 -51.43
C LEU BF 20 -125.33 10.09 -50.84
N VAL BF 21 -124.70 8.99 -51.21
CA VAL BF 21 -124.99 7.70 -50.62
C VAL BF 21 -123.75 7.21 -49.91
N LEU BF 22 -123.95 6.40 -48.87
CA LEU BF 22 -122.84 5.89 -48.06
C LEU BF 22 -123.03 4.40 -47.87
N ASN BF 23 -122.08 3.65 -48.30
CA ASN BF 23 -122.24 2.24 -48.04
C ASN BF 23 -121.60 1.86 -46.72
N PRO BF 24 -122.16 0.88 -46.03
CA PRO BF 24 -121.52 0.37 -44.82
C PRO BF 24 -120.16 -0.22 -45.15
N ARG BF 25 -119.16 0.24 -44.43
CA ARG BF 25 -117.78 -0.21 -44.62
C ARG BF 25 -117.37 -1.30 -43.64
N GLY BF 26 -118.28 -1.73 -42.78
CA GLY BF 26 -117.92 -2.62 -41.69
C GLY BF 26 -117.47 -1.82 -40.48
N VAL BF 27 -116.99 -2.55 -39.47
CA VAL BF 27 -116.61 -1.94 -38.20
C VAL BF 27 -115.24 -2.44 -37.82
N ASN BF 28 -114.33 -1.52 -37.53
CA ASN BF 28 -113.08 -1.94 -36.96
C ASN BF 28 -113.29 -2.39 -35.52
N PRO BF 29 -113.11 -3.66 -35.20
CA PRO BF 29 -113.36 -4.12 -33.84
C PRO BF 29 -112.36 -3.61 -32.83
N THR BF 30 -111.12 -3.34 -33.26
CA THR BF 30 -110.10 -2.90 -32.32
C THR BF 30 -110.55 -1.66 -31.57
N ASN BF 31 -110.61 -0.53 -32.26
CA ASN BF 31 -111.15 0.68 -31.67
C ASN BF 31 -112.66 0.60 -31.48
N GLY BF 32 -113.31 -0.40 -32.07
CA GLY BF 32 -114.75 -0.48 -31.99
C GLY BF 32 -115.43 0.67 -32.67
N VAL BF 33 -115.11 0.92 -33.94
CA VAL BF 33 -115.61 2.07 -34.67
C VAL BF 33 -116.15 1.61 -36.00
N ALA BF 34 -117.38 2.02 -36.30
CA ALA BF 34 -117.99 1.76 -37.59
C ALA BF 34 -117.42 2.70 -38.64
N SER BF 35 -117.60 2.32 -39.89
CA SER BF 35 -117.13 3.12 -41.00
C SER BF 35 -118.16 3.12 -42.12
N LEU BF 36 -118.32 4.26 -42.77
CA LEU BF 36 -119.23 4.40 -43.90
C LEU BF 36 -118.50 5.12 -45.00
N SER BF 37 -118.87 4.84 -46.24
CA SER BF 37 -118.20 5.52 -47.34
C SER BF 37 -119.12 5.65 -48.53
N GLN BF 38 -118.90 6.73 -49.27
CA GLN BF 38 -119.35 6.80 -50.64
C GLN BF 38 -118.69 5.70 -51.46
N ALA BF 39 -119.41 5.21 -52.46
CA ALA BF 39 -118.81 4.27 -53.40
C ALA BF 39 -118.26 5.08 -54.57
N GLY BF 40 -116.93 5.19 -54.58
CA GLY BF 40 -116.22 5.81 -55.67
C GLY BF 40 -115.41 4.82 -56.45
N ALA BF 41 -114.36 5.32 -57.09
CA ALA BF 41 -113.38 4.45 -57.71
C ALA BF 41 -112.29 4.07 -56.72
N VAL BF 42 -111.51 5.04 -56.29
CA VAL BF 42 -110.38 4.78 -55.41
C VAL BF 42 -110.80 5.03 -53.96
N PRO BF 43 -110.74 4.02 -53.09
CA PRO BF 43 -111.08 4.24 -51.69
C PRO BF 43 -110.36 5.41 -51.05
N ALA BF 44 -109.08 5.58 -51.33
CA ALA BF 44 -108.36 6.76 -50.88
C ALA BF 44 -109.08 8.04 -51.26
N LEU BF 45 -109.68 8.09 -52.44
CA LEU BF 45 -110.45 9.25 -52.85
C LEU BF 45 -111.83 9.27 -52.24
N GLU BF 46 -112.39 8.11 -51.91
CA GLU BF 46 -113.78 8.02 -51.51
C GLU BF 46 -114.01 8.69 -50.17
N LYS BF 47 -115.16 9.34 -50.04
CA LYS BF 47 -115.53 10.05 -48.82
C LYS BF 47 -115.67 9.03 -47.71
N ARG BF 48 -115.31 9.41 -46.50
CA ARG BF 48 -115.41 8.51 -45.38
C ARG BF 48 -116.23 9.13 -44.26
N VAL BF 49 -116.98 8.29 -43.55
CA VAL BF 49 -117.77 8.70 -42.40
C VAL BF 49 -117.55 7.68 -41.31
N THR BF 50 -117.21 8.16 -40.12
CA THR BF 50 -116.89 7.29 -38.99
C THR BF 50 -117.74 7.68 -37.80
N VAL BF 51 -118.34 6.67 -37.16
CA VAL BF 51 -119.09 6.88 -35.94
C VAL BF 51 -118.62 5.87 -34.92
N SER BF 52 -118.76 6.24 -33.65
CA SER BF 52 -118.36 5.35 -32.58
C SER BF 52 -119.17 5.67 -31.34
N VAL BF 53 -119.35 4.65 -30.51
CA VAL BF 53 -119.93 4.83 -29.19
C VAL BF 53 -118.83 4.55 -28.19
N SER BF 54 -119.16 4.61 -26.91
CA SER BF 54 -118.20 4.31 -25.87
C SER BF 54 -118.98 3.93 -24.62
N GLN BF 55 -118.27 3.34 -23.67
CA GLN BF 55 -118.90 3.01 -22.41
C GLN BF 55 -117.98 3.37 -21.28
N PRO BF 56 -118.52 3.82 -20.15
CA PRO BF 56 -117.67 4.31 -19.07
C PRO BF 56 -116.82 3.19 -18.49
N SER BF 57 -115.59 3.55 -18.16
CA SER BF 57 -114.64 2.60 -17.59
C SER BF 57 -114.10 3.18 -16.30
N ARG BF 58 -113.13 2.48 -15.71
CA ARG BF 58 -112.40 3.03 -14.60
C ARG BF 58 -111.65 4.31 -14.96
N ASN BF 59 -111.35 4.49 -16.25
CA ASN BF 59 -110.72 5.71 -16.72
C ASN BF 59 -111.66 6.88 -16.86
N ARG BF 60 -112.90 6.64 -17.30
CA ARG BF 60 -113.86 7.71 -17.49
C ARG BF 60 -115.25 7.18 -17.18
N LYS BF 61 -116.05 8.00 -16.53
CA LYS BF 61 -117.40 7.64 -16.12
C LYS BF 61 -118.42 8.13 -17.12
N ASN BF 62 -117.96 8.72 -18.20
CA ASN BF 62 -118.85 9.40 -19.14
C ASN BF 62 -118.88 8.66 -20.46
N TYR BF 63 -120.02 8.77 -21.15
CA TYR BF 63 -120.13 8.23 -22.49
C TYR BF 63 -119.53 9.19 -23.50
N LYS BF 64 -118.83 8.65 -24.48
CA LYS BF 64 -118.30 9.44 -25.59
C LYS BF 64 -118.92 8.93 -26.87
N VAL BF 65 -119.39 9.85 -27.70
CA VAL BF 65 -119.85 9.54 -29.04
C VAL BF 65 -119.04 10.38 -29.99
N GLN BF 66 -118.23 9.74 -30.81
CA GLN BF 66 -117.30 10.43 -31.69
C GLN BF 66 -117.73 10.20 -33.13
N VAL BF 67 -117.77 11.27 -33.90
CA VAL BF 67 -118.10 11.21 -35.32
C VAL BF 67 -117.09 12.04 -36.07
N LYS BF 68 -116.41 11.43 -37.03
CA LYS BF 68 -115.42 12.10 -37.84
C LYS BF 68 -115.76 11.92 -39.32
N ILE BF 69 -115.49 12.96 -40.10
CA ILE BF 69 -115.77 12.94 -41.53
C ILE BF 69 -114.50 13.32 -42.26
N GLN BF 70 -114.18 12.58 -43.31
CA GLN BF 70 -112.95 12.77 -44.06
C GLN BF 70 -113.32 12.88 -45.53
N ASN BF 71 -113.07 14.05 -46.12
CA ASN BF 71 -113.44 14.33 -47.51
C ASN BF 71 -112.22 14.88 -48.23
N PRO BF 72 -111.46 14.04 -48.90
CA PRO BF 72 -110.26 14.51 -49.58
C PRO BF 72 -110.64 15.34 -50.80
N THR BF 73 -109.60 15.87 -51.44
CA THR BF 73 -109.74 16.64 -52.66
C THR BF 73 -108.92 15.97 -53.75
N ALA BF 74 -109.60 15.43 -54.73
CA ALA BF 74 -108.95 14.74 -55.83
C ALA BF 74 -108.31 15.74 -56.76
N CYS BF 75 -107.07 15.46 -57.16
CA CYS BF 75 -106.43 16.16 -58.26
C CYS BF 75 -106.51 15.23 -59.45
N THR BF 76 -107.39 15.56 -60.40
CA THR BF 76 -107.63 14.67 -61.53
C THR BF 76 -106.40 14.56 -62.41
N ALA BF 77 -105.92 15.70 -62.90
CA ALA BF 77 -104.71 15.71 -63.71
C ALA BF 77 -103.59 16.23 -62.84
N ASN BF 78 -102.69 15.32 -62.45
CA ASN BF 78 -101.46 15.68 -61.77
C ASN BF 78 -100.30 15.78 -62.75
N GLY BF 79 -100.56 15.65 -64.04
CA GLY BF 79 -99.50 15.36 -64.98
C GLY BF 79 -99.14 13.90 -65.00
N SER BF 80 -99.87 13.07 -64.25
CA SER BF 80 -99.63 11.65 -64.16
C SER BF 80 -100.94 10.92 -64.47
N CYS BF 81 -100.85 9.62 -64.71
CA CYS BF 81 -101.99 8.83 -65.13
C CYS BF 81 -103.01 8.60 -64.03
N ASP BF 82 -102.65 8.86 -62.76
CA ASP BF 82 -103.55 8.57 -61.68
C ASP BF 82 -103.83 9.82 -60.86
N PRO BF 83 -105.06 9.99 -60.39
CA PRO BF 83 -105.35 11.14 -59.53
C PRO BF 83 -104.66 10.98 -58.19
N SER BF 84 -104.55 12.09 -57.47
CA SER BF 84 -103.83 12.11 -56.21
C SER BF 84 -104.56 12.98 -55.19
N VAL BF 85 -104.43 12.60 -53.93
CA VAL BF 85 -105.00 13.37 -52.84
C VAL BF 85 -104.29 14.70 -52.76
N THR BF 86 -105.07 15.77 -52.66
CA THR BF 86 -104.46 17.09 -52.52
C THR BF 86 -104.70 17.67 -51.14
N ARG BF 87 -105.93 18.06 -50.87
CA ARG BF 87 -106.32 18.58 -49.58
C ARG BF 87 -107.23 17.58 -48.90
N GLN BF 88 -107.14 17.51 -47.58
CA GLN BF 88 -107.96 16.57 -46.83
C GLN BF 88 -108.81 17.35 -45.85
N ALA BF 89 -110.12 17.37 -46.08
CA ALA BF 89 -111.04 18.08 -45.21
C ALA BF 89 -111.34 17.21 -43.99
N TYR BF 90 -111.15 17.77 -42.81
CA TYR BF 90 -111.43 17.06 -41.57
C TYR BF 90 -112.62 17.67 -40.86
N ALA BF 91 -113.65 16.87 -40.68
CA ALA BF 91 -114.83 17.28 -39.93
C ALA BF 91 -114.96 16.33 -38.75
N ASP BF 92 -114.87 16.86 -37.54
CA ASP BF 92 -114.89 16.06 -36.33
C ASP BF 92 -115.97 16.55 -35.38
N VAL BF 93 -116.72 15.62 -34.82
CA VAL BF 93 -117.79 15.90 -33.87
C VAL BF 93 -117.71 14.89 -32.75
N THR BF 94 -117.84 15.36 -31.52
CA THR BF 94 -117.82 14.50 -30.35
C THR BF 94 -119.02 14.80 -29.46
N PHE BF 95 -119.27 13.88 -28.54
CA PHE BF 95 -120.34 14.06 -27.58
C PHE BF 95 -119.91 13.47 -26.24
N SER BF 96 -120.33 14.14 -25.18
CA SER BF 96 -120.10 13.66 -23.83
C SER BF 96 -121.42 13.58 -23.12
N PHE BF 97 -121.58 12.57 -22.28
CA PHE BF 97 -122.80 12.42 -21.50
C PHE BF 97 -122.47 11.74 -20.19
N THR BF 98 -123.37 11.91 -19.24
CA THR BF 98 -123.23 11.32 -17.93
C THR BF 98 -124.14 10.11 -17.81
N GLN BF 99 -123.71 9.14 -17.04
CA GLN BF 99 -124.46 7.92 -16.87
C GLN BF 99 -125.91 8.19 -16.54
N TYR BF 100 -126.22 9.31 -15.91
CA TYR BF 100 -127.60 9.65 -15.62
C TYR BF 100 -128.24 10.49 -16.71
N SER BF 101 -127.54 10.74 -17.81
CA SER BF 101 -128.09 11.55 -18.89
C SER BF 101 -129.40 10.95 -19.35
N THR BF 102 -130.41 11.79 -19.57
CA THR BF 102 -131.69 11.26 -20.00
C THR BF 102 -131.78 11.25 -21.51
N ASP BF 103 -132.92 10.76 -22.00
CA ASP BF 103 -133.10 10.65 -23.44
C ASP BF 103 -133.30 12.02 -24.07
N GLU BF 104 -134.30 12.77 -23.63
CA GLU BF 104 -134.66 14.00 -24.31
C GLU BF 104 -133.52 14.99 -24.30
N GLU BF 105 -132.79 15.08 -23.18
CA GLU BF 105 -131.59 15.89 -23.14
C GLU BF 105 -130.70 15.59 -24.34
N ARG BF 106 -130.36 14.33 -24.52
CA ARG BF 106 -129.58 13.95 -25.68
C ARG BF 106 -130.29 14.34 -26.96
N ALA BF 107 -131.54 13.90 -27.12
CA ALA BF 107 -132.31 14.29 -28.28
C ALA BF 107 -132.30 15.81 -28.47
N PHE BF 108 -132.48 16.55 -27.39
CA PHE BF 108 -132.38 17.99 -27.47
C PHE BF 108 -131.06 18.44 -28.06
N VAL BF 109 -129.97 17.79 -27.67
CA VAL BF 109 -128.67 18.15 -28.22
C VAL BF 109 -128.63 17.88 -29.71
N ARG BF 110 -129.16 16.73 -30.14
CA ARG BF 110 -129.00 16.33 -31.52
C ARG BF 110 -129.59 17.38 -32.46
N THR BF 111 -130.87 17.71 -32.29
CA THR BF 111 -131.50 18.64 -33.21
C THR BF 111 -130.79 19.98 -33.21
N GLU BF 112 -130.65 20.62 -32.05
CA GLU BF 112 -130.11 21.97 -32.00
C GLU BF 112 -128.79 22.09 -32.73
N LEU BF 113 -127.91 21.11 -32.61
CA LEU BF 113 -126.67 21.17 -33.37
C LEU BF 113 -126.96 21.27 -34.85
N ALA BF 114 -127.87 20.44 -35.35
CA ALA BF 114 -128.25 20.54 -36.74
C ALA BF 114 -128.78 21.92 -37.08
N ALA BF 115 -129.73 22.42 -36.29
CA ALA BF 115 -130.28 23.74 -36.56
C ALA BF 115 -129.18 24.79 -36.68
N LEU BF 116 -128.21 24.77 -35.77
CA LEU BF 116 -127.07 25.66 -35.92
C LEU BF 116 -126.41 25.50 -37.27
N LEU BF 117 -126.19 24.27 -37.71
CA LEU BF 117 -125.54 24.06 -38.98
C LEU BF 117 -126.35 24.67 -40.12
N ALA BF 118 -127.66 24.77 -39.96
CA ALA BF 118 -128.48 25.49 -40.92
C ALA BF 118 -128.63 26.95 -40.57
N SER BF 119 -128.18 27.38 -39.40
CA SER BF 119 -128.32 28.76 -39.02
C SER BF 119 -127.47 29.66 -39.92
N PRO BF 120 -127.95 30.86 -40.22
CA PRO BF 120 -127.15 31.80 -41.00
C PRO BF 120 -125.86 32.19 -40.31
N LEU BF 121 -125.75 31.98 -39.00
CA LEU BF 121 -124.51 32.31 -38.32
C LEU BF 121 -123.36 31.46 -38.84
N LEU BF 122 -123.47 30.15 -38.70
CA LEU BF 122 -122.33 29.29 -39.00
C LEU BF 122 -121.91 29.32 -40.46
N ILE BF 123 -122.85 29.54 -41.37
CA ILE BF 123 -122.50 29.45 -42.78
C ILE BF 123 -121.38 30.40 -43.13
N ASP BF 124 -121.46 31.66 -42.70
CA ASP BF 124 -120.34 32.57 -42.88
C ASP BF 124 -119.12 32.11 -42.11
N ALA BF 125 -119.31 31.66 -40.89
CA ALA BF 125 -118.24 31.05 -40.12
C ALA BF 125 -117.61 29.88 -40.86
N ILE BF 126 -118.41 28.95 -41.36
CA ILE BF 126 -117.90 27.80 -42.10
C ILE BF 126 -117.48 28.20 -43.51
N ASP BF 127 -118.44 28.59 -44.34
CA ASP BF 127 -118.15 28.77 -45.75
C ASP BF 127 -117.13 29.87 -45.98
N GLN BF 128 -117.40 31.06 -45.46
CA GLN BF 128 -116.53 32.20 -45.70
C GLN BF 128 -115.48 32.41 -44.62
N LEU BF 129 -115.40 31.51 -43.64
CA LEU BF 129 -114.39 31.58 -42.59
C LEU BF 129 -114.43 32.94 -41.90
N ASN BF 130 -115.55 33.19 -41.25
CA ASN BF 130 -115.66 34.50 -40.64
C ASN BF 130 -116.00 34.38 -39.17
N PRO BF 131 -115.42 35.21 -38.35
CA PRO BF 131 -115.83 35.27 -36.96
C PRO BF 131 -117.20 35.91 -36.82
N ALA BF 132 -117.56 36.25 -35.59
CA ALA BF 132 -118.94 36.47 -35.20
C ALA BF 132 -119.45 37.87 -35.55
N TYR BF 133 -118.64 38.66 -36.24
CA TYR BF 133 -119.04 40.02 -36.55
C TYR BF 133 -119.56 40.12 -37.97
N ALA CF 2 -121.34 -7.46 -44.78
CA ALA CF 2 -122.51 -7.34 -43.92
C ALA CF 2 -122.31 -8.13 -42.64
N LYS CF 3 -123.39 -8.27 -41.88
CA LYS CF 3 -123.35 -8.93 -40.59
C LYS CF 3 -123.01 -10.40 -40.75
N LEU CF 4 -122.19 -10.90 -39.82
CA LEU CF 4 -121.99 -12.33 -39.69
C LEU CF 4 -123.34 -12.99 -39.50
N GLU CF 5 -123.61 -14.02 -40.28
CA GLU CF 5 -124.87 -14.73 -40.19
C GLU CF 5 -124.63 -16.21 -40.40
N THR CF 6 -125.70 -16.98 -40.26
CA THR CF 6 -125.67 -18.38 -40.65
C THR CF 6 -125.49 -18.38 -42.15
N VAL CF 7 -124.47 -19.09 -42.62
CA VAL CF 7 -124.21 -19.15 -44.05
C VAL CF 7 -124.50 -20.57 -44.52
N THR CF 8 -125.58 -20.73 -45.27
CA THR CF 8 -125.93 -22.01 -45.86
C THR CF 8 -125.22 -22.14 -47.19
N LEU CF 9 -124.75 -23.34 -47.50
CA LEU CF 9 -124.08 -23.60 -48.76
C LEU CF 9 -124.65 -24.87 -49.38
N GLY CF 10 -125.15 -24.74 -50.61
CA GLY CF 10 -125.60 -25.88 -51.37
C GLY CF 10 -124.56 -26.23 -52.42
N ASN CF 11 -124.79 -27.36 -53.07
CA ASN CF 11 -123.97 -27.81 -54.18
C ASN CF 11 -122.49 -27.91 -53.77
N ILE CF 12 -122.22 -28.90 -52.93
CA ILE CF 12 -120.92 -29.06 -52.31
C ILE CF 12 -120.43 -30.46 -52.62
N GLY CF 13 -119.12 -30.63 -52.68
CA GLY CF 13 -118.51 -31.92 -52.89
C GLY CF 13 -118.69 -32.39 -54.32
N LYS CF 14 -117.98 -33.47 -54.63
CA LYS CF 14 -118.04 -34.05 -55.96
C LYS CF 14 -119.47 -34.32 -56.37
N ASP CF 15 -120.30 -34.74 -55.42
CA ASP CF 15 -121.72 -34.94 -55.69
C ASP CF 15 -122.40 -33.61 -56.04
N GLY CF 16 -122.19 -32.59 -55.22
CA GLY CF 16 -122.97 -31.38 -55.36
C GLY CF 16 -124.30 -31.47 -54.66
N LYS CF 17 -124.60 -32.60 -54.03
CA LYS CF 17 -125.78 -32.69 -53.18
C LYS CF 17 -125.43 -32.34 -51.74
N GLN CF 18 -124.14 -32.22 -51.44
CA GLN CF 18 -123.70 -31.86 -50.10
C GLN CF 18 -124.09 -30.43 -49.78
N THR CF 19 -124.49 -30.21 -48.55
CA THR CF 19 -124.84 -28.90 -48.05
C THR CF 19 -124.12 -28.64 -46.74
N LEU CF 20 -123.89 -27.36 -46.45
CA LEU CF 20 -123.17 -26.99 -45.24
C LEU CF 20 -123.70 -25.66 -44.72
N VAL CF 21 -123.81 -25.55 -43.41
CA VAL CF 21 -124.16 -24.31 -42.76
C VAL CF 21 -122.99 -23.89 -41.89
N LEU CF 22 -122.85 -22.58 -41.69
CA LEU CF 22 -121.75 -22.02 -40.93
C LEU CF 22 -122.30 -21.00 -39.93
N ASN CF 23 -122.06 -21.24 -38.70
CA ASN CF 23 -122.53 -20.23 -37.78
C ASN CF 23 -121.45 -19.18 -37.54
N PRO CF 24 -121.85 -17.95 -37.30
CA PRO CF 24 -120.87 -16.94 -36.90
C PRO CF 24 -120.21 -17.31 -35.60
N ARG CF 25 -118.89 -17.30 -35.61
CA ARG CF 25 -118.12 -17.64 -34.42
C ARG CF 25 -117.63 -16.42 -33.66
N GLY CF 26 -118.01 -15.23 -34.09
CA GLY CF 26 -117.45 -14.01 -33.53
C GLY CF 26 -116.17 -13.64 -34.26
N VAL CF 27 -115.51 -12.61 -33.74
CA VAL CF 27 -114.32 -12.06 -34.37
C VAL CF 27 -113.22 -11.93 -33.32
N ASN CF 28 -112.06 -12.47 -33.61
CA ASN CF 28 -110.94 -12.20 -32.75
C ASN CF 28 -110.47 -10.77 -32.96
N PRO CF 29 -110.60 -9.89 -31.98
CA PRO CF 29 -110.20 -8.49 -32.18
C PRO CF 29 -108.71 -8.30 -32.31
N THR CF 30 -107.91 -9.16 -31.69
CA THR CF 30 -106.46 -8.98 -31.74
C THR CF 30 -105.97 -8.93 -33.17
N ASN CF 31 -106.00 -10.05 -33.86
CA ASN CF 31 -105.67 -10.08 -35.28
C ASN CF 31 -106.76 -9.41 -36.12
N GLY CF 32 -107.91 -9.12 -35.54
CA GLY CF 32 -109.01 -8.56 -36.32
C GLY CF 32 -109.49 -9.51 -37.39
N VAL CF 33 -109.86 -10.74 -37.01
CA VAL CF 33 -110.23 -11.76 -37.97
C VAL CF 33 -111.54 -12.39 -37.51
N ALA CF 34 -112.50 -12.45 -38.43
CA ALA CF 34 -113.75 -13.13 -38.18
C ALA CF 34 -113.57 -14.64 -38.26
N SER CF 35 -114.53 -15.36 -37.69
CA SER CF 35 -114.49 -16.81 -37.70
C SER CF 35 -115.89 -17.35 -37.95
N LEU CF 36 -115.97 -18.42 -38.73
CA LEU CF 36 -117.22 -19.09 -39.01
C LEU CF 36 -117.02 -20.58 -38.82
N SER CF 37 -118.08 -21.28 -38.44
CA SER CF 37 -117.93 -22.71 -38.24
C SER CF 37 -119.24 -23.43 -38.51
N GLN CF 38 -119.10 -24.66 -38.98
CA GLN CF 38 -120.17 -25.63 -38.89
C GLN CF 38 -120.49 -25.88 -37.42
N ALA CF 39 -121.76 -26.17 -37.15
CA ALA CF 39 -122.13 -26.60 -35.80
C ALA CF 39 -122.06 -28.12 -35.75
N GLY CF 40 -121.03 -28.61 -35.09
CA GLY CF 40 -120.86 -30.02 -34.85
C GLY CF 40 -121.01 -30.35 -33.39
N ALA CF 41 -120.38 -31.45 -32.99
CA ALA CF 41 -120.28 -31.77 -31.58
C ALA CF 41 -119.03 -31.13 -30.97
N VAL CF 42 -117.86 -31.56 -31.42
CA VAL CF 42 -116.61 -31.09 -30.85
C VAL CF 42 -116.06 -29.97 -31.70
N PRO CF 43 -115.89 -28.76 -31.16
CA PRO CF 43 -115.31 -27.66 -31.94
C PRO CF 43 -114.01 -28.03 -32.62
N ALA CF 44 -113.12 -28.75 -31.95
CA ALA CF 44 -111.91 -29.26 -32.60
C ALA CF 44 -112.22 -30.01 -33.87
N LEU CF 45 -113.32 -30.77 -33.90
CA LEU CF 45 -113.72 -31.48 -35.09
C LEU CF 45 -114.45 -30.57 -36.07
N GLU CF 46 -115.09 -29.51 -35.59
CA GLU CF 46 -115.97 -28.71 -36.42
C GLU CF 46 -115.18 -27.95 -37.47
N LYS CF 47 -115.76 -27.84 -38.65
CA LYS CF 47 -115.13 -27.16 -39.79
C LYS CF 47 -114.99 -25.70 -39.42
N ARG CF 48 -113.91 -25.07 -39.86
CA ARG CF 48 -113.70 -23.66 -39.57
C ARG CF 48 -113.51 -22.86 -40.84
N VAL CF 49 -113.97 -21.63 -40.82
CA VAL CF 49 -113.81 -20.70 -41.93
C VAL CF 49 -113.40 -19.36 -41.36
N THR CF 50 -112.33 -18.79 -41.90
CA THR CF 50 -111.77 -17.56 -41.39
C THR CF 50 -111.64 -16.56 -42.52
N VAL CF 51 -112.10 -15.34 -42.28
CA VAL CF 51 -111.93 -14.24 -43.23
C VAL CF 51 -111.36 -13.05 -42.50
N SER CF 52 -110.65 -12.21 -43.24
CA SER CF 52 -110.06 -11.02 -42.66
C SER CF 52 -109.90 -9.97 -43.73
N VAL CF 53 -109.94 -8.72 -43.30
CA VAL CF 53 -109.60 -7.61 -44.17
C VAL CF 53 -108.31 -7.01 -43.63
N SER CF 54 -107.84 -5.95 -44.25
CA SER CF 54 -106.65 -5.26 -43.80
C SER CF 54 -106.69 -3.84 -44.31
N GLN CF 55 -105.85 -3.00 -43.75
CA GLN CF 55 -105.76 -1.64 -44.23
C GLN CF 55 -104.30 -1.24 -44.33
N PRO CF 56 -103.95 -0.43 -45.33
CA PRO CF 56 -102.54 -0.11 -45.55
C PRO CF 56 -101.96 0.67 -44.39
N SER CF 57 -100.71 0.35 -44.06
CA SER CF 57 -100.01 1.00 -42.96
C SER CF 57 -98.69 1.53 -43.50
N ARG CF 58 -97.88 2.07 -42.60
CA ARG CF 58 -96.51 2.41 -42.95
C ARG CF 58 -95.71 1.20 -43.39
N ASN CF 59 -96.11 0.00 -42.99
CA ASN CF 59 -95.46 -1.23 -43.42
C ASN CF 59 -95.86 -1.66 -44.81
N ARG CF 60 -97.12 -1.49 -45.19
CA ARG CF 60 -97.59 -1.90 -46.49
C ARG CF 60 -98.67 -0.95 -46.95
N LYS CF 61 -98.65 -0.62 -48.24
CA LYS CF 61 -99.57 0.32 -48.84
C LYS CF 61 -100.73 -0.40 -49.50
N ASN CF 62 -100.77 -1.72 -49.37
CA ASN CF 62 -101.72 -2.53 -50.10
C ASN CF 62 -102.72 -3.16 -49.16
N TYR CF 63 -103.92 -3.40 -49.68
CA TYR CF 63 -104.92 -4.12 -48.91
C TYR CF 63 -104.68 -5.61 -49.02
N LYS CF 64 -104.87 -6.32 -47.91
CA LYS CF 64 -104.80 -7.77 -47.88
C LYS CF 64 -106.16 -8.30 -47.45
N VAL CF 65 -106.65 -9.30 -48.17
CA VAL CF 65 -107.84 -10.04 -47.78
C VAL CF 65 -107.44 -11.49 -47.71
N GLN CF 66 -107.49 -12.04 -46.50
CA GLN CF 66 -107.03 -13.40 -46.24
C GLN CF 66 -108.22 -14.27 -45.87
N VAL CF 67 -108.29 -15.44 -46.48
CA VAL CF 67 -109.35 -16.40 -46.19
C VAL CF 67 -108.70 -17.76 -46.04
N LYS CF 68 -108.90 -18.39 -44.89
CA LYS CF 68 -108.36 -19.71 -44.61
C LYS CF 68 -109.49 -20.64 -44.23
N ILE CF 69 -109.36 -21.91 -44.63
CA ILE CF 69 -110.35 -22.92 -44.34
C ILE CF 69 -109.65 -24.10 -43.70
N GLN CF 70 -110.23 -24.62 -42.63
CA GLN CF 70 -109.64 -25.70 -41.86
C GLN CF 70 -110.68 -26.79 -41.71
N ASN CF 71 -110.41 -27.96 -42.29
CA ASN CF 71 -111.34 -29.08 -42.30
C ASN CF 71 -110.61 -30.32 -41.82
N PRO CF 72 -110.68 -30.63 -40.53
CA PRO CF 72 -109.98 -31.80 -40.02
C PRO CF 72 -110.65 -33.08 -40.50
N THR CF 73 -110.02 -34.19 -40.14
CA THR CF 73 -110.52 -35.51 -40.44
C THR CF 73 -110.72 -36.26 -39.13
N ALA CF 74 -111.97 -36.54 -38.80
CA ALA CF 74 -112.31 -37.23 -37.57
C ALA CF 74 -111.98 -38.70 -37.70
N CYS CF 75 -111.34 -39.25 -36.67
CA CYS CF 75 -111.21 -40.69 -36.52
C CYS CF 75 -112.26 -41.08 -35.49
N THR CF 76 -113.33 -41.73 -35.95
CA THR CF 76 -114.43 -42.06 -35.06
C THR CF 76 -114.00 -43.08 -34.02
N ALA CF 77 -113.52 -44.23 -34.47
CA ALA CF 77 -113.03 -45.25 -33.56
C ALA CF 77 -111.51 -45.20 -33.58
N ASN CF 78 -110.93 -44.68 -32.50
CA ASN CF 78 -109.49 -44.74 -32.29
C ASN CF 78 -109.10 -45.92 -31.42
N GLY CF 79 -110.06 -46.78 -31.07
CA GLY CF 79 -109.85 -47.69 -29.97
C GLY CF 79 -110.10 -47.03 -28.63
N SER CF 80 -110.53 -45.78 -28.64
CA SER CF 80 -110.80 -45.02 -27.43
C SER CF 80 -112.21 -44.45 -27.52
N CYS CF 81 -112.72 -43.98 -26.39
CA CYS CF 81 -114.09 -43.52 -26.30
C CYS CF 81 -114.34 -42.21 -27.04
N ASP CF 82 -113.30 -41.48 -27.41
CA ASP CF 82 -113.51 -40.19 -28.02
C ASP CF 82 -112.84 -40.13 -29.38
N PRO CF 83 -113.46 -39.47 -30.35
CA PRO CF 83 -112.81 -39.31 -31.66
C PRO CF 83 -111.61 -38.40 -31.56
N SER CF 84 -110.75 -38.47 -32.57
CA SER CF 84 -109.51 -37.72 -32.55
C SER CF 84 -109.21 -37.17 -33.93
N VAL CF 85 -108.55 -36.02 -33.95
CA VAL CF 85 -108.13 -35.38 -35.19
C VAL CF 85 -107.09 -36.28 -35.84
N THR CF 86 -107.25 -36.53 -37.14
CA THR CF 86 -106.26 -37.32 -37.85
C THR CF 86 -105.50 -36.47 -38.84
N ARG CF 87 -106.15 -36.08 -39.94
CA ARG CF 87 -105.56 -35.23 -40.94
C ARG CF 87 -106.24 -33.87 -40.89
N GLN CF 88 -105.47 -32.83 -41.18
CA GLN CF 88 -106.01 -31.47 -41.13
C GLN CF 88 -105.85 -30.86 -42.52
N ALA CF 89 -106.97 -30.64 -43.19
CA ALA CF 89 -106.97 -30.05 -44.53
C ALA CF 89 -106.82 -28.54 -44.39
N TYR CF 90 -105.84 -27.98 -45.07
CA TYR CF 90 -105.64 -26.54 -45.06
C TYR CF 90 -105.94 -25.93 -46.41
N ALA CF 91 -106.91 -25.03 -46.42
CA ALA CF 91 -107.26 -24.29 -47.64
C ALA CF 91 -107.04 -22.82 -47.33
N ASP CF 92 -106.14 -22.18 -48.05
CA ASP CF 92 -105.76 -20.80 -47.82
C ASP CF 92 -105.90 -19.99 -49.09
N VAL CF 93 -106.50 -18.81 -48.96
CA VAL CF 93 -106.70 -17.89 -50.07
C VAL CF 93 -106.38 -16.49 -49.58
N THR CF 94 -105.65 -15.75 -50.39
CA THR CF 94 -105.28 -14.38 -50.07
C THR CF 94 -105.61 -13.47 -51.23
N PHE CF 95 -105.61 -12.16 -50.96
CA PHE CF 95 -105.85 -11.17 -51.98
C PHE CF 95 -105.01 -9.95 -51.70
N SER CF 96 -104.51 -9.34 -52.77
CA SER CF 96 -103.76 -8.10 -52.66
C SER CF 96 -104.41 -7.08 -53.57
N PHE CF 97 -104.42 -5.83 -53.15
CA PHE CF 97 -104.98 -4.76 -53.95
C PHE CF 97 -104.25 -3.48 -53.64
N THR CF 98 -104.37 -2.54 -54.55
CA THR CF 98 -103.75 -1.24 -54.43
C THR CF 98 -104.80 -0.22 -54.03
N GLN CF 99 -104.37 0.78 -53.27
CA GLN CF 99 -105.29 1.81 -52.81
C GLN CF 99 -106.12 2.38 -53.93
N TYR CF 100 -105.63 2.37 -55.16
CA TYR CF 100 -106.41 2.85 -56.29
C TYR CF 100 -107.20 1.74 -56.97
N SER CF 101 -107.17 0.52 -56.43
CA SER CF 101 -107.90 -0.58 -57.04
C SER CF 101 -109.37 -0.21 -57.17
N THR CF 102 -109.97 -0.52 -58.33
CA THR CF 102 -111.36 -0.16 -58.51
C THR CF 102 -112.26 -1.31 -58.10
N ASP CF 103 -113.57 -1.07 -58.21
CA ASP CF 103 -114.52 -2.08 -57.80
C ASP CF 103 -114.54 -3.26 -58.77
N GLU CF 104 -114.81 -2.99 -60.04
CA GLU CF 104 -115.03 -4.07 -60.98
C GLU CF 104 -113.81 -4.95 -61.11
N GLU CF 105 -112.62 -4.35 -61.11
CA GLU CF 105 -111.39 -5.14 -61.07
C GLU CF 105 -111.47 -6.19 -59.98
N ARG CF 106 -111.75 -5.77 -58.76
CA ARG CF 106 -111.91 -6.71 -57.67
C ARG CF 106 -113.02 -7.71 -57.99
N ALA CF 107 -114.21 -7.20 -58.29
CA ALA CF 107 -115.30 -8.07 -58.70
C ALA CF 107 -114.87 -9.03 -59.79
N PHE CF 108 -114.15 -8.53 -60.79
CA PHE CF 108 -113.64 -9.41 -61.83
C PHE CF 108 -112.79 -10.53 -61.24
N VAL CF 109 -111.97 -10.21 -60.25
CA VAL CF 109 -111.16 -11.25 -59.63
C VAL CF 109 -112.03 -12.28 -58.95
N ARG CF 110 -113.06 -11.83 -58.23
CA ARG CF 110 -113.83 -12.75 -57.42
C ARG CF 110 -114.43 -13.85 -58.27
N THR CF 111 -115.20 -13.50 -59.29
CA THR CF 111 -115.86 -14.52 -60.09
C THR CF 111 -114.86 -15.47 -60.73
N GLU CF 112 -113.90 -14.94 -61.48
CA GLU CF 112 -112.99 -15.79 -62.24
C GLU CF 112 -112.34 -16.86 -61.37
N LEU CF 113 -111.94 -16.51 -60.15
CA LEU CF 113 -111.38 -17.52 -59.27
C LEU CF 113 -112.38 -18.65 -59.05
N ALA CF 114 -113.63 -18.31 -58.79
CA ALA CF 114 -114.66 -19.33 -58.66
C ALA CF 114 -114.76 -20.17 -59.92
N ALA CF 115 -114.89 -19.53 -61.07
CA ALA CF 115 -115.00 -20.27 -62.32
C ALA CF 115 -113.86 -21.28 -62.46
N LEU CF 116 -112.63 -20.86 -62.18
CA LEU CF 116 -111.53 -21.81 -62.18
C LEU CF 116 -111.82 -22.99 -61.28
N LEU CF 117 -112.31 -22.73 -60.07
CA LEU CF 117 -112.59 -23.82 -59.17
C LEU CF 117 -113.61 -24.78 -59.76
N ALA CF 118 -114.49 -24.30 -60.62
CA ALA CF 118 -115.40 -25.18 -61.34
C ALA CF 118 -114.81 -25.66 -62.66
N SER CF 119 -113.68 -25.11 -63.07
CA SER CF 119 -113.10 -25.51 -64.34
C SER CF 119 -112.64 -26.96 -64.28
N PRO CF 120 -112.75 -27.68 -65.38
CA PRO CF 120 -112.24 -29.06 -65.42
C PRO CF 120 -110.74 -29.13 -65.21
N LEU CF 121 -110.03 -28.03 -65.37
CA LEU CF 121 -108.60 -28.06 -65.13
C LEU CF 121 -108.28 -28.38 -63.68
N LEU CF 122 -108.74 -27.54 -62.77
CA LEU CF 122 -108.33 -27.66 -61.38
C LEU CF 122 -108.80 -28.94 -60.74
N ILE CF 123 -109.94 -29.49 -61.15
CA ILE CF 123 -110.47 -30.65 -60.46
C ILE CF 123 -109.48 -31.78 -60.46
N ASP CF 124 -108.87 -32.11 -61.60
CA ASP CF 124 -107.79 -33.08 -61.61
C ASP CF 124 -106.61 -32.62 -60.80
N ALA CF 125 -106.23 -31.35 -60.93
CA ALA CF 125 -105.22 -30.78 -60.08
C ALA CF 125 -105.53 -30.92 -58.61
N ILE CF 126 -106.74 -30.56 -58.19
CA ILE CF 126 -107.15 -30.69 -56.81
C ILE CF 126 -107.46 -32.13 -56.45
N ASP CF 127 -108.52 -32.68 -57.04
CA ASP CF 127 -109.00 -33.98 -56.59
C ASP CF 127 -107.97 -35.07 -56.80
N GLN CF 128 -107.47 -35.22 -58.02
CA GLN CF 128 -106.55 -36.29 -58.34
C GLN CF 128 -105.09 -35.89 -58.23
N LEU CF 129 -104.80 -34.67 -57.78
CA LEU CF 129 -103.43 -34.20 -57.59
C LEU CF 129 -102.63 -34.37 -58.86
N ASN CF 130 -103.03 -33.65 -59.88
CA ASN CF 130 -102.34 -33.86 -61.14
C ASN CF 130 -101.84 -32.53 -61.69
N PRO CF 131 -100.66 -32.51 -62.24
CA PRO CF 131 -100.19 -31.33 -62.94
C PRO CF 131 -100.95 -31.12 -64.24
N ALA CF 132 -100.43 -30.23 -65.08
CA ALA CF 132 -101.19 -29.61 -66.15
C ALA CF 132 -101.29 -30.48 -67.40
N TYR CF 133 -100.77 -31.70 -67.34
CA TYR CF 133 -100.78 -32.55 -68.52
C TYR CF 133 -101.92 -33.54 -68.47
N ALA DF 2 66.23 88.94 -70.42
CA ALA DF 2 67.64 88.89 -70.78
C ALA DF 2 68.51 88.78 -69.54
N LYS DF 3 69.81 88.93 -69.73
CA LYS DF 3 70.79 88.79 -68.67
C LYS DF 3 70.58 89.85 -67.60
N LEU DF 4 70.75 89.43 -66.35
CA LEU DF 4 70.85 90.37 -65.24
C LEU DF 4 71.98 91.33 -65.54
N GLU DF 5 71.72 92.62 -65.43
CA GLU DF 5 72.73 93.62 -65.69
C GLU DF 5 72.58 94.76 -64.71
N THR DF 6 73.50 95.71 -64.80
CA THR DF 6 73.35 96.97 -64.08
C THR DF 6 72.15 97.65 -64.70
N VAL DF 7 71.19 98.01 -63.86
CA VAL DF 7 70.00 98.68 -64.36
C VAL DF 7 70.00 100.11 -63.86
N THR DF 8 70.22 101.05 -64.75
CA THR DF 8 70.18 102.47 -64.44
C THR DF 8 68.75 102.94 -64.58
N LEU DF 9 68.34 103.83 -63.69
CA LEU DF 9 67.01 104.39 -63.73
C LEU DF 9 67.08 105.90 -63.57
N GLY DF 10 66.54 106.62 -64.54
CA GLY DF 10 66.42 108.06 -64.46
C GLY DF 10 64.99 108.44 -64.11
N ASN DF 11 64.80 109.72 -63.84
CA ASN DF 11 63.48 110.28 -63.61
C ASN DF 11 62.78 109.56 -62.46
N ILE DF 12 63.30 109.78 -61.27
CA ILE DF 12 62.85 109.07 -60.08
C ILE DF 12 62.45 110.09 -59.03
N GLY DF 13 61.52 109.72 -58.16
CA GLY DF 13 61.09 110.58 -57.09
C GLY DF 13 60.23 111.73 -57.59
N LYS DF 14 59.63 112.42 -56.62
CA LYS DF 14 58.79 113.56 -56.94
C LYS DF 14 59.52 114.55 -57.82
N ASP DF 15 60.81 114.72 -57.59
CA ASP DF 15 61.61 115.58 -58.46
C ASP DF 15 61.69 115.01 -59.87
N GLY DF 16 62.02 113.74 -60.01
CA GLY DF 16 62.33 113.21 -61.31
C GLY DF 16 63.76 113.47 -61.72
N LYS DF 17 64.54 114.13 -60.88
CA LYS DF 17 65.97 114.23 -61.12
C LYS DF 17 66.73 113.12 -60.41
N GLN DF 18 66.03 112.35 -59.59
CA GLN DF 18 66.65 111.23 -58.89
C GLN DF 18 67.00 110.14 -59.89
N THR DF 19 68.14 109.50 -59.66
CA THR DF 19 68.59 108.39 -60.48
C THR DF 19 69.01 107.24 -59.58
N LEU DF 20 68.93 106.02 -60.11
CA LEU DF 20 69.26 104.85 -59.32
C LEU DF 20 69.85 103.78 -60.23
N VAL DF 21 70.85 103.08 -59.74
CA VAL DF 21 71.43 101.94 -60.42
C VAL DF 21 71.19 100.72 -59.57
N LEU DF 22 71.10 99.56 -60.22
CA LEU DF 22 70.83 98.30 -59.55
C LEU DF 22 71.81 97.25 -60.04
N ASN DF 23 72.56 96.71 -59.15
CA ASN DF 23 73.44 95.67 -59.63
C ASN DF 23 72.76 94.32 -59.52
N PRO DF 24 73.07 93.41 -60.43
CA PRO DF 24 72.57 92.04 -60.30
C PRO DF 24 73.10 91.41 -59.03
N ARG DF 25 72.18 90.86 -58.25
CA ARG DF 25 72.52 90.22 -56.99
C ARG DF 25 72.61 88.70 -57.11
N GLY DF 26 72.43 88.16 -58.30
CA GLY DF 26 72.30 86.73 -58.46
C GLY DF 26 70.87 86.29 -58.30
N VAL DF 27 70.68 84.98 -58.30
CA VAL DF 27 69.35 84.39 -58.23
C VAL DF 27 69.33 83.32 -57.16
N ASN DF 28 68.37 83.42 -56.25
CA ASN DF 28 68.19 82.32 -55.33
C ASN DF 28 67.56 81.15 -56.06
N PRO DF 29 68.26 80.04 -56.22
CA PRO DF 29 67.69 78.91 -56.97
C PRO DF 29 66.55 78.22 -56.26
N THR DF 30 66.53 78.25 -54.92
CA THR DF 30 65.49 77.55 -54.19
C THR DF 30 64.11 78.03 -54.63
N ASN DF 31 63.76 79.24 -54.26
CA ASN DF 31 62.52 79.84 -54.75
C ASN DF 31 62.59 80.20 -56.21
N GLY DF 32 63.78 80.15 -56.82
CA GLY DF 32 63.91 80.55 -58.21
C GLY DF 32 63.59 82.01 -58.42
N VAL DF 33 64.23 82.90 -57.66
CA VAL DF 33 63.92 84.31 -57.70
C VAL DF 33 65.21 85.10 -57.88
N ALA DF 34 65.23 85.99 -58.85
CA ALA DF 34 66.34 86.90 -59.05
C ALA DF 34 66.31 88.02 -58.03
N SER DF 35 67.47 88.67 -57.87
CA SER DF 35 67.58 89.77 -56.93
C SER DF 35 68.43 90.87 -57.55
N LEU DF 36 68.04 92.11 -57.29
CA LEU DF 36 68.78 93.27 -57.75
C LEU DF 36 68.94 94.24 -56.59
N SER DF 37 70.01 95.00 -56.60
CA SER DF 37 70.20 95.94 -55.51
C SER DF 37 70.99 97.15 -55.96
N GLN DF 38 70.69 98.28 -55.34
CA GLN DF 38 71.59 99.40 -55.31
C GLN DF 38 72.89 98.98 -54.64
N ALA DF 39 73.99 99.59 -55.07
CA ALA DF 39 75.26 99.37 -54.38
C ALA DF 39 75.42 100.49 -53.34
N GLY DF 40 75.22 100.11 -52.09
CA GLY DF 40 75.43 101.00 -50.97
C GLY DF 40 76.61 100.58 -50.15
N ALA DF 41 76.57 100.97 -48.88
CA ALA DF 41 77.56 100.47 -47.93
C ALA DF 41 77.07 99.17 -47.30
N VAL DF 42 75.99 99.25 -46.53
CA VAL DF 42 75.49 98.09 -45.81
C VAL DF 42 74.36 97.44 -46.60
N PRO DF 43 74.51 96.18 -47.00
CA PRO DF 43 73.43 95.50 -47.73
C PRO DF 43 72.09 95.59 -47.05
N ALA DF 44 72.03 95.45 -45.73
CA ALA DF 44 70.79 95.67 -45.00
C ALA DF 44 70.18 97.02 -45.32
N LEU DF 45 71.00 98.05 -45.50
CA LEU DF 45 70.50 99.36 -45.88
C LEU DF 45 70.19 99.45 -47.37
N GLU DF 46 70.86 98.65 -48.19
CA GLU DF 46 70.79 98.82 -49.63
C GLU DF 46 69.41 98.45 -50.14
N LYS DF 47 68.96 99.19 -51.15
CA LYS DF 47 67.63 98.99 -51.73
C LYS DF 47 67.66 97.62 -52.40
N ARG DF 48 66.52 96.94 -52.38
CA ARG DF 48 66.43 95.62 -53.00
C ARG DF 48 65.30 95.58 -54.01
N VAL DF 49 65.50 94.80 -55.07
CA VAL DF 49 64.49 94.60 -56.09
C VAL DF 49 64.48 93.12 -56.42
N THR DF 50 63.30 92.52 -56.40
CA THR DF 50 63.14 91.09 -56.61
C THR DF 50 62.14 90.84 -57.72
N VAL DF 51 62.49 89.97 -58.64
CA VAL DF 51 61.58 89.56 -59.70
C VAL DF 51 61.59 88.04 -59.76
N SER DF 52 60.48 87.49 -60.23
CA SER DF 52 60.37 86.05 -60.35
C SER DF 52 59.37 85.72 -61.44
N VAL DF 53 59.57 84.56 -62.05
CA VAL DF 53 58.60 84.01 -62.97
C VAL DF 53 58.04 82.77 -62.32
N SER DF 54 57.16 82.07 -63.01
CA SER DF 54 56.58 80.84 -62.50
C SER DF 54 56.09 80.03 -63.69
N GLN DF 55 55.82 78.76 -63.44
CA GLN DF 55 55.27 77.93 -64.49
C GLN DF 55 54.14 77.08 -63.91
N PRO DF 56 53.11 76.83 -64.69
CA PRO DF 56 51.94 76.13 -64.16
C PRO DF 56 52.29 74.71 -63.75
N SER DF 57 51.70 74.29 -62.63
CA SER DF 57 51.93 72.96 -62.10
C SER DF 57 50.58 72.28 -61.89
N ARG DF 58 50.62 71.10 -61.31
CA ARG DF 58 49.38 70.45 -60.88
C ARG DF 58 48.63 71.28 -59.84
N ASN DF 59 49.33 72.16 -59.12
CA ASN DF 59 48.70 73.05 -58.16
C ASN DF 59 48.03 74.24 -58.80
N ARG DF 60 48.61 74.81 -59.86
CA ARG DF 60 48.05 75.97 -60.51
C ARG DF 60 48.36 75.91 -61.98
N LYS DF 61 47.37 76.30 -62.80
CA LYS DF 61 47.49 76.25 -64.25
C LYS DF 61 47.90 77.60 -64.80
N ASN DF 62 48.16 78.56 -63.91
CA ASN DF 62 48.37 79.93 -64.33
C ASN DF 62 49.80 80.34 -64.07
N TYR DF 63 50.29 81.27 -64.89
CA TYR DF 63 51.61 81.84 -64.66
C TYR DF 63 51.52 82.94 -63.62
N LYS DF 64 52.52 82.99 -62.75
CA LYS DF 64 52.64 84.06 -61.78
C LYS DF 64 53.95 84.80 -62.04
N VAL DF 65 53.87 86.12 -62.05
CA VAL DF 65 55.05 86.97 -62.11
C VAL DF 65 54.99 87.88 -60.91
N GLN DF 66 55.94 87.72 -60.00
CA GLN DF 66 55.96 88.44 -58.75
C GLN DF 66 57.13 89.39 -58.73
N VAL DF 67 56.88 90.63 -58.33
CA VAL DF 67 57.91 91.64 -58.20
C VAL DF 67 57.71 92.35 -56.87
N LYS DF 68 58.75 92.33 -56.05
CA LYS DF 68 58.71 92.98 -54.75
C LYS DF 68 59.87 93.96 -54.64
N ILE DF 69 59.63 95.07 -53.95
CA ILE DF 69 60.62 96.11 -53.76
C ILE DF 69 60.72 96.40 -52.28
N GLN DF 70 61.95 96.49 -51.78
CA GLN DF 70 62.20 96.70 -50.37
C GLN DF 70 63.15 97.88 -50.23
N ASN DF 71 62.67 98.96 -49.61
CA ASN DF 71 63.43 100.20 -49.46
C ASN DF 71 63.41 100.61 -48.00
N PRO DF 72 64.40 100.22 -47.22
CA PRO DF 72 64.42 100.58 -45.81
C PRO DF 72 64.66 102.06 -45.62
N THR DF 73 64.61 102.48 -44.36
CA THR DF 73 64.88 103.84 -43.97
C THR DF 73 66.04 103.83 -42.99
N ALA DF 74 67.17 104.39 -43.41
CA ALA DF 74 68.35 104.43 -42.58
C ALA DF 74 68.19 105.49 -41.49
N CYS DF 75 68.55 105.13 -40.27
CA CYS DF 75 68.72 106.11 -39.20
C CYS DF 75 70.22 106.31 -39.08
N THR DF 76 70.70 107.46 -39.53
CA THR DF 76 72.13 107.71 -39.56
C THR DF 76 72.69 107.80 -38.15
N ALA DF 77 72.16 108.71 -37.35
CA ALA DF 77 72.58 108.84 -35.96
C ALA DF 77 71.51 108.20 -35.09
N ASN DF 78 71.83 107.02 -34.55
CA ASN DF 78 70.99 106.38 -33.55
C ASN DF 78 71.48 106.69 -32.15
N GLY DF 79 72.49 107.55 -32.00
CA GLY DF 79 73.23 107.61 -30.76
C GLY DF 79 74.29 106.53 -30.68
N SER DF 80 74.45 105.76 -31.75
CA SER DF 80 75.40 104.67 -31.81
C SER DF 80 76.26 104.86 -33.05
N CYS DF 81 77.37 104.14 -33.11
CA CYS DF 81 78.33 104.30 -34.19
C CYS DF 81 77.84 103.77 -35.53
N ASP DF 82 76.78 102.97 -35.55
CA ASP DF 82 76.34 102.38 -36.80
C ASP DF 82 74.90 102.74 -37.09
N PRO DF 83 74.56 102.97 -38.35
CA PRO DF 83 73.16 103.26 -38.69
C PRO DF 83 72.31 102.02 -38.49
N SER DF 84 71.00 102.23 -38.43
CA SER DF 84 70.08 101.15 -38.15
C SER DF 84 68.81 101.30 -38.99
N VAL DF 85 68.22 100.16 -39.34
CA VAL DF 85 66.99 100.14 -40.08
C VAL DF 85 65.89 100.72 -39.20
N THR DF 86 65.10 101.64 -39.77
CA THR DF 86 63.99 102.20 -39.01
C THR DF 86 62.66 101.74 -39.57
N ARG DF 87 62.29 102.25 -40.74
CA ARG DF 87 61.07 101.87 -41.42
C ARG DF 87 61.43 101.08 -42.66
N GLN DF 88 60.58 100.12 -43.00
CA GLN DF 88 60.84 99.28 -44.16
C GLN DF 88 59.68 99.44 -45.13
N ALA DF 89 59.95 100.06 -46.27
CA ALA DF 89 58.93 100.28 -47.28
C ALA DF 89 58.76 99.00 -48.10
N TYR DF 90 57.54 98.52 -48.20
CA TYR DF 90 57.25 97.33 -48.98
C TYR DF 90 56.42 97.67 -50.21
N ALA DF 91 56.99 97.37 -51.37
CA ALA DF 91 56.28 97.55 -52.63
C ALA DF 91 56.20 96.19 -53.30
N ASP DF 92 54.97 95.70 -53.49
CA ASP DF 92 54.74 94.38 -54.03
C ASP DF 92 53.85 94.46 -55.26
N VAL DF 93 54.22 93.72 -56.30
CA VAL DF 93 53.48 93.66 -57.54
C VAL DF 93 53.45 92.22 -58.00
N THR DF 94 52.28 91.76 -58.42
CA THR DF 94 52.12 90.41 -58.92
C THR DF 94 51.40 90.43 -60.27
N PHE DF 95 51.47 89.29 -60.96
CA PHE DF 95 50.79 89.15 -62.23
C PHE DF 95 50.29 87.73 -62.36
N SER DF 96 49.11 87.60 -62.97
CA SER DF 96 48.54 86.30 -63.26
C SER DF 96 48.22 86.24 -64.74
N PHE DF 97 48.41 85.07 -65.33
CA PHE DF 97 48.11 84.88 -66.73
C PHE DF 97 47.69 83.45 -66.96
N THR DF 98 47.01 83.25 -68.07
CA THR DF 98 46.53 81.93 -68.46
C THR DF 98 47.43 81.38 -69.55
N GLN DF 99 47.57 80.07 -69.56
CA GLN DF 99 48.42 79.41 -70.54
C GLN DF 99 48.14 79.89 -71.95
N TYR DF 100 46.92 80.30 -72.24
CA TYR DF 100 46.60 80.82 -73.56
C TYR DF 100 46.78 82.33 -73.66
N SER DF 101 47.27 82.98 -72.62
CA SER DF 101 47.46 84.42 -72.64
C SER DF 101 48.34 84.80 -73.83
N THR DF 102 47.96 85.85 -74.55
CA THR DF 102 48.74 86.23 -75.70
C THR DF 102 49.78 87.27 -75.32
N ASP DF 103 50.57 87.67 -76.30
CA ASP DF 103 51.63 88.63 -76.04
C ASP DF 103 51.09 90.02 -75.77
N GLU DF 104 50.32 90.56 -76.72
CA GLU DF 104 49.92 91.95 -76.63
C GLU DF 104 49.07 92.19 -75.39
N GLU DF 105 48.20 91.25 -75.05
CA GLU DF 105 47.46 91.34 -73.79
C GLU DF 105 48.41 91.63 -72.65
N ARG DF 106 49.44 90.80 -72.50
CA ARG DF 106 50.43 91.05 -71.45
C ARG DF 106 51.06 92.42 -71.65
N ALA DF 107 51.61 92.66 -72.84
CA ALA DF 107 52.18 93.97 -73.13
C ALA DF 107 51.20 95.08 -72.78
N PHE DF 108 49.93 94.91 -73.17
CA PHE DF 108 48.91 95.89 -72.80
C PHE DF 108 48.88 96.10 -71.30
N VAL DF 109 48.99 95.04 -70.52
CA VAL DF 109 48.99 95.19 -69.07
C VAL DF 109 50.19 95.99 -68.61
N ARG DF 110 51.36 95.70 -69.18
CA ARG DF 110 52.57 96.31 -68.66
C ARG DF 110 52.49 97.82 -68.72
N THR DF 111 52.26 98.37 -69.91
CA THR DF 111 52.24 99.83 -70.05
C THR DF 111 51.20 100.47 -69.14
N GLU DF 112 49.94 100.06 -69.26
CA GLU DF 112 48.87 100.72 -68.54
C GLU DF 112 49.16 100.83 -67.06
N LEU DF 113 49.72 99.79 -66.46
CA LEU DF 113 50.07 99.90 -65.05
C LEU DF 113 51.02 101.06 -64.82
N ALA DF 114 52.04 101.16 -65.67
CA ALA DF 114 52.95 102.30 -65.57
C ALA DF 114 52.21 103.61 -65.71
N ALA DF 115 51.40 103.76 -66.75
CA ALA DF 115 50.66 104.99 -66.95
C ALA DF 115 49.89 105.37 -65.70
N LEU DF 116 49.20 104.42 -65.08
CA LEU DF 116 48.54 104.70 -63.82
C LEU DF 116 49.51 105.27 -62.81
N LEU DF 117 50.68 104.66 -62.67
CA LEU DF 117 51.65 105.15 -61.71
C LEU DF 117 52.03 106.59 -62.00
N ALA DF 118 51.97 107.01 -63.26
CA ALA DF 118 52.17 108.42 -63.59
C ALA DF 118 50.87 109.20 -63.58
N SER DF 119 49.73 108.53 -63.45
CA SER DF 119 48.47 109.24 -63.46
C SER DF 119 48.35 110.12 -62.22
N PRO DF 120 47.71 111.30 -62.37
CA PRO DF 120 47.49 112.15 -61.20
C PRO DF 120 46.61 111.49 -60.15
N LEU DF 121 45.88 110.45 -60.50
CA LEU DF 121 45.07 109.77 -59.51
C LEU DF 121 45.93 109.16 -58.41
N LEU DF 122 46.82 108.24 -58.78
CA LEU DF 122 47.53 107.48 -57.79
C LEU DF 122 48.46 108.32 -56.94
N ILE DF 123 49.00 109.40 -57.48
CA ILE DF 123 49.98 110.16 -56.73
C ILE DF 123 49.42 110.63 -55.40
N ASP DF 124 48.22 111.21 -55.38
CA ASP DF 124 47.58 111.52 -54.13
C ASP DF 124 47.29 110.28 -53.30
N ALA DF 125 46.81 109.23 -53.96
CA ALA DF 125 46.64 107.95 -53.31
C ALA DF 125 47.94 107.44 -52.70
N ILE DF 126 49.03 107.45 -53.43
CA ILE DF 126 50.31 107.01 -52.94
C ILE DF 126 50.94 108.06 -52.03
N ASP DF 127 51.30 109.21 -52.60
CA ASP DF 127 52.10 110.17 -51.84
C ASP DF 127 51.35 110.70 -50.64
N GLN DF 128 50.16 111.21 -50.83
CA GLN DF 128 49.41 111.82 -49.76
C GLN DF 128 48.43 110.88 -49.08
N LEU DF 129 48.42 109.60 -49.46
CA LEU DF 129 47.57 108.59 -48.85
C LEU DF 129 46.11 109.04 -48.86
N ASN DF 130 45.58 109.16 -50.07
CA ASN DF 130 44.23 109.67 -50.13
C ASN DF 130 43.36 108.73 -50.93
N PRO DF 131 42.14 108.52 -50.50
CA PRO DF 131 41.18 107.78 -51.32
C PRO DF 131 40.76 108.58 -52.52
N ALA DF 132 39.71 108.11 -53.19
CA ALA DF 132 39.40 108.48 -54.56
C ALA DF 132 38.67 109.82 -54.66
N TYR DF 133 38.49 110.51 -53.56
CA TYR DF 133 37.73 111.75 -53.59
C TYR DF 133 38.66 112.95 -53.61
N ALA EF 2 -128.30 -27.14 23.07
CA ALA EF 2 -129.23 -27.89 22.25
C ALA EF 2 -129.31 -27.29 20.86
N LYS EF 3 -130.27 -27.77 20.08
CA LYS EF 3 -130.43 -27.35 18.70
C LYS EF 3 -130.79 -25.88 18.62
N LEU EF 4 -130.22 -25.21 17.63
CA LEU EF 4 -130.66 -23.86 17.26
C LEU EF 4 -132.15 -23.92 16.96
N GLU EF 5 -132.91 -23.03 17.57
CA GLU EF 5 -134.34 -23.00 17.36
C GLU EF 5 -134.81 -21.55 17.32
N THR EF 6 -136.09 -21.39 17.05
CA THR EF 6 -136.72 -20.09 17.21
C THR EF 6 -136.68 -19.79 18.69
N VAL EF 7 -136.13 -18.63 19.04
CA VAL EF 7 -136.04 -18.26 20.44
C VAL EF 7 -136.96 -17.08 20.69
N THR EF 8 -138.05 -17.31 21.39
CA THR EF 8 -138.99 -16.26 21.75
C THR EF 8 -138.51 -15.64 23.06
N LEU EF 9 -138.66 -14.33 23.17
CA LEU EF 9 -138.28 -13.63 24.37
C LEU EF 9 -139.41 -12.68 24.78
N GLY EF 10 -139.89 -12.84 26.00
CA GLY EF 10 -140.86 -11.93 26.58
C GLY EF 10 -140.18 -10.99 27.56
N ASN EF 11 -140.93 -10.00 28.01
CA ASN EF 11 -140.49 -9.09 29.05
C ASN EF 11 -139.19 -8.40 28.63
N ILE EF 12 -139.32 -7.52 27.64
CA ILE EF 12 -138.18 -6.88 27.02
C ILE EF 12 -138.39 -5.37 27.09
N GLY EF 13 -137.30 -4.63 27.13
CA GLY EF 13 -137.36 -3.18 27.13
C GLY EF 13 -137.84 -2.65 28.46
N LYS EF 14 -137.70 -1.33 28.60
CA LYS EF 14 -138.13 -0.66 29.82
C LYS EF 14 -139.57 -1.01 30.17
N ASP EF 15 -140.41 -1.15 29.15
CA ASP EF 15 -141.78 -1.59 29.39
C ASP EF 15 -141.82 -3.01 29.94
N GLY EF 16 -141.11 -3.94 29.30
CA GLY EF 16 -141.29 -5.33 29.64
C GLY EF 16 -142.46 -5.96 28.93
N LYS EF 17 -143.18 -5.19 28.11
CA LYS EF 17 -144.19 -5.77 27.26
C LYS EF 17 -143.63 -6.10 25.89
N GLN EF 18 -142.39 -5.68 25.62
CA GLN EF 18 -141.73 -5.98 24.36
C GLN EF 18 -141.43 -7.47 24.28
N THR EF 19 -141.58 -8.02 23.08
CA THR EF 19 -141.26 -9.40 22.81
C THR EF 19 -140.40 -9.49 21.56
N LEU EF 20 -139.61 -10.56 21.48
CA LEU EF 20 -138.71 -10.73 20.35
C LEU EF 20 -138.55 -12.20 20.05
N VAL EF 21 -138.49 -12.54 18.77
CA VAL EF 21 -138.19 -13.89 18.34
C VAL EF 21 -136.89 -13.84 17.55
N LEU EF 22 -136.17 -14.97 17.58
CA LEU EF 22 -134.88 -15.06 16.92
C LEU EF 22 -134.84 -16.35 16.10
N ASN EF 23 -134.64 -16.21 14.84
CA ASN EF 23 -134.54 -17.44 14.10
C ASN EF 23 -133.08 -17.90 14.04
N PRO EF 24 -132.87 -19.21 14.00
CA PRO EF 24 -131.51 -19.71 13.78
C PRO EF 24 -130.99 -19.27 12.42
N ARG EF 25 -129.80 -18.68 12.44
CA ARG EF 25 -129.17 -18.19 11.23
C ARG EF 25 -128.14 -19.16 10.67
N GLY EF 26 -127.97 -20.31 11.29
CA GLY EF 26 -126.88 -21.20 10.95
C GLY EF 26 -125.64 -20.86 11.73
N VAL EF 27 -124.55 -21.54 11.38
CA VAL EF 27 -123.29 -21.39 12.10
C VAL EF 27 -122.17 -21.16 11.10
N ASN EF 28 -121.40 -20.10 11.30
CA ASN EF 28 -120.21 -19.95 10.50
C ASN EF 28 -119.18 -20.97 10.95
N PRO EF 29 -118.82 -21.95 10.11
CA PRO EF 29 -117.86 -22.97 10.54
C PRO EF 29 -116.46 -22.44 10.71
N THR EF 30 -116.07 -21.41 9.97
CA THR EF 30 -114.71 -20.90 10.05
C THR EF 30 -114.36 -20.52 11.48
N ASN EF 31 -114.94 -19.45 11.98
CA ASN EF 31 -114.77 -19.08 13.37
C ASN EF 31 -115.51 -20.03 14.30
N GLY EF 32 -116.37 -20.89 13.78
CA GLY EF 32 -117.15 -21.77 14.62
C GLY EF 32 -118.09 -21.01 15.52
N VAL EF 33 -118.93 -20.15 14.95
CA VAL EF 33 -119.80 -19.29 15.71
C VAL EF 33 -121.21 -19.38 15.17
N ALA EF 34 -122.17 -19.64 16.05
CA ALA EF 34 -123.57 -19.65 15.69
C ALA EF 34 -124.08 -18.22 15.52
N SER EF 35 -125.22 -18.10 14.85
CA SER EF 35 -125.83 -16.81 14.62
C SER EF 35 -127.33 -16.93 14.77
N LEU EF 36 -127.95 -15.92 15.35
CA LEU EF 36 -129.38 -15.85 15.52
C LEU EF 36 -129.85 -14.48 15.09
N SER EF 37 -131.08 -14.41 14.59
CA SER EF 37 -131.58 -13.11 14.17
C SER EF 37 -133.08 -13.03 14.31
N GLN EF 38 -133.55 -11.82 14.58
CA GLN EF 38 -134.92 -11.46 14.32
C GLN EF 38 -135.21 -11.60 12.84
N ALA EF 39 -136.45 -11.95 12.51
CA ALA EF 39 -136.85 -11.94 11.11
C ALA EF 39 -137.48 -10.58 10.81
N GLY EF 40 -136.72 -9.77 10.09
CA GLY EF 40 -137.19 -8.48 9.62
C GLY EF 40 -137.35 -8.47 8.13
N ALA EF 41 -137.25 -7.27 7.57
CA ALA EF 41 -137.18 -7.15 6.11
C ALA EF 41 -135.75 -7.23 5.63
N VAL EF 42 -134.94 -6.25 6.00
CA VAL EF 42 -133.56 -6.19 5.52
C VAL EF 42 -132.63 -6.80 6.56
N PRO EF 43 -131.90 -7.86 6.21
CA PRO EF 43 -130.96 -8.45 7.16
C PRO EF 43 -130.02 -7.45 7.78
N ALA EF 44 -129.48 -6.50 7.02
CA ALA EF 44 -128.69 -5.41 7.58
C ALA EF 44 -129.41 -4.71 8.71
N LEU EF 45 -130.72 -4.54 8.60
CA LEU EF 45 -131.50 -3.94 9.67
C LEU EF 45 -131.81 -4.92 10.78
N GLU EF 46 -131.87 -6.21 10.47
CA GLU EF 46 -132.37 -7.19 11.41
C GLU EF 46 -131.40 -7.35 12.58
N LYS EF 47 -131.97 -7.55 13.77
CA LYS EF 47 -131.19 -7.69 14.99
C LYS EF 47 -130.38 -8.98 14.86
N ARG EF 48 -129.18 -8.98 15.42
CA ARG EF 48 -128.33 -10.16 15.35
C ARG EF 48 -127.91 -10.59 16.74
N VAL EF 49 -127.77 -11.89 16.93
CA VAL EF 49 -127.29 -12.48 18.17
C VAL EF 49 -126.29 -13.54 17.82
N THR EF 50 -125.11 -13.49 18.45
CA THR EF 50 -124.02 -14.39 18.15
C THR EF 50 -123.55 -15.06 19.44
N VAL EF 51 -123.39 -16.38 19.39
CA VAL EF 51 -122.84 -17.12 20.51
C VAL EF 51 -121.74 -18.02 19.98
N SER EF 52 -120.79 -18.33 20.86
CA SER EF 52 -119.69 -19.19 20.48
C SER EF 52 -119.15 -19.89 21.70
N VAL EF 53 -118.60 -21.07 21.48
CA VAL EF 53 -117.87 -21.77 22.53
C VAL EF 53 -116.41 -21.79 22.09
N SER EF 54 -115.57 -22.43 22.88
CA SER EF 54 -114.17 -22.55 22.55
C SER EF 54 -113.60 -23.74 23.29
N GLN EF 55 -112.43 -24.18 22.87
CA GLN EF 55 -111.79 -25.26 23.57
C GLN EF 55 -110.31 -24.94 23.75
N PRO EF 56 -109.72 -25.35 24.87
CA PRO EF 56 -108.33 -24.96 25.14
C PRO EF 56 -107.38 -25.55 24.13
N SER EF 57 -106.38 -24.75 23.75
CA SER EF 57 -105.39 -25.16 22.78
C SER EF 57 -104.01 -24.95 23.41
N ARG EF 58 -102.98 -25.19 22.61
CA ARG EF 58 -101.63 -24.82 23.02
C ARG EF 58 -101.49 -23.32 23.26
N ASN EF 59 -102.35 -22.51 22.66
CA ASN EF 59 -102.34 -21.07 22.90
C ASN EF 59 -103.02 -20.67 24.20
N ARG EF 60 -104.09 -21.34 24.59
CA ARG EF 60 -104.80 -21.00 25.81
C ARG EF 60 -105.37 -22.28 26.42
N LYS EF 61 -105.30 -22.37 27.74
CA LYS EF 61 -105.76 -23.53 28.48
C LYS EF 61 -107.17 -23.33 29.01
N ASN EF 62 -107.77 -22.20 28.65
CA ASN EF 62 -109.04 -21.81 29.24
C ASN EF 62 -110.14 -21.85 28.20
N TYR EF 63 -111.36 -22.11 28.67
CA TYR EF 63 -112.52 -22.04 27.79
C TYR EF 63 -112.99 -20.60 27.66
N LYS EF 64 -113.37 -20.22 26.45
CA LYS EF 64 -113.96 -18.92 26.18
C LYS EF 64 -115.37 -19.12 25.66
N VAL EF 65 -116.31 -18.36 26.21
CA VAL EF 65 -117.67 -18.31 25.70
C VAL EF 65 -117.96 -16.87 25.39
N GLN EF 66 -118.15 -16.58 24.12
CA GLN EF 66 -118.32 -15.21 23.64
C GLN EF 66 -119.75 -15.04 23.13
N VAL EF 67 -120.38 -13.96 23.53
CA VAL EF 67 -121.73 -13.62 23.09
C VAL EF 67 -121.74 -12.16 22.72
N LYS EF 68 -122.12 -11.87 21.49
CA LYS EF 68 -122.20 -10.50 21.01
C LYS EF 68 -123.59 -10.24 20.46
N ILE EF 69 -124.07 -9.02 20.65
CA ILE EF 69 -125.40 -8.60 20.20
C ILE EF 69 -125.24 -7.35 19.38
N GLN EF 70 -125.91 -7.31 18.23
CA GLN EF 70 -125.80 -6.19 17.31
C GLN EF 70 -127.21 -5.73 16.97
N ASN EF 71 -127.53 -4.50 17.36
CA ASN EF 71 -128.87 -3.93 17.19
C ASN EF 71 -128.74 -2.58 16.51
N PRO EF 72 -128.83 -2.52 15.20
CA PRO EF 72 -128.70 -1.25 14.50
C PRO EF 72 -129.89 -0.35 14.76
N THR EF 73 -129.80 0.86 14.23
CA THR EF 73 -130.87 1.83 14.30
C THR EF 73 -131.28 2.22 12.89
N ALA EF 74 -132.49 1.85 12.52
CA ALA EF 74 -133.00 2.12 11.19
C ALA EF 74 -133.37 3.58 11.08
N CYS EF 75 -132.97 4.21 9.97
CA CYS EF 75 -133.48 5.51 9.59
C CYS EF 75 -134.51 5.25 8.50
N THR EF 76 -135.79 5.39 8.85
CA THR EF 76 -136.86 5.06 7.92
C THR EF 76 -136.85 6.00 6.72
N ALA EF 77 -136.96 7.29 6.98
CA ALA EF 77 -136.91 8.28 5.91
C ALA EF 77 -135.54 8.93 5.97
N ASN EF 78 -134.71 8.59 4.98
CA ASN EF 78 -133.43 9.25 4.78
C ASN EF 78 -133.55 10.34 3.73
N GLY EF 79 -134.75 10.61 3.23
CA GLY EF 79 -134.89 11.36 1.99
C GLY EF 79 -134.71 10.48 0.79
N SER EF 80 -134.54 9.18 1.00
CA SER EF 80 -134.33 8.22 -0.07
C SER EF 80 -135.35 7.10 0.09
N CYS EF 81 -135.50 6.29 -0.94
CA CYS EF 81 -136.52 5.24 -0.96
C CYS EF 81 -136.22 4.08 -0.03
N ASP EF 82 -134.98 3.97 0.46
CA ASP EF 82 -134.64 2.82 1.27
C ASP EF 82 -134.12 3.27 2.63
N PRO EF 83 -134.46 2.54 3.70
CA PRO EF 83 -133.92 2.89 5.01
C PRO EF 83 -132.42 2.62 5.06
N SER EF 84 -131.77 3.21 6.05
CA SER EF 84 -130.33 3.11 6.17
C SER EF 84 -129.92 2.96 7.63
N VAL EF 85 -128.83 2.25 7.83
CA VAL EF 85 -128.27 2.06 9.17
C VAL EF 85 -127.79 3.41 9.67
N THR EF 86 -128.15 3.74 10.90
CA THR EF 86 -127.67 4.99 11.48
C THR EF 86 -126.69 4.73 12.61
N ARG EF 87 -127.18 4.24 13.73
CA ARG EF 87 -126.36 3.91 14.87
C ARG EF 87 -126.35 2.39 15.04
N GLN EF 88 -125.22 1.87 15.50
CA GLN EF 88 -125.10 0.43 15.67
C GLN EF 88 -124.79 0.15 17.13
N ALA EF 89 -125.74 -0.46 17.83
CA ALA EF 89 -125.58 -0.78 19.24
C ALA EF 89 -124.77 -2.06 19.36
N TYR EF 90 -123.70 -2.02 20.13
CA TYR EF 90 -122.87 -3.19 20.35
C TYR EF 90 -122.97 -3.66 21.78
N ALA EF 91 -123.43 -4.90 21.93
CA ALA EF 91 -123.51 -5.54 23.25
C ALA EF 91 -122.64 -6.78 23.19
N ASP EF 92 -121.60 -6.81 24.01
CA ASP EF 92 -120.63 -7.90 24.00
C ASP EF 92 -120.49 -8.49 25.38
N VAL EF 93 -120.48 -9.82 25.44
CA VAL EF 93 -120.35 -10.57 26.69
C VAL EF 93 -119.38 -11.72 26.43
N THR EF 94 -118.46 -11.93 27.36
CA THR EF 94 -117.51 -13.01 27.27
C THR EF 94 -117.49 -13.81 28.57
N PHE EF 95 -116.89 -14.99 28.50
CA PHE EF 95 -116.73 -15.83 29.68
C PHE EF 95 -115.40 -16.56 29.59
N SER EF 96 -114.78 -16.70 30.75
CA SER EF 96 -113.55 -17.48 30.85
C SER EF 96 -113.74 -18.53 31.92
N PHE EF 97 -113.17 -19.70 31.70
CA PHE EF 97 -113.25 -20.79 32.65
C PHE EF 97 -112.00 -21.64 32.56
N THR EF 98 -111.76 -22.38 33.62
CA THR EF 98 -110.61 -23.26 33.70
C THR EF 98 -111.06 -24.68 33.48
N GLN EF 99 -110.18 -25.48 32.89
CA GLN EF 99 -110.49 -26.86 32.60
C GLN EF 99 -111.08 -27.58 33.79
N TYR EF 100 -110.72 -27.17 35.01
CA TYR EF 100 -111.30 -27.79 36.20
C TYR EF 100 -112.55 -27.08 36.68
N SER EF 101 -113.03 -26.07 35.95
CA SER EF 101 -114.22 -25.35 36.37
C SER EF 101 -115.38 -26.33 36.55
N THR EF 102 -116.14 -26.16 37.63
CA THR EF 102 -117.23 -27.08 37.87
C THR EF 102 -118.51 -26.54 37.27
N ASP EF 103 -119.58 -27.31 37.42
CA ASP EF 103 -120.86 -26.92 36.84
C ASP EF 103 -121.47 -25.76 37.60
N GLU EF 104 -121.69 -25.94 38.91
CA GLU EF 104 -122.45 -24.95 39.65
C GLU EF 104 -121.76 -23.61 39.65
N GLU EF 105 -120.43 -23.59 39.74
CA GLU EF 105 -119.69 -22.35 39.58
C GLU EF 105 -120.14 -21.61 38.34
N ARG EF 106 -120.11 -22.29 37.20
CA ARG EF 106 -120.60 -21.68 35.98
C ARG EF 106 -122.04 -21.26 36.12
N ALA EF 107 -122.90 -22.21 36.50
CA ALA EF 107 -124.30 -21.88 36.75
C ALA EF 107 -124.43 -20.68 37.66
N PHE EF 108 -123.64 -20.66 38.75
CA PHE EF 108 -123.66 -19.51 39.63
C PHE EF 108 -123.35 -18.23 38.88
N VAL EF 109 -122.41 -18.27 37.95
CA VAL EF 109 -122.10 -17.07 37.18
C VAL EF 109 -123.29 -16.66 36.34
N ARG EF 110 -123.94 -17.62 35.69
CA ARG EF 110 -124.98 -17.28 34.73
C ARG EF 110 -126.08 -16.45 35.39
N THR EF 111 -126.68 -16.98 36.45
CA THR EF 111 -127.78 -16.26 37.07
C THR EF 111 -127.36 -14.88 37.55
N GLU EF 112 -126.33 -14.80 38.39
CA GLU EF 112 -125.97 -13.53 39.00
C GLU EF 112 -125.80 -12.43 37.98
N LEU EF 113 -125.19 -12.72 36.83
CA LEU EF 113 -125.07 -11.71 35.80
C LEU EF 113 -126.45 -11.20 35.41
N ALA EF 114 -127.39 -12.10 35.19
CA ALA EF 114 -128.75 -11.69 34.89
C ALA EF 114 -129.31 -10.82 35.99
N ALA EF 115 -129.24 -11.28 37.24
CA ALA EF 115 -129.75 -10.50 38.35
C ALA EF 115 -129.21 -9.08 38.33
N LEU EF 116 -127.91 -8.92 38.13
CA LEU EF 116 -127.35 -7.59 37.98
C LEU EF 116 -128.07 -6.82 36.90
N LEU EF 117 -128.29 -7.43 35.75
CA LEU EF 117 -128.96 -6.72 34.67
C LEU EF 117 -130.35 -6.27 35.09
N ALA EF 118 -130.98 -6.97 36.01
CA ALA EF 118 -132.24 -6.50 36.58
C ALA EF 118 -132.03 -5.64 37.81
N SER EF 119 -130.80 -5.55 38.31
CA SER EF 119 -130.57 -4.74 39.50
C SER EF 119 -130.80 -3.26 39.20
N PRO EF 120 -131.31 -2.52 40.18
CA PRO EF 120 -131.46 -1.07 39.99
C PRO EF 120 -130.16 -0.36 39.77
N LEU EF 121 -129.04 -0.98 40.12
CA LEU EF 121 -127.76 -0.33 39.89
C LEU EF 121 -127.51 -0.12 38.40
N LEU EF 122 -127.47 -1.21 37.64
CA LEU EF 122 -127.05 -1.11 36.25
C LEU EF 122 -127.99 -0.28 35.40
N ILE EF 123 -129.28 -0.26 35.73
CA ILE EF 123 -130.22 0.42 34.85
C ILE EF 123 -129.84 1.88 34.67
N ASP EF 124 -129.54 2.59 35.74
CA ASP EF 124 -129.01 3.94 35.61
C ASP EF 124 -127.69 3.96 34.88
N ALA EF 125 -126.80 3.03 35.22
CA ALA EF 125 -125.57 2.86 34.49
C ALA EF 125 -125.80 2.63 33.01
N ILE EF 126 -126.68 1.72 32.65
CA ILE EF 126 -126.99 1.44 31.26
C ILE EF 126 -127.88 2.52 30.67
N ASP EF 127 -129.12 2.62 31.15
CA ASP EF 127 -130.09 3.48 30.50
C ASP EF 127 -129.68 4.94 30.54
N GLN EF 128 -129.40 5.46 31.72
CA GLN EF 128 -129.08 6.86 31.86
C GLN EF 128 -127.59 7.16 31.83
N LEU EF 129 -126.75 6.15 31.59
CA LEU EF 129 -125.32 6.33 31.47
C LEU EF 129 -124.77 7.03 32.72
N ASN EF 130 -124.89 6.36 33.84
CA ASN EF 130 -124.46 7.02 35.05
C ASN EF 130 -123.46 6.17 35.80
N PRO EF 131 -122.45 6.77 36.36
CA PRO EF 131 -121.55 6.03 37.25
C PRO EF 131 -122.24 5.71 38.56
N ALA EF 132 -121.45 5.27 39.53
CA ALA EF 132 -121.94 4.53 40.69
C ALA EF 132 -122.51 5.43 41.77
N TYR EF 133 -122.59 6.73 41.52
CA TYR EF 133 -123.06 7.64 42.55
C TYR EF 133 -124.52 7.99 42.32
N ALA FF 2 -131.78 -24.18 4.20
CA ALA FF 2 -132.20 -25.26 5.08
C ALA FF 2 -131.15 -26.35 5.12
N LYS FF 3 -131.51 -27.49 5.70
CA LYS FF 3 -130.60 -28.60 5.90
C LYS FF 3 -130.15 -29.16 4.57
N LEU FF 4 -128.88 -29.52 4.50
CA LEU FF 4 -128.37 -30.33 3.40
C LEU FF 4 -129.20 -31.60 3.32
N GLU FF 5 -129.69 -31.90 2.13
CA GLU FF 5 -130.49 -33.09 1.93
C GLU FF 5 -130.16 -33.71 0.59
N THR FF 6 -130.78 -34.86 0.33
CA THR FF 6 -130.73 -35.44 -0.99
C THR FF 6 -131.48 -34.48 -1.90
N VAL FF 7 -130.84 -34.05 -2.97
CA VAL FF 7 -131.48 -33.13 -3.89
C VAL FF 7 -131.72 -33.85 -5.20
N THR FF 8 -132.98 -34.14 -5.48
CA THR FF 8 -133.37 -34.75 -6.74
C THR FF 8 -133.58 -33.66 -7.76
N LEU FF 9 -133.19 -33.92 -9.00
CA LEU FF 9 -133.38 -32.97 -10.08
C LEU FF 9 -133.96 -33.69 -11.27
N GLY FF 10 -135.10 -33.20 -11.75
CA GLY FF 10 -135.71 -33.68 -12.97
C GLY FF 10 -135.45 -32.70 -14.10
N ASN FF 11 -135.81 -33.13 -15.31
CA ASN FF 11 -135.75 -32.28 -16.49
C ASN FF 11 -134.34 -31.74 -16.69
N ILE FF 12 -133.45 -32.64 -17.07
CA ILE FF 12 -132.04 -32.35 -17.17
C ILE FF 12 -131.57 -32.72 -18.56
N GLY FF 13 -130.55 -32.03 -19.05
CA GLY FF 13 -129.98 -32.32 -20.34
C GLY FF 13 -130.88 -31.89 -21.47
N LYS FF 14 -130.31 -31.94 -22.68
CA LYS FF 14 -131.05 -31.55 -23.88
C LYS FF 14 -132.37 -32.31 -23.96
N ASP FF 15 -132.36 -33.57 -23.54
CA ASP FF 15 -133.60 -34.33 -23.50
C ASP FF 15 -134.58 -33.74 -22.48
N GLY FF 16 -134.11 -33.48 -21.27
CA GLY FF 16 -135.04 -33.14 -20.21
C GLY FF 16 -135.64 -34.35 -19.55
N LYS FF 17 -135.29 -35.55 -20.01
CA LYS FF 17 -135.68 -36.76 -19.31
C LYS FF 17 -134.62 -37.19 -18.33
N GLN FF 18 -133.45 -36.54 -18.36
CA GLN FF 18 -132.38 -36.85 -17.44
C GLN FF 18 -132.76 -36.41 -16.04
N THR FF 19 -132.36 -37.22 -15.06
CA THR FF 19 -132.59 -36.93 -13.67
C THR FF 19 -131.29 -37.11 -12.90
N LEU FF 20 -131.17 -36.40 -11.78
CA LEU FF 20 -129.95 -36.47 -10.99
C LEU FF 20 -130.30 -36.28 -9.53
N VAL FF 21 -129.62 -37.03 -8.67
CA VAL FF 21 -129.74 -36.86 -7.23
C VAL FF 21 -128.38 -36.44 -6.70
N LEU FF 22 -128.39 -35.71 -5.59
CA LEU FF 22 -127.17 -35.19 -4.99
C LEU FF 22 -127.19 -35.47 -3.50
N ASN FF 23 -126.22 -36.18 -3.04
CA ASN FF 23 -126.24 -36.38 -1.61
C ASN FF 23 -125.44 -35.28 -0.92
N PRO FF 24 -125.83 -34.93 0.29
CA PRO FF 24 -125.01 -33.99 1.06
C PRO FF 24 -123.65 -34.59 1.35
N ARG FF 25 -122.62 -33.82 1.03
CA ARG FF 25 -121.24 -34.25 1.23
C ARG FF 25 -120.64 -33.70 2.51
N GLY FF 26 -121.40 -32.95 3.30
CA GLY FF 26 -120.84 -32.24 4.42
C GLY FF 26 -120.35 -30.87 4.00
N VAL FF 27 -119.70 -30.20 4.94
CA VAL FF 27 -119.25 -28.83 4.73
C VAL FF 27 -117.80 -28.72 5.15
N ASN FF 28 -116.97 -28.22 4.26
CA ASN FF 28 -115.61 -27.90 4.69
C ASN FF 28 -115.64 -26.68 5.58
N PRO FF 29 -115.31 -26.79 6.86
CA PRO FF 29 -115.38 -25.63 7.74
C PRO FF 29 -114.32 -24.59 7.46
N THR FF 30 -113.16 -24.99 6.93
CA THR FF 30 -112.10 -24.04 6.69
C THR FF 30 -112.57 -22.89 5.80
N ASN FF 31 -112.81 -23.18 4.52
CA ASN FF 31 -113.39 -22.20 3.63
C ASN FF 31 -114.86 -21.96 3.94
N GLY FF 32 -115.47 -22.77 4.79
CA GLY FF 32 -116.89 -22.62 5.06
C GLY FF 32 -117.73 -22.85 3.83
N VAL FF 33 -117.56 -23.99 3.17
CA VAL FF 33 -118.25 -24.26 1.92
C VAL FF 33 -118.89 -25.63 2.00
N ALA FF 34 -120.17 -25.70 1.68
CA ALA FF 34 -120.89 -26.95 1.59
C ALA FF 34 -120.52 -27.70 0.30
N SER FF 35 -120.80 -28.99 0.30
CA SER FF 35 -120.51 -29.81 -0.86
C SER FF 35 -121.65 -30.80 -1.08
N LEU FF 36 -121.98 -31.02 -2.35
CA LEU FF 36 -123.01 -31.98 -2.72
C LEU FF 36 -122.47 -32.85 -3.83
N SER FF 37 -122.95 -34.09 -3.91
CA SER FF 37 -122.46 -34.95 -4.96
C SER FF 37 -123.50 -35.97 -5.35
N GLN FF 38 -123.47 -36.34 -6.63
CA GLN FF 38 -124.06 -37.58 -7.08
C GLN FF 38 -123.40 -38.75 -6.36
N ALA FF 39 -124.17 -39.80 -6.14
CA ALA FF 39 -123.58 -41.03 -5.62
C ALA FF 39 -123.23 -41.92 -6.80
N GLY FF 40 -121.94 -41.98 -7.07
CA GLY FF 40 -121.40 -42.86 -8.09
C GLY FF 40 -120.59 -43.98 -7.48
N ALA FF 41 -119.66 -44.50 -8.28
CA ALA FF 41 -118.68 -45.43 -7.77
C ALA FF 41 -117.46 -44.69 -7.22
N VAL FF 42 -116.73 -44.03 -8.11
CA VAL FF 42 -115.49 -43.36 -7.72
C VAL FF 42 -115.79 -41.89 -7.46
N PRO FF 43 -115.54 -41.40 -6.24
CA PRO FF 43 -115.75 -39.97 -5.97
C PRO FF 43 -115.07 -39.05 -6.95
N ALA FF 44 -113.85 -39.34 -7.36
CA ALA FF 44 -113.20 -38.59 -8.42
C ALA FF 44 -114.07 -38.49 -9.65
N LEU FF 45 -114.79 -39.55 -10.00
CA LEU FF 45 -115.70 -39.50 -11.13
C LEU FF 45 -117.01 -38.83 -10.79
N GLU FF 46 -117.43 -38.84 -9.53
CA GLU FF 46 -118.75 -38.41 -9.15
C GLU FF 46 -118.90 -36.90 -9.34
N LYS FF 47 -120.08 -36.49 -9.78
CA LYS FF 47 -120.38 -35.08 -10.03
C LYS FF 47 -120.31 -34.36 -8.70
N ARG FF 48 -119.85 -33.11 -8.73
CA ARG FF 48 -119.76 -32.33 -7.51
C ARG FF 48 -120.51 -31.02 -7.64
N VAL FF 49 -121.10 -30.57 -6.54
CA VAL FF 49 -121.80 -29.30 -6.49
C VAL FF 49 -121.38 -28.60 -5.20
N THR FF 50 -120.96 -27.35 -5.32
CA THR FF 50 -120.44 -26.59 -4.20
C THR FF 50 -121.20 -25.28 -4.08
N VAL FF 51 -121.63 -24.96 -2.87
CA VAL FF 51 -122.27 -23.68 -2.59
C VAL FF 51 -121.60 -23.07 -1.38
N SER FF 52 -121.65 -21.75 -1.31
CA SER FF 52 -121.05 -21.05 -0.19
C SER FF 52 -121.75 -19.72 -0.01
N VAL FF 53 -121.75 -19.26 1.23
CA VAL FF 53 -122.21 -17.91 1.53
C VAL FF 53 -120.98 -17.13 1.99
N SER FF 54 -121.18 -15.89 2.36
CA SER FF 54 -120.10 -15.05 2.85
C SER FF 54 -120.70 -13.95 3.70
N GLN FF 55 -119.84 -13.29 4.47
CA GLN FF 55 -120.31 -12.17 5.25
C GLN FF 55 -119.31 -11.04 5.15
N PRO FF 56 -119.77 -9.80 5.13
CA PRO FF 56 -118.86 -8.67 4.91
C PRO FF 56 -117.85 -8.55 6.04
N SER FF 57 -116.63 -8.20 5.67
CA SER FF 57 -115.54 -8.05 6.62
C SER FF 57 -114.92 -6.68 6.41
N ARG FF 58 -113.85 -6.41 7.14
CA ARG FF 58 -113.04 -5.23 6.87
C ARG FF 58 -112.46 -5.23 5.47
N ASN FF 59 -112.32 -6.40 4.85
CA ASN FF 59 -111.85 -6.50 3.48
C ASN FF 59 -112.91 -6.19 2.45
N ARG FF 60 -114.16 -6.59 2.70
CA ARG FF 60 -115.22 -6.36 1.74
C ARG FF 60 -116.52 -6.15 2.50
N LYS FF 61 -117.32 -5.20 2.03
CA LYS FF 61 -118.57 -4.83 2.66
C LYS FF 61 -119.75 -5.56 2.01
N ASN FF 62 -119.45 -6.43 1.06
CA ASN FF 62 -120.48 -7.02 0.23
C ASN FF 62 -120.59 -8.51 0.52
N TYR FF 63 -121.79 -9.04 0.34
CA TYR FF 63 -122.00 -10.47 0.44
C TYR FF 63 -121.61 -11.15 -0.85
N LYS FF 64 -120.96 -12.31 -0.73
CA LYS FF 64 -120.63 -13.14 -1.87
C LYS FF 64 -121.33 -14.48 -1.72
N VAL FF 65 -121.97 -14.93 -2.79
CA VAL FF 65 -122.53 -16.26 -2.86
C VAL FF 65 -121.91 -16.94 -4.06
N GLN FF 66 -121.14 -17.97 -3.79
CA GLN FF 66 -120.38 -18.66 -4.83
C GLN FF 66 -120.93 -20.07 -5.01
N VAL FF 67 -121.14 -20.45 -6.26
CA VAL FF 67 -121.62 -21.78 -6.60
C VAL FF 67 -120.77 -22.30 -7.75
N LYS FF 68 -120.14 -23.44 -7.54
CA LYS FF 68 -119.30 -24.07 -8.56
C LYS FF 68 -119.78 -25.48 -8.80
N ILE FF 69 -119.70 -25.92 -10.05
CA ILE FF 69 -120.12 -27.25 -10.44
C ILE FF 69 -118.97 -27.91 -11.18
N GLN FF 70 -118.70 -29.16 -10.85
CA GLN FF 70 -117.58 -29.90 -11.41
C GLN FF 70 -118.11 -31.23 -11.93
N ASN FF 71 -118.03 -31.42 -13.24
CA ASN FF 71 -118.57 -32.61 -13.91
C ASN FF 71 -117.48 -33.21 -14.79
N PRO FF 72 -116.72 -34.16 -14.29
CA PRO FF 72 -115.65 -34.74 -15.09
C PRO FF 72 -116.22 -35.60 -16.21
N THR FF 73 -115.31 -36.10 -17.03
CA THR FF 73 -115.65 -37.00 -18.12
C THR FF 73 -114.89 -38.30 -17.93
N ALA FF 74 -115.63 -39.36 -17.64
CA ALA FF 74 -115.03 -40.66 -17.41
C ALA FF 74 -114.58 -41.27 -18.72
N CYS FF 75 -113.37 -41.82 -18.73
CA CYS FF 75 -112.92 -42.68 -19.82
C CYS FF 75 -113.05 -44.10 -19.29
N THR FF 76 -114.04 -44.82 -19.79
CA THR FF 76 -114.32 -46.16 -19.28
C THR FF 76 -113.18 -47.11 -19.60
N ALA FF 77 -112.86 -47.25 -20.88
CA ALA FF 77 -111.75 -48.10 -21.29
C ALA FF 77 -110.58 -47.18 -21.64
N ASN FF 78 -109.58 -47.17 -20.77
CA ASN FF 78 -108.32 -46.50 -21.05
C ASN FF 78 -107.28 -47.47 -21.58
N GLY FF 79 -107.67 -48.72 -21.82
CA GLY FF 79 -106.69 -49.77 -21.97
C GLY FF 79 -106.20 -50.29 -20.64
N SER FF 80 -106.77 -49.80 -19.55
CA SER FF 80 -106.39 -50.18 -18.19
C SER FF 80 -107.66 -50.60 -17.46
N CYS FF 81 -107.46 -51.27 -16.32
CA CYS FF 81 -108.58 -51.83 -15.57
C CYS FF 81 -109.44 -50.79 -14.89
N ASP FF 82 -108.98 -49.55 -14.78
CA ASP FF 82 -109.74 -48.56 -14.06
C ASP FF 82 -110.04 -47.35 -14.95
N PRO FF 83 -111.22 -46.77 -14.82
CA PRO FF 83 -111.53 -45.56 -15.59
C PRO FF 83 -110.68 -44.40 -15.12
N SER FF 84 -110.60 -43.37 -15.95
CA SER FF 84 -109.77 -42.23 -15.66
C SER FF 84 -110.45 -40.93 -16.08
N VAL FF 85 -110.15 -39.87 -15.34
CA VAL FF 85 -110.67 -38.55 -15.65
C VAL FF 85 -110.09 -38.11 -16.98
N THR FF 86 -110.93 -37.61 -17.87
CA THR FF 86 -110.44 -37.10 -19.14
C THR FF 86 -110.59 -35.60 -19.21
N ARG FF 87 -111.82 -35.12 -19.36
CA ARG FF 87 -112.11 -33.70 -19.40
C ARG FF 87 -112.86 -33.32 -18.14
N GLN FF 88 -112.63 -32.11 -17.68
CA GLN FF 88 -113.26 -31.64 -16.45
C GLN FF 88 -114.07 -30.40 -16.78
N ALA FF 89 -115.39 -30.53 -16.71
CA ALA FF 89 -116.29 -29.41 -17.00
C ALA FF 89 -116.37 -28.52 -15.77
N TYR FF 90 -116.11 -27.23 -15.95
CA TYR FF 90 -116.21 -26.28 -14.86
C TYR FF 90 -117.36 -25.32 -15.08
N ALA FF 91 -118.29 -25.33 -14.13
CA ALA FF 91 -119.42 -24.41 -14.14
C ALA FF 91 -119.33 -23.59 -12.86
N ASP FF 92 -119.16 -22.28 -13.00
CA ASP FF 92 -118.98 -21.40 -11.87
C ASP FF 92 -120.00 -20.28 -11.92
N VAL FF 93 -120.60 -19.99 -10.76
CA VAL FF 93 -121.58 -18.93 -10.62
C VAL FF 93 -121.28 -18.20 -9.32
N THR FF 94 -121.33 -16.87 -9.36
CA THR FF 94 -121.11 -16.05 -8.20
C THR FF 94 -122.24 -15.03 -8.05
N PHE FF 95 -122.30 -14.43 -6.88
CA PHE FF 95 -123.27 -13.39 -6.60
C PHE FF 95 -122.66 -12.36 -5.69
N SER FF 96 -123.02 -11.10 -5.94
CA SER FF 96 -122.60 -10.01 -5.10
C SER FF 96 -123.84 -9.25 -4.65
N PHE FF 97 -123.82 -8.78 -3.42
CA PHE FF 97 -124.93 -8.01 -2.88
C PHE FF 97 -124.40 -7.01 -1.87
N THR FF 98 -125.22 -6.00 -1.62
CA THR FF 98 -124.89 -4.95 -0.68
C THR FF 98 -125.66 -5.17 0.60
N GLN FF 99 -125.05 -4.79 1.71
CA GLN FF 99 -125.68 -4.96 3.01
C GLN FF 99 -127.10 -4.46 3.03
N TYR FF 100 -127.44 -3.49 2.21
CA TYR FF 100 -128.81 -3.00 2.14
C TYR FF 100 -129.64 -3.72 1.08
N SER FF 101 -129.08 -4.73 0.42
CA SER FF 101 -129.81 -5.44 -0.61
C SER FF 101 -131.11 -5.99 -0.03
N THR FF 102 -132.20 -5.85 -0.78
CA THR FF 102 -133.47 -6.32 -0.25
C THR FF 102 -133.73 -7.75 -0.71
N ASP FF 103 -134.85 -8.29 -0.26
CA ASP FF 103 -135.17 -9.67 -0.59
C ASP FF 103 -135.55 -9.83 -2.06
N GLU FF 104 -136.57 -9.08 -2.49
CA GLU FF 104 -137.11 -9.31 -3.82
C GLU FF 104 -136.07 -9.06 -4.90
N GLU FF 105 -135.24 -8.03 -4.72
CA GLU FF 105 -134.12 -7.82 -5.62
C GLU FF 105 -133.33 -9.10 -5.81
N ARG FF 106 -132.91 -9.71 -4.72
CA ARG FF 106 -132.21 -10.99 -4.81
C ARG FF 106 -133.09 -12.02 -5.50
N ALA FF 107 -134.30 -12.23 -4.97
CA ALA FF 107 -135.23 -13.14 -5.63
C ALA FF 107 -135.36 -12.83 -7.10
N PHE FF 108 -135.50 -11.55 -7.45
CA PHE FF 108 -135.56 -11.17 -8.86
C PHE FF 108 -134.34 -11.69 -9.61
N VAL FF 109 -133.16 -11.60 -9.01
CA VAL FF 109 -131.97 -12.10 -9.68
C VAL FF 109 -132.06 -13.60 -9.88
N ARG FF 110 -132.52 -14.32 -8.87
CA ARG FF 110 -132.48 -15.77 -8.95
C ARG FF 110 -133.25 -16.28 -10.16
N THR FF 111 -134.53 -15.93 -10.26
CA THR FF 111 -135.33 -16.45 -11.35
C THR FF 111 -134.76 -16.08 -12.70
N GLU FF 112 -134.55 -14.78 -12.95
CA GLU FF 112 -134.14 -14.33 -14.27
C GLU FF 112 -132.91 -15.08 -14.78
N LEU FF 113 -131.95 -15.35 -13.92
CA LEU FF 113 -130.80 -16.12 -14.36
C LEU FF 113 -131.24 -17.48 -14.88
N ALA FF 114 -132.14 -18.15 -14.15
CA ALA FF 114 -132.67 -19.41 -14.63
C ALA FF 114 -133.34 -19.24 -15.97
N ALA FF 115 -134.25 -18.28 -16.08
CA ALA FF 115 -134.95 -18.06 -17.35
C ALA FF 115 -133.96 -17.92 -18.50
N LEU FF 116 -132.90 -17.14 -18.32
CA LEU FF 116 -131.87 -17.07 -19.34
C LEU FF 116 -131.35 -18.45 -19.70
N LEU FF 117 -131.05 -19.26 -18.69
CA LEU FF 117 -130.54 -20.58 -18.97
C LEU FF 117 -131.51 -21.41 -19.80
N ALA FF 118 -132.80 -21.13 -19.69
CA ALA FF 118 -133.78 -21.75 -20.57
C ALA FF 118 -134.03 -20.94 -21.82
N SER FF 119 -133.49 -19.73 -21.91
CA SER FF 119 -133.71 -18.91 -23.07
C SER FF 119 -133.05 -19.53 -24.31
N PRO FF 120 -133.67 -19.40 -25.47
CA PRO FF 120 -133.03 -19.89 -26.70
C PRO FF 120 -131.73 -19.20 -27.01
N LEU FF 121 -131.47 -18.05 -26.42
CA LEU FF 121 -130.20 -17.39 -26.65
C LEU FF 121 -129.03 -18.22 -26.16
N LEU FF 122 -129.01 -18.52 -24.87
CA LEU FF 122 -127.83 -19.14 -24.29
C LEU FF 122 -127.57 -20.54 -24.82
N ILE FF 123 -128.62 -21.27 -25.20
CA ILE FF 123 -128.42 -22.65 -25.60
C ILE FF 123 -127.42 -22.76 -26.74
N ASP FF 124 -127.57 -21.95 -27.78
CA ASP FF 124 -126.56 -21.90 -28.83
C ASP FF 124 -125.24 -21.42 -28.29
N ALA FF 125 -125.26 -20.38 -27.46
CA ALA FF 125 -124.06 -19.94 -26.78
C ALA FF 125 -123.40 -21.04 -25.98
N ILE FF 126 -124.16 -21.77 -25.18
CA ILE FF 126 -123.63 -22.87 -24.39
C ILE FF 126 -123.41 -24.10 -25.24
N ASP FF 127 -124.48 -24.70 -25.75
CA ASP FF 127 -124.36 -25.99 -26.41
C ASP FF 127 -123.47 -25.93 -27.64
N GLN FF 128 -123.78 -25.02 -28.56
CA GLN FF 128 -123.06 -24.95 -29.81
C GLN FF 128 -121.93 -23.94 -29.79
N LEU FF 129 -121.65 -23.32 -28.66
CA LEU FF 129 -120.56 -22.37 -28.51
C LEU FF 129 -120.64 -21.28 -29.57
N ASN FF 130 -121.71 -20.49 -29.48
CA ASN FF 130 -121.87 -19.51 -30.51
C ASN FF 130 -122.04 -18.13 -29.90
N PRO FF 131 -121.46 -17.12 -30.50
CA PRO FF 131 -121.72 -15.76 -30.07
C PRO FF 131 -123.12 -15.33 -30.46
N ALA FF 132 -123.39 -14.03 -30.35
CA ALA FF 132 -124.73 -13.49 -30.28
C ALA FF 132 -125.39 -13.34 -31.65
N TYR FF 133 -124.74 -13.80 -32.70
CA TYR FF 133 -125.28 -13.63 -34.04
C TYR FF 133 -125.97 -14.90 -34.51
N ALA GF 2 -124.04 -36.35 8.51
CA ALA GF 2 -125.13 -35.41 8.82
C ALA GF 2 -124.72 -34.47 9.93
N LYS GF 3 -125.69 -33.72 10.44
CA LYS GF 3 -125.46 -32.71 11.45
C LYS GF 3 -124.98 -33.35 12.74
N LEU GF 4 -124.03 -32.69 13.38
CA LEU GF 4 -123.66 -33.03 14.75
C LEU GF 4 -124.91 -32.96 15.61
N GLU GF 5 -125.16 -34.01 16.37
CA GLU GF 5 -126.33 -34.05 17.23
C GLU GF 5 -125.97 -34.73 18.54
N THR GF 6 -126.94 -34.76 19.44
CA THR GF 6 -126.82 -35.59 20.63
C THR GF 6 -126.79 -37.02 20.15
N VAL GF 7 -125.77 -37.76 20.55
CA VAL GF 7 -125.67 -39.15 20.14
C VAL GF 7 -125.85 -40.02 21.37
N THR GF 8 -126.98 -40.71 21.43
CA THR GF 8 -127.26 -41.64 22.50
C THR GF 8 -126.68 -42.99 22.13
N LEU GF 9 -126.15 -43.70 23.11
CA LEU GF 9 -125.60 -45.02 22.88
C LEU GF 9 -126.10 -45.96 23.95
N GLY GF 10 -126.73 -47.05 23.52
CA GLY GF 10 -127.15 -48.11 24.42
C GLY GF 10 -126.19 -49.28 24.30
N ASN GF 11 -126.38 -50.23 25.21
CA ASN GF 11 -125.63 -51.49 25.17
C ASN GF 11 -124.14 -51.23 25.21
N ILE GF 12 -123.67 -50.77 26.37
CA ILE GF 12 -122.31 -50.33 26.54
C ILE GF 12 -121.70 -51.09 27.71
N GLY GF 13 -120.40 -51.29 27.68
CA GLY GF 13 -119.70 -51.95 28.76
C GLY GF 13 -119.98 -53.43 28.79
N LYS GF 14 -119.19 -54.12 29.62
CA LYS GF 14 -119.35 -55.56 29.77
C LYS GF 14 -120.78 -55.94 30.09
N ASP GF 15 -121.46 -55.10 30.88
CA ASP GF 15 -122.88 -55.32 31.15
C ASP GF 15 -123.70 -55.19 29.89
N GLY GF 16 -123.51 -54.11 29.14
CA GLY GF 16 -124.43 -53.81 28.06
C GLY GF 16 -125.66 -53.08 28.53
N LYS GF 17 -125.77 -52.81 29.82
CA LYS GF 17 -126.84 -51.95 30.32
C LYS GF 17 -126.37 -50.51 30.40
N GLN GF 18 -125.09 -50.27 30.20
CA GLN GF 18 -124.54 -48.93 30.21
C GLN GF 18 -125.03 -48.15 29.01
N THR GF 19 -125.31 -46.88 29.24
CA THR GF 19 -125.74 -45.97 28.19
C THR GF 19 -124.92 -44.70 28.25
N LEU GF 20 -124.79 -44.03 27.11
CA LEU GF 20 -123.98 -42.83 27.04
C LEU GF 20 -124.58 -41.88 26.01
N VAL GF 21 -124.57 -40.59 26.32
CA VAL GF 21 -124.96 -39.56 25.39
C VAL GF 21 -123.75 -38.69 25.11
N LEU GF 22 -123.73 -38.10 23.92
CA LEU GF 22 -122.61 -37.28 23.49
C LEU GF 22 -123.14 -35.98 22.90
N ASN GF 23 -122.76 -34.90 23.47
CA ASN GF 23 -123.23 -33.67 22.86
C ASN GF 23 -122.23 -33.20 21.82
N PRO GF 24 -122.72 -32.55 20.77
CA PRO GF 24 -121.82 -31.92 19.81
C PRO GF 24 -120.99 -30.84 20.47
N ARG GF 25 -119.68 -30.94 20.30
CA ARG GF 25 -118.75 -29.99 20.89
C ARG GF 25 -118.33 -28.91 19.90
N GLY GF 26 -118.86 -28.91 18.69
CA GLY GF 26 -118.35 -28.05 17.65
C GLY GF 26 -117.21 -28.70 16.90
N VAL GF 27 -116.59 -27.93 16.02
CA VAL GF 27 -115.54 -28.44 15.15
C VAL GF 27 -114.37 -27.49 15.20
N ASN GF 28 -113.19 -28.01 15.49
CA ASN GF 28 -112.01 -27.19 15.35
C ASN GF 28 -111.72 -26.98 13.88
N PRO GF 29 -111.82 -25.75 13.36
CA PRO GF 29 -111.59 -25.53 11.93
C PRO GF 29 -110.15 -25.69 11.53
N THR GF 30 -109.20 -25.44 12.42
CA THR GF 30 -107.79 -25.54 12.05
C THR GF 30 -107.46 -26.91 11.50
N ASN GF 31 -107.45 -27.91 12.35
CA ASN GF 31 -107.29 -29.28 11.90
C ASN GF 31 -108.51 -29.79 11.16
N GLY GF 32 -109.62 -29.07 11.21
CA GLY GF 32 -110.83 -29.54 10.58
C GLY GF 32 -111.34 -30.82 11.21
N VAL GF 33 -111.54 -30.83 12.52
CA VAL GF 33 -111.91 -32.03 13.25
C VAL GF 33 -113.09 -31.71 14.15
N ALA GF 34 -114.13 -32.53 14.05
CA ALA GF 34 -115.29 -32.42 14.93
C ALA GF 34 -114.96 -33.00 16.30
N SER GF 35 -115.77 -32.62 17.28
CA SER GF 35 -115.60 -33.09 18.64
C SER GF 35 -116.96 -33.39 19.24
N LEU GF 36 -117.00 -34.46 20.03
CA LEU GF 36 -118.22 -34.84 20.74
C LEU GF 36 -117.84 -35.15 22.17
N SER GF 37 -118.79 -34.94 23.09
CA SER GF 37 -118.48 -35.22 24.47
C SER GF 37 -119.73 -35.61 25.24
N GLN GF 38 -119.53 -36.45 26.24
CA GLN GF 38 -120.47 -36.60 27.32
C GLN GF 38 -120.61 -35.26 28.04
N ALA GF 39 -121.81 -35.01 28.57
CA ALA GF 39 -121.98 -33.84 29.42
C ALA GF 39 -121.77 -34.28 30.87
N GLY GF 40 -120.62 -33.87 31.39
CA GLY GF 40 -120.29 -34.12 32.78
C GLY GF 40 -120.24 -32.82 33.56
N ALA GF 41 -119.48 -32.84 34.64
CA ALA GF 41 -119.19 -31.61 35.36
C ALA GF 41 -117.96 -30.92 34.78
N VAL GF 42 -116.81 -31.56 34.91
CA VAL GF 42 -115.56 -30.95 34.48
C VAL GF 42 -115.21 -31.46 33.08
N PRO GF 43 -115.10 -30.57 32.10
CA PRO GF 43 -114.71 -31.00 30.75
C PRO GF 43 -113.47 -31.85 30.71
N ALA GF 44 -112.45 -31.51 31.49
CA ALA GF 44 -111.27 -32.36 31.61
C ALA GF 44 -111.64 -33.79 31.98
N LEU GF 45 -112.65 -33.97 32.82
CA LEU GF 45 -113.12 -35.30 33.18
C LEU GF 45 -114.02 -35.89 32.11
N GLU GF 46 -114.71 -35.06 31.34
CA GLU GF 46 -115.75 -35.53 30.44
C GLU GF 46 -115.15 -36.33 29.31
N LYS GF 47 -115.87 -37.39 28.91
CA LYS GF 47 -115.43 -38.28 27.85
C LYS GF 47 -115.40 -37.47 26.56
N ARG GF 48 -114.45 -37.78 25.69
CA ARG GF 48 -114.33 -37.07 24.44
C ARG GF 48 -114.36 -38.04 23.26
N VAL GF 49 -114.94 -37.60 22.16
CA VAL GF 49 -114.99 -38.37 20.93
C VAL GF 49 -114.65 -37.43 19.78
N THR GF 50 -113.71 -37.83 18.95
CA THR GF 50 -113.22 -37.00 17.86
C THR GF 50 -113.31 -37.76 16.56
N VAL GF 51 -113.86 -37.11 15.54
CA VAL GF 51 -113.90 -37.69 14.20
C VAL GF 51 -113.39 -36.65 13.23
N SER GF 52 -112.85 -37.15 12.12
CA SER GF 52 -112.31 -36.25 11.10
C SER GF 52 -112.37 -36.95 9.75
N VAL GF 53 -112.50 -36.14 8.71
CA VAL GF 53 -112.35 -36.64 7.35
C VAL GF 53 -111.09 -36.03 6.79
N SER GF 54 -110.79 -36.32 5.54
CA SER GF 54 -109.62 -35.75 4.89
C SER GF 54 -109.87 -35.79 3.39
N GLN GF 55 -109.05 -35.05 2.66
CA GLN GF 55 -109.15 -35.08 1.22
C GLN GF 55 -107.75 -35.15 0.62
N PRO GF 56 -107.60 -35.87 -0.49
CA PRO GF 56 -106.25 -36.07 -1.04
C PRO GF 56 -105.64 -34.76 -1.49
N SER GF 57 -104.34 -34.64 -1.25
CA SER GF 57 -103.60 -33.45 -1.61
C SER GF 57 -102.39 -33.88 -2.45
N ARG GF 58 -101.55 -32.91 -2.79
CA ARG GF 58 -100.26 -33.23 -3.38
C ARG GF 58 -99.39 -34.09 -2.48
N ASN GF 59 -99.63 -34.06 -1.17
CA ASN GF 59 -98.91 -34.90 -0.24
C ASN GF 59 -99.41 -36.33 -0.20
N ARG GF 60 -100.72 -36.55 -0.32
CA ARG GF 60 -101.29 -37.88 -0.27
C ARG GF 60 -102.50 -37.94 -1.17
N LYS GF 61 -102.63 -39.05 -1.88
CA LYS GF 61 -103.72 -39.26 -2.83
C LYS GF 61 -104.87 -40.02 -2.20
N ASN GF 62 -104.75 -40.31 -0.91
CA ASN GF 62 -105.69 -41.20 -0.25
C ASN GF 62 -106.52 -40.44 0.75
N TYR GF 63 -107.74 -40.91 0.98
CA TYR GF 63 -108.57 -40.35 2.02
C TYR GF 63 -108.20 -40.94 3.37
N LYS GF 64 -108.20 -40.10 4.40
CA LYS GF 64 -107.99 -40.53 5.77
C LYS GF 64 -109.23 -40.20 6.58
N VAL GF 65 -109.69 -41.16 7.35
CA VAL GF 65 -110.75 -40.94 8.31
C VAL GF 65 -110.21 -41.36 9.67
N GLN GF 66 -110.07 -40.39 10.56
CA GLN GF 66 -109.46 -40.61 11.86
C GLN GF 66 -110.51 -40.45 12.94
N VAL GF 67 -110.53 -41.39 13.87
CA VAL GF 67 -111.45 -41.35 15.00
C VAL GF 67 -110.65 -41.67 16.25
N LYS GF 68 -110.68 -40.77 17.22
CA LYS GF 68 -109.98 -40.97 18.48
C LYS GF 68 -110.96 -40.82 19.62
N ILE GF 69 -110.75 -41.61 20.67
CA ILE GF 69 -111.60 -41.58 21.85
C ILE GF 69 -110.72 -41.40 23.07
N GLN GF 70 -111.13 -40.51 23.95
CA GLN GF 70 -110.36 -40.17 25.14
C GLN GF 70 -111.27 -40.30 26.35
N ASN GF 71 -110.95 -41.24 27.24
CA ASN GF 71 -111.77 -41.53 28.41
C ASN GF 71 -110.87 -41.52 29.64
N PRO GF 72 -110.76 -40.40 30.32
CA PRO GF 72 -109.90 -40.33 31.50
C PRO GF 72 -110.48 -41.14 32.65
N THR GF 73 -109.71 -41.19 33.73
CA THR GF 73 -110.12 -41.86 34.95
C THR GF 73 -110.10 -40.85 36.07
N ALA GF 74 -111.28 -40.54 36.60
CA ALA GF 74 -111.41 -39.56 37.66
C ALA GF 74 -110.95 -40.17 38.97
N CYS GF 75 -110.15 -39.42 39.72
CA CYS GF 75 -109.87 -39.74 41.11
C CYS GF 75 -110.75 -38.82 41.94
N THR GF 76 -111.80 -39.38 42.54
CA THR GF 76 -112.76 -38.57 43.26
C THR GF 76 -112.12 -37.93 44.49
N ALA GF 77 -111.58 -38.76 45.38
CA ALA GF 77 -110.90 -38.25 46.55
C ALA GF 77 -109.40 -38.37 46.31
N ASN GF 78 -108.77 -37.22 46.08
CA ASN GF 78 -107.32 -37.13 46.01
C ASN GF 78 -106.73 -36.72 47.34
N GLY GF 79 -107.55 -36.58 48.38
CA GLY GF 79 -107.14 -35.85 49.55
C GLY GF 79 -107.30 -34.36 49.37
N SER GF 80 -107.86 -33.94 48.24
CA SER GF 80 -108.07 -32.53 47.92
C SER GF 80 -109.53 -32.34 47.54
N CYS GF 81 -109.96 -31.09 47.51
CA CYS GF 81 -111.35 -30.77 47.27
C CYS GF 81 -111.81 -31.03 45.85
N ASP GF 82 -110.89 -31.22 44.91
CA ASP GF 82 -111.29 -31.37 43.53
C ASP GF 82 -110.77 -32.70 42.97
N PRO GF 83 -111.56 -33.36 42.13
CA PRO GF 83 -111.07 -34.59 41.51
C PRO GF 83 -109.96 -34.29 40.52
N SER GF 84 -109.21 -35.33 40.17
CA SER GF 84 -108.06 -35.17 39.30
C SER GF 84 -107.96 -36.33 38.32
N VAL GF 85 -107.43 -36.01 37.15
CA VAL GF 85 -107.21 -37.03 36.12
C VAL GF 85 -106.15 -37.99 36.63
N THR GF 86 -106.42 -39.28 36.50
CA THR GF 86 -105.44 -40.28 36.90
C THR GF 86 -104.87 -41.01 35.69
N ARG GF 87 -105.68 -41.86 35.08
CA ARG GF 87 -105.28 -42.59 33.88
C ARG GF 87 -106.08 -42.07 32.71
N GLN GF 88 -105.46 -42.07 31.54
CA GLN GF 88 -106.12 -41.56 30.35
C GLN GF 88 -106.18 -42.69 29.33
N ALA GF 89 -107.38 -43.17 29.05
CA ALA GF 89 -107.57 -44.25 28.08
C ALA GF 89 -107.57 -43.65 26.69
N TYR GF 90 -106.72 -44.19 25.82
CA TYR GF 90 -106.66 -43.73 24.44
C TYR GF 90 -107.16 -44.81 23.49
N ALA GF 91 -108.22 -44.46 22.76
CA ALA GF 91 -108.76 -45.35 21.74
C ALA GF 91 -108.67 -44.62 20.41
N ASP GF 92 -107.90 -45.16 19.49
CA ASP GF 92 -107.64 -44.53 18.21
C ASP GF 92 -108.00 -45.46 17.07
N VAL GF 93 -108.68 -44.92 16.07
CA VAL GF 93 -109.10 -45.67 14.89
C VAL GF 93 -108.86 -44.79 13.67
N THR GF 94 -108.29 -45.37 12.63
CA THR GF 94 -108.04 -44.66 11.39
C THR GF 94 -108.58 -45.46 10.21
N PHE GF 95 -108.69 -44.78 9.07
CA PHE GF 95 -109.12 -45.42 7.85
C PHE GF 95 -108.38 -44.83 6.67
N SER GF 96 -108.06 -45.68 5.72
CA SER GF 96 -107.43 -45.23 4.48
C SER GF 96 -108.27 -45.74 3.32
N PHE GF 97 -108.36 -44.93 2.28
CA PHE GF 97 -109.11 -45.31 1.09
C PHE GF 97 -108.48 -44.66 -0.12
N THR GF 98 -108.79 -45.23 -1.27
CA THR GF 98 -108.28 -44.74 -2.54
C THR GF 98 -109.38 -43.97 -3.24
N GLN GF 99 -108.98 -42.96 -4.00
CA GLN GF 99 -109.94 -42.14 -4.72
C GLN GF 99 -110.94 -42.96 -5.49
N TYR GF 100 -110.57 -44.16 -5.92
CA TYR GF 100 -111.51 -45.03 -6.62
C TYR GF 100 -112.27 -45.96 -5.68
N SER GF 101 -112.06 -45.84 -4.37
CA SER GF 101 -112.74 -46.71 -3.43
C SER GF 101 -114.24 -46.62 -3.63
N THR GF 102 -114.92 -47.76 -3.62
CA THR GF 102 -116.36 -47.73 -3.84
C THR GF 102 -117.09 -47.64 -2.52
N ASP GF 103 -118.41 -47.58 -2.60
CA ASP GF 103 -119.22 -47.44 -1.40
C ASP GF 103 -119.23 -48.72 -0.59
N GLU GF 104 -119.66 -49.83 -1.20
CA GLU GF 104 -119.87 -51.05 -0.44
C GLU GF 104 -118.58 -51.54 0.20
N GLU GF 105 -117.47 -51.42 -0.51
CA GLU GF 105 -116.17 -51.72 0.09
C GLU GF 105 -116.03 -51.02 1.42
N ARG GF 106 -116.21 -49.70 1.43
CA ARG GF 106 -116.17 -48.97 2.68
C ARG GF 106 -117.19 -49.51 3.66
N ALA GF 107 -118.46 -49.55 3.24
CA ALA GF 107 -119.49 -50.13 4.08
C ALA GF 107 -119.08 -51.49 4.60
N PHE GF 108 -118.54 -52.34 3.72
CA PHE GF 108 -118.05 -53.63 4.16
C PHE GF 108 -117.04 -53.49 5.29
N VAL GF 109 -116.15 -52.51 5.20
CA VAL GF 109 -115.19 -52.31 6.26
C VAL GF 109 -115.87 -51.92 7.55
N ARG GF 110 -116.85 -51.03 7.48
CA ARG GF 110 -117.44 -50.51 8.69
C ARG GF 110 -118.02 -51.61 9.56
N THR GF 111 -118.92 -52.41 9.00
CA THR GF 111 -119.55 -53.45 9.80
C THR GF 111 -118.54 -54.41 10.38
N GLU GF 112 -117.72 -55.03 9.52
CA GLU GF 112 -116.82 -56.08 9.99
C GLU GF 112 -115.98 -55.64 11.17
N LEU GF 113 -115.49 -54.40 11.16
CA LEU GF 113 -114.75 -53.93 12.32
C LEU GF 113 -115.60 -54.02 13.57
N ALA GF 114 -116.85 -53.57 13.49
CA ALA GF 114 -117.74 -53.70 14.63
C ALA GF 114 -117.90 -55.15 15.05
N ALA GF 115 -118.21 -56.03 14.10
CA ALA GF 115 -118.37 -57.44 14.43
C ALA GF 115 -117.17 -57.97 15.20
N LEU GF 116 -115.96 -57.65 14.73
CA LEU GF 116 -114.78 -58.03 15.49
C LEU GF 116 -114.85 -57.54 16.91
N LEU GF 117 -115.22 -56.27 17.10
CA LEU GF 117 -115.31 -55.74 18.45
C LEU GF 117 -116.29 -56.53 19.32
N ALA GF 118 -117.30 -57.13 18.70
CA ALA GF 118 -118.18 -58.03 19.42
C ALA GF 118 -117.69 -59.47 19.39
N SER GF 119 -116.67 -59.77 18.60
CA SER GF 119 -116.19 -61.13 18.51
C SER GF 119 -115.59 -61.57 19.85
N PRO GF 120 -115.74 -62.84 20.22
CA PRO GF 120 -115.10 -63.33 21.43
C PRO GF 120 -113.59 -63.26 21.38
N LEU GF 121 -113.01 -63.12 20.20
CA LEU GF 121 -111.56 -63.00 20.12
C LEU GF 121 -111.07 -61.75 20.81
N LEU GF 122 -111.52 -60.59 20.37
CA LEU GF 122 -110.95 -59.35 20.85
C LEU GF 122 -111.22 -59.11 22.32
N ILE GF 123 -112.34 -59.60 22.85
CA ILE GF 123 -112.67 -59.27 24.22
C ILE GF 123 -111.56 -59.70 25.17
N ASP GF 124 -111.07 -60.92 25.05
CA ASP GF 124 -109.91 -61.31 25.83
C ASP GF 124 -108.69 -60.48 25.49
N ALA GF 125 -108.47 -60.23 24.21
CA ALA GF 125 -107.42 -59.32 23.79
C ALA GF 125 -107.56 -57.95 24.42
N ILE GF 126 -108.75 -57.36 24.37
CA ILE GF 126 -109.00 -56.05 24.95
C ILE GF 126 -109.12 -56.16 26.47
N ASP GF 127 -110.17 -56.81 26.94
CA ASP GF 127 -110.47 -56.77 28.37
C ASP GF 127 -109.37 -57.38 29.21
N GLN GF 128 -108.99 -58.61 28.90
CA GLN GF 128 -108.01 -59.32 29.70
C GLN GF 128 -106.60 -59.19 29.17
N LEU GF 129 -106.38 -58.40 28.12
CA LEU GF 129 -105.05 -58.17 27.56
C LEU GF 129 -104.37 -59.48 27.24
N ASN GF 130 -104.95 -60.20 26.29
CA ASN GF 130 -104.38 -61.50 26.01
C ASN GF 130 -104.08 -61.63 24.53
N PRO GF 131 -102.96 -62.23 24.19
CA PRO GF 131 -102.69 -62.56 22.80
C PRO GF 131 -103.60 -63.67 22.31
N ALA GF 132 -103.27 -64.21 21.14
CA ALA GF 132 -104.20 -64.98 20.33
C ALA GF 132 -104.34 -66.42 20.78
N TYR GF 133 -103.71 -66.79 21.88
CA TYR GF 133 -103.75 -68.18 22.32
C TYR GF 133 -104.77 -68.36 23.43
N ALA HF 2 -121.97 21.87 48.83
CA ALA HF 2 -122.89 20.90 49.40
C ALA HF 2 -123.16 19.78 48.41
N LYS HF 3 -124.15 18.95 48.73
CA LYS HF 3 -124.48 17.79 47.93
C LYS HF 3 -124.99 18.22 46.56
N LEU HF 4 -124.58 17.46 45.55
CA LEU HF 4 -125.20 17.57 44.23
C LEU HF 4 -126.68 17.36 44.37
N GLU HF 5 -127.47 18.26 43.81
CA GLU HF 5 -128.91 18.17 43.89
C GLU HF 5 -129.52 18.62 42.58
N THR HF 6 -130.84 18.50 42.50
CA THR HF 6 -131.57 19.10 41.41
C THR HF 6 -131.42 20.59 41.58
N VAL HF 7 -130.95 21.26 40.54
CA VAL HF 7 -130.77 22.70 40.62
C VAL HF 7 -131.77 23.36 39.69
N THR HF 8 -132.76 24.02 40.26
CA THR HF 8 -133.76 24.77 39.50
C THR HF 8 -133.22 26.17 39.27
N LEU HF 9 -133.49 26.70 38.09
CA LEU HF 9 -133.06 28.04 37.75
C LEU HF 9 -134.23 28.79 37.13
N GLY HF 10 -134.58 29.94 37.73
CA GLY HF 10 -135.56 30.82 37.17
C GLY HF 10 -134.88 32.01 36.51
N ASN HF 11 -135.70 32.80 35.81
CA ASN HF 11 -135.24 34.05 35.22
C ASN HF 11 -134.07 33.80 34.27
N ILE HF 12 -134.38 33.15 33.16
CA ILE HF 12 -133.38 32.70 32.21
C ILE HF 12 -133.73 33.27 30.84
N GLY HF 13 -132.72 33.47 30.02
CA GLY HF 13 -132.91 33.95 28.66
C GLY HF 13 -133.32 35.41 28.64
N LYS HF 14 -133.30 35.95 27.43
CA LYS HF 14 -133.67 37.35 27.22
C LYS HF 14 -135.03 37.65 27.84
N ASP HF 15 -135.95 36.70 27.77
CA ASP HF 15 -137.24 36.86 28.42
C ASP HF 15 -137.08 36.92 29.94
N GLY HF 16 -136.35 35.99 30.53
CA GLY HF 16 -136.35 35.86 31.96
C GLY HF 16 -137.52 35.06 32.48
N LYS HF 17 -138.38 34.58 31.59
CA LYS HF 17 -139.42 33.65 31.99
C LYS HF 17 -138.96 32.21 31.81
N GLN HF 18 -137.80 32.02 31.18
CA GLN HF 18 -137.24 30.70 30.99
C GLN HF 18 -136.79 30.13 32.32
N THR HF 19 -137.01 28.83 32.47
CA THR HF 19 -136.59 28.10 33.66
C THR HF 19 -135.85 26.85 33.25
N LEU HF 20 -134.96 26.38 34.12
CA LEU HF 20 -134.17 25.20 33.82
C LEU HF 20 -133.88 24.44 35.10
N VAL HF 21 -133.92 23.11 35.00
CA VAL HF 21 -133.53 22.25 36.10
C VAL HF 21 -132.32 21.44 35.66
N LEU HF 22 -131.50 21.06 36.63
CA LEU HF 22 -130.27 20.33 36.35
C LEU HF 22 -130.19 19.14 37.29
N ASN HF 23 -130.13 17.98 36.75
CA ASN HF 23 -129.97 16.88 37.66
C ASN HF 23 -128.49 16.59 37.90
N PRO HF 24 -128.15 16.11 39.09
CA PRO HF 24 -126.79 15.67 39.33
C PRO HF 24 -126.44 14.49 38.43
N ARG HF 25 -125.32 14.63 37.72
CA ARG HF 25 -124.86 13.60 36.81
C ARG HF 25 -123.80 12.70 37.42
N GLY HF 26 -123.46 12.91 38.68
CA GLY HF 26 -122.32 12.23 39.27
C GLY HF 26 -121.05 13.01 39.04
N VAL HF 27 -119.93 12.39 39.43
CA VAL HF 27 -118.63 13.04 39.36
C VAL HF 27 -117.65 12.10 38.69
N ASN HF 28 -116.98 12.59 37.67
CA ASN HF 28 -115.88 11.81 37.13
C ASN HF 28 -114.71 11.84 38.10
N PRO HF 29 -114.34 10.72 38.71
CA PRO HF 29 -113.25 10.75 39.68
C PRO HF 29 -111.90 10.98 39.07
N THR HF 30 -111.70 10.59 37.80
CA THR HF 30 -110.39 10.75 37.19
C THR HF 30 -109.94 12.20 37.24
N ASN HF 31 -110.57 13.05 36.45
CA ASN HF 31 -110.31 14.47 36.53
C ASN HF 31 -110.85 15.10 37.80
N GLY HF 32 -111.67 14.37 38.55
CA GLY HF 32 -112.27 14.93 39.74
C GLY HF 32 -113.20 16.08 39.42
N VAL HF 33 -114.16 15.86 38.54
CA VAL HF 33 -115.03 16.93 38.08
C VAL HF 33 -116.48 16.45 38.17
N ALA HF 34 -117.31 17.27 38.80
CA ALA HF 34 -118.74 17.02 38.87
C ALA HF 34 -119.40 17.36 37.55
N SER HF 35 -120.60 16.81 37.37
CA SER HF 35 -121.36 17.06 36.15
C SER HF 35 -122.83 17.24 36.50
N LEU HF 36 -123.48 18.16 35.81
CA LEU HF 36 -124.89 18.42 35.99
C LEU HF 36 -125.53 18.48 34.61
N SER HF 37 -126.80 18.12 34.53
CA SER HF 37 -127.46 18.17 33.24
C SER HF 37 -128.96 18.41 33.40
N GLN HF 38 -129.50 19.09 32.41
CA GLN HF 38 -130.93 19.03 32.15
C GLN HF 38 -131.34 17.61 31.86
N ALA HF 39 -132.57 17.26 32.24
CA ALA HF 39 -133.11 15.96 31.84
C ALA HF 39 -133.88 16.16 30.54
N GLY HF 40 -133.28 15.69 29.46
CA GLY HF 40 -133.91 15.69 28.17
C GLY HF 40 -134.22 14.29 27.70
N ALA HF 41 -134.29 14.13 26.39
CA ALA HF 41 -134.39 12.81 25.81
C ALA HF 41 -133.01 12.23 25.56
N VAL HF 42 -132.26 12.84 24.66
CA VAL HF 42 -130.95 12.34 24.27
C VAL HF 42 -129.87 13.06 25.06
N PRO HF 43 -129.08 12.35 25.86
CA PRO HF 43 -127.98 13.00 26.59
C PRO HF 43 -127.10 13.86 25.72
N ALA HF 44 -126.74 13.40 24.52
CA ALA HF 44 -126.01 14.23 23.58
C ALA HF 44 -126.68 15.57 23.36
N LEU HF 45 -128.00 15.60 23.33
CA LEU HF 45 -128.73 16.86 23.18
C LEU HF 45 -128.83 17.61 24.50
N GLU HF 46 -128.80 16.90 25.63
CA GLU HF 46 -129.10 17.51 26.91
C GLU HF 46 -128.02 18.50 27.31
N LYS HF 47 -128.44 19.59 27.93
CA LYS HF 47 -127.54 20.65 28.35
C LYS HF 47 -126.62 20.07 29.42
N ARG HF 48 -125.38 20.53 29.45
CA ARG HF 48 -124.43 20.03 30.42
C ARG HF 48 -123.83 21.18 31.22
N VAL HF 49 -123.54 20.92 32.49
CA VAL HF 49 -122.89 21.89 33.36
C VAL HF 49 -121.83 21.15 34.14
N THR HF 50 -120.61 21.70 34.13
CA THR HF 50 -119.47 21.05 34.76
C THR HF 50 -118.81 22.03 35.72
N VAL HF 51 -118.53 21.56 36.93
CA VAL HF 51 -117.80 22.33 37.91
C VAL HF 51 -116.67 21.48 38.46
N SER HF 52 -115.62 22.16 38.90
CA SER HF 52 -114.48 21.45 39.45
C SER HF 52 -113.76 22.36 40.43
N VAL HF 53 -113.11 21.74 41.41
CA VAL HF 53 -112.22 22.45 42.30
C VAL HF 53 -110.83 21.94 42.00
N SER HF 54 -109.84 22.44 42.74
CA SER HF 54 -108.47 22.00 42.58
C SER HF 54 -107.72 22.28 43.86
N GLN HF 55 -106.56 21.67 44.00
CA GLN HF 55 -105.74 21.94 45.16
C GLN HF 55 -104.30 22.13 44.73
N PRO HF 56 -103.57 23.01 45.38
CA PRO HF 56 -102.21 23.33 44.94
C PRO HF 56 -101.30 22.11 45.06
N SER HF 57 -100.43 21.96 44.06
CA SER HF 57 -99.50 20.85 44.01
C SER HF 57 -98.10 21.42 43.85
N ARG HF 58 -97.13 20.53 43.68
CA ARG HF 58 -95.79 20.95 43.29
C ARG HF 58 -95.77 21.66 41.95
N ASN HF 59 -96.77 21.41 41.10
CA ASN HF 59 -96.89 22.09 39.82
C ASN HF 59 -97.45 23.49 39.94
N ARG HF 60 -98.42 23.70 40.83
CA ARG HF 60 -99.03 25.01 40.98
C ARG HF 60 -99.41 25.21 42.44
N LYS HF 61 -99.21 26.42 42.92
CA LYS HF 61 -99.47 26.78 44.31
C LYS HF 61 -100.84 27.43 44.45
N ASN HF 62 -101.59 27.49 43.36
CA ASN HF 62 -102.82 28.25 43.33
C ASN HF 62 -104.01 27.33 43.19
N TYR HF 63 -105.15 27.75 43.72
CA TYR HF 63 -106.39 27.02 43.53
C TYR HF 63 -107.00 27.38 42.19
N LYS HF 64 -107.54 26.38 41.52
CA LYS HF 64 -108.28 26.58 40.28
C LYS HF 64 -109.71 26.11 40.48
N VAL HF 65 -110.66 26.93 40.06
CA VAL HF 65 -112.05 26.54 40.02
C VAL HF 65 -112.52 26.74 38.59
N GLN HF 66 -112.85 25.64 37.94
CA GLN HF 66 -113.21 25.64 36.53
C GLN HF 66 -114.68 25.29 36.38
N VAL HF 67 -115.39 26.07 35.58
CA VAL HF 67 -116.79 25.83 35.29
C VAL HF 67 -117.00 25.96 33.79
N LYS HF 68 -117.52 24.91 33.18
CA LYS HF 68 -117.77 24.89 31.76
C LYS HF 68 -119.24 24.55 31.51
N ILE HF 69 -119.81 25.15 30.48
CA ILE HF 69 -121.20 24.93 30.11
C ILE HF 69 -121.25 24.55 28.66
N GLN HF 70 -122.03 23.53 28.34
CA GLN HF 70 -122.12 23.00 27.00
C GLN HF 70 -123.60 22.92 26.63
N ASN HF 71 -124.01 23.70 25.63
CA ASN HF 71 -125.40 23.80 25.20
C ASN HF 71 -125.46 23.59 23.70
N PRO HF 72 -125.69 22.37 23.25
CA PRO HF 72 -125.76 22.11 21.81
C PRO HF 72 -127.00 22.72 21.20
N THR HF 73 -127.08 22.60 19.89
CA THR HF 73 -128.23 23.05 19.12
C THR HF 73 -128.81 21.86 18.38
N ALA HF 74 -130.01 21.47 18.76
CA ALA HF 74 -130.67 20.33 18.15
C ALA HF 74 -131.19 20.72 16.77
N CYS HF 75 -130.96 19.85 15.80
CA CYS HF 75 -131.63 19.94 14.51
C CYS HF 75 -132.73 18.89 14.55
N THR HF 76 -133.98 19.34 14.68
CA THR HF 76 -135.09 18.41 14.84
C THR HF 76 -135.30 17.58 13.58
N ALA HF 77 -135.52 18.26 12.45
CA ALA HF 77 -135.66 17.57 11.19
C ALA HF 77 -134.35 17.73 10.42
N ASN HF 78 -133.60 16.64 10.33
CA ASN HF 78 -132.43 16.59 9.48
C ASN HF 78 -132.75 15.95 8.14
N GLY HF 79 -134.01 15.64 7.88
CA GLY HF 79 -134.34 14.73 6.81
C GLY HF 79 -134.20 13.29 7.23
N SER HF 80 -133.88 13.06 8.51
CA SER HF 80 -133.68 11.73 9.05
C SER HF 80 -134.56 11.59 10.29
N CYS HF 81 -134.73 10.35 10.74
CA CYS HF 81 -135.64 10.07 11.85
C CYS HF 81 -135.13 10.55 13.19
N ASP HF 82 -133.86 10.91 13.30
CA ASP HF 82 -133.32 11.29 14.59
C ASP HF 82 -132.73 12.68 14.53
N PRO HF 83 -132.88 13.47 15.59
CA PRO HF 83 -132.26 14.79 15.61
C PRO HF 83 -130.74 14.67 15.69
N SER HF 84 -130.06 15.75 15.37
CA SER HF 84 -128.61 15.75 15.32
C SER HF 84 -128.05 17.05 15.86
N VAL HF 85 -126.87 16.94 16.46
CA VAL HF 85 -126.18 18.11 16.98
C VAL HF 85 -125.78 18.99 15.82
N THR HF 86 -126.05 20.29 15.92
CA THR HF 86 -125.65 21.21 14.87
C THR HF 86 -124.54 22.12 15.34
N ARG HF 87 -124.87 23.07 16.22
CA ARG HF 87 -123.91 23.98 16.79
C ARG HF 87 -123.74 23.66 18.26
N GLN HF 88 -122.52 23.86 18.76
CA GLN HF 88 -122.24 23.54 20.16
C GLN HF 88 -121.76 24.82 20.84
N ALA HF 89 -122.59 25.34 21.74
CA ALA HF 89 -122.25 26.55 22.47
C ALA HF 89 -121.31 26.21 23.61
N TYR HF 90 -120.18 26.89 23.67
CA TYR HF 90 -119.22 26.67 24.74
C TYR HF 90 -119.13 27.87 25.66
N ALA HF 91 -119.46 27.65 26.92
CA ALA HF 91 -119.34 28.68 27.94
C ALA HF 91 -118.36 28.19 28.99
N ASP HF 92 -117.25 28.88 29.14
CA ASP HF 92 -116.18 28.46 30.04
C ASP HF 92 -115.86 29.58 31.03
N VAL HF 93 -115.71 29.20 32.30
CA VAL HF 93 -115.37 30.13 33.36
C VAL HF 93 -114.34 29.46 34.24
N THR HF 94 -113.32 30.22 34.62
CA THR HF 94 -112.27 29.72 35.50
C THR HF 94 -112.04 30.70 36.64
N PHE HF 95 -111.34 30.21 37.66
CA PHE HF 95 -110.99 31.04 38.80
C PHE HF 95 -109.61 30.66 39.29
N SER HF 96 -108.86 31.66 39.72
CA SER HF 96 -107.56 31.44 40.32
C SER HF 96 -107.55 32.12 41.68
N PHE HF 97 -106.88 31.49 42.63
CA PHE HF 97 -106.76 32.05 43.96
C PHE HF 97 -105.45 31.62 44.58
N THR HF 98 -105.04 32.36 45.58
CA THR HF 98 -103.80 32.10 46.29
C THR HF 98 -104.13 31.45 47.62
N GLN HF 99 -103.23 30.59 48.08
CA GLN HF 99 -103.43 29.89 49.33
C GLN HF 99 -103.82 30.82 50.45
N TYR HF 100 -103.41 32.08 50.40
CA TYR HF 100 -103.80 33.03 51.43
C TYR HF 100 -105.06 33.80 51.06
N SER HF 101 -105.71 33.46 49.95
CA SER HF 101 -106.92 34.16 49.55
C SER HF 101 -107.95 34.09 50.66
N THR HF 102 -108.61 35.21 50.94
CA THR HF 102 -109.58 35.20 52.02
C THR HF 102 -110.96 34.90 51.48
N ASP HF 103 -111.92 34.84 52.39
CA ASP HF 103 -113.28 34.50 52.00
C ASP HF 103 -113.94 35.63 51.23
N GLU HF 104 -114.01 36.81 51.82
CA GLU HF 104 -114.78 37.89 51.23
C GLU HF 104 -114.24 38.27 49.86
N GLU HF 105 -112.91 38.28 49.72
CA GLU HF 105 -112.32 38.50 48.41
C GLU HF 105 -112.95 37.58 47.38
N ARG HF 106 -112.96 36.28 47.65
CA ARG HF 106 -113.62 35.35 46.77
C ARG HF 106 -115.09 35.70 46.60
N ALA HF 107 -115.81 35.82 47.71
CA ALA HF 107 -117.21 36.24 47.65
C ALA HF 107 -117.35 37.50 46.82
N PHE HF 108 -116.49 38.48 47.04
CA PHE HF 108 -116.52 39.69 46.24
C PHE HF 108 -116.42 39.37 44.76
N VAL HF 109 -115.57 38.42 44.38
CA VAL HF 109 -115.46 38.06 42.98
C VAL HF 109 -116.75 37.46 42.48
N ARG HF 110 -117.37 36.59 43.27
CA ARG HF 110 -118.53 35.86 42.78
C ARG HF 110 -119.62 36.80 42.34
N THR HF 111 -120.08 37.68 43.24
CA THR HF 111 -121.17 38.57 42.90
C THR HF 111 -120.85 39.43 41.69
N GLU HF 112 -119.76 40.19 41.75
CA GLU HF 112 -119.47 41.15 40.70
C GLU HF 112 -119.50 40.53 39.32
N LEU HF 113 -118.98 39.31 39.17
CA LEU HF 113 -119.07 38.66 37.87
C LEU HF 113 -120.52 38.53 37.45
N ALA HF 114 -121.38 38.10 38.35
CA ALA HF 114 -122.80 38.03 38.02
C ALA HF 114 -123.34 39.38 37.62
N ALA HF 115 -123.10 40.41 38.44
CA ALA HF 115 -123.58 41.74 38.11
C ALA HF 115 -123.18 42.15 36.70
N LEU HF 116 -121.92 41.93 36.34
CA LEU HF 116 -121.52 42.18 34.96
C LEU HF 116 -122.41 41.45 33.97
N LEU HF 117 -122.68 40.18 34.23
CA LEU HF 117 -123.52 39.43 33.31
C LEU HF 117 -124.90 40.05 33.18
N ALA HF 118 -125.37 40.74 34.21
CA ALA HF 118 -126.60 41.51 34.10
C ALA HF 118 -126.36 42.93 33.65
N SER HF 119 -125.11 43.36 33.57
CA SER HF 119 -124.84 44.72 33.16
C SER HF 119 -125.25 44.93 31.70
N PRO HF 120 -125.74 46.13 31.37
CA PRO HF 120 -126.04 46.43 29.97
C PRO HF 120 -124.85 46.37 29.06
N LEU HF 121 -123.63 46.44 29.62
CA LEU HF 121 -122.45 46.34 28.78
C LEU HF 121 -122.37 45.00 28.08
N LEU HF 122 -122.31 43.92 28.86
CA LEU HF 122 -122.04 42.62 28.28
C LEU HF 122 -123.13 42.14 27.35
N ILE HF 123 -124.37 42.52 27.59
CA ILE HF 123 -125.46 41.97 26.80
C ILE HF 123 -125.24 42.25 25.32
N ASP HF 124 -124.91 43.48 24.94
CA ASP HF 124 -124.54 43.74 23.56
C ASP HF 124 -123.29 42.99 23.15
N ALA HF 125 -122.29 42.95 24.03
CA ALA HF 125 -121.12 42.14 23.81
C ALA HF 125 -121.47 40.68 23.58
N ILE HF 126 -122.29 40.10 24.45
CA ILE HF 126 -122.72 38.71 24.31
C ILE HF 126 -123.76 38.56 23.22
N ASP HF 127 -124.94 39.12 23.44
CA ASP HF 127 -126.05 38.83 22.55
C ASP HF 127 -125.79 39.31 21.13
N GLN HF 128 -125.44 40.58 20.97
CA GLN HF 128 -125.25 41.16 19.66
C GLN HF 128 -123.82 41.12 19.18
N LEU HF 129 -122.91 40.52 19.95
CA LEU HF 129 -121.51 40.39 19.56
C LEU HF 129 -120.91 41.75 19.22
N ASN HF 130 -120.86 42.60 20.22
CA ASN HF 130 -120.38 43.94 19.92
C ASN HF 130 -119.25 44.31 20.84
N PRO HF 131 -118.24 44.98 20.32
CA PRO HF 131 -117.20 45.52 21.18
C PRO HF 131 -117.72 46.70 21.98
N ALA HF 132 -116.80 47.43 22.60
CA ALA HF 132 -117.10 48.31 23.71
C ALA HF 132 -117.65 49.66 23.28
N TYR HF 133 -117.88 49.84 21.99
CA TYR HF 133 -118.34 51.14 21.51
C TYR HF 133 -119.84 51.13 21.30
N ALA IF 2 -127.47 5.24 40.67
CA ALA IF 2 -127.70 5.75 42.02
C ALA IF 2 -126.53 5.37 42.92
N LYS IF 3 -126.71 5.59 44.21
CA LYS IF 3 -125.68 5.36 45.20
C LYS IF 3 -125.32 3.88 45.28
N LEU IF 4 -124.03 3.62 45.42
CA LEU IF 4 -123.57 2.29 45.78
C LEU IF 4 -124.26 1.86 47.06
N GLU IF 5 -124.85 0.68 47.05
CA GLU IF 5 -125.55 0.17 48.21
C GLU IF 5 -125.30 -1.32 48.35
N THR IF 6 -125.81 -1.88 49.43
CA THR IF 6 -125.86 -3.33 49.56
C THR IF 6 -126.80 -3.82 48.48
N VAL IF 7 -126.32 -4.74 47.67
CA VAL IF 7 -127.15 -5.26 46.59
C VAL IF 7 -127.46 -6.72 46.91
N THR IF 8 -128.71 -7.00 47.25
CA THR IF 8 -129.17 -8.35 47.50
C THR IF 8 -129.59 -8.95 46.18
N LEU IF 9 -129.31 -10.24 46.00
CA LEU IF 9 -129.71 -10.95 44.81
C LEU IF 9 -130.35 -12.27 45.18
N GLY IF 10 -131.58 -12.48 44.72
CA GLY IF 10 -132.26 -13.74 44.89
C GLY IF 10 -132.23 -14.52 43.58
N ASN IF 11 -132.67 -15.77 43.66
CA ASN IF 11 -132.83 -16.62 42.49
C ASN IF 11 -131.50 -16.74 41.73
N ILE IF 12 -130.57 -17.45 42.36
CA ILE IF 12 -129.21 -17.55 41.86
C ILE IF 12 -128.87 -19.02 41.73
N GLY IF 13 -127.97 -19.34 40.79
CA GLY IF 13 -127.52 -20.69 40.60
C GLY IF 13 -128.58 -21.55 39.95
N LYS IF 14 -128.14 -22.75 39.55
CA LYS IF 14 -129.04 -23.70 38.92
C LYS IF 14 -130.28 -23.93 39.78
N ASP IF 15 -130.11 -23.94 41.10
CA ASP IF 15 -131.25 -24.05 41.99
C ASP IF 15 -132.16 -22.84 41.88
N GLY IF 16 -131.61 -21.64 41.94
CA GLY IF 16 -132.43 -20.46 42.07
C GLY IF 16 -132.84 -20.18 43.49
N LYS IF 17 -132.42 -21.03 44.44
CA LYS IF 17 -132.62 -20.71 45.84
C LYS IF 17 -131.40 -19.99 46.40
N GLN IF 18 -130.32 -19.91 45.64
CA GLN IF 18 -129.12 -19.21 46.06
C GLN IF 18 -129.39 -17.72 46.14
N THR IF 19 -128.82 -17.08 47.15
CA THR IF 19 -128.91 -15.65 47.33
C THR IF 19 -127.53 -15.07 47.56
N LEU IF 20 -127.37 -13.81 47.22
CA LEU IF 20 -126.06 -13.15 47.37
C LEU IF 20 -126.28 -11.68 47.68
N VAL IF 21 -125.43 -11.16 48.57
CA VAL IF 21 -125.40 -9.75 48.87
C VAL IF 21 -124.05 -9.20 48.46
N LEU IF 22 -124.02 -7.92 48.11
CA LEU IF 22 -122.80 -7.28 47.63
C LEU IF 22 -122.63 -5.95 48.36
N ASN IF 23 -121.56 -5.82 49.05
CA ASN IF 23 -121.38 -4.53 49.68
C ASN IF 23 -120.63 -3.58 48.75
N PRO IF 24 -120.92 -2.30 48.82
CA PRO IF 24 -120.13 -1.33 48.08
C PRO IF 24 -118.69 -1.34 48.55
N ARG IF 25 -117.78 -1.48 47.59
CA ARG IF 25 -116.36 -1.52 47.89
C ARG IF 25 -115.68 -0.17 47.67
N GLY IF 26 -116.42 0.86 47.33
CA GLY IF 26 -115.82 2.11 46.92
C GLY IF 26 -115.52 2.11 45.43
N VAL IF 27 -114.85 3.16 45.00
CA VAL IF 27 -114.55 3.36 43.58
C VAL IF 27 -113.09 3.69 43.42
N ASN IF 28 -112.41 2.96 42.57
CA ASN IF 28 -111.06 3.36 42.22
C ASN IF 28 -111.12 4.59 41.34
N PRO IF 29 -110.64 5.74 41.81
CA PRO IF 29 -110.73 6.96 40.98
C PRO IF 29 -109.81 6.95 39.78
N THR IF 30 -108.70 6.23 39.85
CA THR IF 30 -107.76 6.23 38.73
C THR IF 30 -108.44 5.79 37.45
N ASN IF 31 -108.78 4.51 37.36
CA ASN IF 31 -109.56 4.02 36.24
C ASN IF 31 -111.00 4.49 36.29
N GLY IF 32 -111.43 5.08 37.40
CA GLY IF 32 -112.81 5.48 37.52
C GLY IF 32 -113.76 4.31 37.48
N VAL IF 33 -113.55 3.32 38.32
CA VAL IF 33 -114.33 2.09 38.29
C VAL IF 33 -114.82 1.77 39.69
N ALA IF 34 -116.12 1.54 39.82
CA ALA IF 34 -116.70 1.11 41.07
C ALA IF 34 -116.40 -0.36 41.32
N SER IF 35 -116.55 -0.77 42.58
CA SER IF 35 -116.32 -2.14 42.97
C SER IF 35 -117.36 -2.58 43.97
N LEU IF 36 -117.81 -3.82 43.85
CA LEU IF 36 -118.76 -4.40 44.76
C LEU IF 36 -118.26 -5.78 45.17
N SER IF 37 -118.61 -6.20 46.37
CA SER IF 37 -118.16 -7.51 46.81
C SER IF 37 -119.13 -8.13 47.78
N GLN IF 38 -119.19 -9.45 47.74
CA GLN IF 38 -119.71 -10.23 48.85
C GLN IF 38 -118.85 -9.96 50.08
N ALA IF 39 -119.49 -10.03 51.25
CA ALA IF 39 -118.72 -9.97 52.49
C ALA IF 39 -118.42 -11.40 52.92
N GLY IF 40 -117.15 -11.77 52.73
CA GLY IF 40 -116.65 -13.05 53.17
C GLY IF 40 -115.67 -12.89 54.31
N ALA IF 41 -114.79 -13.88 54.42
CA ALA IF 41 -113.67 -13.75 55.33
C ALA IF 41 -112.48 -13.09 54.65
N VAL IF 42 -111.91 -13.76 53.66
CA VAL IF 42 -110.71 -13.27 52.98
C VAL IF 42 -111.12 -12.55 51.71
N PRO IF 43 -110.80 -11.26 51.58
CA PRO IF 43 -111.13 -10.53 50.36
C PRO IF 43 -110.66 -11.21 49.10
N ALA IF 44 -109.46 -11.79 49.10
CA ALA IF 44 -109.01 -12.58 47.97
C ALA IF 44 -110.01 -13.67 47.61
N LEU IF 45 -110.66 -14.27 48.59
CA LEU IF 45 -111.69 -15.27 48.34
C LEU IF 45 -113.01 -14.63 47.96
N GLU IF 46 -113.28 -13.42 48.43
CA GLU IF 46 -114.59 -12.83 48.29
C GLU IF 46 -114.91 -12.52 46.84
N LYS IF 47 -116.18 -12.72 46.48
CA LYS IF 47 -116.63 -12.50 45.11
C LYS IF 47 -116.50 -11.01 44.82
N ARG IF 48 -116.17 -10.67 43.58
CA ARG IF 48 -116.03 -9.28 43.20
C ARG IF 48 -116.93 -8.94 42.02
N VAL IF 49 -117.43 -7.71 42.01
CA VAL IF 49 -118.24 -7.20 40.93
C VAL IF 49 -117.76 -5.81 40.61
N THR IF 50 -117.49 -5.55 39.34
CA THR IF 50 -116.93 -4.28 38.89
C THR IF 50 -117.80 -3.70 37.80
N VAL IF 51 -118.13 -2.42 37.92
CA VAL IF 51 -118.86 -1.71 36.88
C VAL IF 51 -118.13 -0.41 36.59
N SER IF 52 -118.30 0.07 35.38
CA SER IF 52 -117.66 1.30 34.98
C SER IF 52 -118.46 1.95 33.87
N VAL IF 53 -118.38 3.28 33.81
CA VAL IF 53 -118.94 4.02 32.69
C VAL IF 53 -117.76 4.61 31.95
N SER IF 54 -118.04 5.38 30.91
CA SER IF 54 -116.99 6.02 30.13
C SER IF 54 -117.61 7.21 29.43
N GLN IF 55 -116.75 8.09 28.93
CA GLN IF 55 -117.24 9.22 28.17
C GLN IF 55 -116.38 9.42 26.94
N PRO IF 56 -116.96 9.82 25.83
CA PRO IF 56 -116.20 9.91 24.58
C PRO IF 56 -115.10 10.94 24.68
N SER IF 57 -113.96 10.60 24.08
CA SER IF 57 -112.80 11.48 24.08
C SER IF 57 -112.35 11.68 22.66
N ARG IF 58 -111.23 12.37 22.48
CA ARG IF 58 -110.59 12.44 21.18
C ARG IF 58 -110.16 11.08 20.67
N ASN IF 59 -109.97 10.11 21.57
CA ASN IF 59 -109.63 8.75 21.19
C ASN IF 59 -110.84 7.95 20.71
N ARG IF 60 -112.00 8.13 21.33
CA ARG IF 60 -113.18 7.38 20.96
C ARG IF 60 -114.41 8.27 21.15
N LYS IF 61 -115.34 8.17 20.23
CA LYS IF 61 -116.55 8.98 20.24
C LYS IF 61 -117.70 8.21 20.86
N ASN IF 62 -117.43 7.01 21.36
CA ASN IF 62 -118.48 6.12 21.80
C ASN IF 62 -118.41 5.93 23.31
N TYR IF 63 -119.56 5.67 23.91
CA TYR IF 63 -119.60 5.33 25.32
C TYR IF 63 -119.28 3.86 25.52
N LYS IF 64 -118.52 3.57 26.56
CA LYS IF 64 -118.23 2.20 26.95
C LYS IF 64 -118.77 1.97 28.35
N VAL IF 65 -119.47 0.86 28.53
CA VAL IF 65 -119.90 0.42 29.84
C VAL IF 65 -119.35 -0.98 30.03
N GLN IF 66 -118.44 -1.13 30.99
CA GLN IF 66 -117.74 -2.36 31.21
C GLN IF 66 -118.16 -2.94 32.55
N VAL IF 67 -118.47 -4.24 32.56
CA VAL IF 67 -118.84 -4.94 33.78
C VAL IF 67 -118.07 -6.25 33.80
N LYS IF 68 -117.31 -6.47 34.86
CA LYS IF 68 -116.53 -7.68 35.03
C LYS IF 68 -116.90 -8.33 36.35
N ILE IF 69 -116.89 -9.65 36.37
CA ILE IF 69 -117.22 -10.42 37.56
C ILE IF 69 -116.10 -11.41 37.81
N GLN IF 70 -115.66 -11.51 39.05
CA GLN IF 70 -114.55 -12.36 39.43
C GLN IF 70 -114.99 -13.23 40.59
N ASN IF 71 -115.04 -14.54 40.37
CA ASN IF 71 -115.51 -15.50 41.36
C ASN IF 71 -114.48 -16.60 41.50
N PRO IF 72 -113.57 -16.49 42.45
CA PRO IF 72 -112.55 -17.51 42.62
C PRO IF 72 -113.14 -18.80 43.15
N THR IF 73 -112.29 -19.80 43.26
CA THR IF 73 -112.63 -21.09 43.82
C THR IF 73 -111.74 -21.37 45.00
N ALA IF 74 -112.32 -21.39 46.19
CA ALA IF 74 -111.58 -21.62 47.42
C ALA IF 74 -111.21 -23.09 47.52
N CYS IF 75 -109.96 -23.36 47.87
CA CYS IF 75 -109.55 -24.68 48.30
C CYS IF 75 -109.48 -24.63 49.81
N THR IF 76 -110.44 -25.26 50.47
CA THR IF 76 -110.53 -25.18 51.93
C THR IF 76 -109.33 -25.86 52.58
N ALA IF 77 -109.14 -27.14 52.28
CA ALA IF 77 -108.00 -27.88 52.80
C ALA IF 77 -106.98 -28.00 51.68
N ASN IF 78 -105.90 -27.24 51.81
CA ASN IF 78 -104.75 -27.38 50.92
C ASN IF 78 -103.68 -28.27 51.54
N GLY IF 79 -103.96 -28.87 52.70
CA GLY IF 79 -102.89 -29.41 53.51
C GLY IF 79 -102.22 -28.36 54.35
N SER IF 80 -102.72 -27.12 54.29
CA SER IF 80 -102.16 -25.99 55.02
C SER IF 80 -103.29 -25.35 55.81
N CYS IF 81 -102.91 -24.49 56.76
CA CYS IF 81 -103.87 -23.89 57.66
C CYS IF 81 -104.75 -22.85 57.00
N ASP IF 82 -104.41 -22.39 55.81
CA ASP IF 82 -105.19 -21.33 55.19
C ASP IF 82 -105.70 -21.77 53.82
N PRO IF 83 -106.92 -21.38 53.47
CA PRO IF 83 -107.42 -21.70 52.13
C PRO IF 83 -106.65 -20.94 51.07
N SER IF 84 -106.77 -21.42 49.84
CA SER IF 84 -106.02 -20.83 48.74
C SER IF 84 -106.88 -20.78 47.48
N VAL IF 85 -106.61 -19.76 46.67
CA VAL IF 85 -107.30 -19.60 45.39
C VAL IF 85 -106.90 -20.75 44.49
N THR IF 86 -107.89 -21.38 43.86
CA THR IF 86 -107.60 -22.45 42.93
C THR IF 86 -107.90 -22.04 41.50
N ARG IF 87 -109.18 -21.94 41.17
CA ARG IF 87 -109.62 -21.51 39.86
C ARG IF 87 -110.26 -20.14 39.98
N GLN IF 88 -110.10 -19.33 38.94
CA GLN IF 88 -110.64 -17.97 38.97
C GLN IF 88 -111.61 -17.84 37.81
N ALA IF 89 -112.90 -17.72 38.12
CA ALA IF 89 -113.92 -17.57 37.09
C ALA IF 89 -113.96 -16.13 36.64
N TYR IF 90 -113.85 -15.91 35.33
CA TYR IF 90 -113.93 -14.56 34.78
C TYR IF 90 -115.18 -14.38 33.96
N ALA IF 91 -116.00 -13.43 34.39
CA ALA IF 91 -117.21 -13.06 33.66
C ALA IF 91 -117.08 -11.60 33.27
N ASP IF 92 -117.05 -11.33 31.97
CA ASP IF 92 -116.84 -9.99 31.46
C ASP IF 92 -117.97 -9.61 30.51
N VAL IF 93 -118.47 -8.38 30.68
CA VAL IF 93 -119.54 -7.84 29.86
C VAL IF 93 -119.18 -6.40 29.53
N THR IF 94 -119.36 -6.02 28.27
CA THR IF 94 -119.10 -4.66 27.82
C THR IF 94 -120.30 -4.13 27.05
N PHE IF 95 -120.29 -2.82 26.86
CA PHE IF 95 -121.33 -2.17 26.09
C PHE IF 95 -120.74 -1.02 25.30
N SER IF 96 -121.24 -0.84 24.09
CA SER IF 96 -120.85 0.29 23.27
C SER IF 96 -122.09 1.03 22.85
N PHE IF 97 -122.00 2.36 22.78
CA PHE IF 97 -123.11 3.17 22.36
C PHE IF 97 -122.59 4.41 21.66
N THR IF 98 -123.46 5.03 20.89
CA THR IF 98 -123.14 6.22 20.15
C THR IF 98 -123.75 7.42 20.85
N GLN IF 99 -123.06 8.56 20.74
CA GLN IF 99 -123.52 9.77 21.39
C GLN IF 99 -124.98 10.05 21.12
N TYR IF 100 -125.50 9.60 19.98
CA TYR IF 100 -126.92 9.79 19.68
C TYR IF 100 -127.77 8.62 20.15
N SER IF 101 -127.19 7.63 20.82
CA SER IF 101 -127.96 6.48 21.28
C SER IF 101 -129.12 6.95 22.13
N THR IF 102 -130.30 6.37 21.92
CA THR IF 102 -131.44 6.80 22.69
C THR IF 102 -131.60 5.94 23.93
N ASP IF 103 -132.61 6.26 24.73
CA ASP IF 103 -132.83 5.54 25.97
C ASP IF 103 -133.35 4.14 25.72
N GLU IF 104 -134.48 4.03 25.01
CA GLU IF 104 -135.12 2.74 24.89
C GLU IF 104 -134.24 1.73 24.19
N GLU IF 105 -133.50 2.17 23.17
CA GLU IF 105 -132.52 1.30 22.54
C GLU IF 105 -131.63 0.65 23.59
N ARG IF 106 -131.03 1.47 24.45
CA ARG IF 106 -130.22 0.93 25.53
C ARG IF 106 -131.07 0.01 26.40
N ALA IF 107 -132.17 0.53 26.92
CA ALA IF 107 -133.08 -0.31 27.69
C ALA IF 107 -133.40 -1.60 26.97
N PHE IF 108 -133.70 -1.51 25.68
CA PHE IF 108 -133.94 -2.71 24.90
C PHE IF 108 -132.78 -3.67 25.00
N VAL IF 109 -131.55 -3.17 24.95
CA VAL IF 109 -130.40 -4.04 25.05
C VAL IF 109 -130.35 -4.71 26.41
N ARG IF 110 -130.63 -3.96 27.47
CA ARG IF 110 -130.44 -4.49 28.81
C ARG IF 110 -131.29 -5.74 29.02
N THR IF 111 -132.60 -5.62 28.82
CA THR IF 111 -133.46 -6.77 29.08
C THR IF 111 -133.07 -7.97 28.24
N GLU IF 112 -133.02 -7.82 26.91
CA GLU IF 112 -132.81 -8.95 26.03
C GLU IF 112 -131.58 -9.75 26.43
N LEU IF 113 -130.49 -9.09 26.81
CA LEU IF 113 -129.33 -9.83 27.27
C LEU IF 113 -129.70 -10.73 28.44
N ALA IF 114 -130.42 -10.18 29.41
CA ALA IF 114 -130.88 -11.00 30.52
C ALA IF 114 -131.71 -12.18 30.04
N ALA IF 115 -132.72 -11.91 29.22
CA ALA IF 115 -133.56 -12.98 28.71
C ALA IF 115 -132.73 -14.10 28.10
N LEU IF 116 -131.74 -13.75 27.28
CA LEU IF 116 -130.85 -14.77 26.77
C LEU IF 116 -130.22 -15.58 27.90
N LEU IF 117 -129.74 -14.91 28.93
CA LEU IF 117 -129.13 -15.63 30.03
C LEU IF 117 -130.09 -16.61 30.66
N ALA IF 118 -131.39 -16.32 30.61
CA ALA IF 118 -132.38 -17.28 31.05
C ALA IF 118 -132.85 -18.19 29.93
N SER IF 119 -132.44 -17.92 28.70
CA SER IF 119 -132.88 -18.76 27.59
C SER IF 119 -132.29 -20.16 27.72
N PRO IF 120 -133.05 -21.18 27.32
CA PRO IF 120 -132.49 -22.54 27.33
C PRO IF 120 -131.31 -22.71 26.41
N LEU IF 121 -131.11 -21.80 25.47
CA LEU IF 121 -129.95 -21.91 24.60
C LEU IF 121 -128.66 -21.79 25.40
N LEU IF 122 -128.46 -20.66 26.06
CA LEU IF 122 -127.17 -20.39 26.68
C LEU IF 122 -126.83 -21.36 27.80
N ILE IF 123 -127.84 -21.88 28.52
CA ILE IF 123 -127.54 -22.70 29.67
C ILE IF 123 -126.66 -23.89 29.29
N ASP IF 124 -127.01 -24.61 28.22
CA ASP IF 124 -126.13 -25.65 27.73
C ASP IF 124 -124.80 -25.08 27.25
N ALA IF 125 -124.84 -23.97 26.54
CA ALA IF 125 -123.62 -23.27 26.18
C ALA IF 125 -122.78 -22.91 27.37
N ILE IF 126 -123.37 -22.32 28.40
CA ILE IF 126 -122.65 -21.96 29.62
C ILE IF 126 -122.39 -23.18 30.48
N ASP IF 127 -123.45 -23.78 31.03
CA ASP IF 127 -123.27 -24.81 32.03
C ASP IF 127 -122.53 -26.02 31.48
N GLN IF 128 -123.04 -26.58 30.39
CA GLN IF 128 -122.46 -27.80 29.84
C GLN IF 128 -121.44 -27.54 28.75
N LEU IF 129 -121.11 -26.28 28.47
CA LEU IF 129 -120.10 -25.93 27.48
C LEU IF 129 -120.42 -26.57 26.14
N ASN IF 130 -121.54 -26.17 25.57
CA ASN IF 130 -121.91 -26.82 24.33
C ASN IF 130 -122.16 -25.79 23.25
N PRO IF 131 -121.75 -26.08 22.05
CA PRO IF 131 -122.10 -25.22 20.92
C PRO IF 131 -123.57 -25.35 20.58
N ALA IF 132 -123.94 -24.82 19.42
CA ALA IF 132 -125.33 -24.49 19.11
C ALA IF 132 -126.14 -25.69 18.65
N TYR IF 133 -125.56 -26.88 18.67
CA TYR IF 133 -126.26 -28.04 18.16
C TYR IF 133 -126.86 -28.85 19.30
N ALA JF 2 -118.27 4.83 52.52
CA ALA JF 2 -119.39 5.48 51.87
C ALA JF 2 -118.97 6.79 51.27
N LYS JF 3 -119.95 7.58 50.84
CA LYS JF 3 -119.72 8.85 50.17
C LYS JF 3 -119.06 9.83 51.12
N LEU JF 4 -118.11 10.60 50.57
CA LEU JF 4 -117.59 11.76 51.27
C LEU JF 4 -118.75 12.66 51.62
N GLU JF 5 -118.81 13.07 52.88
CA GLU JF 5 -119.88 13.94 53.33
C GLU JF 5 -119.34 14.94 54.32
N THR JF 6 -120.21 15.84 54.76
CA THR JF 6 -119.88 16.72 55.88
C THR JF 6 -119.78 15.80 57.09
N VAL JF 7 -118.64 15.88 57.78
CA VAL JF 7 -118.45 15.04 58.95
C VAL JF 7 -118.44 15.94 60.18
N THR JF 8 -119.49 15.85 60.98
CA THR JF 8 -119.57 16.59 62.23
C THR JF 8 -118.91 15.76 63.31
N LEU JF 9 -118.21 16.43 64.22
CA LEU JF 9 -117.56 15.75 65.33
C LEU JF 9 -117.86 16.50 66.61
N GLY JF 10 -118.44 15.80 67.59
CA GLY JF 10 -118.65 16.33 68.91
C GLY JF 10 -117.60 15.79 69.87
N ASN JF 11 -117.60 16.36 71.07
CA ASN JF 11 -116.75 15.88 72.15
C ASN JF 11 -115.29 15.90 71.74
N ILE JF 12 -114.76 17.10 71.60
CA ILE JF 12 -113.43 17.33 71.07
C ILE JF 12 -112.66 18.15 72.08
N GLY JF 13 -111.34 17.97 72.10
CA GLY JF 13 -110.47 18.75 72.97
C GLY JF 13 -110.61 18.31 74.41
N LYS JF 14 -109.69 18.84 75.22
CA LYS JF 14 -109.68 18.53 76.65
C LYS JF 14 -111.05 18.80 77.27
N ASP JF 15 -111.71 19.85 76.81
CA ASP JF 15 -113.06 20.14 77.27
C ASP JF 15 -114.03 19.03 76.86
N GLY JF 16 -114.01 18.66 75.59
CA GLY JF 16 -115.05 17.79 75.08
C GLY JF 16 -116.30 18.54 74.68
N LYS JF 17 -116.31 19.86 74.85
CA LYS JF 17 -117.39 20.67 74.32
C LYS JF 17 -117.06 21.17 72.93
N GLN JF 18 -115.83 20.98 72.48
CA GLN JF 18 -115.41 21.39 71.16
C GLN JF 18 -116.10 20.53 70.10
N THR JF 19 -116.48 21.16 69.01
CA THR JF 19 -117.09 20.48 67.89
C THR JF 19 -116.38 20.90 66.60
N LEU JF 20 -116.43 20.03 65.61
CA LEU JF 20 -115.76 20.29 64.35
C LEU JF 20 -116.55 19.65 63.21
N VAL JF 21 -116.62 20.36 62.09
CA VAL JF 21 -117.20 19.83 60.88
C VAL JF 21 -116.11 19.76 59.82
N LEU JF 22 -116.27 18.83 58.90
CA LEU JF 22 -115.27 18.61 57.84
C LEU JF 22 -115.98 18.50 56.51
N ASN JF 23 -115.66 19.36 55.62
CA ASN JF 23 -116.30 19.20 54.33
C ASN JF 23 -115.46 18.30 53.44
N PRO JF 24 -116.11 17.54 52.57
CA PRO JF 24 -115.36 16.78 51.57
C PRO JF 24 -114.58 17.70 50.66
N ARG JF 25 -113.29 17.41 50.53
CA ARG JF 25 -112.40 18.21 49.70
C ARG JF 25 -112.18 17.60 48.33
N GLY JF 26 -112.83 16.48 48.03
CA GLY JF 26 -112.52 15.74 46.83
C GLY JF 26 -111.39 14.76 47.08
N VAL JF 27 -110.95 14.12 46.00
CA VAL JF 27 -109.94 13.08 46.08
C VAL JF 27 -108.86 13.35 45.05
N ASN JF 28 -107.62 13.37 45.50
CA ASN JF 28 -106.54 13.43 44.54
C ASN JF 28 -106.41 12.09 43.85
N PRO JF 29 -106.69 12.00 42.55
CA PRO JF 29 -106.61 10.70 41.87
C PRO JF 29 -105.22 10.17 41.72
N THR JF 30 -104.21 11.04 41.65
CA THR JF 30 -102.85 10.57 41.45
C THR JF 30 -102.45 9.59 42.53
N ASN JF 31 -102.26 10.08 43.74
CA ASN JF 31 -102.00 9.21 44.87
C ASN JF 31 -103.24 8.43 45.27
N GLY JF 32 -104.41 8.76 44.75
CA GLY JF 32 -105.63 8.10 45.15
C GLY JF 32 -105.94 8.32 46.62
N VAL JF 33 -106.01 9.58 47.05
CA VAL JF 33 -106.19 9.90 48.45
C VAL JF 33 -107.30 10.93 48.56
N ALA JF 34 -108.27 10.64 49.43
CA ALA JF 34 -109.32 11.57 49.74
C ALA JF 34 -108.82 12.68 50.66
N SER JF 35 -109.57 13.77 50.71
CA SER JF 35 -109.21 14.90 51.55
C SER JF 35 -110.47 15.47 52.19
N LEU JF 36 -110.33 15.87 53.44
CA LEU JF 36 -111.42 16.49 54.18
C LEU JF 36 -110.89 17.73 54.86
N SER JF 37 -111.75 18.72 55.05
CA SER JF 37 -111.28 19.93 55.71
C SER JF 37 -112.41 20.61 56.46
N GLN JF 38 -112.03 21.26 57.55
CA GLN JF 38 -112.84 22.31 58.13
C GLN JF 38 -113.04 23.42 57.12
N ALA JF 39 -114.19 24.08 57.18
CA ALA JF 39 -114.40 25.27 56.36
C ALA JF 39 -114.00 26.48 57.20
N GLY JF 40 -112.84 27.03 56.84
CA GLY JF 40 -112.36 28.25 57.45
C GLY JF 40 -112.36 29.40 56.47
N ALA JF 41 -111.49 30.36 56.74
CA ALA JF 41 -111.25 31.41 55.76
C ALA JF 41 -110.16 31.01 54.78
N VAL JF 42 -108.94 30.86 55.28
CA VAL JF 42 -107.80 30.56 54.43
C VAL JF 42 -107.55 29.06 54.42
N PRO JF 43 -107.63 28.40 53.27
CA PRO JF 43 -107.34 26.96 53.22
C PRO JF 43 -106.03 26.57 53.85
N ALA JF 44 -104.97 27.35 53.65
CA ALA JF 44 -103.72 27.12 54.35
C ALA JF 44 -103.91 27.04 55.85
N LEU JF 45 -104.81 27.85 56.41
CA LEU JF 45 -105.10 27.79 57.82
C LEU JF 45 -106.05 26.65 58.16
N GLU JF 46 -106.88 26.24 57.22
CA GLU JF 46 -107.96 25.31 57.51
C GLU JF 46 -107.41 23.93 57.86
N LYS JF 47 -108.06 23.27 58.80
CA LYS JF 47 -107.63 21.95 59.27
C LYS JF 47 -107.81 20.99 58.11
N ARG JF 48 -106.92 20.01 58.02
CA ARG JF 48 -107.01 19.04 56.94
C ARG JF 48 -107.05 17.62 57.50
N VAL JF 49 -107.78 16.75 56.81
CA VAL JF 49 -107.88 15.34 57.17
C VAL JF 49 -107.75 14.54 55.89
N THR JF 50 -106.86 13.57 55.89
CA THR JF 50 -106.56 12.77 54.71
C THR JF 50 -106.71 11.29 55.04
N VAL JF 51 -107.41 10.57 54.18
CA VAL JF 51 -107.53 9.13 54.31
C VAL JF 51 -107.21 8.50 52.97
N SER JF 52 -106.74 7.26 53.03
CA SER JF 52 -106.40 6.55 51.82
C SER JF 52 -106.53 5.06 52.06
N VAL JF 53 -106.82 4.33 50.99
CA VAL JF 53 -106.78 2.89 51.02
C VAL JF 53 -105.64 2.47 50.12
N SER JF 54 -105.44 1.17 49.97
CA SER JF 54 -104.40 0.66 49.09
C SER JF 54 -104.78 -0.76 48.69
N GLN JF 55 -104.11 -1.26 47.67
CA GLN JF 55 -104.36 -2.63 47.27
C GLN JF 55 -103.03 -3.31 46.98
N PRO JF 56 -102.91 -4.59 47.29
CA PRO JF 56 -101.62 -5.26 47.16
C PRO JF 56 -101.17 -5.31 45.71
N SER JF 57 -99.87 -5.13 45.52
CA SER JF 57 -99.29 -5.15 44.19
C SER JF 57 -98.14 -6.14 44.19
N ARG JF 58 -97.43 -6.21 43.08
CA ARG JF 58 -96.18 -6.96 43.03
C ARG JF 58 -95.15 -6.44 44.01
N ASN JF 59 -95.26 -5.17 44.41
CA ASN JF 59 -94.37 -4.60 45.42
C ASN JF 59 -94.74 -4.99 46.83
N ARG JF 60 -96.02 -5.08 47.15
CA ARG JF 60 -96.44 -5.42 48.50
C ARG JF 60 -97.73 -6.22 48.42
N LYS JF 61 -97.83 -7.24 49.27
CA LYS JF 61 -98.97 -8.13 49.30
C LYS JF 61 -99.97 -7.70 50.36
N ASN JF 62 -99.70 -6.58 51.01
CA ASN JF 62 -100.48 -6.19 52.17
C ASN JF 62 -101.28 -4.93 51.86
N TYR JF 63 -102.42 -4.80 52.53
CA TYR JF 63 -103.20 -3.57 52.42
C TYR JF 63 -102.64 -2.52 53.35
N LYS JF 64 -102.62 -1.28 52.87
CA LYS JF 64 -102.24 -0.13 53.68
C LYS JF 64 -103.41 0.82 53.76
N VAL JF 65 -103.70 1.27 54.97
CA VAL JF 65 -104.68 2.33 55.20
C VAL JF 65 -103.98 3.44 55.93
N GLN JF 66 -103.84 4.58 55.28
CA GLN JF 66 -103.09 5.71 55.81
C GLN JF 66 -104.03 6.85 56.11
N VAL JF 67 -103.87 7.42 57.30
CA VAL JF 67 -104.67 8.57 57.72
C VAL JF 67 -103.74 9.59 58.32
N LYS JF 68 -103.74 10.80 57.77
CA LYS JF 68 -102.91 11.88 58.25
C LYS JF 68 -103.78 13.07 58.59
N ILE JF 69 -103.39 13.81 59.63
CA ILE JF 69 -104.13 14.99 60.08
C ILE JF 69 -103.15 16.14 60.17
N GLN JF 70 -103.55 17.28 59.66
CA GLN JF 70 -102.70 18.46 59.60
C GLN JF 70 -103.47 19.63 60.20
N ASN JF 71 -102.98 20.14 61.33
CA ASN JF 71 -103.64 21.21 62.07
C ASN JF 71 -102.63 22.32 62.33
N PRO JF 72 -102.58 23.32 61.47
CA PRO JF 72 -101.60 24.41 61.66
C PRO JF 72 -101.99 25.27 62.85
N THR JF 73 -101.12 26.22 63.14
CA THR JF 73 -101.34 27.19 64.19
C THR JF 73 -101.30 28.59 63.59
N ALA JF 74 -102.45 29.24 63.60
CA ALA JF 74 -102.57 30.57 63.02
C ALA JF 74 -101.92 31.59 63.95
N CYS JF 75 -101.13 32.49 63.37
CA CYS JF 75 -100.68 33.69 64.07
C CYS JF 75 -101.56 34.81 63.55
N THR JF 76 -102.48 35.26 64.41
CA THR JF 76 -103.45 36.28 63.98
C THR JF 76 -102.76 37.59 63.67
N ALA JF 77 -102.05 38.13 64.67
CA ALA JF 77 -101.30 39.37 64.47
C ALA JF 77 -99.84 39.00 64.32
N ASN JF 78 -99.34 39.11 63.09
CA ASN JF 78 -97.92 38.97 62.82
C ASN JF 78 -97.23 40.33 62.75
N GLY JF 79 -97.97 41.40 63.05
CA GLY JF 79 -97.51 42.72 62.66
C GLY JF 79 -97.84 43.04 61.23
N SER JF 80 -98.54 42.14 60.55
CA SER JF 80 -98.90 42.29 59.15
C SER JF 80 -100.41 42.09 59.03
N CYS JF 81 -100.96 42.48 57.90
CA CYS JF 81 -102.40 42.45 57.69
C CYS JF 81 -102.97 41.05 57.55
N ASP JF 82 -102.13 40.05 57.33
CA ASP JF 82 -102.64 38.71 57.10
C ASP JF 82 -102.06 37.74 58.11
N PRO JF 83 -102.86 36.78 58.57
CA PRO JF 83 -102.33 35.77 59.48
C PRO JF 83 -101.35 34.86 58.76
N SER JF 84 -100.54 34.15 59.54
CA SER JF 84 -99.50 33.31 58.98
C SER JF 84 -99.39 32.01 59.76
N VAL JF 85 -99.01 30.95 59.04
CA VAL JF 85 -98.80 29.65 59.65
C VAL JF 85 -97.61 29.76 60.59
N THR JF 86 -97.77 29.24 61.80
CA THR JF 86 -96.66 29.24 62.74
C THR JF 86 -96.15 27.83 62.99
N ARG JF 87 -96.92 27.03 63.70
CA ARG JF 87 -96.58 25.64 63.98
C ARG JF 87 -97.54 24.75 63.21
N GLN JF 88 -97.04 23.60 62.78
CA GLN JF 88 -97.86 22.68 62.01
C GLN JF 88 -97.91 21.36 62.76
N ALA JF 89 -99.08 21.02 63.28
CA ALA JF 89 -99.26 19.78 64.02
C ALA JF 89 -99.45 18.64 63.03
N TYR JF 90 -98.65 17.60 63.17
CA TYR JF 90 -98.77 16.43 62.30
C TYR JF 90 -99.26 15.23 63.09
N ALA JF 91 -100.41 14.71 62.67
CA ALA JF 91 -100.96 13.50 63.25
C ALA JF 91 -101.07 12.47 62.13
N ASP JF 92 -100.34 11.37 62.27
CA ASP JF 92 -100.28 10.34 61.24
C ASP JF 92 -100.66 8.99 61.82
N VAL JF 93 -101.49 8.26 61.08
CA VAL JF 93 -101.94 6.93 61.47
C VAL JF 93 -101.91 6.05 60.24
N THR JF 94 -101.39 4.84 60.40
CA THR JF 94 -101.34 3.88 59.31
C THR JF 94 -101.92 2.55 59.77
N PHE JF 95 -102.19 1.69 58.78
CA PHE JF 95 -102.69 0.36 59.07
C PHE JF 95 -102.13 -0.61 58.05
N SER JF 96 -101.82 -1.81 58.52
CA SER JF 96 -101.37 -2.87 57.66
C SER JF 96 -102.26 -4.07 57.87
N PHE JF 97 -102.53 -4.80 56.79
CA PHE JF 97 -103.35 -5.99 56.88
C PHE JF 97 -102.91 -6.98 55.81
N THR JF 98 -103.28 -8.23 56.03
CA THR JF 98 -102.94 -9.30 55.12
C THR JF 98 -104.18 -9.65 54.31
N GLN JF 99 -103.95 -10.09 53.07
CA GLN JF 99 -105.05 -10.44 52.20
C GLN JF 99 -106.04 -11.36 52.85
N TYR JF 100 -105.61 -12.18 53.81
CA TYR JF 100 -106.53 -13.05 54.52
C TYR JF 100 -107.09 -12.41 55.78
N SER JF 101 -106.77 -11.14 56.05
CA SER JF 101 -107.27 -10.49 57.25
C SER JF 101 -108.78 -10.55 57.28
N THR JF 102 -109.34 -10.87 58.45
CA THR JF 102 -110.79 -10.97 58.52
C THR JF 102 -111.39 -9.64 58.93
N ASP JF 103 -112.71 -9.62 59.01
CA ASP JF 103 -113.41 -8.39 59.35
C ASP JF 103 -113.22 -8.02 60.81
N GLU JF 104 -113.59 -8.93 61.71
CA GLU JF 104 -113.61 -8.58 63.13
C GLU JF 104 -112.23 -8.22 63.62
N GLU JF 105 -111.21 -8.93 63.16
CA GLU JF 105 -109.83 -8.54 63.47
C GLU JF 105 -109.63 -7.06 63.20
N ARG JF 106 -109.94 -6.62 61.99
CA ARG JF 106 -109.84 -5.21 61.68
C ARG JF 106 -110.71 -4.39 62.61
N ALA JF 107 -112.00 -4.71 62.68
CA ALA JF 107 -112.89 -4.04 63.61
C ALA JF 107 -112.29 -4.01 65.01
N PHE JF 108 -111.76 -5.14 65.47
CA PHE JF 108 -111.12 -5.17 66.76
C PHE JF 108 -110.02 -4.12 66.85
N VAL JF 109 -109.24 -3.96 65.79
CA VAL JF 109 -108.19 -2.95 65.81
C VAL JF 109 -108.78 -1.56 65.94
N ARG JF 110 -109.85 -1.28 65.19
CA ARG JF 110 -110.36 0.08 65.13
C ARG JF 110 -110.75 0.57 66.52
N THR JF 111 -111.62 -0.15 67.22
CA THR JF 111 -112.06 0.32 68.52
C THR JF 111 -110.92 0.50 69.48
N GLU JF 112 -110.13 -0.56 69.70
CA GLU JF 112 -109.09 -0.51 70.72
C GLU JF 112 -108.18 0.69 70.57
N LEU JF 113 -107.81 1.04 69.34
CA LEU JF 113 -107.01 2.24 69.17
C LEU JF 113 -107.72 3.46 69.73
N ALA JF 114 -109.00 3.60 69.43
CA ALA JF 114 -109.77 4.69 70.01
C ALA JF 114 -109.74 4.64 71.53
N ALA JF 115 -110.07 3.48 72.11
CA ALA JF 115 -110.05 3.36 73.56
C ALA JF 115 -108.74 3.83 74.16
N LEU JF 116 -107.61 3.42 73.56
CA LEU JF 116 -106.34 3.94 74.01
C LEU JF 116 -106.31 5.45 74.00
N LEU JF 117 -106.79 6.06 72.90
CA LEU JF 117 -106.79 7.51 72.83
C LEU JF 117 -107.59 8.13 73.95
N ALA JF 118 -108.60 7.42 74.46
CA ALA JF 118 -109.31 7.88 75.64
C ALA JF 118 -108.71 7.36 76.92
N SER JF 119 -107.74 6.46 76.84
CA SER JF 119 -107.14 5.92 78.04
C SER JF 119 -106.37 6.99 78.79
N PRO JF 120 -106.37 6.95 80.12
CA PRO JF 120 -105.57 7.90 80.89
C PRO JF 120 -104.09 7.77 80.62
N LEU JF 121 -103.64 6.67 80.05
CA LEU JF 121 -102.22 6.53 79.74
C LEU JF 121 -101.79 7.56 78.72
N LEU JF 122 -102.38 7.53 77.54
CA LEU JF 122 -101.90 8.35 76.44
C LEU JF 122 -102.03 9.83 76.70
N ILE JF 123 -103.04 10.25 77.47
CA ILE JF 123 -103.27 11.67 77.62
C ILE JF 123 -102.04 12.37 78.19
N ASP JF 124 -101.44 11.83 79.24
CA ASP JF 124 -100.18 12.37 79.72
C ASP JF 124 -99.08 12.24 78.68
N ALA JF 125 -99.01 11.09 78.01
CA ALA JF 125 -98.10 10.91 76.91
C ALA JF 125 -98.32 11.95 75.81
N ILE JF 126 -99.55 12.16 75.39
CA ILE JF 126 -99.86 13.15 74.38
C ILE JF 126 -99.83 14.56 74.95
N ASP JF 127 -100.75 14.87 75.84
CA ASP JF 127 -100.91 16.26 76.27
C ASP JF 127 -99.68 16.77 76.97
N GLN JF 128 -99.22 16.08 78.00
CA GLN JF 128 -98.11 16.54 78.79
C GLN JF 128 -96.77 15.99 78.34
N LEU JF 129 -96.74 15.23 77.24
CA LEU JF 129 -95.50 14.70 76.69
C LEU JF 129 -94.73 13.93 77.74
N ASN JF 130 -95.32 12.84 78.19
CA ASN JF 130 -94.67 12.13 79.26
C ASN JF 130 -94.49 10.67 78.90
N PRO JF 131 -93.38 10.09 79.23
CA PRO JF 131 -93.21 8.65 79.07
C PRO JF 131 -94.05 7.89 80.08
N ALA JF 132 -93.79 6.59 80.18
CA ALA JF 132 -94.72 5.64 80.78
C ALA JF 132 -94.68 5.62 82.30
N TYR JF 133 -93.90 6.50 82.91
CA TYR JF 133 -93.77 6.48 84.35
C TYR JF 133 -94.66 7.53 84.99
N ALA KF 2 -117.95 61.51 9.87
CA ALA KF 2 -118.72 61.80 11.08
C ALA KF 2 -118.98 60.52 11.86
N LYS KF 3 -119.85 60.62 12.86
CA LYS KF 3 -120.15 59.51 13.74
C LYS KF 3 -120.82 58.39 12.99
N LEU KF 4 -120.46 57.17 13.34
CA LEU KF 4 -121.20 55.99 12.89
C LEU KF 4 -122.64 56.16 13.33
N GLU KF 5 -123.55 55.97 12.40
CA GLU KF 5 -124.97 56.10 12.69
C GLU KF 5 -125.75 55.05 11.93
N THR KF 6 -127.05 55.02 12.18
CA THR KF 6 -127.95 54.21 11.36
C THR KF 6 -127.92 54.85 9.99
N VAL KF 7 -127.62 54.05 8.97
CA VAL KF 7 -127.57 54.57 7.61
C VAL KF 7 -128.72 53.96 6.83
N THR KF 8 -129.71 54.79 6.51
CA THR KF 8 -130.83 54.37 5.70
C THR KF 8 -130.46 54.55 4.24
N LEU KF 9 -130.89 53.63 3.40
CA LEU KF 9 -130.64 53.70 1.98
C LEU KF 9 -131.92 53.43 1.22
N GLY KF 10 -132.31 54.39 0.37
CA GLY KF 10 -133.43 54.21 -0.52
C GLY KF 10 -132.94 53.91 -1.92
N ASN KF 11 -133.89 53.57 -2.79
CA ASN KF 11 -133.61 53.36 -4.20
C ASN KF 11 -132.52 52.31 -4.40
N ILE KF 12 -132.88 51.07 -4.10
CA ILE KF 12 -131.94 49.98 -4.09
C ILE KF 12 -132.48 48.88 -5.00
N GLY KF 13 -131.58 48.10 -5.58
CA GLY KF 13 -131.96 46.99 -6.42
C GLY KF 13 -132.49 47.45 -7.76
N LYS KF 14 -132.65 46.48 -8.65
CA LYS KF 14 -133.17 46.76 -9.98
C LYS KF 14 -134.48 47.52 -9.90
N ASP KF 15 -135.31 47.21 -8.91
CA ASP KF 15 -136.54 47.97 -8.71
C ASP KF 15 -136.24 49.41 -8.33
N GLY KF 16 -135.37 49.61 -7.35
CA GLY KF 16 -135.22 50.94 -6.79
C GLY KF 16 -136.24 51.24 -5.73
N LYS KF 17 -137.14 50.30 -5.44
CA LYS KF 17 -138.03 50.46 -4.31
C LYS KF 17 -137.46 49.80 -3.07
N GLN KF 18 -136.36 49.06 -3.23
CA GLN KF 18 -135.70 48.42 -2.11
C GLN KF 18 -135.07 49.47 -1.21
N THR KF 19 -135.14 49.23 0.09
CA THR KF 19 -134.55 50.08 1.08
C THR KF 19 -133.73 49.25 2.05
N LEU KF 20 -132.72 49.87 2.66
CA LEU KF 20 -131.84 49.16 3.58
C LEU KF 20 -131.38 50.10 4.66
N VAL KF 21 -131.29 49.60 5.88
CA VAL KF 21 -130.71 50.33 6.99
C VAL KF 21 -129.49 49.58 7.47
N LEU KF 22 -128.54 50.33 8.03
CA LEU KF 22 -127.27 49.75 8.48
C LEU KF 22 -126.98 50.27 9.88
N ASN KF 23 -126.87 49.37 10.80
CA ASN KF 23 -126.52 49.87 12.12
C ASN KF 23 -125.01 49.90 12.28
N PRO KF 24 -124.51 50.87 13.04
CA PRO KF 24 -123.08 50.86 13.37
C PRO KF 24 -122.72 49.61 14.15
N ARG KF 25 -121.70 48.92 13.68
CA ARG KF 25 -121.23 47.69 14.31
C ARG KF 25 -120.04 47.92 15.22
N GLY KF 26 -119.60 49.15 15.38
CA GLY KF 26 -118.35 49.42 16.06
C GLY KF 26 -117.18 49.36 15.10
N VAL KF 27 -115.98 49.46 15.66
CA VAL KF 27 -114.75 49.53 14.87
C VAL KF 27 -113.76 48.53 15.43
N ASN KF 28 -113.25 47.67 14.57
CA ASN KF 28 -112.14 46.85 15.01
C ASN KF 28 -110.89 47.69 15.13
N PRO KF 29 -110.35 47.89 16.33
CA PRO KF 29 -109.18 48.75 16.49
C PRO KF 29 -107.92 48.16 15.90
N THR KF 30 -107.80 46.82 15.86
CA THR KF 30 -106.59 46.20 15.36
C THR KF 30 -106.27 46.68 13.95
N ASN KF 31 -107.07 46.26 12.98
CA ASN KF 31 -106.93 46.76 11.62
C ASN KF 31 -107.40 48.19 11.51
N GLY KF 32 -108.07 48.74 12.52
CA GLY KF 32 -108.59 50.08 12.43
C GLY KF 32 -109.64 50.20 11.36
N VAL KF 33 -110.67 49.36 11.41
CA VAL KF 33 -111.70 49.31 10.37
C VAL KF 33 -113.06 49.35 11.01
N ALA KF 34 -113.90 50.27 10.55
CA ALA KF 34 -115.28 50.33 10.99
C ALA KF 34 -116.11 49.24 10.33
N SER KF 35 -117.26 48.96 10.94
CA SER KF 35 -118.16 47.94 10.42
C SER KF 35 -119.59 48.43 10.54
N LEU KF 36 -120.39 48.11 9.53
CA LEU KF 36 -121.80 48.44 9.52
C LEU KF 36 -122.58 47.21 9.10
N SER KF 37 -123.81 47.11 9.59
CA SER KF 37 -124.60 45.94 9.22
C SER KF 37 -126.08 46.26 9.22
N GLN KF 38 -126.79 45.57 8.33
CA GLN KF 38 -128.22 45.41 8.49
C GLN KF 38 -128.52 44.70 9.79
N ALA KF 39 -129.67 45.03 10.38
CA ALA KF 39 -130.12 44.28 11.55
C ALA KF 39 -131.04 43.17 11.06
N GLY KF 40 -130.51 41.96 11.09
CA GLY KF 40 -131.26 40.78 10.77
C GLY KF 40 -131.47 39.91 11.99
N ALA KF 41 -131.67 38.62 11.73
CA ALA KF 41 -131.69 37.65 12.81
C ALA KF 41 -130.29 37.15 13.12
N VAL KF 42 -129.70 36.43 12.17
CA VAL KF 42 -128.40 35.82 12.37
C VAL KF 42 -127.32 36.72 11.80
N PRO KF 43 -126.38 37.20 12.62
CA PRO KF 43 -125.29 38.04 12.10
C PRO KF 43 -124.57 37.43 10.91
N ALA KF 44 -124.30 36.13 10.93
CA ALA KF 44 -123.74 35.46 9.77
C ALA KF 44 -124.56 35.72 8.51
N LEU KF 45 -125.88 35.77 8.64
CA LEU KF 45 -126.73 36.09 7.51
C LEU KF 45 -126.77 37.58 7.21
N GLU KF 46 -126.56 38.42 8.23
CA GLU KF 46 -126.79 39.84 8.09
C GLU KF 46 -125.77 40.46 7.13
N LYS KF 47 -126.24 41.43 6.36
CA LYS KF 47 -125.39 42.11 5.37
C LYS KF 47 -124.33 42.87 6.14
N ARG KF 48 -123.14 42.96 5.56
CA ARG KF 48 -122.05 43.67 6.23
C ARG KF 48 -121.49 44.75 5.30
N VAL KF 49 -121.05 45.84 5.91
CA VAL KF 49 -120.42 46.94 5.19
C VAL KF 49 -119.21 47.37 5.99
N THR KF 50 -118.06 47.46 5.33
CA THR KF 50 -116.80 47.78 5.99
C THR KF 50 -116.15 48.95 5.29
N VAL KF 51 -115.71 49.92 6.08
CA VAL KF 51 -114.96 51.05 5.55
C VAL KF 51 -113.71 51.22 6.39
N SER KF 52 -112.69 51.80 5.77
CA SER KF 52 -111.43 52.02 6.46
C SER KF 52 -110.71 53.19 5.82
N VAL KF 53 -109.92 53.87 6.63
CA VAL KF 53 -109.01 54.88 6.13
C VAL KF 53 -107.60 54.35 6.34
N SER KF 54 -106.61 55.15 5.98
CA SER KF 54 -105.22 54.75 6.18
C SER KF 54 -104.38 56.02 6.22
N GLN KF 55 -103.15 55.87 6.69
CA GLN KF 55 -102.27 57.01 6.69
C GLN KF 55 -100.89 56.56 6.21
N PRO KF 56 -100.18 57.43 5.49
CA PRO KF 56 -98.91 57.01 4.90
C PRO KF 56 -97.89 56.67 5.97
N SER KF 57 -97.11 55.63 5.69
CA SER KF 57 -96.08 55.18 6.62
C SER KF 57 -94.76 55.10 5.86
N ARG KF 58 -93.74 54.61 6.53
CA ARG KF 58 -92.49 54.28 5.85
C ARG KF 58 -92.68 53.24 4.76
N ASN KF 59 -93.72 52.42 4.86
CA ASN KF 59 -94.03 51.43 3.84
C ASN KF 59 -94.72 52.03 2.62
N ARG KF 60 -95.60 53.00 2.80
CA ARG KF 60 -96.32 53.60 1.69
C ARG KF 60 -96.57 55.06 2.01
N LYS KF 61 -96.43 55.90 0.99
CA LYS KF 61 -96.59 57.34 1.11
C LYS KF 61 -98.00 57.76 0.72
N ASN KF 62 -98.85 56.81 0.41
CA ASN KF 62 -100.14 57.11 -0.17
C ASN KF 62 -101.24 56.75 0.80
N TYR KF 63 -102.36 57.46 0.70
CA TYR KF 63 -103.53 57.12 1.48
C TYR KF 63 -104.31 56.01 0.81
N LYS KF 64 -104.82 55.09 1.60
CA LYS KF 64 -105.69 54.03 1.12
C LYS KF 64 -107.04 54.16 1.80
N VAL KF 65 -108.10 54.08 1.01
CA VAL KF 65 -109.45 54.02 1.54
C VAL KF 65 -110.08 52.76 0.97
N GLN KF 66 -110.37 51.82 1.85
CA GLN KF 66 -110.87 50.50 1.46
C GLN KF 66 -112.30 50.35 1.92
N VAL KF 67 -113.16 49.88 1.02
CA VAL KF 67 -114.55 49.63 1.33
C VAL KF 67 -114.92 48.27 0.77
N LYS KF 68 -115.39 47.38 1.63
CA LYS KF 68 -115.79 46.05 1.24
C LYS KF 68 -117.22 45.80 1.66
N ILE KF 69 -117.96 45.06 0.85
CA ILE KF 69 -119.35 44.74 1.11
C ILE KF 69 -119.51 43.23 1.02
N GLN KF 70 -120.21 42.66 1.99
CA GLN KF 70 -120.40 41.22 2.07
C GLN KF 70 -121.89 40.94 2.22
N ASN KF 71 -122.46 40.27 1.22
CA ASN KF 71 -123.89 40.00 1.17
C ASN KF 71 -124.09 38.51 0.92
N PRO KF 72 -124.24 37.72 1.96
CA PRO KF 72 -124.41 36.27 1.76
C PRO KF 72 -125.78 35.97 1.15
N THR KF 73 -125.98 34.69 0.87
CA THR KF 73 -127.23 34.18 0.34
C THR KF 73 -127.77 33.14 1.30
N ALA KF 74 -128.88 33.45 1.94
CA ALA KF 74 -129.49 32.56 2.91
C ALA KF 74 -130.18 31.42 2.18
N CYS KF 75 -129.97 30.20 2.67
CA CYS KF 75 -130.78 29.06 2.26
C CYS KF 75 -131.75 28.83 3.41
N THR KF 76 -133.02 29.18 3.17
CA THR KF 76 -134.01 29.11 4.23
C THR KF 76 -134.26 27.66 4.65
N ALA KF 77 -134.65 26.83 3.70
CA ALA KF 77 -134.86 25.41 3.97
C ALA KF 77 -133.66 24.66 3.41
N ASN KF 78 -132.82 24.18 4.32
CA ASN KF 78 -131.73 23.28 3.97
C ASN KF 78 -132.13 21.83 4.19
N GLY KF 79 -133.38 21.57 4.56
CA GLY KF 79 -133.73 20.30 5.13
C GLY KF 79 -133.40 20.22 6.61
N SER KF 80 -132.94 21.34 7.18
CA SER KF 80 -132.56 21.42 8.58
C SER KF 80 -133.30 22.60 9.19
N CYS KF 81 -133.30 22.65 10.52
CA CYS KF 81 -134.06 23.65 11.25
C CYS KF 81 -133.47 25.05 11.14
N ASP KF 82 -132.23 25.18 10.69
CA ASP KF 82 -131.61 26.49 10.66
C ASP KF 82 -131.16 26.84 9.25
N PRO KF 83 -131.28 28.10 8.85
CA PRO KF 83 -130.79 28.50 7.54
C PRO KF 83 -129.27 28.44 7.50
N SER KF 84 -128.73 28.42 6.29
CA SER KF 84 -127.30 28.29 6.11
C SER KF 84 -126.81 29.18 4.97
N VAL KF 85 -125.57 29.65 5.12
CA VAL KF 85 -124.93 30.46 4.10
C VAL KF 85 -124.75 29.60 2.85
N THR KF 86 -125.13 30.14 1.70
CA THR KF 86 -124.93 29.42 0.46
C THR KF 86 -123.86 30.08 -0.41
N ARG KF 87 -124.20 31.23 -0.98
CA ARG KF 87 -123.27 32.00 -1.78
C ARG KF 87 -122.92 33.28 -1.04
N GLN KF 88 -121.69 33.73 -1.22
CA GLN KF 88 -121.24 34.94 -0.53
C GLN KF 88 -120.83 35.96 -1.58
N ALA KF 89 -121.60 37.03 -1.69
CA ALA KF 89 -121.31 38.08 -2.66
C ALA KF 89 -120.23 38.99 -2.09
N TYR KF 90 -119.17 39.20 -2.84
CA TYR KF 90 -118.09 40.07 -2.42
C TYR KF 90 -118.04 41.32 -3.29
N ALA KF 91 -118.21 42.47 -2.65
CA ALA KF 91 -118.09 43.75 -3.33
C ALA KF 91 -116.97 44.52 -2.65
N ASP KF 92 -115.92 44.81 -3.40
CA ASP KF 92 -114.73 45.46 -2.85
C ASP KF 92 -114.41 46.72 -3.64
N VAL KF 93 -114.10 47.79 -2.92
CA VAL KF 93 -113.75 49.08 -3.50
C VAL KF 93 -112.58 49.63 -2.72
N THR KF 94 -111.59 50.16 -3.44
CA THR KF 94 -110.42 50.77 -2.84
C THR KF 94 -110.18 52.14 -3.42
N PHE KF 95 -109.34 52.90 -2.75
CA PHE KF 95 -108.95 54.22 -3.22
C PHE KF 95 -107.50 54.48 -2.86
N SER KF 96 -106.81 55.16 -3.77
CA SER KF 96 -105.44 55.57 -3.53
C SER KF 96 -105.36 57.07 -3.75
N PHE KF 97 -104.54 57.73 -2.95
CA PHE KF 97 -104.35 59.16 -3.09
C PHE KF 97 -102.94 59.52 -2.65
N THR KF 98 -102.50 60.67 -3.09
CA THR KF 98 -101.18 61.18 -2.76
C THR KF 98 -101.31 62.26 -1.70
N GLN KF 99 -100.30 62.35 -0.86
CA GLN KF 99 -100.31 63.33 0.22
C GLN KF 99 -100.67 64.71 -0.27
N TYR KF 100 -100.38 65.03 -1.53
CA TYR KF 100 -100.75 66.33 -2.07
C TYR KF 100 -102.12 66.31 -2.74
N SER KF 101 -102.84 65.20 -2.69
CA SER KF 101 -104.15 65.12 -3.32
C SER KF 101 -105.05 66.22 -2.79
N THR KF 102 -105.78 66.88 -3.68
CA THR KF 102 -106.63 67.97 -3.22
C THR KF 102 -108.03 67.45 -2.93
N ASP KF 103 -108.88 68.35 -2.48
CA ASP KF 103 -110.23 67.96 -2.11
C ASP KF 103 -111.07 67.64 -3.34
N GLU KF 104 -111.19 68.58 -4.27
CA GLU KF 104 -112.12 68.41 -5.37
C GLU KF 104 -111.75 67.20 -6.22
N GLU KF 105 -110.45 66.98 -6.43
CA GLU KF 105 -110.01 65.77 -7.11
C GLU KF 105 -110.67 64.54 -6.49
N ARG KF 106 -110.53 64.40 -5.17
CA ARG KF 106 -111.18 63.29 -4.49
C ARG KF 106 -112.68 63.35 -4.71
N ALA KF 107 -113.29 64.49 -4.37
CA ALA KF 107 -114.72 64.66 -4.62
C ALA KF 107 -115.08 64.29 -6.05
N PHE KF 108 -114.28 64.75 -7.01
CA PHE KF 108 -114.50 64.37 -8.39
C PHE KF 108 -114.53 62.86 -8.56
N VAL KF 109 -113.63 62.16 -7.89
CA VAL KF 109 -113.63 60.70 -7.99
C VAL KF 109 -114.91 60.12 -7.43
N ARG KF 110 -115.35 60.64 -6.29
CA ARG KF 110 -116.48 60.01 -5.61
C ARG KF 110 -117.70 59.97 -6.50
N THR KF 111 -118.14 61.12 -6.99
CA THR KF 111 -119.34 61.16 -7.81
C THR KF 111 -119.23 60.28 -9.03
N GLU KF 112 -118.21 60.50 -9.86
CA GLU KF 112 -118.12 59.79 -11.13
C GLU KF 112 -118.23 58.29 -10.96
N LEU KF 113 -117.61 57.73 -9.93
CA LEU KF 113 -117.77 56.30 -9.70
C LEU KF 113 -119.24 55.94 -9.55
N ALA KF 114 -119.96 56.71 -8.74
CA ALA KF 114 -121.38 56.48 -8.60
C ALA KF 114 -122.09 56.57 -9.94
N ALA KF 115 -121.87 57.65 -10.68
CA ALA KF 115 -122.51 57.80 -11.99
C ALA KF 115 -122.29 56.56 -12.85
N LEU KF 116 -121.06 56.06 -12.91
CA LEU KF 116 -120.83 54.82 -13.62
C LEU KF 116 -121.73 53.72 -13.13
N LEU KF 117 -121.85 53.57 -11.82
CA LEU KF 117 -122.71 52.52 -11.30
C LEU KF 117 -124.14 52.67 -11.76
N ALA KF 118 -124.58 53.90 -12.03
CA ALA KF 118 -125.88 54.12 -12.63
C ALA KF 118 -125.82 54.13 -14.15
N SER KF 119 -124.63 54.11 -14.73
CA SER KF 119 -124.54 54.14 -16.18
C SER KF 119 -125.10 52.86 -16.78
N PRO KF 120 -125.73 52.95 -17.94
CA PRO KF 120 -126.21 51.73 -18.62
C PRO KF 120 -125.09 50.79 -19.00
N LEU KF 121 -123.86 51.26 -19.03
CA LEU KF 121 -122.77 50.36 -19.35
C LEU KF 121 -122.62 49.27 -18.30
N LEU KF 122 -122.37 49.66 -17.06
CA LEU KF 122 -122.04 48.68 -16.04
C LEU KF 122 -123.17 47.71 -15.74
N ILE KF 123 -124.42 48.14 -15.88
CA ILE KF 123 -125.52 47.29 -15.47
C ILE KF 123 -125.48 45.96 -16.21
N ASP KF 124 -125.30 45.98 -17.53
CA ASP KF 124 -125.10 44.74 -18.26
C ASP KF 124 -123.83 44.03 -17.82
N ALA KF 125 -122.75 44.77 -17.64
CA ALA KF 125 -121.54 44.23 -17.08
C ALA KF 125 -121.77 43.58 -15.73
N ILE KF 126 -122.44 44.26 -14.81
CA ILE KF 126 -122.73 43.72 -13.50
C ILE KF 126 -123.86 42.71 -13.56
N ASP KF 127 -125.07 43.17 -13.88
CA ASP KF 127 -126.24 42.31 -13.76
C ASP KF 127 -126.15 41.10 -14.68
N GLN KF 128 -125.95 41.33 -15.96
CA GLN KF 128 -125.95 40.26 -16.93
C GLN KF 128 -124.57 39.71 -17.23
N LEU KF 129 -123.54 40.18 -16.53
CA LEU KF 129 -122.18 39.68 -16.69
C LEU KF 129 -121.76 39.76 -18.16
N ASN KF 130 -121.68 40.98 -18.66
CA ASN KF 130 -121.37 41.08 -20.06
C ASN KF 130 -120.18 41.99 -20.27
N PRO KF 131 -119.30 41.65 -21.19
CA PRO KF 131 -118.24 42.57 -21.56
C PRO KF 131 -118.78 43.74 -22.35
N ALA KF 132 -117.87 44.50 -22.96
CA ALA KF 132 -118.14 45.85 -23.42
C ALA KF 132 -118.87 45.91 -24.76
N TYR KF 133 -119.25 44.76 -25.31
CA TYR KF 133 -119.86 44.74 -26.61
C TYR KF 133 -121.37 44.63 -26.49
N ALA LF 2 -122.63 48.82 23.67
CA ALA LF 2 -122.77 50.27 23.65
C ALA LF 2 -121.50 50.93 24.12
N LYS LF 3 -121.57 52.24 24.34
CA LYS LF 3 -120.43 53.03 24.73
C LYS LF 3 -119.92 52.61 26.11
N LEU LF 4 -118.61 52.59 26.24
CA LEU LF 4 -117.98 52.47 27.55
C LEU LF 4 -118.50 53.60 28.43
N GLU LF 5 -118.96 53.24 29.62
CA GLU LF 5 -119.48 54.22 30.54
C GLU LF 5 -119.08 53.86 31.96
N THR LF 6 -119.43 54.73 32.88
CA THR LF 6 -119.32 54.41 34.30
C THR LF 6 -120.30 53.28 34.54
N VAL LF 7 -119.82 52.18 35.10
CA VAL LF 7 -120.69 51.05 35.37
C VAL LF 7 -120.82 50.90 36.87
N THR LF 8 -121.99 51.22 37.39
CA THR LF 8 -122.29 51.05 38.80
C THR LF 8 -122.79 49.64 39.02
N LEU LF 9 -122.40 49.05 40.14
CA LEU LF 9 -122.84 47.71 40.49
C LEU LF 9 -123.30 47.68 41.93
N GLY LF 10 -124.54 47.25 42.14
CA GLY LF 10 -125.06 47.05 43.47
C GLY LF 10 -125.09 45.57 43.79
N ASN LF 11 -125.39 45.27 45.05
CA ASN LF 11 -125.57 43.90 45.50
C ASN LF 11 -124.33 43.07 45.23
N ILE LF 12 -123.27 43.38 45.96
CA ILE LF 12 -121.96 42.79 45.74
C ILE LF 12 -121.49 42.17 47.04
N GLY LF 13 -120.67 41.14 46.93
CA GLY LF 13 -120.10 40.50 48.10
C GLY LF 13 -121.12 39.67 48.85
N LYS LF 14 -120.60 38.89 49.80
CA LYS LF 14 -121.46 38.05 50.62
C LYS LF 14 -122.58 38.86 51.25
N ASP LF 15 -122.28 40.09 51.65
CA ASP LF 15 -123.31 40.97 52.17
C ASP LF 15 -124.35 41.30 51.10
N GLY LF 16 -123.91 41.70 49.92
CA GLY LF 16 -124.83 42.26 48.96
C GLY LF 16 -125.13 43.71 49.19
N LYS LF 17 -124.53 44.31 50.21
CA LYS LF 17 -124.63 45.76 50.38
C LYS LF 17 -123.45 46.45 49.72
N GLN LF 18 -122.46 45.68 49.26
CA GLN LF 18 -121.30 46.24 48.59
C GLN LF 18 -121.71 46.79 47.24
N THR LF 19 -121.10 47.92 46.89
CA THR LF 19 -121.33 48.55 45.60
C THR LF 19 -119.99 48.87 44.96
N LEU LF 20 -119.98 48.95 43.63
CA LEU LF 20 -118.76 49.21 42.90
C LEU LF 20 -119.07 50.00 41.65
N VAL LF 21 -118.21 50.94 41.32
CA VAL LF 21 -118.30 51.67 40.08
C VAL LF 21 -117.04 51.37 39.26
N LEU LF 22 -117.18 51.45 37.95
CA LEU LF 22 -116.08 51.13 37.03
C LEU LF 22 -115.97 52.24 35.99
N ASN LF 23 -114.86 52.87 35.94
CA ASN LF 23 -114.76 53.85 34.90
C ASN LF 23 -114.19 53.23 33.63
N PRO LF 24 -114.60 53.74 32.48
CA PRO LF 24 -113.99 53.29 31.23
C PRO LF 24 -112.51 53.65 31.21
N ARG LF 25 -111.69 52.65 30.93
CA ARG LF 25 -110.25 52.82 30.88
C ARG LF 25 -109.73 53.01 29.46
N GLY LF 26 -110.61 53.05 28.47
CA GLY LF 26 -110.17 53.03 27.09
C GLY LF 26 -110.02 51.61 26.60
N VAL LF 27 -109.50 51.49 25.38
CA VAL LF 27 -109.37 50.20 24.72
C VAL LF 27 -107.97 50.06 24.17
N ASN LF 28 -107.30 48.98 24.52
CA ASN LF 28 -106.04 48.70 23.86
C ASN LF 28 -106.31 48.25 22.43
N PRO LF 29 -105.90 49.03 21.43
CA PRO LF 29 -106.18 48.65 20.05
C PRO LF 29 -105.40 47.45 19.58
N THR LF 30 -104.22 47.22 20.12
CA THR LF 30 -103.40 46.10 19.67
C THR LF 30 -104.16 44.79 19.77
N ASN LF 31 -104.37 44.32 20.99
CA ASN LF 31 -105.19 43.15 21.20
C ASN LF 31 -106.66 43.44 20.95
N GLY LF 32 -107.05 44.70 20.80
CA GLY LF 32 -108.45 45.04 20.63
C GLY LF 32 -109.27 44.67 21.84
N VAL LF 33 -108.88 45.14 23.02
CA VAL LF 33 -109.54 44.77 24.25
C VAL LF 33 -109.85 46.02 25.06
N ALA LF 34 -111.10 46.15 25.47
CA ALA LF 34 -111.52 47.23 26.34
C ALA LF 34 -111.05 46.98 27.77
N SER LF 35 -111.03 48.06 28.56
CA SER LF 35 -110.63 47.96 29.94
C SER LF 35 -111.52 48.84 30.79
N LEU LF 36 -111.85 48.35 31.98
CA LEU LF 36 -112.65 49.09 32.94
C LEU LF 36 -111.97 49.01 34.29
N SER LF 37 -112.17 50.04 35.11
CA SER LF 37 -111.54 50.00 36.42
C SER LF 37 -112.35 50.78 37.43
N GLN LF 38 -112.29 50.32 38.67
CA GLN LF 38 -112.60 51.16 39.81
C GLN LF 38 -111.67 52.35 39.84
N ALA LF 39 -112.17 53.48 40.33
CA ALA LF 39 -111.30 54.63 40.57
C ALA LF 39 -110.81 54.56 42.01
N GLY LF 40 -109.55 54.18 42.14
CA GLY LF 40 -108.88 54.17 43.42
C GLY LF 40 -107.81 55.23 43.50
N ALA LF 41 -106.83 54.97 44.35
CA ALA LF 41 -105.64 55.81 44.38
C ALA LF 41 -104.60 55.30 43.39
N VAL LF 42 -104.07 54.11 43.65
CA VAL LF 42 -103.00 53.56 42.83
C VAL LF 42 -103.60 52.61 41.79
N PRO LF 43 -103.42 52.88 40.50
CA PRO LF 43 -103.93 51.98 39.47
C PRO LF 43 -103.52 50.54 39.68
N ALA LF 44 -102.28 50.28 40.07
CA ALA LF 44 -101.86 48.93 40.42
C ALA LF 44 -102.78 48.30 41.46
N LEU LF 45 -103.26 49.09 42.41
CA LEU LF 45 -104.21 48.58 43.39
C LEU LF 45 -105.62 48.51 42.84
N GLU LF 46 -105.96 49.35 41.88
CA GLU LF 46 -107.33 49.50 41.45
C GLU LF 46 -107.81 48.24 40.75
N LYS LF 47 -109.09 47.90 40.98
CA LYS LF 47 -109.70 46.71 40.40
C LYS LF 47 -109.74 46.91 38.90
N ARG LF 48 -109.58 45.82 38.16
CA ARG LF 48 -109.61 45.90 36.71
C ARG LF 48 -110.64 44.95 36.14
N VAL LF 49 -111.26 45.36 35.03
CA VAL LF 49 -112.22 44.54 34.32
C VAL LF 49 -111.92 44.65 32.85
N THR LF 50 -111.79 43.51 32.18
CA THR LF 50 -111.41 43.47 30.78
C THR LF 50 -112.44 42.66 30.00
N VAL LF 51 -112.88 43.20 28.87
CA VAL LF 51 -113.77 42.50 27.97
C VAL LF 51 -113.21 42.59 26.57
N SER LF 52 -113.54 41.61 25.76
CA SER LF 52 -113.08 41.59 24.38
C SER LF 52 -114.05 40.79 23.54
N VAL LF 53 -114.10 41.15 22.26
CA VAL LF 53 -114.83 40.36 21.29
C VAL LF 53 -113.80 39.77 20.35
N SER LF 54 -114.25 39.04 19.34
CA SER LF 54 -113.36 38.47 18.36
C SER LF 54 -114.15 38.22 17.09
N GLN LF 55 -113.44 37.97 16.01
CA GLN LF 55 -114.12 37.64 14.77
C GLN LF 55 -113.39 36.48 14.10
N PRO LF 56 -114.12 35.60 13.45
CA PRO LF 56 -113.49 34.40 12.89
C PRO LF 56 -112.50 34.75 11.80
N SER LF 57 -111.39 34.02 11.78
CA SER LF 57 -110.33 34.23 10.82
C SER LF 57 -110.04 32.90 10.14
N ARG LF 58 -109.02 32.90 9.29
CA ARG LF 58 -108.51 31.65 8.74
C ARG LF 58 -108.01 30.72 9.82
N ASN LF 59 -107.63 31.24 10.99
CA ASN LF 59 -107.21 30.42 12.10
C ASN LF 59 -108.36 29.79 12.86
N ARG LF 60 -109.47 30.50 13.02
CA ARG LF 60 -110.61 29.99 13.76
C ARG LF 60 -111.88 30.54 13.15
N LYS LF 61 -112.89 29.68 13.06
CA LYS LF 61 -114.17 30.02 12.46
C LYS LF 61 -115.17 30.44 13.53
N ASN LF 62 -114.73 30.51 14.77
CA ASN LF 62 -115.64 30.71 15.88
C ASN LF 62 -115.41 32.07 16.52
N TYR LF 63 -116.46 32.62 17.09
CA TYR LF 63 -116.33 33.85 17.85
C TYR LF 63 -115.86 33.55 19.25
N LYS LF 64 -114.96 34.39 19.77
CA LYS LF 64 -114.50 34.31 21.14
C LYS LF 64 -114.88 35.59 21.86
N VAL LF 65 -115.44 35.45 23.05
CA VAL LF 65 -115.71 36.58 23.92
C VAL LF 65 -114.99 36.28 25.23
N GLN LF 66 -114.00 37.08 25.54
CA GLN LF 66 -113.14 36.86 26.70
C GLN LF 66 -113.38 37.97 27.71
N VAL LF 67 -113.56 37.59 28.97
CA VAL LF 67 -113.73 38.54 30.06
C VAL LF 67 -112.84 38.10 31.20
N LYS LF 68 -111.96 38.98 31.64
CA LYS LF 68 -111.06 38.70 32.73
C LYS LF 68 -111.22 39.78 33.81
N ILE LF 69 -111.09 39.37 35.05
CA ILE LF 69 -111.21 40.27 36.19
C ILE LF 69 -109.98 40.12 37.05
N GLN LF 70 -109.42 41.24 37.47
CA GLN LF 70 -108.19 41.26 38.26
C GLN LF 70 -108.43 42.11 39.49
N ASN LF 71 -108.37 41.48 40.67
CA ASN LF 71 -108.65 42.14 41.94
C ASN LF 71 -107.50 41.87 42.89
N PRO LF 72 -106.52 42.74 42.96
CA PRO LF 72 -105.39 42.52 43.84
C PRO LF 72 -105.80 42.65 45.30
N THR LF 73 -104.83 42.37 46.17
CA THR LF 73 -105.01 42.52 47.61
C THR LF 73 -103.97 43.50 48.12
N ALA LF 74 -104.44 44.65 48.59
CA ALA LF 74 -103.56 45.68 49.09
C ALA LF 74 -103.03 45.30 50.45
N CYS LF 75 -101.73 45.48 50.66
CA CYS LF 75 -101.15 45.42 51.99
C CYS LF 75 -100.94 46.88 52.40
N THR LF 76 -101.77 47.35 53.32
CA THR LF 76 -101.72 48.76 53.70
C THR LF 76 -100.41 49.08 54.41
N ALA LF 77 -100.12 48.38 55.50
CA ALA LF 77 -98.86 48.57 56.20
C ALA LF 77 -97.95 47.41 55.85
N ASN LF 78 -96.94 47.71 55.04
CA ASN LF 78 -95.87 46.76 54.75
C ASN LF 78 -94.67 46.99 55.64
N GLY LF 79 -94.77 47.91 56.59
CA GLY LF 79 -93.59 48.45 57.23
C GLY LF 79 -92.94 49.54 56.40
N SER LF 80 -93.56 49.90 55.29
CA SER LF 80 -93.05 50.92 54.38
C SER LF 80 -94.15 51.94 54.15
N CYS LF 81 -93.78 53.09 53.59
CA CYS LF 81 -94.69 54.20 53.42
C CYS LF 81 -95.76 53.95 52.35
N ASP LF 82 -95.57 52.95 51.50
CA ASP LF 82 -96.51 52.75 50.42
C ASP LF 82 -97.10 51.35 50.47
N PRO LF 83 -98.38 51.21 50.14
CA PRO LF 83 -98.98 49.87 50.10
C PRO LF 83 -98.39 49.07 48.96
N SER LF 84 -98.58 47.76 49.03
CA SER LF 84 -98.00 46.84 48.06
C SER LF 84 -98.98 45.73 47.72
N VAL LF 85 -98.90 45.27 46.48
CA VAL LF 85 -99.72 44.16 46.01
C VAL LF 85 -99.29 42.92 46.78
N THR LF 86 -100.27 42.18 47.29
CA THR LF 86 -99.96 40.94 47.98
C THR LF 86 -100.44 39.74 47.19
N ARG LF 87 -101.76 39.54 47.15
CA ARG LF 87 -102.36 38.46 46.40
C ARG LF 87 -103.12 39.05 45.22
N GLN LF 88 -103.13 38.31 44.11
CA GLN LF 88 -103.81 38.80 42.92
C GLN LF 88 -104.90 37.80 42.55
N ALA LF 89 -106.15 38.21 42.70
CA ALA LF 89 -107.28 37.36 42.38
C ALA LF 89 -107.51 37.38 40.87
N TYR LF 90 -107.55 36.21 40.25
CA TYR LF 90 -107.80 36.12 38.83
C TYR LF 90 -109.16 35.48 38.55
N ALA LF 91 -110.02 36.24 37.89
CA ALA LF 91 -111.32 35.73 37.48
C ALA LF 91 -111.37 35.83 35.96
N ASP LF 92 -111.50 34.68 35.30
CA ASP LF 92 -111.47 34.61 33.84
C ASP LF 92 -112.72 33.92 33.33
N VAL LF 93 -113.32 34.49 32.30
CA VAL LF 93 -114.51 33.95 31.66
C VAL LF 93 -114.34 34.07 30.16
N THR LF 94 -114.67 33.01 29.44
CA THR LF 94 -114.59 32.99 27.99
C THR LF 94 -115.90 32.51 27.40
N PHE LF 95 -116.05 32.74 26.09
CA PHE LF 95 -117.22 32.29 25.38
C PHE LF 95 -116.83 31.88 23.98
N SER LF 96 -117.47 30.82 23.50
CA SER LF 96 -117.26 30.37 22.13
C SER LF 96 -118.61 30.29 21.45
N PHE LF 97 -118.65 30.64 20.17
CA PHE LF 97 -119.88 30.58 19.40
C PHE LF 97 -119.55 30.27 17.96
N THR LF 98 -120.56 29.79 17.26
CA THR LF 98 -120.43 29.45 15.85
C THR LF 98 -121.08 30.53 15.02
N GLN LF 99 -120.53 30.75 13.83
CA GLN LF 99 -121.04 31.77 12.95
C GLN LF 99 -122.55 31.69 12.78
N TYR LF 100 -123.12 30.51 12.92
CA TYR LF 100 -124.57 30.38 12.83
C TYR LF 100 -125.26 30.49 14.18
N SER LF 101 -124.51 30.78 15.24
CA SER LF 101 -125.11 30.89 16.56
C SER LF 101 -126.23 31.92 16.53
N THR LF 102 -127.35 31.61 17.16
CA THR LF 102 -128.46 32.55 17.14
C THR LF 102 -128.41 33.46 18.35
N ASP LF 103 -129.37 34.37 18.42
CA ASP LF 103 -129.39 35.33 19.51
C ASP LF 103 -129.79 34.67 20.82
N GLU LF 104 -130.96 34.04 20.85
CA GLU LF 104 -131.49 33.55 22.11
C GLU LF 104 -130.58 32.52 22.73
N GLU LF 105 -129.99 31.64 21.91
CA GLU LF 105 -128.98 30.72 22.41
C GLU LF 105 -127.95 31.45 23.23
N ARG LF 106 -127.34 32.48 22.65
CA ARG LF 106 -126.39 33.29 23.40
C ARG LF 106 -127.04 33.87 24.64
N ALA LF 107 -128.15 34.59 24.45
CA ALA LF 107 -128.88 35.11 25.59
C ALA LF 107 -129.15 34.04 26.63
N PHE LF 108 -129.58 32.86 26.18
CA PHE LF 108 -129.77 31.75 27.10
C PHE LF 108 -128.52 31.46 27.90
N VAL LF 109 -127.36 31.51 27.25
CA VAL LF 109 -126.11 31.27 27.97
C VAL LF 109 -125.87 32.34 29.01
N ARG LF 110 -126.11 33.60 28.65
CA ARG LF 110 -125.76 34.68 29.55
C ARG LF 110 -126.44 34.54 30.89
N THR LF 111 -127.77 34.46 30.90
CA THR LF 111 -128.49 34.39 32.16
C THR LF 111 -128.06 33.18 32.98
N GLU LF 112 -128.16 31.99 32.42
CA GLU LF 112 -127.91 30.78 33.19
C GLU LF 112 -126.58 30.82 33.92
N LEU LF 113 -125.54 31.33 33.27
CA LEU LF 113 -124.26 31.45 33.97
C LEU LF 113 -124.43 32.30 35.22
N ALA LF 114 -125.11 33.43 35.10
CA ALA LF 114 -125.36 34.25 36.27
C ALA LF 114 -126.12 33.47 37.33
N ALA LF 115 -127.22 32.84 36.95
CA ALA LF 115 -128.00 32.07 37.92
C ALA LF 115 -127.13 31.09 38.67
N LEU LF 116 -126.26 30.37 37.97
CA LEU LF 116 -125.31 29.50 38.66
C LEU LF 116 -124.51 30.26 39.68
N LEU LF 117 -124.00 31.43 39.32
CA LEU LF 117 -123.21 32.21 40.26
C LEU LF 117 -124.01 32.56 41.50
N ALA LF 118 -125.33 32.67 41.38
CA ALA LF 118 -126.18 32.85 42.54
C ALA LF 118 -126.65 31.52 43.11
N SER LF 119 -126.40 30.41 42.44
CA SER LF 119 -126.85 29.14 42.93
C SER LF 119 -126.12 28.77 44.22
N PRO LF 120 -126.80 28.10 45.15
CA PRO LF 120 -126.12 27.65 46.37
C PRO LF 120 -125.02 26.66 46.10
N LEU LF 121 -125.00 26.05 44.92
CA LEU LF 121 -123.92 25.12 44.60
C LEU LF 121 -122.58 25.83 44.58
N LEU LF 122 -122.43 26.81 43.70
CA LEU LF 122 -121.13 27.40 43.47
C LEU LF 122 -120.59 28.13 44.68
N ILE LF 123 -121.45 28.70 45.52
CA ILE LF 123 -120.97 29.51 46.62
C ILE LF 123 -120.02 28.73 47.51
N ASP LF 124 -120.40 27.51 47.90
CA ASP LF 124 -119.46 26.66 48.62
C ASP LF 124 -118.25 26.31 47.77
N ALA LF 125 -118.48 25.99 46.51
CA ALA LF 125 -117.38 25.80 45.58
C ALA LF 125 -116.46 27.00 45.51
N ILE LF 126 -117.01 28.19 45.35
CA ILE LF 126 -116.21 29.40 45.29
C ILE LF 126 -115.74 29.83 46.68
N ASP LF 127 -116.67 30.21 47.54
CA ASP LF 127 -116.30 30.83 48.80
C ASP LF 127 -115.50 29.87 49.68
N GLN LF 128 -116.05 28.69 49.94
CA GLN LF 128 -115.41 27.76 50.84
C GLN LF 128 -114.54 26.74 50.12
N LEU LF 129 -114.36 26.86 48.81
CA LEU LF 129 -113.49 25.97 48.05
C LEU LF 129 -113.88 24.52 48.28
N ASN LF 130 -115.07 24.17 47.85
CA ASN LF 130 -115.50 22.82 48.14
C ASN LF 130 -115.96 22.13 46.87
N PRO LF 131 -115.63 20.88 46.72
CA PRO LF 131 -116.18 20.10 45.61
C PRO LF 131 -117.66 19.84 45.81
N ALA LF 132 -118.20 18.93 45.00
CA ALA LF 132 -119.63 18.82 44.76
C ALA LF 132 -120.36 18.05 45.85
N TYR LF 133 -119.66 17.66 46.91
CA TYR LF 133 -120.29 16.85 47.93
C TYR LF 133 -120.68 17.71 49.11
N ALA MF 2 -112.30 59.45 26.57
CA ALA MF 2 -113.56 59.11 25.90
C ALA MF 2 -113.32 58.94 24.41
N LYS MF 3 -114.41 58.85 23.66
CA LYS MF 3 -114.37 58.61 22.23
C LYS MF 3 -113.71 59.78 21.52
N LEU MF 4 -112.92 59.44 20.51
CA LEU MF 4 -112.43 60.43 19.57
C LEU MF 4 -113.63 61.15 18.96
N GLU MF 5 -113.60 62.46 18.98
CA GLU MF 5 -114.70 63.24 18.44
C GLU MF 5 -114.15 64.47 17.73
N THR MF 6 -115.04 65.22 17.13
CA THR MF 6 -114.69 66.54 16.62
C THR MF 6 -114.37 67.38 17.84
N VAL MF 7 -113.19 67.98 17.84
CA VAL MF 7 -112.80 68.80 18.98
C VAL MF 7 -112.74 70.25 18.51
N THR MF 8 -113.68 71.05 18.97
CA THR MF 8 -113.70 72.47 18.67
C THR MF 8 -112.85 73.19 19.71
N LEU MF 9 -112.13 74.20 19.27
CA LEU MF 9 -111.31 75.00 20.16
C LEU MF 9 -111.54 76.47 19.89
N GLY MF 10 -111.94 77.21 20.93
CA GLY MF 10 -112.07 78.64 20.86
C GLY MF 10 -110.88 79.30 21.54
N ASN MF 11 -110.81 80.61 21.38
CA ASN MF 11 -109.80 81.42 22.07
C ASN MF 11 -108.40 80.94 21.73
N ILE MF 12 -108.01 81.16 20.49
CA ILE MF 12 -106.76 80.64 19.95
C ILE MF 12 -105.98 81.80 19.39
N GLY MF 13 -104.66 81.67 19.40
CA GLY MF 13 -103.78 82.68 18.84
C GLY MF 13 -103.73 83.92 19.70
N LYS MF 14 -102.77 84.78 19.35
CA LYS MF 14 -102.59 86.03 20.08
C LYS MF 14 -103.90 86.80 20.18
N ASP MF 15 -104.71 86.75 19.13
CA ASP MF 15 -106.03 87.37 19.18
C ASP MF 15 -106.92 86.69 20.21
N GLY MF 16 -107.00 85.37 20.17
CA GLY MF 16 -108.00 84.68 20.95
C GLY MF 16 -109.35 84.64 20.28
N LYS MF 17 -109.47 85.22 19.09
CA LYS MF 17 -110.67 85.05 18.30
C LYS MF 17 -110.54 83.87 17.36
N GLN MF 18 -109.35 83.30 17.25
CA GLN MF 18 -109.11 82.15 16.39
C GLN MF 18 -109.83 80.94 16.97
N THR MF 19 -110.37 80.13 16.07
CA THR MF 19 -111.03 78.89 16.43
C THR MF 19 -110.51 77.76 15.57
N LEU MF 20 -110.58 76.55 16.09
CA LEU MF 20 -110.07 75.39 15.36
C LEU MF 20 -110.90 74.18 15.70
N VAL MF 21 -111.16 73.35 14.70
CA VAL MF 21 -111.81 72.07 14.89
C VAL MF 21 -110.84 70.98 14.50
N LEU MF 22 -111.00 69.81 15.12
CA LEU MF 22 -110.10 68.67 14.87
C LEU MF 22 -110.94 67.44 14.64
N ASN MF 23 -110.79 66.85 13.52
CA ASN MF 23 -111.54 65.62 13.35
C ASN MF 23 -110.73 64.43 13.82
N PRO MF 24 -111.38 63.41 14.34
CA PRO MF 24 -110.67 62.17 14.66
C PRO MF 24 -110.09 61.55 13.40
N ARG MF 25 -108.80 61.25 13.47
CA ARG MF 25 -108.08 60.66 12.36
C ARG MF 25 -107.94 59.16 12.48
N GLY MF 26 -108.50 58.56 13.52
CA GLY MF 26 -108.26 57.16 13.80
C GLY MF 26 -107.03 57.00 14.67
N VAL MF 27 -106.64 55.75 14.88
CA VAL MF 27 -105.54 55.42 15.76
C VAL MF 27 -104.60 54.47 15.04
N ASN MF 28 -103.32 54.82 15.01
CA ASN MF 28 -102.36 53.84 14.53
C ASN MF 28 -102.18 52.75 15.56
N PRO MF 29 -102.58 51.51 15.28
CA PRO MF 29 -102.46 50.46 16.28
C PRO MF 29 -101.03 50.04 16.56
N THR MF 30 -100.13 50.19 15.59
CA THR MF 30 -98.76 49.75 15.80
C THR MF 30 -98.15 50.43 17.01
N ASN MF 31 -97.88 51.72 16.90
CA ASN MF 31 -97.43 52.49 18.05
C ASN MF 31 -98.53 52.70 19.06
N GLY MF 32 -99.77 52.40 18.72
CA GLY MF 32 -100.88 52.65 19.63
C GLY MF 32 -101.06 54.12 19.91
N VAL MF 33 -101.20 54.93 18.87
CA VAL MF 33 -101.26 56.38 19.02
C VAL MF 33 -102.45 56.90 18.23
N ALA MF 34 -103.28 57.69 18.90
CA ALA MF 34 -104.40 58.36 18.24
C ALA MF 34 -103.90 59.55 17.42
N SER MF 35 -104.75 59.99 16.50
CA SER MF 35 -104.41 61.13 15.65
C SER MF 35 -105.63 62.00 15.47
N LEU MF 36 -105.42 63.30 15.47
CA LEU MF 36 -106.48 64.27 15.24
C LEU MF 36 -105.99 65.28 14.22
N SER MF 37 -106.92 65.84 13.46
CA SER MF 37 -106.51 66.81 12.46
C SER MF 37 -107.61 67.81 12.19
N GLN MF 38 -107.18 69.03 11.86
CA GLN MF 38 -108.03 69.97 11.16
C GLN MF 38 -108.43 69.38 9.83
N ALA MF 39 -109.63 69.73 9.36
CA ALA MF 39 -110.04 69.35 8.02
C ALA MF 39 -109.68 70.50 7.08
N GLY MF 40 -108.62 70.27 6.31
CA GLY MF 40 -108.19 71.20 5.29
C GLY MF 40 -108.41 70.64 3.91
N ALA MF 41 -107.61 71.13 2.97
CA ALA MF 41 -107.59 70.54 1.65
C ALA MF 41 -106.57 69.41 1.59
N VAL MF 42 -105.30 69.74 1.74
CA VAL MF 42 -104.23 68.76 1.61
C VAL MF 42 -103.83 68.27 2.99
N PRO MF 43 -103.96 66.97 3.27
CA PRO MF 43 -103.54 66.43 4.57
C PRO MF 43 -102.14 66.83 4.97
N ALA MF 44 -101.18 66.80 4.05
CA ALA MF 44 -99.85 67.31 4.32
C ALA MF 44 -99.87 68.71 4.88
N LEU MF 45 -100.79 69.56 4.40
CA LEU MF 45 -100.93 70.90 4.94
C LEU MF 45 -101.72 70.92 6.24
N GLU MF 46 -102.61 69.96 6.44
CA GLU MF 46 -103.54 70.01 7.55
C GLU MF 46 -102.83 69.86 8.87
N LYS MF 47 -103.31 70.58 9.87
CA LYS MF 47 -102.72 70.57 11.21
C LYS MF 47 -102.92 69.18 11.78
N ARG MF 48 -101.96 68.71 12.56
CA ARG MF 48 -102.06 67.40 13.15
C ARG MF 48 -101.91 67.47 14.66
N VAL MF 49 -102.63 66.59 15.36
CA VAL MF 49 -102.54 66.48 16.81
C VAL MF 49 -102.47 65.01 17.15
N THR MF 50 -101.50 64.64 17.97
CA THR MF 50 -101.25 63.25 18.30
C THR MF 50 -101.22 63.10 19.82
N VAL MF 51 -101.93 62.10 20.32
CA VAL MF 51 -101.90 61.77 21.73
C VAL MF 51 -101.67 60.28 21.87
N SER MF 52 -101.08 59.91 23.00
CA SER MF 52 -100.79 58.51 23.25
C SER MF 52 -100.75 58.27 24.75
N VAL MF 53 -101.08 57.05 25.14
CA VAL MF 53 -100.90 56.61 26.51
C VAL MF 53 -99.82 55.55 26.47
N SER MF 54 -99.52 54.97 27.62
CA SER MF 54 -98.53 53.91 27.71
C SER MF 54 -98.82 53.11 28.96
N GLN MF 55 -98.21 51.93 29.04
CA GLN MF 55 -98.37 51.13 30.23
C GLN MF 55 -97.01 50.55 30.62
N PRO MF 56 -96.74 50.42 31.91
CA PRO MF 56 -95.41 49.99 32.34
C PRO MF 56 -95.12 48.58 31.88
N SER MF 57 -93.86 48.36 31.49
CA SER MF 57 -93.43 47.06 31.02
C SER MF 57 -92.20 46.66 31.81
N ARG MF 58 -91.60 45.54 31.44
CA ARG MF 58 -90.30 45.17 31.98
C ARG MF 58 -89.23 46.20 31.66
N ASN MF 59 -89.41 47.00 30.61
CA ASN MF 59 -88.49 48.05 30.27
C ASN MF 59 -88.66 49.30 31.12
N ARG MF 60 -89.89 49.66 31.47
CA ARG MF 60 -90.14 50.85 32.26
C ARG MF 60 -91.34 50.60 33.15
N LYS MF 61 -91.25 51.10 34.38
CA LYS MF 61 -92.30 50.92 35.38
C LYS MF 61 -93.21 52.13 35.43
N ASN MF 62 -92.99 53.08 34.54
CA ASN MF 62 -93.68 54.36 34.63
C ASN MF 62 -94.62 54.53 33.45
N TYR MF 63 -95.69 55.27 33.67
CA TYR MF 63 -96.59 55.61 32.59
C TYR MF 63 -96.04 56.80 31.80
N LYS MF 64 -96.19 56.74 30.48
CA LYS MF 64 -95.83 57.84 29.61
C LYS MF 64 -97.09 58.30 28.88
N VAL MF 65 -97.29 59.61 28.86
CA VAL MF 65 -98.33 60.23 28.07
C VAL MF 65 -97.66 61.23 27.15
N GLN MF 66 -97.71 60.97 25.86
CA GLN MF 66 -97.02 61.78 24.88
C GLN MF 66 -98.02 62.50 24.01
N VAL MF 67 -97.81 63.80 23.81
CA VAL MF 67 -98.66 64.61 22.97
C VAL MF 67 -97.77 65.44 22.07
N LYS MF 68 -97.95 65.31 20.77
CA LYS MF 68 -97.18 66.06 19.79
C LYS MF 68 -98.12 66.82 18.88
N ILE MF 69 -97.70 68.00 18.46
CA ILE MF 69 -98.49 68.86 17.59
C ILE MF 69 -97.62 69.24 16.40
N GLN MF 70 -98.19 69.16 15.21
CA GLN MF 70 -97.47 69.43 13.98
C GLN MF 70 -98.27 70.42 13.17
N ASN MF 71 -97.72 71.62 12.96
CA ASN MF 71 -98.40 72.70 12.27
C ASN MF 71 -97.48 73.23 11.18
N PRO MF 72 -97.61 72.74 9.97
CA PRO MF 72 -96.74 73.20 8.89
C PRO MF 72 -97.07 74.63 8.49
N THR MF 73 -96.27 75.14 7.57
CA THR MF 73 -96.47 76.47 7.01
C THR MF 73 -96.64 76.33 5.51
N ALA MF 74 -97.83 76.63 5.03
CA ALA MF 74 -98.14 76.53 3.61
C ALA MF 74 -97.50 77.68 2.86
N CYS MF 75 -96.87 77.37 1.74
CA CYS MF 75 -96.46 78.38 0.77
C CYS MF 75 -97.49 78.32 -0.34
N THR MF 76 -98.36 79.33 -0.40
CA THR MF 76 -99.46 79.31 -1.35
C THR MF 76 -98.93 79.41 -2.77
N ALA MF 77 -98.18 80.46 -3.06
CA ALA MF 77 -97.58 80.63 -4.38
C ALA MF 77 -96.11 80.27 -4.27
N ASN MF 78 -95.76 79.10 -4.81
CA ASN MF 78 -94.37 78.71 -4.94
C ASN MF 78 -93.83 79.04 -6.33
N GLY MF 79 -94.63 79.71 -7.16
CA GLY MF 79 -94.34 79.74 -8.58
C GLY MF 79 -94.85 78.50 -9.28
N SER MF 80 -95.52 77.62 -8.55
CA SER MF 80 -96.05 76.37 -9.09
C SER MF 80 -97.53 76.30 -8.75
N CYS MF 81 -98.24 75.38 -9.40
CA CYS MF 81 -99.68 75.28 -9.26
C CYS MF 81 -100.12 74.74 -7.91
N ASP MF 82 -99.21 74.15 -7.13
CA ASP MF 82 -99.62 73.55 -5.89
C ASP MF 82 -98.85 74.15 -4.72
N PRO MF 83 -99.49 74.33 -3.58
CA PRO MF 83 -98.77 74.83 -2.41
C PRO MF 83 -97.79 73.79 -1.90
N SER MF 84 -96.85 74.24 -1.09
CA SER MF 84 -95.79 73.37 -0.60
C SER MF 84 -95.48 73.68 0.85
N VAL MF 85 -95.07 72.64 1.57
CA VAL MF 85 -94.67 72.78 2.96
C VAL MF 85 -93.42 73.62 3.01
N THR MF 86 -93.39 74.61 3.89
CA THR MF 86 -92.19 75.42 4.05
C THR MF 86 -91.52 75.17 5.38
N ARG MF 87 -92.14 75.64 6.46
CA ARG MF 87 -91.63 75.44 7.81
C ARG MF 87 -92.58 74.50 8.53
N GLN MF 88 -92.02 73.68 9.42
CA GLN MF 88 -92.83 72.72 10.15
C GLN MF 88 -92.67 73.00 11.64
N ALA MF 89 -93.73 73.47 12.26
CA ALA MF 89 -93.72 73.78 13.69
C ALA MF 89 -93.90 72.50 14.47
N TYR MF 90 -93.00 72.23 15.40
CA TYR MF 90 -93.09 71.06 16.25
C TYR MF 90 -93.38 71.44 17.68
N ALA MF 91 -94.51 70.96 18.18
CA ALA MF 91 -94.88 71.16 19.58
C ALA MF 91 -95.01 69.78 20.21
N ASP MF 92 -94.17 69.51 21.20
CA ASP MF 92 -94.12 68.21 21.84
C ASP MF 92 -94.30 68.35 23.34
N VAL MF 93 -95.13 67.47 23.91
CA VAL MF 93 -95.41 67.44 25.33
C VAL MF 93 -95.41 66.00 25.77
N THR MF 94 -94.78 65.72 26.90
CA THR MF 94 -94.74 64.39 27.46
C THR MF 94 -95.14 64.42 28.93
N PHE MF 95 -95.43 63.25 29.47
CA PHE MF 95 -95.77 63.12 30.87
C PHE MF 95 -95.22 61.81 31.40
N SER MF 96 -94.75 61.85 32.64
CA SER MF 96 -94.29 60.66 33.32
C SER MF 96 -95.04 60.53 34.63
N PHE MF 97 -95.35 59.31 35.01
CA PHE MF 97 -96.04 59.06 36.27
C PHE MF 97 -95.62 57.71 36.81
N THR MF 98 -95.84 57.53 38.10
CA THR MF 98 -95.51 56.31 38.78
C THR MF 98 -96.78 55.52 39.03
N GLN MF 99 -96.64 54.20 39.01
CA GLN MF 99 -97.78 53.33 39.21
C GLN MF 99 -98.60 53.72 40.41
N TYR MF 100 -98.00 54.34 41.42
CA TYR MF 100 -98.75 54.79 42.57
C TYR MF 100 -99.23 56.23 42.43
N SER MF 101 -99.01 56.86 41.29
CA SER MF 101 -99.43 58.24 41.10
C SER MF 101 -100.93 58.35 41.36
N THR MF 102 -101.33 59.39 42.08
CA THR MF 102 -102.75 59.53 42.38
C THR MF 102 -103.43 60.39 41.34
N ASP MF 103 -104.73 60.56 41.51
CA ASP MF 103 -105.51 61.32 40.54
C ASP MF 103 -105.19 62.81 40.63
N GLU MF 104 -105.39 63.40 41.81
CA GLU MF 104 -105.29 64.84 41.92
C GLU MF 104 -103.91 65.34 41.55
N GLU MF 105 -102.87 64.60 41.96
CA GLU MF 105 -101.52 64.92 41.52
C GLU MF 105 -101.48 65.13 40.01
N ARG MF 106 -101.96 64.15 39.26
CA ARG MF 106 -102.02 64.29 37.82
C ARG MF 106 -102.88 65.49 37.45
N ALA MF 107 -104.11 65.55 37.94
CA ALA MF 107 -104.96 66.70 37.70
C ALA MF 107 -104.23 67.99 38.04
N PHE MF 108 -103.55 68.03 39.17
CA PHE MF 108 -102.76 69.20 39.52
C PHE MF 108 -101.77 69.55 38.42
N VAL MF 109 -101.13 68.55 37.84
CA VAL MF 109 -100.18 68.81 36.77
C VAL MF 109 -100.89 69.41 35.57
N ARG MF 110 -102.05 68.87 35.22
CA ARG MF 110 -102.70 69.29 33.99
C ARG MF 110 -102.97 70.78 33.99
N THR MF 111 -103.70 71.27 34.99
CA THR MF 111 -104.05 72.68 35.02
C THR MF 111 -102.82 73.57 35.00
N GLU MF 112 -101.92 73.39 35.97
CA GLU MF 112 -100.79 74.30 36.11
C GLU MF 112 -100.03 74.47 34.81
N LEU MF 113 -99.82 73.40 34.05
CA LEU MF 113 -99.16 73.55 32.77
C LEU MF 113 -99.92 74.54 31.90
N ALA MF 114 -101.24 74.39 31.83
CA ALA MF 114 -102.03 75.34 31.07
C ALA MF 114 -101.84 76.76 31.59
N ALA MF 115 -101.99 76.95 32.90
CA ALA MF 115 -101.83 78.28 33.46
C ALA MF 115 -100.50 78.90 33.04
N LEU MF 116 -99.42 78.14 33.10
CA LEU MF 116 -98.15 78.64 32.59
C LEU MF 116 -98.28 79.11 31.16
N LEU MF 117 -98.92 78.31 30.32
CA LEU MF 117 -99.06 78.69 28.92
C LEU MF 117 -99.80 80.01 28.78
N ALA MF 118 -100.68 80.33 29.74
CA ALA MF 118 -101.31 81.64 29.76
C ALA MF 118 -100.52 82.64 30.57
N SER MF 119 -99.49 82.21 31.28
CA SER MF 119 -98.71 83.13 32.09
C SER MF 119 -97.97 84.13 31.20
N PRO MF 120 -97.83 85.37 31.66
CA PRO MF 120 -97.05 86.34 30.90
C PRO MF 120 -95.60 85.96 30.75
N LEU MF 121 -95.10 85.03 31.56
CA LEU MF 121 -93.73 84.60 31.42
C LEU MF 121 -93.50 83.93 30.07
N LEU MF 122 -94.21 82.84 29.81
CA LEU MF 122 -93.92 82.04 28.64
C LEU MF 122 -94.17 82.77 27.33
N ILE MF 123 -95.13 83.69 27.30
CA ILE MF 123 -95.49 84.32 26.04
C ILE MF 123 -94.27 84.98 25.41
N ASP MF 124 -93.51 85.76 26.16
CA ASP MF 124 -92.26 86.29 25.65
C ASP MF 124 -91.28 85.20 25.32
N ALA MF 125 -91.17 84.20 26.19
CA ALA MF 125 -90.37 83.03 25.89
C ALA MF 125 -90.79 82.35 24.61
N ILE MF 126 -92.08 82.10 24.43
CA ILE MF 126 -92.59 81.48 23.22
C ILE MF 126 -92.64 82.47 22.06
N ASP MF 127 -93.49 83.49 22.16
CA ASP MF 127 -93.74 84.35 21.02
C ASP MF 127 -92.49 85.09 20.59
N GLN MF 128 -91.86 85.81 21.50
CA GLN MF 128 -90.72 86.62 21.18
C GLN MF 128 -89.39 85.92 21.38
N LEU MF 129 -89.39 84.65 21.75
CA LEU MF 129 -88.18 83.86 21.93
C LEU MF 129 -87.23 84.56 22.90
N ASN MF 130 -87.67 84.68 24.13
CA ASN MF 130 -86.84 85.42 25.05
C ASN MF 130 -86.57 84.59 26.30
N PRO MF 131 -85.37 84.64 26.80
CA PRO MF 131 -85.08 84.02 28.09
C PRO MF 131 -85.74 84.78 29.23
N ALA MF 132 -85.34 84.45 30.45
CA ALA MF 132 -86.10 84.77 31.65
C ALA MF 132 -85.91 86.20 32.13
N TYR MF 133 -85.16 87.00 31.39
CA TYR MF 133 -84.87 88.35 31.85
C TYR MF 133 -85.78 89.35 31.16
N ALA NF 2 -89.86 79.21 -57.77
CA ALA NF 2 -90.88 78.85 -58.76
C ALA NF 2 -90.24 78.17 -59.96
N LYS NF 3 -91.03 77.99 -61.00
CA LYS NF 3 -90.60 77.31 -62.21
C LYS NF 3 -89.49 78.09 -62.90
N LEU NF 4 -88.52 77.34 -63.42
CA LEU NF 4 -87.54 77.92 -64.34
C LEU NF 4 -88.29 78.54 -65.50
N GLU NF 5 -87.96 79.78 -65.81
CA GLU NF 5 -88.61 80.48 -66.90
C GLU NF 5 -87.59 81.34 -67.63
N THR NF 6 -88.05 81.96 -68.70
CA THR NF 6 -87.25 82.99 -69.36
C THR NF 6 -87.15 84.13 -68.35
N VAL NF 7 -85.92 84.54 -68.07
CA VAL NF 7 -85.73 85.63 -67.12
C VAL NF 7 -85.18 86.82 -67.88
N THR NF 8 -86.01 87.85 -68.03
CA THR NF 8 -85.60 89.09 -68.67
C THR NF 8 -84.99 89.98 -67.60
N LEU NF 9 -83.95 90.71 -67.97
CA LEU NF 9 -83.28 91.63 -67.07
C LEU NF 9 -83.08 92.96 -67.78
N GLY NF 10 -83.60 94.03 -67.18
CA GLY NF 10 -83.35 95.36 -67.65
C GLY NF 10 -82.32 96.05 -66.77
N ASN NF 11 -81.90 97.23 -67.22
CA ASN NF 11 -81.00 98.07 -66.44
C ASN NF 11 -79.73 97.33 -66.09
N ILE NF 12 -78.92 97.09 -67.12
CA ILE NF 12 -77.72 96.27 -67.00
C ILE NF 12 -76.54 97.08 -67.51
N GLY NF 13 -75.37 96.80 -66.97
CA GLY NF 13 -74.15 97.45 -67.41
C GLY NF 13 -74.08 98.88 -66.92
N LYS NF 14 -72.89 99.46 -67.10
CA LYS NF 14 -72.66 100.84 -66.70
C LYS NF 14 -73.72 101.76 -67.29
N ASP NF 15 -74.14 101.48 -68.52
CA ASP NF 15 -75.22 102.26 -69.12
C ASP NF 15 -76.52 102.06 -68.35
N GLY NF 16 -76.90 100.81 -68.09
CA GLY NF 16 -78.23 100.55 -67.58
C GLY NF 16 -79.26 100.47 -68.67
N LYS NF 17 -78.85 100.65 -69.93
CA LYS NF 17 -79.77 100.39 -71.05
C LYS NF 17 -79.61 98.96 -71.55
N GLN NF 18 -78.61 98.25 -71.05
CA GLN NF 18 -78.40 96.86 -71.43
C GLN NF 18 -79.52 96.00 -70.88
N THR NF 19 -79.92 95.02 -71.68
CA THR NF 19 -80.94 94.06 -71.28
C THR NF 19 -80.44 92.65 -71.58
N LEU NF 20 -80.96 91.69 -70.84
CA LEU NF 20 -80.53 90.31 -71.00
C LEU NF 20 -81.70 89.37 -70.70
N VAL NF 21 -81.80 88.32 -71.48
CA VAL NF 21 -82.77 87.27 -71.23
C VAL NF 21 -82.01 85.98 -70.94
N LEU NF 22 -82.61 85.10 -70.15
CA LEU NF 22 -81.98 83.86 -69.75
C LEU NF 22 -82.97 82.72 -69.95
N ASN NF 23 -82.61 81.78 -70.75
CA ASN NF 23 -83.54 80.68 -70.87
C ASN NF 23 -83.21 79.60 -69.85
N PRO NF 24 -84.23 78.90 -69.38
CA PRO NF 24 -83.96 77.75 -68.51
C PRO NF 24 -83.17 76.69 -69.25
N ARG NF 25 -82.08 76.26 -68.64
CA ARG NF 25 -81.20 75.26 -69.22
C ARG NF 25 -81.47 73.87 -68.67
N GLY NF 26 -82.46 73.71 -67.81
CA GLY NF 26 -82.64 72.46 -67.10
C GLY NF 26 -81.82 72.43 -65.83
N VAL NF 27 -81.83 71.28 -65.18
CA VAL NF 27 -81.17 71.10 -63.90
C VAL NF 27 -80.30 69.86 -63.95
N ASN NF 28 -79.04 70.01 -63.60
CA ASN NF 28 -78.23 68.82 -63.42
C ASN NF 28 -78.64 68.10 -62.15
N PRO NF 29 -79.21 66.90 -62.24
CA PRO NF 29 -79.67 66.21 -61.03
C PRO NF 29 -78.54 65.73 -60.15
N THR NF 30 -77.37 65.44 -60.72
CA THR NF 30 -76.28 64.92 -59.91
C THR NF 30 -75.94 65.86 -58.78
N ASN NF 31 -75.36 67.01 -59.09
CA ASN NF 31 -75.12 68.03 -58.10
C ASN NF 31 -76.41 68.71 -57.66
N GLY NF 32 -77.51 68.48 -58.35
CA GLY NF 32 -78.75 69.14 -58.01
C GLY NF 32 -78.67 70.64 -58.20
N VAL NF 33 -78.28 71.08 -59.39
CA VAL NF 33 -78.04 72.50 -59.65
C VAL NF 33 -78.77 72.88 -60.92
N ALA NF 34 -79.56 73.95 -60.84
CA ALA NF 34 -80.21 74.51 -62.01
C ALA NF 34 -79.22 75.29 -62.85
N SER NF 35 -79.60 75.52 -64.10
CA SER NF 35 -78.76 76.28 -65.01
C SER NF 35 -79.63 77.19 -65.86
N LEU NF 36 -79.12 78.39 -66.12
CA LEU NF 36 -79.80 79.36 -66.96
C LEU NF 36 -78.80 79.92 -67.94
N SER NF 37 -79.28 80.32 -69.12
CA SER NF 37 -78.35 80.86 -70.10
C SER NF 37 -79.04 81.87 -71.00
N GLN NF 38 -78.26 82.84 -71.44
CA GLN NF 38 -78.60 83.61 -72.62
C GLN NF 38 -78.69 82.67 -73.81
N ALA NF 39 -79.56 83.02 -74.76
CA ALA NF 39 -79.60 82.29 -76.01
C ALA NF 39 -78.69 83.02 -77.01
N GLY NF 40 -77.54 82.42 -77.24
CA GLY NF 40 -76.61 82.91 -78.23
C GLY NF 40 -76.50 81.97 -79.40
N ALA NF 41 -75.35 82.03 -80.07
CA ALA NF 41 -75.04 81.04 -81.09
C ALA NF 41 -74.35 79.83 -80.48
N VAL NF 42 -73.15 80.03 -79.96
CA VAL NF 42 -72.36 78.93 -79.43
C VAL NF 42 -72.56 78.86 -77.92
N PRO NF 43 -73.07 77.75 -77.39
CA PRO NF 43 -73.21 77.61 -75.94
C PRO NF 43 -71.96 77.92 -75.16
N ALA NF 44 -70.80 77.48 -75.63
CA ALA NF 44 -69.54 77.87 -75.02
C ALA NF 44 -69.41 79.38 -74.88
N LEU NF 45 -69.90 80.13 -75.86
CA LEU NF 45 -69.88 81.58 -75.77
C LEU NF 45 -71.01 82.11 -74.91
N GLU NF 46 -72.13 81.39 -74.81
CA GLU NF 46 -73.32 81.92 -74.20
C GLU NF 46 -73.12 82.10 -72.70
N LYS NF 47 -73.70 83.16 -72.17
CA LYS NF 47 -73.59 83.50 -70.76
C LYS NF 47 -74.28 82.40 -69.97
N ARG NF 48 -73.75 82.10 -68.79
CA ARG NF 48 -74.34 81.06 -67.97
C ARG NF 48 -74.67 81.59 -66.58
N VAL NF 49 -75.75 81.08 -66.01
CA VAL NF 49 -76.16 81.44 -64.66
C VAL NF 49 -76.55 80.16 -63.95
N THR NF 50 -76.00 79.94 -62.77
CA THR NF 50 -76.20 78.71 -62.01
C THR NF 50 -76.69 79.05 -60.62
N VAL NF 51 -77.74 78.37 -60.18
CA VAL NF 51 -78.23 78.51 -58.83
C VAL NF 51 -78.40 77.12 -58.23
N SER NF 52 -78.31 77.06 -56.91
CA SER NF 52 -78.46 75.78 -56.23
C SER NF 52 -78.94 76.04 -54.82
N VAL NF 53 -79.66 75.06 -54.28
CA VAL NF 53 -80.02 75.06 -52.89
C VAL NF 53 -79.28 73.90 -52.24
N SER NF 54 -79.50 73.69 -50.95
CA SER NF 54 -78.86 72.60 -50.25
C SER NF 54 -79.72 72.28 -49.03
N GLN NF 55 -79.46 71.13 -48.44
CA GLN NF 55 -80.16 70.78 -47.22
C GLN NF 55 -79.18 70.19 -46.23
N PRO NF 56 -79.36 70.44 -44.95
CA PRO NF 56 -78.37 70.01 -43.96
C PRO NF 56 -78.30 68.50 -43.89
N SER NF 57 -77.07 68.00 -43.73
CA SER NF 57 -76.83 66.58 -43.65
C SER NF 57 -76.04 66.30 -42.39
N ARG NF 58 -75.63 65.05 -42.21
CA ARG NF 58 -74.70 64.71 -41.15
C ARG NF 58 -73.38 65.43 -41.30
N ASN NF 59 -73.03 65.86 -42.51
CA ASN NF 59 -71.81 66.64 -42.74
C ASN NF 59 -71.95 68.09 -42.35
N ARG NF 60 -73.10 68.70 -42.59
CA ARG NF 60 -73.30 70.11 -42.28
C ARG NF 60 -74.75 70.32 -41.87
N LYS NF 61 -74.94 71.15 -40.86
CA LYS NF 61 -76.26 71.44 -40.32
C LYS NF 61 -76.84 72.71 -40.92
N ASN NF 62 -76.13 73.29 -41.87
CA ASN NF 62 -76.48 74.61 -42.37
C ASN NF 62 -76.94 74.51 -43.82
N TYR NF 63 -77.81 75.42 -44.21
CA TYR NF 63 -78.22 75.51 -45.59
C TYR NF 63 -77.20 76.30 -46.39
N LYS NF 64 -76.93 75.85 -47.61
CA LYS NF 64 -76.07 76.55 -48.54
C LYS NF 64 -76.88 76.92 -49.76
N VAL NF 65 -76.75 78.17 -50.19
CA VAL NF 65 -77.32 78.62 -51.45
C VAL NF 65 -76.17 79.19 -52.26
N GLN NF 66 -75.88 78.53 -53.37
CA GLN NF 66 -74.74 78.89 -54.20
C GLN NF 66 -75.22 79.42 -55.54
N VAL NF 67 -74.65 80.54 -55.95
CA VAL NF 67 -74.98 81.15 -57.24
C VAL NF 67 -73.68 81.52 -57.92
N LYS NF 68 -73.46 81.01 -59.11
CA LYS NF 68 -72.27 81.29 -59.89
C LYS NF 68 -72.67 81.84 -61.25
N ILE NF 69 -71.87 82.77 -61.76
CA ILE NF 69 -72.12 83.38 -63.05
C ILE NF 69 -70.86 83.27 -63.88
N GLN NF 70 -71.03 82.87 -65.13
CA GLN NF 70 -69.91 82.63 -66.03
C GLN NF 70 -70.16 83.42 -67.31
N ASN NF 71 -69.31 84.40 -67.59
CA ASN NF 71 -69.46 85.28 -68.74
C ASN NF 71 -68.15 85.32 -69.50
N PRO NF 72 -67.99 84.48 -70.51
CA PRO NF 72 -66.75 84.46 -71.27
C PRO NF 72 -66.59 85.72 -72.11
N THR NF 73 -65.44 85.81 -72.76
CA THR NF 73 -65.14 86.89 -73.67
C THR NF 73 -64.84 86.31 -75.04
N ALA NF 74 -65.72 86.59 -75.99
CA ALA NF 74 -65.58 86.08 -77.34
C ALA NF 74 -64.49 86.84 -78.06
N CYS NF 75 -63.62 86.10 -78.76
CA CYS NF 75 -62.70 86.69 -79.73
C CYS NF 75 -63.32 86.42 -81.09
N THR NF 76 -63.86 87.46 -81.71
CA THR NF 76 -64.57 87.27 -82.97
C THR NF 76 -63.62 86.84 -84.07
N ALA NF 77 -62.59 87.64 -84.33
CA ALA NF 77 -61.58 87.29 -85.31
C ALA NF 77 -60.35 86.80 -84.57
N ASN NF 78 -60.13 85.49 -84.63
CA ASN NF 78 -58.90 84.90 -84.14
C ASN NF 78 -57.89 84.69 -85.26
N GLY NF 79 -58.20 85.16 -86.47
CA GLY NF 79 -57.49 84.70 -87.63
C GLY NF 79 -58.01 83.38 -88.13
N SER NF 80 -59.07 82.87 -87.51
CA SER NF 80 -59.68 81.59 -87.87
C SER NF 80 -61.16 81.83 -88.10
N CYS NF 81 -61.83 80.85 -88.71
CA CYS NF 81 -63.21 80.99 -89.09
C CYS NF 81 -64.18 80.97 -87.91
N ASP NF 82 -63.72 80.55 -86.74
CA ASP NF 82 -64.63 80.43 -85.62
C ASP NF 82 -64.15 81.27 -84.44
N PRO NF 83 -65.06 81.89 -83.71
CA PRO NF 83 -64.66 82.63 -82.53
C PRO NF 83 -64.16 81.70 -81.45
N SER NF 84 -63.45 82.26 -80.48
CA SER NF 84 -62.83 81.46 -79.43
C SER NF 84 -62.92 82.17 -78.10
N VAL NF 85 -63.03 81.38 -77.04
CA VAL NF 85 -63.06 81.91 -75.68
C VAL NF 85 -61.72 82.55 -75.39
N THR NF 86 -61.75 83.75 -74.84
CA THR NF 86 -60.51 84.41 -74.47
C THR NF 86 -60.38 84.52 -72.95
N ARG NF 87 -61.18 85.39 -72.35
CA ARG NF 87 -61.19 85.55 -70.90
C ARG NF 87 -62.51 85.02 -70.37
N GLN NF 88 -62.46 84.47 -69.16
CA GLN NF 88 -63.66 83.91 -68.56
C GLN NF 88 -63.92 84.63 -67.25
N ALA NF 89 -64.99 85.41 -67.21
CA ALA NF 89 -65.35 86.15 -66.02
C ALA NF 89 -66.07 85.21 -65.05
N TYR NF 90 -65.59 85.16 -63.82
CA TYR NF 90 -66.22 84.34 -62.80
C TYR NF 90 -66.85 85.19 -61.72
N ALA NF 91 -68.16 85.04 -61.57
CA ALA NF 91 -68.89 85.72 -60.52
C ALA NF 91 -69.54 84.65 -59.65
N ASP NF 92 -69.14 84.61 -58.38
CA ASP NF 92 -69.60 83.57 -57.46
C ASP NF 92 -70.21 84.21 -56.23
N VAL NF 93 -71.36 83.68 -55.81
CA VAL NF 93 -72.07 84.15 -54.64
C VAL NF 93 -72.56 82.93 -53.87
N THR NF 94 -72.39 82.95 -52.56
CA THR NF 94 -72.84 81.87 -51.70
C THR NF 94 -73.67 82.43 -50.55
N PHE NF 95 -74.38 81.53 -49.89
CA PHE NF 95 -75.16 81.90 -48.72
C PHE NF 95 -75.14 80.77 -47.71
N SER NF 96 -75.09 81.15 -46.45
CA SER NF 96 -75.16 80.18 -45.36
C SER NF 96 -76.29 80.58 -44.44
N PHE NF 97 -76.99 79.59 -43.90
CA PHE NF 97 -78.07 79.86 -42.98
C PHE NF 97 -78.18 78.70 -42.00
N THR NF 98 -78.82 78.99 -40.88
CA THR NF 98 -79.02 78.01 -39.83
C THR NF 98 -80.45 77.50 -39.89
N GLN NF 99 -80.63 76.25 -39.52
CA GLN NF 99 -81.94 75.64 -39.54
C GLN NF 99 -82.99 76.50 -38.88
N TYR NF 100 -82.61 77.32 -37.91
CA TYR NF 100 -83.56 78.22 -37.27
C TYR NF 100 -83.62 79.58 -37.94
N SER NF 101 -82.91 79.78 -39.05
CA SER NF 101 -82.92 81.06 -39.72
C SER NF 101 -84.35 81.45 -40.07
N THR NF 102 -84.70 82.70 -39.84
CA THR NF 102 -86.07 83.11 -40.13
C THR NF 102 -86.16 83.67 -41.53
N ASP NF 103 -87.38 84.06 -41.91
CA ASP NF 103 -87.60 84.56 -43.26
C ASP NF 103 -87.00 85.95 -43.44
N GLU NF 104 -87.41 86.90 -42.60
CA GLU NF 104 -87.01 88.28 -42.84
C GLU NF 104 -85.51 88.45 -42.77
N GLU NF 105 -84.86 87.75 -41.84
CA GLU NF 105 -83.40 87.74 -41.82
C GLU NF 105 -82.85 87.45 -43.20
N ARG NF 106 -83.28 86.35 -43.79
CA ARG NF 106 -82.85 86.04 -45.15
C ARG NF 106 -83.23 87.16 -46.10
N ALA NF 107 -84.51 87.51 -46.12
CA ALA NF 107 -84.94 88.64 -46.95
C ALA NF 107 -84.07 89.86 -46.71
N PHE NF 108 -83.80 90.17 -45.44
CA PHE NF 108 -82.91 91.28 -45.13
C PHE NF 108 -81.57 91.13 -45.84
N VAL NF 109 -81.03 89.91 -45.87
CA VAL NF 109 -79.76 89.70 -46.54
C VAL NF 109 -79.89 89.97 -48.02
N ARG NF 110 -80.97 89.50 -48.63
CA ARG NF 110 -81.08 89.58 -50.08
C ARG NF 110 -80.98 91.02 -50.56
N THR NF 111 -81.86 91.89 -50.06
CA THR NF 111 -81.86 93.27 -50.53
C THR NF 111 -80.52 93.94 -50.31
N GLU NF 112 -80.03 93.96 -49.06
CA GLU NF 112 -78.83 94.72 -48.74
C GLU NF 112 -77.67 94.37 -49.66
N LEU NF 113 -77.49 93.10 -49.99
CA LEU NF 113 -76.45 92.75 -50.93
C LEU NF 113 -76.63 93.48 -52.25
N ALA NF 114 -77.86 93.49 -52.75
CA ALA NF 114 -78.13 94.24 -53.97
C ALA NF 114 -77.79 95.71 -53.80
N ALA NF 115 -78.30 96.34 -52.74
CA ALA NF 115 -78.01 97.75 -52.50
C ALA NF 115 -76.51 98.02 -52.55
N LEU NF 116 -75.71 97.19 -51.89
CA LEU NF 116 -74.27 97.33 -52.00
C LEU NF 116 -73.83 97.32 -53.45
N LEU NF 117 -74.33 96.38 -54.24
CA LEU NF 117 -73.93 96.33 -55.63
C LEU NF 117 -74.26 97.61 -56.36
N ALA NF 118 -75.29 98.32 -55.93
CA ALA NF 118 -75.58 99.65 -56.47
C ALA NF 118 -74.87 100.75 -55.71
N SER NF 119 -74.25 100.43 -54.57
CA SER NF 119 -73.57 101.46 -53.80
C SER NF 119 -72.38 102.01 -54.56
N PRO NF 120 -72.10 103.31 -54.42
CA PRO NF 120 -70.91 103.88 -55.05
C PRO NF 120 -69.62 103.28 -54.54
N LEU NF 121 -69.65 102.61 -53.40
CA LEU NF 121 -68.43 101.97 -52.92
C LEU NF 121 -67.96 100.89 -53.86
N LEU NF 122 -68.78 99.88 -54.08
CA LEU NF 122 -68.34 98.71 -54.82
C LEU NF 122 -67.98 99.01 -56.26
N ILE NF 123 -68.65 99.99 -56.88
CA ILE NF 123 -68.42 100.22 -58.30
C ILE NF 123 -66.95 100.49 -58.58
N ASP NF 124 -66.31 101.37 -57.82
CA ASP NF 124 -64.87 101.53 -57.95
C ASP NF 124 -64.12 100.27 -57.60
N ALA NF 125 -64.53 99.60 -56.54
CA ALA NF 125 -63.97 98.30 -56.21
C ALA NF 125 -64.11 97.31 -57.34
N ILE NF 126 -65.29 97.18 -57.92
CA ILE NF 126 -65.52 96.28 -59.02
C ILE NF 126 -64.97 96.85 -60.32
N ASP NF 127 -65.55 97.94 -60.81
CA ASP NF 127 -65.22 98.42 -62.14
C ASP NF 127 -63.76 98.81 -62.25
N GLN NF 128 -63.30 99.69 -61.37
CA GLN NF 128 -61.95 100.22 -61.45
C GLN NF 128 -60.97 99.45 -60.59
N LEU NF 129 -61.39 98.37 -59.94
CA LEU NF 129 -60.51 97.54 -59.13
C LEU NF 129 -59.78 98.38 -58.10
N ASN NF 130 -60.55 98.94 -57.19
CA ASN NF 130 -59.90 99.82 -56.24
C ASN NF 130 -60.23 99.41 -54.82
N PRO NF 131 -59.28 99.47 -53.94
CA PRO NF 131 -59.57 99.25 -52.52
C PRO NF 131 -60.35 100.42 -51.94
N ALA NF 132 -60.46 100.45 -50.63
CA ALA NF 132 -61.46 101.22 -49.92
C ALA NF 132 -61.10 102.69 -49.77
N TYR NF 133 -59.99 103.12 -50.35
CA TYR NF 133 -59.55 104.49 -50.19
C TYR NF 133 -59.94 105.33 -51.39
N ALA OF 2 81.05 86.44 -58.39
CA ALA OF 2 80.99 86.47 -59.84
C ALA OF 2 80.67 85.09 -60.38
N LYS OF 3 80.80 84.93 -61.70
CA LYS OF 3 80.47 83.71 -62.38
C LYS OF 3 81.38 82.58 -61.94
N LEU OF 4 80.80 81.40 -61.80
CA LEU OF 4 81.58 80.18 -61.64
C LEU OF 4 82.52 80.06 -62.82
N GLU OF 5 83.79 79.84 -62.54
CA GLU OF 5 84.78 79.71 -63.60
C GLU OF 5 85.78 78.64 -63.22
N THR OF 6 86.69 78.37 -64.15
CA THR OF 6 87.85 77.55 -63.84
C THR OF 6 88.66 78.32 -62.82
N VAL OF 7 88.95 77.69 -61.69
CA VAL OF 7 89.72 78.36 -60.66
C VAL OF 7 91.07 77.68 -60.55
N THR OF 8 92.11 78.36 -61.00
CA THR OF 8 93.47 77.86 -60.89
C THR OF 8 94.01 78.27 -59.54
N LEU OF 9 94.79 77.38 -58.93
CA LEU OF 9 95.41 77.66 -57.65
C LEU OF 9 96.88 77.27 -57.71
N GLY OF 10 97.75 78.24 -57.41
CA GLY OF 10 99.17 77.99 -57.28
C GLY OF 10 99.55 77.93 -55.81
N ASN OF 11 100.79 77.53 -55.58
CA ASN OF 11 101.38 77.54 -54.25
C ASN OF 11 100.53 76.70 -53.28
N ILE OF 12 100.57 75.40 -53.50
CA ILE OF 12 99.73 74.47 -52.79
C ILE OF 12 100.62 73.42 -52.15
N GLY OF 13 100.16 72.86 -51.04
CA GLY OF 13 100.89 71.80 -50.36
C GLY OF 13 102.13 72.32 -49.67
N LYS OF 14 102.70 71.42 -48.86
CA LYS OF 14 103.91 71.77 -48.11
C LYS OF 14 104.99 72.32 -49.05
N ASP OF 15 105.06 71.76 -50.25
CA ASP OF 15 106.00 72.28 -51.24
C ASP OF 15 105.63 73.70 -51.64
N GLY OF 16 104.37 73.93 -51.99
CA GLY OF 16 104.01 75.20 -52.60
C GLY OF 16 104.25 75.21 -54.08
N LYS OF 17 104.76 74.12 -54.65
CA LYS OF 17 104.85 74.00 -56.09
C LYS OF 17 103.61 73.31 -56.65
N GLN OF 18 102.76 72.78 -55.79
CA GLN OF 18 101.54 72.13 -56.20
C GLN OF 18 100.58 73.16 -56.77
N THR OF 19 99.88 72.76 -57.82
CA THR OF 19 98.86 73.59 -58.44
C THR OF 19 97.58 72.79 -58.62
N LEU OF 20 96.47 73.49 -58.67
CA LEU OF 20 95.18 72.83 -58.79
C LEU OF 20 94.23 73.72 -59.58
N VAL OF 21 93.42 73.10 -60.43
CA VAL OF 21 92.37 73.78 -61.13
C VAL OF 21 91.04 73.18 -60.70
N LEU OF 22 90.00 74.00 -60.76
CA LEU OF 22 88.66 73.59 -60.31
C LEU OF 22 87.65 73.98 -61.39
N ASN OF 23 86.97 73.02 -61.90
CA ASN OF 23 85.96 73.42 -62.86
C ASN OF 23 84.63 73.67 -62.16
N PRO OF 24 83.85 74.60 -62.67
CA PRO OF 24 82.50 74.79 -62.14
C PRO OF 24 81.67 73.54 -62.34
N ARG OF 25 81.06 73.07 -61.26
CA ARG OF 25 80.25 71.87 -61.29
C ARG OF 25 78.76 72.18 -61.40
N GLY OF 26 78.39 73.44 -61.50
CA GLY OF 26 77.00 73.83 -61.41
C GLY OF 26 76.60 74.06 -59.97
N VAL OF 27 75.30 74.29 -59.77
CA VAL OF 27 74.77 74.63 -58.46
C VAL OF 27 73.57 73.75 -58.17
N ASN OF 28 73.59 73.09 -57.04
CA ASN OF 28 72.38 72.40 -56.62
C ASN OF 28 71.34 73.42 -56.18
N PRO OF 29 70.23 73.56 -56.88
CA PRO OF 29 69.24 74.58 -56.51
C PRO OF 29 68.51 74.25 -55.22
N THR OF 30 68.36 72.98 -54.89
CA THR OF 30 67.62 72.62 -53.70
C THR OF 30 68.20 73.29 -52.47
N ASN OF 31 69.38 72.85 -52.04
CA ASN OF 31 70.08 73.52 -50.96
C ASN OF 31 70.63 74.87 -51.39
N GLY OF 32 70.62 75.18 -52.68
CA GLY OF 32 71.19 76.42 -53.16
C GLY OF 32 72.68 76.49 -52.89
N VAL OF 33 73.43 75.50 -53.35
CA VAL OF 33 74.86 75.41 -53.07
C VAL OF 33 75.60 75.15 -54.36
N ALA OF 34 76.61 75.97 -54.62
CA ALA OF 34 77.49 75.78 -55.75
C ALA OF 34 78.47 74.63 -55.49
N SER OF 35 79.04 74.12 -56.58
CA SER OF 35 79.99 73.04 -56.48
C SER OF 35 81.13 73.28 -57.45
N LEU OF 36 82.34 72.94 -57.03
CA LEU OF 36 83.53 73.05 -57.86
C LEU OF 36 84.31 71.76 -57.74
N SER OF 37 85.03 71.41 -58.80
CA SER OF 37 85.80 70.19 -58.73
C SER OF 37 87.03 70.27 -59.61
N GLN OF 38 88.08 69.57 -59.17
CA GLN OF 38 89.15 69.18 -60.05
C GLN OF 38 88.59 68.29 -61.15
N ALA OF 39 89.20 68.36 -62.33
CA ALA OF 39 88.85 67.42 -63.40
C ALA OF 39 89.81 66.24 -63.30
N GLY OF 40 89.27 65.14 -62.81
CA GLY OF 40 90.00 63.88 -62.76
C GLY OF 40 89.41 62.87 -63.71
N ALA OF 41 89.64 61.60 -63.37
CA ALA OF 41 88.96 60.53 -64.09
C ALA OF 41 87.62 60.22 -63.45
N VAL OF 42 87.64 59.73 -62.22
CA VAL OF 42 86.41 59.31 -61.55
C VAL OF 42 85.93 60.43 -60.65
N PRO OF 43 84.73 60.95 -60.87
CA PRO OF 43 84.19 62.00 -60.00
C PRO OF 43 84.25 61.66 -58.53
N ALA OF 44 83.94 60.43 -58.16
CA ALA OF 44 84.10 59.98 -56.78
C ALA OF 44 85.50 60.24 -56.28
N LEU OF 45 86.51 60.07 -57.12
CA LEU OF 45 87.88 60.38 -56.73
C LEU OF 45 88.18 61.87 -56.80
N GLU OF 46 87.49 62.61 -57.64
CA GLU OF 46 87.84 63.99 -57.92
C GLU OF 46 87.59 64.86 -56.70
N LYS OF 47 88.49 65.83 -56.50
CA LYS OF 47 88.41 66.73 -55.36
C LYS OF 47 87.16 67.57 -55.53
N ARG OF 48 86.53 67.90 -54.41
CA ARG OF 48 85.31 68.70 -54.47
C ARG OF 48 85.44 69.95 -53.61
N VAL OF 49 84.82 71.03 -54.05
CA VAL OF 49 84.79 72.28 -53.31
C VAL OF 49 83.37 72.81 -53.37
N THR OF 50 82.82 73.15 -52.21
CA THR OF 50 81.44 73.58 -52.09
C THR OF 50 81.39 74.92 -51.38
N VAL OF 51 80.63 75.85 -51.95
CA VAL OF 51 80.40 77.14 -51.31
C VAL OF 51 78.91 77.41 -51.32
N SER OF 52 78.48 78.21 -50.35
CA SER OF 52 77.07 78.55 -50.26
C SER OF 52 76.93 79.88 -49.55
N VAL OF 53 75.86 80.58 -49.88
CA VAL OF 53 75.48 81.77 -49.15
C VAL OF 53 74.18 81.45 -48.44
N SER OF 54 73.62 82.42 -47.74
CA SER OF 54 72.36 82.25 -47.05
C SER OF 54 71.73 83.61 -46.85
N GLN OF 55 70.46 83.61 -46.52
CA GLN OF 55 69.80 84.87 -46.23
C GLN OF 55 68.92 84.70 -45.01
N PRO OF 56 68.81 85.73 -44.18
CA PRO OF 56 68.11 85.59 -42.91
C PRO OF 56 66.63 85.31 -43.14
N SER OF 57 66.08 84.44 -42.29
CA SER OF 57 64.69 84.06 -42.39
C SER OF 57 64.04 84.27 -41.02
N ARG OF 58 62.79 83.88 -40.90
CA ARG OF 58 62.14 83.84 -39.60
C ARG OF 58 62.86 82.90 -38.64
N ASN OF 59 63.60 81.92 -39.14
CA ASN OF 59 64.37 81.02 -38.31
C ASN OF 59 65.67 81.62 -37.81
N ARG OF 60 66.35 82.42 -38.64
CA ARG OF 60 67.62 83.01 -38.25
C ARG OF 60 67.74 84.38 -38.91
N LYS OF 61 68.27 85.33 -38.16
CA LYS OF 61 68.42 86.70 -38.61
C LYS OF 61 69.82 86.95 -39.14
N ASN OF 62 70.62 85.90 -39.20
CA ASN OF 62 72.03 86.06 -39.51
C ASN OF 62 72.35 85.43 -40.84
N TYR OF 63 73.36 85.97 -41.52
CA TYR OF 63 73.85 85.36 -42.75
C TYR OF 63 74.80 84.22 -42.43
N LYS OF 64 74.69 83.14 -43.19
CA LYS OF 64 75.61 82.01 -43.09
C LYS OF 64 76.32 81.87 -44.42
N VAL OF 65 77.64 81.70 -44.36
CA VAL OF 65 78.43 81.37 -45.52
C VAL OF 65 79.18 80.10 -45.19
N GLN OF 66 78.85 79.02 -45.89
CA GLN OF 66 79.40 77.71 -45.61
C GLN OF 66 80.29 77.28 -46.76
N VAL OF 67 81.47 76.78 -46.42
CA VAL OF 67 82.42 76.28 -47.40
C VAL OF 67 82.95 74.95 -46.90
N LYS OF 68 82.77 73.91 -47.70
CA LYS OF 68 83.24 72.57 -47.37
C LYS OF 68 84.15 72.06 -48.47
N ILE OF 69 85.17 71.30 -48.08
CA ILE OF 69 86.13 70.74 -49.01
C ILE OF 69 86.21 69.25 -48.76
N GLN OF 70 86.18 68.47 -49.83
CA GLN OF 70 86.19 67.02 -49.73
C GLN OF 70 87.30 66.49 -50.64
N ASN OF 71 88.30 65.86 -50.02
CA ASN OF 71 89.47 65.37 -50.74
C ASN OF 71 89.69 63.91 -50.36
N PRO OF 72 89.17 62.98 -51.15
CA PRO OF 72 89.32 61.57 -50.83
C PRO OF 72 90.76 61.12 -51.03
N THR OF 73 91.00 59.87 -50.68
CA THR OF 73 92.29 59.23 -50.87
C THR OF 73 92.11 58.02 -51.75
N ALA OF 74 92.66 58.08 -52.95
CA ALA OF 74 92.54 57.00 -53.91
C ALA OF 74 93.45 55.84 -53.50
N CYS OF 75 92.91 54.63 -53.54
CA CYS OF 75 93.73 53.42 -53.46
C CYS OF 75 93.86 52.92 -54.89
N THR OF 76 95.04 53.09 -55.47
CA THR OF 76 95.23 52.74 -56.88
C THR OF 76 95.11 51.24 -57.08
N ALA OF 77 95.92 50.46 -56.39
CA ALA OF 77 95.84 49.01 -56.46
C ALA OF 77 95.14 48.52 -55.21
N ASN OF 78 93.89 48.08 -55.39
CA ASN OF 78 93.15 47.42 -54.33
C ASN OF 78 93.24 45.90 -54.46
N GLY OF 79 94.04 45.41 -55.40
CA GLY OF 79 93.90 44.03 -55.84
C GLY OF 79 92.79 43.86 -56.84
N SER OF 80 92.15 44.96 -57.24
CA SER OF 80 91.04 44.94 -58.18
C SER OF 80 91.36 45.91 -59.30
N CYS OF 81 90.61 45.81 -60.40
CA CYS OF 81 90.87 46.60 -61.59
C CYS OF 81 90.55 48.07 -61.42
N ASP OF 82 89.81 48.45 -60.39
CA ASP OF 82 89.41 49.84 -60.26
C ASP OF 82 89.87 50.40 -58.92
N PRO OF 83 90.28 51.66 -58.90
CA PRO OF 83 90.66 52.29 -57.64
C PRO OF 83 89.45 52.47 -56.75
N SER OF 84 89.70 52.68 -55.47
CA SER OF 84 88.63 52.79 -54.49
C SER OF 84 88.95 53.88 -53.47
N VAL OF 85 87.90 54.51 -52.97
CA VAL OF 85 88.02 55.53 -51.94
C VAL OF 85 88.52 54.85 -50.68
N THR OF 86 89.53 55.44 -50.06
CA THR OF 86 90.03 54.90 -48.81
C THR OF 86 89.71 55.82 -47.63
N ARG OF 87 90.38 56.95 -47.57
CA ARG OF 87 90.15 57.95 -46.53
C ARG OF 87 89.52 59.17 -47.18
N GLN OF 88 88.65 59.84 -46.43
CA GLN OF 88 87.97 61.01 -46.96
C GLN OF 88 88.30 62.19 -46.06
N ALA OF 89 89.06 63.15 -46.59
CA ALA OF 89 89.46 64.33 -45.85
C ALA OF 89 88.31 65.32 -45.87
N TYR OF 90 87.89 65.78 -44.69
CA TYR OF 90 86.83 66.77 -44.60
C TYR OF 90 87.36 68.09 -44.09
N ALA OF 91 87.21 69.11 -44.92
CA ALA OF 91 87.59 70.47 -44.53
C ALA OF 91 86.34 71.32 -44.60
N ASP OF 92 85.93 71.87 -43.47
CA ASP OF 92 84.69 72.63 -43.36
C ASP OF 92 84.97 74.00 -42.77
N VAL OF 93 84.37 75.02 -43.38
CA VAL OF 93 84.51 76.41 -42.95
C VAL OF 93 83.14 77.05 -43.02
N THR OF 94 82.79 77.80 -41.99
CA THR OF 94 81.53 78.51 -41.94
C THR OF 94 81.75 79.97 -41.58
N PHE OF 95 80.73 80.77 -41.79
CA PHE OF 95 80.78 82.17 -41.44
C PHE OF 95 79.41 82.62 -40.96
N SER OF 96 79.41 83.50 -39.96
CA SER OF 96 78.19 84.10 -39.47
C SER OF 96 78.34 85.60 -39.51
N PHE OF 97 77.26 86.29 -39.83
CA PHE OF 97 77.27 87.73 -39.87
C PHE OF 97 75.90 88.26 -39.51
N THR OF 98 75.87 89.52 -39.11
CA THR OF 98 74.65 90.18 -38.73
C THR OF 98 74.21 91.10 -39.85
N GLN OF 99 72.90 91.26 -39.99
CA GLN OF 99 72.36 92.10 -41.05
C GLN OF 99 73.03 93.45 -41.11
N TYR OF 100 73.53 93.95 -39.99
CA TYR OF 100 74.23 95.23 -40.01
C TYR OF 100 75.74 95.07 -40.21
N SER OF 101 76.21 93.85 -40.45
CA SER OF 101 77.64 93.64 -40.66
C SER OF 101 78.14 94.53 -41.79
N THR OF 102 79.29 95.15 -41.59
CA THR OF 102 79.79 96.02 -42.64
C THR OF 102 80.73 95.27 -43.56
N ASP OF 103 81.22 95.96 -44.57
CA ASP OF 103 82.09 95.33 -45.55
C ASP OF 103 83.46 95.02 -44.96
N GLU OF 104 84.15 96.03 -44.45
CA GLU OF 104 85.53 95.82 -44.04
C GLU OF 104 85.64 94.81 -42.93
N GLU OF 105 84.70 94.82 -42.00
CA GLU OF 105 84.65 93.77 -40.98
C GLU OF 105 84.74 92.40 -41.62
N ARG OF 106 83.86 92.13 -42.58
CA ARG OF 106 83.92 90.87 -43.30
C ARG OF 106 85.27 90.71 -43.97
N ALA OF 107 85.65 91.69 -44.80
CA ALA OF 107 86.97 91.65 -45.42
C ALA OF 107 88.06 91.40 -44.39
N PHE OF 108 88.00 92.08 -43.25
CA PHE OF 108 88.96 91.84 -42.19
C PHE OF 108 88.97 90.37 -41.80
N VAL OF 109 87.80 89.75 -41.71
CA VAL OF 109 87.76 88.33 -41.36
C VAL OF 109 88.44 87.49 -42.42
N ARG OF 110 88.18 87.80 -43.68
CA ARG OF 110 88.66 86.93 -44.75
C ARG OF 110 90.17 86.80 -44.71
N THR OF 111 90.89 87.92 -44.76
CA THR OF 111 92.34 87.85 -44.78
C THR OF 111 92.90 87.14 -43.57
N GLU OF 112 92.56 87.62 -42.37
CA GLU OF 112 93.16 87.08 -41.16
C GLU OF 112 93.06 85.56 -41.08
N LEU OF 113 91.93 84.99 -41.47
CA LEU OF 113 91.83 83.55 -41.49
C LEU OF 113 92.91 82.95 -42.37
N ALA OF 114 93.09 83.50 -43.57
CA ALA OF 114 94.16 83.03 -44.43
C ALA OF 114 95.51 83.15 -43.75
N ALA OF 115 95.82 84.34 -43.22
CA ALA OF 115 97.10 84.51 -42.55
C ALA OF 115 97.35 83.44 -41.50
N LEU OF 116 96.34 83.15 -40.68
CA LEU OF 116 96.48 82.05 -39.75
C LEU OF 116 96.86 80.77 -40.45
N LEU OF 117 96.20 80.45 -41.55
CA LEU OF 117 96.52 79.23 -42.26
C LEU OF 117 97.98 79.21 -42.72
N ALA OF 118 98.56 80.37 -42.96
CA ALA OF 118 99.98 80.45 -43.24
C ALA OF 118 100.81 80.64 -41.98
N SER OF 119 100.18 80.88 -40.85
CA SER OF 119 100.93 81.08 -39.62
C SER OF 119 101.65 79.80 -39.22
N PRO OF 120 102.85 79.92 -38.65
CA PRO OF 120 103.55 78.73 -38.14
C PRO OF 120 102.79 78.02 -37.05
N LEU OF 121 101.84 78.68 -36.41
CA LEU OF 121 101.07 78.00 -35.38
C LEU OF 121 100.28 76.84 -35.95
N LEU OF 122 99.38 77.12 -36.90
CA LEU OF 122 98.46 76.10 -37.35
C LEU OF 122 99.14 74.94 -38.04
N ILE OF 123 100.27 75.18 -38.71
CA ILE OF 123 100.88 74.12 -39.50
C ILE OF 123 101.18 72.91 -38.63
N ASP OF 124 101.80 73.09 -37.47
CA ASP OF 124 101.97 71.99 -36.55
C ASP OF 124 100.64 71.46 -36.06
N ALA OF 125 99.71 72.34 -35.74
CA ALA OF 125 98.36 71.93 -35.42
C ALA OF 125 97.72 71.11 -36.52
N ILE OF 126 97.79 71.56 -37.76
CA ILE OF 126 97.24 70.85 -38.89
C ILE OF 126 98.13 69.68 -39.28
N ASP OF 127 99.32 69.97 -39.79
CA ASP OF 127 100.14 68.93 -40.38
C ASP OF 127 100.53 67.87 -39.37
N GLN OF 128 101.12 68.26 -38.26
CA GLN OF 128 101.61 67.32 -37.28
C GLN OF 128 100.62 67.04 -36.17
N LEU OF 129 99.40 67.58 -36.24
CA LEU OF 129 98.35 67.33 -35.26
C LEU OF 129 98.87 67.63 -33.86
N ASN OF 130 99.17 68.89 -33.62
CA ASN OF 130 99.73 69.20 -32.32
C ASN OF 130 98.95 70.31 -31.67
N PRO OF 131 98.73 70.21 -30.38
CA PRO OF 131 98.15 71.32 -29.64
C PRO OF 131 99.11 72.48 -29.52
N ALA OF 132 98.79 73.42 -28.66
CA ALA OF 132 99.35 74.77 -28.69
C ALA OF 132 100.72 74.86 -28.02
N TYR OF 133 101.26 73.73 -27.58
CA TYR OF 133 102.53 73.77 -26.86
C TYR OF 133 103.68 73.41 -27.78
N ALA PF 2 72.34 -25.41 18.05
CA ALA PF 2 72.25 -25.00 19.44
C ALA PF 2 70.81 -24.95 19.90
N LYS PF 3 70.61 -24.39 21.09
CA LYS PF 3 69.29 -24.33 21.71
C LYS PF 3 68.36 -23.46 20.88
N LEU PF 4 67.11 -23.90 20.79
CA LEU PF 4 66.04 -23.05 20.27
C LEU PF 4 66.01 -21.78 21.10
N GLU PF 5 66.01 -20.63 20.43
CA GLU PF 5 65.98 -19.36 21.12
C GLU PF 5 65.10 -18.40 20.34
N THR PF 6 64.94 -17.21 20.91
CA THR PF 6 64.32 -16.11 20.18
C THR PF 6 65.28 -15.78 19.06
N VAL PF 7 64.78 -15.78 17.83
CA VAL PF 7 65.63 -15.46 16.70
C VAL PF 7 65.18 -14.14 16.12
N THR PF 8 65.99 -13.11 16.30
CA THR PF 8 65.73 -11.80 15.72
C THR PF 8 66.30 -11.76 14.32
N LEU PF 9 65.60 -11.11 13.42
CA LEU PF 9 66.05 -10.97 12.05
C LEU PF 9 65.90 -9.52 11.62
N GLY PF 10 67.02 -8.92 11.18
CA GLY PF 10 66.99 -7.60 10.61
C GLY PF 10 67.10 -7.70 9.10
N ASN PF 11 66.93 -6.54 8.45
CA ASN PF 11 67.11 -6.42 7.01
C ASN PF 11 66.21 -7.41 6.26
N ILE PF 12 64.92 -7.13 6.31
CA ILE PF 12 63.91 -8.02 5.78
C ILE PF 12 63.06 -7.24 4.81
N GLY PF 13 62.50 -7.94 3.82
CA GLY PF 13 61.62 -7.34 2.85
C GLY PF 13 62.38 -6.46 1.87
N LYS PF 14 61.65 -6.06 0.83
CA LYS PF 14 62.23 -5.21 -0.19
C LYS PF 14 62.87 -3.97 0.42
N ASP PF 15 62.27 -3.43 1.48
CA ASP PF 15 62.87 -2.32 2.20
C ASP PF 15 64.18 -2.73 2.85
N GLY PF 16 64.19 -3.84 3.58
CA GLY PF 16 65.33 -4.15 4.40
C GLY PF 16 65.30 -3.45 5.74
N LYS PF 17 64.26 -2.66 5.99
CA LYS PF 17 64.06 -2.10 7.33
C LYS PF 17 63.15 -2.99 8.15
N GLN PF 18 62.55 -3.99 7.52
CA GLN PF 18 61.69 -4.93 8.22
C GLN PF 18 62.50 -5.79 9.16
N THR PF 19 61.93 -6.06 10.32
CA THR PF 19 62.55 -6.93 11.31
C THR PF 19 61.54 -7.96 11.78
N LEU PF 20 62.05 -9.11 12.23
CA LEU PF 20 61.18 -10.18 12.66
C LEU PF 20 61.85 -10.95 13.79
N VAL PF 21 61.05 -11.35 14.77
CA VAL PF 21 61.52 -12.22 15.84
C VAL PF 21 60.74 -13.52 15.76
N LEU PF 22 61.37 -14.59 16.22
CA LEU PF 22 60.78 -15.93 16.16
C LEU PF 22 60.93 -16.59 17.52
N ASN PF 23 59.84 -16.94 18.10
CA ASN PF 23 60.02 -17.64 19.35
C ASN PF 23 60.10 -19.14 19.13
N PRO PF 24 60.86 -19.84 19.95
CA PRO PF 24 60.85 -21.30 19.88
C PRO PF 24 59.47 -21.85 20.18
N ARG PF 25 58.98 -22.70 19.28
CA ARG PF 25 57.67 -23.30 19.43
C ARG PF 25 57.73 -24.70 20.01
N GLY PF 26 58.90 -25.19 20.36
CA GLY PF 26 59.06 -26.57 20.74
C GLY PF 26 59.32 -27.44 19.52
N VAL PF 27 59.35 -28.74 19.75
CA VAL PF 27 59.69 -29.70 18.71
C VAL PF 27 58.65 -30.81 18.71
N ASN PF 28 58.07 -31.06 17.55
CA ASN PF 28 57.22 -32.23 17.44
C ASN PF 28 58.09 -33.49 17.45
N PRO PF 29 58.00 -34.32 18.47
CA PRO PF 29 58.86 -35.51 18.52
C PRO PF 29 58.51 -36.55 17.49
N THR PF 30 57.25 -36.63 17.07
CA THR PF 30 56.86 -37.66 16.12
C THR PF 30 57.68 -37.59 14.86
N ASN PF 31 57.47 -36.56 14.06
CA ASN PF 31 58.31 -36.33 12.90
C ASN PF 31 59.71 -35.86 13.29
N GLY PF 32 59.93 -35.50 14.55
CA GLY PF 32 61.21 -34.98 14.95
C GLY PF 32 61.54 -33.68 14.27
N VAL PF 33 60.66 -32.69 14.37
CA VAL PF 33 60.81 -31.43 13.65
C VAL PF 33 60.60 -30.29 14.63
N ALA PF 34 61.55 -29.37 14.67
CA ALA PF 34 61.43 -28.16 15.45
C ALA PF 34 60.47 -27.17 14.78
N SER PF 35 59.99 -26.22 15.58
CA SER PF 35 59.09 -25.20 15.07
C SER PF 35 59.44 -23.87 15.69
N LEU PF 36 59.34 -22.82 14.88
CA LEU PF 36 59.58 -21.46 15.32
C LEU PF 36 58.45 -20.59 14.83
N SER PF 37 58.15 -19.53 15.57
CA SER PF 37 57.06 -18.66 15.14
C SER PF 37 57.29 -17.24 15.61
N GLN PF 38 56.81 -16.30 14.80
CA GLN PF 38 56.53 -14.97 15.28
C GLN PF 38 55.49 -15.03 16.39
N ALA PF 39 55.59 -14.09 17.32
CA ALA PF 39 54.54 -13.97 18.33
C ALA PF 39 53.54 -12.93 17.83
N GLY PF 40 52.39 -13.44 17.41
CA GLY PF 40 51.28 -12.62 16.99
C GLY PF 40 50.13 -12.72 17.95
N ALA PF 41 48.94 -12.45 17.43
CA ALA PF 41 47.73 -12.71 18.20
C ALA PF 41 47.25 -14.14 17.96
N VAL PF 42 46.84 -14.44 16.74
CA VAL PF 42 46.27 -15.74 16.43
C VAL PF 42 47.36 -16.63 15.84
N PRO PF 43 47.67 -17.77 16.48
CA PRO PF 43 48.67 -18.68 15.92
C PRO PF 43 48.43 -19.05 14.49
N ALA PF 44 47.19 -19.30 14.08
CA ALA PF 44 46.86 -19.51 12.68
C ALA PF 44 47.38 -18.38 11.80
N LEU PF 45 47.33 -17.15 12.28
CA LEU PF 45 47.87 -16.03 11.54
C LEU PF 45 49.38 -15.93 11.67
N GLU PF 46 49.95 -16.41 12.76
CA GLU PF 46 51.35 -16.17 13.07
C GLU PF 46 52.24 -16.91 12.08
N LYS PF 47 53.36 -16.25 11.74
CA LYS PF 47 54.31 -16.80 10.78
C LYS PF 47 54.92 -18.05 11.41
N ARG PF 48 55.22 -19.04 10.58
CA ARG PF 48 55.80 -20.27 11.08
C ARG PF 48 57.10 -20.58 10.37
N VAL PF 49 58.04 -21.17 11.10
CA VAL PF 49 59.32 -21.60 10.55
C VAL PF 49 59.60 -22.99 11.08
N THR PF 50 59.92 -23.92 10.20
CA THR PF 50 60.14 -25.30 10.55
C THR PF 50 61.48 -25.76 10.04
N VAL PF 51 62.26 -26.41 10.91
CA VAL PF 51 63.52 -27.00 10.52
C VAL PF 51 63.55 -28.43 11.01
N SER PF 52 64.32 -29.26 10.31
CA SER PF 52 64.43 -30.65 10.68
C SER PF 52 65.77 -31.19 10.19
N VAL PF 53 66.26 -32.18 10.91
CA VAL PF 53 67.43 -32.93 10.46
C VAL PF 53 66.94 -34.33 10.15
N SER PF 54 67.86 -35.20 9.77
CA SER PF 54 67.53 -36.58 9.48
C SER PF 54 68.78 -37.41 9.63
N GLN PF 55 68.59 -38.72 9.70
CA GLN PF 55 69.75 -39.60 9.76
C GLN PF 55 69.52 -40.79 8.83
N PRO PF 56 70.57 -41.27 8.20
CA PRO PF 56 70.40 -42.33 7.21
C PRO PF 56 69.87 -43.60 7.83
N SER PF 57 68.98 -44.27 7.10
CA SER PF 57 68.36 -45.50 7.57
C SER PF 57 68.57 -46.56 6.50
N ARG PF 58 67.97 -47.73 6.72
CA ARG PF 58 67.92 -48.73 5.67
C ARG PF 58 67.17 -48.25 4.44
N ASN PF 59 66.29 -47.26 4.59
CA ASN PF 59 65.59 -46.68 3.46
C ASN PF 59 66.43 -45.69 2.68
N ARG PF 60 67.26 -44.90 3.34
CA ARG PF 60 68.07 -43.92 2.65
C ARG PF 60 69.40 -43.77 3.39
N LYS PF 61 70.47 -43.64 2.62
CA LYS PF 61 71.82 -43.54 3.16
C LYS PF 61 72.25 -42.08 3.28
N ASN PF 62 71.35 -41.17 2.97
CA ASN PF 62 71.71 -39.77 2.86
C ASN PF 62 71.05 -38.97 3.95
N TYR PF 63 71.70 -37.88 4.35
CA TYR PF 63 71.10 -36.96 5.29
C TYR PF 63 70.15 -36.01 4.58
N LYS PF 64 69.02 -35.73 5.21
CA LYS PF 64 68.07 -34.75 4.72
C LYS PF 64 67.96 -33.63 5.74
N VAL PF 65 68.02 -32.40 5.27
CA VAL PF 65 67.74 -31.23 6.09
C VAL PF 65 66.62 -30.47 5.41
N GLN PF 66 65.47 -30.41 6.06
CA GLN PF 66 64.28 -29.81 5.49
C GLN PF 66 63.93 -28.56 6.25
N VAL PF 67 63.65 -27.48 5.53
CA VAL PF 67 63.25 -26.22 6.10
C VAL PF 67 62.05 -25.71 5.33
N LYS PF 68 60.95 -25.47 6.03
CA LYS PF 68 59.74 -24.97 5.42
C LYS PF 68 59.31 -23.70 6.13
N ILE PF 69 58.75 -22.76 5.37
CA ILE PF 69 58.29 -21.48 5.90
C ILE PF 69 56.85 -21.29 5.47
N GLN PF 70 56.01 -20.88 6.40
CA GLN PF 70 54.59 -20.71 6.16
C GLN PF 70 54.19 -19.31 6.62
N ASN PF 71 53.77 -18.48 5.67
CA ASN PF 71 53.42 -17.08 5.93
C ASN PF 71 52.04 -16.81 5.35
N PRO PF 72 51.00 -16.93 6.15
CA PRO PF 72 49.65 -16.70 5.64
C PRO PF 72 49.43 -15.22 5.35
N THR PF 73 48.26 -14.93 4.80
CA THR PF 73 47.82 -13.58 4.53
C THR PF 73 46.54 -13.31 5.28
N ALA PF 74 46.62 -12.42 6.26
CA ALA PF 74 45.47 -12.08 7.08
C ALA PF 74 44.51 -11.21 6.30
N CYS PF 75 43.23 -11.54 6.37
CA CYS PF 75 42.18 -10.63 5.91
C CYS PF 75 41.61 -10.00 7.17
N THR PF 76 41.93 -8.72 7.39
CA THR PF 76 41.52 -8.05 8.61
C THR PF 76 40.01 -7.90 8.68
N ALA PF 77 39.43 -7.26 7.68
CA ALA PF 77 37.98 -7.12 7.62
C ALA PF 77 37.47 -8.11 6.60
N ASN PF 78 36.82 -9.16 7.09
CA ASN PF 78 36.11 -10.10 6.24
C ASN PF 78 34.63 -9.77 6.16
N GLY PF 79 34.20 -8.66 6.77
CA GLY PF 79 32.81 -8.47 7.07
C GLY PF 79 32.39 -9.18 8.33
N SER PF 80 33.35 -9.79 9.03
CA SER PF 80 33.08 -10.54 10.25
C SER PF 80 34.02 -10.02 11.32
N CYS PF 81 33.74 -10.37 12.57
CA CYS PF 81 34.48 -9.85 13.70
C CYS PF 81 35.89 -10.40 13.81
N ASP PF 82 36.21 -11.47 13.10
CA ASP PF 82 37.51 -12.08 13.25
C ASP PF 82 38.23 -12.14 11.91
N PRO PF 83 39.54 -11.93 11.91
CA PRO PF 83 40.30 -12.05 10.67
C PRO PF 83 40.33 -13.49 10.21
N SER PF 84 40.67 -13.69 8.94
CA SER PF 84 40.67 -15.01 8.35
C SER PF 84 41.84 -15.18 7.41
N VAL PF 85 42.33 -16.43 7.33
CA VAL PF 85 43.42 -16.76 6.42
C VAL PF 85 42.92 -16.60 5.00
N THR PF 86 43.71 -15.92 4.17
CA THR PF 86 43.34 -15.77 2.78
C THR PF 86 44.26 -16.56 1.87
N ARG PF 87 45.49 -16.10 1.72
CA ARG PF 87 46.50 -16.79 0.94
C ARG PF 87 47.57 -17.34 1.86
N GLN PF 88 48.12 -18.48 1.49
CA GLN PF 88 49.13 -19.11 2.32
C GLN PF 88 50.41 -19.24 1.50
N ALA PF 89 51.43 -18.48 1.88
CA ALA PF 89 52.71 -18.51 1.19
C ALA PF 89 53.50 -19.71 1.67
N TYR PF 90 53.96 -20.53 0.74
CA TYR PF 90 54.77 -21.69 1.07
C TYR PF 90 56.19 -21.52 0.57
N ALA PF 91 57.12 -21.55 1.52
CA ALA PF 91 58.54 -21.49 1.19
C ALA PF 91 59.18 -22.76 1.73
N ASP PF 92 59.72 -23.58 0.83
CA ASP PF 92 60.27 -24.88 1.19
C ASP PF 92 61.71 -24.98 0.70
N VAL PF 93 62.58 -25.48 1.57
CA VAL PF 93 64.00 -25.67 1.28
C VAL PF 93 64.40 -27.03 1.84
N THR PF 94 65.15 -27.78 1.04
CA THR PF 94 65.65 -29.08 1.45
C THR PF 94 67.14 -29.16 1.20
N PHE PF 95 67.75 -30.18 1.80
CA PHE PF 95 69.17 -30.43 1.61
C PHE PF 95 69.42 -31.93 1.62
N SER PF 96 70.34 -32.34 0.77
CA SER PF 96 70.77 -33.73 0.74
C SER PF 96 72.27 -33.78 0.90
N PHE PF 97 72.75 -34.79 1.60
CA PHE PF 97 74.18 -34.95 1.80
C PHE PF 97 74.50 -36.43 1.93
N THR PF 98 75.76 -36.75 1.70
CA THR PF 98 76.24 -38.11 1.79
C THR PF 98 77.00 -38.28 3.09
N GLN PF 99 76.95 -39.49 3.62
CA GLN PF 99 77.61 -39.79 4.88
C GLN PF 99 79.04 -39.32 4.89
N TYR PF 100 79.70 -39.26 3.73
CA TYR PF 100 81.06 -38.77 3.67
C TYR PF 100 81.14 -37.27 3.41
N SER PF 101 80.00 -36.59 3.34
CA SER PF 101 80.01 -35.15 3.08
C SER PF 101 80.87 -34.45 4.11
N THR PF 102 81.70 -33.51 3.64
CA THR PF 102 82.58 -32.82 4.58
C THR PF 102 81.91 -31.55 5.08
N ASP PF 103 82.62 -30.86 5.97
CA ASP PF 103 82.07 -29.66 6.57
C ASP PF 103 82.02 -28.51 5.56
N GLU PF 104 83.16 -28.17 4.98
CA GLU PF 104 83.21 -26.97 4.15
C GLU PF 104 82.29 -27.08 2.96
N GLU PF 105 82.22 -28.26 2.36
CA GLU PF 105 81.24 -28.49 1.30
C GLU PF 105 79.87 -28.01 1.72
N ARG PF 106 79.40 -28.50 2.87
CA ARG PF 106 78.12 -28.05 3.39
C ARG PF 106 78.13 -26.55 3.60
N ALA PF 107 79.11 -26.06 4.37
CA ALA PF 107 79.25 -24.62 4.56
C ALA PF 107 79.24 -23.89 3.23
N PHE PF 108 79.98 -24.40 2.25
CA PHE PF 108 79.95 -23.80 0.93
C PHE PF 108 78.54 -23.71 0.38
N VAL PF 109 77.74 -24.75 0.58
CA VAL PF 109 76.37 -24.71 0.11
C VAL PF 109 75.58 -23.63 0.82
N ARG PF 110 75.75 -23.52 2.13
CA ARG PF 110 74.92 -22.61 2.90
C ARG PF 110 75.03 -21.19 2.38
N THR PF 111 76.25 -20.64 2.34
CA THR PF 111 76.41 -19.26 1.92
C THR PF 111 75.88 -19.03 0.52
N GLU PF 112 76.37 -19.79 -0.46
CA GLU PF 112 76.01 -19.52 -1.85
C GLU PF 112 74.51 -19.45 -2.06
N LEU PF 113 73.74 -20.31 -1.41
CA LEU PF 113 72.30 -20.21 -1.52
C LEU PF 113 71.82 -18.84 -1.08
N ALA PF 114 72.33 -18.37 0.06
CA ALA PF 114 71.97 -17.03 0.50
C ALA PF 114 72.36 -15.99 -0.53
N ALA PF 115 73.60 -16.01 -1.00
CA ALA PF 115 74.04 -15.05 -2.00
C ALA PF 115 73.09 -15.00 -3.18
N LEU PF 116 72.69 -16.17 -3.69
CA LEU PF 116 71.69 -16.19 -4.74
C LEU PF 116 70.44 -15.43 -4.34
N LEU PF 117 69.95 -15.67 -3.13
CA LEU PF 117 68.76 -14.98 -2.69
C LEU PF 117 68.94 -13.48 -2.69
N ALA PF 118 70.16 -13.00 -2.51
CA ALA PF 118 70.45 -11.59 -2.67
C ALA PF 118 70.85 -11.22 -4.08
N SER PF 119 71.05 -12.21 -4.95
CA SER PF 119 71.45 -11.92 -6.31
C SER PF 119 70.33 -11.19 -7.05
N PRO PF 120 70.68 -10.26 -7.95
CA PRO PF 120 69.65 -9.61 -8.76
C PRO PF 120 68.91 -10.56 -9.65
N LEU PF 121 69.44 -11.76 -9.89
CA LEU PF 121 68.72 -12.71 -10.71
C LEU PF 121 67.41 -13.12 -10.06
N LEU PF 122 67.48 -13.70 -8.87
CA LEU PF 122 66.30 -14.29 -8.27
C LEU PF 122 65.22 -13.27 -7.94
N ILE PF 123 65.60 -12.04 -7.63
CA ILE PF 123 64.60 -11.07 -7.18
C ILE PF 123 63.51 -10.90 -8.23
N ASP PF 124 63.87 -10.71 -9.49
CA ASP PF 124 62.87 -10.70 -10.54
C ASP PF 124 62.15 -12.03 -10.66
N ALA PF 125 62.90 -13.12 -10.59
CA ALA PF 125 62.30 -14.44 -10.52
C ALA PF 125 61.31 -14.58 -9.39
N ILE PF 126 61.70 -14.18 -8.18
CA ILE PF 126 60.82 -14.25 -7.02
C ILE PF 126 59.80 -13.13 -7.04
N ASP PF 127 60.25 -11.90 -6.90
CA ASP PF 127 59.32 -10.80 -6.70
C ASP PF 127 58.39 -10.61 -7.89
N GLN PF 128 58.95 -10.46 -9.07
CA GLN PF 128 58.17 -10.18 -10.25
C GLN PF 128 57.79 -11.43 -11.03
N LEU PF 129 58.13 -12.62 -10.55
CA LEU PF 129 57.78 -13.87 -11.19
C LEU PF 129 58.25 -13.88 -12.64
N ASN PF 130 59.55 -13.84 -12.81
CA ASN PF 130 60.03 -13.76 -14.17
C ASN PF 130 61.04 -14.86 -14.44
N PRO PF 131 60.99 -15.44 -15.60
CA PRO PF 131 62.03 -16.38 -16.00
C PRO PF 131 63.34 -15.66 -16.28
N ALA PF 132 64.27 -16.36 -16.89
CA ALA PF 132 65.68 -16.00 -16.89
C ALA PF 132 66.03 -14.94 -17.93
N TYR PF 133 65.05 -14.42 -18.64
CA TYR PF 133 65.32 -13.46 -19.69
C TYR PF 133 65.09 -12.04 -19.20
N ALA QF 2 -86.79 69.33 -74.05
CA ALA QF 2 -88.04 69.73 -73.40
C ALA QF 2 -88.45 68.67 -72.38
N LYS QF 3 -89.67 68.82 -71.88
CA LYS QF 3 -90.19 67.95 -70.83
C LYS QF 3 -90.33 66.53 -71.37
N LEU QF 4 -90.01 65.57 -70.50
CA LEU QF 4 -90.34 64.18 -70.75
C LEU QF 4 -91.84 64.08 -70.97
N GLU QF 5 -92.23 63.43 -72.04
CA GLU QF 5 -93.64 63.28 -72.36
C GLU QF 5 -93.89 61.90 -72.94
N THR QF 6 -95.15 61.61 -73.19
CA THR QF 6 -95.50 60.42 -73.96
C THR QF 6 -94.97 60.66 -75.36
N VAL QF 7 -94.17 59.71 -75.84
CA VAL QF 7 -93.60 59.86 -77.17
C VAL QF 7 -94.21 58.80 -78.07
N THR QF 8 -95.06 59.23 -78.99
CA THR QF 8 -95.66 58.34 -79.97
C THR QF 8 -94.72 58.23 -81.15
N LEU QF 9 -94.63 57.03 -81.71
CA LEU QF 9 -93.81 56.79 -82.88
C LEU QF 9 -94.60 56.02 -83.91
N GLY QF 10 -94.69 56.59 -85.12
CA GLY QF 10 -95.29 55.90 -86.24
C GLY QF 10 -94.20 55.38 -87.17
N ASN QF 11 -94.64 54.58 -88.14
CA ASN QF 11 -93.76 54.10 -89.19
C ASN QF 11 -92.57 53.34 -88.59
N ILE QF 12 -92.88 52.17 -88.05
CA ILE QF 12 -91.91 51.39 -87.31
C ILE QF 12 -91.87 49.99 -87.91
N GLY QF 13 -90.72 49.34 -87.81
CA GLY QF 13 -90.57 47.99 -88.30
C GLY QF 13 -90.52 47.93 -89.81
N LYS QF 14 -90.17 46.75 -90.30
CA LYS QF 14 -90.09 46.53 -91.73
C LYS QF 14 -91.38 46.93 -92.43
N ASP QF 15 -92.51 46.70 -91.77
CA ASP QF 15 -93.79 47.14 -92.31
C ASP QF 15 -93.85 48.66 -92.36
N GLY QF 16 -93.52 49.33 -91.27
CA GLY QF 16 -93.80 50.75 -91.18
C GLY QF 16 -95.20 51.06 -90.75
N LYS QF 17 -96.02 50.03 -90.52
CA LYS QF 17 -97.33 50.25 -89.93
C LYS QF 17 -97.26 50.11 -88.41
N GLN QF 18 -96.13 49.66 -87.89
CA GLN QF 18 -95.94 49.52 -86.46
C GLN QF 18 -95.89 50.90 -85.81
N THR QF 19 -96.50 50.99 -84.63
CA THR QF 19 -96.48 52.21 -83.84
C THR QF 19 -96.07 51.88 -82.42
N LEU QF 20 -95.50 52.89 -81.74
CA LEU QF 20 -95.04 52.68 -80.38
C LEU QF 20 -95.19 53.97 -79.60
N VAL QF 21 -95.59 53.84 -78.33
CA VAL QF 21 -95.63 54.95 -77.42
C VAL QF 21 -94.65 54.69 -76.29
N LEU QF 22 -94.13 55.76 -75.72
CA LEU QF 22 -93.13 55.67 -74.65
C LEU QF 22 -93.54 56.59 -73.52
N ASN QF 23 -93.72 56.04 -72.38
CA ASN QF 23 -94.03 56.94 -71.29
C ASN QF 23 -92.76 57.39 -70.60
N PRO QF 24 -92.75 58.60 -70.08
CA PRO QF 24 -91.63 59.04 -69.26
C PRO QF 24 -91.49 58.18 -68.03
N ARG QF 25 -90.28 57.67 -67.82
CA ARG QF 25 -89.99 56.81 -66.68
C ARG QF 25 -89.34 57.55 -65.53
N GLY QF 26 -89.16 58.86 -65.66
CA GLY QF 26 -88.38 59.61 -64.70
C GLY QF 26 -86.91 59.59 -65.07
N VAL QF 27 -86.09 60.14 -64.18
CA VAL QF 27 -84.66 60.29 -64.43
C VAL QF 27 -83.90 59.77 -63.24
N ASN QF 28 -82.96 58.87 -63.49
CA ASN QF 28 -82.06 58.49 -62.43
C ASN QF 28 -81.09 59.63 -62.14
N PRO QF 29 -81.16 60.26 -60.98
CA PRO QF 29 -80.27 61.39 -60.71
C PRO QF 29 -78.83 61.00 -60.54
N THR QF 30 -78.55 59.78 -60.08
CA THR QF 30 -77.17 59.39 -59.85
C THR QF 30 -76.34 59.54 -61.11
N ASN QF 31 -76.58 58.68 -62.08
CA ASN QF 31 -75.93 58.82 -63.38
C ASN QF 31 -76.47 60.02 -64.16
N GLY QF 32 -77.57 60.62 -63.70
CA GLY QF 32 -78.17 61.71 -64.45
C GLY QF 32 -78.66 61.28 -65.81
N VAL QF 33 -79.50 60.25 -65.85
CA VAL QF 33 -79.96 59.68 -67.11
C VAL QF 33 -81.47 59.54 -67.07
N ALA QF 34 -82.13 60.05 -68.10
CA ALA QF 34 -83.56 59.89 -68.27
C ALA QF 34 -83.88 58.49 -68.75
N SER QF 35 -85.15 58.10 -68.56
CA SER QF 35 -85.60 56.80 -68.99
C SER QF 35 -86.98 56.91 -69.58
N LEU QF 36 -87.23 56.14 -70.64
CA LEU QF 36 -88.52 56.10 -71.29
C LEU QF 36 -88.90 54.65 -71.51
N SER QF 37 -90.19 54.36 -71.52
CA SER QF 37 -90.61 52.98 -71.72
C SER QF 37 -91.96 52.91 -72.38
N GLN QF 38 -92.13 51.86 -73.17
CA GLN QF 38 -93.46 51.40 -73.51
C GLN QF 38 -94.21 51.00 -72.25
N ALA QF 39 -95.52 51.18 -72.27
CA ALA QF 39 -96.34 50.67 -71.18
C ALA QF 39 -96.83 49.28 -71.56
N GLY QF 40 -96.21 48.29 -70.91
CA GLY QF 40 -96.62 46.90 -71.07
C GLY QF 40 -97.23 46.37 -69.79
N ALA QF 41 -97.14 45.06 -69.64
CA ALA QF 41 -97.51 44.44 -68.38
C ALA QF 41 -96.32 44.39 -67.44
N VAL QF 42 -95.30 43.63 -67.79
CA VAL QF 42 -94.15 43.44 -66.91
C VAL QF 42 -93.04 44.41 -67.33
N PRO QF 43 -92.61 45.30 -66.44
CA PRO QF 43 -91.52 46.22 -66.77
C PRO QF 43 -90.30 45.52 -67.32
N ALA QF 44 -89.90 44.38 -66.75
CA ALA QF 44 -88.83 43.59 -67.32
C ALA QF 44 -89.04 43.29 -68.79
N LEU QF 45 -90.28 43.05 -69.20
CA LEU QF 45 -90.60 42.83 -70.60
C LEU QF 45 -90.68 44.14 -71.38
N GLU QF 46 -91.03 45.23 -70.71
CA GLU QF 46 -91.35 46.47 -71.41
C GLU QF 46 -90.10 47.05 -72.06
N LYS QF 47 -90.29 47.62 -73.24
CA LYS QF 47 -89.19 48.21 -74.01
C LYS QF 47 -88.66 49.39 -73.22
N ARG QF 48 -87.36 49.62 -73.30
CA ARG QF 48 -86.76 50.73 -72.58
C ARG QF 48 -85.98 51.63 -73.53
N VAL QF 49 -85.98 52.92 -73.23
CA VAL QF 49 -85.25 53.91 -73.99
C VAL QF 49 -84.56 54.83 -73.00
N THR QF 50 -83.26 55.03 -73.17
CA THR QF 50 -82.46 55.81 -72.25
C THR QF 50 -81.71 56.89 -73.02
N VAL QF 51 -81.76 58.11 -72.51
CA VAL QF 51 -81.01 59.21 -73.07
C VAL QF 51 -80.27 59.90 -71.94
N SER QF 52 -79.16 60.53 -72.30
CA SER QF 52 -78.36 61.24 -71.31
C SER QF 52 -77.58 62.33 -72.00
N VAL QF 53 -77.29 63.38 -71.25
CA VAL QF 53 -76.39 64.42 -71.69
C VAL QF 53 -75.16 64.33 -70.81
N SER QF 54 -74.21 65.23 -71.02
CA SER QF 54 -73.02 65.27 -70.20
C SER QF 54 -72.44 66.67 -70.29
N GLN QF 55 -71.52 66.97 -69.39
CA GLN QF 55 -70.85 68.25 -69.44
C GLN QF 55 -69.37 68.05 -69.19
N PRO QF 56 -68.53 68.85 -69.85
CA PRO QF 56 -67.08 68.61 -69.74
C PRO QF 56 -66.59 68.84 -68.34
N SER QF 57 -65.65 67.99 -67.93
CA SER QF 57 -65.08 68.07 -66.59
C SER QF 57 -63.56 68.13 -66.73
N ARG QF 58 -62.88 68.11 -65.60
CA ARG QF 58 -61.42 67.94 -65.62
C ARG QF 58 -61.00 66.63 -66.25
N ASN QF 59 -61.88 65.64 -66.28
CA ASN QF 59 -61.60 64.37 -66.95
C ASN QF 59 -61.76 64.43 -68.45
N ARG QF 60 -62.75 65.16 -68.95
CA ARG QF 60 -62.98 65.24 -70.38
C ARG QF 60 -63.52 66.63 -70.71
N LYS QF 61 -63.04 67.17 -71.83
CA LYS QF 61 -63.42 68.50 -72.27
C LYS QF 61 -64.56 68.45 -73.28
N ASN QF 62 -65.07 67.25 -73.53
CA ASN QF 62 -66.02 67.05 -74.62
C ASN QF 62 -67.38 66.70 -74.06
N TYR QF 63 -68.42 67.06 -74.80
CA TYR QF 63 -69.76 66.65 -74.44
C TYR QF 63 -70.03 65.25 -74.94
N LYS QF 64 -70.72 64.47 -74.12
CA LYS QF 64 -71.17 63.13 -74.49
C LYS QF 64 -72.68 63.10 -74.45
N VAL QF 65 -73.28 62.55 -75.50
CA VAL QF 65 -74.70 62.29 -75.52
C VAL QF 65 -74.87 60.81 -75.80
N GLN QF 66 -75.40 60.09 -74.83
CA GLN QF 66 -75.52 58.65 -74.90
C GLN QF 66 -76.98 58.26 -74.98
N VAL QF 67 -77.30 57.37 -75.92
CA VAL QF 67 -78.65 56.87 -76.08
C VAL QF 67 -78.57 55.36 -76.22
N LYS QF 68 -79.27 54.64 -75.35
CA LYS QF 68 -79.29 53.20 -75.39
C LYS QF 68 -80.73 52.73 -75.46
N ILE QF 69 -80.95 51.62 -76.18
CA ILE QF 69 -82.27 51.05 -76.36
C ILE QF 69 -82.19 49.58 -75.98
N GLN QF 70 -83.17 49.12 -75.20
CA GLN QF 70 -83.20 47.77 -74.70
C GLN QF 70 -84.56 47.17 -75.03
N ASN QF 71 -84.56 46.14 -75.88
CA ASN QF 71 -85.79 45.51 -76.35
C ASN QF 71 -85.68 44.01 -76.13
N PRO QF 72 -86.17 43.50 -75.03
CA PRO QF 72 -86.07 42.07 -74.76
C PRO QF 72 -86.99 41.28 -75.69
N THR QF 73 -86.89 39.96 -75.57
CA THR QF 73 -87.73 39.05 -76.31
C THR QF 73 -88.49 38.19 -75.31
N ALA QF 74 -89.81 38.37 -75.28
CA ALA QF 74 -90.66 37.64 -74.36
C ALA QF 74 -90.82 36.21 -74.86
N CYS QF 75 -90.70 35.25 -73.94
CA CYS QF 75 -91.11 33.88 -74.20
C CYS QF 75 -92.46 33.73 -73.49
N THR QF 76 -93.53 33.67 -74.28
CA THR QF 76 -94.86 33.63 -73.71
C THR QF 76 -95.09 32.34 -72.95
N ALA QF 77 -94.93 31.21 -73.63
CA ALA QF 77 -95.06 29.91 -72.98
C ALA QF 77 -93.67 29.36 -72.75
N ASN QF 78 -93.25 29.37 -71.50
CA ASN QF 78 -92.01 28.71 -71.09
C ASN QF 78 -92.29 27.32 -70.54
N GLY QF 79 -93.53 26.86 -70.60
CA GLY QF 79 -93.94 25.74 -69.79
C GLY QF 79 -94.28 26.14 -68.38
N SER QF 80 -94.25 27.44 -68.09
CA SER QF 80 -94.52 27.98 -66.77
C SER QF 80 -95.58 29.05 -66.92
N CYS QF 81 -96.17 29.45 -65.80
CA CYS QF 81 -97.28 30.39 -65.80
C CYS QF 81 -96.87 31.81 -66.16
N ASP QF 82 -95.58 32.13 -66.13
CA ASP QF 82 -95.17 33.50 -66.38
C ASP QF 82 -94.20 33.56 -67.54
N PRO QF 83 -94.28 34.60 -68.37
CA PRO QF 83 -93.32 34.75 -69.45
C PRO QF 83 -91.95 35.06 -68.90
N SER QF 84 -90.94 34.87 -69.75
CA SER QF 84 -89.56 35.05 -69.32
C SER QF 84 -88.75 35.70 -70.43
N VAL QF 85 -87.76 36.48 -70.01
CA VAL QF 85 -86.85 37.14 -70.94
C VAL QF 85 -86.05 36.06 -71.64
N THR QF 86 -85.95 36.16 -72.97
CA THR QF 86 -85.14 35.20 -73.71
C THR QF 86 -83.90 35.87 -74.29
N ARG QF 87 -84.09 36.70 -75.30
CA ARG QF 87 -83.00 37.44 -75.92
C ARG QF 87 -83.17 38.91 -75.59
N GLN QF 88 -82.04 39.60 -75.45
CA GLN QF 88 -82.08 41.01 -75.10
C GLN QF 88 -81.38 41.79 -76.21
N ALA QF 89 -82.15 42.57 -76.95
CA ALA QF 89 -81.60 43.37 -78.05
C ALA QF 89 -80.99 44.63 -77.46
N TYR QF 90 -79.73 44.89 -77.80
CA TYR QF 90 -79.06 46.09 -77.34
C TYR QF 90 -78.79 47.03 -78.49
N ALA QF 91 -79.35 48.23 -78.40
CA ALA QF 91 -79.11 49.27 -79.38
C ALA QF 91 -78.49 50.45 -78.64
N ASP QF 92 -77.26 50.80 -79.00
CA ASP QF 92 -76.51 51.84 -78.31
C ASP QF 92 -76.04 52.88 -79.31
N VAL QF 93 -76.20 54.16 -78.95
CA VAL QF 93 -75.79 55.29 -79.76
C VAL QF 93 -75.14 56.30 -78.84
N THR QF 94 -74.01 56.85 -79.29
CA THR QF 94 -73.30 57.87 -78.54
C THR QF 94 -72.99 59.05 -79.43
N PHE QF 95 -72.62 60.15 -78.79
CA PHE QF 95 -72.24 61.35 -79.51
C PHE QF 95 -71.12 62.06 -78.76
N SER QF 96 -70.20 62.61 -79.52
CA SER QF 96 -69.13 63.41 -78.95
C SER QF 96 -69.12 64.76 -79.63
N PHE QF 97 -68.82 65.80 -78.86
CA PHE QF 97 -68.77 67.15 -79.39
C PHE QF 97 -67.73 67.94 -78.62
N THR QF 98 -67.29 69.02 -79.23
CA THR QF 98 -66.31 69.91 -78.64
C THR QF 98 -67.02 71.16 -78.14
N GLN QF 99 -66.48 71.72 -77.07
CA GLN QF 99 -67.07 72.91 -76.49
C GLN QF 99 -67.35 73.98 -77.51
N TYR QF 100 -66.59 74.03 -78.60
CA TYR QF 100 -66.85 75.00 -79.66
C TYR QF 100 -67.78 74.46 -80.74
N SER QF 101 -68.31 73.25 -80.57
CA SER QF 101 -69.18 72.69 -81.58
C SER QF 101 -70.36 73.62 -81.83
N THR QF 102 -70.70 73.82 -83.09
CA THR QF 102 -71.80 74.73 -83.38
C THR QF 102 -73.10 73.98 -83.47
N ASP QF 103 -74.18 74.72 -83.71
CA ASP QF 103 -75.49 74.11 -83.76
C ASP QF 103 -75.67 73.28 -85.01
N GLU QF 104 -75.49 73.89 -86.18
CA GLU QF 104 -75.82 73.19 -87.42
C GLU QF 104 -74.99 71.94 -87.60
N GLU QF 105 -73.71 72.01 -87.24
CA GLU QF 105 -72.88 70.82 -87.24
C GLU QF 105 -73.59 69.68 -86.52
N ARG QF 106 -74.01 69.92 -85.28
CA ARG QF 106 -74.76 68.91 -84.56
C ARG QF 106 -76.01 68.53 -85.32
N ALA QF 107 -76.84 69.51 -85.65
CA ALA QF 107 -78.02 69.25 -86.45
C ALA QF 107 -77.68 68.44 -87.68
N PHE QF 108 -76.61 68.82 -88.38
CA PHE QF 108 -76.18 68.04 -89.53
C PHE QF 108 -75.94 66.59 -89.17
N VAL QF 109 -75.35 66.33 -88.01
CA VAL QF 109 -75.13 64.96 -87.59
C VAL QF 109 -76.45 64.24 -87.38
N ARG QF 110 -77.39 64.91 -86.73
CA ARG QF 110 -78.62 64.22 -86.36
C ARG QF 110 -79.32 63.64 -87.56
N THR QF 111 -79.64 64.48 -88.55
CA THR QF 111 -80.38 63.99 -89.70
C THR QF 111 -79.64 62.87 -90.41
N GLU QF 112 -78.40 63.12 -90.83
CA GLU QF 112 -77.68 62.15 -91.65
C GLU QF 112 -77.67 60.76 -91.03
N LEU QF 113 -77.50 60.67 -89.72
CA LEU QF 113 -77.57 59.36 -89.09
C LEU QF 113 -78.90 58.70 -89.37
N ALA QF 114 -80.00 59.46 -89.20
CA ALA QF 114 -81.30 58.91 -89.54
C ALA QF 114 -81.37 58.46 -90.99
N ALA QF 115 -80.97 59.33 -91.91
CA ALA QF 115 -81.00 58.96 -93.32
C ALA QF 115 -80.29 57.64 -93.57
N LEU QF 116 -79.10 57.47 -92.99
CA LEU QF 116 -78.44 56.18 -93.09
C LEU QF 116 -79.33 55.05 -92.62
N LEU QF 117 -79.98 55.23 -91.48
CA LEU QF 117 -80.85 54.18 -90.98
C LEU QF 117 -81.95 53.84 -91.97
N ALA QF 118 -82.37 54.80 -92.79
CA ALA QF 118 -83.30 54.52 -93.86
C ALA QF 118 -82.59 54.14 -95.16
N SER QF 119 -81.27 54.27 -95.22
CA SER QF 119 -80.57 53.94 -96.43
C SER QF 119 -80.66 52.45 -96.72
N PRO QF 120 -80.73 52.06 -97.99
CA PRO QF 120 -80.73 50.64 -98.33
C PRO QF 120 -79.46 49.93 -97.92
N LEU QF 121 -78.39 50.68 -97.64
CA LEU QF 121 -77.17 50.03 -97.21
C LEU QF 121 -77.36 49.33 -95.88
N LEU QF 122 -77.73 50.07 -94.85
CA LEU QF 122 -77.74 49.51 -93.51
C LEU QF 122 -78.77 48.41 -93.34
N ILE QF 123 -79.88 48.46 -94.06
CA ILE QF 123 -80.93 47.50 -93.83
C ILE QF 123 -80.42 46.08 -94.00
N ASP QF 124 -79.70 45.79 -95.07
CA ASP QF 124 -79.05 44.49 -95.20
C ASP QF 124 -78.02 44.27 -94.10
N ALA QF 125 -77.23 45.29 -93.81
CA ALA QF 125 -76.32 45.22 -92.69
C ALA QF 125 -77.03 44.93 -91.38
N ILE QF 126 -78.11 45.63 -91.08
CA ILE QF 126 -78.87 45.40 -89.87
C ILE QF 126 -79.74 44.15 -89.99
N ASP QF 127 -80.73 44.20 -90.87
CA ASP QF 127 -81.73 43.14 -90.90
C ASP QF 127 -81.11 41.79 -91.24
N GLN QF 128 -80.40 41.72 -92.36
CA GLN QF 128 -79.86 40.46 -92.82
C GLN QF 128 -78.44 40.22 -92.38
N LEU QF 129 -77.87 41.10 -91.56
CA LEU QF 129 -76.52 40.94 -91.03
C LEU QF 129 -75.52 40.73 -92.16
N ASN QF 130 -75.37 41.74 -92.98
CA ASN QF 130 -74.50 41.55 -94.12
C ASN QF 130 -73.46 42.65 -94.17
N PRO QF 131 -72.25 42.30 -94.51
CA PRO QF 131 -71.23 43.33 -94.76
C PRO QF 131 -71.52 44.07 -96.05
N ALA QF 132 -70.54 44.84 -96.50
CA ALA QF 132 -70.75 45.92 -97.46
C ALA QF 132 -70.82 45.43 -98.90
N TYR QF 133 -70.78 44.13 -99.12
CA TYR QF 133 -70.78 43.62 -100.48
C TYR QF 133 -72.16 43.16 -100.89
N ALA RF 2 -94.23 62.66 -62.80
CA ALA RF 2 -93.98 63.89 -63.55
C ALA RF 2 -93.09 64.82 -62.75
N LYS RF 3 -92.97 66.05 -63.23
CA LYS RF 3 -92.09 67.05 -62.64
C LYS RF 3 -92.57 67.40 -61.24
N LEU RF 4 -91.60 67.58 -60.34
CA LEU RF 4 -91.87 68.18 -59.05
C LEU RF 4 -92.53 69.53 -59.27
N GLU RF 5 -93.64 69.77 -58.61
CA GLU RF 5 -94.35 71.02 -58.76
C GLU RF 5 -94.91 71.44 -57.41
N THR RF 6 -95.52 72.62 -57.39
CA THR RF 6 -96.29 73.05 -56.24
C THR RF 6 -97.48 72.10 -56.17
N VAL RF 7 -97.66 71.47 -55.02
CA VAL RF 7 -98.77 70.53 -54.87
C VAL RF 7 -99.76 71.14 -53.89
N THR RF 8 -100.91 71.55 -54.39
CA THR RF 8 -101.97 72.08 -53.56
C THR RF 8 -102.83 70.92 -53.09
N LEU RF 9 -103.29 70.99 -51.85
CA LEU RF 9 -104.14 69.96 -51.29
C LEU RF 9 -105.32 70.61 -50.60
N GLY RF 10 -106.52 70.22 -51.02
CA GLY RF 10 -107.74 70.64 -50.37
C GLY RF 10 -108.29 69.52 -49.51
N ASN RF 11 -109.31 69.86 -48.73
CA ASN RF 11 -110.03 68.87 -47.93
C ASN RF 11 -109.08 68.13 -47.00
N ILE RF 12 -108.59 68.87 -46.00
CA ILE RF 12 -107.56 68.37 -45.11
C ILE RF 12 -108.06 68.52 -43.68
N GLY RF 13 -107.60 67.66 -42.79
CA GLY RF 13 -107.96 67.73 -41.39
C GLY RF 13 -109.38 67.29 -41.15
N LYS RF 14 -109.69 67.13 -39.87
CA LYS RF 14 -111.03 66.72 -39.47
C LYS RF 14 -112.08 67.62 -40.08
N ASP RF 15 -111.77 68.91 -40.19
CA ASP RF 15 -112.69 69.83 -40.85
C ASP RF 15 -112.84 69.49 -42.33
N GLY RF 16 -111.72 69.31 -43.02
CA GLY RF 16 -111.77 69.22 -44.47
C GLY RF 16 -111.81 70.57 -45.14
N LYS RF 17 -111.77 71.65 -44.36
CA LYS RF 17 -111.60 72.97 -44.95
C LYS RF 17 -110.13 73.36 -44.98
N GLN RF 18 -109.28 72.56 -44.35
CA GLN RF 18 -107.85 72.82 -44.35
C GLN RF 18 -107.28 72.60 -45.74
N THR RF 19 -106.34 73.45 -46.11
CA THR RF 19 -105.64 73.34 -47.37
C THR RF 19 -104.14 73.44 -47.13
N LEU RF 20 -103.38 72.85 -48.04
CA LEU RF 20 -101.93 72.84 -47.89
C LEU RF 20 -101.28 72.86 -49.27
N VAL RF 21 -100.19 73.61 -49.38
CA VAL RF 21 -99.39 73.62 -50.58
C VAL RF 21 -98.01 73.08 -50.23
N LEU RF 22 -97.35 72.48 -51.22
CA LEU RF 22 -96.04 71.87 -51.02
C LEU RF 22 -95.11 72.33 -52.14
N ASN RF 23 -94.05 72.96 -51.78
CA ASN RF 23 -93.15 73.31 -52.85
C ASN RF 23 -92.13 72.20 -53.08
N PRO RF 24 -91.69 72.02 -54.30
CA PRO RF 24 -90.60 71.09 -54.56
C PRO RF 24 -89.34 71.53 -53.84
N ARG RF 25 -88.77 70.60 -53.09
CA ARG RF 25 -87.56 70.86 -52.33
C ARG RF 25 -86.31 70.38 -53.04
N GLY RF 26 -86.43 69.84 -54.24
CA GLY RF 26 -85.32 69.19 -54.89
C GLY RF 26 -85.25 67.72 -54.50
N VAL RF 27 -84.17 67.07 -54.93
CA VAL RF 27 -84.00 65.65 -54.72
C VAL RF 27 -82.61 65.39 -54.17
N ASN RF 28 -82.54 64.68 -53.06
CA ASN RF 28 -81.23 64.24 -52.61
C ASN RF 28 -80.73 63.13 -53.52
N PRO RF 29 -79.67 63.34 -54.29
CA PRO RF 29 -79.20 62.31 -55.21
C PRO RF 29 -78.59 61.12 -54.51
N THR RF 30 -78.02 61.30 -53.33
CA THR RF 30 -77.37 60.19 -52.64
C THR RF 30 -78.33 59.04 -52.45
N ASN RF 31 -79.30 59.20 -51.57
CA ASN RF 31 -80.35 58.21 -51.41
C ASN RF 31 -81.31 58.20 -52.59
N GLY RF 32 -81.23 59.18 -53.47
CA GLY RF 32 -82.16 59.24 -54.58
C GLY RF 32 -83.59 59.45 -54.11
N VAL RF 33 -83.83 60.48 -53.31
CA VAL RF 33 -85.14 60.70 -52.72
C VAL RF 33 -85.53 62.15 -52.94
N ALA RF 34 -86.75 62.34 -53.47
CA ALA RF 34 -87.31 63.66 -53.62
C ALA RF 34 -87.80 64.20 -52.28
N SER RF 35 -87.98 65.52 -52.23
CA SER RF 35 -88.45 66.16 -51.02
C SER RF 35 -89.44 67.26 -51.39
N LEU RF 36 -90.48 67.39 -50.58
CA LEU RF 36 -91.50 68.41 -50.76
C LEU RF 36 -91.74 69.08 -49.42
N SER RF 37 -92.11 70.35 -49.45
CA SER RF 37 -92.37 71.02 -48.19
C SER RF 37 -93.39 72.12 -48.36
N GLN RF 38 -94.15 72.34 -47.29
CA GLN RF 38 -94.85 73.59 -47.10
C GLN RF 38 -93.85 74.73 -47.04
N ALA RF 39 -94.27 75.90 -47.52
CA ALA RF 39 -93.44 77.08 -47.35
C ALA RF 39 -93.88 77.78 -46.07
N GLY RF 40 -93.04 77.65 -45.05
CA GLY RF 40 -93.24 78.32 -43.79
C GLY RF 40 -92.19 79.38 -43.57
N ALA RF 41 -91.96 79.68 -42.29
CA ALA RF 41 -90.84 80.53 -41.93
C ALA RF 41 -89.57 79.71 -41.72
N VAL RF 42 -89.58 78.86 -40.71
CA VAL RF 42 -88.39 78.08 -40.36
C VAL RF 42 -88.50 76.69 -40.98
N PRO RF 43 -87.57 76.31 -41.86
CA PRO RF 43 -87.60 74.96 -42.45
C PRO RF 43 -87.74 73.86 -41.43
N ALA RF 44 -87.03 73.94 -40.31
CA ALA RF 44 -87.21 72.99 -39.22
C ALA RF 44 -88.67 72.87 -38.82
N LEU RF 45 -89.41 73.97 -38.82
CA LEU RF 45 -90.83 73.93 -38.51
C LEU RF 45 -91.66 73.47 -39.70
N GLU RF 46 -91.18 73.68 -40.92
CA GLU RF 46 -91.99 73.46 -42.10
C GLU RF 46 -92.28 71.99 -42.30
N LYS RF 47 -93.48 71.69 -42.76
CA LYS RF 47 -93.92 70.32 -42.98
C LYS RF 47 -93.07 69.74 -44.09
N ARG RF 48 -92.77 68.45 -44.00
CA ARG RF 48 -91.96 67.81 -45.01
C ARG RF 48 -92.67 66.60 -45.59
N VAL RF 49 -92.45 66.35 -46.87
CA VAL RF 49 -93.00 65.19 -47.56
C VAL RF 49 -91.90 64.60 -48.42
N THR RF 50 -91.69 63.30 -48.28
CA THR RF 50 -90.61 62.61 -48.96
C THR RF 50 -91.17 61.42 -49.73
N VAL RF 51 -90.75 61.30 -50.98
CA VAL RF 51 -91.11 60.16 -51.81
C VAL RF 51 -89.85 59.60 -52.44
N SER RF 52 -89.89 58.32 -52.74
CA SER RF 52 -88.76 57.67 -53.36
C SER RF 52 -89.22 56.48 -54.15
N VAL RF 53 -88.47 56.16 -55.19
CA VAL RF 53 -88.67 54.92 -55.93
C VAL RF 53 -87.46 54.05 -55.66
N SER RF 54 -87.43 52.88 -56.29
CA SER RF 54 -86.30 51.98 -56.14
C SER RF 54 -86.27 51.07 -57.34
N GLN RF 55 -85.15 50.39 -57.53
CA GLN RF 55 -85.07 49.43 -58.60
C GLN RF 55 -84.38 48.17 -58.10
N PRO RF 56 -84.80 47.00 -58.58
CA PRO RF 56 -84.27 45.76 -58.04
C PRO RF 56 -82.78 45.63 -58.31
N SER RF 57 -82.08 45.08 -57.33
CA SER RF 57 -80.64 44.90 -57.43
C SER RF 57 -80.33 43.44 -57.12
N ARG RF 58 -79.04 43.11 -57.06
CA ARG RF 58 -78.62 41.82 -56.57
C ARG RF 58 -79.06 41.59 -55.13
N ASN RF 59 -79.29 42.64 -54.37
CA ASN RF 59 -79.78 42.53 -53.00
C ASN RF 59 -81.27 42.25 -52.92
N ARG RF 60 -82.07 42.84 -53.80
CA ARG RF 60 -83.51 42.64 -53.76
C ARG RF 60 -84.05 42.69 -55.18
N LYS RF 61 -85.00 41.82 -55.47
CA LYS RF 61 -85.59 41.69 -56.79
C LYS RF 61 -86.89 42.49 -56.88
N ASN RF 62 -87.22 43.19 -55.82
CA ASN RF 62 -88.52 43.82 -55.71
C ASN RF 62 -88.38 45.34 -55.75
N TYR RF 63 -89.41 46.00 -56.26
CA TYR RF 63 -89.45 47.45 -56.22
C TYR RF 63 -89.94 47.93 -54.87
N LYS RF 64 -89.33 48.99 -54.37
CA LYS RF 64 -89.75 49.64 -53.14
C LYS RF 64 -90.16 51.07 -53.46
N VAL RF 65 -91.30 51.48 -52.96
CA VAL RF 65 -91.74 52.86 -53.03
C VAL RF 65 -91.99 53.32 -51.60
N GLN RF 66 -91.18 54.26 -51.15
CA GLN RF 66 -91.22 54.72 -49.77
C GLN RF 66 -91.71 56.15 -49.73
N VAL RF 67 -92.66 56.42 -48.84
CA VAL RF 67 -93.19 57.75 -48.64
C VAL RF 67 -93.23 58.03 -47.15
N LYS RF 68 -92.58 59.09 -46.73
CA LYS RF 68 -92.55 59.48 -45.33
C LYS RF 68 -93.02 60.92 -45.20
N ILE RF 69 -93.72 61.20 -44.10
CA ILE RF 69 -94.25 62.53 -43.83
C ILE RF 69 -93.80 62.93 -42.44
N GLN RF 70 -93.33 64.17 -42.32
CA GLN RF 70 -92.79 64.68 -41.08
C GLN RF 70 -93.48 66.01 -40.78
N ASN RF 71 -94.24 66.04 -39.68
CA ASN RF 71 -95.03 67.21 -39.31
C ASN RF 71 -94.73 67.55 -37.85
N PRO RF 72 -93.79 68.44 -37.61
CA PRO RF 72 -93.44 68.79 -36.24
C PRO RF 72 -94.55 69.59 -35.58
N THR RF 73 -94.34 69.87 -34.30
CA THR RF 73 -95.26 70.68 -33.52
C THR RF 73 -94.51 71.88 -32.98
N ALA RF 74 -94.86 73.05 -33.46
CA ALA RF 74 -94.21 74.29 -33.06
C ALA RF 74 -94.67 74.68 -31.67
N CYS RF 75 -93.70 75.05 -30.83
CA CYS RF 75 -94.00 75.72 -29.57
C CYS RF 75 -93.73 77.19 -29.81
N THR RF 76 -94.80 77.98 -29.92
CA THR RF 76 -94.64 79.39 -30.26
C THR RF 76 -93.92 80.15 -29.15
N ALA RF 77 -94.47 80.10 -27.94
CA ALA RF 77 -93.83 80.74 -26.79
C ALA RF 77 -93.18 79.64 -25.97
N ASN RF 78 -91.86 79.59 -26.02
CA ASN RF 78 -91.07 78.73 -25.15
C ASN RF 78 -90.56 79.50 -23.94
N GLY RF 79 -90.97 80.75 -23.77
CA GLY RF 79 -90.26 81.64 -22.88
C GLY RF 79 -89.03 82.24 -23.51
N SER RF 80 -88.81 81.94 -24.80
CA SER RF 80 -87.66 82.42 -25.54
C SER RF 80 -88.17 83.09 -26.81
N CYS RF 81 -87.28 83.84 -27.46
CA CYS RF 81 -87.65 84.63 -28.63
C CYS RF 81 -87.94 83.79 -29.86
N ASP RF 82 -87.55 82.51 -29.87
CA ASP RF 82 -87.72 81.72 -31.06
C ASP RF 82 -88.56 80.48 -30.76
N PRO RF 83 -89.41 80.08 -31.69
CA PRO RF 83 -90.18 78.85 -31.48
C PRO RF 83 -89.26 77.64 -31.52
N SER RF 84 -89.75 76.52 -31.01
CA SER RF 84 -88.95 75.31 -30.91
C SER RF 84 -89.80 74.09 -31.22
N VAL RF 85 -89.14 73.09 -31.79
CA VAL RF 85 -89.79 71.82 -32.11
C VAL RF 85 -90.18 71.16 -30.79
N THR RF 86 -91.41 70.68 -30.71
CA THR RF 86 -91.84 69.98 -29.52
C THR RF 86 -92.07 68.50 -29.80
N ARG RF 87 -93.12 68.18 -30.53
CA ARG RF 87 -93.42 66.82 -30.92
C ARG RF 87 -93.23 66.68 -32.41
N GLN RF 88 -92.80 65.50 -32.84
CA GLN RF 88 -92.53 65.27 -34.25
C GLN RF 88 -93.42 64.12 -34.71
N ALA RF 89 -94.40 64.42 -35.55
CA ALA RF 89 -95.31 63.41 -36.06
C ALA RF 89 -94.64 62.68 -37.21
N TYR RF 90 -94.59 61.36 -37.13
CA TYR RF 90 -94.01 60.55 -38.18
C TYR RF 90 -95.08 59.74 -38.89
N ALA RF 91 -95.21 59.99 -40.19
CA ALA RF 91 -96.12 59.22 -41.03
C ALA RF 91 -95.29 58.55 -42.11
N ASP RF 92 -95.28 57.22 -42.11
CA ASP RF 92 -94.45 56.45 -43.02
C ASP RF 92 -95.32 55.47 -43.81
N VAL RF 93 -95.07 55.40 -45.11
CA VAL RF 93 -95.78 54.50 -46.02
C VAL RF 93 -94.76 53.89 -46.96
N THR RF 94 -94.87 52.58 -47.17
CA THR RF 94 -94.00 51.87 -48.08
C THR RF 94 -94.81 51.04 -49.05
N PHE RF 95 -94.14 50.58 -50.10
CA PHE RF 95 -94.77 49.71 -51.08
C PHE RF 95 -93.75 48.71 -51.59
N SER RF 96 -94.23 47.50 -51.83
CA SER RF 96 -93.42 46.46 -52.41
C SER RF 96 -94.12 45.93 -53.63
N PHE RF 97 -93.34 45.59 -54.66
CA PHE RF 97 -93.90 45.04 -55.88
C PHE RF 97 -92.90 44.11 -56.50
N THR RF 98 -93.40 43.24 -57.36
CA THR RF 98 -92.59 42.27 -58.06
C THR RF 98 -92.38 42.73 -59.49
N GLN RF 99 -91.23 42.39 -60.04
CA GLN RF 99 -90.89 42.79 -61.39
C GLN RF 99 -92.00 42.49 -62.37
N TYR RF 100 -92.82 41.49 -62.11
CA TYR RF 100 -93.95 41.18 -62.98
C TYR RF 100 -95.22 41.88 -62.55
N SER RF 101 -95.18 42.73 -61.52
CA SER RF 101 -96.36 43.42 -61.06
C SER RF 101 -96.99 44.19 -62.21
N THR RF 102 -98.31 44.12 -62.34
CA THR RF 102 -98.95 44.81 -63.44
C THR RF 102 -99.39 46.20 -63.00
N ASP RF 103 -99.97 46.93 -63.94
CA ASP RF 103 -100.37 48.30 -63.66
C ASP RF 103 -101.59 48.33 -62.74
N GLU RF 104 -102.68 47.69 -63.15
CA GLU RF 104 -103.93 47.84 -62.41
C GLU RF 104 -103.79 47.33 -60.99
N GLU RF 105 -103.07 46.23 -60.80
CA GLU RF 105 -102.78 45.77 -59.45
C GLU RF 105 -102.24 46.91 -58.60
N ARG RF 106 -101.20 47.57 -59.08
CA ARG RF 106 -100.68 48.73 -58.37
C ARG RF 106 -101.75 49.79 -58.19
N ALA RF 107 -102.37 50.21 -59.30
CA ALA RF 107 -103.47 51.16 -59.22
C ALA RF 107 -104.51 50.71 -58.22
N PHE RF 108 -104.87 49.43 -58.26
CA PHE RF 108 -105.81 48.91 -57.27
C PHE RF 108 -105.32 49.17 -55.85
N VAL RF 109 -104.02 49.00 -55.61
CA VAL RF 109 -103.50 49.26 -54.28
C VAL RF 109 -103.66 50.72 -53.92
N ARG RF 110 -103.35 51.61 -54.85
CA ARG RF 110 -103.31 53.02 -54.52
C ARG RF 110 -104.65 53.49 -53.98
N THR RF 111 -105.72 53.30 -54.75
CA THR RF 111 -107.02 53.80 -54.32
C THR RF 111 -107.43 53.20 -52.98
N GLU RF 112 -107.47 51.87 -52.87
CA GLU RF 112 -108.00 51.24 -51.68
C GLU RF 112 -107.34 51.75 -50.41
N LEU RF 113 -106.03 51.98 -50.44
CA LEU RF 113 -105.39 52.55 -49.26
C LEU RF 113 -106.02 53.88 -48.91
N ALA RF 114 -106.23 54.74 -49.90
CA ALA RF 114 -106.90 56.00 -49.64
C ALA RF 114 -108.28 55.78 -49.05
N ALA RF 115 -109.09 54.93 -49.69
CA ALA RF 115 -110.42 54.67 -49.17
C ALA RF 115 -110.39 54.28 -47.71
N LEU RF 116 -109.48 53.38 -47.34
CA LEU RF 116 -109.32 53.07 -45.92
C LEU RF 116 -109.09 54.31 -45.10
N LEU RF 117 -108.21 55.19 -45.55
CA LEU RF 117 -107.94 56.40 -44.79
C LEU RF 117 -109.19 57.23 -44.61
N ALA RF 118 -110.14 57.15 -45.54
CA ALA RF 118 -111.42 57.78 -45.36
C ALA RF 118 -112.42 56.88 -44.68
N SER RF 119 -112.10 55.61 -44.49
CA SER RF 119 -113.04 54.70 -43.86
C SER RF 119 -113.27 55.10 -42.41
N PRO RF 120 -114.49 54.92 -41.90
CA PRO RF 120 -114.75 55.19 -40.49
C PRO RF 120 -113.95 54.30 -39.56
N LEU RF 121 -113.42 53.19 -40.06
CA LEU RF 121 -112.61 52.34 -39.20
C LEU RF 121 -111.36 53.07 -38.72
N LEU RF 122 -110.52 53.49 -39.66
CA LEU RF 122 -109.22 54.02 -39.27
C LEU RF 122 -109.30 55.31 -38.48
N ILE RF 123 -110.33 56.12 -38.70
CA ILE RF 123 -110.37 57.41 -38.04
C ILE RF 123 -110.31 57.26 -36.53
N ASP RF 124 -111.12 56.36 -35.95
CA ASP RF 124 -110.98 56.06 -34.53
C ASP RF 124 -109.63 55.47 -34.21
N ALA RF 125 -109.16 54.55 -35.04
CA ALA RF 125 -107.81 54.02 -34.90
C ALA RF 125 -106.77 55.13 -34.93
N ILE RF 126 -106.83 56.02 -35.90
CA ILE RF 126 -105.89 57.12 -35.99
C ILE RF 126 -106.20 58.21 -34.98
N ASP RF 127 -107.33 58.88 -35.15
CA ASP RF 127 -107.60 60.06 -34.35
C ASP RF 127 -107.69 59.75 -32.87
N GLN RF 128 -108.55 58.81 -32.50
CA GLN RF 128 -108.78 58.50 -31.11
C GLN RF 128 -107.91 57.36 -30.59
N LEU RF 129 -107.00 56.82 -31.41
CA LEU RF 129 -106.10 55.77 -31.01
C LEU RF 129 -106.87 54.59 -30.43
N ASN RF 130 -107.66 53.97 -31.29
CA ASN RF 130 -108.48 52.90 -30.76
C ASN RF 130 -108.27 51.63 -31.57
N PRO RF 131 -108.22 50.50 -30.92
CA PRO RF 131 -108.21 49.23 -31.64
C PRO RF 131 -109.56 48.96 -32.28
N ALA RF 132 -109.73 47.72 -32.74
CA ALA RF 132 -110.76 47.38 -33.71
C ALA RF 132 -112.14 47.18 -33.09
N TYR RF 133 -112.27 47.42 -31.79
CA TYR RF 133 -113.54 47.17 -31.14
C TYR RF 133 -114.32 48.45 -30.97
N ALA SF 2 -47.32 114.14 -49.05
CA ALA SF 2 -48.68 114.66 -48.98
C ALA SF 2 -49.66 113.65 -49.54
N LYS SF 3 -50.90 114.10 -49.73
CA LYS SF 3 -51.98 113.24 -50.20
C LYS SF 3 -51.70 112.76 -51.61
N LEU SF 4 -52.04 111.50 -51.86
CA LEU SF 4 -52.09 110.97 -53.21
C LEU SF 4 -53.03 111.85 -54.03
N GLU SF 5 -52.56 112.30 -55.18
CA GLU SF 5 -53.37 113.14 -56.03
C GLU SF 5 -53.12 112.76 -57.49
N THR SF 6 -53.87 113.41 -58.37
CA THR SF 6 -53.58 113.33 -59.79
C THR SF 6 -52.23 113.99 -59.98
N VAL SF 7 -51.30 113.27 -60.60
CA VAL SF 7 -49.97 113.83 -60.81
C VAL SF 7 -49.79 114.03 -62.31
N THR SF 8 -49.77 115.29 -62.73
CA THR SF 8 -49.53 115.65 -64.12
C THR SF 8 -48.04 115.76 -64.32
N LEU SF 9 -47.57 115.32 -65.48
CA LEU SF 9 -46.16 115.40 -65.82
C LEU SF 9 -46.01 115.96 -67.22
N GLY SF 10 -45.26 117.05 -67.33
CA GLY SF 10 -44.92 117.62 -68.62
C GLY SF 10 -43.49 117.26 -68.97
N ASN SF 11 -43.12 117.57 -70.21
CA ASN SF 11 -41.74 117.42 -70.67
C ASN SF 11 -41.28 115.97 -70.51
N ILE SF 12 -41.86 115.10 -71.32
CA ILE SF 12 -41.65 113.67 -71.20
C ILE SF 12 -41.18 113.16 -72.56
N GLY SF 13 -40.40 112.08 -72.54
CA GLY SF 13 -39.93 111.46 -73.76
C GLY SF 13 -38.87 112.28 -74.44
N LYS SF 14 -38.25 111.65 -75.44
CA LYS SF 14 -37.21 112.31 -76.21
C LYS SF 14 -37.68 113.65 -76.74
N ASP SF 15 -38.95 113.74 -77.13
CA ASP SF 15 -39.51 115.01 -77.55
C ASP SF 15 -39.55 116.01 -76.40
N GLY SF 16 -40.07 115.59 -75.24
CA GLY SF 16 -40.35 116.55 -74.21
C GLY SF 16 -41.68 117.24 -74.37
N LYS SF 17 -42.41 116.91 -75.44
CA LYS SF 17 -43.77 117.41 -75.57
C LYS SF 17 -44.76 116.41 -75.00
N GLN SF 18 -44.29 115.22 -74.64
CA GLN SF 18 -45.13 114.20 -74.04
C GLN SF 18 -45.56 114.64 -72.65
N THR SF 19 -46.81 114.32 -72.32
CA THR SF 19 -47.36 114.61 -71.01
C THR SF 19 -48.04 113.36 -70.48
N LEU SF 20 -48.11 113.26 -69.15
CA LEU SF 20 -48.70 112.10 -68.51
C LEU SF 20 -49.37 112.51 -67.22
N VAL SF 21 -50.52 111.91 -66.94
CA VAL SF 21 -51.20 112.08 -65.68
C VAL SF 21 -51.25 110.74 -64.98
N LEU SF 22 -51.30 110.78 -63.65
CA LEU SF 22 -51.29 109.56 -62.85
C LEU SF 22 -52.39 109.67 -61.79
N ASN SF 23 -53.29 108.77 -61.82
CA ASN SF 23 -54.28 108.86 -60.76
C ASN SF 23 -53.84 108.03 -59.55
N PRO SF 24 -54.21 108.48 -58.36
CA PRO SF 24 -53.95 107.66 -57.18
C PRO SF 24 -54.69 106.34 -57.26
N ARG SF 25 -53.94 105.26 -57.07
CA ARG SF 25 -54.50 103.92 -57.13
C ARG SF 25 -54.83 103.36 -55.76
N GLY SF 26 -54.63 104.13 -54.70
CA GLY SF 26 -54.73 103.60 -53.37
C GLY SF 26 -53.41 103.03 -52.91
N VAL SF 27 -53.43 102.40 -51.74
CA VAL SF 27 -52.23 101.87 -51.11
C VAL SF 27 -52.48 100.44 -50.69
N ASN SF 28 -51.61 99.54 -51.10
CA ASN SF 28 -51.69 98.21 -50.55
C ASN SF 28 -51.19 98.21 -49.12
N PRO SF 29 -52.05 97.96 -48.14
CA PRO SF 29 -51.61 98.02 -46.74
C PRO SF 29 -50.67 96.91 -46.36
N THR SF 30 -50.77 95.74 -47.01
CA THR SF 30 -49.91 94.62 -46.63
C THR SF 30 -48.45 95.00 -46.71
N ASN SF 31 -47.93 95.18 -47.91
CA ASN SF 31 -46.58 95.68 -48.08
C ASN SF 31 -46.46 97.15 -47.71
N GLY SF 32 -47.58 97.85 -47.50
CA GLY SF 32 -47.52 99.26 -47.22
C GLY SF 32 -46.94 100.06 -48.36
N VAL SF 33 -47.50 99.91 -49.55
CA VAL SF 33 -46.96 100.53 -50.75
C VAL SF 33 -48.08 101.23 -51.49
N ALA SF 34 -47.86 102.50 -51.81
CA ALA SF 34 -48.79 103.27 -52.62
C ALA SF 34 -48.67 102.86 -54.09
N SER SF 35 -49.71 103.20 -54.85
CA SER SF 35 -49.73 102.90 -56.26
C SER SF 35 -50.33 104.06 -57.02
N LEU SF 36 -49.77 104.35 -58.19
CA LEU SF 36 -50.26 105.39 -59.07
C LEU SF 36 -50.36 104.83 -60.48
N SER SF 37 -51.29 105.35 -61.26
CA SER SF 37 -51.42 104.86 -62.61
C SER SF 37 -51.96 105.93 -63.54
N GLN SF 38 -51.53 105.84 -64.79
CA GLN SF 38 -52.25 106.46 -65.88
C GLN SF 38 -53.65 105.89 -65.96
N ALA SF 39 -54.59 106.72 -66.40
CA ALA SF 39 -55.93 106.21 -66.67
C ALA SF 39 -56.00 105.84 -68.14
N GLY SF 40 -55.98 104.53 -68.38
CA GLY SF 40 -56.14 103.99 -69.72
C GLY SF 40 -57.45 103.26 -69.85
N ALA SF 41 -57.47 102.32 -70.79
CA ALA SF 41 -58.59 101.41 -70.89
C ALA SF 41 -58.38 100.19 -70.01
N VAL SF 42 -57.39 99.39 -70.32
CA VAL SF 42 -57.14 98.14 -69.61
C VAL SF 42 -56.07 98.37 -68.54
N PRO SF 43 -56.39 98.17 -67.27
CA PRO SF 43 -55.37 98.33 -66.22
C PRO SF 43 -54.10 97.57 -66.48
N ALA SF 44 -54.18 96.34 -66.97
CA ALA SF 44 -53.00 95.60 -67.38
C ALA SF 44 -52.14 96.40 -68.35
N LEU SF 45 -52.77 97.15 -69.25
CA LEU SF 45 -52.02 98.00 -70.17
C LEU SF 45 -51.58 99.29 -69.52
N GLU SF 46 -52.30 99.77 -68.51
CA GLU SF 46 -52.07 101.09 -67.96
C GLU SF 46 -50.73 101.16 -67.25
N LYS SF 47 -50.06 102.30 -67.39
CA LYS SF 47 -48.75 102.52 -66.79
C LYS SF 47 -48.93 102.50 -65.28
N ARG SF 48 -47.92 101.98 -64.58
CA ARG SF 48 -48.00 101.92 -63.13
C ARG SF 48 -46.81 102.60 -62.50
N VAL SF 49 -47.04 103.22 -61.35
CA VAL SF 49 -45.99 103.87 -60.58
C VAL SF 49 -46.18 103.48 -59.12
N THR SF 50 -45.12 103.00 -58.49
CA THR SF 50 -45.18 102.52 -57.12
C THR SF 50 -44.13 103.21 -56.28
N VAL SF 51 -44.55 103.69 -55.12
CA VAL SF 51 -43.62 104.29 -54.15
C VAL SF 51 -43.87 103.65 -52.80
N SER SF 52 -42.82 103.65 -51.99
CA SER SF 52 -42.94 103.08 -50.66
C SER SF 52 -41.91 103.73 -49.75
N VAL SF 53 -42.25 103.77 -48.47
CA VAL SF 53 -41.30 104.17 -47.45
C VAL SF 53 -41.01 102.95 -46.61
N SER SF 54 -40.19 103.11 -45.58
CA SER SF 54 -39.88 102.02 -44.69
C SER SF 54 -39.42 102.60 -43.38
N GLN SF 55 -39.38 101.76 -42.35
CA GLN SF 55 -38.89 102.23 -41.07
C GLN SF 55 -37.98 101.17 -40.48
N PRO SF 56 -36.92 101.58 -39.78
CA PRO SF 56 -35.94 100.60 -39.30
C PRO SF 56 -36.55 99.65 -38.30
N SER SF 57 -36.14 98.40 -38.39
CA SER SF 57 -36.63 97.35 -37.49
C SER SF 57 -35.44 96.67 -36.87
N ARG SF 58 -35.71 95.61 -36.10
CA ARG SF 58 -34.65 94.75 -35.62
C ARG SF 58 -33.88 94.10 -36.76
N ASN SF 59 -34.48 93.97 -37.93
CA ASN SF 59 -33.80 93.43 -39.10
C ASN SF 59 -32.89 94.44 -39.77
N ARG SF 60 -33.28 95.71 -39.83
CA ARG SF 60 -32.47 96.72 -40.49
C ARG SF 60 -32.65 98.04 -39.77
N LYS SF 61 -31.55 98.77 -39.63
CA LYS SF 61 -31.54 100.04 -38.92
C LYS SF 61 -31.67 101.20 -39.88
N ASN SF 62 -31.85 100.90 -41.16
CA ASN SF 62 -31.79 101.92 -42.19
C ASN SF 62 -33.16 102.10 -42.82
N TYR SF 63 -33.41 103.31 -43.29
CA TYR SF 63 -34.63 103.59 -44.04
C TYR SF 63 -34.46 103.16 -45.48
N LYS SF 64 -35.52 102.57 -46.05
CA LYS SF 64 -35.56 102.23 -47.45
C LYS SF 64 -36.68 102.99 -48.11
N VAL SF 65 -36.40 103.59 -49.26
CA VAL SF 65 -37.41 104.22 -50.08
C VAL SF 65 -37.31 103.57 -51.45
N GLN SF 66 -38.35 102.84 -51.82
CA GLN SF 66 -38.37 102.06 -53.05
C GLN SF 66 -39.37 102.66 -54.01
N VAL SF 67 -38.95 102.84 -55.27
CA VAL SF 67 -39.80 103.35 -56.32
C VAL SF 67 -39.63 102.47 -57.54
N LYS SF 68 -40.71 101.89 -58.02
CA LYS SF 68 -40.69 101.05 -59.20
C LYS SF 68 -41.67 101.58 -60.23
N ILE SF 69 -41.32 101.44 -61.49
CA ILE SF 69 -42.15 101.90 -62.60
C ILE SF 69 -42.34 100.75 -63.56
N GLN SF 70 -43.57 100.54 -64.00
CA GLN SF 70 -43.91 99.44 -64.87
C GLN SF 70 -44.66 99.99 -66.07
N ASN SF 71 -44.07 99.86 -67.26
CA ASN SF 71 -44.63 100.42 -68.49
C ASN SF 71 -44.67 99.31 -69.53
N PRO SF 72 -45.78 98.62 -69.67
CA PRO SF 72 -45.87 97.54 -70.64
C PRO SF 72 -45.88 98.10 -72.06
N THR SF 73 -45.87 97.16 -73.01
CA THR SF 73 -45.96 97.48 -74.43
C THR SF 73 -47.18 96.79 -75.00
N ALA SF 74 -48.16 97.59 -75.40
CA ALA SF 74 -49.40 97.06 -75.95
C ALA SF 74 -49.16 96.57 -77.36
N CYS SF 75 -49.68 95.38 -77.67
CA CYS SF 75 -49.78 94.91 -79.04
C CYS SF 75 -51.24 95.14 -79.44
N THR SF 76 -51.47 96.14 -80.28
CA THR SF 76 -52.84 96.50 -80.64
C THR SF 76 -53.50 95.39 -81.43
N ALA SF 77 -52.91 95.02 -82.55
CA ALA SF 77 -53.43 93.92 -83.36
C ALA SF 77 -52.56 92.70 -83.09
N ASN SF 78 -53.12 91.75 -82.37
CA ASN SF 78 -52.49 90.45 -82.19
C ASN SF 78 -53.05 89.42 -83.16
N GLY SF 79 -53.90 89.85 -84.09
CA GLY SF 79 -54.73 88.91 -84.80
C GLY SF 79 -55.95 88.51 -84.01
N SER SF 80 -56.14 89.12 -82.84
CA SER SF 80 -57.26 88.83 -81.96
C SER SF 80 -57.95 90.14 -81.62
N CYS SF 81 -59.15 90.04 -81.06
CA CYS SF 81 -59.97 91.22 -80.80
C CYS SF 81 -59.46 92.06 -79.66
N ASP SF 82 -58.54 91.55 -78.85
CA ASP SF 82 -58.10 92.30 -77.69
C ASP SF 82 -56.59 92.51 -77.73
N PRO SF 83 -56.11 93.66 -77.31
CA PRO SF 83 -54.66 93.88 -77.25
C PRO SF 83 -54.04 93.00 -76.17
N SER SF 84 -52.73 92.84 -76.25
CA SER SF 84 -52.01 91.97 -75.34
C SER SF 84 -50.68 92.57 -74.95
N VAL SF 85 -50.26 92.27 -73.73
CA VAL SF 85 -48.97 92.72 -73.22
C VAL SF 85 -47.88 92.04 -74.04
N THR SF 86 -46.91 92.82 -74.49
CA THR SF 86 -45.79 92.24 -75.23
C THR SF 86 -44.51 92.32 -74.43
N ARG SF 87 -43.96 93.51 -74.29
CA ARG SF 87 -42.77 93.75 -73.50
C ARG SF 87 -43.14 94.54 -72.26
N GLN SF 88 -42.42 94.27 -71.18
CA GLN SF 88 -42.71 94.95 -69.93
C GLN SF 88 -41.46 95.69 -69.49
N ALA SF 89 -41.51 97.01 -69.52
CA ALA SF 89 -40.38 97.85 -69.12
C ALA SF 89 -40.35 97.95 -67.61
N TYR SF 90 -39.22 97.62 -67.01
CA TYR SF 90 -39.07 97.73 -65.57
C TYR SF 90 -38.09 98.83 -65.21
N ALA SF 91 -38.59 99.81 -64.47
CA ALA SF 91 -37.74 100.88 -63.96
C ALA SF 91 -37.82 100.84 -62.44
N ASP SF 92 -36.69 100.60 -61.80
CA ASP SF 92 -36.63 100.44 -60.36
C ASP SF 92 -35.62 101.40 -59.75
N VAL SF 93 -36.01 102.05 -58.66
CA VAL SF 93 -35.18 102.99 -57.95
C VAL SF 93 -35.34 102.73 -56.46
N THR SF 94 -34.24 102.71 -55.74
CA THR SF 94 -34.26 102.52 -54.30
C THR SF 94 -33.44 103.59 -53.62
N PHE SF 95 -33.62 103.69 -52.30
CA PHE SF 95 -32.86 104.64 -51.50
C PHE SF 95 -32.58 104.03 -50.14
N SER SF 96 -31.40 104.32 -49.63
CA SER SF 96 -31.02 103.90 -48.30
C SER SF 96 -30.58 105.11 -47.51
N PHE SF 97 -30.91 105.13 -46.23
CA PHE SF 97 -30.52 106.24 -45.38
C PHE SF 97 -30.31 105.72 -43.96
N THR SF 98 -29.58 106.50 -43.19
CA THR SF 98 -29.29 106.17 -41.81
C THR SF 98 -30.16 107.01 -40.91
N GLN SF 99 -30.52 106.45 -39.77
CA GLN SF 99 -31.37 107.15 -38.82
C GLN SF 99 -30.88 108.55 -38.53
N TYR SF 100 -29.59 108.80 -38.65
CA TYR SF 100 -29.07 110.15 -38.45
C TYR SF 100 -29.00 110.94 -39.74
N SER SF 101 -29.47 110.40 -40.85
CA SER SF 101 -29.42 111.11 -42.12
C SER SF 101 -30.11 112.46 -41.98
N THR SF 102 -29.50 113.51 -42.53
CA THR SF 102 -30.10 114.81 -42.39
C THR SF 102 -30.99 115.11 -43.60
N ASP SF 103 -31.61 116.28 -43.57
CA ASP SF 103 -32.53 116.65 -44.63
C ASP SF 103 -31.78 116.97 -45.92
N GLU SF 104 -30.86 117.93 -45.87
CA GLU SF 104 -30.24 118.39 -47.09
C GLU SF 104 -29.48 117.29 -47.80
N GLU SF 105 -28.80 116.43 -47.05
CA GLU SF 105 -28.19 115.27 -47.64
C GLU SF 105 -29.17 114.53 -48.54
N ARG SF 106 -30.33 114.18 -47.98
CA ARG SF 106 -31.35 113.54 -48.79
C ARG SF 106 -31.74 114.42 -49.95
N ALA SF 107 -32.13 115.67 -49.67
CA ALA SF 107 -32.44 116.60 -50.74
C ALA SF 107 -31.32 116.65 -51.77
N PHE SF 108 -30.08 116.71 -51.31
CA PHE SF 108 -28.96 116.67 -52.24
C PHE SF 108 -29.02 115.45 -53.13
N VAL SF 109 -29.37 114.30 -52.57
CA VAL SF 109 -29.48 113.10 -53.39
C VAL SF 109 -30.57 113.25 -54.44
N ARG SF 110 -31.72 113.79 -54.04
CA ARG SF 110 -32.86 113.80 -54.93
C ARG SF 110 -32.53 114.53 -56.22
N THR SF 111 -32.09 115.79 -56.13
CA THR SF 111 -31.82 116.57 -57.32
C THR SF 111 -30.79 115.90 -58.21
N GLU SF 112 -29.60 115.62 -57.66
CA GLU SF 112 -28.51 115.12 -58.48
C GLU SF 112 -28.90 113.92 -59.30
N LEU SF 113 -29.68 113.00 -58.73
CA LEU SF 113 -30.13 111.87 -59.52
C LEU SF 113 -30.90 112.35 -60.73
N ALA SF 114 -31.81 113.30 -60.54
CA ALA SF 114 -32.53 113.86 -61.68
C ALA SF 114 -31.58 114.47 -62.69
N ALA SF 115 -30.66 115.33 -62.23
CA ALA SF 115 -29.71 115.94 -63.15
C ALA SF 115 -29.01 114.90 -63.99
N LEU SF 116 -28.54 113.81 -63.38
CA LEU SF 116 -27.96 112.74 -64.15
C LEU SF 116 -28.91 112.26 -65.22
N LEU SF 117 -30.17 112.05 -64.88
CA LEU SF 117 -31.12 111.58 -65.86
C LEU SF 117 -31.25 112.54 -67.02
N ALA SF 118 -31.01 113.82 -66.79
CA ALA SF 118 -30.94 114.78 -67.88
C ALA SF 118 -29.53 114.92 -68.45
N SER SF 119 -28.54 114.33 -67.81
CA SER SF 119 -27.18 114.46 -68.30
C SER SF 119 -27.03 113.76 -69.64
N PRO SF 120 -26.21 114.31 -70.54
CA PRO SF 120 -25.94 113.64 -71.81
C PRO SF 120 -25.29 112.29 -71.65
N LEU SF 121 -24.72 112.01 -70.48
CA LEU SF 121 -24.11 110.71 -70.28
C LEU SF 121 -25.16 109.60 -70.34
N LEU SF 122 -26.14 109.65 -69.45
CA LEU SF 122 -27.07 108.55 -69.32
C LEU SF 122 -27.91 108.32 -70.56
N ILE SF 123 -28.22 109.38 -71.31
CA ILE SF 123 -29.14 109.22 -72.42
C ILE SF 123 -28.62 108.17 -73.41
N ASP SF 124 -27.35 108.23 -73.79
CA ASP SF 124 -26.78 107.17 -74.60
C ASP SF 124 -26.78 105.85 -73.87
N ALA SF 125 -26.41 105.86 -72.59
CA ALA SF 125 -26.53 104.69 -71.75
C ALA SF 125 -27.93 104.12 -71.74
N ILE SF 126 -28.93 104.95 -71.50
CA ILE SF 126 -30.32 104.51 -71.49
C ILE SF 126 -30.83 104.30 -72.89
N ASP SF 127 -30.96 105.37 -73.67
CA ASP SF 127 -31.65 105.26 -74.95
C ASP SF 127 -30.94 104.32 -75.90
N GLN SF 128 -29.66 104.54 -76.14
CA GLN SF 128 -28.92 103.76 -77.11
C GLN SF 128 -28.19 102.59 -76.50
N LEU SF 129 -28.35 102.34 -75.19
CA LEU SF 129 -27.74 101.21 -74.51
C LEU SF 129 -26.23 101.20 -74.75
N ASN SF 130 -25.57 102.23 -74.24
CA ASN SF 130 -24.16 102.29 -74.51
C ASN SF 130 -23.38 102.44 -73.22
N PRO SF 131 -22.26 101.78 -73.12
CA PRO SF 131 -21.37 102.01 -71.99
C PRO SF 131 -20.71 103.36 -72.07
N ALA SF 132 -19.69 103.57 -71.24
CA ALA SF 132 -19.20 104.89 -70.89
C ALA SF 132 -18.26 105.48 -71.93
N TYR SF 133 -18.07 104.79 -73.05
CA TYR SF 133 -17.12 105.26 -74.04
C TYR SF 133 -17.83 105.97 -75.17
N ALA TF 2 -63.50 104.72 -53.74
CA ALA TF 2 -63.34 106.00 -53.07
C ALA TF 2 -63.18 105.80 -51.58
N LYS TF 3 -63.24 106.90 -50.84
CA LYS TF 3 -63.04 106.89 -49.39
C LYS TF 3 -64.15 106.11 -48.71
N LEU TF 4 -63.77 105.36 -47.69
CA LEU TF 4 -64.73 104.77 -46.78
C LEU TF 4 -65.59 105.88 -46.21
N GLU TF 5 -66.89 105.71 -46.26
CA GLU TF 5 -67.81 106.72 -45.75
C GLU TF 5 -68.98 106.03 -45.08
N THR TF 6 -69.86 106.84 -44.51
CA THR TF 6 -71.14 106.35 -44.03
C THR TF 6 -71.90 105.93 -45.29
N VAL TF 7 -72.37 104.69 -45.30
CA VAL TF 7 -73.11 104.20 -46.46
C VAL TF 7 -74.55 103.99 -46.03
N THR TF 8 -75.43 104.83 -46.52
CA THR TF 8 -76.86 104.69 -46.27
C THR TF 8 -77.43 103.77 -47.32
N LEU TF 9 -78.39 102.94 -46.92
CA LEU TF 9 -79.05 102.03 -47.82
C LEU TF 9 -80.55 102.10 -47.61
N GLY TF 10 -81.28 102.42 -48.67
CA GLY TF 10 -82.72 102.38 -48.65
C GLY TF 10 -83.22 101.13 -49.35
N ASN TF 11 -84.53 100.91 -49.23
CA ASN TF 11 -85.20 99.82 -49.93
C ASN TF 11 -84.58 98.48 -49.56
N ILE TF 12 -84.80 98.07 -48.32
CA ILE TF 12 -84.16 96.90 -47.76
C ILE TF 12 -85.24 95.97 -47.23
N GLY TF 13 -84.97 94.68 -47.22
CA GLY TF 13 -85.90 93.70 -46.69
C GLY TF 13 -87.09 93.51 -47.60
N LYS TF 14 -87.86 92.46 -47.27
CA LYS TF 14 -89.05 92.15 -48.04
C LYS TF 14 -89.96 93.36 -48.17
N ASP TF 15 -90.03 94.18 -47.12
CA ASP TF 15 -90.79 95.41 -47.20
C ASP TF 15 -90.19 96.37 -48.22
N GLY TF 16 -88.88 96.60 -48.14
CA GLY TF 16 -88.28 97.67 -48.91
C GLY TF 16 -88.41 99.01 -48.24
N LYS TF 17 -89.03 99.07 -47.07
CA LYS TF 17 -89.03 100.29 -46.29
C LYS TF 17 -87.88 100.30 -45.30
N GLN TF 18 -87.18 99.17 -45.17
CA GLN TF 18 -86.04 99.07 -44.28
C GLN TF 18 -84.89 99.90 -44.81
N THR TF 19 -84.18 100.55 -43.90
CA THR TF 19 -83.01 101.34 -44.23
C THR TF 19 -81.87 100.95 -43.32
N LEU TF 20 -80.65 101.15 -43.80
CA LEU TF 20 -79.47 100.78 -43.04
C LEU TF 20 -78.34 101.74 -43.34
N VAL TF 21 -77.57 102.08 -42.31
CA VAL TF 21 -76.37 102.87 -42.48
C VAL TF 21 -75.19 102.03 -42.03
N LEU TF 22 -74.03 102.31 -42.61
CA LEU TF 22 -72.81 101.56 -42.32
C LEU TF 22 -71.68 102.53 -42.06
N ASN TF 23 -71.11 102.44 -40.92
CA ASN TF 23 -69.99 103.34 -40.72
C ASN TF 23 -68.70 102.65 -41.14
N PRO TF 24 -67.73 103.42 -41.64
CA PRO TF 24 -66.42 102.85 -41.91
C PRO TF 24 -65.78 102.34 -40.64
N ARG TF 25 -65.34 101.09 -40.69
CA ARG TF 25 -64.71 100.45 -39.55
C ARG TF 25 -63.19 100.48 -39.62
N GLY TF 26 -62.63 101.10 -40.64
CA GLY TF 26 -61.20 101.01 -40.88
C GLY TF 26 -60.89 99.79 -41.73
N VAL TF 27 -59.59 99.55 -41.90
CA VAL TF 27 -59.11 98.48 -42.76
C VAL TF 27 -58.09 97.67 -42.01
N ASN TF 28 -58.29 96.35 -41.97
CA ASN TF 28 -57.23 95.51 -41.46
C ASN TF 28 -56.09 95.45 -42.45
N PRO TF 29 -54.92 95.98 -42.13
CA PRO TF 29 -53.82 95.98 -43.09
C PRO TF 29 -53.25 94.60 -43.35
N THR TF 30 -53.32 93.70 -42.38
CA THR TF 30 -52.73 92.38 -42.56
C THR TF 30 -53.30 91.69 -43.79
N ASN TF 31 -54.55 91.28 -43.72
CA ASN TF 31 -55.23 90.75 -44.89
C ASN TF 31 -55.53 91.82 -45.92
N GLY TF 32 -55.37 93.09 -45.58
CA GLY TF 32 -55.72 94.15 -46.50
C GLY TF 32 -57.19 94.16 -46.83
N VAL TF 33 -58.05 94.21 -45.82
CA VAL TF 33 -59.48 94.12 -46.02
C VAL TF 33 -60.16 95.25 -45.24
N ALA TF 34 -61.02 95.98 -45.94
CA ALA TF 34 -61.82 97.02 -45.32
C ALA TF 34 -62.97 96.39 -44.54
N SER TF 35 -63.54 97.18 -43.63
CA SER TF 35 -64.65 96.73 -42.83
C SER TF 35 -65.67 97.86 -42.68
N LEU TF 36 -66.94 97.50 -42.71
CA LEU TF 36 -68.02 98.44 -42.53
C LEU TF 36 -69.00 97.85 -41.54
N SER TF 37 -69.69 98.71 -40.79
CA SER TF 37 -70.64 98.20 -39.83
C SER TF 37 -71.77 99.18 -39.61
N GLN TF 38 -72.94 98.62 -39.32
CA GLN TF 38 -73.99 99.37 -38.65
C GLN TF 38 -73.49 99.84 -37.30
N ALA TF 39 -73.99 100.99 -36.86
CA ALA TF 39 -73.71 101.45 -35.50
C ALA TF 39 -74.83 100.95 -34.60
N GLY TF 40 -74.51 99.94 -33.81
CA GLY TF 40 -75.42 99.42 -32.83
C GLY TF 40 -74.93 99.70 -31.42
N ALA TF 41 -75.36 98.86 -30.49
CA ALA TF 41 -74.81 98.89 -29.15
C ALA TF 41 -73.58 98.01 -29.05
N VAL TF 42 -73.77 96.71 -29.20
CA VAL TF 42 -72.68 95.75 -29.04
C VAL TF 42 -72.10 95.41 -30.41
N PRO TF 43 -70.81 95.69 -30.63
CA PRO TF 43 -70.20 95.33 -31.91
C PRO TF 43 -70.42 93.89 -32.31
N ALA TF 44 -70.33 92.94 -31.38
CA ALA TF 44 -70.66 91.56 -31.65
C ALA TF 44 -72.04 91.43 -32.27
N LEU TF 45 -73.00 92.24 -31.83
CA LEU TF 45 -74.33 92.23 -32.40
C LEU TF 45 -74.39 93.01 -33.71
N GLU TF 46 -73.53 93.99 -33.89
CA GLU TF 46 -73.66 94.92 -35.00
C GLU TF 46 -73.37 94.22 -36.32
N LYS TF 47 -74.12 94.61 -37.34
CA LYS TF 47 -74.00 94.02 -38.67
C LYS TF 47 -72.62 94.37 -39.20
N ARG TF 48 -72.02 93.46 -39.96
CA ARG TF 48 -70.70 93.71 -40.51
C ARG TF 48 -70.72 93.55 -42.02
N VAL TF 49 -69.90 94.36 -42.70
CA VAL TF 49 -69.73 94.28 -44.13
C VAL TF 49 -68.25 94.37 -44.43
N THR TF 50 -67.74 93.44 -45.23
CA THR TF 50 -66.33 93.35 -45.52
C THR TF 50 -66.13 93.33 -47.03
N VAL TF 51 -65.20 94.15 -47.50
CA VAL TF 51 -64.82 94.15 -48.91
C VAL TF 51 -63.32 94.07 -48.99
N SER TF 52 -62.84 93.53 -50.10
CA SER TF 52 -61.41 93.41 -50.31
C SER TF 52 -61.12 93.37 -51.80
N VAL TF 53 -59.93 93.85 -52.14
CA VAL TF 53 -59.44 93.70 -53.50
C VAL TF 53 -58.25 92.75 -53.42
N SER TF 54 -57.61 92.51 -54.56
CA SER TF 54 -56.44 91.65 -54.60
C SER TF 54 -55.64 92.01 -55.83
N GLN TF 55 -54.40 91.55 -55.87
CA GLN TF 55 -53.58 91.78 -57.04
C GLN TF 55 -52.85 90.50 -57.39
N PRO TF 56 -52.65 90.24 -58.68
CA PRO TF 56 -52.06 88.96 -59.08
C PRO TF 56 -50.63 88.83 -58.58
N SER TF 57 -50.30 87.61 -58.17
CA SER TF 57 -48.97 87.32 -57.65
C SER TF 57 -48.42 86.14 -58.43
N ARG TF 58 -47.24 85.68 -58.01
CA ARG TF 58 -46.71 84.42 -58.53
C ARG TF 58 -47.62 83.25 -58.24
N ASN TF 59 -48.47 83.35 -57.22
CA ASN TF 59 -49.44 82.31 -56.90
C ASN TF 59 -50.66 82.34 -57.79
N ARG TF 60 -51.14 83.52 -58.17
CA ARG TF 60 -52.33 83.63 -58.98
C ARG TF 60 -52.19 84.84 -59.88
N LYS TF 61 -52.62 84.70 -61.13
CA LYS TF 61 -52.53 85.75 -62.13
C LYS TF 61 -53.83 86.54 -62.22
N ASN TF 62 -54.78 86.20 -61.36
CA ASN TF 62 -56.13 86.75 -61.49
C ASN TF 62 -56.43 87.67 -60.33
N TYR TF 63 -57.29 88.65 -60.57
CA TYR TF 63 -57.76 89.51 -59.51
C TYR TF 63 -58.90 88.84 -58.77
N LYS TF 64 -58.90 89.00 -57.45
CA LYS TF 64 -59.99 88.52 -56.61
C LYS TF 64 -60.61 89.71 -55.91
N VAL TF 65 -61.93 89.77 -55.93
CA VAL TF 65 -62.69 90.75 -55.15
C VAL TF 65 -63.64 89.98 -54.28
N GLN TF 66 -63.43 90.06 -52.97
CA GLN TF 66 -64.18 89.28 -52.01
C GLN TF 66 -65.04 90.20 -51.18
N VAL TF 67 -66.31 89.84 -51.01
CA VAL TF 67 -67.24 90.61 -50.21
C VAL TF 67 -68.00 89.63 -49.32
N LYS TF 68 -67.93 89.83 -48.02
CA LYS TF 68 -68.62 88.98 -47.06
C LYS TF 68 -69.51 89.84 -46.19
N ILE TF 69 -70.65 89.29 -45.81
CA ILE TF 69 -71.61 89.98 -44.96
C ILE TF 69 -71.94 89.08 -43.79
N GLN TF 70 -71.95 89.66 -42.60
CA GLN TF 70 -72.19 88.91 -41.37
C GLN TF 70 -73.29 89.61 -40.59
N ASN TF 71 -74.42 88.93 -40.43
CA ASN TF 71 -75.60 89.49 -39.77
C ASN TF 71 -76.06 88.52 -38.69
N PRO TF 72 -75.63 88.71 -37.47
CA PRO TF 72 -76.02 87.79 -36.39
C PRO TF 72 -77.49 87.97 -36.04
N THR TF 73 -77.94 87.12 -35.13
CA THR TF 73 -79.30 87.17 -34.62
C THR TF 73 -79.23 87.36 -33.12
N ALA TF 74 -79.68 88.51 -32.65
CA ALA TF 74 -79.65 88.84 -31.24
C ALA TF 74 -80.75 88.08 -30.53
N CYS TF 75 -80.41 87.48 -29.39
CA CYS TF 75 -81.40 86.97 -28.45
C CYS TF 75 -81.49 88.01 -27.34
N THR TF 76 -82.60 88.76 -27.33
CA THR TF 76 -82.73 89.86 -26.38
C THR TF 76 -82.81 89.34 -24.95
N ALA TF 77 -83.79 88.47 -24.69
CA ALA TF 77 -83.92 87.86 -23.38
C ALA TF 77 -83.40 86.44 -23.47
N ASN TF 78 -82.22 86.22 -22.88
CA ASN TF 78 -81.68 84.88 -22.73
C ASN TF 78 -81.99 84.32 -21.34
N GLY TF 79 -82.77 85.03 -20.55
CA GLY TF 79 -82.81 84.76 -19.13
C GLY TF 79 -81.67 85.39 -18.39
N SER TF 80 -80.84 86.16 -19.09
CA SER TF 80 -79.68 86.83 -18.53
C SER TF 80 -79.77 88.30 -18.87
N CYS TF 81 -78.95 89.11 -18.19
CA CYS TF 81 -79.00 90.56 -18.34
C CYS TF 81 -78.47 91.04 -19.67
N ASP TF 82 -77.76 90.21 -20.42
CA ASP TF 82 -77.16 90.68 -21.66
C ASP TF 82 -77.63 89.84 -22.84
N PRO TF 83 -77.86 90.46 -23.99
CA PRO TF 83 -78.23 89.68 -25.18
C PRO TF 83 -77.07 88.82 -25.64
N SER TF 84 -77.39 87.82 -26.45
CA SER TF 84 -76.40 86.87 -26.91
C SER TF 84 -76.61 86.52 -28.36
N VAL TF 85 -75.52 86.23 -29.05
CA VAL TF 85 -75.57 85.80 -30.44
C VAL TF 85 -76.26 84.46 -30.51
N THR TF 86 -77.22 84.33 -31.42
CA THR TF 86 -77.89 83.05 -31.59
C THR TF 86 -77.52 82.41 -32.92
N ARG TF 87 -78.01 82.96 -34.01
CA ARG TF 87 -77.71 82.48 -35.35
C ARG TF 87 -76.86 83.52 -36.05
N GLN TF 88 -75.96 83.05 -36.90
CA GLN TF 88 -75.07 83.96 -37.60
C GLN TF 88 -75.29 83.76 -39.11
N ALA TF 89 -75.84 84.77 -39.75
CA ALA TF 89 -76.11 84.72 -41.18
C ALA TF 89 -74.83 85.03 -41.93
N TYR TF 90 -74.43 84.15 -42.84
CA TYR TF 90 -73.25 84.38 -43.65
C TYR TF 90 -73.62 84.62 -45.10
N ALA TF 91 -73.24 85.79 -45.59
CA ALA TF 91 -73.43 86.13 -46.99
C ALA TF 91 -72.06 86.41 -47.59
N ASP TF 92 -71.67 85.60 -48.57
CA ASP TF 92 -70.35 85.69 -49.15
C ASP TF 92 -70.45 85.86 -50.66
N VAL TF 93 -69.66 86.77 -51.21
CA VAL TF 93 -69.63 87.05 -52.63
C VAL TF 93 -68.17 87.21 -53.03
N THR TF 94 -67.78 86.61 -54.15
CA THR TF 94 -66.44 86.72 -54.67
C THR TF 94 -66.47 87.10 -56.13
N PHE TF 95 -65.32 87.52 -56.64
CA PHE TF 95 -65.18 87.86 -58.04
C PHE TF 95 -63.80 87.47 -58.52
N SER TF 96 -63.76 86.99 -59.75
CA SER TF 96 -62.50 86.66 -60.39
C SER TF 96 -62.41 87.41 -61.70
N PHE TF 97 -61.21 87.86 -62.04
CA PHE TF 97 -61.01 88.57 -63.30
C PHE TF 97 -59.60 88.29 -63.79
N THR TF 98 -59.41 88.52 -65.08
CA THR TF 98 -58.13 88.32 -65.73
C THR TF 98 -57.48 89.68 -65.95
N GLN TF 99 -56.15 89.69 -65.90
CA GLN TF 99 -55.40 90.92 -66.07
C GLN TF 99 -55.85 91.69 -67.29
N TYR TF 100 -56.36 91.02 -68.31
CA TYR TF 100 -56.86 91.70 -69.49
C TYR TF 100 -58.35 92.02 -69.40
N SER TF 101 -58.98 91.74 -68.26
CA SER TF 101 -60.41 92.01 -68.13
C SER TF 101 -60.67 93.49 -68.41
N THR TF 102 -61.73 93.77 -69.17
CA THR TF 102 -62.01 95.16 -69.49
C THR TF 102 -62.99 95.74 -68.47
N ASP TF 103 -63.29 97.02 -68.65
CA ASP TF 103 -64.16 97.70 -67.72
C ASP TF 103 -65.59 97.23 -67.85
N GLU TF 104 -66.17 97.35 -69.05
CA GLU TF 104 -67.59 97.09 -69.21
C GLU TF 104 -67.94 95.67 -68.84
N GLU TF 105 -67.08 94.71 -69.22
CA GLU TF 105 -67.26 93.34 -68.77
C GLU TF 105 -67.51 93.29 -67.28
N ARG TF 106 -66.61 93.88 -66.51
CA ARG TF 106 -66.82 93.93 -65.06
C ARG TF 106 -68.12 94.64 -64.73
N ALA TF 107 -68.28 95.86 -65.25
CA ALA TF 107 -69.54 96.57 -65.04
C ALA TF 107 -70.73 95.71 -65.41
N PHE TF 108 -70.65 95.03 -66.55
CA PHE TF 108 -71.72 94.10 -66.93
C PHE TF 108 -71.98 93.09 -65.84
N VAL TF 109 -70.94 92.56 -65.21
CA VAL TF 109 -71.13 91.60 -64.14
C VAL TF 109 -71.85 92.24 -62.98
N ARG TF 110 -71.45 93.45 -62.61
CA ARG TF 110 -71.98 94.05 -61.40
C ARG TF 110 -73.49 94.16 -61.45
N THR TF 111 -74.02 94.82 -62.47
CA THR TF 111 -75.47 95.02 -62.54
C THR TF 111 -76.20 93.70 -62.55
N GLU TF 112 -75.89 92.82 -63.50
CA GLU TF 112 -76.67 91.60 -63.66
C GLU TF 112 -76.80 90.82 -62.37
N LEU TF 113 -75.74 90.74 -61.57
CA LEU TF 113 -75.86 90.07 -60.29
C LEU TF 113 -76.95 90.72 -59.46
N ALA TF 114 -76.95 92.04 -59.40
CA ALA TF 114 -78.01 92.74 -58.68
C ALA TF 114 -79.37 92.39 -59.23
N ALA TF 115 -79.55 92.51 -60.54
CA ALA TF 115 -80.82 92.19 -61.16
C ALA TF 115 -81.31 90.81 -60.74
N LEU TF 116 -80.43 89.81 -60.77
CA LEU TF 116 -80.80 88.49 -60.27
C LEU TF 116 -81.33 88.58 -58.85
N LEU TF 117 -80.64 89.32 -57.99
CA LEU TF 117 -81.09 89.42 -56.61
C LEU TF 117 -82.48 90.01 -56.52
N ALA TF 118 -82.86 90.84 -57.48
CA ALA TF 118 -84.23 91.31 -57.55
C ALA TF 118 -85.11 90.42 -58.39
N SER TF 119 -84.54 89.44 -59.08
CA SER TF 119 -85.35 88.56 -59.91
C SER TF 119 -86.28 87.72 -59.05
N PRO TF 120 -87.49 87.44 -59.55
CA PRO TF 120 -88.39 86.56 -58.82
C PRO TF 120 -87.85 85.16 -58.65
N LEU TF 121 -86.85 84.77 -59.43
CA LEU TF 121 -86.27 83.45 -59.25
C LEU TF 121 -85.63 83.31 -57.88
N LEU TF 122 -84.63 84.13 -57.60
CA LEU TF 122 -83.84 83.94 -56.40
C LEU TF 122 -84.64 84.11 -55.12
N ILE TF 123 -85.66 84.97 -55.13
CA ILE TF 123 -86.36 85.24 -53.89
C ILE TF 123 -86.91 83.97 -53.26
N ASP TF 124 -87.58 83.13 -54.04
CA ASP TF 124 -87.99 81.82 -53.53
C ASP TF 124 -86.80 80.97 -53.16
N ALA TF 125 -85.76 80.97 -54.00
CA ALA TF 125 -84.52 80.31 -53.66
C ALA TF 125 -83.95 80.81 -52.35
N ILE TF 126 -83.84 82.12 -52.17
CA ILE TF 126 -83.32 82.69 -50.95
C ILE TF 126 -84.34 82.63 -49.83
N ASP TF 127 -85.44 83.38 -49.96
CA ASP TF 127 -86.36 83.53 -48.86
C ASP TF 127 -86.98 82.21 -48.44
N GLN TF 128 -87.59 81.50 -49.38
CA GLN TF 128 -88.28 80.27 -49.05
C GLN TF 128 -87.43 79.03 -49.24
N LEU TF 129 -86.15 79.18 -49.57
CA LEU TF 129 -85.24 78.05 -49.71
C LEU TF 129 -85.79 77.03 -50.68
N ASN TF 130 -85.92 77.45 -51.93
CA ASN TF 130 -86.53 76.54 -52.86
C ASN TF 130 -85.64 76.35 -54.08
N PRO TF 131 -85.54 75.15 -54.58
CA PRO TF 131 -84.85 74.94 -55.85
C PRO TF 131 -85.64 75.50 -57.01
N ALA TF 132 -85.24 75.13 -58.22
CA ALA TF 132 -85.59 75.85 -59.44
C ALA TF 132 -86.97 75.49 -59.96
N TYR TF 133 -87.71 74.67 -59.24
CA TYR TF 133 -89.01 74.23 -59.74
C TYR TF 133 -90.12 75.03 -59.10
N ALA UF 2 -60.63 107.46 -39.24
CA ALA UF 2 -60.55 107.94 -40.62
C ALA UF 2 -59.13 107.83 -41.13
N LYS UF 3 -58.89 108.43 -42.29
CA LYS UF 3 -57.60 108.36 -42.96
C LYS UF 3 -56.53 109.05 -42.13
N LEU UF 4 -55.35 108.45 -42.12
CA LEU UF 4 -54.17 109.11 -41.60
C LEU UF 4 -53.99 110.42 -42.34
N GLU UF 5 -53.81 111.51 -41.61
CA GLU UF 5 -53.63 112.80 -42.21
C GLU UF 5 -52.61 113.60 -41.42
N THR UF 6 -52.30 114.78 -41.93
CA THR UF 6 -51.52 115.73 -41.16
C THR UF 6 -52.39 116.13 -39.98
N VAL UF 7 -51.85 115.99 -38.78
CA VAL UF 7 -52.61 116.33 -37.59
C VAL UF 7 -51.97 117.54 -36.95
N THR UF 8 -52.64 118.68 -37.04
CA THR UF 8 -52.18 119.90 -36.40
C THR UF 8 -52.69 119.92 -34.97
N LEU UF 9 -51.88 120.42 -34.06
CA LEU UF 9 -52.26 120.53 -32.67
C LEU UF 9 -51.90 121.92 -32.16
N GLY UF 10 -52.91 122.62 -31.64
CA GLY UF 10 -52.70 123.88 -30.99
C GLY UF 10 -52.76 123.72 -29.49
N ASN UF 11 -52.40 124.79 -28.78
CA ASN UF 11 -52.53 124.84 -27.33
C ASN UF 11 -51.74 123.70 -26.68
N ILE UF 12 -50.42 123.81 -26.77
CA ILE UF 12 -49.52 122.75 -26.35
C ILE UF 12 -48.54 123.35 -25.35
N GLY UF 13 -48.05 122.53 -24.44
CA GLY UF 13 -47.07 122.94 -23.47
C GLY UF 13 -47.66 123.84 -22.41
N LYS UF 14 -46.85 124.08 -21.39
CA LYS UF 14 -47.27 124.94 -20.29
C LYS UF 14 -47.77 126.28 -20.79
N ASP UF 15 -47.13 126.80 -21.85
CA ASP UF 15 -47.61 128.03 -22.47
C ASP UF 15 -48.98 127.84 -23.08
N GLY UF 16 -49.16 126.79 -23.88
CA GLY UF 16 -50.36 126.68 -24.67
C GLY UF 16 -50.28 127.46 -25.97
N LYS UF 17 -49.16 128.13 -26.21
CA LYS UF 17 -48.94 128.73 -27.51
C LYS UF 17 -48.19 127.79 -28.43
N GLN UF 18 -47.70 126.68 -27.89
CA GLN UF 18 -46.99 125.68 -28.68
C GLN UF 18 -47.95 125.00 -29.63
N THR UF 19 -47.47 124.72 -30.83
CA THR UF 19 -48.22 124.01 -31.84
C THR UF 19 -47.38 122.89 -32.41
N LEU UF 20 -48.05 121.86 -32.91
CA LEU UF 20 -47.35 120.70 -33.45
C LEU UF 20 -48.16 120.10 -34.60
N VAL UF 21 -47.46 119.66 -35.63
CA VAL UF 21 -48.07 118.95 -36.72
C VAL UF 21 -47.47 117.54 -36.75
N LEU UF 22 -48.26 116.59 -37.25
CA LEU UF 22 -47.84 115.19 -37.30
C LEU UF 22 -48.14 114.65 -38.69
N ASN UF 23 -47.13 114.19 -39.33
CA ASN UF 23 -47.44 113.60 -40.62
C ASN UF 23 -47.72 112.11 -40.47
N PRO UF 24 -48.58 111.58 -41.31
CA PRO UF 24 -48.77 110.12 -41.32
C PRO UF 24 -47.49 109.42 -41.72
N ARG UF 25 -47.09 108.46 -40.90
CA ARG UF 25 -45.87 107.70 -41.13
C ARG UF 25 -46.15 106.36 -41.78
N GLY UF 26 -47.39 106.06 -42.12
CA GLY UF 26 -47.74 104.73 -42.57
C GLY UF 26 -48.07 103.84 -41.40
N VAL UF 27 -48.28 102.57 -41.70
CA VAL UF 27 -48.70 101.59 -40.70
C VAL UF 27 -47.82 100.36 -40.81
N ASN UF 28 -47.24 99.96 -39.69
CA ASN UF 28 -46.56 98.68 -39.69
C ASN UF 28 -47.58 97.56 -39.74
N PRO UF 29 -47.65 96.79 -40.82
CA PRO UF 29 -48.66 95.73 -40.90
C PRO UF 29 -48.42 94.58 -39.95
N THR UF 30 -47.17 94.31 -39.59
CA THR UF 30 -46.87 93.18 -38.72
C THR UF 30 -47.65 93.28 -37.42
N ASN UF 31 -47.27 94.22 -36.57
CA ASN UF 31 -48.03 94.48 -35.36
C ASN UF 31 -49.36 95.16 -35.67
N GLY UF 32 -49.57 95.62 -36.89
CA GLY UF 32 -50.80 96.33 -37.21
C GLY UF 32 -50.92 97.62 -36.43
N VAL UF 33 -49.91 98.48 -36.52
CA VAL UF 33 -49.87 99.70 -35.72
C VAL UF 33 -49.54 100.87 -36.64
N ALA UF 34 -50.37 101.91 -36.57
CA ALA UF 34 -50.11 103.14 -37.29
C ALA UF 34 -49.00 103.95 -36.60
N SER UF 35 -48.44 104.88 -37.36
CA SER UF 35 -47.39 105.73 -36.84
C SER UF 35 -47.57 107.14 -37.35
N LEU UF 36 -47.31 108.11 -36.49
CA LEU UF 36 -47.38 109.52 -36.84
C LEU UF 36 -46.12 110.20 -36.35
N SER UF 37 -45.70 111.25 -37.04
CA SER UF 37 -44.50 111.94 -36.60
C SER UF 37 -44.56 113.40 -36.98
N GLN UF 38 -43.92 114.21 -36.14
CA GLN UF 38 -43.48 115.54 -36.54
C GLN UF 38 -42.50 115.41 -37.70
N ALA UF 39 -42.51 116.41 -38.58
CA ALA UF 39 -41.49 116.46 -39.61
C ALA UF 39 -40.34 117.32 -39.09
N GLY UF 40 -39.26 116.63 -38.75
CA GLY UF 40 -38.03 117.28 -38.34
C GLY UF 40 -36.94 117.08 -39.35
N ALA UF 41 -35.70 117.16 -38.87
CA ALA UF 41 -34.57 116.79 -39.70
C ALA UF 41 -34.27 115.29 -39.57
N VAL UF 42 -33.86 114.87 -38.39
CA VAL UF 42 -33.47 113.48 -38.18
C VAL UF 42 -34.65 112.70 -37.60
N PRO UF 43 -35.12 111.67 -38.29
CA PRO UF 43 -36.22 110.86 -37.75
C PRO UF 43 -35.98 110.38 -36.34
N ALA UF 44 -34.77 109.94 -36.01
CA ALA UF 44 -34.43 109.60 -34.65
C ALA UF 44 -34.76 110.72 -33.68
N LEU UF 45 -34.56 111.97 -34.08
CA LEU UF 45 -34.92 113.10 -33.25
C LEU UF 45 -36.41 113.40 -33.31
N GLU UF 46 -37.07 113.07 -34.41
CA GLU UF 46 -38.44 113.52 -34.64
C GLU UF 46 -39.38 112.84 -33.66
N LYS UF 47 -40.38 113.61 -33.22
CA LYS UF 47 -41.37 113.12 -32.26
C LYS UF 47 -42.16 112.02 -32.94
N ARG UF 48 -42.56 111.03 -32.16
CA ARG UF 48 -43.33 109.92 -32.71
C ARG UF 48 -44.63 109.73 -31.96
N VAL UF 49 -45.67 109.32 -32.68
CA VAL UF 49 -46.96 109.03 -32.10
C VAL UF 49 -47.46 107.73 -32.71
N THR UF 50 -47.86 106.80 -31.86
CA THR UF 50 -48.28 105.48 -32.29
C THR UF 50 -49.66 105.17 -31.74
N VAL UF 51 -50.53 104.68 -32.61
CA VAL UF 51 -51.86 104.24 -32.21
C VAL UF 51 -52.09 102.85 -32.78
N SER UF 52 -52.94 102.10 -32.10
CA SER UF 52 -53.26 100.76 -32.54
C SER UF 52 -54.63 100.38 -32.04
N VAL UF 53 -55.28 99.50 -32.79
CA VAL UF 53 -56.51 98.89 -32.34
C VAL UF 53 -56.22 97.41 -32.14
N SER UF 54 -57.23 96.65 -31.76
CA SER UF 54 -57.07 95.22 -31.57
C SER UF 54 -58.43 94.57 -31.72
N GLN UF 55 -58.42 93.26 -31.87
CA GLN UF 55 -59.68 92.55 -31.94
C GLN UF 55 -59.59 91.28 -31.09
N PRO UF 56 -60.68 90.90 -30.45
CA PRO UF 56 -60.60 89.77 -29.52
C PRO UF 56 -60.27 88.48 -30.24
N SER UF 57 -59.45 87.65 -29.59
CA SER UF 57 -59.04 86.38 -30.16
C SER UF 57 -59.33 85.30 -29.14
N ARG UF 58 -58.91 84.08 -29.45
CA ARG UF 58 -58.95 83.00 -28.48
C ARG UF 58 -58.11 83.31 -27.25
N ASN UF 59 -57.11 84.18 -27.39
CA ASN UF 59 -56.29 84.59 -26.26
C ASN UF 59 -56.96 85.63 -25.37
N ARG UF 60 -57.71 86.56 -25.95
CA ARG UF 60 -58.36 87.60 -25.18
C ARG UF 60 -59.68 87.96 -25.85
N LYS UF 61 -60.69 88.18 -25.02
CA LYS UF 61 -62.04 88.50 -25.50
C LYS UF 61 -62.27 90.00 -25.51
N ASN UF 62 -61.24 90.76 -25.18
CA ASN UF 62 -61.41 92.19 -24.97
C ASN UF 62 -60.68 92.97 -26.04
N TYR UF 63 -61.19 94.16 -26.34
CA TYR UF 63 -60.51 95.05 -27.27
C TYR UF 63 -59.42 95.82 -26.53
N LYS UF 64 -58.29 95.99 -27.20
CA LYS UF 64 -57.19 96.80 -26.69
C LYS UF 64 -56.97 97.95 -27.65
N VAL UF 65 -56.85 99.15 -27.10
CA VAL UF 65 -56.45 100.32 -27.86
C VAL UF 65 -55.22 100.89 -27.19
N GLN UF 66 -54.09 100.83 -27.89
CA GLN UF 66 -52.81 101.23 -27.32
C GLN UF 66 -52.32 102.48 -28.03
N VAL UF 67 -51.88 103.45 -27.25
CA VAL UF 67 -51.33 104.69 -27.78
C VAL UF 67 -50.04 104.99 -27.03
N LYS UF 68 -48.94 105.12 -27.75
CA LYS UF 68 -47.65 105.42 -27.17
C LYS UF 68 -47.08 106.67 -27.82
N ILE UF 69 -46.38 107.47 -27.04
CA ILE UF 69 -45.77 108.70 -27.51
C ILE UF 69 -44.31 108.68 -27.12
N GLN UF 70 -43.45 109.05 -28.07
CA GLN UF 70 -42.01 109.01 -27.88
C GLN UF 70 -41.45 110.37 -28.27
N ASN UF 71 -40.88 111.07 -27.29
CA ASN UF 71 -40.37 112.42 -27.48
C ASN UF 71 -38.94 112.47 -26.95
N PRO UF 72 -37.95 112.27 -27.79
CA PRO UF 72 -36.57 112.29 -27.34
C PRO UF 72 -36.14 113.70 -26.97
N THR UF 73 -34.92 113.80 -26.46
CA THR UF 73 -34.31 115.06 -26.12
C THR UF 73 -33.02 115.21 -26.92
N ALA UF 74 -33.01 116.17 -27.83
CA ALA UF 74 -31.85 116.40 -28.67
C ALA UF 74 -30.76 117.09 -27.88
N CYS UF 75 -29.53 116.60 -28.02
CA CYS UF 75 -28.35 117.32 -27.57
C CYS UF 75 -27.76 117.96 -28.81
N THR UF 76 -27.90 119.28 -28.93
CA THR UF 76 -27.46 119.97 -30.13
C THR UF 76 -25.95 119.91 -30.26
N ALA UF 77 -25.24 120.41 -29.25
CA ALA UF 77 -23.79 120.36 -29.25
C ALA UF 77 -23.38 119.24 -28.30
N ASN UF 78 -22.90 118.14 -28.89
CA ASN UF 78 -22.29 117.07 -28.12
C ASN UF 78 -20.78 117.20 -28.10
N GLY UF 79 -20.23 118.28 -28.65
CA GLY UF 79 -18.83 118.30 -29.00
C GLY UF 79 -18.55 117.63 -30.31
N SER UF 80 -19.61 117.19 -31.00
CA SER UF 80 -19.49 116.50 -32.28
C SER UF 80 -20.39 117.21 -33.28
N CYS UF 81 -20.20 116.91 -34.55
CA CYS UF 81 -20.90 117.59 -35.63
C CYS UF 81 -22.38 117.23 -35.71
N ASP UF 82 -22.81 116.16 -35.04
CA ASP UF 82 -24.19 115.75 -35.18
C ASP UF 82 -24.86 115.70 -33.81
N PRO UF 83 -26.13 116.09 -33.74
CA PRO UF 83 -26.85 115.98 -32.47
C PRO UF 83 -27.06 114.52 -32.10
N SER UF 84 -27.38 114.30 -30.83
CA SER UF 84 -27.53 112.95 -30.32
C SER UF 84 -28.69 112.88 -29.34
N VAL UF 85 -29.33 111.71 -29.32
CA VAL UF 85 -30.43 111.46 -28.39
C VAL UF 85 -29.86 111.47 -26.98
N THR UF 86 -30.52 112.18 -26.08
CA THR UF 86 -30.08 112.19 -24.69
C THR UF 86 -31.08 111.47 -23.80
N ARG UF 87 -32.23 112.08 -23.57
CA ARG UF 87 -33.29 111.48 -22.78
C ARG UF 87 -34.45 111.13 -23.69
N GLN UF 88 -35.15 110.06 -23.36
CA GLN UF 88 -36.26 109.62 -24.19
C GLN UF 88 -37.51 109.61 -23.32
N ALA UF 89 -38.43 110.51 -23.62
CA ALA UF 89 -39.68 110.61 -22.87
C ALA UF 89 -40.65 109.56 -23.38
N TYR UF 90 -41.17 108.75 -22.48
CA TYR UF 90 -42.14 107.73 -22.85
C TYR UF 90 -43.51 108.05 -22.29
N ALA UF 91 -44.47 108.21 -23.18
CA ALA UF 91 -45.86 108.43 -22.79
C ALA UF 91 -46.68 107.29 -23.38
N ASP UF 92 -47.29 106.49 -22.51
CA ASP UF 92 -48.03 105.32 -22.92
C ASP UF 92 -49.44 105.37 -22.38
N VAL UF 93 -50.40 105.04 -23.24
CA VAL UF 93 -51.82 105.02 -22.89
C VAL UF 93 -52.43 103.77 -23.51
N THR UF 94 -53.24 103.06 -22.73
CA THR UF 94 -53.92 101.88 -23.19
C THR UF 94 -55.41 101.97 -22.89
N PHE UF 95 -56.17 101.09 -23.53
CA PHE UF 95 -57.60 101.01 -23.28
C PHE UF 95 -58.04 99.57 -23.38
N SER UF 96 -58.99 99.21 -22.51
CA SER UF 96 -59.59 97.90 -22.55
C SER UF 96 -61.10 98.06 -22.64
N PHE UF 97 -61.73 97.17 -23.38
CA PHE UF 97 -63.17 97.21 -23.53
C PHE UF 97 -63.69 95.80 -23.72
N THR UF 98 -64.97 95.64 -23.46
CA THR UF 98 -65.64 94.36 -23.61
C THR UF 98 -66.46 94.37 -24.88
N GLN UF 99 -66.58 93.20 -25.50
CA GLN UF 99 -67.32 93.08 -26.73
C GLN UF 99 -68.68 93.74 -26.66
N TYR UF 100 -69.28 93.80 -25.48
CA TYR UF 100 -70.57 94.46 -25.32
C TYR UF 100 -70.43 95.94 -24.96
N SER UF 101 -69.21 96.46 -24.91
CA SER UF 101 -69.02 97.86 -24.56
C SER UF 101 -69.82 98.75 -25.50
N THR UF 102 -70.49 99.75 -24.95
CA THR UF 102 -71.29 100.61 -25.81
C THR UF 102 -70.49 101.80 -26.26
N ASP UF 103 -71.14 102.64 -27.08
CA ASP UF 103 -70.45 103.80 -27.62
C ASP UF 103 -70.21 104.85 -26.55
N GLU UF 104 -71.26 105.32 -25.91
CA GLU UF 104 -71.13 106.46 -25.01
C GLU UF 104 -70.19 106.14 -23.86
N GLU UF 105 -70.26 104.93 -23.34
CA GLU UF 105 -69.28 104.51 -22.33
C GLU UF 105 -67.87 104.83 -22.79
N ARG UF 106 -67.51 104.35 -23.98
CA ARG UF 106 -66.20 104.66 -24.52
C ARG UF 106 -66.02 106.16 -24.65
N ALA UF 107 -66.96 106.83 -25.34
CA ALA UF 107 -66.91 108.27 -25.44
C ALA UF 107 -66.74 108.92 -24.07
N PHE UF 108 -67.51 108.45 -23.10
CA PHE UF 108 -67.36 108.95 -21.74
C PHE UF 108 -65.92 108.82 -21.26
N VAL UF 109 -65.28 107.69 -21.55
CA VAL UF 109 -63.91 107.52 -21.14
C VAL UF 109 -63.00 108.54 -21.81
N ARG UF 110 -63.21 108.76 -23.11
CA ARG UF 110 -62.28 109.59 -23.85
C ARG UF 110 -62.18 110.98 -23.25
N THR UF 111 -63.32 111.67 -23.13
CA THR UF 111 -63.29 113.03 -22.62
C THR UF 111 -62.67 113.10 -21.22
N GLU UF 112 -63.22 112.35 -20.28
CA GLU UF 112 -62.79 112.48 -18.89
C GLU UF 112 -61.29 112.35 -18.74
N LEU UF 113 -60.66 111.43 -19.48
CA LEU UF 113 -59.21 111.34 -19.41
C LEU UF 113 -58.57 112.66 -19.79
N ALA UF 114 -59.04 113.26 -20.88
CA ALA UF 114 -58.53 114.57 -21.26
C ALA UF 114 -58.74 115.58 -20.15
N ALA UF 115 -59.96 115.69 -19.63
CA ALA UF 115 -60.23 116.64 -18.56
C ALA UF 115 -59.24 116.48 -17.42
N LEU UF 116 -58.98 115.24 -16.99
CA LEU UF 116 -57.95 115.02 -15.99
C LEU UF 116 -56.63 115.63 -16.40
N LEU UF 117 -56.23 115.42 -17.65
CA LEU UF 117 -54.96 115.97 -18.10
C LEU UF 117 -54.95 117.48 -17.99
N ALA UF 118 -56.10 118.12 -18.09
CA ALA UF 118 -56.19 119.55 -17.84
C ALA UF 118 -56.48 119.87 -16.39
N SER UF 119 -56.79 118.86 -15.58
CA SER UF 119 -57.10 119.12 -14.19
C SER UF 119 -55.87 119.63 -13.46
N PRO UF 120 -56.05 120.55 -12.49
CA PRO UF 120 -54.92 121.00 -11.69
C PRO UF 120 -54.27 119.90 -10.88
N LEU UF 121 -54.95 118.78 -10.70
CA LEU UF 121 -54.34 117.68 -9.97
C LEU UF 121 -53.12 117.15 -10.70
N LEU UF 122 -53.31 116.66 -11.91
CA LEU UF 122 -52.24 115.97 -12.60
C LEU UF 122 -51.05 116.85 -12.91
N ILE UF 123 -51.27 118.15 -13.13
CA ILE UF 123 -50.17 118.99 -13.56
C ILE UF 123 -49.03 118.95 -12.56
N ASP UF 124 -49.32 119.10 -11.27
CA ASP UF 124 -48.29 118.92 -10.26
C ASP UF 124 -47.75 117.51 -10.26
N ALA UF 125 -48.63 116.52 -10.36
CA ALA UF 125 -48.22 115.14 -10.52
C ALA UF 125 -47.30 114.95 -11.72
N ILE UF 126 -47.67 115.47 -12.88
CA ILE UF 126 -46.86 115.36 -14.08
C ILE UF 126 -45.69 116.33 -14.03
N ASP UF 127 -45.98 117.62 -14.08
CA ASP UF 127 -44.91 118.59 -14.26
C ASP UF 127 -43.93 118.59 -13.10
N GLN UF 128 -44.43 118.73 -11.88
CA GLN UF 128 -43.57 118.83 -10.73
C GLN UF 128 -43.33 117.49 -10.03
N LEU UF 129 -43.86 116.40 -10.58
CA LEU UF 129 -43.64 115.07 -10.03
C LEU UF 129 -44.06 115.02 -8.57
N ASN UF 130 -45.34 115.23 -8.33
CA ASN UF 130 -45.75 115.28 -6.95
C ASN UF 130 -46.89 114.32 -6.70
N PRO UF 131 -46.88 113.65 -5.58
CA PRO UF 131 -48.03 112.84 -5.20
C PRO UF 131 -49.21 113.70 -4.81
N ALA UF 132 -50.22 113.09 -4.21
CA ALA UF 132 -51.56 113.63 -4.13
C ALA UF 132 -51.73 114.66 -3.02
N TYR UF 133 -50.65 115.00 -2.32
CA TYR UF 133 -50.76 115.91 -1.20
C TYR UF 133 -50.36 117.32 -1.61
N ALA VF 2 -6.64 101.26 -85.02
CA ALA VF 2 -6.90 102.67 -84.74
C ALA VF 2 -8.21 102.83 -84.00
N LYS VF 3 -8.66 104.08 -83.89
CA LYS VF 3 -9.87 104.42 -83.16
C LYS VF 3 -11.08 103.81 -83.83
N LEU VF 4 -12.00 103.34 -83.00
CA LEU VF 4 -13.34 102.97 -83.46
C LEU VF 4 -13.94 104.17 -84.15
N GLU VF 5 -14.45 103.98 -85.35
CA GLU VF 5 -15.05 105.07 -86.10
C GLU VF 5 -16.27 104.55 -86.85
N THR VF 6 -16.95 105.46 -87.51
CA THR VF 6 -17.99 105.08 -88.45
C THR VF 6 -17.28 104.37 -89.59
N VAL VF 7 -17.72 103.15 -89.89
CA VAL VF 7 -17.08 102.39 -90.96
C VAL VF 7 -18.09 102.26 -92.09
N THR VF 8 -17.82 102.96 -93.18
CA THR VF 8 -18.64 102.88 -94.38
C THR VF 8 -18.14 101.71 -95.22
N LEU VF 9 -19.06 101.00 -95.84
CA LEU VF 9 -18.71 99.89 -96.70
C LEU VF 9 -19.49 100.00 -98.00
N GLY VF 10 -18.77 100.02 -99.11
CA GLY VF 10 -19.37 99.98 -100.43
C GLY VF 10 -19.23 98.59 -101.02
N ASN VF 11 -19.90 98.39 -102.15
CA ASN VF 11 -19.78 97.16 -102.91
C ASN VF 11 -20.14 95.94 -102.05
N ILE VF 12 -21.41 95.85 -101.73
CA ILE VF 12 -21.91 94.85 -100.81
C ILE VF 12 -23.02 94.08 -101.49
N GLY VF 13 -23.20 92.82 -101.11
CA GLY VF 13 -24.25 92.00 -101.65
C GLY VF 13 -23.97 91.57 -103.06
N LYS VF 14 -24.79 90.62 -103.53
CA LYS VF 14 -24.65 90.12 -104.88
C LYS VF 14 -24.63 91.25 -105.90
N ASP VF 15 -25.42 92.30 -105.65
CA ASP VF 15 -25.39 93.47 -106.52
C ASP VF 15 -24.03 94.16 -106.45
N GLY VF 16 -23.53 94.41 -105.24
CA GLY VF 16 -22.38 95.27 -105.12
C GLY VF 16 -22.73 96.74 -105.11
N LYS VF 17 -24.01 97.08 -105.25
CA LYS VF 17 -24.44 98.45 -105.07
C LYS VF 17 -24.87 98.70 -103.63
N GLN VF 18 -24.95 97.65 -102.83
CA GLN VF 18 -25.31 97.78 -101.43
C GLN VF 18 -24.19 98.48 -100.67
N THR VF 19 -24.59 99.32 -99.73
CA THR VF 19 -23.65 100.03 -98.87
C THR VF 19 -24.09 99.88 -97.42
N LEU VF 20 -23.13 99.98 -96.51
CA LEU VF 20 -23.42 99.81 -95.10
C LEU VF 20 -22.49 100.68 -94.29
N VAL VF 21 -23.01 101.28 -93.23
CA VAL VF 21 -22.22 102.02 -92.27
C VAL VF 21 -22.33 101.33 -90.93
N LEU VF 22 -21.29 101.47 -90.12
CA LEU VF 22 -21.22 100.83 -88.81
C LEU VF 22 -20.79 101.84 -87.78
N ASN VF 23 -21.59 102.05 -86.81
CA ASN VF 23 -21.14 102.97 -85.80
C ASN VF 23 -20.39 102.22 -84.70
N PRO VF 24 -19.41 102.86 -84.09
CA PRO VF 24 -18.76 102.26 -82.93
C PRO VF 24 -19.75 102.08 -81.80
N ARG VF 25 -19.79 100.86 -81.28
CA ARG VF 25 -20.70 100.52 -80.20
C ARG VF 25 -20.02 100.54 -78.84
N GLY VF 26 -18.75 100.92 -78.78
CA GLY VF 26 -17.99 100.78 -77.56
C GLY VF 26 -17.36 99.41 -77.46
N VAL VF 27 -16.75 99.14 -76.32
CA VAL VF 27 -16.01 97.90 -76.09
C VAL VF 27 -16.45 97.30 -74.77
N ASN VF 28 -16.85 96.05 -74.80
CA ASN VF 28 -17.08 95.36 -73.54
C ASN VF 28 -15.74 95.07 -72.88
N PRO VF 29 -15.45 95.68 -71.74
CA PRO VF 29 -14.14 95.46 -71.10
C PRO VF 29 -13.99 94.07 -70.53
N THR VF 30 -15.07 93.42 -70.12
CA THR VF 30 -14.95 92.11 -69.51
C THR VF 30 -14.25 91.14 -70.43
N ASN VF 31 -14.89 90.74 -71.52
CA ASN VF 31 -14.24 89.93 -72.53
C ASN VF 31 -13.22 90.71 -73.32
N GLY VF 32 -13.18 92.04 -73.18
CA GLY VF 32 -12.26 92.84 -73.96
C GLY VF 32 -12.56 92.76 -75.44
N VAL VF 33 -13.78 93.04 -75.84
CA VAL VF 33 -14.21 92.89 -77.22
C VAL VF 33 -14.92 94.15 -77.66
N ALA VF 34 -14.48 94.69 -78.79
CA ALA VF 34 -15.14 95.83 -79.41
C ALA VF 34 -16.42 95.40 -80.10
N SER VF 35 -17.28 96.38 -80.35
CA SER VF 35 -18.55 96.12 -81.01
C SER VF 35 -18.85 97.23 -82.00
N LEU VF 36 -19.41 96.86 -83.15
CA LEU VF 36 -19.80 97.81 -84.17
C LEU VF 36 -21.20 97.47 -84.62
N SER VF 37 -21.94 98.47 -85.05
CA SER VF 37 -23.29 98.19 -85.50
C SER VF 37 -23.74 99.19 -86.56
N GLN VF 38 -24.59 98.70 -87.45
CA GLN VF 38 -25.44 99.57 -88.24
C GLN VF 38 -26.34 100.36 -87.31
N ALA VF 39 -26.67 101.58 -87.72
CA ALA VF 39 -27.68 102.34 -86.99
C ALA VF 39 -29.04 102.07 -87.63
N GLY VF 40 -29.83 101.28 -86.91
CA GLY VF 40 -31.19 101.00 -87.31
C GLY VF 40 -32.18 101.62 -86.35
N ALA VF 41 -33.36 101.02 -86.30
CA ALA VF 41 -34.33 101.38 -85.28
C ALA VF 41 -34.12 100.56 -84.02
N VAL VF 42 -34.34 99.26 -84.12
CA VAL VF 42 -34.25 98.39 -82.95
C VAL VF 42 -32.88 97.74 -82.90
N PRO VF 43 -32.11 97.96 -81.85
CA PRO VF 43 -30.80 97.32 -81.73
C PRO VF 43 -30.83 95.82 -81.93
N ALA VF 44 -31.83 95.13 -81.39
CA ALA VF 44 -32.02 93.71 -81.66
C ALA VF 44 -32.05 93.43 -83.15
N LEU VF 45 -32.66 94.30 -83.94
CA LEU VF 45 -32.68 94.13 -85.38
C LEU VF 45 -31.37 94.58 -86.03
N GLU VF 46 -30.65 95.51 -85.41
CA GLU VF 46 -29.52 96.14 -86.05
C GLU VF 46 -28.38 95.14 -86.22
N LYS VF 47 -27.68 95.27 -87.35
CA LYS VF 47 -26.57 94.37 -87.68
C LYS VF 47 -25.48 94.61 -86.65
N ARG VF 48 -24.75 93.55 -86.32
CA ARG VF 48 -23.68 93.68 -85.34
C ARG VF 48 -22.38 93.16 -85.91
N VAL VF 49 -21.29 93.78 -85.51
CA VAL VF 49 -19.94 93.37 -85.91
C VAL VF 49 -19.07 93.40 -84.67
N THR VF 50 -18.37 92.31 -84.41
CA THR VF 50 -17.55 92.17 -83.22
C THR VF 50 -16.14 91.79 -83.61
N VAL VF 51 -15.16 92.48 -83.04
CA VAL VF 51 -13.76 92.15 -83.23
C VAL VF 51 -13.10 92.07 -81.88
N SER VF 52 -12.03 91.29 -81.81
CA SER VF 52 -11.30 91.14 -80.56
C SER VF 52 -9.88 90.74 -80.87
N VAL VF 53 -8.99 91.13 -79.97
CA VAL VF 53 -7.60 90.68 -80.01
C VAL VF 53 -7.41 89.78 -78.80
N SER VF 54 -6.20 89.29 -78.62
CA SER VF 54 -5.88 88.46 -77.48
C SER VF 54 -4.38 88.53 -77.25
N GLN VF 55 -3.96 88.08 -76.08
CA GLN VF 55 -2.54 88.03 -75.81
C GLN VF 55 -2.20 86.72 -75.13
N PRO VF 56 -1.04 86.16 -75.42
CA PRO VF 56 -0.71 84.83 -74.90
C PRO VF 56 -0.62 84.84 -73.39
N SER VF 57 -1.12 83.76 -72.78
CA SER VF 57 -1.11 83.62 -71.34
C SER VF 57 -0.45 82.28 -71.00
N ARG VF 58 -0.45 81.94 -69.72
CA ARG VF 58 -0.04 80.61 -69.30
C ARG VF 58 -0.93 79.53 -69.90
N ASN VF 59 -2.15 79.87 -70.28
CA ASN VF 59 -3.05 78.93 -70.94
C ASN VF 59 -2.73 78.72 -72.40
N ARG VF 60 -2.34 79.77 -73.12
CA ARG VF 60 -2.05 79.66 -74.54
C ARG VF 60 -0.94 80.64 -74.89
N LYS VF 61 -0.03 80.18 -75.75
CA LYS VF 61 1.12 80.97 -76.16
C LYS VF 61 0.85 81.70 -77.47
N ASN VF 62 -0.37 81.57 -77.98
CA ASN VF 62 -0.67 82.04 -79.31
C ASN VF 62 -1.62 83.22 -79.24
N TYR VF 63 -1.54 84.09 -80.23
CA TYR VF 63 -2.49 85.18 -80.34
C TYR VF 63 -3.76 84.70 -81.03
N LYS VF 64 -4.89 85.17 -80.54
CA LYS VF 64 -6.19 84.90 -81.16
C LYS VF 64 -6.80 86.22 -81.60
N VAL VF 65 -7.30 86.24 -82.82
CA VAL VF 65 -8.07 87.37 -83.32
C VAL VF 65 -9.40 86.82 -83.77
N GLN VF 66 -10.46 87.21 -83.08
CA GLN VF 66 -11.79 86.68 -83.32
C GLN VF 66 -12.67 87.78 -83.88
N VAL VF 67 -13.40 87.45 -84.95
CA VAL VF 67 -14.33 88.37 -85.57
C VAL VF 67 -15.62 87.62 -85.82
N LYS VF 68 -16.73 88.13 -85.27
CA LYS VF 68 -18.04 87.54 -85.44
C LYS VF 68 -18.99 88.57 -86.01
N ILE VF 69 -19.90 88.11 -86.86
CA ILE VF 69 -20.89 88.97 -87.49
C ILE VF 69 -22.26 88.37 -87.25
N GLN VF 70 -23.20 89.21 -86.86
CA GLN VF 70 -24.55 88.79 -86.51
C GLN VF 70 -25.53 89.64 -87.31
N ASN VF 71 -26.28 89.01 -88.20
CA ASN VF 71 -27.21 89.69 -89.09
C ASN VF 71 -28.56 89.01 -89.00
N PRO VF 72 -29.45 89.49 -88.14
CA PRO VF 72 -30.76 88.86 -87.99
C PRO VF 72 -31.61 89.09 -89.22
N THR VF 73 -32.79 88.48 -89.20
CA THR VF 73 -33.78 88.64 -90.24
C THR VF 73 -35.06 89.18 -89.63
N ALA VF 74 -35.39 90.40 -89.99
CA ALA VF 74 -36.57 91.06 -89.45
C ALA VF 74 -37.82 90.49 -90.10
N CYS VF 75 -38.82 90.18 -89.28
CA CYS VF 75 -40.16 89.90 -89.78
C CYS VF 75 -40.96 91.17 -89.54
N THR VF 76 -41.25 91.89 -90.63
CA THR VF 76 -41.91 93.18 -90.50
C THR VF 76 -43.33 93.02 -89.98
N ALA VF 77 -44.15 92.23 -90.67
CA ALA VF 77 -45.50 91.96 -90.23
C ALA VF 77 -45.51 90.56 -89.63
N ASN VF 78 -45.61 90.50 -88.31
CA ASN VF 78 -45.82 89.25 -87.60
C ASN VF 78 -47.30 89.02 -87.30
N GLY VF 79 -48.17 89.90 -87.78
CA GLY VF 79 -49.51 89.98 -87.25
C GLY VF 79 -49.57 90.79 -85.97
N SER VF 80 -48.44 91.38 -85.57
CA SER VF 80 -48.35 92.17 -84.36
C SER VF 80 -47.75 93.52 -84.73
N CYS VF 81 -47.85 94.47 -83.81
CA CYS VF 81 -47.43 95.83 -84.07
C CYS VF 81 -45.93 96.00 -84.15
N ASP VF 82 -45.16 95.02 -83.70
CA ASP VF 82 -43.72 95.18 -83.68
C ASP VF 82 -43.04 94.08 -84.47
N PRO VF 83 -41.96 94.39 -85.18
CA PRO VF 83 -41.23 93.35 -85.90
C PRO VF 83 -40.54 92.42 -84.92
N SER VF 84 -40.15 91.26 -85.43
CA SER VF 84 -39.56 90.23 -84.58
C SER VF 84 -38.42 89.54 -85.31
N VAL VF 85 -37.43 89.11 -84.53
CA VAL VF 85 -36.30 88.37 -85.08
C VAL VF 85 -36.82 87.03 -85.59
N THR VF 86 -36.41 86.67 -86.80
CA THR VF 86 -36.80 85.39 -87.35
C THR VF 86 -35.61 84.45 -87.45
N ARG VF 87 -34.72 84.71 -88.38
CA ARG VF 87 -33.50 83.93 -88.57
C ARG VF 87 -32.31 84.78 -88.17
N GLN VF 88 -31.31 84.12 -87.63
CA GLN VF 88 -30.12 84.85 -87.17
C GLN VF 88 -28.92 84.29 -87.93
N ALA VF 89 -28.35 85.11 -88.81
CA ALA VF 89 -27.19 84.71 -89.59
C ALA VF 89 -25.94 84.85 -88.73
N TYR VF 90 -25.16 83.80 -88.64
CA TYR VF 90 -23.92 83.83 -87.88
C TYR VF 90 -22.72 83.71 -88.81
N ALA VF 91 -21.88 84.73 -88.77
CA ALA VF 91 -20.63 84.73 -89.53
C ALA VF 91 -19.50 84.87 -88.53
N ASP VF 92 -18.64 83.86 -88.46
CA ASP VF 92 -17.57 83.81 -87.48
C ASP VF 92 -16.24 83.60 -88.19
N VAL VF 93 -15.24 84.38 -87.77
CA VAL VF 93 -13.89 84.31 -88.31
C VAL VF 93 -12.92 84.39 -87.14
N THR VF 94 -11.91 83.54 -87.16
CA THR VF 94 -10.88 83.53 -86.14
C THR VF 94 -9.50 83.55 -86.78
N PHE VF 95 -8.51 83.85 -85.95
CA PHE VF 95 -7.13 83.84 -86.41
C PHE VF 95 -6.24 83.36 -85.28
N SER VF 96 -5.21 82.61 -85.67
CA SER VF 96 -4.22 82.15 -84.72
C SER VF 96 -2.85 82.56 -85.23
N PHE VF 97 -1.96 82.92 -84.32
CA PHE VF 97 -0.62 83.32 -84.68
C PHE VF 97 0.33 82.95 -83.55
N THR VF 98 1.60 82.87 -83.90
CA THR VF 98 2.64 82.54 -82.95
C THR VF 98 3.39 83.80 -82.59
N GLN VF 99 3.88 83.84 -81.35
CA GLN VF 99 4.59 84.99 -80.87
C GLN VF 99 5.67 85.46 -81.83
N TYR VF 100 6.23 84.54 -82.62
CA TYR VF 100 7.23 84.92 -83.60
C TYR VF 100 6.63 85.24 -84.96
N SER VF 101 5.31 85.23 -85.09
CA SER VF 101 4.67 85.51 -86.37
C SER VF 101 5.13 86.86 -86.88
N THR VF 102 5.44 86.94 -88.17
CA THR VF 102 5.91 88.21 -88.69
C THR VF 102 4.75 89.02 -89.25
N ASP VF 103 5.06 90.21 -89.75
CA ASP VF 103 4.02 91.09 -90.25
C ASP VF 103 3.47 90.57 -91.57
N GLU VF 104 4.34 90.40 -92.56
CA GLU VF 104 3.85 90.09 -93.91
C GLU VF 104 3.08 88.78 -93.93
N GLU VF 105 3.55 87.79 -93.18
CA GLU VF 105 2.79 86.56 -93.04
C GLU VF 105 1.34 86.86 -92.69
N ARG VF 106 1.14 87.63 -91.62
CA ARG VF 106 -0.21 88.02 -91.26
C ARG VF 106 -0.87 88.78 -92.40
N ALA VF 107 -0.22 89.84 -92.88
CA ALA VF 107 -0.74 90.57 -94.03
C ALA VF 107 -1.08 89.62 -95.17
N PHE VF 108 -0.18 88.68 -95.46
CA PHE VF 108 -0.47 87.69 -96.49
C PHE VF 108 -1.77 86.96 -96.20
N VAL VF 109 -2.02 86.61 -94.95
CA VAL VF 109 -3.26 85.93 -94.62
C VAL VF 109 -4.45 86.83 -94.89
N ARG VF 110 -4.35 88.09 -94.51
CA ARG VF 110 -5.52 88.96 -94.59
C ARG VF 110 -6.05 89.04 -96.01
N THR VF 111 -5.21 89.43 -96.96
CA THR VF 111 -5.67 89.58 -98.33
C THR VF 111 -6.25 88.29 -98.88
N GLU VF 112 -5.46 87.22 -98.86
CA GLU VF 112 -5.90 85.98 -99.50
C GLU VF 112 -7.27 85.53 -99.05
N LEU VF 113 -7.57 85.66 -97.75
CA LEU VF 113 -8.91 85.31 -97.30
C LEU VF 113 -9.95 86.13 -98.04
N ALA VF 114 -9.72 87.43 -98.16
CA ALA VF 114 -10.63 88.26 -98.93
C ALA VF 114 -10.76 87.77 -100.36
N ALA VF 115 -9.63 87.57 -101.04
CA ALA VF 115 -9.66 87.10 -102.41
C ALA VF 115 -10.54 85.86 -102.55
N LEU VF 116 -10.36 84.90 -101.65
CA LEU VF 116 -11.25 83.74 -101.66
C LEU VF 116 -12.70 84.16 -101.60
N LEU VF 117 -13.04 85.08 -100.70
CA LEU VF 117 -14.42 85.50 -100.60
C LEU VF 117 -14.93 86.08 -101.90
N ALA VF 118 -14.04 86.65 -102.72
CA ALA VF 118 -14.42 87.08 -104.05
C ALA VF 118 -14.23 86.00 -105.08
N SER VF 119 -13.59 84.89 -104.72
CA SER VF 119 -13.37 83.83 -105.68
C SER VF 119 -14.69 83.21 -106.12
N PRO VF 120 -14.79 82.80 -107.39
CA PRO VF 120 -15.99 82.11 -107.84
C PRO VF 120 -16.23 80.80 -107.13
N LEU VF 121 -15.21 80.25 -106.48
CA LEU VF 121 -15.42 79.01 -105.73
C LEU VF 121 -16.41 79.21 -104.60
N LEU VF 122 -16.10 80.09 -103.67
CA LEU VF 122 -16.90 80.20 -102.45
C LEU VF 122 -18.31 80.67 -102.72
N ILE VF 123 -18.53 81.48 -103.74
CA ILE VF 123 -19.86 82.05 -103.95
C ILE VF 123 -20.90 80.95 -104.07
N ASP VF 124 -20.66 79.94 -104.88
CA ASP VF 124 -21.56 78.80 -104.92
C ASP VF 124 -21.60 78.07 -103.60
N ALA VF 125 -20.45 77.88 -102.98
CA ALA VF 125 -20.39 77.34 -101.64
C ALA VF 125 -21.21 78.14 -100.65
N ILE VF 126 -21.05 79.45 -100.63
CA ILE VF 126 -21.81 80.32 -99.75
C ILE VF 126 -23.23 80.51 -100.25
N ASP VF 127 -23.39 81.18 -101.38
CA ASP VF 127 -24.71 81.59 -101.82
C ASP VF 127 -25.61 80.40 -102.08
N GLN VF 128 -25.17 79.48 -102.92
CA GLN VF 128 -26.00 78.36 -103.30
C GLN VF 128 -25.77 77.12 -102.47
N LEU VF 129 -24.92 77.20 -101.43
CA LEU VF 129 -24.68 76.08 -100.53
C LEU VF 129 -24.25 74.85 -101.31
N ASN VF 130 -23.10 74.96 -101.95
CA ASN VF 130 -22.70 73.84 -102.77
C ASN VF 130 -21.31 73.38 -102.40
N PRO VF 131 -21.09 72.10 -102.38
CA PRO VF 131 -19.73 71.59 -102.20
C PRO VF 131 -18.88 71.84 -103.44
N ALA VF 132 -17.73 71.20 -103.49
CA ALA VF 132 -16.63 71.61 -104.37
C ALA VF 132 -16.79 71.11 -105.79
N TYR VF 133 -17.90 70.47 -106.11
CA TYR VF 133 -18.07 69.92 -107.44
C TYR VF 133 -18.92 70.83 -108.30
N ALA WF 2 -21.42 108.36 -74.71
CA ALA WF 2 -20.23 109.03 -75.20
C ALA WF 2 -19.08 108.90 -74.22
N LYS WF 3 -18.02 109.64 -74.46
CA LYS WF 3 -16.81 109.58 -73.65
C LYS WF 3 -17.10 110.06 -72.24
N LEU WF 4 -16.48 109.38 -71.28
CA LEU WF 4 -16.44 109.88 -69.91
C LEU WF 4 -15.82 111.26 -69.94
N GLU WF 5 -16.48 112.21 -69.30
CA GLU WF 5 -15.98 113.57 -69.25
C GLU WF 5 -16.26 114.17 -67.88
N THR WF 6 -15.79 115.39 -67.70
CA THR WF 6 -16.17 116.16 -66.53
C THR WF 6 -17.65 116.44 -66.69
N VAL WF 7 -18.44 116.09 -65.69
CA VAL WF 7 -19.87 116.31 -65.76
C VAL WF 7 -20.23 117.37 -64.74
N THR WF 8 -20.59 118.56 -65.22
CA THR WF 8 -21.04 119.64 -64.37
C THR WF 8 -22.53 119.49 -64.15
N LEU WF 9 -22.98 119.79 -62.94
CA LEU WF 9 -24.39 119.73 -62.62
C LEU WF 9 -24.79 121.00 -61.89
N GLY WF 10 -25.79 121.69 -62.44
CA GLY WF 10 -26.38 122.83 -61.78
C GLY WF 10 -27.72 122.45 -61.17
N ASN WF 11 -28.26 123.39 -60.39
CA ASN WF 11 -29.59 123.24 -59.81
C ASN WF 11 -29.68 121.97 -58.97
N ILE WF 12 -28.99 122.00 -57.85
CA ILE WF 12 -28.83 120.83 -57.00
C ILE WF 12 -29.28 121.20 -55.60
N GLY WF 13 -29.77 120.22 -54.85
CA GLY WF 13 -30.19 120.43 -53.49
C GLY WF 13 -31.48 121.20 -53.40
N LYS WF 14 -32.02 121.23 -52.18
CA LYS WF 14 -33.26 121.95 -51.94
C LYS WF 14 -33.17 123.39 -52.42
N ASP WF 15 -32.00 124.00 -52.30
CA ASP WF 15 -31.79 125.34 -52.84
C ASP WF 15 -31.90 125.33 -54.35
N GLY WF 16 -31.19 124.43 -55.01
CA GLY WF 16 -31.06 124.52 -56.45
C GLY WF 16 -29.95 125.47 -56.87
N LYS WF 17 -29.27 126.08 -55.92
CA LYS WF 17 -28.08 126.86 -56.24
C LYS WF 17 -26.84 126.00 -56.14
N GLN WF 18 -26.97 124.79 -55.61
CA GLN WF 18 -25.85 123.87 -55.48
C GLN WF 18 -25.41 123.40 -56.86
N THR WF 19 -24.10 123.27 -57.02
CA THR WF 19 -23.52 122.77 -58.25
C THR WF 19 -22.51 121.67 -57.91
N LEU WF 20 -22.30 120.78 -58.87
CA LEU WF 20 -21.39 119.67 -58.66
C LEU WF 20 -20.72 119.30 -59.97
N VAL WF 21 -19.44 118.96 -59.90
CA VAL WF 21 -18.71 118.45 -61.03
C VAL WF 21 -18.27 117.03 -60.70
N LEU WF 22 -18.11 116.22 -61.75
CA LEU WF 22 -17.75 114.82 -61.58
C LEU WF 22 -16.63 114.49 -62.56
N ASN WF 23 -15.54 114.07 -62.04
CA ASN WF 23 -14.51 113.70 -62.98
C ASN WF 23 -14.62 112.22 -63.35
N PRO WF 24 -14.26 111.87 -64.57
CA PRO WF 24 -14.20 110.46 -64.93
C PRO WF 24 -13.18 109.73 -64.08
N ARG WF 25 -13.62 108.63 -63.47
CA ARG WF 25 -12.76 107.83 -62.61
C ARG WF 25 -12.19 106.62 -63.33
N GLY WF 26 -12.46 106.46 -64.62
CA GLY WF 26 -12.12 105.24 -65.30
C GLY WF 26 -13.22 104.21 -65.17
N VAL WF 27 -12.94 103.01 -65.66
CA VAL WF 27 -13.91 101.94 -65.69
C VAL WF 27 -13.29 100.67 -65.13
N ASN WF 28 -13.95 100.07 -64.16
CA ASN WF 28 -13.50 98.77 -63.73
C ASN WF 28 -13.85 97.74 -64.79
N PRO WF 29 -12.86 97.14 -65.45
CA PRO WF 29 -13.18 96.18 -66.51
C PRO WF 29 -13.78 94.89 -66.01
N THR WF 30 -13.47 94.48 -64.78
CA THR WF 30 -13.99 93.22 -64.27
C THR WF 30 -15.50 93.19 -64.33
N ASN WF 31 -16.16 93.96 -63.48
CA ASN WF 31 -17.61 94.11 -63.55
C ASN WF 31 -18.03 94.91 -64.77
N GLY WF 32 -17.11 95.55 -65.47
CA GLY WF 32 -17.48 96.39 -66.59
C GLY WF 32 -18.33 97.57 -66.17
N VAL WF 33 -17.87 98.35 -65.21
CA VAL WF 33 -18.66 99.44 -64.66
C VAL WF 33 -17.80 100.70 -64.64
N ALA WF 34 -18.35 101.78 -65.19
CA ALA WF 34 -17.71 103.08 -65.14
C ALA WF 34 -17.87 103.69 -63.75
N SER WF 35 -17.02 104.68 -63.48
CA SER WF 35 -17.05 105.37 -62.21
C SER WF 35 -16.82 106.85 -62.43
N LEU WF 36 -17.54 107.67 -61.66
CA LEU WF 36 -17.40 109.11 -61.71
C LEU WF 36 -17.30 109.62 -60.29
N SER WF 37 -16.60 110.74 -60.11
CA SER WF 37 -16.47 111.27 -58.76
C SER WF 37 -16.29 112.77 -58.79
N GLN WF 38 -16.80 113.40 -57.74
CA GLN WF 38 -16.37 114.73 -57.37
C GLN WF 38 -14.88 114.71 -57.07
N ALA WF 39 -14.20 115.82 -57.35
CA ALA WF 39 -12.81 115.95 -56.92
C ALA WF 39 -12.79 116.64 -55.56
N GLY WF 40 -12.52 115.83 -54.55
CA GLY WF 40 -12.36 116.33 -53.20
C GLY WF 40 -10.93 116.20 -52.74
N ALA WF 41 -10.78 116.12 -51.42
CA ALA WF 41 -9.47 115.80 -50.86
C ALA WF 41 -9.31 114.29 -50.73
N VAL WF 42 -10.11 113.67 -49.89
CA VAL WF 42 -9.97 112.23 -49.62
C VAL WF 42 -10.96 111.47 -50.49
N PRO WF 43 -10.49 110.58 -51.36
CA PRO WF 43 -11.41 109.78 -52.18
C PRO WF 43 -12.48 109.09 -51.38
N ALA WF 44 -12.16 108.52 -50.22
CA ALA WF 44 -13.16 107.96 -49.33
C ALA WF 44 -14.26 108.95 -49.03
N LEU WF 45 -13.93 110.23 -48.88
CA LEU WF 45 -14.93 111.25 -48.66
C LEU WF 45 -15.62 111.67 -49.95
N GLU WF 46 -14.95 111.54 -51.08
CA GLU WF 46 -15.44 112.11 -52.33
C GLU WF 46 -16.68 111.37 -52.80
N LYS WF 47 -17.61 112.14 -53.37
CA LYS WF 47 -18.87 111.59 -53.85
C LYS WF 47 -18.56 110.65 -55.00
N ARG WF 48 -19.34 109.59 -55.12
CA ARG WF 48 -19.12 108.63 -56.19
C ARG WF 48 -20.38 108.44 -57.01
N VAL WF 49 -20.21 108.20 -58.30
CA VAL WF 49 -21.30 107.93 -59.21
C VAL WF 49 -20.88 106.76 -60.09
N THR WF 50 -21.73 105.76 -60.18
CA THR WF 50 -21.42 104.54 -60.91
C THR WF 50 -22.54 104.26 -61.91
N VAL WF 51 -22.14 103.96 -63.14
CA VAL WF 51 -23.09 103.56 -64.17
C VAL WF 51 -22.57 102.29 -64.82
N SER WF 52 -23.50 101.51 -65.35
CA SER WF 52 -23.14 100.26 -66.01
C SER WF 52 -24.21 99.91 -67.03
N VAL WF 53 -23.77 99.21 -68.06
CA VAL WF 53 -24.70 98.62 -69.01
C VAL WF 53 -24.60 97.12 -68.84
N SER WF 54 -25.33 96.38 -69.66
CA SER WF 54 -25.29 94.93 -69.62
C SER WF 54 -25.75 94.41 -70.96
N GLN WF 55 -25.50 93.14 -71.20
CA GLN WF 55 -25.97 92.53 -72.43
C GLN WF 55 -26.54 91.16 -72.12
N PRO WF 56 -27.59 90.76 -72.82
CA PRO WF 56 -28.26 89.50 -72.49
C PRO WF 56 -27.35 88.31 -72.70
N SER WF 57 -27.45 87.35 -71.78
CA SER WF 57 -26.64 86.15 -71.83
C SER WF 57 -27.57 84.95 -71.78
N ARG WF 58 -26.98 83.76 -71.71
CA ARG WF 58 -27.76 82.56 -71.43
C ARG WF 58 -28.45 82.62 -70.08
N ASN WF 59 -27.95 83.43 -69.15
CA ASN WF 59 -28.58 83.63 -67.86
C ASN WF 59 -29.77 84.57 -67.90
N ARG WF 60 -29.71 85.63 -68.71
CA ARG WF 60 -30.79 86.59 -68.78
C ARG WF 60 -30.87 87.13 -70.20
N LYS WF 61 -32.09 87.30 -70.68
CA LYS WF 61 -32.35 87.77 -72.03
C LYS WF 61 -32.58 89.27 -72.05
N ASN WF 62 -32.46 89.92 -70.90
CA ASN WF 62 -32.85 91.30 -70.76
C ASN WF 62 -31.63 92.18 -70.52
N TYR WF 63 -31.73 93.42 -70.95
CA TYR WF 63 -30.68 94.39 -70.66
C TYR WF 63 -30.88 94.96 -69.27
N LYS WF 64 -29.77 95.16 -68.56
CA LYS WF 64 -29.77 95.80 -67.26
C LYS WF 64 -28.93 97.06 -67.36
N VAL WF 65 -29.46 98.15 -66.84
CA VAL WF 65 -28.71 99.38 -66.69
C VAL WF 65 -28.77 99.77 -65.22
N GLN WF 66 -27.61 99.73 -64.57
CA GLN WF 66 -27.53 99.94 -63.14
C GLN WF 66 -26.80 101.25 -62.87
N VAL WF 67 -27.36 102.07 -61.99
CA VAL WF 67 -26.76 103.32 -61.59
C VAL WF 67 -26.83 103.43 -60.08
N LYS WF 68 -25.68 103.58 -59.44
CA LYS WF 68 -25.61 103.70 -57.99
C LYS WF 68 -24.88 104.99 -57.65
N ILE WF 69 -25.31 105.61 -56.55
CA ILE WF 69 -24.72 106.85 -56.08
C ILE WF 69 -24.35 106.68 -54.61
N GLN WF 70 -23.15 107.11 -54.25
CA GLN WF 70 -22.63 106.95 -52.92
C GLN WF 70 -22.15 108.30 -52.43
N ASN WF 71 -22.80 108.81 -51.38
CA ASN WF 71 -22.51 110.14 -50.84
C ASN WF 71 -22.30 110.02 -49.34
N PRO WF 72 -21.08 109.86 -48.90
CA PRO WF 72 -20.82 109.72 -47.47
C PRO WF 72 -21.06 111.04 -46.74
N THR WF 73 -20.94 110.97 -45.42
CA THR WF 73 -21.06 112.13 -44.56
C THR WF 73 -19.77 112.29 -43.78
N ALA WF 74 -19.05 113.36 -44.06
CA ALA WF 74 -17.78 113.63 -43.42
C ALA WF 74 -18.02 114.12 -42.01
N CYS WF 75 -17.27 113.57 -41.06
CA CYS WF 75 -17.17 114.14 -39.72
C CYS WF 75 -15.85 114.90 -39.69
N THR WF 76 -15.95 116.23 -39.70
CA THR WF 76 -14.75 117.05 -39.78
C THR WF 76 -13.91 116.91 -38.53
N ALA WF 77 -14.50 117.20 -37.37
CA ALA WF 77 -13.81 117.05 -36.10
C ALA WF 77 -14.34 115.78 -35.45
N ASN WF 78 -13.50 114.76 -35.44
CA ASN WF 78 -13.78 113.54 -34.70
C ASN WF 78 -13.08 113.55 -33.34
N GLY WF 79 -12.44 114.66 -32.98
CA GLY WF 79 -11.47 114.64 -31.91
C GLY WF 79 -10.13 114.14 -32.36
N SER WF 80 -9.98 113.87 -33.66
CA SER WF 80 -8.75 113.37 -34.24
C SER WF 80 -8.37 114.29 -35.40
N CYS WF 81 -7.13 114.15 -35.86
CA CYS WF 81 -6.60 115.04 -36.89
C CYS WF 81 -7.19 114.80 -38.27
N ASP WF 82 -7.89 113.68 -38.48
CA ASP WF 82 -8.38 113.39 -39.80
C ASP WF 82 -9.90 113.18 -39.77
N PRO WF 83 -10.60 113.65 -40.79
CA PRO WF 83 -12.04 113.42 -40.85
C PRO WF 83 -12.34 111.93 -41.06
N SER WF 84 -13.57 111.55 -40.78
CA SER WF 84 -13.96 110.16 -40.85
C SER WF 84 -15.37 110.03 -41.41
N VAL WF 85 -15.59 108.92 -42.12
CA VAL WF 85 -16.89 108.62 -42.68
C VAL WF 85 -17.86 108.38 -41.53
N THR WF 86 -19.02 109.00 -41.60
CA THR WF 86 -20.02 108.78 -40.57
C THR WF 86 -21.22 108.01 -41.13
N ARG WF 87 -22.02 108.66 -41.95
CA ARG WF 87 -23.16 108.03 -42.59
C ARG WF 87 -22.88 107.91 -44.06
N GLN WF 88 -23.40 106.85 -44.66
CA GLN WF 88 -23.17 106.61 -46.08
C GLN WF 88 -24.53 106.56 -46.78
N ALA WF 89 -24.79 107.56 -47.61
CA ALA WF 89 -26.05 107.65 -48.34
C ALA WF 89 -25.96 106.75 -49.57
N TYR WF 90 -26.93 105.85 -49.72
CA TYR WF 90 -26.97 104.97 -50.87
C TYR WF 90 -28.14 105.30 -51.76
N ALA WF 91 -27.83 105.66 -53.00
CA ALA WF 91 -28.85 105.92 -54.01
C ALA WF 91 -28.63 104.92 -55.14
N ASP WF 92 -29.60 104.07 -55.37
CA ASP WF 92 -29.49 103.01 -56.37
C ASP WF 92 -30.64 103.09 -57.36
N VAL WF 93 -30.31 102.96 -58.64
CA VAL WF 93 -31.29 102.98 -59.72
C VAL WF 93 -30.93 101.88 -60.70
N THR WF 94 -31.93 101.14 -61.15
CA THR WF 94 -31.73 100.08 -62.12
C THR WF 94 -32.72 100.23 -63.26
N PHE WF 95 -32.44 99.51 -64.34
CA PHE WF 95 -33.33 99.50 -65.49
C PHE WF 95 -33.33 98.12 -66.11
N SER WF 96 -34.50 97.72 -66.58
CA SER WF 96 -34.63 96.46 -67.30
C SER WF 96 -35.28 96.74 -68.64
N PHE WF 97 -34.86 96.02 -69.66
CA PHE WF 97 -35.42 96.17 -70.99
C PHE WF 97 -35.35 94.85 -71.71
N THR WF 98 -36.18 94.74 -72.74
CA THR WF 98 -36.26 93.55 -73.56
C THR WF 98 -35.54 93.80 -74.86
N GLN WF 99 -34.95 92.75 -75.40
CA GLN WF 99 -34.21 92.85 -76.64
C GLN WF 99 -34.99 93.58 -77.72
N TYR WF 100 -36.31 93.52 -77.68
CA TYR WF 100 -37.12 94.25 -78.65
C TYR WF 100 -37.50 95.64 -78.17
N SER WF 101 -37.02 96.06 -77.01
CA SER WF 101 -37.36 97.38 -76.50
C SER WF 101 -37.00 98.44 -77.52
N THR WF 102 -37.89 99.40 -77.73
CA THR WF 102 -37.61 100.42 -78.71
C THR WF 102 -36.94 101.63 -78.07
N ASP WF 103 -36.62 102.61 -78.89
CA ASP WF 103 -35.91 103.78 -78.39
C ASP WF 103 -36.83 104.65 -77.55
N GLU WF 104 -37.94 105.09 -78.12
CA GLU WF 104 -38.77 106.08 -77.44
C GLU WF 104 -39.30 105.54 -76.13
N GLU WF 105 -39.68 104.27 -76.09
CA GLU WF 105 -40.05 103.64 -74.83
C GLU WF 105 -39.01 103.92 -73.77
N ARG WF 106 -37.76 103.59 -74.06
CA ARG WF 106 -36.68 103.88 -73.13
C ARG WF 106 -36.62 105.38 -72.84
N ALA WF 107 -36.53 106.19 -73.89
CA ALA WF 107 -36.55 107.64 -73.69
C ALA WF 107 -37.74 108.06 -72.84
N PHE WF 108 -38.91 107.51 -73.12
CA PHE WF 108 -40.07 107.81 -72.30
C PHE WF 108 -39.80 107.50 -70.83
N VAL WF 109 -39.13 106.39 -70.55
CA VAL WF 109 -38.82 106.06 -69.17
C VAL WF 109 -37.89 107.10 -68.57
N ARG WF 110 -36.87 107.51 -69.32
CA ARG WF 110 -35.86 108.38 -68.74
C ARG WF 110 -36.47 109.66 -68.19
N THR WF 111 -37.18 110.40 -69.03
CA THR WF 111 -37.73 111.67 -68.59
C THR WF 111 -38.67 111.50 -67.41
N GLU WF 112 -39.70 110.66 -67.54
CA GLU WF 112 -40.70 110.55 -66.51
C GLU WF 112 -40.10 110.29 -65.14
N LEU WF 113 -39.08 109.45 -65.05
CA LEU WF 113 -38.44 109.24 -63.77
C LEU WF 113 -37.93 110.56 -63.21
N ALA WF 114 -37.26 111.34 -64.05
CA ALA WF 114 -36.81 112.66 -63.60
C ALA WF 114 -37.96 113.51 -63.13
N ALA WF 115 -39.01 113.63 -63.95
CA ALA WF 115 -40.17 114.43 -63.57
C ALA WF 115 -40.68 114.04 -62.19
N LEU WF 116 -40.81 112.74 -61.93
CA LEU WF 116 -41.17 112.30 -60.59
C LEU WF 116 -40.25 112.87 -59.55
N LEU WF 117 -38.94 112.80 -59.80
CA LEU WF 117 -38.00 113.33 -58.82
C LEU WF 117 -38.22 114.80 -58.56
N ALA WF 118 -38.74 115.53 -59.54
CA ALA WF 118 -39.14 116.91 -59.31
C ALA WF 118 -40.58 117.04 -58.86
N SER WF 119 -41.34 115.95 -58.87
CA SER WF 119 -42.73 116.02 -58.47
C SER WF 119 -42.83 116.35 -56.99
N PRO WF 120 -43.84 117.11 -56.58
CA PRO WF 120 -44.05 117.38 -55.16
C PRO WF 120 -44.34 116.13 -54.36
N LEU WF 121 -44.73 115.04 -55.02
CA LEU WF 121 -44.97 113.82 -54.29
C LEU WF 121 -43.71 113.31 -53.62
N LEU WF 122 -42.69 113.01 -54.42
CA LEU WF 122 -41.51 112.34 -53.89
C LEU WF 122 -40.75 113.17 -52.87
N ILE WF 123 -40.78 114.50 -53.01
CA ILE WF 123 -39.96 115.32 -52.13
C ILE WF 123 -40.29 115.06 -50.67
N ASP WF 124 -41.57 115.05 -50.31
CA ASP WF 124 -41.94 114.64 -48.96
C ASP WF 124 -41.56 113.21 -48.67
N ALA WF 125 -41.80 112.32 -49.62
CA ALA WF 125 -41.33 110.94 -49.51
C ALA WF 125 -39.83 110.87 -49.29
N ILE WF 126 -39.05 111.57 -50.09
CA ILE WF 126 -37.60 111.57 -49.93
C ILE WF 126 -37.17 112.44 -48.77
N ASP WF 127 -37.38 113.75 -48.87
CA ASP WF 127 -36.81 114.66 -47.89
C ASP WF 127 -37.35 114.42 -46.50
N GLN WF 128 -38.67 114.42 -46.34
CA GLN WF 128 -39.28 114.28 -45.04
C GLN WF 128 -39.65 112.85 -44.70
N LEU WF 129 -39.32 111.88 -45.55
CA LEU WF 129 -39.57 110.47 -45.28
C LEU WF 129 -41.05 110.26 -44.97
N ASN WF 130 -41.89 110.52 -45.96
CA ASN WF 130 -43.29 110.40 -45.68
C ASN WF 130 -43.96 109.48 -46.68
N PRO WF 131 -44.87 108.67 -46.24
CA PRO WF 131 -45.68 107.89 -47.17
C PRO WF 131 -46.66 108.77 -47.92
N ALA WF 132 -47.61 108.16 -48.60
CA ALA WF 132 -48.37 108.78 -49.67
C ALA WF 132 -49.52 109.64 -49.16
N TYR WF 133 -49.65 109.80 -47.86
CA TYR WF 133 -50.77 110.55 -47.32
C TYR WF 133 -50.35 111.97 -46.97
N ALA XF 2 -7.58 108.66 -68.87
CA ALA XF 2 -8.40 108.78 -70.06
C ALA XF 2 -8.27 107.52 -70.92
N LYS XF 3 -8.80 107.60 -72.13
CA LYS XF 3 -8.83 106.47 -73.05
C LYS XF 3 -7.41 106.08 -73.45
N LEU XF 4 -7.20 104.77 -73.55
CA LEU XF 4 -6.00 104.25 -74.17
C LEU XF 4 -5.90 104.81 -75.57
N GLU XF 5 -4.76 105.37 -75.91
CA GLU XF 5 -4.56 105.94 -77.23
C GLU XF 5 -3.15 105.65 -77.71
N THR XF 6 -2.87 106.06 -78.94
CA THR XF 6 -1.51 106.05 -79.43
C THR XF 6 -0.76 107.07 -78.59
N VAL XF 7 0.33 106.64 -77.99
CA VAL XF 7 1.12 107.55 -77.16
C VAL XF 7 2.45 107.79 -77.86
N THR XF 8 2.63 109.00 -78.38
CA THR XF 8 3.88 109.40 -79.00
C THR XF 8 4.79 109.93 -77.91
N LEU XF 9 6.08 109.64 -78.03
CA LEU XF 9 7.06 110.12 -77.09
C LEU XF 9 8.26 110.68 -77.85
N GLY XF 10 8.58 111.95 -77.57
CA GLY XF 10 9.75 112.57 -78.11
C GLY XF 10 10.83 112.64 -77.04
N ASN XF 11 12.02 113.04 -77.47
CA ASN XF 11 13.14 113.29 -76.56
C ASN XF 11 13.45 112.03 -75.74
N ILE XF 12 13.97 111.03 -76.43
CA ILE XF 12 14.19 109.71 -75.85
C ILE XF 12 15.65 109.35 -76.06
N GLY XF 13 16.18 108.54 -75.16
CA GLY XF 13 17.55 108.07 -75.27
C GLY XF 13 18.55 109.16 -74.96
N LYS XF 14 19.81 108.72 -74.83
CA LYS XF 14 20.89 109.66 -74.55
C LYS XF 14 20.90 110.81 -75.55
N ASP XF 15 20.57 110.52 -76.80
CA ASP XF 15 20.46 111.57 -77.79
C ASP XF 15 19.32 112.52 -77.46
N GLY XF 16 18.14 111.99 -77.18
CA GLY XF 16 16.97 112.83 -77.08
C GLY XF 16 16.34 113.12 -78.42
N LYS XF 17 16.92 112.59 -79.50
CA LYS XF 17 16.26 112.67 -80.80
C LYS XF 17 15.43 111.44 -81.05
N GLN XF 18 15.54 110.43 -80.19
CA GLN XF 18 14.75 109.22 -80.31
C GLN XF 18 13.28 109.52 -80.04
N THR XF 19 12.42 108.87 -80.80
CA THR XF 19 10.98 108.99 -80.62
C THR XF 19 10.37 107.60 -80.59
N LEU XF 20 9.22 107.50 -79.92
CA LEU XF 20 8.56 106.21 -79.78
C LEU XF 20 7.06 106.42 -79.74
N VAL XF 21 6.32 105.52 -80.38
CA VAL XF 21 4.88 105.50 -80.32
C VAL XF 21 4.45 104.20 -79.66
N LEU XF 22 3.31 104.23 -78.99
CA LEU XF 22 2.79 103.07 -78.28
C LEU XF 22 1.33 102.88 -78.64
N ASN XF 23 1.02 101.75 -79.16
CA ASN XF 23 -0.38 101.55 -79.42
C ASN XF 23 -1.06 100.91 -78.23
N PRO XF 24 -2.33 101.23 -78.01
CA PRO XF 24 -3.09 100.53 -76.98
C PRO XF 24 -3.20 99.05 -77.30
N ARG XF 25 -2.83 98.23 -76.33
CA ARG XF 25 -2.86 96.78 -76.49
C ARG XF 25 -4.10 96.15 -75.89
N GLY XF 26 -5.01 96.96 -75.36
CA GLY XF 26 -6.13 96.43 -74.60
C GLY XF 26 -5.76 96.25 -73.15
N VAL XF 27 -6.67 95.65 -72.39
CA VAL XF 27 -6.52 95.50 -70.95
C VAL XF 27 -6.79 94.06 -70.59
N ASN XF 28 -5.87 93.44 -69.88
CA ASN XF 28 -6.18 92.13 -69.33
C ASN XF 28 -7.15 92.29 -68.17
N PRO XF 29 -8.38 91.81 -68.29
CA PRO XF 29 -9.34 91.99 -67.21
C PRO XF 29 -9.04 91.20 -65.96
N THR XF 30 -8.36 90.05 -66.10
CA THR XF 30 -8.08 89.22 -64.93
C THR XF 30 -7.33 90.01 -63.88
N ASN XF 31 -6.07 90.32 -64.13
CA ASN XF 31 -5.31 91.18 -63.25
C ASN XF 31 -5.79 92.62 -63.31
N GLY XF 32 -6.62 92.97 -64.28
CA GLY XF 32 -7.05 94.35 -64.43
C GLY XF 32 -5.90 95.27 -64.76
N VAL XF 33 -5.15 94.96 -65.81
CA VAL XF 33 -3.95 95.71 -66.15
C VAL XF 33 -4.00 96.06 -67.62
N ALA XF 34 -3.80 97.33 -67.92
CA ALA XF 34 -3.69 97.80 -69.29
C ALA XF 34 -2.33 97.45 -69.88
N SER XF 35 -2.26 97.47 -71.20
CA SER XF 35 -1.02 97.16 -71.90
C SER XF 35 -0.86 98.10 -73.07
N LEU XF 36 0.39 98.53 -73.30
CA LEU XF 36 0.72 99.39 -74.42
C LEU XF 36 1.94 98.81 -75.10
N SER XF 37 2.06 99.05 -76.41
CA SER XF 37 3.22 98.53 -77.10
C SER XF 37 3.57 99.39 -78.30
N GLN XF 38 4.87 99.43 -78.58
CA GLN XF 38 5.34 99.81 -79.89
C GLN XF 38 4.78 98.87 -80.93
N ALA XF 39 4.55 99.39 -82.14
CA ALA XF 39 4.18 98.52 -83.25
C ALA XF 39 5.45 98.14 -83.99
N GLY XF 40 5.85 96.89 -83.79
CA GLY XF 40 6.98 96.32 -84.49
C GLY XF 40 6.54 95.24 -85.45
N ALA XF 41 7.47 94.33 -85.73
CA ALA XF 41 7.11 93.13 -86.47
C ALA XF 41 6.65 92.03 -85.53
N VAL XF 42 7.54 91.54 -84.70
CA VAL XF 42 7.23 90.43 -83.81
C VAL XF 42 6.85 90.96 -82.44
N PRO XF 43 5.63 90.68 -81.97
CA PRO XF 43 5.23 91.13 -80.63
C PRO XF 43 6.21 90.76 -79.55
N ALA XF 44 6.76 89.56 -79.57
CA ALA XF 44 7.83 89.19 -78.65
C ALA XF 44 8.96 90.18 -78.66
N LEU XF 45 9.30 90.72 -79.83
CA LEU XF 45 10.33 91.75 -79.92
C LEU XF 45 9.81 93.12 -79.53
N GLU XF 46 8.52 93.37 -79.69
CA GLU XF 46 7.98 94.72 -79.54
C GLU XF 46 8.05 95.16 -78.09
N LYS XF 47 8.34 96.44 -77.90
CA LYS XF 47 8.46 97.03 -76.57
C LYS XF 47 7.10 96.96 -75.92
N ARG XF 48 7.09 96.75 -74.60
CA ARG XF 48 5.83 96.68 -73.89
C ARG XF 48 5.80 97.68 -72.74
N VAL XF 49 4.61 98.21 -72.46
CA VAL XF 49 4.40 99.14 -71.37
C VAL XF 49 3.11 98.72 -70.67
N THR XF 50 3.19 98.57 -69.35
CA THR XF 50 2.07 98.09 -68.56
C THR XF 50 1.79 99.06 -67.44
N VAL XF 51 0.52 99.40 -67.27
CA VAL XF 51 0.09 100.24 -66.16
C VAL XF 51 -1.10 99.57 -65.49
N SER XF 52 -1.26 99.87 -64.21
CA SER XF 52 -2.36 99.29 -63.46
C SER XF 52 -2.70 100.21 -62.30
N VAL XF 53 -3.97 100.17 -61.91
CA VAL XF 53 -4.41 100.84 -60.70
C VAL XF 53 -4.79 99.75 -59.72
N SER XF 54 -5.28 100.14 -58.55
CA SER XF 54 -5.72 99.18 -57.55
C SER XF 54 -6.69 99.88 -56.63
N GLN XF 55 -7.42 99.09 -55.86
CA GLN XF 55 -8.32 99.68 -54.89
C GLN XF 55 -8.19 98.93 -53.58
N PRO XF 56 -8.31 99.63 -52.45
CA PRO XF 56 -8.08 98.98 -51.16
C PRO XF 56 -9.11 97.89 -50.90
N SER XF 57 -8.63 96.81 -50.30
CA SER XF 57 -9.50 95.67 -49.98
C SER XF 57 -9.32 95.35 -48.50
N ARG XF 58 -9.96 94.27 -48.07
CA ARG XF 58 -9.70 93.75 -46.74
C ARG XF 58 -8.25 93.34 -46.55
N ASN XF 59 -7.54 93.04 -47.63
CA ASN XF 59 -6.12 92.71 -47.57
C ASN XF 59 -5.23 93.92 -47.42
N ARG XF 60 -5.56 95.04 -48.08
CA ARG XF 60 -4.74 96.22 -48.02
C ARG XF 60 -5.64 97.45 -48.11
N LYS XF 61 -5.31 98.46 -47.31
CA LYS XF 61 -6.09 99.69 -47.24
C LYS XF 61 -5.51 100.76 -48.14
N ASN XF 62 -4.47 100.41 -48.89
CA ASN XF 62 -3.72 101.40 -49.64
C ASN XF 62 -3.91 101.19 -51.12
N TYR XF 63 -3.80 102.28 -51.88
CA TYR XF 63 -3.84 102.18 -53.33
C TYR XF 63 -2.47 101.82 -53.85
N LYS XF 64 -2.43 100.96 -54.86
CA LYS XF 64 -1.21 100.60 -55.55
C LYS XF 64 -1.33 101.01 -57.01
N VAL XF 65 -0.30 101.66 -57.52
CA VAL XF 65 -0.21 101.96 -58.93
C VAL XF 65 1.10 101.36 -59.42
N GLN XF 66 1.00 100.37 -60.29
CA GLN XF 66 2.14 99.62 -60.76
C GLN XF 66 2.37 99.90 -62.23
N VAL XF 67 3.61 100.18 -62.59
CA VAL XF 67 4.00 100.42 -63.97
C VAL XF 67 5.25 99.62 -64.25
N LYS XF 68 5.19 98.76 -65.26
CA LYS XF 68 6.32 97.95 -65.65
C LYS XF 68 6.62 98.17 -67.12
N ILE XF 69 7.90 98.13 -67.47
CA ILE XF 69 8.34 98.33 -68.84
C ILE XF 69 9.24 97.18 -69.21
N GLN XF 70 9.02 96.62 -70.40
CA GLN XF 70 9.75 95.46 -70.88
C GLN XF 70 10.30 95.77 -72.25
N ASN XF 71 11.63 95.81 -72.37
CA ASN XF 71 12.31 96.18 -73.60
C ASN XF 71 13.34 95.11 -73.92
N PRO XF 72 12.99 94.12 -74.72
CA PRO XF 72 13.93 93.05 -75.05
C PRO XF 72 15.05 93.56 -75.94
N THR XF 73 15.99 92.68 -76.21
CA THR XF 73 17.10 92.95 -77.11
C THR XF 73 17.07 91.94 -78.23
N ALA XF 74 16.80 92.43 -79.43
CA ALA XF 74 16.71 91.57 -80.61
C ALA XF 74 18.11 91.16 -81.04
N CYS XF 75 18.27 89.87 -81.34
CA CYS XF 75 19.45 89.38 -82.04
C CYS XF 75 19.02 89.18 -83.47
N THR XF 76 19.46 90.07 -84.36
CA THR XF 76 19.03 90.03 -85.74
C THR XF 76 19.53 88.77 -86.43
N ALA XF 77 20.84 88.57 -86.44
CA ALA XF 77 21.42 87.37 -87.03
C ALA XF 77 21.81 86.45 -85.89
N ASN XF 78 21.05 85.38 -85.72
CA ASN XF 78 21.40 84.31 -84.80
C ASN XF 78 22.10 83.17 -85.51
N GLY XF 79 22.39 83.32 -86.80
CA GLY XF 79 22.71 82.18 -87.62
C GLY XF 79 21.48 81.46 -88.11
N SER XF 80 20.30 82.00 -87.79
CA SER XF 80 19.02 81.40 -88.16
C SER XF 80 18.20 82.47 -88.86
N CYS XF 81 17.13 82.03 -89.52
CA CYS XF 81 16.31 82.92 -90.34
C CYS XF 81 15.48 83.89 -89.52
N ASP XF 82 15.34 83.67 -88.22
CA ASP XF 82 14.47 84.53 -87.44
C ASP XF 82 15.23 85.14 -86.28
N PRO XF 83 14.95 86.39 -85.95
CA PRO XF 83 15.60 87.01 -84.79
C PRO XF 83 15.13 86.35 -83.50
N SER XF 84 15.89 86.57 -82.44
CA SER XF 84 15.61 85.94 -81.17
C SER XF 84 15.87 86.90 -80.02
N VAL XF 85 15.09 86.73 -78.96
CA VAL XF 85 15.25 87.53 -77.76
C VAL XF 85 16.60 87.19 -77.14
N THR XF 86 17.36 88.21 -76.78
CA THR XF 86 18.63 87.98 -76.12
C THR XF 86 18.59 88.42 -74.67
N ARG XF 87 18.58 89.72 -74.45
CA ARG XF 87 18.49 90.29 -73.11
C ARG XF 87 17.13 90.95 -72.95
N GLN XF 88 16.61 90.90 -71.73
CA GLN XF 88 15.29 91.48 -71.47
C GLN XF 88 15.46 92.55 -70.40
N ALA XF 89 15.26 93.80 -70.79
CA ALA XF 89 15.38 94.92 -69.86
C ALA XF 89 14.10 95.04 -69.06
N TYR XF 90 14.21 95.05 -67.74
CA TYR XF 90 13.05 95.20 -66.89
C TYR XF 90 13.08 96.53 -66.16
N ALA XF 91 12.05 97.33 -66.41
CA ALA XF 91 11.89 98.61 -65.73
C ALA XF 91 10.56 98.54 -64.98
N ASP XF 92 10.63 98.64 -63.66
CA ASP XF 92 9.46 98.51 -62.80
C ASP XF 92 9.32 99.73 -61.90
N VAL XF 93 8.10 100.23 -61.81
CA VAL XF 93 7.78 101.39 -60.98
C VAL XF 93 6.48 101.09 -60.27
N THR XF 94 6.43 101.40 -58.97
CA THR XF 94 5.23 101.21 -58.18
C THR XF 94 4.90 102.49 -57.41
N PHE XF 95 3.68 102.53 -56.89
CA PHE XF 95 3.25 103.65 -56.09
C PHE XF 95 2.32 103.15 -54.99
N SER XF 96 2.45 103.78 -53.83
CA SER XF 96 1.57 103.48 -52.72
C SER XF 96 0.95 104.79 -52.25
N PHE XF 97 -0.31 104.72 -51.83
CA PHE XF 97 -1.00 105.88 -51.33
C PHE XF 97 -2.02 105.46 -50.29
N THR XF 98 -2.41 106.41 -49.48
CA THR XF 98 -3.39 106.18 -48.44
C THR XF 98 -4.73 106.76 -48.88
N GLN XF 99 -5.80 106.12 -48.43
CA GLN XF 99 -7.14 106.55 -48.78
C GLN XF 99 -7.33 108.04 -48.59
N TYR XF 100 -6.61 108.65 -47.66
CA TYR XF 100 -6.72 110.08 -47.46
C TYR XF 100 -5.70 110.87 -48.27
N SER XF 101 -4.92 110.20 -49.11
CA SER XF 101 -3.92 110.89 -49.91
C SER XF 101 -4.59 111.99 -50.73
N THR XF 102 -3.96 113.16 -50.76
CA THR XF 102 -4.58 114.25 -51.52
C THR XF 102 -4.04 114.27 -52.94
N ASP XF 103 -4.56 115.22 -53.72
CA ASP XF 103 -4.17 115.30 -55.11
C ASP XF 103 -2.75 115.81 -55.27
N GLU XF 104 -2.46 116.98 -54.72
CA GLU XF 104 -1.18 117.61 -54.99
C GLU XF 104 -0.03 116.76 -54.48
N GLU XF 105 -0.20 116.14 -53.31
CA GLU XF 105 0.78 115.19 -52.84
C GLU XF 105 1.15 114.20 -53.93
N ARG XF 106 0.15 113.55 -54.50
CA ARG XF 106 0.41 112.63 -55.60
C ARG XF 106 1.07 113.37 -56.76
N ALA XF 107 0.45 114.44 -57.22
CA ALA XF 107 1.07 115.25 -58.26
C ALA XF 107 2.50 115.60 -57.92
N PHE XF 108 2.73 116.02 -56.67
CA PHE XF 108 4.09 116.31 -56.25
C PHE XF 108 5.00 115.11 -56.46
N VAL XF 109 4.51 113.91 -56.19
CA VAL XF 109 5.34 112.73 -56.40
C VAL XF 109 5.64 112.54 -57.87
N ARG XF 110 4.64 112.74 -58.72
CA ARG XF 110 4.82 112.43 -60.14
C ARG XF 110 5.97 113.22 -60.73
N THR XF 111 5.92 114.54 -60.63
CA THR XF 111 6.97 115.36 -61.24
C THR XF 111 8.34 115.01 -60.70
N GLU XF 112 8.52 115.08 -59.38
CA GLU XF 112 9.84 114.91 -58.79
C GLU XF 112 10.52 113.64 -59.25
N LEU XF 113 9.77 112.54 -59.36
CA LEU XF 113 10.38 111.33 -59.88
C LEU XF 113 10.95 111.56 -61.26
N ALA XF 114 10.18 112.21 -62.13
CA ALA XF 114 10.70 112.55 -63.45
C ALA XF 114 11.95 113.39 -63.36
N ALA XF 115 11.91 114.48 -62.58
CA ALA XF 115 13.07 115.33 -62.45
C ALA XF 115 14.30 114.52 -62.06
N LEU XF 116 14.18 113.62 -61.10
CA LEU XF 116 15.29 112.75 -60.76
C LEU XF 116 15.79 112.01 -61.99
N LEU XF 117 14.88 111.46 -62.77
CA LEU XF 117 15.31 110.73 -63.96
C LEU XF 117 16.09 111.62 -64.91
N ALA XF 118 15.83 112.92 -64.90
CA ALA XF 118 16.64 113.84 -65.66
C ALA XF 118 17.81 114.38 -64.85
N SER XF 119 17.86 114.09 -63.56
CA SER XF 119 18.95 114.61 -62.75
C SER XF 119 20.27 113.97 -63.16
N PRO XF 120 21.36 114.73 -63.10
CA PRO XF 120 22.68 114.16 -63.39
C PRO XF 120 23.07 113.05 -62.44
N LEU XF 121 22.41 112.95 -61.29
CA LEU XF 121 22.74 111.87 -60.38
C LEU XF 121 22.43 110.52 -60.99
N LEU XF 122 21.17 110.29 -61.34
CA LEU XF 122 20.74 108.96 -61.75
C LEU XF 122 21.40 108.50 -63.03
N ILE XF 123 21.73 109.42 -63.93
CA ILE XF 123 22.23 109.00 -65.23
C ILE XF 123 23.48 108.14 -65.08
N ASP XF 124 24.44 108.56 -64.26
CA ASP XF 124 25.57 107.69 -63.96
C ASP XF 124 25.14 106.44 -63.25
N ALA XF 125 24.24 106.56 -62.28
CA ALA XF 125 23.65 105.41 -61.65
C ALA XF 125 23.00 104.46 -62.64
N ILE XF 126 22.18 104.97 -63.54
CA ILE XF 126 21.53 104.16 -64.56
C ILE XF 126 22.48 103.80 -65.66
N ASP XF 127 22.93 104.78 -66.43
CA ASP XF 127 23.68 104.48 -67.64
C ASP XF 127 24.98 103.78 -67.35
N GLN XF 128 25.80 104.35 -66.49
CA GLN XF 128 27.11 103.81 -66.20
C GLN XF 128 27.14 102.89 -65.00
N LEU XF 129 25.99 102.62 -64.38
CA LEU XF 129 25.89 101.71 -63.25
C LEU XF 129 26.85 102.13 -62.14
N ASN XF 130 26.60 103.31 -61.59
CA ASN XF 130 27.54 103.77 -60.61
C ASN XF 130 26.82 104.14 -59.32
N PRO XF 131 27.40 103.83 -58.20
CA PRO XF 131 26.85 104.30 -56.93
C PRO XF 131 27.07 105.79 -56.76
N ALA XF 132 26.85 106.29 -55.55
CA ALA XF 132 26.60 107.70 -55.29
C ALA XF 132 27.88 108.52 -55.23
N TYR XF 133 29.03 107.91 -55.48
CA TYR XF 133 30.29 108.62 -55.35
C TYR XF 133 30.78 109.10 -56.71
N ALA YF 2 -24.18 58.36 -115.96
CA ALA YF 2 -23.41 59.42 -116.59
C ALA YF 2 -23.31 60.63 -115.68
N LYS YF 3 -22.82 61.73 -116.23
CA LYS YF 3 -22.58 62.95 -115.47
C LYS YF 3 -23.89 63.52 -114.96
N LEU YF 4 -23.85 64.02 -113.74
CA LEU YF 4 -24.94 64.85 -113.23
C LEU YF 4 -25.16 66.01 -114.17
N GLU YF 5 -26.40 66.22 -114.57
CA GLU YF 5 -26.72 67.29 -115.49
C GLU YF 5 -28.06 67.90 -115.09
N THR YF 6 -28.43 68.95 -115.80
CA THR YF 6 -29.77 69.49 -115.69
C THR YF 6 -30.69 68.42 -116.24
N VAL YF 7 -31.67 68.03 -115.43
CA VAL YF 7 -32.60 66.99 -115.87
C VAL YF 7 -33.96 67.65 -116.06
N THR YF 8 -34.39 67.77 -117.31
CA THR YF 8 -35.70 68.30 -117.64
C THR YF 8 -36.69 67.14 -117.61
N LEU YF 9 -37.89 67.41 -117.14
CA LEU YF 9 -38.94 66.41 -117.09
C LEU YF 9 -40.23 67.01 -117.63
N GLY YF 10 -40.78 66.37 -118.66
CA GLY YF 10 -42.08 66.73 -119.19
C GLY YF 10 -43.13 65.76 -118.71
N ASN YF 11 -44.38 66.09 -118.99
CA ASN YF 11 -45.51 65.21 -118.72
C ASN YF 11 -45.55 64.84 -117.23
N ILE YF 12 -45.88 65.83 -116.42
CA ILE YF 12 -45.82 65.70 -114.97
C ILE YF 12 -47.19 66.08 -114.42
N GLY YF 13 -47.54 65.50 -113.28
CA GLY YF 13 -48.79 65.82 -112.61
C GLY YF 13 -49.98 65.24 -113.33
N LYS YF 14 -51.12 65.31 -112.65
CA LYS YF 14 -52.36 64.80 -113.22
C LYS YF 14 -52.61 65.39 -114.60
N ASP YF 15 -52.26 66.66 -114.79
CA ASP YF 15 -52.36 67.26 -116.11
C ASP YF 15 -51.43 66.60 -117.10
N GLY YF 16 -50.16 66.44 -116.74
CA GLY YF 16 -49.19 66.03 -117.72
C GLY YF 16 -48.65 67.18 -118.53
N LYS YF 17 -49.12 68.40 -118.27
CA LYS YF 17 -48.52 69.57 -118.87
C LYS YF 17 -47.46 70.16 -117.97
N GLN YF 18 -47.35 69.66 -116.74
CA GLN YF 18 -46.35 70.11 -115.80
C GLN YF 18 -44.97 69.69 -116.28
N THR YF 19 -44.00 70.58 -116.08
CA THR YF 19 -42.61 70.31 -116.40
C THR YF 19 -41.73 70.66 -115.22
N LEU YF 20 -40.58 70.02 -115.13
CA LEU YF 20 -39.67 70.24 -114.02
C LEU YF 20 -38.24 70.07 -114.49
N VAL YF 21 -37.35 70.93 -113.99
CA VAL YF 21 -35.94 70.80 -114.24
C VAL YF 21 -35.25 70.57 -112.90
N LEU YF 22 -34.12 69.87 -112.94
CA LEU YF 22 -33.38 69.52 -111.73
C LEU YF 22 -31.91 69.85 -111.95
N ASN YF 23 -31.40 70.69 -111.12
CA ASN YF 23 -29.98 70.93 -111.30
C ASN YF 23 -29.18 69.97 -110.45
N PRO YF 24 -27.99 69.60 -110.92
CA PRO YF 24 -27.10 68.80 -110.08
C PRO YF 24 -26.71 69.57 -108.84
N ARG YF 25 -26.89 68.92 -107.69
CA ARG YF 25 -26.58 69.51 -106.40
C ARG YF 25 -25.22 69.08 -105.87
N GLY YF 26 -24.47 68.29 -106.62
CA GLY YF 26 -23.28 67.68 -106.11
C GLY YF 26 -23.58 66.37 -105.42
N VAL YF 27 -22.56 65.80 -104.80
CA VAL YF 27 -22.66 64.49 -104.17
C VAL YF 27 -22.09 64.58 -102.77
N ASN YF 28 -22.87 64.14 -101.78
CA ASN YF 28 -22.30 64.01 -100.47
C ASN YF 28 -21.36 62.81 -100.43
N PRO YF 29 -20.07 63.02 -100.26
CA PRO YF 29 -19.13 61.89 -100.28
C PRO YF 29 -19.26 60.97 -99.08
N THR YF 30 -19.70 61.48 -97.94
CA THR YF 30 -19.80 60.65 -96.75
C THR YF 30 -20.67 59.44 -97.00
N ASN YF 31 -21.97 59.65 -97.13
CA ASN YF 31 -22.87 58.58 -97.50
C ASN YF 31 -22.69 58.16 -98.96
N GLY YF 32 -21.95 58.93 -99.75
CA GLY YF 32 -21.80 58.63 -101.15
C GLY YF 32 -23.13 58.71 -101.90
N VAL YF 33 -23.82 59.83 -101.79
CA VAL YF 33 -25.14 59.98 -102.36
C VAL YF 33 -25.19 61.28 -103.16
N ALA YF 34 -25.64 61.17 -104.41
CA ALA YF 34 -25.85 62.33 -105.25
C ALA YF 34 -27.13 63.06 -104.84
N SER YF 35 -27.22 64.32 -105.26
CA SER YF 35 -28.38 65.13 -104.96
C SER YF 35 -28.75 65.95 -106.18
N LEU YF 36 -30.05 66.10 -106.41
CA LEU YF 36 -30.57 66.91 -107.49
C LEU YF 36 -31.67 67.80 -106.94
N SER YF 37 -31.85 68.97 -107.55
CA SER YF 37 -32.89 69.86 -107.06
C SER YF 37 -33.43 70.73 -108.17
N GLN YF 38 -34.70 71.05 -108.04
CA GLN YF 38 -35.26 72.20 -108.73
C GLN YF 38 -34.54 73.46 -108.28
N ALA YF 39 -34.44 74.42 -109.19
CA ALA YF 39 -33.92 75.73 -108.80
C ALA YF 39 -35.11 76.61 -108.44
N GLY YF 40 -35.25 76.83 -107.13
CA GLY YF 40 -36.25 77.72 -106.61
C GLY YF 40 -35.63 78.95 -105.99
N ALA YF 41 -36.36 79.54 -105.05
CA ALA YF 41 -35.79 80.60 -104.25
C ALA YF 41 -35.10 80.03 -103.01
N VAL YF 42 -35.87 79.43 -102.12
CA VAL YF 42 -35.33 78.92 -100.87
C VAL YF 42 -35.04 77.44 -101.01
N PRO YF 43 -33.78 77.02 -100.83
CA PRO YF 43 -33.46 75.60 -100.90
C PRO YF 43 -34.33 74.73 -100.03
N ALA YF 44 -34.64 75.16 -98.81
CA ALA YF 44 -35.59 74.45 -97.98
C ALA YF 44 -36.91 74.19 -98.69
N LEU YF 45 -37.36 75.15 -99.50
CA LEU YF 45 -38.58 74.96 -100.28
C LEU YF 45 -38.33 74.14 -101.53
N GLU YF 46 -37.12 74.16 -102.06
CA GLU YF 46 -36.86 73.57 -103.37
C GLU YF 46 -36.98 72.06 -103.31
N LYS YF 47 -37.51 71.49 -104.39
CA LYS YF 47 -37.73 70.06 -104.49
C LYS YF 47 -36.37 69.39 -104.48
N ARG YF 48 -36.29 68.20 -103.89
CA ARG YF 48 -35.03 67.48 -103.83
C ARG YF 48 -35.18 66.09 -104.41
N VAL YF 49 -34.12 65.61 -105.05
CA VAL YF 49 -34.07 64.27 -105.59
C VAL YF 49 -32.73 63.68 -105.23
N THR YF 50 -32.75 62.48 -104.66
CA THR YF 50 -31.55 61.82 -104.18
C THR YF 50 -31.44 60.43 -104.79
N VAL YF 51 -30.26 60.10 -105.30
CA VAL YF 51 -29.99 58.77 -105.81
C VAL YF 51 -28.69 58.29 -105.21
N SER YF 52 -28.57 56.98 -105.11
CA SER YF 52 -27.37 56.39 -104.55
C SER YF 52 -27.19 54.99 -105.11
N VAL YF 53 -25.93 54.56 -105.18
CA VAL YF 53 -25.62 53.19 -105.51
C VAL YF 53 -25.01 52.59 -104.26
N SER YF 54 -24.60 51.33 -104.34
CA SER YF 54 -23.96 50.66 -103.23
C SER YF 54 -23.13 49.52 -103.78
N GLN YF 55 -22.26 48.99 -102.94
CA GLN YF 55 -21.47 47.85 -103.36
C GLN YF 55 -21.42 46.85 -102.22
N PRO YF 56 -21.43 45.55 -102.54
CA PRO YF 56 -21.51 44.54 -101.48
C PRO YF 56 -20.28 44.57 -100.59
N SER YF 57 -20.52 44.38 -99.30
CA SER YF 57 -19.46 44.38 -98.31
C SER YF 57 -19.54 43.09 -97.51
N ARG YF 58 -18.70 42.98 -96.49
CA ARG YF 58 -18.82 41.90 -95.54
C ARG YF 58 -20.16 41.90 -94.82
N ASN YF 59 -20.82 43.07 -94.75
CA ASN YF 59 -22.14 43.17 -94.15
C ASN YF 59 -23.26 42.70 -95.07
N ARG YF 60 -23.16 42.96 -96.37
CA ARG YF 60 -24.19 42.57 -97.30
C ARG YF 60 -23.55 42.24 -98.63
N LYS YF 61 -24.06 41.18 -99.26
CA LYS YF 61 -23.53 40.69 -100.54
C LYS YF 61 -24.33 41.24 -101.70
N ASN YF 62 -25.29 42.11 -101.42
CA ASN YF 62 -26.24 42.55 -102.41
C ASN YF 62 -26.03 44.02 -102.73
N TYR YF 63 -26.36 44.40 -103.95
CA TYR YF 63 -26.33 45.80 -104.34
C TYR YF 63 -27.61 46.48 -103.89
N LYS YF 64 -27.49 47.70 -103.40
CA LYS YF 64 -28.63 48.54 -103.05
C LYS YF 64 -28.61 49.78 -103.92
N VAL YF 65 -29.75 50.11 -104.48
CA VAL YF 65 -29.93 51.37 -105.20
C VAL YF 65 -31.10 52.08 -104.54
N GLN YF 66 -30.82 53.21 -103.91
CA GLN YF 66 -31.80 53.94 -103.13
C GLN YF 66 -32.10 55.27 -103.82
N VAL YF 67 -33.39 55.58 -103.95
CA VAL YF 67 -33.82 56.83 -104.53
C VAL YF 67 -34.91 57.40 -103.65
N LYS YF 68 -34.69 58.62 -103.17
CA LYS YF 68 -35.65 59.30 -102.32
C LYS YF 68 -36.00 60.64 -102.93
N ILE YF 69 -37.26 61.04 -102.77
CA ILE YF 69 -37.75 62.30 -103.30
C ILE YF 69 -38.41 63.07 -102.17
N GLN YF 70 -38.10 64.35 -102.07
CA GLN YF 70 -38.59 65.19 -100.99
C GLN YF 70 -39.22 66.44 -101.62
N ASN YF 71 -40.53 66.60 -101.43
CA ASN YF 71 -41.29 67.69 -102.03
C ASN YF 71 -42.09 68.37 -100.94
N PRO YF 72 -41.56 69.42 -100.34
CA PRO YF 72 -42.28 70.11 -99.27
C PRO YF 72 -43.49 70.85 -99.83
N THR YF 73 -44.25 71.42 -98.89
CA THR YF 73 -45.40 72.24 -99.22
C THR YF 73 -45.19 73.63 -98.65
N ALA YF 74 -45.04 74.60 -99.52
CA ALA YF 74 -44.80 75.98 -99.11
C ALA YF 74 -46.10 76.59 -98.59
N CYS YF 75 -46.01 77.27 -97.46
CA CYS YF 75 -47.09 78.15 -97.00
C CYS YF 75 -46.64 79.56 -97.35
N THR YF 76 -47.27 80.14 -98.37
CA THR YF 76 -46.85 81.44 -98.85
C THR YF 76 -47.10 82.52 -97.79
N ALA YF 77 -48.34 82.65 -97.36
CA ALA YF 77 -48.69 83.61 -96.32
C ALA YF 77 -48.87 82.83 -95.03
N ASN YF 78 -47.91 82.96 -94.13
CA ASN YF 78 -48.03 82.44 -92.78
C ASN YF 78 -48.51 83.51 -91.81
N GLY YF 79 -48.84 84.69 -92.31
CA GLY YF 79 -48.94 85.85 -91.44
C GLY YF 79 -47.60 86.47 -91.16
N SER YF 80 -46.54 85.94 -91.78
CA SER YF 80 -45.18 86.42 -91.59
C SER YF 80 -44.60 86.72 -92.96
N CYS YF 81 -43.47 87.44 -92.96
CA CYS YF 81 -42.86 87.89 -94.21
C CYS YF 81 -42.22 86.77 -95.02
N ASP YF 82 -42.01 85.61 -94.42
CA ASP YF 82 -41.32 84.55 -95.14
C ASP YF 82 -42.18 83.30 -95.20
N PRO YF 83 -42.13 82.57 -96.32
CA PRO YF 83 -42.88 81.31 -96.40
C PRO YF 83 -42.27 80.28 -95.48
N SER YF 84 -43.04 79.24 -95.20
CA SER YF 84 -42.63 78.21 -94.26
C SER YF 84 -43.05 76.84 -94.74
N VAL YF 85 -42.23 75.85 -94.41
CA VAL YF 85 -42.53 74.46 -94.75
C VAL YF 85 -43.77 74.04 -93.97
N THR YF 86 -44.72 73.43 -94.66
CA THR YF 86 -45.91 72.94 -93.99
C THR YF 86 -45.94 71.41 -93.96
N ARG YF 87 -46.18 70.79 -95.10
CA ARG YF 87 -46.18 69.34 -95.22
C ARG YF 87 -44.98 68.93 -96.04
N GLN YF 88 -44.43 67.76 -95.71
CA GLN YF 88 -43.26 67.27 -96.42
C GLN YF 88 -43.61 65.93 -97.04
N ALA YF 89 -43.67 65.89 -98.37
CA ALA YF 89 -43.99 64.67 -99.10
C ALA YF 89 -42.74 63.82 -99.20
N TYR YF 90 -42.84 62.56 -98.77
CA TYR YF 90 -41.72 61.65 -98.87
C TYR YF 90 -42.00 60.55 -99.88
N ALA YF 91 -41.15 60.49 -100.89
CA ALA YF 91 -41.23 59.44 -101.90
C ALA YF 91 -39.92 58.68 -101.86
N ASP YF 92 -39.98 57.40 -101.52
CA ASP YF 92 -38.79 56.58 -101.35
C ASP YF 92 -38.88 55.34 -102.22
N VAL YF 93 -37.78 55.03 -102.90
CA VAL YF 93 -37.67 53.87 -103.77
C VAL YF 93 -36.33 53.21 -103.53
N THR YF 94 -36.32 51.90 -103.41
CA THR YF 94 -35.10 51.15 -103.22
C THR YF 94 -35.02 50.01 -104.23
N PHE YF 95 -33.82 49.45 -104.34
CA PHE YF 95 -33.61 48.30 -105.22
C PHE YF 95 -32.59 47.38 -104.58
N SER YF 96 -32.81 46.08 -104.77
CA SER YF 96 -31.88 45.07 -104.31
C SER YF 96 -31.52 44.19 -105.49
N PHE YF 97 -30.27 43.77 -105.55
CA PHE YF 97 -29.81 42.90 -106.60
C PHE YF 97 -28.71 42.00 -106.08
N THR YF 98 -28.50 40.91 -106.79
CA THR YF 98 -27.48 39.94 -106.43
C THR YF 98 -26.29 40.11 -107.36
N GLN YF 99 -25.11 39.83 -106.82
CA GLN YF 99 -23.88 39.98 -107.59
C GLN YF 99 -23.98 39.32 -108.95
N TYR YF 100 -24.79 38.28 -109.09
CA TYR YF 100 -24.97 37.64 -110.38
C TYR YF 100 -26.13 38.21 -111.17
N SER YF 101 -26.78 39.25 -110.67
CA SER YF 101 -27.91 39.84 -111.37
C SER YF 101 -27.49 40.24 -112.77
N THR YF 102 -28.33 39.96 -113.76
CA THR YF 102 -27.95 40.30 -115.12
C THR YF 102 -28.49 41.67 -115.49
N ASP YF 103 -28.19 42.08 -116.71
CA ASP YF 103 -28.61 43.41 -117.16
C ASP YF 103 -30.10 43.46 -117.40
N GLU YF 104 -30.60 42.59 -118.27
CA GLU YF 104 -32.00 42.71 -118.70
C GLU YF 104 -32.95 42.54 -117.52
N GLU YF 105 -32.63 41.62 -116.61
CA GLU YF 105 -33.41 41.51 -115.38
C GLU YF 105 -33.60 42.88 -114.74
N ARG YF 106 -32.48 43.57 -114.50
CA ARG YF 106 -32.58 44.91 -113.95
C ARG YF 106 -33.39 45.81 -114.87
N ALA YF 107 -33.00 45.89 -116.14
CA ALA YF 107 -33.78 46.66 -117.10
C ALA YF 107 -35.24 46.29 -117.04
N PHE YF 108 -35.55 44.99 -117.00
CA PHE YF 108 -36.93 44.55 -116.86
C PHE YF 108 -37.58 45.18 -115.65
N VAL YF 109 -36.86 45.26 -114.53
CA VAL YF 109 -37.44 45.88 -113.35
C VAL YF 109 -37.73 47.35 -113.59
N ARG YF 110 -36.80 48.05 -114.23
CA ARG YF 110 -36.94 49.49 -114.35
C ARG YF 110 -38.23 49.87 -115.05
N THR YF 111 -38.45 49.36 -116.25
CA THR YF 111 -39.63 49.73 -117.00
C THR YF 111 -40.90 49.38 -116.24
N GLU YF 112 -41.07 48.12 -115.87
CA GLU YF 112 -42.33 47.68 -115.27
C GLU YF 112 -42.75 48.55 -114.10
N LEU YF 113 -41.80 48.96 -113.26
CA LEU YF 113 -42.16 49.86 -112.17
C LEU YF 113 -42.79 51.13 -112.72
N ALA YF 114 -42.18 51.70 -113.75
CA ALA YF 114 -42.77 52.88 -114.37
C ALA YF 114 -44.17 52.59 -114.88
N ALA YF 115 -44.32 51.51 -115.66
CA ALA YF 115 -45.63 51.17 -116.18
C ALA YF 115 -46.68 51.12 -115.08
N LEU YF 116 -46.36 50.47 -113.97
CA LEU YF 116 -47.27 50.49 -112.83
C LEU YF 116 -47.63 51.90 -112.44
N LEU YF 117 -46.64 52.78 -112.34
CA LEU YF 117 -46.93 54.15 -111.96
C LEU YF 117 -47.89 54.82 -112.93
N ALA YF 118 -47.89 54.39 -114.19
CA ALA YF 118 -48.89 54.86 -115.14
C ALA YF 118 -50.13 53.99 -115.15
N SER YF 119 -50.10 52.85 -114.48
CA SER YF 119 -51.25 51.97 -114.49
C SER YF 119 -52.43 52.63 -113.77
N PRO YF 120 -53.65 52.38 -114.25
CA PRO YF 120 -54.83 52.89 -113.56
C PRO YF 120 -54.97 52.36 -112.16
N LEU YF 121 -54.31 51.26 -111.82
CA LEU YF 121 -54.40 50.75 -110.47
C LEU YF 121 -53.83 51.74 -109.47
N LEU YF 122 -52.56 52.07 -109.60
CA LEU YF 122 -51.89 52.86 -108.58
C LEU YF 122 -52.46 54.26 -108.43
N ILE YF 123 -52.97 54.85 -109.51
CA ILE YF 123 -53.42 56.23 -109.43
C ILE YF 123 -54.46 56.41 -108.34
N ASP YF 124 -55.47 55.55 -108.29
CA ASP YF 124 -56.41 55.59 -107.17
C ASP YF 124 -55.73 55.28 -105.86
N ALA YF 125 -54.85 54.29 -105.85
CA ALA YF 125 -54.04 54.02 -104.68
C ALA YF 125 -53.23 55.22 -104.25
N ILE YF 126 -52.54 55.87 -105.17
CA ILE YF 126 -51.75 57.05 -104.85
C ILE YF 126 -52.64 58.27 -104.67
N ASP YF 127 -53.28 58.71 -105.75
CA ASP YF 127 -53.97 59.99 -105.72
C ASP YF 127 -55.11 59.99 -104.71
N GLN YF 128 -56.01 59.03 -104.82
CA GLN YF 128 -57.19 59.00 -103.97
C GLN YF 128 -57.01 58.13 -102.73
N LEU YF 129 -55.82 57.58 -102.50
CA LEU YF 129 -55.53 56.78 -101.33
C LEU YF 129 -56.54 55.65 -101.18
N ASN YF 130 -56.52 54.75 -102.15
CA ASN YF 130 -57.52 53.71 -102.10
C ASN YF 130 -56.86 52.35 -102.17
N PRO YF 131 -57.36 51.41 -101.41
CA PRO YF 131 -56.89 50.03 -101.56
C PRO YF 131 -57.39 49.42 -102.85
N ALA YF 132 -57.25 48.11 -102.97
CA ALA YF 132 -57.29 47.41 -104.25
C ALA YF 132 -58.70 47.15 -104.75
N TYR YF 133 -59.71 47.64 -104.04
CA TYR YF 133 -61.08 47.35 -104.43
C TYR YF 133 -61.67 48.51 -105.20
#